data_8K2T
#
_entry.id   8K2T
#
loop_
_entity.id
_entity.type
_entity.pdbx_description
1 polymer 'Chaperone protein HtpG'
2 polymer 'Nuclease A'
#
loop_
_entity_poly.entity_id
_entity_poly.type
_entity_poly.pdbx_seq_one_letter_code
_entity_poly.pdbx_strand_id
1 'polypeptide(L)'
;MKGQETRGFQSEVKQLLHLMIHSLYSNKEIFLRELISNASDAADKLRFRALSNPDLYEGDGELRVRVSFDKDKRTLTISD
NGVGMTRDEVIDHLGTIAKSGTKSFLESLGSDQAKDSQLIGQFGVGFYSAFIVADKVTVRTRAAGEKPENGVFWESAGEG
EYTVADITKEDRGTEITLHLREGEDEFLDDWRVRSIISKYSDHIALPVEIEKREEKDGETVISWEKINKAQALWTRNKSE
ITDEEYKEFYKHIAHDFNDPLTWSHNRVEGKQEYTSLLYIPSQAPWDMWNRDHKHGLKLYVQRVFIMDDAEQFMPNYLRF
VRGLIDSSDLPLNVSREILQDSTVTRNLRNALTKRVLQMLEKLAKDDAEKYQTFWQQFGLVLKEGPAEDFANQEAIAKLL
RFASTHTDSSAQTVSLEDYVSRMKEGQEKIYYITADSYAAAKSSPHLELLRKKGIEVLLLSDRIDEWMMNYLTEFDGKPF
QSVSKVDESLEKLADEVDESAKEAEKALTPFIDRVKALLGERVKDVRLTHRLTDTPAIVSTDADEMSTQMAKLFAAAGQK
VPEVKYIFELNPDHVLVKRAADTEDEAKFSEWVELLLDQALLAERGTLEDPNLFIRRMNQLLVS
;
A,B
2 'polypeptide(L)'
;MATSTLIKAIDGDTVKLMYKGQPMTFRLLLVDTPETKHPKKGVEKYGPEASAFTKKMVENAKKIEVEFDKGQRTDKYGRG
LAYIYADGKMVNEALVRQGLAKVAYVYKPNNTHEQHLRKSEAQAKKEKLNIW
;
C
#
# COMPACT_ATOMS: atom_id res chain seq x y z
N MET A 1 39.37 54.03 6.47
CA MET A 1 38.00 54.21 5.92
C MET A 1 37.68 53.11 4.91
N LYS A 2 36.45 52.58 4.97
CA LYS A 2 35.92 51.58 4.02
C LYS A 2 34.48 51.96 3.65
N GLY A 3 33.53 51.67 4.57
CA GLY A 3 32.11 51.97 4.35
C GLY A 3 31.36 50.78 3.77
N GLN A 4 31.01 49.83 4.65
CA GLN A 4 30.14 48.69 4.28
C GLN A 4 28.72 49.21 4.07
N GLU A 5 28.38 49.42 2.78
CA GLU A 5 27.12 50.03 2.36
C GLU A 5 25.96 49.03 2.42
N THR A 6 25.96 48.08 1.47
CA THR A 6 24.87 47.11 1.29
C THR A 6 25.45 45.69 1.17
N ARG A 7 24.62 44.69 1.50
CA ARG A 7 24.99 43.25 1.47
C ARG A 7 23.84 42.45 0.87
N GLY A 8 24.01 41.12 0.79
CA GLY A 8 23.01 40.21 0.23
C GLY A 8 23.66 38.98 -0.38
N PHE A 9 23.43 37.81 0.25
CA PHE A 9 23.99 36.54 -0.21
C PHE A 9 23.07 35.40 0.26
N GLN A 10 22.35 34.78 -0.71
CA GLN A 10 21.45 33.63 -0.45
C GLN A 10 21.74 32.53 -1.47
N SER A 11 22.38 31.45 -1.00
CA SER A 11 22.74 30.29 -1.83
C SER A 11 22.63 29.00 -0.99
N GLU A 12 21.99 27.97 -1.57
CA GLU A 12 21.79 26.67 -0.90
C GLU A 12 21.98 25.52 -1.92
N VAL A 13 21.84 24.26 -1.42
CA VAL A 13 22.02 22.98 -2.17
C VAL A 13 23.43 22.83 -2.83
N LYS A 14 23.89 21.55 -2.99
CA LYS A 14 25.19 21.18 -3.59
C LYS A 14 26.37 21.59 -2.68
N GLN A 15 27.10 20.58 -2.17
CA GLN A 15 28.21 20.75 -1.20
C GLN A 15 29.23 21.80 -1.67
N LEU A 16 29.68 21.66 -2.94
CA LEU A 16 30.78 22.49 -3.52
C LEU A 16 30.48 24.00 -3.44
N LEU A 17 29.21 24.37 -3.73
CA LEU A 17 28.77 25.78 -3.73
C LEU A 17 28.69 26.33 -2.30
N HIS A 18 28.50 25.42 -1.32
CA HIS A 18 28.50 25.77 0.12
C HIS A 18 29.96 25.86 0.66
N LEU A 19 30.88 25.12 0.00
CA LEU A 19 32.32 25.17 0.33
C LEU A 19 32.89 26.56 -0.02
N MET A 20 32.46 27.07 -1.20
CA MET A 20 32.86 28.39 -1.74
C MET A 20 32.43 29.58 -0.84
N ILE A 21 31.51 29.36 0.12
CA ILE A 21 31.06 30.41 1.06
C ILE A 21 32.14 30.68 2.12
N HIS A 22 32.72 29.61 2.68
CA HIS A 22 33.78 29.70 3.72
C HIS A 22 35.15 29.27 3.18
N SER A 23 35.26 29.18 1.83
CA SER A 23 36.55 28.95 1.12
C SER A 23 37.55 30.07 1.39
N LEU A 24 37.02 31.29 1.38
CA LEU A 24 37.76 32.54 1.57
C LEU A 24 38.26 32.59 3.02
N TYR A 25 37.27 32.40 3.94
CA TYR A 25 37.48 32.24 5.39
C TYR A 25 37.90 33.58 6.06
N SER A 26 37.99 34.66 5.24
CA SER A 26 38.53 35.97 5.65
C SER A 26 40.01 35.84 6.10
N ASN A 27 40.70 34.79 5.61
CA ASN A 27 42.08 34.44 6.06
C ASN A 27 43.00 34.13 4.88
N LYS A 28 42.48 33.38 3.87
CA LYS A 28 43.24 32.83 2.70
C LYS A 28 44.16 31.64 3.11
N GLU A 29 44.95 31.84 4.19
CA GLU A 29 45.86 30.84 4.80
C GLU A 29 45.19 29.49 5.21
N ILE A 30 43.84 29.45 5.12
CA ILE A 30 43.03 28.21 5.22
C ILE A 30 43.57 27.10 4.25
N PHE A 31 44.29 27.51 3.19
CA PHE A 31 44.93 26.59 2.24
C PHE A 31 46.05 25.77 2.90
N LEU A 32 46.92 26.47 3.67
CA LEU A 32 48.12 25.87 4.29
C LEU A 32 47.66 24.97 5.45
N ARG A 33 46.64 25.47 6.14
CA ARG A 33 45.90 24.79 7.22
C ARG A 33 45.44 23.39 6.79
N GLU A 34 44.68 23.36 5.70
CA GLU A 34 44.01 22.17 5.20
C GLU A 34 45.04 21.24 4.51
N LEU A 35 46.06 21.85 3.90
CA LEU A 35 47.13 21.10 3.20
C LEU A 35 47.87 20.18 4.18
N ILE A 36 48.26 20.74 5.33
CA ILE A 36 48.95 19.98 6.37
C ILE A 36 47.97 19.02 7.09
N SER A 37 46.66 19.38 7.14
CA SER A 37 45.60 18.47 7.66
C SER A 37 45.57 17.14 6.86
N ASN A 38 45.81 17.22 5.53
CA ASN A 38 45.93 16.01 4.66
C ASN A 38 47.26 15.29 4.94
N ALA A 39 48.31 16.05 5.35
CA ALA A 39 49.63 15.49 5.68
C ALA A 39 49.59 14.77 7.05
N SER A 40 48.61 15.17 7.88
CA SER A 40 48.34 14.54 9.18
C SER A 40 47.64 13.19 8.94
N ASP A 41 46.63 13.19 8.05
CA ASP A 41 45.90 11.95 7.65
C ASP A 41 46.81 11.02 6.81
N ALA A 42 47.86 11.58 6.18
CA ALA A 42 48.89 10.80 5.46
C ALA A 42 49.83 10.10 6.46
N ALA A 43 50.18 10.83 7.54
CA ALA A 43 50.97 10.30 8.67
C ALA A 43 50.19 9.21 9.43
N ASP A 44 48.86 9.38 9.47
CA ASP A 44 47.92 8.41 10.06
C ASP A 44 47.96 7.09 9.27
N LYS A 45 47.71 7.18 7.94
CA LYS A 45 47.75 6.01 7.02
C LYS A 45 49.09 5.26 7.12
N LEU A 46 50.19 6.04 7.27
CA LEU A 46 51.56 5.50 7.33
C LEU A 46 51.75 4.60 8.56
N ARG A 47 51.40 5.14 9.75
CA ARG A 47 51.61 4.45 11.04
C ARG A 47 50.68 3.23 11.20
N PHE A 48 49.53 3.24 10.50
CA PHE A 48 48.63 2.08 10.42
C PHE A 48 49.26 0.97 9.55
N ARG A 49 49.70 1.37 8.35
CA ARG A 49 50.26 0.44 7.35
C ARG A 49 51.65 -0.07 7.80
N ALA A 50 52.30 0.68 8.71
CA ALA A 50 53.61 0.32 9.31
C ALA A 50 53.47 -0.90 10.25
N LEU A 51 52.24 -1.12 10.75
CA LEU A 51 51.91 -2.30 11.56
C LEU A 51 51.85 -3.58 10.68
N SER A 52 51.70 -3.38 9.36
CA SER A 52 51.67 -4.48 8.38
C SER A 52 52.98 -4.55 7.57
N ASN A 53 53.77 -3.46 7.61
CA ASN A 53 55.04 -3.35 6.85
C ASN A 53 55.84 -2.14 7.39
N PRO A 54 56.81 -2.33 8.34
CA PRO A 54 57.68 -1.22 8.84
C PRO A 54 58.72 -0.73 7.79
N ASP A 55 58.84 -1.45 6.64
CA ASP A 55 59.78 -1.05 5.54
C ASP A 55 59.46 0.34 4.99
N LEU A 56 58.23 0.82 5.24
CA LEU A 56 57.74 2.14 4.79
C LEU A 56 58.62 3.31 5.26
N TYR A 57 59.27 3.17 6.44
CA TYR A 57 60.13 4.25 7.00
C TYR A 57 61.39 4.47 6.14
N GLU A 58 61.78 3.41 5.38
CA GLU A 58 62.96 3.42 4.49
C GLU A 58 64.26 3.63 5.28
N GLY A 59 64.20 3.29 6.58
CA GLY A 59 65.29 3.56 7.53
C GLY A 59 65.07 4.85 8.29
N ASP A 60 64.55 5.87 7.59
CA ASP A 60 64.32 7.22 8.14
C ASP A 60 63.06 7.20 9.02
N GLY A 61 63.24 7.36 10.35
CA GLY A 61 62.12 7.31 11.31
C GLY A 61 61.48 8.67 11.55
N GLU A 62 62.13 9.75 11.07
CA GLU A 62 61.66 11.14 11.28
C GLU A 62 60.38 11.42 10.48
N LEU A 63 59.22 11.19 11.10
CA LEU A 63 57.94 11.55 10.52
C LEU A 63 57.62 12.99 10.93
N ARG A 64 57.61 13.88 9.94
CA ARG A 64 57.38 15.32 10.15
C ARG A 64 56.93 15.93 8.82
N VAL A 65 56.41 17.15 8.88
CA VAL A 65 56.05 17.93 7.69
C VAL A 65 56.79 19.28 7.74
N ARG A 66 57.52 19.59 6.67
CA ARG A 66 58.43 20.75 6.63
C ARG A 66 57.99 21.76 5.58
N VAL A 67 57.90 23.02 6.00
CA VAL A 67 57.47 24.13 5.15
C VAL A 67 58.69 25.03 4.88
N SER A 68 59.11 25.08 3.61
CA SER A 68 60.18 25.96 3.14
C SER A 68 59.56 27.01 2.22
N PHE A 69 60.20 28.17 2.13
CA PHE A 69 59.62 29.35 1.44
C PHE A 69 60.69 30.09 0.64
N ASP A 70 60.30 30.59 -0.54
CA ASP A 70 61.22 31.29 -1.46
C ASP A 70 60.57 32.56 -2.01
N LYS A 71 61.36 33.65 -2.09
CA LYS A 71 60.91 34.96 -2.57
C LYS A 71 61.14 35.10 -4.08
N ASP A 72 62.22 34.51 -4.61
CA ASP A 72 62.68 34.76 -6.01
C ASP A 72 61.66 34.24 -7.04
N LYS A 73 61.43 32.94 -7.02
CA LYS A 73 60.43 32.27 -7.88
C LYS A 73 59.01 32.45 -7.30
N ARG A 74 58.95 32.70 -5.97
CA ARG A 74 57.69 32.82 -5.19
C ARG A 74 56.97 31.47 -5.11
N THR A 75 57.56 30.56 -4.31
CA THR A 75 57.09 29.19 -4.14
C THR A 75 57.13 28.79 -2.65
N LEU A 76 56.00 28.26 -2.17
CA LEU A 76 55.86 27.71 -0.82
C LEU A 76 55.80 26.17 -0.94
N THR A 77 56.81 25.49 -0.39
CA THR A 77 57.01 24.03 -0.56
C THR A 77 56.79 23.29 0.78
N ILE A 78 55.63 22.60 0.87
CA ILE A 78 55.24 21.80 2.05
C ILE A 78 55.50 20.31 1.73
N SER A 79 56.42 19.67 2.48
CA SER A 79 56.84 18.29 2.21
C SER A 79 56.81 17.44 3.50
N ASP A 80 55.85 16.48 3.55
CA ASP A 80 55.72 15.51 4.66
C ASP A 80 56.39 14.17 4.29
N ASN A 81 56.77 13.41 5.34
CA ASN A 81 57.31 12.04 5.20
C ASN A 81 56.24 11.02 5.64
N GLY A 82 54.96 11.32 5.33
CA GLY A 82 53.85 10.41 5.60
C GLY A 82 53.83 9.24 4.61
N VAL A 83 52.64 8.66 4.41
CA VAL A 83 52.47 7.56 3.43
C VAL A 83 52.59 8.11 1.99
N GLY A 84 52.48 9.44 1.84
CA GLY A 84 52.42 10.09 0.54
C GLY A 84 51.13 9.76 -0.18
N MET A 85 51.22 9.58 -1.50
CA MET A 85 50.12 9.09 -2.34
C MET A 85 50.70 8.21 -3.44
N THR A 86 50.02 7.08 -3.72
CA THR A 86 50.34 6.20 -4.83
C THR A 86 49.79 6.79 -6.14
N ARG A 87 50.03 6.09 -7.26
CA ARG A 87 49.45 6.43 -8.58
C ARG A 87 47.91 6.43 -8.49
N ASP A 88 47.38 5.51 -7.66
CA ASP A 88 45.94 5.38 -7.38
C ASP A 88 45.43 6.63 -6.65
N GLU A 89 46.02 6.94 -5.49
CA GLU A 89 45.52 8.00 -4.58
C GLU A 89 45.58 9.41 -5.24
N VAL A 90 46.43 9.56 -6.27
CA VAL A 90 46.49 10.78 -7.09
C VAL A 90 45.41 10.77 -8.19
N ILE A 91 45.51 9.81 -9.13
CA ILE A 91 44.66 9.79 -10.35
C ILE A 91 43.17 9.55 -10.01
N ASP A 92 42.95 8.57 -9.14
CA ASP A 92 41.59 8.12 -8.75
C ASP A 92 40.94 9.02 -7.69
N HIS A 93 41.65 10.07 -7.22
CA HIS A 93 41.06 11.05 -6.28
C HIS A 93 41.24 12.51 -6.76
N LEU A 94 42.49 12.98 -6.95
CA LEU A 94 42.74 14.35 -7.44
C LEU A 94 42.11 14.54 -8.84
N GLY A 95 42.16 13.46 -9.66
CA GLY A 95 41.47 13.42 -10.95
C GLY A 95 39.95 13.51 -10.83
N THR A 96 39.40 12.95 -9.72
CA THR A 96 37.96 13.00 -9.44
C THR A 96 37.58 14.30 -8.69
N ILE A 97 38.58 15.14 -8.32
CA ILE A 97 38.33 16.52 -7.82
C ILE A 97 38.28 17.47 -9.04
N ALA A 98 39.12 17.16 -10.05
CA ALA A 98 39.10 17.81 -11.36
C ALA A 98 37.93 17.24 -12.21
N LYS A 99 38.00 17.36 -13.55
CA LYS A 99 36.94 16.82 -14.43
C LYS A 99 37.05 15.28 -14.50
N SER A 100 36.00 14.59 -14.05
CA SER A 100 35.85 13.13 -14.19
C SER A 100 34.35 12.82 -14.26
N GLY A 101 33.63 13.23 -13.19
CA GLY A 101 32.19 13.06 -13.09
C GLY A 101 31.75 12.42 -11.78
N THR A 102 32.11 13.03 -10.64
CA THR A 102 31.64 12.58 -9.33
C THR A 102 30.29 13.20 -8.99
N LYS A 103 29.99 14.38 -9.63
CA LYS A 103 28.71 15.11 -9.50
C LYS A 103 28.36 15.43 -8.03
N SER A 104 27.77 14.43 -7.36
CA SER A 104 27.36 14.48 -5.96
C SER A 104 27.51 13.07 -5.36
N PHE A 105 27.17 12.05 -6.20
CA PHE A 105 27.34 10.63 -5.86
C PHE A 105 28.14 9.91 -6.98
N LEU A 106 27.72 10.15 -8.24
CA LEU A 106 28.40 9.68 -9.49
C LEU A 106 27.52 10.08 -10.70
N GLU A 107 28.18 10.40 -11.84
CA GLU A 107 27.51 10.78 -13.09
C GLU A 107 26.68 9.61 -13.69
N SER A 108 27.25 8.39 -13.68
CA SER A 108 26.74 7.24 -14.47
C SER A 108 25.80 6.34 -13.64
N LEU A 109 26.35 5.52 -12.72
CA LEU A 109 25.56 4.52 -11.95
C LEU A 109 25.10 5.07 -10.60
N GLY A 110 25.74 6.15 -10.11
CA GLY A 110 25.41 6.71 -8.80
C GLY A 110 25.77 5.77 -7.65
N SER A 111 27.02 5.22 -7.69
CA SER A 111 27.46 4.22 -6.70
C SER A 111 29.01 4.08 -6.68
N ASP A 112 29.65 4.02 -7.85
CA ASP A 112 31.11 3.76 -7.97
C ASP A 112 31.95 4.81 -7.21
N GLN A 113 31.78 6.08 -7.59
CA GLN A 113 32.50 7.22 -6.94
C GLN A 113 31.66 7.81 -5.78
N ALA A 114 30.80 6.97 -5.15
CA ALA A 114 29.97 7.38 -4.00
C ALA A 114 30.83 7.80 -2.81
N LYS A 115 32.01 7.15 -2.69
CA LYS A 115 32.93 7.36 -1.56
C LYS A 115 33.98 8.44 -1.86
N ASP A 116 33.60 9.44 -2.68
CA ASP A 116 34.49 10.58 -2.99
C ASP A 116 33.99 11.83 -2.25
N SER A 117 32.71 11.82 -1.77
CA SER A 117 32.12 12.92 -0.98
C SER A 117 32.88 13.12 0.36
N GLN A 118 33.32 12.00 0.94
CA GLN A 118 34.14 11.95 2.17
C GLN A 118 35.54 12.53 1.88
N LEU A 119 36.07 12.17 0.70
CA LEU A 119 37.42 12.55 0.26
C LEU A 119 37.48 14.04 -0.18
N ILE A 120 36.37 14.57 -0.70
CA ILE A 120 36.24 16.01 -1.09
C ILE A 120 36.06 16.86 0.17
N GLY A 121 35.39 16.27 1.18
CA GLY A 121 35.21 16.90 2.49
C GLY A 121 36.55 17.31 3.14
N GLN A 122 37.61 16.49 2.92
CA GLN A 122 38.97 16.85 3.33
C GLN A 122 39.71 17.55 2.17
N PHE A 123 40.22 16.73 1.21
CA PHE A 123 41.22 17.17 0.18
C PHE A 123 40.65 18.25 -0.75
N GLY A 124 39.33 18.22 -0.97
CA GLY A 124 38.65 19.16 -1.88
C GLY A 124 38.70 20.60 -1.38
N VAL A 125 38.67 20.78 -0.04
CA VAL A 125 38.74 22.10 0.61
C VAL A 125 40.10 22.75 0.33
N GLY A 126 41.17 21.99 0.58
CA GLY A 126 42.55 22.46 0.38
C GLY A 126 42.92 22.67 -1.08
N PHE A 127 42.21 21.99 -2.00
CA PHE A 127 42.41 22.11 -3.45
C PHE A 127 42.12 23.56 -3.93
N TYR A 128 40.84 23.98 -3.82
CA TYR A 128 40.40 25.29 -4.32
C TYR A 128 41.05 26.45 -3.54
N SER A 129 41.24 26.26 -2.21
CA SER A 129 41.78 27.30 -1.32
C SER A 129 43.25 27.55 -1.63
N ALA A 130 43.98 26.46 -2.01
CA ALA A 130 45.36 26.56 -2.51
C ALA A 130 45.41 27.47 -3.72
N PHE A 131 44.55 27.19 -4.70
CA PHE A 131 44.49 27.96 -5.96
C PHE A 131 43.95 29.39 -5.78
N ILE A 132 43.35 29.72 -4.61
CA ILE A 132 42.91 31.12 -4.30
C ILE A 132 44.14 32.07 -4.28
N VAL A 133 45.25 31.57 -3.70
CA VAL A 133 46.49 32.36 -3.51
C VAL A 133 47.66 31.81 -4.35
N ALA A 134 47.52 30.59 -4.89
CA ALA A 134 48.57 29.95 -5.70
C ALA A 134 48.20 30.03 -7.19
N ASP A 135 49.18 30.47 -7.98
CA ASP A 135 49.10 30.53 -9.44
C ASP A 135 49.21 29.10 -10.02
N LYS A 136 50.04 28.27 -9.37
CA LYS A 136 50.28 26.87 -9.75
C LYS A 136 50.48 26.03 -8.48
N VAL A 137 49.87 24.83 -8.43
CA VAL A 137 50.13 23.85 -7.36
C VAL A 137 50.72 22.59 -8.02
N THR A 138 52.02 22.37 -7.79
CA THR A 138 52.76 21.20 -8.26
C THR A 138 52.89 20.19 -7.11
N VAL A 139 52.21 19.04 -7.22
CA VAL A 139 52.30 17.96 -6.23
C VAL A 139 53.23 16.88 -6.78
N ARG A 140 54.40 16.73 -6.15
CA ARG A 140 55.35 15.66 -6.44
C ARG A 140 55.39 14.73 -5.22
N THR A 141 54.56 13.69 -5.26
CA THR A 141 54.41 12.76 -4.14
C THR A 141 55.16 11.45 -4.43
N ARG A 142 55.31 10.65 -3.40
CA ARG A 142 55.85 9.29 -3.48
C ARG A 142 55.35 8.52 -2.25
N ALA A 143 54.82 7.33 -2.49
CA ALA A 143 54.39 6.43 -1.42
C ALA A 143 55.59 5.85 -0.67
N ALA A 144 55.54 5.95 0.67
CA ALA A 144 56.57 5.43 1.57
C ALA A 144 56.69 3.91 1.46
N GLY A 145 57.92 3.40 1.39
CA GLY A 145 58.20 1.96 1.25
C GLY A 145 58.10 1.46 -0.18
N GLU A 146 57.08 1.94 -0.91
CA GLU A 146 56.79 1.55 -2.28
C GLU A 146 57.84 2.21 -3.22
N LYS A 147 58.12 1.55 -4.35
CA LYS A 147 59.22 1.87 -5.29
C LYS A 147 59.28 3.38 -5.72
N PRO A 148 60.50 4.05 -5.65
CA PRO A 148 60.67 5.51 -5.90
C PRO A 148 60.21 5.97 -7.30
N GLU A 149 60.37 5.09 -8.31
CA GLU A 149 60.07 5.39 -9.72
C GLU A 149 58.55 5.42 -10.00
N ASN A 150 57.75 4.84 -9.09
CA ASN A 150 56.27 4.95 -9.15
C ASN A 150 55.79 6.26 -8.50
N GLY A 151 56.75 7.15 -8.15
CA GLY A 151 56.47 8.51 -7.71
C GLY A 151 55.64 9.27 -8.72
N VAL A 152 54.77 10.17 -8.25
CA VAL A 152 53.79 10.83 -9.11
C VAL A 152 54.00 12.34 -9.13
N PHE A 153 54.17 12.86 -10.34
CA PHE A 153 54.14 14.30 -10.62
C PHE A 153 52.69 14.67 -10.97
N TRP A 154 52.22 15.77 -10.40
CA TRP A 154 50.88 16.30 -10.62
C TRP A 154 51.02 17.82 -10.74
N GLU A 155 50.30 18.40 -11.70
CA GLU A 155 50.38 19.83 -11.99
C GLU A 155 48.99 20.34 -12.41
N SER A 156 48.59 21.48 -11.86
CA SER A 156 47.41 22.23 -12.28
C SER A 156 47.60 23.69 -11.86
N ALA A 157 47.00 24.62 -12.62
CA ALA A 157 46.98 26.06 -12.28
C ALA A 157 45.56 26.48 -11.84
N GLY A 158 44.65 25.49 -11.68
CA GLY A 158 43.29 25.73 -11.17
C GLY A 158 42.18 25.37 -12.14
N GLU A 159 42.55 24.95 -13.37
CA GLU A 159 41.58 24.51 -14.40
C GLU A 159 41.01 23.12 -14.02
N GLY A 160 40.00 22.64 -14.79
CA GLY A 160 39.37 21.34 -14.55
C GLY A 160 40.15 20.17 -15.15
N GLU A 161 41.48 20.24 -15.05
CA GLU A 161 42.40 19.29 -15.67
C GLU A 161 43.62 19.09 -14.75
N TYR A 162 44.37 18.02 -15.02
CA TYR A 162 45.53 17.61 -14.21
C TYR A 162 46.59 16.98 -15.13
N THR A 163 47.83 17.48 -15.02
CA THR A 163 48.98 16.94 -15.73
C THR A 163 49.70 15.95 -14.79
N VAL A 164 49.40 14.67 -15.01
CA VAL A 164 49.98 13.57 -14.23
C VAL A 164 51.05 12.84 -15.07
N ALA A 165 52.21 12.59 -14.44
CA ALA A 165 53.35 11.91 -15.08
C ALA A 165 54.15 11.15 -14.01
N ASP A 166 54.60 9.93 -14.32
CA ASP A 166 55.40 9.13 -13.36
C ASP A 166 56.87 9.63 -13.35
N ILE A 167 57.34 9.99 -12.15
CA ILE A 167 58.71 10.45 -11.90
C ILE A 167 59.36 9.60 -10.81
N THR A 168 60.63 9.85 -10.53
CA THR A 168 61.36 9.18 -9.44
C THR A 168 61.65 10.17 -8.30
N LYS A 169 61.33 9.76 -7.07
CA LYS A 169 61.69 10.49 -5.85
C LYS A 169 62.04 9.47 -4.76
N GLU A 170 63.36 9.34 -4.46
CA GLU A 170 63.87 8.45 -3.39
C GLU A 170 63.34 8.87 -2.01
N ASP A 171 63.04 10.18 -1.88
CA ASP A 171 62.37 10.71 -0.69
C ASP A 171 60.92 10.18 -0.64
N ARG A 172 60.49 9.70 0.54
CA ARG A 172 59.13 9.18 0.76
C ARG A 172 58.21 10.36 1.16
N GLY A 173 56.90 10.17 1.03
CA GLY A 173 55.94 11.19 1.43
C GLY A 173 55.61 12.13 0.29
N THR A 174 54.95 13.24 0.59
CA THR A 174 54.45 14.17 -0.44
C THR A 174 55.25 15.48 -0.38
N GLU A 175 55.58 16.03 -1.56
CA GLU A 175 56.33 17.30 -1.70
C GLU A 175 55.56 18.23 -2.64
N ILE A 176 54.92 19.26 -2.09
CA ILE A 176 54.01 20.13 -2.85
C ILE A 176 54.60 21.55 -2.93
N THR A 177 55.03 21.94 -4.14
CA THR A 177 55.56 23.27 -4.41
C THR A 177 54.45 24.12 -5.04
N LEU A 178 53.84 24.98 -4.21
CA LEU A 178 52.79 25.92 -4.66
C LEU A 178 53.47 27.19 -5.13
N HIS A 179 53.52 27.42 -6.45
CA HIS A 179 53.92 28.71 -7.00
C HIS A 179 52.83 29.73 -6.65
N LEU A 180 53.05 30.49 -5.58
CA LEU A 180 52.14 31.55 -5.13
C LEU A 180 52.17 32.71 -6.13
N ARG A 181 51.05 33.45 -6.21
CA ARG A 181 50.94 34.63 -7.07
C ARG A 181 51.84 35.74 -6.52
N GLU A 182 52.32 36.63 -7.41
CA GLU A 182 53.11 37.80 -7.02
C GLU A 182 52.21 38.78 -6.27
N GLY A 183 52.53 38.99 -4.99
CA GLY A 183 51.66 39.72 -4.06
C GLY A 183 51.32 38.87 -2.84
N GLU A 184 51.31 37.53 -3.00
CA GLU A 184 51.03 36.58 -1.89
C GLU A 184 52.32 36.27 -1.08
N ASP A 185 53.22 37.27 -1.02
CA ASP A 185 54.55 37.17 -0.37
C ASP A 185 54.44 36.96 1.14
N GLU A 186 53.27 37.25 1.73
CA GLU A 186 53.00 37.06 3.16
C GLU A 186 53.27 35.61 3.61
N PHE A 187 52.83 34.64 2.79
CA PHE A 187 53.00 33.20 3.09
C PHE A 187 54.46 32.76 2.84
N LEU A 188 55.32 33.71 2.42
CA LEU A 188 56.76 33.51 2.20
C LEU A 188 57.60 34.35 3.21
N ASP A 189 56.91 35.12 4.08
CA ASP A 189 57.56 35.90 5.17
C ASP A 189 57.57 35.07 6.44
N ASP A 190 58.75 35.01 7.12
CA ASP A 190 59.00 34.11 8.27
C ASP A 190 57.95 34.29 9.39
N TRP A 191 57.86 35.52 9.93
CA TRP A 191 56.96 35.85 11.06
C TRP A 191 55.49 35.44 10.79
N ARG A 192 55.04 35.70 9.55
CA ARG A 192 53.69 35.38 9.10
C ARG A 192 53.48 33.85 9.11
N VAL A 193 54.42 33.13 8.47
CA VAL A 193 54.40 31.65 8.40
C VAL A 193 54.41 31.03 9.82
N ARG A 194 55.11 31.68 10.77
CA ARG A 194 55.18 31.22 12.18
C ARG A 194 53.77 31.22 12.81
N SER A 195 53.08 32.35 12.70
CA SER A 195 51.72 32.52 13.23
C SER A 195 50.73 31.56 12.53
N ILE A 196 50.86 31.47 11.19
CA ILE A 196 49.95 30.65 10.36
C ILE A 196 50.06 29.18 10.75
N ILE A 197 51.28 28.63 10.66
CA ILE A 197 51.58 27.22 11.00
C ILE A 197 51.01 26.87 12.38
N SER A 198 51.48 27.59 13.43
CA SER A 198 51.13 27.31 14.85
C SER A 198 49.61 27.19 15.07
N LYS A 199 48.84 28.12 14.45
CA LYS A 199 47.36 28.22 14.60
C LYS A 199 46.61 26.87 14.44
N TYR A 200 47.14 25.97 13.59
CA TYR A 200 46.50 24.66 13.31
C TYR A 200 47.44 23.51 13.68
N SER A 201 48.75 23.73 13.56
CA SER A 201 49.75 22.67 13.71
C SER A 201 49.79 22.14 15.16
N ASP A 202 49.35 22.98 16.11
CA ASP A 202 49.27 22.61 17.53
C ASP A 202 48.22 21.50 17.78
N HIS A 203 47.15 21.44 16.95
CA HIS A 203 46.16 20.33 17.03
C HIS A 203 46.73 19.03 16.43
N ILE A 204 47.79 19.19 15.61
CA ILE A 204 48.40 18.10 14.84
C ILE A 204 49.51 17.44 15.68
N ALA A 205 49.49 16.10 15.71
CA ALA A 205 50.52 15.29 16.41
C ALA A 205 51.87 15.36 15.67
N LEU A 206 51.80 15.49 14.34
CA LEU A 206 52.94 15.45 13.43
C LEU A 206 53.75 16.77 13.55
N PRO A 207 55.07 16.71 13.95
CA PRO A 207 55.91 17.92 14.12
C PRO A 207 56.06 18.72 12.81
N VAL A 208 55.45 19.91 12.76
CA VAL A 208 55.49 20.80 11.60
C VAL A 208 56.67 21.77 11.76
N GLU A 209 57.77 21.44 11.09
CA GLU A 209 59.02 22.21 11.15
C GLU A 209 59.09 23.19 9.96
N ILE A 210 59.86 24.27 10.11
CA ILE A 210 59.99 25.33 9.09
C ILE A 210 61.45 25.47 8.67
N GLU A 211 61.69 25.93 7.44
CA GLU A 211 63.03 26.32 7.00
C GLU A 211 63.45 27.61 7.72
N LYS A 212 64.15 27.42 8.83
CA LYS A 212 64.90 28.50 9.47
C LYS A 212 66.26 28.55 8.76
N ARG A 213 66.30 29.26 7.62
CA ARG A 213 67.55 29.45 6.87
C ARG A 213 68.13 30.81 7.22
N GLU A 214 69.41 30.79 7.57
CA GLU A 214 70.21 31.98 7.80
C GLU A 214 71.09 32.16 6.57
N GLU A 215 70.76 33.14 5.73
CA GLU A 215 71.46 33.36 4.46
C GLU A 215 72.51 34.47 4.64
N LYS A 216 73.64 34.09 5.26
CA LYS A 216 74.78 34.99 5.58
C LYS A 216 75.99 34.58 4.73
N ASP A 217 76.97 35.51 4.59
CA ASP A 217 78.17 35.30 3.75
C ASP A 217 78.94 34.05 4.20
N GLY A 218 78.85 32.97 3.40
CA GLY A 218 79.47 31.69 3.73
C GLY A 218 78.59 30.83 4.63
N GLU A 219 77.79 31.48 5.51
CA GLU A 219 76.98 30.80 6.52
C GLU A 219 75.52 30.80 6.05
N THR A 220 75.23 29.91 5.10
CA THR A 220 73.87 29.67 4.62
C THR A 220 73.32 28.42 5.33
N VAL A 221 72.99 28.61 6.62
CA VAL A 221 72.60 27.52 7.51
C VAL A 221 71.11 27.21 7.36
N ILE A 222 70.79 26.03 6.77
CA ILE A 222 69.41 25.53 6.67
C ILE A 222 69.14 24.64 7.88
N SER A 223 68.22 25.08 8.74
CA SER A 223 67.78 24.33 9.91
C SER A 223 66.26 24.26 9.90
N TRP A 224 65.71 23.20 10.47
CA TRP A 224 64.26 22.96 10.54
C TRP A 224 63.80 22.98 12.00
N GLU A 225 63.06 24.05 12.37
CA GLU A 225 62.62 24.26 13.77
C GLU A 225 61.09 24.11 13.83
N LYS A 226 60.60 23.27 14.77
CA LYS A 226 59.17 22.95 14.87
C LYS A 226 58.40 24.13 15.52
N ILE A 227 57.38 24.62 14.81
CA ILE A 227 56.54 25.75 15.25
C ILE A 227 55.37 25.25 16.11
N ASN A 228 55.05 23.96 15.98
CA ASN A 228 53.92 23.35 16.70
C ASN A 228 54.36 22.84 18.07
N LYS A 229 53.36 22.63 18.95
CA LYS A 229 53.57 22.01 20.28
C LYS A 229 54.02 20.54 20.12
N ALA A 230 53.66 19.95 18.94
CA ALA A 230 54.05 18.58 18.53
C ALA A 230 53.51 17.55 19.53
N GLN A 231 52.19 17.59 19.72
CA GLN A 231 51.49 16.71 20.65
C GLN A 231 50.04 16.55 20.18
N ALA A 232 49.56 15.30 20.19
CA ALA A 232 48.21 14.92 19.74
C ALA A 232 47.17 15.50 20.69
N LEU A 233 46.12 16.13 20.11
CA LEU A 233 45.18 16.96 20.89
C LEU A 233 44.45 16.18 22.00
N TRP A 234 44.22 14.88 21.77
CA TRP A 234 43.52 14.03 22.74
C TRP A 234 44.43 13.69 23.97
N THR A 235 45.75 13.56 23.76
CA THR A 235 46.68 13.09 24.83
C THR A 235 47.30 14.27 25.62
N ARG A 236 47.35 15.48 25.03
CA ARG A 236 47.87 16.70 25.72
C ARG A 236 46.84 17.27 26.72
N ASN A 237 47.36 18.13 27.62
CA ASN A 237 46.56 18.67 28.73
C ASN A 237 45.50 19.65 28.19
N LYS A 238 44.26 19.44 28.67
CA LYS A 238 43.08 20.24 28.32
C LYS A 238 43.28 21.72 28.67
N SER A 239 44.11 21.98 29.70
CA SER A 239 44.50 23.33 30.12
C SER A 239 45.28 24.05 28.99
N GLU A 240 46.19 23.31 28.32
CA GLU A 240 47.01 23.86 27.22
C GLU A 240 46.17 24.03 25.94
N ILE A 241 45.11 23.21 25.81
CA ILE A 241 44.22 23.28 24.65
C ILE A 241 43.21 24.42 24.81
N THR A 242 43.22 25.37 23.86
CA THR A 242 42.19 26.41 23.76
C THR A 242 41.00 25.88 22.93
N ASP A 243 39.89 26.62 22.96
CA ASP A 243 38.61 26.19 22.34
C ASP A 243 38.73 26.04 20.80
N GLU A 244 39.54 26.92 20.17
CA GLU A 244 39.73 26.90 18.70
C GLU A 244 40.52 25.67 18.26
N GLU A 245 41.52 25.25 19.06
CA GLU A 245 42.34 24.04 18.74
C GLU A 245 41.46 22.79 18.66
N TYR A 246 40.40 22.76 19.50
CA TYR A 246 39.33 21.73 19.38
C TYR A 246 38.60 21.88 18.04
N LYS A 247 38.07 23.09 17.78
CA LYS A 247 37.28 23.42 16.57
C LYS A 247 38.06 23.11 15.26
N GLU A 248 39.37 23.24 15.35
CA GLU A 248 40.30 23.09 14.23
C GLU A 248 40.68 21.61 14.04
N PHE A 249 40.81 20.88 15.17
CA PHE A 249 41.08 19.43 15.17
C PHE A 249 39.90 18.66 14.59
N TYR A 250 38.68 19.16 14.86
CA TYR A 250 37.44 18.63 14.28
C TYR A 250 37.54 18.51 12.75
N LYS A 251 38.00 19.60 12.12
CA LYS A 251 38.05 19.73 10.65
C LYS A 251 38.95 18.66 10.01
N HIS A 252 40.00 18.27 10.76
CA HIS A 252 40.88 17.17 10.39
C HIS A 252 40.14 15.80 10.51
N ILE A 253 39.69 15.48 11.72
CA ILE A 253 39.21 14.12 12.07
C ILE A 253 37.82 13.81 11.48
N ALA A 254 37.09 14.86 11.10
CA ALA A 254 35.74 14.73 10.52
C ALA A 254 35.78 14.68 9.00
N HIS A 255 36.98 14.96 8.41
CA HIS A 255 37.15 15.18 6.95
C HIS A 255 36.15 16.25 6.48
N ASP A 256 36.27 17.44 7.11
CA ASP A 256 35.31 18.57 6.96
C ASP A 256 36.11 19.90 7.10
N PHE A 257 35.42 21.04 7.25
CA PHE A 257 36.06 22.32 7.60
C PHE A 257 35.12 23.25 8.40
N ASN A 258 33.90 22.77 8.77
CA ASN A 258 32.92 23.62 9.51
C ASN A 258 33.32 23.81 10.98
N ASP A 259 32.72 24.82 11.59
CA ASP A 259 32.92 25.15 13.00
C ASP A 259 31.94 24.33 13.87
N PRO A 260 32.44 23.39 14.74
CA PRO A 260 31.56 22.59 15.61
C PRO A 260 30.95 23.44 16.75
N LEU A 261 29.66 23.21 17.01
CA LEU A 261 28.86 23.94 18.01
C LEU A 261 29.42 23.72 19.43
N THR A 262 29.78 22.46 19.74
CA THR A 262 30.38 22.09 21.03
C THR A 262 31.18 20.77 20.88
N TRP A 263 31.81 20.34 21.98
CA TRP A 263 32.66 19.13 22.04
C TRP A 263 32.65 18.54 23.45
N SER A 264 33.37 17.43 23.64
CA SER A 264 33.55 16.79 24.96
C SER A 264 34.87 15.99 24.99
N HIS A 265 35.93 16.58 25.58
CA HIS A 265 37.23 15.91 25.75
C HIS A 265 37.30 15.33 27.17
N ASN A 266 36.98 14.05 27.30
CA ASN A 266 37.05 13.30 28.58
C ASN A 266 37.96 12.08 28.42
N ARG A 267 38.77 11.80 29.45
CA ARG A 267 39.56 10.55 29.52
C ARG A 267 38.93 9.65 30.60
N VAL A 268 38.72 8.38 30.25
CA VAL A 268 38.20 7.37 31.17
C VAL A 268 39.18 6.19 31.27
N GLU A 269 39.65 5.90 32.47
CA GLU A 269 40.52 4.74 32.75
C GLU A 269 39.70 3.67 33.52
N GLY A 270 40.36 2.54 33.84
CA GLY A 270 39.71 1.42 34.52
C GLY A 270 40.09 0.11 33.84
N LYS A 271 39.10 -0.73 33.54
CA LYS A 271 39.31 -1.94 32.74
C LYS A 271 39.44 -1.53 31.26
N GLN A 272 38.41 -0.80 30.76
CA GLN A 272 38.42 -0.19 29.42
C GLN A 272 38.99 1.22 29.51
N GLU A 273 40.31 1.34 29.28
CA GLU A 273 40.98 2.64 29.27
C GLU A 273 40.95 3.24 27.85
N TYR A 274 40.35 4.43 27.73
CA TYR A 274 40.31 5.21 26.50
C TYR A 274 40.34 6.71 26.80
N THR A 275 40.74 7.50 25.81
CA THR A 275 40.65 8.96 25.82
C THR A 275 39.70 9.36 24.68
N SER A 276 38.52 9.89 25.04
CA SER A 276 37.50 10.25 24.05
C SER A 276 37.46 11.77 23.83
N LEU A 277 37.24 12.17 22.57
CA LEU A 277 37.12 13.57 22.17
C LEU A 277 36.08 13.64 21.04
N LEU A 278 34.83 13.91 21.45
CA LEU A 278 33.66 13.99 20.56
C LEU A 278 33.36 15.46 20.22
N TYR A 279 32.59 15.69 19.14
CA TYR A 279 32.17 17.03 18.68
C TYR A 279 30.72 16.97 18.16
N ILE A 280 30.13 18.16 18.00
CA ILE A 280 28.79 18.36 17.42
C ILE A 280 28.91 19.28 16.18
N PRO A 281 28.70 18.75 14.92
CA PRO A 281 28.73 19.55 13.67
C PRO A 281 27.65 20.64 13.62
N SER A 282 27.94 21.74 12.90
CA SER A 282 26.97 22.82 12.61
C SER A 282 26.24 22.56 11.28
N GLN A 283 26.56 21.43 10.62
CA GLN A 283 25.99 21.04 9.33
C GLN A 283 25.34 19.67 9.44
N ALA A 284 24.31 19.47 8.62
CA ALA A 284 23.77 18.12 8.35
C ALA A 284 24.61 17.49 7.22
N PRO A 285 25.35 16.36 7.47
CA PRO A 285 26.15 15.67 6.43
C PRO A 285 25.29 15.23 5.22
N TRP A 286 25.89 15.24 4.02
CA TRP A 286 25.23 14.79 2.78
C TRP A 286 24.76 13.35 2.94
N ASP A 287 25.67 12.51 3.48
CA ASP A 287 25.50 11.05 3.57
C ASP A 287 24.73 10.61 4.83
N MET A 288 24.00 11.55 5.47
CA MET A 288 23.20 11.30 6.71
C MET A 288 22.24 10.10 6.57
N TRP A 289 21.58 9.98 5.40
CA TRP A 289 20.62 8.88 5.12
C TRP A 289 21.17 7.91 4.05
N ASN A 290 22.46 8.10 3.69
CA ASN A 290 23.19 7.21 2.75
C ASN A 290 23.79 6.00 3.49
N ARG A 291 24.06 4.92 2.74
CA ARG A 291 24.59 3.66 3.27
C ARG A 291 26.11 3.77 3.57
N ASP A 292 26.76 4.88 3.15
CA ASP A 292 28.18 5.15 3.47
C ASP A 292 28.28 6.11 4.66
N HIS A 293 29.46 6.16 5.29
CA HIS A 293 29.73 7.02 6.45
C HIS A 293 30.07 8.47 6.02
N LYS A 294 29.58 9.44 6.78
CA LYS A 294 30.14 10.81 6.83
C LYS A 294 30.22 11.20 8.32
N HIS A 295 29.38 10.56 9.14
CA HIS A 295 29.58 10.45 10.60
C HIS A 295 30.71 9.46 10.93
N GLY A 296 31.10 9.41 12.22
CA GLY A 296 32.03 8.38 12.69
C GLY A 296 33.14 8.96 13.54
N LEU A 297 33.87 8.06 14.22
CA LEU A 297 34.98 8.42 15.08
C LEU A 297 36.26 7.77 14.52
N LYS A 298 37.35 8.54 14.37
CA LYS A 298 38.65 7.98 13.95
C LYS A 298 39.21 7.11 15.08
N LEU A 299 39.35 5.81 14.79
CA LEU A 299 39.93 4.86 15.73
C LEU A 299 41.45 5.03 15.83
N TYR A 300 41.90 5.30 17.05
CA TYR A 300 43.29 5.21 17.46
C TYR A 300 43.36 4.18 18.61
N VAL A 301 44.34 3.29 18.57
CA VAL A 301 44.67 2.38 19.69
C VAL A 301 46.11 2.67 20.13
N GLN A 302 46.24 3.19 21.37
CA GLN A 302 47.55 3.48 22.01
C GLN A 302 48.33 4.54 21.20
N ARG A 303 47.58 5.55 20.72
CA ARG A 303 48.09 6.75 20.00
C ARG A 303 48.49 6.41 18.54
N VAL A 304 48.17 5.18 18.10
CA VAL A 304 48.41 4.70 16.71
C VAL A 304 47.07 4.65 15.95
N PHE A 305 47.05 5.14 14.71
CA PHE A 305 45.84 5.11 13.84
C PHE A 305 45.55 3.68 13.32
N ILE A 306 44.25 3.29 13.32
CA ILE A 306 43.79 2.04 12.68
C ILE A 306 42.86 2.38 11.50
N MET A 307 41.73 3.03 11.79
CA MET A 307 40.71 3.36 10.75
C MET A 307 40.03 4.70 11.06
N ASP A 308 39.57 5.39 10.01
CA ASP A 308 38.85 6.67 10.11
C ASP A 308 37.35 6.45 9.89
N ASP A 309 36.55 7.43 10.36
CA ASP A 309 35.07 7.50 10.17
C ASP A 309 34.38 6.22 10.70
N ALA A 310 34.99 5.59 11.73
CA ALA A 310 34.50 4.35 12.32
C ALA A 310 33.28 4.62 13.19
N GLU A 311 32.10 4.41 12.58
CA GLU A 311 30.79 4.57 13.24
C GLU A 311 30.48 3.41 14.21
N GLN A 312 31.41 2.46 14.29
CA GLN A 312 31.30 1.26 15.13
C GLN A 312 31.41 1.59 16.64
N PHE A 313 31.94 2.79 16.94
CA PHE A 313 32.09 3.29 18.32
C PHE A 313 30.91 4.18 18.73
N MET A 314 29.91 4.29 17.86
CA MET A 314 28.77 5.18 18.11
C MET A 314 27.47 4.51 17.62
N PRO A 315 26.44 4.35 18.51
CA PRO A 315 25.07 3.93 18.10
C PRO A 315 24.51 4.77 16.94
N ASN A 316 23.63 4.15 16.16
CA ASN A 316 23.00 4.77 14.96
C ASN A 316 22.12 5.98 15.37
N TYR A 317 21.58 5.96 16.62
CA TYR A 317 20.78 7.08 17.18
C TYR A 317 21.65 8.31 17.46
N LEU A 318 22.94 8.06 17.70
CA LEU A 318 23.92 9.10 18.07
C LEU A 318 24.81 9.41 16.85
N ARG A 319 24.31 9.09 15.62
CA ARG A 319 25.07 9.28 14.35
C ARG A 319 25.44 10.76 14.10
N PHE A 320 24.83 11.68 14.83
CA PHE A 320 25.14 13.13 14.75
C PHE A 320 26.54 13.47 15.34
N VAL A 321 27.11 12.55 16.14
CA VAL A 321 28.42 12.75 16.77
C VAL A 321 29.57 12.54 15.76
N ARG A 322 30.57 13.42 15.85
CA ARG A 322 31.76 13.38 14.99
C ARG A 322 33.00 13.63 15.86
N GLY A 323 34.05 12.82 15.70
CA GLY A 323 35.27 13.02 16.46
C GLY A 323 36.23 11.85 16.32
N LEU A 324 36.75 11.37 17.46
CA LEU A 324 37.67 10.23 17.51
C LEU A 324 37.65 9.60 18.92
N ILE A 325 38.34 8.46 19.05
CA ILE A 325 38.48 7.74 20.33
C ILE A 325 39.79 6.93 20.30
N ASP A 326 40.67 7.20 21.29
CA ASP A 326 41.94 6.49 21.45
C ASP A 326 41.83 5.50 22.62
N SER A 327 41.56 4.22 22.32
CA SER A 327 41.49 3.18 23.35
C SER A 327 42.86 2.53 23.52
N SER A 328 43.43 2.66 24.74
CA SER A 328 44.75 2.10 25.08
C SER A 328 44.62 0.61 25.49
N ASP A 329 43.37 0.17 25.75
CA ASP A 329 43.07 -1.20 26.21
C ASP A 329 42.65 -2.11 25.03
N LEU A 330 41.93 -1.54 24.04
CA LEU A 330 41.43 -2.26 22.83
C LEU A 330 42.62 -2.91 22.07
N PRO A 331 42.46 -4.16 21.49
CA PRO A 331 43.49 -4.77 20.60
C PRO A 331 43.99 -3.81 19.49
N LEU A 332 45.29 -3.85 19.18
CA LEU A 332 45.89 -3.05 18.08
C LEU A 332 45.62 -3.72 16.72
N ASN A 333 45.35 -5.04 16.77
CA ASN A 333 45.03 -5.88 15.60
C ASN A 333 43.53 -5.83 15.26
N VAL A 334 42.81 -4.88 15.89
CA VAL A 334 41.35 -4.71 15.76
C VAL A 334 40.95 -4.32 14.30
N SER A 335 39.75 -4.76 13.90
CA SER A 335 39.17 -4.48 12.57
C SER A 335 37.67 -4.14 12.73
N ARG A 336 37.03 -3.72 11.63
CA ARG A 336 35.64 -3.20 11.64
C ARG A 336 34.62 -4.29 12.06
N GLU A 337 34.94 -5.55 11.72
CA GLU A 337 34.13 -6.73 12.07
C GLU A 337 34.34 -7.10 13.56
N ILE A 338 35.56 -6.87 14.09
CA ILE A 338 35.84 -6.96 15.54
C ILE A 338 35.01 -5.89 16.27
N LEU A 339 34.93 -4.71 15.67
CA LEU A 339 34.22 -3.55 16.23
C LEU A 339 32.69 -3.74 16.22
N GLN A 340 32.20 -4.51 15.24
CA GLN A 340 30.77 -4.81 15.09
C GLN A 340 30.35 -5.98 16.00
N ASP A 341 31.23 -6.98 16.15
CA ASP A 341 30.90 -8.26 16.80
C ASP A 341 31.32 -8.31 18.28
N SER A 342 32.60 -7.97 18.56
CA SER A 342 33.20 -8.10 19.91
C SER A 342 32.46 -7.23 20.96
N THR A 343 32.32 -7.80 22.16
CA THR A 343 31.57 -7.20 23.27
C THR A 343 32.32 -5.97 23.83
N VAL A 344 33.68 -6.00 23.76
CA VAL A 344 34.54 -4.89 24.28
C VAL A 344 34.19 -3.54 23.61
N THR A 345 33.89 -3.58 22.29
CA THR A 345 33.52 -2.38 21.51
C THR A 345 32.05 -1.97 21.78
N ARG A 346 31.22 -2.95 22.21
CA ARG A 346 29.80 -2.70 22.53
C ARG A 346 29.75 -1.90 23.85
N ASN A 347 30.50 -2.38 24.86
CA ASN A 347 30.63 -1.70 26.17
C ASN A 347 31.35 -0.34 26.01
N LEU A 348 32.28 -0.27 25.04
CA LEU A 348 33.06 0.94 24.73
C LEU A 348 32.16 2.03 24.11
N ARG A 349 31.26 1.63 23.19
CA ARG A 349 30.36 2.59 22.50
C ARG A 349 29.23 3.06 23.46
N ASN A 350 28.86 2.19 24.43
CA ASN A 350 27.91 2.53 25.51
C ASN A 350 28.55 3.48 26.52
N ALA A 351 29.87 3.32 26.70
CA ALA A 351 30.69 4.21 27.53
C ALA A 351 30.87 5.58 26.83
N LEU A 352 30.79 5.58 25.49
CA LEU A 352 30.79 6.81 24.68
C LEU A 352 29.38 7.42 24.57
N THR A 353 28.32 6.58 24.73
CA THR A 353 26.91 7.01 24.69
C THR A 353 26.63 8.09 25.75
N LYS A 354 27.15 7.87 26.97
CA LYS A 354 27.01 8.83 28.07
C LYS A 354 27.75 10.15 27.79
N ARG A 355 28.94 10.08 27.15
CA ARG A 355 29.71 11.29 26.74
C ARG A 355 28.88 12.17 25.78
N VAL A 356 28.03 11.52 24.97
CA VAL A 356 27.07 12.20 24.08
C VAL A 356 25.98 12.91 24.91
N LEU A 357 25.42 12.17 25.90
CA LEU A 357 24.33 12.67 26.78
C LEU A 357 24.74 13.96 27.51
N GLN A 358 25.93 13.94 28.14
CA GLN A 358 26.49 15.11 28.84
C GLN A 358 26.67 16.29 27.87
N MET A 359 27.27 16.01 26.69
CA MET A 359 27.61 17.03 25.67
C MET A 359 26.34 17.74 25.12
N LEU A 360 25.26 16.97 24.92
CA LEU A 360 23.98 17.50 24.39
C LEU A 360 23.24 18.32 25.45
N GLU A 361 23.16 17.75 26.67
CA GLU A 361 22.42 18.35 27.80
C GLU A 361 23.06 19.69 28.21
N LYS A 362 24.41 19.70 28.25
CA LYS A 362 25.18 20.93 28.48
C LYS A 362 24.85 21.96 27.40
N LEU A 363 25.01 21.60 26.11
CA LEU A 363 24.76 22.51 24.95
C LEU A 363 23.33 23.07 24.99
N ALA A 364 22.40 22.24 25.46
CA ALA A 364 20.98 22.59 25.60
C ALA A 364 20.81 23.75 26.59
N LYS A 365 21.47 23.63 27.76
CA LYS A 365 21.33 24.60 28.86
C LYS A 365 22.23 25.83 28.63
N ASP A 366 23.35 25.60 27.95
CA ASP A 366 24.42 26.60 27.75
C ASP A 366 24.01 27.55 26.62
N ASP A 367 23.76 26.99 25.44
CA ASP A 367 23.41 27.78 24.26
C ASP A 367 22.35 27.05 23.43
N ALA A 368 21.07 27.39 23.70
CA ALA A 368 19.91 26.79 23.02
C ALA A 368 19.80 27.24 21.55
N GLU A 369 20.57 28.27 21.15
CA GLU A 369 20.62 28.75 19.75
C GLU A 369 21.50 27.81 18.91
N LYS A 370 22.66 27.41 19.47
CA LYS A 370 23.53 26.39 18.88
C LYS A 370 22.84 25.03 18.91
N TYR A 371 22.12 24.75 20.02
CA TYR A 371 21.36 23.50 20.15
C TYR A 371 20.16 23.50 19.17
N GLN A 372 19.65 24.70 18.82
CA GLN A 372 18.59 24.86 17.80
C GLN A 372 19.14 24.53 16.41
N THR A 373 20.39 24.97 16.14
CA THR A 373 21.10 24.64 14.88
C THR A 373 21.28 23.12 14.76
N PHE A 374 21.81 22.51 15.85
CA PHE A 374 21.95 21.06 16.00
C PHE A 374 20.61 20.35 15.73
N TRP A 375 19.55 20.85 16.34
CA TRP A 375 18.23 20.20 16.31
C TRP A 375 17.59 20.25 14.91
N GLN A 376 17.78 21.36 14.17
CA GLN A 376 17.19 21.51 12.84
C GLN A 376 18.01 20.75 11.76
N GLN A 377 19.23 20.31 12.14
CA GLN A 377 20.10 19.48 11.26
C GLN A 377 19.96 17.98 11.61
N PHE A 378 19.77 17.68 12.90
CA PHE A 378 19.90 16.30 13.45
C PHE A 378 18.65 15.88 14.27
N GLY A 379 17.56 16.64 14.12
CA GLY A 379 16.32 16.40 14.87
C GLY A 379 15.76 15.01 14.69
N LEU A 380 15.58 14.62 13.41
CA LEU A 380 15.03 13.30 13.01
C LEU A 380 15.81 12.14 13.67
N VAL A 381 17.11 12.35 13.82
CA VAL A 381 18.04 11.37 14.41
C VAL A 381 17.73 11.19 15.92
N LEU A 382 17.67 12.33 16.64
CA LEU A 382 17.42 12.35 18.11
C LEU A 382 15.92 11.98 18.41
N LYS A 383 15.04 12.10 17.39
CA LYS A 383 13.61 11.69 17.50
C LYS A 383 13.49 10.15 17.72
N GLU A 384 14.52 9.39 17.30
CA GLU A 384 14.59 7.93 17.54
C GLU A 384 14.84 7.65 19.04
N GLY A 385 15.54 8.61 19.68
CA GLY A 385 15.90 8.55 21.11
C GLY A 385 14.75 8.15 22.07
N PRO A 386 13.69 8.99 22.24
CA PRO A 386 12.58 8.71 23.20
C PRO A 386 11.73 7.49 22.76
N ALA A 387 11.85 7.16 21.46
CA ALA A 387 11.07 6.11 20.82
C ALA A 387 11.72 4.72 21.03
N GLU A 388 13.04 4.72 21.28
CA GLU A 388 13.76 3.50 21.69
C GLU A 388 13.74 3.45 23.23
N ASP A 389 14.49 4.36 23.86
CA ASP A 389 14.60 4.42 25.32
C ASP A 389 13.45 5.28 25.89
N PHE A 390 12.33 4.61 26.18
CA PHE A 390 11.19 5.22 26.85
C PHE A 390 11.44 5.31 28.38
N ALA A 391 12.42 4.52 28.88
CA ALA A 391 12.75 4.47 30.32
C ALA A 391 13.25 5.85 30.80
N ASN A 392 14.15 6.42 30.02
CA ASN A 392 14.78 7.73 30.27
C ASN A 392 14.17 8.79 29.35
N GLN A 393 12.93 8.55 28.88
CA GLN A 393 12.26 9.41 27.90
C GLN A 393 12.06 10.84 28.43
N GLU A 394 11.89 10.97 29.76
CA GLU A 394 11.80 12.28 30.45
C GLU A 394 13.12 13.07 30.26
N ALA A 395 14.25 12.36 30.43
CA ALA A 395 15.62 12.91 30.29
C ALA A 395 15.89 13.33 28.82
N ILE A 396 15.39 12.52 27.88
CA ILE A 396 15.52 12.78 26.44
C ILE A 396 14.52 13.87 26.00
N ALA A 397 13.40 13.99 26.74
CA ALA A 397 12.33 14.97 26.46
C ALA A 397 12.77 16.41 26.74
N LYS A 398 13.80 16.53 27.59
CA LYS A 398 14.47 17.81 27.86
C LYS A 398 15.30 18.24 26.62
N LEU A 399 15.79 17.22 25.87
CA LEU A 399 16.53 17.40 24.62
C LEU A 399 15.58 17.61 23.42
N LEU A 400 14.34 17.08 23.55
CA LEU A 400 13.30 17.17 22.50
C LEU A 400 12.76 18.61 22.38
N ARG A 401 12.71 19.10 21.13
CA ARG A 401 12.21 20.44 20.79
C ARG A 401 11.09 20.27 19.75
N PHE A 402 9.93 20.91 19.98
CA PHE A 402 8.76 20.80 19.10
C PHE A 402 8.37 22.19 18.61
N ALA A 403 7.61 22.24 17.51
CA ALA A 403 6.97 23.48 17.07
C ALA A 403 5.70 23.67 17.90
N SER A 404 5.40 24.91 18.28
CA SER A 404 4.24 25.22 19.15
C SER A 404 3.47 26.42 18.61
N THR A 405 2.32 26.69 19.25
CA THR A 405 1.45 27.83 18.92
C THR A 405 2.03 29.16 19.40
N HIS A 406 3.10 29.08 20.24
CA HIS A 406 3.86 30.25 20.73
C HIS A 406 4.25 31.18 19.54
N THR A 407 4.46 30.56 18.36
CA THR A 407 4.64 31.25 17.08
C THR A 407 3.87 30.51 15.96
N ASP A 408 3.69 31.17 14.80
CA ASP A 408 3.14 30.52 13.58
C ASP A 408 4.28 30.05 12.65
N SER A 409 5.53 30.10 13.16
CA SER A 409 6.72 29.60 12.46
C SER A 409 6.84 28.07 12.62
N SER A 410 7.54 27.44 11.65
CA SER A 410 7.82 25.99 11.67
C SER A 410 9.07 25.66 12.52
N ALA A 411 9.72 26.72 13.05
CA ALA A 411 10.90 26.61 13.93
C ALA A 411 10.54 25.91 15.26
N GLN A 412 11.31 24.86 15.58
CA GLN A 412 11.12 24.06 16.81
C GLN A 412 11.92 24.68 17.97
N THR A 413 11.71 26.00 18.17
CA THR A 413 12.45 26.81 19.16
C THR A 413 11.97 26.52 20.60
N VAL A 414 10.69 26.13 20.73
CA VAL A 414 10.07 25.84 22.03
C VAL A 414 10.35 24.39 22.44
N SER A 415 10.74 24.22 23.70
CA SER A 415 11.06 22.94 24.31
C SER A 415 9.92 22.52 25.23
N LEU A 416 9.96 21.28 25.72
CA LEU A 416 9.11 20.84 26.84
C LEU A 416 9.52 21.60 28.13
N GLU A 417 10.82 21.94 28.22
CA GLU A 417 11.40 22.81 29.27
C GLU A 417 10.78 24.22 29.24
N ASP A 418 10.75 24.81 28.02
CA ASP A 418 10.19 26.14 27.78
C ASP A 418 8.71 26.14 28.20
N TYR A 419 8.01 25.05 27.83
CA TYR A 419 6.60 24.86 28.17
C TYR A 419 6.40 24.77 29.70
N VAL A 420 7.33 24.12 30.44
CA VAL A 420 7.27 24.05 31.92
C VAL A 420 7.24 25.48 32.51
N SER A 421 8.06 26.37 31.94
CA SER A 421 8.05 27.81 32.31
C SER A 421 6.75 28.52 31.84
N ARG A 422 6.17 28.05 30.73
CA ARG A 422 4.93 28.62 30.13
C ARG A 422 3.64 28.12 30.83
N MET A 423 3.76 27.05 31.66
CA MET A 423 2.61 26.39 32.32
C MET A 423 1.74 27.35 33.15
N LYS A 424 0.41 27.20 33.01
CA LYS A 424 -0.59 27.94 33.79
C LYS A 424 -0.78 27.31 35.18
N GLU A 425 -1.36 28.09 36.10
CA GLU A 425 -1.68 27.62 37.46
C GLU A 425 -2.77 26.54 37.39
N GLY A 426 -2.47 25.37 37.98
CA GLY A 426 -3.37 24.22 37.96
C GLY A 426 -3.18 23.31 36.75
N GLN A 427 -2.38 23.75 35.76
CA GLN A 427 -2.12 22.99 34.53
C GLN A 427 -1.17 21.80 34.82
N GLU A 428 -1.75 20.60 34.82
CA GLU A 428 -1.01 19.33 34.99
C GLU A 428 -0.91 18.60 33.63
N LYS A 429 -1.49 19.21 32.58
CA LYS A 429 -1.66 18.57 31.26
C LYS A 429 -1.10 19.47 30.16
N ILE A 430 -0.15 18.93 29.41
CA ILE A 430 0.49 19.64 28.29
C ILE A 430 -0.32 19.36 27.01
N TYR A 431 -0.91 20.42 26.44
CA TYR A 431 -1.86 20.31 25.32
C TYR A 431 -1.10 20.00 24.02
N TYR A 432 -1.50 18.91 23.34
CA TYR A 432 -0.86 18.46 22.08
C TYR A 432 -1.90 18.45 20.94
N ILE A 433 -1.46 18.93 19.77
CA ILE A 433 -2.20 18.81 18.50
C ILE A 433 -1.23 18.21 17.48
N THR A 434 -1.55 16.99 17.05
CA THR A 434 -0.64 16.12 16.30
C THR A 434 -1.07 16.02 14.83
N ALA A 435 -0.07 15.89 13.93
CA ALA A 435 -0.29 15.73 12.48
C ALA A 435 1.02 15.33 11.79
N ASP A 436 0.91 14.52 10.71
CA ASP A 436 2.09 14.09 9.91
C ASP A 436 2.41 15.17 8.84
N SER A 437 1.61 16.25 8.82
CA SER A 437 1.80 17.39 7.90
C SER A 437 1.61 18.69 8.70
N TYR A 438 2.42 19.71 8.35
CA TYR A 438 2.42 21.02 9.03
C TYR A 438 1.11 21.78 8.76
N ALA A 439 0.64 21.65 7.52
CA ALA A 439 -0.61 22.27 7.07
C ALA A 439 -1.85 21.57 7.69
N ALA A 440 -1.69 20.27 8.05
CA ALA A 440 -2.75 19.49 8.74
C ALA A 440 -2.84 19.88 10.24
N ALA A 441 -1.70 20.24 10.84
CA ALA A 441 -1.64 20.81 12.23
C ALA A 441 -2.36 22.17 12.25
N LYS A 442 -2.18 22.92 11.15
CA LYS A 442 -2.81 24.23 10.94
C LYS A 442 -4.29 24.12 10.48
N SER A 443 -4.77 22.90 10.22
CA SER A 443 -6.20 22.63 9.92
C SER A 443 -7.03 22.36 11.22
N SER A 444 -6.39 22.49 12.39
CA SER A 444 -7.03 22.24 13.71
C SER A 444 -7.97 23.40 14.16
N PRO A 445 -9.29 23.11 14.46
CA PRO A 445 -10.22 24.12 15.04
C PRO A 445 -10.04 24.33 16.55
N HIS A 446 -9.46 23.32 17.24
CA HIS A 446 -9.29 23.31 18.73
C HIS A 446 -8.40 24.49 19.18
N LEU A 447 -7.55 24.94 18.24
CA LEU A 447 -6.65 26.10 18.40
C LEU A 447 -7.38 27.38 18.90
N GLU A 448 -8.57 27.67 18.33
CA GLU A 448 -9.36 28.88 18.67
C GLU A 448 -9.84 28.86 20.14
N LEU A 449 -9.99 27.65 20.69
CA LEU A 449 -10.48 27.43 22.05
C LEU A 449 -9.36 27.67 23.07
N LEU A 450 -8.15 27.29 22.66
CA LEU A 450 -6.91 27.52 23.41
C LEU A 450 -6.52 29.00 23.36
N ARG A 451 -6.93 29.65 22.27
CA ARG A 451 -6.62 31.05 22.01
C ARG A 451 -7.43 31.96 22.94
N LYS A 452 -8.66 31.53 23.22
CA LYS A 452 -9.62 32.30 24.03
C LYS A 452 -9.27 32.20 25.55
N LYS A 453 -8.97 30.97 26.01
CA LYS A 453 -8.68 30.69 27.44
C LYS A 453 -7.22 30.96 27.83
N GLY A 454 -6.32 31.07 26.84
CA GLY A 454 -4.94 31.43 27.11
C GLY A 454 -4.12 30.30 27.71
N ILE A 455 -4.04 29.17 27.01
CA ILE A 455 -3.23 28.01 27.43
C ILE A 455 -2.46 27.47 26.20
N GLU A 456 -1.21 27.02 26.41
CA GLU A 456 -0.26 26.77 25.29
C GLU A 456 -0.34 25.33 24.77
N VAL A 457 0.04 25.20 23.48
CA VAL A 457 -0.23 24.03 22.65
C VAL A 457 1.04 23.67 21.86
N LEU A 458 1.36 22.38 21.73
CA LEU A 458 2.41 21.92 20.81
C LEU A 458 1.79 21.54 19.45
N LEU A 459 2.33 22.14 18.36
CA LEU A 459 1.98 21.78 16.98
C LEU A 459 2.97 20.72 16.47
N LEU A 460 2.66 19.44 16.72
CA LEU A 460 3.50 18.31 16.25
C LEU A 460 3.17 18.10 14.77
N SER A 461 4.17 18.32 13.91
CA SER A 461 3.98 18.42 12.46
C SER A 461 5.07 17.66 11.69
N ASP A 462 5.66 16.64 12.33
CA ASP A 462 6.78 15.87 11.79
C ASP A 462 6.42 14.37 11.63
N ARG A 463 7.18 13.67 10.76
CA ARG A 463 6.95 12.25 10.40
C ARG A 463 7.19 11.28 11.57
N ILE A 464 8.32 11.42 12.28
CA ILE A 464 8.76 10.40 13.28
C ILE A 464 8.31 10.77 14.73
N ASP A 465 7.77 12.00 14.89
CA ASP A 465 7.13 12.43 16.15
C ASP A 465 5.96 11.49 16.54
N GLU A 466 5.28 10.89 15.55
CA GLU A 466 4.17 9.94 15.81
C GLU A 466 4.69 8.63 16.42
N TRP A 467 5.93 8.24 16.06
CA TRP A 467 6.56 7.03 16.59
C TRP A 467 6.89 7.25 18.07
N MET A 468 7.47 8.42 18.42
CA MET A 468 7.76 8.74 19.84
C MET A 468 6.45 8.84 20.65
N MET A 469 5.34 9.28 19.99
CA MET A 469 3.99 9.42 20.63
C MET A 469 3.46 8.08 21.20
N ASN A 470 3.95 6.94 20.69
CA ASN A 470 3.54 5.59 21.20
C ASN A 470 4.03 5.37 22.65
N TYR A 471 5.07 6.12 23.03
CA TYR A 471 5.75 5.98 24.34
C TYR A 471 5.57 7.26 25.19
N LEU A 472 5.55 8.42 24.50
CA LEU A 472 5.59 9.77 25.10
C LEU A 472 4.15 10.19 25.48
N THR A 473 3.61 9.45 26.46
CA THR A 473 2.28 9.66 27.03
C THR A 473 2.36 10.53 28.31
N GLU A 474 3.56 10.56 28.96
CA GLU A 474 3.83 11.41 30.14
C GLU A 474 5.27 11.97 30.09
N PHE A 475 5.43 13.20 30.62
CA PHE A 475 6.72 13.87 30.84
C PHE A 475 6.66 14.63 32.18
N ASP A 476 7.66 14.39 33.06
CA ASP A 476 7.84 15.14 34.32
C ASP A 476 6.63 14.95 35.28
N GLY A 477 6.08 13.71 35.26
CA GLY A 477 4.91 13.35 36.06
C GLY A 477 3.62 14.06 35.63
N LYS A 478 3.66 14.65 34.42
CA LYS A 478 2.56 15.45 33.86
C LYS A 478 2.07 14.77 32.57
N PRO A 479 0.78 14.28 32.53
CA PRO A 479 0.21 13.68 31.32
C PRO A 479 -0.04 14.73 30.21
N PHE A 480 -0.30 14.25 28.99
CA PHE A 480 -0.60 15.12 27.84
C PHE A 480 -2.11 15.14 27.59
N GLN A 481 -2.61 16.25 27.05
CA GLN A 481 -4.04 16.42 26.75
C GLN A 481 -4.18 16.35 25.22
N SER A 482 -4.60 15.17 24.75
CA SER A 482 -4.76 14.88 23.34
C SER A 482 -6.13 15.37 22.85
N VAL A 483 -6.14 16.00 21.67
CA VAL A 483 -7.36 16.56 21.03
C VAL A 483 -8.12 15.47 20.23
N SER A 484 -8.01 14.22 20.67
CA SER A 484 -8.47 13.00 19.96
C SER A 484 -9.95 13.06 19.49
N LYS A 485 -10.84 13.67 20.30
CA LYS A 485 -12.27 13.83 19.95
C LYS A 485 -12.77 15.25 20.25
N VAL A 486 -13.96 15.54 19.69
CA VAL A 486 -14.92 16.53 20.23
C VAL A 486 -16.12 15.74 20.78
N ASP A 487 -16.66 16.13 21.95
CA ASP A 487 -17.60 15.27 22.72
C ASP A 487 -18.91 16.02 23.06
N GLU A 488 -19.94 15.25 23.47
CA GLU A 488 -21.30 15.74 23.83
C GLU A 488 -21.35 16.37 25.24
N SER A 489 -20.19 16.79 25.80
CA SER A 489 -20.11 17.54 27.07
C SER A 489 -20.89 18.88 27.00
N LEU A 490 -21.02 19.41 25.78
CA LEU A 490 -21.68 20.69 25.45
C LEU A 490 -23.16 20.48 25.02
N GLU A 491 -23.71 19.31 25.41
CA GLU A 491 -25.04 18.80 24.98
C GLU A 491 -26.17 19.87 24.99
N LYS A 492 -26.53 20.31 26.21
CA LYS A 492 -27.60 21.31 26.43
C LYS A 492 -26.98 22.71 26.66
N LEU A 493 -25.66 22.84 26.41
CA LEU A 493 -24.90 24.10 26.57
C LEU A 493 -24.71 24.79 25.21
N ALA A 494 -25.46 24.33 24.18
CA ALA A 494 -25.32 24.75 22.78
C ALA A 494 -26.11 26.06 22.48
N ASP A 495 -26.04 27.03 23.41
CA ASP A 495 -26.75 28.33 23.30
C ASP A 495 -25.83 29.44 22.74
N GLU A 496 -24.51 29.28 22.91
CA GLU A 496 -23.48 30.29 22.53
C GLU A 496 -23.14 30.17 21.03
N VAL A 497 -24.19 30.20 20.20
CA VAL A 497 -24.11 29.77 18.79
C VAL A 497 -24.43 30.91 17.83
N ASP A 498 -23.75 32.05 18.09
CA ASP A 498 -23.84 33.28 17.28
C ASP A 498 -25.30 33.81 17.18
N GLU A 499 -26.09 33.26 16.25
CA GLU A 499 -27.49 33.67 16.03
C GLU A 499 -28.26 32.53 15.32
N SER A 500 -27.74 31.29 15.46
CA SER A 500 -28.44 30.07 15.03
C SER A 500 -29.56 29.76 16.05
N ALA A 501 -30.66 30.51 15.93
CA ALA A 501 -31.79 30.47 16.88
C ALA A 501 -32.95 29.64 16.31
N LYS A 502 -34.06 29.58 17.09
CA LYS A 502 -35.28 28.84 16.72
C LYS A 502 -35.93 29.41 15.43
N GLU A 503 -35.64 30.68 15.10
CA GLU A 503 -36.08 31.31 13.83
C GLU A 503 -35.59 30.51 12.62
N ALA A 504 -34.32 30.06 12.68
CA ALA A 504 -33.68 29.25 11.64
C ALA A 504 -34.27 27.82 11.67
N GLU A 505 -34.48 27.31 12.91
CA GLU A 505 -34.93 25.91 13.13
C GLU A 505 -36.37 25.66 12.61
N LYS A 506 -37.20 26.73 12.59
CA LYS A 506 -38.54 26.68 11.98
C LYS A 506 -38.44 26.48 10.44
N ALA A 507 -37.39 27.04 9.84
CA ALA A 507 -37.10 26.89 8.40
C ALA A 507 -36.27 25.61 8.13
N LEU A 508 -35.64 25.07 9.19
CA LEU A 508 -34.88 23.81 9.11
C LEU A 508 -35.80 22.61 9.06
N THR A 509 -36.92 22.62 9.82
CA THR A 509 -37.82 21.46 9.95
C THR A 509 -38.20 20.78 8.58
N PRO A 510 -38.65 21.53 7.50
CA PRO A 510 -38.87 20.90 6.16
C PRO A 510 -37.56 20.34 5.57
N PHE A 511 -36.45 21.09 5.77
CA PHE A 511 -35.10 20.69 5.30
C PHE A 511 -34.65 19.37 5.98
N ILE A 512 -34.99 19.20 7.28
CA ILE A 512 -34.57 18.02 8.07
C ILE A 512 -35.21 16.78 7.47
N ASP A 513 -36.55 16.87 7.28
CA ASP A 513 -37.37 15.76 6.76
C ASP A 513 -36.90 15.31 5.36
N ARG A 514 -36.64 16.30 4.49
CA ARG A 514 -36.18 16.05 3.11
C ARG A 514 -34.84 15.29 3.10
N VAL A 515 -33.88 15.74 3.94
CA VAL A 515 -32.51 15.17 4.01
C VAL A 515 -32.53 13.73 4.58
N LYS A 516 -33.33 13.50 5.64
CA LYS A 516 -33.41 12.17 6.31
C LYS A 516 -34.03 11.12 5.39
N ALA A 517 -35.01 11.52 4.58
CA ALA A 517 -35.67 10.64 3.60
C ALA A 517 -34.89 10.56 2.26
N LEU A 518 -34.00 11.55 2.00
CA LEU A 518 -33.10 11.56 0.81
C LEU A 518 -31.97 10.54 1.01
N LEU A 519 -31.43 10.53 2.23
CA LEU A 519 -30.33 9.65 2.60
C LEU A 519 -30.89 8.26 2.98
N GLY A 520 -31.91 8.27 3.85
CA GLY A 520 -32.58 7.04 4.29
C GLY A 520 -31.73 6.24 5.28
N GLU A 521 -31.50 4.95 4.96
CA GLU A 521 -30.91 3.98 5.92
C GLU A 521 -29.39 3.82 5.76
N ARG A 522 -28.76 4.60 4.84
CA ARG A 522 -27.28 4.64 4.71
C ARG A 522 -26.66 5.54 5.80
N VAL A 523 -27.53 6.31 6.49
CA VAL A 523 -27.17 7.15 7.64
C VAL A 523 -28.08 6.73 8.82
N LYS A 524 -27.55 6.77 10.04
CA LYS A 524 -28.32 6.45 11.26
C LYS A 524 -29.42 7.49 11.50
N ASP A 525 -29.01 8.77 11.49
CA ASP A 525 -29.91 9.89 11.79
C ASP A 525 -29.26 11.19 11.31
N VAL A 526 -30.08 12.13 10.82
CA VAL A 526 -29.63 13.49 10.48
C VAL A 526 -30.21 14.45 11.53
N ARG A 527 -29.35 14.94 12.43
CA ARG A 527 -29.76 15.86 13.49
C ARG A 527 -29.22 17.26 13.16
N LEU A 528 -30.09 18.27 13.22
CA LEU A 528 -29.71 19.67 13.00
C LEU A 528 -29.43 20.32 14.35
N THR A 529 -28.14 20.46 14.67
CA THR A 529 -27.63 21.15 15.88
C THR A 529 -26.89 22.43 15.45
N HIS A 530 -26.25 23.10 16.41
CA HIS A 530 -25.54 24.36 16.16
C HIS A 530 -24.05 24.23 16.52
N ARG A 531 -23.30 23.49 15.68
CA ARG A 531 -21.81 23.52 15.69
C ARG A 531 -21.38 24.66 14.76
N LEU A 532 -20.58 25.62 15.24
CA LEU A 532 -20.18 26.78 14.41
C LEU A 532 -19.09 26.37 13.39
N THR A 533 -17.78 26.46 13.79
CA THR A 533 -16.57 26.08 12.98
C THR A 533 -16.64 26.46 11.46
N ASP A 534 -15.62 26.08 10.65
CA ASP A 534 -15.66 26.28 9.18
C ASP A 534 -16.20 25.01 8.50
N THR A 535 -16.35 23.93 9.28
CA THR A 535 -16.93 22.67 8.84
C THR A 535 -18.47 22.81 8.79
N PRO A 536 -19.11 22.70 7.58
CA PRO A 536 -20.58 22.81 7.43
C PRO A 536 -21.33 21.58 7.95
N ALA A 537 -20.63 20.44 7.99
CA ALA A 537 -21.20 19.19 8.45
C ALA A 537 -20.15 18.38 9.22
N ILE A 538 -20.58 17.87 10.36
CA ILE A 538 -19.76 17.16 11.32
C ILE A 538 -20.64 16.07 11.95
N VAL A 539 -20.07 14.96 12.41
CA VAL A 539 -20.86 13.84 12.95
C VAL A 539 -20.67 13.66 14.45
N SER A 540 -21.65 13.01 15.08
CA SER A 540 -21.59 12.59 16.49
C SER A 540 -21.35 11.07 16.55
N THR A 541 -20.59 10.63 17.56
CA THR A 541 -20.20 9.22 17.74
C THR A 541 -20.58 8.74 19.15
N ASP A 542 -20.91 7.44 19.24
CA ASP A 542 -21.33 6.78 20.50
C ASP A 542 -20.09 6.29 21.28
N ALA A 543 -19.34 5.39 20.63
CA ALA A 543 -18.15 4.74 21.20
C ALA A 543 -16.97 4.85 20.21
N ASP A 544 -16.04 3.86 20.24
CA ASP A 544 -14.80 3.86 19.44
C ASP A 544 -15.10 3.98 17.93
N GLU A 545 -15.04 5.25 17.44
CA GLU A 545 -15.30 5.62 16.04
C GLU A 545 -16.75 5.23 15.68
N MET A 546 -17.66 5.67 16.58
CA MET A 546 -19.08 5.22 16.68
C MET A 546 -19.13 3.79 17.22
N SER A 547 -18.66 2.83 16.40
CA SER A 547 -18.80 1.41 16.70
C SER A 547 -17.88 0.53 15.82
N THR A 548 -16.77 1.12 15.31
CA THR A 548 -15.84 0.41 14.38
C THR A 548 -14.74 -0.38 15.15
N GLN A 549 -14.85 -0.43 16.50
CA GLN A 549 -13.90 -1.18 17.37
C GLN A 549 -14.59 -1.59 18.69
N MET A 550 -15.11 -2.85 18.75
CA MET A 550 -15.62 -3.55 19.98
C MET A 550 -16.28 -4.90 19.57
N ALA A 551 -16.86 -5.61 20.56
CA ALA A 551 -17.52 -6.90 20.36
C ALA A 551 -19.03 -6.74 20.04
N LYS A 552 -19.79 -6.14 20.99
CA LYS A 552 -21.26 -5.91 20.86
C LYS A 552 -21.59 -5.09 19.61
N LEU A 553 -20.74 -4.10 19.35
CA LEU A 553 -20.91 -3.16 18.26
C LEU A 553 -20.95 -3.90 16.90
N PHE A 554 -19.98 -4.81 16.66
CA PHE A 554 -19.98 -5.68 15.45
C PHE A 554 -21.01 -6.83 15.55
N ALA A 555 -21.49 -7.14 16.77
CA ALA A 555 -22.54 -8.15 17.00
C ALA A 555 -23.96 -7.59 16.68
N ALA A 556 -24.02 -6.30 16.27
CA ALA A 556 -25.27 -5.65 15.84
C ALA A 556 -25.77 -6.22 14.49
N ALA A 557 -24.87 -6.26 13.48
CA ALA A 557 -25.17 -6.87 12.14
C ALA A 557 -23.94 -7.52 11.49
N GLY A 558 -22.74 -7.25 12.02
CA GLY A 558 -21.50 -7.81 11.49
C GLY A 558 -20.88 -6.91 10.43
N GLN A 559 -21.61 -6.74 9.31
CA GLN A 559 -21.14 -5.96 8.15
C GLN A 559 -21.12 -4.45 8.51
N LYS A 560 -19.90 -3.95 8.78
CA LYS A 560 -19.55 -2.55 9.11
C LYS A 560 -20.29 -1.95 10.34
N VAL A 561 -21.18 -2.73 11.01
CA VAL A 561 -22.16 -2.22 12.02
C VAL A 561 -23.18 -1.22 11.39
N PRO A 562 -24.52 -1.38 11.66
CA PRO A 562 -25.57 -0.41 11.22
C PRO A 562 -25.47 0.92 11.99
N GLU A 563 -25.13 0.80 13.28
CA GLU A 563 -24.99 1.94 14.20
C GLU A 563 -23.86 2.88 13.73
N VAL A 564 -22.81 2.28 13.13
CA VAL A 564 -21.58 3.00 12.71
C VAL A 564 -21.88 4.12 11.71
N LYS A 565 -23.01 3.96 10.96
CA LYS A 565 -23.50 5.00 10.05
C LYS A 565 -23.69 6.28 10.90
N TYR A 566 -22.82 7.26 10.72
CA TYR A 566 -22.65 8.37 11.68
C TYR A 566 -23.86 9.32 11.69
N ILE A 567 -23.99 10.08 12.80
CA ILE A 567 -25.11 11.02 12.97
C ILE A 567 -24.74 12.32 12.24
N PHE A 568 -25.42 12.56 11.12
CA PHE A 568 -25.13 13.65 10.19
C PHE A 568 -25.68 14.97 10.74
N GLU A 569 -24.79 15.80 11.27
CA GLU A 569 -25.14 17.11 11.85
C GLU A 569 -24.62 18.23 10.95
N LEU A 570 -25.39 19.33 10.83
CA LEU A 570 -25.04 20.48 9.95
C LEU A 570 -25.11 21.79 10.75
N ASN A 571 -24.37 22.82 10.30
CA ASN A 571 -24.51 24.20 10.81
C ASN A 571 -25.51 24.96 9.90
N PRO A 572 -26.75 25.30 10.40
CA PRO A 572 -27.79 25.99 9.60
C PRO A 572 -27.32 27.35 9.03
N ASP A 573 -26.44 28.00 9.80
CA ASP A 573 -25.99 29.36 9.53
C ASP A 573 -24.79 29.39 8.55
N HIS A 574 -23.94 28.34 8.56
CA HIS A 574 -22.70 28.34 7.75
C HIS A 574 -23.03 28.34 6.25
N VAL A 575 -22.35 29.24 5.50
CA VAL A 575 -22.69 29.63 4.10
C VAL A 575 -22.86 28.42 3.14
N LEU A 576 -22.19 27.31 3.43
CA LEU A 576 -22.29 26.07 2.62
C LEU A 576 -23.67 25.41 2.73
N VAL A 577 -24.17 25.28 3.97
CA VAL A 577 -25.53 24.75 4.26
C VAL A 577 -26.61 25.78 3.85
N LYS A 578 -26.27 27.04 4.06
CA LYS A 578 -27.12 28.20 3.73
C LYS A 578 -27.33 28.32 2.19
N ARG A 579 -26.26 28.03 1.42
CA ARG A 579 -26.30 28.05 -0.06
C ARG A 579 -26.95 26.74 -0.57
N ALA A 580 -26.86 25.68 0.25
CA ALA A 580 -27.55 24.39 0.02
C ALA A 580 -29.06 24.50 0.32
N ALA A 581 -29.41 25.43 1.22
CA ALA A 581 -30.80 25.69 1.62
C ALA A 581 -31.45 26.67 0.63
N ASP A 582 -30.62 27.53 0.02
CA ASP A 582 -31.05 28.44 -1.06
C ASP A 582 -31.46 27.64 -2.31
N THR A 583 -30.85 26.46 -2.48
CA THR A 583 -31.14 25.58 -3.61
C THR A 583 -32.19 24.54 -3.20
N GLU A 584 -33.43 24.75 -3.66
CA GLU A 584 -34.55 23.83 -3.40
C GLU A 584 -34.58 22.70 -4.45
N ASP A 585 -33.91 22.94 -5.61
CA ASP A 585 -33.89 22.00 -6.76
C ASP A 585 -33.22 20.67 -6.36
N GLU A 586 -33.94 19.55 -6.55
CA GLU A 586 -33.56 18.20 -6.02
C GLU A 586 -32.16 17.76 -6.48
N ALA A 587 -31.84 18.00 -7.75
CA ALA A 587 -30.56 17.60 -8.37
C ALA A 587 -29.34 18.21 -7.63
N LYS A 588 -29.44 19.51 -7.35
CA LYS A 588 -28.39 20.27 -6.66
C LYS A 588 -28.58 20.24 -5.12
N PHE A 589 -29.79 19.90 -4.66
CA PHE A 589 -30.11 19.76 -3.22
C PHE A 589 -29.34 18.54 -2.70
N SER A 590 -29.46 17.43 -3.45
CA SER A 590 -28.78 16.16 -3.18
C SER A 590 -27.26 16.28 -3.44
N GLU A 591 -26.87 17.17 -4.39
CA GLU A 591 -25.45 17.45 -4.70
C GLU A 591 -24.73 17.96 -3.43
N TRP A 592 -25.33 19.00 -2.81
CA TRP A 592 -24.83 19.60 -1.58
C TRP A 592 -24.94 18.62 -0.37
N VAL A 593 -26.14 18.06 -0.15
CA VAL A 593 -26.44 17.20 1.04
C VAL A 593 -25.49 15.97 1.13
N GLU A 594 -25.40 15.20 0.04
CA GLU A 594 -24.57 13.97 -0.02
C GLU A 594 -23.06 14.32 -0.05
N LEU A 595 -22.73 15.55 -0.51
CA LEU A 595 -21.34 16.07 -0.44
C LEU A 595 -20.93 16.24 1.03
N LEU A 596 -21.78 16.97 1.78
CA LEU A 596 -21.55 17.28 3.19
C LEU A 596 -21.53 15.99 4.03
N LEU A 597 -22.31 14.99 3.56
CA LEU A 597 -22.37 13.66 4.18
C LEU A 597 -21.00 12.98 4.12
N ASP A 598 -20.52 12.68 2.89
CA ASP A 598 -19.24 11.97 2.68
C ASP A 598 -18.04 12.83 3.10
N GLN A 599 -18.23 14.14 3.24
CA GLN A 599 -17.23 15.04 3.84
C GLN A 599 -17.05 14.72 5.33
N ALA A 600 -18.18 14.62 6.03
CA ALA A 600 -18.23 14.32 7.46
C ALA A 600 -17.73 12.88 7.73
N LEU A 601 -18.12 11.93 6.84
CA LEU A 601 -17.67 10.53 6.90
C LEU A 601 -16.13 10.48 6.73
N LEU A 602 -15.63 11.27 5.76
CA LEU A 602 -14.17 11.39 5.45
C LEU A 602 -13.40 11.91 6.68
N ALA A 603 -14.09 12.69 7.53
CA ALA A 603 -13.50 13.28 8.74
C ALA A 603 -13.38 12.22 9.86
N GLU A 604 -14.34 11.29 9.91
CA GLU A 604 -14.48 10.31 11.02
C GLU A 604 -14.17 8.85 10.56
N ARG A 605 -13.62 8.70 9.33
CA ARG A 605 -13.19 7.40 8.78
C ARG A 605 -11.89 7.53 7.97
N GLY A 606 -11.80 8.59 7.15
CA GLY A 606 -10.71 8.72 6.17
C GLY A 606 -11.01 7.97 4.85
N THR A 607 -11.97 7.04 4.91
CA THR A 607 -12.42 6.22 3.77
C THR A 607 -13.95 6.40 3.59
N LEU A 608 -14.43 6.25 2.33
CA LEU A 608 -15.84 6.50 1.99
C LEU A 608 -16.53 5.24 1.44
N GLU A 609 -17.88 5.22 1.55
CA GLU A 609 -18.75 4.19 0.93
C GLU A 609 -18.62 4.27 -0.58
N ASP A 610 -18.70 5.50 -1.05
CA ASP A 610 -18.53 5.85 -2.44
C ASP A 610 -17.68 7.13 -2.48
N PRO A 611 -16.33 6.98 -2.71
CA PRO A 611 -15.43 8.13 -2.92
C PRO A 611 -15.89 9.01 -4.09
N ASN A 612 -16.42 8.37 -5.15
CA ASN A 612 -16.82 9.04 -6.39
C ASN A 612 -18.10 9.89 -6.21
N LEU A 613 -18.97 9.51 -5.26
CA LEU A 613 -20.16 10.33 -4.88
C LEU A 613 -19.68 11.72 -4.43
N PHE A 614 -18.74 11.69 -3.46
CA PHE A 614 -18.09 12.86 -2.90
C PHE A 614 -17.33 13.66 -3.98
N ILE A 615 -16.38 13.00 -4.67
CA ILE A 615 -15.44 13.64 -5.61
C ILE A 615 -16.17 14.29 -6.82
N ARG A 616 -17.32 13.70 -7.22
CA ARG A 616 -18.22 14.32 -8.22
C ARG A 616 -18.73 15.65 -7.69
N ARG A 617 -19.40 15.61 -6.54
CA ARG A 617 -20.06 16.77 -5.92
C ARG A 617 -19.06 17.87 -5.48
N MET A 618 -17.87 17.44 -5.07
CA MET A 618 -16.80 18.29 -4.51
C MET A 618 -16.17 19.14 -5.61
N ASN A 619 -15.65 18.43 -6.62
CA ASN A 619 -14.99 19.05 -7.76
C ASN A 619 -16.00 19.78 -8.65
N GLN A 620 -17.29 19.34 -8.64
CA GLN A 620 -18.34 19.97 -9.47
C GLN A 620 -18.70 21.34 -8.93
N LEU A 621 -18.82 21.48 -7.60
CA LEU A 621 -19.13 22.79 -6.99
C LEU A 621 -17.91 23.73 -7.03
N LEU A 622 -16.68 23.15 -7.09
CA LEU A 622 -15.44 23.93 -7.36
C LEU A 622 -15.38 24.43 -8.81
N VAL A 623 -15.82 23.61 -9.78
CA VAL A 623 -15.66 23.91 -11.22
C VAL A 623 -16.90 24.63 -11.79
N SER A 624 -18.10 24.04 -11.61
CA SER A 624 -19.38 24.59 -12.09
C SER A 624 -20.16 25.27 -10.93
N MET B 1 -3.59 -31.71 8.68
CA MET B 1 -2.27 -31.10 8.96
C MET B 1 -2.18 -30.72 10.44
N LYS B 2 -0.93 -30.64 10.97
CA LYS B 2 -0.64 -30.27 12.36
C LYS B 2 -1.01 -28.79 12.58
N GLY B 3 -2.26 -28.56 13.01
CA GLY B 3 -2.80 -27.23 13.21
C GLY B 3 -2.43 -26.63 14.56
N GLN B 4 -3.44 -26.49 15.45
CA GLN B 4 -3.31 -25.92 16.82
C GLN B 4 -3.03 -24.39 16.76
N GLU B 5 -3.22 -23.73 17.93
CA GLU B 5 -2.92 -22.29 18.14
C GLU B 5 -3.93 -21.31 17.49
N THR B 6 -4.77 -21.79 16.58
CA THR B 6 -5.77 -20.95 15.89
C THR B 6 -7.02 -20.73 16.80
N ARG B 7 -7.06 -19.58 17.50
CA ARG B 7 -8.23 -19.12 18.27
C ARG B 7 -8.77 -17.83 17.62
N GLY B 8 -9.87 -17.97 16.87
CA GLY B 8 -10.50 -16.84 16.18
C GLY B 8 -11.93 -17.19 15.75
N PHE B 9 -12.90 -16.86 16.62
CA PHE B 9 -14.33 -17.10 16.35
C PHE B 9 -14.89 -15.99 15.42
N GLN B 10 -15.01 -16.32 14.12
CA GLN B 10 -15.66 -15.45 13.13
C GLN B 10 -16.09 -16.28 11.91
N SER B 11 -17.26 -16.94 12.05
CA SER B 11 -17.90 -17.73 10.99
C SER B 11 -19.44 -17.60 11.10
N GLU B 12 -20.09 -17.26 9.98
CA GLU B 12 -21.55 -17.09 9.92
C GLU B 12 -22.02 -17.24 8.47
N VAL B 13 -23.14 -18.00 8.26
CA VAL B 13 -23.80 -18.27 6.95
C VAL B 13 -22.97 -19.26 6.08
N LYS B 14 -21.66 -18.98 5.92
CA LYS B 14 -20.72 -19.72 5.05
C LYS B 14 -20.85 -21.28 5.18
N GLN B 15 -21.49 -21.88 4.16
CA GLN B 15 -21.71 -23.34 4.01
C GLN B 15 -22.43 -23.95 5.24
N LEU B 16 -21.67 -24.35 6.27
CA LEU B 16 -22.13 -25.22 7.38
C LEU B 16 -23.36 -24.64 8.11
N LEU B 17 -23.34 -23.32 8.36
CA LEU B 17 -24.42 -22.62 9.07
C LEU B 17 -25.70 -22.60 8.20
N HIS B 18 -25.50 -22.44 6.87
CA HIS B 18 -26.61 -22.43 5.89
C HIS B 18 -27.15 -23.85 5.67
N LEU B 19 -26.28 -24.86 5.88
CA LEU B 19 -26.64 -26.28 5.75
C LEU B 19 -27.62 -26.65 6.85
N MET B 20 -27.22 -26.43 8.12
CA MET B 20 -28.00 -26.82 9.32
C MET B 20 -29.46 -26.32 9.28
N ILE B 21 -29.64 -25.06 8.87
CA ILE B 21 -30.97 -24.42 8.78
C ILE B 21 -31.91 -25.20 7.83
N HIS B 22 -31.43 -25.51 6.62
CA HIS B 22 -32.24 -26.17 5.57
C HIS B 22 -31.98 -27.70 5.50
N SER B 23 -31.20 -28.21 6.47
CA SER B 23 -31.01 -29.65 6.69
C SER B 23 -32.19 -30.20 7.52
N LEU B 24 -32.89 -29.29 8.23
CA LEU B 24 -34.20 -29.58 8.85
C LEU B 24 -35.21 -29.88 7.72
N TYR B 25 -35.31 -28.90 6.79
CA TYR B 25 -36.08 -28.99 5.51
C TYR B 25 -37.61 -29.08 5.77
N SER B 26 -38.02 -28.97 7.06
CA SER B 26 -39.40 -29.20 7.56
C SER B 26 -39.87 -30.64 7.24
N ASN B 27 -38.91 -31.53 6.96
CA ASN B 27 -39.16 -32.81 6.26
C ASN B 27 -38.82 -34.01 7.14
N LYS B 28 -37.71 -33.91 7.92
CA LYS B 28 -37.16 -34.99 8.80
C LYS B 28 -36.52 -36.13 7.98
N GLU B 29 -37.35 -36.82 7.16
CA GLU B 29 -36.96 -37.95 6.28
C GLU B 29 -35.86 -37.61 5.23
N ILE B 30 -35.46 -36.33 5.16
CA ILE B 30 -34.26 -35.86 4.43
C ILE B 30 -32.98 -36.61 4.91
N PHE B 31 -33.02 -37.15 6.17
CA PHE B 31 -31.93 -38.01 6.69
C PHE B 31 -31.79 -39.28 5.83
N LEU B 32 -32.95 -39.88 5.49
CA LEU B 32 -33.01 -41.17 4.78
C LEU B 32 -32.44 -41.02 3.37
N ARG B 33 -32.64 -39.81 2.79
CA ARG B 33 -32.05 -39.43 1.49
C ARG B 33 -30.53 -39.58 1.55
N GLU B 34 -29.94 -38.87 2.52
CA GLU B 34 -28.49 -38.72 2.65
C GLU B 34 -27.82 -40.02 3.09
N LEU B 35 -28.54 -40.85 3.84
CA LEU B 35 -28.07 -42.19 4.26
C LEU B 35 -27.87 -43.09 3.02
N ILE B 36 -28.92 -43.19 2.18
CA ILE B 36 -28.87 -43.98 0.94
C ILE B 36 -27.90 -43.32 -0.08
N SER B 37 -27.80 -41.98 -0.04
CA SER B 37 -26.85 -41.22 -0.89
C SER B 37 -25.41 -41.67 -0.62
N ASN B 38 -25.10 -41.80 0.68
CA ASN B 38 -23.76 -42.22 1.15
C ASN B 38 -23.54 -43.71 0.85
N ALA B 39 -24.65 -44.47 0.76
CA ALA B 39 -24.61 -45.93 0.55
C ALA B 39 -24.38 -46.26 -0.93
N SER B 40 -24.97 -45.41 -1.79
CA SER B 40 -24.90 -45.54 -3.25
C SER B 40 -23.48 -45.22 -3.71
N ASP B 41 -22.98 -44.07 -3.24
CA ASP B 41 -21.61 -43.60 -3.54
C ASP B 41 -20.56 -44.54 -2.92
N ALA B 42 -20.89 -45.20 -1.78
CA ALA B 42 -19.98 -46.19 -1.15
C ALA B 42 -19.83 -47.44 -2.04
N ALA B 43 -20.96 -48.00 -2.49
CA ALA B 43 -21.01 -49.18 -3.38
C ALA B 43 -20.37 -48.88 -4.74
N ASP B 44 -20.53 -47.62 -5.16
CA ASP B 44 -19.95 -47.07 -6.40
C ASP B 44 -18.42 -46.86 -6.26
N LYS B 45 -17.94 -46.55 -5.03
CA LYS B 45 -16.49 -46.48 -4.72
C LYS B 45 -15.88 -47.89 -4.69
N LEU B 46 -16.68 -48.90 -4.30
CA LEU B 46 -16.26 -50.30 -4.33
C LEU B 46 -16.15 -50.79 -5.78
N ARG B 47 -17.02 -50.26 -6.66
CA ARG B 47 -16.94 -50.54 -8.10
C ARG B 47 -15.62 -49.97 -8.69
N PHE B 48 -15.23 -48.78 -8.21
CA PHE B 48 -13.95 -48.13 -8.60
C PHE B 48 -12.74 -48.94 -8.10
N ARG B 49 -12.78 -49.33 -6.80
CA ARG B 49 -11.75 -50.18 -6.17
C ARG B 49 -11.66 -51.54 -6.87
N ALA B 50 -12.81 -52.05 -7.33
CA ALA B 50 -12.93 -53.34 -8.02
C ALA B 50 -12.17 -53.34 -9.36
N LEU B 51 -12.18 -52.17 -10.03
CA LEU B 51 -11.41 -51.95 -11.26
C LEU B 51 -9.90 -52.03 -10.95
N SER B 52 -9.53 -51.59 -9.73
CA SER B 52 -8.14 -51.54 -9.27
C SER B 52 -7.72 -52.90 -8.65
N ASN B 53 -8.72 -53.74 -8.31
CA ASN B 53 -8.52 -55.08 -7.70
C ASN B 53 -9.90 -55.74 -7.40
N PRO B 54 -10.33 -56.78 -8.18
CA PRO B 54 -11.66 -57.46 -7.97
C PRO B 54 -11.80 -58.16 -6.60
N ASP B 55 -10.67 -58.49 -5.97
CA ASP B 55 -10.65 -59.21 -4.67
C ASP B 55 -11.28 -58.37 -3.54
N LEU B 56 -11.34 -57.04 -3.75
CA LEU B 56 -11.89 -56.09 -2.75
C LEU B 56 -13.43 -56.22 -2.59
N TYR B 57 -14.09 -57.05 -3.44
CA TYR B 57 -15.53 -57.43 -3.29
C TYR B 57 -15.78 -58.29 -2.02
N GLU B 58 -14.70 -58.90 -1.47
CA GLU B 58 -14.75 -59.75 -0.24
C GLU B 58 -15.64 -61.01 -0.42
N GLY B 59 -15.90 -61.39 -1.69
CA GLY B 59 -16.73 -62.56 -2.01
C GLY B 59 -18.17 -62.18 -2.40
N ASP B 60 -18.57 -60.95 -2.11
CA ASP B 60 -19.92 -60.43 -2.44
C ASP B 60 -19.93 -59.89 -3.88
N GLY B 61 -20.69 -60.53 -4.76
CA GLY B 61 -20.87 -60.05 -6.14
C GLY B 61 -22.04 -59.08 -6.25
N GLU B 62 -22.99 -59.22 -5.31
CA GLU B 62 -24.20 -58.39 -5.24
C GLU B 62 -24.03 -57.28 -4.19
N LEU B 63 -23.80 -56.05 -4.67
CA LEU B 63 -23.64 -54.86 -3.83
C LEU B 63 -24.98 -54.12 -3.78
N ARG B 64 -25.52 -53.94 -2.57
CA ARG B 64 -26.77 -53.21 -2.34
C ARG B 64 -26.85 -52.76 -0.88
N VAL B 65 -27.82 -51.89 -0.59
CA VAL B 65 -28.05 -51.37 0.77
C VAL B 65 -29.33 -52.00 1.34
N ARG B 66 -29.23 -52.43 2.60
CA ARG B 66 -30.29 -53.15 3.30
C ARG B 66 -30.68 -52.40 4.56
N VAL B 67 -31.84 -51.76 4.52
CA VAL B 67 -32.44 -51.10 5.67
C VAL B 67 -33.17 -52.15 6.52
N SER B 68 -33.01 -52.05 7.83
CA SER B 68 -33.67 -52.91 8.82
C SER B 68 -34.10 -52.01 9.97
N PHE B 69 -35.13 -52.43 10.72
CA PHE B 69 -35.73 -51.61 11.77
C PHE B 69 -36.05 -52.46 13.00
N ASP B 70 -35.65 -51.99 14.17
CA ASP B 70 -36.03 -52.57 15.45
C ASP B 70 -37.00 -51.59 16.11
N LYS B 71 -38.28 -51.98 16.15
CA LYS B 71 -39.36 -51.14 16.65
C LYS B 71 -39.24 -50.94 18.17
N ASP B 72 -38.95 -52.03 18.90
CA ASP B 72 -38.88 -52.03 20.38
C ASP B 72 -37.69 -51.20 20.89
N LYS B 73 -36.48 -51.50 20.38
CA LYS B 73 -35.25 -50.78 20.76
C LYS B 73 -35.20 -49.36 20.15
N ARG B 74 -36.09 -49.11 19.15
CA ARG B 74 -36.22 -47.82 18.45
C ARG B 74 -34.92 -47.49 17.69
N THR B 75 -34.31 -48.50 17.06
CA THR B 75 -33.07 -48.33 16.28
C THR B 75 -33.27 -48.75 14.82
N LEU B 76 -32.92 -47.85 13.89
CA LEU B 76 -33.04 -48.07 12.44
C LEU B 76 -31.62 -48.26 11.87
N THR B 77 -31.35 -49.46 11.34
CA THR B 77 -30.00 -49.88 10.89
C THR B 77 -29.96 -50.00 9.35
N ILE B 78 -29.32 -49.01 8.70
CA ILE B 78 -29.12 -48.97 7.23
C ILE B 78 -27.68 -49.45 6.95
N SER B 79 -27.53 -50.71 6.49
CA SER B 79 -26.22 -51.32 6.26
C SER B 79 -26.04 -51.67 4.77
N ASP B 80 -25.12 -50.96 4.08
CA ASP B 80 -24.76 -51.22 2.68
C ASP B 80 -23.57 -52.18 2.57
N ASN B 81 -23.50 -52.88 1.42
CA ASN B 81 -22.37 -53.73 1.02
C ASN B 81 -21.39 -52.92 0.15
N GLY B 82 -21.19 -51.65 0.49
CA GLY B 82 -20.32 -50.76 -0.27
C GLY B 82 -18.84 -50.98 0.04
N VAL B 83 -18.01 -49.97 -0.29
CA VAL B 83 -16.59 -49.95 0.07
C VAL B 83 -16.44 -49.87 1.60
N GLY B 84 -17.47 -49.31 2.25
CA GLY B 84 -17.39 -48.96 3.65
C GLY B 84 -16.75 -47.60 3.82
N MET B 85 -15.86 -47.49 4.79
CA MET B 85 -15.10 -46.26 5.02
C MET B 85 -13.82 -46.65 5.77
N THR B 86 -12.66 -46.34 5.17
CA THR B 86 -11.34 -46.67 5.74
C THR B 86 -11.13 -45.89 7.06
N ARG B 87 -10.15 -46.29 7.89
CA ARG B 87 -9.99 -45.73 9.26
C ARG B 87 -9.79 -44.21 9.24
N ASP B 88 -8.84 -43.76 8.40
CA ASP B 88 -8.56 -42.32 8.19
C ASP B 88 -9.75 -41.61 7.53
N GLU B 89 -10.48 -42.37 6.68
CA GLU B 89 -11.65 -41.88 5.94
C GLU B 89 -12.87 -41.73 6.91
N VAL B 90 -12.81 -42.37 8.10
CA VAL B 90 -13.75 -42.08 9.21
C VAL B 90 -13.26 -40.86 10.05
N ILE B 91 -11.96 -40.87 10.44
CA ILE B 91 -11.39 -39.89 11.39
C ILE B 91 -11.33 -38.46 10.80
N ASP B 92 -10.62 -38.32 9.68
CA ASP B 92 -10.41 -37.02 8.96
C ASP B 92 -11.66 -36.57 8.16
N HIS B 93 -12.78 -37.29 8.35
CA HIS B 93 -14.05 -37.04 7.64
C HIS B 93 -15.17 -36.76 8.67
N LEU B 94 -15.65 -37.80 9.38
CA LEU B 94 -16.72 -37.63 10.40
C LEU B 94 -16.20 -36.81 11.59
N GLY B 95 -14.94 -37.08 11.98
CA GLY B 95 -14.27 -36.36 13.06
C GLY B 95 -14.12 -34.87 12.76
N THR B 96 -13.86 -34.53 11.48
CA THR B 96 -13.73 -33.12 11.05
C THR B 96 -15.11 -32.44 10.91
N ILE B 97 -16.20 -33.25 10.86
CA ILE B 97 -17.58 -32.73 10.90
C ILE B 97 -17.98 -32.48 12.37
N ALA B 98 -17.42 -33.28 13.29
CA ALA B 98 -17.62 -33.12 14.74
C ALA B 98 -16.53 -32.19 15.34
N LYS B 99 -15.44 -32.76 15.93
CA LYS B 99 -14.35 -31.96 16.55
C LYS B 99 -12.98 -32.23 15.88
N SER B 100 -12.39 -31.21 15.21
CA SER B 100 -10.99 -31.27 14.73
C SER B 100 -10.40 -29.85 14.64
N GLY B 101 -10.82 -29.10 13.60
CA GLY B 101 -10.29 -27.76 13.34
C GLY B 101 -9.83 -27.62 11.90
N THR B 102 -10.80 -27.59 10.97
CA THR B 102 -10.52 -27.48 9.52
C THR B 102 -10.55 -26.03 9.03
N LYS B 103 -11.23 -25.16 9.80
CA LYS B 103 -11.45 -23.73 9.50
C LYS B 103 -12.29 -23.58 8.21
N SER B 104 -11.64 -23.68 7.03
CA SER B 104 -12.29 -23.58 5.71
C SER B 104 -11.49 -24.41 4.67
N PHE B 105 -10.17 -24.17 4.63
CA PHE B 105 -9.23 -24.88 3.74
C PHE B 105 -8.11 -25.56 4.55
N LEU B 106 -7.81 -24.95 5.72
CA LEU B 106 -6.81 -25.40 6.72
C LEU B 106 -6.39 -24.17 7.54
N GLU B 107 -6.43 -24.30 8.86
CA GLU B 107 -6.02 -23.23 9.79
C GLU B 107 -4.53 -22.83 9.60
N SER B 108 -3.68 -23.81 9.25
CA SER B 108 -2.22 -23.63 9.12
C SER B 108 -1.85 -22.97 7.75
N LEU B 109 -1.90 -23.76 6.65
CA LEU B 109 -1.48 -23.32 5.30
C LEU B 109 -2.68 -22.80 4.48
N GLY B 110 -3.89 -23.31 4.75
CA GLY B 110 -5.07 -22.99 3.96
C GLY B 110 -5.12 -23.76 2.64
N SER B 111 -4.81 -25.08 2.69
CA SER B 111 -4.73 -25.93 1.49
C SER B 111 -5.01 -27.42 1.80
N ASP B 112 -4.29 -27.98 2.79
CA ASP B 112 -4.28 -29.46 3.06
C ASP B 112 -5.67 -30.02 3.35
N GLN B 113 -6.42 -29.33 4.20
CA GLN B 113 -7.74 -29.80 4.68
C GLN B 113 -8.89 -29.24 3.83
N ALA B 114 -8.58 -28.68 2.63
CA ALA B 114 -9.58 -28.03 1.73
C ALA B 114 -10.66 -28.99 1.21
N LYS B 115 -10.37 -30.30 1.31
CA LYS B 115 -11.31 -31.36 0.97
C LYS B 115 -12.06 -31.86 2.23
N ASP B 116 -12.41 -30.92 3.12
CA ASP B 116 -13.27 -31.17 4.29
C ASP B 116 -14.69 -30.71 3.93
N SER B 117 -14.77 -29.55 3.28
CA SER B 117 -16.01 -28.87 2.91
C SER B 117 -16.74 -29.65 1.79
N GLN B 118 -15.98 -30.46 1.05
CA GLN B 118 -16.50 -31.38 0.03
C GLN B 118 -17.34 -32.49 0.69
N LEU B 119 -16.89 -32.90 1.89
CA LEU B 119 -17.49 -33.96 2.70
C LEU B 119 -18.63 -33.40 3.57
N ILE B 120 -18.47 -32.16 4.05
CA ILE B 120 -19.48 -31.48 4.89
C ILE B 120 -20.73 -31.10 4.06
N GLY B 121 -20.51 -30.81 2.76
CA GLY B 121 -21.60 -30.49 1.82
C GLY B 121 -22.67 -31.58 1.72
N GLN B 122 -22.26 -32.86 1.85
CA GLN B 122 -23.16 -34.03 1.80
C GLN B 122 -23.38 -34.60 3.22
N PHE B 123 -22.31 -35.14 3.82
CA PHE B 123 -22.37 -35.86 5.11
C PHE B 123 -22.64 -34.92 6.30
N GLY B 124 -22.42 -33.60 6.13
CA GLY B 124 -22.73 -32.61 7.17
C GLY B 124 -24.24 -32.31 7.25
N VAL B 125 -24.90 -32.37 6.08
CA VAL B 125 -26.37 -32.32 5.98
C VAL B 125 -26.95 -33.61 6.58
N GLY B 126 -26.39 -34.76 6.16
CA GLY B 126 -26.78 -36.08 6.67
C GLY B 126 -26.57 -36.22 8.19
N PHE B 127 -25.55 -35.53 8.72
CA PHE B 127 -25.23 -35.49 10.16
C PHE B 127 -26.40 -34.82 10.93
N TYR B 128 -26.72 -33.58 10.54
CA TYR B 128 -27.74 -32.76 11.21
C TYR B 128 -29.14 -33.41 11.10
N SER B 129 -29.52 -33.77 9.86
CA SER B 129 -30.80 -34.42 9.54
C SER B 129 -30.99 -35.71 10.37
N ALA B 130 -29.90 -36.50 10.52
CA ALA B 130 -29.90 -37.73 11.32
C ALA B 130 -30.32 -37.44 12.76
N PHE B 131 -29.63 -36.48 13.41
CA PHE B 131 -29.87 -36.14 14.83
C PHE B 131 -31.20 -35.39 15.05
N ILE B 132 -31.92 -35.02 13.97
CA ILE B 132 -33.29 -34.46 14.08
C ILE B 132 -34.28 -35.58 14.48
N VAL B 133 -34.16 -36.75 13.83
CA VAL B 133 -35.02 -37.93 14.10
C VAL B 133 -34.36 -38.91 15.07
N ALA B 134 -33.04 -38.81 15.23
CA ALA B 134 -32.25 -39.73 16.06
C ALA B 134 -31.70 -39.02 17.29
N ASP B 135 -31.82 -39.70 18.43
CA ASP B 135 -31.22 -39.33 19.71
C ASP B 135 -29.70 -39.61 19.66
N LYS B 136 -29.35 -40.74 19.03
CA LYS B 136 -27.99 -41.29 19.03
C LYS B 136 -27.70 -41.90 17.65
N VAL B 137 -26.51 -41.66 17.09
CA VAL B 137 -26.05 -42.28 15.83
C VAL B 137 -24.75 -43.05 16.09
N THR B 138 -24.77 -44.35 15.77
CA THR B 138 -23.66 -45.27 15.96
C THR B 138 -23.27 -45.86 14.60
N VAL B 139 -22.08 -45.49 14.12
CA VAL B 139 -21.54 -45.90 12.83
C VAL B 139 -20.55 -47.06 13.04
N ARG B 140 -20.75 -48.15 12.30
CA ARG B 140 -19.83 -49.29 12.29
C ARG B 140 -19.51 -49.62 10.82
N THR B 141 -18.31 -49.24 10.36
CA THR B 141 -17.86 -49.50 8.99
C THR B 141 -16.84 -50.64 8.99
N ARG B 142 -16.52 -51.13 7.78
CA ARG B 142 -15.39 -52.02 7.54
C ARG B 142 -15.06 -51.91 6.05
N ALA B 143 -13.86 -51.42 5.75
CA ALA B 143 -13.47 -51.04 4.38
C ALA B 143 -13.09 -52.25 3.50
N ALA B 144 -13.19 -52.04 2.17
CA ALA B 144 -13.02 -53.10 1.15
C ALA B 144 -11.54 -53.52 1.00
N GLY B 145 -11.25 -54.78 1.33
CA GLY B 145 -9.89 -55.32 1.30
C GLY B 145 -9.27 -55.32 2.69
N GLU B 146 -9.65 -54.32 3.51
CA GLU B 146 -9.33 -54.28 4.93
C GLU B 146 -10.05 -55.44 5.62
N LYS B 147 -9.31 -56.25 6.38
CA LYS B 147 -9.86 -57.43 7.10
C LYS B 147 -10.92 -56.97 8.14
N PRO B 148 -11.98 -57.82 8.43
CA PRO B 148 -12.99 -57.58 9.50
C PRO B 148 -12.43 -57.01 10.83
N GLU B 149 -11.21 -57.45 11.16
CA GLU B 149 -10.48 -57.04 12.39
C GLU B 149 -10.20 -55.51 12.36
N ASN B 150 -9.98 -54.96 11.15
CA ASN B 150 -9.82 -53.51 10.90
C ASN B 150 -11.18 -52.83 10.61
N GLY B 151 -12.27 -53.34 11.24
CA GLY B 151 -13.54 -52.62 11.28
C GLY B 151 -13.42 -51.36 12.13
N VAL B 152 -14.15 -50.30 11.79
CA VAL B 152 -14.02 -49.00 12.47
C VAL B 152 -15.35 -48.64 13.14
N PHE B 153 -15.24 -48.01 14.30
CA PHE B 153 -16.35 -47.58 15.13
C PHE B 153 -16.31 -46.06 15.26
N TRP B 154 -17.46 -45.42 15.07
CA TRP B 154 -17.65 -43.98 15.31
C TRP B 154 -18.98 -43.83 16.05
N GLU B 155 -19.03 -42.90 17.00
CA GLU B 155 -20.23 -42.71 17.82
C GLU B 155 -20.32 -41.24 18.30
N SER B 156 -21.52 -40.67 18.21
CA SER B 156 -21.81 -39.31 18.71
C SER B 156 -23.32 -39.19 18.99
N ALA B 157 -23.66 -38.41 20.03
CA ALA B 157 -25.05 -38.10 20.40
C ALA B 157 -25.45 -36.71 19.86
N GLY B 158 -24.63 -36.15 18.94
CA GLY B 158 -24.89 -34.83 18.34
C GLY B 158 -24.02 -33.72 18.94
N GLU B 159 -23.11 -34.08 19.84
CA GLU B 159 -22.21 -33.12 20.54
C GLU B 159 -21.03 -32.69 19.66
N GLY B 160 -20.22 -31.73 20.17
CA GLY B 160 -18.98 -31.29 19.51
C GLY B 160 -17.81 -32.21 19.85
N GLU B 161 -18.05 -33.51 19.71
CA GLU B 161 -17.13 -34.59 20.10
C GLU B 161 -17.60 -35.91 19.47
N TYR B 162 -16.70 -36.90 19.45
CA TYR B 162 -16.97 -38.22 18.86
C TYR B 162 -16.12 -39.31 19.55
N THR B 163 -16.51 -40.57 19.33
CA THR B 163 -15.83 -41.76 19.87
C THR B 163 -15.40 -42.64 18.69
N VAL B 164 -14.11 -42.57 18.29
CA VAL B 164 -13.54 -43.44 17.24
C VAL B 164 -12.69 -44.54 17.90
N ALA B 165 -12.88 -45.78 17.42
CA ALA B 165 -12.19 -46.98 17.94
C ALA B 165 -12.16 -48.07 16.87
N ASP B 166 -11.37 -49.13 17.08
CA ASP B 166 -11.31 -50.28 16.17
C ASP B 166 -12.17 -51.44 16.73
N ILE B 167 -13.07 -51.96 15.89
CA ILE B 167 -13.95 -53.11 16.23
C ILE B 167 -13.81 -54.20 15.16
N THR B 168 -14.58 -55.29 15.32
CA THR B 168 -14.66 -56.36 14.33
C THR B 168 -16.04 -56.34 13.65
N LYS B 169 -16.05 -56.08 12.32
CA LYS B 169 -17.26 -56.18 11.50
C LYS B 169 -16.94 -57.08 10.28
N GLU B 170 -17.41 -58.33 10.35
CA GLU B 170 -17.21 -59.37 9.30
C GLU B 170 -17.81 -58.94 7.97
N ASP B 171 -18.89 -58.16 8.04
CA ASP B 171 -19.53 -57.57 6.85
C ASP B 171 -18.70 -56.38 6.36
N ARG B 172 -18.45 -56.34 5.04
CA ARG B 172 -17.86 -55.18 4.38
C ARG B 172 -18.97 -54.19 4.01
N GLY B 173 -18.62 -52.89 4.01
CA GLY B 173 -19.57 -51.82 3.79
C GLY B 173 -19.78 -51.03 5.05
N THR B 174 -20.90 -50.32 5.13
CA THR B 174 -21.16 -49.35 6.21
C THR B 174 -22.47 -49.71 6.91
N GLU B 175 -22.50 -49.54 8.25
CA GLU B 175 -23.69 -49.84 9.07
C GLU B 175 -24.02 -48.61 9.93
N ILE B 176 -25.08 -47.87 9.56
CA ILE B 176 -25.53 -46.68 10.30
C ILE B 176 -26.76 -47.06 11.16
N THR B 177 -26.56 -47.20 12.47
CA THR B 177 -27.64 -47.51 13.42
C THR B 177 -28.05 -46.23 14.17
N LEU B 178 -29.24 -45.70 13.83
CA LEU B 178 -29.79 -44.49 14.43
C LEU B 178 -30.77 -44.89 15.52
N HIS B 179 -30.42 -44.67 16.79
CA HIS B 179 -31.39 -44.77 17.88
C HIS B 179 -32.32 -43.55 17.80
N LEU B 180 -33.54 -43.79 17.28
CA LEU B 180 -34.62 -42.78 17.16
C LEU B 180 -34.99 -42.20 18.53
N ARG B 181 -35.48 -40.95 18.51
CA ARG B 181 -35.93 -40.24 19.71
C ARG B 181 -37.29 -40.82 20.19
N GLU B 182 -37.57 -40.65 21.49
CA GLU B 182 -38.84 -41.07 22.11
C GLU B 182 -40.00 -40.24 21.56
N GLY B 183 -40.85 -40.92 20.78
CA GLY B 183 -41.99 -40.32 20.09
C GLY B 183 -41.84 -40.38 18.58
N GLU B 184 -40.59 -40.53 18.11
CA GLU B 184 -40.24 -40.51 16.67
C GLU B 184 -40.42 -41.91 16.03
N ASP B 185 -41.36 -42.71 16.59
CA ASP B 185 -41.60 -44.11 16.17
C ASP B 185 -42.26 -44.22 14.78
N GLU B 186 -42.55 -43.06 14.18
CA GLU B 186 -43.02 -42.91 12.79
C GLU B 186 -42.12 -43.69 11.80
N PHE B 187 -40.79 -43.57 11.98
CA PHE B 187 -39.79 -44.17 11.06
C PHE B 187 -39.39 -45.60 11.52
N LEU B 188 -40.22 -46.22 12.38
CA LEU B 188 -40.10 -47.65 12.77
C LEU B 188 -41.17 -48.49 12.05
N ASP B 189 -42.18 -47.81 11.47
CA ASP B 189 -43.24 -48.48 10.70
C ASP B 189 -42.70 -48.90 9.33
N ASP B 190 -42.90 -50.18 8.98
CA ASP B 190 -42.40 -50.76 7.72
C ASP B 190 -42.98 -50.04 6.50
N TRP B 191 -44.32 -49.88 6.47
CA TRP B 191 -45.04 -49.25 5.34
C TRP B 191 -44.55 -47.79 5.14
N ARG B 192 -44.25 -47.11 6.28
CA ARG B 192 -43.77 -45.72 6.29
C ARG B 192 -42.39 -45.68 5.62
N VAL B 193 -41.44 -46.48 6.15
CA VAL B 193 -40.05 -46.52 5.67
C VAL B 193 -39.98 -46.88 4.18
N ARG B 194 -40.76 -47.90 3.74
CA ARG B 194 -40.79 -48.37 2.33
C ARG B 194 -41.29 -47.27 1.38
N SER B 195 -42.27 -46.47 1.83
CA SER B 195 -42.78 -45.33 1.06
C SER B 195 -41.68 -44.25 0.91
N ILE B 196 -40.88 -44.06 1.97
CA ILE B 196 -39.78 -43.08 1.97
C ILE B 196 -38.57 -43.66 1.18
N ILE B 197 -38.44 -45.00 1.14
CA ILE B 197 -37.41 -45.66 0.34
C ILE B 197 -37.68 -45.36 -1.14
N SER B 198 -38.86 -45.77 -1.63
CA SER B 198 -39.27 -45.59 -3.03
C SER B 198 -39.18 -44.12 -3.47
N LYS B 199 -39.61 -43.20 -2.60
CA LYS B 199 -39.69 -41.74 -2.90
C LYS B 199 -38.31 -41.15 -3.29
N TYR B 200 -37.22 -41.74 -2.76
CA TYR B 200 -35.86 -41.21 -2.95
C TYR B 200 -35.00 -42.18 -3.80
N SER B 201 -35.09 -43.45 -3.46
CA SER B 201 -34.28 -44.52 -4.08
C SER B 201 -34.61 -44.71 -5.56
N ASP B 202 -35.82 -44.28 -5.97
CA ASP B 202 -36.30 -44.39 -7.38
C ASP B 202 -35.31 -43.70 -8.35
N HIS B 203 -34.70 -42.58 -7.88
CA HIS B 203 -33.75 -41.80 -8.70
C HIS B 203 -32.28 -42.16 -8.38
N ILE B 204 -32.09 -43.28 -7.66
CA ILE B 204 -30.78 -43.76 -7.18
C ILE B 204 -30.47 -45.13 -7.82
N ALA B 205 -29.20 -45.33 -8.22
CA ALA B 205 -28.76 -46.53 -8.96
C ALA B 205 -28.75 -47.79 -8.08
N LEU B 206 -28.45 -47.62 -6.79
CA LEU B 206 -28.20 -48.75 -5.87
C LEU B 206 -29.52 -49.38 -5.40
N PRO B 207 -29.73 -50.73 -5.64
CA PRO B 207 -30.86 -51.50 -5.05
C PRO B 207 -30.96 -51.30 -3.52
N VAL B 208 -32.15 -50.87 -3.05
CA VAL B 208 -32.42 -50.67 -1.62
C VAL B 208 -33.45 -51.72 -1.16
N GLU B 209 -32.95 -52.76 -0.48
CA GLU B 209 -33.77 -53.83 0.11
C GLU B 209 -34.15 -53.45 1.55
N ILE B 210 -35.28 -53.98 2.02
CA ILE B 210 -35.77 -53.81 3.40
C ILE B 210 -35.86 -55.19 4.06
N GLU B 211 -35.70 -55.22 5.38
CA GLU B 211 -35.84 -56.43 6.18
C GLU B 211 -37.32 -56.85 6.25
N LYS B 212 -37.70 -57.81 5.40
CA LYS B 212 -39.00 -58.48 5.46
C LYS B 212 -38.85 -59.80 6.22
N ARG B 213 -38.97 -59.76 7.56
CA ARG B 213 -38.84 -60.98 8.37
C ARG B 213 -40.19 -61.27 9.06
N GLU B 214 -40.56 -62.55 9.12
CA GLU B 214 -41.76 -62.99 9.84
C GLU B 214 -41.32 -63.66 11.15
N GLU B 215 -41.28 -62.85 12.21
CA GLU B 215 -40.84 -63.28 13.53
C GLU B 215 -42.06 -63.62 14.39
N LYS B 216 -42.59 -64.82 14.15
CA LYS B 216 -43.74 -65.39 14.85
C LYS B 216 -43.25 -66.46 15.84
N ASP B 217 -44.15 -66.98 16.70
CA ASP B 217 -43.79 -68.00 17.73
C ASP B 217 -43.07 -69.20 17.10
N GLY B 218 -41.74 -69.27 17.34
CA GLY B 218 -40.90 -70.34 16.83
C GLY B 218 -40.43 -70.12 15.39
N GLU B 219 -41.20 -69.33 14.60
CA GLU B 219 -40.93 -69.08 13.18
C GLU B 219 -40.09 -67.81 13.03
N THR B 220 -38.77 -67.96 12.81
CA THR B 220 -37.90 -66.82 12.47
C THR B 220 -37.59 -66.84 10.97
N VAL B 221 -38.59 -66.44 10.16
CA VAL B 221 -38.43 -66.31 8.71
C VAL B 221 -37.78 -64.96 8.44
N ILE B 222 -36.81 -64.92 7.51
CA ILE B 222 -36.08 -63.70 7.13
C ILE B 222 -36.02 -63.64 5.59
N SER B 223 -36.40 -62.48 5.05
CA SER B 223 -36.38 -62.17 3.61
C SER B 223 -36.02 -60.69 3.44
N TRP B 224 -35.64 -60.29 2.22
CA TRP B 224 -35.31 -58.89 1.90
C TRP B 224 -35.99 -58.50 0.59
N GLU B 225 -36.80 -57.43 0.63
CA GLU B 225 -37.57 -56.95 -0.53
C GLU B 225 -37.00 -55.61 -1.00
N LYS B 226 -36.46 -55.56 -2.24
CA LYS B 226 -36.01 -54.30 -2.85
C LYS B 226 -37.23 -53.46 -3.30
N ILE B 227 -37.34 -52.26 -2.74
CA ILE B 227 -38.43 -51.31 -3.07
C ILE B 227 -38.04 -50.49 -4.32
N ASN B 228 -36.71 -50.37 -4.53
CA ASN B 228 -36.14 -49.59 -5.63
C ASN B 228 -36.03 -50.45 -6.91
N LYS B 229 -36.20 -49.77 -8.07
CA LYS B 229 -36.05 -50.35 -9.42
C LYS B 229 -34.62 -50.90 -9.66
N ALA B 230 -33.65 -50.37 -8.88
CA ALA B 230 -32.26 -50.86 -8.84
C ALA B 230 -31.53 -50.59 -10.16
N GLN B 231 -31.84 -49.42 -10.71
CA GLN B 231 -31.29 -48.95 -11.96
C GLN B 231 -31.08 -47.44 -11.84
N ALA B 232 -30.06 -46.96 -12.53
CA ALA B 232 -29.64 -45.56 -12.51
C ALA B 232 -30.65 -44.65 -13.23
N LEU B 233 -30.92 -43.46 -12.66
CA LEU B 233 -31.79 -42.43 -13.27
C LEU B 233 -31.37 -42.17 -14.73
N TRP B 234 -30.06 -41.97 -14.93
CA TRP B 234 -29.50 -41.62 -16.25
C TRP B 234 -29.70 -42.76 -17.28
N THR B 235 -29.58 -44.03 -16.83
CA THR B 235 -29.67 -45.18 -17.74
C THR B 235 -31.14 -45.60 -17.98
N ARG B 236 -32.03 -45.19 -17.07
CA ARG B 236 -33.48 -45.47 -17.18
C ARG B 236 -34.11 -44.50 -18.19
N ASN B 237 -35.31 -44.85 -18.67
CA ASN B 237 -36.03 -44.07 -19.70
C ASN B 237 -36.31 -42.65 -19.20
N LYS B 238 -35.97 -41.66 -20.06
CA LYS B 238 -36.11 -40.23 -19.78
C LYS B 238 -37.56 -39.86 -19.41
N SER B 239 -38.52 -40.44 -20.16
CA SER B 239 -39.96 -40.23 -19.94
C SER B 239 -40.47 -40.96 -18.67
N GLU B 240 -39.72 -42.00 -18.23
CA GLU B 240 -40.03 -42.74 -16.99
C GLU B 240 -39.50 -41.97 -15.76
N ILE B 241 -38.49 -41.10 -15.97
CA ILE B 241 -38.02 -40.18 -14.92
C ILE B 241 -39.01 -39.01 -14.79
N THR B 242 -39.52 -38.75 -13.58
CA THR B 242 -40.37 -37.57 -13.33
C THR B 242 -39.49 -36.36 -12.93
N ASP B 243 -40.08 -35.15 -12.99
CA ASP B 243 -39.39 -33.87 -12.69
C ASP B 243 -38.77 -33.89 -11.28
N GLU B 244 -39.54 -34.41 -10.32
CA GLU B 244 -39.16 -34.48 -8.89
C GLU B 244 -37.91 -35.35 -8.67
N GLU B 245 -37.77 -36.41 -9.48
CA GLU B 245 -36.60 -37.30 -9.45
C GLU B 245 -35.35 -36.56 -9.93
N TYR B 246 -35.49 -35.76 -11.02
CA TYR B 246 -34.39 -34.90 -11.53
C TYR B 246 -33.93 -33.90 -10.45
N LYS B 247 -34.90 -33.22 -9.85
CA LYS B 247 -34.68 -32.15 -8.86
C LYS B 247 -33.93 -32.67 -7.63
N GLU B 248 -34.37 -33.84 -7.14
CA GLU B 248 -33.85 -34.45 -5.90
C GLU B 248 -32.51 -35.18 -6.16
N PHE B 249 -32.32 -35.69 -7.39
CA PHE B 249 -31.06 -36.35 -7.83
C PHE B 249 -29.98 -35.28 -8.07
N TYR B 250 -30.40 -34.09 -8.51
CA TYR B 250 -29.54 -32.90 -8.57
C TYR B 250 -28.94 -32.67 -7.18
N LYS B 251 -29.81 -32.65 -6.17
CA LYS B 251 -29.43 -32.38 -4.77
C LYS B 251 -28.42 -33.44 -4.26
N HIS B 252 -28.62 -34.69 -4.70
CA HIS B 252 -27.68 -35.81 -4.45
C HIS B 252 -26.27 -35.48 -5.00
N ILE B 253 -26.17 -35.30 -6.32
CA ILE B 253 -24.88 -35.16 -7.03
C ILE B 253 -24.26 -33.77 -6.87
N ALA B 254 -25.05 -32.79 -6.40
CA ALA B 254 -24.61 -31.40 -6.16
C ALA B 254 -24.15 -31.23 -4.70
N HIS B 255 -24.50 -32.24 -3.85
CA HIS B 255 -24.20 -32.23 -2.40
C HIS B 255 -24.90 -31.00 -1.75
N ASP B 256 -26.21 -30.89 -2.05
CA ASP B 256 -27.03 -29.69 -1.78
C ASP B 256 -28.49 -30.15 -1.51
N PHE B 257 -29.42 -29.21 -1.27
CA PHE B 257 -30.86 -29.51 -1.05
C PHE B 257 -31.79 -28.46 -1.72
N ASN B 258 -31.21 -27.48 -2.46
CA ASN B 258 -32.00 -26.51 -3.24
C ASN B 258 -32.48 -27.13 -4.56
N ASP B 259 -33.44 -26.47 -5.19
CA ASP B 259 -34.02 -26.88 -6.48
C ASP B 259 -33.15 -26.37 -7.65
N PRO B 260 -32.98 -27.15 -8.76
CA PRO B 260 -32.28 -26.69 -9.96
C PRO B 260 -33.21 -25.83 -10.86
N LEU B 261 -32.63 -24.84 -11.57
CA LEU B 261 -33.39 -24.01 -12.52
C LEU B 261 -33.95 -24.90 -13.65
N THR B 262 -33.04 -25.57 -14.38
CA THR B 262 -33.42 -26.45 -15.51
C THR B 262 -32.39 -27.60 -15.64
N TRP B 263 -32.69 -28.56 -16.52
CA TRP B 263 -31.83 -29.74 -16.77
C TRP B 263 -31.93 -30.20 -18.23
N SER B 264 -31.15 -31.23 -18.57
CA SER B 264 -31.22 -31.91 -19.87
C SER B 264 -30.69 -33.36 -19.72
N HIS B 265 -31.63 -34.33 -19.76
CA HIS B 265 -31.32 -35.77 -19.75
C HIS B 265 -31.27 -36.25 -21.20
N ASN B 266 -30.08 -36.73 -21.62
CA ASN B 266 -29.85 -37.22 -22.99
C ASN B 266 -29.05 -38.53 -22.94
N ARG B 267 -29.16 -39.35 -23.99
CA ARG B 267 -28.23 -40.48 -24.21
C ARG B 267 -27.77 -40.46 -25.67
N VAL B 268 -26.49 -40.77 -25.86
CA VAL B 268 -25.84 -40.86 -27.17
C VAL B 268 -25.38 -42.31 -27.34
N GLU B 269 -25.93 -42.98 -28.37
CA GLU B 269 -25.73 -44.42 -28.58
C GLU B 269 -25.28 -44.67 -30.03
N GLY B 270 -24.31 -45.58 -30.19
CA GLY B 270 -23.83 -46.02 -31.51
C GLY B 270 -22.33 -46.22 -31.49
N LYS B 271 -21.59 -45.32 -32.15
CA LYS B 271 -20.12 -45.39 -32.23
C LYS B 271 -19.49 -45.12 -30.85
N GLN B 272 -20.00 -44.08 -30.17
CA GLN B 272 -19.53 -43.63 -28.84
C GLN B 272 -20.70 -43.68 -27.84
N GLU B 273 -20.66 -44.68 -26.95
CA GLU B 273 -21.68 -44.90 -25.91
C GLU B 273 -21.44 -43.96 -24.71
N TYR B 274 -22.29 -42.94 -24.54
CA TYR B 274 -22.32 -42.13 -23.31
C TYR B 274 -23.71 -41.54 -23.07
N THR B 275 -24.21 -41.68 -21.84
CA THR B 275 -25.40 -41.00 -21.35
C THR B 275 -24.96 -39.70 -20.64
N SER B 276 -25.54 -38.56 -21.04
CA SER B 276 -25.23 -37.25 -20.43
C SER B 276 -26.45 -36.72 -19.64
N LEU B 277 -26.21 -36.14 -18.46
CA LEU B 277 -27.27 -35.57 -17.61
C LEU B 277 -26.72 -34.32 -16.90
N LEU B 278 -27.12 -33.15 -17.39
CA LEU B 278 -26.62 -31.85 -16.92
C LEU B 278 -27.73 -31.10 -16.16
N TYR B 279 -27.35 -30.36 -15.11
CA TYR B 279 -28.27 -29.50 -14.33
C TYR B 279 -27.68 -28.09 -14.21
N ILE B 280 -28.57 -27.10 -14.21
CA ILE B 280 -28.26 -25.69 -13.92
C ILE B 280 -28.65 -25.41 -12.44
N PRO B 281 -27.66 -25.10 -11.54
CA PRO B 281 -27.96 -24.71 -10.14
C PRO B 281 -28.68 -23.35 -10.05
N SER B 282 -29.37 -23.13 -8.93
CA SER B 282 -30.11 -21.87 -8.67
C SER B 282 -29.23 -20.85 -7.91
N GLN B 283 -28.26 -21.39 -7.16
CA GLN B 283 -27.37 -20.61 -6.28
C GLN B 283 -25.92 -20.90 -6.66
N ALA B 284 -25.06 -19.87 -6.60
CA ALA B 284 -23.62 -20.01 -6.87
C ALA B 284 -22.95 -20.85 -5.76
N PRO B 285 -22.31 -22.02 -6.11
CA PRO B 285 -21.54 -22.84 -5.14
C PRO B 285 -20.40 -22.03 -4.50
N TRP B 286 -20.01 -22.41 -3.27
CA TRP B 286 -18.98 -21.67 -2.49
C TRP B 286 -17.61 -21.67 -3.22
N ASP B 287 -17.35 -22.75 -4.00
CA ASP B 287 -16.05 -22.97 -4.68
C ASP B 287 -15.88 -22.09 -5.94
N MET B 288 -16.93 -21.31 -6.28
CA MET B 288 -16.98 -20.43 -7.48
C MET B 288 -15.69 -19.59 -7.68
N TRP B 289 -15.05 -19.16 -6.58
CA TRP B 289 -13.85 -18.29 -6.62
C TRP B 289 -12.74 -18.88 -5.74
N ASN B 290 -12.90 -20.18 -5.40
CA ASN B 290 -12.01 -20.92 -4.49
C ASN B 290 -11.21 -21.97 -5.28
N ARG B 291 -10.08 -22.42 -4.71
CA ARG B 291 -9.08 -23.21 -5.43
C ARG B 291 -9.38 -24.73 -5.41
N ASP B 292 -10.27 -25.18 -4.49
CA ASP B 292 -10.71 -26.60 -4.46
C ASP B 292 -12.03 -26.74 -5.25
N HIS B 293 -12.41 -28.00 -5.57
CA HIS B 293 -13.42 -28.28 -6.62
C HIS B 293 -14.80 -28.70 -6.06
N LYS B 294 -15.85 -28.12 -6.67
CA LYS B 294 -17.25 -28.62 -6.68
C LYS B 294 -17.87 -28.36 -8.07
N HIS B 295 -17.15 -27.58 -8.89
CA HIS B 295 -17.43 -27.40 -10.30
C HIS B 295 -17.13 -28.67 -11.10
N GLY B 296 -17.92 -28.88 -12.17
CA GLY B 296 -17.75 -30.04 -13.04
C GLY B 296 -18.83 -31.08 -12.83
N LEU B 297 -18.61 -32.26 -13.39
CA LEU B 297 -19.58 -33.36 -13.43
C LEU B 297 -19.01 -34.56 -12.66
N LYS B 298 -19.86 -35.56 -12.37
CA LYS B 298 -19.39 -36.84 -11.80
C LYS B 298 -19.06 -37.79 -12.96
N LEU B 299 -17.82 -38.29 -13.00
CA LEU B 299 -17.42 -39.29 -14.00
C LEU B 299 -17.90 -40.69 -13.59
N TYR B 300 -18.69 -41.29 -14.48
CA TYR B 300 -19.06 -42.71 -14.44
C TYR B 300 -18.63 -43.35 -15.77
N VAL B 301 -18.11 -44.58 -15.72
CA VAL B 301 -17.81 -45.39 -16.90
C VAL B 301 -18.55 -46.74 -16.76
N GLN B 302 -19.62 -46.89 -17.55
CA GLN B 302 -20.47 -48.10 -17.60
C GLN B 302 -21.14 -48.36 -16.21
N ARG B 303 -21.83 -47.31 -15.74
CA ARG B 303 -22.59 -47.25 -14.46
C ARG B 303 -21.67 -47.50 -13.23
N VAL B 304 -20.37 -47.25 -13.42
CA VAL B 304 -19.33 -47.41 -12.39
C VAL B 304 -18.70 -46.04 -12.09
N PHE B 305 -18.89 -45.54 -10.85
CA PHE B 305 -18.27 -44.29 -10.38
C PHE B 305 -16.74 -44.38 -10.45
N ILE B 306 -16.12 -43.36 -11.06
CA ILE B 306 -14.66 -43.22 -11.11
C ILE B 306 -14.23 -42.09 -10.17
N MET B 307 -14.79 -40.87 -10.38
CA MET B 307 -14.43 -39.68 -9.58
C MET B 307 -15.55 -38.62 -9.59
N ASP B 308 -15.69 -37.92 -8.47
CA ASP B 308 -16.60 -36.76 -8.29
C ASP B 308 -15.82 -35.45 -8.55
N ASP B 309 -16.57 -34.36 -8.87
CA ASP B 309 -16.01 -32.99 -9.11
C ASP B 309 -15.07 -32.94 -10.35
N ALA B 310 -15.34 -33.82 -11.33
CA ALA B 310 -14.51 -33.92 -12.55
C ALA B 310 -14.84 -32.76 -13.52
N GLU B 311 -14.08 -31.64 -13.38
CA GLU B 311 -14.18 -30.45 -14.25
C GLU B 311 -13.42 -30.66 -15.61
N GLN B 312 -13.02 -31.89 -15.88
CA GLN B 312 -12.35 -32.28 -17.13
C GLN B 312 -13.34 -32.31 -18.31
N PHE B 313 -14.61 -32.55 -17.99
CA PHE B 313 -15.69 -32.64 -19.00
C PHE B 313 -16.39 -31.28 -19.21
N MET B 314 -16.06 -30.29 -18.37
CA MET B 314 -16.73 -28.98 -18.39
C MET B 314 -15.71 -27.85 -18.13
N PRO B 315 -15.55 -26.84 -19.04
CA PRO B 315 -14.56 -25.72 -18.85
C PRO B 315 -14.95 -24.78 -17.70
N ASN B 316 -14.06 -23.81 -17.38
CA ASN B 316 -14.36 -22.76 -16.37
C ASN B 316 -15.53 -21.88 -16.86
N TYR B 317 -15.63 -21.73 -18.18
CA TYR B 317 -16.76 -21.09 -18.89
C TYR B 317 -18.13 -21.66 -18.45
N LEU B 318 -18.16 -22.96 -18.12
CA LEU B 318 -19.39 -23.65 -17.70
C LEU B 318 -19.17 -24.42 -16.39
N ARG B 319 -18.22 -23.95 -15.56
CA ARG B 319 -17.83 -24.62 -14.29
C ARG B 319 -19.04 -24.84 -13.35
N PHE B 320 -20.00 -23.93 -13.44
CA PHE B 320 -21.24 -23.94 -12.66
C PHE B 320 -22.15 -25.13 -13.02
N VAL B 321 -22.09 -25.60 -14.28
CA VAL B 321 -22.85 -26.78 -14.73
C VAL B 321 -22.40 -28.01 -13.92
N ARG B 322 -23.37 -28.55 -13.17
CA ARG B 322 -23.17 -29.69 -12.29
C ARG B 322 -24.16 -30.77 -12.70
N GLY B 323 -23.66 -31.99 -12.74
CA GLY B 323 -24.42 -33.15 -13.14
C GLY B 323 -23.52 -34.35 -13.17
N LEU B 324 -23.58 -35.11 -14.26
CA LEU B 324 -22.72 -36.29 -14.45
C LEU B 324 -22.80 -36.75 -15.90
N ILE B 325 -21.82 -37.55 -16.28
CA ILE B 325 -21.73 -38.18 -17.58
C ILE B 325 -21.23 -39.63 -17.37
N ASP B 326 -22.02 -40.58 -17.86
CA ASP B 326 -21.67 -42.00 -17.87
C ASP B 326 -21.28 -42.41 -19.29
N SER B 327 -20.17 -43.13 -19.45
CA SER B 327 -19.71 -43.62 -20.76
C SER B 327 -19.41 -45.12 -20.71
N SER B 328 -20.06 -45.90 -21.59
CA SER B 328 -19.72 -47.33 -21.78
C SER B 328 -18.66 -47.47 -22.90
N ASP B 329 -18.25 -46.32 -23.47
CA ASP B 329 -17.26 -46.25 -24.57
C ASP B 329 -15.84 -46.08 -24.03
N LEU B 330 -15.67 -45.06 -23.15
CA LEU B 330 -14.38 -44.72 -22.51
C LEU B 330 -13.89 -45.90 -21.62
N PRO B 331 -12.54 -46.05 -21.38
CA PRO B 331 -11.98 -47.16 -20.56
C PRO B 331 -12.39 -47.08 -19.07
N LEU B 332 -12.54 -48.27 -18.44
CA LEU B 332 -12.85 -48.40 -16.99
C LEU B 332 -11.65 -47.89 -16.17
N ASN B 333 -10.43 -48.15 -16.67
CA ASN B 333 -9.16 -47.74 -16.03
C ASN B 333 -8.73 -46.33 -16.49
N VAL B 334 -9.72 -45.48 -16.84
CA VAL B 334 -9.48 -44.10 -17.28
C VAL B 334 -8.84 -43.26 -16.16
N SER B 335 -7.85 -42.46 -16.52
CA SER B 335 -7.06 -41.63 -15.59
C SER B 335 -7.46 -40.17 -15.73
N ARG B 336 -7.22 -39.38 -14.65
CA ARG B 336 -7.45 -37.92 -14.62
C ARG B 336 -6.65 -37.20 -15.74
N GLU B 337 -5.49 -37.78 -16.10
CA GLU B 337 -4.64 -37.29 -17.20
C GLU B 337 -5.32 -37.54 -18.57
N ILE B 338 -5.85 -38.77 -18.75
CA ILE B 338 -6.55 -39.19 -19.97
C ILE B 338 -7.79 -38.29 -20.21
N LEU B 339 -8.42 -37.85 -19.11
CA LEU B 339 -9.60 -36.98 -19.14
C LEU B 339 -9.30 -35.60 -19.76
N GLN B 340 -8.06 -35.11 -19.59
CA GLN B 340 -7.65 -33.80 -20.12
C GLN B 340 -7.15 -33.90 -21.57
N ASP B 341 -6.28 -34.88 -21.83
CA ASP B 341 -5.49 -34.97 -23.08
C ASP B 341 -6.20 -35.73 -24.21
N SER B 342 -6.98 -36.78 -23.86
CA SER B 342 -7.57 -37.69 -24.88
C SER B 342 -8.57 -36.95 -25.78
N THR B 343 -8.56 -37.33 -27.07
CA THR B 343 -9.42 -36.74 -28.09
C THR B 343 -10.87 -37.19 -27.89
N VAL B 344 -11.06 -38.46 -27.46
CA VAL B 344 -12.41 -39.02 -27.22
C VAL B 344 -13.11 -38.22 -26.10
N THR B 345 -12.33 -37.88 -25.06
CA THR B 345 -12.81 -37.08 -23.91
C THR B 345 -12.93 -35.58 -24.28
N ARG B 346 -12.21 -35.15 -25.34
CA ARG B 346 -12.29 -33.77 -25.86
C ARG B 346 -13.62 -33.61 -26.60
N ASN B 347 -14.02 -34.68 -27.31
CA ASN B 347 -15.29 -34.76 -28.04
C ASN B 347 -16.47 -34.82 -27.06
N LEU B 348 -16.23 -35.47 -25.91
CA LEU B 348 -17.16 -35.45 -24.76
C LEU B 348 -17.42 -34.01 -24.30
N ARG B 349 -16.34 -33.32 -23.88
CA ARG B 349 -16.38 -31.94 -23.36
C ARG B 349 -16.96 -30.95 -24.40
N ASN B 350 -16.64 -31.19 -25.68
CA ASN B 350 -17.05 -30.35 -26.82
C ASN B 350 -18.58 -30.44 -27.05
N ALA B 351 -19.09 -31.67 -27.01
CA ALA B 351 -20.52 -31.96 -27.22
C ALA B 351 -21.36 -31.50 -26.01
N LEU B 352 -20.77 -31.61 -24.80
CA LEU B 352 -21.42 -31.20 -23.54
C LEU B 352 -21.57 -29.68 -23.46
N THR B 353 -20.51 -28.95 -23.86
CA THR B 353 -20.50 -27.46 -23.87
C THR B 353 -21.53 -26.92 -24.88
N LYS B 354 -21.60 -27.57 -26.04
CA LYS B 354 -22.58 -27.25 -27.10
C LYS B 354 -24.01 -27.62 -26.66
N ARG B 355 -24.12 -28.63 -25.78
CA ARG B 355 -25.42 -29.08 -25.23
C ARG B 355 -25.92 -28.07 -24.19
N VAL B 356 -24.96 -27.44 -23.46
CA VAL B 356 -25.28 -26.38 -22.50
C VAL B 356 -25.67 -25.10 -23.26
N LEU B 357 -25.02 -24.83 -24.42
CA LEU B 357 -25.43 -23.74 -25.36
C LEU B 357 -26.92 -23.91 -25.71
N GLN B 358 -27.29 -25.13 -26.09
CA GLN B 358 -28.66 -25.47 -26.47
C GLN B 358 -29.64 -25.25 -25.28
N MET B 359 -29.13 -25.47 -24.06
CA MET B 359 -29.90 -25.31 -22.80
C MET B 359 -30.08 -23.82 -22.44
N LEU B 360 -28.99 -23.02 -22.60
CA LEU B 360 -28.96 -21.60 -22.15
C LEU B 360 -29.75 -20.71 -23.08
N GLU B 361 -29.51 -20.90 -24.39
CA GLU B 361 -30.17 -20.14 -25.45
C GLU B 361 -31.68 -20.44 -25.48
N LYS B 362 -32.03 -21.71 -25.18
CA LYS B 362 -33.42 -22.10 -24.94
C LYS B 362 -33.97 -21.36 -23.71
N LEU B 363 -33.21 -21.42 -22.59
CA LEU B 363 -33.64 -20.91 -21.26
C LEU B 363 -33.92 -19.40 -21.29
N ALA B 364 -33.22 -18.67 -22.18
CA ALA B 364 -33.46 -17.23 -22.40
C ALA B 364 -34.90 -16.96 -22.86
N LYS B 365 -35.36 -17.83 -23.78
CA LYS B 365 -36.69 -17.76 -24.40
C LYS B 365 -37.73 -18.57 -23.59
N ASP B 366 -37.26 -19.56 -22.83
CA ASP B 366 -38.11 -20.50 -22.08
C ASP B 366 -38.60 -19.84 -20.78
N ASP B 367 -37.63 -19.33 -20.00
CA ASP B 367 -37.89 -18.55 -18.77
C ASP B 367 -36.79 -17.51 -18.59
N ALA B 368 -37.08 -16.27 -19.02
CA ALA B 368 -36.17 -15.11 -18.87
C ALA B 368 -35.90 -14.84 -17.37
N GLU B 369 -36.88 -15.22 -16.54
CA GLU B 369 -36.76 -15.22 -15.06
C GLU B 369 -35.55 -16.04 -14.61
N LYS B 370 -35.57 -17.35 -14.92
CA LYS B 370 -34.53 -18.30 -14.47
C LYS B 370 -33.19 -18.02 -15.15
N TYR B 371 -33.24 -17.51 -16.38
CA TYR B 371 -32.03 -17.16 -17.14
C TYR B 371 -31.35 -15.90 -16.57
N GLN B 372 -32.17 -14.97 -16.04
CA GLN B 372 -31.66 -13.72 -15.43
C GLN B 372 -31.04 -14.02 -14.06
N THR B 373 -31.67 -14.96 -13.34
CA THR B 373 -31.13 -15.49 -12.07
C THR B 373 -29.77 -16.16 -12.34
N PHE B 374 -29.76 -17.00 -13.39
CA PHE B 374 -28.57 -17.70 -13.88
C PHE B 374 -27.40 -16.73 -14.14
N TRP B 375 -27.64 -15.70 -14.97
CA TRP B 375 -26.58 -14.81 -15.43
C TRP B 375 -25.98 -13.98 -14.26
N GLN B 376 -26.83 -13.58 -13.30
CA GLN B 376 -26.40 -12.76 -12.15
C GLN B 376 -25.64 -13.58 -11.09
N GLN B 377 -25.69 -14.92 -11.18
CA GLN B 377 -24.94 -15.81 -10.27
C GLN B 377 -23.69 -16.39 -10.95
N PHE B 378 -23.79 -16.67 -12.27
CA PHE B 378 -22.84 -17.55 -12.99
C PHE B 378 -22.16 -16.84 -14.18
N GLY B 379 -22.78 -15.76 -14.66
CA GLY B 379 -22.36 -15.06 -15.89
C GLY B 379 -21.01 -14.35 -15.77
N LEU B 380 -20.59 -14.07 -14.53
CA LEU B 380 -19.27 -13.47 -14.24
C LEU B 380 -18.14 -14.36 -14.79
N VAL B 381 -18.28 -15.68 -14.57
CA VAL B 381 -17.29 -16.67 -15.02
C VAL B 381 -17.51 -17.01 -16.50
N LEU B 382 -18.80 -17.13 -16.92
CA LEU B 382 -19.20 -17.39 -18.34
C LEU B 382 -18.61 -16.31 -19.29
N LYS B 383 -18.40 -15.09 -18.74
CA LYS B 383 -17.94 -13.93 -19.51
C LYS B 383 -16.49 -14.09 -20.08
N GLU B 384 -15.74 -15.14 -19.65
CA GLU B 384 -14.42 -15.49 -20.28
C GLU B 384 -14.62 -15.99 -21.75
N GLY B 385 -15.84 -16.54 -22.00
CA GLY B 385 -16.28 -17.14 -23.27
C GLY B 385 -15.68 -16.60 -24.55
N PRO B 386 -16.05 -15.38 -25.02
CA PRO B 386 -15.63 -14.88 -26.35
C PRO B 386 -14.11 -14.70 -26.35
N ALA B 387 -13.62 -14.07 -25.28
CA ALA B 387 -12.23 -13.66 -25.09
C ALA B 387 -11.30 -14.87 -24.86
N GLU B 388 -11.83 -16.12 -24.84
CA GLU B 388 -10.95 -17.30 -25.06
C GLU B 388 -11.06 -17.89 -26.48
N ASP B 389 -12.27 -17.90 -27.10
CA ASP B 389 -12.41 -18.45 -28.47
C ASP B 389 -12.94 -17.39 -29.47
N PHE B 390 -12.05 -16.95 -30.38
CA PHE B 390 -12.36 -15.94 -31.41
C PHE B 390 -13.25 -16.52 -32.52
N ALA B 391 -13.09 -17.83 -32.75
CA ALA B 391 -13.83 -18.56 -33.81
C ALA B 391 -15.36 -18.46 -33.60
N ASN B 392 -15.80 -18.60 -32.34
CA ASN B 392 -17.24 -18.56 -31.96
C ASN B 392 -17.60 -17.24 -31.27
N GLN B 393 -16.73 -16.20 -31.37
CA GLN B 393 -16.91 -14.91 -30.64
C GLN B 393 -18.34 -14.32 -30.78
N GLU B 394 -18.84 -14.29 -32.02
CA GLU B 394 -20.18 -13.79 -32.36
C GLU B 394 -21.29 -14.63 -31.68
N ALA B 395 -21.06 -15.95 -31.66
CA ALA B 395 -22.01 -16.93 -31.11
C ALA B 395 -21.98 -16.94 -29.57
N ILE B 396 -20.84 -16.53 -28.96
CA ILE B 396 -20.75 -16.37 -27.50
C ILE B 396 -21.36 -15.00 -27.12
N ALA B 397 -21.22 -14.01 -28.03
CA ALA B 397 -21.77 -12.65 -27.88
C ALA B 397 -23.31 -12.66 -27.91
N LYS B 398 -23.85 -13.73 -28.51
CA LYS B 398 -25.28 -14.07 -28.48
C LYS B 398 -25.71 -14.57 -27.07
N LEU B 399 -24.76 -15.12 -26.29
CA LEU B 399 -24.98 -15.58 -24.90
C LEU B 399 -24.63 -14.47 -23.87
N LEU B 400 -23.79 -13.49 -24.28
CA LEU B 400 -23.32 -12.39 -23.39
C LEU B 400 -24.47 -11.42 -23.05
N ARG B 401 -24.64 -11.15 -21.74
CA ARG B 401 -25.55 -10.12 -21.23
C ARG B 401 -24.72 -9.10 -20.43
N PHE B 402 -24.99 -7.82 -20.64
CA PHE B 402 -24.35 -6.71 -19.92
C PHE B 402 -25.43 -5.84 -19.33
N ALA B 403 -25.04 -4.76 -18.67
CA ALA B 403 -25.97 -3.70 -18.28
C ALA B 403 -25.82 -2.54 -19.28
N SER B 404 -26.84 -1.68 -19.34
CA SER B 404 -26.86 -0.48 -20.21
C SER B 404 -27.75 0.58 -19.58
N THR B 405 -27.76 1.81 -20.14
CA THR B 405 -28.59 2.90 -19.61
C THR B 405 -30.09 2.68 -19.92
N HIS B 406 -30.50 1.44 -20.30
CA HIS B 406 -31.91 1.04 -20.41
C HIS B 406 -32.67 1.29 -19.09
N THR B 407 -32.00 1.00 -17.97
CA THR B 407 -32.56 1.13 -16.60
C THR B 407 -31.38 1.27 -15.61
N ASP B 408 -31.62 1.97 -14.48
CA ASP B 408 -30.60 2.22 -13.42
C ASP B 408 -30.43 1.02 -12.45
N SER B 409 -30.91 -0.15 -12.88
CA SER B 409 -30.69 -1.42 -12.17
C SER B 409 -29.28 -1.96 -12.49
N SER B 410 -28.68 -2.65 -11.51
CA SER B 410 -27.36 -3.31 -11.67
C SER B 410 -27.52 -4.73 -12.25
N ALA B 411 -28.80 -5.16 -12.43
CA ALA B 411 -29.12 -6.43 -13.08
C ALA B 411 -28.70 -6.36 -14.56
N GLN B 412 -27.64 -7.09 -14.88
CA GLN B 412 -27.10 -7.18 -16.25
C GLN B 412 -27.94 -8.16 -17.08
N THR B 413 -28.96 -7.60 -17.77
CA THR B 413 -30.00 -8.37 -18.49
C THR B 413 -29.91 -8.15 -20.02
N VAL B 414 -29.48 -6.94 -20.42
CA VAL B 414 -29.53 -6.50 -21.83
C VAL B 414 -28.38 -7.11 -22.64
N SER B 415 -28.71 -7.73 -23.78
CA SER B 415 -27.71 -8.30 -24.68
C SER B 415 -27.29 -7.27 -25.74
N LEU B 416 -26.25 -7.62 -26.49
CA LEU B 416 -25.71 -6.78 -27.56
C LEU B 416 -26.70 -6.69 -28.74
N GLU B 417 -27.41 -7.81 -29.00
CA GLU B 417 -28.46 -7.91 -30.05
C GLU B 417 -29.61 -6.92 -29.77
N ASP B 418 -29.95 -6.79 -28.47
CA ASP B 418 -30.89 -5.79 -27.96
C ASP B 418 -30.43 -4.40 -28.35
N TYR B 419 -29.14 -4.12 -28.09
CA TYR B 419 -28.52 -2.83 -28.38
C TYR B 419 -28.57 -2.51 -29.90
N VAL B 420 -28.41 -3.56 -30.73
CA VAL B 420 -28.44 -3.42 -32.21
C VAL B 420 -29.81 -2.90 -32.69
N SER B 421 -30.91 -3.48 -32.18
CA SER B 421 -32.28 -2.92 -32.42
C SER B 421 -32.40 -1.50 -31.82
N ARG B 422 -31.75 -1.31 -30.68
CA ARG B 422 -31.90 -0.12 -29.81
C ARG B 422 -31.04 1.06 -30.31
N MET B 423 -30.20 0.79 -31.32
CA MET B 423 -29.40 1.82 -32.00
C MET B 423 -30.28 2.79 -32.78
N LYS B 424 -29.83 4.05 -32.81
CA LYS B 424 -30.52 5.17 -33.45
C LYS B 424 -29.98 5.38 -34.87
N GLU B 425 -30.55 6.37 -35.57
CA GLU B 425 -30.16 6.72 -36.95
C GLU B 425 -28.76 7.39 -36.92
N GLY B 426 -27.77 6.73 -37.55
CA GLY B 426 -26.39 7.21 -37.55
C GLY B 426 -25.61 6.84 -36.29
N GLN B 427 -26.20 6.00 -35.42
CA GLN B 427 -25.54 5.50 -34.19
C GLN B 427 -24.91 4.14 -34.51
N GLU B 428 -23.81 4.17 -35.27
CA GLU B 428 -23.09 2.95 -35.73
C GLU B 428 -22.22 2.37 -34.62
N LYS B 429 -21.86 3.22 -33.64
CA LYS B 429 -20.86 2.88 -32.62
C LYS B 429 -21.57 2.40 -31.35
N ILE B 430 -21.09 1.29 -30.78
CA ILE B 430 -21.59 0.76 -29.50
C ILE B 430 -20.85 1.48 -28.37
N TYR B 431 -21.53 2.46 -27.77
CA TYR B 431 -21.00 3.25 -26.67
C TYR B 431 -20.96 2.35 -25.41
N TYR B 432 -19.76 2.12 -24.83
CA TYR B 432 -19.59 1.31 -23.59
C TYR B 432 -18.82 2.14 -22.54
N ILE B 433 -18.97 1.76 -21.26
CA ILE B 433 -18.28 2.40 -20.12
C ILE B 433 -18.01 1.34 -19.01
N THR B 434 -16.71 1.06 -18.76
CA THR B 434 -16.26 0.14 -17.69
C THR B 434 -16.07 0.92 -16.35
N ALA B 435 -16.32 0.24 -15.21
CA ALA B 435 -16.33 0.86 -13.88
C ALA B 435 -15.88 -0.13 -12.80
N ASP B 436 -15.46 0.42 -11.64
CA ASP B 436 -15.00 -0.38 -10.48
C ASP B 436 -16.21 -0.83 -9.63
N SER B 437 -17.23 0.03 -9.50
CA SER B 437 -18.45 -0.28 -8.73
C SER B 437 -19.65 0.43 -9.39
N TYR B 438 -20.82 -0.23 -9.36
CA TYR B 438 -22.04 0.27 -10.03
C TYR B 438 -22.52 1.56 -9.35
N ALA B 439 -22.58 1.52 -8.01
CA ALA B 439 -23.01 2.67 -7.19
C ALA B 439 -22.08 3.89 -7.39
N ALA B 440 -20.77 3.59 -7.54
CA ALA B 440 -19.73 4.62 -7.74
C ALA B 440 -19.94 5.36 -9.06
N ALA B 441 -20.09 4.55 -10.10
CA ALA B 441 -20.20 4.99 -11.47
C ALA B 441 -21.54 5.72 -11.73
N LYS B 442 -22.59 5.25 -11.04
CA LYS B 442 -23.97 5.78 -11.16
C LYS B 442 -24.06 7.22 -10.60
N SER B 443 -23.15 7.56 -9.67
CA SER B 443 -23.11 8.89 -9.03
C SER B 443 -22.60 10.00 -9.98
N SER B 444 -22.03 9.59 -11.13
CA SER B 444 -21.57 10.50 -12.19
C SER B 444 -22.74 11.05 -13.05
N PRO B 445 -23.01 12.41 -13.02
CA PRO B 445 -24.12 13.03 -13.81
C PRO B 445 -23.72 13.39 -15.27
N HIS B 446 -22.46 13.10 -15.65
CA HIS B 446 -21.89 13.45 -16.98
C HIS B 446 -22.67 12.72 -18.13
N LEU B 447 -23.23 11.56 -17.79
CA LEU B 447 -24.00 10.69 -18.72
C LEU B 447 -25.33 11.33 -19.17
N GLU B 448 -25.79 12.37 -18.45
CA GLU B 448 -26.98 13.16 -18.82
C GLU B 448 -26.81 13.87 -20.19
N LEU B 449 -25.55 14.01 -20.65
CA LEU B 449 -25.26 14.47 -22.02
C LEU B 449 -25.80 13.45 -23.05
N LEU B 450 -25.58 12.15 -22.76
CA LEU B 450 -26.05 11.02 -23.59
C LEU B 450 -27.57 10.82 -23.42
N ARG B 451 -28.11 11.19 -22.24
CA ARG B 451 -29.57 11.14 -21.95
C ARG B 451 -30.36 12.01 -22.94
N LYS B 452 -29.98 13.31 -23.02
CA LYS B 452 -30.67 14.31 -23.86
C LYS B 452 -30.39 14.08 -25.36
N LYS B 453 -29.18 13.57 -25.69
CA LYS B 453 -28.83 13.16 -27.07
C LYS B 453 -29.67 11.92 -27.45
N GLY B 454 -30.05 11.14 -26.45
CA GLY B 454 -30.83 9.93 -26.67
C GLY B 454 -29.98 8.75 -27.12
N ILE B 455 -28.73 8.70 -26.66
CA ILE B 455 -27.84 7.55 -26.86
C ILE B 455 -27.88 6.67 -25.60
N GLU B 456 -27.82 5.34 -25.79
CA GLU B 456 -27.71 4.39 -24.68
C GLU B 456 -26.25 3.89 -24.58
N VAL B 457 -25.75 3.73 -23.35
CA VAL B 457 -24.33 3.39 -23.09
C VAL B 457 -24.27 2.11 -22.22
N LEU B 458 -23.40 1.15 -22.59
CA LEU B 458 -23.25 -0.13 -21.88
C LEU B 458 -22.60 0.08 -20.49
N LEU B 459 -23.35 -0.21 -19.43
CA LEU B 459 -22.85 -0.17 -18.04
C LEU B 459 -22.10 -1.47 -17.73
N LEU B 460 -20.79 -1.38 -17.47
CA LEU B 460 -19.94 -2.54 -17.15
C LEU B 460 -19.30 -2.33 -15.78
N SER B 461 -19.69 -3.16 -14.79
CA SER B 461 -19.15 -3.12 -13.42
C SER B 461 -18.70 -4.53 -12.98
N ASP B 462 -18.29 -5.35 -13.96
CA ASP B 462 -17.70 -6.69 -13.69
C ASP B 462 -16.20 -6.52 -13.39
N ARG B 463 -15.54 -7.62 -13.01
CA ARG B 463 -14.07 -7.64 -12.84
C ARG B 463 -13.34 -7.94 -14.17
N ILE B 464 -13.73 -9.03 -14.85
CA ILE B 464 -12.97 -9.59 -16.00
C ILE B 464 -13.43 -8.98 -17.35
N ASP B 465 -14.49 -8.14 -17.31
CA ASP B 465 -15.12 -7.55 -18.51
C ASP B 465 -14.13 -6.69 -19.32
N GLU B 466 -13.32 -5.91 -18.61
CA GLU B 466 -12.35 -4.96 -19.18
C GLU B 466 -11.33 -5.67 -20.09
N TRP B 467 -11.10 -6.95 -19.77
CA TRP B 467 -10.23 -7.83 -20.55
C TRP B 467 -11.02 -8.40 -21.76
N MET B 468 -12.23 -8.87 -21.47
CA MET B 468 -13.10 -9.55 -22.46
C MET B 468 -13.44 -8.62 -23.65
N MET B 469 -13.69 -7.35 -23.30
CA MET B 469 -14.07 -6.29 -24.24
C MET B 469 -12.95 -5.97 -25.23
N ASN B 470 -11.70 -6.28 -24.83
CA ASN B 470 -10.50 -5.99 -25.65
C ASN B 470 -10.59 -6.65 -27.02
N TYR B 471 -11.27 -7.79 -27.07
CA TYR B 471 -11.57 -8.46 -28.33
C TYR B 471 -12.97 -8.14 -28.80
N LEU B 472 -13.88 -7.87 -27.86
CA LEU B 472 -15.27 -7.47 -28.19
C LEU B 472 -15.26 -6.01 -28.71
N THR B 473 -14.63 -5.85 -29.88
CA THR B 473 -14.38 -4.58 -30.56
C THR B 473 -15.51 -4.27 -31.54
N GLU B 474 -16.30 -5.31 -31.89
CA GLU B 474 -17.36 -5.23 -32.90
C GLU B 474 -18.34 -6.41 -32.74
N PHE B 475 -19.65 -6.11 -32.85
CA PHE B 475 -20.74 -7.09 -32.86
C PHE B 475 -21.80 -6.64 -33.89
N ASP B 476 -22.13 -7.56 -34.83
CA ASP B 476 -23.20 -7.40 -35.84
C ASP B 476 -22.82 -6.31 -36.88
N GLY B 477 -21.51 -6.04 -36.99
CA GLY B 477 -20.98 -4.97 -37.86
C GLY B 477 -20.75 -3.66 -37.11
N LYS B 478 -21.32 -3.55 -35.90
CA LYS B 478 -21.29 -2.32 -35.10
C LYS B 478 -20.02 -2.30 -34.21
N PRO B 479 -19.05 -1.37 -34.47
CA PRO B 479 -17.81 -1.28 -33.66
C PRO B 479 -18.04 -0.55 -32.32
N PHE B 480 -17.49 -1.11 -31.24
CA PHE B 480 -17.55 -0.54 -29.88
C PHE B 480 -16.65 0.71 -29.78
N GLN B 481 -17.00 1.60 -28.84
CA GLN B 481 -16.37 2.92 -28.69
C GLN B 481 -16.32 3.33 -27.21
N SER B 482 -15.14 3.82 -26.78
CA SER B 482 -14.97 4.37 -25.44
C SER B 482 -15.29 5.86 -25.46
N VAL B 483 -16.26 6.28 -24.64
CA VAL B 483 -16.54 7.70 -24.38
C VAL B 483 -15.87 8.13 -23.05
N SER B 484 -14.82 7.36 -22.66
CA SER B 484 -14.03 7.61 -21.44
C SER B 484 -13.33 8.97 -21.53
N LYS B 485 -12.74 9.26 -22.71
CA LYS B 485 -12.29 10.61 -23.12
C LYS B 485 -11.68 10.56 -24.54
N VAL B 486 -11.77 11.70 -25.25
CA VAL B 486 -11.04 12.00 -26.49
C VAL B 486 -10.94 13.54 -26.64
N ASP B 487 -9.76 14.04 -27.07
CA ASP B 487 -9.51 15.50 -27.26
C ASP B 487 -8.16 15.73 -27.99
N GLU B 488 -7.62 16.96 -27.85
CA GLU B 488 -6.43 17.44 -28.58
C GLU B 488 -5.09 16.95 -27.95
N SER B 489 -5.14 16.02 -26.97
CA SER B 489 -3.96 15.51 -26.22
C SER B 489 -2.90 14.84 -27.13
N LEU B 490 -3.37 14.39 -28.31
CA LEU B 490 -2.52 13.77 -29.34
C LEU B 490 -2.61 14.64 -30.63
N GLU B 491 -3.71 15.43 -30.73
CA GLU B 491 -4.43 15.79 -31.99
C GLU B 491 -3.65 15.40 -33.27
N LYS B 492 -2.56 16.12 -33.63
CA LYS B 492 -1.67 15.67 -34.72
C LYS B 492 -0.64 14.67 -34.16
N LEU B 493 0.27 15.12 -33.26
CA LEU B 493 1.38 14.26 -32.77
C LEU B 493 1.45 14.22 -31.21
N ALA B 494 1.83 15.34 -30.57
CA ALA B 494 1.82 15.49 -29.10
C ALA B 494 1.27 16.86 -28.69
N ASP B 495 2.02 17.89 -29.12
CA ASP B 495 1.99 19.27 -28.61
C ASP B 495 0.76 20.09 -29.08
N GLU B 496 -0.15 19.46 -29.83
CA GLU B 496 -1.35 20.12 -30.38
C GLU B 496 -2.45 20.23 -29.31
N VAL B 497 -2.07 20.69 -28.12
CA VAL B 497 -2.84 20.60 -26.89
C VAL B 497 -3.33 22.00 -26.48
N ASP B 498 -4.24 22.53 -27.32
CA ASP B 498 -4.60 23.97 -27.38
C ASP B 498 -3.37 24.77 -27.85
N GLU B 499 -2.39 24.98 -26.94
CA GLU B 499 -1.10 25.59 -27.26
C GLU B 499 -0.13 25.43 -26.05
N SER B 500 -0.32 24.36 -25.26
CA SER B 500 0.52 24.09 -24.08
C SER B 500 1.74 23.22 -24.48
N ALA B 501 2.71 23.84 -25.13
CA ALA B 501 3.96 23.20 -25.56
C ALA B 501 5.13 23.96 -24.94
N LYS B 502 6.23 24.10 -25.68
CA LYS B 502 7.53 24.60 -25.17
C LYS B 502 7.42 25.96 -24.44
N GLU B 503 6.60 26.90 -24.97
CA GLU B 503 6.40 28.24 -24.36
C GLU B 503 5.84 28.11 -22.95
N ALA B 504 4.85 27.22 -22.81
CA ALA B 504 4.26 26.87 -21.51
C ALA B 504 5.32 26.21 -20.61
N GLU B 505 6.10 25.29 -21.19
CA GLU B 505 7.10 24.47 -20.46
C GLU B 505 8.27 25.29 -19.91
N LYS B 506 8.49 26.50 -20.47
CA LYS B 506 9.46 27.47 -19.92
C LYS B 506 9.03 27.93 -18.51
N ALA B 507 7.71 28.06 -18.31
CA ALA B 507 7.09 28.41 -17.01
C ALA B 507 6.81 27.15 -16.16
N LEU B 508 6.67 25.98 -16.83
CA LEU B 508 6.33 24.71 -16.15
C LEU B 508 7.55 24.04 -15.52
N THR B 509 8.76 24.26 -16.09
CA THR B 509 9.99 23.67 -15.52
C THR B 509 10.30 24.23 -14.09
N PRO B 510 10.32 25.59 -13.82
CA PRO B 510 10.46 26.12 -12.44
C PRO B 510 9.24 25.78 -11.56
N PHE B 511 8.07 25.53 -12.20
CA PHE B 511 6.84 25.11 -11.49
C PHE B 511 7.04 23.69 -10.89
N ILE B 512 7.54 22.74 -11.72
CA ILE B 512 7.82 21.34 -11.29
C ILE B 512 8.85 21.35 -10.16
N ASP B 513 9.88 22.17 -10.35
CA ASP B 513 10.98 22.38 -9.39
C ASP B 513 10.46 22.82 -8.01
N ARG B 514 9.58 23.83 -8.02
CA ARG B 514 8.93 24.37 -6.80
C ARG B 514 8.11 23.29 -6.08
N VAL B 515 7.25 22.61 -6.85
CA VAL B 515 6.27 21.63 -6.32
C VAL B 515 6.99 20.44 -5.64
N LYS B 516 8.01 19.90 -6.31
CA LYS B 516 8.76 18.74 -5.80
C LYS B 516 9.56 19.11 -4.53
N ALA B 517 10.04 20.37 -4.47
CA ALA B 517 10.73 20.91 -3.28
C ALA B 517 9.74 21.23 -2.14
N LEU B 518 8.49 21.57 -2.51
CA LEU B 518 7.41 21.94 -1.57
C LEU B 518 6.93 20.67 -0.83
N LEU B 519 6.75 19.60 -1.61
CA LEU B 519 6.26 18.31 -1.11
C LEU B 519 7.42 17.52 -0.48
N GLY B 520 8.65 17.83 -0.94
CA GLY B 520 9.88 17.23 -0.41
C GLY B 520 10.05 15.80 -0.90
N GLU B 521 9.39 14.86 -0.21
CA GLU B 521 9.40 13.43 -0.58
C GLU B 521 7.97 12.83 -0.48
N ARG B 522 6.95 13.69 -0.26
CA ARG B 522 5.54 13.24 -0.03
C ARG B 522 5.00 12.46 -1.27
N VAL B 523 5.50 12.86 -2.44
CA VAL B 523 5.14 12.31 -3.75
C VAL B 523 6.43 11.77 -4.42
N LYS B 524 6.29 10.75 -5.29
CA LYS B 524 7.42 10.21 -6.06
C LYS B 524 7.94 11.25 -7.05
N ASP B 525 7.05 11.73 -7.93
CA ASP B 525 7.40 12.66 -9.03
C ASP B 525 6.15 13.41 -9.51
N VAL B 526 6.35 14.68 -9.89
CA VAL B 526 5.27 15.57 -10.36
C VAL B 526 5.59 16.03 -11.79
N ARG B 527 4.62 15.84 -12.72
CA ARG B 527 4.77 16.20 -14.14
C ARG B 527 3.59 17.07 -14.57
N LEU B 528 3.77 17.81 -15.68
CA LEU B 528 2.68 18.54 -16.36
C LEU B 528 2.40 17.83 -17.70
N THR B 529 1.41 16.92 -17.69
CA THR B 529 0.97 16.19 -18.89
C THR B 529 -0.17 16.95 -19.55
N HIS B 530 -0.28 16.85 -20.88
CA HIS B 530 -1.16 17.73 -21.65
C HIS B 530 -2.38 16.95 -22.12
N ARG B 531 -2.90 16.14 -21.20
CA ARG B 531 -4.17 15.44 -21.35
C ARG B 531 -5.26 16.47 -20.99
N LEU B 532 -5.87 17.11 -22.02
CA LEU B 532 -6.75 18.30 -21.83
C LEU B 532 -7.87 17.97 -20.84
N THR B 533 -8.65 16.94 -21.19
CA THR B 533 -9.78 16.36 -20.39
C THR B 533 -10.68 17.41 -19.69
N ASP B 534 -11.62 16.94 -18.86
CA ASP B 534 -12.46 17.80 -18.01
C ASP B 534 -12.20 17.51 -16.51
N THR B 535 -11.09 16.80 -16.24
CA THR B 535 -10.54 16.57 -14.89
C THR B 535 -9.22 17.37 -14.73
N PRO B 536 -8.99 18.08 -13.56
CA PRO B 536 -7.79 18.96 -13.36
C PRO B 536 -6.44 18.21 -13.41
N ALA B 537 -6.38 17.04 -12.73
CA ALA B 537 -5.17 16.21 -12.64
C ALA B 537 -5.54 14.73 -12.47
N ILE B 538 -4.51 13.86 -12.61
CA ILE B 538 -4.64 12.41 -12.45
C ILE B 538 -3.32 11.85 -11.88
N VAL B 539 -3.43 10.87 -10.96
CA VAL B 539 -2.28 10.11 -10.46
C VAL B 539 -2.16 8.79 -11.23
N SER B 540 -0.92 8.38 -11.51
CA SER B 540 -0.63 7.14 -12.26
C SER B 540 -0.11 6.06 -11.33
N THR B 541 -0.28 4.80 -11.77
CA THR B 541 0.06 3.61 -10.99
C THR B 541 0.99 2.69 -11.82
N ASP B 542 1.83 1.94 -11.11
CA ASP B 542 2.70 0.91 -11.70
C ASP B 542 1.95 -0.44 -11.71
N ALA B 543 1.57 -0.88 -10.50
CA ALA B 543 0.79 -2.10 -10.26
C ALA B 543 -0.37 -1.80 -9.27
N ASP B 544 -0.85 -2.85 -8.54
CA ASP B 544 -2.01 -2.75 -7.63
C ASP B 544 -1.75 -1.73 -6.48
N GLU B 545 -2.67 -0.74 -6.39
CA GLU B 545 -2.60 0.36 -5.39
C GLU B 545 -1.24 1.11 -5.52
N MET B 546 -0.78 1.22 -6.81
CA MET B 546 0.56 1.72 -7.18
C MET B 546 1.59 0.60 -6.95
N SER B 547 1.73 0.18 -5.69
CA SER B 547 2.78 -0.76 -5.28
C SER B 547 2.53 -1.33 -3.87
N THR B 548 1.28 -1.29 -3.39
CA THR B 548 0.96 -1.69 -2.01
C THR B 548 0.49 -3.16 -1.96
N GLN B 549 0.95 -3.99 -2.94
CA GLN B 549 0.66 -5.44 -3.01
C GLN B 549 1.61 -6.16 -4.01
N MET B 550 2.91 -6.34 -3.62
CA MET B 550 3.91 -7.16 -4.38
C MET B 550 5.28 -7.19 -3.63
N ALA B 551 6.19 -8.12 -4.05
CA ALA B 551 7.49 -8.38 -3.38
C ALA B 551 8.45 -7.17 -3.36
N LYS B 552 8.98 -6.78 -4.55
CA LYS B 552 9.87 -5.59 -4.72
C LYS B 552 9.16 -4.30 -4.26
N LEU B 553 7.86 -4.28 -4.52
CA LEU B 553 6.98 -3.14 -4.22
C LEU B 553 6.74 -2.96 -2.70
N PHE B 554 7.26 -3.88 -1.86
CA PHE B 554 7.33 -3.70 -0.39
C PHE B 554 8.79 -3.69 0.11
N ALA B 555 9.69 -4.31 -0.68
CA ALA B 555 11.13 -4.46 -0.32
C ALA B 555 11.95 -3.17 -0.62
N ALA B 556 11.25 -2.07 -0.96
CA ALA B 556 11.88 -0.77 -1.23
C ALA B 556 12.32 -0.07 0.08
N ALA B 557 11.36 0.29 0.97
CA ALA B 557 11.67 0.89 2.31
C ALA B 557 11.24 -0.03 3.45
N GLY B 558 9.96 -0.48 3.40
CA GLY B 558 9.39 -1.32 4.46
C GLY B 558 8.20 -0.68 5.16
N GLN B 559 8.11 0.67 5.13
CA GLN B 559 6.94 1.42 5.68
C GLN B 559 5.79 1.34 4.63
N LYS B 560 5.12 2.45 4.25
CA LYS B 560 4.08 2.42 3.20
C LYS B 560 4.73 2.53 1.80
N VAL B 561 6.07 2.34 1.74
CA VAL B 561 6.89 2.27 0.49
C VAL B 561 6.94 3.61 -0.31
N PRO B 562 8.17 4.06 -0.77
CA PRO B 562 8.34 5.30 -1.57
C PRO B 562 7.67 5.19 -2.95
N GLU B 563 7.59 3.95 -3.46
CA GLU B 563 6.91 3.64 -4.73
C GLU B 563 5.41 3.98 -4.64
N VAL B 564 4.78 3.63 -3.49
CA VAL B 564 3.33 3.84 -3.23
C VAL B 564 2.95 5.33 -3.26
N LYS B 565 3.95 6.22 -3.09
CA LYS B 565 3.76 7.65 -3.30
C LYS B 565 3.46 7.89 -4.80
N TYR B 566 2.19 8.21 -5.09
CA TYR B 566 1.63 8.28 -6.47
C TYR B 566 2.32 9.33 -7.35
N ILE B 567 2.35 9.06 -8.67
CA ILE B 567 2.93 9.99 -9.66
C ILE B 567 1.87 11.04 -10.04
N PHE B 568 2.10 12.27 -9.61
CA PHE B 568 1.12 13.37 -9.72
C PHE B 568 1.33 14.15 -11.03
N GLU B 569 0.44 13.89 -12.01
CA GLU B 569 0.50 14.52 -13.34
C GLU B 569 -0.73 15.43 -13.55
N LEU B 570 -0.48 16.75 -13.72
CA LEU B 570 -1.54 17.78 -13.89
C LEU B 570 -1.65 18.16 -15.37
N ASN B 571 -2.81 18.73 -15.77
CA ASN B 571 -2.96 19.37 -17.10
C ASN B 571 -2.73 20.89 -16.96
N PRO B 572 -1.60 21.46 -17.50
CA PRO B 572 -1.28 22.91 -17.38
C PRO B 572 -2.29 23.79 -18.14
N ASP B 573 -3.00 23.17 -19.08
CA ASP B 573 -4.00 23.84 -19.89
C ASP B 573 -5.29 24.11 -19.10
N HIS B 574 -5.61 23.24 -18.12
CA HIS B 574 -6.88 23.33 -17.38
C HIS B 574 -6.97 24.64 -16.59
N VAL B 575 -8.18 25.24 -16.55
CA VAL B 575 -8.44 26.60 -16.01
C VAL B 575 -8.02 26.73 -14.52
N LEU B 576 -8.17 25.63 -13.76
CA LEU B 576 -7.81 25.58 -12.34
C LEU B 576 -6.26 25.62 -12.15
N VAL B 577 -5.53 25.03 -13.11
CA VAL B 577 -4.05 25.01 -13.12
C VAL B 577 -3.50 26.34 -13.69
N LYS B 578 -4.30 27.01 -14.56
CA LYS B 578 -4.02 28.39 -15.00
C LYS B 578 -4.02 29.33 -13.79
N ARG B 579 -5.03 29.14 -12.92
CA ARG B 579 -5.21 29.93 -11.69
C ARG B 579 -4.15 29.54 -10.63
N ALA B 580 -3.69 28.27 -10.67
CA ALA B 580 -2.64 27.76 -9.77
C ALA B 580 -1.23 28.28 -10.16
N ALA B 581 -1.06 28.54 -11.47
CA ALA B 581 0.18 29.11 -12.03
C ALA B 581 0.17 30.64 -11.88
N ASP B 582 -1.05 31.21 -11.91
CA ASP B 582 -1.30 32.66 -11.72
C ASP B 582 -1.00 33.05 -10.26
N THR B 583 -1.12 32.08 -9.34
CA THR B 583 -0.82 32.28 -7.93
C THR B 583 0.70 32.27 -7.68
N GLU B 584 1.24 33.46 -7.33
CA GLU B 584 2.63 33.59 -6.86
C GLU B 584 2.69 33.47 -5.32
N ASP B 585 1.56 33.78 -4.64
CA ASP B 585 1.40 33.66 -3.17
C ASP B 585 1.75 32.24 -2.69
N GLU B 586 2.73 32.12 -1.76
CA GLU B 586 3.30 30.84 -1.29
C GLU B 586 2.21 29.84 -0.81
N ALA B 587 1.39 30.28 0.17
CA ALA B 587 0.42 29.40 0.85
C ALA B 587 -0.70 28.93 -0.10
N LYS B 588 -1.16 29.84 -0.99
CA LYS B 588 -2.24 29.53 -1.94
C LYS B 588 -1.71 28.71 -3.14
N PHE B 589 -0.44 28.95 -3.54
CA PHE B 589 0.25 28.21 -4.62
C PHE B 589 0.29 26.72 -4.29
N SER B 590 0.84 26.45 -3.10
CA SER B 590 0.97 25.10 -2.56
C SER B 590 -0.41 24.47 -2.35
N GLU B 591 -1.37 25.27 -1.86
CA GLU B 591 -2.75 24.83 -1.57
C GLU B 591 -3.47 24.31 -2.85
N TRP B 592 -3.28 25.03 -3.98
CA TRP B 592 -3.85 24.64 -5.28
C TRP B 592 -3.27 23.29 -5.74
N VAL B 593 -1.93 23.19 -5.70
CA VAL B 593 -1.21 21.99 -6.15
C VAL B 593 -1.60 20.76 -5.31
N GLU B 594 -1.57 20.93 -3.99
CA GLU B 594 -1.90 19.89 -3.02
C GLU B 594 -3.41 19.53 -3.05
N LEU B 595 -4.27 20.48 -3.53
CA LEU B 595 -5.72 20.22 -3.71
C LEU B 595 -5.88 19.14 -4.78
N LEU B 596 -5.31 19.40 -5.98
CA LEU B 596 -5.35 18.47 -7.12
C LEU B 596 -4.66 17.12 -6.78
N LEU B 597 -3.67 17.19 -5.86
CA LEU B 597 -2.94 16.01 -5.37
C LEU B 597 -3.87 15.06 -4.61
N ASP B 598 -4.42 15.55 -3.49
CA ASP B 598 -5.30 14.75 -2.61
C ASP B 598 -6.65 14.43 -3.30
N GLN B 599 -6.98 15.21 -4.34
CA GLN B 599 -8.16 14.99 -5.21
C GLN B 599 -7.99 13.67 -5.99
N ALA B 600 -6.89 13.58 -6.75
CA ALA B 600 -6.57 12.41 -7.59
C ALA B 600 -6.21 11.19 -6.73
N LEU B 601 -5.51 11.46 -5.62
CA LEU B 601 -5.05 10.44 -4.65
C LEU B 601 -6.28 9.72 -4.05
N LEU B 602 -7.28 10.50 -3.64
CA LEU B 602 -8.56 9.99 -3.09
C LEU B 602 -9.35 9.19 -4.15
N ALA B 603 -9.12 9.50 -5.45
CA ALA B 603 -9.80 8.81 -6.57
C ALA B 603 -9.20 7.41 -6.81
N GLU B 604 -7.94 7.22 -6.39
CA GLU B 604 -7.17 5.98 -6.67
C GLU B 604 -6.98 5.12 -5.40
N ARG B 605 -7.15 5.74 -4.22
CA ARG B 605 -6.97 5.08 -2.90
C ARG B 605 -8.35 4.87 -2.23
N GLY B 606 -9.26 5.83 -2.43
CA GLY B 606 -10.52 5.89 -1.67
C GLY B 606 -10.30 6.31 -0.22
N THR B 607 -9.06 6.74 0.08
CA THR B 607 -8.61 7.07 1.44
C THR B 607 -7.58 8.21 1.38
N LEU B 608 -7.65 9.14 2.35
CA LEU B 608 -6.65 10.21 2.51
C LEU B 608 -5.81 9.96 3.77
N GLU B 609 -4.56 10.44 3.74
CA GLU B 609 -3.60 10.28 4.85
C GLU B 609 -3.98 11.27 5.97
N ASP B 610 -4.12 12.54 5.59
CA ASP B 610 -4.59 13.63 6.47
C ASP B 610 -5.81 14.31 5.79
N PRO B 611 -7.06 13.82 6.10
CA PRO B 611 -8.31 14.26 5.41
C PRO B 611 -8.66 15.72 5.69
N ASN B 612 -8.50 16.12 6.96
CA ASN B 612 -8.91 17.42 7.50
C ASN B 612 -8.34 18.60 6.69
N LEU B 613 -7.10 18.44 6.19
CA LEU B 613 -6.41 19.46 5.39
C LEU B 613 -7.15 19.71 4.06
N PHE B 614 -7.43 18.63 3.33
CA PHE B 614 -8.11 18.68 2.02
C PHE B 614 -9.57 19.16 2.17
N ILE B 615 -10.21 18.76 3.27
CA ILE B 615 -11.59 19.17 3.60
C ILE B 615 -11.63 20.67 3.88
N ARG B 616 -10.67 21.17 4.68
CA ARG B 616 -10.56 22.60 5.04
C ARG B 616 -10.39 23.48 3.78
N ARG B 617 -9.67 22.94 2.77
CA ARG B 617 -9.47 23.63 1.48
C ARG B 617 -10.80 23.82 0.75
N MET B 618 -11.58 22.72 0.57
CA MET B 618 -12.87 22.79 -0.15
C MET B 618 -13.88 23.63 0.65
N ASN B 619 -13.81 23.55 1.99
CA ASN B 619 -14.69 24.32 2.89
C ASN B 619 -14.48 25.83 2.69
N GLN B 620 -13.21 26.25 2.68
CA GLN B 620 -12.82 27.67 2.58
C GLN B 620 -13.15 28.26 1.19
N LEU B 621 -12.80 27.51 0.13
CA LEU B 621 -12.95 27.97 -1.27
C LEU B 621 -14.43 27.96 -1.72
N LEU B 622 -15.25 27.11 -1.09
CA LEU B 622 -16.70 27.02 -1.39
C LEU B 622 -17.53 27.92 -0.44
N VAL B 623 -17.05 28.17 0.80
CA VAL B 623 -17.76 29.09 1.75
C VAL B 623 -17.58 30.54 1.28
N SER B 624 -16.49 30.74 0.51
CA SER B 624 -16.24 31.96 -0.25
C SER B 624 -16.80 31.77 -1.70
N MET C 1 8.64 35.30 19.18
CA MET C 1 7.48 36.20 19.42
C MET C 1 6.32 35.42 20.04
N ALA C 2 5.30 36.17 20.52
CA ALA C 2 4.08 35.62 21.12
C ALA C 2 2.94 36.63 20.95
N THR C 3 1.90 36.25 20.18
CA THR C 3 0.80 37.16 19.82
C THR C 3 -0.19 37.34 20.98
N SER C 4 0.11 38.36 21.83
CA SER C 4 -0.72 38.79 22.99
C SER C 4 -0.95 37.66 24.01
N THR C 5 -1.85 36.74 23.66
CA THR C 5 -2.14 35.51 24.40
C THR C 5 -0.86 34.65 24.47
N LEU C 6 -0.50 34.11 23.28
CA LEU C 6 0.62 33.18 23.06
C LEU C 6 0.45 32.54 21.68
N ILE C 7 -0.79 32.17 21.39
CA ILE C 7 -1.15 31.25 20.30
C ILE C 7 -1.57 32.00 19.03
N LYS C 8 -0.76 31.81 17.98
CA LYS C 8 -1.11 32.11 16.61
C LYS C 8 -1.99 30.97 16.06
N ALA C 9 -3.26 30.95 16.52
CA ALA C 9 -4.25 30.02 16.01
C ALA C 9 -4.68 30.46 14.60
N ILE C 10 -5.05 29.49 13.77
CA ILE C 10 -5.34 29.71 12.35
C ILE C 10 -6.65 28.96 11.98
N ASP C 11 -6.78 28.55 10.70
CA ASP C 11 -7.96 27.84 10.18
C ASP C 11 -8.26 26.55 10.94
N GLY C 12 -9.50 26.05 10.76
CA GLY C 12 -9.98 24.88 11.48
C GLY C 12 -11.00 24.09 10.70
N ASP C 13 -10.98 22.76 10.90
CA ASP C 13 -11.94 21.83 10.30
C ASP C 13 -12.16 20.66 11.28
N THR C 14 -11.26 19.65 11.25
CA THR C 14 -11.28 18.50 12.19
C THR C 14 -9.83 18.16 12.63
N VAL C 15 -9.69 17.19 13.56
CA VAL C 15 -8.40 16.78 14.15
C VAL C 15 -8.32 15.25 14.26
N LYS C 16 -7.09 14.71 14.11
CA LYS C 16 -6.78 13.27 14.28
C LYS C 16 -5.39 13.11 14.94
N LEU C 17 -5.22 12.07 15.78
CA LEU C 17 -3.92 11.73 16.39
C LEU C 17 -3.11 10.95 15.33
N MET C 18 -1.93 11.48 14.96
CA MET C 18 -1.04 10.89 13.94
C MET C 18 -0.40 9.56 14.45
N TYR C 19 -0.29 8.58 13.54
CA TYR C 19 0.29 7.25 13.81
C TYR C 19 0.42 6.44 12.50
N LYS C 20 1.54 5.69 12.38
CA LYS C 20 1.81 4.78 11.24
C LYS C 20 3.00 3.84 11.58
N GLY C 21 3.93 4.33 12.42
CA GLY C 21 5.13 3.60 12.83
C GLY C 21 5.16 3.27 14.33
N GLN C 22 5.69 2.07 14.66
CA GLN C 22 5.82 1.57 16.05
C GLN C 22 6.98 0.54 16.13
N PRO C 23 7.08 -0.50 15.20
CA PRO C 23 8.31 -1.33 15.10
C PRO C 23 9.36 -0.71 14.13
N MET C 24 10.54 -0.35 14.69
CA MET C 24 11.66 0.25 13.92
C MET C 24 12.98 0.14 14.74
N THR C 25 14.14 0.29 14.06
CA THR C 25 15.50 0.38 14.67
C THR C 25 15.86 -0.87 15.54
N PHE C 26 16.89 -0.74 16.41
CA PHE C 26 17.37 -1.79 17.34
C PHE C 26 17.16 -1.31 18.80
N ARG C 27 18.02 -1.72 19.77
CA ARG C 27 17.95 -1.24 21.17
C ARG C 27 19.36 -0.94 21.73
N LEU C 28 19.63 0.36 22.03
CA LEU C 28 20.89 0.83 22.64
C LEU C 28 20.79 2.36 22.87
N LEU C 29 20.62 2.79 24.14
CA LEU C 29 20.73 4.22 24.52
C LEU C 29 21.25 4.38 25.96
N LEU C 30 20.41 4.89 26.90
CA LEU C 30 20.87 5.30 28.24
C LEU C 30 20.93 4.10 29.22
N VAL C 31 19.86 3.93 30.06
CA VAL C 31 19.89 3.00 31.22
C VAL C 31 18.47 2.44 31.48
N ASP C 32 18.33 1.71 32.60
CA ASP C 32 17.05 1.11 33.04
C ASP C 32 16.38 1.99 34.10
N THR C 33 15.16 2.46 33.78
CA THR C 33 14.28 3.22 34.72
C THR C 33 12.85 3.37 34.07
N PRO C 34 12.21 2.24 33.63
CA PRO C 34 11.03 2.27 32.71
C PRO C 34 9.74 2.77 33.41
N GLU C 35 9.40 4.07 33.19
CA GLU C 35 8.15 4.67 33.66
C GLU C 35 7.99 6.09 33.09
N THR C 36 7.27 6.21 31.96
CA THR C 36 6.85 7.51 31.35
C THR C 36 5.48 7.32 30.68
N LYS C 37 4.72 6.31 31.14
CA LYS C 37 3.48 5.89 30.49
C LYS C 37 2.25 6.27 31.35
N HIS C 38 1.64 7.41 31.01
CA HIS C 38 0.45 7.95 31.70
C HIS C 38 -0.15 9.12 30.86
N PRO C 39 -1.07 8.81 29.88
CA PRO C 39 -1.71 9.85 29.02
C PRO C 39 -2.94 10.52 29.68
N LYS C 40 -3.65 11.36 28.92
CA LYS C 40 -4.88 12.04 29.36
C LYS C 40 -5.62 12.60 28.11
N LYS C 41 -6.92 12.91 28.29
CA LYS C 41 -7.77 13.49 27.22
C LYS C 41 -8.84 14.40 27.86
N GLY C 42 -9.51 15.20 27.03
CA GLY C 42 -10.58 16.09 27.49
C GLY C 42 -10.93 17.17 26.46
N VAL C 43 -12.22 17.52 26.39
CA VAL C 43 -12.73 18.56 25.48
C VAL C 43 -14.12 19.03 25.96
N GLU C 44 -14.28 20.36 26.11
CA GLU C 44 -15.54 20.99 26.54
C GLU C 44 -15.48 22.51 26.27
N LYS C 45 -15.56 22.88 24.97
CA LYS C 45 -15.75 24.27 24.49
C LYS C 45 -15.83 24.34 22.96
N TYR C 46 -16.61 25.30 22.46
CA TYR C 46 -16.82 25.55 21.02
C TYR C 46 -16.86 27.08 20.78
N GLY C 47 -16.22 27.54 19.68
CA GLY C 47 -16.13 28.97 19.34
C GLY C 47 -16.82 29.29 18.00
N PRO C 48 -17.07 30.61 17.68
CA PRO C 48 -17.71 31.05 16.41
C PRO C 48 -16.75 30.99 15.21
N GLU C 49 -17.21 31.50 14.04
CA GLU C 49 -16.42 31.50 12.80
C GLU C 49 -16.77 32.74 11.94
N ALA C 50 -15.78 33.24 11.17
CA ALA C 50 -15.93 34.42 10.33
C ALA C 50 -15.47 34.12 8.89
N SER C 51 -16.33 33.39 8.16
CA SER C 51 -16.09 33.03 6.75
C SER C 51 -17.44 33.06 5.99
N ALA C 52 -17.64 34.15 5.22
CA ALA C 52 -18.87 34.39 4.46
C ALA C 52 -18.60 35.28 3.24
N PHE C 53 -18.46 34.66 2.05
CA PHE C 53 -18.31 35.36 0.75
C PHE C 53 -19.05 34.58 -0.35
N THR C 54 -19.02 35.09 -1.59
CA THR C 54 -19.51 34.38 -2.78
C THR C 54 -18.68 34.79 -4.01
N LYS C 55 -17.80 33.89 -4.48
CA LYS C 55 -17.04 34.10 -5.75
C LYS C 55 -17.75 33.36 -6.90
N LYS C 56 -17.09 33.30 -8.07
CA LYS C 56 -17.65 32.66 -9.28
C LYS C 56 -16.73 31.54 -9.78
N MET C 57 -17.35 30.49 -10.34
CA MET C 57 -16.65 29.31 -10.86
C MET C 57 -16.72 29.28 -12.41
N VAL C 58 -16.00 28.33 -13.02
CA VAL C 58 -15.83 28.24 -14.49
C VAL C 58 -16.31 26.86 -15.00
N GLU C 59 -17.57 26.81 -15.48
CA GLU C 59 -18.32 25.57 -15.67
C GLU C 59 -17.66 24.60 -16.68
N ASN C 60 -17.56 23.32 -16.25
CA ASN C 60 -16.87 22.25 -16.98
C ASN C 60 -17.25 20.91 -16.31
N ALA C 61 -17.48 19.85 -17.11
CA ALA C 61 -17.86 18.50 -16.59
C ALA C 61 -16.69 17.82 -15.81
N LYS C 62 -16.86 16.53 -15.42
CA LYS C 62 -15.83 15.78 -14.64
C LYS C 62 -15.83 14.28 -15.02
N LYS C 63 -14.63 13.72 -15.28
CA LYS C 63 -14.45 12.28 -15.67
C LYS C 63 -14.14 11.39 -14.45
N ILE C 64 -14.46 10.08 -14.62
CA ILE C 64 -14.21 8.98 -13.63
C ILE C 64 -14.95 7.70 -14.18
N GLU C 65 -15.06 6.63 -13.36
CA GLU C 65 -15.98 5.51 -13.59
C GLU C 65 -17.42 6.05 -13.78
N VAL C 66 -18.08 5.72 -14.90
CA VAL C 66 -19.41 6.25 -15.26
C VAL C 66 -20.38 5.08 -15.63
N GLU C 67 -21.61 5.11 -15.04
CA GLU C 67 -22.78 4.20 -15.32
C GLU C 67 -24.08 4.98 -14.91
N PHE C 68 -25.27 4.69 -15.50
CA PHE C 68 -26.55 5.43 -15.17
C PHE C 68 -27.73 4.88 -16.02
N ASP C 69 -28.84 5.64 -16.14
CA ASP C 69 -30.05 5.21 -16.87
C ASP C 69 -30.46 6.20 -17.98
N LYS C 70 -31.61 5.87 -18.61
CA LYS C 70 -32.23 6.64 -19.69
C LYS C 70 -33.73 6.30 -19.71
N GLY C 71 -34.04 4.99 -19.91
CA GLY C 71 -35.42 4.49 -19.99
C GLY C 71 -35.76 4.07 -21.41
N GLN C 72 -35.44 2.81 -21.76
CA GLN C 72 -35.50 2.33 -23.17
C GLN C 72 -35.22 0.80 -23.25
N ARG C 73 -35.95 0.04 -24.12
CA ARG C 73 -35.65 -1.40 -24.35
C ARG C 73 -36.28 -1.93 -25.66
N THR C 74 -35.65 -3.02 -26.18
CA THR C 74 -36.01 -3.76 -27.43
C THR C 74 -34.95 -4.86 -27.66
N ASP C 75 -35.25 -5.89 -28.49
CA ASP C 75 -34.41 -7.12 -28.59
C ASP C 75 -34.31 -7.69 -30.02
N LYS C 76 -33.48 -8.76 -30.17
CA LYS C 76 -33.33 -9.56 -31.42
C LYS C 76 -33.17 -11.07 -31.10
N TYR C 77 -32.85 -11.86 -32.15
CA TYR C 77 -32.56 -13.30 -32.04
C TYR C 77 -31.73 -13.74 -33.28
N GLY C 78 -30.81 -14.70 -33.11
CA GLY C 78 -29.97 -15.22 -34.21
C GLY C 78 -28.53 -15.43 -33.76
N ARG C 79 -27.85 -16.44 -34.37
CA ARG C 79 -26.55 -17.02 -33.90
C ARG C 79 -26.75 -17.84 -32.60
N GLY C 80 -25.70 -18.57 -32.18
CA GLY C 80 -25.71 -19.33 -30.93
C GLY C 80 -24.87 -20.61 -31.03
N LEU C 81 -23.64 -20.57 -30.49
CA LEU C 81 -22.72 -21.72 -30.42
C LEU C 81 -21.60 -21.42 -29.40
N ALA C 82 -21.13 -22.46 -28.69
CA ALA C 82 -20.14 -22.29 -27.61
C ALA C 82 -19.22 -23.51 -27.47
N TYR C 83 -17.90 -23.24 -27.40
CA TYR C 83 -16.87 -24.18 -26.88
C TYR C 83 -15.56 -23.43 -26.66
N ILE C 84 -15.09 -23.38 -25.38
CA ILE C 84 -13.79 -22.78 -25.01
C ILE C 84 -13.14 -23.61 -23.87
N TYR C 85 -11.99 -23.09 -23.34
CA TYR C 85 -11.38 -23.54 -22.08
C TYR C 85 -10.37 -22.45 -21.64
N ALA C 86 -10.60 -21.80 -20.46
CA ALA C 86 -9.73 -20.69 -19.95
C ALA C 86 -8.25 -21.12 -19.88
N ASP C 87 -7.43 -20.59 -20.80
CA ASP C 87 -6.03 -21.01 -20.98
C ASP C 87 -5.15 -19.81 -21.30
N GLY C 88 -5.32 -19.26 -22.50
CA GLY C 88 -4.49 -18.14 -22.99
C GLY C 88 -4.30 -18.17 -24.49
N LYS C 89 -5.41 -18.24 -25.24
CA LYS C 89 -5.41 -18.20 -26.71
C LYS C 89 -5.81 -16.79 -27.18
N MET C 90 -6.88 -16.26 -26.58
CA MET C 90 -7.45 -14.94 -26.91
C MET C 90 -7.38 -14.04 -25.64
N VAL C 91 -6.50 -14.42 -24.66
CA VAL C 91 -6.13 -13.54 -23.54
C VAL C 91 -5.14 -12.46 -24.04
N ASN C 92 -5.67 -11.28 -24.44
CA ASN C 92 -4.83 -10.15 -24.92
C ASN C 92 -5.64 -8.84 -24.93
N GLU C 93 -4.95 -7.69 -25.07
CA GLU C 93 -5.56 -6.35 -25.06
C GLU C 93 -5.75 -5.78 -26.49
N ALA C 94 -6.81 -4.95 -26.67
CA ALA C 94 -7.04 -4.11 -27.87
C ALA C 94 -8.13 -3.04 -27.55
N LEU C 95 -9.42 -3.35 -27.81
CA LEU C 95 -10.60 -2.47 -27.51
C LEU C 95 -10.65 -1.21 -28.39
N VAL C 96 -11.85 -0.95 -29.00
CA VAL C 96 -12.16 0.28 -29.79
C VAL C 96 -11.35 0.34 -31.11
N ARG C 97 -11.90 1.03 -32.12
CA ARG C 97 -11.21 1.32 -33.38
C ARG C 97 -11.23 2.83 -33.60
N GLN C 98 -12.46 3.37 -33.77
CA GLN C 98 -12.71 4.81 -33.90
C GLN C 98 -14.22 5.03 -33.64
N GLY C 99 -14.60 6.18 -33.09
CA GLY C 99 -16.00 6.46 -32.80
C GLY C 99 -16.36 7.93 -32.86
N LEU C 100 -17.63 8.22 -32.52
CA LEU C 100 -18.23 9.54 -32.67
C LEU C 100 -18.08 10.37 -31.37
N ALA C 101 -18.97 10.09 -30.36
CA ALA C 101 -19.07 10.87 -29.09
C ALA C 101 -19.38 12.37 -29.33
N LYS C 102 -19.85 12.72 -30.54
CA LYS C 102 -20.15 14.11 -30.90
C LYS C 102 -21.56 14.44 -30.37
N VAL C 103 -21.63 14.75 -29.06
CA VAL C 103 -22.88 15.06 -28.36
C VAL C 103 -23.20 16.55 -28.52
N ALA C 104 -22.39 17.40 -27.88
CA ALA C 104 -22.57 18.86 -27.93
C ALA C 104 -21.22 19.56 -27.67
N TYR C 105 -21.12 20.80 -28.16
CA TYR C 105 -19.93 21.66 -27.99
C TYR C 105 -20.31 23.11 -28.31
N VAL C 106 -19.61 24.08 -27.73
CA VAL C 106 -19.81 25.51 -28.03
C VAL C 106 -18.59 26.03 -28.82
N TYR C 107 -18.77 26.23 -30.13
CA TYR C 107 -17.71 26.78 -31.00
C TYR C 107 -17.85 28.30 -31.06
N LYS C 108 -16.72 29.01 -30.91
CA LYS C 108 -16.63 30.48 -30.98
C LYS C 108 -15.77 30.89 -32.20
N PRO C 109 -16.39 31.30 -33.35
CA PRO C 109 -15.65 31.88 -34.48
C PRO C 109 -15.45 33.41 -34.33
N ASN C 110 -14.49 33.96 -35.11
CA ASN C 110 -14.22 35.41 -35.19
C ASN C 110 -13.44 35.72 -36.48
N ASN C 111 -13.90 36.72 -37.23
CA ASN C 111 -13.28 37.17 -38.50
C ASN C 111 -13.99 38.47 -38.96
N THR C 112 -13.22 39.41 -39.53
CA THR C 112 -13.77 40.72 -39.96
C THR C 112 -13.08 41.20 -41.25
N HIS C 113 -13.85 41.95 -42.06
CA HIS C 113 -13.40 42.57 -43.31
C HIS C 113 -14.32 43.73 -43.65
N GLU C 114 -13.74 44.92 -43.93
CA GLU C 114 -14.50 46.10 -44.36
C GLU C 114 -14.37 46.22 -45.88
N GLN C 115 -13.32 46.94 -46.34
CA GLN C 115 -12.90 47.08 -47.76
C GLN C 115 -14.01 47.65 -48.68
N HIS C 116 -13.62 48.62 -49.52
CA HIS C 116 -14.54 49.30 -50.45
C HIS C 116 -13.77 49.85 -51.65
N LEU C 117 -14.52 50.25 -52.68
CA LEU C 117 -13.97 50.85 -53.90
C LEU C 117 -15.04 51.68 -54.61
N ARG C 118 -14.59 52.51 -55.55
CA ARG C 118 -15.46 53.28 -56.44
C ARG C 118 -14.78 53.42 -57.81
N LYS C 119 -15.58 53.27 -58.88
CA LYS C 119 -15.11 53.33 -60.27
C LYS C 119 -16.34 53.40 -61.18
N SER C 120 -16.41 54.42 -62.04
CA SER C 120 -17.50 54.59 -63.02
C SER C 120 -16.97 55.13 -64.34
N GLU C 121 -17.56 54.67 -65.45
CA GLU C 121 -17.34 55.23 -66.79
C GLU C 121 -18.18 56.52 -66.98
N ALA C 122 -18.10 57.13 -68.16
CA ALA C 122 -18.97 58.24 -68.59
C ALA C 122 -19.54 57.96 -69.97
N GLN C 123 -20.72 58.53 -70.25
CA GLN C 123 -21.42 58.37 -71.54
C GLN C 123 -21.13 59.61 -72.41
N ALA C 124 -20.24 59.43 -73.40
CA ALA C 124 -19.89 60.49 -74.37
C ALA C 124 -20.65 60.24 -75.70
N LYS C 125 -21.66 61.07 -75.98
CA LYS C 125 -22.48 60.96 -77.21
C LYS C 125 -21.86 61.77 -78.37
N LYS C 126 -22.28 61.46 -79.62
CA LYS C 126 -21.82 62.16 -80.85
C LYS C 126 -22.89 63.14 -81.35
N GLU C 127 -22.46 64.26 -81.97
CA GLU C 127 -23.38 65.26 -82.57
C GLU C 127 -23.91 64.76 -83.93
N LYS C 128 -25.16 65.14 -84.25
CA LYS C 128 -25.85 64.80 -85.52
C LYS C 128 -26.11 66.09 -86.31
N LEU C 129 -26.17 65.97 -87.65
CA LEU C 129 -26.44 67.11 -88.55
C LEU C 129 -27.36 66.62 -89.68
N ASN C 130 -28.38 67.43 -90.03
CA ASN C 130 -29.33 67.12 -91.11
C ASN C 130 -29.44 68.35 -92.05
N ILE C 131 -29.88 68.11 -93.29
CA ILE C 131 -30.06 69.16 -94.31
C ILE C 131 -31.34 68.85 -95.13
N TRP C 132 -31.82 69.86 -95.90
CA TRP C 132 -33.06 69.79 -96.69
C TRP C 132 -33.09 68.53 -97.62
N MET A 1 33.34 49.12 25.59
CA MET A 1 32.63 49.82 24.51
C MET A 1 32.87 49.08 23.17
N LYS A 2 32.24 47.90 23.03
CA LYS A 2 32.29 47.09 21.81
C LYS A 2 30.86 46.98 21.23
N GLY A 3 30.06 46.05 21.78
CA GLY A 3 28.70 45.76 21.30
C GLY A 3 28.66 45.39 19.82
N GLN A 4 27.57 45.82 19.14
CA GLN A 4 27.42 45.79 17.66
C GLN A 4 27.60 44.36 17.09
N GLU A 5 26.54 43.54 17.18
CA GLU A 5 26.58 42.12 16.76
C GLU A 5 26.22 41.98 15.28
N THR A 6 27.22 42.13 14.40
CA THR A 6 27.09 41.83 12.98
C THR A 6 27.45 40.35 12.74
N ARG A 7 26.44 39.47 12.88
CA ARG A 7 26.61 38.01 12.79
C ARG A 7 25.70 37.43 11.69
N GLY A 8 26.24 36.44 10.95
CA GLY A 8 25.48 35.69 9.95
C GLY A 8 25.22 36.47 8.67
N PHE A 9 25.87 36.06 7.58
CA PHE A 9 25.69 36.67 6.24
C PHE A 9 25.98 35.63 5.15
N GLN A 10 25.27 35.75 4.00
CA GLN A 10 25.41 34.89 2.80
C GLN A 10 24.90 33.44 3.08
N SER A 11 24.15 32.89 2.11
CA SER A 11 23.43 31.62 2.28
C SER A 11 24.35 30.39 2.09
N GLU A 12 24.23 29.43 3.02
CA GLU A 12 24.87 28.10 2.92
C GLU A 12 24.20 27.29 1.81
N VAL A 13 24.76 27.35 0.61
CA VAL A 13 24.22 26.69 -0.59
C VAL A 13 25.13 25.53 -1.04
N LYS A 14 24.51 24.34 -1.26
CA LYS A 14 25.17 23.12 -1.79
C LYS A 14 26.36 22.65 -0.91
N GLN A 15 27.18 21.72 -1.44
CA GLN A 15 28.38 21.20 -0.75
C GLN A 15 29.58 22.12 -1.02
N LEU A 16 30.10 22.06 -2.27
CA LEU A 16 31.37 22.73 -2.68
C LEU A 16 31.31 24.26 -2.44
N LEU A 17 30.13 24.85 -2.67
CA LEU A 17 29.89 26.29 -2.49
C LEU A 17 29.94 26.64 -0.99
N HIS A 18 29.34 25.77 -0.15
CA HIS A 18 29.30 25.96 1.34
C HIS A 18 30.73 25.85 1.92
N LEU A 19 31.59 25.09 1.22
CA LEU A 19 33.01 24.97 1.56
C LEU A 19 33.73 26.29 1.29
N MET A 20 33.64 26.76 0.03
CA MET A 20 34.35 27.96 -0.47
C MET A 20 34.02 29.24 0.35
N ILE A 21 32.76 29.32 0.83
CA ILE A 21 32.27 30.47 1.64
C ILE A 21 33.11 30.64 2.92
N HIS A 22 33.33 29.54 3.66
CA HIS A 22 34.05 29.59 4.97
C HIS A 22 35.55 29.24 4.79
N SER A 23 35.95 28.79 3.58
CA SER A 23 37.37 28.65 3.21
C SER A 23 37.97 30.04 3.06
N LEU A 24 37.17 30.93 2.47
CA LEU A 24 37.48 32.35 2.33
C LEU A 24 37.31 33.04 3.71
N TYR A 25 36.06 32.96 4.21
CA TYR A 25 35.62 33.48 5.53
C TYR A 25 35.76 35.03 5.62
N SER A 26 36.11 35.69 4.47
CA SER A 26 36.38 37.14 4.37
C SER A 26 37.59 37.53 5.25
N ASN A 27 38.42 36.54 5.65
CA ASN A 27 39.44 36.72 6.69
C ASN A 27 40.80 36.16 6.24
N LYS A 28 40.74 35.08 5.41
CA LYS A 28 41.89 34.55 4.61
C LYS A 28 42.90 33.69 5.43
N GLU A 29 43.36 34.22 6.61
CA GLU A 29 44.44 33.60 7.45
C GLU A 29 44.11 32.17 7.94
N ILE A 30 42.83 31.77 7.77
CA ILE A 30 42.33 30.40 8.04
C ILE A 30 43.06 29.34 7.17
N PHE A 31 43.75 29.77 6.09
CA PHE A 31 44.54 28.88 5.21
C PHE A 31 45.67 28.19 6.01
N LEU A 32 46.31 28.95 6.92
CA LEU A 32 47.46 28.48 7.70
C LEU A 32 46.98 27.35 8.63
N ARG A 33 45.86 27.62 9.31
CA ARG A 33 45.14 26.65 10.15
C ARG A 33 44.85 25.36 9.38
N GLU A 34 44.29 25.52 8.17
CA GLU A 34 43.85 24.41 7.31
C GLU A 34 45.03 23.49 6.95
N LEU A 35 46.02 24.08 6.25
CA LEU A 35 47.19 23.36 5.71
C LEU A 35 47.91 22.53 6.78
N ILE A 36 48.19 23.18 7.93
CA ILE A 36 48.93 22.51 9.01
C ILE A 36 48.07 21.40 9.66
N SER A 37 46.75 21.63 9.80
CA SER A 37 45.81 20.60 10.32
C SER A 37 45.80 19.35 9.43
N ASN A 38 45.89 19.55 8.09
CA ASN A 38 45.99 18.46 7.11
C ASN A 38 47.35 17.72 7.26
N ALA A 39 48.40 18.49 7.62
CA ALA A 39 49.76 17.95 7.79
C ALA A 39 49.85 17.16 9.12
N SER A 40 49.01 17.57 10.08
CA SER A 40 48.90 16.94 11.40
C SER A 40 48.27 15.55 11.29
N ASP A 41 47.27 15.42 10.39
CA ASP A 41 46.60 14.12 10.10
C ASP A 41 47.47 13.26 9.17
N ALA A 42 48.33 13.93 8.36
CA ALA A 42 49.28 13.24 7.47
C ALA A 42 50.32 12.46 8.29
N ALA A 43 51.06 13.17 9.16
CA ALA A 43 52.07 12.56 10.03
C ALA A 43 51.44 11.54 11.01
N ASP A 44 50.20 11.82 11.41
CA ASP A 44 49.39 10.94 12.28
C ASP A 44 49.07 9.60 11.56
N LYS A 45 48.83 9.68 10.24
CA LYS A 45 48.61 8.50 9.38
C LYS A 45 49.88 7.62 9.34
N LEU A 46 51.06 8.25 9.38
CA LEU A 46 52.35 7.54 9.41
C LEU A 46 52.55 6.83 10.77
N ARG A 47 51.96 7.38 11.84
CA ARG A 47 51.94 6.71 13.16
C ARG A 47 51.19 5.36 13.04
N PHE A 48 50.08 5.35 12.28
CA PHE A 48 49.32 4.11 11.99
C PHE A 48 50.13 3.14 11.10
N ARG A 49 50.76 3.68 10.03
CA ARG A 49 51.57 2.87 9.10
C ARG A 49 52.77 2.24 9.81
N ALA A 50 53.28 2.96 10.83
CA ALA A 50 54.40 2.52 11.69
C ALA A 50 54.07 1.22 12.44
N LEU A 51 52.77 1.02 12.74
CA LEU A 51 52.30 -0.19 13.44
C LEU A 51 52.44 -1.43 12.55
N SER A 52 52.30 -1.23 11.23
CA SER A 52 52.37 -2.34 10.27
C SER A 52 53.79 -2.46 9.68
N ASN A 53 54.57 -1.36 9.78
CA ASN A 53 55.96 -1.24 9.28
C ASN A 53 56.59 0.03 9.91
N PRO A 54 57.37 -0.08 11.03
CA PRO A 54 58.03 1.10 11.66
C PRO A 54 59.19 1.66 10.80
N ASP A 55 59.72 0.81 9.91
CA ASP A 55 60.89 1.14 9.07
C ASP A 55 60.58 2.22 8.01
N LEU A 56 59.27 2.51 7.81
CA LEU A 56 58.79 3.59 6.90
C LEU A 56 59.26 4.99 7.35
N TYR A 57 59.76 5.09 8.60
CA TYR A 57 60.31 6.34 9.16
C TYR A 57 61.65 6.74 8.52
N GLU A 58 62.33 5.83 7.77
CA GLU A 58 63.50 6.16 6.90
C GLU A 58 64.52 7.15 7.53
N GLY A 59 64.79 6.97 8.84
CA GLY A 59 65.64 7.89 9.61
C GLY A 59 64.81 8.93 10.39
N ASP A 60 63.93 9.66 9.66
CA ASP A 60 63.03 10.68 10.24
C ASP A 60 61.94 10.04 11.12
N GLY A 61 62.22 9.87 12.41
CA GLY A 61 61.23 9.37 13.36
C GLY A 61 60.41 10.50 13.98
N GLU A 62 61.11 11.64 14.22
CA GLU A 62 60.49 12.91 14.65
C GLU A 62 59.68 13.50 13.48
N LEU A 63 58.36 13.34 13.57
CA LEU A 63 57.41 13.90 12.61
C LEU A 63 57.08 15.34 13.03
N ARG A 64 57.35 16.30 12.15
CA ARG A 64 57.08 17.72 12.42
C ARG A 64 56.84 18.47 11.11
N VAL A 65 56.16 19.62 11.21
CA VAL A 65 55.80 20.47 10.06
C VAL A 65 56.48 21.86 10.18
N ARG A 66 57.45 22.11 9.30
CA ARG A 66 58.23 23.35 9.28
C ARG A 66 57.61 24.36 8.30
N VAL A 67 57.22 25.51 8.84
CA VAL A 67 56.74 26.64 8.06
C VAL A 67 57.93 27.59 7.83
N SER A 68 58.21 27.87 6.57
CA SER A 68 59.33 28.71 6.11
C SER A 68 58.78 29.75 5.15
N PHE A 69 59.58 30.79 4.84
CA PHE A 69 59.16 31.83 3.88
C PHE A 69 60.37 32.57 3.30
N ASP A 70 60.21 33.02 2.05
CA ASP A 70 61.19 33.84 1.34
C ASP A 70 60.62 35.26 1.29
N LYS A 71 61.32 36.22 1.92
CA LYS A 71 60.84 37.61 2.06
C LYS A 71 60.83 38.35 0.70
N ASP A 72 61.71 37.94 -0.21
CA ASP A 72 61.88 38.59 -1.52
C ASP A 72 60.91 37.98 -2.54
N LYS A 73 60.89 36.65 -2.57
CA LYS A 73 60.11 35.84 -3.55
C LYS A 73 58.64 35.67 -3.11
N ARG A 74 58.38 35.99 -1.82
CA ARG A 74 57.03 35.91 -1.19
C ARG A 74 56.45 34.50 -1.23
N THR A 75 57.30 33.47 -1.07
CA THR A 75 56.82 32.07 -1.02
C THR A 75 56.82 31.56 0.42
N LEU A 76 55.65 31.07 0.87
CA LEU A 76 55.45 30.52 2.21
C LEU A 76 55.30 29.00 2.07
N THR A 77 56.29 28.24 2.59
CA THR A 77 56.38 26.79 2.39
C THR A 77 56.12 26.05 3.72
N ILE A 78 54.92 25.45 3.82
CA ILE A 78 54.51 24.64 4.98
C ILE A 78 54.72 23.16 4.58
N SER A 79 55.78 22.57 5.11
CA SER A 79 56.24 21.23 4.73
C SER A 79 56.36 20.32 5.97
N ASP A 80 55.54 19.26 6.01
CA ASP A 80 55.68 18.18 7.01
C ASP A 80 56.56 17.08 6.42
N ASN A 81 57.33 16.39 7.29
CA ASN A 81 58.11 15.20 6.91
C ASN A 81 57.31 13.92 7.28
N GLY A 82 55.97 14.04 7.34
CA GLY A 82 55.08 12.96 7.76
C GLY A 82 54.93 11.85 6.72
N VAL A 83 53.68 11.44 6.45
CA VAL A 83 53.42 10.31 5.55
C VAL A 83 53.68 10.69 4.07
N GLY A 84 53.34 11.93 3.72
CA GLY A 84 53.33 12.36 2.31
C GLY A 84 52.24 11.67 1.51
N MET A 85 52.39 11.61 0.18
CA MET A 85 51.39 10.96 -0.72
C MET A 85 52.08 10.27 -1.90
N THR A 86 51.45 9.19 -2.39
CA THR A 86 51.87 8.50 -3.63
C THR A 86 51.30 9.23 -4.85
N ARG A 87 51.64 8.74 -6.06
CA ARG A 87 51.10 9.25 -7.33
C ARG A 87 49.55 9.29 -7.32
N ASP A 88 48.96 8.22 -6.80
CA ASP A 88 47.50 8.01 -6.76
C ASP A 88 46.85 8.88 -5.69
N GLU A 89 47.50 8.95 -4.52
CA GLU A 89 47.03 9.76 -3.38
C GLU A 89 47.09 11.27 -3.66
N VAL A 90 47.82 11.67 -4.72
CA VAL A 90 47.78 13.03 -5.27
C VAL A 90 46.61 13.21 -6.27
N ILE A 91 46.56 12.37 -7.32
CA ILE A 91 45.62 12.57 -8.45
C ILE A 91 44.15 12.30 -8.03
N ASP A 92 43.92 11.16 -7.37
CA ASP A 92 42.57 10.73 -6.89
C ASP A 92 42.11 11.49 -5.63
N HIS A 93 42.89 12.49 -5.20
CA HIS A 93 42.64 13.26 -3.97
C HIS A 93 42.65 14.77 -4.27
N LEU A 94 43.83 15.35 -4.59
CA LEU A 94 43.97 16.78 -4.95
C LEU A 94 43.24 17.07 -6.27
N GLY A 95 43.41 16.15 -7.24
CA GLY A 95 42.78 16.28 -8.56
C GLY A 95 41.26 16.22 -8.50
N THR A 96 40.73 15.43 -7.55
CA THR A 96 39.27 15.29 -7.32
C THR A 96 38.72 16.50 -6.54
N ILE A 97 39.62 17.27 -5.90
CA ILE A 97 39.26 18.56 -5.26
C ILE A 97 39.16 19.65 -6.35
N ALA A 98 40.12 19.61 -7.28
CA ALA A 98 40.10 20.41 -8.51
C ALA A 98 39.14 19.77 -9.52
N LYS A 99 39.18 20.23 -10.78
CA LYS A 99 38.28 19.71 -11.81
C LYS A 99 38.83 18.42 -12.44
N SER A 100 38.06 17.34 -12.24
CA SER A 100 38.29 16.04 -12.91
C SER A 100 36.92 15.41 -13.25
N GLY A 101 35.94 15.58 -12.35
CA GLY A 101 34.60 15.02 -12.52
C GLY A 101 34.15 14.23 -11.31
N THR A 102 33.82 14.95 -10.21
CA THR A 102 33.33 14.34 -8.96
C THR A 102 31.89 14.77 -8.66
N LYS A 103 31.51 15.96 -9.18
CA LYS A 103 30.24 16.65 -8.86
C LYS A 103 30.13 16.92 -7.34
N SER A 104 29.73 15.89 -6.58
CA SER A 104 29.57 15.95 -5.11
C SER A 104 29.50 14.52 -4.52
N PHE A 105 28.85 13.61 -5.25
CA PHE A 105 28.60 12.23 -4.79
C PHE A 105 29.07 11.19 -5.84
N LEU A 106 29.59 11.70 -6.98
CA LEU A 106 29.84 11.01 -8.28
C LEU A 106 28.85 11.55 -9.32
N GLU A 107 29.39 11.92 -10.50
CA GLU A 107 28.60 12.53 -11.59
C GLU A 107 27.99 11.47 -12.55
N SER A 108 28.51 10.23 -12.50
CA SER A 108 28.03 9.13 -13.36
C SER A 108 26.83 8.41 -12.71
N LEU A 109 27.11 7.56 -11.71
CA LEU A 109 26.09 6.70 -11.05
C LEU A 109 25.56 7.38 -9.77
N GLY A 110 26.45 8.09 -9.06
CA GLY A 110 26.10 8.76 -7.80
C GLY A 110 26.17 7.82 -6.59
N SER A 111 27.27 7.03 -6.48
CA SER A 111 27.47 6.07 -5.36
C SER A 111 28.92 5.57 -5.29
N ASP A 112 29.51 5.25 -6.45
CA ASP A 112 30.85 4.63 -6.54
C ASP A 112 31.94 5.57 -5.96
N GLN A 113 31.93 6.82 -6.43
CA GLN A 113 32.88 7.86 -6.01
C GLN A 113 32.29 8.70 -4.85
N ALA A 114 31.27 8.14 -4.12
CA ALA A 114 30.54 8.84 -3.03
C ALA A 114 31.46 9.52 -2.00
N LYS A 115 32.66 8.93 -1.82
CA LYS A 115 33.65 9.40 -0.84
C LYS A 115 34.65 10.37 -1.49
N ASP A 116 34.11 11.33 -2.27
CA ASP A 116 34.89 12.46 -2.81
C ASP A 116 34.58 13.71 -1.97
N SER A 117 33.32 13.80 -1.49
CA SER A 117 32.82 14.94 -0.69
C SER A 117 33.57 15.10 0.65
N GLN A 118 34.07 13.98 1.19
CA GLN A 118 34.88 13.94 2.43
C GLN A 118 36.29 14.51 2.18
N LEU A 119 36.87 14.18 1.00
CA LEU A 119 38.22 14.62 0.60
C LEU A 119 38.24 16.13 0.38
N ILE A 120 37.18 16.64 -0.27
CA ILE A 120 37.01 18.08 -0.54
C ILE A 120 36.52 18.79 0.75
N GLY A 121 35.81 18.03 1.61
CA GLY A 121 35.27 18.55 2.88
C GLY A 121 36.33 19.07 3.85
N GLN A 122 37.50 18.38 3.88
CA GLN A 122 38.67 18.81 4.67
C GLN A 122 39.67 19.58 3.78
N PHE A 123 40.32 18.85 2.86
CA PHE A 123 41.49 19.34 2.09
C PHE A 123 41.09 20.37 1.02
N GLY A 124 39.81 20.33 0.60
CA GLY A 124 39.28 21.24 -0.40
C GLY A 124 39.14 22.67 0.10
N VAL A 125 38.96 22.77 1.43
CA VAL A 125 38.92 24.06 2.14
C VAL A 125 40.32 24.70 2.10
N GLY A 126 41.34 23.88 2.45
CA GLY A 126 42.75 24.29 2.38
C GLY A 126 43.22 24.66 0.99
N PHE A 127 42.68 23.95 -0.02
CA PHE A 127 42.93 24.22 -1.45
C PHE A 127 42.52 25.67 -1.79
N TYR A 128 41.23 25.98 -1.58
CA TYR A 128 40.63 27.27 -1.97
C TYR A 128 41.28 28.44 -1.22
N SER A 129 41.42 28.30 0.11
CA SER A 129 41.95 29.35 1.01
C SER A 129 43.43 29.67 0.67
N ALA A 130 44.19 28.62 0.29
CA ALA A 130 45.58 28.74 -0.15
C ALA A 130 45.68 29.62 -1.41
N PHE A 131 44.80 29.36 -2.39
CA PHE A 131 44.77 30.11 -3.68
C PHE A 131 44.10 31.51 -3.54
N ILE A 132 43.59 31.84 -2.34
CA ILE A 132 43.13 33.21 -2.05
C ILE A 132 44.35 34.08 -1.73
N VAL A 133 45.20 33.61 -0.81
CA VAL A 133 46.39 34.35 -0.35
C VAL A 133 47.58 34.15 -1.31
N ALA A 134 47.53 33.08 -2.12
CA ALA A 134 48.59 32.73 -3.08
C ALA A 134 48.08 32.80 -4.51
N ASP A 135 48.96 33.24 -5.41
CA ASP A 135 48.73 33.27 -6.84
C ASP A 135 48.83 31.86 -7.42
N LYS A 136 49.82 31.11 -6.91
CA LYS A 136 50.09 29.73 -7.34
C LYS A 136 50.57 28.91 -6.12
N VAL A 137 50.12 27.65 -6.01
CA VAL A 137 50.56 26.73 -4.96
C VAL A 137 51.26 25.52 -5.62
N THR A 138 52.57 25.43 -5.38
CA THR A 138 53.43 24.34 -5.85
C THR A 138 53.62 23.31 -4.72
N VAL A 139 53.04 22.11 -4.90
CA VAL A 139 53.11 21.01 -3.92
C VAL A 139 54.01 19.88 -4.45
N ARG A 140 55.07 19.56 -3.72
CA ARG A 140 55.90 18.35 -3.94
C ARG A 140 55.77 17.45 -2.72
N THR A 141 55.36 16.20 -2.90
CA THR A 141 55.11 15.26 -1.78
C THR A 141 55.82 13.92 -1.99
N ARG A 142 56.00 13.17 -0.89
CA ARG A 142 56.66 11.85 -0.91
C ARG A 142 56.08 10.91 0.16
N ALA A 143 55.55 9.76 -0.29
CA ALA A 143 55.00 8.71 0.58
C ALA A 143 56.11 8.02 1.40
N ALA A 144 55.77 7.66 2.64
CA ALA A 144 56.70 7.07 3.61
C ALA A 144 57.16 5.66 3.19
N GLY A 145 58.48 5.45 3.15
CA GLY A 145 59.07 4.17 2.74
C GLY A 145 58.97 3.90 1.24
N GLU A 146 58.31 4.82 0.50
CA GLU A 146 58.17 4.72 -0.96
C GLU A 146 59.38 5.44 -1.60
N LYS A 147 59.93 4.84 -2.66
CA LYS A 147 61.23 5.22 -3.25
C LYS A 147 61.21 6.71 -3.74
N PRO A 148 62.17 7.58 -3.27
CA PRO A 148 62.21 9.04 -3.59
C PRO A 148 62.13 9.38 -5.10
N GLU A 149 62.53 8.41 -5.95
CA GLU A 149 62.49 8.53 -7.42
C GLU A 149 61.06 8.80 -7.93
N ASN A 150 60.08 8.25 -7.20
CA ASN A 150 58.66 8.31 -7.55
C ASN A 150 57.93 9.40 -6.75
N GLY A 151 58.67 10.42 -6.25
CA GLY A 151 58.06 11.60 -5.62
C GLY A 151 57.13 12.31 -6.58
N VAL A 152 56.16 13.09 -6.09
CA VAL A 152 55.11 13.65 -6.95
C VAL A 152 55.14 15.18 -6.94
N PHE A 153 55.09 15.76 -8.14
CA PHE A 153 54.91 17.19 -8.37
C PHE A 153 53.43 17.44 -8.68
N TRP A 154 52.90 18.51 -8.10
CA TRP A 154 51.54 18.99 -8.34
C TRP A 154 51.58 20.52 -8.26
N GLU A 155 50.81 21.18 -9.11
CA GLU A 155 50.80 22.65 -9.21
C GLU A 155 49.60 23.11 -10.02
N SER A 156 49.00 24.23 -9.62
CA SER A 156 47.87 24.84 -10.33
C SER A 156 47.77 26.34 -10.02
N ALA A 157 46.90 27.04 -10.77
CA ALA A 157 46.55 28.44 -10.53
C ALA A 157 45.22 28.52 -9.73
N GLY A 158 44.68 27.34 -9.34
CA GLY A 158 43.50 27.25 -8.46
C GLY A 158 42.17 27.27 -9.19
N GLU A 159 42.24 27.29 -10.53
CA GLU A 159 41.06 27.20 -11.41
C GLU A 159 40.61 25.73 -11.56
N GLY A 160 39.87 25.44 -12.63
CA GLY A 160 39.50 24.06 -12.98
C GLY A 160 40.61 23.33 -13.74
N GLU A 161 41.87 23.51 -13.30
CA GLU A 161 43.06 22.91 -13.91
C GLU A 161 44.04 22.46 -12.82
N TYR A 162 44.97 21.56 -13.20
CA TYR A 162 46.11 21.16 -12.38
C TYR A 162 47.13 20.39 -13.23
N THR A 163 48.40 20.68 -13.02
CA THR A 163 49.53 19.91 -13.55
C THR A 163 50.01 18.93 -12.46
N VAL A 164 50.10 17.64 -12.81
CA VAL A 164 50.62 16.58 -11.93
C VAL A 164 51.57 15.68 -12.74
N ALA A 165 52.80 15.47 -12.22
CA ALA A 165 53.82 14.62 -12.84
C ALA A 165 54.78 14.13 -11.76
N ASP A 166 55.16 12.85 -11.79
CA ASP A 166 56.06 12.27 -10.77
C ASP A 166 57.54 12.58 -11.11
N ILE A 167 58.24 13.12 -10.11
CA ILE A 167 59.64 13.54 -10.20
C ILE A 167 60.46 12.88 -9.08
N THR A 168 61.75 13.22 -8.99
CA THR A 168 62.61 12.77 -7.90
C THR A 168 62.58 13.79 -6.75
N LYS A 169 61.88 13.45 -5.65
CA LYS A 169 61.91 14.22 -4.40
C LYS A 169 62.57 13.34 -3.33
N GLU A 170 63.77 13.75 -2.90
CA GLU A 170 64.63 12.95 -2.01
C GLU A 170 64.10 12.92 -0.56
N ASP A 171 63.68 14.10 -0.05
CA ASP A 171 63.12 14.20 1.31
C ASP A 171 61.65 13.72 1.33
N ARG A 172 61.18 13.33 2.50
CA ARG A 172 59.86 12.72 2.68
C ARG A 172 58.83 13.76 3.16
N GLY A 173 57.53 13.43 2.98
CA GLY A 173 56.42 14.25 3.48
C GLY A 173 55.86 15.17 2.43
N THR A 174 54.97 16.08 2.85
CA THR A 174 54.24 16.96 1.92
C THR A 174 54.74 18.40 2.05
N GLU A 175 55.19 18.97 0.92
CA GLU A 175 55.79 20.31 0.84
C GLU A 175 54.84 21.22 0.04
N ILE A 176 54.15 22.14 0.74
CA ILE A 176 53.15 23.04 0.13
C ILE A 176 53.73 24.47 0.08
N THR A 177 54.10 24.93 -1.13
CA THR A 177 54.74 26.24 -1.37
C THR A 177 53.73 27.22 -1.99
N LEU A 178 53.35 28.24 -1.22
CA LEU A 178 52.37 29.25 -1.62
C LEU A 178 53.10 30.53 -2.07
N HIS A 179 53.10 30.82 -3.38
CA HIS A 179 53.59 32.11 -3.87
C HIS A 179 52.54 33.17 -3.56
N LEU A 180 52.71 33.85 -2.42
CA LEU A 180 51.81 34.92 -1.94
C LEU A 180 51.72 36.06 -2.94
N ARG A 181 50.52 36.63 -3.06
CA ARG A 181 50.19 37.69 -4.03
C ARG A 181 50.69 39.05 -3.51
N GLU A 182 50.76 40.06 -4.39
CA GLU A 182 51.02 41.45 -3.95
C GLU A 182 49.88 41.93 -3.04
N GLY A 183 50.27 42.65 -2.00
CA GLY A 183 49.35 43.06 -0.92
C GLY A 183 49.28 42.04 0.21
N GLU A 184 49.66 40.77 -0.06
CA GLU A 184 49.66 39.68 0.96
C GLU A 184 50.99 39.67 1.75
N ASP A 185 51.54 40.89 1.97
CA ASP A 185 52.78 41.10 2.75
C ASP A 185 52.53 40.85 4.25
N GLU A 186 51.24 40.96 4.63
CA GLU A 186 50.74 40.62 5.99
C GLU A 186 51.04 39.13 6.31
N PHE A 187 50.87 38.27 5.29
CA PHE A 187 51.10 36.81 5.41
C PHE A 187 52.57 36.47 5.10
N LEU A 188 53.35 37.49 4.72
CA LEU A 188 54.81 37.37 4.48
C LEU A 188 55.56 37.89 5.73
N ASP A 189 54.83 38.62 6.59
CA ASP A 189 55.38 39.23 7.80
C ASP A 189 55.67 38.15 8.87
N ASP A 190 56.84 38.25 9.51
CA ASP A 190 57.38 37.20 10.38
C ASP A 190 56.52 36.95 11.64
N TRP A 191 56.38 37.99 12.51
CA TRP A 191 55.68 37.82 13.81
C TRP A 191 54.21 37.46 13.56
N ARG A 192 53.63 38.02 12.45
CA ARG A 192 52.21 37.80 12.06
C ARG A 192 51.99 36.30 11.84
N VAL A 193 52.83 35.71 10.95
CA VAL A 193 52.77 34.26 10.64
C VAL A 193 52.95 33.44 11.90
N ARG A 194 54.01 33.75 12.67
CA ARG A 194 54.38 33.02 13.92
C ARG A 194 53.26 33.07 14.97
N SER A 195 52.54 34.20 15.01
CA SER A 195 51.43 34.42 15.96
C SER A 195 50.24 33.52 15.59
N ILE A 196 50.01 33.38 14.28
CA ILE A 196 48.94 32.52 13.73
C ILE A 196 49.33 31.03 13.82
N ILE A 197 50.67 30.74 13.82
CA ILE A 197 51.19 29.39 14.06
C ILE A 197 50.74 28.94 15.46
N SER A 198 51.19 29.67 16.51
CA SER A 198 50.90 29.37 17.93
C SER A 198 49.38 29.26 18.18
N LYS A 199 48.64 30.21 17.57
CA LYS A 199 47.18 30.38 17.73
C LYS A 199 46.41 29.08 17.42
N TYR A 200 46.99 28.25 16.52
CA TYR A 200 46.39 26.99 16.08
C TYR A 200 47.25 25.78 16.48
N SER A 201 48.55 26.02 16.74
CA SER A 201 49.52 24.94 17.00
C SER A 201 49.18 24.23 18.31
N ASP A 202 48.59 24.99 19.26
CA ASP A 202 48.16 24.44 20.56
C ASP A 202 47.05 23.37 20.44
N HIS A 203 46.27 23.40 19.33
CA HIS A 203 45.27 22.34 19.07
C HIS A 203 45.87 21.19 18.25
N ILE A 204 47.12 21.33 17.83
CA ILE A 204 47.80 20.39 16.92
C ILE A 204 48.77 19.50 17.71
N ALA A 205 48.66 18.17 17.50
CA ALA A 205 49.49 17.15 18.16
C ALA A 205 50.76 16.85 17.32
N LEU A 206 51.20 17.84 16.53
CA LEU A 206 52.34 17.72 15.63
C LEU A 206 53.22 18.96 15.81
N PRO A 207 54.55 18.80 16.18
CA PRO A 207 55.46 19.93 16.40
C PRO A 207 55.55 20.86 15.17
N VAL A 208 54.85 22.00 15.22
CA VAL A 208 54.88 23.00 14.16
C VAL A 208 56.06 23.95 14.42
N GLU A 209 57.08 23.85 13.56
CA GLU A 209 58.28 24.70 13.63
C GLU A 209 58.15 25.87 12.65
N ILE A 210 59.02 26.87 12.83
CA ILE A 210 59.13 28.01 11.92
C ILE A 210 60.60 28.20 11.55
N GLU A 211 60.84 28.86 10.41
CA GLU A 211 62.20 29.18 9.98
C GLU A 211 62.74 30.36 10.80
N LYS A 212 63.53 30.01 11.82
CA LYS A 212 64.29 30.97 12.60
C LYS A 212 65.72 30.97 12.05
N ARG A 213 65.96 31.77 11.00
CA ARG A 213 67.30 31.90 10.42
C ARG A 213 67.86 33.30 10.74
N GLU A 214 69.15 33.33 11.10
CA GLU A 214 69.91 34.55 11.29
C GLU A 214 70.83 34.70 10.07
N GLU A 215 70.35 35.47 9.08
CA GLU A 215 71.06 35.70 7.82
C GLU A 215 72.18 36.73 8.04
N LYS A 216 73.27 36.23 8.63
CA LYS A 216 74.45 37.02 8.99
C LYS A 216 75.49 36.91 7.87
N ASP A 217 76.43 37.89 7.82
CA ASP A 217 77.45 37.99 6.75
C ASP A 217 78.37 36.75 6.80
N GLY A 218 78.16 35.84 5.81
CA GLY A 218 78.88 34.57 5.73
C GLY A 218 78.20 33.45 6.53
N GLU A 219 77.42 33.83 7.56
CA GLU A 219 76.78 32.89 8.50
C GLU A 219 75.27 32.89 8.30
N THR A 220 74.78 32.10 7.33
CA THR A 220 73.33 31.84 7.20
C THR A 220 72.96 30.78 8.27
N VAL A 221 72.78 31.25 9.52
CA VAL A 221 72.55 30.37 10.66
C VAL A 221 71.09 29.94 10.63
N ILE A 222 70.82 28.65 10.38
CA ILE A 222 69.45 28.12 10.22
C ILE A 222 69.08 27.30 11.44
N SER A 223 67.97 27.66 12.07
CA SER A 223 67.36 26.89 13.15
C SER A 223 65.84 26.85 12.92
N TRP A 224 65.21 25.81 13.48
CA TRP A 224 63.77 25.62 13.38
C TRP A 224 63.19 25.73 14.80
N GLU A 225 62.47 26.83 15.02
CA GLU A 225 61.91 27.17 16.33
C GLU A 225 60.49 26.62 16.38
N LYS A 226 60.27 25.59 17.23
CA LYS A 226 58.97 24.94 17.33
C LYS A 226 58.06 25.78 18.22
N ILE A 227 57.06 26.39 17.60
CA ILE A 227 56.11 27.29 18.25
C ILE A 227 55.01 26.48 18.95
N ASN A 228 54.87 25.21 18.54
CA ASN A 228 53.95 24.25 19.15
C ASN A 228 54.61 23.63 20.37
N LYS A 229 53.90 23.67 21.52
CA LYS A 229 54.34 23.01 22.78
C LYS A 229 54.44 21.47 22.59
N ALA A 230 53.71 20.95 21.58
CA ALA A 230 53.82 19.59 21.06
C ALA A 230 53.38 18.55 22.08
N GLN A 231 52.06 18.42 22.19
CA GLN A 231 51.41 17.44 23.07
C GLN A 231 50.04 17.08 22.48
N ALA A 232 49.70 15.78 22.54
CA ALA A 232 48.40 15.24 22.15
C ALA A 232 47.29 15.91 22.96
N LEU A 233 46.42 16.71 22.31
CA LEU A 233 45.43 17.60 23.00
C LEU A 233 44.49 16.80 23.93
N TRP A 234 44.06 15.61 23.48
CA TRP A 234 43.18 14.74 24.28
C TRP A 234 43.89 14.30 25.59
N THR A 235 45.19 14.03 25.49
CA THR A 235 46.04 13.66 26.65
C THR A 235 46.45 14.93 27.46
N ARG A 236 46.48 16.08 26.76
CA ARG A 236 46.97 17.36 27.29
C ARG A 236 46.02 17.92 28.36
N ASN A 237 46.57 18.77 29.25
CA ASN A 237 45.81 19.37 30.34
C ASN A 237 44.74 20.33 29.82
N LYS A 238 43.50 20.09 30.27
CA LYS A 238 42.33 20.90 29.89
C LYS A 238 42.37 22.31 30.53
N SER A 239 43.30 22.47 31.49
CA SER A 239 43.62 23.77 32.10
C SER A 239 44.38 24.67 31.10
N GLU A 240 45.24 24.04 30.26
CA GLU A 240 46.01 24.77 29.24
C GLU A 240 45.19 24.94 27.95
N ILE A 241 44.26 24.00 27.72
CA ILE A 241 43.41 24.03 26.53
C ILE A 241 42.26 25.02 26.73
N THR A 242 42.36 26.20 26.07
CA THR A 242 41.32 27.23 26.12
C THR A 242 40.09 26.79 25.29
N ASP A 243 38.99 27.54 25.42
CA ASP A 243 37.71 27.24 24.74
C ASP A 243 37.90 27.17 23.21
N GLU A 244 38.73 28.09 22.67
CA GLU A 244 39.04 28.18 21.23
C GLU A 244 39.69 26.89 20.73
N GLU A 245 40.66 26.36 21.50
CA GLU A 245 41.42 25.16 21.14
C GLU A 245 40.51 23.92 21.02
N TYR A 246 39.42 23.87 21.81
CA TYR A 246 38.38 22.83 21.67
C TYR A 246 37.60 23.03 20.38
N LYS A 247 37.12 24.26 20.18
CA LYS A 247 36.30 24.66 19.00
C LYS A 247 37.06 24.45 17.68
N GLU A 248 38.39 24.50 17.77
CA GLU A 248 39.31 24.42 16.64
C GLU A 248 39.84 22.97 16.48
N PHE A 249 40.00 22.25 17.61
CA PHE A 249 40.40 20.83 17.60
C PHE A 249 39.32 19.98 16.93
N TYR A 250 38.04 20.33 17.22
CA TYR A 250 36.86 19.78 16.55
C TYR A 250 37.07 19.73 15.02
N LYS A 251 37.44 20.89 14.46
CA LYS A 251 37.60 21.08 13.01
C LYS A 251 38.68 20.13 12.45
N HIS A 252 39.73 19.91 13.26
CA HIS A 252 40.85 19.04 12.88
C HIS A 252 40.41 17.54 12.84
N ILE A 253 40.01 17.02 14.02
CA ILE A 253 39.78 15.56 14.22
C ILE A 253 38.47 15.07 13.57
N ALA A 254 37.52 15.99 13.33
CA ALA A 254 36.24 15.66 12.67
C ALA A 254 36.35 15.84 11.14
N HIS A 255 37.48 16.43 10.69
CA HIS A 255 37.73 16.77 9.28
C HIS A 255 36.62 17.68 8.73
N ASP A 256 36.48 18.79 9.42
CA ASP A 256 35.47 19.81 9.19
C ASP A 256 36.14 21.19 9.42
N PHE A 257 35.38 22.27 9.47
CA PHE A 257 35.90 23.64 9.66
C PHE A 257 34.84 24.61 10.21
N ASN A 258 33.63 24.09 10.46
CA ASN A 258 32.54 24.86 11.07
C ASN A 258 32.73 24.92 12.59
N ASP A 259 31.91 25.76 13.25
CA ASP A 259 31.95 25.90 14.71
C ASP A 259 31.18 24.73 15.35
N PRO A 260 31.63 24.18 16.52
CA PRO A 260 30.86 23.18 17.28
C PRO A 260 29.85 23.83 18.26
N LEU A 261 28.79 23.09 18.57
CA LEU A 261 27.81 23.47 19.59
C LEU A 261 28.40 23.31 21.00
N THR A 262 28.95 22.11 21.30
CA THR A 262 29.52 21.78 22.63
C THR A 262 30.54 20.63 22.51
N TRP A 263 31.15 20.26 23.67
CA TRP A 263 32.17 19.20 23.75
C TRP A 263 32.13 18.48 25.12
N SER A 264 32.93 17.41 25.23
CA SER A 264 33.08 16.61 26.45
C SER A 264 34.52 16.05 26.48
N HIS A 265 35.39 16.65 27.32
CA HIS A 265 36.80 16.22 27.46
C HIS A 265 36.97 15.53 28.81
N ASN A 266 36.88 14.20 28.77
CA ASN A 266 37.00 13.36 29.97
C ASN A 266 37.93 12.18 29.68
N ARG A 267 38.61 11.69 30.72
CA ARG A 267 39.48 10.51 30.64
C ARG A 267 39.07 9.51 31.74
N VAL A 268 39.12 8.24 31.38
CA VAL A 268 38.79 7.10 32.24
C VAL A 268 40.05 6.25 32.39
N GLU A 269 40.30 5.76 33.62
CA GLU A 269 41.52 5.00 33.96
C GLU A 269 41.16 3.75 34.75
N GLY A 270 42.18 2.92 35.04
CA GLY A 270 42.01 1.65 35.73
C GLY A 270 42.31 0.47 34.82
N LYS A 271 41.31 -0.40 34.59
CA LYS A 271 41.41 -1.51 33.63
C LYS A 271 41.20 -0.94 32.22
N GLN A 272 39.95 -0.51 31.94
CA GLN A 272 39.61 0.17 30.69
C GLN A 272 40.03 1.64 30.77
N GLU A 273 41.32 1.88 30.50
CA GLU A 273 41.86 3.23 30.41
C GLU A 273 41.68 3.72 28.98
N TYR A 274 40.94 4.81 28.83
CA TYR A 274 40.71 5.46 27.54
C TYR A 274 40.42 6.95 27.76
N THR A 275 40.98 7.79 26.89
CA THR A 275 40.72 9.23 26.88
C THR A 275 39.64 9.55 25.83
N SER A 276 38.46 9.97 26.28
CA SER A 276 37.31 10.25 25.40
C SER A 276 37.10 11.76 25.26
N LEU A 277 37.17 12.25 24.01
CA LEU A 277 36.95 13.67 23.70
C LEU A 277 35.96 13.77 22.53
N LEU A 278 34.69 14.02 22.88
CA LEU A 278 33.58 14.09 21.93
C LEU A 278 33.23 15.55 21.64
N TYR A 279 32.60 15.78 20.48
CA TYR A 279 32.11 17.10 20.04
C TYR A 279 30.73 16.95 19.38
N ILE A 280 30.00 18.08 19.29
CA ILE A 280 28.71 18.16 18.60
C ILE A 280 28.81 19.27 17.51
N PRO A 281 28.53 18.94 16.20
CA PRO A 281 28.54 19.94 15.08
C PRO A 281 27.37 20.94 15.14
N SER A 282 27.57 22.18 14.65
CA SER A 282 26.48 23.19 14.52
C SER A 282 25.58 22.92 13.31
N GLN A 283 26.13 22.22 12.31
CA GLN A 283 25.41 21.85 11.08
C GLN A 283 25.48 20.35 10.87
N ALA A 284 24.43 19.80 10.26
CA ALA A 284 24.36 18.37 9.96
C ALA A 284 25.20 18.07 8.71
N PRO A 285 26.15 17.08 8.76
CA PRO A 285 26.89 16.63 7.56
C PRO A 285 25.94 16.02 6.53
N TRP A 286 26.38 15.97 5.26
CA TRP A 286 25.56 15.45 4.15
C TRP A 286 25.19 13.98 4.39
N ASP A 287 26.14 13.26 5.03
CA ASP A 287 26.04 11.82 5.29
C ASP A 287 25.11 11.46 6.46
N MET A 288 24.43 12.47 7.05
CA MET A 288 23.46 12.29 8.15
C MET A 288 22.31 11.33 7.72
N TRP A 289 21.95 11.40 6.42
CA TRP A 289 20.88 10.58 5.82
C TRP A 289 21.41 9.78 4.62
N ASN A 290 22.73 9.52 4.63
CA ASN A 290 23.41 8.71 3.60
C ASN A 290 23.81 7.35 4.18
N ARG A 291 24.09 6.38 3.29
CA ARG A 291 24.51 5.03 3.66
C ARG A 291 25.99 5.02 4.13
N ASP A 292 26.77 6.06 3.77
CA ASP A 292 28.18 6.17 4.18
C ASP A 292 28.28 7.06 5.43
N HIS A 293 29.42 6.95 6.14
CA HIS A 293 29.64 7.65 7.41
C HIS A 293 30.30 9.02 7.22
N LYS A 294 29.93 9.94 8.10
CA LYS A 294 30.76 11.12 8.42
C LYS A 294 30.90 11.20 9.95
N HIS A 295 29.92 10.64 10.67
CA HIS A 295 29.97 10.51 12.13
C HIS A 295 30.99 9.44 12.55
N GLY A 296 31.37 9.49 13.81
CA GLY A 296 32.34 8.55 14.38
C GLY A 296 33.45 9.29 15.08
N LEU A 297 34.50 8.56 15.42
CA LEU A 297 35.63 9.08 16.19
C LEU A 297 36.94 8.74 15.47
N LYS A 298 37.99 9.56 15.68
CA LYS A 298 39.36 9.14 15.34
C LYS A 298 39.80 8.13 16.40
N LEU A 299 39.85 6.87 15.99
CA LEU A 299 40.31 5.80 16.86
C LEU A 299 41.83 5.88 17.01
N TYR A 300 42.24 6.27 18.21
CA TYR A 300 43.60 6.11 18.70
C TYR A 300 43.59 4.93 19.69
N VAL A 301 44.62 4.08 19.62
CA VAL A 301 44.86 3.03 20.61
C VAL A 301 46.31 3.14 21.09
N GLN A 302 46.49 3.22 22.42
CA GLN A 302 47.81 3.18 23.10
C GLN A 302 48.68 4.39 22.69
N ARG A 303 47.98 5.49 22.35
CA ARG A 303 48.55 6.80 21.97
C ARG A 303 49.06 6.82 20.52
N VAL A 304 48.55 5.89 19.70
CA VAL A 304 48.88 5.81 18.26
C VAL A 304 47.57 5.80 17.44
N PHE A 305 47.60 6.44 16.26
CA PHE A 305 46.47 6.48 15.32
C PHE A 305 46.13 5.08 14.76
N ILE A 306 44.83 4.82 14.53
CA ILE A 306 44.34 3.59 13.88
C ILE A 306 43.51 3.96 12.64
N MET A 307 42.37 4.65 12.85
CA MET A 307 41.41 4.96 11.75
C MET A 307 40.56 6.19 12.08
N ASP A 308 39.99 6.82 11.04
CA ASP A 308 39.11 8.00 11.16
C ASP A 308 37.69 7.63 10.68
N ASP A 309 36.67 8.39 11.15
CA ASP A 309 35.22 8.11 10.90
C ASP A 309 34.79 6.77 11.53
N ALA A 310 35.47 6.37 12.62
CA ALA A 310 35.17 5.10 13.30
C ALA A 310 33.84 5.21 14.06
N GLU A 311 32.75 4.88 13.35
CA GLU A 311 31.37 4.94 13.88
C GLU A 311 31.04 3.70 14.73
N GLN A 312 32.04 2.83 14.93
CA GLN A 312 31.91 1.61 15.74
C GLN A 312 31.81 1.91 17.25
N PHE A 313 31.98 3.19 17.63
CA PHE A 313 31.85 3.65 19.03
C PHE A 313 30.49 4.32 19.27
N MET A 314 29.82 4.76 18.19
CA MET A 314 28.46 5.33 18.27
C MET A 314 27.51 4.54 17.37
N PRO A 315 26.44 3.92 17.93
CA PRO A 315 25.37 3.27 17.12
C PRO A 315 24.66 4.29 16.19
N ASN A 316 23.80 3.78 15.29
CA ASN A 316 23.20 4.59 14.20
C ASN A 316 22.35 5.77 14.75
N TYR A 317 21.83 5.63 15.97
CA TYR A 317 20.96 6.65 16.62
C TYR A 317 21.79 7.82 17.16
N LEU A 318 23.10 7.60 17.33
CA LEU A 318 24.06 8.64 17.76
C LEU A 318 24.90 9.12 16.56
N ARG A 319 24.27 9.16 15.35
CA ARG A 319 24.98 9.53 14.10
C ARG A 319 25.23 11.06 13.98
N PHE A 320 24.93 11.80 15.06
CA PHE A 320 25.23 13.24 15.16
C PHE A 320 26.56 13.50 15.90
N VAL A 321 27.07 12.48 16.63
CA VAL A 321 28.29 12.62 17.45
C VAL A 321 29.54 12.44 16.57
N ARG A 322 30.51 13.35 16.75
CA ARG A 322 31.79 13.32 16.03
C ARG A 322 32.90 13.80 16.99
N GLY A 323 34.07 13.15 16.94
CA GLY A 323 35.19 13.51 17.81
C GLY A 323 36.34 12.52 17.67
N LEU A 324 36.87 12.04 18.81
CA LEU A 324 37.95 11.04 18.88
C LEU A 324 37.93 10.31 20.23
N ILE A 325 38.66 9.19 20.28
CA ILE A 325 38.84 8.40 21.50
C ILE A 325 40.18 7.64 21.41
N ASP A 326 41.02 7.86 22.42
CA ASP A 326 42.25 7.09 22.63
C ASP A 326 41.96 5.99 23.63
N SER A 327 42.39 4.75 23.36
CA SER A 327 42.18 3.62 24.27
C SER A 327 43.50 2.88 24.52
N SER A 328 43.96 2.89 25.77
CA SER A 328 45.19 2.19 26.19
C SER A 328 44.89 0.69 26.44
N ASP A 329 43.60 0.38 26.65
CA ASP A 329 43.13 -0.97 27.04
C ASP A 329 42.92 -1.88 25.82
N LEU A 330 42.37 -1.31 24.73
CA LEU A 330 42.05 -2.05 23.49
C LEU A 330 43.35 -2.53 22.78
N PRO A 331 43.29 -3.61 21.92
CA PRO A 331 44.45 -4.10 21.14
C PRO A 331 44.94 -3.04 20.12
N LEU A 332 46.26 -2.97 19.96
CA LEU A 332 46.92 -2.00 19.05
C LEU A 332 46.68 -2.37 17.57
N ASN A 333 46.40 -3.67 17.33
CA ASN A 333 46.10 -4.24 15.99
C ASN A 333 44.57 -4.32 15.75
N VAL A 334 43.83 -3.44 16.43
CA VAL A 334 42.35 -3.41 16.41
C VAL A 334 41.80 -3.16 14.97
N SER A 335 40.64 -3.78 14.68
CA SER A 335 39.94 -3.66 13.40
C SER A 335 38.43 -3.46 13.64
N ARG A 336 37.66 -3.26 12.55
CA ARG A 336 36.21 -3.06 12.61
C ARG A 336 35.50 -4.24 13.30
N GLU A 337 35.95 -5.47 12.96
CA GLU A 337 35.35 -6.74 13.44
C GLU A 337 35.51 -6.85 14.96
N ILE A 338 36.69 -6.41 15.45
CA ILE A 338 36.96 -6.27 16.89
C ILE A 338 35.94 -5.31 17.48
N LEU A 339 35.92 -4.06 16.98
CA LEU A 339 35.05 -2.97 17.48
C LEU A 339 33.54 -3.33 17.45
N GLN A 340 33.18 -4.23 16.53
CA GLN A 340 31.80 -4.67 16.33
C GLN A 340 31.35 -5.62 17.46
N ASP A 341 32.13 -6.71 17.66
CA ASP A 341 31.77 -7.82 18.56
C ASP A 341 32.45 -7.76 19.95
N SER A 342 33.48 -6.93 20.10
CA SER A 342 34.31 -6.89 21.33
C SER A 342 33.48 -6.45 22.55
N THR A 343 33.77 -7.08 23.69
CA THR A 343 33.09 -6.82 24.95
C THR A 343 33.64 -5.54 25.62
N VAL A 344 34.98 -5.33 25.55
CA VAL A 344 35.62 -4.10 26.08
C VAL A 344 35.13 -2.87 25.28
N THR A 345 34.92 -3.07 23.96
CA THR A 345 34.37 -2.05 23.05
C THR A 345 32.84 -1.95 23.21
N ARG A 346 32.19 -2.99 23.77
CA ARG A 346 30.73 -2.96 24.07
C ARG A 346 30.49 -2.05 25.29
N ASN A 347 31.36 -2.21 26.29
CA ASN A 347 31.35 -1.39 27.51
C ASN A 347 31.72 0.05 27.17
N LEU A 348 32.72 0.19 26.28
CA LEU A 348 33.18 1.48 25.75
C LEU A 348 32.06 2.16 24.92
N ARG A 349 31.30 1.34 24.18
CA ARG A 349 30.15 1.78 23.35
C ARG A 349 29.12 2.51 24.24
N ASN A 350 28.69 1.81 25.31
CA ASN A 350 27.63 2.28 26.23
C ASN A 350 28.13 3.45 27.10
N ALA A 351 29.44 3.43 27.44
CA ALA A 351 30.07 4.47 28.25
C ALA A 351 30.11 5.80 27.48
N LEU A 352 30.51 5.72 26.20
CA LEU A 352 30.55 6.88 25.28
C LEU A 352 29.14 7.41 25.00
N THR A 353 28.16 6.48 24.97
CA THR A 353 26.74 6.84 24.81
C THR A 353 26.25 7.72 25.97
N LYS A 354 26.74 7.44 27.21
CA LYS A 354 26.40 8.25 28.39
C LYS A 354 27.08 9.63 28.32
N ARG A 355 28.32 9.67 27.75
CA ARG A 355 29.03 10.94 27.46
C ARG A 355 28.22 11.81 26.49
N VAL A 356 27.48 11.16 25.56
CA VAL A 356 26.57 11.83 24.62
C VAL A 356 25.42 12.50 25.38
N LEU A 357 24.79 11.71 26.28
CA LEU A 357 23.66 12.16 27.14
C LEU A 357 24.06 13.42 27.96
N GLN A 358 25.33 13.44 28.38
CA GLN A 358 25.94 14.59 29.09
C GLN A 358 25.96 15.83 28.18
N MET A 359 26.46 15.65 26.93
CA MET A 359 26.63 16.76 25.95
C MET A 359 25.29 17.41 25.56
N LEU A 360 24.22 16.60 25.53
CA LEU A 360 22.86 17.08 25.20
C LEU A 360 22.34 17.99 26.32
N GLU A 361 22.42 17.46 27.55
CA GLU A 361 21.97 18.17 28.77
C GLU A 361 22.89 19.38 29.06
N LYS A 362 24.15 19.28 28.61
CA LYS A 362 25.17 20.33 28.79
C LYS A 362 24.86 21.52 27.90
N LEU A 363 24.66 21.23 26.60
CA LEU A 363 24.38 22.24 25.57
C LEU A 363 23.06 23.00 25.87
N ALA A 364 22.09 22.24 26.43
CA ALA A 364 20.77 22.79 26.85
C ALA A 364 20.93 23.94 27.87
N LYS A 365 21.99 23.86 28.69
CA LYS A 365 22.29 24.85 29.74
C LYS A 365 23.34 25.85 29.26
N ASP A 366 24.27 25.38 28.41
CA ASP A 366 25.44 26.16 27.95
C ASP A 366 24.99 27.30 27.04
N ASP A 367 24.24 26.96 25.98
CA ASP A 367 23.68 27.94 25.05
C ASP A 367 22.38 27.38 24.45
N ALA A 368 21.24 27.93 24.90
CA ALA A 368 19.89 27.48 24.52
C ALA A 368 19.63 27.67 23.00
N GLU A 369 20.27 28.70 22.40
CA GLU A 369 20.12 28.99 20.96
C GLU A 369 20.82 27.91 20.13
N LYS A 370 22.01 27.47 20.60
CA LYS A 370 22.78 26.40 19.96
C LYS A 370 22.10 25.03 20.14
N TYR A 371 21.36 24.85 21.25
CA TYR A 371 20.58 23.63 21.49
C TYR A 371 19.29 23.63 20.63
N GLN A 372 18.78 24.84 20.36
CA GLN A 372 17.64 25.04 19.45
C GLN A 372 18.05 24.61 18.02
N THR A 373 19.24 25.09 17.61
CA THR A 373 19.85 24.75 16.32
C THR A 373 20.18 23.24 16.24
N PHE A 374 20.63 22.68 17.39
CA PHE A 374 20.93 21.24 17.54
C PHE A 374 19.72 20.40 17.10
N TRP A 375 18.56 20.69 17.69
CA TRP A 375 17.34 19.91 17.46
C TRP A 375 16.81 20.10 16.02
N GLN A 376 17.06 21.28 15.42
CA GLN A 376 16.63 21.56 14.03
C GLN A 376 17.51 20.80 13.00
N GLN A 377 18.73 20.40 13.42
CA GLN A 377 19.70 19.69 12.56
C GLN A 377 19.73 18.17 12.84
N PHE A 378 19.51 17.78 14.11
CA PHE A 378 19.77 16.40 14.60
C PHE A 378 18.58 15.82 15.38
N GLY A 379 17.46 16.56 15.42
CA GLY A 379 16.31 16.18 16.23
C GLY A 379 15.63 14.90 15.76
N LEU A 380 15.49 14.77 14.42
CA LEU A 380 14.86 13.59 13.79
C LEU A 380 15.68 12.32 14.02
N VAL A 381 16.99 12.51 14.23
CA VAL A 381 17.91 11.44 14.62
C VAL A 381 17.58 11.00 16.05
N LEU A 382 17.55 11.99 16.96
CA LEU A 382 17.30 11.77 18.40
C LEU A 382 15.87 11.20 18.65
N LYS A 383 14.95 11.35 17.66
CA LYS A 383 13.57 10.79 17.73
C LYS A 383 13.54 9.25 17.96
N GLU A 384 14.51 8.51 17.38
CA GLU A 384 14.55 7.03 17.57
C GLU A 384 15.13 6.67 18.96
N GLY A 385 15.77 7.66 19.61
CA GLY A 385 16.33 7.52 20.95
C GLY A 385 15.33 7.05 22.02
N PRO A 386 14.25 7.84 22.34
CA PRO A 386 13.22 7.44 23.35
C PRO A 386 12.40 6.21 22.91
N ALA A 387 12.54 5.83 21.62
CA ALA A 387 11.92 4.63 21.07
C ALA A 387 12.75 3.39 21.43
N GLU A 388 14.08 3.55 21.55
CA GLU A 388 14.99 2.47 22.00
C GLU A 388 14.86 2.22 23.51
N ASP A 389 15.15 3.25 24.30
CA ASP A 389 15.10 3.16 25.77
C ASP A 389 13.71 3.58 26.28
N PHE A 390 12.91 2.58 26.67
CA PHE A 390 11.61 2.78 27.32
C PHE A 390 11.82 3.04 28.82
N ALA A 391 12.78 2.31 29.43
CA ALA A 391 12.97 2.23 30.90
C ALA A 391 13.12 3.61 31.57
N ASN A 392 13.94 4.48 30.96
CA ASN A 392 14.21 5.84 31.47
C ASN A 392 13.89 6.87 30.37
N GLN A 393 12.79 6.60 29.65
CA GLN A 393 12.36 7.41 28.48
C GLN A 393 12.17 8.89 28.86
N GLU A 394 11.67 9.15 30.08
CA GLU A 394 11.35 10.52 30.55
C GLU A 394 12.63 11.42 30.65
N ALA A 395 13.79 10.79 30.91
CA ALA A 395 15.10 11.50 30.94
C ALA A 395 15.49 11.96 29.52
N ILE A 396 15.04 11.20 28.51
CA ILE A 396 15.22 11.57 27.09
C ILE A 396 14.17 12.63 26.68
N ALA A 397 12.94 12.49 27.25
CA ALA A 397 11.80 13.41 27.01
C ALA A 397 12.10 14.82 27.55
N LYS A 398 12.95 14.87 28.59
CA LYS A 398 13.52 16.11 29.16
C LYS A 398 14.32 16.88 28.08
N LEU A 399 14.97 16.12 27.18
CA LEU A 399 15.83 16.65 26.10
C LEU A 399 15.03 16.88 24.79
N LEU A 400 13.92 16.12 24.60
CA LEU A 400 13.09 16.19 23.37
C LEU A 400 12.41 17.56 23.22
N ARG A 401 12.37 18.07 21.97
CA ARG A 401 11.65 19.30 21.59
C ARG A 401 10.61 18.95 20.52
N PHE A 402 9.47 19.64 20.54
CA PHE A 402 8.34 19.37 19.62
C PHE A 402 7.80 20.69 19.05
N ALA A 403 7.18 20.60 17.86
CA ALA A 403 6.53 21.75 17.20
C ALA A 403 5.12 21.93 17.78
N SER A 404 4.52 23.12 17.59
CA SER A 404 3.24 23.46 18.22
C SER A 404 2.58 24.68 17.55
N THR A 405 1.32 24.95 17.95
CA THR A 405 0.54 26.14 17.53
C THR A 405 1.14 27.44 18.13
N HIS A 406 2.03 27.26 19.12
CA HIS A 406 2.86 28.33 19.73
C HIS A 406 3.55 29.20 18.65
N THR A 407 4.00 28.54 17.55
CA THR A 407 4.74 29.17 16.46
C THR A 407 4.42 28.44 15.13
N ASP A 408 4.16 29.21 14.06
CA ASP A 408 3.76 28.65 12.72
C ASP A 408 4.99 28.22 11.89
N SER A 409 6.17 28.12 12.54
CA SER A 409 7.44 27.75 11.88
C SER A 409 7.79 26.28 12.19
N SER A 410 8.57 25.65 11.29
CA SER A 410 9.01 24.24 11.41
C SER A 410 10.07 24.05 12.51
N ALA A 411 10.54 25.17 13.09
CA ALA A 411 11.44 25.15 14.25
C ALA A 411 10.69 24.61 15.48
N GLN A 412 11.10 23.41 15.96
CA GLN A 412 10.55 22.83 17.20
C GLN A 412 11.09 23.61 18.41
N THR A 413 10.50 24.79 18.64
CA THR A 413 10.96 25.73 19.65
C THR A 413 10.38 25.39 21.03
N VAL A 414 9.29 24.61 21.06
CA VAL A 414 8.58 24.24 22.29
C VAL A 414 9.25 23.02 22.93
N SER A 415 9.68 23.21 24.17
CA SER A 415 10.12 22.12 25.03
C SER A 415 8.89 21.56 25.75
N LEU A 416 8.95 20.29 26.19
CA LEU A 416 7.94 19.74 27.12
C LEU A 416 7.94 20.54 28.44
N GLU A 417 9.11 21.16 28.74
CA GLU A 417 9.28 22.13 29.83
C GLU A 417 8.33 23.32 29.67
N ASP A 418 8.30 23.90 28.44
CA ASP A 418 7.50 25.11 28.13
C ASP A 418 6.01 24.81 28.26
N TYR A 419 5.62 23.64 27.76
CA TYR A 419 4.24 23.15 27.81
C TYR A 419 3.76 23.01 29.27
N VAL A 420 4.58 22.34 30.10
CA VAL A 420 4.29 22.13 31.54
C VAL A 420 4.17 23.47 32.28
N SER A 421 5.08 24.40 31.95
CA SER A 421 5.10 25.76 32.51
C SER A 421 3.88 26.58 32.03
N ARG A 422 3.33 26.20 30.86
CA ARG A 422 2.20 26.91 30.22
C ARG A 422 0.91 26.06 30.25
N MET A 423 0.87 25.01 31.08
CA MET A 423 -0.38 24.27 31.35
C MET A 423 -1.42 25.20 32.03
N LYS A 424 -2.57 25.38 31.36
CA LYS A 424 -3.72 26.15 31.89
C LYS A 424 -4.61 25.25 32.75
N GLU A 425 -5.72 25.81 33.26
CA GLU A 425 -6.67 25.08 34.10
C GLU A 425 -7.41 24.03 33.25
N GLY A 426 -7.21 22.75 33.60
CA GLY A 426 -7.80 21.65 32.86
C GLY A 426 -6.94 21.18 31.70
N GLN A 427 -5.67 21.63 31.64
CA GLN A 427 -4.70 21.13 30.64
C GLN A 427 -3.99 19.92 31.26
N GLU A 428 -4.77 18.83 31.39
CA GLU A 428 -4.43 17.62 32.14
C GLU A 428 -3.39 16.76 31.40
N LYS A 429 -3.38 16.87 30.07
CA LYS A 429 -2.56 16.01 29.19
C LYS A 429 -1.82 16.83 28.13
N ILE A 430 -0.78 16.22 27.52
CA ILE A 430 0.00 16.84 26.44
C ILE A 430 -0.67 16.52 25.09
N TYR A 431 -1.38 17.51 24.54
CA TYR A 431 -2.16 17.33 23.30
C TYR A 431 -1.22 17.31 22.07
N TYR A 432 -1.33 16.24 21.25
CA TYR A 432 -0.52 16.10 20.01
C TYR A 432 -1.48 15.77 18.86
N ILE A 433 -1.20 16.32 17.66
CA ILE A 433 -1.97 16.08 16.40
C ILE A 433 -0.98 15.59 15.33
N THR A 434 -1.31 14.45 14.66
CA THR A 434 -0.48 13.86 13.60
C THR A 434 -0.79 14.51 12.23
N ALA A 435 0.24 14.63 11.38
CA ALA A 435 0.09 15.03 9.97
C ALA A 435 1.14 14.31 9.11
N ASP A 436 0.77 13.99 7.86
CA ASP A 436 1.63 13.27 6.90
C ASP A 436 2.71 14.20 6.30
N SER A 437 2.58 15.51 6.53
CA SER A 437 3.58 16.51 6.12
C SER A 437 3.43 17.77 6.98
N TYR A 438 4.51 18.56 7.07
CA TYR A 438 4.49 19.90 7.69
C TYR A 438 3.54 20.83 6.92
N ALA A 439 3.46 20.62 5.59
CA ALA A 439 2.57 21.38 4.69
C ALA A 439 1.10 21.24 5.14
N ALA A 440 0.70 19.98 5.50
CA ALA A 440 -0.66 19.68 5.99
C ALA A 440 -0.89 20.32 7.38
N ALA A 441 0.06 20.08 8.30
CA ALA A 441 -0.01 20.52 9.71
C ALA A 441 -0.18 22.04 9.83
N LYS A 442 0.69 22.78 9.12
CA LYS A 442 0.77 24.24 9.19
C LYS A 442 -0.35 24.90 8.34
N SER A 443 -0.96 24.11 7.41
CA SER A 443 -1.98 24.62 6.47
C SER A 443 -3.23 25.15 7.19
N SER A 444 -3.50 24.60 8.38
CA SER A 444 -4.64 25.02 9.21
C SER A 444 -4.40 26.45 9.75
N PRO A 445 -5.30 27.44 9.43
CA PRO A 445 -5.24 28.81 10.03
C PRO A 445 -5.64 28.79 11.52
N HIS A 446 -6.37 27.72 11.92
CA HIS A 446 -6.92 27.55 13.28
C HIS A 446 -5.83 27.43 14.34
N LEU A 447 -4.60 27.11 13.92
CA LEU A 447 -3.43 26.99 14.82
C LEU A 447 -3.17 28.32 15.56
N GLU A 448 -3.39 29.42 14.83
CA GLU A 448 -3.22 30.78 15.33
C GLU A 448 -4.29 31.11 16.39
N LEU A 449 -5.46 30.45 16.24
CA LEU A 449 -6.64 30.64 17.11
C LEU A 449 -6.39 30.03 18.50
N LEU A 450 -5.78 28.83 18.57
CA LEU A 450 -5.51 28.14 19.87
C LEU A 450 -4.51 28.94 20.68
N ARG A 451 -3.44 29.39 19.99
CA ARG A 451 -2.37 30.21 20.59
C ARG A 451 -2.95 31.56 21.08
N LYS A 452 -3.97 32.06 20.33
CA LYS A 452 -4.72 33.28 20.69
C LYS A 452 -5.64 33.04 21.92
N LYS A 453 -6.15 31.80 22.06
CA LYS A 453 -6.92 31.38 23.26
C LYS A 453 -5.97 31.06 24.42
N GLY A 454 -4.69 30.83 24.08
CA GLY A 454 -3.61 30.57 25.03
C GLY A 454 -3.35 29.09 25.29
N ILE A 455 -3.95 28.20 24.48
CA ILE A 455 -3.69 26.74 24.57
C ILE A 455 -2.78 26.30 23.40
N GLU A 456 -2.11 25.16 23.58
CA GLU A 456 -1.16 24.63 22.59
C GLU A 456 -1.57 23.25 22.09
N VAL A 457 -1.45 23.08 20.78
CA VAL A 457 -1.56 21.81 20.08
C VAL A 457 -0.18 21.52 19.52
N LEU A 458 0.54 20.53 20.09
CA LEU A 458 1.79 20.07 19.50
C LEU A 458 1.50 19.51 18.08
N LEU A 459 2.16 20.08 17.07
CA LEU A 459 1.97 19.72 15.65
C LEU A 459 3.01 18.71 15.21
N LEU A 460 2.54 17.59 14.65
CA LEU A 460 3.40 16.50 14.17
C LEU A 460 3.62 16.64 12.67
N SER A 461 4.88 16.73 12.26
CA SER A 461 5.28 16.72 10.85
C SER A 461 6.13 15.47 10.57
N ASP A 462 6.39 14.66 11.61
CA ASP A 462 7.42 13.62 11.59
C ASP A 462 6.77 12.23 11.73
N ARG A 463 7.18 11.31 10.84
CA ARG A 463 6.57 9.98 10.68
C ARG A 463 7.17 8.97 11.69
N ILE A 464 8.39 9.26 12.17
CA ILE A 464 9.12 8.42 13.14
C ILE A 464 8.39 8.37 14.52
N ASP A 465 7.70 9.47 14.85
CA ASP A 465 6.96 9.65 16.12
C ASP A 465 5.79 8.66 16.26
N GLU A 466 5.29 8.15 15.11
CA GLU A 466 4.28 7.06 15.09
C GLU A 466 4.76 5.84 15.89
N TRP A 467 6.06 5.50 15.71
CA TRP A 467 6.74 4.41 16.42
C TRP A 467 7.30 4.89 17.78
N MET A 468 7.78 6.15 17.83
CA MET A 468 8.44 6.70 19.05
C MET A 468 7.47 6.76 20.23
N MET A 469 6.24 7.22 19.96
CA MET A 469 5.19 7.39 20.99
C MET A 469 4.62 6.04 21.47
N ASN A 470 5.02 4.93 20.78
CA ASN A 470 4.70 3.55 21.23
C ASN A 470 5.39 3.30 22.60
N TYR A 471 6.47 4.09 22.85
CA TYR A 471 7.29 4.04 24.08
C TYR A 471 7.10 5.34 24.92
N LEU A 472 6.88 6.47 24.21
CA LEU A 472 6.63 7.78 24.86
C LEU A 472 5.19 7.78 25.42
N THR A 473 5.04 7.22 26.63
CA THR A 473 3.74 7.08 27.30
C THR A 473 3.33 8.39 28.01
N GLU A 474 4.15 8.86 28.98
CA GLU A 474 3.85 10.08 29.75
C GLU A 474 5.12 10.82 30.15
N PHE A 475 4.93 12.07 30.63
CA PHE A 475 5.97 12.97 31.09
C PHE A 475 5.40 13.85 32.22
N ASP A 476 6.15 13.96 33.35
CA ASP A 476 5.83 14.86 34.49
C ASP A 476 4.53 14.42 35.25
N GLY A 477 4.10 13.16 35.01
CA GLY A 477 2.84 12.64 35.58
C GLY A 477 1.65 12.76 34.63
N LYS A 478 1.80 13.60 33.59
CA LYS A 478 0.75 13.88 32.60
C LYS A 478 0.99 13.01 31.34
N PRO A 479 0.02 12.15 30.92
CA PRO A 479 0.12 11.41 29.66
C PRO A 479 -0.23 12.30 28.45
N PHE A 480 0.03 11.79 27.25
CA PHE A 480 -0.29 12.49 26.01
C PHE A 480 -1.75 12.21 25.60
N GLN A 481 -2.40 13.22 25.02
CA GLN A 481 -3.80 13.15 24.59
C GLN A 481 -3.88 13.22 23.07
N SER A 482 -4.55 12.24 22.49
CA SER A 482 -4.86 12.18 21.07
C SER A 482 -6.03 13.14 20.73
N VAL A 483 -6.23 13.37 19.43
CA VAL A 483 -7.35 14.18 18.91
C VAL A 483 -8.70 13.37 18.91
N SER A 484 -8.72 12.25 19.67
CA SER A 484 -9.91 11.41 19.89
C SER A 484 -10.88 12.05 20.93
N LYS A 485 -10.61 13.31 21.29
CA LYS A 485 -11.45 14.11 22.20
C LYS A 485 -12.41 15.00 21.37
N VAL A 486 -13.30 15.75 22.05
CA VAL A 486 -14.21 16.69 21.39
C VAL A 486 -13.71 18.14 21.58
N ASP A 487 -14.12 18.99 20.63
CA ASP A 487 -13.73 20.41 20.55
C ASP A 487 -14.90 21.32 21.00
N GLU A 488 -15.04 22.52 20.38
CA GLU A 488 -16.16 23.45 20.62
C GLU A 488 -17.45 22.98 19.85
N SER A 489 -17.73 21.66 19.91
CA SER A 489 -18.89 20.98 19.30
C SER A 489 -20.24 21.48 19.90
N LEU A 490 -20.16 22.29 20.97
CA LEU A 490 -21.29 22.95 21.64
C LEU A 490 -21.94 24.06 20.74
N GLU A 491 -22.34 23.70 19.51
CA GLU A 491 -22.87 24.64 18.48
C GLU A 491 -24.09 25.45 18.98
N LYS A 492 -24.88 24.84 19.86
CA LYS A 492 -26.07 25.45 20.48
C LYS A 492 -25.66 26.51 21.53
N LEU A 493 -24.56 26.22 22.26
CA LEU A 493 -24.00 27.14 23.27
C LEU A 493 -23.04 28.15 22.59
N ALA A 494 -22.66 27.88 21.33
CA ALA A 494 -21.76 28.73 20.51
C ALA A 494 -22.57 29.85 19.81
N ASP A 495 -23.54 30.42 20.55
CA ASP A 495 -24.43 31.50 20.10
C ASP A 495 -23.69 32.87 20.02
N GLU A 496 -22.41 32.86 20.42
CA GLU A 496 -21.53 34.05 20.37
C GLU A 496 -21.02 34.27 18.92
N VAL A 497 -21.99 34.54 18.03
CA VAL A 497 -21.81 34.53 16.58
C VAL A 497 -21.76 35.98 16.03
N ASP A 498 -20.52 36.44 15.82
CA ASP A 498 -20.21 37.79 15.26
C ASP A 498 -20.95 38.03 13.94
N GLU A 499 -21.58 39.23 13.82
CA GLU A 499 -22.27 39.75 12.61
C GLU A 499 -23.67 39.12 12.44
N SER A 500 -23.73 37.80 12.55
CA SER A 500 -24.94 36.98 12.39
C SER A 500 -26.09 37.44 13.29
N ALA A 501 -27.33 37.35 12.75
CA ALA A 501 -28.54 37.81 13.43
C ALA A 501 -29.80 37.22 12.77
N LYS A 502 -30.98 37.61 13.30
CA LYS A 502 -32.30 37.06 12.90
C LYS A 502 -32.62 37.30 11.41
N GLU A 503 -32.04 38.38 10.83
CA GLU A 503 -32.21 38.72 9.40
C GLU A 503 -31.67 37.59 8.51
N ALA A 504 -30.50 37.03 8.91
CA ALA A 504 -29.88 35.90 8.21
C ALA A 504 -30.80 34.67 8.27
N GLU A 505 -31.36 34.41 9.48
CA GLU A 505 -32.20 33.21 9.78
C GLU A 505 -33.47 33.18 8.92
N LYS A 506 -34.00 34.38 8.66
CA LYS A 506 -35.15 34.59 7.77
C LYS A 506 -34.85 34.08 6.35
N ALA A 507 -33.61 34.34 5.88
CA ALA A 507 -33.12 33.90 4.56
C ALA A 507 -32.66 32.42 4.60
N LEU A 508 -32.31 31.93 5.81
CA LEU A 508 -31.83 30.55 6.00
C LEU A 508 -32.95 29.54 5.84
N THR A 509 -34.15 29.84 6.36
CA THR A 509 -35.28 28.89 6.33
C THR A 509 -35.65 28.43 4.86
N PRO A 510 -35.87 29.36 3.84
CA PRO A 510 -36.10 28.93 2.43
C PRO A 510 -34.85 28.27 1.83
N PHE A 511 -33.67 28.72 2.29
CA PHE A 511 -32.37 28.16 1.86
C PHE A 511 -32.30 26.67 2.25
N ILE A 512 -32.68 26.34 3.50
CA ILE A 512 -32.64 24.95 4.04
C ILE A 512 -33.55 24.06 3.20
N ASP A 513 -34.78 24.56 2.94
CA ASP A 513 -35.80 23.86 2.16
C ASP A 513 -35.26 23.50 0.75
N ARG A 514 -34.71 24.51 0.05
CA ARG A 514 -34.17 24.36 -1.31
C ARG A 514 -32.98 23.38 -1.34
N VAL A 515 -32.09 23.49 -0.33
CA VAL A 515 -30.85 22.68 -0.24
C VAL A 515 -31.17 21.19 -0.05
N LYS A 516 -32.08 20.88 0.90
CA LYS A 516 -32.43 19.47 1.21
C LYS A 516 -33.28 18.85 0.08
N ALA A 517 -34.02 19.71 -0.65
CA ALA A 517 -34.77 19.29 -1.85
C ALA A 517 -33.80 18.94 -2.99
N LEU A 518 -32.72 19.76 -3.08
CA LEU A 518 -31.68 19.65 -4.13
C LEU A 518 -30.88 18.34 -3.94
N LEU A 519 -30.46 18.11 -2.69
CA LEU A 519 -29.59 16.96 -2.33
C LEU A 519 -30.42 15.69 -2.14
N GLY A 520 -31.71 15.86 -1.81
CA GLY A 520 -32.63 14.75 -1.61
C GLY A 520 -32.19 13.82 -0.48
N GLU A 521 -31.79 12.58 -0.83
CA GLU A 521 -31.47 11.53 0.14
C GLU A 521 -29.96 11.26 0.23
N ARG A 522 -29.11 12.00 -0.52
CA ARG A 522 -27.63 11.78 -0.50
C ARG A 522 -27.00 12.36 0.79
N VAL A 523 -27.82 13.11 1.56
CA VAL A 523 -27.44 13.72 2.85
C VAL A 523 -28.55 13.37 3.87
N LYS A 524 -28.18 13.22 5.16
CA LYS A 524 -29.15 12.94 6.23
C LYS A 524 -30.02 14.18 6.50
N ASP A 525 -29.36 15.31 6.74
CA ASP A 525 -30.05 16.61 6.94
C ASP A 525 -29.05 17.76 6.71
N VAL A 526 -29.60 18.96 6.53
CA VAL A 526 -28.82 20.18 6.36
C VAL A 526 -29.23 21.18 7.45
N ARG A 527 -28.31 21.44 8.37
CA ARG A 527 -28.55 22.31 9.52
C ARG A 527 -27.76 23.61 9.32
N LEU A 528 -28.39 24.76 9.57
CA LEU A 528 -27.69 26.06 9.44
C LEU A 528 -27.33 26.58 10.83
N THR A 529 -26.13 26.17 11.28
CA THR A 529 -25.48 26.73 12.49
C THR A 529 -24.48 27.81 12.04
N HIS A 530 -23.96 28.57 13.00
CA HIS A 530 -23.01 29.66 12.72
C HIS A 530 -21.69 29.37 13.43
N ARG A 531 -20.99 28.37 12.91
CA ARG A 531 -19.62 28.07 13.32
C ARG A 531 -18.70 28.99 12.50
N LEU A 532 -18.23 30.08 13.14
CA LEU A 532 -17.53 31.22 12.46
C LEU A 532 -16.41 30.69 11.52
N THR A 533 -15.35 30.10 12.12
CA THR A 533 -14.28 29.30 11.44
C THR A 533 -13.68 29.99 10.16
N ASP A 534 -12.78 29.27 9.46
CA ASP A 534 -12.18 29.73 8.18
C ASP A 534 -12.75 28.91 7.00
N THR A 535 -13.45 27.83 7.33
CA THR A 535 -14.01 26.89 6.35
C THR A 535 -15.47 27.28 6.05
N PRO A 536 -15.88 27.44 4.74
CA PRO A 536 -17.25 27.86 4.37
C PRO A 536 -18.36 26.95 4.96
N ALA A 537 -18.10 25.64 4.96
CA ALA A 537 -19.05 24.63 5.46
C ALA A 537 -18.34 23.59 6.32
N ILE A 538 -19.11 23.00 7.24
CA ILE A 538 -18.65 21.97 8.18
C ILE A 538 -19.77 20.93 8.32
N VAL A 539 -19.42 19.71 8.72
CA VAL A 539 -20.42 18.66 9.02
C VAL A 539 -20.29 18.22 10.48
N SER A 540 -21.43 17.81 11.07
CA SER A 540 -21.50 17.31 12.45
C SER A 540 -21.69 15.78 12.44
N THR A 541 -21.18 15.12 13.49
CA THR A 541 -21.15 13.65 13.59
C THR A 541 -21.75 13.15 14.91
N ASP A 542 -22.16 11.87 14.92
CA ASP A 542 -22.62 11.14 16.11
C ASP A 542 -21.44 10.37 16.72
N ALA A 543 -20.97 9.33 16.00
CA ALA A 543 -19.85 8.46 16.43
C ALA A 543 -18.70 8.53 15.39
N ASP A 544 -17.87 7.46 15.32
CA ASP A 544 -16.74 7.33 14.36
C ASP A 544 -17.21 7.57 12.91
N GLU A 545 -16.87 8.78 12.39
CA GLU A 545 -17.22 9.24 11.03
C GLU A 545 -18.76 9.19 10.84
N MET A 546 -19.48 9.68 11.87
CA MET A 546 -20.94 9.51 12.04
C MET A 546 -21.26 8.05 12.40
N SER A 547 -20.99 7.11 11.47
CA SER A 547 -21.38 5.71 11.62
C SER A 547 -20.59 4.76 10.69
N THR A 548 -19.42 5.21 10.20
CA THR A 548 -18.66 4.47 9.15
C THR A 548 -17.76 3.35 9.73
N GLN A 549 -17.94 3.02 11.04
CA GLN A 549 -17.20 1.92 11.72
C GLN A 549 -17.86 1.56 13.08
N MET A 550 -18.87 0.64 13.03
CA MET A 550 -19.55 0.08 14.24
C MET A 550 -20.67 -0.90 13.81
N ALA A 551 -21.12 -1.76 14.76
CA ALA A 551 -22.09 -2.85 14.51
C ALA A 551 -23.48 -2.31 14.08
N LYS A 552 -24.21 -1.66 15.03
CA LYS A 552 -25.58 -1.10 14.78
C LYS A 552 -25.56 -0.10 13.63
N LEU A 553 -24.48 0.68 13.60
CA LEU A 553 -24.29 1.76 12.63
C LEU A 553 -24.23 1.21 11.19
N PHE A 554 -23.57 0.04 10.99
CA PHE A 554 -23.57 -0.66 9.68
C PHE A 554 -24.88 -1.44 9.44
N ALA A 555 -25.57 -1.80 10.53
CA ALA A 555 -26.86 -2.52 10.49
C ALA A 555 -28.04 -1.54 10.29
N ALA A 556 -27.74 -0.27 9.94
CA ALA A 556 -28.75 0.74 9.59
C ALA A 556 -29.39 0.42 8.23
N ALA A 557 -28.58 0.39 7.14
CA ALA A 557 -29.05 0.02 5.78
C ALA A 557 -28.23 -1.13 5.20
N GLY A 558 -26.89 -1.00 5.21
CA GLY A 558 -25.99 -2.03 4.65
C GLY A 558 -25.02 -1.48 3.63
N GLN A 559 -25.44 -0.44 2.87
CA GLN A 559 -24.60 0.24 1.86
C GLN A 559 -23.51 1.08 2.59
N LYS A 560 -23.37 2.40 2.29
CA LYS A 560 -22.47 3.30 3.01
C LYS A 560 -23.17 3.89 4.24
N VAL A 561 -24.35 3.32 4.62
CA VAL A 561 -25.19 3.75 5.78
C VAL A 561 -25.80 5.18 5.58
N PRO A 562 -27.15 5.36 5.87
CA PRO A 562 -27.84 6.67 5.79
C PRO A 562 -27.26 7.68 6.81
N GLU A 563 -26.90 7.16 7.98
CA GLU A 563 -26.32 7.95 9.07
C GLU A 563 -24.95 8.56 8.66
N VAL A 564 -24.11 7.77 7.93
CA VAL A 564 -22.77 8.21 7.45
C VAL A 564 -22.90 9.46 6.56
N LYS A 565 -24.03 9.58 5.85
CA LYS A 565 -24.36 10.81 5.12
C LYS A 565 -24.50 11.90 6.19
N TYR A 566 -23.49 12.77 6.27
CA TYR A 566 -23.32 13.69 7.40
C TYR A 566 -24.40 14.77 7.42
N ILE A 567 -24.49 15.50 8.54
CA ILE A 567 -25.38 16.65 8.65
C ILE A 567 -24.59 17.85 8.10
N PHE A 568 -25.02 18.30 6.91
CA PHE A 568 -24.37 19.36 6.16
C PHE A 568 -24.72 20.72 6.76
N GLU A 569 -23.71 21.39 7.32
CA GLU A 569 -23.87 22.71 7.93
C GLU A 569 -23.07 23.75 7.14
N LEU A 570 -23.66 24.93 6.97
CA LEU A 570 -23.01 26.06 6.29
C LEU A 570 -22.98 27.24 7.25
N ASN A 571 -21.93 28.08 7.18
CA ASN A 571 -21.82 29.26 8.05
C ASN A 571 -22.32 30.51 7.30
N PRO A 572 -23.53 31.06 7.63
CA PRO A 572 -24.20 32.16 6.87
C PRO A 572 -23.37 33.46 6.75
N ASP A 573 -22.59 33.78 7.80
CA ASP A 573 -21.75 35.00 7.83
C ASP A 573 -20.44 34.79 7.05
N HIS A 574 -20.12 33.52 6.71
CA HIS A 574 -18.95 33.19 5.86
C HIS A 574 -19.26 33.62 4.41
N VAL A 575 -18.29 34.31 3.77
CA VAL A 575 -18.47 35.01 2.46
C VAL A 575 -19.12 34.12 1.36
N LEU A 576 -18.56 32.91 1.14
CA LEU A 576 -18.99 32.01 0.05
C LEU A 576 -20.43 31.47 0.27
N VAL A 577 -20.82 31.34 1.55
CA VAL A 577 -22.18 30.86 1.93
C VAL A 577 -23.20 32.00 1.78
N LYS A 578 -22.79 33.21 2.19
CA LYS A 578 -23.62 34.42 2.11
C LYS A 578 -24.00 34.68 0.65
N ARG A 579 -22.98 34.53 -0.22
CA ARG A 579 -23.14 34.70 -1.67
C ARG A 579 -23.99 33.56 -2.28
N ALA A 580 -23.85 32.35 -1.70
CA ALA A 580 -24.65 31.16 -2.11
C ALA A 580 -26.11 31.29 -1.62
N ALA A 581 -26.33 32.15 -0.60
CA ALA A 581 -27.67 32.50 -0.11
C ALA A 581 -28.33 33.55 -1.03
N ASP A 582 -27.48 34.46 -1.61
CA ASP A 582 -27.93 35.41 -2.65
C ASP A 582 -28.28 34.68 -3.96
N THR A 583 -27.68 33.48 -4.15
CA THR A 583 -27.85 32.69 -5.36
C THR A 583 -29.31 32.18 -5.52
N GLU A 584 -30.04 32.86 -6.41
CA GLU A 584 -31.42 32.51 -6.78
C GLU A 584 -31.41 31.47 -7.91
N ASP A 585 -30.43 31.62 -8.84
CA ASP A 585 -30.28 30.73 -10.02
C ASP A 585 -30.18 29.27 -9.59
N GLU A 586 -30.97 28.38 -10.25
CA GLU A 586 -31.11 26.96 -9.86
C GLU A 586 -29.77 26.21 -10.05
N ALA A 587 -29.19 26.33 -11.25
CA ALA A 587 -27.95 25.58 -11.64
C ALA A 587 -26.76 26.00 -10.76
N LYS A 588 -26.68 27.31 -10.47
CA LYS A 588 -25.67 27.89 -9.58
C LYS A 588 -25.91 27.46 -8.12
N PHE A 589 -27.18 27.44 -7.70
CA PHE A 589 -27.55 27.07 -6.32
C PHE A 589 -27.11 25.63 -6.05
N SER A 590 -27.44 24.74 -6.99
CA SER A 590 -27.01 23.34 -7.00
C SER A 590 -25.48 23.24 -6.96
N GLU A 591 -24.83 24.07 -7.78
CA GLU A 591 -23.37 24.05 -7.98
C GLU A 591 -22.61 24.49 -6.70
N TRP A 592 -23.17 25.47 -5.96
CA TRP A 592 -22.61 25.97 -4.69
C TRP A 592 -22.84 24.97 -3.56
N VAL A 593 -24.08 24.48 -3.44
CA VAL A 593 -24.49 23.54 -2.38
C VAL A 593 -23.69 22.23 -2.45
N GLU A 594 -23.67 21.62 -3.65
CA GLU A 594 -22.90 20.39 -3.95
C GLU A 594 -21.39 20.60 -3.73
N LEU A 595 -20.90 21.83 -4.01
CA LEU A 595 -19.49 22.22 -3.82
C LEU A 595 -19.11 22.09 -2.34
N LEU A 596 -19.80 22.88 -1.49
CA LEU A 596 -19.54 22.95 -0.04
C LEU A 596 -19.86 21.61 0.66
N LEU A 597 -20.80 20.85 0.08
CA LEU A 597 -21.18 19.51 0.59
C LEU A 597 -19.99 18.56 0.51
N ASP A 598 -19.56 18.30 -0.73
CA ASP A 598 -18.50 17.30 -1.02
C ASP A 598 -17.16 17.77 -0.40
N GLN A 599 -17.00 19.11 -0.29
CA GLN A 599 -15.86 19.76 0.38
C GLN A 599 -15.80 19.37 1.88
N ALA A 600 -16.97 19.42 2.54
CA ALA A 600 -17.11 19.10 3.98
C ALA A 600 -16.92 17.59 4.23
N LEU A 601 -17.31 16.77 3.23
CA LEU A 601 -17.10 15.30 3.25
C LEU A 601 -15.59 15.00 3.27
N LEU A 602 -14.82 15.79 2.48
CA LEU A 602 -13.35 15.72 2.44
C LEU A 602 -12.74 16.04 3.82
N ALA A 603 -13.45 16.87 4.62
CA ALA A 603 -13.00 17.29 5.95
C ALA A 603 -13.18 16.16 6.99
N GLU A 604 -14.20 15.28 6.79
CA GLU A 604 -14.60 14.28 7.82
C GLU A 604 -14.35 12.82 7.34
N ARG A 605 -13.90 12.67 6.08
CA ARG A 605 -13.60 11.35 5.47
C ARG A 605 -12.21 11.35 4.83
N GLY A 606 -11.85 12.50 4.23
CA GLY A 606 -10.69 12.58 3.34
C GLY A 606 -11.00 12.00 1.96
N THR A 607 -12.27 11.62 1.74
CA THR A 607 -12.75 10.93 0.54
C THR A 607 -14.05 11.60 0.04
N LEU A 608 -14.25 11.63 -1.29
CA LEU A 608 -15.42 12.26 -1.92
C LEU A 608 -16.41 11.21 -2.45
N GLU A 609 -17.65 11.68 -2.70
CA GLU A 609 -18.72 10.87 -3.34
C GLU A 609 -18.57 10.92 -4.87
N ASP A 610 -18.47 12.16 -5.39
CA ASP A 610 -18.28 12.42 -6.83
C ASP A 610 -17.10 13.40 -6.99
N PRO A 611 -15.82 12.91 -6.94
CA PRO A 611 -14.62 13.76 -7.11
C PRO A 611 -14.59 14.43 -8.48
N ASN A 612 -15.06 13.70 -9.50
CA ASN A 612 -15.13 14.18 -10.90
C ASN A 612 -16.06 15.39 -11.02
N LEU A 613 -17.23 15.29 -10.36
CA LEU A 613 -18.28 16.32 -10.38
C LEU A 613 -17.83 17.56 -9.57
N PHE A 614 -17.21 17.31 -8.41
CA PHE A 614 -16.72 18.36 -7.49
C PHE A 614 -15.65 19.24 -8.17
N ILE A 615 -14.67 18.58 -8.80
CA ILE A 615 -13.58 19.23 -9.54
C ILE A 615 -14.14 19.98 -10.76
N ARG A 616 -15.20 19.40 -11.37
CA ARG A 616 -15.90 20.05 -12.50
C ARG A 616 -16.57 21.37 -12.05
N ARG A 617 -17.10 21.38 -10.81
CA ARG A 617 -17.76 22.57 -10.22
C ARG A 617 -16.72 23.64 -9.84
N MET A 618 -15.51 23.20 -9.45
CA MET A 618 -14.39 24.11 -9.11
C MET A 618 -13.95 24.87 -10.37
N ASN A 619 -13.64 24.11 -11.43
CA ASN A 619 -13.13 24.63 -12.71
C ASN A 619 -14.19 25.49 -13.42
N GLN A 620 -15.47 25.13 -13.21
CA GLN A 620 -16.60 25.87 -13.79
C GLN A 620 -16.78 27.21 -13.07
N LEU A 621 -16.94 27.18 -11.73
CA LEU A 621 -17.15 28.39 -10.88
C LEU A 621 -16.00 29.40 -11.02
N LEU A 622 -14.80 28.89 -11.34
CA LEU A 622 -13.60 29.72 -11.58
C LEU A 622 -13.79 30.59 -12.85
N VAL A 623 -14.26 29.97 -13.94
CA VAL A 623 -14.40 30.62 -15.27
C VAL A 623 -15.81 31.22 -15.48
N SER A 624 -16.78 30.81 -14.63
CA SER A 624 -18.19 31.21 -14.73
C SER A 624 -18.38 32.69 -14.30
N MET B 1 -14.33 -33.41 -6.01
CA MET B 1 -13.22 -33.71 -5.07
C MET B 1 -11.98 -32.89 -5.41
N LYS B 2 -11.47 -33.06 -6.65
CA LYS B 2 -10.24 -32.40 -7.13
C LYS B 2 -10.57 -31.34 -8.19
N GLY B 3 -9.90 -30.17 -8.10
CA GLY B 3 -10.13 -29.07 -9.01
C GLY B 3 -9.18 -27.90 -8.74
N GLN B 4 -9.71 -26.66 -8.75
CA GLN B 4 -8.95 -25.44 -8.42
C GLN B 4 -8.72 -25.32 -6.90
N GLU B 5 -7.61 -24.66 -6.52
CA GLU B 5 -7.25 -24.41 -5.11
C GLU B 5 -6.28 -23.21 -5.07
N THR B 6 -6.82 -22.03 -4.72
CA THR B 6 -6.07 -20.76 -4.62
C THR B 6 -6.44 -20.01 -3.34
N ARG B 7 -5.65 -18.98 -2.98
CA ARG B 7 -5.88 -18.13 -1.79
C ARG B 7 -6.57 -16.83 -2.22
N GLY B 8 -7.37 -16.26 -1.31
CA GLY B 8 -8.03 -14.98 -1.52
C GLY B 8 -9.01 -14.64 -0.40
N PHE B 9 -9.28 -13.34 -0.24
CA PHE B 9 -10.15 -12.82 0.84
C PHE B 9 -11.64 -12.91 0.45
N GLN B 10 -12.25 -14.07 0.74
CA GLN B 10 -13.70 -14.30 0.61
C GLN B 10 -14.13 -15.19 1.80
N SER B 11 -14.44 -14.54 2.93
CA SER B 11 -14.73 -15.20 4.22
C SER B 11 -16.19 -14.96 4.65
N GLU B 12 -16.89 -16.06 4.95
CA GLU B 12 -18.27 -16.06 5.49
C GLU B 12 -18.61 -17.49 5.98
N VAL B 13 -19.48 -17.61 7.00
CA VAL B 13 -19.89 -18.93 7.55
C VAL B 13 -21.42 -19.02 7.73
N LYS B 14 -22.18 -18.03 7.19
CA LYS B 14 -23.66 -17.98 7.38
C LYS B 14 -24.35 -19.15 6.64
N GLN B 15 -23.60 -19.82 5.73
CA GLN B 15 -24.09 -21.00 4.97
C GLN B 15 -24.60 -22.08 5.92
N LEU B 16 -23.69 -22.60 6.78
CA LEU B 16 -23.98 -23.69 7.74
C LEU B 16 -25.05 -23.27 8.76
N LEU B 17 -25.02 -21.99 9.13
CA LEU B 17 -25.99 -21.38 10.05
C LEU B 17 -27.43 -21.53 9.51
N HIS B 18 -27.58 -21.48 8.16
CA HIS B 18 -28.87 -21.68 7.48
C HIS B 18 -29.11 -23.15 7.10
N LEU B 19 -28.01 -23.93 6.87
CA LEU B 19 -28.11 -25.36 6.51
C LEU B 19 -28.80 -26.15 7.63
N MET B 20 -28.49 -25.80 8.88
CA MET B 20 -29.07 -26.42 10.08
C MET B 20 -30.59 -26.13 10.20
N ILE B 21 -30.98 -24.90 9.83
CA ILE B 21 -32.40 -24.48 9.84
C ILE B 21 -33.22 -25.34 8.85
N HIS B 22 -32.61 -25.62 7.69
CA HIS B 22 -33.28 -26.34 6.58
C HIS B 22 -32.99 -27.86 6.59
N SER B 23 -32.06 -28.30 7.46
CA SER B 23 -31.83 -29.74 7.74
C SER B 23 -32.88 -30.23 8.75
N LEU B 24 -33.40 -29.28 9.55
CA LEU B 24 -34.58 -29.53 10.40
C LEU B 24 -35.78 -29.68 9.46
N TYR B 25 -36.01 -28.62 8.65
CA TYR B 25 -37.01 -28.61 7.54
C TYR B 25 -38.47 -28.71 8.07
N SER B 26 -38.64 -28.75 9.41
CA SER B 26 -39.92 -28.98 10.10
C SER B 26 -40.51 -30.38 9.73
N ASN B 27 -39.64 -31.26 9.22
CA ASN B 27 -40.05 -32.52 8.58
C ASN B 27 -38.85 -33.51 8.62
N LYS B 28 -38.32 -33.66 9.85
CA LYS B 28 -37.31 -34.69 10.32
C LYS B 28 -36.74 -35.66 9.27
N GLU B 29 -37.63 -36.36 8.54
CA GLU B 29 -37.32 -37.52 7.64
C GLU B 29 -36.32 -37.18 6.51
N ILE B 30 -36.06 -35.87 6.32
CA ILE B 30 -35.02 -35.36 5.42
C ILE B 30 -33.62 -35.94 5.79
N PHE B 31 -33.46 -36.40 7.06
CA PHE B 31 -32.23 -37.05 7.53
C PHE B 31 -31.98 -38.37 6.77
N LEU B 32 -33.08 -39.12 6.48
CA LEU B 32 -32.99 -40.40 5.75
C LEU B 32 -32.49 -40.20 4.33
N ARG B 33 -32.81 -39.04 3.71
CA ARG B 33 -32.26 -38.68 2.39
C ARG B 33 -30.73 -38.61 2.46
N GLU B 34 -30.25 -37.95 3.52
CA GLU B 34 -28.83 -37.67 3.77
C GLU B 34 -28.05 -38.95 4.07
N LEU B 35 -28.66 -39.83 4.86
CA LEU B 35 -28.06 -41.13 5.28
C LEU B 35 -27.85 -42.04 4.07
N ILE B 36 -28.88 -42.13 3.21
CA ILE B 36 -28.80 -42.93 1.98
C ILE B 36 -27.78 -42.29 1.01
N SER B 37 -27.75 -40.93 0.95
CA SER B 37 -26.77 -40.18 0.13
C SER B 37 -25.33 -40.44 0.57
N ASN B 38 -25.13 -40.61 1.91
CA ASN B 38 -23.82 -41.01 2.49
C ASN B 38 -23.42 -42.39 1.96
N ALA B 39 -24.43 -43.26 1.81
CA ALA B 39 -24.26 -44.66 1.40
C ALA B 39 -24.07 -44.78 -0.13
N SER B 40 -24.71 -43.87 -0.87
CA SER B 40 -24.69 -43.85 -2.34
C SER B 40 -23.31 -43.40 -2.83
N ASP B 41 -22.82 -42.28 -2.28
CA ASP B 41 -21.52 -41.70 -2.64
C ASP B 41 -20.36 -42.52 -2.04
N ALA B 42 -20.64 -43.33 -0.99
CA ALA B 42 -19.65 -44.29 -0.45
C ALA B 42 -19.45 -45.45 -1.44
N ALA B 43 -20.58 -45.95 -1.98
CA ALA B 43 -20.58 -46.99 -3.03
C ALA B 43 -19.97 -46.46 -4.34
N ASP B 44 -20.21 -45.15 -4.62
CA ASP B 44 -19.64 -44.44 -5.78
C ASP B 44 -18.11 -44.45 -5.71
N LYS B 45 -17.54 -44.11 -4.53
CA LYS B 45 -16.08 -44.11 -4.32
C LYS B 45 -15.48 -45.49 -4.59
N LEU B 46 -16.23 -46.56 -4.23
CA LEU B 46 -15.78 -47.94 -4.44
C LEU B 46 -15.86 -48.33 -5.92
N ARG B 47 -16.83 -47.75 -6.65
CA ARG B 47 -16.96 -47.94 -8.11
C ARG B 47 -15.69 -47.46 -8.83
N PHE B 48 -15.18 -46.28 -8.42
CA PHE B 48 -13.93 -45.71 -8.96
C PHE B 48 -12.70 -46.54 -8.55
N ARG B 49 -12.64 -46.90 -7.25
CA ARG B 49 -11.50 -47.65 -6.68
C ARG B 49 -11.45 -49.08 -7.25
N ALA B 50 -12.61 -49.60 -7.67
CA ALA B 50 -12.72 -50.92 -8.32
C ALA B 50 -11.96 -50.95 -9.65
N LEU B 51 -11.95 -49.79 -10.34
CA LEU B 51 -11.29 -49.62 -11.65
C LEU B 51 -9.77 -49.65 -11.51
N SER B 52 -9.26 -49.41 -10.29
CA SER B 52 -7.80 -49.49 -10.01
C SER B 52 -7.46 -50.75 -9.18
N ASN B 53 -8.50 -51.33 -8.53
CA ASN B 53 -8.38 -52.47 -7.59
C ASN B 53 -9.79 -53.09 -7.40
N PRO B 54 -10.22 -54.09 -8.25
CA PRO B 54 -11.54 -54.76 -8.10
C PRO B 54 -11.58 -55.71 -6.87
N ASP B 55 -10.39 -56.05 -6.37
CA ASP B 55 -10.21 -56.96 -5.21
C ASP B 55 -10.75 -56.33 -3.89
N LEU B 56 -10.96 -54.99 -3.91
CA LEU B 56 -11.51 -54.25 -2.75
C LEU B 56 -12.98 -54.62 -2.45
N TYR B 57 -13.68 -55.21 -3.45
CA TYR B 57 -15.06 -55.73 -3.28
C TYR B 57 -15.09 -56.93 -2.30
N GLU B 58 -13.94 -57.62 -2.17
CA GLU B 58 -13.76 -58.80 -1.28
C GLU B 58 -14.67 -59.99 -1.68
N GLY B 59 -15.07 -60.01 -2.97
CA GLY B 59 -15.97 -61.04 -3.51
C GLY B 59 -17.40 -60.55 -3.61
N ASP B 60 -17.87 -59.82 -2.59
CA ASP B 60 -19.20 -59.20 -2.57
C ASP B 60 -19.17 -57.89 -3.38
N GLY B 61 -19.37 -58.03 -4.71
CA GLY B 61 -19.18 -56.92 -5.65
C GLY B 61 -20.39 -56.07 -5.90
N GLU B 62 -21.57 -56.70 -5.92
CA GLU B 62 -22.83 -56.03 -6.29
C GLU B 62 -23.25 -55.04 -5.19
N LEU B 63 -23.04 -53.75 -5.49
CA LEU B 63 -23.23 -52.65 -4.54
C LEU B 63 -24.73 -52.32 -4.34
N ARG B 64 -25.17 -52.44 -3.08
CA ARG B 64 -26.48 -51.99 -2.61
C ARG B 64 -26.36 -51.48 -1.15
N VAL B 65 -27.32 -50.65 -0.74
CA VAL B 65 -27.46 -50.20 0.66
C VAL B 65 -28.72 -50.82 1.26
N ARG B 66 -28.61 -51.25 2.50
CA ARG B 66 -29.65 -52.01 3.21
C ARG B 66 -30.01 -51.32 4.52
N VAL B 67 -31.25 -50.88 4.62
CA VAL B 67 -31.80 -50.25 5.80
C VAL B 67 -32.33 -51.34 6.74
N SER B 68 -31.71 -51.44 7.90
CA SER B 68 -32.15 -52.27 9.01
C SER B 68 -32.61 -51.34 10.13
N PHE B 69 -33.34 -51.91 11.09
CA PHE B 69 -33.85 -51.19 12.26
C PHE B 69 -34.35 -52.21 13.27
N ASP B 70 -34.63 -51.73 14.49
CA ASP B 70 -35.17 -52.55 15.56
C ASP B 70 -36.12 -51.68 16.38
N LYS B 71 -37.39 -52.11 16.46
CA LYS B 71 -38.46 -51.35 17.14
C LYS B 71 -38.23 -51.34 18.67
N ASP B 72 -37.70 -52.47 19.18
CA ASP B 72 -37.48 -52.69 20.63
C ASP B 72 -36.22 -51.96 21.11
N LYS B 73 -35.11 -52.17 20.39
CA LYS B 73 -33.81 -51.51 20.66
C LYS B 73 -33.86 -50.01 20.30
N ARG B 74 -34.84 -49.64 19.46
CA ARG B 74 -35.07 -48.25 19.02
C ARG B 74 -33.83 -47.70 18.28
N THR B 75 -33.21 -48.58 17.47
CA THR B 75 -32.02 -48.27 16.66
C THR B 75 -32.37 -48.40 15.17
N LEU B 76 -32.00 -47.38 14.39
CA LEU B 76 -32.20 -47.35 12.93
C LEU B 76 -30.81 -47.42 12.26
N THR B 77 -30.52 -48.53 11.57
CA THR B 77 -29.19 -48.85 11.04
C THR B 77 -29.19 -48.85 9.49
N ILE B 78 -28.62 -47.81 8.86
CA ILE B 78 -28.49 -47.72 7.39
C ILE B 78 -27.07 -48.18 7.03
N SER B 79 -26.98 -49.40 6.48
CA SER B 79 -25.70 -50.06 6.21
C SER B 79 -25.56 -50.46 4.73
N ASP B 80 -24.58 -49.84 4.06
CA ASP B 80 -24.21 -50.14 2.65
C ASP B 80 -22.97 -51.05 2.60
N ASN B 81 -22.78 -51.71 1.45
CA ASN B 81 -21.55 -52.49 1.16
C ASN B 81 -20.59 -51.66 0.26
N GLY B 82 -20.66 -50.32 0.41
CA GLY B 82 -19.76 -49.41 -0.33
C GLY B 82 -18.30 -49.49 0.14
N VAL B 83 -17.50 -48.46 -0.14
CA VAL B 83 -16.07 -48.47 0.23
C VAL B 83 -15.87 -48.31 1.75
N GLY B 84 -16.92 -47.83 2.44
CA GLY B 84 -16.81 -47.50 3.85
C GLY B 84 -16.07 -46.19 4.04
N MET B 85 -15.46 -46.02 5.21
CA MET B 85 -14.59 -44.87 5.51
C MET B 85 -13.36 -45.38 6.29
N THR B 86 -12.18 -44.95 5.84
CA THR B 86 -10.90 -45.21 6.52
C THR B 86 -10.72 -44.28 7.73
N ARG B 87 -9.60 -44.42 8.45
CA ARG B 87 -9.23 -43.57 9.61
C ARG B 87 -9.22 -42.09 9.19
N ASP B 88 -8.56 -41.79 8.07
CA ASP B 88 -8.48 -40.42 7.49
C ASP B 88 -9.88 -39.93 7.04
N GLU B 89 -10.67 -40.81 6.40
CA GLU B 89 -12.05 -40.50 5.97
C GLU B 89 -12.99 -40.20 7.15
N VAL B 90 -12.71 -40.81 8.31
CA VAL B 90 -13.52 -40.62 9.53
C VAL B 90 -13.08 -39.35 10.28
N ILE B 91 -11.78 -39.17 10.53
CA ILE B 91 -11.29 -38.05 11.35
C ILE B 91 -11.20 -36.75 10.51
N ASP B 92 -10.54 -36.83 9.36
CA ASP B 92 -10.25 -35.65 8.51
C ASP B 92 -11.49 -35.19 7.68
N HIS B 93 -12.53 -36.04 7.60
CA HIS B 93 -13.79 -35.72 6.88
C HIS B 93 -15.00 -35.65 7.86
N LEU B 94 -15.35 -36.76 8.54
CA LEU B 94 -16.53 -36.78 9.46
C LEU B 94 -16.25 -35.94 10.72
N GLY B 95 -14.99 -35.97 11.18
CA GLY B 95 -14.55 -35.17 12.32
C GLY B 95 -14.58 -33.67 12.03
N THR B 96 -14.34 -33.29 10.75
CA THR B 96 -14.40 -31.88 10.30
C THR B 96 -15.85 -31.45 10.00
N ILE B 97 -16.80 -32.42 10.05
CA ILE B 97 -18.24 -32.13 10.08
C ILE B 97 -18.65 -31.78 11.52
N ALA B 98 -18.04 -32.50 12.48
CA ALA B 98 -18.15 -32.22 13.91
C ALA B 98 -17.15 -31.12 14.32
N LYS B 99 -16.89 -30.99 15.63
CA LYS B 99 -15.96 -29.97 16.15
C LYS B 99 -14.52 -30.44 15.95
N SER B 100 -13.91 -30.03 14.82
CA SER B 100 -12.49 -30.27 14.54
C SER B 100 -11.72 -28.95 14.65
N GLY B 101 -11.94 -28.08 13.66
CA GLY B 101 -11.20 -26.82 13.54
C GLY B 101 -10.67 -26.61 12.12
N THR B 102 -11.58 -26.45 11.17
CA THR B 102 -11.24 -26.06 9.78
C THR B 102 -11.18 -24.53 9.65
N LYS B 103 -11.72 -23.83 10.68
CA LYS B 103 -11.78 -22.36 10.77
C LYS B 103 -12.80 -21.81 9.73
N SER B 104 -12.36 -21.72 8.48
CA SER B 104 -13.21 -21.40 7.33
C SER B 104 -12.86 -22.38 6.22
N PHE B 105 -11.56 -22.37 5.86
CA PHE B 105 -10.96 -23.31 4.90
C PHE B 105 -9.73 -23.93 5.55
N LEU B 106 -8.86 -23.05 6.04
CA LEU B 106 -7.58 -23.41 6.67
C LEU B 106 -7.13 -22.23 7.53
N GLU B 107 -6.54 -22.56 8.68
CA GLU B 107 -6.05 -21.57 9.66
C GLU B 107 -4.88 -20.73 9.08
N SER B 108 -4.05 -21.36 8.23
CA SER B 108 -2.83 -20.74 7.67
C SER B 108 -3.13 -19.96 6.35
N LEU B 109 -3.33 -20.69 5.22
CA LEU B 109 -3.45 -20.08 3.87
C LEU B 109 -4.92 -19.82 3.51
N GLY B 110 -5.83 -20.65 4.05
CA GLY B 110 -7.26 -20.57 3.72
C GLY B 110 -7.56 -21.09 2.31
N SER B 111 -6.94 -22.23 1.94
CA SER B 111 -7.02 -22.77 0.57
C SER B 111 -6.76 -24.29 0.53
N ASP B 112 -5.68 -24.74 1.20
CA ASP B 112 -5.25 -26.16 1.20
C ASP B 112 -6.37 -27.11 1.70
N GLN B 113 -6.96 -26.78 2.86
CA GLN B 113 -8.06 -27.57 3.46
C GLN B 113 -9.45 -27.01 3.06
N ALA B 114 -9.51 -26.19 1.98
CA ALA B 114 -10.77 -25.49 1.57
C ALA B 114 -11.87 -26.43 1.09
N LYS B 115 -11.53 -27.72 0.95
CA LYS B 115 -12.44 -28.78 0.47
C LYS B 115 -13.15 -29.43 1.68
N ASP B 116 -13.42 -28.60 2.71
CA ASP B 116 -14.16 -28.95 3.93
C ASP B 116 -15.59 -28.40 3.81
N SER B 117 -15.71 -27.21 3.19
CA SER B 117 -17.00 -26.48 3.04
C SER B 117 -17.97 -27.26 2.12
N GLN B 118 -17.39 -27.94 1.11
CA GLN B 118 -18.12 -28.83 0.17
C GLN B 118 -18.64 -30.09 0.90
N LEU B 119 -17.92 -30.51 1.96
CA LEU B 119 -18.33 -31.62 2.85
C LEU B 119 -19.51 -31.17 3.73
N ILE B 120 -19.44 -29.91 4.21
CA ILE B 120 -20.47 -29.30 5.07
C ILE B 120 -21.83 -29.22 4.32
N GLY B 121 -21.75 -28.92 3.01
CA GLY B 121 -22.93 -28.84 2.13
C GLY B 121 -23.85 -30.08 2.15
N GLN B 122 -23.24 -31.28 2.20
CA GLN B 122 -23.99 -32.56 2.26
C GLN B 122 -24.01 -33.11 3.70
N PHE B 123 -22.81 -33.48 4.18
CA PHE B 123 -22.62 -34.29 5.39
C PHE B 123 -22.86 -33.47 6.67
N GLY B 124 -22.74 -32.13 6.55
CA GLY B 124 -23.04 -31.20 7.65
C GLY B 124 -24.54 -31.06 7.88
N VAL B 125 -25.29 -31.06 6.76
CA VAL B 125 -26.77 -31.06 6.76
C VAL B 125 -27.28 -32.39 7.38
N GLY B 126 -26.66 -33.50 6.95
CA GLY B 126 -26.96 -34.84 7.46
C GLY B 126 -26.67 -35.04 8.94
N PHE B 127 -25.63 -34.33 9.42
CA PHE B 127 -25.18 -34.38 10.82
C PHE B 127 -26.31 -33.91 11.77
N TYR B 128 -26.68 -32.61 11.62
CA TYR B 128 -27.67 -31.95 12.50
C TYR B 128 -29.04 -32.67 12.44
N SER B 129 -29.49 -33.01 11.22
CA SER B 129 -30.81 -33.65 10.99
C SER B 129 -30.91 -35.01 11.69
N ALA B 130 -29.80 -35.79 11.62
CA ALA B 130 -29.68 -37.10 12.26
C ALA B 130 -29.84 -37.00 13.79
N PHE B 131 -29.21 -35.98 14.40
CA PHE B 131 -29.21 -35.79 15.87
C PHE B 131 -30.52 -35.19 16.40
N ILE B 132 -31.44 -34.78 15.50
CA ILE B 132 -32.78 -34.35 15.92
C ILE B 132 -33.59 -35.58 16.36
N VAL B 133 -33.65 -36.56 15.47
CA VAL B 133 -34.42 -37.81 15.66
C VAL B 133 -33.66 -38.79 16.57
N ALA B 134 -32.32 -38.72 16.53
CA ALA B 134 -31.46 -39.65 17.28
C ALA B 134 -30.95 -38.99 18.55
N ASP B 135 -30.90 -39.78 19.62
CA ASP B 135 -30.26 -39.43 20.88
C ASP B 135 -28.73 -39.50 20.70
N LYS B 136 -28.28 -40.56 20.02
CA LYS B 136 -26.87 -40.81 19.75
C LYS B 136 -26.72 -41.48 18.37
N VAL B 137 -25.68 -41.09 17.60
CA VAL B 137 -25.38 -41.69 16.29
C VAL B 137 -24.02 -42.41 16.36
N THR B 138 -24.08 -43.74 16.24
CA THR B 138 -22.90 -44.62 16.16
C THR B 138 -22.60 -44.91 14.67
N VAL B 139 -21.33 -44.89 14.31
CA VAL B 139 -20.85 -45.17 12.95
C VAL B 139 -19.75 -46.23 13.02
N ARG B 140 -20.04 -47.42 12.48
CA ARG B 140 -19.10 -48.53 12.35
C ARG B 140 -18.84 -48.76 10.86
N THR B 141 -17.68 -48.33 10.37
CA THR B 141 -17.32 -48.46 8.96
C THR B 141 -16.33 -49.61 8.75
N ARG B 142 -16.21 -50.03 7.49
CA ARG B 142 -15.30 -51.08 7.07
C ARG B 142 -14.72 -50.66 5.71
N ALA B 143 -13.49 -50.15 5.74
CA ALA B 143 -12.74 -49.73 4.53
C ALA B 143 -12.54 -50.93 3.58
N ALA B 144 -12.97 -50.78 2.32
CA ALA B 144 -13.00 -51.87 1.34
C ALA B 144 -11.58 -52.32 0.98
N GLY B 145 -11.26 -53.58 1.30
CA GLY B 145 -9.94 -54.15 1.05
C GLY B 145 -9.11 -54.28 2.31
N GLU B 146 -9.42 -53.43 3.31
CA GLU B 146 -8.75 -53.42 4.62
C GLU B 146 -9.29 -54.57 5.50
N LYS B 147 -8.43 -55.10 6.39
CA LYS B 147 -8.77 -56.25 7.26
C LYS B 147 -9.93 -55.86 8.22
N PRO B 148 -10.88 -56.81 8.52
CA PRO B 148 -12.01 -56.60 9.46
C PRO B 148 -11.60 -55.95 10.80
N GLU B 149 -10.43 -56.36 11.32
CA GLU B 149 -9.88 -55.87 12.59
C GLU B 149 -9.64 -54.34 12.57
N ASN B 150 -9.26 -53.82 11.39
CA ASN B 150 -9.02 -52.36 11.22
C ASN B 150 -10.28 -51.67 10.67
N GLY B 151 -11.48 -52.12 11.11
CA GLY B 151 -12.71 -51.34 10.94
C GLY B 151 -12.65 -50.10 11.81
N VAL B 152 -13.46 -49.07 11.52
CA VAL B 152 -13.35 -47.79 12.24
C VAL B 152 -14.66 -47.50 12.98
N PHE B 153 -14.50 -46.89 14.15
CA PHE B 153 -15.58 -46.55 15.06
C PHE B 153 -15.60 -45.02 15.23
N TRP B 154 -16.80 -44.43 15.12
CA TRP B 154 -17.02 -42.99 15.32
C TRP B 154 -18.31 -42.84 16.14
N GLU B 155 -18.25 -42.07 17.21
CA GLU B 155 -19.33 -41.98 18.20
C GLU B 155 -19.53 -40.53 18.65
N SER B 156 -20.79 -40.09 18.68
CA SER B 156 -21.16 -38.76 19.22
C SER B 156 -22.66 -38.73 19.55
N ALA B 157 -23.03 -37.91 20.53
CA ALA B 157 -24.43 -37.66 20.94
C ALA B 157 -24.87 -36.23 20.54
N GLY B 158 -24.05 -35.52 19.73
CA GLY B 158 -24.45 -34.24 19.11
C GLY B 158 -23.75 -33.00 19.66
N GLU B 159 -22.97 -33.20 20.73
CA GLU B 159 -22.11 -32.14 21.34
C GLU B 159 -20.87 -31.89 20.44
N GLY B 160 -20.05 -30.89 20.83
CA GLY B 160 -18.81 -30.56 20.11
C GLY B 160 -17.67 -31.49 20.51
N GLU B 161 -17.91 -32.80 20.34
CA GLU B 161 -17.10 -33.87 20.94
C GLU B 161 -17.49 -35.21 20.27
N TYR B 162 -16.48 -35.97 19.82
CA TYR B 162 -16.67 -37.26 19.13
C TYR B 162 -15.50 -38.22 19.46
N THR B 163 -15.82 -39.49 19.75
CA THR B 163 -14.82 -40.54 19.99
C THR B 163 -14.58 -41.34 18.70
N VAL B 164 -13.32 -41.46 18.30
CA VAL B 164 -12.90 -42.26 17.14
C VAL B 164 -11.79 -43.25 17.57
N ALA B 165 -11.96 -44.52 17.16
CA ALA B 165 -11.01 -45.62 17.43
C ALA B 165 -11.19 -46.71 16.34
N ASP B 166 -10.43 -47.80 16.42
CA ASP B 166 -10.60 -48.94 15.49
C ASP B 166 -11.29 -50.12 16.21
N ILE B 167 -12.21 -50.80 15.49
CA ILE B 167 -12.95 -51.97 15.98
C ILE B 167 -12.93 -53.10 14.94
N THR B 168 -13.41 -54.28 15.33
CA THR B 168 -13.51 -55.44 14.44
C THR B 168 -14.94 -55.54 13.87
N LYS B 169 -15.05 -55.24 12.56
CA LYS B 169 -16.29 -55.37 11.77
C LYS B 169 -15.95 -56.18 10.51
N GLU B 170 -16.61 -57.35 10.34
CA GLU B 170 -16.32 -58.29 9.25
C GLU B 170 -17.04 -57.86 7.96
N ASP B 171 -18.32 -57.48 8.11
CA ASP B 171 -19.15 -57.00 6.98
C ASP B 171 -18.56 -55.70 6.43
N ARG B 172 -18.38 -55.66 5.11
CA ARG B 172 -17.67 -54.58 4.43
C ARG B 172 -18.64 -53.45 4.03
N GLY B 173 -18.14 -52.20 4.05
CA GLY B 173 -18.95 -51.01 3.77
C GLY B 173 -19.20 -50.20 5.03
N THR B 174 -20.22 -49.34 5.00
CA THR B 174 -20.51 -48.42 6.13
C THR B 174 -21.78 -48.87 6.85
N GLU B 175 -21.79 -48.70 8.19
CA GLU B 175 -22.94 -49.00 9.04
C GLU B 175 -23.23 -47.77 9.92
N ILE B 176 -24.36 -47.10 9.69
CA ILE B 176 -24.78 -45.95 10.50
C ILE B 176 -25.93 -46.40 11.42
N THR B 177 -25.60 -46.68 12.69
CA THR B 177 -26.58 -47.15 13.70
C THR B 177 -26.96 -45.98 14.62
N LEU B 178 -28.13 -45.39 14.38
CA LEU B 178 -28.65 -44.25 15.17
C LEU B 178 -29.54 -44.80 16.28
N HIS B 179 -29.17 -44.56 17.54
CA HIS B 179 -30.08 -44.75 18.65
C HIS B 179 -31.11 -43.61 18.59
N LEU B 180 -32.30 -43.91 18.06
CA LEU B 180 -33.41 -42.97 18.01
C LEU B 180 -33.96 -42.77 19.42
N ARG B 181 -34.48 -41.56 19.67
CA ARG B 181 -35.00 -41.17 20.99
C ARG B 181 -36.29 -41.95 21.31
N GLU B 182 -36.52 -42.19 22.60
CA GLU B 182 -37.73 -42.85 23.08
C GLU B 182 -38.94 -41.94 22.83
N GLY B 183 -39.74 -42.33 21.85
CA GLY B 183 -40.83 -41.50 21.32
C GLY B 183 -40.74 -41.29 19.81
N GLU B 184 -39.62 -41.72 19.18
CA GLU B 184 -39.42 -41.62 17.71
C GLU B 184 -39.99 -42.86 16.99
N ASP B 185 -41.18 -43.32 17.45
CA ASP B 185 -41.86 -44.52 16.92
C ASP B 185 -42.20 -44.37 15.42
N GLU B 186 -42.23 -43.10 14.96
CA GLU B 186 -42.40 -42.75 13.54
C GLU B 186 -41.36 -43.47 12.65
N PHE B 187 -40.08 -43.38 13.03
CA PHE B 187 -38.97 -43.97 12.27
C PHE B 187 -38.54 -45.32 12.87
N LEU B 188 -39.40 -45.88 13.75
CA LEU B 188 -39.22 -47.21 14.33
C LEU B 188 -40.27 -48.18 13.79
N ASP B 189 -41.34 -47.63 13.18
CA ASP B 189 -42.39 -48.44 12.56
C ASP B 189 -42.07 -48.60 11.06
N ASP B 190 -42.12 -49.85 10.58
CA ASP B 190 -41.71 -50.23 9.22
C ASP B 190 -42.56 -49.56 8.13
N TRP B 191 -43.84 -49.20 8.43
CA TRP B 191 -44.73 -48.58 7.42
C TRP B 191 -44.10 -47.27 6.93
N ARG B 192 -43.63 -46.47 7.91
CA ARG B 192 -43.11 -45.13 7.68
C ARG B 192 -41.70 -45.20 7.13
N VAL B 193 -40.87 -46.09 7.73
CA VAL B 193 -39.47 -46.30 7.27
C VAL B 193 -39.48 -46.61 5.76
N ARG B 194 -40.25 -47.64 5.36
CA ARG B 194 -40.38 -48.09 3.96
C ARG B 194 -40.91 -46.96 3.04
N SER B 195 -41.88 -46.17 3.55
CA SER B 195 -42.46 -45.03 2.81
C SER B 195 -41.39 -43.98 2.47
N ILE B 196 -40.67 -43.53 3.51
CA ILE B 196 -39.67 -42.44 3.40
C ILE B 196 -38.50 -42.89 2.51
N ILE B 197 -38.13 -44.18 2.66
CA ILE B 197 -37.11 -44.83 1.83
C ILE B 197 -37.52 -44.73 0.35
N SER B 198 -38.78 -45.08 0.02
CA SER B 198 -39.28 -45.03 -1.38
C SER B 198 -39.09 -43.63 -2.00
N LYS B 199 -39.52 -42.59 -1.25
CA LYS B 199 -39.54 -41.19 -1.73
C LYS B 199 -38.13 -40.63 -2.04
N TYR B 200 -37.06 -41.28 -1.54
CA TYR B 200 -35.68 -40.82 -1.80
C TYR B 200 -34.90 -41.83 -2.68
N SER B 201 -35.02 -43.09 -2.32
CA SER B 201 -34.22 -44.18 -2.90
C SER B 201 -34.55 -44.42 -4.37
N ASP B 202 -35.80 -44.12 -4.73
CA ASP B 202 -36.32 -44.38 -6.09
C ASP B 202 -35.64 -43.49 -7.15
N HIS B 203 -35.08 -42.34 -6.71
CA HIS B 203 -34.36 -41.42 -7.62
C HIS B 203 -32.84 -41.67 -7.56
N ILE B 204 -32.41 -42.62 -6.72
CA ILE B 204 -30.99 -42.89 -6.47
C ILE B 204 -30.51 -44.13 -7.28
N ALA B 205 -29.26 -44.06 -7.75
CA ALA B 205 -28.65 -45.07 -8.64
C ALA B 205 -28.00 -46.24 -7.85
N LEU B 206 -28.39 -46.38 -6.58
CA LEU B 206 -27.92 -47.48 -5.72
C LEU B 206 -29.16 -48.25 -5.22
N PRO B 207 -29.29 -49.59 -5.52
CA PRO B 207 -30.37 -50.45 -4.97
C PRO B 207 -30.47 -50.36 -3.44
N VAL B 208 -31.55 -49.74 -2.93
CA VAL B 208 -31.79 -49.60 -1.50
C VAL B 208 -32.80 -50.66 -1.06
N GLU B 209 -32.29 -51.70 -0.40
CA GLU B 209 -33.09 -52.79 0.18
C GLU B 209 -33.41 -52.48 1.66
N ILE B 210 -34.35 -53.26 2.24
CA ILE B 210 -34.71 -53.10 3.66
C ILE B 210 -34.83 -54.48 4.33
N GLU B 211 -34.64 -54.48 5.65
CA GLU B 211 -34.71 -55.67 6.48
C GLU B 211 -36.17 -56.15 6.61
N LYS B 212 -36.52 -57.11 5.76
CA LYS B 212 -37.75 -57.88 5.88
C LYS B 212 -37.47 -59.08 6.79
N ARG B 213 -37.56 -58.86 8.11
CA ARG B 213 -37.36 -59.92 9.10
C ARG B 213 -38.73 -60.52 9.49
N GLU B 214 -38.71 -61.77 9.94
CA GLU B 214 -39.89 -62.49 10.46
C GLU B 214 -39.42 -63.34 11.66
N GLU B 215 -39.57 -62.78 12.88
CA GLU B 215 -39.20 -63.45 14.13
C GLU B 215 -40.31 -64.40 14.58
N LYS B 216 -40.22 -65.64 14.12
CA LYS B 216 -41.13 -66.73 14.50
C LYS B 216 -40.36 -67.74 15.35
N ASP B 217 -41.09 -68.62 16.04
CA ASP B 217 -40.50 -69.56 17.01
C ASP B 217 -39.64 -70.60 16.29
N GLY B 218 -38.31 -70.41 16.35
CA GLY B 218 -37.35 -71.24 15.64
C GLY B 218 -37.04 -70.74 14.23
N GLU B 219 -37.91 -69.88 13.68
CA GLU B 219 -37.77 -69.33 12.31
C GLU B 219 -37.65 -67.79 12.37
N THR B 220 -36.45 -67.31 12.72
CA THR B 220 -36.12 -65.87 12.67
C THR B 220 -35.34 -65.63 11.36
N VAL B 221 -36.07 -65.26 10.30
CA VAL B 221 -35.53 -65.16 8.92
C VAL B 221 -35.40 -63.68 8.55
N ILE B 222 -34.25 -63.31 7.97
CA ILE B 222 -33.98 -61.94 7.50
C ILE B 222 -33.72 -61.98 5.98
N SER B 223 -34.66 -61.41 5.23
CA SER B 223 -34.56 -61.22 3.78
C SER B 223 -34.52 -59.71 3.49
N TRP B 224 -34.11 -59.33 2.27
CA TRP B 224 -33.90 -57.91 1.90
C TRP B 224 -34.71 -57.59 0.64
N GLU B 225 -35.67 -56.66 0.78
CA GLU B 225 -36.55 -56.21 -0.33
C GLU B 225 -36.08 -54.84 -0.84
N LYS B 226 -35.64 -54.77 -2.11
CA LYS B 226 -35.26 -53.49 -2.74
C LYS B 226 -36.52 -52.65 -3.01
N ILE B 227 -36.65 -51.55 -2.26
CA ILE B 227 -37.83 -50.69 -2.29
C ILE B 227 -37.77 -49.73 -3.50
N ASN B 228 -36.55 -49.45 -3.98
CA ASN B 228 -36.33 -48.57 -5.13
C ASN B 228 -36.33 -49.38 -6.43
N LYS B 229 -36.53 -48.69 -7.56
CA LYS B 229 -36.47 -49.34 -8.89
C LYS B 229 -35.05 -49.84 -9.22
N ALA B 230 -34.03 -49.19 -8.62
CA ALA B 230 -32.63 -49.61 -8.67
C ALA B 230 -32.06 -49.52 -10.09
N GLN B 231 -31.94 -48.29 -10.60
CA GLN B 231 -31.33 -48.01 -11.91
C GLN B 231 -30.83 -46.56 -11.94
N ALA B 232 -29.69 -46.38 -12.62
CA ALA B 232 -29.07 -45.07 -12.87
C ALA B 232 -30.08 -44.08 -13.50
N LEU B 233 -30.42 -43.02 -12.74
CA LEU B 233 -31.45 -42.04 -13.15
C LEU B 233 -31.09 -41.35 -14.47
N TRP B 234 -29.79 -41.03 -14.65
CA TRP B 234 -29.32 -40.40 -15.88
C TRP B 234 -29.54 -41.36 -17.09
N THR B 235 -29.17 -42.64 -16.91
CA THR B 235 -29.29 -43.69 -17.95
C THR B 235 -30.77 -43.95 -18.31
N ARG B 236 -31.67 -43.71 -17.34
CA ARG B 236 -33.13 -43.88 -17.49
C ARG B 236 -33.74 -42.91 -18.51
N ASN B 237 -34.92 -43.30 -19.04
CA ASN B 237 -35.60 -42.57 -20.11
C ASN B 237 -36.20 -41.26 -19.58
N LYS B 238 -36.01 -40.19 -20.37
CA LYS B 238 -36.49 -38.82 -20.07
C LYS B 238 -38.01 -38.81 -19.71
N SER B 239 -38.77 -39.62 -20.46
CA SER B 239 -40.24 -39.74 -20.31
C SER B 239 -40.62 -40.57 -19.05
N GLU B 240 -39.77 -41.57 -18.70
CA GLU B 240 -40.08 -42.50 -17.59
C GLU B 240 -39.77 -41.87 -16.21
N ILE B 241 -38.89 -40.87 -16.18
CA ILE B 241 -38.55 -40.17 -14.93
C ILE B 241 -39.55 -39.03 -14.66
N THR B 242 -40.06 -38.95 -13.41
CA THR B 242 -40.97 -37.88 -12.99
C THR B 242 -40.17 -36.66 -12.45
N ASP B 243 -40.87 -35.52 -12.34
CA ASP B 243 -40.29 -34.21 -11.94
C ASP B 243 -39.64 -34.27 -10.55
N GLU B 244 -40.28 -35.05 -9.64
CA GLU B 244 -39.85 -35.20 -8.24
C GLU B 244 -38.46 -35.83 -8.19
N GLU B 245 -38.28 -36.89 -9.00
CA GLU B 245 -37.03 -37.63 -9.09
C GLU B 245 -35.90 -36.73 -9.60
N TYR B 246 -36.20 -35.86 -10.59
CA TYR B 246 -35.21 -34.89 -11.14
C TYR B 246 -34.70 -33.91 -10.05
N LYS B 247 -35.65 -33.11 -9.51
CA LYS B 247 -35.33 -32.01 -8.56
C LYS B 247 -34.59 -32.52 -7.32
N GLU B 248 -34.98 -33.72 -6.87
CA GLU B 248 -34.45 -34.31 -5.62
C GLU B 248 -33.14 -35.09 -5.89
N PHE B 249 -32.95 -35.55 -7.15
CA PHE B 249 -31.69 -36.19 -7.60
C PHE B 249 -30.57 -35.16 -7.66
N TYR B 250 -30.94 -33.91 -8.02
CA TYR B 250 -30.02 -32.76 -7.97
C TYR B 250 -29.45 -32.62 -6.55
N LYS B 251 -30.33 -32.71 -5.55
CA LYS B 251 -29.97 -32.48 -4.14
C LYS B 251 -28.98 -33.55 -3.61
N HIS B 252 -28.95 -34.72 -4.29
CA HIS B 252 -27.93 -35.76 -4.05
C HIS B 252 -26.59 -35.40 -4.75
N ILE B 253 -26.65 -35.29 -6.10
CA ILE B 253 -25.46 -35.19 -6.97
C ILE B 253 -24.69 -33.87 -6.80
N ALA B 254 -25.38 -32.88 -6.22
CA ALA B 254 -24.83 -31.53 -6.03
C ALA B 254 -24.12 -31.44 -4.69
N HIS B 255 -24.60 -32.26 -3.72
CA HIS B 255 -24.23 -32.15 -2.29
C HIS B 255 -24.63 -30.75 -1.77
N ASP B 256 -25.71 -30.26 -2.39
CA ASP B 256 -26.36 -28.96 -2.14
C ASP B 256 -27.84 -29.14 -2.49
N PHE B 257 -28.74 -28.45 -1.79
CA PHE B 257 -30.19 -28.75 -1.86
C PHE B 257 -31.06 -27.50 -2.14
N ASN B 258 -30.47 -26.50 -2.83
CA ASN B 258 -31.26 -25.43 -3.49
C ASN B 258 -32.07 -26.07 -4.63
N ASP B 259 -33.39 -25.87 -4.65
CA ASP B 259 -34.28 -26.53 -5.62
C ASP B 259 -34.11 -25.86 -7.01
N PRO B 260 -33.80 -26.66 -8.09
CA PRO B 260 -33.47 -26.10 -9.43
C PRO B 260 -34.66 -25.37 -10.10
N LEU B 261 -34.36 -24.22 -10.75
CA LEU B 261 -35.33 -23.44 -11.53
C LEU B 261 -35.80 -24.23 -12.75
N THR B 262 -34.83 -24.79 -13.48
CA THR B 262 -35.07 -25.61 -14.68
C THR B 262 -33.86 -26.52 -14.90
N TRP B 263 -34.01 -27.49 -15.82
CA TRP B 263 -32.95 -28.46 -16.15
C TRP B 263 -33.10 -28.95 -17.59
N SER B 264 -32.08 -29.70 -18.04
CA SER B 264 -32.05 -30.36 -19.35
C SER B 264 -31.49 -31.78 -19.18
N HIS B 265 -32.33 -32.79 -19.41
CA HIS B 265 -31.93 -34.20 -19.40
C HIS B 265 -32.02 -34.75 -20.82
N ASN B 266 -30.86 -35.06 -21.42
CA ASN B 266 -30.79 -35.61 -22.78
C ASN B 266 -29.67 -36.66 -22.87
N ARG B 267 -30.00 -37.84 -23.40
CA ARG B 267 -29.05 -38.95 -23.63
C ARG B 267 -28.80 -39.10 -25.14
N VAL B 268 -27.54 -39.36 -25.48
CA VAL B 268 -27.06 -39.40 -26.87
C VAL B 268 -26.49 -40.79 -27.17
N GLU B 269 -27.06 -41.43 -28.20
CA GLU B 269 -26.64 -42.74 -28.70
C GLU B 269 -26.05 -42.58 -30.11
N GLY B 270 -25.52 -43.68 -30.65
CA GLY B 270 -24.93 -43.69 -31.99
C GLY B 270 -23.41 -43.62 -31.92
N LYS B 271 -22.84 -42.49 -32.35
CA LYS B 271 -21.38 -42.32 -32.43
C LYS B 271 -20.80 -42.06 -31.03
N GLN B 272 -21.10 -40.88 -30.45
CA GLN B 272 -20.64 -40.51 -29.11
C GLN B 272 -21.74 -40.85 -28.10
N GLU B 273 -21.59 -41.99 -27.41
CA GLU B 273 -22.54 -42.44 -26.40
C GLU B 273 -22.21 -41.76 -25.05
N TYR B 274 -23.08 -40.83 -24.65
CA TYR B 274 -22.97 -40.13 -23.36
C TYR B 274 -24.35 -39.64 -22.93
N THR B 275 -24.51 -39.39 -21.63
CA THR B 275 -25.76 -38.91 -21.04
C THR B 275 -25.48 -37.63 -20.24
N SER B 276 -26.08 -36.51 -20.65
CA SER B 276 -25.92 -35.23 -19.93
C SER B 276 -27.21 -34.89 -19.16
N LEU B 277 -27.05 -34.55 -17.87
CA LEU B 277 -28.15 -34.14 -16.99
C LEU B 277 -27.66 -32.95 -16.14
N LEU B 278 -28.09 -31.75 -16.56
CA LEU B 278 -27.63 -30.46 -16.01
C LEU B 278 -28.81 -29.73 -15.36
N TYR B 279 -28.54 -29.05 -14.22
CA TYR B 279 -29.56 -28.29 -13.47
C TYR B 279 -29.04 -26.85 -13.24
N ILE B 280 -29.98 -25.88 -13.26
CA ILE B 280 -29.72 -24.49 -12.87
C ILE B 280 -30.26 -24.26 -11.44
N PRO B 281 -29.38 -23.93 -10.43
CA PRO B 281 -29.82 -23.61 -9.04
C PRO B 281 -30.71 -22.35 -8.97
N SER B 282 -31.48 -22.22 -7.87
CA SER B 282 -32.40 -21.09 -7.64
C SER B 282 -31.63 -19.79 -7.29
N GLN B 283 -30.49 -19.98 -6.62
CA GLN B 283 -29.60 -18.89 -6.16
C GLN B 283 -28.15 -19.24 -6.47
N ALA B 284 -27.27 -18.23 -6.39
CA ALA B 284 -25.84 -18.44 -6.51
C ALA B 284 -25.33 -19.27 -5.32
N PRO B 285 -24.64 -20.45 -5.57
CA PRO B 285 -24.00 -21.22 -4.48
C PRO B 285 -22.98 -20.36 -3.71
N TRP B 286 -22.67 -20.76 -2.48
CA TRP B 286 -21.74 -20.01 -1.63
C TRP B 286 -20.35 -19.92 -2.30
N ASP B 287 -19.93 -21.06 -2.87
CA ASP B 287 -18.58 -21.26 -3.45
C ASP B 287 -18.44 -20.60 -4.84
N MET B 288 -19.52 -19.95 -5.32
CA MET B 288 -19.62 -19.34 -6.67
C MET B 288 -18.54 -18.25 -6.88
N TRP B 289 -18.23 -17.54 -5.79
CA TRP B 289 -17.32 -16.36 -5.80
C TRP B 289 -16.06 -16.63 -4.95
N ASN B 290 -15.82 -17.91 -4.61
CA ASN B 290 -14.72 -18.32 -3.73
C ASN B 290 -13.51 -18.81 -4.58
N ARG B 291 -12.39 -19.09 -3.89
CA ARG B 291 -11.11 -19.46 -4.54
C ARG B 291 -10.92 -20.99 -4.62
N ASP B 292 -11.81 -21.76 -3.96
CA ASP B 292 -11.87 -23.22 -4.14
C ASP B 292 -12.95 -23.56 -5.17
N HIS B 293 -12.89 -24.79 -5.70
CA HIS B 293 -13.75 -25.26 -6.78
C HIS B 293 -15.08 -25.83 -6.25
N LYS B 294 -16.17 -25.57 -6.98
CA LYS B 294 -17.45 -26.31 -6.82
C LYS B 294 -18.17 -26.45 -8.17
N HIS B 295 -17.70 -25.71 -9.19
CA HIS B 295 -18.18 -25.86 -10.56
C HIS B 295 -17.75 -27.21 -11.12
N GLY B 296 -18.65 -27.84 -11.89
CA GLY B 296 -18.40 -29.15 -12.47
C GLY B 296 -19.45 -30.17 -12.08
N LEU B 297 -19.25 -31.40 -12.56
CA LEU B 297 -20.27 -32.47 -12.50
C LEU B 297 -19.70 -33.72 -11.80
N LYS B 298 -20.58 -34.67 -11.45
CA LYS B 298 -20.15 -36.03 -11.08
C LYS B 298 -19.86 -36.80 -12.37
N LEU B 299 -18.58 -37.02 -12.64
CA LEU B 299 -18.14 -37.79 -13.80
C LEU B 299 -18.37 -39.30 -13.56
N TYR B 300 -19.05 -39.92 -14.51
CA TYR B 300 -19.23 -41.36 -14.61
C TYR B 300 -18.72 -41.82 -15.97
N VAL B 301 -18.09 -43.00 -16.04
CA VAL B 301 -17.74 -43.68 -17.29
C VAL B 301 -18.36 -45.09 -17.27
N GLN B 302 -19.29 -45.33 -18.23
CA GLN B 302 -20.01 -46.61 -18.39
C GLN B 302 -20.83 -46.96 -17.13
N ARG B 303 -21.40 -45.88 -16.53
CA ARG B 303 -22.30 -45.91 -15.34
C ARG B 303 -21.51 -46.10 -14.02
N VAL B 304 -20.18 -46.18 -14.15
CA VAL B 304 -19.26 -46.36 -13.00
C VAL B 304 -18.69 -44.97 -12.61
N PHE B 305 -18.73 -44.64 -11.31
CA PHE B 305 -18.27 -43.32 -10.80
C PHE B 305 -16.76 -43.12 -11.02
N ILE B 306 -16.37 -41.84 -11.20
CA ILE B 306 -14.96 -41.44 -11.35
C ILE B 306 -14.60 -40.39 -10.28
N MET B 307 -15.22 -39.18 -10.37
CA MET B 307 -14.82 -38.03 -9.52
C MET B 307 -15.93 -36.96 -9.49
N ASP B 308 -16.11 -36.33 -8.30
CA ASP B 308 -16.96 -35.14 -8.13
C ASP B 308 -16.24 -33.88 -8.61
N ASP B 309 -17.05 -32.84 -8.88
CA ASP B 309 -16.57 -31.47 -9.22
C ASP B 309 -15.68 -31.48 -10.48
N ALA B 310 -16.05 -32.33 -11.45
CA ALA B 310 -15.34 -32.42 -12.74
C ALA B 310 -15.68 -31.18 -13.59
N GLU B 311 -14.88 -30.13 -13.37
CA GLU B 311 -15.05 -28.80 -13.98
C GLU B 311 -14.54 -28.75 -15.44
N GLN B 312 -13.88 -29.83 -15.87
CA GLN B 312 -13.35 -29.97 -17.23
C GLN B 312 -14.46 -30.25 -18.26
N PHE B 313 -15.69 -30.50 -17.76
CA PHE B 313 -16.90 -30.66 -18.58
C PHE B 313 -17.74 -29.37 -18.64
N MET B 314 -17.27 -28.28 -18.00
CA MET B 314 -17.97 -26.98 -18.03
C MET B 314 -16.98 -25.80 -18.13
N PRO B 315 -17.22 -24.78 -19.02
CA PRO B 315 -16.42 -23.53 -19.05
C PRO B 315 -16.67 -22.66 -17.81
N ASN B 316 -15.92 -21.55 -17.70
CA ASN B 316 -15.88 -20.75 -16.46
C ASN B 316 -17.04 -19.74 -16.41
N TYR B 317 -17.51 -19.25 -17.58
CA TYR B 317 -18.68 -18.34 -17.65
C TYR B 317 -19.99 -19.08 -17.32
N LEU B 318 -19.95 -20.44 -17.40
CA LEU B 318 -21.10 -21.31 -17.10
C LEU B 318 -20.82 -22.15 -15.83
N ARG B 319 -20.03 -21.60 -14.91
CA ARG B 319 -19.55 -22.34 -13.71
C ARG B 319 -20.69 -22.62 -12.68
N PHE B 320 -21.88 -22.04 -12.92
CA PHE B 320 -23.09 -22.28 -12.08
C PHE B 320 -23.72 -23.64 -12.34
N VAL B 321 -23.49 -24.17 -13.55
CA VAL B 321 -24.10 -25.44 -13.99
C VAL B 321 -23.52 -26.59 -13.19
N ARG B 322 -24.43 -27.36 -12.57
CA ARG B 322 -24.06 -28.51 -11.77
C ARG B 322 -25.02 -29.67 -12.07
N GLY B 323 -24.58 -30.88 -11.76
CA GLY B 323 -25.30 -32.09 -12.14
C GLY B 323 -24.33 -33.25 -12.28
N LEU B 324 -24.44 -33.99 -13.40
CA LEU B 324 -23.57 -35.13 -13.70
C LEU B 324 -23.60 -35.47 -15.20
N ILE B 325 -22.61 -36.24 -15.62
CA ILE B 325 -22.49 -36.73 -16.99
C ILE B 325 -21.83 -38.13 -16.97
N ASP B 326 -22.34 -39.02 -17.80
CA ASP B 326 -21.81 -40.38 -17.96
C ASP B 326 -21.46 -40.62 -19.42
N SER B 327 -20.19 -40.96 -19.71
CA SER B 327 -19.71 -41.18 -21.07
C SER B 327 -19.05 -42.57 -21.19
N SER B 328 -19.46 -43.33 -22.22
CA SER B 328 -18.84 -44.62 -22.56
C SER B 328 -17.65 -44.40 -23.53
N ASP B 329 -17.42 -43.12 -23.90
CA ASP B 329 -16.38 -42.74 -24.87
C ASP B 329 -15.02 -42.60 -24.16
N LEU B 330 -15.02 -41.95 -23.00
CA LEU B 330 -13.81 -41.74 -22.18
C LEU B 330 -13.38 -43.06 -21.49
N PRO B 331 -12.06 -43.23 -21.16
CA PRO B 331 -11.55 -44.42 -20.43
C PRO B 331 -12.06 -44.49 -18.99
N LEU B 332 -11.98 -45.68 -18.38
CA LEU B 332 -12.41 -45.93 -16.99
C LEU B 332 -11.33 -45.49 -15.99
N ASN B 333 -10.07 -45.40 -16.47
CA ASN B 333 -8.91 -44.95 -15.67
C ASN B 333 -8.74 -43.41 -15.74
N VAL B 334 -9.80 -42.71 -16.22
CA VAL B 334 -9.79 -41.26 -16.41
C VAL B 334 -9.69 -40.52 -15.05
N SER B 335 -9.04 -39.36 -15.09
CA SER B 335 -8.87 -38.45 -13.94
C SER B 335 -8.79 -37.02 -14.49
N ARG B 336 -8.65 -35.98 -13.62
CA ARG B 336 -8.51 -34.57 -14.09
C ARG B 336 -7.30 -34.42 -15.03
N GLU B 337 -6.28 -35.28 -14.84
CA GLU B 337 -5.10 -35.37 -15.73
C GLU B 337 -5.52 -35.66 -17.19
N ILE B 338 -6.35 -36.72 -17.37
CA ILE B 338 -6.86 -37.14 -18.69
C ILE B 338 -7.88 -36.14 -19.24
N LEU B 339 -8.66 -35.55 -18.32
CA LEU B 339 -9.68 -34.54 -18.65
C LEU B 339 -9.03 -33.26 -19.20
N GLN B 340 -7.88 -32.92 -18.63
CA GLN B 340 -7.10 -31.73 -18.97
C GLN B 340 -6.33 -31.97 -20.29
N ASP B 341 -5.75 -33.18 -20.38
CA ASP B 341 -4.79 -33.55 -21.44
C ASP B 341 -5.50 -33.92 -22.75
N SER B 342 -6.39 -34.92 -22.70
CA SER B 342 -7.08 -35.47 -23.89
C SER B 342 -8.11 -34.48 -24.45
N THR B 343 -8.19 -34.43 -25.80
CA THR B 343 -9.09 -33.52 -26.53
C THR B 343 -10.54 -34.00 -26.45
N VAL B 344 -10.76 -35.33 -26.23
CA VAL B 344 -12.10 -35.95 -26.19
C VAL B 344 -12.98 -35.33 -25.08
N THR B 345 -12.33 -34.82 -24.02
CA THR B 345 -12.99 -34.14 -22.91
C THR B 345 -13.50 -32.75 -23.34
N ARG B 346 -12.73 -32.07 -24.21
CA ARG B 346 -13.13 -30.76 -24.80
C ARG B 346 -14.33 -30.98 -25.74
N ASN B 347 -14.23 -32.03 -26.55
CA ASN B 347 -15.27 -32.43 -27.52
C ASN B 347 -16.60 -32.79 -26.82
N LEU B 348 -16.46 -33.45 -25.65
CA LEU B 348 -17.60 -33.86 -24.81
C LEU B 348 -18.18 -32.62 -24.08
N ARG B 349 -17.26 -31.71 -23.67
CA ARG B 349 -17.64 -30.48 -22.97
C ARG B 349 -18.49 -29.58 -23.86
N ASN B 350 -18.12 -29.45 -25.16
CA ASN B 350 -18.88 -28.65 -26.16
C ASN B 350 -20.33 -29.11 -26.28
N ALA B 351 -20.51 -30.43 -26.22
CA ALA B 351 -21.81 -31.06 -26.23
C ALA B 351 -22.67 -30.54 -25.06
N LEU B 352 -22.13 -30.66 -23.85
CA LEU B 352 -22.82 -30.22 -22.59
C LEU B 352 -23.05 -28.69 -22.56
N THR B 353 -22.04 -27.96 -23.03
CA THR B 353 -22.03 -26.48 -22.99
C THR B 353 -23.11 -25.92 -23.93
N LYS B 354 -23.36 -26.64 -25.03
CA LYS B 354 -24.41 -26.31 -26.00
C LYS B 354 -25.80 -26.43 -25.30
N ARG B 355 -25.98 -27.51 -24.51
CA ARG B 355 -27.24 -27.75 -23.75
C ARG B 355 -27.48 -26.61 -22.76
N VAL B 356 -26.39 -26.08 -22.16
CA VAL B 356 -26.48 -24.95 -21.21
C VAL B 356 -27.00 -23.67 -21.88
N LEU B 357 -26.29 -23.19 -22.93
CA LEU B 357 -26.63 -21.90 -23.60
C LEU B 357 -28.06 -21.95 -24.17
N GLN B 358 -28.46 -23.14 -24.64
CA GLN B 358 -29.85 -23.43 -25.04
C GLN B 358 -30.78 -23.17 -23.84
N MET B 359 -30.45 -23.82 -22.71
CA MET B 359 -31.24 -23.79 -21.46
C MET B 359 -31.26 -22.38 -20.82
N LEU B 360 -30.26 -21.54 -21.17
CA LEU B 360 -30.16 -20.14 -20.70
C LEU B 360 -31.20 -19.27 -21.42
N GLU B 361 -31.26 -19.39 -22.77
CA GLU B 361 -32.25 -18.65 -23.55
C GLU B 361 -33.65 -19.23 -23.33
N LYS B 362 -33.70 -20.54 -23.03
CA LYS B 362 -34.94 -21.21 -22.61
C LYS B 362 -35.47 -20.47 -21.38
N LEU B 363 -34.63 -20.40 -20.33
CA LEU B 363 -34.96 -19.73 -19.06
C LEU B 363 -35.31 -18.24 -19.31
N ALA B 364 -34.65 -17.62 -20.30
CA ALA B 364 -34.83 -16.20 -20.65
C ALA B 364 -36.22 -15.89 -21.23
N LYS B 365 -36.77 -16.84 -22.02
CA LYS B 365 -38.00 -16.63 -22.80
C LYS B 365 -39.21 -17.33 -22.15
N ASP B 366 -38.91 -18.46 -21.50
CA ASP B 366 -39.90 -19.34 -20.84
C ASP B 366 -40.19 -18.86 -19.41
N ASP B 367 -39.12 -18.51 -18.68
CA ASP B 367 -39.19 -18.14 -17.26
C ASP B 367 -38.51 -16.78 -17.02
N ALA B 368 -39.08 -15.69 -17.58
CA ALA B 368 -38.52 -14.32 -17.46
C ALA B 368 -38.34 -13.89 -15.98
N GLU B 369 -39.32 -14.29 -15.16
CA GLU B 369 -39.31 -14.16 -13.68
C GLU B 369 -38.02 -14.76 -13.09
N LYS B 370 -37.81 -16.05 -13.37
CA LYS B 370 -36.73 -16.87 -12.79
C LYS B 370 -35.37 -16.55 -13.43
N TYR B 371 -35.38 -15.95 -14.64
CA TYR B 371 -34.16 -15.58 -15.37
C TYR B 371 -33.58 -14.25 -14.84
N GLN B 372 -34.46 -13.32 -14.44
CA GLN B 372 -34.03 -12.04 -13.85
C GLN B 372 -33.40 -12.29 -12.47
N THR B 373 -33.99 -13.24 -11.72
CA THR B 373 -33.44 -13.72 -10.44
C THR B 373 -32.06 -14.38 -10.68
N PHE B 374 -32.03 -15.26 -11.70
CA PHE B 374 -30.82 -15.93 -12.20
C PHE B 374 -29.72 -14.90 -12.53
N TRP B 375 -30.11 -13.79 -13.19
CA TRP B 375 -29.16 -12.77 -13.66
C TRP B 375 -28.58 -11.97 -12.46
N GLN B 376 -29.39 -11.80 -11.40
CA GLN B 376 -28.95 -11.12 -10.16
C GLN B 376 -27.92 -11.99 -9.39
N GLN B 377 -27.96 -13.31 -9.64
CA GLN B 377 -27.07 -14.29 -8.98
C GLN B 377 -25.82 -14.60 -9.83
N PHE B 378 -25.98 -14.64 -11.17
CA PHE B 378 -24.96 -15.19 -12.11
C PHE B 378 -24.60 -14.19 -13.22
N GLY B 379 -25.05 -12.93 -13.08
CA GLY B 379 -24.88 -11.91 -14.11
C GLY B 379 -23.44 -11.58 -14.43
N LEU B 380 -22.67 -11.27 -13.37
CA LEU B 380 -21.24 -10.91 -13.48
C LEU B 380 -20.40 -12.10 -14.00
N VAL B 381 -20.94 -13.32 -13.85
CA VAL B 381 -20.29 -14.54 -14.36
C VAL B 381 -20.45 -14.60 -15.89
N LEU B 382 -21.69 -14.44 -16.37
CA LEU B 382 -21.98 -14.40 -17.83
C LEU B 382 -21.32 -13.20 -18.52
N LYS B 383 -20.92 -12.16 -17.74
CA LYS B 383 -20.16 -11.01 -18.28
C LYS B 383 -18.85 -11.47 -18.97
N GLU B 384 -18.12 -12.49 -18.40
CA GLU B 384 -16.86 -13.03 -19.02
C GLU B 384 -17.15 -13.90 -20.24
N GLY B 385 -18.44 -14.24 -20.41
CA GLY B 385 -18.93 -15.01 -21.55
C GLY B 385 -18.45 -14.51 -22.90
N PRO B 386 -18.84 -13.28 -23.36
CA PRO B 386 -18.46 -12.75 -24.70
C PRO B 386 -16.96 -12.40 -24.81
N ALA B 387 -16.23 -12.49 -23.68
CA ALA B 387 -14.80 -12.26 -23.62
C ALA B 387 -14.04 -13.53 -24.06
N GLU B 388 -14.48 -14.70 -23.55
CA GLU B 388 -13.88 -16.00 -23.95
C GLU B 388 -14.56 -16.54 -25.23
N ASP B 389 -15.89 -16.40 -25.29
CA ASP B 389 -16.69 -16.57 -26.52
C ASP B 389 -16.69 -15.26 -27.31
N PHE B 390 -15.52 -14.89 -27.85
CA PHE B 390 -15.37 -13.73 -28.73
C PHE B 390 -16.06 -13.99 -30.09
N ALA B 391 -15.88 -15.23 -30.60
CA ALA B 391 -16.47 -15.68 -31.88
C ALA B 391 -18.01 -15.79 -31.79
N ASN B 392 -18.51 -15.96 -30.55
CA ASN B 392 -19.96 -16.07 -30.25
C ASN B 392 -20.39 -14.93 -29.32
N GLN B 393 -19.66 -13.78 -29.41
CA GLN B 393 -19.91 -12.58 -28.55
C GLN B 393 -21.38 -12.12 -28.62
N GLU B 394 -21.98 -12.24 -29.82
CA GLU B 394 -23.36 -11.83 -30.11
C GLU B 394 -24.36 -12.80 -29.45
N ALA B 395 -24.01 -14.10 -29.48
CA ALA B 395 -24.85 -15.19 -28.92
C ALA B 395 -24.95 -15.07 -27.39
N ILE B 396 -23.84 -14.63 -26.75
CA ILE B 396 -23.80 -14.40 -25.29
C ILE B 396 -24.45 -13.04 -24.96
N ALA B 397 -24.25 -12.05 -25.86
CA ALA B 397 -24.75 -10.66 -25.71
C ALA B 397 -26.28 -10.59 -25.70
N LYS B 398 -26.89 -11.57 -26.39
CA LYS B 398 -28.36 -11.76 -26.41
C LYS B 398 -28.88 -12.15 -25.01
N LEU B 399 -28.05 -12.91 -24.27
CA LEU B 399 -28.35 -13.36 -22.89
C LEU B 399 -28.07 -12.22 -21.89
N LEU B 400 -27.05 -11.39 -22.20
CA LEU B 400 -26.58 -10.31 -21.30
C LEU B 400 -27.67 -9.24 -21.10
N ARG B 401 -27.93 -8.91 -19.82
CA ARG B 401 -28.89 -7.87 -19.41
C ARG B 401 -28.12 -6.70 -18.79
N PHE B 402 -28.57 -5.48 -19.06
CA PHE B 402 -27.90 -4.24 -18.63
C PHE B 402 -28.93 -3.22 -18.12
N ALA B 403 -28.39 -2.13 -17.56
CA ALA B 403 -29.16 -0.95 -17.19
C ALA B 403 -28.81 0.18 -18.17
N SER B 404 -29.61 1.27 -18.18
CA SER B 404 -29.58 2.27 -19.27
C SER B 404 -30.35 3.55 -18.89
N THR B 405 -30.58 4.45 -19.87
CA THR B 405 -31.47 5.63 -19.69
C THR B 405 -32.95 5.19 -19.86
N HIS B 406 -33.17 3.98 -20.42
CA HIS B 406 -34.49 3.33 -20.46
C HIS B 406 -34.88 2.96 -19.02
N THR B 407 -34.00 2.20 -18.35
CA THR B 407 -34.17 1.85 -16.93
C THR B 407 -32.92 2.29 -16.15
N ASP B 408 -33.08 3.27 -15.23
CA ASP B 408 -31.97 3.84 -14.44
C ASP B 408 -31.90 3.18 -13.04
N SER B 409 -32.55 2.03 -12.92
CA SER B 409 -32.49 1.18 -11.73
C SER B 409 -31.19 0.34 -11.77
N SER B 410 -30.80 -0.19 -10.60
CA SER B 410 -29.67 -1.12 -10.48
C SER B 410 -30.02 -2.51 -11.09
N ALA B 411 -31.35 -2.74 -11.27
CA ALA B 411 -31.88 -3.94 -11.92
C ALA B 411 -31.50 -3.95 -13.42
N GLN B 412 -30.58 -4.86 -13.77
CA GLN B 412 -30.11 -5.05 -15.14
C GLN B 412 -31.16 -5.88 -15.91
N THR B 413 -32.07 -5.20 -16.60
CA THR B 413 -33.19 -5.81 -17.33
C THR B 413 -33.02 -5.66 -18.84
N VAL B 414 -32.71 -4.41 -19.26
CA VAL B 414 -32.64 -4.03 -20.68
C VAL B 414 -31.40 -4.67 -21.34
N SER B 415 -31.66 -5.54 -22.31
CA SER B 415 -30.62 -6.20 -23.10
C SER B 415 -30.31 -5.35 -24.32
N LEU B 416 -29.28 -5.76 -25.07
CA LEU B 416 -28.91 -5.13 -26.33
C LEU B 416 -30.00 -5.33 -27.40
N GLU B 417 -30.85 -6.35 -27.19
CA GLU B 417 -32.01 -6.63 -28.04
C GLU B 417 -33.01 -5.44 -27.96
N ASP B 418 -33.37 -5.05 -26.72
CA ASP B 418 -34.32 -3.94 -26.46
C ASP B 418 -33.75 -2.59 -26.93
N TYR B 419 -32.42 -2.45 -26.75
CA TYR B 419 -31.66 -1.28 -27.23
C TYR B 419 -31.89 -1.10 -28.74
N VAL B 420 -31.62 -2.19 -29.49
CA VAL B 420 -31.75 -2.22 -30.96
C VAL B 420 -33.21 -2.00 -31.40
N SER B 421 -34.18 -2.44 -30.56
CA SER B 421 -35.61 -2.27 -30.83
C SER B 421 -35.99 -0.78 -30.91
N ARG B 422 -35.44 0.07 -30.00
CA ARG B 422 -35.71 1.53 -30.04
C ARG B 422 -34.60 2.32 -30.77
N MET B 423 -33.49 1.65 -31.13
CA MET B 423 -32.30 2.29 -31.75
C MET B 423 -32.66 2.91 -33.11
N LYS B 424 -32.17 4.13 -33.37
CA LYS B 424 -32.58 4.93 -34.54
C LYS B 424 -31.91 4.42 -35.83
N GLU B 425 -32.58 4.66 -36.99
CA GLU B 425 -32.04 4.29 -38.31
C GLU B 425 -30.80 5.14 -38.62
N GLY B 426 -29.74 4.48 -39.14
CA GLY B 426 -28.46 5.14 -39.39
C GLY B 426 -27.60 5.22 -38.14
N GLN B 427 -28.13 4.73 -37.00
CA GLN B 427 -27.40 4.64 -35.72
C GLN B 427 -27.02 3.17 -35.49
N GLU B 428 -25.78 2.80 -35.85
CA GLU B 428 -25.24 1.44 -35.62
C GLU B 428 -24.29 1.42 -34.43
N LYS B 429 -24.00 2.60 -33.84
CA LYS B 429 -23.03 2.71 -32.76
C LYS B 429 -23.74 2.90 -31.40
N ILE B 430 -23.49 1.95 -30.50
CA ILE B 430 -24.17 1.82 -29.20
C ILE B 430 -23.38 2.61 -28.14
N TYR B 431 -24.09 3.40 -27.31
CA TYR B 431 -23.49 4.42 -26.42
C TYR B 431 -23.40 3.89 -24.98
N TYR B 432 -22.19 3.89 -24.38
CA TYR B 432 -21.97 3.40 -22.98
C TYR B 432 -21.35 4.48 -22.09
N ILE B 433 -21.85 4.54 -20.84
CA ILE B 433 -21.25 5.29 -19.72
C ILE B 433 -20.86 4.26 -18.66
N THR B 434 -19.56 4.18 -18.36
CA THR B 434 -19.01 3.28 -17.33
C THR B 434 -18.42 4.12 -16.18
N ALA B 435 -18.81 3.76 -14.93
CA ALA B 435 -18.32 4.43 -13.70
C ALA B 435 -18.30 3.42 -12.53
N ASP B 436 -17.58 3.78 -11.46
CA ASP B 436 -17.46 2.94 -10.23
C ASP B 436 -18.72 2.98 -9.37
N SER B 437 -19.60 3.96 -9.65
CA SER B 437 -20.88 4.13 -8.97
C SER B 437 -21.94 4.48 -10.01
N TYR B 438 -23.18 4.01 -9.79
CA TYR B 438 -24.32 4.26 -10.71
C TYR B 438 -24.72 5.76 -10.63
N ALA B 439 -24.62 6.31 -9.41
CA ALA B 439 -24.84 7.74 -9.14
C ALA B 439 -23.78 8.60 -9.87
N ALA B 440 -22.51 8.09 -9.87
CA ALA B 440 -21.37 8.75 -10.57
C ALA B 440 -21.55 8.70 -12.10
N ALA B 441 -22.20 7.63 -12.60
CA ALA B 441 -22.56 7.48 -14.02
C ALA B 441 -23.55 8.58 -14.42
N LYS B 442 -24.53 8.85 -13.53
CA LYS B 442 -25.53 9.93 -13.71
C LYS B 442 -24.90 11.33 -13.50
N SER B 443 -23.83 11.39 -12.67
CA SER B 443 -23.11 12.67 -12.38
C SER B 443 -22.18 13.08 -13.54
N SER B 444 -22.01 12.18 -14.54
CA SER B 444 -21.25 12.45 -15.76
C SER B 444 -22.04 13.42 -16.67
N PRO B 445 -21.52 14.68 -16.93
CA PRO B 445 -22.24 15.70 -17.73
C PRO B 445 -22.43 15.26 -19.21
N HIS B 446 -21.48 14.43 -19.70
CA HIS B 446 -21.49 13.91 -21.10
C HIS B 446 -22.76 13.09 -21.38
N LEU B 447 -23.25 12.41 -20.32
CA LEU B 447 -24.49 11.62 -20.37
C LEU B 447 -25.64 12.51 -20.89
N GLU B 448 -25.74 13.72 -20.29
CA GLU B 448 -26.87 14.64 -20.49
C GLU B 448 -26.90 15.26 -21.89
N LEU B 449 -25.78 15.13 -22.63
CA LEU B 449 -25.69 15.62 -24.01
C LEU B 449 -26.62 14.80 -24.93
N LEU B 450 -26.63 13.49 -24.69
CA LEU B 450 -27.45 12.53 -25.45
C LEU B 450 -28.78 12.28 -24.73
N ARG B 451 -28.76 12.33 -23.38
CA ARG B 451 -29.91 11.99 -22.51
C ARG B 451 -31.07 12.97 -22.73
N LYS B 452 -30.77 14.29 -22.71
CA LYS B 452 -31.79 15.34 -22.93
C LYS B 452 -32.21 15.42 -24.42
N LYS B 453 -31.43 14.81 -25.31
CA LYS B 453 -31.79 14.69 -26.75
C LYS B 453 -32.63 13.43 -27.02
N GLY B 454 -32.92 12.63 -25.97
CA GLY B 454 -33.76 11.43 -26.09
C GLY B 454 -33.05 10.26 -26.77
N ILE B 455 -31.72 10.22 -26.64
CA ILE B 455 -30.87 9.15 -27.19
C ILE B 455 -30.58 8.13 -26.07
N GLU B 456 -30.55 6.84 -26.44
CA GLU B 456 -30.44 5.72 -25.49
C GLU B 456 -28.96 5.44 -25.16
N VAL B 457 -28.62 5.47 -23.87
CA VAL B 457 -27.24 5.26 -23.36
C VAL B 457 -27.28 4.29 -22.17
N LEU B 458 -26.37 3.29 -22.16
CA LEU B 458 -26.32 2.28 -21.08
C LEU B 458 -25.50 2.79 -19.89
N LEU B 459 -25.93 2.43 -18.67
CA LEU B 459 -25.30 2.87 -17.42
C LEU B 459 -24.70 1.67 -16.69
N LEU B 460 -23.44 1.38 -17.03
CA LEU B 460 -22.66 0.24 -16.50
C LEU B 460 -21.89 0.72 -15.25
N SER B 461 -22.24 0.17 -14.08
CA SER B 461 -21.74 0.66 -12.77
C SER B 461 -20.68 -0.27 -12.16
N ASP B 462 -20.19 -1.29 -12.91
CA ASP B 462 -19.12 -2.21 -12.43
C ASP B 462 -17.89 -2.08 -13.34
N ARG B 463 -16.68 -2.33 -12.77
CA ARG B 463 -15.39 -2.21 -13.50
C ARG B 463 -15.18 -3.41 -14.45
N ILE B 464 -15.93 -4.51 -14.25
CA ILE B 464 -15.84 -5.68 -15.14
C ILE B 464 -16.31 -5.32 -16.57
N ASP B 465 -17.40 -4.54 -16.60
CA ASP B 465 -18.06 -4.08 -17.83
C ASP B 465 -17.12 -3.26 -18.74
N GLU B 466 -16.10 -2.66 -18.11
CA GLU B 466 -15.03 -1.90 -18.79
C GLU B 466 -14.33 -2.78 -19.85
N TRP B 467 -13.86 -3.96 -19.40
CA TRP B 467 -13.08 -4.91 -20.24
C TRP B 467 -14.01 -5.81 -21.06
N MET B 468 -15.24 -5.98 -20.56
CA MET B 468 -16.28 -6.77 -21.25
C MET B 468 -16.59 -6.18 -22.63
N MET B 469 -16.79 -4.85 -22.63
CA MET B 469 -17.11 -4.08 -23.86
C MET B 469 -15.86 -3.78 -24.73
N ASN B 470 -14.72 -4.38 -24.36
CA ASN B 470 -13.50 -4.34 -25.18
C ASN B 470 -13.56 -5.46 -26.23
N TYR B 471 -14.11 -6.63 -25.83
CA TYR B 471 -14.20 -7.83 -26.70
C TYR B 471 -15.56 -7.88 -27.41
N LEU B 472 -16.58 -7.35 -26.74
CA LEU B 472 -17.87 -7.02 -27.37
C LEU B 472 -17.64 -5.89 -28.38
N THR B 473 -17.25 -6.29 -29.60
CA THR B 473 -16.95 -5.35 -30.69
C THR B 473 -18.21 -4.92 -31.46
N GLU B 474 -19.15 -5.87 -31.70
CA GLU B 474 -20.43 -5.57 -32.38
C GLU B 474 -21.53 -6.61 -32.08
N PHE B 475 -22.79 -6.22 -32.33
CA PHE B 475 -24.00 -7.03 -32.10
C PHE B 475 -25.00 -6.69 -33.22
N ASP B 476 -25.33 -7.70 -34.05
CA ASP B 476 -26.28 -7.57 -35.18
C ASP B 476 -25.76 -6.56 -36.24
N GLY B 477 -24.42 -6.59 -36.43
CA GLY B 477 -23.74 -5.68 -37.37
C GLY B 477 -23.56 -4.27 -36.82
N LYS B 478 -23.87 -4.08 -35.54
CA LYS B 478 -23.83 -2.77 -34.88
C LYS B 478 -22.64 -2.67 -33.90
N PRO B 479 -21.53 -1.94 -34.27
CA PRO B 479 -20.35 -1.78 -33.41
C PRO B 479 -20.62 -0.88 -32.17
N PHE B 480 -20.06 -1.27 -31.03
CA PHE B 480 -20.19 -0.54 -29.77
C PHE B 480 -19.15 0.60 -29.69
N GLN B 481 -19.41 1.60 -28.83
CA GLN B 481 -18.46 2.70 -28.53
C GLN B 481 -18.78 3.32 -27.16
N SER B 482 -17.73 3.74 -26.45
CA SER B 482 -17.84 4.39 -25.13
C SER B 482 -18.01 5.91 -25.31
N VAL B 483 -19.11 6.45 -24.77
CA VAL B 483 -19.37 7.91 -24.73
C VAL B 483 -19.01 8.48 -23.34
N SER B 484 -18.14 7.76 -22.60
CA SER B 484 -17.47 8.28 -21.39
C SER B 484 -16.79 9.63 -21.72
N LYS B 485 -16.21 9.67 -22.94
CA LYS B 485 -15.78 10.89 -23.62
C LYS B 485 -15.54 10.57 -25.11
N VAL B 486 -15.70 11.58 -25.98
CA VAL B 486 -15.38 11.51 -27.42
C VAL B 486 -14.56 12.76 -27.75
N ASP B 487 -13.40 12.55 -28.40
CA ASP B 487 -12.37 13.58 -28.62
C ASP B 487 -11.20 12.93 -29.38
N GLU B 488 -10.33 13.76 -29.99
CA GLU B 488 -9.12 13.30 -30.71
C GLU B 488 -7.98 12.95 -29.72
N SER B 489 -8.38 12.32 -28.58
CA SER B 489 -7.64 12.29 -27.28
C SER B 489 -6.13 12.02 -27.41
N LEU B 490 -5.77 11.05 -28.24
CA LEU B 490 -4.37 10.79 -28.61
C LEU B 490 -4.18 11.06 -30.11
N GLU B 491 -5.25 10.75 -30.88
CA GLU B 491 -5.27 10.67 -32.37
C GLU B 491 -4.44 11.75 -33.04
N LYS B 492 -4.77 13.01 -32.71
CA LYS B 492 -4.14 14.20 -33.29
C LYS B 492 -3.45 15.05 -32.21
N LEU B 493 -3.66 14.72 -30.92
CA LEU B 493 -3.27 15.64 -29.81
C LEU B 493 -1.80 15.45 -29.38
N ALA B 494 -0.97 14.96 -30.32
CA ALA B 494 0.48 14.96 -30.18
C ALA B 494 1.04 16.29 -30.72
N ASP B 495 0.56 16.69 -31.91
CA ASP B 495 1.01 17.92 -32.62
C ASP B 495 -0.05 19.02 -32.59
N GLU B 496 -1.33 18.62 -32.71
CA GLU B 496 -2.48 19.56 -32.84
C GLU B 496 -2.90 20.10 -31.45
N VAL B 497 -2.00 20.85 -30.82
CA VAL B 497 -2.13 21.31 -29.43
C VAL B 497 -1.97 22.83 -29.33
N ASP B 498 -2.85 23.56 -30.06
CA ASP B 498 -2.91 25.05 -30.05
C ASP B 498 -1.68 25.68 -30.74
N GLU B 499 -0.55 25.72 -30.01
CA GLU B 499 0.71 26.34 -30.44
C GLU B 499 1.75 26.16 -29.31
N SER B 500 1.24 26.04 -28.06
CA SER B 500 2.01 25.63 -26.88
C SER B 500 2.70 24.30 -27.19
N ALA B 501 3.97 24.39 -27.59
CA ALA B 501 4.77 23.26 -28.05
C ALA B 501 6.18 23.38 -27.46
N LYS B 502 7.16 22.76 -28.15
CA LYS B 502 8.59 22.76 -27.75
C LYS B 502 9.17 24.18 -27.52
N GLU B 503 8.62 25.18 -28.26
CA GLU B 503 8.99 26.60 -28.11
C GLU B 503 8.73 27.11 -26.67
N ALA B 504 7.57 26.71 -26.12
CA ALA B 504 7.18 27.04 -24.74
C ALA B 504 8.01 26.23 -23.74
N GLU B 505 8.19 24.94 -24.07
CA GLU B 505 8.88 23.96 -23.23
C GLU B 505 10.37 24.30 -23.01
N LYS B 506 10.98 25.06 -23.94
CA LYS B 506 12.34 25.60 -23.79
C LYS B 506 12.44 26.56 -22.58
N ALA B 507 11.38 27.35 -22.37
CA ALA B 507 11.26 28.26 -21.20
C ALA B 507 10.76 27.49 -19.96
N LEU B 508 10.04 26.37 -20.20
CA LEU B 508 9.44 25.54 -19.14
C LEU B 508 10.38 24.45 -18.63
N THR B 509 11.54 24.23 -19.26
CA THR B 509 12.53 23.24 -18.76
C THR B 509 13.05 23.59 -17.32
N PRO B 510 13.46 24.88 -16.99
CA PRO B 510 13.77 25.28 -15.59
C PRO B 510 12.53 25.12 -14.67
N PHE B 511 11.34 25.35 -15.25
CA PHE B 511 10.05 25.18 -14.56
C PHE B 511 9.84 23.69 -14.17
N ILE B 512 10.26 22.75 -15.06
CA ILE B 512 10.17 21.29 -14.80
C ILE B 512 11.03 20.94 -13.57
N ASP B 513 12.27 21.45 -13.58
CA ASP B 513 13.24 21.23 -12.47
C ASP B 513 12.73 21.80 -11.15
N ARG B 514 12.10 22.99 -11.21
CA ARG B 514 11.56 23.66 -10.02
C ARG B 514 10.41 22.87 -9.41
N VAL B 515 9.43 22.47 -10.25
CA VAL B 515 8.24 21.71 -9.81
C VAL B 515 8.64 20.36 -9.21
N LYS B 516 9.49 19.63 -9.94
CA LYS B 516 9.86 18.25 -9.61
C LYS B 516 10.73 18.19 -8.34
N ALA B 517 11.50 19.27 -8.08
CA ALA B 517 12.31 19.40 -6.84
C ALA B 517 11.45 19.93 -5.68
N LEU B 518 10.42 20.74 -6.00
CA LEU B 518 9.47 21.31 -5.01
C LEU B 518 8.60 20.18 -4.44
N LEU B 519 8.21 19.24 -5.33
CA LEU B 519 7.35 18.11 -4.97
C LEU B 519 8.20 16.97 -4.40
N GLY B 520 9.26 16.59 -5.15
CA GLY B 520 10.21 15.55 -4.74
C GLY B 520 9.54 14.21 -4.41
N GLU B 521 9.16 14.05 -3.14
CA GLU B 521 8.53 12.83 -2.61
C GLU B 521 6.99 12.95 -2.56
N ARG B 522 6.45 13.89 -3.34
CA ARG B 522 5.01 13.97 -3.61
C ARG B 522 4.66 13.13 -4.84
N VAL B 523 5.61 13.05 -5.80
CA VAL B 523 5.36 12.51 -7.16
C VAL B 523 6.53 11.64 -7.64
N LYS B 524 6.22 10.61 -8.45
CA LYS B 524 7.22 9.75 -9.12
C LYS B 524 7.98 10.54 -10.21
N ASP B 525 7.20 11.22 -11.08
CA ASP B 525 7.76 11.98 -12.23
C ASP B 525 6.78 13.08 -12.67
N VAL B 526 7.32 14.26 -13.03
CA VAL B 526 6.53 15.43 -13.45
C VAL B 526 6.84 15.77 -14.91
N ARG B 527 5.77 15.90 -15.74
CA ARG B 527 5.90 16.13 -17.19
C ARG B 527 4.99 17.31 -17.61
N LEU B 528 5.44 18.09 -18.60
CA LEU B 528 4.63 19.14 -19.22
C LEU B 528 4.05 18.60 -20.55
N THR B 529 2.84 18.02 -20.47
CA THR B 529 2.14 17.44 -21.65
C THR B 529 1.14 18.48 -22.19
N HIS B 530 0.44 18.17 -23.29
CA HIS B 530 -0.44 19.13 -23.97
C HIS B 530 -1.85 18.54 -24.18
N ARG B 531 -2.33 17.78 -23.18
CA ARG B 531 -3.72 17.31 -23.13
C ARG B 531 -4.62 18.52 -22.85
N LEU B 532 -5.37 18.97 -23.88
CA LEU B 532 -6.13 20.23 -23.86
C LEU B 532 -7.11 20.26 -22.67
N THR B 533 -8.18 19.43 -22.75
CA THR B 533 -9.20 19.22 -21.68
C THR B 533 -9.72 20.55 -21.03
N ASP B 534 -10.44 20.46 -19.89
CA ASP B 534 -10.91 21.65 -19.13
C ASP B 534 -10.14 21.78 -17.80
N THR B 535 -9.36 20.75 -17.45
CA THR B 535 -8.60 20.69 -16.21
C THR B 535 -7.15 21.18 -16.45
N PRO B 536 -6.57 22.04 -15.57
CA PRO B 536 -5.16 22.54 -15.70
C PRO B 536 -4.11 21.41 -15.68
N ALA B 537 -4.40 20.35 -14.93
CA ALA B 537 -3.48 19.24 -14.71
C ALA B 537 -4.21 17.90 -14.82
N ILE B 538 -3.42 16.84 -14.97
CA ILE B 538 -3.90 15.46 -15.10
C ILE B 538 -2.76 14.52 -14.66
N VAL B 539 -3.11 13.37 -14.07
CA VAL B 539 -2.13 12.33 -13.71
C VAL B 539 -2.35 11.08 -14.57
N SER B 540 -1.23 10.42 -14.93
CA SER B 540 -1.24 9.17 -15.68
C SER B 540 -0.83 7.99 -14.77
N THR B 541 -1.20 6.78 -15.18
CA THR B 541 -0.92 5.54 -14.44
C THR B 541 -0.21 4.53 -15.35
N ASP B 542 0.69 3.73 -14.74
CA ASP B 542 1.44 2.69 -15.44
C ASP B 542 0.60 1.41 -15.51
N ALA B 543 0.20 0.91 -14.35
CA ALA B 543 -0.62 -0.30 -14.21
C ALA B 543 -1.84 0.00 -13.31
N ASP B 544 -2.38 -1.03 -12.60
CA ASP B 544 -3.59 -0.89 -11.76
C ASP B 544 -3.38 0.19 -10.67
N GLU B 545 -4.03 1.35 -10.93
CA GLU B 545 -3.97 2.56 -10.11
C GLU B 545 -2.48 2.95 -9.86
N MET B 546 -1.71 2.92 -10.97
CA MET B 546 -0.24 3.04 -11.00
C MET B 546 0.43 1.76 -10.45
N SER B 547 0.30 1.55 -9.13
CA SER B 547 1.12 0.61 -8.39
C SER B 547 0.48 0.31 -7.01
N THR B 548 -0.87 0.20 -6.95
CA THR B 548 -1.55 0.04 -5.63
C THR B 548 -1.94 -1.44 -5.33
N GLN B 549 -1.51 -2.38 -6.22
CA GLN B 549 -1.78 -3.84 -6.04
C GLN B 549 -1.15 -4.67 -7.19
N MET B 550 0.06 -5.24 -6.92
CA MET B 550 0.71 -6.30 -7.75
C MET B 550 2.08 -6.63 -7.11
N ALA B 551 2.76 -7.70 -7.60
CA ALA B 551 4.06 -8.18 -7.06
C ALA B 551 5.13 -7.06 -7.10
N LYS B 552 5.38 -6.54 -8.31
CA LYS B 552 6.32 -5.41 -8.53
C LYS B 552 5.76 -4.14 -7.88
N LEU B 553 4.44 -4.02 -7.90
CA LEU B 553 3.72 -2.82 -7.44
C LEU B 553 3.55 -2.81 -5.91
N PHE B 554 4.39 -3.58 -5.17
CA PHE B 554 4.56 -3.46 -3.70
C PHE B 554 5.99 -3.88 -3.29
N ALA B 555 6.93 -3.89 -4.26
CA ALA B 555 8.32 -4.36 -4.02
C ALA B 555 9.35 -3.22 -4.18
N ALA B 556 8.88 -1.99 -4.44
CA ALA B 556 9.76 -0.84 -4.72
C ALA B 556 10.53 -0.38 -3.46
N ALA B 557 9.78 -0.09 -2.37
CA ALA B 557 10.39 0.34 -1.08
C ALA B 557 9.83 -0.48 0.10
N GLY B 558 8.49 -0.44 0.29
CA GLY B 558 7.85 -1.13 1.43
C GLY B 558 6.58 -0.44 1.91
N GLN B 559 6.54 0.90 1.74
CA GLN B 559 5.34 1.74 2.06
C GLN B 559 4.21 1.48 1.03
N LYS B 560 3.36 2.50 0.76
CA LYS B 560 2.37 2.48 -0.34
C LYS B 560 3.02 2.47 -1.77
N VAL B 561 4.35 2.13 -1.85
CA VAL B 561 5.23 2.32 -3.03
C VAL B 561 5.48 3.83 -3.34
N PRO B 562 6.78 4.24 -3.57
CA PRO B 562 7.12 5.59 -4.06
C PRO B 562 6.60 5.84 -5.49
N GLU B 563 6.67 4.81 -6.33
CA GLU B 563 6.21 4.87 -7.73
C GLU B 563 4.70 5.12 -7.85
N VAL B 564 3.92 4.71 -6.81
CA VAL B 564 2.44 4.84 -6.78
C VAL B 564 2.03 6.32 -6.93
N LYS B 565 2.94 7.22 -6.48
CA LYS B 565 2.75 8.67 -6.57
C LYS B 565 2.63 9.03 -8.06
N TYR B 566 1.39 9.34 -8.45
CA TYR B 566 0.96 9.39 -9.86
C TYR B 566 1.71 10.49 -10.64
N ILE B 567 1.84 10.30 -11.97
CA ILE B 567 2.73 11.12 -12.79
C ILE B 567 2.02 12.43 -13.12
N PHE B 568 2.54 13.52 -12.53
CA PHE B 568 1.91 14.83 -12.53
C PHE B 568 2.20 15.56 -13.86
N GLU B 569 1.18 15.60 -14.72
CA GLU B 569 1.23 16.29 -16.01
C GLU B 569 0.52 17.64 -15.89
N LEU B 570 1.11 18.68 -16.47
CA LEU B 570 0.50 20.03 -16.57
C LEU B 570 0.37 20.37 -18.06
N ASN B 571 -0.76 20.98 -18.45
CA ASN B 571 -0.98 21.46 -19.83
C ASN B 571 -0.67 22.97 -19.91
N PRO B 572 0.52 23.39 -20.49
CA PRO B 572 0.91 24.80 -20.68
C PRO B 572 -0.17 25.65 -21.39
N ASP B 573 -0.95 24.98 -22.28
CA ASP B 573 -2.00 25.64 -23.09
C ASP B 573 -3.14 26.18 -22.21
N HIS B 574 -3.45 25.48 -21.10
CA HIS B 574 -4.58 25.83 -20.24
C HIS B 574 -4.29 27.16 -19.51
N VAL B 575 -5.29 28.06 -19.49
CA VAL B 575 -5.15 29.46 -18.98
C VAL B 575 -4.58 29.52 -17.54
N LEU B 576 -4.96 28.55 -16.70
CA LEU B 576 -4.52 28.49 -15.30
C LEU B 576 -3.01 28.15 -15.19
N VAL B 577 -2.50 27.38 -16.16
CA VAL B 577 -1.08 26.97 -16.22
C VAL B 577 -0.24 28.05 -16.94
N LYS B 578 -0.89 28.83 -17.84
CA LYS B 578 -0.29 30.07 -18.41
C LYS B 578 0.09 31.02 -17.27
N ARG B 579 -0.87 31.17 -16.34
CA ARG B 579 -0.74 32.04 -15.17
C ARG B 579 0.22 31.43 -14.12
N ALA B 580 0.20 30.08 -14.00
CA ALA B 580 1.03 29.34 -13.01
C ALA B 580 2.52 29.30 -13.46
N ALA B 581 2.74 29.42 -14.78
CA ALA B 581 4.10 29.54 -15.38
C ALA B 581 4.62 30.98 -15.19
N ASP B 582 3.68 31.95 -15.21
CA ASP B 582 3.98 33.37 -14.92
C ASP B 582 4.30 33.56 -13.43
N THR B 583 3.77 32.67 -12.57
CA THR B 583 3.98 32.75 -11.13
C THR B 583 5.40 32.29 -10.77
N GLU B 584 6.30 33.27 -10.58
CA GLU B 584 7.65 33.03 -10.09
C GLU B 584 7.64 32.99 -8.56
N ASP B 585 6.77 33.86 -7.96
CA ASP B 585 6.60 34.00 -6.50
C ASP B 585 6.48 32.65 -5.79
N GLU B 586 7.44 32.38 -4.88
CA GLU B 586 7.58 31.09 -4.18
C GLU B 586 6.26 30.60 -3.53
N ALA B 587 5.49 31.56 -2.97
CA ALA B 587 4.26 31.26 -2.20
C ALA B 587 3.19 30.69 -3.13
N LYS B 588 2.77 31.51 -4.13
CA LYS B 588 1.72 31.13 -5.09
C LYS B 588 2.22 30.10 -6.11
N PHE B 589 3.55 29.95 -6.26
CA PHE B 589 4.14 28.88 -7.09
C PHE B 589 3.79 27.53 -6.46
N SER B 590 4.03 27.44 -5.14
CA SER B 590 3.72 26.26 -4.33
C SER B 590 2.19 26.04 -4.26
N GLU B 591 1.43 27.13 -4.00
CA GLU B 591 -0.03 27.07 -3.84
C GLU B 591 -0.74 26.61 -5.12
N TRP B 592 -0.36 27.20 -6.27
CA TRP B 592 -0.98 26.86 -7.56
C TRP B 592 -0.61 25.42 -7.98
N VAL B 593 0.71 25.17 -8.17
CA VAL B 593 1.23 23.89 -8.70
C VAL B 593 0.76 22.68 -7.86
N GLU B 594 0.87 22.79 -6.53
CA GLU B 594 0.47 21.72 -5.61
C GLU B 594 -1.06 21.58 -5.52
N LEU B 595 -1.81 22.68 -5.74
CA LEU B 595 -3.30 22.62 -5.83
C LEU B 595 -3.70 21.76 -7.03
N LEU B 596 -3.00 21.96 -8.15
CA LEU B 596 -3.23 21.22 -9.40
C LEU B 596 -2.89 19.74 -9.19
N LEU B 597 -1.87 19.49 -8.32
CA LEU B 597 -1.45 18.14 -7.93
C LEU B 597 -2.55 17.44 -7.13
N ASP B 598 -2.99 18.09 -6.02
CA ASP B 598 -4.04 17.55 -5.12
C ASP B 598 -5.30 17.21 -5.93
N GLN B 599 -5.66 18.16 -6.80
CA GLN B 599 -6.86 18.10 -7.66
C GLN B 599 -6.78 16.91 -8.64
N ALA B 600 -5.59 16.69 -9.23
CA ALA B 600 -5.35 15.59 -10.19
C ALA B 600 -5.42 14.22 -9.48
N LEU B 601 -4.69 14.10 -8.35
CA LEU B 601 -4.68 12.88 -7.49
C LEU B 601 -6.09 12.57 -6.98
N LEU B 602 -6.86 13.64 -6.69
CA LEU B 602 -8.24 13.57 -6.18
C LEU B 602 -9.18 12.96 -7.23
N ALA B 603 -8.87 13.19 -8.52
CA ALA B 603 -9.64 12.63 -9.64
C ALA B 603 -9.30 11.14 -9.84
N GLU B 604 -8.07 10.76 -9.41
CA GLU B 604 -7.51 9.42 -9.65
C GLU B 604 -7.79 8.47 -8.46
N ARG B 605 -7.88 9.04 -7.26
CA ARG B 605 -8.02 8.29 -5.99
C ARG B 605 -9.43 8.48 -5.41
N GLY B 606 -9.94 9.71 -5.50
CA GLY B 606 -11.14 10.12 -4.76
C GLY B 606 -10.82 10.50 -3.31
N THR B 607 -9.54 10.32 -2.93
CA THR B 607 -9.08 10.46 -1.55
C THR B 607 -7.72 11.20 -1.56
N LEU B 608 -7.50 12.07 -0.57
CA LEU B 608 -6.23 12.80 -0.40
C LEU B 608 -5.67 12.53 1.00
N GLU B 609 -4.34 12.34 1.05
CA GLU B 609 -3.59 12.17 2.30
C GLU B 609 -3.55 13.51 3.07
N ASP B 610 -3.64 14.61 2.30
CA ASP B 610 -3.64 15.98 2.83
C ASP B 610 -4.98 16.65 2.49
N PRO B 611 -6.08 16.37 3.27
CA PRO B 611 -7.45 16.84 2.96
C PRO B 611 -7.58 18.37 3.16
N ASN B 612 -7.19 18.83 4.37
CA ASN B 612 -7.32 20.24 4.79
C ASN B 612 -6.36 21.16 4.01
N LEU B 613 -5.31 20.56 3.43
CA LEU B 613 -4.30 21.28 2.63
C LEU B 613 -4.91 21.72 1.29
N PHE B 614 -5.66 20.80 0.64
CA PHE B 614 -6.40 21.09 -0.59
C PHE B 614 -7.53 22.09 -0.31
N ILE B 615 -8.26 21.86 0.80
CA ILE B 615 -9.37 22.75 1.25
C ILE B 615 -8.86 24.20 1.45
N ARG B 616 -7.69 24.32 2.08
CA ARG B 616 -7.08 25.63 2.36
C ARG B 616 -6.71 26.35 1.07
N ARG B 617 -6.00 25.65 0.16
CA ARG B 617 -5.54 26.23 -1.12
C ARG B 617 -6.74 26.66 -1.99
N MET B 618 -7.70 25.74 -2.17
CA MET B 618 -8.88 25.93 -3.03
C MET B 618 -9.76 27.09 -2.53
N ASN B 619 -10.32 26.94 -1.30
CA ASN B 619 -11.32 27.89 -0.74
C ASN B 619 -10.71 29.28 -0.47
N GLN B 620 -9.37 29.35 -0.27
CA GLN B 620 -8.67 30.64 -0.11
C GLN B 620 -8.66 31.37 -1.46
N LEU B 621 -8.24 30.67 -2.53
CA LEU B 621 -8.23 31.24 -3.90
C LEU B 621 -9.65 31.61 -4.38
N LEU B 622 -10.68 30.96 -3.79
CA LEU B 622 -12.10 31.24 -4.08
C LEU B 622 -12.58 32.50 -3.34
N VAL B 623 -12.18 32.66 -2.06
CA VAL B 623 -12.65 33.79 -1.21
C VAL B 623 -11.87 35.09 -1.51
N SER B 624 -10.63 34.95 -2.04
CA SER B 624 -9.74 36.08 -2.34
C SER B 624 -10.29 36.94 -3.50
N MET C 1 -12.93 14.59 32.73
CA MET C 1 -11.63 14.87 32.06
C MET C 1 -11.69 16.21 31.32
N ALA C 2 -10.53 16.61 30.77
CA ALA C 2 -10.39 17.84 29.98
C ALA C 2 -11.27 17.78 28.71
N THR C 3 -12.36 18.56 28.68
CA THR C 3 -13.33 18.54 27.56
C THR C 3 -13.41 19.93 26.90
N SER C 4 -13.45 19.95 25.54
CA SER C 4 -13.49 21.18 24.72
C SER C 4 -12.23 22.07 24.94
N THR C 5 -11.17 21.46 25.48
CA THR C 5 -9.91 22.13 25.83
C THR C 5 -8.92 22.14 24.67
N LEU C 6 -9.42 21.84 23.46
CA LEU C 6 -8.63 21.82 22.22
C LEU C 6 -9.60 21.79 21.01
N ILE C 7 -9.06 21.51 19.81
CA ILE C 7 -9.82 21.34 18.57
C ILE C 7 -9.53 19.97 17.93
N LYS C 8 -10.43 19.57 17.02
CA LYS C 8 -10.20 18.45 16.10
C LYS C 8 -9.76 19.02 14.75
N ALA C 9 -8.47 19.41 14.67
CA ALA C 9 -7.87 19.94 13.46
C ALA C 9 -6.67 19.08 13.07
N ILE C 10 -6.84 18.29 11.97
CA ILE C 10 -5.81 17.45 11.33
C ILE C 10 -5.51 16.18 12.17
N ASP C 11 -5.29 15.05 11.48
CA ASP C 11 -4.90 13.78 12.10
C ASP C 11 -4.34 12.81 11.02
N GLY C 12 -3.65 11.76 11.48
CA GLY C 12 -3.08 10.72 10.59
C GLY C 12 -4.11 9.67 10.15
N ASP C 13 -5.38 9.85 10.55
CA ASP C 13 -6.48 8.96 10.15
C ASP C 13 -7.83 9.73 10.23
N THR C 14 -8.34 9.91 11.47
CA THR C 14 -9.58 10.65 11.80
C THR C 14 -9.44 11.23 13.21
N VAL C 15 -9.22 10.32 14.17
CA VAL C 15 -9.06 10.63 15.61
C VAL C 15 -7.92 9.78 16.23
N LYS C 16 -7.15 9.10 15.35
CA LYS C 16 -6.16 8.09 15.71
C LYS C 16 -4.74 8.69 15.62
N LEU C 17 -4.11 8.90 16.78
CA LEU C 17 -2.76 9.48 16.86
C LEU C 17 -1.68 8.37 16.67
N MET C 18 -0.41 8.71 16.98
CA MET C 18 0.76 7.84 16.86
C MET C 18 0.53 6.45 17.49
N TYR C 19 0.62 5.40 16.67
CA TYR C 19 0.48 4.01 17.12
C TYR C 19 0.89 3.09 15.97
N LYS C 20 2.21 2.87 15.83
CA LYS C 20 2.77 2.10 14.71
C LYS C 20 3.88 1.18 15.23
N GLY C 21 3.60 -0.14 15.24
CA GLY C 21 4.55 -1.15 15.72
C GLY C 21 5.55 -1.55 14.64
N GLN C 22 6.62 -0.76 14.49
CA GLN C 22 7.68 -0.98 13.48
C GLN C 22 8.84 -1.81 14.08
N PRO C 23 9.05 -3.08 13.60
CA PRO C 23 10.23 -3.89 13.96
C PRO C 23 11.49 -3.35 13.24
N MET C 24 12.26 -2.54 13.98
CA MET C 24 13.45 -1.83 13.45
C MET C 24 14.47 -1.67 14.60
N THR C 25 15.65 -1.05 14.32
CA THR C 25 16.68 -0.65 15.32
C THR C 25 17.22 -1.87 16.14
N PHE C 26 17.83 -1.63 17.33
CA PHE C 26 18.53 -2.69 18.10
C PHE C 26 18.13 -2.64 19.60
N ARG C 27 18.73 -1.69 20.36
CA ARG C 27 18.64 -1.62 21.84
C ARG C 27 19.48 -0.41 22.37
N LEU C 28 19.79 -0.45 23.71
CA LEU C 28 20.86 0.36 24.35
C LEU C 28 20.28 1.74 24.79
N LEU C 29 20.57 2.78 24.00
CA LEU C 29 20.35 4.20 24.33
C LEU C 29 20.83 4.56 25.78
N LEU C 30 19.99 4.39 26.80
CA LEU C 30 20.36 4.70 28.20
C LEU C 30 20.72 3.41 28.93
N VAL C 31 19.68 2.64 29.31
CA VAL C 31 19.82 1.49 30.23
C VAL C 31 19.03 0.26 29.75
N ASP C 32 18.02 0.46 28.88
CA ASP C 32 17.11 -0.62 28.45
C ASP C 32 17.66 -1.35 27.22
N THR C 33 17.67 -2.69 27.25
CA THR C 33 18.16 -3.53 26.15
C THR C 33 17.15 -4.62 25.78
N PRO C 34 16.28 -4.39 24.75
CA PRO C 34 15.50 -5.46 24.09
C PRO C 34 16.40 -6.59 23.54
N GLU C 35 15.92 -7.85 23.66
CA GLU C 35 16.69 -9.06 23.29
C GLU C 35 17.00 -9.10 21.77
N THR C 36 16.11 -8.47 20.97
CA THR C 36 16.19 -8.40 19.49
C THR C 36 16.04 -9.82 18.87
N LYS C 37 14.83 -10.11 18.36
CA LYS C 37 14.50 -11.40 17.74
C LYS C 37 14.38 -11.23 16.22
N HIS C 38 14.86 -12.24 15.45
CA HIS C 38 14.84 -12.23 13.98
C HIS C 38 14.14 -13.53 13.48
N PRO C 39 12.82 -13.46 13.12
CA PRO C 39 12.09 -14.58 12.49
C PRO C 39 12.33 -14.64 10.96
N LYS C 40 11.64 -15.59 10.28
CA LYS C 40 11.76 -15.73 8.81
C LYS C 40 10.54 -16.52 8.28
N LYS C 41 9.79 -15.92 7.33
CA LYS C 41 8.55 -16.49 6.78
C LYS C 41 8.41 -16.16 5.29
N GLY C 42 7.82 -17.08 4.50
CA GLY C 42 7.52 -16.85 3.08
C GLY C 42 7.01 -18.11 2.37
N VAL C 43 5.89 -17.99 1.63
CA VAL C 43 5.29 -19.09 0.84
C VAL C 43 4.69 -18.52 -0.47
N GLU C 44 4.83 -19.27 -1.59
CA GLU C 44 4.35 -18.85 -2.92
C GLU C 44 3.30 -19.85 -3.48
N LYS C 45 3.75 -20.79 -4.35
CA LYS C 45 2.90 -21.68 -5.16
C LYS C 45 1.88 -20.88 -6.03
N TYR C 46 2.14 -20.82 -7.35
CA TYR C 46 1.20 -20.19 -8.32
C TYR C 46 1.07 -21.08 -9.58
N GLY C 47 0.06 -20.79 -10.40
CA GLY C 47 -0.19 -21.55 -11.63
C GLY C 47 -1.36 -20.99 -12.43
N PRO C 48 -1.31 -21.01 -13.79
CA PRO C 48 -2.40 -20.52 -14.65
C PRO C 48 -3.42 -21.63 -15.04
N GLU C 49 -4.48 -21.23 -15.77
CA GLU C 49 -5.52 -22.12 -16.29
C GLU C 49 -6.19 -21.49 -17.52
N ALA C 50 -6.38 -22.29 -18.56
CA ALA C 50 -6.98 -21.87 -19.83
C ALA C 50 -7.67 -23.08 -20.49
N SER C 51 -8.41 -22.83 -21.56
CA SER C 51 -9.08 -23.89 -22.35
C SER C 51 -9.20 -23.47 -23.81
N ALA C 52 -9.50 -24.44 -24.69
CA ALA C 52 -9.62 -24.23 -26.15
C ALA C 52 -10.43 -25.39 -26.78
N PHE C 53 -10.47 -25.43 -28.13
CA PHE C 53 -11.08 -26.50 -28.95
C PHE C 53 -12.61 -26.55 -28.84
N THR C 54 -13.30 -26.05 -29.90
CA THR C 54 -14.76 -26.19 -30.05
C THR C 54 -15.09 -27.46 -30.85
N LYS C 55 -16.37 -27.89 -30.80
CA LYS C 55 -16.84 -29.14 -31.44
C LYS C 55 -18.37 -29.05 -31.60
N LYS C 56 -18.86 -29.33 -32.82
CA LYS C 56 -20.29 -29.28 -33.15
C LYS C 56 -21.00 -30.50 -32.55
N MET C 57 -21.99 -30.29 -31.69
CA MET C 57 -22.78 -31.39 -31.08
C MET C 57 -24.11 -30.81 -30.52
N VAL C 58 -25.25 -31.38 -30.95
CA VAL C 58 -26.60 -30.84 -30.65
C VAL C 58 -27.68 -31.96 -30.70
N GLU C 59 -27.87 -32.66 -29.57
CA GLU C 59 -28.94 -33.67 -29.40
C GLU C 59 -29.72 -33.31 -28.12
N ASN C 60 -30.73 -32.43 -28.26
CA ASN C 60 -31.47 -31.91 -27.11
C ASN C 60 -32.92 -31.58 -27.53
N ALA C 61 -33.88 -32.16 -26.80
CA ALA C 61 -35.33 -32.05 -27.06
C ALA C 61 -36.11 -32.14 -25.73
N LYS C 62 -37.41 -31.82 -25.79
CA LYS C 62 -38.27 -31.70 -24.59
C LYS C 62 -39.74 -31.44 -24.99
N LYS C 63 -40.68 -32.22 -24.40
CA LYS C 63 -42.12 -31.95 -24.52
C LYS C 63 -42.89 -32.63 -23.37
N ILE C 64 -42.89 -31.95 -22.22
CA ILE C 64 -43.77 -32.25 -21.07
C ILE C 64 -44.42 -30.90 -20.67
N GLU C 65 -44.98 -30.24 -21.71
CA GLU C 65 -45.32 -28.80 -21.69
C GLU C 65 -46.73 -28.57 -21.12
N VAL C 66 -46.94 -28.95 -19.86
CA VAL C 66 -48.26 -28.84 -19.19
C VAL C 66 -48.07 -28.53 -17.69
N GLU C 67 -48.57 -27.35 -17.29
CA GLU C 67 -48.58 -26.88 -15.90
C GLU C 67 -49.50 -25.64 -15.82
N PHE C 68 -50.26 -25.56 -14.72
CA PHE C 68 -51.19 -24.43 -14.45
C PHE C 68 -50.43 -23.14 -14.08
N ASP C 69 -49.25 -23.27 -13.44
CA ASP C 69 -48.46 -22.12 -12.94
C ASP C 69 -47.87 -21.34 -14.14
N LYS C 70 -47.01 -21.99 -14.94
CA LYS C 70 -46.58 -21.46 -16.25
C LYS C 70 -46.44 -22.61 -17.27
N GLY C 71 -46.64 -22.27 -18.56
CA GLY C 71 -46.44 -23.22 -19.65
C GLY C 71 -44.99 -23.34 -20.04
N GLN C 72 -44.67 -24.34 -20.88
CA GLN C 72 -43.28 -24.65 -21.25
C GLN C 72 -43.06 -24.56 -22.77
N ARG C 73 -41.89 -24.01 -23.15
CA ARG C 73 -41.39 -23.96 -24.54
C ARG C 73 -40.24 -24.96 -24.71
N THR C 74 -40.15 -25.56 -25.91
CA THR C 74 -39.24 -26.69 -26.22
C THR C 74 -37.78 -26.21 -26.43
N ASP C 75 -36.89 -27.17 -26.71
CA ASP C 75 -35.48 -26.92 -27.00
C ASP C 75 -35.27 -26.34 -28.42
N LYS C 76 -34.13 -25.64 -28.56
CA LYS C 76 -33.65 -25.05 -29.82
C LYS C 76 -32.39 -25.80 -30.27
N TYR C 77 -32.14 -25.85 -31.59
CA TYR C 77 -30.87 -26.34 -32.14
C TYR C 77 -29.79 -25.23 -32.05
N GLY C 78 -28.54 -25.59 -32.38
CA GLY C 78 -27.43 -24.63 -32.33
C GLY C 78 -26.06 -25.30 -32.33
N ARG C 79 -25.01 -24.46 -32.27
CA ARG C 79 -23.60 -24.89 -32.42
C ARG C 79 -22.66 -23.73 -32.06
N GLY C 80 -21.34 -23.97 -32.20
CA GLY C 80 -20.32 -22.96 -31.95
C GLY C 80 -19.84 -23.04 -30.51
N LEU C 81 -19.89 -21.88 -29.81
CA LEU C 81 -19.43 -21.72 -28.42
C LEU C 81 -17.90 -21.90 -28.30
N ALA C 82 -17.32 -21.32 -27.25
CA ALA C 82 -15.86 -21.15 -27.15
C ALA C 82 -15.35 -21.37 -25.73
N TYR C 83 -14.01 -21.49 -25.63
CA TYR C 83 -13.27 -21.68 -24.38
C TYR C 83 -11.98 -20.88 -24.44
N ILE C 84 -11.84 -19.91 -23.54
CA ILE C 84 -10.58 -19.15 -23.31
C ILE C 84 -10.43 -18.88 -21.80
N TYR C 85 -11.61 -18.73 -21.13
CA TYR C 85 -11.75 -18.24 -19.74
C TYR C 85 -11.44 -16.73 -19.65
N ALA C 86 -11.63 -16.14 -18.47
CA ALA C 86 -11.45 -14.69 -18.25
C ALA C 86 -9.96 -14.30 -18.03
N ASP C 87 -9.03 -15.07 -18.68
CA ASP C 87 -7.56 -14.88 -18.55
C ASP C 87 -7.10 -15.21 -17.10
N GLY C 88 -7.36 -14.28 -16.18
CA GLY C 88 -7.11 -14.46 -14.75
C GLY C 88 -8.11 -13.65 -13.94
N LYS C 89 -8.28 -12.39 -14.37
CA LYS C 89 -9.31 -11.47 -13.87
C LYS C 89 -10.01 -10.84 -15.09
N MET C 90 -11.31 -10.57 -14.94
CA MET C 90 -12.15 -10.05 -16.03
C MET C 90 -12.07 -8.48 -16.12
N VAL C 91 -10.87 -7.94 -15.83
CA VAL C 91 -10.49 -6.54 -16.14
C VAL C 91 -9.04 -6.56 -16.64
N ASN C 92 -8.70 -5.74 -17.64
CA ASN C 92 -7.35 -5.67 -18.23
C ASN C 92 -7.17 -4.38 -19.04
N GLU C 93 -8.23 -3.98 -19.78
CA GLU C 93 -8.19 -2.80 -20.67
C GLU C 93 -9.61 -2.24 -20.89
N ALA C 94 -9.70 -0.92 -21.16
CA ALA C 94 -10.97 -0.17 -21.27
C ALA C 94 -11.77 -0.53 -22.55
N LEU C 95 -12.97 0.08 -22.66
CA LEU C 95 -13.91 -0.11 -23.80
C LEU C 95 -13.28 0.43 -25.10
N VAL C 96 -13.91 0.08 -26.23
CA VAL C 96 -13.61 0.68 -27.53
C VAL C 96 -13.98 2.19 -27.51
N ARG C 97 -13.01 3.06 -27.84
CA ARG C 97 -13.23 4.52 -27.91
C ARG C 97 -13.46 4.96 -29.36
N GLN C 98 -14.00 6.19 -29.51
CA GLN C 98 -14.40 6.81 -30.80
C GLN C 98 -15.65 6.13 -31.38
N GLY C 99 -16.56 6.95 -31.92
CA GLY C 99 -17.78 6.45 -32.52
C GLY C 99 -18.66 7.57 -33.06
N LEU C 100 -19.99 7.41 -32.90
CA LEU C 100 -20.97 8.37 -33.40
C LEU C 100 -21.05 9.53 -32.38
N ALA C 101 -21.85 9.33 -31.32
CA ALA C 101 -22.07 10.31 -30.23
C ALA C 101 -22.40 11.72 -30.77
N LYS C 102 -22.24 12.77 -29.93
CA LYS C 102 -22.39 14.18 -30.33
C LYS C 102 -23.83 14.52 -30.75
N VAL C 103 -24.12 15.81 -30.80
CA VAL C 103 -25.39 16.34 -31.33
C VAL C 103 -25.10 17.70 -31.99
N ALA C 104 -25.78 17.95 -33.11
CA ALA C 104 -25.67 19.22 -33.86
C ALA C 104 -26.48 20.32 -33.16
N TYR C 105 -27.54 19.90 -32.43
CA TYR C 105 -28.45 20.81 -31.72
C TYR C 105 -27.77 21.37 -30.45
N VAL C 106 -28.08 22.64 -30.12
CA VAL C 106 -27.42 23.40 -29.05
C VAL C 106 -27.72 22.81 -27.65
N TYR C 107 -26.70 22.88 -26.78
CA TYR C 107 -26.79 22.51 -25.37
C TYR C 107 -26.14 23.64 -24.55
N LYS C 108 -26.86 24.76 -24.46
CA LYS C 108 -26.42 25.99 -23.79
C LYS C 108 -26.25 25.75 -22.27
N PRO C 109 -25.05 26.08 -21.67
CA PRO C 109 -24.81 25.93 -20.21
C PRO C 109 -25.55 27.03 -19.39
N ASN C 110 -25.20 27.13 -18.10
CA ASN C 110 -25.80 28.11 -17.19
C ASN C 110 -25.36 29.56 -17.55
N ASN C 111 -24.06 29.84 -17.34
CA ASN C 111 -23.45 31.17 -17.55
C ASN C 111 -21.93 31.05 -17.40
N THR C 112 -21.18 31.73 -18.29
CA THR C 112 -19.71 31.76 -18.26
C THR C 112 -19.21 33.04 -18.98
N HIS C 113 -18.55 33.93 -18.22
CA HIS C 113 -17.97 35.19 -18.75
C HIS C 113 -16.54 34.95 -19.27
N GLU C 114 -15.96 35.99 -19.90
CA GLU C 114 -14.58 35.98 -20.40
C GLU C 114 -14.06 37.42 -20.56
N GLN C 115 -12.74 37.55 -20.72
CA GLN C 115 -12.09 38.86 -21.00
C GLN C 115 -11.67 38.89 -22.48
N HIS C 116 -12.66 39.18 -23.33
CA HIS C 116 -12.52 39.13 -24.80
C HIS C 116 -12.11 40.51 -25.34
N LEU C 117 -10.79 40.79 -25.34
CA LEU C 117 -10.22 42.10 -25.78
C LEU C 117 -8.86 41.94 -26.48
N ARG C 118 -8.59 40.74 -27.04
CA ARG C 118 -7.34 40.47 -27.79
C ARG C 118 -7.32 41.29 -29.10
N LYS C 119 -6.10 41.64 -29.55
CA LYS C 119 -5.85 42.52 -30.70
C LYS C 119 -6.53 42.03 -32.01
N SER C 120 -7.49 42.82 -32.49
CA SER C 120 -8.12 42.59 -33.81
C SER C 120 -7.19 43.15 -34.90
N GLU C 121 -6.83 42.32 -35.89
CA GLU C 121 -5.88 42.69 -36.95
C GLU C 121 -6.56 43.52 -38.05
N ALA C 122 -5.73 44.01 -38.99
CA ALA C 122 -6.20 44.77 -40.15
C ALA C 122 -7.06 43.89 -41.07
N GLN C 123 -8.30 44.34 -41.32
CA GLN C 123 -9.25 43.64 -42.19
C GLN C 123 -9.23 44.31 -43.57
N ALA C 124 -9.23 43.50 -44.65
CA ALA C 124 -9.13 43.98 -46.04
C ALA C 124 -10.26 44.98 -46.41
N LYS C 125 -10.02 45.80 -47.44
CA LYS C 125 -10.90 46.92 -47.81
C LYS C 125 -11.58 46.70 -49.17
N LYS C 126 -12.16 45.50 -49.37
CA LYS C 126 -13.03 45.24 -50.55
C LYS C 126 -14.37 45.96 -50.30
N GLU C 127 -14.39 47.27 -50.54
CA GLU C 127 -15.51 48.15 -50.24
C GLU C 127 -15.85 49.02 -51.46
N LYS C 128 -17.14 49.30 -51.63
CA LYS C 128 -17.66 50.24 -52.63
C LYS C 128 -18.74 51.10 -51.96
N LEU C 129 -18.98 52.30 -52.51
CA LEU C 129 -20.00 53.23 -51.99
C LEU C 129 -20.99 53.59 -53.10
N ASN C 130 -22.29 53.37 -52.82
CA ASN C 130 -23.40 53.79 -53.70
C ASN C 130 -24.71 53.77 -52.90
N ILE C 131 -25.64 54.66 -53.24
CA ILE C 131 -26.97 54.74 -52.59
C ILE C 131 -28.00 55.22 -53.62
N TRP C 132 -29.22 54.63 -53.56
CA TRP C 132 -30.30 54.91 -54.52
C TRP C 132 -31.31 55.89 -53.88
N MET A 1 52.19 48.82 12.52
CA MET A 1 51.11 47.92 12.11
C MET A 1 50.03 47.89 13.21
N LYS A 2 48.94 48.66 13.01
CA LYS A 2 47.82 48.74 13.96
C LYS A 2 46.87 47.55 13.76
N GLY A 3 46.46 47.33 12.50
CA GLY A 3 45.55 46.23 12.16
C GLY A 3 44.94 46.40 10.76
N GLN A 4 43.91 45.59 10.47
CA GLN A 4 43.14 45.65 9.21
C GLN A 4 41.82 44.85 9.36
N GLU A 5 40.71 45.41 8.85
CA GLU A 5 39.37 44.79 8.95
C GLU A 5 39.12 43.83 7.78
N THR A 6 39.52 42.57 7.98
CA THR A 6 39.32 41.47 7.02
C THR A 6 38.72 40.25 7.78
N ARG A 7 38.09 40.57 8.92
CA ARG A 7 37.73 39.60 9.97
C ARG A 7 36.35 38.96 9.73
N GLY A 8 36.37 37.80 9.05
CA GLY A 8 35.17 36.96 8.87
C GLY A 8 34.44 37.22 7.56
N PHE A 9 34.07 36.13 6.86
CA PHE A 9 33.34 36.18 5.59
C PHE A 9 32.14 35.22 5.67
N GLN A 10 30.92 35.79 5.82
CA GLN A 10 29.67 35.03 6.03
C GLN A 10 29.11 34.56 4.66
N SER A 11 29.65 33.43 4.15
CA SER A 11 29.22 32.84 2.87
C SER A 11 29.34 31.31 2.96
N GLU A 12 28.25 30.59 2.65
CA GLU A 12 28.20 29.11 2.78
C GLU A 12 27.63 28.47 1.50
N VAL A 13 28.54 27.97 0.63
CA VAL A 13 28.20 27.27 -0.63
C VAL A 13 29.02 25.96 -0.74
N LYS A 14 28.33 24.83 -1.03
CA LYS A 14 28.92 23.47 -1.15
C LYS A 14 29.74 23.04 0.11
N GLN A 15 30.56 21.98 -0.04
CA GLN A 15 31.50 21.55 1.01
C GLN A 15 32.84 22.28 0.79
N LEU A 16 33.51 21.98 -0.34
CA LEU A 16 34.89 22.47 -0.65
C LEU A 16 34.98 24.02 -0.70
N LEU A 17 33.92 24.67 -1.21
CA LEU A 17 33.86 26.14 -1.30
C LEU A 17 33.58 26.75 0.08
N HIS A 18 32.84 26.01 0.94
CA HIS A 18 32.57 26.40 2.34
C HIS A 18 33.84 26.19 3.19
N LEU A 19 34.67 25.24 2.71
CA LEU A 19 35.91 24.84 3.37
C LEU A 19 36.94 26.00 3.27
N MET A 20 37.17 26.46 2.03
CA MET A 20 38.20 27.47 1.71
C MET A 20 38.01 28.80 2.49
N ILE A 21 36.75 29.14 2.77
CA ILE A 21 36.38 30.39 3.48
C ILE A 21 36.89 30.38 4.95
N HIS A 22 36.82 29.20 5.60
CA HIS A 22 37.33 29.01 6.98
C HIS A 22 38.78 28.46 6.97
N SER A 23 39.30 28.10 5.77
CA SER A 23 40.73 27.78 5.59
C SER A 23 41.57 29.07 5.64
N LEU A 24 40.93 30.17 5.22
CA LEU A 24 41.43 31.53 5.45
C LEU A 24 41.33 31.87 6.95
N TYR A 25 40.07 31.80 7.47
CA TYR A 25 39.74 31.97 8.92
C TYR A 25 40.06 33.42 9.42
N SER A 26 40.48 34.31 8.47
CA SER A 26 41.02 35.66 8.75
C SER A 26 42.33 35.57 9.60
N ASN A 27 42.93 34.37 9.63
CA ASN A 27 44.05 34.08 10.55
C ASN A 27 45.09 33.18 9.84
N LYS A 28 45.28 33.43 8.52
CA LYS A 28 46.37 32.90 7.62
C LYS A 28 47.40 31.88 8.21
N GLU A 29 47.97 32.20 9.38
CA GLU A 29 48.94 31.32 10.13
C GLU A 29 48.33 29.96 10.54
N ILE A 30 47.00 29.80 10.31
CA ILE A 30 46.25 28.54 10.46
C ILE A 30 46.86 27.42 9.57
N PHE A 31 47.64 27.81 8.54
CA PHE A 31 48.35 26.86 7.67
C PHE A 31 49.40 26.06 8.47
N LEU A 32 50.07 26.70 9.44
CA LEU A 32 51.07 26.02 10.30
C LEU A 32 50.41 24.97 11.19
N ARG A 33 49.16 25.24 11.64
CA ARG A 33 48.34 24.26 12.39
C ARG A 33 48.18 22.98 11.57
N GLU A 34 47.75 23.19 10.31
CA GLU A 34 47.33 22.11 9.41
C GLU A 34 48.54 21.35 8.84
N LEU A 35 49.63 22.06 8.52
CA LEU A 35 50.88 21.44 8.01
C LEU A 35 51.45 20.46 9.05
N ILE A 36 51.56 20.94 10.30
CA ILE A 36 52.06 20.11 11.41
C ILE A 36 51.04 18.99 11.74
N SER A 37 49.73 19.32 11.63
CA SER A 37 48.62 18.36 11.87
C SER A 37 48.62 17.23 10.82
N ASN A 38 49.08 17.56 9.60
CA ASN A 38 49.26 16.60 8.49
C ASN A 38 50.41 15.64 8.83
N ALA A 39 51.44 16.19 9.53
CA ALA A 39 52.65 15.45 9.91
C ALA A 39 52.41 14.58 11.16
N SER A 40 51.53 15.09 12.05
CA SER A 40 51.19 14.44 13.32
C SER A 40 50.28 13.23 13.06
N ASP A 41 49.39 13.37 12.06
CA ASP A 41 48.48 12.30 11.64
C ASP A 41 49.21 11.29 10.73
N ALA A 42 50.25 11.75 10.01
CA ALA A 42 51.17 10.88 9.24
C ALA A 42 52.05 10.05 10.20
N ALA A 43 52.39 10.67 11.34
CA ALA A 43 53.11 10.00 12.44
C ALA A 43 52.23 8.91 13.05
N ASP A 44 50.94 9.24 13.27
CA ASP A 44 49.91 8.29 13.72
C ASP A 44 49.79 7.13 12.73
N LYS A 45 49.80 7.46 11.43
CA LYS A 45 49.66 6.46 10.34
C LYS A 45 50.85 5.48 10.36
N LEU A 46 52.05 6.00 10.71
CA LEU A 46 53.26 5.19 10.83
C LEU A 46 53.16 4.24 12.03
N ARG A 47 52.63 4.76 13.15
CA ARG A 47 52.45 3.99 14.40
C ARG A 47 51.58 2.74 14.18
N PHE A 48 50.57 2.86 13.28
CA PHE A 48 49.67 1.75 12.92
C PHE A 48 50.35 0.74 11.98
N ARG A 49 50.99 1.23 10.91
CA ARG A 49 51.62 0.37 9.89
C ARG A 49 52.87 -0.33 10.48
N ALA A 50 53.49 0.31 11.48
CA ALA A 50 54.69 -0.20 12.16
C ALA A 50 54.36 -1.41 13.06
N LEU A 51 53.06 -1.58 13.38
CA LEU A 51 52.57 -2.77 14.10
C LEU A 51 52.76 -4.04 13.24
N SER A 52 52.67 -3.86 11.91
CA SER A 52 52.82 -4.96 10.95
C SER A 52 54.25 -5.01 10.37
N ASN A 53 54.99 -3.89 10.49
CA ASN A 53 56.39 -3.78 10.03
C ASN A 53 57.15 -2.78 10.95
N PRO A 54 57.76 -3.23 12.09
CA PRO A 54 58.60 -2.36 12.96
C PRO A 54 59.82 -1.77 12.20
N ASP A 55 60.15 -2.44 11.09
CA ASP A 55 61.20 -2.08 10.14
C ASP A 55 60.99 -0.68 9.54
N LEU A 56 59.73 -0.21 9.53
CA LEU A 56 59.35 1.11 8.96
C LEU A 56 60.01 2.28 9.73
N TYR A 57 60.44 2.04 10.98
CA TYR A 57 61.17 3.04 11.79
C TYR A 57 62.59 3.30 11.25
N GLU A 58 63.16 2.32 10.51
CA GLU A 58 64.49 2.45 9.84
C GLU A 58 65.63 2.85 10.82
N GLY A 59 65.44 2.57 12.11
CA GLY A 59 66.36 3.00 13.18
C GLY A 59 65.91 4.30 13.84
N ASP A 60 65.31 5.20 13.03
CA ASP A 60 64.77 6.48 13.51
C ASP A 60 63.33 6.27 14.02
N GLY A 61 63.23 5.90 15.30
CA GLY A 61 61.93 5.72 15.96
C GLY A 61 61.42 7.03 16.53
N GLU A 62 62.36 7.97 16.77
CA GLU A 62 62.06 9.34 17.17
C GLU A 62 61.44 10.11 15.99
N LEU A 63 60.11 10.02 15.86
CA LEU A 63 59.37 10.75 14.82
C LEU A 63 59.19 12.20 15.30
N ARG A 64 59.41 13.18 14.41
CA ARG A 64 59.17 14.60 14.72
C ARG A 64 59.02 15.45 13.46
N VAL A 65 58.40 16.61 13.66
CA VAL A 65 58.13 17.61 12.61
C VAL A 65 58.96 18.87 12.93
N ARG A 66 59.87 19.23 12.00
CA ARG A 66 60.84 20.31 12.19
C ARG A 66 60.56 21.46 11.21
N VAL A 67 60.12 22.59 11.76
CA VAL A 67 59.78 23.78 10.98
C VAL A 67 61.05 24.62 10.78
N SER A 68 61.49 24.72 9.52
CA SER A 68 62.69 25.49 9.15
C SER A 68 62.26 26.66 8.29
N PHE A 69 63.08 27.71 8.23
CA PHE A 69 62.79 28.90 7.44
C PHE A 69 64.09 29.61 7.08
N ASP A 70 64.30 29.83 5.78
CA ASP A 70 65.50 30.48 5.26
C ASP A 70 65.13 31.90 4.82
N LYS A 71 65.87 32.86 5.34
CA LYS A 71 65.52 34.28 5.28
C LYS A 71 65.88 34.86 3.89
N ASP A 72 66.94 34.31 3.30
CA ASP A 72 67.45 34.74 1.98
C ASP A 72 66.53 34.25 0.85
N LYS A 73 66.36 32.91 0.73
CA LYS A 73 65.60 32.30 -0.38
C LYS A 73 64.07 32.31 -0.11
N ARG A 74 63.67 32.72 1.11
CA ARG A 74 62.25 32.93 1.50
C ARG A 74 61.42 31.64 1.39
N THR A 75 61.98 30.50 1.86
CA THR A 75 61.28 29.21 1.85
C THR A 75 61.13 28.67 3.29
N LEU A 76 59.91 28.19 3.59
CA LEU A 76 59.59 27.53 4.86
C LEU A 76 59.63 26.00 4.62
N THR A 77 60.60 25.30 5.23
CA THR A 77 60.88 23.88 4.96
C THR A 77 60.54 22.98 6.18
N ILE A 78 59.48 22.16 6.08
CA ILE A 78 59.01 21.28 7.17
C ILE A 78 59.52 19.85 6.93
N SER A 79 60.32 19.34 7.88
CA SER A 79 60.89 17.97 7.83
C SER A 79 60.10 17.05 8.77
N ASP A 80 59.10 16.35 8.20
CA ASP A 80 58.31 15.32 8.90
C ASP A 80 59.05 13.97 8.82
N ASN A 81 59.17 13.26 9.98
CA ASN A 81 59.72 11.90 10.06
C ASN A 81 58.60 10.86 10.30
N GLY A 82 57.36 11.18 9.91
CA GLY A 82 56.22 10.24 9.99
C GLY A 82 56.30 9.15 8.93
N VAL A 83 55.15 8.57 8.53
CA VAL A 83 55.13 7.51 7.50
C VAL A 83 55.54 8.08 6.14
N GLY A 84 55.27 9.39 5.94
CA GLY A 84 55.33 10.00 4.63
C GLY A 84 54.05 9.77 3.88
N MET A 85 54.13 9.55 2.56
CA MET A 85 52.97 9.18 1.71
C MET A 85 53.47 8.20 0.63
N THR A 86 52.83 7.01 0.53
CA THR A 86 53.17 5.97 -0.46
C THR A 86 52.89 6.49 -1.88
N ARG A 87 53.49 5.88 -2.90
CA ARG A 87 53.48 6.41 -4.29
C ARG A 87 52.04 6.59 -4.83
N ASP A 88 51.30 5.47 -4.86
CA ASP A 88 49.90 5.46 -5.35
C ASP A 88 49.01 6.24 -4.37
N GLU A 89 49.41 6.23 -3.08
CA GLU A 89 48.74 7.01 -2.03
C GLU A 89 48.85 8.52 -2.33
N VAL A 90 50.01 9.01 -2.82
CA VAL A 90 50.19 10.46 -3.16
C VAL A 90 49.22 10.86 -4.27
N ILE A 91 49.07 9.98 -5.28
CA ILE A 91 48.11 10.19 -6.40
C ILE A 91 46.66 10.25 -5.86
N ASP A 92 46.39 9.39 -4.87
CA ASP A 92 45.04 9.20 -4.26
C ASP A 92 44.87 10.04 -2.97
N HIS A 93 45.85 10.90 -2.65
CA HIS A 93 45.81 11.77 -1.45
C HIS A 93 46.01 13.23 -1.87
N LEU A 94 47.26 13.60 -2.23
CA LEU A 94 47.61 14.98 -2.60
C LEU A 94 47.01 15.33 -3.98
N GLY A 95 47.02 14.33 -4.89
CA GLY A 95 46.39 14.46 -6.20
C GLY A 95 44.88 14.68 -6.10
N THR A 96 44.25 14.05 -5.11
CA THR A 96 42.80 14.20 -4.84
C THR A 96 42.50 15.46 -4.00
N ILE A 97 43.56 16.15 -3.52
CA ILE A 97 43.43 17.49 -2.91
C ILE A 97 43.46 18.53 -4.05
N ALA A 98 44.35 18.29 -5.02
CA ALA A 98 44.47 19.07 -6.26
C ALA A 98 43.50 18.48 -7.33
N LYS A 99 43.83 18.62 -8.62
CA LYS A 99 42.96 18.18 -9.72
C LYS A 99 43.04 16.65 -9.94
N SER A 100 42.04 15.91 -9.44
CA SER A 100 41.86 14.48 -9.72
C SER A 100 40.43 14.26 -10.26
N GLY A 101 39.45 14.68 -9.45
CA GLY A 101 38.03 14.54 -9.78
C GLY A 101 37.21 13.91 -8.68
N THR A 102 37.60 14.15 -7.40
CA THR A 102 36.83 13.67 -6.25
C THR A 102 35.54 14.49 -6.07
N LYS A 103 35.56 15.74 -6.61
CA LYS A 103 34.41 16.65 -6.65
C LYS A 103 33.94 17.02 -5.22
N SER A 104 33.15 16.12 -4.63
CA SER A 104 32.72 16.18 -3.22
C SER A 104 32.64 14.74 -2.69
N PHE A 105 31.99 13.89 -3.50
CA PHE A 105 31.73 12.47 -3.17
C PHE A 105 32.25 11.55 -4.28
N LEU A 106 32.06 11.97 -5.54
CA LEU A 106 32.48 11.25 -6.76
C LEU A 106 31.77 11.95 -7.94
N GLU A 107 32.46 12.05 -9.07
CA GLU A 107 31.91 12.74 -10.27
C GLU A 107 30.85 11.88 -11.02
N SER A 108 30.95 10.55 -10.92
CA SER A 108 30.08 9.61 -11.68
C SER A 108 28.87 9.12 -10.84
N LEU A 109 29.13 8.34 -9.76
CA LEU A 109 28.05 7.71 -8.95
C LEU A 109 27.71 8.59 -7.72
N GLY A 110 28.75 9.19 -7.11
CA GLY A 110 28.61 9.96 -5.87
C GLY A 110 28.64 9.07 -4.62
N SER A 111 29.58 8.10 -4.61
CA SER A 111 29.68 7.11 -3.51
C SER A 111 31.15 6.67 -3.27
N ASP A 112 31.83 6.25 -4.35
CA ASP A 112 33.18 5.61 -4.28
C ASP A 112 34.21 6.50 -3.55
N GLN A 113 34.47 7.70 -4.09
CA GLN A 113 35.47 8.64 -3.54
C GLN A 113 34.92 9.47 -2.35
N ALA A 114 33.82 9.00 -1.71
CA ALA A 114 33.23 9.69 -0.53
C ALA A 114 34.16 9.63 0.70
N LYS A 115 35.13 8.70 0.66
CA LYS A 115 36.14 8.55 1.73
C LYS A 115 37.40 9.38 1.40
N ASP A 116 37.18 10.50 0.68
CA ASP A 116 38.20 11.53 0.40
C ASP A 116 37.84 12.82 1.12
N SER A 117 36.58 12.93 1.60
CA SER A 117 36.10 14.11 2.35
C SER A 117 36.91 14.32 3.66
N GLN A 118 37.48 13.22 4.16
CA GLN A 118 38.44 13.19 5.29
C GLN A 118 39.74 13.93 4.91
N LEU A 119 40.25 13.59 3.72
CA LEU A 119 41.50 14.15 3.19
C LEU A 119 41.33 15.65 2.93
N ILE A 120 40.22 15.99 2.28
CA ILE A 120 39.86 17.38 1.94
C ILE A 120 39.63 18.21 3.23
N GLY A 121 38.98 17.56 4.22
CA GLY A 121 38.63 18.21 5.50
C GLY A 121 39.83 18.69 6.33
N GLN A 122 41.00 18.05 6.19
CA GLN A 122 42.25 18.45 6.89
C GLN A 122 43.33 18.93 5.90
N PHE A 123 43.74 18.02 5.00
CA PHE A 123 44.87 18.22 4.08
C PHE A 123 44.48 19.20 2.94
N GLY A 124 43.16 19.29 2.65
CA GLY A 124 42.62 20.25 1.68
C GLY A 124 42.56 21.67 2.23
N VAL A 125 42.35 21.77 3.56
CA VAL A 125 42.46 23.06 4.29
C VAL A 125 43.91 23.55 4.25
N GLY A 126 44.84 22.62 4.60
CA GLY A 126 46.28 22.87 4.60
C GLY A 126 46.81 23.34 3.25
N PHE A 127 46.23 22.80 2.17
CA PHE A 127 46.50 23.22 0.78
C PHE A 127 46.23 24.73 0.62
N TYR A 128 44.93 25.10 0.75
CA TYR A 128 44.46 26.46 0.47
C TYR A 128 45.15 27.52 1.35
N SER A 129 45.25 27.20 2.66
CA SER A 129 45.82 28.10 3.68
C SER A 129 47.32 28.34 3.43
N ALA A 130 48.03 27.30 2.96
CA ALA A 130 49.45 27.38 2.57
C ALA A 130 49.65 28.35 1.39
N PHE A 131 48.68 28.39 0.46
CA PHE A 131 48.74 29.27 -0.73
C PHE A 131 48.27 30.72 -0.44
N ILE A 132 47.78 30.98 0.78
CA ILE A 132 47.44 32.35 1.22
C ILE A 132 48.73 33.12 1.57
N VAL A 133 49.69 32.40 2.15
CA VAL A 133 50.97 32.97 2.63
C VAL A 133 52.10 32.73 1.60
N ALA A 134 52.07 31.56 0.94
CA ALA A 134 53.06 31.17 -0.07
C ALA A 134 52.46 31.30 -1.47
N ASP A 135 53.30 31.61 -2.45
CA ASP A 135 52.85 31.74 -3.86
C ASP A 135 52.80 30.34 -4.51
N LYS A 136 53.74 29.48 -4.10
CA LYS A 136 53.82 28.08 -4.56
C LYS A 136 54.29 27.17 -3.40
N VAL A 137 53.71 25.95 -3.30
CA VAL A 137 54.10 24.95 -2.29
C VAL A 137 54.68 23.72 -3.00
N THR A 138 55.79 23.22 -2.46
CA THR A 138 56.49 22.03 -2.94
C THR A 138 56.41 20.93 -1.86
N VAL A 139 56.31 19.68 -2.31
CA VAL A 139 56.31 18.49 -1.45
C VAL A 139 57.26 17.46 -2.07
N ARG A 140 58.01 16.77 -1.22
CA ARG A 140 58.95 15.73 -1.62
C ARG A 140 58.97 14.70 -0.49
N THR A 141 58.10 13.69 -0.61
CA THR A 141 57.91 12.67 0.42
C THR A 141 58.58 11.35 -0.01
N ARG A 142 58.77 10.46 0.96
CA ARG A 142 59.16 9.07 0.75
C ARG A 142 58.57 8.27 1.89
N ALA A 143 57.72 7.29 1.56
CA ALA A 143 57.02 6.49 2.55
C ALA A 143 57.91 5.40 3.14
N ALA A 144 57.56 5.00 4.35
CA ALA A 144 58.16 3.88 5.05
C ALA A 144 57.83 2.56 4.31
N GLY A 145 58.86 1.79 3.98
CA GLY A 145 58.70 0.55 3.23
C GLY A 145 59.06 0.72 1.76
N GLU A 146 58.71 1.91 1.20
CA GLU A 146 59.16 2.31 -0.14
C GLU A 146 60.67 2.55 -0.12
N LYS A 147 61.34 2.24 -1.22
CA LYS A 147 62.79 2.50 -1.41
C LYS A 147 63.00 3.97 -1.86
N PRO A 148 64.22 4.60 -1.65
CA PRO A 148 64.42 6.08 -1.73
C PRO A 148 64.01 6.76 -3.06
N GLU A 149 64.29 6.12 -4.20
CA GLU A 149 64.02 6.74 -5.53
C GLU A 149 62.52 6.64 -5.90
N ASN A 150 61.76 5.85 -5.12
CA ASN A 150 60.29 5.77 -5.19
C ASN A 150 59.67 6.95 -4.40
N GLY A 151 60.52 7.84 -3.86
CA GLY A 151 60.07 9.11 -3.29
C GLY A 151 59.34 9.93 -4.34
N VAL A 152 58.30 10.67 -3.93
CA VAL A 152 57.37 11.31 -4.86
C VAL A 152 57.42 12.83 -4.70
N PHE A 153 57.62 13.50 -5.83
CA PHE A 153 57.59 14.94 -5.95
C PHE A 153 56.14 15.35 -6.28
N TRP A 154 55.64 16.33 -5.56
CA TRP A 154 54.31 16.90 -5.76
C TRP A 154 54.43 18.42 -5.60
N GLU A 155 53.91 19.19 -6.57
CA GLU A 155 54.01 20.65 -6.53
C GLU A 155 52.81 21.30 -7.23
N SER A 156 52.38 22.46 -6.70
CA SER A 156 51.29 23.26 -7.30
C SER A 156 51.47 24.72 -6.85
N ALA A 157 50.97 25.67 -7.66
CA ALA A 157 50.97 27.12 -7.35
C ALA A 157 49.56 27.58 -6.90
N GLY A 158 48.70 26.59 -6.54
CA GLY A 158 47.33 26.85 -6.11
C GLY A 158 46.31 26.80 -7.23
N GLU A 159 46.77 26.54 -8.47
CA GLU A 159 45.91 26.35 -9.65
C GLU A 159 45.28 24.93 -9.61
N GLY A 160 44.24 24.69 -10.43
CA GLY A 160 43.58 23.39 -10.56
C GLY A 160 44.40 22.37 -11.35
N GLU A 161 45.63 22.11 -10.88
CA GLU A 161 46.61 21.20 -11.50
C GLU A 161 47.74 20.92 -10.49
N TYR A 162 48.54 19.87 -10.75
CA TYR A 162 49.70 19.51 -9.92
C TYR A 162 50.74 18.74 -10.76
N THR A 163 52.02 18.94 -10.44
CA THR A 163 53.15 18.20 -11.04
C THR A 163 53.56 17.07 -10.08
N VAL A 164 53.35 15.82 -10.53
CA VAL A 164 53.77 14.61 -9.78
C VAL A 164 54.89 13.90 -10.57
N ALA A 165 55.97 13.51 -9.86
CA ALA A 165 57.15 12.86 -10.45
C ALA A 165 57.85 11.96 -9.43
N ASP A 166 58.83 11.18 -9.90
CA ASP A 166 59.67 10.32 -9.04
C ASP A 166 61.06 10.95 -8.89
N ILE A 167 61.54 11.09 -7.63
CA ILE A 167 62.91 11.59 -7.34
C ILE A 167 63.52 10.75 -6.21
N THR A 168 64.84 10.85 -6.04
CA THR A 168 65.54 10.16 -4.94
C THR A 168 65.40 11.00 -3.66
N LYS A 169 64.51 10.56 -2.76
CA LYS A 169 64.32 11.16 -1.43
C LYS A 169 64.69 10.07 -0.41
N GLU A 170 65.89 10.18 0.15
CA GLU A 170 66.53 9.11 0.95
C GLU A 170 65.82 8.90 2.31
N ASP A 171 65.69 9.97 3.11
CA ASP A 171 65.10 9.89 4.47
C ASP A 171 63.59 9.64 4.40
N ARG A 172 63.05 9.03 5.46
CA ARG A 172 61.62 8.71 5.56
C ARG A 172 60.81 9.97 5.95
N GLY A 173 59.52 9.98 5.60
CA GLY A 173 58.63 11.07 5.96
C GLY A 173 58.46 12.08 4.83
N THR A 174 57.94 13.26 5.17
CA THR A 174 57.49 14.26 4.17
C THR A 174 58.29 15.57 4.30
N GLU A 175 59.05 15.91 3.24
CA GLU A 175 59.80 17.18 3.16
C GLU A 175 58.97 18.20 2.37
N ILE A 176 58.45 19.21 3.05
CA ILE A 176 57.62 20.28 2.47
C ILE A 176 58.47 21.55 2.35
N THR A 177 58.28 22.34 1.28
CA THR A 177 59.01 23.60 1.06
C THR A 177 58.07 24.65 0.42
N LEU A 178 57.57 25.59 1.25
CA LEU A 178 56.68 26.67 0.81
C LEU A 178 57.51 27.87 0.36
N HIS A 179 57.46 28.20 -0.94
CA HIS A 179 58.00 29.47 -1.45
C HIS A 179 57.10 30.62 -0.97
N LEU A 180 57.48 31.24 0.15
CA LEU A 180 56.73 32.37 0.74
C LEU A 180 56.87 33.59 -0.15
N ARG A 181 55.76 34.32 -0.37
CA ARG A 181 55.71 35.52 -1.23
C ARG A 181 56.72 36.59 -0.73
N GLU A 182 57.27 37.39 -1.66
CA GLU A 182 58.21 38.47 -1.31
C GLU A 182 57.46 39.55 -0.51
N GLY A 183 57.80 39.68 0.77
CA GLY A 183 57.06 40.53 1.70
C GLY A 183 56.44 39.73 2.85
N GLU A 184 56.31 38.40 2.65
CA GLU A 184 55.81 37.47 3.67
C GLU A 184 57.01 36.97 4.52
N ASP A 185 57.80 37.94 5.02
CA ASP A 185 58.96 37.71 5.93
C ASP A 185 58.47 37.50 7.38
N GLU A 186 57.14 37.64 7.56
CA GLU A 186 56.42 37.40 8.81
C GLU A 186 56.63 35.94 9.28
N PHE A 187 56.62 34.99 8.32
CA PHE A 187 56.84 33.56 8.60
C PHE A 187 58.31 33.15 8.34
N LEU A 188 59.19 34.17 8.23
CA LEU A 188 60.66 34.02 8.29
C LEU A 188 61.21 34.69 9.57
N ASP A 189 60.28 35.29 10.34
CA ASP A 189 60.60 36.01 11.58
C ASP A 189 60.68 35.02 12.76
N ASP A 190 61.66 35.26 13.65
CA ASP A 190 61.99 34.36 14.77
C ASP A 190 60.80 34.17 15.73
N TRP A 191 60.43 35.23 16.48
CA TRP A 191 59.41 35.12 17.55
C TRP A 191 58.04 34.74 16.95
N ARG A 192 57.78 35.22 15.72
CA ARG A 192 56.46 35.08 15.06
C ARG A 192 56.18 33.60 14.80
N VAL A 193 57.15 32.91 14.16
CA VAL A 193 57.04 31.47 13.86
C VAL A 193 56.92 30.67 15.18
N ARG A 194 57.88 30.91 16.11
CA ARG A 194 57.95 30.21 17.44
C ARG A 194 56.65 30.36 18.25
N SER A 195 56.00 31.52 18.12
CA SER A 195 54.75 31.83 18.82
C SER A 195 53.61 30.98 18.26
N ILE A 196 53.48 30.98 16.91
CA ILE A 196 52.44 30.22 16.21
C ILE A 196 52.63 28.71 16.42
N ILE A 197 53.90 28.28 16.53
CA ILE A 197 54.24 26.90 16.87
C ILE A 197 53.68 26.59 18.25
N SER A 198 53.94 27.46 19.25
CA SER A 198 53.45 27.27 20.65
C SER A 198 51.92 27.05 20.71
N LYS A 199 51.19 27.90 19.95
CA LYS A 199 49.71 27.93 19.95
C LYS A 199 49.09 26.57 19.56
N TYR A 200 49.83 25.80 18.74
CA TYR A 200 49.31 24.57 18.14
C TYR A 200 50.04 23.33 18.70
N SER A 201 51.36 23.42 18.81
CA SER A 201 52.24 22.31 19.22
C SER A 201 51.93 21.85 20.66
N ASP A 202 51.33 22.75 21.46
CA ASP A 202 50.96 22.47 22.85
C ASP A 202 50.04 21.24 22.94
N HIS A 203 49.11 21.11 21.96
CA HIS A 203 48.09 20.02 21.95
C HIS A 203 48.48 18.84 21.04
N ILE A 204 49.65 18.94 20.38
CA ILE A 204 50.08 17.96 19.35
C ILE A 204 50.90 16.83 20.00
N ALA A 205 50.56 15.58 19.62
CA ALA A 205 51.19 14.35 20.18
C ALA A 205 52.44 13.93 19.38
N LEU A 206 53.05 14.89 18.68
CA LEU A 206 54.28 14.70 17.90
C LEU A 206 55.26 15.83 18.24
N PRO A 207 56.55 15.52 18.61
CA PRO A 207 57.59 16.55 18.87
C PRO A 207 57.76 17.55 17.70
N VAL A 208 57.32 18.79 17.92
CA VAL A 208 57.52 19.91 16.98
C VAL A 208 58.77 20.70 17.41
N GLU A 209 59.85 20.52 16.64
CA GLU A 209 61.10 21.26 16.82
C GLU A 209 61.18 22.39 15.79
N ILE A 210 62.09 23.36 16.01
CA ILE A 210 62.27 24.48 15.08
C ILE A 210 63.76 24.65 14.75
N GLU A 211 64.01 25.22 13.56
CA GLU A 211 65.35 25.61 13.12
C GLU A 211 65.88 26.74 14.02
N LYS A 212 66.73 26.37 14.97
CA LYS A 212 67.54 27.33 15.72
C LYS A 212 68.82 27.56 14.93
N ARG A 213 68.73 28.46 13.94
CA ARG A 213 69.89 28.85 13.15
C ARG A 213 70.54 30.06 13.82
N GLU A 214 71.73 29.85 14.37
CA GLU A 214 72.50 30.87 15.06
C GLU A 214 73.65 31.30 14.16
N GLU A 215 73.55 32.53 13.65
CA GLU A 215 74.61 33.17 12.87
C GLU A 215 75.70 33.65 13.86
N LYS A 216 76.51 32.68 14.31
CA LYS A 216 77.60 32.91 15.27
C LYS A 216 78.89 33.18 14.51
N ASP A 217 79.86 33.78 15.20
CA ASP A 217 81.16 34.16 14.61
C ASP A 217 81.85 32.92 14.01
N GLY A 218 81.82 32.85 12.66
CA GLY A 218 82.40 31.73 11.91
C GLY A 218 81.47 30.53 11.77
N GLU A 219 80.52 30.37 12.71
CA GLU A 219 79.71 29.15 12.87
C GLU A 219 78.22 29.42 12.55
N THR A 220 77.72 28.88 11.43
CA THR A 220 76.29 28.89 11.11
C THR A 220 75.65 27.63 11.75
N VAL A 221 75.45 27.69 13.08
CA VAL A 221 74.99 26.54 13.88
C VAL A 221 73.49 26.29 13.64
N ILE A 222 73.15 25.08 13.16
CA ILE A 222 71.76 24.65 12.97
C ILE A 222 71.43 23.61 14.06
N SER A 223 70.54 23.99 14.97
CA SER A 223 70.02 23.13 16.05
C SER A 223 68.49 23.06 15.95
N TRP A 224 67.86 22.20 16.77
CA TRP A 224 66.41 21.98 16.73
C TRP A 224 65.84 21.99 18.16
N GLU A 225 65.07 23.05 18.49
CA GLU A 225 64.50 23.25 19.84
C GLU A 225 63.01 22.89 19.84
N LYS A 226 62.58 22.08 20.81
CA LYS A 226 61.16 21.68 20.97
C LYS A 226 60.36 22.80 21.66
N ILE A 227 59.41 23.40 20.92
CA ILE A 227 58.38 24.31 21.52
C ILE A 227 57.20 23.43 22.00
N ASN A 228 57.19 22.19 21.48
CA ASN A 228 56.22 21.16 21.82
C ASN A 228 56.67 20.43 23.09
N LYS A 229 55.73 20.30 24.03
CA LYS A 229 55.96 19.69 25.36
C LYS A 229 56.08 18.16 25.28
N ALA A 230 55.62 17.59 24.14
CA ALA A 230 55.71 16.16 23.82
C ALA A 230 54.89 15.32 24.80
N GLN A 231 53.57 15.44 24.66
CA GLN A 231 52.61 14.66 25.43
C GLN A 231 51.28 14.68 24.67
N ALA A 232 50.66 13.51 24.56
CA ALA A 232 49.31 13.36 24.00
C ALA A 232 48.28 14.07 24.89
N LEU A 233 47.39 14.86 24.27
CA LEU A 233 46.43 15.71 25.01
C LEU A 233 45.51 14.84 25.90
N TRP A 234 45.09 13.67 25.40
CA TRP A 234 44.15 12.79 26.13
C TRP A 234 44.78 12.27 27.45
N THR A 235 46.07 11.92 27.42
CA THR A 235 46.76 11.36 28.60
C THR A 235 47.24 12.47 29.57
N ARG A 236 47.43 13.69 29.03
CA ARG A 236 47.85 14.87 29.82
C ARG A 236 46.67 15.39 30.68
N ASN A 237 46.97 16.08 31.79
CA ASN A 237 45.92 16.51 32.75
C ASN A 237 45.16 17.74 32.22
N LYS A 238 43.83 17.70 32.42
CA LYS A 238 42.88 18.64 31.84
C LYS A 238 42.99 20.07 32.42
N SER A 239 43.70 20.22 33.55
CA SER A 239 44.04 21.54 34.12
C SER A 239 45.19 22.18 33.32
N GLU A 240 46.15 21.35 32.90
CA GLU A 240 47.34 21.80 32.14
C GLU A 240 46.94 22.17 30.71
N ILE A 241 45.84 21.56 30.25
CA ILE A 241 45.29 21.80 28.91
C ILE A 241 44.28 22.97 28.94
N THR A 242 44.54 24.00 28.12
CA THR A 242 43.61 25.14 27.95
C THR A 242 42.48 24.78 26.95
N ASP A 243 41.44 25.62 26.93
CA ASP A 243 40.24 25.42 26.08
C ASP A 243 40.62 25.38 24.58
N GLU A 244 41.50 26.31 24.18
CA GLU A 244 41.93 26.50 22.78
C GLU A 244 42.61 25.24 22.23
N GLU A 245 43.32 24.53 23.11
CA GLU A 245 43.97 23.25 22.76
C GLU A 245 42.93 22.24 22.32
N TYR A 246 41.85 22.08 23.11
CA TYR A 246 40.71 21.18 22.79
C TYR A 246 40.08 21.56 21.44
N LYS A 247 39.87 22.87 21.26
CA LYS A 247 39.17 23.42 20.09
C LYS A 247 39.95 23.15 18.78
N GLU A 248 41.28 23.30 18.85
CA GLU A 248 42.16 23.08 17.67
C GLU A 248 42.57 21.60 17.55
N PHE A 249 42.52 20.83 18.67
CA PHE A 249 42.87 19.40 18.67
C PHE A 249 41.78 18.60 17.98
N TYR A 250 40.51 19.03 18.19
CA TYR A 250 39.35 18.54 17.42
C TYR A 250 39.66 18.59 15.92
N LYS A 251 40.17 19.73 15.47
CA LYS A 251 40.45 20.01 14.05
C LYS A 251 41.53 19.06 13.49
N HIS A 252 42.50 18.72 14.35
CA HIS A 252 43.52 17.69 14.06
C HIS A 252 42.87 16.28 13.91
N ILE A 253 42.37 15.72 15.04
CA ILE A 253 41.94 14.30 15.11
C ILE A 253 40.67 13.99 14.28
N ALA A 254 39.86 15.02 14.00
CA ALA A 254 38.56 14.83 13.31
C ALA A 254 38.71 14.99 11.79
N HIS A 255 39.92 15.43 11.33
CA HIS A 255 40.14 15.79 9.92
C HIS A 255 39.13 16.87 9.51
N ASP A 256 39.09 17.92 10.34
CA ASP A 256 38.04 18.96 10.30
C ASP A 256 38.70 20.30 10.68
N PHE A 257 37.88 21.36 10.91
CA PHE A 257 38.41 22.69 11.32
C PHE A 257 37.33 23.63 11.91
N ASN A 258 36.09 23.14 12.05
CA ASN A 258 34.99 23.92 12.66
C ASN A 258 35.15 23.90 14.19
N ASP A 259 35.07 25.09 14.83
CA ASP A 259 35.30 25.22 16.29
C ASP A 259 34.17 24.53 17.08
N PRO A 260 34.49 23.53 17.97
CA PRO A 260 33.47 22.76 18.73
C PRO A 260 32.77 23.61 19.81
N LEU A 261 31.46 23.35 19.98
CA LEU A 261 30.62 24.01 21.00
C LEU A 261 31.04 23.59 22.43
N THR A 262 31.26 22.29 22.64
CA THR A 262 31.64 21.71 23.95
C THR A 262 32.56 20.50 23.74
N TRP A 263 33.36 20.17 24.76
CA TRP A 263 34.27 19.03 24.76
C TRP A 263 34.12 18.26 26.09
N SER A 264 34.56 17.00 26.09
CA SER A 264 34.49 16.12 27.26
C SER A 264 35.82 15.36 27.40
N HIS A 265 36.65 15.78 28.38
CA HIS A 265 37.90 15.08 28.70
C HIS A 265 37.64 14.21 29.92
N ASN A 266 37.25 12.95 29.67
CA ASN A 266 36.93 11.98 30.72
C ASN A 266 37.85 10.77 30.58
N ARG A 267 38.54 10.41 31.65
CA ARG A 267 39.38 9.20 31.70
C ARG A 267 38.77 8.23 32.72
N VAL A 268 38.57 6.99 32.27
CA VAL A 268 37.98 5.92 33.08
C VAL A 268 39.01 4.79 33.21
N GLU A 269 39.04 4.15 34.38
CA GLU A 269 39.95 3.04 34.69
C GLU A 269 39.26 2.05 35.65
N GLY A 270 39.96 0.97 36.01
CA GLY A 270 39.41 -0.06 36.88
C GLY A 270 39.21 -1.36 36.12
N LYS A 271 37.96 -1.61 35.68
CA LYS A 271 37.61 -2.78 34.86
C LYS A 271 38.11 -2.54 33.43
N GLN A 272 37.57 -1.48 32.78
CA GLN A 272 37.97 -1.04 31.44
C GLN A 272 38.69 0.32 31.55
N GLU A 273 40.02 0.32 31.33
CA GLU A 273 40.81 1.56 31.29
C GLU A 273 40.81 2.12 29.85
N TYR A 274 40.09 3.23 29.69
CA TYR A 274 40.03 3.97 28.43
C TYR A 274 39.97 5.48 28.74
N THR A 275 40.84 6.25 28.10
CA THR A 275 40.77 7.71 28.13
C THR A 275 39.96 8.18 26.91
N SER A 276 38.77 8.73 27.16
CA SER A 276 37.88 9.22 26.10
C SER A 276 37.92 10.76 26.02
N LEU A 277 37.96 11.28 24.79
CA LEU A 277 37.98 12.72 24.54
C LEU A 277 37.00 13.02 23.39
N LEU A 278 35.80 13.46 23.79
CA LEU A 278 34.66 13.68 22.88
C LEU A 278 34.53 15.17 22.56
N TYR A 279 33.93 15.48 21.39
CA TYR A 279 33.67 16.87 20.96
C TYR A 279 32.27 16.97 20.32
N ILE A 280 31.67 18.15 20.47
CA ILE A 280 30.40 18.54 19.82
C ILE A 280 30.73 19.58 18.74
N PRO A 281 30.66 19.23 17.41
CA PRO A 281 30.83 20.23 16.31
C PRO A 281 29.76 21.34 16.36
N SER A 282 30.04 22.47 15.69
CA SER A 282 29.12 23.63 15.60
C SER A 282 28.18 23.52 14.37
N GLN A 283 28.62 22.75 13.36
CA GLN A 283 27.91 22.59 12.07
C GLN A 283 27.61 21.10 11.86
N ALA A 284 26.45 20.82 11.23
CA ALA A 284 26.03 19.44 10.92
C ALA A 284 26.95 18.83 9.85
N PRO A 285 27.62 17.65 10.13
CA PRO A 285 28.43 16.94 9.12
C PRO A 285 27.53 16.31 8.03
N TRP A 286 28.06 16.25 6.80
CA TRP A 286 27.31 15.83 5.60
C TRP A 286 26.84 14.37 5.73
N ASP A 287 27.70 13.54 6.36
CA ASP A 287 27.54 12.08 6.44
C ASP A 287 26.38 11.64 7.39
N MET A 288 25.79 12.62 8.09
CA MET A 288 24.74 12.40 9.10
C MET A 288 23.55 11.57 8.55
N TRP A 289 23.10 11.91 7.34
CA TRP A 289 21.97 11.22 6.69
C TRP A 289 22.46 10.49 5.44
N ASN A 290 23.74 10.08 5.47
CA ASN A 290 24.43 9.36 4.39
C ASN A 290 24.84 7.93 4.85
N ARG A 291 25.17 7.05 3.88
CA ARG A 291 25.61 5.66 4.14
C ARG A 291 27.12 5.60 4.40
N ASP A 292 27.84 6.67 4.01
CA ASP A 292 29.30 6.79 4.25
C ASP A 292 29.51 7.63 5.53
N HIS A 293 30.73 7.60 6.05
CA HIS A 293 31.08 8.14 7.38
C HIS A 293 32.03 9.34 7.25
N LYS A 294 31.91 10.29 8.21
CA LYS A 294 32.85 11.42 8.43
C LYS A 294 32.95 11.67 9.96
N HIS A 295 31.89 11.28 10.68
CA HIS A 295 31.86 11.14 12.15
C HIS A 295 32.85 10.07 12.70
N GLY A 296 32.83 9.88 14.04
CA GLY A 296 33.56 8.76 14.66
C GLY A 296 34.69 9.19 15.57
N LEU A 297 35.54 8.24 15.96
CA LEU A 297 36.68 8.48 16.86
C LEU A 297 37.96 7.92 16.22
N LYS A 298 39.13 8.52 16.57
CA LYS A 298 40.44 7.88 16.32
C LYS A 298 40.71 6.89 17.46
N LEU A 299 40.62 5.60 17.14
CA LEU A 299 40.99 4.54 18.08
C LEU A 299 42.51 4.46 18.22
N TYR A 300 42.96 4.55 19.46
CA TYR A 300 44.33 4.27 19.88
C TYR A 300 44.28 3.09 20.88
N VAL A 301 45.21 2.15 20.77
CA VAL A 301 45.42 1.10 21.78
C VAL A 301 46.86 1.23 22.31
N GLN A 302 46.97 1.62 23.61
CA GLN A 302 48.25 1.76 24.33
C GLN A 302 49.10 2.89 23.69
N ARG A 303 48.41 4.04 23.46
CA ARG A 303 48.94 5.29 22.85
C ARG A 303 49.18 5.16 21.32
N VAL A 304 49.01 3.95 20.77
CA VAL A 304 49.31 3.65 19.35
C VAL A 304 48.04 3.76 18.50
N PHE A 305 48.09 4.57 17.44
CA PHE A 305 46.96 4.72 16.48
C PHE A 305 46.61 3.37 15.81
N ILE A 306 45.30 3.12 15.67
CA ILE A 306 44.76 1.93 15.01
C ILE A 306 43.92 2.37 13.79
N MET A 307 42.80 3.07 14.05
CA MET A 307 41.84 3.48 12.99
C MET A 307 41.26 4.87 13.28
N ASP A 308 40.94 5.61 12.21
CA ASP A 308 40.30 6.95 12.27
C ASP A 308 38.87 6.86 11.72
N ASP A 309 38.02 7.81 12.14
CA ASP A 309 36.68 8.04 11.57
C ASP A 309 35.75 6.82 11.85
N ALA A 310 36.01 6.13 12.97
CA ALA A 310 35.30 4.91 13.37
C ALA A 310 34.20 5.23 14.39
N GLU A 311 32.94 5.29 13.90
CA GLU A 311 31.73 5.51 14.73
C GLU A 311 31.37 4.25 15.57
N GLN A 312 32.19 3.20 15.45
CA GLN A 312 32.03 1.91 16.17
C GLN A 312 32.12 2.02 17.71
N PHE A 313 32.47 3.21 18.22
CA PHE A 313 32.51 3.50 19.67
C PHE A 313 31.26 4.27 20.14
N MET A 314 30.41 4.64 19.19
CA MET A 314 29.08 5.21 19.46
C MET A 314 28.01 4.39 18.72
N PRO A 315 26.75 4.38 19.22
CA PRO A 315 25.59 4.03 18.38
C PRO A 315 25.26 5.18 17.39
N ASN A 316 24.36 4.90 16.43
CA ASN A 316 24.04 5.83 15.32
C ASN A 316 23.21 7.05 15.79
N TYR A 317 22.72 6.97 17.03
CA TYR A 317 21.87 8.01 17.64
C TYR A 317 22.78 9.08 18.28
N LEU A 318 24.08 8.74 18.40
CA LEU A 318 25.14 9.65 18.85
C LEU A 318 26.13 9.89 17.69
N ARG A 319 25.63 9.82 16.43
CA ARG A 319 26.49 9.91 15.21
C ARG A 319 27.08 11.32 15.03
N PHE A 320 26.61 12.29 15.83
CA PHE A 320 27.11 13.68 15.83
C PHE A 320 28.46 13.81 16.58
N VAL A 321 28.79 12.80 17.42
CA VAL A 321 30.05 12.80 18.20
C VAL A 321 31.25 12.50 17.29
N ARG A 322 32.24 13.41 17.32
CA ARG A 322 33.52 13.24 16.63
C ARG A 322 34.63 13.55 17.65
N GLY A 323 35.69 12.74 17.66
CA GLY A 323 36.78 12.90 18.62
C GLY A 323 37.78 11.75 18.54
N LEU A 324 38.15 11.18 19.71
CA LEU A 324 39.09 10.04 19.81
C LEU A 324 38.93 9.30 21.16
N ILE A 325 39.55 8.12 21.24
CA ILE A 325 39.53 7.25 22.43
C ILE A 325 40.79 6.36 22.42
N ASP A 326 41.47 6.26 23.57
CA ASP A 326 42.63 5.36 23.76
C ASP A 326 42.31 4.38 24.88
N SER A 327 42.51 3.08 24.63
CA SER A 327 42.28 2.02 25.62
C SER A 327 43.52 1.12 25.73
N SER A 328 43.75 0.59 26.94
CA SER A 328 44.83 -0.39 27.20
C SER A 328 44.27 -1.84 27.21
N ASP A 329 42.93 -1.96 27.20
CA ASP A 329 42.21 -3.22 27.44
C ASP A 329 41.89 -3.94 26.12
N LEU A 330 41.53 -3.15 25.10
CA LEU A 330 41.26 -3.67 23.75
C LEU A 330 42.55 -4.29 23.17
N PRO A 331 42.45 -5.40 22.37
CA PRO A 331 43.64 -6.00 21.70
C PRO A 331 44.26 -5.01 20.70
N LEU A 332 45.57 -5.12 20.49
CA LEU A 332 46.31 -4.28 19.52
C LEU A 332 45.93 -4.67 18.07
N ASN A 333 45.37 -5.90 17.90
CA ASN A 333 44.85 -6.41 16.60
C ASN A 333 43.37 -5.99 16.36
N VAL A 334 42.85 -5.07 17.19
CA VAL A 334 41.44 -4.64 17.15
C VAL A 334 41.06 -4.00 15.79
N SER A 335 39.93 -4.45 15.23
CA SER A 335 39.42 -4.03 13.93
C SER A 335 37.97 -3.55 14.08
N ARG A 336 37.40 -2.97 13.01
CA ARG A 336 35.97 -2.61 12.93
C ARG A 336 35.09 -3.86 13.18
N GLU A 337 35.58 -5.04 12.74
CA GLU A 337 34.91 -6.34 12.96
C GLU A 337 34.83 -6.69 14.46
N ILE A 338 35.96 -6.50 15.17
CA ILE A 338 36.03 -6.70 16.64
C ILE A 338 35.07 -5.73 17.34
N LEU A 339 35.04 -4.48 16.85
CA LEU A 339 34.23 -3.40 17.42
C LEU A 339 32.73 -3.60 17.15
N GLN A 340 32.40 -4.27 16.05
CA GLN A 340 31.01 -4.51 15.62
C GLN A 340 30.41 -5.69 16.38
N ASP A 341 31.17 -6.78 16.47
CA ASP A 341 30.67 -8.08 16.94
C ASP A 341 30.89 -8.30 18.45
N SER A 342 32.10 -7.99 18.95
CA SER A 342 32.48 -8.30 20.34
C SER A 342 31.69 -7.47 21.37
N THR A 343 31.34 -8.14 22.48
CA THR A 343 30.53 -7.57 23.56
C THR A 343 31.31 -6.51 24.36
N VAL A 344 32.66 -6.62 24.37
CA VAL A 344 33.52 -5.69 25.13
C VAL A 344 33.34 -4.24 24.63
N THR A 345 33.19 -4.09 23.30
CA THR A 345 32.96 -2.78 22.66
C THR A 345 31.49 -2.32 22.82
N ARG A 346 30.57 -3.28 23.09
CA ARG A 346 29.15 -2.95 23.34
C ARG A 346 29.03 -2.25 24.71
N ASN A 347 29.60 -2.88 25.75
CA ASN A 347 29.63 -2.30 27.12
C ASN A 347 30.49 -1.02 27.15
N LEU A 348 31.52 -0.98 26.29
CA LEU A 348 32.41 0.18 26.15
C LEU A 348 31.69 1.38 25.54
N ARG A 349 30.90 1.13 24.47
CA ARG A 349 30.23 2.22 23.71
C ARG A 349 29.07 2.81 24.54
N ASN A 350 28.45 1.98 25.41
CA ASN A 350 27.40 2.44 26.35
C ASN A 350 28.02 3.24 27.50
N ALA A 351 29.24 2.86 27.89
CA ALA A 351 30.03 3.61 28.87
C ALA A 351 30.44 4.99 28.30
N LEU A 352 30.65 5.03 26.97
CA LEU A 352 30.92 6.26 26.22
C LEU A 352 29.63 7.10 26.05
N THR A 353 28.48 6.41 25.90
CA THR A 353 27.14 7.06 25.84
C THR A 353 26.85 7.84 27.14
N LYS A 354 27.42 7.34 28.25
CA LYS A 354 27.32 7.98 29.57
C LYS A 354 28.00 9.37 29.55
N ARG A 355 29.20 9.44 28.96
CA ARG A 355 29.96 10.71 28.85
C ARG A 355 29.30 11.66 27.83
N VAL A 356 28.55 11.10 26.87
CA VAL A 356 27.78 11.89 25.91
C VAL A 356 26.58 12.56 26.61
N LEU A 357 25.80 11.80 27.42
CA LEU A 357 24.57 12.30 28.10
C LEU A 357 24.93 13.44 29.09
N GLN A 358 26.12 13.31 29.75
CA GLN A 358 26.66 14.38 30.61
C GLN A 358 26.84 15.68 29.80
N MET A 359 27.47 15.54 28.62
CA MET A 359 27.85 16.65 27.72
C MET A 359 26.61 17.31 27.05
N LEU A 360 25.55 16.51 26.82
CA LEU A 360 24.32 16.98 26.15
C LEU A 360 23.55 17.95 27.06
N GLU A 361 23.27 17.50 28.29
CA GLU A 361 22.56 18.33 29.29
C GLU A 361 23.46 19.47 29.80
N LYS A 362 24.79 19.24 29.77
CA LYS A 362 25.79 20.29 30.10
C LYS A 362 25.66 21.45 29.11
N LEU A 363 25.58 21.11 27.80
CA LEU A 363 25.45 22.08 26.70
C LEU A 363 24.13 22.87 26.83
N ALA A 364 23.07 22.16 27.26
CA ALA A 364 21.74 22.75 27.54
C ALA A 364 21.79 23.79 28.70
N LYS A 365 22.74 23.58 29.63
CA LYS A 365 22.95 24.47 30.80
C LYS A 365 24.04 25.53 30.50
N ASP A 366 24.89 25.21 29.52
CA ASP A 366 26.06 26.03 29.15
C ASP A 366 25.59 27.29 28.44
N ASP A 367 24.95 27.08 27.28
CA ASP A 367 24.44 28.15 26.42
C ASP A 367 23.27 27.61 25.61
N ALA A 368 22.06 28.07 25.93
CA ALA A 368 20.85 27.78 25.14
C ALA A 368 21.01 28.25 23.67
N GLU A 369 21.93 29.21 23.43
CA GLU A 369 22.33 29.65 22.09
C GLU A 369 23.01 28.51 21.32
N LYS A 370 24.06 27.93 21.96
CA LYS A 370 24.79 26.78 21.39
C LYS A 370 23.86 25.57 21.21
N TYR A 371 22.99 25.35 22.21
CA TYR A 371 22.13 24.16 22.28
C TYR A 371 20.96 24.25 21.28
N GLN A 372 20.47 25.47 21.00
CA GLN A 372 19.39 25.67 20.01
C GLN A 372 19.94 25.40 18.60
N THR A 373 21.16 25.91 18.34
CA THR A 373 21.91 25.61 17.11
C THR A 373 22.15 24.09 17.00
N PHE A 374 22.61 23.50 18.12
CA PHE A 374 22.89 22.05 18.24
C PHE A 374 21.66 21.22 17.86
N TRP A 375 20.50 21.60 18.39
CA TRP A 375 19.27 20.82 18.21
C TRP A 375 18.80 20.85 16.75
N GLN A 376 18.95 22.01 16.11
CA GLN A 376 18.52 22.22 14.72
C GLN A 376 19.51 21.56 13.71
N GLN A 377 20.74 21.23 14.18
CA GLN A 377 21.77 20.57 13.33
C GLN A 377 21.83 19.05 13.60
N PHE A 378 21.72 18.66 14.89
CA PHE A 378 22.08 17.30 15.38
C PHE A 378 20.91 16.62 16.14
N GLY A 379 19.96 17.45 16.61
CA GLY A 379 18.88 16.98 17.48
C GLY A 379 17.90 16.03 16.81
N LEU A 380 17.82 16.11 15.48
CA LEU A 380 17.00 15.18 14.65
C LEU A 380 17.50 13.72 14.84
N VAL A 381 18.81 13.58 15.02
CA VAL A 381 19.47 12.29 15.30
C VAL A 381 19.24 11.89 16.78
N LEU A 382 19.34 12.87 17.69
CA LEU A 382 19.14 12.64 19.15
C LEU A 382 17.72 12.07 19.42
N LYS A 383 16.75 12.45 18.56
CA LYS A 383 15.33 12.05 18.66
C LYS A 383 15.08 10.53 18.41
N GLU A 384 16.02 9.79 17.77
CA GLU A 384 15.87 8.31 17.61
C GLU A 384 16.31 7.60 18.92
N GLY A 385 17.05 8.33 19.78
CA GLY A 385 17.51 7.83 21.08
C GLY A 385 16.38 7.44 22.07
N PRO A 386 15.40 8.34 22.39
CA PRO A 386 14.23 7.99 23.25
C PRO A 386 13.28 6.98 22.57
N ALA A 387 13.45 6.83 21.25
CA ALA A 387 12.77 5.79 20.50
C ALA A 387 13.42 4.43 20.79
N GLU A 388 14.73 4.44 21.09
CA GLU A 388 15.47 3.23 21.47
C GLU A 388 15.14 2.76 22.88
N ASP A 389 15.15 3.68 23.84
CA ASP A 389 14.83 3.34 25.25
C ASP A 389 13.61 4.14 25.73
N PHE A 390 12.46 3.46 25.87
CA PHE A 390 11.23 4.06 26.39
C PHE A 390 11.32 4.28 27.93
N ALA A 391 12.18 3.49 28.61
CA ALA A 391 12.23 3.45 30.08
C ALA A 391 12.73 4.79 30.67
N ASN A 392 13.72 5.39 30.00
CA ASN A 392 14.33 6.68 30.41
C ASN A 392 13.72 7.85 29.62
N GLN A 393 12.52 7.66 29.03
CA GLN A 393 11.82 8.66 28.16
C GLN A 393 11.80 10.08 28.77
N GLU A 394 11.69 10.17 30.11
CA GLU A 394 11.62 11.46 30.85
C GLU A 394 12.99 12.17 30.83
N ALA A 395 14.05 11.41 31.13
CA ALA A 395 15.44 11.94 31.19
C ALA A 395 15.90 12.43 29.81
N ILE A 396 15.41 11.78 28.76
CA ILE A 396 15.73 12.14 27.37
C ILE A 396 14.80 13.27 26.88
N ALA A 397 13.56 13.32 27.43
CA ALA A 397 12.55 14.37 27.13
C ALA A 397 13.00 15.74 27.67
N LYS A 398 13.87 15.69 28.68
CA LYS A 398 14.63 16.84 29.20
C LYS A 398 15.44 17.53 28.09
N LEU A 399 15.94 16.72 27.13
CA LEU A 399 16.72 17.18 25.97
C LEU A 399 15.81 17.49 24.77
N LEU A 400 14.68 16.75 24.63
CA LEU A 400 13.79 16.83 23.45
C LEU A 400 13.13 18.24 23.31
N ARG A 401 13.30 18.83 22.10
CA ARG A 401 12.70 20.12 21.71
C ARG A 401 11.79 19.88 20.50
N PHE A 402 10.58 20.45 20.52
CA PHE A 402 9.59 20.33 19.42
C PHE A 402 9.21 21.73 18.93
N ALA A 403 8.21 21.80 18.04
CA ALA A 403 7.58 23.06 17.64
C ALA A 403 6.15 23.12 18.23
N SER A 404 5.65 24.33 18.52
CA SER A 404 4.33 24.52 19.15
C SER A 404 3.76 25.92 18.87
N THR A 405 2.54 26.20 19.41
CA THR A 405 1.93 27.56 19.34
C THR A 405 2.62 28.53 20.33
N HIS A 406 3.57 28.00 21.15
CA HIS A 406 4.46 28.82 22.00
C HIS A 406 5.22 29.83 21.14
N THR A 407 5.69 29.37 19.97
CA THR A 407 6.25 30.21 18.92
C THR A 407 5.93 29.53 17.58
N ASP A 408 5.24 30.26 16.68
CA ASP A 408 4.72 29.72 15.40
C ASP A 408 5.82 29.56 14.31
N SER A 409 7.09 29.46 14.76
CA SER A 409 8.24 29.16 13.88
C SER A 409 8.37 27.63 13.68
N SER A 410 8.85 27.22 12.49
CA SER A 410 9.08 25.81 12.13
C SER A 410 10.30 25.23 12.90
N ALA A 411 11.17 26.13 13.40
CA ALA A 411 12.34 25.76 14.24
C ALA A 411 11.89 25.15 15.56
N GLN A 412 12.59 24.09 16.01
CA GLN A 412 12.26 23.35 17.23
C GLN A 412 12.78 24.12 18.45
N THR A 413 12.04 25.18 18.82
CA THR A 413 12.48 26.17 19.82
C THR A 413 11.99 25.82 21.24
N VAL A 414 10.74 25.32 21.34
CA VAL A 414 10.11 25.05 22.65
C VAL A 414 10.63 23.72 23.25
N SER A 415 10.76 23.69 24.58
CA SER A 415 11.12 22.49 25.33
C SER A 415 9.86 21.84 25.89
N LEU A 416 9.93 20.53 26.17
CA LEU A 416 8.90 19.81 26.94
C LEU A 416 8.88 20.32 28.38
N GLU A 417 10.09 20.60 28.91
CA GLU A 417 10.28 21.21 30.25
C GLU A 417 9.54 22.56 30.31
N ASP A 418 9.79 23.40 29.28
CA ASP A 418 9.19 24.74 29.13
C ASP A 418 7.65 24.64 29.15
N TYR A 419 7.13 23.69 28.37
CA TYR A 419 5.68 23.41 28.27
C TYR A 419 5.08 23.08 29.65
N VAL A 420 5.72 22.13 30.37
CA VAL A 420 5.26 21.68 31.70
C VAL A 420 5.32 22.82 32.75
N SER A 421 6.35 23.68 32.63
CA SER A 421 6.53 24.86 33.49
C SER A 421 5.49 25.96 33.15
N ARG A 422 5.03 25.94 31.90
CA ARG A 422 4.08 26.93 31.38
C ARG A 422 2.62 26.52 31.68
N MET A 423 2.41 25.19 31.89
CA MET A 423 1.08 24.59 32.11
C MET A 423 0.19 25.37 33.09
N LYS A 424 -1.02 25.71 32.63
CA LYS A 424 -2.07 26.30 33.46
C LYS A 424 -2.88 25.18 34.15
N GLU A 425 -3.85 25.55 35.00
CA GLU A 425 -4.82 24.60 35.56
C GLU A 425 -5.66 23.99 34.42
N GLY A 426 -5.86 22.66 34.47
CA GLY A 426 -6.46 21.91 33.35
C GLY A 426 -5.41 21.23 32.44
N GLN A 427 -4.13 21.62 32.58
CA GLN A 427 -3.01 20.93 31.92
C GLN A 427 -2.33 19.95 32.89
N GLU A 428 -2.90 18.74 32.99
CA GLU A 428 -2.26 17.61 33.68
C GLU A 428 -1.73 16.60 32.62
N LYS A 429 -1.95 16.94 31.32
CA LYS A 429 -1.54 16.09 30.17
C LYS A 429 -0.83 16.96 29.11
N ILE A 430 -0.06 16.29 28.23
CA ILE A 430 0.69 16.94 27.14
C ILE A 430 -0.16 16.90 25.84
N TYR A 431 -0.66 18.06 25.42
CA TYR A 431 -1.50 18.20 24.23
C TYR A 431 -0.63 18.23 22.95
N TYR A 432 -0.89 17.29 22.02
CA TYR A 432 -0.08 17.12 20.79
C TYR A 432 -0.98 16.66 19.61
N ILE A 433 -0.64 17.07 18.36
CA ILE A 433 -1.28 16.49 17.14
C ILE A 433 -0.19 16.24 16.07
N THR A 434 -0.21 15.04 15.47
CA THR A 434 0.72 14.63 14.41
C THR A 434 0.33 15.23 13.03
N ALA A 435 1.36 15.60 12.23
CA ALA A 435 1.19 16.18 10.87
C ALA A 435 2.37 15.79 9.97
N ASP A 436 2.10 15.60 8.67
CA ASP A 436 3.11 15.21 7.66
C ASP A 436 4.15 16.33 7.45
N SER A 437 3.72 17.60 7.62
CA SER A 437 4.57 18.78 7.45
C SER A 437 4.10 19.92 8.39
N TYR A 438 5.03 20.81 8.77
CA TYR A 438 4.72 21.96 9.65
C TYR A 438 3.79 22.94 8.94
N ALA A 439 3.94 23.06 7.61
CA ALA A 439 3.08 23.90 6.76
C ALA A 439 1.60 23.47 6.86
N ALA A 440 1.37 22.13 6.88
CA ALA A 440 0.02 21.54 7.03
C ALA A 440 -0.53 21.79 8.45
N ALA A 441 0.35 21.57 9.46
CA ALA A 441 0.02 21.76 10.88
C ALA A 441 -0.44 23.20 11.15
N LYS A 442 0.35 24.15 10.63
CA LYS A 442 0.18 25.58 10.87
C LYS A 442 -0.97 26.15 10.01
N SER A 443 -1.34 25.42 8.92
CA SER A 443 -2.41 25.85 7.98
C SER A 443 -3.80 25.88 8.66
N SER A 444 -3.92 25.21 9.82
CA SER A 444 -5.14 25.24 10.65
C SER A 444 -5.26 26.60 11.37
N PRO A 445 -6.31 27.44 11.08
CA PRO A 445 -6.47 28.79 11.70
C PRO A 445 -6.85 28.75 13.19
N HIS A 446 -7.17 27.55 13.70
CA HIS A 446 -7.54 27.35 15.13
C HIS A 446 -6.34 27.62 16.06
N LEU A 447 -5.11 27.55 15.48
CA LEU A 447 -3.84 27.81 16.18
C LEU A 447 -3.72 29.28 16.64
N GLU A 448 -4.59 30.15 16.11
CA GLU A 448 -4.68 31.55 16.51
C GLU A 448 -5.66 31.73 17.71
N LEU A 449 -6.65 30.81 17.79
CA LEU A 449 -7.77 30.89 18.79
C LEU A 449 -7.25 30.61 20.22
N LEU A 450 -6.60 29.44 20.42
CA LEU A 450 -6.03 29.02 21.73
C LEU A 450 -4.86 29.94 22.15
N ARG A 451 -4.21 30.53 21.13
CA ARG A 451 -3.10 31.47 21.32
C ARG A 451 -3.61 32.71 22.07
N LYS A 452 -4.80 33.19 21.65
CA LYS A 452 -5.51 34.30 22.29
C LYS A 452 -5.93 33.92 23.74
N LYS A 453 -6.30 32.63 23.93
CA LYS A 453 -6.76 32.09 25.24
C LYS A 453 -5.57 31.95 26.21
N GLY A 454 -4.35 31.77 25.67
CA GLY A 454 -3.12 31.68 26.48
C GLY A 454 -2.76 30.25 26.90
N ILE A 455 -3.00 29.29 26.01
CA ILE A 455 -2.59 27.87 26.18
C ILE A 455 -1.61 27.47 25.06
N GLU A 456 -1.11 26.20 25.07
CA GLU A 456 -0.10 25.73 24.08
C GLU A 456 -0.51 24.40 23.39
N VAL A 457 -0.21 24.29 22.07
CA VAL A 457 -0.43 23.08 21.24
C VAL A 457 0.92 22.63 20.67
N LEU A 458 1.39 21.40 20.98
CA LEU A 458 2.58 20.85 20.29
C LEU A 458 2.24 20.55 18.83
N LEU A 459 2.82 21.36 17.91
CA LEU A 459 2.69 21.17 16.46
C LEU A 459 3.70 20.10 16.05
N LEU A 460 3.27 18.84 16.25
CA LEU A 460 4.11 17.65 16.14
C LEU A 460 4.18 17.23 14.66
N SER A 461 5.19 17.74 13.93
CA SER A 461 5.23 17.66 12.47
C SER A 461 6.65 17.35 11.92
N ASP A 462 7.51 16.73 12.75
CA ASP A 462 8.90 16.42 12.37
C ASP A 462 8.98 15.01 11.71
N ARG A 463 10.07 14.77 10.96
CA ARG A 463 10.26 13.54 10.15
C ARG A 463 10.70 12.34 11.02
N ILE A 464 11.34 12.60 12.19
CA ILE A 464 11.79 11.53 13.13
C ILE A 464 10.83 11.34 14.34
N ASP A 465 10.10 12.43 14.72
CA ASP A 465 9.11 12.40 15.85
C ASP A 465 8.08 11.27 15.68
N GLU A 466 7.79 10.92 14.42
CA GLU A 466 6.81 9.88 14.06
C GLU A 466 7.10 8.52 14.73
N TRP A 467 8.38 8.13 14.77
CA TRP A 467 8.81 6.87 15.37
C TRP A 467 9.03 7.07 16.88
N MET A 468 9.63 8.23 17.24
CA MET A 468 9.97 8.55 18.64
C MET A 468 8.73 8.57 19.57
N MET A 469 7.61 9.07 19.04
CA MET A 469 6.36 9.28 19.80
C MET A 469 5.63 7.98 20.12
N ASN A 470 6.05 6.85 19.51
CA ASN A 470 5.50 5.51 19.86
C ASN A 470 6.02 5.05 21.24
N TYR A 471 7.10 5.71 21.71
CA TYR A 471 7.79 5.38 22.96
C TYR A 471 7.59 6.47 24.02
N LEU A 472 7.34 7.72 23.56
CA LEU A 472 7.01 8.86 24.46
C LEU A 472 5.58 8.71 24.98
N THR A 473 5.44 7.88 26.02
CA THR A 473 4.15 7.57 26.65
C THR A 473 3.85 8.53 27.82
N GLU A 474 4.92 9.11 28.41
CA GLU A 474 4.81 9.98 29.60
C GLU A 474 6.09 10.85 29.77
N PHE A 475 5.92 12.00 30.43
CA PHE A 475 7.02 12.88 30.86
C PHE A 475 6.57 13.63 32.13
N ASP A 476 7.43 13.63 33.18
CA ASP A 476 7.22 14.40 34.45
C ASP A 476 6.11 13.73 35.33
N GLY A 477 5.67 12.54 34.93
CA GLY A 477 4.52 11.86 35.55
C GLY A 477 3.20 12.23 34.87
N LYS A 478 3.28 13.15 33.90
CA LYS A 478 2.15 13.63 33.09
C LYS A 478 2.07 12.82 31.78
N PRO A 479 0.91 12.16 31.46
CA PRO A 479 0.72 11.42 30.19
C PRO A 479 0.39 12.37 29.03
N PHE A 480 0.33 11.82 27.82
CA PHE A 480 0.02 12.57 26.58
C PHE A 480 -1.51 12.52 26.29
N GLN A 481 -2.03 13.56 25.59
CA GLN A 481 -3.47 13.75 25.32
C GLN A 481 -3.68 14.21 23.86
N SER A 482 -4.52 13.46 23.14
CA SER A 482 -4.96 13.82 21.78
C SER A 482 -6.22 14.71 21.83
N VAL A 483 -6.36 15.60 20.83
CA VAL A 483 -7.52 16.52 20.72
C VAL A 483 -8.73 15.86 20.02
N SER A 484 -8.57 14.56 19.70
CA SER A 484 -9.65 13.72 19.13
C SER A 484 -10.79 13.52 20.14
N LYS A 485 -10.50 13.83 21.43
CA LYS A 485 -11.47 13.79 22.53
C LYS A 485 -11.71 15.22 23.02
N VAL A 486 -12.89 15.48 23.63
CA VAL A 486 -13.23 16.81 24.21
C VAL A 486 -13.61 16.68 25.69
N ASP A 487 -13.76 17.84 26.35
CA ASP A 487 -14.15 17.91 27.77
C ASP A 487 -14.94 19.21 28.03
N GLU A 488 -15.68 19.23 29.16
CA GLU A 488 -16.44 20.41 29.62
C GLU A 488 -15.48 21.51 30.20
N SER A 489 -14.19 21.16 30.32
CA SER A 489 -13.13 22.09 30.75
C SER A 489 -13.08 23.36 29.87
N LEU A 490 -13.02 23.19 28.53
CA LEU A 490 -13.02 24.32 27.56
C LEU A 490 -14.39 25.03 27.59
N GLU A 491 -15.46 24.23 27.81
CA GLU A 491 -16.85 24.71 27.78
C GLU A 491 -17.12 25.71 28.92
N LYS A 492 -16.45 25.51 30.05
CA LYS A 492 -16.55 26.38 31.23
C LYS A 492 -15.96 27.77 30.93
N LEU A 493 -14.97 27.82 30.01
CA LEU A 493 -14.30 29.08 29.60
C LEU A 493 -14.72 29.50 28.16
N ALA A 494 -15.86 28.96 27.68
CA ALA A 494 -16.42 29.30 26.34
C ALA A 494 -17.18 30.65 26.35
N ASP A 495 -17.02 31.44 27.43
CA ASP A 495 -17.60 32.80 27.55
C ASP A 495 -16.59 33.87 27.06
N GLU A 496 -15.30 33.46 26.86
CA GLU A 496 -14.21 34.37 26.43
C GLU A 496 -14.22 34.61 24.89
N VAL A 497 -15.42 34.58 24.31
CA VAL A 497 -15.62 34.54 22.86
C VAL A 497 -16.04 35.93 22.33
N ASP A 498 -15.03 36.84 22.25
CA ASP A 498 -15.20 38.27 21.88
C ASP A 498 -16.06 39.00 22.93
N GLU A 499 -17.37 38.88 22.78
CA GLU A 499 -18.37 39.58 23.57
C GLU A 499 -19.74 38.99 23.25
N SER A 500 -19.92 38.66 21.94
CA SER A 500 -21.12 38.02 21.39
C SER A 500 -21.63 36.86 22.29
N ALA A 501 -22.75 37.11 22.98
CA ALA A 501 -23.41 36.13 23.84
C ALA A 501 -24.94 36.32 23.78
N LYS A 502 -25.53 36.98 24.81
CA LYS A 502 -26.98 36.93 25.08
C LYS A 502 -27.84 37.61 24.00
N GLU A 503 -27.40 38.81 23.56
CA GLU A 503 -28.14 39.62 22.56
C GLU A 503 -28.29 38.84 21.26
N ALA A 504 -27.20 38.15 20.87
CA ALA A 504 -27.16 37.29 19.70
C ALA A 504 -28.07 36.07 19.91
N GLU A 505 -27.92 35.38 21.08
CA GLU A 505 -28.64 34.13 21.41
C GLU A 505 -30.17 34.27 21.30
N LYS A 506 -30.68 35.48 21.54
CA LYS A 506 -32.11 35.80 21.38
C LYS A 506 -32.61 35.59 19.93
N ALA A 507 -31.78 36.02 18.96
CA ALA A 507 -32.06 35.84 17.52
C ALA A 507 -31.55 34.47 17.02
N LEU A 508 -30.62 33.86 17.78
CA LEU A 508 -30.00 32.59 17.42
C LEU A 508 -30.88 31.40 17.83
N THR A 509 -31.68 31.53 18.89
CA THR A 509 -32.53 30.42 19.38
C THR A 509 -33.64 30.01 18.36
N PRO A 510 -34.44 30.97 17.73
CA PRO A 510 -35.35 30.61 16.61
C PRO A 510 -34.56 30.10 15.39
N PHE A 511 -33.34 30.63 15.20
CA PHE A 511 -32.41 30.20 14.13
C PHE A 511 -32.04 28.71 14.32
N ILE A 512 -31.70 28.30 15.57
CA ILE A 512 -31.29 26.90 15.89
C ILE A 512 -32.46 25.95 15.61
N ASP A 513 -33.65 26.34 16.11
CA ASP A 513 -34.91 25.58 15.97
C ASP A 513 -35.19 25.21 14.49
N ARG A 514 -35.10 26.24 13.63
CA ARG A 514 -35.31 26.11 12.19
C ARG A 514 -34.22 25.22 11.54
N VAL A 515 -32.95 25.51 11.86
CA VAL A 515 -31.78 24.80 11.30
C VAL A 515 -31.81 23.29 11.63
N LYS A 516 -32.22 22.96 12.85
CA LYS A 516 -32.29 21.56 13.32
C LYS A 516 -33.41 20.79 12.60
N ALA A 517 -34.53 21.47 12.32
CA ALA A 517 -35.65 20.89 11.55
C ALA A 517 -35.28 20.77 10.04
N LEU A 518 -34.41 21.69 9.59
CA LEU A 518 -33.99 21.81 8.17
C LEU A 518 -33.02 20.67 7.81
N LEU A 519 -32.01 20.47 8.68
CA LEU A 519 -30.94 19.48 8.46
C LEU A 519 -31.41 18.09 8.93
N GLY A 520 -32.26 18.09 9.97
CA GLY A 520 -32.87 16.89 10.51
C GLY A 520 -31.85 15.88 11.04
N GLU A 521 -31.68 14.77 10.30
CA GLU A 521 -30.84 13.64 10.71
C GLU A 521 -29.49 13.64 9.96
N ARG A 522 -29.07 14.79 9.42
CA ARG A 522 -27.71 14.94 8.82
C ARG A 522 -26.68 15.39 9.88
N VAL A 523 -27.17 15.70 11.10
CA VAL A 523 -26.35 16.25 12.19
C VAL A 523 -26.65 15.46 13.49
N LYS A 524 -25.69 15.41 14.44
CA LYS A 524 -25.93 14.93 15.82
C LYS A 524 -26.91 15.91 16.48
N ASP A 525 -26.49 17.18 16.51
CA ASP A 525 -27.30 18.29 17.04
C ASP A 525 -26.67 19.61 16.57
N VAL A 526 -27.50 20.64 16.34
CA VAL A 526 -27.00 21.96 15.89
C VAL A 526 -26.97 22.93 17.09
N ARG A 527 -25.94 23.78 17.11
CA ARG A 527 -25.64 24.67 18.22
C ARG A 527 -25.03 25.96 17.66
N LEU A 528 -25.23 27.07 18.39
CA LEU A 528 -24.65 28.38 18.02
C LEU A 528 -23.64 28.83 19.09
N THR A 529 -22.35 28.54 18.85
CA THR A 529 -21.24 29.03 19.67
C THR A 529 -20.61 30.25 18.98
N HIS A 530 -19.56 30.83 19.55
CA HIS A 530 -18.89 32.02 18.98
C HIS A 530 -17.38 31.74 18.84
N ARG A 531 -17.06 30.66 18.12
CA ARG A 531 -15.66 30.24 17.86
C ARG A 531 -15.05 31.21 16.84
N LEU A 532 -14.30 32.24 17.33
CA LEU A 532 -13.85 33.39 16.51
C LEU A 532 -13.10 32.89 15.24
N THR A 533 -11.78 32.55 15.39
CA THR A 533 -10.91 31.91 14.36
C THR A 533 -11.19 32.38 12.89
N ASP A 534 -10.82 31.59 11.84
CA ASP A 534 -11.19 31.90 10.43
C ASP A 534 -12.21 30.88 9.89
N THR A 535 -12.69 30.01 10.77
CA THR A 535 -13.67 28.97 10.43
C THR A 535 -15.10 29.53 10.61
N PRO A 536 -15.93 29.61 9.51
CA PRO A 536 -17.31 30.17 9.57
C PRO A 536 -18.26 29.34 10.44
N ALA A 537 -18.04 28.03 10.43
CA ALA A 537 -18.75 27.08 11.27
C ALA A 537 -17.88 25.84 11.43
N ILE A 538 -17.80 25.32 12.65
CA ILE A 538 -16.93 24.19 13.00
C ILE A 538 -17.75 23.16 13.77
N VAL A 539 -17.53 21.90 13.43
CA VAL A 539 -18.18 20.77 14.09
C VAL A 539 -17.28 20.22 15.21
N SER A 540 -17.91 19.74 16.29
CA SER A 540 -17.21 19.17 17.44
C SER A 540 -17.37 17.64 17.45
N THR A 541 -16.45 16.96 18.15
CA THR A 541 -16.38 15.49 18.22
C THR A 541 -16.39 15.03 19.67
N ASP A 542 -16.89 13.81 19.89
CA ASP A 542 -16.74 13.11 21.17
C ASP A 542 -15.45 12.28 21.12
N ALA A 543 -15.35 11.41 20.09
CA ALA A 543 -14.21 10.52 19.88
C ALA A 543 -13.68 10.64 18.43
N ASP A 544 -12.99 9.58 17.94
CA ASP A 544 -12.31 9.58 16.63
C ASP A 544 -13.32 9.69 15.47
N GLU A 545 -13.23 10.82 14.72
CA GLU A 545 -14.22 11.26 13.73
C GLU A 545 -15.64 11.16 14.29
N MET A 546 -15.78 11.66 15.53
CA MET A 546 -16.98 11.47 16.36
C MET A 546 -17.10 10.00 16.82
N SER A 547 -17.27 9.08 15.85
CA SER A 547 -17.49 7.66 16.14
C SER A 547 -17.22 6.75 14.92
N THR A 548 -16.34 7.19 13.97
CA THR A 548 -16.07 6.42 12.72
C THR A 548 -14.96 5.34 12.95
N GLN A 549 -14.51 5.17 14.23
CA GLN A 549 -13.58 4.08 14.60
C GLN A 549 -13.52 3.88 16.13
N MET A 550 -14.30 2.89 16.62
CA MET A 550 -14.16 2.25 17.96
C MET A 550 -15.32 1.22 18.15
N ALA A 551 -15.14 0.28 19.09
CA ALA A 551 -16.08 -0.84 19.35
C ALA A 551 -17.54 -0.38 19.60
N LYS A 552 -17.79 0.31 20.74
CA LYS A 552 -19.15 0.81 21.11
C LYS A 552 -19.73 1.75 20.04
N LEU A 553 -18.83 2.54 19.44
CA LEU A 553 -19.20 3.59 18.49
C LEU A 553 -19.91 3.00 17.26
N PHE A 554 -19.44 1.83 16.75
CA PHE A 554 -20.13 1.09 15.66
C PHE A 554 -21.32 0.28 16.19
N ALA A 555 -21.28 -0.08 17.48
CA ALA A 555 -22.36 -0.83 18.16
C ALA A 555 -23.53 0.11 18.60
N ALA A 556 -23.51 1.38 18.13
CA ALA A 556 -24.60 2.35 18.34
C ALA A 556 -25.85 1.93 17.53
N ALA A 557 -25.73 1.94 16.19
CA ALA A 557 -26.81 1.48 15.28
C ALA A 557 -26.32 0.42 14.27
N GLY A 558 -25.01 0.47 13.93
CA GLY A 558 -24.44 -0.45 12.93
C GLY A 558 -24.80 -0.01 11.50
N GLN A 559 -24.13 1.06 11.05
CA GLN A 559 -24.38 1.71 9.74
C GLN A 559 -23.13 2.58 9.45
N LYS A 560 -23.30 3.86 9.06
CA LYS A 560 -22.22 4.87 9.15
C LYS A 560 -22.19 5.46 10.58
N VAL A 561 -23.09 4.93 11.46
CA VAL A 561 -23.37 5.43 12.83
C VAL A 561 -24.03 6.85 12.84
N PRO A 562 -25.18 7.01 13.61
CA PRO A 562 -25.86 8.33 13.81
C PRO A 562 -24.91 9.37 14.43
N GLU A 563 -24.12 8.93 15.41
CA GLU A 563 -23.19 9.77 16.17
C GLU A 563 -22.09 10.39 15.26
N VAL A 564 -21.66 9.63 14.21
CA VAL A 564 -20.63 10.06 13.22
C VAL A 564 -20.98 11.43 12.59
N LYS A 565 -22.29 11.65 12.41
CA LYS A 565 -22.82 12.95 12.02
C LYS A 565 -22.52 13.93 13.15
N TYR A 566 -21.61 14.88 12.90
CA TYR A 566 -21.00 15.72 13.95
C TYR A 566 -21.97 16.76 14.53
N ILE A 567 -21.56 17.41 15.64
CA ILE A 567 -22.33 18.48 16.28
C ILE A 567 -21.99 19.80 15.57
N PHE A 568 -22.97 20.33 14.81
CA PHE A 568 -22.76 21.49 13.92
C PHE A 568 -22.88 22.80 14.70
N GLU A 569 -21.74 23.42 15.02
CA GLU A 569 -21.68 24.72 15.71
C GLU A 569 -21.34 25.82 14.68
N LEU A 570 -22.17 26.87 14.61
CA LEU A 570 -21.93 28.04 13.73
C LEU A 570 -21.40 29.21 14.55
N ASN A 571 -20.61 30.09 13.92
CA ASN A 571 -20.08 31.31 14.56
C ASN A 571 -20.75 32.58 13.96
N PRO A 572 -21.69 33.26 14.71
CA PRO A 572 -22.41 34.49 14.24
C PRO A 572 -21.47 35.63 13.87
N ASP A 573 -20.28 35.62 14.50
CA ASP A 573 -19.22 36.62 14.28
C ASP A 573 -18.71 36.57 12.82
N HIS A 574 -18.76 35.39 12.20
CA HIS A 574 -18.29 35.20 10.81
C HIS A 574 -19.32 35.68 9.77
N VAL A 575 -18.82 36.21 8.63
CA VAL A 575 -19.63 36.88 7.58
C VAL A 575 -20.75 35.98 7.01
N LEU A 576 -20.47 34.67 6.83
CA LEU A 576 -21.44 33.72 6.25
C LEU A 576 -22.67 33.54 7.18
N VAL A 577 -22.44 33.56 8.50
CA VAL A 577 -23.53 33.39 9.51
C VAL A 577 -24.22 34.74 9.79
N LYS A 578 -23.50 35.88 9.54
CA LYS A 578 -24.11 37.23 9.54
C LYS A 578 -25.23 37.26 8.50
N ARG A 579 -24.89 36.78 7.29
CA ARG A 579 -25.74 36.80 6.11
C ARG A 579 -26.84 35.70 6.21
N ALA A 580 -26.49 34.56 6.84
CA ALA A 580 -27.44 33.43 7.04
C ALA A 580 -28.47 33.75 8.14
N ALA A 581 -28.07 34.61 9.09
CA ALA A 581 -28.98 35.10 10.16
C ALA A 581 -29.78 36.31 9.65
N ASP A 582 -29.26 36.98 8.59
CA ASP A 582 -29.98 38.06 7.88
C ASP A 582 -31.08 37.48 6.98
N THR A 583 -30.91 36.21 6.56
CA THR A 583 -31.90 35.54 5.69
C THR A 583 -32.99 34.85 6.53
N GLU A 584 -34.24 35.31 6.37
CA GLU A 584 -35.44 34.60 6.85
C GLU A 584 -35.92 33.64 5.75
N ASP A 585 -35.75 34.07 4.47
CA ASP A 585 -36.19 33.33 3.26
C ASP A 585 -35.68 31.87 3.27
N GLU A 586 -36.63 30.92 3.26
CA GLU A 586 -36.36 29.46 3.40
C GLU A 586 -35.29 28.95 2.41
N ALA A 587 -35.36 29.44 1.17
CA ALA A 587 -34.50 28.98 0.05
C ALA A 587 -33.01 29.27 0.30
N LYS A 588 -32.69 30.55 0.54
CA LYS A 588 -31.30 31.00 0.79
C LYS A 588 -30.84 30.62 2.20
N PHE A 589 -31.78 30.60 3.17
CA PHE A 589 -31.51 30.21 4.57
C PHE A 589 -30.90 28.80 4.60
N SER A 590 -31.61 27.85 3.98
CA SER A 590 -31.18 26.46 3.89
C SER A 590 -29.87 26.33 3.10
N GLU A 591 -29.74 27.14 2.05
CA GLU A 591 -28.61 27.10 1.11
C GLU A 591 -27.29 27.52 1.81
N TRP A 592 -27.39 28.50 2.72
CA TRP A 592 -26.26 28.98 3.52
C TRP A 592 -25.92 27.99 4.65
N VAL A 593 -26.95 27.56 5.38
CA VAL A 593 -26.80 26.63 6.53
C VAL A 593 -26.16 25.29 6.09
N GLU A 594 -26.70 24.72 5.01
CA GLU A 594 -26.22 23.46 4.42
C GLU A 594 -24.82 23.62 3.79
N LEU A 595 -24.51 24.84 3.28
CA LEU A 595 -23.15 25.16 2.77
C LEU A 595 -22.14 24.94 3.90
N LEU A 596 -22.33 25.70 5.01
CA LEU A 596 -21.42 25.67 6.17
C LEU A 596 -21.41 24.30 6.86
N LEU A 597 -22.54 23.55 6.74
CA LEU A 597 -22.65 22.19 7.28
C LEU A 597 -21.64 21.28 6.60
N ASP A 598 -21.87 21.00 5.31
CA ASP A 598 -21.09 20.05 4.52
C ASP A 598 -19.66 20.57 4.26
N GLN A 599 -19.46 21.88 4.47
CA GLN A 599 -18.13 22.53 4.46
C GLN A 599 -17.29 22.08 5.68
N ALA A 600 -17.93 22.19 6.87
CA ALA A 600 -17.30 21.81 8.15
C ALA A 600 -17.04 20.29 8.19
N LEU A 601 -18.07 19.52 7.77
CA LEU A 601 -18.01 18.05 7.70
C LEU A 601 -16.83 17.61 6.78
N LEU A 602 -16.74 18.24 5.58
CA LEU A 602 -15.64 18.00 4.61
C LEU A 602 -14.28 18.34 5.21
N ALA A 603 -14.24 19.36 6.08
CA ALA A 603 -12.99 19.83 6.71
C ALA A 603 -12.56 18.88 7.84
N GLU A 604 -13.55 18.15 8.40
CA GLU A 604 -13.37 17.28 9.56
C GLU A 604 -12.96 15.85 9.14
N ARG A 605 -13.43 15.40 7.96
CA ARG A 605 -13.22 14.01 7.49
C ARG A 605 -12.23 13.96 6.32
N GLY A 606 -12.06 15.12 5.64
CA GLY A 606 -11.24 15.23 4.42
C GLY A 606 -12.02 14.89 3.15
N THR A 607 -13.11 14.11 3.30
CA THR A 607 -13.97 13.66 2.19
C THR A 607 -15.34 13.27 2.76
N LEU A 608 -16.42 13.51 1.99
CA LEU A 608 -17.78 13.13 2.39
C LEU A 608 -18.28 11.91 1.60
N GLU A 609 -19.32 11.28 2.17
CA GLU A 609 -20.04 10.15 1.56
C GLU A 609 -20.97 10.62 0.44
N ASP A 610 -21.39 11.90 0.51
CA ASP A 610 -22.17 12.57 -0.55
C ASP A 610 -21.65 14.01 -0.78
N PRO A 611 -20.45 14.16 -1.45
CA PRO A 611 -19.84 15.50 -1.68
C PRO A 611 -20.50 16.27 -2.84
N ASN A 612 -21.32 15.56 -3.64
CA ASN A 612 -22.06 16.14 -4.79
C ASN A 612 -23.04 17.23 -4.33
N LEU A 613 -23.58 17.06 -3.10
CA LEU A 613 -24.47 18.04 -2.47
C LEU A 613 -23.70 19.32 -2.11
N PHE A 614 -22.46 19.16 -1.60
CA PHE A 614 -21.59 20.30 -1.26
C PHE A 614 -21.17 21.09 -2.52
N ILE A 615 -20.89 20.35 -3.61
CA ILE A 615 -20.60 20.95 -4.91
C ILE A 615 -21.81 21.78 -5.40
N ARG A 616 -23.00 21.20 -5.25
CA ARG A 616 -24.27 21.84 -5.63
C ARG A 616 -24.50 23.16 -4.84
N ARG A 617 -24.20 23.14 -3.52
CA ARG A 617 -24.36 24.32 -2.64
C ARG A 617 -23.47 25.50 -3.08
N MET A 618 -22.16 25.20 -3.29
CA MET A 618 -21.16 26.22 -3.68
C MET A 618 -21.54 26.88 -5.01
N ASN A 619 -21.66 26.03 -6.05
CA ASN A 619 -21.96 26.50 -7.42
C ASN A 619 -23.34 27.19 -7.49
N GLN A 620 -24.28 26.80 -6.60
CA GLN A 620 -25.64 27.41 -6.57
C GLN A 620 -25.56 28.85 -6.04
N LEU A 621 -24.78 29.07 -4.98
CA LEU A 621 -24.56 30.41 -4.38
C LEU A 621 -23.77 31.31 -5.35
N LEU A 622 -22.82 30.72 -6.09
CA LEU A 622 -21.97 31.46 -7.04
C LEU A 622 -22.79 31.95 -8.25
N VAL A 623 -23.66 31.08 -8.80
CA VAL A 623 -24.47 31.41 -10.01
C VAL A 623 -25.73 32.23 -9.65
N SER A 624 -26.33 31.94 -8.48
CA SER A 624 -27.53 32.62 -8.00
C SER A 624 -27.12 33.65 -6.92
N MET B 1 -12.81 10.26 6.89
CA MET B 1 -13.72 9.22 6.36
C MET B 1 -12.84 8.10 5.81
N LYS B 2 -11.99 8.46 4.83
CA LYS B 2 -10.86 7.63 4.39
C LYS B 2 -9.55 8.21 4.98
N GLY B 3 -8.40 7.61 4.64
CA GLY B 3 -7.10 7.99 5.21
C GLY B 3 -6.78 7.15 6.45
N GLN B 4 -7.75 7.10 7.38
CA GLN B 4 -7.66 6.29 8.60
C GLN B 4 -7.73 4.79 8.23
N GLU B 5 -6.66 4.04 8.53
CA GLU B 5 -6.50 2.63 8.15
C GLU B 5 -7.52 1.72 8.87
N THR B 6 -7.72 1.95 10.18
CA THR B 6 -8.64 1.16 11.02
C THR B 6 -9.96 1.92 11.22
N ARG B 7 -10.91 1.71 10.30
CA ARG B 7 -12.28 2.24 10.39
C ARG B 7 -13.24 1.31 9.62
N GLY B 8 -14.54 1.35 9.98
CA GLY B 8 -15.56 0.48 9.37
C GLY B 8 -15.49 -0.97 9.89
N PHE B 9 -16.24 -1.27 10.97
CA PHE B 9 -16.25 -2.61 11.61
C PHE B 9 -17.67 -3.21 11.52
N GLN B 10 -17.98 -3.83 10.35
CA GLN B 10 -19.26 -4.55 10.09
C GLN B 10 -18.96 -5.77 9.18
N SER B 11 -19.43 -6.97 9.58
CA SER B 11 -19.19 -8.24 8.84
C SER B 11 -20.12 -9.37 9.35
N GLU B 12 -20.07 -10.52 8.67
CA GLU B 12 -20.84 -11.75 9.02
C GLU B 12 -19.98 -12.98 8.70
N VAL B 13 -19.93 -13.96 9.63
CA VAL B 13 -18.98 -15.10 9.57
C VAL B 13 -19.67 -16.46 9.85
N LYS B 14 -18.83 -17.51 10.03
CA LYS B 14 -19.22 -18.88 10.41
C LYS B 14 -20.01 -19.59 9.29
N GLN B 15 -19.25 -20.25 8.39
CA GLN B 15 -19.79 -21.01 7.25
C GLN B 15 -20.72 -22.15 7.74
N LEU B 16 -20.20 -22.96 8.68
CA LEU B 16 -20.92 -24.12 9.24
C LEU B 16 -22.23 -23.69 9.94
N LEU B 17 -22.24 -22.48 10.54
CA LEU B 17 -23.45 -21.92 11.18
C LEU B 17 -24.56 -21.67 10.14
N HIS B 18 -24.17 -21.22 8.93
CA HIS B 18 -25.11 -20.98 7.81
C HIS B 18 -25.65 -22.32 7.27
N LEU B 19 -24.85 -23.39 7.43
CA LEU B 19 -25.30 -24.75 7.12
C LEU B 19 -26.38 -25.17 8.12
N MET B 20 -26.07 -25.01 9.42
CA MET B 20 -26.90 -25.53 10.56
C MET B 20 -28.37 -25.08 10.49
N ILE B 21 -28.60 -23.86 10.00
CA ILE B 21 -29.95 -23.28 9.85
C ILE B 21 -30.81 -24.19 8.93
N HIS B 22 -30.25 -24.56 7.77
CA HIS B 22 -30.94 -25.38 6.76
C HIS B 22 -30.59 -26.88 6.89
N SER B 23 -29.66 -27.23 7.80
CA SER B 23 -29.36 -28.63 8.15
C SER B 23 -30.49 -29.20 9.00
N LEU B 24 -30.99 -28.37 9.94
CA LEU B 24 -32.20 -28.67 10.72
C LEU B 24 -33.41 -28.60 9.75
N TYR B 25 -33.48 -27.43 9.06
CA TYR B 25 -34.48 -27.13 8.02
C TYR B 25 -35.91 -27.01 8.62
N SER B 26 -35.98 -26.98 9.99
CA SER B 26 -37.24 -26.98 10.76
C SER B 26 -38.07 -28.27 10.53
N ASN B 27 -37.45 -29.29 9.88
CA ASN B 27 -38.20 -30.46 9.35
C ASN B 27 -37.65 -31.78 9.93
N LYS B 28 -36.35 -31.75 10.34
CA LYS B 28 -35.62 -32.87 11.03
C LYS B 28 -35.22 -34.02 10.08
N GLU B 29 -36.22 -34.59 9.38
CA GLU B 29 -36.10 -35.83 8.56
C GLU B 29 -35.08 -35.74 7.40
N ILE B 30 -34.62 -34.50 7.10
CA ILE B 30 -33.50 -34.21 6.19
C ILE B 30 -32.17 -34.92 6.63
N PHE B 31 -32.11 -35.45 7.88
CA PHE B 31 -30.96 -36.28 8.32
C PHE B 31 -30.90 -37.58 7.50
N LEU B 32 -32.07 -38.19 7.23
CA LEU B 32 -32.16 -39.42 6.40
C LEU B 32 -31.73 -39.13 4.96
N ARG B 33 -31.99 -37.89 4.49
CA ARG B 33 -31.54 -37.42 3.15
C ARG B 33 -30.02 -37.51 3.06
N GLU B 34 -29.37 -36.92 4.05
CA GLU B 34 -27.92 -36.72 4.07
C GLU B 34 -27.18 -38.02 4.38
N LEU B 35 -27.77 -38.88 5.22
CA LEU B 35 -27.20 -40.21 5.53
C LEU B 35 -27.12 -41.06 4.25
N ILE B 36 -28.26 -41.17 3.52
CA ILE B 36 -28.31 -41.91 2.26
C ILE B 36 -27.47 -41.19 1.17
N SER B 37 -27.43 -39.85 1.22
CA SER B 37 -26.63 -39.02 0.27
C SER B 37 -25.14 -39.34 0.43
N ASN B 38 -24.69 -39.46 1.69
CA ASN B 38 -23.30 -39.81 2.03
C ASN B 38 -23.01 -41.28 1.67
N ALA B 39 -24.08 -42.10 1.63
CA ALA B 39 -23.98 -43.53 1.31
C ALA B 39 -23.89 -43.74 -0.21
N SER B 40 -24.60 -42.88 -0.95
CA SER B 40 -24.65 -42.88 -2.41
C SER B 40 -23.27 -42.44 -2.94
N ASP B 41 -22.72 -41.40 -2.31
CA ASP B 41 -21.41 -40.84 -2.66
C ASP B 41 -20.25 -41.68 -2.09
N ALA B 42 -20.52 -42.52 -1.06
CA ALA B 42 -19.53 -43.52 -0.57
C ALA B 42 -19.43 -44.66 -1.58
N ALA B 43 -20.60 -45.07 -2.12
CA ALA B 43 -20.69 -46.08 -3.18
C ALA B 43 -20.05 -45.55 -4.48
N ASP B 44 -20.26 -44.24 -4.72
CA ASP B 44 -19.65 -43.52 -5.86
C ASP B 44 -18.11 -43.57 -5.76
N LYS B 45 -17.58 -43.25 -4.57
CA LYS B 45 -16.13 -43.29 -4.31
C LYS B 45 -15.57 -44.71 -4.55
N LEU B 46 -16.37 -45.75 -4.20
CA LEU B 46 -15.97 -47.16 -4.42
C LEU B 46 -16.02 -47.53 -5.91
N ARG B 47 -16.90 -46.88 -6.67
CA ARG B 47 -16.99 -47.09 -8.14
C ARG B 47 -15.71 -46.58 -8.82
N PHE B 48 -15.19 -45.43 -8.37
CA PHE B 48 -13.91 -44.86 -8.88
C PHE B 48 -12.70 -45.69 -8.38
N ARG B 49 -12.76 -46.12 -7.12
CA ARG B 49 -11.75 -46.99 -6.49
C ARG B 49 -11.64 -48.34 -7.23
N ALA B 50 -12.81 -48.85 -7.69
CA ALA B 50 -12.94 -50.12 -8.41
C ALA B 50 -12.20 -50.08 -9.75
N LEU B 51 -12.13 -48.88 -10.34
CA LEU B 51 -11.45 -48.66 -11.62
C LEU B 51 -9.93 -48.88 -11.51
N SER B 52 -9.38 -48.66 -10.30
CA SER B 52 -7.95 -48.82 -10.03
C SER B 52 -7.65 -50.10 -9.24
N ASN B 53 -8.71 -50.66 -8.60
CA ASN B 53 -8.66 -51.91 -7.82
C ASN B 53 -10.10 -52.46 -7.68
N PRO B 54 -10.56 -53.37 -8.61
CA PRO B 54 -11.90 -54.02 -8.49
C PRO B 54 -11.97 -55.01 -7.30
N ASP B 55 -10.77 -55.40 -6.84
CA ASP B 55 -10.55 -56.32 -5.71
C ASP B 55 -11.19 -55.81 -4.40
N LEU B 56 -11.44 -54.48 -4.33
CA LEU B 56 -11.96 -53.82 -3.12
C LEU B 56 -13.41 -54.24 -2.79
N TYR B 57 -14.12 -54.82 -3.79
CA TYR B 57 -15.46 -55.39 -3.57
C TYR B 57 -15.38 -56.67 -2.69
N GLU B 58 -14.26 -57.42 -2.84
CA GLU B 58 -14.00 -58.68 -2.10
C GLU B 58 -15.15 -59.70 -2.31
N GLY B 59 -15.59 -59.83 -3.57
CA GLY B 59 -16.69 -60.73 -3.94
C GLY B 59 -18.04 -60.02 -4.04
N ASP B 60 -18.34 -59.17 -3.05
CA ASP B 60 -19.62 -58.43 -2.97
C ASP B 60 -19.57 -57.19 -3.90
N GLY B 61 -20.13 -57.34 -5.11
CA GLY B 61 -20.14 -56.26 -6.09
C GLY B 61 -21.36 -55.34 -5.97
N GLU B 62 -22.50 -55.94 -5.57
CA GLU B 62 -23.80 -55.24 -5.49
C GLU B 62 -23.77 -54.10 -4.45
N LEU B 63 -23.62 -52.86 -4.92
CA LEU B 63 -23.62 -51.67 -4.06
C LEU B 63 -25.06 -51.23 -3.71
N ARG B 64 -25.40 -51.29 -2.42
CA ARG B 64 -26.68 -50.83 -1.87
C ARG B 64 -26.49 -50.32 -0.42
N VAL B 65 -27.45 -49.50 0.02
CA VAL B 65 -27.52 -49.01 1.41
C VAL B 65 -28.79 -49.58 2.07
N ARG B 66 -28.69 -49.95 3.36
CA ARG B 66 -29.75 -50.64 4.10
C ARG B 66 -30.13 -49.86 5.35
N VAL B 67 -31.42 -49.51 5.46
CA VAL B 67 -32.00 -48.88 6.66
C VAL B 67 -32.62 -49.98 7.52
N SER B 68 -32.28 -50.01 8.80
CA SER B 68 -32.84 -50.93 9.80
C SER B 68 -33.20 -50.12 11.05
N PHE B 69 -34.03 -50.67 11.93
CA PHE B 69 -34.46 -49.98 13.14
C PHE B 69 -34.76 -50.97 14.26
N ASP B 70 -34.22 -50.70 15.45
CA ASP B 70 -34.53 -51.42 16.68
C ASP B 70 -35.38 -50.50 17.56
N LYS B 71 -36.62 -50.93 17.81
CA LYS B 71 -37.66 -50.13 18.45
C LYS B 71 -37.45 -50.08 19.97
N ASP B 72 -37.07 -51.25 20.53
CA ASP B 72 -36.78 -51.41 21.96
C ASP B 72 -35.55 -50.58 22.35
N LYS B 73 -34.46 -50.82 21.62
CA LYS B 73 -33.15 -50.18 21.86
C LYS B 73 -33.19 -48.68 21.48
N ARG B 74 -34.14 -48.32 20.58
CA ARG B 74 -34.38 -46.94 20.11
C ARG B 74 -33.21 -46.45 19.23
N THR B 75 -32.68 -47.37 18.40
CA THR B 75 -31.57 -47.09 17.47
C THR B 75 -32.02 -47.29 16.00
N LEU B 76 -31.76 -46.28 15.16
CA LEU B 76 -32.02 -46.34 13.71
C LEU B 76 -30.66 -46.51 13.00
N THR B 77 -30.45 -47.66 12.33
CA THR B 77 -29.15 -48.06 11.76
C THR B 77 -29.17 -48.07 10.21
N ILE B 78 -28.57 -47.03 9.59
CA ILE B 78 -28.45 -46.92 8.12
C ILE B 78 -27.02 -47.35 7.72
N SER B 79 -26.88 -48.63 7.34
CA SER B 79 -25.59 -49.25 7.00
C SER B 79 -25.42 -49.41 5.48
N ASP B 80 -24.47 -48.66 4.88
CA ASP B 80 -24.09 -48.79 3.46
C ASP B 80 -22.93 -49.80 3.31
N ASN B 81 -22.79 -50.36 2.09
CA ASN B 81 -21.67 -51.26 1.76
C ASN B 81 -20.65 -50.55 0.83
N GLY B 82 -20.64 -49.21 0.83
CA GLY B 82 -19.75 -48.43 -0.05
C GLY B 82 -18.26 -48.58 0.26
N VAL B 83 -17.45 -47.58 -0.14
CA VAL B 83 -16.00 -47.59 0.17
C VAL B 83 -15.77 -47.46 1.69
N GLY B 84 -16.81 -46.97 2.40
CA GLY B 84 -16.73 -46.67 3.81
C GLY B 84 -15.85 -45.46 4.07
N MET B 85 -15.17 -45.46 5.22
CA MET B 85 -14.19 -44.43 5.56
C MET B 85 -13.00 -45.13 6.23
N THR B 86 -11.79 -44.94 5.66
CA THR B 86 -10.55 -45.44 6.25
C THR B 86 -10.17 -44.55 7.48
N ARG B 87 -9.19 -44.99 8.30
CA ARG B 87 -8.85 -44.30 9.57
C ARG B 87 -8.44 -42.84 9.31
N ASP B 88 -7.55 -42.65 8.32
CA ASP B 88 -7.11 -41.32 7.88
C ASP B 88 -8.32 -40.51 7.40
N GLU B 89 -9.19 -41.15 6.60
CA GLU B 89 -10.39 -40.51 6.04
C GLU B 89 -11.36 -40.06 7.15
N VAL B 90 -11.39 -40.79 8.28
CA VAL B 90 -12.29 -40.45 9.42
C VAL B 90 -11.78 -39.19 10.17
N ILE B 91 -10.47 -39.09 10.42
CA ILE B 91 -9.90 -37.94 11.16
C ILE B 91 -9.79 -36.69 10.25
N ASP B 92 -9.33 -36.89 9.01
CA ASP B 92 -9.14 -35.81 8.01
C ASP B 92 -10.49 -35.26 7.48
N HIS B 93 -11.60 -35.97 7.74
CA HIS B 93 -12.95 -35.54 7.30
C HIS B 93 -13.82 -35.18 8.52
N LEU B 94 -14.17 -36.20 9.33
CA LEU B 94 -15.04 -36.01 10.50
C LEU B 94 -14.31 -35.18 11.57
N GLY B 95 -13.04 -35.52 11.87
CA GLY B 95 -12.26 -34.80 12.89
C GLY B 95 -11.96 -33.34 12.53
N THR B 96 -12.12 -32.97 11.24
CA THR B 96 -12.02 -31.56 10.80
C THR B 96 -13.40 -30.87 10.85
N ILE B 97 -14.49 -31.67 11.01
CA ILE B 97 -15.82 -31.15 11.42
C ILE B 97 -15.81 -30.87 12.95
N ALA B 98 -15.03 -31.70 13.72
CA ALA B 98 -14.69 -31.44 15.13
C ALA B 98 -13.86 -30.15 15.30
N LYS B 99 -13.37 -29.96 16.54
CA LYS B 99 -12.48 -28.85 16.87
C LYS B 99 -11.05 -29.27 16.46
N SER B 100 -10.68 -28.99 15.20
CA SER B 100 -9.34 -29.26 14.68
C SER B 100 -8.54 -27.94 14.63
N GLY B 101 -9.02 -27.00 13.81
CA GLY B 101 -8.37 -25.70 13.61
C GLY B 101 -8.13 -25.41 12.14
N THR B 102 -9.07 -25.86 11.30
CA THR B 102 -8.95 -25.78 9.84
C THR B 102 -9.34 -24.40 9.27
N LYS B 103 -10.04 -23.60 10.12
CA LYS B 103 -10.59 -22.26 9.78
C LYS B 103 -11.83 -22.42 8.88
N SER B 104 -11.57 -22.64 7.57
CA SER B 104 -12.60 -22.71 6.52
C SER B 104 -11.86 -23.01 5.19
N PHE B 105 -10.76 -22.27 4.98
CA PHE B 105 -9.87 -22.46 3.81
C PHE B 105 -8.42 -22.68 4.28
N LEU B 106 -8.05 -21.91 5.33
CA LEU B 106 -6.81 -22.05 6.12
C LEU B 106 -6.62 -20.75 6.93
N GLU B 107 -6.23 -20.89 8.20
CA GLU B 107 -6.04 -19.76 9.13
C GLU B 107 -4.83 -18.87 8.72
N SER B 108 -3.94 -19.43 7.89
CA SER B 108 -2.69 -18.79 7.47
C SER B 108 -2.76 -18.28 6.00
N LEU B 109 -2.87 -19.20 5.02
CA LEU B 109 -2.85 -18.86 3.57
C LEU B 109 -4.28 -18.71 2.99
N GLY B 110 -5.29 -19.32 3.64
CA GLY B 110 -6.68 -19.25 3.16
C GLY B 110 -6.90 -19.92 1.82
N SER B 111 -6.27 -21.09 1.61
CA SER B 111 -6.34 -21.80 0.31
C SER B 111 -5.91 -23.29 0.44
N ASP B 112 -4.83 -23.55 1.20
CA ASP B 112 -4.21 -24.90 1.33
C ASP B 112 -5.23 -25.97 1.79
N GLN B 113 -5.83 -25.73 2.96
CA GLN B 113 -6.77 -26.69 3.58
C GLN B 113 -8.21 -26.55 3.01
N ALA B 114 -8.40 -25.68 1.99
CA ALA B 114 -9.75 -25.23 1.52
C ALA B 114 -10.75 -26.35 1.17
N LYS B 115 -10.23 -27.57 0.99
CA LYS B 115 -11.03 -28.78 0.78
C LYS B 115 -11.31 -29.49 2.14
N ASP B 116 -11.49 -28.68 3.21
CA ASP B 116 -12.00 -29.18 4.52
C ASP B 116 -13.47 -28.78 4.61
N SER B 117 -13.76 -27.50 4.33
CA SER B 117 -15.11 -26.92 4.41
C SER B 117 -16.03 -27.51 3.33
N GLN B 118 -15.42 -27.92 2.22
CA GLN B 118 -16.10 -28.59 1.10
C GLN B 118 -16.58 -29.99 1.52
N LEU B 119 -15.81 -30.63 2.41
CA LEU B 119 -16.14 -31.93 3.01
C LEU B 119 -17.24 -31.77 4.09
N ILE B 120 -17.18 -30.64 4.80
CA ILE B 120 -18.18 -30.25 5.83
C ILE B 120 -19.52 -29.82 5.15
N GLY B 121 -19.42 -29.44 3.86
CA GLY B 121 -20.59 -29.02 3.05
C GLY B 121 -21.72 -30.06 2.98
N GLN B 122 -21.37 -31.35 3.06
CA GLN B 122 -22.34 -32.47 3.10
C GLN B 122 -22.32 -33.15 4.47
N PHE B 123 -21.13 -33.62 4.87
CA PHE B 123 -20.96 -34.47 6.07
C PHE B 123 -21.20 -33.66 7.37
N GLY B 124 -21.02 -32.32 7.30
CA GLY B 124 -21.26 -31.42 8.44
C GLY B 124 -22.74 -31.09 8.61
N VAL B 125 -23.47 -31.08 7.48
CA VAL B 125 -24.95 -30.95 7.47
C VAL B 125 -25.55 -32.21 8.12
N GLY B 126 -25.18 -33.39 7.56
CA GLY B 126 -25.61 -34.69 8.09
C GLY B 126 -25.23 -34.92 9.54
N PHE B 127 -24.09 -34.33 9.96
CA PHE B 127 -23.62 -34.38 11.37
C PHE B 127 -24.64 -33.71 12.31
N TYR B 128 -24.90 -32.42 12.03
CA TYR B 128 -25.80 -31.58 12.84
C TYR B 128 -27.23 -32.18 12.90
N SER B 129 -27.75 -32.51 11.71
CA SER B 129 -29.11 -33.05 11.52
C SER B 129 -29.29 -34.38 12.30
N ALA B 130 -28.23 -35.20 12.29
CA ALA B 130 -28.20 -36.49 13.03
C ALA B 130 -28.40 -36.23 14.52
N PHE B 131 -27.64 -35.29 15.10
CA PHE B 131 -27.70 -34.98 16.54
C PHE B 131 -28.89 -34.06 16.93
N ILE B 132 -29.80 -33.78 15.97
CA ILE B 132 -31.10 -33.13 16.29
C ILE B 132 -32.11 -34.20 16.74
N VAL B 133 -32.17 -35.31 15.97
CA VAL B 133 -33.10 -36.43 16.21
C VAL B 133 -32.48 -37.49 17.12
N ALA B 134 -31.15 -37.61 17.09
CA ALA B 134 -30.41 -38.63 17.83
C ALA B 134 -29.74 -38.03 19.05
N ASP B 135 -29.80 -38.76 20.15
CA ASP B 135 -29.15 -38.41 21.41
C ASP B 135 -27.64 -38.66 21.31
N LYS B 136 -27.28 -39.82 20.76
CA LYS B 136 -25.87 -40.21 20.54
C LYS B 136 -25.77 -41.09 19.28
N VAL B 137 -24.81 -40.77 18.38
CA VAL B 137 -24.60 -41.54 17.13
C VAL B 137 -23.33 -42.41 17.25
N THR B 138 -23.48 -43.70 16.96
CA THR B 138 -22.41 -44.70 16.92
C THR B 138 -22.15 -45.08 15.45
N VAL B 139 -20.99 -44.69 14.93
CA VAL B 139 -20.57 -44.99 13.54
C VAL B 139 -19.48 -46.08 13.58
N ARG B 140 -19.67 -47.15 12.79
CA ARG B 140 -18.63 -48.17 12.56
C ARG B 140 -18.35 -48.24 11.06
N THR B 141 -17.16 -47.79 10.64
CA THR B 141 -16.72 -47.85 9.25
C THR B 141 -15.73 -49.03 9.08
N ARG B 142 -15.50 -49.42 7.82
CA ARG B 142 -14.39 -50.33 7.45
C ARG B 142 -14.21 -50.23 5.94
N ALA B 143 -13.07 -49.66 5.53
CA ALA B 143 -12.75 -49.36 4.13
C ALA B 143 -12.77 -50.60 3.21
N ALA B 144 -13.11 -50.36 1.93
CA ALA B 144 -13.23 -51.39 0.90
C ALA B 144 -11.86 -51.99 0.50
N GLY B 145 -11.78 -53.33 0.54
CA GLY B 145 -10.54 -54.07 0.25
C GLY B 145 -9.62 -54.15 1.45
N GLU B 146 -9.55 -53.03 2.19
CA GLU B 146 -8.89 -52.95 3.49
C GLU B 146 -9.51 -54.00 4.44
N LYS B 147 -8.65 -54.76 5.11
CA LYS B 147 -9.07 -55.92 5.92
C LYS B 147 -9.80 -55.47 7.20
N PRO B 148 -10.79 -56.30 7.70
CA PRO B 148 -11.55 -56.07 8.95
C PRO B 148 -10.74 -55.42 10.10
N GLU B 149 -9.46 -55.84 10.24
CA GLU B 149 -8.53 -55.34 11.29
C GLU B 149 -8.45 -53.79 11.36
N ASN B 150 -8.64 -53.13 10.20
CA ASN B 150 -8.65 -51.66 10.09
C ASN B 150 -10.07 -51.14 9.88
N GLY B 151 -10.99 -51.66 10.69
CA GLY B 151 -12.27 -51.00 10.94
C GLY B 151 -12.07 -49.81 11.85
N VAL B 152 -12.91 -48.78 11.72
CA VAL B 152 -12.81 -47.57 12.55
C VAL B 152 -14.09 -47.42 13.36
N PHE B 153 -13.93 -47.29 14.68
CA PHE B 153 -15.01 -46.93 15.57
C PHE B 153 -15.07 -45.41 15.66
N TRP B 154 -16.27 -44.88 15.67
CA TRP B 154 -16.52 -43.44 15.82
C TRP B 154 -17.79 -43.27 16.63
N GLU B 155 -17.83 -42.25 17.50
CA GLU B 155 -18.94 -42.01 18.42
C GLU B 155 -18.78 -40.63 19.07
N SER B 156 -19.91 -39.94 19.33
CA SER B 156 -19.92 -38.66 20.08
C SER B 156 -21.33 -38.29 20.53
N ALA B 157 -21.41 -37.29 21.43
CA ALA B 157 -22.67 -36.71 21.89
C ALA B 157 -23.10 -35.56 20.96
N GLY B 158 -22.16 -35.08 20.11
CA GLY B 158 -22.44 -34.03 19.12
C GLY B 158 -21.75 -32.70 19.42
N GLU B 159 -21.13 -32.62 20.60
CA GLU B 159 -20.38 -31.43 21.05
C GLU B 159 -18.98 -31.40 20.39
N GLY B 160 -18.06 -30.59 20.94
CA GLY B 160 -16.67 -30.54 20.47
C GLY B 160 -15.81 -31.69 21.03
N GLU B 161 -16.41 -32.87 21.14
CA GLU B 161 -15.75 -34.09 21.62
C GLU B 161 -16.05 -35.24 20.64
N TYR B 162 -15.02 -35.97 20.21
CA TYR B 162 -15.18 -37.19 19.38
C TYR B 162 -14.50 -38.38 20.07
N THR B 163 -14.94 -39.58 19.70
CA THR B 163 -14.35 -40.85 20.11
C THR B 163 -14.07 -41.64 18.83
N VAL B 164 -12.79 -41.77 18.46
CA VAL B 164 -12.39 -42.52 17.24
C VAL B 164 -11.25 -43.50 17.58
N ALA B 165 -11.40 -44.76 17.14
CA ALA B 165 -10.47 -45.86 17.47
C ALA B 165 -10.37 -46.86 16.31
N ASP B 166 -9.36 -47.75 16.38
CA ASP B 166 -9.14 -48.84 15.41
C ASP B 166 -9.60 -50.17 16.01
N ILE B 167 -10.66 -50.79 15.44
CA ILE B 167 -11.14 -52.13 15.85
C ILE B 167 -11.31 -53.02 14.60
N THR B 168 -11.85 -54.23 14.81
CA THR B 168 -12.17 -55.17 13.71
C THR B 168 -13.66 -55.06 13.31
N LYS B 169 -13.98 -55.06 11.99
CA LYS B 169 -15.36 -55.21 11.49
C LYS B 169 -15.34 -55.95 10.14
N GLU B 170 -15.93 -57.15 10.13
CA GLU B 170 -15.86 -58.09 8.98
C GLU B 170 -16.67 -57.56 7.77
N ASP B 171 -17.74 -56.81 8.04
CA ASP B 171 -18.58 -56.18 7.00
C ASP B 171 -17.84 -55.01 6.33
N ARG B 172 -18.10 -54.81 5.03
CA ARG B 172 -17.54 -53.69 4.25
C ARG B 172 -18.50 -52.48 4.33
N GLY B 173 -17.94 -51.27 4.26
CA GLY B 173 -18.71 -50.04 4.24
C GLY B 173 -18.88 -49.46 5.64
N THR B 174 -19.94 -48.67 5.83
CA THR B 174 -20.18 -47.91 7.06
C THR B 174 -21.55 -48.26 7.66
N GLU B 175 -21.64 -48.16 8.99
CA GLU B 175 -22.86 -48.40 9.76
C GLU B 175 -23.13 -47.16 10.63
N ILE B 176 -24.20 -46.40 10.30
CA ILE B 176 -24.60 -45.23 11.10
C ILE B 176 -25.76 -45.64 12.03
N THR B 177 -25.44 -45.92 13.30
CA THR B 177 -26.42 -46.34 14.32
C THR B 177 -26.76 -45.14 15.23
N LEU B 178 -27.88 -44.47 14.95
CA LEU B 178 -28.33 -43.30 15.69
C LEU B 178 -29.22 -43.75 16.85
N HIS B 179 -28.74 -43.67 18.11
CA HIS B 179 -29.63 -43.84 19.26
C HIS B 179 -30.48 -42.58 19.38
N LEU B 180 -31.72 -42.68 18.87
CA LEU B 180 -32.67 -41.58 18.84
C LEU B 180 -33.09 -41.15 20.25
N ARG B 181 -33.43 -39.86 20.38
CA ARG B 181 -33.98 -39.28 21.62
C ARG B 181 -35.37 -39.87 21.92
N GLU B 182 -35.78 -39.83 23.19
CA GLU B 182 -37.10 -40.33 23.60
C GLU B 182 -38.19 -39.39 23.11
N GLY B 183 -39.04 -39.91 22.21
CA GLY B 183 -40.00 -39.12 21.45
C GLY B 183 -39.78 -39.28 19.95
N GLU B 184 -38.49 -39.41 19.56
CA GLU B 184 -38.08 -39.57 18.14
C GLU B 184 -38.27 -41.02 17.65
N ASP B 185 -39.19 -41.77 18.33
CA ASP B 185 -39.65 -43.10 17.88
C ASP B 185 -40.55 -42.98 16.63
N GLU B 186 -40.84 -41.72 16.26
CA GLU B 186 -41.37 -41.34 14.94
C GLU B 186 -40.52 -41.95 13.80
N PHE B 187 -39.19 -41.90 13.98
CA PHE B 187 -38.22 -42.42 12.98
C PHE B 187 -37.88 -43.90 13.26
N LEU B 188 -38.71 -44.58 14.07
CA LEU B 188 -38.68 -46.05 14.26
C LEU B 188 -39.98 -46.68 13.72
N ASP B 189 -41.00 -45.84 13.44
CA ASP B 189 -42.27 -46.28 12.84
C ASP B 189 -42.02 -46.70 11.39
N ASP B 190 -42.21 -48.00 11.10
CA ASP B 190 -41.91 -48.63 9.79
C ASP B 190 -42.47 -47.81 8.60
N TRP B 191 -43.76 -47.47 8.68
CA TRP B 191 -44.48 -46.72 7.63
C TRP B 191 -43.94 -45.28 7.48
N ARG B 192 -43.58 -44.64 8.62
CA ARG B 192 -43.06 -43.25 8.64
C ARG B 192 -41.67 -43.21 8.00
N VAL B 193 -40.83 -44.18 8.40
CA VAL B 193 -39.47 -44.35 7.87
C VAL B 193 -39.53 -44.52 6.34
N ARG B 194 -40.35 -45.49 5.86
CA ARG B 194 -40.46 -45.81 4.42
C ARG B 194 -40.95 -44.61 3.59
N SER B 195 -41.85 -43.78 4.15
CA SER B 195 -42.34 -42.56 3.47
C SER B 195 -41.18 -41.57 3.22
N ILE B 196 -40.44 -41.26 4.29
CA ILE B 196 -39.34 -40.29 4.26
C ILE B 196 -38.17 -40.81 3.39
N ILE B 197 -37.87 -42.11 3.51
CA ILE B 197 -36.86 -42.79 2.68
C ILE B 197 -37.25 -42.71 1.19
N SER B 198 -38.55 -42.93 0.89
CA SER B 198 -39.08 -42.85 -0.49
C SER B 198 -38.84 -41.45 -1.09
N LYS B 199 -39.01 -40.39 -0.26
CA LYS B 199 -38.86 -38.99 -0.71
C LYS B 199 -37.45 -38.69 -1.28
N TYR B 200 -36.45 -39.50 -0.88
CA TYR B 200 -35.05 -39.25 -1.24
C TYR B 200 -34.55 -40.30 -2.23
N SER B 201 -34.84 -41.56 -1.90
CA SER B 201 -34.35 -42.74 -2.61
C SER B 201 -34.93 -42.84 -4.03
N ASP B 202 -36.10 -42.19 -4.22
CA ASP B 202 -36.78 -42.04 -5.52
C ASP B 202 -35.85 -41.47 -6.61
N HIS B 203 -35.05 -40.46 -6.22
CA HIS B 203 -34.13 -39.76 -7.15
C HIS B 203 -32.67 -40.22 -6.96
N ILE B 204 -32.45 -41.22 -6.09
CA ILE B 204 -31.12 -41.78 -5.79
C ILE B 204 -30.93 -43.13 -6.53
N ALA B 205 -29.82 -43.22 -7.29
CA ALA B 205 -29.48 -44.40 -8.10
C ALA B 205 -29.10 -45.62 -7.24
N LEU B 206 -28.59 -45.36 -6.02
CA LEU B 206 -28.16 -46.42 -5.09
C LEU B 206 -29.39 -47.11 -4.46
N PRO B 207 -29.58 -48.45 -4.71
CA PRO B 207 -30.68 -49.23 -4.10
C PRO B 207 -30.73 -49.11 -2.56
N VAL B 208 -31.80 -48.49 -2.03
CA VAL B 208 -31.99 -48.34 -0.58
C VAL B 208 -32.98 -49.41 -0.09
N GLU B 209 -32.42 -50.49 0.47
CA GLU B 209 -33.20 -51.58 1.08
C GLU B 209 -33.60 -51.21 2.52
N ILE B 210 -34.65 -51.84 3.06
CA ILE B 210 -35.06 -51.66 4.46
C ILE B 210 -35.28 -53.02 5.14
N GLU B 211 -35.06 -53.06 6.46
CA GLU B 211 -35.29 -54.23 7.29
C GLU B 211 -36.80 -54.51 7.40
N LYS B 212 -37.27 -55.38 6.52
CA LYS B 212 -38.57 -56.01 6.66
C LYS B 212 -38.36 -57.36 7.34
N ARG B 213 -38.30 -57.33 8.69
CA ARG B 213 -38.18 -58.54 9.49
C ARG B 213 -39.59 -58.95 9.95
N GLU B 214 -39.85 -60.26 9.96
CA GLU B 214 -41.06 -60.85 10.51
C GLU B 214 -40.70 -61.52 11.84
N GLU B 215 -40.95 -60.80 12.94
CA GLU B 215 -40.50 -61.16 14.29
C GLU B 215 -41.57 -62.03 14.99
N LYS B 216 -41.47 -63.33 14.73
CA LYS B 216 -42.37 -64.36 15.26
C LYS B 216 -41.67 -65.16 16.37
N ASP B 217 -42.46 -65.99 17.07
CA ASP B 217 -41.95 -66.88 18.14
C ASP B 217 -40.95 -67.88 17.56
N GLY B 218 -39.64 -67.66 17.81
CA GLY B 218 -38.58 -68.55 17.33
C GLY B 218 -37.99 -68.13 15.99
N GLU B 219 -38.71 -67.28 15.23
CA GLU B 219 -38.36 -66.90 13.85
C GLU B 219 -38.33 -65.38 13.68
N THR B 220 -37.14 -64.78 13.82
CA THR B 220 -36.91 -63.36 13.49
C THR B 220 -36.23 -63.31 12.12
N VAL B 221 -37.04 -63.50 11.05
CA VAL B 221 -36.51 -63.62 9.68
C VAL B 221 -36.39 -62.21 9.10
N ILE B 222 -35.14 -61.76 8.89
CA ILE B 222 -34.82 -60.41 8.41
C ILE B 222 -34.65 -60.43 6.88
N SER B 223 -35.51 -59.69 6.19
CA SER B 223 -35.45 -59.50 4.72
C SER B 223 -35.15 -58.02 4.42
N TRP B 224 -34.56 -57.74 3.26
CA TRP B 224 -34.15 -56.37 2.86
C TRP B 224 -34.86 -55.99 1.55
N GLU B 225 -35.79 -55.03 1.63
CA GLU B 225 -36.67 -54.65 0.51
C GLU B 225 -36.25 -53.30 -0.08
N LYS B 226 -35.85 -53.29 -1.37
CA LYS B 226 -35.50 -52.04 -2.08
C LYS B 226 -36.77 -51.18 -2.25
N ILE B 227 -36.81 -50.05 -1.52
CA ILE B 227 -37.95 -49.11 -1.54
C ILE B 227 -37.91 -48.26 -2.83
N ASN B 228 -36.69 -48.09 -3.35
CA ASN B 228 -36.44 -47.23 -4.50
C ASN B 228 -36.47 -48.04 -5.81
N LYS B 229 -36.57 -47.29 -6.92
CA LYS B 229 -36.51 -47.83 -8.29
C LYS B 229 -35.13 -48.46 -8.60
N ALA B 230 -34.09 -47.99 -7.85
CA ALA B 230 -32.68 -48.43 -7.99
C ALA B 230 -32.16 -48.21 -9.42
N GLN B 231 -32.59 -47.08 -10.01
CA GLN B 231 -32.27 -46.73 -11.40
C GLN B 231 -31.83 -45.26 -11.45
N ALA B 232 -30.72 -45.03 -12.18
CA ALA B 232 -30.06 -43.72 -12.29
C ALA B 232 -30.98 -42.67 -12.92
N LEU B 233 -31.17 -41.53 -12.22
CA LEU B 233 -32.09 -40.45 -12.64
C LEU B 233 -31.74 -39.92 -14.04
N TRP B 234 -30.43 -39.80 -14.34
CA TRP B 234 -29.98 -39.26 -15.62
C TRP B 234 -30.40 -40.17 -16.80
N THR B 235 -30.30 -41.51 -16.65
CA THR B 235 -30.64 -42.44 -17.74
C THR B 235 -32.16 -42.69 -17.82
N ARG B 236 -32.89 -42.38 -16.73
CA ARG B 236 -34.38 -42.45 -16.70
C ARG B 236 -35.00 -41.43 -17.66
N ASN B 237 -36.18 -41.79 -18.20
CA ASN B 237 -36.94 -40.94 -19.15
C ASN B 237 -37.58 -39.76 -18.39
N LYS B 238 -37.49 -38.55 -18.98
CA LYS B 238 -38.03 -37.31 -18.39
C LYS B 238 -39.55 -37.37 -18.17
N SER B 239 -40.23 -38.10 -19.08
CA SER B 239 -41.68 -38.34 -19.02
C SER B 239 -42.09 -39.16 -17.76
N GLU B 240 -41.09 -39.84 -17.16
CA GLU B 240 -41.28 -40.67 -15.97
C GLU B 240 -40.72 -39.97 -14.71
N ILE B 241 -39.75 -39.04 -14.88
CA ILE B 241 -39.16 -38.27 -13.73
C ILE B 241 -39.98 -36.98 -13.48
N THR B 242 -40.35 -36.69 -12.21
CA THR B 242 -41.02 -35.43 -11.86
C THR B 242 -39.99 -34.31 -11.57
N ASP B 243 -40.48 -33.05 -11.58
CA ASP B 243 -39.65 -31.83 -11.39
C ASP B 243 -38.95 -31.84 -10.03
N GLU B 244 -39.66 -32.34 -9.02
CA GLU B 244 -39.20 -32.32 -7.61
C GLU B 244 -37.97 -33.18 -7.41
N GLU B 245 -37.87 -34.26 -8.21
CA GLU B 245 -36.69 -35.14 -8.20
C GLU B 245 -35.46 -34.38 -8.70
N TYR B 246 -35.62 -33.58 -9.78
CA TYR B 246 -34.53 -32.73 -10.33
C TYR B 246 -34.07 -31.71 -9.28
N LYS B 247 -35.06 -31.02 -8.67
CA LYS B 247 -34.82 -29.96 -7.67
C LYS B 247 -34.06 -30.49 -6.45
N GLU B 248 -34.37 -31.72 -6.07
CA GLU B 248 -33.80 -32.39 -4.88
C GLU B 248 -32.50 -33.18 -5.23
N PHE B 249 -32.35 -33.56 -6.52
CA PHE B 249 -31.14 -34.26 -7.02
C PHE B 249 -29.98 -33.27 -7.20
N TYR B 250 -30.33 -32.00 -7.51
CA TYR B 250 -29.40 -30.87 -7.46
C TYR B 250 -28.75 -30.80 -6.06
N LYS B 251 -29.58 -30.94 -5.02
CA LYS B 251 -29.13 -30.83 -3.63
C LYS B 251 -28.19 -31.99 -3.25
N HIS B 252 -28.41 -33.17 -3.89
CA HIS B 252 -27.53 -34.34 -3.71
C HIS B 252 -26.14 -34.09 -4.33
N ILE B 253 -26.12 -33.84 -5.65
CA ILE B 253 -24.87 -33.74 -6.46
C ILE B 253 -23.99 -32.55 -6.05
N ALA B 254 -24.64 -31.45 -5.62
CA ALA B 254 -23.96 -30.20 -5.26
C ALA B 254 -23.58 -30.21 -3.77
N HIS B 255 -24.11 -31.24 -3.03
CA HIS B 255 -23.84 -31.42 -1.59
C HIS B 255 -24.30 -30.18 -0.81
N ASP B 256 -25.52 -29.75 -1.18
CA ASP B 256 -26.12 -28.47 -0.79
C ASP B 256 -27.62 -28.72 -0.48
N PHE B 257 -28.39 -27.68 -0.12
CA PHE B 257 -29.83 -27.81 0.21
C PHE B 257 -30.68 -26.66 -0.36
N ASN B 258 -30.08 -25.75 -1.15
CA ASN B 258 -30.83 -24.72 -1.92
C ASN B 258 -31.48 -25.38 -3.15
N ASP B 259 -32.60 -24.82 -3.63
CA ASP B 259 -33.28 -25.29 -4.87
C ASP B 259 -32.66 -24.63 -6.12
N PRO B 260 -32.68 -25.32 -7.30
CA PRO B 260 -32.28 -24.70 -8.57
C PRO B 260 -33.42 -23.86 -9.20
N LEU B 261 -33.03 -22.80 -9.92
CA LEU B 261 -33.95 -21.97 -10.70
C LEU B 261 -34.46 -22.77 -11.91
N THR B 262 -33.53 -23.32 -12.70
CA THR B 262 -33.83 -24.00 -13.96
C THR B 262 -32.83 -25.14 -14.19
N TRP B 263 -33.23 -26.16 -14.97
CA TRP B 263 -32.37 -27.29 -15.31
C TRP B 263 -32.54 -27.66 -16.79
N SER B 264 -31.61 -28.49 -17.28
CA SER B 264 -31.60 -29.01 -18.64
C SER B 264 -31.21 -30.49 -18.59
N HIS B 265 -32.15 -31.37 -18.99
CA HIS B 265 -31.89 -32.81 -19.06
C HIS B 265 -32.02 -33.26 -20.52
N ASN B 266 -30.87 -33.61 -21.13
CA ASN B 266 -30.82 -34.10 -22.53
C ASN B 266 -29.98 -35.38 -22.58
N ARG B 267 -30.27 -36.25 -23.57
CA ARG B 267 -29.51 -37.47 -23.85
C ARG B 267 -29.11 -37.49 -25.33
N VAL B 268 -27.84 -37.75 -25.59
CA VAL B 268 -27.22 -37.67 -26.93
C VAL B 268 -26.69 -39.06 -27.32
N GLU B 269 -26.92 -39.44 -28.58
CA GLU B 269 -26.58 -40.77 -29.10
C GLU B 269 -25.75 -40.67 -30.39
N GLY B 270 -25.40 -41.84 -30.94
CA GLY B 270 -24.52 -41.95 -32.10
C GLY B 270 -23.12 -42.35 -31.69
N LYS B 271 -22.12 -41.59 -32.17
CA LYS B 271 -20.70 -41.81 -31.84
C LYS B 271 -20.41 -41.24 -30.44
N GLN B 272 -20.61 -39.92 -30.25
CA GLN B 272 -20.54 -39.29 -28.92
C GLN B 272 -21.84 -39.56 -28.16
N GLU B 273 -21.86 -40.68 -27.39
CA GLU B 273 -23.01 -41.06 -26.57
C GLU B 273 -22.77 -40.66 -25.10
N TYR B 274 -23.60 -39.71 -24.62
CA TYR B 274 -23.51 -39.16 -23.26
C TYR B 274 -24.88 -38.60 -22.85
N THR B 275 -25.19 -38.69 -21.55
CA THR B 275 -26.41 -38.13 -20.97
C THR B 275 -26.04 -36.96 -20.05
N SER B 276 -26.54 -35.76 -20.38
CA SER B 276 -26.22 -34.52 -19.65
C SER B 276 -27.42 -34.09 -18.79
N LEU B 277 -27.14 -33.62 -17.57
CA LEU B 277 -28.15 -33.10 -16.64
C LEU B 277 -27.52 -31.95 -15.82
N LEU B 278 -27.83 -30.71 -16.24
CA LEU B 278 -27.25 -29.48 -15.69
C LEU B 278 -28.32 -28.69 -14.91
N TYR B 279 -27.87 -27.80 -14.01
CA TYR B 279 -28.75 -26.99 -13.13
C TYR B 279 -28.19 -25.57 -12.98
N ILE B 280 -29.08 -24.63 -12.61
CA ILE B 280 -28.75 -23.23 -12.29
C ILE B 280 -29.08 -22.99 -10.81
N PRO B 281 -28.10 -22.66 -9.92
CA PRO B 281 -28.37 -22.33 -8.49
C PRO B 281 -29.22 -21.05 -8.33
N SER B 282 -29.88 -20.92 -7.16
CA SER B 282 -30.70 -19.74 -6.81
C SER B 282 -29.84 -18.61 -6.21
N GLN B 283 -28.78 -19.01 -5.51
CA GLN B 283 -27.88 -18.10 -4.78
C GLN B 283 -26.45 -18.32 -5.26
N ALA B 284 -25.64 -17.25 -5.31
CA ALA B 284 -24.21 -17.34 -5.59
C ALA B 284 -23.49 -17.97 -4.38
N PRO B 285 -22.75 -19.12 -4.58
CA PRO B 285 -21.96 -19.76 -3.49
C PRO B 285 -20.88 -18.82 -2.90
N TRP B 286 -20.25 -19.23 -1.79
CA TRP B 286 -19.11 -18.48 -1.21
C TRP B 286 -17.96 -18.50 -2.24
N ASP B 287 -17.70 -19.72 -2.73
CA ASP B 287 -16.61 -20.02 -3.66
C ASP B 287 -16.85 -19.52 -5.10
N MET B 288 -17.97 -18.78 -5.30
CA MET B 288 -18.28 -18.15 -6.59
C MET B 288 -17.20 -17.11 -6.96
N TRP B 289 -16.64 -16.47 -5.92
CA TRP B 289 -15.59 -15.44 -6.05
C TRP B 289 -14.30 -15.85 -5.28
N ASN B 290 -14.16 -17.17 -4.99
CA ASN B 290 -12.93 -17.73 -4.38
C ASN B 290 -11.96 -18.14 -5.51
N ARG B 291 -10.65 -18.16 -5.19
CA ARG B 291 -9.60 -18.46 -6.18
C ARG B 291 -9.51 -19.99 -6.46
N ASP B 292 -10.11 -20.81 -5.56
CA ASP B 292 -10.12 -22.28 -5.71
C ASP B 292 -11.41 -22.71 -6.43
N HIS B 293 -11.43 -23.95 -6.97
CA HIS B 293 -12.59 -24.46 -7.73
C HIS B 293 -13.65 -25.03 -6.77
N LYS B 294 -14.91 -24.87 -7.17
CA LYS B 294 -16.08 -25.47 -6.49
C LYS B 294 -17.17 -25.73 -7.52
N HIS B 295 -17.23 -24.81 -8.51
CA HIS B 295 -17.94 -25.03 -9.76
C HIS B 295 -17.52 -26.36 -10.39
N GLY B 296 -18.49 -27.06 -10.98
CA GLY B 296 -18.21 -28.29 -11.69
C GLY B 296 -19.33 -29.28 -11.61
N LEU B 297 -19.11 -30.41 -12.27
CA LEU B 297 -20.11 -31.47 -12.40
C LEU B 297 -19.58 -32.76 -11.73
N LYS B 298 -20.49 -33.69 -11.42
CA LYS B 298 -20.12 -35.07 -11.12
C LYS B 298 -19.88 -35.79 -12.46
N LEU B 299 -18.61 -36.03 -12.78
CA LEU B 299 -18.25 -36.81 -13.95
C LEU B 299 -18.54 -38.29 -13.69
N TYR B 300 -19.49 -38.82 -14.46
CA TYR B 300 -19.80 -40.24 -14.55
C TYR B 300 -19.37 -40.73 -15.94
N VAL B 301 -18.92 -41.97 -16.01
CA VAL B 301 -18.53 -42.66 -17.25
C VAL B 301 -19.06 -44.11 -17.18
N GLN B 302 -20.00 -44.45 -18.07
CA GLN B 302 -20.62 -45.81 -18.16
C GLN B 302 -21.26 -46.23 -16.81
N ARG B 303 -22.03 -45.29 -16.24
CA ARG B 303 -22.77 -45.42 -14.95
C ARG B 303 -21.85 -45.44 -13.71
N VAL B 304 -20.53 -45.31 -13.93
CA VAL B 304 -19.51 -45.37 -12.86
C VAL B 304 -19.03 -43.94 -12.51
N PHE B 305 -18.85 -43.65 -11.22
CA PHE B 305 -18.35 -42.32 -10.78
C PHE B 305 -16.84 -42.17 -11.04
N ILE B 306 -16.42 -40.92 -11.32
CA ILE B 306 -15.01 -40.56 -11.50
C ILE B 306 -14.62 -39.49 -10.45
N MET B 307 -15.23 -38.30 -10.55
CA MET B 307 -14.84 -37.13 -9.73
C MET B 307 -15.98 -36.08 -9.72
N ASP B 308 -16.02 -35.25 -8.66
CA ASP B 308 -17.00 -34.15 -8.52
C ASP B 308 -16.25 -32.80 -8.48
N ASP B 309 -17.01 -31.70 -8.69
CA ASP B 309 -16.50 -30.31 -8.73
C ASP B 309 -15.53 -30.14 -9.93
N ALA B 310 -15.76 -30.97 -10.98
CA ALA B 310 -14.93 -30.99 -12.20
C ALA B 310 -15.52 -30.03 -13.25
N GLU B 311 -15.00 -28.79 -13.26
CA GLU B 311 -15.48 -27.72 -14.18
C GLU B 311 -14.67 -27.68 -15.48
N GLN B 312 -13.96 -28.77 -15.76
CA GLN B 312 -13.16 -28.92 -17.00
C GLN B 312 -14.07 -29.15 -18.22
N PHE B 313 -15.34 -29.50 -17.94
CA PHE B 313 -16.40 -29.68 -18.96
C PHE B 313 -17.30 -28.41 -19.10
N MET B 314 -16.89 -27.30 -18.47
CA MET B 314 -17.63 -26.03 -18.55
C MET B 314 -16.64 -24.85 -18.65
N PRO B 315 -16.91 -23.79 -19.47
CA PRO B 315 -16.15 -22.52 -19.38
C PRO B 315 -16.42 -21.84 -18.02
N ASN B 316 -15.42 -21.09 -17.52
CA ASN B 316 -15.44 -20.44 -16.19
C ASN B 316 -16.41 -19.22 -16.17
N TYR B 317 -17.00 -18.90 -17.32
CA TYR B 317 -18.01 -17.82 -17.49
C TYR B 317 -19.42 -18.35 -17.19
N LEU B 318 -19.52 -19.68 -17.17
CA LEU B 318 -20.71 -20.40 -16.75
C LEU B 318 -20.39 -21.10 -15.40
N ARG B 319 -19.67 -20.38 -14.50
CA ARG B 319 -19.17 -20.94 -13.22
C ARG B 319 -20.27 -21.10 -12.14
N PHE B 320 -21.54 -20.90 -12.54
CA PHE B 320 -22.70 -21.21 -11.69
C PHE B 320 -23.14 -22.68 -11.85
N VAL B 321 -22.98 -23.23 -13.08
CA VAL B 321 -23.56 -24.55 -13.46
C VAL B 321 -23.10 -25.70 -12.53
N ARG B 322 -24.09 -26.32 -11.88
CA ARG B 322 -23.90 -27.57 -11.12
C ARG B 322 -24.73 -28.64 -11.80
N GLY B 323 -24.22 -29.87 -11.83
CA GLY B 323 -24.86 -30.94 -12.57
C GLY B 323 -24.01 -32.19 -12.57
N LEU B 324 -24.19 -32.98 -13.62
CA LEU B 324 -23.45 -34.22 -13.84
C LEU B 324 -23.59 -34.62 -15.31
N ILE B 325 -22.63 -35.41 -15.80
CA ILE B 325 -22.63 -35.88 -17.20
C ILE B 325 -22.05 -37.31 -17.23
N ASP B 326 -22.86 -38.26 -17.72
CA ASP B 326 -22.48 -39.66 -17.85
C ASP B 326 -22.15 -39.98 -19.30
N SER B 327 -20.85 -39.97 -19.64
CA SER B 327 -20.41 -40.32 -20.99
C SER B 327 -20.16 -41.84 -21.07
N SER B 328 -20.94 -42.51 -21.93
CA SER B 328 -20.76 -43.95 -22.19
C SER B 328 -19.63 -44.20 -23.20
N ASP B 329 -19.10 -43.11 -23.79
CA ASP B 329 -17.99 -43.16 -24.75
C ASP B 329 -16.61 -43.05 -24.03
N LEU B 330 -16.50 -42.02 -23.16
CA LEU B 330 -15.24 -41.61 -22.49
C LEU B 330 -14.53 -42.81 -21.77
N PRO B 331 -13.15 -42.88 -21.74
CA PRO B 331 -12.42 -43.90 -20.94
C PRO B 331 -12.63 -43.75 -19.41
N LEU B 332 -12.57 -44.88 -18.69
CA LEU B 332 -12.75 -44.93 -17.21
C LEU B 332 -11.49 -44.43 -16.47
N ASN B 333 -10.35 -44.34 -17.18
CA ASN B 333 -9.07 -43.86 -16.61
C ASN B 333 -8.97 -42.31 -16.65
N VAL B 334 -10.10 -41.63 -16.87
CA VAL B 334 -10.17 -40.18 -16.93
C VAL B 334 -9.92 -39.55 -15.52
N SER B 335 -9.12 -38.48 -15.52
CA SER B 335 -8.68 -37.75 -14.31
C SER B 335 -8.48 -36.28 -14.67
N ARG B 336 -8.16 -35.43 -13.68
CA ARG B 336 -7.85 -33.98 -13.91
C ARG B 336 -6.75 -33.81 -14.99
N GLU B 337 -5.81 -34.76 -15.02
CA GLU B 337 -4.71 -34.80 -16.00
C GLU B 337 -5.28 -34.99 -17.43
N ILE B 338 -6.16 -35.99 -17.58
CA ILE B 338 -6.86 -36.28 -18.86
C ILE B 338 -7.78 -35.10 -19.24
N LEU B 339 -8.32 -34.42 -18.23
CA LEU B 339 -9.27 -33.31 -18.41
C LEU B 339 -8.56 -32.04 -18.94
N GLN B 340 -7.34 -31.79 -18.46
CA GLN B 340 -6.57 -30.59 -18.84
C GLN B 340 -5.76 -30.85 -20.13
N ASP B 341 -5.44 -32.13 -20.41
CA ASP B 341 -4.56 -32.54 -21.53
C ASP B 341 -5.34 -33.00 -22.79
N SER B 342 -6.25 -33.97 -22.61
CA SER B 342 -6.95 -34.62 -23.75
C SER B 342 -7.98 -33.69 -24.42
N THR B 343 -8.04 -33.78 -25.77
CA THR B 343 -8.88 -32.95 -26.63
C THR B 343 -10.38 -33.25 -26.36
N VAL B 344 -10.67 -34.53 -26.07
CA VAL B 344 -12.04 -35.06 -25.89
C VAL B 344 -12.82 -34.31 -24.78
N THR B 345 -12.11 -33.89 -23.73
CA THR B 345 -12.71 -33.14 -22.61
C THR B 345 -13.33 -31.82 -23.09
N ARG B 346 -12.61 -31.13 -24.01
CA ARG B 346 -13.05 -29.86 -24.56
C ARG B 346 -14.19 -30.05 -25.56
N ASN B 347 -14.23 -31.21 -26.23
CA ASN B 347 -15.29 -31.56 -27.19
C ASN B 347 -16.64 -31.72 -26.47
N LEU B 348 -16.58 -32.37 -25.29
CA LEU B 348 -17.72 -32.50 -24.36
C LEU B 348 -18.02 -31.14 -23.69
N ARG B 349 -16.98 -30.29 -23.52
CA ARG B 349 -17.15 -28.93 -22.95
C ARG B 349 -17.98 -28.04 -23.89
N ASN B 350 -17.73 -28.15 -25.22
CA ASN B 350 -18.53 -27.43 -26.25
C ASN B 350 -19.98 -27.89 -26.20
N ALA B 351 -20.13 -29.22 -26.15
CA ALA B 351 -21.44 -29.90 -26.16
C ALA B 351 -22.35 -29.38 -25.04
N LEU B 352 -21.79 -29.24 -23.82
CA LEU B 352 -22.53 -28.80 -22.64
C LEU B 352 -22.84 -27.27 -22.69
N THR B 353 -21.87 -26.47 -23.16
CA THR B 353 -22.00 -24.98 -23.26
C THR B 353 -23.24 -24.59 -24.09
N LYS B 354 -23.49 -25.35 -25.16
CA LYS B 354 -24.64 -25.18 -26.07
C LYS B 354 -25.98 -25.28 -25.32
N ARG B 355 -26.08 -26.30 -24.43
CA ARG B 355 -27.30 -26.58 -23.66
C ARG B 355 -27.50 -25.51 -22.56
N VAL B 356 -26.39 -24.98 -22.02
CA VAL B 356 -26.45 -23.93 -20.98
C VAL B 356 -26.93 -22.60 -21.60
N LEU B 357 -26.34 -22.24 -22.75
CA LEU B 357 -26.66 -21.00 -23.51
C LEU B 357 -28.16 -21.00 -23.86
N GLN B 358 -28.63 -22.15 -24.36
CA GLN B 358 -30.04 -22.39 -24.69
C GLN B 358 -30.92 -22.23 -23.44
N MET B 359 -30.44 -22.78 -22.32
CA MET B 359 -31.16 -22.78 -21.02
C MET B 359 -31.22 -21.36 -20.40
N LEU B 360 -30.21 -20.52 -20.69
CA LEU B 360 -30.12 -19.13 -20.17
C LEU B 360 -31.08 -18.22 -20.94
N GLU B 361 -31.04 -18.35 -22.28
CA GLU B 361 -31.89 -17.58 -23.20
C GLU B 361 -33.36 -18.01 -23.04
N LYS B 362 -33.56 -19.30 -22.72
CA LYS B 362 -34.87 -19.86 -22.38
C LYS B 362 -35.38 -19.19 -21.10
N LEU B 363 -34.54 -19.22 -20.04
CA LEU B 363 -34.87 -18.68 -18.69
C LEU B 363 -35.20 -17.18 -18.72
N ALA B 364 -34.56 -16.46 -19.66
CA ALA B 364 -34.79 -15.02 -19.88
C ALA B 364 -36.27 -14.71 -20.19
N LYS B 365 -36.93 -15.67 -20.86
CA LYS B 365 -38.34 -15.55 -21.30
C LYS B 365 -39.26 -16.49 -20.48
N ASP B 366 -38.65 -17.52 -19.86
CA ASP B 366 -39.35 -18.60 -19.13
C ASP B 366 -39.83 -18.08 -17.76
N ASP B 367 -38.92 -17.41 -17.05
CA ASP B 367 -39.22 -16.80 -15.75
C ASP B 367 -38.24 -15.64 -15.50
N ALA B 368 -38.75 -14.41 -15.65
CA ALA B 368 -37.94 -13.19 -15.52
C ALA B 368 -37.52 -12.92 -14.06
N GLU B 369 -38.28 -13.46 -13.07
CA GLU B 369 -37.94 -13.31 -11.64
C GLU B 369 -36.71 -14.16 -11.31
N LYS B 370 -36.72 -15.44 -11.76
CA LYS B 370 -35.58 -16.36 -11.59
C LYS B 370 -34.35 -15.79 -12.27
N TYR B 371 -34.53 -15.27 -13.50
CA TYR B 371 -33.42 -14.73 -14.30
C TYR B 371 -32.90 -13.39 -13.72
N GLN B 372 -33.76 -12.65 -13.00
CA GLN B 372 -33.36 -11.39 -12.34
C GLN B 372 -32.49 -11.70 -11.10
N THR B 373 -32.90 -12.72 -10.34
CA THR B 373 -32.11 -13.26 -9.21
C THR B 373 -30.76 -13.76 -9.73
N PHE B 374 -30.84 -14.51 -10.83
CA PHE B 374 -29.68 -15.03 -11.57
C PHE B 374 -28.71 -13.89 -11.94
N TRP B 375 -29.25 -12.78 -12.47
CA TRP B 375 -28.41 -11.67 -12.95
C TRP B 375 -27.79 -10.86 -11.78
N GLN B 376 -28.41 -10.94 -10.59
CA GLN B 376 -27.89 -10.25 -9.39
C GLN B 376 -26.92 -11.15 -8.58
N GLN B 377 -26.91 -12.46 -8.88
CA GLN B 377 -25.99 -13.42 -8.20
C GLN B 377 -24.81 -13.78 -9.12
N PHE B 378 -25.07 -13.88 -10.43
CA PHE B 378 -24.14 -14.48 -11.42
C PHE B 378 -23.93 -13.53 -12.63
N GLY B 379 -24.54 -12.33 -12.57
CA GLY B 379 -24.52 -11.38 -13.70
C GLY B 379 -23.13 -10.86 -14.05
N LEU B 380 -22.34 -10.55 -13.01
CA LEU B 380 -20.94 -10.09 -13.17
C LEU B 380 -20.08 -11.14 -13.90
N VAL B 381 -20.43 -12.42 -13.70
CA VAL B 381 -19.75 -13.57 -14.33
C VAL B 381 -20.08 -13.60 -15.84
N LEU B 382 -21.38 -13.40 -16.16
CA LEU B 382 -21.87 -13.37 -17.55
C LEU B 382 -21.37 -12.09 -18.27
N LYS B 383 -20.99 -11.05 -17.49
CA LYS B 383 -20.40 -9.78 -18.02
C LYS B 383 -18.92 -9.97 -18.42
N GLU B 384 -18.32 -11.09 -18.02
CA GLU B 384 -17.02 -11.53 -18.53
C GLU B 384 -17.21 -12.23 -19.90
N GLY B 385 -18.47 -12.68 -20.15
CA GLY B 385 -18.87 -13.33 -21.41
C GLY B 385 -18.56 -12.50 -22.68
N PRO B 386 -19.06 -11.22 -22.82
CA PRO B 386 -18.75 -10.37 -24.01
C PRO B 386 -17.32 -9.82 -23.95
N ALA B 387 -16.75 -9.81 -22.72
CA ALA B 387 -15.37 -9.40 -22.48
C ALA B 387 -14.40 -10.50 -22.95
N GLU B 388 -14.96 -11.70 -23.16
CA GLU B 388 -14.26 -12.85 -23.73
C GLU B 388 -14.64 -13.05 -25.22
N ASP B 389 -15.81 -13.63 -25.50
CA ASP B 389 -16.13 -14.22 -26.81
C ASP B 389 -16.94 -13.25 -27.73
N PHE B 390 -16.28 -12.80 -28.81
CA PHE B 390 -16.87 -11.91 -29.83
C PHE B 390 -17.68 -12.69 -30.89
N ALA B 391 -17.33 -13.97 -31.10
CA ALA B 391 -17.94 -14.83 -32.16
C ALA B 391 -19.45 -15.03 -31.93
N ASN B 392 -19.80 -15.23 -30.66
CA ASN B 392 -21.19 -15.47 -30.21
C ASN B 392 -21.71 -14.24 -29.43
N GLN B 393 -21.08 -13.06 -29.64
CA GLN B 393 -21.43 -11.82 -28.89
C GLN B 393 -22.92 -11.44 -29.07
N GLU B 394 -23.56 -11.87 -30.19
CA GLU B 394 -25.02 -11.71 -30.40
C GLU B 394 -25.81 -12.43 -29.29
N ALA B 395 -25.51 -13.74 -29.11
CA ALA B 395 -26.15 -14.61 -28.10
C ALA B 395 -25.95 -14.05 -26.69
N ILE B 396 -24.72 -13.58 -26.44
CA ILE B 396 -24.32 -13.03 -25.14
C ILE B 396 -25.03 -11.68 -24.88
N ALA B 397 -25.19 -10.87 -25.93
CA ALA B 397 -25.83 -9.54 -25.86
C ALA B 397 -27.35 -9.66 -25.62
N LYS B 398 -27.91 -10.79 -26.07
CA LYS B 398 -29.30 -11.18 -25.76
C LYS B 398 -29.44 -11.61 -24.29
N LEU B 399 -28.32 -12.02 -23.67
CA LEU B 399 -28.24 -12.40 -22.24
C LEU B 399 -27.84 -11.19 -21.36
N LEU B 400 -27.23 -10.15 -21.97
CA LEU B 400 -26.75 -8.95 -21.24
C LEU B 400 -27.94 -8.05 -20.83
N ARG B 401 -28.02 -7.79 -19.51
CA ARG B 401 -29.06 -6.93 -18.90
C ARG B 401 -28.36 -5.76 -18.21
N PHE B 402 -28.92 -4.57 -18.35
CA PHE B 402 -28.35 -3.34 -17.78
C PHE B 402 -29.43 -2.61 -16.98
N ALA B 403 -29.10 -1.44 -16.45
CA ALA B 403 -30.11 -0.48 -15.98
C ALA B 403 -30.22 0.65 -17.01
N SER B 404 -31.22 1.53 -16.85
CA SER B 404 -31.46 2.64 -17.80
C SER B 404 -32.23 3.77 -17.09
N THR B 405 -32.35 4.94 -17.75
CA THR B 405 -33.09 6.11 -17.18
C THR B 405 -34.60 5.83 -17.15
N HIS B 406 -35.01 4.78 -17.89
CA HIS B 406 -36.34 4.18 -17.83
C HIS B 406 -36.67 3.66 -16.40
N THR B 407 -35.64 3.18 -15.68
CA THR B 407 -35.79 2.48 -14.39
C THR B 407 -34.91 3.15 -13.31
N ASP B 408 -35.48 3.43 -12.13
CA ASP B 408 -34.72 4.03 -11.00
C ASP B 408 -34.30 2.96 -9.96
N SER B 409 -34.68 1.70 -10.21
CA SER B 409 -34.28 0.56 -9.36
C SER B 409 -32.91 0.02 -9.80
N SER B 410 -32.07 -0.37 -8.83
CA SER B 410 -30.74 -0.97 -9.06
C SER B 410 -30.86 -2.41 -9.64
N ALA B 411 -32.08 -2.97 -9.59
CA ALA B 411 -32.41 -4.24 -10.23
C ALA B 411 -32.32 -4.10 -11.78
N GLN B 412 -31.30 -4.74 -12.37
CA GLN B 412 -31.03 -4.66 -13.83
C GLN B 412 -32.03 -5.55 -14.60
N THR B 413 -33.19 -4.95 -14.89
CA THR B 413 -34.37 -5.63 -15.44
C THR B 413 -34.54 -5.37 -16.95
N VAL B 414 -34.00 -4.23 -17.42
CA VAL B 414 -34.02 -3.87 -18.86
C VAL B 414 -32.86 -4.57 -19.58
N SER B 415 -33.15 -5.12 -20.77
CA SER B 415 -32.13 -5.76 -21.61
C SER B 415 -31.78 -4.83 -22.77
N LEU B 416 -30.81 -5.25 -23.60
CA LEU B 416 -30.55 -4.62 -24.91
C LEU B 416 -31.76 -4.81 -25.84
N GLU B 417 -32.45 -5.96 -25.64
CA GLU B 417 -33.69 -6.30 -26.35
C GLU B 417 -34.79 -5.27 -26.03
N ASP B 418 -35.00 -5.01 -24.72
CA ASP B 418 -36.00 -4.03 -24.22
C ASP B 418 -35.62 -2.60 -24.63
N TYR B 419 -34.30 -2.33 -24.74
CA TYR B 419 -33.78 -1.01 -25.12
C TYR B 419 -34.14 -0.70 -26.58
N VAL B 420 -33.87 -1.66 -27.47
CA VAL B 420 -34.18 -1.55 -28.90
C VAL B 420 -35.70 -1.46 -29.14
N SER B 421 -36.47 -2.11 -28.25
CA SER B 421 -37.94 -2.02 -28.25
C SER B 421 -38.40 -0.61 -27.76
N ARG B 422 -37.64 -0.01 -26.81
CA ARG B 422 -38.00 1.30 -26.19
C ARG B 422 -37.20 2.46 -26.84
N MET B 423 -36.47 2.17 -27.95
CA MET B 423 -35.83 3.21 -28.80
C MET B 423 -36.84 4.30 -29.20
N LYS B 424 -36.40 5.56 -29.13
CA LYS B 424 -37.18 6.73 -29.60
C LYS B 424 -37.11 6.80 -31.13
N GLU B 425 -38.02 7.59 -31.72
CA GLU B 425 -38.04 7.87 -33.17
C GLU B 425 -36.68 8.45 -33.64
N GLY B 426 -36.01 7.69 -34.53
CA GLY B 426 -34.70 8.05 -35.06
C GLY B 426 -33.52 7.62 -34.20
N GLN B 427 -33.76 7.37 -32.88
CA GLN B 427 -32.70 7.00 -31.92
C GLN B 427 -32.13 5.63 -32.30
N GLU B 428 -31.02 5.66 -33.06
CA GLU B 428 -30.34 4.47 -33.56
C GLU B 428 -29.16 4.07 -32.66
N LYS B 429 -28.71 5.00 -31.79
CA LYS B 429 -27.55 4.78 -30.90
C LYS B 429 -28.03 4.42 -29.48
N ILE B 430 -27.31 3.49 -28.84
CA ILE B 430 -27.54 3.08 -27.45
C ILE B 430 -26.63 3.93 -26.55
N TYR B 431 -27.21 4.96 -25.90
CA TYR B 431 -26.47 5.88 -25.02
C TYR B 431 -26.27 5.24 -23.64
N TYR B 432 -25.19 5.66 -22.95
CA TYR B 432 -24.75 5.04 -21.68
C TYR B 432 -23.96 6.06 -20.83
N ILE B 433 -23.95 5.84 -19.50
CA ILE B 433 -23.10 6.59 -18.54
C ILE B 433 -22.46 5.59 -17.54
N THR B 434 -21.18 5.81 -17.25
CA THR B 434 -20.40 5.01 -16.29
C THR B 434 -20.53 5.58 -14.87
N ALA B 435 -20.44 4.68 -13.86
CA ALA B 435 -20.46 5.05 -12.44
C ALA B 435 -19.89 3.91 -11.57
N ASP B 436 -19.24 4.30 -10.46
CA ASP B 436 -18.78 3.37 -9.42
C ASP B 436 -19.98 2.80 -8.64
N SER B 437 -21.02 3.64 -8.46
CA SER B 437 -22.21 3.32 -7.65
C SER B 437 -23.49 3.80 -8.35
N TYR B 438 -24.61 3.11 -8.10
CA TYR B 438 -25.91 3.36 -8.77
C TYR B 438 -26.51 4.71 -8.32
N ALA B 439 -26.42 4.98 -7.01
CA ALA B 439 -26.89 6.25 -6.42
C ALA B 439 -25.99 7.43 -6.86
N ALA B 440 -24.72 7.12 -7.19
CA ALA B 440 -23.76 8.11 -7.73
C ALA B 440 -24.17 8.53 -9.15
N ALA B 441 -24.66 7.55 -9.94
CA ALA B 441 -25.22 7.81 -11.28
C ALA B 441 -26.46 8.73 -11.17
N LYS B 442 -27.35 8.40 -10.21
CA LYS B 442 -28.57 9.19 -9.93
C LYS B 442 -28.23 10.62 -9.45
N SER B 443 -27.07 10.78 -8.81
CA SER B 443 -26.61 12.07 -8.28
C SER B 443 -25.72 12.84 -9.30
N SER B 444 -25.38 12.17 -10.43
CA SER B 444 -24.59 12.79 -11.53
C SER B 444 -25.45 13.78 -12.35
N PRO B 445 -25.12 15.11 -12.35
CA PRO B 445 -25.85 16.13 -13.16
C PRO B 445 -25.64 15.94 -14.68
N HIS B 446 -24.46 15.39 -15.05
CA HIS B 446 -24.07 15.18 -16.46
C HIS B 446 -25.01 14.17 -17.16
N LEU B 447 -25.50 13.19 -16.37
CA LEU B 447 -26.49 12.18 -16.81
C LEU B 447 -27.77 12.88 -17.32
N GLU B 448 -28.16 13.92 -16.57
CA GLU B 448 -29.44 14.61 -16.77
C GLU B 448 -29.40 15.52 -18.01
N LEU B 449 -28.22 15.64 -18.66
CA LEU B 449 -28.05 16.46 -19.88
C LEU B 449 -28.76 15.79 -21.07
N LEU B 450 -28.45 14.51 -21.32
CA LEU B 450 -29.10 13.72 -22.40
C LEU B 450 -30.55 13.38 -22.04
N ARG B 451 -30.79 13.16 -20.73
CA ARG B 451 -32.13 12.85 -20.20
C ARG B 451 -33.08 14.06 -20.38
N LYS B 452 -32.51 15.28 -20.34
CA LYS B 452 -33.25 16.54 -20.60
C LYS B 452 -33.63 16.62 -22.10
N LYS B 453 -32.73 16.12 -22.96
CA LYS B 453 -32.96 16.05 -24.44
C LYS B 453 -33.98 14.96 -24.81
N GLY B 454 -34.33 14.08 -23.85
CA GLY B 454 -35.30 13.00 -24.08
C GLY B 454 -34.66 11.77 -24.69
N ILE B 455 -33.35 11.61 -24.45
CA ILE B 455 -32.58 10.47 -24.94
C ILE B 455 -32.48 9.42 -23.82
N GLU B 456 -32.60 8.14 -24.19
CA GLU B 456 -32.56 7.02 -23.24
C GLU B 456 -31.08 6.69 -22.95
N VAL B 457 -30.73 6.52 -21.66
CA VAL B 457 -29.32 6.36 -21.21
C VAL B 457 -29.20 5.14 -20.26
N LEU B 458 -28.30 4.20 -20.61
CA LEU B 458 -27.97 3.04 -19.75
C LEU B 458 -27.23 3.50 -18.49
N LEU B 459 -27.61 2.93 -17.34
CA LEU B 459 -26.97 3.19 -16.05
C LEU B 459 -26.08 2.00 -15.69
N LEU B 460 -24.80 2.05 -16.11
CA LEU B 460 -23.81 1.04 -15.73
C LEU B 460 -23.12 1.51 -14.44
N SER B 461 -23.30 0.72 -13.38
CA SER B 461 -22.92 1.10 -12.00
C SER B 461 -21.93 0.10 -11.39
N ASP B 462 -21.37 -0.75 -12.25
CA ASP B 462 -20.37 -1.77 -11.87
C ASP B 462 -18.98 -1.12 -11.89
N ARG B 463 -18.01 -1.73 -11.19
CA ARG B 463 -16.58 -1.30 -11.30
C ARG B 463 -15.93 -1.94 -12.55
N ILE B 464 -16.53 -3.05 -13.03
CA ILE B 464 -16.09 -3.74 -14.27
C ILE B 464 -16.78 -3.11 -15.52
N ASP B 465 -17.76 -2.20 -15.27
CA ASP B 465 -18.70 -1.69 -16.31
C ASP B 465 -17.95 -1.11 -17.51
N GLU B 466 -16.93 -0.29 -17.21
CA GLU B 466 -16.05 0.35 -18.18
C GLU B 466 -15.47 -0.69 -19.15
N TRP B 467 -14.86 -1.73 -18.57
CA TRP B 467 -14.08 -2.73 -19.30
C TRP B 467 -14.99 -3.49 -20.29
N MET B 468 -16.07 -4.09 -19.74
CA MET B 468 -17.07 -4.85 -20.53
C MET B 468 -17.71 -3.97 -21.63
N MET B 469 -18.00 -2.72 -21.28
CA MET B 469 -18.69 -1.77 -22.19
C MET B 469 -17.73 -1.31 -23.32
N ASN B 470 -16.41 -1.37 -23.04
CA ASN B 470 -15.37 -1.04 -24.03
C ASN B 470 -15.27 -2.16 -25.10
N TYR B 471 -15.89 -3.32 -24.80
CA TYR B 471 -15.99 -4.46 -25.74
C TYR B 471 -17.29 -4.36 -26.56
N LEU B 472 -18.41 -4.13 -25.85
CA LEU B 472 -19.75 -4.11 -26.46
C LEU B 472 -19.97 -2.76 -27.18
N THR B 473 -19.44 -2.69 -28.42
CA THR B 473 -19.41 -1.47 -29.24
C THR B 473 -20.73 -1.26 -30.02
N GLU B 474 -21.46 -2.36 -30.29
CA GLU B 474 -22.69 -2.34 -31.11
C GLU B 474 -23.55 -3.59 -30.81
N PHE B 475 -24.88 -3.46 -31.01
CA PHE B 475 -25.85 -4.58 -30.88
C PHE B 475 -26.96 -4.41 -31.93
N ASP B 476 -27.09 -5.40 -32.85
CA ASP B 476 -28.22 -5.50 -33.82
C ASP B 476 -28.19 -4.34 -34.84
N GLY B 477 -27.00 -3.73 -35.02
CA GLY B 477 -26.83 -2.56 -35.89
C GLY B 477 -27.00 -1.23 -35.15
N LYS B 478 -27.34 -1.31 -33.84
CA LYS B 478 -27.51 -0.14 -32.94
C LYS B 478 -26.17 0.12 -32.21
N PRO B 479 -25.33 1.09 -32.68
CA PRO B 479 -24.02 1.36 -32.07
C PRO B 479 -24.15 2.16 -30.76
N PHE B 480 -23.25 1.94 -29.82
CA PHE B 480 -23.25 2.66 -28.54
C PHE B 480 -22.65 4.06 -28.70
N GLN B 481 -23.01 4.97 -27.78
CA GLN B 481 -22.52 6.36 -27.78
C GLN B 481 -22.38 6.81 -26.31
N SER B 482 -21.13 6.83 -25.82
CA SER B 482 -20.82 7.21 -24.43
C SER B 482 -20.76 8.75 -24.26
N VAL B 483 -20.88 9.18 -22.99
CA VAL B 483 -20.79 10.60 -22.59
C VAL B 483 -19.33 11.02 -22.28
N SER B 484 -18.40 10.05 -22.42
CA SER B 484 -16.97 10.19 -22.06
C SER B 484 -16.12 10.75 -23.24
N LYS B 485 -16.77 11.48 -24.15
CA LYS B 485 -16.14 12.01 -25.38
C LYS B 485 -15.62 13.45 -25.16
N VAL B 486 -14.61 13.85 -25.96
CA VAL B 486 -13.97 15.17 -25.88
C VAL B 486 -14.43 16.07 -27.03
N ASP B 487 -14.07 17.36 -26.97
CA ASP B 487 -14.53 18.37 -27.91
C ASP B 487 -13.41 18.71 -28.91
N GLU B 488 -12.62 19.78 -28.70
CA GLU B 488 -11.69 20.40 -29.72
C GLU B 488 -11.08 19.43 -30.80
N SER B 489 -10.67 18.20 -30.40
CA SER B 489 -10.15 17.19 -31.33
C SER B 489 -11.30 16.42 -32.04
N LEU B 490 -12.28 15.95 -31.25
CA LEU B 490 -13.42 15.14 -31.73
C LEU B 490 -14.74 15.94 -31.69
N GLU B 491 -14.67 17.26 -31.93
CA GLU B 491 -15.85 18.18 -31.85
C GLU B 491 -16.86 17.86 -32.97
N LYS B 492 -16.39 17.12 -33.98
CA LYS B 492 -17.21 16.59 -35.08
C LYS B 492 -18.37 15.73 -34.50
N LEU B 493 -18.03 14.88 -33.51
CA LEU B 493 -19.01 14.00 -32.83
C LEU B 493 -19.60 14.65 -31.55
N ALA B 494 -19.09 15.84 -31.21
CA ALA B 494 -19.57 16.63 -30.06
C ALA B 494 -20.23 17.94 -30.56
N ASP B 495 -21.00 17.82 -31.65
CA ASP B 495 -21.66 18.97 -32.32
C ASP B 495 -22.93 19.44 -31.55
N GLU B 496 -23.43 18.57 -30.66
CA GLU B 496 -24.70 18.79 -29.91
C GLU B 496 -24.53 19.74 -28.69
N VAL B 497 -23.51 20.62 -28.73
CA VAL B 497 -23.11 21.47 -27.59
C VAL B 497 -23.62 22.93 -27.73
N ASP B 498 -24.95 23.03 -27.92
CA ASP B 498 -25.70 24.30 -28.05
C ASP B 498 -25.28 25.08 -29.32
N GLU B 499 -24.19 25.88 -29.24
CA GLU B 499 -23.67 26.67 -30.38
C GLU B 499 -22.19 27.05 -30.17
N SER B 500 -21.51 26.34 -29.24
CA SER B 500 -20.09 26.61 -28.88
C SER B 500 -19.17 26.44 -30.12
N ALA B 501 -18.86 27.56 -30.78
CA ALA B 501 -18.16 27.57 -32.08
C ALA B 501 -16.79 28.28 -31.99
N LYS B 502 -16.19 28.50 -33.19
CA LYS B 502 -14.86 29.16 -33.33
C LYS B 502 -14.91 30.62 -32.86
N GLU B 503 -16.12 31.22 -32.85
CA GLU B 503 -16.34 32.57 -32.31
C GLU B 503 -16.06 32.60 -30.80
N ALA B 504 -16.55 31.57 -30.09
CA ALA B 504 -16.21 31.34 -28.68
C ALA B 504 -14.69 31.13 -28.55
N GLU B 505 -14.15 30.28 -29.44
CA GLU B 505 -12.73 29.89 -29.43
C GLU B 505 -11.77 31.07 -29.72
N LYS B 506 -12.29 32.19 -30.27
CA LYS B 506 -11.51 33.45 -30.42
C LYS B 506 -11.11 33.98 -29.02
N ALA B 507 -12.07 33.95 -28.09
CA ALA B 507 -11.86 34.38 -26.70
C ALA B 507 -11.18 33.26 -25.87
N LEU B 508 -11.39 32.00 -26.28
CA LEU B 508 -10.87 30.83 -25.54
C LEU B 508 -9.38 30.60 -25.76
N THR B 509 -8.86 30.82 -26.98
CA THR B 509 -7.44 30.54 -27.29
C THR B 509 -6.45 31.38 -26.40
N PRO B 510 -6.60 32.75 -26.25
CA PRO B 510 -5.77 33.52 -25.30
C PRO B 510 -6.04 33.11 -23.84
N PHE B 511 -7.28 32.68 -23.55
CA PHE B 511 -7.68 32.18 -22.21
C PHE B 511 -6.91 30.89 -21.87
N ILE B 512 -6.68 30.02 -22.89
CA ILE B 512 -5.90 28.76 -22.73
C ILE B 512 -4.47 29.11 -22.31
N ASP B 513 -3.84 30.02 -23.07
CA ASP B 513 -2.44 30.46 -22.84
C ASP B 513 -2.25 31.10 -21.46
N ARG B 514 -3.20 31.96 -21.06
CA ARG B 514 -3.14 32.66 -19.75
C ARG B 514 -3.25 31.66 -18.59
N VAL B 515 -4.22 30.74 -18.66
CA VAL B 515 -4.49 29.75 -17.61
C VAL B 515 -3.30 28.76 -17.47
N LYS B 516 -2.75 28.30 -18.60
CA LYS B 516 -1.63 27.33 -18.61
C LYS B 516 -0.30 27.95 -18.13
N ALA B 517 -0.14 29.27 -18.33
CA ALA B 517 1.05 30.01 -17.85
C ALA B 517 0.89 30.41 -16.37
N LEU B 518 -0.37 30.57 -15.95
CA LEU B 518 -0.72 30.93 -14.56
C LEU B 518 -0.48 29.72 -13.64
N LEU B 519 -0.99 28.56 -14.08
CA LEU B 519 -0.92 27.31 -13.32
C LEU B 519 0.45 26.62 -13.55
N GLY B 520 1.01 26.80 -14.76
CA GLY B 520 2.32 26.24 -15.11
C GLY B 520 2.32 24.72 -15.13
N GLU B 521 3.19 24.12 -14.29
CA GLU B 521 3.34 22.66 -14.21
C GLU B 521 2.50 22.09 -13.04
N ARG B 522 1.70 22.95 -12.36
CA ARG B 522 0.73 22.49 -11.32
C ARG B 522 -0.39 21.63 -11.95
N VAL B 523 -0.60 21.80 -13.26
CA VAL B 523 -1.55 21.02 -14.07
C VAL B 523 -0.79 20.36 -15.22
N LYS B 524 -1.27 19.18 -15.65
CA LYS B 524 -0.71 18.46 -16.82
C LYS B 524 -0.97 19.27 -18.11
N ASP B 525 -2.23 19.68 -18.32
CA ASP B 525 -2.66 20.40 -19.54
C ASP B 525 -4.05 21.03 -19.31
N VAL B 526 -4.32 22.21 -19.91
CA VAL B 526 -5.64 22.90 -19.77
C VAL B 526 -6.30 23.07 -21.16
N ARG B 527 -7.54 22.61 -21.28
CA ARG B 527 -8.35 22.67 -22.52
C ARG B 527 -9.69 23.36 -22.24
N LEU B 528 -10.27 23.93 -23.29
CA LEU B 528 -11.62 24.52 -23.25
C LEU B 528 -12.57 23.65 -24.08
N THR B 529 -13.26 22.73 -23.38
CA THR B 529 -14.24 21.80 -23.97
C THR B 529 -15.64 22.42 -23.90
N HIS B 530 -16.69 21.67 -24.26
CA HIS B 530 -18.07 22.23 -24.36
C HIS B 530 -19.11 21.29 -23.71
N ARG B 531 -18.67 20.36 -22.82
CA ARG B 531 -19.61 19.49 -22.06
C ARG B 531 -20.45 20.36 -21.11
N LEU B 532 -21.75 20.54 -21.46
CA LEU B 532 -22.65 21.55 -20.87
C LEU B 532 -22.70 21.44 -19.32
N THR B 533 -23.47 20.45 -18.78
CA THR B 533 -23.41 20.03 -17.34
C THR B 533 -23.78 21.18 -16.34
N ASP B 534 -23.80 20.89 -15.02
CA ASP B 534 -23.93 21.91 -13.96
C ASP B 534 -22.55 22.25 -13.35
N THR B 535 -21.56 21.42 -13.69
CA THR B 535 -20.17 21.58 -13.24
C THR B 535 -19.46 22.57 -14.19
N PRO B 536 -18.81 23.65 -13.65
CA PRO B 536 -18.11 24.66 -14.49
C PRO B 536 -16.87 24.07 -15.20
N ALA B 537 -16.15 23.23 -14.47
CA ALA B 537 -14.92 22.60 -14.95
C ALA B 537 -14.91 21.13 -14.57
N ILE B 538 -14.55 20.29 -15.53
CA ILE B 538 -14.57 18.83 -15.43
C ILE B 538 -13.33 18.27 -16.14
N VAL B 539 -12.53 17.49 -15.40
CA VAL B 539 -11.22 17.00 -15.88
C VAL B 539 -11.32 15.64 -16.59
N SER B 540 -10.27 15.29 -17.37
CA SER B 540 -10.12 13.95 -17.99
C SER B 540 -9.03 13.14 -17.28
N THR B 541 -9.09 11.82 -17.47
CA THR B 541 -8.15 10.86 -16.89
C THR B 541 -7.57 9.97 -18.01
N ASP B 542 -6.34 9.47 -17.79
CA ASP B 542 -5.66 8.53 -18.72
C ASP B 542 -6.07 7.10 -18.34
N ALA B 543 -5.75 6.73 -17.09
CA ALA B 543 -6.12 5.47 -16.46
C ALA B 543 -6.71 5.74 -15.04
N ASP B 544 -6.58 4.74 -14.13
CA ASP B 544 -7.17 4.81 -12.77
C ASP B 544 -6.69 6.04 -11.97
N GLU B 545 -7.66 6.94 -11.64
CA GLU B 545 -7.45 8.20 -10.90
C GLU B 545 -6.35 9.05 -11.59
N MET B 546 -6.45 9.05 -12.95
CA MET B 546 -5.43 9.59 -13.91
C MET B 546 -4.24 8.62 -13.98
N SER B 547 -3.51 8.51 -12.87
CA SER B 547 -2.21 7.84 -12.85
C SER B 547 -1.76 7.49 -11.41
N THR B 548 -2.74 7.20 -10.52
CA THR B 548 -2.43 6.92 -9.10
C THR B 548 -2.43 5.39 -8.79
N GLN B 549 -2.54 4.52 -9.84
CA GLN B 549 -2.58 3.03 -9.67
C GLN B 549 -2.40 2.31 -11.02
N MET B 550 -1.11 2.03 -11.39
CA MET B 550 -0.64 1.16 -12.52
C MET B 550 0.88 1.40 -12.76
N ALA B 551 1.50 0.54 -13.59
CA ALA B 551 2.98 0.52 -13.82
C ALA B 551 3.50 1.78 -14.54
N LYS B 552 3.04 2.01 -15.78
CA LYS B 552 3.40 3.20 -16.62
C LYS B 552 3.13 4.51 -15.88
N LEU B 553 2.05 4.50 -15.10
CA LEU B 553 1.54 5.68 -14.42
C LEU B 553 2.58 6.24 -13.43
N PHE B 554 3.11 5.39 -12.54
CA PHE B 554 4.15 5.80 -11.54
C PHE B 554 5.56 5.92 -12.18
N ALA B 555 5.69 5.42 -13.42
CA ALA B 555 6.94 5.50 -14.21
C ALA B 555 7.07 6.84 -14.97
N ALA B 556 6.06 7.74 -14.80
CA ALA B 556 6.08 9.08 -15.41
C ALA B 556 7.14 9.99 -14.76
N ALA B 557 7.29 9.86 -13.42
CA ALA B 557 8.39 10.49 -12.66
C ALA B 557 8.53 9.86 -11.29
N GLY B 558 7.43 9.80 -10.53
CA GLY B 558 7.44 9.23 -9.18
C GLY B 558 6.61 10.03 -8.17
N GLN B 559 7.04 11.28 -7.89
CA GLN B 559 6.44 12.12 -6.83
C GLN B 559 4.97 12.48 -7.17
N LYS B 560 4.06 11.68 -6.56
CA LYS B 560 2.58 11.69 -6.78
C LYS B 560 2.19 11.47 -8.27
N VAL B 561 3.19 11.26 -9.16
CA VAL B 561 3.05 11.33 -10.64
C VAL B 561 2.67 12.76 -11.13
N PRO B 562 3.42 13.33 -12.13
CA PRO B 562 3.07 14.63 -12.77
C PRO B 562 1.72 14.56 -13.54
N GLU B 563 1.46 13.38 -14.14
CA GLU B 563 0.21 13.13 -14.87
C GLU B 563 -1.03 13.18 -13.94
N VAL B 564 -0.85 12.79 -12.65
CA VAL B 564 -1.93 12.81 -11.61
C VAL B 564 -2.56 14.21 -11.48
N LYS B 565 -1.77 15.25 -11.78
CA LYS B 565 -2.32 16.60 -11.96
C LYS B 565 -3.26 16.55 -13.18
N TYR B 566 -4.56 16.56 -12.89
CA TYR B 566 -5.61 16.27 -13.90
C TYR B 566 -5.61 17.27 -15.05
N ILE B 567 -6.13 16.84 -16.22
CA ILE B 567 -6.18 17.68 -17.41
C ILE B 567 -7.42 18.56 -17.28
N PHE B 568 -7.16 19.84 -17.01
CA PHE B 568 -8.15 20.81 -16.56
C PHE B 568 -8.95 21.35 -17.75
N GLU B 569 -10.17 20.85 -17.91
CA GLU B 569 -11.06 21.23 -19.03
C GLU B 569 -12.26 22.02 -18.48
N LEU B 570 -12.54 23.18 -19.10
CA LEU B 570 -13.65 24.08 -18.65
C LEU B 570 -14.74 24.12 -19.73
N ASN B 571 -15.98 24.43 -19.30
CA ASN B 571 -17.13 24.64 -20.22
C ASN B 571 -17.49 26.14 -20.27
N PRO B 572 -17.17 26.86 -21.41
CA PRO B 572 -17.51 28.30 -21.61
C PRO B 572 -19.02 28.55 -21.65
N ASP B 573 -19.80 27.49 -21.90
CA ASP B 573 -21.27 27.54 -21.92
C ASP B 573 -21.82 27.74 -20.49
N HIS B 574 -21.09 27.25 -19.46
CA HIS B 574 -21.51 27.39 -18.07
C HIS B 574 -21.17 28.81 -17.54
N VAL B 575 -22.13 29.39 -16.79
CA VAL B 575 -22.13 30.82 -16.34
C VAL B 575 -20.85 31.24 -15.59
N LEU B 576 -20.35 30.36 -14.71
CA LEU B 576 -19.20 30.66 -13.83
C LEU B 576 -17.89 30.81 -14.63
N VAL B 577 -17.76 30.03 -15.72
CA VAL B 577 -16.59 30.08 -16.61
C VAL B 577 -16.65 31.34 -17.50
N LYS B 578 -17.88 31.74 -17.88
CA LYS B 578 -18.12 33.01 -18.61
C LYS B 578 -17.63 34.20 -17.79
N ARG B 579 -18.03 34.21 -16.51
CA ARG B 579 -17.68 35.27 -15.55
C ARG B 579 -16.15 35.30 -15.33
N ALA B 580 -15.53 34.10 -15.30
CA ALA B 580 -14.07 33.96 -15.13
C ALA B 580 -13.30 34.31 -16.41
N ALA B 581 -13.98 34.15 -17.57
CA ALA B 581 -13.41 34.42 -18.90
C ALA B 581 -13.46 35.92 -19.23
N ASP B 582 -14.51 36.61 -18.74
CA ASP B 582 -14.71 38.05 -18.96
C ASP B 582 -13.98 38.89 -17.89
N THR B 583 -13.48 38.23 -16.81
CA THR B 583 -12.61 38.90 -15.85
C THR B 583 -11.22 39.11 -16.50
N GLU B 584 -11.00 40.34 -16.97
CA GLU B 584 -9.75 40.77 -17.62
C GLU B 584 -8.71 41.16 -16.55
N ASP B 585 -9.22 41.54 -15.35
CA ASP B 585 -8.39 41.75 -14.15
C ASP B 585 -7.63 40.46 -13.83
N GLU B 586 -6.29 40.50 -14.02
CA GLU B 586 -5.41 39.33 -13.88
C GLU B 586 -5.46 38.72 -12.45
N ALA B 587 -5.79 39.56 -11.45
CA ALA B 587 -5.88 39.14 -10.04
C ALA B 587 -7.09 38.21 -9.81
N LYS B 588 -8.30 38.69 -10.16
CA LYS B 588 -9.55 37.89 -10.03
C LYS B 588 -9.70 36.87 -11.16
N PHE B 589 -8.96 37.06 -12.27
CA PHE B 589 -8.88 36.05 -13.35
C PHE B 589 -8.25 34.79 -12.76
N SER B 590 -7.03 34.95 -12.24
CA SER B 590 -6.26 33.88 -11.60
C SER B 590 -7.02 33.28 -10.40
N GLU B 591 -7.69 34.15 -9.63
CA GLU B 591 -8.48 33.77 -8.43
C GLU B 591 -9.58 32.75 -8.78
N TRP B 592 -10.27 33.01 -9.91
CA TRP B 592 -11.34 32.13 -10.43
C TRP B 592 -10.75 30.89 -11.13
N VAL B 593 -9.57 31.03 -11.76
CA VAL B 593 -8.85 29.89 -12.38
C VAL B 593 -8.49 28.85 -11.31
N GLU B 594 -8.11 29.37 -10.12
CA GLU B 594 -7.79 28.56 -8.93
C GLU B 594 -9.05 27.89 -8.36
N LEU B 595 -10.15 28.68 -8.28
CA LEU B 595 -11.46 28.20 -7.78
C LEU B 595 -11.97 27.02 -8.62
N LEU B 596 -11.96 27.20 -9.95
CA LEU B 596 -12.46 26.21 -10.92
C LEU B 596 -11.52 25.00 -10.99
N LEU B 597 -10.20 25.25 -10.76
CA LEU B 597 -9.17 24.18 -10.74
C LEU B 597 -9.45 23.20 -9.61
N ASP B 598 -9.32 23.69 -8.37
CA ASP B 598 -9.53 22.90 -7.15
C ASP B 598 -10.99 22.40 -7.03
N GLN B 599 -11.93 23.05 -7.76
CA GLN B 599 -13.33 22.57 -7.91
C GLN B 599 -13.35 21.21 -8.63
N ALA B 600 -12.67 21.19 -9.81
CA ALA B 600 -12.62 20.02 -10.71
C ALA B 600 -11.82 18.87 -10.09
N LEU B 601 -10.67 19.20 -9.49
CA LEU B 601 -9.79 18.21 -8.81
C LEU B 601 -10.55 17.53 -7.64
N LEU B 602 -11.25 18.37 -6.85
CA LEU B 602 -12.10 17.92 -5.72
C LEU B 602 -13.31 17.10 -6.23
N ALA B 603 -13.73 17.34 -7.49
CA ALA B 603 -14.86 16.63 -8.11
C ALA B 603 -14.45 15.19 -8.48
N GLU B 604 -13.14 14.97 -8.70
CA GLU B 604 -12.62 13.70 -9.25
C GLU B 604 -12.18 12.72 -8.13
N ARG B 605 -11.73 13.24 -6.98
CA ARG B 605 -11.22 12.39 -5.85
C ARG B 605 -12.00 12.63 -4.55
N GLY B 606 -12.64 13.81 -4.43
CA GLY B 606 -13.18 14.27 -3.15
C GLY B 606 -12.09 14.71 -2.17
N THR B 607 -10.86 14.92 -2.70
CA THR B 607 -9.67 15.22 -1.88
C THR B 607 -8.69 16.11 -2.68
N LEU B 608 -8.01 17.01 -1.95
CA LEU B 608 -6.93 17.86 -2.48
C LEU B 608 -5.68 17.68 -1.58
N GLU B 609 -4.54 18.26 -2.00
CA GLU B 609 -3.31 18.28 -1.18
C GLU B 609 -3.52 19.20 0.04
N ASP B 610 -4.21 20.32 -0.21
CA ASP B 610 -4.61 21.29 0.83
C ASP B 610 -6.02 21.83 0.49
N PRO B 611 -7.11 21.08 0.90
CA PRO B 611 -8.52 21.47 0.61
C PRO B 611 -8.92 22.79 1.27
N ASN B 612 -8.21 23.13 2.36
CA ASN B 612 -8.43 24.37 3.13
C ASN B 612 -8.16 25.65 2.31
N LEU B 613 -7.30 25.54 1.26
CA LEU B 613 -7.05 26.66 0.32
C LEU B 613 -8.32 26.96 -0.47
N PHE B 614 -8.90 25.92 -1.07
CA PHE B 614 -10.14 26.00 -1.87
C PHE B 614 -11.32 26.52 -1.03
N ILE B 615 -11.48 25.92 0.17
CA ILE B 615 -12.59 26.25 1.09
C ILE B 615 -12.52 27.73 1.53
N ARG B 616 -11.33 28.17 1.97
CA ARG B 616 -11.11 29.55 2.46
C ARG B 616 -11.19 30.58 1.31
N ARG B 617 -10.83 30.13 0.08
CA ARG B 617 -10.87 30.98 -1.12
C ARG B 617 -12.33 31.15 -1.60
N MET B 618 -13.13 30.11 -1.38
CA MET B 618 -14.58 30.12 -1.65
C MET B 618 -15.27 31.08 -0.67
N ASN B 619 -14.86 31.02 0.63
CA ASN B 619 -15.27 32.00 1.67
C ASN B 619 -14.92 33.44 1.24
N GLN B 620 -13.69 33.59 0.71
CA GLN B 620 -13.13 34.88 0.27
C GLN B 620 -13.94 35.49 -0.88
N LEU B 621 -14.48 34.63 -1.76
CA LEU B 621 -15.28 35.06 -2.91
C LEU B 621 -16.76 35.32 -2.51
N LEU B 622 -17.22 34.67 -1.42
CA LEU B 622 -18.59 34.90 -0.88
C LEU B 622 -18.66 36.23 -0.10
N VAL B 623 -17.58 36.58 0.61
CA VAL B 623 -17.49 37.87 1.35
C VAL B 623 -17.20 39.03 0.38
N SER B 624 -16.42 38.75 -0.70
CA SER B 624 -16.14 39.71 -1.77
C SER B 624 -17.44 40.07 -2.53
N MET C 1 -14.79 14.08 30.20
CA MET C 1 -14.42 12.71 29.83
C MET C 1 -12.88 12.59 29.83
N ALA C 2 -12.23 12.99 28.72
CA ALA C 2 -10.76 13.08 28.61
C ALA C 2 -10.39 14.55 28.62
N THR C 3 -9.45 14.95 29.50
CA THR C 3 -9.13 16.37 29.76
C THR C 3 -8.60 17.05 28.48
N SER C 4 -9.51 17.72 27.78
CA SER C 4 -9.20 18.55 26.62
C SER C 4 -9.83 19.93 26.82
N THR C 5 -9.05 20.82 27.46
CA THR C 5 -9.37 22.25 27.59
C THR C 5 -8.76 23.03 26.39
N LEU C 6 -8.18 22.26 25.44
CA LEU C 6 -7.50 22.78 24.24
C LEU C 6 -8.43 22.67 23.01
N ILE C 7 -8.12 23.47 21.98
CA ILE C 7 -8.77 23.36 20.64
C ILE C 7 -8.55 21.96 20.01
N LYS C 8 -9.38 21.63 19.02
CA LYS C 8 -9.10 20.55 18.08
C LYS C 8 -8.63 21.18 16.75
N ALA C 9 -7.38 20.88 16.36
CA ALA C 9 -6.73 21.47 15.18
C ALA C 9 -5.74 20.50 14.54
N ILE C 10 -5.12 20.96 13.42
CA ILE C 10 -4.14 20.20 12.62
C ILE C 10 -4.81 18.99 11.94
N ASP C 11 -4.84 19.00 10.60
CA ASP C 11 -5.42 17.94 9.74
C ASP C 11 -6.98 17.98 9.83
N GLY C 12 -7.50 17.58 11.01
CA GLY C 12 -8.93 17.66 11.31
C GLY C 12 -9.22 17.08 12.69
N ASP C 13 -9.37 15.75 12.75
CA ASP C 13 -9.55 14.98 13.99
C ASP C 13 -8.71 13.68 13.91
N THR C 14 -8.46 13.06 15.09
CA THR C 14 -7.63 11.84 15.24
C THR C 14 -6.14 12.14 14.99
N VAL C 15 -5.25 11.69 15.92
CA VAL C 15 -3.79 11.81 15.73
C VAL C 15 -3.34 10.85 14.61
N LYS C 16 -3.47 11.36 13.36
CA LYS C 16 -3.05 10.68 12.14
C LYS C 16 -1.52 10.62 12.15
N LEU C 17 -0.97 9.53 12.72
CA LEU C 17 0.47 9.35 12.91
C LEU C 17 1.19 9.47 11.56
N MET C 18 2.13 10.43 11.52
CA MET C 18 2.97 10.76 10.34
C MET C 18 4.09 9.70 10.15
N TYR C 19 3.78 8.42 10.46
CA TYR C 19 4.75 7.34 10.69
C TYR C 19 5.44 6.93 9.38
N LYS C 20 6.72 7.31 9.28
CA LYS C 20 7.58 7.00 8.13
C LYS C 20 8.20 5.60 8.29
N GLY C 21 8.53 5.24 9.54
CA GLY C 21 9.13 3.95 9.88
C GLY C 21 10.60 3.89 9.47
N GLN C 22 11.45 4.67 10.14
CA GLN C 22 12.89 4.81 9.81
C GLN C 22 13.77 3.82 10.61
N PRO C 23 14.35 2.76 9.94
CA PRO C 23 15.22 1.77 10.62
C PRO C 23 16.69 2.26 10.75
N MET C 24 16.98 3.00 11.83
CA MET C 24 18.34 3.51 12.15
C MET C 24 18.77 2.97 13.54
N THR C 25 18.25 1.79 13.86
CA THR C 25 18.15 1.28 15.24
C THR C 25 18.97 0.00 15.47
N PHE C 26 19.58 -0.09 16.68
CA PHE C 26 20.41 -1.24 17.14
C PHE C 26 20.07 -1.58 18.62
N ARG C 27 19.05 -0.87 19.18
CA ARG C 27 18.58 -0.92 20.58
C ARG C 27 19.71 -0.58 21.62
N LEU C 28 19.70 0.68 22.13
CA LEU C 28 20.75 1.20 23.05
C LEU C 28 20.35 2.64 23.46
N LEU C 29 20.54 3.04 24.76
CA LEU C 29 20.50 4.47 25.17
C LEU C 29 20.93 4.66 26.64
N LEU C 30 21.57 5.83 26.91
CA LEU C 30 21.88 6.37 28.25
C LEU C 30 23.01 5.56 28.92
N VAL C 31 22.61 4.49 29.63
CA VAL C 31 23.51 3.57 30.35
C VAL C 31 23.02 2.12 30.17
N ASP C 32 21.81 1.96 29.58
CA ASP C 32 21.14 0.68 29.36
C ASP C 32 21.91 -0.12 28.30
N THR C 33 22.33 -1.36 28.65
CA THR C 33 23.16 -2.21 27.78
C THR C 33 22.43 -3.50 27.36
N PRO C 34 21.59 -3.45 26.27
CA PRO C 34 21.06 -4.64 25.61
C PRO C 34 21.87 -5.00 24.35
N GLU C 35 21.67 -6.23 23.84
CA GLU C 35 22.31 -6.72 22.62
C GLU C 35 21.25 -7.33 21.69
N THR C 36 21.34 -6.97 20.40
CA THR C 36 20.45 -7.47 19.35
C THR C 36 21.07 -7.20 17.97
N LYS C 37 20.93 -8.19 17.09
CA LYS C 37 21.33 -8.10 15.68
C LYS C 37 20.46 -9.11 14.89
N HIS C 38 19.15 -9.11 15.24
CA HIS C 38 18.12 -9.96 14.60
C HIS C 38 17.93 -9.54 13.12
N PRO C 39 18.29 -10.40 12.13
CA PRO C 39 17.99 -10.16 10.71
C PRO C 39 16.68 -10.86 10.27
N LYS C 40 16.09 -10.37 9.17
CA LYS C 40 14.88 -10.97 8.58
C LYS C 40 14.62 -10.35 7.20
N LYS C 41 14.63 -11.20 6.16
CA LYS C 41 14.33 -10.78 4.79
C LYS C 41 13.55 -11.91 4.08
N GLY C 42 12.23 -11.75 3.99
CA GLY C 42 11.36 -12.68 3.27
C GLY C 42 11.03 -12.15 1.89
N VAL C 43 11.73 -12.65 0.85
CA VAL C 43 11.45 -12.31 -0.56
C VAL C 43 10.54 -13.39 -1.18
N GLU C 44 9.59 -12.97 -2.03
CA GLU C 44 8.65 -13.87 -2.72
C GLU C 44 9.20 -14.24 -4.11
N LYS C 45 8.57 -15.24 -4.75
CA LYS C 45 8.90 -15.65 -6.13
C LYS C 45 7.68 -16.39 -6.73
N TYR C 46 6.95 -15.67 -7.61
CA TYR C 46 5.82 -16.24 -8.36
C TYR C 46 6.31 -17.20 -9.47
N GLY C 47 5.42 -18.09 -9.91
CA GLY C 47 5.67 -19.00 -11.03
C GLY C 47 4.87 -18.60 -12.26
N PRO C 48 5.47 -18.61 -13.51
CA PRO C 48 4.75 -18.27 -14.77
C PRO C 48 3.47 -19.11 -15.00
N GLU C 49 2.51 -18.56 -15.76
CA GLU C 49 1.26 -19.26 -16.13
C GLU C 49 1.54 -20.31 -17.22
N ALA C 50 0.71 -21.37 -17.24
CA ALA C 50 0.75 -22.42 -18.26
C ALA C 50 -0.67 -22.99 -18.44
N SER C 51 -1.23 -22.81 -19.66
CA SER C 51 -2.60 -23.25 -20.01
C SER C 51 -2.64 -23.58 -21.52
N ALA C 52 -3.33 -24.66 -21.88
CA ALA C 52 -3.49 -25.11 -23.28
C ALA C 52 -4.70 -26.03 -23.38
N PHE C 53 -5.72 -25.60 -24.14
CA PHE C 53 -6.97 -26.36 -24.34
C PHE C 53 -7.40 -26.26 -25.81
N THR C 54 -7.42 -27.40 -26.54
CA THR C 54 -7.93 -27.42 -27.94
C THR C 54 -9.06 -28.46 -28.09
N LYS C 55 -9.88 -28.27 -29.13
CA LYS C 55 -11.07 -29.10 -29.41
C LYS C 55 -11.11 -29.47 -30.91
N LYS C 56 -11.59 -30.69 -31.21
CA LYS C 56 -11.81 -31.18 -32.59
C LYS C 56 -12.59 -32.52 -32.55
N MET C 57 -13.94 -32.42 -32.54
CA MET C 57 -14.86 -33.59 -32.60
C MET C 57 -16.32 -33.10 -32.58
N VAL C 58 -16.97 -33.10 -33.76
CA VAL C 58 -18.40 -32.76 -33.91
C VAL C 58 -19.26 -34.00 -33.60
N GLU C 59 -20.44 -33.79 -33.00
CA GLU C 59 -21.37 -34.89 -32.65
C GLU C 59 -21.99 -35.51 -33.91
N ASN C 60 -21.95 -36.85 -33.98
CA ASN C 60 -22.48 -37.63 -35.11
C ASN C 60 -23.52 -38.61 -34.59
N ALA C 61 -24.81 -38.27 -34.74
CA ALA C 61 -25.93 -39.14 -34.32
C ALA C 61 -26.40 -40.02 -35.49
N LYS C 62 -27.15 -41.08 -35.19
CA LYS C 62 -27.66 -42.02 -36.21
C LYS C 62 -29.20 -41.98 -36.26
N LYS C 63 -29.84 -42.63 -35.25
CA LYS C 63 -31.31 -42.84 -35.14
C LYS C 63 -31.58 -43.94 -34.09
N ILE C 64 -32.87 -44.29 -33.94
CA ILE C 64 -33.31 -45.51 -33.23
C ILE C 64 -33.89 -46.51 -34.25
N GLU C 65 -34.54 -47.59 -33.74
CA GLU C 65 -35.26 -48.58 -34.57
C GLU C 65 -36.63 -48.03 -35.07
N VAL C 66 -37.48 -48.93 -35.61
CA VAL C 66 -38.80 -48.55 -36.21
C VAL C 66 -39.80 -48.03 -35.14
N GLU C 67 -39.71 -46.73 -34.86
CA GLU C 67 -40.61 -46.03 -33.92
C GLU C 67 -40.78 -44.57 -34.40
N PHE C 68 -41.89 -43.94 -34.03
CA PHE C 68 -42.28 -42.60 -34.53
C PHE C 68 -41.67 -41.46 -33.69
N ASP C 69 -40.43 -41.67 -33.19
CA ASP C 69 -39.61 -40.62 -32.56
C ASP C 69 -38.65 -40.04 -33.61
N LYS C 70 -38.99 -38.86 -34.12
CA LYS C 70 -38.15 -38.10 -35.05
C LYS C 70 -37.44 -36.94 -34.29
N GLY C 71 -37.28 -37.13 -32.96
CA GLY C 71 -36.63 -36.14 -32.09
C GLY C 71 -35.14 -36.41 -31.88
N GLN C 72 -34.79 -37.71 -31.78
CA GLN C 72 -33.39 -38.14 -31.61
C GLN C 72 -32.63 -37.95 -32.92
N ARG C 73 -31.91 -36.82 -32.98
CA ARG C 73 -30.95 -36.48 -34.05
C ARG C 73 -29.78 -35.71 -33.42
N THR C 74 -29.69 -35.79 -32.07
CA THR C 74 -28.86 -34.92 -31.23
C THR C 74 -29.19 -33.43 -31.49
N ASP C 75 -28.54 -32.82 -32.49
CA ASP C 75 -28.74 -31.40 -32.89
C ASP C 75 -27.80 -31.10 -34.07
N LYS C 76 -26.56 -31.63 -33.95
CA LYS C 76 -25.53 -31.65 -35.01
C LYS C 76 -25.05 -30.21 -35.40
N TYR C 77 -24.77 -29.40 -34.37
CA TYR C 77 -24.05 -28.11 -34.52
C TYR C 77 -23.09 -27.90 -33.33
N GLY C 78 -21.97 -28.65 -33.36
CA GLY C 78 -20.96 -28.66 -32.29
C GLY C 78 -20.11 -27.41 -32.25
N ARG C 79 -20.74 -26.30 -31.85
CA ARG C 79 -20.09 -25.00 -31.70
C ARG C 79 -19.78 -24.73 -30.21
N GLY C 80 -19.11 -23.61 -29.94
CA GLY C 80 -18.71 -23.28 -28.58
C GLY C 80 -18.54 -21.79 -28.35
N LEU C 81 -18.33 -21.44 -27.06
CA LEU C 81 -18.26 -20.05 -26.60
C LEU C 81 -17.19 -19.98 -25.48
N ALA C 82 -16.20 -19.07 -25.67
CA ALA C 82 -15.24 -18.63 -24.63
C ALA C 82 -13.99 -19.55 -24.47
N TYR C 83 -13.89 -20.27 -23.31
CA TYR C 83 -12.89 -21.35 -23.05
C TYR C 83 -11.47 -20.87 -22.67
N ILE C 84 -11.08 -19.62 -23.02
CA ILE C 84 -9.68 -19.14 -22.85
C ILE C 84 -9.55 -18.27 -21.56
N TYR C 85 -9.72 -16.93 -21.69
CA TYR C 85 -9.52 -15.97 -20.59
C TYR C 85 -10.00 -14.57 -21.06
N ALA C 86 -10.99 -13.98 -20.36
CA ALA C 86 -11.53 -12.65 -20.71
C ALA C 86 -10.47 -11.56 -20.50
N ASP C 87 -9.80 -11.14 -21.61
CA ASP C 87 -8.83 -10.04 -21.63
C ASP C 87 -8.36 -9.77 -23.09
N GLY C 88 -8.59 -8.55 -23.59
CA GLY C 88 -8.10 -8.10 -24.89
C GLY C 88 -8.78 -8.73 -26.10
N LYS C 89 -9.94 -8.16 -26.51
CA LYS C 89 -10.63 -8.50 -27.79
C LYS C 89 -11.11 -7.20 -28.48
N MET C 90 -12.28 -6.67 -28.07
CA MET C 90 -12.84 -5.41 -28.62
C MET C 90 -12.58 -4.23 -27.67
N VAL C 91 -11.85 -4.48 -26.55
CA VAL C 91 -11.64 -3.47 -25.49
C VAL C 91 -10.90 -2.22 -26.03
N ASN C 92 -11.45 -1.04 -25.66
CA ASN C 92 -10.90 0.29 -26.01
C ASN C 92 -10.99 0.57 -27.53
N GLU C 93 -11.93 -0.11 -28.23
CA GLU C 93 -12.16 0.09 -29.68
C GLU C 93 -12.60 1.54 -29.96
N ALA C 94 -13.83 1.89 -29.53
CA ALA C 94 -14.38 3.24 -29.70
C ALA C 94 -15.33 3.57 -28.56
N LEU C 95 -16.44 2.80 -28.47
CA LEU C 95 -17.57 2.99 -27.52
C LEU C 95 -18.39 4.24 -27.92
N VAL C 96 -17.73 5.42 -28.01
CA VAL C 96 -18.32 6.67 -28.54
C VAL C 96 -18.48 6.63 -30.08
N ARG C 97 -19.40 5.77 -30.57
CA ARG C 97 -19.66 5.61 -32.00
C ARG C 97 -20.80 6.55 -32.41
N GLN C 98 -20.42 7.63 -33.09
CA GLN C 98 -21.26 8.80 -33.40
C GLN C 98 -22.19 8.61 -34.62
N GLY C 99 -23.06 9.61 -34.84
CA GLY C 99 -23.98 9.66 -35.98
C GLY C 99 -25.43 9.55 -35.54
N LEU C 100 -25.86 10.43 -34.61
CA LEU C 100 -27.27 10.51 -34.16
C LEU C 100 -27.49 11.79 -33.31
N ALA C 101 -26.83 11.86 -32.12
CA ALA C 101 -27.09 12.86 -31.06
C ALA C 101 -28.55 12.72 -30.57
N LYS C 102 -29.48 13.29 -31.37
CA LYS C 102 -30.94 13.11 -31.30
C LYS C 102 -31.54 14.13 -32.26
N VAL C 103 -31.13 15.38 -32.02
CA VAL C 103 -31.49 16.54 -32.83
C VAL C 103 -30.57 16.61 -34.08
N ALA C 104 -31.17 16.94 -35.23
CA ALA C 104 -30.49 16.87 -36.54
C ALA C 104 -31.08 17.90 -37.51
N TYR C 105 -30.20 18.57 -38.26
CA TYR C 105 -30.60 19.51 -39.34
C TYR C 105 -30.81 18.72 -40.64
N VAL C 106 -31.91 19.01 -41.35
CA VAL C 106 -32.31 18.27 -42.57
C VAL C 106 -31.34 18.56 -43.76
N TYR C 107 -30.99 17.50 -44.50
CA TYR C 107 -30.18 17.57 -45.75
C TYR C 107 -30.87 16.75 -46.86
N LYS C 108 -30.28 16.75 -48.07
CA LYS C 108 -30.86 16.09 -49.25
C LYS C 108 -29.75 15.33 -50.04
N PRO C 109 -30.12 14.25 -50.83
CA PRO C 109 -29.15 13.48 -51.64
C PRO C 109 -28.42 14.33 -52.72
N ASN C 110 -27.20 13.90 -53.08
CA ASN C 110 -26.36 14.56 -54.10
C ASN C 110 -26.67 13.99 -55.50
N ASN C 111 -26.66 14.86 -56.52
CA ASN C 111 -26.96 14.47 -57.92
C ASN C 111 -25.75 13.76 -58.55
N THR C 112 -26.06 12.78 -59.41
CA THR C 112 -25.07 12.02 -60.18
C THR C 112 -25.46 12.07 -61.68
N HIS C 113 -24.47 12.14 -62.58
CA HIS C 113 -24.73 12.23 -64.03
C HIS C 113 -23.86 11.23 -64.80
N GLU C 114 -24.39 10.71 -65.91
CA GLU C 114 -23.69 9.72 -66.77
C GLU C 114 -22.64 10.39 -67.66
N GLN C 115 -21.60 9.62 -68.02
CA GLN C 115 -20.58 10.02 -69.02
C GLN C 115 -20.77 9.20 -70.31
N HIS C 116 -20.39 9.78 -71.46
CA HIS C 116 -20.42 9.07 -72.76
C HIS C 116 -18.99 8.96 -73.34
N LEU C 117 -18.85 8.09 -74.35
CA LEU C 117 -17.57 7.88 -75.08
C LEU C 117 -17.87 7.45 -76.53
N ARG C 118 -16.93 7.75 -77.43
CA ARG C 118 -16.99 7.38 -78.86
C ARG C 118 -15.80 6.47 -79.18
N LYS C 119 -16.02 5.43 -80.01
CA LYS C 119 -14.92 4.54 -80.46
C LYS C 119 -14.06 5.22 -81.55
N SER C 120 -13.07 4.49 -82.08
CA SER C 120 -12.22 4.98 -83.19
C SER C 120 -12.05 3.89 -84.26
N GLU C 121 -11.53 4.30 -85.44
CA GLU C 121 -11.43 3.44 -86.63
C GLU C 121 -10.33 3.95 -87.56
N ALA C 122 -9.96 3.13 -88.56
CA ALA C 122 -8.85 3.42 -89.49
C ALA C 122 -9.19 2.95 -90.93
N GLN C 123 -8.36 3.39 -91.89
CA GLN C 123 -8.47 2.97 -93.31
C GLN C 123 -7.09 2.47 -93.79
N ALA C 124 -7.08 1.31 -94.46
CA ALA C 124 -5.86 0.66 -94.96
C ALA C 124 -5.62 1.02 -96.44
N LYS C 125 -4.34 0.88 -96.89
CA LYS C 125 -3.94 1.15 -98.28
C LYS C 125 -2.68 0.35 -98.67
N LYS C 126 -2.69 -0.25 -99.87
CA LYS C 126 -1.50 -0.88 -100.49
C LYS C 126 -0.99 0.00 -101.64
N GLU C 127 -0.03 -0.52 -102.42
CA GLU C 127 0.42 0.11 -103.68
C GLU C 127 0.81 -0.99 -104.68
N LYS C 128 0.37 -0.83 -105.94
CA LYS C 128 0.66 -1.76 -107.04
C LYS C 128 1.79 -1.20 -107.94
N LEU C 129 2.45 -2.09 -108.69
CA LEU C 129 3.42 -1.73 -109.74
C LEU C 129 3.22 -2.63 -110.96
N ASN C 130 3.72 -2.18 -112.11
CA ASN C 130 3.71 -2.95 -113.37
C ASN C 130 5.15 -3.15 -113.86
N ILE C 131 5.38 -4.25 -114.58
CA ILE C 131 6.66 -4.50 -115.28
C ILE C 131 6.69 -3.69 -116.61
N TRP C 132 7.76 -3.88 -117.42
CA TRP C 132 7.89 -3.19 -118.73
C TRP C 132 6.78 -3.66 -119.71
N MET A 1 44.13 35.88 -15.62
CA MET A 1 44.68 36.80 -16.66
C MET A 1 43.51 37.43 -17.46
N LYS A 2 42.32 37.49 -16.84
CA LYS A 2 41.11 38.09 -17.46
C LYS A 2 40.40 39.05 -16.48
N GLY A 3 40.39 38.68 -15.19
CA GLY A 3 39.52 39.32 -14.21
C GLY A 3 38.06 38.91 -14.45
N GLN A 4 37.88 37.64 -14.87
CA GLN A 4 36.57 37.08 -15.24
C GLN A 4 35.86 36.63 -13.95
N GLU A 5 34.71 37.23 -13.67
CA GLU A 5 33.89 36.92 -12.49
C GLU A 5 32.46 36.53 -12.95
N THR A 6 31.94 35.45 -12.36
CA THR A 6 30.57 34.94 -12.60
C THR A 6 29.90 34.60 -11.26
N ARG A 7 29.29 35.62 -10.62
CA ARG A 7 28.48 35.43 -9.41
C ARG A 7 27.03 35.08 -9.80
N GLY A 8 26.73 33.77 -9.89
CA GLY A 8 25.42 33.27 -10.26
C GLY A 8 24.89 32.24 -9.26
N PHE A 9 23.79 31.56 -9.62
CA PHE A 9 23.14 30.56 -8.75
C PHE A 9 22.25 29.64 -9.59
N GLN A 10 22.52 28.32 -9.54
CA GLN A 10 21.67 27.30 -10.18
C GLN A 10 20.52 26.91 -9.24
N SER A 11 19.37 26.57 -9.85
CA SER A 11 18.15 26.16 -9.12
C SER A 11 18.28 24.71 -8.59
N GLU A 12 19.23 23.93 -9.17
CA GLU A 12 19.57 22.58 -8.69
C GLU A 12 20.32 22.68 -7.36
N VAL A 13 19.56 22.74 -6.25
CA VAL A 13 20.09 22.84 -4.89
C VAL A 13 20.59 21.47 -4.37
N LYS A 14 21.79 21.11 -4.85
CA LYS A 14 22.44 19.83 -4.52
C LYS A 14 23.41 19.99 -3.33
N GLN A 15 24.05 18.86 -2.93
CA GLN A 15 25.05 18.84 -1.83
C GLN A 15 26.18 19.83 -2.12
N LEU A 16 26.93 19.55 -3.21
CA LEU A 16 28.11 20.34 -3.64
C LEU A 16 27.75 21.82 -3.88
N LEU A 17 26.51 22.06 -4.38
CA LEU A 17 25.98 23.44 -4.57
C LEU A 17 25.95 24.18 -3.21
N HIS A 18 25.43 23.50 -2.18
CA HIS A 18 25.28 24.09 -0.84
C HIS A 18 26.66 24.31 -0.18
N LEU A 19 27.64 23.48 -0.57
CA LEU A 19 29.03 23.59 -0.10
C LEU A 19 29.71 24.81 -0.75
N MET A 20 29.45 25.02 -2.07
CA MET A 20 30.06 26.11 -2.88
C MET A 20 29.71 27.51 -2.34
N ILE A 21 28.48 27.63 -1.82
CA ILE A 21 27.95 28.89 -1.28
C ILE A 21 28.73 29.35 -0.01
N HIS A 22 29.43 28.40 0.65
CA HIS A 22 30.17 28.69 1.90
C HIS A 22 31.65 28.20 1.84
N SER A 23 32.07 27.60 0.71
CA SER A 23 33.46 27.09 0.52
C SER A 23 34.45 28.24 0.24
N LEU A 24 33.90 29.39 -0.18
CA LEU A 24 34.64 30.67 -0.22
C LEU A 24 34.87 31.11 1.25
N TYR A 25 33.75 31.12 2.00
CA TYR A 25 33.69 31.37 3.46
C TYR A 25 33.95 32.87 3.78
N SER A 26 34.02 33.69 2.70
CA SER A 26 34.41 35.13 2.76
C SER A 26 35.88 35.29 3.24
N ASN A 27 36.66 34.18 3.24
CA ASN A 27 38.04 34.14 3.77
C ASN A 27 39.04 33.78 2.67
N LYS A 28 38.66 32.81 1.80
CA LYS A 28 39.51 32.23 0.72
C LYS A 28 40.60 31.28 1.30
N GLU A 29 41.34 31.74 2.34
CA GLU A 29 42.36 30.96 3.10
C GLU A 29 41.83 29.62 3.67
N ILE A 30 40.49 29.45 3.66
CA ILE A 30 39.82 28.16 3.90
C ILE A 30 40.41 27.01 3.01
N PHE A 31 41.01 27.39 1.85
CA PHE A 31 41.71 26.45 0.95
C PHE A 31 42.87 25.76 1.70
N LEU A 32 43.67 26.56 2.44
CA LEU A 32 44.88 26.08 3.13
C LEU A 32 44.48 25.11 4.27
N ARG A 33 43.32 25.42 4.90
CA ARG A 33 42.75 24.59 5.98
C ARG A 33 42.47 23.17 5.47
N GLU A 34 41.57 23.06 4.45
CA GLU A 34 41.13 21.77 3.87
C GLU A 34 42.29 21.05 3.15
N LEU A 35 43.19 21.80 2.49
CA LEU A 35 44.34 21.21 1.75
C LEU A 35 45.22 20.39 2.70
N ILE A 36 45.66 21.02 3.79
CA ILE A 36 46.51 20.34 4.79
C ILE A 36 45.67 19.28 5.55
N SER A 37 44.37 19.57 5.78
CA SER A 37 43.43 18.63 6.47
C SER A 37 43.22 17.34 5.65
N ASN A 38 43.33 17.46 4.31
CA ASN A 38 43.29 16.32 3.37
C ASN A 38 44.55 15.46 3.60
N ALA A 39 45.67 16.14 3.85
CA ALA A 39 47.00 15.51 4.07
C ALA A 39 47.10 14.91 5.50
N SER A 40 46.35 15.50 6.43
CA SER A 40 46.33 15.10 7.85
C SER A 40 45.57 13.78 8.02
N ASP A 41 44.44 13.67 7.29
CA ASP A 41 43.61 12.46 7.30
C ASP A 41 44.26 11.38 6.40
N ALA A 42 45.07 11.82 5.41
CA ALA A 42 45.89 10.90 4.58
C ALA A 42 47.04 10.29 5.42
N ALA A 43 47.55 11.08 6.38
CA ALA A 43 48.57 10.63 7.35
C ALA A 43 47.96 9.58 8.29
N ASP A 44 46.70 9.84 8.69
CA ASP A 44 45.87 8.91 9.48
C ASP A 44 45.73 7.56 8.75
N LYS A 45 45.32 7.64 7.47
CA LYS A 45 45.11 6.46 6.61
C LYS A 45 46.42 5.68 6.41
N LEU A 46 47.57 6.38 6.39
CA LEU A 46 48.88 5.73 6.29
C LEU A 46 49.19 4.95 7.57
N ARG A 47 48.85 5.53 8.75
CA ARG A 47 49.08 4.89 10.06
C ARG A 47 48.42 3.51 10.13
N PHE A 48 47.15 3.43 9.67
CA PHE A 48 46.38 2.18 9.65
C PHE A 48 46.95 1.15 8.66
N ARG A 49 47.22 1.62 7.42
CA ARG A 49 47.77 0.74 6.36
C ARG A 49 49.17 0.24 6.75
N ALA A 50 49.90 1.04 7.55
CA ALA A 50 51.26 0.72 8.01
C ALA A 50 51.24 -0.26 9.19
N LEU A 51 50.06 -0.45 9.80
CA LEU A 51 49.82 -1.57 10.74
C LEU A 51 49.60 -2.87 9.95
N SER A 52 49.14 -2.72 8.70
CA SER A 52 48.86 -3.85 7.81
C SER A 52 50.09 -4.16 6.93
N ASN A 53 51.02 -3.18 6.84
CA ASN A 53 52.33 -3.31 6.14
C ASN A 53 53.27 -2.19 6.66
N PRO A 54 54.17 -2.46 7.65
CA PRO A 54 55.13 -1.43 8.18
C PRO A 54 56.14 -0.95 7.10
N ASP A 55 56.23 -1.74 6.02
CA ASP A 55 57.09 -1.51 4.86
C ASP A 55 56.74 -0.19 4.14
N LEU A 56 55.48 0.25 4.32
CA LEU A 56 54.95 1.47 3.68
C LEU A 56 55.70 2.73 4.14
N TYR A 57 56.31 2.68 5.35
CA TYR A 57 57.12 3.79 5.87
C TYR A 57 58.42 3.97 5.06
N GLU A 58 58.88 2.92 4.36
CA GLU A 58 60.06 2.98 3.46
C GLU A 58 61.37 3.32 4.24
N GLY A 59 61.33 3.14 5.57
CA GLY A 59 62.39 3.61 6.47
C GLY A 59 62.02 4.93 7.16
N ASP A 60 61.27 5.77 6.44
CA ASP A 60 60.81 7.09 6.89
C ASP A 60 59.53 6.97 7.76
N GLY A 61 59.71 7.03 9.09
CA GLY A 61 58.57 6.91 10.03
C GLY A 61 57.94 8.25 10.38
N GLU A 62 58.75 9.33 10.35
CA GLU A 62 58.33 10.69 10.74
C GLU A 62 57.31 11.28 9.74
N LEU A 63 56.02 11.13 10.06
CA LEU A 63 54.93 11.68 9.26
C LEU A 63 54.85 13.20 9.48
N ARG A 64 55.04 13.97 8.39
CA ARG A 64 54.88 15.44 8.37
C ARG A 64 54.47 15.91 6.97
N VAL A 65 53.88 17.12 6.90
CA VAL A 65 53.55 17.79 5.64
C VAL A 65 54.35 19.09 5.56
N ARG A 66 54.96 19.35 4.40
CA ARG A 66 55.90 20.47 4.19
C ARG A 66 55.36 21.43 3.13
N VAL A 67 55.43 22.73 3.42
CA VAL A 67 54.95 23.80 2.54
C VAL A 67 56.15 24.57 1.98
N SER A 68 56.35 24.49 0.67
CA SER A 68 57.38 25.22 -0.06
C SER A 68 56.69 26.21 -1.01
N PHE A 69 57.39 27.28 -1.38
CA PHE A 69 56.87 28.30 -2.33
C PHE A 69 58.02 29.17 -2.86
N ASP A 70 57.75 29.88 -3.97
CA ASP A 70 58.67 30.89 -4.53
C ASP A 70 57.92 32.21 -4.64
N LYS A 71 58.63 33.30 -4.34
CA LYS A 71 58.05 34.63 -4.16
C LYS A 71 57.71 35.30 -5.51
N ASP A 72 58.61 35.14 -6.50
CA ASP A 72 58.47 35.76 -7.83
C ASP A 72 57.52 34.94 -8.72
N LYS A 73 57.65 33.60 -8.64
CA LYS A 73 56.86 32.65 -9.44
C LYS A 73 55.42 32.53 -8.92
N ARG A 74 55.25 32.81 -7.61
CA ARG A 74 53.94 32.79 -6.90
C ARG A 74 53.28 31.41 -6.98
N THR A 75 54.12 30.37 -6.91
CA THR A 75 53.67 28.98 -6.86
C THR A 75 53.82 28.47 -5.42
N LEU A 76 52.71 27.96 -4.87
CA LEU A 76 52.65 27.35 -3.54
C LEU A 76 52.68 25.82 -3.70
N THR A 77 53.28 25.09 -2.74
CA THR A 77 53.47 23.63 -2.84
C THR A 77 53.31 22.99 -1.45
N ILE A 78 52.18 22.27 -1.24
CA ILE A 78 51.91 21.56 0.02
C ILE A 78 52.09 20.05 -0.25
N SER A 79 53.26 19.51 0.16
CA SER A 79 53.65 18.12 -0.10
C SER A 79 53.72 17.31 1.23
N ASP A 80 52.80 16.36 1.40
CA ASP A 80 52.79 15.43 2.56
C ASP A 80 53.51 14.13 2.20
N ASN A 81 54.04 13.46 3.25
CA ASN A 81 54.59 12.10 3.16
C ASN A 81 53.54 11.08 3.68
N GLY A 82 52.24 11.44 3.55
CA GLY A 82 51.14 10.59 4.03
C GLY A 82 50.97 9.34 3.19
N VAL A 83 49.74 8.78 3.15
CA VAL A 83 49.47 7.60 2.33
C VAL A 83 49.53 7.95 0.84
N GLY A 84 49.25 9.23 0.52
CA GLY A 84 49.06 9.67 -0.85
C GLY A 84 47.72 9.21 -1.38
N MET A 85 47.66 8.90 -2.69
CA MET A 85 46.49 8.27 -3.32
C MET A 85 46.96 7.32 -4.43
N THR A 86 46.32 6.14 -4.51
CA THR A 86 46.58 5.11 -5.54
C THR A 86 46.07 5.61 -6.90
N ARG A 87 46.50 4.98 -8.01
CA ARG A 87 46.15 5.39 -9.40
C ARG A 87 44.62 5.43 -9.59
N ASP A 88 44.00 4.27 -9.39
CA ASP A 88 42.55 4.10 -9.52
C ASP A 88 41.82 4.96 -8.49
N GLU A 89 42.41 5.04 -7.29
CA GLU A 89 41.86 5.79 -6.15
C GLU A 89 41.80 7.30 -6.47
N VAL A 90 42.77 7.85 -7.23
CA VAL A 90 42.75 9.29 -7.66
C VAL A 90 41.61 9.52 -8.64
N ILE A 91 41.41 8.56 -9.56
CA ILE A 91 40.32 8.61 -10.56
C ILE A 91 38.95 8.45 -9.85
N ASP A 92 38.96 7.75 -8.69
CA ASP A 92 37.77 7.53 -7.84
C ASP A 92 37.68 8.56 -6.69
N HIS A 93 38.61 9.55 -6.67
CA HIS A 93 38.68 10.59 -5.61
C HIS A 93 38.52 11.97 -6.27
N LEU A 94 39.60 12.46 -6.89
CA LEU A 94 39.62 13.78 -7.56
C LEU A 94 38.75 13.73 -8.82
N GLY A 95 38.82 12.59 -9.54
CA GLY A 95 38.02 12.36 -10.75
C GLY A 95 36.52 12.39 -10.49
N THR A 96 36.10 11.94 -9.29
CA THR A 96 34.68 11.90 -8.89
C THR A 96 34.22 13.23 -8.26
N ILE A 97 35.17 14.11 -7.93
CA ILE A 97 34.87 15.50 -7.53
C ILE A 97 34.64 16.32 -8.81
N ALA A 98 35.42 15.98 -9.86
CA ALA A 98 35.24 16.48 -11.22
C ALA A 98 34.20 15.60 -11.95
N LYS A 99 34.20 15.62 -13.30
CA LYS A 99 33.29 14.78 -14.10
C LYS A 99 33.75 13.31 -14.06
N SER A 100 32.89 12.43 -13.53
CA SER A 100 33.13 10.98 -13.51
C SER A 100 31.84 10.26 -13.94
N GLY A 101 30.73 10.62 -13.28
CA GLY A 101 29.42 10.02 -13.53
C GLY A 101 28.77 9.53 -12.25
N THR A 102 29.04 10.23 -11.13
CA THR A 102 28.52 9.86 -9.80
C THR A 102 27.05 10.25 -9.64
N LYS A 103 26.61 11.23 -10.46
CA LYS A 103 25.24 11.79 -10.48
C LYS A 103 24.90 12.46 -9.12
N SER A 104 24.49 11.65 -8.14
CA SER A 104 24.12 12.12 -6.79
C SER A 104 24.21 10.94 -5.82
N PHE A 105 23.66 9.79 -6.24
CA PHE A 105 23.63 8.56 -5.43
C PHE A 105 24.24 7.38 -6.21
N LEU A 106 23.93 7.35 -7.53
CA LEU A 106 24.50 6.43 -8.55
C LEU A 106 23.59 6.49 -9.79
N GLU A 107 24.14 6.23 -11.00
CA GLU A 107 23.37 6.28 -12.26
C GLU A 107 22.71 4.92 -12.63
N SER A 108 23.39 3.80 -12.33
CA SER A 108 22.95 2.45 -12.78
C SER A 108 22.11 1.72 -11.71
N LEU A 109 22.70 1.39 -10.53
CA LEU A 109 22.00 0.61 -9.47
C LEU A 109 21.32 1.54 -8.45
N GLY A 110 21.82 2.79 -8.34
CA GLY A 110 21.27 3.77 -7.40
C GLY A 110 21.63 3.45 -5.95
N SER A 111 22.92 3.09 -5.70
CA SER A 111 23.39 2.63 -4.39
C SER A 111 24.90 2.89 -4.21
N ASP A 112 25.70 2.30 -5.13
CA ASP A 112 27.18 2.20 -5.01
C ASP A 112 27.89 3.57 -4.78
N GLN A 113 27.70 4.53 -5.70
CA GLN A 113 28.40 5.85 -5.64
C GLN A 113 27.77 6.85 -4.65
N ALA A 114 26.98 6.33 -3.67
CA ALA A 114 26.55 7.12 -2.50
C ALA A 114 27.76 7.50 -1.62
N LYS A 115 28.83 6.68 -1.70
CA LYS A 115 30.02 6.82 -0.84
C LYS A 115 31.09 7.69 -1.54
N ASP A 116 30.64 8.60 -2.42
CA ASP A 116 31.49 9.55 -3.15
C ASP A 116 31.17 10.98 -2.70
N SER A 117 29.95 11.16 -2.17
CA SER A 117 29.51 12.40 -1.52
C SER A 117 30.35 12.71 -0.25
N GLN A 118 30.90 11.64 0.33
CA GLN A 118 31.80 11.70 1.50
C GLN A 118 33.16 12.32 1.12
N LEU A 119 33.61 12.02 -0.11
CA LEU A 119 34.83 12.60 -0.70
C LEU A 119 34.62 14.09 -0.97
N ILE A 120 33.41 14.44 -1.43
CA ILE A 120 33.00 15.83 -1.69
C ILE A 120 32.93 16.64 -0.37
N GLY A 121 32.55 15.96 0.72
CA GLY A 121 32.41 16.58 2.06
C GLY A 121 33.69 17.24 2.60
N GLN A 122 34.87 16.61 2.36
CA GLN A 122 36.17 17.13 2.82
C GLN A 122 36.99 17.65 1.62
N PHE A 123 37.26 16.72 0.71
CA PHE A 123 38.23 16.88 -0.39
C PHE A 123 37.62 17.74 -1.53
N GLY A 124 36.29 17.61 -1.70
CA GLY A 124 35.54 18.33 -2.73
C GLY A 124 35.33 19.80 -2.40
N VAL A 125 35.21 20.10 -1.09
CA VAL A 125 35.18 21.48 -0.59
C VAL A 125 36.54 22.14 -0.87
N GLY A 126 37.62 21.45 -0.42
CA GLY A 126 39.00 21.92 -0.60
C GLY A 126 39.42 22.09 -2.06
N PHE A 127 38.77 21.32 -2.96
CA PHE A 127 38.93 21.43 -4.42
C PHE A 127 38.51 22.84 -4.89
N TYR A 128 37.24 23.18 -4.64
CA TYR A 128 36.62 24.44 -5.11
C TYR A 128 37.28 25.65 -4.41
N SER A 129 37.54 25.50 -3.10
CA SER A 129 38.21 26.52 -2.26
C SER A 129 39.62 26.82 -2.81
N ALA A 130 40.32 25.76 -3.28
CA ALA A 130 41.65 25.88 -3.90
C ALA A 130 41.58 26.78 -5.14
N PHE A 131 40.62 26.51 -6.02
CA PHE A 131 40.45 27.27 -7.29
C PHE A 131 39.88 28.70 -7.09
N ILE A 132 39.52 29.07 -5.83
CA ILE A 132 39.14 30.46 -5.49
C ILE A 132 40.40 31.35 -5.45
N VAL A 133 41.54 30.77 -5.05
CA VAL A 133 42.84 31.48 -4.95
C VAL A 133 43.85 30.99 -6.01
N ALA A 134 43.62 29.80 -6.56
CA ALA A 134 44.54 29.16 -7.49
C ALA A 134 43.96 29.16 -8.90
N ASP A 135 44.74 29.69 -9.84
CA ASP A 135 44.42 29.69 -11.27
C ASP A 135 44.60 28.27 -11.85
N LYS A 136 45.57 27.55 -11.28
CA LYS A 136 45.93 26.19 -11.71
C LYS A 136 46.31 25.33 -10.50
N VAL A 137 45.71 24.12 -10.39
CA VAL A 137 46.09 23.13 -9.36
C VAL A 137 46.56 21.84 -10.07
N THR A 138 47.79 21.45 -9.74
CA THR A 138 48.45 20.26 -10.29
C THR A 138 48.85 19.36 -9.11
N VAL A 139 48.19 18.20 -8.98
CA VAL A 139 48.43 17.25 -7.89
C VAL A 139 49.22 16.05 -8.42
N ARG A 140 50.48 15.93 -7.98
CA ARG A 140 51.34 14.78 -8.30
C ARG A 140 51.53 13.96 -7.02
N THR A 141 50.74 12.90 -6.89
CA THR A 141 50.75 12.03 -5.70
C THR A 141 51.49 10.72 -6.01
N ARG A 142 51.77 9.95 -4.95
CA ARG A 142 52.35 8.61 -5.04
C ARG A 142 52.00 7.88 -3.74
N ALA A 143 51.12 6.87 -3.84
CA ALA A 143 50.72 6.06 -2.69
C ALA A 143 51.87 5.17 -2.18
N ALA A 144 51.83 4.86 -0.89
CA ALA A 144 52.78 3.94 -0.25
C ALA A 144 52.50 2.49 -0.68
N GLY A 145 53.56 1.74 -1.02
CA GLY A 145 53.46 0.30 -1.31
C GLY A 145 53.70 -0.05 -2.77
N GLU A 146 53.18 0.79 -3.69
CA GLU A 146 53.44 0.62 -5.13
C GLU A 146 54.77 1.28 -5.52
N LYS A 147 55.31 0.86 -6.66
CA LYS A 147 56.53 1.42 -7.25
C LYS A 147 56.33 2.92 -7.60
N PRO A 148 57.37 3.79 -7.36
CA PRO A 148 57.29 5.26 -7.61
C PRO A 148 56.88 5.64 -9.05
N GLU A 149 57.19 4.75 -10.01
CA GLU A 149 56.90 4.94 -11.45
C GLU A 149 55.37 4.99 -11.71
N ASN A 150 54.60 4.43 -10.77
CA ASN A 150 53.12 4.42 -10.81
C ASN A 150 52.53 5.69 -10.17
N GLY A 151 53.38 6.74 -9.98
CA GLY A 151 52.94 8.05 -9.50
C GLY A 151 51.87 8.65 -10.38
N VAL A 152 50.95 9.44 -9.80
CA VAL A 152 49.75 9.89 -10.50
C VAL A 152 49.78 11.41 -10.65
N PHE A 153 49.80 11.83 -11.91
CA PHE A 153 49.71 13.23 -12.32
C PHE A 153 48.23 13.58 -12.46
N TRP A 154 47.84 14.68 -11.84
CA TRP A 154 46.50 15.24 -11.94
C TRP A 154 46.67 16.74 -12.18
N GLU A 155 45.76 17.33 -12.97
CA GLU A 155 45.84 18.75 -13.34
C GLU A 155 44.44 19.23 -13.78
N SER A 156 44.08 20.46 -13.37
CA SER A 156 42.84 21.12 -13.81
C SER A 156 43.00 22.64 -13.67
N ALA A 157 42.43 23.37 -14.66
CA ALA A 157 42.37 24.83 -14.65
C ALA A 157 41.14 25.32 -13.85
N GLY A 158 40.34 24.37 -13.33
CA GLY A 158 39.11 24.66 -12.59
C GLY A 158 37.87 24.16 -13.32
N GLU A 159 38.06 23.65 -14.55
CA GLU A 159 36.98 23.16 -15.44
C GLU A 159 36.40 21.81 -14.94
N GLY A 160 35.30 21.37 -15.58
CA GLY A 160 34.63 20.11 -15.25
C GLY A 160 35.28 18.90 -15.93
N GLU A 161 36.61 18.80 -15.79
CA GLU A 161 37.45 17.79 -16.43
C GLU A 161 38.81 17.72 -15.70
N TYR A 162 39.56 16.63 -15.91
CA TYR A 162 40.84 16.40 -15.23
C TYR A 162 41.84 15.69 -16.17
N THR A 163 43.09 16.16 -16.15
CA THR A 163 44.20 15.60 -16.93
C THR A 163 45.00 14.64 -16.04
N VAL A 164 44.79 13.32 -16.22
CA VAL A 164 45.45 12.28 -15.43
C VAL A 164 46.54 11.58 -16.30
N ALA A 165 47.70 11.32 -15.69
CA ALA A 165 48.86 10.66 -16.34
C ALA A 165 49.66 9.86 -15.30
N ASP A 166 50.56 8.99 -15.77
CA ASP A 166 51.47 8.21 -14.90
C ASP A 166 52.92 8.72 -15.01
N ILE A 167 53.49 9.23 -13.89
CA ILE A 167 54.90 9.69 -13.83
C ILE A 167 55.64 9.00 -12.66
N THR A 168 56.96 9.25 -12.53
CA THR A 168 57.76 8.74 -11.40
C THR A 168 57.93 9.85 -10.33
N LYS A 169 57.69 9.50 -9.06
CA LYS A 169 58.03 10.35 -7.90
C LYS A 169 58.40 9.41 -6.75
N GLU A 170 59.73 9.33 -6.45
CA GLU A 170 60.24 8.40 -5.41
C GLU A 170 59.68 8.72 -4.02
N ASP A 171 59.35 10.00 -3.83
CA ASP A 171 58.79 10.54 -2.58
C ASP A 171 57.41 9.91 -2.28
N ARG A 172 57.21 9.50 -1.03
CA ARG A 172 55.93 8.94 -0.55
C ARG A 172 54.94 10.10 -0.28
N GLY A 173 53.64 9.84 -0.48
CA GLY A 173 52.60 10.83 -0.18
C GLY A 173 52.26 11.69 -1.39
N THR A 174 51.69 12.86 -1.13
CA THR A 174 51.13 13.75 -2.18
C THR A 174 51.95 15.03 -2.28
N GLU A 175 52.03 15.59 -3.49
CA GLU A 175 52.71 16.87 -3.77
C GLU A 175 51.74 17.76 -4.57
N ILE A 176 51.18 18.80 -3.91
CA ILE A 176 50.16 19.67 -4.52
C ILE A 176 50.77 21.05 -4.88
N THR A 177 50.88 21.34 -6.18
CA THR A 177 51.33 22.64 -6.70
C THR A 177 50.11 23.52 -7.07
N LEU A 178 50.08 24.76 -6.56
CA LEU A 178 49.06 25.76 -6.89
C LEU A 178 49.75 26.98 -7.51
N HIS A 179 49.34 27.37 -8.71
CA HIS A 179 49.62 28.68 -9.27
C HIS A 179 48.59 29.67 -8.71
N LEU A 180 49.03 30.66 -7.93
CA LEU A 180 48.15 31.75 -7.43
C LEU A 180 47.64 32.58 -8.62
N ARG A 181 46.39 33.06 -8.52
CA ARG A 181 45.74 33.88 -9.55
C ARG A 181 46.44 35.24 -9.72
N GLU A 182 46.16 35.91 -10.83
CA GLU A 182 46.68 37.26 -11.12
C GLU A 182 46.18 38.27 -10.03
N GLY A 183 47.14 38.73 -9.18
CA GLY A 183 46.84 39.67 -8.09
C GLY A 183 46.67 38.97 -6.73
N GLU A 184 46.66 37.63 -6.72
CA GLU A 184 46.44 36.81 -5.52
C GLU A 184 47.78 36.53 -4.80
N ASP A 185 48.62 37.57 -4.66
CA ASP A 185 49.91 37.48 -3.95
C ASP A 185 49.72 37.74 -2.42
N GLU A 186 48.44 37.83 -1.99
CA GLU A 186 48.05 37.87 -0.57
C GLU A 186 48.56 36.63 0.18
N PHE A 187 48.38 35.46 -0.45
CA PHE A 187 48.82 34.17 0.12
C PHE A 187 50.24 33.82 -0.39
N LEU A 188 51.03 34.88 -0.71
CA LEU A 188 52.43 34.76 -1.16
C LEU A 188 53.36 35.54 -0.20
N ASP A 189 52.77 36.42 0.65
CA ASP A 189 53.55 37.25 1.59
C ASP A 189 54.20 36.35 2.63
N ASP A 190 55.51 36.56 2.88
CA ASP A 190 56.34 35.69 3.76
C ASP A 190 55.69 35.49 5.13
N TRP A 191 55.23 36.62 5.69
CA TRP A 191 54.57 36.66 7.00
C TRP A 191 53.15 36.06 6.95
N ARG A 192 52.40 36.34 5.87
CA ARG A 192 50.98 35.92 5.74
C ARG A 192 50.86 34.41 5.58
N VAL A 193 51.69 33.82 4.71
CA VAL A 193 51.74 32.36 4.47
C VAL A 193 51.93 31.63 5.81
N ARG A 194 52.99 32.04 6.54
CA ARG A 194 53.38 31.45 7.84
C ARG A 194 52.30 31.67 8.93
N SER A 195 51.57 32.79 8.82
CA SER A 195 50.50 33.16 9.78
C SER A 195 49.24 32.29 9.55
N ILE A 196 48.94 32.01 8.27
CA ILE A 196 47.76 31.18 7.88
C ILE A 196 48.10 29.69 8.11
N ILE A 197 49.41 29.34 8.00
CA ILE A 197 49.91 28.02 8.39
C ILE A 197 49.55 27.79 9.85
N SER A 198 50.11 28.60 10.77
CA SER A 198 49.86 28.48 12.22
C SER A 198 48.36 28.53 12.57
N LYS A 199 47.61 29.37 11.82
CA LYS A 199 46.19 29.67 12.09
C LYS A 199 45.30 28.41 11.98
N TYR A 200 45.74 27.44 11.13
CA TYR A 200 44.98 26.20 10.90
C TYR A 200 45.78 24.98 11.38
N SER A 201 47.06 24.96 11.06
CA SER A 201 47.98 23.85 11.37
C SER A 201 48.09 23.56 12.88
N ASP A 202 47.76 24.55 13.73
CA ASP A 202 47.81 24.38 15.21
C ASP A 202 46.82 23.30 15.68
N HIS A 203 45.64 23.17 15.00
CA HIS A 203 44.65 22.13 15.34
C HIS A 203 45.08 20.74 14.81
N ILE A 204 46.12 20.72 13.96
CA ILE A 204 46.55 19.54 13.22
C ILE A 204 47.72 18.83 13.95
N ALA A 205 47.56 17.51 14.14
CA ALA A 205 48.56 16.63 14.78
C ALA A 205 49.80 16.43 13.90
N LEU A 206 49.57 16.47 12.58
CA LEU A 206 50.60 16.23 11.56
C LEU A 206 51.55 17.45 11.50
N PRO A 207 52.89 17.28 11.81
CA PRO A 207 53.87 18.39 11.77
C PRO A 207 53.88 19.16 10.42
N VAL A 208 53.23 20.33 10.38
CA VAL A 208 53.22 21.19 9.20
C VAL A 208 54.43 22.13 9.24
N GLU A 209 55.47 21.72 8.50
CA GLU A 209 56.71 22.46 8.37
C GLU A 209 56.64 23.37 7.14
N ILE A 210 57.45 24.43 7.11
CA ILE A 210 57.54 25.35 5.95
C ILE A 210 59.02 25.52 5.56
N GLU A 211 59.27 25.84 4.29
CA GLU A 211 60.62 26.04 3.78
C GLU A 211 61.16 27.41 4.21
N LYS A 212 61.99 27.39 5.25
CA LYS A 212 62.89 28.50 5.58
C LYS A 212 64.20 28.25 4.83
N ARG A 213 64.25 28.67 3.55
CA ARG A 213 65.46 28.53 2.74
C ARG A 213 66.25 29.84 2.73
N GLU A 214 67.58 29.71 2.68
CA GLU A 214 68.50 30.82 2.45
C GLU A 214 69.00 30.69 1.01
N GLU A 215 68.37 31.44 0.10
CA GLU A 215 68.72 31.44 -1.33
C GLU A 215 69.90 32.41 -1.56
N LYS A 216 71.13 31.87 -1.43
CA LYS A 216 72.38 32.62 -1.59
C LYS A 216 73.21 31.99 -2.71
N ASP A 217 74.08 32.81 -3.37
CA ASP A 217 74.91 32.35 -4.53
C ASP A 217 75.87 31.23 -4.09
N GLY A 218 75.56 29.97 -4.48
CA GLY A 218 76.37 28.81 -4.12
C GLY A 218 75.80 28.03 -2.93
N GLU A 219 75.05 28.73 -2.05
CA GLU A 219 74.46 28.12 -0.83
C GLU A 219 72.93 28.31 -0.86
N THR A 220 72.23 27.44 -1.60
CA THR A 220 70.77 27.34 -1.53
C THR A 220 70.41 26.34 -0.42
N VAL A 221 70.46 26.86 0.83
CA VAL A 221 70.19 26.07 2.04
C VAL A 221 68.68 25.95 2.20
N ILE A 222 68.16 24.73 2.35
CA ILE A 222 66.72 24.47 2.49
C ILE A 222 66.47 23.85 3.87
N SER A 223 65.80 24.63 4.74
CA SER A 223 65.43 24.18 6.09
C SER A 223 63.89 24.15 6.22
N TRP A 224 63.38 23.25 7.08
CA TRP A 224 61.93 23.03 7.25
C TRP A 224 61.54 23.23 8.73
N GLU A 225 60.81 24.32 9.00
CA GLU A 225 60.44 24.72 10.37
C GLU A 225 58.96 24.40 10.63
N LYS A 226 58.68 23.47 11.57
CA LYS A 226 57.30 23.14 11.97
C LYS A 226 56.69 24.32 12.76
N ILE A 227 55.69 24.98 12.15
CA ILE A 227 55.03 26.16 12.73
C ILE A 227 53.88 25.72 13.67
N ASN A 228 53.41 24.49 13.49
CA ASN A 228 52.32 23.91 14.31
C ASN A 228 52.87 23.23 15.58
N LYS A 229 51.97 22.95 16.55
CA LYS A 229 52.32 22.19 17.78
C LYS A 229 52.93 20.81 17.46
N ALA A 230 52.53 20.23 16.30
CA ALA A 230 53.01 18.92 15.79
C ALA A 230 52.71 17.78 16.78
N GLN A 231 51.57 17.90 17.44
CA GLN A 231 51.12 16.97 18.47
C GLN A 231 49.62 16.82 18.37
N ALA A 232 49.15 15.62 18.71
CA ALA A 232 47.73 15.29 18.82
C ALA A 232 46.98 16.30 19.70
N LEU A 233 45.99 16.97 19.10
CA LEU A 233 45.11 17.92 19.79
C LEU A 233 44.41 17.23 20.98
N TRP A 234 43.72 16.11 20.67
CA TRP A 234 42.96 15.32 21.65
C TRP A 234 43.86 14.86 22.84
N THR A 235 45.09 14.43 22.54
CA THR A 235 46.05 13.94 23.56
C THR A 235 46.56 15.10 24.47
N ARG A 236 46.75 16.30 23.87
CA ARG A 236 47.29 17.49 24.58
C ARG A 236 46.22 18.13 25.50
N ASN A 237 46.69 18.91 26.50
CA ASN A 237 45.84 19.52 27.54
C ASN A 237 44.82 20.52 26.97
N LYS A 238 43.58 20.38 27.46
CA LYS A 238 42.42 21.27 27.17
C LYS A 238 42.78 22.74 27.43
N SER A 239 43.56 22.95 28.50
CA SER A 239 44.03 24.28 28.94
C SER A 239 44.89 24.97 27.86
N GLU A 240 45.68 24.16 27.13
CA GLU A 240 46.61 24.65 26.11
C GLU A 240 45.91 24.80 24.74
N ILE A 241 44.82 24.07 24.54
CA ILE A 241 44.05 24.11 23.26
C ILE A 241 43.02 25.27 23.29
N THR A 242 42.95 26.06 22.20
CA THR A 242 41.97 27.16 22.07
C THR A 242 40.65 26.66 21.44
N ASP A 243 39.57 27.45 21.61
CA ASP A 243 38.22 27.14 21.10
C ASP A 243 38.21 27.04 19.56
N GLU A 244 39.04 27.88 18.92
CA GLU A 244 39.20 27.92 17.46
C GLU A 244 39.74 26.58 16.93
N GLU A 245 40.69 25.99 17.69
CA GLU A 245 41.28 24.68 17.34
C GLU A 245 40.20 23.61 17.26
N TYR A 246 39.32 23.55 18.27
CA TYR A 246 38.22 22.57 18.33
C TYR A 246 37.28 22.72 17.11
N LYS A 247 36.87 23.98 16.85
CA LYS A 247 35.96 24.33 15.74
C LYS A 247 36.55 23.89 14.39
N GLU A 248 37.84 24.15 14.24
CA GLU A 248 38.61 23.84 13.03
C GLU A 248 38.91 22.32 12.92
N PHE A 249 39.04 21.66 14.10
CA PHE A 249 39.42 20.24 14.18
C PHE A 249 38.24 19.34 13.83
N TYR A 250 37.01 19.80 14.14
CA TYR A 250 35.76 19.13 13.70
C TYR A 250 35.77 18.94 12.17
N LYS A 251 36.18 20.00 11.48
CA LYS A 251 36.17 20.07 10.00
C LYS A 251 37.11 19.01 9.40
N HIS A 252 38.21 18.74 10.11
CA HIS A 252 39.11 17.63 9.79
C HIS A 252 38.44 16.27 10.07
N ILE A 253 38.09 16.04 11.35
CA ILE A 253 37.75 14.69 11.87
C ILE A 253 36.43 14.14 11.29
N ALA A 254 35.50 15.04 11.01
CA ALA A 254 34.15 14.69 10.53
C ALA A 254 34.06 14.69 9.02
N HIS A 255 35.14 15.18 8.34
CA HIS A 255 35.17 15.35 6.87
C HIS A 255 34.13 16.39 6.42
N ASP A 256 34.17 17.56 7.08
CA ASP A 256 33.30 18.72 6.77
C ASP A 256 34.16 19.99 6.63
N PHE A 257 33.48 21.15 6.59
CA PHE A 257 34.10 22.48 6.70
C PHE A 257 33.22 23.39 7.59
N ASN A 258 32.13 22.80 8.13
CA ASN A 258 31.13 23.50 8.94
C ASN A 258 31.65 23.71 10.37
N ASP A 259 31.32 24.85 10.98
CA ASP A 259 31.70 25.18 12.37
C ASP A 259 30.73 24.49 13.34
N PRO A 260 31.21 23.63 14.30
CA PRO A 260 30.33 22.91 15.25
C PRO A 260 29.69 23.86 16.28
N LEU A 261 28.53 23.45 16.79
CA LEU A 261 27.78 24.18 17.81
C LEU A 261 28.55 24.15 19.17
N THR A 262 28.95 22.94 19.58
CA THR A 262 29.74 22.73 20.81
C THR A 262 30.58 21.44 20.69
N TRP A 263 31.31 21.10 21.77
CA TRP A 263 32.15 19.92 21.85
C TRP A 263 32.21 19.43 23.31
N SER A 264 32.79 18.23 23.50
CA SER A 264 33.11 17.70 24.83
C SER A 264 34.49 17.04 24.78
N HIS A 265 35.53 17.82 25.11
CA HIS A 265 36.90 17.31 25.25
C HIS A 265 37.15 17.04 26.73
N ASN A 266 37.15 15.76 27.11
CA ASN A 266 37.52 15.33 28.47
C ASN A 266 38.31 14.02 28.37
N ARG A 267 39.22 13.82 29.32
CA ARG A 267 40.05 12.60 29.40
C ARG A 267 39.57 11.76 30.59
N VAL A 268 39.60 10.43 30.42
CA VAL A 268 39.17 9.45 31.43
C VAL A 268 40.38 8.60 31.81
N GLU A 269 40.46 8.24 33.10
CA GLU A 269 41.67 7.69 33.71
C GLU A 269 41.33 6.66 34.80
N GLY A 270 42.33 5.84 35.16
CA GLY A 270 42.23 4.90 36.29
C GLY A 270 42.31 3.47 35.79
N LYS A 271 41.14 2.79 35.71
CA LYS A 271 41.05 1.46 35.10
C LYS A 271 41.21 1.60 33.59
N GLN A 272 40.40 2.48 33.00
CA GLN A 272 40.32 2.67 31.55
C GLN A 272 40.90 4.05 31.16
N GLU A 273 42.05 4.01 30.46
CA GLU A 273 42.78 5.19 29.99
C GLU A 273 42.37 5.53 28.55
N TYR A 274 41.51 6.54 28.39
CA TYR A 274 41.10 7.02 27.06
C TYR A 274 40.72 8.50 27.10
N THR A 275 41.10 9.25 26.05
CA THR A 275 40.64 10.63 25.88
C THR A 275 39.48 10.65 24.86
N SER A 276 38.33 11.20 25.28
CA SER A 276 37.14 11.35 24.43
C SER A 276 37.01 12.82 23.98
N LEU A 277 36.88 13.03 22.66
CA LEU A 277 36.70 14.37 22.06
C LEU A 277 35.54 14.30 21.07
N LEU A 278 34.36 14.72 21.54
CA LEU A 278 33.11 14.71 20.78
C LEU A 278 32.85 16.12 20.21
N TYR A 279 31.97 16.19 19.20
CA TYR A 279 31.50 17.46 18.60
C TYR A 279 30.01 17.33 18.26
N ILE A 280 29.30 18.45 18.39
CA ILE A 280 27.90 18.61 17.97
C ILE A 280 27.88 19.42 16.65
N PRO A 281 27.56 18.77 15.48
CA PRO A 281 27.49 19.46 14.17
C PRO A 281 26.38 20.53 14.11
N SER A 282 26.59 21.57 13.30
CA SER A 282 25.62 22.66 13.06
C SER A 282 24.64 22.31 11.92
N GLN A 283 24.98 21.27 11.14
CA GLN A 283 24.28 20.86 9.93
C GLN A 283 24.28 19.34 9.85
N ALA A 284 23.11 18.74 9.63
CA ALA A 284 22.96 17.29 9.51
C ALA A 284 23.33 16.83 8.08
N PRO A 285 24.06 15.69 7.95
CA PRO A 285 24.34 15.09 6.63
C PRO A 285 23.08 14.43 6.02
N TRP A 286 23.07 14.32 4.68
CA TRP A 286 21.96 13.69 3.94
C TRP A 286 21.79 12.21 4.34
N ASP A 287 22.91 11.59 4.78
CA ASP A 287 22.98 10.16 5.15
C ASP A 287 22.50 9.89 6.59
N MET A 288 21.97 10.93 7.26
CA MET A 288 21.50 10.83 8.66
C MET A 288 20.36 9.80 8.79
N TRP A 289 19.62 9.53 7.70
CA TRP A 289 18.50 8.55 7.69
C TRP A 289 18.67 7.55 6.52
N ASN A 290 19.92 7.49 5.99
CA ASN A 290 20.27 6.68 4.81
C ASN A 290 21.17 5.50 5.23
N ARG A 291 21.47 4.60 4.26
CA ARG A 291 22.27 3.37 4.48
C ARG A 291 23.79 3.66 4.47
N ASP A 292 24.20 4.85 3.97
CA ASP A 292 25.62 5.29 4.01
C ASP A 292 25.89 6.08 5.33
N HIS A 293 27.18 6.21 5.70
CA HIS A 293 27.59 6.85 6.98
C HIS A 293 28.39 8.14 6.78
N LYS A 294 28.10 9.13 7.62
CA LYS A 294 29.02 10.21 8.03
C LYS A 294 29.32 9.95 9.50
N HIS A 295 28.22 9.71 10.22
CA HIS A 295 28.16 9.45 11.67
C HIS A 295 29.16 8.36 12.12
N GLY A 296 29.78 8.60 13.29
CA GLY A 296 30.79 7.70 13.84
C GLY A 296 31.97 8.48 14.40
N LEU A 297 32.98 7.75 14.92
CA LEU A 297 34.17 8.34 15.55
C LEU A 297 35.44 7.83 14.85
N LYS A 298 36.52 8.63 14.96
CA LYS A 298 37.88 8.22 14.56
C LYS A 298 38.56 7.50 15.74
N LEU A 299 38.70 6.17 15.62
CA LEU A 299 39.43 5.36 16.60
C LEU A 299 40.94 5.58 16.44
N TYR A 300 41.57 5.89 17.57
CA TYR A 300 43.02 5.89 17.75
C TYR A 300 43.34 4.91 18.87
N VAL A 301 44.20 3.93 18.61
CA VAL A 301 44.78 3.08 19.65
C VAL A 301 46.21 3.57 19.91
N GLN A 302 46.39 4.26 21.06
CA GLN A 302 47.71 4.79 21.51
C GLN A 302 48.21 5.88 20.52
N ARG A 303 47.23 6.68 20.01
CA ARG A 303 47.43 7.81 19.06
C ARG A 303 47.72 7.32 17.62
N VAL A 304 47.66 5.98 17.43
CA VAL A 304 47.82 5.37 16.10
C VAL A 304 46.41 5.14 15.52
N PHE A 305 46.10 5.87 14.45
CA PHE A 305 44.78 5.81 13.80
C PHE A 305 44.49 4.41 13.24
N ILE A 306 43.26 3.95 13.48
CA ILE A 306 42.76 2.67 12.95
C ILE A 306 41.70 2.95 11.87
N MET A 307 40.53 3.50 12.26
CA MET A 307 39.39 3.72 11.34
C MET A 307 38.57 4.92 11.80
N ASP A 308 37.91 5.59 10.84
CA ASP A 308 36.92 6.64 11.11
C ASP A 308 35.52 6.12 10.79
N ASP A 309 34.50 7.02 10.92
CA ASP A 309 33.05 6.73 10.68
C ASP A 309 32.56 5.45 11.40
N ALA A 310 33.23 5.10 12.52
CA ALA A 310 32.90 3.92 13.31
C ALA A 310 31.95 4.29 14.46
N GLU A 311 30.64 4.01 14.28
CA GLU A 311 29.63 4.24 15.33
C GLU A 311 29.58 3.05 16.34
N GLN A 312 30.67 2.28 16.41
CA GLN A 312 30.79 1.12 17.33
C GLN A 312 30.84 1.57 18.80
N PHE A 313 31.31 2.80 19.02
CA PHE A 313 31.46 3.41 20.36
C PHE A 313 30.19 4.18 20.78
N MET A 314 29.22 4.28 19.86
CA MET A 314 28.04 5.14 20.05
C MET A 314 26.77 4.47 19.49
N PRO A 315 25.67 4.27 20.30
CA PRO A 315 24.40 3.71 19.77
C PRO A 315 23.81 4.59 18.65
N ASN A 316 22.99 3.98 17.78
CA ASN A 316 22.45 4.63 16.57
C ASN A 316 21.48 5.79 16.91
N TYR A 317 21.00 5.80 18.16
CA TYR A 317 20.09 6.86 18.68
C TYR A 317 20.87 8.16 18.90
N LEU A 318 22.18 8.00 19.09
CA LEU A 318 23.13 9.10 19.31
C LEU A 318 24.07 9.22 18.09
N ARG A 319 23.54 8.87 16.89
CA ARG A 319 24.33 8.90 15.62
C ARG A 319 24.79 10.34 15.28
N PHE A 320 24.13 11.34 15.90
CA PHE A 320 24.50 12.76 15.77
C PHE A 320 25.90 13.09 16.32
N VAL A 321 26.40 12.26 17.26
CA VAL A 321 27.75 12.44 17.83
C VAL A 321 28.80 12.14 16.76
N ARG A 322 29.63 13.16 16.45
CA ARG A 322 30.74 13.05 15.51
C ARG A 322 32.00 13.56 16.22
N GLY A 323 33.08 12.78 16.14
CA GLY A 323 34.31 13.13 16.84
C GLY A 323 35.36 12.04 16.72
N LEU A 324 36.02 11.74 17.84
CA LEU A 324 37.13 10.76 17.92
C LEU A 324 37.37 10.35 19.37
N ILE A 325 38.08 9.23 19.54
CA ILE A 325 38.45 8.67 20.84
C ILE A 325 39.78 7.92 20.71
N ASP A 326 40.72 8.22 21.63
CA ASP A 326 42.02 7.57 21.72
C ASP A 326 42.08 6.75 23.01
N SER A 327 42.32 5.44 22.91
CA SER A 327 42.41 4.54 24.08
C SER A 327 43.72 3.74 24.04
N SER A 328 44.27 3.48 25.22
CA SER A 328 45.46 2.64 25.40
C SER A 328 45.07 1.21 25.82
N ASP A 329 43.75 0.98 26.01
CA ASP A 329 43.20 -0.31 26.48
C ASP A 329 43.01 -1.26 25.31
N LEU A 330 42.38 -0.73 24.24
CA LEU A 330 42.08 -1.48 23.02
C LEU A 330 43.40 -1.97 22.36
N PRO A 331 43.43 -3.23 21.79
CA PRO A 331 44.61 -3.74 21.05
C PRO A 331 44.83 -2.97 19.73
N LEU A 332 46.07 -3.00 19.22
CA LEU A 332 46.46 -2.28 18.00
C LEU A 332 46.04 -3.06 16.73
N ASN A 333 45.75 -4.38 16.91
CA ASN A 333 45.26 -5.27 15.83
C ASN A 333 43.71 -5.25 15.75
N VAL A 334 43.11 -4.18 16.31
CA VAL A 334 41.65 -4.01 16.37
C VAL A 334 41.04 -3.77 14.95
N SER A 335 39.93 -4.47 14.67
CA SER A 335 39.08 -4.23 13.49
C SER A 335 37.72 -3.71 13.95
N ARG A 336 36.83 -3.38 12.99
CA ARG A 336 35.48 -2.87 13.31
C ARG A 336 34.62 -3.98 13.96
N GLU A 337 34.97 -5.23 13.64
CA GLU A 337 34.32 -6.44 14.18
C GLU A 337 34.75 -6.66 15.64
N ILE A 338 36.04 -6.38 15.92
CA ILE A 338 36.59 -6.40 17.29
C ILE A 338 35.85 -5.36 18.15
N LEU A 339 35.66 -4.16 17.58
CA LEU A 339 34.93 -3.05 18.24
C LEU A 339 33.48 -3.45 18.63
N GLN A 340 32.85 -4.22 17.76
CA GLN A 340 31.50 -4.77 18.00
C GLN A 340 31.51 -5.75 19.19
N ASP A 341 32.49 -6.66 19.17
CA ASP A 341 32.59 -7.82 20.09
C ASP A 341 33.20 -7.46 21.46
N SER A 342 34.10 -6.47 21.49
CA SER A 342 34.99 -6.20 22.63
C SER A 342 34.24 -5.75 23.90
N THR A 343 34.73 -6.23 25.06
CA THR A 343 34.21 -5.87 26.38
C THR A 343 34.63 -4.43 26.74
N VAL A 344 35.93 -4.11 26.53
CA VAL A 344 36.47 -2.78 26.87
C VAL A 344 35.88 -1.68 25.98
N THR A 345 35.51 -2.04 24.72
CA THR A 345 34.81 -1.16 23.78
C THR A 345 33.30 -1.05 24.13
N ARG A 346 32.74 -2.10 24.78
CA ARG A 346 31.30 -2.12 25.17
C ARG A 346 31.08 -1.19 26.37
N ASN A 347 31.97 -1.34 27.37
CA ASN A 347 32.08 -0.44 28.54
C ASN A 347 32.26 0.99 28.06
N LEU A 348 33.25 1.18 27.17
CA LEU A 348 33.56 2.46 26.52
C LEU A 348 32.31 3.08 25.87
N ARG A 349 31.48 2.25 25.20
CA ARG A 349 30.28 2.72 24.49
C ARG A 349 29.23 3.32 25.46
N ASN A 350 28.78 2.52 26.45
CA ASN A 350 27.70 2.97 27.37
C ASN A 350 28.22 4.09 28.31
N ALA A 351 29.52 4.02 28.68
CA ALA A 351 30.17 5.08 29.49
C ALA A 351 30.19 6.41 28.70
N LEU A 352 30.51 6.32 27.40
CA LEU A 352 30.56 7.47 26.47
C LEU A 352 29.15 8.09 26.34
N THR A 353 28.13 7.22 26.32
CA THR A 353 26.70 7.61 26.25
C THR A 353 26.31 8.57 27.41
N LYS A 354 26.85 8.29 28.62
CA LYS A 354 26.64 9.15 29.81
C LYS A 354 27.15 10.59 29.54
N ARG A 355 28.34 10.69 28.91
CA ARG A 355 28.98 11.98 28.56
C ARG A 355 28.18 12.73 27.47
N VAL A 356 27.49 11.96 26.61
CA VAL A 356 26.61 12.53 25.57
C VAL A 356 25.41 13.24 26.24
N LEU A 357 24.71 12.52 27.13
CA LEU A 357 23.53 13.05 27.89
C LEU A 357 23.88 14.34 28.65
N GLN A 358 25.08 14.32 29.25
CA GLN A 358 25.69 15.47 29.93
C GLN A 358 25.85 16.66 28.95
N MET A 359 26.45 16.37 27.77
CA MET A 359 26.80 17.38 26.74
C MET A 359 25.56 17.99 26.05
N LEU A 360 24.50 17.16 25.89
CA LEU A 360 23.26 17.57 25.19
C LEU A 360 22.50 18.58 26.04
N GLU A 361 22.30 18.23 27.32
CA GLU A 361 21.56 19.07 28.26
C GLU A 361 22.44 20.24 28.77
N LYS A 362 23.78 20.09 28.61
CA LYS A 362 24.73 21.19 28.79
C LYS A 362 24.43 22.28 27.76
N LEU A 363 24.31 21.86 26.49
CA LEU A 363 24.05 22.77 25.36
C LEU A 363 22.64 23.40 25.48
N ALA A 364 21.68 22.65 26.07
CA ALA A 364 20.30 23.14 26.33
C ALA A 364 20.25 24.34 27.30
N LYS A 365 21.33 24.49 28.09
CA LYS A 365 21.47 25.56 29.10
C LYS A 365 22.46 26.64 28.62
N ASP A 366 23.57 26.17 28.04
CA ASP A 366 24.76 26.99 27.76
C ASP A 366 24.57 27.81 26.47
N ASP A 367 23.89 27.21 25.47
CA ASP A 367 23.52 27.87 24.21
C ASP A 367 22.18 27.31 23.70
N ALA A 368 21.07 27.95 24.11
CA ALA A 368 19.69 27.49 23.82
C ALA A 368 19.42 27.43 22.30
N GLU A 369 19.90 28.44 21.57
CA GLU A 369 19.77 28.55 20.10
C GLU A 369 20.41 27.33 19.41
N LYS A 370 21.66 27.04 19.80
CA LYS A 370 22.45 25.96 19.21
C LYS A 370 21.80 24.60 19.47
N TYR A 371 21.27 24.40 20.69
CA TYR A 371 20.56 23.16 21.05
C TYR A 371 19.29 22.99 20.19
N GLN A 372 18.62 24.10 19.91
CA GLN A 372 17.34 24.08 19.17
C GLN A 372 17.59 23.78 17.68
N THR A 373 18.72 24.28 17.16
CA THR A 373 19.19 24.00 15.79
C THR A 373 19.59 22.51 15.69
N PHE A 374 20.32 22.05 16.71
CA PHE A 374 20.71 20.65 16.89
C PHE A 374 19.48 19.74 16.85
N TRP A 375 18.42 20.12 17.57
CA TRP A 375 17.20 19.32 17.69
C TRP A 375 16.48 19.20 16.33
N GLN A 376 16.51 20.27 15.55
CA GLN A 376 15.79 20.34 14.26
C GLN A 376 16.55 19.55 13.17
N GLN A 377 17.86 19.37 13.39
CA GLN A 377 18.74 18.58 12.49
C GLN A 377 18.84 17.10 12.94
N PHE A 378 18.88 16.88 14.27
CA PHE A 378 19.35 15.60 14.89
C PHE A 378 18.40 15.08 15.99
N GLY A 379 17.59 15.98 16.56
CA GLY A 379 16.74 15.64 17.71
C GLY A 379 15.61 14.69 17.38
N LEU A 380 15.29 14.60 16.09
CA LEU A 380 14.34 13.61 15.57
C LEU A 380 14.90 12.20 15.80
N VAL A 381 16.24 12.06 15.72
CA VAL A 381 16.96 10.82 16.07
C VAL A 381 16.97 10.61 17.61
N LEU A 382 17.13 11.72 18.35
CA LEU A 382 17.17 11.72 19.85
C LEU A 382 15.80 11.24 20.41
N LYS A 383 14.72 11.38 19.61
CA LYS A 383 13.38 10.88 19.97
C LYS A 383 13.29 9.33 20.00
N GLU A 384 14.34 8.58 19.62
CA GLU A 384 14.42 7.14 19.94
C GLU A 384 14.60 6.95 21.47
N GLY A 385 15.30 7.93 22.07
CA GLY A 385 15.68 7.94 23.48
C GLY A 385 14.57 7.72 24.52
N PRO A 386 13.46 8.54 24.52
CA PRO A 386 12.33 8.37 25.49
C PRO A 386 11.59 7.03 25.34
N ALA A 387 11.75 6.41 24.16
CA ALA A 387 11.21 5.09 23.85
C ALA A 387 12.09 3.98 24.44
N GLU A 388 13.43 4.24 24.44
CA GLU A 388 14.43 3.29 24.97
C GLU A 388 14.40 3.27 26.50
N ASP A 389 14.69 4.42 27.11
CA ASP A 389 14.72 4.55 28.56
C ASP A 389 13.45 5.29 29.02
N PHE A 390 12.30 4.60 28.89
CA PHE A 390 11.00 5.16 29.29
C PHE A 390 10.89 5.27 30.83
N ALA A 391 11.69 4.44 31.54
CA ALA A 391 11.78 4.46 33.02
C ALA A 391 12.28 5.83 33.54
N ASN A 392 13.30 6.37 32.88
CA ASN A 392 13.89 7.69 33.23
C ASN A 392 13.56 8.72 32.11
N GLN A 393 12.39 8.52 31.48
CA GLN A 393 11.87 9.39 30.40
C GLN A 393 11.57 10.81 30.90
N GLU A 394 11.36 10.96 32.23
CA GLU A 394 11.16 12.28 32.90
C GLU A 394 12.34 13.24 32.59
N ALA A 395 13.57 12.70 32.66
CA ALA A 395 14.81 13.45 32.37
C ALA A 395 14.92 13.78 30.86
N ILE A 396 14.46 12.83 30.02
CA ILE A 396 14.52 12.98 28.55
C ILE A 396 13.43 13.95 28.05
N ALA A 397 12.32 14.04 28.79
CA ALA A 397 11.15 14.87 28.44
C ALA A 397 11.47 16.38 28.55
N LYS A 398 12.53 16.68 29.32
CA LYS A 398 13.10 18.02 29.45
C LYS A 398 13.89 18.40 28.16
N LEU A 399 14.47 17.37 27.51
CA LEU A 399 15.18 17.50 26.22
C LEU A 399 14.18 17.53 25.02
N LEU A 400 13.04 16.83 25.17
CA LEU A 400 12.06 16.60 24.07
C LEU A 400 11.39 17.92 23.61
N ARG A 401 11.43 18.15 22.29
CA ARG A 401 10.84 19.34 21.65
C ARG A 401 9.85 18.87 20.54
N PHE A 402 8.65 19.46 20.54
CA PHE A 402 7.59 19.20 19.55
C PHE A 402 7.33 20.49 18.74
N ALA A 403 6.40 20.43 17.77
CA ALA A 403 5.84 21.64 17.15
C ALA A 403 4.57 22.06 17.94
N SER A 404 4.02 23.26 17.64
CA SER A 404 2.87 23.82 18.40
C SER A 404 2.25 25.04 17.71
N THR A 405 1.23 25.62 18.37
CA THR A 405 0.56 26.87 17.96
C THR A 405 1.38 28.12 18.37
N HIS A 406 2.52 27.88 19.06
CA HIS A 406 3.51 28.92 19.42
C HIS A 406 3.97 29.70 18.18
N THR A 407 4.28 28.96 17.10
CA THR A 407 4.73 29.52 15.82
C THR A 407 4.28 28.58 14.68
N ASP A 408 4.01 29.15 13.48
CA ASP A 408 3.60 28.39 12.28
C ASP A 408 4.77 27.64 11.61
N SER A 409 5.95 27.64 12.27
CA SER A 409 7.12 26.89 11.81
C SER A 409 6.94 25.38 12.09
N SER A 410 7.41 24.55 11.15
CA SER A 410 7.46 23.07 11.32
C SER A 410 8.67 22.66 12.21
N ALA A 411 9.45 23.66 12.62
CA ALA A 411 10.55 23.51 13.58
C ALA A 411 10.04 22.99 14.93
N GLN A 412 10.57 21.84 15.37
CA GLN A 412 10.29 21.29 16.70
C GLN A 412 11.00 22.16 17.77
N THR A 413 10.24 23.14 18.29
CA THR A 413 10.76 24.24 19.13
C THR A 413 10.31 24.09 20.58
N VAL A 414 8.98 24.07 20.79
CA VAL A 414 8.35 24.01 22.12
C VAL A 414 8.74 22.70 22.85
N SER A 415 8.90 22.73 24.16
CA SER A 415 9.04 21.51 24.97
C SER A 415 7.79 21.32 25.82
N LEU A 416 7.77 20.23 26.58
CA LEU A 416 6.78 20.00 27.63
C LEU A 416 6.97 21.04 28.76
N GLU A 417 8.23 21.53 28.88
CA GLU A 417 8.63 22.56 29.86
C GLU A 417 8.08 23.94 29.46
N ASP A 418 8.19 24.27 28.15
CA ASP A 418 7.62 25.51 27.57
C ASP A 418 6.09 25.47 27.66
N TYR A 419 5.52 24.26 27.48
CA TYR A 419 4.08 24.03 27.62
C TYR A 419 3.63 24.39 29.06
N VAL A 420 4.31 23.80 30.06
CA VAL A 420 4.04 24.03 31.50
C VAL A 420 4.17 25.53 31.86
N SER A 421 5.11 26.22 31.19
CA SER A 421 5.31 27.68 31.36
C SER A 421 4.07 28.47 30.86
N ARG A 422 3.41 27.97 29.78
CA ARG A 422 2.22 28.64 29.20
C ARG A 422 0.87 28.15 29.79
N MET A 423 0.88 27.04 30.57
CA MET A 423 -0.35 26.49 31.20
C MET A 423 -0.96 27.49 32.19
N LYS A 424 -2.24 27.85 31.97
CA LYS A 424 -2.97 28.80 32.82
C LYS A 424 -3.72 28.07 33.94
N GLU A 425 -4.35 28.88 34.82
CA GLU A 425 -5.18 28.37 35.93
C GLU A 425 -6.37 27.57 35.37
N GLY A 426 -6.56 26.34 35.89
CA GLY A 426 -7.60 25.44 35.41
C GLY A 426 -7.09 24.39 34.43
N GLN A 427 -5.92 24.64 33.83
CA GLN A 427 -5.27 23.69 32.91
C GLN A 427 -4.35 22.76 33.73
N GLU A 428 -4.75 21.48 33.86
CA GLU A 428 -4.03 20.45 34.65
C GLU A 428 -3.53 19.31 33.75
N LYS A 429 -3.76 19.43 32.42
CA LYS A 429 -3.50 18.36 31.42
C LYS A 429 -2.76 18.93 30.20
N ILE A 430 -1.98 18.06 29.52
CA ILE A 430 -1.31 18.42 28.26
C ILE A 430 -2.28 18.18 27.10
N TYR A 431 -2.41 19.17 26.23
CA TYR A 431 -3.25 19.13 25.03
C TYR A 431 -2.36 19.06 23.81
N TYR A 432 -2.59 18.03 22.99
CA TYR A 432 -1.80 17.75 21.80
C TYR A 432 -2.72 17.17 20.73
N ILE A 433 -2.26 17.23 19.47
CA ILE A 433 -2.97 16.61 18.35
C ILE A 433 -1.98 15.73 17.55
N THR A 434 -2.36 14.47 17.35
CA THR A 434 -1.61 13.53 16.52
C THR A 434 -1.98 13.74 15.04
N ALA A 435 -0.97 14.05 14.20
CA ALA A 435 -1.17 14.38 12.77
C ALA A 435 -0.16 13.63 11.89
N ASP A 436 -0.58 13.34 10.66
CA ASP A 436 0.24 12.63 9.65
C ASP A 436 1.24 13.59 8.98
N SER A 437 0.82 14.85 8.79
CA SER A 437 1.62 15.90 8.13
C SER A 437 1.41 17.25 8.84
N TYR A 438 2.50 18.06 8.94
CA TYR A 438 2.45 19.41 9.55
C TYR A 438 1.69 20.38 8.64
N ALA A 439 1.72 20.14 7.32
CA ALA A 439 0.99 20.96 6.35
C ALA A 439 -0.53 20.82 6.57
N ALA A 440 -0.97 19.58 6.93
CA ALA A 440 -2.38 19.32 7.31
C ALA A 440 -2.71 20.06 8.62
N ALA A 441 -1.78 19.93 9.58
CA ALA A 441 -1.86 20.55 10.90
C ALA A 441 -2.12 22.06 10.79
N LYS A 442 -1.25 22.71 10.02
CA LYS A 442 -1.16 24.16 9.88
C LYS A 442 -2.35 24.73 9.08
N SER A 443 -2.91 23.92 8.16
CA SER A 443 -4.03 24.34 7.30
C SER A 443 -5.37 24.37 8.04
N SER A 444 -5.40 23.83 9.27
CA SER A 444 -6.55 23.95 10.17
C SER A 444 -6.60 25.39 10.76
N PRO A 445 -7.67 26.21 10.45
CA PRO A 445 -7.75 27.63 10.89
C PRO A 445 -7.89 27.78 12.42
N HIS A 446 -8.31 26.71 13.09
CA HIS A 446 -8.56 26.71 14.54
C HIS A 446 -7.26 26.90 15.35
N LEU A 447 -6.09 26.68 14.70
CA LEU A 447 -4.77 26.88 15.32
C LEU A 447 -4.51 28.34 15.72
N GLU A 448 -5.19 29.31 15.07
CA GLU A 448 -5.03 30.74 15.45
C GLU A 448 -6.11 31.17 16.47
N LEU A 449 -7.17 30.34 16.66
CA LEU A 449 -8.30 30.67 17.56
C LEU A 449 -7.84 30.60 19.03
N LEU A 450 -7.43 29.38 19.47
CA LEU A 450 -6.92 29.15 20.84
C LEU A 450 -5.63 29.95 21.09
N ARG A 451 -4.88 30.17 20.01
CA ARG A 451 -3.62 30.92 20.02
C ARG A 451 -3.86 32.39 20.40
N LYS A 452 -4.96 32.94 19.87
CA LYS A 452 -5.42 34.31 20.16
C LYS A 452 -5.94 34.40 21.61
N LYS A 453 -6.46 33.27 22.13
CA LYS A 453 -6.88 33.14 23.54
C LYS A 453 -5.64 33.07 24.47
N GLY A 454 -4.48 32.70 23.92
CA GLY A 454 -3.22 32.61 24.67
C GLY A 454 -2.96 31.22 25.23
N ILE A 455 -3.57 30.22 24.60
CA ILE A 455 -3.43 28.81 24.98
C ILE A 455 -2.31 28.18 24.10
N GLU A 456 -1.75 27.03 24.54
CA GLU A 456 -0.76 26.28 23.76
C GLU A 456 -1.33 24.88 23.40
N VAL A 457 -1.13 24.45 22.14
CA VAL A 457 -1.46 23.09 21.68
C VAL A 457 -0.23 22.51 20.96
N LEU A 458 0.25 21.37 21.46
CA LEU A 458 1.41 20.69 20.88
C LEU A 458 1.00 19.93 19.61
N LEU A 459 1.51 20.39 18.46
CA LEU A 459 1.28 19.73 17.16
C LEU A 459 2.28 18.58 16.99
N LEU A 460 1.84 17.36 17.34
CA LEU A 460 2.64 16.14 17.18
C LEU A 460 2.42 15.60 15.75
N SER A 461 3.12 16.24 14.79
CA SER A 461 3.01 15.91 13.35
C SER A 461 4.36 15.41 12.79
N ASP A 462 5.36 15.23 13.67
CA ASP A 462 6.63 14.58 13.35
C ASP A 462 6.46 13.07 13.44
N ARG A 463 7.14 12.32 12.56
CA ARG A 463 6.87 10.90 12.34
C ARG A 463 7.23 10.03 13.56
N ILE A 464 8.43 10.22 14.15
CA ILE A 464 8.99 9.28 15.16
C ILE A 464 8.30 9.41 16.55
N ASP A 465 7.57 10.54 16.73
CA ASP A 465 6.65 10.72 17.88
C ASP A 465 5.62 9.57 17.97
N GLU A 466 5.39 8.86 16.83
CA GLU A 466 4.50 7.67 16.75
C GLU A 466 4.85 6.64 17.83
N TRP A 467 6.15 6.31 17.92
CA TRP A 467 6.65 5.27 18.81
C TRP A 467 7.01 5.88 20.17
N MET A 468 7.72 7.01 20.17
CA MET A 468 8.32 7.57 21.41
C MET A 468 7.22 8.07 22.39
N MET A 469 6.16 8.69 21.83
CA MET A 469 5.04 9.24 22.63
C MET A 469 4.09 8.12 23.10
N ASN A 470 4.22 6.90 22.51
CA ASN A 470 3.51 5.70 22.97
C ASN A 470 3.91 5.35 24.42
N TYR A 471 5.16 5.72 24.78
CA TYR A 471 5.70 5.56 26.14
C TYR A 471 5.47 6.85 26.95
N LEU A 472 5.47 8.01 26.26
CA LEU A 472 5.22 9.32 26.90
C LEU A 472 3.69 9.49 27.12
N THR A 473 3.17 8.83 28.16
CA THR A 473 1.75 8.86 28.51
C THR A 473 1.43 10.01 29.48
N GLU A 474 2.45 10.44 30.26
CA GLU A 474 2.30 11.47 31.29
C GLU A 474 3.64 12.20 31.51
N PHE A 475 3.56 13.48 31.94
CA PHE A 475 4.71 14.30 32.32
C PHE A 475 4.32 15.21 33.50
N ASP A 476 5.18 15.18 34.56
CA ASP A 476 5.09 16.11 35.71
C ASP A 476 3.78 15.93 36.51
N GLY A 477 3.25 14.68 36.49
CA GLY A 477 1.98 14.33 37.14
C GLY A 477 0.75 14.74 36.32
N LYS A 478 0.96 15.55 35.28
CA LYS A 478 -0.10 16.06 34.42
C LYS A 478 -0.35 15.07 33.26
N PRO A 479 -1.56 14.43 33.19
CA PRO A 479 -1.87 13.43 32.15
C PRO A 479 -2.12 14.10 30.78
N PHE A 480 -1.83 13.35 29.71
CA PHE A 480 -2.00 13.81 28.32
C PHE A 480 -3.45 13.55 27.84
N GLN A 481 -4.00 14.51 27.06
CA GLN A 481 -5.39 14.46 26.54
C GLN A 481 -5.39 14.83 25.03
N SER A 482 -6.14 14.04 24.24
CA SER A 482 -6.20 14.16 22.76
C SER A 482 -7.30 15.14 22.31
N VAL A 483 -7.21 15.54 21.03
CA VAL A 483 -8.23 16.38 20.33
C VAL A 483 -9.53 15.57 20.05
N SER A 484 -9.47 14.24 20.27
CA SER A 484 -10.60 13.29 20.05
C SER A 484 -11.72 13.44 21.13
N LYS A 485 -11.66 14.51 21.93
CA LYS A 485 -12.68 14.87 22.93
C LYS A 485 -13.66 15.93 22.37
N VAL A 486 -14.43 16.57 23.28
CA VAL A 486 -15.53 17.50 22.94
C VAL A 486 -15.07 18.97 23.11
N ASP A 487 -15.32 19.77 22.05
CA ASP A 487 -14.91 21.19 21.97
C ASP A 487 -16.04 22.03 21.34
N GLU A 488 -15.98 22.26 19.99
CA GLU A 488 -16.98 23.06 19.25
C GLU A 488 -18.39 22.44 19.25
N SER A 489 -18.56 21.21 19.80
CA SER A 489 -19.86 20.47 19.84
C SER A 489 -21.03 21.30 20.45
N LEU A 490 -20.71 22.44 21.05
CA LEU A 490 -21.68 23.48 21.46
C LEU A 490 -22.12 24.37 20.22
N GLU A 491 -22.61 23.73 19.11
CA GLU A 491 -23.35 24.45 18.02
C GLU A 491 -24.63 25.13 18.57
N LYS A 492 -25.04 24.70 19.75
CA LYS A 492 -26.24 25.15 20.42
C LYS A 492 -25.91 26.39 21.31
N LEU A 493 -24.60 26.72 21.39
CA LEU A 493 -24.08 27.96 22.04
C LEU A 493 -23.47 28.87 20.94
N ALA A 494 -24.03 28.75 19.72
CA ALA A 494 -23.58 29.50 18.53
C ALA A 494 -24.46 30.75 18.29
N ASP A 495 -24.76 31.49 19.37
CA ASP A 495 -25.48 32.79 19.30
C ASP A 495 -24.49 33.93 18.95
N GLU A 496 -23.31 33.92 19.61
CA GLU A 496 -22.27 34.98 19.48
C GLU A 496 -21.32 34.68 18.30
N VAL A 497 -21.89 34.70 17.09
CA VAL A 497 -21.24 34.21 15.85
C VAL A 497 -21.31 35.27 14.73
N ASP A 498 -20.49 36.32 14.85
CA ASP A 498 -20.47 37.48 13.91
C ASP A 498 -21.80 38.25 14.00
N GLU A 499 -22.85 37.70 13.37
CA GLU A 499 -24.23 38.17 13.53
C GLU A 499 -25.24 37.02 13.20
N SER A 500 -24.72 35.88 12.70
CA SER A 500 -25.51 34.80 12.09
C SER A 500 -26.63 34.28 13.02
N ALA A 501 -27.82 34.81 12.77
CA ALA A 501 -29.01 34.59 13.59
C ALA A 501 -30.26 34.79 12.71
N LYS A 502 -31.37 35.25 13.30
CA LYS A 502 -32.70 35.34 12.64
C LYS A 502 -32.66 36.02 11.25
N GLU A 503 -31.93 37.14 11.13
CA GLU A 503 -31.93 37.96 9.89
C GLU A 503 -31.26 37.21 8.72
N ALA A 504 -30.24 36.42 9.06
CA ALA A 504 -29.57 35.51 8.11
C ALA A 504 -30.51 34.36 7.73
N GLU A 505 -31.12 33.74 8.75
CA GLU A 505 -32.01 32.56 8.59
C GLU A 505 -33.17 32.87 7.64
N LYS A 506 -33.79 34.06 7.81
CA LYS A 506 -34.98 34.48 7.01
C LYS A 506 -34.70 34.48 5.49
N ALA A 507 -33.43 34.72 5.13
CA ALA A 507 -32.97 34.77 3.72
C ALA A 507 -32.49 33.39 3.25
N LEU A 508 -31.89 32.64 4.18
CA LEU A 508 -31.22 31.36 3.90
C LEU A 508 -32.15 30.15 4.04
N THR A 509 -33.32 30.29 4.68
CA THR A 509 -34.25 29.15 4.90
C THR A 509 -34.83 28.58 3.56
N PRO A 510 -35.26 29.43 2.56
CA PRO A 510 -35.58 28.91 1.19
C PRO A 510 -34.36 28.23 0.57
N PHE A 511 -33.16 28.82 0.78
CA PHE A 511 -31.89 28.25 0.31
C PHE A 511 -31.60 26.86 0.94
N ILE A 512 -31.93 26.65 2.24
CA ILE A 512 -31.65 25.37 2.96
C ILE A 512 -32.45 24.24 2.30
N ASP A 513 -33.76 24.48 2.16
CA ASP A 513 -34.71 23.52 1.60
C ASP A 513 -34.35 23.21 0.12
N ARG A 514 -33.85 24.25 -0.56
CA ARG A 514 -33.47 24.20 -1.98
C ARG A 514 -32.22 23.31 -2.18
N VAL A 515 -31.29 23.40 -1.21
CA VAL A 515 -30.09 22.55 -1.17
C VAL A 515 -30.49 21.08 -0.97
N LYS A 516 -31.49 20.83 -0.11
CA LYS A 516 -32.06 19.48 0.11
C LYS A 516 -32.72 18.94 -1.19
N ALA A 517 -33.32 19.85 -1.98
CA ALA A 517 -33.95 19.52 -3.26
C ALA A 517 -32.90 19.16 -4.33
N LEU A 518 -31.73 19.80 -4.23
CA LEU A 518 -30.60 19.61 -5.18
C LEU A 518 -29.86 18.28 -4.88
N LEU A 519 -29.67 18.00 -3.58
CA LEU A 519 -28.85 16.84 -3.12
C LEU A 519 -29.69 15.56 -3.02
N GLY A 520 -30.99 15.70 -2.75
CA GLY A 520 -31.89 14.55 -2.62
C GLY A 520 -31.56 13.68 -1.42
N GLU A 521 -31.02 12.47 -1.67
CA GLU A 521 -30.65 11.49 -0.62
C GLU A 521 -29.13 11.32 -0.52
N ARG A 522 -28.36 12.35 -0.89
CA ARG A 522 -26.91 12.41 -0.57
C ARG A 522 -26.70 12.62 0.94
N VAL A 523 -27.67 13.34 1.54
CA VAL A 523 -27.62 13.80 2.94
C VAL A 523 -28.97 13.50 3.62
N LYS A 524 -28.95 13.28 4.94
CA LYS A 524 -30.18 13.17 5.76
C LYS A 524 -31.00 14.46 5.68
N ASP A 525 -30.34 15.55 6.11
CA ASP A 525 -30.96 16.85 6.34
C ASP A 525 -29.88 17.94 6.28
N VAL A 526 -30.21 19.08 5.66
CA VAL A 526 -29.29 20.21 5.53
C VAL A 526 -29.69 21.30 6.53
N ARG A 527 -28.69 21.93 7.15
CA ARG A 527 -28.88 22.98 8.17
C ARG A 527 -27.90 24.14 7.89
N LEU A 528 -28.19 25.31 8.48
CA LEU A 528 -27.27 26.45 8.50
C LEU A 528 -26.85 26.69 9.96
N THR A 529 -25.74 26.05 10.38
CA THR A 529 -25.14 26.26 11.72
C THR A 529 -24.07 27.35 11.61
N HIS A 530 -23.40 27.70 12.73
CA HIS A 530 -22.58 28.92 12.78
C HIS A 530 -21.14 28.62 13.25
N ARG A 531 -20.46 27.79 12.45
CA ARG A 531 -19.01 27.50 12.61
C ARG A 531 -18.22 28.55 11.82
N LEU A 532 -17.64 29.54 12.54
CA LEU A 532 -16.95 30.71 11.94
C LEU A 532 -15.85 30.23 10.95
N THR A 533 -14.74 29.68 11.52
CA THR A 533 -13.64 28.94 10.81
C THR A 533 -13.23 29.58 9.43
N ASP A 534 -12.60 28.80 8.52
CA ASP A 534 -12.43 29.21 7.10
C ASP A 534 -13.05 28.12 6.19
N THR A 535 -13.61 27.07 6.82
CA THR A 535 -14.35 26.02 6.13
C THR A 535 -15.77 26.55 5.82
N PRO A 536 -16.22 26.55 4.52
CA PRO A 536 -17.49 27.20 4.11
C PRO A 536 -18.72 26.43 4.61
N ALA A 537 -18.53 25.12 4.79
CA ALA A 537 -19.54 24.21 5.26
C ALA A 537 -18.86 23.05 5.98
N ILE A 538 -19.50 22.55 7.03
CA ILE A 538 -18.97 21.47 7.87
C ILE A 538 -20.08 20.40 8.04
N VAL A 539 -19.67 19.15 8.01
CA VAL A 539 -20.59 18.01 8.21
C VAL A 539 -20.58 17.56 9.68
N SER A 540 -21.66 16.86 10.10
CA SER A 540 -21.87 16.46 11.51
C SER A 540 -22.19 14.96 11.59
N THR A 541 -21.75 14.32 12.70
CA THR A 541 -21.86 12.85 12.91
C THR A 541 -22.50 12.51 14.27
N ASP A 542 -23.06 11.29 14.35
CA ASP A 542 -23.60 10.71 15.61
C ASP A 542 -22.48 9.91 16.30
N ALA A 543 -22.16 8.73 15.75
CA ALA A 543 -21.20 7.77 16.33
C ALA A 543 -19.94 7.68 15.44
N ASP A 544 -19.27 6.50 15.41
CA ASP A 544 -18.04 6.25 14.63
C ASP A 544 -18.25 6.58 13.13
N GLU A 545 -17.84 7.83 12.74
CA GLU A 545 -18.00 8.37 11.37
C GLU A 545 -19.47 8.30 10.97
N MET A 546 -20.32 8.77 11.92
CA MET A 546 -21.78 8.63 11.91
C MET A 546 -22.14 7.17 12.26
N SER A 547 -21.85 6.25 11.34
CA SER A 547 -22.29 4.87 11.42
C SER A 547 -21.47 3.94 10.50
N THR A 548 -20.24 4.38 10.15
CA THR A 548 -19.36 3.64 9.21
C THR A 548 -18.53 2.57 9.97
N GLN A 549 -18.87 2.31 11.27
CA GLN A 549 -18.19 1.30 12.13
C GLN A 549 -19.06 0.95 13.37
N MET A 550 -19.98 -0.05 13.22
CA MET A 550 -20.67 -0.77 14.34
C MET A 550 -21.70 -1.76 13.76
N ALA A 551 -22.16 -2.72 14.59
CA ALA A 551 -23.07 -3.82 14.19
C ALA A 551 -24.43 -3.30 13.66
N LYS A 552 -25.21 -2.63 14.54
CA LYS A 552 -26.55 -2.09 14.21
C LYS A 552 -26.48 -1.10 13.06
N LEU A 553 -25.40 -0.32 13.07
CA LEU A 553 -25.17 0.76 12.12
C LEU A 553 -25.03 0.19 10.70
N PHE A 554 -24.20 -0.86 10.53
CA PHE A 554 -24.07 -1.57 9.23
C PHE A 554 -25.30 -2.43 8.89
N ALA A 555 -26.08 -2.78 9.92
CA ALA A 555 -27.33 -3.57 9.78
C ALA A 555 -28.54 -2.67 9.45
N ALA A 556 -28.29 -1.40 9.10
CA ALA A 556 -29.34 -0.47 8.68
C ALA A 556 -29.89 -0.88 7.30
N ALA A 557 -29.05 -0.74 6.25
CA ALA A 557 -29.40 -1.16 4.87
C ALA A 557 -28.22 -1.88 4.17
N GLY A 558 -27.01 -1.78 4.75
CA GLY A 558 -25.81 -2.40 4.17
C GLY A 558 -25.13 -1.52 3.12
N GLN A 559 -25.94 -0.98 2.16
CA GLN A 559 -25.45 -0.08 1.10
C GLN A 559 -24.98 1.24 1.74
N LYS A 560 -23.68 1.29 2.06
CA LYS A 560 -22.94 2.42 2.72
C LYS A 560 -23.57 2.89 4.04
N VAL A 561 -24.68 2.26 4.48
CA VAL A 561 -25.58 2.74 5.56
C VAL A 561 -26.22 4.12 5.19
N PRO A 562 -27.58 4.25 5.22
CA PRO A 562 -28.27 5.56 5.01
C PRO A 562 -27.86 6.60 6.07
N GLU A 563 -27.64 6.12 7.30
CA GLU A 563 -27.19 6.95 8.43
C GLU A 563 -25.78 7.56 8.19
N VAL A 564 -24.90 6.86 7.43
CA VAL A 564 -23.51 7.35 7.11
C VAL A 564 -23.54 8.66 6.29
N LYS A 565 -24.69 8.96 5.67
CA LYS A 565 -24.90 10.24 4.99
C LYS A 565 -24.92 11.36 6.07
N TYR A 566 -23.82 12.14 6.14
CA TYR A 566 -23.59 13.15 7.20
C TYR A 566 -24.61 14.30 7.12
N ILE A 567 -24.72 15.09 8.20
CA ILE A 567 -25.59 16.27 8.25
C ILE A 567 -24.83 17.45 7.60
N PHE A 568 -25.30 17.90 6.44
CA PHE A 568 -24.65 18.98 5.68
C PHE A 568 -25.05 20.34 6.28
N GLU A 569 -24.12 20.93 7.03
CA GLU A 569 -24.32 22.23 7.68
C GLU A 569 -23.42 23.29 7.00
N LEU A 570 -23.99 24.47 6.69
CA LEU A 570 -23.26 25.60 6.08
C LEU A 570 -23.19 26.75 7.09
N ASN A 571 -22.31 27.75 6.88
CA ASN A 571 -22.16 28.90 7.80
C ASN A 571 -22.59 30.21 7.10
N PRO A 572 -23.65 30.93 7.60
CA PRO A 572 -24.13 32.21 7.00
C PRO A 572 -23.02 33.26 6.77
N ASP A 573 -22.24 33.57 7.83
CA ASP A 573 -21.23 34.65 7.78
C ASP A 573 -19.99 34.29 6.93
N HIS A 574 -20.00 33.10 6.28
CA HIS A 574 -18.94 32.72 5.34
C HIS A 574 -19.28 33.28 3.93
N VAL A 575 -18.30 33.95 3.30
CA VAL A 575 -18.47 34.67 2.01
C VAL A 575 -18.90 33.71 0.87
N LEU A 576 -18.36 32.48 0.88
CA LEU A 576 -18.70 31.43 -0.13
C LEU A 576 -20.19 31.03 -0.06
N VAL A 577 -20.80 31.07 1.14
CA VAL A 577 -22.23 30.72 1.34
C VAL A 577 -23.13 31.87 0.85
N LYS A 578 -22.69 33.12 1.07
CA LYS A 578 -23.38 34.34 0.57
C LYS A 578 -23.39 34.35 -0.97
N ARG A 579 -22.24 33.99 -1.56
CA ARG A 579 -22.04 33.93 -3.02
C ARG A 579 -22.81 32.74 -3.62
N ALA A 580 -22.99 31.67 -2.81
CA ALA A 580 -23.78 30.47 -3.20
C ALA A 580 -25.29 30.71 -3.09
N ALA A 581 -25.68 31.60 -2.16
CA ALA A 581 -27.10 31.94 -1.89
C ALA A 581 -27.63 32.96 -2.90
N ASP A 582 -26.71 33.79 -3.42
CA ASP A 582 -27.01 34.76 -4.49
C ASP A 582 -27.29 34.02 -5.82
N THR A 583 -26.73 32.81 -5.94
CA THR A 583 -26.91 31.97 -7.13
C THR A 583 -28.26 31.25 -7.04
N GLU A 584 -29.26 31.78 -7.78
CA GLU A 584 -30.62 31.24 -7.80
C GLU A 584 -30.74 30.09 -8.82
N ASP A 585 -30.18 30.33 -10.02
CA ASP A 585 -30.26 29.39 -11.17
C ASP A 585 -29.59 28.04 -10.87
N GLU A 586 -30.37 26.94 -11.03
CA GLU A 586 -29.99 25.55 -10.69
C GLU A 586 -28.68 25.09 -11.39
N ALA A 587 -28.34 25.73 -12.52
CA ALA A 587 -27.11 25.43 -13.26
C ALA A 587 -25.86 25.64 -12.39
N LYS A 588 -25.64 26.88 -11.91
CA LYS A 588 -24.49 27.22 -11.04
C LYS A 588 -24.79 26.98 -9.57
N PHE A 589 -26.10 26.84 -9.23
CA PHE A 589 -26.53 26.50 -7.86
C PHE A 589 -25.94 25.15 -7.47
N SER A 590 -26.06 24.16 -8.37
CA SER A 590 -25.48 22.82 -8.19
C SER A 590 -23.94 22.85 -8.09
N GLU A 591 -23.30 23.80 -8.84
CA GLU A 591 -21.83 24.04 -8.77
C GLU A 591 -21.40 24.32 -7.31
N TRP A 592 -22.03 25.35 -6.70
CA TRP A 592 -21.68 25.83 -5.35
C TRP A 592 -22.11 24.83 -4.25
N VAL A 593 -23.31 24.26 -4.38
CA VAL A 593 -23.91 23.38 -3.34
C VAL A 593 -23.10 22.08 -3.16
N GLU A 594 -22.81 21.40 -4.28
CA GLU A 594 -22.04 20.13 -4.27
C GLU A 594 -20.54 20.38 -4.00
N LEU A 595 -20.08 21.61 -4.27
CA LEU A 595 -18.72 22.07 -3.90
C LEU A 595 -18.56 22.01 -2.37
N LEU A 596 -19.40 22.79 -1.66
CA LEU A 596 -19.37 22.88 -0.18
C LEU A 596 -19.66 21.50 0.46
N LEU A 597 -20.54 20.71 -0.19
CA LEU A 597 -20.94 19.37 0.31
C LEU A 597 -19.76 18.41 0.38
N ASP A 598 -19.21 18.09 -0.79
CA ASP A 598 -18.25 17.00 -0.95
C ASP A 598 -16.88 17.41 -0.37
N GLN A 599 -16.65 18.74 -0.24
CA GLN A 599 -15.50 19.33 0.48
C GLN A 599 -15.60 19.05 2.00
N ALA A 600 -16.79 19.31 2.58
CA ALA A 600 -17.06 19.08 4.01
C ALA A 600 -16.95 17.58 4.34
N LEU A 601 -17.54 16.77 3.46
CA LEU A 601 -17.56 15.29 3.55
C LEU A 601 -16.09 14.77 3.60
N LEU A 602 -15.25 15.33 2.71
CA LEU A 602 -13.79 15.07 2.64
C LEU A 602 -13.09 15.37 3.99
N ALA A 603 -13.56 16.43 4.67
CA ALA A 603 -12.97 16.88 5.94
C ALA A 603 -13.17 15.81 7.05
N GLU A 604 -14.32 15.10 7.02
CA GLU A 604 -14.70 14.17 8.11
C GLU A 604 -14.74 12.68 7.63
N ARG A 605 -14.24 12.42 6.40
CA ARG A 605 -14.14 11.03 5.84
C ARG A 605 -12.74 10.76 5.25
N GLY A 606 -12.20 11.73 4.51
CA GLY A 606 -11.00 11.53 3.71
C GLY A 606 -11.28 10.79 2.39
N THR A 607 -12.57 10.76 2.00
CA THR A 607 -13.06 10.11 0.76
C THR A 607 -14.24 10.91 0.21
N LEU A 608 -14.35 10.97 -1.13
CA LEU A 608 -15.42 11.71 -1.83
C LEU A 608 -16.51 10.73 -2.30
N GLU A 609 -17.78 11.09 -2.05
CA GLU A 609 -18.94 10.32 -2.56
C GLU A 609 -19.34 10.78 -3.97
N ASP A 610 -19.07 12.07 -4.29
CA ASP A 610 -19.24 12.61 -5.67
C ASP A 610 -17.93 13.30 -6.13
N PRO A 611 -16.82 12.52 -6.41
CA PRO A 611 -15.51 13.12 -6.79
C PRO A 611 -15.54 13.73 -8.19
N ASN A 612 -16.16 13.02 -9.14
CA ASN A 612 -16.22 13.42 -10.56
C ASN A 612 -16.93 14.77 -10.71
N LEU A 613 -18.03 14.94 -9.95
CA LEU A 613 -18.87 16.15 -10.01
C LEU A 613 -18.15 17.32 -9.32
N PHE A 614 -17.70 17.10 -8.08
CA PHE A 614 -16.97 18.12 -7.26
C PHE A 614 -15.79 18.76 -8.02
N ILE A 615 -14.98 17.89 -8.64
CA ILE A 615 -13.76 18.31 -9.37
C ILE A 615 -14.12 18.94 -10.71
N ARG A 616 -15.21 18.47 -11.35
CA ARG A 616 -15.78 19.11 -12.58
C ARG A 616 -16.21 20.56 -12.28
N ARG A 617 -16.82 20.76 -11.11
CA ARG A 617 -17.36 22.05 -10.67
C ARG A 617 -16.22 23.00 -10.26
N MET A 618 -15.17 22.42 -9.64
CA MET A 618 -13.95 23.16 -9.26
C MET A 618 -13.24 23.71 -10.52
N ASN A 619 -13.03 22.83 -11.51
CA ASN A 619 -12.40 23.17 -12.80
C ASN A 619 -13.23 24.20 -13.57
N GLN A 620 -14.57 24.11 -13.43
CA GLN A 620 -15.52 25.04 -14.06
C GLN A 620 -15.32 26.45 -13.47
N LEU A 621 -15.34 26.55 -12.12
CA LEU A 621 -15.19 27.83 -11.39
C LEU A 621 -13.79 28.46 -11.60
N LEU A 622 -12.79 27.61 -11.94
CA LEU A 622 -11.41 28.07 -12.23
C LEU A 622 -11.31 28.71 -13.64
N VAL A 623 -12.05 28.18 -14.62
CA VAL A 623 -12.08 28.74 -15.99
C VAL A 623 -13.16 29.85 -16.14
N SER A 624 -14.14 29.85 -15.23
CA SER A 624 -15.27 30.80 -15.24
C SER A 624 -14.79 32.18 -14.74
N MET B 1 -17.03 -2.00 4.15
CA MET B 1 -17.90 -1.64 3.00
C MET B 1 -17.07 -0.83 1.99
N LYS B 2 -16.63 0.38 2.40
CA LYS B 2 -15.72 1.23 1.61
C LYS B 2 -14.89 2.12 2.57
N GLY B 3 -13.75 2.62 2.07
CA GLY B 3 -12.88 3.50 2.85
C GLY B 3 -11.45 3.49 2.32
N GLN B 4 -10.47 3.69 3.23
CA GLN B 4 -9.03 3.63 2.90
C GLN B 4 -8.64 2.17 2.65
N GLU B 5 -9.23 1.29 3.48
CA GLU B 5 -9.06 -0.16 3.38
C GLU B 5 -10.37 -0.84 3.77
N THR B 6 -10.79 -1.82 2.95
CA THR B 6 -11.99 -2.63 3.22
C THR B 6 -11.80 -4.05 2.63
N ARG B 7 -10.55 -4.39 2.25
CA ARG B 7 -10.20 -5.70 1.66
C ARG B 7 -10.38 -6.82 2.71
N GLY B 8 -11.30 -7.73 2.41
CA GLY B 8 -11.62 -8.88 3.26
C GLY B 8 -12.46 -9.90 2.51
N PHE B 9 -12.67 -11.06 3.12
CA PHE B 9 -13.42 -12.18 2.50
C PHE B 9 -14.80 -12.34 3.16
N GLN B 10 -15.71 -13.06 2.46
CA GLN B 10 -17.05 -13.35 2.97
C GLN B 10 -16.98 -14.35 4.13
N SER B 11 -17.68 -14.05 5.23
CA SER B 11 -17.84 -14.95 6.38
C SER B 11 -18.55 -16.25 5.95
N GLU B 12 -17.83 -17.37 6.02
CA GLU B 12 -18.30 -18.68 5.55
C GLU B 12 -19.15 -19.33 6.66
N VAL B 13 -20.41 -18.88 6.77
CA VAL B 13 -21.39 -19.35 7.79
C VAL B 13 -22.77 -19.55 7.15
N LYS B 14 -23.67 -20.18 7.94
CA LYS B 14 -25.12 -20.27 7.62
C LYS B 14 -25.41 -21.17 6.38
N GLN B 15 -24.42 -22.01 5.99
CA GLN B 15 -24.56 -22.91 4.82
C GLN B 15 -25.62 -24.00 5.12
N LEU B 16 -25.35 -24.82 6.14
CA LEU B 16 -26.26 -25.91 6.60
C LEU B 16 -27.61 -25.32 7.06
N LEU B 17 -27.55 -24.14 7.70
CA LEU B 17 -28.73 -23.44 8.22
C LEU B 17 -29.67 -23.01 7.07
N HIS B 18 -29.07 -22.71 5.89
CA HIS B 18 -29.83 -22.30 4.68
C HIS B 18 -30.48 -23.51 4.00
N LEU B 19 -29.82 -24.68 4.14
CA LEU B 19 -30.31 -25.94 3.55
C LEU B 19 -31.53 -26.45 4.32
N MET B 20 -31.43 -26.38 5.66
CA MET B 20 -32.44 -26.89 6.62
C MET B 20 -33.83 -26.23 6.44
N ILE B 21 -33.83 -24.97 5.98
CA ILE B 21 -35.08 -24.20 5.75
C ILE B 21 -35.93 -24.88 4.64
N HIS B 22 -35.25 -25.38 3.59
CA HIS B 22 -35.89 -26.01 2.42
C HIS B 22 -35.94 -27.57 2.56
N SER B 23 -35.18 -28.12 3.54
CA SER B 23 -35.15 -29.58 3.82
C SER B 23 -36.52 -30.11 4.28
N LEU B 24 -37.34 -29.24 4.91
CA LEU B 24 -38.72 -29.57 5.34
C LEU B 24 -39.59 -29.74 4.06
N TYR B 25 -39.56 -28.68 3.22
CA TYR B 25 -40.20 -28.63 1.89
C TYR B 25 -41.75 -28.73 1.99
N SER B 26 -42.28 -28.61 3.23
CA SER B 26 -43.71 -28.71 3.58
C SER B 26 -44.33 -30.08 3.22
N ASN B 27 -43.49 -31.15 3.13
CA ASN B 27 -43.99 -32.51 2.77
C ASN B 27 -43.42 -33.57 3.73
N LYS B 28 -42.17 -33.35 4.20
CA LYS B 28 -41.41 -34.23 5.15
C LYS B 28 -40.83 -35.47 4.42
N GLU B 29 -41.67 -36.16 3.62
CA GLU B 29 -41.32 -37.38 2.82
C GLU B 29 -40.12 -37.17 1.86
N ILE B 30 -39.74 -35.90 1.67
CA ILE B 30 -38.50 -35.49 0.97
C ILE B 30 -37.24 -36.18 1.58
N PHE B 31 -37.33 -36.59 2.87
CA PHE B 31 -36.20 -37.26 3.57
C PHE B 31 -35.78 -38.54 2.84
N LEU B 32 -36.77 -39.26 2.27
CA LEU B 32 -36.50 -40.50 1.52
C LEU B 32 -35.76 -40.19 0.22
N ARG B 33 -35.93 -38.98 -0.38
CA ARG B 33 -35.17 -38.57 -1.59
C ARG B 33 -33.67 -38.61 -1.30
N GLU B 34 -33.24 -37.85 -0.27
CA GLU B 34 -31.83 -37.76 0.10
C GLU B 34 -31.31 -39.13 0.55
N LEU B 35 -32.03 -39.78 1.49
CA LEU B 35 -31.61 -41.08 2.11
C LEU B 35 -31.33 -42.17 1.06
N ILE B 36 -32.26 -42.35 0.09
CA ILE B 36 -32.08 -43.34 -1.00
C ILE B 36 -30.90 -42.91 -1.90
N SER B 37 -30.85 -41.60 -2.25
CA SER B 37 -29.76 -41.02 -3.07
C SER B 37 -28.40 -41.12 -2.36
N ASN B 38 -28.41 -41.19 -1.00
CA ASN B 38 -27.20 -41.34 -0.18
C ASN B 38 -26.67 -42.77 -0.30
N ALA B 39 -27.60 -43.72 -0.47
CA ALA B 39 -27.28 -45.15 -0.62
C ALA B 39 -26.86 -45.44 -2.06
N SER B 40 -27.50 -44.74 -3.01
CA SER B 40 -27.20 -44.83 -4.45
C SER B 40 -25.81 -44.26 -4.75
N ASP B 41 -25.46 -43.21 -4.00
CA ASP B 41 -24.16 -42.54 -4.11
C ASP B 41 -23.08 -43.40 -3.43
N ALA B 42 -23.42 -43.99 -2.27
CA ALA B 42 -22.53 -44.91 -1.52
C ALA B 42 -22.21 -46.17 -2.34
N ALA B 43 -23.19 -46.63 -3.13
CA ALA B 43 -23.04 -47.79 -4.02
C ALA B 43 -21.96 -47.54 -5.08
N ASP B 44 -22.02 -46.37 -5.75
CA ASP B 44 -21.06 -46.01 -6.79
C ASP B 44 -19.66 -45.73 -6.19
N LYS B 45 -19.63 -45.21 -4.93
CA LYS B 45 -18.37 -45.05 -4.16
C LYS B 45 -17.65 -46.40 -3.96
N LEU B 46 -18.45 -47.49 -3.77
CA LEU B 46 -17.91 -48.85 -3.68
C LEU B 46 -17.33 -49.31 -5.02
N ARG B 47 -17.97 -48.89 -6.13
CA ARG B 47 -17.50 -49.24 -7.48
C ARG B 47 -16.08 -48.70 -7.72
N PHE B 48 -15.78 -47.50 -7.19
CA PHE B 48 -14.41 -46.92 -7.25
C PHE B 48 -13.43 -47.73 -6.39
N ARG B 49 -13.84 -48.01 -5.14
CA ARG B 49 -13.02 -48.82 -4.21
C ARG B 49 -12.75 -50.22 -4.79
N ALA B 50 -13.70 -50.73 -5.56
CA ALA B 50 -13.61 -52.04 -6.22
C ALA B 50 -12.55 -52.01 -7.34
N LEU B 51 -12.41 -50.84 -7.99
CA LEU B 51 -11.34 -50.60 -8.99
C LEU B 51 -9.96 -50.55 -8.32
N SER B 52 -9.96 -50.28 -7.00
CA SER B 52 -8.74 -50.18 -6.20
C SER B 52 -8.46 -51.51 -5.46
N ASN B 53 -9.50 -52.38 -5.38
CA ASN B 53 -9.44 -53.67 -4.65
C ASN B 53 -10.76 -54.46 -4.94
N PRO B 54 -10.77 -55.38 -5.95
CA PRO B 54 -12.02 -56.06 -6.43
C PRO B 54 -12.84 -56.82 -5.34
N ASP B 55 -12.14 -57.47 -4.39
CA ASP B 55 -12.77 -58.34 -3.37
C ASP B 55 -13.58 -57.57 -2.30
N LEU B 56 -13.67 -56.23 -2.45
CA LEU B 56 -14.54 -55.37 -1.61
C LEU B 56 -16.04 -55.59 -1.92
N TYR B 57 -16.34 -56.25 -3.07
CA TYR B 57 -17.69 -56.80 -3.33
C TYR B 57 -18.01 -57.93 -2.35
N GLU B 58 -16.96 -58.56 -1.78
CA GLU B 58 -17.03 -59.36 -0.52
C GLU B 58 -18.00 -60.57 -0.64
N GLY B 59 -18.16 -61.06 -1.88
CA GLY B 59 -19.10 -62.15 -2.18
C GLY B 59 -20.43 -61.61 -2.70
N ASP B 60 -21.05 -60.70 -1.92
CA ASP B 60 -22.32 -60.06 -2.28
C ASP B 60 -22.04 -58.80 -3.13
N GLY B 61 -21.79 -59.01 -4.44
CA GLY B 61 -21.45 -57.92 -5.36
C GLY B 61 -22.66 -57.28 -6.03
N GLU B 62 -23.86 -57.87 -5.80
CA GLU B 62 -25.14 -57.29 -6.24
C GLU B 62 -25.47 -56.06 -5.37
N LEU B 63 -25.03 -54.86 -5.82
CA LEU B 63 -25.31 -53.60 -5.12
C LEU B 63 -26.81 -53.29 -5.17
N ARG B 64 -27.35 -52.75 -4.06
CA ARG B 64 -28.80 -52.60 -3.79
C ARG B 64 -29.03 -51.84 -2.46
N VAL B 65 -30.26 -51.39 -2.26
CA VAL B 65 -30.69 -50.78 -0.98
C VAL B 65 -32.12 -51.25 -0.64
N ARG B 66 -32.28 -51.73 0.60
CA ARG B 66 -33.50 -52.41 1.06
C ARG B 66 -34.15 -51.64 2.22
N VAL B 67 -35.29 -51.00 1.90
CA VAL B 67 -36.07 -50.22 2.86
C VAL B 67 -37.00 -51.17 3.63
N SER B 68 -36.71 -51.38 4.92
CA SER B 68 -37.46 -52.26 5.80
C SER B 68 -38.13 -51.42 6.89
N PHE B 69 -39.31 -51.87 7.35
CA PHE B 69 -40.09 -51.18 8.39
C PHE B 69 -41.05 -52.16 9.06
N ASP B 70 -41.11 -52.13 10.39
CA ASP B 70 -42.12 -52.89 11.14
C ASP B 70 -43.20 -51.92 11.63
N LYS B 71 -44.45 -52.37 11.51
CA LYS B 71 -45.64 -51.59 11.77
C LYS B 71 -45.82 -51.44 13.29
N ASP B 72 -45.53 -52.54 14.00
CA ASP B 72 -45.60 -52.62 15.48
C ASP B 72 -44.44 -51.82 16.13
N LYS B 73 -43.22 -52.07 15.64
CA LYS B 73 -41.98 -51.49 16.21
C LYS B 73 -41.85 -49.99 15.91
N ARG B 74 -42.52 -49.53 14.82
CA ARG B 74 -42.52 -48.12 14.37
C ARG B 74 -41.10 -47.65 14.01
N THR B 75 -40.30 -48.56 13.42
CA THR B 75 -38.95 -48.24 12.94
C THR B 75 -38.85 -48.49 11.44
N LEU B 76 -38.36 -47.48 10.73
CA LEU B 76 -37.94 -47.56 9.34
C LEU B 76 -36.42 -47.87 9.32
N THR B 77 -35.93 -48.48 8.23
CA THR B 77 -34.51 -48.86 8.08
C THR B 77 -34.12 -48.83 6.61
N ILE B 78 -33.15 -47.99 6.25
CA ILE B 78 -32.56 -47.94 4.91
C ILE B 78 -31.27 -48.77 4.97
N SER B 79 -31.31 -49.97 4.37
CA SER B 79 -30.20 -50.92 4.39
C SER B 79 -29.44 -50.83 3.06
N ASP B 80 -28.42 -49.97 3.06
CA ASP B 80 -27.46 -49.86 1.95
C ASP B 80 -26.41 -50.96 2.09
N ASN B 81 -26.06 -51.63 0.98
CA ASN B 81 -24.98 -52.65 0.99
C ASN B 81 -23.74 -52.14 0.21
N GLY B 82 -23.70 -50.83 -0.05
CA GLY B 82 -22.63 -50.20 -0.84
C GLY B 82 -21.28 -50.16 -0.12
N VAL B 83 -20.59 -49.00 -0.20
CA VAL B 83 -19.27 -48.82 0.44
C VAL B 83 -19.39 -48.93 1.97
N GLY B 84 -20.54 -48.47 2.50
CA GLY B 84 -20.69 -48.24 3.92
C GLY B 84 -19.96 -46.99 4.34
N MET B 85 -19.58 -46.91 5.61
CA MET B 85 -18.71 -45.86 6.13
C MET B 85 -17.77 -46.47 7.16
N THR B 86 -16.48 -46.16 7.04
CA THR B 86 -15.46 -46.53 8.05
C THR B 86 -15.51 -45.50 9.19
N ARG B 87 -14.77 -45.73 10.30
CA ARG B 87 -14.81 -44.88 11.52
C ARG B 87 -14.49 -43.42 11.19
N ASP B 88 -13.45 -43.23 10.36
CA ASP B 88 -13.03 -41.91 9.87
C ASP B 88 -14.12 -41.28 8.95
N GLU B 89 -14.76 -42.11 8.12
CA GLU B 89 -15.82 -41.67 7.19
C GLU B 89 -17.13 -41.31 7.93
N VAL B 90 -17.30 -41.80 9.17
CA VAL B 90 -18.45 -41.44 10.04
C VAL B 90 -18.19 -40.11 10.79
N ILE B 91 -16.99 -39.98 11.37
CA ILE B 91 -16.61 -38.79 12.18
C ILE B 91 -16.47 -37.54 11.29
N ASP B 92 -15.77 -37.71 10.15
CA ASP B 92 -15.52 -36.62 9.16
C ASP B 92 -16.74 -36.34 8.25
N HIS B 93 -17.88 -36.97 8.54
CA HIS B 93 -19.13 -36.80 7.79
C HIS B 93 -20.31 -36.51 8.73
N LEU B 94 -20.82 -37.55 9.44
CA LEU B 94 -21.98 -37.41 10.34
C LEU B 94 -21.63 -36.48 11.52
N GLY B 95 -20.45 -36.73 12.10
CA GLY B 95 -19.92 -35.91 13.19
C GLY B 95 -19.72 -34.44 12.80
N THR B 96 -19.41 -34.20 11.51
CA THR B 96 -19.19 -32.84 10.98
C THR B 96 -20.50 -32.17 10.51
N ILE B 97 -21.59 -32.97 10.41
CA ILE B 97 -22.94 -32.41 10.24
C ILE B 97 -23.43 -31.92 11.61
N ALA B 98 -23.07 -32.70 12.65
CA ALA B 98 -23.28 -32.35 14.07
C ALA B 98 -22.10 -31.46 14.56
N LYS B 99 -21.93 -31.34 15.88
CA LYS B 99 -20.89 -30.51 16.49
C LYS B 99 -19.50 -31.18 16.39
N SER B 100 -18.62 -30.66 15.49
CA SER B 100 -17.22 -31.12 15.32
C SER B 100 -16.26 -29.91 15.37
N GLY B 101 -16.37 -29.02 14.37
CA GLY B 101 -15.57 -27.78 14.32
C GLY B 101 -14.82 -27.61 13.00
N THR B 102 -15.53 -27.86 11.89
CA THR B 102 -14.95 -27.82 10.52
C THR B 102 -14.90 -26.40 9.94
N LYS B 103 -15.42 -25.39 10.71
CA LYS B 103 -15.61 -24.01 10.24
C LYS B 103 -16.74 -23.98 9.18
N SER B 104 -16.38 -24.33 7.93
CA SER B 104 -17.33 -24.43 6.81
C SER B 104 -16.71 -25.33 5.74
N PHE B 105 -15.39 -25.15 5.55
CA PHE B 105 -14.58 -25.97 4.64
C PHE B 105 -13.37 -26.51 5.42
N LEU B 106 -12.67 -25.60 6.12
CA LEU B 106 -11.51 -25.94 6.97
C LEU B 106 -11.11 -24.70 7.75
N GLU B 107 -10.78 -24.90 9.03
CA GLU B 107 -10.38 -23.85 9.98
C GLU B 107 -9.17 -23.01 9.48
N SER B 108 -8.21 -23.68 8.82
CA SER B 108 -6.89 -23.10 8.49
C SER B 108 -6.77 -22.68 7.00
N LEU B 109 -6.80 -23.67 6.06
CA LEU B 109 -6.62 -23.40 4.61
C LEU B 109 -7.98 -23.18 3.91
N GLY B 110 -9.08 -23.64 4.55
CA GLY B 110 -10.43 -23.47 4.00
C GLY B 110 -10.67 -24.22 2.70
N SER B 111 -10.06 -25.42 2.54
CA SER B 111 -10.22 -26.24 1.32
C SER B 111 -9.84 -27.72 1.56
N ASP B 112 -8.81 -27.99 2.40
CA ASP B 112 -8.29 -29.38 2.58
C ASP B 112 -9.37 -30.33 3.13
N GLN B 113 -10.06 -29.92 4.21
CA GLN B 113 -11.13 -30.74 4.82
C GLN B 113 -12.52 -30.35 4.28
N ALA B 114 -12.57 -29.69 3.08
CA ALA B 114 -13.83 -29.12 2.52
C ALA B 114 -14.87 -30.20 2.14
N LYS B 115 -14.51 -31.48 2.34
CA LYS B 115 -15.42 -32.63 2.12
C LYS B 115 -16.24 -32.89 3.42
N ASP B 116 -16.56 -31.81 4.14
CA ASP B 116 -17.53 -31.81 5.23
C ASP B 116 -18.82 -31.20 4.67
N SER B 117 -18.67 -30.04 4.01
CA SER B 117 -19.78 -29.23 3.51
C SER B 117 -20.36 -29.81 2.20
N GLN B 118 -19.47 -30.47 1.42
CA GLN B 118 -19.87 -31.17 0.17
C GLN B 118 -20.79 -32.37 0.49
N LEU B 119 -20.57 -32.98 1.67
CA LEU B 119 -21.40 -34.07 2.19
C LEU B 119 -22.67 -33.50 2.84
N ILE B 120 -22.57 -32.31 3.47
CA ILE B 120 -23.73 -31.59 4.05
C ILE B 120 -24.74 -31.18 2.95
N GLY B 121 -24.23 -30.94 1.72
CA GLY B 121 -25.05 -30.54 0.57
C GLY B 121 -26.14 -31.57 0.18
N GLN B 122 -25.89 -32.86 0.45
CA GLN B 122 -26.85 -33.96 0.18
C GLN B 122 -27.33 -34.59 1.50
N PHE B 123 -26.36 -35.13 2.24
CA PHE B 123 -26.59 -35.91 3.47
C PHE B 123 -27.10 -35.01 4.62
N GLY B 124 -26.62 -33.75 4.65
CA GLY B 124 -27.01 -32.77 5.69
C GLY B 124 -28.43 -32.24 5.50
N VAL B 125 -28.87 -32.19 4.23
CA VAL B 125 -30.27 -31.89 3.87
C VAL B 125 -31.18 -33.03 4.38
N GLY B 126 -30.74 -34.26 4.09
CA GLY B 126 -31.44 -35.49 4.52
C GLY B 126 -31.38 -35.73 6.02
N PHE B 127 -30.38 -35.14 6.69
CA PHE B 127 -30.21 -35.22 8.15
C PHE B 127 -31.42 -34.57 8.85
N TYR B 128 -31.65 -33.29 8.52
CA TYR B 128 -32.71 -32.47 9.14
C TYR B 128 -34.10 -33.05 8.83
N SER B 129 -34.34 -33.32 7.53
CA SER B 129 -35.64 -33.80 7.03
C SER B 129 -36.02 -35.16 7.68
N ALA B 130 -35.00 -36.03 7.84
CA ALA B 130 -35.16 -37.33 8.52
C ALA B 130 -35.65 -37.13 9.96
N PHE B 131 -34.96 -36.26 10.71
CA PHE B 131 -35.28 -36.00 12.13
C PHE B 131 -36.61 -35.22 12.34
N ILE B 132 -37.27 -34.79 11.24
CA ILE B 132 -38.64 -34.22 11.33
C ILE B 132 -39.65 -35.37 11.59
N VAL B 133 -39.44 -36.50 10.88
CA VAL B 133 -40.31 -37.69 10.96
C VAL B 133 -39.72 -38.76 11.90
N ALA B 134 -38.42 -38.66 12.19
CA ALA B 134 -37.70 -39.66 12.99
C ALA B 134 -37.34 -39.09 14.35
N ASP B 135 -37.73 -39.84 15.38
CA ASP B 135 -37.44 -39.53 16.79
C ASP B 135 -35.97 -39.83 17.10
N LYS B 136 -35.51 -41.00 16.62
CA LYS B 136 -34.19 -41.55 16.97
C LYS B 136 -33.58 -42.26 15.74
N VAL B 137 -32.55 -41.66 15.13
CA VAL B 137 -31.82 -42.31 14.01
C VAL B 137 -30.56 -42.98 14.56
N THR B 138 -30.60 -44.32 14.61
CA THR B 138 -29.48 -45.17 14.97
C THR B 138 -28.77 -45.61 13.67
N VAL B 139 -27.55 -45.12 13.51
CA VAL B 139 -26.68 -45.47 12.39
C VAL B 139 -25.72 -46.58 12.84
N ARG B 140 -25.58 -47.59 11.99
CA ARG B 140 -24.72 -48.75 12.22
C ARG B 140 -24.13 -49.15 10.87
N THR B 141 -22.93 -48.65 10.58
CA THR B 141 -22.25 -48.89 9.29
C THR B 141 -21.14 -49.93 9.47
N ARG B 142 -20.60 -50.40 8.35
CA ARG B 142 -19.39 -51.22 8.31
C ARG B 142 -18.91 -51.24 6.86
N ALA B 143 -17.69 -50.70 6.62
CA ALA B 143 -17.15 -50.52 5.27
C ALA B 143 -16.79 -51.86 4.59
N ALA B 144 -16.65 -51.78 3.26
CA ALA B 144 -16.27 -52.92 2.42
C ALA B 144 -14.84 -53.40 2.73
N GLY B 145 -14.68 -54.73 2.89
CA GLY B 145 -13.37 -55.33 3.20
C GLY B 145 -12.93 -55.16 4.66
N GLU B 146 -13.49 -54.15 5.33
CA GLU B 146 -13.30 -53.88 6.76
C GLU B 146 -13.94 -55.03 7.56
N LYS B 147 -13.32 -55.35 8.70
CA LYS B 147 -13.77 -56.44 9.57
C LYS B 147 -15.16 -56.11 10.15
N PRO B 148 -16.10 -57.12 10.25
CA PRO B 148 -17.41 -56.94 10.93
C PRO B 148 -17.26 -56.33 12.33
N GLU B 149 -16.22 -56.79 13.06
CA GLU B 149 -15.88 -56.31 14.41
C GLU B 149 -15.59 -54.80 14.42
N ASN B 150 -15.00 -54.33 13.31
CA ASN B 150 -14.63 -52.92 13.11
C ASN B 150 -15.77 -52.13 12.42
N GLY B 151 -17.04 -52.54 12.68
CA GLY B 151 -18.22 -51.75 12.31
C GLY B 151 -18.30 -50.47 13.16
N VAL B 152 -19.05 -49.48 12.68
CA VAL B 152 -19.14 -48.17 13.34
C VAL B 152 -20.59 -47.89 13.77
N PHE B 153 -20.71 -47.23 14.91
CA PHE B 153 -21.97 -46.90 15.55
C PHE B 153 -22.02 -45.38 15.72
N TRP B 154 -23.11 -44.77 15.30
CA TRP B 154 -23.37 -43.34 15.45
C TRP B 154 -24.85 -43.21 15.80
N GLU B 155 -25.17 -42.52 16.88
CA GLU B 155 -26.57 -42.39 17.34
C GLU B 155 -26.76 -40.98 17.89
N SER B 156 -27.91 -40.37 17.59
CA SER B 156 -28.25 -39.01 18.04
C SER B 156 -29.77 -38.77 17.93
N ALA B 157 -30.26 -37.84 18.75
CA ALA B 157 -31.63 -37.30 18.65
C ALA B 157 -31.68 -36.14 17.63
N GLY B 158 -30.53 -35.88 16.97
CA GLY B 158 -30.40 -34.86 15.92
C GLY B 158 -29.81 -33.56 16.46
N GLU B 159 -29.56 -33.56 17.78
CA GLU B 159 -29.05 -32.40 18.53
C GLU B 159 -27.51 -32.26 18.40
N GLY B 160 -26.93 -31.29 19.15
CA GLY B 160 -25.50 -30.93 19.02
C GLY B 160 -24.53 -31.89 19.72
N GLU B 161 -24.93 -33.16 19.91
CA GLU B 161 -24.07 -34.23 20.43
C GLU B 161 -24.53 -35.59 19.88
N TYR B 162 -23.62 -36.59 19.95
CA TYR B 162 -23.84 -37.92 19.38
C TYR B 162 -22.95 -38.97 20.07
N THR B 163 -23.43 -40.22 20.14
CA THR B 163 -22.66 -41.36 20.63
C THR B 163 -22.04 -42.11 19.43
N VAL B 164 -20.73 -41.89 19.19
CA VAL B 164 -19.96 -42.63 18.18
C VAL B 164 -19.00 -43.62 18.89
N ALA B 165 -19.06 -44.89 18.46
CA ALA B 165 -18.20 -46.00 18.95
C ALA B 165 -18.08 -47.05 17.84
N ASP B 166 -17.33 -48.13 18.09
CA ASP B 166 -17.24 -49.28 17.15
C ASP B 166 -18.02 -50.51 17.70
N ILE B 167 -18.79 -51.19 16.81
CA ILE B 167 -19.52 -52.45 17.16
C ILE B 167 -19.28 -53.52 16.08
N THR B 168 -19.82 -54.72 16.28
CA THR B 168 -19.76 -55.79 15.28
C THR B 168 -21.02 -55.75 14.37
N LYS B 169 -20.83 -55.36 13.09
CA LYS B 169 -21.86 -55.45 12.05
C LYS B 169 -21.40 -56.46 10.99
N GLU B 170 -22.12 -57.61 10.94
CA GLU B 170 -21.72 -58.81 10.18
C GLU B 170 -21.76 -58.55 8.66
N ASP B 171 -22.84 -57.91 8.22
CA ASP B 171 -23.04 -57.55 6.80
C ASP B 171 -22.33 -56.22 6.47
N ARG B 172 -22.31 -55.91 5.18
CA ARG B 172 -21.58 -54.76 4.64
C ARG B 172 -22.57 -53.63 4.32
N GLY B 173 -22.09 -52.36 4.38
CA GLY B 173 -22.86 -51.21 3.96
C GLY B 173 -23.32 -50.32 5.10
N THR B 174 -24.30 -49.46 4.80
CA THR B 174 -24.79 -48.42 5.71
C THR B 174 -26.22 -48.76 6.20
N GLU B 175 -26.37 -49.12 7.49
CA GLU B 175 -27.67 -49.47 8.10
C GLU B 175 -28.19 -48.25 8.89
N ILE B 176 -29.20 -47.57 8.33
CA ILE B 176 -29.82 -46.36 8.92
C ILE B 176 -31.21 -46.74 9.47
N THR B 177 -31.31 -46.94 10.79
CA THR B 177 -32.56 -47.32 11.45
C THR B 177 -33.20 -46.08 12.09
N LEU B 178 -34.27 -45.57 11.45
CA LEU B 178 -35.03 -44.42 11.94
C LEU B 178 -36.20 -44.93 12.80
N HIS B 179 -36.08 -44.81 14.12
CA HIS B 179 -37.25 -44.95 15.00
C HIS B 179 -38.16 -43.74 14.76
N LEU B 180 -39.23 -43.94 13.98
CA LEU B 180 -40.18 -42.88 13.59
C LEU B 180 -41.03 -42.46 14.80
N ARG B 181 -41.48 -41.19 14.77
CA ARG B 181 -42.34 -40.60 15.82
C ARG B 181 -43.78 -41.15 15.68
N GLU B 182 -44.52 -41.18 16.79
CA GLU B 182 -45.93 -41.61 16.80
C GLU B 182 -46.80 -40.54 16.13
N GLY B 183 -47.42 -40.92 15.00
CA GLY B 183 -48.08 -39.98 14.08
C GLY B 183 -47.50 -40.09 12.68
N GLU B 184 -46.24 -40.57 12.58
CA GLU B 184 -45.56 -40.80 11.29
C GLU B 184 -45.88 -42.23 10.76
N ASP B 185 -47.14 -42.64 10.98
CA ASP B 185 -47.69 -43.95 10.58
C ASP B 185 -47.88 -43.99 9.05
N GLU B 186 -47.95 -42.80 8.45
CA GLU B 186 -47.97 -42.59 7.01
C GLU B 186 -46.70 -43.19 6.34
N PHE B 187 -45.59 -43.13 7.07
CA PHE B 187 -44.26 -43.62 6.60
C PHE B 187 -44.02 -45.09 7.05
N LEU B 188 -45.05 -45.70 7.67
CA LEU B 188 -45.03 -47.13 8.10
C LEU B 188 -45.99 -47.97 7.22
N ASP B 189 -46.53 -47.37 6.15
CA ASP B 189 -47.46 -48.05 5.22
C ASP B 189 -46.68 -48.49 3.96
N ASP B 190 -46.98 -49.71 3.49
CA ASP B 190 -46.27 -50.39 2.38
C ASP B 190 -46.31 -49.59 1.07
N TRP B 191 -47.51 -49.47 0.48
CA TRP B 191 -47.71 -48.83 -0.84
C TRP B 191 -47.24 -47.36 -0.81
N ARG B 192 -47.39 -46.72 0.38
CA ARG B 192 -47.07 -45.29 0.57
C ARG B 192 -45.57 -45.09 0.40
N VAL B 193 -44.77 -45.89 1.15
CA VAL B 193 -43.31 -45.82 1.07
C VAL B 193 -42.85 -46.19 -0.35
N ARG B 194 -43.44 -47.26 -0.94
CA ARG B 194 -43.16 -47.69 -2.35
C ARG B 194 -43.40 -46.56 -3.35
N SER B 195 -44.45 -45.78 -3.11
CA SER B 195 -44.82 -44.64 -3.97
C SER B 195 -43.69 -43.59 -3.95
N ILE B 196 -43.27 -43.22 -2.72
CA ILE B 196 -42.17 -42.26 -2.51
C ILE B 196 -40.83 -42.83 -3.02
N ILE B 197 -40.67 -44.17 -2.97
CA ILE B 197 -39.50 -44.85 -3.53
C ILE B 197 -39.45 -44.54 -5.03
N SER B 198 -40.55 -44.80 -5.75
CA SER B 198 -40.62 -44.65 -7.21
C SER B 198 -40.30 -43.21 -7.67
N LYS B 199 -40.83 -42.20 -6.93
CA LYS B 199 -40.62 -40.75 -7.25
C LYS B 199 -39.13 -40.40 -7.44
N TYR B 200 -38.23 -41.11 -6.73
CA TYR B 200 -36.82 -40.73 -6.63
C TYR B 200 -35.90 -41.86 -7.14
N SER B 201 -36.21 -43.08 -6.75
CA SER B 201 -35.43 -44.27 -7.08
C SER B 201 -35.49 -44.63 -8.57
N ASP B 202 -36.52 -44.17 -9.28
CA ASP B 202 -36.61 -44.38 -10.75
C ASP B 202 -35.52 -43.61 -11.52
N HIS B 203 -34.98 -42.52 -10.92
CA HIS B 203 -33.83 -41.78 -11.52
C HIS B 203 -32.49 -42.42 -11.06
N ILE B 204 -32.60 -43.45 -10.21
CA ILE B 204 -31.47 -44.11 -9.55
C ILE B 204 -31.23 -45.49 -10.18
N ALA B 205 -29.96 -45.73 -10.56
CA ALA B 205 -29.50 -46.99 -11.17
C ALA B 205 -29.51 -48.15 -10.16
N LEU B 206 -29.34 -47.81 -8.88
CA LEU B 206 -29.21 -48.79 -7.79
C LEU B 206 -30.58 -49.44 -7.50
N PRO B 207 -30.73 -50.80 -7.65
CA PRO B 207 -32.01 -51.49 -7.36
C PRO B 207 -32.48 -51.29 -5.90
N VAL B 208 -33.45 -50.38 -5.74
CA VAL B 208 -34.05 -50.05 -4.44
C VAL B 208 -35.22 -51.01 -4.21
N GLU B 209 -34.95 -52.00 -3.36
CA GLU B 209 -35.92 -53.01 -2.94
C GLU B 209 -36.59 -52.56 -1.63
N ILE B 210 -37.79 -53.11 -1.35
CA ILE B 210 -38.50 -52.84 -0.09
C ILE B 210 -38.89 -54.16 0.58
N GLU B 211 -39.10 -54.10 1.89
CA GLU B 211 -39.60 -55.22 2.68
C GLU B 211 -40.98 -55.64 2.20
N LYS B 212 -41.13 -56.93 1.92
CA LYS B 212 -42.43 -57.58 1.89
C LYS B 212 -42.36 -58.83 2.73
N ARG B 213 -42.52 -58.61 4.03
CA ARG B 213 -42.52 -59.66 5.04
C ARG B 213 -43.97 -60.03 5.34
N GLU B 214 -44.27 -61.33 5.26
CA GLU B 214 -45.57 -61.89 5.61
C GLU B 214 -45.41 -62.54 6.99
N GLU B 215 -45.70 -61.79 8.05
CA GLU B 215 -45.59 -62.27 9.44
C GLU B 215 -46.90 -62.99 9.82
N LYS B 216 -47.02 -64.24 9.36
CA LYS B 216 -48.19 -65.09 9.59
C LYS B 216 -47.84 -66.14 10.66
N ASP B 217 -48.88 -66.80 11.22
CA ASP B 217 -48.71 -67.78 12.32
C ASP B 217 -47.77 -68.91 11.88
N GLY B 218 -46.50 -68.85 12.34
CA GLY B 218 -45.46 -69.81 11.98
C GLY B 218 -44.78 -69.53 10.63
N GLU B 219 -45.47 -68.83 9.72
CA GLU B 219 -45.00 -68.59 8.34
C GLU B 219 -44.56 -67.13 8.19
N THR B 220 -43.31 -66.86 8.57
CA THR B 220 -42.70 -65.55 8.36
C THR B 220 -41.88 -65.58 7.05
N VAL B 221 -42.53 -65.16 5.95
CA VAL B 221 -41.89 -65.02 4.64
C VAL B 221 -41.24 -63.63 4.55
N ILE B 222 -40.10 -63.52 3.84
CA ILE B 222 -39.40 -62.24 3.61
C ILE B 222 -39.03 -62.15 2.12
N SER B 223 -39.52 -61.10 1.44
CA SER B 223 -39.25 -60.83 0.02
C SER B 223 -38.79 -59.38 -0.14
N TRP B 224 -38.11 -59.09 -1.25
CA TRP B 224 -37.55 -57.74 -1.52
C TRP B 224 -38.00 -57.27 -2.91
N GLU B 225 -38.92 -56.28 -2.90
CA GLU B 225 -39.61 -55.82 -4.12
C GLU B 225 -38.91 -54.59 -4.70
N LYS B 226 -38.32 -54.71 -5.90
CA LYS B 226 -37.72 -53.57 -6.62
C LYS B 226 -38.84 -52.66 -7.14
N ILE B 227 -38.91 -51.44 -6.61
CA ILE B 227 -39.93 -50.45 -7.01
C ILE B 227 -39.38 -49.58 -8.16
N ASN B 228 -38.04 -49.48 -8.21
CA ASN B 228 -37.34 -48.61 -9.15
C ASN B 228 -37.11 -49.30 -10.50
N LYS B 229 -36.80 -48.49 -11.54
CA LYS B 229 -36.44 -49.01 -12.87
C LYS B 229 -35.09 -49.76 -12.84
N ALA B 230 -34.20 -49.35 -11.88
CA ALA B 230 -32.88 -49.97 -11.64
C ALA B 230 -31.98 -49.93 -12.90
N GLN B 231 -32.08 -48.84 -13.65
CA GLN B 231 -31.32 -48.61 -14.87
C GLN B 231 -30.71 -47.21 -14.79
N ALA B 232 -29.44 -47.10 -15.20
CA ALA B 232 -28.68 -45.84 -15.18
C ALA B 232 -29.38 -44.77 -16.03
N LEU B 233 -29.80 -43.65 -15.40
CA LEU B 233 -30.62 -42.60 -16.06
C LEU B 233 -29.92 -42.04 -17.31
N TRP B 234 -28.62 -41.78 -17.19
CA TRP B 234 -27.81 -41.26 -18.30
C TRP B 234 -27.79 -42.28 -19.49
N THR B 235 -27.74 -43.58 -19.16
CA THR B 235 -27.73 -44.67 -20.16
C THR B 235 -29.15 -44.89 -20.76
N ARG B 236 -30.19 -44.51 -20.00
CA ARG B 236 -31.60 -44.53 -20.47
C ARG B 236 -31.83 -43.49 -21.58
N ASN B 237 -32.90 -43.69 -22.36
CA ASN B 237 -33.24 -42.83 -23.50
C ASN B 237 -33.97 -41.57 -23.02
N LYS B 238 -33.93 -40.54 -23.87
CA LYS B 238 -34.67 -39.28 -23.66
C LYS B 238 -36.20 -39.53 -23.68
N SER B 239 -36.61 -40.69 -24.27
CA SER B 239 -38.02 -41.12 -24.29
C SER B 239 -38.39 -41.88 -23.00
N GLU B 240 -37.40 -42.53 -22.35
CA GLU B 240 -37.65 -43.32 -21.12
C GLU B 240 -37.68 -42.43 -19.86
N ILE B 241 -36.98 -41.28 -19.92
CA ILE B 241 -36.82 -40.37 -18.76
C ILE B 241 -37.82 -39.20 -18.84
N THR B 242 -38.49 -38.88 -17.70
CA THR B 242 -39.32 -37.68 -17.59
C THR B 242 -38.50 -36.53 -16.95
N ASP B 243 -39.03 -35.29 -17.09
CA ASP B 243 -38.37 -34.04 -16.58
C ASP B 243 -38.06 -34.13 -15.08
N GLU B 244 -39.01 -34.70 -14.32
CA GLU B 244 -38.91 -34.85 -12.86
C GLU B 244 -37.67 -35.67 -12.48
N GLU B 245 -37.48 -36.80 -13.19
CA GLU B 245 -36.35 -37.71 -12.97
C GLU B 245 -35.01 -37.00 -13.23
N TYR B 246 -34.94 -36.18 -14.32
CA TYR B 246 -33.73 -35.38 -14.64
C TYR B 246 -33.34 -34.44 -13.46
N LYS B 247 -34.32 -33.65 -13.00
CA LYS B 247 -34.11 -32.59 -11.99
C LYS B 247 -33.60 -33.16 -10.66
N GLU B 248 -34.27 -34.20 -10.19
CA GLU B 248 -33.94 -34.86 -8.93
C GLU B 248 -32.64 -35.68 -9.07
N PHE B 249 -32.36 -36.18 -10.29
CA PHE B 249 -31.13 -36.94 -10.58
C PHE B 249 -29.91 -36.05 -10.46
N TYR B 250 -30.03 -34.79 -10.93
CA TYR B 250 -29.00 -33.76 -10.74
C TYR B 250 -28.59 -33.70 -9.26
N LYS B 251 -29.62 -33.60 -8.41
CA LYS B 251 -29.46 -33.44 -6.95
C LYS B 251 -28.66 -34.62 -6.35
N HIS B 252 -28.91 -35.85 -6.87
CA HIS B 252 -28.15 -37.06 -6.50
C HIS B 252 -26.65 -36.91 -6.91
N ILE B 253 -26.41 -36.80 -8.23
CA ILE B 253 -25.04 -36.86 -8.82
C ILE B 253 -24.26 -35.55 -8.65
N ALA B 254 -24.86 -34.58 -7.95
CA ALA B 254 -24.22 -33.29 -7.68
C ALA B 254 -24.01 -33.07 -6.18
N HIS B 255 -24.59 -33.96 -5.32
CA HIS B 255 -24.67 -33.71 -3.85
C HIS B 255 -25.32 -32.34 -3.58
N ASP B 256 -26.32 -32.04 -4.42
CA ASP B 256 -27.03 -30.74 -4.44
C ASP B 256 -28.51 -31.03 -4.07
N PHE B 257 -29.36 -29.99 -4.01
CA PHE B 257 -30.83 -30.20 -3.87
C PHE B 257 -31.64 -29.05 -4.52
N ASN B 258 -30.94 -28.11 -5.17
CA ASN B 258 -31.58 -27.05 -5.98
C ASN B 258 -31.91 -27.63 -7.37
N ASP B 259 -33.00 -27.15 -7.96
CA ASP B 259 -33.46 -27.56 -9.30
C ASP B 259 -32.59 -26.88 -10.39
N PRO B 260 -32.41 -27.53 -11.58
CA PRO B 260 -31.73 -26.89 -12.73
C PRO B 260 -32.69 -26.03 -13.60
N LEU B 261 -32.12 -25.00 -14.26
CA LEU B 261 -32.82 -24.20 -15.29
C LEU B 261 -33.19 -25.09 -16.49
N THR B 262 -32.18 -25.82 -17.00
CA THR B 262 -32.32 -26.71 -18.17
C THR B 262 -31.19 -27.76 -18.15
N TRP B 263 -31.23 -28.71 -19.11
CA TRP B 263 -30.25 -29.80 -19.23
C TRP B 263 -30.00 -30.16 -20.70
N SER B 264 -28.88 -30.85 -20.93
CA SER B 264 -28.44 -31.30 -22.26
C SER B 264 -27.99 -32.77 -22.16
N HIS B 265 -28.93 -33.69 -22.43
CA HIS B 265 -28.67 -35.14 -22.40
C HIS B 265 -28.30 -35.60 -23.81
N ASN B 266 -26.98 -35.64 -24.07
CA ASN B 266 -26.43 -36.09 -25.36
C ASN B 266 -25.55 -37.34 -25.10
N ARG B 267 -25.82 -38.45 -25.79
CA ARG B 267 -24.97 -39.65 -25.76
C ARG B 267 -24.31 -39.84 -27.13
N VAL B 268 -22.99 -40.06 -27.14
CA VAL B 268 -22.18 -40.15 -28.36
C VAL B 268 -21.51 -41.53 -28.39
N GLU B 269 -21.60 -42.22 -29.54
CA GLU B 269 -21.02 -43.57 -29.74
C GLU B 269 -20.33 -43.62 -31.12
N GLY B 270 -19.51 -44.66 -31.32
CA GLY B 270 -18.76 -44.85 -32.58
C GLY B 270 -17.31 -45.16 -32.31
N LYS B 271 -16.43 -44.13 -32.41
CA LYS B 271 -15.01 -44.25 -32.05
C LYS B 271 -14.87 -44.13 -30.52
N GLN B 272 -15.42 -43.04 -29.96
CA GLN B 272 -15.45 -42.78 -28.51
C GLN B 272 -16.90 -42.74 -27.99
N GLU B 273 -17.24 -43.70 -27.10
CA GLU B 273 -18.51 -43.68 -26.37
C GLU B 273 -18.35 -42.81 -25.13
N TYR B 274 -19.22 -41.81 -25.01
CA TYR B 274 -19.36 -41.00 -23.80
C TYR B 274 -20.78 -40.44 -23.73
N THR B 275 -21.43 -40.66 -22.59
CA THR B 275 -22.76 -40.15 -22.31
C THR B 275 -22.61 -38.91 -21.45
N SER B 276 -22.89 -37.73 -22.01
CA SER B 276 -22.81 -36.46 -21.28
C SER B 276 -24.21 -35.98 -20.92
N LEU B 277 -24.42 -35.70 -19.64
CA LEU B 277 -25.68 -35.18 -19.12
C LEU B 277 -25.34 -33.93 -18.27
N LEU B 278 -25.44 -32.78 -18.94
CA LEU B 278 -25.03 -31.48 -18.38
C LEU B 278 -26.28 -30.77 -17.85
N TYR B 279 -26.21 -30.24 -16.62
CA TYR B 279 -27.29 -29.41 -16.03
C TYR B 279 -26.74 -28.00 -15.77
N ILE B 280 -27.60 -26.99 -15.99
CA ILE B 280 -27.33 -25.61 -15.56
C ILE B 280 -28.12 -25.37 -14.26
N PRO B 281 -27.44 -25.18 -13.07
CA PRO B 281 -28.13 -24.86 -11.78
C PRO B 281 -28.98 -23.56 -11.88
N SER B 282 -30.08 -23.49 -11.10
CA SER B 282 -30.95 -22.30 -11.07
C SER B 282 -30.25 -21.14 -10.32
N GLN B 283 -29.42 -21.53 -9.33
CA GLN B 283 -28.64 -20.60 -8.51
C GLN B 283 -27.17 -21.05 -8.51
N ALA B 284 -26.24 -20.09 -8.51
CA ALA B 284 -24.81 -20.38 -8.38
C ALA B 284 -24.49 -20.91 -6.96
N PRO B 285 -23.78 -22.09 -6.84
CA PRO B 285 -23.33 -22.60 -5.51
C PRO B 285 -22.31 -21.64 -4.85
N TRP B 286 -22.15 -21.75 -3.51
CA TRP B 286 -21.24 -20.89 -2.72
C TRP B 286 -19.80 -21.02 -3.24
N ASP B 287 -19.43 -22.25 -3.61
CA ASP B 287 -18.05 -22.61 -4.01
C ASP B 287 -17.73 -22.20 -5.47
N MET B 288 -18.50 -21.26 -6.02
CA MET B 288 -18.28 -20.69 -7.38
C MET B 288 -16.86 -20.11 -7.52
N TRP B 289 -16.36 -19.50 -6.43
CA TRP B 289 -15.02 -18.87 -6.40
C TRP B 289 -14.13 -19.50 -5.30
N ASN B 290 -14.45 -20.76 -4.91
CA ASN B 290 -13.68 -21.53 -3.89
C ASN B 290 -12.47 -22.23 -4.54
N ARG B 291 -11.47 -22.58 -3.72
CA ARG B 291 -10.29 -23.36 -4.14
C ARG B 291 -10.66 -24.86 -4.30
N ASP B 292 -11.83 -25.26 -3.73
CA ASP B 292 -12.38 -26.63 -3.86
C ASP B 292 -13.32 -26.68 -5.08
N HIS B 293 -13.68 -27.90 -5.53
CA HIS B 293 -14.48 -28.13 -6.74
C HIS B 293 -15.99 -28.06 -6.46
N LYS B 294 -16.73 -27.49 -7.43
CA LYS B 294 -18.22 -27.55 -7.48
C LYS B 294 -18.67 -27.85 -8.91
N HIS B 295 -18.00 -27.21 -9.86
CA HIS B 295 -18.17 -27.49 -11.29
C HIS B 295 -17.59 -28.85 -11.65
N GLY B 296 -18.08 -29.42 -12.75
CA GLY B 296 -17.56 -30.65 -13.30
C GLY B 296 -18.59 -31.75 -13.30
N LEU B 297 -18.12 -32.96 -13.62
CA LEU B 297 -18.97 -34.12 -13.90
C LEU B 297 -18.48 -35.33 -13.09
N LYS B 298 -19.43 -36.14 -12.53
CA LYS B 298 -19.07 -37.45 -11.94
C LYS B 298 -18.57 -38.39 -13.04
N LEU B 299 -17.32 -38.83 -12.91
CA LEU B 299 -16.70 -39.76 -13.85
C LEU B 299 -17.22 -41.18 -13.62
N TYR B 300 -17.91 -41.70 -14.63
CA TYR B 300 -18.26 -43.10 -14.77
C TYR B 300 -17.55 -43.63 -16.03
N VAL B 301 -16.77 -44.71 -15.89
CA VAL B 301 -16.26 -45.50 -17.01
C VAL B 301 -17.04 -46.83 -17.03
N GLN B 302 -17.95 -46.97 -18.03
CA GLN B 302 -18.77 -48.20 -18.25
C GLN B 302 -19.81 -48.39 -17.12
N ARG B 303 -20.43 -47.26 -16.70
CA ARG B 303 -21.42 -47.19 -15.58
C ARG B 303 -20.74 -47.39 -14.20
N VAL B 304 -19.41 -47.63 -14.20
CA VAL B 304 -18.63 -47.85 -12.98
C VAL B 304 -17.97 -46.53 -12.57
N PHE B 305 -18.19 -46.10 -11.33
CA PHE B 305 -17.75 -44.80 -10.82
C PHE B 305 -16.24 -44.77 -10.50
N ILE B 306 -15.63 -43.57 -10.69
CA ILE B 306 -14.24 -43.29 -10.31
C ILE B 306 -14.22 -42.10 -9.33
N MET B 307 -14.63 -40.89 -9.77
CA MET B 307 -14.52 -39.68 -8.92
C MET B 307 -15.73 -38.75 -9.10
N ASP B 308 -16.09 -38.09 -7.98
CA ASP B 308 -17.33 -37.32 -7.85
C ASP B 308 -17.05 -35.83 -8.11
N ASP B 309 -17.98 -35.14 -8.82
CA ASP B 309 -17.98 -33.65 -8.93
C ASP B 309 -16.66 -33.15 -9.59
N ALA B 310 -16.09 -33.99 -10.48
CA ALA B 310 -14.74 -33.81 -11.01
C ALA B 310 -14.66 -32.65 -12.01
N GLU B 311 -13.99 -31.56 -11.60
CA GLU B 311 -13.90 -30.30 -12.37
C GLU B 311 -12.96 -30.42 -13.59
N GLN B 312 -12.33 -31.60 -13.73
CA GLN B 312 -11.42 -31.92 -14.84
C GLN B 312 -12.15 -32.08 -16.20
N PHE B 313 -13.50 -32.14 -16.16
CA PHE B 313 -14.34 -32.31 -17.38
C PHE B 313 -14.94 -30.99 -17.85
N MET B 314 -14.96 -29.96 -16.97
CA MET B 314 -15.51 -28.62 -17.29
C MET B 314 -14.62 -27.53 -16.68
N PRO B 315 -14.11 -26.56 -17.50
CA PRO B 315 -13.10 -25.54 -17.07
C PRO B 315 -13.70 -24.39 -16.22
N ASN B 316 -12.85 -23.41 -15.90
CA ASN B 316 -13.23 -22.23 -15.09
C ASN B 316 -14.21 -21.32 -15.84
N TYR B 317 -13.99 -21.12 -17.15
CA TYR B 317 -14.87 -20.25 -17.98
C TYR B 317 -16.22 -20.92 -18.31
N LEU B 318 -16.33 -22.25 -18.06
CA LEU B 318 -17.59 -23.01 -18.19
C LEU B 318 -17.95 -23.69 -16.84
N ARG B 319 -17.59 -23.02 -15.71
CA ARG B 319 -17.78 -23.60 -14.35
C ARG B 319 -19.26 -23.60 -13.91
N PHE B 320 -20.14 -23.05 -14.77
CA PHE B 320 -21.60 -23.10 -14.59
C PHE B 320 -22.19 -24.48 -14.95
N VAL B 321 -21.44 -25.29 -15.74
CA VAL B 321 -21.89 -26.64 -16.14
C VAL B 321 -21.62 -27.63 -15.01
N ARG B 322 -22.62 -28.45 -14.71
CA ARG B 322 -22.61 -29.33 -13.54
C ARG B 322 -23.47 -30.57 -13.82
N GLY B 323 -22.93 -31.79 -13.59
CA GLY B 323 -23.66 -33.02 -13.91
C GLY B 323 -22.77 -34.26 -13.82
N LEU B 324 -22.79 -35.10 -14.88
CA LEU B 324 -21.97 -36.33 -14.94
C LEU B 324 -21.65 -36.71 -16.41
N ILE B 325 -20.72 -37.68 -16.56
CA ILE B 325 -20.29 -38.22 -17.86
C ILE B 325 -19.98 -39.72 -17.71
N ASP B 326 -20.22 -40.49 -18.78
CA ASP B 326 -20.05 -41.95 -18.81
C ASP B 326 -19.33 -42.39 -20.10
N SER B 327 -17.99 -42.47 -20.03
CA SER B 327 -17.15 -42.92 -21.16
C SER B 327 -16.88 -44.43 -21.03
N SER B 328 -16.47 -45.06 -22.13
CA SER B 328 -15.96 -46.45 -22.12
C SER B 328 -14.51 -46.50 -22.65
N ASP B 329 -13.92 -45.31 -22.86
CA ASP B 329 -12.61 -45.14 -23.54
C ASP B 329 -11.53 -44.68 -22.57
N LEU B 330 -11.93 -43.88 -21.56
CA LEU B 330 -11.02 -43.43 -20.48
C LEU B 330 -10.56 -44.66 -19.66
N PRO B 331 -9.26 -44.69 -19.20
CA PRO B 331 -8.70 -45.83 -18.42
C PRO B 331 -9.55 -46.13 -17.15
N LEU B 332 -9.64 -47.41 -16.79
CA LEU B 332 -10.39 -47.87 -15.61
C LEU B 332 -9.64 -47.48 -14.31
N ASN B 333 -8.30 -47.37 -14.42
CA ASN B 333 -7.39 -46.99 -13.30
C ASN B 333 -7.16 -45.46 -13.25
N VAL B 334 -8.00 -44.69 -13.97
CA VAL B 334 -7.87 -43.23 -14.10
C VAL B 334 -7.90 -42.49 -12.73
N SER B 335 -7.01 -41.49 -12.59
CA SER B 335 -6.90 -40.62 -11.41
C SER B 335 -7.03 -39.14 -11.86
N ARG B 336 -6.95 -38.22 -10.88
CA ARG B 336 -7.09 -36.75 -11.12
C ARG B 336 -5.96 -36.23 -12.03
N GLU B 337 -4.75 -36.79 -11.80
CA GLU B 337 -3.55 -36.52 -12.63
C GLU B 337 -3.75 -37.02 -14.06
N ILE B 338 -4.37 -38.20 -14.18
CA ILE B 338 -4.62 -38.85 -15.46
C ILE B 338 -5.67 -38.06 -16.28
N LEU B 339 -6.65 -37.44 -15.59
CA LEU B 339 -7.69 -36.63 -16.26
C LEU B 339 -7.11 -35.38 -16.93
N GLN B 340 -6.25 -34.65 -16.21
CA GLN B 340 -5.63 -33.41 -16.74
C GLN B 340 -4.56 -33.74 -17.82
N ASP B 341 -3.94 -34.93 -17.72
CA ASP B 341 -2.85 -35.36 -18.63
C ASP B 341 -3.36 -36.02 -19.93
N SER B 342 -4.39 -36.88 -19.82
CA SER B 342 -4.81 -37.77 -20.93
C SER B 342 -5.36 -36.97 -22.11
N THR B 343 -4.99 -37.41 -23.32
CA THR B 343 -5.46 -36.83 -24.55
C THR B 343 -6.91 -37.27 -24.80
N VAL B 344 -7.23 -38.54 -24.43
CA VAL B 344 -8.61 -39.09 -24.55
C VAL B 344 -9.63 -38.28 -23.71
N THR B 345 -9.18 -37.84 -22.53
CA THR B 345 -9.97 -37.01 -21.60
C THR B 345 -10.02 -35.55 -22.09
N ARG B 346 -9.00 -35.14 -22.87
CA ARG B 346 -8.89 -33.77 -23.40
C ARG B 346 -9.84 -33.60 -24.60
N ASN B 347 -9.88 -34.62 -25.49
CA ASN B 347 -10.82 -34.64 -26.64
C ASN B 347 -12.24 -34.74 -26.13
N LEU B 348 -12.42 -35.53 -25.06
CA LEU B 348 -13.69 -35.64 -24.32
C LEU B 348 -14.14 -34.24 -23.85
N ARG B 349 -13.29 -33.55 -23.08
CA ARG B 349 -13.61 -32.26 -22.45
C ARG B 349 -13.89 -31.16 -23.50
N ASN B 350 -13.04 -31.12 -24.55
CA ASN B 350 -13.16 -30.17 -25.68
C ASN B 350 -14.43 -30.46 -26.52
N ALA B 351 -14.89 -31.73 -26.50
CA ALA B 351 -16.14 -32.14 -27.14
C ALA B 351 -17.34 -31.71 -26.29
N LEU B 352 -17.23 -31.85 -24.96
CA LEU B 352 -18.27 -31.43 -23.98
C LEU B 352 -18.54 -29.93 -24.11
N THR B 353 -17.44 -29.18 -24.30
CA THR B 353 -17.43 -27.72 -24.52
C THR B 353 -18.41 -27.27 -25.63
N LYS B 354 -18.45 -28.08 -26.70
CA LYS B 354 -19.29 -27.83 -27.89
C LYS B 354 -20.78 -27.94 -27.52
N ARG B 355 -21.12 -28.93 -26.66
CA ARG B 355 -22.51 -29.14 -26.17
C ARG B 355 -22.91 -28.02 -25.22
N VAL B 356 -21.90 -27.44 -24.53
CA VAL B 356 -22.10 -26.30 -23.63
C VAL B 356 -22.53 -25.06 -24.42
N LEU B 357 -21.74 -24.71 -25.45
CA LEU B 357 -21.98 -23.53 -26.33
C LEU B 357 -23.35 -23.68 -27.03
N GLN B 358 -23.61 -24.92 -27.50
CA GLN B 358 -24.88 -25.32 -28.14
C GLN B 358 -26.06 -25.20 -27.16
N MET B 359 -25.80 -25.45 -25.86
CA MET B 359 -26.81 -25.37 -24.77
C MET B 359 -27.03 -23.91 -24.33
N LEU B 360 -26.00 -23.05 -24.47
CA LEU B 360 -26.07 -21.61 -24.06
C LEU B 360 -26.89 -20.79 -25.05
N GLU B 361 -26.56 -20.94 -26.34
CA GLU B 361 -27.27 -20.25 -27.43
C GLU B 361 -28.70 -20.82 -27.57
N LYS B 362 -28.85 -22.13 -27.22
CA LYS B 362 -30.17 -22.76 -27.07
C LYS B 362 -30.98 -22.03 -26.00
N LEU B 363 -30.40 -21.92 -24.79
CA LEU B 363 -31.05 -21.33 -23.60
C LEU B 363 -31.49 -19.87 -23.87
N ALA B 364 -30.69 -19.15 -24.67
CA ALA B 364 -30.97 -17.74 -25.07
C ALA B 364 -32.31 -17.63 -25.82
N LYS B 365 -32.56 -18.61 -26.71
CA LYS B 365 -33.72 -18.64 -27.61
C LYS B 365 -34.87 -19.48 -27.03
N ASP B 366 -34.52 -20.42 -26.14
CA ASP B 366 -35.45 -21.41 -25.56
C ASP B 366 -36.14 -20.81 -24.33
N ASP B 367 -35.31 -20.37 -23.36
CA ASP B 367 -35.76 -19.79 -22.08
C ASP B 367 -35.00 -18.48 -21.82
N ALA B 368 -35.54 -17.37 -22.35
CA ALA B 368 -34.88 -16.04 -22.30
C ALA B 368 -34.68 -15.53 -20.86
N GLU B 369 -35.69 -15.74 -19.98
CA GLU B 369 -35.65 -15.30 -18.57
C GLU B 369 -34.57 -16.07 -17.80
N LYS B 370 -34.51 -17.41 -18.03
CA LYS B 370 -33.52 -18.28 -17.38
C LYS B 370 -32.11 -17.94 -17.85
N TYR B 371 -31.97 -17.43 -19.08
CA TYR B 371 -30.69 -16.99 -19.64
C TYR B 371 -30.22 -15.67 -18.95
N GLN B 372 -31.17 -14.79 -18.63
CA GLN B 372 -30.89 -13.54 -17.89
C GLN B 372 -30.50 -13.86 -16.44
N THR B 373 -31.21 -14.83 -15.83
CA THR B 373 -30.89 -15.36 -14.48
C THR B 373 -29.49 -15.98 -14.48
N PHE B 374 -29.22 -16.73 -15.56
CA PHE B 374 -27.95 -17.39 -15.83
C PHE B 374 -26.80 -16.35 -15.84
N TRP B 375 -26.95 -15.25 -16.60
CA TRP B 375 -25.89 -14.23 -16.72
C TRP B 375 -25.69 -13.46 -15.39
N GLN B 376 -26.74 -13.36 -14.57
CA GLN B 376 -26.67 -12.66 -13.27
C GLN B 376 -26.03 -13.56 -12.18
N GLN B 377 -26.03 -14.89 -12.40
CA GLN B 377 -25.43 -15.89 -11.46
C GLN B 377 -24.06 -16.40 -11.94
N PHE B 378 -23.88 -16.45 -13.27
CA PHE B 378 -22.75 -17.16 -13.93
C PHE B 378 -22.08 -16.29 -15.02
N GLY B 379 -22.46 -15.00 -15.08
CA GLY B 379 -21.95 -14.08 -16.11
C GLY B 379 -20.46 -13.87 -16.01
N LEU B 380 -19.99 -13.62 -14.78
CA LEU B 380 -18.56 -13.37 -14.46
C LEU B 380 -17.68 -14.56 -14.90
N VAL B 381 -18.30 -15.74 -14.96
CA VAL B 381 -17.69 -16.99 -15.42
C VAL B 381 -17.51 -16.97 -16.96
N LEU B 382 -18.60 -16.61 -17.67
CA LEU B 382 -18.62 -16.56 -19.17
C LEU B 382 -17.69 -15.42 -19.68
N LYS B 383 -17.35 -14.45 -18.79
CA LYS B 383 -16.43 -13.32 -19.12
C LYS B 383 -14.96 -13.78 -19.28
N GLU B 384 -14.65 -14.96 -18.73
CA GLU B 384 -13.34 -15.63 -18.91
C GLU B 384 -13.28 -16.30 -20.31
N GLY B 385 -14.47 -16.56 -20.90
CA GLY B 385 -14.62 -17.22 -22.22
C GLY B 385 -13.88 -16.53 -23.38
N PRO B 386 -14.14 -15.20 -23.66
CA PRO B 386 -13.42 -14.45 -24.75
C PRO B 386 -11.98 -14.11 -24.33
N ALA B 387 -11.73 -14.20 -23.01
CA ALA B 387 -10.41 -14.02 -22.42
C ALA B 387 -9.53 -15.22 -22.75
N GLU B 388 -10.19 -16.38 -22.88
CA GLU B 388 -9.57 -17.65 -23.26
C GLU B 388 -9.24 -17.63 -24.78
N ASP B 389 -10.28 -17.56 -25.66
CA ASP B 389 -10.09 -17.55 -27.14
C ASP B 389 -10.67 -16.31 -27.85
N PHE B 390 -9.78 -15.55 -28.52
CA PHE B 390 -10.16 -14.61 -29.59
C PHE B 390 -10.70 -15.38 -30.83
N ALA B 391 -10.40 -16.70 -30.91
CA ALA B 391 -10.78 -17.56 -32.05
C ALA B 391 -12.26 -17.42 -32.43
N ASN B 392 -13.15 -17.75 -31.49
CA ASN B 392 -14.62 -17.72 -31.71
C ASN B 392 -15.21 -16.45 -31.07
N GLN B 393 -14.46 -15.32 -31.15
CA GLN B 393 -14.78 -14.01 -30.52
C GLN B 393 -16.26 -13.61 -30.71
N GLU B 394 -16.73 -13.63 -31.97
CA GLU B 394 -18.10 -13.19 -32.35
C GLU B 394 -19.17 -14.09 -31.70
N ALA B 395 -18.91 -15.42 -31.73
CA ALA B 395 -19.84 -16.44 -31.19
C ALA B 395 -19.96 -16.32 -29.66
N ILE B 396 -18.85 -15.95 -29.01
CA ILE B 396 -18.81 -15.71 -27.57
C ILE B 396 -19.43 -14.33 -27.25
N ALA B 397 -19.20 -13.35 -28.14
CA ALA B 397 -19.69 -11.95 -27.99
C ALA B 397 -21.21 -11.85 -28.11
N LYS B 398 -21.78 -12.83 -28.84
CA LYS B 398 -23.23 -13.02 -28.94
C LYS B 398 -23.80 -13.42 -27.57
N LEU B 399 -23.00 -14.20 -26.80
CA LEU B 399 -23.35 -14.64 -25.45
C LEU B 399 -23.07 -13.54 -24.40
N LEU B 400 -22.09 -12.66 -24.70
CA LEU B 400 -21.69 -11.55 -23.79
C LEU B 400 -22.76 -10.44 -23.77
N ARG B 401 -23.22 -10.10 -22.56
CA ARG B 401 -24.29 -9.09 -22.34
C ARG B 401 -23.72 -7.98 -21.42
N PHE B 402 -24.03 -6.71 -21.74
CA PHE B 402 -23.54 -5.54 -20.98
C PHE B 402 -24.71 -4.66 -20.53
N ALA B 403 -24.39 -3.62 -19.74
CA ALA B 403 -25.33 -2.53 -19.40
C ALA B 403 -24.89 -1.27 -20.17
N SER B 404 -25.83 -0.32 -20.36
CA SER B 404 -25.56 0.90 -21.17
C SER B 404 -26.51 2.05 -20.78
N THR B 405 -26.33 3.21 -21.46
CA THR B 405 -27.19 4.42 -21.30
C THR B 405 -28.62 4.18 -21.88
N HIS B 406 -28.81 3.05 -22.59
CA HIS B 406 -30.10 2.65 -23.19
C HIS B 406 -31.21 2.56 -22.13
N THR B 407 -30.90 1.82 -21.05
CA THR B 407 -31.84 1.57 -19.94
C THR B 407 -31.12 1.89 -18.63
N ASP B 408 -31.80 2.60 -17.70
CA ASP B 408 -31.21 3.06 -16.41
C ASP B 408 -30.93 1.90 -15.42
N SER B 409 -31.23 0.66 -15.84
CA SER B 409 -30.91 -0.56 -15.08
C SER B 409 -29.40 -0.86 -15.07
N SER B 410 -28.90 -1.37 -13.92
CA SER B 410 -27.50 -1.79 -13.75
C SER B 410 -27.29 -3.22 -14.30
N ALA B 411 -28.40 -3.97 -14.46
CA ALA B 411 -28.39 -5.36 -14.95
C ALA B 411 -28.00 -5.40 -16.43
N GLN B 412 -27.16 -6.38 -16.79
CA GLN B 412 -26.66 -6.54 -18.14
C GLN B 412 -27.76 -7.10 -19.07
N THR B 413 -28.51 -6.18 -19.70
CA THR B 413 -29.69 -6.51 -20.52
C THR B 413 -29.43 -6.28 -22.02
N VAL B 414 -28.57 -5.27 -22.37
CA VAL B 414 -28.25 -4.96 -23.78
C VAL B 414 -27.22 -5.98 -24.30
N SER B 415 -27.52 -6.57 -25.47
CA SER B 415 -26.63 -7.51 -26.15
C SER B 415 -25.70 -6.71 -27.09
N LEU B 416 -24.52 -7.26 -27.40
CA LEU B 416 -23.55 -6.61 -28.31
C LEU B 416 -24.07 -6.58 -29.75
N GLU B 417 -24.75 -7.67 -30.15
CA GLU B 417 -25.40 -7.77 -31.47
C GLU B 417 -26.55 -6.75 -31.58
N ASP B 418 -27.34 -6.65 -30.50
CA ASP B 418 -28.44 -5.67 -30.31
C ASP B 418 -27.92 -4.21 -30.37
N TYR B 419 -26.74 -4.00 -29.78
CA TYR B 419 -26.05 -2.70 -29.80
C TYR B 419 -25.72 -2.31 -31.24
N VAL B 420 -25.04 -3.22 -31.97
CA VAL B 420 -24.58 -2.99 -33.36
C VAL B 420 -25.76 -2.95 -34.35
N SER B 421 -26.86 -3.64 -34.02
CA SER B 421 -28.10 -3.65 -34.81
C SER B 421 -28.81 -2.28 -34.68
N ARG B 422 -28.66 -1.65 -33.50
CA ARG B 422 -29.23 -0.33 -33.18
C ARG B 422 -28.22 0.83 -33.46
N MET B 423 -26.95 0.46 -33.65
CA MET B 423 -25.82 1.40 -33.85
C MET B 423 -26.03 2.24 -35.12
N LYS B 424 -25.86 3.57 -35.00
CA LYS B 424 -26.19 4.52 -36.08
C LYS B 424 -25.10 4.55 -37.17
N GLU B 425 -25.52 4.89 -38.39
CA GLU B 425 -24.63 5.11 -39.53
C GLU B 425 -23.68 6.29 -39.25
N GLY B 426 -22.36 6.07 -39.43
CA GLY B 426 -21.33 7.07 -39.10
C GLY B 426 -20.83 6.94 -37.66
N GLN B 427 -21.52 6.14 -36.85
CA GLN B 427 -21.12 5.79 -35.48
C GLN B 427 -20.59 4.35 -35.52
N GLU B 428 -19.29 4.18 -35.80
CA GLU B 428 -18.65 2.84 -35.93
C GLU B 428 -17.82 2.50 -34.67
N LYS B 429 -17.58 3.51 -33.81
CA LYS B 429 -16.79 3.33 -32.59
C LYS B 429 -17.72 3.06 -31.40
N ILE B 430 -17.57 1.88 -30.78
CA ILE B 430 -18.43 1.42 -29.67
C ILE B 430 -17.92 2.00 -28.36
N TYR B 431 -18.64 3.01 -27.86
CA TYR B 431 -18.24 3.76 -26.65
C TYR B 431 -18.53 2.94 -25.40
N TYR B 432 -17.53 2.83 -24.50
CA TYR B 432 -17.66 2.08 -23.24
C TYR B 432 -16.79 2.72 -22.13
N ILE B 433 -17.34 2.78 -20.91
CA ILE B 433 -16.63 3.31 -19.70
C ILE B 433 -16.96 2.41 -18.49
N THR B 434 -16.04 2.34 -17.52
CA THR B 434 -16.24 1.56 -16.27
C THR B 434 -16.22 2.46 -15.03
N ALA B 435 -16.87 1.97 -13.97
CA ALA B 435 -16.83 2.54 -12.62
C ALA B 435 -17.22 1.45 -11.61
N ASP B 436 -17.05 1.75 -10.32
CA ASP B 436 -17.36 0.80 -9.21
C ASP B 436 -18.87 0.48 -9.16
N SER B 437 -19.69 1.45 -9.62
CA SER B 437 -21.14 1.34 -9.64
C SER B 437 -21.69 1.91 -10.96
N TYR B 438 -22.92 1.50 -11.32
CA TYR B 438 -23.63 1.99 -12.51
C TYR B 438 -23.86 3.51 -12.40
N ALA B 439 -24.32 3.93 -11.20
CA ALA B 439 -24.60 5.35 -10.88
C ALA B 439 -23.30 6.19 -10.88
N ALA B 440 -22.16 5.53 -10.59
CA ALA B 440 -20.83 6.17 -10.59
C ALA B 440 -20.38 6.43 -12.06
N ALA B 441 -20.58 5.44 -12.95
CA ALA B 441 -20.30 5.59 -14.40
C ALA B 441 -21.20 6.69 -14.98
N LYS B 442 -22.48 6.64 -14.55
CA LYS B 442 -23.55 7.51 -15.05
C LYS B 442 -23.47 8.92 -14.44
N SER B 443 -22.63 9.11 -13.38
CA SER B 443 -22.48 10.44 -12.71
C SER B 443 -21.74 11.45 -13.62
N SER B 444 -21.11 10.94 -14.68
CA SER B 444 -20.45 11.75 -15.71
C SER B 444 -21.52 12.48 -16.56
N PRO B 445 -21.53 13.87 -16.56
CA PRO B 445 -22.57 14.68 -17.28
C PRO B 445 -22.49 14.50 -18.81
N HIS B 446 -21.33 14.01 -19.28
CA HIS B 446 -21.04 13.77 -20.70
C HIS B 446 -22.08 12.82 -21.32
N LEU B 447 -22.41 11.77 -20.56
CA LEU B 447 -23.37 10.73 -20.96
C LEU B 447 -24.76 11.30 -21.21
N GLU B 448 -25.13 12.35 -20.46
CA GLU B 448 -26.44 13.00 -20.57
C GLU B 448 -26.58 13.71 -21.92
N LEU B 449 -25.44 14.26 -22.39
CA LEU B 449 -25.38 14.99 -23.66
C LEU B 449 -25.52 13.98 -24.80
N LEU B 450 -24.67 12.93 -24.76
CA LEU B 450 -24.63 11.86 -25.77
C LEU B 450 -25.99 11.13 -25.89
N ARG B 451 -26.59 10.83 -24.73
CA ARG B 451 -27.86 10.06 -24.63
C ARG B 451 -29.00 10.85 -25.31
N LYS B 452 -28.93 12.21 -25.22
CA LYS B 452 -29.91 13.12 -25.85
C LYS B 452 -29.82 13.08 -27.39
N LYS B 453 -28.59 12.84 -27.91
CA LYS B 453 -28.36 12.70 -29.37
C LYS B 453 -28.53 11.24 -29.85
N GLY B 454 -28.92 10.34 -28.94
CA GLY B 454 -29.15 8.93 -29.28
C GLY B 454 -27.86 8.15 -29.46
N ILE B 455 -26.84 8.55 -28.71
CA ILE B 455 -25.58 7.81 -28.63
C ILE B 455 -25.69 6.90 -27.40
N GLU B 456 -25.19 5.67 -27.51
CA GLU B 456 -25.29 4.66 -26.45
C GLU B 456 -23.87 4.30 -26.00
N VAL B 457 -23.60 4.51 -24.70
CA VAL B 457 -22.30 4.20 -24.09
C VAL B 457 -22.52 3.08 -23.08
N LEU B 458 -21.77 1.98 -23.24
CA LEU B 458 -21.80 0.85 -22.31
C LEU B 458 -21.33 1.33 -20.92
N LEU B 459 -22.21 1.17 -19.91
CA LEU B 459 -21.92 1.57 -18.51
C LEU B 459 -21.61 0.33 -17.68
N LEU B 460 -20.31 0.05 -17.53
CA LEU B 460 -19.81 -1.14 -16.84
C LEU B 460 -19.70 -0.83 -15.34
N SER B 461 -20.52 -1.51 -14.52
CA SER B 461 -20.55 -1.35 -13.05
C SER B 461 -19.68 -2.44 -12.37
N ASP B 462 -19.16 -3.36 -13.19
CA ASP B 462 -18.51 -4.60 -12.74
C ASP B 462 -17.04 -4.66 -13.22
N ARG B 463 -16.14 -5.17 -12.35
CA ARG B 463 -14.68 -5.09 -12.53
C ARG B 463 -14.08 -6.17 -13.44
N ILE B 464 -14.83 -7.25 -13.73
CA ILE B 464 -14.38 -8.25 -14.74
C ILE B 464 -14.96 -7.90 -16.13
N ASP B 465 -16.11 -7.16 -16.16
CA ASP B 465 -16.69 -6.60 -17.42
C ASP B 465 -15.66 -5.76 -18.16
N GLU B 466 -15.00 -4.84 -17.43
CA GLU B 466 -13.99 -3.91 -17.99
C GLU B 466 -12.76 -4.65 -18.56
N TRP B 467 -12.45 -5.82 -17.96
CA TRP B 467 -11.24 -6.59 -18.31
C TRP B 467 -11.53 -7.33 -19.63
N MET B 468 -12.68 -8.03 -19.64
CA MET B 468 -13.25 -8.68 -20.82
C MET B 468 -13.48 -7.68 -21.98
N MET B 469 -13.83 -6.45 -21.63
CA MET B 469 -14.15 -5.39 -22.62
C MET B 469 -12.88 -4.79 -23.23
N ASN B 470 -11.73 -5.02 -22.56
CA ASN B 470 -10.40 -4.66 -23.09
C ASN B 470 -9.83 -5.81 -23.96
N TYR B 471 -10.59 -6.93 -24.04
CA TYR B 471 -10.33 -8.03 -24.98
C TYR B 471 -11.07 -7.75 -26.29
N LEU B 472 -12.35 -7.37 -26.16
CA LEU B 472 -13.17 -6.99 -27.31
C LEU B 472 -12.74 -5.60 -27.80
N THR B 473 -11.72 -5.61 -28.66
CA THR B 473 -11.18 -4.43 -29.34
C THR B 473 -12.00 -4.12 -30.61
N GLU B 474 -12.73 -5.14 -31.12
CA GLU B 474 -13.62 -5.01 -32.30
C GLU B 474 -14.70 -6.12 -32.31
N PHE B 475 -15.86 -5.82 -32.94
CA PHE B 475 -16.97 -6.77 -33.14
C PHE B 475 -17.68 -6.42 -34.46
N ASP B 476 -17.52 -7.31 -35.47
CA ASP B 476 -18.22 -7.22 -36.79
C ASP B 476 -17.89 -5.89 -37.52
N GLY B 477 -16.59 -5.51 -37.49
CA GLY B 477 -16.12 -4.29 -38.19
C GLY B 477 -16.31 -3.00 -37.38
N LYS B 478 -17.01 -3.08 -36.23
CA LYS B 478 -17.20 -1.94 -35.31
C LYS B 478 -16.14 -2.03 -34.20
N PRO B 479 -15.02 -1.24 -34.27
CA PRO B 479 -13.99 -1.25 -33.21
C PRO B 479 -14.49 -0.54 -31.94
N PHE B 480 -14.23 -1.17 -30.80
CA PHE B 480 -14.56 -0.64 -29.48
C PHE B 480 -13.64 0.55 -29.13
N GLN B 481 -14.14 1.47 -28.30
CA GLN B 481 -13.51 2.76 -28.03
C GLN B 481 -13.89 3.27 -26.64
N SER B 482 -12.99 3.11 -25.66
CA SER B 482 -13.06 3.86 -24.39
C SER B 482 -12.49 5.27 -24.64
N VAL B 483 -12.89 6.22 -23.78
CA VAL B 483 -12.44 7.63 -23.89
C VAL B 483 -10.89 7.75 -23.79
N SER B 484 -10.28 6.79 -23.08
CA SER B 484 -8.83 6.77 -22.83
C SER B 484 -8.08 5.75 -23.72
N LYS B 485 -8.72 5.29 -24.80
CA LYS B 485 -8.10 4.34 -25.74
C LYS B 485 -7.49 5.10 -26.93
N VAL B 486 -6.43 4.51 -27.50
CA VAL B 486 -5.74 5.01 -28.70
C VAL B 486 -5.69 3.87 -29.73
N ASP B 487 -5.32 4.20 -30.97
CA ASP B 487 -5.18 3.21 -32.06
C ASP B 487 -3.73 3.17 -32.56
N GLU B 488 -3.50 2.43 -33.64
CA GLU B 488 -2.16 2.18 -34.19
C GLU B 488 -1.76 3.28 -35.21
N SER B 489 -2.65 4.28 -35.41
CA SER B 489 -2.50 5.31 -36.47
C SER B 489 -1.31 6.26 -36.20
N LEU B 490 -1.43 7.12 -35.16
CA LEU B 490 -0.47 8.23 -34.91
C LEU B 490 -0.15 8.39 -33.39
N GLU B 491 0.00 7.25 -32.67
CA GLU B 491 0.13 7.22 -31.17
C GLU B 491 1.16 8.24 -30.61
N LYS B 492 2.44 8.06 -31.00
CA LYS B 492 3.56 8.94 -30.56
C LYS B 492 3.74 10.13 -31.51
N LEU B 493 2.91 10.21 -32.56
CA LEU B 493 2.96 11.27 -33.60
C LEU B 493 2.03 12.45 -33.19
N ALA B 494 1.68 12.48 -31.88
CA ALA B 494 0.76 13.44 -31.28
C ALA B 494 1.48 14.72 -30.81
N ASP B 495 2.45 15.17 -31.60
CA ASP B 495 3.14 16.44 -31.41
C ASP B 495 2.33 17.60 -32.04
N GLU B 496 1.17 17.25 -32.64
CA GLU B 496 0.22 18.21 -33.25
C GLU B 496 -0.63 18.89 -32.16
N VAL B 497 0.03 19.62 -31.25
CA VAL B 497 -0.54 20.06 -29.97
C VAL B 497 -0.72 21.60 -29.93
N ASP B 498 -1.83 22.04 -30.54
CA ASP B 498 -2.29 23.45 -30.54
C ASP B 498 -1.26 24.41 -31.20
N GLU B 499 -0.33 24.98 -30.41
CA GLU B 499 0.73 25.88 -30.92
C GLU B 499 2.04 25.67 -30.12
N SER B 500 2.07 24.61 -29.28
CA SER B 500 3.22 24.28 -28.44
C SER B 500 4.45 23.91 -29.29
N ALA B 501 5.57 24.58 -29.01
CA ALA B 501 6.84 24.36 -29.71
C ALA B 501 8.01 24.40 -28.71
N LYS B 502 9.27 24.40 -29.22
CA LYS B 502 10.47 24.32 -28.37
C LYS B 502 10.68 25.59 -27.55
N GLU B 503 10.10 26.73 -28.00
CA GLU B 503 10.12 28.01 -27.24
C GLU B 503 9.45 27.86 -25.85
N ALA B 504 8.39 27.04 -25.80
CA ALA B 504 7.68 26.71 -24.56
C ALA B 504 8.55 25.76 -23.72
N GLU B 505 9.14 24.75 -24.39
CA GLU B 505 10.00 23.71 -23.76
C GLU B 505 11.17 24.33 -22.97
N LYS B 506 11.72 25.47 -23.47
CA LYS B 506 12.84 26.20 -22.82
C LYS B 506 12.45 26.72 -21.42
N ALA B 507 11.16 27.02 -21.23
CA ALA B 507 10.61 27.45 -19.93
C ALA B 507 10.12 26.24 -19.11
N LEU B 508 9.66 25.19 -19.82
CA LEU B 508 9.03 24.01 -19.20
C LEU B 508 10.07 23.09 -18.53
N THR B 509 11.28 22.99 -19.09
CA THR B 509 12.35 22.15 -18.50
C THR B 509 12.79 22.67 -17.09
N PRO B 510 13.17 24.00 -16.90
CA PRO B 510 13.45 24.55 -15.54
C PRO B 510 12.21 24.45 -14.63
N PHE B 511 11.01 24.58 -15.23
CA PHE B 511 9.72 24.48 -14.52
C PHE B 511 9.57 23.08 -13.90
N ILE B 512 9.95 22.02 -14.67
CA ILE B 512 9.95 20.61 -14.19
C ILE B 512 10.85 20.48 -12.94
N ASP B 513 12.09 21.00 -13.04
CA ASP B 513 13.10 20.92 -11.96
C ASP B 513 12.60 21.61 -10.66
N ARG B 514 11.96 22.78 -10.83
CA ARG B 514 11.39 23.56 -9.70
C ARG B 514 10.24 22.78 -9.04
N VAL B 515 9.35 22.20 -9.87
CA VAL B 515 8.15 21.47 -9.41
C VAL B 515 8.55 20.19 -8.65
N LYS B 516 9.58 19.47 -9.13
CA LYS B 516 10.07 18.24 -8.46
C LYS B 516 10.79 18.58 -7.14
N ALA B 517 11.45 19.75 -7.10
CA ALA B 517 12.11 20.26 -5.89
C ALA B 517 11.07 20.83 -4.89
N LEU B 518 9.91 21.25 -5.43
CA LEU B 518 8.81 21.84 -4.64
C LEU B 518 7.98 20.73 -3.98
N LEU B 519 7.74 19.65 -4.73
CA LEU B 519 6.96 18.48 -4.27
C LEU B 519 7.86 17.53 -3.47
N GLY B 520 9.19 17.62 -3.70
CA GLY B 520 10.18 16.85 -2.96
C GLY B 520 10.13 15.36 -3.28
N GLU B 521 9.33 14.62 -2.50
CA GLU B 521 9.19 13.16 -2.64
C GLU B 521 7.71 12.74 -2.72
N ARG B 522 6.77 13.73 -2.75
CA ARG B 522 5.31 13.48 -2.87
C ARG B 522 4.93 12.88 -4.23
N VAL B 523 5.85 12.95 -5.21
CA VAL B 523 5.66 12.43 -6.57
C VAL B 523 6.91 11.63 -7.00
N LYS B 524 6.71 10.59 -7.81
CA LYS B 524 7.79 9.81 -8.42
C LYS B 524 8.58 10.68 -9.42
N ASP B 525 7.85 11.21 -10.42
CA ASP B 525 8.43 12.02 -11.51
C ASP B 525 7.38 13.02 -12.04
N VAL B 526 7.83 14.22 -12.42
CA VAL B 526 6.95 15.26 -13.01
C VAL B 526 7.36 15.49 -14.47
N ARG B 527 6.38 15.43 -15.38
CA ARG B 527 6.58 15.76 -16.81
C ARG B 527 5.72 16.98 -17.17
N LEU B 528 6.09 17.67 -18.26
CA LEU B 528 5.22 18.69 -18.89
C LEU B 528 4.79 18.15 -20.26
N THR B 529 3.68 17.40 -20.26
CA THR B 529 3.13 16.79 -21.49
C THR B 529 2.03 17.68 -22.07
N HIS B 530 1.73 17.50 -23.35
CA HIS B 530 0.87 18.44 -24.11
C HIS B 530 -0.47 17.76 -24.44
N ARG B 531 -0.93 16.94 -23.48
CA ARG B 531 -2.22 16.24 -23.56
C ARG B 531 -3.34 17.26 -23.36
N LEU B 532 -3.94 17.68 -24.51
CA LEU B 532 -4.82 18.88 -24.62
C LEU B 532 -5.94 18.87 -23.53
N THR B 533 -6.97 18.00 -23.72
CA THR B 533 -8.08 17.70 -22.75
C THR B 533 -8.74 18.96 -22.08
N ASP B 534 -9.67 18.72 -21.13
CA ASP B 534 -10.32 19.79 -20.33
C ASP B 534 -9.62 19.94 -18.96
N THR B 535 -8.75 18.97 -18.65
CA THR B 535 -8.05 18.89 -17.37
C THR B 535 -6.75 19.74 -17.42
N PRO B 536 -6.50 20.62 -16.38
CA PRO B 536 -5.25 21.42 -16.29
C PRO B 536 -3.99 20.54 -16.19
N ALA B 537 -4.06 19.55 -15.32
CA ALA B 537 -2.96 18.65 -15.01
C ALA B 537 -3.53 17.26 -14.73
N ILE B 538 -2.84 16.23 -15.23
CA ILE B 538 -3.29 14.84 -15.14
C ILE B 538 -2.13 13.98 -14.60
N VAL B 539 -2.45 13.02 -13.73
CA VAL B 539 -1.46 12.09 -13.20
C VAL B 539 -1.44 10.80 -14.06
N SER B 540 -0.23 10.34 -14.41
CA SER B 540 -0.01 9.12 -15.19
C SER B 540 0.48 7.98 -14.30
N THR B 541 0.37 6.77 -14.85
CA THR B 541 0.74 5.54 -14.17
C THR B 541 1.61 4.67 -15.10
N ASP B 542 2.72 4.16 -14.55
CA ASP B 542 3.61 3.21 -15.25
C ASP B 542 2.89 1.86 -15.39
N ALA B 543 2.42 1.34 -14.25
CA ALA B 543 1.69 0.06 -14.17
C ALA B 543 0.33 0.25 -13.44
N ASP B 544 -0.22 -0.86 -12.89
CA ASP B 544 -1.55 -0.88 -12.23
C ASP B 544 -1.57 0.03 -10.99
N GLU B 545 -2.40 1.10 -11.07
CA GLU B 545 -2.55 2.14 -10.02
C GLU B 545 -1.16 2.75 -9.68
N MET B 546 -0.35 2.88 -10.76
CA MET B 546 1.08 3.24 -10.72
C MET B 546 1.92 2.01 -10.37
N SER B 547 1.74 1.52 -9.13
CA SER B 547 2.56 0.42 -8.59
C SER B 547 1.92 -0.21 -7.33
N THR B 548 0.58 -0.09 -7.21
CA THR B 548 -0.15 -0.51 -5.97
C THR B 548 -0.53 -2.02 -6.02
N GLN B 549 0.04 -2.78 -7.00
CA GLN B 549 -0.16 -4.26 -7.12
C GLN B 549 0.78 -4.90 -8.16
N MET B 550 1.99 -5.32 -7.68
CA MET B 550 2.98 -6.17 -8.43
C MET B 550 4.26 -6.33 -7.57
N ALA B 551 5.07 -7.36 -7.88
CA ALA B 551 6.28 -7.76 -7.10
C ALA B 551 7.30 -6.60 -6.89
N LYS B 552 8.06 -6.23 -7.95
CA LYS B 552 9.10 -5.15 -7.89
C LYS B 552 8.53 -3.81 -7.39
N LEU B 553 7.28 -3.58 -7.77
CA LEU B 553 6.55 -2.34 -7.47
C LEU B 553 6.38 -2.16 -5.95
N PHE B 554 5.97 -3.23 -5.25
CA PHE B 554 5.88 -3.23 -3.77
C PHE B 554 7.27 -3.36 -3.12
N ALA B 555 8.25 -3.88 -3.89
CA ALA B 555 9.66 -4.05 -3.45
C ALA B 555 10.48 -2.75 -3.60
N ALA B 556 9.79 -1.61 -3.84
CA ALA B 556 10.42 -0.27 -3.84
C ALA B 556 10.77 0.15 -2.40
N ALA B 557 9.74 0.28 -1.53
CA ALA B 557 9.93 0.54 -0.08
C ALA B 557 9.20 -0.52 0.77
N GLY B 558 7.87 -0.65 0.58
CA GLY B 558 7.08 -1.59 1.40
C GLY B 558 5.75 -1.02 1.86
N GLN B 559 5.72 0.29 2.21
CA GLN B 559 4.49 1.01 2.65
C GLN B 559 3.61 1.37 1.41
N LYS B 560 3.14 2.65 1.25
CA LYS B 560 2.32 3.04 0.08
C LYS B 560 3.14 3.05 -1.23
N VAL B 561 4.46 2.72 -1.15
CA VAL B 561 5.41 2.78 -2.28
C VAL B 561 5.62 4.23 -2.81
N PRO B 562 6.90 4.72 -2.88
CA PRO B 562 7.23 6.06 -3.44
C PRO B 562 6.77 6.19 -4.90
N GLU B 563 6.87 5.08 -5.65
CA GLU B 563 6.45 5.02 -7.05
C GLU B 563 4.93 5.23 -7.22
N VAL B 564 4.11 4.65 -6.29
CA VAL B 564 2.62 4.81 -6.29
C VAL B 564 2.21 6.28 -6.33
N LYS B 565 3.08 7.14 -5.78
CA LYS B 565 2.96 8.59 -5.93
C LYS B 565 3.12 8.92 -7.43
N TYR B 566 2.01 9.29 -8.05
CA TYR B 566 1.77 9.18 -9.50
C TYR B 566 2.53 10.28 -10.27
N ILE B 567 2.70 10.09 -11.58
CA ILE B 567 3.55 10.98 -12.39
C ILE B 567 2.73 12.25 -12.72
N PHE B 568 3.13 13.36 -12.08
CA PHE B 568 2.41 14.62 -12.17
C PHE B 568 2.77 15.32 -13.50
N GLU B 569 1.80 15.39 -14.40
CA GLU B 569 1.98 15.99 -15.73
C GLU B 569 1.03 17.18 -15.88
N LEU B 570 1.55 18.33 -16.33
CA LEU B 570 0.74 19.54 -16.58
C LEU B 570 0.68 19.79 -18.09
N ASN B 571 -0.49 20.17 -18.61
CA ASN B 571 -0.65 20.58 -20.02
C ASN B 571 -0.41 22.10 -20.13
N PRO B 572 0.74 22.55 -20.74
CA PRO B 572 1.05 23.99 -20.89
C PRO B 572 -0.03 24.74 -21.67
N ASP B 573 -0.69 24.02 -22.60
CA ASP B 573 -1.74 24.55 -23.49
C ASP B 573 -2.98 25.04 -22.69
N HIS B 574 -3.30 24.38 -21.55
CA HIS B 574 -4.50 24.70 -20.76
C HIS B 574 -4.31 26.02 -19.96
N VAL B 575 -5.39 26.83 -19.88
CA VAL B 575 -5.41 28.21 -19.31
C VAL B 575 -4.75 28.30 -17.90
N LEU B 576 -5.02 27.31 -17.05
CA LEU B 576 -4.58 27.30 -15.63
C LEU B 576 -3.05 27.11 -15.50
N VAL B 577 -2.44 26.35 -16.44
CA VAL B 577 -0.99 26.08 -16.46
C VAL B 577 -0.24 27.23 -17.16
N LYS B 578 -0.91 27.88 -18.13
CA LYS B 578 -0.45 29.16 -18.73
C LYS B 578 -0.28 30.19 -17.61
N ARG B 579 -1.35 30.31 -16.81
CA ARG B 579 -1.44 31.27 -15.69
C ARG B 579 -0.37 30.94 -14.61
N ALA B 580 -0.11 29.63 -14.41
CA ALA B 580 0.88 29.14 -13.44
C ALA B 580 2.33 29.33 -13.95
N ALA B 581 2.49 29.43 -15.28
CA ALA B 581 3.79 29.70 -15.93
C ALA B 581 4.13 31.20 -15.84
N ASP B 582 3.09 32.05 -15.79
CA ASP B 582 3.22 33.50 -15.57
C ASP B 582 3.45 33.82 -14.07
N THR B 583 3.18 32.85 -13.18
CA THR B 583 3.33 33.02 -11.73
C THR B 583 4.82 32.99 -11.30
N GLU B 584 5.36 34.17 -10.94
CA GLU B 584 6.73 34.32 -10.41
C GLU B 584 6.74 34.29 -8.86
N ASP B 585 5.55 34.49 -8.24
CA ASP B 585 5.41 34.52 -6.76
C ASP B 585 5.67 33.11 -6.19
N GLU B 586 6.51 33.03 -5.15
CA GLU B 586 6.97 31.76 -4.56
C GLU B 586 5.79 30.96 -3.98
N ALA B 587 4.96 31.63 -3.14
CA ALA B 587 3.82 30.98 -2.46
C ALA B 587 2.77 30.50 -3.47
N LYS B 588 2.54 31.33 -4.50
CA LYS B 588 1.54 31.04 -5.55
C LYS B 588 2.04 29.98 -6.53
N PHE B 589 3.37 29.90 -6.73
CA PHE B 589 3.99 28.84 -7.55
C PHE B 589 3.71 27.49 -6.85
N SER B 590 4.08 27.46 -5.57
CA SER B 590 3.86 26.31 -4.68
C SER B 590 2.36 25.94 -4.56
N GLU B 591 1.51 26.98 -4.59
CA GLU B 591 0.06 26.85 -4.42
C GLU B 591 -0.57 26.14 -5.62
N TRP B 592 -0.37 26.72 -6.82
CA TRP B 592 -0.96 26.19 -8.07
C TRP B 592 -0.39 24.80 -8.39
N VAL B 593 0.92 24.59 -8.16
CA VAL B 593 1.59 23.29 -8.43
C VAL B 593 0.97 22.15 -7.59
N GLU B 594 0.93 22.34 -6.26
CA GLU B 594 0.39 21.33 -5.33
C GLU B 594 -1.14 21.20 -5.44
N LEU B 595 -1.85 22.29 -5.80
CA LEU B 595 -3.32 22.26 -5.95
C LEU B 595 -3.68 21.40 -7.16
N LEU B 596 -2.98 21.62 -8.29
CA LEU B 596 -3.20 20.83 -9.54
C LEU B 596 -2.75 19.37 -9.35
N LEU B 597 -1.75 19.14 -8.46
CA LEU B 597 -1.32 17.79 -8.07
C LEU B 597 -2.47 17.05 -7.38
N ASP B 598 -2.88 17.58 -6.22
CA ASP B 598 -3.92 16.99 -5.38
C ASP B 598 -5.27 16.92 -6.12
N GLN B 599 -5.51 17.83 -7.07
CA GLN B 599 -6.77 17.89 -7.86
C GLN B 599 -6.83 16.72 -8.87
N ALA B 600 -5.71 16.49 -9.57
CA ALA B 600 -5.58 15.38 -10.55
C ALA B 600 -5.61 14.01 -9.86
N LEU B 601 -4.84 13.94 -8.76
CA LEU B 601 -4.67 12.75 -7.90
C LEU B 601 -6.07 12.32 -7.35
N LEU B 602 -6.79 13.34 -6.85
CA LEU B 602 -8.15 13.20 -6.26
C LEU B 602 -9.17 12.74 -7.33
N ALA B 603 -8.88 13.04 -8.60
CA ALA B 603 -9.76 12.68 -9.73
C ALA B 603 -9.58 11.20 -10.11
N GLU B 604 -8.37 10.67 -9.88
CA GLU B 604 -7.98 9.35 -10.44
C GLU B 604 -8.19 8.20 -9.43
N ARG B 605 -8.01 8.46 -8.10
CA ARG B 605 -8.24 7.44 -7.03
C ARG B 605 -8.85 8.04 -5.75
N GLY B 606 -8.99 9.39 -5.69
CA GLY B 606 -9.73 10.06 -4.60
C GLY B 606 -9.09 9.98 -3.20
N THR B 607 -7.79 9.63 -3.13
CA THR B 607 -7.07 9.47 -1.85
C THR B 607 -5.79 10.33 -1.87
N LEU B 608 -5.72 11.36 -0.99
CA LEU B 608 -4.60 12.34 -0.99
C LEU B 608 -3.66 12.13 0.20
N GLU B 609 -2.39 12.60 0.05
CA GLU B 609 -1.44 12.68 1.18
C GLU B 609 -1.91 13.74 2.17
N ASP B 610 -2.23 14.94 1.64
CA ASP B 610 -2.63 16.10 2.45
C ASP B 610 -3.91 16.75 1.87
N PRO B 611 -5.12 16.36 2.39
CA PRO B 611 -6.40 16.95 1.94
C PRO B 611 -6.59 18.40 2.45
N ASN B 612 -6.09 18.69 3.67
CA ASN B 612 -6.36 19.95 4.39
C ASN B 612 -5.73 21.17 3.69
N LEU B 613 -4.48 20.99 3.21
CA LEU B 613 -3.73 22.05 2.51
C LEU B 613 -4.36 22.36 1.14
N PHE B 614 -4.88 21.29 0.49
CA PHE B 614 -5.65 21.41 -0.75
C PHE B 614 -6.93 22.24 -0.51
N ILE B 615 -7.64 21.92 0.61
CA ILE B 615 -8.89 22.61 1.00
C ILE B 615 -8.64 24.11 1.23
N ARG B 616 -7.55 24.44 1.95
CA ARG B 616 -7.13 25.84 2.22
C ARG B 616 -7.00 26.65 0.90
N ARG B 617 -6.10 26.18 0.03
CA ARG B 617 -5.76 26.87 -1.24
C ARG B 617 -6.99 27.00 -2.16
N MET B 618 -7.80 25.93 -2.17
CA MET B 618 -9.06 25.85 -2.95
C MET B 618 -10.04 26.96 -2.49
N ASN B 619 -10.19 27.10 -1.16
CA ASN B 619 -11.10 28.10 -0.54
C ASN B 619 -10.76 29.53 -1.01
N GLN B 620 -9.46 29.88 -0.98
CA GLN B 620 -9.00 31.24 -1.32
C GLN B 620 -9.23 31.57 -2.80
N LEU B 621 -8.91 30.63 -3.70
CA LEU B 621 -9.07 30.85 -5.16
C LEU B 621 -10.55 30.91 -5.59
N LEU B 622 -11.44 30.25 -4.83
CA LEU B 622 -12.90 30.24 -5.11
C LEU B 622 -13.62 31.42 -4.42
N VAL B 623 -13.06 31.95 -3.32
CA VAL B 623 -13.67 33.10 -2.60
C VAL B 623 -13.27 34.42 -3.28
N SER B 624 -12.12 34.40 -4.00
CA SER B 624 -11.68 35.50 -4.86
C SER B 624 -12.58 35.53 -6.15
N MET C 1 -9.83 20.47 38.00
CA MET C 1 -10.29 21.72 37.35
C MET C 1 -10.87 21.39 35.97
N ALA C 2 -11.91 22.15 35.55
CA ALA C 2 -12.69 21.90 34.30
C ALA C 2 -11.79 21.86 33.05
N THR C 3 -11.54 20.64 32.56
CA THR C 3 -10.65 20.38 31.43
C THR C 3 -11.33 19.45 30.39
N SER C 4 -11.85 20.06 29.30
CA SER C 4 -12.48 19.35 28.16
C SER C 4 -12.30 20.21 26.89
N THR C 5 -12.96 21.38 26.88
CA THR C 5 -12.88 22.38 25.79
C THR C 5 -11.49 23.02 25.76
N LEU C 6 -10.89 23.09 24.54
CA LEU C 6 -9.55 23.63 24.34
C LEU C 6 -9.34 23.93 22.84
N ILE C 7 -9.51 22.88 22.00
CA ILE C 7 -9.30 22.98 20.56
C ILE C 7 -9.95 21.78 19.83
N LYS C 8 -10.54 22.06 18.66
CA LYS C 8 -10.87 21.05 17.65
C LYS C 8 -10.20 21.45 16.34
N ALA C 9 -9.03 20.88 16.09
CA ALA C 9 -8.25 21.12 14.87
C ALA C 9 -7.69 19.80 14.32
N ILE C 10 -7.23 19.88 13.06
CA ILE C 10 -6.59 18.77 12.32
C ILE C 10 -7.56 17.58 12.14
N ASP C 11 -8.41 17.70 11.11
CA ASP C 11 -9.37 16.66 10.71
C ASP C 11 -8.74 15.75 9.65
N GLY C 12 -9.18 14.49 9.63
CA GLY C 12 -8.67 13.48 8.71
C GLY C 12 -9.57 12.25 8.66
N ASP C 13 -9.06 11.18 8.06
CA ASP C 13 -9.76 9.89 7.92
C ASP C 13 -9.86 9.16 9.30
N THR C 14 -8.71 9.06 9.99
CA THR C 14 -8.59 8.39 11.30
C THR C 14 -7.66 9.21 12.22
N VAL C 15 -8.20 9.71 13.34
CA VAL C 15 -7.39 10.36 14.41
C VAL C 15 -6.77 9.24 15.28
N LYS C 16 -5.66 8.67 14.78
CA LYS C 16 -4.92 7.60 15.47
C LYS C 16 -4.01 8.21 16.54
N LEU C 17 -4.11 7.73 17.79
CA LEU C 17 -3.26 8.19 18.90
C LEU C 17 -1.92 7.44 18.81
N MET C 18 -1.05 7.93 17.91
CA MET C 18 0.31 7.41 17.69
C MET C 18 0.34 5.94 17.23
N TYR C 19 1.55 5.37 17.19
CA TYR C 19 1.77 3.94 16.97
C TYR C 19 1.72 3.22 18.33
N LYS C 20 1.09 2.03 18.36
CA LYS C 20 0.97 1.20 19.57
C LYS C 20 2.33 0.55 19.94
N GLY C 21 3.28 0.56 19.00
CA GLY C 21 4.64 0.06 19.24
C GLY C 21 5.40 -0.16 17.95
N GLN C 22 6.73 0.04 17.97
CA GLN C 22 7.59 -0.07 16.77
C GLN C 22 9.08 -0.27 17.20
N PRO C 23 9.42 -1.48 17.78
CA PRO C 23 10.79 -1.78 18.26
C PRO C 23 11.76 -2.04 17.09
N MET C 24 12.33 -0.94 16.57
CA MET C 24 13.32 -0.96 15.47
C MET C 24 14.76 -0.95 16.05
N THR C 25 14.87 -1.14 17.37
CA THR C 25 16.06 -0.79 18.17
C THR C 25 16.56 -1.97 19.04
N PHE C 26 17.63 -1.71 19.84
CA PHE C 26 18.32 -2.73 20.66
C PHE C 26 18.40 -2.36 22.17
N ARG C 27 17.69 -1.28 22.58
CA ARG C 27 17.60 -0.81 24.00
C ARG C 27 18.95 -0.30 24.56
N LEU C 28 19.10 1.04 24.58
CA LEU C 28 20.25 1.73 25.22
C LEU C 28 19.89 3.22 25.31
N LEU C 29 20.13 3.86 26.48
CA LEU C 29 20.11 5.34 26.61
C LEU C 29 20.76 5.73 27.98
N LEU C 30 19.95 5.97 29.04
CA LEU C 30 20.51 6.46 30.32
C LEU C 30 21.17 5.31 31.10
N VAL C 31 22.44 5.53 31.50
CA VAL C 31 23.24 4.59 32.29
C VAL C 31 23.73 5.30 33.56
N ASP C 32 23.05 4.97 34.69
CA ASP C 32 23.24 5.62 36.00
C ASP C 32 22.95 7.15 35.92
N THR C 33 24.01 7.96 35.61
CA THR C 33 23.92 9.44 35.50
C THR C 33 23.28 10.07 36.78
N PRO C 34 24.09 10.36 37.84
CA PRO C 34 23.58 10.86 39.14
C PRO C 34 23.44 12.40 39.17
N GLU C 35 23.46 13.02 37.98
CA GLU C 35 23.52 14.49 37.84
C GLU C 35 22.10 15.08 37.81
N THR C 36 21.78 15.96 38.78
CA THR C 36 20.46 16.62 38.85
C THR C 36 20.54 18.01 38.17
N LYS C 37 19.75 18.22 37.11
CA LYS C 37 19.72 19.48 36.34
C LYS C 37 18.34 20.15 36.50
N HIS C 38 18.33 21.47 36.76
CA HIS C 38 17.08 22.28 36.85
C HIS C 38 16.97 23.34 35.71
N PRO C 39 18.03 24.20 35.40
CA PRO C 39 17.94 25.24 34.33
C PRO C 39 17.41 24.71 32.98
N LYS C 40 16.42 25.43 32.43
CA LYS C 40 15.75 25.05 31.19
C LYS C 40 15.38 26.32 30.40
N LYS C 41 15.57 26.26 29.08
CA LYS C 41 15.25 27.35 28.15
C LYS C 41 14.43 26.80 26.96
N GLY C 42 13.98 27.71 26.09
CA GLY C 42 13.18 27.33 24.93
C GLY C 42 13.07 28.47 23.92
N VAL C 43 13.70 28.29 22.76
CA VAL C 43 13.71 29.30 21.67
C VAL C 43 13.11 28.70 20.37
N GLU C 44 13.11 29.49 19.30
CA GLU C 44 12.73 29.06 17.95
C GLU C 44 13.79 29.53 16.94
N LYS C 45 14.07 28.68 15.95
CA LYS C 45 14.96 29.02 14.82
C LYS C 45 14.61 28.12 13.62
N TYR C 46 15.14 28.44 12.43
CA TYR C 46 14.91 27.68 11.19
C TYR C 46 16.22 26.99 10.76
N GLY C 47 16.10 25.72 10.35
CA GLY C 47 17.23 24.91 9.91
C GLY C 47 16.97 23.42 10.16
N PRO C 48 16.15 22.74 9.29
CA PRO C 48 15.87 21.30 9.39
C PRO C 48 16.89 20.43 8.61
N GLU C 49 16.72 19.10 8.75
CA GLU C 49 17.52 18.08 8.04
C GLU C 49 17.20 18.13 6.52
N ALA C 50 18.22 17.89 5.67
CA ALA C 50 18.10 18.02 4.21
C ALA C 50 17.23 16.90 3.58
N SER C 51 17.59 15.64 3.89
CA SER C 51 16.96 14.41 3.34
C SER C 51 17.17 14.29 1.80
N ALA C 52 18.14 13.44 1.40
CA ALA C 52 18.49 13.23 -0.02
C ALA C 52 18.66 11.73 -0.34
N PHE C 53 17.78 11.23 -1.23
CA PHE C 53 17.81 9.85 -1.75
C PHE C 53 17.12 9.83 -3.11
N THR C 54 17.89 9.54 -4.18
CA THR C 54 17.34 9.42 -5.55
C THR C 54 17.03 7.93 -5.83
N LYS C 55 15.78 7.63 -6.24
CA LYS C 55 15.35 6.26 -6.56
C LYS C 55 15.30 6.12 -8.11
N LYS C 56 16.16 5.23 -8.64
CA LYS C 56 16.37 5.00 -10.09
C LYS C 56 15.06 4.65 -10.85
N MET C 57 14.95 5.14 -12.11
CA MET C 57 13.82 4.84 -13.02
C MET C 57 14.36 4.44 -14.42
N VAL C 58 13.94 3.27 -14.91
CA VAL C 58 14.09 2.88 -16.33
C VAL C 58 12.72 3.05 -17.05
N GLU C 59 11.65 3.04 -16.23
CA GLU C 59 10.25 3.08 -16.67
C GLU C 59 9.88 4.46 -17.23
N ASN C 60 9.35 4.49 -18.47
CA ASN C 60 8.95 5.73 -19.16
C ASN C 60 7.48 5.63 -19.55
N ALA C 61 6.58 5.98 -18.63
CA ALA C 61 5.13 6.09 -18.92
C ALA C 61 4.88 7.29 -19.83
N LYS C 62 4.97 7.06 -21.15
CA LYS C 62 4.78 8.09 -22.18
C LYS C 62 3.65 7.65 -23.12
N LYS C 63 2.43 8.16 -22.85
CA LYS C 63 1.25 7.92 -23.69
C LYS C 63 0.34 9.17 -23.64
N ILE C 64 -0.36 9.40 -24.76
CA ILE C 64 -1.29 10.53 -24.92
C ILE C 64 -2.53 10.05 -25.68
N GLU C 65 -3.71 10.38 -25.14
CA GLU C 65 -5.00 10.02 -25.74
C GLU C 65 -5.35 11.10 -26.78
N VAL C 66 -5.28 10.72 -28.06
CA VAL C 66 -5.29 11.69 -29.17
C VAL C 66 -6.05 11.12 -30.39
N GLU C 67 -5.60 9.99 -30.94
CA GLU C 67 -6.07 9.47 -32.22
C GLU C 67 -6.79 8.13 -32.07
N PHE C 68 -7.63 7.86 -33.07
CA PHE C 68 -8.38 6.62 -33.21
C PHE C 68 -8.96 6.60 -34.63
N ASP C 69 -8.70 5.52 -35.37
CA ASP C 69 -9.12 5.41 -36.78
C ASP C 69 -9.18 3.93 -37.22
N LYS C 70 -8.11 3.18 -36.89
CA LYS C 70 -7.91 1.81 -37.38
C LYS C 70 -8.88 0.79 -36.75
N GLY C 71 -9.59 0.07 -37.63
CA GLY C 71 -10.48 -1.02 -37.26
C GLY C 71 -10.57 -2.01 -38.40
N GLN C 72 -9.79 -3.11 -38.31
CA GLN C 72 -9.66 -4.11 -39.40
C GLN C 72 -10.26 -5.46 -38.98
N ARG C 73 -11.34 -5.85 -39.67
CA ARG C 73 -11.87 -7.21 -39.65
C ARG C 73 -11.17 -8.02 -40.76
N THR C 74 -11.16 -9.36 -40.65
CA THR C 74 -10.65 -10.25 -41.71
C THR C 74 -11.13 -11.69 -41.49
N ASP C 75 -10.90 -12.23 -40.27
CA ASP C 75 -11.17 -13.67 -39.98
C ASP C 75 -11.68 -13.83 -38.55
N LYS C 76 -12.31 -14.99 -38.32
CA LYS C 76 -12.79 -15.44 -37.00
C LYS C 76 -13.02 -16.97 -37.04
N TYR C 77 -13.56 -17.53 -35.93
CA TYR C 77 -13.93 -18.96 -35.76
C TYR C 77 -12.68 -19.88 -35.74
N GLY C 78 -12.77 -21.00 -35.00
CA GLY C 78 -11.68 -21.99 -34.94
C GLY C 78 -12.18 -23.39 -34.59
N ARG C 79 -11.37 -24.41 -34.96
CA ARG C 79 -11.64 -25.81 -34.60
C ARG C 79 -11.35 -26.06 -33.11
N GLY C 80 -12.42 -26.25 -32.33
CA GLY C 80 -12.33 -26.40 -30.88
C GLY C 80 -12.24 -25.05 -30.17
N LEU C 81 -12.60 -25.03 -28.87
CA LEU C 81 -12.46 -23.83 -28.02
C LEU C 81 -11.11 -23.91 -27.28
N ALA C 82 -10.52 -22.75 -26.93
CA ALA C 82 -9.18 -22.69 -26.28
C ALA C 82 -9.22 -23.25 -24.86
N TYR C 83 -8.06 -23.70 -24.36
CA TYR C 83 -7.93 -24.40 -23.07
C TYR C 83 -6.54 -24.17 -22.46
N ILE C 84 -6.46 -23.20 -21.52
CA ILE C 84 -5.28 -23.02 -20.66
C ILE C 84 -5.69 -22.21 -19.40
N TYR C 85 -5.99 -20.89 -19.58
CA TYR C 85 -6.46 -19.96 -18.52
C TYR C 85 -6.56 -18.54 -19.08
N ALA C 86 -7.39 -17.71 -18.42
CA ALA C 86 -7.53 -16.28 -18.75
C ALA C 86 -6.38 -15.48 -18.09
N ASP C 87 -5.42 -14.99 -18.92
CA ASP C 87 -4.21 -14.28 -18.46
C ASP C 87 -4.16 -12.85 -19.00
N GLY C 88 -3.98 -12.74 -20.32
CA GLY C 88 -3.74 -11.47 -20.97
C GLY C 88 -3.91 -11.58 -22.48
N LYS C 89 -2.79 -11.42 -23.23
CA LYS C 89 -2.75 -11.57 -24.70
C LYS C 89 -3.52 -10.40 -25.38
N MET C 90 -4.86 -10.49 -25.41
CA MET C 90 -5.71 -9.52 -26.13
C MET C 90 -6.23 -8.40 -25.19
N VAL C 91 -6.13 -8.61 -23.85
CA VAL C 91 -6.48 -7.55 -22.87
C VAL C 91 -5.43 -6.41 -22.98
N ASN C 92 -5.92 -5.17 -23.15
CA ASN C 92 -5.06 -4.02 -23.45
C ASN C 92 -5.72 -2.72 -22.99
N GLU C 93 -4.89 -1.82 -22.39
CA GLU C 93 -5.29 -0.47 -21.94
C GLU C 93 -6.32 -0.51 -20.78
N ALA C 94 -6.87 0.67 -20.43
CA ALA C 94 -7.87 0.81 -19.37
C ALA C 94 -8.94 1.84 -19.77
N LEU C 95 -10.01 1.90 -18.96
CA LEU C 95 -11.17 2.81 -19.16
C LEU C 95 -11.05 4.00 -18.17
N VAL C 96 -11.66 5.14 -18.52
CA VAL C 96 -11.71 6.35 -17.66
C VAL C 96 -13.17 6.84 -17.52
N ARG C 97 -13.43 7.70 -16.51
CA ARG C 97 -14.76 8.29 -16.13
C ARG C 97 -15.45 9.19 -17.22
N GLN C 98 -15.14 8.97 -18.53
CA GLN C 98 -15.84 9.58 -19.71
C GLN C 98 -15.44 11.05 -19.94
N GLY C 99 -15.32 11.42 -21.24
CA GLY C 99 -14.87 12.76 -21.65
C GLY C 99 -15.61 13.28 -22.88
N LEU C 100 -15.86 12.41 -23.88
CA LEU C 100 -16.52 12.82 -25.13
C LEU C 100 -18.00 13.18 -24.89
N ALA C 101 -18.42 14.34 -25.44
CA ALA C 101 -19.80 14.83 -25.38
C ALA C 101 -19.93 16.10 -26.24
N LYS C 102 -20.04 15.92 -27.57
CA LYS C 102 -20.22 17.04 -28.52
C LYS C 102 -21.42 16.77 -29.45
N VAL C 103 -21.18 16.06 -30.58
CA VAL C 103 -22.15 15.89 -31.69
C VAL C 103 -22.70 17.27 -32.15
N ALA C 104 -22.17 17.80 -33.28
CA ALA C 104 -22.41 19.17 -33.75
C ALA C 104 -23.90 19.50 -34.00
N TYR C 105 -24.60 19.84 -32.89
CA TYR C 105 -26.04 20.20 -32.80
C TYR C 105 -26.42 20.05 -31.32
N VAL C 106 -26.31 21.13 -30.53
CA VAL C 106 -26.67 21.13 -29.10
C VAL C 106 -27.82 22.13 -28.84
N TYR C 107 -28.31 22.14 -27.60
CA TYR C 107 -29.35 23.06 -27.14
C TYR C 107 -29.01 23.48 -25.70
N LYS C 108 -29.21 24.77 -25.37
CA LYS C 108 -28.91 25.31 -24.03
C LYS C 108 -30.04 26.25 -23.58
N PRO C 109 -30.96 25.78 -22.67
CA PRO C 109 -31.93 26.66 -22.00
C PRO C 109 -31.42 27.15 -20.63
N ASN C 110 -32.33 27.70 -19.81
CA ASN C 110 -32.05 28.16 -18.44
C ASN C 110 -33.38 28.39 -17.71
N ASN C 111 -33.52 27.82 -16.50
CA ASN C 111 -34.76 27.94 -15.70
C ASN C 111 -34.41 27.86 -14.20
N THR C 112 -35.20 28.60 -13.40
CA THR C 112 -35.10 28.60 -11.96
C THR C 112 -36.45 29.01 -11.36
N HIS C 113 -36.90 28.29 -10.31
CA HIS C 113 -38.18 28.55 -9.64
C HIS C 113 -38.28 27.77 -8.32
N GLU C 114 -38.80 28.44 -7.28
CA GLU C 114 -39.14 27.81 -6.00
C GLU C 114 -40.22 28.61 -5.27
N GLN C 115 -40.74 28.02 -4.17
CA GLN C 115 -41.57 28.70 -3.17
C GLN C 115 -41.78 27.74 -1.98
N HIS C 116 -40.77 27.66 -1.10
CA HIS C 116 -40.78 26.73 0.05
C HIS C 116 -40.05 27.34 1.26
N LEU C 117 -40.73 27.30 2.41
CA LEU C 117 -40.19 27.77 3.70
C LEU C 117 -39.56 26.59 4.46
N ARG C 118 -38.63 26.93 5.35
CA ARG C 118 -37.87 25.97 6.18
C ARG C 118 -37.53 26.71 7.52
N LYS C 119 -37.11 25.98 8.56
CA LYS C 119 -36.53 26.59 9.79
C LYS C 119 -35.62 25.57 10.50
N SER C 120 -34.42 26.01 10.93
CA SER C 120 -33.47 25.20 11.71
C SER C 120 -32.77 26.09 12.75
N GLU C 121 -33.01 25.82 14.05
CA GLU C 121 -32.37 26.54 15.17
C GLU C 121 -32.10 25.59 16.34
N ALA C 122 -31.18 25.99 17.23
CA ALA C 122 -30.83 25.24 18.44
C ALA C 122 -30.14 26.18 19.44
N GLN C 123 -30.58 26.16 20.71
CA GLN C 123 -29.95 26.92 21.79
C GLN C 123 -29.99 26.13 23.11
N ALA C 124 -28.82 25.66 23.55
CA ALA C 124 -28.62 24.98 24.84
C ALA C 124 -27.12 24.85 25.13
N LYS C 125 -26.73 25.15 26.38
CA LYS C 125 -25.36 25.00 26.85
C LYS C 125 -25.36 24.08 28.07
N LYS C 126 -24.62 22.96 27.97
CA LYS C 126 -24.31 22.13 29.14
C LYS C 126 -23.13 22.78 29.89
N GLU C 127 -23.14 22.69 31.22
CA GLU C 127 -22.06 23.23 32.04
C GLU C 127 -21.71 22.21 33.15
N LYS C 128 -20.43 21.86 33.22
CA LYS C 128 -19.91 20.89 34.20
C LYS C 128 -18.42 21.15 34.45
N LEU C 129 -17.91 20.61 35.56
CA LEU C 129 -16.50 20.78 35.98
C LEU C 129 -15.92 19.43 36.43
N ASN C 130 -14.66 19.44 36.87
CA ASN C 130 -14.00 18.27 37.45
C ASN C 130 -12.87 18.72 38.38
N ILE C 131 -12.21 17.76 39.03
CA ILE C 131 -11.04 18.00 39.89
C ILE C 131 -9.87 17.15 39.41
N TRP C 132 -8.79 17.17 40.18
CA TRP C 132 -7.60 16.33 39.94
C TRP C 132 -7.96 14.82 40.13
N MET A 1 48.00 43.22 -13.01
CA MET A 1 48.72 42.71 -14.20
C MET A 1 47.91 41.59 -14.88
N LYS A 2 47.16 40.83 -14.07
CA LYS A 2 46.21 39.81 -14.55
C LYS A 2 45.00 39.75 -13.59
N GLY A 3 43.83 40.22 -14.07
CA GLY A 3 42.63 40.32 -13.24
C GLY A 3 41.57 39.31 -13.62
N GLN A 4 40.75 38.91 -12.63
CA GLN A 4 39.63 37.97 -12.82
C GLN A 4 38.28 38.71 -12.66
N GLU A 5 37.19 38.03 -13.02
CA GLU A 5 35.83 38.58 -12.93
C GLU A 5 35.14 38.11 -11.63
N THR A 6 34.24 38.95 -11.08
CA THR A 6 33.37 38.58 -9.95
C THR A 6 31.90 38.59 -10.42
N ARG A 7 31.04 37.83 -9.68
CA ARG A 7 29.60 37.59 -10.04
C ARG A 7 29.48 36.71 -11.31
N GLY A 8 28.30 36.09 -11.47
CA GLY A 8 28.02 35.20 -12.60
C GLY A 8 28.17 33.72 -12.24
N PHE A 9 29.00 33.43 -11.23
CA PHE A 9 29.27 32.05 -10.77
C PHE A 9 29.13 31.97 -9.23
N GLN A 10 27.86 31.92 -8.77
CA GLN A 10 27.48 31.64 -7.36
C GLN A 10 25.98 31.28 -7.33
N SER A 11 25.68 30.02 -6.99
CA SER A 11 24.32 29.54 -6.76
C SER A 11 24.39 28.46 -5.69
N GLU A 12 23.69 28.65 -4.56
CA GLU A 12 23.69 27.69 -3.44
C GLU A 12 22.91 26.41 -3.83
N VAL A 13 23.63 25.50 -4.49
CA VAL A 13 23.09 24.21 -4.96
C VAL A 13 24.26 23.21 -5.05
N LYS A 14 23.96 21.90 -4.84
CA LYS A 14 24.95 20.79 -4.84
C LYS A 14 25.88 20.85 -3.60
N GLN A 15 26.65 19.75 -3.37
CA GLN A 15 27.54 19.65 -2.19
C GLN A 15 28.75 20.61 -2.34
N LEU A 16 29.72 20.21 -3.19
CA LEU A 16 31.04 20.89 -3.29
C LEU A 16 30.90 22.37 -3.67
N LEU A 17 29.92 22.70 -4.52
CA LEU A 17 29.67 24.09 -4.98
C LEU A 17 29.28 24.97 -3.78
N HIS A 18 28.43 24.44 -2.88
CA HIS A 18 27.94 25.18 -1.70
C HIS A 18 29.06 25.27 -0.64
N LEU A 19 29.99 24.29 -0.65
CA LEU A 19 31.17 24.30 0.23
C LEU A 19 32.14 25.40 -0.23
N MET A 20 32.29 25.56 -1.57
CA MET A 20 33.22 26.52 -2.21
C MET A 20 32.93 27.98 -1.80
N ILE A 21 31.65 28.28 -1.58
CA ILE A 21 31.21 29.64 -1.17
C ILE A 21 31.86 30.04 0.18
N HIS A 22 31.98 29.03 1.08
CA HIS A 22 32.56 29.21 2.43
C HIS A 22 34.04 28.75 2.46
N SER A 23 34.53 28.13 1.37
CA SER A 23 35.97 27.76 1.21
C SER A 23 36.80 29.03 0.92
N LEU A 24 36.17 29.98 0.22
CA LEU A 24 36.70 31.35 0.05
C LEU A 24 36.86 32.00 1.44
N TYR A 25 35.72 32.00 2.18
CA TYR A 25 35.61 32.45 3.60
C TYR A 25 35.91 33.97 3.73
N SER A 26 36.06 34.65 2.56
CA SER A 26 36.45 36.07 2.43
C SER A 26 37.84 36.36 3.07
N ASN A 27 38.62 35.28 3.33
CA ASN A 27 39.89 35.37 4.07
C ASN A 27 41.07 34.92 3.21
N LYS A 28 40.85 33.85 2.40
CA LYS A 28 41.86 33.21 1.49
C LYS A 28 42.90 32.37 2.28
N GLU A 29 43.49 32.98 3.33
CA GLU A 29 44.48 32.37 4.27
C GLU A 29 44.03 31.02 4.90
N ILE A 30 42.72 30.72 4.80
CA ILE A 30 42.11 29.45 5.24
C ILE A 30 42.76 28.23 4.52
N PHE A 31 43.42 28.49 3.37
CA PHE A 31 44.14 27.44 2.61
C PHE A 31 45.30 26.84 3.43
N LEU A 32 46.02 27.68 4.22
CA LEU A 32 47.15 27.21 5.05
C LEU A 32 46.68 26.23 6.14
N ARG A 33 45.49 26.49 6.70
CA ARG A 33 44.83 25.56 7.66
C ARG A 33 44.68 24.16 7.05
N GLU A 34 44.19 24.16 5.80
CA GLU A 34 43.87 22.95 5.04
C GLU A 34 45.13 22.16 4.68
N LEU A 35 46.16 22.88 4.19
CA LEU A 35 47.45 22.28 3.77
C LEU A 35 48.12 21.52 4.94
N ILE A 36 48.13 22.14 6.13
CA ILE A 36 48.66 21.49 7.35
C ILE A 36 47.77 20.28 7.73
N SER A 37 46.44 20.46 7.63
CA SER A 37 45.44 19.40 7.93
C SER A 37 45.53 18.22 6.95
N ASN A 38 46.05 18.48 5.73
CA ASN A 38 46.32 17.43 4.71
C ASN A 38 47.51 16.59 5.16
N ALA A 39 48.47 17.24 5.83
CA ALA A 39 49.69 16.61 6.36
C ALA A 39 49.37 15.84 7.66
N SER A 40 48.41 16.38 8.43
CA SER A 40 47.93 15.79 9.69
C SER A 40 47.09 14.54 9.39
N ASP A 41 46.40 14.55 8.23
CA ASP A 41 45.68 13.38 7.70
C ASP A 41 46.69 12.31 7.26
N ALA A 42 47.77 12.76 6.60
CA ALA A 42 48.89 11.89 6.17
C ALA A 42 49.63 11.29 7.40
N ALA A 43 49.57 12.00 8.53
CA ALA A 43 50.12 11.54 9.82
C ALA A 43 49.25 10.40 10.39
N ASP A 44 47.90 10.61 10.35
CA ASP A 44 46.90 9.61 10.77
C ASP A 44 47.09 8.28 10.00
N LYS A 45 47.22 8.41 8.67
CA LYS A 45 47.39 7.26 7.78
C LYS A 45 48.71 6.50 8.05
N LEU A 46 49.82 7.21 8.30
CA LEU A 46 51.14 6.55 8.51
C LEU A 46 51.20 5.85 9.87
N ARG A 47 50.56 6.44 10.89
CA ARG A 47 50.51 5.86 12.25
C ARG A 47 49.63 4.59 12.28
N PHE A 48 48.58 4.58 11.45
CA PHE A 48 47.70 3.40 11.29
C PHE A 48 48.40 2.29 10.48
N ARG A 49 49.01 2.68 9.34
CA ARG A 49 49.72 1.74 8.44
C ARG A 49 51.00 1.21 9.11
N ALA A 50 51.51 1.96 10.10
CA ALA A 50 52.66 1.55 10.95
C ALA A 50 52.39 0.19 11.61
N LEU A 51 51.16 0.02 12.08
CA LEU A 51 50.71 -1.21 12.75
C LEU A 51 50.73 -2.40 11.76
N SER A 52 50.50 -2.10 10.46
CA SER A 52 50.45 -3.12 9.40
C SER A 52 51.85 -3.31 8.76
N ASN A 53 52.74 -2.32 8.99
CA ASN A 53 54.10 -2.28 8.40
C ASN A 53 54.87 -1.06 8.98
N PRO A 54 55.74 -1.27 10.03
CA PRO A 54 56.53 -0.16 10.63
C PRO A 54 57.76 0.26 9.79
N ASP A 55 58.12 -0.56 8.79
CA ASP A 55 59.22 -0.26 7.85
C ASP A 55 58.89 0.95 6.95
N LEU A 56 57.59 1.32 6.91
CA LEU A 56 57.10 2.51 6.18
C LEU A 56 57.68 3.83 6.75
N TYR A 57 58.37 3.78 7.91
CA TYR A 57 59.08 4.96 8.47
C TYR A 57 60.39 5.28 7.71
N GLU A 58 60.81 4.41 6.75
CA GLU A 58 61.93 4.67 5.78
C GLU A 58 63.28 5.10 6.46
N GLY A 59 63.41 4.87 7.77
CA GLY A 59 64.53 5.41 8.57
C GLY A 59 64.17 6.73 9.26
N ASP A 60 63.37 7.57 8.57
CA ASP A 60 62.88 8.87 9.08
C ASP A 60 61.68 8.63 10.04
N GLY A 61 61.96 8.61 11.35
CA GLY A 61 60.95 8.27 12.36
C GLY A 61 60.16 9.48 12.86
N GLU A 62 60.86 10.64 12.94
CA GLU A 62 60.26 11.92 13.36
C GLU A 62 59.30 12.44 12.27
N LEU A 63 58.00 12.25 12.51
CA LEU A 63 56.95 12.69 11.57
C LEU A 63 56.64 14.17 11.82
N ARG A 64 56.82 15.01 10.78
CA ARG A 64 56.45 16.44 10.82
C ARG A 64 56.07 16.92 9.42
N VAL A 65 55.73 18.22 9.33
CA VAL A 65 55.48 18.91 8.06
C VAL A 65 56.26 20.23 8.07
N ARG A 66 56.92 20.53 6.95
CA ARG A 66 57.86 21.65 6.81
C ARG A 66 57.47 22.56 5.65
N VAL A 67 57.21 23.83 5.98
CA VAL A 67 56.87 24.87 5.01
C VAL A 67 58.14 25.65 4.62
N SER A 68 58.56 25.56 3.36
CA SER A 68 59.66 26.37 2.82
C SER A 68 59.10 27.27 1.71
N PHE A 69 59.66 28.46 1.54
CA PHE A 69 59.20 29.42 0.52
C PHE A 69 60.39 30.07 -0.18
N ASP A 70 60.19 30.48 -1.43
CA ASP A 70 61.21 31.15 -2.23
C ASP A 70 60.63 32.46 -2.78
N LYS A 71 61.35 33.57 -2.54
CA LYS A 71 60.87 34.92 -2.86
C LYS A 71 61.07 35.27 -4.34
N ASP A 72 62.04 34.61 -5.01
CA ASP A 72 62.32 34.83 -6.45
C ASP A 72 61.18 34.26 -7.32
N LYS A 73 60.81 33.02 -7.01
CA LYS A 73 59.77 32.27 -7.74
C LYS A 73 58.37 32.58 -7.20
N ARG A 74 58.32 33.07 -5.94
CA ARG A 74 57.08 33.37 -5.19
C ARG A 74 56.20 32.11 -5.04
N THR A 75 56.90 30.98 -4.80
CA THR A 75 56.30 29.67 -4.58
C THR A 75 56.38 29.31 -3.08
N LEU A 76 55.23 28.96 -2.51
CA LEU A 76 55.10 28.53 -1.11
C LEU A 76 54.90 26.99 -1.10
N THR A 77 55.88 26.28 -0.54
CA THR A 77 55.98 24.81 -0.60
C THR A 77 55.76 24.18 0.81
N ILE A 78 54.59 23.55 1.00
CA ILE A 78 54.24 22.83 2.24
C ILE A 78 54.48 21.33 1.98
N SER A 79 55.63 20.83 2.45
CA SER A 79 56.05 19.44 2.23
C SER A 79 56.02 18.66 3.55
N ASP A 80 55.12 17.67 3.67
CA ASP A 80 55.11 16.74 4.81
C ASP A 80 56.03 15.55 4.50
N ASN A 81 56.60 14.97 5.57
CA ASN A 81 57.33 13.69 5.50
C ASN A 81 56.49 12.59 6.17
N GLY A 82 55.15 12.70 6.06
CA GLY A 82 54.21 11.69 6.56
C GLY A 82 54.15 10.46 5.66
N VAL A 83 52.94 9.88 5.46
CA VAL A 83 52.78 8.68 4.60
C VAL A 83 53.00 9.02 3.12
N GLY A 84 52.81 10.31 2.75
CA GLY A 84 52.81 10.72 1.35
C GLY A 84 51.52 10.31 0.66
N MET A 85 51.59 10.10 -0.66
CA MET A 85 50.44 9.66 -1.48
C MET A 85 50.95 8.68 -2.55
N THR A 86 50.32 7.49 -2.64
CA THR A 86 50.60 6.50 -3.69
C THR A 86 49.97 6.94 -5.04
N ARG A 87 50.19 6.16 -6.11
CA ARG A 87 49.66 6.46 -7.47
C ARG A 87 48.12 6.41 -7.44
N ASP A 88 47.61 5.29 -6.88
CA ASP A 88 46.16 5.05 -6.69
C ASP A 88 45.54 6.11 -5.75
N GLU A 89 46.34 6.61 -4.79
CA GLU A 89 45.88 7.64 -3.85
C GLU A 89 45.61 8.94 -4.60
N VAL A 90 46.65 9.50 -5.24
CA VAL A 90 46.56 10.81 -5.96
C VAL A 90 45.40 10.84 -6.97
N ILE A 91 45.17 9.71 -7.65
CA ILE A 91 44.10 9.60 -8.67
C ILE A 91 42.69 9.50 -8.01
N ASP A 92 42.59 8.72 -6.91
CA ASP A 92 41.29 8.47 -6.20
C ASP A 92 41.10 9.39 -4.99
N HIS A 93 42.00 10.35 -4.80
CA HIS A 93 41.92 11.36 -3.72
C HIS A 93 41.82 12.74 -4.36
N LEU A 94 42.95 13.20 -4.95
CA LEU A 94 43.04 14.55 -5.56
C LEU A 94 42.24 14.60 -6.88
N GLY A 95 42.28 13.50 -7.64
CA GLY A 95 41.52 13.36 -8.88
C GLY A 95 40.01 13.36 -8.65
N THR A 96 39.58 12.80 -7.48
CA THR A 96 38.16 12.75 -7.09
C THR A 96 37.73 14.05 -6.37
N ILE A 97 38.70 14.99 -6.15
CA ILE A 97 38.39 16.37 -5.75
C ILE A 97 38.11 17.19 -7.02
N ALA A 98 38.96 16.96 -8.03
CA ALA A 98 38.82 17.53 -9.38
C ALA A 98 37.83 16.68 -10.21
N LYS A 99 37.83 16.87 -11.53
CA LYS A 99 36.98 16.08 -12.46
C LYS A 99 37.60 14.69 -12.65
N SER A 100 36.80 13.65 -12.43
CA SER A 100 37.18 12.25 -12.63
C SER A 100 35.95 11.48 -13.13
N GLY A 101 34.88 11.58 -12.35
CA GLY A 101 33.64 10.86 -12.61
C GLY A 101 33.14 10.11 -11.38
N THR A 102 32.90 10.85 -10.29
CA THR A 102 32.34 10.28 -9.02
C THR A 102 30.81 10.47 -8.97
N LYS A 103 30.30 11.36 -9.85
CA LYS A 103 28.89 11.76 -9.93
C LYS A 103 28.48 12.57 -8.68
N SER A 104 28.17 11.86 -7.58
CA SER A 104 27.91 12.48 -6.26
C SER A 104 28.54 11.58 -5.19
N PHE A 105 28.20 10.28 -5.26
CA PHE A 105 28.81 9.23 -4.41
C PHE A 105 29.32 8.07 -5.29
N LEU A 106 28.66 7.86 -6.45
CA LEU A 106 29.02 6.81 -7.44
C LEU A 106 28.14 6.98 -8.70
N GLU A 107 28.75 6.72 -9.87
CA GLU A 107 28.11 6.82 -11.20
C GLU A 107 26.79 6.01 -11.31
N SER A 108 26.81 4.76 -10.79
CA SER A 108 25.67 3.83 -10.90
C SER A 108 24.80 3.85 -9.61
N LEU A 109 25.35 3.32 -8.51
CA LEU A 109 24.54 2.99 -7.30
C LEU A 109 24.48 4.19 -6.33
N GLY A 110 25.50 5.06 -6.39
CA GLY A 110 25.58 6.24 -5.51
C GLY A 110 25.78 5.86 -4.04
N SER A 111 26.66 4.87 -3.78
CA SER A 111 26.86 4.33 -2.41
C SER A 111 28.18 3.54 -2.28
N ASP A 112 28.50 2.70 -3.28
CA ASP A 112 29.70 1.81 -3.23
C ASP A 112 31.02 2.62 -3.16
N GLN A 113 31.18 3.62 -4.03
CA GLN A 113 32.36 4.51 -3.99
C GLN A 113 32.12 5.77 -3.15
N ALA A 114 31.22 5.69 -2.12
CA ALA A 114 30.91 6.85 -1.23
C ALA A 114 32.09 7.19 -0.27
N LYS A 115 33.30 6.69 -0.59
CA LYS A 115 34.56 7.16 0.00
C LYS A 115 35.18 8.26 -0.89
N ASP A 116 34.33 9.01 -1.60
CA ASP A 116 34.73 10.20 -2.38
C ASP A 116 34.26 11.46 -1.64
N SER A 117 33.02 11.41 -1.09
CA SER A 117 32.37 12.55 -0.41
C SER A 117 33.11 12.93 0.90
N GLN A 118 33.68 11.90 1.55
CA GLN A 118 34.47 12.05 2.79
C GLN A 118 35.79 12.81 2.49
N LEU A 119 36.31 12.61 1.26
CA LEU A 119 37.52 13.30 0.76
C LEU A 119 37.16 14.73 0.31
N ILE A 120 35.98 14.88 -0.31
CA ILE A 120 35.47 16.20 -0.79
C ILE A 120 35.16 17.14 0.41
N GLY A 121 34.72 16.53 1.52
CA GLY A 121 34.40 17.25 2.76
C GLY A 121 35.61 17.97 3.39
N GLN A 122 36.77 17.29 3.38
CA GLN A 122 38.02 17.81 3.97
C GLN A 122 38.86 18.60 2.94
N PHE A 123 39.09 17.96 1.78
CA PHE A 123 40.12 18.38 0.80
C PHE A 123 39.54 19.20 -0.36
N GLY A 124 38.20 19.08 -0.58
CA GLY A 124 37.51 19.87 -1.62
C GLY A 124 37.50 21.36 -1.30
N VAL A 125 37.42 21.64 0.00
CA VAL A 125 37.51 23.00 0.57
C VAL A 125 38.93 23.56 0.36
N GLY A 126 39.93 22.72 0.67
CA GLY A 126 41.35 23.04 0.49
C GLY A 126 41.75 23.31 -0.96
N PHE A 127 41.08 22.61 -1.89
CA PHE A 127 41.32 22.75 -3.35
C PHE A 127 40.99 24.19 -3.80
N TYR A 128 39.73 24.61 -3.55
CA TYR A 128 39.20 25.92 -3.98
C TYR A 128 40.03 27.07 -3.37
N SER A 129 40.19 27.04 -2.03
CA SER A 129 40.87 28.09 -1.26
C SER A 129 42.34 28.26 -1.71
N ALA A 130 43.01 27.12 -1.97
CA ALA A 130 44.40 27.10 -2.46
C ALA A 130 44.52 27.81 -3.82
N PHE A 131 43.57 27.53 -4.74
CA PHE A 131 43.60 28.11 -6.10
C PHE A 131 43.10 29.57 -6.15
N ILE A 132 42.60 30.11 -5.01
CA ILE A 132 42.30 31.55 -4.90
C ILE A 132 43.63 32.34 -4.75
N VAL A 133 44.56 31.76 -3.98
CA VAL A 133 45.87 32.39 -3.68
C VAL A 133 46.98 31.87 -4.62
N ALA A 134 46.77 30.69 -5.22
CA ALA A 134 47.78 30.00 -6.05
C ALA A 134 47.29 29.88 -7.49
N ASP A 135 48.13 30.35 -8.41
CA ASP A 135 47.88 30.30 -9.85
C ASP A 135 48.10 28.86 -10.37
N LYS A 136 49.05 28.19 -9.70
CA LYS A 136 49.46 26.82 -10.00
C LYS A 136 49.77 26.09 -8.69
N VAL A 137 49.21 24.89 -8.50
CA VAL A 137 49.61 23.99 -7.40
C VAL A 137 50.28 22.75 -8.02
N THR A 138 51.62 22.70 -7.90
CA THR A 138 52.45 21.58 -8.35
C THR A 138 52.73 20.66 -7.15
N VAL A 139 52.11 19.49 -7.13
CA VAL A 139 52.30 18.46 -6.10
C VAL A 139 53.24 17.36 -6.62
N ARG A 140 54.35 17.15 -5.93
CA ARG A 140 55.28 16.04 -6.17
C ARG A 140 55.38 15.22 -4.89
N THR A 141 54.74 14.05 -4.85
CA THR A 141 54.73 13.15 -3.68
C THR A 141 55.56 11.90 -3.95
N ARG A 142 55.83 11.14 -2.87
CA ARG A 142 56.40 9.79 -2.92
C ARG A 142 56.05 9.12 -1.59
N ALA A 143 55.23 8.07 -1.65
CA ALA A 143 54.66 7.43 -0.45
C ALA A 143 55.64 6.48 0.26
N ALA A 144 55.27 6.12 1.50
CA ALA A 144 56.00 5.20 2.37
C ALA A 144 55.98 3.77 1.80
N GLY A 145 57.16 3.12 1.76
CA GLY A 145 57.30 1.77 1.20
C GLY A 145 57.56 1.78 -0.30
N GLU A 146 56.93 2.75 -1.00
CA GLU A 146 57.10 2.94 -2.45
C GLU A 146 58.54 3.39 -2.77
N LYS A 147 59.11 2.81 -3.85
CA LYS A 147 60.41 3.23 -4.38
C LYS A 147 60.30 4.69 -4.92
N PRO A 148 61.42 5.48 -4.94
CA PRO A 148 61.41 6.89 -5.40
C PRO A 148 60.71 7.11 -6.76
N GLU A 149 60.85 6.11 -7.65
CA GLU A 149 60.28 6.13 -9.02
C GLU A 149 58.74 6.04 -9.01
N ASN A 150 58.19 5.48 -7.91
CA ASN A 150 56.74 5.47 -7.63
C ASN A 150 56.28 6.80 -6.98
N GLY A 151 57.10 7.86 -7.14
CA GLY A 151 56.67 9.22 -6.87
C GLY A 151 55.67 9.69 -7.92
N VAL A 152 54.72 10.53 -7.52
CA VAL A 152 53.64 10.97 -8.42
C VAL A 152 53.68 12.49 -8.57
N PHE A 153 53.65 12.93 -9.83
CA PHE A 153 53.49 14.33 -10.21
C PHE A 153 51.98 14.61 -10.39
N TRP A 154 51.54 15.77 -9.92
CA TRP A 154 50.16 16.25 -10.03
C TRP A 154 50.24 17.78 -10.15
N GLU A 155 49.42 18.38 -11.01
CA GLU A 155 49.46 19.83 -11.25
C GLU A 155 48.18 20.28 -11.98
N SER A 156 47.52 21.32 -11.47
CA SER A 156 46.34 21.92 -12.11
C SER A 156 46.27 23.42 -11.82
N ALA A 157 45.33 24.10 -12.49
CA ALA A 157 45.09 25.55 -12.34
C ALA A 157 43.71 25.80 -11.70
N GLY A 158 43.13 24.75 -11.10
CA GLY A 158 41.79 24.83 -10.48
C GLY A 158 40.66 24.46 -11.44
N GLU A 159 41.02 24.02 -12.66
CA GLU A 159 40.04 23.59 -13.69
C GLU A 159 39.50 22.17 -13.42
N GLY A 160 38.58 21.72 -14.28
CA GLY A 160 38.07 20.35 -14.24
C GLY A 160 39.00 19.37 -14.97
N GLU A 161 40.27 19.34 -14.53
CA GLU A 161 41.33 18.54 -15.13
C GLU A 161 42.54 18.50 -14.18
N TYR A 162 43.44 17.53 -14.39
CA TYR A 162 44.67 17.40 -13.59
C TYR A 162 45.79 16.71 -14.40
N THR A 163 47.01 17.28 -14.32
CA THR A 163 48.19 16.81 -15.05
C THR A 163 48.99 15.87 -14.13
N VAL A 164 48.83 14.57 -14.37
CA VAL A 164 49.44 13.51 -13.54
C VAL A 164 50.52 12.76 -14.35
N ALA A 165 51.69 12.57 -13.73
CA ALA A 165 52.84 11.87 -14.33
C ALA A 165 53.56 11.06 -13.24
N ASP A 166 54.47 10.18 -13.64
CA ASP A 166 55.32 9.40 -12.70
C ASP A 166 56.75 9.96 -12.70
N ILE A 167 57.29 10.23 -11.49
CA ILE A 167 58.60 10.87 -11.28
C ILE A 167 59.40 10.16 -10.17
N THR A 168 60.71 10.50 -10.09
CA THR A 168 61.63 9.94 -9.09
C THR A 168 61.93 10.99 -8.00
N LYS A 169 61.42 10.77 -6.77
CA LYS A 169 61.69 11.63 -5.60
C LYS A 169 62.11 10.74 -4.40
N GLU A 170 63.41 10.77 -4.07
CA GLU A 170 64.06 9.88 -3.07
C GLU A 170 63.44 10.02 -1.66
N ASP A 171 63.10 11.26 -1.29
CA ASP A 171 62.55 11.59 0.03
C ASP A 171 61.05 11.20 0.11
N ARG A 172 60.60 10.85 1.33
CA ARG A 172 59.21 10.43 1.60
C ARG A 172 58.30 11.66 1.82
N GLY A 173 56.99 11.47 1.61
CA GLY A 173 55.98 12.48 1.89
C GLY A 173 55.57 13.26 0.66
N THR A 174 54.74 14.29 0.88
CA THR A 174 54.08 15.05 -0.20
C THR A 174 54.57 16.49 -0.21
N GLU A 175 55.31 16.85 -1.28
CA GLU A 175 55.80 18.21 -1.52
C GLU A 175 54.73 18.98 -2.31
N ILE A 176 54.04 19.93 -1.66
CA ILE A 176 52.99 20.73 -2.31
C ILE A 176 53.54 22.15 -2.56
N THR A 177 53.96 22.41 -3.81
CA THR A 177 54.54 23.69 -4.23
C THR A 177 53.46 24.55 -4.92
N LEU A 178 52.92 25.52 -4.15
CA LEU A 178 51.89 26.45 -4.65
C LEU A 178 52.59 27.70 -5.17
N HIS A 179 52.63 27.87 -6.50
CA HIS A 179 52.99 29.16 -7.10
C HIS A 179 51.86 30.14 -6.81
N LEU A 180 52.11 31.06 -5.85
CA LEU A 180 51.15 32.11 -5.51
C LEU A 180 50.97 33.06 -6.70
N ARG A 181 49.71 33.50 -6.92
CA ARG A 181 49.35 34.44 -8.00
C ARG A 181 50.12 35.76 -7.81
N GLU A 182 50.41 36.45 -8.90
CA GLU A 182 51.10 37.74 -8.86
C GLU A 182 50.23 38.79 -8.14
N GLY A 183 50.68 39.16 -6.93
CA GLY A 183 49.92 40.02 -6.00
C GLY A 183 49.73 39.35 -4.64
N GLU A 184 49.68 38.00 -4.62
CA GLU A 184 49.49 37.18 -3.39
C GLU A 184 50.81 37.00 -2.60
N ASP A 185 51.68 38.02 -2.67
CA ASP A 185 52.97 38.07 -1.92
C ASP A 185 52.73 38.06 -0.38
N GLU A 186 51.48 38.40 0.01
CA GLU A 186 51.00 38.36 1.41
C GLU A 186 51.39 37.03 2.09
N PHE A 187 51.05 35.93 1.42
CA PHE A 187 51.18 34.57 1.97
C PHE A 187 52.57 33.96 1.66
N LEU A 188 53.49 34.81 1.20
CA LEU A 188 54.88 34.41 0.89
C LEU A 188 55.84 35.02 1.95
N ASP A 189 55.34 36.00 2.72
CA ASP A 189 56.17 36.75 3.70
C ASP A 189 56.31 35.94 5.00
N ASP A 190 57.56 35.80 5.50
CA ASP A 190 57.94 34.85 6.58
C ASP A 190 57.05 34.97 7.83
N TRP A 191 56.95 36.20 8.39
CA TRP A 191 56.17 36.47 9.63
C TRP A 191 54.69 36.09 9.44
N ARG A 192 54.17 36.38 8.23
CA ARG A 192 52.76 36.22 7.88
C ARG A 192 52.40 34.74 7.75
N VAL A 193 53.29 33.98 7.08
CA VAL A 193 53.17 32.53 6.94
C VAL A 193 53.13 31.89 8.34
N ARG A 194 54.14 32.21 9.17
CA ARG A 194 54.27 31.70 10.57
C ARG A 194 53.04 32.04 11.43
N SER A 195 52.45 33.22 11.19
CA SER A 195 51.25 33.69 11.92
C SER A 195 50.06 32.74 11.68
N ILE A 196 49.76 32.50 10.39
CA ILE A 196 48.59 31.69 9.98
C ILE A 196 48.83 30.19 10.26
N ILE A 197 50.06 29.74 9.94
CA ILE A 197 50.52 28.37 10.20
C ILE A 197 50.30 28.03 11.67
N SER A 198 50.91 28.81 12.58
CA SER A 198 50.83 28.60 14.04
C SER A 198 49.37 28.58 14.53
N LYS A 199 48.58 29.57 14.06
CA LYS A 199 47.18 29.78 14.47
C LYS A 199 46.31 28.52 14.27
N TYR A 200 46.72 27.64 13.33
CA TYR A 200 45.96 26.41 12.99
C TYR A 200 46.76 25.14 13.33
N SER A 201 48.08 25.23 13.34
CA SER A 201 48.96 24.07 13.60
C SER A 201 48.84 23.63 15.06
N ASP A 202 48.52 24.59 15.93
CA ASP A 202 48.38 24.37 17.38
C ASP A 202 47.21 23.44 17.73
N HIS A 203 46.26 23.24 16.78
CA HIS A 203 45.17 22.26 16.98
C HIS A 203 45.56 20.89 16.39
N ILE A 204 46.82 20.72 15.98
CA ILE A 204 47.31 19.55 15.22
C ILE A 204 48.47 18.85 15.97
N ALA A 205 48.40 17.50 16.02
CA ALA A 205 49.37 16.64 16.75
C ALA A 205 50.60 16.29 15.89
N LEU A 206 50.87 17.10 14.86
CA LEU A 206 52.00 16.93 13.94
C LEU A 206 52.80 18.24 13.96
N PRO A 207 54.07 18.26 14.52
CA PRO A 207 54.92 19.48 14.58
C PRO A 207 55.12 20.12 13.18
N VAL A 208 54.86 21.42 13.07
CA VAL A 208 54.99 22.16 11.81
C VAL A 208 56.15 23.13 11.93
N GLU A 209 57.22 22.86 11.17
CA GLU A 209 58.42 23.68 11.12
C GLU A 209 58.41 24.52 9.85
N ILE A 210 59.08 25.68 9.86
CA ILE A 210 59.21 26.55 8.68
C ILE A 210 60.68 26.87 8.43
N GLU A 211 61.05 26.92 7.14
CA GLU A 211 62.39 27.30 6.71
C GLU A 211 62.68 28.77 7.07
N LYS A 212 63.86 28.97 7.65
CA LYS A 212 64.47 30.26 7.85
C LYS A 212 65.90 30.17 7.31
N ARG A 213 66.08 30.49 6.01
CA ARG A 213 67.40 30.48 5.39
C ARG A 213 68.07 31.84 5.59
N GLU A 214 69.40 31.83 5.71
CA GLU A 214 70.20 33.06 5.73
C GLU A 214 71.19 32.98 4.58
N GLU A 215 70.82 33.54 3.42
CA GLU A 215 71.70 33.57 2.23
C GLU A 215 72.83 34.59 2.45
N LYS A 216 73.94 34.08 2.97
CA LYS A 216 75.18 34.85 3.16
C LYS A 216 76.27 34.20 2.29
N ASP A 217 77.35 34.94 2.02
CA ASP A 217 78.44 34.51 1.11
C ASP A 217 79.03 33.13 1.51
N GLY A 218 78.68 32.10 0.71
CA GLY A 218 79.16 30.72 0.94
C GLY A 218 78.35 29.96 2.00
N GLU A 219 77.62 30.70 2.86
CA GLU A 219 76.89 30.13 4.00
C GLU A 219 75.38 30.46 3.88
N THR A 220 74.66 29.65 3.08
CA THR A 220 73.19 29.68 3.06
C THR A 220 72.69 28.77 4.21
N VAL A 221 72.44 29.39 5.38
CA VAL A 221 72.10 28.67 6.61
C VAL A 221 70.64 28.21 6.54
N ILE A 222 70.42 26.90 6.40
CA ILE A 222 69.09 26.30 6.36
C ILE A 222 68.70 25.86 7.77
N SER A 223 67.60 26.42 8.28
CA SER A 223 67.09 26.14 9.63
C SER A 223 65.57 25.94 9.55
N TRP A 224 65.01 25.11 10.46
CA TRP A 224 63.55 24.82 10.48
C TRP A 224 63.01 25.08 11.90
N GLU A 225 62.24 26.16 12.05
CA GLU A 225 61.71 26.59 13.35
C GLU A 225 60.23 26.19 13.46
N LYS A 226 59.91 25.32 14.43
CA LYS A 226 58.53 24.86 14.67
C LYS A 226 57.70 25.97 15.33
N ILE A 227 56.61 26.35 14.64
CA ILE A 227 55.66 27.39 15.12
C ILE A 227 54.40 26.71 15.69
N ASN A 228 54.42 25.37 15.75
CA ASN A 228 53.36 24.57 16.37
C ASN A 228 53.66 24.38 17.87
N LYS A 229 52.60 24.23 18.70
CA LYS A 229 52.74 23.74 20.08
C LYS A 229 53.32 22.30 20.08
N ALA A 230 52.91 21.52 19.06
CA ALA A 230 53.45 20.19 18.72
C ALA A 230 53.09 19.16 19.80
N GLN A 231 51.87 19.30 20.32
CA GLN A 231 51.36 18.47 21.42
C GLN A 231 49.92 18.03 21.06
N ALA A 232 49.66 16.72 21.19
CA ALA A 232 48.38 16.09 20.81
C ALA A 232 47.21 16.71 21.61
N LEU A 233 46.25 17.34 20.89
CA LEU A 233 45.21 18.20 21.50
C LEU A 233 44.32 17.40 22.48
N TRP A 234 44.01 16.16 22.15
CA TRP A 234 43.16 15.31 23.00
C TRP A 234 43.86 14.97 24.34
N THR A 235 45.22 14.85 24.35
CA THR A 235 45.97 14.56 25.59
C THR A 235 46.33 15.87 26.35
N ARG A 236 46.22 17.03 25.66
CA ARG A 236 46.41 18.35 26.30
C ARG A 236 45.32 18.62 27.35
N ASN A 237 45.68 19.38 28.39
CA ASN A 237 44.74 19.82 29.43
C ASN A 237 43.68 20.75 28.84
N LYS A 238 42.44 20.58 29.32
CA LYS A 238 41.26 21.36 28.90
C LYS A 238 41.50 22.88 29.02
N SER A 239 42.07 23.27 30.17
CA SER A 239 42.35 24.68 30.51
C SER A 239 43.51 25.28 29.67
N GLU A 240 44.31 24.39 29.02
CA GLU A 240 45.43 24.80 28.16
C GLU A 240 45.01 24.91 26.68
N ILE A 241 43.92 24.22 26.32
CA ILE A 241 43.31 24.33 24.97
C ILE A 241 42.28 25.48 24.99
N THR A 242 42.41 26.45 24.07
CA THR A 242 41.41 27.52 23.92
C THR A 242 40.25 27.03 23.02
N ASP A 243 39.15 27.80 23.02
CA ASP A 243 37.92 27.48 22.29
C ASP A 243 38.18 27.30 20.79
N GLU A 244 39.03 28.19 20.23
CA GLU A 244 39.41 28.18 18.81
C GLU A 244 40.08 26.84 18.42
N GLU A 245 41.05 26.39 19.26
CA GLU A 245 41.80 25.15 19.01
C GLU A 245 40.87 23.93 19.02
N TYR A 246 39.89 23.91 19.94
CA TYR A 246 38.83 22.87 19.98
C TYR A 246 38.03 22.83 18.65
N LYS A 247 37.40 23.96 18.33
CA LYS A 247 36.45 24.08 17.20
C LYS A 247 37.12 23.81 15.85
N GLU A 248 38.38 24.23 15.74
CA GLU A 248 39.19 24.09 14.53
C GLU A 248 39.70 22.62 14.41
N PHE A 249 39.93 21.97 15.57
CA PHE A 249 40.34 20.55 15.65
C PHE A 249 39.25 19.64 15.09
N TYR A 250 37.98 19.99 15.41
CA TYR A 250 36.79 19.30 14.86
C TYR A 250 36.85 19.20 13.33
N LYS A 251 37.19 20.32 12.70
CA LYS A 251 37.17 20.48 11.23
C LYS A 251 38.21 19.57 10.55
N HIS A 252 39.26 19.20 11.30
CA HIS A 252 40.23 18.18 10.84
C HIS A 252 39.70 16.75 11.12
N ILE A 253 39.37 16.47 12.41
CA ILE A 253 39.13 15.09 12.88
C ILE A 253 37.85 14.48 12.27
N ALA A 254 36.92 15.34 11.86
CA ALA A 254 35.60 14.92 11.32
C ALA A 254 35.64 14.74 9.79
N HIS A 255 36.69 15.32 9.13
CA HIS A 255 36.78 15.41 7.65
C HIS A 255 35.65 16.31 7.10
N ASP A 256 35.58 17.50 7.71
CA ASP A 256 34.60 18.56 7.37
C ASP A 256 35.34 19.91 7.35
N PHE A 257 34.59 21.01 7.46
CA PHE A 257 35.16 22.36 7.67
C PHE A 257 34.16 23.27 8.42
N ASN A 258 32.97 22.73 8.73
CA ASN A 258 31.86 23.47 9.36
C ASN A 258 32.21 23.80 10.83
N ASP A 259 31.71 24.96 11.29
CA ASP A 259 32.03 25.50 12.62
C ASP A 259 31.07 24.87 13.67
N PRO A 260 31.60 24.09 14.67
CA PRO A 260 30.75 23.37 15.64
C PRO A 260 30.11 24.29 16.70
N LEU A 261 29.08 23.76 17.36
CA LEU A 261 28.28 24.50 18.35
C LEU A 261 28.92 24.41 19.77
N THR A 262 29.37 23.20 20.15
CA THR A 262 29.99 22.94 21.47
C THR A 262 30.82 21.62 21.44
N TRP A 263 31.42 21.27 22.59
CA TRP A 263 32.26 20.07 22.74
C TRP A 263 32.16 19.49 24.16
N SER A 264 32.72 18.29 24.34
CA SER A 264 32.83 17.61 25.64
C SER A 264 34.16 16.87 25.71
N HIS A 265 35.18 17.56 26.26
CA HIS A 265 36.52 16.99 26.48
C HIS A 265 36.61 16.52 27.93
N ASN A 266 36.57 15.21 28.15
CA ASN A 266 36.75 14.60 29.48
C ASN A 266 37.66 13.38 29.36
N ARG A 267 38.59 13.20 30.31
CA ARG A 267 39.41 11.98 30.41
C ARG A 267 38.92 11.17 31.61
N VAL A 268 38.67 9.89 31.36
CA VAL A 268 38.24 8.92 32.37
C VAL A 268 39.32 7.85 32.52
N GLU A 269 39.57 7.43 33.75
CA GLU A 269 40.56 6.38 34.06
C GLU A 269 40.07 5.54 35.24
N GLY A 270 40.80 4.45 35.52
CA GLY A 270 40.44 3.51 36.57
C GLY A 270 40.31 2.10 35.99
N LYS A 271 39.06 1.69 35.72
CA LYS A 271 38.75 0.39 35.10
C LYS A 271 38.98 0.49 33.58
N GLN A 272 38.19 1.36 32.92
CA GLN A 272 38.44 1.76 31.52
C GLN A 272 39.09 3.15 31.49
N GLU A 273 40.30 3.21 30.92
CA GLU A 273 41.02 4.47 30.71
C GLU A 273 40.87 4.87 29.23
N TYR A 274 40.24 6.02 29.01
CA TYR A 274 40.12 6.63 27.70
C TYR A 274 40.11 8.16 27.85
N THR A 275 40.39 8.85 26.75
CA THR A 275 40.26 10.32 26.70
C THR A 275 39.24 10.65 25.61
N SER A 276 38.08 11.16 26.02
CA SER A 276 37.00 11.48 25.08
C SER A 276 36.98 12.99 24.79
N LEU A 277 36.79 13.31 23.52
CA LEU A 277 36.66 14.67 23.03
C LEU A 277 35.60 14.66 21.92
N LEU A 278 34.38 14.96 22.34
CA LEU A 278 33.19 14.92 21.50
C LEU A 278 32.92 16.34 20.98
N TYR A 279 32.24 16.45 19.83
CA TYR A 279 31.82 17.75 19.26
C TYR A 279 30.38 17.64 18.73
N ILE A 280 29.70 18.78 18.69
CA ILE A 280 28.35 18.92 18.13
C ILE A 280 28.44 19.76 16.85
N PRO A 281 28.08 19.20 15.64
CA PRO A 281 28.04 19.96 14.37
C PRO A 281 26.86 20.96 14.32
N SER A 282 27.07 22.05 13.58
CA SER A 282 26.05 23.12 13.39
C SER A 282 24.96 22.70 12.40
N GLN A 283 25.33 21.87 11.43
CA GLN A 283 24.46 21.46 10.32
C GLN A 283 24.72 19.97 10.03
N ALA A 284 23.65 19.22 9.77
CA ALA A 284 23.72 17.77 9.50
C ALA A 284 24.42 17.50 8.16
N PRO A 285 25.60 16.77 8.14
CA PRO A 285 26.28 16.38 6.88
C PRO A 285 25.37 15.50 6.00
N TRP A 286 25.67 15.41 4.69
CA TRP A 286 24.79 14.67 3.75
C TRP A 286 24.69 13.19 4.17
N ASP A 287 25.86 12.60 4.48
CA ASP A 287 25.99 11.17 4.83
C ASP A 287 25.46 10.84 6.26
N MET A 288 24.80 11.82 6.91
CA MET A 288 24.09 11.59 8.19
C MET A 288 22.83 10.72 7.97
N TRP A 289 22.20 10.88 6.78
CA TRP A 289 20.99 10.10 6.39
C TRP A 289 21.30 9.13 5.21
N ASN A 290 22.60 8.95 4.91
CA ASN A 290 23.07 7.96 3.92
C ASN A 290 23.27 6.60 4.63
N ARG A 291 23.41 5.51 3.85
CA ARG A 291 23.77 4.19 4.37
C ARG A 291 25.29 4.17 4.71
N ASP A 292 26.03 5.16 4.17
CA ASP A 292 27.46 5.35 4.46
C ASP A 292 27.62 6.08 5.81
N HIS A 293 28.86 6.12 6.31
CA HIS A 293 29.17 6.69 7.63
C HIS A 293 29.44 8.21 7.56
N LYS A 294 28.99 8.91 8.60
CA LYS A 294 29.44 10.27 8.99
C LYS A 294 29.23 10.42 10.50
N HIS A 295 28.14 9.81 10.95
CA HIS A 295 27.85 9.57 12.36
C HIS A 295 28.95 8.73 13.04
N GLY A 296 29.31 9.08 14.29
CA GLY A 296 30.29 8.34 15.07
C GLY A 296 31.58 9.11 15.34
N LEU A 297 32.60 8.41 15.89
CA LEU A 297 33.83 9.05 16.42
C LEU A 297 35.09 8.57 15.68
N LYS A 298 36.19 9.27 15.94
CA LYS A 298 37.51 8.97 15.38
C LYS A 298 38.27 8.08 16.38
N LEU A 299 38.30 6.78 16.10
CA LEU A 299 38.85 5.76 16.99
C LEU A 299 40.40 5.83 17.01
N TYR A 300 40.92 6.35 18.13
CA TYR A 300 42.32 6.23 18.53
C TYR A 300 42.41 5.17 19.63
N VAL A 301 43.35 4.24 19.50
CA VAL A 301 43.69 3.29 20.57
C VAL A 301 45.14 3.52 20.96
N GLN A 302 45.37 3.87 22.25
CA GLN A 302 46.72 4.06 22.83
C GLN A 302 47.50 5.16 22.07
N ARG A 303 46.73 6.19 21.62
CA ARG A 303 47.23 7.44 20.97
C ARG A 303 47.57 7.22 19.47
N VAL A 304 47.27 6.01 18.96
CA VAL A 304 47.45 5.64 17.54
C VAL A 304 46.08 5.62 16.85
N PHE A 305 45.95 6.33 15.71
CA PHE A 305 44.72 6.34 14.89
C PHE A 305 44.47 4.94 14.29
N ILE A 306 43.19 4.51 14.29
CA ILE A 306 42.76 3.24 13.67
C ILE A 306 41.79 3.54 12.50
N MET A 307 40.58 4.04 12.82
CA MET A 307 39.46 4.25 11.84
C MET A 307 38.55 5.37 12.36
N ASP A 308 37.92 6.15 11.47
CA ASP A 308 37.02 7.28 11.85
C ASP A 308 35.58 7.06 11.36
N ASP A 309 34.67 7.95 11.84
CA ASP A 309 33.19 7.85 11.61
C ASP A 309 32.62 6.52 12.19
N ALA A 310 33.26 6.01 13.24
CA ALA A 310 32.88 4.75 13.91
C ALA A 310 31.66 4.95 14.84
N GLU A 311 30.47 4.68 14.29
CA GLU A 311 29.17 4.80 15.00
C GLU A 311 28.94 3.65 16.02
N GLN A 312 29.94 2.79 16.18
CA GLN A 312 29.94 1.72 17.20
C GLN A 312 30.08 2.31 18.63
N PHE A 313 30.60 3.56 18.71
CA PHE A 313 30.81 4.27 19.99
C PHE A 313 29.67 5.22 20.33
N MET A 314 28.87 5.60 19.31
CA MET A 314 27.74 6.54 19.47
C MET A 314 26.48 5.94 18.86
N PRO A 315 25.37 5.79 19.65
CA PRO A 315 24.12 5.16 19.17
C PRO A 315 23.42 5.99 18.08
N ASN A 316 22.32 5.43 17.52
CA ASN A 316 21.50 6.11 16.50
C ASN A 316 20.88 7.40 17.08
N TYR A 317 20.69 7.43 18.40
CA TYR A 317 20.05 8.56 19.13
C TYR A 317 21.03 9.74 19.24
N LEU A 318 22.33 9.39 19.34
CA LEU A 318 23.41 10.36 19.53
C LEU A 318 24.36 10.30 18.32
N ARG A 319 23.78 9.98 17.14
CA ARG A 319 24.53 9.80 15.88
C ARG A 319 25.21 11.12 15.43
N PHE A 320 24.63 12.24 15.89
CA PHE A 320 25.13 13.60 15.60
C PHE A 320 26.54 13.85 16.14
N VAL A 321 26.89 13.17 17.24
CA VAL A 321 28.18 13.35 17.90
C VAL A 321 29.32 12.85 17.00
N ARG A 322 30.20 13.80 16.65
CA ARG A 322 31.39 13.53 15.84
C ARG A 322 32.58 14.09 16.65
N GLY A 323 33.70 13.35 16.68
CA GLY A 323 34.79 13.69 17.58
C GLY A 323 35.85 12.62 17.53
N LEU A 324 36.48 12.33 18.67
CA LEU A 324 37.52 11.29 18.79
C LEU A 324 37.60 10.80 20.23
N ILE A 325 38.04 9.53 20.38
CA ILE A 325 38.27 8.90 21.68
C ILE A 325 39.59 8.10 21.64
N ASP A 326 40.45 8.30 22.65
CA ASP A 326 41.73 7.57 22.80
C ASP A 326 41.55 6.53 23.91
N SER A 327 41.19 5.31 23.52
CA SER A 327 40.94 4.21 24.45
C SER A 327 42.18 3.32 24.58
N SER A 328 42.73 3.24 25.80
CA SER A 328 43.98 2.48 26.07
C SER A 328 43.69 1.00 26.36
N ASP A 329 42.44 0.68 26.74
CA ASP A 329 42.02 -0.69 27.16
C ASP A 329 41.39 -1.47 26.01
N LEU A 330 41.10 -0.79 24.88
CA LEU A 330 40.73 -1.45 23.61
C LEU A 330 42.01 -2.05 22.96
N PRO A 331 41.88 -3.16 22.17
CA PRO A 331 43.01 -3.72 21.37
C PRO A 331 43.53 -2.72 20.32
N LEU A 332 44.85 -2.71 20.09
CA LEU A 332 45.48 -1.84 19.07
C LEU A 332 45.17 -2.36 17.65
N ASN A 333 44.84 -3.66 17.55
CA ASN A 333 44.38 -4.31 16.30
C ASN A 333 42.83 -4.40 16.26
N VAL A 334 42.15 -3.44 16.94
CA VAL A 334 40.68 -3.35 16.99
C VAL A 334 40.07 -3.17 15.57
N SER A 335 38.85 -3.72 15.39
CA SER A 335 38.15 -3.74 14.10
C SER A 335 36.62 -3.65 14.33
N ARG A 336 35.85 -3.66 13.21
CA ARG A 336 34.38 -3.50 13.22
C ARG A 336 33.70 -4.57 14.10
N GLU A 337 34.10 -5.83 13.89
CA GLU A 337 33.55 -7.00 14.62
C GLU A 337 33.90 -6.92 16.11
N ILE A 338 35.12 -6.45 16.45
CA ILE A 338 35.56 -6.27 17.87
C ILE A 338 34.62 -5.31 18.60
N LEU A 339 34.27 -4.22 17.92
CA LEU A 339 33.39 -3.17 18.46
C LEU A 339 31.93 -3.66 18.62
N GLN A 340 31.40 -4.27 17.56
CA GLN A 340 30.02 -4.77 17.51
C GLN A 340 29.80 -5.97 18.48
N ASP A 341 30.87 -6.75 18.75
CA ASP A 341 30.78 -7.98 19.57
C ASP A 341 31.01 -7.68 21.07
N SER A 342 32.18 -7.10 21.37
CA SER A 342 32.70 -7.00 22.76
C SER A 342 31.79 -6.16 23.69
N THR A 343 31.67 -6.63 24.95
CA THR A 343 30.86 -6.00 26.00
C THR A 343 31.55 -4.74 26.56
N VAL A 344 32.91 -4.72 26.54
CA VAL A 344 33.72 -3.55 26.97
C VAL A 344 33.42 -2.30 26.11
N THR A 345 33.03 -2.54 24.83
CA THR A 345 32.63 -1.47 23.89
C THR A 345 31.33 -0.79 24.36
N ARG A 346 30.43 -1.57 25.02
CA ARG A 346 29.17 -1.04 25.59
C ARG A 346 29.46 -0.10 26.76
N ASN A 347 30.44 -0.51 27.60
CA ASN A 347 30.84 0.29 28.77
C ASN A 347 31.41 1.64 28.34
N LEU A 348 32.25 1.62 27.30
CA LEU A 348 32.81 2.82 26.68
C LEU A 348 31.67 3.70 26.10
N ARG A 349 30.82 3.07 25.29
CA ARG A 349 29.70 3.71 24.55
C ARG A 349 28.74 4.46 25.50
N ASN A 350 28.40 3.82 26.64
CA ASN A 350 27.44 4.36 27.63
C ASN A 350 28.08 5.46 28.48
N ALA A 351 29.39 5.30 28.73
CA ALA A 351 30.18 6.32 29.46
C ALA A 351 30.33 7.59 28.59
N LEU A 352 30.39 7.39 27.25
CA LEU A 352 30.41 8.49 26.26
C LEU A 352 29.04 9.18 26.18
N THR A 353 27.97 8.34 26.23
CA THR A 353 26.56 8.79 26.20
C THR A 353 26.28 9.85 27.27
N LYS A 354 26.82 9.62 28.48
CA LYS A 354 26.70 10.53 29.63
C LYS A 354 27.25 11.93 29.31
N ARG A 355 28.42 11.97 28.64
CA ARG A 355 29.09 13.22 28.25
C ARG A 355 28.30 13.94 27.13
N VAL A 356 27.59 13.16 26.29
CA VAL A 356 26.77 13.70 25.19
C VAL A 356 25.60 14.53 25.74
N LEU A 357 24.76 13.91 26.58
CA LEU A 357 23.54 14.54 27.15
C LEU A 357 23.90 15.70 28.09
N GLN A 358 25.05 15.58 28.75
CA GLN A 358 25.63 16.66 29.57
C GLN A 358 26.02 17.85 28.65
N MET A 359 26.58 17.52 27.48
CA MET A 359 27.00 18.50 26.43
C MET A 359 25.79 19.12 25.68
N LEU A 360 24.68 18.35 25.60
CA LEU A 360 23.44 18.80 24.92
C LEU A 360 22.72 19.84 25.78
N GLU A 361 22.61 19.54 27.08
CA GLU A 361 22.06 20.47 28.08
C GLU A 361 22.97 21.69 28.19
N LYS A 362 24.30 21.45 28.18
CA LYS A 362 25.32 22.52 28.16
C LYS A 362 25.07 23.48 27.00
N LEU A 363 24.78 22.92 25.82
CA LEU A 363 24.53 23.68 24.59
C LEU A 363 23.26 24.54 24.71
N ALA A 364 22.25 23.99 25.41
CA ALA A 364 20.99 24.71 25.71
C ALA A 364 21.20 25.87 26.70
N LYS A 365 22.27 25.78 27.53
CA LYS A 365 22.64 26.83 28.52
C LYS A 365 23.62 27.83 27.88
N ASP A 366 24.39 27.34 26.90
CA ASP A 366 25.45 28.08 26.22
C ASP A 366 24.82 29.11 25.27
N ASP A 367 24.11 28.59 24.25
CA ASP A 367 23.30 29.39 23.30
C ASP A 367 22.10 28.55 22.85
N ALA A 368 20.89 28.94 23.32
CA ALA A 368 19.62 28.30 22.92
C ALA A 368 19.43 28.33 21.39
N GLU A 369 20.01 29.37 20.73
CA GLU A 369 20.03 29.51 19.25
C GLU A 369 20.71 28.29 18.60
N LYS A 370 21.88 27.92 19.15
CA LYS A 370 22.68 26.78 18.65
C LYS A 370 21.87 25.48 18.73
N TYR A 371 21.23 25.25 19.89
CA TYR A 371 20.50 24.00 20.17
C TYR A 371 19.15 23.95 19.39
N GLN A 372 18.64 25.14 19.04
CA GLN A 372 17.40 25.29 18.26
C GLN A 372 17.67 24.86 16.79
N THR A 373 18.73 25.45 16.21
CA THR A 373 19.23 25.12 14.86
C THR A 373 19.61 23.63 14.77
N PHE A 374 20.26 23.14 15.84
CA PHE A 374 20.64 21.74 16.04
C PHE A 374 19.42 20.82 15.91
N TRP A 375 18.28 21.26 16.48
CA TRP A 375 17.03 20.48 16.44
C TRP A 375 16.47 20.37 15.00
N GLN A 376 16.63 21.41 14.17
CA GLN A 376 16.21 21.32 12.73
C GLN A 376 17.14 20.40 11.92
N GLN A 377 18.26 19.98 12.51
CA GLN A 377 19.22 19.07 11.87
C GLN A 377 19.05 17.61 12.40
N PHE A 378 18.82 17.46 13.73
CA PHE A 378 18.89 16.15 14.42
C PHE A 378 17.70 15.94 15.38
N GLY A 379 16.60 16.67 15.17
CA GLY A 379 15.45 16.65 16.08
C GLY A 379 14.73 15.33 16.11
N LEU A 380 14.45 14.80 14.92
CA LEU A 380 13.78 13.49 14.72
C LEU A 380 14.60 12.36 15.36
N VAL A 381 15.93 12.58 15.40
CA VAL A 381 16.90 11.66 16.01
C VAL A 381 16.78 11.67 17.55
N LEU A 382 16.78 12.89 18.11
CA LEU A 382 16.80 13.13 19.58
C LEU A 382 15.46 12.70 20.23
N LYS A 383 14.37 12.67 19.43
CA LYS A 383 13.04 12.22 19.92
C LYS A 383 13.03 10.72 20.33
N GLU A 384 14.03 9.95 19.88
CA GLU A 384 14.20 8.55 20.32
C GLU A 384 14.73 8.50 21.78
N GLY A 385 15.51 9.55 22.16
CA GLY A 385 16.15 9.67 23.48
C GLY A 385 15.21 9.54 24.70
N PRO A 386 14.12 10.37 24.84
CA PRO A 386 13.14 10.26 25.98
C PRO A 386 12.28 9.00 25.86
N ALA A 387 12.18 8.46 24.64
CA ALA A 387 11.46 7.23 24.34
C ALA A 387 12.24 6.01 24.87
N GLU A 388 13.57 6.17 25.03
CA GLU A 388 14.44 5.15 25.65
C GLU A 388 14.47 5.30 27.18
N ASP A 389 14.60 6.55 27.66
CA ASP A 389 14.72 6.86 29.10
C ASP A 389 13.45 7.56 29.62
N PHE A 390 12.63 6.79 30.34
CA PHE A 390 11.44 7.29 31.07
C PHE A 390 11.87 7.94 32.41
N ALA A 391 12.94 7.37 33.02
CA ALA A 391 13.36 7.69 34.40
C ALA A 391 13.77 9.16 34.56
N ASN A 392 14.52 9.69 33.57
CA ASN A 392 14.92 11.11 33.54
C ASN A 392 14.37 11.77 32.27
N GLN A 393 13.17 11.32 31.84
CA GLN A 393 12.44 11.88 30.67
C GLN A 393 12.29 13.41 30.77
N GLU A 394 12.04 13.92 31.99
CA GLU A 394 11.86 15.37 32.25
C GLU A 394 13.17 16.16 31.99
N ALA A 395 14.32 15.53 32.29
CA ALA A 395 15.65 16.13 32.04
C ALA A 395 15.92 16.22 30.52
N ILE A 396 15.41 15.22 29.78
CA ILE A 396 15.49 15.19 28.30
C ILE A 396 14.38 16.08 27.68
N ALA A 397 13.30 16.33 28.45
CA ALA A 397 12.15 17.15 28.01
C ALA A 397 12.51 18.65 27.96
N LYS A 398 13.56 19.02 28.71
CA LYS A 398 14.22 20.33 28.59
C LYS A 398 14.92 20.46 27.22
N LEU A 399 15.45 19.32 26.74
CA LEU A 399 16.17 19.23 25.45
C LEU A 399 15.19 19.21 24.26
N LEU A 400 13.99 18.62 24.50
CA LEU A 400 12.95 18.42 23.47
C LEU A 400 12.35 19.76 22.98
N ARG A 401 12.35 19.94 21.66
CA ARG A 401 11.77 21.13 21.00
C ARG A 401 10.62 20.66 20.07
N PHE A 402 9.45 21.29 20.16
CA PHE A 402 8.29 20.93 19.32
C PHE A 402 7.86 22.15 18.49
N ALA A 403 6.91 21.97 17.58
CA ALA A 403 6.20 23.08 16.94
C ALA A 403 4.98 23.43 17.82
N SER A 404 4.42 24.63 17.62
CA SER A 404 3.29 25.11 18.42
C SER A 404 2.63 26.33 17.78
N THR A 405 1.57 26.83 18.42
CA THR A 405 0.66 27.84 17.84
C THR A 405 1.24 29.26 17.90
N HIS A 406 2.27 29.51 18.74
CA HIS A 406 2.88 30.85 18.86
C HIS A 406 3.65 31.23 17.57
N THR A 407 4.09 30.19 16.84
CA THR A 407 4.82 30.31 15.59
C THR A 407 4.12 29.44 14.53
N ASP A 408 3.70 30.06 13.42
CA ASP A 408 3.00 29.36 12.32
C ASP A 408 4.02 28.77 11.30
N SER A 409 5.28 28.64 11.72
CA SER A 409 6.34 28.03 10.93
C SER A 409 6.52 26.54 11.32
N SER A 410 6.98 25.72 10.36
CA SER A 410 7.19 24.27 10.56
C SER A 410 8.48 23.98 11.36
N ALA A 411 9.29 25.03 11.63
CA ALA A 411 10.50 24.93 12.47
C ALA A 411 10.11 24.72 13.94
N GLN A 412 10.64 23.64 14.54
CA GLN A 412 10.35 23.29 15.94
C GLN A 412 11.17 24.21 16.88
N THR A 413 10.65 25.42 17.09
CA THR A 413 11.36 26.50 17.78
C THR A 413 11.05 26.54 19.30
N VAL A 414 9.85 26.07 19.69
CA VAL A 414 9.43 26.10 21.11
C VAL A 414 9.98 24.87 21.84
N SER A 415 10.09 24.94 23.17
CA SER A 415 10.39 23.77 24.03
C SER A 415 9.23 23.57 25.01
N LEU A 416 9.27 22.44 25.72
CA LEU A 416 8.34 22.17 26.83
C LEU A 416 8.62 23.14 27.99
N GLU A 417 9.92 23.47 28.15
CA GLU A 417 10.41 24.46 29.12
C GLU A 417 9.79 25.85 28.82
N ASP A 418 9.84 26.23 27.54
CA ASP A 418 9.33 27.53 27.05
C ASP A 418 7.78 27.58 27.12
N TYR A 419 7.13 26.39 26.96
CA TYR A 419 5.68 26.25 27.19
C TYR A 419 5.37 26.69 28.63
N VAL A 420 6.06 26.06 29.59
CA VAL A 420 5.87 26.30 31.03
C VAL A 420 6.21 27.77 31.40
N SER A 421 7.17 28.36 30.69
CA SER A 421 7.57 29.76 30.88
C SER A 421 6.45 30.74 30.46
N ARG A 422 5.66 30.34 29.43
CA ARG A 422 4.50 31.15 28.96
C ARG A 422 3.15 30.68 29.54
N MET A 423 3.11 29.48 30.17
CA MET A 423 1.83 28.87 30.59
C MET A 423 1.22 29.69 31.75
N LYS A 424 -0.11 29.82 31.73
CA LYS A 424 -0.84 30.74 32.64
C LYS A 424 -0.98 30.13 34.04
N GLU A 425 -1.08 30.99 35.06
CA GLU A 425 -1.34 30.55 36.44
C GLU A 425 -2.74 29.89 36.52
N GLY A 426 -2.81 28.72 37.17
CA GLY A 426 -4.03 27.90 37.21
C GLY A 426 -4.06 26.84 36.11
N GLN A 427 -3.28 27.06 35.03
CA GLN A 427 -3.12 26.11 33.93
C GLN A 427 -2.04 25.10 34.34
N GLU A 428 -2.46 23.87 34.69
CA GLU A 428 -1.59 22.84 35.27
C GLU A 428 -1.29 21.72 34.27
N LYS A 429 -1.59 21.95 32.98
CA LYS A 429 -1.45 20.93 31.92
C LYS A 429 -0.71 21.48 30.69
N ILE A 430 0.01 20.57 29.99
CA ILE A 430 0.69 20.89 28.72
C ILE A 430 -0.25 20.50 27.56
N TYR A 431 -0.93 21.50 27.00
CA TYR A 431 -1.91 21.29 25.92
C TYR A 431 -1.18 21.10 24.58
N TYR A 432 -1.56 20.05 23.86
CA TYR A 432 -0.85 19.57 22.67
C TYR A 432 -1.83 18.81 21.76
N ILE A 433 -1.67 18.96 20.44
CA ILE A 433 -2.51 18.26 19.45
C ILE A 433 -1.61 17.68 18.35
N THR A 434 -1.91 16.44 17.94
CA THR A 434 -1.26 15.76 16.82
C THR A 434 -1.87 16.16 15.47
N ALA A 435 -1.08 16.04 14.41
CA ALA A 435 -1.55 16.23 13.03
C ALA A 435 -0.94 15.17 12.13
N ASP A 436 -1.70 14.74 11.13
CA ASP A 436 -1.20 13.85 10.07
C ASP A 436 -0.17 14.61 9.23
N SER A 437 -0.48 15.89 8.94
CA SER A 437 0.40 16.78 8.18
C SER A 437 0.24 18.24 8.69
N TYR A 438 1.37 18.98 8.67
CA TYR A 438 1.43 20.34 9.25
C TYR A 438 0.55 21.33 8.46
N ALA A 439 0.46 21.11 7.13
CA ALA A 439 -0.34 21.96 6.23
C ALA A 439 -1.82 21.98 6.65
N ALA A 440 -2.36 20.81 7.05
CA ALA A 440 -3.76 20.69 7.53
C ALA A 440 -3.95 21.42 8.87
N ALA A 441 -3.05 21.11 9.84
CA ALA A 441 -3.10 21.68 11.22
C ALA A 441 -3.11 23.22 11.19
N LYS A 442 -2.30 23.79 10.28
CA LYS A 442 -2.09 25.22 10.15
C LYS A 442 -3.19 25.90 9.29
N SER A 443 -3.65 25.20 8.22
CA SER A 443 -4.62 25.77 7.24
C SER A 443 -5.98 26.10 7.89
N SER A 444 -6.29 25.37 8.97
CA SER A 444 -7.42 25.68 9.83
C SER A 444 -7.08 26.94 10.69
N PRO A 445 -7.84 28.08 10.51
CA PRO A 445 -7.48 29.42 11.11
C PRO A 445 -7.77 29.51 12.63
N HIS A 446 -8.26 28.41 13.22
CA HIS A 446 -8.62 28.34 14.66
C HIS A 446 -7.42 28.67 15.61
N LEU A 447 -6.18 28.49 15.11
CA LEU A 447 -4.94 28.77 15.87
C LEU A 447 -4.82 30.27 16.20
N GLU A 448 -5.39 31.12 15.31
CA GLU A 448 -5.37 32.59 15.45
C GLU A 448 -6.20 33.07 16.65
N LEU A 449 -7.21 32.27 17.06
CA LEU A 449 -8.13 32.64 18.15
C LEU A 449 -7.41 32.59 19.50
N LEU A 450 -6.69 31.49 19.72
CA LEU A 450 -5.98 31.22 20.99
C LEU A 450 -4.60 31.92 21.02
N ARG A 451 -4.01 32.13 19.82
CA ARG A 451 -2.76 32.93 19.69
C ARG A 451 -3.04 34.40 20.02
N LYS A 452 -4.23 34.89 19.59
CA LYS A 452 -4.71 36.25 19.92
C LYS A 452 -5.00 36.38 21.43
N LYS A 453 -5.45 35.27 22.04
CA LYS A 453 -5.72 35.21 23.49
C LYS A 453 -4.39 35.17 24.29
N GLY A 454 -3.28 34.82 23.60
CA GLY A 454 -1.92 34.92 24.16
C GLY A 454 -1.52 33.69 24.96
N ILE A 455 -2.16 32.55 24.70
CA ILE A 455 -1.86 31.26 25.39
C ILE A 455 -0.94 30.42 24.46
N GLU A 456 -0.54 29.20 24.88
CA GLU A 456 0.29 28.30 24.06
C GLU A 456 -0.37 26.92 23.93
N VAL A 457 -0.32 26.37 22.71
CA VAL A 457 -0.81 25.03 22.36
C VAL A 457 0.23 24.39 21.42
N LEU A 458 0.74 23.20 21.77
CA LEU A 458 1.74 22.49 20.95
C LEU A 458 1.07 21.83 19.72
N LEU A 459 1.80 21.82 18.59
CA LEU A 459 1.39 21.19 17.32
C LEU A 459 2.46 20.16 16.91
N LEU A 460 2.10 18.86 16.99
CA LEU A 460 3.01 17.74 16.75
C LEU A 460 2.59 17.03 15.45
N SER A 461 3.23 17.39 14.33
CA SER A 461 2.89 16.88 12.99
C SER A 461 3.74 15.65 12.61
N ASP A 462 4.73 15.32 13.48
CA ASP A 462 5.64 14.18 13.27
C ASP A 462 5.03 12.91 13.89
N ARG A 463 5.06 11.80 13.13
CA ARG A 463 4.41 10.54 13.53
C ARG A 463 5.29 9.70 14.49
N ILE A 464 6.61 9.98 14.56
CA ILE A 464 7.54 9.26 15.49
C ILE A 464 7.17 9.55 16.98
N ASP A 465 6.59 10.74 17.18
CA ASP A 465 6.11 11.23 18.50
C ASP A 465 5.01 10.33 19.08
N GLU A 466 4.36 9.52 18.21
CA GLU A 466 3.31 8.57 18.65
C GLU A 466 3.88 7.49 19.57
N TRP A 467 5.14 7.09 19.31
CA TRP A 467 5.88 6.15 20.18
C TRP A 467 6.51 6.91 21.36
N MET A 468 7.15 8.05 21.03
CA MET A 468 7.89 8.90 22.00
C MET A 468 7.02 9.35 23.20
N MET A 469 5.74 9.68 22.92
CA MET A 469 4.81 10.25 23.93
C MET A 469 4.41 9.21 24.99
N ASN A 470 4.51 7.90 24.65
CA ASN A 470 4.22 6.81 25.62
C ASN A 470 5.11 6.94 26.87
N TYR A 471 6.27 7.60 26.69
CA TYR A 471 7.24 7.89 27.75
C TYR A 471 7.13 9.35 28.21
N LEU A 472 6.75 10.25 27.27
CA LEU A 472 6.54 11.68 27.58
C LEU A 472 5.11 11.85 28.17
N THR A 473 4.97 11.45 29.43
CA THR A 473 3.71 11.49 30.18
C THR A 473 3.41 12.92 30.67
N GLU A 474 4.40 13.52 31.35
CA GLU A 474 4.29 14.88 31.91
C GLU A 474 5.66 15.57 31.93
N PHE A 475 5.64 16.89 32.14
CA PHE A 475 6.84 17.72 32.29
C PHE A 475 6.56 18.83 33.30
N ASP A 476 7.53 19.02 34.23
CA ASP A 476 7.50 20.06 35.29
C ASP A 476 6.34 19.80 36.29
N GLY A 477 5.83 18.54 36.30
CA GLY A 477 4.68 18.17 37.13
C GLY A 477 3.35 18.32 36.38
N LYS A 478 3.40 18.92 35.18
CA LYS A 478 2.20 19.24 34.37
C LYS A 478 1.93 18.11 33.35
N PRO A 479 0.78 17.34 33.48
CA PRO A 479 0.42 16.29 32.51
C PRO A 479 -0.07 16.84 31.17
N PHE A 480 0.21 16.10 30.10
CA PHE A 480 -0.17 16.47 28.73
C PHE A 480 -1.68 16.23 28.49
N GLN A 481 -2.37 17.19 27.81
CA GLN A 481 -3.83 17.18 27.65
C GLN A 481 -4.28 17.60 26.23
N SER A 482 -4.78 16.62 25.47
CA SER A 482 -5.60 16.86 24.25
C SER A 482 -7.07 16.96 24.67
N VAL A 483 -7.88 17.83 24.02
CA VAL A 483 -9.26 18.10 24.49
C VAL A 483 -10.19 16.90 24.19
N SER A 484 -10.39 16.56 22.89
CA SER A 484 -11.00 15.26 22.52
C SER A 484 -10.09 14.45 21.58
N LYS A 485 -9.64 15.11 20.49
CA LYS A 485 -9.03 14.43 19.32
C LYS A 485 -8.66 15.48 18.26
N VAL A 486 -7.97 15.06 17.20
CA VAL A 486 -7.84 15.83 15.95
C VAL A 486 -8.67 15.12 14.85
N ASP A 487 -9.53 15.89 14.17
CA ASP A 487 -10.27 15.41 12.98
C ASP A 487 -10.72 16.63 12.17
N GLU A 488 -10.90 16.42 10.87
CA GLU A 488 -11.07 17.51 9.89
C GLU A 488 -12.54 17.72 9.50
N SER A 489 -13.48 16.97 10.15
CA SER A 489 -14.92 17.08 9.85
C SER A 489 -15.50 18.41 10.38
N LEU A 490 -16.09 18.43 11.61
CA LEU A 490 -16.73 19.66 12.13
C LEU A 490 -16.73 19.77 13.67
N GLU A 491 -16.17 18.76 14.38
CA GLU A 491 -16.15 18.71 15.87
C GLU A 491 -15.27 19.82 16.46
N LYS A 492 -14.21 20.18 15.71
CA LYS A 492 -13.26 21.26 16.10
C LYS A 492 -13.86 22.68 15.91
N LEU A 493 -15.02 22.76 15.23
CA LEU A 493 -15.75 24.04 15.04
C LEU A 493 -17.16 23.96 15.69
N ALA A 494 -17.35 22.94 16.57
CA ALA A 494 -18.69 22.51 17.01
C ALA A 494 -19.47 23.59 17.79
N ASP A 495 -18.97 23.97 18.97
CA ASP A 495 -19.72 24.82 19.92
C ASP A 495 -19.09 26.23 20.04
N GLU A 496 -17.76 26.33 19.83
CA GLU A 496 -16.98 27.58 19.96
C GLU A 496 -17.18 28.49 18.74
N VAL A 497 -18.43 28.93 18.54
CA VAL A 497 -18.86 29.57 17.30
C VAL A 497 -18.96 31.12 17.43
N ASP A 498 -17.83 31.70 17.88
CA ASP A 498 -17.65 33.14 18.11
C ASP A 498 -18.71 33.70 19.09
N GLU A 499 -19.84 34.20 18.55
CA GLU A 499 -20.94 34.79 19.33
C GLU A 499 -22.15 35.05 18.39
N SER A 500 -22.21 34.29 17.26
CA SER A 500 -23.26 34.41 16.24
C SER A 500 -24.61 33.91 16.79
N ALA A 501 -25.51 34.84 17.16
CA ALA A 501 -26.74 34.52 17.90
C ALA A 501 -28.02 34.66 17.02
N LYS A 502 -29.17 35.01 17.66
CA LYS A 502 -30.53 34.99 17.05
C LYS A 502 -30.64 35.86 15.77
N GLU A 503 -29.90 36.98 15.71
CA GLU A 503 -29.94 37.92 14.55
C GLU A 503 -29.58 37.21 13.23
N ALA A 504 -28.67 36.23 13.33
CA ALA A 504 -28.30 35.36 12.22
C ALA A 504 -29.48 34.48 11.81
N GLU A 505 -29.98 33.70 12.79
CA GLU A 505 -31.05 32.67 12.63
C GLU A 505 -32.32 33.24 11.95
N LYS A 506 -32.62 34.49 12.31
CA LYS A 506 -33.71 35.30 11.75
C LYS A 506 -33.57 35.40 10.22
N ALA A 507 -32.38 35.82 9.76
CA ALA A 507 -32.06 36.00 8.33
C ALA A 507 -31.87 34.64 7.63
N LEU A 508 -31.57 33.60 8.42
CA LEU A 508 -31.27 32.25 7.92
C LEU A 508 -32.53 31.46 7.58
N THR A 509 -33.64 31.67 8.31
CA THR A 509 -34.89 30.89 8.07
C THR A 509 -35.42 31.00 6.58
N PRO A 510 -35.54 32.24 5.94
CA PRO A 510 -35.91 32.33 4.50
C PRO A 510 -34.80 31.77 3.60
N PHE A 511 -33.56 31.80 4.10
CA PHE A 511 -32.37 31.26 3.40
C PHE A 511 -32.43 29.72 3.37
N ILE A 512 -32.93 29.07 4.46
CA ILE A 512 -33.07 27.59 4.53
C ILE A 512 -34.09 27.15 3.47
N ASP A 513 -35.20 27.92 3.40
CA ASP A 513 -36.28 27.72 2.43
C ASP A 513 -35.76 27.74 0.97
N ARG A 514 -34.86 28.70 0.68
CA ARG A 514 -34.24 28.85 -0.65
C ARG A 514 -33.33 27.66 -0.98
N VAL A 515 -32.38 27.35 -0.06
CA VAL A 515 -31.32 26.36 -0.29
C VAL A 515 -31.90 24.94 -0.47
N LYS A 516 -32.94 24.59 0.32
CA LYS A 516 -33.59 23.27 0.23
C LYS A 516 -34.44 23.14 -1.04
N ALA A 517 -35.05 24.28 -1.48
CA ALA A 517 -35.80 24.33 -2.76
C ALA A 517 -34.85 24.23 -3.97
N LEU A 518 -33.61 24.76 -3.79
CA LEU A 518 -32.59 24.85 -4.84
C LEU A 518 -31.93 23.48 -5.06
N LEU A 519 -31.46 22.87 -3.97
CA LEU A 519 -30.71 21.60 -4.01
C LEU A 519 -31.69 20.42 -4.11
N GLY A 520 -32.94 20.67 -3.67
CA GLY A 520 -34.01 19.70 -3.75
C GLY A 520 -33.77 18.52 -2.81
N GLU A 521 -33.27 17.43 -3.39
CA GLU A 521 -33.09 16.15 -2.67
C GLU A 521 -31.66 15.60 -2.88
N ARG A 522 -30.72 16.49 -3.28
CA ARG A 522 -29.28 16.13 -3.37
C ARG A 522 -28.65 16.09 -1.95
N VAL A 523 -29.38 16.66 -0.97
CA VAL A 523 -28.96 16.75 0.44
C VAL A 523 -29.99 16.02 1.35
N LYS A 524 -29.53 15.56 2.53
CA LYS A 524 -30.39 14.93 3.55
C LYS A 524 -31.21 16.00 4.29
N ASP A 525 -30.55 17.12 4.61
CA ASP A 525 -31.19 18.31 5.19
C ASP A 525 -30.19 19.46 5.15
N VAL A 526 -30.68 20.70 4.97
CA VAL A 526 -29.84 21.89 5.03
C VAL A 526 -30.05 22.52 6.41
N ARG A 527 -29.01 22.42 7.23
CA ARG A 527 -28.97 22.93 8.60
C ARG A 527 -28.12 24.18 8.61
N LEU A 528 -28.38 25.11 9.53
CA LEU A 528 -27.60 26.35 9.64
C LEU A 528 -26.91 26.42 11.01
N THR A 529 -25.58 26.35 10.98
CA THR A 529 -24.69 26.41 12.16
C THR A 529 -23.73 27.60 12.01
N HIS A 530 -22.72 27.75 12.89
CA HIS A 530 -21.84 28.97 12.87
C HIS A 530 -20.34 28.59 12.85
N ARG A 531 -19.96 27.66 11.97
CA ARG A 531 -18.56 27.20 11.83
C ARG A 531 -17.72 28.31 11.14
N LEU A 532 -16.94 29.08 11.95
CA LEU A 532 -16.31 30.37 11.49
C LEU A 532 -15.39 30.12 10.27
N THR A 533 -14.16 29.60 10.55
CA THR A 533 -13.14 29.11 9.57
C THR A 533 -12.97 29.99 8.29
N ASP A 534 -12.21 29.49 7.29
CA ASP A 534 -12.15 30.11 5.96
C ASP A 534 -13.05 29.36 4.95
N THR A 535 -13.55 28.19 5.39
CA THR A 535 -14.47 27.37 4.62
C THR A 535 -15.91 27.91 4.84
N PRO A 536 -16.63 28.36 3.76
CA PRO A 536 -18.00 28.90 3.88
C PRO A 536 -19.01 27.90 4.47
N ALA A 537 -18.89 26.64 4.01
CA ALA A 537 -19.86 25.60 4.33
C ALA A 537 -19.18 24.27 4.67
N ILE A 538 -19.76 23.58 5.64
CA ILE A 538 -19.34 22.24 6.10
C ILE A 538 -20.58 21.34 6.14
N VAL A 539 -20.41 20.02 6.11
CA VAL A 539 -21.54 19.08 6.26
C VAL A 539 -21.36 18.21 7.51
N SER A 540 -22.45 17.51 7.90
CA SER A 540 -22.50 16.71 9.14
C SER A 540 -22.83 15.24 8.83
N THR A 541 -22.50 14.36 9.79
CA THR A 541 -22.65 12.90 9.67
C THR A 541 -23.41 12.31 10.89
N ASP A 542 -24.34 11.38 10.62
CA ASP A 542 -25.03 10.58 11.65
C ASP A 542 -24.09 9.48 12.17
N ALA A 543 -23.76 8.53 11.28
CA ALA A 543 -22.91 7.37 11.57
C ALA A 543 -21.60 7.45 10.74
N ASP A 544 -20.99 6.29 10.51
CA ASP A 544 -19.80 6.10 9.64
C ASP A 544 -19.93 6.81 8.28
N GLU A 545 -19.30 8.00 8.16
CA GLU A 545 -19.29 8.83 6.93
C GLU A 545 -20.75 9.10 6.48
N MET A 546 -21.59 9.40 7.49
CA MET A 546 -23.05 9.50 7.40
C MET A 546 -23.65 8.07 7.46
N SER A 547 -23.39 7.26 6.41
CA SER A 547 -24.01 5.92 6.28
C SER A 547 -23.35 5.06 5.16
N THR A 548 -22.03 5.26 4.97
CA THR A 548 -21.30 4.78 3.77
C THR A 548 -20.62 3.38 3.98
N GLN A 549 -20.93 2.66 5.09
CA GLN A 549 -20.42 1.28 5.33
C GLN A 549 -21.17 0.55 6.46
N MET A 550 -22.43 0.16 6.18
CA MET A 550 -23.26 -0.65 7.11
C MET A 550 -24.48 -1.24 6.37
N ALA A 551 -25.05 -2.33 6.91
CA ALA A 551 -26.12 -3.14 6.26
C ALA A 551 -27.44 -2.35 6.09
N LYS A 552 -27.99 -1.84 7.22
CA LYS A 552 -29.25 -1.05 7.23
C LYS A 552 -29.11 0.23 6.40
N LEU A 553 -27.94 0.84 6.55
CA LEU A 553 -27.61 2.12 5.92
C LEU A 553 -27.63 1.98 4.38
N PHE A 554 -27.01 0.90 3.84
CA PHE A 554 -27.05 0.61 2.37
C PHE A 554 -28.43 0.12 1.89
N ALA A 555 -29.22 -0.44 2.81
CA ALA A 555 -30.58 -0.94 2.51
C ALA A 555 -31.64 0.19 2.47
N ALA A 556 -31.20 1.46 2.67
CA ALA A 556 -32.09 2.64 2.69
C ALA A 556 -32.66 2.94 1.28
N ALA A 557 -31.86 2.71 0.22
CA ALA A 557 -32.38 2.73 -1.17
C ALA A 557 -31.73 1.62 -2.03
N GLY A 558 -30.39 1.65 -2.12
CA GLY A 558 -29.65 0.75 -3.02
C GLY A 558 -28.57 1.49 -3.81
N GLN A 559 -28.73 2.82 -3.93
CA GLN A 559 -27.72 3.72 -4.54
C GLN A 559 -26.56 3.95 -3.55
N LYS A 560 -25.87 5.12 -3.61
CA LYS A 560 -24.82 5.50 -2.63
C LYS A 560 -25.43 5.86 -1.23
N VAL A 561 -26.66 5.36 -0.94
CA VAL A 561 -27.54 5.73 0.19
C VAL A 561 -28.02 7.21 0.09
N PRO A 562 -29.38 7.46 0.20
CA PRO A 562 -29.95 8.83 0.26
C PRO A 562 -29.49 9.58 1.53
N GLU A 563 -29.32 8.81 2.61
CA GLU A 563 -28.82 9.32 3.88
C GLU A 563 -27.34 9.80 3.77
N VAL A 564 -26.49 9.07 2.97
CA VAL A 564 -25.06 9.48 2.72
C VAL A 564 -24.97 10.90 2.11
N LYS A 565 -26.06 11.38 1.47
CA LYS A 565 -26.15 12.81 1.09
C LYS A 565 -26.03 13.62 2.40
N TYR A 566 -24.86 14.23 2.62
CA TYR A 566 -24.48 14.78 3.94
C TYR A 566 -25.33 16.03 4.30
N ILE A 567 -25.40 16.37 5.60
CA ILE A 567 -26.30 17.44 6.11
C ILE A 567 -25.61 18.81 5.92
N PHE A 568 -26.15 19.61 4.99
CA PHE A 568 -25.50 20.84 4.48
C PHE A 568 -25.62 22.01 5.46
N GLU A 569 -24.52 22.29 6.17
CA GLU A 569 -24.41 23.41 7.12
C GLU A 569 -23.63 24.57 6.48
N LEU A 570 -24.05 25.82 6.79
CA LEU A 570 -23.36 27.05 6.34
C LEU A 570 -23.16 27.99 7.53
N ASN A 571 -22.16 28.88 7.45
CA ASN A 571 -21.87 29.87 8.50
C ASN A 571 -22.37 31.28 8.07
N PRO A 572 -23.44 31.84 8.75
CA PRO A 572 -23.98 33.21 8.47
C PRO A 572 -22.94 34.32 8.64
N ASP A 573 -21.91 34.04 9.45
CA ASP A 573 -20.85 35.01 9.75
C ASP A 573 -19.84 35.12 8.59
N HIS A 574 -19.62 34.01 7.85
CA HIS A 574 -18.55 33.93 6.84
C HIS A 574 -18.92 34.74 5.56
N VAL A 575 -17.90 35.45 5.01
CA VAL A 575 -18.05 36.41 3.89
C VAL A 575 -18.77 35.80 2.66
N LEU A 576 -18.29 34.65 2.18
CA LEU A 576 -18.80 34.02 0.94
C LEU A 576 -20.24 33.47 1.09
N VAL A 577 -20.67 33.17 2.34
CA VAL A 577 -22.05 32.69 2.63
C VAL A 577 -23.02 33.88 2.58
N LYS A 578 -22.62 35.00 3.22
CA LYS A 578 -23.38 36.26 3.20
C LYS A 578 -23.53 36.76 1.77
N ARG A 579 -22.44 36.62 1.00
CA ARG A 579 -22.37 37.00 -0.41
C ARG A 579 -23.35 36.14 -1.25
N ALA A 580 -23.46 34.85 -0.89
CA ALA A 580 -24.40 33.91 -1.53
C ALA A 580 -25.85 34.18 -1.06
N ALA A 581 -26.00 34.77 0.15
CA ALA A 581 -27.32 35.13 0.72
C ALA A 581 -27.87 36.41 0.06
N ASP A 582 -26.95 37.33 -0.30
CA ASP A 582 -27.29 38.58 -1.02
C ASP A 582 -27.62 38.29 -2.48
N THR A 583 -27.13 37.16 -3.00
CA THR A 583 -27.45 36.69 -4.33
C THR A 583 -28.97 36.39 -4.40
N GLU A 584 -29.70 37.28 -5.05
CA GLU A 584 -31.16 37.18 -5.22
C GLU A 584 -31.44 36.23 -6.40
N ASP A 585 -30.63 36.38 -7.47
CA ASP A 585 -30.70 35.54 -8.68
C ASP A 585 -30.48 34.06 -8.31
N GLU A 586 -31.46 33.22 -8.64
CA GLU A 586 -31.52 31.82 -8.19
C GLU A 586 -30.51 30.92 -8.94
N ALA A 587 -30.09 31.33 -10.16
CA ALA A 587 -29.15 30.55 -10.99
C ALA A 587 -27.71 30.72 -10.49
N LYS A 588 -27.38 31.93 -10.03
CA LYS A 588 -26.07 32.24 -9.43
C LYS A 588 -26.04 31.80 -7.96
N PHE A 589 -27.22 31.85 -7.32
CA PHE A 589 -27.43 31.25 -5.99
C PHE A 589 -27.16 29.74 -6.08
N SER A 590 -27.59 29.14 -7.21
CA SER A 590 -27.34 27.74 -7.51
C SER A 590 -25.83 27.46 -7.62
N GLU A 591 -25.15 28.28 -8.42
CA GLU A 591 -23.71 28.10 -8.76
C GLU A 591 -22.84 28.16 -7.49
N TRP A 592 -23.16 29.09 -6.58
CA TRP A 592 -22.45 29.27 -5.30
C TRP A 592 -22.77 28.14 -4.31
N VAL A 593 -24.06 27.94 -4.01
CA VAL A 593 -24.52 26.95 -3.00
C VAL A 593 -24.09 25.51 -3.36
N GLU A 594 -24.10 25.20 -4.67
CA GLU A 594 -23.56 23.92 -5.21
C GLU A 594 -22.04 23.82 -4.97
N LEU A 595 -21.29 24.90 -5.26
CA LEU A 595 -19.83 24.96 -5.01
C LEU A 595 -19.52 24.69 -3.53
N LEU A 596 -20.33 25.31 -2.65
CA LEU A 596 -20.15 25.22 -1.19
C LEU A 596 -20.53 23.82 -0.69
N LEU A 597 -21.46 23.16 -1.39
CA LEU A 597 -21.94 21.80 -1.06
C LEU A 597 -20.83 20.76 -1.28
N ASP A 598 -20.32 20.68 -2.52
CA ASP A 598 -19.24 19.74 -2.90
C ASP A 598 -17.98 19.98 -2.04
N GLN A 599 -17.69 21.26 -1.80
CA GLN A 599 -16.55 21.70 -0.96
C GLN A 599 -16.72 21.20 0.51
N ALA A 600 -17.97 21.26 0.98
CA ALA A 600 -18.35 20.85 2.34
C ALA A 600 -18.10 19.34 2.56
N LEU A 601 -18.57 18.53 1.60
CA LEU A 601 -18.34 17.07 1.58
C LEU A 601 -16.83 16.77 1.57
N LEU A 602 -16.11 17.54 0.74
CA LEU A 602 -14.64 17.46 0.59
C LEU A 602 -13.92 17.83 1.90
N ALA A 603 -14.59 18.64 2.74
CA ALA A 603 -14.06 19.03 4.06
C ALA A 603 -14.35 17.94 5.11
N GLU A 604 -15.48 17.24 4.91
CA GLU A 604 -16.00 16.27 5.91
C GLU A 604 -15.23 14.95 5.84
N ARG A 605 -14.82 14.52 4.63
CA ARG A 605 -14.13 13.22 4.43
C ARG A 605 -13.05 13.34 3.33
N GLY A 606 -13.33 14.16 2.30
CA GLY A 606 -12.39 14.38 1.21
C GLY A 606 -12.68 13.55 -0.03
N THR A 607 -13.92 13.05 -0.17
CA THR A 607 -14.35 12.24 -1.33
C THR A 607 -15.73 12.69 -1.83
N LEU A 608 -15.88 12.79 -3.17
CA LEU A 608 -17.15 13.18 -3.83
C LEU A 608 -17.63 12.04 -4.75
N GLU A 609 -18.95 11.94 -4.94
CA GLU A 609 -19.56 11.02 -5.94
C GLU A 609 -19.61 11.69 -7.32
N ASP A 610 -19.62 13.03 -7.33
CA ASP A 610 -19.50 13.83 -8.57
C ASP A 610 -18.37 14.89 -8.45
N PRO A 611 -17.06 14.46 -8.57
CA PRO A 611 -15.90 15.38 -8.52
C PRO A 611 -15.82 16.25 -9.79
N ASN A 612 -16.32 15.68 -10.91
CA ASN A 612 -16.32 16.32 -12.24
C ASN A 612 -17.08 17.66 -12.21
N LEU A 613 -18.24 17.65 -11.53
CA LEU A 613 -19.10 18.83 -11.38
C LEU A 613 -18.37 19.89 -10.55
N PHE A 614 -17.82 19.50 -9.37
CA PHE A 614 -17.08 20.41 -8.46
C PHE A 614 -15.92 21.13 -9.17
N ILE A 615 -15.15 20.37 -9.95
CA ILE A 615 -14.05 20.90 -10.77
C ILE A 615 -14.58 21.97 -11.74
N ARG A 616 -15.72 21.66 -12.40
CA ARG A 616 -16.37 22.58 -13.33
C ARG A 616 -16.85 23.86 -12.61
N ARG A 617 -17.42 23.72 -11.37
CA ARG A 617 -17.96 24.87 -10.60
C ARG A 617 -16.82 25.83 -10.19
N MET A 618 -15.73 25.23 -9.70
CA MET A 618 -14.57 25.94 -9.14
C MET A 618 -13.85 26.71 -10.26
N ASN A 619 -13.36 25.97 -11.26
CA ASN A 619 -12.60 26.53 -12.40
C ASN A 619 -13.44 27.54 -13.20
N GLN A 620 -14.79 27.39 -13.18
CA GLN A 620 -15.72 28.37 -13.79
C GLN A 620 -15.60 29.71 -13.06
N LEU A 621 -15.77 29.66 -11.72
CA LEU A 621 -15.68 30.85 -10.86
C LEU A 621 -14.23 31.36 -10.69
N LEU A 622 -13.25 30.56 -11.14
CA LEU A 622 -11.82 30.95 -11.11
C LEU A 622 -11.50 31.87 -12.32
N VAL A 623 -12.00 31.48 -13.52
CA VAL A 623 -11.77 32.22 -14.79
C VAL A 623 -12.77 33.40 -14.94
N SER A 624 -14.00 33.18 -14.49
CA SER A 624 -15.10 34.13 -14.61
C SER A 624 -15.31 34.82 -13.24
N MET B 1 -24.86 0.59 -4.56
CA MET B 1 -24.12 0.97 -3.33
C MET B 1 -23.15 2.12 -3.64
N LYS B 2 -22.33 2.52 -2.65
CA LYS B 2 -21.27 3.53 -2.87
C LYS B 2 -20.14 2.85 -3.66
N GLY B 3 -20.14 3.11 -4.98
CA GLY B 3 -19.14 2.56 -5.87
C GLY B 3 -17.73 3.03 -5.53
N GLN B 4 -16.85 2.06 -5.23
CA GLN B 4 -15.41 2.27 -5.01
C GLN B 4 -14.73 0.90 -4.94
N GLU B 5 -13.73 0.66 -5.81
CA GLU B 5 -12.99 -0.62 -5.84
C GLU B 5 -12.00 -0.67 -4.64
N THR B 6 -12.02 -1.80 -3.90
CA THR B 6 -11.20 -1.98 -2.68
C THR B 6 -10.97 -3.48 -2.40
N ARG B 7 -11.15 -4.31 -3.45
CA ARG B 7 -11.14 -5.80 -3.39
C ARG B 7 -12.23 -6.30 -2.43
N GLY B 8 -13.44 -6.51 -2.99
CA GLY B 8 -14.62 -6.92 -2.22
C GLY B 8 -14.66 -8.41 -1.91
N PHE B 9 -13.70 -8.89 -1.11
CA PHE B 9 -13.70 -10.25 -0.57
C PHE B 9 -14.69 -10.34 0.60
N GLN B 10 -15.98 -10.46 0.24
CA GLN B 10 -17.09 -10.56 1.20
C GLN B 10 -17.05 -11.94 1.87
N SER B 11 -16.45 -11.98 3.07
CA SER B 11 -16.10 -13.21 3.78
C SER B 11 -17.28 -13.79 4.59
N GLU B 12 -18.52 -13.69 4.05
CA GLU B 12 -19.73 -14.21 4.72
C GLU B 12 -19.86 -15.72 4.45
N VAL B 13 -18.87 -16.50 4.93
CA VAL B 13 -18.86 -17.96 4.84
C VAL B 13 -19.70 -18.53 6.00
N LYS B 14 -20.98 -18.83 5.68
CA LYS B 14 -21.96 -19.35 6.64
C LYS B 14 -22.50 -20.68 6.10
N GLN B 15 -22.98 -20.62 4.84
CA GLN B 15 -23.44 -21.77 4.05
C GLN B 15 -24.63 -22.49 4.74
N LEU B 16 -24.34 -23.34 5.75
CA LEU B 16 -25.32 -24.19 6.44
C LEU B 16 -26.45 -23.38 7.10
N LEU B 17 -26.13 -22.12 7.46
CA LEU B 17 -27.08 -21.19 8.14
C LEU B 17 -28.31 -20.86 7.25
N HIS B 18 -28.14 -20.90 5.90
CA HIS B 18 -29.25 -20.66 4.95
C HIS B 18 -29.70 -21.97 4.26
N LEU B 19 -28.91 -23.06 4.43
CA LEU B 19 -29.31 -24.40 3.94
C LEU B 19 -30.40 -24.97 4.87
N MET B 20 -30.20 -24.82 6.18
CA MET B 20 -31.07 -25.39 7.24
C MET B 20 -32.53 -24.88 7.15
N ILE B 21 -32.72 -23.73 6.48
CA ILE B 21 -34.05 -23.11 6.30
C ILE B 21 -34.91 -23.92 5.29
N HIS B 22 -34.31 -24.32 4.15
CA HIS B 22 -35.01 -25.13 3.12
C HIS B 22 -34.74 -26.64 3.31
N SER B 23 -33.94 -26.98 4.35
CA SER B 23 -33.79 -28.39 4.84
C SER B 23 -35.11 -28.87 5.47
N LEU B 24 -35.93 -27.89 5.93
CA LEU B 24 -37.32 -28.13 6.36
C LEU B 24 -38.17 -28.49 5.12
N TYR B 25 -38.14 -27.57 4.13
CA TYR B 25 -38.74 -27.74 2.79
C TYR B 25 -40.30 -27.79 2.84
N SER B 26 -40.86 -27.49 4.04
CA SER B 26 -42.31 -27.58 4.35
C SER B 26 -42.82 -29.04 4.28
N ASN B 27 -41.89 -30.01 4.26
CA ASN B 27 -42.22 -31.44 4.01
C ASN B 27 -41.67 -32.37 5.10
N LYS B 28 -40.42 -32.08 5.57
CA LYS B 28 -39.64 -32.89 6.58
C LYS B 28 -39.05 -34.19 5.97
N GLU B 29 -39.92 -34.94 5.25
CA GLU B 29 -39.61 -36.21 4.52
C GLU B 29 -38.39 -36.09 3.57
N ILE B 30 -38.02 -34.83 3.25
CA ILE B 30 -36.88 -34.51 2.39
C ILE B 30 -35.56 -35.08 2.97
N PHE B 31 -35.50 -35.35 4.30
CA PHE B 31 -34.29 -35.91 4.94
C PHE B 31 -33.83 -37.22 4.28
N LEU B 32 -34.80 -38.04 3.83
CA LEU B 32 -34.52 -39.32 3.15
C LEU B 32 -33.87 -39.10 1.77
N ARG B 33 -34.12 -37.93 1.14
CA ARG B 33 -33.38 -37.50 -0.08
C ARG B 33 -31.88 -37.53 0.19
N GLU B 34 -31.42 -36.73 1.17
CA GLU B 34 -29.98 -36.58 1.48
C GLU B 34 -29.37 -37.90 1.94
N LEU B 35 -30.10 -38.67 2.77
CA LEU B 35 -29.62 -39.97 3.30
C LEU B 35 -29.27 -40.94 2.13
N ILE B 36 -30.23 -41.15 1.22
CA ILE B 36 -30.03 -42.05 0.06
C ILE B 36 -29.02 -41.42 -0.94
N SER B 37 -29.04 -40.09 -1.06
CA SER B 37 -28.12 -39.31 -1.93
C SER B 37 -26.65 -39.49 -1.47
N ASN B 38 -26.48 -39.57 -0.14
CA ASN B 38 -25.17 -39.80 0.49
C ASN B 38 -24.77 -41.27 0.34
N ALA B 39 -25.78 -42.17 0.21
CA ALA B 39 -25.55 -43.61 0.05
C ALA B 39 -25.16 -43.93 -1.41
N SER B 40 -25.68 -43.10 -2.34
CA SER B 40 -25.37 -43.18 -3.77
C SER B 40 -23.91 -42.82 -3.99
N ASP B 41 -23.48 -41.69 -3.38
CA ASP B 41 -22.10 -41.20 -3.46
C ASP B 41 -21.14 -42.08 -2.63
N ALA B 42 -21.67 -42.78 -1.60
CA ALA B 42 -20.89 -43.77 -0.82
C ALA B 42 -20.65 -45.04 -1.67
N ALA B 43 -21.64 -45.38 -2.49
CA ALA B 43 -21.54 -46.48 -3.46
C ALA B 43 -20.58 -46.09 -4.60
N ASP B 44 -20.61 -44.79 -4.97
CA ASP B 44 -19.70 -44.20 -5.97
C ASP B 44 -18.25 -44.24 -5.48
N LYS B 45 -18.06 -44.00 -4.17
CA LYS B 45 -16.75 -44.10 -3.52
C LYS B 45 -16.23 -45.56 -3.56
N LEU B 46 -17.15 -46.53 -3.47
CA LEU B 46 -16.80 -47.96 -3.60
C LEU B 46 -16.46 -48.29 -5.06
N ARG B 47 -17.23 -47.73 -6.01
CA ARG B 47 -17.06 -47.97 -7.46
C ARG B 47 -15.65 -47.54 -7.93
N PHE B 48 -15.23 -46.36 -7.45
CA PHE B 48 -13.92 -45.77 -7.81
C PHE B 48 -12.76 -46.50 -7.10
N ARG B 49 -12.95 -46.79 -5.80
CA ARG B 49 -11.93 -47.50 -4.99
C ARG B 49 -11.79 -48.97 -5.44
N ALA B 50 -12.86 -49.51 -6.04
CA ALA B 50 -12.91 -50.89 -6.57
C ALA B 50 -12.07 -51.04 -7.84
N LEU B 51 -11.80 -49.90 -8.51
CA LEU B 51 -10.92 -49.86 -9.69
C LEU B 51 -9.46 -50.11 -9.29
N SER B 52 -9.17 -49.98 -7.97
CA SER B 52 -7.86 -50.31 -7.41
C SER B 52 -7.94 -51.55 -6.49
N ASN B 53 -9.18 -51.87 -6.03
CA ASN B 53 -9.43 -52.95 -5.04
C ASN B 53 -10.83 -53.57 -5.28
N PRO B 54 -11.00 -54.53 -6.24
CA PRO B 54 -12.32 -55.16 -6.52
C PRO B 54 -12.77 -56.15 -5.40
N ASP B 55 -11.80 -56.55 -4.55
CA ASP B 55 -12.00 -57.49 -3.42
C ASP B 55 -13.03 -56.96 -2.41
N LEU B 56 -13.20 -55.63 -2.40
CA LEU B 56 -14.07 -54.93 -1.45
C LEU B 56 -15.55 -55.30 -1.61
N TYR B 57 -15.94 -55.80 -2.81
CA TYR B 57 -17.32 -56.27 -3.06
C TYR B 57 -17.63 -57.55 -2.25
N GLU B 58 -16.59 -58.29 -1.82
CA GLU B 58 -16.71 -59.48 -0.91
C GLU B 58 -17.53 -60.64 -1.55
N GLY B 59 -17.81 -60.54 -2.86
CA GLY B 59 -18.76 -61.43 -3.54
C GLY B 59 -20.12 -60.77 -3.74
N ASP B 60 -20.49 -59.87 -2.82
CA ASP B 60 -21.72 -59.07 -2.88
C ASP B 60 -21.47 -57.76 -3.67
N GLY B 61 -21.59 -57.87 -5.01
CA GLY B 61 -21.30 -56.74 -5.92
C GLY B 61 -22.52 -55.85 -6.18
N GLU B 62 -23.72 -56.40 -5.93
CA GLU B 62 -24.99 -55.66 -6.09
C GLU B 62 -25.11 -54.54 -5.02
N LEU B 63 -24.71 -53.32 -5.41
CA LEU B 63 -24.75 -52.16 -4.52
C LEU B 63 -26.17 -51.59 -4.47
N ARG B 64 -26.74 -51.55 -3.26
CA ARG B 64 -28.05 -50.96 -2.97
C ARG B 64 -28.12 -50.54 -1.49
N VAL B 65 -29.09 -49.69 -1.16
CA VAL B 65 -29.38 -49.29 0.23
C VAL B 65 -30.72 -49.88 0.68
N ARG B 66 -30.68 -50.65 1.78
CA ARG B 66 -31.87 -51.27 2.40
C ARG B 66 -32.35 -50.40 3.57
N VAL B 67 -33.57 -49.89 3.45
CA VAL B 67 -34.24 -49.16 4.54
C VAL B 67 -35.06 -50.15 5.37
N SER B 68 -34.79 -50.21 6.67
CA SER B 68 -35.52 -51.02 7.64
C SER B 68 -36.24 -50.07 8.60
N PHE B 69 -37.21 -50.60 9.36
CA PHE B 69 -38.00 -49.80 10.31
C PHE B 69 -38.83 -50.72 11.21
N ASP B 70 -38.89 -50.39 12.50
CA ASP B 70 -39.71 -51.14 13.46
C ASP B 70 -40.84 -50.23 13.95
N LYS B 71 -42.08 -50.72 13.81
CA LYS B 71 -43.31 -49.92 14.00
C LYS B 71 -43.51 -49.57 15.50
N ASP B 72 -43.09 -50.50 16.38
CA ASP B 72 -43.17 -50.30 17.84
C ASP B 72 -41.95 -49.52 18.35
N LYS B 73 -40.75 -49.91 17.88
CA LYS B 73 -39.45 -49.42 18.41
C LYS B 73 -39.14 -47.98 17.94
N ARG B 74 -39.82 -47.53 16.86
CA ARG B 74 -39.73 -46.15 16.32
C ARG B 74 -38.32 -45.83 15.79
N THR B 75 -37.68 -46.82 15.18
CA THR B 75 -36.36 -46.68 14.55
C THR B 75 -36.49 -46.88 13.03
N LEU B 76 -35.98 -45.91 12.25
CA LEU B 76 -35.88 -45.98 10.79
C LEU B 76 -34.39 -46.10 10.44
N THR B 77 -33.99 -47.24 9.89
CA THR B 77 -32.58 -47.59 9.68
C THR B 77 -32.22 -47.65 8.18
N ILE B 78 -31.42 -46.69 7.71
CA ILE B 78 -30.97 -46.61 6.31
C ILE B 78 -29.58 -47.25 6.24
N SER B 79 -29.56 -48.56 5.92
CA SER B 79 -28.33 -49.37 5.90
C SER B 79 -27.92 -49.71 4.44
N ASP B 80 -26.91 -48.98 3.92
CA ASP B 80 -26.32 -49.24 2.58
C ASP B 80 -25.18 -50.25 2.68
N ASN B 81 -24.93 -50.97 1.58
CA ASN B 81 -23.80 -51.92 1.46
C ASN B 81 -22.64 -51.30 0.65
N GLY B 82 -22.56 -49.95 0.62
CA GLY B 82 -21.52 -49.23 -0.13
C GLY B 82 -20.11 -49.43 0.43
N VAL B 83 -19.25 -48.41 0.29
CA VAL B 83 -17.87 -48.47 0.83
C VAL B 83 -17.89 -48.37 2.36
N GLY B 84 -19.02 -47.89 2.91
CA GLY B 84 -19.12 -47.55 4.31
C GLY B 84 -18.38 -46.26 4.59
N MET B 85 -17.74 -46.20 5.76
CA MET B 85 -16.91 -45.05 6.16
C MET B 85 -15.71 -45.57 6.98
N THR B 86 -14.51 -45.15 6.56
CA THR B 86 -13.27 -45.32 7.33
C THR B 86 -13.25 -44.37 8.54
N ARG B 87 -12.16 -44.42 9.35
CA ARG B 87 -11.94 -43.50 10.48
C ARG B 87 -11.98 -42.03 10.00
N ASP B 88 -11.25 -41.77 8.90
CA ASP B 88 -11.17 -40.43 8.29
C ASP B 88 -12.51 -40.00 7.67
N GLU B 89 -13.25 -40.96 7.11
CA GLU B 89 -14.54 -40.70 6.43
C GLU B 89 -15.65 -40.38 7.46
N VAL B 90 -15.44 -40.79 8.72
CA VAL B 90 -16.30 -40.38 9.85
C VAL B 90 -15.83 -39.04 10.46
N ILE B 91 -14.64 -39.02 11.05
CA ILE B 91 -14.15 -37.89 11.88
C ILE B 91 -13.78 -36.66 11.04
N ASP B 92 -13.11 -36.90 9.90
CA ASP B 92 -12.63 -35.82 9.03
C ASP B 92 -13.71 -35.41 8.00
N HIS B 93 -14.94 -35.96 8.16
CA HIS B 93 -16.12 -35.65 7.31
C HIS B 93 -17.32 -35.24 8.18
N LEU B 94 -17.94 -36.21 8.89
CA LEU B 94 -19.11 -35.95 9.75
C LEU B 94 -18.72 -35.11 10.98
N GLY B 95 -17.56 -35.46 11.58
CA GLY B 95 -17.00 -34.73 12.70
C GLY B 95 -16.71 -33.28 12.34
N THR B 96 -16.21 -33.05 11.12
CA THR B 96 -15.90 -31.69 10.61
C THR B 96 -17.18 -30.89 10.27
N ILE B 97 -18.33 -31.59 10.17
CA ILE B 97 -19.66 -30.93 10.05
C ILE B 97 -20.15 -30.51 11.45
N ALA B 98 -19.80 -31.31 12.48
CA ALA B 98 -20.17 -31.04 13.87
C ALA B 98 -19.04 -30.30 14.62
N LYS B 99 -18.12 -31.05 15.28
CA LYS B 99 -16.98 -30.48 16.05
C LYS B 99 -15.63 -30.93 15.46
N SER B 100 -14.79 -29.97 15.01
CA SER B 100 -13.41 -30.26 14.60
C SER B 100 -12.60 -28.96 14.52
N GLY B 101 -12.92 -28.12 13.52
CA GLY B 101 -12.25 -26.83 13.35
C GLY B 101 -11.72 -26.68 11.94
N THR B 102 -12.62 -26.64 10.96
CA THR B 102 -12.26 -26.51 9.52
C THR B 102 -12.02 -25.04 9.14
N LYS B 103 -12.45 -24.11 10.03
CA LYS B 103 -12.35 -22.65 9.86
C LYS B 103 -13.30 -22.19 8.72
N SER B 104 -12.84 -22.34 7.48
CA SER B 104 -13.60 -21.97 6.28
C SER B 104 -13.25 -22.96 5.15
N PHE B 105 -11.95 -22.96 4.75
CA PHE B 105 -11.41 -23.86 3.71
C PHE B 105 -10.20 -24.65 4.21
N LEU B 106 -9.78 -24.39 5.47
CA LEU B 106 -8.59 -24.99 6.15
C LEU B 106 -8.16 -24.00 7.26
N GLU B 107 -7.68 -24.53 8.40
CA GLU B 107 -7.23 -23.70 9.55
C GLU B 107 -5.72 -23.40 9.51
N SER B 108 -4.96 -24.19 8.74
CA SER B 108 -3.51 -24.01 8.56
C SER B 108 -3.21 -22.89 7.53
N LEU B 109 -3.72 -23.07 6.30
CA LEU B 109 -3.40 -22.19 5.15
C LEU B 109 -4.69 -21.49 4.64
N GLY B 110 -5.80 -22.26 4.60
CA GLY B 110 -7.11 -21.75 4.16
C GLY B 110 -7.41 -22.11 2.71
N SER B 111 -7.04 -23.36 2.27
CA SER B 111 -7.19 -23.77 0.86
C SER B 111 -7.30 -25.31 0.71
N ASP B 112 -6.37 -26.07 1.32
CA ASP B 112 -6.26 -27.56 1.15
C ASP B 112 -7.58 -28.31 1.49
N GLN B 113 -8.15 -28.00 2.67
CA GLN B 113 -9.38 -28.66 3.17
C GLN B 113 -10.67 -28.02 2.61
N ALA B 114 -10.57 -27.31 1.47
CA ALA B 114 -11.74 -26.73 0.77
C ALA B 114 -12.74 -27.81 0.28
N LYS B 115 -12.35 -29.09 0.44
CA LYS B 115 -13.23 -30.23 0.19
C LYS B 115 -13.93 -30.66 1.51
N ASP B 116 -14.18 -29.69 2.42
CA ASP B 116 -15.06 -29.88 3.61
C ASP B 116 -16.38 -29.15 3.38
N SER B 117 -16.31 -27.95 2.78
CA SER B 117 -17.50 -27.16 2.43
C SER B 117 -18.36 -27.91 1.38
N GLN B 118 -17.68 -28.72 0.55
CA GLN B 118 -18.33 -29.59 -0.48
C GLN B 118 -19.15 -30.71 0.21
N LEU B 119 -18.65 -31.16 1.37
CA LEU B 119 -19.28 -32.24 2.19
C LEU B 119 -20.50 -31.68 2.95
N ILE B 120 -20.35 -30.47 3.51
CA ILE B 120 -21.43 -29.78 4.25
C ILE B 120 -22.58 -29.39 3.28
N GLY B 121 -22.22 -29.18 1.99
CA GLY B 121 -23.18 -28.86 0.94
C GLY B 121 -24.23 -29.96 0.70
N GLN B 122 -23.88 -31.23 1.00
CA GLN B 122 -24.83 -32.36 0.87
C GLN B 122 -25.14 -33.00 2.25
N PHE B 123 -24.08 -33.56 2.87
CA PHE B 123 -24.17 -34.32 4.13
C PHE B 123 -24.56 -33.41 5.32
N GLY B 124 -24.07 -32.16 5.29
CA GLY B 124 -24.37 -31.16 6.33
C GLY B 124 -25.82 -30.72 6.33
N VAL B 125 -26.41 -30.66 5.13
CA VAL B 125 -27.86 -30.42 4.93
C VAL B 125 -28.66 -31.57 5.58
N GLY B 126 -28.25 -32.80 5.22
CA GLY B 126 -28.89 -34.03 5.70
C GLY B 126 -28.71 -34.29 7.19
N PHE B 127 -27.69 -33.65 7.79
CA PHE B 127 -27.47 -33.66 9.26
C PHE B 127 -28.70 -33.03 9.94
N TYR B 128 -28.92 -31.74 9.62
CA TYR B 128 -30.02 -30.93 10.19
C TYR B 128 -31.39 -31.57 9.90
N SER B 129 -31.60 -31.93 8.62
CA SER B 129 -32.86 -32.49 8.11
C SER B 129 -33.25 -33.79 8.84
N ALA B 130 -32.24 -34.67 9.06
CA ALA B 130 -32.41 -35.92 9.82
C ALA B 130 -32.94 -35.63 11.22
N PHE B 131 -32.27 -34.69 11.91
CA PHE B 131 -32.59 -34.35 13.31
C PHE B 131 -33.88 -33.51 13.48
N ILE B 132 -34.54 -33.13 12.36
CA ILE B 132 -35.89 -32.51 12.43
C ILE B 132 -36.92 -33.56 12.89
N VAL B 133 -36.82 -34.76 12.29
CA VAL B 133 -37.77 -35.88 12.50
C VAL B 133 -37.16 -36.98 13.39
N ALA B 134 -35.84 -36.93 13.59
CA ALA B 134 -35.11 -37.90 14.42
C ALA B 134 -34.57 -37.19 15.66
N ASP B 135 -34.83 -37.79 16.81
CA ASP B 135 -34.32 -37.32 18.11
C ASP B 135 -32.81 -37.67 18.23
N LYS B 136 -32.48 -38.87 17.75
CA LYS B 136 -31.12 -39.45 17.79
C LYS B 136 -30.83 -40.13 16.46
N VAL B 137 -29.61 -39.94 15.92
CA VAL B 137 -29.12 -40.70 14.77
C VAL B 137 -27.88 -41.50 15.22
N THR B 138 -28.06 -42.82 15.35
CA THR B 138 -27.01 -43.76 15.73
C THR B 138 -26.40 -44.37 14.45
N VAL B 139 -25.17 -43.98 14.14
CA VAL B 139 -24.43 -44.44 12.96
C VAL B 139 -23.42 -45.52 13.36
N ARG B 140 -23.55 -46.69 12.72
CA ARG B 140 -22.62 -47.81 12.86
C ARG B 140 -22.15 -48.23 11.47
N THR B 141 -20.93 -47.83 11.10
CA THR B 141 -20.39 -48.03 9.76
C THR B 141 -19.20 -49.01 9.78
N ARG B 142 -18.81 -49.45 8.57
CA ARG B 142 -17.60 -50.24 8.35
C ARG B 142 -17.09 -50.02 6.91
N ALA B 143 -15.81 -49.70 6.80
CA ALA B 143 -15.09 -49.60 5.51
C ALA B 143 -15.03 -50.96 4.78
N ALA B 144 -15.12 -50.89 3.45
CA ALA B 144 -15.15 -52.06 2.56
C ALA B 144 -13.80 -52.79 2.54
N GLY B 145 -13.79 -54.09 2.92
CA GLY B 145 -12.59 -54.93 2.83
C GLY B 145 -11.56 -54.70 3.93
N GLU B 146 -11.54 -53.48 4.51
CA GLU B 146 -10.66 -53.11 5.62
C GLU B 146 -11.19 -53.83 6.90
N LYS B 147 -10.29 -54.14 7.83
CA LYS B 147 -10.56 -55.00 9.01
C LYS B 147 -11.87 -54.60 9.77
N PRO B 148 -12.84 -55.58 9.98
CA PRO B 148 -14.15 -55.33 10.67
C PRO B 148 -14.00 -54.72 12.10
N GLU B 149 -12.87 -55.00 12.75
CA GLU B 149 -12.53 -54.48 14.10
C GLU B 149 -12.39 -52.94 14.13
N ASN B 150 -12.10 -52.34 12.95
CA ASN B 150 -11.89 -50.88 12.81
C ASN B 150 -13.19 -50.17 12.42
N GLY B 151 -14.35 -50.89 12.46
CA GLY B 151 -15.67 -50.26 12.29
C GLY B 151 -15.85 -49.07 13.23
N VAL B 152 -16.57 -48.04 12.80
CA VAL B 152 -16.61 -46.77 13.55
C VAL B 152 -18.05 -46.46 14.01
N PHE B 153 -18.18 -46.10 15.30
CA PHE B 153 -19.40 -45.60 15.90
C PHE B 153 -19.40 -44.06 15.81
N TRP B 154 -20.58 -43.49 15.54
CA TRP B 154 -20.79 -42.05 15.47
C TRP B 154 -22.24 -41.80 15.88
N GLU B 155 -22.48 -40.82 16.75
CA GLU B 155 -23.84 -40.50 17.21
C GLU B 155 -23.88 -39.10 17.79
N SER B 156 -24.86 -38.29 17.39
CA SER B 156 -25.03 -36.94 17.92
C SER B 156 -26.51 -36.68 18.23
N ALA B 157 -26.76 -35.64 19.02
CA ALA B 157 -28.12 -35.22 19.41
C ALA B 157 -28.59 -34.04 18.53
N GLY B 158 -27.80 -33.72 17.48
CA GLY B 158 -28.15 -32.66 16.52
C GLY B 158 -27.41 -31.35 16.76
N GLU B 159 -26.82 -31.23 17.95
CA GLU B 159 -26.10 -30.02 18.40
C GLU B 159 -24.70 -29.92 17.74
N GLY B 160 -23.85 -29.00 18.23
CA GLY B 160 -22.48 -28.83 17.69
C GLY B 160 -21.48 -29.83 18.27
N GLU B 161 -21.91 -31.11 18.32
CA GLU B 161 -21.17 -32.20 18.97
C GLU B 161 -21.32 -33.50 18.16
N TYR B 162 -20.45 -34.47 18.44
CA TYR B 162 -20.54 -35.83 17.92
C TYR B 162 -19.86 -36.79 18.91
N THR B 163 -20.40 -38.00 19.04
CA THR B 163 -19.87 -39.04 19.92
C THR B 163 -19.29 -40.13 19.02
N VAL B 164 -17.96 -40.09 18.81
CA VAL B 164 -17.26 -41.07 17.98
C VAL B 164 -16.58 -42.09 18.89
N ALA B 165 -16.54 -43.34 18.42
CA ALA B 165 -15.89 -44.46 19.10
C ALA B 165 -15.55 -45.52 18.06
N ASP B 166 -14.87 -46.59 18.49
CA ASP B 166 -14.62 -47.77 17.66
C ASP B 166 -15.61 -48.89 18.06
N ILE B 167 -16.12 -49.59 17.07
CA ILE B 167 -16.93 -50.80 17.24
C ILE B 167 -16.43 -51.87 16.26
N THR B 168 -16.96 -53.09 16.38
CA THR B 168 -16.63 -54.19 15.46
C THR B 168 -17.90 -54.59 14.69
N LYS B 169 -17.89 -54.35 13.37
CA LYS B 169 -19.03 -54.65 12.48
C LYS B 169 -18.51 -55.54 11.34
N GLU B 170 -19.08 -56.75 11.22
CA GLU B 170 -18.63 -57.75 10.22
C GLU B 170 -19.11 -57.36 8.81
N ASP B 171 -20.33 -56.82 8.75
CA ASP B 171 -20.98 -56.41 7.49
C ASP B 171 -20.37 -55.12 6.93
N ARG B 172 -20.39 -55.01 5.60
CA ARG B 172 -19.86 -53.86 4.86
C ARG B 172 -20.93 -52.74 4.78
N GLY B 173 -20.48 -51.49 4.61
CA GLY B 173 -21.39 -50.36 4.38
C GLY B 173 -21.73 -49.61 5.67
N THR B 174 -22.76 -48.76 5.61
CA THR B 174 -23.11 -47.84 6.73
C THR B 174 -24.55 -48.10 7.19
N GLU B 175 -24.76 -48.08 8.52
CA GLU B 175 -26.08 -48.26 9.14
C GLU B 175 -26.50 -46.96 9.88
N ILE B 176 -27.47 -46.23 9.31
CA ILE B 176 -27.97 -44.96 9.89
C ILE B 176 -29.30 -45.24 10.63
N THR B 177 -29.25 -45.37 11.96
CA THR B 177 -30.42 -45.75 12.79
C THR B 177 -31.03 -44.50 13.45
N LEU B 178 -32.13 -43.98 12.86
CA LEU B 178 -32.79 -42.77 13.34
C LEU B 178 -33.94 -43.12 14.29
N HIS B 179 -33.79 -42.82 15.60
CA HIS B 179 -34.93 -42.82 16.52
C HIS B 179 -35.86 -41.67 16.13
N LEU B 180 -36.97 -42.00 15.45
CA LEU B 180 -38.03 -41.06 15.13
C LEU B 180 -38.66 -40.53 16.44
N ARG B 181 -38.97 -39.24 16.45
CA ARG B 181 -39.43 -38.53 17.65
C ARG B 181 -40.82 -39.01 18.09
N GLU B 182 -41.18 -38.70 19.35
CA GLU B 182 -42.47 -39.08 19.93
C GLU B 182 -43.61 -38.27 19.28
N GLY B 183 -44.40 -38.98 18.45
CA GLY B 183 -45.43 -38.37 17.60
C GLY B 183 -45.09 -38.46 16.12
N GLU B 184 -43.79 -38.62 15.81
CA GLU B 184 -43.26 -38.70 14.43
C GLU B 184 -43.28 -40.17 13.94
N ASP B 185 -44.48 -40.78 13.95
CA ASP B 185 -44.70 -42.17 13.45
C ASP B 185 -44.98 -42.18 11.93
N GLU B 186 -44.88 -41.00 11.32
CA GLU B 186 -45.02 -40.73 9.87
C GLU B 186 -44.15 -41.67 9.00
N PHE B 187 -42.92 -41.97 9.46
CA PHE B 187 -41.94 -42.76 8.69
C PHE B 187 -41.81 -44.19 9.25
N LEU B 188 -42.84 -44.61 10.02
CA LEU B 188 -43.02 -46.02 10.45
C LEU B 188 -44.08 -46.70 9.58
N ASP B 189 -44.74 -45.92 8.71
CA ASP B 189 -45.73 -46.40 7.77
C ASP B 189 -45.02 -46.92 6.51
N ASP B 190 -45.17 -48.22 6.25
CA ASP B 190 -44.52 -48.95 5.15
C ASP B 190 -44.74 -48.28 3.78
N TRP B 191 -46.01 -48.05 3.44
CA TRP B 191 -46.43 -47.44 2.16
C TRP B 191 -45.83 -46.02 1.99
N ARG B 192 -45.72 -45.29 3.13
CA ARG B 192 -45.28 -43.88 3.16
C ARG B 192 -43.79 -43.82 2.82
N VAL B 193 -42.98 -44.66 3.50
CA VAL B 193 -41.52 -44.70 3.30
C VAL B 193 -41.19 -45.10 1.84
N ARG B 194 -41.94 -46.10 1.31
CA ARG B 194 -41.80 -46.58 -0.09
C ARG B 194 -42.08 -45.49 -1.11
N SER B 195 -43.07 -44.65 -0.80
CA SER B 195 -43.41 -43.50 -1.64
C SER B 195 -42.23 -42.51 -1.67
N ILE B 196 -41.63 -42.27 -0.48
CA ILE B 196 -40.47 -41.35 -0.32
C ILE B 196 -39.19 -41.96 -0.95
N ILE B 197 -39.15 -43.31 -1.03
CA ILE B 197 -38.08 -44.03 -1.73
C ILE B 197 -38.11 -43.61 -3.21
N SER B 198 -39.16 -44.00 -3.95
CA SER B 198 -39.27 -43.72 -5.40
C SER B 198 -39.28 -42.19 -5.72
N LYS B 199 -39.75 -41.39 -4.75
CA LYS B 199 -39.90 -39.91 -4.89
C LYS B 199 -38.53 -39.19 -4.98
N TYR B 200 -37.47 -39.80 -4.44
CA TYR B 200 -36.11 -39.22 -4.44
C TYR B 200 -35.09 -40.13 -5.13
N SER B 201 -35.24 -41.42 -4.93
CA SER B 201 -34.39 -42.46 -5.55
C SER B 201 -34.57 -42.50 -7.08
N ASP B 202 -35.66 -41.90 -7.60
CA ASP B 202 -35.91 -41.75 -9.06
C ASP B 202 -34.75 -41.03 -9.78
N HIS B 203 -34.07 -40.12 -9.05
CA HIS B 203 -32.92 -39.36 -9.59
C HIS B 203 -31.61 -39.83 -8.92
N ILE B 204 -31.61 -41.06 -8.42
CA ILE B 204 -30.47 -41.68 -7.75
C ILE B 204 -30.11 -43.01 -8.44
N ALA B 205 -28.83 -43.16 -8.82
CA ALA B 205 -28.32 -44.31 -9.60
C ALA B 205 -27.89 -45.49 -8.69
N LEU B 206 -28.54 -45.59 -7.52
CA LEU B 206 -28.33 -46.70 -6.57
C LEU B 206 -29.70 -47.33 -6.26
N PRO B 207 -29.89 -48.68 -6.51
CA PRO B 207 -31.13 -49.39 -6.11
C PRO B 207 -31.46 -49.19 -4.61
N VAL B 208 -32.74 -49.03 -4.27
CA VAL B 208 -33.16 -48.80 -2.86
C VAL B 208 -34.26 -49.78 -2.48
N GLU B 209 -33.89 -50.79 -1.68
CA GLU B 209 -34.81 -51.81 -1.16
C GLU B 209 -35.37 -51.35 0.20
N ILE B 210 -36.46 -52.00 0.65
CA ILE B 210 -37.06 -51.71 1.96
C ILE B 210 -37.44 -53.04 2.65
N GLU B 211 -37.57 -52.97 3.98
CA GLU B 211 -38.04 -54.06 4.81
C GLU B 211 -39.53 -54.33 4.54
N LYS B 212 -39.83 -55.57 4.12
CA LYS B 212 -41.18 -56.12 4.11
C LYS B 212 -41.23 -57.26 5.10
N ARG B 213 -41.48 -56.91 6.37
CA ARG B 213 -41.45 -57.88 7.46
C ARG B 213 -42.82 -58.55 7.60
N GLU B 214 -42.81 -59.88 7.64
CA GLU B 214 -43.96 -60.70 7.99
C GLU B 214 -43.63 -61.46 9.27
N GLU B 215 -44.04 -60.90 10.40
CA GLU B 215 -43.79 -61.47 11.72
C GLU B 215 -44.71 -62.68 11.94
N LYS B 216 -44.21 -63.85 11.52
CA LYS B 216 -44.91 -65.13 11.68
C LYS B 216 -44.43 -65.81 12.98
N ASP B 217 -45.26 -66.73 13.50
CA ASP B 217 -45.02 -67.39 14.80
C ASP B 217 -43.81 -68.33 14.71
N GLY B 218 -42.66 -67.90 15.27
CA GLY B 218 -41.41 -68.68 15.20
C GLY B 218 -40.51 -68.25 14.06
N GLU B 219 -41.08 -67.52 13.07
CA GLU B 219 -40.38 -67.14 11.84
C GLU B 219 -40.55 -65.64 11.58
N THR B 220 -39.57 -64.82 11.99
CA THR B 220 -39.53 -63.40 11.60
C THR B 220 -39.10 -63.33 10.13
N VAL B 221 -40.09 -63.54 9.23
CA VAL B 221 -39.92 -63.50 7.79
C VAL B 221 -39.68 -62.05 7.36
N ILE B 222 -38.73 -61.85 6.45
CA ILE B 222 -38.40 -60.53 5.94
C ILE B 222 -38.03 -60.64 4.46
N SER B 223 -38.66 -59.81 3.66
CA SER B 223 -38.40 -59.67 2.23
C SER B 223 -37.83 -58.26 1.99
N TRP B 224 -37.07 -58.06 0.92
CA TRP B 224 -36.52 -56.73 0.58
C TRP B 224 -36.96 -56.35 -0.83
N GLU B 225 -37.76 -55.29 -0.94
CA GLU B 225 -38.37 -54.85 -2.20
C GLU B 225 -37.80 -53.50 -2.64
N LYS B 226 -37.16 -53.45 -3.84
CA LYS B 226 -36.62 -52.21 -4.40
C LYS B 226 -37.74 -51.42 -5.14
N ILE B 227 -38.08 -50.24 -4.60
CA ILE B 227 -39.13 -49.35 -5.17
C ILE B 227 -38.49 -48.41 -6.21
N ASN B 228 -37.14 -48.35 -6.21
CA ASN B 228 -36.39 -47.51 -7.13
C ASN B 228 -36.18 -48.24 -8.47
N LYS B 229 -36.30 -47.47 -9.57
CA LYS B 229 -36.06 -47.94 -10.95
C LYS B 229 -34.62 -48.47 -11.12
N ALA B 230 -33.69 -47.91 -10.30
CA ALA B 230 -32.33 -48.44 -10.09
C ALA B 230 -31.48 -48.33 -11.35
N GLN B 231 -31.66 -47.22 -12.09
CA GLN B 231 -30.96 -46.98 -13.36
C GLN B 231 -30.37 -45.57 -13.34
N ALA B 232 -29.16 -45.46 -13.90
CA ALA B 232 -28.43 -44.20 -14.06
C ALA B 232 -29.26 -43.17 -14.85
N LEU B 233 -29.67 -42.05 -14.17
CA LEU B 233 -30.59 -41.04 -14.77
C LEU B 233 -29.99 -40.42 -16.03
N TRP B 234 -28.68 -40.12 -16.00
CA TRP B 234 -28.00 -39.57 -17.18
C TRP B 234 -28.10 -40.56 -18.36
N THR B 235 -27.89 -41.85 -18.10
CA THR B 235 -27.94 -42.91 -19.13
C THR B 235 -29.38 -43.12 -19.65
N ARG B 236 -30.38 -42.89 -18.78
CA ARG B 236 -31.82 -42.92 -19.15
C ARG B 236 -32.12 -41.84 -20.21
N ASN B 237 -33.12 -42.08 -21.07
CA ASN B 237 -33.51 -41.12 -22.14
C ASN B 237 -34.55 -40.11 -21.63
N LYS B 238 -34.64 -38.98 -22.35
CA LYS B 238 -35.53 -37.84 -22.00
C LYS B 238 -37.01 -38.27 -21.95
N SER B 239 -37.37 -39.26 -22.78
CA SER B 239 -38.75 -39.78 -22.87
C SER B 239 -39.19 -40.48 -21.57
N GLU B 240 -38.21 -41.02 -20.80
CA GLU B 240 -38.49 -41.68 -19.51
C GLU B 240 -38.31 -40.70 -18.34
N ILE B 241 -37.49 -39.65 -18.52
CA ILE B 241 -37.21 -38.67 -17.43
C ILE B 241 -38.10 -37.42 -17.57
N THR B 242 -38.73 -37.00 -16.47
CA THR B 242 -39.50 -35.74 -16.41
C THR B 242 -38.59 -34.60 -15.89
N ASP B 243 -39.08 -33.36 -16.00
CA ASP B 243 -38.33 -32.12 -15.65
C ASP B 243 -37.84 -32.11 -14.20
N GLU B 244 -38.72 -32.51 -13.28
CA GLU B 244 -38.48 -32.42 -11.83
C GLU B 244 -37.33 -33.37 -11.40
N GLU B 245 -37.23 -34.52 -12.08
CA GLU B 245 -36.15 -35.50 -11.83
C GLU B 245 -34.78 -34.88 -12.10
N TYR B 246 -34.67 -34.10 -13.20
CA TYR B 246 -33.43 -33.37 -13.56
C TYR B 246 -33.07 -32.35 -12.48
N LYS B 247 -34.06 -31.52 -12.13
CA LYS B 247 -33.89 -30.38 -11.20
C LYS B 247 -33.42 -30.83 -9.81
N GLU B 248 -33.87 -32.02 -9.41
CA GLU B 248 -33.53 -32.60 -8.10
C GLU B 248 -32.29 -33.54 -8.20
N PHE B 249 -32.05 -34.10 -9.42
CA PHE B 249 -30.81 -34.87 -9.74
C PHE B 249 -29.59 -33.99 -9.53
N TYR B 250 -29.75 -32.72 -9.96
CA TYR B 250 -28.76 -31.65 -9.82
C TYR B 250 -28.18 -31.59 -8.40
N LYS B 251 -29.07 -31.51 -7.40
CA LYS B 251 -28.68 -31.25 -6.00
C LYS B 251 -27.93 -32.45 -5.40
N HIS B 252 -28.28 -33.67 -5.89
CA HIS B 252 -27.53 -34.91 -5.59
C HIS B 252 -26.07 -34.80 -6.12
N ILE B 253 -25.94 -34.72 -7.46
CA ILE B 253 -24.65 -34.91 -8.16
C ILE B 253 -23.68 -33.73 -7.98
N ALA B 254 -24.22 -32.57 -7.70
CA ALA B 254 -23.42 -31.36 -7.56
C ALA B 254 -22.96 -31.18 -6.10
N HIS B 255 -23.59 -31.96 -5.18
CA HIS B 255 -23.48 -31.75 -3.72
C HIS B 255 -23.96 -30.31 -3.39
N ASP B 256 -24.96 -29.88 -4.18
CA ASP B 256 -25.54 -28.53 -4.14
C ASP B 256 -26.94 -28.63 -3.51
N PHE B 257 -27.73 -27.55 -3.57
CA PHE B 257 -29.01 -27.44 -2.83
C PHE B 257 -29.91 -26.31 -3.42
N ASN B 258 -29.34 -25.45 -4.29
CA ASN B 258 -30.09 -24.44 -5.05
C ASN B 258 -30.86 -25.12 -6.19
N ASP B 259 -32.03 -24.60 -6.56
CA ASP B 259 -32.87 -25.18 -7.64
C ASP B 259 -32.44 -24.60 -9.01
N PRO B 260 -32.04 -25.46 -10.01
CA PRO B 260 -31.45 -24.98 -11.29
C PRO B 260 -32.50 -24.34 -12.24
N LEU B 261 -32.13 -23.21 -12.87
CA LEU B 261 -32.97 -22.49 -13.84
C LEU B 261 -33.26 -23.37 -15.07
N THR B 262 -32.18 -23.88 -15.69
CA THR B 262 -32.25 -24.61 -16.95
C THR B 262 -31.15 -25.69 -17.01
N TRP B 263 -31.28 -26.58 -18.00
CA TRP B 263 -30.36 -27.71 -18.22
C TRP B 263 -30.38 -28.13 -19.69
N SER B 264 -29.52 -29.09 -20.03
CA SER B 264 -29.49 -29.74 -21.35
C SER B 264 -29.02 -31.18 -21.16
N HIS B 265 -29.86 -32.13 -21.60
CA HIS B 265 -29.57 -33.56 -21.50
C HIS B 265 -29.62 -34.19 -22.89
N ASN B 266 -28.45 -34.48 -23.43
CA ASN B 266 -28.25 -35.13 -24.74
C ASN B 266 -27.13 -36.16 -24.61
N ARG B 267 -27.29 -37.34 -25.23
CA ARG B 267 -26.18 -38.30 -25.39
C ARG B 267 -25.76 -38.32 -26.86
N VAL B 268 -24.45 -38.22 -27.10
CA VAL B 268 -23.86 -38.19 -28.44
C VAL B 268 -23.00 -39.42 -28.63
N GLU B 269 -23.27 -40.20 -29.68
CA GLU B 269 -22.58 -41.46 -29.96
C GLU B 269 -22.01 -41.46 -31.38
N GLY B 270 -21.13 -42.43 -31.64
CA GLY B 270 -20.44 -42.54 -32.92
C GLY B 270 -18.96 -42.80 -32.71
N LYS B 271 -18.16 -41.73 -32.80
CA LYS B 271 -16.71 -41.77 -32.55
C LYS B 271 -16.46 -41.89 -31.04
N GLN B 272 -16.94 -40.87 -30.30
CA GLN B 272 -16.86 -40.82 -28.83
C GLN B 272 -18.27 -40.80 -28.24
N GLU B 273 -18.70 -41.93 -27.64
CA GLU B 273 -20.01 -42.00 -26.98
C GLU B 273 -19.91 -41.42 -25.55
N TYR B 274 -20.51 -40.23 -25.37
CA TYR B 274 -20.59 -39.56 -24.07
C TYR B 274 -22.03 -39.12 -23.79
N THR B 275 -22.46 -39.27 -22.54
CA THR B 275 -23.73 -38.72 -22.07
C THR B 275 -23.46 -37.37 -21.38
N SER B 276 -23.92 -36.27 -21.96
CA SER B 276 -23.75 -34.94 -21.37
C SER B 276 -25.05 -34.44 -20.73
N LEU B 277 -24.96 -34.03 -19.45
CA LEU B 277 -26.09 -33.51 -18.67
C LEU B 277 -25.57 -32.32 -17.83
N LEU B 278 -25.74 -31.11 -18.39
CA LEU B 278 -25.26 -29.85 -17.79
C LEU B 278 -26.45 -29.08 -17.19
N TYR B 279 -26.17 -28.28 -16.14
CA TYR B 279 -27.17 -27.48 -15.39
C TYR B 279 -26.61 -26.07 -15.13
N ILE B 280 -27.52 -25.10 -14.98
CA ILE B 280 -27.21 -23.74 -14.49
C ILE B 280 -28.10 -23.45 -13.25
N PRO B 281 -27.50 -23.23 -12.03
CA PRO B 281 -28.28 -22.86 -10.81
C PRO B 281 -28.98 -21.48 -10.90
N SER B 282 -29.95 -21.26 -10.01
CA SER B 282 -30.67 -19.98 -9.90
C SER B 282 -29.81 -18.90 -9.22
N GLN B 283 -28.89 -19.34 -8.34
CA GLN B 283 -27.98 -18.45 -7.61
C GLN B 283 -26.53 -18.89 -7.83
N ALA B 284 -25.62 -17.94 -7.66
CA ALA B 284 -24.17 -18.19 -7.76
C ALA B 284 -23.65 -18.88 -6.48
N PRO B 285 -22.79 -19.95 -6.61
CA PRO B 285 -22.14 -20.59 -5.43
C PRO B 285 -21.11 -19.62 -4.78
N TRP B 286 -20.72 -19.90 -3.52
CA TRP B 286 -19.76 -19.04 -2.77
C TRP B 286 -18.41 -18.98 -3.53
N ASP B 287 -18.07 -20.11 -4.17
CA ASP B 287 -16.81 -20.29 -4.92
C ASP B 287 -16.85 -19.67 -6.34
N MET B 288 -17.84 -18.80 -6.63
CA MET B 288 -17.99 -18.12 -7.94
C MET B 288 -16.75 -17.25 -8.27
N TRP B 289 -16.23 -16.56 -7.23
CA TRP B 289 -15.05 -15.66 -7.34
C TRP B 289 -13.97 -16.01 -6.29
N ASN B 290 -14.11 -17.20 -5.68
CA ASN B 290 -13.18 -17.68 -4.64
C ASN B 290 -11.99 -18.43 -5.29
N ARG B 291 -10.90 -18.56 -4.53
CA ARG B 291 -9.64 -19.19 -4.98
C ARG B 291 -9.79 -20.72 -4.99
N ASP B 292 -10.81 -21.19 -4.25
CA ASP B 292 -11.14 -22.61 -4.09
C ASP B 292 -12.25 -22.98 -5.10
N HIS B 293 -12.44 -24.28 -5.34
CA HIS B 293 -13.31 -24.75 -6.44
C HIS B 293 -14.60 -25.40 -5.94
N LYS B 294 -15.67 -25.16 -6.71
CA LYS B 294 -16.93 -25.90 -6.61
C LYS B 294 -17.42 -26.24 -8.05
N HIS B 295 -16.95 -25.45 -9.05
CA HIS B 295 -17.25 -25.67 -10.47
C HIS B 295 -16.70 -27.02 -10.97
N GLY B 296 -17.48 -27.68 -11.83
CA GLY B 296 -17.08 -28.96 -12.40
C GLY B 296 -18.20 -29.98 -12.39
N LEU B 297 -17.91 -31.13 -12.99
CA LEU B 297 -18.88 -32.21 -13.22
C LEU B 297 -18.56 -33.42 -12.33
N LYS B 298 -19.50 -34.35 -12.17
CA LYS B 298 -19.16 -35.72 -11.74
C LYS B 298 -18.72 -36.50 -12.98
N LEU B 299 -17.42 -36.80 -13.02
CA LEU B 299 -16.83 -37.62 -14.07
C LEU B 299 -17.19 -39.09 -13.79
N TYR B 300 -18.03 -39.63 -14.65
CA TYR B 300 -18.25 -41.07 -14.78
C TYR B 300 -17.62 -41.52 -16.08
N VAL B 301 -16.83 -42.57 -16.03
CA VAL B 301 -16.34 -43.27 -17.21
C VAL B 301 -16.93 -44.67 -17.20
N GLN B 302 -17.71 -44.99 -18.25
CA GLN B 302 -18.39 -46.28 -18.42
C GLN B 302 -19.43 -46.50 -17.30
N ARG B 303 -20.05 -45.36 -16.89
CA ARG B 303 -21.06 -45.26 -15.81
C ARG B 303 -20.49 -45.58 -14.41
N VAL B 304 -19.15 -45.62 -14.30
CA VAL B 304 -18.44 -45.82 -13.03
C VAL B 304 -17.84 -44.47 -12.60
N PHE B 305 -18.10 -44.07 -11.34
CA PHE B 305 -17.59 -42.81 -10.76
C PHE B 305 -16.05 -42.79 -10.72
N ILE B 306 -15.48 -41.59 -10.99
CA ILE B 306 -14.04 -41.34 -10.94
C ILE B 306 -13.76 -40.19 -9.95
N MET B 307 -14.27 -38.98 -10.27
CA MET B 307 -14.00 -37.77 -9.45
C MET B 307 -15.14 -36.74 -9.58
N ASP B 308 -15.37 -35.97 -8.50
CA ASP B 308 -16.39 -34.90 -8.42
C ASP B 308 -15.71 -33.53 -8.52
N ASP B 309 -16.50 -32.50 -8.94
CA ASP B 309 -16.01 -31.12 -9.20
C ASP B 309 -14.89 -31.11 -10.30
N ALA B 310 -15.02 -32.04 -11.28
CA ALA B 310 -14.08 -32.16 -12.42
C ALA B 310 -14.29 -31.00 -13.41
N GLU B 311 -13.55 -29.90 -13.15
CA GLU B 311 -13.57 -28.65 -13.95
C GLU B 311 -12.73 -28.79 -15.24
N GLN B 312 -12.11 -29.97 -15.41
CA GLN B 312 -11.27 -30.32 -16.58
C GLN B 312 -12.07 -30.38 -17.90
N PHE B 313 -13.42 -30.28 -17.81
CA PHE B 313 -14.32 -30.30 -18.98
C PHE B 313 -14.97 -28.92 -19.22
N MET B 314 -14.92 -28.04 -18.21
CA MET B 314 -15.50 -26.68 -18.29
C MET B 314 -14.40 -25.63 -18.54
N PRO B 315 -14.57 -24.72 -19.56
CA PRO B 315 -13.76 -23.48 -19.68
C PRO B 315 -13.88 -22.59 -18.43
N ASN B 316 -12.88 -21.71 -18.20
CA ASN B 316 -12.80 -20.92 -16.95
C ASN B 316 -13.87 -19.80 -16.92
N TYR B 317 -14.09 -19.13 -18.06
CA TYR B 317 -15.17 -18.12 -18.19
C TYR B 317 -16.59 -18.77 -18.19
N LEU B 318 -16.64 -20.11 -18.40
CA LEU B 318 -17.87 -20.92 -18.31
C LEU B 318 -17.88 -21.76 -17.02
N ARG B 319 -17.25 -21.22 -15.95
CA ARG B 319 -17.16 -21.91 -14.62
C ARG B 319 -18.53 -22.03 -13.92
N PHE B 320 -19.54 -21.27 -14.41
CA PHE B 320 -20.92 -21.36 -13.90
C PHE B 320 -21.57 -22.72 -14.27
N VAL B 321 -21.08 -23.33 -15.36
CA VAL B 321 -21.55 -24.65 -15.82
C VAL B 321 -21.05 -25.74 -14.87
N ARG B 322 -21.97 -26.63 -14.50
CA ARG B 322 -21.68 -27.80 -13.70
C ARG B 322 -22.72 -28.88 -14.02
N GLY B 323 -22.54 -30.10 -13.48
CA GLY B 323 -23.48 -31.19 -13.70
C GLY B 323 -22.79 -32.54 -13.59
N LEU B 324 -23.02 -33.39 -14.60
CA LEU B 324 -22.46 -34.74 -14.68
C LEU B 324 -22.25 -35.06 -16.16
N ILE B 325 -21.14 -35.76 -16.47
CA ILE B 325 -20.93 -36.36 -17.81
C ILE B 325 -20.43 -37.79 -17.64
N ASP B 326 -20.84 -38.63 -18.56
CA ASP B 326 -20.42 -40.01 -18.69
C ASP B 326 -19.67 -40.14 -20.01
N SER B 327 -18.51 -40.78 -20.01
CA SER B 327 -17.78 -41.12 -21.24
C SER B 327 -17.39 -42.60 -21.20
N SER B 328 -17.91 -43.37 -22.16
CA SER B 328 -17.52 -44.78 -22.34
C SER B 328 -16.30 -44.88 -23.28
N ASP B 329 -15.82 -43.70 -23.74
CA ASP B 329 -14.68 -43.58 -24.64
C ASP B 329 -13.36 -43.55 -23.85
N LEU B 330 -13.30 -42.65 -22.84
CA LEU B 330 -12.13 -42.48 -21.95
C LEU B 330 -11.78 -43.80 -21.20
N PRO B 331 -10.47 -44.02 -20.81
CA PRO B 331 -10.06 -45.21 -20.00
C PRO B 331 -10.67 -45.19 -18.58
N LEU B 332 -10.91 -46.39 -18.04
CA LEU B 332 -11.57 -46.57 -16.72
C LEU B 332 -10.64 -46.14 -15.56
N ASN B 333 -9.30 -46.27 -15.77
CA ASN B 333 -8.29 -45.83 -14.77
C ASN B 333 -7.90 -44.34 -14.98
N VAL B 334 -8.80 -43.55 -15.61
CA VAL B 334 -8.58 -42.12 -15.91
C VAL B 334 -8.29 -41.30 -14.62
N SER B 335 -7.30 -40.41 -14.72
CA SER B 335 -6.90 -39.49 -13.65
C SER B 335 -6.93 -38.06 -14.19
N ARG B 336 -6.68 -37.05 -13.31
CA ARG B 336 -6.56 -35.64 -13.73
C ARG B 336 -5.43 -35.48 -14.77
N GLU B 337 -4.42 -36.39 -14.68
CA GLU B 337 -3.36 -36.53 -15.69
C GLU B 337 -3.96 -36.74 -17.09
N ILE B 338 -4.82 -37.76 -17.22
CA ILE B 338 -5.46 -38.13 -18.50
C ILE B 338 -6.47 -37.03 -18.94
N LEU B 339 -7.06 -36.33 -17.95
CA LEU B 339 -8.03 -35.25 -18.18
C LEU B 339 -7.35 -33.98 -18.73
N GLN B 340 -6.10 -33.78 -18.33
CA GLN B 340 -5.28 -32.63 -18.76
C GLN B 340 -4.65 -32.93 -20.12
N ASP B 341 -4.07 -34.13 -20.23
CA ASP B 341 -3.21 -34.53 -21.36
C ASP B 341 -4.03 -35.01 -22.57
N SER B 342 -4.83 -36.07 -22.38
CA SER B 342 -5.39 -36.88 -23.49
C SER B 342 -6.26 -36.05 -24.45
N THR B 343 -6.11 -36.36 -25.75
CA THR B 343 -6.81 -35.69 -26.85
C THR B 343 -8.31 -36.02 -26.80
N VAL B 344 -8.64 -37.24 -26.34
CA VAL B 344 -10.03 -37.74 -26.29
C VAL B 344 -10.85 -36.95 -25.25
N THR B 345 -10.19 -36.54 -24.14
CA THR B 345 -10.80 -35.66 -23.13
C THR B 345 -10.94 -34.22 -23.66
N ARG B 346 -10.00 -33.83 -24.55
CA ARG B 346 -9.91 -32.48 -25.10
C ARG B 346 -11.06 -32.26 -26.09
N ASN B 347 -11.28 -33.30 -26.91
CA ASN B 347 -12.37 -33.39 -27.89
C ASN B 347 -13.74 -33.40 -27.17
N LEU B 348 -13.81 -34.18 -26.07
CA LEU B 348 -15.01 -34.28 -25.20
C LEU B 348 -15.40 -32.87 -24.69
N ARG B 349 -14.37 -32.13 -24.27
CA ARG B 349 -14.48 -30.80 -23.67
C ARG B 349 -14.94 -29.73 -24.70
N ASN B 350 -14.45 -29.86 -25.97
CA ASN B 350 -14.81 -28.94 -27.09
C ASN B 350 -16.29 -29.08 -27.44
N ALA B 351 -16.74 -30.34 -27.44
CA ALA B 351 -18.12 -30.72 -27.68
C ALA B 351 -19.04 -30.11 -26.59
N LEU B 352 -18.65 -30.29 -25.31
CA LEU B 352 -19.39 -29.76 -24.14
C LEU B 352 -19.56 -28.24 -24.20
N THR B 353 -18.51 -27.55 -24.66
CA THR B 353 -18.50 -26.08 -24.82
C THR B 353 -19.56 -25.63 -25.86
N LYS B 354 -19.76 -26.46 -26.92
CA LYS B 354 -20.80 -26.20 -27.94
C LYS B 354 -22.19 -26.25 -27.27
N ARG B 355 -22.41 -27.22 -26.35
CA ARG B 355 -23.68 -27.40 -25.62
C ARG B 355 -23.97 -26.20 -24.68
N VAL B 356 -22.88 -25.58 -24.16
CA VAL B 356 -23.00 -24.40 -23.29
C VAL B 356 -23.45 -23.18 -24.12
N LEU B 357 -22.66 -22.84 -25.16
CA LEU B 357 -22.94 -21.67 -26.06
C LEU B 357 -24.30 -21.83 -26.79
N GLN B 358 -24.77 -23.09 -26.92
CA GLN B 358 -26.14 -23.40 -27.37
C GLN B 358 -27.14 -22.82 -26.35
N MET B 359 -26.97 -23.26 -25.09
CA MET B 359 -27.89 -22.95 -23.97
C MET B 359 -27.92 -21.44 -23.67
N LEU B 360 -26.76 -20.76 -23.82
CA LEU B 360 -26.63 -19.33 -23.48
C LEU B 360 -27.37 -18.44 -24.49
N GLU B 361 -27.04 -18.61 -25.79
CA GLU B 361 -27.64 -17.81 -26.86
C GLU B 361 -29.14 -18.07 -26.93
N LYS B 362 -29.52 -19.35 -26.75
CA LYS B 362 -30.93 -19.79 -26.67
C LYS B 362 -31.66 -19.05 -25.54
N LEU B 363 -31.15 -19.18 -24.30
CA LEU B 363 -31.79 -18.66 -23.05
C LEU B 363 -32.09 -17.15 -23.15
N ALA B 364 -31.23 -16.42 -23.89
CA ALA B 364 -31.39 -14.97 -24.17
C ALA B 364 -32.82 -14.58 -24.61
N LYS B 365 -33.41 -15.40 -25.50
CA LYS B 365 -34.79 -15.20 -26.01
C LYS B 365 -35.75 -16.32 -25.56
N ASP B 366 -35.19 -17.46 -25.09
CA ASP B 366 -35.98 -18.65 -24.68
C ASP B 366 -36.76 -18.34 -23.40
N ASP B 367 -36.04 -17.82 -22.41
CA ASP B 367 -36.63 -17.39 -21.14
C ASP B 367 -35.83 -16.18 -20.63
N ALA B 368 -36.33 -14.97 -20.93
CA ALA B 368 -35.67 -13.71 -20.60
C ALA B 368 -35.63 -13.43 -19.08
N GLU B 369 -36.54 -14.09 -18.33
CA GLU B 369 -36.63 -13.97 -16.85
C GLU B 369 -35.41 -14.68 -16.20
N LYS B 370 -35.20 -15.95 -16.61
CA LYS B 370 -34.08 -16.78 -16.13
C LYS B 370 -32.75 -16.25 -16.65
N TYR B 371 -32.77 -15.65 -17.85
CA TYR B 371 -31.58 -15.04 -18.46
C TYR B 371 -31.18 -13.75 -17.72
N GLN B 372 -32.20 -13.03 -17.21
CA GLN B 372 -31.98 -11.83 -16.40
C GLN B 372 -31.31 -12.21 -15.06
N THR B 373 -31.85 -13.30 -14.45
CA THR B 373 -31.30 -13.90 -13.22
C THR B 373 -29.86 -14.42 -13.47
N PHE B 374 -29.66 -15.01 -14.66
CA PHE B 374 -28.40 -15.61 -15.08
C PHE B 374 -27.27 -14.56 -15.13
N TRP B 375 -27.51 -13.41 -15.79
CA TRP B 375 -26.50 -12.35 -15.91
C TRP B 375 -26.18 -11.74 -14.52
N GLN B 376 -27.22 -11.61 -13.68
CA GLN B 376 -27.09 -11.01 -12.33
C GLN B 376 -26.31 -11.93 -11.35
N GLN B 377 -26.09 -13.21 -11.74
CA GLN B 377 -25.36 -14.19 -10.89
C GLN B 377 -24.02 -14.63 -11.51
N PHE B 378 -23.96 -14.71 -12.84
CA PHE B 378 -22.84 -15.36 -13.58
C PHE B 378 -22.26 -14.44 -14.68
N GLY B 379 -22.83 -13.24 -14.80
CA GLY B 379 -22.49 -12.34 -15.91
C GLY B 379 -21.13 -11.70 -15.81
N LEU B 380 -20.71 -11.39 -14.59
CA LEU B 380 -19.38 -10.82 -14.31
C LEU B 380 -18.28 -11.85 -14.68
N VAL B 381 -18.65 -13.15 -14.64
CA VAL B 381 -17.79 -14.26 -15.07
C VAL B 381 -17.71 -14.29 -16.62
N LEU B 382 -18.87 -14.07 -17.28
CA LEU B 382 -18.99 -14.03 -18.75
C LEU B 382 -18.16 -12.87 -19.36
N LYS B 383 -17.90 -11.81 -18.57
CA LYS B 383 -16.99 -10.69 -18.95
C LYS B 383 -15.62 -11.23 -19.45
N GLU B 384 -15.11 -12.30 -18.79
CA GLU B 384 -13.79 -12.91 -19.08
C GLU B 384 -13.77 -13.63 -20.46
N GLY B 385 -14.98 -13.86 -21.03
CA GLY B 385 -15.14 -14.59 -22.28
C GLY B 385 -14.33 -14.05 -23.46
N PRO B 386 -14.63 -12.81 -23.96
CA PRO B 386 -13.88 -12.22 -25.11
C PRO B 386 -12.43 -11.86 -24.72
N ALA B 387 -12.12 -11.94 -23.42
CA ALA B 387 -10.78 -11.72 -22.89
C ALA B 387 -9.88 -12.94 -23.15
N GLU B 388 -10.44 -14.14 -22.89
CA GLU B 388 -9.74 -15.40 -23.16
C GLU B 388 -9.70 -15.69 -24.67
N ASP B 389 -10.82 -15.40 -25.36
CA ASP B 389 -11.00 -15.74 -26.79
C ASP B 389 -11.28 -14.51 -27.67
N PHE B 390 -10.31 -14.19 -28.55
CA PHE B 390 -10.48 -13.15 -29.58
C PHE B 390 -11.38 -13.65 -30.75
N ALA B 391 -11.30 -14.97 -31.05
CA ALA B 391 -11.90 -15.56 -32.26
C ALA B 391 -13.43 -15.36 -32.30
N ASN B 392 -14.09 -15.70 -31.19
CA ASN B 392 -15.54 -15.57 -31.03
C ASN B 392 -15.85 -14.46 -30.00
N GLN B 393 -15.04 -13.38 -30.07
CA GLN B 393 -15.17 -12.18 -29.21
C GLN B 393 -16.61 -11.62 -29.25
N GLU B 394 -17.07 -11.31 -30.47
CA GLU B 394 -18.40 -10.69 -30.72
C GLU B 394 -19.57 -11.66 -30.41
N ALA B 395 -19.29 -12.99 -30.48
CA ALA B 395 -20.26 -14.04 -30.14
C ALA B 395 -20.61 -14.00 -28.65
N ILE B 396 -19.55 -13.88 -27.83
CA ILE B 396 -19.69 -13.78 -26.37
C ILE B 396 -20.14 -12.36 -25.98
N ALA B 397 -19.70 -11.36 -26.77
CA ALA B 397 -20.06 -9.93 -26.57
C ALA B 397 -21.54 -9.66 -26.88
N LYS B 398 -22.15 -10.56 -27.68
CA LYS B 398 -23.60 -10.62 -27.92
C LYS B 398 -24.33 -11.08 -26.65
N LEU B 399 -23.70 -12.02 -25.91
CA LEU B 399 -24.22 -12.56 -24.65
C LEU B 399 -24.01 -11.57 -23.49
N LEU B 400 -23.01 -10.67 -23.66
CA LEU B 400 -22.70 -9.64 -22.66
C LEU B 400 -23.81 -8.57 -22.59
N ARG B 401 -24.34 -8.35 -21.37
CA ARG B 401 -25.41 -7.38 -21.10
C ARG B 401 -24.89 -6.23 -20.23
N PHE B 402 -25.00 -5.00 -20.74
CA PHE B 402 -24.46 -3.80 -20.08
C PHE B 402 -25.59 -2.80 -19.85
N ALA B 403 -25.23 -1.63 -19.31
CA ALA B 403 -26.10 -0.46 -19.34
C ALA B 403 -25.59 0.46 -20.47
N SER B 404 -26.48 1.25 -21.07
CA SER B 404 -26.13 2.24 -22.11
C SER B 404 -27.10 3.43 -22.06
N THR B 405 -26.86 4.44 -22.92
CA THR B 405 -27.67 5.68 -22.93
C THR B 405 -29.00 5.46 -23.73
N HIS B 406 -29.27 4.18 -24.10
CA HIS B 406 -30.60 3.71 -24.58
C HIS B 406 -31.67 4.09 -23.53
N THR B 407 -31.36 3.81 -22.25
CA THR B 407 -32.23 4.10 -21.11
C THR B 407 -31.40 4.74 -19.99
N ASP B 408 -31.94 5.82 -19.38
CA ASP B 408 -31.27 6.56 -18.29
C ASP B 408 -31.43 5.86 -16.91
N SER B 409 -31.93 4.60 -16.93
CA SER B 409 -32.01 3.74 -15.73
C SER B 409 -30.77 2.82 -15.65
N SER B 410 -30.53 2.26 -14.46
CA SER B 410 -29.36 1.41 -14.16
C SER B 410 -29.58 -0.08 -14.56
N ALA B 411 -30.65 -0.35 -15.33
CA ALA B 411 -31.00 -1.71 -15.81
C ALA B 411 -29.98 -2.20 -16.86
N GLN B 412 -29.34 -3.36 -16.59
CA GLN B 412 -28.35 -3.97 -17.50
C GLN B 412 -29.02 -4.94 -18.50
N THR B 413 -30.11 -4.46 -19.13
CA THR B 413 -30.96 -5.27 -20.02
C THR B 413 -30.45 -5.22 -21.48
N VAL B 414 -29.82 -4.09 -21.84
CA VAL B 414 -29.33 -3.83 -23.22
C VAL B 414 -28.07 -4.67 -23.52
N SER B 415 -28.00 -5.19 -24.75
CA SER B 415 -26.82 -5.91 -25.27
C SER B 415 -26.03 -4.97 -26.20
N LEU B 416 -24.81 -5.39 -26.57
CA LEU B 416 -24.03 -4.71 -27.62
C LEU B 416 -24.71 -4.84 -28.99
N GLU B 417 -25.46 -5.95 -29.15
CA GLU B 417 -26.27 -6.23 -30.36
C GLU B 417 -27.31 -5.12 -30.58
N ASP B 418 -28.09 -4.87 -29.51
CA ASP B 418 -29.17 -3.86 -29.51
C ASP B 418 -28.60 -2.44 -29.68
N TYR B 419 -27.41 -2.21 -29.09
CA TYR B 419 -26.65 -0.95 -29.23
C TYR B 419 -26.41 -0.66 -30.73
N VAL B 420 -25.77 -1.62 -31.42
CA VAL B 420 -25.39 -1.51 -32.85
C VAL B 420 -26.64 -1.40 -33.76
N SER B 421 -27.73 -2.08 -33.36
CA SER B 421 -29.02 -2.01 -34.07
C SER B 421 -29.59 -0.57 -34.01
N ARG B 422 -29.37 0.11 -32.88
CA ARG B 422 -29.90 1.47 -32.63
C ARG B 422 -28.90 2.57 -33.08
N MET B 423 -27.61 2.18 -33.33
CA MET B 423 -26.56 3.12 -33.83
C MET B 423 -26.94 3.65 -35.23
N LYS B 424 -26.61 4.92 -35.48
CA LYS B 424 -27.02 5.62 -36.71
C LYS B 424 -26.04 5.34 -37.86
N GLU B 425 -26.51 5.49 -39.10
CA GLU B 425 -25.69 5.33 -40.32
C GLU B 425 -24.54 6.36 -40.33
N GLY B 426 -23.29 5.86 -40.47
CA GLY B 426 -22.07 6.68 -40.36
C GLY B 426 -21.46 6.63 -38.96
N GLN B 427 -22.27 6.28 -37.95
CA GLN B 427 -21.80 6.01 -36.58
C GLN B 427 -21.36 4.52 -36.53
N GLU B 428 -20.06 4.29 -36.80
CA GLU B 428 -19.44 2.95 -36.82
C GLU B 428 -18.58 2.71 -35.57
N LYS B 429 -18.50 3.72 -34.71
CA LYS B 429 -17.61 3.71 -33.54
C LYS B 429 -18.44 3.56 -32.27
N ILE B 430 -18.05 2.60 -31.40
CA ILE B 430 -18.75 2.34 -30.14
C ILE B 430 -18.20 3.28 -29.05
N TYR B 431 -19.02 4.21 -28.59
CA TYR B 431 -18.64 5.16 -27.53
C TYR B 431 -18.98 4.55 -26.14
N TYR B 432 -18.08 4.75 -25.14
CA TYR B 432 -18.34 4.31 -23.73
C TYR B 432 -17.56 5.15 -22.71
N ILE B 433 -18.02 5.08 -21.44
CA ILE B 433 -17.37 5.72 -20.28
C ILE B 433 -17.29 4.70 -19.12
N THR B 434 -16.21 4.76 -18.32
CA THR B 434 -16.04 3.92 -17.12
C THR B 434 -16.15 4.77 -15.85
N ALA B 435 -16.64 4.14 -14.77
CA ALA B 435 -16.74 4.76 -13.44
C ALA B 435 -16.93 3.66 -12.38
N ASP B 436 -16.93 4.08 -11.10
CA ASP B 436 -17.17 3.20 -9.95
C ASP B 436 -18.67 2.88 -9.81
N SER B 437 -19.54 3.79 -10.29
CA SER B 437 -21.01 3.66 -10.19
C SER B 437 -21.70 4.33 -11.39
N TYR B 438 -22.99 3.98 -11.59
CA TYR B 438 -23.82 4.52 -12.69
C TYR B 438 -23.97 6.06 -12.56
N ALA B 439 -24.15 6.51 -11.31
CA ALA B 439 -24.26 7.94 -10.96
C ALA B 439 -22.98 8.69 -11.33
N ALA B 440 -21.81 8.09 -10.99
CA ALA B 440 -20.48 8.66 -11.27
C ALA B 440 -20.21 8.74 -12.79
N ALA B 441 -20.77 7.78 -13.56
CA ALA B 441 -20.67 7.77 -15.03
C ALA B 441 -21.38 8.99 -15.64
N LYS B 442 -22.63 9.23 -15.19
CA LYS B 442 -23.42 10.42 -15.63
C LYS B 442 -22.93 11.73 -14.95
N SER B 443 -22.07 11.60 -13.93
CA SER B 443 -21.39 12.76 -13.31
C SER B 443 -20.28 13.27 -14.24
N SER B 444 -19.64 12.33 -14.96
CA SER B 444 -18.63 12.66 -15.96
C SER B 444 -19.33 13.27 -17.20
N PRO B 445 -19.09 14.60 -17.51
CA PRO B 445 -19.81 15.32 -18.59
C PRO B 445 -19.58 14.68 -19.98
N HIS B 446 -18.47 13.92 -20.10
CA HIS B 446 -18.08 13.19 -21.32
C HIS B 446 -19.25 12.34 -21.88
N LEU B 447 -19.90 11.59 -20.97
CA LEU B 447 -21.09 10.77 -21.28
C LEU B 447 -22.18 11.66 -21.92
N GLU B 448 -22.45 12.78 -21.22
CA GLU B 448 -23.57 13.66 -21.53
C GLU B 448 -23.18 14.64 -22.66
N LEU B 449 -21.91 14.58 -23.11
CA LEU B 449 -21.41 15.38 -24.24
C LEU B 449 -21.89 14.71 -25.53
N LEU B 450 -21.70 13.39 -25.61
CA LEU B 450 -22.12 12.58 -26.77
C LEU B 450 -23.63 12.40 -26.77
N ARG B 451 -24.24 12.32 -25.58
CA ARG B 451 -25.72 12.30 -25.42
C ARG B 451 -26.31 13.62 -26.00
N LYS B 452 -25.59 14.73 -25.76
CA LYS B 452 -25.92 16.08 -26.27
C LYS B 452 -25.67 16.17 -27.79
N LYS B 453 -24.71 15.36 -28.29
CA LYS B 453 -24.39 15.27 -29.74
C LYS B 453 -25.41 14.37 -30.49
N GLY B 454 -26.12 13.51 -29.75
CA GLY B 454 -27.07 12.55 -30.34
C GLY B 454 -26.43 11.19 -30.64
N ILE B 455 -25.24 10.96 -30.08
CA ILE B 455 -24.55 9.66 -30.11
C ILE B 455 -24.79 8.93 -28.77
N GLU B 456 -24.88 7.58 -28.81
CA GLU B 456 -25.10 6.76 -27.61
C GLU B 456 -23.75 6.35 -26.97
N VAL B 457 -23.77 6.17 -25.65
CA VAL B 457 -22.59 5.78 -24.84
C VAL B 457 -22.95 4.49 -24.05
N LEU B 458 -22.00 3.55 -23.90
CA LEU B 458 -22.15 2.40 -22.97
C LEU B 458 -21.77 2.89 -21.56
N LEU B 459 -22.65 2.68 -20.58
CA LEU B 459 -22.47 3.21 -19.22
C LEU B 459 -21.87 2.11 -18.32
N LEU B 460 -20.53 2.01 -18.36
CA LEU B 460 -19.75 1.01 -17.60
C LEU B 460 -19.61 1.49 -16.14
N SER B 461 -20.45 0.91 -15.27
CA SER B 461 -20.48 1.26 -13.83
C SER B 461 -19.61 0.28 -13.01
N ASP B 462 -18.95 -0.65 -13.72
CA ASP B 462 -18.13 -1.72 -13.11
C ASP B 462 -16.66 -1.60 -13.59
N ARG B 463 -15.71 -1.89 -12.69
CA ARG B 463 -14.26 -1.64 -12.89
C ARG B 463 -13.56 -2.76 -13.70
N ILE B 464 -14.18 -3.95 -13.82
CA ILE B 464 -13.61 -5.07 -14.61
C ILE B 464 -13.54 -4.70 -16.12
N ASP B 465 -14.55 -3.93 -16.54
CA ASP B 465 -14.74 -3.53 -17.95
C ASP B 465 -13.58 -2.66 -18.48
N GLU B 466 -12.83 -2.00 -17.56
CA GLU B 466 -11.66 -1.17 -17.92
C GLU B 466 -10.55 -2.02 -18.55
N TRP B 467 -10.42 -3.25 -18.06
CA TRP B 467 -9.47 -4.22 -18.59
C TRP B 467 -10.10 -4.97 -19.79
N MET B 468 -11.36 -5.35 -19.60
CA MET B 468 -12.11 -6.24 -20.51
C MET B 468 -12.25 -5.64 -21.92
N MET B 469 -12.56 -4.33 -21.98
CA MET B 469 -12.81 -3.61 -23.26
C MET B 469 -11.50 -3.27 -24.00
N ASN B 470 -10.35 -3.63 -23.40
CA ASN B 470 -9.03 -3.59 -24.09
C ASN B 470 -8.90 -4.82 -25.02
N TYR B 471 -9.65 -5.88 -24.68
CA TYR B 471 -9.72 -7.12 -25.47
C TYR B 471 -10.92 -7.06 -26.43
N LEU B 472 -12.03 -6.44 -25.98
CA LEU B 472 -13.12 -6.07 -26.87
C LEU B 472 -12.65 -4.94 -27.80
N THR B 473 -12.00 -5.34 -28.89
CA THR B 473 -11.44 -4.45 -29.90
C THR B 473 -12.53 -3.94 -30.85
N GLU B 474 -13.51 -4.82 -31.16
CA GLU B 474 -14.63 -4.50 -32.06
C GLU B 474 -15.73 -5.57 -31.97
N PHE B 475 -16.96 -5.15 -32.26
CA PHE B 475 -18.16 -6.00 -32.23
C PHE B 475 -18.92 -5.78 -33.53
N ASP B 476 -19.08 -6.85 -34.33
CA ASP B 476 -19.84 -6.82 -35.62
C ASP B 476 -19.06 -5.97 -36.69
N GLY B 477 -17.78 -5.67 -36.39
CA GLY B 477 -16.95 -4.81 -37.26
C GLY B 477 -16.92 -3.35 -36.79
N LYS B 478 -17.68 -3.03 -35.72
CA LYS B 478 -17.71 -1.68 -35.11
C LYS B 478 -16.61 -1.57 -34.03
N PRO B 479 -15.48 -0.83 -34.28
CA PRO B 479 -14.38 -0.69 -33.30
C PRO B 479 -14.78 0.16 -32.07
N PHE B 480 -14.30 -0.26 -30.90
CA PHE B 480 -14.63 0.33 -29.59
C PHE B 480 -13.80 1.61 -29.32
N GLN B 481 -14.36 2.52 -28.49
CA GLN B 481 -13.79 3.86 -28.21
C GLN B 481 -14.24 4.38 -26.82
N SER B 482 -13.31 5.01 -26.08
CA SER B 482 -13.63 5.74 -24.85
C SER B 482 -13.98 7.20 -25.16
N VAL B 483 -14.84 7.78 -24.33
CA VAL B 483 -15.20 9.21 -24.38
C VAL B 483 -14.35 10.02 -23.36
N SER B 484 -13.29 9.36 -22.81
CA SER B 484 -12.39 9.90 -21.75
C SER B 484 -11.88 11.33 -22.06
N LYS B 485 -11.56 11.58 -23.33
CA LYS B 485 -11.26 12.92 -23.83
C LYS B 485 -11.59 12.96 -25.32
N VAL B 486 -12.00 14.15 -25.80
CA VAL B 486 -12.30 14.41 -27.23
C VAL B 486 -12.10 15.91 -27.52
N ASP B 487 -11.31 16.20 -28.58
CA ASP B 487 -11.13 17.54 -29.17
C ASP B 487 -10.09 17.42 -30.28
N GLU B 488 -10.17 18.27 -31.31
CA GLU B 488 -9.32 18.18 -32.50
C GLU B 488 -7.87 18.62 -32.18
N SER B 489 -7.76 19.70 -31.38
CA SER B 489 -6.49 20.45 -31.12
C SER B 489 -5.35 19.61 -30.52
N LEU B 490 -5.67 18.40 -30.01
CA LEU B 490 -4.65 17.44 -29.55
C LEU B 490 -4.75 16.13 -30.35
N GLU B 491 -6.01 15.71 -30.64
CA GLU B 491 -6.38 14.32 -31.06
C GLU B 491 -5.42 13.74 -32.10
N LYS B 492 -5.39 14.41 -33.25
CA LYS B 492 -4.44 14.14 -34.34
C LYS B 492 -3.59 15.40 -34.59
N LEU B 493 -3.83 16.46 -33.78
CA LEU B 493 -3.30 17.82 -34.02
C LEU B 493 -2.41 18.29 -32.84
N ALA B 494 -1.71 17.34 -32.19
CA ALA B 494 -0.86 17.63 -30.98
C ALA B 494 0.27 18.67 -31.23
N ASP B 495 0.45 19.12 -32.48
CA ASP B 495 1.36 20.24 -32.82
C ASP B 495 0.58 21.57 -32.95
N GLU B 496 -0.69 21.47 -33.43
CA GLU B 496 -1.57 22.63 -33.74
C GLU B 496 -2.20 23.19 -32.45
N VAL B 497 -1.33 23.71 -31.57
CA VAL B 497 -1.69 24.07 -30.18
C VAL B 497 -1.90 25.59 -30.01
N ASP B 498 -3.03 26.05 -30.60
CA ASP B 498 -3.48 27.46 -30.61
C ASP B 498 -2.46 28.37 -31.33
N GLU B 499 -1.48 28.90 -30.57
CA GLU B 499 -0.40 29.74 -31.11
C GLU B 499 0.89 29.55 -30.27
N SER B 500 0.83 28.70 -29.23
CA SER B 500 1.93 28.50 -28.27
C SER B 500 3.12 27.78 -28.95
N ALA B 501 4.02 28.62 -29.51
CA ALA B 501 5.18 28.17 -30.31
C ALA B 501 6.42 27.95 -29.45
N LYS B 502 7.58 27.71 -30.12
CA LYS B 502 8.88 27.50 -29.46
C LYS B 502 9.32 28.76 -28.69
N GLU B 503 8.86 29.93 -29.16
CA GLU B 503 9.16 31.23 -28.53
C GLU B 503 8.48 31.35 -27.15
N ALA B 504 7.32 30.67 -26.99
CA ALA B 504 6.68 30.51 -25.67
C ALA B 504 7.54 29.57 -24.81
N GLU B 505 7.91 28.42 -25.41
CA GLU B 505 8.64 27.31 -24.73
C GLU B 505 9.92 27.79 -24.02
N LYS B 506 10.69 28.68 -24.67
CA LYS B 506 11.96 29.20 -24.12
C LYS B 506 11.73 30.11 -22.88
N ALA B 507 10.52 30.71 -22.79
CA ALA B 507 10.09 31.52 -21.64
C ALA B 507 9.43 30.65 -20.54
N LEU B 508 8.87 29.49 -20.97
CA LEU B 508 8.18 28.56 -20.08
C LEU B 508 9.15 27.68 -19.30
N THR B 509 10.32 27.39 -19.88
CA THR B 509 11.34 26.51 -19.27
C THR B 509 11.97 27.09 -17.95
N PRO B 510 12.30 28.43 -17.86
CA PRO B 510 12.66 29.07 -16.55
C PRO B 510 11.52 29.01 -15.52
N PHE B 511 10.26 29.05 -16.02
CA PHE B 511 9.06 28.88 -15.17
C PHE B 511 9.01 27.45 -14.60
N ILE B 512 9.36 26.45 -15.44
CA ILE B 512 9.39 25.02 -15.02
C ILE B 512 10.39 24.84 -13.87
N ASP B 513 11.56 25.49 -14.02
CA ASP B 513 12.66 25.44 -13.03
C ASP B 513 12.20 25.93 -11.65
N ARG B 514 11.43 27.04 -11.64
CA ARG B 514 10.89 27.64 -10.40
C ARG B 514 9.95 26.64 -9.69
N VAL B 515 9.12 25.95 -10.50
CA VAL B 515 8.15 24.96 -10.00
C VAL B 515 8.89 23.69 -9.48
N LYS B 516 9.97 23.32 -10.17
CA LYS B 516 10.82 22.16 -9.82
C LYS B 516 11.58 22.42 -8.50
N ALA B 517 11.92 23.70 -8.27
CA ALA B 517 12.60 24.15 -7.03
C ALA B 517 11.59 24.29 -5.87
N LEU B 518 10.35 24.69 -6.22
CA LEU B 518 9.27 24.94 -5.25
C LEU B 518 8.77 23.60 -4.66
N LEU B 519 8.48 22.66 -5.56
CA LEU B 519 7.95 21.34 -5.21
C LEU B 519 9.07 20.38 -4.80
N GLY B 520 10.23 20.48 -5.50
CA GLY B 520 11.43 19.70 -5.16
C GLY B 520 11.27 18.21 -5.40
N GLU B 521 10.70 17.51 -4.40
CA GLU B 521 10.53 16.04 -4.42
C GLU B 521 9.08 15.68 -4.00
N ARG B 522 8.22 16.70 -3.77
CA ARG B 522 6.77 16.53 -3.49
C ARG B 522 6.03 16.02 -4.75
N VAL B 523 6.63 16.25 -5.92
CA VAL B 523 6.17 15.76 -7.23
C VAL B 523 7.35 15.06 -7.94
N LYS B 524 7.04 14.02 -8.74
CA LYS B 524 8.06 13.26 -9.51
C LYS B 524 8.72 14.17 -10.57
N ASP B 525 7.88 14.89 -11.33
CA ASP B 525 8.32 15.83 -12.37
C ASP B 525 7.16 16.73 -12.79
N VAL B 526 7.47 17.98 -13.18
CA VAL B 526 6.47 18.96 -13.64
C VAL B 526 6.77 19.36 -15.09
N ARG B 527 5.80 19.13 -15.97
CA ARG B 527 5.89 19.48 -17.39
C ARG B 527 4.94 20.66 -17.71
N LEU B 528 5.41 21.63 -18.50
CA LEU B 528 4.55 22.69 -19.06
C LEU B 528 4.22 22.30 -20.52
N THR B 529 3.11 21.56 -20.69
CA THR B 529 2.70 20.94 -21.97
C THR B 529 1.51 21.68 -22.58
N HIS B 530 0.99 21.22 -23.74
CA HIS B 530 -0.08 21.93 -24.47
C HIS B 530 -1.38 21.11 -24.49
N ARG B 531 -1.97 20.89 -23.30
CA ARG B 531 -3.32 20.33 -23.17
C ARG B 531 -4.34 21.47 -23.21
N LEU B 532 -4.75 21.89 -24.44
CA LEU B 532 -5.56 23.11 -24.66
C LEU B 532 -6.84 23.09 -23.78
N THR B 533 -7.87 22.31 -24.22
CA THR B 533 -9.11 21.97 -23.44
C THR B 533 -9.68 23.16 -22.59
N ASP B 534 -10.43 22.88 -21.48
CA ASP B 534 -10.85 23.92 -20.51
C ASP B 534 -10.17 23.66 -19.13
N THR B 535 -9.52 22.49 -19.00
CA THR B 535 -8.77 22.12 -17.79
C THR B 535 -7.41 22.87 -17.77
N PRO B 536 -7.05 23.57 -16.65
CA PRO B 536 -5.77 24.32 -16.55
C PRO B 536 -4.55 23.41 -16.52
N ALA B 537 -4.67 22.29 -15.79
CA ALA B 537 -3.56 21.39 -15.50
C ALA B 537 -4.10 20.00 -15.12
N ILE B 538 -3.42 18.95 -15.61
CA ILE B 538 -3.79 17.55 -15.38
C ILE B 538 -2.52 16.72 -15.12
N VAL B 539 -2.62 15.72 -14.22
CA VAL B 539 -1.50 14.84 -13.88
C VAL B 539 -1.51 13.55 -14.74
N SER B 540 -0.33 12.96 -14.94
CA SER B 540 -0.13 11.73 -15.74
C SER B 540 0.34 10.58 -14.86
N THR B 541 -0.01 9.35 -15.26
CA THR B 541 0.32 8.10 -14.55
C THR B 541 1.00 7.08 -15.49
N ASP B 542 1.94 6.30 -14.92
CA ASP B 542 2.68 5.24 -15.64
C ASP B 542 1.86 3.94 -15.66
N ALA B 543 1.57 3.44 -14.46
CA ALA B 543 0.87 2.17 -14.26
C ALA B 543 -0.26 2.38 -13.23
N ASP B 544 -0.58 1.33 -12.41
CA ASP B 544 -1.69 1.35 -11.45
C ASP B 544 -1.53 2.51 -10.44
N GLU B 545 -2.27 3.62 -10.71
CA GLU B 545 -2.28 4.85 -9.91
C GLU B 545 -0.83 5.42 -9.83
N MET B 546 -0.18 5.44 -11.02
CA MET B 546 1.27 5.68 -11.21
C MET B 546 2.05 4.42 -10.81
N SER B 547 2.05 4.11 -9.49
CA SER B 547 2.87 3.04 -8.93
C SER B 547 2.41 2.64 -7.50
N THR B 548 1.11 2.84 -7.20
CA THR B 548 0.57 2.63 -5.84
C THR B 548 0.00 1.20 -5.63
N GLN B 549 0.23 0.27 -6.59
CA GLN B 549 -0.26 -1.13 -6.50
C GLN B 549 0.46 -2.04 -7.52
N MET B 550 1.67 -2.52 -7.15
CA MET B 550 2.42 -3.61 -7.86
C MET B 550 3.79 -3.82 -7.16
N ALA B 551 4.45 -4.95 -7.47
CA ALA B 551 5.76 -5.36 -6.88
C ALA B 551 6.86 -4.27 -6.98
N LYS B 552 7.42 -4.08 -8.21
CA LYS B 552 8.51 -3.08 -8.47
C LYS B 552 8.07 -1.68 -8.07
N LEU B 553 6.79 -1.40 -8.30
CA LEU B 553 6.19 -0.10 -8.09
C LEU B 553 6.31 0.37 -6.62
N PHE B 554 6.24 -0.59 -5.66
CA PHE B 554 6.48 -0.30 -4.21
C PHE B 554 7.96 -0.46 -3.81
N ALA B 555 8.74 -1.22 -4.62
CA ALA B 555 10.18 -1.50 -4.34
C ALA B 555 11.09 -0.28 -4.59
N ALA B 556 10.49 0.87 -5.00
CA ALA B 556 11.21 2.15 -5.13
C ALA B 556 11.57 2.71 -3.73
N ALA B 557 10.54 2.96 -2.89
CA ALA B 557 10.73 3.29 -1.45
C ALA B 557 9.83 2.41 -0.57
N GLY B 558 8.51 2.47 -0.82
CA GLY B 558 7.52 1.79 0.02
C GLY B 558 6.48 2.75 0.57
N GLN B 559 6.94 3.77 1.34
CA GLN B 559 6.04 4.81 1.89
C GLN B 559 5.53 5.72 0.75
N LYS B 560 4.41 5.31 0.17
CA LYS B 560 3.68 6.01 -0.90
C LYS B 560 4.51 6.16 -2.20
N VAL B 561 5.79 5.71 -2.23
CA VAL B 561 6.67 5.73 -3.43
C VAL B 561 6.90 7.17 -4.02
N PRO B 562 8.17 7.55 -4.35
CA PRO B 562 8.50 8.81 -5.08
C PRO B 562 7.72 8.94 -6.41
N GLU B 563 7.66 7.83 -7.15
CA GLU B 563 7.02 7.75 -8.47
C GLU B 563 5.49 8.05 -8.42
N VAL B 564 4.80 7.60 -7.33
CA VAL B 564 3.32 7.81 -7.15
C VAL B 564 2.94 9.29 -7.17
N LYS B 565 3.88 10.15 -6.77
CA LYS B 565 3.72 11.60 -6.89
C LYS B 565 3.66 11.92 -8.39
N TYR B 566 2.46 12.23 -8.89
CA TYR B 566 2.13 12.20 -10.33
C TYR B 566 2.91 13.25 -11.13
N ILE B 567 3.05 13.03 -12.45
CA ILE B 567 3.77 13.96 -13.32
C ILE B 567 2.79 15.08 -13.70
N PHE B 568 3.05 16.26 -13.13
CA PHE B 568 2.13 17.39 -13.14
C PHE B 568 2.31 18.22 -14.44
N GLU B 569 1.38 18.03 -15.38
CA GLU B 569 1.38 18.75 -16.67
C GLU B 569 0.41 19.94 -16.61
N LEU B 570 0.85 21.14 -17.07
CA LEU B 570 0.03 22.37 -17.12
C LEU B 570 -0.05 22.85 -18.57
N ASN B 571 -1.20 23.43 -18.96
CA ASN B 571 -1.33 24.15 -20.24
C ASN B 571 -1.13 25.65 -19.99
N PRO B 572 0.05 26.23 -20.41
CA PRO B 572 0.34 27.68 -20.26
C PRO B 572 -0.71 28.55 -20.95
N ASP B 573 -1.21 28.01 -22.09
CA ASP B 573 -2.12 28.71 -23.00
C ASP B 573 -3.45 29.06 -22.31
N HIS B 574 -3.91 28.20 -21.39
CA HIS B 574 -5.20 28.36 -20.71
C HIS B 574 -5.17 29.56 -19.73
N VAL B 575 -6.29 30.33 -19.69
CA VAL B 575 -6.41 31.63 -18.97
C VAL B 575 -6.03 31.53 -17.47
N LEU B 576 -6.32 30.38 -16.85
CA LEU B 576 -6.04 30.13 -15.41
C LEU B 576 -4.53 30.06 -15.13
N VAL B 577 -3.78 29.39 -16.01
CA VAL B 577 -2.31 29.25 -15.89
C VAL B 577 -1.61 30.53 -16.37
N LYS B 578 -2.26 31.29 -17.28
CA LYS B 578 -1.81 32.64 -17.68
C LYS B 578 -1.81 33.59 -16.47
N ARG B 579 -2.92 33.57 -15.72
CA ARG B 579 -3.13 34.37 -14.50
C ARG B 579 -2.14 33.95 -13.38
N ALA B 580 -1.84 32.64 -13.35
CA ALA B 580 -0.85 32.06 -12.41
C ALA B 580 0.60 32.40 -12.84
N ALA B 581 0.79 32.65 -14.14
CA ALA B 581 2.11 32.98 -14.73
C ALA B 581 2.49 34.45 -14.46
N ASP B 582 1.46 35.32 -14.35
CA ASP B 582 1.65 36.76 -13.96
C ASP B 582 2.23 36.88 -12.55
N THR B 583 1.96 35.85 -11.72
CA THR B 583 2.39 35.82 -10.33
C THR B 583 3.88 35.41 -10.23
N GLU B 584 4.74 36.43 -9.99
CA GLU B 584 6.16 36.20 -9.68
C GLU B 584 6.34 36.04 -8.15
N ASP B 585 5.38 36.60 -7.37
CA ASP B 585 5.38 36.56 -5.89
C ASP B 585 5.42 35.11 -5.41
N GLU B 586 6.49 34.74 -4.71
CA GLU B 586 6.77 33.33 -4.34
C GLU B 586 5.72 32.71 -3.39
N ALA B 587 5.05 33.55 -2.57
CA ALA B 587 4.00 33.10 -1.63
C ALA B 587 2.73 32.69 -2.38
N LYS B 588 2.33 33.56 -3.32
CA LYS B 588 1.17 33.33 -4.19
C LYS B 588 1.53 32.35 -5.34
N PHE B 589 2.83 32.24 -5.67
CA PHE B 589 3.32 31.31 -6.71
C PHE B 589 3.12 29.87 -6.21
N SER B 590 3.51 29.65 -4.94
CA SER B 590 3.23 28.40 -4.21
C SER B 590 1.71 28.14 -4.17
N GLU B 591 0.94 29.20 -3.88
CA GLU B 591 -0.52 29.12 -3.70
C GLU B 591 -1.23 28.67 -5.01
N TRP B 592 -0.78 29.24 -6.14
CA TRP B 592 -1.35 28.96 -7.48
C TRP B 592 -0.95 27.56 -7.99
N VAL B 593 0.36 27.31 -8.04
CA VAL B 593 0.93 26.06 -8.60
C VAL B 593 0.43 24.82 -7.84
N GLU B 594 0.49 24.90 -6.50
CA GLU B 594 0.11 23.78 -5.62
C GLU B 594 -1.42 23.63 -5.52
N LEU B 595 -2.20 24.71 -5.81
CA LEU B 595 -3.68 24.61 -5.94
C LEU B 595 -4.05 23.78 -7.17
N LEU B 596 -3.38 24.10 -8.30
CA LEU B 596 -3.58 23.38 -9.58
C LEU B 596 -3.09 21.92 -9.44
N LEU B 597 -2.05 21.74 -8.60
CA LEU B 597 -1.52 20.42 -8.25
C LEU B 597 -2.58 19.60 -7.52
N ASP B 598 -3.14 20.17 -6.44
CA ASP B 598 -4.19 19.53 -5.61
C ASP B 598 -5.45 19.25 -6.45
N GLN B 599 -5.72 20.13 -7.45
CA GLN B 599 -6.87 20.03 -8.36
C GLN B 599 -6.79 18.73 -9.18
N ALA B 600 -5.61 18.52 -9.80
CA ALA B 600 -5.35 17.35 -10.67
C ALA B 600 -5.09 16.07 -9.84
N LEU B 601 -4.48 16.25 -8.66
CA LEU B 601 -4.13 15.15 -7.72
C LEU B 601 -5.44 14.49 -7.22
N LEU B 602 -6.43 15.35 -6.93
CA LEU B 602 -7.79 14.97 -6.50
C LEU B 602 -8.52 14.20 -7.63
N ALA B 603 -8.15 14.48 -8.90
CA ALA B 603 -8.73 13.81 -10.08
C ALA B 603 -8.20 12.36 -10.22
N GLU B 604 -6.98 12.12 -9.70
CA GLU B 604 -6.27 10.83 -9.89
C GLU B 604 -6.22 10.00 -8.57
N ARG B 605 -6.86 10.51 -7.51
CA ARG B 605 -6.92 9.84 -6.18
C ARG B 605 -8.37 9.79 -5.66
N GLY B 606 -9.10 10.90 -5.84
CA GLY B 606 -10.44 11.07 -5.26
C GLY B 606 -10.40 11.59 -3.82
N THR B 607 -9.18 11.71 -3.26
CA THR B 607 -8.93 12.19 -1.90
C THR B 607 -7.56 12.88 -1.84
N LEU B 608 -7.36 13.78 -0.87
CA LEU B 608 -6.06 14.45 -0.63
C LEU B 608 -5.63 14.21 0.83
N GLU B 609 -4.30 14.23 1.08
CA GLU B 609 -3.74 14.08 2.45
C GLU B 609 -4.06 15.33 3.28
N ASP B 610 -4.10 16.49 2.60
CA ASP B 610 -4.52 17.78 3.18
C ASP B 610 -5.71 18.35 2.39
N PRO B 611 -6.98 17.87 2.66
CA PRO B 611 -8.21 18.42 2.03
C PRO B 611 -8.38 19.93 2.22
N ASN B 612 -8.27 20.40 3.50
CA ASN B 612 -8.55 21.82 3.86
C ASN B 612 -7.55 22.79 3.22
N LEU B 613 -6.39 22.28 2.80
CA LEU B 613 -5.35 23.07 2.13
C LEU B 613 -5.87 23.54 0.76
N PHE B 614 -6.28 22.56 -0.07
CA PHE B 614 -6.91 22.81 -1.39
C PHE B 614 -8.15 23.70 -1.26
N ILE B 615 -8.97 23.37 -0.26
CA ILE B 615 -10.22 24.08 0.05
C ILE B 615 -9.95 25.56 0.37
N ARG B 616 -8.95 25.81 1.22
CA ARG B 616 -8.66 27.17 1.68
C ARG B 616 -7.97 27.98 0.58
N ARG B 617 -7.15 27.32 -0.28
CA ARG B 617 -6.47 27.98 -1.44
C ARG B 617 -7.51 28.50 -2.44
N MET B 618 -8.52 27.68 -2.69
CA MET B 618 -9.71 28.02 -3.50
C MET B 618 -10.42 29.25 -2.90
N ASN B 619 -10.80 29.13 -1.61
CA ASN B 619 -11.51 30.19 -0.86
C ASN B 619 -10.66 31.46 -0.76
N GLN B 620 -9.33 31.28 -0.76
CA GLN B 620 -8.34 32.37 -0.63
C GLN B 620 -8.36 33.24 -1.88
N LEU B 621 -8.48 32.60 -3.06
CA LEU B 621 -8.59 33.33 -4.33
C LEU B 621 -10.02 33.92 -4.51
N LEU B 622 -11.02 33.29 -3.87
CA LEU B 622 -12.44 33.77 -3.92
C LEU B 622 -12.63 35.05 -3.06
N VAL B 623 -11.95 35.13 -1.90
CA VAL B 623 -12.09 36.28 -0.96
C VAL B 623 -10.99 37.35 -1.19
N SER B 624 -9.75 36.91 -1.44
CA SER B 624 -8.58 37.79 -1.60
C SER B 624 -8.22 37.90 -3.10
N MET C 1 -7.98 22.60 38.01
CA MET C 1 -8.78 21.66 37.19
C MET C 1 -9.15 22.35 35.86
N ALA C 2 -8.12 22.65 35.04
CA ALA C 2 -8.30 23.33 33.74
C ALA C 2 -8.55 22.28 32.64
N THR C 3 -9.57 22.53 31.80
CA THR C 3 -9.96 21.62 30.71
C THR C 3 -10.28 22.43 29.43
N SER C 4 -11.41 23.16 29.48
CA SER C 4 -11.90 23.97 28.36
C SER C 4 -11.81 25.46 28.72
N THR C 5 -10.61 26.04 28.47
CA THR C 5 -10.32 27.45 28.77
C THR C 5 -9.58 28.03 27.56
N LEU C 6 -8.39 27.48 27.31
CA LEU C 6 -7.61 27.72 26.08
C LEU C 6 -7.95 26.64 25.05
N ILE C 7 -7.20 26.64 23.93
CA ILE C 7 -7.41 25.75 22.76
C ILE C 7 -8.92 25.57 22.43
N LYS C 8 -9.53 24.42 22.80
CA LYS C 8 -10.95 24.08 22.51
C LYS C 8 -11.32 24.37 21.03
N ALA C 9 -10.28 24.37 20.19
CA ALA C 9 -10.32 24.73 18.77
C ALA C 9 -10.06 23.49 17.92
N ILE C 10 -9.61 22.40 18.57
CA ILE C 10 -9.33 21.11 17.91
C ILE C 10 -9.98 19.97 18.71
N ASP C 11 -11.06 19.43 18.17
CA ASP C 11 -11.81 18.28 18.70
C ASP C 11 -12.14 17.34 17.53
N GLY C 12 -12.41 16.08 17.86
CA GLY C 12 -12.85 15.08 16.88
C GLY C 12 -13.65 13.96 17.51
N ASP C 13 -13.99 14.12 18.82
CA ASP C 13 -14.68 13.11 19.67
C ASP C 13 -13.76 11.90 19.99
N THR C 14 -13.99 11.25 21.16
CA THR C 14 -13.20 10.07 21.64
C THR C 14 -11.74 10.47 21.98
N VAL C 15 -11.37 10.39 23.28
CA VAL C 15 -10.02 10.73 23.74
C VAL C 15 -9.05 9.52 23.61
N LYS C 16 -8.06 9.66 22.69
CA LYS C 16 -6.93 8.71 22.55
C LYS C 16 -5.64 9.52 22.32
N LEU C 17 -5.41 9.95 21.05
CA LEU C 17 -4.19 10.63 20.58
C LEU C 17 -2.94 9.69 20.68
N MET C 18 -2.20 9.57 19.54
CA MET C 18 -0.93 8.81 19.44
C MET C 18 -1.11 7.33 19.86
N TYR C 19 -1.82 6.55 19.03
CA TYR C 19 -2.20 5.16 19.35
C TYR C 19 -1.40 4.16 18.48
N LYS C 20 -0.06 4.14 18.69
CA LYS C 20 0.85 3.08 18.20
C LYS C 20 2.31 3.38 18.61
N GLY C 21 3.15 2.33 18.51
CA GLY C 21 4.57 2.41 18.84
C GLY C 21 5.14 1.02 19.08
N GLN C 22 6.47 0.84 18.94
CA GLN C 22 7.14 -0.46 19.12
C GLN C 22 8.61 -0.27 19.57
N PRO C 23 9.12 -1.12 20.53
CA PRO C 23 10.56 -1.16 20.89
C PRO C 23 11.43 -1.70 19.72
N MET C 24 11.87 -0.77 18.86
CA MET C 24 12.66 -1.06 17.64
C MET C 24 14.11 -0.59 17.84
N THR C 25 14.53 -0.53 19.11
CA THR C 25 15.67 0.28 19.55
C THR C 25 16.46 -0.44 20.68
N PHE C 26 17.71 0.01 20.91
CA PHE C 26 18.63 -0.52 21.96
C PHE C 26 18.92 0.57 23.03
N ARG C 27 18.51 0.32 24.29
CA ARG C 27 18.63 1.32 25.39
C ARG C 27 20.08 1.47 25.91
N LEU C 28 20.40 2.71 26.37
CA LEU C 28 21.69 3.03 27.03
C LEU C 28 21.65 4.44 27.68
N LEU C 29 20.54 5.19 27.45
CA LEU C 29 20.42 6.64 27.76
C LEU C 29 20.69 6.94 29.25
N LEU C 30 21.58 7.94 29.45
CA LEU C 30 21.99 8.48 30.77
C LEU C 30 22.73 7.44 31.62
N VAL C 31 21.98 6.64 32.38
CA VAL C 31 22.53 5.72 33.39
C VAL C 31 21.78 4.37 33.33
N ASP C 32 22.14 3.53 32.33
CA ASP C 32 21.52 2.19 32.15
C ASP C 32 22.48 1.27 31.37
N THR C 33 22.37 -0.06 31.61
CA THR C 33 23.31 -1.09 31.08
C THR C 33 22.63 -2.11 30.09
N PRO C 34 21.46 -2.81 30.46
CA PRO C 34 20.87 -3.92 29.65
C PRO C 34 20.69 -3.62 28.13
N GLU C 35 21.45 -4.35 27.30
CA GLU C 35 21.33 -4.28 25.83
C GLU C 35 20.03 -4.93 25.37
N THR C 36 19.12 -4.12 24.78
CA THR C 36 17.89 -4.62 24.15
C THR C 36 18.26 -5.45 22.90
N LYS C 37 18.50 -6.75 23.15
CA LYS C 37 18.96 -7.70 22.15
C LYS C 37 18.69 -9.12 22.69
N HIS C 38 17.75 -9.83 22.05
CA HIS C 38 17.38 -11.23 22.37
C HIS C 38 17.01 -12.00 21.08
N PRO C 39 16.08 -11.49 20.19
CA PRO C 39 15.81 -12.14 18.88
C PRO C 39 16.74 -11.60 17.75
N LYS C 40 16.27 -11.69 16.49
CA LYS C 40 16.97 -11.14 15.32
C LYS C 40 15.96 -10.40 14.43
N LYS C 41 15.22 -11.17 13.58
CA LYS C 41 14.28 -10.65 12.57
C LYS C 41 13.69 -11.86 11.81
N GLY C 42 12.38 -11.82 11.51
CA GLY C 42 11.68 -12.96 10.87
C GLY C 42 12.05 -13.15 9.40
N VAL C 43 12.08 -14.43 8.95
CA VAL C 43 12.42 -14.78 7.56
C VAL C 43 11.22 -14.51 6.62
N GLU C 44 10.20 -15.40 6.66
CA GLU C 44 8.95 -15.32 5.85
C GLU C 44 9.22 -15.48 4.32
N LYS C 45 8.33 -16.21 3.64
CA LYS C 45 8.39 -16.42 2.18
C LYS C 45 6.99 -16.69 1.63
N TYR C 46 6.89 -16.73 0.29
CA TYR C 46 5.64 -17.04 -0.41
C TYR C 46 5.98 -17.81 -1.70
N GLY C 47 5.14 -18.80 -2.02
CA GLY C 47 5.30 -19.60 -3.23
C GLY C 47 3.95 -19.86 -3.88
N PRO C 48 3.63 -19.19 -5.04
CA PRO C 48 2.41 -19.48 -5.82
C PRO C 48 2.60 -20.74 -6.69
N GLU C 49 1.57 -21.15 -7.44
CA GLU C 49 1.66 -22.28 -8.37
C GLU C 49 2.70 -21.99 -9.49
N ALA C 50 2.54 -20.80 -10.14
CA ALA C 50 3.30 -20.38 -11.35
C ALA C 50 3.27 -21.44 -12.47
N SER C 51 2.20 -22.28 -12.46
CA SER C 51 2.11 -23.47 -13.31
C SER C 51 1.41 -23.15 -14.62
N ALA C 52 0.06 -22.95 -14.56
CA ALA C 52 -0.80 -22.75 -15.72
C ALA C 52 -0.68 -23.92 -16.72
N PHE C 53 -1.12 -23.71 -17.97
CA PHE C 53 -0.96 -24.67 -19.07
C PHE C 53 -1.07 -23.95 -20.42
N THR C 54 -2.18 -23.19 -20.58
CA THR C 54 -2.47 -22.37 -21.77
C THR C 54 -2.51 -23.23 -23.07
N LYS C 55 -3.71 -23.71 -23.44
CA LYS C 55 -3.94 -24.43 -24.71
C LYS C 55 -5.33 -24.06 -25.28
N LYS C 56 -5.35 -23.29 -26.38
CA LYS C 56 -6.59 -22.89 -27.08
C LYS C 56 -6.90 -23.82 -28.25
N MET C 57 -8.15 -23.72 -28.75
CA MET C 57 -8.66 -24.49 -29.89
C MET C 57 -10.07 -23.96 -30.25
N VAL C 58 -10.34 -23.83 -31.56
CA VAL C 58 -11.64 -23.36 -32.08
C VAL C 58 -11.90 -24.04 -33.44
N GLU C 59 -12.66 -25.13 -33.37
CA GLU C 59 -12.85 -26.08 -34.46
C GLU C 59 -14.09 -25.70 -35.32
N ASN C 60 -13.86 -24.73 -36.24
CA ASN C 60 -14.82 -24.32 -37.30
C ASN C 60 -16.19 -23.82 -36.74
N ALA C 61 -17.20 -23.72 -37.64
CA ALA C 61 -18.59 -23.39 -37.28
C ALA C 61 -19.48 -24.65 -37.38
N LYS C 62 -20.60 -24.68 -36.65
CA LYS C 62 -21.56 -25.80 -36.67
C LYS C 62 -22.47 -25.71 -37.92
N LYS C 63 -22.92 -26.89 -38.44
CA LYS C 63 -23.81 -26.99 -39.61
C LYS C 63 -25.06 -26.09 -39.47
N ILE C 64 -26.04 -26.52 -38.64
CA ILE C 64 -27.30 -25.78 -38.42
C ILE C 64 -27.69 -25.84 -36.94
N GLU C 65 -28.26 -24.74 -36.45
CA GLU C 65 -28.79 -24.59 -35.08
C GLU C 65 -29.59 -23.27 -35.05
N VAL C 66 -30.59 -23.20 -35.94
CA VAL C 66 -31.40 -21.98 -36.16
C VAL C 66 -32.75 -22.08 -35.42
N GLU C 67 -33.27 -20.91 -35.00
CA GLU C 67 -34.58 -20.76 -34.35
C GLU C 67 -35.23 -19.45 -34.84
N PHE C 68 -36.57 -19.38 -34.78
CA PHE C 68 -37.33 -18.19 -35.20
C PHE C 68 -38.58 -18.03 -34.34
N ASP C 69 -38.65 -16.90 -33.63
CA ASP C 69 -39.83 -16.42 -32.90
C ASP C 69 -39.48 -15.02 -32.39
N LYS C 70 -38.54 -14.98 -31.43
CA LYS C 70 -37.90 -13.75 -30.93
C LYS C 70 -36.37 -13.96 -30.93
N GLY C 71 -35.92 -14.83 -31.87
CA GLY C 71 -34.52 -15.25 -31.98
C GLY C 71 -33.55 -14.09 -32.26
N GLN C 72 -34.09 -13.01 -32.87
CA GLN C 72 -33.31 -11.83 -33.30
C GLN C 72 -32.23 -12.27 -34.32
N ARG C 73 -31.03 -12.62 -33.83
CA ARG C 73 -29.94 -13.15 -34.65
C ARG C 73 -29.62 -14.57 -34.16
N THR C 74 -29.40 -15.50 -35.09
CA THR C 74 -29.01 -16.89 -34.80
C THR C 74 -27.66 -17.15 -35.48
N ASP C 75 -26.56 -16.87 -34.75
CA ASP C 75 -25.21 -16.95 -35.30
C ASP C 75 -24.60 -18.32 -35.00
N LYS C 76 -24.24 -18.56 -33.70
CA LYS C 76 -23.58 -19.79 -33.22
C LYS C 76 -22.23 -20.08 -33.95
N TYR C 77 -21.41 -20.95 -33.34
CA TYR C 77 -20.15 -21.45 -33.94
C TYR C 77 -20.00 -22.95 -33.64
N GLY C 78 -18.82 -23.50 -33.92
CA GLY C 78 -18.54 -24.92 -33.71
C GLY C 78 -18.07 -25.24 -32.31
N ARG C 79 -17.00 -26.04 -32.23
CA ARG C 79 -16.53 -26.67 -30.99
C ARG C 79 -15.33 -25.92 -30.42
N GLY C 80 -15.41 -25.53 -29.14
CA GLY C 80 -14.28 -24.90 -28.44
C GLY C 80 -14.08 -23.43 -28.79
N LEU C 81 -13.90 -22.60 -27.74
CA LEU C 81 -13.60 -21.17 -27.89
C LEU C 81 -12.29 -20.86 -27.12
N ALA C 82 -12.34 -20.99 -25.77
CA ALA C 82 -11.18 -20.67 -24.89
C ALA C 82 -11.14 -21.61 -23.68
N TYR C 83 -9.92 -21.84 -23.15
CA TYR C 83 -9.66 -22.83 -22.07
C TYR C 83 -8.52 -22.35 -21.18
N ILE C 84 -8.33 -21.03 -21.11
CA ILE C 84 -7.10 -20.43 -20.53
C ILE C 84 -7.39 -19.87 -19.12
N TYR C 85 -7.75 -18.59 -19.08
CA TYR C 85 -7.83 -17.71 -17.90
C TYR C 85 -7.76 -16.28 -18.44
N ALA C 86 -8.32 -15.31 -17.71
CA ALA C 86 -8.39 -13.92 -18.17
C ALA C 86 -6.98 -13.27 -18.29
N ASP C 87 -6.13 -13.48 -17.25
CA ASP C 87 -4.79 -12.81 -17.06
C ASP C 87 -4.95 -11.41 -16.44
N GLY C 88 -3.89 -10.92 -15.75
CA GLY C 88 -3.87 -9.58 -15.13
C GLY C 88 -4.88 -9.41 -13.98
N LYS C 89 -5.27 -10.55 -13.40
CA LYS C 89 -6.36 -10.67 -12.39
C LYS C 89 -7.71 -10.11 -12.95
N MET C 90 -7.80 -10.05 -14.30
CA MET C 90 -9.00 -9.63 -15.06
C MET C 90 -9.32 -8.11 -14.83
N VAL C 91 -8.31 -7.32 -14.38
CA VAL C 91 -8.54 -5.90 -14.02
C VAL C 91 -7.30 -5.02 -14.37
N ASN C 92 -7.54 -3.73 -14.72
CA ASN C 92 -6.47 -2.79 -15.18
C ASN C 92 -6.86 -1.34 -14.83
N GLU C 93 -5.83 -0.47 -14.75
CA GLU C 93 -6.00 0.99 -14.57
C GLU C 93 -6.54 1.65 -15.85
N ALA C 94 -7.88 1.63 -16.00
CA ALA C 94 -8.61 2.26 -17.13
C ALA C 94 -8.38 1.54 -18.49
N LEU C 95 -9.30 1.80 -19.42
CA LEU C 95 -9.21 1.32 -20.83
C LEU C 95 -8.59 2.41 -21.73
N VAL C 96 -8.72 2.25 -23.07
CA VAL C 96 -8.24 3.21 -24.10
C VAL C 96 -8.50 4.68 -23.68
N ARG C 97 -7.47 5.54 -23.80
CA ARG C 97 -7.53 6.93 -23.34
C ARG C 97 -8.13 7.85 -24.44
N GLN C 98 -7.72 7.60 -25.69
CA GLN C 98 -8.08 8.44 -26.85
C GLN C 98 -9.45 8.10 -27.42
N GLY C 99 -9.89 8.96 -28.36
CA GLY C 99 -11.16 8.82 -29.04
C GLY C 99 -11.35 9.82 -30.16
N LEU C 100 -12.61 10.03 -30.56
CA LEU C 100 -13.01 10.95 -31.63
C LEU C 100 -14.41 11.50 -31.37
N ALA C 101 -14.61 12.80 -31.68
CA ALA C 101 -15.91 13.46 -31.70
C ALA C 101 -15.76 14.85 -32.35
N LYS C 102 -16.45 15.04 -33.49
CA LYS C 102 -16.54 16.34 -34.18
C LYS C 102 -17.81 16.34 -35.04
N VAL C 103 -18.93 16.78 -34.43
CA VAL C 103 -20.24 16.88 -35.09
C VAL C 103 -20.96 18.16 -34.63
N ALA C 104 -22.15 18.40 -35.19
CA ALA C 104 -23.03 19.52 -34.78
C ALA C 104 -23.58 19.30 -33.34
N TYR C 105 -24.41 20.24 -32.88
CA TYR C 105 -24.92 20.25 -31.50
C TYR C 105 -26.45 20.39 -31.50
N VAL C 106 -27.12 19.77 -30.52
CA VAL C 106 -28.58 19.89 -30.34
C VAL C 106 -28.92 20.08 -28.85
N TYR C 107 -29.83 21.02 -28.56
CA TYR C 107 -30.28 21.31 -27.20
C TYR C 107 -31.32 20.27 -26.75
N LYS C 108 -30.84 19.19 -26.12
CA LYS C 108 -31.68 18.13 -25.51
C LYS C 108 -31.25 17.89 -24.04
N PRO C 109 -31.56 18.86 -23.11
CA PRO C 109 -31.23 18.75 -21.68
C PRO C 109 -32.39 18.16 -20.83
N ASN C 110 -32.07 17.10 -20.08
CA ASN C 110 -33.02 16.48 -19.12
C ASN C 110 -32.28 16.17 -17.82
N ASN C 111 -32.69 16.84 -16.72
CA ASN C 111 -32.07 16.65 -15.41
C ASN C 111 -33.08 16.97 -14.28
N THR C 112 -33.19 16.05 -13.32
CA THR C 112 -33.99 16.20 -12.10
C THR C 112 -33.42 15.25 -11.03
N HIS C 113 -33.58 15.60 -9.75
CA HIS C 113 -33.05 14.81 -8.62
C HIS C 113 -33.97 14.97 -7.39
N GLU C 114 -35.19 14.39 -7.48
CA GLU C 114 -36.16 14.41 -6.38
C GLU C 114 -36.42 12.99 -5.80
N GLN C 115 -35.56 12.58 -4.84
CA GLN C 115 -35.72 11.35 -4.05
C GLN C 115 -34.66 11.29 -2.93
N HIS C 116 -35.09 11.53 -1.67
CA HIS C 116 -34.26 11.29 -0.46
C HIS C 116 -35.20 10.85 0.68
N LEU C 117 -34.72 9.95 1.55
CA LEU C 117 -35.46 9.51 2.75
C LEU C 117 -34.52 9.31 3.94
N ARG C 118 -35.11 9.12 5.11
CA ARG C 118 -34.41 8.81 6.36
C ARG C 118 -35.23 7.79 7.15
N LYS C 119 -34.54 6.85 7.80
CA LYS C 119 -35.13 5.88 8.75
C LYS C 119 -34.02 5.42 9.70
N SER C 120 -34.37 5.03 10.93
CA SER C 120 -33.39 4.52 11.92
C SER C 120 -34.12 3.84 13.09
N GLU C 121 -34.37 2.53 12.92
CA GLU C 121 -34.92 1.65 13.95
C GLU C 121 -34.63 0.20 13.56
N ALA C 122 -33.70 -0.42 14.29
CA ALA C 122 -33.33 -1.84 14.15
C ALA C 122 -33.40 -2.48 15.54
N GLN C 123 -34.63 -2.78 15.97
CA GLN C 123 -34.94 -3.43 17.25
C GLN C 123 -36.34 -4.07 17.15
N ALA C 124 -36.38 -5.40 17.23
CA ALA C 124 -37.63 -6.18 17.27
C ALA C 124 -37.29 -7.60 17.75
N LYS C 125 -37.94 -8.03 18.83
CA LYS C 125 -37.65 -9.32 19.49
C LYS C 125 -38.91 -9.90 20.12
N LYS C 126 -38.88 -11.20 20.38
CA LYS C 126 -39.95 -11.93 21.09
C LYS C 126 -39.31 -13.17 21.80
N GLU C 127 -40.09 -13.85 22.66
CA GLU C 127 -39.65 -15.09 23.33
C GLU C 127 -40.78 -16.16 23.27
N LYS C 128 -40.39 -17.43 23.42
CA LYS C 128 -41.31 -18.56 23.61
C LYS C 128 -40.62 -19.61 24.51
N LEU C 129 -41.31 -20.01 25.61
CA LEU C 129 -40.77 -20.96 26.61
C LEU C 129 -41.95 -21.81 27.12
N ASN C 130 -42.35 -22.79 26.31
CA ASN C 130 -43.49 -23.68 26.58
C ASN C 130 -43.39 -24.91 25.66
N ILE C 131 -43.93 -26.05 26.11
CA ILE C 131 -44.00 -27.27 25.29
C ILE C 131 -45.35 -27.35 24.52
N TRP C 132 -46.50 -27.15 25.23
CA TRP C 132 -47.85 -27.22 24.63
C TRP C 132 -48.80 -26.25 25.39
N MET A 1 1.63 38.24 33.75
CA MET A 1 0.44 39.12 33.69
C MET A 1 0.19 39.53 32.23
N LYS A 2 1.26 39.98 31.55
CA LYS A 2 1.29 40.19 30.08
C LYS A 2 2.19 39.10 29.43
N GLY A 3 2.49 39.27 28.10
CA GLY A 3 3.40 38.36 27.38
C GLY A 3 2.79 37.86 26.07
N GLN A 4 3.35 38.32 24.92
CA GLN A 4 2.92 37.89 23.58
C GLN A 4 4.16 37.38 22.81
N GLU A 5 4.47 36.09 23.01
CA GLU A 5 5.66 35.45 22.42
C GLU A 5 5.38 35.10 20.94
N THR A 6 5.45 36.13 20.09
CA THR A 6 5.13 36.05 18.66
C THR A 6 6.40 35.73 17.84
N ARG A 7 6.91 34.51 18.05
CA ARG A 7 8.05 33.96 17.28
C ARG A 7 7.55 32.78 16.43
N GLY A 8 8.24 32.54 15.31
CA GLY A 8 7.89 31.46 14.38
C GLY A 8 8.40 31.76 12.99
N PHE A 9 9.73 31.91 12.87
CA PHE A 9 10.43 32.11 11.60
C PHE A 9 11.24 30.83 11.29
N GLN A 10 10.69 29.98 10.41
CA GLN A 10 11.37 28.76 9.96
C GLN A 10 12.21 29.09 8.71
N SER A 11 13.48 28.66 8.74
CA SER A 11 14.43 28.87 7.64
C SER A 11 15.54 27.80 7.71
N GLU A 12 16.20 27.58 6.57
CA GLU A 12 17.27 26.57 6.44
C GLU A 12 18.23 26.98 5.32
N VAL A 13 17.67 27.62 4.25
CA VAL A 13 18.40 28.07 3.05
C VAL A 13 18.95 26.86 2.23
N LYS A 14 19.17 27.06 0.91
CA LYS A 14 19.80 26.07 0.00
C LYS A 14 21.19 25.66 0.57
N GLN A 15 21.55 24.36 0.47
CA GLN A 15 22.76 23.77 1.11
C GLN A 15 24.03 24.63 0.85
N LEU A 16 24.41 24.72 -0.43
CA LEU A 16 25.62 25.45 -0.86
C LEU A 16 25.55 26.94 -0.48
N LEU A 17 24.34 27.54 -0.59
CA LEU A 17 24.13 28.98 -0.26
C LEU A 17 24.30 29.19 1.26
N HIS A 18 23.90 28.18 2.06
CA HIS A 18 23.96 28.23 3.53
C HIS A 18 25.43 28.03 3.96
N LEU A 19 26.18 27.30 3.11
CA LEU A 19 27.61 27.11 3.27
C LEU A 19 28.33 28.46 3.05
N MET A 20 28.00 29.11 1.91
CA MET A 20 28.67 30.33 1.40
C MET A 20 28.63 31.52 2.39
N ILE A 21 27.49 31.68 3.09
CA ILE A 21 27.31 32.78 4.07
C ILE A 21 28.35 32.67 5.22
N HIS A 22 28.62 31.43 5.64
CA HIS A 22 29.54 31.12 6.76
C HIS A 22 30.96 30.83 6.23
N SER A 23 31.10 30.57 4.92
CA SER A 23 32.39 30.40 4.25
C SER A 23 33.04 31.78 4.02
N LEU A 24 32.19 32.81 3.87
CA LEU A 24 32.61 34.22 3.85
C LEU A 24 32.85 34.69 5.29
N TYR A 25 31.74 34.67 6.08
CA TYR A 25 31.73 34.93 7.54
C TYR A 25 32.16 36.41 7.89
N SER A 26 32.29 37.26 6.83
CA SER A 26 32.81 38.65 6.90
C SER A 26 34.24 38.68 7.49
N ASN A 27 34.96 37.56 7.30
CA ASN A 27 36.19 37.25 8.04
C ASN A 27 37.41 37.17 7.10
N LYS A 28 37.20 36.57 5.90
CA LYS A 28 38.23 36.40 4.83
C LYS A 28 39.28 35.32 5.20
N GLU A 29 40.04 35.55 6.30
CA GLU A 29 41.15 34.68 6.80
C GLU A 29 40.72 33.22 7.10
N ILE A 30 39.39 32.98 7.14
CA ILE A 30 38.79 31.64 7.20
C ILE A 30 39.23 30.75 5.99
N PHE A 31 39.75 31.38 4.92
CA PHE A 31 40.34 30.64 3.78
C PHE A 31 41.59 29.88 4.23
N LEU A 32 42.45 30.55 5.03
CA LEU A 32 43.74 30.02 5.47
C LEU A 32 43.51 28.85 6.43
N ARG A 33 42.45 28.99 7.26
CA ARG A 33 41.89 27.90 8.10
C ARG A 33 41.64 26.63 7.28
N GLU A 34 40.90 26.82 6.18
CA GLU A 34 40.45 25.74 5.29
C GLU A 34 41.64 25.08 4.58
N LEU A 35 42.50 25.89 3.97
CA LEU A 35 43.67 25.42 3.20
C LEU A 35 44.57 24.50 4.05
N ILE A 36 44.89 24.94 5.29
CA ILE A 36 45.68 24.13 6.24
C ILE A 36 44.90 22.85 6.60
N SER A 37 43.60 22.98 6.89
CA SER A 37 42.72 21.84 7.29
C SER A 37 42.61 20.79 6.14
N ASN A 38 42.73 21.28 4.90
CA ASN A 38 42.71 20.45 3.68
C ASN A 38 44.04 19.69 3.53
N ALA A 39 45.14 20.36 3.91
CA ALA A 39 46.50 19.81 3.81
C ALA A 39 46.76 18.82 4.95
N SER A 40 46.12 19.09 6.09
CA SER A 40 46.23 18.30 7.31
C SER A 40 45.50 16.98 7.11
N ASP A 41 44.27 17.04 6.56
CA ASP A 41 43.46 15.84 6.28
C ASP A 41 44.12 15.00 5.16
N ALA A 42 44.83 15.67 4.23
CA ALA A 42 45.63 15.00 3.20
C ALA A 42 46.82 14.24 3.84
N ALA A 43 47.43 14.86 4.86
CA ALA A 43 48.53 14.25 5.62
C ALA A 43 48.04 13.00 6.39
N ASP A 44 46.84 13.12 6.98
CA ASP A 44 46.12 12.01 7.64
C ASP A 44 46.01 10.83 6.66
N LYS A 45 45.43 11.10 5.48
CA LYS A 45 45.24 10.09 4.42
C LYS A 45 46.57 9.38 4.07
N LEU A 46 47.68 10.14 4.02
CA LEU A 46 49.01 9.57 3.71
C LEU A 46 49.50 8.63 4.82
N ARG A 47 49.18 8.96 6.09
CA ARG A 47 49.60 8.16 7.26
C ARG A 47 48.97 6.76 7.23
N PHE A 48 47.68 6.66 6.81
CA PHE A 48 47.01 5.34 6.66
C PHE A 48 47.49 4.61 5.41
N ARG A 49 47.60 5.33 4.29
CA ARG A 49 48.01 4.74 3.01
C ARG A 49 49.47 4.23 3.10
N ALA A 50 50.26 4.84 3.99
CA ALA A 50 51.65 4.43 4.27
C ALA A 50 51.69 3.07 5.00
N LEU A 51 50.59 2.72 5.67
CA LEU A 51 50.41 1.39 6.29
C LEU A 51 50.05 0.35 5.21
N SER A 52 49.42 0.84 4.12
CA SER A 52 48.99 -0.01 2.99
C SER A 52 50.14 -0.12 1.95
N ASN A 53 51.13 0.79 2.07
CA ASN A 53 52.35 0.83 1.24
C ASN A 53 53.31 1.89 1.81
N PRO A 54 54.40 1.50 2.54
CA PRO A 54 55.35 2.46 3.15
C PRO A 54 56.17 3.29 2.11
N ASP A 55 56.19 2.81 0.86
CA ASP A 55 56.94 3.47 -0.25
C ASP A 55 56.25 4.77 -0.71
N LEU A 56 55.05 5.05 -0.18
CA LEU A 56 54.32 6.31 -0.45
C LEU A 56 54.98 7.51 0.29
N TYR A 57 55.91 7.22 1.24
CA TYR A 57 56.79 8.27 1.81
C TYR A 57 57.79 8.74 0.74
N GLU A 58 58.18 7.84 -0.19
CA GLU A 58 59.14 8.13 -1.29
C GLU A 58 60.49 8.68 -0.77
N GLY A 59 60.80 8.42 0.51
CA GLY A 59 61.91 9.07 1.20
C GLY A 59 61.46 10.20 2.13
N ASP A 60 60.49 11.03 1.66
CA ASP A 60 59.92 12.15 2.45
C ASP A 60 58.98 11.59 3.55
N GLY A 61 59.55 11.41 4.75
CA GLY A 61 58.79 10.89 5.91
C GLY A 61 58.23 12.00 6.78
N GLU A 62 58.94 13.15 6.78
CA GLU A 62 58.55 14.36 7.50
C GLU A 62 57.40 15.08 6.76
N LEU A 63 56.17 14.63 7.05
CA LEU A 63 54.96 15.16 6.42
C LEU A 63 54.75 16.60 6.92
N ARG A 64 54.63 17.57 6.01
CA ARG A 64 54.53 19.01 6.36
C ARG A 64 53.89 19.81 5.22
N VAL A 65 53.76 21.12 5.41
CA VAL A 65 53.23 22.05 4.41
C VAL A 65 53.97 23.40 4.55
N ARG A 66 54.52 23.90 3.44
CA ARG A 66 55.39 25.09 3.42
C ARG A 66 54.77 26.21 2.57
N VAL A 67 54.45 27.32 3.25
CA VAL A 67 53.85 28.51 2.65
C VAL A 67 54.95 29.48 2.19
N SER A 68 55.13 29.59 0.88
CA SER A 68 56.04 30.55 0.25
C SER A 68 55.22 31.59 -0.51
N PHE A 69 55.70 32.83 -0.59
CA PHE A 69 54.94 33.91 -1.21
C PHE A 69 55.86 34.92 -1.89
N ASP A 70 55.24 35.81 -2.68
CA ASP A 70 55.94 36.82 -3.45
C ASP A 70 55.15 38.13 -3.33
N LYS A 71 55.79 39.18 -2.77
CA LYS A 71 55.12 40.47 -2.52
C LYS A 71 55.06 41.33 -3.77
N ASP A 72 56.06 41.19 -4.64
CA ASP A 72 56.19 41.98 -5.89
C ASP A 72 55.12 41.55 -6.92
N LYS A 73 54.86 40.23 -6.98
CA LYS A 73 53.95 39.61 -7.95
C LYS A 73 52.56 39.30 -7.33
N ARG A 74 52.51 39.33 -5.98
CA ARG A 74 51.27 39.17 -5.18
C ARG A 74 50.61 37.78 -5.38
N THR A 75 51.30 36.75 -4.84
CA THR A 75 50.83 35.36 -4.80
C THR A 75 51.20 34.73 -3.44
N LEU A 76 50.22 34.04 -2.83
CA LEU A 76 50.43 33.24 -1.62
C LEU A 76 50.35 31.76 -2.01
N THR A 77 51.47 31.03 -1.90
CA THR A 77 51.56 29.62 -2.34
C THR A 77 51.72 28.69 -1.13
N ILE A 78 50.65 27.95 -0.81
CA ILE A 78 50.61 26.99 0.29
C ILE A 78 50.87 25.59 -0.32
N SER A 79 52.13 25.13 -0.22
CA SER A 79 52.58 23.89 -0.88
C SER A 79 52.66 22.74 0.15
N ASP A 80 51.63 21.89 0.12
CA ASP A 80 51.53 20.66 0.92
C ASP A 80 52.36 19.56 0.25
N ASN A 81 53.13 18.78 1.05
CA ASN A 81 53.85 17.58 0.57
C ASN A 81 53.31 16.33 1.27
N GLY A 82 52.01 16.35 1.63
CA GLY A 82 51.29 15.18 2.13
C GLY A 82 50.94 14.21 0.99
N VAL A 83 49.74 13.57 1.06
CA VAL A 83 49.34 12.61 0.00
C VAL A 83 48.98 13.36 -1.30
N GLY A 84 48.62 14.64 -1.16
CA GLY A 84 48.11 15.41 -2.27
C GLY A 84 46.69 15.04 -2.63
N MET A 85 46.40 15.08 -3.93
CA MET A 85 45.08 14.78 -4.50
C MET A 85 45.31 14.12 -5.86
N THR A 86 44.43 13.17 -6.24
CA THR A 86 44.43 12.59 -7.58
C THR A 86 43.64 13.51 -8.54
N ARG A 87 43.53 13.09 -9.81
CA ARG A 87 42.68 13.76 -10.80
C ARG A 87 41.19 13.68 -10.40
N ASP A 88 40.86 12.65 -9.61
CA ASP A 88 39.50 12.41 -9.11
C ASP A 88 39.09 13.50 -8.10
N GLU A 89 39.88 13.72 -7.02
CA GLU A 89 39.56 14.75 -5.99
C GLU A 89 39.52 16.17 -6.59
N VAL A 90 40.18 16.36 -7.73
CA VAL A 90 40.21 17.66 -8.44
C VAL A 90 38.92 17.88 -9.25
N ILE A 91 38.58 16.94 -10.15
CA ILE A 91 37.40 17.08 -11.04
C ILE A 91 36.10 16.89 -10.24
N ASP A 92 36.02 15.78 -9.48
CA ASP A 92 34.83 15.40 -8.68
C ASP A 92 34.53 16.35 -7.51
N HIS A 93 35.38 17.36 -7.28
CA HIS A 93 35.12 18.42 -6.30
C HIS A 93 35.15 19.82 -6.96
N LEU A 94 36.35 20.26 -7.36
CA LEU A 94 36.58 21.63 -7.88
C LEU A 94 35.79 21.84 -9.18
N GLY A 95 35.98 20.89 -10.13
CA GLY A 95 35.30 20.92 -11.41
C GLY A 95 33.78 20.84 -11.29
N THR A 96 33.28 20.10 -10.29
CA THR A 96 31.83 19.90 -10.08
C THR A 96 31.18 21.10 -9.38
N ILE A 97 32.00 22.01 -8.79
CA ILE A 97 31.49 23.30 -8.29
C ILE A 97 31.38 24.27 -9.49
N ALA A 98 32.39 24.18 -10.37
CA ALA A 98 32.46 24.99 -11.58
C ALA A 98 31.50 24.44 -12.68
N LYS A 99 32.02 23.65 -13.66
CA LYS A 99 31.16 23.03 -14.71
C LYS A 99 31.27 21.50 -14.70
N SER A 100 30.20 20.81 -14.27
CA SER A 100 30.05 19.34 -14.46
C SER A 100 28.55 19.00 -14.49
N GLY A 101 27.90 18.98 -13.31
CA GLY A 101 26.45 18.71 -13.21
C GLY A 101 26.14 17.58 -12.24
N THR A 102 26.62 17.72 -11.00
CA THR A 102 26.41 16.72 -9.93
C THR A 102 25.05 16.86 -9.23
N LYS A 103 24.44 18.06 -9.36
CA LYS A 103 23.18 18.44 -8.68
C LYS A 103 23.41 18.53 -7.15
N SER A 104 23.37 17.37 -6.47
CA SER A 104 23.57 17.25 -5.02
C SER A 104 23.99 15.80 -4.70
N PHE A 105 23.27 14.86 -5.34
CA PHE A 105 23.40 13.42 -5.07
C PHE A 105 23.65 12.61 -6.39
N LEU A 106 23.70 13.35 -7.53
CA LEU A 106 23.53 12.85 -8.93
C LEU A 106 22.08 13.03 -9.36
N GLU A 107 21.90 13.74 -10.50
CA GLU A 107 20.59 14.04 -11.08
C GLU A 107 19.97 12.80 -11.80
N SER A 108 20.83 11.89 -12.28
CA SER A 108 20.41 10.71 -13.08
C SER A 108 19.87 9.57 -12.16
N LEU A 109 20.77 8.84 -11.48
CA LEU A 109 20.41 7.69 -10.62
C LEU A 109 20.25 8.13 -9.15
N GLY A 110 21.02 9.15 -8.75
CA GLY A 110 21.07 9.57 -7.35
C GLY A 110 21.97 8.67 -6.51
N SER A 111 23.18 8.36 -7.03
CA SER A 111 24.14 7.47 -6.33
C SER A 111 25.60 7.70 -6.79
N ASP A 112 25.86 7.74 -8.11
CA ASP A 112 27.25 7.78 -8.66
C ASP A 112 28.00 9.05 -8.21
N GLN A 113 27.35 10.20 -8.41
CA GLN A 113 27.90 11.51 -8.03
C GLN A 113 27.33 11.96 -6.66
N ALA A 114 26.99 10.97 -5.79
CA ALA A 114 26.50 11.26 -4.42
C ALA A 114 27.59 11.90 -3.55
N LYS A 115 28.84 11.49 -3.79
CA LYS A 115 29.98 11.88 -2.96
C LYS A 115 30.76 13.06 -3.59
N ASP A 116 30.01 14.07 -4.04
CA ASP A 116 30.56 15.38 -4.44
C ASP A 116 30.27 16.38 -3.29
N SER A 117 29.06 16.26 -2.72
CA SER A 117 28.55 17.13 -1.65
C SER A 117 29.32 16.87 -0.32
N GLN A 118 29.83 15.63 -0.21
CA GLN A 118 30.80 15.20 0.83
C GLN A 118 32.03 16.11 0.84
N LEU A 119 32.55 16.32 -0.38
CA LEU A 119 33.77 17.12 -0.62
C LEU A 119 33.45 18.62 -0.50
N ILE A 120 32.21 19.02 -0.84
CA ILE A 120 31.74 20.42 -0.71
C ILE A 120 31.67 20.83 0.78
N GLY A 121 31.25 19.87 1.65
CA GLY A 121 31.09 20.11 3.10
C GLY A 121 32.33 20.67 3.81
N GLN A 122 33.51 20.23 3.37
CA GLN A 122 34.81 20.75 3.84
C GLN A 122 35.42 21.65 2.75
N PHE A 123 35.92 21.00 1.68
CA PHE A 123 36.81 21.63 0.68
C PHE A 123 36.07 22.69 -0.18
N GLY A 124 34.71 22.67 -0.13
CA GLY A 124 33.87 23.64 -0.85
C GLY A 124 33.82 24.99 -0.16
N VAL A 125 33.93 24.95 1.17
CA VAL A 125 34.12 26.15 2.02
C VAL A 125 35.44 26.84 1.62
N GLY A 126 36.50 26.02 1.48
CA GLY A 126 37.83 26.47 1.07
C GLY A 126 37.89 27.05 -0.32
N PHE A 127 37.10 26.46 -1.24
CA PHE A 127 36.98 26.95 -2.64
C PHE A 127 36.50 28.43 -2.62
N TYR A 128 35.35 28.64 -1.98
CA TYR A 128 34.66 29.94 -1.97
C TYR A 128 35.52 31.02 -1.28
N SER A 129 36.00 30.72 -0.06
CA SER A 129 36.72 31.67 0.80
C SER A 129 38.08 32.06 0.18
N ALA A 130 38.73 31.10 -0.49
CA ALA A 130 40.01 31.35 -1.20
C ALA A 130 39.80 32.33 -2.37
N PHE A 131 38.69 32.15 -3.12
CA PHE A 131 38.33 33.05 -4.24
C PHE A 131 37.69 34.38 -3.75
N ILE A 132 37.65 34.62 -2.42
CA ILE A 132 37.27 35.95 -1.87
C ILE A 132 38.52 36.86 -1.84
N VAL A 133 39.61 36.34 -1.28
CA VAL A 133 40.87 37.09 -1.08
C VAL A 133 41.76 37.03 -2.34
N ALA A 134 41.63 35.93 -3.10
CA ALA A 134 42.42 35.69 -4.30
C ALA A 134 41.53 35.84 -5.54
N ASP A 135 42.08 36.53 -6.56
CA ASP A 135 41.44 36.69 -7.87
C ASP A 135 41.55 35.35 -8.65
N LYS A 136 42.60 34.58 -8.34
CA LYS A 136 42.85 33.25 -8.92
C LYS A 136 43.34 32.28 -7.84
N VAL A 137 42.85 31.03 -7.87
CA VAL A 137 43.36 29.92 -7.05
C VAL A 137 43.70 28.76 -7.99
N THR A 138 44.99 28.54 -8.19
CA THR A 138 45.54 27.48 -9.02
C THR A 138 45.90 26.26 -8.14
N VAL A 139 45.21 25.13 -8.35
CA VAL A 139 45.48 23.89 -7.61
C VAL A 139 46.35 22.98 -8.49
N ARG A 140 47.61 22.80 -8.09
CA ARG A 140 48.59 21.99 -8.81
C ARG A 140 49.08 20.90 -7.85
N THR A 141 48.41 19.74 -7.88
CA THR A 141 48.61 18.68 -6.88
C THR A 141 49.39 17.47 -7.43
N ARG A 142 49.74 16.55 -6.52
CA ARG A 142 50.54 15.35 -6.83
C ARG A 142 50.13 14.27 -5.81
N ALA A 143 49.43 13.24 -6.31
CA ALA A 143 48.97 12.09 -5.50
C ALA A 143 50.12 11.10 -5.17
N ALA A 144 50.26 10.73 -3.88
CA ALA A 144 51.39 9.90 -3.38
C ALA A 144 51.37 8.47 -3.94
N GLY A 145 52.51 8.04 -4.51
CA GLY A 145 52.66 6.70 -5.08
C GLY A 145 52.38 6.68 -6.58
N GLU A 146 51.68 7.70 -7.07
CA GLU A 146 51.46 7.92 -8.51
C GLU A 146 52.74 8.48 -9.14
N LYS A 147 52.96 8.12 -10.42
CA LYS A 147 54.03 8.69 -11.25
C LYS A 147 53.93 10.23 -11.27
N PRO A 148 55.07 10.99 -11.29
CA PRO A 148 55.05 12.48 -11.40
C PRO A 148 54.17 12.98 -12.57
N GLU A 149 54.15 12.20 -13.66
CA GLU A 149 53.34 12.44 -14.88
C GLU A 149 51.82 12.46 -14.59
N ASN A 150 51.41 11.68 -13.57
CA ASN A 150 50.00 11.61 -13.13
C ASN A 150 49.64 12.79 -12.19
N GLY A 151 50.49 13.86 -12.18
CA GLY A 151 50.18 15.09 -11.45
C GLY A 151 49.05 15.83 -12.10
N VAL A 152 48.38 16.73 -11.36
CA VAL A 152 47.18 17.41 -11.85
C VAL A 152 47.34 18.92 -11.72
N PHE A 153 47.18 19.62 -12.83
CA PHE A 153 47.04 21.08 -12.86
C PHE A 153 45.56 21.44 -12.89
N TRP A 154 45.18 22.47 -12.14
CA TRP A 154 43.82 23.02 -12.13
C TRP A 154 43.90 24.54 -11.90
N GLU A 155 42.95 25.27 -12.46
CA GLU A 155 42.92 26.74 -12.41
C GLU A 155 41.51 27.26 -12.75
N SER A 156 41.12 28.39 -12.13
CA SER A 156 39.93 29.17 -12.54
C SER A 156 40.00 30.60 -11.95
N ALA A 157 39.02 31.43 -12.36
CA ALA A 157 38.84 32.80 -11.83
C ALA A 157 37.75 32.82 -10.74
N GLY A 158 37.21 31.63 -10.40
CA GLY A 158 36.09 31.49 -9.46
C GLY A 158 34.72 31.38 -10.13
N GLU A 159 34.71 31.49 -11.48
CA GLU A 159 33.49 31.39 -12.30
C GLU A 159 33.09 29.91 -12.50
N GLY A 160 31.93 29.66 -13.16
CA GLY A 160 31.43 28.30 -13.44
C GLY A 160 32.13 27.59 -14.61
N GLU A 161 33.47 27.68 -14.63
CA GLU A 161 34.33 27.01 -15.61
C GLU A 161 35.60 26.55 -14.88
N TYR A 162 36.35 25.62 -15.48
CA TYR A 162 37.53 25.03 -14.85
C TYR A 162 38.56 24.61 -15.91
N THR A 163 39.83 24.92 -15.66
CA THR A 163 40.96 24.54 -16.49
C THR A 163 41.74 23.42 -15.79
N VAL A 164 41.52 22.15 -16.20
CA VAL A 164 42.23 20.99 -15.63
C VAL A 164 43.01 20.24 -16.75
N ALA A 165 44.25 19.83 -16.44
CA ALA A 165 45.11 19.08 -17.36
C ALA A 165 46.17 18.31 -16.54
N ASP A 166 46.44 17.05 -16.91
CA ASP A 166 47.45 16.22 -16.22
C ASP A 166 48.87 16.62 -16.64
N ILE A 167 49.77 16.81 -15.68
CA ILE A 167 51.14 17.31 -15.91
C ILE A 167 52.16 16.53 -15.09
N THR A 168 53.45 16.78 -15.36
CA THR A 168 54.55 16.13 -14.65
C THR A 168 55.09 17.06 -13.55
N LYS A 169 54.69 16.79 -12.29
CA LYS A 169 55.24 17.47 -11.10
C LYS A 169 55.93 16.41 -10.24
N GLU A 170 57.25 16.54 -10.08
CA GLU A 170 58.07 15.59 -9.29
C GLU A 170 57.82 15.76 -7.78
N ASP A 171 57.45 17.00 -7.38
CA ASP A 171 57.17 17.35 -5.96
C ASP A 171 55.86 16.69 -5.53
N ARG A 172 55.84 15.99 -4.38
CA ARG A 172 54.61 15.33 -3.87
C ARG A 172 53.70 16.37 -3.17
N GLY A 173 52.39 16.07 -3.11
CA GLY A 173 51.44 16.87 -2.35
C GLY A 173 50.73 17.94 -3.19
N THR A 174 50.02 18.86 -2.51
CA THR A 174 49.13 19.84 -3.18
C THR A 174 49.73 21.26 -3.10
N GLU A 175 50.23 21.73 -4.25
CA GLU A 175 50.83 23.07 -4.40
C GLU A 175 49.73 24.06 -4.83
N ILE A 176 49.28 24.92 -3.89
CA ILE A 176 48.12 25.82 -4.11
C ILE A 176 48.62 27.28 -4.22
N THR A 177 48.63 27.84 -5.45
CA THR A 177 49.06 29.22 -5.70
C THR A 177 47.83 30.15 -5.84
N LEU A 178 47.58 30.97 -4.81
CA LEU A 178 46.51 31.97 -4.81
C LEU A 178 47.08 33.31 -5.30
N HIS A 179 46.71 33.72 -6.53
CA HIS A 179 47.08 35.05 -7.01
C HIS A 179 46.20 36.08 -6.29
N LEU A 180 46.76 36.67 -5.23
CA LEU A 180 46.04 37.63 -4.38
C LEU A 180 45.89 38.98 -5.06
N ARG A 181 44.81 39.67 -4.69
CA ARG A 181 44.43 40.98 -5.25
C ARG A 181 45.35 42.09 -4.69
N GLU A 182 45.74 43.06 -5.53
CA GLU A 182 46.49 44.25 -5.09
C GLU A 182 45.60 45.08 -4.16
N GLY A 183 46.03 45.22 -2.89
CA GLY A 183 45.20 45.80 -1.84
C GLY A 183 44.91 44.77 -0.75
N GLU A 184 44.83 43.48 -1.15
CA GLU A 184 44.75 42.34 -0.19
C GLU A 184 46.19 41.96 0.22
N ASP A 185 46.87 42.94 0.83
CA ASP A 185 48.26 42.79 1.28
C ASP A 185 48.33 42.03 2.62
N GLU A 186 47.18 41.94 3.32
CA GLU A 186 47.09 41.30 4.65
C GLU A 186 47.63 39.86 4.59
N PHE A 187 47.09 39.09 3.66
CA PHE A 187 47.39 37.66 3.54
C PHE A 187 48.54 37.43 2.55
N LEU A 188 49.25 38.52 2.23
CA LEU A 188 50.36 38.55 1.28
C LEU A 188 51.62 39.12 1.99
N ASP A 189 51.45 39.56 3.25
CA ASP A 189 52.53 40.11 4.09
C ASP A 189 52.89 39.10 5.18
N ASP A 190 54.19 39.03 5.49
CA ASP A 190 54.81 38.01 6.35
C ASP A 190 54.14 37.87 7.74
N TRP A 191 54.16 38.95 8.57
CA TRP A 191 53.76 38.84 10.01
C TRP A 191 52.27 38.48 10.15
N ARG A 192 51.45 39.05 9.25
CA ARG A 192 49.98 38.89 9.26
C ARG A 192 49.65 37.42 8.91
N VAL A 193 50.31 36.89 7.86
CA VAL A 193 50.16 35.48 7.47
C VAL A 193 50.54 34.55 8.64
N ARG A 194 51.69 34.81 9.29
CA ARG A 194 52.20 34.00 10.44
C ARG A 194 51.21 33.94 11.60
N SER A 195 50.62 35.09 11.90
CA SER A 195 49.65 35.26 12.99
C SER A 195 48.38 34.44 12.72
N ILE A 196 47.96 34.40 11.44
CA ILE A 196 46.78 33.63 11.01
C ILE A 196 47.14 32.15 10.79
N ILE A 197 48.43 31.87 10.49
CA ILE A 197 48.94 30.49 10.39
C ILE A 197 48.77 29.87 11.78
N SER A 198 49.47 30.43 12.77
CA SER A 198 49.42 29.98 14.18
C SER A 198 47.97 29.85 14.70
N LYS A 199 47.11 30.82 14.31
CA LYS A 199 45.69 30.89 14.71
C LYS A 199 44.93 29.57 14.44
N TYR A 200 45.36 28.82 13.39
CA TYR A 200 44.68 27.59 12.96
C TYR A 200 45.62 26.36 12.99
N SER A 201 46.82 26.53 12.47
CA SER A 201 47.83 25.46 12.38
C SER A 201 48.21 24.88 13.76
N ASP A 202 48.03 25.68 14.83
CA ASP A 202 48.38 25.25 16.21
C ASP A 202 47.52 24.04 16.63
N HIS A 203 46.26 23.99 16.15
CA HIS A 203 45.35 22.85 16.44
C HIS A 203 45.44 21.77 15.35
N ILE A 204 46.32 21.97 14.34
CA ILE A 204 46.58 21.00 13.26
C ILE A 204 47.85 20.18 13.57
N ALA A 205 47.79 18.85 13.34
CA ALA A 205 48.88 17.89 13.65
C ALA A 205 49.88 17.76 12.48
N LEU A 206 49.99 18.82 11.66
CA LEU A 206 50.85 18.87 10.47
C LEU A 206 51.73 20.12 10.56
N PRO A 207 53.10 19.99 10.59
CA PRO A 207 54.04 21.13 10.62
C PRO A 207 53.80 22.16 9.49
N VAL A 208 53.16 23.31 9.81
CA VAL A 208 52.94 24.38 8.84
C VAL A 208 54.08 25.41 8.96
N GLU A 209 55.09 25.25 8.08
CA GLU A 209 56.28 26.11 8.03
C GLU A 209 56.05 27.24 7.02
N ILE A 210 56.67 28.40 7.25
CA ILE A 210 56.57 29.56 6.34
C ILE A 210 57.96 29.92 5.80
N GLU A 211 57.97 30.55 4.62
CA GLU A 211 59.18 31.07 4.01
C GLU A 211 59.62 32.35 4.75
N LYS A 212 60.61 32.19 5.62
CA LYS A 212 61.36 33.28 6.20
C LYS A 212 62.49 33.63 5.23
N ARG A 213 62.14 34.44 4.21
CA ARG A 213 63.08 34.91 3.20
C ARG A 213 63.64 36.26 3.64
N GLU A 214 64.93 36.32 3.97
CA GLU A 214 65.66 37.58 4.14
C GLU A 214 66.57 37.75 2.92
N GLU A 215 66.07 38.49 1.93
CA GLU A 215 66.82 38.81 0.72
C GLU A 215 67.80 39.96 1.03
N LYS A 216 68.96 39.58 1.53
CA LYS A 216 70.07 40.48 1.82
C LYS A 216 70.85 40.75 0.52
N ASP A 217 71.76 41.72 0.54
CA ASP A 217 72.59 42.05 -0.64
C ASP A 217 73.48 40.85 -0.98
N GLY A 218 73.09 40.10 -2.04
CA GLY A 218 73.82 38.91 -2.47
C GLY A 218 73.37 37.62 -1.78
N GLU A 219 72.69 37.75 -0.62
CA GLU A 219 72.34 36.62 0.27
C GLU A 219 70.81 36.50 0.41
N THR A 220 70.14 35.86 -0.58
CA THR A 220 68.69 35.60 -0.50
C THR A 220 68.46 34.36 0.39
N VAL A 221 68.55 34.56 1.71
CA VAL A 221 68.42 33.48 2.70
C VAL A 221 66.94 33.08 2.82
N ILE A 222 66.62 31.85 2.40
CA ILE A 222 65.27 31.28 2.48
C ILE A 222 65.28 30.16 3.53
N SER A 223 64.65 30.45 4.67
CA SER A 223 64.53 29.51 5.80
C SER A 223 63.04 29.13 5.97
N TRP A 224 62.77 27.97 6.58
CA TRP A 224 61.39 27.47 6.77
C TRP A 224 61.14 27.18 8.25
N GLU A 225 60.29 28.00 8.88
CA GLU A 225 60.03 27.95 10.33
C GLU A 225 58.55 27.64 10.61
N LYS A 226 58.27 26.50 11.27
CA LYS A 226 56.90 26.10 11.63
C LYS A 226 56.37 26.98 12.78
N ILE A 227 55.28 27.70 12.51
CA ILE A 227 54.70 28.64 13.49
C ILE A 227 53.77 27.87 14.45
N ASN A 228 53.41 26.64 14.04
CA ASN A 228 52.56 25.74 14.84
C ASN A 228 53.41 24.86 15.77
N LYS A 229 52.78 24.30 16.81
CA LYS A 229 53.40 23.31 17.71
C LYS A 229 53.73 22.00 16.96
N ALA A 230 52.89 21.68 15.92
CA ALA A 230 53.01 20.47 15.08
C ALA A 230 52.88 19.20 15.94
N GLN A 231 52.02 19.29 16.95
CA GLN A 231 51.83 18.24 17.96
C GLN A 231 50.34 17.89 18.02
N ALA A 232 50.06 16.58 18.12
CA ALA A 232 48.71 16.02 18.13
C ALA A 232 47.82 16.66 19.23
N LEU A 233 46.79 17.46 18.83
CA LEU A 233 45.93 18.22 19.79
C LEU A 233 45.27 17.29 20.81
N TRP A 234 44.75 16.17 20.32
CA TRP A 234 44.11 15.16 21.17
C TRP A 234 45.11 14.63 22.24
N THR A 235 46.35 14.35 21.81
CA THR A 235 47.44 13.90 22.72
C THR A 235 47.91 15.04 23.66
N ARG A 236 47.71 16.30 23.23
CA ARG A 236 48.08 17.49 24.01
C ARG A 236 47.20 17.67 25.26
N ASN A 237 47.70 18.48 26.21
CA ASN A 237 47.08 18.71 27.51
C ASN A 237 45.92 19.72 27.39
N LYS A 238 44.82 19.39 28.09
CA LYS A 238 43.53 20.11 28.01
C LYS A 238 43.66 21.62 28.30
N SER A 239 44.42 21.94 29.36
CA SER A 239 44.63 23.32 29.82
C SER A 239 45.56 24.10 28.88
N GLU A 240 46.43 23.37 28.14
CA GLU A 240 47.38 23.99 27.19
C GLU A 240 46.69 24.31 25.84
N ILE A 241 45.58 23.61 25.57
CA ILE A 241 44.73 23.87 24.39
C ILE A 241 43.64 24.91 24.77
N THR A 242 43.49 25.97 23.97
CA THR A 242 42.43 26.98 24.20
C THR A 242 41.08 26.53 23.58
N ASP A 243 39.99 27.22 23.97
CA ASP A 243 38.61 26.87 23.56
C ASP A 243 38.44 26.93 22.03
N GLU A 244 39.08 27.94 21.42
CA GLU A 244 39.01 28.20 19.97
C GLU A 244 39.60 27.05 19.17
N GLU A 245 40.71 26.49 19.68
CA GLU A 245 41.36 25.33 19.06
C GLU A 245 40.39 24.15 18.99
N TYR A 246 39.70 23.83 20.11
CA TYR A 246 38.70 22.75 20.18
C TYR A 246 37.55 22.96 19.17
N LYS A 247 36.95 24.16 19.23
CA LYS A 247 35.77 24.54 18.42
C LYS A 247 36.07 24.45 16.91
N GLU A 248 37.30 24.80 16.55
CA GLU A 248 37.76 24.82 15.15
C GLU A 248 38.41 23.46 14.78
N PHE A 249 38.81 22.68 15.81
CA PHE A 249 39.37 21.30 15.62
C PHE A 249 38.25 20.37 15.20
N TYR A 250 37.05 20.57 15.78
CA TYR A 250 35.81 19.89 15.37
C TYR A 250 35.63 19.99 13.85
N LYS A 251 35.79 21.21 13.34
CA LYS A 251 35.51 21.54 11.94
C LYS A 251 36.51 20.82 11.01
N HIS A 252 37.75 20.70 11.49
CA HIS A 252 38.81 19.91 10.83
C HIS A 252 38.43 18.40 10.80
N ILE A 253 38.27 17.79 11.98
CA ILE A 253 38.18 16.32 12.14
C ILE A 253 36.89 15.72 11.57
N ALA A 254 35.84 16.55 11.49
CA ALA A 254 34.49 16.13 11.10
C ALA A 254 34.19 16.43 9.62
N HIS A 255 35.16 17.12 8.92
CA HIS A 255 34.93 17.66 7.55
C HIS A 255 33.76 18.68 7.56
N ASP A 256 33.65 19.40 8.67
CA ASP A 256 32.56 20.35 8.95
C ASP A 256 33.15 21.78 8.92
N PHE A 257 32.35 22.81 9.31
CA PHE A 257 32.87 24.20 9.45
C PHE A 257 32.03 25.05 10.42
N ASN A 258 31.03 24.43 11.05
CA ASN A 258 30.18 25.06 12.07
C ASN A 258 30.82 24.83 13.45
N ASP A 259 30.59 25.77 14.38
CA ASP A 259 31.07 25.61 15.78
C ASP A 259 30.21 24.58 16.52
N PRO A 260 30.82 23.73 17.41
CA PRO A 260 30.07 22.75 18.23
C PRO A 260 29.41 23.41 19.47
N LEU A 261 28.36 22.75 19.98
CA LEU A 261 27.65 23.17 21.20
C LEU A 261 28.56 23.01 22.43
N THR A 262 29.28 21.87 22.49
CA THR A 262 30.24 21.52 23.56
C THR A 262 31.17 20.37 23.07
N TRP A 263 32.15 19.99 23.92
CA TRP A 263 33.11 18.90 23.62
C TRP A 263 33.42 18.07 24.90
N SER A 264 34.23 17.00 24.74
CA SER A 264 34.62 16.11 25.85
C SER A 264 36.04 15.53 25.60
N HIS A 265 37.07 16.17 26.18
CA HIS A 265 38.47 15.75 26.04
C HIS A 265 38.89 14.99 27.31
N ASN A 266 39.11 13.67 27.18
CA ASN A 266 39.54 12.79 28.29
C ASN A 266 40.56 11.76 27.76
N ARG A 267 41.66 11.52 28.49
CA ARG A 267 42.64 10.48 28.14
C ARG A 267 42.62 9.35 29.18
N VAL A 268 42.75 8.12 28.69
CA VAL A 268 42.74 6.90 29.50
C VAL A 268 44.11 6.23 29.39
N GLU A 269 44.70 5.85 30.52
CA GLU A 269 46.08 5.31 30.58
C GLU A 269 46.11 4.00 31.41
N GLY A 270 47.30 3.41 31.51
CA GLY A 270 47.52 2.14 32.19
C GLY A 270 47.71 1.01 31.19
N LYS A 271 46.76 0.06 31.19
CA LYS A 271 46.78 -1.08 30.25
C LYS A 271 46.19 -0.65 28.90
N GLN A 272 44.89 -0.31 28.87
CA GLN A 272 44.23 0.17 27.64
C GLN A 272 44.38 1.70 27.53
N GLU A 273 45.55 2.13 27.00
CA GLU A 273 45.87 3.54 26.82
C GLU A 273 45.29 4.02 25.47
N TYR A 274 44.40 5.01 25.56
CA TYR A 274 43.82 5.68 24.38
C TYR A 274 43.29 7.07 24.78
N THR A 275 43.33 8.02 23.84
CA THR A 275 42.89 9.40 24.05
C THR A 275 41.58 9.65 23.31
N SER A 276 40.52 10.00 24.02
CA SER A 276 39.21 10.30 23.41
C SER A 276 38.96 11.82 23.42
N LEU A 277 38.31 12.32 22.36
CA LEU A 277 37.94 13.73 22.21
C LEU A 277 36.68 13.81 21.34
N LEU A 278 35.53 13.95 22.02
CA LEU A 278 34.20 13.98 21.39
C LEU A 278 33.74 15.43 21.19
N TYR A 279 32.76 15.62 20.29
CA TYR A 279 32.17 16.93 19.96
C TYR A 279 30.66 16.75 19.68
N ILE A 280 29.86 17.76 20.07
CA ILE A 280 28.41 17.80 19.82
C ILE A 280 28.12 18.86 18.74
N PRO A 281 27.60 18.47 17.52
CA PRO A 281 27.27 19.43 16.43
C PRO A 281 26.07 20.35 16.78
N SER A 282 26.10 21.59 16.25
CA SER A 282 25.00 22.57 16.43
C SER A 282 23.87 22.33 15.42
N GLN A 283 24.23 21.76 14.26
CA GLN A 283 23.30 21.55 13.14
C GLN A 283 23.35 20.09 12.68
N ALA A 284 22.21 19.60 12.19
CA ALA A 284 22.12 18.25 11.61
C ALA A 284 22.89 18.20 10.29
N PRO A 285 23.81 17.19 10.11
CA PRO A 285 24.49 16.96 8.81
C PRO A 285 23.47 16.61 7.71
N TRP A 286 23.86 16.80 6.44
CA TRP A 286 23.00 16.48 5.28
C TRP A 286 22.68 14.96 5.30
N ASP A 287 23.72 14.17 5.63
CA ASP A 287 23.66 12.69 5.61
C ASP A 287 23.11 12.12 6.94
N MET A 288 22.42 12.96 7.73
CA MET A 288 21.80 12.52 9.00
C MET A 288 20.65 11.52 8.73
N TRP A 289 20.02 11.66 7.55
CA TRP A 289 18.88 10.80 7.12
C TRP A 289 19.18 10.11 5.78
N ASN A 290 20.45 10.17 5.35
CA ASN A 290 20.92 9.52 4.12
C ASN A 290 21.61 8.19 4.49
N ARG A 291 21.77 7.30 3.48
CA ARG A 291 22.41 5.99 3.64
C ARG A 291 23.96 6.11 3.77
N ASP A 292 24.50 7.33 3.57
CA ASP A 292 25.93 7.62 3.78
C ASP A 292 26.19 7.98 5.27
N HIS A 293 27.47 7.85 5.67
CA HIS A 293 27.92 8.09 7.05
C HIS A 293 28.27 9.58 7.29
N LYS A 294 27.94 10.07 8.49
CA LYS A 294 28.55 11.30 9.08
C LYS A 294 28.92 11.06 10.54
N HIS A 295 28.33 10.04 11.15
CA HIS A 295 28.72 9.60 12.49
C HIS A 295 30.08 8.90 12.46
N GLY A 296 30.90 9.20 13.47
CA GLY A 296 32.17 8.52 13.64
C GLY A 296 33.28 9.43 14.11
N LEU A 297 34.42 8.80 14.40
CA LEU A 297 35.59 9.46 14.99
C LEU A 297 36.79 9.30 14.04
N LYS A 298 37.70 10.30 14.00
CA LYS A 298 39.01 10.12 13.36
C LYS A 298 39.85 9.13 14.18
N LEU A 299 39.88 7.86 13.73
CA LEU A 299 40.69 6.83 14.36
C LEU A 299 42.17 7.04 14.01
N TYR A 300 42.93 7.38 15.04
CA TYR A 300 44.38 7.33 15.07
C TYR A 300 44.80 6.14 15.94
N VAL A 301 45.98 5.58 15.68
CA VAL A 301 46.60 4.53 16.49
C VAL A 301 48.09 4.87 16.63
N GLN A 302 48.50 5.25 17.87
CA GLN A 302 49.89 5.61 18.21
C GLN A 302 50.38 6.80 17.36
N ARG A 303 49.44 7.73 17.10
CA ARG A 303 49.62 8.98 16.35
C ARG A 303 49.80 8.72 14.83
N VAL A 304 49.34 7.54 14.36
CA VAL A 304 49.27 7.19 12.93
C VAL A 304 47.81 6.94 12.53
N PHE A 305 47.33 7.70 11.53
CA PHE A 305 45.91 7.67 11.08
C PHE A 305 45.51 6.28 10.52
N ILE A 306 44.23 5.92 10.73
CA ILE A 306 43.64 4.67 10.23
C ILE A 306 42.42 5.02 9.33
N MET A 307 41.40 5.68 9.91
CA MET A 307 40.16 6.03 9.15
C MET A 307 39.34 7.10 9.88
N ASP A 308 38.94 8.14 9.14
CA ASP A 308 38.07 9.23 9.63
C ASP A 308 36.61 8.83 9.45
N ASP A 309 35.72 9.46 10.25
CA ASP A 309 34.27 9.21 10.25
C ASP A 309 34.00 7.71 10.59
N ALA A 310 34.91 7.14 11.42
CA ALA A 310 34.88 5.72 11.82
C ALA A 310 33.78 5.48 12.87
N GLU A 311 32.61 5.03 12.36
CA GLU A 311 31.39 4.82 13.15
C GLU A 311 31.44 3.57 14.06
N GLN A 312 32.60 2.90 14.10
CA GLN A 312 32.81 1.69 14.91
C GLN A 312 33.01 2.00 16.41
N PHE A 313 33.14 3.30 16.74
CA PHE A 313 33.29 3.76 18.15
C PHE A 313 31.97 4.29 18.72
N MET A 314 30.93 4.41 17.86
CA MET A 314 29.58 4.86 18.27
C MET A 314 28.51 3.99 17.57
N PRO A 315 27.57 3.32 18.32
CA PRO A 315 26.43 2.61 17.70
C PRO A 315 25.55 3.56 16.85
N ASN A 316 24.67 2.98 16.03
CA ASN A 316 23.89 3.72 15.01
C ASN A 316 22.92 4.75 15.65
N TYR A 317 22.59 4.54 16.93
CA TYR A 317 21.62 5.38 17.69
C TYR A 317 22.29 6.67 18.16
N LEU A 318 23.63 6.69 18.10
CA LEU A 318 24.44 7.85 18.38
C LEU A 318 25.02 8.39 17.06
N ARG A 319 24.17 8.44 15.98
CA ARG A 319 24.62 8.86 14.64
C ARG A 319 24.78 10.39 14.52
N PHE A 320 24.66 11.08 15.66
CA PHE A 320 24.92 12.53 15.78
C PHE A 320 26.36 12.83 16.26
N VAL A 321 27.01 11.84 16.90
CA VAL A 321 28.32 12.06 17.57
C VAL A 321 29.46 12.23 16.55
N ARG A 322 30.23 13.29 16.76
CA ARG A 322 31.46 13.59 16.02
C ARG A 322 32.64 13.59 17.00
N GLY A 323 33.87 13.61 16.46
CA GLY A 323 35.07 13.68 17.28
C GLY A 323 36.20 12.84 16.72
N LEU A 324 37.02 12.29 17.62
CA LEU A 324 38.17 11.45 17.28
C LEU A 324 38.66 10.69 18.51
N ILE A 325 39.57 9.73 18.26
CA ILE A 325 40.17 8.90 19.30
C ILE A 325 41.50 8.32 18.78
N ASP A 326 42.56 8.41 19.61
CA ASP A 326 43.89 7.83 19.34
C ASP A 326 44.10 6.62 20.23
N SER A 327 44.14 5.43 19.65
CA SER A 327 44.42 4.22 20.39
C SER A 327 45.94 4.03 20.46
N SER A 328 46.49 4.15 21.68
CA SER A 328 47.95 4.08 21.90
C SER A 328 48.36 2.65 22.32
N ASP A 329 47.35 1.86 22.72
CA ASP A 329 47.48 0.46 23.16
C ASP A 329 47.08 -0.52 22.04
N LEU A 330 45.96 -0.21 21.37
CA LEU A 330 45.36 -1.09 20.32
C LEU A 330 46.33 -1.23 19.14
N PRO A 331 46.35 -2.40 18.42
CA PRO A 331 47.32 -2.67 17.32
C PRO A 331 47.14 -1.72 16.13
N LEU A 332 48.25 -1.45 15.42
CA LEU A 332 48.25 -0.58 14.22
C LEU A 332 47.60 -1.30 13.01
N ASN A 333 47.52 -2.64 13.10
CA ASN A 333 46.85 -3.50 12.08
C ASN A 333 45.33 -3.63 12.35
N VAL A 334 44.79 -2.75 13.22
CA VAL A 334 43.36 -2.70 13.56
C VAL A 334 42.50 -2.41 12.31
N SER A 335 41.35 -3.08 12.22
CA SER A 335 40.38 -2.95 11.11
C SER A 335 38.99 -2.65 11.67
N ARG A 336 38.03 -2.43 10.76
CA ARG A 336 36.60 -2.26 11.08
C ARG A 336 36.07 -3.44 11.94
N GLU A 337 36.57 -4.65 11.61
CA GLU A 337 36.20 -5.91 12.28
C GLU A 337 36.77 -5.97 13.69
N ILE A 338 38.06 -5.60 13.84
CA ILE A 338 38.76 -5.57 15.15
C ILE A 338 38.10 -4.53 16.08
N LEU A 339 37.62 -3.43 15.49
CA LEU A 339 36.93 -2.37 16.24
C LEU A 339 35.60 -2.86 16.83
N GLN A 340 34.88 -3.69 16.06
CA GLN A 340 33.58 -4.25 16.48
C GLN A 340 33.77 -5.36 17.52
N ASP A 341 34.79 -6.20 17.30
CA ASP A 341 35.03 -7.43 18.08
C ASP A 341 35.74 -7.16 19.43
N SER A 342 36.89 -6.46 19.36
CA SER A 342 37.85 -6.33 20.49
C SER A 342 37.21 -5.77 21.77
N THR A 343 37.65 -6.32 22.92
CA THR A 343 37.11 -5.97 24.23
C THR A 343 37.55 -4.55 24.62
N VAL A 344 38.83 -4.22 24.41
CA VAL A 344 39.38 -2.88 24.77
C VAL A 344 38.68 -1.75 23.99
N THR A 345 38.32 -2.03 22.72
CA THR A 345 37.55 -1.11 21.87
C THR A 345 36.07 -1.05 22.31
N ARG A 346 35.58 -2.17 22.86
CA ARG A 346 34.17 -2.29 23.32
C ARG A 346 33.99 -1.54 24.65
N ASN A 347 35.04 -1.56 25.49
CA ASN A 347 35.08 -0.86 26.79
C ASN A 347 35.08 0.63 26.53
N LEU A 348 35.94 1.03 25.58
CA LEU A 348 36.04 2.40 25.07
C LEU A 348 34.70 2.89 24.50
N ARG A 349 34.11 2.08 23.61
CA ARG A 349 32.89 2.44 22.88
C ARG A 349 31.72 2.68 23.85
N ASN A 350 31.62 1.82 24.88
CA ASN A 350 30.62 1.98 25.97
C ASN A 350 30.93 3.22 26.81
N ALA A 351 32.22 3.42 27.14
CA ALA A 351 32.70 4.56 27.95
C ALA A 351 32.50 5.90 27.22
N LEU A 352 32.40 5.85 25.88
CA LEU A 352 32.04 6.99 25.03
C LEU A 352 30.51 7.15 24.92
N THR A 353 29.79 6.01 24.86
CA THR A 353 28.32 6.00 24.68
C THR A 353 27.63 6.71 25.87
N LYS A 354 27.88 6.20 27.09
CA LYS A 354 27.41 6.84 28.34
C LYS A 354 27.92 8.29 28.44
N ARG A 355 29.17 8.53 27.96
CA ARG A 355 29.84 9.84 28.07
C ARG A 355 29.05 10.91 27.34
N VAL A 356 28.59 10.55 26.13
CA VAL A 356 27.79 11.45 25.30
C VAL A 356 26.47 11.74 26.01
N LEU A 357 25.79 10.69 26.47
CA LEU A 357 24.45 10.80 27.10
C LEU A 357 24.47 11.64 28.41
N GLN A 358 25.59 11.61 29.16
CA GLN A 358 25.79 12.51 30.33
C GLN A 358 26.11 13.94 29.87
N MET A 359 26.91 14.06 28.79
CA MET A 359 27.30 15.36 28.20
C MET A 359 26.08 16.07 27.57
N LEU A 360 25.03 15.29 27.22
CA LEU A 360 23.76 15.82 26.69
C LEU A 360 22.92 16.46 27.81
N GLU A 361 22.81 15.78 28.98
CA GLU A 361 22.11 16.34 30.15
C GLU A 361 22.87 17.55 30.71
N LYS A 362 24.21 17.46 30.64
CA LYS A 362 25.10 18.56 31.02
C LYS A 362 24.85 19.78 30.12
N LEU A 363 24.74 19.51 28.81
CA LEU A 363 24.41 20.53 27.80
C LEU A 363 23.03 21.15 28.11
N ALA A 364 22.11 20.35 28.66
CA ALA A 364 20.76 20.81 29.08
C ALA A 364 20.83 21.76 30.28
N LYS A 365 21.82 21.56 31.16
CA LYS A 365 21.98 22.35 32.40
C LYS A 365 22.63 23.70 32.11
N ASP A 366 23.82 23.65 31.52
CA ASP A 366 24.62 24.82 31.17
C ASP A 366 23.94 25.65 30.07
N ASP A 367 23.60 24.98 28.96
CA ASP A 367 23.09 25.65 27.75
C ASP A 367 21.74 25.03 27.33
N ALA A 368 20.69 25.33 28.10
CA ALA A 368 19.32 24.78 27.86
C ALA A 368 18.84 25.05 26.41
N GLU A 369 19.27 26.20 25.85
CA GLU A 369 18.98 26.58 24.47
C GLU A 369 19.66 25.63 23.47
N LYS A 370 20.97 25.39 23.68
CA LYS A 370 21.77 24.53 22.76
C LYS A 370 21.25 23.10 22.73
N TYR A 371 20.78 22.61 23.90
CA TYR A 371 20.20 21.26 24.00
C TYR A 371 18.82 21.20 23.32
N GLN A 372 18.05 22.29 23.41
CA GLN A 372 16.74 22.39 22.73
C GLN A 372 16.92 22.31 21.20
N THR A 373 17.94 23.05 20.72
CA THR A 373 18.35 23.06 19.31
C THR A 373 18.86 21.66 18.89
N PHE A 374 19.62 21.02 19.80
CA PHE A 374 20.16 19.66 19.63
C PHE A 374 19.02 18.66 19.32
N TRP A 375 17.95 18.68 20.13
CA TRP A 375 16.84 17.73 19.98
C TRP A 375 16.09 17.97 18.65
N GLN A 376 15.98 19.24 18.23
CA GLN A 376 15.30 19.59 16.96
C GLN A 376 16.07 19.06 15.73
N GLN A 377 17.41 18.87 15.90
CA GLN A 377 18.30 18.40 14.81
C GLN A 377 18.56 16.86 14.88
N PHE A 378 18.62 16.28 16.10
CA PHE A 378 19.16 14.91 16.33
C PHE A 378 18.21 14.03 17.20
N GLY A 379 17.09 14.61 17.65
CA GLY A 379 16.26 13.99 18.69
C GLY A 379 15.53 12.73 18.28
N LEU A 380 15.12 12.70 17.00
CA LEU A 380 14.40 11.54 16.41
C LEU A 380 15.29 10.27 16.51
N VAL A 381 16.61 10.50 16.46
CA VAL A 381 17.63 9.44 16.57
C VAL A 381 17.83 9.01 18.04
N LEU A 382 17.81 10.00 18.95
CA LEU A 382 17.98 9.76 20.41
C LEU A 382 16.77 8.94 20.96
N LYS A 383 15.63 9.00 20.24
CA LYS A 383 14.42 8.21 20.57
C LYS A 383 14.64 6.68 20.44
N GLU A 384 15.65 6.24 19.67
CA GLU A 384 16.06 4.82 19.63
C GLU A 384 16.68 4.39 20.98
N GLY A 385 17.18 5.41 21.73
CA GLY A 385 17.77 5.26 23.05
C GLY A 385 16.97 4.42 24.07
N PRO A 386 15.77 4.88 24.54
CA PRO A 386 14.96 4.16 25.58
C PRO A 386 14.29 2.90 25.01
N ALA A 387 14.30 2.79 23.66
CA ALA A 387 13.74 1.66 22.93
C ALA A 387 14.76 0.51 22.87
N GLU A 388 16.05 0.86 22.87
CA GLU A 388 17.14 -0.11 22.90
C GLU A 388 17.44 -0.47 24.37
N ASP A 389 17.95 0.51 25.14
CA ASP A 389 18.19 0.33 26.59
C ASP A 389 16.88 0.60 27.35
N PHE A 390 16.14 -0.48 27.64
CA PHE A 390 14.88 -0.44 28.40
C PHE A 390 15.16 -0.42 29.92
N ALA A 391 16.31 -1.00 30.33
CA ALA A 391 16.70 -1.11 31.75
C ALA A 391 16.93 0.28 32.39
N ASN A 392 17.50 1.20 31.60
CA ASN A 392 17.78 2.59 32.03
C ASN A 392 16.85 3.58 31.30
N GLN A 393 15.68 3.07 30.85
CA GLN A 393 14.69 3.84 30.04
C GLN A 393 14.38 5.23 30.65
N GLU A 394 14.26 5.27 31.98
CA GLU A 394 13.93 6.50 32.74
C GLU A 394 15.01 7.60 32.55
N ALA A 395 16.29 7.20 32.71
CA ALA A 395 17.45 8.10 32.61
C ALA A 395 17.55 8.71 31.19
N ILE A 396 17.10 7.94 30.20
CA ILE A 396 17.05 8.36 28.80
C ILE A 396 15.75 9.16 28.51
N ALA A 397 14.66 8.84 29.23
CA ALA A 397 13.34 9.51 29.09
C ALA A 397 13.41 10.95 29.65
N LYS A 398 14.40 11.17 30.53
CA LYS A 398 14.84 12.49 31.00
C LYS A 398 15.30 13.38 29.82
N LEU A 399 15.89 12.73 28.80
CA LEU A 399 16.35 13.38 27.56
C LEU A 399 15.19 13.53 26.53
N LEU A 400 14.24 12.57 26.55
CA LEU A 400 13.07 12.51 25.61
C LEU A 400 12.16 13.78 25.61
N ARG A 401 11.95 14.33 24.39
CA ARG A 401 11.04 15.48 24.11
C ARG A 401 10.03 15.07 23.00
N PHE A 402 8.75 15.44 23.16
CA PHE A 402 7.67 15.18 22.17
C PHE A 402 6.97 16.49 21.78
N ALA A 403 6.28 16.46 20.62
CA ALA A 403 5.45 17.60 20.16
C ALA A 403 4.07 17.53 20.82
N SER A 404 3.34 18.66 20.80
CA SER A 404 2.12 18.80 21.62
C SER A 404 1.17 19.89 21.06
N THR A 405 -0.07 19.91 21.60
CA THR A 405 -1.06 20.97 21.36
C THR A 405 -0.70 22.25 22.16
N HIS A 406 0.25 22.10 23.13
CA HIS A 406 0.82 23.23 23.89
C HIS A 406 1.43 24.30 22.96
N THR A 407 1.94 23.86 21.80
CA THR A 407 2.52 24.75 20.79
C THR A 407 1.98 24.41 19.40
N ASP A 408 2.03 25.39 18.47
CA ASP A 408 1.66 25.18 17.05
C ASP A 408 2.93 24.92 16.20
N SER A 409 4.11 24.94 16.85
CA SER A 409 5.40 24.68 16.19
C SER A 409 5.63 23.16 16.09
N SER A 410 6.43 22.75 15.08
CA SER A 410 6.85 21.35 14.87
C SER A 410 8.06 20.99 15.76
N ALA A 411 8.59 21.99 16.50
CA ALA A 411 9.71 21.81 17.44
C ALA A 411 9.26 21.02 18.69
N GLN A 412 9.88 19.84 18.88
CA GLN A 412 9.67 19.03 20.09
C GLN A 412 10.35 19.72 21.29
N THR A 413 9.63 20.68 21.88
CA THR A 413 10.11 21.49 23.03
C THR A 413 9.59 20.92 24.36
N VAL A 414 8.39 20.32 24.31
CA VAL A 414 7.75 19.70 25.49
C VAL A 414 8.47 18.41 25.85
N SER A 415 8.98 18.33 27.09
CA SER A 415 9.55 17.09 27.65
C SER A 415 8.42 16.23 28.23
N LEU A 416 8.77 14.99 28.61
CA LEU A 416 7.85 14.12 29.36
C LEU A 416 7.57 14.73 30.75
N GLU A 417 8.58 15.45 31.28
CA GLU A 417 8.48 16.18 32.57
C GLU A 417 7.61 17.44 32.42
N ASP A 418 7.60 18.04 31.22
CA ASP A 418 6.78 19.24 30.90
C ASP A 418 5.32 18.85 30.76
N TYR A 419 5.07 17.59 30.34
CA TYR A 419 3.73 16.99 30.37
C TYR A 419 3.29 16.80 31.85
N VAL A 420 4.16 16.10 32.64
CA VAL A 420 3.89 15.79 34.07
C VAL A 420 3.68 17.07 34.90
N SER A 421 4.39 18.15 34.54
CA SER A 421 4.31 19.42 35.25
C SER A 421 3.07 20.22 34.81
N ARG A 422 2.64 20.07 33.54
CA ARG A 422 1.42 20.74 33.02
C ARG A 422 0.16 19.90 33.28
N MET A 423 0.35 18.66 33.81
CA MET A 423 -0.74 17.72 34.13
C MET A 423 -1.85 18.38 34.98
N LYS A 424 -3.06 18.35 34.43
CA LYS A 424 -4.27 18.87 35.06
C LYS A 424 -4.80 17.88 36.11
N GLU A 425 -5.84 18.29 36.84
CA GLU A 425 -6.54 17.44 37.84
C GLU A 425 -7.03 16.13 37.19
N GLY A 426 -6.58 14.98 37.76
CA GLY A 426 -6.97 13.66 37.25
C GLY A 426 -6.11 13.17 36.07
N GLN A 427 -5.43 14.11 35.38
CA GLN A 427 -4.50 13.79 34.29
C GLN A 427 -3.18 13.29 34.90
N GLU A 428 -3.11 11.98 35.21
CA GLU A 428 -1.89 11.33 35.74
C GLU A 428 -1.29 10.38 34.70
N LYS A 429 -2.06 10.09 33.65
CA LYS A 429 -1.63 9.21 32.55
C LYS A 429 -1.16 10.09 31.37
N ILE A 430 -0.21 9.59 30.58
CA ILE A 430 0.35 10.33 29.44
C ILE A 430 -0.56 10.15 28.21
N TYR A 431 -1.37 11.16 27.90
CA TYR A 431 -2.34 11.12 26.77
C TYR A 431 -1.71 11.69 25.48
N TYR A 432 -1.96 11.00 24.35
CA TYR A 432 -1.19 11.17 23.09
C TYR A 432 -1.94 10.58 21.87
N ILE A 433 -1.53 10.97 20.63
CA ILE A 433 -2.10 10.38 19.39
C ILE A 433 -1.03 10.33 18.26
N THR A 434 -1.03 9.23 17.50
CA THR A 434 -0.05 8.95 16.45
C THR A 434 -0.49 9.49 15.07
N ALA A 435 0.51 9.78 14.21
CA ALA A 435 0.30 10.10 12.79
C ALA A 435 1.58 9.80 11.99
N ASP A 436 1.43 9.52 10.68
CA ASP A 436 2.56 9.24 9.78
C ASP A 436 3.20 10.54 9.29
N SER A 437 2.44 11.64 9.34
CA SER A 437 2.95 12.99 9.03
C SER A 437 2.39 13.99 10.05
N TYR A 438 3.22 15.00 10.40
CA TYR A 438 2.82 16.10 11.31
C TYR A 438 1.68 16.91 10.65
N ALA A 439 1.73 16.97 9.31
CA ALA A 439 0.73 17.63 8.47
C ALA A 439 -0.68 17.02 8.65
N ALA A 440 -0.75 15.67 8.67
CA ALA A 440 -2.01 14.92 8.88
C ALA A 440 -2.56 15.15 10.29
N ALA A 441 -1.66 15.08 11.29
CA ALA A 441 -2.00 15.30 12.71
C ALA A 441 -2.55 16.71 12.95
N LYS A 442 -1.89 17.68 12.29
CA LYS A 442 -2.22 19.11 12.44
C LYS A 442 -3.44 19.49 11.59
N SER A 443 -3.74 18.66 10.57
CA SER A 443 -4.86 18.90 9.64
C SER A 443 -6.22 18.80 10.35
N SER A 444 -6.26 18.01 11.44
CA SER A 444 -7.47 17.84 12.26
C SER A 444 -7.82 19.17 12.98
N PRO A 445 -9.01 19.79 12.66
CA PRO A 445 -9.44 21.07 13.28
C PRO A 445 -9.61 21.00 14.82
N HIS A 446 -10.01 19.80 15.30
CA HIS A 446 -10.40 19.56 16.72
C HIS A 446 -9.30 19.91 17.73
N LEU A 447 -8.03 19.96 17.26
CA LEU A 447 -6.87 20.37 18.09
C LEU A 447 -7.15 21.69 18.82
N GLU A 448 -7.68 22.68 18.07
CA GLU A 448 -7.93 24.05 18.57
C GLU A 448 -9.04 24.10 19.64
N LEU A 449 -9.95 23.10 19.64
CA LEU A 449 -11.07 23.07 20.62
C LEU A 449 -10.50 22.75 22.02
N LEU A 450 -9.68 21.69 22.06
CA LEU A 450 -9.08 21.18 23.30
C LEU A 450 -7.89 22.06 23.75
N ARG A 451 -7.16 22.61 22.76
CA ARG A 451 -6.02 23.52 22.98
C ARG A 451 -6.50 24.85 23.61
N LYS A 452 -7.67 25.34 23.13
CA LYS A 452 -8.28 26.58 23.66
C LYS A 452 -8.80 26.37 25.10
N LYS A 453 -9.25 25.14 25.39
CA LYS A 453 -9.70 24.76 26.75
C LYS A 453 -8.48 24.69 27.72
N GLY A 454 -7.29 24.43 27.15
CA GLY A 454 -6.04 24.43 27.92
C GLY A 454 -5.64 23.04 28.41
N ILE A 455 -6.13 21.99 27.71
CA ILE A 455 -5.76 20.59 28.01
C ILE A 455 -4.63 20.17 27.02
N GLU A 456 -3.71 19.29 27.45
CA GLU A 456 -2.49 18.97 26.67
C GLU A 456 -2.54 17.53 26.10
N VAL A 457 -2.29 17.45 24.78
CA VAL A 457 -2.16 16.19 24.04
C VAL A 457 -0.76 16.15 23.41
N LEU A 458 -0.01 15.05 23.58
CA LEU A 458 1.27 14.86 22.88
C LEU A 458 1.03 14.34 21.44
N LEU A 459 1.27 15.23 20.46
CA LEU A 459 1.12 14.90 19.03
C LEU A 459 2.42 14.26 18.52
N LEU A 460 2.55 12.94 18.70
CA LEU A 460 3.77 12.18 18.30
C LEU A 460 3.57 11.63 16.87
N SER A 461 3.94 12.48 15.89
CA SER A 461 3.86 12.18 14.45
C SER A 461 5.25 11.81 13.88
N ASP A 462 6.14 11.35 14.79
CA ASP A 462 7.53 11.01 14.47
C ASP A 462 7.56 9.61 13.81
N ARG A 463 8.58 9.35 12.99
CA ARG A 463 8.69 8.12 12.19
C ARG A 463 9.27 6.95 13.00
N ILE A 464 10.00 7.27 14.08
CA ILE A 464 10.63 6.26 14.96
C ILE A 464 9.70 5.89 16.14
N ASP A 465 8.81 6.83 16.54
CA ASP A 465 8.02 6.74 17.79
C ASP A 465 7.14 5.49 17.88
N GLU A 466 6.69 4.98 16.72
CA GLU A 466 5.91 3.73 16.64
C GLU A 466 6.66 2.55 17.27
N TRP A 467 7.97 2.49 17.00
CA TRP A 467 8.86 1.44 17.52
C TRP A 467 9.35 1.80 18.96
N MET A 468 9.55 3.10 19.23
CA MET A 468 10.07 3.60 20.52
C MET A 468 9.11 3.23 21.66
N MET A 469 7.82 3.49 21.41
CA MET A 469 6.71 3.22 22.35
C MET A 469 6.39 1.72 22.51
N ASN A 470 7.02 0.86 21.69
CA ASN A 470 6.88 -0.61 21.83
C ASN A 470 7.51 -1.05 23.18
N TYR A 471 8.49 -0.24 23.64
CA TYR A 471 9.20 -0.45 24.92
C TYR A 471 8.73 0.58 25.97
N LEU A 472 8.68 1.87 25.58
CA LEU A 472 8.31 2.98 26.49
C LEU A 472 6.78 3.01 26.65
N THR A 473 6.27 2.16 27.55
CA THR A 473 4.83 2.05 27.84
C THR A 473 4.43 3.04 28.97
N GLU A 474 5.41 3.42 29.83
CA GLU A 474 5.19 4.40 30.91
C GLU A 474 6.49 5.16 31.24
N PHE A 475 6.33 6.32 31.91
CA PHE A 475 7.42 7.18 32.37
C PHE A 475 7.13 7.65 33.80
N ASP A 476 8.03 7.29 34.76
CA ASP A 476 8.05 7.85 36.15
C ASP A 476 6.84 7.36 37.00
N GLY A 477 6.23 6.24 36.58
CA GLY A 477 5.00 5.75 37.21
C GLY A 477 3.74 6.28 36.54
N LYS A 478 3.93 7.10 35.49
CA LYS A 478 2.84 7.71 34.71
C LYS A 478 2.64 6.89 33.41
N PRO A 479 1.57 6.03 33.34
CA PRO A 479 1.32 5.14 32.19
C PRO A 479 0.64 5.87 31.03
N PHE A 480 1.05 5.54 29.81
CA PHE A 480 0.48 6.14 28.58
C PHE A 480 -0.95 5.61 28.33
N GLN A 481 -1.81 6.43 27.69
CA GLN A 481 -3.23 6.08 27.44
C GLN A 481 -3.70 6.76 26.13
N SER A 482 -4.18 5.94 25.18
CA SER A 482 -4.62 6.40 23.85
C SER A 482 -6.11 6.82 23.85
N VAL A 483 -6.51 7.54 22.78
CA VAL A 483 -7.93 7.85 22.51
C VAL A 483 -8.66 6.65 21.85
N SER A 484 -7.97 5.49 21.72
CA SER A 484 -8.54 4.27 21.08
C SER A 484 -9.83 3.76 21.80
N LYS A 485 -10.06 4.27 23.04
CA LYS A 485 -11.26 3.97 23.85
C LYS A 485 -12.31 5.09 23.63
N VAL A 486 -13.55 4.81 24.06
CA VAL A 486 -14.66 5.80 23.98
C VAL A 486 -14.90 6.43 25.36
N ASP A 487 -15.38 7.67 25.35
CA ASP A 487 -15.67 8.46 26.57
C ASP A 487 -16.46 9.71 26.16
N GLU A 488 -15.75 10.85 25.96
CA GLU A 488 -16.37 12.11 25.51
C GLU A 488 -16.31 12.21 23.97
N SER A 489 -16.16 11.04 23.32
CA SER A 489 -16.41 10.86 21.88
C SER A 489 -17.92 11.10 21.57
N LEU A 490 -18.74 11.18 22.64
CA LEU A 490 -20.10 11.76 22.62
C LEU A 490 -20.05 13.31 22.43
N GLU A 491 -19.39 13.77 21.34
CA GLU A 491 -19.11 15.21 21.05
C GLU A 491 -20.36 16.12 21.16
N LYS A 492 -21.55 15.51 21.06
CA LYS A 492 -22.87 16.15 21.27
C LYS A 492 -22.88 17.06 22.52
N LEU A 493 -22.23 16.58 23.61
CA LEU A 493 -22.20 17.27 24.94
C LEU A 493 -21.70 18.74 24.83
N ALA A 494 -20.93 19.03 23.77
CA ALA A 494 -20.38 20.38 23.50
C ALA A 494 -21.42 21.30 22.78
N ASP A 495 -22.73 21.21 23.17
CA ASP A 495 -23.83 22.05 22.61
C ASP A 495 -23.70 23.56 22.95
N GLU A 496 -22.62 23.94 23.65
CA GLU A 496 -22.19 25.34 23.77
C GLU A 496 -21.57 25.81 22.43
N VAL A 497 -22.38 25.78 21.37
CA VAL A 497 -21.92 25.94 20.00
C VAL A 497 -22.11 27.37 19.50
N ASP A 498 -21.26 28.29 20.03
CA ASP A 498 -21.25 29.73 19.66
C ASP A 498 -22.60 30.41 20.08
N GLU A 499 -22.75 31.70 19.75
CA GLU A 499 -24.04 32.40 19.85
C GLU A 499 -25.05 31.92 18.77
N SER A 500 -24.60 31.02 17.85
CA SER A 500 -25.46 30.37 16.84
C SER A 500 -26.53 29.48 17.51
N ALA A 501 -27.66 30.10 17.85
CA ALA A 501 -28.76 29.46 18.57
C ALA A 501 -29.95 29.19 17.62
N LYS A 502 -31.15 29.06 18.21
CA LYS A 502 -32.39 28.69 17.49
C LYS A 502 -32.76 29.72 16.40
N GLU A 503 -32.26 30.95 16.55
CA GLU A 503 -32.48 32.05 15.59
C GLU A 503 -31.78 31.73 14.27
N ALA A 504 -30.58 31.13 14.37
CA ALA A 504 -29.86 30.58 13.22
C ALA A 504 -30.68 29.43 12.60
N GLU A 505 -31.05 28.44 13.47
CA GLU A 505 -31.84 27.23 13.07
C GLU A 505 -33.09 27.58 12.26
N LYS A 506 -33.71 28.72 12.62
CA LYS A 506 -34.90 29.25 11.96
C LYS A 506 -34.64 29.51 10.45
N ALA A 507 -33.52 30.19 10.18
CA ALA A 507 -33.11 30.54 8.80
C ALA A 507 -32.42 29.36 8.09
N LEU A 508 -31.99 28.36 8.88
CA LEU A 508 -31.26 27.18 8.38
C LEU A 508 -32.20 26.08 7.87
N THR A 509 -33.42 25.94 8.44
CA THR A 509 -34.39 24.91 8.02
C THR A 509 -34.90 25.10 6.55
N PRO A 510 -35.27 26.34 6.07
CA PRO A 510 -35.56 26.56 4.62
C PRO A 510 -34.30 26.36 3.75
N PHE A 511 -33.11 26.65 4.34
CA PHE A 511 -31.80 26.37 3.69
C PHE A 511 -31.62 24.86 3.47
N ILE A 512 -32.03 24.03 4.47
CA ILE A 512 -31.97 22.54 4.37
C ILE A 512 -32.79 22.07 3.16
N ASP A 513 -34.01 22.64 3.03
CA ASP A 513 -34.97 22.30 1.96
C ASP A 513 -34.36 22.52 0.57
N ARG A 514 -33.66 23.65 0.43
CA ARG A 514 -32.96 24.04 -0.81
C ARG A 514 -31.86 22.99 -1.15
N VAL A 515 -31.06 22.65 -0.13
CA VAL A 515 -29.92 21.73 -0.26
C VAL A 515 -30.41 20.31 -0.64
N LYS A 516 -31.47 19.82 0.01
CA LYS A 516 -32.02 18.46 -0.22
C LYS A 516 -32.74 18.38 -1.58
N ALA A 517 -33.32 19.51 -2.02
CA ALA A 517 -33.98 19.62 -3.34
C ALA A 517 -32.93 19.55 -4.47
N LEU A 518 -31.73 20.10 -4.17
CA LEU A 518 -30.60 20.16 -5.10
C LEU A 518 -29.87 18.80 -5.16
N LEU A 519 -29.66 18.19 -3.99
CA LEU A 519 -28.86 16.95 -3.81
C LEU A 519 -29.71 15.72 -4.18
N GLY A 520 -31.01 15.81 -3.89
CA GLY A 520 -31.99 14.76 -4.22
C GLY A 520 -31.71 13.44 -3.51
N GLU A 521 -31.29 12.42 -4.29
CA GLU A 521 -31.03 11.07 -3.76
C GLU A 521 -29.52 10.74 -3.71
N ARG A 522 -28.65 11.69 -4.10
CA ARG A 522 -27.17 11.48 -4.07
C ARG A 522 -26.70 11.43 -2.60
N VAL A 523 -27.46 12.13 -1.74
CA VAL A 523 -27.25 12.21 -0.29
C VAL A 523 -28.51 11.68 0.43
N LYS A 524 -28.28 10.97 1.55
CA LYS A 524 -29.37 10.38 2.36
C LYS A 524 -30.26 11.48 2.98
N ASP A 525 -29.61 12.48 3.59
CA ASP A 525 -30.30 13.52 4.37
C ASP A 525 -29.33 14.67 4.70
N VAL A 526 -29.86 15.88 4.95
CA VAL A 526 -29.05 17.08 5.27
C VAL A 526 -29.57 17.70 6.57
N ARG A 527 -28.64 17.99 7.51
CA ARG A 527 -28.93 18.64 8.81
C ARG A 527 -27.87 19.74 9.05
N LEU A 528 -27.97 20.47 10.17
CA LEU A 528 -26.93 21.45 10.60
C LEU A 528 -26.29 21.01 11.93
N THR A 529 -24.96 21.06 11.99
CA THR A 529 -24.16 20.91 13.23
C THR A 529 -23.16 22.06 13.28
N HIS A 530 -22.87 22.57 14.47
CA HIS A 530 -22.00 23.74 14.63
C HIS A 530 -20.67 23.29 15.26
N ARG A 531 -19.90 22.46 14.50
CA ARG A 531 -18.50 22.19 14.83
C ARG A 531 -17.69 23.45 14.48
N LEU A 532 -17.58 24.39 15.47
CA LEU A 532 -17.09 25.77 15.23
C LEU A 532 -15.69 25.75 14.55
N THR A 533 -14.63 25.56 15.37
CA THR A 533 -13.24 25.14 14.97
C THR A 533 -12.80 25.56 13.53
N ASP A 534 -12.05 24.70 12.79
CA ASP A 534 -11.67 24.95 11.37
C ASP A 534 -12.49 24.07 10.40
N THR A 535 -13.56 23.43 10.92
CA THR A 535 -14.43 22.55 10.11
C THR A 535 -15.56 23.38 9.45
N PRO A 536 -15.56 23.55 8.09
CA PRO A 536 -16.64 24.24 7.37
C PRO A 536 -17.89 23.34 7.22
N ALA A 537 -17.66 22.04 6.98
CA ALA A 537 -18.72 21.04 6.88
C ALA A 537 -18.16 19.66 7.19
N ILE A 538 -19.03 18.80 7.70
CA ILE A 538 -18.71 17.45 8.14
C ILE A 538 -19.96 16.58 8.00
N VAL A 539 -19.78 15.36 7.49
CA VAL A 539 -20.88 14.41 7.34
C VAL A 539 -20.93 13.46 8.54
N SER A 540 -22.15 13.06 8.94
CA SER A 540 -22.37 12.19 10.11
C SER A 540 -22.69 10.76 9.66
N THR A 541 -22.43 9.81 10.58
CA THR A 541 -22.54 8.37 10.30
C THR A 541 -23.42 7.68 11.34
N ASP A 542 -23.90 6.47 11.01
CA ASP A 542 -24.57 5.56 11.94
C ASP A 542 -23.55 4.52 12.45
N ALA A 543 -23.15 3.60 11.55
CA ALA A 543 -22.15 2.54 11.82
C ALA A 543 -20.86 2.78 10.98
N ASP A 544 -20.04 1.72 10.77
CA ASP A 544 -18.72 1.85 10.10
C ASP A 544 -18.90 2.28 8.62
N GLU A 545 -18.32 3.47 8.30
CA GLU A 545 -18.45 4.15 7.00
C GLU A 545 -19.96 4.38 6.66
N MET A 546 -20.71 4.81 7.71
CA MET A 546 -22.18 4.96 7.69
C MET A 546 -22.86 3.58 7.77
N SER A 547 -22.61 2.71 6.76
CA SER A 547 -23.29 1.42 6.65
C SER A 547 -22.61 0.47 5.64
N THR A 548 -21.29 0.63 5.43
CA THR A 548 -20.55 -0.16 4.40
C THR A 548 -19.95 -1.47 5.00
N GLN A 549 -20.31 -1.80 6.25
CA GLN A 549 -19.90 -3.07 6.91
C GLN A 549 -20.99 -3.56 7.91
N MET A 550 -22.00 -4.31 7.37
CA MET A 550 -23.01 -5.07 8.18
C MET A 550 -24.03 -5.76 7.26
N ALA A 551 -24.70 -6.81 7.79
CA ALA A 551 -25.70 -7.60 7.05
C ALA A 551 -26.96 -6.76 6.67
N LYS A 552 -27.62 -6.16 7.68
CA LYS A 552 -28.87 -5.34 7.49
C LYS A 552 -28.61 -4.13 6.59
N LEU A 553 -27.45 -3.52 6.80
CA LEU A 553 -27.02 -2.31 6.09
C LEU A 553 -26.87 -2.62 4.58
N PHE A 554 -26.22 -3.76 4.25
CA PHE A 554 -26.10 -4.25 2.84
C PHE A 554 -27.43 -4.82 2.29
N ALA A 555 -28.32 -5.25 3.20
CA ALA A 555 -29.64 -5.82 2.84
C ALA A 555 -30.69 -4.73 2.57
N ALA A 556 -30.27 -3.44 2.58
CA ALA A 556 -31.14 -2.30 2.28
C ALA A 556 -31.50 -2.24 0.78
N ALA A 557 -30.48 -2.12 -0.11
CA ALA A 557 -30.70 -2.06 -1.58
C ALA A 557 -29.90 -3.14 -2.32
N GLY A 558 -28.61 -3.30 -1.95
CA GLY A 558 -27.70 -4.24 -2.64
C GLY A 558 -26.64 -3.53 -3.48
N GLN A 559 -26.84 -2.21 -3.72
CA GLN A 559 -25.84 -1.35 -4.38
C GLN A 559 -24.75 -0.90 -3.36
N LYS A 560 -24.25 0.36 -3.43
CA LYS A 560 -23.40 0.95 -2.38
C LYS A 560 -24.22 1.37 -1.12
N VAL A 561 -25.46 0.83 -0.96
CA VAL A 561 -26.41 1.12 0.14
C VAL A 561 -26.92 2.60 0.15
N PRO A 562 -28.27 2.82 0.33
CA PRO A 562 -28.86 4.19 0.47
C PRO A 562 -28.34 4.91 1.71
N GLU A 563 -28.17 4.13 2.78
CA GLU A 563 -27.69 4.60 4.09
C GLU A 563 -26.24 5.15 3.99
N VAL A 564 -25.36 4.47 3.21
CA VAL A 564 -23.92 4.88 3.01
C VAL A 564 -23.81 6.31 2.47
N LYS A 565 -24.84 6.77 1.75
CA LYS A 565 -24.93 8.18 1.32
C LYS A 565 -24.88 9.06 2.59
N TYR A 566 -23.75 9.72 2.78
CA TYR A 566 -23.41 10.45 4.01
C TYR A 566 -24.37 11.62 4.28
N ILE A 567 -24.69 11.84 5.58
CA ILE A 567 -25.65 12.88 6.00
C ILE A 567 -24.89 14.21 6.07
N PHE A 568 -25.19 15.11 5.12
CA PHE A 568 -24.45 16.35 4.93
C PHE A 568 -24.87 17.38 5.97
N GLU A 569 -23.91 17.78 6.81
CA GLU A 569 -24.12 18.81 7.84
C GLU A 569 -23.07 19.91 7.68
N LEU A 570 -23.53 21.17 7.66
CA LEU A 570 -22.67 22.36 7.51
C LEU A 570 -22.52 23.04 8.87
N ASN A 571 -21.41 23.77 9.07
CA ASN A 571 -21.20 24.61 10.26
C ASN A 571 -21.56 26.07 9.93
N PRO A 572 -22.75 26.57 10.39
CA PRO A 572 -23.25 27.95 10.05
C PRO A 572 -22.26 29.05 10.47
N ASP A 573 -21.47 28.75 11.50
CA ASP A 573 -20.47 29.64 12.10
C ASP A 573 -19.31 29.95 11.11
N HIS A 574 -19.00 29.01 10.20
CA HIS A 574 -17.88 29.17 9.26
C HIS A 574 -18.22 30.08 8.06
N VAL A 575 -17.22 30.86 7.62
CA VAL A 575 -17.30 31.83 6.51
C VAL A 575 -17.75 31.18 5.17
N LEU A 576 -17.27 29.96 4.88
CA LEU A 576 -17.63 29.21 3.65
C LEU A 576 -19.16 28.92 3.61
N VAL A 577 -19.74 28.62 4.78
CA VAL A 577 -21.19 28.32 4.91
C VAL A 577 -22.01 29.63 4.95
N LYS A 578 -21.45 30.68 5.58
CA LYS A 578 -22.06 32.03 5.60
C LYS A 578 -22.33 32.50 4.17
N ARG A 579 -21.31 32.33 3.33
CA ARG A 579 -21.31 32.77 1.94
C ARG A 579 -22.17 31.85 1.07
N ALA A 580 -22.14 30.53 1.35
CA ALA A 580 -22.89 29.51 0.57
C ALA A 580 -24.40 29.55 0.87
N ALA A 581 -24.76 29.98 2.09
CA ALA A 581 -26.15 30.09 2.54
C ALA A 581 -26.78 31.40 2.06
N ASP A 582 -25.96 32.47 2.07
CA ASP A 582 -26.38 33.80 1.61
C ASP A 582 -26.61 33.83 0.09
N THR A 583 -25.90 32.95 -0.65
CA THR A 583 -26.07 32.84 -2.10
C THR A 583 -27.46 32.25 -2.44
N GLU A 584 -28.39 33.14 -2.82
CA GLU A 584 -29.74 32.76 -3.27
C GLU A 584 -29.76 32.53 -4.80
N ASP A 585 -28.62 32.84 -5.43
CA ASP A 585 -28.36 32.55 -6.86
C ASP A 585 -28.07 31.06 -6.97
N GLU A 586 -29.07 30.28 -7.44
CA GLU A 586 -29.03 28.79 -7.49
C GLU A 586 -27.75 28.22 -8.17
N ALA A 587 -27.14 29.00 -9.07
CA ALA A 587 -25.90 28.61 -9.77
C ALA A 587 -24.74 28.43 -8.79
N LYS A 588 -24.35 29.53 -8.11
CA LYS A 588 -23.24 29.50 -7.13
C LYS A 588 -23.66 28.83 -5.81
N PHE A 589 -24.98 28.85 -5.50
CA PHE A 589 -25.53 28.18 -4.31
C PHE A 589 -25.19 26.68 -4.35
N SER A 590 -25.65 26.02 -5.42
CA SER A 590 -25.46 24.57 -5.61
C SER A 590 -23.98 24.19 -5.64
N GLU A 591 -23.17 25.04 -6.28
CA GLU A 591 -21.75 24.81 -6.54
C GLU A 591 -20.92 24.88 -5.24
N TRP A 592 -21.27 25.86 -4.37
CA TRP A 592 -20.61 26.04 -3.06
C TRP A 592 -21.04 24.94 -2.07
N VAL A 593 -22.35 24.69 -1.99
CA VAL A 593 -22.92 23.66 -1.10
C VAL A 593 -22.35 22.27 -1.42
N GLU A 594 -22.25 21.94 -2.72
CA GLU A 594 -21.71 20.66 -3.17
C GLU A 594 -20.18 20.60 -3.09
N LEU A 595 -19.49 21.77 -3.07
CA LEU A 595 -18.03 21.81 -2.78
C LEU A 595 -17.79 21.23 -1.37
N LEU A 596 -18.50 21.80 -0.38
CA LEU A 596 -18.40 21.38 1.04
C LEU A 596 -18.95 19.95 1.24
N LEU A 597 -19.87 19.53 0.34
CA LEU A 597 -20.44 18.16 0.35
C LEU A 597 -19.39 17.11 -0.01
N ASP A 598 -18.79 17.26 -1.20
CA ASP A 598 -17.75 16.33 -1.70
C ASP A 598 -16.55 16.31 -0.73
N GLN A 599 -16.26 17.49 -0.16
CA GLN A 599 -15.18 17.73 0.79
C GLN A 599 -15.39 16.96 2.11
N ALA A 600 -16.62 17.05 2.65
CA ALA A 600 -17.01 16.42 3.93
C ALA A 600 -17.01 14.89 3.80
N LEU A 601 -17.55 14.40 2.67
CA LEU A 601 -17.58 12.96 2.33
C LEU A 601 -16.11 12.44 2.25
N LEU A 602 -15.26 13.24 1.57
CA LEU A 602 -13.81 12.97 1.41
C LEU A 602 -13.06 13.06 2.77
N ALA A 603 -13.68 13.74 3.76
CA ALA A 603 -13.10 13.86 5.12
C ALA A 603 -13.33 12.55 5.90
N GLU A 604 -14.49 11.89 5.66
CA GLU A 604 -14.94 10.71 6.44
C GLU A 604 -14.58 9.38 5.72
N ARG A 605 -13.85 9.45 4.60
CA ARG A 605 -13.33 8.24 3.89
C ARG A 605 -11.90 8.46 3.39
N GLY A 606 -11.65 9.66 2.85
CA GLY A 606 -10.46 9.91 2.05
C GLY A 606 -10.63 9.35 0.63
N THR A 607 -11.90 9.05 0.26
CA THR A 607 -12.26 8.41 -1.01
C THR A 607 -13.61 8.94 -1.53
N LEU A 608 -13.66 9.28 -2.83
CA LEU A 608 -14.89 9.64 -3.56
C LEU A 608 -15.05 8.73 -4.79
N GLU A 609 -16.27 8.25 -5.05
CA GLU A 609 -16.60 7.48 -6.26
C GLU A 609 -16.78 8.43 -7.46
N ASP A 610 -17.09 9.70 -7.15
CA ASP A 610 -17.13 10.80 -8.15
C ASP A 610 -16.24 11.98 -7.67
N PRO A 611 -14.86 11.84 -7.74
CA PRO A 611 -13.93 12.89 -7.27
C PRO A 611 -13.74 14.03 -8.30
N ASN A 612 -14.18 13.76 -9.55
CA ASN A 612 -14.03 14.70 -10.67
C ASN A 612 -14.92 15.95 -10.45
N LEU A 613 -16.07 15.74 -9.79
CA LEU A 613 -17.00 16.83 -9.41
C LEU A 613 -16.30 17.78 -8.41
N PHE A 614 -15.69 17.18 -7.38
CA PHE A 614 -14.96 17.91 -6.31
C PHE A 614 -13.82 18.77 -6.88
N ILE A 615 -12.95 18.14 -7.67
CA ILE A 615 -11.74 18.77 -8.25
C ILE A 615 -12.11 19.90 -9.22
N ARG A 616 -13.21 19.69 -9.97
CA ARG A 616 -13.70 20.69 -10.93
C ARG A 616 -14.25 21.91 -10.15
N ARG A 617 -15.07 21.65 -9.11
CA ARG A 617 -15.69 22.70 -8.25
C ARG A 617 -14.62 23.44 -7.41
N MET A 618 -13.49 22.77 -7.13
CA MET A 618 -12.37 23.36 -6.36
C MET A 618 -11.68 24.44 -7.21
N ASN A 619 -11.18 24.02 -8.38
CA ASN A 619 -10.50 24.90 -9.35
C ASN A 619 -11.43 26.01 -9.87
N GLN A 620 -12.70 25.65 -10.05
CA GLN A 620 -13.73 26.54 -10.57
C GLN A 620 -14.04 27.65 -9.57
N LEU A 621 -14.41 27.30 -8.33
CA LEU A 621 -14.74 28.29 -7.27
C LEU A 621 -13.50 29.12 -6.85
N LEU A 622 -12.29 28.60 -7.13
CA LEU A 622 -11.03 29.33 -6.91
C LEU A 622 -10.90 30.48 -7.95
N VAL A 623 -11.15 30.17 -9.25
CA VAL A 623 -11.00 31.14 -10.36
C VAL A 623 -12.28 31.99 -10.53
N SER A 624 -13.42 31.47 -10.05
CA SER A 624 -14.74 32.11 -10.15
C SER A 624 -15.12 32.68 -8.77
N MET B 1 -38.54 -15.03 43.67
CA MET B 1 -38.30 -14.16 42.49
C MET B 1 -38.79 -14.85 41.21
N LYS B 2 -39.39 -14.07 40.30
CA LYS B 2 -39.87 -14.54 38.98
C LYS B 2 -39.07 -13.86 37.86
N GLY B 3 -38.67 -14.63 36.83
CA GLY B 3 -37.91 -14.09 35.71
C GLY B 3 -37.73 -15.11 34.60
N GLN B 4 -38.78 -15.29 33.77
CA GLN B 4 -38.76 -16.23 32.63
C GLN B 4 -39.19 -15.52 31.34
N GLU B 5 -38.52 -15.88 30.23
CA GLU B 5 -38.74 -15.25 28.91
C GLU B 5 -38.43 -16.24 27.79
N THR B 6 -38.79 -15.86 26.56
CA THR B 6 -38.50 -16.64 25.35
C THR B 6 -38.22 -15.67 24.18
N ARG B 7 -37.73 -16.20 23.05
CA ARG B 7 -37.36 -15.37 21.88
C ARG B 7 -37.34 -16.21 20.59
N GLY B 8 -37.27 -15.53 19.43
CA GLY B 8 -37.26 -16.21 18.13
C GLY B 8 -37.27 -15.24 16.94
N PHE B 9 -36.18 -14.49 16.77
CA PHE B 9 -35.92 -13.67 15.56
C PHE B 9 -34.61 -14.11 14.90
N GLN B 10 -34.61 -14.15 13.56
CA GLN B 10 -33.47 -14.61 12.74
C GLN B 10 -33.37 -13.75 11.47
N SER B 11 -32.22 -13.07 11.33
CA SER B 11 -31.87 -12.22 10.17
C SER B 11 -30.38 -11.82 10.25
N GLU B 12 -29.61 -12.61 11.03
CA GLU B 12 -28.22 -12.32 11.39
C GLU B 12 -27.29 -12.32 10.16
N VAL B 13 -27.44 -13.36 9.31
CA VAL B 13 -26.53 -13.60 8.17
C VAL B 13 -27.21 -13.22 6.82
N LYS B 14 -27.65 -14.25 6.06
CA LYS B 14 -28.15 -14.14 4.67
C LYS B 14 -28.26 -15.60 4.13
N GLN B 15 -28.66 -15.76 2.86
CA GLN B 15 -28.77 -17.07 2.17
C GLN B 15 -29.91 -17.94 2.77
N LEU B 16 -29.64 -18.53 3.95
CA LEU B 16 -30.54 -19.49 4.63
C LEU B 16 -31.95 -18.92 4.86
N LEU B 17 -32.04 -17.58 5.09
CA LEU B 17 -33.33 -16.90 5.35
C LEU B 17 -34.26 -16.99 4.11
N HIS B 18 -33.68 -16.88 2.90
CA HIS B 18 -34.41 -17.04 1.62
C HIS B 18 -34.65 -18.53 1.30
N LEU B 19 -33.75 -19.41 1.78
CA LEU B 19 -33.86 -20.86 1.56
C LEU B 19 -35.06 -21.43 2.34
N MET B 20 -35.26 -20.91 3.57
CA MET B 20 -36.34 -21.34 4.49
C MET B 20 -37.74 -21.21 3.87
N ILE B 21 -37.94 -20.13 3.10
CA ILE B 21 -39.23 -19.82 2.46
C ILE B 21 -39.62 -20.92 1.45
N HIS B 22 -38.62 -21.38 0.68
CA HIS B 22 -38.81 -22.35 -0.42
C HIS B 22 -38.57 -23.81 0.04
N SER B 23 -37.92 -23.99 1.21
CA SER B 23 -37.73 -25.32 1.83
C SER B 23 -38.96 -25.72 2.65
N LEU B 24 -39.72 -24.70 3.09
CA LEU B 24 -41.07 -24.89 3.63
C LEU B 24 -42.02 -25.15 2.45
N TYR B 25 -42.12 -24.14 1.56
CA TYR B 25 -42.91 -24.17 0.31
C TYR B 25 -44.45 -24.35 0.58
N SER B 26 -44.84 -24.30 1.88
CA SER B 26 -46.21 -24.61 2.36
C SER B 26 -46.58 -26.08 1.99
N ASN B 27 -45.53 -26.92 1.86
CA ASN B 27 -45.61 -28.27 1.28
C ASN B 27 -45.19 -29.33 2.33
N LYS B 28 -44.13 -29.00 3.11
CA LYS B 28 -43.58 -29.81 4.25
C LYS B 28 -42.81 -31.06 3.78
N GLU B 29 -43.52 -31.93 3.03
CA GLU B 29 -43.07 -33.27 2.58
C GLU B 29 -41.77 -33.27 1.73
N ILE B 30 -41.38 -32.07 1.28
CA ILE B 30 -40.10 -31.78 0.59
C ILE B 30 -38.86 -32.19 1.47
N PHE B 31 -39.09 -32.47 2.78
CA PHE B 31 -38.03 -33.00 3.66
C PHE B 31 -37.59 -34.41 3.22
N LEU B 32 -38.55 -35.27 2.83
CA LEU B 32 -38.27 -36.65 2.38
C LEU B 32 -37.37 -36.63 1.13
N ARG B 33 -37.61 -35.62 0.25
CA ARG B 33 -36.78 -35.36 -0.94
C ARG B 33 -35.32 -35.23 -0.56
N GLU B 34 -35.07 -34.32 0.38
CA GLU B 34 -33.73 -33.84 0.72
C GLU B 34 -32.98 -34.86 1.60
N LEU B 35 -33.71 -35.55 2.48
CA LEU B 35 -33.14 -36.60 3.35
C LEU B 35 -32.58 -37.74 2.50
N ILE B 36 -33.40 -38.24 1.55
CA ILE B 36 -32.96 -39.31 0.62
C ILE B 36 -31.85 -38.78 -0.32
N SER B 37 -31.98 -37.50 -0.75
CA SER B 37 -30.97 -36.83 -1.61
C SER B 37 -29.58 -36.86 -0.95
N ASN B 38 -29.55 -36.58 0.36
CA ASN B 38 -28.32 -36.54 1.17
C ASN B 38 -27.87 -37.97 1.51
N ALA B 39 -28.83 -38.92 1.46
CA ALA B 39 -28.57 -40.36 1.72
C ALA B 39 -27.96 -41.02 0.46
N SER B 40 -28.27 -40.43 -0.71
CA SER B 40 -27.69 -40.82 -1.99
C SER B 40 -26.19 -40.50 -1.98
N ASP B 41 -25.85 -39.30 -1.49
CA ASP B 41 -24.45 -38.82 -1.38
C ASP B 41 -23.69 -39.60 -0.30
N ALA B 42 -24.39 -40.00 0.78
CA ALA B 42 -23.79 -40.81 1.87
C ALA B 42 -23.42 -42.22 1.36
N ALA B 43 -24.28 -42.78 0.50
CA ALA B 43 -24.03 -44.06 -0.19
C ALA B 43 -22.94 -43.90 -1.27
N ASP B 44 -22.94 -42.74 -1.94
CA ASP B 44 -21.97 -42.40 -3.02
C ASP B 44 -20.52 -42.45 -2.49
N LYS B 45 -20.28 -41.85 -1.32
CA LYS B 45 -18.95 -41.81 -0.67
C LYS B 45 -18.41 -43.23 -0.45
N LEU B 46 -19.30 -44.17 -0.09
CA LEU B 46 -18.92 -45.58 0.14
C LEU B 46 -18.70 -46.31 -1.18
N ARG B 47 -19.40 -45.89 -2.26
CA ARG B 47 -19.19 -46.47 -3.60
C ARG B 47 -17.72 -46.28 -4.03
N PHE B 48 -17.16 -45.09 -3.74
CA PHE B 48 -15.72 -44.81 -3.99
C PHE B 48 -14.81 -45.52 -2.97
N ARG B 49 -15.14 -45.36 -1.69
CA ARG B 49 -14.25 -45.74 -0.60
C ARG B 49 -14.11 -47.28 -0.49
N ALA B 50 -15.16 -47.99 -0.89
CA ALA B 50 -15.16 -49.46 -0.91
C ALA B 50 -14.40 -50.01 -2.14
N LEU B 51 -14.08 -49.13 -3.11
CA LEU B 51 -13.08 -49.45 -4.17
C LEU B 51 -11.67 -49.37 -3.58
N SER B 52 -11.46 -48.48 -2.58
CA SER B 52 -10.15 -48.34 -1.92
C SER B 52 -10.02 -49.33 -0.74
N ASN B 53 -11.16 -49.95 -0.35
CA ASN B 53 -11.20 -51.04 0.67
C ASN B 53 -12.56 -51.79 0.56
N PRO B 54 -12.62 -52.95 -0.20
CA PRO B 54 -13.87 -53.76 -0.37
C PRO B 54 -14.54 -54.21 0.96
N ASP B 55 -13.73 -54.28 2.02
CA ASP B 55 -14.17 -54.72 3.37
C ASP B 55 -15.28 -53.84 3.94
N LEU B 56 -15.35 -52.57 3.49
CA LEU B 56 -16.31 -51.56 3.99
C LEU B 56 -17.77 -51.84 3.54
N TYR B 57 -17.96 -52.85 2.66
CA TYR B 57 -19.32 -53.35 2.33
C TYR B 57 -19.88 -54.18 3.50
N GLU B 58 -18.98 -54.84 4.28
CA GLU B 58 -19.31 -55.46 5.61
C GLU B 58 -20.58 -56.34 5.57
N GLY B 59 -20.75 -57.10 4.46
CA GLY B 59 -21.94 -57.93 4.24
C GLY B 59 -22.94 -57.24 3.30
N ASP B 60 -23.32 -56.00 3.66
CA ASP B 60 -24.29 -55.19 2.90
C ASP B 60 -23.59 -54.55 1.68
N GLY B 61 -23.64 -55.26 0.54
CA GLY B 61 -22.94 -54.82 -0.67
C GLY B 61 -23.77 -53.88 -1.54
N GLU B 62 -25.10 -54.09 -1.52
CA GLU B 62 -26.06 -53.29 -2.28
C GLU B 62 -26.47 -52.04 -1.46
N LEU B 63 -25.93 -50.87 -1.83
CA LEU B 63 -26.20 -49.61 -1.14
C LEU B 63 -27.60 -49.09 -1.51
N ARG B 64 -28.31 -48.61 -0.49
CA ARG B 64 -29.79 -48.40 -0.50
C ARG B 64 -30.17 -47.52 0.70
N VAL B 65 -31.41 -46.99 0.68
CA VAL B 65 -31.93 -46.15 1.78
C VAL B 65 -33.33 -46.65 2.21
N ARG B 66 -33.37 -47.23 3.41
CA ARG B 66 -34.58 -47.80 4.02
C ARG B 66 -35.23 -46.80 4.98
N VAL B 67 -36.51 -46.49 4.73
CA VAL B 67 -37.32 -45.62 5.58
C VAL B 67 -38.18 -46.51 6.50
N SER B 68 -37.87 -46.53 7.80
CA SER B 68 -38.59 -47.33 8.79
C SER B 68 -39.34 -46.39 9.72
N PHE B 69 -40.53 -46.79 10.18
CA PHE B 69 -41.39 -45.91 10.99
C PHE B 69 -42.17 -46.68 12.04
N ASP B 70 -42.08 -46.18 13.28
CA ASP B 70 -42.85 -46.69 14.42
C ASP B 70 -43.96 -45.68 14.69
N LYS B 71 -45.20 -46.11 14.41
CA LYS B 71 -46.41 -45.26 14.52
C LYS B 71 -46.71 -44.88 15.99
N ASP B 72 -46.38 -45.81 16.91
CA ASP B 72 -46.61 -45.62 18.36
C ASP B 72 -45.63 -44.57 18.94
N LYS B 73 -44.36 -44.61 18.48
CA LYS B 73 -43.33 -43.63 18.88
C LYS B 73 -43.43 -42.33 18.07
N ARG B 74 -44.23 -42.37 16.98
CA ARG B 74 -44.43 -41.25 16.02
C ARG B 74 -43.09 -40.87 15.35
N THR B 75 -42.27 -41.88 15.11
CA THR B 75 -40.93 -41.69 14.53
C THR B 75 -40.93 -42.12 13.06
N LEU B 76 -40.47 -41.23 12.19
CA LEU B 76 -40.18 -41.52 10.78
C LEU B 76 -38.65 -41.47 10.62
N THR B 77 -38.05 -42.62 10.33
CA THR B 77 -36.59 -42.81 10.30
C THR B 77 -36.12 -43.10 8.87
N ILE B 78 -35.36 -42.17 8.29
CA ILE B 78 -34.77 -42.32 6.94
C ILE B 78 -33.30 -42.72 7.14
N SER B 79 -32.96 -43.95 6.72
CA SER B 79 -31.65 -44.55 7.04
C SER B 79 -31.03 -45.25 5.82
N ASP B 80 -29.87 -44.74 5.34
CA ASP B 80 -29.06 -45.42 4.31
C ASP B 80 -28.02 -46.31 4.98
N ASN B 81 -27.59 -47.36 4.24
CA ASN B 81 -26.52 -48.29 4.68
C ASN B 81 -25.19 -47.92 3.98
N GLY B 82 -25.04 -46.63 3.63
CA GLY B 82 -23.84 -46.12 2.97
C GLY B 82 -22.64 -45.99 3.91
N VAL B 83 -21.75 -45.01 3.66
CA VAL B 83 -20.58 -44.79 4.52
C VAL B 83 -21.00 -44.16 5.86
N GLY B 84 -22.12 -43.42 5.83
CA GLY B 84 -22.52 -42.58 6.95
C GLY B 84 -21.86 -41.22 6.94
N MET B 85 -21.56 -40.70 8.14
CA MET B 85 -20.88 -39.42 8.35
C MET B 85 -20.04 -39.52 9.62
N THR B 86 -18.81 -38.99 9.59
CA THR B 86 -17.97 -38.88 10.79
C THR B 86 -18.45 -37.69 11.64
N ARG B 87 -18.09 -37.67 12.94
CA ARG B 87 -18.48 -36.58 13.88
C ARG B 87 -17.97 -35.21 13.39
N ASP B 88 -16.82 -35.26 12.70
CA ASP B 88 -16.23 -34.10 12.02
C ASP B 88 -17.22 -33.50 11.03
N GLU B 89 -17.75 -34.35 10.14
CA GLU B 89 -18.65 -33.96 9.06
C GLU B 89 -20.06 -33.58 9.61
N VAL B 90 -20.47 -34.20 10.72
CA VAL B 90 -21.77 -33.92 11.36
C VAL B 90 -21.79 -32.50 11.98
N ILE B 91 -20.66 -32.08 12.57
CA ILE B 91 -20.51 -30.71 13.11
C ILE B 91 -20.25 -29.71 11.96
N ASP B 92 -19.49 -30.17 10.95
CA ASP B 92 -19.14 -29.37 9.74
C ASP B 92 -20.38 -29.08 8.86
N HIS B 93 -21.42 -29.94 8.99
CA HIS B 93 -22.68 -29.76 8.24
C HIS B 93 -23.80 -29.25 9.15
N LEU B 94 -24.32 -30.12 10.02
CA LEU B 94 -25.50 -29.83 10.85
C LEU B 94 -25.18 -28.74 11.88
N GLY B 95 -24.03 -28.89 12.57
CA GLY B 95 -23.60 -27.94 13.60
C GLY B 95 -23.40 -26.51 13.09
N THR B 96 -22.91 -26.40 11.84
CA THR B 96 -22.67 -25.09 11.19
C THR B 96 -23.98 -24.45 10.67
N ILE B 97 -25.04 -25.26 10.47
CA ILE B 97 -26.39 -24.73 10.13
C ILE B 97 -27.07 -24.29 11.44
N ALA B 98 -26.76 -25.01 12.52
CA ALA B 98 -27.14 -24.66 13.89
C ALA B 98 -26.20 -23.55 14.40
N LYS B 99 -26.36 -23.17 15.67
CA LYS B 99 -25.60 -22.06 16.26
C LYS B 99 -24.23 -22.58 16.75
N SER B 100 -23.24 -22.55 15.84
CA SER B 100 -21.84 -22.90 16.15
C SER B 100 -20.98 -21.63 16.07
N GLY B 101 -20.93 -21.02 14.87
CA GLY B 101 -20.19 -19.77 14.67
C GLY B 101 -19.49 -19.72 13.31
N THR B 102 -20.28 -19.66 12.23
CA THR B 102 -19.75 -19.52 10.86
C THR B 102 -19.63 -18.02 10.49
N LYS B 103 -20.41 -17.18 11.22
CA LYS B 103 -20.59 -15.75 10.95
C LYS B 103 -21.24 -15.53 9.55
N SER B 104 -20.42 -15.57 8.49
CA SER B 104 -20.88 -15.39 7.10
C SER B 104 -20.16 -16.42 6.22
N PHE B 105 -18.83 -16.40 6.34
CA PHE B 105 -17.93 -17.38 5.70
C PHE B 105 -17.02 -17.96 6.78
N LEU B 106 -16.47 -17.03 7.59
CA LEU B 106 -15.62 -17.36 8.75
C LEU B 106 -15.43 -16.07 9.58
N GLU B 107 -15.45 -16.21 10.91
CA GLU B 107 -15.41 -15.08 11.87
C GLU B 107 -14.20 -14.12 11.69
N SER B 108 -12.98 -14.67 11.68
CA SER B 108 -11.73 -13.89 11.70
C SER B 108 -11.24 -13.50 10.28
N LEU B 109 -10.90 -14.52 9.50
CA LEU B 109 -10.24 -14.37 8.18
C LEU B 109 -11.30 -14.35 7.05
N GLY B 110 -12.45 -15.01 7.27
CA GLY B 110 -13.53 -15.01 6.29
C GLY B 110 -13.30 -15.96 5.12
N SER B 111 -12.61 -17.10 5.39
CA SER B 111 -12.29 -18.10 4.34
C SER B 111 -11.78 -19.45 4.92
N ASP B 112 -11.40 -19.52 6.23
CA ASP B 112 -10.99 -20.83 6.84
C ASP B 112 -12.14 -21.85 6.77
N GLN B 113 -13.31 -21.45 7.27
CA GLN B 113 -14.56 -22.23 7.16
C GLN B 113 -15.32 -21.91 5.86
N ALA B 114 -14.61 -21.50 4.78
CA ALA B 114 -15.26 -21.13 3.48
C ALA B 114 -16.14 -22.24 2.88
N LYS B 115 -16.03 -23.47 3.42
CA LYS B 115 -16.88 -24.60 3.03
C LYS B 115 -18.14 -24.66 3.93
N ASP B 116 -18.70 -23.49 4.32
CA ASP B 116 -19.87 -23.42 5.25
C ASP B 116 -21.16 -23.08 4.48
N SER B 117 -21.05 -22.19 3.48
CA SER B 117 -22.19 -21.77 2.66
C SER B 117 -22.74 -22.95 1.80
N GLN B 118 -21.85 -23.87 1.43
CA GLN B 118 -22.18 -24.96 0.49
C GLN B 118 -23.03 -26.08 1.13
N LEU B 119 -22.88 -26.37 2.46
CA LEU B 119 -23.78 -27.35 3.14
C LEU B 119 -25.15 -26.73 3.45
N ILE B 120 -25.18 -25.39 3.61
CA ILE B 120 -26.43 -24.64 3.75
C ILE B 120 -27.22 -24.72 2.42
N GLY B 121 -26.46 -24.79 1.30
CA GLY B 121 -27.02 -25.00 -0.05
C GLY B 121 -27.87 -26.27 -0.22
N GLN B 122 -27.38 -27.43 0.31
CA GLN B 122 -28.13 -28.71 0.24
C GLN B 122 -28.82 -29.02 1.59
N PHE B 123 -28.00 -29.26 2.64
CA PHE B 123 -28.47 -29.74 3.97
C PHE B 123 -29.34 -28.68 4.69
N GLY B 124 -29.11 -27.39 4.38
CA GLY B 124 -29.88 -26.29 4.98
C GLY B 124 -31.37 -26.31 4.61
N VAL B 125 -31.64 -26.80 3.38
CA VAL B 125 -33.01 -27.01 2.88
C VAL B 125 -33.72 -28.09 3.71
N GLY B 126 -33.03 -29.23 3.87
CA GLY B 126 -33.57 -30.40 4.59
C GLY B 126 -33.63 -30.21 6.10
N PHE B 127 -32.79 -29.32 6.63
CA PHE B 127 -32.75 -29.01 8.07
C PHE B 127 -34.07 -28.35 8.50
N TYR B 128 -34.44 -27.28 7.80
CA TYR B 128 -35.64 -26.47 8.10
C TYR B 128 -36.93 -27.30 7.89
N SER B 129 -37.03 -27.94 6.71
CA SER B 129 -38.21 -28.73 6.31
C SER B 129 -38.44 -29.93 7.25
N ALA B 130 -37.33 -30.54 7.73
CA ALA B 130 -37.38 -31.62 8.72
C ALA B 130 -37.98 -31.12 10.04
N PHE B 131 -37.57 -29.91 10.47
CA PHE B 131 -38.09 -29.28 11.71
C PHE B 131 -39.49 -28.64 11.54
N ILE B 132 -40.08 -28.74 10.32
CA ILE B 132 -41.48 -28.35 10.10
C ILE B 132 -42.42 -29.53 10.44
N VAL B 133 -42.01 -30.75 10.04
CA VAL B 133 -42.79 -31.98 10.28
C VAL B 133 -42.40 -32.64 11.61
N ALA B 134 -41.13 -32.51 12.00
CA ALA B 134 -40.58 -33.18 13.17
C ALA B 134 -40.33 -32.16 14.28
N ASP B 135 -40.86 -32.47 15.46
CA ASP B 135 -40.72 -31.66 16.67
C ASP B 135 -39.30 -31.80 17.25
N LYS B 136 -38.73 -33.00 17.10
CA LYS B 136 -37.47 -33.39 17.74
C LYS B 136 -36.71 -34.33 16.79
N VAL B 137 -35.61 -33.84 16.17
CA VAL B 137 -34.81 -34.65 15.22
C VAL B 137 -33.60 -35.25 15.95
N THR B 138 -33.51 -36.59 15.88
CA THR B 138 -32.40 -37.38 16.42
C THR B 138 -31.58 -37.94 15.24
N VAL B 139 -30.27 -37.72 15.28
CA VAL B 139 -29.31 -38.21 14.27
C VAL B 139 -28.43 -39.27 14.93
N ARG B 140 -28.21 -40.37 14.20
CA ARG B 140 -27.47 -41.54 14.68
C ARG B 140 -26.79 -42.20 13.47
N THR B 141 -25.54 -41.79 13.20
CA THR B 141 -24.76 -42.30 12.06
C THR B 141 -23.75 -43.34 12.55
N ARG B 142 -23.06 -44.00 11.61
CA ARG B 142 -21.90 -44.86 11.89
C ARG B 142 -21.05 -44.94 10.62
N ALA B 143 -19.83 -44.38 10.68
CA ALA B 143 -18.87 -44.38 9.55
C ALA B 143 -18.37 -45.80 9.21
N ALA B 144 -18.23 -46.09 7.89
CA ALA B 144 -17.86 -47.43 7.37
C ALA B 144 -16.46 -47.87 7.81
N GLY B 145 -16.36 -49.09 8.37
CA GLY B 145 -15.08 -49.65 8.83
C GLY B 145 -14.67 -49.15 10.21
N GLU B 146 -15.00 -47.88 10.52
CA GLU B 146 -14.91 -47.31 11.87
C GLU B 146 -15.81 -48.11 12.82
N LYS B 147 -15.42 -48.17 14.09
CA LYS B 147 -16.11 -48.97 15.12
C LYS B 147 -17.61 -48.59 15.23
N PRO B 148 -18.51 -49.58 15.54
CA PRO B 148 -19.92 -49.27 15.96
C PRO B 148 -19.96 -48.19 17.06
N GLU B 149 -18.95 -48.25 17.96
CA GLU B 149 -18.71 -47.26 19.04
C GLU B 149 -18.54 -45.83 18.48
N ASN B 150 -17.92 -45.72 17.28
CA ASN B 150 -17.68 -44.44 16.57
C ASN B 150 -18.91 -43.93 15.82
N GLY B 151 -20.10 -44.50 16.15
CA GLY B 151 -21.37 -43.93 15.71
C GLY B 151 -21.57 -42.53 16.28
N VAL B 152 -22.25 -41.63 15.54
CA VAL B 152 -22.32 -40.20 15.90
C VAL B 152 -23.77 -39.77 16.20
N PHE B 153 -23.94 -39.20 17.39
CA PHE B 153 -25.20 -38.66 17.87
C PHE B 153 -25.20 -37.13 17.67
N TRP B 154 -26.30 -36.61 17.10
CA TRP B 154 -26.58 -35.17 16.99
C TRP B 154 -28.08 -35.01 17.23
N GLU B 155 -28.51 -34.03 18.02
CA GLU B 155 -29.94 -33.89 18.36
C GLU B 155 -30.28 -32.42 18.66
N SER B 156 -31.49 -32.00 18.24
CA SER B 156 -32.06 -30.67 18.53
C SER B 156 -33.58 -30.71 18.35
N ALA B 157 -34.29 -29.76 18.99
CA ALA B 157 -35.75 -29.58 18.83
C ALA B 157 -36.03 -28.38 17.89
N GLY B 158 -34.97 -27.81 17.29
CA GLY B 158 -35.07 -26.65 16.41
C GLY B 158 -34.46 -25.39 17.01
N GLU B 159 -33.87 -25.53 18.21
CA GLU B 159 -33.24 -24.42 18.94
C GLU B 159 -31.81 -24.15 18.41
N GLY B 160 -31.21 -23.04 18.89
CA GLY B 160 -29.85 -22.64 18.51
C GLY B 160 -28.79 -23.37 19.33
N GLU B 161 -28.84 -24.70 19.28
CA GLU B 161 -28.03 -25.62 20.10
C GLU B 161 -28.13 -27.05 19.53
N TYR B 162 -27.24 -27.95 19.98
CA TYR B 162 -27.23 -29.37 19.55
C TYR B 162 -26.45 -30.27 20.55
N THR B 163 -26.96 -31.49 20.77
CA THR B 163 -26.30 -32.50 21.61
C THR B 163 -25.47 -33.45 20.70
N VAL B 164 -24.15 -33.23 20.66
CA VAL B 164 -23.22 -34.08 19.87
C VAL B 164 -22.43 -35.01 20.81
N ALA B 165 -22.56 -36.33 20.56
CA ALA B 165 -21.91 -37.40 21.35
C ALA B 165 -21.62 -38.60 20.44
N ASP B 166 -21.02 -39.65 21.00
CA ASP B 166 -20.88 -40.96 20.31
C ASP B 166 -21.85 -41.99 20.93
N ILE B 167 -22.37 -42.91 20.10
CA ILE B 167 -23.18 -44.07 20.55
C ILE B 167 -22.75 -45.32 19.77
N THR B 168 -23.00 -46.51 20.33
CA THR B 168 -22.69 -47.79 19.68
C THR B 168 -23.87 -48.22 18.78
N LYS B 169 -23.69 -48.07 17.46
CA LYS B 169 -24.71 -48.39 16.44
C LYS B 169 -24.23 -49.56 15.57
N GLU B 170 -25.04 -50.63 15.52
CA GLU B 170 -24.73 -51.86 14.77
C GLU B 170 -24.75 -51.64 13.25
N ASP B 171 -25.78 -50.93 12.77
CA ASP B 171 -25.97 -50.68 11.32
C ASP B 171 -24.92 -49.66 10.84
N ARG B 172 -24.48 -49.83 9.59
CA ARG B 172 -23.60 -48.87 8.93
C ARG B 172 -24.45 -47.83 8.18
N GLY B 173 -23.90 -46.63 7.98
CA GLY B 173 -24.60 -45.57 7.23
C GLY B 173 -25.22 -44.52 8.14
N THR B 174 -26.18 -43.77 7.59
CA THR B 174 -26.77 -42.60 8.26
C THR B 174 -28.23 -42.91 8.64
N GLU B 175 -28.55 -42.84 9.95
CA GLU B 175 -29.91 -43.10 10.46
C GLU B 175 -30.47 -41.82 11.12
N ILE B 176 -31.47 -41.20 10.48
CA ILE B 176 -32.10 -39.97 10.98
C ILE B 176 -33.53 -40.29 11.47
N THR B 177 -33.71 -40.28 12.80
CA THR B 177 -35.01 -40.58 13.45
C THR B 177 -35.75 -39.27 13.80
N LEU B 178 -36.73 -38.92 12.95
CA LEU B 178 -37.55 -37.71 13.11
C LEU B 178 -38.76 -38.03 13.98
N HIS B 179 -38.82 -37.42 15.17
CA HIS B 179 -40.01 -37.50 16.02
C HIS B 179 -41.03 -36.48 15.53
N LEU B 180 -41.98 -36.97 14.71
CA LEU B 180 -43.03 -36.14 14.08
C LEU B 180 -43.90 -35.46 15.17
N ARG B 181 -44.35 -34.22 14.88
CA ARG B 181 -45.13 -33.39 15.83
C ARG B 181 -46.42 -34.09 16.31
N GLU B 182 -47.01 -33.57 17.40
CA GLU B 182 -48.32 -34.01 17.87
C GLU B 182 -49.37 -33.59 16.81
N GLY B 183 -49.93 -34.58 16.11
CA GLY B 183 -50.89 -34.34 15.02
C GLY B 183 -50.27 -34.61 13.63
N GLU B 184 -48.94 -34.81 13.58
CA GLU B 184 -48.21 -35.05 12.32
C GLU B 184 -48.13 -36.58 12.03
N ASP B 185 -49.26 -37.27 12.28
CA ASP B 185 -49.39 -38.73 12.05
C ASP B 185 -49.67 -39.05 10.56
N GLU B 186 -49.77 -37.97 9.76
CA GLU B 186 -49.92 -38.03 8.29
C GLU B 186 -48.78 -38.82 7.63
N PHE B 187 -47.55 -38.58 8.12
CA PHE B 187 -46.33 -39.23 7.59
C PHE B 187 -46.01 -40.53 8.38
N LEU B 188 -47.02 -41.09 9.06
CA LEU B 188 -46.97 -42.44 9.68
C LEU B 188 -47.88 -43.41 8.92
N ASP B 189 -48.66 -42.89 7.96
CA ASP B 189 -49.63 -43.69 7.20
C ASP B 189 -48.92 -44.37 6.01
N ASP B 190 -49.11 -45.71 5.89
CA ASP B 190 -48.25 -46.60 5.05
C ASP B 190 -48.21 -46.14 3.58
N TRP B 191 -49.40 -45.95 2.96
CA TRP B 191 -49.50 -45.54 1.55
C TRP B 191 -48.85 -44.16 1.35
N ARG B 192 -49.06 -43.27 2.35
CA ARG B 192 -48.76 -41.83 2.21
C ARG B 192 -47.26 -41.60 2.21
N VAL B 193 -46.55 -42.27 3.14
CA VAL B 193 -45.08 -42.22 3.20
C VAL B 193 -44.52 -42.65 1.83
N ARG B 194 -44.98 -43.83 1.35
CA ARG B 194 -44.58 -44.41 0.05
C ARG B 194 -44.81 -43.44 -1.12
N SER B 195 -45.97 -42.78 -1.15
CA SER B 195 -46.38 -41.89 -2.25
C SER B 195 -45.43 -40.68 -2.39
N ILE B 196 -45.08 -40.10 -1.23
CA ILE B 196 -44.18 -38.94 -1.16
C ILE B 196 -42.75 -39.35 -1.54
N ILE B 197 -42.30 -40.49 -0.96
CA ILE B 197 -41.01 -41.11 -1.27
C ILE B 197 -40.87 -41.29 -2.79
N SER B 198 -41.92 -41.89 -3.40
CA SER B 198 -41.97 -42.24 -4.83
C SER B 198 -41.68 -41.01 -5.70
N LYS B 199 -42.44 -39.93 -5.43
CA LYS B 199 -42.41 -38.67 -6.22
C LYS B 199 -41.00 -38.04 -6.31
N TYR B 200 -40.11 -38.39 -5.37
CA TYR B 200 -38.77 -37.82 -5.27
C TYR B 200 -37.71 -38.86 -5.65
N SER B 201 -37.96 -40.12 -5.26
CA SER B 201 -37.03 -41.23 -5.45
C SER B 201 -36.82 -41.56 -6.95
N ASP B 202 -37.80 -41.11 -7.78
CA ASP B 202 -37.75 -41.25 -9.25
C ASP B 202 -36.47 -40.65 -9.87
N HIS B 203 -35.97 -39.52 -9.31
CA HIS B 203 -34.74 -38.87 -9.84
C HIS B 203 -33.48 -39.40 -9.15
N ILE B 204 -33.65 -40.28 -8.15
CA ILE B 204 -32.56 -40.74 -7.28
C ILE B 204 -32.11 -42.16 -7.70
N ALA B 205 -30.77 -42.34 -7.81
CA ALA B 205 -30.13 -43.59 -8.29
C ALA B 205 -29.81 -44.54 -7.12
N LEU B 206 -30.60 -44.45 -6.05
CA LEU B 206 -30.42 -45.25 -4.84
C LEU B 206 -31.75 -45.98 -4.56
N PRO B 207 -31.77 -47.36 -4.52
CA PRO B 207 -33.00 -48.15 -4.21
C PRO B 207 -33.60 -47.77 -2.84
N VAL B 208 -34.67 -46.97 -2.87
CA VAL B 208 -35.36 -46.51 -1.66
C VAL B 208 -36.44 -47.51 -1.28
N GLU B 209 -36.28 -48.09 -0.08
CA GLU B 209 -37.21 -49.08 0.48
C GLU B 209 -37.97 -48.45 1.65
N ILE B 210 -39.05 -49.11 2.08
CA ILE B 210 -39.84 -48.70 3.24
C ILE B 210 -40.19 -49.93 4.08
N GLU B 211 -40.31 -49.74 5.38
CA GLU B 211 -40.69 -50.80 6.29
C GLU B 211 -42.18 -51.09 6.19
N LYS B 212 -42.53 -52.26 5.66
CA LYS B 212 -43.86 -52.82 5.85
C LYS B 212 -43.83 -53.64 7.15
N ARG B 213 -44.15 -52.96 8.26
CA ARG B 213 -44.14 -53.57 9.58
C ARG B 213 -45.49 -54.24 9.83
N GLU B 214 -45.44 -55.55 10.12
CA GLU B 214 -46.57 -56.32 10.57
C GLU B 214 -46.37 -56.54 12.06
N GLU B 215 -46.83 -55.59 12.87
CA GLU B 215 -46.61 -55.57 14.32
C GLU B 215 -47.78 -56.33 14.98
N LYS B 216 -47.68 -57.66 14.92
CA LYS B 216 -48.72 -58.57 15.43
C LYS B 216 -48.16 -59.32 16.65
N ASP B 217 -49.07 -59.91 17.47
CA ASP B 217 -48.73 -60.56 18.77
C ASP B 217 -47.53 -61.53 18.65
N GLY B 218 -46.35 -61.12 19.17
CA GLY B 218 -45.16 -61.98 19.21
C GLY B 218 -44.33 -61.96 17.93
N GLU B 219 -44.95 -61.52 16.82
CA GLU B 219 -44.34 -61.55 15.48
C GLU B 219 -44.44 -60.17 14.79
N THR B 220 -43.36 -59.38 14.91
CA THR B 220 -43.19 -58.13 14.17
C THR B 220 -42.39 -58.43 12.89
N VAL B 221 -43.14 -58.77 11.81
CA VAL B 221 -42.54 -59.09 10.51
C VAL B 221 -42.17 -57.77 9.83
N ILE B 222 -40.87 -57.52 9.71
CA ILE B 222 -40.32 -56.29 9.10
C ILE B 222 -39.88 -56.60 7.67
N SER B 223 -40.62 -56.05 6.70
CA SER B 223 -40.34 -56.21 5.27
C SER B 223 -39.91 -54.87 4.68
N TRP B 224 -39.17 -54.89 3.56
CA TRP B 224 -38.66 -53.67 2.92
C TRP B 224 -39.12 -53.62 1.46
N GLU B 225 -40.08 -52.71 1.20
CA GLU B 225 -40.74 -52.55 -0.09
C GLU B 225 -40.10 -51.40 -0.86
N LYS B 226 -39.45 -51.72 -1.98
CA LYS B 226 -38.83 -50.71 -2.85
C LYS B 226 -39.94 -49.90 -3.55
N ILE B 227 -40.05 -48.61 -3.19
CA ILE B 227 -41.04 -47.71 -3.79
C ILE B 227 -40.46 -47.12 -5.08
N ASN B 228 -39.12 -47.07 -5.10
CA ASN B 228 -38.35 -46.53 -6.22
C ASN B 228 -38.10 -47.63 -7.27
N LYS B 229 -38.24 -47.26 -8.55
CA LYS B 229 -37.85 -48.12 -9.68
C LYS B 229 -36.34 -48.44 -9.61
N ALA B 230 -35.57 -47.46 -9.09
CA ALA B 230 -34.16 -47.62 -8.68
C ALA B 230 -33.27 -47.83 -9.90
N GLN B 231 -33.12 -46.74 -10.67
CA GLN B 231 -32.29 -46.73 -11.88
C GLN B 231 -31.56 -45.39 -11.97
N ALA B 232 -30.28 -45.46 -12.36
CA ALA B 232 -29.41 -44.30 -12.52
C ALA B 232 -29.95 -43.34 -13.58
N LEU B 233 -30.35 -42.11 -13.15
CA LEU B 233 -31.03 -41.14 -14.04
C LEU B 233 -30.16 -40.74 -15.23
N TRP B 234 -28.85 -40.59 -15.00
CA TRP B 234 -27.90 -40.28 -16.09
C TRP B 234 -27.89 -41.43 -17.13
N THR B 235 -27.89 -42.69 -16.65
CA THR B 235 -27.90 -43.90 -17.49
C THR B 235 -29.25 -44.08 -18.22
N ARG B 236 -30.33 -43.51 -17.62
CA ARG B 236 -31.67 -43.52 -18.21
C ARG B 236 -31.71 -42.75 -19.53
N ASN B 237 -32.54 -43.24 -20.46
CA ASN B 237 -32.69 -42.65 -21.81
C ASN B 237 -33.34 -41.26 -21.69
N LYS B 238 -32.98 -40.35 -22.60
CA LYS B 238 -33.49 -38.96 -22.62
C LYS B 238 -35.04 -38.94 -22.76
N SER B 239 -35.58 -39.94 -23.47
CA SER B 239 -37.03 -40.15 -23.62
C SER B 239 -37.66 -40.68 -22.32
N GLU B 240 -36.87 -41.48 -21.57
CA GLU B 240 -37.32 -42.15 -20.32
C GLU B 240 -37.37 -41.17 -19.13
N ILE B 241 -36.58 -40.08 -19.21
CA ILE B 241 -36.55 -39.02 -18.17
C ILE B 241 -37.49 -37.87 -18.58
N THR B 242 -38.31 -37.38 -17.63
CA THR B 242 -39.17 -36.20 -17.87
C THR B 242 -38.45 -34.88 -17.48
N ASP B 243 -39.05 -33.76 -17.92
CA ASP B 243 -38.55 -32.37 -17.71
C ASP B 243 -38.24 -32.07 -16.22
N GLU B 244 -39.18 -32.47 -15.36
CA GLU B 244 -39.10 -32.23 -13.92
C GLU B 244 -37.95 -33.03 -13.30
N GLU B 245 -37.81 -34.32 -13.71
CA GLU B 245 -36.75 -35.21 -13.20
C GLU B 245 -35.34 -34.69 -13.55
N TYR B 246 -35.22 -33.95 -14.67
CA TYR B 246 -33.96 -33.25 -15.03
C TYR B 246 -33.67 -32.11 -14.04
N LYS B 247 -34.64 -31.18 -13.92
CA LYS B 247 -34.50 -29.97 -13.07
C LYS B 247 -34.27 -30.31 -11.60
N GLU B 248 -34.89 -31.41 -11.16
CA GLU B 248 -34.85 -31.90 -9.77
C GLU B 248 -33.57 -32.71 -9.52
N PHE B 249 -33.07 -33.42 -10.56
CA PHE B 249 -31.78 -34.13 -10.48
C PHE B 249 -30.62 -33.14 -10.38
N TYR B 250 -30.76 -31.97 -11.03
CA TYR B 250 -29.81 -30.85 -10.91
C TYR B 250 -29.59 -30.46 -9.44
N LYS B 251 -30.70 -30.40 -8.69
CA LYS B 251 -30.72 -29.95 -7.29
C LYS B 251 -29.91 -30.90 -6.38
N HIS B 252 -29.86 -32.18 -6.76
CA HIS B 252 -29.00 -33.18 -6.09
C HIS B 252 -27.53 -32.96 -6.48
N ILE B 253 -27.25 -33.06 -7.81
CA ILE B 253 -25.87 -33.15 -8.34
C ILE B 253 -25.04 -31.86 -8.13
N ALA B 254 -25.74 -30.73 -7.96
CA ALA B 254 -25.13 -29.41 -7.76
C ALA B 254 -24.99 -29.07 -6.27
N HIS B 255 -25.82 -29.73 -5.43
CA HIS B 255 -25.99 -29.42 -4.00
C HIS B 255 -26.63 -28.03 -3.80
N ASP B 256 -27.80 -27.89 -4.45
CA ASP B 256 -28.67 -26.68 -4.37
C ASP B 256 -30.15 -27.15 -4.32
N PHE B 257 -31.10 -26.24 -4.58
CA PHE B 257 -32.51 -26.60 -4.83
C PHE B 257 -33.16 -25.64 -5.85
N ASN B 258 -32.31 -24.86 -6.55
CA ASN B 258 -32.72 -23.95 -7.64
C ASN B 258 -32.91 -24.75 -8.94
N ASP B 259 -33.79 -24.26 -9.83
CA ASP B 259 -34.02 -24.87 -11.16
C ASP B 259 -33.02 -24.29 -12.19
N PRO B 260 -32.53 -25.12 -13.17
CA PRO B 260 -31.62 -24.64 -14.25
C PRO B 260 -32.38 -23.93 -15.41
N LEU B 261 -31.66 -23.06 -16.13
CA LEU B 261 -32.16 -22.36 -17.33
C LEU B 261 -32.36 -23.34 -18.49
N THR B 262 -31.41 -24.28 -18.62
CA THR B 262 -31.40 -25.32 -19.66
C THR B 262 -30.50 -26.48 -19.18
N TRP B 263 -30.54 -27.60 -19.91
CA TRP B 263 -29.63 -28.74 -19.69
C TRP B 263 -29.12 -29.25 -21.04
N SER B 264 -28.26 -30.27 -20.98
CA SER B 264 -27.73 -30.96 -22.15
C SER B 264 -27.37 -32.40 -21.72
N HIS B 265 -28.31 -33.34 -21.97
CA HIS B 265 -28.08 -34.76 -21.69
C HIS B 265 -27.51 -35.40 -22.96
N ASN B 266 -26.36 -36.05 -22.80
CA ASN B 266 -25.64 -36.69 -23.90
C ASN B 266 -25.01 -37.99 -23.38
N ARG B 267 -24.55 -38.80 -24.33
CA ARG B 267 -23.74 -39.98 -24.03
C ARG B 267 -22.79 -40.21 -25.21
N VAL B 268 -21.57 -40.61 -24.89
CA VAL B 268 -20.53 -40.93 -25.87
C VAL B 268 -20.21 -42.43 -25.72
N GLU B 269 -19.89 -43.08 -26.85
CA GLU B 269 -19.78 -44.54 -26.94
C GLU B 269 -18.66 -44.93 -27.91
N GLY B 270 -18.30 -46.22 -27.90
CA GLY B 270 -17.23 -46.74 -28.76
C GLY B 270 -15.96 -46.93 -27.96
N LYS B 271 -14.96 -46.05 -28.19
CA LYS B 271 -13.68 -46.09 -27.46
C LYS B 271 -13.88 -45.63 -26.01
N GLN B 272 -14.19 -44.32 -25.83
CA GLN B 272 -14.48 -43.74 -24.51
C GLN B 272 -15.99 -43.65 -24.32
N GLU B 273 -16.57 -44.67 -23.66
CA GLU B 273 -17.99 -44.66 -23.30
C GLU B 273 -18.15 -43.96 -21.95
N TYR B 274 -18.83 -42.81 -21.99
CA TYR B 274 -19.17 -42.04 -20.79
C TYR B 274 -20.49 -41.26 -21.03
N THR B 275 -21.39 -41.32 -20.05
CA THR B 275 -22.68 -40.60 -20.10
C THR B 275 -22.51 -39.22 -19.45
N SER B 276 -22.68 -38.16 -20.23
CA SER B 276 -22.50 -36.79 -19.75
C SER B 276 -23.87 -36.09 -19.60
N LEU B 277 -24.16 -35.59 -18.39
CA LEU B 277 -25.41 -34.86 -18.12
C LEU B 277 -25.08 -33.53 -17.44
N LEU B 278 -25.11 -32.48 -18.27
CA LEU B 278 -24.70 -31.11 -17.88
C LEU B 278 -25.93 -30.21 -17.71
N TYR B 279 -25.83 -29.20 -16.83
CA TYR B 279 -26.91 -28.21 -16.58
C TYR B 279 -26.31 -26.79 -16.53
N ILE B 280 -27.13 -25.79 -16.89
CA ILE B 280 -26.79 -24.35 -16.77
C ILE B 280 -27.60 -23.74 -15.60
N PRO B 281 -26.93 -23.36 -14.46
CA PRO B 281 -27.58 -22.72 -13.30
C PRO B 281 -28.23 -21.36 -13.63
N SER B 282 -29.36 -21.08 -12.96
CA SER B 282 -30.09 -19.80 -13.10
C SER B 282 -29.55 -18.72 -12.13
N GLN B 283 -28.63 -19.13 -11.23
CA GLN B 283 -28.10 -18.28 -10.16
C GLN B 283 -26.70 -18.78 -9.78
N ALA B 284 -25.77 -17.83 -9.55
CA ALA B 284 -24.46 -18.14 -8.98
C ALA B 284 -24.60 -18.37 -7.46
N PRO B 285 -24.16 -19.55 -6.92
CA PRO B 285 -24.01 -19.76 -5.46
C PRO B 285 -23.10 -18.69 -4.80
N TRP B 286 -23.17 -18.57 -3.46
CA TRP B 286 -22.37 -17.59 -2.69
C TRP B 286 -20.87 -17.81 -2.95
N ASP B 287 -20.40 -19.03 -2.62
CA ASP B 287 -18.97 -19.43 -2.63
C ASP B 287 -18.44 -19.78 -4.04
N MET B 288 -19.26 -19.51 -5.08
CA MET B 288 -18.94 -19.78 -6.50
C MET B 288 -17.86 -18.81 -7.04
N TRP B 289 -17.85 -17.57 -6.51
CA TRP B 289 -16.89 -16.52 -6.93
C TRP B 289 -15.68 -16.40 -5.99
N ASN B 290 -15.53 -17.35 -5.07
CA ASN B 290 -14.42 -17.36 -4.11
C ASN B 290 -13.44 -18.50 -4.45
N ARG B 291 -12.36 -18.64 -3.66
CA ARG B 291 -11.32 -19.66 -3.88
C ARG B 291 -11.79 -21.06 -3.41
N ASP B 292 -13.00 -21.13 -2.82
CA ASP B 292 -13.58 -22.39 -2.35
C ASP B 292 -14.29 -23.11 -3.52
N HIS B 293 -14.69 -24.37 -3.28
CA HIS B 293 -15.20 -25.26 -4.34
C HIS B 293 -16.75 -25.27 -4.37
N LYS B 294 -17.31 -25.25 -5.60
CA LYS B 294 -18.77 -25.35 -5.84
C LYS B 294 -19.02 -25.92 -7.25
N HIS B 295 -18.09 -25.60 -8.16
CA HIS B 295 -18.07 -26.06 -9.57
C HIS B 295 -17.92 -27.59 -9.74
N GLY B 296 -17.88 -28.07 -10.99
CA GLY B 296 -17.45 -29.45 -11.29
C GLY B 296 -18.61 -30.38 -11.61
N LEU B 297 -18.32 -31.70 -11.66
CA LEU B 297 -19.30 -32.76 -11.96
C LEU B 297 -19.21 -33.87 -10.88
N LYS B 298 -20.28 -34.68 -10.71
CA LYS B 298 -20.20 -35.92 -9.90
C LYS B 298 -19.65 -37.05 -10.79
N LEU B 299 -18.38 -37.42 -10.58
CA LEU B 299 -17.75 -38.53 -11.30
C LEU B 299 -18.27 -39.87 -10.76
N TYR B 300 -18.85 -40.65 -11.68
CA TYR B 300 -19.17 -42.07 -11.50
C TYR B 300 -18.35 -42.87 -12.50
N VAL B 301 -17.88 -44.04 -12.11
CA VAL B 301 -17.27 -45.02 -13.01
C VAL B 301 -18.08 -46.32 -12.92
N GLN B 302 -18.83 -46.63 -14.02
CA GLN B 302 -19.70 -47.82 -14.11
C GLN B 302 -20.88 -47.71 -13.09
N ARG B 303 -21.29 -46.45 -12.83
CA ARG B 303 -22.37 -46.06 -11.90
C ARG B 303 -21.92 -46.19 -10.43
N VAL B 304 -20.61 -46.47 -10.24
CA VAL B 304 -19.97 -46.54 -8.93
C VAL B 304 -19.22 -45.21 -8.72
N PHE B 305 -19.74 -44.35 -7.83
CA PHE B 305 -19.22 -42.99 -7.58
C PHE B 305 -17.72 -42.96 -7.22
N ILE B 306 -17.06 -41.83 -7.55
CA ILE B 306 -15.63 -41.61 -7.29
C ILE B 306 -15.44 -40.30 -6.50
N MET B 307 -15.85 -39.16 -7.08
CA MET B 307 -15.63 -37.83 -6.47
C MET B 307 -16.66 -36.81 -6.95
N ASP B 308 -17.12 -35.96 -6.00
CA ASP B 308 -17.97 -34.80 -6.28
C ASP B 308 -17.07 -33.61 -6.63
N ASP B 309 -17.62 -32.60 -7.32
CA ASP B 309 -16.91 -31.33 -7.62
C ASP B 309 -15.68 -31.59 -8.55
N ALA B 310 -15.81 -32.64 -9.39
CA ALA B 310 -14.78 -33.04 -10.36
C ALA B 310 -14.72 -32.04 -11.52
N GLU B 311 -13.86 -31.03 -11.35
CA GLU B 311 -13.60 -29.94 -12.33
C GLU B 311 -12.63 -30.41 -13.44
N GLN B 312 -12.15 -31.64 -13.33
CA GLN B 312 -11.17 -32.23 -14.26
C GLN B 312 -11.83 -32.73 -15.56
N PHE B 313 -13.17 -32.67 -15.58
CA PHE B 313 -13.98 -33.00 -16.77
C PHE B 313 -14.46 -31.72 -17.48
N MET B 314 -14.35 -30.58 -16.79
CA MET B 314 -14.86 -29.31 -17.30
C MET B 314 -13.88 -28.16 -16.96
N PRO B 315 -13.32 -27.43 -18.00
CA PRO B 315 -12.48 -26.22 -17.78
C PRO B 315 -13.02 -25.27 -16.68
N ASN B 316 -12.11 -24.60 -15.96
CA ASN B 316 -12.47 -23.68 -14.86
C ASN B 316 -13.10 -22.37 -15.42
N TYR B 317 -13.06 -22.22 -16.76
CA TYR B 317 -13.74 -21.12 -17.48
C TYR B 317 -15.14 -21.55 -17.97
N LEU B 318 -15.42 -22.86 -17.89
CA LEU B 318 -16.77 -23.43 -18.06
C LEU B 318 -17.28 -23.98 -16.72
N ARG B 319 -16.65 -23.52 -15.60
CA ARG B 319 -16.89 -24.08 -14.24
C ARG B 319 -18.34 -23.87 -13.77
N PHE B 320 -19.04 -22.93 -14.43
CA PHE B 320 -20.46 -22.65 -14.17
C PHE B 320 -21.35 -23.89 -14.39
N VAL B 321 -20.93 -24.76 -15.33
CA VAL B 321 -21.61 -26.04 -15.58
C VAL B 321 -21.50 -26.95 -14.34
N ARG B 322 -22.66 -27.32 -13.80
CA ARG B 322 -22.78 -28.35 -12.77
C ARG B 322 -23.61 -29.49 -13.36
N GLY B 323 -23.23 -30.70 -12.99
CA GLY B 323 -23.81 -31.90 -13.58
C GLY B 323 -23.09 -33.12 -13.08
N LEU B 324 -22.86 -34.07 -13.98
CA LEU B 324 -22.17 -35.32 -13.66
C LEU B 324 -21.73 -36.02 -14.94
N ILE B 325 -20.89 -37.05 -14.75
CA ILE B 325 -20.30 -37.82 -15.84
C ILE B 325 -20.03 -39.23 -15.33
N ASP B 326 -20.64 -40.22 -15.98
CA ASP B 326 -20.41 -41.63 -15.68
C ASP B 326 -19.57 -42.26 -16.78
N SER B 327 -18.28 -42.42 -16.51
CA SER B 327 -17.39 -43.12 -17.42
C SER B 327 -17.48 -44.62 -17.13
N SER B 328 -18.03 -45.36 -18.10
CA SER B 328 -18.17 -46.82 -18.02
C SER B 328 -16.85 -47.49 -18.47
N ASP B 329 -16.06 -46.70 -19.21
CA ASP B 329 -14.82 -47.14 -19.86
C ASP B 329 -13.58 -46.90 -18.99
N LEU B 330 -13.54 -45.74 -18.31
CA LEU B 330 -12.36 -45.32 -17.49
C LEU B 330 -12.19 -46.24 -16.24
N PRO B 331 -10.93 -46.33 -15.66
CA PRO B 331 -10.64 -47.18 -14.45
C PRO B 331 -11.38 -46.72 -13.17
N LEU B 332 -11.54 -47.66 -12.20
CA LEU B 332 -12.22 -47.41 -10.91
C LEU B 332 -11.26 -46.79 -9.88
N ASN B 333 -9.94 -46.96 -10.11
CA ASN B 333 -8.87 -46.40 -9.25
C ASN B 333 -8.51 -44.96 -9.66
N VAL B 334 -9.36 -44.36 -10.53
CA VAL B 334 -9.16 -43.01 -11.06
C VAL B 334 -9.26 -41.94 -9.93
N SER B 335 -8.40 -40.91 -10.04
CA SER B 335 -8.31 -39.80 -9.07
C SER B 335 -8.10 -38.47 -9.82
N ARG B 336 -8.12 -37.34 -9.08
CA ARG B 336 -8.01 -35.97 -9.68
C ARG B 336 -6.69 -35.81 -10.47
N GLU B 337 -5.64 -36.48 -9.97
CA GLU B 337 -4.31 -36.50 -10.60
C GLU B 337 -4.35 -37.26 -11.95
N ILE B 338 -5.03 -38.43 -11.92
CA ILE B 338 -5.23 -39.30 -13.11
C ILE B 338 -6.05 -38.57 -14.18
N LEU B 339 -7.01 -37.75 -13.72
CA LEU B 339 -7.93 -36.99 -14.59
C LEU B 339 -7.22 -35.80 -15.27
N GLN B 340 -6.14 -35.31 -14.65
CA GLN B 340 -5.30 -34.25 -15.23
C GLN B 340 -4.25 -34.85 -16.20
N ASP B 341 -3.79 -36.07 -15.86
CA ASP B 341 -2.69 -36.75 -16.56
C ASP B 341 -3.16 -37.40 -17.87
N SER B 342 -4.17 -38.28 -17.75
CA SER B 342 -4.60 -39.19 -18.82
C SER B 342 -5.02 -38.44 -20.10
N THR B 343 -4.63 -39.02 -21.26
CA THR B 343 -4.93 -38.45 -22.57
C THR B 343 -6.41 -38.66 -22.92
N VAL B 344 -6.96 -39.85 -22.59
CA VAL B 344 -8.39 -40.17 -22.87
C VAL B 344 -9.32 -39.19 -22.13
N THR B 345 -8.91 -38.79 -20.91
CA THR B 345 -9.65 -37.82 -20.09
C THR B 345 -9.53 -36.39 -20.67
N ARG B 346 -8.41 -36.12 -21.37
CA ARG B 346 -8.17 -34.81 -22.01
C ARG B 346 -9.04 -34.66 -23.27
N ASN B 347 -9.17 -35.77 -24.03
CA ASN B 347 -10.01 -35.82 -25.24
C ASN B 347 -11.49 -35.70 -24.87
N LEU B 348 -11.92 -36.40 -23.79
CA LEU B 348 -13.34 -36.39 -23.38
C LEU B 348 -13.73 -35.05 -22.75
N ARG B 349 -12.75 -34.40 -22.10
CA ARG B 349 -12.93 -33.05 -21.50
C ARG B 349 -13.13 -32.00 -22.61
N ASN B 350 -12.35 -32.14 -23.70
CA ASN B 350 -12.49 -31.30 -24.91
C ASN B 350 -13.84 -31.54 -25.61
N ALA B 351 -14.30 -32.80 -25.62
CA ALA B 351 -15.62 -33.17 -26.17
C ALA B 351 -16.75 -32.46 -25.39
N LEU B 352 -16.59 -32.43 -24.06
CA LEU B 352 -17.50 -31.72 -23.15
C LEU B 352 -17.39 -30.20 -23.32
N THR B 353 -16.17 -29.71 -23.61
CA THR B 353 -15.88 -28.27 -23.79
C THR B 353 -16.74 -27.68 -24.92
N LYS B 354 -16.62 -28.26 -26.12
CA LYS B 354 -17.37 -27.82 -27.32
C LYS B 354 -18.89 -27.98 -27.10
N ARG B 355 -19.26 -29.02 -26.33
CA ARG B 355 -20.67 -29.35 -26.06
C ARG B 355 -21.32 -28.27 -25.17
N VAL B 356 -20.50 -27.64 -24.29
CA VAL B 356 -20.92 -26.51 -23.45
C VAL B 356 -21.04 -25.24 -24.31
N LEU B 357 -20.00 -24.93 -25.13
CA LEU B 357 -20.02 -23.75 -26.04
C LEU B 357 -21.22 -23.82 -27.01
N GLN B 358 -21.63 -25.05 -27.35
CA GLN B 358 -22.83 -25.35 -28.13
C GLN B 358 -24.10 -25.03 -27.31
N MET B 359 -24.11 -25.46 -26.03
CA MET B 359 -25.23 -25.26 -25.07
C MET B 359 -25.37 -23.76 -24.67
N LEU B 360 -24.26 -23.01 -24.77
CA LEU B 360 -24.21 -21.58 -24.44
C LEU B 360 -24.79 -20.76 -25.57
N GLU B 361 -24.36 -21.07 -26.80
CA GLU B 361 -24.90 -20.44 -28.02
C GLU B 361 -26.37 -20.83 -28.20
N LYS B 362 -26.71 -22.07 -27.79
CA LYS B 362 -28.08 -22.58 -27.75
C LYS B 362 -28.93 -21.65 -26.87
N LEU B 363 -28.47 -21.40 -25.63
CA LEU B 363 -29.20 -20.58 -24.65
C LEU B 363 -29.26 -19.10 -25.11
N ALA B 364 -28.21 -18.67 -25.83
CA ALA B 364 -28.10 -17.31 -26.39
C ALA B 364 -29.07 -17.09 -27.56
N LYS B 365 -29.59 -18.19 -28.13
CA LYS B 365 -30.62 -18.18 -29.20
C LYS B 365 -32.00 -18.58 -28.62
N ASP B 366 -31.97 -19.34 -27.50
CA ASP B 366 -33.16 -19.95 -26.86
C ASP B 366 -33.98 -18.86 -26.18
N ASP B 367 -33.35 -18.23 -25.18
CA ASP B 367 -33.92 -17.09 -24.44
C ASP B 367 -32.77 -16.16 -24.08
N ALA B 368 -32.70 -15.01 -24.75
CA ALA B 368 -31.68 -13.99 -24.48
C ALA B 368 -31.71 -13.59 -22.99
N GLU B 369 -32.93 -13.41 -22.42
CA GLU B 369 -33.13 -13.07 -21.00
C GLU B 369 -32.43 -14.09 -20.07
N LYS B 370 -32.61 -15.39 -20.36
CA LYS B 370 -31.96 -16.47 -19.59
C LYS B 370 -30.43 -16.33 -19.68
N TYR B 371 -29.92 -16.12 -20.91
CA TYR B 371 -28.48 -16.05 -21.16
C TYR B 371 -27.86 -14.76 -20.61
N GLN B 372 -28.67 -13.70 -20.51
CA GLN B 372 -28.25 -12.41 -19.95
C GLN B 372 -28.16 -12.49 -18.44
N THR B 373 -29.14 -13.20 -17.81
CA THR B 373 -29.12 -13.51 -16.36
C THR B 373 -27.87 -14.34 -16.04
N PHE B 374 -27.61 -15.34 -16.90
CA PHE B 374 -26.43 -16.21 -16.83
C PHE B 374 -25.13 -15.37 -16.95
N TRP B 375 -25.11 -14.38 -17.85
CA TRP B 375 -23.95 -13.50 -18.07
C TRP B 375 -23.76 -12.55 -16.87
N GLN B 376 -24.86 -12.18 -16.21
CA GLN B 376 -24.85 -11.35 -14.99
C GLN B 376 -24.26 -12.15 -13.81
N GLN B 377 -24.37 -13.50 -13.87
CA GLN B 377 -23.88 -14.39 -12.82
C GLN B 377 -22.44 -14.88 -13.09
N PHE B 378 -22.08 -15.19 -14.36
CA PHE B 378 -20.82 -15.91 -14.71
C PHE B 378 -20.06 -15.23 -15.87
N GLY B 379 -20.36 -13.94 -16.10
CA GLY B 379 -19.83 -13.21 -17.26
C GLY B 379 -18.31 -13.11 -17.35
N LEU B 380 -17.67 -12.82 -16.20
CA LEU B 380 -16.21 -12.61 -16.13
C LEU B 380 -15.46 -13.95 -16.25
N VAL B 381 -16.15 -15.07 -15.96
CA VAL B 381 -15.59 -16.42 -16.14
C VAL B 381 -15.49 -16.73 -17.67
N LEU B 382 -16.65 -16.62 -18.34
CA LEU B 382 -16.81 -16.90 -19.79
C LEU B 382 -16.03 -15.86 -20.64
N LYS B 383 -15.77 -14.68 -20.06
CA LYS B 383 -15.06 -13.56 -20.73
C LYS B 383 -13.62 -13.94 -21.09
N GLU B 384 -13.06 -14.93 -20.36
CA GLU B 384 -11.73 -15.50 -20.66
C GLU B 384 -11.74 -16.24 -22.02
N GLY B 385 -12.91 -16.79 -22.37
CA GLY B 385 -13.15 -17.66 -23.51
C GLY B 385 -12.33 -17.39 -24.80
N PRO B 386 -12.50 -16.22 -25.49
CA PRO B 386 -11.83 -15.95 -26.80
C PRO B 386 -10.31 -15.70 -26.66
N ALA B 387 -9.87 -15.43 -25.41
CA ALA B 387 -8.45 -15.26 -25.08
C ALA B 387 -7.74 -16.62 -25.00
N GLU B 388 -8.48 -17.62 -24.48
CA GLU B 388 -8.05 -19.02 -24.49
C GLU B 388 -8.18 -19.56 -25.93
N ASP B 389 -9.43 -19.70 -26.42
CA ASP B 389 -9.69 -20.22 -27.77
C ASP B 389 -10.10 -19.09 -28.72
N PHE B 390 -9.09 -18.53 -29.38
CA PHE B 390 -9.29 -17.52 -30.45
C PHE B 390 -9.79 -18.19 -31.74
N ALA B 391 -9.64 -19.52 -31.87
CA ALA B 391 -10.05 -20.27 -33.08
C ALA B 391 -11.57 -20.13 -33.35
N ASN B 392 -12.37 -20.43 -32.32
CA ASN B 392 -13.85 -20.29 -32.37
C ASN B 392 -14.31 -18.99 -31.68
N GLN B 393 -13.41 -17.96 -31.72
CA GLN B 393 -13.68 -16.62 -31.16
C GLN B 393 -14.92 -15.95 -31.78
N GLU B 394 -15.33 -16.37 -33.01
CA GLU B 394 -16.60 -15.91 -33.61
C GLU B 394 -17.79 -16.24 -32.68
N ALA B 395 -17.80 -17.51 -32.22
CA ALA B 395 -18.85 -18.05 -31.35
C ALA B 395 -18.76 -17.46 -29.93
N ILE B 396 -17.54 -17.37 -29.38
CA ILE B 396 -17.35 -17.02 -27.96
C ILE B 396 -17.48 -15.49 -27.75
N ALA B 397 -16.97 -14.69 -28.69
CA ALA B 397 -17.14 -13.20 -28.68
C ALA B 397 -18.61 -12.79 -28.91
N LYS B 398 -19.38 -13.73 -29.50
CA LYS B 398 -20.84 -13.63 -29.67
C LYS B 398 -21.56 -13.84 -28.33
N LEU B 399 -20.94 -14.69 -27.49
CA LEU B 399 -21.42 -15.02 -26.14
C LEU B 399 -21.10 -13.84 -25.19
N LEU B 400 -20.01 -13.09 -25.50
CA LEU B 400 -19.61 -11.90 -24.75
C LEU B 400 -20.64 -10.77 -24.92
N ARG B 401 -21.16 -10.26 -23.79
CA ARG B 401 -22.10 -9.13 -23.76
C ARG B 401 -21.42 -7.96 -23.03
N PHE B 402 -21.31 -6.81 -23.71
CA PHE B 402 -20.69 -5.57 -23.19
C PHE B 402 -21.76 -4.48 -23.06
N ALA B 403 -21.37 -3.28 -22.64
CA ALA B 403 -22.27 -2.10 -22.61
C ALA B 403 -21.79 -1.06 -23.63
N SER B 404 -22.70 -0.20 -24.11
CA SER B 404 -22.37 0.92 -25.03
C SER B 404 -23.04 2.22 -24.56
N THR B 405 -22.72 3.33 -25.24
CA THR B 405 -23.23 4.69 -24.92
C THR B 405 -24.73 4.81 -25.30
N HIS B 406 -25.27 3.76 -26.00
CA HIS B 406 -26.70 3.64 -26.35
C HIS B 406 -27.62 3.84 -25.12
N THR B 407 -27.08 3.50 -23.92
CA THR B 407 -27.78 3.63 -22.65
C THR B 407 -26.76 4.07 -21.57
N ASP B 408 -27.24 4.84 -20.57
CA ASP B 408 -26.40 5.34 -19.45
C ASP B 408 -26.37 4.31 -18.29
N SER B 409 -26.67 3.02 -18.60
CA SER B 409 -26.63 1.92 -17.64
C SER B 409 -25.33 1.11 -17.77
N SER B 410 -24.91 0.49 -16.65
CA SER B 410 -23.72 -0.38 -16.59
C SER B 410 -24.07 -1.84 -17.00
N ALA B 411 -25.29 -2.03 -17.52
CA ALA B 411 -25.82 -3.34 -17.93
C ALA B 411 -25.06 -3.92 -19.14
N GLN B 412 -24.42 -5.09 -18.95
CA GLN B 412 -23.70 -5.80 -20.01
C GLN B 412 -24.73 -6.45 -20.97
N THR B 413 -25.15 -5.67 -21.99
CA THR B 413 -26.22 -6.03 -22.92
C THR B 413 -25.70 -6.22 -24.36
N VAL B 414 -25.14 -5.12 -24.93
CA VAL B 414 -24.74 -5.03 -26.34
C VAL B 414 -23.51 -5.92 -26.64
N SER B 415 -23.68 -6.88 -27.55
CA SER B 415 -22.60 -7.74 -28.04
C SER B 415 -21.86 -7.03 -29.19
N LEU B 416 -20.70 -7.60 -29.59
CA LEU B 416 -19.91 -7.08 -30.72
C LEU B 416 -20.71 -7.14 -32.04
N GLU B 417 -21.63 -8.12 -32.10
CA GLU B 417 -22.57 -8.32 -33.22
C GLU B 417 -23.44 -7.06 -33.40
N ASP B 418 -24.01 -6.61 -32.25
CA ASP B 418 -24.95 -5.46 -32.20
C ASP B 418 -24.21 -4.16 -32.54
N TYR B 419 -22.91 -4.10 -32.21
CA TYR B 419 -22.07 -2.94 -32.51
C TYR B 419 -21.94 -2.75 -34.04
N VAL B 420 -21.54 -3.82 -34.73
CA VAL B 420 -21.37 -3.82 -36.19
C VAL B 420 -22.73 -3.50 -36.90
N SER B 421 -23.82 -3.98 -36.28
CA SER B 421 -25.19 -3.73 -36.75
C SER B 421 -25.60 -2.24 -36.58
N ARG B 422 -25.11 -1.58 -35.50
CA ARG B 422 -25.48 -0.19 -35.16
C ARG B 422 -24.42 0.83 -35.65
N MET B 423 -23.34 0.32 -36.30
CA MET B 423 -22.25 1.16 -36.86
C MET B 423 -22.73 2.38 -37.65
N LYS B 424 -22.12 3.54 -37.34
CA LYS B 424 -22.40 4.84 -37.96
C LYS B 424 -21.45 5.05 -39.15
N GLU B 425 -21.61 6.19 -39.86
CA GLU B 425 -20.79 6.51 -41.05
C GLU B 425 -19.35 6.85 -40.62
N GLY B 426 -18.38 6.11 -41.20
CA GLY B 426 -16.96 6.26 -40.85
C GLY B 426 -16.53 5.39 -39.68
N GLN B 427 -17.49 4.65 -39.10
CA GLN B 427 -17.25 3.74 -37.97
C GLN B 427 -16.90 2.34 -38.51
N GLU B 428 -15.63 2.18 -38.94
CA GLU B 428 -15.11 0.92 -39.51
C GLU B 428 -14.37 0.10 -38.44
N LYS B 429 -14.20 0.70 -37.24
CA LYS B 429 -13.54 0.06 -36.10
C LYS B 429 -14.42 0.20 -34.84
N ILE B 430 -14.11 -0.62 -33.82
CA ILE B 430 -14.97 -0.79 -32.63
C ILE B 430 -14.44 0.09 -31.48
N TYR B 431 -15.10 1.24 -31.20
CA TYR B 431 -14.63 2.21 -30.16
C TYR B 431 -14.99 1.74 -28.73
N TYR B 432 -14.11 2.09 -27.74
CA TYR B 432 -14.22 1.66 -26.33
C TYR B 432 -13.81 2.78 -25.33
N ILE B 433 -14.27 2.59 -24.08
CA ILE B 433 -13.75 3.26 -22.87
C ILE B 433 -13.71 2.20 -21.76
N THR B 434 -12.54 2.01 -21.13
CA THR B 434 -12.37 1.11 -19.99
C THR B 434 -11.91 1.89 -18.74
N ALA B 435 -12.42 1.49 -17.56
CA ALA B 435 -12.07 2.11 -16.26
C ALA B 435 -12.34 1.12 -15.12
N ASP B 436 -12.21 1.59 -13.87
CA ASP B 436 -12.45 0.78 -12.67
C ASP B 436 -13.95 0.66 -12.38
N SER B 437 -14.68 1.76 -12.62
CA SER B 437 -16.13 1.85 -12.38
C SER B 437 -16.81 2.64 -13.51
N TYR B 438 -18.11 2.37 -13.71
CA TYR B 438 -18.91 3.03 -14.77
C TYR B 438 -18.93 4.54 -14.58
N ALA B 439 -19.15 4.98 -13.33
CA ALA B 439 -19.25 6.40 -12.95
C ALA B 439 -17.95 7.18 -13.27
N ALA B 440 -16.78 6.49 -13.15
CA ALA B 440 -15.46 7.08 -13.46
C ALA B 440 -15.32 7.27 -14.98
N ALA B 441 -15.62 6.19 -15.72
CA ALA B 441 -15.59 6.16 -17.20
C ALA B 441 -16.59 7.18 -17.81
N LYS B 442 -17.71 7.37 -17.11
CA LYS B 442 -18.84 8.19 -17.57
C LYS B 442 -18.59 9.68 -17.23
N SER B 443 -17.77 9.93 -16.18
CA SER B 443 -17.45 11.30 -15.73
C SER B 443 -16.50 12.02 -16.73
N SER B 444 -15.98 11.27 -17.72
CA SER B 444 -15.21 11.83 -18.84
C SER B 444 -16.18 12.56 -19.81
N PRO B 445 -16.02 13.92 -20.03
CA PRO B 445 -16.86 14.68 -20.99
C PRO B 445 -16.56 14.30 -22.46
N HIS B 446 -15.37 13.71 -22.70
CA HIS B 446 -14.94 13.26 -24.03
C HIS B 446 -15.87 12.13 -24.55
N LEU B 447 -16.41 11.34 -23.60
CA LEU B 447 -17.45 10.31 -23.87
C LEU B 447 -18.65 10.97 -24.60
N GLU B 448 -19.06 12.14 -24.05
CA GLU B 448 -20.22 12.89 -24.54
C GLU B 448 -19.89 13.62 -25.86
N LEU B 449 -18.58 13.79 -26.14
CA LEU B 449 -18.11 14.47 -27.35
C LEU B 449 -18.38 13.59 -28.59
N LEU B 450 -17.95 12.32 -28.52
CA LEU B 450 -18.18 11.33 -29.61
C LEU B 450 -19.68 11.03 -29.75
N ARG B 451 -20.36 10.98 -28.59
CA ARG B 451 -21.81 10.76 -28.50
C ARG B 451 -22.60 11.76 -29.39
N LYS B 452 -22.16 13.05 -29.35
CA LYS B 452 -22.77 14.11 -30.18
C LYS B 452 -22.20 14.09 -31.63
N LYS B 453 -20.92 13.68 -31.78
CA LYS B 453 -20.23 13.63 -33.11
C LYS B 453 -20.70 12.43 -33.96
N GLY B 454 -21.59 11.60 -33.41
CA GLY B 454 -22.18 10.48 -34.15
C GLY B 454 -21.28 9.27 -34.20
N ILE B 455 -20.42 9.11 -33.19
CA ILE B 455 -19.68 7.87 -32.95
C ILE B 455 -20.33 7.14 -31.74
N GLU B 456 -20.41 5.81 -31.85
CA GLU B 456 -20.89 4.92 -30.78
C GLU B 456 -19.67 4.39 -30.02
N VAL B 457 -19.73 4.35 -28.68
CA VAL B 457 -18.60 3.95 -27.83
C VAL B 457 -19.05 2.84 -26.86
N LEU B 458 -18.25 1.76 -26.76
CA LEU B 458 -18.52 0.66 -25.82
C LEU B 458 -18.02 1.05 -24.41
N LEU B 459 -18.96 1.22 -23.46
CA LEU B 459 -18.66 1.69 -22.09
C LEU B 459 -18.47 0.50 -21.15
N LEU B 460 -17.23 0.00 -21.07
CA LEU B 460 -16.86 -1.14 -20.22
C LEU B 460 -16.37 -0.62 -18.86
N SER B 461 -17.13 -0.99 -17.81
CA SER B 461 -16.93 -0.50 -16.43
C SER B 461 -16.07 -1.47 -15.61
N ASP B 462 -15.76 -2.61 -16.22
CA ASP B 462 -15.13 -3.75 -15.57
C ASP B 462 -13.67 -3.89 -16.07
N ARG B 463 -12.76 -4.24 -15.15
CA ARG B 463 -11.30 -4.07 -15.33
C ARG B 463 -10.65 -5.18 -16.16
N ILE B 464 -11.25 -6.38 -16.11
CA ILE B 464 -10.71 -7.57 -16.81
C ILE B 464 -10.74 -7.37 -18.34
N ASP B 465 -11.71 -6.54 -18.78
CA ASP B 465 -11.94 -6.19 -20.19
C ASP B 465 -10.73 -5.53 -20.87
N GLU B 466 -9.88 -4.89 -20.07
CA GLU B 466 -8.64 -4.25 -20.56
C GLU B 466 -7.66 -5.29 -21.14
N TRP B 467 -7.51 -6.43 -20.44
CA TRP B 467 -6.65 -7.55 -20.89
C TRP B 467 -7.40 -8.38 -21.96
N MET B 468 -8.74 -8.41 -21.86
CA MET B 468 -9.62 -9.10 -22.82
C MET B 468 -9.42 -8.51 -24.24
N MET B 469 -9.28 -7.17 -24.31
CA MET B 469 -8.99 -6.43 -25.58
C MET B 469 -7.53 -6.64 -26.09
N ASN B 470 -6.66 -7.18 -25.23
CA ASN B 470 -5.26 -7.49 -25.58
C ASN B 470 -5.17 -8.79 -26.41
N TYR B 471 -6.19 -9.66 -26.28
CA TYR B 471 -6.26 -10.98 -26.97
C TYR B 471 -7.31 -10.92 -28.09
N LEU B 472 -8.49 -10.37 -27.78
CA LEU B 472 -9.46 -9.94 -28.80
C LEU B 472 -8.88 -8.72 -29.53
N THR B 473 -8.08 -8.99 -30.57
CA THR B 473 -7.44 -7.96 -31.40
C THR B 473 -8.42 -7.36 -32.45
N GLU B 474 -9.39 -8.18 -32.92
CA GLU B 474 -10.41 -7.74 -33.90
C GLU B 474 -11.59 -8.74 -33.96
N PHE B 475 -12.71 -8.28 -34.52
CA PHE B 475 -13.93 -9.07 -34.77
C PHE B 475 -14.56 -8.58 -36.07
N ASP B 476 -14.94 -9.53 -36.96
CA ASP B 476 -15.66 -9.25 -38.22
C ASP B 476 -14.75 -8.47 -39.22
N GLY B 477 -13.43 -8.54 -38.97
CA GLY B 477 -12.43 -7.77 -39.73
C GLY B 477 -12.23 -6.36 -39.18
N LYS B 478 -13.08 -5.98 -38.21
CA LYS B 478 -13.07 -4.65 -37.56
C LYS B 478 -12.20 -4.69 -36.28
N PRO B 479 -10.98 -4.07 -36.30
CA PRO B 479 -10.12 -3.98 -35.10
C PRO B 479 -10.69 -3.04 -34.03
N PHE B 480 -10.33 -3.33 -32.76
CA PHE B 480 -10.84 -2.59 -31.60
C PHE B 480 -10.03 -1.29 -31.37
N GLN B 481 -10.71 -0.26 -30.88
CA GLN B 481 -10.23 1.13 -30.80
C GLN B 481 -10.66 1.79 -29.48
N SER B 482 -9.82 2.70 -29.02
CA SER B 482 -10.11 3.59 -27.92
C SER B 482 -10.98 4.77 -28.41
N VAL B 483 -11.50 5.55 -27.46
CA VAL B 483 -12.32 6.76 -27.70
C VAL B 483 -11.48 7.95 -28.33
N SER B 484 -10.28 7.67 -28.88
CA SER B 484 -9.27 8.67 -29.30
C SER B 484 -9.55 9.25 -30.71
N LYS B 485 -10.76 9.04 -31.27
CA LYS B 485 -11.19 9.71 -32.52
C LYS B 485 -12.45 10.54 -32.28
N VAL B 486 -12.60 11.62 -33.07
CA VAL B 486 -13.84 12.43 -33.19
C VAL B 486 -14.01 12.74 -34.69
N ASP B 487 -15.13 13.40 -35.06
CA ASP B 487 -15.28 13.94 -36.42
C ASP B 487 -14.97 15.45 -36.38
N GLU B 488 -14.60 16.01 -37.55
CA GLU B 488 -14.09 17.42 -37.84
C GLU B 488 -14.40 18.55 -36.80
N SER B 489 -14.11 18.32 -35.50
CA SER B 489 -14.42 19.27 -34.41
C SER B 489 -13.17 20.07 -33.99
N LEU B 490 -12.24 19.37 -33.32
CA LEU B 490 -11.08 20.01 -32.66
C LEU B 490 -9.89 19.02 -32.66
N GLU B 491 -9.58 18.48 -33.85
CA GLU B 491 -8.41 17.57 -34.06
C GLU B 491 -7.11 18.19 -33.53
N LYS B 492 -6.97 19.51 -33.75
CA LYS B 492 -5.77 20.30 -33.37
C LYS B 492 -5.65 20.54 -31.85
N LEU B 493 -6.47 19.85 -31.02
CA LEU B 493 -6.47 19.96 -29.53
C LEU B 493 -5.05 19.92 -28.86
N ALA B 494 -4.09 19.23 -29.50
CA ALA B 494 -2.71 19.11 -28.96
C ALA B 494 -1.80 20.27 -29.43
N ASP B 495 -2.23 21.01 -30.46
CA ASP B 495 -1.47 22.13 -31.07
C ASP B 495 -1.95 23.52 -30.58
N GLU B 496 -3.27 23.70 -30.40
CA GLU B 496 -3.85 25.04 -30.07
C GLU B 496 -3.75 25.36 -28.55
N VAL B 497 -2.52 25.27 -28.04
CA VAL B 497 -2.21 25.33 -26.61
C VAL B 497 -1.82 26.78 -26.20
N ASP B 498 -2.73 27.71 -26.56
CA ASP B 498 -2.57 29.18 -26.40
C ASP B 498 -1.44 29.71 -27.30
N GLU B 499 -0.20 29.53 -26.83
CA GLU B 499 1.03 29.81 -27.62
C GLU B 499 2.25 29.26 -26.87
N SER B 500 2.01 28.30 -25.96
CA SER B 500 3.06 27.71 -25.11
C SER B 500 4.05 26.89 -25.95
N ALA B 501 5.17 27.54 -26.31
CA ALA B 501 6.21 26.96 -27.20
C ALA B 501 7.55 26.86 -26.44
N LYS B 502 8.64 26.59 -27.18
CA LYS B 502 10.02 26.46 -26.62
C LYS B 502 10.40 27.71 -25.79
N GLU B 503 9.95 28.89 -26.27
CA GLU B 503 10.12 30.20 -25.57
C GLU B 503 9.68 30.14 -24.08
N ALA B 504 8.50 29.56 -23.83
CA ALA B 504 7.97 29.39 -22.47
C ALA B 504 8.76 28.30 -21.73
N GLU B 505 9.07 27.22 -22.47
CA GLU B 505 9.76 26.04 -21.93
C GLU B 505 11.21 26.33 -21.51
N LYS B 506 11.78 27.46 -22.00
CA LYS B 506 13.08 27.98 -21.54
C LYS B 506 13.01 28.40 -20.06
N ALA B 507 11.86 29.00 -19.67
CA ALA B 507 11.58 29.39 -18.27
C ALA B 507 11.06 28.20 -17.44
N LEU B 508 10.38 27.26 -18.13
CA LEU B 508 9.75 26.10 -17.48
C LEU B 508 10.77 25.02 -17.11
N THR B 509 11.88 24.89 -17.86
CA THR B 509 12.91 23.86 -17.59
C THR B 509 13.64 24.06 -16.21
N PRO B 510 14.10 25.31 -15.82
CA PRO B 510 14.63 25.55 -14.46
C PRO B 510 13.56 25.30 -13.37
N PHE B 511 12.29 25.62 -13.71
CA PHE B 511 11.14 25.35 -12.82
C PHE B 511 10.97 23.84 -12.59
N ILE B 512 11.07 23.04 -13.68
CA ILE B 512 10.97 21.55 -13.63
C ILE B 512 12.04 21.00 -12.68
N ASP B 513 13.26 21.53 -12.84
CA ASP B 513 14.44 21.13 -12.05
C ASP B 513 14.24 21.42 -10.56
N ARG B 514 13.71 22.62 -10.24
CA ARG B 514 13.47 23.06 -8.85
C ARG B 514 12.44 22.15 -8.15
N VAL B 515 11.34 21.84 -8.88
CA VAL B 515 10.26 20.97 -8.37
C VAL B 515 10.80 19.55 -8.13
N LYS B 516 11.55 19.05 -9.12
CA LYS B 516 12.05 17.67 -9.15
C LYS B 516 13.16 17.45 -8.09
N ALA B 517 13.87 18.55 -7.73
CA ALA B 517 14.91 18.54 -6.68
C ALA B 517 14.27 18.68 -5.27
N LEU B 518 13.15 19.42 -5.21
CA LEU B 518 12.37 19.64 -3.95
C LEU B 518 11.74 18.31 -3.49
N LEU B 519 11.24 17.55 -4.48
CA LEU B 519 10.62 16.24 -4.28
C LEU B 519 11.71 15.14 -4.21
N GLY B 520 12.75 15.31 -5.04
CA GLY B 520 13.87 14.35 -5.11
C GLY B 520 13.47 13.06 -5.80
N GLU B 521 13.20 12.01 -5.00
CA GLU B 521 12.76 10.69 -5.50
C GLU B 521 11.27 10.45 -5.20
N ARG B 522 10.61 11.44 -4.58
CA ARG B 522 9.22 11.35 -4.09
C ARG B 522 8.20 11.31 -5.27
N VAL B 523 8.64 11.84 -6.41
CA VAL B 523 7.93 11.76 -7.70
C VAL B 523 8.94 11.28 -8.75
N LYS B 524 8.52 10.32 -9.60
CA LYS B 524 9.37 9.70 -10.65
C LYS B 524 9.94 10.77 -11.62
N ASP B 525 9.08 11.68 -12.11
CA ASP B 525 9.49 12.80 -12.96
C ASP B 525 8.45 13.92 -12.98
N VAL B 526 8.94 15.16 -13.18
CA VAL B 526 8.11 16.37 -13.26
C VAL B 526 8.17 16.90 -14.72
N ARG B 527 7.00 17.25 -15.28
CA ARG B 527 6.86 17.69 -16.68
C ARG B 527 6.01 18.97 -16.71
N LEU B 528 6.35 19.90 -17.63
CA LEU B 528 5.50 21.07 -17.93
C LEU B 528 4.93 20.89 -19.34
N THR B 529 3.77 20.22 -19.42
CA THR B 529 3.12 19.83 -20.68
C THR B 529 1.91 20.77 -20.93
N HIS B 530 1.13 20.55 -22.02
CA HIS B 530 0.15 21.55 -22.49
C HIS B 530 -1.31 21.04 -22.35
N ARG B 531 -1.64 20.48 -21.17
CA ARG B 531 -3.02 20.02 -20.85
C ARG B 531 -3.84 21.24 -20.38
N LEU B 532 -4.54 21.92 -21.32
CA LEU B 532 -5.22 23.21 -21.03
C LEU B 532 -6.27 23.02 -19.90
N THR B 533 -7.45 22.43 -20.24
CA THR B 533 -8.55 22.02 -19.29
C THR B 533 -8.85 23.06 -18.15
N ASP B 534 -9.64 22.65 -17.12
CA ASP B 534 -9.86 23.50 -15.91
C ASP B 534 -8.88 23.10 -14.79
N THR B 535 -8.21 21.95 -15.00
CA THR B 535 -7.28 21.38 -14.04
C THR B 535 -5.87 21.93 -14.31
N PRO B 536 -5.17 22.51 -13.29
CA PRO B 536 -3.78 23.03 -13.45
C PRO B 536 -2.76 21.91 -13.72
N ALA B 537 -2.96 20.75 -13.07
CA ALA B 537 -1.98 19.68 -13.06
C ALA B 537 -2.66 18.30 -13.06
N ILE B 538 -2.12 17.39 -13.87
CA ILE B 538 -2.61 16.01 -14.02
C ILE B 538 -1.38 15.10 -14.16
N VAL B 539 -1.40 13.90 -13.58
CA VAL B 539 -0.24 12.99 -13.67
C VAL B 539 -0.41 12.03 -14.86
N SER B 540 0.70 11.40 -15.27
CA SER B 540 0.74 10.42 -16.36
C SER B 540 1.12 9.04 -15.80
N THR B 541 0.58 7.98 -16.43
CA THR B 541 0.77 6.58 -15.99
C THR B 541 1.27 5.73 -17.15
N ASP B 542 2.25 4.87 -16.87
CA ASP B 542 2.79 3.90 -17.85
C ASP B 542 1.82 2.70 -17.98
N ALA B 543 1.54 2.04 -16.84
CA ALA B 543 0.59 0.91 -16.76
C ALA B 543 -0.48 1.19 -15.66
N ASP B 544 -1.12 0.11 -15.13
CA ASP B 544 -2.27 0.25 -14.20
C ASP B 544 -1.85 0.92 -12.87
N GLU B 545 -2.49 2.09 -12.62
CA GLU B 545 -2.22 2.96 -11.47
C GLU B 545 -0.71 3.27 -11.43
N MET B 546 -0.15 3.51 -12.64
CA MET B 546 1.32 3.58 -12.90
C MET B 546 1.91 2.17 -12.80
N SER B 547 1.91 1.61 -11.57
CA SER B 547 2.53 0.32 -11.28
C SER B 547 1.94 -0.33 -9.99
N THR B 548 0.67 0.01 -9.61
CA THR B 548 0.06 -0.50 -8.35
C THR B 548 -0.72 -1.83 -8.58
N GLN B 549 -0.56 -2.45 -9.78
CA GLN B 549 -1.18 -3.74 -10.13
C GLN B 549 -0.56 -4.30 -11.43
N MET B 550 0.59 -5.02 -11.28
CA MET B 550 1.29 -5.68 -12.40
C MET B 550 2.50 -6.48 -11.86
N ALA B 551 2.92 -7.49 -12.63
CA ALA B 551 3.92 -8.49 -12.22
C ALA B 551 5.32 -7.87 -11.98
N LYS B 552 5.95 -7.37 -13.05
CA LYS B 552 7.30 -6.76 -13.01
C LYS B 552 7.34 -5.54 -12.07
N LEU B 553 6.24 -4.78 -12.11
CA LEU B 553 6.12 -3.49 -11.46
C LEU B 553 6.20 -3.61 -9.92
N PHE B 554 5.53 -4.61 -9.32
CA PHE B 554 5.63 -4.89 -7.86
C PHE B 554 6.99 -5.52 -7.48
N ALA B 555 7.70 -6.07 -8.48
CA ALA B 555 9.05 -6.65 -8.31
C ALA B 555 10.16 -5.58 -8.48
N ALA B 556 9.78 -4.28 -8.41
CA ALA B 556 10.74 -3.17 -8.48
C ALA B 556 11.56 -3.07 -7.17
N ALA B 557 10.91 -2.66 -6.06
CA ALA B 557 11.58 -2.48 -4.74
C ALA B 557 10.98 -3.39 -3.65
N GLY B 558 9.64 -3.49 -3.61
CA GLY B 558 8.94 -4.23 -2.55
C GLY B 558 8.13 -3.32 -1.62
N GLN B 559 8.28 -1.99 -1.78
CA GLN B 559 7.46 -0.97 -1.06
C GLN B 559 6.10 -0.81 -1.81
N LYS B 560 5.58 0.42 -2.01
CA LYS B 560 4.40 0.65 -2.87
C LYS B 560 4.81 0.79 -4.36
N VAL B 561 6.01 0.24 -4.70
CA VAL B 561 6.78 0.51 -5.95
C VAL B 561 7.29 1.99 -6.01
N PRO B 562 8.62 2.22 -6.32
CA PRO B 562 9.18 3.59 -6.52
C PRO B 562 8.65 4.24 -7.81
N GLU B 563 8.46 3.39 -8.84
CA GLU B 563 7.95 3.80 -10.15
C GLU B 563 6.51 4.33 -10.04
N VAL B 564 5.78 3.83 -9.01
CA VAL B 564 4.36 4.18 -8.76
C VAL B 564 4.17 5.67 -8.55
N LYS B 565 5.22 6.33 -8.03
CA LYS B 565 5.22 7.77 -7.78
C LYS B 565 5.00 8.48 -9.12
N TYR B 566 3.78 8.97 -9.31
CA TYR B 566 3.21 9.33 -10.63
C TYR B 566 3.97 10.48 -11.28
N ILE B 567 4.03 10.47 -12.63
CA ILE B 567 4.84 11.44 -13.38
C ILE B 567 4.00 12.72 -13.49
N PHE B 568 4.40 13.73 -12.73
CA PHE B 568 3.60 14.91 -12.43
C PHE B 568 3.70 15.96 -13.55
N GLU B 569 2.65 16.04 -14.39
CA GLU B 569 2.58 17.02 -15.49
C GLU B 569 1.79 18.25 -15.05
N LEU B 570 2.26 19.45 -15.44
CA LEU B 570 1.62 20.74 -15.11
C LEU B 570 1.32 21.50 -16.41
N ASN B 571 0.33 22.41 -16.37
CA ASN B 571 -0.04 23.28 -17.50
C ASN B 571 0.33 24.74 -17.15
N PRO B 572 1.39 25.33 -17.81
CA PRO B 572 1.86 26.72 -17.51
C PRO B 572 0.80 27.77 -17.90
N ASP B 573 -0.14 27.36 -18.76
CA ASP B 573 -1.22 28.20 -19.26
C ASP B 573 -2.28 28.44 -18.16
N HIS B 574 -2.52 27.45 -17.28
CA HIS B 574 -3.54 27.59 -16.22
C HIS B 574 -3.00 28.42 -15.05
N VAL B 575 -3.84 29.38 -14.58
CA VAL B 575 -3.48 30.44 -13.60
C VAL B 575 -2.70 29.93 -12.36
N LEU B 576 -3.04 28.73 -11.86
CA LEU B 576 -2.45 28.18 -10.62
C LEU B 576 -0.95 27.79 -10.81
N VAL B 577 -0.63 27.14 -11.95
CA VAL B 577 0.76 26.75 -12.29
C VAL B 577 1.55 27.99 -12.75
N LYS B 578 0.86 28.92 -13.43
CA LYS B 578 1.44 30.19 -13.92
C LYS B 578 1.97 30.99 -12.70
N ARG B 579 1.08 31.16 -11.70
CA ARG B 579 1.37 31.88 -10.46
C ARG B 579 2.43 31.13 -9.63
N ALA B 580 2.42 29.78 -9.71
CA ALA B 580 3.39 28.92 -9.00
C ALA B 580 4.79 29.01 -9.65
N ALA B 581 4.82 29.38 -10.94
CA ALA B 581 6.07 29.59 -11.69
C ALA B 581 6.67 30.96 -11.32
N ASP B 582 5.79 31.92 -10.96
CA ASP B 582 6.20 33.26 -10.48
C ASP B 582 6.59 33.22 -8.98
N THR B 583 6.11 32.18 -8.25
CA THR B 583 6.42 31.99 -6.83
C THR B 583 7.83 31.38 -6.67
N GLU B 584 8.83 32.24 -6.41
CA GLU B 584 10.21 31.82 -6.19
C GLU B 584 10.45 31.42 -4.72
N ASP B 585 9.74 32.10 -3.79
CA ASP B 585 9.86 31.89 -2.32
C ASP B 585 9.83 30.39 -1.96
N GLU B 586 10.88 29.89 -1.27
CA GLU B 586 11.09 28.44 -1.00
C GLU B 586 9.87 27.75 -0.36
N ALA B 587 9.31 28.40 0.68
CA ALA B 587 8.19 27.83 1.48
C ALA B 587 6.89 27.75 0.67
N LYS B 588 6.59 28.84 -0.06
CA LYS B 588 5.37 28.94 -0.88
C LYS B 588 5.51 28.15 -2.20
N PHE B 589 6.75 28.04 -2.70
CA PHE B 589 7.06 27.29 -3.93
C PHE B 589 6.69 25.82 -3.71
N SER B 590 7.17 25.27 -2.59
CA SER B 590 6.81 23.92 -2.15
C SER B 590 5.29 23.80 -1.98
N GLU B 591 4.67 24.78 -1.28
CA GLU B 591 3.21 24.78 -0.95
C GLU B 591 2.33 24.69 -2.21
N TRP B 592 2.73 25.39 -3.29
CA TRP B 592 2.03 25.33 -4.58
C TRP B 592 2.22 23.94 -5.23
N VAL B 593 3.48 23.42 -5.19
CA VAL B 593 3.79 22.06 -5.71
C VAL B 593 2.94 21.01 -4.99
N GLU B 594 2.75 21.19 -3.67
CA GLU B 594 1.96 20.27 -2.82
C GLU B 594 0.48 20.29 -3.24
N LEU B 595 -0.06 21.50 -3.44
CA LEU B 595 -1.48 21.73 -3.84
C LEU B 595 -1.81 21.02 -5.16
N LEU B 596 -0.97 21.30 -6.15
CA LEU B 596 -1.16 20.81 -7.52
C LEU B 596 -0.90 19.28 -7.59
N LEU B 597 0.03 18.79 -6.74
CA LEU B 597 0.40 17.36 -6.68
C LEU B 597 -0.74 16.53 -6.10
N ASP B 598 -1.19 16.91 -4.89
CA ASP B 598 -2.29 16.25 -4.17
C ASP B 598 -3.56 16.17 -5.04
N GLN B 599 -3.85 17.27 -5.75
CA GLN B 599 -5.04 17.38 -6.61
C GLN B 599 -4.95 16.44 -7.83
N ALA B 600 -3.76 16.40 -8.46
CA ALA B 600 -3.47 15.57 -9.64
C ALA B 600 -3.59 14.08 -9.29
N LEU B 601 -2.95 13.70 -8.18
CA LEU B 601 -3.00 12.34 -7.65
C LEU B 601 -4.46 11.94 -7.36
N LEU B 602 -5.21 12.84 -6.70
CA LEU B 602 -6.63 12.65 -6.34
C LEU B 602 -7.52 12.42 -7.59
N ALA B 603 -7.05 12.90 -8.76
CA ALA B 603 -7.73 12.70 -10.05
C ALA B 603 -7.53 11.25 -10.54
N GLU B 604 -6.28 10.75 -10.42
CA GLU B 604 -5.90 9.41 -10.95
C GLU B 604 -5.98 8.30 -9.85
N ARG B 605 -6.37 8.68 -8.62
CA ARG B 605 -6.51 7.73 -7.49
C ARG B 605 -7.92 7.75 -6.89
N GLY B 606 -8.44 8.97 -6.68
CA GLY B 606 -9.67 9.16 -5.87
C GLY B 606 -9.48 8.79 -4.39
N THR B 607 -8.21 8.53 -3.98
CA THR B 607 -7.85 8.06 -2.63
C THR B 607 -6.38 8.40 -2.35
N LEU B 608 -6.11 9.21 -1.32
CA LEU B 608 -4.72 9.59 -0.93
C LEU B 608 -4.41 9.06 0.48
N GLU B 609 -3.12 9.10 0.86
CA GLU B 609 -2.66 8.65 2.20
C GLU B 609 -3.21 9.59 3.30
N ASP B 610 -3.03 10.92 3.12
CA ASP B 610 -3.66 11.94 3.98
C ASP B 610 -4.27 13.06 3.10
N PRO B 611 -5.54 12.87 2.59
CA PRO B 611 -6.23 13.83 1.68
C PRO B 611 -6.72 15.08 2.42
N ASN B 612 -6.83 14.98 3.76
CA ASN B 612 -7.29 16.08 4.62
C ASN B 612 -6.29 17.26 4.58
N LEU B 613 -5.01 16.95 4.32
CA LEU B 613 -3.95 17.95 4.14
C LEU B 613 -4.23 18.82 2.89
N PHE B 614 -4.64 18.18 1.78
CA PHE B 614 -5.07 18.88 0.55
C PHE B 614 -6.28 19.78 0.84
N ILE B 615 -7.25 19.22 1.56
CA ILE B 615 -8.50 19.92 1.93
C ILE B 615 -8.20 21.19 2.74
N ARG B 616 -7.34 21.06 3.76
CA ARG B 616 -7.04 22.17 4.68
C ARG B 616 -6.16 23.25 4.02
N ARG B 617 -5.16 22.83 3.21
CA ARG B 617 -4.21 23.76 2.56
C ARG B 617 -4.95 24.68 1.55
N MET B 618 -5.92 24.09 0.82
CA MET B 618 -6.68 24.82 -0.22
C MET B 618 -7.69 25.76 0.44
N ASN B 619 -8.37 25.29 1.51
CA ASN B 619 -9.35 26.09 2.27
C ASN B 619 -8.64 27.25 3.00
N GLN B 620 -7.36 27.03 3.35
CA GLN B 620 -6.49 28.07 3.95
C GLN B 620 -6.24 29.19 2.94
N LEU B 621 -5.91 28.79 1.69
CA LEU B 621 -5.68 29.74 0.59
C LEU B 621 -6.98 30.47 0.17
N LEU B 622 -8.13 29.78 0.34
CA LEU B 622 -9.46 30.34 -0.01
C LEU B 622 -9.92 31.38 1.03
N VAL B 623 -9.80 31.06 2.34
CA VAL B 623 -10.29 31.94 3.43
C VAL B 623 -9.33 33.12 3.66
N SER B 624 -8.02 32.85 3.60
CA SER B 624 -6.96 33.85 3.77
C SER B 624 -6.48 34.34 2.38
N MET C 1 -10.65 4.39 36.58
CA MET C 1 -10.42 5.39 35.50
C MET C 1 -9.91 4.72 34.22
N ALA C 2 -9.96 5.51 33.14
CA ALA C 2 -9.47 5.13 31.80
C ALA C 2 -9.09 6.42 31.06
N THR C 3 -10.08 7.35 31.03
CA THR C 3 -9.92 8.74 30.58
C THR C 3 -9.44 8.85 29.11
N SER C 4 -10.42 8.90 28.19
CA SER C 4 -10.19 9.13 26.76
C SER C 4 -11.04 10.34 26.28
N THR C 5 -11.22 11.33 27.20
CA THR C 5 -11.74 12.66 26.84
C THR C 5 -10.63 13.53 26.19
N LEU C 6 -9.41 12.97 26.14
CA LEU C 6 -8.28 13.58 25.43
C LEU C 6 -8.33 13.19 23.94
N ILE C 7 -8.01 14.19 23.10
CA ILE C 7 -7.78 14.08 21.64
C ILE C 7 -8.89 13.32 20.84
N LYS C 8 -10.16 13.77 20.98
CA LYS C 8 -11.23 13.38 20.02
C LYS C 8 -11.04 14.25 18.76
N ALA C 9 -10.10 13.82 17.91
CA ALA C 9 -9.64 14.60 16.75
C ALA C 9 -9.46 13.71 15.53
N ILE C 10 -8.57 12.72 15.65
CA ILE C 10 -8.17 11.84 14.54
C ILE C 10 -8.63 10.40 14.85
N ASP C 11 -9.15 9.70 13.84
CA ASP C 11 -9.58 8.28 13.94
C ASP C 11 -9.43 7.62 12.55
N GLY C 12 -9.08 6.33 12.53
CA GLY C 12 -8.97 5.57 11.29
C GLY C 12 -8.03 4.38 11.37
N ASP C 13 -7.49 4.01 10.20
CA ASP C 13 -6.65 2.82 9.98
C ASP C 13 -5.30 2.93 10.73
N THR C 14 -4.57 4.01 10.42
CA THR C 14 -3.20 4.26 10.92
C THR C 14 -3.19 4.93 12.32
N VAL C 15 -4.39 5.13 12.89
CA VAL C 15 -4.57 5.67 14.26
C VAL C 15 -4.74 4.49 15.26
N LYS C 16 -4.20 3.33 14.85
CA LYS C 16 -4.20 2.09 15.66
C LYS C 16 -3.20 2.20 16.85
N LEU C 17 -2.37 3.27 16.81
CA LEU C 17 -1.50 3.73 17.92
C LEU C 17 -0.22 2.87 18.02
N MET C 18 0.89 3.43 17.46
CA MET C 18 2.28 2.97 17.66
C MET C 18 2.58 1.55 17.15
N TYR C 19 2.16 0.54 17.92
CA TYR C 19 2.49 -0.88 17.71
C TYR C 19 2.11 -1.35 16.28
N LYS C 20 3.03 -1.10 15.34
CA LYS C 20 2.82 -1.25 13.89
C LYS C 20 4.13 -0.92 13.16
N GLY C 21 4.91 0.03 13.74
CA GLY C 21 6.24 0.36 13.23
C GLY C 21 7.16 -0.84 13.21
N GLN C 22 7.86 -1.05 12.07
CA GLN C 22 8.70 -2.22 11.83
C GLN C 22 9.88 -2.31 12.83
N PRO C 23 10.14 -3.53 13.42
CA PRO C 23 11.29 -3.76 14.32
C PRO C 23 12.62 -3.66 13.56
N MET C 24 13.56 -2.89 14.12
CA MET C 24 14.87 -2.61 13.50
C MET C 24 15.97 -2.73 14.57
N THR C 25 17.16 -2.11 14.31
CA THR C 25 18.29 -1.98 15.26
C THR C 25 18.95 -3.33 15.64
N PHE C 26 20.04 -3.26 16.43
CA PHE C 26 20.82 -4.42 16.87
C PHE C 26 20.91 -4.47 18.41
N ARG C 27 21.74 -3.59 19.01
CA ARG C 27 22.01 -3.56 20.47
C ARG C 27 23.02 -2.42 20.80
N LEU C 28 23.40 -2.30 22.10
CA LEU C 28 24.38 -1.32 22.62
C LEU C 28 23.73 0.08 22.75
N LEU C 29 23.39 0.47 23.99
CA LEU C 29 22.93 1.83 24.32
C LEU C 29 23.25 2.09 25.81
N LEU C 30 23.72 3.32 26.11
CA LEU C 30 24.19 3.79 27.43
C LEU C 30 25.30 2.88 28.00
N VAL C 31 24.90 1.79 28.68
CA VAL C 31 25.83 0.89 29.38
C VAL C 31 25.46 -0.59 29.16
N ASP C 32 24.32 -0.83 28.48
CA ASP C 32 23.76 -2.18 28.28
C ASP C 32 23.81 -2.60 26.80
N THR C 33 23.86 -3.92 26.54
CA THR C 33 23.88 -4.50 25.19
C THR C 33 22.75 -5.56 25.06
N PRO C 34 21.50 -5.15 24.67
CA PRO C 34 20.34 -6.09 24.48
C PRO C 34 20.53 -7.15 23.35
N GLU C 35 19.42 -7.83 23.00
CA GLU C 35 19.43 -8.90 21.99
C GLU C 35 19.15 -8.35 20.59
N THR C 36 19.53 -9.12 19.55
CA THR C 36 19.29 -8.77 18.14
C THR C 36 18.46 -9.87 17.47
N LYS C 37 17.30 -9.50 16.91
CA LYS C 37 16.41 -10.43 16.18
C LYS C 37 17.03 -10.85 14.83
N HIS C 38 16.54 -11.96 14.29
CA HIS C 38 16.95 -12.50 12.99
C HIS C 38 15.72 -13.10 12.28
N PRO C 39 15.01 -12.32 11.41
CA PRO C 39 13.86 -12.82 10.64
C PRO C 39 14.26 -13.59 9.35
N LYS C 40 13.24 -13.95 8.57
CA LYS C 40 13.38 -14.60 7.25
C LYS C 40 12.14 -14.28 6.41
N LYS C 41 12.34 -14.05 5.10
CA LYS C 41 11.28 -13.64 4.16
C LYS C 41 11.83 -13.67 2.72
N GLY C 42 10.92 -13.65 1.74
CA GLY C 42 11.29 -13.63 0.32
C GLY C 42 10.44 -14.59 -0.49
N VAL C 43 9.64 -14.05 -1.41
CA VAL C 43 8.82 -14.83 -2.34
C VAL C 43 8.70 -14.06 -3.67
N GLU C 44 8.71 -14.79 -4.79
CA GLU C 44 8.65 -14.20 -6.14
C GLU C 44 7.94 -15.18 -7.07
N LYS C 45 6.86 -14.72 -7.72
CA LYS C 45 6.14 -15.48 -8.75
C LYS C 45 5.45 -14.49 -9.69
N TYR C 46 6.17 -14.07 -10.74
CA TYR C 46 5.69 -13.12 -11.75
C TYR C 46 5.96 -13.71 -13.14
N GLY C 47 4.90 -13.97 -13.92
CA GLY C 47 5.00 -14.65 -15.23
C GLY C 47 4.55 -13.78 -16.39
N PRO C 48 4.76 -14.22 -17.68
CA PRO C 48 4.37 -13.48 -18.90
C PRO C 48 2.90 -13.75 -19.33
N GLU C 49 2.41 -12.94 -20.28
CA GLU C 49 1.08 -13.14 -20.90
C GLU C 49 1.21 -13.60 -22.38
N ALA C 50 2.03 -12.89 -23.18
CA ALA C 50 2.24 -13.18 -24.63
C ALA C 50 0.92 -13.08 -25.44
N SER C 51 0.75 -11.95 -26.14
CA SER C 51 -0.49 -11.62 -26.88
C SER C 51 -0.18 -11.07 -28.28
N ALA C 52 -0.62 -11.82 -29.32
CA ALA C 52 -0.47 -11.42 -30.73
C ALA C 52 -1.40 -12.28 -31.60
N PHE C 53 -2.57 -11.72 -31.99
CA PHE C 53 -3.61 -12.45 -32.75
C PHE C 53 -4.21 -11.57 -33.86
N THR C 54 -5.00 -12.19 -34.75
CA THR C 54 -5.81 -11.54 -35.80
C THR C 54 -7.12 -12.34 -35.96
N LYS C 55 -8.05 -11.84 -36.79
CA LYS C 55 -9.33 -12.54 -37.12
C LYS C 55 -9.77 -12.21 -38.56
N LYS C 56 -10.98 -12.66 -38.90
CA LYS C 56 -11.56 -12.55 -40.26
C LYS C 56 -12.92 -11.84 -40.22
N MET C 57 -13.47 -11.57 -41.42
CA MET C 57 -14.85 -11.08 -41.57
C MET C 57 -15.85 -12.22 -41.34
N VAL C 58 -16.96 -11.94 -40.64
CA VAL C 58 -17.97 -12.94 -40.29
C VAL C 58 -19.37 -12.49 -40.78
N GLU C 59 -20.34 -13.42 -40.77
CA GLU C 59 -21.74 -13.14 -41.16
C GLU C 59 -22.69 -13.83 -40.16
N ASN C 60 -23.13 -13.07 -39.13
CA ASN C 60 -23.81 -13.62 -37.94
C ASN C 60 -25.06 -12.81 -37.55
N ALA C 61 -25.76 -13.30 -36.51
CA ALA C 61 -26.99 -12.67 -35.96
C ALA C 61 -26.94 -12.65 -34.42
N LYS C 62 -27.75 -11.75 -33.82
CA LYS C 62 -27.77 -11.56 -32.34
C LYS C 62 -29.18 -11.22 -31.86
N LYS C 63 -29.35 -11.23 -30.53
CA LYS C 63 -30.59 -10.80 -29.85
C LYS C 63 -30.23 -10.18 -28.48
N ILE C 64 -30.43 -8.86 -28.38
CA ILE C 64 -30.34 -8.08 -27.14
C ILE C 64 -31.72 -7.45 -26.89
N GLU C 65 -32.20 -7.47 -25.63
CA GLU C 65 -33.60 -7.09 -25.30
C GLU C 65 -33.80 -6.86 -23.80
N VAL C 66 -32.70 -6.70 -23.04
CA VAL C 66 -32.73 -6.51 -21.57
C VAL C 66 -31.98 -5.22 -21.17
N GLU C 67 -32.02 -4.90 -19.86
CA GLU C 67 -31.27 -3.79 -19.22
C GLU C 67 -31.55 -3.79 -17.70
N PHE C 68 -30.47 -3.73 -16.89
CA PHE C 68 -30.56 -3.53 -15.43
C PHE C 68 -29.19 -3.04 -14.90
N ASP C 69 -28.26 -3.99 -14.63
CA ASP C 69 -26.90 -3.68 -14.13
C ASP C 69 -26.03 -5.00 -14.14
N LYS C 70 -25.30 -5.28 -13.02
CA LYS C 70 -24.47 -6.50 -12.81
C LYS C 70 -23.17 -6.49 -13.62
N GLY C 71 -22.10 -6.05 -12.94
CA GLY C 71 -20.73 -6.04 -13.46
C GLY C 71 -19.77 -5.80 -12.30
N GLN C 72 -18.44 -5.84 -12.57
CA GLN C 72 -17.38 -5.60 -11.56
C GLN C 72 -17.43 -6.68 -10.44
N ARG C 73 -16.72 -7.81 -10.65
CA ARG C 73 -16.52 -8.85 -9.62
C ARG C 73 -15.02 -8.93 -9.27
N THR C 74 -14.67 -9.79 -8.30
CA THR C 74 -13.28 -10.12 -7.98
C THR C 74 -12.67 -11.05 -9.07
N ASP C 75 -11.36 -11.34 -8.96
CA ASP C 75 -10.67 -12.26 -9.89
C ASP C 75 -11.31 -13.65 -9.85
N LYS C 76 -11.58 -14.21 -11.04
CA LYS C 76 -12.17 -15.54 -11.20
C LYS C 76 -11.25 -16.63 -10.58
N TYR C 77 -9.94 -16.46 -10.80
CA TYR C 77 -8.89 -17.48 -10.59
C TYR C 77 -9.11 -18.63 -11.59
N GLY C 78 -8.17 -18.76 -12.55
CA GLY C 78 -8.40 -19.54 -13.76
C GLY C 78 -7.85 -20.96 -13.75
N ARG C 79 -7.43 -21.45 -14.95
CA ARG C 79 -6.86 -22.79 -15.17
C ARG C 79 -6.55 -23.01 -16.66
N GLY C 80 -7.60 -23.17 -17.50
CA GLY C 80 -7.44 -23.45 -18.94
C GLY C 80 -8.73 -23.96 -19.59
N LEU C 81 -9.28 -23.16 -20.55
CA LEU C 81 -10.42 -23.57 -21.41
C LEU C 81 -9.90 -24.29 -22.64
N ALA C 82 -9.02 -23.59 -23.37
CA ALA C 82 -8.28 -24.16 -24.51
C ALA C 82 -6.86 -24.57 -24.05
N TYR C 83 -6.65 -24.50 -22.71
CA TYR C 83 -5.48 -25.02 -21.97
C TYR C 83 -4.22 -24.14 -22.21
N ILE C 84 -4.47 -22.87 -22.61
CA ILE C 84 -3.42 -21.84 -22.82
C ILE C 84 -2.89 -21.32 -21.45
N TYR C 85 -3.72 -21.52 -20.41
CA TYR C 85 -3.41 -21.21 -19.00
C TYR C 85 -3.30 -19.68 -18.81
N ALA C 86 -4.41 -18.98 -19.07
CA ALA C 86 -4.50 -17.52 -18.88
C ALA C 86 -4.98 -17.17 -17.45
N ASP C 87 -4.85 -18.15 -16.53
CA ASP C 87 -5.04 -17.99 -15.08
C ASP C 87 -4.27 -16.76 -14.53
N GLY C 88 -2.93 -16.84 -14.60
CA GLY C 88 -2.06 -15.78 -14.08
C GLY C 88 -1.80 -14.65 -15.08
N LYS C 89 -2.47 -14.73 -16.24
CA LYS C 89 -2.34 -13.73 -17.30
C LYS C 89 -3.49 -12.69 -17.18
N MET C 90 -4.73 -13.20 -17.02
CA MET C 90 -5.96 -12.40 -17.17
C MET C 90 -6.26 -11.52 -15.95
N VAL C 91 -5.87 -10.23 -16.05
CA VAL C 91 -6.20 -9.18 -15.06
C VAL C 91 -5.58 -7.80 -15.45
N ASN C 92 -4.51 -7.83 -16.28
CA ASN C 92 -3.66 -6.64 -16.61
C ASN C 92 -4.40 -5.60 -17.50
N GLU C 93 -3.84 -4.38 -17.64
CA GLU C 93 -4.43 -3.33 -18.50
C GLU C 93 -3.96 -3.43 -19.98
N ALA C 94 -4.80 -2.88 -20.88
CA ALA C 94 -4.57 -2.76 -22.34
C ALA C 94 -5.87 -2.31 -23.04
N LEU C 95 -5.81 -2.17 -24.38
CA LEU C 95 -7.01 -1.96 -25.24
C LEU C 95 -6.56 -1.99 -26.71
N VAL C 96 -5.62 -1.08 -27.05
CA VAL C 96 -5.28 -0.75 -28.45
C VAL C 96 -3.78 -0.85 -28.76
N ARG C 97 -3.47 -0.67 -30.06
CA ARG C 97 -2.09 -0.69 -30.60
C ARG C 97 -1.92 0.51 -31.56
N GLN C 98 -2.81 0.56 -32.57
CA GLN C 98 -2.81 1.55 -33.66
C GLN C 98 -4.22 1.60 -34.28
N GLY C 99 -4.45 2.50 -35.27
CA GLY C 99 -5.74 2.53 -35.99
C GLY C 99 -6.10 3.90 -36.56
N LEU C 100 -7.42 4.19 -36.64
CA LEU C 100 -7.95 5.47 -37.15
C LEU C 100 -8.22 6.48 -36.00
N ALA C 101 -8.13 6.00 -34.75
CA ALA C 101 -8.34 6.84 -33.55
C ALA C 101 -7.10 7.71 -33.29
N LYS C 102 -6.97 8.79 -34.10
CA LYS C 102 -5.74 9.60 -34.20
C LYS C 102 -6.07 11.12 -34.21
N VAL C 103 -7.16 11.55 -33.54
CA VAL C 103 -7.44 13.01 -33.37
C VAL C 103 -6.71 13.51 -32.10
N ALA C 104 -6.35 12.57 -31.20
CA ALA C 104 -5.44 12.81 -30.08
C ALA C 104 -4.00 12.40 -30.48
N TYR C 105 -3.03 12.59 -29.57
CA TYR C 105 -1.62 12.28 -29.82
C TYR C 105 -1.38 10.75 -29.76
N VAL C 106 -0.95 10.17 -30.90
CA VAL C 106 -0.61 8.74 -31.03
C VAL C 106 0.83 8.51 -30.48
N TYR C 107 1.15 7.27 -30.05
CA TYR C 107 2.43 6.93 -29.36
C TYR C 107 2.51 7.68 -28.01
N LYS C 108 1.91 7.07 -26.98
CA LYS C 108 1.75 7.67 -25.64
C LYS C 108 1.72 6.55 -24.57
N PRO C 109 2.02 6.86 -23.27
CA PRO C 109 1.76 5.92 -22.14
C PRO C 109 0.23 5.72 -21.92
N ASN C 110 -0.16 5.06 -20.81
CA ASN C 110 -1.59 4.76 -20.54
C ASN C 110 -2.39 6.09 -20.35
N ASN C 111 -2.12 6.79 -19.23
CA ASN C 111 -2.68 8.12 -18.89
C ASN C 111 -4.22 8.13 -18.78
N THR C 112 -4.83 6.97 -18.43
CA THR C 112 -6.29 6.88 -18.19
C THR C 112 -6.59 7.27 -16.72
N HIS C 113 -7.83 7.01 -16.25
CA HIS C 113 -8.21 7.18 -14.84
C HIS C 113 -8.49 5.80 -14.23
N GLU C 114 -7.48 5.28 -13.52
CA GLU C 114 -7.53 3.96 -12.87
C GLU C 114 -8.07 4.11 -11.42
N GLN C 115 -7.89 3.06 -10.59
CA GLN C 115 -8.51 2.99 -9.25
C GLN C 115 -7.48 3.41 -8.14
N HIS C 116 -7.21 2.48 -7.17
CA HIS C 116 -6.54 2.79 -5.88
C HIS C 116 -6.48 1.53 -5.01
N LEU C 117 -5.73 1.60 -3.91
CA LEU C 117 -5.61 0.51 -2.91
C LEU C 117 -6.88 0.38 -2.06
N ARG C 118 -7.10 -0.84 -1.52
CA ARG C 118 -8.28 -1.19 -0.69
C ARG C 118 -7.80 -1.49 0.74
N LYS C 119 -8.39 -0.82 1.75
CA LYS C 119 -8.22 -1.19 3.19
C LYS C 119 -9.56 -0.97 3.92
N SER C 120 -9.77 -1.70 5.03
CA SER C 120 -11.02 -1.65 5.81
C SER C 120 -10.72 -1.87 7.31
N GLU C 121 -10.19 -0.83 7.97
CA GLU C 121 -9.97 -0.77 9.43
C GLU C 121 -10.30 0.66 9.94
N ALA C 122 -11.31 0.77 10.83
CA ALA C 122 -11.71 2.05 11.46
C ALA C 122 -12.47 1.79 12.77
N GLN C 123 -12.57 2.83 13.62
CA GLN C 123 -13.33 2.78 14.89
C GLN C 123 -14.55 3.74 14.85
N ALA C 124 -14.35 4.90 14.22
CA ALA C 124 -15.37 5.96 14.01
C ALA C 124 -15.87 6.58 15.35
N LYS C 125 -15.47 7.85 15.59
CA LYS C 125 -15.88 8.62 16.80
C LYS C 125 -16.58 9.93 16.38
N LYS C 126 -17.89 10.00 16.69
CA LYS C 126 -18.78 11.08 16.25
C LYS C 126 -20.08 11.08 17.09
N GLU C 127 -20.83 12.18 16.96
CA GLU C 127 -22.24 12.32 17.41
C GLU C 127 -22.89 13.43 16.55
N LYS C 128 -23.94 14.09 17.07
CA LYS C 128 -24.56 15.25 16.40
C LYS C 128 -24.78 16.41 17.38
N LEU C 129 -24.17 17.57 17.07
CA LEU C 129 -24.47 18.85 17.74
C LEU C 129 -25.82 19.40 17.22
N ASN C 130 -26.57 20.09 18.08
CA ASN C 130 -27.91 20.57 17.73
C ASN C 130 -28.25 21.86 18.51
N ILE C 131 -28.61 21.74 19.82
CA ILE C 131 -29.19 22.83 20.62
C ILE C 131 -29.48 22.35 22.06
N TRP C 132 -28.58 22.71 23.00
CA TRP C 132 -28.72 22.50 24.47
C TRP C 132 -28.97 21.00 24.81
N MET A 1 43.18 37.98 33.03
CA MET A 1 42.44 38.22 34.29
C MET A 1 40.92 38.11 34.03
N LYS A 2 40.41 38.96 33.12
CA LYS A 2 38.98 38.97 32.75
C LYS A 2 38.69 37.85 31.74
N GLY A 3 37.97 36.81 32.19
CA GLY A 3 37.57 35.68 31.34
C GLY A 3 36.36 36.00 30.48
N GLN A 4 36.52 37.00 29.58
CA GLN A 4 35.47 37.47 28.66
C GLN A 4 35.74 36.87 27.27
N GLU A 5 35.13 35.69 27.02
CA GLU A 5 35.39 34.88 25.83
C GLU A 5 34.08 34.64 25.05
N THR A 6 34.01 35.19 23.83
CA THR A 6 32.89 34.97 22.89
C THR A 6 33.24 33.87 21.88
N ARG A 7 32.21 33.25 21.28
CA ARG A 7 32.39 32.18 20.29
C ARG A 7 31.14 32.05 19.40
N GLY A 8 31.32 31.43 18.24
CA GLY A 8 30.23 31.23 17.29
C GLY A 8 30.68 30.41 16.10
N PHE A 9 30.62 29.08 16.24
CA PHE A 9 31.06 28.14 15.19
C PHE A 9 29.96 27.08 14.94
N GLN A 10 28.92 27.50 14.20
CA GLN A 10 27.76 26.67 13.87
C GLN A 10 27.05 27.21 12.62
N SER A 11 27.86 27.66 11.66
CA SER A 11 27.40 28.25 10.38
C SER A 11 27.26 27.17 9.27
N GLU A 12 27.42 25.90 9.66
CA GLU A 12 27.61 24.77 8.74
C GLU A 12 26.32 24.39 7.98
N VAL A 13 26.47 24.24 6.65
CA VAL A 13 25.42 23.77 5.74
C VAL A 13 26.14 23.08 4.56
N LYS A 14 25.98 21.74 4.45
CA LYS A 14 26.67 20.88 3.44
C LYS A 14 28.20 20.78 3.72
N GLN A 15 28.87 19.71 3.23
CA GLN A 15 30.30 19.47 3.50
C GLN A 15 31.20 20.59 2.91
N LEU A 16 31.26 20.65 1.56
CA LEU A 16 32.18 21.55 0.82
C LEU A 16 31.95 23.04 1.17
N LEU A 17 30.68 23.40 1.44
CA LEU A 17 30.32 24.78 1.80
C LEU A 17 30.87 25.09 3.22
N HIS A 18 30.81 24.08 4.13
CA HIS A 18 31.36 24.21 5.50
C HIS A 18 32.89 24.35 5.45
N LEU A 19 33.49 23.74 4.41
CA LEU A 19 34.92 23.90 4.11
C LEU A 19 35.22 25.38 3.81
N MET A 20 34.42 25.97 2.92
CA MET A 20 34.60 27.37 2.44
C MET A 20 34.36 28.44 3.55
N ILE A 21 33.65 28.08 4.63
CA ILE A 21 33.41 29.02 5.75
C ILE A 21 34.65 29.16 6.65
N HIS A 22 35.15 28.01 7.17
CA HIS A 22 36.26 27.99 8.16
C HIS A 22 37.63 27.87 7.46
N SER A 23 37.61 27.81 6.11
CA SER A 23 38.80 27.88 5.24
C SER A 23 39.65 29.12 5.52
N LEU A 24 38.92 30.21 5.75
CA LEU A 24 39.46 31.53 6.03
C LEU A 24 40.23 31.50 7.37
N TYR A 25 39.49 31.01 8.39
CA TYR A 25 39.93 30.88 9.79
C TYR A 25 40.21 32.27 10.43
N SER A 26 39.82 33.35 9.68
CA SER A 26 40.06 34.76 10.03
C SER A 26 41.57 35.10 10.09
N ASN A 27 42.46 34.23 9.54
CA ASN A 27 43.92 34.38 9.78
C ASN A 27 44.83 33.78 8.68
N LYS A 28 44.26 32.91 7.77
CA LYS A 28 44.94 32.37 6.52
C LYS A 28 45.95 31.23 6.81
N GLU A 29 46.78 31.43 7.84
CA GLU A 29 47.85 30.49 8.28
C GLU A 29 47.35 29.06 8.65
N ILE A 30 46.02 28.87 8.58
CA ILE A 30 45.35 27.56 8.57
C ILE A 30 45.99 26.57 7.53
N PHE A 31 46.73 27.10 6.52
CA PHE A 31 47.48 26.24 5.57
C PHE A 31 48.64 25.50 6.29
N LEU A 32 49.37 26.19 7.20
CA LEU A 32 50.45 25.56 8.01
C LEU A 32 49.84 24.46 8.90
N ARG A 33 48.76 24.82 9.60
CA ARG A 33 47.91 23.89 10.39
C ARG A 33 47.61 22.58 9.62
N GLU A 34 47.09 22.75 8.40
CA GLU A 34 46.62 21.67 7.54
C GLU A 34 47.76 20.75 7.12
N LEU A 35 48.78 21.33 6.48
CA LEU A 35 49.94 20.58 5.91
C LEU A 35 50.61 19.69 6.95
N ILE A 36 50.79 20.23 8.17
CA ILE A 36 51.37 19.47 9.29
C ILE A 36 50.42 18.30 9.66
N SER A 37 49.10 18.59 9.77
CA SER A 37 48.08 17.58 10.08
C SER A 37 47.95 16.52 8.97
N ASN A 38 48.31 16.90 7.72
CA ASN A 38 48.32 15.99 6.56
C ASN A 38 49.53 15.04 6.68
N ALA A 39 50.62 15.56 7.29
CA ALA A 39 51.87 14.83 7.52
C ALA A 39 51.72 13.89 8.75
N SER A 40 50.91 14.36 9.71
CA SER A 40 50.56 13.61 10.93
C SER A 40 49.68 12.42 10.57
N ASP A 41 48.81 12.62 9.57
CA ASP A 41 47.89 11.58 9.08
C ASP A 41 48.65 10.58 8.19
N ALA A 42 49.70 11.08 7.51
CA ALA A 42 50.66 10.23 6.76
C ALA A 42 51.49 9.37 7.74
N ALA A 43 51.71 9.92 8.96
CA ALA A 43 52.39 9.20 10.05
C ALA A 43 51.49 8.09 10.61
N ASP A 44 50.16 8.37 10.70
CA ASP A 44 49.14 7.37 11.10
C ASP A 44 49.16 6.17 10.15
N LYS A 45 49.07 6.46 8.84
CA LYS A 45 49.06 5.42 7.79
C LYS A 45 50.36 4.59 7.84
N LEU A 46 51.51 5.25 8.11
CA LEU A 46 52.81 4.56 8.20
C LEU A 46 52.83 3.60 9.39
N ARG A 47 52.34 4.06 10.54
CA ARG A 47 52.36 3.29 11.81
C ARG A 47 51.53 1.98 11.67
N PHE A 48 50.34 2.07 11.05
CA PHE A 48 49.45 0.91 10.87
C PHE A 48 50.01 -0.08 9.83
N ARG A 49 50.52 0.46 8.70
CA ARG A 49 51.17 -0.36 7.66
C ARG A 49 52.47 -0.99 8.21
N ALA A 50 53.11 -0.30 9.17
CA ALA A 50 54.35 -0.78 9.83
C ALA A 50 54.05 -1.87 10.89
N LEU A 51 52.78 -1.93 11.33
CA LEU A 51 52.29 -3.07 12.15
C LEU A 51 52.17 -4.35 11.29
N SER A 52 52.14 -4.17 9.96
CA SER A 52 52.01 -5.27 9.00
C SER A 52 53.34 -5.51 8.25
N ASN A 53 54.20 -4.48 8.25
CA ASN A 53 55.51 -4.47 7.57
C ASN A 53 56.42 -3.46 8.29
N PRO A 54 57.14 -3.84 9.40
CA PRO A 54 58.13 -2.95 10.07
C PRO A 54 59.29 -2.54 9.15
N ASP A 55 59.40 -3.26 8.02
CA ASP A 55 60.38 -3.02 6.94
C ASP A 55 60.20 -1.62 6.30
N LEU A 56 59.00 -1.02 6.47
CA LEU A 56 58.66 0.32 5.93
C LEU A 56 59.45 1.45 6.61
N TYR A 57 60.02 1.18 7.80
CA TYR A 57 60.93 2.13 8.49
C TYR A 57 62.26 2.24 7.73
N GLU A 58 62.65 1.16 7.02
CA GLU A 58 63.84 1.14 6.11
C GLU A 58 65.14 1.54 6.86
N GLY A 59 65.18 1.22 8.17
CA GLY A 59 66.28 1.64 9.05
C GLY A 59 65.90 2.89 9.87
N ASP A 60 65.29 3.86 9.17
CA ASP A 60 64.87 5.15 9.75
C ASP A 60 63.53 4.96 10.50
N GLY A 61 63.62 4.68 11.82
CA GLY A 61 62.44 4.43 12.65
C GLY A 61 61.88 5.70 13.30
N GLU A 62 62.65 6.79 13.27
CA GLU A 62 62.33 8.05 13.96
C GLU A 62 61.44 8.93 13.07
N LEU A 63 60.14 8.96 13.38
CA LEU A 63 59.14 9.67 12.57
C LEU A 63 59.04 11.14 13.00
N ARG A 64 59.29 12.07 12.04
CA ARG A 64 59.17 13.53 12.25
C ARG A 64 58.84 14.23 10.91
N VAL A 65 58.27 15.45 11.02
CA VAL A 65 58.02 16.33 9.87
C VAL A 65 58.79 17.65 10.08
N ARG A 66 59.52 18.09 9.03
CA ARG A 66 60.43 19.25 9.10
C ARG A 66 59.98 20.35 8.13
N VAL A 67 59.93 21.58 8.64
CA VAL A 67 59.56 22.76 7.87
C VAL A 67 60.85 23.52 7.52
N SER A 68 61.09 23.68 6.23
CA SER A 68 62.22 24.42 5.66
C SER A 68 61.64 25.64 4.96
N PHE A 69 62.44 26.70 4.82
CA PHE A 69 61.98 27.95 4.20
C PHE A 69 63.14 28.79 3.69
N ASP A 70 62.82 29.70 2.76
CA ASP A 70 63.76 30.68 2.25
C ASP A 70 62.97 31.96 1.93
N LYS A 71 63.42 33.11 2.47
CA LYS A 71 62.71 34.40 2.33
C LYS A 71 62.95 35.04 0.96
N ASP A 72 64.09 34.73 0.33
CA ASP A 72 64.47 35.28 -0.99
C ASP A 72 63.83 34.46 -2.11
N LYS A 73 63.99 33.12 -2.03
CA LYS A 73 63.38 32.17 -2.99
C LYS A 73 61.84 32.12 -2.81
N ARG A 74 61.38 32.54 -1.62
CA ARG A 74 59.95 32.55 -1.21
C ARG A 74 59.33 31.16 -1.35
N THR A 75 60.15 30.14 -0.99
CA THR A 75 59.74 28.73 -0.98
C THR A 75 59.66 28.23 0.47
N LEU A 76 58.56 27.54 0.78
CA LEU A 76 58.30 26.99 2.11
C LEU A 76 58.02 25.49 1.94
N THR A 77 58.94 24.64 2.40
CA THR A 77 58.93 23.19 2.13
C THR A 77 58.68 22.39 3.42
N ILE A 78 57.45 21.89 3.58
CA ILE A 78 57.05 21.05 4.72
C ILE A 78 57.15 19.58 4.25
N SER A 79 58.22 18.91 4.69
CA SER A 79 58.55 17.54 4.26
C SER A 79 58.52 16.58 5.47
N ASP A 80 57.57 15.63 5.45
CA ASP A 80 57.52 14.52 6.41
C ASP A 80 58.31 13.31 5.89
N ASN A 81 58.77 12.48 6.83
CA ASN A 81 59.36 11.17 6.51
C ASN A 81 58.29 10.06 6.71
N GLY A 82 57.00 10.45 6.53
CA GLY A 82 55.86 9.57 6.81
C GLY A 82 55.70 8.44 5.81
N VAL A 83 54.45 8.03 5.56
CA VAL A 83 54.18 6.89 4.66
C VAL A 83 54.39 7.26 3.19
N GLY A 84 54.32 8.56 2.88
CA GLY A 84 54.34 9.03 1.49
C GLY A 84 53.07 8.67 0.75
N MET A 85 53.10 8.72 -0.59
CA MET A 85 51.95 8.39 -1.44
C MET A 85 52.44 7.65 -2.71
N THR A 86 51.74 6.54 -3.06
CA THR A 86 51.97 5.82 -4.33
C THR A 86 51.32 6.57 -5.52
N ARG A 87 51.46 6.00 -6.74
CA ARG A 87 50.94 6.59 -8.00
C ARG A 87 49.45 7.01 -7.88
N ASP A 88 48.59 6.01 -7.61
CA ASP A 88 47.13 6.21 -7.50
C ASP A 88 46.77 6.99 -6.23
N GLU A 89 47.61 6.86 -5.19
CA GLU A 89 47.43 7.55 -3.91
C GLU A 89 47.73 9.06 -4.04
N VAL A 90 48.43 9.45 -5.13
CA VAL A 90 48.52 10.87 -5.57
C VAL A 90 47.36 11.28 -6.50
N ILE A 91 47.14 10.49 -7.58
CA ILE A 91 46.21 10.85 -8.68
C ILE A 91 44.76 10.90 -8.18
N ASP A 92 44.32 9.79 -7.58
CA ASP A 92 42.94 9.61 -7.08
C ASP A 92 42.74 10.24 -5.68
N HIS A 93 43.75 10.98 -5.22
CA HIS A 93 43.73 11.72 -3.95
C HIS A 93 43.92 13.22 -4.25
N LEU A 94 45.18 13.66 -4.41
CA LEU A 94 45.53 15.09 -4.61
C LEU A 94 44.93 15.63 -5.93
N GLY A 95 45.11 14.85 -7.01
CA GLY A 95 44.60 15.21 -8.33
C GLY A 95 43.07 15.20 -8.42
N THR A 96 42.41 14.43 -7.54
CA THR A 96 40.94 14.35 -7.50
C THR A 96 40.36 15.46 -6.58
N ILE A 97 41.23 16.13 -5.80
CA ILE A 97 40.84 17.34 -5.04
C ILE A 97 40.97 18.56 -5.98
N ALA A 98 41.89 18.45 -6.96
CA ALA A 98 41.93 19.32 -8.14
C ALA A 98 40.80 18.92 -9.11
N LYS A 99 40.93 19.26 -10.40
CA LYS A 99 39.97 18.80 -11.41
C LYS A 99 40.24 17.32 -11.76
N SER A 100 39.20 16.50 -11.65
CA SER A 100 39.20 15.11 -12.11
C SER A 100 37.74 14.71 -12.40
N GLY A 101 36.93 14.54 -11.33
CA GLY A 101 35.49 14.26 -11.47
C GLY A 101 35.06 13.04 -10.64
N THR A 102 35.44 13.03 -9.37
CA THR A 102 35.22 11.89 -8.44
C THR A 102 33.71 11.65 -8.13
N LYS A 103 32.89 12.70 -8.39
CA LYS A 103 31.45 12.75 -8.08
C LYS A 103 31.23 12.87 -6.54
N SER A 104 31.26 11.73 -5.85
CA SER A 104 30.91 11.61 -4.43
C SER A 104 31.28 10.21 -3.94
N PHE A 105 31.06 9.22 -4.84
CA PHE A 105 31.40 7.81 -4.60
C PHE A 105 32.21 7.23 -5.78
N LEU A 106 31.77 7.57 -7.03
CA LEU A 106 32.38 7.14 -8.32
C LEU A 106 31.35 7.38 -9.44
N GLU A 107 31.85 7.73 -10.65
CA GLU A 107 31.03 7.95 -11.84
C GLU A 107 30.34 6.66 -12.34
N SER A 108 31.10 5.55 -12.36
CA SER A 108 30.69 4.28 -12.98
C SER A 108 29.83 3.42 -12.02
N LEU A 109 30.45 2.97 -10.91
CA LEU A 109 29.78 2.08 -9.94
C LEU A 109 29.18 2.87 -8.77
N GLY A 110 29.91 3.90 -8.30
CA GLY A 110 29.51 4.62 -7.08
C GLY A 110 29.92 3.88 -5.81
N SER A 111 31.19 3.39 -5.77
CA SER A 111 31.67 2.55 -4.66
C SER A 111 33.21 2.65 -4.49
N ASP A 112 33.95 2.41 -5.60
CA ASP A 112 35.44 2.31 -5.57
C ASP A 112 36.11 3.57 -5.01
N GLN A 113 35.76 4.73 -5.57
CA GLN A 113 36.36 6.02 -5.18
C GLN A 113 35.64 6.66 -3.98
N ALA A 114 34.76 5.91 -3.27
CA ALA A 114 33.93 6.47 -2.16
C ALA A 114 34.77 6.93 -0.95
N LYS A 115 36.09 6.71 -1.03
CA LYS A 115 37.06 7.17 -0.04
C LYS A 115 37.65 8.53 -0.49
N ASP A 116 36.85 9.35 -1.19
CA ASP A 116 37.32 10.64 -1.77
C ASP A 116 36.85 11.79 -0.90
N SER A 117 35.59 11.72 -0.44
CA SER A 117 34.98 12.72 0.43
C SER A 117 35.67 12.73 1.81
N GLN A 118 36.25 11.56 2.15
CA GLN A 118 37.07 11.36 3.37
C GLN A 118 38.39 12.16 3.26
N LEU A 119 38.94 12.21 2.04
CA LEU A 119 40.19 12.94 1.71
C LEU A 119 39.93 14.45 1.57
N ILE A 120 38.74 14.81 1.03
CA ILE A 120 38.35 16.22 0.82
C ILE A 120 38.08 16.92 2.18
N GLY A 121 37.54 16.15 3.14
CA GLY A 121 37.28 16.65 4.50
C GLY A 121 38.54 17.10 5.25
N GLN A 122 39.70 16.49 4.92
CA GLN A 122 41.01 16.85 5.53
C GLN A 122 41.89 17.55 4.48
N PHE A 123 42.46 16.76 3.56
CA PHE A 123 43.47 17.21 2.58
C PHE A 123 42.88 18.21 1.57
N GLY A 124 41.54 18.15 1.39
CA GLY A 124 40.82 19.09 0.54
C GLY A 124 40.86 20.49 1.10
N VAL A 125 40.82 20.59 2.44
CA VAL A 125 40.99 21.86 3.17
C VAL A 125 42.41 22.38 2.93
N GLY A 126 43.39 21.47 3.09
CA GLY A 126 44.82 21.76 2.87
C GLY A 126 45.16 22.26 1.48
N PHE A 127 44.41 21.75 0.48
CA PHE A 127 44.60 22.09 -0.94
C PHE A 127 44.39 23.60 -1.17
N TYR A 128 43.13 24.06 -1.04
CA TYR A 128 42.76 25.46 -1.37
C TYR A 128 43.41 26.47 -0.41
N SER A 129 43.62 26.08 0.88
CA SER A 129 44.19 26.97 1.92
C SER A 129 45.66 27.28 1.60
N ALA A 130 46.38 26.24 1.13
CA ALA A 130 47.73 26.38 0.61
C ALA A 130 47.75 27.38 -0.56
N PHE A 131 46.82 27.20 -1.52
CA PHE A 131 46.73 28.05 -2.72
C PHE A 131 46.18 29.47 -2.43
N ILE A 132 45.68 29.74 -1.20
CA ILE A 132 45.33 31.11 -0.78
C ILE A 132 46.62 31.97 -0.71
N VAL A 133 47.61 31.44 0.02
CA VAL A 133 48.87 32.14 0.32
C VAL A 133 49.99 31.78 -0.69
N ALA A 134 49.85 30.63 -1.40
CA ALA A 134 50.89 30.09 -2.29
C ALA A 134 50.46 30.17 -3.75
N ASP A 135 51.42 30.57 -4.59
CA ASP A 135 51.29 30.64 -6.05
C ASP A 135 51.36 29.22 -6.67
N LYS A 136 52.31 28.42 -6.16
CA LYS A 136 52.57 27.06 -6.64
C LYS A 136 52.73 26.10 -5.45
N VAL A 137 52.00 24.97 -5.46
CA VAL A 137 52.21 23.87 -4.50
C VAL A 137 52.70 22.64 -5.29
N THR A 138 53.92 22.20 -4.95
CA THR A 138 54.61 21.08 -5.60
C THR A 138 54.81 19.96 -4.56
N VAL A 139 54.16 18.81 -4.78
CA VAL A 139 54.33 17.63 -3.91
C VAL A 139 55.23 16.60 -4.63
N ARG A 140 56.42 16.40 -4.08
CA ARG A 140 57.33 15.31 -4.47
C ARG A 140 57.33 14.30 -3.34
N THR A 141 56.53 13.25 -3.49
CA THR A 141 56.38 12.20 -2.48
C THR A 141 57.10 10.92 -2.91
N ARG A 142 57.24 9.97 -1.98
CA ARG A 142 57.76 8.63 -2.23
C ARG A 142 57.28 7.74 -1.08
N ALA A 143 56.50 6.70 -1.42
CA ALA A 143 55.88 5.81 -0.43
C ALA A 143 56.88 4.83 0.21
N ALA A 144 56.64 4.53 1.49
CA ALA A 144 57.45 3.61 2.29
C ALA A 144 57.35 2.18 1.75
N GLY A 145 58.50 1.53 1.55
CA GLY A 145 58.54 0.19 0.95
C GLY A 145 58.66 0.24 -0.56
N GLU A 146 57.92 1.19 -1.19
CA GLU A 146 58.05 1.50 -2.62
C GLU A 146 59.43 2.10 -2.90
N LYS A 147 60.05 1.65 -4.00
CA LYS A 147 61.39 2.05 -4.44
C LYS A 147 61.47 3.58 -4.67
N PRO A 148 62.64 4.26 -4.42
CA PRO A 148 62.85 5.70 -4.76
C PRO A 148 62.34 6.09 -6.17
N GLU A 149 62.54 5.17 -7.14
CA GLU A 149 62.10 5.35 -8.54
C GLU A 149 60.55 5.41 -8.65
N ASN A 150 59.87 4.78 -7.69
CA ASN A 150 58.39 4.79 -7.59
C ASN A 150 57.89 6.02 -6.82
N GLY A 151 58.77 7.05 -6.67
CA GLY A 151 58.39 8.36 -6.18
C GLY A 151 57.53 9.10 -7.20
N VAL A 152 56.65 9.99 -6.72
CA VAL A 152 55.69 10.69 -7.58
C VAL A 152 55.93 12.22 -7.51
N PHE A 153 55.95 12.85 -8.69
CA PHE A 153 55.92 14.31 -8.81
C PHE A 153 54.46 14.76 -8.94
N TRP A 154 54.13 15.86 -8.27
CA TRP A 154 52.83 16.53 -8.37
C TRP A 154 53.07 18.03 -8.25
N GLU A 155 52.19 18.81 -8.90
CA GLU A 155 52.28 20.27 -8.96
C GLU A 155 50.95 20.83 -9.52
N SER A 156 50.58 22.05 -9.11
CA SER A 156 49.46 22.81 -9.73
C SER A 156 49.50 24.28 -9.31
N ALA A 157 48.81 25.14 -10.09
CA ALA A 157 48.64 26.57 -9.78
C ALA A 157 47.30 26.83 -9.07
N GLY A 158 46.66 25.75 -8.57
CA GLY A 158 45.33 25.83 -7.93
C GLY A 158 44.18 25.96 -8.93
N GLU A 159 44.52 25.92 -10.23
CA GLU A 159 43.54 25.98 -11.32
C GLU A 159 42.88 24.61 -11.55
N GLY A 160 42.09 24.50 -12.63
CA GLY A 160 41.43 23.25 -13.00
C GLY A 160 42.35 22.32 -13.78
N GLU A 161 43.50 22.00 -13.17
CA GLU A 161 44.53 21.12 -13.74
C GLU A 161 45.45 20.60 -12.62
N TYR A 162 46.20 19.53 -12.92
CA TYR A 162 47.28 19.03 -12.06
C TYR A 162 48.35 18.34 -12.91
N THR A 163 49.61 18.59 -12.57
CA THR A 163 50.78 17.95 -13.17
C THR A 163 51.16 16.76 -12.30
N VAL A 164 51.24 15.56 -12.89
CA VAL A 164 51.64 14.33 -12.19
C VAL A 164 52.59 13.53 -13.09
N ALA A 165 53.65 12.99 -12.49
CA ALA A 165 54.68 12.20 -13.17
C ALA A 165 55.37 11.26 -12.19
N ASP A 166 56.20 10.37 -12.71
CA ASP A 166 57.04 9.47 -11.89
C ASP A 166 58.48 10.02 -11.88
N ILE A 167 59.09 10.08 -10.70
CA ILE A 167 60.47 10.58 -10.50
C ILE A 167 61.19 9.69 -9.48
N THR A 168 62.46 10.03 -9.19
CA THR A 168 63.23 9.38 -8.13
C THR A 168 63.35 10.32 -6.91
N LYS A 169 62.81 9.90 -5.77
CA LYS A 169 63.01 10.56 -4.46
C LYS A 169 63.58 9.54 -3.49
N GLU A 170 64.85 9.70 -3.13
CA GLU A 170 65.57 8.80 -2.22
C GLU A 170 64.98 8.82 -0.80
N ASP A 171 64.40 9.97 -0.42
CA ASP A 171 63.78 10.17 0.90
C ASP A 171 62.44 9.42 0.98
N ARG A 172 62.07 9.01 2.20
CA ARG A 172 60.75 8.44 2.49
C ARG A 172 59.80 9.59 2.89
N GLY A 173 58.49 9.41 2.63
CA GLY A 173 57.48 10.39 3.03
C GLY A 173 57.15 11.36 1.91
N THR A 174 56.68 12.56 2.30
CA THR A 174 56.15 13.55 1.35
C THR A 174 56.90 14.87 1.50
N GLU A 175 57.26 15.51 0.37
CA GLU A 175 58.00 16.78 0.33
C GLU A 175 57.14 17.82 -0.39
N ILE A 176 56.56 18.77 0.37
CA ILE A 176 55.61 19.76 -0.17
C ILE A 176 56.28 21.15 -0.19
N THR A 177 56.71 21.60 -1.39
CA THR A 177 57.33 22.92 -1.60
C THR A 177 56.26 23.91 -2.11
N LEU A 178 56.01 24.96 -1.31
CA LEU A 178 55.04 26.01 -1.63
C LEU A 178 55.80 27.26 -2.01
N HIS A 179 55.79 27.58 -3.29
CA HIS A 179 56.22 28.89 -3.76
C HIS A 179 55.15 29.91 -3.33
N LEU A 180 55.41 30.56 -2.17
CA LEU A 180 54.50 31.56 -1.60
C LEU A 180 54.44 32.82 -2.47
N ARG A 181 53.28 33.48 -2.43
CA ARG A 181 53.03 34.73 -3.18
C ARG A 181 53.73 35.90 -2.49
N GLU A 182 54.17 36.88 -3.29
CA GLU A 182 54.80 38.11 -2.77
C GLU A 182 53.73 38.90 -2.00
N GLY A 183 54.07 39.30 -0.76
CA GLY A 183 53.08 39.87 0.18
C GLY A 183 52.88 38.95 1.37
N GLU A 184 52.83 37.62 1.10
CA GLU A 184 52.67 36.57 2.13
C GLU A 184 54.05 36.13 2.67
N ASP A 185 54.92 37.14 2.86
CA ASP A 185 56.33 36.95 3.25
C ASP A 185 56.45 36.79 4.78
N GLU A 186 55.38 37.15 5.50
CA GLU A 186 55.26 36.98 6.96
C GLU A 186 55.41 35.48 7.34
N PHE A 187 54.96 34.59 6.44
CA PHE A 187 55.02 33.12 6.63
C PHE A 187 56.41 32.55 6.25
N LEU A 188 57.38 33.43 5.99
CA LEU A 188 58.80 33.08 5.74
C LEU A 188 59.70 33.53 6.90
N ASP A 189 59.14 34.30 7.85
CA ASP A 189 59.89 34.82 9.01
C ASP A 189 59.98 33.71 10.09
N ASP A 190 61.21 33.39 10.52
CA ASP A 190 61.54 32.21 11.36
C ASP A 190 60.64 32.07 12.61
N TRP A 191 60.64 33.08 13.50
CA TRP A 191 59.87 33.05 14.77
C TRP A 191 58.36 32.94 14.48
N ARG A 192 57.91 33.61 13.39
CA ARG A 192 56.49 33.74 13.04
C ARG A 192 55.94 32.38 12.62
N VAL A 193 56.71 31.68 11.77
CA VAL A 193 56.40 30.32 11.33
C VAL A 193 56.23 29.44 12.58
N ARG A 194 57.21 29.49 13.50
CA ARG A 194 57.22 28.73 14.78
C ARG A 194 55.97 29.00 15.64
N SER A 195 55.52 30.27 15.65
CA SER A 195 54.33 30.70 16.41
C SER A 195 53.10 29.91 15.94
N ILE A 196 52.94 29.87 14.60
CA ILE A 196 51.79 29.19 13.95
C ILE A 196 51.97 27.65 13.98
N ILE A 197 53.24 27.18 13.93
CA ILE A 197 53.55 25.74 14.00
C ILE A 197 53.02 25.23 15.34
N SER A 198 53.61 25.76 16.42
CA SER A 198 53.29 25.39 17.83
C SER A 198 51.78 25.44 18.10
N LYS A 199 51.15 26.54 17.61
CA LYS A 199 49.70 26.86 17.79
C LYS A 199 48.78 25.67 17.46
N TYR A 200 49.18 24.81 16.51
CA TYR A 200 48.36 23.69 16.04
C TYR A 200 49.08 22.35 16.26
N SER A 201 50.37 22.30 15.92
CA SER A 201 51.18 21.06 15.90
C SER A 201 51.34 20.44 17.29
N ASP A 202 51.04 21.22 18.35
CA ASP A 202 51.10 20.74 19.74
C ASP A 202 50.08 19.59 19.98
N HIS A 203 48.96 19.58 19.18
CA HIS A 203 47.94 18.51 19.25
C HIS A 203 48.45 17.19 18.60
N ILE A 204 49.58 17.29 17.88
CA ILE A 204 50.10 16.23 17.01
C ILE A 204 51.22 15.40 17.70
N ALA A 205 51.14 14.07 17.52
CA ALA A 205 52.07 13.08 18.11
C ALA A 205 53.27 12.79 17.16
N LEU A 206 53.59 13.77 16.30
CA LEU A 206 54.66 13.69 15.30
C LEU A 206 55.54 14.95 15.46
N PRO A 207 56.83 14.83 15.92
CA PRO A 207 57.74 15.99 16.12
C PRO A 207 57.86 16.91 14.88
N VAL A 208 57.27 18.11 14.98
CA VAL A 208 57.35 19.11 13.93
C VAL A 208 58.51 20.06 14.23
N GLU A 209 59.55 19.94 13.40
CA GLU A 209 60.78 20.71 13.51
C GLU A 209 60.79 21.84 12.47
N ILE A 210 61.66 22.84 12.66
CA ILE A 210 61.83 23.94 11.69
C ILE A 210 63.33 24.17 11.44
N GLU A 211 63.66 24.63 10.23
CA GLU A 211 65.05 24.85 9.79
C GLU A 211 65.60 26.14 10.40
N LYS A 212 66.28 26.01 11.54
CA LYS A 212 67.08 27.10 12.11
C LYS A 212 68.50 26.95 11.58
N ARG A 213 68.83 27.73 10.55
CA ARG A 213 70.13 27.62 9.90
C ARG A 213 70.92 28.94 10.02
N GLU A 214 72.24 28.82 10.18
CA GLU A 214 73.16 29.96 10.16
C GLU A 214 74.02 29.85 8.90
N GLU A 215 73.71 30.66 7.90
CA GLU A 215 74.50 30.73 6.67
C GLU A 215 75.72 31.65 6.91
N LYS A 216 76.76 31.09 7.52
CA LYS A 216 78.02 31.80 7.82
C LYS A 216 79.11 31.39 6.82
N ASP A 217 80.19 32.19 6.73
CA ASP A 217 81.28 31.99 5.75
C ASP A 217 81.93 30.60 5.94
N GLY A 218 81.59 29.68 5.02
CA GLY A 218 82.02 28.28 5.09
C GLY A 218 81.14 27.40 6.00
N GLU A 219 80.49 28.02 7.01
CA GLU A 219 79.78 27.30 8.08
C GLU A 219 78.26 27.45 7.88
N THR A 220 77.70 26.58 7.04
CA THR A 220 76.24 26.46 6.90
C THR A 220 75.73 25.50 8.00
N VAL A 221 75.31 26.07 9.12
CA VAL A 221 74.80 25.32 10.28
C VAL A 221 73.33 24.99 10.00
N ILE A 222 72.95 23.71 10.03
CA ILE A 222 71.56 23.26 9.77
C ILE A 222 71.03 22.58 11.04
N SER A 223 70.19 23.29 11.79
CA SER A 223 69.56 22.75 13.01
C SER A 223 68.04 22.67 12.80
N TRP A 224 67.41 21.70 13.48
CA TRP A 224 65.95 21.49 13.42
C TRP A 224 65.37 21.66 14.84
N GLU A 225 64.48 22.64 14.98
CA GLU A 225 63.90 23.07 16.27
C GLU A 225 62.50 22.50 16.43
N LYS A 226 62.29 21.63 17.44
CA LYS A 226 60.95 21.07 17.74
C LYS A 226 60.11 22.12 18.47
N ILE A 227 59.04 22.61 17.81
CA ILE A 227 58.18 23.69 18.37
C ILE A 227 56.85 23.10 18.91
N ASN A 228 56.72 21.77 18.85
CA ASN A 228 55.54 21.04 19.36
C ASN A 228 55.96 20.13 20.54
N LYS A 229 54.98 19.66 21.35
CA LYS A 229 55.24 18.66 22.43
C LYS A 229 55.68 17.30 21.83
N ALA A 230 55.21 16.99 20.60
CA ALA A 230 55.61 15.78 19.84
C ALA A 230 55.25 14.48 20.57
N GLN A 231 54.11 14.52 21.25
CA GLN A 231 53.60 13.37 22.03
C GLN A 231 52.08 13.37 21.91
N ALA A 232 51.49 12.21 22.19
CA ALA A 232 50.05 11.96 22.03
C ALA A 232 49.20 12.87 22.95
N LEU A 233 48.39 13.76 22.34
CA LEU A 233 47.51 14.72 23.08
C LEU A 233 46.61 13.97 24.09
N TRP A 234 45.94 12.91 23.60
CA TRP A 234 45.02 12.11 24.43
C TRP A 234 45.75 11.58 25.69
N THR A 235 46.98 11.07 25.48
CA THR A 235 47.83 10.52 26.54
C THR A 235 48.19 11.58 27.60
N ARG A 236 48.42 12.84 27.15
CA ARG A 236 48.73 13.95 28.09
C ARG A 236 47.50 14.24 28.98
N ASN A 237 47.77 14.66 30.23
CA ASN A 237 46.70 14.97 31.20
C ASN A 237 45.90 16.23 30.79
N LYS A 238 44.67 16.31 31.33
CA LYS A 238 43.63 17.26 30.87
C LYS A 238 44.06 18.73 31.04
N SER A 239 44.80 19.02 32.13
CA SER A 239 45.29 20.38 32.42
C SER A 239 46.42 20.79 31.45
N GLU A 240 47.16 19.78 30.91
CA GLU A 240 48.18 20.02 29.85
C GLU A 240 47.54 20.26 28.49
N ILE A 241 46.28 19.81 28.31
CA ILE A 241 45.50 20.13 27.09
C ILE A 241 44.80 21.50 27.27
N THR A 242 45.02 22.45 26.34
CA THR A 242 44.25 23.71 26.32
C THR A 242 42.98 23.54 25.44
N ASP A 243 42.05 24.51 25.57
CA ASP A 243 40.74 24.54 24.86
C ASP A 243 40.89 24.38 23.34
N GLU A 244 41.79 25.19 22.78
CA GLU A 244 42.01 25.27 21.32
C GLU A 244 42.56 23.95 20.77
N GLU A 245 43.36 23.23 21.60
CA GLU A 245 43.93 21.93 21.21
C GLU A 245 42.85 20.85 21.13
N TYR A 246 41.78 20.96 21.96
CA TYR A 246 40.59 20.08 21.82
C TYR A 246 39.91 20.33 20.47
N LYS A 247 39.65 21.64 20.21
CA LYS A 247 39.04 22.11 18.95
C LYS A 247 39.79 21.54 17.74
N GLU A 248 41.11 21.66 17.83
CA GLU A 248 42.04 21.45 16.73
C GLU A 248 42.40 19.96 16.57
N PHE A 249 42.39 19.20 17.68
CA PHE A 249 42.71 17.78 17.64
C PHE A 249 41.61 17.01 16.92
N TYR A 250 40.33 17.41 17.17
CA TYR A 250 39.17 16.86 16.44
C TYR A 250 39.39 16.97 14.92
N LYS A 251 39.86 18.15 14.49
CA LYS A 251 40.00 18.52 13.08
C LYS A 251 40.95 17.59 12.32
N HIS A 252 41.97 17.09 13.03
CA HIS A 252 42.88 16.08 12.48
C HIS A 252 42.21 14.70 12.45
N ILE A 253 41.82 14.22 13.65
CA ILE A 253 41.47 12.80 13.88
C ILE A 253 40.19 12.36 13.15
N ALA A 254 39.31 13.32 12.86
CA ALA A 254 37.99 13.04 12.28
C ALA A 254 38.03 13.02 10.75
N HIS A 255 39.11 13.57 10.14
CA HIS A 255 39.17 13.87 8.68
C HIS A 255 38.06 14.87 8.29
N ASP A 256 37.71 15.72 9.26
CA ASP A 256 36.75 16.81 9.14
C ASP A 256 37.18 17.88 10.13
N PHE A 257 36.93 19.16 9.84
CA PHE A 257 37.56 20.26 10.58
C PHE A 257 36.50 21.23 11.16
N ASN A 258 35.33 20.67 11.49
CA ASN A 258 34.33 21.36 12.33
C ASN A 258 34.96 21.71 13.68
N ASP A 259 34.76 22.94 14.15
CA ASP A 259 35.06 23.31 15.53
C ASP A 259 33.98 22.64 16.41
N PRO A 260 34.35 21.63 17.27
CA PRO A 260 33.37 20.80 18.02
C PRO A 260 32.54 21.63 19.02
N LEU A 261 31.23 21.34 19.08
CA LEU A 261 30.28 22.02 19.99
C LEU A 261 30.74 21.84 21.44
N THR A 262 30.97 20.56 21.84
CA THR A 262 31.54 20.23 23.14
C THR A 262 32.34 18.91 23.03
N TRP A 263 32.96 18.49 24.15
CA TRP A 263 33.81 17.29 24.21
C TRP A 263 33.79 16.70 25.63
N SER A 264 34.51 15.57 25.78
CA SER A 264 34.76 14.95 27.08
C SER A 264 36.07 14.14 26.99
N HIS A 265 37.05 14.46 27.86
CA HIS A 265 38.38 13.83 27.86
C HIS A 265 38.55 13.08 29.18
N ASN A 266 38.42 11.75 29.11
CA ASN A 266 38.56 10.89 30.29
C ASN A 266 39.68 9.88 30.04
N ARG A 267 40.67 9.83 30.93
CA ARG A 267 41.69 8.77 30.91
C ARG A 267 41.45 7.87 32.12
N VAL A 268 41.36 6.57 31.89
CA VAL A 268 40.94 5.58 32.90
C VAL A 268 42.09 4.62 33.18
N GLU A 269 42.18 4.23 34.46
CA GLU A 269 43.28 3.41 35.00
C GLU A 269 42.71 2.22 35.78
N GLY A 270 43.51 1.15 35.90
CA GLY A 270 43.11 -0.07 36.59
C GLY A 270 43.51 -1.30 35.80
N LYS A 271 42.55 -2.21 35.57
CA LYS A 271 42.76 -3.36 34.68
C LYS A 271 42.91 -2.87 33.24
N GLN A 272 41.92 -2.07 32.80
CA GLN A 272 41.93 -1.47 31.46
C GLN A 272 42.36 0.01 31.54
N GLU A 273 43.63 0.28 31.19
CA GLU A 273 44.10 1.64 30.94
C GLU A 273 43.69 2.01 29.52
N TYR A 274 42.83 3.03 29.40
CA TYR A 274 42.39 3.54 28.10
C TYR A 274 42.08 5.02 28.22
N THR A 275 42.51 5.80 27.23
CA THR A 275 42.15 7.21 27.14
C THR A 275 41.04 7.38 26.10
N SER A 276 39.87 7.80 26.56
CA SER A 276 38.73 8.11 25.70
C SER A 276 38.62 9.64 25.55
N LEU A 277 38.50 10.10 24.30
CA LEU A 277 38.36 11.52 23.98
C LEU A 277 37.31 11.68 22.88
N LEU A 278 36.10 12.01 23.34
CA LEU A 278 34.90 12.13 22.49
C LEU A 278 34.68 13.61 22.13
N TYR A 279 34.15 13.85 20.93
CA TYR A 279 33.77 15.20 20.46
C TYR A 279 32.36 15.16 19.86
N ILE A 280 31.69 16.31 19.87
CA ILE A 280 30.39 16.52 19.22
C ILE A 280 30.60 17.38 17.95
N PRO A 281 30.39 16.80 16.71
CA PRO A 281 30.48 17.56 15.44
C PRO A 281 29.40 18.66 15.34
N SER A 282 29.75 19.78 14.66
CA SER A 282 28.82 20.89 14.38
C SER A 282 28.08 20.67 13.02
N GLN A 283 28.31 19.49 12.39
CA GLN A 283 27.71 19.13 11.08
C GLN A 283 27.47 17.60 11.09
N ALA A 284 26.32 17.16 10.55
CA ALA A 284 26.01 15.73 10.41
C ALA A 284 26.91 15.08 9.32
N PRO A 285 27.66 13.96 9.63
CA PRO A 285 28.53 13.27 8.64
C PRO A 285 27.75 12.87 7.36
N TRP A 286 28.44 12.87 6.21
CA TRP A 286 27.82 12.48 4.92
C TRP A 286 27.41 10.99 4.99
N ASP A 287 28.28 10.19 5.62
CA ASP A 287 28.11 8.73 5.78
C ASP A 287 27.38 8.39 7.09
N MET A 288 26.51 9.32 7.55
CA MET A 288 25.66 9.14 8.74
C MET A 288 24.69 7.96 8.52
N TRP A 289 24.14 7.87 7.29
CA TRP A 289 23.16 6.84 6.92
C TRP A 289 23.68 5.94 5.78
N ASN A 290 24.98 6.10 5.38
CA ASN A 290 25.59 5.25 4.32
C ASN A 290 26.02 3.87 4.87
N ARG A 291 26.31 2.94 3.95
CA ARG A 291 26.85 1.60 4.29
C ARG A 291 28.38 1.66 4.56
N ASP A 292 28.99 2.84 4.37
CA ASP A 292 30.41 3.06 4.63
C ASP A 292 30.60 3.60 6.08
N HIS A 293 31.85 3.57 6.57
CA HIS A 293 32.20 4.03 7.91
C HIS A 293 32.62 5.51 7.91
N LYS A 294 32.15 6.25 8.92
CA LYS A 294 32.65 7.62 9.24
C LYS A 294 32.39 7.88 10.72
N HIS A 295 31.16 7.53 11.10
CA HIS A 295 30.70 7.46 12.49
C HIS A 295 31.59 6.49 13.31
N GLY A 296 31.87 6.87 14.58
CA GLY A 296 32.76 6.09 15.45
C GLY A 296 34.04 6.84 15.81
N LEU A 297 35.00 6.11 16.38
CA LEU A 297 36.23 6.68 16.97
C LEU A 297 37.47 6.16 16.22
N LYS A 298 38.64 6.82 16.38
CA LYS A 298 39.92 6.22 15.94
C LYS A 298 40.39 5.22 17.00
N LEU A 299 40.51 3.96 16.61
CA LEU A 299 41.14 2.93 17.41
C LEU A 299 42.67 3.11 17.40
N TYR A 300 43.20 3.40 18.59
CA TYR A 300 44.62 3.29 18.92
C TYR A 300 44.77 2.19 19.97
N VAL A 301 45.84 1.40 19.86
CA VAL A 301 46.26 0.47 20.92
C VAL A 301 47.74 0.73 21.21
N GLN A 302 48.07 0.94 22.50
CA GLN A 302 49.46 1.19 22.96
C GLN A 302 50.03 2.48 22.34
N ARG A 303 49.11 3.44 22.09
CA ARG A 303 49.39 4.78 21.52
C ARG A 303 49.68 4.69 19.98
N VAL A 304 49.53 3.48 19.41
CA VAL A 304 49.78 3.21 17.98
C VAL A 304 48.45 3.14 17.22
N PHE A 305 48.38 3.77 16.03
CA PHE A 305 47.18 3.77 15.19
C PHE A 305 46.86 2.37 14.64
N ILE A 306 45.59 1.95 14.77
CA ILE A 306 45.09 0.68 14.21
C ILE A 306 44.05 0.99 13.10
N MET A 307 42.89 1.55 13.49
CA MET A 307 41.72 1.68 12.56
C MET A 307 41.01 3.04 12.75
N ASP A 308 40.76 3.74 11.63
CA ASP A 308 40.02 5.01 11.60
C ASP A 308 38.54 4.73 11.25
N ASP A 309 37.64 5.62 11.75
CA ASP A 309 36.17 5.50 11.59
C ASP A 309 35.64 4.19 12.25
N ALA A 310 36.30 3.76 13.33
CA ALA A 310 35.97 2.49 14.03
C ALA A 310 34.65 2.64 14.81
N GLU A 311 33.55 2.33 14.11
CA GLU A 311 32.16 2.43 14.61
C GLU A 311 31.81 1.29 15.59
N GLN A 312 32.76 0.40 15.82
CA GLN A 312 32.60 -0.74 16.73
C GLN A 312 32.67 -0.32 18.22
N PHE A 313 33.00 0.97 18.47
CA PHE A 313 33.07 1.54 19.84
C PHE A 313 31.78 2.28 20.22
N MET A 314 30.97 2.65 19.21
CA MET A 314 29.72 3.41 19.40
C MET A 314 28.60 2.76 18.57
N PRO A 315 27.41 2.44 19.17
CA PRO A 315 26.27 1.86 18.41
C PRO A 315 25.69 2.87 17.40
N ASN A 316 24.80 2.38 16.52
CA ASN A 316 24.14 3.24 15.50
C ASN A 316 23.28 4.33 16.15
N TYR A 317 22.89 4.08 17.40
CA TYR A 317 21.98 4.95 18.17
C TYR A 317 22.77 6.15 18.76
N LEU A 318 24.11 5.95 18.90
CA LEU A 318 25.05 6.97 19.41
C LEU A 318 26.14 7.25 18.33
N ARG A 319 25.78 7.02 17.05
CA ARG A 319 26.75 7.07 15.91
C ARG A 319 27.31 8.49 15.68
N PHE A 320 26.57 9.51 16.19
CA PHE A 320 26.95 10.93 16.07
C PHE A 320 28.26 11.27 16.79
N VAL A 321 28.65 10.43 17.77
CA VAL A 321 29.90 10.61 18.52
C VAL A 321 31.10 10.32 17.61
N ARG A 322 31.96 11.33 17.46
CA ARG A 322 33.17 11.21 16.65
C ARG A 322 34.36 11.74 17.48
N GLY A 323 35.45 11.00 17.48
CA GLY A 323 36.62 11.30 18.29
C GLY A 323 37.63 10.17 18.16
N LEU A 324 38.16 9.71 19.30
CA LEU A 324 39.13 8.60 19.33
C LEU A 324 39.18 7.96 20.72
N ILE A 325 39.88 6.81 20.77
CA ILE A 325 40.19 6.09 21.99
C ILE A 325 41.49 5.29 21.80
N ASP A 326 42.36 5.37 22.80
CA ASP A 326 43.56 4.53 22.92
C ASP A 326 43.35 3.52 24.04
N SER A 327 43.69 2.25 23.80
CA SER A 327 43.57 1.19 24.83
C SER A 327 44.89 0.42 24.95
N SER A 328 45.47 0.43 26.17
CA SER A 328 46.60 -0.45 26.53
C SER A 328 46.08 -1.85 26.94
N ASP A 329 44.74 -2.00 27.03
CA ASP A 329 44.07 -3.24 27.44
C ASP A 329 43.88 -4.19 26.25
N LEU A 330 43.29 -3.65 25.17
CA LEU A 330 43.02 -4.41 23.91
C LEU A 330 44.34 -4.83 23.24
N PRO A 331 44.36 -5.96 22.44
CA PRO A 331 45.59 -6.41 21.72
C PRO A 331 45.98 -5.45 20.58
N LEU A 332 47.28 -5.43 20.22
CA LEU A 332 47.80 -4.58 19.11
C LEU A 332 47.41 -5.18 17.74
N ASN A 333 47.10 -6.50 17.75
CA ASN A 333 46.66 -7.25 16.56
C ASN A 333 45.13 -7.15 16.34
N VAL A 334 44.47 -6.26 17.10
CA VAL A 334 43.02 -6.02 17.02
C VAL A 334 42.61 -5.53 15.62
N SER A 335 41.45 -6.02 15.14
CA SER A 335 40.87 -5.64 13.84
C SER A 335 39.32 -5.61 13.96
N ARG A 336 38.62 -5.44 12.81
CA ARG A 336 37.16 -5.20 12.75
C ARG A 336 36.32 -6.28 13.48
N GLU A 337 36.66 -7.57 13.27
CA GLU A 337 35.91 -8.71 13.87
C GLU A 337 36.22 -8.85 15.38
N ILE A 338 37.47 -8.53 15.79
CA ILE A 338 37.87 -8.56 17.21
C ILE A 338 37.05 -7.53 18.00
N LEU A 339 36.86 -6.34 17.43
CA LEU A 339 36.13 -5.23 18.06
C LEU A 339 34.65 -5.59 18.33
N GLN A 340 33.99 -6.26 17.38
CA GLN A 340 32.55 -6.55 17.45
C GLN A 340 32.25 -7.82 18.28
N ASP A 341 33.21 -8.77 18.35
CA ASP A 341 33.02 -10.06 19.06
C ASP A 341 33.55 -10.01 20.50
N SER A 342 34.75 -9.45 20.71
CA SER A 342 35.45 -9.52 22.01
C SER A 342 34.66 -8.83 23.14
N THR A 343 34.66 -9.47 24.32
CA THR A 343 33.94 -9.00 25.49
C THR A 343 34.64 -7.79 26.13
N VAL A 344 36.00 -7.76 26.04
CA VAL A 344 36.80 -6.62 26.56
C VAL A 344 36.42 -5.29 25.86
N THR A 345 36.14 -5.39 24.55
CA THR A 345 35.71 -4.24 23.72
C THR A 345 34.22 -3.92 23.96
N ARG A 346 33.46 -4.92 24.46
CA ARG A 346 32.01 -4.78 24.72
C ARG A 346 31.78 -3.97 26.01
N ASN A 347 32.58 -4.30 27.04
CA ASN A 347 32.60 -3.55 28.31
C ASN A 347 33.18 -2.15 28.10
N LEU A 348 34.19 -2.09 27.21
CA LEU A 348 34.82 -0.82 26.80
C LEU A 348 33.78 0.08 26.09
N ARG A 349 32.94 -0.54 25.25
CA ARG A 349 31.86 0.14 24.51
C ARG A 349 30.83 0.75 25.48
N ASN A 350 30.46 -0.04 26.51
CA ASN A 350 29.55 0.39 27.59
C ASN A 350 30.15 1.57 28.38
N ALA A 351 31.48 1.51 28.55
CA ALA A 351 32.25 2.52 29.29
C ALA A 351 32.34 3.84 28.50
N LEU A 352 32.37 3.74 27.17
CA LEU A 352 32.35 4.93 26.28
C LEU A 352 30.93 5.52 26.24
N THR A 353 29.96 4.61 26.19
CA THR A 353 28.52 4.92 26.11
C THR A 353 28.08 5.80 27.27
N LYS A 354 28.48 5.45 28.51
CA LYS A 354 28.09 6.20 29.72
C LYS A 354 28.54 7.67 29.62
N ARG A 355 29.77 7.89 29.08
CA ARG A 355 30.32 9.25 28.88
C ARG A 355 29.54 10.02 27.80
N VAL A 356 28.96 9.29 26.82
CA VAL A 356 28.11 9.90 25.77
C VAL A 356 26.83 10.48 26.39
N LEU A 357 26.17 9.66 27.22
CA LEU A 357 24.89 10.00 27.91
C LEU A 357 25.08 11.25 28.78
N GLN A 358 26.22 11.27 29.49
CA GLN A 358 26.68 12.42 30.26
C GLN A 358 26.87 13.64 29.34
N MET A 359 27.57 13.43 28.22
CA MET A 359 27.97 14.48 27.26
C MET A 359 26.77 15.10 26.51
N LEU A 360 25.67 14.33 26.39
CA LEU A 360 24.44 14.78 25.69
C LEU A 360 23.72 15.85 26.51
N GLU A 361 23.35 15.50 27.77
CA GLU A 361 22.68 16.45 28.67
C GLU A 361 23.66 17.56 29.07
N LYS A 362 24.96 17.21 29.13
CA LYS A 362 26.04 18.17 29.41
C LYS A 362 26.02 19.28 28.36
N LEU A 363 25.88 18.90 27.08
CA LEU A 363 25.82 19.84 25.94
C LEU A 363 24.58 20.74 26.05
N ALA A 364 23.46 20.15 26.49
CA ALA A 364 22.21 20.90 26.77
C ALA A 364 22.38 21.92 27.91
N LYS A 365 23.34 21.64 28.81
CA LYS A 365 23.63 22.48 30.00
C LYS A 365 24.86 23.37 29.77
N ASP A 366 25.67 23.06 28.73
CA ASP A 366 26.76 23.92 28.27
C ASP A 366 26.10 25.09 27.54
N ASP A 367 25.58 24.81 26.35
CA ASP A 367 24.89 25.79 25.51
C ASP A 367 23.66 25.13 24.92
N ALA A 368 22.47 25.53 25.39
CA ALA A 368 21.18 25.14 24.79
C ALA A 368 21.12 25.50 23.28
N GLU A 369 21.94 26.49 22.88
CA GLU A 369 22.10 26.93 21.49
C GLU A 369 22.83 25.87 20.66
N LYS A 370 23.96 25.36 21.20
CA LYS A 370 24.74 24.27 20.56
C LYS A 370 23.92 22.98 20.47
N TYR A 371 23.15 22.68 21.54
CA TYR A 371 22.34 21.46 21.60
C TYR A 371 21.13 21.54 20.63
N GLN A 372 20.64 22.76 20.40
CA GLN A 372 19.57 23.01 19.40
C GLN A 372 20.08 22.66 17.99
N THR A 373 21.29 23.14 17.68
CA THR A 373 21.98 22.86 16.41
C THR A 373 22.23 21.34 16.26
N PHE A 374 22.72 20.73 17.36
CA PHE A 374 22.99 19.29 17.47
C PHE A 374 21.74 18.47 17.12
N TRP A 375 20.61 18.81 17.76
CA TRP A 375 19.38 18.03 17.64
C TRP A 375 18.83 18.08 16.19
N GLN A 376 18.93 19.24 15.54
CA GLN A 376 18.41 19.43 14.17
C GLN A 376 19.30 18.75 13.10
N GLN A 377 20.42 18.13 13.54
CA GLN A 377 21.32 17.34 12.67
C GLN A 377 21.32 15.84 13.07
N PHE A 378 21.13 15.56 14.37
CA PHE A 378 21.37 14.21 14.95
C PHE A 378 20.10 13.67 15.68
N GLY A 379 18.96 14.37 15.51
CA GLY A 379 17.73 14.09 16.27
C GLY A 379 17.12 12.71 16.05
N LEU A 380 17.04 12.29 14.78
CA LEU A 380 16.49 10.97 14.39
C LEU A 380 17.28 9.81 15.05
N VAL A 381 18.58 10.05 15.24
CA VAL A 381 19.52 9.05 15.77
C VAL A 381 19.36 8.94 17.31
N LEU A 382 19.24 10.10 17.99
CA LEU A 382 19.05 10.15 19.45
C LEU A 382 17.61 9.68 19.82
N LYS A 383 16.67 9.78 18.85
CA LYS A 383 15.28 9.27 19.03
C LYS A 383 15.20 7.74 18.93
N GLU A 384 16.31 7.07 18.52
CA GLU A 384 16.46 5.60 18.71
C GLU A 384 16.65 5.33 20.22
N GLY A 385 17.30 6.30 20.89
CA GLY A 385 17.70 6.23 22.31
C GLY A 385 16.64 5.79 23.34
N PRO A 386 15.50 6.54 23.51
CA PRO A 386 14.45 6.21 24.52
C PRO A 386 13.64 4.96 24.11
N ALA A 387 13.66 4.69 22.80
CA ALA A 387 12.99 3.53 22.20
C ALA A 387 13.85 2.28 22.41
N GLU A 388 15.16 2.48 22.52
CA GLU A 388 16.13 1.40 22.74
C GLU A 388 16.09 1.06 24.25
N ASP A 389 16.40 2.06 25.09
CA ASP A 389 16.38 1.94 26.57
C ASP A 389 15.15 2.65 27.17
N PHE A 390 14.22 1.85 27.71
CA PHE A 390 13.09 2.35 28.51
C PHE A 390 13.48 2.55 29.99
N ALA A 391 14.55 1.86 30.44
CA ALA A 391 14.92 1.70 31.87
C ALA A 391 15.00 3.06 32.60
N ASN A 392 15.81 3.97 32.04
CA ASN A 392 15.96 5.34 32.56
C ASN A 392 15.67 6.34 31.41
N GLN A 393 14.59 6.02 30.65
CA GLN A 393 14.05 6.87 29.56
C GLN A 393 13.73 8.31 30.05
N GLU A 394 13.45 8.44 31.36
CA GLU A 394 13.21 9.73 32.07
C GLU A 394 14.27 10.80 31.70
N ALA A 395 15.56 10.41 31.79
CA ALA A 395 16.69 11.33 31.50
C ALA A 395 16.85 11.56 29.99
N ILE A 396 16.45 10.55 29.19
CA ILE A 396 16.52 10.65 27.71
C ILE A 396 15.39 11.57 27.20
N ALA A 397 14.28 11.64 27.96
CA ALA A 397 13.09 12.46 27.62
C ALA A 397 13.38 13.97 27.74
N LYS A 398 14.42 14.28 28.53
CA LYS A 398 14.99 15.64 28.66
C LYS A 398 15.84 15.97 27.40
N LEU A 399 16.47 14.93 26.83
CA LEU A 399 17.27 15.04 25.61
C LEU A 399 16.37 15.22 24.38
N LEU A 400 15.19 14.55 24.42
CA LEU A 400 14.21 14.56 23.33
C LEU A 400 13.62 15.94 23.12
N ARG A 401 13.74 16.46 21.90
CA ARG A 401 13.15 17.74 21.47
C ARG A 401 12.20 17.45 20.30
N PHE A 402 10.95 17.90 20.43
CA PHE A 402 9.92 17.74 19.40
C PHE A 402 9.55 19.13 18.86
N ALA A 403 8.94 19.15 17.68
CA ALA A 403 8.36 20.39 17.14
C ALA A 403 6.98 20.58 17.78
N SER A 404 6.50 21.81 17.78
CA SER A 404 5.22 22.16 18.40
C SER A 404 4.63 23.42 17.76
N THR A 405 3.46 23.84 18.26
CA THR A 405 2.79 25.07 17.82
C THR A 405 3.50 26.33 18.36
N HIS A 406 4.39 26.14 19.36
CA HIS A 406 5.18 27.20 20.06
C HIS A 406 5.73 28.26 19.09
N THR A 407 6.48 27.76 18.11
CA THR A 407 7.06 28.54 17.03
C THR A 407 6.55 27.94 15.72
N ASP A 408 6.23 28.79 14.73
CA ASP A 408 5.73 28.35 13.40
C ASP A 408 6.89 27.85 12.49
N SER A 409 8.09 27.67 13.09
CA SER A 409 9.27 27.12 12.41
C SER A 409 9.39 25.60 12.66
N SER A 410 10.14 24.92 11.79
CA SER A 410 10.34 23.46 11.86
C SER A 410 11.47 23.07 12.85
N ALA A 411 11.92 24.05 13.66
CA ALA A 411 12.97 23.84 14.68
C ALA A 411 12.40 23.05 15.88
N GLN A 412 12.88 21.81 16.07
CA GLN A 412 12.55 20.99 17.26
C GLN A 412 13.28 21.58 18.49
N THR A 413 12.59 22.49 19.19
CA THR A 413 13.13 23.24 20.34
C THR A 413 12.53 22.74 21.65
N VAL A 414 11.19 22.60 21.64
CA VAL A 414 10.40 22.23 22.82
C VAL A 414 10.55 20.74 23.14
N SER A 415 11.08 20.43 24.33
CA SER A 415 11.17 19.06 24.83
C SER A 415 9.85 18.66 25.48
N LEU A 416 9.81 17.43 26.01
CA LEU A 416 8.72 16.97 26.87
C LEU A 416 8.69 17.79 28.17
N GLU A 417 9.88 18.22 28.63
CA GLU A 417 10.07 19.04 29.85
C GLU A 417 9.54 20.47 29.61
N ASP A 418 9.90 21.06 28.44
CA ASP A 418 9.40 22.40 28.03
C ASP A 418 7.88 22.37 27.88
N TYR A 419 7.35 21.24 27.37
CA TYR A 419 5.92 21.02 27.20
C TYR A 419 5.19 21.04 28.56
N VAL A 420 5.78 20.37 29.57
CA VAL A 420 5.23 20.33 30.94
C VAL A 420 5.16 21.76 31.53
N SER A 421 6.17 22.57 31.23
CA SER A 421 6.24 24.00 31.63
C SER A 421 5.18 24.84 30.86
N ARG A 422 4.81 24.38 29.64
CA ARG A 422 3.77 25.01 28.80
C ARG A 422 2.35 24.59 29.21
N MET A 423 2.22 23.42 29.89
CA MET A 423 0.93 22.94 30.43
C MET A 423 0.58 23.73 31.71
N LYS A 424 -0.71 23.66 32.09
CA LYS A 424 -1.21 24.32 33.31
C LYS A 424 -1.67 23.25 34.32
N GLU A 425 -1.90 23.68 35.57
CA GLU A 425 -2.13 22.77 36.72
C GLU A 425 -3.39 21.90 36.52
N GLY A 426 -3.23 20.59 36.76
CA GLY A 426 -4.28 19.61 36.54
C GLY A 426 -4.21 18.94 35.18
N GLN A 427 -3.55 19.61 34.21
CA GLN A 427 -3.33 19.09 32.85
C GLN A 427 -2.04 18.24 32.87
N GLU A 428 -2.21 16.93 33.04
CA GLU A 428 -1.09 15.97 33.12
C GLU A 428 -1.05 15.05 31.89
N LYS A 429 -1.86 15.36 30.88
CA LYS A 429 -1.89 14.58 29.63
C LYS A 429 -1.08 15.29 28.56
N ILE A 430 -0.07 14.58 28.03
CA ILE A 430 0.83 15.12 27.01
C ILE A 430 0.19 14.95 25.63
N TYR A 431 -0.37 16.05 25.11
CA TYR A 431 -1.11 16.08 23.85
C TYR A 431 -0.12 16.20 22.68
N TYR A 432 -0.13 15.19 21.81
CA TYR A 432 0.84 15.06 20.72
C TYR A 432 0.11 14.45 19.50
N ILE A 433 0.35 14.99 18.29
CA ILE A 433 -0.21 14.43 17.03
C ILE A 433 0.90 14.44 15.95
N THR A 434 0.95 13.38 15.14
CA THR A 434 1.95 13.20 14.08
C THR A 434 1.47 13.74 12.71
N ALA A 435 2.46 14.09 11.88
CA ALA A 435 2.26 14.39 10.45
C ALA A 435 3.51 13.90 9.69
N ASP A 436 3.36 13.70 8.37
CA ASP A 436 4.48 13.31 7.49
C ASP A 436 5.52 14.44 7.45
N SER A 437 5.03 15.69 7.45
CA SER A 437 5.87 16.90 7.43
C SER A 437 5.25 17.96 8.37
N TYR A 438 6.12 18.84 8.91
CA TYR A 438 5.69 19.98 9.73
C TYR A 438 4.86 20.98 8.88
N ALA A 439 5.13 21.01 7.56
CA ALA A 439 4.39 21.85 6.59
C ALA A 439 2.90 21.46 6.54
N ALA A 440 2.63 20.14 6.65
CA ALA A 440 1.26 19.59 6.72
C ALA A 440 0.60 19.92 8.08
N ALA A 441 1.38 19.73 9.17
CA ALA A 441 0.94 19.98 10.56
C ALA A 441 0.50 21.45 10.77
N LYS A 442 1.35 22.37 10.27
CA LYS A 442 1.18 23.82 10.41
C LYS A 442 0.04 24.34 9.50
N SER A 443 -0.25 23.59 8.41
CA SER A 443 -1.25 23.99 7.40
C SER A 443 -2.70 23.94 7.97
N SER A 444 -2.89 23.25 9.12
CA SER A 444 -4.19 23.18 9.81
C SER A 444 -4.52 24.51 10.54
N PRO A 445 -5.73 25.13 10.29
CA PRO A 445 -6.16 26.37 10.99
C PRO A 445 -6.56 26.12 12.48
N HIS A 446 -6.66 24.83 12.88
CA HIS A 446 -7.01 24.43 14.27
C HIS A 446 -6.00 24.98 15.30
N LEU A 447 -4.73 25.08 14.87
CA LEU A 447 -3.61 25.50 15.74
C LEU A 447 -3.78 26.97 16.21
N GLU A 448 -4.64 27.74 15.50
CA GLU A 448 -4.92 29.15 15.80
C GLU A 448 -6.12 29.33 16.76
N LEU A 449 -6.94 28.27 16.91
CA LEU A 449 -7.98 28.22 17.98
C LEU A 449 -7.27 27.99 19.34
N LEU A 450 -6.26 27.11 19.27
CA LEU A 450 -5.31 26.84 20.36
C LEU A 450 -4.54 28.10 20.75
N ARG A 451 -3.96 28.73 19.71
CA ARG A 451 -3.12 29.95 19.80
C ARG A 451 -3.84 31.06 20.57
N LYS A 452 -5.15 31.20 20.25
CA LYS A 452 -6.02 32.22 20.84
C LYS A 452 -6.05 32.12 22.38
N LYS A 453 -6.19 30.89 22.90
CA LYS A 453 -6.34 30.66 24.34
C LYS A 453 -4.96 30.56 25.03
N GLY A 454 -3.92 30.15 24.30
CA GLY A 454 -2.54 30.12 24.82
C GLY A 454 -2.09 28.76 25.37
N ILE A 455 -2.66 27.66 24.85
CA ILE A 455 -2.17 26.28 25.15
C ILE A 455 -1.25 25.82 23.97
N GLU A 456 -0.67 24.60 24.10
CA GLU A 456 0.32 24.09 23.11
C GLU A 456 0.03 22.65 22.66
N VAL A 457 0.29 22.36 21.36
CA VAL A 457 0.24 20.99 20.77
C VAL A 457 1.67 20.59 20.40
N LEU A 458 2.09 19.33 20.70
CA LEU A 458 3.32 18.76 20.12
C LEU A 458 3.01 18.23 18.70
N LEU A 459 3.78 18.71 17.70
CA LEU A 459 3.64 18.30 16.28
C LEU A 459 4.87 17.44 15.89
N LEU A 460 4.67 16.11 15.76
CA LEU A 460 5.77 15.14 15.56
C LEU A 460 5.88 14.78 14.06
N SER A 461 6.87 15.37 13.38
CA SER A 461 7.05 15.24 11.91
C SER A 461 8.06 14.13 11.56
N ASP A 462 8.71 13.57 12.59
CA ASP A 462 9.81 12.59 12.43
C ASP A 462 9.27 11.15 12.43
N ARG A 463 9.85 10.29 11.58
CA ARG A 463 9.31 8.93 11.30
C ARG A 463 9.74 7.87 12.34
N ILE A 464 10.85 8.10 13.05
CA ILE A 464 11.38 7.16 14.08
C ILE A 464 10.47 7.12 15.34
N ASP A 465 9.71 8.21 15.51
CA ASP A 465 8.69 8.37 16.56
C ASP A 465 7.64 7.23 16.52
N GLU A 466 7.48 6.62 15.32
CA GLU A 466 6.60 5.43 15.09
C GLU A 466 6.85 4.33 16.13
N TRP A 467 8.14 4.04 16.35
CA TRP A 467 8.59 3.03 17.33
C TRP A 467 8.67 3.66 18.72
N MET A 468 9.22 4.88 18.78
CA MET A 468 9.53 5.57 20.06
C MET A 468 8.26 5.87 20.90
N MET A 469 7.10 5.93 20.23
CA MET A 469 5.79 6.22 20.87
C MET A 469 5.42 5.11 21.88
N ASN A 470 5.78 3.86 21.52
CA ASN A 470 5.37 2.66 22.28
C ASN A 470 6.11 2.56 23.63
N TYR A 471 7.10 3.43 23.81
CA TYR A 471 7.88 3.57 25.04
C TYR A 471 7.48 4.83 25.81
N LEU A 472 7.26 5.93 25.06
CA LEU A 472 6.81 7.22 25.63
C LEU A 472 5.33 7.18 26.02
N THR A 473 4.98 6.28 26.95
CA THR A 473 3.61 6.09 27.41
C THR A 473 3.32 7.01 28.61
N GLU A 474 4.40 7.45 29.28
CA GLU A 474 4.34 8.40 30.41
C GLU A 474 5.71 9.12 30.55
N PHE A 475 5.66 10.37 31.04
CA PHE A 475 6.85 11.17 31.39
C PHE A 475 6.51 12.04 32.61
N ASP A 476 7.26 11.88 33.72
CA ASP A 476 7.15 12.73 34.94
C ASP A 476 5.75 12.56 35.60
N GLY A 477 5.25 11.31 35.55
CA GLY A 477 3.92 10.97 36.07
C GLY A 477 2.78 11.54 35.21
N LYS A 478 3.08 11.86 33.95
CA LYS A 478 2.16 12.52 33.01
C LYS A 478 2.01 11.67 31.73
N PRO A 479 0.88 10.89 31.61
CA PRO A 479 0.65 9.97 30.46
C PRO A 479 0.39 10.72 29.13
N PHE A 480 0.99 10.22 28.05
CA PHE A 480 0.79 10.75 26.68
C PHE A 480 -0.61 10.37 26.17
N GLN A 481 -1.30 11.33 25.53
CA GLN A 481 -2.66 11.12 24.99
C GLN A 481 -2.79 11.67 23.57
N SER A 482 -3.18 10.75 22.68
CA SER A 482 -3.45 11.03 21.25
C SER A 482 -4.76 11.85 21.10
N VAL A 483 -5.01 12.37 19.89
CA VAL A 483 -6.19 13.22 19.58
C VAL A 483 -7.52 12.38 19.48
N SER A 484 -7.58 11.24 20.20
CA SER A 484 -8.82 10.47 20.43
C SER A 484 -9.66 11.08 21.58
N LYS A 485 -9.37 12.35 21.94
CA LYS A 485 -10.00 13.10 23.06
C LYS A 485 -11.16 13.99 22.57
N VAL A 486 -11.91 14.56 23.53
CA VAL A 486 -13.12 15.41 23.26
C VAL A 486 -12.95 16.82 23.87
N ASP A 487 -13.19 17.84 23.04
CA ASP A 487 -12.94 19.26 23.38
C ASP A 487 -13.97 20.12 22.64
N GLU A 488 -13.65 20.50 21.37
CA GLU A 488 -14.53 21.27 20.45
C GLU A 488 -16.01 20.80 20.43
N SER A 489 -16.27 19.51 20.68
CA SER A 489 -17.64 18.95 20.74
C SER A 489 -18.36 19.41 22.04
N LEU A 490 -17.58 19.56 23.12
CA LEU A 490 -18.02 20.13 24.42
C LEU A 490 -17.78 21.65 24.42
N GLU A 491 -18.29 22.32 23.37
CA GLU A 491 -18.10 23.76 23.13
C GLU A 491 -18.82 24.65 24.18
N LYS A 492 -19.60 24.01 25.06
CA LYS A 492 -20.12 24.62 26.29
C LYS A 492 -18.93 25.25 27.09
N LEU A 493 -17.81 24.51 27.18
CA LEU A 493 -16.59 24.93 27.90
C LEU A 493 -15.59 25.65 26.97
N ALA A 494 -16.02 25.95 25.73
CA ALA A 494 -15.23 26.68 24.71
C ALA A 494 -15.96 27.99 24.28
N ASP A 495 -16.55 28.67 25.27
CA ASP A 495 -17.41 29.87 25.06
C ASP A 495 -16.63 31.10 24.51
N GLU A 496 -15.29 31.01 24.45
CA GLU A 496 -14.42 32.10 23.95
C GLU A 496 -14.38 32.11 22.39
N VAL A 497 -15.57 32.25 21.79
CA VAL A 497 -15.78 32.13 20.34
C VAL A 497 -16.28 33.46 19.74
N ASP A 498 -15.36 34.46 19.74
CA ASP A 498 -15.59 35.83 19.22
C ASP A 498 -16.65 36.56 20.07
N GLU A 499 -17.94 36.27 19.82
CA GLU A 499 -19.08 36.82 20.58
C GLU A 499 -20.36 35.97 20.33
N SER A 500 -20.19 34.77 19.72
CA SER A 500 -21.32 33.88 19.41
C SER A 500 -21.95 33.35 20.72
N ALA A 501 -23.22 33.71 20.92
CA ALA A 501 -23.96 33.46 22.16
C ALA A 501 -25.47 33.63 21.87
N LYS A 502 -26.28 33.92 22.91
CA LYS A 502 -27.77 33.90 22.87
C LYS A 502 -28.39 34.63 21.65
N GLU A 503 -27.71 35.70 21.18
CA GLU A 503 -28.19 36.56 20.08
C GLU A 503 -28.09 35.81 18.75
N ALA A 504 -26.97 35.09 18.60
CA ALA A 504 -26.73 34.21 17.45
C ALA A 504 -27.70 33.02 17.51
N GLU A 505 -27.68 32.28 18.65
CA GLU A 505 -28.46 31.01 18.86
C GLU A 505 -29.95 31.22 18.57
N LYS A 506 -30.43 32.44 18.86
CA LYS A 506 -31.80 32.90 18.63
C LYS A 506 -32.23 32.66 17.16
N ALA A 507 -31.36 33.10 16.24
CA ALA A 507 -31.58 32.96 14.78
C ALA A 507 -31.07 31.60 14.25
N LEU A 508 -30.17 30.96 15.03
CA LEU A 508 -29.59 29.68 14.63
C LEU A 508 -30.56 28.52 14.86
N THR A 509 -31.43 28.61 15.87
CA THR A 509 -32.38 27.53 16.18
C THR A 509 -33.36 27.23 14.99
N PRO A 510 -34.07 28.24 14.36
CA PRO A 510 -34.89 27.98 13.15
C PRO A 510 -34.02 27.57 11.95
N PHE A 511 -32.74 28.03 11.93
CA PHE A 511 -31.78 27.70 10.86
C PHE A 511 -31.37 26.21 10.96
N ILE A 512 -31.18 25.70 12.20
CA ILE A 512 -30.77 24.29 12.45
C ILE A 512 -31.91 23.38 11.97
N ASP A 513 -33.14 23.77 12.33
CA ASP A 513 -34.37 23.07 11.95
C ASP A 513 -34.52 22.97 10.42
N ARG A 514 -34.24 24.08 9.71
CA ARG A 514 -34.31 24.14 8.23
C ARG A 514 -33.26 23.26 7.57
N VAL A 515 -32.02 23.27 8.12
CA VAL A 515 -30.88 22.52 7.53
C VAL A 515 -31.05 21.00 7.76
N LYS A 516 -31.55 20.59 8.94
CA LYS A 516 -31.81 19.17 9.27
C LYS A 516 -33.01 18.63 8.47
N ALA A 517 -33.97 19.52 8.19
CA ALA A 517 -35.14 19.19 7.34
C ALA A 517 -34.71 19.09 5.86
N LEU A 518 -33.76 19.95 5.47
CA LEU A 518 -33.24 20.06 4.09
C LEU A 518 -32.43 18.80 3.72
N LEU A 519 -31.60 18.36 4.66
CA LEU A 519 -30.73 17.19 4.48
C LEU A 519 -31.53 15.91 4.75
N GLY A 520 -32.45 15.98 5.72
CA GLY A 520 -33.36 14.88 6.05
C GLY A 520 -32.66 13.71 6.71
N GLU A 521 -32.10 12.83 5.86
CA GLU A 521 -31.40 11.61 6.29
C GLU A 521 -30.01 11.51 5.61
N ARG A 522 -29.64 12.55 4.83
CA ARG A 522 -28.32 12.61 4.16
C ARG A 522 -27.20 12.82 5.20
N VAL A 523 -27.57 13.40 6.34
CA VAL A 523 -26.67 13.67 7.49
C VAL A 523 -27.32 13.11 8.76
N LYS A 524 -26.49 12.54 9.66
CA LYS A 524 -26.92 12.01 10.96
C LYS A 524 -27.52 13.14 11.84
N ASP A 525 -26.74 14.21 12.05
CA ASP A 525 -27.12 15.35 12.91
C ASP A 525 -26.41 16.62 12.44
N VAL A 526 -27.08 17.78 12.60
CA VAL A 526 -26.53 19.09 12.20
C VAL A 526 -26.53 20.05 13.41
N ARG A 527 -25.39 20.73 13.62
CA ARG A 527 -25.23 21.76 14.67
C ARG A 527 -24.74 23.06 14.02
N LEU A 528 -24.87 24.17 14.75
CA LEU A 528 -24.19 25.45 14.41
C LEU A 528 -23.15 25.73 15.50
N THR A 529 -21.92 25.23 15.29
CA THR A 529 -20.79 25.36 16.23
C THR A 529 -19.92 26.55 15.84
N HIS A 530 -19.27 27.16 16.82
CA HIS A 530 -18.71 28.50 16.73
C HIS A 530 -17.18 28.50 16.70
N ARG A 531 -16.56 27.32 16.48
CA ARG A 531 -15.09 27.25 16.31
C ARG A 531 -14.68 28.08 15.09
N LEU A 532 -13.96 29.19 15.35
CA LEU A 532 -13.75 30.31 14.41
C LEU A 532 -13.13 29.82 13.08
N THR A 533 -11.87 29.30 13.16
CA THR A 533 -11.12 28.62 12.05
C THR A 533 -11.18 29.37 10.67
N ASP A 534 -10.65 28.75 9.60
CA ASP A 534 -10.75 29.28 8.21
C ASP A 534 -11.72 28.43 7.37
N THR A 535 -12.15 27.28 7.93
CA THR A 535 -13.10 26.38 7.30
C THR A 535 -14.54 26.82 7.68
N PRO A 536 -15.46 27.07 6.69
CA PRO A 536 -16.85 27.53 6.97
C PRO A 536 -17.70 26.47 7.71
N ALA A 537 -17.30 25.19 7.59
CA ALA A 537 -18.00 24.07 8.25
C ALA A 537 -17.03 22.92 8.52
N ILE A 538 -17.27 22.21 9.63
CA ILE A 538 -16.45 21.10 10.13
C ILE A 538 -17.39 19.97 10.57
N VAL A 539 -16.96 18.71 10.44
CA VAL A 539 -17.76 17.55 10.91
C VAL A 539 -17.14 16.89 12.16
N SER A 540 -18.01 16.31 13.00
CA SER A 540 -17.60 15.47 14.14
C SER A 540 -17.86 13.99 13.83
N THR A 541 -17.11 13.11 14.52
CA THR A 541 -17.12 11.66 14.31
C THR A 541 -17.20 10.93 15.66
N ASP A 542 -17.93 9.80 15.70
CA ASP A 542 -18.01 8.93 16.89
C ASP A 542 -16.76 8.02 16.95
N ALA A 543 -16.58 7.23 15.88
CA ALA A 543 -15.37 6.42 15.67
C ALA A 543 -14.65 6.93 14.42
N ASP A 544 -13.78 6.10 13.80
CA ASP A 544 -12.98 6.54 12.64
C ASP A 544 -13.86 6.58 11.38
N GLU A 545 -13.70 7.71 10.66
CA GLU A 545 -14.54 8.10 9.52
C GLU A 545 -16.03 8.12 9.94
N MET A 546 -16.27 8.42 11.26
CA MET A 546 -17.58 8.35 11.92
C MET A 546 -17.96 6.89 12.25
N SER A 547 -18.04 6.03 11.22
CA SER A 547 -18.44 4.63 11.40
C SER A 547 -18.10 3.78 10.15
N THR A 548 -17.00 4.12 9.44
CA THR A 548 -16.62 3.35 8.19
C THR A 548 -15.69 2.17 8.55
N GLN A 549 -15.67 1.78 9.84
CA GLN A 549 -14.84 0.67 10.35
C GLN A 549 -15.17 0.32 11.83
N MET A 550 -16.01 -0.73 12.01
CA MET A 550 -16.23 -1.44 13.30
C MET A 550 -17.39 -2.45 13.13
N ALA A 551 -17.43 -3.46 14.01
CA ALA A 551 -18.46 -4.52 13.99
C ALA A 551 -19.89 -3.96 14.13
N LYS A 552 -20.14 -3.21 15.24
CA LYS A 552 -21.46 -2.60 15.55
C LYS A 552 -21.91 -1.63 14.44
N LEU A 553 -20.94 -0.89 13.93
CA LEU A 553 -21.18 0.19 12.98
C LEU A 553 -21.64 -0.40 11.62
N PHE A 554 -20.90 -1.40 11.12
CA PHE A 554 -21.27 -2.10 9.85
C PHE A 554 -22.51 -3.01 10.02
N ALA A 555 -22.81 -3.40 11.27
CA ALA A 555 -24.00 -4.22 11.59
C ALA A 555 -25.28 -3.37 11.73
N ALA A 556 -25.17 -2.05 11.50
CA ALA A 556 -26.33 -1.13 11.52
C ALA A 556 -27.23 -1.35 10.28
N ALA A 557 -26.65 -1.30 9.07
CA ALA A 557 -27.37 -1.58 7.80
C ALA A 557 -26.60 -2.56 6.90
N GLY A 558 -25.26 -2.59 7.02
CA GLY A 558 -24.43 -3.44 6.15
C GLY A 558 -24.27 -2.84 4.76
N GLN A 559 -23.61 -1.68 4.70
CA GLN A 559 -23.45 -0.86 3.49
C GLN A 559 -22.26 0.12 3.78
N LYS A 560 -22.37 1.42 3.46
CA LYS A 560 -21.42 2.45 3.93
C LYS A 560 -21.74 2.84 5.41
N VAL A 561 -22.78 2.19 6.02
CA VAL A 561 -23.42 2.57 7.30
C VAL A 561 -24.25 3.89 7.22
N PRO A 562 -25.51 3.91 7.76
CA PRO A 562 -26.35 5.14 7.87
C PRO A 562 -25.70 6.20 8.78
N GLU A 563 -25.16 5.72 9.92
CA GLU A 563 -24.54 6.57 10.95
C GLU A 563 -23.33 7.33 10.38
N VAL A 564 -22.70 6.74 9.34
CA VAL A 564 -21.45 7.24 8.73
C VAL A 564 -21.58 8.66 8.21
N LYS A 565 -22.83 9.05 7.92
CA LYS A 565 -23.15 10.39 7.43
C LYS A 565 -22.78 11.40 8.54
N TYR A 566 -21.65 12.09 8.31
CA TYR A 566 -20.90 12.84 9.34
C TYR A 566 -21.75 13.95 9.97
N ILE A 567 -21.42 14.35 11.23
CA ILE A 567 -22.23 15.32 11.98
C ILE A 567 -21.83 16.73 11.50
N PHE A 568 -22.75 17.35 10.74
CA PHE A 568 -22.48 18.56 9.98
C PHE A 568 -22.64 19.81 10.85
N GLU A 569 -21.53 20.39 11.27
CA GLU A 569 -21.49 21.58 12.13
C GLU A 569 -21.00 22.79 11.30
N LEU A 570 -21.83 23.85 11.19
CA LEU A 570 -21.46 25.07 10.43
C LEU A 570 -21.02 26.15 11.43
N ASN A 571 -20.05 27.01 11.04
CA ASN A 571 -19.61 28.13 11.91
C ASN A 571 -20.40 29.41 11.57
N PRO A 572 -21.39 29.83 12.42
CA PRO A 572 -22.23 31.03 12.16
C PRO A 572 -21.41 32.33 12.20
N ASP A 573 -20.20 32.27 12.79
CA ASP A 573 -19.27 33.40 12.87
C ASP A 573 -18.57 33.63 11.52
N HIS A 574 -18.47 32.56 10.69
CA HIS A 574 -17.82 32.63 9.37
C HIS A 574 -18.72 33.40 8.36
N VAL A 575 -18.09 34.30 7.55
CA VAL A 575 -18.79 35.15 6.56
C VAL A 575 -19.64 34.31 5.57
N LEU A 576 -19.09 33.17 5.13
CA LEU A 576 -19.75 32.26 4.15
C LEU A 576 -21.08 31.67 4.67
N VAL A 577 -21.16 31.44 6.00
CA VAL A 577 -22.36 30.87 6.65
C VAL A 577 -23.41 31.97 6.90
N LYS A 578 -22.94 33.19 7.24
CA LYS A 578 -23.82 34.37 7.38
C LYS A 578 -24.44 34.73 6.03
N ARG A 579 -23.63 34.57 4.97
CA ARG A 579 -24.02 34.82 3.59
C ARG A 579 -25.07 33.79 3.14
N ALA A 580 -24.87 32.52 3.60
CA ALA A 580 -25.81 31.40 3.35
C ALA A 580 -27.08 31.52 4.21
N ALA A 581 -26.97 32.26 5.33
CA ALA A 581 -28.11 32.56 6.23
C ALA A 581 -28.95 33.71 5.63
N ASP A 582 -28.31 34.57 4.82
CA ASP A 582 -29.01 35.63 4.05
C ASP A 582 -29.65 35.01 2.78
N THR A 583 -29.12 33.83 2.36
CA THR A 583 -29.65 33.12 1.21
C THR A 583 -31.02 32.51 1.55
N GLU A 584 -32.08 33.24 1.17
CA GLU A 584 -33.47 32.86 1.39
C GLU A 584 -34.01 32.02 0.23
N ASP A 585 -33.39 32.18 -0.97
CA ASP A 585 -33.67 31.35 -2.17
C ASP A 585 -33.60 29.86 -1.81
N GLU A 586 -34.68 29.11 -2.06
CA GLU A 586 -34.79 27.70 -1.60
C GLU A 586 -33.68 26.81 -2.20
N ALA A 587 -33.43 26.95 -3.51
CA ALA A 587 -32.50 26.08 -4.25
C ALA A 587 -31.03 26.39 -3.89
N LYS A 588 -30.72 27.68 -3.71
CA LYS A 588 -29.37 28.14 -3.32
C LYS A 588 -29.11 27.93 -1.82
N PHE A 589 -30.18 27.99 -0.99
CA PHE A 589 -30.09 27.71 0.46
C PHE A 589 -29.63 26.27 0.65
N SER A 590 -30.31 25.38 -0.08
CA SER A 590 -29.97 23.97 -0.17
C SER A 590 -28.52 23.79 -0.65
N GLU A 591 -28.20 24.44 -1.78
CA GLU A 591 -26.94 24.26 -2.51
C GLU A 591 -25.71 24.76 -1.70
N TRP A 592 -25.93 25.75 -0.81
CA TRP A 592 -24.86 26.27 0.07
C TRP A 592 -24.66 25.35 1.29
N VAL A 593 -25.77 24.80 1.82
CA VAL A 593 -25.72 23.75 2.85
C VAL A 593 -24.96 22.52 2.31
N GLU A 594 -25.25 22.18 1.05
CA GLU A 594 -24.63 21.06 0.32
C GLU A 594 -23.14 21.32 0.04
N LEU A 595 -22.81 22.58 -0.34
CA LEU A 595 -21.42 23.02 -0.64
C LEU A 595 -20.50 22.85 0.57
N LEU A 596 -20.96 23.42 1.71
CA LEU A 596 -20.23 23.37 2.99
C LEU A 596 -20.15 21.93 3.52
N LEU A 597 -21.19 21.13 3.20
CA LEU A 597 -21.25 19.71 3.57
C LEU A 597 -20.12 18.92 2.89
N ASP A 598 -20.00 19.09 1.57
CA ASP A 598 -18.93 18.45 0.77
C ASP A 598 -17.57 18.88 1.31
N GLN A 599 -17.39 20.20 1.50
CA GLN A 599 -16.10 20.79 1.93
C GLN A 599 -15.70 20.33 3.35
N ALA A 600 -16.72 20.01 4.19
CA ALA A 600 -16.52 19.53 5.58
C ALA A 600 -16.02 18.07 5.59
N LEU A 601 -16.69 17.20 4.81
CA LEU A 601 -16.26 15.79 4.61
C LEU A 601 -14.85 15.75 3.97
N LEU A 602 -14.66 16.67 3.01
CA LEU A 602 -13.39 16.86 2.28
C LEU A 602 -12.29 17.36 3.25
N ALA A 603 -12.70 18.04 4.35
CA ALA A 603 -11.77 18.57 5.36
C ALA A 603 -11.26 17.43 6.27
N GLU A 604 -12.12 16.42 6.47
CA GLU A 604 -11.91 15.36 7.48
C GLU A 604 -11.23 14.12 6.85
N ARG A 605 -11.59 13.83 5.59
CA ARG A 605 -11.23 12.57 4.90
C ARG A 605 -10.54 12.85 3.57
N GLY A 606 -10.93 13.96 2.92
CA GLY A 606 -10.50 14.27 1.56
C GLY A 606 -11.24 13.45 0.51
N THR A 607 -12.33 12.80 0.92
CA THR A 607 -13.12 11.90 0.05
C THR A 607 -14.58 12.34 0.01
N LEU A 608 -15.20 12.30 -1.18
CA LEU A 608 -16.59 12.69 -1.40
C LEU A 608 -17.39 11.52 -2.02
N GLU A 609 -18.71 11.52 -1.78
CA GLU A 609 -19.64 10.50 -2.34
C GLU A 609 -19.63 10.53 -3.88
N ASP A 610 -19.67 11.74 -4.44
CA ASP A 610 -19.59 11.97 -5.89
C ASP A 610 -18.93 13.33 -6.17
N PRO A 611 -17.77 13.35 -6.90
CA PRO A 611 -17.03 14.60 -7.21
C PRO A 611 -17.79 15.52 -8.18
N ASN A 612 -18.56 14.92 -9.11
CA ASN A 612 -19.21 15.65 -10.23
C ASN A 612 -20.27 16.64 -9.70
N LEU A 613 -20.98 16.23 -8.63
CA LEU A 613 -21.95 17.09 -7.93
C LEU A 613 -21.24 18.30 -7.29
N PHE A 614 -20.07 18.06 -6.64
CA PHE A 614 -19.30 19.12 -5.96
C PHE A 614 -18.73 20.14 -6.96
N ILE A 615 -18.23 19.65 -8.10
CA ILE A 615 -17.70 20.51 -9.18
C ILE A 615 -18.85 21.37 -9.76
N ARG A 616 -20.03 20.75 -9.91
CA ARG A 616 -21.24 21.40 -10.42
C ARG A 616 -21.66 22.55 -9.48
N ARG A 617 -21.68 22.27 -8.16
CA ARG A 617 -22.08 23.25 -7.12
C ARG A 617 -21.07 24.43 -7.07
N MET A 618 -19.80 24.10 -6.79
CA MET A 618 -18.70 25.05 -6.55
C MET A 618 -18.49 26.00 -7.75
N ASN A 619 -18.36 25.42 -8.95
CA ASN A 619 -18.08 26.18 -10.19
C ASN A 619 -19.24 27.13 -10.54
N GLN A 620 -20.49 26.66 -10.34
CA GLN A 620 -21.71 27.44 -10.66
C GLN A 620 -21.83 28.65 -9.73
N LEU A 621 -21.55 28.42 -8.44
CA LEU A 621 -21.57 29.48 -7.41
C LEU A 621 -20.47 30.53 -7.68
N LEU A 622 -19.34 30.10 -8.29
CA LEU A 622 -18.24 31.02 -8.66
C LEU A 622 -18.59 31.82 -9.95
N VAL A 623 -18.94 31.10 -11.03
CA VAL A 623 -19.05 31.69 -12.39
C VAL A 623 -20.36 32.49 -12.56
N SER A 624 -21.48 31.93 -12.08
CA SER A 624 -22.81 32.53 -12.23
C SER A 624 -23.27 33.12 -10.87
N MET B 1 -12.68 -2.94 44.53
CA MET B 1 -12.21 -3.35 43.20
C MET B 1 -13.15 -4.41 42.60
N LYS B 2 -14.09 -3.94 41.75
CA LYS B 2 -15.01 -4.80 41.00
C LYS B 2 -14.50 -4.86 39.54
N GLY B 3 -14.20 -6.08 39.05
CA GLY B 3 -13.69 -6.28 37.68
C GLY B 3 -14.77 -6.13 36.62
N GLN B 4 -15.26 -4.89 36.44
CA GLN B 4 -16.33 -4.54 35.51
C GLN B 4 -15.81 -4.57 34.05
N GLU B 5 -15.74 -5.80 33.48
CA GLU B 5 -15.06 -6.09 32.21
C GLU B 5 -15.96 -6.94 31.29
N THR B 6 -16.67 -6.27 30.36
CA THR B 6 -17.63 -6.92 29.45
C THR B 6 -17.13 -6.86 27.99
N ARG B 7 -16.59 -8.00 27.49
CA ARG B 7 -16.12 -8.13 26.09
C ARG B 7 -17.08 -9.03 25.30
N GLY B 8 -17.31 -8.67 24.03
CA GLY B 8 -18.16 -9.46 23.14
C GLY B 8 -17.88 -9.13 21.67
N PHE B 9 -17.26 -10.08 20.94
CA PHE B 9 -16.91 -9.90 19.52
C PHE B 9 -16.89 -11.28 18.80
N GLN B 10 -17.51 -11.33 17.62
CA GLN B 10 -17.52 -12.51 16.73
C GLN B 10 -17.76 -12.01 15.30
N SER B 11 -16.85 -12.35 14.38
CA SER B 11 -16.93 -11.94 12.96
C SER B 11 -16.28 -13.01 12.05
N GLU B 12 -16.83 -14.25 12.12
CA GLU B 12 -16.37 -15.39 11.31
C GLU B 12 -17.56 -16.34 11.03
N VAL B 13 -17.24 -17.54 10.45
CA VAL B 13 -18.21 -18.61 10.09
C VAL B 13 -19.21 -18.13 9.02
N LYS B 14 -19.09 -18.68 7.80
CA LYS B 14 -19.91 -18.29 6.62
C LYS B 14 -20.36 -19.55 5.86
N GLN B 15 -21.02 -19.35 4.69
CA GLN B 15 -21.45 -20.41 3.74
C GLN B 15 -22.66 -21.20 4.31
N LEU B 16 -22.40 -21.97 5.38
CA LEU B 16 -23.40 -22.82 6.05
C LEU B 16 -24.62 -22.01 6.54
N LEU B 17 -24.40 -20.72 6.85
CA LEU B 17 -25.47 -19.80 7.32
C LEU B 17 -26.60 -19.68 6.27
N HIS B 18 -26.22 -19.66 4.97
CA HIS B 18 -27.19 -19.62 3.86
C HIS B 18 -27.72 -21.02 3.54
N LEU B 19 -26.90 -22.06 3.80
CA LEU B 19 -27.30 -23.47 3.56
C LEU B 19 -28.37 -23.92 4.59
N MET B 20 -28.29 -23.41 5.84
CA MET B 20 -29.22 -23.77 6.95
C MET B 20 -30.65 -23.31 6.64
N ILE B 21 -30.75 -22.14 5.98
CA ILE B 21 -32.04 -21.54 5.57
C ILE B 21 -32.78 -22.47 4.59
N HIS B 22 -31.99 -23.12 3.70
CA HIS B 22 -32.54 -24.01 2.66
C HIS B 22 -32.61 -25.47 3.14
N SER B 23 -31.81 -25.85 4.18
CA SER B 23 -31.73 -27.25 4.68
C SER B 23 -32.75 -27.51 5.81
N LEU B 24 -33.50 -26.46 6.15
CA LEU B 24 -34.72 -26.58 6.97
C LEU B 24 -35.90 -26.96 6.05
N TYR B 25 -36.09 -26.12 4.99
CA TYR B 25 -37.13 -26.25 3.92
C TYR B 25 -38.58 -26.56 4.44
N SER B 26 -38.77 -26.43 5.78
CA SER B 26 -40.05 -26.66 6.49
C SER B 26 -40.57 -28.12 6.34
N ASN B 27 -39.72 -29.08 5.88
CA ASN B 27 -40.26 -30.42 5.43
C ASN B 27 -39.53 -31.62 6.08
N LYS B 28 -38.22 -31.46 6.39
CA LYS B 28 -37.35 -32.50 7.03
C LYS B 28 -36.94 -33.67 6.06
N GLU B 29 -37.91 -34.17 5.26
CA GLU B 29 -37.78 -35.45 4.49
C GLU B 29 -36.66 -35.50 3.41
N ILE B 30 -36.07 -34.33 3.01
CA ILE B 30 -34.93 -34.31 2.03
C ILE B 30 -33.66 -35.02 2.61
N PHE B 31 -33.67 -35.33 3.93
CA PHE B 31 -32.61 -36.13 4.57
C PHE B 31 -32.44 -37.49 3.85
N LEU B 32 -33.57 -38.06 3.39
CA LEU B 32 -33.54 -39.34 2.64
C LEU B 32 -32.87 -39.17 1.27
N ARG B 33 -33.05 -38.00 0.61
CA ARG B 33 -32.34 -37.69 -0.66
C ARG B 33 -30.83 -37.75 -0.43
N GLU B 34 -30.38 -36.97 0.55
CA GLU B 34 -28.95 -36.80 0.86
C GLU B 34 -28.28 -38.13 1.22
N LEU B 35 -28.90 -38.90 2.13
CA LEU B 35 -28.37 -40.20 2.58
C LEU B 35 -28.15 -41.15 1.38
N ILE B 36 -29.21 -41.36 0.59
CA ILE B 36 -29.17 -42.25 -0.58
C ILE B 36 -28.15 -41.71 -1.61
N SER B 37 -28.16 -40.38 -1.84
CA SER B 37 -27.27 -39.71 -2.82
C SER B 37 -25.79 -39.87 -2.44
N ASN B 38 -25.48 -39.83 -1.13
CA ASN B 38 -24.09 -39.98 -0.62
C ASN B 38 -23.70 -41.48 -0.60
N ALA B 39 -24.71 -42.36 -0.59
CA ALA B 39 -24.51 -43.82 -0.65
C ALA B 39 -24.23 -44.25 -2.10
N SER B 40 -24.88 -43.52 -3.02
CA SER B 40 -24.76 -43.70 -4.47
C SER B 40 -23.51 -43.02 -5.00
N ASP B 41 -23.07 -41.98 -4.27
CA ASP B 41 -21.82 -41.26 -4.57
C ASP B 41 -20.63 -42.13 -4.13
N ALA B 42 -20.81 -42.81 -2.98
CA ALA B 42 -19.86 -43.82 -2.48
C ALA B 42 -19.83 -45.07 -3.39
N ALA B 43 -20.98 -45.37 -4.02
CA ALA B 43 -21.09 -46.49 -4.98
C ALA B 43 -20.29 -46.22 -6.27
N ASP B 44 -20.40 -44.99 -6.82
CA ASP B 44 -19.61 -44.61 -8.02
C ASP B 44 -18.13 -44.41 -7.65
N LYS B 45 -17.85 -44.06 -6.38
CA LYS B 45 -16.47 -43.99 -5.84
C LYS B 45 -15.84 -45.39 -5.82
N LEU B 46 -16.67 -46.40 -5.51
CA LEU B 46 -16.25 -47.82 -5.54
C LEU B 46 -15.85 -48.23 -6.96
N ARG B 47 -16.66 -47.79 -7.95
CA ARG B 47 -16.45 -48.10 -9.37
C ARG B 47 -15.10 -47.54 -9.87
N PHE B 48 -14.79 -46.30 -9.47
CA PHE B 48 -13.51 -45.65 -9.82
C PHE B 48 -12.32 -46.41 -9.22
N ARG B 49 -12.42 -46.74 -7.93
CA ARG B 49 -11.36 -47.47 -7.21
C ARG B 49 -11.29 -48.93 -7.69
N ALA B 50 -12.39 -49.43 -8.28
CA ALA B 50 -12.45 -50.79 -8.86
C ALA B 50 -11.70 -50.84 -10.21
N LEU B 51 -11.45 -49.66 -10.81
CA LEU B 51 -10.53 -49.54 -11.96
C LEU B 51 -9.08 -49.65 -11.48
N SER B 52 -8.84 -49.23 -10.21
CA SER B 52 -7.51 -49.25 -9.60
C SER B 52 -7.26 -50.60 -8.86
N ASN B 53 -8.35 -51.33 -8.59
CA ASN B 53 -8.33 -52.61 -7.85
C ASN B 53 -9.74 -53.26 -7.95
N PRO B 54 -9.98 -54.17 -8.94
CA PRO B 54 -11.30 -54.84 -9.14
C PRO B 54 -11.80 -55.67 -7.92
N ASP B 55 -10.86 -56.08 -7.05
CA ASP B 55 -11.17 -56.89 -5.86
C ASP B 55 -11.90 -56.07 -4.78
N LEU B 56 -11.99 -54.74 -4.98
CA LEU B 56 -12.75 -53.84 -4.09
C LEU B 56 -14.28 -54.06 -4.24
N TYR B 57 -14.70 -54.72 -5.36
CA TYR B 57 -16.08 -55.28 -5.49
C TYR B 57 -16.31 -56.32 -4.37
N GLU B 58 -15.21 -57.07 -4.05
CA GLU B 58 -15.08 -57.92 -2.85
C GLU B 58 -16.11 -59.08 -2.86
N GLY B 59 -16.47 -59.53 -4.07
CA GLY B 59 -17.42 -60.63 -4.25
C GLY B 59 -18.83 -60.17 -4.61
N ASP B 60 -19.13 -58.88 -4.43
CA ASP B 60 -20.40 -58.26 -4.85
C ASP B 60 -20.34 -57.79 -6.30
N GLY B 61 -21.20 -58.37 -7.15
CA GLY B 61 -21.46 -57.84 -8.50
C GLY B 61 -22.60 -56.84 -8.46
N GLU B 62 -23.59 -57.11 -7.57
CA GLU B 62 -24.74 -56.21 -7.34
C GLU B 62 -24.33 -55.08 -6.40
N LEU B 63 -23.93 -53.94 -6.98
CA LEU B 63 -23.73 -52.70 -6.21
C LEU B 63 -25.13 -52.12 -5.94
N ARG B 64 -25.45 -51.86 -4.66
CA ARG B 64 -26.83 -51.54 -4.24
C ARG B 64 -26.81 -50.81 -2.88
N VAL B 65 -27.99 -50.29 -2.50
CA VAL B 65 -28.25 -49.71 -1.17
C VAL B 65 -29.61 -50.22 -0.67
N ARG B 66 -29.64 -50.64 0.59
CA ARG B 66 -30.80 -51.32 1.20
C ARG B 66 -31.20 -50.61 2.49
N VAL B 67 -32.46 -50.16 2.54
CA VAL B 67 -33.03 -49.44 3.69
C VAL B 67 -33.81 -50.44 4.57
N SER B 68 -33.32 -50.65 5.79
CA SER B 68 -33.99 -51.48 6.82
C SER B 68 -34.43 -50.58 7.94
N PHE B 69 -35.52 -50.94 8.63
CA PHE B 69 -36.06 -50.16 9.74
C PHE B 69 -36.97 -51.02 10.60
N ASP B 70 -37.17 -50.57 11.85
CA ASP B 70 -38.18 -51.15 12.74
C ASP B 70 -38.93 -49.99 13.41
N LYS B 71 -40.25 -50.16 13.50
CA LYS B 71 -41.19 -49.10 13.87
C LYS B 71 -41.25 -48.92 15.40
N ASP B 72 -41.03 -50.01 16.16
CA ASP B 72 -40.99 -49.96 17.64
C ASP B 72 -39.64 -49.41 18.13
N LYS B 73 -38.55 -49.92 17.53
CA LYS B 73 -37.17 -49.49 17.85
C LYS B 73 -36.94 -48.02 17.45
N ARG B 74 -37.70 -47.61 16.41
CA ARG B 74 -37.68 -46.24 15.85
C ARG B 74 -36.30 -45.89 15.27
N THR B 75 -35.66 -46.90 14.66
CA THR B 75 -34.39 -46.75 13.96
C THR B 75 -34.61 -46.99 12.46
N LEU B 76 -34.16 -46.02 11.65
CA LEU B 76 -34.22 -46.06 10.18
C LEU B 76 -32.77 -46.15 9.67
N THR B 77 -32.42 -47.29 9.06
CA THR B 77 -31.05 -47.64 8.67
C THR B 77 -30.91 -47.72 7.14
N ILE B 78 -30.21 -46.74 6.54
CA ILE B 78 -29.90 -46.72 5.10
C ILE B 78 -28.45 -47.20 4.95
N SER B 79 -28.24 -48.37 4.31
CA SER B 79 -26.90 -48.98 4.20
C SER B 79 -26.58 -49.42 2.77
N ASP B 80 -25.52 -48.84 2.20
CA ASP B 80 -24.97 -49.26 0.89
C ASP B 80 -23.83 -50.27 1.11
N ASN B 81 -23.61 -51.14 0.09
CA ASN B 81 -22.40 -51.99 0.01
C ASN B 81 -21.41 -51.36 -1.00
N GLY B 82 -21.40 -50.01 -1.06
CA GLY B 82 -20.50 -49.26 -1.94
C GLY B 82 -19.05 -49.31 -1.47
N VAL B 83 -18.29 -48.20 -1.64
CA VAL B 83 -16.88 -48.18 -1.22
C VAL B 83 -16.76 -48.17 0.30
N GLY B 84 -17.68 -47.45 0.97
CA GLY B 84 -17.55 -47.18 2.41
C GLY B 84 -16.40 -46.23 2.72
N MET B 85 -16.02 -46.14 4.00
CA MET B 85 -14.92 -45.27 4.45
C MET B 85 -14.15 -45.94 5.59
N THR B 86 -12.84 -45.67 5.66
CA THR B 86 -12.01 -46.02 6.82
C THR B 86 -12.08 -44.88 7.85
N ARG B 87 -11.55 -45.13 9.06
CA ARG B 87 -11.52 -44.17 10.18
C ARG B 87 -10.97 -42.79 9.75
N ASP B 88 -9.90 -42.82 8.94
CA ASP B 88 -9.26 -41.62 8.36
C ASP B 88 -10.24 -40.86 7.46
N GLU B 89 -10.86 -41.60 6.51
CA GLU B 89 -11.78 -41.02 5.51
C GLU B 89 -13.03 -40.40 6.18
N VAL B 90 -13.45 -40.99 7.32
CA VAL B 90 -14.60 -40.51 8.10
C VAL B 90 -14.26 -39.17 8.79
N ILE B 91 -13.06 -39.08 9.38
CA ILE B 91 -12.57 -37.83 10.03
C ILE B 91 -12.27 -36.75 8.96
N ASP B 92 -11.93 -37.21 7.75
CA ASP B 92 -11.61 -36.32 6.60
C ASP B 92 -12.88 -35.63 6.05
N HIS B 93 -14.03 -36.33 6.14
CA HIS B 93 -15.32 -35.82 5.64
C HIS B 93 -16.18 -35.31 6.81
N LEU B 94 -16.66 -36.26 7.63
CA LEU B 94 -17.54 -35.97 8.76
C LEU B 94 -16.76 -35.19 9.83
N GLY B 95 -15.57 -35.68 10.23
CA GLY B 95 -14.78 -35.06 11.32
C GLY B 95 -14.28 -33.64 11.02
N THR B 96 -14.34 -33.22 9.75
CA THR B 96 -14.08 -31.81 9.36
C THR B 96 -15.37 -30.97 9.46
N ILE B 97 -16.55 -31.63 9.30
CA ILE B 97 -17.87 -31.01 9.63
C ILE B 97 -17.99 -30.80 11.17
N ALA B 98 -17.29 -31.67 11.95
CA ALA B 98 -17.11 -31.51 13.41
C ALA B 98 -16.26 -30.26 13.76
N LYS B 99 -15.80 -30.18 15.02
CA LYS B 99 -14.94 -29.10 15.49
C LYS B 99 -13.49 -29.39 15.06
N SER B 100 -13.11 -28.76 13.95
CA SER B 100 -11.78 -28.90 13.36
C SER B 100 -11.20 -27.50 13.13
N GLY B 101 -11.77 -26.78 12.16
CA GLY B 101 -11.32 -25.43 11.81
C GLY B 101 -10.99 -25.31 10.34
N THR B 102 -11.98 -25.60 9.47
CA THR B 102 -11.81 -25.50 8.00
C THR B 102 -11.75 -24.02 7.54
N LYS B 103 -12.29 -23.12 8.39
CA LYS B 103 -12.29 -21.65 8.20
C LYS B 103 -13.16 -21.26 6.97
N SER B 104 -12.57 -21.34 5.76
CA SER B 104 -13.25 -21.03 4.49
C SER B 104 -12.87 -22.10 3.47
N PHE B 105 -11.55 -22.35 3.37
CA PHE B 105 -10.94 -23.38 2.52
C PHE B 105 -10.05 -24.28 3.40
N LEU B 106 -9.26 -23.60 4.25
CA LEU B 106 -8.20 -24.19 5.08
C LEU B 106 -7.79 -23.19 6.17
N GLU B 107 -7.45 -23.71 7.36
CA GLU B 107 -7.07 -22.91 8.54
C GLU B 107 -5.75 -22.13 8.35
N SER B 108 -4.77 -22.73 7.66
CA SER B 108 -3.39 -22.20 7.57
C SER B 108 -3.15 -21.42 6.26
N LEU B 109 -3.21 -22.13 5.10
CA LEU B 109 -2.90 -21.52 3.78
C LEU B 109 -4.17 -20.94 3.15
N GLY B 110 -5.32 -21.57 3.42
CA GLY B 110 -6.60 -21.14 2.86
C GLY B 110 -6.72 -21.42 1.38
N SER B 111 -6.32 -22.64 0.98
CA SER B 111 -6.31 -23.04 -0.43
C SER B 111 -6.23 -24.56 -0.57
N ASP B 112 -5.25 -25.20 0.13
CA ASP B 112 -4.95 -26.64 -0.04
C ASP B 112 -6.19 -27.54 0.21
N GLN B 113 -6.83 -27.43 1.38
CA GLN B 113 -7.98 -28.28 1.74
C GLN B 113 -9.32 -27.72 1.19
N ALA B 114 -9.28 -26.98 0.06
CA ALA B 114 -10.50 -26.47 -0.62
C ALA B 114 -11.41 -27.59 -1.22
N LYS B 115 -11.12 -28.87 -0.87
CA LYS B 115 -12.09 -29.99 -1.02
C LYS B 115 -12.86 -30.20 0.32
N ASP B 116 -13.16 -29.08 1.01
CA ASP B 116 -13.94 -29.07 2.28
C ASP B 116 -15.35 -28.52 2.05
N SER B 117 -15.45 -27.55 1.12
CA SER B 117 -16.71 -26.85 0.80
C SER B 117 -17.72 -27.75 0.04
N GLN B 118 -17.21 -28.84 -0.61
CA GLN B 118 -18.09 -29.87 -1.23
C GLN B 118 -18.72 -30.78 -0.16
N LEU B 119 -17.99 -30.95 0.97
CA LEU B 119 -18.45 -31.75 2.12
C LEU B 119 -19.63 -31.03 2.78
N ILE B 120 -19.48 -29.73 3.01
CA ILE B 120 -20.54 -28.88 3.60
C ILE B 120 -21.72 -28.75 2.63
N GLY B 121 -21.38 -28.67 1.32
CA GLY B 121 -22.36 -28.60 0.23
C GLY B 121 -23.30 -29.82 0.10
N GLN B 122 -22.78 -31.03 0.41
CA GLN B 122 -23.56 -32.29 0.30
C GLN B 122 -23.79 -32.89 1.71
N PHE B 123 -22.68 -33.37 2.33
CA PHE B 123 -22.72 -34.12 3.61
C PHE B 123 -23.21 -33.21 4.76
N GLY B 124 -22.94 -31.89 4.64
CA GLY B 124 -23.33 -30.90 5.66
C GLY B 124 -24.83 -30.61 5.66
N VAL B 125 -25.44 -30.74 4.47
CA VAL B 125 -26.90 -30.66 4.29
C VAL B 125 -27.54 -31.89 4.92
N GLY B 126 -27.05 -33.08 4.51
CA GLY B 126 -27.50 -34.37 5.04
C GLY B 126 -27.30 -34.50 6.53
N PHE B 127 -26.27 -33.81 7.05
CA PHE B 127 -25.97 -33.75 8.47
C PHE B 127 -27.14 -33.07 9.23
N TYR B 128 -27.39 -31.79 8.88
CA TYR B 128 -28.43 -30.96 9.53
C TYR B 128 -29.82 -31.63 9.43
N SER B 129 -30.21 -32.00 8.20
CA SER B 129 -31.55 -32.52 7.88
C SER B 129 -31.83 -33.87 8.58
N ALA B 130 -30.82 -34.78 8.59
CA ALA B 130 -30.92 -36.09 9.26
C ALA B 130 -31.07 -35.93 10.78
N PHE B 131 -30.37 -34.93 11.34
CA PHE B 131 -30.40 -34.64 12.77
C PHE B 131 -31.61 -33.78 13.19
N ILE B 132 -32.51 -33.44 12.24
CA ILE B 132 -33.81 -32.85 12.58
C ILE B 132 -34.80 -33.97 12.96
N VAL B 133 -34.91 -34.98 12.08
CA VAL B 133 -35.82 -36.14 12.29
C VAL B 133 -35.25 -37.12 13.33
N ALA B 134 -33.93 -37.32 13.30
CA ALA B 134 -33.24 -38.25 14.19
C ALA B 134 -32.52 -37.48 15.29
N ASP B 135 -32.59 -38.01 16.51
CA ASP B 135 -31.92 -37.41 17.68
C ASP B 135 -30.42 -37.74 17.62
N LYS B 136 -30.12 -38.96 17.16
CA LYS B 136 -28.75 -39.47 17.06
C LYS B 136 -28.63 -40.33 15.80
N VAL B 137 -27.63 -40.02 14.97
CA VAL B 137 -27.30 -40.80 13.77
C VAL B 137 -25.95 -41.52 14.04
N THR B 138 -26.02 -42.84 14.18
CA THR B 138 -24.85 -43.71 14.34
C THR B 138 -24.48 -44.33 12.99
N VAL B 139 -23.32 -43.91 12.44
CA VAL B 139 -22.81 -44.42 11.15
C VAL B 139 -21.70 -45.45 11.42
N ARG B 140 -21.95 -46.71 11.06
CA ARG B 140 -20.95 -47.77 11.11
C ARG B 140 -20.57 -48.16 9.67
N THR B 141 -19.41 -47.68 9.21
CA THR B 141 -18.93 -47.91 7.83
C THR B 141 -17.64 -48.75 7.84
N ARG B 142 -17.32 -49.35 6.69
CA ARG B 142 -16.10 -50.17 6.51
C ARG B 142 -15.76 -50.16 5.01
N ALA B 143 -14.57 -49.62 4.66
CA ALA B 143 -14.18 -49.41 3.25
C ALA B 143 -13.88 -50.72 2.51
N ALA B 144 -13.81 -50.60 1.18
CA ALA B 144 -13.59 -51.71 0.26
C ALA B 144 -12.18 -52.32 0.38
N GLY B 145 -12.11 -53.66 0.34
CA GLY B 145 -10.84 -54.40 0.46
C GLY B 145 -10.30 -54.46 1.89
N GLU B 146 -10.93 -53.70 2.81
CA GLU B 146 -10.51 -53.65 4.21
C GLU B 146 -11.08 -54.85 4.97
N LYS B 147 -10.29 -55.42 5.88
CA LYS B 147 -10.72 -56.52 6.75
C LYS B 147 -11.76 -56.01 7.78
N PRO B 148 -12.60 -56.91 8.40
CA PRO B 148 -13.58 -56.53 9.45
C PRO B 148 -13.02 -55.56 10.53
N GLU B 149 -11.75 -55.75 10.93
CA GLU B 149 -11.08 -54.95 11.97
C GLU B 149 -10.93 -53.47 11.58
N ASN B 150 -10.91 -53.19 10.27
CA ASN B 150 -10.84 -51.82 9.73
C ASN B 150 -12.25 -51.18 9.59
N GLY B 151 -13.23 -51.70 10.38
CA GLY B 151 -14.54 -51.08 10.53
C GLY B 151 -14.46 -49.77 11.30
N VAL B 152 -15.52 -48.95 11.23
CA VAL B 152 -15.54 -47.62 11.84
C VAL B 152 -16.84 -47.42 12.60
N PHE B 153 -16.74 -46.90 13.81
CA PHE B 153 -17.87 -46.39 14.59
C PHE B 153 -17.93 -44.87 14.44
N TRP B 154 -19.13 -44.35 14.21
CA TRP B 154 -19.40 -42.90 14.21
C TRP B 154 -20.73 -42.68 14.92
N GLU B 155 -20.83 -41.60 15.69
CA GLU B 155 -22.00 -41.26 16.49
C GLU B 155 -21.96 -39.76 16.83
N SER B 156 -23.15 -39.13 16.95
CA SER B 156 -23.29 -37.74 17.47
C SER B 156 -24.76 -37.41 17.75
N ALA B 157 -24.99 -36.39 18.60
CA ALA B 157 -26.33 -35.81 18.86
C ALA B 157 -26.60 -34.62 17.92
N GLY B 158 -25.66 -34.34 16.99
CA GLY B 158 -25.89 -33.36 15.91
C GLY B 158 -25.02 -32.12 15.97
N GLU B 159 -24.37 -31.88 17.12
CA GLU B 159 -23.40 -30.78 17.26
C GLU B 159 -22.03 -31.19 16.69
N GLY B 160 -21.04 -30.27 16.74
CA GLY B 160 -19.70 -30.51 16.18
C GLY B 160 -18.78 -31.30 17.12
N GLU B 161 -19.34 -32.28 17.84
CA GLU B 161 -18.61 -33.24 18.66
C GLU B 161 -19.13 -34.64 18.31
N TYR B 162 -18.23 -35.51 17.83
CA TYR B 162 -18.60 -36.87 17.37
C TYR B 162 -17.80 -37.91 18.15
N THR B 163 -18.42 -39.06 18.42
CA THR B 163 -17.72 -40.24 18.95
C THR B 163 -17.38 -41.14 17.76
N VAL B 164 -16.13 -41.02 17.26
CA VAL B 164 -15.63 -41.79 16.11
C VAL B 164 -14.37 -42.58 16.51
N ALA B 165 -14.35 -43.86 16.13
CA ALA B 165 -13.26 -44.81 16.42
C ALA B 165 -13.26 -45.93 15.36
N ASP B 166 -12.33 -46.87 15.47
CA ASP B 166 -12.30 -48.07 14.60
C ASP B 166 -12.80 -49.30 15.38
N ILE B 167 -13.74 -50.06 14.76
CA ILE B 167 -14.37 -51.25 15.36
C ILE B 167 -14.40 -52.40 14.33
N THR B 168 -15.11 -53.50 14.66
CA THR B 168 -15.30 -54.63 13.74
C THR B 168 -16.64 -54.48 12.96
N LYS B 169 -16.56 -54.57 11.62
CA LYS B 169 -17.72 -54.63 10.71
C LYS B 169 -17.35 -55.54 9.52
N GLU B 170 -17.93 -56.76 9.51
CA GLU B 170 -17.56 -57.82 8.56
C GLU B 170 -17.99 -57.47 7.12
N ASP B 171 -19.17 -56.83 6.99
CA ASP B 171 -19.70 -56.40 5.68
C ASP B 171 -19.12 -55.03 5.27
N ARG B 172 -19.28 -54.69 3.99
CA ARG B 172 -18.65 -53.51 3.37
C ARG B 172 -19.70 -52.40 3.14
N GLY B 173 -19.21 -51.16 2.94
CA GLY B 173 -20.07 -50.01 2.64
C GLY B 173 -20.41 -49.21 3.88
N THR B 174 -21.45 -48.37 3.79
CA THR B 174 -21.77 -47.40 4.84
C THR B 174 -23.17 -47.69 5.41
N GLU B 175 -23.22 -48.03 6.72
CA GLU B 175 -24.45 -48.34 7.45
C GLU B 175 -24.83 -47.14 8.33
N ILE B 176 -25.89 -46.41 7.93
CA ILE B 176 -26.32 -45.18 8.60
C ILE B 176 -27.62 -45.46 9.39
N THR B 177 -27.51 -45.64 10.72
CA THR B 177 -28.65 -45.94 11.61
C THR B 177 -29.11 -44.66 12.33
N LEU B 178 -30.29 -44.16 11.93
CA LEU B 178 -30.89 -42.94 12.48
C LEU B 178 -31.94 -43.31 13.54
N HIS B 179 -31.65 -43.06 14.83
CA HIS B 179 -32.67 -43.15 15.88
C HIS B 179 -33.62 -41.95 15.74
N LEU B 180 -34.76 -42.17 15.08
CA LEU B 180 -35.81 -41.16 14.90
C LEU B 180 -36.44 -40.79 16.25
N ARG B 181 -36.89 -39.53 16.37
CA ARG B 181 -37.53 -39.00 17.58
C ARG B 181 -39.01 -39.43 17.68
N GLU B 182 -39.58 -39.27 18.89
CA GLU B 182 -41.01 -39.54 19.12
C GLU B 182 -41.83 -38.47 18.36
N GLY B 183 -42.77 -38.93 17.52
CA GLY B 183 -43.46 -38.07 16.56
C GLY B 183 -43.01 -38.36 15.13
N GLU B 184 -41.71 -38.64 14.98
CA GLU B 184 -41.07 -38.92 13.67
C GLU B 184 -41.27 -40.39 13.23
N ASP B 185 -42.33 -41.02 13.80
CA ASP B 185 -42.70 -42.42 13.49
C ASP B 185 -43.51 -42.49 12.17
N GLU B 186 -43.81 -41.31 11.61
CA GLU B 186 -44.40 -41.17 10.27
C GLU B 186 -43.38 -41.57 9.19
N PHE B 187 -42.09 -41.36 9.50
CA PHE B 187 -40.95 -41.78 8.64
C PHE B 187 -40.62 -43.29 8.86
N LEU B 188 -41.47 -43.98 9.66
CA LEU B 188 -41.42 -45.45 9.85
C LEU B 188 -42.64 -46.13 9.20
N ASP B 189 -43.65 -45.33 8.79
CA ASP B 189 -44.82 -45.83 8.06
C ASP B 189 -44.39 -46.25 6.66
N ASP B 190 -44.45 -47.58 6.39
CA ASP B 190 -43.82 -48.21 5.20
C ASP B 190 -44.24 -47.57 3.87
N TRP B 191 -45.52 -47.22 3.73
CA TRP B 191 -46.05 -46.54 2.53
C TRP B 191 -45.36 -45.16 2.33
N ARG B 192 -45.22 -44.40 3.43
CA ARG B 192 -44.56 -43.07 3.44
C ARG B 192 -43.07 -43.22 3.12
N VAL B 193 -42.42 -44.24 3.73
CA VAL B 193 -41.00 -44.51 3.51
C VAL B 193 -40.75 -44.74 2.01
N ARG B 194 -41.50 -45.70 1.42
CA ARG B 194 -41.37 -46.08 0.00
C ARG B 194 -41.70 -44.91 -0.95
N SER B 195 -42.57 -43.97 -0.53
CA SER B 195 -42.92 -42.78 -1.33
C SER B 195 -41.73 -41.79 -1.42
N ILE B 196 -41.09 -41.52 -0.27
CA ILE B 196 -40.00 -40.51 -0.18
C ILE B 196 -38.67 -41.10 -0.68
N ILE B 197 -38.48 -42.41 -0.43
CA ILE B 197 -37.39 -43.19 -1.03
C ILE B 197 -37.51 -43.10 -2.56
N SER B 198 -38.69 -43.50 -3.10
CA SER B 198 -38.98 -43.47 -4.55
C SER B 198 -38.77 -42.07 -5.15
N LYS B 199 -39.13 -41.03 -4.37
CA LYS B 199 -39.11 -39.62 -4.81
C LYS B 199 -37.71 -39.18 -5.28
N TYR B 200 -36.67 -39.83 -4.72
CA TYR B 200 -35.26 -39.47 -4.99
C TYR B 200 -34.52 -40.63 -5.69
N SER B 201 -34.71 -41.84 -5.17
CA SER B 201 -34.10 -43.09 -5.68
C SER B 201 -34.38 -43.31 -7.17
N ASP B 202 -35.56 -42.84 -7.62
CA ASP B 202 -36.05 -42.95 -9.01
C ASP B 202 -35.00 -42.48 -10.03
N HIS B 203 -34.33 -41.36 -9.73
CA HIS B 203 -33.39 -40.71 -10.65
C HIS B 203 -31.95 -41.22 -10.44
N ILE B 204 -31.79 -42.22 -9.57
CA ILE B 204 -30.50 -42.76 -9.14
C ILE B 204 -30.27 -44.16 -9.75
N ALA B 205 -29.01 -44.40 -10.20
CA ALA B 205 -28.61 -45.65 -10.88
C ALA B 205 -28.43 -46.83 -9.90
N LEU B 206 -28.09 -46.50 -8.63
CA LEU B 206 -27.83 -47.50 -7.59
C LEU B 206 -29.16 -48.11 -7.10
N PRO B 207 -29.37 -49.47 -7.27
CA PRO B 207 -30.61 -50.16 -6.83
C PRO B 207 -30.95 -49.96 -5.35
N VAL B 208 -31.91 -49.05 -5.07
CA VAL B 208 -32.35 -48.74 -3.70
C VAL B 208 -33.51 -49.68 -3.31
N GLU B 209 -33.15 -50.80 -2.68
CA GLU B 209 -34.11 -51.80 -2.17
C GLU B 209 -34.51 -51.44 -0.74
N ILE B 210 -35.69 -51.93 -0.31
CA ILE B 210 -36.19 -51.70 1.06
C ILE B 210 -36.56 -53.04 1.72
N GLU B 211 -36.46 -53.09 3.05
CA GLU B 211 -36.72 -54.29 3.83
C GLU B 211 -38.22 -54.51 4.03
N LYS B 212 -38.80 -55.43 3.25
CA LYS B 212 -40.13 -55.97 3.50
C LYS B 212 -39.99 -57.18 4.44
N ARG B 213 -39.99 -56.92 5.76
CA ARG B 213 -39.82 -57.97 6.77
C ARG B 213 -41.10 -58.11 7.63
N GLU B 214 -41.77 -59.26 7.46
CA GLU B 214 -42.93 -59.68 8.24
C GLU B 214 -42.50 -60.84 9.17
N GLU B 215 -42.54 -60.61 10.49
CA GLU B 215 -42.12 -61.60 11.50
C GLU B 215 -43.23 -62.66 11.72
N LYS B 216 -42.99 -63.88 11.24
CA LYS B 216 -43.82 -65.04 11.56
C LYS B 216 -43.01 -66.01 12.44
N ASP B 217 -43.70 -66.81 13.27
CA ASP B 217 -43.08 -67.74 14.25
C ASP B 217 -42.03 -68.66 13.60
N GLY B 218 -40.73 -68.36 13.84
CA GLY B 218 -39.62 -69.16 13.29
C GLY B 218 -39.21 -68.76 11.86
N GLU B 219 -40.15 -68.13 11.13
CA GLU B 219 -39.98 -67.74 9.72
C GLU B 219 -40.09 -66.23 9.60
N THR B 220 -38.97 -65.53 9.82
CA THR B 220 -38.88 -64.08 9.61
C THR B 220 -38.88 -63.79 8.09
N VAL B 221 -40.08 -63.64 7.53
CA VAL B 221 -40.28 -63.49 6.07
C VAL B 221 -39.69 -62.14 5.64
N ILE B 222 -38.61 -62.17 4.84
CA ILE B 222 -37.92 -60.95 4.41
C ILE B 222 -37.70 -60.97 2.90
N SER B 223 -37.92 -59.79 2.30
CA SER B 223 -37.72 -59.53 0.87
C SER B 223 -37.15 -58.11 0.72
N TRP B 224 -36.39 -57.87 -0.34
CA TRP B 224 -35.79 -56.55 -0.61
C TRP B 224 -36.30 -56.05 -1.96
N GLU B 225 -37.15 -55.01 -1.93
CA GLU B 225 -37.85 -54.49 -3.11
C GLU B 225 -37.24 -53.15 -3.55
N LYS B 226 -36.62 -53.12 -4.75
CA LYS B 226 -36.06 -51.88 -5.32
C LYS B 226 -37.20 -51.01 -5.87
N ILE B 227 -37.41 -49.85 -5.23
CA ILE B 227 -38.52 -48.93 -5.59
C ILE B 227 -38.05 -48.01 -6.76
N ASN B 228 -36.73 -47.98 -6.99
CA ASN B 228 -36.12 -47.25 -8.11
C ASN B 228 -36.07 -48.13 -9.37
N LYS B 229 -36.06 -47.50 -10.55
CA LYS B 229 -35.86 -48.22 -11.83
C LYS B 229 -34.42 -48.77 -11.93
N ALA B 230 -33.47 -48.12 -11.22
CA ALA B 230 -32.07 -48.57 -11.08
C ALA B 230 -31.36 -48.64 -12.44
N GLN B 231 -31.10 -47.46 -13.00
CA GLN B 231 -30.38 -47.31 -14.26
C GLN B 231 -29.93 -45.85 -14.39
N ALA B 232 -28.77 -45.65 -15.03
CA ALA B 232 -28.14 -44.34 -15.22
C ALA B 232 -29.09 -43.36 -15.92
N LEU B 233 -29.46 -42.27 -15.21
CA LEU B 233 -30.40 -41.23 -15.71
C LEU B 233 -29.93 -40.67 -17.06
N TRP B 234 -28.66 -40.23 -17.09
CA TRP B 234 -28.04 -39.65 -18.29
C TRP B 234 -28.09 -40.63 -19.50
N THR B 235 -27.90 -41.93 -19.22
CA THR B 235 -27.91 -42.99 -20.25
C THR B 235 -29.33 -43.29 -20.76
N ARG B 236 -30.35 -43.08 -19.90
CA ARG B 236 -31.77 -43.29 -20.27
C ARG B 236 -32.31 -42.13 -21.11
N ASN B 237 -33.54 -42.34 -21.64
CA ASN B 237 -34.17 -41.44 -22.60
C ASN B 237 -34.87 -40.25 -21.89
N LYS B 238 -34.72 -39.08 -22.52
CA LYS B 238 -35.26 -37.78 -22.05
C LYS B 238 -36.80 -37.84 -21.87
N SER B 239 -37.45 -38.63 -22.75
CA SER B 239 -38.91 -38.80 -22.76
C SER B 239 -39.40 -39.65 -21.57
N GLU B 240 -38.49 -40.45 -20.97
CA GLU B 240 -38.81 -41.29 -19.79
C GLU B 240 -38.57 -40.52 -18.49
N ILE B 241 -37.62 -39.59 -18.55
CA ILE B 241 -37.20 -38.80 -17.37
C ILE B 241 -38.10 -37.56 -17.18
N THR B 242 -38.57 -37.33 -15.94
CA THR B 242 -39.40 -36.15 -15.60
C THR B 242 -38.53 -35.01 -15.04
N ASP B 243 -39.17 -33.85 -14.81
CA ASP B 243 -38.51 -32.60 -14.31
C ASP B 243 -37.82 -32.84 -12.96
N GLU B 244 -38.58 -33.41 -12.02
CA GLU B 244 -38.16 -33.60 -10.61
C GLU B 244 -36.87 -34.42 -10.51
N GLU B 245 -36.74 -35.39 -11.43
CA GLU B 245 -35.54 -36.20 -11.58
C GLU B 245 -34.31 -35.30 -11.77
N TYR B 246 -34.36 -34.40 -12.78
CA TYR B 246 -33.23 -33.48 -13.12
C TYR B 246 -32.90 -32.52 -11.96
N LYS B 247 -33.95 -31.95 -11.33
CA LYS B 247 -33.79 -30.95 -10.22
C LYS B 247 -33.00 -31.55 -9.05
N GLU B 248 -33.41 -32.75 -8.62
CA GLU B 248 -32.82 -33.42 -7.45
C GLU B 248 -31.53 -34.19 -7.85
N PHE B 249 -31.40 -34.55 -9.15
CA PHE B 249 -30.21 -35.25 -9.68
C PHE B 249 -29.02 -34.29 -9.65
N TYR B 250 -29.29 -33.04 -10.07
CA TYR B 250 -28.33 -31.93 -9.97
C TYR B 250 -27.77 -31.82 -8.54
N LYS B 251 -28.66 -31.93 -7.54
CA LYS B 251 -28.30 -31.80 -6.12
C LYS B 251 -27.26 -32.87 -5.72
N HIS B 252 -27.46 -34.10 -6.22
CA HIS B 252 -26.52 -35.22 -6.00
C HIS B 252 -25.17 -34.94 -6.68
N ILE B 253 -25.20 -34.75 -8.02
CA ILE B 253 -23.98 -34.77 -8.86
C ILE B 253 -23.13 -33.49 -8.69
N ALA B 254 -23.71 -32.42 -8.15
CA ALA B 254 -23.00 -31.15 -7.94
C ALA B 254 -22.37 -31.07 -6.53
N HIS B 255 -22.75 -32.04 -5.66
CA HIS B 255 -22.44 -32.00 -4.21
C HIS B 255 -23.02 -30.71 -3.61
N ASP B 256 -24.31 -30.51 -3.89
CA ASP B 256 -25.03 -29.24 -3.63
C ASP B 256 -26.48 -29.61 -3.24
N PHE B 257 -27.41 -28.62 -3.18
CA PHE B 257 -28.85 -28.94 -3.02
C PHE B 257 -29.77 -27.75 -3.41
N ASN B 258 -29.23 -26.79 -4.16
CA ASN B 258 -30.05 -25.78 -4.84
C ASN B 258 -30.58 -26.38 -6.16
N ASP B 259 -31.62 -25.75 -6.74
CA ASP B 259 -32.21 -26.19 -8.02
C ASP B 259 -31.48 -25.53 -9.21
N PRO B 260 -31.49 -26.17 -10.41
CA PRO B 260 -30.99 -25.52 -11.65
C PRO B 260 -32.07 -24.68 -12.37
N LEU B 261 -31.65 -23.55 -12.98
CA LEU B 261 -32.50 -22.75 -13.88
C LEU B 261 -32.93 -23.61 -15.08
N THR B 262 -31.93 -24.25 -15.71
CA THR B 262 -32.12 -25.09 -16.90
C THR B 262 -31.03 -26.17 -16.96
N TRP B 263 -31.13 -27.04 -17.97
CA TRP B 263 -30.19 -28.12 -18.23
C TRP B 263 -30.17 -28.45 -19.73
N SER B 264 -29.26 -29.34 -20.13
CA SER B 264 -29.22 -29.92 -21.48
C SER B 264 -28.83 -31.40 -21.33
N HIS B 265 -29.82 -32.28 -21.51
CA HIS B 265 -29.62 -33.73 -21.58
C HIS B 265 -29.65 -34.15 -23.05
N ASN B 266 -28.47 -34.38 -23.64
CA ASN B 266 -28.34 -34.92 -25.02
C ASN B 266 -27.13 -35.86 -25.09
N ARG B 267 -27.22 -36.85 -25.98
CA ARG B 267 -26.13 -37.81 -26.25
C ARG B 267 -25.52 -37.52 -27.63
N VAL B 268 -24.21 -37.73 -27.74
CA VAL B 268 -23.46 -37.68 -29.00
C VAL B 268 -22.86 -39.08 -29.23
N GLU B 269 -22.77 -39.50 -30.50
CA GLU B 269 -22.39 -40.88 -30.86
C GLU B 269 -21.64 -40.91 -32.20
N GLY B 270 -21.26 -42.13 -32.62
CA GLY B 270 -20.47 -42.33 -33.83
C GLY B 270 -19.01 -42.58 -33.48
N LYS B 271 -18.17 -41.57 -33.75
CA LYS B 271 -16.74 -41.58 -33.37
C LYS B 271 -16.62 -41.08 -31.92
N GLN B 272 -17.18 -39.88 -31.67
CA GLN B 272 -17.24 -39.30 -30.32
C GLN B 272 -18.51 -39.80 -29.62
N GLU B 273 -18.39 -40.93 -28.92
CA GLU B 273 -19.52 -41.52 -28.17
C GLU B 273 -19.42 -41.10 -26.70
N TYR B 274 -20.27 -40.12 -26.33
CA TYR B 274 -20.37 -39.58 -24.97
C TYR B 274 -21.77 -39.01 -24.74
N THR B 275 -22.30 -39.18 -23.52
CA THR B 275 -23.57 -38.57 -23.11
C THR B 275 -23.28 -37.35 -22.22
N SER B 276 -23.78 -36.18 -22.63
CA SER B 276 -23.59 -34.93 -21.88
C SER B 276 -24.89 -34.54 -21.16
N LEU B 277 -24.78 -34.27 -19.84
CA LEU B 277 -25.88 -33.80 -19.02
C LEU B 277 -25.37 -32.64 -18.14
N LEU B 278 -25.58 -31.43 -18.65
CA LEU B 278 -25.08 -30.19 -18.04
C LEU B 278 -26.27 -29.47 -17.37
N TYR B 279 -26.00 -28.73 -16.28
CA TYR B 279 -27.02 -27.90 -15.58
C TYR B 279 -26.46 -26.48 -15.37
N ILE B 280 -27.36 -25.51 -15.19
CA ILE B 280 -27.02 -24.13 -14.79
C ILE B 280 -27.69 -23.84 -13.43
N PRO B 281 -26.91 -23.46 -12.36
CA PRO B 281 -27.47 -23.18 -11.01
C PRO B 281 -28.45 -21.99 -10.99
N SER B 282 -29.39 -21.99 -10.03
CA SER B 282 -30.37 -20.88 -9.84
C SER B 282 -29.71 -19.69 -9.10
N GLN B 283 -28.47 -19.90 -8.61
CA GLN B 283 -27.73 -18.92 -7.81
C GLN B 283 -26.25 -18.93 -8.25
N ALA B 284 -25.55 -17.80 -8.04
CA ALA B 284 -24.09 -17.73 -8.22
C ALA B 284 -23.41 -18.66 -7.21
N PRO B 285 -22.61 -19.70 -7.66
CA PRO B 285 -21.90 -20.62 -6.77
C PRO B 285 -20.87 -19.87 -5.89
N TRP B 286 -20.67 -20.37 -4.67
CA TRP B 286 -19.82 -19.76 -3.63
C TRP B 286 -18.37 -19.55 -4.14
N ASP B 287 -17.91 -20.51 -4.96
CA ASP B 287 -16.49 -20.61 -5.40
C ASP B 287 -16.15 -19.66 -6.58
N MET B 288 -17.15 -18.92 -7.09
CA MET B 288 -17.02 -18.08 -8.30
C MET B 288 -15.86 -17.07 -8.22
N TRP B 289 -15.58 -16.58 -7.01
CA TRP B 289 -14.60 -15.52 -6.77
C TRP B 289 -13.57 -15.99 -5.72
N ASN B 290 -13.69 -17.28 -5.35
CA ASN B 290 -12.93 -17.92 -4.26
C ASN B 290 -12.03 -19.03 -4.79
N ARG B 291 -10.99 -19.38 -4.03
CA ARG B 291 -9.97 -20.38 -4.44
C ARG B 291 -10.53 -21.83 -4.39
N ASP B 292 -11.77 -21.97 -3.88
CA ASP B 292 -12.52 -23.23 -3.86
C ASP B 292 -12.98 -23.60 -5.29
N HIS B 293 -13.27 -24.90 -5.53
CA HIS B 293 -13.97 -25.35 -6.74
C HIS B 293 -15.32 -25.98 -6.38
N LYS B 294 -16.31 -25.63 -7.18
CA LYS B 294 -17.67 -26.17 -7.13
C LYS B 294 -18.18 -26.30 -8.57
N HIS B 295 -17.63 -25.47 -9.49
CA HIS B 295 -17.83 -25.62 -10.94
C HIS B 295 -17.10 -26.87 -11.46
N GLY B 296 -17.64 -27.46 -12.52
CA GLY B 296 -17.07 -28.64 -13.15
C GLY B 296 -18.09 -29.74 -13.34
N LEU B 297 -17.63 -30.90 -13.79
CA LEU B 297 -18.50 -32.05 -14.08
C LEU B 297 -18.00 -33.28 -13.30
N LYS B 298 -18.90 -34.23 -13.03
CA LYS B 298 -18.50 -35.59 -12.64
C LYS B 298 -18.15 -36.36 -13.92
N LEU B 299 -16.87 -36.65 -14.10
CA LEU B 299 -16.43 -37.48 -15.20
C LEU B 299 -16.77 -38.95 -14.92
N TYR B 300 -17.65 -39.49 -15.76
CA TYR B 300 -17.88 -40.93 -15.88
C TYR B 300 -17.26 -41.40 -17.20
N VAL B 301 -16.66 -42.57 -17.19
CA VAL B 301 -16.17 -43.26 -18.38
C VAL B 301 -16.84 -44.65 -18.43
N GLN B 302 -17.78 -44.83 -19.39
CA GLN B 302 -18.48 -46.11 -19.64
C GLN B 302 -19.38 -46.49 -18.44
N ARG B 303 -19.98 -45.46 -17.82
CA ARG B 303 -20.92 -45.58 -16.66
C ARG B 303 -20.14 -45.94 -15.36
N VAL B 304 -18.79 -45.86 -15.46
CA VAL B 304 -17.86 -46.11 -14.36
C VAL B 304 -17.14 -44.79 -14.04
N PHE B 305 -17.35 -44.27 -12.83
CA PHE B 305 -16.88 -42.93 -12.40
C PHE B 305 -15.33 -42.79 -12.41
N ILE B 306 -14.86 -41.53 -12.52
CA ILE B 306 -13.43 -41.17 -12.48
C ILE B 306 -13.18 -40.09 -11.40
N MET B 307 -13.74 -38.86 -11.59
CA MET B 307 -13.49 -37.75 -10.64
C MET B 307 -14.57 -36.66 -10.72
N ASP B 308 -14.80 -35.99 -9.57
CA ASP B 308 -15.78 -34.90 -9.40
C ASP B 308 -15.07 -33.53 -9.46
N ASP B 309 -15.87 -32.43 -9.56
CA ASP B 309 -15.41 -31.02 -9.64
C ASP B 309 -14.33 -30.81 -10.73
N ALA B 310 -14.41 -31.65 -11.78
CA ALA B 310 -13.50 -31.61 -12.92
C ALA B 310 -13.91 -30.45 -13.83
N GLU B 311 -13.34 -29.27 -13.53
CA GLU B 311 -13.69 -27.99 -14.15
C GLU B 311 -13.02 -27.81 -15.52
N GLN B 312 -12.03 -28.66 -15.84
CA GLN B 312 -11.29 -28.64 -17.12
C GLN B 312 -12.20 -28.93 -18.34
N PHE B 313 -13.43 -29.44 -18.08
CA PHE B 313 -14.44 -29.69 -19.13
C PHE B 313 -15.17 -28.39 -19.58
N MET B 314 -14.92 -27.27 -18.89
CA MET B 314 -15.57 -25.98 -19.18
C MET B 314 -14.57 -24.82 -19.10
N PRO B 315 -14.73 -23.75 -19.95
CA PRO B 315 -13.93 -22.51 -19.86
C PRO B 315 -14.25 -21.64 -18.62
N ASN B 316 -13.57 -20.48 -18.54
CA ASN B 316 -13.74 -19.53 -17.41
C ASN B 316 -15.05 -18.76 -17.53
N TYR B 317 -15.50 -18.42 -18.76
CA TYR B 317 -16.77 -17.66 -18.96
C TYR B 317 -18.01 -18.56 -18.85
N LEU B 318 -17.80 -19.89 -18.99
CA LEU B 318 -18.87 -20.90 -18.77
C LEU B 318 -18.61 -21.69 -17.47
N ARG B 319 -18.01 -21.00 -16.46
CA ARG B 319 -17.70 -21.61 -15.14
C ARG B 319 -18.97 -21.78 -14.27
N PHE B 320 -20.14 -21.40 -14.80
CA PHE B 320 -21.42 -21.66 -14.14
C PHE B 320 -21.86 -23.13 -14.32
N VAL B 321 -21.43 -23.74 -15.44
CA VAL B 321 -21.86 -25.10 -15.82
C VAL B 321 -21.41 -26.14 -14.78
N ARG B 322 -22.40 -26.83 -14.20
CA ARG B 322 -22.19 -27.90 -13.24
C ARG B 322 -23.09 -29.07 -13.67
N GLY B 323 -22.54 -30.27 -13.68
CA GLY B 323 -23.26 -31.44 -14.14
C GLY B 323 -22.37 -32.66 -14.18
N LEU B 324 -22.41 -33.39 -15.30
CA LEU B 324 -21.62 -34.60 -15.52
C LEU B 324 -21.56 -34.93 -17.02
N ILE B 325 -20.58 -35.75 -17.40
CA ILE B 325 -20.40 -36.21 -18.78
C ILE B 325 -19.84 -37.64 -18.72
N ASP B 326 -20.52 -38.56 -19.41
CA ASP B 326 -20.12 -39.96 -19.49
C ASP B 326 -19.58 -40.28 -20.89
N SER B 327 -18.26 -40.31 -21.02
CA SER B 327 -17.60 -40.63 -22.29
C SER B 327 -17.31 -42.14 -22.36
N SER B 328 -17.92 -42.80 -23.35
CA SER B 328 -17.73 -44.24 -23.60
C SER B 328 -16.43 -44.49 -24.41
N ASP B 329 -15.90 -43.41 -25.00
CA ASP B 329 -14.73 -43.46 -25.90
C ASP B 329 -13.43 -43.05 -25.17
N LEU B 330 -13.56 -42.21 -24.11
CA LEU B 330 -12.41 -41.70 -23.33
C LEU B 330 -11.73 -42.87 -22.56
N PRO B 331 -10.37 -43.04 -22.65
CA PRO B 331 -9.63 -44.10 -21.91
C PRO B 331 -9.85 -44.06 -20.38
N LEU B 332 -9.78 -45.24 -19.73
CA LEU B 332 -10.00 -45.41 -18.27
C LEU B 332 -8.78 -44.95 -17.46
N ASN B 333 -7.64 -44.72 -18.15
CA ASN B 333 -6.40 -44.19 -17.53
C ASN B 333 -6.43 -42.65 -17.47
N VAL B 334 -7.60 -42.07 -17.80
CA VAL B 334 -7.84 -40.62 -17.69
C VAL B 334 -7.65 -40.13 -16.23
N SER B 335 -6.92 -39.03 -16.10
CA SER B 335 -6.64 -38.40 -14.81
C SER B 335 -6.77 -36.88 -14.98
N ARG B 336 -6.59 -36.14 -13.88
CA ARG B 336 -6.71 -34.67 -13.84
C ARG B 336 -5.72 -34.01 -14.84
N GLU B 337 -4.55 -34.66 -15.02
CA GLU B 337 -3.55 -34.24 -16.03
C GLU B 337 -4.14 -34.32 -17.44
N ILE B 338 -4.73 -35.49 -17.78
CA ILE B 338 -5.36 -35.75 -19.09
C ILE B 338 -6.48 -34.73 -19.39
N LEU B 339 -7.20 -34.32 -18.33
CA LEU B 339 -8.33 -33.39 -18.44
C LEU B 339 -7.89 -32.00 -18.92
N GLN B 340 -6.74 -31.53 -18.41
CA GLN B 340 -6.19 -30.22 -18.75
C GLN B 340 -5.40 -30.29 -20.07
N ASP B 341 -4.49 -31.25 -20.12
CA ASP B 341 -3.42 -31.34 -21.12
C ASP B 341 -3.90 -31.94 -22.46
N SER B 342 -4.53 -33.14 -22.39
CA SER B 342 -4.81 -33.95 -23.59
C SER B 342 -5.85 -33.29 -24.53
N THR B 343 -5.61 -33.45 -25.84
CA THR B 343 -6.40 -32.84 -26.91
C THR B 343 -7.81 -33.44 -26.99
N VAL B 344 -7.95 -34.75 -26.66
CA VAL B 344 -9.26 -35.44 -26.71
C VAL B 344 -10.26 -34.80 -25.73
N THR B 345 -9.78 -34.41 -24.53
CA THR B 345 -10.59 -33.72 -23.52
C THR B 345 -10.75 -32.21 -23.87
N ARG B 346 -9.84 -31.67 -24.71
CA ARG B 346 -9.86 -30.26 -25.12
C ARG B 346 -10.95 -30.07 -26.20
N ASN B 347 -11.00 -31.00 -27.14
CA ASN B 347 -12.03 -31.06 -28.19
C ASN B 347 -13.40 -31.38 -27.57
N LEU B 348 -13.38 -32.29 -26.57
CA LEU B 348 -14.57 -32.68 -25.81
C LEU B 348 -15.18 -31.49 -25.06
N ARG B 349 -14.30 -30.68 -24.43
CA ARG B 349 -14.73 -29.52 -23.63
C ARG B 349 -15.28 -28.40 -24.55
N ASN B 350 -14.71 -28.29 -25.78
CA ASN B 350 -15.17 -27.31 -26.80
C ASN B 350 -16.50 -27.73 -27.41
N ALA B 351 -16.69 -29.04 -27.52
CA ALA B 351 -17.95 -29.63 -27.97
C ALA B 351 -19.05 -29.22 -26.97
N LEU B 352 -18.76 -29.43 -25.67
CA LEU B 352 -19.66 -29.05 -24.56
C LEU B 352 -19.91 -27.52 -24.54
N THR B 353 -18.85 -26.73 -24.82
CA THR B 353 -18.90 -25.24 -24.86
C THR B 353 -19.99 -24.75 -25.83
N LYS B 354 -20.07 -25.41 -27.00
CA LYS B 354 -21.04 -25.08 -28.05
C LYS B 354 -22.49 -25.29 -27.56
N ARG B 355 -22.72 -26.42 -26.86
CA ARG B 355 -24.06 -26.81 -26.35
C ARG B 355 -24.50 -25.88 -25.20
N VAL B 356 -23.52 -25.28 -24.49
CA VAL B 356 -23.80 -24.32 -23.42
C VAL B 356 -24.22 -22.97 -24.02
N LEU B 357 -23.46 -22.49 -25.03
CA LEU B 357 -23.77 -21.22 -25.74
C LEU B 357 -25.15 -21.27 -26.39
N GLN B 358 -25.52 -22.47 -26.88
CA GLN B 358 -26.86 -22.74 -27.42
C GLN B 358 -27.89 -22.74 -26.27
N MET B 359 -27.52 -23.34 -25.13
CA MET B 359 -28.37 -23.42 -23.91
C MET B 359 -28.67 -22.01 -23.34
N LEU B 360 -27.76 -21.05 -23.59
CA LEU B 360 -27.89 -19.66 -23.12
C LEU B 360 -28.98 -18.93 -23.90
N GLU B 361 -28.89 -18.96 -25.23
CA GLU B 361 -29.86 -18.32 -26.13
C GLU B 361 -31.22 -19.04 -26.06
N LYS B 362 -31.16 -20.35 -25.75
CA LYS B 362 -32.35 -21.18 -25.47
C LYS B 362 -33.09 -20.62 -24.25
N LEU B 363 -32.36 -20.50 -23.12
CA LEU B 363 -32.91 -20.01 -21.83
C LEU B 363 -33.39 -18.55 -21.96
N ALA B 364 -32.71 -17.77 -22.83
CA ALA B 364 -33.03 -16.35 -23.09
C ALA B 364 -34.44 -16.17 -23.65
N LYS B 365 -34.91 -17.18 -24.40
CA LYS B 365 -36.22 -17.15 -25.07
C LYS B 365 -37.22 -18.08 -24.36
N ASP B 366 -36.69 -19.11 -23.69
CA ASP B 366 -37.50 -20.13 -23.00
C ASP B 366 -38.11 -19.50 -21.74
N ASP B 367 -37.24 -18.93 -20.88
CA ASP B 367 -37.65 -18.22 -19.67
C ASP B 367 -36.74 -17.00 -19.48
N ALA B 368 -37.28 -15.82 -19.83
CA ALA B 368 -36.56 -14.54 -19.80
C ALA B 368 -36.12 -14.16 -18.37
N GLU B 369 -36.96 -14.52 -17.39
CA GLU B 369 -36.72 -14.23 -15.96
C GLU B 369 -35.51 -15.01 -15.45
N LYS B 370 -35.42 -16.29 -15.84
CA LYS B 370 -34.29 -17.17 -15.43
C LYS B 370 -32.98 -16.68 -16.05
N TYR B 371 -33.03 -16.23 -17.32
CA TYR B 371 -31.83 -15.72 -18.01
C TYR B 371 -31.45 -14.31 -17.50
N GLN B 372 -32.44 -13.59 -16.94
CA GLN B 372 -32.20 -12.28 -16.31
C GLN B 372 -31.47 -12.46 -14.98
N THR B 373 -31.99 -13.39 -14.15
CA THR B 373 -31.38 -13.80 -12.86
C THR B 373 -29.97 -14.37 -13.11
N PHE B 374 -29.88 -15.15 -14.20
CA PHE B 374 -28.63 -15.73 -14.69
C PHE B 374 -27.60 -14.63 -14.94
N TRP B 375 -27.94 -13.65 -15.78
CA TRP B 375 -26.98 -12.60 -16.18
C TRP B 375 -26.54 -11.75 -14.96
N GLN B 376 -27.45 -11.54 -14.00
CA GLN B 376 -27.16 -10.77 -12.78
C GLN B 376 -26.14 -11.51 -11.88
N GLN B 377 -26.16 -12.86 -11.91
CA GLN B 377 -25.29 -13.71 -11.07
C GLN B 377 -24.00 -14.15 -11.79
N PHE B 378 -24.08 -14.29 -13.13
CA PHE B 378 -23.02 -14.93 -13.94
C PHE B 378 -22.47 -13.98 -15.03
N GLY B 379 -22.94 -12.71 -15.03
CA GLY B 379 -22.60 -11.74 -16.08
C GLY B 379 -21.12 -11.37 -16.14
N LEU B 380 -20.56 -11.01 -14.97
CA LEU B 380 -19.13 -10.63 -14.81
C LEU B 380 -18.20 -11.76 -15.30
N VAL B 381 -18.73 -12.98 -15.32
CA VAL B 381 -18.03 -14.16 -15.79
C VAL B 381 -18.11 -14.28 -17.34
N LEU B 382 -19.36 -14.29 -17.86
CA LEU B 382 -19.69 -14.57 -19.29
C LEU B 382 -19.05 -13.51 -20.22
N LYS B 383 -18.81 -12.31 -19.67
CA LYS B 383 -18.20 -11.17 -20.40
C LYS B 383 -16.82 -11.50 -21.01
N GLU B 384 -16.08 -12.51 -20.48
CA GLU B 384 -14.78 -12.97 -21.05
C GLU B 384 -14.94 -13.31 -22.54
N GLY B 385 -16.11 -13.88 -22.89
CA GLY B 385 -16.41 -14.42 -24.21
C GLY B 385 -15.82 -13.64 -25.40
N PRO B 386 -16.37 -12.44 -25.75
CA PRO B 386 -15.89 -11.65 -26.91
C PRO B 386 -14.53 -10.98 -26.64
N ALA B 387 -14.18 -10.89 -25.35
CA ALA B 387 -12.93 -10.25 -24.88
C ALA B 387 -11.74 -11.23 -24.90
N GLU B 388 -12.04 -12.51 -25.10
CA GLU B 388 -11.02 -13.55 -25.28
C GLU B 388 -11.07 -13.97 -26.74
N ASP B 389 -12.18 -14.61 -27.12
CA ASP B 389 -12.37 -15.16 -28.46
C ASP B 389 -12.99 -14.09 -29.37
N PHE B 390 -12.15 -13.56 -30.27
CA PHE B 390 -12.53 -12.49 -31.20
C PHE B 390 -13.45 -13.02 -32.33
N ALA B 391 -13.25 -14.29 -32.72
CA ALA B 391 -13.98 -14.92 -33.85
C ALA B 391 -15.49 -15.04 -33.56
N ASN B 392 -15.83 -15.43 -32.32
CA ASN B 392 -17.22 -15.63 -31.89
C ASN B 392 -17.72 -14.41 -31.08
N GLN B 393 -17.05 -13.24 -31.29
CA GLN B 393 -17.35 -11.97 -30.59
C GLN B 393 -18.83 -11.59 -30.70
N GLU B 394 -19.34 -11.60 -31.94
CA GLU B 394 -20.72 -11.17 -32.28
C GLU B 394 -21.78 -12.09 -31.63
N ALA B 395 -21.52 -13.40 -31.66
CA ALA B 395 -22.46 -14.43 -31.15
C ALA B 395 -22.65 -14.31 -29.64
N ILE B 396 -21.53 -14.07 -28.92
CA ILE B 396 -21.54 -13.92 -27.47
C ILE B 396 -22.01 -12.51 -27.07
N ALA B 397 -21.75 -11.51 -27.94
CA ALA B 397 -22.24 -10.13 -27.74
C ALA B 397 -23.78 -10.07 -27.82
N LYS B 398 -24.34 -11.00 -28.60
CA LYS B 398 -25.80 -11.23 -28.71
C LYS B 398 -26.35 -11.91 -27.42
N LEU B 399 -25.45 -12.62 -26.69
CA LEU B 399 -25.77 -13.27 -25.39
C LEU B 399 -25.59 -12.26 -24.22
N LEU B 400 -24.65 -11.30 -24.37
CA LEU B 400 -24.33 -10.31 -23.29
C LEU B 400 -25.49 -9.32 -23.10
N ARG B 401 -25.87 -9.05 -21.83
CA ARG B 401 -26.88 -8.03 -21.47
C ARG B 401 -26.18 -6.86 -20.77
N PHE B 402 -26.75 -5.67 -20.92
CA PHE B 402 -26.23 -4.42 -20.34
C PHE B 402 -27.41 -3.53 -19.93
N ALA B 403 -27.11 -2.49 -19.15
CA ALA B 403 -28.07 -1.40 -18.93
C ALA B 403 -27.90 -0.37 -20.06
N SER B 404 -28.93 0.45 -20.28
CA SER B 404 -28.91 1.50 -21.31
C SER B 404 -29.85 2.65 -20.90
N THR B 405 -29.80 3.75 -21.67
CA THR B 405 -30.62 4.96 -21.40
C THR B 405 -32.13 4.72 -21.75
N HIS B 406 -32.48 3.46 -22.09
CA HIS B 406 -33.86 3.01 -22.33
C HIS B 406 -34.76 3.32 -21.12
N THR B 407 -34.17 3.17 -19.93
CA THR B 407 -34.80 3.50 -18.64
C THR B 407 -33.72 3.99 -17.65
N ASP B 408 -34.14 4.76 -16.62
CA ASP B 408 -33.25 5.26 -15.55
C ASP B 408 -32.91 4.16 -14.50
N SER B 409 -33.34 2.92 -14.75
CA SER B 409 -33.08 1.77 -13.88
C SER B 409 -31.70 1.14 -14.18
N SER B 410 -31.05 0.59 -13.14
CA SER B 410 -29.76 -0.12 -13.26
C SER B 410 -29.96 -1.61 -13.66
N ALA B 411 -31.23 -1.99 -13.94
CA ALA B 411 -31.56 -3.34 -14.42
C ALA B 411 -30.90 -3.59 -15.79
N GLN B 412 -29.88 -4.46 -15.78
CA GLN B 412 -29.08 -4.81 -16.97
C GLN B 412 -29.85 -5.86 -17.80
N THR B 413 -30.84 -5.36 -18.55
CA THR B 413 -31.83 -6.20 -19.26
C THR B 413 -31.66 -6.13 -20.79
N VAL B 414 -31.21 -4.96 -21.30
CA VAL B 414 -31.08 -4.72 -22.75
C VAL B 414 -29.73 -5.26 -23.24
N SER B 415 -29.77 -6.24 -24.14
CA SER B 415 -28.56 -6.81 -24.77
C SER B 415 -28.14 -5.91 -25.92
N LEU B 416 -26.98 -6.22 -26.54
CA LEU B 416 -26.54 -5.55 -27.76
C LEU B 416 -27.49 -5.88 -28.92
N GLU B 417 -28.12 -7.07 -28.84
CA GLU B 417 -29.18 -7.52 -29.77
C GLU B 417 -30.43 -6.62 -29.62
N ASP B 418 -30.87 -6.41 -28.36
CA ASP B 418 -32.02 -5.53 -28.03
C ASP B 418 -31.69 -4.07 -28.39
N TYR B 419 -30.40 -3.71 -28.28
CA TYR B 419 -29.91 -2.36 -28.64
C TYR B 419 -30.09 -2.12 -30.13
N VAL B 420 -29.76 -3.12 -30.98
CA VAL B 420 -29.90 -3.03 -32.46
C VAL B 420 -31.39 -2.87 -32.85
N SER B 421 -32.28 -3.55 -32.12
CA SER B 421 -33.74 -3.42 -32.29
C SER B 421 -34.22 -1.99 -31.92
N ARG B 422 -33.55 -1.38 -30.92
CA ARG B 422 -33.86 -0.01 -30.43
C ARG B 422 -33.08 1.05 -31.26
N MET B 423 -32.04 0.61 -31.97
CA MET B 423 -31.05 1.49 -32.64
C MET B 423 -31.74 2.25 -33.80
N LYS B 424 -31.70 3.59 -33.74
CA LYS B 424 -32.47 4.46 -34.66
C LYS B 424 -31.82 4.53 -36.04
N GLU B 425 -32.61 5.02 -37.01
CA GLU B 425 -32.19 5.15 -38.42
C GLU B 425 -31.06 6.18 -38.56
N GLY B 426 -29.94 5.73 -39.12
CA GLY B 426 -28.74 6.53 -39.26
C GLY B 426 -27.75 6.33 -38.12
N GLN B 427 -28.23 5.85 -36.95
CA GLN B 427 -27.37 5.58 -35.78
C GLN B 427 -26.51 4.34 -36.08
N GLU B 428 -25.34 4.59 -36.69
CA GLU B 428 -24.45 3.55 -37.25
C GLU B 428 -23.60 2.88 -36.15
N LYS B 429 -23.34 3.61 -35.05
CA LYS B 429 -22.39 3.16 -34.01
C LYS B 429 -23.05 3.24 -32.62
N ILE B 430 -22.74 2.25 -31.76
CA ILE B 430 -23.24 2.19 -30.37
C ILE B 430 -22.54 3.27 -29.53
N TYR B 431 -23.29 3.91 -28.63
CA TYR B 431 -22.75 4.85 -27.65
C TYR B 431 -22.79 4.20 -26.27
N TYR B 432 -21.77 4.45 -25.44
CA TYR B 432 -21.66 3.88 -24.10
C TYR B 432 -20.98 4.89 -23.16
N ILE B 433 -21.13 4.65 -21.85
CA ILE B 433 -20.38 5.36 -20.81
C ILE B 433 -19.94 4.33 -19.75
N THR B 434 -18.66 4.40 -19.36
CA THR B 434 -18.09 3.48 -18.36
C THR B 434 -17.75 4.23 -17.06
N ALA B 435 -17.91 3.52 -15.94
CA ALA B 435 -17.52 3.99 -14.59
C ALA B 435 -17.47 2.79 -13.64
N ASP B 436 -16.94 3.02 -12.43
CA ASP B 436 -16.90 2.01 -11.35
C ASP B 436 -18.31 1.80 -10.77
N SER B 437 -19.15 2.85 -10.87
CA SER B 437 -20.48 2.89 -10.26
C SER B 437 -21.52 3.45 -11.25
N TYR B 438 -22.74 2.89 -11.14
CA TYR B 438 -23.89 3.28 -11.98
C TYR B 438 -24.22 4.76 -11.79
N ALA B 439 -24.14 5.20 -10.53
CA ALA B 439 -24.41 6.57 -10.11
C ALA B 439 -23.47 7.56 -10.84
N ALA B 440 -22.15 7.28 -10.81
CA ALA B 440 -21.12 8.18 -11.40
C ALA B 440 -21.32 8.32 -12.93
N ALA B 441 -21.57 7.17 -13.59
CA ALA B 441 -21.82 7.10 -15.05
C ALA B 441 -23.08 7.92 -15.42
N LYS B 442 -24.12 7.81 -14.59
CA LYS B 442 -25.42 8.44 -14.84
C LYS B 442 -25.41 9.94 -14.47
N SER B 443 -24.43 10.37 -13.61
CA SER B 443 -24.30 11.77 -13.15
C SER B 443 -23.72 12.69 -14.24
N SER B 444 -23.14 12.08 -15.28
CA SER B 444 -22.52 12.81 -16.40
C SER B 444 -23.62 13.46 -17.27
N PRO B 445 -23.68 14.84 -17.36
CA PRO B 445 -24.76 15.57 -18.10
C PRO B 445 -24.70 15.29 -19.62
N HIS B 446 -23.50 14.92 -20.11
CA HIS B 446 -23.23 14.62 -21.55
C HIS B 446 -24.23 13.60 -22.10
N LEU B 447 -24.47 12.59 -21.28
CA LEU B 447 -25.38 11.46 -21.56
C LEU B 447 -26.80 11.97 -21.90
N GLU B 448 -27.26 12.98 -21.13
CA GLU B 448 -28.61 13.55 -21.25
C GLU B 448 -28.75 14.46 -22.48
N LEU B 449 -27.62 14.94 -23.03
CA LEU B 449 -27.60 15.74 -24.27
C LEU B 449 -27.84 14.84 -25.49
N LEU B 450 -27.18 13.67 -25.50
CA LEU B 450 -27.37 12.64 -26.56
C LEU B 450 -28.79 12.05 -26.44
N ARG B 451 -29.23 11.79 -25.19
CA ARG B 451 -30.58 11.26 -24.86
C ARG B 451 -31.69 12.19 -25.39
N LYS B 452 -31.47 13.50 -25.25
CA LYS B 452 -32.39 14.55 -25.71
C LYS B 452 -32.58 14.50 -27.24
N LYS B 453 -31.48 14.17 -27.93
CA LYS B 453 -31.45 14.05 -29.40
C LYS B 453 -31.95 12.66 -29.88
N GLY B 454 -32.34 11.80 -28.93
CA GLY B 454 -32.93 10.49 -29.23
C GLY B 454 -31.91 9.36 -29.33
N ILE B 455 -30.70 9.59 -28.83
CA ILE B 455 -29.64 8.57 -28.82
C ILE B 455 -29.63 7.85 -27.46
N GLU B 456 -29.43 6.53 -27.50
CA GLU B 456 -29.42 5.67 -26.30
C GLU B 456 -27.98 5.27 -25.98
N VAL B 457 -27.54 5.57 -24.76
CA VAL B 457 -26.17 5.33 -24.29
C VAL B 457 -26.18 4.13 -23.30
N LEU B 458 -25.31 3.14 -23.52
CA LEU B 458 -25.13 2.00 -22.60
C LEU B 458 -24.60 2.50 -21.23
N LEU B 459 -25.06 1.87 -20.15
CA LEU B 459 -24.72 2.23 -18.77
C LEU B 459 -23.81 1.12 -18.18
N LEU B 460 -22.49 1.31 -18.34
CA LEU B 460 -21.46 0.35 -17.88
C LEU B 460 -21.04 0.75 -16.47
N SER B 461 -21.47 -0.04 -15.49
CA SER B 461 -21.22 0.22 -14.06
C SER B 461 -20.25 -0.80 -13.47
N ASP B 462 -19.73 -1.71 -14.32
CA ASP B 462 -18.84 -2.79 -13.87
C ASP B 462 -17.38 -2.44 -14.18
N ARG B 463 -16.49 -2.79 -13.24
CA ARG B 463 -15.03 -2.57 -13.35
C ARG B 463 -14.43 -3.35 -14.54
N ILE B 464 -15.01 -4.52 -14.81
CA ILE B 464 -14.59 -5.42 -15.91
C ILE B 464 -14.85 -4.80 -17.31
N ASP B 465 -15.93 -4.02 -17.43
CA ASP B 465 -16.39 -3.42 -18.72
C ASP B 465 -15.29 -2.58 -19.39
N GLU B 466 -14.48 -1.92 -18.55
CA GLU B 466 -13.39 -1.05 -18.98
C GLU B 466 -12.36 -1.79 -19.85
N TRP B 467 -12.09 -3.05 -19.50
CA TRP B 467 -11.16 -3.91 -20.25
C TRP B 467 -11.90 -4.61 -21.42
N MET B 468 -13.09 -5.15 -21.11
CA MET B 468 -13.85 -6.06 -22.01
C MET B 468 -14.16 -5.43 -23.38
N MET B 469 -14.67 -4.19 -23.35
CA MET B 469 -15.17 -3.49 -24.56
C MET B 469 -14.01 -2.98 -25.45
N ASN B 470 -12.75 -3.16 -25.00
CA ASN B 470 -11.55 -2.87 -25.83
C ASN B 470 -11.33 -4.00 -26.87
N TYR B 471 -11.98 -5.15 -26.62
CA TYR B 471 -11.97 -6.30 -27.55
C TYR B 471 -13.32 -6.40 -28.29
N LEU B 472 -14.42 -5.91 -27.65
CA LEU B 472 -15.69 -5.68 -28.36
C LEU B 472 -15.49 -4.50 -29.33
N THR B 473 -14.96 -4.83 -30.51
CA THR B 473 -14.68 -3.89 -31.57
C THR B 473 -15.96 -3.52 -32.34
N GLU B 474 -16.90 -4.47 -32.49
CA GLU B 474 -18.22 -4.21 -33.09
C GLU B 474 -19.19 -5.38 -32.86
N PHE B 475 -20.48 -5.09 -33.04
CA PHE B 475 -21.57 -6.07 -33.06
C PHE B 475 -22.41 -5.82 -34.32
N ASP B 476 -22.50 -6.85 -35.20
CA ASP B 476 -23.21 -6.79 -36.51
C ASP B 476 -22.44 -5.88 -37.51
N GLY B 477 -21.22 -5.45 -37.14
CA GLY B 477 -20.43 -4.48 -37.93
C GLY B 477 -20.59 -3.04 -37.43
N LYS B 478 -21.40 -2.85 -36.37
CA LYS B 478 -21.64 -1.53 -35.73
C LYS B 478 -20.63 -1.35 -34.56
N PRO B 479 -19.57 -0.48 -34.69
CA PRO B 479 -18.56 -0.29 -33.62
C PRO B 479 -19.08 0.54 -32.43
N PHE B 480 -18.28 0.60 -31.35
CA PHE B 480 -18.67 1.17 -30.05
C PHE B 480 -17.92 2.51 -29.79
N GLN B 481 -18.64 3.52 -29.20
CA GLN B 481 -18.15 4.92 -29.04
C GLN B 481 -18.38 5.46 -27.60
N SER B 482 -17.31 6.05 -27.00
CA SER B 482 -17.32 6.56 -25.61
C SER B 482 -17.80 8.02 -25.54
N VAL B 483 -18.73 8.29 -24.62
CA VAL B 483 -19.14 9.67 -24.25
C VAL B 483 -18.40 10.12 -22.95
N SER B 484 -17.73 9.14 -22.26
CA SER B 484 -17.02 9.38 -20.98
C SER B 484 -15.91 10.44 -21.13
N LYS B 485 -15.15 10.32 -22.23
CA LYS B 485 -14.14 11.31 -22.65
C LYS B 485 -14.23 11.45 -24.17
N VAL B 486 -13.87 12.64 -24.67
CA VAL B 486 -13.88 12.94 -26.12
C VAL B 486 -12.53 13.57 -26.51
N ASP B 487 -12.20 13.48 -27.82
CA ASP B 487 -10.86 13.84 -28.35
C ASP B 487 -10.99 14.81 -29.54
N GLU B 488 -9.85 15.45 -29.87
CA GLU B 488 -9.74 16.46 -30.97
C GLU B 488 -10.04 15.84 -32.36
N SER B 489 -9.91 14.49 -32.47
CA SER B 489 -10.29 13.74 -33.68
C SER B 489 -11.79 13.93 -34.04
N LEU B 490 -12.61 14.28 -33.03
CA LEU B 490 -14.01 14.75 -33.22
C LEU B 490 -14.02 16.21 -33.74
N GLU B 491 -13.36 16.42 -34.90
CA GLU B 491 -13.04 17.73 -35.53
C GLU B 491 -14.17 18.76 -35.40
N LYS B 492 -15.41 18.35 -35.73
CA LYS B 492 -16.61 19.22 -35.73
C LYS B 492 -16.90 19.79 -34.33
N LEU B 493 -16.83 18.91 -33.32
CA LEU B 493 -17.05 19.25 -31.90
C LEU B 493 -15.86 20.11 -31.37
N ALA B 494 -14.66 19.79 -31.88
CA ALA B 494 -13.40 20.38 -31.43
C ALA B 494 -13.01 21.64 -32.27
N ASP B 495 -13.89 22.05 -33.21
CA ASP B 495 -13.63 23.23 -34.08
C ASP B 495 -14.37 24.48 -33.58
N GLU B 496 -15.63 24.29 -33.17
CA GLU B 496 -16.52 25.41 -32.75
C GLU B 496 -16.36 25.65 -31.24
N VAL B 497 -15.10 25.80 -30.83
CA VAL B 497 -14.67 25.82 -29.44
C VAL B 497 -14.45 27.26 -28.95
N ASP B 498 -15.58 27.98 -28.76
CA ASP B 498 -15.61 29.41 -28.36
C ASP B 498 -14.99 30.27 -29.49
N GLU B 499 -13.67 30.43 -29.45
CA GLU B 499 -12.86 31.01 -30.54
C GLU B 499 -11.37 30.63 -30.32
N SER B 500 -11.15 29.62 -29.47
CA SER B 500 -9.82 29.16 -29.05
C SER B 500 -9.17 28.30 -30.15
N ALA B 501 -8.57 29.00 -31.12
CA ALA B 501 -7.80 28.39 -32.22
C ALA B 501 -6.29 28.57 -31.94
N LYS B 502 -5.46 28.30 -32.96
CA LYS B 502 -3.98 28.33 -32.86
C LYS B 502 -3.44 29.70 -32.42
N GLU B 503 -4.16 30.80 -32.75
CA GLU B 503 -3.77 32.17 -32.34
C GLU B 503 -3.78 32.31 -30.81
N ALA B 504 -4.76 31.65 -30.15
CA ALA B 504 -4.85 31.60 -28.70
C ALA B 504 -3.80 30.65 -28.13
N GLU B 505 -3.56 29.54 -28.84
CA GLU B 505 -2.63 28.46 -28.42
C GLU B 505 -1.16 28.93 -28.45
N LYS B 506 -0.88 30.00 -29.20
CA LYS B 506 0.43 30.68 -29.18
C LYS B 506 0.66 31.44 -27.86
N ALA B 507 -0.45 31.87 -27.22
CA ALA B 507 -0.44 32.50 -25.88
C ALA B 507 -0.65 31.44 -24.77
N LEU B 508 -1.18 30.25 -25.16
CA LEU B 508 -1.43 29.12 -24.23
C LEU B 508 -0.16 28.26 -24.02
N THR B 509 0.77 28.27 -25.00
CA THR B 509 2.04 27.52 -24.86
C THR B 509 2.97 28.11 -23.74
N PRO B 510 3.15 29.49 -23.60
CA PRO B 510 3.78 30.09 -22.40
C PRO B 510 3.03 29.74 -21.10
N PHE B 511 1.69 29.63 -21.20
CA PHE B 511 0.84 29.21 -20.07
C PHE B 511 1.17 27.77 -19.64
N ILE B 512 1.31 26.83 -20.62
CA ILE B 512 1.69 25.41 -20.35
C ILE B 512 3.01 25.38 -19.56
N ASP B 513 3.96 26.19 -20.04
CA ASP B 513 5.32 26.29 -19.50
C ASP B 513 5.29 26.73 -18.02
N ARG B 514 4.50 27.78 -17.75
CA ARG B 514 4.37 28.35 -16.40
C ARG B 514 3.64 27.39 -15.44
N VAL B 515 2.64 26.66 -15.95
CA VAL B 515 1.84 25.70 -15.15
C VAL B 515 2.72 24.51 -14.74
N LYS B 516 3.50 23.97 -15.69
CA LYS B 516 4.40 22.83 -15.43
C LYS B 516 5.58 23.23 -14.52
N ALA B 517 5.89 24.54 -14.49
CA ALA B 517 6.91 25.10 -13.57
C ALA B 517 6.33 25.29 -12.16
N LEU B 518 5.02 25.60 -12.09
CA LEU B 518 4.30 25.83 -10.82
C LEU B 518 4.01 24.47 -10.12
N LEU B 519 3.68 23.46 -10.94
CA LEU B 519 3.33 22.12 -10.45
C LEU B 519 4.59 21.23 -10.35
N GLY B 520 5.61 21.56 -11.17
CA GLY B 520 6.91 20.89 -11.13
C GLY B 520 6.85 19.46 -11.65
N GLU B 521 6.67 18.51 -10.73
CA GLU B 521 6.67 17.06 -11.03
C GLU B 521 5.50 16.35 -10.34
N ARG B 522 4.60 17.12 -9.67
CA ARG B 522 3.38 16.58 -9.02
C ARG B 522 2.39 16.03 -10.07
N VAL B 523 2.55 16.51 -11.31
CA VAL B 523 1.75 16.12 -12.47
C VAL B 523 2.67 15.48 -13.50
N LYS B 524 2.14 14.52 -14.27
CA LYS B 524 2.87 13.93 -15.41
C LYS B 524 3.13 15.01 -16.48
N ASP B 525 2.04 15.65 -16.94
CA ASP B 525 2.09 16.62 -18.05
C ASP B 525 0.83 17.50 -18.06
N VAL B 526 0.96 18.74 -18.55
CA VAL B 526 -0.15 19.72 -18.64
C VAL B 526 -0.36 20.11 -20.11
N ARG B 527 -1.62 20.03 -20.59
CA ARG B 527 -1.98 20.30 -22.00
C ARG B 527 -3.19 21.27 -22.03
N LEU B 528 -3.34 22.01 -23.14
CA LEU B 528 -4.50 22.90 -23.37
C LEU B 528 -5.34 22.35 -24.53
N THR B 529 -6.35 21.54 -24.16
CA THR B 529 -7.30 20.91 -25.08
C THR B 529 -8.55 21.81 -25.25
N HIS B 530 -9.57 21.37 -26.02
CA HIS B 530 -10.79 22.20 -26.23
C HIS B 530 -12.08 21.36 -26.06
N ARG B 531 -12.07 20.44 -25.08
CA ARG B 531 -13.30 19.71 -24.67
C ARG B 531 -14.18 20.68 -23.87
N LEU B 532 -15.30 21.14 -24.50
CA LEU B 532 -16.15 22.24 -23.97
C LEU B 532 -16.62 21.94 -22.53
N THR B 533 -17.62 21.02 -22.39
CA THR B 533 -18.16 20.53 -21.08
C THR B 533 -18.46 21.69 -20.06
N ASP B 534 -18.78 21.33 -18.79
CA ASP B 534 -18.92 22.33 -17.70
C ASP B 534 -17.69 22.27 -16.77
N THR B 535 -16.81 21.27 -17.02
CA THR B 535 -15.59 21.05 -16.25
C THR B 535 -14.45 21.90 -16.86
N PRO B 536 -13.79 22.81 -16.06
CA PRO B 536 -12.72 23.72 -16.57
C PRO B 536 -11.43 22.98 -16.96
N ALA B 537 -11.24 21.81 -16.37
CA ALA B 537 -10.09 20.97 -16.64
C ALA B 537 -10.47 19.50 -16.45
N ILE B 538 -10.07 18.67 -17.39
CA ILE B 538 -10.41 17.24 -17.44
C ILE B 538 -9.11 16.45 -17.70
N VAL B 539 -8.75 15.61 -16.73
CA VAL B 539 -7.56 14.77 -16.81
C VAL B 539 -7.87 13.47 -17.56
N SER B 540 -6.83 12.84 -18.14
CA SER B 540 -6.96 11.55 -18.83
C SER B 540 -6.08 10.48 -18.19
N THR B 541 -6.30 9.22 -18.63
CA THR B 541 -5.65 8.03 -18.09
C THR B 541 -4.95 7.25 -19.22
N ASP B 542 -3.78 6.69 -18.90
CA ASP B 542 -3.05 5.77 -19.79
C ASP B 542 -3.66 4.37 -19.64
N ALA B 543 -3.65 3.86 -18.40
CA ALA B 543 -4.19 2.54 -18.03
C ALA B 543 -5.20 2.68 -16.86
N ASP B 544 -5.38 1.59 -16.10
CA ASP B 544 -6.31 1.50 -14.95
C ASP B 544 -5.99 2.57 -13.87
N GLU B 545 -6.88 3.58 -13.74
CA GLU B 545 -6.71 4.75 -12.83
C GLU B 545 -5.35 5.44 -13.10
N MET B 546 -5.00 5.56 -14.40
CA MET B 546 -3.67 5.93 -14.91
C MET B 546 -2.72 4.71 -14.77
N SER B 547 -2.42 4.32 -13.52
CA SER B 547 -1.42 3.29 -13.23
C SER B 547 -1.44 2.86 -11.75
N THR B 548 -2.63 2.48 -11.23
CA THR B 548 -2.81 2.19 -9.78
C THR B 548 -3.05 0.67 -9.52
N GLN B 549 -2.87 -0.20 -10.54
CA GLN B 549 -3.03 -1.67 -10.39
C GLN B 549 -2.49 -2.44 -11.62
N MET B 550 -1.14 -2.65 -11.64
CA MET B 550 -0.44 -3.47 -12.67
C MET B 550 1.07 -3.54 -12.36
N ALA B 551 1.74 -4.57 -12.90
CA ALA B 551 3.17 -4.87 -12.63
C ALA B 551 4.10 -3.78 -13.16
N LYS B 552 4.04 -3.51 -14.48
CA LYS B 552 4.89 -2.50 -15.17
C LYS B 552 4.72 -1.11 -14.55
N LEU B 553 3.47 -0.82 -14.22
CA LEU B 553 3.05 0.48 -13.72
C LEU B 553 3.70 0.76 -12.36
N PHE B 554 3.55 -0.18 -11.41
CA PHE B 554 4.18 -0.07 -10.07
C PHE B 554 5.72 -0.22 -10.14
N ALA B 555 6.24 -0.83 -11.23
CA ALA B 555 7.68 -0.98 -11.47
C ALA B 555 8.33 0.30 -12.04
N ALA B 556 7.54 1.40 -12.13
CA ALA B 556 8.03 2.71 -12.61
C ALA B 556 8.99 3.36 -11.60
N ALA B 557 8.60 3.37 -10.30
CA ALA B 557 9.49 3.85 -9.20
C ALA B 557 9.45 2.92 -7.98
N GLY B 558 8.25 2.73 -7.41
CA GLY B 558 8.08 2.04 -6.13
C GLY B 558 7.07 2.75 -5.23
N GLN B 559 6.89 4.06 -5.47
CA GLN B 559 5.86 4.89 -4.79
C GLN B 559 4.44 4.56 -5.33
N LYS B 560 3.51 5.53 -5.31
CA LYS B 560 2.17 5.40 -5.95
C LYS B 560 2.25 5.42 -7.51
N VAL B 561 3.46 5.13 -8.09
CA VAL B 561 3.84 5.38 -9.51
C VAL B 561 3.93 6.90 -9.84
N PRO B 562 5.05 7.37 -10.50
CA PRO B 562 5.17 8.76 -11.02
C PRO B 562 4.14 9.05 -12.12
N GLU B 563 3.94 8.06 -12.99
CA GLU B 563 3.02 8.15 -14.12
C GLU B 563 1.56 8.39 -13.65
N VAL B 564 1.22 7.83 -12.45
CA VAL B 564 -0.14 7.87 -11.86
C VAL B 564 -0.68 9.31 -11.73
N LYS B 565 0.27 10.25 -11.61
CA LYS B 565 -0.02 11.68 -11.61
C LYS B 565 -0.68 12.02 -12.95
N TYR B 566 -1.99 12.26 -12.93
CA TYR B 566 -2.84 12.35 -14.15
C TYR B 566 -2.37 13.44 -15.13
N ILE B 567 -2.76 13.28 -16.42
CA ILE B 567 -2.41 14.23 -17.48
C ILE B 567 -3.43 15.36 -17.42
N PHE B 568 -2.97 16.53 -16.93
CA PHE B 568 -3.81 17.67 -16.60
C PHE B 568 -4.08 18.52 -17.84
N GLU B 569 -5.27 18.36 -18.42
CA GLU B 569 -5.66 19.03 -19.68
C GLU B 569 -6.79 20.03 -19.40
N LEU B 570 -6.58 21.31 -19.73
CA LEU B 570 -7.54 22.39 -19.44
C LEU B 570 -8.34 22.75 -20.71
N ASN B 571 -9.43 23.51 -20.53
CA ASN B 571 -10.27 24.00 -21.63
C ASN B 571 -10.32 25.55 -21.61
N PRO B 572 -9.64 26.25 -22.58
CA PRO B 572 -9.65 27.74 -22.67
C PRO B 572 -11.05 28.33 -22.85
N ASP B 573 -12.00 27.53 -23.35
CA ASP B 573 -13.41 27.94 -23.55
C ASP B 573 -14.07 28.29 -22.21
N HIS B 574 -13.64 27.62 -21.11
CA HIS B 574 -14.09 27.98 -19.75
C HIS B 574 -13.37 29.27 -19.30
N VAL B 575 -14.15 30.26 -18.83
CA VAL B 575 -13.63 31.61 -18.42
C VAL B 575 -12.51 31.51 -17.34
N LEU B 576 -12.61 30.46 -16.49
CA LEU B 576 -11.64 30.20 -15.40
C LEU B 576 -10.19 30.04 -15.92
N VAL B 577 -10.06 29.38 -17.09
CA VAL B 577 -8.76 29.06 -17.72
C VAL B 577 -8.19 30.30 -18.47
N LYS B 578 -9.07 31.10 -19.10
CA LYS B 578 -8.67 32.39 -19.74
C LYS B 578 -8.11 33.35 -18.69
N ARG B 579 -8.79 33.36 -17.54
CA ARG B 579 -8.46 34.21 -16.40
C ARG B 579 -7.14 33.73 -15.75
N ALA B 580 -6.92 32.40 -15.75
CA ALA B 580 -5.68 31.80 -15.22
C ALA B 580 -4.49 32.02 -16.18
N ALA B 581 -4.81 32.17 -17.48
CA ALA B 581 -3.80 32.38 -18.54
C ALA B 581 -3.30 33.82 -18.55
N ASP B 582 -4.21 34.75 -18.23
CA ASP B 582 -3.91 36.19 -18.15
C ASP B 582 -3.23 36.52 -16.80
N THR B 583 -3.49 35.69 -15.76
CA THR B 583 -2.88 35.86 -14.43
C THR B 583 -1.36 35.52 -14.50
N GLU B 584 -0.55 36.57 -14.57
CA GLU B 584 0.92 36.49 -14.53
C GLU B 584 1.39 36.45 -13.06
N ASP B 585 0.57 37.05 -12.19
CA ASP B 585 0.80 37.13 -10.73
C ASP B 585 0.87 35.72 -10.13
N GLU B 586 2.08 35.30 -9.73
CA GLU B 586 2.40 33.89 -9.36
C GLU B 586 1.53 33.35 -8.20
N ALA B 587 1.19 34.25 -7.26
CA ALA B 587 0.36 33.91 -6.08
C ALA B 587 -1.07 33.50 -6.51
N LYS B 588 -1.77 34.40 -7.22
CA LYS B 588 -3.13 34.13 -7.76
C LYS B 588 -3.09 33.00 -8.81
N PHE B 589 -1.96 32.89 -9.52
CA PHE B 589 -1.74 31.86 -10.56
C PHE B 589 -1.75 30.47 -9.91
N SER B 590 -1.22 30.39 -8.68
CA SER B 590 -1.28 29.19 -7.86
C SER B 590 -2.75 28.89 -7.46
N GLU B 591 -3.48 29.91 -6.97
CA GLU B 591 -4.92 29.76 -6.59
C GLU B 591 -5.73 29.12 -7.74
N TRP B 592 -5.59 29.64 -8.96
CA TRP B 592 -6.32 29.14 -10.14
C TRP B 592 -5.87 27.72 -10.57
N VAL B 593 -4.56 27.55 -10.82
CA VAL B 593 -4.00 26.29 -11.37
C VAL B 593 -4.20 25.10 -10.41
N GLU B 594 -3.83 25.30 -9.13
CA GLU B 594 -3.96 24.26 -8.07
C GLU B 594 -5.46 23.92 -7.82
N LEU B 595 -6.34 24.93 -7.97
CA LEU B 595 -7.80 24.73 -7.85
C LEU B 595 -8.28 23.74 -8.92
N LEU B 596 -7.97 24.08 -10.19
CA LEU B 596 -8.38 23.29 -11.36
C LEU B 596 -7.72 21.90 -11.35
N LEU B 597 -6.49 21.83 -10.80
CA LEU B 597 -5.70 20.60 -10.71
C LEU B 597 -6.36 19.58 -9.79
N ASP B 598 -6.39 19.91 -8.49
CA ASP B 598 -6.91 19.00 -7.45
C ASP B 598 -8.39 18.69 -7.67
N GLN B 599 -9.14 19.61 -8.33
CA GLN B 599 -10.55 19.40 -8.67
C GLN B 599 -10.70 18.35 -9.80
N ALA B 600 -9.75 18.36 -10.76
CA ALA B 600 -9.70 17.38 -11.86
C ALA B 600 -9.24 16.00 -11.33
N LEU B 601 -8.23 16.00 -10.44
CA LEU B 601 -7.73 14.77 -9.78
C LEU B 601 -8.85 14.13 -8.95
N LEU B 602 -9.61 15.00 -8.26
CA LEU B 602 -10.81 14.63 -7.48
C LEU B 602 -11.87 14.00 -8.40
N ALA B 603 -11.95 14.48 -9.65
CA ALA B 603 -12.94 13.99 -10.64
C ALA B 603 -12.61 12.56 -11.10
N GLU B 604 -11.31 12.19 -10.99
CA GLU B 604 -10.80 10.89 -11.50
C GLU B 604 -10.40 9.93 -10.32
N ARG B 605 -10.62 10.36 -9.06
CA ARG B 605 -10.28 9.55 -7.86
C ARG B 605 -11.44 9.48 -6.85
N GLY B 606 -12.08 10.63 -6.62
CA GLY B 606 -13.04 10.79 -5.52
C GLY B 606 -12.35 11.15 -4.21
N THR B 607 -11.00 11.22 -4.23
CA THR B 607 -10.15 11.43 -3.05
C THR B 607 -8.96 12.35 -3.42
N LEU B 608 -8.52 13.16 -2.44
CA LEU B 608 -7.33 14.03 -2.58
C LEU B 608 -6.16 13.52 -1.72
N GLU B 609 -4.93 13.84 -2.17
CA GLU B 609 -3.69 13.48 -1.45
C GLU B 609 -3.55 14.33 -0.19
N ASP B 610 -3.60 15.65 -0.42
CA ASP B 610 -3.57 16.67 0.65
C ASP B 610 -4.74 17.65 0.40
N PRO B 611 -5.92 17.42 1.10
CA PRO B 611 -7.18 18.18 0.88
C PRO B 611 -7.05 19.65 1.30
N ASN B 612 -6.27 19.85 2.37
CA ASN B 612 -6.02 21.16 3.00
C ASN B 612 -5.52 22.21 1.99
N LEU B 613 -4.73 21.79 1.00
CA LEU B 613 -4.22 22.67 -0.08
C LEU B 613 -5.39 23.25 -0.91
N PHE B 614 -6.18 22.33 -1.48
CA PHE B 614 -7.32 22.66 -2.35
C PHE B 614 -8.32 23.57 -1.62
N ILE B 615 -8.69 23.17 -0.40
CA ILE B 615 -9.68 23.88 0.42
C ILE B 615 -9.17 25.27 0.81
N ARG B 616 -7.89 25.40 1.18
CA ARG B 616 -7.29 26.67 1.66
C ARG B 616 -7.33 27.75 0.56
N ARG B 617 -7.12 27.32 -0.69
CA ARG B 617 -7.21 28.23 -1.85
C ARG B 617 -8.69 28.50 -2.20
N MET B 618 -9.51 27.43 -2.15
CA MET B 618 -10.93 27.46 -2.60
C MET B 618 -11.80 28.38 -1.72
N ASN B 619 -11.76 28.18 -0.39
CA ASN B 619 -12.57 28.98 0.57
C ASN B 619 -12.23 30.48 0.48
N GLN B 620 -10.94 30.77 0.15
CA GLN B 620 -10.46 32.14 -0.13
C GLN B 620 -11.00 32.66 -1.48
N LEU B 621 -11.09 31.79 -2.50
CA LEU B 621 -11.65 32.15 -3.83
C LEU B 621 -13.20 32.21 -3.79
N LEU B 622 -13.80 31.77 -2.66
CA LEU B 622 -15.24 31.91 -2.41
C LEU B 622 -15.54 33.22 -1.65
N VAL B 623 -14.78 33.48 -0.55
CA VAL B 623 -15.06 34.62 0.36
C VAL B 623 -14.50 35.96 -0.19
N SER B 624 -13.30 35.89 -0.80
CA SER B 624 -12.62 37.08 -1.35
C SER B 624 -13.03 37.28 -2.83
N MET C 1 -5.59 14.57 36.61
CA MET C 1 -6.57 13.48 36.41
C MET C 1 -7.89 14.10 35.93
N ALA C 2 -8.54 13.43 34.96
CA ALA C 2 -9.70 13.96 34.21
C ALA C 2 -9.30 15.23 33.43
N THR C 3 -8.92 15.02 32.14
CA THR C 3 -8.42 16.11 31.27
C THR C 3 -8.64 15.78 29.77
N SER C 4 -9.27 16.72 29.06
CA SER C 4 -9.35 16.74 27.59
C SER C 4 -9.39 18.22 27.16
N THR C 5 -8.21 18.80 26.98
CA THR C 5 -8.06 20.24 26.74
C THR C 5 -7.07 20.48 25.59
N LEU C 6 -7.59 20.34 24.37
CA LEU C 6 -6.84 20.57 23.14
C LEU C 6 -7.76 20.48 21.92
N ILE C 7 -7.55 21.37 20.94
CA ILE C 7 -8.18 21.26 19.62
C ILE C 7 -7.70 20.00 18.87
N LYS C 8 -8.42 19.64 17.79
CA LYS C 8 -8.16 18.44 16.98
C LYS C 8 -6.79 18.51 16.24
N ALA C 9 -6.23 19.73 16.16
CA ALA C 9 -4.88 20.00 15.62
C ALA C 9 -4.72 19.47 14.18
N ILE C 10 -3.98 18.37 14.01
CA ILE C 10 -3.78 17.74 12.71
C ILE C 10 -4.97 16.81 12.45
N ASP C 11 -5.80 17.18 11.45
CA ASP C 11 -6.96 16.38 11.05
C ASP C 11 -6.50 15.14 10.27
N GLY C 12 -6.00 14.15 11.03
CA GLY C 12 -5.44 12.92 10.48
C GLY C 12 -6.50 11.88 10.15
N ASP C 13 -6.15 10.94 9.27
CA ASP C 13 -7.06 9.87 8.80
C ASP C 13 -7.48 8.94 9.97
N THR C 14 -6.53 8.15 10.48
CA THR C 14 -6.81 7.07 11.47
C THR C 14 -7.26 7.62 12.88
N VAL C 15 -7.36 8.96 13.02
CA VAL C 15 -7.65 9.67 14.29
C VAL C 15 -6.47 9.48 15.25
N LYS C 16 -6.30 8.25 15.80
CA LYS C 16 -5.11 7.90 16.56
C LYS C 16 -3.91 7.72 15.60
N LEU C 17 -2.73 8.07 16.09
CA LEU C 17 -1.48 8.13 15.33
C LEU C 17 -0.69 6.80 15.42
N MET C 18 0.63 6.92 15.18
CA MET C 18 1.66 5.88 15.39
C MET C 18 1.43 5.05 16.69
N TYR C 19 1.18 3.74 16.51
CA TYR C 19 1.04 2.79 17.61
C TYR C 19 1.15 1.36 17.07
N LYS C 20 1.94 0.54 17.76
CA LYS C 20 2.22 -0.87 17.40
C LYS C 20 2.33 -1.70 18.72
N GLY C 21 3.25 -2.70 18.76
CA GLY C 21 3.56 -3.40 20.00
C GLY C 21 4.44 -2.56 20.94
N GLN C 22 5.65 -3.07 21.30
CA GLN C 22 6.67 -2.27 22.04
C GLN C 22 8.09 -2.46 21.40
N PRO C 23 8.76 -3.68 21.48
CA PRO C 23 10.20 -3.81 21.18
C PRO C 23 10.52 -4.22 19.72
N MET C 24 11.13 -3.29 18.97
CA MET C 24 11.76 -3.61 17.67
C MET C 24 13.15 -4.20 17.95
N THR C 25 13.90 -3.54 18.86
CA THR C 25 15.27 -3.92 19.21
C THR C 25 15.70 -3.27 20.56
N PHE C 26 16.68 -3.92 21.21
CA PHE C 26 17.50 -3.32 22.26
C PHE C 26 18.85 -4.04 22.28
N ARG C 27 19.89 -3.33 21.85
CA ARG C 27 21.28 -3.83 21.89
C ARG C 27 22.05 -3.15 23.03
N LEU C 28 21.96 -1.81 23.10
CA LEU C 28 22.78 -0.98 24.01
C LEU C 28 22.27 0.47 23.95
N LEU C 29 22.20 1.17 25.12
CA LEU C 29 21.89 2.62 25.17
C LEU C 29 22.31 3.23 26.52
N LEU C 30 21.61 2.88 27.61
CA LEU C 30 21.98 3.33 28.97
C LEU C 30 22.62 2.18 29.76
N VAL C 31 23.35 2.54 30.82
CA VAL C 31 24.11 1.61 31.65
C VAL C 31 24.54 2.29 32.96
N ASP C 32 25.00 3.55 32.85
CA ASP C 32 25.64 4.28 33.95
C ASP C 32 25.75 5.78 33.60
N THR C 33 25.65 6.65 34.62
CA THR C 33 25.83 8.13 34.50
C THR C 33 26.23 8.70 35.89
N PRO C 34 27.48 8.41 36.39
CA PRO C 34 27.94 8.83 37.74
C PRO C 34 28.80 10.12 37.73
N GLU C 35 28.88 10.75 36.56
CA GLU C 35 29.88 11.79 36.26
C GLU C 35 29.24 12.86 35.34
N THR C 36 29.76 14.11 35.42
CA THR C 36 29.35 15.22 34.54
C THR C 36 30.32 16.41 34.72
N LYS C 37 30.51 17.21 33.64
CA LYS C 37 31.41 18.40 33.63
C LYS C 37 30.75 19.57 32.87
N HIS C 38 31.49 20.68 32.65
CA HIS C 38 31.08 21.81 31.80
C HIS C 38 32.35 22.51 31.23
N PRO C 39 32.75 22.21 29.94
CA PRO C 39 33.85 22.93 29.25
C PRO C 39 33.61 24.46 29.17
N LYS C 40 32.46 24.84 28.57
CA LYS C 40 32.00 26.23 28.48
C LYS C 40 30.50 26.26 28.78
N LYS C 41 29.94 27.46 29.06
CA LYS C 41 28.50 27.65 29.32
C LYS C 41 27.99 28.92 28.61
N GLY C 42 26.73 28.87 28.19
CA GLY C 42 26.07 29.94 27.46
C GLY C 42 24.71 29.48 26.94
N VAL C 43 23.87 29.02 27.87
CA VAL C 43 22.53 28.45 27.57
C VAL C 43 21.55 29.53 27.06
N GLU C 44 21.69 29.89 25.77
CA GLU C 44 20.89 30.92 25.11
C GLU C 44 19.89 30.27 24.11
N LYS C 45 18.59 30.43 24.40
CA LYS C 45 17.50 29.81 23.62
C LYS C 45 16.14 30.45 24.01
N TYR C 46 15.14 30.29 23.12
CA TYR C 46 13.74 30.64 23.41
C TYR C 46 13.15 29.69 24.47
N GLY C 47 12.23 30.22 25.31
CA GLY C 47 11.64 29.46 26.41
C GLY C 47 10.11 29.52 26.45
N PRO C 48 9.46 28.74 27.37
CA PRO C 48 7.98 28.73 27.57
C PRO C 48 7.41 30.08 28.08
N GLU C 49 6.28 30.52 27.50
CA GLU C 49 5.58 31.77 27.89
C GLU C 49 4.06 31.58 27.74
N ALA C 50 3.27 32.53 28.30
CA ALA C 50 1.80 32.60 28.16
C ALA C 50 1.07 31.53 28.99
N SER C 51 -0.27 31.68 29.07
CA SER C 51 -1.13 30.83 29.89
C SER C 51 -2.47 30.61 29.18
N ALA C 52 -3.36 29.83 29.81
CA ALA C 52 -4.68 29.50 29.28
C ALA C 52 -5.66 29.16 30.42
N PHE C 53 -5.19 28.32 31.36
CA PHE C 53 -6.02 27.72 32.43
C PHE C 53 -7.22 26.97 31.79
N THR C 54 -6.92 25.81 31.20
CA THR C 54 -7.92 24.94 30.57
C THR C 54 -7.65 23.48 30.96
N LYS C 55 -8.74 22.71 31.18
CA LYS C 55 -8.67 21.35 31.73
C LYS C 55 -9.86 20.49 31.22
N LYS C 56 -11.09 21.02 31.41
CA LYS C 56 -12.39 20.44 30.93
C LYS C 56 -12.89 19.25 31.80
N MET C 57 -11.96 18.45 32.36
CA MET C 57 -12.25 17.34 33.30
C MET C 57 -13.16 16.25 32.69
N VAL C 58 -12.78 15.78 31.50
CA VAL C 58 -13.45 14.67 30.78
C VAL C 58 -12.36 13.79 30.11
N GLU C 59 -12.78 12.75 29.37
CA GLU C 59 -11.86 11.90 28.57
C GLU C 59 -12.65 11.05 27.55
N ASN C 60 -12.02 10.84 26.37
CA ASN C 60 -12.45 9.85 25.38
C ASN C 60 -11.22 9.05 24.93
N ALA C 61 -11.43 7.76 24.61
CA ALA C 61 -10.38 6.85 24.12
C ALA C 61 -11.05 5.65 23.45
N LYS C 62 -11.14 5.67 22.11
CA LYS C 62 -11.75 4.57 21.31
C LYS C 62 -10.81 4.16 20.18
N LYS C 63 -10.95 2.90 19.72
CA LYS C 63 -10.06 2.30 18.71
C LYS C 63 -10.69 2.34 17.31
N ILE C 64 -9.87 1.97 16.31
CA ILE C 64 -10.26 1.90 14.89
C ILE C 64 -10.63 0.44 14.52
N GLU C 65 -10.74 0.17 13.20
CA GLU C 65 -10.96 -1.21 12.67
C GLU C 65 -10.47 -1.26 11.21
N VAL C 66 -10.26 -2.46 10.63
CA VAL C 66 -9.91 -2.63 9.21
C VAL C 66 -10.79 -3.74 8.60
N GLU C 67 -10.27 -5.00 8.60
CA GLU C 67 -10.94 -6.21 8.05
C GLU C 67 -11.61 -5.98 6.68
N PHE C 68 -10.77 -5.75 5.66
CA PHE C 68 -11.21 -5.59 4.27
C PHE C 68 -11.22 -6.96 3.58
N ASP C 69 -12.29 -7.25 2.82
CA ASP C 69 -12.43 -8.50 2.07
C ASP C 69 -11.56 -8.44 0.80
N LYS C 70 -10.67 -9.42 0.62
CA LYS C 70 -9.80 -9.52 -0.56
C LYS C 70 -9.68 -10.99 -0.98
N GLY C 71 -9.94 -11.25 -2.28
CA GLY C 71 -9.80 -12.57 -2.85
C GLY C 71 -9.81 -12.56 -4.37
N GLN C 72 -9.54 -13.73 -4.96
CA GLN C 72 -9.50 -13.92 -6.43
C GLN C 72 -9.64 -15.41 -6.75
N ARG C 73 -9.51 -15.77 -8.03
CA ARG C 73 -9.53 -17.16 -8.48
C ARG C 73 -8.27 -17.38 -9.37
N THR C 74 -8.31 -18.39 -10.26
CA THR C 74 -7.13 -18.85 -11.01
C THR C 74 -7.47 -19.14 -12.48
N ASP C 75 -6.43 -19.26 -13.31
CA ASP C 75 -6.54 -19.62 -14.74
C ASP C 75 -6.57 -21.16 -14.88
N LYS C 76 -6.79 -21.65 -16.11
CA LYS C 76 -6.89 -23.08 -16.42
C LYS C 76 -6.58 -23.31 -17.91
N TYR C 77 -5.47 -24.02 -18.20
CA TYR C 77 -4.99 -24.25 -19.58
C TYR C 77 -6.08 -24.86 -20.49
N GLY C 78 -6.22 -24.27 -21.68
CA GLY C 78 -7.11 -24.76 -22.72
C GLY C 78 -7.39 -23.71 -23.77
N ARG C 79 -7.75 -24.15 -24.99
CA ARG C 79 -8.25 -23.26 -26.06
C ARG C 79 -9.57 -23.83 -26.58
N GLY C 80 -10.19 -23.09 -27.52
CA GLY C 80 -11.40 -23.55 -28.20
C GLY C 80 -12.28 -22.40 -28.57
N LEU C 81 -12.74 -21.68 -27.53
CA LEU C 81 -13.65 -20.56 -27.67
C LEU C 81 -13.78 -19.88 -26.29
N ALA C 82 -12.96 -18.83 -26.08
CA ALA C 82 -12.95 -17.99 -24.87
C ALA C 82 -12.53 -18.77 -23.60
N TYR C 83 -11.20 -18.86 -23.40
CA TYR C 83 -10.55 -19.54 -22.25
C TYR C 83 -9.43 -18.65 -21.68
N ILE C 84 -9.31 -18.58 -20.34
CA ILE C 84 -8.17 -17.93 -19.62
C ILE C 84 -8.24 -16.39 -19.72
N TYR C 85 -9.04 -15.77 -18.83
CA TYR C 85 -9.07 -14.31 -18.57
C TYR C 85 -9.91 -14.05 -17.31
N ALA C 86 -11.19 -14.50 -17.34
CA ALA C 86 -12.16 -14.31 -16.25
C ALA C 86 -11.97 -15.36 -15.13
N ASP C 87 -13.02 -15.50 -14.27
CA ASP C 87 -13.00 -16.34 -13.06
C ASP C 87 -12.04 -15.73 -12.03
N GLY C 88 -12.59 -14.81 -11.19
CA GLY C 88 -11.84 -14.08 -10.16
C GLY C 88 -10.83 -13.06 -10.70
N LYS C 89 -10.93 -12.75 -12.01
CA LYS C 89 -9.95 -11.93 -12.74
C LYS C 89 -10.67 -11.09 -13.85
N MET C 90 -9.90 -10.76 -14.93
CA MET C 90 -10.35 -10.13 -16.19
C MET C 90 -10.38 -8.57 -16.08
N VAL C 91 -9.18 -8.01 -15.82
CA VAL C 91 -8.90 -6.56 -15.84
C VAL C 91 -7.43 -6.34 -16.29
N ASN C 92 -7.16 -5.31 -17.11
CA ASN C 92 -5.79 -4.94 -17.57
C ASN C 92 -5.77 -3.57 -18.31
N GLU C 93 -6.98 -2.99 -18.60
CA GLU C 93 -7.10 -1.72 -19.36
C GLU C 93 -8.31 -0.88 -18.91
N ALA C 94 -8.26 0.42 -19.24
CA ALA C 94 -9.40 1.37 -19.14
C ALA C 94 -10.08 1.53 -20.52
N LEU C 95 -11.27 2.16 -20.55
CA LEU C 95 -12.14 2.18 -21.76
C LEU C 95 -12.42 3.61 -22.27
N VAL C 96 -11.77 3.97 -23.41
CA VAL C 96 -12.07 5.18 -24.21
C VAL C 96 -11.83 4.86 -25.70
N ARG C 97 -12.73 5.40 -26.55
CA ARG C 97 -12.79 5.07 -27.99
C ARG C 97 -13.90 5.92 -28.66
N GLN C 98 -13.55 7.11 -29.18
CA GLN C 98 -14.52 8.07 -29.77
C GLN C 98 -14.55 7.97 -31.32
N GLY C 99 -15.51 8.69 -31.95
CA GLY C 99 -15.52 8.86 -33.42
C GLY C 99 -16.86 8.59 -34.12
N LEU C 100 -17.84 9.52 -33.97
CA LEU C 100 -19.08 9.56 -34.81
C LEU C 100 -19.92 10.82 -34.47
N ALA C 101 -20.72 10.72 -33.36
CA ALA C 101 -21.74 11.74 -32.96
C ALA C 101 -22.82 11.91 -34.07
N LYS C 102 -23.90 11.08 -34.01
CA LYS C 102 -24.93 11.03 -35.07
C LYS C 102 -26.05 12.03 -34.83
N VAL C 103 -26.05 13.11 -35.62
CA VAL C 103 -27.10 14.14 -35.64
C VAL C 103 -27.30 14.63 -37.09
N ALA C 104 -28.53 14.47 -37.62
CA ALA C 104 -28.89 14.88 -38.99
C ALA C 104 -30.42 14.87 -39.19
N TYR C 105 -30.91 15.77 -40.04
CA TYR C 105 -32.34 15.85 -40.44
C TYR C 105 -32.57 15.03 -41.71
N VAL C 106 -33.43 14.00 -41.62
CA VAL C 106 -33.82 13.18 -42.77
C VAL C 106 -35.21 13.61 -43.28
N TYR C 107 -35.43 13.40 -44.58
CA TYR C 107 -36.68 13.73 -45.28
C TYR C 107 -37.27 12.46 -45.87
N LYS C 108 -38.59 12.42 -46.03
CA LYS C 108 -39.30 11.23 -46.52
C LYS C 108 -40.66 11.68 -47.10
N PRO C 109 -40.71 12.02 -48.42
CA PRO C 109 -41.98 12.28 -49.14
C PRO C 109 -42.51 10.99 -49.84
N ASN C 110 -43.37 11.18 -50.85
CA ASN C 110 -43.92 10.07 -51.68
C ASN C 110 -44.47 10.63 -53.02
N ASN C 111 -45.27 9.82 -53.75
CA ASN C 111 -45.95 10.26 -54.98
C ASN C 111 -47.48 10.04 -54.84
N THR C 112 -48.24 10.54 -55.82
CA THR C 112 -49.69 10.28 -55.95
C THR C 112 -50.08 10.26 -57.44
N HIS C 113 -50.99 9.36 -57.80
CA HIS C 113 -51.52 9.19 -59.17
C HIS C 113 -53.00 8.76 -59.09
N GLU C 114 -53.81 9.24 -60.05
CA GLU C 114 -55.25 8.95 -60.11
C GLU C 114 -55.65 8.56 -61.55
N GLN C 115 -56.84 7.95 -61.69
CA GLN C 115 -57.37 7.49 -63.00
C GLN C 115 -58.88 7.76 -63.07
N HIS C 116 -59.30 8.55 -64.07
CA HIS C 116 -60.73 8.81 -64.37
C HIS C 116 -61.25 7.74 -65.34
N LEU C 117 -62.57 7.52 -65.35
CA LEU C 117 -63.23 6.61 -66.32
C LEU C 117 -64.74 6.90 -66.37
N ARG C 118 -65.32 6.81 -67.57
CA ARG C 118 -66.76 6.99 -67.83
C ARG C 118 -67.26 5.84 -68.72
N LYS C 119 -68.31 5.15 -68.26
CA LYS C 119 -68.96 4.07 -69.02
C LYS C 119 -70.18 4.68 -69.74
N SER C 120 -70.16 4.69 -71.08
CA SER C 120 -71.26 5.21 -71.91
C SER C 120 -72.37 4.17 -72.10
N GLU C 121 -73.61 4.64 -72.24
CA GLU C 121 -74.79 3.78 -72.45
C GLU C 121 -75.63 4.35 -73.63
N ALA C 122 -76.64 3.59 -74.06
CA ALA C 122 -77.53 3.97 -75.18
C ALA C 122 -78.86 3.21 -75.08
N GLN C 123 -79.85 3.65 -75.85
CA GLN C 123 -81.17 3.00 -75.93
C GLN C 123 -81.60 2.88 -77.39
N ALA C 124 -82.74 2.22 -77.62
CA ALA C 124 -83.29 1.97 -78.94
C ALA C 124 -84.82 1.90 -78.86
N LYS C 125 -85.49 2.42 -79.89
CA LYS C 125 -86.95 2.38 -79.98
C LYS C 125 -87.33 2.46 -81.47
N LYS C 126 -87.71 1.32 -82.05
CA LYS C 126 -88.22 1.22 -83.42
C LYS C 126 -89.70 0.85 -83.35
N GLU C 127 -90.52 1.43 -84.24
CA GLU C 127 -91.96 1.19 -84.32
C GLU C 127 -92.47 1.53 -85.73
N LYS C 128 -93.35 0.68 -86.25
CA LYS C 128 -94.08 0.92 -87.48
C LYS C 128 -95.33 0.02 -87.49
N LEU C 129 -96.51 0.66 -87.41
CA LEU C 129 -97.78 -0.05 -87.47
C LEU C 129 -98.06 -0.49 -88.92
N ASN C 130 -98.35 -1.79 -89.09
CA ASN C 130 -98.86 -2.31 -90.36
C ASN C 130 -100.27 -1.74 -90.60
N ILE C 131 -100.39 -0.90 -91.63
CA ILE C 131 -101.67 -0.29 -92.03
C ILE C 131 -102.65 -1.38 -92.52
N TRP C 132 -103.95 -1.08 -92.49
CA TRP C 132 -104.99 -2.03 -92.94
C TRP C 132 -104.85 -2.25 -94.46
N MET A 1 42.58 51.57 -14.80
CA MET A 1 43.29 52.32 -15.85
C MET A 1 44.16 51.39 -16.72
N LYS A 2 44.74 50.32 -16.11
CA LYS A 2 45.54 49.29 -16.82
C LYS A 2 45.81 48.10 -15.90
N GLY A 3 46.13 46.94 -16.51
CA GLY A 3 46.43 45.70 -15.77
C GLY A 3 46.03 44.45 -16.56
N GLN A 4 46.21 43.27 -15.94
CA GLN A 4 45.89 41.96 -16.56
C GLN A 4 45.02 41.13 -15.58
N GLU A 5 43.71 40.99 -15.88
CA GLU A 5 42.75 40.30 -14.99
C GLU A 5 42.76 38.78 -15.23
N THR A 6 42.68 38.02 -14.13
CA THR A 6 42.63 36.56 -14.16
C THR A 6 41.21 36.06 -14.49
N ARG A 7 41.05 35.43 -15.67
CA ARG A 7 39.85 34.64 -16.01
C ARG A 7 40.22 33.15 -15.96
N GLY A 8 39.36 32.36 -15.29
CA GLY A 8 39.61 30.94 -15.04
C GLY A 8 38.70 30.43 -13.94
N PHE A 9 37.41 30.22 -14.28
CA PHE A 9 36.33 29.91 -13.32
C PHE A 9 35.62 28.59 -13.70
N GLN A 10 34.39 28.37 -13.13
CA GLN A 10 33.48 27.26 -13.49
C GLN A 10 34.02 25.88 -13.05
N SER A 11 33.34 25.24 -12.09
CA SER A 11 33.60 23.87 -11.67
C SER A 11 32.35 23.27 -11.01
N GLU A 12 32.06 21.99 -11.32
CA GLU A 12 30.90 21.27 -10.74
C GLU A 12 31.25 20.61 -9.38
N VAL A 13 32.37 21.05 -8.78
CA VAL A 13 32.88 20.51 -7.52
C VAL A 13 31.90 20.78 -6.36
N LYS A 14 31.49 22.06 -6.23
CA LYS A 14 30.51 22.57 -5.23
C LYS A 14 31.09 22.52 -3.79
N GLN A 15 31.33 21.30 -3.27
CA GLN A 15 31.82 21.06 -1.89
C GLN A 15 33.17 21.81 -1.66
N LEU A 16 34.25 21.33 -2.29
CA LEU A 16 35.61 21.95 -2.16
C LEU A 16 35.60 23.38 -2.71
N LEU A 17 34.72 23.65 -3.69
CA LEU A 17 34.56 24.99 -4.28
C LEU A 17 34.09 26.01 -3.21
N HIS A 18 33.19 25.57 -2.30
CA HIS A 18 32.66 26.41 -1.21
C HIS A 18 33.68 26.50 -0.05
N LEU A 19 34.45 25.41 0.08
CA LEU A 19 35.51 25.26 1.08
C LEU A 19 36.63 26.31 0.84
N MET A 20 36.94 26.55 -0.45
CA MET A 20 38.01 27.48 -0.91
C MET A 20 37.83 28.90 -0.32
N ILE A 21 36.57 29.35 -0.25
CA ILE A 21 36.22 30.70 0.24
C ILE A 21 36.75 30.93 1.67
N HIS A 22 36.62 29.90 2.51
CA HIS A 22 36.95 29.98 3.94
C HIS A 22 38.26 29.25 4.29
N SER A 23 38.88 28.56 3.31
CA SER A 23 40.27 28.03 3.46
C SER A 23 41.27 29.17 3.20
N LEU A 24 40.79 30.24 2.53
CA LEU A 24 41.44 31.55 2.51
C LEU A 24 41.40 32.14 3.94
N TYR A 25 40.15 32.22 4.47
CA TYR A 25 39.82 32.61 5.86
C TYR A 25 40.23 34.08 6.16
N SER A 26 40.72 34.79 5.11
CA SER A 26 41.25 36.15 5.18
C SER A 26 42.47 36.24 6.14
N ASN A 27 43.11 35.10 6.46
CA ASN A 27 44.20 35.06 7.47
C ASN A 27 45.52 34.55 6.87
N LYS A 28 45.42 33.73 5.79
CA LYS A 28 46.57 33.08 5.08
C LYS A 28 47.14 31.89 5.88
N GLU A 29 47.61 32.21 7.11
CA GLU A 29 48.33 31.31 8.05
C GLU A 29 47.61 29.97 8.39
N ILE A 30 46.33 29.86 8.02
CA ILE A 30 45.53 28.61 8.15
C ILE A 30 46.23 27.41 7.44
N PHE A 31 47.09 27.72 6.43
CA PHE A 31 47.88 26.69 5.71
C PHE A 31 48.91 26.02 6.63
N LEU A 32 49.51 26.79 7.55
CA LEU A 32 50.51 26.26 8.50
C LEU A 32 49.86 25.23 9.43
N ARG A 33 48.62 25.54 9.89
CA ARG A 33 47.82 24.62 10.72
C ARG A 33 47.56 23.32 9.97
N GLU A 34 47.13 23.47 8.71
CA GLU A 34 46.74 22.36 7.86
C GLU A 34 47.93 21.42 7.56
N LEU A 35 49.01 21.98 7.01
CA LEU A 35 50.22 21.22 6.64
C LEU A 35 50.73 20.37 7.83
N ILE A 36 50.88 21.03 8.99
CA ILE A 36 51.36 20.33 10.21
C ILE A 36 50.29 19.34 10.73
N SER A 37 48.98 19.67 10.61
CA SER A 37 47.90 18.78 11.09
C SER A 37 47.80 17.52 10.20
N ASN A 38 48.19 17.66 8.92
CA ASN A 38 48.27 16.53 7.98
C ASN A 38 49.53 15.69 8.27
N ALA A 39 50.55 16.33 8.87
CA ALA A 39 51.82 15.67 9.25
C ALA A 39 51.64 14.92 10.59
N SER A 40 50.78 15.47 11.45
CA SER A 40 50.44 14.91 12.76
C SER A 40 49.50 13.72 12.58
N ASP A 41 48.59 13.86 11.61
CA ASP A 41 47.61 12.82 11.28
C ASP A 41 48.33 11.66 10.58
N ALA A 42 49.34 12.01 9.76
CA ALA A 42 50.24 11.04 9.10
C ALA A 42 51.11 10.30 10.14
N ALA A 43 51.53 11.01 11.20
CA ALA A 43 52.35 10.45 12.28
C ALA A 43 51.60 9.36 13.04
N ASP A 44 50.30 9.61 13.35
CA ASP A 44 49.46 8.63 14.06
C ASP A 44 49.08 7.45 13.13
N LYS A 45 49.01 7.70 11.80
CA LYS A 45 48.86 6.61 10.80
C LYS A 45 50.05 5.63 10.89
N LEU A 46 51.28 6.18 11.01
CA LEU A 46 52.51 5.38 11.09
C LEU A 46 52.51 4.49 12.33
N ARG A 47 52.03 5.05 13.45
CA ARG A 47 52.02 4.35 14.75
C ARG A 47 51.02 3.19 14.77
N PHE A 48 49.91 3.33 14.00
CA PHE A 48 48.95 2.24 13.80
C PHE A 48 49.54 1.15 12.90
N ARG A 49 50.16 1.58 11.79
CA ARG A 49 50.79 0.67 10.83
C ARG A 49 51.99 -0.05 11.48
N ALA A 50 52.58 0.60 12.49
CA ALA A 50 53.68 0.04 13.29
C ALA A 50 53.21 -1.15 14.14
N LEU A 51 51.95 -1.08 14.61
CA LEU A 51 51.29 -2.19 15.35
C LEU A 51 51.18 -3.44 14.47
N SER A 52 51.14 -3.23 13.14
CA SER A 52 50.96 -4.30 12.15
C SER A 52 52.26 -4.54 11.35
N ASN A 53 53.30 -3.70 11.59
CA ASN A 53 54.65 -3.81 10.99
C ASN A 53 55.58 -2.69 11.56
N PRO A 54 56.33 -2.95 12.67
CA PRO A 54 57.21 -1.91 13.31
C PRO A 54 58.46 -1.54 12.47
N ASP A 55 58.71 -2.31 11.40
CA ASP A 55 59.83 -2.12 10.46
C ASP A 55 59.70 -0.79 9.70
N LEU A 56 58.47 -0.24 9.69
CA LEU A 56 58.13 1.04 9.04
C LEU A 56 58.82 2.25 9.72
N TYR A 57 59.40 2.05 10.92
CA TYR A 57 60.17 3.10 11.61
C TYR A 57 61.57 3.30 11.01
N GLU A 58 62.01 2.41 10.10
CA GLU A 58 63.25 2.58 9.29
C GLU A 58 64.54 2.72 10.17
N GLY A 59 64.44 2.43 11.48
CA GLY A 59 65.48 2.77 12.46
C GLY A 59 65.13 4.05 13.24
N ASP A 60 64.51 5.03 12.56
CA ASP A 60 64.09 6.32 13.15
C ASP A 60 62.71 6.18 13.83
N GLY A 61 62.70 5.99 15.16
CA GLY A 61 61.47 5.84 15.93
C GLY A 61 60.89 7.18 16.42
N GLU A 62 61.73 8.24 16.40
CA GLU A 62 61.36 9.57 16.87
C GLU A 62 60.58 10.35 15.79
N LEU A 63 59.24 10.41 15.94
CA LEU A 63 58.38 11.14 15.01
C LEU A 63 58.32 12.63 15.39
N ARG A 64 58.68 13.50 14.43
CA ARG A 64 58.54 14.96 14.56
C ARG A 64 58.26 15.58 13.17
N VAL A 65 58.07 16.91 13.14
CA VAL A 65 57.91 17.69 11.90
C VAL A 65 58.72 18.98 12.02
N ARG A 66 59.27 19.47 10.89
CA ARG A 66 60.31 20.52 10.89
C ARG A 66 60.06 21.54 9.79
N VAL A 67 59.74 22.77 10.21
CA VAL A 67 59.56 23.93 9.33
C VAL A 67 60.93 24.61 9.12
N SER A 68 61.12 25.19 7.94
CA SER A 68 62.34 25.92 7.54
C SER A 68 61.93 27.11 6.68
N PHE A 69 62.79 28.13 6.53
CA PHE A 69 62.48 29.32 5.71
C PHE A 69 63.75 29.92 5.10
N ASP A 70 63.62 30.57 3.93
CA ASP A 70 64.77 31.16 3.20
C ASP A 70 64.36 32.52 2.61
N LYS A 71 65.27 33.51 2.71
CA LYS A 71 65.04 34.90 2.27
C LYS A 71 65.30 35.06 0.76
N ASP A 72 66.31 34.34 0.26
CA ASP A 72 66.80 34.47 -1.13
C ASP A 72 65.93 33.67 -2.10
N LYS A 73 65.48 32.50 -1.65
CA LYS A 73 64.67 31.57 -2.45
C LYS A 73 63.17 31.81 -2.23
N ARG A 74 62.84 32.48 -1.10
CA ARG A 74 61.47 32.72 -0.64
C ARG A 74 60.72 31.39 -0.40
N THR A 75 61.46 30.37 0.06
CA THR A 75 60.91 29.02 0.27
C THR A 75 60.67 28.76 1.76
N LEU A 76 59.43 28.38 2.09
CA LEU A 76 59.03 27.93 3.43
C LEU A 76 58.79 26.42 3.33
N THR A 77 59.64 25.62 4.00
CA THR A 77 59.71 24.17 3.83
C THR A 77 59.25 23.45 5.13
N ILE A 78 58.02 22.89 5.12
CA ILE A 78 57.47 22.10 6.24
C ILE A 78 57.65 20.60 5.88
N SER A 79 58.43 19.89 6.71
CA SER A 79 58.88 18.52 6.40
C SER A 79 58.73 17.59 7.63
N ASP A 80 57.82 16.59 7.53
CA ASP A 80 57.65 15.57 8.57
C ASP A 80 58.45 14.30 8.23
N ASN A 81 58.76 13.52 9.26
CA ASN A 81 59.34 12.17 9.10
C ASN A 81 58.33 11.12 9.60
N GLY A 82 57.03 11.44 9.45
CA GLY A 82 55.93 10.54 9.81
C GLY A 82 55.80 9.34 8.87
N VAL A 83 54.56 8.96 8.48
CA VAL A 83 54.35 7.82 7.58
C VAL A 83 54.77 8.17 6.14
N GLY A 84 54.60 9.45 5.76
CA GLY A 84 54.79 9.88 4.37
C GLY A 84 53.69 9.35 3.46
N MET A 85 53.85 9.50 2.15
CA MET A 85 52.88 8.98 1.17
C MET A 85 53.59 8.12 0.12
N THR A 86 53.03 6.92 -0.14
CA THR A 86 53.48 6.04 -1.22
C THR A 86 53.07 6.63 -2.58
N ARG A 87 53.48 5.94 -3.67
CA ARG A 87 53.05 6.24 -5.06
C ARG A 87 51.52 6.44 -5.12
N ASP A 88 50.83 5.42 -4.62
CA ASP A 88 49.36 5.34 -4.60
C ASP A 88 48.76 6.40 -3.66
N GLU A 89 49.41 6.57 -2.49
CA GLU A 89 48.91 7.46 -1.43
C GLU A 89 48.97 8.95 -1.85
N VAL A 90 49.87 9.28 -2.80
CA VAL A 90 49.96 10.63 -3.40
C VAL A 90 48.86 10.82 -4.46
N ILE A 91 48.77 9.86 -5.41
CA ILE A 91 47.84 9.97 -6.57
C ILE A 91 46.35 10.00 -6.10
N ASP A 92 45.99 9.06 -5.21
CA ASP A 92 44.61 8.91 -4.68
C ASP A 92 44.20 10.06 -3.73
N HIS A 93 45.18 10.85 -3.25
CA HIS A 93 44.91 11.98 -2.32
C HIS A 93 45.21 13.33 -2.99
N LEU A 94 46.51 13.69 -3.08
CA LEU A 94 46.95 15.00 -3.62
C LEU A 94 46.52 15.16 -5.09
N GLY A 95 46.76 14.10 -5.88
CA GLY A 95 46.45 14.09 -7.30
C GLY A 95 44.97 14.28 -7.60
N THR A 96 44.11 13.66 -6.77
CA THR A 96 42.64 13.72 -6.96
C THR A 96 42.06 15.08 -6.48
N ILE A 97 42.84 15.84 -5.67
CA ILE A 97 42.42 17.17 -5.20
C ILE A 97 42.68 18.23 -6.27
N ALA A 98 43.83 18.10 -6.97
CA ALA A 98 44.21 19.00 -8.07
C ALA A 98 43.29 18.79 -9.29
N LYS A 99 43.57 17.74 -10.09
CA LYS A 99 42.71 17.36 -11.23
C LYS A 99 42.21 15.91 -11.03
N SER A 100 40.87 15.69 -11.12
CA SER A 100 40.27 14.34 -11.14
C SER A 100 38.77 14.44 -11.52
N GLY A 101 37.94 14.75 -10.52
CA GLY A 101 36.50 14.85 -10.71
C GLY A 101 35.73 13.94 -9.77
N THR A 102 36.09 13.98 -8.47
CA THR A 102 35.51 13.08 -7.44
C THR A 102 33.99 13.29 -7.25
N LYS A 103 33.50 14.48 -7.68
CA LYS A 103 32.07 14.86 -7.71
C LYS A 103 31.52 15.05 -6.28
N SER A 104 31.16 13.94 -5.63
CA SER A 104 30.66 13.93 -4.24
C SER A 104 31.20 12.67 -3.54
N PHE A 105 30.92 11.49 -4.13
CA PHE A 105 31.41 10.18 -3.63
C PHE A 105 32.15 9.38 -4.70
N LEU A 106 32.06 9.84 -5.98
CA LEU A 106 32.58 9.14 -7.20
C LEU A 106 31.75 9.65 -8.39
N GLU A 107 32.40 9.85 -9.55
CA GLU A 107 31.73 10.32 -10.78
C GLU A 107 31.02 9.18 -11.55
N SER A 108 31.54 7.93 -11.45
CA SER A 108 30.95 6.75 -12.13
C SER A 108 29.73 6.18 -11.35
N LEU A 109 30.00 5.51 -10.21
CA LEU A 109 28.99 4.76 -9.42
C LEU A 109 28.43 5.64 -8.29
N GLY A 110 29.31 6.41 -7.60
CA GLY A 110 28.89 7.29 -6.51
C GLY A 110 28.95 6.65 -5.13
N SER A 111 30.06 5.92 -4.84
CA SER A 111 30.27 5.29 -3.51
C SER A 111 31.74 4.87 -3.29
N ASP A 112 32.41 4.36 -4.34
CA ASP A 112 33.80 3.84 -4.23
C ASP A 112 34.78 4.89 -3.68
N GLN A 113 34.84 6.04 -4.36
CA GLN A 113 35.75 7.15 -4.00
C GLN A 113 35.24 7.97 -2.80
N ALA A 114 34.19 7.51 -2.07
CA ALA A 114 33.55 8.29 -0.98
C ALA A 114 34.50 8.62 0.20
N LYS A 115 35.71 8.07 0.14
CA LYS A 115 36.80 8.44 1.05
C LYS A 115 37.64 9.58 0.41
N ASP A 116 36.95 10.46 -0.34
CA ASP A 116 37.54 11.66 -0.97
C ASP A 116 37.21 12.86 -0.10
N SER A 117 36.00 12.86 0.47
CA SER A 117 35.48 13.95 1.30
C SER A 117 36.31 14.13 2.60
N GLN A 118 36.97 13.03 3.05
CA GLN A 118 37.88 13.04 4.21
C GLN A 118 39.22 13.74 3.87
N LEU A 119 39.81 13.38 2.70
CA LEU A 119 41.14 13.92 2.28
C LEU A 119 41.00 15.35 1.69
N ILE A 120 39.83 15.67 1.14
CA ILE A 120 39.49 17.03 0.66
C ILE A 120 39.15 17.92 1.88
N GLY A 121 38.47 17.31 2.87
CA GLY A 121 38.14 17.98 4.13
C GLY A 121 39.35 18.42 4.95
N GLN A 122 40.51 17.75 4.74
CA GLN A 122 41.77 18.13 5.41
C GLN A 122 42.78 18.70 4.37
N PHE A 123 43.36 17.82 3.52
CA PHE A 123 44.44 18.20 2.56
C PHE A 123 43.93 19.21 1.51
N GLY A 124 42.61 19.15 1.19
CA GLY A 124 41.99 20.08 0.23
C GLY A 124 41.91 21.51 0.75
N VAL A 125 41.75 21.66 2.08
CA VAL A 125 41.83 22.97 2.76
C VAL A 125 43.26 23.50 2.62
N GLY A 126 44.22 22.63 2.98
CA GLY A 126 45.64 22.94 2.93
C GLY A 126 46.17 23.22 1.53
N PHE A 127 45.49 22.66 0.51
CA PHE A 127 45.85 22.86 -0.91
C PHE A 127 45.68 24.34 -1.28
N TYR A 128 44.43 24.83 -1.18
CA TYR A 128 44.06 26.20 -1.59
C TYR A 128 44.83 27.26 -0.77
N SER A 129 44.82 27.07 0.57
CA SER A 129 45.43 28.01 1.52
C SER A 129 46.94 28.14 1.30
N ALA A 130 47.62 26.99 1.02
CA ALA A 130 49.05 26.96 0.70
C ALA A 130 49.34 27.82 -0.53
N PHE A 131 48.56 27.62 -1.60
CA PHE A 131 48.76 28.33 -2.89
C PHE A 131 48.28 29.80 -2.85
N ILE A 132 47.70 30.25 -1.72
CA ILE A 132 47.40 31.69 -1.49
C ILE A 132 48.70 32.46 -1.17
N VAL A 133 49.56 31.84 -0.36
CA VAL A 133 50.85 32.44 0.03
C VAL A 133 51.97 31.91 -0.88
N ALA A 134 51.77 30.75 -1.48
CA ALA A 134 52.80 30.07 -2.29
C ALA A 134 52.48 30.22 -3.78
N ASP A 135 53.53 30.57 -4.52
CA ASP A 135 53.51 30.64 -5.98
C ASP A 135 53.47 29.22 -6.55
N LYS A 136 54.40 28.38 -6.08
CA LYS A 136 54.55 26.99 -6.54
C LYS A 136 54.99 26.11 -5.36
N VAL A 137 54.21 25.04 -5.08
CA VAL A 137 54.51 24.07 -3.99
C VAL A 137 55.10 22.78 -4.58
N THR A 138 56.11 22.21 -3.88
CA THR A 138 56.82 21.00 -4.28
C THR A 138 56.81 19.99 -3.12
N VAL A 139 56.07 18.89 -3.28
CA VAL A 139 56.01 17.80 -2.31
C VAL A 139 56.97 16.67 -2.74
N ARG A 140 58.06 16.50 -1.98
CA ARG A 140 58.99 15.37 -2.15
C ARG A 140 58.89 14.47 -0.92
N THR A 141 58.17 13.36 -1.06
CA THR A 141 57.93 12.40 0.04
C THR A 141 58.65 11.07 -0.23
N ARG A 142 58.63 10.19 0.79
CA ARG A 142 59.05 8.79 0.69
C ARG A 142 58.46 8.08 1.91
N ALA A 143 57.47 7.21 1.67
CA ALA A 143 56.71 6.56 2.74
C ALA A 143 57.51 5.47 3.45
N ALA A 144 56.99 5.11 4.62
CA ALA A 144 57.53 4.06 5.47
C ALA A 144 57.38 2.67 4.81
N GLY A 145 58.46 1.88 4.83
CA GLY A 145 58.47 0.55 4.22
C GLY A 145 58.85 0.57 2.75
N GLU A 146 58.68 1.73 2.09
CA GLU A 146 59.16 1.97 0.73
C GLU A 146 60.68 2.10 0.74
N LYS A 147 61.34 1.59 -0.31
CA LYS A 147 62.78 1.81 -0.54
C LYS A 147 63.01 3.31 -0.82
N PRO A 148 64.25 3.86 -0.61
CA PRO A 148 64.56 5.27 -0.98
C PRO A 148 64.20 5.58 -2.45
N GLU A 149 64.45 4.59 -3.35
CA GLU A 149 64.09 4.66 -4.79
C GLU A 149 62.58 4.89 -4.98
N ASN A 150 61.79 4.37 -4.02
CA ASN A 150 60.32 4.48 -4.03
C ASN A 150 59.85 5.77 -3.32
N GLY A 151 60.68 6.83 -3.42
CA GLY A 151 60.23 8.19 -3.12
C GLY A 151 59.27 8.70 -4.18
N VAL A 152 58.41 9.67 -3.83
CA VAL A 152 57.43 10.23 -4.77
C VAL A 152 57.59 11.75 -4.84
N PHE A 153 57.44 12.26 -6.05
CA PHE A 153 57.48 13.68 -6.36
C PHE A 153 56.09 14.10 -6.83
N TRP A 154 55.61 15.20 -6.27
CA TRP A 154 54.37 15.86 -6.66
C TRP A 154 54.64 17.36 -6.66
N GLU A 155 54.12 18.07 -7.66
CA GLU A 155 54.38 19.51 -7.80
C GLU A 155 53.31 20.13 -8.71
N SER A 156 52.94 21.39 -8.43
CA SER A 156 52.02 22.18 -9.26
C SER A 156 52.12 23.68 -8.94
N ALA A 157 51.58 24.51 -9.85
CA ALA A 157 51.46 25.97 -9.69
C ALA A 157 50.10 26.33 -9.05
N GLY A 158 49.34 25.31 -8.60
CA GLY A 158 48.05 25.50 -7.94
C GLY A 158 46.85 25.50 -8.88
N GLU A 159 47.12 25.34 -10.19
CA GLU A 159 46.08 25.31 -11.23
C GLU A 159 45.39 23.92 -11.31
N GLY A 160 44.56 23.69 -12.35
CA GLY A 160 43.83 22.42 -12.52
C GLY A 160 44.70 21.32 -13.12
N GLU A 161 45.89 21.12 -12.54
CA GLU A 161 46.93 20.22 -13.06
C GLU A 161 47.87 19.81 -11.92
N TYR A 162 48.62 18.71 -12.14
CA TYR A 162 49.63 18.22 -11.20
C TYR A 162 50.63 17.30 -11.93
N THR A 163 51.92 17.48 -11.61
CA THR A 163 52.99 16.57 -12.05
C THR A 163 53.30 15.61 -10.90
N VAL A 164 53.17 14.30 -11.17
CA VAL A 164 53.52 13.25 -10.21
C VAL A 164 54.37 12.17 -10.91
N ALA A 165 55.50 11.81 -10.28
CA ALA A 165 56.43 10.74 -10.73
C ALA A 165 57.34 10.33 -9.57
N ASP A 166 57.98 9.17 -9.68
CA ASP A 166 58.88 8.63 -8.62
C ASP A 166 60.26 9.33 -8.62
N ILE A 167 60.82 9.53 -7.41
CA ILE A 167 62.19 10.03 -7.17
C ILE A 167 62.85 9.20 -6.07
N THR A 168 64.08 9.57 -5.69
CA THR A 168 64.84 8.87 -4.63
C THR A 168 65.08 9.80 -3.42
N LYS A 169 64.68 9.36 -2.21
CA LYS A 169 64.93 10.08 -0.94
C LYS A 169 65.02 9.07 0.22
N GLU A 170 66.21 8.96 0.84
CA GLU A 170 66.50 7.99 1.90
C GLU A 170 65.72 8.31 3.18
N ASP A 171 65.46 9.61 3.39
CA ASP A 171 64.66 10.09 4.52
C ASP A 171 63.19 9.64 4.39
N ARG A 172 62.63 9.15 5.50
CA ARG A 172 61.20 8.79 5.57
C ARG A 172 60.36 10.07 5.79
N GLY A 173 59.08 10.02 5.38
CA GLY A 173 58.16 11.14 5.59
C GLY A 173 58.11 12.07 4.40
N THR A 174 57.46 13.23 4.58
CA THR A 174 57.16 14.17 3.49
C THR A 174 57.94 15.48 3.68
N GLU A 175 58.35 16.09 2.57
CA GLU A 175 59.04 17.39 2.55
C GLU A 175 58.31 18.31 1.58
N ILE A 176 57.59 19.31 2.11
CA ILE A 176 56.78 20.24 1.32
C ILE A 176 57.49 21.61 1.27
N THR A 177 58.10 21.92 0.11
CA THR A 177 58.82 23.17 -0.14
C THR A 177 57.90 24.14 -0.90
N LEU A 178 57.35 25.11 -0.17
CA LEU A 178 56.47 26.14 -0.74
C LEU A 178 57.31 27.34 -1.17
N HIS A 179 57.51 27.51 -2.47
CA HIS A 179 58.05 28.77 -3.02
C HIS A 179 56.98 29.85 -2.86
N LEU A 180 57.09 30.64 -1.79
CA LEU A 180 56.17 31.77 -1.52
C LEU A 180 56.27 32.84 -2.62
N ARG A 181 55.16 33.55 -2.84
CA ARG A 181 55.05 34.63 -3.82
C ARG A 181 55.83 35.86 -3.34
N GLU A 182 56.24 36.73 -4.28
CA GLU A 182 56.92 37.98 -3.94
C GLU A 182 55.96 38.95 -3.28
N GLY A 183 56.18 39.16 -1.98
CA GLY A 183 55.30 39.93 -1.10
C GLY A 183 54.83 39.11 0.10
N GLU A 184 54.86 37.77 0.00
CA GLU A 184 54.38 36.84 1.08
C GLU A 184 55.53 36.50 2.05
N ASP A 185 56.37 37.51 2.31
CA ASP A 185 57.60 37.38 3.11
C ASP A 185 57.31 37.34 4.63
N GLU A 186 56.04 37.51 5.01
CA GLU A 186 55.59 37.43 6.42
C GLU A 186 55.95 36.07 7.03
N PHE A 187 55.76 35.01 6.23
CA PHE A 187 55.99 33.62 6.65
C PHE A 187 57.45 33.19 6.40
N LEU A 188 58.33 34.18 6.15
CA LEU A 188 59.79 33.98 6.07
C LEU A 188 60.49 34.65 7.27
N ASP A 189 59.72 35.30 8.16
CA ASP A 189 60.27 35.96 9.36
C ASP A 189 60.16 35.03 10.56
N ASP A 190 61.32 34.67 11.16
CA ASP A 190 61.46 33.65 12.24
C ASP A 190 60.44 33.85 13.39
N TRP A 191 60.36 35.08 13.90
CA TRP A 191 59.46 35.43 15.02
C TRP A 191 57.99 35.16 14.66
N ARG A 192 57.59 35.57 13.44
CA ARG A 192 56.22 35.41 12.94
C ARG A 192 55.87 33.94 12.80
N VAL A 193 56.77 33.19 12.13
CA VAL A 193 56.60 31.75 11.88
C VAL A 193 56.33 31.03 13.20
N ARG A 194 57.27 31.17 14.17
CA ARG A 194 57.20 30.49 15.48
C ARG A 194 55.86 30.75 16.21
N SER A 195 55.44 32.02 16.32
CA SER A 195 54.20 32.40 17.05
C SER A 195 52.95 31.69 16.47
N ILE A 196 52.86 31.75 15.13
CA ILE A 196 51.74 31.15 14.39
C ILE A 196 51.76 29.62 14.55
N ILE A 197 52.98 29.04 14.52
CA ILE A 197 53.19 27.61 14.75
C ILE A 197 52.82 27.24 16.21
N SER A 198 53.05 28.15 17.20
CA SER A 198 52.75 27.88 18.65
C SER A 198 51.26 27.57 18.81
N LYS A 199 50.43 28.47 18.25
CA LYS A 199 48.96 28.39 18.40
C LYS A 199 48.34 27.19 17.65
N TYR A 200 49.16 26.45 16.86
CA TYR A 200 48.70 25.28 16.09
C TYR A 200 49.33 24.00 16.66
N SER A 201 50.62 24.08 16.98
CA SER A 201 51.45 22.92 17.36
C SER A 201 51.03 22.39 18.73
N ASP A 202 50.51 23.30 19.58
CA ASP A 202 50.05 22.96 20.94
C ASP A 202 48.85 22.01 20.95
N HIS A 203 48.04 22.00 19.86
CA HIS A 203 46.93 21.03 19.75
C HIS A 203 47.40 19.76 19.01
N ILE A 204 48.72 19.65 18.84
CA ILE A 204 49.34 18.59 18.05
C ILE A 204 50.35 17.82 18.94
N ALA A 205 50.24 16.48 18.93
CA ALA A 205 51.09 15.58 19.74
C ALA A 205 52.38 15.20 18.98
N LEU A 206 52.87 16.11 18.13
CA LEU A 206 54.03 15.88 17.27
C LEU A 206 54.99 17.09 17.40
N PRO A 207 56.22 16.91 18.01
CA PRO A 207 57.19 18.02 18.22
C PRO A 207 57.55 18.76 16.90
N VAL A 208 56.96 19.94 16.71
CA VAL A 208 57.25 20.80 15.55
C VAL A 208 58.45 21.68 15.88
N GLU A 209 59.45 21.70 14.98
CA GLU A 209 60.72 22.44 15.17
C GLU A 209 60.89 23.46 14.02
N ILE A 210 61.76 24.46 14.21
CA ILE A 210 62.04 25.48 13.18
C ILE A 210 63.56 25.56 12.93
N GLU A 211 63.95 25.71 11.66
CA GLU A 211 65.36 25.90 11.32
C GLU A 211 65.80 27.32 11.66
N LYS A 212 66.35 27.48 12.87
CA LYS A 212 67.06 28.69 13.25
C LYS A 212 68.54 28.46 12.95
N ARG A 213 69.03 29.07 11.86
CA ARG A 213 70.43 28.93 11.44
C ARG A 213 71.11 30.31 11.48
N GLU A 214 72.35 30.34 11.99
CA GLU A 214 73.18 31.55 12.00
C GLU A 214 74.28 31.40 10.95
N GLU A 215 74.15 32.13 9.85
CA GLU A 215 75.16 32.19 8.78
C GLU A 215 76.32 33.10 9.26
N LYS A 216 77.27 32.50 10.00
CA LYS A 216 78.48 33.18 10.47
C LYS A 216 79.72 32.59 9.77
N ASP A 217 80.83 33.34 9.77
CA ASP A 217 82.07 32.95 9.03
C ASP A 217 82.69 31.67 9.64
N GLY A 218 82.54 30.55 8.91
CA GLY A 218 83.01 29.25 9.39
C GLY A 218 81.96 28.52 10.23
N GLU A 219 80.98 29.28 10.78
CA GLU A 219 79.94 28.76 11.69
C GLU A 219 78.54 28.94 11.09
N THR A 220 78.16 28.04 10.17
CA THR A 220 76.80 28.01 9.61
C THR A 220 75.97 27.05 10.47
N VAL A 221 75.54 27.56 11.64
CA VAL A 221 75.01 26.70 12.73
C VAL A 221 73.51 26.52 12.53
N ILE A 222 73.09 25.31 12.16
CA ILE A 222 71.69 24.94 11.95
C ILE A 222 71.18 24.17 13.18
N SER A 223 70.26 24.78 13.94
CA SER A 223 69.60 24.15 15.09
C SER A 223 68.09 24.24 14.91
N TRP A 224 67.39 23.23 15.45
CA TRP A 224 65.93 23.12 15.28
C TRP A 224 65.25 23.35 16.64
N GLU A 225 64.56 24.51 16.74
CA GLU A 225 63.93 24.97 17.98
C GLU A 225 62.48 24.49 18.01
N LYS A 226 62.15 23.63 18.98
CA LYS A 226 60.80 23.06 19.11
C LYS A 226 59.81 24.15 19.56
N ILE A 227 58.86 24.49 18.68
CA ILE A 227 57.77 25.43 18.99
C ILE A 227 56.64 24.69 19.72
N ASN A 228 56.56 23.37 19.50
CA ASN A 228 55.55 22.54 20.16
C ASN A 228 56.06 22.17 21.54
N LYS A 229 55.26 22.55 22.57
CA LYS A 229 55.51 22.19 23.97
C LYS A 229 55.52 20.65 24.17
N ALA A 230 54.90 19.93 23.19
CA ALA A 230 55.05 18.49 22.97
C ALA A 230 54.32 17.66 24.03
N GLN A 231 53.00 17.56 23.85
CA GLN A 231 52.13 16.73 24.68
C GLN A 231 50.78 16.57 23.97
N ALA A 232 50.17 15.39 24.12
CA ALA A 232 48.83 15.10 23.59
C ALA A 232 47.78 15.97 24.31
N LEU A 233 46.97 16.71 23.52
CA LEU A 233 45.96 17.66 24.06
C LEU A 233 44.99 16.95 25.01
N TRP A 234 44.46 15.79 24.58
CA TRP A 234 43.47 15.06 25.34
C TRP A 234 44.03 14.60 26.71
N THR A 235 45.34 14.23 26.76
CA THR A 235 45.97 13.77 28.01
C THR A 235 46.42 14.96 28.89
N ARG A 236 46.53 16.19 28.30
CA ARG A 236 46.75 17.45 29.08
C ARG A 236 45.53 17.76 29.97
N ASN A 237 45.76 18.58 31.01
CA ASN A 237 44.68 19.09 31.90
C ASN A 237 44.02 20.34 31.27
N LYS A 238 42.70 20.47 31.48
CA LYS A 238 41.86 21.55 30.92
C LYS A 238 42.36 22.94 31.32
N SER A 239 42.96 23.03 32.52
CA SER A 239 43.52 24.26 33.06
C SER A 239 44.68 24.80 32.19
N GLU A 240 45.53 23.87 31.68
CA GLU A 240 46.71 24.25 30.87
C GLU A 240 46.31 24.45 29.39
N ILE A 241 45.21 23.79 28.95
CA ILE A 241 44.71 23.89 27.53
C ILE A 241 43.91 25.18 27.32
N THR A 242 44.23 25.93 26.22
CA THR A 242 43.50 27.16 25.86
C THR A 242 42.30 26.86 24.94
N ASP A 243 41.45 27.88 24.74
CA ASP A 243 40.20 27.80 23.95
C ASP A 243 40.49 27.47 22.47
N GLU A 244 41.50 28.15 21.93
CA GLU A 244 41.93 28.01 20.51
C GLU A 244 42.45 26.60 20.26
N GLU A 245 43.13 26.04 21.27
CA GLU A 245 43.77 24.73 21.21
C GLU A 245 42.69 23.66 20.94
N TYR A 246 41.57 23.72 21.72
CA TYR A 246 40.40 22.84 21.53
C TYR A 246 39.79 22.96 20.12
N LYS A 247 39.37 24.19 19.77
CA LYS A 247 38.58 24.46 18.54
C LYS A 247 39.35 24.13 17.26
N GLU A 248 40.65 24.37 17.29
CA GLU A 248 41.55 24.14 16.15
C GLU A 248 41.91 22.63 16.08
N PHE A 249 41.90 21.95 17.25
CA PHE A 249 42.12 20.48 17.35
C PHE A 249 40.97 19.70 16.73
N TYR A 250 39.75 20.25 16.88
CA TYR A 250 38.55 19.70 16.23
C TYR A 250 38.78 19.50 14.72
N LYS A 251 39.42 20.49 14.11
CA LYS A 251 39.65 20.55 12.66
C LYS A 251 40.61 19.45 12.20
N HIS A 252 41.54 19.07 13.10
CA HIS A 252 42.45 17.93 12.90
C HIS A 252 41.68 16.60 12.98
N ILE A 253 41.02 16.36 14.13
CA ILE A 253 40.42 15.05 14.47
C ILE A 253 39.15 14.74 13.67
N ALA A 254 38.55 15.78 13.09
CA ALA A 254 37.33 15.66 12.28
C ALA A 254 37.66 15.47 10.80
N HIS A 255 38.89 15.90 10.38
CA HIS A 255 39.26 16.08 8.97
C HIS A 255 38.35 17.16 8.34
N ASP A 256 38.34 18.32 9.01
CA ASP A 256 37.60 19.53 8.59
C ASP A 256 38.48 20.78 8.82
N PHE A 257 37.84 21.95 8.74
CA PHE A 257 38.45 23.24 9.10
C PHE A 257 37.39 24.15 9.78
N ASN A 258 36.21 23.56 10.09
CA ASN A 258 35.07 24.28 10.69
C ASN A 258 35.30 24.50 12.19
N ASP A 259 34.86 25.66 12.72
CA ASP A 259 34.94 25.97 14.17
C ASP A 259 33.71 25.40 14.91
N PRO A 260 33.91 24.59 16.02
CA PRO A 260 32.79 23.98 16.77
C PRO A 260 32.08 24.96 17.72
N LEU A 261 30.80 24.66 18.03
CA LEU A 261 29.95 25.45 18.94
C LEU A 261 30.37 25.24 20.42
N THR A 262 30.40 23.96 20.85
CA THR A 262 30.73 23.56 22.23
C THR A 262 31.49 22.23 22.20
N TRP A 263 31.99 21.81 23.38
CA TRP A 263 32.73 20.56 23.56
C TRP A 263 32.62 20.06 25.00
N SER A 264 33.18 18.88 25.24
CA SER A 264 33.35 18.31 26.59
C SER A 264 34.69 17.57 26.62
N HIS A 265 35.56 17.97 27.56
CA HIS A 265 36.84 17.31 27.79
C HIS A 265 36.73 16.63 29.16
N ASN A 266 36.51 15.32 29.13
CA ASN A 266 36.24 14.54 30.34
C ASN A 266 37.22 13.36 30.36
N ARG A 267 37.79 13.08 31.54
CA ARG A 267 38.68 11.93 31.70
C ARG A 267 37.98 10.88 32.58
N VAL A 268 38.08 9.61 32.16
CA VAL A 268 37.62 8.46 32.95
C VAL A 268 38.85 7.57 33.23
N GLU A 269 38.91 6.99 34.42
CA GLU A 269 40.09 6.26 34.91
C GLU A 269 39.68 5.12 35.86
N GLY A 270 40.68 4.35 36.34
CA GLY A 270 40.44 3.17 37.19
C GLY A 270 40.69 1.88 36.42
N LYS A 271 39.65 1.08 36.18
CA LYS A 271 39.73 -0.06 35.27
C LYS A 271 39.65 0.47 33.83
N GLN A 272 38.49 1.04 33.48
CA GLN A 272 38.25 1.62 32.17
C GLN A 272 38.82 3.03 32.12
N GLU A 273 40.14 3.09 31.86
CA GLU A 273 40.84 4.35 31.66
C GLU A 273 40.69 4.74 30.19
N TYR A 274 39.93 5.81 29.94
CA TYR A 274 39.79 6.40 28.61
C TYR A 274 39.52 7.89 28.73
N THR A 275 40.23 8.68 27.94
CA THR A 275 40.02 10.13 27.87
C THR A 275 39.10 10.46 26.70
N SER A 276 37.96 11.07 26.99
CA SER A 276 36.95 11.42 25.99
C SER A 276 37.00 12.93 25.73
N LEU A 277 37.01 13.29 24.44
CA LEU A 277 37.03 14.69 23.99
C LEU A 277 36.15 14.82 22.73
N LEU A 278 34.91 15.25 22.95
CA LEU A 278 33.86 15.29 21.91
C LEU A 278 33.47 16.75 21.63
N TYR A 279 33.17 17.08 20.37
CA TYR A 279 32.80 18.45 19.93
C TYR A 279 31.44 18.44 19.21
N ILE A 280 30.78 19.61 19.20
CA ILE A 280 29.54 19.87 18.44
C ILE A 280 29.90 20.73 17.20
N PRO A 281 29.74 20.19 15.95
CA PRO A 281 29.94 20.99 14.71
C PRO A 281 28.88 22.11 14.56
N SER A 282 29.30 23.23 13.96
CA SER A 282 28.42 24.38 13.66
C SER A 282 27.54 24.10 12.42
N GLN A 283 28.06 23.25 11.53
CA GLN A 283 27.39 22.88 10.27
C GLN A 283 27.27 21.36 10.21
N ALA A 284 26.26 20.90 9.47
CA ALA A 284 26.04 19.46 9.28
C ALA A 284 27.10 18.88 8.33
N PRO A 285 27.71 17.70 8.66
CA PRO A 285 28.59 16.98 7.71
C PRO A 285 27.75 16.46 6.53
N TRP A 286 28.38 16.37 5.35
CA TRP A 286 27.65 16.11 4.08
C TRP A 286 26.92 14.75 4.13
N ASP A 287 27.51 13.78 4.86
CA ASP A 287 27.06 12.38 4.93
C ASP A 287 25.82 12.18 5.87
N MET A 288 25.34 13.30 6.48
CA MET A 288 24.29 13.28 7.53
C MET A 288 23.04 12.49 7.11
N TRP A 289 22.79 12.41 5.78
CA TRP A 289 21.63 11.71 5.21
C TRP A 289 22.06 10.74 4.08
N ASN A 290 23.32 10.28 4.12
CA ASN A 290 23.91 9.38 3.09
C ASN A 290 24.24 7.97 3.62
N ARG A 291 24.56 7.07 2.68
CA ARG A 291 24.84 5.63 2.95
C ARG A 291 26.27 5.43 3.48
N ASP A 292 27.14 6.43 3.21
CA ASP A 292 28.56 6.38 3.60
C ASP A 292 28.77 7.28 4.82
N HIS A 293 29.90 7.10 5.51
CA HIS A 293 30.18 7.79 6.78
C HIS A 293 31.27 8.85 6.62
N LYS A 294 31.06 9.95 7.33
CA LYS A 294 32.03 11.05 7.56
C LYS A 294 31.89 11.50 9.03
N HIS A 295 30.71 11.21 9.63
CA HIS A 295 30.49 11.26 11.07
C HIS A 295 31.28 10.11 11.79
N GLY A 296 31.75 10.36 13.02
CA GLY A 296 32.51 9.36 13.77
C GLY A 296 33.55 9.99 14.69
N LEU A 297 34.35 9.13 15.35
CA LEU A 297 35.38 9.55 16.32
C LEU A 297 36.74 8.94 15.92
N LYS A 298 37.86 9.57 16.32
CA LYS A 298 39.20 8.94 16.17
C LYS A 298 39.43 7.98 17.34
N LEU A 299 39.43 6.68 17.05
CA LEU A 299 39.79 5.65 18.01
C LEU A 299 41.32 5.62 18.18
N TYR A 300 41.76 6.08 19.35
CA TYR A 300 43.10 5.84 19.88
C TYR A 300 42.95 4.81 21.03
N VAL A 301 43.92 3.89 21.14
CA VAL A 301 44.05 2.97 22.27
C VAL A 301 45.49 3.05 22.81
N GLN A 302 45.63 3.34 24.13
CA GLN A 302 46.94 3.37 24.85
C GLN A 302 47.91 4.37 24.19
N ARG A 303 47.37 5.59 23.95
CA ARG A 303 48.04 6.75 23.30
C ARG A 303 48.27 6.54 21.78
N VAL A 304 48.13 5.29 21.28
CA VAL A 304 48.45 4.92 19.88
C VAL A 304 47.15 4.95 19.05
N PHE A 305 47.25 5.32 17.78
CA PHE A 305 46.09 5.37 16.86
C PHE A 305 45.68 3.96 16.38
N ILE A 306 44.36 3.79 16.13
CA ILE A 306 43.80 2.55 15.56
C ILE A 306 43.05 2.87 14.25
N MET A 307 41.95 3.65 14.35
CA MET A 307 41.10 3.98 13.19
C MET A 307 40.26 5.23 13.47
N ASP A 308 40.25 6.19 12.52
CA ASP A 308 39.44 7.41 12.62
C ASP A 308 38.12 7.22 11.88
N ASP A 309 37.20 8.19 12.07
CA ASP A 309 35.86 8.20 11.43
C ASP A 309 35.03 6.96 11.89
N ALA A 310 35.37 6.47 13.11
CA ALA A 310 34.78 5.27 13.72
C ALA A 310 33.55 5.65 14.55
N GLU A 311 32.36 5.37 13.99
CA GLU A 311 31.06 5.72 14.61
C GLU A 311 30.59 4.65 15.63
N GLN A 312 31.45 3.68 15.95
CA GLN A 312 31.09 2.54 16.83
C GLN A 312 30.93 2.97 18.30
N PHE A 313 31.64 4.03 18.68
CA PHE A 313 31.61 4.59 20.05
C PHE A 313 30.50 5.63 20.22
N MET A 314 29.76 5.92 19.14
CA MET A 314 28.71 6.95 19.16
C MET A 314 27.42 6.37 18.53
N PRO A 315 26.25 6.42 19.26
CA PRO A 315 24.95 5.95 18.72
C PRO A 315 24.56 6.66 17.40
N ASN A 316 23.74 5.96 16.59
CA ASN A 316 23.35 6.44 15.24
C ASN A 316 22.48 7.73 15.35
N TYR A 317 21.68 7.84 16.42
CA TYR A 317 20.87 9.06 16.69
C TYR A 317 21.76 10.23 17.19
N LEU A 318 22.96 9.89 17.75
CA LEU A 318 24.00 10.90 18.15
C LEU A 318 25.06 11.07 17.05
N ARG A 319 24.72 10.72 15.78
CA ARG A 319 25.67 10.78 14.63
C ARG A 319 26.30 12.18 14.44
N PHE A 320 25.64 13.21 14.98
CA PHE A 320 26.09 14.61 14.90
C PHE A 320 27.46 14.86 15.59
N VAL A 321 27.80 14.04 16.60
CA VAL A 321 29.05 14.21 17.38
C VAL A 321 30.29 13.88 16.52
N ARG A 322 31.31 14.73 16.65
CA ARG A 322 32.62 14.55 16.00
C ARG A 322 33.70 14.87 17.06
N GLY A 323 34.69 13.97 17.18
CA GLY A 323 35.68 14.05 18.27
C GLY A 323 36.63 12.87 18.25
N LEU A 324 37.08 12.45 19.45
CA LEU A 324 38.00 11.31 19.61
C LEU A 324 37.93 10.78 21.04
N ILE A 325 38.35 9.51 21.22
CA ILE A 325 38.52 8.87 22.55
C ILE A 325 39.84 8.06 22.54
N ASP A 326 40.50 7.96 23.69
CA ASP A 326 41.77 7.21 23.85
C ASP A 326 41.66 6.26 25.04
N SER A 327 41.45 4.97 24.75
CA SER A 327 41.19 3.94 25.77
C SER A 327 42.44 3.10 26.06
N SER A 328 42.92 3.15 27.30
CA SER A 328 43.96 2.26 27.82
C SER A 328 43.35 0.90 28.29
N ASP A 329 41.99 0.81 28.28
CA ASP A 329 41.25 -0.39 28.75
C ASP A 329 41.08 -1.44 27.63
N LEU A 330 40.74 -0.97 26.43
CA LEU A 330 40.52 -1.83 25.24
C LEU A 330 41.88 -2.38 24.69
N PRO A 331 41.86 -3.53 23.91
CA PRO A 331 43.10 -4.08 23.28
C PRO A 331 43.69 -3.12 22.23
N LEU A 332 45.01 -3.21 22.06
CA LEU A 332 45.77 -2.37 21.10
C LEU A 332 45.62 -2.90 19.66
N ASN A 333 45.15 -4.14 19.52
CA ASN A 333 44.87 -4.78 18.20
C ASN A 333 43.36 -4.80 17.93
N VAL A 334 42.62 -3.83 18.52
CA VAL A 334 41.16 -3.71 18.38
C VAL A 334 40.75 -3.30 16.94
N SER A 335 39.56 -3.77 16.51
CA SER A 335 39.02 -3.51 15.17
C SER A 335 37.51 -3.26 15.25
N ARG A 336 36.92 -2.77 14.13
CA ARG A 336 35.48 -2.38 14.09
C ARG A 336 34.53 -3.56 14.38
N GLU A 337 34.95 -4.79 14.02
CA GLU A 337 34.19 -6.02 14.32
C GLU A 337 34.20 -6.30 15.83
N ILE A 338 35.37 -6.05 16.46
CA ILE A 338 35.54 -6.13 17.93
C ILE A 338 34.71 -5.04 18.62
N LEU A 339 34.54 -3.90 17.94
CA LEU A 339 33.72 -2.78 18.45
C LEU A 339 32.21 -3.09 18.34
N GLN A 340 31.87 -3.92 17.35
CA GLN A 340 30.49 -4.38 17.13
C GLN A 340 30.17 -5.61 18.03
N ASP A 341 31.22 -6.36 18.40
CA ASP A 341 31.07 -7.62 19.17
C ASP A 341 31.17 -7.36 20.70
N SER A 342 32.29 -6.77 21.12
CA SER A 342 32.62 -6.58 22.56
C SER A 342 31.64 -5.62 23.27
N THR A 343 31.29 -6.00 24.51
CA THR A 343 30.35 -5.26 25.37
C THR A 343 31.05 -4.07 26.08
N VAL A 344 32.39 -4.11 26.17
CA VAL A 344 33.19 -2.98 26.71
C VAL A 344 33.10 -1.74 25.80
N THR A 345 32.79 -1.96 24.51
CA THR A 345 32.53 -0.89 23.54
C THR A 345 31.14 -0.28 23.79
N ARG A 346 30.20 -1.07 24.39
CA ARG A 346 28.90 -0.55 24.85
C ARG A 346 29.11 0.35 26.06
N ASN A 347 29.97 -0.08 27.00
CA ASN A 347 30.32 0.69 28.21
C ASN A 347 30.91 2.06 27.82
N LEU A 348 31.79 2.03 26.81
CA LEU A 348 32.41 3.22 26.21
C LEU A 348 31.31 4.14 25.62
N ARG A 349 30.49 3.55 24.73
CA ARG A 349 29.47 4.26 23.93
C ARG A 349 28.39 4.95 24.80
N ASN A 350 27.88 4.20 25.79
CA ASN A 350 26.83 4.65 26.74
C ASN A 350 27.34 5.80 27.63
N ALA A 351 28.60 5.67 28.08
CA ALA A 351 29.26 6.68 28.92
C ALA A 351 29.44 8.01 28.16
N LEU A 352 29.82 7.89 26.88
CA LEU A 352 29.96 9.03 25.96
C LEU A 352 28.61 9.72 25.75
N THR A 353 27.55 8.90 25.59
CA THR A 353 26.18 9.39 25.32
C THR A 353 25.69 10.34 26.41
N LYS A 354 25.85 9.95 27.67
CA LYS A 354 25.39 10.76 28.81
C LYS A 354 26.17 12.10 28.89
N ARG A 355 27.45 12.06 28.45
CA ARG A 355 28.32 13.25 28.36
C ARG A 355 27.94 14.15 27.16
N VAL A 356 27.34 13.54 26.12
CA VAL A 356 26.80 14.28 24.96
C VAL A 356 25.52 15.01 25.38
N LEU A 357 24.59 14.27 26.04
CA LEU A 357 23.30 14.81 26.52
C LEU A 357 23.50 15.94 27.54
N GLN A 358 24.57 15.78 28.34
CA GLN A 358 25.09 16.80 29.25
C GLN A 358 25.51 18.05 28.45
N MET A 359 26.35 17.82 27.41
CA MET A 359 26.91 18.88 26.54
C MET A 359 25.79 19.62 25.78
N LEU A 360 24.69 18.90 25.46
CA LEU A 360 23.54 19.45 24.70
C LEU A 360 22.70 20.38 25.58
N GLU A 361 22.53 19.98 26.86
CA GLU A 361 21.82 20.82 27.84
C GLU A 361 22.64 22.09 28.12
N LYS A 362 23.98 21.91 28.32
CA LYS A 362 24.92 23.01 28.53
C LYS A 362 24.93 23.95 27.31
N LEU A 363 24.86 23.36 26.10
CA LEU A 363 24.80 24.08 24.81
C LEU A 363 23.55 24.99 24.76
N ALA A 364 22.44 24.47 25.32
CA ALA A 364 21.16 25.21 25.41
C ALA A 364 21.22 26.33 26.49
N LYS A 365 22.08 26.13 27.53
CA LYS A 365 22.23 27.11 28.64
C LYS A 365 23.22 28.21 28.24
N ASP A 366 24.19 27.82 27.41
CA ASP A 366 25.28 28.69 26.93
C ASP A 366 24.71 29.67 25.89
N ASP A 367 24.13 29.10 24.83
CA ASP A 367 23.52 29.84 23.74
C ASP A 367 22.40 29.00 23.11
N ALA A 368 21.15 29.40 23.36
CA ALA A 368 19.97 28.85 22.69
C ALA A 368 20.06 29.05 21.15
N GLU A 369 20.85 30.07 20.73
CA GLU A 369 21.15 30.35 19.31
C GLU A 369 22.13 29.30 18.73
N LYS A 370 23.17 28.93 19.52
CA LYS A 370 24.08 27.82 19.14
C LYS A 370 23.28 26.51 19.03
N TYR A 371 22.38 26.27 20.02
CA TYR A 371 21.53 25.06 20.01
C TYR A 371 20.48 25.14 18.89
N GLN A 372 20.11 26.36 18.46
CA GLN A 372 19.17 26.56 17.34
C GLN A 372 19.82 26.21 16.01
N THR A 373 21.10 26.62 15.87
CA THR A 373 21.94 26.26 14.70
C THR A 373 22.13 24.72 14.65
N PHE A 374 22.39 24.16 15.84
CA PHE A 374 22.53 22.72 16.06
C PHE A 374 21.24 21.98 15.63
N TRP A 375 20.08 22.43 16.14
CA TRP A 375 18.81 21.71 15.97
C TRP A 375 18.32 21.81 14.52
N GLN A 376 18.65 22.93 13.86
CA GLN A 376 18.26 23.21 12.48
C GLN A 376 19.03 22.30 11.49
N GLN A 377 20.17 21.73 11.96
CA GLN A 377 21.03 20.84 11.15
C GLN A 377 20.97 19.35 11.61
N PHE A 378 20.73 19.12 12.91
CA PHE A 378 20.91 17.78 13.54
C PHE A 378 19.63 17.27 14.25
N GLY A 379 18.69 18.19 14.47
CA GLY A 379 17.51 17.94 15.30
C GLY A 379 16.57 16.87 14.78
N LEU A 380 16.47 16.75 13.45
CA LEU A 380 15.61 15.75 12.78
C LEU A 380 15.97 14.32 13.20
N VAL A 381 17.28 14.08 13.41
CA VAL A 381 17.80 12.77 13.86
C VAL A 381 17.64 12.62 15.38
N LEU A 382 17.89 13.72 16.14
CA LEU A 382 17.79 13.73 17.64
C LEU A 382 16.32 13.46 18.09
N LYS A 383 15.34 13.75 17.21
CA LYS A 383 13.90 13.55 17.49
C LYS A 383 13.49 12.06 17.62
N GLU A 384 14.38 11.11 17.26
CA GLU A 384 14.13 9.68 17.53
C GLU A 384 14.62 9.31 18.95
N GLY A 385 15.43 10.20 19.56
CA GLY A 385 15.97 10.05 20.93
C GLY A 385 14.90 9.88 22.04
N PRO A 386 13.85 10.74 22.13
CA PRO A 386 12.72 10.55 23.10
C PRO A 386 11.85 9.32 22.71
N ALA A 387 11.89 8.97 21.41
CA ALA A 387 11.21 7.79 20.87
C ALA A 387 12.01 6.51 21.19
N GLU A 388 13.32 6.68 21.47
CA GLU A 388 14.18 5.63 21.99
C GLU A 388 13.87 5.43 23.48
N ASP A 389 14.30 6.40 24.29
CA ASP A 389 14.18 6.35 25.76
C ASP A 389 13.06 7.31 26.19
N PHE A 390 11.83 6.78 26.22
CA PHE A 390 10.65 7.52 26.73
C PHE A 390 10.64 7.52 28.28
N ALA A 391 11.40 6.59 28.90
CA ALA A 391 11.50 6.47 30.37
C ALA A 391 12.18 7.71 31.01
N ASN A 392 13.13 8.32 30.26
CA ASN A 392 13.84 9.55 30.69
C ASN A 392 13.55 10.71 29.73
N GLN A 393 12.36 10.65 29.10
CA GLN A 393 11.92 11.61 28.06
C GLN A 393 11.76 13.05 28.60
N GLU A 394 11.59 13.18 29.93
CA GLU A 394 11.45 14.48 30.63
C GLU A 394 12.69 15.38 30.41
N ALA A 395 13.88 14.77 30.49
CA ALA A 395 15.17 15.45 30.26
C ALA A 395 15.41 15.69 28.76
N ILE A 396 14.90 14.78 27.92
CA ILE A 396 15.06 14.85 26.46
C ILE A 396 14.08 15.88 25.85
N ALA A 397 12.98 16.15 26.57
CA ALA A 397 11.95 17.11 26.15
C ALA A 397 12.48 18.57 26.22
N LYS A 398 13.54 18.76 27.03
CA LYS A 398 14.34 20.00 27.04
C LYS A 398 15.05 20.18 25.68
N LEU A 399 15.60 19.05 25.17
CA LEU A 399 16.37 19.02 23.92
C LEU A 399 15.45 19.31 22.72
N LEU A 400 14.21 18.79 22.82
CA LEU A 400 13.21 18.88 21.74
C LEU A 400 12.72 20.31 21.49
N ARG A 401 12.80 20.71 20.21
CA ARG A 401 12.38 22.03 19.72
C ARG A 401 11.37 21.79 18.58
N PHE A 402 10.20 22.44 18.65
CA PHE A 402 9.13 22.32 17.65
C PHE A 402 8.92 23.69 16.96
N ALA A 403 8.17 23.70 15.86
CA ALA A 403 7.77 24.94 15.18
C ALA A 403 6.55 25.52 15.92
N SER A 404 6.19 26.78 15.61
CA SER A 404 5.15 27.49 16.37
C SER A 404 4.59 28.69 15.59
N THR A 405 3.38 29.11 16.01
CA THR A 405 2.68 30.30 15.50
C THR A 405 3.37 31.60 15.98
N HIS A 406 4.23 31.45 17.01
CA HIS A 406 5.04 32.54 17.58
C HIS A 406 5.97 33.16 16.51
N THR A 407 6.44 32.31 15.57
CA THR A 407 7.39 32.71 14.52
C THR A 407 7.03 32.00 13.20
N ASP A 408 6.85 32.78 12.12
CA ASP A 408 6.42 32.27 10.79
C ASP A 408 7.60 31.61 10.01
N SER A 409 8.75 31.42 10.69
CA SER A 409 9.92 30.72 10.14
C SER A 409 9.77 29.19 10.30
N SER A 410 10.35 28.44 9.35
CA SER A 410 10.30 26.96 9.32
C SER A 410 11.28 26.34 10.36
N ALA A 411 12.25 27.16 10.82
CA ALA A 411 13.20 26.77 11.88
C ALA A 411 12.47 26.53 13.21
N GLN A 412 12.74 25.38 13.84
CA GLN A 412 12.07 24.97 15.09
C GLN A 412 12.69 25.72 16.28
N THR A 413 12.30 27.00 16.44
CA THR A 413 12.90 27.92 17.42
C THR A 413 12.38 27.67 18.85
N VAL A 414 11.07 27.44 18.96
CA VAL A 414 10.42 27.25 20.26
C VAL A 414 10.74 25.87 20.84
N SER A 415 11.26 25.87 22.06
CA SER A 415 11.50 24.67 22.86
C SER A 415 10.20 24.27 23.57
N LEU A 416 10.11 23.02 24.04
CA LEU A 416 9.01 22.61 24.94
C LEU A 416 9.10 23.43 26.24
N GLU A 417 10.34 23.63 26.70
CA GLU A 417 10.69 24.49 27.85
C GLU A 417 10.22 25.96 27.61
N ASP A 418 10.43 26.45 26.38
CA ASP A 418 10.18 27.85 26.00
C ASP A 418 8.67 28.13 25.95
N TYR A 419 7.94 27.13 25.42
CA TYR A 419 6.47 27.14 25.39
C TYR A 419 5.92 27.22 26.83
N VAL A 420 6.38 26.30 27.68
CA VAL A 420 5.92 26.18 29.10
C VAL A 420 6.11 27.51 29.85
N SER A 421 7.29 28.12 29.72
CA SER A 421 7.61 29.42 30.32
C SER A 421 6.68 30.53 29.78
N ARG A 422 6.30 30.42 28.50
CA ARG A 422 5.44 31.42 27.81
C ARG A 422 3.93 31.04 27.82
N MET A 423 3.56 29.91 28.49
CA MET A 423 2.12 29.51 28.62
C MET A 423 1.28 30.54 29.40
N LYS A 424 -0.06 30.45 29.24
CA LYS A 424 -0.97 31.56 29.61
C LYS A 424 -1.99 31.14 30.69
N GLU A 425 -2.77 32.13 31.16
CA GLU A 425 -3.92 31.91 32.06
C GLU A 425 -4.98 31.02 31.37
N GLY A 426 -5.35 29.92 32.02
CA GLY A 426 -6.32 28.95 31.47
C GLY A 426 -5.70 27.97 30.47
N GLN A 427 -4.41 28.17 30.17
CA GLN A 427 -3.64 27.34 29.24
C GLN A 427 -2.77 26.39 30.09
N GLU A 428 -3.36 25.21 30.39
CA GLU A 428 -2.77 24.17 31.28
C GLU A 428 -2.38 22.93 30.44
N LYS A 429 -2.52 23.04 29.12
CA LYS A 429 -2.27 21.95 28.17
C LYS A 429 -1.27 22.45 27.12
N ILE A 430 -0.25 21.63 26.82
CA ILE A 430 0.73 21.94 25.78
C ILE A 430 0.09 21.64 24.40
N TYR A 431 -0.28 22.72 23.67
CA TYR A 431 -1.14 22.64 22.46
C TYR A 431 -0.33 22.40 21.17
N TYR A 432 -0.87 21.54 20.30
CA TYR A 432 -0.24 21.12 19.02
C TYR A 432 -1.29 20.99 17.89
N ILE A 433 -0.81 21.04 16.62
CA ILE A 433 -1.61 20.74 15.39
C ILE A 433 -0.69 20.12 14.30
N THR A 434 -1.13 19.00 13.70
CA THR A 434 -0.36 18.28 12.65
C THR A 434 -0.55 18.88 11.24
N ALA A 435 0.50 18.71 10.41
CA ALA A 435 0.55 19.13 9.00
C ALA A 435 1.75 18.42 8.32
N ASP A 436 1.63 18.20 7.00
CA ASP A 436 2.64 17.48 6.20
C ASP A 436 3.95 18.29 6.07
N SER A 437 3.79 19.62 5.88
CA SER A 437 4.91 20.55 5.62
C SER A 437 4.58 21.93 6.23
N TYR A 438 5.63 22.72 6.55
CA TYR A 438 5.47 24.04 7.19
C TYR A 438 4.77 25.04 6.24
N ALA A 439 5.06 24.92 4.93
CA ALA A 439 4.42 25.74 3.88
C ALA A 439 2.89 25.57 3.93
N ALA A 440 2.45 24.30 4.04
CA ALA A 440 1.02 23.94 4.11
C ALA A 440 0.40 24.44 5.43
N ALA A 441 1.13 24.22 6.55
CA ALA A 441 0.69 24.61 7.91
C ALA A 441 0.40 26.12 7.99
N LYS A 442 1.36 26.90 7.51
CA LYS A 442 1.35 28.37 7.63
C LYS A 442 0.35 29.00 6.63
N SER A 443 -0.04 28.24 5.57
CA SER A 443 -1.06 28.68 4.58
C SER A 443 -2.46 28.84 5.21
N SER A 444 -2.64 28.28 6.42
CA SER A 444 -3.84 28.48 7.22
C SER A 444 -3.80 29.91 7.84
N PRO A 445 -4.78 30.83 7.46
CA PRO A 445 -4.84 32.23 7.99
C PRO A 445 -5.25 32.29 9.47
N HIS A 446 -5.72 31.14 10.00
CA HIS A 446 -6.19 30.99 11.39
C HIS A 446 -5.01 31.15 12.37
N LEU A 447 -3.79 30.83 11.89
CA LEU A 447 -2.54 30.96 12.66
C LEU A 447 -2.19 32.43 12.94
N GLU A 448 -2.72 33.33 12.10
CA GLU A 448 -2.51 34.78 12.24
C GLU A 448 -3.47 35.37 13.28
N LEU A 449 -4.61 34.66 13.53
CA LEU A 449 -5.68 35.14 14.43
C LEU A 449 -5.21 35.03 15.89
N LEU A 450 -4.62 33.88 16.27
CA LEU A 450 -4.19 33.62 17.67
C LEU A 450 -2.92 34.41 18.00
N ARG A 451 -2.05 34.58 16.98
CA ARG A 451 -0.81 35.34 17.10
C ARG A 451 -1.13 36.82 17.41
N LYS A 452 -2.17 37.32 16.71
CA LYS A 452 -2.77 38.64 16.95
C LYS A 452 -3.41 38.69 18.35
N LYS A 453 -4.14 37.61 18.70
CA LYS A 453 -4.88 37.50 19.98
C LYS A 453 -3.90 37.42 21.17
N GLY A 454 -2.68 36.91 20.92
CA GLY A 454 -1.63 36.81 21.94
C GLY A 454 -1.67 35.49 22.71
N ILE A 455 -1.67 34.38 21.96
CA ILE A 455 -1.49 33.00 22.50
C ILE A 455 -0.46 32.26 21.60
N GLU A 456 -0.03 31.04 21.99
CA GLU A 456 0.94 30.23 21.22
C GLU A 456 0.42 28.78 20.95
N VAL A 457 0.60 28.31 19.69
CA VAL A 457 0.31 26.91 19.27
C VAL A 457 1.58 26.31 18.65
N LEU A 458 1.91 25.06 19.00
CA LEU A 458 3.09 24.35 18.43
C LEU A 458 2.70 23.64 17.11
N LEU A 459 3.33 24.08 16.01
CA LEU A 459 3.10 23.54 14.66
C LEU A 459 3.92 22.24 14.45
N LEU A 460 3.20 21.11 14.40
CA LEU A 460 3.76 19.82 13.99
C LEU A 460 3.76 19.74 12.45
N SER A 461 4.73 20.41 11.85
CA SER A 461 4.85 20.51 10.39
C SER A 461 6.08 19.71 9.93
N ASP A 462 6.46 18.75 10.77
CA ASP A 462 7.70 17.97 10.66
C ASP A 462 7.35 16.49 10.39
N ARG A 463 8.32 15.76 9.83
CA ARG A 463 8.13 14.41 9.29
C ARG A 463 8.21 13.33 10.38
N ILE A 464 9.19 13.42 11.29
CA ILE A 464 9.48 12.35 12.28
C ILE A 464 8.60 12.48 13.56
N ASP A 465 8.00 13.68 13.75
CA ASP A 465 7.19 14.02 14.93
C ASP A 465 6.03 13.04 15.18
N GLU A 466 5.46 12.48 14.08
CA GLU A 466 4.30 11.55 14.18
C GLU A 466 4.65 10.25 14.96
N TRP A 467 5.92 9.84 14.90
CA TRP A 467 6.44 8.71 15.69
C TRP A 467 6.93 9.20 17.08
N MET A 468 7.65 10.33 17.11
CA MET A 468 8.25 10.89 18.35
C MET A 468 7.20 11.18 19.44
N MET A 469 6.11 11.83 19.01
CA MET A 469 5.05 12.30 19.92
C MET A 469 4.06 11.16 20.26
N ASN A 470 4.30 9.95 19.70
CA ASN A 470 3.63 8.72 20.14
C ASN A 470 4.05 8.40 21.59
N TYR A 471 5.29 8.80 21.92
CA TYR A 471 5.90 8.58 23.23
C TYR A 471 5.70 9.80 24.14
N LEU A 472 5.77 11.01 23.54
CA LEU A 472 5.59 12.30 24.25
C LEU A 472 4.17 12.43 24.88
N THR A 473 4.03 11.89 26.09
CA THR A 473 2.79 11.91 26.88
C THR A 473 2.64 13.24 27.67
N GLU A 474 3.70 13.60 28.42
CA GLU A 474 3.67 14.74 29.36
C GLU A 474 5.08 15.34 29.50
N PHE A 475 5.12 16.66 29.76
CA PHE A 475 6.34 17.41 30.11
C PHE A 475 5.97 18.49 31.14
N ASP A 476 6.79 18.61 32.21
CA ASP A 476 6.67 19.65 33.27
C ASP A 476 5.40 19.40 34.15
N GLY A 477 4.92 18.14 34.16
CA GLY A 477 3.68 17.78 34.86
C GLY A 477 2.45 18.37 34.20
N LYS A 478 2.57 18.62 32.88
CA LYS A 478 1.60 19.37 32.09
C LYS A 478 1.27 18.56 30.82
N PRO A 479 -0.03 18.17 30.58
CA PRO A 479 -0.41 17.19 29.52
C PRO A 479 -0.36 17.80 28.10
N PHE A 480 -0.13 16.94 27.11
CA PHE A 480 -0.12 17.31 25.68
C PHE A 480 -1.56 17.17 25.12
N GLN A 481 -1.96 18.14 24.27
CA GLN A 481 -3.34 18.25 23.76
C GLN A 481 -3.33 18.87 22.36
N SER A 482 -4.17 18.33 21.47
CA SER A 482 -4.50 18.96 20.19
C SER A 482 -5.68 19.93 20.38
N VAL A 483 -5.79 20.94 19.51
CA VAL A 483 -6.88 21.95 19.56
C VAL A 483 -8.25 21.33 19.12
N SER A 484 -8.18 20.04 18.70
CA SER A 484 -9.33 19.18 18.35
C SER A 484 -10.53 19.34 19.30
N LYS A 485 -10.24 19.47 20.60
CA LYS A 485 -11.21 19.87 21.62
C LYS A 485 -10.45 20.21 22.91
N VAL A 486 -11.01 21.16 23.70
CA VAL A 486 -10.48 21.52 25.01
C VAL A 486 -11.65 21.86 25.96
N ASP A 487 -11.70 21.14 27.11
CA ASP A 487 -12.55 21.43 28.30
C ASP A 487 -12.43 20.24 29.27
N GLU A 488 -12.71 20.44 30.56
CA GLU A 488 -12.66 19.33 31.56
C GLU A 488 -14.07 18.78 31.85
N SER A 489 -15.04 19.69 32.07
CA SER A 489 -16.41 19.33 32.48
C SER A 489 -17.43 19.46 31.33
N LEU A 490 -17.37 20.62 30.66
CA LEU A 490 -18.42 21.12 29.74
C LEU A 490 -18.33 20.50 28.32
N GLU A 491 -17.50 19.44 28.15
CA GLU A 491 -17.25 18.76 26.84
C GLU A 491 -18.57 18.45 26.08
N LYS A 492 -19.42 17.59 26.67
CA LYS A 492 -20.72 17.21 26.08
C LYS A 492 -21.86 18.09 26.63
N LEU A 493 -21.50 19.13 27.39
CA LEU A 493 -22.46 20.12 27.93
C LEU A 493 -22.17 21.49 27.26
N ALA A 494 -21.62 21.42 26.02
CA ALA A 494 -21.19 22.57 25.20
C ALA A 494 -22.40 23.23 24.48
N ASP A 495 -23.51 23.40 25.21
CA ASP A 495 -24.79 23.95 24.71
C ASP A 495 -24.67 25.42 24.26
N GLU A 496 -23.61 26.11 24.73
CA GLU A 496 -23.35 27.53 24.41
C GLU A 496 -22.73 27.68 23.01
N VAL A 497 -23.37 27.09 22.01
CA VAL A 497 -22.88 27.03 20.63
C VAL A 497 -23.65 28.01 19.76
N ASP A 498 -23.14 29.25 19.78
CA ASP A 498 -23.61 30.42 19.00
C ASP A 498 -25.08 30.75 19.30
N GLU A 499 -26.04 29.99 18.72
CA GLU A 499 -27.48 30.23 18.94
C GLU A 499 -28.34 29.01 18.61
N SER A 500 -27.86 28.08 17.74
CA SER A 500 -28.65 26.90 17.31
C SER A 500 -28.93 25.95 18.49
N ALA A 501 -30.09 26.17 19.13
CA ALA A 501 -30.55 25.39 20.28
C ALA A 501 -31.40 24.19 19.81
N LYS A 502 -32.27 23.71 20.71
CA LYS A 502 -33.07 22.49 20.50
C LYS A 502 -34.12 22.69 19.39
N GLU A 503 -34.56 23.94 19.18
CA GLU A 503 -35.51 24.33 18.12
C GLU A 503 -34.91 24.01 16.74
N ALA A 504 -33.60 24.32 16.61
CA ALA A 504 -32.83 24.03 15.40
C ALA A 504 -32.70 22.51 15.21
N GLU A 505 -32.42 21.78 16.31
CA GLU A 505 -32.22 20.31 16.32
C GLU A 505 -33.49 19.54 15.87
N LYS A 506 -34.68 20.10 16.18
CA LYS A 506 -35.97 19.53 15.74
C LYS A 506 -36.19 19.74 14.22
N ALA A 507 -35.49 20.74 13.64
CA ALA A 507 -35.45 20.97 12.18
C ALA A 507 -34.28 20.19 11.53
N LEU A 508 -33.26 19.84 12.36
CA LEU A 508 -32.06 19.10 11.90
C LEU A 508 -32.33 17.61 11.74
N THR A 509 -33.23 17.03 12.56
CA THR A 509 -33.54 15.59 12.48
C THR A 509 -34.22 15.21 11.12
N PRO A 510 -35.27 15.95 10.58
CA PRO A 510 -35.75 15.74 9.19
C PRO A 510 -34.63 15.90 8.16
N PHE A 511 -33.71 16.86 8.43
CA PHE A 511 -32.56 17.15 7.57
C PHE A 511 -31.63 15.93 7.48
N ILE A 512 -31.32 15.28 8.63
CA ILE A 512 -30.45 14.06 8.68
C ILE A 512 -31.05 12.96 7.82
N ASP A 513 -32.37 12.77 7.98
CA ASP A 513 -33.14 11.72 7.29
C ASP A 513 -33.11 11.93 5.76
N ARG A 514 -33.32 13.18 5.33
CA ARG A 514 -33.34 13.55 3.90
C ARG A 514 -31.95 13.38 3.28
N VAL A 515 -30.90 13.77 4.02
CA VAL A 515 -29.50 13.70 3.57
C VAL A 515 -29.06 12.24 3.35
N LYS A 516 -29.38 11.36 4.31
CA LYS A 516 -28.97 9.94 4.26
C LYS A 516 -29.83 9.15 3.25
N ALA A 517 -31.05 9.64 2.97
CA ALA A 517 -31.93 9.08 1.91
C ALA A 517 -31.40 9.46 0.52
N LEU A 518 -30.97 10.72 0.39
CA LEU A 518 -30.50 11.35 -0.87
C LEU A 518 -29.17 10.72 -1.31
N LEU A 519 -28.24 10.63 -0.35
CA LEU A 519 -26.88 10.13 -0.60
C LEU A 519 -26.86 8.58 -0.56
N GLY A 520 -27.73 8.00 0.28
CA GLY A 520 -27.78 6.55 0.47
C GLY A 520 -26.55 6.04 1.19
N GLU A 521 -25.87 5.04 0.59
CA GLU A 521 -24.69 4.37 1.19
C GLU A 521 -23.39 4.94 0.57
N ARG A 522 -23.45 6.19 0.11
CA ARG A 522 -22.27 6.91 -0.38
C ARG A 522 -21.38 7.36 0.80
N VAL A 523 -22.01 7.48 2.00
CA VAL A 523 -21.34 7.87 3.26
C VAL A 523 -21.57 6.77 4.33
N LYS A 524 -20.63 6.65 5.29
CA LYS A 524 -20.79 5.78 6.48
C LYS A 524 -21.91 6.34 7.40
N ASP A 525 -21.80 7.64 7.73
CA ASP A 525 -22.67 8.30 8.72
C ASP A 525 -22.66 9.83 8.51
N VAL A 526 -23.81 10.48 8.80
CA VAL A 526 -23.99 11.94 8.70
C VAL A 526 -24.50 12.50 10.03
N ARG A 527 -23.70 13.37 10.67
CA ARG A 527 -24.06 14.03 11.95
C ARG A 527 -24.22 15.54 11.75
N LEU A 528 -24.98 16.16 12.66
CA LEU A 528 -25.05 17.62 12.81
C LEU A 528 -24.38 18.00 14.14
N THR A 529 -23.10 18.39 14.07
CA THR A 529 -22.32 18.88 15.23
C THR A 529 -22.49 20.40 15.32
N HIS A 530 -21.93 21.01 16.37
CA HIS A 530 -21.95 22.48 16.54
C HIS A 530 -20.52 22.99 16.69
N ARG A 531 -19.65 22.50 15.78
CA ARG A 531 -18.27 22.95 15.65
C ARG A 531 -18.27 24.34 15.02
N LEU A 532 -18.26 25.40 15.86
CA LEU A 532 -18.50 26.81 15.43
C LEU A 532 -17.64 27.17 14.20
N THR A 533 -16.31 27.29 14.41
CA THR A 533 -15.27 27.46 13.33
C THR A 533 -15.69 28.46 12.20
N ASP A 534 -15.02 28.38 11.03
CA ASP A 534 -15.45 29.09 9.80
C ASP A 534 -15.59 28.09 8.63
N THR A 535 -15.25 26.82 8.90
CA THR A 535 -15.45 25.69 7.98
C THR A 535 -16.94 25.28 8.04
N PRO A 536 -17.63 25.02 6.88
CA PRO A 536 -19.05 24.56 6.88
C PRO A 536 -19.22 23.17 7.50
N ALA A 537 -18.40 22.22 7.02
CA ALA A 537 -18.49 20.82 7.38
C ALA A 537 -17.13 20.15 7.25
N ILE A 538 -16.96 19.01 7.93
CA ILE A 538 -15.70 18.29 8.02
C ILE A 538 -15.99 16.80 8.22
N VAL A 539 -15.16 15.93 7.58
CA VAL A 539 -15.26 14.48 7.74
C VAL A 539 -14.28 13.99 8.82
N SER A 540 -14.67 12.92 9.54
CA SER A 540 -13.84 12.32 10.61
C SER A 540 -13.40 10.90 10.24
N THR A 541 -12.30 10.45 10.89
CA THR A 541 -11.69 9.12 10.68
C THR A 541 -11.52 8.39 12.02
N ASP A 542 -11.89 7.10 12.08
CA ASP A 542 -11.71 6.25 13.27
C ASP A 542 -10.25 5.77 13.35
N ALA A 543 -9.84 4.94 12.38
CA ALA A 543 -8.51 4.33 12.34
C ALA A 543 -7.68 4.99 11.22
N ASP A 544 -6.65 4.27 10.72
CA ASP A 544 -5.71 4.80 9.72
C ASP A 544 -6.46 5.08 8.40
N GLU A 545 -6.63 6.40 8.12
CA GLU A 545 -7.38 6.93 6.97
C GLU A 545 -8.83 6.36 6.97
N MET A 546 -9.43 6.40 8.19
CA MET A 546 -10.73 5.78 8.52
C MET A 546 -10.52 4.27 8.72
N SER A 547 -10.17 3.57 7.64
CA SER A 547 -10.17 2.11 7.62
C SER A 547 -9.55 1.56 6.31
N THR A 548 -8.63 2.32 5.67
CA THR A 548 -8.16 1.97 4.29
C THR A 548 -7.02 0.92 4.31
N GLN A 549 -6.73 0.33 5.50
CA GLN A 549 -5.74 -0.77 5.66
C GLN A 549 -5.77 -1.32 7.11
N MET A 550 -6.51 -2.46 7.30
CA MET A 550 -6.42 -3.35 8.50
C MET A 550 -7.47 -4.50 8.37
N ALA A 551 -7.32 -5.56 9.19
CA ALA A 551 -8.07 -6.85 9.05
C ALA A 551 -9.62 -6.70 9.12
N LYS A 552 -10.15 -6.38 10.32
CA LYS A 552 -11.61 -6.20 10.58
C LYS A 552 -12.26 -5.20 9.60
N LEU A 553 -11.49 -4.15 9.30
CA LEU A 553 -11.93 -3.03 8.48
C LEU A 553 -12.35 -3.55 7.09
N PHE A 554 -11.45 -4.28 6.40
CA PHE A 554 -11.74 -4.87 5.06
C PHE A 554 -12.69 -6.07 5.15
N ALA A 555 -12.72 -6.72 6.32
CA ALA A 555 -13.61 -7.87 6.60
C ALA A 555 -15.09 -7.42 6.79
N ALA A 556 -15.32 -6.10 6.87
CA ALA A 556 -16.66 -5.53 7.09
C ALA A 556 -17.59 -5.75 5.87
N ALA A 557 -17.20 -5.24 4.67
CA ALA A 557 -18.01 -5.43 3.44
C ALA A 557 -17.26 -6.20 2.35
N GLY A 558 -15.92 -6.19 2.40
CA GLY A 558 -15.09 -6.84 1.37
C GLY A 558 -14.69 -5.90 0.25
N GLN A 559 -15.38 -4.75 0.10
CA GLN A 559 -14.99 -3.68 -0.85
C GLN A 559 -13.80 -2.87 -0.28
N LYS A 560 -13.73 -1.56 -0.59
CA LYS A 560 -12.76 -0.62 0.02
C LYS A 560 -13.16 -0.26 1.49
N VAL A 561 -13.91 -1.15 2.19
CA VAL A 561 -14.60 -0.88 3.49
C VAL A 561 -15.78 0.14 3.34
N PRO A 562 -16.98 -0.13 3.99
CA PRO A 562 -18.11 0.83 4.00
C PRO A 562 -17.83 2.02 4.93
N GLU A 563 -17.12 1.70 6.03
CA GLU A 563 -16.72 2.64 7.04
C GLU A 563 -15.76 3.71 6.48
N VAL A 564 -14.97 3.31 5.46
CA VAL A 564 -13.94 4.16 4.82
C VAL A 564 -14.58 5.44 4.24
N LYS A 565 -15.89 5.35 3.88
CA LYS A 565 -16.65 6.50 3.37
C LYS A 565 -16.78 7.52 4.52
N TYR A 566 -15.99 8.59 4.43
CA TYR A 566 -15.64 9.47 5.57
C TYR A 566 -16.90 10.22 6.11
N ILE A 567 -16.93 10.42 7.46
CA ILE A 567 -18.17 10.74 8.21
C ILE A 567 -18.50 12.24 8.15
N PHE A 568 -19.61 12.55 7.47
CA PHE A 568 -20.03 13.91 7.14
C PHE A 568 -20.69 14.61 8.36
N GLU A 569 -19.93 15.51 9.02
CA GLU A 569 -20.41 16.28 10.19
C GLU A 569 -20.50 17.77 9.81
N LEU A 570 -21.70 18.39 9.96
CA LEU A 570 -21.98 19.80 9.58
C LEU A 570 -22.16 20.67 10.84
N ASN A 571 -21.96 22.00 10.69
CA ASN A 571 -22.27 22.98 11.75
C ASN A 571 -23.40 23.94 11.27
N PRO A 572 -24.64 23.87 11.86
CA PRO A 572 -25.77 24.76 11.48
C PRO A 572 -25.53 26.23 11.85
N ASP A 573 -24.59 26.46 12.78
CA ASP A 573 -24.22 27.81 13.23
C ASP A 573 -23.37 28.54 12.19
N HIS A 574 -22.80 27.80 11.21
CA HIS A 574 -22.06 28.43 10.10
C HIS A 574 -23.03 28.78 8.96
N VAL A 575 -22.76 29.93 8.29
CA VAL A 575 -23.61 30.51 7.23
C VAL A 575 -24.02 29.48 6.16
N LEU A 576 -23.03 28.79 5.59
CA LEU A 576 -23.20 27.92 4.41
C LEU A 576 -24.13 26.72 4.66
N VAL A 577 -24.12 26.19 5.90
CA VAL A 577 -24.91 24.99 6.26
C VAL A 577 -26.36 25.37 6.55
N LYS A 578 -26.57 26.47 7.31
CA LYS A 578 -27.92 26.96 7.59
C LYS A 578 -28.55 27.55 6.32
N ARG A 579 -27.69 27.97 5.37
CA ARG A 579 -28.07 28.44 4.01
C ARG A 579 -28.50 27.24 3.14
N ALA A 580 -27.84 26.09 3.38
CA ALA A 580 -28.18 24.81 2.71
C ALA A 580 -29.48 24.22 3.27
N ALA A 581 -29.78 24.56 4.54
CA ALA A 581 -31.03 24.19 5.23
C ALA A 581 -32.13 25.25 4.95
N ASP A 582 -31.68 26.47 4.64
CA ASP A 582 -32.57 27.61 4.29
C ASP A 582 -33.16 27.39 2.89
N THR A 583 -32.43 26.63 2.06
CA THR A 583 -32.90 26.24 0.75
C THR A 583 -33.91 25.09 0.90
N GLU A 584 -35.20 25.44 0.80
CA GLU A 584 -36.33 24.50 0.90
C GLU A 584 -36.57 23.82 -0.47
N ASP A 585 -36.11 24.50 -1.55
CA ASP A 585 -36.11 23.93 -2.91
C ASP A 585 -35.24 22.66 -2.95
N GLU A 586 -35.84 21.53 -3.36
CA GLU A 586 -35.20 20.19 -3.27
C GLU A 586 -34.12 20.00 -4.35
N ALA A 587 -34.23 20.74 -5.47
CA ALA A 587 -33.25 20.69 -6.56
C ALA A 587 -31.90 21.26 -6.08
N LYS A 588 -31.97 22.43 -5.42
CA LYS A 588 -30.80 23.09 -4.85
C LYS A 588 -30.41 22.48 -3.50
N PHE A 589 -31.38 21.88 -2.77
CA PHE A 589 -31.11 21.13 -1.52
C PHE A 589 -30.14 19.97 -1.83
N SER A 590 -30.42 19.27 -2.94
CA SER A 590 -29.58 18.18 -3.46
C SER A 590 -28.15 18.71 -3.77
N GLU A 591 -28.11 19.86 -4.47
CA GLU A 591 -26.86 20.55 -4.84
C GLU A 591 -26.01 20.88 -3.59
N TRP A 592 -26.63 21.54 -2.61
CA TRP A 592 -25.94 22.02 -1.40
C TRP A 592 -25.39 20.86 -0.55
N VAL A 593 -26.22 19.81 -0.33
CA VAL A 593 -25.86 18.66 0.53
C VAL A 593 -24.63 17.90 -0.05
N GLU A 594 -24.70 17.57 -1.36
CA GLU A 594 -23.61 16.87 -2.06
C GLU A 594 -22.32 17.72 -2.14
N LEU A 595 -22.50 19.05 -2.29
CA LEU A 595 -21.39 20.02 -2.36
C LEU A 595 -20.59 20.01 -1.06
N LEU A 596 -21.33 20.18 0.06
CA LEU A 596 -20.74 20.24 1.41
C LEU A 596 -20.10 18.89 1.79
N LEU A 597 -20.67 17.79 1.25
CA LEU A 597 -20.13 16.42 1.45
C LEU A 597 -18.73 16.30 0.85
N ASP A 598 -18.62 16.53 -0.45
CA ASP A 598 -17.34 16.45 -1.18
C ASP A 598 -16.41 17.62 -0.79
N GLN A 599 -16.96 18.70 -0.16
CA GLN A 599 -16.14 19.81 0.38
C GLN A 599 -15.39 19.36 1.65
N ALA A 600 -16.12 18.66 2.52
CA ALA A 600 -15.60 18.09 3.78
C ALA A 600 -14.56 17.00 3.44
N LEU A 601 -14.93 16.17 2.46
CA LEU A 601 -14.10 15.07 1.92
C LEU A 601 -12.75 15.65 1.43
N LEU A 602 -12.88 16.70 0.60
CA LEU A 602 -11.77 17.51 0.06
C LEU A 602 -10.90 18.09 1.19
N ALA A 603 -11.55 18.47 2.31
CA ALA A 603 -10.90 19.16 3.42
C ALA A 603 -9.91 18.24 4.17
N GLU A 604 -10.13 16.90 4.13
CA GLU A 604 -9.28 15.96 4.88
C GLU A 604 -8.38 15.11 3.95
N ARG A 605 -8.89 14.75 2.76
CA ARG A 605 -8.21 13.78 1.85
C ARG A 605 -7.75 14.46 0.56
N GLY A 606 -8.59 15.36 0.02
CA GLY A 606 -8.29 16.02 -1.25
C GLY A 606 -8.93 15.33 -2.46
N THR A 607 -9.41 14.08 -2.26
CA THR A 607 -9.93 13.23 -3.35
C THR A 607 -11.40 12.87 -3.06
N LEU A 608 -12.24 12.86 -4.12
CA LEU A 608 -13.70 12.82 -4.01
C LEU A 608 -14.29 11.52 -4.57
N GLU A 609 -15.53 11.18 -4.15
CA GLU A 609 -16.28 10.02 -4.70
C GLU A 609 -16.73 10.33 -6.13
N ASP A 610 -17.26 11.55 -6.32
CA ASP A 610 -17.66 12.09 -7.63
C ASP A 610 -17.15 13.53 -7.73
N PRO A 611 -15.89 13.75 -8.25
CA PRO A 611 -15.32 15.10 -8.44
C PRO A 611 -16.16 15.91 -9.46
N ASN A 612 -16.71 15.19 -10.45
CA ASN A 612 -17.54 15.79 -11.52
C ASN A 612 -18.76 16.53 -10.94
N LEU A 613 -19.55 15.83 -10.08
CA LEU A 613 -20.75 16.43 -9.42
C LEU A 613 -20.38 17.73 -8.68
N PHE A 614 -19.34 17.63 -7.84
CA PHE A 614 -18.86 18.73 -6.99
C PHE A 614 -18.47 19.98 -7.81
N ILE A 615 -17.69 19.78 -8.89
CA ILE A 615 -17.16 20.88 -9.71
C ILE A 615 -18.28 21.55 -10.54
N ARG A 616 -19.26 20.75 -11.02
CA ARG A 616 -20.45 21.29 -11.75
C ARG A 616 -21.20 22.34 -10.89
N ARG A 617 -21.51 21.95 -9.64
CA ARG A 617 -22.26 22.80 -8.68
C ARG A 617 -21.37 23.89 -8.05
N MET A 618 -20.05 23.66 -8.03
CA MET A 618 -19.06 24.66 -7.58
C MET A 618 -19.11 25.90 -8.52
N ASN A 619 -19.02 25.62 -9.85
CA ASN A 619 -19.13 26.66 -10.90
C ASN A 619 -20.52 27.30 -10.93
N GLN A 620 -21.56 26.49 -10.61
CA GLN A 620 -22.94 26.96 -10.54
C GLN A 620 -23.09 28.08 -9.50
N LEU A 621 -22.48 27.91 -8.32
CA LEU A 621 -22.52 28.92 -7.24
C LEU A 621 -21.55 30.08 -7.51
N LEU A 622 -20.51 29.87 -8.34
CA LEU A 622 -19.63 30.96 -8.78
C LEU A 622 -20.39 31.94 -9.72
N VAL A 623 -21.14 31.38 -10.69
CA VAL A 623 -21.80 32.17 -11.75
C VAL A 623 -23.10 32.82 -11.26
N SER A 624 -23.79 32.17 -10.31
CA SER A 624 -25.02 32.69 -9.70
C SER A 624 -24.67 33.74 -8.61
N MET B 1 15.75 -24.35 15.49
CA MET B 1 15.06 -25.51 16.11
C MET B 1 13.62 -25.61 15.60
N LYS B 2 12.91 -26.67 16.03
CA LYS B 2 11.52 -26.92 15.64
C LYS B 2 10.60 -25.89 16.30
N GLY B 3 10.18 -24.89 15.49
CA GLY B 3 9.22 -23.88 15.91
C GLY B 3 7.93 -23.98 15.11
N GLN B 4 7.07 -22.99 15.29
CA GLN B 4 5.82 -22.88 14.52
C GLN B 4 5.40 -21.41 14.52
N GLU B 5 4.33 -21.11 13.78
CA GLU B 5 3.67 -19.82 13.80
C GLU B 5 2.24 -20.03 14.31
N THR B 6 1.71 -19.02 15.01
CA THR B 6 0.32 -19.00 15.48
C THR B 6 -0.65 -19.09 14.28
N ARG B 7 -1.50 -20.14 14.28
CA ARG B 7 -2.48 -20.36 13.20
C ARG B 7 -3.68 -19.44 13.45
N GLY B 8 -3.80 -18.40 12.61
CA GLY B 8 -4.83 -17.37 12.76
C GLY B 8 -6.21 -17.87 12.36
N PHE B 9 -6.91 -18.52 13.31
CA PHE B 9 -8.28 -19.01 13.10
C PHE B 9 -9.25 -17.84 12.82
N GLN B 10 -10.25 -18.12 11.97
CA GLN B 10 -11.36 -17.21 11.70
C GLN B 10 -12.64 -18.04 11.66
N SER B 11 -13.46 -17.90 12.71
CA SER B 11 -14.74 -18.60 12.85
C SER B 11 -15.82 -17.86 12.01
N GLU B 12 -17.11 -17.91 12.46
CA GLU B 12 -18.27 -17.23 11.83
C GLU B 12 -18.34 -17.45 10.29
N VAL B 13 -18.23 -18.73 9.89
CA VAL B 13 -18.38 -19.15 8.48
C VAL B 13 -19.73 -18.67 7.89
N LYS B 14 -19.68 -17.52 7.20
CA LYS B 14 -20.86 -16.77 6.70
C LYS B 14 -21.74 -17.64 5.78
N GLN B 15 -21.08 -18.55 5.04
CA GLN B 15 -21.75 -19.55 4.20
C GLN B 15 -22.76 -20.37 5.03
N LEU B 16 -22.23 -21.13 6.02
CA LEU B 16 -23.06 -22.02 6.88
C LEU B 16 -24.04 -21.22 7.76
N LEU B 17 -23.65 -19.99 8.11
CA LEU B 17 -24.48 -19.07 8.90
C LEU B 17 -25.76 -18.70 8.12
N HIS B 18 -25.65 -18.68 6.78
CA HIS B 18 -26.79 -18.46 5.87
C HIS B 18 -27.47 -19.79 5.49
N LEU B 19 -26.69 -20.91 5.49
CA LEU B 19 -27.20 -22.24 5.10
C LEU B 19 -28.18 -22.78 6.16
N MET B 20 -27.81 -22.61 7.45
CA MET B 20 -28.56 -23.15 8.60
C MET B 20 -30.00 -22.59 8.67
N ILE B 21 -30.20 -21.38 8.13
CA ILE B 21 -31.52 -20.71 8.10
C ILE B 21 -32.50 -21.49 7.21
N HIS B 22 -32.03 -21.88 6.02
CA HIS B 22 -32.84 -22.58 5.00
C HIS B 22 -32.66 -24.11 5.12
N SER B 23 -31.76 -24.54 6.02
CA SER B 23 -31.57 -25.96 6.38
C SER B 23 -32.71 -26.42 7.30
N LEU B 24 -33.27 -25.48 8.06
CA LEU B 24 -34.53 -25.65 8.79
C LEU B 24 -35.66 -25.99 7.80
N TYR B 25 -35.78 -25.10 6.80
CA TYR B 25 -36.69 -25.21 5.63
C TYR B 25 -38.18 -25.07 6.06
N SER B 26 -38.42 -24.87 7.38
CA SER B 26 -39.75 -24.90 8.01
C SER B 26 -40.43 -26.29 7.83
N ASN B 27 -39.62 -27.33 7.52
CA ASN B 27 -40.14 -28.64 7.06
C ASN B 27 -39.71 -29.80 7.95
N LYS B 28 -38.46 -29.76 8.47
CA LYS B 28 -37.81 -30.85 9.27
C LYS B 28 -37.38 -32.03 8.37
N GLU B 29 -38.35 -32.60 7.63
CA GLU B 29 -38.19 -33.74 6.69
C GLU B 29 -37.10 -33.53 5.60
N ILE B 30 -36.63 -32.28 5.46
CA ILE B 30 -35.49 -31.89 4.59
C ILE B 30 -34.23 -32.77 4.85
N PHE B 31 -34.08 -33.29 6.08
CA PHE B 31 -32.92 -34.14 6.46
C PHE B 31 -32.85 -35.42 5.61
N LEU B 32 -34.03 -35.98 5.25
CA LEU B 32 -34.10 -37.21 4.41
C LEU B 32 -33.48 -36.96 3.02
N ARG B 33 -33.62 -35.71 2.51
CA ARG B 33 -33.01 -35.29 1.23
C ARG B 33 -31.48 -35.39 1.31
N GLU B 34 -30.89 -34.69 2.30
CA GLU B 34 -29.43 -34.59 2.49
C GLU B 34 -28.79 -35.94 2.83
N LEU B 35 -29.44 -36.72 3.70
CA LEU B 35 -28.93 -38.03 4.16
C LEU B 35 -28.84 -39.02 2.98
N ILE B 36 -29.92 -39.11 2.17
CA ILE B 36 -29.92 -39.96 0.97
C ILE B 36 -28.98 -39.35 -0.11
N SER B 37 -28.86 -38.00 -0.14
CA SER B 37 -27.97 -37.29 -1.08
C SER B 37 -26.49 -37.62 -0.78
N ASN B 38 -26.19 -37.83 0.51
CA ASN B 38 -24.87 -38.27 0.98
C ASN B 38 -24.63 -39.73 0.52
N ALA B 39 -25.72 -40.51 0.50
CA ALA B 39 -25.69 -41.95 0.17
C ALA B 39 -25.56 -42.16 -1.34
N SER B 40 -26.16 -41.23 -2.10
CA SER B 40 -26.16 -41.25 -3.57
C SER B 40 -24.75 -40.88 -4.07
N ASP B 41 -24.18 -39.81 -3.48
CA ASP B 41 -22.83 -39.33 -3.78
C ASP B 41 -21.75 -40.24 -3.15
N ALA B 42 -22.16 -41.09 -2.17
CA ALA B 42 -21.29 -42.16 -1.62
C ALA B 42 -21.21 -43.32 -2.63
N ALA B 43 -22.37 -43.65 -3.21
CA ALA B 43 -22.47 -44.68 -4.26
C ALA B 43 -21.69 -44.24 -5.51
N ASP B 44 -21.87 -42.95 -5.85
CA ASP B 44 -21.15 -42.28 -6.96
C ASP B 44 -19.64 -42.34 -6.73
N LYS B 45 -19.22 -42.00 -5.50
CA LYS B 45 -17.79 -41.95 -5.13
C LYS B 45 -17.16 -43.35 -5.20
N LEU B 46 -17.98 -44.38 -4.89
CA LEU B 46 -17.56 -45.79 -4.97
C LEU B 46 -17.40 -46.19 -6.44
N ARG B 47 -18.27 -45.66 -7.33
CA ARG B 47 -18.24 -45.95 -8.78
C ARG B 47 -16.90 -45.49 -9.41
N PHE B 48 -16.39 -44.32 -8.96
CA PHE B 48 -15.06 -43.81 -9.38
C PHE B 48 -13.92 -44.67 -8.83
N ARG B 49 -13.98 -44.94 -7.52
CA ARG B 49 -12.93 -45.70 -6.82
C ARG B 49 -12.90 -47.18 -7.28
N ALA B 50 -14.05 -47.64 -7.80
CA ALA B 50 -14.23 -49.01 -8.32
C ALA B 50 -13.37 -49.25 -9.58
N LEU B 51 -12.99 -48.16 -10.24
CA LEU B 51 -12.12 -48.20 -11.42
C LEU B 51 -10.67 -48.44 -11.01
N SER B 52 -10.29 -47.90 -9.83
CA SER B 52 -8.93 -48.07 -9.29
C SER B 52 -8.85 -49.33 -8.41
N ASN B 53 -10.03 -49.87 -8.03
CA ASN B 53 -10.15 -51.03 -7.14
C ASN B 53 -11.60 -51.58 -7.19
N PRO B 54 -11.90 -52.59 -8.07
CA PRO B 54 -13.28 -53.18 -8.16
C PRO B 54 -13.64 -54.06 -6.95
N ASP B 55 -12.61 -54.48 -6.21
CA ASP B 55 -12.73 -55.37 -5.03
C ASP B 55 -13.41 -54.67 -3.85
N LEU B 56 -13.60 -53.34 -3.97
CA LEU B 56 -14.37 -52.53 -3.02
C LEU B 56 -15.83 -53.03 -2.90
N TYR B 57 -16.37 -53.60 -3.99
CA TYR B 57 -17.75 -54.15 -4.01
C TYR B 57 -17.89 -55.40 -3.12
N GLU B 58 -16.76 -56.11 -2.85
CA GLU B 58 -16.75 -57.37 -2.06
C GLU B 58 -17.66 -58.46 -2.68
N GLY B 59 -17.95 -58.31 -3.98
CA GLY B 59 -18.98 -59.10 -4.67
C GLY B 59 -20.28 -58.31 -4.83
N ASP B 60 -20.75 -57.66 -3.73
CA ASP B 60 -21.99 -56.83 -3.70
C ASP B 60 -21.84 -55.62 -4.65
N GLY B 61 -22.32 -55.79 -5.89
CA GLY B 61 -22.22 -54.76 -6.92
C GLY B 61 -23.43 -53.82 -6.93
N GLU B 62 -24.54 -54.26 -6.29
CA GLU B 62 -25.78 -53.48 -6.23
C GLU B 62 -25.72 -52.43 -5.10
N LEU B 63 -25.47 -51.17 -5.48
CA LEU B 63 -25.46 -50.06 -4.54
C LEU B 63 -26.90 -49.59 -4.30
N ARG B 64 -27.34 -49.62 -3.03
CA ARG B 64 -28.64 -49.06 -2.61
C ARG B 64 -28.53 -48.44 -1.21
N VAL B 65 -29.61 -47.78 -0.77
CA VAL B 65 -29.73 -47.22 0.60
C VAL B 65 -31.06 -47.70 1.21
N ARG B 66 -31.02 -48.06 2.50
CA ARG B 66 -32.15 -48.66 3.21
C ARG B 66 -32.52 -47.86 4.46
N VAL B 67 -33.68 -47.21 4.41
CA VAL B 67 -34.22 -46.45 5.53
C VAL B 67 -35.06 -47.40 6.42
N SER B 68 -34.52 -47.75 7.59
CA SER B 68 -35.17 -48.62 8.59
C SER B 68 -35.43 -47.82 9.85
N PHE B 69 -36.50 -48.16 10.60
CA PHE B 69 -36.94 -47.34 11.75
C PHE B 69 -37.66 -48.18 12.80
N ASP B 70 -37.39 -47.86 14.07
CA ASP B 70 -38.02 -48.51 15.22
C ASP B 70 -39.07 -47.54 15.76
N LYS B 71 -40.34 -47.95 15.62
CA LYS B 71 -41.51 -47.13 15.94
C LYS B 71 -41.64 -46.90 17.46
N ASP B 72 -41.05 -47.80 18.25
CA ASP B 72 -41.13 -47.79 19.72
C ASP B 72 -39.94 -47.04 20.35
N LYS B 73 -38.76 -47.18 19.73
CA LYS B 73 -37.49 -46.62 20.26
C LYS B 73 -37.21 -45.19 19.73
N ARG B 74 -37.98 -44.80 18.69
CA ARG B 74 -37.84 -43.49 18.01
C ARG B 74 -36.45 -43.33 17.37
N THR B 75 -35.93 -44.41 16.78
CA THR B 75 -34.64 -44.37 16.07
C THR B 75 -34.87 -44.62 14.56
N LEU B 76 -34.36 -43.70 13.74
CA LEU B 76 -34.46 -43.74 12.29
C LEU B 76 -33.05 -43.90 11.72
N THR B 77 -32.81 -45.05 11.10
CA THR B 77 -31.49 -45.50 10.63
C THR B 77 -31.45 -45.52 9.09
N ILE B 78 -30.64 -44.62 8.50
CA ILE B 78 -30.41 -44.56 7.04
C ILE B 78 -29.07 -45.27 6.76
N SER B 79 -29.16 -46.49 6.21
CA SER B 79 -28.02 -47.39 6.03
C SER B 79 -27.79 -47.70 4.54
N ASP B 80 -26.85 -46.97 3.91
CA ASP B 80 -26.39 -47.26 2.53
C ASP B 80 -25.23 -48.25 2.56
N ASN B 81 -25.11 -49.01 1.46
CA ASN B 81 -23.96 -49.91 1.21
C ASN B 81 -23.07 -49.30 0.10
N GLY B 82 -22.96 -47.95 0.11
CA GLY B 82 -22.14 -47.20 -0.84
C GLY B 82 -20.64 -47.33 -0.55
N VAL B 83 -19.88 -46.21 -0.62
CA VAL B 83 -18.41 -46.24 -0.38
C VAL B 83 -18.11 -46.32 1.13
N GLY B 84 -18.92 -45.64 1.95
CA GLY B 84 -18.64 -45.47 3.38
C GLY B 84 -17.67 -44.35 3.66
N MET B 85 -17.10 -44.33 4.87
CA MET B 85 -16.07 -43.37 5.28
C MET B 85 -15.05 -44.08 6.19
N THR B 86 -13.76 -43.79 6.00
CA THR B 86 -12.67 -44.36 6.81
C THR B 86 -12.50 -43.49 8.09
N ARG B 87 -11.71 -43.96 9.08
CA ARG B 87 -11.60 -43.32 10.42
C ARG B 87 -11.16 -41.84 10.33
N ASP B 88 -9.97 -41.62 9.73
CA ASP B 88 -9.41 -40.27 9.54
C ASP B 88 -10.29 -39.43 8.61
N GLU B 89 -10.97 -40.11 7.67
CA GLU B 89 -11.88 -39.47 6.70
C GLU B 89 -13.12 -38.88 7.40
N VAL B 90 -13.64 -39.58 8.42
CA VAL B 90 -14.78 -39.10 9.24
C VAL B 90 -14.36 -37.87 10.04
N ILE B 91 -13.11 -37.89 10.53
CA ILE B 91 -12.51 -36.73 11.23
C ILE B 91 -12.30 -35.56 10.23
N ASP B 92 -12.02 -35.90 8.94
CA ASP B 92 -11.84 -34.91 7.85
C ASP B 92 -13.17 -34.49 7.22
N HIS B 93 -14.30 -35.14 7.59
CA HIS B 93 -15.65 -34.77 7.11
C HIS B 93 -16.48 -34.19 8.26
N LEU B 94 -16.99 -35.08 9.12
CA LEU B 94 -17.91 -34.73 10.20
C LEU B 94 -17.19 -33.97 11.32
N GLY B 95 -15.99 -34.48 11.71
CA GLY B 95 -15.17 -33.87 12.76
C GLY B 95 -14.74 -32.44 12.46
N THR B 96 -14.44 -32.17 11.17
CA THR B 96 -14.05 -30.85 10.67
C THR B 96 -15.27 -29.89 10.59
N ILE B 97 -16.50 -30.45 10.48
CA ILE B 97 -17.75 -29.64 10.51
C ILE B 97 -18.10 -29.30 11.97
N ALA B 98 -17.74 -30.23 12.86
CA ALA B 98 -17.85 -30.06 14.32
C ALA B 98 -16.64 -29.23 14.83
N LYS B 99 -16.41 -29.20 16.15
CA LYS B 99 -15.39 -28.34 16.76
C LYS B 99 -13.97 -28.91 16.55
N SER B 100 -13.29 -28.42 15.49
CA SER B 100 -11.86 -28.63 15.28
C SER B 100 -11.20 -27.25 15.04
N GLY B 101 -11.44 -26.67 13.85
CA GLY B 101 -10.86 -25.38 13.47
C GLY B 101 -10.34 -25.38 12.03
N THR B 102 -11.28 -25.49 11.08
CA THR B 102 -10.97 -25.45 9.63
C THR B 102 -10.83 -24.01 9.14
N LYS B 103 -11.36 -23.05 9.93
CA LYS B 103 -11.33 -21.61 9.63
C LYS B 103 -12.29 -21.29 8.45
N SER B 104 -11.82 -21.56 7.22
CA SER B 104 -12.59 -21.34 5.99
C SER B 104 -12.09 -22.34 4.94
N PHE B 105 -10.75 -22.40 4.78
CA PHE B 105 -10.05 -23.36 3.90
C PHE B 105 -8.94 -24.11 4.64
N LEU B 106 -8.52 -23.58 5.81
CA LEU B 106 -7.40 -24.11 6.65
C LEU B 106 -7.03 -23.03 7.67
N GLU B 107 -6.74 -23.46 8.91
CA GLU B 107 -6.38 -22.60 10.04
C GLU B 107 -5.15 -21.71 9.75
N SER B 108 -4.14 -22.27 9.06
CA SER B 108 -2.84 -21.62 8.80
C SER B 108 -2.78 -20.98 7.39
N LEU B 109 -2.65 -21.83 6.37
CA LEU B 109 -2.24 -21.42 5.01
C LEU B 109 -3.48 -21.12 4.12
N GLY B 110 -4.60 -21.82 4.40
CA GLY B 110 -5.86 -21.57 3.71
C GLY B 110 -5.94 -22.15 2.30
N SER B 111 -5.41 -23.38 2.11
CA SER B 111 -5.50 -24.09 0.80
C SER B 111 -5.48 -25.62 1.00
N ASP B 112 -4.68 -26.12 1.96
CA ASP B 112 -4.45 -27.58 2.14
C ASP B 112 -5.74 -28.35 2.45
N GLN B 113 -6.46 -27.87 3.47
CA GLN B 113 -7.72 -28.48 3.91
C GLN B 113 -8.94 -27.86 3.19
N ALA B 114 -8.71 -27.16 2.03
CA ALA B 114 -9.75 -26.35 1.33
C ALA B 114 -10.97 -27.16 0.89
N LYS B 115 -10.87 -28.49 0.99
CA LYS B 115 -11.96 -29.41 0.66
C LYS B 115 -12.79 -29.72 1.92
N ASP B 116 -12.93 -28.69 2.78
CA ASP B 116 -13.79 -28.70 3.97
C ASP B 116 -15.08 -27.93 3.65
N SER B 117 -14.93 -26.84 2.86
CA SER B 117 -16.02 -25.90 2.52
C SER B 117 -17.12 -26.59 1.68
N GLN B 118 -16.69 -27.49 0.77
CA GLN B 118 -17.59 -28.31 -0.07
C GLN B 118 -18.40 -29.30 0.80
N LEU B 119 -17.80 -29.76 1.93
CA LEU B 119 -18.44 -30.68 2.89
C LEU B 119 -19.45 -29.93 3.76
N ILE B 120 -19.08 -28.70 4.17
CA ILE B 120 -19.96 -27.81 4.96
C ILE B 120 -21.19 -27.38 4.10
N GLY B 121 -21.00 -27.40 2.77
CA GLY B 121 -22.10 -27.19 1.81
C GLY B 121 -23.20 -28.26 1.91
N GLN B 122 -22.83 -29.53 1.65
CA GLN B 122 -23.80 -30.66 1.60
C GLN B 122 -24.15 -31.17 3.01
N PHE B 123 -23.11 -31.63 3.73
CA PHE B 123 -23.25 -32.28 5.05
C PHE B 123 -23.60 -31.27 6.16
N GLY B 124 -23.25 -29.97 5.95
CA GLY B 124 -23.55 -28.91 6.92
C GLY B 124 -25.06 -28.65 7.04
N VAL B 125 -25.75 -28.70 5.89
CA VAL B 125 -27.22 -28.66 5.83
C VAL B 125 -27.80 -29.93 6.50
N GLY B 126 -27.24 -31.10 6.10
CA GLY B 126 -27.67 -32.40 6.65
C GLY B 126 -27.48 -32.54 8.15
N PHE B 127 -26.46 -31.85 8.69
CA PHE B 127 -26.12 -31.85 10.12
C PHE B 127 -27.23 -31.16 10.91
N TYR B 128 -27.52 -29.91 10.50
CA TYR B 128 -28.51 -29.05 11.15
C TYR B 128 -29.93 -29.67 11.07
N SER B 129 -30.32 -30.03 9.83
CA SER B 129 -31.64 -30.65 9.53
C SER B 129 -31.86 -31.93 10.36
N ALA B 130 -30.78 -32.74 10.52
CA ALA B 130 -30.80 -33.97 11.34
C ALA B 130 -31.10 -33.65 12.82
N PHE B 131 -30.55 -32.54 13.32
CA PHE B 131 -30.73 -32.13 14.72
C PHE B 131 -31.97 -31.25 14.94
N ILE B 132 -32.79 -31.06 13.89
CA ILE B 132 -34.13 -30.49 14.04
C ILE B 132 -35.14 -31.61 14.38
N VAL B 133 -34.92 -32.80 13.77
CA VAL B 133 -35.78 -33.98 13.95
C VAL B 133 -35.27 -34.91 15.05
N ALA B 134 -33.94 -34.91 15.27
CA ALA B 134 -33.27 -35.81 16.21
C ALA B 134 -32.48 -35.00 17.23
N ASP B 135 -32.32 -35.56 18.42
CA ASP B 135 -31.54 -34.95 19.51
C ASP B 135 -30.22 -35.73 19.70
N LYS B 136 -30.19 -36.97 19.20
CA LYS B 136 -29.03 -37.87 19.34
C LYS B 136 -28.80 -38.56 17.99
N VAL B 137 -27.67 -38.28 17.35
CA VAL B 137 -27.26 -38.93 16.08
C VAL B 137 -25.96 -39.72 16.30
N THR B 138 -25.89 -40.91 15.68
CA THR B 138 -24.72 -41.79 15.73
C THR B 138 -24.44 -42.35 14.33
N VAL B 139 -23.26 -42.04 13.78
CA VAL B 139 -22.82 -42.55 12.47
C VAL B 139 -21.87 -43.75 12.69
N ARG B 140 -22.33 -44.92 12.24
CA ARG B 140 -21.54 -46.16 12.18
C ARG B 140 -21.26 -46.43 10.69
N THR B 141 -20.00 -46.23 10.26
CA THR B 141 -19.62 -46.33 8.84
C THR B 141 -18.36 -47.19 8.68
N ARG B 142 -18.23 -47.81 7.51
CA ARG B 142 -17.04 -48.58 7.13
C ARG B 142 -16.82 -48.46 5.62
N ALA B 143 -15.76 -47.72 5.28
CA ALA B 143 -15.26 -47.58 3.91
C ALA B 143 -14.79 -48.92 3.35
N ALA B 144 -15.10 -49.14 2.08
CA ALA B 144 -14.71 -50.33 1.32
C ALA B 144 -13.17 -50.50 1.27
N GLY B 145 -12.71 -51.75 1.44
CA GLY B 145 -11.27 -52.07 1.41
C GLY B 145 -10.67 -52.19 2.80
N GLU B 146 -11.09 -51.30 3.70
CA GLU B 146 -10.71 -51.35 5.10
C GLU B 146 -11.57 -52.42 5.82
N LYS B 147 -10.96 -53.11 6.79
CA LYS B 147 -11.57 -54.26 7.47
C LYS B 147 -12.58 -53.79 8.56
N PRO B 148 -13.61 -54.64 8.91
CA PRO B 148 -14.75 -54.27 9.79
C PRO B 148 -14.41 -53.61 11.15
N GLU B 149 -13.33 -54.07 11.82
CA GLU B 149 -13.00 -53.64 13.20
C GLU B 149 -12.59 -52.15 13.26
N ASN B 150 -11.96 -51.67 12.16
CA ASN B 150 -11.54 -50.26 12.03
C ASN B 150 -12.71 -49.36 11.63
N GLY B 151 -13.94 -49.94 11.56
CA GLY B 151 -15.20 -49.20 11.41
C GLY B 151 -15.33 -48.06 12.42
N VAL B 152 -16.12 -47.04 12.09
CA VAL B 152 -16.03 -45.74 12.77
C VAL B 152 -17.35 -45.44 13.48
N PHE B 153 -17.24 -45.21 14.78
CA PHE B 153 -18.30 -44.65 15.60
C PHE B 153 -18.15 -43.12 15.61
N TRP B 154 -19.25 -42.44 15.39
CA TRP B 154 -19.36 -40.99 15.52
C TRP B 154 -20.67 -40.70 16.25
N GLU B 155 -20.70 -39.63 17.04
CA GLU B 155 -21.86 -39.27 17.84
C GLU B 155 -21.86 -37.76 18.08
N SER B 156 -23.06 -37.15 18.13
CA SER B 156 -23.25 -35.75 18.54
C SER B 156 -24.67 -35.58 19.08
N ALA B 157 -24.81 -34.74 20.12
CA ALA B 157 -26.11 -34.39 20.71
C ALA B 157 -26.73 -33.16 20.00
N GLY B 158 -25.98 -32.58 19.04
CA GLY B 158 -26.40 -31.37 18.34
C GLY B 158 -25.50 -30.19 18.64
N GLU B 159 -24.88 -30.23 19.82
CA GLU B 159 -23.93 -29.21 20.29
C GLU B 159 -22.66 -29.17 19.40
N GLY B 160 -21.78 -28.18 19.64
CA GLY B 160 -20.50 -28.05 18.94
C GLY B 160 -19.45 -29.04 19.43
N GLU B 161 -19.76 -30.34 19.31
CA GLU B 161 -18.97 -31.45 19.87
C GLU B 161 -19.17 -32.69 18.99
N TYR B 162 -18.27 -33.68 19.14
CA TYR B 162 -18.46 -35.01 18.56
C TYR B 162 -17.67 -36.07 19.37
N THR B 163 -18.32 -37.20 19.67
CA THR B 163 -17.69 -38.38 20.25
C THR B 163 -17.34 -39.35 19.12
N VAL B 164 -16.03 -39.51 18.86
CA VAL B 164 -15.51 -40.49 17.90
C VAL B 164 -14.98 -41.72 18.66
N ALA B 165 -15.12 -42.89 18.05
CA ALA B 165 -14.62 -44.16 18.56
C ALA B 165 -14.54 -45.16 17.39
N ASP B 166 -14.12 -46.39 17.69
CA ASP B 166 -14.19 -47.50 16.71
C ASP B 166 -15.37 -48.43 17.05
N ILE B 167 -16.00 -48.99 16.01
CA ILE B 167 -16.99 -50.08 16.13
C ILE B 167 -16.73 -51.11 15.03
N THR B 168 -17.16 -52.36 15.26
CA THR B 168 -17.06 -53.42 14.27
C THR B 168 -18.31 -53.43 13.40
N LYS B 169 -18.15 -52.99 12.14
CA LYS B 169 -19.22 -52.99 11.13
C LYS B 169 -18.73 -53.73 9.88
N GLU B 170 -19.23 -54.95 9.67
CA GLU B 170 -18.91 -55.77 8.48
C GLU B 170 -19.58 -55.20 7.21
N ASP B 171 -20.70 -54.49 7.42
CA ASP B 171 -21.46 -53.88 6.34
C ASP B 171 -20.64 -52.74 5.71
N ARG B 172 -20.58 -52.71 4.37
CA ARG B 172 -19.97 -51.61 3.61
C ARG B 172 -20.95 -50.42 3.61
N GLY B 173 -20.41 -49.19 3.44
CA GLY B 173 -21.24 -48.00 3.34
C GLY B 173 -21.39 -47.29 4.68
N THR B 174 -22.48 -46.52 4.83
CA THR B 174 -22.68 -45.65 6.00
C THR B 174 -24.07 -45.92 6.61
N GLU B 175 -24.11 -46.05 7.95
CA GLU B 175 -25.34 -46.36 8.70
C GLU B 175 -25.50 -45.34 9.83
N ILE B 176 -26.44 -44.42 9.66
CA ILE B 176 -26.66 -43.31 10.59
C ILE B 176 -27.96 -43.53 11.37
N THR B 177 -27.85 -43.78 12.68
CA THR B 177 -28.99 -43.97 13.59
C THR B 177 -29.29 -42.66 14.32
N LEU B 178 -30.44 -42.05 13.97
CA LEU B 178 -30.92 -40.80 14.55
C LEU B 178 -32.06 -41.08 15.54
N HIS B 179 -31.78 -40.97 16.85
CA HIS B 179 -32.84 -40.95 17.86
C HIS B 179 -33.64 -39.64 17.70
N LEU B 180 -34.79 -39.78 17.03
CA LEU B 180 -35.78 -38.72 16.84
C LEU B 180 -36.28 -38.20 18.20
N ARG B 181 -36.51 -36.88 18.26
CA ARG B 181 -37.02 -36.21 19.47
C ARG B 181 -38.45 -36.69 19.76
N GLU B 182 -38.85 -36.58 21.03
CA GLU B 182 -40.19 -36.95 21.47
C GLU B 182 -41.22 -36.00 20.83
N GLY B 183 -42.03 -36.55 19.92
CA GLY B 183 -42.93 -35.76 19.06
C GLY B 183 -42.69 -36.03 17.58
N GLU B 184 -41.43 -36.31 17.19
CA GLU B 184 -41.05 -36.64 15.78
C GLU B 184 -41.37 -38.11 15.40
N ASP B 185 -42.49 -38.61 15.95
CA ASP B 185 -43.10 -39.90 15.58
C ASP B 185 -43.68 -39.84 14.15
N GLU B 186 -43.72 -38.61 13.59
CA GLU B 186 -44.01 -38.34 12.16
C GLU B 186 -43.14 -39.20 11.23
N PHE B 187 -41.86 -39.33 11.62
CA PHE B 187 -40.83 -40.04 10.83
C PHE B 187 -40.70 -41.50 11.29
N LEU B 188 -41.71 -41.99 12.01
CA LEU B 188 -41.89 -43.43 12.36
C LEU B 188 -43.14 -43.99 11.66
N ASP B 189 -43.96 -43.10 11.07
CA ASP B 189 -45.15 -43.49 10.31
C ASP B 189 -44.72 -43.95 8.92
N ASP B 190 -44.88 -45.27 8.66
CA ASP B 190 -44.40 -45.95 7.43
C ASP B 190 -44.82 -45.20 6.15
N TRP B 191 -46.13 -44.95 6.03
CA TRP B 191 -46.74 -44.25 4.88
C TRP B 191 -46.14 -42.84 4.68
N ARG B 192 -45.94 -42.11 5.79
CA ARG B 192 -45.44 -40.72 5.78
C ARG B 192 -44.00 -40.68 5.27
N VAL B 193 -43.15 -41.55 5.85
CA VAL B 193 -41.73 -41.62 5.49
C VAL B 193 -41.61 -41.92 4.00
N ARG B 194 -42.37 -42.91 3.50
CA ARG B 194 -42.37 -43.31 2.06
C ARG B 194 -42.77 -42.16 1.12
N SER B 195 -43.70 -41.29 1.57
CA SER B 195 -44.12 -40.12 0.79
C SER B 195 -42.95 -39.12 0.61
N ILE B 196 -42.24 -38.86 1.72
CA ILE B 196 -41.12 -37.90 1.76
C ILE B 196 -39.92 -38.46 0.96
N ILE B 197 -39.65 -39.76 1.22
CA ILE B 197 -38.63 -40.55 0.52
C ILE B 197 -38.88 -40.49 -0.99
N SER B 198 -40.14 -40.72 -1.41
CA SER B 198 -40.55 -40.76 -2.84
C SER B 198 -40.19 -39.44 -3.56
N LYS B 199 -40.60 -38.32 -2.95
CA LYS B 199 -40.38 -36.97 -3.52
C LYS B 199 -38.89 -36.61 -3.67
N TYR B 200 -37.99 -37.45 -3.12
CA TYR B 200 -36.54 -37.30 -3.29
C TYR B 200 -35.98 -38.42 -4.20
N SER B 201 -36.42 -39.64 -3.93
CA SER B 201 -35.79 -40.87 -4.44
C SER B 201 -36.03 -41.06 -5.94
N ASP B 202 -37.20 -40.60 -6.42
CA ASP B 202 -37.59 -40.72 -7.83
C ASP B 202 -36.65 -39.94 -8.75
N HIS B 203 -35.96 -38.90 -8.21
CA HIS B 203 -35.00 -38.10 -9.00
C HIS B 203 -33.55 -38.50 -8.72
N ILE B 204 -33.35 -39.59 -7.95
CA ILE B 204 -32.01 -40.06 -7.52
C ILE B 204 -31.62 -41.34 -8.27
N ALA B 205 -30.32 -41.47 -8.61
CA ALA B 205 -29.75 -42.62 -9.37
C ALA B 205 -29.29 -43.76 -8.42
N LEU B 206 -30.00 -43.89 -7.27
CA LEU B 206 -29.68 -44.89 -6.24
C LEU B 206 -31.01 -45.54 -5.78
N PRO B 207 -31.14 -46.92 -5.83
CA PRO B 207 -32.34 -47.61 -5.29
C PRO B 207 -32.55 -47.32 -3.80
N VAL B 208 -33.56 -46.52 -3.47
CA VAL B 208 -33.87 -46.18 -2.06
C VAL B 208 -34.98 -47.11 -1.55
N GLU B 209 -34.55 -48.17 -0.86
CA GLU B 209 -35.43 -49.15 -0.23
C GLU B 209 -35.80 -48.68 1.19
N ILE B 210 -36.96 -49.14 1.68
CA ILE B 210 -37.42 -48.84 3.04
C ILE B 210 -37.79 -50.15 3.74
N GLU B 211 -37.73 -50.13 5.07
CA GLU B 211 -38.09 -51.25 5.92
C GLU B 211 -39.60 -51.57 5.77
N LYS B 212 -39.87 -52.72 5.19
CA LYS B 212 -41.19 -53.34 5.18
C LYS B 212 -41.06 -54.66 5.95
N ARG B 213 -41.31 -54.63 7.26
CA ARG B 213 -41.18 -55.83 8.09
C ARG B 213 -42.50 -56.10 8.83
N GLU B 214 -42.99 -57.35 8.70
CA GLU B 214 -44.20 -57.84 9.37
C GLU B 214 -43.77 -58.91 10.39
N GLU B 215 -43.63 -58.47 11.65
CA GLU B 215 -43.13 -59.31 12.76
C GLU B 215 -44.29 -60.09 13.42
N LYS B 216 -44.49 -61.34 12.98
CA LYS B 216 -45.40 -62.28 13.66
C LYS B 216 -44.60 -63.15 14.63
N ASP B 217 -45.32 -63.87 15.50
CA ASP B 217 -44.73 -64.79 16.50
C ASP B 217 -43.88 -65.86 15.80
N GLY B 218 -42.55 -65.79 15.99
CA GLY B 218 -41.61 -66.73 15.40
C GLY B 218 -41.14 -66.32 14.00
N GLU B 219 -41.95 -65.51 13.29
CA GLU B 219 -41.73 -65.18 11.87
C GLU B 219 -41.61 -63.65 11.69
N THR B 220 -40.39 -63.13 11.94
CA THR B 220 -40.02 -61.72 11.74
C THR B 220 -39.63 -61.52 10.27
N VAL B 221 -40.63 -61.31 9.41
CA VAL B 221 -40.39 -61.19 7.97
C VAL B 221 -39.89 -59.77 7.69
N ILE B 222 -38.61 -59.64 7.30
CA ILE B 222 -37.96 -58.36 7.00
C ILE B 222 -37.70 -58.27 5.50
N SER B 223 -38.48 -57.43 4.83
CA SER B 223 -38.34 -57.13 3.41
C SER B 223 -37.96 -55.65 3.23
N TRP B 224 -37.54 -55.28 2.02
CA TRP B 224 -37.08 -53.91 1.70
C TRP B 224 -37.72 -53.48 0.37
N GLU B 225 -38.67 -52.53 0.43
CA GLU B 225 -39.40 -52.04 -0.75
C GLU B 225 -38.77 -50.74 -1.26
N LYS B 226 -38.19 -50.80 -2.47
CA LYS B 226 -37.65 -49.61 -3.14
C LYS B 226 -38.80 -48.75 -3.72
N ILE B 227 -38.92 -47.51 -3.20
CA ILE B 227 -39.93 -46.54 -3.68
C ILE B 227 -39.44 -45.94 -5.02
N ASN B 228 -38.11 -45.94 -5.19
CA ASN B 228 -37.46 -45.54 -6.44
C ASN B 228 -37.36 -46.77 -7.37
N LYS B 229 -37.49 -46.52 -8.68
CA LYS B 229 -37.40 -47.56 -9.72
C LYS B 229 -35.92 -47.90 -10.03
N ALA B 230 -35.02 -47.01 -9.54
CA ALA B 230 -33.57 -47.07 -9.73
C ALA B 230 -33.20 -46.77 -11.19
N GLN B 231 -33.27 -45.48 -11.52
CA GLN B 231 -32.95 -44.99 -12.85
C GLN B 231 -32.27 -43.64 -12.72
N ALA B 232 -31.16 -43.49 -13.47
CA ALA B 232 -30.44 -42.24 -13.59
C ALA B 232 -31.32 -41.20 -14.33
N LEU B 233 -31.69 -40.10 -13.62
CA LEU B 233 -32.60 -39.05 -14.13
C LEU B 233 -32.10 -38.51 -15.48
N TRP B 234 -30.77 -38.35 -15.60
CA TRP B 234 -30.15 -37.77 -16.79
C TRP B 234 -30.38 -38.67 -18.02
N THR B 235 -30.16 -39.99 -17.91
CA THR B 235 -30.29 -40.91 -19.07
C THR B 235 -31.76 -41.29 -19.33
N ARG B 236 -32.64 -41.04 -18.32
CA ARG B 236 -34.09 -41.17 -18.47
C ARG B 236 -34.63 -39.91 -19.19
N ASN B 237 -35.57 -40.11 -20.12
CA ASN B 237 -36.00 -39.07 -21.08
C ASN B 237 -36.62 -37.83 -20.41
N LYS B 238 -36.33 -36.64 -21.01
CA LYS B 238 -36.82 -35.32 -20.55
C LYS B 238 -38.36 -35.28 -20.48
N SER B 239 -39.03 -35.91 -21.45
CA SER B 239 -40.51 -35.98 -21.50
C SER B 239 -41.08 -36.78 -20.31
N GLU B 240 -40.27 -37.74 -19.81
CA GLU B 240 -40.63 -38.58 -18.66
C GLU B 240 -40.32 -37.86 -17.32
N ILE B 241 -39.35 -36.92 -17.33
CA ILE B 241 -38.97 -36.15 -16.10
C ILE B 241 -39.94 -34.96 -15.90
N THR B 242 -40.50 -34.80 -14.69
CA THR B 242 -41.30 -33.60 -14.34
C THR B 242 -40.36 -32.47 -13.85
N ASP B 243 -40.87 -31.22 -13.91
CA ASP B 243 -40.12 -30.00 -13.52
C ASP B 243 -39.65 -30.06 -12.06
N GLU B 244 -40.49 -30.67 -11.20
CA GLU B 244 -40.26 -30.75 -9.74
C GLU B 244 -39.00 -31.58 -9.42
N GLU B 245 -38.82 -32.67 -10.21
CA GLU B 245 -37.63 -33.53 -10.14
C GLU B 245 -36.36 -32.70 -10.37
N TYR B 246 -36.33 -31.89 -11.44
CA TYR B 246 -35.15 -31.04 -11.79
C TYR B 246 -34.80 -30.06 -10.67
N LYS B 247 -35.83 -29.38 -10.14
CA LYS B 247 -35.68 -28.32 -9.09
C LYS B 247 -34.98 -28.89 -7.84
N GLU B 248 -35.41 -30.09 -7.45
CA GLU B 248 -34.92 -30.77 -6.25
C GLU B 248 -33.63 -31.59 -6.54
N PHE B 249 -33.46 -32.03 -7.81
CA PHE B 249 -32.27 -32.80 -8.28
C PHE B 249 -31.05 -31.90 -8.36
N TYR B 250 -31.30 -30.62 -8.70
CA TYR B 250 -30.29 -29.57 -8.69
C TYR B 250 -29.61 -29.52 -7.31
N LYS B 251 -30.42 -29.56 -6.25
CA LYS B 251 -29.96 -29.41 -4.85
C LYS B 251 -29.03 -30.58 -4.45
N HIS B 252 -29.33 -31.77 -5.00
CA HIS B 252 -28.50 -32.98 -4.84
C HIS B 252 -27.11 -32.78 -5.51
N ILE B 253 -27.11 -32.57 -6.83
CA ILE B 253 -25.88 -32.56 -7.66
C ILE B 253 -25.00 -31.30 -7.39
N ALA B 254 -25.63 -30.25 -6.87
CA ALA B 254 -24.96 -28.96 -6.60
C ALA B 254 -24.37 -28.93 -5.18
N HIS B 255 -24.84 -29.87 -4.32
CA HIS B 255 -24.51 -29.92 -2.88
C HIS B 255 -24.98 -28.61 -2.20
N ASP B 256 -26.19 -28.19 -2.60
CA ASP B 256 -26.76 -26.87 -2.30
C ASP B 256 -28.28 -27.06 -2.01
N PHE B 257 -29.07 -25.97 -1.94
CA PHE B 257 -30.55 -26.03 -1.86
C PHE B 257 -31.23 -24.85 -2.56
N ASN B 258 -30.44 -23.93 -3.18
CA ASN B 258 -30.98 -22.82 -3.99
C ASN B 258 -31.80 -23.39 -5.17
N ASP B 259 -32.91 -22.71 -5.49
CA ASP B 259 -33.75 -23.08 -6.64
C ASP B 259 -33.04 -22.68 -7.96
N PRO B 260 -33.14 -23.51 -9.04
CA PRO B 260 -32.65 -23.10 -10.36
C PRO B 260 -33.68 -22.22 -11.11
N LEU B 261 -33.19 -21.14 -11.76
CA LEU B 261 -34.01 -20.27 -12.64
C LEU B 261 -34.57 -21.08 -13.82
N THR B 262 -33.67 -21.86 -14.47
CA THR B 262 -34.00 -22.68 -15.63
C THR B 262 -32.96 -23.81 -15.80
N TRP B 263 -33.18 -24.69 -16.78
CA TRP B 263 -32.33 -25.88 -17.03
C TRP B 263 -32.49 -26.37 -18.49
N SER B 264 -31.54 -27.20 -18.96
CA SER B 264 -31.59 -27.81 -20.30
C SER B 264 -31.28 -29.31 -20.21
N HIS B 265 -32.28 -30.17 -20.48
CA HIS B 265 -32.12 -31.63 -20.45
C HIS B 265 -32.19 -32.20 -21.87
N ASN B 266 -31.01 -32.45 -22.46
CA ASN B 266 -30.88 -32.96 -23.85
C ASN B 266 -29.83 -34.08 -23.88
N ARG B 267 -30.08 -35.14 -24.65
CA ARG B 267 -29.05 -36.19 -24.91
C ARG B 267 -28.70 -36.19 -26.41
N VAL B 268 -27.41 -36.33 -26.69
CA VAL B 268 -26.86 -36.43 -28.05
C VAL B 268 -26.16 -37.80 -28.19
N GLU B 269 -26.28 -38.42 -29.38
CA GLU B 269 -25.67 -39.74 -29.65
C GLU B 269 -25.28 -39.88 -31.12
N GLY B 270 -24.31 -40.77 -31.39
CA GLY B 270 -23.77 -41.00 -32.73
C GLY B 270 -22.27 -41.27 -32.67
N LYS B 271 -21.45 -40.27 -33.05
CA LYS B 271 -19.97 -40.36 -32.93
C LYS B 271 -19.54 -40.14 -31.46
N GLN B 272 -20.10 -39.08 -30.86
CA GLN B 272 -19.83 -38.69 -29.48
C GLN B 272 -21.16 -38.71 -28.72
N GLU B 273 -21.49 -39.84 -28.08
CA GLU B 273 -22.73 -39.97 -27.29
C GLU B 273 -22.48 -39.49 -25.86
N TYR B 274 -23.24 -38.47 -25.45
CA TYR B 274 -23.17 -37.89 -24.12
C TYR B 274 -24.56 -37.35 -23.72
N THR B 275 -24.89 -37.49 -22.44
CA THR B 275 -26.12 -36.96 -21.86
C THR B 275 -25.80 -35.65 -21.10
N SER B 276 -26.34 -34.52 -21.57
CA SER B 276 -26.14 -33.21 -20.91
C SER B 276 -27.41 -32.76 -20.15
N LEU B 277 -27.23 -32.33 -18.89
CA LEU B 277 -28.29 -31.74 -18.07
C LEU B 277 -27.70 -30.58 -17.25
N LEU B 278 -27.89 -29.37 -17.78
CA LEU B 278 -27.34 -28.12 -17.21
C LEU B 278 -28.43 -27.37 -16.43
N TYR B 279 -28.01 -26.45 -15.55
CA TYR B 279 -28.89 -25.64 -14.69
C TYR B 279 -28.28 -24.23 -14.50
N ILE B 280 -29.15 -23.24 -14.27
CA ILE B 280 -28.76 -21.88 -13.84
C ILE B 280 -29.38 -21.62 -12.46
N PRO B 281 -28.59 -21.31 -11.39
CA PRO B 281 -29.14 -20.99 -10.02
C PRO B 281 -29.82 -19.61 -9.96
N SER B 282 -30.59 -19.36 -8.87
CA SER B 282 -31.25 -18.07 -8.62
C SER B 282 -30.26 -17.03 -8.06
N GLN B 283 -29.30 -17.52 -7.28
CA GLN B 283 -28.27 -16.69 -6.63
C GLN B 283 -26.89 -17.26 -6.94
N ALA B 284 -25.88 -16.39 -6.84
CA ALA B 284 -24.47 -16.76 -7.01
C ALA B 284 -24.01 -17.65 -5.82
N PRO B 285 -23.21 -18.74 -6.08
CA PRO B 285 -22.60 -19.55 -5.00
C PRO B 285 -21.51 -18.75 -4.24
N TRP B 286 -21.05 -19.28 -3.09
CA TRP B 286 -19.99 -18.64 -2.29
C TRP B 286 -18.69 -18.59 -3.12
N ASP B 287 -18.39 -19.72 -3.78
CA ASP B 287 -17.18 -19.90 -4.63
C ASP B 287 -17.38 -19.31 -6.05
N MET B 288 -18.07 -18.16 -6.10
CA MET B 288 -18.39 -17.44 -7.35
C MET B 288 -17.11 -16.94 -8.04
N TRP B 289 -16.22 -16.34 -7.23
CA TRP B 289 -14.93 -15.77 -7.72
C TRP B 289 -13.74 -16.35 -6.92
N ASN B 290 -14.02 -17.39 -6.11
CA ASN B 290 -12.99 -18.08 -5.30
C ASN B 290 -12.06 -18.91 -6.21
N ARG B 291 -10.84 -19.16 -5.72
CA ARG B 291 -9.81 -19.91 -6.47
C ARG B 291 -10.11 -21.44 -6.52
N ASP B 292 -11.08 -21.89 -5.70
CA ASP B 292 -11.55 -23.29 -5.69
C ASP B 292 -12.89 -23.37 -6.45
N HIS B 293 -13.36 -24.61 -6.69
CA HIS B 293 -14.60 -24.87 -7.43
C HIS B 293 -15.77 -25.15 -6.48
N LYS B 294 -16.97 -24.75 -6.93
CA LYS B 294 -18.25 -25.25 -6.38
C LYS B 294 -19.30 -25.16 -7.49
N HIS B 295 -19.13 -24.16 -8.34
CA HIS B 295 -19.77 -24.07 -9.66
C HIS B 295 -19.23 -25.19 -10.58
N GLY B 296 -19.97 -25.51 -11.65
CA GLY B 296 -19.60 -26.59 -12.58
C GLY B 296 -20.49 -27.81 -12.44
N LEU B 297 -20.09 -28.90 -13.11
CA LEU B 297 -20.95 -30.09 -13.32
C LEU B 297 -20.39 -31.32 -12.59
N LYS B 298 -21.27 -32.26 -12.18
CA LYS B 298 -20.82 -33.60 -11.75
C LYS B 298 -20.48 -34.44 -13.01
N LEU B 299 -19.20 -34.79 -13.14
CA LEU B 299 -18.73 -35.63 -14.26
C LEU B 299 -19.11 -37.12 -14.04
N TYR B 300 -19.79 -37.67 -15.05
CA TYR B 300 -20.04 -39.10 -15.21
C TYR B 300 -19.49 -39.52 -16.59
N VAL B 301 -18.97 -40.74 -16.68
CA VAL B 301 -18.52 -41.33 -17.96
C VAL B 301 -19.13 -42.74 -18.06
N GLN B 302 -20.06 -42.92 -19.02
CA GLN B 302 -20.84 -44.18 -19.21
C GLN B 302 -21.68 -44.51 -17.94
N ARG B 303 -22.10 -43.42 -17.25
CA ARG B 303 -22.93 -43.43 -16.01
C ARG B 303 -22.13 -43.86 -14.77
N VAL B 304 -20.80 -43.98 -14.96
CA VAL B 304 -19.85 -44.22 -13.87
C VAL B 304 -19.24 -42.87 -13.47
N PHE B 305 -19.59 -42.39 -12.28
CA PHE B 305 -19.11 -41.11 -11.73
C PHE B 305 -17.56 -41.04 -11.68
N ILE B 306 -17.03 -39.83 -11.91
CA ILE B 306 -15.58 -39.57 -11.85
C ILE B 306 -15.28 -38.50 -10.78
N MET B 307 -15.78 -37.27 -10.98
CA MET B 307 -15.49 -36.12 -10.08
C MET B 307 -16.60 -35.06 -10.12
N ASP B 308 -17.04 -34.60 -8.93
CA ASP B 308 -18.04 -33.52 -8.79
C ASP B 308 -17.35 -32.14 -8.71
N ASP B 309 -18.17 -31.08 -8.87
CA ASP B 309 -17.69 -29.67 -8.98
C ASP B 309 -16.71 -29.51 -10.17
N ALA B 310 -16.86 -30.38 -11.20
CA ALA B 310 -15.99 -30.40 -12.38
C ALA B 310 -16.39 -29.27 -13.36
N GLU B 311 -15.74 -28.12 -13.16
CA GLU B 311 -15.96 -26.90 -13.97
C GLU B 311 -15.28 -26.98 -15.36
N GLN B 312 -14.49 -28.03 -15.59
CA GLN B 312 -13.75 -28.25 -16.85
C GLN B 312 -14.68 -28.48 -18.07
N PHE B 313 -16.00 -28.63 -17.81
CA PHE B 313 -17.02 -28.86 -18.87
C PHE B 313 -17.85 -27.59 -19.12
N MET B 314 -17.59 -26.53 -18.33
CA MET B 314 -18.23 -25.21 -18.51
C MET B 314 -17.16 -24.11 -18.45
N PRO B 315 -17.06 -23.21 -19.47
CA PRO B 315 -16.08 -22.10 -19.48
C PRO B 315 -16.34 -21.14 -18.31
N ASN B 316 -15.28 -20.51 -17.79
CA ASN B 316 -15.39 -19.56 -16.64
C ASN B 316 -16.02 -18.21 -17.05
N TYR B 317 -16.28 -18.06 -18.36
CA TYR B 317 -17.01 -16.92 -18.93
C TYR B 317 -18.54 -17.15 -18.79
N LEU B 318 -18.90 -18.43 -18.54
CA LEU B 318 -20.27 -18.87 -18.19
C LEU B 318 -20.20 -19.73 -16.90
N ARG B 319 -19.28 -19.35 -15.95
CA ARG B 319 -18.94 -20.16 -14.75
C ARG B 319 -20.13 -20.38 -13.81
N PHE B 320 -21.18 -19.54 -13.97
CA PHE B 320 -22.41 -19.60 -13.15
C PHE B 320 -23.17 -20.94 -13.28
N VAL B 321 -22.97 -21.64 -14.42
CA VAL B 321 -23.69 -22.90 -14.70
C VAL B 321 -23.28 -24.03 -13.73
N ARG B 322 -24.29 -24.76 -13.26
CA ARG B 322 -24.13 -26.02 -12.51
C ARG B 322 -24.94 -27.12 -13.19
N GLY B 323 -24.79 -28.34 -12.67
CA GLY B 323 -25.55 -29.48 -13.14
C GLY B 323 -24.73 -30.75 -13.14
N LEU B 324 -24.77 -31.49 -14.25
CA LEU B 324 -24.00 -32.73 -14.47
C LEU B 324 -23.96 -33.04 -15.96
N ILE B 325 -22.96 -33.84 -16.35
CA ILE B 325 -22.82 -34.31 -17.74
C ILE B 325 -22.22 -35.72 -17.73
N ASP B 326 -22.95 -36.65 -18.33
CA ASP B 326 -22.50 -38.02 -18.60
C ASP B 326 -21.96 -38.06 -20.03
N SER B 327 -20.76 -38.61 -20.23
CA SER B 327 -20.18 -38.79 -21.56
C SER B 327 -19.69 -40.23 -21.71
N SER B 328 -20.29 -40.97 -22.65
CA SER B 328 -19.85 -42.34 -22.98
C SER B 328 -18.64 -42.31 -23.94
N ASP B 329 -18.39 -41.10 -24.50
CA ASP B 329 -17.34 -40.85 -25.48
C ASP B 329 -16.00 -40.56 -24.79
N LEU B 330 -16.06 -39.72 -23.74
CA LEU B 330 -14.89 -39.30 -22.92
C LEU B 330 -14.20 -40.54 -22.31
N PRO B 331 -12.81 -40.57 -22.21
CA PRO B 331 -12.07 -41.62 -21.47
C PRO B 331 -12.62 -41.84 -20.04
N LEU B 332 -12.76 -43.11 -19.61
CA LEU B 332 -13.18 -43.46 -18.24
C LEU B 332 -12.00 -43.25 -17.26
N ASN B 333 -10.78 -43.18 -17.82
CA ASN B 333 -9.54 -42.91 -17.07
C ASN B 333 -9.28 -41.39 -16.93
N VAL B 334 -10.30 -40.58 -17.25
CA VAL B 334 -10.21 -39.12 -17.24
C VAL B 334 -9.93 -38.58 -15.80
N SER B 335 -8.99 -37.63 -15.73
CA SER B 335 -8.60 -36.94 -14.49
C SER B 335 -8.38 -35.46 -14.82
N ARG B 336 -8.02 -34.64 -13.79
CA ARG B 336 -7.81 -33.18 -13.93
C ARG B 336 -6.84 -32.85 -15.08
N GLU B 337 -5.82 -33.69 -15.24
CA GLU B 337 -4.79 -33.55 -16.30
C GLU B 337 -5.45 -33.71 -17.70
N ILE B 338 -6.24 -34.79 -17.86
CA ILE B 338 -6.92 -35.13 -19.14
C ILE B 338 -7.96 -34.04 -19.50
N LEU B 339 -8.54 -33.42 -18.45
CA LEU B 339 -9.54 -32.35 -18.58
C LEU B 339 -8.93 -31.05 -19.15
N GLN B 340 -7.66 -30.81 -18.82
CA GLN B 340 -6.91 -29.62 -19.27
C GLN B 340 -6.32 -29.86 -20.68
N ASP B 341 -5.65 -31.01 -20.84
CA ASP B 341 -4.79 -31.29 -22.00
C ASP B 341 -5.58 -31.85 -23.21
N SER B 342 -6.45 -32.86 -22.98
CA SER B 342 -7.12 -33.55 -24.09
C SER B 342 -8.16 -32.63 -24.76
N THR B 343 -8.22 -32.71 -26.11
CA THR B 343 -9.08 -31.85 -26.93
C THR B 343 -10.54 -32.34 -26.86
N VAL B 344 -10.75 -33.64 -26.53
CA VAL B 344 -12.09 -34.24 -26.47
C VAL B 344 -12.93 -33.60 -25.33
N THR B 345 -12.24 -33.19 -24.24
CA THR B 345 -12.87 -32.46 -23.13
C THR B 345 -13.22 -31.02 -23.57
N ARG B 346 -12.40 -30.45 -24.46
CA ARG B 346 -12.54 -29.05 -24.91
C ARG B 346 -13.71 -28.98 -25.91
N ASN B 347 -13.78 -29.99 -26.79
CA ASN B 347 -14.85 -30.16 -27.79
C ASN B 347 -16.19 -30.37 -27.09
N LEU B 348 -16.15 -31.19 -26.04
CA LEU B 348 -17.31 -31.51 -25.21
C LEU B 348 -17.78 -30.27 -24.43
N ARG B 349 -16.80 -29.50 -23.91
CA ARG B 349 -17.07 -28.24 -23.16
C ARG B 349 -17.76 -27.21 -24.06
N ASN B 350 -17.24 -27.05 -25.28
CA ASN B 350 -17.75 -26.10 -26.28
C ASN B 350 -19.15 -26.49 -26.76
N ALA B 351 -19.37 -27.80 -26.92
CA ALA B 351 -20.70 -28.35 -27.25
C ALA B 351 -21.71 -27.94 -26.15
N LEU B 352 -21.33 -28.19 -24.90
CA LEU B 352 -22.10 -27.84 -23.69
C LEU B 352 -22.34 -26.33 -23.57
N THR B 353 -21.36 -25.54 -24.02
CA THR B 353 -21.42 -24.08 -23.96
C THR B 353 -22.59 -23.55 -24.81
N LYS B 354 -22.88 -24.25 -25.93
CA LYS B 354 -24.00 -23.89 -26.81
C LYS B 354 -25.37 -24.26 -26.18
N ARG B 355 -25.40 -25.30 -25.32
CA ARG B 355 -26.62 -25.65 -24.56
C ARG B 355 -26.96 -24.51 -23.59
N VAL B 356 -25.91 -23.84 -23.06
CA VAL B 356 -26.05 -22.66 -22.20
C VAL B 356 -26.47 -21.46 -23.05
N LEU B 357 -25.76 -21.20 -24.15
CA LEU B 357 -25.96 -20.02 -25.06
C LEU B 357 -27.44 -19.94 -25.51
N GLN B 358 -27.96 -21.12 -25.88
CA GLN B 358 -29.37 -21.33 -26.23
C GLN B 358 -30.27 -21.00 -25.02
N MET B 359 -29.92 -21.59 -23.87
CA MET B 359 -30.67 -21.48 -22.59
C MET B 359 -30.70 -20.03 -22.05
N LEU B 360 -29.72 -19.19 -22.45
CA LEU B 360 -29.61 -17.79 -21.99
C LEU B 360 -30.69 -16.91 -22.64
N GLU B 361 -30.76 -16.93 -23.99
CA GLU B 361 -31.81 -16.19 -24.73
C GLU B 361 -33.17 -16.85 -24.48
N LYS B 362 -33.17 -18.19 -24.30
CA LYS B 362 -34.39 -18.95 -23.98
C LYS B 362 -34.94 -18.47 -22.62
N LEU B 363 -34.03 -18.19 -21.67
CA LEU B 363 -34.38 -17.64 -20.33
C LEU B 363 -35.01 -16.24 -20.48
N ALA B 364 -34.50 -15.46 -21.45
CA ALA B 364 -35.07 -14.14 -21.81
C ALA B 364 -36.52 -14.25 -22.36
N LYS B 365 -36.83 -15.40 -22.98
CA LYS B 365 -38.15 -15.67 -23.57
C LYS B 365 -39.07 -16.42 -22.58
N ASP B 366 -38.43 -17.13 -21.64
CA ASP B 366 -39.11 -17.96 -20.62
C ASP B 366 -39.70 -17.05 -19.54
N ASP B 367 -38.91 -16.01 -19.17
CA ASP B 367 -39.32 -14.97 -18.23
C ASP B 367 -38.31 -13.80 -18.28
N ALA B 368 -38.74 -12.66 -18.85
CA ALA B 368 -37.90 -11.46 -19.04
C ALA B 368 -37.32 -10.91 -17.71
N GLU B 369 -38.12 -10.97 -16.62
CA GLU B 369 -37.71 -10.50 -15.29
C GLU B 369 -36.65 -11.44 -14.70
N LYS B 370 -36.81 -12.73 -14.96
CA LYS B 370 -35.92 -13.78 -14.43
C LYS B 370 -34.57 -13.77 -15.17
N TYR B 371 -34.58 -13.30 -16.42
CA TYR B 371 -33.35 -13.04 -17.19
C TYR B 371 -32.65 -11.76 -16.67
N GLN B 372 -33.44 -10.77 -16.25
CA GLN B 372 -32.90 -9.54 -15.64
C GLN B 372 -32.21 -9.90 -14.30
N THR B 373 -32.88 -10.74 -13.50
CA THR B 373 -32.36 -11.22 -12.20
C THR B 373 -31.05 -12.00 -12.40
N PHE B 374 -31.07 -12.85 -13.44
CA PHE B 374 -29.89 -13.58 -13.92
C PHE B 374 -28.73 -12.62 -14.20
N TRP B 375 -28.99 -11.57 -15.00
CA TRP B 375 -27.95 -10.65 -15.46
C TRP B 375 -27.42 -9.77 -14.30
N GLN B 376 -28.26 -9.53 -13.28
CA GLN B 376 -27.88 -8.72 -12.11
C GLN B 376 -27.14 -9.57 -11.05
N GLN B 377 -26.97 -10.89 -11.31
CA GLN B 377 -26.23 -11.81 -10.41
C GLN B 377 -25.01 -12.43 -11.12
N PHE B 378 -25.13 -12.64 -12.45
CA PHE B 378 -24.20 -13.48 -13.24
C PHE B 378 -23.71 -12.73 -14.50
N GLY B 379 -24.16 -11.47 -14.66
CA GLY B 379 -23.95 -10.71 -15.87
C GLY B 379 -22.51 -10.35 -16.12
N LEU B 380 -21.79 -10.01 -15.04
CA LEU B 380 -20.37 -9.63 -15.11
C LEU B 380 -19.52 -10.83 -15.58
N VAL B 381 -19.95 -12.06 -15.23
CA VAL B 381 -19.31 -13.30 -15.71
C VAL B 381 -19.43 -13.39 -17.25
N LEU B 382 -20.66 -13.12 -17.73
CA LEU B 382 -20.98 -13.19 -19.18
C LEU B 382 -20.30 -12.00 -19.93
N LYS B 383 -19.93 -10.91 -19.20
CA LYS B 383 -19.18 -9.75 -19.76
C LYS B 383 -17.70 -10.12 -20.04
N GLU B 384 -17.20 -11.22 -19.43
CA GLU B 384 -15.88 -11.81 -19.78
C GLU B 384 -16.01 -12.51 -21.17
N GLY B 385 -17.25 -12.89 -21.53
CA GLY B 385 -17.60 -13.56 -22.78
C GLY B 385 -17.12 -12.85 -24.06
N PRO B 386 -17.52 -11.55 -24.33
CA PRO B 386 -17.02 -10.79 -25.51
C PRO B 386 -15.54 -10.37 -25.34
N ALA B 387 -15.08 -10.33 -24.06
CA ALA B 387 -13.69 -10.04 -23.73
C ALA B 387 -12.79 -11.24 -24.09
N GLU B 388 -13.45 -12.39 -24.32
CA GLU B 388 -12.82 -13.59 -24.87
C GLU B 388 -13.28 -13.80 -26.33
N ASP B 389 -14.46 -14.41 -26.53
CA ASP B 389 -14.88 -14.95 -27.83
C ASP B 389 -15.39 -13.84 -28.77
N PHE B 390 -14.55 -13.54 -29.79
CA PHE B 390 -14.90 -12.67 -30.92
C PHE B 390 -15.60 -13.48 -32.05
N ALA B 391 -15.23 -14.77 -32.18
CA ALA B 391 -15.67 -15.62 -33.32
C ALA B 391 -17.20 -15.69 -33.44
N ASN B 392 -17.89 -15.81 -32.29
CA ASN B 392 -19.37 -15.77 -32.24
C ASN B 392 -19.84 -14.68 -31.26
N GLN B 393 -19.08 -13.55 -31.23
CA GLN B 393 -19.39 -12.40 -30.36
C GLN B 393 -20.79 -11.83 -30.69
N GLU B 394 -21.24 -11.99 -31.94
CA GLU B 394 -22.58 -11.53 -32.43
C GLU B 394 -23.73 -12.04 -31.52
N ALA B 395 -23.69 -13.34 -31.20
CA ALA B 395 -24.69 -14.01 -30.34
C ALA B 395 -24.55 -13.55 -28.88
N ILE B 396 -23.29 -13.39 -28.45
CA ILE B 396 -22.94 -12.98 -27.07
C ILE B 396 -23.31 -11.48 -26.85
N ALA B 397 -23.26 -10.71 -27.94
CA ALA B 397 -23.47 -9.25 -27.97
C ALA B 397 -24.93 -8.87 -27.67
N LYS B 398 -25.84 -9.80 -28.01
CA LYS B 398 -27.27 -9.66 -27.73
C LYS B 398 -27.55 -9.97 -26.24
N LEU B 399 -26.71 -10.85 -25.65
CA LEU B 399 -26.82 -11.24 -24.23
C LEU B 399 -26.34 -10.08 -23.35
N LEU B 400 -25.36 -9.30 -23.88
CA LEU B 400 -24.79 -8.12 -23.21
C LEU B 400 -25.86 -7.05 -22.92
N ARG B 401 -25.95 -6.64 -21.65
CA ARG B 401 -26.93 -5.66 -21.15
C ARG B 401 -26.18 -4.59 -20.33
N PHE B 402 -26.48 -3.32 -20.61
CA PHE B 402 -25.83 -2.14 -20.00
C PHE B 402 -26.93 -1.17 -19.54
N ALA B 403 -26.54 -0.05 -18.92
CA ALA B 403 -27.48 1.06 -18.66
C ALA B 403 -27.41 2.07 -19.81
N SER B 404 -28.43 2.95 -19.93
CA SER B 404 -28.46 4.03 -20.93
C SER B 404 -29.45 5.13 -20.51
N THR B 405 -29.38 6.28 -21.22
CA THR B 405 -30.10 7.51 -20.84
C THR B 405 -31.64 7.43 -21.05
N HIS B 406 -32.17 6.25 -21.43
CA HIS B 406 -33.63 6.02 -21.46
C HIS B 406 -34.20 5.86 -20.02
N THR B 407 -33.30 5.53 -19.06
CA THR B 407 -33.66 5.44 -17.62
C THR B 407 -32.45 5.93 -16.80
N ASP B 408 -32.72 6.77 -15.78
CA ASP B 408 -31.67 7.35 -14.90
C ASP B 408 -31.25 6.39 -13.75
N SER B 409 -31.64 5.10 -13.85
CA SER B 409 -31.23 4.06 -12.88
C SER B 409 -29.99 3.30 -13.41
N SER B 410 -29.35 2.52 -12.52
CA SER B 410 -28.20 1.64 -12.86
C SER B 410 -28.66 0.26 -13.39
N ALA B 411 -29.96 0.13 -13.72
CA ALA B 411 -30.57 -1.09 -14.27
C ALA B 411 -29.98 -1.45 -15.65
N GLN B 412 -29.35 -2.64 -15.74
CA GLN B 412 -28.66 -3.09 -16.95
C GLN B 412 -29.69 -3.70 -17.93
N THR B 413 -30.30 -2.83 -18.74
CA THR B 413 -31.48 -3.14 -19.59
C THR B 413 -31.16 -3.12 -21.09
N VAL B 414 -30.34 -2.14 -21.55
CA VAL B 414 -30.09 -1.93 -22.99
C VAL B 414 -29.08 -2.95 -23.54
N SER B 415 -29.52 -3.74 -24.54
CA SER B 415 -28.62 -4.54 -25.37
C SER B 415 -28.20 -3.71 -26.58
N LEU B 416 -27.25 -4.23 -27.35
CA LEU B 416 -26.85 -3.65 -28.63
C LEU B 416 -27.98 -3.83 -29.65
N GLU B 417 -28.76 -4.90 -29.45
CA GLU B 417 -30.01 -5.20 -30.19
C GLU B 417 -31.02 -4.03 -29.96
N ASP B 418 -31.21 -3.70 -28.67
CA ASP B 418 -32.06 -2.56 -28.24
C ASP B 418 -31.61 -1.24 -28.88
N TYR B 419 -30.28 -1.06 -28.96
CA TYR B 419 -29.69 0.18 -29.47
C TYR B 419 -30.01 0.33 -30.97
N VAL B 420 -29.85 -0.76 -31.75
CA VAL B 420 -30.17 -0.78 -33.20
C VAL B 420 -31.68 -0.49 -33.45
N SER B 421 -32.52 -0.99 -32.52
CA SER B 421 -33.96 -0.70 -32.51
C SER B 421 -34.23 0.81 -32.26
N ARG B 422 -33.37 1.45 -31.45
CA ARG B 422 -33.52 2.88 -31.05
C ARG B 422 -32.39 3.79 -31.61
N MET B 423 -31.73 3.36 -32.69
CA MET B 423 -30.87 4.25 -33.51
C MET B 423 -31.71 5.18 -34.40
N LYS B 424 -31.22 6.42 -34.62
CA LYS B 424 -31.73 7.31 -35.69
C LYS B 424 -31.17 6.95 -37.07
N GLU B 425 -31.91 7.38 -38.10
CA GLU B 425 -31.35 7.56 -39.46
C GLU B 425 -30.36 8.76 -39.42
N GLY B 426 -29.19 8.60 -40.04
CA GLY B 426 -28.10 9.57 -39.88
C GLY B 426 -27.19 9.23 -38.69
N GLN B 427 -27.64 8.29 -37.84
CA GLN B 427 -26.83 7.69 -36.77
C GLN B 427 -26.36 6.32 -37.29
N GLU B 428 -25.07 6.20 -37.63
CA GLU B 428 -24.47 4.94 -38.12
C GLU B 428 -23.34 4.46 -37.18
N LYS B 429 -23.20 5.15 -36.03
CA LYS B 429 -22.19 4.82 -35.00
C LYS B 429 -22.86 4.75 -33.62
N ILE B 430 -22.38 3.82 -32.78
CA ILE B 430 -22.90 3.61 -31.42
C ILE B 430 -22.25 4.62 -30.46
N TYR B 431 -23.02 5.19 -29.52
CA TYR B 431 -22.53 6.23 -28.59
C TYR B 431 -22.61 5.76 -27.13
N TYR B 432 -21.50 5.91 -26.37
CA TYR B 432 -21.40 5.51 -24.94
C TYR B 432 -20.65 6.58 -24.12
N ILE B 433 -20.56 6.36 -22.79
CA ILE B 433 -19.66 7.12 -21.88
C ILE B 433 -19.21 6.20 -20.71
N THR B 434 -17.88 6.06 -20.50
CA THR B 434 -17.33 5.27 -19.37
C THR B 434 -16.97 6.17 -18.17
N ALA B 435 -17.08 5.59 -16.96
CA ALA B 435 -16.59 6.19 -15.70
C ALA B 435 -16.46 5.09 -14.63
N ASP B 436 -15.85 5.46 -13.47
CA ASP B 436 -15.72 4.53 -12.32
C ASP B 436 -16.98 4.54 -11.45
N SER B 437 -17.82 5.58 -11.61
CA SER B 437 -19.10 5.70 -10.90
C SER B 437 -20.18 6.26 -11.85
N TYR B 438 -21.42 5.77 -11.67
CA TYR B 438 -22.57 6.09 -12.51
C TYR B 438 -22.88 7.61 -12.50
N ALA B 439 -22.84 8.19 -11.29
CA ALA B 439 -23.15 9.61 -11.06
C ALA B 439 -22.10 10.55 -11.70
N ALA B 440 -20.83 10.09 -11.76
CA ALA B 440 -19.73 10.86 -12.40
C ALA B 440 -19.94 10.93 -13.93
N ALA B 441 -20.30 9.78 -14.54
CA ALA B 441 -20.58 9.67 -15.99
C ALA B 441 -21.75 10.61 -16.38
N LYS B 442 -22.84 10.48 -15.62
CA LYS B 442 -24.09 11.22 -15.89
C LYS B 442 -23.98 12.71 -15.48
N SER B 443 -22.91 13.07 -14.73
CA SER B 443 -22.68 14.46 -14.26
C SER B 443 -22.31 15.42 -15.41
N SER B 444 -21.86 14.84 -16.55
CA SER B 444 -21.53 15.62 -17.76
C SER B 444 -22.76 16.43 -18.22
N PRO B 445 -22.69 17.81 -18.22
CA PRO B 445 -23.83 18.67 -18.63
C PRO B 445 -24.23 18.41 -20.09
N HIS B 446 -23.20 18.12 -20.93
CA HIS B 446 -23.37 17.74 -22.35
C HIS B 446 -24.28 16.51 -22.48
N LEU B 447 -24.03 15.51 -21.60
CA LEU B 447 -24.82 14.26 -21.53
C LEU B 447 -26.28 14.58 -21.21
N GLU B 448 -26.51 15.59 -20.35
CA GLU B 448 -27.87 15.99 -19.90
C GLU B 448 -28.54 16.87 -20.96
N LEU B 449 -27.73 17.49 -21.85
CA LEU B 449 -28.24 18.32 -22.95
C LEU B 449 -28.71 17.42 -24.10
N LEU B 450 -27.92 16.35 -24.34
CA LEU B 450 -28.24 15.32 -25.33
C LEU B 450 -29.43 14.48 -24.85
N ARG B 451 -29.45 14.18 -23.54
CA ARG B 451 -30.55 13.43 -22.89
C ARG B 451 -31.88 14.22 -22.99
N LYS B 452 -31.79 15.55 -22.88
CA LYS B 452 -32.96 16.46 -23.02
C LYS B 452 -33.32 16.71 -24.49
N LYS B 453 -32.33 16.58 -25.38
CA LYS B 453 -32.56 16.66 -26.85
C LYS B 453 -33.17 15.33 -27.33
N GLY B 454 -32.97 14.26 -26.53
CA GLY B 454 -33.50 12.94 -26.81
C GLY B 454 -32.52 12.08 -27.58
N ILE B 455 -31.30 11.93 -27.05
CA ILE B 455 -30.24 11.02 -27.56
C ILE B 455 -30.12 9.90 -26.53
N GLU B 456 -29.95 8.64 -26.97
CA GLU B 456 -29.66 7.54 -26.04
C GLU B 456 -28.16 7.23 -26.08
N VAL B 457 -27.52 7.39 -24.90
CA VAL B 457 -26.08 7.16 -24.70
C VAL B 457 -25.93 5.99 -23.71
N LEU B 458 -25.16 4.97 -24.10
CA LEU B 458 -24.85 3.82 -23.23
C LEU B 458 -24.10 4.31 -21.95
N LEU B 459 -24.76 4.24 -20.80
CA LEU B 459 -24.17 4.62 -19.49
C LEU B 459 -23.35 3.44 -18.93
N LEU B 460 -22.02 3.53 -19.10
CA LEU B 460 -21.05 2.47 -18.77
C LEU B 460 -20.29 2.84 -17.46
N SER B 461 -20.44 2.02 -16.40
CA SER B 461 -19.86 2.30 -15.06
C SER B 461 -19.33 1.02 -14.33
N ASP B 462 -19.30 -0.14 -15.02
CA ASP B 462 -18.95 -1.45 -14.39
C ASP B 462 -17.39 -1.59 -14.21
N ARG B 463 -16.92 -2.64 -13.51
CA ARG B 463 -15.48 -2.84 -13.21
C ARG B 463 -14.70 -3.54 -14.35
N ILE B 464 -15.36 -4.46 -15.08
CA ILE B 464 -14.77 -5.15 -16.26
C ILE B 464 -14.90 -4.23 -17.52
N ASP B 465 -15.81 -3.25 -17.36
CA ASP B 465 -16.37 -2.37 -18.41
C ASP B 465 -15.31 -1.76 -19.35
N GLU B 466 -14.34 -1.03 -18.78
CA GLU B 466 -13.32 -0.29 -19.57
C GLU B 466 -12.52 -1.23 -20.48
N TRP B 467 -12.31 -2.47 -20.01
CA TRP B 467 -11.57 -3.51 -20.75
C TRP B 467 -12.48 -4.04 -21.89
N MET B 468 -13.68 -4.50 -21.49
CA MET B 468 -14.73 -5.07 -22.38
C MET B 468 -15.16 -4.09 -23.50
N MET B 469 -15.15 -2.79 -23.20
CA MET B 469 -15.61 -1.74 -24.13
C MET B 469 -14.64 -1.58 -25.31
N ASN B 470 -13.34 -1.80 -25.05
CA ASN B 470 -12.32 -1.75 -26.13
C ASN B 470 -12.31 -3.07 -26.93
N TYR B 471 -13.14 -4.06 -26.49
CA TYR B 471 -13.37 -5.32 -27.23
C TYR B 471 -14.56 -5.16 -28.18
N LEU B 472 -15.61 -4.47 -27.70
CA LEU B 472 -16.76 -4.09 -28.54
C LEU B 472 -16.33 -2.96 -29.49
N THR B 473 -15.71 -3.37 -30.58
CA THR B 473 -15.21 -2.51 -31.63
C THR B 473 -16.36 -2.11 -32.60
N GLU B 474 -17.32 -3.05 -32.79
CA GLU B 474 -18.37 -2.90 -33.81
C GLU B 474 -19.47 -3.97 -33.61
N PHE B 475 -20.72 -3.60 -33.97
CA PHE B 475 -21.89 -4.51 -33.96
C PHE B 475 -22.80 -4.13 -35.14
N ASP B 476 -23.07 -5.12 -36.03
CA ASP B 476 -24.03 -4.98 -37.15
C ASP B 476 -23.56 -3.94 -38.20
N GLY B 477 -22.24 -3.63 -38.17
CA GLY B 477 -21.66 -2.63 -39.08
C GLY B 477 -21.53 -1.24 -38.45
N LYS B 478 -22.04 -1.07 -37.23
CA LYS B 478 -21.98 0.19 -36.48
C LYS B 478 -20.81 0.16 -35.47
N PRO B 479 -19.72 0.95 -35.68
CA PRO B 479 -18.59 1.02 -34.74
C PRO B 479 -18.94 1.84 -33.47
N PHE B 480 -18.42 1.37 -32.33
CA PHE B 480 -18.65 2.02 -31.01
C PHE B 480 -17.76 3.26 -30.87
N GLN B 481 -18.34 4.31 -30.26
CA GLN B 481 -17.78 5.66 -30.21
C GLN B 481 -18.20 6.33 -28.89
N SER B 482 -17.28 7.05 -28.23
CA SER B 482 -17.60 7.74 -26.95
C SER B 482 -18.10 9.18 -27.20
N VAL B 483 -18.81 9.69 -26.20
CA VAL B 483 -19.27 11.09 -26.14
C VAL B 483 -18.30 11.94 -25.29
N SER B 484 -17.47 11.27 -24.46
CA SER B 484 -16.58 11.91 -23.47
C SER B 484 -15.58 12.89 -24.12
N LYS B 485 -15.09 12.55 -25.33
CA LYS B 485 -14.24 13.44 -26.14
C LYS B 485 -14.83 13.59 -27.55
N VAL B 486 -14.48 14.72 -28.21
CA VAL B 486 -14.83 14.99 -29.63
C VAL B 486 -13.55 14.84 -30.48
N ASP B 487 -13.74 14.53 -31.78
CA ASP B 487 -12.64 14.26 -32.73
C ASP B 487 -12.38 15.47 -33.67
N GLU B 488 -11.51 15.23 -34.69
CA GLU B 488 -10.94 16.26 -35.61
C GLU B 488 -11.99 16.96 -36.50
N SER B 489 -13.18 16.37 -36.66
CA SER B 489 -14.21 16.91 -37.59
C SER B 489 -14.64 18.33 -37.20
N LEU B 490 -14.79 18.58 -35.88
CA LEU B 490 -15.32 19.86 -35.36
C LEU B 490 -14.19 20.81 -34.90
N GLU B 491 -12.92 20.52 -35.28
CA GLU B 491 -11.77 21.39 -34.93
C GLU B 491 -11.89 22.74 -35.67
N LYS B 492 -12.64 22.74 -36.79
CA LYS B 492 -12.93 23.95 -37.59
C LYS B 492 -13.72 24.99 -36.78
N LEU B 493 -14.54 24.51 -35.83
CA LEU B 493 -15.38 25.35 -34.97
C LEU B 493 -14.53 26.22 -33.97
N ALA B 494 -13.21 25.94 -33.91
CA ALA B 494 -12.25 26.69 -33.07
C ALA B 494 -12.04 28.15 -33.56
N ASP B 495 -12.67 28.50 -34.71
CA ASP B 495 -12.75 29.90 -35.19
C ASP B 495 -14.05 30.57 -34.67
N GLU B 496 -15.18 29.84 -34.74
CA GLU B 496 -16.51 30.31 -34.30
C GLU B 496 -16.70 30.05 -32.79
N VAL B 497 -15.86 30.71 -32.00
CA VAL B 497 -15.79 30.54 -30.54
C VAL B 497 -16.32 31.80 -29.84
N ASP B 498 -17.55 32.20 -30.26
CA ASP B 498 -18.18 33.49 -29.87
C ASP B 498 -17.39 34.67 -30.52
N GLU B 499 -17.85 35.91 -30.31
CA GLU B 499 -17.10 37.12 -30.68
C GLU B 499 -15.80 37.23 -29.85
N SER B 500 -15.70 36.41 -28.78
CA SER B 500 -14.44 36.20 -28.06
C SER B 500 -13.41 35.50 -28.97
N ALA B 501 -12.61 36.31 -29.67
CA ALA B 501 -11.49 35.83 -30.49
C ALA B 501 -10.39 36.92 -30.46
N LYS B 502 -10.10 37.58 -31.61
CA LYS B 502 -8.97 38.52 -31.77
C LYS B 502 -9.01 39.69 -30.75
N GLU B 503 -10.22 40.25 -30.55
CA GLU B 503 -10.44 41.42 -29.65
C GLU B 503 -10.21 41.03 -28.18
N ALA B 504 -10.58 39.78 -27.84
CA ALA B 504 -10.30 39.21 -26.51
C ALA B 504 -8.79 39.07 -26.31
N GLU B 505 -8.12 38.41 -27.27
CA GLU B 505 -6.70 38.04 -27.21
C GLU B 505 -5.78 39.26 -26.99
N LYS B 506 -6.17 40.41 -27.56
CA LYS B 506 -5.41 41.68 -27.39
C LYS B 506 -5.27 42.08 -25.91
N ALA B 507 -6.36 41.95 -25.15
CA ALA B 507 -6.39 42.31 -23.71
C ALA B 507 -5.93 41.12 -22.85
N LEU B 508 -6.09 39.89 -23.38
CA LEU B 508 -5.85 38.64 -22.64
C LEU B 508 -4.45 38.08 -22.82
N THR B 509 -3.65 38.59 -23.77
CA THR B 509 -2.23 38.19 -23.89
C THR B 509 -1.38 38.77 -22.73
N PRO B 510 -1.54 40.10 -22.32
CA PRO B 510 -0.94 40.60 -21.04
C PRO B 510 -1.48 39.87 -19.81
N PHE B 511 -2.75 39.43 -19.88
CA PHE B 511 -3.41 38.61 -18.82
C PHE B 511 -2.69 37.25 -18.68
N ILE B 512 -2.28 36.64 -19.82
CA ILE B 512 -1.48 35.39 -19.83
C ILE B 512 -0.16 35.60 -19.08
N ASP B 513 0.54 36.70 -19.42
CA ASP B 513 1.82 37.05 -18.79
C ASP B 513 1.67 37.27 -17.28
N ARG B 514 0.56 37.91 -16.87
CA ARG B 514 0.22 38.15 -15.45
C ARG B 514 0.06 36.82 -14.71
N VAL B 515 -0.85 35.96 -15.20
CA VAL B 515 -1.18 34.66 -14.59
C VAL B 515 0.08 33.78 -14.47
N LYS B 516 0.79 33.64 -15.59
CA LYS B 516 1.90 32.68 -15.74
C LYS B 516 3.13 33.10 -14.89
N ALA B 517 3.28 34.43 -14.66
CA ALA B 517 4.35 34.99 -13.80
C ALA B 517 3.96 34.88 -12.31
N LEU B 518 2.64 35.01 -12.03
CA LEU B 518 2.07 34.88 -10.67
C LEU B 518 2.23 33.42 -10.18
N LEU B 519 2.02 32.48 -11.11
CA LEU B 519 2.15 31.04 -10.85
C LEU B 519 3.62 30.62 -10.97
N GLY B 520 4.41 31.38 -11.75
CA GLY B 520 5.84 31.15 -11.92
C GLY B 520 6.14 29.87 -12.68
N GLU B 521 6.39 28.79 -11.94
CA GLU B 521 6.63 27.46 -12.52
C GLU B 521 5.85 26.40 -11.72
N ARG B 522 4.68 26.79 -11.21
CA ARG B 522 3.71 25.85 -10.61
C ARG B 522 2.95 25.12 -11.75
N VAL B 523 2.94 25.76 -12.93
CA VAL B 523 2.25 25.28 -14.14
C VAL B 523 3.29 25.16 -15.28
N LYS B 524 3.08 24.16 -16.17
CA LYS B 524 3.89 24.01 -17.41
C LYS B 524 3.73 25.24 -18.31
N ASP B 525 2.46 25.57 -18.62
CA ASP B 525 2.14 26.68 -19.55
C ASP B 525 0.69 27.16 -19.30
N VAL B 526 0.48 28.49 -19.35
CA VAL B 526 -0.86 29.10 -19.23
C VAL B 526 -1.26 29.69 -20.59
N ARG B 527 -2.43 29.31 -21.09
CA ARG B 527 -2.95 29.72 -22.40
C ARG B 527 -4.37 30.25 -22.24
N LEU B 528 -4.74 31.26 -23.04
CA LEU B 528 -6.15 31.65 -23.22
C LEU B 528 -6.62 31.04 -24.56
N THR B 529 -7.11 29.79 -24.47
CA THR B 529 -7.65 29.04 -25.61
C THR B 529 -9.18 29.19 -25.63
N HIS B 530 -9.88 28.53 -26.54
CA HIS B 530 -11.34 28.70 -26.70
C HIS B 530 -12.06 27.35 -26.71
N ARG B 531 -11.85 26.57 -25.63
CA ARG B 531 -12.69 25.40 -25.32
C ARG B 531 -13.99 25.94 -24.68
N LEU B 532 -15.08 26.00 -25.46
CA LEU B 532 -16.36 26.67 -25.05
C LEU B 532 -16.86 26.09 -23.70
N THR B 533 -17.21 24.79 -23.73
CA THR B 533 -17.51 23.92 -22.54
C THR B 533 -18.37 24.60 -21.42
N ASP B 534 -18.43 23.97 -20.22
CA ASP B 534 -19.22 24.48 -19.07
C ASP B 534 -18.27 24.96 -17.95
N THR B 535 -16.98 24.65 -18.10
CA THR B 535 -15.93 24.98 -17.12
C THR B 535 -15.14 26.22 -17.63
N PRO B 536 -14.85 27.24 -16.75
CA PRO B 536 -14.10 28.45 -17.17
C PRO B 536 -12.67 28.14 -17.63
N ALA B 537 -12.06 27.15 -16.99
CA ALA B 537 -10.66 26.79 -17.24
C ALA B 537 -10.47 25.28 -17.05
N ILE B 538 -9.74 24.67 -17.98
CA ILE B 538 -9.45 23.24 -17.99
C ILE B 538 -7.95 23.02 -18.21
N VAL B 539 -7.36 22.11 -17.44
CA VAL B 539 -5.96 21.71 -17.62
C VAL B 539 -5.84 20.67 -18.75
N SER B 540 -4.65 20.59 -19.37
CA SER B 540 -4.40 19.74 -20.54
C SER B 540 -3.22 18.78 -20.25
N THR B 541 -3.29 17.58 -20.86
CA THR B 541 -2.28 16.52 -20.69
C THR B 541 -1.77 16.08 -22.05
N ASP B 542 -0.45 15.82 -22.14
CA ASP B 542 0.20 15.38 -23.38
C ASP B 542 0.28 13.85 -23.42
N ALA B 543 0.92 13.26 -22.40
CA ALA B 543 1.14 11.80 -22.32
C ALA B 543 0.41 11.20 -21.09
N ASP B 544 0.91 10.05 -20.59
CA ASP B 544 0.28 9.29 -19.47
C ASP B 544 0.20 10.16 -18.19
N GLU B 545 -1.05 10.55 -17.84
CA GLU B 545 -1.35 11.46 -16.71
C GLU B 545 -0.57 12.76 -16.85
N MET B 546 -0.48 13.24 -18.10
CA MET B 546 0.43 14.31 -18.56
C MET B 546 1.86 13.76 -18.67
N SER B 547 2.45 13.35 -17.53
CA SER B 547 3.81 12.79 -17.50
C SER B 547 4.11 12.08 -16.16
N THR B 548 3.05 11.72 -15.42
CA THR B 548 3.17 11.27 -14.00
C THR B 548 3.55 9.76 -13.88
N GLN B 549 3.90 9.13 -15.02
CA GLN B 549 4.30 7.71 -15.07
C GLN B 549 4.81 7.32 -16.48
N MET B 550 6.16 7.44 -16.68
CA MET B 550 6.91 7.01 -17.91
C MET B 550 8.41 7.45 -17.77
N ALA B 551 9.31 6.89 -18.61
CA ALA B 551 10.78 7.06 -18.47
C ALA B 551 11.26 8.52 -18.70
N LYS B 552 11.23 9.01 -19.96
CA LYS B 552 11.69 10.39 -20.32
C LYS B 552 10.95 11.45 -19.50
N LEU B 553 9.67 11.16 -19.26
CA LEU B 553 8.78 12.03 -18.50
C LEU B 553 9.32 12.23 -17.06
N PHE B 554 9.71 11.13 -16.37
CA PHE B 554 10.35 11.22 -15.03
C PHE B 554 11.79 11.81 -15.10
N ALA B 555 12.40 11.74 -16.29
CA ALA B 555 13.77 12.25 -16.55
C ALA B 555 13.78 13.73 -16.99
N ALA B 556 12.59 14.38 -16.98
CA ALA B 556 12.46 15.81 -17.32
C ALA B 556 13.13 16.69 -16.24
N ALA B 557 13.06 16.22 -14.98
CA ALA B 557 13.89 16.72 -13.87
C ALA B 557 13.94 15.67 -12.76
N GLY B 558 12.75 15.31 -12.24
CA GLY B 558 12.64 14.39 -11.11
C GLY B 558 11.56 14.82 -10.13
N GLN B 559 11.74 16.03 -9.53
CA GLN B 559 10.80 16.61 -8.53
C GLN B 559 9.39 16.74 -9.17
N LYS B 560 8.52 15.73 -8.87
CA LYS B 560 7.15 15.55 -9.41
C LYS B 560 7.03 15.74 -10.95
N VAL B 561 8.18 15.85 -11.65
CA VAL B 561 8.29 16.26 -13.08
C VAL B 561 7.73 17.70 -13.32
N PRO B 562 8.51 18.59 -14.04
CA PRO B 562 8.02 19.94 -14.46
C PRO B 562 6.80 19.82 -15.39
N GLU B 563 6.85 18.83 -16.28
CA GLU B 563 5.80 18.55 -17.26
C GLU B 563 4.46 18.19 -16.57
N VAL B 564 4.51 17.38 -15.47
CA VAL B 564 3.30 16.94 -14.69
C VAL B 564 2.45 18.13 -14.23
N LYS B 565 3.10 19.28 -14.00
CA LYS B 565 2.39 20.53 -13.73
C LYS B 565 1.53 20.84 -14.97
N TYR B 566 0.21 20.65 -14.86
CA TYR B 566 -0.70 20.56 -16.03
C TYR B 566 -0.87 21.92 -16.74
N ILE B 567 -1.23 21.89 -18.04
CA ILE B 567 -1.29 23.11 -18.87
C ILE B 567 -2.62 23.83 -18.63
N PHE B 568 -2.55 24.99 -17.97
CA PHE B 568 -3.72 25.75 -17.53
C PHE B 568 -4.28 26.59 -18.69
N GLU B 569 -5.38 26.12 -19.30
CA GLU B 569 -6.03 26.78 -20.46
C GLU B 569 -7.40 27.33 -20.04
N LEU B 570 -7.63 28.64 -20.28
CA LEU B 570 -8.89 29.33 -19.92
C LEU B 570 -9.66 29.70 -21.20
N ASN B 571 -11.00 29.72 -21.12
CA ASN B 571 -11.89 30.12 -22.23
C ASN B 571 -12.46 31.54 -21.98
N PRO B 572 -12.06 32.57 -22.79
CA PRO B 572 -12.58 33.97 -22.68
C PRO B 572 -14.11 34.05 -22.69
N ASP B 573 -14.72 33.16 -23.50
CA ASP B 573 -16.16 33.13 -23.77
C ASP B 573 -16.99 32.80 -22.50
N HIS B 574 -16.44 32.00 -21.57
CA HIS B 574 -17.19 31.58 -20.37
C HIS B 574 -17.30 32.76 -19.36
N VAL B 575 -18.52 32.95 -18.80
CA VAL B 575 -18.91 34.12 -17.96
C VAL B 575 -17.95 34.35 -16.75
N LEU B 576 -17.41 33.26 -16.20
CA LEU B 576 -16.49 33.31 -15.04
C LEU B 576 -15.11 33.91 -15.42
N VAL B 577 -14.66 33.68 -16.67
CA VAL B 577 -13.40 34.25 -17.19
C VAL B 577 -13.62 35.71 -17.62
N LYS B 578 -14.85 36.01 -18.10
CA LYS B 578 -15.29 37.41 -18.35
C LYS B 578 -15.10 38.25 -17.08
N ARG B 579 -15.56 37.69 -15.95
CA ARG B 579 -15.48 38.34 -14.64
C ARG B 579 -14.04 38.39 -14.11
N ALA B 580 -13.27 37.33 -14.36
CA ALA B 580 -11.88 37.19 -13.85
C ALA B 580 -10.89 38.09 -14.63
N ALA B 581 -11.26 38.41 -15.88
CA ALA B 581 -10.48 39.33 -16.75
C ALA B 581 -10.84 40.78 -16.43
N ASP B 582 -12.13 41.01 -16.11
CA ASP B 582 -12.66 42.34 -15.74
C ASP B 582 -12.10 42.79 -14.37
N THR B 583 -11.69 41.84 -13.52
CA THR B 583 -11.09 42.14 -12.22
C THR B 583 -9.65 42.68 -12.40
N GLU B 584 -9.50 44.01 -12.25
CA GLU B 584 -8.20 44.68 -12.25
C GLU B 584 -7.59 44.65 -10.82
N ASP B 585 -8.45 44.43 -9.79
CA ASP B 585 -8.01 44.34 -8.37
C ASP B 585 -7.01 43.19 -8.21
N GLU B 586 -5.81 43.50 -7.73
CA GLU B 586 -4.64 42.58 -7.72
C GLU B 586 -4.93 41.33 -6.86
N ALA B 587 -5.49 41.55 -5.66
CA ALA B 587 -5.74 40.49 -4.67
C ALA B 587 -6.85 39.53 -5.14
N LYS B 588 -7.89 40.11 -5.78
CA LYS B 588 -9.02 39.33 -6.32
C LYS B 588 -8.64 38.68 -7.68
N PHE B 589 -7.65 39.26 -8.37
CA PHE B 589 -7.07 38.67 -9.59
C PHE B 589 -6.44 37.32 -9.22
N SER B 590 -5.50 37.38 -8.26
CA SER B 590 -4.76 36.21 -7.75
C SER B 590 -5.74 35.16 -7.15
N GLU B 591 -6.85 35.66 -6.58
CA GLU B 591 -7.92 34.85 -5.96
C GLU B 591 -8.53 33.89 -6.99
N TRP B 592 -9.12 34.49 -8.05
CA TRP B 592 -9.84 33.74 -9.11
C TRP B 592 -8.87 32.89 -9.96
N VAL B 593 -7.68 33.43 -10.26
CA VAL B 593 -6.65 32.74 -11.07
C VAL B 593 -6.27 31.38 -10.46
N GLU B 594 -5.90 31.39 -9.17
CA GLU B 594 -5.48 30.17 -8.46
C GLU B 594 -6.68 29.28 -8.07
N LEU B 595 -7.89 29.90 -7.95
CA LEU B 595 -9.13 29.16 -7.68
C LEU B 595 -9.47 28.25 -8.87
N LEU B 596 -9.40 28.84 -10.09
CA LEU B 596 -9.70 28.13 -11.35
C LEU B 596 -8.58 27.13 -11.69
N LEU B 597 -7.33 27.45 -11.26
CA LEU B 597 -6.17 26.57 -11.45
C LEU B 597 -6.35 25.25 -10.70
N ASP B 598 -6.51 25.35 -9.37
CA ASP B 598 -6.68 24.19 -8.49
C ASP B 598 -7.97 23.41 -8.83
N GLN B 599 -9.01 24.14 -9.27
CA GLN B 599 -10.29 23.54 -9.70
C GLN B 599 -10.10 22.60 -10.92
N ALA B 600 -9.35 23.10 -11.91
CA ALA B 600 -9.08 22.38 -13.16
C ALA B 600 -8.11 21.21 -12.92
N LEU B 601 -7.07 21.46 -12.11
CA LEU B 601 -6.03 20.47 -11.74
C LEU B 601 -6.70 19.26 -11.02
N LEU B 602 -7.67 19.60 -10.15
CA LEU B 602 -8.50 18.63 -9.41
C LEU B 602 -9.42 17.86 -10.38
N ALA B 603 -9.85 18.52 -11.46
CA ALA B 603 -10.72 17.91 -12.49
C ALA B 603 -9.97 16.80 -13.23
N GLU B 604 -8.61 16.88 -13.23
CA GLU B 604 -7.75 15.92 -13.93
C GLU B 604 -7.43 14.67 -13.06
N ARG B 605 -7.32 14.87 -11.72
CA ARG B 605 -6.78 13.81 -10.82
C ARG B 605 -7.57 13.70 -9.51
N GLY B 606 -7.92 14.85 -8.92
CA GLY B 606 -8.47 14.88 -7.55
C GLY B 606 -7.34 15.03 -6.51
N THR B 607 -6.19 15.56 -6.94
CA THR B 607 -5.04 15.83 -6.07
C THR B 607 -4.42 17.18 -6.46
N LEU B 608 -4.00 17.99 -5.46
CA LEU B 608 -3.52 19.38 -5.67
C LEU B 608 -2.14 19.60 -5.05
N GLU B 609 -1.47 20.68 -5.48
CA GLU B 609 -0.17 21.12 -4.95
C GLU B 609 -0.35 21.58 -3.48
N ASP B 610 -1.27 22.54 -3.31
CA ASP B 610 -1.75 23.04 -2.01
C ASP B 610 -3.27 23.13 -2.08
N PRO B 611 -4.01 22.06 -1.61
CA PRO B 611 -5.48 22.07 -1.57
C PRO B 611 -5.99 23.14 -0.58
N ASN B 612 -5.14 23.42 0.41
CA ASN B 612 -5.39 24.36 1.52
C ASN B 612 -5.91 25.74 1.02
N LEU B 613 -5.21 26.30 0.01
CA LEU B 613 -5.55 27.61 -0.56
C LEU B 613 -6.84 27.54 -1.38
N PHE B 614 -7.08 26.42 -2.09
CA PHE B 614 -8.30 26.22 -2.92
C PHE B 614 -9.55 26.16 -2.02
N ILE B 615 -9.50 25.31 -1.01
CA ILE B 615 -10.58 25.08 -0.05
C ILE B 615 -10.96 26.38 0.67
N ARG B 616 -9.91 27.11 1.13
CA ARG B 616 -10.06 28.37 1.84
C ARG B 616 -10.74 29.40 0.91
N ARG B 617 -10.16 29.62 -0.29
CA ARG B 617 -10.67 30.60 -1.29
C ARG B 617 -12.11 30.30 -1.72
N MET B 618 -12.46 29.01 -1.83
CA MET B 618 -13.81 28.59 -2.24
C MET B 618 -14.84 29.05 -1.19
N ASN B 619 -14.69 28.56 0.06
CA ASN B 619 -15.65 28.87 1.16
C ASN B 619 -15.62 30.37 1.52
N GLN B 620 -14.49 31.03 1.23
CA GLN B 620 -14.31 32.47 1.49
C GLN B 620 -15.12 33.31 0.49
N LEU B 621 -15.21 32.85 -0.77
CA LEU B 621 -16.02 33.51 -1.82
C LEU B 621 -17.49 33.04 -1.75
N LEU B 622 -17.74 31.89 -1.07
CA LEU B 622 -19.11 31.40 -0.81
C LEU B 622 -19.77 32.20 0.34
N VAL B 623 -18.95 32.67 1.30
CA VAL B 623 -19.44 33.49 2.43
C VAL B 623 -19.40 35.00 2.06
N SER B 624 -18.36 35.41 1.32
CA SER B 624 -18.22 36.80 0.82
C SER B 624 -18.74 36.83 -0.65
N MET C 1 -18.44 33.10 18.20
CA MET C 1 -17.17 33.00 17.43
C MET C 1 -16.60 31.56 17.54
N ALA C 2 -16.20 31.15 18.76
CA ALA C 2 -15.71 29.80 19.06
C ALA C 2 -15.58 29.62 20.58
N THR C 3 -16.34 28.67 21.16
CA THR C 3 -16.24 28.33 22.59
C THR C 3 -15.11 27.30 22.82
N SER C 4 -13.87 27.81 22.80
CA SER C 4 -12.64 27.02 22.98
C SER C 4 -11.53 27.92 23.55
N THR C 5 -10.61 27.34 24.34
CA THR C 5 -9.43 28.04 24.89
C THR C 5 -8.54 28.61 23.76
N LEU C 6 -8.52 27.93 22.60
CA LEU C 6 -7.73 28.33 21.43
C LEU C 6 -8.59 28.34 20.15
N ILE C 7 -7.94 28.77 19.06
CA ILE C 7 -8.58 28.96 17.75
C ILE C 7 -8.71 27.65 16.96
N LYS C 8 -9.63 27.66 16.02
CA LYS C 8 -9.78 26.61 14.97
C LYS C 8 -8.63 26.70 13.95
N ALA C 9 -7.43 26.29 14.38
CA ALA C 9 -6.17 26.51 13.65
C ALA C 9 -6.12 25.73 12.32
N ILE C 10 -5.81 24.42 12.37
CA ILE C 10 -5.86 23.51 11.19
C ILE C 10 -6.89 22.39 11.49
N ASP C 11 -7.90 22.75 12.32
CA ASP C 11 -8.89 21.80 12.87
C ASP C 11 -10.33 22.27 12.56
N GLY C 12 -11.28 21.32 12.67
CA GLY C 12 -12.70 21.58 12.50
C GLY C 12 -13.50 20.76 13.51
N ASP C 13 -13.19 19.46 13.58
CA ASP C 13 -13.77 18.49 14.56
C ASP C 13 -12.61 17.71 15.20
N THR C 14 -12.88 17.01 16.32
CA THR C 14 -11.86 16.24 17.05
C THR C 14 -11.20 15.16 16.15
N VAL C 15 -9.99 15.47 15.64
CA VAL C 15 -9.18 14.55 14.84
C VAL C 15 -8.05 13.94 15.70
N LYS C 16 -7.61 12.72 15.36
CA LYS C 16 -6.45 12.08 15.98
C LYS C 16 -5.17 12.75 15.45
N LEU C 17 -4.51 13.50 16.36
CA LEU C 17 -3.34 14.32 16.06
C LEU C 17 -2.19 13.46 15.48
N MET C 18 -1.59 12.61 16.33
CA MET C 18 -0.55 11.65 15.91
C MET C 18 -1.20 10.28 15.67
N TYR C 19 -0.54 9.45 14.84
CA TYR C 19 -1.04 8.11 14.48
C TYR C 19 -0.31 7.01 15.28
N LYS C 20 0.91 6.63 14.84
CA LYS C 20 1.61 5.44 15.39
C LYS C 20 3.09 5.37 14.98
N GLY C 21 3.44 5.99 13.85
CA GLY C 21 4.83 5.98 13.35
C GLY C 21 5.33 4.57 12.99
N GLN C 22 6.66 4.35 13.08
CA GLN C 22 7.30 3.03 12.80
C GLN C 22 8.53 2.82 13.74
N PRO C 23 8.58 1.71 14.55
CA PRO C 23 9.79 1.35 15.33
C PRO C 23 10.92 0.85 14.39
N MET C 24 12.07 1.56 14.40
CA MET C 24 13.18 1.32 13.44
C MET C 24 14.56 1.49 14.12
N THR C 25 14.56 1.46 15.47
CA THR C 25 15.70 1.92 16.32
C THR C 25 16.05 0.86 17.41
N PHE C 26 16.98 1.19 18.37
CA PHE C 26 17.67 0.14 19.22
C PHE C 26 17.58 0.38 20.75
N ARG C 27 17.38 1.65 21.17
CA ARG C 27 17.18 2.08 22.59
C ARG C 27 18.52 2.17 23.37
N LEU C 28 18.78 3.38 23.96
CA LEU C 28 20.05 3.66 24.69
C LEU C 28 19.88 4.91 25.63
N LEU C 29 20.04 6.14 25.06
CA LEU C 29 20.10 7.46 25.79
C LEU C 29 20.81 7.39 27.18
N LEU C 30 20.01 7.40 28.27
CA LEU C 30 20.54 7.57 29.64
C LEU C 30 21.01 6.22 30.26
N VAL C 31 21.38 5.26 29.37
CA VAL C 31 22.13 4.01 29.66
C VAL C 31 21.30 2.93 30.40
N ASP C 32 20.28 3.35 31.16
CA ASP C 32 19.48 2.47 32.05
C ASP C 32 18.40 1.70 31.25
N THR C 33 18.15 2.15 30.01
CA THR C 33 17.09 1.61 29.13
C THR C 33 17.27 0.09 28.87
N PRO C 34 16.18 -0.75 29.08
CA PRO C 34 16.23 -2.21 28.81
C PRO C 34 16.55 -2.55 27.33
N GLU C 35 17.11 -3.74 27.13
CA GLU C 35 17.61 -4.20 25.82
C GLU C 35 17.22 -5.69 25.63
N THR C 36 17.37 -6.18 24.38
CA THR C 36 17.20 -7.60 23.99
C THR C 36 15.71 -8.01 23.91
N LYS C 37 15.42 -8.86 22.91
CA LYS C 37 14.11 -9.46 22.67
C LYS C 37 14.32 -10.86 22.07
N HIS C 38 13.26 -11.68 22.07
CA HIS C 38 13.30 -13.07 21.59
C HIS C 38 12.00 -13.35 20.79
N PRO C 39 12.09 -13.53 19.42
CA PRO C 39 10.91 -13.83 18.58
C PRO C 39 10.61 -15.35 18.48
N LYS C 40 11.45 -16.09 17.71
CA LYS C 40 11.18 -17.49 17.26
C LYS C 40 9.96 -17.55 16.32
N LYS C 41 10.18 -18.13 15.12
CA LYS C 41 9.19 -18.16 14.05
C LYS C 41 9.41 -19.40 13.15
N GLY C 42 8.35 -20.20 13.00
CA GLY C 42 8.35 -21.36 12.09
C GLY C 42 7.29 -21.24 11.01
N VAL C 43 7.31 -22.15 10.02
CA VAL C 43 6.33 -22.17 8.91
C VAL C 43 5.74 -23.58 8.75
N GLU C 44 4.45 -23.63 8.36
CA GLU C 44 3.75 -24.88 8.05
C GLU C 44 3.61 -24.98 6.52
N LYS C 45 4.27 -25.98 5.92
CA LYS C 45 4.38 -26.12 4.45
C LYS C 45 3.17 -26.86 3.86
N TYR C 46 2.75 -27.95 4.55
CA TYR C 46 1.63 -28.83 4.15
C TYR C 46 1.92 -29.56 2.81
N GLY C 47 0.87 -30.19 2.22
CA GLY C 47 0.98 -30.90 0.93
C GLY C 47 -0.41 -31.18 0.37
N PRO C 48 -0.86 -30.49 -0.75
CA PRO C 48 -2.30 -30.43 -1.14
C PRO C 48 -2.92 -31.82 -1.48
N GLU C 49 -2.61 -32.38 -2.68
CA GLU C 49 -3.26 -33.62 -3.20
C GLU C 49 -2.59 -34.08 -4.50
N ALA C 50 -2.89 -35.35 -4.89
CA ALA C 50 -2.46 -35.96 -6.15
C ALA C 50 -3.29 -37.25 -6.41
N SER C 51 -3.77 -37.42 -7.67
CA SER C 51 -4.55 -38.61 -8.09
C SER C 51 -4.53 -38.76 -9.63
N ALA C 52 -4.34 -40.01 -10.11
CA ALA C 52 -4.30 -40.32 -11.56
C ALA C 52 -4.40 -41.86 -11.76
N PHE C 53 -5.53 -42.33 -12.32
CA PHE C 53 -5.79 -43.78 -12.51
C PHE C 53 -6.25 -44.07 -13.94
N THR C 54 -5.99 -45.31 -14.43
CA THR C 54 -6.32 -45.73 -15.80
C THR C 54 -7.17 -47.03 -15.79
N LYS C 55 -8.35 -46.98 -16.46
CA LYS C 55 -9.27 -48.14 -16.57
C LYS C 55 -10.28 -47.89 -17.71
N LYS C 56 -10.59 -48.94 -18.51
CA LYS C 56 -11.47 -48.86 -19.71
C LYS C 56 -12.97 -48.82 -19.34
N MET C 57 -13.82 -48.37 -20.30
CA MET C 57 -15.27 -48.11 -20.07
C MET C 57 -16.05 -49.39 -19.67
N VAL C 58 -17.08 -49.19 -18.83
CA VAL C 58 -18.05 -50.24 -18.45
C VAL C 58 -19.24 -50.17 -19.42
N GLU C 59 -19.62 -51.31 -20.02
CA GLU C 59 -20.75 -51.40 -20.96
C GLU C 59 -22.09 -51.18 -20.23
N ASN C 60 -22.99 -50.41 -20.87
CA ASN C 60 -24.31 -50.08 -20.32
C ASN C 60 -25.22 -49.57 -21.46
N ALA C 61 -26.45 -50.13 -21.55
CA ALA C 61 -27.46 -49.72 -22.53
C ALA C 61 -28.41 -48.67 -21.93
N LYS C 62 -28.86 -47.72 -22.78
CA LYS C 62 -29.86 -46.70 -22.41
C LYS C 62 -31.16 -46.92 -23.20
N LYS C 63 -32.26 -46.29 -22.76
CA LYS C 63 -33.58 -46.40 -23.40
C LYS C 63 -34.15 -44.99 -23.63
N ILE C 64 -34.75 -44.78 -24.83
CA ILE C 64 -35.45 -43.52 -25.18
C ILE C 64 -36.92 -43.87 -25.57
N GLU C 65 -37.88 -43.27 -24.84
CA GLU C 65 -39.32 -43.45 -25.08
C GLU C 65 -40.12 -42.40 -24.28
N VAL C 66 -41.43 -42.29 -24.57
CA VAL C 66 -42.37 -41.29 -24.01
C VAL C 66 -42.10 -39.92 -24.66
N GLU C 67 -43.16 -39.30 -25.19
CA GLU C 67 -43.07 -38.02 -25.91
C GLU C 67 -44.40 -37.28 -25.81
N PHE C 68 -44.45 -36.08 -26.41
CA PHE C 68 -45.68 -35.30 -26.57
C PHE C 68 -46.02 -35.24 -28.06
N ASP C 69 -47.30 -35.46 -28.39
CA ASP C 69 -47.81 -35.40 -29.78
C ASP C 69 -47.85 -33.95 -30.33
N LYS C 70 -47.61 -32.96 -29.45
CA LYS C 70 -47.60 -31.54 -29.82
C LYS C 70 -46.49 -30.80 -29.03
N GLY C 71 -45.69 -30.00 -29.75
CA GLY C 71 -44.61 -29.20 -29.18
C GLY C 71 -43.85 -28.46 -30.26
N GLN C 72 -43.26 -29.24 -31.18
CA GLN C 72 -42.50 -28.77 -32.37
C GLN C 72 -41.51 -27.65 -32.04
N ARG C 73 -40.35 -28.05 -31.49
CA ARG C 73 -39.30 -27.12 -31.05
C ARG C 73 -38.07 -27.27 -31.95
N THR C 74 -37.43 -26.14 -32.27
CA THR C 74 -36.20 -26.11 -33.09
C THR C 74 -35.00 -26.72 -32.33
N ASP C 75 -33.99 -27.16 -33.09
CA ASP C 75 -32.75 -27.72 -32.54
C ASP C 75 -31.90 -26.59 -31.92
N LYS C 76 -30.92 -26.96 -31.09
CA LYS C 76 -30.06 -26.01 -30.37
C LYS C 76 -28.86 -25.60 -31.25
N TYR C 77 -28.59 -26.42 -32.29
CA TYR C 77 -27.49 -26.25 -33.29
C TYR C 77 -26.12 -26.16 -32.60
N GLY C 78 -25.40 -27.30 -32.58
CA GLY C 78 -24.12 -27.44 -31.87
C GLY C 78 -22.98 -26.61 -32.47
N ARG C 79 -23.02 -25.29 -32.23
CA ARG C 79 -21.95 -24.35 -32.59
C ARG C 79 -21.20 -24.01 -31.30
N GLY C 80 -20.06 -24.69 -31.09
CA GLY C 80 -19.24 -24.49 -29.90
C GLY C 80 -18.62 -23.10 -29.85
N LEU C 81 -18.85 -22.38 -28.74
CA LEU C 81 -18.26 -21.05 -28.50
C LEU C 81 -16.74 -21.20 -28.30
N ALA C 82 -15.99 -20.21 -28.74
CA ALA C 82 -14.52 -20.28 -28.90
C ALA C 82 -13.74 -19.95 -27.60
N TYR C 83 -14.44 -20.01 -26.44
CA TYR C 83 -13.93 -19.56 -25.13
C TYR C 83 -12.57 -20.20 -24.72
N ILE C 84 -11.44 -19.58 -25.15
CA ILE C 84 -10.06 -20.01 -24.80
C ILE C 84 -9.53 -19.22 -23.55
N TYR C 85 -9.08 -17.96 -23.74
CA TYR C 85 -8.55 -17.14 -22.64
C TYR C 85 -8.70 -15.63 -22.94
N ALA C 86 -9.54 -14.95 -22.14
CA ALA C 86 -9.73 -13.50 -22.19
C ALA C 86 -8.48 -12.80 -21.62
N ASP C 87 -7.80 -12.00 -22.47
CA ASP C 87 -6.52 -11.36 -22.12
C ASP C 87 -6.37 -10.03 -22.88
N GLY C 88 -6.01 -10.11 -24.17
CA GLY C 88 -5.73 -8.95 -24.98
C GLY C 88 -5.93 -9.28 -26.44
N LYS C 89 -7.21 -9.46 -26.81
CA LYS C 89 -7.60 -10.04 -28.11
C LYS C 89 -8.08 -8.96 -29.09
N MET C 90 -8.95 -8.05 -28.59
CA MET C 90 -9.51 -6.94 -29.37
C MET C 90 -9.37 -5.60 -28.60
N VAL C 91 -8.89 -5.67 -27.32
CA VAL C 91 -8.95 -4.53 -26.38
C VAL C 91 -8.02 -3.34 -26.81
N ASN C 92 -8.58 -2.51 -27.69
CA ASN C 92 -8.03 -1.22 -28.16
C ASN C 92 -8.89 -0.76 -29.33
N GLU C 93 -9.56 0.40 -29.18
CA GLU C 93 -10.39 0.98 -30.24
C GLU C 93 -10.42 2.51 -30.08
N ALA C 94 -10.45 3.24 -31.22
CA ALA C 94 -10.62 4.70 -31.24
C ALA C 94 -12.10 5.05 -31.01
N LEU C 95 -12.51 4.88 -29.75
CA LEU C 95 -13.88 5.09 -29.30
C LEU C 95 -14.09 6.60 -29.01
N VAL C 96 -14.30 7.42 -30.08
CA VAL C 96 -14.49 8.90 -29.97
C VAL C 96 -15.45 9.39 -31.08
N ARG C 97 -16.41 10.28 -30.73
CA ARG C 97 -17.32 10.92 -31.73
C ARG C 97 -18.01 12.15 -31.07
N GLN C 98 -19.33 12.05 -30.70
CA GLN C 98 -20.12 13.18 -30.13
C GLN C 98 -21.55 12.75 -29.72
N GLY C 99 -22.35 12.19 -30.65
CA GLY C 99 -23.77 11.85 -30.41
C GLY C 99 -24.64 12.09 -31.64
N LEU C 100 -25.96 11.75 -31.56
CA LEU C 100 -26.92 12.03 -32.65
C LEU C 100 -28.32 12.30 -32.07
N ALA C 101 -29.13 11.23 -31.81
CA ALA C 101 -30.53 11.36 -31.29
C ALA C 101 -31.21 9.99 -31.04
N LYS C 102 -32.55 10.04 -30.75
CA LYS C 102 -33.48 8.91 -30.49
C LYS C 102 -33.37 8.35 -29.06
N VAL C 103 -34.55 8.17 -28.41
CA VAL C 103 -34.72 7.59 -27.06
C VAL C 103 -36.04 6.81 -27.00
N ALA C 104 -36.19 6.03 -25.92
CA ALA C 104 -37.48 5.53 -25.47
C ALA C 104 -37.48 5.52 -23.93
N TYR C 105 -37.82 6.70 -23.36
CA TYR C 105 -37.80 6.94 -21.91
C TYR C 105 -38.77 5.99 -21.17
N VAL C 106 -38.19 5.06 -20.38
CA VAL C 106 -38.92 4.08 -19.58
C VAL C 106 -38.47 4.16 -18.10
N TYR C 107 -39.12 3.36 -17.26
CA TYR C 107 -38.77 3.21 -15.84
C TYR C 107 -38.27 1.77 -15.59
N LYS C 108 -37.31 1.61 -14.68
CA LYS C 108 -36.84 0.30 -14.22
C LYS C 108 -36.11 0.45 -12.88
N PRO C 109 -36.82 0.35 -11.72
CA PRO C 109 -36.22 0.54 -10.38
C PRO C 109 -35.32 -0.66 -9.99
N ASN C 110 -34.02 -0.53 -10.32
CA ASN C 110 -33.02 -1.59 -10.07
C ASN C 110 -31.61 -0.97 -9.98
N ASN C 111 -30.92 -1.29 -8.87
CA ASN C 111 -29.48 -0.97 -8.65
C ASN C 111 -28.75 -2.27 -8.33
N THR C 112 -27.53 -2.43 -8.87
CA THR C 112 -26.76 -3.67 -8.72
C THR C 112 -25.25 -3.36 -8.68
N HIS C 113 -24.54 -3.97 -7.72
CA HIS C 113 -23.07 -3.89 -7.60
C HIS C 113 -22.46 -5.29 -7.76
N GLU C 114 -22.00 -5.61 -8.99
CA GLU C 114 -21.35 -6.89 -9.30
C GLU C 114 -19.81 -6.78 -9.09
N GLN C 115 -19.15 -7.92 -8.83
CA GLN C 115 -17.69 -8.00 -8.58
C GLN C 115 -17.01 -8.82 -9.70
N HIS C 116 -15.70 -8.59 -9.93
CA HIS C 116 -14.91 -9.34 -10.94
C HIS C 116 -13.60 -9.83 -10.31
N LEU C 117 -13.19 -11.05 -10.68
CA LEU C 117 -11.92 -11.65 -10.26
C LEU C 117 -11.62 -12.83 -11.23
N ARG C 118 -10.53 -13.57 -11.01
CA ARG C 118 -10.25 -14.81 -11.76
C ARG C 118 -9.24 -15.68 -10.96
N LYS C 119 -8.86 -16.84 -11.54
CA LYS C 119 -8.00 -17.82 -10.85
C LYS C 119 -7.16 -18.63 -11.87
N SER C 120 -7.85 -19.30 -12.80
CA SER C 120 -7.28 -20.30 -13.69
C SER C 120 -8.36 -20.75 -14.71
N GLU C 121 -8.40 -20.03 -15.84
CA GLU C 121 -9.30 -20.34 -16.98
C GLU C 121 -8.52 -20.45 -18.30
N ALA C 122 -7.21 -20.15 -18.25
CA ALA C 122 -6.30 -20.34 -19.39
C ALA C 122 -5.83 -21.80 -19.45
N GLN C 123 -6.73 -22.70 -19.89
CA GLN C 123 -6.45 -24.15 -19.96
C GLN C 123 -7.39 -24.84 -20.96
N ALA C 124 -7.01 -24.73 -22.26
CA ALA C 124 -7.75 -25.30 -23.40
C ALA C 124 -6.87 -25.28 -24.66
N LYS C 125 -7.41 -25.80 -25.77
CA LYS C 125 -6.76 -25.79 -27.11
C LYS C 125 -7.83 -25.94 -28.19
N LYS C 126 -7.44 -25.89 -29.47
CA LYS C 126 -8.40 -25.95 -30.58
C LYS C 126 -7.72 -26.52 -31.83
N GLU C 127 -8.32 -27.58 -32.39
CA GLU C 127 -7.91 -28.20 -33.66
C GLU C 127 -9.16 -28.46 -34.52
N LYS C 128 -8.97 -29.16 -35.65
CA LYS C 128 -10.09 -29.61 -36.50
C LYS C 128 -10.70 -30.90 -35.92
N LEU C 129 -11.56 -30.73 -34.89
CA LEU C 129 -12.27 -31.83 -34.22
C LEU C 129 -13.75 -31.43 -34.05
N ASN C 130 -14.57 -31.91 -35.00
CA ASN C 130 -16.04 -31.73 -35.00
C ASN C 130 -16.64 -32.58 -36.14
N ILE C 131 -15.98 -32.51 -37.32
CA ILE C 131 -16.30 -33.26 -38.59
C ILE C 131 -17.78 -33.19 -39.06
N TRP C 132 -18.61 -32.36 -38.39
CA TRP C 132 -20.04 -32.16 -38.68
C TRP C 132 -20.37 -30.66 -38.55
N MET A 1 38.13 6.35 -11.82
CA MET A 1 39.53 6.00 -12.20
C MET A 1 40.35 7.31 -12.27
N LYS A 2 40.24 8.04 -13.41
CA LYS A 2 40.76 9.42 -13.60
C LYS A 2 40.39 9.91 -15.01
N GLY A 3 39.29 10.67 -15.10
CA GLY A 3 38.83 11.26 -16.36
C GLY A 3 39.23 12.72 -16.49
N GLN A 4 38.42 13.51 -17.20
CA GLN A 4 38.64 14.95 -17.38
C GLN A 4 38.05 15.74 -16.19
N GLU A 5 38.74 16.82 -15.78
CA GLU A 5 38.31 17.70 -14.67
C GLU A 5 37.75 19.03 -15.23
N THR A 6 37.57 20.02 -14.33
CA THR A 6 37.19 21.40 -14.70
C THR A 6 38.08 22.37 -13.89
N ARG A 7 38.72 23.32 -14.59
CA ARG A 7 39.63 24.30 -13.97
C ARG A 7 38.86 25.30 -13.09
N GLY A 8 37.94 26.08 -13.70
CA GLY A 8 37.14 27.06 -12.96
C GLY A 8 36.55 28.14 -13.86
N PHE A 9 35.23 28.37 -13.72
CA PHE A 9 34.48 29.46 -14.41
C PHE A 9 33.04 29.51 -13.88
N GLN A 10 32.47 28.31 -13.65
CA GLN A 10 31.06 28.13 -13.23
C GLN A 10 30.96 27.76 -11.73
N SER A 11 29.74 27.82 -11.19
CA SER A 11 29.42 27.35 -9.83
C SER A 11 29.51 25.82 -9.80
N GLU A 12 30.63 25.29 -9.29
CA GLU A 12 30.91 23.83 -9.31
C GLU A 12 30.03 23.03 -8.29
N VAL A 13 29.39 23.77 -7.35
CA VAL A 13 28.34 23.27 -6.41
C VAL A 13 28.75 21.95 -5.74
N LYS A 14 29.45 22.05 -4.60
CA LYS A 14 30.12 20.91 -3.96
C LYS A 14 30.49 21.28 -2.50
N GLN A 15 31.13 20.33 -1.80
CA GLN A 15 31.85 20.59 -0.54
C GLN A 15 32.81 21.80 -0.72
N LEU A 16 33.58 21.77 -1.83
CA LEU A 16 34.59 22.81 -2.17
C LEU A 16 34.00 24.25 -2.12
N LEU A 17 32.75 24.42 -2.60
CA LEU A 17 32.02 25.71 -2.51
C LEU A 17 31.96 26.19 -1.05
N HIS A 18 31.63 25.27 -0.14
CA HIS A 18 31.50 25.54 1.31
C HIS A 18 32.87 25.62 1.99
N LEU A 19 33.90 25.04 1.31
CA LEU A 19 35.29 25.16 1.76
C LEU A 19 35.76 26.62 1.60
N MET A 20 35.36 27.26 0.48
CA MET A 20 35.79 28.64 0.10
C MET A 20 35.33 29.72 1.12
N ILE A 21 34.32 29.38 1.93
CA ILE A 21 33.69 30.31 2.89
C ILE A 21 34.57 30.54 4.15
N HIS A 22 35.26 29.50 4.64
CA HIS A 22 36.18 29.61 5.82
C HIS A 22 37.65 29.31 5.44
N SER A 23 37.90 29.03 4.15
CA SER A 23 39.26 28.72 3.63
C SER A 23 40.21 29.92 3.77
N LEU A 24 39.64 31.08 3.45
CA LEU A 24 40.32 32.37 3.55
C LEU A 24 40.39 32.72 5.05
N TYR A 25 39.20 32.69 5.66
CA TYR A 25 38.94 32.91 7.10
C TYR A 25 39.21 34.37 7.52
N SER A 26 39.45 35.25 6.52
CA SER A 26 39.89 36.66 6.72
C SER A 26 41.29 36.70 7.42
N ASN A 27 42.01 35.55 7.40
CA ASN A 27 43.20 35.34 8.26
C ASN A 27 44.45 34.93 7.41
N LYS A 28 44.22 34.07 6.38
CA LYS A 28 45.24 33.53 5.41
C LYS A 28 46.20 32.51 6.05
N GLU A 29 46.85 32.89 7.18
CA GLU A 29 47.80 32.04 7.96
C GLU A 29 47.18 30.66 8.38
N ILE A 30 45.85 30.55 8.27
CA ILE A 30 45.07 29.31 8.52
C ILE A 30 45.58 28.12 7.66
N PHE A 31 46.30 28.42 6.55
CA PHE A 31 46.94 27.38 5.69
C PHE A 31 47.97 26.55 6.50
N LEU A 32 48.72 27.25 7.38
CA LEU A 32 49.88 26.69 8.12
C LEU A 32 49.39 25.59 9.08
N ARG A 33 48.16 25.77 9.61
CA ARG A 33 47.46 24.75 10.43
C ARG A 33 47.42 23.44 9.68
N GLU A 34 46.93 23.50 8.44
CA GLU A 34 46.56 22.34 7.66
C GLU A 34 47.80 21.66 7.06
N LEU A 35 48.88 22.44 6.86
CA LEU A 35 50.21 21.89 6.50
C LEU A 35 50.68 20.93 7.62
N ILE A 36 50.75 21.47 8.86
CA ILE A 36 51.15 20.67 10.04
C ILE A 36 50.13 19.52 10.26
N SER A 37 48.84 19.81 10.07
CA SER A 37 47.71 18.88 10.31
C SER A 37 47.76 17.67 9.38
N ASN A 38 48.25 17.88 8.14
CA ASN A 38 48.48 16.80 7.15
C ASN A 38 49.61 15.88 7.64
N ALA A 39 50.63 16.49 8.30
CA ALA A 39 51.82 15.77 8.83
C ALA A 39 51.47 15.02 10.13
N SER A 40 50.51 15.59 10.88
CA SER A 40 50.09 15.08 12.20
C SER A 40 49.12 13.92 12.07
N ASP A 41 48.28 13.98 11.02
CA ASP A 41 47.34 12.91 10.69
C ASP A 41 48.14 11.75 10.07
N ALA A 42 49.15 12.10 9.27
CA ALA A 42 50.12 11.12 8.70
C ALA A 42 51.00 10.50 9.80
N ALA A 43 51.24 11.28 10.88
CA ALA A 43 52.02 10.82 12.05
C ALA A 43 51.30 9.68 12.77
N ASP A 44 49.97 9.84 12.99
CA ASP A 44 49.17 8.81 13.66
C ASP A 44 48.91 7.60 12.72
N LYS A 45 48.81 7.86 11.39
CA LYS A 45 48.74 6.76 10.38
C LYS A 45 49.99 5.88 10.45
N LEU A 46 51.14 6.50 10.71
CA LEU A 46 52.42 5.81 10.86
C LEU A 46 52.41 4.94 12.13
N ARG A 47 51.89 5.50 13.24
CA ARG A 47 51.79 4.81 14.54
C ARG A 47 50.89 3.56 14.45
N PHE A 48 49.90 3.61 13.54
CA PHE A 48 48.99 2.47 13.28
C PHE A 48 49.69 1.40 12.41
N ARG A 49 50.30 1.82 11.29
CA ARG A 49 50.96 0.89 10.35
C ARG A 49 52.17 0.21 11.01
N ALA A 50 52.78 0.91 11.98
CA ALA A 50 53.92 0.42 12.78
C ALA A 50 53.50 -0.70 13.75
N LEU A 51 52.19 -0.84 14.01
CA LEU A 51 51.64 -1.96 14.80
C LEU A 51 51.68 -3.27 14.00
N SER A 52 51.54 -3.18 12.66
CA SER A 52 51.51 -4.38 11.80
C SER A 52 52.91 -4.65 11.22
N ASN A 53 53.76 -3.62 11.21
CA ASN A 53 55.18 -3.71 10.78
C ASN A 53 55.97 -2.57 11.46
N PRO A 54 56.59 -2.81 12.65
CA PRO A 54 57.47 -1.80 13.34
C PRO A 54 58.66 -1.35 12.47
N ASP A 55 59.09 -2.25 11.56
CA ASP A 55 60.25 -2.04 10.65
C ASP A 55 60.06 -0.80 9.74
N LEU A 56 58.79 -0.40 9.54
CA LEU A 56 58.41 0.75 8.70
C LEU A 56 59.04 2.10 9.17
N TYR A 57 59.48 2.15 10.45
CA TYR A 57 60.17 3.35 11.00
C TYR A 57 61.52 3.63 10.27
N GLU A 58 62.21 2.56 9.82
CA GLU A 58 63.46 2.67 9.02
C GLU A 58 64.56 3.48 9.76
N GLY A 59 64.56 3.36 11.09
CA GLY A 59 65.50 4.09 11.95
C GLY A 59 64.89 5.35 12.54
N ASP A 60 64.00 6.00 11.78
CA ASP A 60 63.31 7.24 12.21
C ASP A 60 62.21 6.90 13.23
N GLY A 61 62.60 6.78 14.50
CA GLY A 61 61.66 6.52 15.59
C GLY A 61 61.10 7.81 16.18
N GLU A 62 61.93 8.86 16.14
CA GLU A 62 61.53 10.24 16.51
C GLU A 62 60.74 10.85 15.34
N LEU A 63 59.41 10.88 15.49
CA LEU A 63 58.50 11.48 14.51
C LEU A 63 58.38 12.97 14.85
N ARG A 64 58.81 13.84 13.94
CA ARG A 64 58.73 15.30 14.14
C ARG A 64 58.75 16.02 12.79
N VAL A 65 58.24 17.26 12.78
CA VAL A 65 58.19 18.12 11.59
C VAL A 65 58.97 19.42 11.86
N ARG A 66 59.80 19.82 10.90
CA ARG A 66 60.62 21.03 10.97
C ARG A 66 60.23 21.96 9.82
N VAL A 67 59.75 23.16 10.18
CA VAL A 67 59.48 24.22 9.21
C VAL A 67 60.77 25.04 8.99
N SER A 68 61.10 25.23 7.73
CA SER A 68 62.30 25.94 7.28
C SER A 68 61.83 27.06 6.33
N PHE A 69 62.69 28.06 6.10
CA PHE A 69 62.30 29.23 5.29
C PHE A 69 63.53 29.94 4.70
N ASP A 70 63.41 30.31 3.42
CA ASP A 70 64.45 31.03 2.67
C ASP A 70 63.91 32.42 2.34
N LYS A 71 64.71 33.45 2.60
CA LYS A 71 64.29 34.86 2.63
C LYS A 71 64.43 35.50 1.24
N ASP A 72 65.36 34.95 0.45
CA ASP A 72 65.70 35.47 -0.89
C ASP A 72 64.78 34.85 -1.95
N LYS A 73 64.86 33.52 -2.06
CA LYS A 73 64.10 32.70 -3.03
C LYS A 73 62.64 32.47 -2.58
N ARG A 74 62.32 32.88 -1.33
CA ARG A 74 60.93 32.93 -0.80
C ARG A 74 60.30 31.52 -0.71
N THR A 75 61.11 30.51 -0.35
CA THR A 75 60.63 29.12 -0.25
C THR A 75 60.45 28.72 1.23
N LEU A 76 59.25 28.25 1.56
CA LEU A 76 58.89 27.80 2.91
C LEU A 76 58.82 26.25 2.87
N THR A 77 59.77 25.57 3.53
CA THR A 77 59.94 24.11 3.41
C THR A 77 59.57 23.37 4.72
N ILE A 78 58.41 22.68 4.70
CA ILE A 78 57.86 21.91 5.83
C ILE A 78 58.21 20.43 5.59
N SER A 79 59.16 19.88 6.38
CA SER A 79 59.67 18.51 6.22
C SER A 79 59.40 17.68 7.49
N ASP A 80 58.41 16.78 7.42
CA ASP A 80 58.00 15.88 8.52
C ASP A 80 58.56 14.47 8.36
N ASN A 81 58.50 13.74 9.49
CA ASN A 81 58.83 12.31 9.59
C ASN A 81 57.51 11.53 9.78
N GLY A 82 56.47 11.92 9.02
CA GLY A 82 55.18 11.21 9.02
C GLY A 82 55.26 9.87 8.30
N VAL A 83 54.09 9.23 8.02
CA VAL A 83 54.05 7.93 7.33
C VAL A 83 54.63 8.05 5.90
N GLY A 84 54.35 9.19 5.25
CA GLY A 84 54.63 9.36 3.83
C GLY A 84 53.64 8.59 2.97
N MET A 85 53.80 8.68 1.64
CA MET A 85 52.91 8.01 0.67
C MET A 85 53.73 7.40 -0.48
N THR A 86 53.28 6.22 -0.97
CA THR A 86 53.82 5.60 -2.21
C THR A 86 53.33 6.42 -3.43
N ARG A 87 53.96 6.25 -4.61
CA ARG A 87 53.63 7.06 -5.83
C ARG A 87 52.14 6.92 -6.21
N ASP A 88 51.63 5.68 -6.10
CA ASP A 88 50.22 5.37 -6.37
C ASP A 88 49.29 5.94 -5.28
N GLU A 89 49.78 5.99 -4.02
CA GLU A 89 49.01 6.52 -2.88
C GLU A 89 48.99 8.08 -2.89
N VAL A 90 50.01 8.69 -3.52
CA VAL A 90 50.03 10.15 -3.75
C VAL A 90 48.97 10.51 -4.78
N ILE A 91 48.92 9.73 -5.87
CA ILE A 91 47.88 9.86 -6.91
C ILE A 91 46.48 9.53 -6.32
N ASP A 92 46.46 8.64 -5.30
CA ASP A 92 45.24 8.20 -4.59
C ASP A 92 44.73 9.25 -3.58
N HIS A 93 45.63 10.16 -3.12
CA HIS A 93 45.26 11.24 -2.17
C HIS A 93 45.34 12.61 -2.86
N LEU A 94 46.57 13.12 -3.05
CA LEU A 94 46.81 14.47 -3.62
C LEU A 94 46.32 14.55 -5.08
N GLY A 95 46.67 13.53 -5.88
CA GLY A 95 46.36 13.46 -7.30
C GLY A 95 44.88 13.39 -7.60
N THR A 96 44.13 12.68 -6.75
CA THR A 96 42.67 12.59 -6.84
C THR A 96 42.01 13.93 -6.45
N ILE A 97 42.70 14.74 -5.62
CA ILE A 97 42.23 16.09 -5.24
C ILE A 97 42.54 17.09 -6.38
N ALA A 98 43.68 16.86 -7.05
CA ALA A 98 44.17 17.72 -8.15
C ALA A 98 43.49 17.36 -9.49
N LYS A 99 44.04 16.38 -10.23
CA LYS A 99 43.49 15.94 -11.53
C LYS A 99 43.05 14.48 -11.46
N SER A 100 41.74 14.24 -11.41
CA SER A 100 41.15 12.90 -11.54
C SER A 100 39.70 13.06 -12.01
N GLY A 101 38.88 13.67 -11.16
CA GLY A 101 37.47 13.93 -11.47
C GLY A 101 36.54 13.36 -10.41
N THR A 102 37.07 13.19 -9.17
CA THR A 102 36.45 12.37 -8.10
C THR A 102 35.06 12.86 -7.66
N LYS A 103 34.82 14.17 -7.90
CA LYS A 103 33.55 14.85 -7.60
C LYS A 103 33.36 14.96 -6.05
N SER A 104 32.86 13.88 -5.41
CA SER A 104 32.64 13.84 -3.94
C SER A 104 32.55 12.40 -3.46
N PHE A 105 31.58 11.66 -4.03
CA PHE A 105 31.22 10.31 -3.58
C PHE A 105 31.90 9.26 -4.48
N LEU A 106 32.01 9.60 -5.79
CA LEU A 106 32.77 8.86 -6.83
C LEU A 106 32.39 9.43 -8.20
N GLU A 107 33.34 9.38 -9.13
CA GLU A 107 33.20 9.85 -10.53
C GLU A 107 32.41 8.86 -11.42
N SER A 108 31.80 7.80 -10.84
CA SER A 108 31.13 6.73 -11.63
C SER A 108 29.89 6.17 -10.90
N LEU A 109 30.09 5.33 -9.85
CA LEU A 109 28.99 4.60 -9.16
C LEU A 109 28.48 5.38 -7.93
N GLY A 110 29.38 6.06 -7.22
CA GLY A 110 29.04 6.78 -5.99
C GLY A 110 29.28 5.94 -4.73
N SER A 111 30.43 5.24 -4.67
CA SER A 111 30.77 4.36 -3.52
C SER A 111 32.30 4.25 -3.32
N ASP A 112 33.04 3.87 -4.39
CA ASP A 112 34.49 3.53 -4.31
C ASP A 112 35.37 4.66 -3.74
N GLN A 113 35.22 5.90 -4.25
CA GLN A 113 35.98 7.08 -3.77
C GLN A 113 35.16 7.91 -2.75
N ALA A 114 34.28 7.23 -1.99
CA ALA A 114 33.43 7.88 -0.98
C ALA A 114 34.25 8.64 0.08
N LYS A 115 35.40 8.05 0.50
CA LYS A 115 36.29 8.68 1.50
C LYS A 115 37.41 9.50 0.81
N ASP A 116 37.09 10.11 -0.34
CA ASP A 116 38.01 11.08 -1.00
C ASP A 116 37.54 12.49 -0.69
N SER A 117 36.22 12.69 -0.51
CA SER A 117 35.68 13.96 -0.04
C SER A 117 36.18 14.25 1.41
N GLN A 118 36.56 13.15 2.12
CA GLN A 118 37.21 13.19 3.45
C GLN A 118 38.69 13.62 3.32
N LEU A 119 39.35 13.21 2.21
CA LEU A 119 40.73 13.64 1.88
C LEU A 119 40.73 15.13 1.48
N ILE A 120 39.67 15.55 0.76
CA ILE A 120 39.47 16.97 0.38
C ILE A 120 39.13 17.80 1.63
N GLY A 121 38.42 17.16 2.57
CA GLY A 121 38.11 17.74 3.87
C GLY A 121 39.35 18.03 4.74
N GLN A 122 40.45 17.28 4.53
CA GLN A 122 41.72 17.48 5.27
C GLN A 122 42.80 18.06 4.32
N PHE A 123 43.37 17.17 3.48
CA PHE A 123 44.51 17.47 2.58
C PHE A 123 44.12 18.49 1.50
N GLY A 124 42.84 18.42 1.07
CA GLY A 124 42.30 19.33 0.06
C GLY A 124 42.16 20.76 0.56
N VAL A 125 41.92 20.91 1.88
CA VAL A 125 41.90 22.23 2.55
C VAL A 125 43.31 22.85 2.46
N GLY A 126 44.33 22.03 2.75
CA GLY A 126 45.73 22.46 2.68
C GLY A 126 46.21 22.73 1.26
N PHE A 127 45.58 22.07 0.28
CA PHE A 127 45.89 22.22 -1.15
C PHE A 127 45.70 23.69 -1.59
N TYR A 128 44.43 24.14 -1.67
CA TYR A 128 44.08 25.47 -2.21
C TYR A 128 44.63 26.62 -1.33
N SER A 129 44.69 26.39 0.02
CA SER A 129 45.06 27.44 1.00
C SER A 129 46.56 27.73 0.92
N ALA A 130 47.35 26.66 0.70
CA ALA A 130 48.78 26.78 0.40
C ALA A 130 48.97 27.62 -0.88
N PHE A 131 48.15 27.33 -1.91
CA PHE A 131 48.22 28.05 -3.20
C PHE A 131 47.65 29.50 -3.12
N ILE A 132 46.98 29.87 -2.01
CA ILE A 132 46.55 31.27 -1.78
C ILE A 132 47.79 32.15 -1.50
N VAL A 133 48.67 31.65 -0.62
CA VAL A 133 49.88 32.38 -0.17
C VAL A 133 51.12 31.99 -0.99
N ALA A 134 51.05 30.86 -1.71
CA ALA A 134 52.19 30.34 -2.49
C ALA A 134 51.83 30.25 -3.97
N ASP A 135 52.82 30.57 -4.81
CA ASP A 135 52.75 30.43 -6.27
C ASP A 135 52.86 28.94 -6.67
N LYS A 136 53.74 28.21 -5.97
CA LYS A 136 54.04 26.79 -6.29
C LYS A 136 54.14 25.99 -4.99
N VAL A 137 53.61 24.76 -5.00
CA VAL A 137 53.80 23.77 -3.94
C VAL A 137 54.35 22.47 -4.58
N THR A 138 55.63 22.18 -4.29
CA THR A 138 56.32 20.98 -4.75
C THR A 138 56.53 20.03 -3.55
N VAL A 139 55.84 18.88 -3.56
CA VAL A 139 55.87 17.89 -2.47
C VAL A 139 56.73 16.67 -2.86
N ARG A 140 57.73 16.33 -2.05
CA ARG A 140 58.48 15.08 -2.17
C ARG A 140 58.26 14.24 -0.90
N THR A 141 57.42 13.21 -1.01
CA THR A 141 57.11 12.29 0.11
C THR A 141 57.71 10.90 -0.15
N ARG A 142 57.71 10.04 0.87
CA ARG A 142 58.22 8.66 0.76
C ARG A 142 57.60 7.84 1.90
N ALA A 143 56.84 6.79 1.54
CA ALA A 143 56.12 5.96 2.52
C ALA A 143 57.05 5.15 3.43
N ALA A 144 56.49 4.78 4.58
CA ALA A 144 57.16 4.02 5.64
C ALA A 144 57.59 2.63 5.16
N GLY A 145 58.89 2.33 5.30
CA GLY A 145 59.44 1.01 4.95
C GLY A 145 59.81 0.86 3.48
N GLU A 146 59.41 1.83 2.64
CA GLU A 146 59.71 1.81 1.21
C GLU A 146 61.17 2.19 0.96
N LYS A 147 61.79 1.52 -0.02
CA LYS A 147 63.14 1.83 -0.50
C LYS A 147 63.21 3.28 -1.08
N PRO A 148 64.43 3.94 -1.08
CA PRO A 148 64.61 5.34 -1.55
C PRO A 148 63.97 5.65 -2.93
N GLU A 149 63.97 4.64 -3.82
CA GLU A 149 63.46 4.75 -5.21
C GLU A 149 61.94 5.07 -5.22
N ASN A 150 61.26 4.69 -4.13
CA ASN A 150 59.82 4.91 -3.94
C ASN A 150 59.54 6.29 -3.30
N GLY A 151 60.55 7.19 -3.37
CA GLY A 151 60.34 8.62 -3.17
C GLY A 151 59.46 9.16 -4.28
N VAL A 152 58.65 10.17 -4.00
CA VAL A 152 57.64 10.65 -4.94
C VAL A 152 57.80 12.14 -5.13
N PHE A 153 58.05 12.54 -6.36
CA PHE A 153 58.05 13.94 -6.76
C PHE A 153 56.61 14.31 -7.17
N TRP A 154 56.11 15.39 -6.58
CA TRP A 154 54.80 15.97 -6.87
C TRP A 154 54.98 17.49 -6.98
N GLU A 155 54.26 18.12 -7.90
CA GLU A 155 54.36 19.56 -8.15
C GLU A 155 53.03 20.06 -8.75
N SER A 156 52.57 21.24 -8.31
CA SER A 156 51.41 21.92 -8.91
C SER A 156 51.51 23.44 -8.66
N ALA A 157 50.76 24.21 -9.46
CA ALA A 157 50.68 25.68 -9.37
C ALA A 157 49.25 26.10 -8.97
N GLY A 158 48.45 25.14 -8.46
CA GLY A 158 47.04 25.36 -8.11
C GLY A 158 46.08 24.95 -9.21
N GLU A 159 46.65 24.41 -10.30
CA GLU A 159 45.89 23.98 -11.49
C GLU A 159 45.26 22.59 -11.32
N GLY A 160 44.33 22.26 -12.24
CA GLY A 160 43.74 20.92 -12.35
C GLY A 160 44.65 19.99 -13.15
N GLU A 161 45.89 19.88 -12.65
CA GLU A 161 46.96 19.05 -13.21
C GLU A 161 48.07 18.96 -12.15
N TYR A 162 48.97 17.98 -12.29
CA TYR A 162 50.12 17.82 -11.39
C TYR A 162 51.24 17.04 -12.08
N THR A 163 52.48 17.36 -11.69
CA THR A 163 53.69 16.66 -12.15
C THR A 163 54.06 15.60 -11.11
N VAL A 164 53.68 14.34 -11.37
CA VAL A 164 54.04 13.20 -10.51
C VAL A 164 55.17 12.39 -11.18
N ALA A 165 56.08 11.90 -10.34
CA ALA A 165 57.22 11.05 -10.73
C ALA A 165 57.71 10.32 -9.49
N ASP A 166 58.49 9.26 -9.68
CA ASP A 166 59.17 8.58 -8.57
C ASP A 166 60.68 8.90 -8.62
N ILE A 167 61.20 9.43 -7.51
CA ILE A 167 62.61 9.83 -7.37
C ILE A 167 63.23 9.11 -6.15
N THR A 168 64.50 9.41 -5.88
CA THR A 168 65.22 8.91 -4.71
C THR A 168 65.07 9.89 -3.53
N LYS A 169 64.28 9.49 -2.53
CA LYS A 169 64.19 10.19 -1.23
C LYS A 169 64.56 9.18 -0.13
N GLU A 170 65.72 9.40 0.49
CA GLU A 170 66.29 8.50 1.52
C GLU A 170 65.48 8.48 2.82
N ASP A 171 65.06 9.66 3.28
CA ASP A 171 64.35 9.83 4.56
C ASP A 171 62.85 9.58 4.37
N ARG A 172 62.21 9.01 5.39
CA ARG A 172 60.76 8.77 5.40
C ARG A 172 60.01 10.03 5.89
N GLY A 173 58.81 10.23 5.34
CA GLY A 173 57.95 11.37 5.71
C GLY A 173 57.54 12.15 4.49
N THR A 174 57.38 13.45 4.64
CA THR A 174 56.94 14.33 3.54
C THR A 174 57.75 15.65 3.58
N GLU A 175 58.14 16.16 2.40
CA GLU A 175 59.00 17.35 2.29
C GLU A 175 58.37 18.33 1.28
N ILE A 176 57.75 19.39 1.79
CA ILE A 176 56.91 20.31 1.01
C ILE A 176 57.62 21.67 0.88
N THR A 177 57.83 22.15 -0.35
CA THR A 177 58.44 23.46 -0.61
C THR A 177 57.39 24.37 -1.27
N LEU A 178 56.95 25.39 -0.51
CA LEU A 178 56.00 26.40 -0.99
C LEU A 178 56.79 27.62 -1.47
N HIS A 179 56.89 27.80 -2.79
CA HIS A 179 57.39 29.06 -3.36
C HIS A 179 56.33 30.14 -3.10
N LEU A 180 56.51 30.89 -2.00
CA LEU A 180 55.60 31.97 -1.60
C LEU A 180 55.57 33.09 -2.64
N ARG A 181 54.38 33.67 -2.84
CA ARG A 181 54.16 34.83 -3.70
C ARG A 181 54.87 36.07 -3.12
N GLU A 182 55.37 36.95 -3.98
CA GLU A 182 56.06 38.19 -3.54
C GLU A 182 55.00 39.15 -2.97
N GLY A 183 55.08 39.36 -1.64
CA GLY A 183 54.04 40.04 -0.86
C GLY A 183 53.59 39.13 0.26
N GLU A 184 53.41 37.84 -0.08
CA GLU A 184 53.06 36.77 0.88
C GLU A 184 54.34 36.19 1.54
N ASP A 185 55.41 37.01 1.55
CA ASP A 185 56.73 36.64 2.09
C ASP A 185 56.84 36.99 3.59
N GLU A 186 55.69 37.42 4.17
CA GLU A 186 55.54 37.65 5.62
C GLU A 186 55.74 36.34 6.42
N PHE A 187 55.48 35.21 5.75
CA PHE A 187 55.67 33.87 6.32
C PHE A 187 57.14 33.40 6.19
N LEU A 188 58.07 34.38 6.00
CA LEU A 188 59.53 34.17 6.11
C LEU A 188 60.09 34.94 7.33
N ASP A 189 59.23 35.68 8.05
CA ASP A 189 59.62 36.43 9.26
C ASP A 189 59.72 35.46 10.44
N ASP A 190 60.95 35.23 10.95
CA ASP A 190 61.23 34.23 12.03
C ASP A 190 60.20 34.32 13.19
N TRP A 191 60.06 35.52 13.73
CA TRP A 191 59.16 35.83 14.87
C TRP A 191 57.67 35.56 14.51
N ARG A 192 57.26 35.96 13.28
CA ARG A 192 55.86 35.79 12.80
C ARG A 192 55.54 34.29 12.69
N VAL A 193 56.44 33.56 12.02
CA VAL A 193 56.28 32.12 11.75
C VAL A 193 56.22 31.34 13.06
N ARG A 194 57.13 31.63 13.99
CA ARG A 194 57.21 30.96 15.32
C ARG A 194 55.92 31.14 16.13
N SER A 195 55.36 32.36 16.10
CA SER A 195 54.08 32.68 16.76
C SER A 195 52.95 31.81 16.16
N ILE A 196 53.01 31.65 14.84
CA ILE A 196 52.02 30.91 14.04
C ILE A 196 52.31 29.38 14.06
N ILE A 197 53.54 28.99 14.48
CA ILE A 197 53.87 27.59 14.75
C ILE A 197 53.08 27.18 15.99
N SER A 198 53.35 27.83 17.14
CA SER A 198 52.66 27.52 18.42
C SER A 198 51.11 27.63 18.30
N LYS A 199 50.67 28.64 17.50
CA LYS A 199 49.23 28.93 17.25
C LYS A 199 48.44 27.68 16.76
N TYR A 200 49.15 26.79 16.05
CA TYR A 200 48.53 25.59 15.44
C TYR A 200 49.11 24.30 16.02
N SER A 201 50.43 24.24 16.13
CA SER A 201 51.19 23.06 16.56
C SER A 201 50.81 22.58 17.96
N ASP A 202 50.41 23.49 18.84
CA ASP A 202 50.05 23.15 20.23
C ASP A 202 48.73 22.36 20.33
N HIS A 203 47.92 22.36 19.24
CA HIS A 203 46.75 21.44 19.13
C HIS A 203 47.12 20.23 18.22
N ILE A 204 48.42 19.99 18.07
CA ILE A 204 48.98 18.89 17.28
C ILE A 204 49.82 17.96 18.20
N ALA A 205 49.73 16.64 17.97
CA ALA A 205 50.39 15.61 18.79
C ALA A 205 51.74 15.16 18.15
N LEU A 206 52.40 16.10 17.45
CA LEU A 206 53.66 15.86 16.70
C LEU A 206 54.62 17.03 16.97
N PRO A 207 55.87 16.77 17.49
CA PRO A 207 56.86 17.85 17.80
C PRO A 207 57.20 18.74 16.57
N VAL A 208 56.78 20.02 16.61
CA VAL A 208 57.04 20.99 15.51
C VAL A 208 58.15 21.98 15.92
N GLU A 209 59.19 22.03 15.08
CA GLU A 209 60.38 22.88 15.28
C GLU A 209 60.50 23.87 14.11
N ILE A 210 61.43 24.83 14.24
CA ILE A 210 61.68 25.86 13.21
C ILE A 210 63.18 25.97 12.98
N GLU A 211 63.55 26.51 11.81
CA GLU A 211 64.93 26.88 11.51
C GLU A 211 65.32 28.15 12.30
N LYS A 212 66.50 28.11 12.93
CA LYS A 212 67.14 29.28 13.53
C LYS A 212 68.58 29.34 13.02
N ARG A 213 68.73 30.02 11.88
CA ARG A 213 70.02 30.09 11.16
C ARG A 213 70.77 31.37 11.50
N GLU A 214 71.98 31.22 12.02
CA GLU A 214 72.90 32.31 12.30
C GLU A 214 74.01 32.30 11.24
N GLU A 215 73.84 33.12 10.19
CA GLU A 215 74.84 33.24 9.13
C GLU A 215 75.96 34.19 9.58
N LYS A 216 76.84 33.66 10.44
CA LYS A 216 78.00 34.37 10.96
C LYS A 216 79.21 34.12 10.03
N ASP A 217 80.28 34.92 10.19
CA ASP A 217 81.50 34.86 9.36
C ASP A 217 82.05 33.42 9.28
N GLY A 218 81.82 32.75 8.14
CA GLY A 218 82.29 31.37 7.93
C GLY A 218 81.44 30.31 8.64
N GLU A 219 80.66 30.71 9.67
CA GLU A 219 79.91 29.78 10.54
C GLU A 219 78.39 30.00 10.38
N THR A 220 77.80 29.26 9.44
CA THR A 220 76.36 29.31 9.15
C THR A 220 75.63 28.24 9.99
N VAL A 221 75.38 28.57 11.27
CA VAL A 221 74.83 27.61 12.25
C VAL A 221 73.31 27.50 12.12
N ILE A 222 72.81 26.33 11.69
CA ILE A 222 71.36 26.04 11.65
C ILE A 222 70.99 25.14 12.84
N SER A 223 70.20 25.70 13.76
CA SER A 223 69.65 24.99 14.91
C SER A 223 68.12 24.92 14.77
N TRP A 224 67.49 23.86 15.30
CA TRP A 224 66.03 23.65 15.13
C TRP A 224 65.36 23.66 16.51
N GLU A 225 64.58 24.73 16.75
CA GLU A 225 63.99 25.02 18.08
C GLU A 225 62.49 24.73 18.05
N LYS A 226 62.02 23.85 18.96
CA LYS A 226 60.59 23.49 19.04
C LYS A 226 59.78 24.60 19.73
N ILE A 227 58.79 25.14 18.99
CA ILE A 227 57.82 26.13 19.53
C ILE A 227 56.53 25.40 19.92
N ASN A 228 56.48 24.11 19.55
CA ASN A 228 55.39 23.22 19.90
C ASN A 228 55.65 22.65 21.30
N LYS A 229 54.63 22.78 22.16
CA LYS A 229 54.61 22.19 23.52
C LYS A 229 54.87 20.67 23.47
N ALA A 230 54.41 20.03 22.36
CA ALA A 230 54.62 18.61 22.04
C ALA A 230 53.96 17.71 23.09
N GLN A 231 52.64 17.56 22.93
CA GLN A 231 51.81 16.70 23.76
C GLN A 231 50.50 16.40 23.04
N ALA A 232 49.98 15.19 23.26
CA ALA A 232 48.64 14.80 22.82
C ALA A 232 47.60 15.67 23.55
N LEU A 233 46.86 16.52 22.80
CA LEU A 233 45.94 17.53 23.38
C LEU A 233 44.89 16.86 24.27
N TRP A 234 44.32 15.74 23.81
CA TRP A 234 43.31 15.00 24.57
C TRP A 234 43.90 14.50 25.93
N THR A 235 45.16 14.03 25.92
CA THR A 235 45.87 13.54 27.12
C THR A 235 46.29 14.72 28.04
N ARG A 236 46.50 15.91 27.43
CA ARG A 236 46.97 17.11 28.12
C ARG A 236 45.82 17.72 28.97
N ASN A 237 46.20 18.40 30.06
CA ASN A 237 45.27 18.99 31.03
C ASN A 237 44.43 20.14 30.41
N LYS A 238 43.13 20.13 30.77
CA LYS A 238 42.14 21.13 30.33
C LYS A 238 42.58 22.57 30.64
N SER A 239 43.14 22.77 31.85
CA SER A 239 43.66 24.07 32.30
C SER A 239 44.77 24.60 31.38
N GLU A 240 45.54 23.66 30.81
CA GLU A 240 46.65 23.99 29.90
C GLU A 240 46.15 24.27 28.47
N ILE A 241 44.99 23.70 28.11
CA ILE A 241 44.39 23.88 26.76
C ILE A 241 43.38 25.06 26.76
N THR A 242 43.62 26.08 25.92
CA THR A 242 42.65 27.15 25.69
C THR A 242 41.58 26.69 24.68
N ASP A 243 40.48 27.45 24.62
CA ASP A 243 39.29 27.16 23.81
C ASP A 243 39.60 27.15 22.30
N GLU A 244 40.57 28.00 21.92
CA GLU A 244 41.01 28.17 20.52
C GLU A 244 41.60 26.88 19.95
N GLU A 245 42.42 26.21 20.78
CA GLU A 245 43.07 24.96 20.42
C GLU A 245 42.04 23.86 20.20
N TYR A 246 40.96 23.84 21.02
CA TYR A 246 39.84 22.88 20.86
C TYR A 246 39.15 23.08 19.50
N LYS A 247 38.79 24.34 19.20
CA LYS A 247 38.07 24.72 17.96
C LYS A 247 38.85 24.29 16.71
N GLU A 248 40.16 24.46 16.79
CA GLU A 248 41.10 24.17 15.71
C GLU A 248 41.48 22.67 15.70
N PHE A 249 41.41 22.01 16.89
CA PHE A 249 41.72 20.56 17.07
C PHE A 249 40.67 19.70 16.39
N TYR A 250 39.42 20.15 16.52
CA TYR A 250 38.26 19.56 15.84
C TYR A 250 38.55 19.37 14.34
N LYS A 251 39.13 20.42 13.72
CA LYS A 251 39.35 20.49 12.27
C LYS A 251 40.29 19.35 11.80
N HIS A 252 41.33 19.07 12.61
CA HIS A 252 42.27 17.95 12.37
C HIS A 252 41.53 16.59 12.49
N ILE A 253 40.97 16.33 13.66
CA ILE A 253 40.44 14.99 14.02
C ILE A 253 39.17 14.61 13.24
N ALA A 254 38.50 15.63 12.66
CA ALA A 254 37.24 15.42 11.93
C ALA A 254 37.46 15.16 10.44
N HIS A 255 38.70 15.46 9.94
CA HIS A 255 39.01 15.53 8.49
C HIS A 255 38.09 16.56 7.84
N ASP A 256 37.95 17.71 8.52
CA ASP A 256 37.05 18.80 8.12
C ASP A 256 37.75 20.14 8.46
N PHE A 257 37.01 21.26 8.54
CA PHE A 257 37.62 22.55 8.89
C PHE A 257 36.57 23.53 9.50
N ASN A 258 35.31 23.06 9.72
CA ASN A 258 34.23 23.94 10.25
C ASN A 258 34.47 24.20 11.74
N ASP A 259 33.95 25.31 12.24
CA ASP A 259 34.14 25.73 13.64
C ASP A 259 33.06 25.09 14.52
N PRO A 260 33.45 24.34 15.61
CA PRO A 260 32.48 23.67 16.50
C PRO A 260 31.76 24.66 17.43
N LEU A 261 30.46 24.39 17.65
CA LEU A 261 29.60 25.16 18.54
C LEU A 261 30.06 25.03 20.01
N THR A 262 30.31 23.78 20.44
CA THR A 262 30.81 23.49 21.79
C THR A 262 31.53 22.11 21.79
N TRP A 263 32.02 21.70 22.97
CA TRP A 263 32.75 20.43 23.15
C TRP A 263 32.58 19.90 24.59
N SER A 264 33.12 18.70 24.82
CA SER A 264 33.12 18.03 26.13
C SER A 264 34.46 17.29 26.29
N HIS A 265 35.40 17.88 27.06
CA HIS A 265 36.71 17.25 27.35
C HIS A 265 36.70 16.73 28.79
N ASN A 266 36.47 15.42 28.95
CA ASN A 266 36.48 14.71 30.25
C ASN A 266 37.41 13.49 30.13
N ARG A 267 38.31 13.29 31.11
CA ARG A 267 39.14 12.09 31.20
C ARG A 267 38.66 11.21 32.36
N VAL A 268 38.44 9.92 32.06
CA VAL A 268 38.07 8.90 33.05
C VAL A 268 39.21 7.86 33.10
N GLU A 269 39.74 7.61 34.30
CA GLU A 269 40.91 6.75 34.51
C GLU A 269 40.67 5.86 35.75
N GLY A 270 41.21 4.62 35.73
CA GLY A 270 41.08 3.67 36.82
C GLY A 270 40.50 2.35 36.35
N LYS A 271 39.18 2.18 36.54
CA LYS A 271 38.44 0.95 36.16
C LYS A 271 38.52 0.75 34.64
N GLN A 272 37.88 1.66 33.88
CA GLN A 272 38.01 1.73 32.42
C GLN A 272 38.63 3.07 32.05
N GLU A 273 39.88 3.03 31.59
CA GLU A 273 40.64 4.22 31.20
C GLU A 273 40.25 4.64 29.78
N TYR A 274 39.56 5.78 29.67
CA TYR A 274 39.24 6.42 28.40
C TYR A 274 39.20 7.95 28.58
N THR A 275 40.01 8.66 27.78
CA THR A 275 39.89 10.11 27.65
C THR A 275 38.93 10.42 26.50
N SER A 276 37.81 11.07 26.81
CA SER A 276 36.80 11.44 25.82
C SER A 276 36.89 12.94 25.52
N LEU A 277 36.92 13.27 24.23
CA LEU A 277 36.89 14.65 23.74
C LEU A 277 35.98 14.71 22.50
N LEU A 278 34.73 15.06 22.78
CA LEU A 278 33.65 15.14 21.78
C LEU A 278 33.44 16.60 21.38
N TYR A 279 32.96 16.84 20.15
CA TYR A 279 32.61 18.19 19.66
C TYR A 279 31.22 18.15 18.99
N ILE A 280 30.61 19.34 18.89
CA ILE A 280 29.36 19.58 18.17
C ILE A 280 29.66 20.48 16.96
N PRO A 281 29.52 19.99 15.70
CA PRO A 281 29.76 20.82 14.48
C PRO A 281 28.65 21.87 14.24
N SER A 282 29.04 22.99 13.59
CA SER A 282 28.11 24.06 13.19
C SER A 282 27.30 23.67 11.94
N GLN A 283 27.87 22.76 11.12
CA GLN A 283 27.27 22.30 9.85
C GLN A 283 27.07 20.77 9.93
N ALA A 284 26.05 20.28 9.21
CA ALA A 284 25.82 18.83 9.07
C ALA A 284 26.90 18.23 8.15
N PRO A 285 27.64 17.14 8.58
CA PRO A 285 28.58 16.41 7.69
C PRO A 285 27.82 15.80 6.48
N TRP A 286 28.52 15.68 5.35
CA TRP A 286 27.90 15.25 4.07
C TRP A 286 27.28 13.84 4.21
N ASP A 287 27.97 12.96 4.97
CA ASP A 287 27.63 11.53 5.13
C ASP A 287 26.47 11.30 6.12
N MET A 288 25.94 12.38 6.72
CA MET A 288 24.93 12.31 7.81
C MET A 288 23.66 11.55 7.38
N TRP A 289 23.39 11.49 6.06
CA TRP A 289 22.23 10.79 5.49
C TRP A 289 22.66 9.78 4.41
N ASN A 290 23.96 9.41 4.45
CA ASN A 290 24.58 8.46 3.50
C ASN A 290 25.06 7.19 4.21
N ARG A 291 25.53 6.22 3.40
CA ARG A 291 26.03 4.92 3.87
C ARG A 291 27.51 4.99 4.27
N ASP A 292 28.21 6.04 3.82
CA ASP A 292 29.66 6.23 4.08
C ASP A 292 29.86 6.89 5.47
N HIS A 293 31.11 6.80 6.00
CA HIS A 293 31.49 7.44 7.26
C HIS A 293 32.35 8.70 7.01
N LYS A 294 32.09 9.71 7.83
CA LYS A 294 32.88 10.96 7.92
C LYS A 294 32.73 11.47 9.35
N HIS A 295 31.49 11.41 9.87
CA HIS A 295 31.22 11.57 11.30
C HIS A 295 31.72 10.34 12.08
N GLY A 296 31.98 10.51 13.38
CA GLY A 296 32.54 9.45 14.21
C GLY A 296 33.70 9.93 15.05
N LEU A 297 34.44 9.00 15.65
CA LEU A 297 35.57 9.32 16.55
C LEU A 297 36.87 8.69 16.04
N LYS A 298 38.02 9.37 16.31
CA LYS A 298 39.35 8.76 16.11
C LYS A 298 39.72 7.93 17.35
N LEU A 299 39.68 6.61 17.23
CA LEU A 299 40.08 5.70 18.29
C LEU A 299 41.62 5.63 18.38
N TYR A 300 42.13 5.92 19.58
CA TYR A 300 43.52 5.71 19.97
C TYR A 300 43.52 4.73 21.16
N VAL A 301 44.53 3.87 21.25
CA VAL A 301 44.82 3.07 22.46
C VAL A 301 46.23 3.45 22.95
N GLN A 302 46.28 4.19 24.10
CA GLN A 302 47.54 4.62 24.74
C GLN A 302 48.29 5.64 23.84
N ARG A 303 47.51 6.58 23.26
CA ARG A 303 47.97 7.63 22.30
C ARG A 303 48.47 7.03 20.94
N VAL A 304 48.31 5.70 20.79
CA VAL A 304 48.69 4.97 19.56
C VAL A 304 47.43 4.79 18.70
N PHE A 305 47.49 5.23 17.45
CA PHE A 305 46.32 5.26 16.57
C PHE A 305 45.90 3.86 16.11
N ILE A 306 44.57 3.65 15.99
CA ILE A 306 43.97 2.40 15.51
C ILE A 306 43.09 2.69 14.27
N MET A 307 42.00 3.46 14.46
CA MET A 307 41.03 3.75 13.37
C MET A 307 40.31 5.07 13.61
N ASP A 308 39.99 5.81 12.53
CA ASP A 308 39.23 7.08 12.60
C ASP A 308 37.90 6.99 11.83
N ASP A 309 37.08 8.05 11.99
CA ASP A 309 35.72 8.16 11.39
C ASP A 309 34.83 6.99 11.86
N ALA A 310 35.15 6.47 13.07
CA ALA A 310 34.54 5.26 13.62
C ALA A 310 33.34 5.59 14.51
N GLU A 311 32.14 5.41 13.95
CA GLU A 311 30.85 5.65 14.63
C GLU A 311 30.42 4.43 15.51
N GLN A 312 31.32 3.45 15.71
CA GLN A 312 31.07 2.28 16.59
C GLN A 312 30.89 2.69 18.07
N PHE A 313 31.49 3.84 18.43
CA PHE A 313 31.50 4.37 19.82
C PHE A 313 30.32 5.28 20.11
N MET A 314 29.59 5.66 19.05
CA MET A 314 28.51 6.63 19.14
C MET A 314 27.25 6.07 18.48
N PRO A 315 26.09 6.00 19.20
CA PRO A 315 24.79 5.56 18.63
C PRO A 315 24.41 6.35 17.35
N ASN A 316 23.67 5.70 16.44
CA ASN A 316 23.24 6.29 15.15
C ASN A 316 22.37 7.55 15.35
N TYR A 317 21.67 7.61 16.49
CA TYR A 317 20.82 8.77 16.86
C TYR A 317 21.71 9.97 17.26
N LEU A 318 22.92 9.65 17.77
CA LEU A 318 23.89 10.63 18.29
C LEU A 318 25.09 10.80 17.33
N ARG A 319 24.97 10.27 16.08
CA ARG A 319 26.09 10.23 15.10
C ARG A 319 26.56 11.63 14.64
N PHE A 320 25.78 12.67 15.01
CA PHE A 320 26.15 14.08 14.78
C PHE A 320 27.45 14.49 15.53
N VAL A 321 27.71 13.81 16.66
CA VAL A 321 28.94 14.02 17.46
C VAL A 321 30.17 13.60 16.64
N ARG A 322 31.18 14.48 16.66
CA ARG A 322 32.42 14.27 15.94
C ARG A 322 33.60 14.66 16.86
N GLY A 323 34.62 13.81 16.94
CA GLY A 323 35.77 14.06 17.80
C GLY A 323 36.70 12.86 17.85
N LEU A 324 37.10 12.44 19.06
CA LEU A 324 37.98 11.28 19.27
C LEU A 324 37.84 10.73 20.70
N ILE A 325 38.46 9.55 20.90
CA ILE A 325 38.54 8.90 22.22
C ILE A 325 39.82 8.04 22.26
N ASP A 326 40.62 8.23 23.34
CA ASP A 326 41.82 7.44 23.63
C ASP A 326 41.53 6.52 24.81
N SER A 327 41.93 5.25 24.73
CA SER A 327 41.68 4.27 25.79
C SER A 327 42.98 3.55 26.18
N SER A 328 43.10 3.17 27.46
CA SER A 328 44.09 2.18 27.92
C SER A 328 43.35 0.94 28.46
N ASP A 329 42.01 0.96 28.35
CA ASP A 329 41.10 -0.13 28.75
C ASP A 329 40.95 -1.15 27.60
N LEU A 330 40.61 -0.63 26.41
CA LEU A 330 40.44 -1.43 25.19
C LEU A 330 41.80 -1.98 24.72
N PRO A 331 41.85 -3.20 24.10
CA PRO A 331 43.11 -3.84 23.63
C PRO A 331 43.81 -3.03 22.50
N LEU A 332 45.12 -3.29 22.28
CA LEU A 332 45.91 -2.58 21.24
C LEU A 332 45.67 -3.20 19.84
N ASN A 333 45.22 -4.48 19.81
CA ASN A 333 44.87 -5.18 18.55
C ASN A 333 43.36 -5.04 18.24
N VAL A 334 42.73 -4.02 18.85
CA VAL A 334 41.27 -3.79 18.76
C VAL A 334 40.83 -3.52 17.30
N SER A 335 39.89 -4.35 16.81
CA SER A 335 39.35 -4.27 15.45
C SER A 335 37.87 -3.85 15.50
N ARG A 336 37.25 -3.59 14.33
CA ARG A 336 35.84 -3.16 14.25
C ARG A 336 34.88 -4.29 14.72
N GLU A 337 35.35 -5.55 14.59
CA GLU A 337 34.67 -6.74 15.14
C GLU A 337 34.62 -6.67 16.67
N ILE A 338 35.78 -6.32 17.28
CA ILE A 338 35.93 -6.17 18.76
C ILE A 338 35.05 -4.99 19.26
N LEU A 339 34.94 -3.93 18.43
CA LEU A 339 34.15 -2.72 18.75
C LEU A 339 32.65 -3.02 18.73
N GLN A 340 32.25 -3.94 17.87
CA GLN A 340 30.86 -4.35 17.71
C GLN A 340 30.46 -5.40 18.78
N ASP A 341 31.41 -6.30 19.09
CA ASP A 341 31.16 -7.51 19.91
C ASP A 341 31.39 -7.25 21.42
N SER A 342 32.63 -6.83 21.76
CA SER A 342 33.11 -6.76 23.16
C SER A 342 32.32 -5.75 24.02
N THR A 343 32.06 -6.15 25.28
CA THR A 343 31.24 -5.37 26.23
C THR A 343 31.98 -4.12 26.73
N VAL A 344 33.34 -4.17 26.78
CA VAL A 344 34.17 -3.01 27.23
C VAL A 344 33.95 -1.77 26.32
N THR A 345 33.76 -2.02 25.01
CA THR A 345 33.44 -0.97 24.02
C THR A 345 31.97 -0.51 24.16
N ARG A 346 31.10 -1.42 24.64
CA ARG A 346 29.66 -1.16 24.80
C ARG A 346 29.42 -0.27 26.05
N ASN A 347 30.26 -0.53 27.08
CA ASN A 347 30.32 0.28 28.31
C ASN A 347 30.84 1.67 27.97
N LEU A 348 31.90 1.68 27.13
CA LEU A 348 32.52 2.91 26.60
C LEU A 348 31.49 3.73 25.79
N ARG A 349 30.68 3.04 24.97
CA ARG A 349 29.69 3.68 24.08
C ARG A 349 28.64 4.44 24.91
N ASN A 350 28.07 3.74 25.92
CA ASN A 350 27.05 4.31 26.82
C ASN A 350 27.64 5.42 27.71
N ALA A 351 28.94 5.32 27.99
CA ALA A 351 29.67 6.34 28.74
C ALA A 351 29.78 7.64 27.93
N LEU A 352 30.17 7.51 26.66
CA LEU A 352 30.27 8.63 25.72
C LEU A 352 28.89 9.26 25.49
N THR A 353 27.86 8.40 25.40
CA THR A 353 26.43 8.79 25.28
C THR A 353 26.04 9.76 26.41
N LYS A 354 26.52 9.47 27.64
CA LYS A 354 26.30 10.31 28.83
C LYS A 354 26.84 11.74 28.61
N ARG A 355 28.11 11.83 28.15
CA ARG A 355 28.77 13.13 27.86
C ARG A 355 28.06 13.89 26.72
N VAL A 356 27.42 13.14 25.78
CA VAL A 356 26.67 13.75 24.65
C VAL A 356 25.41 14.48 25.15
N LEU A 357 24.52 13.74 25.86
CA LEU A 357 23.21 14.28 26.31
C LEU A 357 23.39 15.47 27.27
N GLN A 358 24.49 15.45 28.06
CA GLN A 358 24.86 16.58 28.92
C GLN A 358 25.39 17.78 28.09
N MET A 359 26.15 17.48 27.01
CA MET A 359 26.78 18.49 26.11
C MET A 359 25.72 19.22 25.25
N LEU A 360 24.63 18.50 24.92
CA LEU A 360 23.49 19.06 24.13
C LEU A 360 22.67 20.02 24.98
N GLU A 361 22.44 19.61 26.25
CA GLU A 361 21.68 20.42 27.22
C GLU A 361 22.52 21.63 27.65
N LYS A 362 23.85 21.43 27.70
CA LYS A 362 24.83 22.49 27.91
C LYS A 362 24.75 23.50 26.76
N LEU A 363 24.67 22.99 25.51
CA LEU A 363 24.63 23.83 24.29
C LEU A 363 23.36 24.70 24.25
N ALA A 364 22.25 24.15 24.76
CA ALA A 364 20.96 24.87 24.89
C ALA A 364 21.08 26.09 25.85
N LYS A 365 21.98 25.97 26.84
CA LYS A 365 22.29 27.02 27.83
C LYS A 365 23.53 27.84 27.42
N ASP A 366 24.34 27.27 26.51
CA ASP A 366 25.60 27.87 26.04
C ASP A 366 25.23 29.07 25.15
N ASP A 367 24.61 28.75 24.00
CA ASP A 367 24.07 29.75 23.07
C ASP A 367 22.92 29.09 22.32
N ALA A 368 21.68 29.54 22.61
CA ALA A 368 20.44 29.02 21.97
C ALA A 368 20.50 29.13 20.43
N GLU A 369 21.28 30.10 19.89
CA GLU A 369 21.50 30.27 18.43
C GLU A 369 22.30 29.08 17.87
N LYS A 370 23.35 28.66 18.61
CA LYS A 370 24.15 27.48 18.26
C LYS A 370 23.28 26.23 18.22
N TYR A 371 22.48 26.03 19.29
CA TYR A 371 21.59 24.87 19.39
C TYR A 371 20.43 24.95 18.37
N GLN A 372 20.12 26.17 17.92
CA GLN A 372 19.08 26.42 16.90
C GLN A 372 19.57 25.96 15.52
N THR A 373 20.86 26.26 15.23
CA THR A 373 21.54 25.82 14.00
C THR A 373 21.69 24.28 14.02
N PHE A 374 22.13 23.78 15.19
CA PHE A 374 22.32 22.35 15.46
C PHE A 374 21.02 21.56 15.19
N TRP A 375 19.90 22.05 15.73
CA TRP A 375 18.60 21.39 15.59
C TRP A 375 18.09 21.51 14.13
N GLN A 376 18.47 22.59 13.43
CA GLN A 376 18.10 22.76 12.01
C GLN A 376 18.83 21.69 11.14
N GLN A 377 20.05 21.31 11.56
CA GLN A 377 20.91 20.37 10.81
C GLN A 377 20.61 18.89 11.19
N PHE A 378 20.32 18.65 12.49
CA PHE A 378 20.29 17.28 13.08
C PHE A 378 18.95 16.97 13.80
N GLY A 379 17.97 17.88 13.67
CA GLY A 379 16.70 17.79 14.42
C GLY A 379 15.89 16.53 14.13
N LEU A 380 15.89 16.10 12.86
CA LEU A 380 15.21 14.88 12.40
C LEU A 380 15.71 13.62 13.16
N VAL A 381 17.03 13.62 13.43
CA VAL A 381 17.73 12.46 14.04
C VAL A 381 17.52 12.45 15.58
N LEU A 382 17.67 13.63 16.20
CA LEU A 382 17.46 13.81 17.66
C LEU A 382 15.96 13.61 18.01
N LYS A 383 15.07 13.79 17.01
CA LYS A 383 13.61 13.64 17.19
C LYS A 383 13.19 12.14 17.24
N GLU A 384 14.17 11.24 16.98
CA GLU A 384 14.02 9.79 17.25
C GLU A 384 14.20 9.55 18.76
N GLY A 385 15.07 10.41 19.36
CA GLY A 385 15.46 10.35 20.76
C GLY A 385 14.33 10.19 21.79
N PRO A 386 13.22 11.02 21.77
CA PRO A 386 12.06 10.86 22.71
C PRO A 386 11.51 9.43 22.77
N ALA A 387 11.54 8.78 21.60
CA ALA A 387 11.01 7.43 21.41
C ALA A 387 12.03 6.36 21.85
N GLU A 388 13.31 6.73 21.75
CA GLU A 388 14.45 5.90 22.22
C GLU A 388 14.57 5.91 23.74
N ASP A 389 14.33 7.06 24.36
CA ASP A 389 14.41 7.22 25.80
C ASP A 389 13.07 7.76 26.33
N PHE A 390 12.20 6.85 26.78
CA PHE A 390 10.91 7.20 27.42
C PHE A 390 11.13 7.54 28.91
N ALA A 391 12.09 6.83 29.55
CA ALA A 391 12.33 6.89 31.00
C ALA A 391 12.63 8.32 31.50
N ASN A 392 13.50 9.03 30.78
CA ASN A 392 13.83 10.45 31.06
C ASN A 392 13.58 11.30 29.80
N GLN A 393 12.44 11.00 29.13
CA GLN A 393 12.01 11.68 27.88
C GLN A 393 11.85 13.20 28.06
N GLU A 394 11.52 13.64 29.28
CA GLU A 394 11.28 15.07 29.59
C GLU A 394 12.60 15.89 29.53
N ALA A 395 13.74 15.20 29.77
CA ALA A 395 15.09 15.80 29.59
C ALA A 395 15.39 16.03 28.10
N ILE A 396 14.79 15.18 27.24
CA ILE A 396 14.87 15.34 25.78
C ILE A 396 13.85 16.37 25.31
N ALA A 397 12.70 16.45 26.00
CA ALA A 397 11.61 17.40 25.69
C ALA A 397 12.05 18.85 26.05
N LYS A 398 13.05 18.94 26.93
CA LYS A 398 13.84 20.16 27.18
C LYS A 398 14.63 20.55 25.90
N LEU A 399 15.23 19.52 25.26
CA LEU A 399 16.05 19.66 24.05
C LEU A 399 15.20 19.86 22.78
N LEU A 400 13.93 19.36 22.80
CA LEU A 400 13.04 19.35 21.62
C LEU A 400 12.60 20.76 21.23
N ARG A 401 12.75 21.05 19.92
CA ARG A 401 12.33 22.32 19.32
C ARG A 401 11.29 22.00 18.24
N PHE A 402 10.11 22.63 18.34
CA PHE A 402 9.02 22.49 17.36
C PHE A 402 8.68 23.86 16.74
N ALA A 403 8.24 23.83 15.48
CA ALA A 403 7.71 25.02 14.80
C ALA A 403 6.23 25.18 15.19
N SER A 404 5.75 26.43 15.23
CA SER A 404 4.38 26.75 15.62
C SER A 404 3.91 28.06 14.95
N THR A 405 2.63 28.39 15.17
CA THR A 405 2.01 29.66 14.73
C THR A 405 2.59 30.89 15.47
N HIS A 406 3.45 30.63 16.48
CA HIS A 406 4.23 31.63 17.19
C HIS A 406 5.06 32.48 16.21
N THR A 407 5.78 31.79 15.30
CA THR A 407 6.73 32.43 14.35
C THR A 407 6.43 31.97 12.91
N ASP A 408 6.78 32.83 11.92
CA ASP A 408 6.62 32.52 10.47
C ASP A 408 7.84 31.75 9.91
N SER A 409 8.75 31.32 10.79
CA SER A 409 9.99 30.63 10.39
C SER A 409 9.71 29.14 10.13
N SER A 410 10.32 28.60 9.05
CA SER A 410 10.30 27.16 8.73
C SER A 410 11.21 26.37 9.69
N ALA A 411 12.14 27.09 10.34
CA ALA A 411 13.00 26.54 11.40
C ALA A 411 12.18 26.32 12.67
N GLN A 412 12.53 25.26 13.40
CA GLN A 412 11.82 24.85 14.63
C GLN A 412 12.31 25.75 15.79
N THR A 413 11.78 26.99 15.84
CA THR A 413 12.29 28.05 16.73
C THR A 413 11.91 27.85 18.20
N VAL A 414 10.65 27.48 18.43
CA VAL A 414 10.07 27.36 19.78
C VAL A 414 10.47 26.02 20.42
N SER A 415 10.84 26.03 21.70
CA SER A 415 11.01 24.82 22.51
C SER A 415 9.65 24.47 23.13
N LEU A 416 9.43 23.18 23.48
CA LEU A 416 8.24 22.78 24.26
C LEU A 416 8.17 23.59 25.57
N GLU A 417 9.35 23.88 26.11
CA GLU A 417 9.56 24.77 27.27
C GLU A 417 8.91 26.16 27.03
N ASP A 418 9.22 26.78 25.87
CA ASP A 418 8.80 28.16 25.55
C ASP A 418 7.27 28.21 25.34
N TYR A 419 6.70 27.09 24.86
CA TYR A 419 5.24 26.93 24.77
C TYR A 419 4.61 26.97 26.18
N VAL A 420 5.14 26.12 27.08
CA VAL A 420 4.62 25.98 28.46
C VAL A 420 4.75 27.30 29.24
N SER A 421 5.86 28.02 28.99
CA SER A 421 6.12 29.34 29.59
C SER A 421 5.14 30.39 29.03
N ARG A 422 4.76 30.23 27.74
CA ARG A 422 3.85 31.17 27.05
C ARG A 422 2.37 30.72 27.15
N MET A 423 2.10 29.58 27.84
CA MET A 423 0.71 29.09 28.09
C MET A 423 -0.21 30.19 28.65
N LYS A 424 -1.40 30.30 28.03
CA LYS A 424 -2.42 31.34 28.30
C LYS A 424 -3.23 31.00 29.57
N GLU A 425 -4.29 31.80 29.83
CA GLU A 425 -5.16 31.61 31.01
C GLU A 425 -5.83 30.23 30.95
N GLY A 426 -5.46 29.37 31.91
CA GLY A 426 -5.97 28.01 32.00
C GLY A 426 -5.65 27.13 30.79
N GLN A 427 -4.60 27.49 30.01
CA GLN A 427 -4.10 26.66 28.90
C GLN A 427 -3.20 25.57 29.50
N GLU A 428 -3.87 24.52 30.04
CA GLU A 428 -3.25 23.49 30.87
C GLU A 428 -2.84 22.25 30.02
N LYS A 429 -2.93 22.39 28.69
CA LYS A 429 -2.60 21.31 27.73
C LYS A 429 -1.77 21.86 26.56
N ILE A 430 -1.03 20.96 25.89
CA ILE A 430 -0.12 21.31 24.78
C ILE A 430 -0.82 21.06 23.42
N TYR A 431 -1.09 22.15 22.67
CA TYR A 431 -1.88 22.12 21.42
C TYR A 431 -0.96 22.08 20.18
N TYR A 432 -1.36 21.24 19.21
CA TYR A 432 -0.51 20.82 18.07
C TYR A 432 -1.39 20.24 16.93
N ILE A 433 -1.01 20.53 15.67
CA ILE A 433 -1.68 19.99 14.45
C ILE A 433 -0.62 19.41 13.49
N THR A 434 -0.81 18.16 13.08
CA THR A 434 0.09 17.46 12.13
C THR A 434 -0.11 17.95 10.68
N ALA A 435 1.00 18.02 9.94
CA ALA A 435 1.03 18.43 8.53
C ALA A 435 1.91 17.48 7.72
N ASP A 436 1.52 17.26 6.46
CA ASP A 436 2.35 16.49 5.49
C ASP A 436 3.46 17.40 4.92
N SER A 437 3.26 18.73 5.02
CA SER A 437 4.28 19.74 4.66
C SER A 437 4.01 21.05 5.41
N TYR A 438 5.11 21.80 5.70
CA TYR A 438 5.02 23.17 6.27
C TYR A 438 4.34 24.14 5.28
N ALA A 439 4.46 23.83 3.97
CA ALA A 439 3.81 24.59 2.90
C ALA A 439 2.27 24.54 3.03
N ALA A 440 1.74 23.33 3.36
CA ALA A 440 0.31 23.10 3.60
C ALA A 440 -0.13 23.76 4.93
N ALA A 441 0.78 23.73 5.93
CA ALA A 441 0.56 24.33 7.26
C ALA A 441 0.25 25.83 7.13
N LYS A 442 1.16 26.53 6.45
CA LYS A 442 1.08 28.00 6.24
C LYS A 442 0.03 28.34 5.16
N SER A 443 -0.35 27.35 4.32
CA SER A 443 -1.41 27.53 3.30
C SER A 443 -2.76 27.83 3.96
N SER A 444 -2.96 27.26 5.17
CA SER A 444 -4.17 27.44 5.98
C SER A 444 -4.26 28.90 6.51
N PRO A 445 -5.25 29.74 6.03
CA PRO A 445 -5.46 31.12 6.52
C PRO A 445 -6.11 31.15 7.91
N HIS A 446 -6.61 29.96 8.34
CA HIS A 446 -7.20 29.74 9.68
C HIS A 446 -6.25 30.21 10.79
N LEU A 447 -4.94 29.96 10.56
CA LEU A 447 -3.86 30.28 11.51
C LEU A 447 -3.89 31.77 11.91
N GLU A 448 -4.12 32.65 10.92
CA GLU A 448 -4.00 34.13 11.09
C GLU A 448 -4.96 34.66 12.16
N LEU A 449 -6.06 33.91 12.40
CA LEU A 449 -7.10 34.27 13.38
C LEU A 449 -6.50 34.28 14.80
N LEU A 450 -5.88 33.15 15.19
CA LEU A 450 -5.34 32.96 16.56
C LEU A 450 -3.92 33.54 16.69
N ARG A 451 -3.20 33.75 15.56
CA ARG A 451 -1.87 34.40 15.60
C ARG A 451 -2.02 35.87 15.98
N LYS A 452 -3.13 36.49 15.53
CA LYS A 452 -3.49 37.86 15.94
C LYS A 452 -3.69 37.95 17.48
N LYS A 453 -4.23 36.86 18.07
CA LYS A 453 -4.40 36.73 19.54
C LYS A 453 -3.08 36.28 20.22
N GLY A 454 -2.20 35.63 19.44
CA GLY A 454 -0.91 35.15 19.93
C GLY A 454 -0.97 33.77 20.58
N ILE A 455 -1.90 32.93 20.11
CA ILE A 455 -2.05 31.54 20.59
C ILE A 455 -1.21 30.63 19.69
N GLU A 456 -0.63 29.56 20.28
CA GLU A 456 0.26 28.65 19.56
C GLU A 456 -0.45 27.37 19.13
N VAL A 457 -0.05 26.92 17.94
CA VAL A 457 -0.45 25.67 17.33
C VAL A 457 0.84 25.05 16.79
N LEU A 458 1.40 24.05 17.51
CA LEU A 458 2.63 23.37 17.06
C LEU A 458 2.41 22.73 15.67
N LEU A 459 2.98 23.36 14.63
CA LEU A 459 2.85 22.92 13.24
C LEU A 459 3.90 21.83 12.97
N LEU A 460 3.48 20.55 13.04
CA LEU A 460 4.37 19.40 12.85
C LEU A 460 4.58 19.16 11.34
N SER A 461 5.76 19.55 10.84
CA SER A 461 6.11 19.47 9.41
C SER A 461 6.90 18.19 9.08
N ASP A 462 7.26 17.43 10.12
CA ASP A 462 8.13 16.25 10.00
C ASP A 462 7.29 14.96 10.00
N ARG A 463 7.88 13.87 9.51
CA ARG A 463 7.18 12.57 9.34
C ARG A 463 7.07 11.78 10.66
N ILE A 464 8.13 11.84 11.49
CA ILE A 464 8.30 10.92 12.63
C ILE A 464 7.36 11.25 13.81
N ASP A 465 6.76 12.45 13.80
CA ASP A 465 5.79 12.92 14.83
C ASP A 465 4.76 11.85 15.23
N GLU A 466 4.36 11.06 14.22
CA GLU A 466 3.48 9.90 14.36
C GLU A 466 3.95 8.92 15.47
N TRP A 467 5.17 8.38 15.30
CA TRP A 467 5.76 7.37 16.22
C TRP A 467 6.36 8.03 17.48
N MET A 468 6.92 9.23 17.31
CA MET A 468 7.56 10.01 18.40
C MET A 468 6.57 10.29 19.54
N MET A 469 5.34 10.67 19.16
CA MET A 469 4.29 11.04 20.12
C MET A 469 3.64 9.79 20.76
N ASN A 470 3.92 8.59 20.21
CA ASN A 470 3.49 7.31 20.84
C ASN A 470 4.14 7.21 22.24
N TYR A 471 5.27 7.92 22.38
CA TYR A 471 5.99 8.07 23.65
C TYR A 471 5.67 9.43 24.30
N LEU A 472 5.69 10.54 23.51
CA LEU A 472 5.32 11.90 24.01
C LEU A 472 3.82 11.95 24.39
N THR A 473 3.54 11.50 25.62
CA THR A 473 2.23 11.55 26.24
C THR A 473 2.00 12.96 26.83
N GLU A 474 3.04 13.48 27.51
CA GLU A 474 2.99 14.79 28.15
C GLU A 474 4.42 15.35 28.36
N PHE A 475 4.47 16.67 28.64
CA PHE A 475 5.70 17.37 29.02
C PHE A 475 5.36 18.40 30.11
N ASP A 476 6.19 18.39 31.19
CA ASP A 476 6.11 19.35 32.31
C ASP A 476 4.80 19.18 33.11
N GLY A 477 4.17 17.98 32.99
CA GLY A 477 2.90 17.69 33.66
C GLY A 477 1.68 17.99 32.79
N LYS A 478 1.90 18.59 31.61
CA LYS A 478 0.81 19.02 30.70
C LYS A 478 0.67 18.02 29.54
N PRO A 479 -0.52 17.38 29.34
CA PRO A 479 -0.73 16.39 28.28
C PRO A 479 -1.02 17.04 26.92
N PHE A 480 -0.63 16.34 25.85
CA PHE A 480 -0.87 16.79 24.47
C PHE A 480 -2.38 16.67 24.12
N GLN A 481 -2.94 17.71 23.47
CA GLN A 481 -4.38 17.85 23.17
C GLN A 481 -4.58 18.40 21.74
N SER A 482 -5.22 17.57 20.90
CA SER A 482 -5.54 17.90 19.49
C SER A 482 -6.92 18.59 19.39
N VAL A 483 -7.23 19.16 18.19
CA VAL A 483 -8.56 19.79 17.90
C VAL A 483 -9.59 18.71 17.42
N SER A 484 -9.29 17.42 17.72
CA SER A 484 -10.13 16.26 17.32
C SER A 484 -11.61 16.42 17.78
N LYS A 485 -11.80 17.00 18.97
CA LYS A 485 -13.13 17.37 19.50
C LYS A 485 -13.16 18.88 19.76
N VAL A 486 -14.36 19.47 19.65
CA VAL A 486 -14.60 20.92 19.87
C VAL A 486 -16.11 21.16 20.02
N ASP A 487 -16.51 22.17 20.81
CA ASP A 487 -17.91 22.58 20.97
C ASP A 487 -18.17 23.92 20.27
N GLU A 488 -19.44 24.20 19.99
CA GLU A 488 -19.90 25.47 19.38
C GLU A 488 -20.40 26.43 20.47
N SER A 489 -19.77 26.34 21.67
CA SER A 489 -20.22 27.02 22.90
C SER A 489 -20.19 28.55 22.75
N LEU A 490 -18.98 29.12 22.83
CA LEU A 490 -18.75 30.57 22.67
C LEU A 490 -17.34 30.82 22.09
N GLU A 491 -16.46 29.81 22.26
CA GLU A 491 -15.00 29.94 22.45
C GLU A 491 -14.42 31.35 22.14
N LYS A 492 -14.31 31.72 20.85
CA LYS A 492 -13.97 33.11 20.46
C LYS A 492 -15.05 33.67 19.50
N LEU A 493 -15.83 32.76 18.89
CA LEU A 493 -16.50 33.03 17.59
C LEU A 493 -18.04 33.01 17.69
N ALA A 494 -18.59 32.07 18.48
CA ALA A 494 -20.03 31.66 18.39
C ALA A 494 -21.06 32.81 18.58
N ASP A 495 -20.68 33.89 19.28
CA ASP A 495 -21.53 35.12 19.39
C ASP A 495 -20.93 36.27 18.56
N GLU A 496 -19.59 36.26 18.43
CA GLU A 496 -18.81 37.27 17.69
C GLU A 496 -18.77 36.93 16.19
N VAL A 497 -19.97 36.88 15.58
CA VAL A 497 -20.15 36.35 14.22
C VAL A 497 -20.38 37.48 13.19
N ASP A 498 -19.48 38.48 13.25
CA ASP A 498 -19.48 39.66 12.35
C ASP A 498 -20.84 40.40 12.37
N GLU A 499 -21.80 39.97 11.52
CA GLU A 499 -23.14 40.56 11.45
C GLU A 499 -24.23 39.48 11.46
N SER A 500 -23.85 38.22 11.17
CA SER A 500 -24.81 37.14 10.87
C SER A 500 -25.71 36.81 12.07
N ALA A 501 -26.81 37.55 12.17
CA ALA A 501 -27.79 37.42 13.22
C ALA A 501 -29.19 37.39 12.57
N LYS A 502 -30.19 38.03 13.22
CA LYS A 502 -31.63 37.89 12.87
C LYS A 502 -31.91 38.18 11.38
N GLU A 503 -31.33 39.28 10.85
CA GLU A 503 -31.58 39.75 9.45
C GLU A 503 -31.14 38.71 8.42
N ALA A 504 -29.95 38.13 8.64
CA ALA A 504 -29.40 37.06 7.80
C ALA A 504 -30.29 35.81 7.89
N GLU A 505 -30.61 35.40 9.13
CA GLU A 505 -31.29 34.12 9.42
C GLU A 505 -32.76 34.13 9.00
N LYS A 506 -33.33 35.34 8.80
CA LYS A 506 -34.68 35.50 8.20
C LYS A 506 -34.68 35.00 6.74
N ALA A 507 -33.56 35.26 6.04
CA ALA A 507 -33.34 34.78 4.65
C ALA A 507 -32.79 33.34 4.64
N LEU A 508 -32.12 32.94 5.75
CA LEU A 508 -31.51 31.60 5.86
C LEU A 508 -32.56 30.52 6.18
N THR A 509 -33.65 30.86 6.88
CA THR A 509 -34.70 29.85 7.24
C THR A 509 -35.42 29.25 5.97
N PRO A 510 -35.92 30.06 4.96
CA PRO A 510 -36.44 29.51 3.68
C PRO A 510 -35.36 28.76 2.90
N PHE A 511 -34.11 29.23 3.04
CA PHE A 511 -32.92 28.63 2.42
C PHE A 511 -32.71 27.19 2.98
N ILE A 512 -32.74 27.03 4.33
CA ILE A 512 -32.48 25.73 5.01
C ILE A 512 -33.51 24.68 4.57
N ASP A 513 -34.80 25.11 4.60
CA ASP A 513 -35.96 24.27 4.21
C ASP A 513 -35.76 23.64 2.82
N ARG A 514 -35.46 24.50 1.83
CA ARG A 514 -35.32 24.10 0.42
C ARG A 514 -34.05 23.29 0.17
N VAL A 515 -32.97 23.63 0.89
CA VAL A 515 -31.65 22.95 0.77
C VAL A 515 -31.74 21.50 1.28
N LYS A 516 -32.41 21.30 2.42
CA LYS A 516 -32.58 19.95 3.03
C LYS A 516 -33.50 19.07 2.16
N ALA A 517 -34.47 19.69 1.47
CA ALA A 517 -35.34 18.98 0.52
C ALA A 517 -34.58 18.63 -0.78
N LEU A 518 -33.69 19.55 -1.20
CA LEU A 518 -32.91 19.43 -2.45
C LEU A 518 -31.87 18.31 -2.33
N LEU A 519 -31.19 18.27 -1.17
CA LEU A 519 -30.11 17.32 -0.89
C LEU A 519 -30.67 15.98 -0.42
N GLY A 520 -31.66 16.05 0.50
CA GLY A 520 -32.33 14.86 1.04
C GLY A 520 -31.41 13.98 1.86
N GLU A 521 -30.87 12.93 1.22
CA GLU A 521 -29.97 11.95 1.86
C GLU A 521 -28.51 12.17 1.42
N ARG A 522 -28.22 13.33 0.78
CA ARG A 522 -26.85 13.79 0.50
C ARG A 522 -26.14 14.22 1.81
N VAL A 523 -26.95 14.63 2.80
CA VAL A 523 -26.48 15.07 4.13
C VAL A 523 -27.34 14.39 5.21
N LYS A 524 -26.78 14.23 6.41
CA LYS A 524 -27.55 13.80 7.60
C LYS A 524 -28.52 14.92 7.99
N ASP A 525 -27.96 16.13 8.23
CA ASP A 525 -28.73 17.34 8.55
C ASP A 525 -27.95 18.59 8.12
N VAL A 526 -28.65 19.57 7.51
CA VAL A 526 -28.03 20.82 7.01
C VAL A 526 -28.37 21.97 7.96
N ARG A 527 -27.33 22.65 8.43
CA ARG A 527 -27.45 23.77 9.37
C ARG A 527 -26.79 25.02 8.78
N LEU A 528 -27.09 26.18 9.37
CA LEU A 528 -26.46 27.47 9.01
C LEU A 528 -25.82 28.06 10.28
N THR A 529 -24.54 27.73 10.52
CA THR A 529 -23.73 28.38 11.55
C THR A 529 -23.01 29.59 10.94
N HIS A 530 -22.31 30.35 11.77
CA HIS A 530 -21.74 31.65 11.38
C HIS A 530 -20.23 31.67 11.66
N ARG A 531 -19.57 30.53 11.38
CA ARG A 531 -18.10 30.40 11.54
C ARG A 531 -17.40 31.24 10.45
N LEU A 532 -16.77 32.35 10.88
CA LEU A 532 -16.27 33.42 9.97
C LEU A 532 -15.15 32.88 9.07
N THR A 533 -13.97 32.60 9.69
CA THR A 533 -12.81 31.88 9.11
C THR A 533 -12.54 32.22 7.60
N ASP A 534 -12.15 31.23 6.79
CA ASP A 534 -11.86 31.38 5.34
C ASP A 534 -12.59 30.30 4.53
N THR A 535 -13.24 29.37 5.23
CA THR A 535 -13.96 28.24 4.64
C THR A 535 -15.42 28.66 4.34
N PRO A 536 -15.92 28.50 3.07
CA PRO A 536 -17.29 28.92 2.67
C PRO A 536 -18.40 28.00 3.19
N ALA A 537 -18.02 26.76 3.49
CA ALA A 537 -18.92 25.75 4.05
C ALA A 537 -18.06 24.68 4.73
N ILE A 538 -18.47 24.27 5.92
CA ILE A 538 -17.68 23.38 6.78
C ILE A 538 -18.53 22.21 7.25
N VAL A 539 -17.92 21.01 7.27
CA VAL A 539 -18.55 19.80 7.77
C VAL A 539 -18.25 19.62 9.27
N SER A 540 -19.26 19.15 10.01
CA SER A 540 -19.14 18.89 11.45
C SER A 540 -19.09 17.38 11.70
N THR A 541 -18.20 16.96 12.62
CA THR A 541 -17.95 15.52 12.90
C THR A 541 -18.13 15.24 14.40
N ASP A 542 -18.61 14.03 14.70
CA ASP A 542 -18.78 13.54 16.08
C ASP A 542 -17.53 12.76 16.49
N ALA A 543 -17.35 11.61 15.85
CA ALA A 543 -16.30 10.66 16.18
C ALA A 543 -15.37 10.47 14.95
N ASP A 544 -14.72 9.29 14.83
CA ASP A 544 -13.75 9.00 13.74
C ASP A 544 -14.39 9.22 12.35
N GLU A 545 -14.04 10.40 11.74
CA GLU A 545 -14.51 10.84 10.41
C GLU A 545 -16.06 10.84 10.39
N MET A 546 -16.63 11.48 11.45
CA MET A 546 -18.05 11.42 11.83
C MET A 546 -18.34 10.07 12.49
N SER A 547 -18.33 8.99 11.68
CA SER A 547 -18.85 7.67 12.10
C SER A 547 -18.32 6.53 11.21
N THR A 548 -17.29 6.80 10.41
CA THR A 548 -16.86 5.88 9.32
C THR A 548 -16.03 4.67 9.84
N GLN A 549 -15.93 4.50 11.18
CA GLN A 549 -15.21 3.35 11.81
C GLN A 549 -15.60 3.22 13.31
N MET A 550 -16.73 2.52 13.61
CA MET A 550 -17.09 2.01 14.97
C MET A 550 -18.45 1.24 14.92
N ALA A 551 -18.83 0.56 16.03
CA ALA A 551 -19.96 -0.41 16.08
C ALA A 551 -21.34 0.23 15.72
N LYS A 552 -21.89 1.09 16.61
CA LYS A 552 -23.17 1.84 16.36
C LYS A 552 -23.02 2.72 15.11
N LEU A 553 -21.79 3.20 14.91
CA LEU A 553 -21.43 4.08 13.80
C LEU A 553 -21.46 3.35 12.43
N PHE A 554 -21.68 2.02 12.46
CA PHE A 554 -22.06 1.24 11.25
C PHE A 554 -23.49 0.67 11.40
N ALA A 555 -23.91 0.43 12.66
CA ALA A 555 -25.20 -0.23 12.98
C ALA A 555 -26.42 0.73 12.87
N ALA A 556 -26.17 1.96 12.39
CA ALA A 556 -27.25 2.94 12.11
C ALA A 556 -28.07 2.51 10.87
N ALA A 557 -27.38 2.07 9.79
CA ALA A 557 -28.04 1.47 8.59
C ALA A 557 -27.23 0.27 8.04
N GLY A 558 -25.89 0.42 8.01
CA GLY A 558 -25.00 -0.64 7.51
C GLY A 558 -24.71 -0.52 6.00
N GLN A 559 -24.13 0.62 5.61
CA GLN A 559 -23.67 0.89 4.22
C GLN A 559 -22.59 1.98 4.37
N LYS A 560 -22.79 3.19 3.80
CA LYS A 560 -21.92 4.34 4.07
C LYS A 560 -22.40 5.08 5.33
N VAL A 561 -23.49 4.57 5.97
CA VAL A 561 -24.09 5.08 7.23
C VAL A 561 -24.66 6.53 7.12
N PRO A 562 -25.93 6.77 7.63
CA PRO A 562 -26.53 8.13 7.69
C PRO A 562 -25.67 9.10 8.54
N GLU A 563 -25.11 8.58 9.66
CA GLU A 563 -24.29 9.37 10.59
C GLU A 563 -23.01 9.89 9.90
N VAL A 564 -22.37 9.02 9.06
CA VAL A 564 -21.14 9.36 8.29
C VAL A 564 -21.38 10.55 7.36
N LYS A 565 -22.62 10.68 6.85
CA LYS A 565 -23.02 11.84 6.04
C LYS A 565 -22.84 13.10 6.91
N TYR A 566 -21.78 13.86 6.60
CA TYR A 566 -21.27 14.94 7.46
C TYR A 566 -22.30 16.08 7.54
N ILE A 567 -22.31 16.81 8.67
CA ILE A 567 -23.32 17.85 8.91
C ILE A 567 -22.86 19.11 8.14
N PHE A 568 -23.61 19.41 7.07
CA PHE A 568 -23.26 20.43 6.10
C PHE A 568 -23.75 21.78 6.57
N GLU A 569 -22.80 22.63 6.98
CA GLU A 569 -23.08 23.99 7.46
C GLU A 569 -22.45 25.00 6.50
N LEU A 570 -23.20 26.04 6.13
CA LEU A 570 -22.72 27.09 5.22
C LEU A 570 -22.40 28.35 6.02
N ASN A 571 -21.41 29.11 5.56
CA ASN A 571 -21.06 30.44 6.11
C ASN A 571 -21.83 31.51 5.31
N PRO A 572 -22.92 32.13 5.89
CA PRO A 572 -23.81 33.07 5.14
C PRO A 572 -23.07 34.34 4.69
N ASP A 573 -21.97 34.66 5.39
CA ASP A 573 -21.18 35.87 5.13
C ASP A 573 -20.16 35.64 4.00
N HIS A 574 -19.84 34.36 3.69
CA HIS A 574 -18.81 34.02 2.68
C HIS A 574 -19.31 34.28 1.24
N VAL A 575 -18.37 34.64 0.34
CA VAL A 575 -18.64 35.10 -1.06
C VAL A 575 -19.54 34.12 -1.86
N LEU A 576 -19.24 32.83 -1.78
CA LEU A 576 -19.98 31.78 -2.53
C LEU A 576 -21.46 31.68 -2.07
N VAL A 577 -21.70 31.84 -0.75
CA VAL A 577 -23.06 31.76 -0.17
C VAL A 577 -23.82 33.09 -0.37
N LYS A 578 -23.07 34.22 -0.42
CA LYS A 578 -23.62 35.55 -0.74
C LYS A 578 -24.23 35.55 -2.15
N ARG A 579 -23.49 34.93 -3.08
CA ARG A 579 -23.89 34.78 -4.48
C ARG A 579 -25.01 33.72 -4.60
N ALA A 580 -24.94 32.66 -3.77
CA ALA A 580 -25.91 31.53 -3.79
C ALA A 580 -27.26 31.95 -3.18
N ALA A 581 -27.21 32.93 -2.27
CA ALA A 581 -28.41 33.50 -1.63
C ALA A 581 -29.04 34.52 -2.59
N ASP A 582 -28.18 35.28 -3.30
CA ASP A 582 -28.61 36.28 -4.31
C ASP A 582 -29.30 35.59 -5.50
N THR A 583 -28.99 34.31 -5.71
CA THR A 583 -29.59 33.48 -6.76
C THR A 583 -31.05 33.10 -6.39
N GLU A 584 -31.98 33.40 -7.29
CA GLU A 584 -33.40 33.00 -7.18
C GLU A 584 -33.69 31.80 -8.12
N ASP A 585 -32.83 31.64 -9.15
CA ASP A 585 -32.92 30.53 -10.13
C ASP A 585 -32.63 29.20 -9.44
N GLU A 586 -33.61 28.26 -9.45
CA GLU A 586 -33.56 27.01 -8.66
C GLU A 586 -32.47 26.03 -9.14
N ALA A 587 -32.09 26.10 -10.44
CA ALA A 587 -31.06 25.22 -11.04
C ALA A 587 -29.66 25.62 -10.55
N LYS A 588 -29.39 26.94 -10.58
CA LYS A 588 -28.14 27.52 -10.05
C LYS A 588 -28.11 27.39 -8.52
N PHE A 589 -29.25 27.67 -7.87
CA PHE A 589 -29.42 27.54 -6.39
C PHE A 589 -28.96 26.16 -5.93
N SER A 590 -29.50 25.12 -6.59
CA SER A 590 -29.15 23.71 -6.38
C SER A 590 -27.63 23.50 -6.56
N GLU A 591 -27.10 24.02 -7.67
CA GLU A 591 -25.70 23.80 -8.09
C GLU A 591 -24.69 24.49 -7.15
N TRP A 592 -25.08 25.63 -6.56
CA TRP A 592 -24.23 26.38 -5.62
C TRP A 592 -24.17 25.65 -4.27
N VAL A 593 -25.34 25.18 -3.81
CA VAL A 593 -25.45 24.37 -2.56
C VAL A 593 -24.60 23.09 -2.68
N GLU A 594 -24.70 22.43 -3.85
CA GLU A 594 -23.95 21.21 -4.15
C GLU A 594 -22.45 21.47 -4.40
N LEU A 595 -22.11 22.68 -4.91
CA LEU A 595 -20.71 23.08 -5.14
C LEU A 595 -19.97 23.08 -3.81
N LEU A 596 -20.56 23.78 -2.82
CA LEU A 596 -19.99 23.92 -1.47
C LEU A 596 -20.15 22.61 -0.65
N LEU A 597 -21.16 21.79 -1.01
CA LEU A 597 -21.38 20.46 -0.39
C LEU A 597 -20.20 19.54 -0.68
N ASP A 598 -19.99 19.29 -1.99
CA ASP A 598 -18.90 18.44 -2.47
C ASP A 598 -17.53 19.06 -2.16
N GLN A 599 -17.45 20.41 -2.07
CA GLN A 599 -16.19 21.12 -1.74
C GLN A 599 -15.84 20.93 -0.25
N ALA A 600 -16.87 20.85 0.62
CA ALA A 600 -16.71 20.70 2.09
C ALA A 600 -16.22 19.28 2.43
N LEU A 601 -16.95 18.27 1.92
CA LEU A 601 -16.58 16.85 2.09
C LEU A 601 -15.15 16.62 1.54
N LEU A 602 -14.90 17.13 0.31
CA LEU A 602 -13.57 17.07 -0.35
C LEU A 602 -12.49 17.75 0.52
N ALA A 603 -12.89 18.81 1.25
CA ALA A 603 -11.95 19.62 2.05
C ALA A 603 -11.36 18.81 3.21
N GLU A 604 -12.19 17.92 3.80
CA GLU A 604 -11.75 17.16 4.98
C GLU A 604 -11.30 15.75 4.61
N ARG A 605 -11.96 15.12 3.63
CA ARG A 605 -11.82 13.66 3.40
C ARG A 605 -11.42 13.31 1.97
N GLY A 606 -11.54 14.27 1.04
CA GLY A 606 -11.15 14.07 -0.37
C GLY A 606 -11.96 12.99 -1.09
N THR A 607 -13.14 12.64 -0.54
CA THR A 607 -13.97 11.54 -1.06
C THR A 607 -15.42 12.01 -1.25
N LEU A 608 -15.98 11.75 -2.45
CA LEU A 608 -17.33 12.22 -2.85
C LEU A 608 -18.18 11.05 -3.36
N GLU A 609 -19.51 11.27 -3.45
CA GLU A 609 -20.48 10.30 -4.01
C GLU A 609 -20.25 10.16 -5.52
N ASP A 610 -19.98 11.31 -6.14
CA ASP A 610 -19.66 11.43 -7.56
C ASP A 610 -18.69 12.60 -7.75
N PRO A 611 -17.34 12.33 -7.74
CA PRO A 611 -16.32 13.38 -8.01
C PRO A 611 -16.48 13.94 -9.43
N ASN A 612 -16.99 13.07 -10.35
CA ASN A 612 -17.24 13.40 -11.76
C ASN A 612 -18.06 14.72 -11.89
N LEU A 613 -19.18 14.75 -11.15
CA LEU A 613 -20.14 15.85 -11.19
C LEU A 613 -19.53 17.15 -10.62
N PHE A 614 -18.82 17.04 -9.46
CA PHE A 614 -18.20 18.21 -8.79
C PHE A 614 -17.11 18.85 -9.65
N ILE A 615 -16.21 18.03 -10.20
CA ILE A 615 -15.08 18.48 -11.03
C ILE A 615 -15.62 19.20 -12.28
N ARG A 616 -16.74 18.68 -12.82
CA ARG A 616 -17.46 19.30 -13.95
C ARG A 616 -18.22 20.58 -13.55
N ARG A 617 -18.64 20.71 -12.26
CA ARG A 617 -19.20 21.99 -11.75
C ARG A 617 -18.08 23.05 -11.76
N MET A 618 -16.93 22.65 -11.18
CA MET A 618 -15.82 23.56 -10.88
C MET A 618 -15.21 24.15 -12.15
N ASN A 619 -14.85 23.29 -13.14
CA ASN A 619 -14.21 23.74 -14.40
C ASN A 619 -15.14 24.68 -15.21
N GLN A 620 -16.46 24.49 -15.02
CA GLN A 620 -17.48 25.29 -15.71
C GLN A 620 -17.65 26.65 -15.03
N LEU A 621 -17.79 26.66 -13.70
CA LEU A 621 -17.97 27.89 -12.90
C LEU A 621 -16.63 28.67 -12.77
N LEU A 622 -15.53 28.02 -13.21
CA LEU A 622 -14.19 28.65 -13.29
C LEU A 622 -14.12 29.54 -14.54
N VAL A 623 -14.69 29.05 -15.66
CA VAL A 623 -14.72 29.78 -16.94
C VAL A 623 -15.96 30.70 -17.05
N SER A 624 -17.05 30.32 -16.36
CA SER A 624 -18.34 31.04 -16.39
C SER A 624 -18.48 31.87 -15.09
N MET B 1 7.58 -11.16 5.75
CA MET B 1 7.19 -11.93 6.96
C MET B 1 5.78 -12.50 6.74
N LYS B 2 5.48 -13.64 7.40
CA LYS B 2 4.19 -14.34 7.30
C LYS B 2 3.03 -13.41 7.72
N GLY B 3 2.12 -13.09 6.77
CA GLY B 3 1.07 -12.10 6.99
C GLY B 3 -0.11 -12.64 7.80
N GLN B 4 -0.71 -11.76 8.63
CA GLN B 4 -1.84 -12.11 9.51
C GLN B 4 -3.09 -11.29 9.13
N GLU B 5 -4.23 -11.65 9.75
CA GLU B 5 -5.50 -10.92 9.62
C GLU B 5 -6.27 -11.06 10.94
N THR B 6 -7.07 -10.02 11.29
CA THR B 6 -7.98 -10.09 12.45
C THR B 6 -9.14 -11.06 12.16
N ARG B 7 -9.71 -11.65 13.22
CA ARG B 7 -10.86 -12.57 13.12
C ARG B 7 -12.09 -11.84 12.54
N GLY B 8 -12.69 -12.45 11.50
CA GLY B 8 -13.92 -11.93 10.89
C GLY B 8 -15.16 -12.41 11.62
N PHE B 9 -16.33 -12.12 11.06
CA PHE B 9 -17.64 -12.55 11.59
C PHE B 9 -18.53 -13.02 10.44
N GLN B 10 -19.69 -13.60 10.78
CA GLN B 10 -20.66 -14.06 9.77
C GLN B 10 -22.10 -13.89 10.27
N SER B 11 -22.91 -13.20 9.46
CA SER B 11 -24.37 -13.23 9.58
C SER B 11 -24.89 -14.44 8.78
N GLU B 12 -24.22 -14.72 7.64
CA GLU B 12 -24.49 -15.87 6.75
C GLU B 12 -23.39 -15.98 5.65
N VAL B 13 -22.28 -15.21 5.82
CA VAL B 13 -21.31 -14.91 4.75
C VAL B 13 -20.14 -15.94 4.72
N LYS B 14 -20.31 -17.10 5.38
CA LYS B 14 -19.30 -18.19 5.36
C LYS B 14 -19.96 -19.52 4.96
N GLN B 15 -20.93 -19.43 4.01
CA GLN B 15 -21.60 -20.59 3.36
C GLN B 15 -22.47 -21.39 4.36
N LEU B 16 -21.82 -22.19 5.23
CA LEU B 16 -22.46 -23.18 6.15
C LEU B 16 -23.67 -22.61 6.92
N LEU B 17 -23.54 -21.37 7.43
CA LEU B 17 -24.62 -20.70 8.19
C LEU B 17 -25.86 -20.54 7.29
N HIS B 18 -25.63 -20.04 6.06
CA HIS B 18 -26.71 -19.78 5.09
C HIS B 18 -27.30 -21.10 4.56
N LEU B 19 -26.48 -22.16 4.56
CA LEU B 19 -26.92 -23.53 4.21
C LEU B 19 -27.95 -24.00 5.25
N MET B 20 -27.59 -23.88 6.54
CA MET B 20 -28.42 -24.34 7.68
C MET B 20 -29.83 -23.70 7.68
N ILE B 21 -29.91 -22.45 7.19
CA ILE B 21 -31.18 -21.70 7.07
C ILE B 21 -32.17 -22.46 6.14
N HIS B 22 -31.65 -23.00 5.02
CA HIS B 22 -32.48 -23.73 4.02
C HIS B 22 -32.28 -25.27 4.10
N SER B 23 -31.46 -25.74 5.06
CA SER B 23 -31.32 -27.19 5.35
C SER B 23 -32.55 -27.74 6.09
N LEU B 24 -33.34 -26.84 6.70
CA LEU B 24 -34.65 -27.18 7.28
C LEU B 24 -35.68 -27.23 6.13
N TYR B 25 -35.76 -26.09 5.40
CA TYR B 25 -36.58 -25.90 4.19
C TYR B 25 -38.11 -25.98 4.51
N SER B 26 -38.45 -25.99 5.82
CA SER B 26 -39.83 -26.19 6.34
C SER B 26 -40.38 -27.59 5.94
N ASN B 27 -39.45 -28.54 5.67
CA ASN B 27 -39.81 -29.90 5.20
C ASN B 27 -39.35 -30.97 6.19
N LYS B 28 -38.13 -30.79 6.75
CA LYS B 28 -37.39 -31.81 7.58
C LYS B 28 -36.85 -32.96 6.69
N GLU B 29 -37.78 -33.60 5.94
CA GLU B 29 -37.55 -34.79 5.09
C GLU B 29 -36.47 -34.58 3.98
N ILE B 30 -36.10 -33.31 3.77
CA ILE B 30 -35.00 -32.89 2.88
C ILE B 30 -33.68 -33.65 3.17
N PHE B 31 -33.50 -34.12 4.43
CA PHE B 31 -32.29 -34.87 4.84
C PHE B 31 -32.07 -36.15 4.00
N LEU B 32 -33.18 -36.85 3.64
CA LEU B 32 -33.12 -38.09 2.84
C LEU B 32 -32.52 -37.81 1.44
N ARG B 33 -32.71 -36.57 0.93
CA ARG B 33 -32.08 -36.14 -0.33
C ARG B 33 -30.55 -36.19 -0.21
N GLU B 34 -29.99 -35.43 0.77
CA GLU B 34 -28.52 -35.31 0.96
C GLU B 34 -27.91 -36.67 1.27
N LEU B 35 -28.53 -37.42 2.19
CA LEU B 35 -28.03 -38.74 2.66
C LEU B 35 -27.84 -39.71 1.48
N ILE B 36 -28.90 -39.91 0.68
CA ILE B 36 -28.84 -40.82 -0.47
C ILE B 36 -27.93 -40.24 -1.59
N SER B 37 -27.94 -38.91 -1.74
CA SER B 37 -27.06 -38.16 -2.69
C SER B 37 -25.58 -38.43 -2.39
N ASN B 38 -25.27 -38.51 -1.09
CA ASN B 38 -23.91 -38.75 -0.59
C ASN B 38 -23.60 -40.25 -0.63
N ALA B 39 -24.67 -41.09 -0.61
CA ALA B 39 -24.53 -42.55 -0.68
C ALA B 39 -24.24 -42.97 -2.12
N SER B 40 -24.77 -42.17 -3.06
CA SER B 40 -24.49 -42.29 -4.49
C SER B 40 -22.99 -42.08 -4.70
N ASP B 41 -22.47 -40.89 -4.35
CA ASP B 41 -21.05 -40.54 -4.54
C ASP B 41 -20.10 -41.48 -3.75
N ALA B 42 -20.62 -42.19 -2.72
CA ALA B 42 -19.86 -43.21 -1.98
C ALA B 42 -19.64 -44.48 -2.85
N ALA B 43 -20.73 -44.99 -3.45
CA ALA B 43 -20.68 -46.19 -4.31
C ALA B 43 -20.06 -45.89 -5.69
N ASP B 44 -20.22 -44.65 -6.13
CA ASP B 44 -19.61 -44.11 -7.36
C ASP B 44 -18.07 -44.04 -7.20
N LYS B 45 -17.64 -43.58 -6.01
CA LYS B 45 -16.21 -43.53 -5.62
C LYS B 45 -15.65 -44.95 -5.41
N LEU B 46 -16.54 -45.91 -5.03
CA LEU B 46 -16.15 -47.33 -4.91
C LEU B 46 -15.69 -47.84 -6.26
N ARG B 47 -16.51 -47.59 -7.31
CA ARG B 47 -16.21 -48.02 -8.67
C ARG B 47 -14.83 -47.47 -9.11
N PHE B 48 -14.61 -46.16 -8.81
CA PHE B 48 -13.34 -45.45 -9.12
C PHE B 48 -12.11 -46.20 -8.57
N ARG B 49 -12.15 -46.51 -7.29
CA ARG B 49 -11.05 -47.17 -6.58
C ARG B 49 -10.96 -48.66 -6.99
N ALA B 50 -12.11 -49.22 -7.36
CA ALA B 50 -12.23 -50.62 -7.80
C ALA B 50 -11.70 -50.81 -9.24
N LEU B 51 -11.47 -49.68 -9.95
CA LEU B 51 -10.75 -49.70 -11.25
C LEU B 51 -9.28 -50.07 -11.00
N SER B 52 -8.76 -49.64 -9.84
CA SER B 52 -7.36 -49.87 -9.45
C SER B 52 -7.24 -51.15 -8.60
N ASN B 53 -8.36 -51.58 -8.01
CA ASN B 53 -8.41 -52.76 -7.12
C ASN B 53 -9.80 -53.42 -7.19
N PRO B 54 -10.04 -54.38 -8.13
CA PRO B 54 -11.32 -55.18 -8.16
C PRO B 54 -11.62 -55.93 -6.83
N ASP B 55 -10.61 -56.04 -5.95
CA ASP B 55 -10.71 -56.66 -4.60
C ASP B 55 -11.84 -56.02 -3.77
N LEU B 56 -12.08 -54.73 -4.01
CA LEU B 56 -13.02 -53.90 -3.23
C LEU B 56 -14.49 -54.32 -3.45
N TYR B 57 -14.73 -55.13 -4.51
CA TYR B 57 -16.08 -55.68 -4.81
C TYR B 57 -16.50 -56.76 -3.78
N GLU B 58 -15.56 -57.27 -2.97
CA GLU B 58 -15.87 -58.08 -1.74
C GLU B 58 -16.79 -59.29 -1.99
N GLY B 59 -16.81 -59.80 -3.22
CA GLY B 59 -17.79 -60.82 -3.65
C GLY B 59 -19.06 -60.18 -4.20
N ASP B 60 -19.65 -59.24 -3.42
CA ASP B 60 -20.89 -58.53 -3.77
C ASP B 60 -20.61 -57.34 -4.70
N GLY B 61 -20.87 -57.52 -6.01
CA GLY B 61 -20.64 -56.45 -7.00
C GLY B 61 -21.85 -55.53 -7.18
N GLU B 62 -22.98 -55.89 -6.53
CA GLU B 62 -24.26 -55.17 -6.65
C GLU B 62 -24.28 -53.97 -5.69
N LEU B 63 -23.90 -52.79 -6.22
CA LEU B 63 -23.89 -51.52 -5.44
C LEU B 63 -25.33 -51.02 -5.29
N ARG B 64 -25.64 -50.48 -4.10
CA ARG B 64 -27.02 -50.16 -3.67
C ARG B 64 -26.99 -49.39 -2.33
N VAL B 65 -28.11 -48.73 -2.01
CA VAL B 65 -28.33 -48.08 -0.71
C VAL B 65 -29.70 -48.52 -0.17
N ARG B 66 -29.71 -48.96 1.09
CA ARG B 66 -30.88 -49.58 1.73
C ARG B 66 -31.28 -48.77 2.97
N VAL B 67 -32.48 -48.20 2.91
CA VAL B 67 -33.08 -47.44 4.00
C VAL B 67 -33.91 -48.39 4.88
N SER B 68 -33.51 -48.49 6.14
CA SER B 68 -34.15 -49.35 7.15
C SER B 68 -34.76 -48.45 8.22
N PHE B 69 -35.68 -48.98 9.03
CA PHE B 69 -36.32 -48.22 10.11
C PHE B 69 -36.71 -49.12 11.29
N ASP B 70 -36.45 -48.64 12.51
CA ASP B 70 -36.74 -49.36 13.75
C ASP B 70 -37.98 -48.73 14.40
N LYS B 71 -38.85 -49.59 14.93
CA LYS B 71 -40.19 -49.22 15.38
C LYS B 71 -40.17 -48.85 16.87
N ASP B 72 -39.19 -49.40 17.62
CA ASP B 72 -39.13 -49.29 19.10
C ASP B 72 -38.26 -48.10 19.56
N LYS B 73 -36.95 -48.15 19.30
CA LYS B 73 -36.00 -47.11 19.73
C LYS B 73 -35.97 -45.93 18.74
N ARG B 74 -36.61 -46.14 17.56
CA ARG B 74 -36.74 -45.13 16.50
C ARG B 74 -35.38 -44.80 15.85
N THR B 75 -34.92 -45.66 14.94
CA THR B 75 -33.71 -45.38 14.14
C THR B 75 -34.00 -45.57 12.64
N LEU B 76 -33.74 -44.54 11.85
CA LEU B 76 -33.81 -44.61 10.37
C LEU B 76 -32.37 -44.76 9.88
N THR B 77 -32.05 -45.91 9.29
CA THR B 77 -30.68 -46.30 8.95
C THR B 77 -30.50 -46.34 7.42
N ILE B 78 -29.83 -45.32 6.87
CA ILE B 78 -29.53 -45.21 5.44
C ILE B 78 -28.09 -45.74 5.25
N SER B 79 -28.00 -47.00 4.80
CA SER B 79 -26.72 -47.71 4.68
C SER B 79 -26.47 -48.12 3.24
N ASP B 80 -25.46 -47.52 2.60
CA ASP B 80 -24.96 -47.97 1.29
C ASP B 80 -23.88 -49.02 1.49
N ASN B 81 -23.69 -49.85 0.46
CA ASN B 81 -22.57 -50.80 0.42
C ASN B 81 -21.52 -50.29 -0.60
N GLY B 82 -21.28 -48.96 -0.52
CA GLY B 82 -20.27 -48.30 -1.34
C GLY B 82 -18.86 -48.54 -0.81
N VAL B 83 -17.95 -47.58 -1.06
CA VAL B 83 -16.55 -47.69 -0.59
C VAL B 83 -16.48 -47.56 0.94
N GLY B 84 -17.49 -46.91 1.52
CA GLY B 84 -17.43 -46.51 2.91
C GLY B 84 -16.57 -45.27 3.06
N MET B 85 -15.81 -45.20 4.16
CA MET B 85 -14.81 -44.15 4.40
C MET B 85 -13.71 -44.73 5.31
N THR B 86 -12.44 -44.40 5.03
CA THR B 86 -11.33 -44.70 5.95
C THR B 86 -11.29 -43.66 7.08
N ARG B 87 -10.31 -43.84 7.99
CA ARG B 87 -9.96 -42.87 9.05
C ARG B 87 -9.88 -41.43 8.46
N ASP B 88 -9.14 -41.33 7.36
CA ASP B 88 -8.82 -40.05 6.69
C ASP B 88 -10.07 -39.45 6.03
N GLU B 89 -10.88 -40.31 5.40
CA GLU B 89 -12.10 -39.90 4.68
C GLU B 89 -13.24 -39.49 5.65
N VAL B 90 -13.14 -39.90 6.93
CA VAL B 90 -14.05 -39.44 8.00
C VAL B 90 -13.55 -38.12 8.63
N ILE B 91 -12.27 -38.06 9.04
CA ILE B 91 -11.72 -36.94 9.84
C ILE B 91 -11.53 -35.66 8.98
N ASP B 92 -10.91 -35.82 7.80
CA ASP B 92 -10.63 -34.70 6.86
C ASP B 92 -11.88 -34.29 6.04
N HIS B 93 -13.03 -34.87 6.40
CA HIS B 93 -14.30 -34.65 5.71
C HIS B 93 -15.40 -34.29 6.75
N LEU B 94 -15.91 -35.30 7.47
CA LEU B 94 -16.96 -35.10 8.50
C LEU B 94 -16.41 -34.27 9.68
N GLY B 95 -15.20 -34.64 10.14
CA GLY B 95 -14.52 -33.95 11.23
C GLY B 95 -14.25 -32.48 10.93
N THR B 96 -13.89 -32.17 9.67
CA THR B 96 -13.62 -30.79 9.22
C THR B 96 -14.90 -29.97 9.02
N ILE B 97 -16.07 -30.65 9.00
CA ILE B 97 -17.38 -29.98 9.02
C ILE B 97 -17.75 -29.66 10.49
N ALA B 98 -17.38 -30.58 11.40
CA ALA B 98 -17.64 -30.44 12.84
C ALA B 98 -16.49 -29.65 13.54
N LYS B 99 -15.46 -30.35 14.07
CA LYS B 99 -14.32 -29.70 14.76
C LYS B 99 -12.97 -29.98 14.06
N SER B 100 -12.31 -28.93 13.57
CA SER B 100 -10.96 -29.04 12.99
C SER B 100 -10.28 -27.66 13.03
N GLY B 101 -10.86 -26.71 12.29
CA GLY B 101 -10.34 -25.35 12.21
C GLY B 101 -10.16 -24.90 10.77
N THR B 102 -11.13 -25.26 9.91
CA THR B 102 -11.09 -24.91 8.48
C THR B 102 -11.46 -23.43 8.25
N LYS B 103 -12.13 -22.81 9.26
CA LYS B 103 -12.51 -21.37 9.27
C LYS B 103 -13.57 -21.08 8.18
N SER B 104 -13.11 -20.93 6.93
CA SER B 104 -13.97 -20.79 5.74
C SER B 104 -13.36 -21.65 4.61
N PHE B 105 -12.11 -21.29 4.24
CA PHE B 105 -11.32 -21.97 3.18
C PHE B 105 -10.00 -22.52 3.78
N LEU B 106 -9.53 -21.89 4.86
CA LEU B 106 -8.28 -22.25 5.57
C LEU B 106 -8.10 -21.25 6.72
N GLU B 107 -7.59 -21.74 7.85
CA GLU B 107 -7.35 -20.93 9.07
C GLU B 107 -6.26 -19.86 8.83
N SER B 108 -5.27 -20.18 7.97
CA SER B 108 -4.10 -19.33 7.72
C SER B 108 -4.35 -18.36 6.53
N LEU B 109 -4.29 -18.89 5.29
CA LEU B 109 -4.35 -18.06 4.05
C LEU B 109 -5.78 -17.98 3.48
N GLY B 110 -6.49 -19.12 3.46
CA GLY B 110 -7.81 -19.22 2.82
C GLY B 110 -7.73 -19.64 1.36
N SER B 111 -6.85 -20.62 1.05
CA SER B 111 -6.62 -21.07 -0.35
C SER B 111 -6.21 -22.56 -0.40
N ASP B 112 -5.27 -22.97 0.48
CA ASP B 112 -4.68 -24.33 0.45
C ASP B 112 -5.75 -25.43 0.63
N GLN B 113 -6.49 -25.37 1.74
CA GLN B 113 -7.58 -26.32 2.04
C GLN B 113 -8.93 -25.80 1.55
N ALA B 114 -8.92 -24.94 0.50
CA ALA B 114 -10.14 -24.27 0.00
C ALA B 114 -11.23 -25.24 -0.49
N LYS B 115 -10.84 -26.50 -0.71
CA LYS B 115 -11.77 -27.57 -1.14
C LYS B 115 -12.35 -28.36 0.06
N ASP B 116 -12.55 -27.64 1.19
CA ASP B 116 -13.30 -28.15 2.36
C ASP B 116 -14.72 -27.60 2.31
N SER B 117 -14.86 -26.38 1.74
CA SER B 117 -16.16 -25.73 1.52
C SER B 117 -17.03 -26.56 0.52
N GLN B 118 -16.34 -27.28 -0.37
CA GLN B 118 -16.97 -28.16 -1.37
C GLN B 118 -17.62 -29.37 -0.70
N LEU B 119 -17.00 -29.84 0.40
CA LEU B 119 -17.51 -30.94 1.24
C LEU B 119 -18.68 -30.44 2.10
N ILE B 120 -18.50 -29.24 2.68
CA ILE B 120 -19.52 -28.56 3.51
C ILE B 120 -20.76 -28.18 2.67
N GLY B 121 -20.57 -28.00 1.35
CA GLY B 121 -21.64 -27.59 0.43
C GLY B 121 -22.83 -28.55 0.36
N GLN B 122 -22.55 -29.87 0.38
CA GLN B 122 -23.58 -30.92 0.32
C GLN B 122 -23.76 -31.59 1.69
N PHE B 123 -22.63 -32.01 2.27
CA PHE B 123 -22.60 -32.82 3.51
C PHE B 123 -22.90 -31.95 4.74
N GLY B 124 -22.63 -30.62 4.63
CA GLY B 124 -22.93 -29.67 5.71
C GLY B 124 -24.43 -29.36 5.80
N VAL B 125 -25.10 -29.37 4.63
CA VAL B 125 -26.57 -29.31 4.55
C VAL B 125 -27.16 -30.58 5.19
N GLY B 126 -26.61 -31.73 4.75
CA GLY B 126 -27.01 -33.05 5.24
C GLY B 126 -26.77 -33.26 6.73
N PHE B 127 -25.75 -32.57 7.26
CA PHE B 127 -25.42 -32.58 8.71
C PHE B 127 -26.62 -32.01 9.51
N TYR B 128 -26.95 -30.73 9.24
CA TYR B 128 -27.99 -29.99 9.97
C TYR B 128 -29.37 -30.64 9.79
N SER B 129 -29.71 -30.96 8.52
CA SER B 129 -31.02 -31.50 8.13
C SER B 129 -31.29 -32.85 8.82
N ALA B 130 -30.26 -33.72 8.84
CA ALA B 130 -30.31 -35.01 9.54
C ALA B 130 -30.65 -34.81 11.02
N PHE B 131 -29.91 -33.91 11.68
CA PHE B 131 -30.06 -33.65 13.13
C PHE B 131 -31.36 -32.91 13.49
N ILE B 132 -32.18 -32.50 12.50
CA ILE B 132 -33.53 -31.95 12.77
C ILE B 132 -34.48 -33.07 13.20
N VAL B 133 -34.47 -34.16 12.43
CA VAL B 133 -35.32 -35.34 12.67
C VAL B 133 -34.61 -36.35 13.58
N ALA B 134 -33.27 -36.30 13.59
CA ALA B 134 -32.44 -37.23 14.36
C ALA B 134 -31.89 -36.54 15.59
N ASP B 135 -31.98 -37.23 16.72
CA ASP B 135 -31.36 -36.85 17.99
C ASP B 135 -29.85 -37.05 17.87
N LYS B 136 -29.50 -38.16 17.21
CA LYS B 136 -28.12 -38.61 17.05
C LYS B 136 -27.93 -39.22 15.67
N VAL B 137 -26.81 -38.89 15.01
CA VAL B 137 -26.36 -39.60 13.80
C VAL B 137 -25.11 -40.42 14.17
N THR B 138 -25.32 -41.74 14.27
CA THR B 138 -24.26 -42.70 14.55
C THR B 138 -23.83 -43.35 13.23
N VAL B 139 -22.62 -43.02 12.82
CA VAL B 139 -22.01 -43.52 11.58
C VAL B 139 -21.03 -44.65 11.93
N ARG B 140 -21.07 -45.70 11.13
CA ARG B 140 -20.15 -46.83 11.20
C ARG B 140 -19.85 -47.29 9.77
N THR B 141 -18.66 -46.93 9.28
CA THR B 141 -18.22 -47.23 7.92
C THR B 141 -17.21 -48.40 7.94
N ARG B 142 -17.07 -49.06 6.78
CA ARG B 142 -15.99 -49.99 6.50
C ARG B 142 -15.49 -49.70 5.10
N ALA B 143 -14.20 -49.30 5.00
CA ALA B 143 -13.54 -49.06 3.72
C ALA B 143 -13.40 -50.38 2.93
N ALA B 144 -13.85 -50.34 1.68
CA ALA B 144 -13.92 -51.51 0.79
C ALA B 144 -12.56 -52.16 0.58
N GLY B 145 -12.49 -53.50 0.71
CA GLY B 145 -11.24 -54.26 0.55
C GLY B 145 -10.35 -54.22 1.80
N GLU B 146 -10.27 -53.03 2.41
CA GLU B 146 -9.55 -52.78 3.66
C GLU B 146 -10.07 -53.69 4.81
N LYS B 147 -9.16 -54.04 5.71
CA LYS B 147 -9.39 -54.93 6.86
C LYS B 147 -10.56 -54.39 7.74
N PRO B 148 -11.54 -55.27 8.15
CA PRO B 148 -12.71 -54.89 9.00
C PRO B 148 -12.35 -54.11 10.29
N GLU B 149 -11.12 -54.36 10.80
CA GLU B 149 -10.58 -53.72 12.02
C GLU B 149 -10.34 -52.21 11.81
N ASN B 150 -10.23 -51.79 10.54
CA ASN B 150 -10.07 -50.37 10.15
C ASN B 150 -11.44 -49.72 9.82
N GLY B 151 -12.54 -50.33 10.32
CA GLY B 151 -13.86 -49.70 10.28
C GLY B 151 -13.88 -48.46 11.18
N VAL B 152 -14.61 -47.40 10.80
CA VAL B 152 -14.54 -46.10 11.50
C VAL B 152 -15.91 -45.70 12.07
N PHE B 153 -15.88 -45.23 13.32
CA PHE B 153 -17.03 -44.78 14.08
C PHE B 153 -17.01 -43.25 14.12
N TRP B 154 -18.18 -42.63 13.98
CA TRP B 154 -18.36 -41.16 14.03
C TRP B 154 -19.72 -40.90 14.68
N GLU B 155 -19.78 -40.02 15.68
CA GLU B 155 -21.02 -39.77 16.43
C GLU B 155 -21.04 -38.33 16.96
N SER B 156 -22.19 -37.65 16.85
CA SER B 156 -22.40 -36.31 17.42
C SER B 156 -23.90 -36.07 17.70
N ALA B 157 -24.20 -34.98 18.40
CA ALA B 157 -25.57 -34.56 18.75
C ALA B 157 -25.91 -33.25 18.01
N GLY B 158 -25.22 -33.00 16.86
CA GLY B 158 -25.44 -31.81 16.04
C GLY B 158 -24.48 -30.66 16.35
N GLU B 159 -23.62 -30.86 17.36
CA GLU B 159 -22.63 -29.86 17.79
C GLU B 159 -21.42 -29.82 16.84
N GLY B 160 -20.59 -28.77 16.98
CA GLY B 160 -19.34 -28.62 16.21
C GLY B 160 -18.21 -29.45 16.82
N GLU B 161 -18.46 -30.76 16.92
CA GLU B 161 -17.56 -31.74 17.53
C GLU B 161 -17.92 -33.13 16.97
N TYR B 162 -17.01 -34.10 17.12
CA TYR B 162 -17.20 -35.45 16.57
C TYR B 162 -16.52 -36.51 17.45
N THR B 163 -17.21 -37.65 17.63
CA THR B 163 -16.72 -38.77 18.44
C THR B 163 -16.24 -39.87 17.47
N VAL B 164 -14.92 -39.89 17.20
CA VAL B 164 -14.31 -40.83 16.25
C VAL B 164 -13.56 -41.94 17.01
N ALA B 165 -13.67 -43.18 16.51
CA ALA B 165 -12.95 -44.36 17.04
C ALA B 165 -12.85 -45.44 15.96
N ASP B 166 -12.05 -46.48 16.19
CA ASP B 166 -11.98 -47.66 15.30
C ASP B 166 -12.87 -48.78 15.89
N ILE B 167 -13.61 -49.48 15.02
CA ILE B 167 -14.38 -50.69 15.40
C ILE B 167 -14.23 -51.74 14.29
N THR B 168 -14.69 -52.96 14.58
CA THR B 168 -14.71 -54.05 13.61
C THR B 168 -16.09 -54.12 12.92
N LYS B 169 -16.14 -53.68 11.67
CA LYS B 169 -17.32 -53.83 10.79
C LYS B 169 -16.89 -54.68 9.59
N GLU B 170 -17.48 -55.87 9.43
CA GLU B 170 -17.07 -56.84 8.39
C GLU B 170 -17.72 -56.56 7.04
N ASP B 171 -19.00 -56.14 7.05
CA ASP B 171 -19.74 -55.82 5.81
C ASP B 171 -19.28 -54.45 5.27
N ARG B 172 -19.17 -54.37 3.94
CA ARG B 172 -18.64 -53.20 3.24
C ARG B 172 -19.68 -52.06 3.15
N GLY B 173 -19.21 -50.78 3.25
CA GLY B 173 -20.03 -49.61 2.95
C GLY B 173 -20.18 -48.63 4.10
N THR B 174 -21.07 -47.65 3.91
CA THR B 174 -21.31 -46.56 4.87
C THR B 174 -22.69 -46.78 5.53
N GLU B 175 -22.68 -47.08 6.85
CA GLU B 175 -23.90 -47.31 7.63
C GLU B 175 -24.22 -46.06 8.47
N ILE B 176 -25.24 -45.29 8.06
CA ILE B 176 -25.67 -44.08 8.76
C ILE B 176 -26.95 -44.40 9.57
N THR B 177 -26.80 -44.59 10.88
CA THR B 177 -27.91 -44.90 11.79
C THR B 177 -28.36 -43.61 12.48
N LEU B 178 -29.44 -43.00 11.99
CA LEU B 178 -30.02 -41.81 12.60
C LEU B 178 -30.98 -42.25 13.70
N HIS B 179 -30.58 -42.11 14.97
CA HIS B 179 -31.49 -42.25 16.09
C HIS B 179 -32.48 -41.09 16.06
N LEU B 180 -33.69 -41.36 15.52
CA LEU B 180 -34.78 -40.37 15.38
C LEU B 180 -35.24 -39.87 16.76
N ARG B 181 -35.74 -38.63 16.76
CA ARG B 181 -36.25 -37.97 17.98
C ARG B 181 -37.65 -38.49 18.33
N GLU B 182 -37.95 -38.49 19.64
CA GLU B 182 -39.29 -38.82 20.15
C GLU B 182 -40.25 -37.69 19.79
N GLY B 183 -41.20 -38.00 18.91
CA GLY B 183 -42.00 -36.99 18.20
C GLY B 183 -41.92 -37.17 16.69
N GLU B 184 -40.76 -37.68 16.20
CA GLU B 184 -40.56 -38.02 14.79
C GLU B 184 -41.05 -39.45 14.51
N ASP B 185 -42.36 -39.66 14.77
CA ASP B 185 -43.05 -40.93 14.45
C ASP B 185 -43.43 -40.97 12.96
N GLU B 186 -43.43 -39.78 12.32
CA GLU B 186 -43.66 -39.58 10.87
C GLU B 186 -42.74 -40.50 10.03
N PHE B 187 -41.45 -40.54 10.38
CA PHE B 187 -40.41 -41.30 9.65
C PHE B 187 -40.30 -42.77 10.16
N LEU B 188 -41.30 -43.22 10.93
CA LEU B 188 -41.49 -44.65 11.27
C LEU B 188 -42.57 -45.27 10.36
N ASP B 189 -43.37 -44.41 9.70
CA ASP B 189 -44.44 -44.83 8.79
C ASP B 189 -43.83 -45.22 7.44
N ASP B 190 -44.10 -46.48 7.02
CA ASP B 190 -43.51 -47.07 5.81
C ASP B 190 -43.84 -46.25 4.55
N TRP B 191 -45.14 -46.11 4.27
CA TRP B 191 -45.66 -45.38 3.08
C TRP B 191 -45.10 -43.94 3.01
N ARG B 192 -44.93 -43.33 4.20
CA ARG B 192 -44.41 -41.96 4.36
C ARG B 192 -42.95 -41.89 3.88
N VAL B 193 -42.10 -42.81 4.41
CA VAL B 193 -40.67 -42.82 4.07
C VAL B 193 -40.52 -43.13 2.57
N ARG B 194 -41.29 -44.10 2.03
CA ARG B 194 -41.29 -44.48 0.60
C ARG B 194 -41.65 -43.29 -0.32
N SER B 195 -42.54 -42.41 0.17
CA SER B 195 -42.92 -41.18 -0.56
C SER B 195 -41.75 -40.20 -0.63
N ILE B 196 -41.04 -40.04 0.50
CA ILE B 196 -39.87 -39.12 0.58
C ILE B 196 -38.69 -39.70 -0.21
N ILE B 197 -38.59 -41.05 -0.21
CA ILE B 197 -37.60 -41.78 -0.98
C ILE B 197 -37.79 -41.46 -2.46
N SER B 198 -39.02 -41.67 -2.98
CA SER B 198 -39.33 -41.45 -4.42
C SER B 198 -39.02 -40.01 -4.86
N LYS B 199 -39.35 -39.01 -4.00
CA LYS B 199 -39.13 -37.56 -4.29
C LYS B 199 -37.69 -37.24 -4.74
N TYR B 200 -36.71 -38.05 -4.29
CA TYR B 200 -35.27 -37.79 -4.53
C TYR B 200 -34.58 -38.95 -5.24
N SER B 201 -34.84 -40.18 -4.78
CA SER B 201 -34.23 -41.42 -5.31
C SER B 201 -34.49 -41.57 -6.82
N ASP B 202 -35.67 -41.07 -7.26
CA ASP B 202 -36.15 -41.18 -8.66
C ASP B 202 -35.08 -40.70 -9.68
N HIS B 203 -34.29 -39.68 -9.32
CA HIS B 203 -33.31 -39.06 -10.25
C HIS B 203 -31.87 -39.59 -10.06
N ILE B 204 -31.70 -40.58 -9.18
CA ILE B 204 -30.38 -41.10 -8.76
C ILE B 204 -30.02 -42.40 -9.53
N ALA B 205 -28.71 -42.67 -9.68
CA ALA B 205 -28.19 -43.84 -10.42
C ALA B 205 -28.09 -45.10 -9.53
N LEU B 206 -27.92 -44.88 -8.22
CA LEU B 206 -27.67 -45.96 -7.24
C LEU B 206 -29.01 -46.62 -6.81
N PRO B 207 -29.15 -48.01 -6.88
CA PRO B 207 -30.36 -48.75 -6.40
C PRO B 207 -30.81 -48.37 -4.98
N VAL B 208 -31.86 -47.53 -4.87
CA VAL B 208 -32.38 -47.10 -3.56
C VAL B 208 -33.54 -48.02 -3.15
N GLU B 209 -33.17 -49.05 -2.37
CA GLU B 209 -34.10 -50.04 -1.81
C GLU B 209 -34.55 -49.60 -0.41
N ILE B 210 -35.71 -50.12 0.05
CA ILE B 210 -36.20 -49.87 1.42
C ILE B 210 -36.58 -51.22 2.08
N GLU B 211 -36.46 -51.25 3.41
CA GLU B 211 -36.74 -52.40 4.25
C GLU B 211 -38.25 -52.72 4.26
N LYS B 212 -38.68 -53.68 3.42
CA LYS B 212 -40.04 -54.21 3.49
C LYS B 212 -40.08 -55.29 4.56
N ARG B 213 -40.25 -54.83 5.81
CA ARG B 213 -40.35 -55.71 6.96
C ARG B 213 -41.81 -55.78 7.42
N GLU B 214 -42.39 -56.96 7.26
CA GLU B 214 -43.61 -57.36 7.93
C GLU B 214 -43.17 -58.40 8.98
N GLU B 215 -42.93 -57.92 10.21
CA GLU B 215 -42.36 -58.73 11.28
C GLU B 215 -43.46 -59.59 11.91
N LYS B 216 -43.68 -60.75 11.29
CA LYS B 216 -44.75 -61.67 11.64
C LYS B 216 -44.26 -62.70 12.68
N ASP B 217 -45.21 -63.32 13.39
CA ASP B 217 -44.94 -64.35 14.41
C ASP B 217 -44.19 -65.55 13.79
N GLY B 218 -42.92 -65.71 14.17
CA GLY B 218 -42.09 -66.82 13.68
C GLY B 218 -41.38 -66.49 12.36
N GLU B 219 -41.90 -65.47 11.62
CA GLU B 219 -41.40 -65.10 10.29
C GLU B 219 -41.17 -63.58 10.23
N THR B 220 -39.95 -63.12 10.57
CA THR B 220 -39.58 -61.71 10.43
C THR B 220 -39.27 -61.45 8.94
N VAL B 221 -40.33 -61.32 8.14
CA VAL B 221 -40.22 -61.26 6.68
C VAL B 221 -39.65 -59.88 6.28
N ILE B 222 -38.42 -59.90 5.74
CA ILE B 222 -37.70 -58.70 5.28
C ILE B 222 -37.31 -58.91 3.81
N SER B 223 -37.69 -57.95 2.97
CA SER B 223 -37.30 -57.86 1.56
C SER B 223 -36.85 -56.42 1.30
N TRP B 224 -36.25 -56.16 0.13
CA TRP B 224 -35.73 -54.82 -0.20
C TRP B 224 -36.30 -54.38 -1.56
N GLU B 225 -37.22 -53.41 -1.53
CA GLU B 225 -37.92 -52.92 -2.74
C GLU B 225 -37.29 -51.60 -3.20
N LYS B 226 -36.77 -51.60 -4.44
CA LYS B 226 -36.19 -50.42 -5.08
C LYS B 226 -37.31 -49.51 -5.63
N ILE B 227 -37.38 -48.26 -5.12
CA ILE B 227 -38.35 -47.25 -5.59
C ILE B 227 -37.73 -46.48 -6.79
N ASN B 228 -36.39 -46.49 -6.85
CA ASN B 228 -35.61 -45.88 -7.95
C ASN B 228 -35.45 -46.88 -9.12
N LYS B 229 -35.28 -46.35 -10.36
CA LYS B 229 -34.97 -47.18 -11.57
C LYS B 229 -33.67 -47.96 -11.35
N ALA B 230 -32.68 -47.24 -10.73
CA ALA B 230 -31.30 -47.69 -10.53
C ALA B 230 -30.54 -47.70 -11.85
N GLN B 231 -30.45 -46.50 -12.46
CA GLN B 231 -29.77 -46.30 -13.73
C GLN B 231 -29.33 -44.84 -13.85
N ALA B 232 -28.18 -44.65 -14.50
CA ALA B 232 -27.60 -43.35 -14.80
C ALA B 232 -28.59 -42.46 -15.61
N LEU B 233 -29.06 -41.38 -14.96
CA LEU B 233 -30.02 -40.40 -15.53
C LEU B 233 -29.54 -39.89 -16.90
N TRP B 234 -28.23 -39.57 -16.97
CA TRP B 234 -27.62 -39.03 -18.19
C TRP B 234 -27.64 -40.07 -19.35
N THR B 235 -27.36 -41.36 -19.07
CA THR B 235 -27.27 -42.38 -20.14
C THR B 235 -28.67 -42.78 -20.66
N ARG B 236 -29.71 -42.54 -19.83
CA ARG B 236 -31.12 -42.69 -20.25
C ARG B 236 -31.52 -41.58 -21.24
N ASN B 237 -32.47 -41.88 -22.14
CA ASN B 237 -32.99 -40.93 -23.14
C ASN B 237 -33.72 -39.74 -22.48
N LYS B 238 -33.63 -38.55 -23.12
CA LYS B 238 -34.27 -37.30 -22.66
C LYS B 238 -35.79 -37.49 -22.48
N SER B 239 -36.36 -38.33 -23.34
CA SER B 239 -37.80 -38.68 -23.33
C SER B 239 -38.18 -39.50 -22.09
N GLU B 240 -37.20 -40.28 -21.59
CA GLU B 240 -37.34 -41.12 -20.39
C GLU B 240 -37.09 -40.29 -19.12
N ILE B 241 -36.40 -39.13 -19.26
CA ILE B 241 -36.17 -38.20 -18.12
C ILE B 241 -37.30 -37.16 -18.04
N THR B 242 -37.92 -36.99 -16.85
CA THR B 242 -38.89 -35.91 -16.60
C THR B 242 -38.17 -34.65 -16.06
N ASP B 243 -38.85 -33.49 -16.11
CA ASP B 243 -38.28 -32.18 -15.70
C ASP B 243 -37.89 -32.16 -14.20
N GLU B 244 -38.70 -32.85 -13.38
CA GLU B 244 -38.47 -32.98 -11.91
C GLU B 244 -37.08 -33.57 -11.65
N GLU B 245 -36.75 -34.63 -12.43
CA GLU B 245 -35.47 -35.34 -12.32
C GLU B 245 -34.31 -34.39 -12.53
N TYR B 246 -34.33 -33.64 -13.67
CA TYR B 246 -33.28 -32.67 -14.03
C TYR B 246 -33.01 -31.66 -12.88
N LYS B 247 -34.07 -30.94 -12.50
CA LYS B 247 -34.01 -29.81 -11.54
C LYS B 247 -33.40 -30.25 -10.20
N GLU B 248 -33.84 -31.41 -9.71
CA GLU B 248 -33.47 -31.89 -8.37
C GLU B 248 -32.12 -32.68 -8.42
N PHE B 249 -31.76 -33.21 -9.61
CA PHE B 249 -30.47 -33.91 -9.83
C PHE B 249 -29.31 -32.90 -9.84
N TYR B 250 -29.61 -31.65 -10.22
CA TYR B 250 -28.66 -30.54 -10.15
C TYR B 250 -28.08 -30.40 -8.72
N LYS B 251 -28.95 -30.60 -7.72
CA LYS B 251 -28.58 -30.43 -6.30
C LYS B 251 -27.46 -31.43 -5.92
N HIS B 252 -27.57 -32.68 -6.42
CA HIS B 252 -26.55 -33.73 -6.25
C HIS B 252 -25.20 -33.28 -6.87
N ILE B 253 -25.24 -32.99 -8.18
CA ILE B 253 -24.03 -32.80 -9.02
C ILE B 253 -23.34 -31.44 -8.82
N ALA B 254 -24.02 -30.51 -8.14
CA ALA B 254 -23.45 -29.18 -7.82
C ALA B 254 -22.78 -29.19 -6.44
N HIS B 255 -23.20 -30.16 -5.59
CA HIS B 255 -22.88 -30.18 -4.15
C HIS B 255 -23.40 -28.87 -3.48
N ASP B 256 -24.66 -28.54 -3.80
CA ASP B 256 -25.40 -27.38 -3.25
C ASP B 256 -26.90 -27.76 -3.22
N PHE B 257 -27.82 -26.80 -2.99
CA PHE B 257 -29.28 -27.06 -3.02
C PHE B 257 -30.07 -26.03 -3.86
N ASN B 258 -29.38 -25.05 -4.50
CA ASN B 258 -30.08 -24.01 -5.29
C ASN B 258 -30.60 -24.59 -6.63
N ASP B 259 -31.65 -23.95 -7.14
CA ASP B 259 -32.36 -24.34 -8.39
C ASP B 259 -31.58 -23.87 -9.64
N PRO B 260 -31.59 -24.67 -10.75
CA PRO B 260 -30.99 -24.25 -12.04
C PRO B 260 -31.94 -23.40 -12.92
N LEU B 261 -31.37 -22.41 -13.62
CA LEU B 261 -32.08 -21.59 -14.62
C LEU B 261 -32.47 -22.42 -15.84
N THR B 262 -31.51 -23.23 -16.33
CA THR B 262 -31.68 -24.07 -17.51
C THR B 262 -30.69 -25.25 -17.47
N TRP B 263 -30.90 -26.22 -18.37
CA TRP B 263 -30.02 -27.39 -18.52
C TRP B 263 -29.85 -27.75 -20.01
N SER B 264 -28.96 -28.71 -20.27
CA SER B 264 -28.68 -29.22 -21.62
C SER B 264 -28.30 -30.71 -21.51
N HIS B 265 -29.25 -31.59 -21.83
CA HIS B 265 -29.02 -33.04 -21.89
C HIS B 265 -28.84 -33.44 -23.35
N ASN B 266 -27.59 -33.69 -23.76
CA ASN B 266 -27.26 -34.23 -25.09
C ASN B 266 -26.52 -35.56 -24.91
N ARG B 267 -26.99 -36.62 -25.58
CA ARG B 267 -26.30 -37.91 -25.63
C ARG B 267 -25.73 -38.07 -27.04
N VAL B 268 -24.42 -38.35 -27.12
CA VAL B 268 -23.63 -38.26 -28.35
C VAL B 268 -23.05 -39.63 -28.72
N GLU B 269 -23.12 -39.96 -30.01
CA GLU B 269 -22.69 -41.25 -30.56
C GLU B 269 -21.72 -41.02 -31.72
N GLY B 270 -21.03 -42.11 -32.12
CA GLY B 270 -19.98 -42.06 -33.13
C GLY B 270 -18.64 -42.49 -32.54
N LYS B 271 -17.56 -41.77 -32.89
CA LYS B 271 -16.21 -42.03 -32.34
C LYS B 271 -16.19 -41.75 -30.83
N GLN B 272 -16.45 -40.48 -30.44
CA GLN B 272 -16.58 -40.11 -29.03
C GLN B 272 -18.01 -40.42 -28.55
N GLU B 273 -18.19 -41.68 -28.12
CA GLU B 273 -19.44 -42.17 -27.52
C GLU B 273 -19.49 -41.74 -26.04
N TYR B 274 -20.26 -40.67 -25.78
CA TYR B 274 -20.29 -40.03 -24.46
C TYR B 274 -21.66 -39.36 -24.25
N THR B 275 -21.97 -38.98 -23.00
CA THR B 275 -23.14 -38.15 -22.69
C THR B 275 -22.70 -36.89 -21.90
N SER B 276 -23.37 -35.76 -22.19
CA SER B 276 -23.15 -34.48 -21.48
C SER B 276 -24.48 -34.01 -20.86
N LEU B 277 -24.44 -33.63 -19.58
CA LEU B 277 -25.60 -33.13 -18.83
C LEU B 277 -25.17 -31.91 -17.99
N LEU B 278 -25.37 -30.73 -18.58
CA LEU B 278 -24.86 -29.44 -18.07
C LEU B 278 -26.02 -28.58 -17.55
N TYR B 279 -25.79 -27.83 -16.45
CA TYR B 279 -26.80 -26.90 -15.88
C TYR B 279 -26.14 -25.54 -15.60
N ILE B 280 -26.99 -24.53 -15.36
CA ILE B 280 -26.56 -23.19 -14.89
C ILE B 280 -27.34 -22.84 -13.60
N PRO B 281 -26.66 -22.52 -12.45
CA PRO B 281 -27.34 -22.10 -11.19
C PRO B 281 -28.11 -20.77 -11.33
N SER B 282 -29.10 -20.58 -10.44
CA SER B 282 -29.90 -19.34 -10.38
C SER B 282 -29.09 -18.17 -9.81
N GLN B 283 -28.09 -18.50 -8.98
CA GLN B 283 -27.31 -17.51 -8.23
C GLN B 283 -25.81 -17.78 -8.39
N ALA B 284 -25.03 -16.70 -8.23
CA ALA B 284 -23.57 -16.79 -8.18
C ALA B 284 -23.17 -17.37 -6.83
N PRO B 285 -22.45 -18.56 -6.79
CA PRO B 285 -21.99 -19.14 -5.52
C PRO B 285 -20.97 -18.23 -4.80
N TRP B 286 -20.80 -18.46 -3.49
CA TRP B 286 -19.89 -17.65 -2.65
C TRP B 286 -18.44 -17.82 -3.14
N ASP B 287 -18.10 -19.06 -3.55
CA ASP B 287 -16.73 -19.50 -3.91
C ASP B 287 -16.31 -19.01 -5.31
N MET B 288 -17.25 -18.37 -6.03
CA MET B 288 -17.13 -18.01 -7.46
C MET B 288 -15.98 -17.03 -7.74
N TRP B 289 -15.68 -16.16 -6.77
CA TRP B 289 -14.74 -15.04 -6.95
C TRP B 289 -13.52 -15.16 -6.02
N ASN B 290 -13.41 -16.28 -5.29
CA ASN B 290 -12.28 -16.53 -4.37
C ASN B 290 -11.14 -17.29 -5.12
N ARG B 291 -10.11 -17.74 -4.39
CA ARG B 291 -8.92 -18.39 -4.98
C ARG B 291 -9.21 -19.84 -5.42
N ASP B 292 -10.31 -20.42 -4.92
CA ASP B 292 -10.78 -21.75 -5.35
C ASP B 292 -11.89 -21.60 -6.38
N HIS B 293 -12.00 -22.62 -7.22
CA HIS B 293 -13.03 -22.75 -8.25
C HIS B 293 -14.28 -23.44 -7.68
N LYS B 294 -15.46 -23.05 -8.16
CA LYS B 294 -16.73 -23.72 -7.79
C LYS B 294 -17.24 -24.50 -9.00
N HIS B 295 -16.94 -24.00 -10.20
CA HIS B 295 -17.32 -24.63 -11.47
C HIS B 295 -16.56 -25.93 -11.70
N GLY B 296 -17.11 -26.74 -12.60
CA GLY B 296 -16.52 -28.00 -12.97
C GLY B 296 -17.58 -29.04 -13.17
N LEU B 297 -17.22 -30.09 -13.88
CA LEU B 297 -18.12 -31.19 -14.23
C LEU B 297 -17.60 -32.46 -13.55
N LYS B 298 -18.50 -33.26 -12.98
CA LYS B 298 -18.12 -34.56 -12.42
C LYS B 298 -17.72 -35.48 -13.58
N LEU B 299 -16.42 -35.78 -13.66
CA LEU B 299 -15.88 -36.65 -14.70
C LEU B 299 -16.27 -38.10 -14.39
N TYR B 300 -16.98 -38.71 -15.34
CA TYR B 300 -17.33 -40.13 -15.34
C TYR B 300 -16.70 -40.77 -16.58
N VAL B 301 -16.15 -41.98 -16.41
CA VAL B 301 -15.71 -42.83 -17.53
C VAL B 301 -16.28 -44.25 -17.30
N GLN B 302 -17.04 -44.76 -18.29
CA GLN B 302 -17.76 -46.07 -18.20
C GLN B 302 -18.84 -45.98 -17.09
N ARG B 303 -19.51 -44.80 -17.00
CA ARG B 303 -20.53 -44.47 -15.97
C ARG B 303 -19.99 -44.62 -14.52
N VAL B 304 -18.65 -44.55 -14.42
CA VAL B 304 -17.89 -44.65 -13.17
C VAL B 304 -17.35 -43.25 -12.82
N PHE B 305 -17.69 -42.75 -11.63
CA PHE B 305 -17.14 -41.49 -11.10
C PHE B 305 -15.61 -41.55 -11.03
N ILE B 306 -14.94 -40.44 -11.41
CA ILE B 306 -13.48 -40.32 -11.39
C ILE B 306 -13.12 -39.19 -10.42
N MET B 307 -13.64 -37.98 -10.70
CA MET B 307 -13.38 -36.77 -9.91
C MET B 307 -14.53 -35.76 -10.07
N ASP B 308 -14.74 -34.93 -9.03
CA ASP B 308 -15.71 -33.80 -9.05
C ASP B 308 -14.97 -32.53 -9.51
N ASP B 309 -15.74 -31.44 -9.76
CA ASP B 309 -15.22 -30.07 -10.10
C ASP B 309 -14.14 -30.05 -11.21
N ALA B 310 -14.19 -31.05 -12.11
CA ALA B 310 -13.25 -31.14 -13.24
C ALA B 310 -13.64 -30.13 -14.34
N GLU B 311 -13.07 -28.92 -14.22
CA GLU B 311 -13.28 -27.80 -15.18
C GLU B 311 -12.43 -28.00 -16.45
N GLN B 312 -11.71 -29.12 -16.52
CA GLN B 312 -10.93 -29.54 -17.70
C GLN B 312 -11.84 -29.88 -18.90
N PHE B 313 -13.16 -29.86 -18.70
CA PHE B 313 -14.15 -30.11 -19.77
C PHE B 313 -14.95 -28.85 -20.12
N MET B 314 -14.80 -27.79 -19.29
CA MET B 314 -15.52 -26.52 -19.51
C MET B 314 -14.53 -25.34 -19.40
N PRO B 315 -14.38 -24.50 -20.48
CA PRO B 315 -13.46 -23.33 -20.44
C PRO B 315 -13.92 -22.26 -19.42
N ASN B 316 -12.99 -21.36 -19.03
CA ASN B 316 -13.20 -20.42 -17.89
C ASN B 316 -14.18 -19.29 -18.28
N TYR B 317 -14.51 -19.20 -19.56
CA TYR B 317 -15.52 -18.25 -20.11
C TYR B 317 -16.93 -18.73 -19.69
N LEU B 318 -17.03 -20.06 -19.54
CA LEU B 318 -18.26 -20.75 -19.18
C LEU B 318 -18.15 -21.32 -17.74
N ARG B 319 -17.44 -20.59 -16.85
CA ARG B 319 -17.23 -21.02 -15.44
C ARG B 319 -18.50 -20.85 -14.57
N PHE B 320 -19.63 -20.53 -15.21
CA PHE B 320 -20.96 -20.52 -14.57
C PHE B 320 -21.66 -21.90 -14.68
N VAL B 321 -21.11 -22.79 -15.54
CA VAL B 321 -21.69 -24.14 -15.77
C VAL B 321 -21.26 -25.11 -14.66
N ARG B 322 -22.26 -25.81 -14.10
CA ARG B 322 -22.05 -26.86 -13.10
C ARG B 322 -22.93 -28.06 -13.48
N GLY B 323 -22.35 -29.27 -13.42
CA GLY B 323 -23.04 -30.48 -13.80
C GLY B 323 -22.11 -31.67 -13.82
N LEU B 324 -22.26 -32.54 -14.84
CA LEU B 324 -21.41 -33.73 -15.00
C LEU B 324 -21.37 -34.15 -16.46
N ILE B 325 -20.31 -34.89 -16.82
CA ILE B 325 -20.14 -35.52 -18.14
C ILE B 325 -19.61 -36.93 -17.95
N ASP B 326 -19.90 -37.78 -18.93
CA ASP B 326 -19.50 -39.19 -18.96
C ASP B 326 -18.98 -39.54 -20.35
N SER B 327 -17.84 -40.22 -20.42
CA SER B 327 -17.26 -40.72 -21.68
C SER B 327 -16.97 -42.20 -21.53
N SER B 328 -17.12 -42.95 -22.63
CA SER B 328 -16.79 -44.39 -22.66
C SER B 328 -15.38 -44.59 -23.28
N ASP B 329 -14.86 -43.53 -23.93
CA ASP B 329 -13.64 -43.60 -24.77
C ASP B 329 -12.39 -43.10 -24.03
N LEU B 330 -12.53 -42.02 -23.24
CA LEU B 330 -11.42 -41.44 -22.44
C LEU B 330 -10.88 -42.49 -21.43
N PRO B 331 -9.58 -42.40 -20.99
CA PRO B 331 -9.02 -43.31 -19.96
C PRO B 331 -9.69 -43.13 -18.57
N LEU B 332 -9.71 -44.23 -17.81
CA LEU B 332 -10.22 -44.26 -16.42
C LEU B 332 -9.10 -43.85 -15.44
N ASN B 333 -7.86 -44.12 -15.89
CA ASN B 333 -6.62 -43.78 -15.18
C ASN B 333 -6.15 -42.35 -15.50
N VAL B 334 -7.09 -41.54 -16.02
CA VAL B 334 -6.86 -40.17 -16.48
C VAL B 334 -6.46 -39.22 -15.33
N SER B 335 -5.70 -38.17 -15.67
CA SER B 335 -5.23 -37.13 -14.75
C SER B 335 -5.58 -35.74 -15.32
N ARG B 336 -5.41 -34.70 -14.49
CA ARG B 336 -5.66 -33.29 -14.88
C ARG B 336 -4.73 -32.89 -16.07
N GLU B 337 -3.47 -33.36 -16.00
CA GLU B 337 -2.44 -33.11 -17.03
C GLU B 337 -2.80 -33.79 -18.36
N ILE B 338 -3.34 -35.02 -18.26
CA ILE B 338 -3.84 -35.79 -19.43
C ILE B 338 -4.90 -34.95 -20.14
N LEU B 339 -5.90 -34.50 -19.37
CA LEU B 339 -7.05 -33.73 -19.88
C LEU B 339 -6.61 -32.43 -20.57
N GLN B 340 -5.63 -31.74 -19.96
CA GLN B 340 -5.09 -30.46 -20.45
C GLN B 340 -4.49 -30.63 -21.87
N ASP B 341 -3.57 -31.58 -22.00
CA ASP B 341 -2.77 -31.80 -23.22
C ASP B 341 -3.53 -32.57 -24.32
N SER B 342 -4.36 -33.55 -23.92
CA SER B 342 -4.97 -34.49 -24.88
C SER B 342 -5.92 -33.76 -25.83
N THR B 343 -5.83 -34.14 -27.11
CA THR B 343 -6.59 -33.50 -28.19
C THR B 343 -8.01 -34.08 -28.23
N VAL B 344 -8.17 -35.35 -27.82
CA VAL B 344 -9.49 -36.00 -27.68
C VAL B 344 -10.36 -35.25 -26.64
N THR B 345 -9.71 -34.78 -25.58
CA THR B 345 -10.35 -33.96 -24.53
C THR B 345 -10.54 -32.49 -25.01
N ARG B 346 -9.74 -32.08 -26.01
CA ARG B 346 -9.82 -30.73 -26.62
C ARG B 346 -11.06 -30.65 -27.52
N ASN B 347 -11.26 -31.72 -28.33
CA ASN B 347 -12.43 -31.89 -29.21
C ASN B 347 -13.69 -32.16 -28.39
N LEU B 348 -13.51 -32.79 -27.21
CA LEU B 348 -14.60 -32.99 -26.24
C LEU B 348 -15.05 -31.63 -25.67
N ARG B 349 -14.06 -30.79 -25.30
CA ARG B 349 -14.30 -29.40 -24.83
C ARG B 349 -15.00 -28.57 -25.92
N ASN B 350 -14.64 -28.81 -27.19
CA ASN B 350 -15.32 -28.17 -28.34
C ASN B 350 -16.80 -28.51 -28.32
N ALA B 351 -17.09 -29.81 -28.28
CA ALA B 351 -18.46 -30.34 -28.36
C ALA B 351 -19.35 -29.79 -27.23
N LEU B 352 -18.82 -29.77 -26.00
CA LEU B 352 -19.53 -29.27 -24.79
C LEU B 352 -19.82 -27.76 -24.89
N THR B 353 -18.76 -26.97 -25.22
CA THR B 353 -18.84 -25.49 -25.35
C THR B 353 -19.93 -25.06 -26.34
N LYS B 354 -20.09 -25.82 -27.44
CA LYS B 354 -21.11 -25.56 -28.47
C LYS B 354 -22.54 -25.66 -27.86
N ARG B 355 -22.76 -26.70 -27.03
CA ARG B 355 -24.05 -26.90 -26.34
C ARG B 355 -24.33 -25.77 -25.34
N VAL B 356 -23.27 -25.28 -24.65
CA VAL B 356 -23.42 -24.19 -23.65
C VAL B 356 -23.77 -22.86 -24.34
N LEU B 357 -23.06 -22.52 -25.42
CA LEU B 357 -23.25 -21.25 -26.16
C LEU B 357 -24.70 -21.17 -26.67
N GLN B 358 -25.20 -22.31 -27.17
CA GLN B 358 -26.60 -22.47 -27.60
C GLN B 358 -27.57 -22.51 -26.40
N MET B 359 -27.09 -22.96 -25.22
CA MET B 359 -27.89 -23.01 -23.96
C MET B 359 -28.03 -21.59 -23.34
N LEU B 360 -27.07 -20.70 -23.68
CA LEU B 360 -27.09 -19.29 -23.23
C LEU B 360 -28.13 -18.50 -24.02
N GLU B 361 -28.09 -18.67 -25.35
CA GLU B 361 -29.09 -18.09 -26.26
C GLU B 361 -30.47 -18.71 -26.00
N LYS B 362 -30.48 -20.03 -25.69
CA LYS B 362 -31.70 -20.78 -25.32
C LYS B 362 -32.40 -20.09 -24.14
N LEU B 363 -31.63 -19.85 -23.06
CA LEU B 363 -32.14 -19.22 -21.83
C LEU B 363 -32.66 -17.80 -22.12
N ALA B 364 -32.01 -17.10 -23.07
CA ALA B 364 -32.41 -15.75 -23.52
C ALA B 364 -33.78 -15.77 -24.24
N LYS B 365 -34.08 -16.87 -24.95
CA LYS B 365 -35.31 -17.02 -25.75
C LYS B 365 -36.45 -17.66 -24.92
N ASP B 366 -36.07 -18.56 -24.01
CA ASP B 366 -37.01 -19.41 -23.26
C ASP B 366 -37.57 -18.64 -22.06
N ASP B 367 -36.65 -18.10 -21.25
CA ASP B 367 -37.01 -17.40 -20.01
C ASP B 367 -36.09 -16.19 -19.83
N ALA B 368 -36.51 -15.03 -20.37
CA ALA B 368 -35.74 -13.77 -20.35
C ALA B 368 -35.54 -13.24 -18.91
N GLU B 369 -36.41 -13.66 -17.98
CA GLU B 369 -36.32 -13.28 -16.55
C GLU B 369 -35.12 -14.01 -15.91
N LYS B 370 -35.04 -15.33 -16.13
CA LYS B 370 -33.93 -16.16 -15.61
C LYS B 370 -32.61 -15.78 -16.28
N TYR B 371 -32.68 -15.34 -17.54
CA TYR B 371 -31.50 -14.87 -18.27
C TYR B 371 -31.02 -13.51 -17.73
N GLN B 372 -31.97 -12.68 -17.27
CA GLN B 372 -31.64 -11.39 -16.64
C GLN B 372 -30.93 -11.63 -15.28
N THR B 373 -31.42 -12.65 -14.56
CA THR B 373 -30.80 -13.11 -13.31
C THR B 373 -29.41 -13.72 -13.58
N PHE B 374 -29.29 -14.43 -14.72
CA PHE B 374 -28.03 -15.05 -15.19
C PHE B 374 -26.92 -13.98 -15.35
N TRP B 375 -27.21 -12.93 -16.13
CA TRP B 375 -26.24 -11.87 -16.41
C TRP B 375 -25.96 -11.04 -15.13
N GLN B 376 -26.97 -10.93 -14.26
CA GLN B 376 -26.85 -10.22 -12.97
C GLN B 376 -25.82 -10.91 -12.05
N GLN B 377 -25.73 -12.25 -12.14
CA GLN B 377 -24.84 -13.07 -11.31
C GLN B 377 -23.48 -13.33 -12.02
N PHE B 378 -23.51 -13.49 -13.35
CA PHE B 378 -22.38 -14.02 -14.13
C PHE B 378 -21.99 -13.10 -15.32
N GLY B 379 -22.38 -11.82 -15.24
CA GLY B 379 -22.07 -10.84 -16.30
C GLY B 379 -20.58 -10.58 -16.44
N LEU B 380 -19.95 -10.27 -15.30
CA LEU B 380 -18.50 -10.03 -15.21
C LEU B 380 -17.68 -11.28 -15.63
N VAL B 381 -18.34 -12.45 -15.57
CA VAL B 381 -17.77 -13.72 -16.04
C VAL B 381 -17.77 -13.76 -17.58
N LEU B 382 -18.95 -13.66 -18.20
CA LEU B 382 -19.15 -13.87 -19.66
C LEU B 382 -18.40 -12.80 -20.48
N LYS B 383 -18.09 -11.64 -19.85
CA LYS B 383 -17.30 -10.55 -20.48
C LYS B 383 -15.85 -10.94 -20.88
N GLU B 384 -15.31 -12.08 -20.37
CA GLU B 384 -13.99 -12.60 -20.84
C GLU B 384 -14.17 -13.42 -22.15
N GLY B 385 -15.42 -13.86 -22.40
CA GLY B 385 -15.79 -14.54 -23.65
C GLY B 385 -15.45 -13.74 -24.92
N PRO B 386 -15.94 -12.46 -25.09
CA PRO B 386 -15.57 -11.60 -26.25
C PRO B 386 -14.12 -11.09 -26.16
N ALA B 387 -13.52 -11.17 -24.95
CA ALA B 387 -12.09 -10.88 -24.76
C ALA B 387 -11.23 -11.90 -25.51
N GLU B 388 -11.71 -13.14 -25.52
CA GLU B 388 -11.04 -14.25 -26.15
C GLU B 388 -11.38 -14.36 -27.65
N ASP B 389 -12.66 -14.64 -27.93
CA ASP B 389 -13.11 -15.22 -29.21
C ASP B 389 -13.59 -14.16 -30.21
N PHE B 390 -12.83 -13.97 -31.30
CA PHE B 390 -13.22 -13.12 -32.45
C PHE B 390 -14.15 -13.89 -33.39
N ALA B 391 -13.92 -15.22 -33.48
CA ALA B 391 -14.55 -16.12 -34.47
C ALA B 391 -16.07 -15.92 -34.55
N ASN B 392 -16.73 -16.02 -33.41
CA ASN B 392 -18.19 -16.02 -33.29
C ASN B 392 -18.62 -14.86 -32.35
N GLN B 393 -17.88 -13.73 -32.45
CA GLN B 393 -18.17 -12.47 -31.68
C GLN B 393 -19.64 -12.00 -31.86
N GLU B 394 -20.24 -12.34 -33.01
CA GLU B 394 -21.64 -12.02 -33.37
C GLU B 394 -22.63 -12.56 -32.31
N ALA B 395 -22.51 -13.87 -32.00
CA ALA B 395 -23.41 -14.56 -31.05
C ALA B 395 -23.11 -14.14 -29.60
N ILE B 396 -21.83 -13.85 -29.32
CA ILE B 396 -21.38 -13.41 -28.00
C ILE B 396 -21.93 -12.00 -27.68
N ALA B 397 -21.98 -11.15 -28.70
CA ALA B 397 -22.46 -9.75 -28.59
C ALA B 397 -23.99 -9.69 -28.32
N LYS B 398 -24.69 -10.76 -28.72
CA LYS B 398 -26.11 -10.98 -28.36
C LYS B 398 -26.24 -11.28 -26.85
N LEU B 399 -25.23 -12.00 -26.32
CA LEU B 399 -25.19 -12.41 -24.90
C LEU B 399 -24.80 -11.23 -23.99
N LEU B 400 -24.02 -10.28 -24.54
CA LEU B 400 -23.54 -9.10 -23.80
C LEU B 400 -24.70 -8.12 -23.48
N ARG B 401 -24.88 -7.84 -22.18
CA ARG B 401 -25.90 -6.88 -21.67
C ARG B 401 -25.17 -5.83 -20.83
N PHE B 402 -25.68 -4.59 -20.85
CA PHE B 402 -25.02 -3.44 -20.17
C PHE B 402 -26.07 -2.62 -19.42
N ALA B 403 -25.62 -1.59 -18.71
CA ALA B 403 -26.50 -0.54 -18.17
C ALA B 403 -26.41 0.70 -19.08
N SER B 404 -27.41 1.61 -19.01
CA SER B 404 -27.49 2.77 -19.91
C SER B 404 -28.55 3.78 -19.44
N THR B 405 -28.80 4.81 -20.29
CA THR B 405 -29.85 5.82 -20.07
C THR B 405 -31.27 5.27 -20.40
N HIS B 406 -31.33 4.01 -20.87
CA HIS B 406 -32.60 3.26 -21.06
C HIS B 406 -33.40 3.20 -19.75
N THR B 407 -32.69 3.04 -18.62
CA THR B 407 -33.31 2.93 -17.28
C THR B 407 -32.36 3.58 -16.25
N ASP B 408 -32.95 4.23 -15.23
CA ASP B 408 -32.20 4.95 -14.17
C ASP B 408 -31.65 3.96 -13.10
N SER B 409 -31.87 2.65 -13.30
CA SER B 409 -31.42 1.59 -12.40
C SER B 409 -30.09 0.99 -12.90
N SER B 410 -29.26 0.50 -11.95
CA SER B 410 -27.92 -0.05 -12.23
C SER B 410 -27.96 -1.44 -12.91
N ALA B 411 -29.13 -2.11 -12.83
CA ALA B 411 -29.33 -3.45 -13.38
C ALA B 411 -29.02 -3.51 -14.90
N GLN B 412 -28.01 -4.32 -15.25
CA GLN B 412 -27.57 -4.50 -16.65
C GLN B 412 -28.62 -5.33 -17.42
N THR B 413 -29.64 -4.65 -17.95
CA THR B 413 -30.80 -5.28 -18.62
C THR B 413 -30.78 -5.05 -20.14
N VAL B 414 -30.39 -3.81 -20.54
CA VAL B 414 -30.36 -3.40 -21.96
C VAL B 414 -29.33 -4.22 -22.76
N SER B 415 -29.71 -4.68 -23.96
CA SER B 415 -28.81 -5.38 -24.88
C SER B 415 -28.32 -4.43 -25.97
N LEU B 416 -27.27 -4.86 -26.69
CA LEU B 416 -26.82 -4.20 -27.93
C LEU B 416 -27.91 -4.32 -29.02
N GLU B 417 -28.68 -5.41 -28.91
CA GLU B 417 -29.81 -5.73 -29.81
C GLU B 417 -30.94 -4.68 -29.65
N ASP B 418 -31.26 -4.38 -28.38
CA ASP B 418 -32.24 -3.33 -28.00
C ASP B 418 -31.77 -1.95 -28.46
N TYR B 419 -30.47 -1.68 -28.23
CA TYR B 419 -29.84 -0.40 -28.58
C TYR B 419 -30.03 -0.11 -30.08
N VAL B 420 -29.68 -1.10 -30.93
CA VAL B 420 -29.78 -1.01 -32.41
C VAL B 420 -31.23 -0.77 -32.86
N SER B 421 -32.18 -1.54 -32.29
CA SER B 421 -33.60 -1.47 -32.68
C SER B 421 -34.25 -0.14 -32.20
N ARG B 422 -33.70 0.44 -31.14
CA ARG B 422 -34.22 1.67 -30.49
C ARG B 422 -33.29 2.87 -30.74
N MET B 423 -32.25 2.67 -31.62
CA MET B 423 -31.40 3.76 -32.12
C MET B 423 -32.26 4.84 -32.81
N LYS B 424 -31.93 6.10 -32.52
CA LYS B 424 -32.65 7.27 -33.02
C LYS B 424 -32.23 7.57 -34.45
N GLU B 425 -32.93 8.55 -35.07
CA GLU B 425 -32.57 9.05 -36.41
C GLU B 425 -31.11 9.53 -36.43
N GLY B 426 -30.32 8.99 -37.38
CA GLY B 426 -28.93 9.37 -37.57
C GLY B 426 -27.96 8.75 -36.55
N GLN B 427 -28.47 8.13 -35.47
CA GLN B 427 -27.65 7.53 -34.41
C GLN B 427 -27.07 6.19 -34.91
N GLU B 428 -25.98 6.27 -35.68
CA GLU B 428 -25.23 5.09 -36.19
C GLU B 428 -24.17 4.66 -35.19
N LYS B 429 -23.70 5.59 -34.35
CA LYS B 429 -22.61 5.35 -33.40
C LYS B 429 -23.18 5.05 -32.02
N ILE B 430 -22.55 4.09 -31.32
CA ILE B 430 -22.95 3.67 -29.99
C ILE B 430 -22.24 4.57 -28.96
N TYR B 431 -23.01 5.49 -28.35
CA TYR B 431 -22.49 6.45 -27.35
C TYR B 431 -22.24 5.70 -26.03
N TYR B 432 -21.13 6.00 -25.35
CA TYR B 432 -20.79 5.36 -24.06
C TYR B 432 -20.12 6.36 -23.11
N ILE B 433 -20.31 6.13 -21.79
CA ILE B 433 -19.63 6.85 -20.69
C ILE B 433 -19.21 5.80 -19.63
N THR B 434 -18.01 5.97 -19.07
CA THR B 434 -17.41 5.07 -18.08
C THR B 434 -17.32 5.75 -16.71
N ALA B 435 -17.32 4.91 -15.66
CA ALA B 435 -17.07 5.33 -14.26
C ALA B 435 -16.89 4.09 -13.37
N ASP B 436 -16.32 4.33 -12.18
CA ASP B 436 -16.12 3.29 -11.14
C ASP B 436 -17.46 2.71 -10.68
N SER B 437 -18.49 3.57 -10.65
CA SER B 437 -19.82 3.24 -10.14
C SER B 437 -20.89 3.80 -11.09
N TYR B 438 -22.06 3.12 -11.14
CA TYR B 438 -23.22 3.58 -11.93
C TYR B 438 -23.71 4.95 -11.40
N ALA B 439 -23.56 5.17 -10.09
CA ALA B 439 -23.92 6.44 -9.42
C ALA B 439 -23.13 7.62 -10.02
N ALA B 440 -21.80 7.42 -10.18
CA ALA B 440 -20.90 8.45 -10.77
C ALA B 440 -21.17 8.60 -12.28
N ALA B 441 -21.40 7.46 -12.96
CA ALA B 441 -21.67 7.39 -14.42
C ALA B 441 -22.95 8.15 -14.76
N LYS B 442 -23.95 8.04 -13.87
CA LYS B 442 -25.25 8.68 -14.05
C LYS B 442 -25.16 10.19 -13.75
N SER B 443 -24.38 10.53 -12.71
CA SER B 443 -24.19 11.93 -12.27
C SER B 443 -23.19 12.70 -13.14
N SER B 444 -22.60 12.02 -14.15
CA SER B 444 -21.83 12.71 -15.20
C SER B 444 -22.79 13.60 -16.02
N PRO B 445 -22.63 14.98 -15.98
CA PRO B 445 -23.63 15.93 -16.53
C PRO B 445 -23.88 15.77 -18.05
N HIS B 446 -22.98 15.05 -18.74
CA HIS B 446 -23.15 14.71 -20.18
C HIS B 446 -24.51 14.04 -20.43
N LEU B 447 -24.95 13.17 -19.49
CA LEU B 447 -26.27 12.50 -19.56
C LEU B 447 -27.41 13.52 -19.64
N GLU B 448 -27.28 14.64 -18.91
CA GLU B 448 -28.32 15.69 -18.89
C GLU B 448 -28.46 16.32 -20.28
N LEU B 449 -27.30 16.49 -20.96
CA LEU B 449 -27.24 17.12 -22.29
C LEU B 449 -27.84 16.15 -23.30
N LEU B 450 -27.24 14.94 -23.39
CA LEU B 450 -27.59 13.93 -24.40
C LEU B 450 -29.03 13.40 -24.25
N ARG B 451 -29.52 13.32 -23.00
CA ARG B 451 -30.92 12.90 -22.72
C ARG B 451 -31.88 13.94 -23.29
N LYS B 452 -31.57 15.23 -23.02
CA LYS B 452 -32.29 16.39 -23.57
C LYS B 452 -32.22 16.39 -25.12
N LYS B 453 -31.09 15.93 -25.67
CA LYS B 453 -30.85 15.84 -27.13
C LYS B 453 -31.43 14.52 -27.71
N GLY B 454 -32.10 13.72 -26.88
CA GLY B 454 -32.84 12.54 -27.35
C GLY B 454 -31.89 11.42 -27.80
N ILE B 455 -30.82 11.21 -27.04
CA ILE B 455 -29.73 10.30 -27.40
C ILE B 455 -29.58 9.21 -26.32
N GLU B 456 -29.27 7.98 -26.75
CA GLU B 456 -29.08 6.83 -25.86
C GLU B 456 -27.58 6.67 -25.58
N VAL B 457 -27.23 6.43 -24.29
CA VAL B 457 -25.83 6.42 -23.81
C VAL B 457 -25.60 5.21 -22.90
N LEU B 458 -24.61 4.37 -23.23
CA LEU B 458 -24.16 3.26 -22.34
C LEU B 458 -23.53 3.83 -21.05
N LEU B 459 -23.77 3.17 -19.92
CA LEU B 459 -23.21 3.53 -18.61
C LEU B 459 -22.45 2.33 -18.06
N LEU B 460 -21.14 2.30 -18.36
CA LEU B 460 -20.22 1.24 -17.95
C LEU B 460 -19.78 1.47 -16.49
N SER B 461 -20.14 0.51 -15.63
CA SER B 461 -19.80 0.52 -14.20
C SER B 461 -19.07 -0.79 -13.83
N ASP B 462 -18.54 -1.48 -14.86
CA ASP B 462 -17.81 -2.74 -14.69
C ASP B 462 -16.36 -2.44 -14.26
N ARG B 463 -15.67 -3.45 -13.74
CA ARG B 463 -14.22 -3.36 -13.48
C ARG B 463 -13.44 -3.64 -14.79
N ILE B 464 -13.99 -4.53 -15.62
CA ILE B 464 -13.40 -4.93 -16.92
C ILE B 464 -13.69 -3.89 -18.03
N ASP B 465 -14.59 -2.94 -17.75
CA ASP B 465 -15.28 -2.09 -18.77
C ASP B 465 -14.34 -1.42 -19.82
N GLU B 466 -13.23 -0.84 -19.36
CA GLU B 466 -12.22 -0.21 -20.24
C GLU B 466 -11.54 -1.26 -21.13
N TRP B 467 -11.16 -2.39 -20.52
CA TRP B 467 -10.52 -3.52 -21.21
C TRP B 467 -11.53 -4.13 -22.21
N MET B 468 -12.83 -4.07 -21.83
CA MET B 468 -13.95 -4.62 -22.61
C MET B 468 -14.17 -3.84 -23.91
N MET B 469 -13.95 -2.52 -23.82
CA MET B 469 -14.01 -1.60 -24.98
C MET B 469 -12.82 -1.80 -25.94
N ASN B 470 -11.72 -2.42 -25.46
CA ASN B 470 -10.50 -2.67 -26.27
C ASN B 470 -10.70 -3.76 -27.34
N TYR B 471 -11.82 -4.50 -27.24
CA TYR B 471 -12.21 -5.54 -28.23
C TYR B 471 -13.63 -5.35 -28.75
N LEU B 472 -14.50 -4.69 -27.95
CA LEU B 472 -15.78 -4.19 -28.49
C LEU B 472 -15.50 -2.90 -29.26
N THR B 473 -15.04 -3.10 -30.50
CA THR B 473 -14.75 -2.02 -31.45
C THR B 473 -16.03 -1.65 -32.24
N GLU B 474 -16.99 -2.59 -32.34
CA GLU B 474 -18.29 -2.39 -33.04
C GLU B 474 -19.28 -3.54 -32.77
N PHE B 475 -20.54 -3.33 -33.17
CA PHE B 475 -21.61 -4.34 -33.22
C PHE B 475 -22.56 -3.98 -34.37
N ASP B 476 -22.76 -4.93 -35.32
CA ASP B 476 -23.68 -4.75 -36.49
C ASP B 476 -23.23 -3.55 -37.37
N GLY B 477 -21.89 -3.39 -37.47
CA GLY B 477 -21.27 -2.29 -38.22
C GLY B 477 -21.37 -0.92 -37.54
N LYS B 478 -21.77 -0.92 -36.25
CA LYS B 478 -21.97 0.30 -35.46
C LYS B 478 -20.87 0.39 -34.38
N PRO B 479 -19.80 1.22 -34.60
CA PRO B 479 -18.68 1.34 -33.65
C PRO B 479 -19.01 2.23 -32.43
N PHE B 480 -18.25 1.98 -31.35
CA PHE B 480 -18.43 2.67 -30.06
C PHE B 480 -17.68 4.02 -30.06
N GLN B 481 -18.21 4.99 -29.30
CA GLN B 481 -17.70 6.36 -29.25
C GLN B 481 -18.05 7.00 -27.89
N SER B 482 -17.03 7.54 -27.19
CA SER B 482 -17.23 8.28 -25.94
C SER B 482 -17.45 9.78 -26.23
N VAL B 483 -18.33 10.39 -25.44
CA VAL B 483 -18.56 11.84 -25.42
C VAL B 483 -17.76 12.51 -24.27
N SER B 484 -17.06 11.67 -23.48
CA SER B 484 -16.34 12.12 -22.26
C SER B 484 -14.82 12.15 -22.51
N LYS B 485 -14.29 11.18 -23.27
CA LYS B 485 -12.84 11.08 -23.56
C LYS B 485 -12.60 10.39 -24.93
N VAL B 486 -11.32 10.32 -25.32
CA VAL B 486 -10.86 9.60 -26.55
C VAL B 486 -9.64 8.74 -26.19
N ASP B 487 -9.30 7.78 -27.09
CA ASP B 487 -8.10 6.92 -26.93
C ASP B 487 -6.96 7.41 -27.85
N GLU B 488 -5.73 7.01 -27.51
CA GLU B 488 -4.50 7.54 -28.15
C GLU B 488 -4.01 6.62 -29.31
N SER B 489 -4.66 5.46 -29.47
CA SER B 489 -4.33 4.52 -30.56
C SER B 489 -4.81 5.10 -31.90
N LEU B 490 -6.02 5.68 -31.87
CA LEU B 490 -6.61 6.40 -33.01
C LEU B 490 -6.22 7.90 -32.96
N GLU B 491 -4.90 8.16 -32.78
CA GLU B 491 -4.31 9.52 -32.72
C GLU B 491 -4.36 10.24 -34.10
N LYS B 492 -4.93 9.56 -35.11
CA LYS B 492 -5.41 10.19 -36.37
C LYS B 492 -6.30 11.43 -36.08
N LEU B 493 -7.02 11.44 -34.92
CA LEU B 493 -7.86 12.58 -34.47
C LEU B 493 -7.01 13.81 -34.07
N ALA B 494 -5.70 13.61 -33.83
CA ALA B 494 -4.74 14.68 -33.43
C ALA B 494 -4.39 15.61 -34.62
N ASP B 495 -4.97 15.32 -35.80
CA ASP B 495 -4.96 16.23 -36.96
C ASP B 495 -6.15 17.22 -36.84
N GLU B 496 -7.28 16.69 -36.37
CA GLU B 496 -8.60 17.38 -36.36
C GLU B 496 -8.80 18.26 -35.11
N VAL B 497 -7.69 18.77 -34.56
CA VAL B 497 -7.65 19.43 -33.24
C VAL B 497 -7.64 20.97 -33.38
N ASP B 498 -8.64 21.45 -34.13
CA ASP B 498 -8.80 22.88 -34.50
C ASP B 498 -7.59 23.38 -35.32
N GLU B 499 -6.44 23.67 -34.64
CA GLU B 499 -5.17 24.01 -35.30
C GLU B 499 -4.02 24.06 -34.28
N SER B 500 -4.04 23.11 -33.30
CA SER B 500 -2.92 22.95 -32.34
C SER B 500 -1.70 22.35 -33.09
N ALA B 501 -0.95 23.24 -33.74
CA ALA B 501 0.16 22.91 -34.63
C ALA B 501 1.46 23.60 -34.14
N LYS B 502 2.44 23.69 -35.05
CA LYS B 502 3.83 24.11 -34.76
C LYS B 502 3.91 25.45 -33.98
N GLU B 503 3.11 26.44 -34.42
CA GLU B 503 3.11 27.81 -33.84
C GLU B 503 2.78 27.76 -32.34
N ALA B 504 1.77 26.95 -32.00
CA ALA B 504 1.35 26.70 -30.62
C ALA B 504 2.47 26.01 -29.83
N GLU B 505 3.01 24.95 -30.46
CA GLU B 505 3.96 24.02 -29.82
C GLU B 505 5.33 24.68 -29.55
N LYS B 506 5.66 25.77 -30.28
CA LYS B 506 6.88 26.58 -30.04
C LYS B 506 6.78 27.41 -28.74
N ALA B 507 5.54 27.66 -28.29
CA ALA B 507 5.27 28.28 -26.99
C ALA B 507 5.15 27.19 -25.91
N LEU B 508 4.65 26.00 -26.32
CA LEU B 508 4.40 24.87 -25.42
C LEU B 508 5.70 24.19 -24.95
N THR B 509 6.79 24.22 -25.75
CA THR B 509 8.09 23.60 -25.37
C THR B 509 8.75 24.34 -24.15
N PRO B 510 8.93 25.72 -24.17
CA PRO B 510 9.38 26.47 -22.97
C PRO B 510 8.41 26.31 -21.79
N PHE B 511 7.11 26.16 -22.11
CA PHE B 511 6.05 25.93 -21.11
C PHE B 511 6.28 24.60 -20.37
N ILE B 512 6.59 23.52 -21.13
CA ILE B 512 6.91 22.17 -20.57
C ILE B 512 8.05 22.28 -19.56
N ASP B 513 9.15 22.89 -20.01
CA ASP B 513 10.39 23.04 -19.22
C ASP B 513 10.13 23.83 -17.92
N ARG B 514 9.36 24.92 -18.03
CA ARG B 514 9.05 25.81 -16.89
C ARG B 514 8.15 25.14 -15.84
N VAL B 515 7.19 24.32 -16.29
CA VAL B 515 6.26 23.62 -15.38
C VAL B 515 6.97 22.47 -14.66
N LYS B 516 7.83 21.73 -15.40
CA LYS B 516 8.67 20.65 -14.84
C LYS B 516 9.71 21.21 -13.86
N ALA B 517 10.18 22.44 -14.13
CA ALA B 517 11.11 23.17 -13.24
C ALA B 517 10.36 23.69 -11.99
N LEU B 518 9.11 24.15 -12.20
CA LEU B 518 8.26 24.75 -11.15
C LEU B 518 7.93 23.69 -10.08
N LEU B 519 7.53 22.50 -10.54
CA LEU B 519 7.18 21.36 -9.67
C LEU B 519 8.46 20.58 -9.25
N GLY B 520 9.52 20.66 -10.07
CA GLY B 520 10.76 19.95 -9.79
C GLY B 520 10.59 18.44 -9.90
N GLU B 521 10.58 17.75 -8.75
CA GLU B 521 10.42 16.28 -8.67
C GLU B 521 9.09 15.90 -7.98
N ARG B 522 8.16 16.86 -7.83
CA ARG B 522 6.78 16.58 -7.38
C ARG B 522 5.99 15.83 -8.48
N VAL B 523 6.37 16.10 -9.75
CA VAL B 523 5.77 15.49 -10.95
C VAL B 523 6.90 14.91 -11.83
N LYS B 524 6.66 13.75 -12.47
CA LYS B 524 7.66 13.07 -13.32
C LYS B 524 7.83 13.82 -14.65
N ASP B 525 6.69 14.15 -15.31
CA ASP B 525 6.72 14.78 -16.65
C ASP B 525 5.49 15.65 -16.88
N VAL B 526 5.62 16.63 -17.77
CA VAL B 526 4.54 17.54 -18.18
C VAL B 526 4.46 17.52 -19.72
N ARG B 527 3.39 16.92 -20.22
CA ARG B 527 3.19 16.65 -21.65
C ARG B 527 2.08 17.56 -22.21
N LEU B 528 2.29 18.10 -23.41
CA LEU B 528 1.29 18.92 -24.12
C LEU B 528 0.66 18.11 -25.27
N THR B 529 -0.59 17.66 -25.05
CA THR B 529 -1.35 16.84 -26.02
C THR B 529 -2.47 17.66 -26.67
N HIS B 530 -3.32 17.03 -27.51
CA HIS B 530 -4.41 17.74 -28.24
C HIS B 530 -5.78 17.04 -28.05
N ARG B 531 -5.96 16.31 -26.93
CA ARG B 531 -7.26 15.66 -26.60
C ARG B 531 -8.27 16.78 -26.29
N LEU B 532 -9.25 17.00 -27.20
CA LEU B 532 -10.17 18.15 -27.16
C LEU B 532 -10.92 18.17 -25.81
N THR B 533 -11.84 17.19 -25.63
CA THR B 533 -12.58 16.91 -24.36
C THR B 533 -13.18 18.18 -23.67
N ASP B 534 -13.73 18.02 -22.45
CA ASP B 534 -14.29 19.13 -21.65
C ASP B 534 -13.33 19.50 -20.49
N THR B 535 -12.34 18.63 -20.27
CA THR B 535 -11.32 18.79 -19.22
C THR B 535 -10.18 19.67 -19.77
N PRO B 536 -9.73 20.74 -19.04
CA PRO B 536 -8.58 21.57 -19.48
C PRO B 536 -7.27 20.75 -19.54
N ALA B 537 -7.02 20.02 -18.47
CA ALA B 537 -5.80 19.24 -18.28
C ALA B 537 -6.13 18.01 -17.45
N ILE B 538 -5.53 16.87 -17.80
CA ILE B 538 -5.72 15.59 -17.11
C ILE B 538 -4.36 14.88 -17.04
N VAL B 539 -4.06 14.27 -15.89
CA VAL B 539 -2.80 13.51 -15.73
C VAL B 539 -2.90 12.13 -16.42
N SER B 540 -1.74 11.51 -16.66
CA SER B 540 -1.63 10.24 -17.39
C SER B 540 -1.12 9.15 -16.44
N THR B 541 -1.61 7.93 -16.66
CA THR B 541 -1.20 6.74 -15.89
C THR B 541 -0.74 5.62 -16.83
N ASP B 542 0.20 4.81 -16.31
CA ASP B 542 0.68 3.59 -16.96
C ASP B 542 -0.22 2.44 -16.52
N ALA B 543 -0.23 2.19 -15.20
CA ALA B 543 -1.09 1.18 -14.57
C ALA B 543 -1.98 1.83 -13.48
N ASP B 544 -2.48 1.02 -12.53
CA ASP B 544 -3.38 1.49 -11.46
C ASP B 544 -2.65 2.45 -10.49
N GLU B 545 -3.23 3.66 -10.35
CA GLU B 545 -2.66 4.77 -9.57
C GLU B 545 -1.25 5.13 -10.13
N MET B 546 -1.09 4.93 -11.46
CA MET B 546 0.19 5.00 -12.20
C MET B 546 1.00 3.73 -11.91
N SER B 547 1.40 3.57 -10.63
CA SER B 547 2.24 2.46 -10.21
C SER B 547 2.17 2.23 -8.68
N THR B 548 1.02 2.53 -8.04
CA THR B 548 0.91 2.42 -6.55
C THR B 548 0.34 1.03 -6.12
N GLN B 549 0.43 0.00 -7.00
CA GLN B 549 -0.02 -1.38 -6.70
C GLN B 549 0.45 -2.39 -7.78
N MET B 550 1.70 -2.92 -7.62
CA MET B 550 2.26 -4.02 -8.47
C MET B 550 3.70 -4.36 -8.00
N ALA B 551 4.21 -5.52 -8.47
CA ALA B 551 5.55 -6.04 -8.12
C ALA B 551 6.70 -5.11 -8.61
N LYS B 552 6.89 -5.04 -9.94
CA LYS B 552 7.95 -4.23 -10.60
C LYS B 552 7.83 -2.76 -10.23
N LEU B 553 6.58 -2.29 -10.15
CA LEU B 553 6.27 -0.88 -9.95
C LEU B 553 6.82 -0.39 -8.58
N PHE B 554 6.56 -1.16 -7.50
CA PHE B 554 7.13 -0.84 -6.15
C PHE B 554 8.62 -1.22 -6.02
N ALA B 555 9.12 -2.07 -6.94
CA ALA B 555 10.55 -2.47 -7.00
C ALA B 555 11.42 -1.35 -7.64
N ALA B 556 10.77 -0.23 -8.04
CA ALA B 556 11.46 0.93 -8.63
C ALA B 556 12.35 1.64 -7.59
N ALA B 557 11.73 2.18 -6.52
CA ALA B 557 12.48 2.80 -5.38
C ALA B 557 11.84 2.49 -4.01
N GLY B 558 10.63 1.89 -4.03
CA GLY B 558 9.92 1.53 -2.79
C GLY B 558 9.06 2.67 -2.25
N GLN B 559 9.68 3.85 -2.02
CA GLN B 559 8.98 5.03 -1.44
C GLN B 559 8.04 5.64 -2.50
N LYS B 560 6.76 5.20 -2.48
CA LYS B 560 5.65 5.72 -3.32
C LYS B 560 5.86 5.50 -4.84
N VAL B 561 7.02 4.91 -5.23
CA VAL B 561 7.49 4.83 -6.66
C VAL B 561 7.78 6.24 -7.28
N PRO B 562 8.96 6.45 -7.96
CA PRO B 562 9.26 7.71 -8.71
C PRO B 562 8.35 7.87 -9.94
N GLU B 563 8.12 6.73 -10.61
CA GLU B 563 7.31 6.65 -11.85
C GLU B 563 5.87 7.13 -11.58
N VAL B 564 5.40 6.89 -10.33
CA VAL B 564 4.02 7.14 -9.88
C VAL B 564 3.58 8.58 -10.10
N LYS B 565 4.56 9.50 -10.11
CA LYS B 565 4.30 10.94 -10.20
C LYS B 565 3.66 11.25 -11.57
N TYR B 566 2.36 11.51 -11.51
CA TYR B 566 1.43 11.45 -12.65
C TYR B 566 1.82 12.47 -13.73
N ILE B 567 1.76 12.04 -15.01
CA ILE B 567 2.29 12.82 -16.14
C ILE B 567 1.22 13.86 -16.53
N PHE B 568 1.52 15.13 -16.24
CA PHE B 568 0.56 16.22 -16.37
C PHE B 568 0.36 16.59 -17.86
N GLU B 569 -0.75 16.12 -18.45
CA GLU B 569 -1.09 16.39 -19.86
C GLU B 569 -2.10 17.54 -19.93
N LEU B 570 -1.85 18.51 -20.83
CA LEU B 570 -2.75 19.66 -21.06
C LEU B 570 -3.26 19.64 -22.51
N ASN B 571 -4.35 20.37 -22.76
CA ASN B 571 -4.86 20.62 -24.12
C ASN B 571 -4.90 22.14 -24.38
N PRO B 572 -3.95 22.71 -25.21
CA PRO B 572 -3.92 24.16 -25.54
C PRO B 572 -5.21 24.62 -26.24
N ASP B 573 -5.90 23.67 -26.89
CA ASP B 573 -7.16 23.92 -27.60
C ASP B 573 -8.28 24.35 -26.62
N HIS B 574 -8.27 23.81 -25.38
CA HIS B 574 -9.34 24.08 -24.41
C HIS B 574 -9.16 25.46 -23.74
N VAL B 575 -10.30 26.09 -23.40
CA VAL B 575 -10.38 27.51 -22.95
C VAL B 575 -9.40 27.86 -21.81
N LEU B 576 -9.46 27.09 -20.72
CA LEU B 576 -8.72 27.38 -19.47
C LEU B 576 -7.19 27.35 -19.67
N VAL B 577 -6.72 26.50 -20.60
CA VAL B 577 -5.26 26.34 -20.88
C VAL B 577 -4.78 27.48 -21.80
N LYS B 578 -5.67 27.97 -22.71
CA LYS B 578 -5.41 29.18 -23.50
C LYS B 578 -5.14 30.36 -22.57
N ARG B 579 -6.12 30.62 -21.69
CA ARG B 579 -6.08 31.74 -20.74
C ARG B 579 -4.87 31.62 -19.79
N ALA B 580 -4.52 30.37 -19.43
CA ALA B 580 -3.40 30.06 -18.52
C ALA B 580 -2.03 30.27 -19.20
N ALA B 581 -2.01 30.13 -20.54
CA ALA B 581 -0.79 30.35 -21.36
C ALA B 581 -0.64 31.84 -21.72
N ASP B 582 -1.79 32.52 -21.94
CA ASP B 582 -1.84 33.98 -22.26
C ASP B 582 -1.44 34.83 -21.05
N THR B 583 -1.43 34.21 -19.85
CA THR B 583 -1.17 34.90 -18.59
C THR B 583 0.22 35.58 -18.61
N GLU B 584 0.20 36.92 -18.45
CA GLU B 584 1.38 37.77 -18.59
C GLU B 584 2.20 37.76 -17.29
N ASP B 585 1.49 37.75 -16.15
CA ASP B 585 2.09 37.78 -14.81
C ASP B 585 2.70 36.42 -14.45
N GLU B 586 3.92 36.45 -13.91
CA GLU B 586 4.67 35.26 -13.47
C GLU B 586 3.97 34.54 -12.30
N ALA B 587 3.39 35.33 -11.37
CA ALA B 587 2.74 34.80 -10.15
C ALA B 587 1.48 34.03 -10.52
N LYS B 588 0.64 34.67 -11.34
CA LYS B 588 -0.59 34.07 -11.87
C LYS B 588 -0.27 32.91 -12.83
N PHE B 589 0.86 33.00 -13.58
CA PHE B 589 1.33 31.91 -14.47
C PHE B 589 1.54 30.62 -13.65
N SER B 590 2.38 30.72 -12.62
CA SER B 590 2.70 29.60 -11.71
C SER B 590 1.45 29.10 -10.95
N GLU B 591 0.49 30.02 -10.73
CA GLU B 591 -0.76 29.73 -9.99
C GLU B 591 -1.78 29.00 -10.90
N TRP B 592 -1.79 29.34 -12.20
CA TRP B 592 -2.61 28.64 -13.22
C TRP B 592 -2.03 27.23 -13.45
N VAL B 593 -0.69 27.15 -13.43
CA VAL B 593 0.06 25.88 -13.57
C VAL B 593 -0.31 24.90 -12.44
N GLU B 594 -0.22 25.36 -11.18
CA GLU B 594 -0.45 24.51 -10.00
C GLU B 594 -1.96 24.25 -9.79
N LEU B 595 -2.82 25.19 -10.25
CA LEU B 595 -4.28 25.00 -10.26
C LEU B 595 -4.65 23.81 -11.15
N LEU B 596 -4.21 23.87 -12.42
CA LEU B 596 -4.48 22.84 -13.43
C LEU B 596 -3.77 21.52 -13.07
N LEU B 597 -2.65 21.60 -12.32
CA LEU B 597 -1.86 20.43 -11.89
C LEU B 597 -2.68 19.55 -10.95
N ASP B 598 -3.10 20.15 -9.83
CA ASP B 598 -3.90 19.46 -8.80
C ASP B 598 -5.33 19.16 -9.30
N GLN B 599 -5.83 20.00 -10.24
CA GLN B 599 -7.15 19.78 -10.89
C GLN B 599 -7.11 18.57 -11.82
N ALA B 600 -5.97 18.39 -12.51
CA ALA B 600 -5.75 17.27 -13.46
C ALA B 600 -5.71 15.94 -12.71
N LEU B 601 -4.90 15.94 -11.64
CA LEU B 601 -4.70 14.78 -10.78
C LEU B 601 -6.07 14.38 -10.15
N LEU B 602 -6.77 15.41 -9.63
CA LEU B 602 -8.13 15.28 -9.07
C LEU B 602 -9.12 14.80 -10.15
N ALA B 603 -8.90 15.21 -11.42
CA ALA B 603 -9.82 14.92 -12.54
C ALA B 603 -9.81 13.42 -12.88
N GLU B 604 -8.70 12.74 -12.54
CA GLU B 604 -8.52 11.31 -12.90
C GLU B 604 -9.01 10.37 -11.77
N ARG B 605 -8.84 10.79 -10.51
CA ARG B 605 -9.02 9.89 -9.34
C ARG B 605 -10.13 10.38 -8.40
N GLY B 606 -10.29 11.71 -8.31
CA GLY B 606 -11.26 12.35 -7.39
C GLY B 606 -10.72 12.49 -5.98
N THR B 607 -9.40 12.30 -5.80
CA THR B 607 -8.74 12.39 -4.48
C THR B 607 -7.28 12.89 -4.66
N LEU B 608 -6.79 13.69 -3.69
CA LEU B 608 -5.41 14.22 -3.66
C LEU B 608 -4.76 13.89 -2.31
N GLU B 609 -3.40 13.90 -2.27
CA GLU B 609 -2.61 13.73 -1.02
C GLU B 609 -2.88 14.88 -0.02
N ASP B 610 -3.26 16.06 -0.56
CA ASP B 610 -3.63 17.23 0.24
C ASP B 610 -4.69 18.05 -0.54
N PRO B 611 -6.02 17.94 -0.17
CA PRO B 611 -7.09 18.74 -0.81
C PRO B 611 -7.15 20.20 -0.28
N ASN B 612 -6.50 20.44 0.87
CA ASN B 612 -6.58 21.72 1.62
C ASN B 612 -5.98 22.88 0.81
N LEU B 613 -4.78 22.63 0.28
CA LEU B 613 -4.00 23.58 -0.55
C LEU B 613 -4.78 23.94 -1.84
N PHE B 614 -5.39 22.92 -2.45
CA PHE B 614 -6.14 23.08 -3.72
C PHE B 614 -7.37 23.97 -3.52
N ILE B 615 -8.17 23.65 -2.50
CA ILE B 615 -9.44 24.35 -2.22
C ILE B 615 -9.19 25.78 -1.69
N ARG B 616 -8.06 25.98 -1.00
CA ARG B 616 -7.63 27.32 -0.54
C ARG B 616 -7.28 28.20 -1.76
N ARG B 617 -6.65 27.58 -2.79
CA ARG B 617 -6.37 28.23 -4.08
C ARG B 617 -7.69 28.50 -4.85
N MET B 618 -8.63 27.53 -4.82
CA MET B 618 -9.90 27.62 -5.58
C MET B 618 -10.74 28.81 -5.12
N ASN B 619 -10.98 28.90 -3.79
CA ASN B 619 -11.83 29.97 -3.21
C ASN B 619 -11.26 31.38 -3.49
N GLN B 620 -9.92 31.47 -3.52
CA GLN B 620 -9.21 32.70 -3.90
C GLN B 620 -9.46 33.04 -5.38
N LEU B 621 -9.45 32.01 -6.25
CA LEU B 621 -9.65 32.14 -7.71
C LEU B 621 -11.14 32.18 -8.10
N LEU B 622 -12.04 31.96 -7.12
CA LEU B 622 -13.51 32.08 -7.31
C LEU B 622 -13.97 33.51 -6.94
N VAL B 623 -13.32 34.09 -5.91
CA VAL B 623 -13.57 35.50 -5.52
C VAL B 623 -12.79 36.46 -6.44
N SER B 624 -11.67 35.97 -7.04
CA SER B 624 -10.83 36.74 -7.98
C SER B 624 -11.64 37.11 -9.25
N MET C 1 -8.44 24.92 26.52
CA MET C 1 -8.75 24.22 27.81
C MET C 1 -9.77 25.06 28.59
N ALA C 2 -9.31 26.15 29.26
CA ALA C 2 -10.19 27.21 29.77
C ALA C 2 -10.42 28.20 28.62
N THR C 3 -9.32 28.84 28.17
CA THR C 3 -9.28 29.60 26.91
C THR C 3 -8.86 28.61 25.76
N SER C 4 -8.06 29.09 24.78
CA SER C 4 -7.44 28.26 23.71
C SER C 4 -8.52 27.74 22.74
N THR C 5 -8.83 28.55 21.71
CA THR C 5 -9.86 28.22 20.70
C THR C 5 -9.35 27.14 19.72
N LEU C 6 -8.10 27.35 19.21
CA LEU C 6 -7.50 26.57 18.07
C LEU C 6 -8.43 26.60 16.82
N ILE C 7 -8.07 25.84 15.78
CA ILE C 7 -8.76 25.89 14.46
C ILE C 7 -8.69 24.54 13.73
N LYS C 8 -9.59 24.37 12.75
CA LYS C 8 -9.47 23.36 11.69
C LYS C 8 -8.40 23.87 10.70
N ALA C 9 -7.12 23.71 11.08
CA ALA C 9 -5.98 24.24 10.30
C ALA C 9 -5.67 23.33 9.11
N ILE C 10 -5.05 22.20 9.42
CA ILE C 10 -4.50 21.27 8.44
C ILE C 10 -5.23 19.94 8.57
N ASP C 11 -5.62 19.36 7.44
CA ASP C 11 -6.08 17.97 7.39
C ASP C 11 -4.96 17.13 6.77
N GLY C 12 -4.42 17.67 5.65
CA GLY C 12 -3.40 16.99 4.87
C GLY C 12 -3.94 15.77 4.15
N ASP C 13 -3.33 14.61 4.39
CA ASP C 13 -3.86 13.30 3.98
C ASP C 13 -5.10 12.97 4.83
N THR C 14 -4.90 12.95 6.15
CA THR C 14 -5.96 12.71 7.14
C THR C 14 -5.60 13.39 8.46
N VAL C 15 -6.57 14.13 9.07
CA VAL C 15 -6.39 14.76 10.41
C VAL C 15 -6.63 13.70 11.54
N LYS C 16 -6.16 12.46 11.29
CA LYS C 16 -6.18 11.34 12.24
C LYS C 16 -5.29 11.66 13.45
N LEU C 17 -4.26 12.54 13.20
CA LEU C 17 -3.27 13.00 14.19
C LEU C 17 -2.16 11.93 14.33
N MET C 18 -1.11 12.25 15.10
CA MET C 18 0.04 11.36 15.42
C MET C 18 -0.39 9.93 15.82
N TYR C 19 -0.60 9.08 14.81
CA TYR C 19 -0.92 7.65 14.94
C TYR C 19 0.11 6.85 14.13
N LYS C 20 -0.20 5.59 13.76
CA LYS C 20 0.66 4.75 12.90
C LYS C 20 2.05 4.51 13.54
N GLY C 21 2.09 4.59 14.88
CA GLY C 21 3.32 4.45 15.66
C GLY C 21 3.71 2.98 15.85
N GLN C 22 4.11 2.33 14.75
CA GLN C 22 4.51 0.92 14.76
C GLN C 22 5.91 0.78 15.42
N PRO C 23 6.08 -0.20 16.40
CA PRO C 23 7.39 -0.49 17.05
C PRO C 23 8.55 -0.61 16.05
N MET C 24 9.43 0.41 16.06
CA MET C 24 10.54 0.56 15.10
C MET C 24 11.83 0.89 15.86
N THR C 25 12.98 0.38 15.34
CA THR C 25 14.36 0.56 15.92
C THR C 25 14.47 0.19 17.45
N PHE C 26 15.59 0.53 18.12
CA PHE C 26 15.87 0.11 19.52
C PHE C 26 16.01 1.33 20.46
N ARG C 27 15.89 1.06 21.78
CA ARG C 27 15.97 2.11 22.82
C ARG C 27 17.44 2.44 23.17
N LEU C 28 17.84 3.71 22.96
CA LEU C 28 19.17 4.24 23.37
C LEU C 28 19.19 5.77 23.11
N LEU C 29 19.30 6.58 24.18
CA LEU C 29 19.56 8.04 24.05
C LEU C 29 20.21 8.56 25.35
N LEU C 30 19.60 8.24 26.51
CA LEU C 30 20.19 8.52 27.84
C LEU C 30 20.51 7.20 28.54
N VAL C 31 19.48 6.63 29.21
CA VAL C 31 19.63 5.42 30.04
C VAL C 31 18.22 4.83 30.30
N ASP C 32 17.43 4.74 29.20
CA ASP C 32 16.04 4.21 29.19
C ASP C 32 16.00 2.80 29.80
N THR C 33 16.46 1.82 29.03
CA THR C 33 16.59 0.43 29.45
C THR C 33 17.95 -0.08 28.91
N PRO C 34 18.90 -0.49 29.82
CA PRO C 34 20.25 -0.97 29.41
C PRO C 34 20.20 -2.18 28.44
N GLU C 35 20.47 -1.89 27.14
CA GLU C 35 20.55 -2.87 26.03
C GLU C 35 19.18 -3.53 25.73
N THR C 36 18.48 -3.02 24.70
CA THR C 36 17.15 -3.52 24.29
C THR C 36 17.24 -4.33 22.99
N LYS C 37 16.83 -5.62 23.07
CA LYS C 37 16.79 -6.56 21.93
C LYS C 37 16.04 -7.85 22.36
N HIS C 38 15.41 -8.54 21.40
CA HIS C 38 14.72 -9.82 21.62
C HIS C 38 14.97 -10.77 20.42
N PRO C 39 14.87 -12.13 20.61
CA PRO C 39 14.95 -13.12 19.49
C PRO C 39 13.86 -12.92 18.43
N LYS C 40 14.17 -13.28 17.17
CA LYS C 40 13.24 -13.14 16.02
C LYS C 40 13.32 -14.40 15.14
N LYS C 41 12.16 -14.97 14.83
CA LYS C 41 12.04 -16.21 14.02
C LYS C 41 10.80 -16.10 13.10
N GLY C 42 10.82 -16.85 11.96
CA GLY C 42 9.71 -16.82 11.00
C GLY C 42 9.83 -17.92 9.96
N VAL C 43 10.06 -19.17 10.41
CA VAL C 43 10.19 -20.34 9.53
C VAL C 43 8.81 -20.86 9.06
N GLU C 44 8.81 -21.48 7.88
CA GLU C 44 7.62 -22.15 7.29
C GLU C 44 8.07 -23.05 6.13
N LYS C 45 7.43 -24.22 5.97
CA LYS C 45 7.76 -25.19 4.91
C LYS C 45 6.69 -26.31 4.80
N TYR C 46 6.75 -27.06 3.67
CA TYR C 46 5.89 -28.23 3.41
C TYR C 46 6.39 -28.96 2.14
N GLY C 47 6.10 -30.27 2.02
CA GLY C 47 6.54 -31.09 0.88
C GLY C 47 5.54 -31.07 -0.29
N PRO C 48 6.01 -31.26 -1.58
CA PRO C 48 5.13 -31.40 -2.78
C PRO C 48 4.31 -32.73 -2.77
N GLU C 49 3.67 -33.05 -3.92
CA GLU C 49 2.87 -34.29 -4.09
C GLU C 49 3.17 -34.94 -5.46
N ALA C 50 2.67 -36.18 -5.66
CA ALA C 50 2.85 -36.95 -6.91
C ALA C 50 1.84 -38.10 -6.99
N SER C 51 1.12 -38.17 -8.14
CA SER C 51 0.22 -39.27 -8.50
C SER C 51 -0.20 -39.13 -9.98
N ALA C 52 0.12 -40.15 -10.80
CA ALA C 52 -0.22 -40.19 -12.24
C ALA C 52 -0.30 -41.66 -12.72
N PHE C 53 -0.86 -41.86 -13.94
CA PHE C 53 -0.88 -43.17 -14.63
C PHE C 53 -1.28 -42.92 -16.10
N THR C 54 -0.52 -43.48 -17.04
CA THR C 54 -0.71 -43.23 -18.48
C THR C 54 -1.07 -44.54 -19.22
N LYS C 55 -2.31 -44.57 -19.73
CA LYS C 55 -2.88 -45.70 -20.49
C LYS C 55 -4.27 -45.26 -21.02
N LYS C 56 -4.99 -46.15 -21.73
CA LYS C 56 -6.34 -45.86 -22.26
C LYS C 56 -7.19 -47.15 -22.30
N MET C 57 -8.53 -46.97 -22.23
CA MET C 57 -9.53 -48.07 -22.24
C MET C 57 -10.86 -47.55 -22.84
N VAL C 58 -11.50 -48.36 -23.72
CA VAL C 58 -12.80 -48.02 -24.33
C VAL C 58 -13.70 -49.29 -24.47
N GLU C 59 -14.74 -49.36 -23.61
CA GLU C 59 -15.76 -50.42 -23.69
C GLU C 59 -16.94 -50.03 -22.78
N ASN C 60 -18.18 -50.23 -23.24
CA ASN C 60 -19.38 -49.85 -22.46
C ASN C 60 -20.64 -50.50 -23.06
N ALA C 61 -21.69 -50.61 -22.22
CA ALA C 61 -23.02 -51.05 -22.67
C ALA C 61 -23.68 -49.90 -23.46
N LYS C 62 -23.68 -50.06 -24.79
CA LYS C 62 -24.03 -49.01 -25.76
C LYS C 62 -25.55 -48.79 -25.79
N LYS C 63 -26.01 -47.70 -25.15
CA LYS C 63 -27.44 -47.41 -24.99
C LYS C 63 -27.98 -46.67 -26.22
N ILE C 64 -28.39 -47.45 -27.23
CA ILE C 64 -28.94 -46.93 -28.49
C ILE C 64 -30.47 -46.74 -28.38
N GLU C 65 -30.91 -45.48 -28.53
CA GLU C 65 -32.34 -45.11 -28.49
C GLU C 65 -32.62 -44.00 -29.51
N VAL C 66 -33.92 -43.80 -29.78
CA VAL C 66 -34.42 -42.64 -30.55
C VAL C 66 -35.20 -41.74 -29.57
N GLU C 67 -35.04 -40.41 -29.70
CA GLU C 67 -35.73 -39.43 -28.85
C GLU C 67 -37.26 -39.56 -29.04
N PHE C 68 -37.74 -39.18 -30.25
CA PHE C 68 -39.15 -39.37 -30.69
C PHE C 68 -40.15 -38.41 -29.95
N ASP C 69 -39.72 -37.75 -28.86
CA ASP C 69 -40.52 -36.72 -28.17
C ASP C 69 -40.56 -35.45 -29.03
N LYS C 70 -41.55 -34.60 -28.80
CA LYS C 70 -41.80 -33.42 -29.64
C LYS C 70 -40.79 -32.29 -29.32
N GLY C 71 -40.08 -31.86 -30.37
CA GLY C 71 -39.11 -30.78 -30.27
C GLY C 71 -38.71 -30.29 -31.66
N GLN C 72 -38.32 -29.01 -31.75
CA GLN C 72 -37.97 -28.36 -33.02
C GLN C 72 -36.85 -27.32 -32.77
N ARG C 73 -35.66 -27.84 -32.44
CA ARG C 73 -34.41 -27.06 -32.33
C ARG C 73 -33.35 -27.75 -33.20
N THR C 74 -33.41 -27.49 -34.52
CA THR C 74 -32.36 -27.88 -35.48
C THR C 74 -31.37 -26.69 -35.64
N ASP C 75 -31.07 -26.08 -34.48
CA ASP C 75 -30.31 -24.81 -34.35
C ASP C 75 -28.81 -25.05 -34.57
N LYS C 76 -28.08 -23.99 -34.98
CA LYS C 76 -26.65 -24.07 -35.32
C LYS C 76 -25.77 -24.51 -34.13
N TYR C 77 -24.61 -25.07 -34.46
CA TYR C 77 -23.57 -25.42 -33.48
C TYR C 77 -22.46 -24.36 -33.53
N GLY C 78 -21.81 -24.27 -34.69
CA GLY C 78 -20.67 -23.40 -34.88
C GLY C 78 -19.37 -24.19 -35.00
N ARG C 79 -18.28 -23.64 -34.43
CA ARG C 79 -16.91 -24.17 -34.60
C ARG C 79 -16.07 -23.78 -33.37
N GLY C 80 -14.72 -23.91 -33.48
CA GLY C 80 -13.79 -23.53 -32.39
C GLY C 80 -14.10 -22.15 -31.80
N LEU C 81 -14.60 -22.13 -30.54
CA LEU C 81 -15.07 -20.92 -29.86
C LEU C 81 -14.46 -20.85 -28.44
N ALA C 82 -13.47 -19.94 -28.26
CA ALA C 82 -12.92 -19.54 -26.93
C ALA C 82 -12.31 -20.69 -26.10
N TYR C 83 -10.98 -20.94 -26.26
CA TYR C 83 -10.26 -22.03 -25.51
C TYR C 83 -8.86 -21.60 -24.98
N ILE C 84 -8.36 -20.39 -25.33
CA ILE C 84 -6.99 -19.96 -24.91
C ILE C 84 -7.04 -19.40 -23.45
N TYR C 85 -6.89 -18.05 -23.24
CA TYR C 85 -6.86 -17.43 -21.89
C TYR C 85 -7.28 -15.94 -21.95
N ALA C 86 -8.60 -15.72 -22.15
CA ALA C 86 -9.26 -14.38 -22.14
C ALA C 86 -8.70 -13.42 -23.20
N ASP C 87 -8.03 -13.99 -24.23
CA ASP C 87 -7.57 -13.29 -25.43
C ASP C 87 -6.84 -14.27 -26.35
N GLY C 88 -7.23 -14.27 -27.62
CA GLY C 88 -6.52 -14.98 -28.68
C GLY C 88 -6.28 -14.09 -29.89
N LYS C 89 -6.94 -12.91 -29.92
CA LYS C 89 -6.90 -11.96 -31.06
C LYS C 89 -7.68 -10.67 -30.73
N MET C 90 -8.71 -10.79 -29.88
CA MET C 90 -9.70 -9.72 -29.65
C MET C 90 -9.13 -8.48 -28.94
N VAL C 91 -8.51 -8.68 -27.75
CA VAL C 91 -8.00 -7.57 -26.92
C VAL C 91 -6.88 -6.79 -27.66
N ASN C 92 -7.28 -5.68 -28.29
CA ASN C 92 -6.37 -4.77 -29.01
C ASN C 92 -6.31 -3.42 -28.25
N GLU C 93 -5.90 -2.36 -28.95
CA GLU C 93 -5.92 -0.99 -28.44
C GLU C 93 -6.72 -0.10 -29.43
N ALA C 94 -7.98 0.16 -29.08
CA ALA C 94 -8.93 0.96 -29.90
C ALA C 94 -10.21 1.19 -29.10
N LEU C 95 -10.95 2.28 -29.41
CA LEU C 95 -12.25 2.57 -28.78
C LEU C 95 -13.07 3.52 -29.66
N VAL C 96 -12.74 4.82 -29.60
CA VAL C 96 -13.54 5.91 -30.22
C VAL C 96 -13.36 5.90 -31.76
N ARG C 97 -14.08 4.99 -32.40
CA ARG C 97 -13.92 4.69 -33.82
C ARG C 97 -14.85 5.59 -34.65
N GLN C 98 -14.59 6.92 -34.55
CA GLN C 98 -15.32 8.01 -35.24
C GLN C 98 -16.75 8.18 -34.66
N GLY C 99 -17.21 9.44 -34.52
CA GLY C 99 -18.50 9.74 -33.88
C GLY C 99 -19.34 10.75 -34.64
N LEU C 100 -20.58 10.93 -34.18
CA LEU C 100 -21.56 11.85 -34.79
C LEU C 100 -22.49 12.44 -33.73
N ALA C 101 -23.34 13.38 -34.14
CA ALA C 101 -24.39 13.97 -33.30
C ALA C 101 -25.51 14.50 -34.21
N LYS C 102 -26.48 13.62 -34.54
CA LYS C 102 -27.64 13.99 -35.38
C LYS C 102 -28.56 14.97 -34.61
N VAL C 103 -28.68 14.71 -33.28
CA VAL C 103 -29.43 15.54 -32.30
C VAL C 103 -30.97 15.41 -32.52
N ALA C 104 -31.69 15.28 -31.40
CA ALA C 104 -33.16 15.15 -31.34
C ALA C 104 -33.69 15.95 -30.12
N TYR C 105 -34.95 15.76 -29.72
CA TYR C 105 -35.52 16.44 -28.54
C TYR C 105 -36.54 15.53 -27.82
N VAL C 106 -36.40 15.39 -26.49
CA VAL C 106 -37.43 14.77 -25.62
C VAL C 106 -37.82 15.78 -24.52
N TYR C 107 -38.78 15.38 -23.66
CA TYR C 107 -39.23 16.18 -22.51
C TYR C 107 -39.63 15.24 -21.36
N LYS C 108 -39.84 15.82 -20.17
CA LYS C 108 -40.27 15.07 -18.97
C LYS C 108 -41.03 16.01 -18.01
N PRO C 109 -42.39 15.96 -17.97
CA PRO C 109 -43.19 16.67 -16.94
C PRO C 109 -43.21 15.91 -15.59
N ASN C 110 -43.47 16.66 -14.50
CA ASN C 110 -43.57 16.10 -13.13
C ASN C 110 -44.27 17.11 -12.20
N ASN C 111 -45.14 16.61 -11.31
CA ASN C 111 -45.85 17.42 -10.31
C ASN C 111 -45.91 16.69 -8.97
N THR C 112 -46.19 17.45 -7.90
CA THR C 112 -46.31 16.94 -6.52
C THR C 112 -47.79 17.05 -6.05
N HIS C 113 -48.14 16.27 -5.02
CA HIS C 113 -49.50 16.29 -4.41
C HIS C 113 -49.39 16.48 -2.90
N GLU C 114 -50.44 17.05 -2.29
CA GLU C 114 -50.49 17.36 -0.86
C GLU C 114 -51.80 16.74 -0.28
N GLN C 115 -51.75 16.29 0.99
CA GLN C 115 -52.90 15.67 1.66
C GLN C 115 -52.98 16.17 3.13
N HIS C 116 -54.10 16.84 3.46
CA HIS C 116 -54.35 17.36 4.82
C HIS C 116 -55.48 16.57 5.50
N LEU C 117 -55.25 16.21 6.78
CA LEU C 117 -56.27 15.53 7.62
C LEU C 117 -57.21 16.56 8.27
N ARG C 118 -58.22 16.06 9.01
CA ARG C 118 -59.13 16.89 9.83
C ARG C 118 -59.20 16.30 11.26
N LYS C 119 -59.72 17.08 12.21
CA LYS C 119 -59.83 16.66 13.63
C LYS C 119 -61.20 16.02 13.92
N SER C 120 -61.32 15.33 15.08
CA SER C 120 -62.53 14.57 15.44
C SER C 120 -62.81 14.71 16.95
N GLU C 121 -64.03 15.17 17.28
CA GLU C 121 -64.43 15.48 18.66
C GLU C 121 -65.45 14.43 19.18
N ALA C 122 -65.72 14.47 20.51
CA ALA C 122 -66.69 13.56 21.18
C ALA C 122 -67.36 14.28 22.37
N GLN C 123 -68.35 13.60 22.99
CA GLN C 123 -69.08 14.14 24.16
C GLN C 123 -69.41 13.00 25.15
N ALA C 124 -69.30 13.29 26.45
CA ALA C 124 -69.65 12.34 27.54
C ALA C 124 -70.95 12.78 28.25
N LYS C 125 -71.32 12.05 29.32
CA LYS C 125 -72.49 12.38 30.17
C LYS C 125 -72.33 11.73 31.56
N LYS C 126 -73.04 12.29 32.55
CA LYS C 126 -73.14 11.71 33.91
C LYS C 126 -74.58 11.23 34.15
N GLU C 127 -74.74 10.08 34.82
CA GLU C 127 -76.05 9.48 35.11
C GLU C 127 -76.16 9.16 36.62
N LYS C 128 -77.38 8.83 37.08
CA LYS C 128 -77.69 8.55 38.49
C LYS C 128 -78.88 7.59 38.60
N LEU C 129 -79.32 7.33 39.85
CA LEU C 129 -80.56 6.57 40.14
C LEU C 129 -81.26 7.23 41.32
N ASN C 130 -82.47 7.78 41.10
CA ASN C 130 -83.28 8.38 42.18
C ASN C 130 -84.09 7.31 42.94
N ILE C 131 -84.15 7.48 44.28
CA ILE C 131 -84.96 6.66 45.19
C ILE C 131 -85.07 7.41 46.54
N TRP C 132 -86.15 7.14 47.31
CA TRP C 132 -86.38 7.79 48.62
C TRP C 132 -85.18 7.59 49.58
N MET A 1 6.99 58.31 -13.77
CA MET A 1 7.26 59.46 -12.88
C MET A 1 8.05 58.97 -11.66
N LYS A 2 7.37 58.24 -10.75
CA LYS A 2 7.97 57.70 -9.51
C LYS A 2 7.83 56.17 -9.51
N GLY A 3 8.93 55.46 -9.24
CA GLY A 3 8.93 53.98 -9.14
C GLY A 3 8.94 53.49 -7.71
N GLN A 4 8.72 52.18 -7.53
CA GLN A 4 8.80 51.51 -6.22
C GLN A 4 9.69 50.23 -6.35
N GLU A 5 11.01 50.44 -6.16
CA GLU A 5 12.04 49.44 -6.48
C GLU A 5 12.03 48.29 -5.45
N THR A 6 11.87 47.05 -5.94
CA THR A 6 11.79 45.85 -5.10
C THR A 6 13.15 45.13 -5.03
N ARG A 7 13.56 44.72 -3.83
CA ARG A 7 14.78 43.92 -3.60
C ARG A 7 14.41 42.42 -3.49
N GLY A 8 15.22 41.56 -4.11
CA GLY A 8 15.02 40.11 -4.08
C GLY A 8 16.25 39.37 -4.57
N PHE A 9 16.87 38.56 -3.68
CA PHE A 9 18.09 37.79 -3.99
C PHE A 9 18.32 36.69 -2.92
N GLN A 10 19.28 35.78 -3.21
CA GLN A 10 19.75 34.67 -2.32
C GLN A 10 18.67 33.59 -2.09
N SER A 11 19.09 32.31 -2.12
CA SER A 11 18.23 31.17 -1.79
C SER A 11 19.06 30.12 -1.01
N GLU A 12 18.56 29.72 0.16
CA GLU A 12 19.24 28.73 1.05
C GLU A 12 18.80 27.29 0.71
N VAL A 13 18.57 27.05 -0.59
CA VAL A 13 18.00 25.79 -1.09
C VAL A 13 19.09 24.69 -1.20
N LYS A 14 18.84 23.53 -0.54
CA LYS A 14 19.70 22.32 -0.58
C LYS A 14 21.13 22.58 -0.04
N GLN A 15 22.09 21.71 -0.44
CA GLN A 15 23.49 21.76 0.03
C GLN A 15 24.30 22.79 -0.81
N LEU A 16 24.66 22.41 -2.06
CA LEU A 16 25.68 23.14 -2.89
C LEU A 16 25.38 24.63 -3.12
N LEU A 17 24.09 24.96 -3.36
CA LEU A 17 23.66 26.35 -3.61
C LEU A 17 23.82 27.20 -2.33
N HIS A 18 23.49 26.57 -1.19
CA HIS A 18 23.55 27.19 0.16
C HIS A 18 25.03 27.25 0.64
N LEU A 19 25.81 26.28 0.13
CA LEU A 19 27.23 26.09 0.47
C LEU A 19 28.04 27.31 0.01
N MET A 20 27.93 27.59 -1.31
CA MET A 20 28.74 28.63 -1.98
C MET A 20 28.45 30.05 -1.43
N ILE A 21 27.19 30.34 -1.06
CA ILE A 21 26.79 31.64 -0.49
C ILE A 21 27.60 31.96 0.78
N HIS A 22 27.77 30.93 1.62
CA HIS A 22 28.44 31.04 2.94
C HIS A 22 29.92 30.64 2.86
N SER A 23 30.36 30.15 1.67
CA SER A 23 31.79 29.94 1.36
C SER A 23 32.50 31.30 1.21
N LEU A 24 31.73 32.31 0.82
CA LEU A 24 32.14 33.72 0.83
C LEU A 24 32.45 34.18 2.27
N TYR A 25 31.43 33.96 3.15
CA TYR A 25 31.46 34.31 4.60
C TYR A 25 31.49 35.87 4.80
N SER A 26 31.42 36.61 3.66
CA SER A 26 31.59 38.08 3.59
C SER A 26 32.99 38.52 4.07
N ASN A 27 33.94 37.56 4.20
CA ASN A 27 35.24 37.85 4.85
C ASN A 27 36.41 37.37 3.96
N LYS A 28 36.11 36.41 3.04
CA LYS A 28 37.00 35.95 1.93
C LYS A 28 38.11 34.99 2.39
N GLU A 29 38.84 35.37 3.47
CA GLU A 29 40.06 34.66 3.99
C GLU A 29 39.83 33.18 4.38
N ILE A 30 38.55 32.79 4.47
CA ILE A 30 38.09 31.40 4.64
C ILE A 30 38.65 30.45 3.54
N PHE A 31 39.14 31.02 2.41
CA PHE A 31 39.80 30.25 1.34
C PHE A 31 41.13 29.63 1.83
N LEU A 32 41.89 30.40 2.64
CA LEU A 32 43.17 29.93 3.21
C LEU A 32 42.93 28.74 4.15
N ARG A 33 41.77 28.72 4.84
CA ARG A 33 41.39 27.59 5.72
C ARG A 33 41.33 26.30 4.93
N GLU A 34 40.67 26.39 3.77
CA GLU A 34 40.28 25.24 2.94
C GLU A 34 41.44 24.72 2.10
N LEU A 35 42.29 25.63 1.61
CA LEU A 35 43.50 25.26 0.84
C LEU A 35 44.49 24.51 1.75
N ILE A 36 44.71 25.05 2.96
CA ILE A 36 45.54 24.38 3.98
C ILE A 36 44.82 23.10 4.51
N SER A 37 43.47 23.12 4.52
CA SER A 37 42.64 21.96 4.95
C SER A 37 42.86 20.77 3.98
N ASN A 38 43.02 21.10 2.68
CA ASN A 38 43.28 20.09 1.63
C ASN A 38 44.73 19.58 1.72
N ALA A 39 45.60 20.41 2.34
CA ALA A 39 47.02 20.07 2.55
C ALA A 39 47.16 19.14 3.76
N SER A 40 46.39 19.44 4.82
CA SER A 40 46.34 18.64 6.06
C SER A 40 45.62 17.31 5.81
N ASP A 41 44.67 17.34 4.84
CA ASP A 41 43.93 16.15 4.40
C ASP A 41 44.85 15.25 3.55
N ALA A 42 45.68 15.88 2.70
CA ALA A 42 46.66 15.16 1.87
C ALA A 42 47.73 14.49 2.76
N ALA A 43 48.24 15.29 3.71
CA ALA A 43 49.35 14.88 4.59
C ALA A 43 48.99 13.68 5.49
N ASP A 44 47.77 13.72 6.07
CA ASP A 44 47.32 12.68 7.03
C ASP A 44 46.94 11.40 6.26
N LYS A 45 46.33 11.54 5.05
CA LYS A 45 46.05 10.37 4.18
C LYS A 45 47.35 9.65 3.75
N LEU A 46 48.47 10.42 3.62
CA LEU A 46 49.80 9.83 3.34
C LEU A 46 50.33 9.07 4.57
N ARG A 47 49.99 9.56 5.78
CA ARG A 47 50.39 8.90 7.04
C ARG A 47 49.75 7.50 7.14
N PHE A 48 48.54 7.32 6.56
CA PHE A 48 47.89 5.99 6.44
C PHE A 48 48.56 5.14 5.34
N ARG A 49 48.78 5.74 4.17
CA ARG A 49 49.36 5.04 3.01
C ARG A 49 50.80 4.57 3.32
N ALA A 50 51.49 5.32 4.20
CA ALA A 50 52.83 5.00 4.68
C ALA A 50 52.83 3.68 5.47
N LEU A 51 51.73 3.44 6.21
CA LEU A 51 51.54 2.19 6.98
C LEU A 51 51.36 0.99 6.04
N SER A 52 50.86 1.27 4.82
CA SER A 52 50.64 0.24 3.80
C SER A 52 51.90 0.07 2.92
N ASN A 53 52.79 1.10 2.94
CA ASN A 53 54.02 1.11 2.13
C ASN A 53 54.86 2.36 2.50
N PRO A 54 56.01 2.23 3.23
CA PRO A 54 56.86 3.38 3.65
C PRO A 54 57.50 4.13 2.46
N ASP A 55 57.64 3.41 1.33
CA ASP A 55 58.31 3.91 0.10
C ASP A 55 57.55 5.07 -0.56
N LEU A 56 56.26 5.24 -0.21
CA LEU A 56 55.41 6.32 -0.74
C LEU A 56 55.85 7.72 -0.22
N TYR A 57 56.78 7.71 0.76
CA TYR A 57 57.47 8.93 1.23
C TYR A 57 58.53 9.42 0.22
N GLU A 58 59.22 8.46 -0.42
CA GLU A 58 60.19 8.73 -1.51
C GLU A 58 61.32 9.67 -1.04
N GLY A 59 61.90 9.34 0.14
CA GLY A 59 62.99 10.12 0.75
C GLY A 59 62.48 11.10 1.81
N ASP A 60 61.44 11.88 1.47
CA ASP A 60 60.87 12.91 2.35
C ASP A 60 60.04 12.28 3.49
N GLY A 61 60.44 12.52 4.75
CA GLY A 61 59.69 12.06 5.92
C GLY A 61 59.00 13.19 6.69
N GLU A 62 59.22 14.44 6.27
CA GLU A 62 58.69 15.64 6.96
C GLU A 62 57.44 16.18 6.23
N LEU A 63 56.26 15.74 6.70
CA LEU A 63 54.96 16.26 6.24
C LEU A 63 54.84 17.75 6.64
N ARG A 64 54.48 18.62 5.68
CA ARG A 64 54.38 20.08 5.88
C ARG A 64 53.61 20.73 4.71
N VAL A 65 53.15 21.96 4.97
CA VAL A 65 52.57 22.83 3.94
C VAL A 65 53.25 24.20 4.03
N ARG A 66 53.73 24.68 2.88
CA ARG A 66 54.50 25.91 2.76
C ARG A 66 53.78 26.89 1.83
N VAL A 67 53.19 27.92 2.41
CA VAL A 67 52.55 29.02 1.68
C VAL A 67 53.63 30.02 1.22
N SER A 68 53.39 30.68 0.09
CA SER A 68 54.29 31.69 -0.49
C SER A 68 53.41 32.72 -1.19
N PHE A 69 53.86 33.98 -1.23
CA PHE A 69 53.10 35.06 -1.85
C PHE A 69 54.06 36.10 -2.45
N ASP A 70 53.84 36.42 -3.73
CA ASP A 70 54.59 37.47 -4.43
C ASP A 70 53.67 38.68 -4.55
N LYS A 71 54.08 39.77 -3.90
CA LYS A 71 53.26 40.97 -3.72
C LYS A 71 53.07 41.73 -5.05
N ASP A 72 54.16 41.86 -5.82
CA ASP A 72 54.15 42.57 -7.12
C ASP A 72 53.47 41.72 -8.22
N LYS A 73 53.92 40.47 -8.34
CA LYS A 73 53.46 39.51 -9.38
C LYS A 73 51.99 39.09 -9.12
N ARG A 74 51.53 39.28 -7.88
CA ARG A 74 50.14 39.01 -7.44
C ARG A 74 49.77 37.52 -7.59
N THR A 75 50.74 36.65 -7.24
CA THR A 75 50.53 35.19 -7.20
C THR A 75 50.73 34.67 -5.77
N LEU A 76 49.73 33.92 -5.30
CA LEU A 76 49.81 33.12 -4.06
C LEU A 76 50.21 31.67 -4.43
N THR A 77 50.81 30.92 -3.51
CA THR A 77 51.31 29.55 -3.76
C THR A 77 51.27 28.72 -2.47
N ILE A 78 50.42 27.66 -2.43
CA ILE A 78 50.32 26.73 -1.28
C ILE A 78 50.93 25.39 -1.72
N SER A 79 52.16 25.12 -1.23
CA SER A 79 52.92 23.92 -1.59
C SER A 79 52.80 22.89 -0.46
N ASP A 80 51.82 22.00 -0.63
CA ASP A 80 51.65 20.79 0.18
C ASP A 80 52.60 19.72 -0.35
N ASN A 81 53.30 18.99 0.55
CA ASN A 81 54.15 17.86 0.12
C ASN A 81 53.56 16.52 0.59
N GLY A 82 52.27 16.49 0.94
CA GLY A 82 51.61 15.27 1.47
C GLY A 82 51.38 14.18 0.42
N VAL A 83 50.21 13.50 0.47
CA VAL A 83 49.85 12.51 -0.57
C VAL A 83 49.41 13.22 -1.85
N GLY A 84 49.10 14.53 -1.73
CA GLY A 84 48.52 15.26 -2.83
C GLY A 84 47.10 14.79 -3.13
N MET A 85 46.81 14.65 -4.41
CA MET A 85 45.57 14.05 -4.90
C MET A 85 45.92 13.15 -6.08
N THR A 86 45.38 11.92 -6.09
CA THR A 86 45.48 11.01 -7.24
C THR A 86 44.58 11.56 -8.38
N ARG A 87 44.73 11.06 -9.62
CA ARG A 87 43.95 11.54 -10.80
C ARG A 87 42.44 11.44 -10.52
N ASP A 88 42.07 10.29 -9.95
CA ASP A 88 40.72 10.00 -9.46
C ASP A 88 40.26 11.08 -8.50
N GLU A 89 41.07 11.35 -7.47
CA GLU A 89 40.76 12.36 -6.42
C GLU A 89 40.52 13.75 -7.02
N VAL A 90 41.39 14.16 -7.97
CA VAL A 90 41.33 15.50 -8.60
C VAL A 90 39.97 15.71 -9.28
N ILE A 91 39.43 14.61 -9.86
CA ILE A 91 38.09 14.61 -10.48
C ILE A 91 36.98 14.58 -9.39
N ASP A 92 37.08 13.61 -8.45
CA ASP A 92 36.07 13.41 -7.36
C ASP A 92 35.93 14.64 -6.44
N HIS A 93 36.99 15.45 -6.35
CA HIS A 93 37.01 16.64 -5.49
C HIS A 93 36.72 17.90 -6.35
N LEU A 94 37.79 18.46 -6.94
CA LEU A 94 37.74 19.78 -7.60
C LEU A 94 36.98 19.71 -8.93
N GLY A 95 37.14 18.58 -9.66
CA GLY A 95 36.47 18.36 -10.94
C GLY A 95 34.95 18.33 -10.81
N THR A 96 34.44 17.71 -9.72
CA THR A 96 33.00 17.63 -9.45
C THR A 96 32.44 18.96 -8.95
N ILE A 97 33.34 19.89 -8.51
CA ILE A 97 32.90 21.25 -8.17
C ILE A 97 32.82 22.09 -9.47
N ALA A 98 33.79 21.83 -10.37
CA ALA A 98 33.94 22.55 -11.64
C ALA A 98 32.97 21.98 -12.71
N LYS A 99 33.42 21.01 -13.52
CA LYS A 99 32.57 20.35 -14.55
C LYS A 99 32.49 18.82 -14.32
N SER A 100 31.29 18.28 -14.02
CA SER A 100 31.03 16.82 -14.01
C SER A 100 29.58 16.51 -14.42
N GLY A 101 28.62 16.62 -13.47
CA GLY A 101 27.22 16.28 -13.71
C GLY A 101 26.71 15.27 -12.68
N THR A 102 27.05 15.53 -11.40
CA THR A 102 26.80 14.59 -10.29
C THR A 102 25.31 14.50 -9.92
N LYS A 103 24.54 15.55 -10.33
CA LYS A 103 23.07 15.64 -10.14
C LYS A 103 22.72 15.77 -8.64
N SER A 104 22.70 14.61 -7.95
CA SER A 104 22.37 14.47 -6.54
C SER A 104 22.83 13.06 -6.10
N PHE A 105 22.67 12.10 -7.03
CA PHE A 105 23.22 10.74 -6.94
C PHE A 105 24.05 10.42 -8.19
N LEU A 106 23.43 10.72 -9.36
CA LEU A 106 24.02 10.55 -10.71
C LEU A 106 22.89 10.78 -11.73
N GLU A 107 23.26 11.31 -12.90
CA GLU A 107 22.32 11.65 -13.99
C GLU A 107 21.80 10.42 -14.79
N SER A 108 22.12 9.17 -14.34
CA SER A 108 21.76 7.95 -15.11
C SER A 108 21.55 6.71 -14.21
N LEU A 109 22.59 6.28 -13.46
CA LEU A 109 22.51 5.05 -12.60
C LEU A 109 22.08 5.43 -11.17
N GLY A 110 22.30 6.70 -10.80
CA GLY A 110 21.85 7.23 -9.51
C GLY A 110 22.54 6.61 -8.29
N SER A 111 23.83 6.23 -8.43
CA SER A 111 24.62 5.65 -7.32
C SER A 111 26.13 5.90 -7.49
N ASP A 112 26.61 5.86 -8.76
CA ASP A 112 28.06 5.91 -9.08
C ASP A 112 28.73 7.19 -8.52
N GLN A 113 28.18 8.36 -8.89
CA GLN A 113 28.71 9.67 -8.43
C GLN A 113 28.00 10.15 -7.15
N ALA A 114 27.39 9.21 -6.36
CA ALA A 114 26.68 9.55 -5.10
C ALA A 114 27.64 9.53 -3.88
N LYS A 115 28.95 9.61 -4.16
CA LYS A 115 30.01 9.81 -3.16
C LYS A 115 30.71 11.15 -3.43
N ASP A 116 29.89 12.13 -3.85
CA ASP A 116 30.35 13.45 -4.32
C ASP A 116 30.13 14.48 -3.19
N SER A 117 28.97 14.36 -2.53
CA SER A 117 28.45 15.33 -1.55
C SER A 117 29.37 15.47 -0.32
N GLN A 118 29.99 14.34 0.08
CA GLN A 118 30.96 14.29 1.20
C GLN A 118 32.22 15.13 0.87
N LEU A 119 32.57 15.16 -0.42
CA LEU A 119 33.76 15.85 -0.94
C LEU A 119 33.42 17.31 -1.32
N ILE A 120 32.15 17.56 -1.66
CA ILE A 120 31.66 18.92 -1.98
C ILE A 120 31.59 19.78 -0.70
N GLY A 121 31.25 19.12 0.43
CA GLY A 121 31.21 19.78 1.75
C GLY A 121 32.52 20.45 2.16
N GLN A 122 33.65 19.93 1.63
CA GLN A 122 35.00 20.50 1.88
C GLN A 122 35.46 21.35 0.66
N PHE A 123 35.70 20.66 -0.47
CA PHE A 123 36.37 21.24 -1.66
C PHE A 123 35.48 22.23 -2.42
N GLY A 124 34.15 22.16 -2.20
CA GLY A 124 33.20 23.09 -2.80
C GLY A 124 33.28 24.48 -2.18
N VAL A 125 33.55 24.50 -0.86
CA VAL A 125 33.78 25.74 -0.09
C VAL A 125 35.07 26.41 -0.59
N GLY A 126 36.13 25.59 -0.66
CA GLY A 126 37.48 26.04 -1.06
C GLY A 126 37.56 26.61 -2.47
N PHE A 127 36.82 25.97 -3.40
CA PHE A 127 36.76 26.39 -4.82
C PHE A 127 36.22 27.83 -4.95
N TYR A 128 34.99 28.03 -4.43
CA TYR A 128 34.26 29.30 -4.55
C TYR A 128 35.04 30.46 -3.88
N SER A 129 35.45 30.23 -2.62
CA SER A 129 36.13 31.25 -1.78
C SER A 129 37.49 31.67 -2.41
N ALA A 130 38.20 30.68 -2.99
CA ALA A 130 39.47 30.91 -3.71
C ALA A 130 39.25 31.86 -4.89
N PHE A 131 38.18 31.62 -5.66
CA PHE A 131 37.86 32.43 -6.86
C PHE A 131 37.17 33.77 -6.54
N ILE A 132 36.94 34.04 -5.25
CA ILE A 132 36.53 35.39 -4.81
C ILE A 132 37.76 36.31 -4.84
N VAL A 133 38.90 35.79 -4.34
CA VAL A 133 40.16 36.55 -4.22
C VAL A 133 41.10 36.30 -5.42
N ALA A 134 40.87 35.21 -6.18
CA ALA A 134 41.77 34.78 -7.27
C ALA A 134 41.01 34.72 -8.60
N ASP A 135 41.69 35.17 -9.66
CA ASP A 135 41.17 35.14 -11.03
C ASP A 135 41.43 33.74 -11.64
N LYS A 136 42.61 33.20 -11.32
CA LYS A 136 43.15 31.97 -11.92
C LYS A 136 43.74 31.09 -10.81
N VAL A 137 43.16 29.89 -10.59
CA VAL A 137 43.70 28.90 -9.63
C VAL A 137 44.23 27.69 -10.41
N THR A 138 45.56 27.57 -10.43
CA THR A 138 46.29 26.46 -11.05
C THR A 138 46.70 25.46 -9.95
N VAL A 139 46.09 24.25 -9.95
CA VAL A 139 46.46 23.17 -9.02
C VAL A 139 47.20 22.07 -9.81
N ARG A 140 48.49 21.94 -9.52
CA ARG A 140 49.35 20.90 -10.09
C ARG A 140 49.83 19.98 -8.96
N THR A 141 49.18 18.84 -8.82
CA THR A 141 49.49 17.86 -7.78
C THR A 141 50.25 16.66 -8.39
N ARG A 142 50.78 15.81 -7.51
CA ARG A 142 51.38 14.52 -7.88
C ARG A 142 51.24 13.62 -6.66
N ALA A 143 50.37 12.61 -6.77
CA ALA A 143 50.07 11.67 -5.69
C ALA A 143 51.33 10.90 -5.23
N ALA A 144 51.46 10.74 -3.90
CA ALA A 144 52.64 10.16 -3.26
C ALA A 144 52.80 8.67 -3.59
N GLY A 145 54.02 8.30 -4.03
CA GLY A 145 54.33 6.94 -4.42
C GLY A 145 53.93 6.61 -5.85
N GLU A 146 53.07 7.46 -6.44
CA GLU A 146 52.67 7.32 -7.84
C GLU A 146 53.74 7.95 -8.73
N LYS A 147 53.83 7.47 -9.97
CA LYS A 147 54.85 7.89 -10.93
C LYS A 147 54.68 9.39 -11.24
N PRO A 148 55.81 10.18 -11.34
CA PRO A 148 55.76 11.64 -11.65
C PRO A 148 55.04 11.93 -13.00
N GLU A 149 55.11 10.95 -13.91
CA GLU A 149 54.39 10.95 -15.20
C GLU A 149 52.85 11.02 -15.01
N ASN A 150 52.38 10.47 -13.88
CA ASN A 150 50.97 10.48 -13.47
C ASN A 150 50.69 11.61 -12.47
N GLY A 151 51.53 12.68 -12.52
CA GLY A 151 51.19 13.95 -11.87
C GLY A 151 50.02 14.56 -12.59
N VAL A 152 49.15 15.28 -11.86
CA VAL A 152 47.87 15.74 -12.43
C VAL A 152 47.82 17.27 -12.41
N PHE A 153 47.56 17.83 -13.58
CA PHE A 153 47.30 19.25 -13.77
C PHE A 153 45.80 19.49 -13.65
N TRP A 154 45.44 20.58 -13.00
CA TRP A 154 44.07 21.05 -12.87
C TRP A 154 44.12 22.59 -12.88
N GLU A 155 43.12 23.21 -13.48
CA GLU A 155 43.00 24.68 -13.52
C GLU A 155 41.59 25.08 -13.93
N SER A 156 41.09 26.20 -13.39
CA SER A 156 39.83 26.80 -13.83
C SER A 156 39.86 28.32 -13.65
N ALA A 157 38.88 28.99 -14.27
CA ALA A 157 38.68 30.45 -14.16
C ALA A 157 37.63 30.78 -13.07
N GLY A 158 36.88 29.76 -12.62
CA GLY A 158 35.86 29.90 -11.57
C GLY A 158 34.46 29.54 -12.03
N GLU A 159 34.30 29.36 -13.35
CA GLU A 159 33.04 28.90 -13.97
C GLU A 159 32.93 27.35 -13.82
N GLY A 160 31.88 26.76 -14.38
CA GLY A 160 31.72 25.31 -14.47
C GLY A 160 32.58 24.67 -15.57
N GLU A 161 33.90 24.89 -15.48
CA GLU A 161 34.90 24.38 -16.42
C GLU A 161 36.20 24.03 -15.68
N TYR A 162 37.06 23.25 -16.34
CA TYR A 162 38.39 22.88 -15.82
C TYR A 162 39.29 22.35 -16.96
N THR A 163 40.59 22.32 -16.67
CA THR A 163 41.62 21.79 -17.56
C THR A 163 42.41 20.73 -16.76
N VAL A 164 42.06 19.45 -16.97
CA VAL A 164 42.73 18.31 -16.33
C VAL A 164 43.59 17.57 -17.38
N ALA A 165 44.86 17.28 -17.03
CA ALA A 165 45.83 16.62 -17.94
C ALA A 165 46.93 15.92 -17.14
N ASP A 166 47.40 14.75 -17.63
CA ASP A 166 48.53 14.03 -17.01
C ASP A 166 49.84 14.67 -17.44
N ILE A 167 50.56 15.22 -16.46
CA ILE A 167 51.81 15.94 -16.63
C ILE A 167 52.90 15.31 -15.75
N THR A 168 54.14 15.75 -15.94
CA THR A 168 55.28 15.32 -15.13
C THR A 168 55.53 16.34 -14.01
N LYS A 169 55.42 15.88 -12.75
CA LYS A 169 55.77 16.68 -11.55
C LYS A 169 56.75 15.89 -10.68
N GLU A 170 57.99 16.41 -10.56
CA GLU A 170 59.08 15.77 -9.81
C GLU A 170 58.82 15.76 -8.28
N ASP A 171 58.03 16.73 -7.81
CA ASP A 171 57.73 16.90 -6.37
C ASP A 171 56.59 15.97 -5.93
N ARG A 172 56.53 15.73 -4.62
CA ARG A 172 55.45 14.96 -3.96
C ARG A 172 54.41 15.96 -3.41
N GLY A 173 53.11 15.61 -3.46
CA GLY A 173 52.05 16.45 -2.85
C GLY A 173 51.40 17.41 -3.83
N THR A 174 50.73 18.46 -3.29
CA THR A 174 49.91 19.39 -4.09
C THR A 174 50.59 20.77 -4.18
N GLU A 175 50.92 21.19 -5.41
CA GLU A 175 51.48 22.52 -5.71
C GLU A 175 50.34 23.41 -6.25
N ILE A 176 49.84 24.31 -5.41
CA ILE A 176 48.74 25.23 -5.77
C ILE A 176 49.33 26.62 -6.01
N THR A 177 48.87 27.32 -7.07
CA THR A 177 49.30 28.68 -7.40
C THR A 177 48.09 29.49 -7.91
N LEU A 178 47.67 30.49 -7.13
CA LEU A 178 46.50 31.33 -7.43
C LEU A 178 47.00 32.70 -7.87
N HIS A 179 46.87 33.05 -9.17
CA HIS A 179 47.07 34.44 -9.58
C HIS A 179 45.86 35.24 -9.07
N LEU A 180 46.08 35.94 -7.94
CA LEU A 180 45.05 36.74 -7.29
C LEU A 180 44.59 37.90 -8.19
N ARG A 181 43.31 38.26 -8.03
CA ARG A 181 42.71 39.44 -8.66
C ARG A 181 43.45 40.72 -8.19
N GLU A 182 43.62 41.67 -9.10
CA GLU A 182 44.24 42.97 -8.82
C GLU A 182 43.28 43.79 -7.93
N GLY A 183 43.75 44.11 -6.71
CA GLY A 183 42.90 44.65 -5.66
C GLY A 183 42.90 43.73 -4.45
N GLU A 184 43.02 42.40 -4.70
CA GLU A 184 43.09 41.36 -3.64
C GLU A 184 44.54 41.15 -3.18
N ASP A 185 45.31 42.26 -3.19
CA ASP A 185 46.71 42.30 -2.73
C ASP A 185 46.78 42.52 -1.21
N GLU A 186 45.58 42.61 -0.59
CA GLU A 186 45.37 42.48 0.87
C GLU A 186 45.93 41.13 1.37
N PHE A 187 45.74 40.09 0.54
CA PHE A 187 46.21 38.72 0.82
C PHE A 187 47.63 38.48 0.28
N LEU A 188 48.35 39.59 0.00
CA LEU A 188 49.78 39.60 -0.35
C LEU A 188 50.57 40.42 0.68
N ASP A 189 49.89 41.07 1.65
CA ASP A 189 50.59 41.79 2.72
C ASP A 189 51.01 40.78 3.79
N ASP A 190 52.26 40.89 4.25
CA ASP A 190 52.92 39.87 5.07
C ASP A 190 52.20 39.65 6.41
N TRP A 191 52.03 40.75 7.19
CA TRP A 191 51.41 40.67 8.55
C TRP A 191 49.98 40.08 8.46
N ARG A 192 49.28 40.43 7.36
CA ARG A 192 47.87 40.09 7.15
C ARG A 192 47.72 38.58 7.00
N VAL A 193 48.49 38.01 6.06
CA VAL A 193 48.45 36.56 5.79
C VAL A 193 48.94 35.78 7.02
N ARG A 194 49.99 36.29 7.72
CA ARG A 194 50.54 35.69 8.98
C ARG A 194 49.46 35.50 10.06
N SER A 195 48.61 36.53 10.22
CA SER A 195 47.53 36.55 11.21
C SER A 195 46.42 35.54 10.81
N ILE A 196 46.12 35.48 9.50
CA ILE A 196 45.11 34.55 8.94
C ILE A 196 45.66 33.09 8.93
N ILE A 197 47.01 32.94 8.86
CA ILE A 197 47.68 31.62 8.96
C ILE A 197 47.47 31.10 10.38
N SER A 198 47.77 31.93 11.39
CA SER A 198 47.61 31.57 12.83
C SER A 198 46.17 31.13 13.15
N LYS A 199 45.22 31.90 12.57
CA LYS A 199 43.76 31.73 12.73
C LYS A 199 43.30 30.29 12.44
N TYR A 200 44.04 29.59 11.54
CA TYR A 200 43.68 28.24 11.08
C TYR A 200 44.70 27.20 11.54
N SER A 201 45.99 27.57 11.44
CA SER A 201 47.12 26.65 11.65
C SER A 201 47.14 26.11 13.08
N ASP A 202 46.65 26.94 14.03
CA ASP A 202 46.57 26.57 15.46
C ASP A 202 45.76 25.27 15.65
N HIS A 203 44.63 25.15 14.90
CA HIS A 203 43.74 23.98 15.02
C HIS A 203 44.24 22.77 14.19
N ILE A 204 45.38 22.94 13.50
CA ILE A 204 45.93 21.94 12.56
C ILE A 204 47.20 21.32 13.18
N ALA A 205 47.41 20.02 12.94
CA ALA A 205 48.57 19.27 13.46
C ALA A 205 49.76 19.33 12.47
N LEU A 206 49.45 19.67 11.20
CA LEU A 206 50.42 19.72 10.09
C LEU A 206 51.16 21.08 10.11
N PRO A 207 52.54 21.11 10.26
CA PRO A 207 53.33 22.37 10.29
C PRO A 207 53.08 23.28 9.05
N VAL A 208 52.25 24.32 9.27
CA VAL A 208 51.92 25.34 8.28
C VAL A 208 52.97 26.45 8.34
N GLU A 209 53.94 26.32 7.43
CA GLU A 209 54.97 27.31 7.19
C GLU A 209 54.50 28.28 6.10
N ILE A 210 55.16 29.44 6.02
CA ILE A 210 54.89 30.46 5.01
C ILE A 210 56.19 31.23 4.73
N GLU A 211 56.38 31.62 3.47
CA GLU A 211 57.61 32.24 2.98
C GLU A 211 57.80 33.65 3.58
N LYS A 212 59.02 33.86 4.09
CA LYS A 212 59.51 35.17 4.51
C LYS A 212 60.60 35.56 3.51
N ARG A 213 60.18 36.14 2.38
CA ARG A 213 61.14 36.62 1.37
C ARG A 213 61.53 38.08 1.69
N GLU A 214 62.83 38.31 1.85
CA GLU A 214 63.40 39.63 2.04
C GLU A 214 63.98 40.06 0.70
N GLU A 215 63.19 40.87 -0.02
CA GLU A 215 63.61 41.45 -1.29
C GLU A 215 64.56 42.62 -0.99
N LYS A 216 65.83 42.25 -0.80
CA LYS A 216 66.90 43.15 -0.37
C LYS A 216 67.95 43.27 -1.49
N ASP A 217 68.56 44.45 -1.62
CA ASP A 217 69.52 44.74 -2.71
C ASP A 217 70.76 43.81 -2.62
N GLY A 218 70.81 42.82 -3.52
CA GLY A 218 71.90 41.84 -3.58
C GLY A 218 71.51 40.46 -3.05
N GLU A 219 70.50 40.40 -2.15
CA GLU A 219 70.06 39.15 -1.52
C GLU A 219 68.53 38.98 -1.63
N THR A 220 68.08 38.00 -2.44
CA THR A 220 66.68 37.54 -2.41
C THR A 220 66.60 36.39 -1.39
N VAL A 221 66.54 36.75 -0.10
CA VAL A 221 66.49 35.78 1.01
C VAL A 221 65.08 35.17 1.07
N ILE A 222 64.96 33.84 1.11
CA ILE A 222 63.67 33.14 1.26
C ILE A 222 63.75 32.23 2.49
N SER A 223 62.85 32.46 3.45
CA SER A 223 62.74 31.66 4.69
C SER A 223 61.36 30.98 4.75
N TRP A 224 61.18 30.07 5.72
CA TRP A 224 59.89 29.36 5.94
C TRP A 224 59.56 29.41 7.44
N GLU A 225 58.54 30.22 7.78
CA GLU A 225 58.12 30.48 9.17
C GLU A 225 56.86 29.68 9.48
N LYS A 226 56.94 28.71 10.41
CA LYS A 226 55.74 27.99 10.89
C LYS A 226 55.06 28.78 12.02
N ILE A 227 53.83 29.26 11.75
CA ILE A 227 52.98 29.92 12.78
C ILE A 227 52.03 28.83 13.39
N ASN A 228 52.18 27.60 12.89
CA ASN A 228 51.51 26.43 13.44
C ASN A 228 52.33 25.87 14.60
N LYS A 229 51.64 25.55 15.70
CA LYS A 229 52.20 24.90 16.90
C LYS A 229 52.78 23.50 16.58
N ALA A 230 52.26 22.90 15.49
CA ALA A 230 52.74 21.64 14.88
C ALA A 230 52.62 20.46 15.85
N GLN A 231 51.54 20.50 16.63
CA GLN A 231 51.22 19.49 17.63
C GLN A 231 49.80 18.98 17.37
N ALA A 232 49.60 17.69 17.66
CA ALA A 232 48.29 17.02 17.56
C ALA A 232 47.27 17.72 18.49
N LEU A 233 46.23 18.34 17.86
CA LEU A 233 45.19 19.13 18.58
C LEU A 233 44.59 18.30 19.71
N TRP A 234 44.12 17.11 19.34
CA TRP A 234 43.45 16.18 20.26
C TRP A 234 44.33 15.83 21.48
N THR A 235 45.65 15.66 21.24
CA THR A 235 46.60 15.26 22.29
C THR A 235 46.90 16.43 23.27
N ARG A 236 46.72 17.69 22.80
CA ARG A 236 46.76 18.89 23.70
C ARG A 236 45.61 18.85 24.73
N ASN A 237 45.72 19.63 25.83
CA ASN A 237 44.73 19.62 26.92
C ASN A 237 43.53 20.54 26.60
N LYS A 238 42.38 20.18 27.20
CA LYS A 238 41.07 20.85 27.02
C LYS A 238 41.14 22.38 27.25
N SER A 239 41.97 22.78 28.22
CA SER A 239 42.16 24.18 28.60
C SER A 239 43.02 24.96 27.57
N GLU A 240 44.01 24.26 26.98
CA GLU A 240 44.97 24.89 26.05
C GLU A 240 44.34 25.13 24.68
N ILE A 241 43.30 24.34 24.37
CA ILE A 241 42.54 24.47 23.11
C ILE A 241 41.31 25.36 23.36
N THR A 242 41.22 26.52 22.68
CA THR A 242 40.04 27.41 22.77
C THR A 242 38.89 26.90 21.87
N ASP A 243 37.71 27.55 21.99
CA ASP A 243 36.50 27.17 21.24
C ASP A 243 36.75 27.21 19.73
N GLU A 244 37.47 28.25 19.26
CA GLU A 244 37.75 28.47 17.83
C GLU A 244 38.60 27.32 17.24
N GLU A 245 39.56 26.83 18.04
CA GLU A 245 40.43 25.71 17.65
C GLU A 245 39.60 24.43 17.49
N TYR A 246 38.71 24.15 18.47
CA TYR A 246 37.77 22.99 18.42
C TYR A 246 36.87 23.04 17.18
N LYS A 247 36.09 24.11 17.10
CA LYS A 247 34.95 24.24 16.18
C LYS A 247 35.40 24.33 14.71
N GLU A 248 36.59 24.89 14.49
CA GLU A 248 37.16 25.02 13.13
C GLU A 248 37.81 23.68 12.71
N PHE A 249 38.35 22.93 13.70
CA PHE A 249 38.93 21.58 13.48
C PHE A 249 37.84 20.57 13.10
N TYR A 250 36.63 20.76 13.68
CA TYR A 250 35.43 20.00 13.31
C TYR A 250 35.22 20.02 11.79
N LYS A 251 35.33 21.21 11.19
CA LYS A 251 35.00 21.47 9.78
C LYS A 251 35.97 20.74 8.82
N HIS A 252 37.21 20.48 9.29
CA HIS A 252 38.18 19.63 8.54
C HIS A 252 37.76 18.15 8.63
N ILE A 253 37.59 17.68 9.88
CA ILE A 253 37.39 16.25 10.19
C ILE A 253 35.97 15.77 9.85
N ALA A 254 35.08 16.73 9.51
CA ALA A 254 33.70 16.47 9.07
C ALA A 254 33.61 16.45 7.54
N HIS A 255 34.53 17.18 6.89
CA HIS A 255 34.40 17.58 5.47
C HIS A 255 33.07 18.36 5.29
N ASP A 256 32.93 19.39 6.14
CA ASP A 256 31.82 20.38 6.13
C ASP A 256 32.43 21.77 6.37
N PHE A 257 31.57 22.75 6.62
CA PHE A 257 31.97 24.08 7.12
C PHE A 257 31.00 24.59 8.21
N ASN A 258 30.07 23.69 8.60
CA ASN A 258 29.04 23.98 9.60
C ASN A 258 29.69 24.21 10.98
N ASP A 259 29.29 25.31 11.64
CA ASP A 259 29.86 25.70 12.93
C ASP A 259 29.13 24.95 14.06
N PRO A 260 29.81 23.96 14.75
CA PRO A 260 29.12 22.95 15.59
C PRO A 260 28.49 23.55 16.86
N LEU A 261 27.52 22.80 17.41
CA LEU A 261 26.75 23.21 18.59
C LEU A 261 27.61 23.08 19.87
N THR A 262 28.16 21.89 20.09
CA THR A 262 29.01 21.61 21.26
C THR A 262 30.06 20.54 20.92
N TRP A 263 31.00 20.35 21.86
CA TRP A 263 32.11 19.41 21.75
C TRP A 263 32.31 18.70 23.10
N SER A 264 32.93 17.52 23.06
CA SER A 264 33.27 16.73 24.24
C SER A 264 34.68 16.17 24.07
N HIS A 265 35.67 16.91 24.60
CA HIS A 265 37.08 16.50 24.54
C HIS A 265 37.43 15.74 25.82
N ASN A 266 37.88 14.50 25.68
CA ASN A 266 38.30 13.65 26.80
C ASN A 266 39.55 12.87 26.35
N ARG A 267 40.65 12.95 27.10
CA ARG A 267 41.81 12.06 26.89
C ARG A 267 41.99 11.17 28.13
N VAL A 268 42.14 9.86 27.88
CA VAL A 268 42.16 8.81 28.90
C VAL A 268 43.43 7.96 28.73
N GLU A 269 44.16 7.72 29.82
CA GLU A 269 45.29 6.76 29.86
C GLU A 269 44.88 5.52 30.68
N GLY A 270 45.72 4.47 30.65
CA GLY A 270 45.55 3.28 31.49
C GLY A 270 45.50 2.01 30.67
N LYS A 271 44.37 1.27 30.76
CA LYS A 271 44.17 0.02 30.01
C LYS A 271 43.92 0.32 28.52
N GLN A 272 42.99 1.24 28.27
CA GLN A 272 42.76 1.81 26.94
C GLN A 272 43.16 3.30 26.97
N GLU A 273 44.39 3.58 26.52
CA GLU A 273 44.88 4.95 26.36
C GLU A 273 44.35 5.49 25.04
N TYR A 274 43.24 6.21 25.11
CA TYR A 274 42.58 6.77 23.93
C TYR A 274 42.30 8.27 24.14
N THR A 275 42.57 9.05 23.11
CA THR A 275 42.13 10.43 23.03
C THR A 275 40.84 10.49 22.21
N SER A 276 39.73 10.83 22.86
CA SER A 276 38.45 11.05 22.16
C SER A 276 38.18 12.56 22.07
N LEU A 277 37.68 12.97 20.92
CA LEU A 277 37.25 14.36 20.69
C LEU A 277 35.97 14.30 19.85
N LEU A 278 34.84 14.47 20.55
CA LEU A 278 33.49 14.35 19.99
C LEU A 278 32.95 15.74 19.66
N TYR A 279 32.02 15.81 18.70
CA TYR A 279 31.35 17.05 18.27
C TYR A 279 29.88 16.75 17.94
N ILE A 280 29.05 17.81 18.03
CA ILE A 280 27.65 17.80 17.65
C ILE A 280 27.46 18.81 16.49
N PRO A 281 27.10 18.32 15.24
CA PRO A 281 26.80 19.20 14.08
C PRO A 281 25.59 20.14 14.32
N SER A 282 25.51 21.22 13.52
CA SER A 282 24.47 22.26 13.62
C SER A 282 23.11 21.74 13.17
N GLN A 283 23.15 20.84 12.19
CA GLN A 283 21.99 20.27 11.52
C GLN A 283 22.40 18.89 10.97
N ALA A 284 21.41 18.03 10.69
CA ALA A 284 21.65 16.77 10.00
C ALA A 284 22.16 17.05 8.57
N PRO A 285 23.41 16.57 8.20
CA PRO A 285 23.90 16.65 6.81
C PRO A 285 22.96 15.89 5.84
N TRP A 286 23.14 16.12 4.53
CA TRP A 286 22.23 15.57 3.50
C TRP A 286 22.20 14.02 3.58
N ASP A 287 23.39 13.43 3.77
CA ASP A 287 23.59 11.95 3.72
C ASP A 287 23.54 11.32 5.11
N MET A 288 22.92 12.02 6.07
CA MET A 288 22.84 11.56 7.47
C MET A 288 21.88 10.38 7.61
N TRP A 289 20.84 10.37 6.75
CA TRP A 289 19.80 9.33 6.74
C TRP A 289 19.85 8.53 5.43
N ASN A 290 20.92 8.74 4.65
CA ASN A 290 21.13 8.06 3.35
C ASN A 290 21.86 6.71 3.57
N ARG A 291 21.96 5.89 2.50
CA ARG A 291 22.63 4.58 2.56
C ARG A 291 24.17 4.74 2.55
N ASP A 292 24.66 5.94 2.15
CA ASP A 292 26.11 6.23 2.12
C ASP A 292 26.55 6.84 3.46
N HIS A 293 27.87 6.78 3.73
CA HIS A 293 28.45 7.21 5.02
C HIS A 293 28.54 8.75 5.10
N LYS A 294 28.25 9.29 6.29
CA LYS A 294 28.49 10.70 6.64
C LYS A 294 28.70 10.80 8.16
N HIS A 295 28.04 9.90 8.90
CA HIS A 295 28.35 9.68 10.33
C HIS A 295 29.66 8.89 10.49
N GLY A 296 30.50 9.26 11.48
CA GLY A 296 31.76 8.54 11.75
C GLY A 296 32.88 9.45 12.24
N LEU A 297 33.92 8.83 12.83
CA LEU A 297 35.07 9.55 13.42
C LEU A 297 36.36 9.15 12.68
N LYS A 298 37.26 10.12 12.41
CA LYS A 298 38.61 9.83 11.85
C LYS A 298 39.45 9.04 12.88
N LEU A 299 39.77 7.78 12.57
CA LEU A 299 40.62 6.95 13.42
C LEU A 299 42.09 7.34 13.23
N TYR A 300 42.76 7.56 14.37
CA TYR A 300 44.21 7.73 14.49
C TYR A 300 44.72 6.67 15.48
N VAL A 301 45.87 6.07 15.19
CA VAL A 301 46.61 5.24 16.14
C VAL A 301 48.01 5.83 16.35
N GLN A 302 48.28 6.30 17.59
CA GLN A 302 49.57 6.88 18.00
C GLN A 302 49.86 8.19 17.21
N ARG A 303 48.77 8.97 16.99
CA ARG A 303 48.77 10.28 16.28
C ARG A 303 48.96 10.11 14.75
N VAL A 304 49.07 8.86 14.28
CA VAL A 304 49.20 8.52 12.86
C VAL A 304 47.80 8.14 12.34
N PHE A 305 47.42 8.70 11.18
CA PHE A 305 46.06 8.52 10.62
C PHE A 305 45.84 7.10 10.08
N ILE A 306 44.58 6.60 10.21
CA ILE A 306 44.18 5.28 9.73
C ILE A 306 43.01 5.42 8.71
N MET A 307 41.81 5.83 9.18
CA MET A 307 40.58 5.83 8.32
C MET A 307 39.70 7.03 8.63
N ASP A 308 39.23 7.71 7.57
CA ASP A 308 38.33 8.88 7.67
C ASP A 308 36.89 8.41 7.82
N ASP A 309 36.10 9.12 8.65
CA ASP A 309 34.64 8.93 8.79
C ASP A 309 34.31 7.48 9.27
N ALA A 310 35.22 6.90 10.09
CA ALA A 310 35.09 5.51 10.58
C ALA A 310 34.00 5.40 11.66
N GLU A 311 32.82 4.89 11.22
CA GLU A 311 31.60 4.76 12.05
C GLU A 311 31.66 3.61 13.09
N GLN A 312 32.79 2.89 13.15
CA GLN A 312 32.94 1.70 14.02
C GLN A 312 32.98 2.04 15.52
N PHE A 313 33.35 3.29 15.81
CA PHE A 313 33.54 3.79 17.19
C PHE A 313 32.25 4.35 17.77
N MET A 314 31.26 4.60 16.89
CA MET A 314 30.01 5.20 17.31
C MET A 314 28.83 4.52 16.57
N PRO A 315 27.86 3.91 17.31
CA PRO A 315 26.69 3.23 16.72
C PRO A 315 25.76 4.21 15.95
N ASN A 316 24.80 3.65 15.20
CA ASN A 316 23.76 4.42 14.49
C ASN A 316 22.83 5.11 15.48
N TYR A 317 22.73 4.56 16.71
CA TYR A 317 21.89 5.11 17.81
C TYR A 317 22.49 6.44 18.33
N LEU A 318 23.77 6.67 17.99
CA LEU A 318 24.54 7.86 18.40
C LEU A 318 25.21 8.50 17.17
N ARG A 319 24.60 8.26 15.97
CA ARG A 319 25.21 8.62 14.65
C ARG A 319 25.55 10.12 14.52
N PHE A 320 24.85 10.96 15.32
CA PHE A 320 25.07 12.43 15.35
C PHE A 320 26.50 12.79 15.81
N VAL A 321 27.05 11.97 16.72
CA VAL A 321 28.42 12.16 17.21
C VAL A 321 29.42 11.81 16.11
N ARG A 322 30.31 12.76 15.85
CA ARG A 322 31.47 12.57 15.00
C ARG A 322 32.65 13.31 15.60
N GLY A 323 33.80 13.22 14.94
CA GLY A 323 35.03 13.76 15.45
C GLY A 323 36.19 12.92 15.01
N LEU A 324 37.02 12.53 15.98
CA LEU A 324 38.16 11.63 15.76
C LEU A 324 38.52 10.96 17.10
N ILE A 325 39.21 9.83 17.01
CA ILE A 325 39.67 9.08 18.18
C ILE A 325 41.06 8.48 17.88
N ASP A 326 42.03 8.88 18.72
CA ASP A 326 43.41 8.39 18.72
C ASP A 326 43.54 7.29 19.79
N SER A 327 44.20 6.17 19.44
CA SER A 327 44.45 5.07 20.39
C SER A 327 45.94 4.68 20.37
N SER A 328 46.46 4.25 21.52
CA SER A 328 47.85 3.74 21.65
C SER A 328 47.87 2.19 21.60
N ASP A 329 46.69 1.57 21.79
CA ASP A 329 46.56 0.11 22.03
C ASP A 329 46.12 -0.63 20.76
N LEU A 330 45.06 -0.10 20.11
CA LEU A 330 44.52 -0.65 18.84
C LEU A 330 45.64 -0.69 17.77
N PRO A 331 45.73 -1.80 16.94
CA PRO A 331 46.84 -1.97 15.94
C PRO A 331 47.04 -0.75 15.03
N LEU A 332 48.27 -0.54 14.58
CA LEU A 332 48.61 0.55 13.65
C LEU A 332 48.20 0.17 12.20
N ASN A 333 48.09 -1.15 11.95
CA ASN A 333 47.60 -1.71 10.67
C ASN A 333 46.10 -2.11 10.76
N VAL A 334 45.40 -1.56 11.77
CA VAL A 334 43.98 -1.87 12.06
C VAL A 334 43.05 -1.51 10.87
N SER A 335 42.04 -2.35 10.63
CA SER A 335 41.05 -2.18 9.56
C SER A 335 39.62 -2.11 10.15
N ARG A 336 38.63 -1.81 9.29
CA ARG A 336 37.21 -1.64 9.71
C ARG A 336 36.67 -2.93 10.38
N GLU A 337 37.04 -4.08 9.79
CA GLU A 337 36.65 -5.41 10.27
C GLU A 337 37.28 -5.73 11.65
N ILE A 338 38.55 -5.29 11.83
CA ILE A 338 39.32 -5.48 13.08
C ILE A 338 38.63 -4.73 14.23
N LEU A 339 38.11 -3.53 13.91
CA LEU A 339 37.39 -2.68 14.87
C LEU A 339 36.10 -3.34 15.39
N GLN A 340 35.38 -4.01 14.47
CA GLN A 340 34.13 -4.72 14.80
C GLN A 340 34.46 -6.06 15.53
N ASP A 341 35.65 -6.61 15.26
CA ASP A 341 36.08 -7.94 15.73
C ASP A 341 36.78 -7.90 17.11
N SER A 342 37.44 -6.77 17.45
CA SER A 342 38.21 -6.64 18.70
C SER A 342 37.29 -6.29 19.89
N THR A 343 37.58 -6.90 21.06
CA THR A 343 36.85 -6.65 22.30
C THR A 343 37.24 -5.26 22.85
N VAL A 344 38.55 -4.92 22.75
CA VAL A 344 39.11 -3.64 23.24
C VAL A 344 38.48 -2.41 22.54
N THR A 345 38.13 -2.58 21.25
CA THR A 345 37.48 -1.55 20.44
C THR A 345 35.98 -1.44 20.80
N ARG A 346 35.41 -2.55 21.29
CA ARG A 346 34.00 -2.62 21.73
C ARG A 346 33.86 -1.95 23.12
N ASN A 347 34.90 -2.14 23.96
CA ASN A 347 35.04 -1.48 25.28
C ASN A 347 35.24 0.03 25.09
N LEU A 348 36.03 0.36 24.07
CA LEU A 348 36.27 1.72 23.62
C LEU A 348 34.96 2.38 23.15
N ARG A 349 34.17 1.61 22.37
CA ARG A 349 32.91 2.09 21.76
C ARG A 349 31.87 2.49 22.83
N ASN A 350 31.68 1.63 23.88
CA ASN A 350 30.69 1.91 24.96
C ASN A 350 31.24 2.94 25.97
N ALA A 351 32.59 3.09 26.02
CA ALA A 351 33.24 4.15 26.83
C ALA A 351 32.92 5.52 26.21
N LEU A 352 33.03 5.60 24.87
CA LEU A 352 32.66 6.79 24.08
C LEU A 352 31.17 7.10 24.25
N THR A 353 30.34 6.03 24.27
CA THR A 353 28.87 6.12 24.43
C THR A 353 28.47 6.87 25.73
N LYS A 354 29.20 6.61 26.83
CA LYS A 354 28.94 7.27 28.12
C LYS A 354 29.38 8.76 28.07
N ARG A 355 30.47 9.03 27.33
CA ARG A 355 30.95 10.42 27.08
C ARG A 355 30.00 11.18 26.12
N VAL A 356 29.21 10.41 25.35
CA VAL A 356 28.15 10.97 24.48
C VAL A 356 27.00 11.49 25.36
N LEU A 357 26.45 10.61 26.22
CA LEU A 357 25.34 10.97 27.17
C LEU A 357 25.75 12.16 28.04
N GLN A 358 27.00 12.14 28.51
CA GLN A 358 27.61 13.22 29.30
C GLN A 358 27.51 14.58 28.56
N MET A 359 27.80 14.55 27.24
CA MET A 359 27.77 15.73 26.35
C MET A 359 26.33 16.19 26.04
N LEU A 360 25.40 15.22 25.85
CA LEU A 360 24.01 15.48 25.42
C LEU A 360 23.18 16.09 26.54
N GLU A 361 23.28 15.45 27.71
CA GLU A 361 22.59 15.87 28.93
C GLU A 361 23.11 17.24 29.38
N LYS A 362 24.42 17.49 29.15
CA LYS A 362 25.05 18.78 29.43
C LYS A 362 24.45 19.85 28.50
N LEU A 363 24.37 19.53 27.19
CA LEU A 363 23.83 20.42 26.14
C LEU A 363 22.36 20.80 26.45
N ALA A 364 21.61 19.87 27.06
CA ALA A 364 20.21 20.07 27.49
C ALA A 364 20.10 21.16 28.59
N LYS A 365 21.11 21.19 29.48
CA LYS A 365 21.15 22.12 30.63
C LYS A 365 21.88 23.42 30.26
N ASP A 366 22.83 23.31 29.32
CA ASP A 366 23.75 24.38 28.94
C ASP A 366 23.09 25.31 27.93
N ASP A 367 22.85 24.79 26.71
CA ASP A 367 22.32 25.58 25.59
C ASP A 367 21.07 24.88 25.03
N ALA A 368 19.91 25.29 25.55
CA ALA A 368 18.61 24.69 25.23
C ALA A 368 18.17 24.98 23.78
N GLU A 369 18.71 26.07 23.17
CA GLU A 369 18.39 26.45 21.78
C GLU A 369 19.14 25.55 20.79
N LYS A 370 20.45 25.34 21.05
CA LYS A 370 21.27 24.39 20.26
C LYS A 370 20.73 22.98 20.41
N TYR A 371 20.29 22.65 21.62
CA TYR A 371 19.70 21.34 21.93
C TYR A 371 18.31 21.19 21.26
N GLN A 372 17.58 22.32 21.10
CA GLN A 372 16.28 22.33 20.38
C GLN A 372 16.51 22.02 18.89
N THR A 373 17.56 22.62 18.33
CA THR A 373 17.96 22.41 16.92
C THR A 373 18.51 20.98 16.74
N PHE A 374 19.22 20.49 17.77
CA PHE A 374 19.83 19.15 17.81
C PHE A 374 18.74 18.07 17.75
N TRP A 375 17.78 18.12 18.68
CA TRP A 375 16.68 17.12 18.77
C TRP A 375 15.80 17.17 17.50
N GLN A 376 15.63 18.38 16.96
CA GLN A 376 14.78 18.61 15.77
C GLN A 376 15.36 17.88 14.52
N GLN A 377 16.69 17.61 14.54
CA GLN A 377 17.41 16.96 13.43
C GLN A 377 17.86 15.51 13.76
N PHE A 378 18.04 15.21 15.07
CA PHE A 378 18.66 13.94 15.54
C PHE A 378 17.79 13.24 16.60
N GLY A 379 16.52 13.64 16.69
CA GLY A 379 15.58 13.08 17.66
C GLY A 379 15.29 11.61 17.44
N LEU A 380 15.15 11.24 16.16
CA LEU A 380 14.87 9.86 15.73
C LEU A 380 16.05 8.94 16.08
N VAL A 381 17.26 9.54 16.11
CA VAL A 381 18.51 8.83 16.43
C VAL A 381 18.53 8.46 17.93
N LEU A 382 18.19 9.45 18.78
CA LEU A 382 18.07 9.23 20.25
C LEU A 382 16.84 8.38 20.62
N LYS A 383 15.85 8.31 19.71
CA LYS A 383 14.66 7.44 19.88
C LYS A 383 14.95 5.98 19.48
N GLU A 384 16.21 5.70 19.09
CA GLU A 384 16.74 4.33 19.08
C GLU A 384 17.10 3.91 20.52
N GLY A 385 17.52 4.93 21.30
CA GLY A 385 18.06 4.77 22.65
C GLY A 385 17.17 4.00 23.65
N PRO A 386 15.87 4.39 23.90
CA PRO A 386 15.00 3.73 24.93
C PRO A 386 14.71 2.25 24.62
N ALA A 387 14.78 1.92 23.32
CA ALA A 387 14.51 0.56 22.83
C ALA A 387 15.76 -0.32 23.00
N GLU A 388 16.93 0.31 22.91
CA GLU A 388 18.23 -0.37 23.14
C GLU A 388 18.51 -0.57 24.64
N ASP A 389 18.29 0.47 25.44
CA ASP A 389 18.53 0.43 26.89
C ASP A 389 17.21 0.70 27.63
N PHE A 390 16.62 -0.38 28.16
CA PHE A 390 15.44 -0.32 29.06
C PHE A 390 15.89 -0.10 30.53
N ALA A 391 17.09 -0.59 30.86
CA ALA A 391 17.62 -0.65 32.24
C ALA A 391 17.69 0.73 32.89
N ASN A 392 18.20 1.72 32.13
CA ASN A 392 18.32 3.11 32.59
C ASN A 392 17.59 4.03 31.56
N GLN A 393 16.50 3.49 30.99
CA GLN A 393 15.65 4.13 29.94
C GLN A 393 15.20 5.56 30.32
N GLU A 394 15.05 5.80 31.62
CA GLU A 394 14.51 7.07 32.16
C GLU A 394 15.47 8.27 31.91
N ALA A 395 16.80 8.03 31.92
CA ALA A 395 17.80 9.09 31.64
C ALA A 395 17.87 9.39 30.14
N ILE A 396 17.43 8.42 29.32
CA ILE A 396 17.23 8.64 27.86
C ILE A 396 15.86 9.34 27.65
N ALA A 397 14.90 9.02 28.54
CA ALA A 397 13.55 9.63 28.55
C ALA A 397 13.59 11.11 28.96
N LYS A 398 14.65 11.45 29.71
CA LYS A 398 14.96 12.84 30.07
C LYS A 398 15.43 13.64 28.84
N LEU A 399 16.03 12.92 27.86
CA LEU A 399 16.45 13.50 26.57
C LEU A 399 15.26 13.50 25.57
N LEU A 400 14.30 12.58 25.76
CA LEU A 400 13.14 12.43 24.84
C LEU A 400 12.20 13.65 24.91
N ARG A 401 11.95 14.25 23.74
CA ARG A 401 10.99 15.34 23.54
C ARG A 401 9.99 14.86 22.45
N PHE A 402 8.69 14.93 22.73
CA PHE A 402 7.63 14.52 21.77
C PHE A 402 6.79 15.72 21.33
N ALA A 403 6.07 15.53 20.22
CA ALA A 403 5.13 16.55 19.70
C ALA A 403 3.81 16.45 20.46
N SER A 404 3.01 17.51 20.38
CA SER A 404 1.79 17.65 21.18
C SER A 404 0.85 18.68 20.53
N THR A 405 -0.40 18.71 21.04
CA THR A 405 -1.42 19.71 20.66
C THR A 405 -1.10 21.09 21.31
N HIS A 406 -0.06 21.09 22.17
CA HIS A 406 0.54 22.30 22.74
C HIS A 406 0.97 23.29 21.63
N THR A 407 1.54 22.74 20.56
CA THR A 407 2.03 23.53 19.42
C THR A 407 1.50 22.94 18.11
N ASP A 408 1.34 23.82 17.11
CA ASP A 408 0.96 23.42 15.72
C ASP A 408 2.23 23.13 14.90
N SER A 409 3.40 23.36 15.52
CA SER A 409 4.71 23.22 14.89
C SER A 409 5.16 21.74 14.89
N SER A 410 5.90 21.35 13.85
CA SER A 410 6.37 19.96 13.67
C SER A 410 7.65 19.66 14.50
N ALA A 411 8.13 20.68 15.25
CA ALA A 411 9.25 20.54 16.18
C ALA A 411 8.78 19.86 17.47
N GLN A 412 9.38 18.70 17.79
CA GLN A 412 9.15 17.99 19.05
C GLN A 412 9.86 18.75 20.19
N THR A 413 9.14 19.71 20.77
CA THR A 413 9.69 20.63 21.79
C THR A 413 9.26 20.20 23.21
N VAL A 414 8.02 19.70 23.32
CA VAL A 414 7.42 19.28 24.60
C VAL A 414 8.18 18.06 25.16
N SER A 415 8.72 18.20 26.36
CA SER A 415 9.41 17.12 27.07
C SER A 415 8.37 16.28 27.83
N LEU A 416 8.80 15.11 28.28
CA LEU A 416 7.98 14.25 29.16
C LEU A 416 7.74 14.97 30.53
N GLU A 417 8.72 15.82 30.92
CA GLU A 417 8.64 16.67 32.13
C GLU A 417 7.53 17.73 31.99
N ASP A 418 7.37 18.31 30.76
CA ASP A 418 6.28 19.24 30.46
C ASP A 418 4.94 18.55 30.69
N TYR A 419 4.76 17.37 30.04
CA TYR A 419 3.50 16.61 30.13
C TYR A 419 3.12 16.36 31.61
N VAL A 420 4.09 15.85 32.40
CA VAL A 420 3.92 15.55 33.85
C VAL A 420 3.35 16.75 34.62
N SER A 421 3.95 17.93 34.42
CA SER A 421 3.52 19.17 35.11
C SER A 421 2.16 19.70 34.59
N ARG A 422 1.78 19.28 33.37
CA ARG A 422 0.50 19.68 32.74
C ARG A 422 -0.61 18.62 32.95
N MET A 423 -0.24 17.45 33.55
CA MET A 423 -1.23 16.40 33.92
C MET A 423 -2.13 16.92 35.03
N LYS A 424 -3.45 16.96 34.78
CA LYS A 424 -4.43 17.54 35.71
C LYS A 424 -4.85 16.52 36.79
N GLU A 425 -5.81 16.94 37.64
CA GLU A 425 -6.22 16.16 38.83
C GLU A 425 -6.90 14.85 38.37
N GLY A 426 -6.42 13.70 38.91
CA GLY A 426 -6.92 12.38 38.53
C GLY A 426 -6.22 11.78 37.31
N GLN A 427 -5.38 12.59 36.62
CA GLN A 427 -4.69 12.15 35.39
C GLN A 427 -3.36 11.47 35.77
N GLU A 428 -3.33 10.13 35.64
CA GLU A 428 -2.12 9.31 35.91
C GLU A 428 -1.50 8.80 34.60
N LYS A 429 -2.33 8.66 33.55
CA LYS A 429 -1.93 8.02 32.29
C LYS A 429 -1.60 9.06 31.19
N ILE A 430 -0.62 8.69 30.35
CA ILE A 430 -0.17 9.50 29.22
C ILE A 430 -1.09 9.28 28.01
N TYR A 431 -1.90 10.28 27.68
CA TYR A 431 -2.92 10.22 26.62
C TYR A 431 -2.38 10.78 25.29
N TYR A 432 -2.51 9.99 24.20
CA TYR A 432 -1.92 10.32 22.88
C TYR A 432 -2.53 9.48 21.73
N ILE A 433 -2.33 9.96 20.47
CA ILE A 433 -2.67 9.19 19.24
C ILE A 433 -1.38 8.91 18.43
N THR A 434 -1.31 7.73 17.81
CA THR A 434 -0.30 7.39 16.80
C THR A 434 -0.82 7.77 15.39
N ALA A 435 0.01 8.44 14.59
CA ALA A 435 -0.31 8.79 13.19
C ALA A 435 0.87 8.46 12.27
N ASP A 436 0.65 8.57 10.95
CA ASP A 436 1.69 8.30 9.94
C ASP A 436 2.73 9.43 9.92
N SER A 437 2.23 10.68 9.91
CA SER A 437 3.06 11.88 9.73
C SER A 437 2.35 13.06 10.40
N TYR A 438 3.14 14.04 10.92
CA TYR A 438 2.59 15.22 11.62
C TYR A 438 1.83 16.13 10.62
N ALA A 439 2.22 16.07 9.34
CA ALA A 439 1.53 16.79 8.24
C ALA A 439 0.05 16.36 8.11
N ALA A 440 -0.19 15.04 8.33
CA ALA A 440 -1.54 14.45 8.35
C ALA A 440 -2.23 14.70 9.71
N ALA A 441 -1.42 14.59 10.79
CA ALA A 441 -1.89 14.71 12.19
C ALA A 441 -2.49 16.09 12.49
N LYS A 442 -1.84 17.13 11.94
CA LYS A 442 -2.20 18.54 12.16
C LYS A 442 -3.50 18.91 11.40
N SER A 443 -3.82 18.13 10.34
CA SER A 443 -5.03 18.36 9.51
C SER A 443 -6.33 18.03 10.27
N SER A 444 -6.20 17.29 11.39
CA SER A 444 -7.33 16.94 12.27
C SER A 444 -7.81 18.21 13.04
N PRO A 445 -9.10 18.69 12.83
CA PRO A 445 -9.63 19.89 13.51
C PRO A 445 -9.89 19.67 15.02
N HIS A 446 -9.83 18.38 15.44
CA HIS A 446 -10.02 17.97 16.85
C HIS A 446 -8.97 18.62 17.78
N LEU A 447 -7.78 18.90 17.22
CA LEU A 447 -6.63 19.46 17.97
C LEU A 447 -6.94 20.85 18.58
N GLU A 448 -7.95 21.53 18.02
CA GLU A 448 -8.38 22.86 18.48
C GLU A 448 -9.40 22.78 19.63
N LEU A 449 -10.31 21.78 19.60
CA LEU A 449 -11.46 21.72 20.53
C LEU A 449 -11.06 21.16 21.91
N LEU A 450 -10.01 20.32 21.93
CA LEU A 450 -9.43 19.77 23.18
C LEU A 450 -8.58 20.85 23.88
N ARG A 451 -7.86 21.63 23.05
CA ARG A 451 -6.93 22.68 23.50
C ARG A 451 -7.74 23.87 24.03
N LYS A 452 -8.96 24.03 23.52
CA LYS A 452 -9.91 25.04 23.98
C LYS A 452 -10.64 24.57 25.26
N LYS A 453 -10.81 23.24 25.39
CA LYS A 453 -11.46 22.63 26.57
C LYS A 453 -10.53 22.74 27.81
N GLY A 454 -9.22 22.85 27.57
CA GLY A 454 -8.22 22.90 28.63
C GLY A 454 -7.72 21.51 28.99
N ILE A 455 -7.46 20.70 27.95
CA ILE A 455 -6.78 19.40 28.08
C ILE A 455 -5.79 19.27 26.93
N GLU A 456 -4.69 18.51 27.13
CA GLU A 456 -3.62 18.38 26.14
C GLU A 456 -3.35 16.91 25.80
N VAL A 457 -2.96 16.68 24.53
CA VAL A 457 -2.76 15.36 23.93
C VAL A 457 -1.39 15.33 23.25
N LEU A 458 -0.61 14.24 23.43
CA LEU A 458 0.65 14.07 22.68
C LEU A 458 0.34 13.52 21.25
N LEU A 459 1.09 14.03 20.25
CA LEU A 459 0.93 13.64 18.83
C LEU A 459 2.19 12.91 18.35
N LEU A 460 2.20 11.56 18.51
CA LEU A 460 3.35 10.71 18.13
C LEU A 460 3.10 10.20 16.70
N SER A 461 3.68 10.92 15.72
CA SER A 461 3.39 10.76 14.29
C SER A 461 4.68 10.48 13.49
N ASP A 462 5.60 9.72 14.11
CA ASP A 462 6.94 9.45 13.57
C ASP A 462 7.08 7.98 13.12
N ARG A 463 8.09 7.70 12.28
CA ARG A 463 8.37 6.35 11.76
C ARG A 463 8.86 5.41 12.89
N ILE A 464 9.99 5.77 13.54
CA ILE A 464 10.72 4.84 14.44
C ILE A 464 10.07 4.72 15.84
N ASP A 465 9.07 5.59 16.12
CA ASP A 465 8.27 5.55 17.36
C ASP A 465 7.62 4.16 17.59
N GLU A 466 7.40 3.42 16.49
CA GLU A 466 6.84 2.06 16.53
C GLU A 466 7.74 1.08 17.33
N TRP A 467 9.06 1.16 17.10
CA TRP A 467 10.04 0.26 17.73
C TRP A 467 10.39 0.76 19.15
N MET A 468 10.60 2.08 19.28
CA MET A 468 10.95 2.73 20.56
C MET A 468 9.91 2.46 21.65
N MET A 469 8.63 2.66 21.29
CA MET A 469 7.49 2.55 22.24
C MET A 469 7.29 1.08 22.71
N ASN A 470 7.88 0.11 21.97
CA ASN A 470 7.82 -1.33 22.31
C ASN A 470 8.43 -1.56 23.72
N TYR A 471 9.49 -0.79 24.04
CA TYR A 471 10.19 -0.84 25.34
C TYR A 471 9.73 0.32 26.26
N LEU A 472 9.32 1.46 25.65
CA LEU A 472 8.86 2.66 26.39
C LEU A 472 7.38 2.45 26.81
N THR A 473 7.17 1.56 27.79
CA THR A 473 5.83 1.15 28.26
C THR A 473 5.30 2.08 29.37
N GLU A 474 6.23 2.69 30.13
CA GLU A 474 5.89 3.60 31.26
C GLU A 474 7.04 4.61 31.48
N PHE A 475 6.68 5.78 32.02
CA PHE A 475 7.64 6.80 32.46
C PHE A 475 7.25 7.30 33.87
N ASP A 476 8.06 6.90 34.88
CA ASP A 476 8.01 7.44 36.27
C ASP A 476 6.59 7.30 36.90
N GLY A 477 5.96 6.13 36.69
CA GLY A 477 4.64 5.83 37.28
C GLY A 477 3.47 6.21 36.37
N LYS A 478 3.76 6.95 35.28
CA LYS A 478 2.76 7.35 34.26
C LYS A 478 2.67 6.25 33.16
N PRO A 479 1.58 5.40 33.15
CA PRO A 479 1.39 4.36 32.13
C PRO A 479 0.77 4.95 30.85
N PHE A 480 1.27 4.53 29.69
CA PHE A 480 0.82 5.03 28.37
C PHE A 480 -0.58 4.47 28.02
N GLN A 481 -1.53 5.37 27.70
CA GLN A 481 -2.93 5.04 27.38
C GLN A 481 -3.33 5.60 26.00
N SER A 482 -3.88 4.71 25.17
CA SER A 482 -4.37 5.03 23.81
C SER A 482 -5.83 5.53 23.83
N VAL A 483 -6.24 6.14 22.70
CA VAL A 483 -7.57 6.79 22.52
C VAL A 483 -8.68 5.80 22.08
N SER A 484 -8.56 4.54 22.54
CA SER A 484 -9.57 3.46 22.32
C SER A 484 -11.02 3.94 22.57
N LYS A 485 -11.20 4.84 23.55
CA LYS A 485 -12.50 5.47 23.86
C LYS A 485 -12.56 6.88 23.25
N VAL A 486 -13.79 7.32 22.96
CA VAL A 486 -14.09 8.61 22.32
C VAL A 486 -15.45 9.11 22.84
N ASP A 487 -15.68 10.43 22.81
CA ASP A 487 -17.01 11.00 23.09
C ASP A 487 -17.18 12.32 22.32
N GLU A 488 -18.45 12.69 22.07
CA GLU A 488 -18.82 13.88 21.26
C GLU A 488 -18.98 15.13 22.16
N SER A 489 -18.67 14.97 23.47
CA SER A 489 -18.82 16.01 24.50
C SER A 489 -17.94 17.25 24.23
N LEU A 490 -16.84 17.08 23.46
CA LEU A 490 -15.87 18.17 23.18
C LEU A 490 -16.00 18.72 21.73
N GLU A 491 -16.85 18.08 20.88
CA GLU A 491 -16.95 18.41 19.43
C GLU A 491 -17.54 19.80 19.15
N LYS A 492 -18.39 20.29 20.07
CA LYS A 492 -19.03 21.63 19.95
C LYS A 492 -18.18 22.71 20.66
N LEU A 493 -17.11 22.26 21.34
CA LEU A 493 -16.22 23.09 22.20
C LEU A 493 -15.02 23.64 21.38
N ALA A 494 -15.28 23.87 20.07
CA ALA A 494 -14.32 24.39 19.09
C ALA A 494 -14.34 25.94 19.05
N ASP A 495 -14.41 26.61 20.23
CA ASP A 495 -14.78 28.05 20.37
C ASP A 495 -13.83 29.04 19.64
N GLU A 496 -12.61 28.59 19.27
CA GLU A 496 -11.57 29.43 18.60
C GLU A 496 -11.86 29.66 17.09
N VAL A 497 -13.06 30.18 16.77
CA VAL A 497 -13.51 30.34 15.38
C VAL A 497 -13.39 31.81 14.92
N ASP A 498 -12.14 32.21 14.68
CA ASP A 498 -11.79 33.55 14.22
C ASP A 498 -12.25 33.77 12.76
N GLU A 499 -12.83 34.96 12.51
CA GLU A 499 -13.47 35.39 11.26
C GLU A 499 -14.90 34.83 11.12
N SER A 500 -15.08 33.52 11.41
CA SER A 500 -16.39 32.86 11.32
C SER A 500 -17.33 33.31 12.47
N ALA A 501 -18.02 34.42 12.22
CA ALA A 501 -19.02 35.00 13.14
C ALA A 501 -20.32 35.26 12.37
N LYS A 502 -21.32 35.82 13.05
CA LYS A 502 -22.68 36.03 12.51
C LYS A 502 -22.70 36.98 11.30
N GLU A 503 -21.69 37.87 11.22
CA GLU A 503 -21.56 38.83 10.10
C GLU A 503 -21.42 38.07 8.76
N ALA A 504 -20.54 37.05 8.78
CA ALA A 504 -20.33 36.15 7.64
C ALA A 504 -21.61 35.34 7.36
N GLU A 505 -22.22 34.81 8.44
CA GLU A 505 -23.42 33.94 8.37
C GLU A 505 -24.63 34.62 7.66
N LYS A 506 -24.83 35.93 7.91
CA LYS A 506 -25.87 36.75 7.23
C LYS A 506 -25.60 36.83 5.71
N ALA A 507 -24.32 36.84 5.35
CA ALA A 507 -23.85 36.90 3.96
C ALA A 507 -23.74 35.47 3.35
N LEU A 508 -23.78 34.44 4.22
CA LEU A 508 -23.77 33.02 3.79
C LEU A 508 -25.16 32.56 3.39
N THR A 509 -26.23 33.17 3.96
CA THR A 509 -27.63 32.79 3.65
C THR A 509 -27.98 32.79 2.12
N PRO A 510 -27.51 33.79 1.26
CA PRO A 510 -27.65 33.69 -0.22
C PRO A 510 -26.96 32.42 -0.79
N PHE A 511 -25.78 32.09 -0.23
CA PHE A 511 -24.99 30.91 -0.64
C PHE A 511 -25.68 29.60 -0.19
N ILE A 512 -26.40 29.64 0.97
CA ILE A 512 -27.14 28.47 1.50
C ILE A 512 -28.27 28.08 0.51
N ASP A 513 -28.98 29.10 0.03
CA ASP A 513 -30.04 28.95 -1.00
C ASP A 513 -29.53 28.18 -2.23
N ARG A 514 -28.44 28.71 -2.79
CA ARG A 514 -27.82 28.22 -4.03
C ARG A 514 -27.36 26.75 -3.92
N VAL A 515 -26.63 26.45 -2.83
CA VAL A 515 -25.98 25.14 -2.62
C VAL A 515 -27.02 24.03 -2.38
N LYS A 516 -28.07 24.35 -1.60
CA LYS A 516 -29.15 23.38 -1.30
C LYS A 516 -30.05 23.18 -2.53
N ALA A 517 -30.09 24.18 -3.42
CA ALA A 517 -30.79 24.09 -4.71
C ALA A 517 -29.93 23.37 -5.77
N LEU A 518 -28.59 23.43 -5.60
CA LEU A 518 -27.61 22.76 -6.49
C LEU A 518 -27.60 21.26 -6.23
N LEU A 519 -27.54 20.89 -4.95
CA LEU A 519 -27.45 19.50 -4.50
C LEU A 519 -28.86 18.89 -4.45
N GLY A 520 -29.79 19.62 -3.80
CA GLY A 520 -31.19 19.20 -3.70
C GLY A 520 -31.36 17.93 -2.88
N GLU A 521 -31.32 16.79 -3.57
CA GLU A 521 -31.59 15.45 -3.00
C GLU A 521 -30.30 14.59 -2.96
N ARG A 522 -29.14 15.23 -3.24
CA ARG A 522 -27.81 14.59 -3.10
C ARG A 522 -27.40 14.49 -1.61
N VAL A 523 -27.88 15.47 -0.80
CA VAL A 523 -27.44 15.67 0.60
C VAL A 523 -28.67 15.79 1.53
N LYS A 524 -28.53 15.29 2.78
CA LYS A 524 -29.57 15.38 3.83
C LYS A 524 -29.85 16.86 4.20
N ASP A 525 -28.78 17.61 4.54
CA ASP A 525 -28.88 19.06 4.79
C ASP A 525 -27.48 19.71 4.67
N VAL A 526 -27.45 20.95 4.14
CA VAL A 526 -26.23 21.76 3.98
C VAL A 526 -26.24 22.86 5.06
N ARG A 527 -25.27 22.78 5.99
CA ARG A 527 -25.21 23.64 7.18
C ARG A 527 -23.80 24.27 7.28
N LEU A 528 -23.75 25.58 7.54
CA LEU A 528 -22.50 26.36 7.57
C LEU A 528 -21.89 26.35 8.98
N THR A 529 -20.89 25.49 9.18
CA THR A 529 -20.18 25.32 10.47
C THR A 529 -18.91 26.19 10.49
N HIS A 530 -18.11 26.08 11.56
CA HIS A 530 -16.95 26.97 11.78
C HIS A 530 -15.65 26.16 12.02
N ARG A 531 -15.55 24.96 11.41
CA ARG A 531 -14.34 24.12 11.51
C ARG A 531 -13.21 24.74 10.66
N LEU A 532 -12.28 25.49 11.32
CA LEU A 532 -11.27 26.35 10.64
C LEU A 532 -10.38 25.51 9.69
N THR A 533 -9.37 24.78 10.28
CA THR A 533 -8.48 23.78 9.60
C THR A 533 -8.03 24.20 8.15
N ASP A 534 -7.51 23.25 7.33
CA ASP A 534 -7.28 23.47 5.88
C ASP A 534 -8.34 22.72 5.06
N THR A 535 -9.19 21.94 5.76
CA THR A 535 -10.34 21.26 5.14
C THR A 535 -11.51 22.27 5.01
N PRO A 536 -11.89 22.68 3.75
CA PRO A 536 -12.94 23.71 3.51
C PRO A 536 -14.36 23.19 3.79
N ALA A 537 -14.51 21.87 3.72
CA ALA A 537 -15.79 21.20 3.90
C ALA A 537 -15.57 19.80 4.49
N ILE A 538 -16.42 19.45 5.43
CA ILE A 538 -16.35 18.22 6.23
C ILE A 538 -17.80 17.76 6.44
N VAL A 539 -18.05 16.45 6.56
CA VAL A 539 -19.41 15.94 6.81
C VAL A 539 -19.50 15.27 8.18
N SER A 540 -20.64 15.48 8.83
CA SER A 540 -20.98 14.85 10.11
C SER A 540 -22.01 13.75 9.88
N THR A 541 -22.11 12.82 10.85
CA THR A 541 -22.94 11.62 10.76
C THR A 541 -23.85 11.51 12.01
N ASP A 542 -24.96 10.76 11.87
CA ASP A 542 -25.87 10.44 12.99
C ASP A 542 -25.38 9.18 13.71
N ALA A 543 -25.29 8.07 12.95
CA ALA A 543 -24.90 6.76 13.48
C ALA A 543 -23.70 6.20 12.68
N ASP A 544 -23.58 4.87 12.71
CA ASP A 544 -22.59 4.08 11.95
C ASP A 544 -22.50 4.47 10.45
N GLU A 545 -21.41 5.21 10.08
CA GLU A 545 -21.17 5.68 8.69
C GLU A 545 -22.39 6.49 8.17
N MET A 546 -23.00 7.25 9.11
CA MET A 546 -24.34 7.86 8.99
C MET A 546 -25.40 6.77 9.23
N SER A 547 -25.49 5.79 8.30
CA SER A 547 -26.53 4.76 8.32
C SER A 547 -26.21 3.64 7.30
N THR A 548 -24.99 3.07 7.36
CA THR A 548 -24.52 2.09 6.35
C THR A 548 -24.31 0.66 6.95
N GLN A 549 -24.87 0.39 8.16
CA GLN A 549 -24.76 -0.97 8.79
C GLN A 549 -25.69 -1.13 10.02
N MET A 550 -27.00 -0.93 9.82
CA MET A 550 -28.01 -1.21 10.89
C MET A 550 -29.40 -1.39 10.25
N ALA A 551 -30.27 -2.15 10.95
CA ALA A 551 -31.54 -2.67 10.41
C ALA A 551 -32.53 -1.56 10.00
N LYS A 552 -32.88 -0.66 10.95
CA LYS A 552 -33.80 0.49 10.70
C LYS A 552 -33.28 1.38 9.58
N LEU A 553 -31.97 1.59 9.61
CA LEU A 553 -31.27 2.52 8.75
C LEU A 553 -31.42 2.10 7.28
N PHE A 554 -31.06 0.84 6.94
CA PHE A 554 -31.20 0.32 5.55
C PHE A 554 -32.68 0.18 5.13
N ALA A 555 -33.57 -0.03 6.12
CA ALA A 555 -35.02 -0.18 5.90
C ALA A 555 -35.74 1.19 5.77
N ALA A 556 -34.96 2.28 5.61
CA ALA A 556 -35.50 3.66 5.50
C ALA A 556 -36.24 3.86 4.16
N ALA A 557 -35.53 3.63 3.04
CA ALA A 557 -36.10 3.74 1.68
C ALA A 557 -35.96 2.42 0.91
N GLY A 558 -34.72 1.89 0.87
CA GLY A 558 -34.39 0.71 0.05
C GLY A 558 -33.10 0.89 -0.71
N GLN A 559 -32.73 2.17 -1.00
CA GLN A 559 -31.46 2.55 -1.67
C GLN A 559 -30.26 2.28 -0.70
N LYS A 560 -29.18 3.06 -0.78
CA LYS A 560 -28.09 3.09 0.21
C LYS A 560 -28.50 3.90 1.47
N VAL A 561 -29.83 3.96 1.77
CA VAL A 561 -30.48 4.90 2.74
C VAL A 561 -30.44 6.38 2.23
N PRO A 562 -31.59 7.14 2.34
CA PRO A 562 -31.63 8.60 2.03
C PRO A 562 -30.88 9.42 3.10
N GLU A 563 -31.01 8.98 4.36
CA GLU A 563 -30.37 9.60 5.52
C GLU A 563 -28.82 9.54 5.40
N VAL A 564 -28.31 8.47 4.74
CA VAL A 564 -26.84 8.20 4.60
C VAL A 564 -26.13 9.38 3.92
N LYS A 565 -26.89 10.13 3.09
CA LYS A 565 -26.38 11.31 2.39
C LYS A 565 -25.91 12.31 3.45
N TYR A 566 -24.59 12.38 3.60
CA TYR A 566 -23.92 12.96 4.78
C TYR A 566 -24.21 14.46 4.92
N ILE A 567 -24.08 14.99 6.15
CA ILE A 567 -24.47 16.38 6.46
C ILE A 567 -23.31 17.29 6.03
N PHE A 568 -23.55 18.05 4.95
CA PHE A 568 -22.53 18.83 4.27
C PHE A 568 -22.26 20.14 5.02
N GLU A 569 -21.13 20.15 5.76
CA GLU A 569 -20.68 21.30 6.55
C GLU A 569 -19.61 22.07 5.74
N LEU A 570 -19.72 23.42 5.69
CA LEU A 570 -18.71 24.28 5.03
C LEU A 570 -18.19 25.32 6.04
N ASN A 571 -16.90 25.65 5.93
CA ASN A 571 -16.24 26.67 6.76
C ASN A 571 -16.12 28.01 5.96
N PRO A 572 -16.82 29.11 6.40
CA PRO A 572 -16.72 30.44 5.74
C PRO A 572 -15.31 31.05 5.83
N ASP A 573 -14.56 30.65 6.87
CA ASP A 573 -13.19 31.14 7.10
C ASP A 573 -12.22 30.66 6.00
N HIS A 574 -12.53 29.52 5.34
CA HIS A 574 -11.68 28.97 4.27
C HIS A 574 -11.89 29.75 2.95
N VAL A 575 -10.78 30.06 2.26
CA VAL A 575 -10.74 30.95 1.08
C VAL A 575 -11.66 30.46 -0.07
N LEU A 576 -11.57 29.14 -0.36
CA LEU A 576 -12.30 28.52 -1.50
C LEU A 576 -13.83 28.59 -1.35
N VAL A 577 -14.32 28.63 -0.09
CA VAL A 577 -15.77 28.66 0.21
C VAL A 577 -16.34 30.08 -0.05
N LYS A 578 -15.54 31.12 0.28
CA LYS A 578 -15.88 32.52 -0.01
C LYS A 578 -15.78 32.81 -1.52
N ARG A 579 -14.80 32.18 -2.17
CA ARG A 579 -14.61 32.30 -3.63
C ARG A 579 -15.78 31.61 -4.38
N ALA A 580 -16.24 30.49 -3.79
CA ALA A 580 -17.39 29.72 -4.32
C ALA A 580 -18.71 30.46 -4.04
N ALA A 581 -18.71 31.29 -2.97
CA ALA A 581 -19.85 32.16 -2.60
C ALA A 581 -19.94 33.38 -3.53
N ASP A 582 -18.79 33.75 -4.12
CA ASP A 582 -18.70 34.86 -5.08
C ASP A 582 -19.05 34.38 -6.51
N THR A 583 -18.88 33.07 -6.77
CA THR A 583 -19.12 32.46 -8.10
C THR A 583 -20.64 32.43 -8.44
N GLU A 584 -21.04 33.16 -9.51
CA GLU A 584 -22.45 33.22 -9.95
C GLU A 584 -22.69 32.21 -11.10
N ASP A 585 -21.64 31.98 -11.93
CA ASP A 585 -21.71 31.13 -13.15
C ASP A 585 -22.16 29.70 -12.77
N GLU A 586 -23.31 29.26 -13.31
CA GLU A 586 -24.00 28.02 -12.88
C GLU A 586 -23.09 26.74 -12.99
N ALA A 587 -22.24 26.70 -14.04
CA ALA A 587 -21.41 25.51 -14.36
C ALA A 587 -20.22 25.37 -13.41
N LYS A 588 -19.45 26.46 -13.25
CA LYS A 588 -18.27 26.48 -12.36
C LYS A 588 -18.71 26.45 -10.89
N PHE A 589 -19.90 27.02 -10.60
CA PHE A 589 -20.49 26.98 -9.25
C PHE A 589 -20.79 25.53 -8.84
N SER A 590 -21.37 24.75 -9.77
CA SER A 590 -21.60 23.31 -9.59
C SER A 590 -20.29 22.59 -9.23
N GLU A 591 -19.21 22.91 -9.98
CA GLU A 591 -17.85 22.35 -9.76
C GLU A 591 -17.30 22.70 -8.37
N TRP A 592 -17.49 23.97 -7.94
CA TRP A 592 -16.95 24.45 -6.66
C TRP A 592 -17.62 23.72 -5.47
N VAL A 593 -18.95 23.67 -5.50
CA VAL A 593 -19.77 23.06 -4.42
C VAL A 593 -19.52 21.55 -4.33
N GLU A 594 -19.54 20.88 -5.48
CA GLU A 594 -19.37 19.42 -5.58
C GLU A 594 -17.89 19.00 -5.34
N LEU A 595 -16.94 19.94 -5.58
CA LEU A 595 -15.53 19.76 -5.17
C LEU A 595 -15.46 19.62 -3.66
N LEU A 596 -16.10 20.60 -2.98
CA LEU A 596 -16.19 20.63 -1.51
C LEU A 596 -17.01 19.43 -0.98
N LEU A 597 -18.02 18.98 -1.77
CA LEU A 597 -18.93 17.88 -1.38
C LEU A 597 -18.19 16.54 -1.31
N ASP A 598 -17.67 16.08 -2.45
CA ASP A 598 -16.91 14.82 -2.54
C ASP A 598 -15.69 14.85 -1.60
N GLN A 599 -15.10 16.06 -1.41
CA GLN A 599 -13.96 16.29 -0.50
C GLN A 599 -14.36 16.19 0.99
N ALA A 600 -15.63 16.50 1.29
CA ALA A 600 -16.20 16.39 2.64
C ALA A 600 -16.41 14.91 2.99
N LEU A 601 -17.01 14.15 2.04
CA LEU A 601 -17.16 12.67 2.13
C LEU A 601 -15.77 12.00 2.20
N LEU A 602 -14.81 12.59 1.47
CA LEU A 602 -13.39 12.21 1.47
C LEU A 602 -12.82 12.38 2.89
N ALA A 603 -13.28 13.42 3.61
CA ALA A 603 -12.83 13.70 4.99
C ALA A 603 -13.38 12.65 5.99
N GLU A 604 -14.52 12.01 5.66
CA GLU A 604 -15.19 11.05 6.59
C GLU A 604 -14.79 9.58 6.31
N ARG A 605 -14.47 9.24 5.04
CA ARG A 605 -14.20 7.84 4.64
C ARG A 605 -12.94 7.69 3.78
N GLY A 606 -12.56 8.79 3.12
CA GLY A 606 -11.63 8.72 2.00
C GLY A 606 -12.35 8.35 0.71
N THR A 607 -13.70 8.41 0.74
CA THR A 607 -14.56 7.86 -0.31
C THR A 607 -15.43 8.96 -0.93
N LEU A 608 -15.65 8.86 -2.24
CA LEU A 608 -16.32 9.86 -3.07
C LEU A 608 -17.66 9.29 -3.61
N GLU A 609 -18.57 10.17 -4.05
CA GLU A 609 -19.78 9.74 -4.81
C GLU A 609 -19.36 9.21 -6.18
N ASP A 610 -18.30 9.83 -6.75
CA ASP A 610 -17.71 9.40 -8.02
C ASP A 610 -16.19 9.71 -7.98
N PRO A 611 -15.30 8.66 -8.10
CA PRO A 611 -13.83 8.82 -8.02
C PRO A 611 -13.29 9.76 -9.12
N ASN A 612 -13.64 9.44 -10.38
CA ASN A 612 -13.11 10.15 -11.56
C ASN A 612 -13.65 11.58 -11.66
N LEU A 613 -14.90 11.80 -11.20
CA LEU A 613 -15.57 13.11 -11.30
C LEU A 613 -14.94 14.13 -10.33
N PHE A 614 -14.69 13.73 -9.06
CA PHE A 614 -13.99 14.59 -8.07
C PHE A 614 -12.55 14.91 -8.51
N ILE A 615 -11.84 13.84 -8.91
CA ILE A 615 -10.46 13.95 -9.39
C ILE A 615 -10.38 14.81 -10.66
N ARG A 616 -11.46 14.81 -11.46
CA ARG A 616 -11.57 15.66 -12.65
C ARG A 616 -11.65 17.14 -12.20
N ARG A 617 -12.47 17.45 -11.17
CA ARG A 617 -12.61 18.84 -10.66
C ARG A 617 -11.25 19.36 -10.13
N MET A 618 -10.52 18.45 -9.46
CA MET A 618 -9.22 18.76 -8.83
C MET A 618 -8.18 19.12 -9.93
N ASN A 619 -7.95 18.18 -10.87
CA ASN A 619 -6.91 18.33 -11.92
C ASN A 619 -7.31 19.40 -12.96
N GLN A 620 -8.62 19.62 -13.15
CA GLN A 620 -9.17 20.64 -14.08
C GLN A 620 -8.92 22.03 -13.50
N LEU A 621 -9.48 22.31 -12.31
CA LEU A 621 -9.39 23.63 -11.66
C LEU A 621 -7.94 23.99 -11.26
N LEU A 622 -7.03 22.98 -11.23
CA LEU A 622 -5.59 23.21 -11.05
C LEU A 622 -4.93 23.64 -12.39
N VAL A 623 -5.15 22.85 -13.47
CA VAL A 623 -4.48 23.06 -14.79
C VAL A 623 -5.11 24.25 -15.56
N SER A 624 -6.33 24.64 -15.15
CA SER A 624 -7.11 25.74 -15.75
C SER A 624 -6.44 27.10 -15.40
N MET B 1 -27.81 25.35 -12.48
CA MET B 1 -27.04 24.65 -11.41
C MET B 1 -27.97 23.75 -10.54
N LYS B 2 -28.43 22.61 -11.11
CA LYS B 2 -29.14 21.56 -10.34
C LYS B 2 -28.54 20.18 -10.68
N GLY B 3 -28.45 19.33 -9.65
CA GLY B 3 -28.03 17.94 -9.81
C GLY B 3 -29.21 16.98 -9.85
N GLN B 4 -28.92 15.69 -9.98
CA GLN B 4 -29.95 14.63 -10.04
C GLN B 4 -29.82 13.68 -8.85
N GLU B 5 -30.90 12.91 -8.60
CA GLU B 5 -30.91 11.88 -7.57
C GLU B 5 -30.64 10.52 -8.25
N THR B 6 -29.55 9.85 -7.85
CA THR B 6 -29.16 8.54 -8.37
C THR B 6 -29.62 7.44 -7.37
N ARG B 7 -30.89 7.00 -7.53
CA ARG B 7 -31.50 5.97 -6.67
C ARG B 7 -31.08 4.56 -7.14
N GLY B 8 -29.92 4.09 -6.63
CA GLY B 8 -29.39 2.77 -6.94
C GLY B 8 -29.92 1.70 -5.99
N PHE B 9 -30.93 0.93 -6.45
CA PHE B 9 -31.50 -0.20 -5.69
C PHE B 9 -30.82 -1.52 -6.13
N GLN B 10 -30.34 -2.30 -5.14
CA GLN B 10 -29.76 -3.65 -5.36
C GLN B 10 -29.57 -4.37 -4.00
N SER B 11 -29.88 -5.67 -3.96
CA SER B 11 -29.64 -6.53 -2.79
C SER B 11 -29.51 -8.00 -3.24
N GLU B 12 -28.65 -8.76 -2.55
CA GLU B 12 -28.53 -10.22 -2.74
C GLU B 12 -29.46 -10.96 -1.76
N VAL B 13 -30.00 -12.09 -2.20
CA VAL B 13 -30.66 -13.05 -1.30
C VAL B 13 -29.63 -14.15 -0.99
N LYS B 14 -29.33 -14.36 0.30
CA LYS B 14 -28.35 -15.35 0.74
C LYS B 14 -28.79 -16.77 0.33
N GLN B 15 -27.81 -17.59 -0.10
CA GLN B 15 -28.07 -18.88 -0.76
C GLN B 15 -28.99 -19.80 0.09
N LEU B 16 -28.57 -20.08 1.34
CA LEU B 16 -29.34 -20.94 2.30
C LEU B 16 -30.78 -20.42 2.50
N LEU B 17 -30.94 -19.09 2.58
CA LEU B 17 -32.25 -18.43 2.76
C LEU B 17 -33.15 -18.70 1.53
N HIS B 18 -32.54 -18.59 0.33
CA HIS B 18 -33.26 -18.70 -0.96
C HIS B 18 -33.62 -20.18 -1.25
N LEU B 19 -32.79 -21.04 -0.68
CA LEU B 19 -32.83 -22.49 -0.86
C LEU B 19 -34.03 -23.08 -0.11
N MET B 20 -34.15 -22.74 1.18
CA MET B 20 -35.21 -23.27 2.08
C MET B 20 -36.63 -22.89 1.61
N ILE B 21 -36.73 -21.76 0.88
CA ILE B 21 -37.98 -21.31 0.24
C ILE B 21 -38.46 -22.34 -0.79
N HIS B 22 -37.53 -22.82 -1.62
CA HIS B 22 -37.84 -23.77 -2.71
C HIS B 22 -37.62 -25.24 -2.26
N SER B 23 -37.11 -25.44 -1.02
CA SER B 23 -37.00 -26.78 -0.40
C SER B 23 -38.40 -27.33 -0.05
N LEU B 24 -39.34 -26.40 0.16
CA LEU B 24 -40.77 -26.72 0.28
C LEU B 24 -41.26 -27.34 -1.05
N TYR B 25 -41.00 -26.59 -2.15
CA TYR B 25 -41.23 -27.01 -3.56
C TYR B 25 -42.74 -27.15 -3.89
N SER B 26 -43.60 -26.70 -2.94
CA SER B 26 -45.08 -26.82 -3.02
C SER B 26 -45.52 -28.31 -3.01
N ASN B 27 -44.67 -29.21 -2.45
CA ASN B 27 -44.94 -30.68 -2.44
C ASN B 27 -44.56 -31.33 -1.10
N LYS B 28 -43.45 -30.87 -0.47
CA LYS B 28 -42.87 -31.42 0.81
C LYS B 28 -42.13 -32.76 0.57
N GLU B 29 -42.81 -33.70 -0.13
CA GLU B 29 -42.30 -35.05 -0.54
C GLU B 29 -40.96 -35.02 -1.33
N ILE B 30 -40.53 -33.82 -1.76
CA ILE B 30 -39.21 -33.60 -2.37
C ILE B 30 -38.07 -34.03 -1.40
N PHE B 31 -38.36 -34.06 -0.07
CA PHE B 31 -37.40 -34.53 0.95
C PHE B 31 -36.94 -35.97 0.65
N LEU B 32 -37.88 -36.81 0.19
CA LEU B 32 -37.62 -38.23 -0.12
C LEU B 32 -36.77 -38.34 -1.40
N ARG B 33 -37.05 -37.45 -2.38
CA ARG B 33 -36.33 -37.39 -3.67
C ARG B 33 -34.86 -36.99 -3.44
N GLU B 34 -34.68 -35.99 -2.56
CA GLU B 34 -33.38 -35.47 -2.16
C GLU B 34 -32.60 -36.52 -1.37
N LEU B 35 -33.26 -37.14 -0.36
CA LEU B 35 -32.62 -38.14 0.54
C LEU B 35 -32.03 -39.32 -0.26
N ILE B 36 -32.79 -39.84 -1.24
CA ILE B 36 -32.29 -40.90 -2.12
C ILE B 36 -31.12 -40.37 -2.97
N SER B 37 -31.26 -39.14 -3.54
CA SER B 37 -30.20 -38.49 -4.34
C SER B 37 -28.93 -38.21 -3.49
N ASN B 38 -29.11 -38.05 -2.16
CA ASN B 38 -28.00 -37.85 -1.21
C ASN B 38 -27.30 -39.19 -0.98
N ALA B 39 -28.10 -40.28 -1.02
CA ALA B 39 -27.63 -41.66 -0.86
C ALA B 39 -27.03 -42.19 -2.17
N SER B 40 -27.43 -41.57 -3.29
CA SER B 40 -26.92 -41.88 -4.64
C SER B 40 -25.50 -41.35 -4.77
N ASP B 41 -25.30 -40.12 -4.27
CA ASP B 41 -24.00 -39.41 -4.31
C ASP B 41 -23.03 -40.00 -3.25
N ALA B 42 -23.61 -40.61 -2.19
CA ALA B 42 -22.85 -41.36 -1.15
C ALA B 42 -22.47 -42.76 -1.67
N ALA B 43 -23.35 -43.35 -2.50
CA ALA B 43 -23.08 -44.63 -3.18
C ALA B 43 -22.01 -44.42 -4.27
N ASP B 44 -22.08 -43.25 -4.94
CA ASP B 44 -21.06 -42.79 -5.90
C ASP B 44 -19.70 -42.68 -5.21
N LYS B 45 -19.71 -42.05 -4.03
CA LYS B 45 -18.51 -41.84 -3.21
C LYS B 45 -17.86 -43.20 -2.84
N LEU B 46 -18.72 -44.21 -2.58
CA LEU B 46 -18.29 -45.58 -2.30
C LEU B 46 -17.67 -46.22 -3.55
N ARG B 47 -18.27 -45.97 -4.73
CA ARG B 47 -17.82 -46.52 -6.02
C ARG B 47 -16.37 -46.12 -6.31
N PHE B 48 -16.03 -44.84 -6.07
CA PHE B 48 -14.65 -44.32 -6.22
C PHE B 48 -13.69 -44.97 -5.21
N ARG B 49 -14.04 -44.88 -3.90
CA ARG B 49 -13.17 -45.36 -2.82
C ARG B 49 -12.92 -46.89 -2.95
N ALA B 50 -13.90 -47.60 -3.51
CA ALA B 50 -13.82 -49.06 -3.73
C ALA B 50 -12.89 -49.41 -4.93
N LEU B 51 -12.71 -48.46 -5.86
CA LEU B 51 -11.68 -48.59 -6.93
C LEU B 51 -10.27 -48.45 -6.33
N SER B 52 -10.19 -47.76 -5.19
CA SER B 52 -8.92 -47.51 -4.49
C SER B 52 -8.72 -48.53 -3.35
N ASN B 53 -9.81 -49.22 -2.98
CA ASN B 53 -9.85 -50.15 -1.84
C ASN B 53 -11.15 -50.99 -1.95
N PRO B 54 -11.14 -52.14 -2.70
CA PRO B 54 -12.36 -52.98 -2.92
C PRO B 54 -12.89 -53.65 -1.64
N ASP B 55 -12.04 -53.70 -0.59
CA ASP B 55 -12.42 -54.27 0.73
C ASP B 55 -13.56 -53.47 1.39
N LEU B 56 -13.72 -52.20 0.98
CA LEU B 56 -14.76 -51.30 1.51
C LEU B 56 -16.19 -51.79 1.18
N TYR B 57 -16.30 -52.71 0.19
CA TYR B 57 -17.59 -53.37 -0.16
C TYR B 57 -18.10 -54.29 0.98
N GLU B 58 -17.18 -54.73 1.88
CA GLU B 58 -17.50 -55.64 3.03
C GLU B 58 -18.05 -57.00 2.57
N GLY B 59 -17.83 -57.34 1.28
CA GLY B 59 -18.40 -58.55 0.66
C GLY B 59 -19.74 -58.27 -0.03
N ASP B 60 -20.39 -57.15 0.36
CA ASP B 60 -21.63 -56.67 -0.25
C ASP B 60 -21.31 -56.01 -1.61
N GLY B 61 -21.75 -56.66 -2.70
CA GLY B 61 -21.43 -56.22 -4.06
C GLY B 61 -22.53 -55.38 -4.65
N GLU B 62 -23.77 -55.74 -4.29
CA GLU B 62 -24.96 -55.01 -4.69
C GLU B 62 -25.18 -53.83 -3.73
N LEU B 63 -24.78 -52.63 -4.18
CA LEU B 63 -25.05 -51.39 -3.45
C LEU B 63 -26.47 -50.93 -3.80
N ARG B 64 -27.25 -50.58 -2.78
CA ARG B 64 -28.63 -50.09 -2.97
C ARG B 64 -28.95 -49.01 -1.92
N VAL B 65 -30.19 -48.51 -1.96
CA VAL B 65 -30.77 -47.66 -0.92
C VAL B 65 -32.14 -48.23 -0.52
N ARG B 66 -32.22 -48.73 0.73
CA ARG B 66 -33.40 -49.41 1.24
C ARG B 66 -34.24 -48.47 2.09
N VAL B 67 -35.38 -48.06 1.54
CA VAL B 67 -36.36 -47.23 2.26
C VAL B 67 -37.30 -48.16 3.05
N SER B 68 -37.67 -47.71 4.24
CA SER B 68 -38.48 -48.47 5.20
C SER B 68 -39.49 -47.51 5.84
N PHE B 69 -40.53 -48.08 6.47
CA PHE B 69 -41.58 -47.29 7.13
C PHE B 69 -42.37 -48.18 8.09
N ASP B 70 -42.55 -47.70 9.32
CA ASP B 70 -43.37 -48.36 10.34
C ASP B 70 -44.63 -47.51 10.54
N LYS B 71 -45.81 -48.11 10.29
CA LYS B 71 -47.10 -47.42 10.32
C LYS B 71 -47.47 -46.96 11.75
N ASP B 72 -47.02 -47.74 12.74
CA ASP B 72 -47.37 -47.51 14.15
C ASP B 72 -46.41 -46.47 14.78
N LYS B 73 -45.10 -46.65 14.52
CA LYS B 73 -44.05 -45.73 15.00
C LYS B 73 -44.10 -44.39 14.26
N ARG B 74 -44.67 -44.41 13.04
CA ARG B 74 -44.74 -43.24 12.13
C ARG B 74 -43.32 -42.78 11.76
N THR B 75 -42.43 -43.76 11.51
CA THR B 75 -41.02 -43.52 11.16
C THR B 75 -40.73 -44.00 9.73
N LEU B 76 -40.15 -43.11 8.91
CA LEU B 76 -39.68 -43.42 7.54
C LEU B 76 -38.14 -43.52 7.59
N THR B 77 -37.59 -44.74 7.37
CA THR B 77 -36.15 -45.02 7.54
C THR B 77 -35.46 -45.33 6.19
N ILE B 78 -34.61 -44.41 5.72
CA ILE B 78 -33.86 -44.55 4.45
C ILE B 78 -32.43 -45.03 4.80
N SER B 79 -32.25 -46.37 4.74
CA SER B 79 -30.97 -47.04 5.06
C SER B 79 -30.28 -47.52 3.77
N ASP B 80 -29.33 -46.71 3.27
CA ASP B 80 -28.52 -47.05 2.09
C ASP B 80 -27.29 -47.88 2.47
N ASN B 81 -26.81 -48.67 1.48
CA ASN B 81 -25.50 -49.35 1.49
C ASN B 81 -24.45 -48.48 0.78
N GLY B 82 -24.50 -47.16 1.02
CA GLY B 82 -23.49 -46.22 0.50
C GLY B 82 -22.17 -46.32 1.23
N VAL B 83 -21.31 -45.31 1.07
CA VAL B 83 -20.01 -45.27 1.77
C VAL B 83 -20.22 -45.07 3.28
N GLY B 84 -21.31 -44.39 3.66
CA GLY B 84 -21.47 -43.90 5.03
C GLY B 84 -20.53 -42.75 5.30
N MET B 85 -20.18 -42.51 6.57
CA MET B 85 -19.18 -41.48 6.94
C MET B 85 -18.76 -41.65 8.40
N THR B 86 -17.46 -41.40 8.66
CA THR B 86 -16.90 -41.33 10.02
C THR B 86 -17.21 -39.97 10.66
N ARG B 87 -16.96 -39.87 11.98
CA ARG B 87 -17.36 -38.71 12.83
C ARG B 87 -16.89 -37.37 12.26
N ASP B 88 -15.60 -37.35 11.88
CA ASP B 88 -14.95 -36.20 11.24
C ASP B 88 -15.71 -35.76 9.98
N GLU B 89 -16.17 -36.74 9.18
CA GLU B 89 -16.94 -36.48 7.95
C GLU B 89 -18.41 -36.12 8.26
N VAL B 90 -18.95 -36.58 9.41
CA VAL B 90 -20.35 -36.29 9.80
C VAL B 90 -20.49 -34.80 10.21
N ILE B 91 -19.43 -34.27 10.82
CA ILE B 91 -19.34 -32.84 11.17
C ILE B 91 -19.00 -32.03 9.90
N ASP B 92 -18.15 -32.61 9.03
CA ASP B 92 -17.74 -32.05 7.72
C ASP B 92 -18.92 -32.00 6.72
N HIS B 93 -19.93 -32.88 6.92
CA HIS B 93 -21.13 -32.93 6.06
C HIS B 93 -22.34 -32.32 6.80
N LEU B 94 -22.97 -33.10 7.70
CA LEU B 94 -24.24 -32.70 8.36
C LEU B 94 -24.04 -31.47 9.27
N GLY B 95 -22.92 -31.45 10.02
CA GLY B 95 -22.60 -30.34 10.92
C GLY B 95 -22.37 -29.02 10.20
N THR B 96 -21.85 -29.07 8.95
CA THR B 96 -21.62 -27.86 8.12
C THR B 96 -22.92 -27.39 7.45
N ILE B 97 -23.95 -28.27 7.40
CA ILE B 97 -25.30 -27.92 6.90
C ILE B 97 -26.08 -27.25 8.03
N ALA B 98 -25.88 -27.76 9.26
CA ALA B 98 -26.31 -27.13 10.50
C ALA B 98 -25.33 -25.98 10.83
N LYS B 99 -25.51 -25.33 11.98
CA LYS B 99 -24.67 -24.18 12.35
C LYS B 99 -23.53 -24.67 13.25
N SER B 100 -22.39 -24.97 12.62
CA SER B 100 -21.16 -25.37 13.30
C SER B 100 -20.20 -24.16 13.43
N GLY B 101 -20.21 -23.31 12.39
CA GLY B 101 -19.31 -22.16 12.29
C GLY B 101 -18.55 -22.20 10.97
N THR B 102 -19.32 -22.15 9.87
CA THR B 102 -18.78 -22.32 8.52
C THR B 102 -18.45 -20.99 7.84
N LYS B 103 -19.10 -19.90 8.29
CA LYS B 103 -18.97 -18.53 7.72
C LYS B 103 -19.38 -18.54 6.23
N SER B 104 -18.42 -18.94 5.37
CA SER B 104 -18.60 -19.05 3.91
C SER B 104 -17.47 -19.91 3.32
N PHE B 105 -16.25 -19.76 3.89
CA PHE B 105 -15.04 -20.47 3.44
C PHE B 105 -14.37 -21.26 4.58
N LEU B 106 -14.88 -21.07 5.82
CA LEU B 106 -14.28 -21.46 7.14
C LEU B 106 -13.78 -20.20 7.85
N GLU B 107 -14.09 -20.09 9.15
CA GLU B 107 -13.72 -18.94 9.99
C GLU B 107 -12.20 -18.92 10.26
N SER B 108 -11.63 -20.11 10.49
CA SER B 108 -10.22 -20.26 10.86
C SER B 108 -9.28 -20.17 9.63
N LEU B 109 -9.52 -21.03 8.62
CA LEU B 109 -8.60 -21.21 7.47
C LEU B 109 -9.06 -20.31 6.30
N GLY B 110 -10.39 -20.23 6.06
CA GLY B 110 -10.94 -19.48 4.94
C GLY B 110 -10.67 -20.15 3.59
N SER B 111 -10.76 -21.50 3.57
CA SER B 111 -10.50 -22.31 2.37
C SER B 111 -11.05 -23.74 2.57
N ASP B 112 -10.63 -24.39 3.68
CA ASP B 112 -10.92 -25.81 3.98
C ASP B 112 -12.43 -26.11 3.95
N GLN B 113 -13.20 -25.50 4.85
CA GLN B 113 -14.65 -25.72 5.01
C GLN B 113 -15.45 -24.77 4.06
N ALA B 114 -14.86 -24.43 2.89
CA ALA B 114 -15.60 -23.75 1.80
C ALA B 114 -16.60 -24.71 1.10
N LYS B 115 -16.50 -26.01 1.45
CA LYS B 115 -17.45 -27.05 1.01
C LYS B 115 -18.56 -27.22 2.07
N ASP B 116 -19.11 -26.10 2.54
CA ASP B 116 -20.28 -26.10 3.44
C ASP B 116 -21.52 -25.78 2.61
N SER B 117 -21.39 -24.74 1.78
CA SER B 117 -22.48 -24.19 0.94
C SER B 117 -22.80 -25.13 -0.24
N GLN B 118 -21.82 -25.98 -0.59
CA GLN B 118 -21.96 -27.05 -1.59
C GLN B 118 -22.94 -28.13 -1.10
N LEU B 119 -22.79 -28.47 0.20
CA LEU B 119 -23.56 -29.55 0.86
C LEU B 119 -24.93 -29.03 1.31
N ILE B 120 -25.00 -27.73 1.63
CA ILE B 120 -26.26 -27.01 1.85
C ILE B 120 -27.07 -27.03 0.55
N GLY B 121 -26.37 -26.80 -0.58
CA GLY B 121 -26.97 -26.81 -1.91
C GLY B 121 -27.65 -28.14 -2.26
N GLN B 122 -27.04 -29.25 -1.83
CA GLN B 122 -27.57 -30.62 -2.09
C GLN B 122 -28.48 -31.08 -0.92
N PHE B 123 -27.83 -31.45 0.19
CA PHE B 123 -28.46 -32.15 1.33
C PHE B 123 -29.40 -31.21 2.09
N GLY B 124 -29.04 -29.90 2.12
CA GLY B 124 -29.76 -28.87 2.88
C GLY B 124 -31.20 -28.67 2.41
N VAL B 125 -31.46 -29.01 1.13
CA VAL B 125 -32.81 -28.97 0.55
C VAL B 125 -33.69 -30.03 1.23
N GLY B 126 -33.20 -31.28 1.18
CA GLY B 126 -33.87 -32.43 1.79
C GLY B 126 -33.85 -32.38 3.31
N PHE B 127 -32.90 -31.61 3.87
CA PHE B 127 -32.75 -31.40 5.32
C PHE B 127 -33.95 -30.60 5.84
N TYR B 128 -34.15 -29.39 5.25
CA TYR B 128 -35.25 -28.49 5.63
C TYR B 128 -36.62 -29.18 5.47
N SER B 129 -36.86 -29.74 4.26
CA SER B 129 -38.15 -30.37 3.90
C SER B 129 -38.42 -31.65 4.74
N ALA B 130 -37.34 -32.34 5.15
CA ALA B 130 -37.43 -33.51 6.07
C ALA B 130 -38.00 -33.09 7.42
N PHE B 131 -37.53 -31.94 7.93
CA PHE B 131 -37.97 -31.40 9.23
C PHE B 131 -39.32 -30.64 9.15
N ILE B 132 -39.90 -30.56 7.93
CA ILE B 132 -41.28 -30.08 7.75
C ILE B 132 -42.27 -31.22 8.10
N VAL B 133 -41.99 -32.41 7.54
CA VAL B 133 -42.84 -33.61 7.74
C VAL B 133 -42.45 -34.39 9.02
N ALA B 134 -41.16 -34.34 9.38
CA ALA B 134 -40.61 -35.09 10.52
C ALA B 134 -40.20 -34.14 11.65
N ASP B 135 -40.46 -34.57 12.88
CA ASP B 135 -40.06 -33.86 14.10
C ASP B 135 -38.56 -34.09 14.38
N LYS B 136 -38.16 -35.37 14.33
CA LYS B 136 -36.79 -35.82 14.64
C LYS B 136 -36.23 -36.59 13.43
N VAL B 137 -34.92 -36.41 13.17
CA VAL B 137 -34.16 -37.22 12.21
C VAL B 137 -32.93 -37.79 12.94
N THR B 138 -32.98 -39.11 13.19
CA THR B 138 -31.91 -39.87 13.85
C THR B 138 -31.09 -40.59 12.77
N VAL B 139 -29.83 -40.16 12.57
CA VAL B 139 -28.93 -40.71 11.56
C VAL B 139 -27.89 -41.64 12.23
N ARG B 140 -27.97 -42.92 11.88
CA ARG B 140 -27.04 -43.97 12.31
C ARG B 140 -26.20 -44.41 11.10
N THR B 141 -24.95 -43.95 11.04
CA THR B 141 -24.01 -44.28 9.95
C THR B 141 -22.97 -45.32 10.43
N ARG B 142 -22.28 -45.91 9.44
CA ARG B 142 -21.04 -46.67 9.64
C ARG B 142 -20.32 -46.66 8.30
N ALA B 143 -19.14 -46.03 8.26
CA ALA B 143 -18.39 -45.83 7.02
C ALA B 143 -17.81 -47.14 6.46
N ALA B 144 -17.45 -47.09 5.18
CA ALA B 144 -17.02 -48.26 4.41
C ALA B 144 -15.64 -48.74 4.88
N GLY B 145 -15.56 -50.05 5.19
CA GLY B 145 -14.30 -50.66 5.63
C GLY B 145 -13.91 -50.32 7.07
N GLU B 146 -14.75 -49.53 7.75
CA GLU B 146 -14.54 -49.16 9.15
C GLU B 146 -15.16 -50.22 10.07
N LYS B 147 -14.74 -50.21 11.33
CA LYS B 147 -15.24 -51.17 12.34
C LYS B 147 -16.69 -50.80 12.71
N PRO B 148 -17.64 -51.79 12.81
CA PRO B 148 -19.06 -51.53 13.16
C PRO B 148 -19.23 -50.65 14.42
N GLU B 149 -18.36 -50.88 15.41
CA GLU B 149 -18.42 -50.18 16.72
C GLU B 149 -17.96 -48.71 16.59
N ASN B 150 -17.15 -48.38 15.56
CA ASN B 150 -16.72 -46.97 15.30
C ASN B 150 -17.65 -46.27 14.29
N GLY B 151 -18.87 -46.84 14.08
CA GLY B 151 -19.96 -46.15 13.37
C GLY B 151 -20.37 -44.88 14.11
N VAL B 152 -21.16 -44.00 13.49
CA VAL B 152 -21.43 -42.66 14.06
C VAL B 152 -22.93 -42.40 14.22
N PHE B 153 -23.30 -41.93 15.42
CA PHE B 153 -24.63 -41.44 15.75
C PHE B 153 -24.67 -39.94 15.48
N TRP B 154 -25.81 -39.48 14.97
CA TRP B 154 -26.10 -38.08 14.75
C TRP B 154 -27.60 -37.86 14.91
N GLU B 155 -27.98 -36.65 15.35
CA GLU B 155 -29.39 -36.29 15.52
C GLU B 155 -29.55 -34.77 15.60
N SER B 156 -30.59 -34.25 14.96
CA SER B 156 -30.99 -32.83 15.05
C SER B 156 -32.52 -32.72 14.96
N ALA B 157 -33.03 -31.54 15.32
CA ALA B 157 -34.44 -31.17 15.20
C ALA B 157 -34.62 -30.11 14.08
N GLY B 158 -33.53 -29.77 13.37
CA GLY B 158 -33.60 -28.92 12.17
C GLY B 158 -32.84 -27.59 12.27
N GLU B 159 -32.71 -27.06 13.48
CA GLU B 159 -32.03 -25.76 13.71
C GLU B 159 -30.49 -25.89 13.73
N GLY B 160 -29.80 -24.82 14.18
CA GLY B 160 -28.34 -24.75 14.18
C GLY B 160 -27.67 -25.49 15.34
N GLU B 161 -28.13 -26.72 15.58
CA GLU B 161 -27.59 -27.63 16.60
C GLU B 161 -27.47 -29.03 16.01
N TYR B 162 -26.63 -29.86 16.65
CA TYR B 162 -26.49 -31.28 16.29
C TYR B 162 -25.79 -32.06 17.42
N THR B 163 -26.28 -33.27 17.67
CA THR B 163 -25.65 -34.27 18.54
C THR B 163 -24.85 -35.23 17.64
N VAL B 164 -23.61 -35.55 18.03
CA VAL B 164 -22.76 -36.50 17.31
C VAL B 164 -21.94 -37.35 18.31
N ALA B 165 -21.94 -38.68 18.11
CA ALA B 165 -21.26 -39.66 18.99
C ALA B 165 -20.84 -40.89 18.16
N ASP B 166 -20.19 -41.87 18.81
CA ASP B 166 -19.88 -43.18 18.19
C ASP B 166 -20.88 -44.23 18.69
N ILE B 167 -21.24 -45.18 17.79
CA ILE B 167 -22.19 -46.26 18.06
C ILE B 167 -21.79 -47.51 17.25
N THR B 168 -22.48 -48.62 17.52
CA THR B 168 -22.33 -49.86 16.74
C THR B 168 -23.44 -49.96 15.68
N LYS B 169 -23.04 -49.93 14.40
CA LYS B 169 -23.90 -50.29 13.25
C LYS B 169 -23.15 -51.32 12.41
N GLU B 170 -23.59 -52.59 12.49
CA GLU B 170 -22.90 -53.74 11.88
C GLU B 170 -22.97 -53.69 10.34
N ASP B 171 -24.15 -53.35 9.78
CA ASP B 171 -24.31 -53.18 8.32
C ASP B 171 -23.70 -51.82 7.89
N ARG B 172 -23.20 -51.76 6.65
CA ARG B 172 -22.51 -50.55 6.12
C ARG B 172 -23.51 -49.56 5.51
N GLY B 173 -23.13 -48.27 5.51
CA GLY B 173 -23.87 -47.22 4.84
C GLY B 173 -24.44 -46.21 5.81
N THR B 174 -25.59 -45.65 5.47
CA THR B 174 -26.23 -44.57 6.25
C THR B 174 -27.72 -44.88 6.45
N GLU B 175 -28.16 -44.89 7.72
CA GLU B 175 -29.54 -45.24 8.11
C GLU B 175 -30.21 -44.02 8.75
N ILE B 176 -31.12 -43.38 8.01
CA ILE B 176 -31.76 -42.12 8.43
C ILE B 176 -33.22 -42.39 8.83
N THR B 177 -33.50 -42.35 10.14
CA THR B 177 -34.82 -42.64 10.72
C THR B 177 -35.56 -41.32 11.03
N LEU B 178 -36.48 -40.96 10.13
CA LEU B 178 -37.31 -39.75 10.26
C LEU B 178 -38.57 -40.08 11.07
N HIS B 179 -38.65 -39.59 12.32
CA HIS B 179 -39.88 -39.65 13.10
C HIS B 179 -40.86 -38.61 12.53
N LEU B 180 -41.79 -39.07 11.68
CA LEU B 180 -42.83 -38.23 11.08
C LEU B 180 -43.89 -37.85 12.14
N ARG B 181 -44.47 -36.66 11.99
CA ARG B 181 -45.61 -36.19 12.79
C ARG B 181 -46.91 -36.83 12.25
N GLU B 182 -47.93 -37.02 13.10
CA GLU B 182 -49.22 -37.57 12.64
C GLU B 182 -49.94 -36.51 11.77
N GLY B 183 -50.43 -36.97 10.62
CA GLY B 183 -50.81 -36.10 9.51
C GLY B 183 -49.91 -36.42 8.33
N GLU B 184 -48.60 -36.59 8.64
CA GLU B 184 -47.56 -36.95 7.66
C GLU B 184 -47.45 -38.48 7.53
N ASP B 185 -48.55 -39.16 7.90
CA ASP B 185 -48.63 -40.64 7.93
C ASP B 185 -49.08 -41.18 6.56
N GLU B 186 -49.37 -40.24 5.64
CA GLU B 186 -49.56 -40.51 4.20
C GLU B 186 -48.29 -41.12 3.55
N PHE B 187 -47.12 -40.94 4.22
CA PHE B 187 -45.82 -41.55 3.81
C PHE B 187 -45.60 -42.93 4.48
N LEU B 188 -46.69 -43.54 5.00
CA LEU B 188 -46.66 -44.90 5.61
C LEU B 188 -47.50 -45.90 4.78
N ASP B 189 -48.14 -45.40 3.71
CA ASP B 189 -48.91 -46.22 2.76
C ASP B 189 -47.94 -46.86 1.77
N ASP B 190 -47.97 -48.20 1.64
CA ASP B 190 -46.97 -48.98 0.86
C ASP B 190 -46.95 -48.52 -0.61
N TRP B 191 -48.14 -48.48 -1.21
CA TRP B 191 -48.34 -48.06 -2.60
C TRP B 191 -47.90 -46.60 -2.83
N ARG B 192 -48.09 -45.73 -1.82
CA ARG B 192 -47.72 -44.30 -1.89
C ARG B 192 -46.19 -44.18 -1.88
N VAL B 193 -45.52 -44.89 -0.93
CA VAL B 193 -44.05 -44.79 -0.78
C VAL B 193 -43.38 -45.27 -2.08
N ARG B 194 -43.77 -46.48 -2.54
CA ARG B 194 -43.25 -47.10 -3.80
C ARG B 194 -43.50 -46.19 -5.03
N SER B 195 -44.63 -45.45 -5.01
CA SER B 195 -44.98 -44.49 -6.07
C SER B 195 -43.94 -43.35 -6.10
N ILE B 196 -43.72 -42.70 -4.93
CA ILE B 196 -42.76 -41.57 -4.77
C ILE B 196 -41.33 -42.05 -5.06
N ILE B 197 -41.04 -43.32 -4.71
CA ILE B 197 -39.77 -43.98 -5.08
C ILE B 197 -39.63 -43.95 -6.60
N SER B 198 -40.54 -44.64 -7.31
CA SER B 198 -40.43 -44.94 -8.75
C SER B 198 -40.21 -43.68 -9.62
N LYS B 199 -41.05 -42.64 -9.38
CA LYS B 199 -41.08 -41.39 -10.20
C LYS B 199 -39.71 -40.69 -10.26
N TYR B 200 -38.94 -40.85 -9.17
CA TYR B 200 -37.73 -40.05 -8.92
C TYR B 200 -36.48 -40.93 -8.96
N SER B 201 -36.61 -42.15 -8.44
CA SER B 201 -35.52 -43.14 -8.40
C SER B 201 -35.10 -43.53 -9.82
N ASP B 202 -36.02 -43.32 -10.77
CA ASP B 202 -35.81 -43.64 -12.17
C ASP B 202 -34.60 -42.86 -12.74
N HIS B 203 -34.41 -41.57 -12.31
CA HIS B 203 -33.26 -40.75 -12.80
C HIS B 203 -31.93 -41.19 -12.15
N ILE B 204 -32.03 -42.04 -11.13
CA ILE B 204 -30.93 -42.43 -10.23
C ILE B 204 -30.37 -43.81 -10.64
N ALA B 205 -29.02 -43.90 -10.65
CA ALA B 205 -28.28 -45.12 -11.07
C ALA B 205 -28.01 -46.08 -9.88
N LEU B 206 -28.77 -45.90 -8.79
CA LEU B 206 -28.64 -46.69 -7.55
C LEU B 206 -29.96 -47.45 -7.31
N PRO B 207 -29.94 -48.83 -7.28
CA PRO B 207 -31.15 -49.66 -7.01
C PRO B 207 -31.85 -49.23 -5.71
N VAL B 208 -33.10 -48.76 -5.79
CA VAL B 208 -33.87 -48.41 -4.59
C VAL B 208 -34.81 -49.57 -4.26
N GLU B 209 -34.55 -50.23 -3.11
CA GLU B 209 -35.38 -51.31 -2.59
C GLU B 209 -36.29 -50.76 -1.48
N ILE B 210 -37.42 -51.44 -1.25
CA ILE B 210 -38.40 -51.03 -0.23
C ILE B 210 -38.62 -52.18 0.76
N GLU B 211 -38.97 -51.81 1.99
CA GLU B 211 -39.38 -52.76 3.02
C GLU B 211 -40.78 -53.30 2.67
N LYS B 212 -40.82 -54.54 2.18
CA LYS B 212 -42.04 -55.34 2.07
C LYS B 212 -42.02 -56.31 3.26
N ARG B 213 -42.56 -55.88 4.42
CA ARG B 213 -42.51 -56.71 5.63
C ARG B 213 -43.88 -57.37 5.90
N GLU B 214 -43.83 -58.68 6.17
CA GLU B 214 -45.00 -59.51 6.51
C GLU B 214 -44.99 -59.77 8.02
N GLU B 215 -45.77 -58.96 8.75
CA GLU B 215 -45.96 -59.10 10.20
C GLU B 215 -47.03 -60.18 10.46
N LYS B 216 -46.60 -61.45 10.39
CA LYS B 216 -47.47 -62.62 10.64
C LYS B 216 -47.03 -63.29 11.96
N ASP B 217 -47.78 -64.31 12.41
CA ASP B 217 -47.62 -64.90 13.77
C ASP B 217 -46.22 -65.51 13.98
N GLY B 218 -45.37 -64.79 14.75
CA GLY B 218 -43.99 -65.20 15.02
C GLY B 218 -43.01 -64.72 13.95
N GLU B 219 -43.55 -64.41 12.78
CA GLU B 219 -42.79 -64.11 11.57
C GLU B 219 -42.79 -62.60 11.29
N THR B 220 -41.68 -61.92 11.58
CA THR B 220 -41.43 -60.57 11.07
C THR B 220 -40.55 -60.71 9.83
N VAL B 221 -41.19 -61.07 8.71
CA VAL B 221 -40.51 -61.30 7.44
C VAL B 221 -40.22 -59.94 6.83
N ILE B 222 -38.97 -59.67 6.47
CA ILE B 222 -38.58 -58.39 5.86
C ILE B 222 -37.96 -58.68 4.49
N SER B 223 -38.64 -58.21 3.44
CA SER B 223 -38.22 -58.37 2.04
C SER B 223 -37.84 -57.00 1.50
N TRP B 224 -36.94 -56.97 0.52
CA TRP B 224 -36.48 -55.73 -0.11
C TRP B 224 -36.69 -55.85 -1.63
N GLU B 225 -37.67 -55.09 -2.17
CA GLU B 225 -38.05 -55.17 -3.61
C GLU B 225 -37.63 -53.88 -4.33
N LYS B 226 -36.96 -54.04 -5.48
CA LYS B 226 -36.48 -52.90 -6.29
C LYS B 226 -37.64 -52.28 -7.11
N ILE B 227 -37.85 -50.97 -6.95
CA ILE B 227 -38.88 -50.21 -7.71
C ILE B 227 -38.18 -49.38 -8.82
N ASN B 228 -36.84 -49.26 -8.71
CA ASN B 228 -36.00 -48.51 -9.67
C ASN B 228 -35.60 -49.44 -10.84
N LYS B 229 -35.31 -48.85 -12.03
CA LYS B 229 -34.70 -49.59 -13.17
C LYS B 229 -33.27 -50.06 -12.83
N ALA B 230 -32.59 -49.27 -11.97
CA ALA B 230 -31.18 -49.47 -11.56
C ALA B 230 -30.27 -49.33 -12.80
N GLN B 231 -30.66 -48.40 -13.67
CA GLN B 231 -30.00 -48.15 -14.95
C GLN B 231 -29.86 -46.62 -15.08
N ALA B 232 -28.63 -46.18 -15.35
CA ALA B 232 -28.26 -44.76 -15.36
C ALA B 232 -29.04 -43.96 -16.41
N LEU B 233 -29.53 -42.77 -15.98
CA LEU B 233 -30.35 -41.88 -16.82
C LEU B 233 -29.71 -41.59 -18.18
N TRP B 234 -28.39 -41.32 -18.14
CA TRP B 234 -27.62 -40.96 -19.33
C TRP B 234 -27.49 -42.14 -20.32
N THR B 235 -27.39 -43.39 -19.81
CA THR B 235 -27.16 -44.57 -20.66
C THR B 235 -28.48 -45.12 -21.24
N ARG B 236 -29.64 -44.72 -20.65
CA ARG B 236 -30.97 -45.07 -21.21
C ARG B 236 -31.29 -44.21 -22.45
N ASN B 237 -32.35 -44.60 -23.20
CA ASN B 237 -32.79 -43.90 -24.44
C ASN B 237 -33.32 -42.49 -24.09
N LYS B 238 -32.83 -41.48 -24.84
CA LYS B 238 -33.18 -40.05 -24.64
C LYS B 238 -34.69 -39.80 -24.77
N SER B 239 -35.31 -40.45 -25.77
CA SER B 239 -36.77 -40.34 -26.04
C SER B 239 -37.60 -40.98 -24.91
N GLU B 240 -37.00 -41.94 -24.19
CA GLU B 240 -37.64 -42.66 -23.07
C GLU B 240 -37.46 -41.87 -21.76
N ILE B 241 -36.44 -40.97 -21.72
CA ILE B 241 -36.25 -40.04 -20.59
C ILE B 241 -37.30 -38.90 -20.66
N THR B 242 -37.92 -38.56 -19.52
CA THR B 242 -38.79 -37.36 -19.40
C THR B 242 -37.92 -36.14 -18.97
N ASP B 243 -38.39 -34.91 -19.30
CA ASP B 243 -37.68 -33.65 -18.99
C ASP B 243 -37.52 -33.45 -17.48
N GLU B 244 -38.50 -33.98 -16.73
CA GLU B 244 -38.54 -33.85 -15.27
C GLU B 244 -37.34 -34.55 -14.63
N GLU B 245 -37.00 -35.75 -15.14
CA GLU B 245 -35.82 -36.51 -14.70
C GLU B 245 -34.53 -35.71 -14.91
N TYR B 246 -34.39 -35.04 -16.09
CA TYR B 246 -33.21 -34.18 -16.39
C TYR B 246 -33.05 -33.05 -15.35
N LYS B 247 -34.18 -32.41 -14.99
CA LYS B 247 -34.20 -31.30 -14.02
C LYS B 247 -33.65 -31.76 -12.65
N GLU B 248 -34.25 -32.82 -12.09
CA GLU B 248 -33.91 -33.33 -10.74
C GLU B 248 -32.59 -34.15 -10.74
N PHE B 249 -32.17 -34.62 -11.91
CA PHE B 249 -30.86 -35.29 -12.08
C PHE B 249 -29.76 -34.24 -12.02
N TYR B 250 -30.04 -33.04 -12.58
CA TYR B 250 -29.19 -31.85 -12.40
C TYR B 250 -29.06 -31.54 -10.90
N LYS B 251 -30.19 -31.57 -10.17
CA LYS B 251 -30.26 -31.25 -8.74
C LYS B 251 -29.42 -32.24 -7.89
N HIS B 252 -29.15 -33.44 -8.46
CA HIS B 252 -28.16 -34.39 -7.94
C HIS B 252 -26.73 -33.94 -8.34
N ILE B 253 -26.44 -33.92 -9.65
CA ILE B 253 -25.07 -33.81 -10.20
C ILE B 253 -24.42 -32.41 -9.92
N ALA B 254 -25.26 -31.43 -9.57
CA ALA B 254 -24.85 -30.02 -9.37
C ALA B 254 -24.51 -29.73 -7.91
N HIS B 255 -25.19 -30.46 -7.00
CA HIS B 255 -25.27 -30.12 -5.56
C HIS B 255 -25.88 -28.72 -5.35
N ASP B 256 -26.75 -28.31 -6.29
CA ASP B 256 -27.72 -27.20 -6.15
C ASP B 256 -28.90 -27.52 -7.07
N PHE B 257 -30.05 -26.87 -6.85
CA PHE B 257 -31.34 -27.40 -7.36
C PHE B 257 -32.19 -26.36 -8.12
N ASN B 258 -31.53 -25.36 -8.73
CA ASN B 258 -32.21 -24.39 -9.62
C ASN B 258 -32.46 -25.05 -11.00
N ASP B 259 -33.72 -25.04 -11.48
CA ASP B 259 -34.09 -25.72 -12.76
C ASP B 259 -33.35 -25.09 -13.97
N PRO B 260 -32.66 -25.93 -14.84
CA PRO B 260 -31.82 -25.43 -15.95
C PRO B 260 -32.64 -24.77 -17.09
N LEU B 261 -32.00 -23.84 -17.82
CA LEU B 261 -32.57 -23.18 -19.01
C LEU B 261 -32.72 -24.19 -20.17
N THR B 262 -31.63 -24.94 -20.41
CA THR B 262 -31.58 -25.98 -21.44
C THR B 262 -30.48 -26.99 -21.04
N TRP B 263 -30.37 -28.08 -21.80
CA TRP B 263 -29.39 -29.14 -21.57
C TRP B 263 -29.03 -29.82 -22.91
N SER B 264 -28.00 -30.67 -22.89
CA SER B 264 -27.46 -31.34 -24.08
C SER B 264 -26.98 -32.75 -23.72
N HIS B 265 -27.85 -33.74 -23.96
CA HIS B 265 -27.55 -35.16 -23.77
C HIS B 265 -27.07 -35.75 -25.11
N ASN B 266 -25.77 -36.04 -25.21
CA ASN B 266 -25.18 -36.66 -26.41
C ASN B 266 -24.52 -37.99 -26.02
N ARG B 267 -24.20 -38.81 -27.03
CA ARG B 267 -23.37 -40.01 -26.86
C ARG B 267 -22.45 -40.14 -28.07
N VAL B 268 -21.16 -40.36 -27.78
CA VAL B 268 -20.10 -40.55 -28.78
C VAL B 268 -19.54 -41.97 -28.61
N GLU B 269 -19.16 -42.59 -29.73
CA GLU B 269 -18.63 -43.95 -29.77
C GLU B 269 -17.64 -44.10 -30.94
N GLY B 270 -17.08 -45.31 -31.11
CA GLY B 270 -16.09 -45.60 -32.15
C GLY B 270 -14.70 -45.70 -31.55
N LYS B 271 -13.92 -44.61 -31.63
CA LYS B 271 -12.56 -44.53 -31.05
C LYS B 271 -12.64 -44.38 -29.53
N GLN B 272 -13.39 -43.36 -29.10
CA GLN B 272 -13.66 -43.09 -27.67
C GLN B 272 -15.17 -43.14 -27.44
N GLU B 273 -15.64 -44.10 -26.62
CA GLU B 273 -17.04 -44.17 -26.23
C GLU B 273 -17.23 -43.43 -24.91
N TYR B 274 -18.08 -42.39 -24.94
CA TYR B 274 -18.50 -41.66 -23.74
C TYR B 274 -19.89 -41.04 -23.97
N THR B 275 -20.78 -41.21 -23.00
CA THR B 275 -22.07 -40.52 -22.97
C THR B 275 -21.90 -39.20 -22.20
N SER B 276 -22.14 -38.07 -22.87
CA SER B 276 -22.00 -36.73 -22.29
C SER B 276 -23.39 -36.15 -21.96
N LEU B 277 -23.51 -35.45 -20.84
CA LEU B 277 -24.78 -34.80 -20.41
C LEU B 277 -24.45 -33.48 -19.69
N LEU B 278 -24.56 -32.39 -20.47
CA LEU B 278 -24.28 -31.02 -20.00
C LEU B 278 -25.60 -30.31 -19.63
N TYR B 279 -25.53 -29.36 -18.68
CA TYR B 279 -26.68 -28.51 -18.29
C TYR B 279 -26.23 -27.03 -18.24
N ILE B 280 -27.13 -26.13 -18.66
CA ILE B 280 -26.97 -24.66 -18.53
C ILE B 280 -27.84 -24.17 -17.35
N PRO B 281 -27.22 -23.75 -16.19
CA PRO B 281 -27.97 -23.19 -15.03
C PRO B 281 -28.72 -21.88 -15.37
N SER B 282 -29.86 -21.66 -14.69
CA SER B 282 -30.70 -20.47 -14.89
C SER B 282 -30.14 -19.24 -14.16
N GLN B 283 -29.49 -19.50 -13.02
CA GLN B 283 -28.92 -18.46 -12.15
C GLN B 283 -27.48 -18.79 -11.86
N ALA B 284 -26.70 -17.75 -11.57
CA ALA B 284 -25.33 -17.91 -11.06
C ALA B 284 -25.40 -18.23 -9.56
N PRO B 285 -24.87 -19.40 -9.09
CA PRO B 285 -24.81 -19.72 -7.64
C PRO B 285 -23.89 -18.75 -6.89
N TRP B 286 -24.02 -18.70 -5.55
CA TRP B 286 -23.18 -17.79 -4.72
C TRP B 286 -21.71 -18.30 -4.72
N ASP B 287 -21.56 -19.63 -4.87
CA ASP B 287 -20.26 -20.32 -4.96
C ASP B 287 -19.57 -20.14 -6.34
N MET B 288 -20.19 -19.36 -7.25
CA MET B 288 -19.65 -19.15 -8.62
C MET B 288 -18.32 -18.37 -8.58
N TRP B 289 -18.20 -17.44 -7.61
CA TRP B 289 -17.01 -16.57 -7.48
C TRP B 289 -16.29 -16.85 -6.14
N ASN B 290 -16.55 -18.04 -5.58
CA ASN B 290 -15.86 -18.49 -4.35
C ASN B 290 -14.56 -19.23 -4.70
N ARG B 291 -13.78 -19.56 -3.65
CA ARG B 291 -12.51 -20.30 -3.79
C ARG B 291 -12.80 -21.78 -4.13
N ASP B 292 -14.03 -22.24 -3.84
CA ASP B 292 -14.44 -23.62 -4.12
C ASP B 292 -15.19 -23.67 -5.46
N HIS B 293 -15.35 -24.88 -5.98
CA HIS B 293 -15.86 -25.15 -7.33
C HIS B 293 -17.38 -25.41 -7.31
N LYS B 294 -18.08 -24.91 -8.33
CA LYS B 294 -19.45 -25.35 -8.68
C LYS B 294 -19.42 -26.03 -10.05
N HIS B 295 -18.61 -25.45 -10.95
CA HIS B 295 -18.46 -25.95 -12.33
C HIS B 295 -17.67 -27.26 -12.36
N GLY B 296 -17.95 -28.08 -13.38
CA GLY B 296 -17.28 -29.36 -13.58
C GLY B 296 -18.25 -30.46 -13.91
N LEU B 297 -17.72 -31.58 -14.42
CA LEU B 297 -18.50 -32.76 -14.78
C LEU B 297 -18.12 -33.91 -13.84
N LYS B 298 -19.13 -34.61 -13.28
CA LYS B 298 -18.88 -35.84 -12.50
C LYS B 298 -18.39 -36.94 -13.46
N LEU B 299 -17.10 -37.27 -13.36
CA LEU B 299 -16.50 -38.33 -14.18
C LEU B 299 -16.92 -39.70 -13.65
N TYR B 300 -17.71 -40.38 -14.45
CA TYR B 300 -17.96 -41.81 -14.34
C TYR B 300 -17.12 -42.49 -15.43
N VAL B 301 -16.61 -43.68 -15.15
CA VAL B 301 -16.01 -44.57 -16.16
C VAL B 301 -16.73 -45.92 -16.07
N GLN B 302 -17.44 -46.27 -17.17
CA GLN B 302 -18.19 -47.54 -17.34
C GLN B 302 -19.32 -47.64 -16.29
N ARG B 303 -19.95 -46.47 -16.00
CA ARG B 303 -21.11 -46.30 -15.07
C ARG B 303 -20.69 -46.45 -13.58
N VAL B 304 -19.37 -46.58 -13.35
CA VAL B 304 -18.77 -46.53 -12.00
C VAL B 304 -18.24 -45.11 -11.77
N PHE B 305 -18.50 -44.53 -10.61
CA PHE B 305 -18.06 -43.15 -10.28
C PHE B 305 -16.56 -43.13 -9.94
N ILE B 306 -15.81 -42.17 -10.55
CA ILE B 306 -14.40 -41.91 -10.21
C ILE B 306 -14.29 -40.57 -9.47
N MET B 307 -14.61 -39.43 -10.11
CA MET B 307 -14.37 -38.11 -9.46
C MET B 307 -15.54 -37.15 -9.71
N ASP B 308 -15.78 -36.30 -8.70
CA ASP B 308 -16.88 -35.33 -8.68
C ASP B 308 -16.38 -34.01 -9.26
N ASP B 309 -17.32 -33.13 -9.70
CA ASP B 309 -17.08 -31.70 -10.07
C ASP B 309 -15.79 -31.48 -10.90
N ALA B 310 -15.42 -32.49 -11.72
CA ALA B 310 -14.15 -32.51 -12.47
C ALA B 310 -14.22 -31.54 -13.64
N GLU B 311 -13.77 -30.32 -13.36
CA GLU B 311 -13.75 -29.18 -14.30
C GLU B 311 -12.66 -29.32 -15.38
N GLN B 312 -11.90 -30.43 -15.32
CA GLN B 312 -10.86 -30.76 -16.30
C GLN B 312 -11.46 -30.98 -17.72
N PHE B 313 -12.77 -31.30 -17.76
CA PHE B 313 -13.50 -31.60 -19.01
C PHE B 313 -14.10 -30.33 -19.66
N MET B 314 -14.25 -29.25 -18.87
CA MET B 314 -14.86 -28.00 -19.37
C MET B 314 -13.80 -26.88 -19.31
N PRO B 315 -13.47 -26.23 -20.46
CA PRO B 315 -12.46 -25.16 -20.51
C PRO B 315 -12.99 -23.79 -20.02
N ASN B 316 -12.13 -22.75 -20.08
CA ASN B 316 -12.23 -21.57 -19.19
C ASN B 316 -13.47 -20.67 -19.40
N TYR B 317 -13.76 -20.20 -20.63
CA TYR B 317 -14.88 -19.23 -20.80
C TYR B 317 -16.22 -19.98 -20.86
N LEU B 318 -16.17 -21.32 -20.77
CA LEU B 318 -17.34 -22.20 -20.78
C LEU B 318 -17.57 -22.83 -19.40
N ARG B 319 -16.91 -22.27 -18.34
CA ARG B 319 -17.00 -22.80 -16.95
C ARG B 319 -18.35 -22.44 -16.27
N PHE B 320 -19.30 -21.92 -17.06
CA PHE B 320 -20.71 -21.77 -16.64
C PHE B 320 -21.48 -23.10 -16.85
N VAL B 321 -21.01 -23.94 -17.78
CA VAL B 321 -21.59 -25.27 -18.04
C VAL B 321 -21.09 -26.25 -16.97
N ARG B 322 -22.00 -27.10 -16.53
CA ARG B 322 -21.77 -28.05 -15.47
C ARG B 322 -22.78 -29.22 -15.61
N GLY B 323 -22.34 -30.43 -15.25
CA GLY B 323 -23.09 -31.64 -15.54
C GLY B 323 -22.27 -32.87 -15.17
N LEU B 324 -22.17 -33.82 -16.11
CA LEU B 324 -21.40 -35.05 -15.93
C LEU B 324 -21.02 -35.66 -17.29
N ILE B 325 -20.15 -36.67 -17.23
CA ILE B 325 -19.68 -37.42 -18.39
C ILE B 325 -19.28 -38.84 -17.92
N ASP B 326 -19.82 -39.86 -18.60
CA ASP B 326 -19.44 -41.25 -18.38
C ASP B 326 -18.66 -41.74 -19.60
N SER B 327 -17.46 -42.26 -19.37
CA SER B 327 -16.55 -42.72 -20.42
C SER B 327 -16.33 -44.24 -20.30
N SER B 328 -16.74 -44.99 -21.34
CA SER B 328 -16.58 -46.45 -21.39
C SER B 328 -15.15 -46.84 -21.83
N ASP B 329 -14.44 -45.87 -22.44
CA ASP B 329 -13.08 -46.09 -23.00
C ASP B 329 -11.97 -45.79 -21.96
N LEU B 330 -12.13 -44.68 -21.23
CA LEU B 330 -11.14 -44.18 -20.23
C LEU B 330 -10.84 -45.23 -19.10
N PRO B 331 -9.65 -45.16 -18.41
CA PRO B 331 -9.32 -46.05 -17.27
C PRO B 331 -10.09 -45.67 -15.98
N LEU B 332 -10.12 -46.60 -15.02
CA LEU B 332 -10.73 -46.38 -13.68
C LEU B 332 -9.68 -45.75 -12.72
N ASN B 333 -8.38 -45.88 -13.08
CA ASN B 333 -7.26 -45.24 -12.33
C ASN B 333 -7.01 -43.79 -12.83
N VAL B 334 -7.94 -43.27 -13.65
CA VAL B 334 -7.87 -41.92 -14.23
C VAL B 334 -7.83 -40.82 -13.13
N SER B 335 -6.90 -39.86 -13.29
CA SER B 335 -6.73 -38.71 -12.38
C SER B 335 -6.40 -37.44 -13.22
N ARG B 336 -6.15 -36.31 -12.53
CA ARG B 336 -5.94 -34.98 -13.16
C ARG B 336 -4.84 -34.99 -14.25
N GLU B 337 -3.76 -35.75 -14.02
CA GLU B 337 -2.64 -35.90 -14.99
C GLU B 337 -3.16 -36.53 -16.30
N ILE B 338 -3.95 -37.62 -16.16
CA ILE B 338 -4.54 -38.34 -17.30
C ILE B 338 -5.52 -37.41 -18.06
N LEU B 339 -6.24 -36.58 -17.29
CA LEU B 339 -7.23 -35.65 -17.84
C LEU B 339 -6.57 -34.45 -18.55
N GLN B 340 -5.35 -34.10 -18.11
CA GLN B 340 -4.59 -32.97 -18.68
C GLN B 340 -3.81 -33.42 -19.93
N ASP B 341 -3.24 -34.62 -19.85
CA ASP B 341 -2.22 -35.11 -20.81
C ASP B 341 -2.81 -36.01 -21.90
N SER B 342 -3.63 -37.00 -21.49
CA SER B 342 -4.05 -38.11 -22.37
C SER B 342 -5.03 -37.64 -23.48
N THR B 343 -4.91 -38.27 -24.65
CA THR B 343 -5.58 -37.83 -25.89
C THR B 343 -7.09 -38.07 -25.82
N VAL B 344 -7.51 -39.17 -25.17
CA VAL B 344 -8.94 -39.52 -25.00
C VAL B 344 -9.72 -38.37 -24.31
N THR B 345 -9.12 -37.78 -23.25
CA THR B 345 -9.71 -36.66 -22.53
C THR B 345 -9.54 -35.35 -23.32
N ARG B 346 -8.49 -35.29 -24.16
CA ARG B 346 -8.16 -34.10 -24.95
C ARG B 346 -9.30 -33.89 -25.98
N ASN B 347 -9.64 -35.00 -26.66
CA ASN B 347 -10.62 -35.03 -27.75
C ASN B 347 -12.04 -34.86 -27.24
N LEU B 348 -12.39 -35.53 -26.10
CA LEU B 348 -13.74 -35.43 -25.52
C LEU B 348 -14.02 -33.99 -25.07
N ARG B 349 -12.98 -33.35 -24.48
CA ARG B 349 -13.04 -31.95 -24.03
C ARG B 349 -13.28 -31.02 -25.22
N ASN B 350 -12.58 -31.29 -26.35
CA ASN B 350 -12.73 -30.50 -27.60
C ASN B 350 -14.19 -30.56 -28.11
N ALA B 351 -14.75 -31.79 -28.10
CA ALA B 351 -16.12 -32.06 -28.58
C ALA B 351 -17.15 -31.32 -27.72
N LEU B 352 -16.89 -31.26 -26.39
CA LEU B 352 -17.74 -30.55 -25.42
C LEU B 352 -17.61 -29.02 -25.58
N THR B 353 -16.38 -28.56 -25.88
CA THR B 353 -16.05 -27.12 -26.03
C THR B 353 -16.87 -26.51 -27.17
N LYS B 354 -16.74 -27.12 -28.36
CA LYS B 354 -17.47 -26.70 -29.57
C LYS B 354 -18.99 -26.87 -29.36
N ARG B 355 -19.38 -27.97 -28.67
CA ARG B 355 -20.80 -28.30 -28.44
C ARG B 355 -21.50 -27.18 -27.64
N VAL B 356 -20.74 -26.59 -26.68
CA VAL B 356 -21.25 -25.48 -25.87
C VAL B 356 -21.39 -24.20 -26.70
N LEU B 357 -20.35 -23.86 -27.50
CA LEU B 357 -20.38 -22.66 -28.40
C LEU B 357 -21.65 -22.66 -29.28
N GLN B 358 -21.96 -23.84 -29.83
CA GLN B 358 -23.15 -24.07 -30.65
C GLN B 358 -24.42 -23.95 -29.78
N MET B 359 -24.36 -24.54 -28.56
CA MET B 359 -25.49 -24.59 -27.58
C MET B 359 -25.83 -23.18 -27.02
N LEU B 360 -24.86 -22.25 -27.08
CA LEU B 360 -25.03 -20.85 -26.63
C LEU B 360 -25.93 -20.08 -27.62
N GLU B 361 -25.48 -20.01 -28.89
CA GLU B 361 -26.25 -19.35 -29.96
C GLU B 361 -27.56 -20.12 -30.25
N LYS B 362 -27.53 -21.44 -29.95
CA LYS B 362 -28.72 -22.30 -29.99
C LYS B 362 -29.77 -21.76 -29.01
N LEU B 363 -29.34 -21.52 -27.75
CA LEU B 363 -30.21 -21.02 -26.66
C LEU B 363 -30.70 -19.58 -26.97
N ALA B 364 -29.90 -18.82 -27.77
CA ALA B 364 -30.29 -17.48 -28.25
C ALA B 364 -31.55 -17.54 -29.14
N LYS B 365 -31.66 -18.62 -29.93
CA LYS B 365 -32.77 -18.85 -30.88
C LYS B 365 -33.87 -19.72 -30.24
N ASP B 366 -33.46 -20.55 -29.28
CA ASP B 366 -34.32 -21.50 -28.54
C ASP B 366 -35.28 -20.71 -27.66
N ASP B 367 -34.70 -19.76 -26.90
CA ASP B 367 -35.44 -18.82 -26.06
C ASP B 367 -34.52 -17.63 -25.74
N ALA B 368 -34.78 -16.49 -26.40
CA ALA B 368 -33.95 -15.27 -26.28
C ALA B 368 -33.90 -14.72 -24.84
N GLU B 369 -35.01 -14.90 -24.09
CA GLU B 369 -35.12 -14.41 -22.71
C GLU B 369 -34.22 -15.24 -21.79
N LYS B 370 -34.22 -16.58 -22.00
CA LYS B 370 -33.37 -17.52 -21.23
C LYS B 370 -31.89 -17.19 -21.43
N TYR B 371 -31.49 -16.95 -22.69
CA TYR B 371 -30.08 -16.67 -23.03
C TYR B 371 -29.65 -15.25 -22.58
N GLN B 372 -30.63 -14.34 -22.41
CA GLN B 372 -30.37 -12.99 -21.86
C GLN B 372 -30.21 -13.08 -20.32
N THR B 373 -31.00 -13.98 -19.70
CA THR B 373 -30.87 -14.32 -18.27
C THR B 373 -29.51 -14.99 -18.03
N PHE B 374 -29.10 -15.82 -18.99
CA PHE B 374 -27.81 -16.51 -18.99
C PHE B 374 -26.66 -15.49 -19.03
N TRP B 375 -26.73 -14.53 -19.99
CA TRP B 375 -25.64 -13.56 -20.21
C TRP B 375 -25.43 -12.64 -18.98
N GLN B 376 -26.52 -12.22 -18.32
CA GLN B 376 -26.43 -11.30 -17.17
C GLN B 376 -25.82 -12.01 -15.93
N GLN B 377 -25.90 -13.36 -15.90
CA GLN B 377 -25.37 -14.19 -14.80
C GLN B 377 -23.93 -14.66 -15.09
N PHE B 378 -23.65 -15.02 -16.36
CA PHE B 378 -22.43 -15.78 -16.76
C PHE B 378 -21.60 -15.05 -17.85
N GLY B 379 -22.00 -13.82 -18.20
CA GLY B 379 -21.36 -13.06 -19.28
C GLY B 379 -19.93 -12.65 -18.96
N LEU B 380 -19.70 -12.27 -17.69
CA LEU B 380 -18.38 -11.88 -17.15
C LEU B 380 -17.36 -13.03 -17.38
N VAL B 381 -17.86 -14.27 -17.27
CA VAL B 381 -17.09 -15.51 -17.52
C VAL B 381 -16.74 -15.64 -19.02
N LEU B 382 -17.76 -15.44 -19.87
CA LEU B 382 -17.65 -15.58 -21.35
C LEU B 382 -16.69 -14.51 -21.94
N LYS B 383 -16.50 -13.38 -21.21
CA LYS B 383 -15.59 -12.27 -21.61
C LYS B 383 -14.11 -12.72 -21.72
N GLU B 384 -13.75 -13.82 -21.04
CA GLU B 384 -12.41 -14.40 -21.13
C GLU B 384 -12.10 -14.94 -22.55
N GLY B 385 -13.13 -15.50 -23.21
CA GLY B 385 -12.98 -16.22 -24.49
C GLY B 385 -12.38 -15.43 -25.66
N PRO B 386 -12.95 -14.25 -26.06
CA PRO B 386 -12.43 -13.44 -27.20
C PRO B 386 -11.08 -12.80 -26.84
N ALA B 387 -10.74 -12.85 -25.55
CA ALA B 387 -9.48 -12.35 -25.00
C ALA B 387 -8.42 -13.47 -24.94
N GLU B 388 -8.87 -14.72 -24.82
CA GLU B 388 -7.98 -15.90 -24.71
C GLU B 388 -7.37 -16.21 -26.10
N ASP B 389 -8.22 -16.34 -27.13
CA ASP B 389 -7.79 -16.52 -28.55
C ASP B 389 -8.36 -15.42 -29.45
N PHE B 390 -7.45 -14.61 -30.03
CA PHE B 390 -7.79 -13.50 -30.93
C PHE B 390 -8.57 -13.96 -32.20
N ALA B 391 -8.26 -15.17 -32.73
CA ALA B 391 -8.84 -15.64 -34.02
C ALA B 391 -10.36 -15.90 -33.92
N ASN B 392 -10.80 -16.38 -32.74
CA ASN B 392 -12.24 -16.69 -32.46
C ASN B 392 -13.03 -15.43 -32.03
N GLN B 393 -12.43 -14.25 -32.24
CA GLN B 393 -13.04 -12.92 -31.97
C GLN B 393 -14.44 -12.80 -32.60
N GLU B 394 -14.55 -13.23 -33.88
CA GLU B 394 -15.78 -13.11 -34.71
C GLU B 394 -17.01 -13.81 -34.05
N ALA B 395 -16.89 -15.14 -33.86
CA ALA B 395 -17.99 -16.02 -33.40
C ALA B 395 -18.52 -15.58 -32.03
N ILE B 396 -17.59 -15.18 -31.16
CA ILE B 396 -17.88 -14.76 -29.79
C ILE B 396 -18.35 -13.30 -29.72
N ALA B 397 -17.93 -12.46 -30.70
CA ALA B 397 -18.34 -11.04 -30.75
C ALA B 397 -19.87 -10.89 -30.94
N LYS B 398 -20.45 -11.87 -31.64
CA LYS B 398 -21.90 -12.02 -31.79
C LYS B 398 -22.56 -12.33 -30.40
N LEU B 399 -21.85 -13.13 -29.58
CA LEU B 399 -22.30 -13.51 -28.22
C LEU B 399 -22.06 -12.36 -27.20
N LEU B 400 -21.08 -11.46 -27.51
CA LEU B 400 -20.70 -10.35 -26.60
C LEU B 400 -21.80 -9.28 -26.58
N ARG B 401 -22.26 -8.94 -25.35
CA ARG B 401 -23.31 -7.94 -25.10
C ARG B 401 -22.83 -6.96 -24.03
N PHE B 402 -22.96 -5.66 -24.33
CA PHE B 402 -22.55 -4.55 -23.45
C PHE B 402 -23.76 -3.66 -23.13
N ALA B 403 -23.56 -2.75 -22.17
CA ALA B 403 -24.48 -1.63 -21.92
C ALA B 403 -24.12 -0.47 -22.86
N SER B 404 -25.07 0.44 -23.11
CA SER B 404 -24.92 1.52 -24.12
C SER B 404 -25.70 2.77 -23.69
N THR B 405 -25.46 3.90 -24.39
CA THR B 405 -26.16 5.19 -24.15
C THR B 405 -27.61 5.16 -24.70
N HIS B 406 -27.96 4.07 -25.42
CA HIS B 406 -29.35 3.77 -25.84
C HIS B 406 -30.25 3.49 -24.62
N THR B 407 -29.71 2.72 -23.67
CA THR B 407 -30.48 2.20 -22.52
C THR B 407 -29.82 2.67 -21.22
N ASP B 408 -30.59 3.39 -20.35
CA ASP B 408 -30.05 3.99 -19.09
C ASP B 408 -29.81 2.93 -17.99
N SER B 409 -30.19 1.66 -18.29
CA SER B 409 -29.90 0.50 -17.43
C SER B 409 -28.46 0.01 -17.67
N SER B 410 -27.86 -0.58 -16.62
CA SER B 410 -26.53 -1.21 -16.67
C SER B 410 -26.61 -2.66 -17.22
N ALA B 411 -27.83 -3.09 -17.60
CA ALA B 411 -28.08 -4.40 -18.18
C ALA B 411 -27.36 -4.56 -19.54
N GLN B 412 -26.52 -5.60 -19.63
CA GLN B 412 -25.74 -5.91 -20.83
C GLN B 412 -26.65 -6.61 -21.86
N THR B 413 -27.49 -5.82 -22.53
CA THR B 413 -28.55 -6.33 -23.43
C THR B 413 -28.16 -6.21 -24.91
N VAL B 414 -27.58 -5.05 -25.27
CA VAL B 414 -27.19 -4.75 -26.67
C VAL B 414 -25.92 -5.52 -27.03
N SER B 415 -25.99 -6.39 -28.05
CA SER B 415 -24.83 -7.12 -28.55
C SER B 415 -24.07 -6.24 -29.54
N LEU B 416 -22.90 -6.71 -29.97
CA LEU B 416 -22.13 -6.07 -31.04
C LEU B 416 -22.89 -6.18 -32.38
N GLU B 417 -23.73 -7.23 -32.48
CA GLU B 417 -24.61 -7.46 -33.63
C GLU B 417 -25.72 -6.37 -33.65
N ASP B 418 -26.34 -6.11 -32.47
CA ASP B 418 -27.33 -5.02 -32.31
C ASP B 418 -26.69 -3.67 -32.58
N TYR B 419 -25.41 -3.51 -32.18
CA TYR B 419 -24.67 -2.26 -32.32
C TYR B 419 -24.43 -1.93 -33.81
N VAL B 420 -23.96 -2.92 -34.59
CA VAL B 420 -23.66 -2.73 -36.03
C VAL B 420 -24.97 -2.50 -36.84
N SER B 421 -26.06 -3.12 -36.39
CA SER B 421 -27.41 -2.89 -36.95
C SER B 421 -27.91 -1.46 -36.60
N ARG B 422 -27.45 -0.95 -35.44
CA ARG B 422 -27.83 0.37 -34.88
C ARG B 422 -26.77 1.47 -35.23
N MET B 423 -25.65 1.03 -35.87
CA MET B 423 -24.46 1.87 -36.17
C MET B 423 -24.83 3.24 -36.75
N LYS B 424 -24.36 4.32 -36.10
CA LYS B 424 -24.85 5.68 -36.34
C LYS B 424 -24.29 6.26 -37.65
N GLU B 425 -24.96 7.31 -38.16
CA GLU B 425 -24.58 8.00 -39.41
C GLU B 425 -23.18 8.65 -39.27
N GLY B 426 -22.26 8.28 -40.18
CA GLY B 426 -20.89 8.77 -40.16
C GLY B 426 -19.97 8.03 -39.18
N GLN B 427 -20.57 7.16 -38.35
CA GLN B 427 -19.84 6.39 -37.32
C GLN B 427 -19.29 5.11 -37.97
N GLU B 428 -18.05 5.18 -38.47
CA GLU B 428 -17.36 4.09 -39.17
C GLU B 428 -16.74 3.10 -38.15
N LYS B 429 -16.36 3.62 -36.98
CA LYS B 429 -15.73 2.83 -35.90
C LYS B 429 -16.53 2.96 -34.61
N ILE B 430 -16.49 1.89 -33.81
CA ILE B 430 -17.27 1.79 -32.56
C ILE B 430 -16.56 2.58 -31.46
N TYR B 431 -17.34 3.36 -30.69
CA TYR B 431 -16.83 4.18 -29.58
C TYR B 431 -17.36 3.63 -28.24
N TYR B 432 -16.44 3.52 -27.27
CA TYR B 432 -16.70 2.88 -25.97
C TYR B 432 -15.68 3.33 -24.90
N ILE B 433 -16.10 3.23 -23.61
CA ILE B 433 -15.23 3.50 -22.43
C ILE B 433 -15.62 2.58 -21.25
N THR B 434 -14.60 2.21 -20.45
CA THR B 434 -14.79 1.56 -19.13
C THR B 434 -14.74 2.61 -18.01
N ALA B 435 -15.37 2.28 -16.88
CA ALA B 435 -15.34 3.11 -15.65
C ALA B 435 -15.53 2.20 -14.41
N ASP B 436 -15.69 2.84 -13.23
CA ASP B 436 -15.95 2.14 -11.95
C ASP B 436 -17.30 1.39 -12.02
N SER B 437 -18.27 2.05 -12.68
CA SER B 437 -19.64 1.56 -12.83
C SER B 437 -20.28 2.21 -14.08
N TYR B 438 -21.52 1.79 -14.40
CA TYR B 438 -22.31 2.42 -15.49
C TYR B 438 -22.58 3.89 -15.13
N ALA B 439 -22.91 4.11 -13.85
CA ALA B 439 -23.16 5.45 -13.28
C ALA B 439 -21.92 6.34 -13.46
N ALA B 440 -20.73 5.75 -13.20
CA ALA B 440 -19.43 6.46 -13.29
C ALA B 440 -19.11 6.88 -14.74
N ALA B 441 -19.37 5.96 -15.68
CA ALA B 441 -19.21 6.20 -17.12
C ALA B 441 -20.10 7.37 -17.55
N LYS B 442 -21.38 7.29 -17.17
CA LYS B 442 -22.41 8.26 -17.58
C LYS B 442 -22.27 9.60 -16.79
N SER B 443 -21.42 9.64 -15.74
CA SER B 443 -21.11 10.88 -14.99
C SER B 443 -20.33 11.88 -15.87
N SER B 444 -19.67 11.34 -16.92
CA SER B 444 -19.01 12.15 -17.95
C SER B 444 -20.09 12.90 -18.79
N PRO B 445 -20.17 14.27 -18.72
CA PRO B 445 -21.26 15.06 -19.35
C PRO B 445 -21.14 15.11 -20.88
N HIS B 446 -19.90 14.90 -21.38
CA HIS B 446 -19.60 14.91 -22.83
C HIS B 446 -20.37 13.80 -23.57
N LEU B 447 -20.65 12.68 -22.86
CA LEU B 447 -21.42 11.54 -23.42
C LEU B 447 -22.86 11.96 -23.73
N GLU B 448 -23.39 12.91 -22.93
CA GLU B 448 -24.75 13.44 -23.12
C GLU B 448 -24.79 14.35 -24.35
N LEU B 449 -23.62 14.93 -24.71
CA LEU B 449 -23.47 15.81 -25.89
C LEU B 449 -23.34 14.92 -27.15
N LEU B 450 -22.51 13.86 -27.06
CA LEU B 450 -22.27 12.91 -28.17
C LEU B 450 -23.57 12.18 -28.55
N ARG B 451 -24.25 11.66 -27.51
CA ARG B 451 -25.53 10.93 -27.64
C ARG B 451 -26.60 11.86 -28.26
N LYS B 452 -26.62 13.13 -27.80
CA LYS B 452 -27.56 14.16 -28.32
C LYS B 452 -27.32 14.44 -29.81
N LYS B 453 -26.03 14.44 -30.21
CA LYS B 453 -25.61 14.66 -31.62
C LYS B 453 -25.93 13.44 -32.50
N GLY B 454 -26.15 12.28 -31.85
CA GLY B 454 -26.47 11.03 -32.55
C GLY B 454 -25.27 10.12 -32.70
N ILE B 455 -24.54 9.95 -31.59
CA ILE B 455 -23.41 9.01 -31.47
C ILE B 455 -23.79 7.96 -30.41
N GLU B 456 -23.41 6.70 -30.64
CA GLU B 456 -23.66 5.59 -29.71
C GLU B 456 -22.35 5.24 -29.00
N VAL B 457 -22.37 5.22 -27.67
CA VAL B 457 -21.18 4.90 -26.86
C VAL B 457 -21.54 3.74 -25.91
N LEU B 458 -20.74 2.66 -25.94
CA LEU B 458 -20.87 1.56 -24.98
C LEU B 458 -20.35 2.03 -23.62
N LEU B 459 -21.17 1.86 -22.57
CA LEU B 459 -20.79 2.21 -21.19
C LEU B 459 -20.50 0.92 -20.43
N LEU B 460 -19.22 0.51 -20.48
CA LEU B 460 -18.73 -0.74 -19.88
C LEU B 460 -18.53 -0.52 -18.37
N SER B 461 -19.33 -1.23 -17.55
CA SER B 461 -19.42 -0.96 -16.09
C SER B 461 -18.54 -1.89 -15.26
N ASP B 462 -17.99 -2.94 -15.88
CA ASP B 462 -17.21 -3.99 -15.20
C ASP B 462 -15.70 -3.75 -15.46
N ARG B 463 -14.83 -4.29 -14.56
CA ARG B 463 -13.38 -4.11 -14.68
C ARG B 463 -12.84 -4.94 -15.86
N ILE B 464 -13.20 -6.24 -15.88
CA ILE B 464 -12.68 -7.22 -16.88
C ILE B 464 -13.05 -6.80 -18.32
N ASP B 465 -14.14 -5.98 -18.40
CA ASP B 465 -14.64 -5.38 -19.65
C ASP B 465 -13.52 -4.76 -20.52
N GLU B 466 -12.63 -3.92 -19.92
CA GLU B 466 -11.53 -3.26 -20.69
C GLU B 466 -10.56 -4.29 -21.28
N TRP B 467 -10.29 -5.34 -20.49
CA TRP B 467 -9.25 -6.32 -20.79
C TRP B 467 -9.69 -7.15 -22.02
N MET B 468 -10.90 -7.70 -21.93
CA MET B 468 -11.58 -8.39 -23.05
C MET B 468 -11.68 -7.49 -24.30
N MET B 469 -12.09 -6.24 -24.08
CA MET B 469 -12.37 -5.27 -25.15
C MET B 469 -11.06 -4.77 -25.80
N ASN B 470 -9.93 -5.01 -25.10
CA ASN B 470 -8.58 -4.68 -25.60
C ASN B 470 -7.96 -5.87 -26.36
N TYR B 471 -8.77 -6.91 -26.58
CA TYR B 471 -8.52 -7.97 -27.55
C TYR B 471 -9.54 -7.86 -28.69
N LEU B 472 -10.77 -7.46 -28.31
CA LEU B 472 -11.89 -7.26 -29.24
C LEU B 472 -11.61 -6.01 -30.09
N THR B 473 -10.86 -6.23 -31.18
CA THR B 473 -10.41 -5.19 -32.11
C THR B 473 -11.42 -4.93 -33.23
N GLU B 474 -12.19 -5.96 -33.65
CA GLU B 474 -13.09 -5.83 -34.82
C GLU B 474 -14.24 -6.85 -34.78
N PHE B 475 -15.35 -6.45 -35.41
CA PHE B 475 -16.50 -7.32 -35.71
C PHE B 475 -17.26 -6.73 -36.91
N ASP B 476 -17.58 -7.61 -37.88
CA ASP B 476 -18.40 -7.30 -39.08
C ASP B 476 -17.64 -6.38 -40.08
N GLY B 477 -16.32 -6.20 -39.87
CA GLY B 477 -15.49 -5.32 -40.70
C GLY B 477 -15.42 -3.89 -40.15
N LYS B 478 -16.19 -3.63 -39.08
CA LYS B 478 -16.19 -2.33 -38.38
C LYS B 478 -15.15 -2.40 -37.24
N PRO B 479 -14.02 -1.62 -37.32
CA PRO B 479 -12.99 -1.59 -36.27
C PRO B 479 -13.50 -0.90 -34.99
N PHE B 480 -13.12 -1.46 -33.87
CA PHE B 480 -13.46 -0.96 -32.54
C PHE B 480 -12.30 -0.08 -32.02
N GLN B 481 -12.62 1.15 -31.58
CA GLN B 481 -11.62 2.08 -31.04
C GLN B 481 -12.14 2.77 -29.77
N SER B 482 -11.24 3.08 -28.84
CA SER B 482 -11.54 3.95 -27.68
C SER B 482 -12.05 5.31 -28.21
N VAL B 483 -12.76 6.09 -27.37
CA VAL B 483 -13.41 7.35 -27.82
C VAL B 483 -12.39 8.42 -28.30
N SER B 484 -11.07 8.11 -28.31
CA SER B 484 -10.07 8.89 -29.09
C SER B 484 -9.50 8.03 -30.24
N LYS B 485 -9.04 6.80 -29.88
CA LYS B 485 -8.42 5.83 -30.82
C LYS B 485 -7.96 4.59 -30.02
N VAL B 486 -7.73 3.46 -30.73
CA VAL B 486 -6.91 2.36 -30.22
C VAL B 486 -6.31 1.55 -31.39
N ASP B 487 -5.09 1.03 -31.20
CA ASP B 487 -4.41 0.13 -32.15
C ASP B 487 -3.54 -0.87 -31.38
N GLU B 488 -3.20 -2.00 -32.03
CA GLU B 488 -2.49 -3.13 -31.39
C GLU B 488 -0.97 -2.96 -31.37
N SER B 489 -0.47 -1.82 -31.86
CA SER B 489 0.97 -1.51 -31.90
C SER B 489 1.41 -0.73 -30.66
N LEU B 490 0.43 -0.17 -29.92
CA LEU B 490 0.65 0.80 -28.83
C LEU B 490 1.44 0.18 -27.64
N GLU B 491 1.30 -1.15 -27.46
CA GLU B 491 1.97 -1.94 -26.39
C GLU B 491 3.49 -1.64 -26.28
N LYS B 492 4.16 -1.58 -27.45
CA LYS B 492 5.62 -1.35 -27.54
C LYS B 492 5.96 -0.05 -28.32
N LEU B 493 4.97 0.85 -28.51
CA LEU B 493 5.22 2.24 -29.04
C LEU B 493 5.64 3.20 -27.89
N ALA B 494 6.29 2.64 -26.84
CA ALA B 494 6.77 3.40 -25.66
C ALA B 494 7.98 4.31 -26.00
N ASP B 495 8.45 4.24 -27.26
CA ASP B 495 9.49 5.15 -27.82
C ASP B 495 8.82 6.29 -28.64
N GLU B 496 7.64 5.99 -29.22
CA GLU B 496 6.83 6.96 -30.00
C GLU B 496 6.01 7.86 -29.03
N VAL B 497 6.73 8.54 -28.15
CA VAL B 497 6.17 9.25 -26.99
C VAL B 497 6.59 10.73 -27.01
N ASP B 498 6.02 11.45 -27.98
CA ASP B 498 6.28 12.89 -28.24
C ASP B 498 7.74 13.11 -28.68
N GLU B 499 8.66 13.26 -27.70
CA GLU B 499 10.12 13.35 -27.95
C GLU B 499 10.92 13.14 -26.64
N SER B 500 10.29 12.47 -25.66
CA SER B 500 10.91 12.20 -24.35
C SER B 500 12.01 11.12 -24.48
N ALA B 501 13.20 11.59 -24.88
CA ALA B 501 14.39 10.76 -25.14
C ALA B 501 15.27 10.71 -23.88
N LYS B 502 16.54 10.29 -24.06
CA LYS B 502 17.52 10.11 -22.97
C LYS B 502 17.75 11.39 -22.12
N GLU B 503 17.56 12.58 -22.71
CA GLU B 503 17.74 13.87 -22.01
C GLU B 503 16.69 14.04 -20.89
N ALA B 504 15.44 13.65 -21.21
CA ALA B 504 14.33 13.61 -20.24
C ALA B 504 14.59 12.53 -19.20
N GLU B 505 15.06 11.36 -19.68
CA GLU B 505 15.29 10.17 -18.85
C GLU B 505 16.54 10.30 -17.94
N LYS B 506 17.42 11.27 -18.26
CA LYS B 506 18.56 11.66 -17.40
C LYS B 506 18.08 12.50 -16.20
N ALA B 507 16.88 13.08 -16.32
CA ALA B 507 16.17 13.68 -15.18
C ALA B 507 15.28 12.62 -14.48
N LEU B 508 14.76 11.64 -15.27
CA LEU B 508 13.77 10.65 -14.78
C LEU B 508 14.41 9.54 -13.93
N THR B 509 15.62 9.08 -14.30
CA THR B 509 16.28 7.96 -13.59
C THR B 509 16.71 8.37 -12.15
N PRO B 510 17.41 9.56 -11.92
CA PRO B 510 17.62 10.06 -10.55
C PRO B 510 16.31 10.51 -9.88
N PHE B 511 15.23 10.72 -10.69
CA PHE B 511 13.88 11.05 -10.16
C PHE B 511 13.27 9.79 -9.53
N ILE B 512 13.54 8.60 -10.12
CA ILE B 512 13.14 7.31 -9.53
C ILE B 512 13.85 7.15 -8.16
N ASP B 513 15.17 7.42 -8.15
CA ASP B 513 16.01 7.36 -6.91
C ASP B 513 15.46 8.28 -5.80
N ARG B 514 15.35 9.59 -6.11
CA ARG B 514 15.05 10.64 -5.10
C ARG B 514 13.62 10.55 -4.57
N VAL B 515 12.66 10.15 -5.43
CA VAL B 515 11.24 9.96 -5.03
C VAL B 515 11.12 8.77 -4.08
N LYS B 516 11.69 7.63 -4.49
CA LYS B 516 11.54 6.37 -3.75
C LYS B 516 12.34 6.41 -2.43
N ALA B 517 13.43 7.21 -2.40
CA ALA B 517 14.26 7.40 -1.19
C ALA B 517 13.55 8.32 -0.18
N LEU B 518 12.93 9.39 -0.72
CA LEU B 518 12.17 10.39 0.07
C LEU B 518 10.95 9.70 0.73
N LEU B 519 10.22 8.93 -0.10
CA LEU B 519 8.92 8.33 0.26
C LEU B 519 9.07 6.91 0.84
N GLY B 520 10.27 6.32 0.73
CA GLY B 520 10.53 4.98 1.23
C GLY B 520 9.79 3.90 0.43
N GLU B 521 9.07 3.01 1.13
CA GLU B 521 8.48 1.78 0.54
C GLU B 521 6.97 1.71 0.80
N ARG B 522 6.29 2.89 0.88
CA ARG B 522 4.80 2.96 0.99
C ARG B 522 4.10 2.58 -0.36
N VAL B 523 4.93 2.24 -1.38
CA VAL B 523 4.49 1.72 -2.69
C VAL B 523 5.45 0.59 -3.10
N LYS B 524 4.92 -0.42 -3.85
CA LYS B 524 5.74 -1.54 -4.40
C LYS B 524 6.96 -0.99 -5.18
N ASP B 525 6.70 -0.13 -6.19
CA ASP B 525 7.76 0.49 -6.98
C ASP B 525 7.27 1.80 -7.61
N VAL B 526 8.19 2.76 -7.76
CA VAL B 526 7.92 4.03 -8.45
C VAL B 526 8.58 3.95 -9.84
N ARG B 527 7.76 3.87 -10.89
CA ARG B 527 8.21 3.78 -12.28
C ARG B 527 7.95 5.12 -12.99
N LEU B 528 8.85 5.51 -13.89
CA LEU B 528 8.65 6.68 -14.76
C LEU B 528 8.45 6.18 -16.20
N THR B 529 7.17 5.93 -16.53
CA THR B 529 6.76 5.47 -17.87
C THR B 529 6.40 6.67 -18.76
N HIS B 530 6.15 6.42 -20.04
CA HIS B 530 5.88 7.48 -21.02
C HIS B 530 4.44 7.40 -21.57
N ARG B 531 3.50 6.94 -20.70
CA ARG B 531 2.05 7.00 -20.99
C ARG B 531 1.63 8.49 -21.02
N LEU B 532 1.48 9.07 -22.25
CA LEU B 532 1.25 10.53 -22.44
C LEU B 532 0.00 10.99 -21.66
N THR B 533 -1.21 10.81 -22.26
CA THR B 533 -2.51 11.04 -21.58
C THR B 533 -2.68 12.53 -21.11
N ASP B 534 -3.85 12.88 -20.53
CA ASP B 534 -4.05 14.19 -19.85
C ASP B 534 -3.89 14.01 -18.33
N THR B 535 -3.82 12.75 -17.88
CA THR B 535 -3.67 12.38 -16.47
C THR B 535 -2.20 12.58 -16.04
N PRO B 536 -1.91 13.38 -14.95
CA PRO B 536 -0.54 13.60 -14.46
C PRO B 536 0.13 12.31 -13.93
N ALA B 537 -0.62 11.55 -13.12
CA ALA B 537 -0.13 10.33 -12.47
C ALA B 537 -1.15 9.21 -12.58
N ILE B 538 -0.65 8.02 -12.89
CA ILE B 538 -1.44 6.80 -13.07
C ILE B 538 -0.73 5.68 -12.33
N VAL B 539 -1.48 4.73 -11.78
CA VAL B 539 -0.91 3.56 -11.09
C VAL B 539 -1.29 2.28 -11.83
N SER B 540 -0.38 1.29 -11.78
CA SER B 540 -0.58 -0.02 -12.41
C SER B 540 -0.87 -1.09 -11.36
N THR B 541 -1.51 -2.20 -11.79
CA THR B 541 -1.95 -3.29 -10.93
C THR B 541 -1.43 -4.65 -11.46
N ASP B 542 -1.29 -5.62 -10.55
CA ASP B 542 -1.00 -7.02 -10.88
C ASP B 542 -2.33 -7.74 -11.15
N ALA B 543 -3.22 -7.70 -10.15
CA ALA B 543 -4.56 -8.31 -10.19
C ALA B 543 -5.64 -7.30 -9.69
N ASP B 544 -6.79 -7.83 -9.23
CA ASP B 544 -7.95 -7.02 -8.80
C ASP B 544 -7.58 -6.18 -7.55
N GLU B 545 -7.75 -4.84 -7.68
CA GLU B 545 -7.34 -3.84 -6.68
C GLU B 545 -5.86 -4.02 -6.28
N MET B 546 -5.03 -4.34 -7.31
CA MET B 546 -3.61 -4.73 -7.17
C MET B 546 -3.53 -6.16 -6.61
N SER B 547 -3.96 -6.34 -5.34
CA SER B 547 -3.80 -7.61 -4.63
C SER B 547 -4.77 -7.76 -3.44
N THR B 548 -5.99 -7.18 -3.54
CA THR B 548 -6.96 -7.19 -2.40
C THR B 548 -7.88 -8.44 -2.43
N GLN B 549 -7.58 -9.43 -3.31
CA GLN B 549 -8.26 -10.75 -3.33
C GLN B 549 -7.53 -11.77 -4.25
N MET B 550 -6.68 -12.64 -3.62
CA MET B 550 -6.06 -13.85 -4.26
C MET B 550 -5.14 -14.57 -3.24
N ALA B 551 -4.83 -15.85 -3.51
CA ALA B 551 -4.03 -16.74 -2.63
C ALA B 551 -2.60 -16.19 -2.39
N LYS B 552 -1.79 -16.07 -3.47
CA LYS B 552 -0.37 -15.59 -3.40
C LYS B 552 -0.29 -14.18 -2.80
N LEU B 553 -1.25 -13.35 -3.18
CA LEU B 553 -1.25 -11.93 -2.89
C LEU B 553 -1.40 -11.69 -1.37
N PHE B 554 -2.41 -12.31 -0.73
CA PHE B 554 -2.60 -12.19 0.74
C PHE B 554 -1.54 -13.02 1.52
N ALA B 555 -0.92 -14.01 0.84
CA ALA B 555 0.15 -14.85 1.43
C ALA B 555 1.51 -14.11 1.49
N ALA B 556 1.54 -12.84 1.03
CA ALA B 556 2.75 -11.99 1.08
C ALA B 556 3.07 -11.58 2.55
N ALA B 557 2.22 -10.73 3.16
CA ALA B 557 2.45 -10.25 4.55
C ALA B 557 1.32 -10.72 5.51
N GLY B 558 0.07 -10.68 5.04
CA GLY B 558 -1.09 -11.04 5.86
C GLY B 558 -1.97 -9.82 6.19
N GLN B 559 -1.37 -8.61 6.14
CA GLN B 559 -2.09 -7.32 6.34
C GLN B 559 -2.98 -7.00 5.09
N LYS B 560 -3.07 -5.71 4.64
CA LYS B 560 -3.76 -5.36 3.37
C LYS B 560 -2.90 -5.73 2.11
N VAL B 561 -1.85 -6.58 2.30
CA VAL B 561 -0.76 -6.85 1.32
C VAL B 561 0.14 -5.59 1.08
N PRO B 562 1.51 -5.73 1.14
CA PRO B 562 2.45 -4.63 0.79
C PRO B 562 2.38 -4.27 -0.71
N GLU B 563 2.13 -5.30 -1.54
CA GLU B 563 1.99 -5.16 -2.99
C GLU B 563 0.80 -4.26 -3.37
N VAL B 564 -0.28 -4.31 -2.55
CA VAL B 564 -1.53 -3.55 -2.77
C VAL B 564 -1.26 -2.04 -2.93
N LYS B 565 -0.15 -1.60 -2.32
CA LYS B 565 0.34 -0.23 -2.46
C LYS B 565 0.75 -0.01 -3.93
N TYR B 566 -0.11 0.72 -4.63
CA TYR B 566 -0.13 0.81 -6.11
C TYR B 566 1.13 1.43 -6.71
N ILE B 567 1.49 0.95 -7.92
CA ILE B 567 2.79 1.24 -8.56
C ILE B 567 2.71 2.63 -9.21
N PHE B 568 3.46 3.58 -8.63
CA PHE B 568 3.34 5.01 -8.90
C PHE B 568 4.08 5.39 -10.20
N GLU B 569 3.31 5.79 -11.23
CA GLU B 569 3.83 6.18 -12.56
C GLU B 569 3.39 7.61 -12.91
N LEU B 570 4.26 8.34 -13.64
CA LEU B 570 4.04 9.74 -14.05
C LEU B 570 4.38 9.90 -15.55
N ASN B 571 3.79 10.91 -16.23
CA ASN B 571 4.15 11.25 -17.62
C ASN B 571 5.16 12.43 -17.65
N PRO B 572 6.43 12.22 -18.12
CA PRO B 572 7.47 13.30 -18.22
C PRO B 572 7.04 14.45 -19.16
N ASP B 573 6.15 14.14 -20.10
CA ASP B 573 5.64 15.07 -21.12
C ASP B 573 4.54 16.01 -20.53
N HIS B 574 3.80 15.56 -19.50
CA HIS B 574 2.66 16.35 -18.95
C HIS B 574 3.17 17.54 -18.10
N VAL B 575 2.57 18.73 -18.31
CA VAL B 575 2.98 20.02 -17.69
C VAL B 575 3.06 19.95 -16.15
N LEU B 576 2.05 19.31 -15.53
CA LEU B 576 1.92 19.23 -14.06
C LEU B 576 3.09 18.42 -13.47
N VAL B 577 3.44 17.31 -14.15
CA VAL B 577 4.53 16.41 -13.72
C VAL B 577 5.88 17.11 -13.85
N LYS B 578 6.05 17.86 -14.96
CA LYS B 578 7.25 18.68 -15.19
C LYS B 578 7.47 19.65 -14.04
N ARG B 579 6.40 20.36 -13.64
CA ARG B 579 6.44 21.34 -12.55
C ARG B 579 6.78 20.68 -11.20
N ALA B 580 6.28 19.45 -11.00
CA ALA B 580 6.51 18.66 -9.76
C ALA B 580 7.94 18.08 -9.70
N ALA B 581 8.52 17.86 -10.90
CA ALA B 581 9.87 17.26 -11.06
C ALA B 581 10.97 18.34 -11.10
N ASP B 582 10.62 19.55 -11.60
CA ASP B 582 11.56 20.68 -11.71
C ASP B 582 11.66 21.45 -10.38
N THR B 583 10.74 21.15 -9.43
CA THR B 583 10.83 21.65 -8.05
C THR B 583 12.09 21.06 -7.37
N GLU B 584 13.16 21.87 -7.32
CA GLU B 584 14.45 21.46 -6.75
C GLU B 584 14.46 21.70 -5.22
N ASP B 585 13.53 22.56 -4.74
CA ASP B 585 13.29 22.74 -3.29
C ASP B 585 12.76 21.43 -2.70
N GLU B 586 13.48 20.90 -1.69
CA GLU B 586 13.21 19.57 -1.10
C GLU B 586 11.80 19.50 -0.46
N ALA B 587 11.41 20.59 0.22
CA ALA B 587 10.16 20.66 1.02
C ALA B 587 8.91 20.48 0.14
N LYS B 588 8.85 21.22 -0.98
CA LYS B 588 7.69 21.19 -1.89
C LYS B 588 7.85 20.11 -2.97
N PHE B 589 9.10 19.66 -3.24
CA PHE B 589 9.35 18.46 -4.09
C PHE B 589 8.60 17.26 -3.48
N SER B 590 8.82 17.08 -2.18
CA SER B 590 8.17 16.05 -1.35
C SER B 590 6.63 16.08 -1.55
N GLU B 591 6.04 17.25 -1.27
CA GLU B 591 4.59 17.45 -1.24
C GLU B 591 3.92 17.30 -2.62
N TRP B 592 4.60 17.78 -3.68
CA TRP B 592 4.08 17.72 -5.07
C TRP B 592 4.03 16.27 -5.59
N VAL B 593 5.06 15.48 -5.26
CA VAL B 593 5.14 14.05 -5.63
C VAL B 593 4.07 13.24 -4.86
N GLU B 594 3.92 13.56 -3.56
CA GLU B 594 2.91 12.92 -2.68
C GLU B 594 1.47 13.23 -3.15
N LEU B 595 1.25 14.47 -3.59
CA LEU B 595 -0.07 14.95 -4.08
C LEU B 595 -0.58 14.07 -5.24
N LEU B 596 0.35 13.78 -6.16
CA LEU B 596 0.10 12.93 -7.33
C LEU B 596 -0.09 11.46 -6.93
N LEU B 597 0.63 11.04 -5.86
CA LEU B 597 0.54 9.69 -5.31
C LEU B 597 -0.85 9.44 -4.67
N ASP B 598 -1.34 10.43 -3.92
CA ASP B 598 -2.64 10.35 -3.21
C ASP B 598 -3.79 10.27 -4.23
N GLN B 599 -3.71 11.16 -5.25
CA GLN B 599 -4.72 11.30 -6.32
C GLN B 599 -4.81 10.01 -7.19
N ALA B 600 -3.65 9.41 -7.49
CA ALA B 600 -3.56 8.19 -8.33
C ALA B 600 -4.12 6.96 -7.59
N LEU B 601 -3.74 6.83 -6.31
CA LEU B 601 -4.22 5.74 -5.41
C LEU B 601 -5.75 5.86 -5.27
N LEU B 602 -6.22 7.11 -5.12
CA LEU B 602 -7.65 7.48 -5.00
C LEU B 602 -8.43 7.16 -6.30
N ALA B 603 -7.70 7.14 -7.45
CA ALA B 603 -8.30 6.83 -8.77
C ALA B 603 -8.54 5.31 -8.91
N GLU B 604 -7.73 4.52 -8.19
CA GLU B 604 -7.69 3.05 -8.34
C GLU B 604 -8.31 2.34 -7.09
N ARG B 605 -8.97 3.14 -6.21
CA ARG B 605 -9.63 2.63 -4.99
C ARG B 605 -10.95 3.36 -4.71
N GLY B 606 -10.93 4.70 -4.86
CA GLY B 606 -12.03 5.55 -4.40
C GLY B 606 -12.15 5.56 -2.87
N THR B 607 -11.06 5.17 -2.17
CA THR B 607 -10.98 5.12 -0.69
C THR B 607 -9.50 5.26 -0.27
N LEU B 608 -9.21 6.12 0.73
CA LEU B 608 -7.83 6.33 1.25
C LEU B 608 -7.79 6.02 2.76
N GLU B 609 -6.62 5.54 3.24
CA GLU B 609 -6.36 5.28 4.67
C GLU B 609 -6.41 6.60 5.47
N ASP B 610 -5.50 7.54 5.10
CA ASP B 610 -5.49 8.90 5.65
C ASP B 610 -5.70 9.89 4.48
N PRO B 611 -6.95 10.38 4.28
CA PRO B 611 -7.26 11.41 3.26
C PRO B 611 -6.96 12.85 3.75
N ASN B 612 -6.72 13.00 5.08
CA ASN B 612 -6.51 14.30 5.73
C ASN B 612 -5.26 15.00 5.18
N LEU B 613 -4.24 14.16 4.90
CA LEU B 613 -2.96 14.59 4.32
C LEU B 613 -3.16 15.19 2.92
N PHE B 614 -3.90 14.46 2.06
CA PHE B 614 -4.21 14.88 0.67
C PHE B 614 -4.95 16.23 0.64
N ILE B 615 -5.97 16.36 1.52
CA ILE B 615 -6.80 17.57 1.61
C ILE B 615 -5.94 18.78 2.04
N ARG B 616 -5.19 18.61 3.15
CA ARG B 616 -4.37 19.68 3.77
C ARG B 616 -3.41 20.32 2.74
N ARG B 617 -2.71 19.46 1.98
CA ARG B 617 -1.70 19.92 0.99
C ARG B 617 -2.35 20.52 -0.27
N MET B 618 -3.49 19.93 -0.70
CA MET B 618 -4.20 20.35 -1.92
C MET B 618 -4.70 21.81 -1.77
N ASN B 619 -5.45 22.07 -0.69
CA ASN B 619 -6.02 23.40 -0.41
C ASN B 619 -4.93 24.45 -0.16
N GLN B 620 -3.78 24.02 0.39
CA GLN B 620 -2.64 24.91 0.64
C GLN B 620 -1.94 25.28 -0.69
N LEU B 621 -1.88 24.32 -1.62
CA LEU B 621 -1.34 24.55 -2.99
C LEU B 621 -2.32 25.37 -3.85
N LEU B 622 -3.61 25.43 -3.42
CA LEU B 622 -4.63 26.27 -4.08
C LEU B 622 -4.61 27.74 -3.55
N VAL B 623 -4.30 27.95 -2.24
CA VAL B 623 -4.26 29.33 -1.67
C VAL B 623 -2.85 29.96 -1.84
N SER B 624 -1.79 29.24 -1.40
CA SER B 624 -0.39 29.69 -1.51
C SER B 624 0.33 28.95 -2.67
N MET C 1 -21.55 7.32 32.68
CA MET C 1 -21.90 8.71 32.25
C MET C 1 -20.91 9.19 31.18
N ALA C 2 -20.66 8.30 30.19
CA ALA C 2 -19.79 8.54 29.02
C ALA C 2 -18.29 8.61 29.39
N THR C 3 -17.43 8.39 28.38
CA THR C 3 -15.96 8.40 28.54
C THR C 3 -15.39 9.77 28.14
N SER C 4 -16.07 10.84 28.61
CA SER C 4 -15.66 12.23 28.34
C SER C 4 -14.45 12.62 29.21
N THR C 5 -13.26 12.21 28.73
CA THR C 5 -11.97 12.53 29.36
C THR C 5 -11.07 13.15 28.29
N LEU C 6 -10.61 12.31 27.33
CA LEU C 6 -9.86 12.78 26.16
C LEU C 6 -10.74 12.60 24.90
N ILE C 7 -10.16 12.92 23.73
CA ILE C 7 -10.79 12.73 22.41
C ILE C 7 -10.07 11.64 21.61
N LYS C 8 -10.55 11.44 20.37
CA LYS C 8 -9.96 10.54 19.38
C LYS C 8 -9.59 11.42 18.17
N ALA C 9 -8.44 12.14 18.29
CA ALA C 9 -8.07 13.24 17.38
C ALA C 9 -7.83 12.74 15.94
N ILE C 10 -6.95 11.74 15.81
CA ILE C 10 -6.50 11.21 14.51
C ILE C 10 -6.91 9.72 14.41
N ASP C 11 -7.14 9.23 13.17
CA ASP C 11 -7.42 7.80 12.92
C ASP C 11 -7.40 7.55 11.39
N GLY C 12 -7.36 6.25 10.99
CA GLY C 12 -7.33 5.87 9.57
C GLY C 12 -7.66 4.39 9.34
N ASP C 13 -8.27 3.76 10.37
CA ASP C 13 -8.60 2.33 10.39
C ASP C 13 -9.34 2.03 11.70
N THR C 14 -8.54 1.96 12.79
CA THR C 14 -8.97 1.89 14.20
C THR C 14 -7.73 2.27 15.06
N VAL C 15 -7.89 2.36 16.41
CA VAL C 15 -6.81 2.84 17.31
C VAL C 15 -5.62 1.86 17.34
N LYS C 16 -4.73 2.02 16.35
CA LYS C 16 -3.47 1.27 16.24
C LYS C 16 -2.38 2.05 16.94
N LEU C 17 -2.07 1.64 18.17
CA LEU C 17 -0.99 2.23 18.97
C LEU C 17 0.34 1.64 18.49
N MET C 18 0.98 2.37 17.55
CA MET C 18 2.30 2.02 16.96
C MET C 18 2.25 0.73 16.10
N TYR C 19 3.44 0.14 15.84
CA TYR C 19 3.64 -1.10 15.07
C TYR C 19 4.77 -1.88 15.78
N LYS C 20 4.78 -3.23 15.75
CA LYS C 20 5.77 -4.02 16.51
C LYS C 20 7.13 -4.05 15.79
N GLY C 21 8.17 -3.54 16.49
CA GLY C 21 9.55 -3.64 16.05
C GLY C 21 10.33 -4.59 16.95
N GLN C 22 10.83 -5.71 16.39
CA GLN C 22 11.54 -6.78 17.16
C GLN C 22 12.79 -7.34 16.41
N PRO C 23 12.70 -7.87 15.12
CA PRO C 23 13.88 -8.43 14.40
C PRO C 23 14.83 -7.33 13.85
N MET C 24 15.58 -6.68 14.75
CA MET C 24 16.49 -5.58 14.43
C MET C 24 17.41 -5.28 15.64
N THR C 25 18.57 -4.64 15.38
CA THR C 25 19.49 -4.07 16.41
C THR C 25 20.05 -5.15 17.39
N PHE C 26 20.66 -4.70 18.53
CA PHE C 26 21.40 -5.63 19.44
C PHE C 26 21.48 -5.10 20.90
N ARG C 27 20.69 -4.06 21.22
CA ARG C 27 20.62 -3.45 22.57
C ARG C 27 21.98 -2.84 23.02
N LEU C 28 22.26 -1.62 22.52
CA LEU C 28 23.43 -0.80 22.92
C LEU C 28 22.95 0.66 23.07
N LEU C 29 23.01 1.19 24.29
CA LEU C 29 22.96 2.64 24.53
C LEU C 29 23.61 2.91 25.89
N LEU C 30 22.78 3.16 26.91
CA LEU C 30 23.22 3.75 28.17
C LEU C 30 23.77 2.65 29.12
N VAL C 31 24.28 3.09 30.29
CA VAL C 31 24.79 2.20 31.35
C VAL C 31 23.74 1.13 31.76
N ASP C 32 23.78 0.01 31.02
CA ASP C 32 22.92 -1.17 31.22
C ASP C 32 23.31 -1.86 32.54
N THR C 33 24.62 -2.13 32.65
CA THR C 33 25.22 -2.73 33.84
C THR C 33 25.20 -1.72 35.01
N PRO C 34 24.36 -1.97 36.07
CA PRO C 34 24.31 -1.10 37.25
C PRO C 34 25.56 -1.29 38.14
N GLU C 35 25.98 -0.23 38.83
CA GLU C 35 27.18 -0.20 39.68
C GLU C 35 26.90 -0.91 41.04
N THR C 36 27.77 -0.65 42.05
CA THR C 36 27.57 -1.13 43.44
C THR C 36 26.25 -0.58 44.03
N LYS C 37 25.89 0.64 43.61
CA LYS C 37 24.65 1.33 43.99
C LYS C 37 23.59 1.23 42.86
N HIS C 38 22.38 1.74 43.10
CA HIS C 38 21.28 1.77 42.10
C HIS C 38 20.94 3.23 41.71
N PRO C 39 20.64 3.50 40.38
CA PRO C 39 20.36 4.87 39.90
C PRO C 39 19.06 5.49 40.46
N LYS C 40 19.05 6.82 40.61
CA LYS C 40 17.94 7.62 41.14
C LYS C 40 17.09 8.18 39.99
N LYS C 41 15.94 8.82 40.32
CA LYS C 41 15.02 9.39 39.32
C LYS C 41 15.35 10.86 39.01
N GLY C 42 15.02 11.26 37.78
CA GLY C 42 15.26 12.63 37.29
C GLY C 42 14.14 13.59 37.64
N VAL C 43 14.50 14.86 37.89
CA VAL C 43 13.57 15.89 38.40
C VAL C 43 12.76 16.53 37.24
N GLU C 44 11.48 16.82 37.51
CA GLU C 44 10.52 17.42 36.55
C GLU C 44 10.69 18.95 36.42
N LYS C 45 10.11 19.55 35.36
CA LYS C 45 10.10 21.00 35.13
C LYS C 45 8.64 21.47 34.90
N TYR C 46 8.21 22.54 35.61
CA TYR C 46 6.85 23.13 35.46
C TYR C 46 6.65 23.80 34.08
N GLY C 47 5.40 24.15 33.81
CA GLY C 47 5.04 24.94 32.64
C GLY C 47 3.52 24.95 32.40
N PRO C 48 2.69 25.53 33.34
CA PRO C 48 1.23 25.67 33.15
C PRO C 48 0.84 27.07 32.59
N GLU C 49 0.15 27.09 31.44
CA GLU C 49 -0.46 28.33 30.89
C GLU C 49 -1.87 28.51 31.44
N ALA C 50 -2.33 29.76 31.39
CA ALA C 50 -3.71 30.13 31.71
C ALA C 50 -4.68 29.67 30.59
N SER C 51 -5.99 29.73 30.86
CA SER C 51 -7.04 29.35 29.89
C SER C 51 -7.24 30.45 28.83
N ALA C 52 -7.97 30.12 27.75
CA ALA C 52 -8.29 31.08 26.66
C ALA C 52 -9.80 31.37 26.64
N PHE C 53 -10.17 32.49 26.00
CA PHE C 53 -11.57 32.97 25.88
C PHE C 53 -12.29 32.28 24.70
N THR C 54 -13.45 32.83 24.27
CA THR C 54 -14.34 32.17 23.28
C THR C 54 -14.93 33.16 22.26
N LYS C 55 -15.12 32.67 21.00
CA LYS C 55 -15.93 33.37 19.98
C LYS C 55 -17.32 32.68 19.92
N LYS C 56 -17.44 31.63 19.07
CA LYS C 56 -18.71 30.88 18.85
C LYS C 56 -18.45 29.38 19.02
N MET C 57 -19.22 28.73 19.91
CA MET C 57 -19.16 27.26 20.12
C MET C 57 -20.47 26.65 19.62
N VAL C 58 -20.34 25.73 18.64
CA VAL C 58 -21.48 25.09 17.99
C VAL C 58 -20.99 23.93 17.10
N GLU C 59 -21.91 22.98 16.88
CA GLU C 59 -21.86 21.92 15.86
C GLU C 59 -21.07 20.69 16.28
N ASN C 60 -21.61 19.52 15.87
CA ASN C 60 -21.11 18.19 16.25
C ASN C 60 -20.40 17.54 15.06
N ALA C 61 -19.57 16.54 15.35
CA ALA C 61 -18.82 15.78 14.33
C ALA C 61 -18.46 14.39 14.87
N LYS C 62 -18.42 13.40 13.98
CA LYS C 62 -18.02 12.01 14.28
C LYS C 62 -16.96 11.58 13.27
N LYS C 63 -16.44 10.36 13.45
CA LYS C 63 -15.37 9.82 12.58
C LYS C 63 -15.44 8.28 12.59
N ILE C 64 -15.93 7.68 11.49
CA ILE C 64 -16.07 6.21 11.33
C ILE C 64 -15.33 5.76 10.04
N GLU C 65 -14.61 4.62 10.11
CA GLU C 65 -13.92 3.99 8.95
C GLU C 65 -14.28 2.49 8.90
N VAL C 66 -14.74 2.00 7.73
CA VAL C 66 -14.85 0.54 7.41
C VAL C 66 -15.27 0.32 5.94
N GLU C 67 -14.59 -0.64 5.26
CA GLU C 67 -15.01 -1.24 3.97
C GLU C 67 -14.09 -2.43 3.61
N PHE C 68 -14.63 -3.38 2.83
CA PHE C 68 -13.92 -4.58 2.33
C PHE C 68 -14.87 -5.39 1.42
N ASP C 69 -14.30 -6.17 0.48
CA ASP C 69 -15.09 -7.02 -0.44
C ASP C 69 -14.34 -8.35 -0.73
N LYS C 70 -15.09 -9.37 -1.18
CA LYS C 70 -14.57 -10.74 -1.43
C LYS C 70 -15.13 -11.29 -2.75
N GLY C 71 -14.54 -12.41 -3.23
CA GLY C 71 -15.01 -13.09 -4.45
C GLY C 71 -13.91 -13.19 -5.51
N GLN C 72 -13.26 -14.37 -5.59
CA GLN C 72 -12.16 -14.64 -6.54
C GLN C 72 -11.88 -16.15 -6.66
N ARG C 73 -11.19 -16.52 -7.76
CA ARG C 73 -10.61 -17.85 -7.96
C ARG C 73 -9.72 -17.82 -9.24
N THR C 74 -8.92 -18.88 -9.45
CA THR C 74 -8.13 -19.05 -10.69
C THR C 74 -8.79 -20.09 -11.60
N ASP C 75 -8.88 -19.77 -12.91
CA ASP C 75 -9.57 -20.59 -13.92
C ASP C 75 -8.90 -20.42 -15.30
N LYS C 76 -8.39 -21.55 -15.89
CA LYS C 76 -8.19 -21.69 -17.35
C LYS C 76 -7.63 -23.06 -17.76
N TYR C 77 -8.39 -23.73 -18.65
CA TYR C 77 -7.97 -24.93 -19.38
C TYR C 77 -8.13 -24.63 -20.88
N GLY C 78 -7.04 -24.80 -21.65
CA GLY C 78 -7.07 -24.58 -23.10
C GLY C 78 -7.34 -25.88 -23.84
N ARG C 79 -7.97 -25.79 -25.05
CA ARG C 79 -8.14 -26.95 -25.94
C ARG C 79 -8.27 -26.52 -27.42
N GLY C 80 -9.50 -26.43 -27.95
CA GLY C 80 -9.71 -26.35 -29.40
C GLY C 80 -10.86 -25.45 -29.77
N LEU C 81 -10.71 -24.15 -29.43
CA LEU C 81 -11.67 -23.10 -29.75
C LEU C 81 -11.00 -21.75 -29.43
N ALA C 82 -11.58 -20.93 -28.52
CA ALA C 82 -11.02 -19.64 -28.16
C ALA C 82 -10.05 -19.82 -26.99
N TYR C 83 -8.91 -20.50 -27.27
CA TYR C 83 -7.93 -20.89 -26.26
C TYR C 83 -6.51 -20.93 -26.86
N ILE C 84 -5.68 -19.89 -26.56
CA ILE C 84 -4.21 -19.94 -26.77
C ILE C 84 -3.48 -19.34 -25.54
N TYR C 85 -3.68 -18.04 -25.30
CA TYR C 85 -2.97 -17.27 -24.28
C TYR C 85 -3.51 -15.83 -24.28
N ALA C 86 -4.15 -15.45 -23.17
CA ALA C 86 -4.78 -14.14 -23.02
C ALA C 86 -3.79 -13.09 -22.46
N ASP C 87 -2.98 -12.51 -23.37
CA ASP C 87 -2.04 -11.41 -23.03
C ASP C 87 -1.58 -10.68 -24.30
N GLY C 88 -1.82 -9.35 -24.36
CA GLY C 88 -1.29 -8.50 -25.45
C GLY C 88 -2.36 -7.78 -26.27
N LYS C 89 -2.03 -7.52 -27.54
CA LYS C 89 -2.81 -6.72 -28.51
C LYS C 89 -2.77 -5.23 -28.15
N MET C 90 -3.67 -4.78 -27.26
CA MET C 90 -3.79 -3.36 -26.90
C MET C 90 -4.29 -3.28 -25.44
N VAL C 91 -3.81 -4.24 -24.61
CA VAL C 91 -4.45 -4.56 -23.30
C VAL C 91 -3.84 -3.75 -22.12
N ASN C 92 -2.95 -2.79 -22.42
CA ASN C 92 -2.30 -1.94 -21.40
C ASN C 92 -2.62 -0.45 -21.63
N GLU C 93 -3.55 0.07 -20.80
CA GLU C 93 -3.84 1.53 -20.65
C GLU C 93 -4.34 2.18 -21.97
N ALA C 94 -4.89 1.37 -22.88
CA ALA C 94 -5.32 1.85 -24.21
C ALA C 94 -6.75 2.44 -24.17
N LEU C 95 -7.66 1.72 -23.50
CA LEU C 95 -9.06 2.17 -23.33
C LEU C 95 -9.14 3.25 -22.22
N VAL C 96 -10.17 4.13 -22.32
CA VAL C 96 -10.40 5.33 -21.48
C VAL C 96 -9.43 6.44 -21.92
N ARG C 97 -9.87 7.20 -22.95
CA ARG C 97 -9.06 8.24 -23.60
C ARG C 97 -9.98 9.03 -24.53
N GLN C 98 -10.24 10.33 -24.20
CA GLN C 98 -11.24 11.16 -24.91
C GLN C 98 -10.61 11.89 -26.13
N GLY C 99 -11.27 11.77 -27.30
CA GLY C 99 -10.83 12.46 -28.52
C GLY C 99 -11.80 12.23 -29.68
N LEU C 100 -13.10 12.43 -29.41
CA LEU C 100 -14.19 12.28 -30.41
C LEU C 100 -14.68 13.67 -30.87
N ALA C 101 -13.79 14.68 -30.80
CA ALA C 101 -14.09 16.04 -31.28
C ALA C 101 -13.77 16.16 -32.79
N LYS C 102 -14.45 15.31 -33.59
CA LYS C 102 -14.38 15.33 -35.06
C LYS C 102 -15.77 15.74 -35.59
N VAL C 103 -16.72 14.78 -35.61
CA VAL C 103 -18.12 14.95 -36.10
C VAL C 103 -18.13 15.43 -37.58
N ALA C 104 -17.92 16.75 -37.80
CA ALA C 104 -17.87 17.38 -39.13
C ALA C 104 -17.26 18.79 -39.02
N TYR C 105 -17.15 19.49 -40.18
CA TYR C 105 -16.66 20.88 -40.27
C TYR C 105 -17.58 21.88 -39.53
N VAL C 106 -18.77 21.40 -39.07
CA VAL C 106 -19.65 22.16 -38.19
C VAL C 106 -18.95 22.42 -36.84
N TYR C 107 -18.94 23.69 -36.42
CA TYR C 107 -18.30 24.14 -35.16
C TYR C 107 -19.26 25.08 -34.42
N LYS C 108 -20.53 25.03 -34.82
CA LYS C 108 -21.56 25.98 -34.40
C LYS C 108 -22.12 25.60 -33.01
N PRO C 109 -21.72 26.31 -31.91
CA PRO C 109 -22.12 25.96 -30.54
C PRO C 109 -23.47 26.62 -30.14
N ASN C 110 -23.98 26.21 -28.98
CA ASN C 110 -25.17 26.80 -28.36
C ASN C 110 -25.00 26.74 -26.83
N ASN C 111 -25.33 27.86 -26.15
CA ASN C 111 -25.18 27.96 -24.70
C ASN C 111 -26.05 29.12 -24.18
N THR C 112 -27.24 28.76 -23.66
CA THR C 112 -28.12 29.68 -22.92
C THR C 112 -28.86 28.85 -21.85
N HIS C 113 -28.83 29.35 -20.60
CA HIS C 113 -29.35 28.63 -19.41
C HIS C 113 -29.52 29.61 -18.23
N GLU C 114 -30.59 29.40 -17.46
CA GLU C 114 -30.91 30.16 -16.23
C GLU C 114 -32.08 29.45 -15.51
N GLN C 115 -31.77 28.68 -14.46
CA GLN C 115 -32.80 27.97 -13.67
C GLN C 115 -32.69 28.36 -12.17
N HIS C 116 -33.58 29.28 -11.77
CA HIS C 116 -33.69 29.80 -10.41
C HIS C 116 -34.47 28.82 -9.50
N LEU C 117 -34.03 28.65 -8.24
CA LEU C 117 -34.74 27.81 -7.25
C LEU C 117 -34.57 28.48 -5.87
N ARG C 118 -35.62 29.18 -5.43
CA ARG C 118 -35.62 29.96 -4.19
C ARG C 118 -36.10 29.06 -3.02
N LYS C 119 -35.14 28.54 -2.23
CA LYS C 119 -35.43 27.77 -0.99
C LYS C 119 -34.21 27.81 -0.06
N SER C 120 -34.44 27.55 1.23
CA SER C 120 -33.39 27.41 2.25
C SER C 120 -33.95 26.77 3.53
N GLU C 121 -33.05 26.15 4.30
CA GLU C 121 -33.35 25.53 5.59
C GLU C 121 -32.04 25.48 6.41
N ALA C 122 -32.15 25.72 7.72
CA ALA C 122 -30.99 25.77 8.61
C ALA C 122 -31.45 25.44 10.05
N GLN C 123 -30.68 24.59 10.73
CA GLN C 123 -30.89 24.25 12.15
C GLN C 123 -29.52 23.98 12.78
N ALA C 124 -29.34 24.33 14.06
CA ALA C 124 -28.04 24.28 14.76
C ALA C 124 -28.03 23.22 15.87
N LYS C 125 -26.82 22.81 16.29
CA LYS C 125 -26.60 21.82 17.37
C LYS C 125 -25.49 22.34 18.31
N LYS C 126 -25.89 23.04 19.38
CA LYS C 126 -24.95 23.71 20.32
C LYS C 126 -24.27 22.70 21.29
N GLU C 127 -23.46 23.24 22.23
CA GLU C 127 -22.78 22.45 23.28
C GLU C 127 -23.75 22.20 24.47
N LYS C 128 -23.32 21.31 25.39
CA LYS C 128 -23.99 21.05 26.68
C LYS C 128 -24.08 22.32 27.55
N LEU C 129 -24.92 22.24 28.58
CA LEU C 129 -25.00 23.22 29.65
C LEU C 129 -24.84 22.42 30.96
N ASN C 130 -23.58 22.16 31.34
CA ASN C 130 -23.25 21.44 32.59
C ASN C 130 -21.84 21.86 33.08
N ILE C 131 -21.04 20.92 33.66
CA ILE C 131 -19.69 21.23 34.16
C ILE C 131 -18.73 21.74 33.03
N TRP C 132 -18.37 20.86 32.07
CA TRP C 132 -17.41 21.17 30.99
C TRP C 132 -17.78 20.30 29.75
N MET A 1 18.23 41.29 17.37
CA MET A 1 18.31 40.44 18.59
C MET A 1 19.23 39.23 18.29
N LYS A 2 20.55 39.51 18.18
CA LYS A 2 21.60 38.55 17.74
C LYS A 2 21.40 38.12 16.27
N GLY A 3 22.46 37.54 15.68
CA GLY A 3 22.46 37.07 14.29
C GLY A 3 23.86 37.06 13.70
N GLN A 4 24.22 35.98 13.00
CA GLN A 4 25.52 35.85 12.31
C GLN A 4 25.55 36.78 11.09
N GLU A 5 25.01 36.32 9.95
CA GLU A 5 24.85 37.11 8.71
C GLU A 5 23.64 36.57 7.93
N THR A 6 22.94 37.47 7.23
CA THR A 6 21.80 37.11 6.36
C THR A 6 22.24 37.16 4.89
N ARG A 7 22.67 35.99 4.37
CA ARG A 7 23.23 35.84 3.02
C ARG A 7 22.29 34.99 2.14
N GLY A 8 22.27 35.30 0.83
CA GLY A 8 21.45 34.57 -0.16
C GLY A 8 22.27 34.05 -1.32
N PHE A 9 23.54 33.73 -1.04
CA PHE A 9 24.49 33.12 -2.00
C PHE A 9 25.28 32.00 -1.29
N GLN A 10 25.84 31.08 -2.11
CA GLN A 10 26.69 29.95 -1.66
C GLN A 10 25.86 28.92 -0.84
N SER A 11 24.76 28.43 -1.46
CA SER A 11 23.93 27.34 -0.90
C SER A 11 24.73 26.04 -0.90
N GLU A 12 25.17 25.63 -2.10
CA GLU A 12 26.10 24.51 -2.32
C GLU A 12 26.46 24.48 -3.81
N VAL A 13 27.74 24.20 -4.12
CA VAL A 13 28.24 24.04 -5.49
C VAL A 13 28.71 22.57 -5.65
N LYS A 14 29.82 22.25 -4.96
CA LYS A 14 30.47 20.91 -4.97
C LYS A 14 31.16 20.70 -3.61
N GLN A 15 31.35 19.44 -3.19
CA GLN A 15 32.00 19.09 -1.89
C GLN A 15 33.39 19.75 -1.78
N LEU A 16 34.29 19.36 -2.70
CA LEU A 16 35.68 19.85 -2.75
C LEU A 16 35.76 21.39 -2.86
N LEU A 17 34.83 21.97 -3.67
CA LEU A 17 34.77 23.43 -3.91
C LEU A 17 34.29 24.14 -2.63
N HIS A 18 33.42 23.47 -1.86
CA HIS A 18 32.83 24.05 -0.62
C HIS A 18 33.91 24.09 0.48
N LEU A 19 34.86 23.15 0.38
CA LEU A 19 36.05 23.12 1.24
C LEU A 19 36.96 24.31 0.90
N MET A 20 37.26 24.46 -0.40
CA MET A 20 38.24 25.43 -0.92
C MET A 20 37.91 26.90 -0.56
N ILE A 21 36.61 27.25 -0.53
CA ILE A 21 36.15 28.61 -0.20
C ILE A 21 36.61 29.04 1.21
N HIS A 22 36.41 28.15 2.19
CA HIS A 22 36.70 28.43 3.61
C HIS A 22 38.13 27.95 3.99
N SER A 23 38.76 27.20 3.07
CA SER A 23 40.17 26.71 3.19
C SER A 23 41.17 27.87 2.99
N LEU A 24 40.69 28.98 2.40
CA LEU A 24 41.46 30.22 2.24
C LEU A 24 41.51 30.97 3.59
N TYR A 25 40.29 31.24 4.12
CA TYR A 25 40.03 31.86 5.43
C TYR A 25 40.59 33.31 5.52
N SER A 26 41.09 33.84 4.36
CA SER A 26 41.78 35.14 4.23
C SER A 26 43.04 35.22 5.12
N ASN A 27 43.55 34.06 5.59
CA ASN A 27 44.60 34.02 6.63
C ASN A 27 45.82 33.23 6.14
N LYS A 28 45.59 32.22 5.25
CA LYS A 28 46.63 31.45 4.50
C LYS A 28 47.34 30.39 5.36
N GLU A 29 47.81 30.78 6.56
CA GLU A 29 48.61 29.92 7.49
C GLU A 29 47.88 28.63 7.96
N ILE A 30 46.59 28.53 7.61
CA ILE A 30 45.77 27.30 7.72
C ILE A 30 46.40 26.10 6.93
N PHE A 31 47.38 26.39 6.04
CA PHE A 31 48.19 25.34 5.37
C PHE A 31 49.08 24.61 6.39
N LEU A 32 49.72 25.38 7.29
CA LEU A 32 50.65 24.83 8.30
C LEU A 32 49.84 23.94 9.27
N ARG A 33 48.63 24.44 9.63
CA ARG A 33 47.61 23.68 10.38
C ARG A 33 47.36 22.30 9.73
N GLU A 34 46.97 22.33 8.45
CA GLU A 34 46.59 21.12 7.67
C GLU A 34 47.75 20.14 7.58
N LEU A 35 48.86 20.57 6.95
CA LEU A 35 50.06 19.73 6.69
C LEU A 35 50.51 18.96 7.96
N ILE A 36 50.71 19.69 9.07
CA ILE A 36 51.18 19.07 10.33
C ILE A 36 50.10 18.14 10.93
N SER A 37 48.81 18.55 10.89
CA SER A 37 47.69 17.73 11.41
C SER A 37 47.47 16.45 10.55
N ASN A 38 47.85 16.53 9.26
CA ASN A 38 47.78 15.40 8.33
C ASN A 38 48.96 14.44 8.60
N ALA A 39 50.05 15.02 9.16
CA ALA A 39 51.26 14.27 9.55
C ALA A 39 51.06 13.62 10.93
N SER A 40 50.24 14.29 11.77
CA SER A 40 49.87 13.81 13.11
C SER A 40 48.93 12.61 13.00
N ASP A 41 48.03 12.69 12.00
CA ASP A 41 47.08 11.62 11.69
C ASP A 41 47.79 10.45 10.99
N ALA A 42 48.80 10.78 10.15
CA ALA A 42 49.68 9.77 9.50
C ALA A 42 50.55 9.04 10.54
N ALA A 43 50.90 9.76 11.62
CA ALA A 43 51.63 9.19 12.76
C ALA A 43 50.76 8.16 13.50
N ASP A 44 49.45 8.49 13.62
CA ASP A 44 48.44 7.59 14.22
C ASP A 44 48.35 6.29 13.43
N LYS A 45 48.25 6.41 12.09
CA LYS A 45 48.21 5.23 11.19
C LYS A 45 49.47 4.36 11.36
N LEU A 46 50.64 5.00 11.56
CA LEU A 46 51.90 4.27 11.80
C LEU A 46 51.87 3.54 13.14
N ARG A 47 51.24 4.15 14.16
CA ARG A 47 51.15 3.58 15.53
C ARG A 47 50.39 2.25 15.52
N PHE A 48 49.26 2.20 14.79
CA PHE A 48 48.41 0.99 14.68
C PHE A 48 49.08 -0.09 13.81
N ARG A 49 49.66 0.34 12.68
CA ARG A 49 50.40 -0.56 11.78
C ARG A 49 51.64 -1.15 12.47
N ALA A 50 52.22 -0.37 13.40
CA ALA A 50 53.40 -0.77 14.18
C ALA A 50 53.05 -1.82 15.25
N LEU A 51 51.76 -1.89 15.62
CA LEU A 51 51.24 -2.97 16.48
C LEU A 51 51.20 -4.31 15.71
N SER A 52 51.18 -4.24 14.37
CA SER A 52 51.22 -5.43 13.51
C SER A 52 52.62 -5.64 12.90
N ASN A 53 53.44 -4.58 12.92
CA ASN A 53 54.81 -4.59 12.36
C ASN A 53 55.70 -3.59 13.14
N PRO A 54 56.35 -4.00 14.27
CA PRO A 54 57.28 -3.11 15.02
C PRO A 54 58.54 -2.73 14.20
N ASP A 55 58.75 -3.44 13.09
CA ASP A 55 59.81 -3.14 12.09
C ASP A 55 59.67 -1.71 11.53
N LEU A 56 58.43 -1.18 11.50
CA LEU A 56 58.14 0.16 10.96
C LEU A 56 58.76 1.29 11.83
N TYR A 57 59.12 0.95 13.09
CA TYR A 57 59.86 1.89 13.96
C TYR A 57 61.29 2.09 13.45
N GLU A 58 61.87 1.05 12.82
CA GLU A 58 63.24 1.11 12.20
C GLU A 58 64.35 1.44 13.25
N GLY A 59 64.02 1.36 14.55
CA GLY A 59 64.89 1.90 15.61
C GLY A 59 64.57 3.36 15.92
N ASP A 60 64.24 4.10 14.86
CA ASP A 60 63.79 5.51 14.93
C ASP A 60 62.30 5.54 15.34
N GLY A 61 62.05 5.29 16.64
CA GLY A 61 60.69 5.13 17.17
C GLY A 61 60.09 6.44 17.63
N GLU A 62 60.94 7.45 17.87
CA GLU A 62 60.50 8.81 18.24
C GLU A 62 59.79 9.44 17.04
N LEU A 63 58.45 9.32 17.01
CA LEU A 63 57.63 9.86 15.93
C LEU A 63 57.45 11.37 16.14
N ARG A 64 57.99 12.17 15.21
CA ARG A 64 57.90 13.64 15.22
C ARG A 64 57.89 14.20 13.78
N VAL A 65 57.40 15.44 13.63
CA VAL A 65 57.41 16.17 12.36
C VAL A 65 58.40 17.35 12.46
N ARG A 66 59.36 17.38 11.54
CA ARG A 66 60.42 18.38 11.48
C ARG A 66 60.14 19.41 10.37
N VAL A 67 60.27 20.70 10.70
CA VAL A 67 59.99 21.81 9.78
C VAL A 67 61.30 22.60 9.51
N SER A 68 61.80 22.55 8.27
CA SER A 68 63.01 23.29 7.85
C SER A 68 62.63 24.34 6.79
N PHE A 69 63.35 25.47 6.78
CA PHE A 69 63.02 26.62 5.93
C PHE A 69 64.29 27.38 5.51
N ASP A 70 64.19 28.11 4.40
CA ASP A 70 65.26 29.02 3.95
C ASP A 70 64.62 30.21 3.23
N LYS A 71 64.92 31.43 3.70
CA LYS A 71 64.33 32.69 3.20
C LYS A 71 64.88 33.06 1.81
N ASP A 72 66.13 32.64 1.54
CA ASP A 72 66.84 32.96 0.28
C ASP A 72 66.30 32.11 -0.87
N LYS A 73 66.19 30.79 -0.64
CA LYS A 73 65.67 29.83 -1.63
C LYS A 73 64.13 29.79 -1.61
N ARG A 74 63.53 30.41 -0.57
CA ARG A 74 62.07 30.58 -0.43
C ARG A 74 61.34 29.22 -0.34
N THR A 75 61.95 28.29 0.41
CA THR A 75 61.39 26.94 0.64
C THR A 75 61.06 26.72 2.13
N LEU A 76 59.84 26.26 2.40
CA LEU A 76 59.39 25.79 3.73
C LEU A 76 59.05 24.30 3.60
N THR A 77 59.56 23.46 4.50
CA THR A 77 59.54 21.99 4.36
C THR A 77 58.98 21.32 5.63
N ILE A 78 57.75 20.78 5.52
CA ILE A 78 57.09 20.04 6.61
C ILE A 78 57.31 18.54 6.35
N SER A 79 58.26 17.95 7.08
CA SER A 79 58.76 16.60 6.85
C SER A 79 58.59 15.72 8.10
N ASP A 80 57.55 14.89 8.12
CA ASP A 80 57.30 13.90 9.20
C ASP A 80 58.06 12.59 8.94
N ASN A 81 58.31 11.85 10.04
CA ASN A 81 58.84 10.46 9.98
C ASN A 81 57.67 9.47 10.18
N GLY A 82 56.47 9.87 9.73
CA GLY A 82 55.25 9.10 9.94
C GLY A 82 55.18 7.81 9.11
N VAL A 83 53.96 7.37 8.79
CA VAL A 83 53.74 6.13 8.03
C VAL A 83 54.29 6.26 6.58
N GLY A 84 54.21 7.49 6.05
CA GLY A 84 54.49 7.75 4.65
C GLY A 84 53.49 7.11 3.72
N MET A 85 53.78 7.11 2.41
CA MET A 85 52.90 6.50 1.40
C MET A 85 53.74 5.82 0.32
N THR A 86 53.17 4.74 -0.24
CA THR A 86 53.75 3.98 -1.36
C THR A 86 53.24 4.58 -2.69
N ARG A 87 53.83 4.17 -3.85
CA ARG A 87 53.52 4.72 -5.20
C ARG A 87 52.00 4.79 -5.46
N ASP A 88 51.36 3.62 -5.45
CA ASP A 88 49.93 3.49 -5.73
C ASP A 88 49.09 4.05 -4.59
N GLU A 89 49.63 4.00 -3.35
CA GLU A 89 48.97 4.58 -2.16
C GLU A 89 48.94 6.14 -2.24
N VAL A 90 49.84 6.74 -3.05
CA VAL A 90 49.82 8.19 -3.35
C VAL A 90 48.82 8.51 -4.48
N ILE A 91 48.78 7.65 -5.51
CA ILE A 91 47.91 7.83 -6.70
C ILE A 91 46.42 7.67 -6.32
N ASP A 92 46.18 6.75 -5.38
CA ASP A 92 44.85 6.48 -4.80
C ASP A 92 44.54 7.44 -3.63
N HIS A 93 45.42 8.43 -3.37
CA HIS A 93 45.24 9.41 -2.28
C HIS A 93 45.34 10.84 -2.86
N LEU A 94 46.58 11.32 -3.09
CA LEU A 94 46.84 12.68 -3.62
C LEU A 94 46.37 12.79 -5.08
N GLY A 95 46.41 11.66 -5.81
CA GLY A 95 45.88 11.58 -7.17
C GLY A 95 44.38 11.84 -7.23
N THR A 96 43.66 11.31 -6.23
CA THR A 96 42.20 11.52 -6.07
C THR A 96 41.87 12.87 -5.38
N ILE A 97 42.91 13.63 -5.01
CA ILE A 97 42.76 15.05 -4.59
C ILE A 97 42.94 15.96 -5.84
N ALA A 98 43.77 15.46 -6.79
CA ALA A 98 44.07 16.13 -8.07
C ALA A 98 43.17 15.55 -9.20
N LYS A 99 43.73 15.25 -10.42
CA LYS A 99 42.91 14.66 -11.51
C LYS A 99 42.64 13.16 -11.24
N SER A 100 41.55 12.93 -10.50
CA SER A 100 40.92 11.62 -10.20
C SER A 100 39.74 11.94 -9.27
N GLY A 101 38.64 12.35 -9.88
CA GLY A 101 37.57 13.05 -9.23
C GLY A 101 36.45 12.09 -8.97
N THR A 102 36.59 11.40 -7.85
CA THR A 102 35.66 10.34 -7.38
C THR A 102 34.20 10.82 -7.16
N LYS A 103 33.96 12.17 -7.16
CA LYS A 103 32.64 12.77 -6.90
C LYS A 103 32.28 12.58 -5.40
N SER A 104 31.81 11.37 -5.05
CA SER A 104 31.58 10.97 -3.66
C SER A 104 32.02 9.49 -3.49
N PHE A 105 31.23 8.57 -4.08
CA PHE A 105 31.43 7.11 -3.92
C PHE A 105 32.22 6.49 -5.10
N LEU A 106 32.23 7.22 -6.24
CA LEU A 106 32.86 6.81 -7.54
C LEU A 106 32.00 7.45 -8.63
N GLU A 107 32.61 8.32 -9.45
CA GLU A 107 31.89 9.04 -10.53
C GLU A 107 31.24 8.09 -11.57
N SER A 108 31.82 6.87 -11.73
CA SER A 108 31.31 5.84 -12.67
C SER A 108 30.13 5.03 -12.08
N LEU A 109 30.42 4.09 -11.14
CA LEU A 109 29.40 3.18 -10.55
C LEU A 109 28.81 3.80 -9.28
N GLY A 110 29.67 4.41 -8.44
CA GLY A 110 29.25 4.91 -7.13
C GLY A 110 29.48 3.88 -6.04
N SER A 111 30.68 3.26 -6.04
CA SER A 111 31.01 2.11 -5.17
C SER A 111 32.52 2.01 -4.89
N ASP A 112 33.31 1.72 -5.95
CA ASP A 112 34.75 1.33 -5.85
C ASP A 112 35.62 2.36 -5.10
N GLN A 113 35.40 3.64 -5.44
CA GLN A 113 36.19 4.77 -4.91
C GLN A 113 35.48 5.47 -3.72
N ALA A 114 34.61 4.72 -2.98
CA ALA A 114 33.83 5.30 -1.85
C ALA A 114 34.69 5.82 -0.69
N LYS A 115 35.87 5.22 -0.50
CA LYS A 115 36.79 5.63 0.57
C LYS A 115 37.87 6.59 0.03
N ASP A 116 37.50 7.38 -1.00
CA ASP A 116 38.33 8.48 -1.53
C ASP A 116 37.71 9.84 -1.13
N SER A 117 36.40 9.86 -0.89
CA SER A 117 35.70 11.02 -0.32
C SER A 117 36.21 11.33 1.11
N GLN A 118 36.59 10.24 1.82
CA GLN A 118 37.16 10.31 3.18
C GLN A 118 38.54 11.00 3.16
N LEU A 119 39.27 10.81 2.05
CA LEU A 119 40.59 11.42 1.81
C LEU A 119 40.45 12.90 1.46
N ILE A 120 39.41 13.23 0.68
CA ILE A 120 39.09 14.61 0.26
C ILE A 120 38.65 15.47 1.47
N GLY A 121 37.98 14.80 2.46
CA GLY A 121 37.49 15.48 3.67
C GLY A 121 38.58 16.19 4.48
N GLN A 122 39.81 15.63 4.46
CA GLN A 122 40.98 16.20 5.14
C GLN A 122 41.90 16.90 4.12
N PHE A 123 42.47 16.09 3.20
CA PHE A 123 43.55 16.51 2.27
C PHE A 123 43.06 17.43 1.14
N GLY A 124 41.73 17.57 0.98
CA GLY A 124 41.14 18.50 0.02
C GLY A 124 41.33 19.96 0.47
N VAL A 125 41.27 20.17 1.79
CA VAL A 125 41.53 21.47 2.44
C VAL A 125 43.05 21.76 2.40
N GLY A 126 43.84 20.71 2.72
CA GLY A 126 45.31 20.80 2.74
C GLY A 126 45.93 21.17 1.40
N PHE A 127 45.39 20.60 0.32
CA PHE A 127 45.84 20.84 -1.07
C PHE A 127 45.74 22.35 -1.41
N TYR A 128 44.52 22.89 -1.24
CA TYR A 128 44.21 24.28 -1.59
C TYR A 128 45.08 25.27 -0.79
N SER A 129 45.04 25.16 0.55
CA SER A 129 45.75 26.06 1.47
C SER A 129 47.26 26.11 1.18
N ALA A 130 47.86 24.92 0.95
CA ALA A 130 49.31 24.79 0.67
C ALA A 130 49.70 25.53 -0.62
N PHE A 131 48.86 25.40 -1.66
CA PHE A 131 49.09 26.00 -2.98
C PHE A 131 48.68 27.48 -3.06
N ILE A 132 48.11 28.05 -1.97
CA ILE A 132 47.87 29.51 -1.91
C ILE A 132 49.19 30.23 -1.59
N VAL A 133 49.88 29.76 -0.55
CA VAL A 133 51.16 30.34 -0.09
C VAL A 133 52.33 29.91 -1.00
N ALA A 134 52.25 28.68 -1.54
CA ALA A 134 53.31 28.10 -2.36
C ALA A 134 52.94 28.12 -3.84
N ASP A 135 53.95 28.38 -4.68
CA ASP A 135 53.85 28.34 -6.14
C ASP A 135 53.80 26.88 -6.61
N LYS A 136 54.68 26.07 -6.02
CA LYS A 136 54.82 24.65 -6.34
C LYS A 136 55.13 23.88 -5.05
N VAL A 137 54.46 22.73 -4.85
CA VAL A 137 54.73 21.83 -3.71
C VAL A 137 55.22 20.47 -4.26
N THR A 138 56.38 20.03 -3.75
CA THR A 138 56.97 18.72 -4.04
C THR A 138 56.84 17.83 -2.79
N VAL A 139 56.02 16.78 -2.87
CA VAL A 139 55.87 15.80 -1.78
C VAL A 139 56.73 14.57 -2.13
N ARG A 140 57.81 14.38 -1.37
CA ARG A 140 58.71 13.23 -1.50
C ARG A 140 58.51 12.35 -0.27
N THR A 141 57.62 11.36 -0.39
CA THR A 141 57.20 10.49 0.72
C THR A 141 57.85 9.09 0.60
N ARG A 142 57.71 8.28 1.66
CA ARG A 142 58.27 6.92 1.70
C ARG A 142 57.47 6.06 2.70
N ALA A 143 56.94 4.93 2.20
CA ALA A 143 56.26 3.92 3.01
C ALA A 143 57.21 3.26 4.02
N ALA A 144 56.73 3.11 5.27
CA ALA A 144 57.51 2.55 6.39
C ALA A 144 57.91 1.08 6.18
N GLY A 145 59.22 0.77 6.33
CA GLY A 145 59.71 -0.62 6.26
C GLY A 145 59.78 -1.21 4.85
N GLU A 146 59.17 -0.52 3.87
CA GLU A 146 59.11 -0.95 2.46
C GLU A 146 60.34 -0.38 1.68
N LYS A 147 60.69 -1.02 0.55
CA LYS A 147 61.91 -0.72 -0.26
C LYS A 147 62.05 0.81 -0.58
N PRO A 148 63.23 1.45 -0.21
CA PRO A 148 63.50 2.90 -0.45
C PRO A 148 63.43 3.32 -1.94
N GLU A 149 63.69 2.35 -2.83
CA GLU A 149 63.63 2.53 -4.30
C GLU A 149 62.21 2.88 -4.78
N ASN A 150 61.20 2.37 -4.06
CA ASN A 150 59.77 2.63 -4.37
C ASN A 150 59.28 3.90 -3.64
N GLY A 151 60.25 4.71 -3.11
CA GLY A 151 59.97 6.06 -2.61
C GLY A 151 59.30 6.91 -3.68
N VAL A 152 58.47 7.87 -3.27
CA VAL A 152 57.54 8.51 -4.21
C VAL A 152 57.88 10.00 -4.35
N PHE A 153 58.07 10.40 -5.60
CA PHE A 153 58.11 11.79 -6.03
C PHE A 153 56.68 12.19 -6.41
N TRP A 154 56.19 13.26 -5.80
CA TRP A 154 54.91 13.89 -6.13
C TRP A 154 55.18 15.37 -6.32
N GLU A 155 54.50 16.00 -7.28
CA GLU A 155 54.67 17.43 -7.56
C GLU A 155 53.47 17.98 -8.32
N SER A 156 53.05 19.20 -7.94
CA SER A 156 52.04 19.98 -8.67
C SER A 156 52.37 21.47 -8.51
N ALA A 157 51.87 22.28 -9.45
CA ALA A 157 51.99 23.74 -9.41
C ALA A 157 50.68 24.37 -8.91
N GLY A 158 49.72 23.53 -8.47
CA GLY A 158 48.43 23.99 -7.93
C GLY A 158 47.26 23.66 -8.83
N GLU A 159 47.56 23.26 -10.09
CA GLU A 159 46.53 22.86 -11.07
C GLU A 159 45.94 21.48 -10.64
N GLY A 160 44.75 21.14 -11.17
CA GLY A 160 44.05 19.88 -10.86
C GLY A 160 44.68 18.64 -11.50
N GLU A 161 45.97 18.40 -11.20
CA GLU A 161 46.79 17.33 -11.76
C GLU A 161 47.95 17.01 -10.79
N TYR A 162 48.57 15.85 -10.98
CA TYR A 162 49.69 15.37 -10.14
C TYR A 162 50.80 14.76 -11.01
N THR A 163 52.06 14.91 -10.56
CA THR A 163 53.25 14.37 -11.22
C THR A 163 53.89 13.34 -10.28
N VAL A 164 53.63 12.04 -10.52
CA VAL A 164 54.12 10.95 -9.66
C VAL A 164 55.17 10.10 -10.41
N ALA A 165 56.27 9.76 -9.70
CA ALA A 165 57.40 8.97 -10.25
C ALA A 165 58.13 8.24 -9.10
N ASP A 166 58.84 7.15 -9.43
CA ASP A 166 59.64 6.38 -8.43
C ASP A 166 61.05 6.99 -8.27
N ILE A 167 61.45 7.19 -7.00
CA ILE A 167 62.75 7.74 -6.60
C ILE A 167 63.28 6.98 -5.35
N THR A 168 64.52 7.26 -4.97
CA THR A 168 65.13 6.72 -3.76
C THR A 168 64.90 7.68 -2.58
N LYS A 169 64.43 7.16 -1.44
CA LYS A 169 64.35 7.94 -0.20
C LYS A 169 64.58 7.00 1.00
N GLU A 170 65.65 7.26 1.76
CA GLU A 170 66.01 6.46 2.95
C GLU A 170 65.18 6.89 4.15
N ASP A 171 64.80 8.19 4.18
CA ASP A 171 64.01 8.76 5.29
C ASP A 171 62.59 8.18 5.25
N ARG A 172 62.09 7.73 6.39
CA ARG A 172 60.73 7.23 6.54
C ARG A 172 59.76 8.43 6.69
N GLY A 173 58.52 8.26 6.23
CA GLY A 173 57.50 9.32 6.37
C GLY A 173 57.39 10.19 5.14
N THR A 174 56.89 11.42 5.32
CA THR A 174 56.50 12.30 4.21
C THR A 174 57.25 13.64 4.29
N GLU A 175 58.02 13.99 3.23
CA GLU A 175 58.79 15.24 3.17
C GLU A 175 58.13 16.20 2.16
N ILE A 176 57.44 17.23 2.67
CA ILE A 176 56.67 18.18 1.84
C ILE A 176 57.46 19.50 1.71
N THR A 177 58.12 19.71 0.56
CA THR A 177 58.92 20.92 0.28
C THR A 177 58.10 21.92 -0.57
N LEU A 178 57.63 22.99 0.09
CA LEU A 178 56.83 24.05 -0.52
C LEU A 178 57.76 25.19 -0.96
N HIS A 179 57.77 25.52 -2.25
CA HIS A 179 58.45 26.72 -2.74
C HIS A 179 57.47 27.89 -2.63
N LEU A 180 57.58 28.63 -1.50
CA LEU A 180 56.69 29.76 -1.17
C LEU A 180 56.92 30.95 -2.10
N ARG A 181 55.82 31.53 -2.60
CA ARG A 181 55.84 32.69 -3.50
C ARG A 181 56.46 33.91 -2.81
N GLU A 182 57.24 34.71 -3.58
CA GLU A 182 57.81 35.98 -3.10
C GLU A 182 56.65 36.95 -2.85
N GLY A 183 56.56 37.42 -1.60
CA GLY A 183 55.37 38.13 -1.10
C GLY A 183 54.84 37.41 0.13
N GLU A 184 54.82 36.06 0.07
CA GLU A 184 54.50 35.19 1.24
C GLU A 184 55.80 34.84 1.97
N ASP A 185 56.70 35.85 2.03
CA ASP A 185 58.01 35.75 2.70
C ASP A 185 57.85 35.78 4.23
N GLU A 186 56.65 36.22 4.65
CA GLU A 186 56.18 36.18 6.05
C GLU A 186 56.28 34.75 6.64
N PHE A 187 55.93 33.75 5.80
CA PHE A 187 55.92 32.34 6.20
C PHE A 187 57.31 31.67 6.03
N LEU A 188 58.32 32.49 5.70
CA LEU A 188 59.74 32.06 5.69
C LEU A 188 60.47 32.54 6.95
N ASP A 189 59.86 33.53 7.65
CA ASP A 189 60.48 34.18 8.80
C ASP A 189 60.34 33.32 10.05
N ASP A 190 61.49 32.92 10.61
CA ASP A 190 61.63 32.01 11.78
C ASP A 190 60.65 32.32 12.93
N TRP A 191 60.56 33.59 13.32
CA TRP A 191 59.69 34.03 14.44
C TRP A 191 58.20 33.77 14.12
N ARG A 192 57.80 34.09 12.87
CA ARG A 192 56.38 34.01 12.42
C ARG A 192 55.98 32.53 12.28
N VAL A 193 56.86 31.73 11.66
CA VAL A 193 56.65 30.28 11.47
C VAL A 193 56.44 29.61 12.82
N ARG A 194 57.36 29.87 13.77
CA ARG A 194 57.34 29.29 15.14
C ARG A 194 56.08 29.68 15.93
N SER A 195 55.55 30.89 15.70
CA SER A 195 54.30 31.35 16.34
C SER A 195 53.08 30.59 15.77
N ILE A 196 53.09 30.34 14.45
CA ILE A 196 52.02 29.56 13.78
C ILE A 196 52.21 28.05 14.06
N ILE A 197 53.47 27.64 14.37
CA ILE A 197 53.77 26.28 14.84
C ILE A 197 53.02 26.10 16.17
N SER A 198 53.37 26.88 17.21
CA SER A 198 52.73 26.80 18.55
C SER A 198 51.19 26.91 18.47
N LYS A 199 50.71 27.76 17.54
CA LYS A 199 49.28 28.07 17.34
C LYS A 199 48.44 26.79 17.08
N TYR A 200 49.08 25.77 16.47
CA TYR A 200 48.40 24.51 16.10
C TYR A 200 49.04 23.29 16.78
N SER A 201 50.38 23.27 16.79
CA SER A 201 51.19 22.19 17.39
C SER A 201 50.86 21.95 18.87
N ASP A 202 50.34 22.98 19.55
CA ASP A 202 49.92 22.90 20.97
C ASP A 202 48.89 21.77 21.17
N HIS A 203 47.91 21.70 20.24
CA HIS A 203 46.80 20.72 20.33
C HIS A 203 47.17 19.36 19.73
N ILE A 204 48.39 19.21 19.21
CA ILE A 204 48.81 18.05 18.41
C ILE A 204 49.62 17.05 19.28
N ALA A 205 49.41 15.73 19.02
CA ALA A 205 50.06 14.63 19.77
C ALA A 205 51.34 14.15 19.07
N LEU A 206 51.95 15.04 18.26
CA LEU A 206 53.15 14.75 17.46
C LEU A 206 54.17 15.89 17.68
N PRO A 207 55.41 15.59 18.24
CA PRO A 207 56.45 16.60 18.47
C PRO A 207 56.83 17.39 17.20
N VAL A 208 56.36 18.63 17.10
CA VAL A 208 56.68 19.49 15.97
C VAL A 208 57.99 20.24 16.24
N GLU A 209 59.08 19.65 15.75
CA GLU A 209 60.43 20.23 15.82
C GLU A 209 60.62 21.20 14.63
N ILE A 210 61.42 22.24 14.84
CA ILE A 210 61.75 23.21 13.77
C ILE A 210 63.27 23.40 13.71
N GLU A 211 63.76 23.70 12.52
CA GLU A 211 65.18 23.87 12.25
C GLU A 211 65.72 25.19 12.84
N LYS A 212 66.89 25.07 13.47
CA LYS A 212 67.71 26.18 13.93
C LYS A 212 69.09 26.03 13.29
N ARG A 213 69.20 26.57 12.07
CA ARG A 213 70.43 26.54 11.28
C ARG A 213 71.21 27.84 11.56
N GLU A 214 72.39 27.69 12.16
CA GLU A 214 73.24 28.80 12.58
C GLU A 214 74.51 28.74 11.75
N GLU A 215 74.53 29.50 10.63
CA GLU A 215 75.62 29.49 9.65
C GLU A 215 76.79 30.37 10.14
N LYS A 216 77.56 29.81 11.07
CA LYS A 216 78.79 30.42 11.58
C LYS A 216 79.98 29.85 10.78
N ASP A 217 81.07 30.62 10.72
CA ASP A 217 82.27 30.24 9.94
C ASP A 217 82.90 28.93 10.46
N GLY A 218 82.73 27.83 9.69
CA GLY A 218 83.27 26.52 10.04
C GLY A 218 82.26 25.63 10.76
N GLU A 219 81.20 26.24 11.31
CA GLU A 219 80.19 25.55 12.14
C GLU A 219 78.76 25.78 11.59
N THR A 220 78.33 24.89 10.69
CA THR A 220 76.92 24.76 10.29
C THR A 220 76.19 23.95 11.38
N VAL A 221 75.57 24.68 12.33
CA VAL A 221 74.82 24.07 13.43
C VAL A 221 73.36 23.90 13.00
N ILE A 222 72.90 22.66 12.87
CA ILE A 222 71.48 22.36 12.71
C ILE A 222 71.00 21.73 14.02
N SER A 223 70.09 22.42 14.70
CA SER A 223 69.46 21.94 15.93
C SER A 223 67.94 22.02 15.76
N TRP A 224 67.21 21.10 16.37
CA TRP A 224 65.75 21.02 16.20
C TRP A 224 65.07 21.35 17.53
N GLU A 225 64.22 22.39 17.52
CA GLU A 225 63.48 22.85 18.69
C GLU A 225 62.04 22.36 18.58
N LYS A 226 61.60 21.42 19.46
CA LYS A 226 60.19 21.01 19.49
C LYS A 226 59.39 22.03 20.32
N ILE A 227 58.48 22.76 19.65
CA ILE A 227 57.63 23.76 20.31
C ILE A 227 56.43 23.03 20.97
N ASN A 228 56.09 21.85 20.42
CA ASN A 228 55.04 20.98 20.96
C ASN A 228 55.62 20.07 22.06
N LYS A 229 54.94 20.05 23.24
CA LYS A 229 55.36 19.28 24.42
C LYS A 229 55.25 17.76 24.21
N ALA A 230 54.53 17.35 23.14
CA ALA A 230 54.37 15.94 22.71
C ALA A 230 53.42 15.19 23.65
N GLN A 231 52.37 15.89 24.07
CA GLN A 231 51.36 15.34 24.97
C GLN A 231 49.99 15.46 24.31
N ALA A 232 49.38 14.28 24.12
CA ALA A 232 48.03 14.10 23.59
C ALA A 232 47.00 15.01 24.31
N LEU A 233 46.19 15.75 23.53
CA LEU A 233 45.29 16.80 24.07
C LEU A 233 44.28 16.23 25.07
N TRP A 234 43.74 15.05 24.78
CA TRP A 234 42.78 14.39 25.68
C TRP A 234 43.46 14.01 27.02
N THR A 235 44.73 13.57 26.94
CA THR A 235 45.54 13.19 28.12
C THR A 235 46.08 14.45 28.87
N ARG A 236 46.11 15.61 28.18
CA ARG A 236 46.43 16.92 28.81
C ARG A 236 45.36 17.30 29.83
N ASN A 237 45.75 18.06 30.86
CA ASN A 237 44.82 18.62 31.86
C ASN A 237 43.92 19.65 31.17
N LYS A 238 42.63 19.67 31.57
CA LYS A 238 41.61 20.59 31.03
C LYS A 238 42.05 22.07 31.15
N SER A 239 42.84 22.36 32.21
CA SER A 239 43.39 23.69 32.48
C SER A 239 44.59 24.01 31.54
N GLU A 240 45.36 22.97 31.14
CA GLU A 240 46.49 23.13 30.21
C GLU A 240 46.00 23.40 28.78
N ILE A 241 44.78 22.92 28.47
CA ILE A 241 44.17 23.09 27.15
C ILE A 241 43.44 24.44 27.11
N THR A 242 43.66 25.22 26.05
CA THR A 242 42.94 26.48 25.85
C THR A 242 41.75 26.27 24.89
N ASP A 243 40.92 27.33 24.80
CA ASP A 243 39.72 27.40 23.93
C ASP A 243 40.02 26.98 22.48
N GLU A 244 41.05 27.63 21.92
CA GLU A 244 41.49 27.45 20.53
C GLU A 244 41.87 25.98 20.24
N GLU A 245 42.62 25.39 21.20
CA GLU A 245 43.10 24.00 21.10
C GLU A 245 41.95 23.01 20.92
N TYR A 246 40.89 23.16 21.74
CA TYR A 246 39.69 22.31 21.66
C TYR A 246 39.07 22.40 20.25
N LYS A 247 38.75 23.63 19.82
CA LYS A 247 38.10 23.90 18.52
C LYS A 247 38.94 23.36 17.33
N GLU A 248 40.25 23.50 17.45
CA GLU A 248 41.21 23.10 16.42
C GLU A 248 41.47 21.57 16.44
N PHE A 249 41.35 20.95 17.61
CA PHE A 249 41.61 19.51 17.76
C PHE A 249 40.48 18.70 17.11
N TYR A 250 39.24 19.25 17.18
CA TYR A 250 38.10 18.76 16.39
C TYR A 250 38.48 18.59 14.90
N LYS A 251 39.05 19.66 14.35
CA LYS A 251 39.38 19.77 12.92
C LYS A 251 40.46 18.74 12.50
N HIS A 252 41.25 18.27 13.47
CA HIS A 252 42.20 17.16 13.29
C HIS A 252 41.45 15.79 13.27
N ILE A 253 40.87 15.41 14.41
CA ILE A 253 40.37 14.03 14.65
C ILE A 253 39.12 13.68 13.81
N ALA A 254 38.35 14.70 13.45
CA ALA A 254 37.08 14.53 12.73
C ALA A 254 37.30 14.60 11.21
N HIS A 255 38.55 14.94 10.79
CA HIS A 255 38.93 15.11 9.37
C HIS A 255 38.02 16.14 8.70
N ASP A 256 38.04 17.34 9.27
CA ASP A 256 37.14 18.44 8.92
C ASP A 256 37.92 19.76 9.14
N PHE A 257 37.22 20.90 9.08
CA PHE A 257 37.85 22.21 9.32
C PHE A 257 36.83 23.28 9.79
N ASN A 258 35.52 22.93 9.90
CA ASN A 258 34.51 23.87 10.44
C ASN A 258 34.77 24.08 11.95
N ASP A 259 34.41 25.25 12.47
CA ASP A 259 34.65 25.57 13.88
C ASP A 259 33.47 25.06 14.74
N PRO A 260 33.72 24.13 15.72
CA PRO A 260 32.65 23.46 16.49
C PRO A 260 31.98 24.41 17.51
N LEU A 261 30.63 24.30 17.63
CA LEU A 261 29.80 25.13 18.52
C LEU A 261 30.21 24.96 20.01
N THR A 262 30.46 23.70 20.41
CA THR A 262 30.83 23.33 21.79
C THR A 262 31.61 22.00 21.79
N TRP A 263 32.03 21.56 23.00
CA TRP A 263 32.78 20.31 23.21
C TRP A 263 32.44 19.71 24.59
N SER A 264 33.07 18.57 24.91
CA SER A 264 32.86 17.87 26.19
C SER A 264 34.11 17.02 26.53
N HIS A 265 35.04 17.60 27.32
CA HIS A 265 36.27 16.91 27.76
C HIS A 265 36.13 16.45 29.21
N ASN A 266 35.85 15.15 29.38
CA ASN A 266 35.81 14.46 30.69
C ASN A 266 36.85 13.34 30.68
N ARG A 267 37.74 13.30 31.68
CA ARG A 267 38.67 12.16 31.89
C ARG A 267 38.21 11.37 33.12
N VAL A 268 38.04 10.06 32.93
CA VAL A 268 37.49 9.13 33.94
C VAL A 268 38.51 8.01 34.18
N GLU A 269 38.80 7.71 35.46
CA GLU A 269 39.73 6.63 35.85
C GLU A 269 39.13 5.80 37.00
N GLY A 270 39.88 4.78 37.44
CA GLY A 270 39.44 3.85 38.47
C GLY A 270 39.54 2.43 37.96
N LYS A 271 38.41 1.85 37.54
CA LYS A 271 38.39 0.55 36.85
C LYS A 271 38.48 0.80 35.34
N GLN A 272 37.44 1.43 34.77
CA GLN A 272 37.45 1.86 33.37
C GLN A 272 38.15 3.23 33.28
N GLU A 273 39.48 3.21 33.03
CA GLU A 273 40.22 4.43 32.76
C GLU A 273 40.10 4.77 31.26
N TYR A 274 39.24 5.75 30.97
CA TYR A 274 39.02 6.25 29.62
C TYR A 274 38.88 7.78 29.65
N THR A 275 39.48 8.45 28.67
CA THR A 275 39.29 9.87 28.46
C THR A 275 38.34 10.07 27.28
N SER A 276 37.21 10.72 27.55
CA SER A 276 36.20 11.03 26.54
C SER A 276 36.31 12.51 26.15
N LEU A 277 36.39 12.77 24.84
CA LEU A 277 36.52 14.12 24.29
C LEU A 277 35.64 14.23 23.04
N LEU A 278 34.48 14.86 23.23
CA LEU A 278 33.42 14.98 22.23
C LEU A 278 33.35 16.42 21.73
N TYR A 279 32.69 16.61 20.57
CA TYR A 279 32.58 17.90 19.87
C TYR A 279 31.25 17.98 19.12
N ILE A 280 30.61 19.15 19.16
CA ILE A 280 29.43 19.49 18.34
C ILE A 280 29.87 20.45 17.22
N PRO A 281 29.83 20.00 15.92
CA PRO A 281 30.16 20.90 14.76
C PRO A 281 29.11 22.00 14.52
N SER A 282 29.50 22.99 13.70
CA SER A 282 28.58 24.04 13.20
C SER A 282 28.01 23.65 11.82
N GLN A 283 28.51 22.52 11.27
CA GLN A 283 28.16 22.03 9.92
C GLN A 283 27.64 20.60 10.00
N ALA A 284 26.50 20.34 9.34
CA ALA A 284 25.95 18.98 9.19
C ALA A 284 26.90 18.12 8.34
N PRO A 285 27.42 16.97 8.89
CA PRO A 285 28.23 16.03 8.08
C PRO A 285 27.40 15.44 6.92
N TRP A 286 28.07 15.19 5.78
CA TRP A 286 27.43 14.74 4.52
C TRP A 286 26.77 13.36 4.72
N ASP A 287 27.42 12.53 5.56
CA ASP A 287 27.09 11.11 5.77
C ASP A 287 25.88 10.90 6.70
N MET A 288 25.29 12.00 7.21
CA MET A 288 24.18 11.98 8.19
C MET A 288 22.98 11.14 7.70
N TRP A 289 22.65 11.26 6.41
CA TRP A 289 21.49 10.55 5.81
C TRP A 289 21.96 9.53 4.76
N ASN A 290 23.26 9.20 4.85
CA ASN A 290 23.94 8.30 3.90
C ASN A 290 24.07 6.88 4.49
N ARG A 291 24.18 5.90 3.59
CA ARG A 291 24.36 4.47 3.92
C ARG A 291 25.83 4.15 4.32
N ASP A 292 26.76 5.09 4.05
CA ASP A 292 28.18 4.97 4.47
C ASP A 292 28.49 6.04 5.53
N HIS A 293 29.27 5.67 6.56
CA HIS A 293 29.60 6.61 7.66
C HIS A 293 30.85 7.44 7.33
N LYS A 294 30.92 8.58 8.01
CA LYS A 294 32.16 9.39 8.16
C LYS A 294 32.20 9.92 9.62
N HIS A 295 31.02 10.00 10.25
CA HIS A 295 30.87 10.27 11.70
C HIS A 295 31.50 9.15 12.55
N GLY A 296 31.89 9.52 13.77
CA GLY A 296 32.48 8.58 14.72
C GLY A 296 33.53 9.24 15.59
N LEU A 297 34.08 8.46 16.53
CA LEU A 297 35.10 8.92 17.46
C LEU A 297 36.39 8.12 17.18
N LYS A 298 37.55 8.77 17.00
CA LYS A 298 38.83 8.04 16.80
C LYS A 298 39.16 7.21 18.05
N LEU A 299 39.20 5.88 17.89
CA LEU A 299 39.53 4.98 18.99
C LEU A 299 41.04 4.93 19.24
N TYR A 300 41.40 5.21 20.49
CA TYR A 300 42.72 4.97 21.04
C TYR A 300 42.55 4.00 22.22
N VAL A 301 43.40 2.98 22.29
CA VAL A 301 43.51 2.12 23.48
C VAL A 301 44.94 2.23 24.01
N GLN A 302 45.08 2.61 25.30
CA GLN A 302 46.39 2.80 25.98
C GLN A 302 47.19 3.96 25.32
N ARG A 303 46.42 4.95 24.81
CA ARG A 303 46.89 6.19 24.13
C ARG A 303 47.44 5.88 22.71
N VAL A 304 47.29 4.61 22.28
CA VAL A 304 47.74 4.13 20.97
C VAL A 304 46.54 3.99 20.03
N PHE A 305 46.64 4.56 18.82
CA PHE A 305 45.57 4.52 17.80
C PHE A 305 45.21 3.08 17.38
N ILE A 306 43.89 2.82 17.21
CA ILE A 306 43.36 1.50 16.81
C ILE A 306 42.58 1.64 15.48
N MET A 307 41.46 2.40 15.51
CA MET A 307 40.58 2.54 14.33
C MET A 307 40.09 3.99 14.18
N ASP A 308 39.87 4.41 12.92
CA ASP A 308 39.63 5.81 12.57
C ASP A 308 38.12 6.07 12.43
N ASP A 309 37.68 7.25 12.93
CA ASP A 309 36.24 7.64 13.04
C ASP A 309 35.34 6.42 13.42
N ALA A 310 35.58 5.87 14.63
CA ALA A 310 34.90 4.64 15.12
C ALA A 310 33.44 4.95 15.48
N GLU A 311 32.56 4.49 14.60
CA GLU A 311 31.10 4.72 14.66
C GLU A 311 30.44 3.91 15.82
N GLN A 312 31.18 2.91 16.33
CA GLN A 312 30.68 1.97 17.36
C GLN A 312 30.69 2.60 18.77
N PHE A 313 31.41 3.71 18.96
CA PHE A 313 31.49 4.41 20.27
C PHE A 313 30.48 5.55 20.37
N MET A 314 29.95 5.99 19.23
CA MET A 314 28.94 7.05 19.21
C MET A 314 27.65 6.46 18.62
N PRO A 315 26.49 6.49 19.37
CA PRO A 315 25.18 6.00 18.88
C PRO A 315 24.75 6.64 17.55
N ASN A 316 23.85 5.98 16.84
CA ASN A 316 23.40 6.41 15.52
C ASN A 316 22.54 7.69 15.63
N TYR A 317 21.91 7.89 16.81
CA TYR A 317 21.10 9.11 17.11
C TYR A 317 22.02 10.30 17.45
N LEU A 318 23.30 10.00 17.74
CA LEU A 318 24.33 11.01 18.03
C LEU A 318 25.35 11.02 16.89
N ARG A 319 24.89 10.69 15.67
CA ARG A 319 25.72 10.70 14.44
C ARG A 319 26.22 12.13 14.12
N PHE A 320 25.61 13.14 14.78
CA PHE A 320 26.04 14.53 14.70
C PHE A 320 27.30 14.79 15.55
N VAL A 321 27.44 14.07 16.68
CA VAL A 321 28.61 14.20 17.57
C VAL A 321 29.83 13.51 16.93
N ARG A 322 30.97 14.19 16.97
CA ARG A 322 32.28 13.62 16.63
C ARG A 322 33.29 13.94 17.71
N GLY A 323 34.48 13.35 17.59
CA GLY A 323 35.50 13.46 18.62
C GLY A 323 36.41 12.25 18.63
N LEU A 324 36.69 11.75 19.83
CA LEU A 324 37.55 10.59 20.05
C LEU A 324 37.40 10.11 21.50
N ILE A 325 37.92 8.91 21.77
CA ILE A 325 37.89 8.33 23.11
C ILE A 325 39.07 7.35 23.25
N ASP A 326 39.86 7.54 24.32
CA ASP A 326 40.99 6.68 24.69
C ASP A 326 40.62 5.82 25.89
N SER A 327 40.28 4.55 25.65
CA SER A 327 40.00 3.58 26.72
C SER A 327 41.17 2.60 26.86
N SER A 328 41.80 2.61 28.04
CA SER A 328 42.86 1.64 28.38
C SER A 328 42.25 0.40 29.09
N ASP A 329 40.90 0.42 29.22
CA ASP A 329 40.14 -0.68 29.86
C ASP A 329 39.86 -1.78 28.82
N LEU A 330 39.37 -1.34 27.65
CA LEU A 330 39.07 -2.22 26.51
C LEU A 330 40.38 -2.84 25.95
N PRO A 331 40.34 -4.07 25.33
CA PRO A 331 41.54 -4.74 24.74
C PRO A 331 42.22 -3.89 23.64
N LEU A 332 43.53 -4.08 23.48
CA LEU A 332 44.32 -3.40 22.42
C LEU A 332 44.01 -4.06 21.05
N ASN A 333 43.65 -5.36 21.08
CA ASN A 333 43.31 -6.16 19.88
C ASN A 333 41.83 -6.03 19.49
N VAL A 334 41.14 -5.02 20.06
CA VAL A 334 39.71 -4.80 19.88
C VAL A 334 39.35 -4.48 18.40
N SER A 335 38.21 -5.02 17.94
CA SER A 335 37.71 -4.88 16.57
C SER A 335 36.26 -4.39 16.60
N ARG A 336 35.73 -3.93 15.44
CA ARG A 336 34.34 -3.42 15.31
C ARG A 336 33.30 -4.47 15.79
N GLU A 337 33.63 -5.75 15.58
CA GLU A 337 32.79 -6.88 16.00
C GLU A 337 32.76 -7.05 17.54
N ILE A 338 33.89 -6.73 18.21
CA ILE A 338 33.99 -6.74 19.68
C ILE A 338 33.16 -5.57 20.26
N LEU A 339 33.23 -4.44 19.55
CA LEU A 339 32.53 -3.20 19.93
C LEU A 339 31.00 -3.36 19.85
N GLN A 340 30.56 -4.27 18.96
CA GLN A 340 29.14 -4.62 18.78
C GLN A 340 28.72 -5.68 19.81
N ASP A 341 29.48 -6.78 19.89
CA ASP A 341 29.08 -8.01 20.57
C ASP A 341 29.28 -7.94 22.10
N SER A 342 30.42 -7.37 22.54
CA SER A 342 30.73 -7.23 23.98
C SER A 342 29.88 -6.11 24.61
N THR A 343 29.51 -6.32 25.88
CA THR A 343 28.64 -5.40 26.64
C THR A 343 29.46 -4.23 27.22
N VAL A 344 30.79 -4.47 27.42
CA VAL A 344 31.69 -3.49 28.06
C VAL A 344 31.80 -2.18 27.24
N THR A 345 31.74 -2.33 25.90
CA THR A 345 31.75 -1.21 24.95
C THR A 345 30.39 -0.49 24.91
N ARG A 346 29.31 -1.23 25.20
CA ARG A 346 27.93 -0.69 25.17
C ARG A 346 27.72 0.25 26.37
N ASN A 347 28.24 -0.18 27.54
CA ASN A 347 28.26 0.63 28.78
C ASN A 347 29.15 1.87 28.59
N LEU A 348 30.30 1.66 27.92
CA LEU A 348 31.26 2.72 27.56
C LEU A 348 30.57 3.76 26.64
N ARG A 349 29.72 3.27 25.73
CA ARG A 349 28.99 4.10 24.76
C ARG A 349 27.84 4.89 25.43
N ASN A 350 27.14 4.27 26.43
CA ASN A 350 26.10 4.97 27.26
C ASN A 350 26.77 6.08 28.10
N ALA A 351 28.00 5.80 28.54
CA ALA A 351 28.82 6.74 29.33
C ALA A 351 29.18 7.96 28.47
N LEU A 352 29.62 7.71 27.23
CA LEU A 352 29.91 8.76 26.22
C LEU A 352 28.67 9.64 25.96
N THR A 353 27.51 8.98 25.87
CA THR A 353 26.23 9.64 25.59
C THR A 353 25.78 10.58 26.74
N LYS A 354 26.21 10.29 27.97
CA LYS A 354 25.94 11.13 29.16
C LYS A 354 26.65 12.50 29.02
N ARG A 355 27.90 12.47 28.50
CA ARG A 355 28.70 13.68 28.25
C ARG A 355 28.14 14.45 27.03
N VAL A 356 27.45 13.74 26.12
CA VAL A 356 26.70 14.36 25.01
C VAL A 356 25.53 15.18 25.58
N LEU A 357 24.76 14.58 26.52
CA LEU A 357 23.60 15.23 27.20
C LEU A 357 24.01 16.58 27.80
N GLN A 358 25.07 16.52 28.62
CA GLN A 358 25.64 17.69 29.30
C GLN A 358 26.09 18.77 28.29
N MET A 359 26.66 18.31 27.15
CA MET A 359 27.20 19.17 26.09
C MET A 359 26.07 19.89 25.31
N LEU A 360 24.93 19.19 25.10
CA LEU A 360 23.78 19.72 24.33
C LEU A 360 22.98 20.72 25.17
N GLU A 361 22.79 20.38 26.45
CA GLU A 361 22.07 21.22 27.42
C GLU A 361 22.87 22.50 27.70
N LYS A 362 24.21 22.33 27.80
CA LYS A 362 25.15 23.46 27.92
C LYS A 362 25.02 24.38 26.71
N LEU A 363 25.05 23.79 25.49
CA LEU A 363 24.99 24.52 24.21
C LEU A 363 23.70 25.36 24.10
N ALA A 364 22.59 24.77 24.58
CA ALA A 364 21.27 25.41 24.63
C ALA A 364 21.30 26.70 25.49
N LYS A 365 22.09 26.64 26.58
CA LYS A 365 22.24 27.75 27.55
C LYS A 365 23.41 28.67 27.19
N ASP A 366 24.35 28.15 26.39
CA ASP A 366 25.58 28.84 26.00
C ASP A 366 25.21 29.96 25.02
N ASP A 367 24.60 29.54 23.90
CA ASP A 367 24.03 30.44 22.89
C ASP A 367 22.85 29.75 22.25
N ALA A 368 21.63 30.27 22.53
CA ALA A 368 20.40 29.85 21.83
C ALA A 368 20.59 29.94 20.30
N GLU A 369 21.37 30.95 19.85
CA GLU A 369 21.80 31.15 18.45
C GLU A 369 22.52 29.90 17.91
N LYS A 370 23.54 29.42 18.66
CA LYS A 370 24.31 28.21 18.31
C LYS A 370 23.39 27.00 18.27
N TYR A 371 22.44 26.92 19.22
CA TYR A 371 21.51 25.77 19.30
C TYR A 371 20.43 25.84 18.19
N GLN A 372 20.22 27.04 17.62
CA GLN A 372 19.38 27.22 16.43
C GLN A 372 20.09 26.65 15.21
N THR A 373 21.35 27.07 15.01
CA THR A 373 22.24 26.54 13.95
C THR A 373 22.36 25.01 14.10
N PHE A 374 22.45 24.56 15.35
CA PHE A 374 22.51 23.14 15.72
C PHE A 374 21.25 22.42 15.23
N TRP A 375 20.07 22.89 15.63
CA TRP A 375 18.80 22.17 15.39
C TRP A 375 18.45 22.15 13.88
N GLN A 376 18.88 23.19 13.16
CA GLN A 376 18.70 23.27 11.69
C GLN A 376 19.56 22.20 10.97
N GLN A 377 20.75 21.91 11.52
CA GLN A 377 21.72 20.97 10.91
C GLN A 377 21.57 19.52 11.44
N PHE A 378 21.17 19.37 12.72
CA PHE A 378 21.30 18.10 13.49
C PHE A 378 19.98 17.69 14.19
N GLY A 379 18.98 18.57 14.15
CA GLY A 379 17.77 18.43 14.99
C GLY A 379 16.88 17.25 14.64
N LEU A 380 16.79 16.94 13.34
CA LEU A 380 15.98 15.82 12.81
C LEU A 380 16.51 14.46 13.36
N VAL A 381 17.83 14.44 13.62
CA VAL A 381 18.52 13.26 14.19
C VAL A 381 18.21 13.15 15.69
N LEU A 382 18.25 14.31 16.39
CA LEU A 382 17.97 14.40 17.85
C LEU A 382 16.49 14.03 18.15
N LYS A 383 15.61 14.19 17.14
CA LYS A 383 14.17 13.82 17.25
C LYS A 383 13.95 12.29 17.43
N GLU A 384 14.94 11.46 17.05
CA GLU A 384 14.93 10.01 17.32
C GLU A 384 15.11 9.75 18.84
N GLY A 385 15.83 10.68 19.49
CA GLY A 385 16.17 10.63 20.92
C GLY A 385 15.00 10.29 21.86
N PRO A 386 14.02 11.20 22.08
CA PRO A 386 12.94 10.99 23.06
C PRO A 386 11.91 9.95 22.56
N ALA A 387 12.01 9.61 21.26
CA ALA A 387 11.13 8.66 20.59
C ALA A 387 11.62 7.22 20.76
N GLU A 388 12.90 7.04 21.14
CA GLU A 388 13.45 5.73 21.51
C GLU A 388 13.08 5.36 22.98
N ASP A 389 13.50 6.21 23.93
CA ASP A 389 13.31 5.94 25.38
C ASP A 389 12.42 7.02 26.03
N PHE A 390 11.22 6.59 26.45
CA PHE A 390 10.22 7.41 27.14
C PHE A 390 10.74 7.93 28.51
N ALA A 391 11.63 7.14 29.14
CA ALA A 391 12.12 7.42 30.51
C ALA A 391 13.08 8.62 30.57
N ASN A 392 13.77 8.89 29.45
CA ASN A 392 14.71 10.05 29.33
C ASN A 392 14.10 11.15 28.45
N GLN A 393 12.78 11.06 28.18
CA GLN A 393 12.05 12.03 27.31
C GLN A 393 12.14 13.47 27.87
N GLU A 394 12.18 13.61 29.22
CA GLU A 394 12.24 14.92 29.92
C GLU A 394 13.50 15.74 29.54
N ALA A 395 14.68 15.12 29.77
CA ALA A 395 16.00 15.78 29.55
C ALA A 395 16.15 16.26 28.10
N ILE A 396 15.63 15.43 27.19
CA ILE A 396 15.68 15.69 25.75
C ILE A 396 14.55 16.65 25.30
N ALA A 397 13.44 16.70 26.07
CA ALA A 397 12.28 17.59 25.78
C ALA A 397 12.66 19.08 25.91
N LYS A 398 13.60 19.33 26.82
CA LYS A 398 14.23 20.66 27.02
C LYS A 398 15.06 21.06 25.78
N LEU A 399 15.60 20.03 25.11
CA LEU A 399 16.44 20.17 23.90
C LEU A 399 15.57 20.27 22.62
N LEU A 400 14.34 19.69 22.67
CA LEU A 400 13.42 19.63 21.51
C LEU A 400 12.94 21.03 21.08
N ARG A 401 13.13 21.34 19.78
CA ARG A 401 12.71 22.63 19.18
C ARG A 401 11.69 22.35 18.06
N PHE A 402 10.46 22.91 18.21
CA PHE A 402 9.39 22.82 17.20
C PHE A 402 8.95 24.26 16.81
N ALA A 403 8.08 24.35 15.79
CA ALA A 403 7.48 25.63 15.36
C ALA A 403 6.25 25.96 16.24
N SER A 404 5.66 27.17 16.07
CA SER A 404 4.49 27.61 16.83
C SER A 404 3.79 28.81 16.15
N THR A 405 2.64 29.24 16.72
CA THR A 405 1.88 30.42 16.24
C THR A 405 2.65 31.74 16.49
N HIS A 406 3.74 31.66 17.29
CA HIS A 406 4.66 32.78 17.55
C HIS A 406 5.33 33.30 16.26
N THR A 407 5.60 32.38 15.32
CA THR A 407 6.30 32.68 14.06
C THR A 407 5.56 32.01 12.90
N ASP A 408 5.32 32.76 11.80
CA ASP A 408 4.58 32.24 10.60
C ASP A 408 5.45 31.26 9.78
N SER A 409 6.73 31.14 10.16
CA SER A 409 7.71 30.29 9.47
C SER A 409 7.90 28.97 10.24
N SER A 410 8.33 27.91 9.54
CA SER A 410 8.63 26.59 10.13
C SER A 410 9.97 26.61 10.92
N ALA A 411 10.56 27.82 11.07
CA ALA A 411 11.70 28.09 11.94
C ALA A 411 11.44 27.53 13.36
N GLN A 412 12.16 26.46 13.67
CA GLN A 412 12.02 25.72 14.94
C GLN A 412 12.82 26.45 16.05
N THR A 413 12.28 27.59 16.45
CA THR A 413 12.93 28.50 17.40
C THR A 413 12.43 28.24 18.84
N VAL A 414 11.19 27.77 18.95
CA VAL A 414 10.52 27.49 20.21
C VAL A 414 10.86 26.09 20.71
N SER A 415 11.34 25.97 21.94
CA SER A 415 11.44 24.70 22.64
C SER A 415 10.16 24.45 23.41
N LEU A 416 9.98 23.22 23.90
CA LEU A 416 8.87 22.88 24.82
C LEU A 416 9.03 23.66 26.13
N GLU A 417 10.31 23.91 26.46
CA GLU A 417 10.73 24.73 27.61
C GLU A 417 10.30 26.20 27.38
N ASP A 418 10.49 26.72 26.15
CA ASP A 418 10.15 28.12 25.80
C ASP A 418 8.63 28.32 25.84
N TYR A 419 7.88 27.25 25.45
CA TYR A 419 6.41 27.23 25.54
C TYR A 419 5.97 27.46 27.00
N VAL A 420 6.50 26.62 27.90
CA VAL A 420 6.18 26.66 29.35
C VAL A 420 6.67 27.98 29.99
N SER A 421 7.66 28.62 29.36
CA SER A 421 8.22 29.91 29.82
C SER A 421 7.32 31.10 29.38
N ARG A 422 6.64 30.97 28.22
CA ARG A 422 5.81 32.06 27.63
C ARG A 422 4.30 31.89 27.94
N MET A 423 3.87 30.67 28.31
CA MET A 423 2.43 30.36 28.46
C MET A 423 1.83 31.08 29.69
N LYS A 424 0.51 31.25 29.69
CA LYS A 424 -0.18 32.13 30.66
C LYS A 424 -0.64 31.39 31.92
N GLU A 425 -0.91 32.17 32.98
CA GLU A 425 -1.42 31.66 34.25
C GLU A 425 -2.86 31.12 34.08
N GLY A 426 -3.07 29.90 34.60
CA GLY A 426 -4.32 29.17 34.41
C GLY A 426 -4.26 28.19 33.25
N GLN A 427 -3.32 28.43 32.30
CA GLN A 427 -3.18 27.59 31.10
C GLN A 427 -2.48 26.27 31.48
N GLU A 428 -3.31 25.27 31.85
CA GLU A 428 -2.86 24.00 32.45
C GLU A 428 -2.23 23.05 31.40
N LYS A 429 -2.65 23.18 30.15
CA LYS A 429 -2.35 22.20 29.09
C LYS A 429 -1.45 22.82 28.01
N ILE A 430 -0.62 21.98 27.39
CA ILE A 430 0.22 22.35 26.25
C ILE A 430 -0.52 21.98 24.95
N TYR A 431 -0.97 23.02 24.21
CA TYR A 431 -1.79 22.87 23.01
C TYR A 431 -0.92 22.85 21.75
N TYR A 432 -1.24 21.93 20.84
CA TYR A 432 -0.48 21.70 19.61
C TYR A 432 -1.37 21.06 18.52
N ILE A 433 -0.93 21.15 17.26
CA ILE A 433 -1.66 20.62 16.09
C ILE A 433 -0.65 20.04 15.06
N THR A 434 -1.05 18.91 14.44
CA THR A 434 -0.27 18.24 13.38
C THR A 434 -0.79 18.64 11.98
N ALA A 435 0.10 18.53 10.99
CA ALA A 435 -0.24 18.63 9.58
C ALA A 435 0.76 17.82 8.75
N ASP A 436 0.30 17.34 7.58
CA ASP A 436 1.14 16.60 6.62
C ASP A 436 2.27 17.52 6.08
N SER A 437 1.95 18.81 5.96
CA SER A 437 2.89 19.85 5.51
C SER A 437 2.60 21.17 6.27
N TYR A 438 3.65 21.97 6.49
CA TYR A 438 3.53 23.26 7.21
C TYR A 438 2.66 24.26 6.41
N ALA A 439 2.71 24.14 5.08
CA ALA A 439 1.89 24.94 4.15
C ALA A 439 0.38 24.71 4.40
N ALA A 440 0.02 23.45 4.74
CA ALA A 440 -1.36 23.06 5.06
C ALA A 440 -1.82 23.70 6.38
N ALA A 441 -0.98 23.55 7.44
CA ALA A 441 -1.28 24.10 8.80
C ALA A 441 -1.45 25.64 8.76
N LYS A 442 -0.52 26.29 8.06
CA LYS A 442 -0.42 27.76 7.96
C LYS A 442 -1.52 28.35 7.07
N SER A 443 -2.12 27.50 6.19
CA SER A 443 -3.17 27.95 5.26
C SER A 443 -4.43 28.45 6.02
N SER A 444 -4.57 28.02 7.29
CA SER A 444 -5.55 28.58 8.23
C SER A 444 -5.07 29.95 8.75
N PRO A 445 -5.77 31.10 8.42
CA PRO A 445 -5.40 32.44 8.93
C PRO A 445 -5.76 32.64 10.42
N HIS A 446 -6.45 31.63 10.98
CA HIS A 446 -6.91 31.61 12.38
C HIS A 446 -5.71 31.51 13.38
N LEU A 447 -4.56 31.02 12.89
CA LEU A 447 -3.30 31.00 13.67
C LEU A 447 -2.85 32.41 14.07
N GLU A 448 -3.20 33.39 13.21
CA GLU A 448 -2.88 34.81 13.41
C GLU A 448 -3.76 35.43 14.51
N LEU A 449 -4.92 34.80 14.80
CA LEU A 449 -5.83 35.23 15.89
C LEU A 449 -5.22 34.83 17.25
N LEU A 450 -4.64 33.62 17.27
CA LEU A 450 -3.98 33.05 18.47
C LEU A 450 -2.72 33.88 18.83
N ARG A 451 -1.94 34.19 17.77
CA ARG A 451 -0.76 35.06 17.85
C ARG A 451 -1.16 36.50 18.28
N LYS A 452 -2.31 36.98 17.76
CA LYS A 452 -2.79 38.36 18.02
C LYS A 452 -3.16 38.54 19.50
N LYS A 453 -3.67 37.45 20.12
CA LYS A 453 -3.99 37.41 21.55
C LYS A 453 -2.67 37.31 22.37
N GLY A 454 -1.59 36.84 21.72
CA GLY A 454 -0.27 36.73 22.35
C GLY A 454 -0.07 35.39 23.03
N ILE A 455 -0.93 34.43 22.65
CA ILE A 455 -0.90 33.06 23.20
C ILE A 455 -0.24 32.14 22.16
N GLU A 456 0.26 30.97 22.59
CA GLU A 456 1.17 30.15 21.77
C GLU A 456 0.63 28.73 21.63
N VAL A 457 0.61 28.24 20.38
CA VAL A 457 0.21 26.88 20.02
C VAL A 457 1.33 26.28 19.16
N LEU A 458 1.89 25.14 19.59
CA LEU A 458 2.97 24.47 18.85
C LEU A 458 2.47 23.91 17.49
N LEU A 459 3.13 24.31 16.40
CA LEU A 459 2.84 23.82 15.03
C LEU A 459 3.86 22.73 14.66
N LEU A 460 3.43 21.46 14.68
CA LEU A 460 4.29 20.30 14.36
C LEU A 460 3.86 19.76 12.98
N SER A 461 4.77 19.76 11.99
CA SER A 461 4.44 19.40 10.60
C SER A 461 5.52 18.53 9.92
N ASP A 462 6.47 18.01 10.71
CA ASP A 462 7.58 17.17 10.21
C ASP A 462 7.21 15.67 10.32
N ARG A 463 7.89 14.82 9.53
CA ARG A 463 7.45 13.45 9.22
C ARG A 463 7.61 12.51 10.44
N ILE A 464 8.58 12.80 11.32
CA ILE A 464 8.85 11.97 12.51
C ILE A 464 8.04 12.47 13.73
N ASP A 465 7.48 13.71 13.63
CA ASP A 465 6.73 14.37 14.73
C ASP A 465 5.51 13.54 15.16
N GLU A 466 4.90 12.82 14.20
CA GLU A 466 3.79 11.90 14.45
C GLU A 466 4.20 10.78 15.44
N TRP A 467 5.42 10.24 15.27
CA TRP A 467 5.96 9.19 16.16
C TRP A 467 6.49 9.81 17.48
N MET A 468 6.98 11.06 17.38
CA MET A 468 7.51 11.84 18.52
C MET A 468 6.49 11.91 19.68
N MET A 469 5.25 12.32 19.33
CA MET A 469 4.18 12.56 20.32
C MET A 469 3.54 11.26 20.85
N ASN A 470 4.02 10.09 20.38
CA ASN A 470 3.64 8.78 20.96
C ASN A 470 4.44 8.49 22.24
N TYR A 471 5.52 9.26 22.45
CA TYR A 471 6.36 9.19 23.67
C TYR A 471 6.33 10.55 24.39
N LEU A 472 6.09 11.63 23.63
CA LEU A 472 5.99 12.99 24.16
C LEU A 472 4.56 13.22 24.69
N THR A 473 4.29 12.62 25.87
CA THR A 473 2.96 12.66 26.51
C THR A 473 2.82 13.88 27.44
N GLU A 474 3.84 14.07 28.30
CA GLU A 474 3.85 15.15 29.31
C GLU A 474 5.28 15.70 29.46
N PHE A 475 5.39 17.00 29.82
CA PHE A 475 6.67 17.67 30.10
C PHE A 475 6.53 18.55 31.36
N ASP A 476 7.39 18.26 32.35
CA ASP A 476 7.55 19.04 33.60
C ASP A 476 6.27 19.01 34.48
N GLY A 477 5.46 17.95 34.31
CA GLY A 477 4.20 17.78 35.05
C GLY A 477 3.01 18.45 34.38
N LYS A 478 3.24 18.99 33.18
CA LYS A 478 2.24 19.72 32.40
C LYS A 478 1.93 18.92 31.12
N PRO A 479 0.67 18.39 30.96
CA PRO A 479 0.36 17.43 29.89
C PRO A 479 0.16 18.09 28.51
N PHE A 480 0.70 17.43 27.48
CA PHE A 480 0.40 17.79 26.09
C PHE A 480 -1.00 17.29 25.76
N GLN A 481 -1.91 18.23 25.51
CA GLN A 481 -3.29 17.94 25.13
C GLN A 481 -3.53 18.38 23.69
N SER A 482 -3.88 17.39 22.87
CA SER A 482 -4.13 17.54 21.44
C SER A 482 -5.35 18.42 21.14
N VAL A 483 -5.48 18.84 19.87
CA VAL A 483 -6.72 19.44 19.34
C VAL A 483 -7.89 18.40 19.42
N SER A 484 -7.52 17.10 19.35
CA SER A 484 -8.44 15.96 19.56
C SER A 484 -9.06 15.96 20.99
N LYS A 485 -8.39 16.67 21.91
CA LYS A 485 -8.83 16.83 23.31
C LYS A 485 -9.64 18.13 23.47
N VAL A 486 -10.33 18.27 24.61
CA VAL A 486 -11.21 19.41 24.90
C VAL A 486 -11.17 19.73 26.41
N ASP A 487 -11.21 21.02 26.75
CA ASP A 487 -11.30 21.49 28.16
C ASP A 487 -12.61 22.28 28.32
N GLU A 488 -13.08 22.39 29.58
CA GLU A 488 -14.42 22.94 29.90
C GLU A 488 -14.44 24.47 29.95
N SER A 489 -13.30 25.11 29.61
CA SER A 489 -13.23 26.56 29.41
C SER A 489 -14.09 26.98 28.21
N LEU A 490 -13.92 26.23 27.10
CA LEU A 490 -14.54 26.55 25.81
C LEU A 490 -16.07 26.41 25.88
N GLU A 491 -16.52 25.47 26.74
CA GLU A 491 -17.95 25.20 27.04
C GLU A 491 -18.70 26.52 27.33
N LYS A 492 -18.14 27.31 28.26
CA LYS A 492 -18.75 28.58 28.71
C LYS A 492 -18.44 29.74 27.73
N LEU A 493 -17.34 29.59 26.94
CA LEU A 493 -16.91 30.63 25.98
C LEU A 493 -17.76 30.59 24.71
N ALA A 494 -18.50 29.47 24.54
CA ALA A 494 -19.40 29.22 23.42
C ALA A 494 -20.77 29.92 23.59
N ASP A 495 -20.93 30.70 24.67
CA ASP A 495 -22.14 31.52 24.91
C ASP A 495 -21.98 32.92 24.29
N GLU A 496 -20.72 33.38 24.21
CA GLU A 496 -20.37 34.71 23.68
C GLU A 496 -20.33 34.68 22.14
N VAL A 497 -21.50 34.45 21.53
CA VAL A 497 -21.62 34.10 20.11
C VAL A 497 -22.68 34.98 19.38
N ASP A 498 -22.33 36.28 19.23
CA ASP A 498 -23.17 37.28 18.50
C ASP A 498 -24.51 37.51 19.25
N GLU A 499 -25.45 38.22 18.62
CA GLU A 499 -26.85 38.31 19.07
C GLU A 499 -27.62 37.01 18.71
N SER A 500 -27.03 36.21 17.79
CA SER A 500 -27.59 34.91 17.34
C SER A 500 -27.74 33.94 18.53
N ALA A 501 -28.97 33.88 19.11
CA ALA A 501 -29.29 32.99 20.25
C ALA A 501 -30.75 32.51 20.15
N LYS A 502 -31.70 33.18 20.86
CA LYS A 502 -33.10 32.70 21.00
C LYS A 502 -33.86 32.87 19.70
N GLU A 503 -33.68 34.06 19.11
CA GLU A 503 -34.36 34.45 17.87
C GLU A 503 -33.76 33.72 16.65
N ALA A 504 -32.48 33.33 16.79
CA ALA A 504 -31.81 32.45 15.83
C ALA A 504 -32.47 31.06 15.87
N GLU A 505 -32.54 30.47 17.09
CA GLU A 505 -33.05 29.10 17.32
C GLU A 505 -34.52 28.93 16.89
N LYS A 506 -35.29 30.04 16.94
CA LYS A 506 -36.67 30.09 16.42
C LYS A 506 -36.72 29.77 14.92
N ALA A 507 -35.75 30.32 14.17
CA ALA A 507 -35.62 30.12 12.72
C ALA A 507 -34.77 28.88 12.41
N LEU A 508 -33.94 28.44 13.39
CA LEU A 508 -33.00 27.31 13.20
C LEU A 508 -33.70 25.96 13.35
N THR A 509 -34.66 25.82 14.28
CA THR A 509 -35.37 24.55 14.48
C THR A 509 -36.13 24.08 13.18
N PRO A 510 -36.96 24.94 12.48
CA PRO A 510 -37.58 24.55 11.19
C PRO A 510 -36.53 24.41 10.07
N PHE A 511 -35.41 25.16 10.19
CA PHE A 511 -34.27 25.07 9.25
C PHE A 511 -33.66 23.65 9.31
N ILE A 512 -33.45 23.13 10.55
CA ILE A 512 -32.85 21.79 10.76
C ILE A 512 -33.77 20.70 10.18
N ASP A 513 -35.08 20.87 10.46
CA ASP A 513 -36.14 19.95 10.01
C ASP A 513 -36.20 19.89 8.47
N ARG A 514 -36.14 21.06 7.83
CA ARG A 514 -36.17 21.19 6.36
C ARG A 514 -34.93 20.55 5.73
N VAL A 515 -33.76 20.80 6.33
CA VAL A 515 -32.45 20.29 5.83
C VAL A 515 -32.41 18.74 5.92
N LYS A 516 -32.81 18.18 7.06
CA LYS A 516 -32.80 16.71 7.29
C LYS A 516 -33.81 15.99 6.38
N ALA A 517 -34.97 16.65 6.16
CA ALA A 517 -36.03 16.15 5.27
C ALA A 517 -35.56 16.18 3.79
N LEU A 518 -34.71 17.16 3.47
CA LEU A 518 -34.19 17.39 2.11
C LEU A 518 -33.06 16.39 1.79
N LEU A 519 -32.08 16.28 2.69
CA LEU A 519 -30.85 15.51 2.43
C LEU A 519 -31.09 14.01 2.70
N GLY A 520 -32.14 13.71 3.48
CA GLY A 520 -32.55 12.34 3.77
C GLY A 520 -31.58 11.62 4.69
N GLU A 521 -30.56 10.97 4.08
CA GLU A 521 -29.54 10.22 4.83
C GLU A 521 -28.13 10.45 4.21
N ARG A 522 -27.96 11.60 3.50
CA ARG A 522 -26.63 12.00 2.97
C ARG A 522 -25.71 12.46 4.14
N VAL A 523 -26.37 12.98 5.19
CA VAL A 523 -25.75 13.37 6.47
C VAL A 523 -26.28 12.43 7.55
N LYS A 524 -25.54 12.27 8.66
CA LYS A 524 -26.07 11.62 9.86
C LYS A 524 -27.12 12.54 10.50
N ASP A 525 -26.70 13.77 10.88
CA ASP A 525 -27.57 14.73 11.57
C ASP A 525 -27.04 16.16 11.38
N VAL A 526 -27.96 17.13 11.43
CA VAL A 526 -27.67 18.55 11.21
C VAL A 526 -27.72 19.29 12.56
N ARG A 527 -26.53 19.69 13.04
CA ARG A 527 -26.35 20.35 14.34
C ARG A 527 -26.05 21.82 14.10
N LEU A 528 -26.70 22.72 14.83
CA LEU A 528 -26.50 24.17 14.70
C LEU A 528 -25.79 24.69 15.95
N THR A 529 -24.47 24.85 15.83
CA THR A 529 -23.65 25.55 16.83
C THR A 529 -23.52 27.03 16.41
N HIS A 530 -22.77 27.82 17.19
CA HIS A 530 -22.63 29.28 16.93
C HIS A 530 -21.14 29.71 16.88
N ARG A 531 -20.22 28.76 16.59
CA ARG A 531 -18.78 29.10 16.43
C ARG A 531 -18.60 30.07 15.25
N LEU A 532 -18.19 31.32 15.58
CA LEU A 532 -18.20 32.49 14.67
C LEU A 532 -17.40 32.19 13.38
N THR A 533 -16.07 31.98 13.55
CA THR A 533 -15.08 31.55 12.50
C THR A 533 -15.21 32.32 11.14
N ASP A 534 -14.48 31.85 10.11
CA ASP A 534 -14.59 32.39 8.73
C ASP A 534 -15.27 31.36 7.81
N THR A 535 -15.43 30.14 8.35
CA THR A 535 -16.04 29.00 7.65
C THR A 535 -17.58 29.17 7.67
N PRO A 536 -18.28 29.03 6.50
CA PRO A 536 -19.77 29.11 6.45
C PRO A 536 -20.41 27.95 7.22
N ALA A 537 -19.94 26.74 6.89
CA ALA A 537 -20.41 25.49 7.51
C ALA A 537 -19.23 24.55 7.74
N ILE A 538 -19.26 23.87 8.88
CA ILE A 538 -18.18 23.02 9.37
C ILE A 538 -18.78 21.66 9.74
N VAL A 539 -18.00 20.58 9.57
CA VAL A 539 -18.41 19.25 10.07
C VAL A 539 -17.59 18.86 11.30
N SER A 540 -18.22 18.10 12.22
CA SER A 540 -17.56 17.63 13.45
C SER A 540 -17.23 16.13 13.33
N THR A 541 -16.13 15.72 13.99
CA THR A 541 -15.61 14.35 13.91
C THR A 541 -15.45 13.73 15.30
N ASP A 542 -15.65 12.40 15.37
CA ASP A 542 -15.49 11.60 16.59
C ASP A 542 -14.04 11.09 16.66
N ALA A 543 -13.64 10.33 15.63
CA ALA A 543 -12.30 9.74 15.52
C ALA A 543 -11.71 9.99 14.11
N ASP A 544 -10.83 9.08 13.65
CA ASP A 544 -10.12 9.16 12.35
C ASP A 544 -11.16 9.25 11.17
N GLU A 545 -11.23 10.46 10.55
CA GLU A 545 -12.19 10.81 9.47
C GLU A 545 -13.63 10.50 9.91
N MET A 546 -13.95 10.89 11.17
CA MET A 546 -15.16 10.48 11.91
C MET A 546 -15.03 9.01 12.35
N SER A 547 -14.99 8.08 11.36
CA SER A 547 -15.06 6.65 11.65
C SER A 547 -14.64 5.74 10.47
N THR A 548 -13.80 6.26 9.56
CA THR A 548 -13.50 5.58 8.25
C THR A 548 -12.35 4.52 8.36
N GLN A 549 -11.87 4.22 9.61
CA GLN A 549 -10.87 3.15 9.85
C GLN A 549 -10.71 2.84 11.36
N MET A 550 -11.42 1.77 11.84
CA MET A 550 -11.32 1.20 13.22
C MET A 550 -12.38 0.07 13.39
N ALA A 551 -12.23 -0.79 14.42
CA ALA A 551 -13.13 -1.95 14.66
C ALA A 551 -14.57 -1.52 15.02
N LYS A 552 -14.71 -0.78 16.15
CA LYS A 552 -16.02 -0.30 16.66
C LYS A 552 -16.69 0.63 15.64
N LEU A 553 -15.85 1.45 14.99
CA LEU A 553 -16.30 2.45 14.03
C LEU A 553 -16.99 1.76 12.83
N PHE A 554 -16.39 0.68 12.29
CA PHE A 554 -16.99 -0.13 11.19
C PHE A 554 -18.18 -1.00 11.68
N ALA A 555 -18.26 -1.22 13.00
CA ALA A 555 -19.30 -2.05 13.64
C ALA A 555 -20.63 -1.30 13.86
N ALA A 556 -20.70 -0.03 13.41
CA ALA A 556 -21.90 0.82 13.57
C ALA A 556 -23.07 0.32 12.69
N ALA A 557 -22.77 0.05 11.40
CA ALA A 557 -23.75 -0.55 10.46
C ALA A 557 -23.03 -1.35 9.37
N GLY A 558 -22.00 -0.73 8.75
CA GLY A 558 -21.27 -1.36 7.65
C GLY A 558 -21.26 -0.53 6.36
N GLN A 559 -22.40 0.13 6.03
CA GLN A 559 -22.53 0.97 4.79
C GLN A 559 -21.66 2.23 4.94
N LYS A 560 -20.36 2.09 4.55
CA LYS A 560 -19.26 3.09 4.75
C LYS A 560 -19.23 3.70 6.18
N VAL A 561 -19.95 3.05 7.13
CA VAL A 561 -20.33 3.59 8.46
C VAL A 561 -21.28 4.84 8.32
N PRO A 562 -22.47 4.84 9.01
CA PRO A 562 -23.39 6.01 9.04
C PRO A 562 -22.75 7.22 9.76
N GLU A 563 -21.87 6.91 10.73
CA GLU A 563 -21.09 7.90 11.48
C GLU A 563 -20.10 8.67 10.56
N VAL A 564 -19.52 7.96 9.55
CA VAL A 564 -18.63 8.57 8.51
C VAL A 564 -19.33 9.70 7.77
N LYS A 565 -20.67 9.60 7.65
CA LYS A 565 -21.49 10.73 7.20
C LYS A 565 -21.38 11.81 8.29
N TYR A 566 -20.57 12.82 8.00
CA TYR A 566 -20.15 13.84 8.96
C TYR A 566 -21.34 14.65 9.49
N ILE A 567 -21.22 15.17 10.71
CA ILE A 567 -22.30 15.91 11.37
C ILE A 567 -22.25 17.35 10.85
N PHE A 568 -23.29 17.69 10.05
CA PHE A 568 -23.32 18.94 9.27
C PHE A 568 -23.75 20.10 10.16
N GLU A 569 -22.81 21.00 10.42
CA GLU A 569 -23.03 22.19 11.24
C GLU A 569 -22.93 23.44 10.38
N LEU A 570 -23.75 24.44 10.72
CA LEU A 570 -23.72 25.77 10.09
C LEU A 570 -23.59 26.82 11.20
N ASN A 571 -22.96 27.96 10.90
CA ASN A 571 -22.94 29.12 11.83
C ASN A 571 -24.03 30.12 11.39
N PRO A 572 -25.15 30.28 12.18
CA PRO A 572 -26.27 31.21 11.86
C PRO A 572 -25.83 32.69 11.90
N ASP A 573 -24.65 32.95 12.49
CA ASP A 573 -24.03 34.27 12.50
C ASP A 573 -23.36 34.60 11.14
N HIS A 574 -22.82 33.58 10.45
CA HIS A 574 -22.00 33.81 9.25
C HIS A 574 -22.87 34.20 8.03
N VAL A 575 -22.33 35.14 7.21
CA VAL A 575 -23.05 35.87 6.12
C VAL A 575 -23.82 34.92 5.14
N LEU A 576 -23.12 33.89 4.64
CA LEU A 576 -23.67 32.98 3.61
C LEU A 576 -24.82 32.10 4.17
N VAL A 577 -24.79 31.83 5.48
CA VAL A 577 -25.83 31.02 6.16
C VAL A 577 -27.09 31.86 6.42
N LYS A 578 -26.89 33.17 6.72
CA LYS A 578 -28.00 34.13 6.86
C LYS A 578 -28.71 34.31 5.50
N ARG A 579 -27.92 34.31 4.42
CA ARG A 579 -28.44 34.39 3.04
C ARG A 579 -29.24 33.11 2.70
N ALA A 580 -28.77 31.96 3.22
CA ALA A 580 -29.45 30.65 3.05
C ALA A 580 -30.73 30.57 3.91
N ALA A 581 -30.79 31.40 4.97
CA ALA A 581 -32.00 31.55 5.81
C ALA A 581 -33.04 32.45 5.12
N ASP A 582 -32.56 33.46 4.36
CA ASP A 582 -33.43 34.34 3.53
C ASP A 582 -34.01 33.55 2.35
N THR A 583 -33.30 32.49 1.95
CA THR A 583 -33.73 31.58 0.89
C THR A 583 -34.81 30.61 1.41
N GLU A 584 -36.08 30.94 1.12
CA GLU A 584 -37.23 30.06 1.40
C GLU A 584 -37.42 29.08 0.22
N ASP A 585 -37.07 29.56 -1.00
CA ASP A 585 -37.21 28.79 -2.27
C ASP A 585 -36.47 27.45 -2.18
N GLU A 586 -37.22 26.34 -2.25
CA GLU A 586 -36.71 24.96 -2.07
C GLU A 586 -35.56 24.61 -3.01
N ALA A 587 -35.67 25.03 -4.28
CA ALA A 587 -34.64 24.80 -5.32
C ALA A 587 -33.27 25.34 -4.89
N LYS A 588 -33.29 26.58 -4.38
CA LYS A 588 -32.09 27.33 -4.01
C LYS A 588 -31.65 27.00 -2.56
N PHE A 589 -32.62 26.62 -1.71
CA PHE A 589 -32.39 26.26 -0.30
C PHE A 589 -31.54 25.00 -0.26
N SER A 590 -31.97 24.01 -1.04
CA SER A 590 -31.22 22.77 -1.30
C SER A 590 -29.80 23.09 -1.82
N GLU A 591 -29.72 24.06 -2.75
CA GLU A 591 -28.47 24.41 -3.46
C GLU A 591 -27.41 24.96 -2.48
N TRP A 592 -27.84 25.85 -1.57
CA TRP A 592 -26.96 26.46 -0.54
C TRP A 592 -26.52 25.43 0.50
N VAL A 593 -27.51 24.74 1.09
CA VAL A 593 -27.28 23.70 2.13
C VAL A 593 -26.28 22.62 1.65
N GLU A 594 -26.52 22.11 0.45
CA GLU A 594 -25.69 21.09 -0.20
C GLU A 594 -24.30 21.64 -0.57
N LEU A 595 -24.23 22.92 -1.00
CA LEU A 595 -22.94 23.58 -1.33
C LEU A 595 -22.02 23.61 -0.11
N LEU A 596 -22.63 23.96 1.04
CA LEU A 596 -21.93 24.06 2.32
C LEU A 596 -21.54 22.66 2.85
N LEU A 597 -22.38 21.66 2.55
CA LEU A 597 -22.14 20.25 2.94
C LEU A 597 -20.94 19.69 2.16
N ASP A 598 -21.03 19.71 0.83
CA ASP A 598 -19.98 19.28 -0.11
C ASP A 598 -18.61 19.89 0.27
N GLN A 599 -18.63 21.21 0.55
CA GLN A 599 -17.44 21.98 0.99
C GLN A 599 -16.83 21.39 2.28
N ALA A 600 -17.70 21.13 3.27
CA ALA A 600 -17.30 20.61 4.58
C ALA A 600 -16.73 19.16 4.48
N LEU A 601 -17.37 18.33 3.62
CA LEU A 601 -16.89 16.95 3.34
C LEU A 601 -15.46 17.02 2.78
N LEU A 602 -15.29 17.91 1.79
CA LEU A 602 -14.01 18.20 1.12
C LEU A 602 -12.96 18.75 2.12
N ALA A 603 -13.43 19.38 3.20
CA ALA A 603 -12.56 19.96 4.25
C ALA A 603 -11.92 18.84 5.09
N GLU A 604 -12.67 17.74 5.30
CA GLU A 604 -12.26 16.65 6.20
C GLU A 604 -11.94 15.34 5.41
N ARG A 605 -11.85 15.43 4.06
CA ARG A 605 -11.46 14.28 3.20
C ARG A 605 -10.35 14.69 2.22
N GLY A 606 -10.47 15.90 1.63
CA GLY A 606 -9.60 16.31 0.51
C GLY A 606 -10.09 15.76 -0.84
N THR A 607 -11.17 14.97 -0.78
CA THR A 607 -11.79 14.28 -1.93
C THR A 607 -13.32 14.28 -1.72
N LEU A 608 -14.10 14.22 -2.81
CA LEU A 608 -15.58 14.25 -2.76
C LEU A 608 -16.17 12.88 -3.16
N GLU A 609 -17.27 12.48 -2.48
CA GLU A 609 -18.01 11.22 -2.75
C GLU A 609 -18.60 11.25 -4.16
N ASP A 610 -19.12 12.43 -4.50
CA ASP A 610 -19.79 12.73 -5.77
C ASP A 610 -19.43 14.19 -6.18
N PRO A 611 -18.19 14.41 -6.75
CA PRO A 611 -17.61 15.77 -6.99
C PRO A 611 -18.46 16.67 -7.89
N ASN A 612 -19.17 16.05 -8.85
CA ASN A 612 -19.98 16.73 -9.87
C ASN A 612 -21.03 17.67 -9.26
N LEU A 613 -21.51 17.30 -8.05
CA LEU A 613 -22.45 18.13 -7.26
C LEU A 613 -21.77 19.48 -6.94
N PHE A 614 -20.70 19.44 -6.12
CA PHE A 614 -20.00 20.66 -5.60
C PHE A 614 -19.54 21.59 -6.72
N ILE A 615 -19.04 20.99 -7.81
CA ILE A 615 -18.56 21.75 -9.00
C ILE A 615 -19.71 22.56 -9.61
N ARG A 616 -20.86 21.89 -9.82
CA ARG A 616 -22.05 22.53 -10.42
C ARG A 616 -22.68 23.58 -9.47
N ARG A 617 -22.68 23.29 -8.15
CA ARG A 617 -23.28 24.19 -7.13
C ARG A 617 -22.46 25.49 -7.02
N MET A 618 -21.13 25.32 -7.12
CA MET A 618 -20.15 26.42 -7.05
C MET A 618 -20.39 27.38 -8.22
N ASN A 619 -20.39 26.82 -9.44
CA ASN A 619 -20.57 27.57 -10.70
C ASN A 619 -21.98 28.18 -10.80
N GLN A 620 -22.98 27.46 -10.24
CA GLN A 620 -24.39 27.88 -10.27
C GLN A 620 -24.58 29.15 -9.44
N LEU A 621 -24.19 29.07 -8.16
CA LEU A 621 -24.37 30.17 -7.18
C LEU A 621 -23.27 31.26 -7.34
N LEU A 622 -22.28 31.02 -8.22
CA LEU A 622 -21.34 32.06 -8.67
C LEU A 622 -22.08 32.98 -9.66
N VAL A 623 -22.62 32.38 -10.73
CA VAL A 623 -23.24 33.14 -11.85
C VAL A 623 -24.65 33.67 -11.49
N SER A 624 -25.33 33.01 -10.54
CA SER A 624 -26.67 33.40 -10.05
C SER A 624 -26.53 34.42 -8.88
N MET B 1 -1.17 1.07 -22.43
CA MET B 1 -0.77 -0.35 -22.58
C MET B 1 -0.48 -0.99 -21.21
N LYS B 2 -0.19 -2.31 -21.24
CA LYS B 2 0.12 -3.14 -20.05
C LYS B 2 -1.11 -3.34 -19.13
N GLY B 3 -1.06 -4.40 -18.31
CA GLY B 3 -2.17 -4.79 -17.44
C GLY B 3 -1.90 -4.44 -15.99
N GLN B 4 -1.79 -3.12 -15.69
CA GLN B 4 -1.69 -2.62 -14.30
C GLN B 4 -2.98 -2.95 -13.53
N GLU B 5 -2.96 -4.10 -12.83
CA GLU B 5 -4.12 -4.66 -12.11
C GLU B 5 -4.17 -4.21 -10.63
N THR B 6 -5.38 -4.20 -10.07
CA THR B 6 -5.61 -3.88 -8.63
C THR B 6 -5.47 -5.15 -7.76
N ARG B 7 -5.52 -4.97 -6.44
CA ARG B 7 -5.40 -6.09 -5.47
C ARG B 7 -6.79 -6.52 -4.95
N GLY B 8 -6.84 -7.71 -4.30
CA GLY B 8 -8.06 -8.20 -3.66
C GLY B 8 -8.02 -8.00 -2.15
N PHE B 9 -9.19 -7.74 -1.54
CA PHE B 9 -9.34 -7.54 -0.08
C PHE B 9 -10.21 -8.66 0.52
N GLN B 10 -10.59 -8.51 1.82
CA GLN B 10 -11.48 -9.47 2.52
C GLN B 10 -12.94 -9.35 2.03
N SER B 11 -13.75 -10.38 2.30
CA SER B 11 -15.17 -10.44 1.88
C SER B 11 -16.02 -11.17 2.94
N GLU B 12 -17.33 -11.31 2.66
CA GLU B 12 -18.25 -12.11 3.51
C GLU B 12 -17.87 -13.60 3.49
N VAL B 13 -18.09 -14.29 4.62
CA VAL B 13 -17.81 -15.72 4.79
C VAL B 13 -18.83 -16.33 5.77
N LYS B 14 -20.02 -16.63 5.21
CA LYS B 14 -21.17 -17.20 5.96
C LYS B 14 -21.73 -18.42 5.20
N GLN B 15 -20.82 -19.16 4.54
CA GLN B 15 -21.16 -20.35 3.71
C GLN B 15 -21.96 -21.36 4.55
N LEU B 16 -21.31 -21.87 5.62
CA LEU B 16 -21.90 -22.84 6.56
C LEU B 16 -23.19 -22.30 7.23
N LEU B 17 -23.19 -20.98 7.53
CA LEU B 17 -24.34 -20.29 8.16
C LEU B 17 -25.59 -20.43 7.26
N HIS B 18 -25.39 -20.29 5.93
CA HIS B 18 -26.50 -20.36 4.95
C HIS B 18 -26.93 -21.80 4.67
N LEU B 19 -26.02 -22.77 4.90
CA LEU B 19 -26.35 -24.20 4.75
C LEU B 19 -27.36 -24.62 5.82
N MET B 20 -27.05 -24.31 7.09
CA MET B 20 -27.84 -24.75 8.27
C MET B 20 -29.29 -24.20 8.25
N ILE B 21 -29.47 -23.02 7.63
CA ILE B 21 -30.81 -22.41 7.45
C ILE B 21 -31.72 -23.34 6.61
N HIS B 22 -31.14 -23.95 5.56
CA HIS B 22 -31.87 -24.82 4.61
C HIS B 22 -31.78 -26.30 5.05
N SER B 23 -30.81 -26.63 5.92
CA SER B 23 -30.66 -27.99 6.51
C SER B 23 -31.75 -28.22 7.57
N LEU B 24 -32.12 -27.13 8.26
CA LEU B 24 -33.26 -27.09 9.18
C LEU B 24 -34.57 -27.10 8.36
N TYR B 25 -34.79 -25.97 7.62
CA TYR B 25 -35.90 -25.77 6.67
C TYR B 25 -37.32 -25.85 7.34
N SER B 26 -37.34 -25.99 8.69
CA SER B 26 -38.57 -26.21 9.49
C SER B 26 -39.25 -27.55 9.09
N ASN B 27 -38.45 -28.51 8.57
CA ASN B 27 -38.96 -29.66 7.80
C ASN B 27 -38.66 -31.02 8.48
N LYS B 28 -37.46 -31.17 9.09
CA LYS B 28 -37.01 -32.38 9.86
C LYS B 28 -36.69 -33.59 8.93
N GLU B 29 -37.73 -34.11 8.25
CA GLU B 29 -37.67 -35.33 7.39
C GLU B 29 -36.66 -35.21 6.21
N ILE B 30 -36.19 -33.98 5.97
CA ILE B 30 -35.14 -33.65 4.98
C ILE B 30 -33.87 -34.54 5.16
N PHE B 31 -33.63 -35.04 6.40
CA PHE B 31 -32.45 -35.87 6.71
C PHE B 31 -32.36 -37.13 5.82
N LEU B 32 -33.52 -37.74 5.50
CA LEU B 32 -33.57 -38.96 4.68
C LEU B 32 -33.07 -38.69 3.24
N ARG B 33 -33.23 -37.43 2.76
CA ARG B 33 -32.64 -37.01 1.47
C ARG B 33 -31.12 -37.16 1.53
N GLU B 34 -30.47 -36.43 2.46
CA GLU B 34 -28.99 -36.40 2.56
C GLU B 34 -28.42 -37.79 2.87
N LEU B 35 -29.07 -38.55 3.75
CA LEU B 35 -28.62 -39.92 4.13
C LEU B 35 -28.51 -40.81 2.88
N ILE B 36 -29.62 -40.97 2.14
CA ILE B 36 -29.63 -41.80 0.92
C ILE B 36 -28.80 -41.14 -0.20
N SER B 37 -28.72 -39.80 -0.21
CA SER B 37 -27.97 -39.02 -1.21
C SER B 37 -26.46 -39.28 -1.07
N ASN B 38 -26.01 -39.42 0.20
CA ASN B 38 -24.63 -39.77 0.54
C ASN B 38 -24.35 -41.22 0.17
N ALA B 39 -25.42 -42.05 0.19
CA ALA B 39 -25.33 -43.49 -0.09
C ALA B 39 -25.23 -43.70 -1.62
N SER B 40 -26.00 -42.89 -2.35
CA SER B 40 -26.09 -42.92 -3.81
C SER B 40 -24.81 -42.34 -4.44
N ASP B 41 -24.15 -41.43 -3.71
CA ASP B 41 -22.92 -40.77 -4.16
C ASP B 41 -21.68 -41.63 -3.77
N ALA B 42 -21.80 -42.42 -2.66
CA ALA B 42 -20.71 -43.30 -2.16
C ALA B 42 -20.63 -44.62 -2.96
N ALA B 43 -21.79 -45.22 -3.25
CA ALA B 43 -21.90 -46.40 -4.14
C ALA B 43 -21.41 -46.05 -5.56
N ASP B 44 -21.55 -44.77 -5.89
CA ASP B 44 -21.08 -44.18 -7.15
C ASP B 44 -19.53 -44.08 -7.16
N LYS B 45 -18.94 -43.66 -6.00
CA LYS B 45 -17.46 -43.66 -5.82
C LYS B 45 -16.91 -45.07 -6.07
N LEU B 46 -17.67 -46.08 -5.60
CA LEU B 46 -17.32 -47.49 -5.74
C LEU B 46 -17.30 -47.92 -7.21
N ARG B 47 -18.24 -47.36 -8.02
CA ARG B 47 -18.30 -47.62 -9.48
C ARG B 47 -16.97 -47.23 -10.14
N PHE B 48 -16.42 -46.07 -9.73
CA PHE B 48 -15.11 -45.58 -10.25
C PHE B 48 -13.93 -46.42 -9.74
N ARG B 49 -13.84 -46.55 -8.41
CA ARG B 49 -12.67 -47.18 -7.75
C ARG B 49 -12.53 -48.65 -8.17
N ALA B 50 -13.67 -49.32 -8.32
CA ALA B 50 -13.71 -50.74 -8.68
C ALA B 50 -13.28 -50.99 -10.14
N LEU B 51 -13.23 -49.92 -10.97
CA LEU B 51 -12.66 -49.99 -12.35
C LEU B 51 -11.18 -50.38 -12.29
N SER B 52 -10.46 -49.79 -11.32
CA SER B 52 -8.99 -49.99 -11.19
C SER B 52 -8.67 -51.14 -10.21
N ASN B 53 -9.68 -51.56 -9.41
CA ASN B 53 -9.59 -52.79 -8.56
C ASN B 53 -10.99 -53.43 -8.42
N PRO B 54 -11.33 -54.48 -9.24
CA PRO B 54 -12.61 -55.25 -9.09
C PRO B 54 -12.80 -55.90 -7.70
N ASP B 55 -11.69 -55.97 -6.93
CA ASP B 55 -11.64 -56.44 -5.53
C ASP B 55 -12.63 -55.70 -4.63
N LEU B 56 -12.83 -54.42 -4.97
CA LEU B 56 -13.63 -53.49 -4.17
C LEU B 56 -15.14 -53.79 -4.27
N TYR B 57 -15.54 -54.64 -5.25
CA TYR B 57 -16.91 -55.19 -5.32
C TYR B 57 -17.14 -56.25 -4.23
N GLU B 58 -16.05 -56.79 -3.65
CA GLU B 58 -16.08 -57.71 -2.47
C GLU B 58 -16.91 -59.02 -2.74
N GLY B 59 -17.29 -59.27 -4.00
CA GLY B 59 -18.30 -60.28 -4.36
C GLY B 59 -19.68 -59.67 -4.61
N ASP B 60 -20.04 -58.64 -3.80
CA ASP B 60 -21.30 -57.88 -3.95
C ASP B 60 -21.22 -57.00 -5.23
N GLY B 61 -21.80 -57.51 -6.33
CA GLY B 61 -21.71 -56.84 -7.63
C GLY B 61 -22.83 -55.84 -7.86
N GLU B 62 -24.01 -56.18 -7.32
CA GLU B 62 -25.24 -55.35 -7.41
C GLU B 62 -25.40 -54.49 -6.14
N LEU B 63 -24.96 -53.23 -6.25
CA LEU B 63 -24.92 -52.27 -5.15
C LEU B 63 -26.34 -51.75 -4.86
N ARG B 64 -26.68 -51.61 -3.56
CA ARG B 64 -28.00 -51.10 -3.14
C ARG B 64 -27.96 -50.61 -1.68
N VAL B 65 -28.89 -49.73 -1.33
CA VAL B 65 -29.05 -49.19 0.02
C VAL B 65 -30.35 -49.73 0.62
N ARG B 66 -30.28 -50.19 1.88
CA ARG B 66 -31.40 -50.88 2.55
C ARG B 66 -31.72 -50.21 3.88
N VAL B 67 -32.86 -49.49 3.90
CA VAL B 67 -33.38 -48.81 5.09
C VAL B 67 -34.15 -49.82 5.95
N SER B 68 -33.60 -50.13 7.11
CA SER B 68 -34.23 -50.96 8.13
C SER B 68 -34.54 -50.08 9.34
N PHE B 69 -35.30 -50.62 10.30
CA PHE B 69 -35.78 -49.85 11.46
C PHE B 69 -36.28 -50.78 12.56
N ASP B 70 -36.55 -50.21 13.74
CA ASP B 70 -37.23 -50.93 14.83
C ASP B 70 -38.16 -49.98 15.57
N LYS B 71 -39.45 -50.32 15.59
CA LYS B 71 -40.53 -49.46 16.12
C LYS B 71 -40.45 -49.32 17.65
N ASP B 72 -39.87 -50.32 18.33
CA ASP B 72 -39.77 -50.34 19.80
C ASP B 72 -38.45 -49.72 20.26
N LYS B 73 -37.34 -50.16 19.64
CA LYS B 73 -35.96 -49.77 20.01
C LYS B 73 -35.68 -48.30 19.64
N ARG B 74 -36.43 -47.78 18.65
CA ARG B 74 -36.34 -46.38 18.18
C ARG B 74 -35.00 -46.12 17.48
N THR B 75 -34.62 -47.07 16.60
CA THR B 75 -33.45 -46.96 15.72
C THR B 75 -33.88 -47.10 14.25
N LEU B 76 -33.45 -46.15 13.42
CA LEU B 76 -33.65 -46.19 11.96
C LEU B 76 -32.26 -46.40 11.31
N THR B 77 -32.04 -47.57 10.70
CA THR B 77 -30.71 -48.00 10.21
C THR B 77 -30.66 -48.05 8.67
N ILE B 78 -29.94 -47.09 8.05
CA ILE B 78 -29.77 -47.00 6.59
C ILE B 78 -28.41 -47.64 6.24
N SER B 79 -28.45 -48.93 5.85
CA SER B 79 -27.24 -49.73 5.56
C SER B 79 -27.02 -49.83 4.04
N ASP B 80 -26.09 -49.02 3.53
CA ASP B 80 -25.73 -48.98 2.10
C ASP B 80 -24.57 -49.94 1.80
N ASN B 81 -24.58 -50.46 0.55
CA ASN B 81 -23.52 -51.34 0.01
C ASN B 81 -22.57 -50.53 -0.90
N GLY B 82 -22.35 -49.26 -0.57
CA GLY B 82 -21.41 -48.42 -1.32
C GLY B 82 -19.96 -48.76 -1.03
N VAL B 83 -19.03 -47.87 -1.43
CA VAL B 83 -17.60 -48.02 -1.09
C VAL B 83 -17.41 -47.90 0.43
N GLY B 84 -18.40 -47.26 1.10
CA GLY B 84 -18.28 -46.85 2.48
C GLY B 84 -17.55 -45.54 2.56
N MET B 85 -16.64 -45.45 3.52
CA MET B 85 -15.65 -44.38 3.58
C MET B 85 -14.34 -45.03 4.02
N THR B 86 -13.27 -44.75 3.28
CA THR B 86 -11.90 -45.21 3.61
C THR B 86 -11.57 -44.79 5.05
N ARG B 87 -10.73 -45.55 5.75
CA ARG B 87 -10.50 -45.32 7.20
C ARG B 87 -9.90 -43.92 7.44
N ASP B 88 -8.92 -43.59 6.57
CA ASP B 88 -8.35 -42.25 6.48
C ASP B 88 -9.44 -41.21 6.13
N GLU B 89 -10.27 -41.55 5.13
CA GLU B 89 -11.37 -40.67 4.66
C GLU B 89 -12.35 -40.34 5.80
N VAL B 90 -12.66 -41.30 6.70
CA VAL B 90 -13.56 -41.07 7.86
C VAL B 90 -12.96 -40.01 8.80
N ILE B 91 -11.66 -40.18 9.10
CA ILE B 91 -10.90 -39.24 9.95
C ILE B 91 -10.80 -37.84 9.28
N ASP B 92 -10.71 -37.83 7.95
CA ASP B 92 -10.50 -36.61 7.12
C ASP B 92 -11.83 -35.95 6.68
N HIS B 93 -12.95 -36.68 6.84
CA HIS B 93 -14.27 -36.21 6.38
C HIS B 93 -15.16 -35.87 7.57
N LEU B 94 -15.54 -36.91 8.34
CA LEU B 94 -16.45 -36.77 9.50
C LEU B 94 -15.74 -36.00 10.62
N GLY B 95 -14.45 -36.32 10.83
CA GLY B 95 -13.61 -35.62 11.80
C GLY B 95 -13.54 -34.12 11.58
N THR B 96 -13.50 -33.71 10.28
CA THR B 96 -13.40 -32.29 9.89
C THR B 96 -14.77 -31.58 9.91
N ILE B 97 -15.88 -32.36 9.95
CA ILE B 97 -17.25 -31.81 10.13
C ILE B 97 -17.50 -31.61 11.65
N ALA B 98 -16.87 -32.46 12.46
CA ALA B 98 -16.90 -32.39 13.93
C ALA B 98 -15.61 -31.67 14.42
N LYS B 99 -15.03 -32.09 15.58
CA LYS B 99 -13.82 -31.45 16.14
C LYS B 99 -12.58 -31.78 15.29
N SER B 100 -11.88 -30.74 14.84
CA SER B 100 -10.65 -30.88 14.02
C SER B 100 -9.89 -29.55 14.06
N GLY B 101 -10.57 -28.51 13.55
CA GLY B 101 -10.03 -27.13 13.52
C GLY B 101 -10.02 -26.55 12.10
N THR B 102 -10.68 -27.26 11.17
CA THR B 102 -10.61 -26.98 9.70
C THR B 102 -11.22 -25.61 9.33
N LYS B 103 -12.08 -25.09 10.22
CA LYS B 103 -12.77 -23.81 10.08
C LYS B 103 -13.84 -23.86 8.96
N SER B 104 -13.42 -23.67 7.69
CA SER B 104 -14.32 -23.49 6.54
C SER B 104 -13.52 -23.35 5.24
N PHE B 105 -12.31 -22.79 5.34
CA PHE B 105 -11.49 -22.47 4.17
C PHE B 105 -10.08 -23.10 4.28
N LEU B 106 -9.81 -23.75 5.44
CA LEU B 106 -8.45 -24.13 5.97
C LEU B 106 -8.01 -23.12 7.03
N GLU B 107 -7.48 -23.65 8.14
CA GLU B 107 -7.05 -22.86 9.29
C GLU B 107 -5.68 -22.17 9.06
N SER B 108 -4.77 -22.88 8.37
CA SER B 108 -3.34 -22.50 8.27
C SER B 108 -3.10 -21.39 7.21
N LEU B 109 -3.27 -21.74 5.92
CA LEU B 109 -3.08 -20.81 4.79
C LEU B 109 -4.43 -20.19 4.38
N GLY B 110 -5.48 -21.04 4.41
CA GLY B 110 -6.84 -20.63 4.08
C GLY B 110 -7.16 -20.69 2.59
N SER B 111 -6.76 -21.79 1.92
CA SER B 111 -7.08 -22.06 0.49
C SER B 111 -6.96 -23.56 0.18
N ASP B 112 -5.83 -24.13 0.61
CA ASP B 112 -5.40 -25.51 0.23
C ASP B 112 -6.42 -26.59 0.63
N GLN B 113 -6.88 -26.54 1.89
CA GLN B 113 -7.85 -27.50 2.45
C GLN B 113 -9.28 -26.95 2.39
N ALA B 114 -9.59 -26.09 1.38
CA ALA B 114 -10.99 -25.61 1.15
C ALA B 114 -11.97 -26.77 0.83
N LYS B 115 -11.43 -28.00 0.71
CA LYS B 115 -12.20 -29.23 0.49
C LYS B 115 -12.60 -29.86 1.85
N ASP B 116 -12.84 -29.00 2.85
CA ASP B 116 -13.38 -29.38 4.17
C ASP B 116 -14.86 -28.98 4.24
N SER B 117 -15.15 -27.77 3.75
CA SER B 117 -16.48 -27.19 3.76
C SER B 117 -17.35 -27.75 2.61
N GLN B 118 -16.67 -28.24 1.55
CA GLN B 118 -17.34 -28.92 0.41
C GLN B 118 -17.98 -30.24 0.90
N LEU B 119 -17.31 -30.88 1.88
CA LEU B 119 -17.78 -32.12 2.53
C LEU B 119 -19.03 -31.82 3.37
N ILE B 120 -19.05 -30.62 3.97
CA ILE B 120 -20.17 -30.12 4.77
C ILE B 120 -21.37 -29.75 3.87
N GLY B 121 -21.06 -29.24 2.65
CA GLY B 121 -22.09 -28.82 1.68
C GLY B 121 -23.06 -29.94 1.26
N GLN B 122 -22.62 -31.20 1.40
CA GLN B 122 -23.48 -32.39 1.16
C GLN B 122 -23.72 -33.18 2.47
N PHE B 123 -22.62 -33.74 3.03
CA PHE B 123 -22.69 -34.70 4.17
C PHE B 123 -22.94 -33.97 5.51
N GLY B 124 -22.38 -32.76 5.66
CA GLY B 124 -22.55 -31.95 6.89
C GLY B 124 -23.94 -31.38 7.04
N VAL B 125 -24.64 -31.23 5.90
CA VAL B 125 -26.08 -30.93 5.88
C VAL B 125 -26.84 -32.10 6.51
N GLY B 126 -26.43 -33.33 6.12
CA GLY B 126 -26.98 -34.58 6.66
C GLY B 126 -26.64 -34.79 8.13
N PHE B 127 -25.49 -34.26 8.58
CA PHE B 127 -25.09 -34.27 10.00
C PHE B 127 -26.13 -33.51 10.83
N TYR B 128 -26.34 -32.23 10.44
CA TYR B 128 -27.25 -31.29 11.12
C TYR B 128 -28.70 -31.83 11.13
N SER B 129 -29.21 -32.16 9.94
CA SER B 129 -30.60 -32.56 9.73
C SER B 129 -30.93 -33.88 10.45
N ALA B 130 -29.97 -34.83 10.44
CA ALA B 130 -30.10 -36.12 11.15
C ALA B 130 -30.29 -35.88 12.66
N PHE B 131 -29.44 -35.02 13.23
CA PHE B 131 -29.47 -34.72 14.68
C PHE B 131 -30.64 -33.79 15.09
N ILE B 132 -31.52 -33.42 14.13
CA ILE B 132 -32.81 -32.80 14.46
C ILE B 132 -33.76 -33.87 15.02
N VAL B 133 -33.91 -34.96 14.25
CA VAL B 133 -34.84 -36.07 14.56
C VAL B 133 -34.17 -37.15 15.43
N ALA B 134 -32.83 -37.24 15.37
CA ALA B 134 -32.05 -38.30 16.02
C ALA B 134 -31.21 -37.72 17.16
N ASP B 135 -31.04 -38.53 18.21
CA ASP B 135 -30.27 -38.16 19.40
C ASP B 135 -28.81 -38.58 19.20
N LYS B 136 -28.64 -39.87 18.86
CA LYS B 136 -27.35 -40.50 18.57
C LYS B 136 -27.39 -41.05 17.15
N VAL B 137 -26.34 -40.79 16.37
CA VAL B 137 -26.14 -41.45 15.07
C VAL B 137 -24.90 -42.35 15.20
N THR B 138 -25.15 -43.66 15.30
CA THR B 138 -24.13 -44.69 15.41
C THR B 138 -23.86 -45.29 14.02
N VAL B 139 -22.71 -44.99 13.44
CA VAL B 139 -22.36 -45.42 12.07
C VAL B 139 -21.28 -46.51 12.12
N ARG B 140 -21.58 -47.65 11.50
CA ARG B 140 -20.62 -48.73 11.27
C ARG B 140 -20.30 -48.76 9.78
N THR B 141 -19.12 -48.27 9.40
CA THR B 141 -18.64 -48.34 8.02
C THR B 141 -17.61 -49.46 7.90
N ARG B 142 -17.31 -49.83 6.65
CA ARG B 142 -16.17 -50.66 6.31
C ARG B 142 -15.91 -50.46 4.81
N ALA B 143 -14.79 -49.81 4.51
CA ALA B 143 -14.42 -49.46 3.15
C ALA B 143 -14.09 -50.68 2.28
N ALA B 144 -14.36 -50.51 0.99
CA ALA B 144 -13.95 -51.46 -0.04
C ALA B 144 -12.42 -51.51 -0.14
N GLY B 145 -11.86 -52.68 0.13
CA GLY B 145 -10.40 -52.87 0.14
C GLY B 145 -9.86 -53.09 1.54
N GLU B 146 -10.49 -52.42 2.54
CA GLU B 146 -10.21 -52.68 3.97
C GLU B 146 -10.74 -54.08 4.35
N LYS B 147 -10.06 -54.74 5.30
CA LYS B 147 -10.51 -56.02 5.89
C LYS B 147 -11.71 -55.75 6.84
N PRO B 148 -12.58 -56.79 7.13
CA PRO B 148 -13.65 -56.66 8.16
C PRO B 148 -13.17 -56.02 9.49
N GLU B 149 -11.95 -56.42 9.93
CA GLU B 149 -11.33 -55.92 11.18
C GLU B 149 -10.89 -54.44 11.06
N ASN B 150 -10.74 -53.97 9.81
CA ASN B 150 -10.42 -52.56 9.48
C ASN B 150 -11.71 -51.75 9.26
N GLY B 151 -12.86 -52.28 9.76
CA GLY B 151 -14.12 -51.54 9.81
C GLY B 151 -14.01 -50.35 10.74
N VAL B 152 -14.75 -49.27 10.47
CA VAL B 152 -14.61 -48.03 11.22
C VAL B 152 -15.94 -47.71 11.91
N PHE B 153 -15.88 -47.56 13.22
CA PHE B 153 -16.98 -47.10 14.06
C PHE B 153 -16.94 -45.59 14.12
N TRP B 154 -18.12 -44.98 14.17
CA TRP B 154 -18.30 -43.55 14.36
C TRP B 154 -19.62 -43.34 15.12
N GLU B 155 -19.70 -42.24 15.86
CA GLU B 155 -20.90 -41.87 16.64
C GLU B 155 -20.75 -40.42 17.10
N SER B 156 -21.86 -39.69 17.22
CA SER B 156 -21.86 -38.33 17.78
C SER B 156 -23.17 -38.05 18.53
N ALA B 157 -23.13 -37.00 19.35
CA ALA B 157 -24.29 -36.52 20.13
C ALA B 157 -25.00 -35.35 19.41
N GLY B 158 -24.38 -34.85 18.31
CA GLY B 158 -24.86 -33.66 17.58
C GLY B 158 -24.04 -32.42 17.89
N GLU B 159 -23.21 -32.52 18.93
CA GLU B 159 -22.28 -31.46 19.36
C GLU B 159 -20.99 -31.47 18.51
N GLY B 160 -19.99 -30.68 18.92
CA GLY B 160 -18.68 -30.66 18.24
C GLY B 160 -17.77 -31.80 18.70
N GLU B 161 -18.34 -32.99 18.85
CA GLU B 161 -17.65 -34.19 19.35
C GLU B 161 -17.97 -35.38 18.44
N TYR B 162 -17.14 -36.43 18.55
CA TYR B 162 -17.28 -37.67 17.77
C TYR B 162 -16.45 -38.78 18.41
N THR B 163 -16.98 -40.01 18.41
CA THR B 163 -16.29 -41.21 18.86
C THR B 163 -15.99 -42.07 17.63
N VAL B 164 -14.70 -42.23 17.31
CA VAL B 164 -14.24 -43.03 16.16
C VAL B 164 -13.20 -44.07 16.63
N ALA B 165 -13.32 -45.30 16.11
CA ALA B 165 -12.43 -46.44 16.46
C ALA B 165 -12.51 -47.51 15.37
N ASP B 166 -11.76 -48.61 15.54
CA ASP B 166 -11.84 -49.78 14.64
C ASP B 166 -12.72 -50.89 15.25
N ILE B 167 -13.54 -51.50 14.40
CA ILE B 167 -14.44 -52.61 14.73
C ILE B 167 -14.36 -53.68 13.64
N THR B 168 -14.97 -54.85 13.89
CA THR B 168 -15.04 -55.92 12.90
C THR B 168 -16.45 -55.91 12.24
N LYS B 169 -16.53 -55.39 11.00
CA LYS B 169 -17.75 -55.40 10.17
C LYS B 169 -17.41 -56.00 8.80
N GLU B 170 -18.02 -57.15 8.47
CA GLU B 170 -17.75 -57.87 7.21
C GLU B 170 -18.43 -57.18 6.00
N ASP B 171 -19.54 -56.47 6.28
CA ASP B 171 -20.32 -55.78 5.24
C ASP B 171 -19.55 -54.55 4.75
N ARG B 172 -19.47 -54.37 3.43
CA ARG B 172 -18.91 -53.17 2.82
C ARG B 172 -20.01 -52.10 2.70
N GLY B 173 -19.63 -50.83 2.85
CA GLY B 173 -20.56 -49.71 2.75
C GLY B 173 -20.67 -48.95 4.05
N THR B 174 -21.82 -48.30 4.26
CA THR B 174 -22.03 -47.37 5.38
C THR B 174 -23.39 -47.65 6.04
N GLU B 175 -23.34 -48.22 7.26
CA GLU B 175 -24.53 -48.58 8.05
C GLU B 175 -24.78 -47.49 9.09
N ILE B 176 -25.79 -46.64 8.86
CA ILE B 176 -26.08 -45.47 9.70
C ILE B 176 -27.30 -45.77 10.58
N THR B 177 -27.05 -46.07 11.87
CA THR B 177 -28.10 -46.41 12.83
C THR B 177 -28.42 -45.17 13.68
N LEU B 178 -29.51 -44.48 13.34
CA LEU B 178 -29.94 -43.26 14.04
C LEU B 178 -30.90 -43.65 15.16
N HIS B 179 -30.44 -43.59 16.42
CA HIS B 179 -31.34 -43.75 17.55
C HIS B 179 -32.16 -42.46 17.70
N LEU B 180 -33.39 -42.51 17.16
CA LEU B 180 -34.31 -41.37 17.10
C LEU B 180 -34.73 -40.90 18.50
N ARG B 181 -35.03 -39.59 18.59
CA ARG B 181 -35.55 -38.93 19.80
C ARG B 181 -37.02 -39.33 20.03
N GLU B 182 -37.47 -39.36 21.30
CA GLU B 182 -38.87 -39.63 21.63
C GLU B 182 -39.75 -38.45 21.18
N GLY B 183 -40.76 -38.76 20.34
CA GLY B 183 -41.53 -37.76 19.62
C GLY B 183 -41.24 -37.88 18.13
N GLU B 184 -39.96 -38.07 17.81
CA GLU B 184 -39.47 -38.23 16.42
C GLU B 184 -39.48 -39.71 16.03
N ASP B 185 -40.41 -40.46 16.66
CA ASP B 185 -40.57 -41.92 16.47
C ASP B 185 -41.57 -42.23 15.32
N GLU B 186 -42.10 -41.16 14.70
CA GLU B 186 -43.01 -41.28 13.54
C GLU B 186 -42.26 -41.84 12.29
N PHE B 187 -40.91 -41.76 12.33
CA PHE B 187 -40.03 -42.32 11.28
C PHE B 187 -39.73 -43.82 11.53
N LEU B 188 -40.52 -44.49 12.41
CA LEU B 188 -40.36 -45.94 12.69
C LEU B 188 -41.44 -46.81 12.01
N ASP B 189 -42.53 -46.21 11.50
CA ASP B 189 -43.65 -47.03 10.94
C ASP B 189 -43.69 -46.94 9.41
N ASP B 190 -44.01 -48.08 8.78
CA ASP B 190 -43.82 -48.34 7.32
C ASP B 190 -44.36 -47.23 6.42
N TRP B 191 -45.64 -46.82 6.64
CA TRP B 191 -46.31 -45.84 5.74
C TRP B 191 -45.48 -44.55 5.62
N ARG B 192 -45.00 -44.05 6.78
CA ARG B 192 -44.35 -42.74 6.88
C ARG B 192 -42.92 -42.83 6.35
N VAL B 193 -42.19 -43.90 6.77
CA VAL B 193 -40.81 -44.16 6.31
C VAL B 193 -40.77 -44.15 4.78
N ARG B 194 -41.60 -45.02 4.18
CA ARG B 194 -41.64 -45.24 2.72
C ARG B 194 -42.08 -43.97 1.97
N SER B 195 -42.94 -43.13 2.59
CA SER B 195 -43.35 -41.83 2.00
C SER B 195 -42.13 -40.92 1.79
N ILE B 196 -41.33 -40.74 2.85
CA ILE B 196 -40.20 -39.81 2.84
C ILE B 196 -39.00 -40.41 2.06
N ILE B 197 -38.90 -41.76 2.10
CA ILE B 197 -37.89 -42.50 1.34
C ILE B 197 -38.13 -42.30 -0.16
N SER B 198 -39.33 -42.71 -0.65
CA SER B 198 -39.69 -42.66 -2.10
C SER B 198 -39.71 -41.22 -2.65
N LYS B 199 -40.03 -40.26 -1.77
CA LYS B 199 -40.03 -38.81 -2.07
C LYS B 199 -38.67 -38.35 -2.66
N TYR B 200 -37.59 -39.05 -2.27
CA TYR B 200 -36.23 -38.75 -2.73
C TYR B 200 -35.66 -39.89 -3.60
N SER B 201 -36.04 -41.13 -3.27
CA SER B 201 -35.52 -42.35 -3.92
C SER B 201 -35.91 -42.39 -5.41
N ASP B 202 -37.05 -41.75 -5.73
CA ASP B 202 -37.60 -41.67 -7.09
C ASP B 202 -36.58 -41.16 -8.12
N HIS B 203 -35.73 -40.19 -7.70
CA HIS B 203 -34.78 -39.53 -8.61
C HIS B 203 -33.35 -40.09 -8.45
N ILE B 204 -33.21 -41.16 -7.66
CA ILE B 204 -31.90 -41.75 -7.28
C ILE B 204 -31.58 -42.99 -8.14
N ALA B 205 -30.29 -43.13 -8.52
CA ALA B 205 -29.79 -44.20 -9.40
C ALA B 205 -29.22 -45.40 -8.60
N LEU B 206 -29.74 -45.59 -7.37
CA LEU B 206 -29.29 -46.67 -6.45
C LEU B 206 -30.54 -47.35 -5.86
N PRO B 207 -30.67 -48.72 -5.93
CA PRO B 207 -31.88 -49.44 -5.45
C PRO B 207 -32.10 -49.26 -3.94
N VAL B 208 -33.05 -48.36 -3.60
CA VAL B 208 -33.42 -48.09 -2.22
C VAL B 208 -34.53 -49.07 -1.79
N GLU B 209 -34.16 -50.04 -0.96
CA GLU B 209 -35.09 -51.05 -0.44
C GLU B 209 -35.39 -50.77 1.04
N ILE B 210 -36.38 -51.48 1.60
CA ILE B 210 -36.77 -51.31 3.00
C ILE B 210 -37.03 -52.68 3.65
N GLU B 211 -36.72 -52.77 4.95
CA GLU B 211 -37.01 -53.96 5.75
C GLU B 211 -38.52 -54.09 5.97
N LYS B 212 -39.15 -54.94 5.16
CA LYS B 212 -40.47 -55.46 5.44
C LYS B 212 -40.29 -56.84 6.07
N ARG B 213 -40.04 -56.85 7.38
CA ARG B 213 -40.01 -58.12 8.12
C ARG B 213 -41.42 -58.40 8.66
N GLU B 214 -41.89 -59.60 8.42
CA GLU B 214 -43.20 -60.07 8.82
C GLU B 214 -43.00 -61.01 10.01
N GLU B 215 -43.11 -60.46 11.22
CA GLU B 215 -42.80 -61.17 12.46
C GLU B 215 -44.10 -61.72 13.07
N LYS B 216 -44.44 -62.94 12.64
CA LYS B 216 -45.47 -63.76 13.28
C LYS B 216 -44.79 -64.67 14.30
N ASP B 217 -45.59 -65.32 15.17
CA ASP B 217 -45.07 -66.18 16.26
C ASP B 217 -44.21 -67.31 15.68
N GLY B 218 -42.87 -67.17 15.82
CA GLY B 218 -41.91 -68.12 15.25
C GLY B 218 -41.50 -67.74 13.83
N GLU B 219 -42.46 -67.19 13.05
CA GLU B 219 -42.26 -66.91 11.61
C GLU B 219 -41.86 -65.45 11.44
N THR B 220 -40.58 -65.17 11.70
CA THR B 220 -39.99 -63.83 11.57
C THR B 220 -39.23 -63.77 10.24
N VAL B 221 -39.94 -63.37 9.17
CA VAL B 221 -39.39 -63.38 7.81
C VAL B 221 -38.88 -61.99 7.47
N ILE B 222 -37.55 -61.85 7.31
CA ILE B 222 -36.90 -60.56 7.01
C ILE B 222 -36.82 -60.39 5.48
N SER B 223 -37.68 -59.55 4.92
CA SER B 223 -37.74 -59.27 3.48
C SER B 223 -37.36 -57.80 3.22
N TRP B 224 -36.89 -57.52 1.99
CA TRP B 224 -36.43 -56.17 1.61
C TRP B 224 -37.12 -55.76 0.29
N GLU B 225 -38.08 -54.82 0.39
CA GLU B 225 -38.88 -54.39 -0.77
C GLU B 225 -38.30 -53.10 -1.35
N LYS B 226 -37.86 -53.16 -2.62
CA LYS B 226 -37.33 -52.00 -3.34
C LYS B 226 -38.45 -50.97 -3.61
N ILE B 227 -38.38 -49.84 -2.90
CA ILE B 227 -39.35 -48.73 -3.04
C ILE B 227 -38.97 -47.89 -4.26
N ASN B 228 -37.68 -47.92 -4.61
CA ASN B 228 -37.12 -47.24 -5.78
C ASN B 228 -37.02 -48.21 -6.96
N LYS B 229 -37.25 -47.69 -8.17
CA LYS B 229 -37.10 -48.42 -9.43
C LYS B 229 -35.61 -48.47 -9.86
N ALA B 230 -34.88 -47.39 -9.51
CA ALA B 230 -33.41 -47.31 -9.57
C ALA B 230 -32.87 -47.42 -11.01
N GLN B 231 -32.92 -46.31 -11.73
CA GLN B 231 -32.28 -46.18 -13.04
C GLN B 231 -31.47 -44.88 -13.05
N ALA B 232 -30.39 -44.88 -13.82
CA ALA B 232 -29.60 -43.69 -14.11
C ALA B 232 -30.52 -42.57 -14.68
N LEU B 233 -30.87 -41.56 -13.84
CA LEU B 233 -31.87 -40.52 -14.18
C LEU B 233 -31.49 -39.80 -15.47
N TRP B 234 -30.22 -39.38 -15.55
CA TRP B 234 -29.67 -38.71 -16.74
C TRP B 234 -29.88 -39.58 -18.02
N THR B 235 -29.60 -40.88 -17.91
CA THR B 235 -29.76 -41.84 -19.03
C THR B 235 -31.25 -42.15 -19.33
N ARG B 236 -32.12 -41.98 -18.30
CA ARG B 236 -33.55 -42.33 -18.36
C ARG B 236 -34.34 -41.32 -19.23
N ASN B 237 -35.50 -41.74 -19.75
CA ASN B 237 -36.32 -40.94 -20.69
C ASN B 237 -36.94 -39.72 -19.99
N LYS B 238 -36.81 -38.55 -20.66
CA LYS B 238 -37.30 -37.25 -20.16
C LYS B 238 -38.81 -37.26 -19.83
N SER B 239 -39.58 -38.03 -20.62
CA SER B 239 -41.03 -38.18 -20.45
C SER B 239 -41.35 -38.91 -19.12
N GLU B 240 -40.48 -39.89 -18.77
CA GLU B 240 -40.64 -40.71 -17.56
C GLU B 240 -40.16 -39.93 -16.32
N ILE B 241 -39.25 -38.96 -16.51
CA ILE B 241 -38.73 -38.12 -15.42
C ILE B 241 -39.62 -36.88 -15.27
N THR B 242 -40.22 -36.68 -14.08
CA THR B 242 -41.00 -35.48 -13.80
C THR B 242 -40.05 -34.30 -13.48
N ASP B 243 -40.56 -33.07 -13.64
CA ASP B 243 -39.80 -31.81 -13.49
C ASP B 243 -39.21 -31.67 -12.06
N GLU B 244 -39.95 -32.22 -11.09
CA GLU B 244 -39.60 -32.20 -9.67
C GLU B 244 -38.39 -33.11 -9.37
N GLU B 245 -38.29 -34.25 -10.09
CA GLU B 245 -37.15 -35.19 -9.96
C GLU B 245 -35.85 -34.49 -10.31
N TYR B 246 -35.87 -33.72 -11.41
CA TYR B 246 -34.72 -32.91 -11.84
C TYR B 246 -34.32 -31.90 -10.75
N LYS B 247 -35.32 -31.15 -10.22
CA LYS B 247 -35.08 -30.14 -9.14
C LYS B 247 -34.30 -30.74 -7.96
N GLU B 248 -34.73 -31.94 -7.55
CA GLU B 248 -34.23 -32.61 -6.36
C GLU B 248 -32.95 -33.43 -6.69
N PHE B 249 -32.77 -33.79 -7.97
CA PHE B 249 -31.58 -34.54 -8.44
C PHE B 249 -30.36 -33.61 -8.49
N TYR B 250 -30.62 -32.33 -8.83
CA TYR B 250 -29.63 -31.24 -8.70
C TYR B 250 -28.98 -31.27 -7.31
N LYS B 251 -29.84 -31.41 -6.29
CA LYS B 251 -29.47 -31.35 -4.87
C LYS B 251 -28.55 -32.52 -4.45
N HIS B 252 -28.57 -33.61 -5.25
CA HIS B 252 -27.63 -34.74 -5.11
C HIS B 252 -26.28 -34.42 -5.83
N ILE B 253 -26.34 -34.38 -7.19
CA ILE B 253 -25.13 -34.41 -8.06
C ILE B 253 -24.28 -33.12 -8.00
N ALA B 254 -24.87 -32.02 -7.51
CA ALA B 254 -24.20 -30.70 -7.44
C ALA B 254 -23.47 -30.49 -6.11
N HIS B 255 -23.75 -31.35 -5.11
CA HIS B 255 -23.22 -31.20 -3.72
C HIS B 255 -23.66 -29.84 -3.10
N ASP B 256 -24.77 -29.32 -3.64
CA ASP B 256 -25.46 -28.11 -3.20
C ASP B 256 -26.95 -28.43 -3.27
N PHE B 257 -27.74 -27.92 -2.32
CA PHE B 257 -29.09 -28.44 -2.05
C PHE B 257 -30.14 -27.31 -2.06
N ASN B 258 -29.82 -26.19 -2.71
CA ASN B 258 -30.79 -25.11 -3.00
C ASN B 258 -31.67 -25.51 -4.19
N ASP B 259 -32.77 -24.78 -4.41
CA ASP B 259 -33.69 -25.03 -5.55
C ASP B 259 -33.14 -24.40 -6.84
N PRO B 260 -33.08 -25.14 -7.99
CA PRO B 260 -32.62 -24.59 -9.27
C PRO B 260 -33.70 -23.74 -9.99
N LEU B 261 -33.25 -22.79 -10.82
CA LEU B 261 -34.14 -21.93 -11.64
C LEU B 261 -34.59 -22.68 -12.91
N THR B 262 -33.63 -23.29 -13.61
CA THR B 262 -33.87 -24.00 -14.88
C THR B 262 -32.76 -25.04 -15.13
N TRP B 263 -32.94 -25.84 -16.19
CA TRP B 263 -31.97 -26.87 -16.62
C TRP B 263 -32.20 -27.25 -18.09
N SER B 264 -31.31 -28.11 -18.60
CA SER B 264 -31.37 -28.65 -19.95
C SER B 264 -31.03 -30.16 -19.90
N HIS B 265 -31.95 -31.00 -20.40
CA HIS B 265 -31.72 -32.45 -20.51
C HIS B 265 -31.84 -32.86 -21.97
N ASN B 266 -30.70 -33.28 -22.56
CA ASN B 266 -30.62 -33.74 -23.96
C ASN B 266 -29.64 -34.92 -24.04
N ARG B 267 -30.06 -36.05 -24.64
CA ARG B 267 -29.16 -37.18 -24.94
C ARG B 267 -28.91 -37.22 -26.45
N VAL B 268 -27.63 -37.38 -26.82
CA VAL B 268 -27.15 -37.39 -28.21
C VAL B 268 -26.41 -38.72 -28.44
N GLU B 269 -26.71 -39.38 -29.57
CA GLU B 269 -26.18 -40.71 -29.91
C GLU B 269 -25.63 -40.72 -31.35
N GLY B 270 -24.90 -41.79 -31.70
CA GLY B 270 -24.38 -41.99 -33.05
C GLY B 270 -22.90 -41.67 -33.15
N LYS B 271 -22.59 -40.43 -33.59
CA LYS B 271 -21.21 -39.91 -33.64
C LYS B 271 -20.59 -39.98 -32.24
N GLN B 272 -21.13 -39.17 -31.31
CA GLN B 272 -20.71 -39.13 -29.91
C GLN B 272 -21.89 -39.55 -29.02
N GLU B 273 -21.68 -40.61 -28.23
CA GLU B 273 -22.67 -41.10 -27.26
C GLU B 273 -22.52 -40.30 -25.95
N TYR B 274 -23.19 -39.14 -25.85
CA TYR B 274 -23.16 -38.33 -24.62
C TYR B 274 -24.57 -37.88 -24.20
N THR B 275 -24.86 -38.08 -22.91
CA THR B 275 -26.12 -37.63 -22.29
C THR B 275 -25.80 -36.44 -21.38
N SER B 276 -26.27 -35.24 -21.75
CA SER B 276 -26.01 -34.00 -21.00
C SER B 276 -27.23 -33.60 -20.17
N LEU B 277 -27.00 -33.38 -18.86
CA LEU B 277 -28.04 -32.93 -17.91
C LEU B 277 -27.40 -31.85 -16.99
N LEU B 278 -27.64 -30.58 -17.35
CA LEU B 278 -26.94 -29.41 -16.77
C LEU B 278 -27.98 -28.46 -16.13
N TYR B 279 -27.73 -28.05 -14.87
CA TYR B 279 -28.67 -27.21 -14.06
C TYR B 279 -28.09 -25.81 -13.81
N ILE B 280 -28.98 -24.91 -13.33
CA ILE B 280 -28.63 -23.53 -12.92
C ILE B 280 -29.23 -23.25 -11.51
N PRO B 281 -28.40 -22.86 -10.48
CA PRO B 281 -28.89 -22.52 -9.12
C PRO B 281 -29.68 -21.19 -9.06
N SER B 282 -30.37 -20.98 -7.93
CA SER B 282 -31.10 -19.73 -7.63
C SER B 282 -30.15 -18.64 -7.10
N GLN B 283 -29.07 -19.08 -6.43
CA GLN B 283 -28.12 -18.20 -5.73
C GLN B 283 -26.70 -18.45 -6.21
N ALA B 284 -25.85 -17.46 -5.97
CA ALA B 284 -24.39 -17.58 -6.17
C ALA B 284 -23.77 -18.21 -4.92
N PRO B 285 -23.09 -19.39 -5.04
CA PRO B 285 -22.36 -19.99 -3.90
C PRO B 285 -21.19 -19.09 -3.46
N TRP B 286 -20.77 -19.24 -2.20
CA TRP B 286 -19.60 -18.52 -1.65
C TRP B 286 -18.36 -18.83 -2.50
N ASP B 287 -18.22 -20.12 -2.83
CA ASP B 287 -17.05 -20.68 -3.52
C ASP B 287 -17.12 -20.48 -5.05
N MET B 288 -18.00 -19.56 -5.51
CA MET B 288 -18.15 -19.23 -6.94
C MET B 288 -16.84 -18.60 -7.46
N TRP B 289 -16.20 -17.75 -6.64
CA TRP B 289 -14.98 -17.01 -7.02
C TRP B 289 -13.71 -17.65 -6.42
N ASN B 290 -13.89 -18.75 -5.66
CA ASN B 290 -12.80 -19.47 -4.97
C ASN B 290 -11.93 -20.25 -5.98
N ARG B 291 -10.64 -20.49 -5.62
CA ARG B 291 -9.71 -21.25 -6.48
C ARG B 291 -10.02 -22.77 -6.41
N ASP B 292 -10.81 -23.17 -5.40
CA ASP B 292 -11.19 -24.57 -5.18
C ASP B 292 -12.47 -24.91 -5.97
N HIS B 293 -12.71 -26.22 -6.19
CA HIS B 293 -13.87 -26.68 -6.95
C HIS B 293 -15.17 -26.52 -6.14
N LYS B 294 -16.21 -26.03 -6.83
CA LYS B 294 -17.60 -25.99 -6.35
C LYS B 294 -18.49 -25.92 -7.58
N HIS B 295 -17.97 -25.21 -8.58
CA HIS B 295 -18.35 -25.37 -9.99
C HIS B 295 -17.79 -26.71 -10.53
N GLY B 296 -18.55 -27.36 -11.43
CA GLY B 296 -18.08 -28.60 -12.06
C GLY B 296 -19.21 -29.56 -12.37
N LEU B 297 -18.91 -30.59 -13.18
CA LEU B 297 -19.88 -31.60 -13.61
C LEU B 297 -19.38 -33.00 -13.19
N LYS B 298 -20.30 -33.90 -12.83
CA LYS B 298 -19.93 -35.31 -12.55
C LYS B 298 -19.71 -36.05 -13.87
N LEU B 299 -18.45 -36.39 -14.14
CA LEU B 299 -18.07 -37.18 -15.32
C LEU B 299 -18.47 -38.66 -15.10
N TYR B 300 -19.48 -39.07 -15.86
CA TYR B 300 -19.82 -40.47 -16.08
C TYR B 300 -19.34 -40.87 -17.47
N VAL B 301 -18.69 -42.02 -17.57
CA VAL B 301 -18.36 -42.66 -18.85
C VAL B 301 -19.06 -44.03 -18.88
N GLN B 302 -20.02 -44.17 -19.83
CA GLN B 302 -20.73 -45.45 -20.10
C GLN B 302 -21.62 -45.85 -18.89
N ARG B 303 -22.29 -44.84 -18.29
CA ARG B 303 -23.20 -44.96 -17.11
C ARG B 303 -22.43 -45.30 -15.80
N VAL B 304 -21.08 -45.31 -15.89
CA VAL B 304 -20.18 -45.60 -14.77
C VAL B 304 -19.49 -44.30 -14.34
N PHE B 305 -19.32 -44.09 -13.03
CA PHE B 305 -18.69 -42.89 -12.48
C PHE B 305 -17.18 -42.84 -12.78
N ILE B 306 -16.64 -41.61 -12.96
CA ILE B 306 -15.18 -41.38 -13.07
C ILE B 306 -14.75 -40.32 -12.03
N MET B 307 -15.18 -39.06 -12.20
CA MET B 307 -14.74 -37.96 -11.31
C MET B 307 -15.80 -36.85 -11.25
N ASP B 308 -16.17 -36.46 -10.02
CA ASP B 308 -17.19 -35.43 -9.75
C ASP B 308 -16.54 -34.06 -9.61
N ASP B 309 -17.36 -33.00 -9.81
CA ASP B 309 -16.95 -31.58 -9.67
C ASP B 309 -15.85 -31.23 -10.71
N ALA B 310 -15.85 -31.96 -11.84
CA ALA B 310 -14.88 -31.79 -12.93
C ALA B 310 -15.32 -30.63 -13.85
N GLU B 311 -14.68 -29.46 -13.67
CA GLU B 311 -14.99 -28.23 -14.43
C GLU B 311 -14.38 -28.26 -15.86
N GLN B 312 -13.69 -29.35 -16.20
CA GLN B 312 -13.03 -29.53 -17.50
C GLN B 312 -14.04 -29.70 -18.66
N PHE B 313 -15.33 -29.83 -18.33
CA PHE B 313 -16.42 -29.96 -19.32
C PHE B 313 -17.18 -28.65 -19.49
N MET B 314 -17.03 -27.72 -18.53
CA MET B 314 -17.73 -26.43 -18.58
C MET B 314 -16.81 -25.27 -18.10
N PRO B 315 -16.59 -24.21 -18.95
CA PRO B 315 -15.69 -23.05 -18.63
C PRO B 315 -16.20 -22.14 -17.48
N ASN B 316 -15.47 -21.02 -17.24
CA ASN B 316 -15.66 -20.16 -16.03
C ASN B 316 -16.64 -18.99 -16.25
N TYR B 317 -17.12 -18.79 -17.48
CA TYR B 317 -18.32 -17.96 -17.74
C TYR B 317 -19.54 -18.81 -17.36
N LEU B 318 -19.45 -20.12 -17.67
CA LEU B 318 -20.49 -21.12 -17.38
C LEU B 318 -20.19 -21.80 -16.02
N ARG B 319 -19.70 -21.00 -15.09
CA ARG B 319 -19.24 -21.45 -13.76
C ARG B 319 -20.42 -21.59 -12.79
N PHE B 320 -21.57 -21.01 -13.17
CA PHE B 320 -22.87 -21.24 -12.50
C PHE B 320 -23.41 -22.66 -12.79
N VAL B 321 -23.02 -23.24 -13.96
CA VAL B 321 -23.50 -24.57 -14.38
C VAL B 321 -23.04 -25.66 -13.41
N ARG B 322 -24.02 -26.41 -12.91
CA ARG B 322 -23.83 -27.53 -12.00
C ARG B 322 -24.69 -28.70 -12.50
N GLY B 323 -24.09 -29.89 -12.63
CA GLY B 323 -24.80 -31.02 -13.21
C GLY B 323 -23.90 -32.21 -13.41
N LEU B 324 -24.14 -32.96 -14.49
CA LEU B 324 -23.43 -34.21 -14.79
C LEU B 324 -23.60 -34.53 -16.28
N ILE B 325 -22.58 -35.20 -16.85
CA ILE B 325 -22.58 -35.63 -18.27
C ILE B 325 -22.09 -37.08 -18.37
N ASP B 326 -22.74 -37.85 -19.24
CA ASP B 326 -22.42 -39.26 -19.52
C ASP B 326 -21.81 -39.36 -20.92
N SER B 327 -20.48 -39.25 -21.00
CA SER B 327 -19.77 -39.30 -22.28
C SER B 327 -19.05 -40.66 -22.42
N SER B 328 -19.48 -41.45 -23.41
CA SER B 328 -19.04 -42.85 -23.59
C SER B 328 -17.85 -42.94 -24.60
N ASP B 329 -17.42 -41.77 -25.09
CA ASP B 329 -16.29 -41.64 -26.04
C ASP B 329 -14.96 -41.61 -25.27
N LEU B 330 -15.03 -41.04 -24.06
CA LEU B 330 -13.89 -40.90 -23.15
C LEU B 330 -13.47 -42.29 -22.60
N PRO B 331 -12.17 -42.48 -22.21
CA PRO B 331 -11.69 -43.71 -21.52
C PRO B 331 -12.14 -43.76 -20.04
N LEU B 332 -12.01 -44.94 -19.42
CA LEU B 332 -12.36 -45.15 -17.99
C LEU B 332 -11.16 -44.77 -17.09
N ASN B 333 -9.94 -44.81 -17.65
CA ASN B 333 -8.69 -44.39 -16.95
C ASN B 333 -8.38 -42.90 -17.19
N VAL B 334 -9.39 -42.13 -17.64
CA VAL B 334 -9.24 -40.71 -18.00
C VAL B 334 -8.98 -39.82 -16.76
N SER B 335 -8.02 -38.87 -16.87
CA SER B 335 -7.69 -37.91 -15.81
C SER B 335 -7.78 -36.48 -16.38
N ARG B 336 -7.60 -35.46 -15.50
CA ARG B 336 -7.73 -34.03 -15.86
C ARG B 336 -6.76 -33.61 -16.97
N GLU B 337 -5.61 -34.31 -17.02
CA GLU B 337 -4.55 -34.07 -18.02
C GLU B 337 -5.06 -34.39 -19.44
N ILE B 338 -5.85 -35.49 -19.55
CA ILE B 338 -6.49 -35.88 -20.81
C ILE B 338 -7.69 -34.95 -21.09
N LEU B 339 -8.40 -34.55 -20.01
CA LEU B 339 -9.56 -33.65 -20.10
C LEU B 339 -9.15 -32.22 -20.55
N GLN B 340 -7.88 -31.87 -20.27
CA GLN B 340 -7.31 -30.56 -20.63
C GLN B 340 -6.72 -30.59 -22.05
N ASP B 341 -5.99 -31.67 -22.37
CA ASP B 341 -5.21 -31.78 -23.62
C ASP B 341 -6.09 -32.22 -24.81
N SER B 342 -6.79 -33.36 -24.63
CA SER B 342 -7.53 -34.05 -25.73
C SER B 342 -8.57 -33.14 -26.41
N THR B 343 -8.66 -33.28 -27.74
CA THR B 343 -9.53 -32.48 -28.58
C THR B 343 -10.99 -32.97 -28.48
N VAL B 344 -11.19 -34.30 -28.37
CA VAL B 344 -12.55 -34.89 -28.32
C VAL B 344 -13.31 -34.46 -27.04
N THR B 345 -12.55 -34.21 -25.95
CA THR B 345 -13.10 -33.66 -24.69
C THR B 345 -13.45 -32.16 -24.85
N ARG B 346 -12.69 -31.46 -25.73
CA ARG B 346 -12.92 -30.03 -26.01
C ARG B 346 -14.19 -29.90 -26.88
N ASN B 347 -14.37 -30.88 -27.80
CA ASN B 347 -15.56 -31.00 -28.66
C ASN B 347 -16.82 -31.29 -27.82
N LEU B 348 -16.62 -32.11 -26.77
CA LEU B 348 -17.68 -32.42 -25.77
C LEU B 348 -18.07 -31.12 -25.03
N ARG B 349 -17.05 -30.34 -24.66
CA ARG B 349 -17.21 -29.05 -23.94
C ARG B 349 -18.01 -28.03 -24.78
N ASN B 350 -17.72 -27.98 -26.10
CA ASN B 350 -18.41 -27.08 -27.06
C ASN B 350 -19.88 -27.45 -27.17
N ALA B 351 -20.11 -28.78 -27.24
CA ALA B 351 -21.45 -29.36 -27.36
C ALA B 351 -22.32 -28.95 -26.15
N LEU B 352 -21.73 -28.98 -24.96
CA LEU B 352 -22.40 -28.58 -23.72
C LEU B 352 -22.72 -27.08 -23.71
N THR B 353 -21.72 -26.26 -24.11
CA THR B 353 -21.82 -24.77 -24.16
C THR B 353 -23.07 -24.33 -24.94
N LYS B 354 -23.33 -25.01 -26.06
CA LYS B 354 -24.47 -24.72 -26.94
C LYS B 354 -25.82 -24.95 -26.22
N ARG B 355 -25.92 -26.06 -25.47
CA ARG B 355 -27.15 -26.43 -24.71
C ARG B 355 -27.35 -25.48 -23.52
N VAL B 356 -26.24 -24.98 -22.94
CA VAL B 356 -26.31 -24.05 -21.79
C VAL B 356 -26.76 -22.67 -22.26
N LEU B 357 -26.25 -22.24 -23.42
CA LEU B 357 -26.56 -20.93 -24.03
C LEU B 357 -28.06 -20.89 -24.38
N GLN B 358 -28.56 -22.02 -24.88
CA GLN B 358 -29.98 -22.23 -25.21
C GLN B 358 -30.83 -22.20 -23.89
N MET B 359 -30.27 -22.80 -22.83
CA MET B 359 -30.89 -22.86 -21.47
C MET B 359 -30.95 -21.47 -20.81
N LEU B 360 -29.93 -20.64 -21.09
CA LEU B 360 -29.82 -19.25 -20.57
C LEU B 360 -30.80 -18.34 -21.30
N GLU B 361 -30.87 -18.53 -22.61
CA GLU B 361 -31.75 -17.77 -23.52
C GLU B 361 -33.23 -18.10 -23.21
N LYS B 362 -33.47 -19.37 -22.87
CA LYS B 362 -34.77 -19.86 -22.43
C LYS B 362 -35.16 -19.13 -21.13
N LEU B 363 -34.31 -19.26 -20.09
CA LEU B 363 -34.54 -18.65 -18.75
C LEU B 363 -34.75 -17.13 -18.88
N ALA B 364 -34.03 -16.51 -19.83
CA ALA B 364 -34.08 -15.07 -20.10
C ALA B 364 -35.47 -14.60 -20.56
N LYS B 365 -36.07 -15.36 -21.50
CA LYS B 365 -37.31 -14.94 -22.20
C LYS B 365 -38.56 -15.45 -21.48
N ASP B 366 -38.48 -16.68 -20.99
CA ASP B 366 -39.60 -17.41 -20.36
C ASP B 366 -39.73 -17.03 -18.88
N ASP B 367 -38.60 -16.78 -18.22
CA ASP B 367 -38.56 -16.51 -16.76
C ASP B 367 -37.71 -15.25 -16.50
N ALA B 368 -38.21 -14.09 -16.98
CA ALA B 368 -37.48 -12.80 -16.93
C ALA B 368 -37.06 -12.42 -15.48
N GLU B 369 -37.93 -12.76 -14.50
CA GLU B 369 -37.69 -12.46 -13.07
C GLU B 369 -36.58 -13.35 -12.50
N LYS B 370 -36.64 -14.66 -12.81
CA LYS B 370 -35.67 -15.64 -12.28
C LYS B 370 -34.29 -15.41 -12.92
N TYR B 371 -34.28 -14.96 -14.18
CA TYR B 371 -33.05 -14.60 -14.89
C TYR B 371 -32.49 -13.27 -14.37
N GLN B 372 -33.38 -12.39 -13.89
CA GLN B 372 -32.98 -11.12 -13.26
C GLN B 372 -32.26 -11.40 -11.92
N THR B 373 -32.83 -12.33 -11.14
CA THR B 373 -32.24 -12.79 -9.86
C THR B 373 -30.88 -13.47 -10.13
N PHE B 374 -30.86 -14.30 -11.19
CA PHE B 374 -29.65 -14.96 -11.72
C PHE B 374 -28.56 -13.93 -12.07
N TRP B 375 -28.98 -12.80 -12.69
CA TRP B 375 -28.05 -11.76 -13.13
C TRP B 375 -27.48 -10.99 -11.93
N GLN B 376 -28.30 -10.78 -10.88
CA GLN B 376 -27.84 -10.07 -9.67
C GLN B 376 -26.90 -10.98 -8.82
N GLN B 377 -26.71 -12.25 -9.27
CA GLN B 377 -25.80 -13.21 -8.66
C GLN B 377 -24.56 -13.49 -9.56
N PHE B 378 -24.77 -13.56 -10.89
CA PHE B 378 -23.75 -14.08 -11.85
C PHE B 378 -23.48 -13.07 -13.00
N GLY B 379 -23.95 -11.82 -12.85
CA GLY B 379 -23.87 -10.82 -13.92
C GLY B 379 -22.46 -10.42 -14.33
N LEU B 380 -21.62 -10.17 -13.31
CA LEU B 380 -20.20 -9.77 -13.50
C LEU B 380 -19.38 -10.91 -14.16
N VAL B 381 -19.89 -12.15 -14.04
CA VAL B 381 -19.29 -13.35 -14.65
C VAL B 381 -19.73 -13.48 -16.11
N LEU B 382 -21.03 -13.24 -16.36
CA LEU B 382 -21.65 -13.39 -17.69
C LEU B 382 -21.12 -12.29 -18.66
N LYS B 383 -20.69 -11.14 -18.11
CA LYS B 383 -20.12 -10.03 -18.89
C LYS B 383 -18.71 -10.36 -19.47
N GLU B 384 -18.11 -11.49 -19.02
CA GLU B 384 -16.84 -12.01 -19.61
C GLU B 384 -17.12 -12.63 -21.01
N GLY B 385 -18.35 -13.15 -21.17
CA GLY B 385 -18.79 -13.89 -22.35
C GLY B 385 -18.61 -13.15 -23.69
N PRO B 386 -19.33 -12.00 -23.91
CA PRO B 386 -19.25 -11.23 -25.17
C PRO B 386 -17.85 -10.65 -25.46
N ALA B 387 -16.99 -10.59 -24.40
CA ALA B 387 -15.61 -10.13 -24.53
C ALA B 387 -14.77 -11.21 -25.25
N GLU B 388 -14.91 -12.47 -24.81
CA GLU B 388 -14.24 -13.61 -25.47
C GLU B 388 -14.94 -13.92 -26.80
N ASP B 389 -16.17 -14.44 -26.72
CA ASP B 389 -16.94 -14.82 -27.90
C ASP B 389 -17.55 -13.60 -28.59
N PHE B 390 -16.83 -13.08 -29.60
CA PHE B 390 -17.37 -12.06 -30.52
C PHE B 390 -18.13 -12.74 -31.69
N ALA B 391 -17.70 -13.98 -32.06
CA ALA B 391 -18.22 -14.70 -33.25
C ALA B 391 -19.73 -14.98 -33.15
N ASN B 392 -20.15 -15.41 -31.96
CA ASN B 392 -21.55 -15.74 -31.64
C ASN B 392 -22.05 -14.79 -30.50
N GLN B 393 -21.35 -13.63 -30.36
CA GLN B 393 -21.66 -12.57 -29.36
C GLN B 393 -23.14 -12.13 -29.38
N GLU B 394 -23.73 -12.12 -30.58
CA GLU B 394 -25.12 -11.68 -30.84
C GLU B 394 -26.14 -12.49 -29.98
N ALA B 395 -25.80 -13.76 -29.70
CA ALA B 395 -26.61 -14.66 -28.85
C ALA B 395 -26.40 -14.37 -27.35
N ILE B 396 -25.13 -14.18 -26.94
CA ILE B 396 -24.76 -13.89 -25.54
C ILE B 396 -25.14 -12.43 -25.15
N ALA B 397 -25.30 -11.57 -26.17
CA ALA B 397 -25.63 -10.15 -25.99
C ALA B 397 -27.10 -9.97 -25.58
N LYS B 398 -27.96 -10.92 -25.99
CA LYS B 398 -29.34 -11.01 -25.49
C LYS B 398 -29.38 -11.38 -24.00
N LEU B 399 -28.33 -12.12 -23.56
CA LEU B 399 -28.20 -12.56 -22.17
C LEU B 399 -27.76 -11.38 -21.29
N LEU B 400 -26.96 -10.47 -21.88
CA LEU B 400 -26.53 -9.22 -21.21
C LEU B 400 -27.72 -8.36 -20.72
N ARG B 401 -27.61 -7.93 -19.47
CA ARG B 401 -28.51 -6.96 -18.85
C ARG B 401 -27.67 -5.75 -18.40
N PHE B 402 -28.24 -4.56 -18.57
CA PHE B 402 -27.58 -3.27 -18.29
C PHE B 402 -28.48 -2.41 -17.41
N ALA B 403 -27.94 -1.28 -16.95
CA ALA B 403 -28.72 -0.21 -16.31
C ALA B 403 -28.65 1.04 -17.20
N SER B 404 -29.76 1.78 -17.29
CA SER B 404 -29.85 3.01 -18.11
C SER B 404 -30.58 4.11 -17.33
N THR B 405 -30.72 5.28 -17.96
CA THR B 405 -31.31 6.47 -17.33
C THR B 405 -32.84 6.37 -17.13
N HIS B 406 -33.52 5.39 -17.79
CA HIS B 406 -35.00 5.24 -17.80
C HIS B 406 -35.63 5.26 -16.37
N THR B 407 -34.91 4.68 -15.42
CA THR B 407 -35.35 4.58 -14.02
C THR B 407 -34.11 4.84 -13.12
N ASP B 408 -34.33 5.11 -11.81
CA ASP B 408 -33.23 5.37 -10.85
C ASP B 408 -32.62 4.05 -10.32
N SER B 409 -32.57 3.00 -11.18
CA SER B 409 -32.22 1.64 -10.79
C SER B 409 -30.73 1.34 -11.03
N SER B 410 -30.04 0.87 -9.98
CA SER B 410 -28.65 0.41 -10.08
C SER B 410 -28.60 -1.04 -10.62
N ALA B 411 -29.73 -1.75 -10.47
CA ALA B 411 -29.91 -3.12 -10.98
C ALA B 411 -29.80 -3.15 -12.50
N GLN B 412 -28.99 -4.08 -13.03
CA GLN B 412 -28.92 -4.32 -14.46
C GLN B 412 -30.16 -5.16 -14.87
N THR B 413 -31.26 -4.46 -15.22
CA THR B 413 -32.58 -5.08 -15.49
C THR B 413 -33.04 -4.93 -16.94
N VAL B 414 -32.56 -3.88 -17.66
CA VAL B 414 -32.91 -3.69 -19.09
C VAL B 414 -32.02 -4.59 -19.97
N SER B 415 -32.63 -5.34 -20.90
CA SER B 415 -31.87 -6.16 -21.88
C SER B 415 -31.66 -5.36 -23.16
N LEU B 416 -30.81 -5.91 -24.04
CA LEU B 416 -30.62 -5.39 -25.40
C LEU B 416 -31.86 -5.67 -26.28
N GLU B 417 -32.69 -6.63 -25.84
CA GLU B 417 -34.04 -6.87 -26.41
C GLU B 417 -34.92 -5.62 -26.18
N ASP B 418 -35.06 -5.20 -24.90
CA ASP B 418 -35.90 -4.04 -24.50
C ASP B 418 -35.36 -2.72 -25.09
N TYR B 419 -34.04 -2.70 -25.29
CA TYR B 419 -33.31 -1.54 -25.84
C TYR B 419 -33.77 -1.28 -27.28
N VAL B 420 -33.51 -2.26 -28.15
CA VAL B 420 -33.84 -2.20 -29.59
C VAL B 420 -35.37 -2.07 -29.81
N SER B 421 -36.15 -2.70 -28.92
CA SER B 421 -37.62 -2.68 -28.99
C SER B 421 -38.18 -1.29 -28.65
N ARG B 422 -37.55 -0.55 -27.71
CA ARG B 422 -38.02 0.81 -27.32
C ARG B 422 -37.37 1.90 -28.20
N MET B 423 -36.34 1.53 -29.00
CA MET B 423 -35.71 2.45 -29.99
C MET B 423 -36.73 3.06 -30.97
N LYS B 424 -36.74 4.40 -31.05
CA LYS B 424 -37.56 5.18 -31.99
C LYS B 424 -36.89 5.22 -33.40
N GLU B 425 -37.57 5.87 -34.36
CA GLU B 425 -37.13 6.00 -35.77
C GLU B 425 -35.69 6.57 -35.89
N GLY B 426 -34.86 5.87 -36.69
CA GLY B 426 -33.49 6.28 -37.00
C GLY B 426 -32.45 5.89 -35.96
N GLN B 427 -32.89 5.25 -34.86
CA GLN B 427 -32.01 4.89 -33.74
C GLN B 427 -31.25 3.58 -33.99
N GLU B 428 -30.00 3.73 -34.44
CA GLU B 428 -29.06 2.61 -34.66
C GLU B 428 -27.86 2.74 -33.71
N LYS B 429 -27.65 3.95 -33.15
CA LYS B 429 -26.44 4.25 -32.36
C LYS B 429 -26.79 4.29 -30.87
N ILE B 430 -26.21 3.38 -30.11
CA ILE B 430 -26.36 3.35 -28.65
C ILE B 430 -25.39 4.36 -28.05
N TYR B 431 -25.82 5.11 -27.03
CA TYR B 431 -24.92 6.01 -26.24
C TYR B 431 -24.86 5.60 -24.78
N TYR B 432 -23.64 5.71 -24.23
CA TYR B 432 -23.34 5.33 -22.85
C TYR B 432 -22.03 5.92 -22.35
N ILE B 433 -21.92 6.03 -21.02
CA ILE B 433 -20.75 6.59 -20.34
C ILE B 433 -20.24 5.58 -19.30
N THR B 434 -18.91 5.34 -19.32
CA THR B 434 -18.21 4.50 -18.34
C THR B 434 -18.01 5.29 -17.03
N ALA B 435 -18.36 4.67 -15.88
CA ALA B 435 -18.16 5.25 -14.54
C ALA B 435 -17.64 4.19 -13.57
N ASP B 436 -17.12 4.66 -12.44
CA ASP B 436 -16.57 3.79 -11.38
C ASP B 436 -17.67 3.32 -10.42
N SER B 437 -18.75 4.13 -10.31
CA SER B 437 -19.87 3.88 -9.41
C SER B 437 -21.16 4.40 -10.05
N TYR B 438 -22.31 3.75 -9.73
CA TYR B 438 -23.62 4.13 -10.29
C TYR B 438 -24.01 5.55 -9.82
N ALA B 439 -23.74 5.85 -8.54
CA ALA B 439 -24.01 7.16 -7.92
C ALA B 439 -23.24 8.30 -8.65
N ALA B 440 -22.03 7.97 -9.14
CA ALA B 440 -21.17 8.91 -9.88
C ALA B 440 -21.79 9.25 -11.26
N ALA B 441 -22.18 8.22 -12.02
CA ALA B 441 -22.84 8.39 -13.34
C ALA B 441 -24.19 9.11 -13.20
N LYS B 442 -24.92 8.75 -12.15
CA LYS B 442 -26.28 9.24 -11.88
C LYS B 442 -26.28 10.68 -11.32
N SER B 443 -25.11 11.14 -10.81
CA SER B 443 -24.99 12.45 -10.14
C SER B 443 -25.30 13.63 -11.10
N SER B 444 -25.15 13.35 -12.42
CA SER B 444 -25.55 14.26 -13.49
C SER B 444 -27.09 14.22 -13.66
N PRO B 445 -27.83 15.34 -13.39
CA PRO B 445 -29.29 15.42 -13.61
C PRO B 445 -29.65 15.53 -15.11
N HIS B 446 -28.64 15.92 -15.92
CA HIS B 446 -28.77 16.12 -17.38
C HIS B 446 -29.15 14.79 -18.05
N LEU B 447 -28.53 13.69 -17.58
CA LEU B 447 -28.80 12.34 -18.10
C LEU B 447 -30.27 11.92 -17.84
N GLU B 448 -30.86 12.48 -16.77
CA GLU B 448 -32.25 12.17 -16.36
C GLU B 448 -33.25 13.11 -17.07
N LEU B 449 -32.72 14.15 -17.74
CA LEU B 449 -33.50 15.01 -18.65
C LEU B 449 -33.81 14.22 -19.93
N LEU B 450 -32.81 13.43 -20.39
CA LEU B 450 -32.99 12.51 -21.53
C LEU B 450 -34.06 11.46 -21.21
N ARG B 451 -34.03 10.94 -19.96
CA ARG B 451 -35.07 10.03 -19.43
C ARG B 451 -36.47 10.61 -19.65
N LYS B 452 -36.63 11.88 -19.22
CA LYS B 452 -37.89 12.62 -19.32
C LYS B 452 -38.36 12.77 -20.80
N LYS B 453 -37.39 12.86 -21.73
CA LYS B 453 -37.67 12.95 -23.18
C LYS B 453 -38.06 11.56 -23.75
N GLY B 454 -37.59 10.50 -23.08
CA GLY B 454 -37.80 9.12 -23.53
C GLY B 454 -36.65 8.65 -24.43
N ILE B 455 -35.46 9.13 -24.10
CA ILE B 455 -34.18 8.80 -24.78
C ILE B 455 -33.22 8.33 -23.66
N GLU B 456 -32.37 7.30 -23.88
CA GLU B 456 -31.62 6.66 -22.75
C GLU B 456 -30.09 6.76 -22.87
N VAL B 457 -29.39 6.54 -21.76
CA VAL B 457 -27.91 6.41 -21.71
C VAL B 457 -27.58 5.26 -20.75
N LEU B 458 -26.80 4.25 -21.21
CA LEU B 458 -26.36 3.16 -20.29
C LEU B 458 -25.39 3.76 -19.24
N LEU B 459 -25.76 3.60 -17.96
CA LEU B 459 -24.93 4.05 -16.84
C LEU B 459 -24.04 2.86 -16.41
N LEU B 460 -22.80 2.83 -16.94
CA LEU B 460 -21.85 1.73 -16.67
C LEU B 460 -21.21 1.95 -15.30
N SER B 461 -21.40 0.95 -14.42
CA SER B 461 -20.93 1.01 -13.02
C SER B 461 -20.30 -0.33 -12.58
N ASP B 462 -20.43 -1.35 -13.43
CA ASP B 462 -19.98 -2.73 -13.12
C ASP B 462 -18.44 -2.82 -13.29
N ARG B 463 -17.84 -3.81 -12.60
CA ARG B 463 -16.38 -3.94 -12.48
C ARG B 463 -15.72 -4.20 -13.86
N ILE B 464 -16.40 -5.03 -14.68
CA ILE B 464 -15.91 -5.39 -16.03
C ILE B 464 -16.59 -4.53 -17.15
N ASP B 465 -17.68 -3.80 -16.80
CA ASP B 465 -18.61 -3.09 -17.76
C ASP B 465 -17.86 -2.40 -18.93
N GLU B 466 -16.87 -1.56 -18.55
CA GLU B 466 -16.03 -0.76 -19.47
C GLU B 466 -15.44 -1.62 -20.61
N TRP B 467 -14.82 -2.72 -20.20
CA TRP B 467 -14.09 -3.65 -21.06
C TRP B 467 -15.02 -4.71 -21.70
N MET B 468 -16.18 -5.01 -21.10
CA MET B 468 -17.18 -5.92 -21.73
C MET B 468 -17.63 -5.31 -23.07
N MET B 469 -17.87 -4.00 -23.01
CA MET B 469 -18.32 -3.21 -24.18
C MET B 469 -17.22 -3.08 -25.26
N ASN B 470 -15.98 -3.52 -24.96
CA ASN B 470 -14.87 -3.45 -25.92
C ASN B 470 -15.11 -4.40 -27.12
N TYR B 471 -15.75 -5.56 -26.86
CA TYR B 471 -16.17 -6.51 -27.91
C TYR B 471 -17.69 -6.53 -28.06
N LEU B 472 -18.42 -5.88 -27.14
CA LEU B 472 -19.84 -5.56 -27.35
C LEU B 472 -19.86 -4.24 -28.15
N THR B 473 -19.41 -4.35 -29.40
CA THR B 473 -19.30 -3.24 -30.34
C THR B 473 -20.60 -3.09 -31.13
N GLU B 474 -21.39 -4.16 -31.21
CA GLU B 474 -22.60 -4.21 -32.04
C GLU B 474 -23.53 -5.34 -31.57
N PHE B 475 -24.84 -5.11 -31.69
CA PHE B 475 -25.89 -6.10 -31.46
C PHE B 475 -27.01 -5.85 -32.45
N ASP B 476 -27.35 -6.88 -33.26
CA ASP B 476 -28.48 -6.86 -34.22
C ASP B 476 -28.27 -5.76 -35.31
N GLY B 477 -26.99 -5.45 -35.59
CA GLY B 477 -26.64 -4.42 -36.59
C GLY B 477 -26.56 -3.01 -36.00
N LYS B 478 -26.88 -2.86 -34.70
CA LYS B 478 -26.85 -1.54 -34.00
C LYS B 478 -25.49 -1.38 -33.26
N PRO B 479 -24.56 -0.50 -33.76
CA PRO B 479 -23.26 -0.23 -33.07
C PRO B 479 -23.38 0.60 -31.77
N PHE B 480 -22.48 0.31 -30.82
CA PHE B 480 -22.48 0.85 -29.46
C PHE B 480 -21.37 1.90 -29.31
N GLN B 481 -21.75 3.17 -29.09
CA GLN B 481 -20.87 4.37 -29.18
C GLN B 481 -21.05 5.26 -27.90
N SER B 482 -20.00 5.94 -27.44
CA SER B 482 -20.12 6.90 -26.30
C SER B 482 -20.47 8.30 -26.83
N VAL B 483 -21.28 9.07 -26.07
CA VAL B 483 -21.82 10.39 -26.50
C VAL B 483 -20.85 11.56 -26.13
N SER B 484 -19.59 11.22 -25.84
CA SER B 484 -18.56 12.19 -25.42
C SER B 484 -17.90 12.93 -26.61
N LYS B 485 -18.32 12.59 -27.84
CA LYS B 485 -17.83 13.24 -29.09
C LYS B 485 -18.88 14.27 -29.58
N VAL B 486 -18.52 15.09 -30.57
CA VAL B 486 -19.41 16.14 -31.12
C VAL B 486 -20.06 15.66 -32.44
N ASP B 487 -21.01 16.46 -32.97
CA ASP B 487 -21.90 16.03 -34.08
C ASP B 487 -21.37 16.53 -35.43
N GLU B 488 -21.97 16.02 -36.54
CA GLU B 488 -21.51 16.26 -37.94
C GLU B 488 -21.25 17.76 -38.23
N SER B 489 -22.08 18.63 -37.64
CA SER B 489 -21.88 20.08 -37.72
C SER B 489 -20.55 20.47 -37.04
N LEU B 490 -20.50 20.38 -35.69
CA LEU B 490 -19.36 20.90 -34.90
C LEU B 490 -18.05 20.11 -35.18
N GLU B 491 -18.19 18.91 -35.76
CA GLU B 491 -17.06 17.99 -36.02
C GLU B 491 -16.01 18.62 -36.95
N LYS B 492 -16.50 19.38 -37.92
CA LYS B 492 -15.67 20.16 -38.86
C LYS B 492 -15.91 21.68 -38.67
N LEU B 493 -16.83 22.01 -37.75
CA LEU B 493 -17.24 23.41 -37.46
C LEU B 493 -16.92 23.74 -36.00
N ALA B 494 -15.80 23.18 -35.50
CA ALA B 494 -15.31 23.38 -34.11
C ALA B 494 -15.19 24.87 -33.71
N ASP B 495 -15.05 25.76 -34.71
CA ASP B 495 -14.95 27.22 -34.52
C ASP B 495 -16.31 27.86 -34.17
N GLU B 496 -17.43 27.13 -34.37
CA GLU B 496 -18.79 27.56 -33.98
C GLU B 496 -18.95 27.49 -32.45
N VAL B 497 -18.23 28.39 -31.77
CA VAL B 497 -18.16 28.47 -30.31
C VAL B 497 -18.47 29.92 -29.91
N ASP B 498 -19.78 30.19 -29.77
CA ASP B 498 -20.33 31.50 -29.34
C ASP B 498 -19.87 32.69 -30.23
N GLU B 499 -18.64 33.20 -30.02
CA GLU B 499 -18.11 34.36 -30.76
C GLU B 499 -16.56 34.39 -30.81
N SER B 500 -15.90 33.74 -29.83
CA SER B 500 -14.42 33.78 -29.69
C SER B 500 -13.73 33.01 -30.84
N ALA B 501 -13.30 33.78 -31.85
CA ALA B 501 -12.59 33.25 -33.04
C ALA B 501 -11.07 33.23 -32.80
N LYS B 502 -10.30 32.96 -33.87
CA LYS B 502 -8.80 33.03 -33.82
C LYS B 502 -8.31 34.47 -33.55
N GLU B 503 -9.21 35.45 -33.79
CA GLU B 503 -8.99 36.85 -33.39
C GLU B 503 -8.91 36.97 -31.87
N ALA B 504 -9.83 36.26 -31.17
CA ALA B 504 -9.84 36.20 -29.70
C ALA B 504 -8.61 35.45 -29.19
N GLU B 505 -8.20 34.38 -29.91
CA GLU B 505 -6.99 33.59 -29.61
C GLU B 505 -5.75 34.49 -29.50
N LYS B 506 -5.64 35.49 -30.41
CA LYS B 506 -4.56 36.51 -30.39
C LYS B 506 -4.45 37.25 -29.03
N ALA B 507 -5.60 37.49 -28.38
CA ALA B 507 -5.67 38.18 -27.06
C ALA B 507 -5.42 37.17 -25.93
N LEU B 508 -5.78 35.91 -26.19
CA LEU B 508 -5.67 34.82 -25.23
C LEU B 508 -4.24 34.27 -25.13
N THR B 509 -3.40 34.52 -26.15
CA THR B 509 -2.01 34.01 -26.18
C THR B 509 -1.15 34.67 -25.04
N PRO B 510 -1.14 36.07 -24.89
CA PRO B 510 -0.50 36.74 -23.73
C PRO B 510 -1.08 36.23 -22.39
N PHE B 511 -2.42 36.05 -22.37
CA PHE B 511 -3.17 35.53 -21.20
C PHE B 511 -2.59 34.16 -20.75
N ILE B 512 -2.33 33.27 -21.74
CA ILE B 512 -1.74 31.92 -21.51
C ILE B 512 -0.39 32.05 -20.79
N ASP B 513 0.49 32.93 -21.31
CA ASP B 513 1.85 33.10 -20.78
C ASP B 513 1.87 33.73 -19.38
N ARG B 514 0.88 34.60 -19.08
CA ARG B 514 0.71 35.17 -17.72
C ARG B 514 0.33 34.05 -16.72
N VAL B 515 -0.55 33.12 -17.17
CA VAL B 515 -0.97 31.95 -16.39
C VAL B 515 0.25 31.04 -16.09
N LYS B 516 1.06 30.77 -17.12
CA LYS B 516 2.24 29.86 -17.03
C LYS B 516 3.36 30.46 -16.17
N ALA B 517 3.51 31.79 -16.22
CA ALA B 517 4.49 32.54 -15.41
C ALA B 517 4.05 32.60 -13.93
N LEU B 518 2.73 32.59 -13.72
CA LEU B 518 2.13 32.66 -12.38
C LEU B 518 2.22 31.30 -11.68
N LEU B 519 1.87 30.24 -12.41
CA LEU B 519 1.81 28.87 -11.85
C LEU B 519 3.23 28.26 -11.81
N GLY B 520 4.12 28.81 -12.66
CA GLY B 520 5.54 28.47 -12.65
C GLY B 520 5.82 27.07 -13.15
N GLU B 521 5.73 26.08 -12.25
CA GLU B 521 5.98 24.66 -12.58
C GLU B 521 4.85 23.74 -12.06
N ARG B 522 3.78 24.34 -11.47
CA ARG B 522 2.63 23.57 -10.91
C ARG B 522 1.84 22.87 -12.03
N VAL B 523 1.82 23.51 -13.20
CA VAL B 523 1.15 23.01 -14.41
C VAL B 523 2.18 22.88 -15.53
N LYS B 524 2.07 21.80 -16.33
CA LYS B 524 3.03 21.52 -17.40
C LYS B 524 2.74 22.38 -18.64
N ASP B 525 1.46 22.62 -18.94
CA ASP B 525 1.04 23.32 -20.17
C ASP B 525 -0.33 23.97 -19.97
N VAL B 526 -0.53 25.17 -20.55
CA VAL B 526 -1.81 25.91 -20.49
C VAL B 526 -2.27 26.23 -21.91
N ARG B 527 -3.53 25.91 -22.22
CA ARG B 527 -4.16 26.21 -23.53
C ARG B 527 -5.48 26.95 -23.29
N LEU B 528 -6.02 27.57 -24.35
CA LEU B 528 -7.36 28.19 -24.34
C LEU B 528 -8.22 27.46 -25.40
N THR B 529 -8.91 26.38 -24.97
CA THR B 529 -9.83 25.61 -25.83
C THR B 529 -11.27 26.02 -25.53
N HIS B 530 -12.17 25.82 -26.48
CA HIS B 530 -13.50 26.43 -26.43
C HIS B 530 -14.55 25.33 -26.10
N ARG B 531 -14.43 24.83 -24.85
CA ARG B 531 -15.30 23.77 -24.31
C ARG B 531 -16.55 24.45 -23.71
N LEU B 532 -17.67 24.49 -24.47
CA LEU B 532 -18.87 25.30 -24.10
C LEU B 532 -19.37 24.91 -22.68
N THR B 533 -19.99 23.70 -22.56
CA THR B 533 -20.35 23.00 -21.28
C THR B 533 -20.83 23.96 -20.13
N ASP B 534 -20.68 23.56 -18.84
CA ASP B 534 -20.95 24.44 -17.67
C ASP B 534 -19.65 24.72 -16.91
N THR B 535 -18.60 23.98 -17.23
CA THR B 535 -17.27 24.10 -16.61
C THR B 535 -16.51 25.28 -17.25
N PRO B 536 -15.98 26.25 -16.45
CA PRO B 536 -15.19 27.40 -16.97
C PRO B 536 -13.86 26.95 -17.60
N ALA B 537 -13.23 25.96 -16.98
CA ALA B 537 -11.92 25.45 -17.38
C ALA B 537 -11.79 23.98 -16.99
N ILE B 538 -11.21 23.18 -17.89
CA ILE B 538 -11.04 21.73 -17.71
C ILE B 538 -9.58 21.36 -18.04
N VAL B 539 -9.00 20.46 -17.24
CA VAL B 539 -7.66 19.93 -17.51
C VAL B 539 -7.77 18.64 -18.37
N SER B 540 -6.83 18.49 -19.31
CA SER B 540 -6.80 17.33 -20.22
C SER B 540 -5.69 16.35 -19.81
N THR B 541 -5.95 15.05 -20.03
CA THR B 541 -5.07 13.95 -19.61
C THR B 541 -4.75 13.02 -20.79
N ASP B 542 -3.53 12.46 -20.81
CA ASP B 542 -3.11 11.45 -21.81
C ASP B 542 -3.66 10.06 -21.42
N ALA B 543 -3.22 9.57 -20.25
CA ALA B 543 -3.60 8.25 -19.72
C ALA B 543 -4.31 8.40 -18.34
N ASP B 544 -4.30 7.32 -17.53
CA ASP B 544 -4.97 7.25 -16.22
C ASP B 544 -4.41 8.32 -15.25
N GLU B 545 -5.25 9.34 -14.95
CA GLU B 545 -4.89 10.51 -14.11
C GLU B 545 -3.66 11.23 -14.71
N MET B 546 -3.68 11.34 -16.06
CA MET B 546 -2.57 11.85 -16.90
C MET B 546 -1.48 10.77 -16.99
N SER B 547 -0.80 10.50 -15.85
CA SER B 547 0.33 9.61 -15.80
C SER B 547 0.56 9.08 -14.35
N THR B 548 -0.56 8.94 -13.57
CA THR B 548 -0.48 8.43 -12.17
C THR B 548 -0.76 6.89 -12.13
N GLN B 549 -0.81 6.22 -13.29
CA GLN B 549 -1.04 4.75 -13.39
C GLN B 549 -0.59 4.19 -14.76
N MET B 550 0.75 3.95 -14.90
CA MET B 550 1.36 3.11 -15.97
C MET B 550 2.91 3.14 -15.83
N ALA B 551 3.58 2.09 -16.36
CA ALA B 551 5.03 1.84 -16.19
C ALA B 551 5.95 3.02 -16.61
N LYS B 552 5.92 3.39 -17.91
CA LYS B 552 6.78 4.47 -18.49
C LYS B 552 6.62 5.80 -17.74
N LEU B 553 5.38 6.06 -17.36
CA LEU B 553 4.95 7.33 -16.81
C LEU B 553 5.67 7.64 -15.48
N PHE B 554 5.77 6.61 -14.60
CA PHE B 554 6.50 6.73 -13.30
C PHE B 554 8.04 6.64 -13.45
N ALA B 555 8.55 6.71 -14.69
CA ALA B 555 9.99 6.72 -14.99
C ALA B 555 10.39 8.07 -15.62
N ALA B 556 9.45 9.04 -15.62
CA ALA B 556 9.68 10.39 -16.16
C ALA B 556 10.65 11.18 -15.25
N ALA B 557 10.36 11.19 -13.94
CA ALA B 557 11.29 11.78 -12.93
C ALA B 557 11.15 11.06 -11.59
N GLY B 558 9.94 11.10 -11.03
CA GLY B 558 9.69 10.58 -9.68
C GLY B 558 8.64 11.39 -8.91
N GLN B 559 8.85 12.74 -8.80
CA GLN B 559 7.94 13.64 -8.02
C GLN B 559 6.53 13.64 -8.65
N LYS B 560 5.71 12.67 -8.18
CA LYS B 560 4.35 12.32 -8.69
C LYS B 560 4.26 12.30 -10.25
N VAL B 561 5.43 12.18 -10.93
CA VAL B 561 5.62 12.44 -12.38
C VAL B 561 5.40 13.96 -12.73
N PRO B 562 6.38 14.63 -13.41
CA PRO B 562 6.23 16.05 -13.86
C PRO B 562 5.18 16.19 -14.98
N GLU B 563 5.08 15.14 -15.82
CA GLU B 563 4.10 15.08 -16.92
C GLU B 563 2.66 15.10 -16.36
N VAL B 564 2.50 14.51 -15.16
CA VAL B 564 1.19 14.37 -14.47
C VAL B 564 0.50 15.72 -14.31
N LYS B 565 1.31 16.80 -14.23
CA LYS B 565 0.81 18.16 -14.07
C LYS B 565 -0.06 18.54 -15.28
N TYR B 566 -1.36 18.61 -15.01
CA TYR B 566 -2.43 18.47 -16.03
C TYR B 566 -2.52 19.72 -16.90
N ILE B 567 -2.95 19.55 -18.17
CA ILE B 567 -2.91 20.63 -19.16
C ILE B 567 -4.17 21.50 -18.96
N PHE B 568 -3.94 22.71 -18.45
CA PHE B 568 -5.00 23.62 -17.99
C PHE B 568 -5.60 24.38 -19.19
N GLU B 569 -6.79 23.95 -19.63
CA GLU B 569 -7.47 24.51 -20.80
C GLU B 569 -8.73 25.29 -20.37
N LEU B 570 -8.75 26.61 -20.65
CA LEU B 570 -9.86 27.52 -20.25
C LEU B 570 -10.76 27.79 -21.46
N ASN B 571 -12.09 27.84 -21.26
CA ASN B 571 -13.06 28.21 -22.31
C ASN B 571 -13.32 29.72 -22.28
N PRO B 572 -12.86 30.50 -23.32
CA PRO B 572 -13.06 31.96 -23.37
C PRO B 572 -14.52 32.36 -23.62
N ASP B 573 -15.34 31.39 -24.05
CA ASP B 573 -16.76 31.59 -24.36
C ASP B 573 -17.64 31.43 -23.12
N HIS B 574 -17.12 30.77 -22.08
CA HIS B 574 -17.88 30.58 -20.82
C HIS B 574 -17.90 31.90 -20.03
N VAL B 575 -19.09 32.25 -19.50
CA VAL B 575 -19.39 33.54 -18.87
C VAL B 575 -18.41 33.87 -17.70
N LEU B 576 -18.04 32.84 -16.93
CA LEU B 576 -17.14 32.97 -15.76
C LEU B 576 -15.72 33.40 -16.18
N VAL B 577 -15.27 32.90 -17.34
CA VAL B 577 -13.93 33.19 -17.88
C VAL B 577 -13.90 34.56 -18.57
N LYS B 578 -15.07 35.00 -19.11
CA LYS B 578 -15.23 36.36 -19.67
C LYS B 578 -15.22 37.42 -18.55
N ARG B 579 -15.73 37.00 -17.38
CA ARG B 579 -15.69 37.82 -16.17
C ARG B 579 -14.23 37.93 -15.66
N ALA B 580 -13.48 36.82 -15.80
CA ALA B 580 -12.03 36.77 -15.48
C ALA B 580 -11.16 37.43 -16.58
N ALA B 581 -11.74 37.54 -17.80
CA ALA B 581 -11.07 38.17 -18.96
C ALA B 581 -11.20 39.70 -18.89
N ASP B 582 -12.29 40.16 -18.23
CA ASP B 582 -12.48 41.60 -17.90
C ASP B 582 -11.37 42.07 -16.93
N THR B 583 -10.82 41.10 -16.16
CA THR B 583 -9.75 41.36 -15.22
C THR B 583 -8.37 41.31 -15.90
N GLU B 584 -7.78 42.50 -16.09
CA GLU B 584 -6.39 42.65 -16.50
C GLU B 584 -5.46 42.60 -15.26
N ASP B 585 -5.99 43.07 -14.10
CA ASP B 585 -5.24 43.12 -12.80
C ASP B 585 -4.67 41.75 -12.45
N GLU B 586 -3.33 41.62 -12.43
CA GLU B 586 -2.63 40.34 -12.16
C GLU B 586 -3.04 39.69 -10.83
N ALA B 587 -3.45 40.51 -9.85
CA ALA B 587 -3.88 40.04 -8.53
C ALA B 587 -5.14 39.17 -8.62
N LYS B 588 -6.25 39.77 -9.09
CA LYS B 588 -7.55 39.05 -9.30
C LYS B 588 -7.44 38.02 -10.44
N PHE B 589 -6.59 38.31 -11.43
CA PHE B 589 -6.29 37.38 -12.54
C PHE B 589 -5.81 36.04 -11.99
N SER B 590 -4.77 36.11 -11.15
CA SER B 590 -4.14 34.92 -10.54
C SER B 590 -5.14 34.18 -9.64
N GLU B 591 -5.85 34.96 -8.82
CA GLU B 591 -6.81 34.45 -7.83
C GLU B 591 -7.92 33.62 -8.51
N TRP B 592 -8.38 34.11 -9.68
CA TRP B 592 -9.39 33.43 -10.50
C TRP B 592 -8.79 32.25 -11.27
N VAL B 593 -7.59 32.42 -11.86
CA VAL B 593 -6.92 31.37 -12.69
C VAL B 593 -6.62 30.11 -11.85
N GLU B 594 -6.11 30.32 -10.64
CA GLU B 594 -5.77 29.24 -9.70
C GLU B 594 -7.04 28.59 -9.12
N LEU B 595 -8.11 29.40 -8.97
CA LEU B 595 -9.45 28.90 -8.58
C LEU B 595 -9.99 27.92 -9.65
N LEU B 596 -9.91 28.37 -10.92
CA LEU B 596 -10.40 27.60 -12.08
C LEU B 596 -9.49 26.38 -12.32
N LEU B 597 -8.21 26.48 -11.88
CA LEU B 597 -7.23 25.39 -11.99
C LEU B 597 -7.62 24.23 -11.09
N ASP B 598 -7.75 24.50 -9.78
CA ASP B 598 -8.14 23.48 -8.79
C ASP B 598 -9.53 22.90 -9.12
N GLN B 599 -10.43 23.75 -9.63
CA GLN B 599 -11.79 23.31 -10.04
C GLN B 599 -11.74 22.37 -11.26
N ALA B 600 -10.81 22.66 -12.19
CA ALA B 600 -10.55 21.81 -13.36
C ALA B 600 -10.01 20.44 -12.92
N LEU B 601 -9.04 20.48 -11.98
CA LEU B 601 -8.46 19.29 -11.35
C LEU B 601 -9.59 18.45 -10.72
N LEU B 602 -10.45 19.11 -9.94
CA LEU B 602 -11.59 18.49 -9.22
C LEU B 602 -12.56 17.80 -10.20
N ALA B 603 -12.62 18.31 -11.44
CA ALA B 603 -13.50 17.78 -12.49
C ALA B 603 -12.97 16.43 -13.01
N GLU B 604 -11.64 16.34 -13.14
CA GLU B 604 -10.96 15.19 -13.76
C GLU B 604 -10.41 14.18 -12.72
N ARG B 605 -10.29 14.63 -11.47
CA ARG B 605 -9.62 13.87 -10.38
C ARG B 605 -10.63 13.45 -9.30
N GLY B 606 -11.54 14.38 -8.94
CA GLY B 606 -12.38 14.23 -7.75
C GLY B 606 -11.64 14.59 -6.45
N THR B 607 -10.33 14.86 -6.59
CA THR B 607 -9.42 15.19 -5.49
C THR B 607 -8.72 16.52 -5.84
N LEU B 608 -8.41 17.32 -4.82
CA LEU B 608 -7.65 18.57 -4.99
C LEU B 608 -6.21 18.36 -4.54
N GLU B 609 -5.26 18.91 -5.32
CA GLU B 609 -3.83 18.92 -4.96
C GLU B 609 -3.61 19.87 -3.77
N ASP B 610 -4.31 21.01 -3.82
CA ASP B 610 -4.34 22.01 -2.74
C ASP B 610 -5.82 22.34 -2.41
N PRO B 611 -6.51 21.49 -1.56
CA PRO B 611 -7.92 21.73 -1.17
C PRO B 611 -8.09 23.05 -0.42
N ASN B 612 -7.07 23.34 0.38
CA ASN B 612 -6.99 24.53 1.23
C ASN B 612 -7.09 25.82 0.39
N LEU B 613 -6.35 25.81 -0.74
CA LEU B 613 -6.27 26.93 -1.70
C LEU B 613 -7.66 27.22 -2.31
N PHE B 614 -8.30 26.15 -2.83
CA PHE B 614 -9.57 26.25 -3.54
C PHE B 614 -10.72 26.69 -2.61
N ILE B 615 -10.88 25.97 -1.49
CA ILE B 615 -11.97 26.22 -0.51
C ILE B 615 -11.89 27.66 0.04
N ARG B 616 -10.66 28.14 0.34
CA ARG B 616 -10.42 29.51 0.83
C ARG B 616 -10.90 30.53 -0.22
N ARG B 617 -10.35 30.45 -1.45
CA ARG B 617 -10.67 31.39 -2.55
C ARG B 617 -12.14 31.30 -3.00
N MET B 618 -12.77 30.14 -2.78
CA MET B 618 -14.18 29.91 -3.15
C MET B 618 -15.08 30.80 -2.27
N ASN B 619 -14.95 30.61 -0.94
CA ASN B 619 -15.68 31.39 0.08
C ASN B 619 -15.32 32.89 0.02
N GLN B 620 -14.04 33.14 -0.31
CA GLN B 620 -13.47 34.50 -0.36
C GLN B 620 -14.04 35.32 -1.51
N LEU B 621 -14.19 34.70 -2.70
CA LEU B 621 -14.73 35.38 -3.88
C LEU B 621 -16.27 35.48 -3.81
N LEU B 622 -16.91 34.65 -2.95
CA LEU B 622 -18.34 34.80 -2.63
C LEU B 622 -18.57 36.02 -1.70
N VAL B 623 -17.74 36.14 -0.64
CA VAL B 623 -17.94 37.16 0.42
C VAL B 623 -17.38 38.55 -0.01
N SER B 624 -16.26 38.54 -0.75
CA SER B 624 -15.60 39.75 -1.24
C SER B 624 -15.90 39.92 -2.76
N MET C 1 -10.70 33.25 31.44
CA MET C 1 -10.42 31.80 31.47
C MET C 1 -9.33 31.48 30.42
N ALA C 2 -8.07 31.59 30.85
CA ALA C 2 -6.87 31.39 30.00
C ALA C 2 -6.46 29.90 29.90
N THR C 3 -7.19 29.02 30.61
CA THR C 3 -6.93 27.57 30.65
C THR C 3 -7.00 26.95 29.25
N SER C 4 -8.14 27.18 28.58
CA SER C 4 -8.33 26.82 27.17
C SER C 4 -9.10 27.96 26.50
N THR C 5 -8.36 28.82 25.82
CA THR C 5 -8.89 29.92 25.00
C THR C 5 -8.08 30.03 23.70
N LEU C 6 -7.10 29.10 23.55
CA LEU C 6 -6.20 29.01 22.40
C LEU C 6 -6.46 27.71 21.64
N ILE C 7 -5.91 27.62 20.41
CA ILE C 7 -6.21 26.57 19.40
C ILE C 7 -7.75 26.34 19.24
N LYS C 8 -8.20 25.23 18.57
CA LYS C 8 -9.62 25.06 18.14
C LYS C 8 -9.99 26.15 17.08
N ALA C 9 -8.97 26.94 16.67
CA ALA C 9 -9.12 28.06 15.75
C ALA C 9 -9.14 27.56 14.30
N ILE C 10 -8.28 26.55 13.99
CA ILE C 10 -8.30 25.85 12.69
C ILE C 10 -9.59 24.99 12.63
N ASP C 11 -10.73 25.67 12.39
CA ASP C 11 -12.10 25.11 12.51
C ASP C 11 -12.41 24.64 13.95
N GLY C 12 -13.57 25.12 14.49
CA GLY C 12 -13.97 24.85 15.87
C GLY C 12 -14.44 23.42 16.07
N ASP C 13 -13.48 22.48 16.19
CA ASP C 13 -13.77 21.05 16.37
C ASP C 13 -12.53 20.31 16.91
N THR C 14 -12.79 19.17 17.57
CA THR C 14 -11.77 18.23 17.99
C THR C 14 -11.36 17.33 16.81
N VAL C 15 -10.58 17.90 15.89
CA VAL C 15 -10.08 17.18 14.70
C VAL C 15 -8.94 16.21 15.10
N LYS C 16 -8.68 15.21 14.25
CA LYS C 16 -7.67 14.16 14.48
C LYS C 16 -6.23 14.74 14.62
N LEU C 17 -5.44 14.12 15.51
CA LEU C 17 -4.02 14.44 15.69
C LEU C 17 -3.21 13.11 15.71
N MET C 18 -1.86 13.26 15.70
CA MET C 18 -0.86 12.17 15.80
C MET C 18 -1.29 11.04 16.75
N TYR C 19 -1.26 9.81 16.24
CA TYR C 19 -1.62 8.60 16.98
C TYR C 19 -0.97 7.40 16.29
N LYS C 20 -0.39 6.47 17.10
CA LYS C 20 0.30 5.24 16.62
C LYS C 20 1.65 5.60 15.95
N GLY C 21 2.67 4.74 16.18
CA GLY C 21 4.00 4.92 15.58
C GLY C 21 4.68 3.59 15.32
N GLN C 22 6.00 3.61 15.03
CA GLN C 22 6.80 2.41 14.73
C GLN C 22 8.25 2.59 15.22
N PRO C 23 8.82 1.61 16.01
CA PRO C 23 10.24 1.63 16.42
C PRO C 23 11.18 1.27 15.25
N MET C 24 11.30 2.22 14.32
CA MET C 24 12.10 2.08 13.07
C MET C 24 13.57 2.50 13.30
N THR C 25 13.88 2.84 14.55
CA THR C 25 15.22 3.25 15.00
C THR C 25 16.18 2.04 15.20
N PHE C 26 17.31 2.25 15.92
CA PHE C 26 18.42 1.28 16.04
C PHE C 26 18.55 0.71 17.48
N ARG C 27 19.28 1.44 18.40
CA ARG C 27 19.52 1.01 19.81
C ARG C 27 20.28 2.08 20.63
N LEU C 28 20.15 1.94 21.98
CA LEU C 28 20.77 2.81 23.02
C LEU C 28 20.04 4.15 23.09
N LEU C 29 19.84 4.68 24.32
CA LEU C 29 19.27 6.01 24.47
C LEU C 29 19.71 6.63 25.81
N LEU C 30 20.39 7.77 25.65
CA LEU C 30 20.85 8.69 26.70
C LEU C 30 21.66 8.01 27.82
N VAL C 31 20.97 7.46 28.82
CA VAL C 31 21.63 6.89 29.99
C VAL C 31 20.73 5.80 30.63
N ASP C 32 20.97 4.55 30.18
CA ASP C 32 20.33 3.34 30.72
C ASP C 32 21.05 2.10 30.08
N THR C 33 20.28 1.10 29.61
CA THR C 33 20.78 -0.09 28.93
C THR C 33 19.79 -0.52 27.80
N PRO C 34 19.33 0.42 26.87
CA PRO C 34 18.31 0.08 25.83
C PRO C 34 18.91 -0.74 24.67
N GLU C 35 19.13 -2.03 24.94
CA GLU C 35 19.71 -2.98 24.01
C GLU C 35 18.62 -3.58 23.09
N THR C 36 18.18 -2.79 22.11
CA THR C 36 17.19 -3.22 21.12
C THR C 36 17.90 -3.65 19.83
N LYS C 37 17.43 -4.73 19.20
CA LYS C 37 18.00 -5.23 17.94
C LYS C 37 17.63 -4.25 16.80
N HIS C 38 16.34 -4.25 16.41
CA HIS C 38 15.82 -3.47 15.26
C HIS C 38 16.67 -3.71 13.98
N PRO C 39 16.67 -4.97 13.41
CA PRO C 39 17.50 -5.30 12.23
C PRO C 39 16.81 -4.95 10.90
N LYS C 40 15.64 -4.30 11.00
CA LYS C 40 14.78 -3.97 9.86
C LYS C 40 15.20 -2.67 9.17
N LYS C 41 14.85 -2.58 7.87
CA LYS C 41 15.13 -1.41 7.02
C LYS C 41 14.22 -1.50 5.78
N GLY C 42 13.83 -0.34 5.21
CA GLY C 42 12.93 -0.29 4.05
C GLY C 42 13.62 -0.69 2.74
N VAL C 43 13.79 -2.01 2.53
CA VAL C 43 14.38 -2.57 1.30
C VAL C 43 13.40 -2.38 0.12
N GLU C 44 13.92 -1.96 -1.05
CA GLU C 44 13.12 -1.60 -2.22
C GLU C 44 13.86 -1.99 -3.54
N LYS C 45 13.29 -2.94 -4.27
CA LYS C 45 13.72 -3.29 -5.65
C LYS C 45 12.69 -4.23 -6.29
N TYR C 46 11.82 -3.65 -7.11
CA TYR C 46 10.76 -4.38 -7.83
C TYR C 46 11.16 -4.61 -9.30
N GLY C 47 10.77 -5.77 -9.86
CA GLY C 47 11.01 -6.09 -11.27
C GLY C 47 10.87 -7.59 -11.54
N PRO C 48 9.63 -8.17 -11.43
CA PRO C 48 9.39 -9.63 -11.60
C PRO C 48 9.51 -10.08 -13.07
N GLU C 49 9.91 -11.34 -13.28
CA GLU C 49 10.04 -11.95 -14.63
C GLU C 49 8.65 -12.13 -15.27
N ALA C 50 8.62 -12.17 -16.61
CA ALA C 50 7.39 -12.27 -17.40
C ALA C 50 7.72 -12.91 -18.78
N SER C 51 7.56 -14.24 -18.84
CA SER C 51 7.86 -15.04 -20.04
C SER C 51 7.27 -16.45 -19.86
N ALA C 52 6.33 -16.85 -20.74
CA ALA C 52 5.66 -18.16 -20.67
C ALA C 52 5.60 -18.79 -22.07
N PHE C 53 6.30 -19.92 -22.25
CA PHE C 53 6.30 -20.70 -23.50
C PHE C 53 5.64 -22.07 -23.28
N THR C 54 5.17 -22.68 -24.38
CA THR C 54 4.51 -24.00 -24.35
C THR C 54 4.65 -24.67 -25.75
N LYS C 55 4.81 -26.01 -25.75
CA LYS C 55 4.92 -26.79 -27.01
C LYS C 55 4.20 -28.14 -26.80
N LYS C 56 3.05 -28.30 -27.48
CA LYS C 56 2.22 -29.51 -27.39
C LYS C 56 1.15 -29.51 -28.49
N MET C 57 1.11 -30.58 -29.30
CA MET C 57 0.00 -30.84 -30.24
C MET C 57 -0.73 -32.12 -29.83
N VAL C 58 -1.98 -32.26 -30.29
CA VAL C 58 -2.84 -33.42 -30.00
C VAL C 58 -3.80 -33.68 -31.17
N GLU C 59 -3.77 -34.90 -31.72
CA GLU C 59 -4.69 -35.36 -32.76
C GLU C 59 -4.74 -36.90 -32.75
N ASN C 60 -5.93 -37.45 -32.94
CA ASN C 60 -6.15 -38.91 -33.04
C ASN C 60 -7.54 -39.19 -33.61
N ALA C 61 -7.63 -40.20 -34.47
CA ALA C 61 -8.88 -40.65 -35.10
C ALA C 61 -8.94 -42.17 -35.11
N LYS C 62 -10.16 -42.69 -35.17
CA LYS C 62 -10.44 -44.13 -35.29
C LYS C 62 -11.17 -44.40 -36.62
N LYS C 63 -11.54 -45.67 -36.84
CA LYS C 63 -12.36 -46.07 -37.99
C LYS C 63 -13.81 -45.63 -37.71
N ILE C 64 -14.17 -44.42 -38.20
CA ILE C 64 -15.53 -43.84 -38.04
C ILE C 64 -16.36 -44.02 -39.32
N GLU C 65 -17.62 -44.46 -39.17
CA GLU C 65 -18.59 -44.51 -40.27
C GLU C 65 -19.44 -43.22 -40.27
N VAL C 66 -19.12 -42.31 -41.20
CA VAL C 66 -19.81 -41.01 -41.30
C VAL C 66 -21.23 -41.19 -41.87
N GLU C 67 -22.21 -40.54 -41.22
CA GLU C 67 -23.60 -40.51 -41.69
C GLU C 67 -23.83 -39.15 -42.36
N PHE C 68 -23.98 -38.11 -41.53
CA PHE C 68 -24.04 -36.69 -41.95
C PHE C 68 -23.37 -35.88 -40.84
N ASP C 69 -22.04 -35.77 -40.92
CA ASP C 69 -21.18 -35.23 -39.83
C ASP C 69 -20.25 -34.13 -40.35
N LYS C 70 -19.92 -33.18 -39.46
CA LYS C 70 -19.09 -31.99 -39.75
C LYS C 70 -18.50 -31.42 -38.44
N GLY C 71 -17.80 -30.27 -38.54
CA GLY C 71 -17.26 -29.56 -37.36
C GLY C 71 -15.73 -29.50 -37.38
N GLN C 72 -15.18 -28.37 -37.88
CA GLN C 72 -13.72 -28.14 -37.96
C GLN C 72 -13.36 -26.81 -37.27
N ARG C 73 -12.76 -26.92 -36.07
CA ARG C 73 -12.24 -25.77 -35.29
C ARG C 73 -11.31 -26.33 -34.20
N THR C 74 -10.03 -25.91 -34.20
CA THR C 74 -9.04 -26.39 -33.21
C THR C 74 -9.27 -25.71 -31.83
N ASP C 75 -9.09 -24.37 -31.78
CA ASP C 75 -9.16 -23.52 -30.56
C ASP C 75 -8.20 -23.99 -29.43
N LYS C 76 -7.85 -23.04 -28.56
CA LYS C 76 -6.97 -23.30 -27.40
C LYS C 76 -7.44 -22.51 -26.18
N TYR C 77 -6.90 -22.91 -25.01
CA TYR C 77 -7.02 -22.21 -23.72
C TYR C 77 -8.50 -22.06 -23.24
N GLY C 78 -8.68 -21.36 -22.11
CA GLY C 78 -9.99 -21.13 -21.51
C GLY C 78 -9.91 -20.12 -20.38
N ARG C 79 -10.39 -20.53 -19.17
CA ARG C 79 -10.42 -19.69 -17.95
C ARG C 79 -11.24 -18.37 -18.12
N GLY C 80 -12.09 -18.34 -19.16
CA GLY C 80 -13.01 -17.23 -19.44
C GLY C 80 -14.34 -17.78 -19.95
N LEU C 81 -14.80 -17.28 -21.12
CA LEU C 81 -16.05 -17.76 -21.76
C LEU C 81 -15.87 -19.17 -22.27
N ALA C 82 -14.81 -19.36 -23.07
CA ALA C 82 -14.51 -20.56 -23.91
C ALA C 82 -13.88 -20.02 -25.21
N TYR C 83 -13.09 -20.87 -25.92
CA TYR C 83 -12.43 -20.55 -27.24
C TYR C 83 -11.94 -19.06 -27.31
N ILE C 84 -10.75 -18.82 -26.73
CA ILE C 84 -10.25 -17.47 -26.32
C ILE C 84 -10.14 -16.44 -27.47
N TYR C 85 -10.27 -15.14 -27.10
CA TYR C 85 -10.29 -14.01 -28.07
C TYR C 85 -10.33 -12.63 -27.33
N ALA C 86 -10.66 -12.61 -26.02
CA ALA C 86 -10.80 -11.36 -25.23
C ALA C 86 -9.44 -10.68 -24.96
N ASP C 87 -9.15 -9.57 -25.69
CA ASP C 87 -7.95 -8.73 -25.44
C ASP C 87 -8.35 -7.31 -24.99
N GLY C 88 -8.87 -6.48 -25.92
CA GLY C 88 -9.22 -5.08 -25.62
C GLY C 88 -9.42 -4.27 -26.91
N LYS C 89 -10.40 -3.32 -26.93
CA LYS C 89 -10.70 -2.46 -28.11
C LYS C 89 -11.34 -1.12 -27.63
N MET C 90 -12.69 -1.12 -27.44
CA MET C 90 -13.47 0.08 -27.04
C MET C 90 -13.46 0.25 -25.49
N VAL C 91 -12.28 0.11 -24.89
CA VAL C 91 -12.08 0.26 -23.43
C VAL C 91 -12.06 1.77 -23.08
N ASN C 92 -11.57 2.58 -24.04
CA ASN C 92 -11.51 4.05 -23.92
C ASN C 92 -11.47 4.66 -25.35
N GLU C 93 -10.26 4.68 -25.97
CA GLU C 93 -10.01 5.37 -27.24
C GLU C 93 -10.43 4.49 -28.43
N ALA C 94 -11.72 4.61 -28.78
CA ALA C 94 -12.42 3.86 -29.87
C ALA C 94 -13.93 4.06 -29.71
N LEU C 95 -14.34 4.05 -28.42
CA LEU C 95 -15.74 4.03 -27.99
C LEU C 95 -16.45 5.35 -28.39
N VAL C 96 -15.80 6.49 -28.04
CA VAL C 96 -16.37 7.84 -28.19
C VAL C 96 -16.68 8.20 -29.67
N ARG C 97 -17.98 8.26 -30.02
CA ARG C 97 -18.44 8.59 -31.39
C ARG C 97 -19.81 9.32 -31.36
N GLN C 98 -20.41 9.50 -32.53
CA GLN C 98 -21.70 10.19 -32.69
C GLN C 98 -22.50 9.48 -33.82
N GLY C 99 -23.81 9.72 -33.87
CA GLY C 99 -24.69 9.18 -34.89
C GLY C 99 -26.07 9.82 -34.85
N LEU C 100 -26.98 9.30 -33.98
CA LEU C 100 -28.37 9.81 -33.90
C LEU C 100 -28.84 9.81 -32.41
N ALA C 101 -29.38 8.65 -31.94
CA ALA C 101 -29.97 8.51 -30.59
C ALA C 101 -30.24 7.02 -30.28
N LYS C 102 -30.97 6.77 -29.16
CA LYS C 102 -31.28 5.41 -28.64
C LYS C 102 -32.31 5.53 -27.49
N VAL C 103 -33.00 4.42 -27.15
CA VAL C 103 -33.94 4.36 -26.00
C VAL C 103 -33.84 2.97 -25.30
N ALA C 104 -34.16 2.92 -23.99
CA ALA C 104 -34.17 1.66 -23.20
C ALA C 104 -35.34 1.66 -22.20
N TYR C 105 -35.71 0.47 -21.69
CA TYR C 105 -36.77 0.33 -20.67
C TYR C 105 -36.22 -0.38 -19.41
N VAL C 106 -35.72 0.41 -18.45
CA VAL C 106 -35.30 -0.09 -17.14
C VAL C 106 -36.54 -0.30 -16.24
N TYR C 107 -36.57 -1.42 -15.53
CA TYR C 107 -37.72 -1.80 -14.71
C TYR C 107 -37.57 -1.33 -13.25
N LYS C 108 -36.80 -2.09 -12.45
CA LYS C 108 -36.79 -1.95 -10.96
C LYS C 108 -35.36 -1.97 -10.39
N PRO C 109 -35.11 -1.22 -9.26
CA PRO C 109 -33.85 -1.33 -8.49
C PRO C 109 -33.87 -2.55 -7.53
N ASN C 110 -32.77 -3.34 -7.58
CA ASN C 110 -32.60 -4.56 -6.78
C ASN C 110 -31.14 -5.02 -6.89
N ASN C 111 -30.39 -4.90 -5.77
CA ASN C 111 -28.96 -5.28 -5.66
C ASN C 111 -28.08 -4.27 -6.43
N THR C 112 -27.60 -3.25 -5.71
CA THR C 112 -26.71 -2.21 -6.23
C THR C 112 -25.33 -2.80 -6.59
N HIS C 113 -24.83 -2.48 -7.80
CA HIS C 113 -23.49 -2.93 -8.27
C HIS C 113 -22.64 -1.71 -8.64
N GLU C 114 -21.37 -1.73 -8.21
CA GLU C 114 -20.39 -0.65 -8.49
C GLU C 114 -18.94 -1.20 -8.47
N GLN C 115 -17.92 -0.27 -8.47
CA GLN C 115 -16.47 -0.57 -8.67
C GLN C 115 -16.20 -0.89 -10.15
N HIS C 116 -14.97 -0.59 -10.62
CA HIS C 116 -14.58 -0.77 -12.04
C HIS C 116 -13.15 -1.41 -12.10
N LEU C 117 -12.34 -1.06 -13.14
CA LEU C 117 -10.93 -1.49 -13.33
C LEU C 117 -10.86 -2.87 -14.00
N ARG C 118 -10.73 -2.83 -15.33
CA ARG C 118 -10.57 -4.01 -16.22
C ARG C 118 -9.84 -3.51 -17.49
N LYS C 119 -8.88 -2.57 -17.25
CA LYS C 119 -8.21 -1.80 -18.31
C LYS C 119 -7.38 -2.67 -19.27
N SER C 120 -7.48 -2.37 -20.58
CA SER C 120 -6.71 -3.03 -21.65
C SER C 120 -6.83 -2.21 -22.96
N GLU C 121 -6.19 -2.71 -24.03
CA GLU C 121 -6.27 -2.13 -25.39
C GLU C 121 -5.64 -3.11 -26.39
N ALA C 122 -6.17 -3.11 -27.63
CA ALA C 122 -5.70 -3.95 -28.76
C ALA C 122 -6.57 -3.68 -30.00
N GLN C 123 -6.46 -4.54 -31.01
CA GLN C 123 -7.27 -4.49 -32.24
C GLN C 123 -7.64 -5.95 -32.59
N ALA C 124 -8.92 -6.18 -32.89
CA ALA C 124 -9.43 -7.51 -33.24
C ALA C 124 -10.72 -7.37 -34.05
N LYS C 125 -10.92 -8.27 -35.02
CA LYS C 125 -12.04 -8.19 -35.97
C LYS C 125 -12.48 -9.62 -36.35
N LYS C 126 -13.77 -9.77 -36.70
CA LYS C 126 -14.35 -11.06 -37.10
C LYS C 126 -15.31 -10.80 -38.28
N GLU C 127 -15.20 -11.63 -39.32
CA GLU C 127 -16.00 -11.50 -40.55
C GLU C 127 -17.45 -12.00 -40.33
N LYS C 128 -18.42 -11.13 -40.62
CA LYS C 128 -19.86 -11.40 -40.45
C LYS C 128 -20.57 -11.32 -41.81
N LEU C 129 -20.09 -12.15 -42.77
CA LEU C 129 -20.58 -12.14 -44.15
C LEU C 129 -20.29 -13.50 -44.83
N ASN C 130 -21.13 -13.85 -45.82
CA ASN C 130 -21.08 -15.12 -46.59
C ASN C 130 -21.38 -16.33 -45.68
N ILE C 131 -22.67 -16.71 -45.61
CA ILE C 131 -23.14 -17.89 -44.88
C ILE C 131 -24.47 -18.36 -45.50
N TRP C 132 -24.56 -19.65 -45.81
CA TRP C 132 -25.73 -20.28 -46.42
C TRP C 132 -26.38 -21.22 -45.38
N MET A 1 6.76 22.49 35.77
CA MET A 1 5.33 22.58 35.40
C MET A 1 5.20 23.54 34.22
N LYS A 2 5.66 24.77 34.43
CA LYS A 2 5.68 25.83 33.41
C LYS A 2 7.07 25.92 32.78
N GLY A 3 7.12 26.60 31.64
CA GLY A 3 8.33 26.70 30.84
C GLY A 3 7.97 26.98 29.41
N GLN A 4 8.84 26.52 28.47
CA GLN A 4 8.60 26.62 27.03
C GLN A 4 8.43 28.10 26.63
N GLU A 5 9.56 28.81 26.42
CA GLU A 5 9.54 30.24 26.06
C GLU A 5 10.24 30.50 24.71
N THR A 6 10.79 29.42 24.10
CA THR A 6 11.57 29.51 22.85
C THR A 6 11.10 28.42 21.86
N ARG A 7 10.55 28.86 20.71
CA ARG A 7 10.06 27.97 19.64
C ARG A 7 11.00 28.06 18.41
N GLY A 8 11.78 27.00 18.18
CA GLY A 8 12.69 26.93 17.04
C GLY A 8 11.99 26.66 15.72
N PHE A 9 12.62 27.11 14.61
CA PHE A 9 12.13 26.93 13.24
C PHE A 9 13.32 26.62 12.31
N GLN A 10 13.02 26.03 11.13
CA GLN A 10 14.02 25.78 10.09
C GLN A 10 13.30 25.56 8.74
N SER A 11 13.58 26.44 7.78
CA SER A 11 13.02 26.37 6.42
C SER A 11 14.13 26.03 5.42
N GLU A 12 14.97 25.01 5.81
CA GLU A 12 16.20 24.58 5.08
C GLU A 12 17.28 25.70 5.06
N VAL A 13 18.50 25.34 5.49
CA VAL A 13 19.66 26.27 5.50
C VAL A 13 20.48 26.16 4.20
N LYS A 14 20.34 24.99 3.50
CA LYS A 14 21.12 24.63 2.28
C LYS A 14 22.62 24.42 2.59
N GLN A 15 23.39 23.96 1.58
CA GLN A 15 24.83 23.65 1.74
C GLN A 15 25.68 24.89 1.41
N LEU A 16 25.99 25.08 0.10
CA LEU A 16 27.04 26.01 -0.37
C LEU A 16 26.71 27.49 -0.02
N LEU A 17 25.42 27.83 -0.08
CA LEU A 17 24.92 29.17 0.30
C LEU A 17 25.25 29.44 1.79
N HIS A 18 24.93 28.45 2.65
CA HIS A 18 25.09 28.57 4.12
C HIS A 18 26.58 28.53 4.49
N LEU A 19 27.36 27.88 3.61
CA LEU A 19 28.79 27.67 3.80
C LEU A 19 29.54 29.01 3.63
N MET A 20 29.33 29.64 2.46
CA MET A 20 30.07 30.86 2.03
C MET A 20 29.96 32.02 3.03
N ILE A 21 28.79 32.14 3.68
CA ILE A 21 28.51 33.24 4.64
C ILE A 21 29.44 33.14 5.87
N HIS A 22 29.71 31.90 6.31
CA HIS A 22 30.55 31.61 7.49
C HIS A 22 32.03 31.39 7.08
N SER A 23 32.25 31.07 5.78
CA SER A 23 33.60 30.92 5.19
C SER A 23 34.30 32.29 5.13
N LEU A 24 33.49 33.31 4.84
CA LEU A 24 33.91 34.71 4.84
C LEU A 24 34.03 35.22 6.30
N TYR A 25 32.85 35.24 6.99
CA TYR A 25 32.69 35.66 8.41
C TYR A 25 33.09 37.16 8.64
N SER A 26 33.40 37.89 7.54
CA SER A 26 33.94 39.27 7.59
C SER A 26 35.31 39.29 8.33
N ASN A 27 36.06 38.17 8.24
CA ASN A 27 37.28 37.94 9.04
C ASN A 27 38.53 37.88 8.13
N LYS A 28 38.37 37.24 6.94
CA LYS A 28 39.43 37.05 5.89
C LYS A 28 40.50 36.01 6.34
N GLU A 29 41.26 36.33 7.42
CA GLU A 29 42.40 35.52 7.96
C GLU A 29 41.99 34.07 8.36
N ILE A 30 40.68 33.82 8.44
CA ILE A 30 40.07 32.48 8.63
C ILE A 30 40.47 31.49 7.49
N PHE A 31 40.93 32.04 6.34
CA PHE A 31 41.37 31.24 5.18
C PHE A 31 42.57 30.35 5.56
N LEU A 32 43.47 30.89 6.42
CA LEU A 32 44.73 30.22 6.81
C LEU A 32 44.43 28.98 7.67
N ARG A 33 43.34 29.04 8.47
CA ARG A 33 42.88 27.91 9.31
C ARG A 33 42.61 26.68 8.43
N GLU A 34 41.68 26.89 7.49
CA GLU A 34 41.14 25.81 6.64
C GLU A 34 42.18 25.36 5.61
N LEU A 35 43.06 26.30 5.21
CA LEU A 35 44.15 26.05 4.24
C LEU A 35 45.14 25.01 4.80
N ILE A 36 45.63 25.26 6.04
CA ILE A 36 46.55 24.33 6.71
C ILE A 36 45.79 23.05 7.15
N SER A 37 44.51 23.20 7.54
CA SER A 37 43.64 22.04 7.92
C SER A 37 43.39 21.11 6.70
N ASN A 38 43.47 21.67 5.48
CA ASN A 38 43.43 20.89 4.22
C ASN A 38 44.72 20.08 4.06
N ALA A 39 45.86 20.69 4.48
CA ALA A 39 47.21 20.07 4.40
C ALA A 39 47.43 19.08 5.55
N SER A 40 46.68 19.29 6.65
CA SER A 40 46.72 18.44 7.85
C SER A 40 45.88 17.19 7.60
N ASP A 41 44.73 17.37 6.91
CA ASP A 41 43.83 16.26 6.53
C ASP A 41 44.45 15.44 5.38
N ALA A 42 45.31 16.11 4.59
CA ALA A 42 46.14 15.48 3.55
C ALA A 42 47.29 14.67 4.19
N ALA A 43 47.87 15.21 5.28
CA ALA A 43 48.94 14.54 6.07
C ALA A 43 48.38 13.31 6.81
N ASP A 44 47.10 13.42 7.21
CA ASP A 44 46.32 12.30 7.78
C ASP A 44 46.28 11.16 6.75
N LYS A 45 45.72 11.45 5.56
CA LYS A 45 45.57 10.44 4.48
C LYS A 45 46.95 9.92 3.98
N LEU A 46 48.01 10.73 4.14
CA LEU A 46 49.39 10.30 3.82
C LEU A 46 49.83 9.19 4.77
N ARG A 47 49.59 9.40 6.07
CA ARG A 47 49.94 8.43 7.13
C ARG A 47 49.26 7.08 6.89
N PHE A 48 47.95 7.11 6.58
CA PHE A 48 47.14 5.90 6.32
C PHE A 48 47.68 5.10 5.11
N ARG A 49 47.96 5.80 4.00
CA ARG A 49 48.55 5.16 2.79
C ARG A 49 49.94 4.59 3.11
N ALA A 50 50.71 5.34 3.91
CA ALA A 50 52.06 4.98 4.34
C ALA A 50 52.07 3.83 5.38
N LEU A 51 50.88 3.51 5.94
CA LEU A 51 50.70 2.29 6.76
C LEU A 51 50.60 1.07 5.86
N SER A 52 49.94 1.23 4.70
CA SER A 52 49.73 0.12 3.76
C SER A 52 50.93 -0.04 2.81
N ASN A 53 51.72 1.04 2.70
CA ASN A 53 52.89 1.14 1.81
C ASN A 53 53.85 2.20 2.41
N PRO A 54 54.81 1.81 3.30
CA PRO A 54 55.75 2.78 3.95
C PRO A 54 56.69 3.50 2.95
N ASP A 55 56.74 2.96 1.72
CA ASP A 55 57.50 3.53 0.59
C ASP A 55 56.93 4.90 0.15
N LEU A 56 55.67 5.18 0.53
CA LEU A 56 54.97 6.43 0.20
C LEU A 56 55.45 7.61 1.09
N TYR A 57 56.33 7.32 2.07
CA TYR A 57 57.11 8.37 2.78
C TYR A 57 58.17 8.96 1.84
N GLU A 58 58.69 8.12 0.90
CA GLU A 58 59.63 8.52 -0.17
C GLU A 58 60.88 9.24 0.37
N GLY A 59 61.35 8.81 1.55
CA GLY A 59 62.47 9.45 2.25
C GLY A 59 62.00 10.36 3.39
N ASP A 60 60.89 11.09 3.15
CA ASP A 60 60.31 12.02 4.15
C ASP A 60 59.70 11.26 5.34
N GLY A 61 60.47 11.14 6.42
CA GLY A 61 59.95 10.64 7.70
C GLY A 61 59.40 11.79 8.53
N GLU A 62 59.99 12.99 8.33
CA GLU A 62 59.54 14.24 8.93
C GLU A 62 58.44 14.85 8.03
N LEU A 63 57.17 14.66 8.42
CA LEU A 63 56.02 15.24 7.71
C LEU A 63 55.70 16.61 8.32
N ARG A 64 55.87 17.68 7.53
CA ARG A 64 55.62 19.07 7.96
C ARG A 64 54.99 19.89 6.81
N VAL A 65 54.32 20.98 7.20
CA VAL A 65 53.77 21.98 6.27
C VAL A 65 54.51 23.31 6.50
N ARG A 66 55.02 23.89 5.41
CA ARG A 66 55.91 25.06 5.46
C ARG A 66 55.27 26.25 4.73
N VAL A 67 54.81 27.22 5.53
CA VAL A 67 54.24 28.47 5.03
C VAL A 67 55.39 29.43 4.69
N SER A 68 55.60 29.63 3.39
CA SER A 68 56.53 30.63 2.88
C SER A 68 55.74 31.71 2.14
N PHE A 69 56.43 32.78 1.78
CA PHE A 69 55.82 33.96 1.13
C PHE A 69 56.93 34.86 0.61
N ASP A 70 56.76 35.43 -0.58
CA ASP A 70 57.62 36.53 -1.05
C ASP A 70 56.80 37.81 -0.96
N LYS A 71 57.33 38.76 -0.17
CA LYS A 71 56.63 40.00 0.18
C LYS A 71 56.78 41.05 -0.95
N ASP A 72 57.81 40.89 -1.82
CA ASP A 72 58.04 41.76 -3.00
C ASP A 72 57.15 41.30 -4.18
N LYS A 73 57.20 39.97 -4.46
CA LYS A 73 56.38 39.33 -5.52
C LYS A 73 54.89 39.33 -5.14
N ARG A 74 54.65 39.43 -3.81
CA ARG A 74 53.32 39.50 -3.20
C ARG A 74 52.52 38.21 -3.44
N THR A 75 53.24 37.08 -3.28
CA THR A 75 52.71 35.72 -3.35
C THR A 75 52.94 34.99 -2.01
N LEU A 76 51.85 34.45 -1.44
CA LEU A 76 51.89 33.64 -0.20
C LEU A 76 51.84 32.15 -0.59
N THR A 77 52.95 31.44 -0.35
CA THR A 77 53.19 30.06 -0.86
C THR A 77 53.25 29.03 0.29
N ILE A 78 52.16 28.26 0.49
CA ILE A 78 52.09 27.23 1.56
C ILE A 78 52.39 25.86 0.92
N SER A 79 53.58 25.32 1.22
CA SER A 79 54.10 24.08 0.63
C SER A 79 54.25 22.99 1.71
N ASP A 80 53.30 22.04 1.72
CA ASP A 80 53.36 20.82 2.57
C ASP A 80 54.07 19.68 1.82
N ASN A 81 54.61 18.70 2.56
CA ASN A 81 55.08 17.40 1.99
C ASN A 81 54.02 16.31 2.29
N GLY A 82 52.74 16.72 2.36
CA GLY A 82 51.61 15.83 2.63
C GLY A 82 51.36 14.82 1.50
N VAL A 83 50.18 14.16 1.50
CA VAL A 83 49.88 13.06 0.55
C VAL A 83 50.05 13.50 -0.92
N GLY A 84 49.72 14.77 -1.18
CA GLY A 84 49.69 15.31 -2.52
C GLY A 84 48.53 14.77 -3.34
N MET A 85 48.45 15.18 -4.60
CA MET A 85 47.35 14.80 -5.51
C MET A 85 47.88 14.59 -6.93
N THR A 86 47.38 13.55 -7.61
CA THR A 86 47.58 13.38 -9.05
C THR A 86 46.43 14.05 -9.83
N ARG A 87 46.48 13.94 -11.17
CA ARG A 87 45.49 14.53 -12.12
C ARG A 87 44.04 14.33 -11.64
N ASP A 88 43.72 13.07 -11.37
CA ASP A 88 42.37 12.62 -11.01
C ASP A 88 42.00 13.13 -9.61
N GLU A 89 42.97 13.10 -8.68
CA GLU A 89 42.75 13.50 -7.28
C GLU A 89 42.55 15.03 -7.15
N VAL A 90 43.00 15.78 -8.16
CA VAL A 90 42.75 17.24 -8.26
C VAL A 90 41.38 17.54 -8.89
N ILE A 91 41.03 16.83 -9.97
CA ILE A 91 39.78 17.11 -10.74
C ILE A 91 38.54 16.66 -9.95
N ASP A 92 38.63 15.49 -9.32
CA ASP A 92 37.57 14.93 -8.43
C ASP A 92 37.57 15.59 -7.04
N HIS A 93 38.39 16.65 -6.86
CA HIS A 93 38.46 17.44 -5.62
C HIS A 93 38.33 18.95 -5.96
N LEU A 94 39.45 19.60 -6.37
CA LEU A 94 39.48 21.07 -6.67
C LEU A 94 38.54 21.42 -7.84
N GLY A 95 38.58 20.59 -8.90
CA GLY A 95 37.70 20.76 -10.07
C GLY A 95 36.22 20.67 -9.69
N THR A 96 35.89 19.73 -8.79
CA THR A 96 34.51 19.52 -8.30
C THR A 96 34.10 20.57 -7.25
N ILE A 97 35.07 21.38 -6.73
CA ILE A 97 34.74 22.53 -5.85
C ILE A 97 34.27 23.69 -6.74
N ALA A 98 35.04 23.91 -7.84
CA ALA A 98 34.80 25.00 -8.79
C ALA A 98 33.71 24.59 -9.83
N LYS A 99 34.13 24.11 -11.01
CA LYS A 99 33.19 23.72 -12.09
C LYS A 99 33.34 22.23 -12.45
N SER A 100 32.26 21.45 -12.29
CA SER A 100 32.21 20.03 -12.68
C SER A 100 30.76 19.63 -13.00
N GLY A 101 29.90 19.70 -11.98
CA GLY A 101 28.48 19.33 -12.09
C GLY A 101 28.08 18.39 -10.97
N THR A 102 28.40 18.78 -9.71
CA THR A 102 28.13 17.95 -8.52
C THR A 102 26.63 17.92 -8.17
N LYS A 103 25.92 18.96 -8.67
CA LYS A 103 24.46 19.14 -8.53
C LYS A 103 24.04 19.28 -7.04
N SER A 104 23.90 18.13 -6.35
CA SER A 104 23.51 18.05 -4.94
C SER A 104 24.00 16.70 -4.38
N PHE A 105 23.69 15.63 -5.13
CA PHE A 105 24.09 14.26 -4.78
C PHE A 105 24.86 13.65 -5.97
N LEU A 106 24.28 13.82 -7.17
CA LEU A 106 24.88 13.47 -8.49
C LEU A 106 23.76 13.55 -9.54
N GLU A 107 24.08 14.17 -10.68
CA GLU A 107 23.12 14.44 -11.77
C GLU A 107 22.96 13.22 -12.74
N SER A 108 23.89 12.24 -12.63
CA SER A 108 23.92 11.03 -13.49
C SER A 108 23.24 9.82 -12.81
N LEU A 109 23.96 9.18 -11.86
CA LEU A 109 23.51 7.94 -11.18
C LEU A 109 22.80 8.27 -9.86
N GLY A 110 23.18 9.39 -9.24
CA GLY A 110 22.64 9.79 -7.93
C GLY A 110 23.27 9.01 -6.78
N SER A 111 24.62 8.87 -6.78
CA SER A 111 25.38 8.10 -5.76
C SER A 111 26.88 8.48 -5.80
N ASP A 112 27.48 8.34 -6.98
CA ASP A 112 28.96 8.35 -7.16
C ASP A 112 29.63 9.66 -6.69
N GLN A 113 29.04 10.81 -7.09
CA GLN A 113 29.61 12.15 -6.81
C GLN A 113 28.96 12.78 -5.55
N ALA A 114 28.46 11.92 -4.62
CA ALA A 114 27.79 12.36 -3.37
C ALA A 114 28.76 12.99 -2.36
N LYS A 115 29.98 12.44 -2.31
CA LYS A 115 30.98 12.78 -1.27
C LYS A 115 31.92 13.90 -1.73
N ASP A 116 31.35 14.82 -2.52
CA ASP A 116 31.98 16.07 -2.91
C ASP A 116 31.38 17.20 -2.08
N SER A 117 30.22 16.93 -1.47
CA SER A 117 29.60 17.82 -0.46
C SER A 117 30.53 17.97 0.78
N GLN A 118 31.22 16.87 1.11
CA GLN A 118 32.19 16.81 2.23
C GLN A 118 33.54 17.45 1.84
N LEU A 119 33.86 17.39 0.54
CA LEU A 119 35.03 18.10 -0.02
C LEU A 119 34.77 19.61 0.03
N ILE A 120 33.53 20.03 -0.25
CA ILE A 120 33.12 21.44 -0.14
C ILE A 120 33.07 21.85 1.35
N GLY A 121 32.63 20.92 2.22
CA GLY A 121 32.50 21.15 3.67
C GLY A 121 33.79 21.49 4.41
N GLN A 122 34.93 20.96 3.91
CA GLN A 122 36.28 21.22 4.48
C GLN A 122 37.11 22.09 3.52
N PHE A 123 37.34 21.55 2.32
CA PHE A 123 38.28 22.10 1.34
C PHE A 123 37.67 23.29 0.57
N GLY A 124 36.32 23.27 0.43
CA GLY A 124 35.58 24.31 -0.29
C GLY A 124 35.44 25.59 0.53
N VAL A 125 35.43 25.46 1.87
CA VAL A 125 35.46 26.60 2.80
C VAL A 125 36.77 27.39 2.59
N GLY A 126 37.89 26.64 2.66
CA GLY A 126 39.23 27.18 2.47
C GLY A 126 39.47 27.72 1.07
N PHE A 127 38.82 27.09 0.08
CA PHE A 127 38.86 27.51 -1.33
C PHE A 127 38.29 28.93 -1.49
N TYR A 128 37.05 29.10 -1.01
CA TYR A 128 36.30 30.37 -1.14
C TYR A 128 37.05 31.54 -0.46
N SER A 129 37.40 31.33 0.82
CA SER A 129 38.05 32.35 1.67
C SER A 129 39.46 32.71 1.14
N ALA A 130 40.16 31.70 0.55
CA ALA A 130 41.48 31.90 -0.09
C ALA A 130 41.37 32.89 -1.26
N PHE A 131 40.38 32.69 -2.14
CA PHE A 131 40.16 33.55 -3.32
C PHE A 131 39.50 34.91 -2.95
N ILE A 132 39.14 35.11 -1.66
CA ILE A 132 38.72 36.45 -1.18
C ILE A 132 39.96 37.36 -1.07
N VAL A 133 41.03 36.83 -0.43
CA VAL A 133 42.29 37.58 -0.18
C VAL A 133 43.29 37.42 -1.34
N ALA A 134 43.16 36.34 -2.12
CA ALA A 134 44.03 36.07 -3.27
C ALA A 134 43.30 36.41 -4.57
N ASP A 135 44.03 37.01 -5.51
CA ASP A 135 43.51 37.34 -6.85
C ASP A 135 43.44 36.04 -7.67
N LYS A 136 44.56 35.31 -7.64
CA LYS A 136 44.74 34.04 -8.37
C LYS A 136 45.53 33.06 -7.46
N VAL A 137 45.20 31.75 -7.53
CA VAL A 137 45.90 30.70 -6.76
C VAL A 137 46.46 29.63 -7.74
N THR A 138 47.80 29.48 -7.75
CA THR A 138 48.52 28.44 -8.49
C THR A 138 48.85 27.26 -7.55
N VAL A 139 48.22 26.10 -7.78
CA VAL A 139 48.50 24.85 -7.04
C VAL A 139 49.48 23.99 -7.85
N ARG A 140 50.53 23.48 -7.18
CA ARG A 140 51.55 22.61 -7.79
C ARG A 140 51.81 21.44 -6.83
N THR A 141 51.10 20.32 -7.06
CA THR A 141 51.09 19.15 -6.17
C THR A 141 51.72 17.91 -6.85
N ARG A 142 51.92 16.84 -6.07
CA ARG A 142 52.42 15.52 -6.54
C ARG A 142 52.11 14.49 -5.45
N ALA A 143 51.43 13.38 -5.81
CA ALA A 143 50.94 12.38 -4.84
C ALA A 143 52.00 11.36 -4.38
N ALA A 144 51.65 10.65 -3.28
CA ALA A 144 52.51 9.68 -2.59
C ALA A 144 52.88 8.46 -3.44
N GLY A 145 54.17 8.35 -3.81
CA GLY A 145 54.71 7.21 -4.57
C GLY A 145 54.43 7.29 -6.06
N GLU A 146 53.59 8.25 -6.45
CA GLU A 146 53.11 8.43 -7.81
C GLU A 146 54.19 9.11 -8.68
N LYS A 147 54.13 8.84 -9.99
CA LYS A 147 55.10 9.32 -10.99
C LYS A 147 55.22 10.86 -10.93
N PRO A 148 56.47 11.45 -10.80
CA PRO A 148 56.67 12.92 -10.68
C PRO A 148 56.02 13.72 -11.83
N GLU A 149 55.99 13.12 -13.04
CA GLU A 149 55.32 13.70 -14.24
C GLU A 149 53.80 13.84 -14.04
N ASN A 150 53.22 12.95 -13.21
CA ASN A 150 51.79 12.99 -12.83
C ASN A 150 51.55 13.88 -11.60
N GLY A 151 52.48 14.82 -11.34
CA GLY A 151 52.20 15.99 -10.52
C GLY A 151 51.28 16.94 -11.29
N VAL A 152 50.69 17.93 -10.61
CA VAL A 152 49.63 18.77 -11.22
C VAL A 152 49.91 20.26 -11.04
N PHE A 153 49.85 20.97 -12.16
CA PHE A 153 49.64 22.42 -12.21
C PHE A 153 48.12 22.63 -12.30
N TRP A 154 47.59 23.40 -11.35
CA TRP A 154 46.18 23.77 -11.29
C TRP A 154 46.13 25.27 -11.04
N GLU A 155 45.13 25.95 -11.63
CA GLU A 155 45.05 27.41 -11.58
C GLU A 155 43.65 27.91 -11.99
N SER A 156 43.15 28.93 -11.28
CA SER A 156 41.90 29.62 -11.64
C SER A 156 41.84 31.03 -10.99
N ALA A 157 40.82 31.81 -11.37
CA ALA A 157 40.50 33.11 -10.75
C ALA A 157 39.42 32.95 -9.65
N GLY A 158 39.07 31.68 -9.32
CA GLY A 158 38.06 31.37 -8.30
C GLY A 158 36.62 31.41 -8.80
N GLU A 159 36.47 31.68 -10.10
CA GLU A 159 35.17 31.74 -10.80
C GLU A 159 34.70 30.28 -11.14
N GLY A 160 33.66 30.14 -12.00
CA GLY A 160 33.25 28.84 -12.56
C GLY A 160 34.24 28.31 -13.60
N GLU A 161 35.49 28.11 -13.17
CA GLU A 161 36.62 27.77 -14.04
C GLU A 161 37.66 26.95 -13.26
N TYR A 162 38.48 26.19 -14.00
CA TYR A 162 39.65 25.49 -13.46
C TYR A 162 40.57 25.04 -14.62
N THR A 163 41.87 25.27 -14.47
CA THR A 163 42.89 24.80 -15.41
C THR A 163 43.67 23.69 -14.72
N VAL A 164 43.84 22.55 -15.40
CA VAL A 164 44.58 21.40 -14.88
C VAL A 164 45.54 20.88 -15.97
N ALA A 165 46.78 20.57 -15.56
CA ALA A 165 47.85 20.09 -16.44
C ALA A 165 48.84 19.23 -15.63
N ASP A 166 49.29 18.13 -16.20
CA ASP A 166 50.32 17.26 -15.58
C ASP A 166 51.71 17.89 -15.76
N ILE A 167 52.43 18.11 -14.64
CA ILE A 167 53.80 18.65 -14.61
C ILE A 167 54.71 17.72 -13.79
N THR A 168 56.02 17.91 -13.94
CA THR A 168 57.04 17.10 -13.23
C THR A 168 57.50 17.82 -11.95
N LYS A 169 57.02 17.33 -10.78
CA LYS A 169 57.51 17.76 -9.46
C LYS A 169 58.19 16.57 -8.78
N GLU A 170 59.52 16.66 -8.60
CA GLU A 170 60.38 15.55 -8.08
C GLU A 170 59.94 15.09 -6.67
N ASP A 171 59.66 16.08 -5.80
CA ASP A 171 59.25 15.86 -4.40
C ASP A 171 57.71 15.68 -4.30
N ARG A 172 57.25 15.19 -3.13
CA ARG A 172 55.82 14.98 -2.84
C ARG A 172 55.23 16.23 -2.13
N GLY A 173 53.88 16.32 -2.13
CA GLY A 173 53.17 17.33 -1.37
C GLY A 173 52.53 18.35 -2.27
N THR A 174 52.03 19.44 -1.66
CA THR A 174 51.26 20.46 -2.39
C THR A 174 51.86 21.84 -2.12
N GLU A 175 52.13 22.58 -3.20
CA GLU A 175 52.66 23.95 -3.15
C GLU A 175 51.59 24.91 -3.67
N ILE A 176 50.95 25.64 -2.74
CA ILE A 176 49.83 26.53 -3.06
C ILE A 176 50.31 27.99 -2.99
N THR A 177 50.55 28.57 -4.17
CA THR A 177 51.05 29.94 -4.32
C THR A 177 49.85 30.87 -4.60
N LEU A 178 49.39 31.53 -3.53
CA LEU A 178 48.29 32.49 -3.60
C LEU A 178 48.88 33.86 -3.95
N HIS A 179 48.71 34.32 -5.22
CA HIS A 179 49.06 35.70 -5.57
C HIS A 179 48.01 36.62 -4.95
N LEU A 180 48.35 37.19 -3.79
CA LEU A 180 47.45 38.06 -3.01
C LEU A 180 47.19 39.38 -3.76
N ARG A 181 45.99 39.94 -3.55
CA ARG A 181 45.58 41.20 -4.20
C ARG A 181 46.29 42.39 -3.53
N GLU A 182 46.30 43.56 -4.20
CA GLU A 182 46.78 44.80 -3.57
C GLU A 182 45.86 45.17 -2.40
N GLY A 183 46.49 45.48 -1.26
CA GLY A 183 45.78 45.67 0.01
C GLY A 183 45.88 44.41 0.88
N GLU A 184 45.78 43.23 0.23
CA GLU A 184 45.78 41.91 0.91
C GLU A 184 47.21 41.42 1.21
N ASP A 185 48.16 42.37 1.20
CA ASP A 185 49.59 42.11 1.41
C ASP A 185 49.93 42.07 2.92
N GLU A 186 48.89 42.27 3.75
CA GLU A 186 48.95 42.10 5.21
C GLU A 186 49.36 40.66 5.60
N PHE A 187 48.93 39.69 4.77
CA PHE A 187 49.18 38.25 4.98
C PHE A 187 50.56 37.84 4.39
N LEU A 188 51.39 38.85 4.06
CA LEU A 188 52.82 38.68 3.68
C LEU A 188 53.74 39.25 4.77
N ASP A 189 53.15 39.94 5.76
CA ASP A 189 53.93 40.54 6.85
C ASP A 189 54.19 39.45 7.91
N ASP A 190 55.47 39.15 8.15
CA ASP A 190 55.91 37.89 8.79
C ASP A 190 55.35 37.69 10.22
N TRP A 191 55.28 38.78 11.00
CA TRP A 191 54.76 38.74 12.39
C TRP A 191 53.25 38.42 12.37
N ARG A 192 52.55 39.02 11.37
CA ARG A 192 51.09 38.90 11.20
C ARG A 192 50.75 37.42 10.88
N VAL A 193 51.55 36.86 9.95
CA VAL A 193 51.44 35.45 9.52
C VAL A 193 51.67 34.53 10.73
N ARG A 194 52.81 34.71 11.44
CA ARG A 194 53.21 33.86 12.60
C ARG A 194 52.16 33.89 13.73
N SER A 195 51.45 35.02 13.90
CA SER A 195 50.36 35.14 14.90
C SER A 195 49.19 34.23 14.51
N ILE A 196 48.79 34.31 13.23
CA ILE A 196 47.69 33.50 12.68
C ILE A 196 48.13 32.02 12.53
N ILE A 197 49.46 31.77 12.45
CA ILE A 197 50.00 30.40 12.46
C ILE A 197 49.76 29.79 13.83
N SER A 198 50.27 30.44 14.90
CA SER A 198 50.12 29.98 16.31
C SER A 198 48.65 29.62 16.63
N LYS A 199 47.80 30.55 16.16
CA LYS A 199 46.35 30.60 16.44
C LYS A 199 45.61 29.30 16.03
N TYR A 200 46.15 28.60 15.01
CA TYR A 200 45.51 27.40 14.43
C TYR A 200 46.43 26.17 14.54
N SER A 201 47.75 26.39 14.39
CA SER A 201 48.75 25.31 14.31
C SER A 201 48.87 24.57 15.64
N ASP A 202 48.50 25.25 16.75
CA ASP A 202 48.57 24.67 18.10
C ASP A 202 47.58 23.48 18.26
N HIS A 203 46.45 23.49 17.51
CA HIS A 203 45.48 22.36 17.54
C HIS A 203 45.87 21.27 16.50
N ILE A 204 46.92 21.54 15.71
CA ILE A 204 47.37 20.67 14.60
C ILE A 204 48.66 19.92 15.01
N ALA A 205 48.65 18.59 14.82
CA ALA A 205 49.79 17.70 15.15
C ALA A 205 50.93 17.81 14.11
N LEU A 206 50.56 18.25 12.89
CA LEU A 206 51.49 18.42 11.76
C LEU A 206 52.35 19.69 11.99
N PRO A 207 53.71 19.56 12.18
CA PRO A 207 54.62 20.72 12.41
C PRO A 207 54.50 21.81 11.32
N VAL A 208 53.86 22.95 11.68
CA VAL A 208 53.70 24.10 10.79
C VAL A 208 54.90 25.03 10.97
N GLU A 209 55.90 24.89 10.07
CA GLU A 209 57.08 25.74 10.04
C GLU A 209 56.83 26.93 9.10
N ILE A 210 57.52 28.05 9.34
CA ILE A 210 57.41 29.25 8.48
C ILE A 210 58.79 29.66 7.97
N GLU A 211 58.82 30.31 6.80
CA GLU A 211 60.04 30.82 6.20
C GLU A 211 60.59 32.02 7.00
N LYS A 212 61.70 31.78 7.68
CA LYS A 212 62.53 32.84 8.23
C LYS A 212 63.52 33.27 7.16
N ARG A 213 63.08 34.18 6.28
CA ARG A 213 63.97 34.79 5.29
C ARG A 213 64.54 36.08 5.89
N GLU A 214 65.84 36.05 6.17
CA GLU A 214 66.60 37.19 6.62
C GLU A 214 67.45 37.67 5.44
N GLU A 215 66.94 38.68 4.73
CA GLU A 215 67.71 39.41 3.70
C GLU A 215 68.70 40.31 4.44
N LYS A 216 69.86 39.71 4.76
CA LYS A 216 70.88 40.29 5.63
C LYS A 216 72.19 40.43 4.85
N ASP A 217 73.07 41.34 5.29
CA ASP A 217 74.34 41.69 4.59
C ASP A 217 75.20 40.45 4.36
N GLY A 218 75.22 39.95 3.10
CA GLY A 218 76.03 38.79 2.73
C GLY A 218 75.36 37.45 3.01
N GLU A 219 74.35 37.45 3.89
CA GLU A 219 73.68 36.25 4.40
C GLU A 219 72.18 36.27 4.05
N THR A 220 71.81 35.67 2.92
CA THR A 220 70.39 35.39 2.61
C THR A 220 70.01 34.08 3.33
N VAL A 221 69.68 34.22 4.63
CA VAL A 221 69.36 33.08 5.50
C VAL A 221 67.89 32.68 5.32
N ILE A 222 67.64 31.41 4.99
CA ILE A 222 66.30 30.82 4.97
C ILE A 222 66.29 29.64 5.97
N SER A 223 65.67 29.90 7.13
CA SER A 223 65.46 28.94 8.22
C SER A 223 63.96 28.68 8.34
N TRP A 224 63.55 27.69 9.14
CA TRP A 224 62.14 27.31 9.31
C TRP A 224 61.87 26.97 10.79
N GLU A 225 61.15 27.87 11.50
CA GLU A 225 60.71 27.61 12.89
C GLU A 225 59.29 27.04 12.87
N LYS A 226 59.09 25.85 13.48
CA LYS A 226 57.75 25.33 13.78
C LYS A 226 57.16 26.11 14.95
N ILE A 227 56.09 26.87 14.70
CA ILE A 227 55.46 27.72 15.71
C ILE A 227 54.58 26.85 16.64
N ASN A 228 54.14 25.69 16.12
CA ASN A 228 53.32 24.73 16.86
C ASN A 228 54.22 23.80 17.69
N LYS A 229 53.61 23.14 18.69
CA LYS A 229 54.31 22.15 19.55
C LYS A 229 54.59 20.84 18.80
N ALA A 230 53.96 20.67 17.60
CA ALA A 230 54.07 19.48 16.74
C ALA A 230 53.65 18.22 17.51
N GLN A 231 52.61 18.38 18.34
CA GLN A 231 52.06 17.33 19.18
C GLN A 231 50.57 17.18 18.92
N ALA A 232 50.11 15.94 18.98
CA ALA A 232 48.71 15.58 18.87
C ALA A 232 47.85 16.26 19.95
N LEU A 233 46.84 17.06 19.52
CA LEU A 233 45.98 17.83 20.43
C LEU A 233 45.29 16.91 21.44
N TRP A 234 44.55 15.93 20.90
CA TRP A 234 43.78 14.94 21.67
C TRP A 234 44.67 14.20 22.72
N THR A 235 45.94 13.98 22.36
CA THR A 235 46.92 13.28 23.23
C THR A 235 47.40 14.19 24.39
N ARG A 236 47.45 15.53 24.16
CA ARG A 236 47.67 16.51 25.25
C ARG A 236 46.46 16.46 26.21
N ASN A 237 46.71 16.62 27.53
CA ASN A 237 45.66 16.48 28.55
C ASN A 237 44.63 17.62 28.44
N LYS A 238 43.37 17.30 28.78
CA LYS A 238 42.23 18.22 28.73
C LYS A 238 42.49 19.50 29.57
N SER A 239 43.24 19.34 30.67
CA SER A 239 43.61 20.45 31.56
C SER A 239 44.50 21.49 30.85
N GLU A 240 45.32 21.02 29.89
CA GLU A 240 46.25 21.89 29.13
C GLU A 240 45.55 22.51 27.91
N ILE A 241 44.53 21.82 27.39
CA ILE A 241 43.79 22.26 26.18
C ILE A 241 42.68 23.26 26.55
N THR A 242 42.70 24.46 25.92
CA THR A 242 41.66 25.48 26.11
C THR A 242 40.45 25.19 25.19
N ASP A 243 39.32 25.85 25.48
CA ASP A 243 38.01 25.58 24.81
C ASP A 243 38.06 25.91 23.30
N GLU A 244 38.90 26.90 22.95
CA GLU A 244 39.12 27.34 21.56
C GLU A 244 39.76 26.22 20.73
N GLU A 245 40.83 25.61 21.28
CA GLU A 245 41.57 24.49 20.63
C GLU A 245 40.61 23.37 20.22
N TYR A 246 39.64 23.06 21.11
CA TYR A 246 38.58 22.06 20.87
C TYR A 246 37.71 22.45 19.66
N LYS A 247 37.06 23.63 19.76
CA LYS A 247 36.09 24.11 18.75
C LYS A 247 36.74 24.31 17.37
N GLU A 248 38.03 24.68 17.36
CA GLU A 248 38.77 25.01 16.13
C GLU A 248 39.26 23.71 15.45
N PHE A 249 39.65 22.73 16.28
CA PHE A 249 40.10 21.40 15.81
C PHE A 249 38.92 20.58 15.27
N TYR A 250 37.73 20.82 15.85
CA TYR A 250 36.46 20.26 15.36
C TYR A 250 36.29 20.55 13.86
N LYS A 251 36.62 21.78 13.47
CA LYS A 251 36.41 22.28 12.11
C LYS A 251 37.32 21.55 11.09
N HIS A 252 38.45 21.03 11.59
CA HIS A 252 39.32 20.11 10.83
C HIS A 252 38.69 18.69 10.78
N ILE A 253 38.56 18.04 11.97
CA ILE A 253 38.29 16.59 12.09
C ILE A 253 36.88 16.17 11.60
N ALA A 254 35.97 17.13 11.53
CA ALA A 254 34.56 16.86 11.19
C ALA A 254 34.30 16.96 9.68
N HIS A 255 35.19 17.68 8.95
CA HIS A 255 34.91 18.17 7.56
C HIS A 255 33.66 19.08 7.57
N ASP A 256 33.46 19.72 8.73
CA ASP A 256 32.31 20.56 9.07
C ASP A 256 32.87 21.62 10.03
N PHE A 257 32.46 22.89 9.87
CA PHE A 257 33.13 24.03 10.53
C PHE A 257 32.12 24.89 11.32
N ASN A 258 30.96 24.29 11.61
CA ASN A 258 29.94 24.89 12.49
C ASN A 258 30.48 24.98 13.94
N ASP A 259 29.77 25.72 14.80
CA ASP A 259 30.16 25.89 16.21
C ASP A 259 29.57 24.72 17.02
N PRO A 260 30.43 23.82 17.63
CA PRO A 260 29.92 22.66 18.39
C PRO A 260 29.29 23.10 19.74
N LEU A 261 28.14 22.50 20.07
CA LEU A 261 27.37 22.82 21.28
C LEU A 261 28.13 22.44 22.56
N THR A 262 28.83 21.30 22.48
CA THR A 262 29.65 20.77 23.57
C THR A 262 30.59 19.68 23.02
N TRP A 263 31.48 19.19 23.89
CA TRP A 263 32.42 18.10 23.58
C TRP A 263 32.64 17.24 24.82
N SER A 264 33.37 16.13 24.66
CA SER A 264 33.74 15.24 25.76
C SER A 264 35.14 14.69 25.49
N HIS A 265 36.15 15.31 26.14
CA HIS A 265 37.54 14.85 26.03
C HIS A 265 37.86 14.05 27.29
N ASN A 266 38.03 12.76 27.10
CA ASN A 266 38.31 11.81 28.18
C ASN A 266 39.27 10.75 27.65
N ARG A 267 39.97 10.05 28.54
CA ARG A 267 40.88 8.96 28.15
C ARG A 267 40.71 7.77 29.10
N VAL A 268 40.63 6.57 28.52
CA VAL A 268 40.49 5.32 29.24
C VAL A 268 41.78 4.51 29.00
N GLU A 269 42.31 3.92 30.07
CA GLU A 269 43.61 3.24 30.06
C GLU A 269 43.46 1.78 30.52
N GLY A 270 44.57 1.04 30.50
CA GLY A 270 44.59 -0.39 30.80
C GLY A 270 44.83 -1.20 29.54
N LYS A 271 44.10 -2.33 29.37
CA LYS A 271 44.18 -3.13 28.15
C LYS A 271 43.47 -2.38 27.02
N GLN A 272 42.17 -2.11 27.20
CA GLN A 272 41.39 -1.29 26.26
C GLN A 272 41.70 0.18 26.53
N GLU A 273 42.81 0.63 25.93
CA GLU A 273 43.31 1.99 26.09
C GLU A 273 43.03 2.80 24.82
N TYR A 274 42.25 3.88 25.00
CA TYR A 274 41.87 4.79 23.91
C TYR A 274 41.68 6.21 24.45
N THR A 275 42.14 7.19 23.66
CA THR A 275 41.87 8.60 23.87
C THR A 275 40.58 8.95 23.10
N SER A 276 39.49 9.29 23.82
CA SER A 276 38.22 9.69 23.18
C SER A 276 38.05 11.22 23.22
N LEU A 277 37.78 11.81 22.04
CA LEU A 277 37.47 13.23 21.91
C LEU A 277 36.22 13.35 21.01
N LEU A 278 35.06 13.52 21.68
CA LEU A 278 33.75 13.62 21.04
C LEU A 278 33.38 15.09 20.84
N TYR A 279 32.46 15.36 19.92
CA TYR A 279 31.92 16.69 19.59
C TYR A 279 30.45 16.55 19.17
N ILE A 280 29.63 17.53 19.57
CA ILE A 280 28.20 17.60 19.22
C ILE A 280 27.97 18.81 18.28
N PRO A 281 27.62 18.58 16.97
CA PRO A 281 27.31 19.69 16.02
C PRO A 281 26.01 20.45 16.39
N SER A 282 25.96 21.74 16.03
CA SER A 282 24.81 22.63 16.28
C SER A 282 23.70 22.45 15.22
N GLN A 283 24.06 21.81 14.10
CA GLN A 283 23.20 21.73 12.92
C GLN A 283 23.51 20.45 12.13
N ALA A 284 22.49 19.90 11.46
CA ALA A 284 22.62 18.71 10.61
C ALA A 284 23.14 19.08 9.20
N PRO A 285 24.37 18.59 8.78
CA PRO A 285 24.83 18.68 7.37
C PRO A 285 23.99 17.81 6.41
N TRP A 286 24.35 17.80 5.11
CA TRP A 286 23.57 17.09 4.06
C TRP A 286 23.52 15.58 4.36
N ASP A 287 24.71 14.95 4.44
CA ASP A 287 24.85 13.48 4.60
C ASP A 287 24.54 12.97 6.02
N MET A 288 24.04 13.84 6.90
CA MET A 288 23.69 13.47 8.30
C MET A 288 22.41 12.59 8.31
N TRP A 289 21.49 12.92 7.39
CA TRP A 289 20.20 12.20 7.21
C TRP A 289 20.23 11.31 5.94
N ASN A 290 21.40 11.23 5.28
CA ASN A 290 21.62 10.33 4.13
C ASN A 290 21.95 8.91 4.63
N ARG A 291 21.63 7.90 3.79
CA ARG A 291 21.87 6.47 4.12
C ARG A 291 23.37 6.10 4.01
N ASP A 292 24.16 6.99 3.37
CA ASP A 292 25.63 6.84 3.25
C ASP A 292 26.29 7.49 4.48
N HIS A 293 27.51 7.03 4.83
CA HIS A 293 28.18 7.42 6.08
C HIS A 293 28.65 8.89 6.06
N LYS A 294 28.55 9.51 7.22
CA LYS A 294 29.17 10.82 7.53
C LYS A 294 29.38 10.82 9.04
N HIS A 295 28.34 10.30 9.74
CA HIS A 295 28.37 10.06 11.19
C HIS A 295 29.52 9.13 11.57
N GLY A 296 30.04 9.31 12.77
CA GLY A 296 31.22 8.59 13.23
C GLY A 296 32.43 9.50 13.32
N LEU A 297 33.59 8.91 13.62
CA LEU A 297 34.79 9.65 14.05
C LEU A 297 35.98 9.35 13.10
N LYS A 298 36.99 10.25 13.12
CA LYS A 298 38.32 9.95 12.55
C LYS A 298 39.04 8.96 13.49
N LEU A 299 39.18 7.71 13.03
CA LEU A 299 39.97 6.71 13.75
C LEU A 299 41.47 7.01 13.56
N TYR A 300 42.17 7.09 14.68
CA TYR A 300 43.62 7.12 14.77
C TYR A 300 44.06 5.92 15.64
N VAL A 301 45.23 5.35 15.34
CA VAL A 301 45.90 4.39 16.22
C VAL A 301 47.34 4.89 16.49
N GLN A 302 47.60 5.24 17.77
CA GLN A 302 48.91 5.70 18.26
C GLN A 302 49.38 6.97 17.52
N ARG A 303 48.49 7.98 17.54
CA ARG A 303 48.65 9.31 16.92
C ARG A 303 48.67 9.28 15.37
N VAL A 304 48.54 8.08 14.76
CA VAL A 304 48.60 7.90 13.30
C VAL A 304 47.18 7.66 12.74
N PHE A 305 46.79 8.41 11.72
CA PHE A 305 45.45 8.34 11.12
C PHE A 305 45.18 7.00 10.42
N ILE A 306 43.90 6.54 10.48
CA ILE A 306 43.42 5.36 9.77
C ILE A 306 42.31 5.75 8.77
N MET A 307 41.11 6.19 9.26
CA MET A 307 39.92 6.45 8.38
C MET A 307 39.01 7.55 8.99
N ASP A 308 38.52 8.49 8.14
CA ASP A 308 37.62 9.60 8.58
C ASP A 308 36.16 9.34 8.18
N ASP A 309 35.23 9.97 8.94
CA ASP A 309 33.76 9.77 8.84
C ASP A 309 33.40 8.29 9.10
N ALA A 310 34.25 7.59 9.90
CA ALA A 310 34.14 6.15 10.17
C ALA A 310 33.01 5.89 11.17
N GLU A 311 31.87 5.39 10.65
CA GLU A 311 30.64 5.12 11.45
C GLU A 311 30.78 3.85 12.33
N GLN A 312 31.94 3.20 12.24
CA GLN A 312 32.24 1.96 12.95
C GLN A 312 32.51 2.18 14.46
N PHE A 313 32.60 3.45 14.89
CA PHE A 313 32.80 3.83 16.30
C PHE A 313 31.58 4.54 16.88
N MET A 314 30.57 4.86 16.04
CA MET A 314 29.34 5.50 16.50
C MET A 314 28.13 4.92 15.72
N PRO A 315 27.11 4.33 16.41
CA PRO A 315 25.95 3.68 15.74
C PRO A 315 24.96 4.69 15.11
N ASN A 316 23.87 4.15 14.54
CA ASN A 316 22.76 4.98 14.02
C ASN A 316 21.97 5.62 15.19
N TYR A 317 22.04 4.99 16.38
CA TYR A 317 21.35 5.49 17.60
C TYR A 317 21.96 6.83 18.04
N LEU A 318 23.28 6.97 17.81
CA LEU A 318 24.08 8.12 18.26
C LEU A 318 24.76 8.79 17.05
N ARG A 319 24.08 8.75 15.88
CA ARG A 319 24.66 9.21 14.59
C ARG A 319 24.96 10.74 14.61
N PHE A 320 24.38 11.46 15.57
CA PHE A 320 24.65 12.88 15.81
C PHE A 320 26.10 13.14 16.30
N VAL A 321 26.68 12.18 17.07
CA VAL A 321 28.04 12.33 17.62
C VAL A 321 29.10 12.08 16.52
N ARG A 322 30.19 12.83 16.63
CA ARG A 322 31.35 12.74 15.76
C ARG A 322 32.57 13.26 16.53
N GLY A 323 33.75 13.21 15.89
CA GLY A 323 34.99 13.65 16.52
C GLY A 323 36.17 12.86 16.00
N LEU A 324 36.99 12.36 16.94
CA LEU A 324 38.08 11.45 16.66
C LEU A 324 38.39 10.61 17.91
N ILE A 325 38.85 9.39 17.69
CA ILE A 325 39.24 8.46 18.76
C ILE A 325 40.58 7.83 18.36
N ASP A 326 41.58 8.00 19.23
CA ASP A 326 42.93 7.48 19.06
C ASP A 326 43.19 6.31 20.01
N SER A 327 43.22 5.09 19.48
CA SER A 327 43.46 3.90 20.28
C SER A 327 44.97 3.65 20.43
N SER A 328 45.40 3.39 21.67
CA SER A 328 46.81 3.06 22.00
C SER A 328 46.96 1.54 22.25
N ASP A 329 45.93 0.76 21.83
CA ASP A 329 45.89 -0.70 22.00
C ASP A 329 45.63 -1.42 20.65
N LEU A 330 44.57 -0.99 19.94
CA LEU A 330 44.12 -1.58 18.65
C LEU A 330 45.26 -1.63 17.60
N PRO A 331 45.24 -2.62 16.63
CA PRO A 331 46.29 -2.76 15.59
C PRO A 331 46.39 -1.51 14.69
N LEU A 332 47.62 -1.22 14.23
CA LEU A 332 47.92 -0.05 13.38
C LEU A 332 47.49 -0.30 11.91
N ASN A 333 47.39 -1.59 11.52
CA ASN A 333 46.95 -1.99 10.15
C ASN A 333 45.41 -2.15 10.08
N VAL A 334 44.70 -1.74 11.16
CA VAL A 334 43.24 -1.97 11.34
C VAL A 334 42.40 -1.39 10.16
N SER A 335 41.38 -2.15 9.74
CA SER A 335 40.49 -1.80 8.61
C SER A 335 39.02 -1.86 9.05
N ARG A 336 38.10 -1.44 8.16
CA ARG A 336 36.66 -1.30 8.48
C ARG A 336 36.02 -2.67 8.83
N GLU A 337 36.56 -3.74 8.23
CA GLU A 337 36.09 -5.13 8.41
C GLU A 337 36.39 -5.59 9.86
N ILE A 338 37.60 -5.21 10.32
CA ILE A 338 38.07 -5.46 11.70
C ILE A 338 37.17 -4.69 12.69
N LEU A 339 36.84 -3.44 12.33
CA LEU A 339 36.04 -2.54 13.19
C LEU A 339 34.60 -3.06 13.38
N GLN A 340 34.12 -3.87 12.42
CA GLN A 340 32.77 -4.44 12.47
C GLN A 340 32.75 -5.76 13.27
N ASP A 341 33.78 -6.60 13.07
CA ASP A 341 33.80 -8.00 13.57
C ASP A 341 34.52 -8.14 14.95
N SER A 342 35.63 -7.41 15.15
CA SER A 342 36.51 -7.54 16.32
C SER A 342 35.81 -7.14 17.65
N THR A 343 36.09 -7.89 18.73
CA THR A 343 35.47 -7.70 20.04
C THR A 343 35.98 -6.41 20.70
N VAL A 344 37.30 -6.15 20.57
CA VAL A 344 37.94 -4.95 21.17
C VAL A 344 37.29 -3.65 20.67
N THR A 345 36.90 -3.65 19.37
CA THR A 345 36.23 -2.50 18.73
C THR A 345 34.73 -2.46 19.09
N ARG A 346 34.12 -3.62 19.39
CA ARG A 346 32.71 -3.68 19.82
C ARG A 346 32.60 -3.02 21.20
N ASN A 347 33.53 -3.39 22.06
CA ASN A 347 33.64 -2.92 23.44
C ASN A 347 34.13 -1.45 23.45
N LEU A 348 34.92 -1.07 22.40
CA LEU A 348 35.43 0.33 22.20
C LEU A 348 34.24 1.27 21.91
N ARG A 349 33.43 0.84 20.95
CA ARG A 349 32.27 1.60 20.43
C ARG A 349 31.17 1.72 21.50
N ASN A 350 30.93 0.62 22.23
CA ASN A 350 29.97 0.58 23.35
C ASN A 350 30.49 1.41 24.54
N ALA A 351 31.82 1.53 24.66
CA ALA A 351 32.43 2.37 25.70
C ALA A 351 32.24 3.86 25.36
N LEU A 352 32.46 4.22 24.07
CA LEU A 352 32.23 5.58 23.53
C LEU A 352 30.77 6.00 23.77
N THR A 353 29.87 5.02 23.64
CA THR A 353 28.43 5.18 23.87
C THR A 353 28.12 5.67 25.31
N LYS A 354 28.85 5.13 26.30
CA LYS A 354 28.66 5.53 27.72
C LYS A 354 29.08 6.99 27.92
N ARG A 355 30.21 7.40 27.28
CA ARG A 355 30.64 8.82 27.23
C ARG A 355 29.50 9.71 26.65
N VAL A 356 28.85 9.21 25.57
CA VAL A 356 27.79 9.94 24.85
C VAL A 356 26.52 10.12 25.72
N LEU A 357 25.84 9.01 26.07
CA LEU A 357 24.52 9.02 26.75
C LEU A 357 24.59 9.69 28.15
N GLN A 358 25.77 9.64 28.77
CA GLN A 358 26.05 10.37 30.01
C GLN A 358 26.11 11.91 29.77
N MET A 359 26.86 12.29 28.72
CA MET A 359 27.18 13.72 28.41
C MET A 359 25.97 14.45 27.77
N LEU A 360 25.09 13.71 27.06
CA LEU A 360 23.86 14.27 26.47
C LEU A 360 22.91 14.79 27.57
N GLU A 361 22.78 13.99 28.65
CA GLU A 361 21.90 14.31 29.80
C GLU A 361 22.54 15.45 30.62
N LYS A 362 23.88 15.45 30.68
CA LYS A 362 24.66 16.57 31.22
C LYS A 362 24.31 17.88 30.48
N LEU A 363 24.31 17.83 29.13
CA LEU A 363 23.97 18.98 28.26
C LEU A 363 22.48 19.38 28.42
N ALA A 364 21.63 18.37 28.71
CA ALA A 364 20.18 18.56 28.96
C ALA A 364 19.92 19.35 30.26
N LYS A 365 20.91 19.30 31.19
CA LYS A 365 20.88 20.06 32.46
C LYS A 365 21.79 21.30 32.40
N ASP A 366 22.76 21.29 31.46
CA ASP A 366 23.76 22.35 31.31
C ASP A 366 23.16 23.56 30.58
N ASP A 367 22.83 23.36 29.30
CA ASP A 367 22.26 24.39 28.43
C ASP A 367 20.99 23.82 27.76
N ALA A 368 19.82 24.28 28.24
CA ALA A 368 18.51 23.81 27.77
C ALA A 368 18.26 24.21 26.31
N GLU A 369 18.72 25.42 25.95
CA GLU A 369 18.54 26.00 24.60
C GLU A 369 19.30 25.17 23.55
N LYS A 370 20.61 24.98 23.78
CA LYS A 370 21.51 24.25 22.86
C LYS A 370 21.10 22.78 22.72
N TYR A 371 20.75 22.13 23.85
CA TYR A 371 20.29 20.72 23.82
C TYR A 371 18.96 20.57 23.07
N GLN A 372 18.09 21.58 23.19
CA GLN A 372 16.75 21.54 22.57
C GLN A 372 16.88 21.72 21.05
N THR A 373 17.82 22.58 20.62
CA THR A 373 18.14 22.83 19.19
C THR A 373 18.76 21.55 18.58
N PHE A 374 19.61 20.89 19.38
CA PHE A 374 20.18 19.56 19.07
C PHE A 374 19.07 18.54 18.77
N TRP A 375 18.02 18.54 19.60
CA TRP A 375 16.88 17.62 19.45
C TRP A 375 16.08 17.94 18.16
N GLN A 376 15.94 19.24 17.84
CA GLN A 376 15.20 19.70 16.64
C GLN A 376 15.95 19.34 15.33
N GLN A 377 17.21 18.89 15.45
CA GLN A 377 18.04 18.44 14.31
C GLN A 377 18.25 16.91 14.31
N PHE A 378 18.36 16.31 15.52
CA PHE A 378 18.87 14.92 15.70
C PHE A 378 17.95 14.07 16.62
N GLY A 379 16.76 14.60 16.93
CA GLY A 379 15.88 13.98 17.94
C GLY A 379 15.19 12.74 17.47
N LEU A 380 14.74 12.77 16.20
CA LEU A 380 14.12 11.62 15.52
C LEU A 380 15.12 10.44 15.51
N VAL A 381 16.44 10.76 15.48
CA VAL A 381 17.52 9.77 15.64
C VAL A 381 17.45 9.14 17.05
N LEU A 382 17.55 9.99 18.09
CA LEU A 382 17.66 9.54 19.50
C LEU A 382 16.39 8.76 19.96
N LYS A 383 15.27 8.89 19.22
CA LYS A 383 14.01 8.15 19.51
C LYS A 383 14.15 6.61 19.36
N GLU A 384 15.14 6.10 18.61
CA GLU A 384 15.43 4.63 18.55
C GLU A 384 16.19 4.18 19.82
N GLY A 385 16.82 5.15 20.48
CA GLY A 385 17.52 4.98 21.76
C GLY A 385 16.74 4.21 22.84
N PRO A 386 15.57 4.75 23.35
CA PRO A 386 14.79 4.10 24.47
C PRO A 386 14.16 2.75 24.04
N ALA A 387 14.18 2.47 22.73
CA ALA A 387 13.72 1.21 22.17
C ALA A 387 14.83 0.15 22.29
N GLU A 388 16.10 0.60 22.29
CA GLU A 388 17.25 -0.25 22.65
C GLU A 388 17.33 -0.40 24.19
N ASP A 389 17.70 0.68 24.91
CA ASP A 389 17.81 0.66 26.39
C ASP A 389 16.51 1.16 27.05
N PHE A 390 15.48 0.32 26.93
CA PHE A 390 14.22 0.43 27.70
C PHE A 390 14.48 0.16 29.19
N ALA A 391 15.52 -0.67 29.46
CA ALA A 391 16.00 -0.96 30.83
C ALA A 391 16.46 0.33 31.53
N ASN A 392 17.14 1.21 30.79
CA ASN A 392 17.68 2.49 31.29
C ASN A 392 16.79 3.67 30.80
N GLN A 393 15.48 3.37 30.51
CA GLN A 393 14.49 4.34 29.98
C GLN A 393 14.52 5.69 30.73
N GLU A 394 14.77 5.63 32.05
CA GLU A 394 14.74 6.79 32.97
C GLU A 394 15.61 7.97 32.42
N ALA A 395 16.92 7.72 32.27
CA ALA A 395 17.90 8.73 31.85
C ALA A 395 17.78 9.04 30.34
N ILE A 396 17.19 8.10 29.58
CA ILE A 396 16.93 8.29 28.14
C ILE A 396 15.66 9.14 27.94
N ALA A 397 14.75 9.11 28.93
CA ALA A 397 13.49 9.89 28.93
C ALA A 397 13.80 11.33 29.33
N LYS A 398 14.86 11.46 30.15
CA LYS A 398 15.53 12.76 30.42
C LYS A 398 16.12 13.37 29.12
N LEU A 399 16.33 12.53 28.08
CA LEU A 399 16.79 12.97 26.75
C LEU A 399 15.59 13.26 25.83
N LEU A 400 14.52 12.44 25.95
CA LEU A 400 13.35 12.46 25.06
C LEU A 400 12.55 13.78 25.16
N ARG A 401 12.36 14.41 23.99
CA ARG A 401 11.51 15.61 23.82
C ARG A 401 10.47 15.31 22.71
N PHE A 402 9.20 15.58 22.99
CA PHE A 402 8.09 15.41 22.02
C PHE A 402 7.40 16.78 21.78
N ALA A 403 6.70 16.93 20.64
CA ALA A 403 5.84 18.12 20.40
C ALA A 403 4.47 17.89 21.07
N SER A 404 3.62 18.93 21.12
CA SER A 404 2.31 18.85 21.81
C SER A 404 1.33 19.95 21.32
N THR A 405 0.05 19.86 21.76
CA THR A 405 -0.99 20.89 21.45
C THR A 405 -0.69 22.22 22.14
N HIS A 406 0.21 22.18 23.16
CA HIS A 406 0.70 23.38 23.87
C HIS A 406 1.38 24.36 22.90
N THR A 407 2.11 23.80 21.92
CA THR A 407 2.89 24.58 20.95
C THR A 407 2.69 24.01 19.53
N ASP A 408 2.21 24.85 18.60
CA ASP A 408 1.96 24.48 17.19
C ASP A 408 3.19 24.84 16.31
N SER A 409 4.39 24.74 16.92
CA SER A 409 5.68 24.88 16.22
C SER A 409 6.33 23.50 16.02
N SER A 410 7.07 23.34 14.90
CA SER A 410 7.76 22.07 14.55
C SER A 410 8.88 21.71 15.55
N ALA A 411 9.29 22.71 16.36
CA ALA A 411 10.20 22.51 17.50
C ALA A 411 9.58 21.54 18.53
N GLN A 412 10.18 20.36 18.69
CA GLN A 412 9.72 19.34 19.66
C GLN A 412 10.26 19.76 21.04
N THR A 413 9.56 20.73 21.66
CA THR A 413 10.08 21.54 22.78
C THR A 413 9.73 20.96 24.17
N VAL A 414 8.60 20.25 24.26
CA VAL A 414 8.09 19.67 25.52
C VAL A 414 8.79 18.33 25.81
N SER A 415 9.40 18.18 27.00
CA SER A 415 9.98 16.90 27.43
C SER A 415 8.88 16.01 28.04
N LEU A 416 9.20 14.73 28.27
CA LEU A 416 8.32 13.82 29.02
C LEU A 416 8.10 14.36 30.46
N GLU A 417 9.15 15.02 30.99
CA GLU A 417 9.13 15.64 32.32
C GLU A 417 8.29 16.93 32.32
N ASP A 418 8.28 17.66 31.18
CA ASP A 418 7.44 18.85 31.00
C ASP A 418 5.97 18.47 31.14
N TYR A 419 5.58 17.36 30.49
CA TYR A 419 4.21 16.85 30.52
C TYR A 419 3.83 16.39 31.95
N VAL A 420 4.66 15.50 32.53
CA VAL A 420 4.40 14.89 33.86
C VAL A 420 4.26 15.96 34.96
N SER A 421 5.08 17.01 34.85
CA SER A 421 5.06 18.14 35.79
C SER A 421 3.82 19.05 35.56
N ARG A 422 3.42 19.19 34.27
CA ARG A 422 2.30 20.06 33.83
C ARG A 422 0.98 19.25 33.68
N MET A 423 1.01 17.96 34.12
CA MET A 423 -0.19 17.10 34.17
C MET A 423 -1.31 17.76 34.99
N LYS A 424 -2.50 17.78 34.39
CA LYS A 424 -3.72 18.27 35.02
C LYS A 424 -4.27 17.20 35.97
N GLU A 425 -5.25 17.57 36.81
CA GLU A 425 -5.83 16.65 37.80
C GLU A 425 -6.75 15.63 37.09
N GLY A 426 -6.37 14.34 37.14
CA GLY A 426 -7.03 13.29 36.38
C GLY A 426 -6.34 12.99 35.05
N GLN A 427 -5.30 13.78 34.70
CA GLN A 427 -4.49 13.58 33.49
C GLN A 427 -3.23 12.78 33.89
N GLU A 428 -3.46 11.51 34.27
CA GLU A 428 -2.39 10.59 34.75
C GLU A 428 -1.76 9.84 33.56
N LYS A 429 -2.48 9.80 32.44
CA LYS A 429 -2.06 9.08 31.23
C LYS A 429 -1.40 10.08 30.28
N ILE A 430 -0.39 9.62 29.55
CA ILE A 430 0.38 10.47 28.63
C ILE A 430 -0.24 10.33 27.22
N TYR A 431 -1.05 11.34 26.82
CA TYR A 431 -1.95 11.25 25.65
C TYR A 431 -1.23 11.66 24.37
N TYR A 432 -1.24 10.77 23.36
CA TYR A 432 -0.51 10.96 22.09
C TYR A 432 -1.46 10.90 20.88
N ILE A 433 -1.08 11.66 19.83
CA ILE A 433 -1.69 11.56 18.48
C ILE A 433 -0.56 11.43 17.46
N THR A 434 -0.74 10.59 16.43
CA THR A 434 0.30 10.34 15.40
C THR A 434 -0.19 10.75 13.99
N ALA A 435 0.79 11.10 13.13
CA ALA A 435 0.55 11.47 11.73
C ALA A 435 1.77 11.11 10.84
N ASP A 436 1.53 11.01 9.52
CA ASP A 436 2.58 10.69 8.52
C ASP A 436 3.56 11.87 8.36
N SER A 437 3.07 13.11 8.53
CA SER A 437 3.88 14.34 8.40
C SER A 437 3.34 15.45 9.33
N TYR A 438 4.25 16.34 9.82
CA TYR A 438 3.88 17.46 10.74
C TYR A 438 3.08 18.53 9.98
N ALA A 439 3.42 18.71 8.68
CA ALA A 439 2.70 19.63 7.77
C ALA A 439 1.21 19.28 7.70
N ALA A 440 0.92 17.97 7.77
CA ALA A 440 -0.46 17.45 7.82
C ALA A 440 -1.05 17.60 9.24
N ALA A 441 -0.27 17.13 10.23
CA ALA A 441 -0.70 17.05 11.65
C ALA A 441 -1.17 18.42 12.18
N LYS A 442 -0.24 19.38 12.17
CA LYS A 442 -0.44 20.72 12.73
C LYS A 442 -1.48 21.54 11.91
N SER A 443 -1.70 21.12 10.65
CA SER A 443 -2.69 21.75 9.74
C SER A 443 -4.13 21.57 10.27
N SER A 444 -4.35 20.51 11.07
CA SER A 444 -5.65 20.24 11.70
C SER A 444 -5.91 21.26 12.84
N PRO A 445 -6.97 22.13 12.72
CA PRO A 445 -7.33 23.13 13.77
C PRO A 445 -8.14 22.51 14.94
N HIS A 446 -8.37 21.18 14.88
CA HIS A 446 -9.03 20.43 15.96
C HIS A 446 -8.16 20.40 17.25
N LEU A 447 -6.86 20.60 17.06
CA LEU A 447 -5.85 20.77 18.15
C LEU A 447 -6.21 21.99 19.04
N GLU A 448 -6.82 23.01 18.41
CA GLU A 448 -7.18 24.28 19.06
C GLU A 448 -8.36 24.13 20.04
N LEU A 449 -9.03 22.95 20.06
CA LEU A 449 -10.14 22.70 21.00
C LEU A 449 -9.59 22.62 22.45
N LEU A 450 -8.45 21.92 22.61
CA LEU A 450 -7.80 21.75 23.94
C LEU A 450 -6.73 22.84 24.18
N ARG A 451 -6.31 23.54 23.11
CA ARG A 451 -5.48 24.77 23.23
C ARG A 451 -6.27 25.85 24.00
N LYS A 452 -7.58 25.88 23.69
CA LYS A 452 -8.59 26.69 24.40
C LYS A 452 -8.65 26.32 25.91
N LYS A 453 -8.86 25.02 26.17
CA LYS A 453 -9.15 24.50 27.52
C LYS A 453 -7.88 24.48 28.43
N GLY A 454 -6.70 24.51 27.80
CA GLY A 454 -5.42 24.50 28.52
C GLY A 454 -4.93 23.09 28.84
N ILE A 455 -5.26 22.14 27.95
CA ILE A 455 -4.86 20.72 28.06
C ILE A 455 -3.77 20.43 27.01
N GLU A 456 -2.81 19.56 27.38
CA GLU A 456 -1.64 19.21 26.55
C GLU A 456 -1.77 17.77 26.01
N VAL A 457 -1.58 17.62 24.69
CA VAL A 457 -1.68 16.34 23.95
C VAL A 457 -0.46 16.23 23.02
N LEU A 458 0.41 15.22 23.25
CA LEU A 458 1.69 15.09 22.54
C LEU A 458 1.50 14.73 21.05
N LEU A 459 1.94 15.66 20.15
CA LEU A 459 1.79 15.55 18.69
C LEU A 459 3.06 14.98 18.05
N LEU A 460 2.98 13.72 17.62
CA LEU A 460 4.13 12.97 17.06
C LEU A 460 3.97 12.82 15.54
N SER A 461 4.84 13.52 14.82
CA SER A 461 4.90 13.49 13.35
C SER A 461 5.97 12.49 12.87
N ASP A 462 6.73 11.94 13.82
CA ASP A 462 7.85 11.03 13.54
C ASP A 462 7.28 9.63 13.22
N ARG A 463 7.73 9.04 12.09
CA ARG A 463 7.29 7.67 11.71
C ARG A 463 8.14 6.59 12.40
N ILE A 464 9.30 6.98 12.98
CA ILE A 464 10.14 6.08 13.81
C ILE A 464 9.40 5.68 15.12
N ASP A 465 8.38 6.50 15.46
CA ASP A 465 7.49 6.29 16.62
C ASP A 465 6.84 4.89 16.60
N GLU A 466 6.42 4.48 15.39
CA GLU A 466 5.81 3.16 15.12
C GLU A 466 6.60 2.01 15.76
N TRP A 467 7.94 2.16 15.79
CA TRP A 467 8.85 1.17 16.40
C TRP A 467 9.11 1.46 17.90
N MET A 468 9.43 2.73 18.27
CA MET A 468 9.97 3.06 19.64
C MET A 468 8.96 2.72 20.76
N MET A 469 7.66 2.87 20.46
CA MET A 469 6.56 2.64 21.44
C MET A 469 6.13 1.17 21.51
N ASN A 470 6.90 0.29 20.84
CA ASN A 470 6.79 -1.19 21.00
C ASN A 470 7.47 -1.62 22.30
N TYR A 471 8.37 -0.76 22.81
CA TYR A 471 9.04 -0.95 24.11
C TYR A 471 8.40 -0.02 25.14
N LEU A 472 8.28 1.27 24.77
CA LEU A 472 7.75 2.33 25.66
C LEU A 472 6.25 2.14 25.96
N THR A 473 5.95 1.33 26.98
CA THR A 473 4.59 1.08 27.49
C THR A 473 4.21 2.05 28.65
N GLU A 474 5.21 2.43 29.48
CA GLU A 474 5.00 3.27 30.69
C GLU A 474 6.24 4.16 30.94
N PHE A 475 6.05 5.29 31.67
CA PHE A 475 7.14 6.18 32.16
C PHE A 475 6.76 6.77 33.52
N ASP A 476 7.60 6.52 34.55
CA ASP A 476 7.46 7.12 35.91
C ASP A 476 6.21 6.59 36.66
N GLY A 477 5.69 5.43 36.20
CA GLY A 477 4.44 4.86 36.74
C GLY A 477 3.20 5.35 35.97
N LYS A 478 3.41 6.33 35.08
CA LYS A 478 2.37 6.96 34.26
C LYS A 478 2.36 6.27 32.87
N PRO A 479 1.35 5.39 32.57
CA PRO A 479 1.31 4.64 31.30
C PRO A 479 0.93 5.55 30.12
N PHE A 480 1.53 5.26 28.96
CA PHE A 480 1.26 6.00 27.71
C PHE A 480 -0.12 5.60 27.16
N GLN A 481 -0.77 6.55 26.48
CA GLN A 481 -2.14 6.40 26.00
C GLN A 481 -2.31 7.04 24.61
N SER A 482 -3.02 6.34 23.72
CA SER A 482 -3.48 6.88 22.44
C SER A 482 -4.86 7.56 22.62
N VAL A 483 -5.12 8.61 21.81
CA VAL A 483 -6.40 9.39 21.85
C VAL A 483 -7.55 8.67 21.08
N SER A 484 -7.53 7.32 21.09
CA SER A 484 -8.42 6.43 20.31
C SER A 484 -9.95 6.62 20.57
N LYS A 485 -10.35 7.57 21.44
CA LYS A 485 -11.77 7.90 21.68
C LYS A 485 -11.90 9.42 21.94
N VAL A 486 -13.07 9.99 21.58
CA VAL A 486 -13.39 11.43 21.75
C VAL A 486 -14.37 11.62 22.91
N ASP A 487 -14.26 12.75 23.63
CA ASP A 487 -15.27 13.17 24.64
C ASP A 487 -15.98 14.44 24.11
N GLU A 488 -17.22 14.67 24.57
CA GLU A 488 -18.08 15.78 24.12
C GLU A 488 -18.10 16.94 25.15
N SER A 489 -17.04 17.02 25.97
CA SER A 489 -16.89 17.99 27.09
C SER A 489 -17.04 19.45 26.61
N LEU A 490 -16.40 19.78 25.49
CA LEU A 490 -16.40 21.14 24.91
C LEU A 490 -17.38 21.27 23.73
N GLU A 491 -18.01 20.14 23.34
CA GLU A 491 -18.96 20.08 22.20
C GLU A 491 -20.19 20.97 22.50
N LYS A 492 -20.70 20.86 23.74
CA LYS A 492 -21.82 21.68 24.26
C LYS A 492 -21.47 23.20 24.23
N LEU A 493 -20.17 23.52 24.33
CA LEU A 493 -19.66 24.90 24.48
C LEU A 493 -19.29 25.50 23.09
N ALA A 494 -19.98 25.00 22.03
CA ALA A 494 -19.83 25.49 20.64
C ALA A 494 -20.75 26.71 20.37
N ASP A 495 -20.84 27.62 21.38
CA ASP A 495 -21.61 28.88 21.28
C ASP A 495 -20.69 30.09 21.10
N GLU A 496 -19.43 29.95 21.54
CA GLU A 496 -18.36 30.99 21.40
C GLU A 496 -17.82 31.00 19.97
N VAL A 497 -18.70 31.36 19.04
CA VAL A 497 -18.51 31.16 17.60
C VAL A 497 -18.07 32.46 16.90
N ASP A 498 -16.88 32.94 17.33
CA ASP A 498 -16.21 34.15 16.80
C ASP A 498 -17.04 35.41 17.10
N GLU A 499 -18.11 35.64 16.31
CA GLU A 499 -19.06 36.74 16.50
C GLU A 499 -20.34 36.53 15.64
N SER A 500 -20.52 35.29 15.14
CA SER A 500 -21.58 34.95 14.20
C SER A 500 -22.96 34.94 14.91
N ALA A 501 -23.71 36.05 14.72
CA ALA A 501 -24.98 36.31 15.39
C ALA A 501 -26.18 36.13 14.43
N LYS A 502 -27.38 36.56 14.88
CA LYS A 502 -28.64 36.42 14.12
C LYS A 502 -28.65 37.22 12.81
N GLU A 503 -27.84 38.30 12.71
CA GLU A 503 -27.70 39.07 11.45
C GLU A 503 -27.01 38.22 10.36
N ALA A 504 -26.19 37.23 10.80
CA ALA A 504 -25.60 36.21 9.91
C ALA A 504 -26.67 35.15 9.56
N GLU A 505 -27.44 34.71 10.58
CA GLU A 505 -28.50 33.65 10.45
C GLU A 505 -29.61 34.07 9.47
N LYS A 506 -29.82 35.39 9.40
CA LYS A 506 -30.74 36.03 8.46
C LYS A 506 -30.34 35.76 7.00
N ALA A 507 -29.01 35.80 6.75
CA ALA A 507 -28.41 35.52 5.43
C ALA A 507 -28.28 34.00 5.20
N LEU A 508 -28.22 33.22 6.30
CA LEU A 508 -28.06 31.76 6.25
C LEU A 508 -29.35 31.06 5.86
N THR A 509 -30.49 31.47 6.44
CA THR A 509 -31.78 30.77 6.23
C THR A 509 -32.18 30.59 4.73
N PRO A 510 -32.09 31.65 3.82
CA PRO A 510 -32.32 31.44 2.38
C PRO A 510 -31.21 30.58 1.74
N PHE A 511 -29.97 30.72 2.26
CA PHE A 511 -28.81 29.93 1.78
C PHE A 511 -29.01 28.43 2.11
N ILE A 512 -29.67 28.13 3.25
CA ILE A 512 -29.96 26.73 3.66
C ILE A 512 -30.95 26.13 2.66
N ASP A 513 -31.97 26.92 2.33
CA ASP A 513 -33.04 26.53 1.39
C ASP A 513 -32.47 26.26 -0.02
N ARG A 514 -31.49 27.10 -0.43
CA ARG A 514 -30.80 26.97 -1.73
C ARG A 514 -30.00 25.67 -1.79
N VAL A 515 -29.22 25.40 -0.72
CA VAL A 515 -28.33 24.22 -0.63
C VAL A 515 -29.13 22.90 -0.58
N LYS A 516 -30.20 22.87 0.21
CA LYS A 516 -31.02 21.64 0.41
C LYS A 516 -31.91 21.33 -0.81
N ALA A 517 -32.25 22.38 -1.59
CA ALA A 517 -32.97 22.22 -2.87
C ALA A 517 -32.00 21.70 -3.96
N LEU A 518 -30.74 22.17 -3.89
CA LEU A 518 -29.68 21.82 -4.86
C LEU A 518 -29.29 20.33 -4.71
N LEU A 519 -29.05 19.92 -3.45
CA LEU A 519 -28.60 18.57 -3.12
C LEU A 519 -29.78 17.59 -3.04
N GLY A 520 -30.96 18.09 -2.65
CA GLY A 520 -32.17 17.27 -2.56
C GLY A 520 -32.04 16.21 -1.46
N GLU A 521 -32.25 14.92 -1.84
CA GLU A 521 -32.18 13.78 -0.91
C GLU A 521 -30.80 13.06 -0.98
N ARG A 522 -29.87 13.60 -1.82
CA ARG A 522 -28.49 13.03 -1.97
C ARG A 522 -27.70 13.15 -0.65
N VAL A 523 -28.14 14.08 0.20
CA VAL A 523 -27.64 14.26 1.57
C VAL A 523 -28.81 13.97 2.54
N LYS A 524 -28.50 13.35 3.68
CA LYS A 524 -29.48 13.03 4.75
C LYS A 524 -30.14 14.31 5.28
N ASP A 525 -29.29 15.32 5.57
CA ASP A 525 -29.72 16.63 6.08
C ASP A 525 -28.56 17.63 6.00
N VAL A 526 -28.88 18.91 5.69
CA VAL A 526 -27.89 20.01 5.67
C VAL A 526 -28.23 21.02 6.76
N ARG A 527 -27.23 21.36 7.60
CA ARG A 527 -27.35 22.36 8.66
C ARG A 527 -26.32 23.48 8.42
N LEU A 528 -26.70 24.74 8.72
CA LEU A 528 -25.74 25.85 8.82
C LEU A 528 -25.45 26.07 10.31
N THR A 529 -24.43 25.34 10.80
CA THR A 529 -23.99 25.37 12.20
C THR A 529 -22.56 25.94 12.27
N HIS A 530 -22.14 26.31 13.48
CA HIS A 530 -20.95 27.17 13.67
C HIS A 530 -19.79 26.37 14.26
N ARG A 531 -19.23 25.49 13.44
CA ARG A 531 -17.97 24.81 13.74
C ARG A 531 -16.84 25.73 13.23
N LEU A 532 -16.13 26.44 14.15
CA LEU A 532 -15.13 27.49 13.79
C LEU A 532 -14.12 26.98 12.77
N THR A 533 -13.17 26.12 13.24
CA THR A 533 -12.21 25.33 12.42
C THR A 533 -11.54 26.15 11.26
N ASP A 534 -10.87 25.46 10.32
CA ASP A 534 -10.43 26.03 9.04
C ASP A 534 -10.83 25.08 7.89
N THR A 535 -11.57 24.03 8.24
CA THR A 535 -12.25 23.15 7.30
C THR A 535 -13.51 23.91 6.82
N PRO A 536 -13.69 24.17 5.49
CA PRO A 536 -14.84 24.97 4.96
C PRO A 536 -16.21 24.43 5.40
N ALA A 537 -16.29 23.09 5.45
CA ALA A 537 -17.46 22.37 5.92
C ALA A 537 -17.03 21.01 6.48
N ILE A 538 -17.82 20.52 7.42
CA ILE A 538 -17.58 19.27 8.15
C ILE A 538 -18.93 18.55 8.33
N VAL A 539 -18.92 17.23 8.23
CA VAL A 539 -20.13 16.42 8.41
C VAL A 539 -20.15 15.79 9.81
N SER A 540 -21.36 15.58 10.34
CA SER A 540 -21.59 14.89 11.61
C SER A 540 -22.13 13.47 11.34
N THR A 541 -21.90 12.57 12.31
CA THR A 541 -22.26 11.15 12.24
C THR A 541 -23.08 10.76 13.48
N ASP A 542 -24.06 9.85 13.31
CA ASP A 542 -24.92 9.35 14.41
C ASP A 542 -24.20 8.22 15.15
N ALA A 543 -23.80 7.19 14.40
CA ALA A 543 -23.09 6.02 14.94
C ALA A 543 -21.84 5.71 14.08
N ASP A 544 -21.39 4.43 14.09
CA ASP A 544 -20.16 3.99 13.42
C ASP A 544 -20.19 4.28 11.90
N GLU A 545 -19.33 5.26 11.49
CA GLU A 545 -19.18 5.69 10.09
C GLU A 545 -20.54 6.22 9.56
N MET A 546 -21.22 6.98 10.45
CA MET A 546 -22.62 7.43 10.32
C MET A 546 -23.55 6.26 10.64
N SER A 547 -23.52 5.23 9.78
CA SER A 547 -24.48 4.13 9.83
C SER A 547 -24.07 2.96 8.92
N THR A 548 -22.76 2.83 8.65
CA THR A 548 -22.27 1.88 7.63
C THR A 548 -21.94 0.50 8.27
N GLN A 549 -22.24 0.33 9.58
CA GLN A 549 -22.08 -0.94 10.34
C GLN A 549 -23.10 -0.99 11.51
N MET A 550 -24.31 -1.58 11.26
CA MET A 550 -25.34 -1.95 12.30
C MET A 550 -26.62 -2.48 11.60
N ALA A 551 -27.53 -3.10 12.40
CA ALA A 551 -28.76 -3.75 11.91
C ALA A 551 -29.76 -2.71 11.32
N LYS A 552 -30.27 -1.80 12.19
CA LYS A 552 -31.22 -0.71 11.78
C LYS A 552 -30.58 0.20 10.72
N LEU A 553 -29.26 0.36 10.85
CA LEU A 553 -28.46 1.22 9.98
C LEU A 553 -28.20 0.59 8.59
N PHE A 554 -28.75 -0.63 8.35
CA PHE A 554 -28.84 -1.24 7.00
C PHE A 554 -30.31 -1.45 6.57
N ALA A 555 -31.24 -1.17 7.49
CA ALA A 555 -32.70 -1.34 7.26
C ALA A 555 -33.32 -0.13 6.54
N ALA A 556 -32.55 0.95 6.34
CA ALA A 556 -33.06 2.20 5.76
C ALA A 556 -33.35 2.08 4.24
N ALA A 557 -32.58 1.20 3.54
CA ALA A 557 -32.88 0.79 2.14
C ALA A 557 -32.19 -0.55 1.82
N GLY A 558 -30.85 -0.59 2.07
CA GLY A 558 -30.05 -1.80 1.83
C GLY A 558 -29.15 -1.65 0.62
N GLN A 559 -28.26 -0.65 0.69
CA GLN A 559 -27.25 -0.37 -0.35
C GLN A 559 -26.08 0.37 0.36
N LYS A 560 -25.75 1.63 -0.01
CA LYS A 560 -24.84 2.48 0.75
C LYS A 560 -25.61 3.20 1.86
N VAL A 561 -26.93 2.91 1.98
CA VAL A 561 -27.86 3.41 3.02
C VAL A 561 -28.10 4.96 2.97
N PRO A 562 -29.41 5.40 2.96
CA PRO A 562 -29.80 6.83 3.05
C PRO A 562 -29.21 7.54 4.29
N GLU A 563 -29.17 6.82 5.42
CA GLU A 563 -28.62 7.33 6.69
C GLU A 563 -27.10 7.65 6.52
N VAL A 564 -26.36 6.77 5.82
CA VAL A 564 -24.89 6.90 5.62
C VAL A 564 -24.53 8.19 4.88
N LYS A 565 -25.48 8.76 4.10
CA LYS A 565 -25.36 10.12 3.56
C LYS A 565 -25.14 11.07 4.76
N TYR A 566 -23.93 11.63 4.86
CA TYR A 566 -23.46 12.33 6.07
C TYR A 566 -24.16 13.71 6.21
N ILE A 567 -24.32 14.21 7.46
CA ILE A 567 -25.10 15.45 7.71
C ILE A 567 -24.18 16.64 7.42
N PHE A 568 -24.47 17.33 6.31
CA PHE A 568 -23.61 18.36 5.73
C PHE A 568 -23.75 19.69 6.48
N GLU A 569 -22.74 20.04 7.29
CA GLU A 569 -22.76 21.26 8.10
C GLU A 569 -21.65 22.22 7.60
N LEU A 570 -22.06 23.43 7.17
CA LEU A 570 -21.12 24.46 6.66
C LEU A 570 -20.89 25.51 7.77
N ASN A 571 -19.65 26.02 7.88
CA ASN A 571 -19.34 27.11 8.84
C ASN A 571 -19.63 28.47 8.16
N PRO A 572 -20.66 29.24 8.62
CA PRO A 572 -21.00 30.56 8.04
C PRO A 572 -19.83 31.56 8.08
N ASP A 573 -19.04 31.50 9.17
CA ASP A 573 -17.94 32.45 9.40
C ASP A 573 -16.74 32.13 8.48
N HIS A 574 -16.69 30.90 7.94
CA HIS A 574 -15.63 30.50 7.00
C HIS A 574 -15.77 31.30 5.69
N VAL A 575 -14.65 31.90 5.23
CA VAL A 575 -14.61 32.83 4.08
C VAL A 575 -15.21 32.22 2.79
N LEU A 576 -14.99 30.91 2.57
CA LEU A 576 -15.52 30.19 1.37
C LEU A 576 -17.05 30.12 1.34
N VAL A 577 -17.69 30.01 2.53
CA VAL A 577 -19.17 29.93 2.65
C VAL A 577 -19.81 31.30 2.40
N LYS A 578 -19.12 32.37 2.88
CA LYS A 578 -19.51 33.77 2.61
C LYS A 578 -19.38 34.08 1.11
N ARG A 579 -18.28 33.58 0.52
CA ARG A 579 -17.95 33.78 -0.91
C ARG A 579 -18.95 33.02 -1.81
N ALA A 580 -19.43 31.86 -1.29
CA ALA A 580 -20.47 31.03 -1.94
C ALA A 580 -21.87 31.64 -1.77
N ALA A 581 -22.05 32.42 -0.69
CA ALA A 581 -23.31 33.13 -0.38
C ALA A 581 -23.45 34.38 -1.25
N ASP A 582 -22.31 34.97 -1.68
CA ASP A 582 -22.30 36.08 -2.65
C ASP A 582 -22.70 35.58 -4.05
N THR A 583 -22.47 34.28 -4.30
CA THR A 583 -22.74 33.63 -5.58
C THR A 583 -24.25 33.33 -5.71
N GLU A 584 -24.88 33.92 -6.73
CA GLU A 584 -26.30 33.65 -7.07
C GLU A 584 -26.36 32.62 -8.24
N ASP A 585 -25.34 32.68 -9.12
CA ASP A 585 -25.21 31.81 -10.31
C ASP A 585 -25.18 30.31 -9.94
N GLU A 586 -26.01 29.51 -10.64
CA GLU A 586 -26.18 28.06 -10.38
C GLU A 586 -24.92 27.24 -10.71
N ALA A 587 -24.19 27.65 -11.78
CA ALA A 587 -23.05 26.87 -12.31
C ALA A 587 -21.85 26.89 -11.35
N LYS A 588 -21.69 28.03 -10.65
CA LYS A 588 -20.68 28.18 -9.59
C LYS A 588 -21.21 27.65 -8.26
N PHE A 589 -22.50 27.91 -7.97
CA PHE A 589 -23.12 27.54 -6.68
C PHE A 589 -23.14 26.01 -6.48
N SER A 590 -23.30 25.27 -7.60
CA SER A 590 -23.21 23.79 -7.59
C SER A 590 -21.80 23.37 -7.15
N GLU A 591 -20.77 24.00 -7.77
CA GLU A 591 -19.36 23.72 -7.48
C GLU A 591 -19.02 24.10 -6.05
N TRP A 592 -19.55 25.23 -5.55
CA TRP A 592 -19.22 25.74 -4.20
C TRP A 592 -19.77 24.82 -3.11
N VAL A 593 -21.07 24.51 -3.18
CA VAL A 593 -21.77 23.65 -2.20
C VAL A 593 -21.17 22.24 -2.20
N GLU A 594 -21.09 21.63 -3.39
CA GLU A 594 -20.65 20.24 -3.55
C GLU A 594 -19.12 20.09 -3.33
N LEU A 595 -18.34 21.18 -3.54
CA LEU A 595 -16.89 21.22 -3.19
C LEU A 595 -16.75 20.93 -1.70
N LEU A 596 -17.49 21.71 -0.92
CA LEU A 596 -17.52 21.62 0.54
C LEU A 596 -18.16 20.29 1.01
N LEU A 597 -19.08 19.74 0.19
CA LEU A 597 -19.77 18.46 0.49
C LEU A 597 -18.77 17.29 0.42
N ASP A 598 -18.15 17.11 -0.75
CA ASP A 598 -17.15 16.04 -0.97
C ASP A 598 -15.96 16.19 0.00
N GLN A 599 -15.54 17.44 0.22
CA GLN A 599 -14.42 17.81 1.13
C GLN A 599 -14.76 17.53 2.60
N ALA A 600 -16.06 17.62 2.96
CA ALA A 600 -16.55 17.31 4.32
C ALA A 600 -16.50 15.79 4.58
N LEU A 601 -16.95 15.02 3.57
CA LEU A 601 -16.80 13.54 3.57
C LEU A 601 -15.32 13.17 3.67
N LEU A 602 -14.49 13.89 2.91
CA LEU A 602 -13.02 13.74 2.87
C LEU A 602 -12.40 14.07 4.25
N ALA A 603 -13.08 14.93 5.05
CA ALA A 603 -12.61 15.32 6.39
C ALA A 603 -12.94 14.23 7.44
N GLU A 604 -14.04 13.50 7.20
CA GLU A 604 -14.59 12.48 8.14
C GLU A 604 -14.02 11.09 7.82
N ARG A 605 -13.76 10.85 6.54
CA ARG A 605 -13.55 9.49 6.01
C ARG A 605 -12.25 9.39 5.21
N GLY A 606 -11.80 10.53 4.65
CA GLY A 606 -10.64 10.55 3.76
C GLY A 606 -10.92 9.95 2.39
N THR A 607 -12.19 9.62 2.12
CA THR A 607 -12.59 8.82 0.94
C THR A 607 -13.78 9.48 0.21
N LEU A 608 -13.76 9.41 -1.14
CA LEU A 608 -14.80 9.98 -2.02
C LEU A 608 -15.51 8.87 -2.82
N GLU A 609 -16.68 9.21 -3.42
CA GLU A 609 -17.48 8.27 -4.23
C GLU A 609 -16.82 8.02 -5.60
N ASP A 610 -16.65 9.09 -6.37
CA ASP A 610 -15.82 9.10 -7.59
C ASP A 610 -14.85 10.29 -7.47
N PRO A 611 -13.48 10.04 -7.49
CA PRO A 611 -12.48 11.13 -7.41
C PRO A 611 -12.61 12.15 -8.56
N ASN A 612 -13.01 11.64 -9.76
CA ASN A 612 -13.12 12.44 -11.02
C ASN A 612 -13.89 13.77 -10.80
N LEU A 613 -14.93 13.68 -9.96
CA LEU A 613 -15.81 14.80 -9.59
C LEU A 613 -15.05 15.94 -8.89
N PHE A 614 -14.34 15.63 -7.79
CA PHE A 614 -13.69 16.65 -6.94
C PHE A 614 -12.45 17.22 -7.65
N ILE A 615 -11.78 16.36 -8.43
CA ILE A 615 -10.66 16.75 -9.31
C ILE A 615 -11.14 17.76 -10.36
N ARG A 616 -12.36 17.53 -10.89
CA ARG A 616 -13.01 18.44 -11.86
C ARG A 616 -13.20 19.84 -11.25
N ARG A 617 -13.70 19.89 -10.01
CA ARG A 617 -14.03 21.17 -9.33
C ARG A 617 -12.75 22.00 -9.08
N MET A 618 -11.78 21.38 -8.39
CA MET A 618 -10.52 22.03 -7.97
C MET A 618 -9.72 22.56 -9.17
N ASN A 619 -9.50 21.67 -10.18
CA ASN A 619 -8.76 22.03 -11.40
C ASN A 619 -9.48 23.13 -12.19
N GLN A 620 -10.84 23.08 -12.22
CA GLN A 620 -11.67 24.07 -12.95
C GLN A 620 -11.54 25.47 -12.34
N LEU A 621 -11.56 25.53 -11.01
CA LEU A 621 -11.50 26.80 -10.26
C LEU A 621 -10.09 27.42 -10.32
N LEU A 622 -9.05 26.59 -10.56
CA LEU A 622 -7.67 27.08 -10.72
C LEU A 622 -7.31 27.42 -12.18
N VAL A 623 -7.84 26.66 -13.17
CA VAL A 623 -7.48 26.84 -14.60
C VAL A 623 -8.30 28.00 -15.22
N SER A 624 -9.59 28.08 -14.84
CA SER A 624 -10.49 29.16 -15.26
C SER A 624 -10.58 30.18 -14.09
N MET B 1 -58.40 0.98 -7.18
CA MET B 1 -58.55 1.66 -5.87
C MET B 1 -58.57 0.59 -4.77
N LYS B 2 -57.36 0.09 -4.42
CA LYS B 2 -57.19 -1.03 -3.47
C LYS B 2 -55.97 -0.78 -2.56
N GLY B 3 -54.77 -0.83 -3.16
CA GLY B 3 -53.52 -0.73 -2.41
C GLY B 3 -52.62 -1.95 -2.67
N GLN B 4 -51.30 -1.70 -2.74
CA GLN B 4 -50.27 -2.73 -2.97
C GLN B 4 -49.16 -2.60 -1.90
N GLU B 5 -48.03 -3.33 -2.11
CA GLU B 5 -46.84 -3.29 -1.25
C GLU B 5 -47.11 -3.90 0.15
N THR B 6 -46.60 -5.12 0.35
CA THR B 6 -46.76 -5.88 1.60
C THR B 6 -45.38 -6.12 2.26
N ARG B 7 -44.44 -5.17 2.04
CA ARG B 7 -43.00 -5.26 2.41
C ARG B 7 -42.25 -6.29 1.54
N GLY B 8 -40.92 -6.34 1.69
CA GLY B 8 -40.06 -7.24 0.91
C GLY B 8 -39.30 -6.50 -0.16
N PHE B 9 -38.07 -6.09 0.17
CA PHE B 9 -37.24 -5.23 -0.68
C PHE B 9 -35.96 -5.96 -1.13
N GLN B 10 -34.91 -5.95 -0.27
CA GLN B 10 -33.56 -6.44 -0.63
C GLN B 10 -32.72 -6.64 0.67
N SER B 11 -31.39 -6.29 0.62
CA SER B 11 -30.46 -6.20 1.77
C SER B 11 -29.84 -7.58 2.12
N GLU B 12 -30.59 -8.42 2.87
CA GLU B 12 -30.09 -9.70 3.41
C GLU B 12 -30.65 -10.86 2.59
N VAL B 13 -30.26 -10.89 1.31
CA VAL B 13 -30.62 -11.94 0.36
C VAL B 13 -29.61 -13.11 0.52
N LYS B 14 -28.31 -12.78 0.30
CA LYS B 14 -27.17 -13.73 0.45
C LYS B 14 -27.39 -15.04 -0.37
N GLN B 15 -26.67 -16.11 0.00
CA GLN B 15 -26.97 -17.46 -0.49
C GLN B 15 -28.00 -18.11 0.46
N LEU B 16 -27.58 -18.31 1.74
CA LEU B 16 -28.36 -19.06 2.78
C LEU B 16 -29.81 -18.54 2.95
N LEU B 17 -29.96 -17.21 3.09
CA LEU B 17 -31.29 -16.59 3.33
C LEU B 17 -32.19 -16.74 2.08
N HIS B 18 -31.55 -16.77 0.88
CA HIS B 18 -32.28 -16.95 -0.39
C HIS B 18 -32.66 -18.43 -0.57
N LEU B 19 -31.87 -19.35 0.05
CA LEU B 19 -32.20 -20.79 0.13
C LEU B 19 -33.41 -20.97 1.06
N MET B 20 -33.40 -20.24 2.20
CA MET B 20 -34.46 -20.33 3.25
C MET B 20 -35.84 -19.90 2.72
N ILE B 21 -35.84 -18.95 1.76
CA ILE B 21 -37.07 -18.54 1.03
C ILE B 21 -37.70 -19.76 0.34
N HIS B 22 -36.83 -20.58 -0.31
CA HIS B 22 -37.26 -21.78 -1.04
C HIS B 22 -37.20 -23.04 -0.17
N SER B 23 -36.80 -22.91 1.10
CA SER B 23 -36.81 -24.02 2.08
C SER B 23 -38.10 -23.99 2.94
N LEU B 24 -38.91 -22.93 2.76
CA LEU B 24 -40.24 -22.84 3.39
C LEU B 24 -41.28 -23.61 2.56
N TYR B 25 -41.36 -23.23 1.24
CA TYR B 25 -42.26 -23.81 0.18
C TYR B 25 -43.75 -24.05 0.60
N SER B 26 -44.13 -23.65 1.83
CA SER B 26 -45.44 -23.93 2.45
C SER B 26 -45.73 -25.45 2.56
N ASN B 27 -44.70 -26.31 2.34
CA ASN B 27 -44.96 -27.74 1.99
C ASN B 27 -44.39 -28.75 3.02
N LYS B 28 -43.23 -28.43 3.64
CA LYS B 28 -42.58 -29.23 4.74
C LYS B 28 -41.90 -30.55 4.27
N GLU B 29 -42.69 -31.41 3.58
CA GLU B 29 -42.36 -32.83 3.25
C GLU B 29 -41.04 -33.03 2.45
N ILE B 30 -40.50 -31.94 1.90
CA ILE B 30 -39.24 -31.92 1.14
C ILE B 30 -38.01 -32.35 1.99
N PHE B 31 -38.16 -32.42 3.35
CA PHE B 31 -37.09 -32.96 4.22
C PHE B 31 -36.63 -34.37 3.77
N LEU B 32 -37.59 -35.15 3.22
CA LEU B 32 -37.31 -36.48 2.68
C LEU B 32 -36.40 -36.41 1.41
N ARG B 33 -36.52 -35.32 0.61
CA ARG B 33 -35.67 -35.10 -0.59
C ARG B 33 -34.18 -35.02 -0.21
N GLU B 34 -33.85 -34.06 0.69
CA GLU B 34 -32.44 -33.83 1.11
C GLU B 34 -31.85 -35.09 1.76
N LEU B 35 -32.61 -35.68 2.69
CA LEU B 35 -32.19 -36.89 3.45
C LEU B 35 -31.71 -38.02 2.50
N ILE B 36 -32.56 -38.38 1.52
CA ILE B 36 -32.20 -39.42 0.53
C ILE B 36 -31.00 -38.95 -0.32
N SER B 37 -31.02 -37.68 -0.76
CA SER B 37 -29.95 -37.08 -1.61
C SER B 37 -28.59 -37.02 -0.88
N ASN B 38 -28.63 -36.97 0.47
CA ASN B 38 -27.41 -36.99 1.32
C ASN B 38 -26.86 -38.42 1.35
N ALA B 39 -27.78 -39.40 1.34
CA ALA B 39 -27.47 -40.84 1.39
C ALA B 39 -27.01 -41.33 0.01
N SER B 40 -27.50 -40.66 -1.04
CA SER B 40 -27.16 -40.93 -2.44
C SER B 40 -25.74 -40.43 -2.72
N ASP B 41 -25.46 -39.19 -2.26
CA ASP B 41 -24.14 -38.55 -2.44
C ASP B 41 -23.06 -39.32 -1.63
N ALA B 42 -23.47 -39.86 -0.47
CA ALA B 42 -22.60 -40.71 0.39
C ALA B 42 -22.34 -42.08 -0.28
N ALA B 43 -23.38 -42.65 -0.90
CA ALA B 43 -23.27 -43.93 -1.66
C ALA B 43 -22.34 -43.76 -2.88
N ASP B 44 -22.41 -42.56 -3.49
CA ASP B 44 -21.52 -42.14 -4.60
C ASP B 44 -20.05 -42.17 -4.15
N LYS B 45 -19.79 -41.58 -2.96
CA LYS B 45 -18.44 -41.56 -2.36
C LYS B 45 -17.89 -42.99 -2.18
N LEU B 46 -18.77 -43.93 -1.74
CA LEU B 46 -18.36 -45.34 -1.50
C LEU B 46 -18.05 -46.06 -2.83
N ARG B 47 -18.75 -45.67 -3.91
CA ARG B 47 -18.51 -46.21 -5.27
C ARG B 47 -17.08 -45.84 -5.75
N PHE B 48 -16.64 -44.60 -5.42
CA PHE B 48 -15.27 -44.13 -5.76
C PHE B 48 -14.20 -44.77 -4.86
N ARG B 49 -14.45 -44.77 -3.54
CA ARG B 49 -13.49 -45.26 -2.54
C ARG B 49 -13.27 -46.78 -2.69
N ALA B 50 -14.31 -47.48 -3.19
CA ALA B 50 -14.25 -48.91 -3.51
C ALA B 50 -13.16 -49.23 -4.55
N LEU B 51 -12.92 -48.27 -5.45
CA LEU B 51 -11.91 -48.41 -6.50
C LEU B 51 -10.50 -48.40 -5.88
N SER B 52 -10.32 -47.65 -4.78
CA SER B 52 -9.03 -47.57 -4.07
C SER B 52 -8.93 -48.65 -2.96
N ASN B 53 -10.09 -49.24 -2.61
CA ASN B 53 -10.18 -50.33 -1.61
C ASN B 53 -11.61 -50.92 -1.63
N PRO B 54 -11.83 -52.13 -2.25
CA PRO B 54 -13.18 -52.75 -2.32
C PRO B 54 -13.62 -53.40 -0.99
N ASP B 55 -12.68 -53.52 -0.03
CA ASP B 55 -12.94 -54.12 1.31
C ASP B 55 -13.91 -53.25 2.15
N LEU B 56 -14.11 -52.01 1.69
CA LEU B 56 -15.05 -51.05 2.32
C LEU B 56 -16.52 -51.53 2.23
N TYR B 57 -16.81 -52.45 1.28
CA TYR B 57 -18.14 -53.10 1.19
C TYR B 57 -18.36 -54.12 2.32
N GLU B 58 -17.24 -54.66 2.86
CA GLU B 58 -17.25 -55.55 4.06
C GLU B 58 -18.07 -56.84 3.82
N GLY B 59 -18.15 -57.26 2.54
CA GLY B 59 -18.96 -58.41 2.12
C GLY B 59 -20.33 -57.97 1.58
N ASP B 60 -20.88 -56.89 2.15
CA ASP B 60 -22.16 -56.30 1.72
C ASP B 60 -21.91 -55.27 0.59
N GLY B 61 -22.04 -55.73 -0.67
CA GLY B 61 -21.71 -54.91 -1.85
C GLY B 61 -22.92 -54.17 -2.44
N GLU B 62 -24.13 -54.61 -2.05
CA GLU B 62 -25.41 -54.09 -2.59
C GLU B 62 -25.80 -52.79 -1.86
N LEU B 63 -25.46 -51.65 -2.48
CA LEU B 63 -25.71 -50.29 -1.92
C LEU B 63 -27.18 -49.87 -2.14
N ARG B 64 -27.81 -49.40 -1.05
CA ARG B 64 -29.20 -48.93 -1.02
C ARG B 64 -29.44 -48.08 0.26
N VAL B 65 -30.47 -47.22 0.23
CA VAL B 65 -30.92 -46.47 1.42
C VAL B 65 -32.31 -46.97 1.83
N ARG B 66 -32.47 -47.27 3.13
CA ARG B 66 -33.66 -47.94 3.68
C ARG B 66 -34.32 -47.10 4.78
N VAL B 67 -35.55 -46.68 4.54
CA VAL B 67 -36.36 -45.90 5.49
C VAL B 67 -37.11 -46.86 6.44
N SER B 68 -37.35 -46.42 7.67
CA SER B 68 -38.15 -47.11 8.69
C SER B 68 -38.93 -46.05 9.48
N PHE B 69 -39.99 -46.46 10.19
CA PHE B 69 -40.80 -45.53 11.01
C PHE B 69 -41.39 -46.26 12.21
N ASP B 70 -41.69 -45.49 13.26
CA ASP B 70 -42.31 -45.98 14.49
C ASP B 70 -43.24 -44.90 15.04
N LYS B 71 -44.51 -45.26 15.29
CA LYS B 71 -45.57 -44.31 15.70
C LYS B 71 -45.63 -44.14 17.21
N ASP B 72 -45.09 -45.12 17.96
CA ASP B 72 -45.07 -45.08 19.43
C ASP B 72 -43.98 -44.12 19.94
N LYS B 73 -42.82 -44.13 19.26
CA LYS B 73 -41.68 -43.24 19.54
C LYS B 73 -41.78 -41.95 18.68
N ARG B 74 -42.64 -42.01 17.64
CA ARG B 74 -42.87 -40.91 16.67
C ARG B 74 -41.54 -40.45 16.03
N THR B 75 -40.82 -41.43 15.47
CA THR B 75 -39.51 -41.22 14.82
C THR B 75 -39.47 -41.87 13.43
N LEU B 76 -38.89 -41.15 12.46
CA LEU B 76 -38.72 -41.58 11.07
C LEU B 76 -37.20 -41.71 10.79
N THR B 77 -36.77 -42.96 10.53
CA THR B 77 -35.35 -43.34 10.46
C THR B 77 -34.95 -43.72 9.01
N ILE B 78 -34.23 -42.81 8.32
CA ILE B 78 -33.72 -43.01 6.95
C ILE B 78 -32.26 -43.48 7.08
N SER B 79 -32.07 -44.82 7.06
CA SER B 79 -30.76 -45.45 7.31
C SER B 79 -30.19 -46.08 6.01
N ASP B 80 -29.10 -45.48 5.48
CA ASP B 80 -28.35 -46.00 4.31
C ASP B 80 -27.20 -46.91 4.76
N ASN B 81 -26.75 -47.78 3.83
CA ASN B 81 -25.52 -48.59 4.02
C ASN B 81 -24.36 -47.96 3.19
N GLY B 82 -24.39 -46.63 3.00
CA GLY B 82 -23.40 -45.93 2.19
C GLY B 82 -22.01 -45.88 2.82
N VAL B 83 -21.18 -44.90 2.41
CA VAL B 83 -19.83 -44.73 2.99
C VAL B 83 -19.92 -44.22 4.44
N GLY B 84 -21.02 -43.54 4.76
CA GLY B 84 -21.16 -42.86 6.04
C GLY B 84 -20.29 -41.61 6.11
N MET B 85 -19.94 -41.18 7.33
CA MET B 85 -19.05 -40.03 7.57
C MET B 85 -18.15 -40.31 8.78
N THR B 86 -16.87 -39.91 8.69
CA THR B 86 -15.94 -39.90 9.82
C THR B 86 -16.16 -38.62 10.66
N ARG B 87 -15.67 -38.63 11.92
CA ARG B 87 -15.90 -37.55 12.92
C ARG B 87 -15.47 -36.18 12.39
N ASP B 88 -14.35 -36.15 11.65
CA ASP B 88 -13.84 -34.92 11.00
C ASP B 88 -14.91 -34.33 10.06
N GLU B 89 -15.48 -35.17 9.17
CA GLU B 89 -16.49 -34.72 8.17
C GLU B 89 -17.84 -34.38 8.84
N VAL B 90 -18.20 -35.09 9.93
CA VAL B 90 -19.47 -34.83 10.67
C VAL B 90 -19.46 -33.44 11.30
N ILE B 91 -18.31 -33.05 11.87
CA ILE B 91 -18.11 -31.71 12.46
C ILE B 91 -17.92 -30.66 11.35
N ASP B 92 -17.19 -31.06 10.28
CA ASP B 92 -16.85 -30.20 9.11
C ASP B 92 -18.09 -29.88 8.26
N HIS B 93 -19.13 -30.73 8.36
CA HIS B 93 -20.37 -30.57 7.58
C HIS B 93 -21.55 -30.18 8.48
N LEU B 94 -22.01 -31.13 9.30
CA LEU B 94 -23.23 -30.96 10.12
C LEU B 94 -22.97 -29.95 11.25
N GLY B 95 -21.81 -30.10 11.92
CA GLY B 95 -21.41 -29.24 13.04
C GLY B 95 -21.17 -27.78 12.63
N THR B 96 -20.77 -27.57 11.36
CA THR B 96 -20.54 -26.24 10.80
C THR B 96 -21.85 -25.60 10.28
N ILE B 97 -22.92 -26.42 10.13
CA ILE B 97 -24.28 -25.89 9.90
C ILE B 97 -24.85 -25.36 11.24
N ALA B 98 -24.49 -26.09 12.32
CA ALA B 98 -24.69 -25.65 13.70
C ALA B 98 -23.56 -24.65 14.09
N LYS B 99 -23.43 -24.36 15.39
CA LYS B 99 -22.41 -23.40 15.86
C LYS B 99 -21.02 -24.05 15.92
N SER B 100 -20.16 -23.73 14.95
CA SER B 100 -18.75 -24.16 14.95
C SER B 100 -17.85 -22.94 14.68
N GLY B 101 -18.02 -22.31 13.49
CA GLY B 101 -17.29 -21.08 13.14
C GLY B 101 -16.88 -21.03 11.67
N THR B 102 -17.87 -21.07 10.76
CA THR B 102 -17.64 -20.93 9.30
C THR B 102 -17.83 -19.48 8.83
N LYS B 103 -18.59 -18.67 9.60
CA LYS B 103 -18.91 -17.26 9.29
C LYS B 103 -19.70 -17.14 7.95
N SER B 104 -18.96 -17.16 6.82
CA SER B 104 -19.51 -17.06 5.46
C SER B 104 -18.76 -18.05 4.55
N PHE B 105 -17.41 -17.96 4.58
CA PHE B 105 -16.51 -18.94 3.94
C PHE B 105 -15.47 -19.46 4.94
N LEU B 106 -15.17 -18.63 5.97
CA LEU B 106 -14.09 -18.86 6.95
C LEU B 106 -14.10 -17.68 7.94
N GLU B 107 -13.62 -17.94 9.17
CA GLU B 107 -13.52 -16.93 10.24
C GLU B 107 -12.62 -15.72 9.87
N SER B 108 -11.49 -15.97 9.14
CA SER B 108 -10.44 -14.95 8.90
C SER B 108 -10.25 -14.61 7.40
N LEU B 109 -9.79 -15.58 6.57
CA LEU B 109 -9.32 -15.29 5.18
C LEU B 109 -10.49 -15.42 4.17
N GLY B 110 -11.49 -16.26 4.51
CA GLY B 110 -12.65 -16.49 3.66
C GLY B 110 -12.31 -17.27 2.39
N SER B 111 -11.50 -18.33 2.53
CA SER B 111 -11.05 -19.16 1.38
C SER B 111 -10.85 -20.63 1.80
N ASP B 112 -10.21 -20.84 2.98
CA ASP B 112 -9.85 -22.19 3.49
C ASP B 112 -11.06 -23.13 3.59
N GLN B 113 -12.09 -22.69 4.32
CA GLN B 113 -13.30 -23.50 4.54
C GLN B 113 -14.35 -23.25 3.44
N ALA B 114 -13.99 -22.55 2.33
CA ALA B 114 -14.98 -22.05 1.31
C ALA B 114 -15.76 -23.17 0.57
N LYS B 115 -15.49 -24.43 0.92
CA LYS B 115 -16.35 -25.57 0.57
C LYS B 115 -17.36 -25.85 1.72
N ASP B 116 -17.79 -24.78 2.42
CA ASP B 116 -18.76 -24.84 3.55
C ASP B 116 -20.15 -24.46 3.05
N SER B 117 -20.18 -23.53 2.09
CA SER B 117 -21.40 -23.11 1.40
C SER B 117 -22.10 -24.29 0.66
N GLN B 118 -21.36 -25.42 0.50
CA GLN B 118 -21.83 -26.62 -0.24
C GLN B 118 -22.66 -27.57 0.63
N LEU B 119 -22.24 -27.77 1.89
CA LEU B 119 -23.03 -28.57 2.85
C LEU B 119 -24.19 -27.74 3.41
N ILE B 120 -24.04 -26.40 3.38
CA ILE B 120 -25.16 -25.47 3.63
C ILE B 120 -26.19 -25.58 2.48
N GLY B 121 -25.66 -25.69 1.24
CA GLY B 121 -26.48 -25.87 0.04
C GLY B 121 -27.30 -27.18 0.01
N GLN B 122 -26.64 -28.30 0.37
CA GLN B 122 -27.25 -29.65 0.27
C GLN B 122 -27.91 -30.08 1.60
N PHE B 123 -27.10 -30.10 2.68
CA PHE B 123 -27.52 -30.62 4.00
C PHE B 123 -28.24 -29.54 4.83
N GLY B 124 -27.92 -28.25 4.55
CA GLY B 124 -28.45 -27.11 5.33
C GLY B 124 -29.94 -26.87 5.09
N VAL B 125 -30.39 -27.12 3.85
CA VAL B 125 -31.82 -27.11 3.50
C VAL B 125 -32.54 -28.24 4.25
N GLY B 126 -31.86 -29.40 4.33
CA GLY B 126 -32.36 -30.57 5.06
C GLY B 126 -32.39 -30.39 6.56
N PHE B 127 -31.49 -29.53 7.08
CA PHE B 127 -31.44 -29.15 8.50
C PHE B 127 -32.71 -28.33 8.84
N TYR B 128 -32.96 -27.28 8.04
CA TYR B 128 -34.12 -26.38 8.20
C TYR B 128 -35.45 -27.17 8.13
N SER B 129 -35.60 -27.94 7.04
CA SER B 129 -36.85 -28.67 6.70
C SER B 129 -37.15 -29.77 7.73
N ALA B 130 -36.08 -30.44 8.22
CA ALA B 130 -36.16 -31.44 9.30
C ALA B 130 -36.75 -30.79 10.56
N PHE B 131 -36.21 -29.63 10.94
CA PHE B 131 -36.64 -28.88 12.14
C PHE B 131 -37.90 -28.04 11.89
N ILE B 132 -38.55 -28.22 10.72
CA ILE B 132 -39.93 -27.75 10.51
C ILE B 132 -40.91 -28.84 11.04
N VAL B 133 -40.65 -30.11 10.66
CA VAL B 133 -41.53 -31.26 11.01
C VAL B 133 -41.07 -31.99 12.28
N ALA B 134 -39.86 -31.65 12.81
CA ALA B 134 -39.24 -32.41 13.93
C ALA B 134 -38.55 -31.48 14.93
N ASP B 135 -38.32 -32.00 16.14
CA ASP B 135 -37.68 -31.28 17.25
C ASP B 135 -36.20 -31.67 17.36
N LYS B 136 -35.91 -32.97 17.20
CA LYS B 136 -34.54 -33.52 17.29
C LYS B 136 -34.20 -34.27 15.99
N VAL B 137 -32.99 -34.04 15.46
CA VAL B 137 -32.42 -34.87 14.40
C VAL B 137 -31.17 -35.57 14.96
N THR B 138 -31.18 -36.90 14.85
CA THR B 138 -30.13 -37.78 15.35
C THR B 138 -29.45 -38.45 14.15
N VAL B 139 -28.18 -38.08 13.88
CA VAL B 139 -27.37 -38.69 12.82
C VAL B 139 -26.40 -39.68 13.48
N ARG B 140 -26.62 -40.97 13.26
CA ARG B 140 -25.81 -42.05 13.82
C ARG B 140 -25.15 -42.80 12.66
N THR B 141 -23.96 -42.35 12.28
CA THR B 141 -23.22 -42.88 11.12
C THR B 141 -22.07 -43.81 11.55
N ARG B 142 -21.45 -44.48 10.56
CA ARG B 142 -20.22 -45.27 10.73
C ARG B 142 -19.59 -45.44 9.35
N ALA B 143 -18.33 -44.99 9.22
CA ALA B 143 -17.61 -44.98 7.94
C ALA B 143 -17.29 -46.41 7.44
N ALA B 144 -17.34 -46.56 6.11
CA ALA B 144 -17.20 -47.85 5.42
C ALA B 144 -15.76 -48.39 5.49
N GLY B 145 -15.62 -49.67 5.87
CA GLY B 145 -14.31 -50.31 6.02
C GLY B 145 -13.56 -49.91 7.30
N GLU B 146 -13.94 -48.77 7.90
CA GLU B 146 -13.47 -48.33 9.21
C GLU B 146 -14.12 -49.17 10.30
N LYS B 147 -13.35 -49.44 11.37
CA LYS B 147 -13.80 -50.20 12.55
C LYS B 147 -15.13 -49.63 13.11
N PRO B 148 -16.07 -50.48 13.64
CA PRO B 148 -17.33 -50.03 14.29
C PRO B 148 -17.16 -48.85 15.26
N GLU B 149 -16.03 -48.84 15.99
CA GLU B 149 -15.69 -47.80 16.99
C GLU B 149 -15.53 -46.40 16.35
N ASN B 150 -15.16 -46.36 15.05
CA ASN B 150 -15.04 -45.10 14.26
C ASN B 150 -16.41 -44.63 13.74
N GLY B 151 -17.51 -45.17 14.31
CA GLY B 151 -18.84 -44.62 14.12
C GLY B 151 -18.99 -43.32 14.85
N VAL B 152 -19.90 -42.46 14.38
CA VAL B 152 -20.11 -41.13 14.96
C VAL B 152 -21.60 -40.92 15.26
N PHE B 153 -21.88 -40.56 16.49
CA PHE B 153 -23.19 -40.06 16.93
C PHE B 153 -23.20 -38.54 16.75
N TRP B 154 -24.33 -38.01 16.31
CA TRP B 154 -24.57 -36.58 16.15
C TRP B 154 -26.03 -36.31 16.49
N GLU B 155 -26.30 -35.11 17.00
CA GLU B 155 -27.62 -34.68 17.40
C GLU B 155 -27.70 -33.15 17.33
N SER B 156 -28.92 -32.64 17.15
CA SER B 156 -29.23 -31.22 17.30
C SER B 156 -30.72 -31.08 17.64
N ALA B 157 -31.04 -30.11 18.51
CA ALA B 157 -32.43 -29.70 18.81
C ALA B 157 -32.85 -28.53 17.88
N GLY B 158 -31.97 -28.19 16.91
CA GLY B 158 -32.17 -27.02 16.03
C GLY B 158 -31.55 -25.75 16.60
N GLU B 159 -31.01 -25.85 17.82
CA GLU B 159 -30.35 -24.74 18.56
C GLU B 159 -28.95 -24.45 18.00
N GLY B 160 -28.26 -23.46 18.62
CA GLY B 160 -26.88 -23.11 18.28
C GLY B 160 -25.86 -24.06 18.91
N GLU B 161 -26.04 -25.36 18.64
CA GLU B 161 -25.29 -26.45 19.28
C GLU B 161 -25.36 -27.70 18.41
N TYR B 162 -24.46 -28.65 18.69
CA TYR B 162 -24.47 -29.99 18.11
C TYR B 162 -23.81 -30.98 19.07
N THR B 163 -24.52 -32.07 19.37
CA THR B 163 -24.02 -33.13 20.26
C THR B 163 -23.38 -34.22 19.39
N VAL B 164 -22.05 -34.13 19.22
CA VAL B 164 -21.26 -35.06 18.42
C VAL B 164 -20.32 -35.86 19.36
N ALA B 165 -20.31 -37.19 19.20
CA ALA B 165 -19.41 -38.09 19.95
C ALA B 165 -19.25 -39.38 19.16
N ASP B 166 -18.02 -39.89 19.05
CA ASP B 166 -17.74 -41.13 18.33
C ASP B 166 -18.13 -42.35 19.18
N ILE B 167 -18.92 -43.27 18.58
CA ILE B 167 -19.45 -44.46 19.25
C ILE B 167 -19.21 -45.71 18.40
N THR B 168 -19.53 -46.89 18.97
CA THR B 168 -19.41 -48.17 18.27
C THR B 168 -20.76 -48.54 17.59
N LYS B 169 -20.74 -48.72 16.26
CA LYS B 169 -21.88 -49.22 15.49
C LYS B 169 -21.36 -50.19 14.40
N GLU B 170 -21.62 -51.49 14.57
CA GLU B 170 -21.19 -52.55 13.63
C GLU B 170 -21.81 -52.35 12.23
N ASP B 171 -22.99 -51.71 12.18
CA ASP B 171 -23.68 -51.36 10.92
C ASP B 171 -22.87 -50.31 10.13
N ARG B 172 -22.83 -50.47 8.80
CA ARG B 172 -22.14 -49.55 7.89
C ARG B 172 -23.14 -48.50 7.39
N GLY B 173 -22.65 -47.28 7.11
CA GLY B 173 -23.50 -46.21 6.58
C GLY B 173 -24.07 -45.34 7.68
N THR B 174 -25.17 -44.64 7.37
CA THR B 174 -25.72 -43.60 8.25
C THR B 174 -27.18 -43.92 8.65
N GLU B 175 -27.55 -43.46 9.85
CA GLU B 175 -28.93 -43.48 10.37
C GLU B 175 -29.38 -42.02 10.54
N ILE B 176 -30.52 -41.63 9.94
CA ILE B 176 -31.09 -40.28 10.13
C ILE B 176 -32.47 -40.42 10.80
N THR B 177 -32.50 -40.21 12.13
CA THR B 177 -33.71 -40.40 12.96
C THR B 177 -34.24 -39.03 13.42
N LEU B 178 -35.39 -38.63 12.86
CA LEU B 178 -36.08 -37.38 13.20
C LEU B 178 -37.19 -37.70 14.22
N HIS B 179 -37.18 -37.03 15.37
CA HIS B 179 -38.27 -37.10 16.34
C HIS B 179 -39.33 -36.07 15.94
N LEU B 180 -40.38 -36.56 15.24
CA LEU B 180 -41.46 -35.73 14.69
C LEU B 180 -42.24 -34.98 15.78
N ARG B 181 -42.79 -33.82 15.40
CA ARG B 181 -43.66 -33.01 16.26
C ARG B 181 -45.07 -33.61 16.30
N GLU B 182 -45.73 -33.48 17.45
CA GLU B 182 -47.13 -33.93 17.64
C GLU B 182 -48.05 -33.15 16.67
N GLY B 183 -48.62 -33.86 15.68
CA GLY B 183 -49.36 -33.23 14.59
C GLY B 183 -48.77 -33.61 13.24
N GLU B 184 -47.44 -33.74 13.18
CA GLU B 184 -46.69 -34.14 11.95
C GLU B 184 -46.67 -35.67 11.77
N ASP B 185 -47.62 -36.35 12.40
CA ASP B 185 -47.62 -37.81 12.56
C ASP B 185 -48.05 -38.56 11.29
N GLU B 186 -48.52 -37.82 10.26
CA GLU B 186 -48.85 -38.40 8.94
C GLU B 186 -47.57 -38.82 8.20
N PHE B 187 -46.43 -38.21 8.58
CA PHE B 187 -45.09 -38.61 8.06
C PHE B 187 -44.56 -39.88 8.80
N LEU B 188 -45.47 -40.57 9.54
CA LEU B 188 -45.23 -41.92 10.08
C LEU B 188 -46.11 -42.96 9.36
N ASP B 189 -47.14 -42.48 8.62
CA ASP B 189 -48.05 -43.35 7.84
C ASP B 189 -47.34 -43.81 6.57
N ASP B 190 -47.24 -45.15 6.39
CA ASP B 190 -46.47 -45.77 5.29
C ASP B 190 -46.86 -45.20 3.92
N TRP B 191 -48.17 -45.14 3.60
CA TRP B 191 -48.66 -44.67 2.28
C TRP B 191 -48.18 -43.23 1.98
N ARG B 192 -48.27 -42.36 2.99
CA ARG B 192 -47.92 -40.93 2.87
C ARG B 192 -46.43 -40.77 2.61
N VAL B 193 -45.61 -41.38 3.50
CA VAL B 193 -44.14 -41.33 3.41
C VAL B 193 -43.68 -41.79 2.02
N ARG B 194 -44.21 -42.95 1.58
CA ARG B 194 -43.82 -43.61 0.31
C ARG B 194 -44.19 -42.78 -0.94
N SER B 195 -45.28 -42.01 -0.86
CA SER B 195 -45.67 -41.09 -1.93
C SER B 195 -44.63 -39.97 -2.06
N ILE B 196 -44.24 -39.39 -0.90
CA ILE B 196 -43.25 -38.30 -0.87
C ILE B 196 -41.85 -38.83 -1.26
N ILE B 197 -41.57 -40.08 -0.85
CA ILE B 197 -40.30 -40.77 -1.15
C ILE B 197 -40.17 -40.95 -2.67
N SER B 198 -41.22 -41.49 -3.33
CA SER B 198 -41.21 -41.80 -4.79
C SER B 198 -41.01 -40.52 -5.64
N LYS B 199 -41.61 -39.39 -5.16
CA LYS B 199 -41.45 -38.06 -5.81
C LYS B 199 -39.98 -37.61 -5.96
N TYR B 200 -39.05 -38.24 -5.19
CA TYR B 200 -37.62 -37.88 -5.19
C TYR B 200 -36.73 -39.08 -5.57
N SER B 201 -37.07 -40.23 -5.02
CA SER B 201 -36.27 -41.47 -5.13
C SER B 201 -36.22 -41.96 -6.59
N ASP B 202 -37.31 -41.69 -7.34
CA ASP B 202 -37.44 -42.14 -8.74
C ASP B 202 -36.38 -41.50 -9.66
N HIS B 203 -35.91 -40.28 -9.30
CA HIS B 203 -34.88 -39.55 -10.09
C HIS B 203 -33.46 -39.94 -9.64
N ILE B 204 -33.35 -40.72 -8.55
CA ILE B 204 -32.06 -41.04 -7.90
C ILE B 204 -31.57 -42.45 -8.33
N ALA B 205 -30.24 -42.55 -8.58
CA ALA B 205 -29.57 -43.79 -9.07
C ALA B 205 -29.16 -44.73 -7.89
N LEU B 206 -29.76 -44.52 -6.71
CA LEU B 206 -29.56 -45.37 -5.52
C LEU B 206 -30.92 -45.99 -5.14
N PRO B 207 -31.06 -47.37 -5.10
CA PRO B 207 -32.29 -48.06 -4.64
C PRO B 207 -32.76 -47.57 -3.25
N VAL B 208 -33.90 -46.85 -3.23
CA VAL B 208 -34.51 -46.39 -1.98
C VAL B 208 -35.64 -47.35 -1.59
N GLU B 209 -35.32 -48.23 -0.65
CA GLU B 209 -36.26 -49.21 -0.08
C GLU B 209 -36.86 -48.64 1.22
N ILE B 210 -37.98 -49.23 1.68
CA ILE B 210 -38.64 -48.81 2.93
C ILE B 210 -39.15 -50.04 3.69
N GLU B 211 -39.21 -49.90 5.01
CA GLU B 211 -39.73 -50.89 5.92
C GLU B 211 -41.23 -51.14 5.65
N LYS B 212 -41.53 -52.36 5.24
CA LYS B 212 -42.87 -52.94 5.36
C LYS B 212 -42.77 -54.05 6.41
N ARG B 213 -43.01 -53.68 7.68
CA ARG B 213 -42.88 -54.60 8.82
C ARG B 213 -44.24 -54.74 9.53
N GLU B 214 -44.59 -56.01 9.81
CA GLU B 214 -45.74 -56.37 10.62
C GLU B 214 -45.21 -56.86 11.99
N GLU B 215 -45.40 -56.02 13.03
CA GLU B 215 -45.03 -56.37 14.41
C GLU B 215 -46.15 -57.28 14.97
N LYS B 216 -46.02 -58.56 14.62
CA LYS B 216 -47.04 -59.59 14.86
C LYS B 216 -46.54 -60.51 15.98
N ASP B 217 -47.46 -60.99 16.86
CA ASP B 217 -47.10 -61.71 18.12
C ASP B 217 -46.16 -62.90 17.85
N GLY B 218 -44.86 -62.72 18.19
CA GLY B 218 -43.81 -63.70 17.90
C GLY B 218 -43.21 -63.55 16.50
N GLU B 219 -44.06 -63.20 15.53
CA GLU B 219 -43.72 -63.09 14.10
C GLU B 219 -43.33 -61.65 13.76
N THR B 220 -42.08 -61.25 14.06
CA THR B 220 -41.56 -59.95 13.62
C THR B 220 -41.27 -60.04 12.11
N VAL B 221 -42.31 -59.80 11.29
CA VAL B 221 -42.21 -59.86 9.84
C VAL B 221 -41.60 -58.54 9.35
N ILE B 222 -40.39 -58.59 8.78
CA ILE B 222 -39.70 -57.39 8.23
C ILE B 222 -39.43 -57.60 6.74
N SER B 223 -39.75 -56.57 5.94
CA SER B 223 -39.47 -56.54 4.49
C SER B 223 -39.01 -55.13 4.10
N TRP B 224 -38.30 -55.02 2.96
CA TRP B 224 -37.79 -53.74 2.45
C TRP B 224 -38.21 -53.61 0.98
N GLU B 225 -39.16 -52.70 0.72
CA GLU B 225 -39.79 -52.53 -0.59
C GLU B 225 -39.19 -51.31 -1.31
N LYS B 226 -38.48 -51.57 -2.43
CA LYS B 226 -37.92 -50.49 -3.26
C LYS B 226 -39.04 -49.77 -4.03
N ILE B 227 -39.17 -48.47 -3.76
CA ILE B 227 -40.25 -47.63 -4.29
C ILE B 227 -39.83 -47.02 -5.64
N ASN B 228 -38.50 -46.90 -5.83
CA ASN B 228 -37.88 -46.23 -6.99
C ASN B 228 -37.47 -47.24 -8.08
N LYS B 229 -37.19 -46.73 -9.30
CA LYS B 229 -36.65 -47.53 -10.42
C LYS B 229 -35.24 -48.09 -10.10
N ALA B 230 -34.50 -47.36 -9.23
CA ALA B 230 -33.14 -47.74 -8.76
C ALA B 230 -32.16 -47.82 -9.94
N GLN B 231 -32.32 -46.90 -10.89
CA GLN B 231 -31.59 -46.91 -12.17
C GLN B 231 -31.05 -45.51 -12.44
N ALA B 232 -29.95 -45.45 -13.21
CA ALA B 232 -29.35 -44.19 -13.65
C ALA B 232 -30.37 -43.34 -14.44
N LEU B 233 -30.78 -42.20 -13.85
CA LEU B 233 -31.71 -41.25 -14.48
C LEU B 233 -31.23 -40.90 -15.90
N TRP B 234 -29.94 -40.55 -16.00
CA TRP B 234 -29.31 -40.12 -17.25
C TRP B 234 -29.32 -41.24 -18.33
N THR B 235 -29.19 -42.53 -17.91
CA THR B 235 -29.20 -43.66 -18.88
C THR B 235 -30.62 -43.82 -19.47
N ARG B 236 -31.65 -43.54 -18.64
CA ARG B 236 -33.05 -43.43 -19.09
C ARG B 236 -33.20 -42.22 -20.04
N ASN B 237 -33.99 -42.37 -21.12
CA ASN B 237 -34.05 -41.35 -22.18
C ASN B 237 -34.93 -40.15 -21.78
N LYS B 238 -34.94 -39.11 -22.62
CA LYS B 238 -35.62 -37.82 -22.33
C LYS B 238 -37.14 -37.97 -22.11
N SER B 239 -37.74 -39.00 -22.74
CA SER B 239 -39.19 -39.26 -22.63
C SER B 239 -39.51 -40.12 -21.38
N GLU B 240 -38.51 -40.86 -20.87
CA GLU B 240 -38.67 -41.68 -19.65
C GLU B 240 -38.45 -40.84 -18.38
N ILE B 241 -37.71 -39.73 -18.52
CA ILE B 241 -37.49 -38.78 -17.42
C ILE B 241 -38.51 -37.65 -17.55
N THR B 242 -39.21 -37.32 -16.45
CA THR B 242 -40.17 -36.21 -16.44
C THR B 242 -39.48 -34.89 -16.07
N ASP B 243 -40.21 -33.78 -16.31
CA ASP B 243 -39.78 -32.40 -16.01
C ASP B 243 -39.33 -32.25 -14.54
N GLU B 244 -40.15 -32.83 -13.64
CA GLU B 244 -39.89 -32.88 -12.19
C GLU B 244 -38.51 -33.49 -11.91
N GLU B 245 -38.29 -34.70 -12.44
CA GLU B 245 -37.08 -35.49 -12.20
C GLU B 245 -35.80 -34.73 -12.59
N TYR B 246 -35.84 -34.02 -13.73
CA TYR B 246 -34.69 -33.20 -14.18
C TYR B 246 -34.36 -32.11 -13.13
N LYS B 247 -35.35 -31.26 -12.86
CA LYS B 247 -35.20 -30.10 -11.94
C LYS B 247 -34.86 -30.56 -10.50
N GLU B 248 -35.33 -31.74 -10.13
CA GLU B 248 -35.21 -32.29 -8.76
C GLU B 248 -33.88 -33.06 -8.62
N PHE B 249 -33.37 -33.62 -9.74
CA PHE B 249 -32.05 -34.30 -9.78
C PHE B 249 -30.94 -33.25 -9.78
N TYR B 250 -31.25 -32.06 -10.34
CA TYR B 250 -30.40 -30.86 -10.23
C TYR B 250 -30.10 -30.55 -8.75
N LYS B 251 -31.14 -30.71 -7.91
CA LYS B 251 -31.08 -30.41 -6.47
C LYS B 251 -30.09 -31.36 -5.73
N HIS B 252 -29.80 -32.52 -6.35
CA HIS B 252 -28.74 -33.45 -5.88
C HIS B 252 -27.36 -33.00 -6.44
N ILE B 253 -27.21 -33.05 -7.78
CA ILE B 253 -25.87 -32.98 -8.46
C ILE B 253 -25.17 -31.62 -8.33
N ALA B 254 -25.95 -30.55 -8.10
CA ALA B 254 -25.43 -29.17 -8.04
C ALA B 254 -25.06 -28.76 -6.59
N HIS B 255 -25.57 -29.54 -5.59
CA HIS B 255 -25.53 -29.14 -4.15
C HIS B 255 -26.26 -27.79 -3.93
N ASP B 256 -27.20 -27.49 -4.85
CA ASP B 256 -28.05 -26.30 -4.83
C ASP B 256 -29.39 -26.71 -5.44
N PHE B 257 -30.49 -26.11 -4.97
CA PHE B 257 -31.83 -26.67 -5.18
C PHE B 257 -32.83 -25.64 -5.76
N ASN B 258 -32.36 -24.44 -6.09
CA ASN B 258 -33.21 -23.44 -6.78
C ASN B 258 -33.30 -23.85 -8.26
N ASP B 259 -34.54 -24.05 -8.76
CA ASP B 259 -34.80 -24.64 -10.11
C ASP B 259 -34.03 -23.89 -11.22
N PRO B 260 -33.40 -24.63 -12.18
CA PRO B 260 -32.58 -24.02 -13.24
C PRO B 260 -33.44 -23.30 -14.30
N LEU B 261 -32.81 -22.36 -15.03
CA LEU B 261 -33.44 -21.61 -16.13
C LEU B 261 -33.81 -22.56 -17.29
N THR B 262 -32.83 -23.42 -17.65
CA THR B 262 -32.97 -24.43 -18.71
C THR B 262 -31.96 -25.57 -18.46
N TRP B 263 -32.10 -26.67 -19.22
CA TRP B 263 -31.16 -27.81 -19.17
C TRP B 263 -31.10 -28.50 -20.54
N SER B 264 -30.11 -29.41 -20.71
CA SER B 264 -29.89 -30.17 -21.95
C SER B 264 -29.36 -31.57 -21.62
N HIS B 265 -30.24 -32.59 -21.73
CA HIS B 265 -29.88 -34.00 -21.53
C HIS B 265 -29.55 -34.63 -22.89
N ASN B 266 -28.27 -34.95 -23.10
CA ASN B 266 -27.80 -35.60 -24.34
C ASN B 266 -27.23 -36.98 -24.02
N ARG B 267 -27.44 -37.93 -24.93
CA ARG B 267 -26.77 -39.24 -24.89
C ARG B 267 -26.03 -39.43 -26.22
N VAL B 268 -24.73 -39.75 -26.12
CA VAL B 268 -23.87 -40.00 -27.28
C VAL B 268 -23.38 -41.44 -27.19
N GLU B 269 -23.40 -42.14 -28.33
CA GLU B 269 -23.15 -43.58 -28.42
C GLU B 269 -22.06 -43.86 -29.46
N GLY B 270 -21.68 -45.15 -29.58
CA GLY B 270 -20.72 -45.59 -30.59
C GLY B 270 -19.33 -45.74 -30.01
N LYS B 271 -18.35 -45.02 -30.60
CA LYS B 271 -16.99 -44.95 -30.08
C LYS B 271 -16.97 -44.22 -28.73
N GLN B 272 -17.37 -42.93 -28.74
CA GLN B 272 -17.53 -42.14 -27.52
C GLN B 272 -18.92 -42.35 -26.93
N GLU B 273 -19.03 -43.34 -26.03
CA GLU B 273 -20.28 -43.66 -25.33
C GLU B 273 -20.29 -42.96 -23.97
N TYR B 274 -20.99 -41.82 -23.91
CA TYR B 274 -21.18 -41.06 -22.67
C TYR B 274 -22.57 -40.43 -22.68
N THR B 275 -23.14 -40.23 -21.50
CA THR B 275 -24.39 -39.48 -21.34
C THR B 275 -24.10 -38.19 -20.52
N SER B 276 -24.43 -37.04 -21.12
CA SER B 276 -24.27 -35.74 -20.48
C SER B 276 -25.65 -35.20 -20.02
N LEU B 277 -25.65 -34.46 -18.92
CA LEU B 277 -26.85 -33.81 -18.39
C LEU B 277 -26.44 -32.50 -17.72
N LEU B 278 -26.56 -31.41 -18.50
CA LEU B 278 -26.15 -30.07 -18.10
C LEU B 278 -27.38 -29.23 -17.69
N TYR B 279 -27.15 -28.23 -16.84
CA TYR B 279 -28.17 -27.31 -16.32
C TYR B 279 -27.57 -25.88 -16.28
N ILE B 280 -28.34 -24.87 -16.71
CA ILE B 280 -28.01 -23.44 -16.51
C ILE B 280 -28.75 -22.95 -15.25
N PRO B 281 -28.03 -22.72 -14.10
CA PRO B 281 -28.65 -22.32 -12.82
C PRO B 281 -29.26 -20.90 -12.85
N SER B 282 -30.26 -20.68 -11.97
CA SER B 282 -30.90 -19.37 -11.77
C SER B 282 -30.06 -18.47 -10.83
N GLN B 283 -29.05 -19.09 -10.20
CA GLN B 283 -28.19 -18.43 -9.20
C GLN B 283 -26.72 -18.54 -9.62
N ALA B 284 -25.95 -17.53 -9.21
CA ALA B 284 -24.48 -17.62 -9.16
C ALA B 284 -24.09 -18.02 -7.73
N PRO B 285 -23.47 -19.23 -7.51
CA PRO B 285 -22.89 -19.58 -6.20
C PRO B 285 -21.76 -18.60 -5.84
N TRP B 286 -21.60 -18.30 -4.55
CA TRP B 286 -20.68 -17.24 -4.09
C TRP B 286 -19.21 -17.69 -4.26
N ASP B 287 -18.97 -18.99 -4.03
CA ASP B 287 -17.62 -19.62 -4.13
C ASP B 287 -17.22 -19.90 -5.61
N MET B 288 -18.09 -19.50 -6.57
CA MET B 288 -17.76 -19.41 -8.01
C MET B 288 -16.79 -18.23 -8.25
N TRP B 289 -16.99 -17.16 -7.44
CA TRP B 289 -16.21 -15.91 -7.50
C TRP B 289 -15.22 -15.79 -6.32
N ASN B 290 -15.07 -16.89 -5.54
CA ASN B 290 -14.08 -16.95 -4.43
C ASN B 290 -12.74 -17.54 -4.98
N ARG B 291 -11.72 -17.69 -4.11
CA ARG B 291 -10.42 -18.30 -4.48
C ARG B 291 -10.54 -19.84 -4.60
N ASP B 292 -11.68 -20.38 -4.13
CA ASP B 292 -12.00 -21.83 -4.19
C ASP B 292 -12.73 -22.14 -5.53
N HIS B 293 -12.81 -23.43 -5.89
CA HIS B 293 -13.57 -23.87 -7.08
C HIS B 293 -15.05 -24.12 -6.69
N LYS B 294 -15.92 -24.09 -7.70
CA LYS B 294 -17.32 -24.57 -7.59
C LYS B 294 -17.74 -25.14 -8.94
N HIS B 295 -17.44 -24.38 -10.00
CA HIS B 295 -17.73 -24.75 -11.38
C HIS B 295 -17.25 -26.18 -11.71
N GLY B 296 -18.07 -26.93 -12.46
CA GLY B 296 -17.76 -28.30 -12.81
C GLY B 296 -18.96 -29.21 -12.70
N LEU B 297 -18.71 -30.50 -12.96
CA LEU B 297 -19.76 -31.55 -13.00
C LEU B 297 -19.39 -32.70 -12.05
N LYS B 298 -20.39 -33.42 -11.50
CA LYS B 298 -20.14 -34.71 -10.82
C LYS B 298 -19.76 -35.77 -11.89
N LEU B 299 -18.49 -36.19 -11.88
CA LEU B 299 -17.98 -37.22 -12.80
C LEU B 299 -18.42 -38.62 -12.36
N TYR B 300 -18.95 -39.37 -13.32
CA TYR B 300 -19.26 -40.81 -13.23
C TYR B 300 -18.57 -41.51 -14.40
N VAL B 301 -18.07 -42.73 -14.18
CA VAL B 301 -17.48 -43.59 -15.22
C VAL B 301 -18.14 -44.98 -15.11
N GLN B 302 -19.03 -45.27 -16.08
CA GLN B 302 -19.85 -46.51 -16.13
C GLN B 302 -20.79 -46.59 -14.90
N ARG B 303 -21.31 -45.40 -14.51
CA ARG B 303 -22.25 -45.18 -13.38
C ARG B 303 -21.56 -45.31 -12.01
N VAL B 304 -20.22 -45.41 -12.02
CA VAL B 304 -19.38 -45.42 -10.81
C VAL B 304 -18.82 -44.00 -10.61
N PHE B 305 -19.29 -43.30 -9.56
CA PHE B 305 -18.83 -41.94 -9.22
C PHE B 305 -17.31 -41.88 -9.02
N ILE B 306 -16.70 -40.74 -9.43
CA ILE B 306 -15.26 -40.51 -9.33
C ILE B 306 -14.96 -39.25 -8.49
N MET B 307 -15.39 -38.06 -8.99
CA MET B 307 -15.06 -36.77 -8.35
C MET B 307 -16.21 -35.78 -8.50
N ASP B 308 -16.22 -34.77 -7.63
CA ASP B 308 -17.37 -33.87 -7.41
C ASP B 308 -17.03 -32.43 -7.82
N ASP B 309 -18.01 -31.73 -8.46
CA ASP B 309 -17.86 -30.35 -8.99
C ASP B 309 -16.52 -30.18 -9.75
N ALA B 310 -16.23 -31.18 -10.60
CA ALA B 310 -14.96 -31.31 -11.32
C ALA B 310 -14.86 -30.27 -12.43
N GLU B 311 -13.98 -29.28 -12.22
CA GLU B 311 -13.88 -28.05 -13.04
C GLU B 311 -13.29 -28.29 -14.45
N GLN B 312 -12.69 -29.47 -14.64
CA GLN B 312 -12.07 -29.88 -15.91
C GLN B 312 -13.04 -29.87 -17.10
N PHE B 313 -14.27 -30.36 -16.88
CA PHE B 313 -15.28 -30.51 -17.96
C PHE B 313 -15.86 -29.17 -18.39
N MET B 314 -15.73 -28.14 -17.54
CA MET B 314 -16.36 -26.82 -17.74
C MET B 314 -15.28 -25.74 -17.94
N PRO B 315 -15.37 -24.89 -19.02
CA PRO B 315 -14.48 -23.71 -19.21
C PRO B 315 -14.59 -22.65 -18.07
N ASN B 316 -13.83 -21.56 -18.20
CA ASN B 316 -14.01 -20.35 -17.35
C ASN B 316 -15.08 -19.47 -18.01
N TYR B 317 -15.04 -19.46 -19.36
CA TYR B 317 -16.08 -18.87 -20.22
C TYR B 317 -17.47 -19.49 -19.95
N LEU B 318 -17.52 -20.79 -19.62
CA LEU B 318 -18.80 -21.51 -19.36
C LEU B 318 -18.75 -22.16 -17.96
N ARG B 319 -18.10 -21.45 -17.00
CA ARG B 319 -17.98 -21.93 -15.60
C ARG B 319 -19.37 -22.03 -14.92
N PHE B 320 -20.35 -21.29 -15.45
CA PHE B 320 -21.73 -21.27 -14.92
C PHE B 320 -22.43 -22.64 -15.02
N VAL B 321 -22.05 -23.42 -16.03
CA VAL B 321 -22.72 -24.69 -16.33
C VAL B 321 -22.42 -25.73 -15.23
N ARG B 322 -23.48 -26.30 -14.67
CA ARG B 322 -23.41 -27.39 -13.70
C ARG B 322 -24.19 -28.59 -14.20
N GLY B 323 -24.09 -29.68 -13.44
CA GLY B 323 -24.72 -30.94 -13.80
C GLY B 323 -23.83 -32.12 -13.44
N LEU B 324 -23.79 -33.09 -14.35
CA LEU B 324 -22.96 -34.28 -14.23
C LEU B 324 -22.70 -34.84 -15.62
N ILE B 325 -21.79 -35.80 -15.70
CA ILE B 325 -21.49 -36.51 -16.94
C ILE B 325 -20.98 -37.93 -16.60
N ASP B 326 -21.63 -38.94 -17.19
CA ASP B 326 -21.20 -40.34 -17.08
C ASP B 326 -20.54 -40.76 -18.40
N SER B 327 -19.36 -41.35 -18.32
CA SER B 327 -18.54 -41.70 -19.48
C SER B 327 -18.10 -43.17 -19.44
N SER B 328 -17.95 -43.75 -20.63
CA SER B 328 -17.31 -45.08 -20.81
C SER B 328 -15.89 -44.89 -21.40
N ASP B 329 -15.55 -43.61 -21.65
CA ASP B 329 -14.34 -43.18 -22.36
C ASP B 329 -13.16 -43.11 -21.41
N LEU B 330 -13.43 -42.50 -20.26
CA LEU B 330 -12.45 -42.26 -19.20
C LEU B 330 -12.17 -43.60 -18.48
N PRO B 331 -10.88 -43.89 -18.12
CA PRO B 331 -10.52 -45.12 -17.34
C PRO B 331 -11.14 -45.11 -15.93
N LEU B 332 -11.15 -46.26 -15.25
CA LEU B 332 -11.76 -46.39 -13.90
C LEU B 332 -10.88 -45.70 -12.83
N ASN B 333 -9.56 -45.65 -13.10
CA ASN B 333 -8.56 -44.97 -12.23
C ASN B 333 -8.40 -43.48 -12.62
N VAL B 334 -9.41 -42.91 -13.32
CA VAL B 334 -9.39 -41.51 -13.81
C VAL B 334 -9.24 -40.49 -12.64
N SER B 335 -8.36 -39.51 -12.85
CA SER B 335 -8.09 -38.42 -11.90
C SER B 335 -8.03 -37.10 -12.70
N ARG B 336 -7.79 -35.96 -12.00
CA ARG B 336 -7.84 -34.61 -12.61
C ARG B 336 -6.81 -34.43 -13.74
N GLU B 337 -5.66 -35.13 -13.61
CA GLU B 337 -4.62 -35.16 -14.64
C GLU B 337 -5.14 -35.88 -15.90
N ILE B 338 -5.78 -37.04 -15.68
CA ILE B 338 -6.35 -37.86 -16.78
C ILE B 338 -7.42 -37.04 -17.55
N LEU B 339 -8.12 -36.15 -16.82
CA LEU B 339 -9.15 -35.28 -17.42
C LEU B 339 -8.53 -34.24 -18.38
N GLN B 340 -7.51 -33.51 -17.89
CA GLN B 340 -6.83 -32.45 -18.66
C GLN B 340 -5.93 -33.04 -19.79
N ASP B 341 -5.51 -34.31 -19.61
CA ASP B 341 -4.56 -34.99 -20.52
C ASP B 341 -5.28 -35.73 -21.66
N SER B 342 -6.35 -36.49 -21.32
CA SER B 342 -6.98 -37.44 -22.26
C SER B 342 -7.72 -36.73 -23.42
N THR B 343 -7.59 -37.33 -24.61
CA THR B 343 -8.18 -36.83 -25.84
C THR B 343 -9.70 -36.97 -25.82
N VAL B 344 -10.16 -38.15 -25.35
CA VAL B 344 -11.60 -38.47 -25.24
C VAL B 344 -12.32 -37.47 -24.31
N THR B 345 -11.60 -37.02 -23.25
CA THR B 345 -12.11 -36.04 -22.28
C THR B 345 -12.05 -34.61 -22.85
N ARG B 346 -11.18 -34.37 -23.85
CA ARG B 346 -11.07 -33.05 -24.52
C ARG B 346 -12.22 -32.87 -25.50
N ASN B 347 -12.50 -33.94 -26.26
CA ASN B 347 -13.59 -33.99 -27.24
C ASN B 347 -14.93 -33.92 -26.51
N LEU B 348 -14.97 -34.61 -25.35
CA LEU B 348 -16.10 -34.59 -24.39
C LEU B 348 -16.32 -33.18 -23.84
N ARG B 349 -15.25 -32.56 -23.34
CA ARG B 349 -15.28 -31.20 -22.73
C ARG B 349 -15.79 -30.16 -23.74
N ASN B 350 -15.28 -30.27 -24.97
CA ASN B 350 -15.60 -29.38 -26.08
C ASN B 350 -17.02 -29.68 -26.63
N ALA B 351 -17.48 -30.94 -26.43
CA ALA B 351 -18.85 -31.36 -26.79
C ALA B 351 -19.87 -30.72 -25.85
N LEU B 352 -19.54 -30.73 -24.54
CA LEU B 352 -20.34 -30.08 -23.49
C LEU B 352 -20.43 -28.58 -23.78
N THR B 353 -19.26 -28.00 -24.09
CA THR B 353 -19.10 -26.59 -24.50
C THR B 353 -20.02 -26.23 -25.69
N LYS B 354 -20.08 -27.14 -26.67
CA LYS B 354 -20.88 -26.95 -27.90
C LYS B 354 -22.39 -26.88 -27.57
N ARG B 355 -22.84 -27.83 -26.72
CA ARG B 355 -24.25 -27.89 -26.24
C ARG B 355 -24.64 -26.57 -25.57
N VAL B 356 -23.71 -25.99 -24.80
CA VAL B 356 -23.94 -24.73 -24.08
C VAL B 356 -24.05 -23.55 -25.05
N LEU B 357 -23.16 -23.48 -26.06
CA LEU B 357 -23.17 -22.41 -27.12
C LEU B 357 -24.56 -22.29 -27.76
N GLN B 358 -25.08 -23.46 -28.15
CA GLN B 358 -26.39 -23.60 -28.80
C GLN B 358 -27.53 -23.32 -27.80
N MET B 359 -27.32 -23.70 -26.52
CA MET B 359 -28.33 -23.56 -25.43
C MET B 359 -28.41 -22.11 -24.89
N LEU B 360 -27.33 -21.31 -25.08
CA LEU B 360 -27.30 -19.89 -24.69
C LEU B 360 -28.16 -19.07 -25.65
N GLU B 361 -27.94 -19.30 -26.96
CA GLU B 361 -28.73 -18.68 -28.02
C GLU B 361 -30.18 -19.18 -27.96
N LYS B 362 -30.36 -20.47 -27.61
CA LYS B 362 -31.69 -21.08 -27.43
C LYS B 362 -32.44 -20.38 -26.28
N LEU B 363 -31.71 -20.09 -25.17
CA LEU B 363 -32.26 -19.41 -23.98
C LEU B 363 -32.68 -17.96 -24.32
N ALA B 364 -31.95 -17.35 -25.29
CA ALA B 364 -32.29 -16.02 -25.84
C ALA B 364 -33.61 -16.05 -26.66
N LYS B 365 -33.90 -17.21 -27.28
CA LYS B 365 -35.13 -17.42 -28.10
C LYS B 365 -36.28 -17.90 -27.20
N ASP B 366 -35.92 -18.65 -26.15
CA ASP B 366 -36.86 -19.31 -25.24
C ASP B 366 -37.53 -18.26 -24.36
N ASP B 367 -36.69 -17.51 -23.63
CA ASP B 367 -37.14 -16.44 -22.74
C ASP B 367 -35.97 -15.50 -22.42
N ALA B 368 -36.01 -14.31 -23.02
CA ALA B 368 -34.98 -13.27 -22.89
C ALA B 368 -34.84 -12.73 -21.44
N GLU B 369 -35.87 -12.99 -20.59
CA GLU B 369 -35.85 -12.56 -19.18
C GLU B 369 -34.93 -13.47 -18.34
N LYS B 370 -35.03 -14.80 -18.56
CA LYS B 370 -34.14 -15.79 -17.93
C LYS B 370 -32.72 -15.64 -18.48
N TYR B 371 -32.62 -15.27 -19.76
CA TYR B 371 -31.34 -14.99 -20.43
C TYR B 371 -30.67 -13.74 -19.81
N GLN B 372 -31.49 -12.75 -19.42
CA GLN B 372 -31.01 -11.52 -18.75
C GLN B 372 -30.59 -11.82 -17.30
N THR B 373 -31.37 -12.68 -16.62
CA THR B 373 -31.06 -13.15 -15.24
C THR B 373 -29.70 -13.86 -15.21
N PHE B 374 -29.52 -14.74 -16.21
CA PHE B 374 -28.26 -15.42 -16.51
C PHE B 374 -27.10 -14.42 -16.64
N TRP B 375 -27.30 -13.38 -17.48
CA TRP B 375 -26.25 -12.39 -17.77
C TRP B 375 -25.88 -11.54 -16.52
N GLN B 376 -26.88 -11.25 -15.67
CA GLN B 376 -26.67 -10.44 -14.44
C GLN B 376 -25.80 -11.22 -13.43
N GLN B 377 -25.91 -12.56 -13.47
CA GLN B 377 -25.16 -13.47 -12.58
C GLN B 377 -23.80 -13.89 -13.20
N PHE B 378 -23.73 -13.96 -14.56
CA PHE B 378 -22.61 -14.62 -15.27
C PHE B 378 -22.07 -13.80 -16.46
N GLY B 379 -22.29 -12.48 -16.44
CA GLY B 379 -21.86 -11.60 -17.53
C GLY B 379 -20.34 -11.61 -17.75
N LEU B 380 -19.61 -11.37 -16.65
CA LEU B 380 -18.13 -11.29 -16.65
C LEU B 380 -17.51 -12.65 -17.03
N VAL B 381 -18.30 -13.74 -16.82
CA VAL B 381 -17.91 -15.11 -17.19
C VAL B 381 -17.86 -15.26 -18.73
N LEU B 382 -19.01 -14.98 -19.37
CA LEU B 382 -19.22 -15.19 -20.82
C LEU B 382 -18.30 -14.25 -21.65
N LYS B 383 -17.93 -13.09 -21.06
CA LYS B 383 -17.03 -12.10 -21.70
C LYS B 383 -15.63 -12.68 -22.07
N GLU B 384 -15.20 -13.80 -21.45
CA GLU B 384 -13.93 -14.51 -21.83
C GLU B 384 -14.00 -15.04 -23.27
N GLY B 385 -15.16 -15.58 -23.65
CA GLY B 385 -15.36 -16.33 -24.91
C GLY B 385 -14.72 -15.70 -26.15
N PRO B 386 -15.23 -14.54 -26.64
CA PRO B 386 -14.76 -13.95 -27.93
C PRO B 386 -13.35 -13.38 -27.81
N ALA B 387 -12.95 -13.09 -26.56
CA ALA B 387 -11.64 -12.54 -26.24
C ALA B 387 -10.56 -13.64 -26.20
N GLU B 388 -11.01 -14.90 -26.07
CA GLU B 388 -10.12 -16.07 -26.10
C GLU B 388 -10.11 -16.61 -27.55
N ASP B 389 -11.26 -17.17 -28.00
CA ASP B 389 -11.43 -17.72 -29.36
C ASP B 389 -11.92 -16.65 -30.34
N PHE B 390 -11.08 -16.33 -31.34
CA PHE B 390 -11.49 -15.53 -32.50
C PHE B 390 -12.49 -16.32 -33.41
N ALA B 391 -12.49 -17.68 -33.25
CA ALA B 391 -13.27 -18.61 -34.10
C ALA B 391 -14.78 -18.26 -34.13
N ASN B 392 -15.39 -18.23 -32.95
CA ASN B 392 -16.82 -17.91 -32.76
C ASN B 392 -16.97 -16.51 -32.20
N GLN B 393 -15.92 -15.66 -32.33
CA GLN B 393 -15.85 -14.31 -31.69
C GLN B 393 -17.13 -13.48 -31.93
N GLU B 394 -17.62 -13.49 -33.18
CA GLU B 394 -18.82 -12.71 -33.60
C GLU B 394 -20.12 -13.32 -33.02
N ALA B 395 -20.19 -14.67 -33.04
CA ALA B 395 -21.35 -15.44 -32.52
C ALA B 395 -21.52 -15.18 -31.01
N ILE B 396 -20.40 -15.16 -30.30
CA ILE B 396 -20.35 -14.95 -28.86
C ILE B 396 -20.44 -13.44 -28.53
N ALA B 397 -20.01 -12.58 -29.48
CA ALA B 397 -20.13 -11.10 -29.38
C ALA B 397 -21.60 -10.66 -29.31
N LYS B 398 -22.46 -11.48 -29.94
CA LYS B 398 -23.91 -11.30 -29.90
C LYS B 398 -24.50 -11.84 -28.57
N LEU B 399 -23.80 -12.83 -27.96
CA LEU B 399 -24.16 -13.35 -26.62
C LEU B 399 -23.76 -12.31 -25.54
N LEU B 400 -22.77 -11.45 -25.88
CA LEU B 400 -22.33 -10.34 -25.01
C LEU B 400 -23.40 -9.24 -24.95
N ARG B 401 -23.80 -8.88 -23.73
CA ARG B 401 -24.78 -7.80 -23.48
C ARG B 401 -24.09 -6.68 -22.68
N PHE B 402 -24.31 -5.43 -23.08
CA PHE B 402 -23.63 -4.24 -22.53
C PHE B 402 -24.62 -3.11 -22.27
N ALA B 403 -24.15 -2.06 -21.58
CA ALA B 403 -24.85 -0.78 -21.50
C ALA B 403 -24.22 0.19 -22.51
N SER B 404 -24.94 1.26 -22.87
CA SER B 404 -24.45 2.28 -23.83
C SER B 404 -25.06 3.66 -23.52
N THR B 405 -24.65 4.70 -24.28
CA THR B 405 -25.12 6.09 -24.08
C THR B 405 -26.62 6.27 -24.43
N HIS B 406 -27.20 5.27 -25.11
CA HIS B 406 -28.61 5.23 -25.48
C HIS B 406 -29.50 5.36 -24.22
N THR B 407 -29.24 4.48 -23.24
CA THR B 407 -29.95 4.46 -21.96
C THR B 407 -28.93 4.35 -20.83
N ASP B 408 -29.06 5.26 -19.84
CA ASP B 408 -28.10 5.41 -18.73
C ASP B 408 -28.37 4.37 -17.59
N SER B 409 -29.11 3.30 -17.91
CA SER B 409 -29.37 2.18 -16.99
C SER B 409 -28.13 1.26 -16.91
N SER B 410 -27.86 0.72 -15.72
CA SER B 410 -26.73 -0.21 -15.49
C SER B 410 -27.03 -1.63 -16.03
N ALA B 411 -28.32 -1.86 -16.41
CA ALA B 411 -28.77 -3.14 -17.01
C ALA B 411 -28.07 -3.37 -18.36
N GLN B 412 -27.15 -4.35 -18.38
CA GLN B 412 -26.39 -4.73 -19.57
C GLN B 412 -27.30 -5.55 -20.50
N THR B 413 -28.02 -4.85 -21.38
CA THR B 413 -29.05 -5.42 -22.27
C THR B 413 -28.62 -5.33 -23.74
N VAL B 414 -28.06 -4.17 -24.12
CA VAL B 414 -27.70 -3.85 -25.52
C VAL B 414 -26.43 -4.61 -25.95
N SER B 415 -26.58 -5.53 -26.92
CA SER B 415 -25.47 -6.30 -27.48
C SER B 415 -24.77 -5.47 -28.56
N LEU B 416 -23.67 -5.99 -29.11
CA LEU B 416 -22.94 -5.35 -30.21
C LEU B 416 -23.81 -5.27 -31.48
N GLU B 417 -24.71 -6.27 -31.65
CA GLU B 417 -25.73 -6.25 -32.73
C GLU B 417 -26.68 -5.06 -32.52
N ASP B 418 -27.25 -4.99 -31.29
CA ASP B 418 -28.18 -3.91 -30.89
C ASP B 418 -27.49 -2.53 -30.98
N TYR B 419 -26.18 -2.54 -30.76
CA TYR B 419 -25.34 -1.34 -30.72
C TYR B 419 -25.13 -0.76 -32.13
N VAL B 420 -24.81 -1.64 -33.09
CA VAL B 420 -24.65 -1.27 -34.53
C VAL B 420 -26.00 -0.75 -35.08
N SER B 421 -27.09 -1.30 -34.54
CA SER B 421 -28.44 -0.85 -34.85
C SER B 421 -28.75 0.54 -34.23
N ARG B 422 -28.18 0.82 -33.05
CA ARG B 422 -28.33 2.14 -32.38
C ARG B 422 -27.37 3.17 -32.96
N MET B 423 -26.35 2.70 -33.69
CA MET B 423 -25.42 3.58 -34.41
C MET B 423 -26.13 4.36 -35.51
N LYS B 424 -25.67 5.59 -35.69
CA LYS B 424 -26.09 6.47 -36.79
C LYS B 424 -24.95 6.52 -37.82
N GLU B 425 -25.23 7.13 -38.97
CA GLU B 425 -24.24 7.36 -40.03
C GLU B 425 -23.02 8.16 -39.47
N GLY B 426 -21.83 7.77 -39.90
CA GLY B 426 -20.59 8.31 -39.34
C GLY B 426 -19.98 7.42 -38.26
N GLN B 427 -20.78 6.58 -37.58
CA GLN B 427 -20.23 5.57 -36.64
C GLN B 427 -19.81 4.33 -37.44
N GLU B 428 -18.57 4.39 -37.94
CA GLU B 428 -17.92 3.32 -38.70
C GLU B 428 -17.21 2.35 -37.74
N LYS B 429 -16.82 2.85 -36.55
CA LYS B 429 -16.13 2.05 -35.52
C LYS B 429 -16.91 2.06 -34.21
N ILE B 430 -16.89 0.91 -33.52
CA ILE B 430 -17.48 0.74 -32.18
C ILE B 430 -16.61 1.50 -31.16
N TYR B 431 -17.20 2.53 -30.53
CA TYR B 431 -16.50 3.39 -29.56
C TYR B 431 -16.93 2.96 -28.14
N TYR B 432 -15.96 2.64 -27.28
CA TYR B 432 -16.23 2.06 -25.95
C TYR B 432 -15.28 2.63 -24.89
N ILE B 433 -15.78 2.79 -23.65
CA ILE B 433 -15.00 3.28 -22.49
C ILE B 433 -15.23 2.36 -21.25
N THR B 434 -14.13 1.83 -20.67
CA THR B 434 -14.16 1.01 -19.44
C THR B 434 -13.61 1.83 -18.26
N ALA B 435 -14.01 1.47 -17.04
CA ALA B 435 -13.36 1.95 -15.80
C ALA B 435 -13.47 0.91 -14.68
N ASP B 436 -13.01 1.30 -13.48
CA ASP B 436 -12.93 0.42 -12.30
C ASP B 436 -14.32 0.09 -11.74
N SER B 437 -15.20 1.11 -11.73
CA SER B 437 -16.57 1.02 -11.21
C SER B 437 -17.54 1.83 -12.10
N TYR B 438 -18.85 1.60 -11.92
CA TYR B 438 -19.91 2.26 -12.73
C TYR B 438 -19.87 3.79 -12.57
N ALA B 439 -19.69 4.25 -11.32
CA ALA B 439 -19.60 5.68 -10.98
C ALA B 439 -18.48 6.35 -11.78
N ALA B 440 -17.29 5.71 -11.73
CA ALA B 440 -16.07 6.19 -12.39
C ALA B 440 -16.26 6.24 -13.92
N ALA B 441 -16.85 5.16 -14.48
CA ALA B 441 -17.06 4.96 -15.94
C ALA B 441 -18.01 6.01 -16.52
N LYS B 442 -19.03 6.35 -15.74
CA LYS B 442 -20.09 7.27 -16.16
C LYS B 442 -19.70 8.73 -15.86
N SER B 443 -18.70 8.92 -14.98
CA SER B 443 -18.14 10.26 -14.67
C SER B 443 -16.79 10.49 -15.39
N SER B 444 -16.37 9.51 -16.24
CA SER B 444 -15.14 9.62 -17.06
C SER B 444 -15.31 10.78 -18.08
N PRO B 445 -14.53 11.92 -17.94
CA PRO B 445 -14.66 13.16 -18.77
C PRO B 445 -14.90 12.92 -20.29
N HIS B 446 -14.20 11.91 -20.82
CA HIS B 446 -14.14 11.61 -22.27
C HIS B 446 -15.54 11.21 -22.81
N LEU B 447 -16.34 10.60 -21.90
CA LEU B 447 -17.73 10.17 -22.17
C LEU B 447 -18.57 11.39 -22.63
N GLU B 448 -18.45 12.52 -21.89
CA GLU B 448 -19.29 13.71 -22.13
C GLU B 448 -18.92 14.37 -23.46
N LEU B 449 -17.72 14.08 -23.99
CA LEU B 449 -17.24 14.69 -25.24
C LEU B 449 -17.98 14.04 -26.42
N LEU B 450 -18.01 12.70 -26.41
CA LEU B 450 -18.67 11.90 -27.43
C LEU B 450 -20.20 12.02 -27.31
N ARG B 451 -20.68 12.17 -26.06
CA ARG B 451 -22.12 12.37 -25.76
C ARG B 451 -22.56 13.79 -26.18
N LYS B 452 -21.62 14.77 -26.12
CA LYS B 452 -21.86 16.17 -26.56
C LYS B 452 -22.08 16.20 -28.09
N LYS B 453 -21.28 15.40 -28.81
CA LYS B 453 -21.43 15.21 -30.26
C LYS B 453 -22.68 14.36 -30.59
N GLY B 454 -23.15 13.57 -29.60
CA GLY B 454 -24.33 12.72 -29.76
C GLY B 454 -24.00 11.43 -30.48
N ILE B 455 -22.95 10.77 -29.99
CA ILE B 455 -22.43 9.51 -30.54
C ILE B 455 -22.84 8.36 -29.61
N GLU B 456 -23.09 7.18 -30.21
CA GLU B 456 -23.44 5.96 -29.46
C GLU B 456 -22.12 5.32 -28.96
N VAL B 457 -21.98 5.16 -27.62
CA VAL B 457 -20.73 4.68 -26.96
C VAL B 457 -21.08 3.65 -25.87
N LEU B 458 -20.40 2.48 -25.89
CA LEU B 458 -20.52 1.45 -24.84
C LEU B 458 -19.98 1.96 -23.50
N LEU B 459 -20.77 1.78 -22.42
CA LEU B 459 -20.39 2.18 -21.05
C LEU B 459 -20.12 0.93 -20.22
N LEU B 460 -18.84 0.50 -20.19
CA LEU B 460 -18.41 -0.73 -19.50
C LEU B 460 -17.89 -0.40 -18.09
N SER B 461 -18.47 -1.04 -17.07
CA SER B 461 -18.15 -0.79 -15.66
C SER B 461 -17.36 -1.95 -15.05
N ASP B 462 -17.20 -3.05 -15.80
CA ASP B 462 -16.44 -4.23 -15.35
C ASP B 462 -15.03 -4.17 -15.96
N ARG B 463 -14.02 -4.61 -15.18
CA ARG B 463 -12.60 -4.56 -15.60
C ARG B 463 -12.23 -5.70 -16.58
N ILE B 464 -13.11 -6.71 -16.68
CA ILE B 464 -13.01 -7.80 -17.69
C ILE B 464 -12.99 -7.19 -19.13
N ASP B 465 -13.91 -6.21 -19.36
CA ASP B 465 -14.13 -5.57 -20.68
C ASP B 465 -12.87 -4.87 -21.23
N GLU B 466 -11.88 -4.57 -20.36
CA GLU B 466 -10.66 -3.88 -20.77
C GLU B 466 -9.86 -4.72 -21.80
N TRP B 467 -9.63 -6.02 -21.50
CA TRP B 467 -8.87 -6.91 -22.42
C TRP B 467 -9.82 -7.50 -23.46
N MET B 468 -11.08 -7.77 -23.02
CA MET B 468 -12.10 -8.36 -23.91
C MET B 468 -12.27 -7.51 -25.19
N MET B 469 -12.58 -6.22 -24.99
CA MET B 469 -12.82 -5.27 -26.09
C MET B 469 -11.52 -4.92 -26.85
N ASN B 470 -10.35 -5.32 -26.30
CA ASN B 470 -9.04 -5.17 -26.97
C ASN B 470 -8.90 -6.28 -28.04
N TYR B 471 -9.56 -7.44 -27.80
CA TYR B 471 -9.43 -8.63 -28.67
C TYR B 471 -10.48 -8.57 -29.78
N LEU B 472 -11.72 -8.19 -29.40
CA LEU B 472 -12.77 -7.86 -30.37
C LEU B 472 -12.37 -6.56 -31.08
N THR B 473 -11.56 -6.70 -32.12
CA THR B 473 -11.15 -5.62 -33.03
C THR B 473 -12.06 -5.54 -34.26
N GLU B 474 -12.83 -6.62 -34.55
CA GLU B 474 -13.76 -6.67 -35.71
C GLU B 474 -15.06 -7.44 -35.37
N PHE B 475 -16.21 -6.88 -35.80
CA PHE B 475 -17.56 -7.48 -35.67
C PHE B 475 -18.43 -7.00 -36.84
N ASP B 476 -18.76 -7.92 -37.76
CA ASP B 476 -19.77 -7.72 -38.81
C ASP B 476 -19.43 -6.54 -39.76
N GLY B 477 -18.16 -6.47 -40.19
CA GLY B 477 -17.72 -5.44 -41.15
C GLY B 477 -17.46 -4.09 -40.50
N LYS B 478 -17.52 -4.06 -39.16
CA LYS B 478 -17.36 -2.86 -38.35
C LYS B 478 -16.19 -3.06 -37.36
N PRO B 479 -15.02 -2.40 -37.59
CA PRO B 479 -13.89 -2.41 -36.65
C PRO B 479 -14.23 -1.71 -35.31
N PHE B 480 -13.38 -1.94 -34.32
CA PHE B 480 -13.53 -1.39 -32.95
C PHE B 480 -12.51 -0.27 -32.72
N GLN B 481 -12.79 0.59 -31.74
CA GLN B 481 -11.95 1.74 -31.40
C GLN B 481 -12.01 2.01 -29.87
N SER B 482 -10.95 1.57 -29.16
CA SER B 482 -10.70 1.93 -27.76
C SER B 482 -10.38 3.43 -27.61
N VAL B 483 -10.48 3.96 -26.39
CA VAL B 483 -10.22 5.39 -26.12
C VAL B 483 -8.70 5.66 -26.01
N SER B 484 -7.96 4.80 -25.27
CA SER B 484 -6.56 5.06 -24.90
C SER B 484 -5.58 4.90 -26.09
N LYS B 485 -5.67 3.76 -26.78
CA LYS B 485 -4.82 3.39 -27.95
C LYS B 485 -5.55 2.28 -28.72
N VAL B 486 -5.32 2.16 -30.04
CA VAL B 486 -5.75 0.97 -30.81
C VAL B 486 -4.60 0.57 -31.74
N ASP B 487 -4.12 -0.67 -31.54
CA ASP B 487 -3.03 -1.33 -32.33
C ASP B 487 -2.62 -2.62 -31.54
N GLU B 488 -1.70 -3.42 -32.11
CA GLU B 488 -1.15 -4.62 -31.44
C GLU B 488 0.22 -4.29 -30.79
N SER B 489 1.02 -3.49 -31.50
CA SER B 489 2.40 -3.13 -31.09
C SER B 489 2.45 -1.87 -30.19
N LEU B 490 1.44 -1.00 -30.33
CA LEU B 490 1.42 0.37 -29.71
C LEU B 490 1.10 0.37 -28.19
N GLU B 491 1.00 -0.85 -27.60
CA GLU B 491 0.67 -1.12 -26.17
C GLU B 491 1.17 -0.06 -25.15
N LYS B 492 2.44 0.39 -25.29
CA LYS B 492 3.10 1.29 -24.30
C LYS B 492 3.49 2.65 -24.91
N LEU B 493 3.42 2.79 -26.26
CA LEU B 493 3.96 3.97 -26.99
C LEU B 493 2.96 5.15 -27.02
N ALA B 494 2.24 5.38 -25.90
CA ALA B 494 1.36 6.55 -25.71
C ALA B 494 2.16 7.89 -25.52
N ASP B 495 3.26 8.04 -26.26
CA ASP B 495 4.23 9.14 -26.16
C ASP B 495 4.18 10.07 -27.39
N GLU B 496 3.21 9.86 -28.31
CA GLU B 496 2.99 10.75 -29.50
C GLU B 496 2.36 12.07 -29.03
N VAL B 497 3.14 12.84 -28.26
CA VAL B 497 2.66 13.94 -27.43
C VAL B 497 2.95 15.33 -28.05
N ASP B 498 1.99 15.80 -28.85
CA ASP B 498 1.95 17.17 -29.43
C ASP B 498 3.27 17.55 -30.16
N GLU B 499 4.26 18.07 -29.39
CA GLU B 499 5.57 18.49 -29.91
C GLU B 499 6.69 18.28 -28.83
N SER B 500 6.28 17.83 -27.62
CA SER B 500 7.15 17.75 -26.42
C SER B 500 8.36 16.82 -26.64
N ALA B 501 9.56 17.42 -26.84
CA ALA B 501 10.79 16.70 -27.20
C ALA B 501 11.98 17.12 -26.30
N LYS B 502 13.22 16.84 -26.78
CA LYS B 502 14.49 17.05 -26.02
C LYS B 502 14.66 18.50 -25.49
N GLU B 503 14.08 19.47 -26.20
CA GLU B 503 14.17 20.91 -25.85
C GLU B 503 13.40 21.16 -24.54
N ALA B 504 12.26 20.47 -24.39
CA ALA B 504 11.46 20.45 -23.16
C ALA B 504 12.22 19.69 -22.05
N GLU B 505 12.82 18.53 -22.42
CA GLU B 505 13.52 17.62 -21.47
C GLU B 505 14.70 18.29 -20.76
N LYS B 506 15.39 19.21 -21.45
CA LYS B 506 16.53 19.97 -20.89
C LYS B 506 16.07 21.04 -19.89
N ALA B 507 14.80 21.47 -20.02
CA ALA B 507 14.15 22.39 -19.07
C ALA B 507 13.49 21.60 -17.92
N LEU B 508 13.14 20.31 -18.19
CA LEU B 508 12.44 19.45 -17.23
C LEU B 508 13.40 18.79 -16.24
N THR B 509 14.62 18.41 -16.68
CA THR B 509 15.61 17.69 -15.82
C THR B 509 15.97 18.48 -14.51
N PRO B 510 16.25 19.83 -14.55
CA PRO B 510 16.45 20.63 -13.30
C PRO B 510 15.18 20.68 -12.42
N PHE B 511 14.01 20.58 -13.07
CA PHE B 511 12.70 20.55 -12.38
C PHE B 511 12.47 19.17 -11.74
N ILE B 512 12.95 18.07 -12.38
CA ILE B 512 12.81 16.70 -11.85
C ILE B 512 13.55 16.61 -10.52
N ASP B 513 14.84 17.01 -10.54
CA ASP B 513 15.78 16.98 -9.39
C ASP B 513 15.16 17.53 -8.09
N ARG B 514 14.68 18.79 -8.15
CA ARG B 514 14.14 19.50 -6.97
C ARG B 514 12.81 18.90 -6.50
N VAL B 515 12.02 18.32 -7.43
CA VAL B 515 10.74 17.63 -7.09
C VAL B 515 11.02 16.22 -6.48
N LYS B 516 12.17 15.61 -6.88
CA LYS B 516 12.66 14.34 -6.29
C LYS B 516 13.10 14.58 -4.83
N ALA B 517 13.77 15.71 -4.61
CA ALA B 517 14.29 16.12 -3.29
C ALA B 517 13.18 16.72 -2.40
N LEU B 518 12.10 17.22 -3.04
CA LEU B 518 10.95 17.84 -2.34
C LEU B 518 10.07 16.74 -1.72
N LEU B 519 9.76 15.71 -2.52
CA LEU B 519 8.92 14.57 -2.10
C LEU B 519 9.77 13.52 -1.36
N GLY B 520 11.07 13.45 -1.71
CA GLY B 520 12.02 12.55 -1.06
C GLY B 520 11.67 11.08 -1.29
N GLU B 521 11.48 10.33 -0.19
CA GLU B 521 11.15 8.90 -0.22
C GLU B 521 9.68 8.67 0.19
N ARG B 522 8.86 9.73 0.08
CA ARG B 522 7.38 9.65 0.26
C ARG B 522 6.69 9.28 -1.07
N VAL B 523 7.49 9.06 -2.12
CA VAL B 523 7.05 8.61 -3.45
C VAL B 523 8.02 7.51 -3.95
N LYS B 524 7.49 6.46 -4.62
CA LYS B 524 8.30 5.34 -5.16
C LYS B 524 9.28 5.86 -6.24
N ASP B 525 8.75 6.67 -7.18
CA ASP B 525 9.55 7.33 -8.22
C ASP B 525 8.78 8.53 -8.82
N VAL B 526 9.49 9.64 -9.07
CA VAL B 526 8.91 10.86 -9.66
C VAL B 526 9.46 11.00 -11.09
N ARG B 527 8.56 11.19 -12.06
CA ARG B 527 8.90 11.31 -13.49
C ARG B 527 8.22 12.56 -14.07
N LEU B 528 8.98 13.35 -14.86
CA LEU B 528 8.37 14.35 -15.76
C LEU B 528 8.17 13.67 -17.12
N THR B 529 6.98 13.05 -17.26
CA THR B 529 6.56 12.33 -18.48
C THR B 529 5.56 13.21 -19.24
N HIS B 530 4.95 12.67 -20.30
CA HIS B 530 3.99 13.42 -21.12
C HIS B 530 2.71 12.61 -21.31
N ARG B 531 1.82 12.66 -20.31
CA ARG B 531 0.43 12.20 -20.45
C ARG B 531 -0.42 13.40 -20.93
N LEU B 532 -1.07 13.27 -22.12
CA LEU B 532 -1.82 14.39 -22.78
C LEU B 532 -2.83 15.05 -21.79
N THR B 533 -4.03 14.39 -21.62
CA THR B 533 -5.05 14.66 -20.56
C THR B 533 -5.37 16.18 -20.30
N ASP B 534 -6.22 16.45 -19.28
CA ASP B 534 -6.46 17.81 -18.73
C ASP B 534 -6.13 17.83 -17.21
N THR B 535 -5.76 16.66 -16.68
CA THR B 535 -5.28 16.52 -15.31
C THR B 535 -3.81 17.03 -15.26
N PRO B 536 -3.41 17.86 -14.23
CA PRO B 536 -2.02 18.34 -14.10
C PRO B 536 -0.99 17.19 -14.01
N ALA B 537 -1.34 16.17 -13.20
CA ALA B 537 -0.47 15.05 -12.89
C ALA B 537 -1.28 13.77 -12.66
N ILE B 538 -0.65 12.64 -12.99
CA ILE B 538 -1.25 11.30 -12.93
C ILE B 538 -0.30 10.36 -12.18
N VAL B 539 -0.85 9.35 -11.49
CA VAL B 539 -0.04 8.31 -10.83
C VAL B 539 -0.37 6.93 -11.41
N SER B 540 0.65 6.05 -11.47
CA SER B 540 0.49 4.66 -11.94
C SER B 540 0.60 3.65 -10.79
N THR B 541 0.15 2.42 -11.05
CA THR B 541 0.13 1.30 -10.09
C THR B 541 0.83 0.07 -10.67
N ASP B 542 1.35 -0.78 -9.75
CA ASP B 542 1.82 -2.14 -10.07
C ASP B 542 0.61 -3.12 -9.97
N ALA B 543 -0.01 -3.14 -8.78
CA ALA B 543 -1.16 -4.02 -8.45
C ALA B 543 -2.30 -3.20 -7.75
N ASP B 544 -3.18 -3.91 -7.01
CA ASP B 544 -4.35 -3.32 -6.34
C ASP B 544 -3.92 -2.32 -5.24
N GLU B 545 -4.44 -1.08 -5.38
CA GLU B 545 -4.12 0.07 -4.51
C GLU B 545 -2.60 0.32 -4.48
N MET B 546 -1.97 0.10 -5.66
CA MET B 546 -0.52 0.12 -5.88
C MET B 546 0.11 -1.20 -5.42
N SER B 547 0.02 -1.48 -4.10
CA SER B 547 0.70 -2.63 -3.49
C SER B 547 0.15 -2.91 -2.08
N THR B 548 -1.16 -2.64 -1.88
CA THR B 548 -1.80 -2.76 -0.55
C THR B 548 -2.54 -4.12 -0.39
N GLN B 549 -2.31 -5.09 -1.30
CA GLN B 549 -2.94 -6.43 -1.24
C GLN B 549 -2.13 -7.49 -2.03
N MET B 550 -0.94 -7.89 -1.47
CA MET B 550 -0.14 -9.06 -1.94
C MET B 550 1.10 -9.26 -1.05
N ALA B 551 1.66 -10.48 -1.08
CA ALA B 551 2.76 -10.94 -0.19
C ALA B 551 4.05 -10.09 -0.32
N LYS B 552 4.68 -10.12 -1.51
CA LYS B 552 5.95 -9.41 -1.81
C LYS B 552 5.84 -7.90 -1.55
N LEU B 553 4.67 -7.36 -1.88
CA LEU B 553 4.35 -5.94 -1.77
C LEU B 553 4.41 -5.50 -0.29
N PHE B 554 3.74 -6.24 0.60
CA PHE B 554 3.78 -5.96 2.07
C PHE B 554 5.14 -6.35 2.68
N ALA B 555 5.82 -7.32 2.07
CA ALA B 555 7.14 -7.82 2.56
C ALA B 555 8.29 -6.83 2.26
N ALA B 556 7.97 -5.76 1.49
CA ALA B 556 8.96 -4.77 1.03
C ALA B 556 9.53 -3.94 2.21
N ALA B 557 8.64 -3.41 3.07
CA ALA B 557 9.07 -2.73 4.31
C ALA B 557 8.17 -3.08 5.51
N GLY B 558 7.01 -3.72 5.25
CA GLY B 558 6.11 -4.16 6.33
C GLY B 558 5.15 -3.08 6.83
N GLN B 559 5.51 -1.81 6.57
CA GLN B 559 4.70 -0.61 6.95
C GLN B 559 3.47 -0.48 6.00
N LYS B 560 3.14 0.76 5.56
CA LYS B 560 2.15 0.99 4.47
C LYS B 560 2.77 0.70 3.07
N VAL B 561 3.91 -0.07 3.01
CA VAL B 561 4.69 -0.39 1.77
C VAL B 561 5.35 0.89 1.15
N PRO B 562 6.67 0.83 0.74
CA PRO B 562 7.34 1.94 0.02
C PRO B 562 6.76 2.13 -1.39
N GLU B 563 6.40 1.01 -2.02
CA GLU B 563 5.79 0.99 -3.34
C GLU B 563 4.39 1.67 -3.34
N VAL B 564 3.58 1.47 -2.26
CA VAL B 564 2.23 2.12 -2.11
C VAL B 564 2.32 3.64 -2.24
N LYS B 565 3.50 4.20 -1.91
CA LYS B 565 3.80 5.60 -2.23
C LYS B 565 3.81 5.70 -3.77
N TYR B 566 2.72 6.25 -4.32
CA TYR B 566 2.38 6.18 -5.78
C TYR B 566 3.47 6.79 -6.70
N ILE B 567 3.55 6.28 -7.95
CA ILE B 567 4.56 6.72 -8.93
C ILE B 567 4.02 8.00 -9.59
N PHE B 568 4.66 9.13 -9.27
CA PHE B 568 4.13 10.47 -9.55
C PHE B 568 4.68 11.02 -10.88
N GLU B 569 3.83 10.97 -11.91
CA GLU B 569 4.13 11.48 -13.25
C GLU B 569 3.46 12.85 -13.45
N LEU B 570 4.24 13.87 -13.88
CA LEU B 570 3.75 15.24 -14.13
C LEU B 570 3.75 15.52 -15.64
N ASN B 571 2.77 16.31 -16.13
CA ASN B 571 2.68 16.72 -17.55
C ASN B 571 3.15 18.19 -17.70
N PRO B 572 4.30 18.46 -18.42
CA PRO B 572 4.82 19.85 -18.64
C PRO B 572 3.82 20.75 -19.39
N ASP B 573 3.00 20.10 -20.23
CA ASP B 573 2.06 20.76 -21.12
C ASP B 573 0.94 21.51 -20.35
N HIS B 574 0.55 20.99 -19.17
CA HIS B 574 -0.65 21.50 -18.47
C HIS B 574 -0.37 22.75 -17.61
N VAL B 575 -1.40 23.63 -17.52
CA VAL B 575 -1.34 24.99 -16.92
C VAL B 575 -0.83 24.99 -15.45
N LEU B 576 -1.30 24.04 -14.64
CA LEU B 576 -1.01 24.01 -13.18
C LEU B 576 0.45 23.60 -12.89
N VAL B 577 1.00 22.72 -13.74
CA VAL B 577 2.42 22.27 -13.65
C VAL B 577 3.34 23.40 -14.13
N LYS B 578 2.88 24.09 -15.18
CA LYS B 578 3.59 25.22 -15.79
C LYS B 578 3.69 26.37 -14.76
N ARG B 579 2.56 26.61 -14.05
CA ARG B 579 2.44 27.63 -12.99
C ARG B 579 3.32 27.26 -11.77
N ALA B 580 3.42 25.94 -11.50
CA ALA B 580 4.29 25.41 -10.42
C ALA B 580 5.78 25.50 -10.80
N ALA B 581 6.05 25.58 -12.11
CA ALA B 581 7.39 25.84 -12.66
C ALA B 581 7.71 27.36 -12.67
N ASP B 582 6.63 28.19 -12.69
CA ASP B 582 6.74 29.67 -12.48
C ASP B 582 6.98 29.97 -10.99
N THR B 583 6.54 29.05 -10.11
CA THR B 583 6.65 29.23 -8.66
C THR B 583 8.12 29.03 -8.21
N GLU B 584 8.80 30.17 -8.00
CA GLU B 584 10.16 30.20 -7.42
C GLU B 584 10.06 30.31 -5.89
N ASP B 585 8.89 30.80 -5.41
CA ASP B 585 8.61 30.95 -3.98
C ASP B 585 8.68 29.57 -3.30
N GLU B 586 9.69 29.39 -2.45
CA GLU B 586 10.03 28.07 -1.83
C GLU B 586 8.83 27.40 -1.12
N ALA B 587 8.11 28.18 -0.30
CA ALA B 587 6.99 27.68 0.52
C ALA B 587 5.79 27.26 -0.37
N LYS B 588 5.54 28.06 -1.41
CA LYS B 588 4.43 27.80 -2.37
C LYS B 588 4.82 26.68 -3.36
N PHE B 589 6.14 26.50 -3.60
CA PHE B 589 6.66 25.46 -4.51
C PHE B 589 6.40 24.07 -3.90
N SER B 590 6.79 23.94 -2.63
CA SER B 590 6.53 22.74 -1.81
C SER B 590 5.02 22.43 -1.77
N GLU B 591 4.24 23.51 -1.62
CA GLU B 591 2.76 23.45 -1.53
C GLU B 591 2.15 22.88 -2.83
N TRP B 592 2.59 23.40 -3.99
CA TRP B 592 2.08 22.97 -5.32
C TRP B 592 2.44 21.51 -5.61
N VAL B 593 3.75 21.20 -5.50
CA VAL B 593 4.30 19.85 -5.83
C VAL B 593 3.55 18.74 -5.06
N GLU B 594 3.43 18.93 -3.74
CA GLU B 594 2.77 17.96 -2.86
C GLU B 594 1.24 17.97 -3.01
N LEU B 595 0.64 19.12 -3.42
CA LEU B 595 -0.82 19.23 -3.70
C LEU B 595 -1.20 18.40 -4.93
N LEU B 596 -0.36 18.49 -5.99
CA LEU B 596 -0.55 17.72 -7.23
C LEU B 596 -0.39 16.21 -6.94
N LEU B 597 0.53 15.90 -6.00
CA LEU B 597 0.73 14.52 -5.49
C LEU B 597 -0.54 14.01 -4.79
N ASP B 598 -1.08 14.83 -3.85
CA ASP B 598 -2.28 14.47 -3.05
C ASP B 598 -3.48 14.22 -3.98
N GLN B 599 -3.60 15.08 -5.02
CA GLN B 599 -4.70 15.06 -6.00
C GLN B 599 -4.71 13.73 -6.80
N ALA B 600 -3.52 13.37 -7.31
CA ALA B 600 -3.34 12.17 -8.17
C ALA B 600 -3.43 10.87 -7.33
N LEU B 601 -2.84 10.89 -6.13
CA LEU B 601 -2.85 9.75 -5.17
C LEU B 601 -4.33 9.41 -4.84
N LEU B 602 -5.09 10.46 -4.48
CA LEU B 602 -6.52 10.40 -4.18
C LEU B 602 -7.35 9.97 -5.42
N ALA B 603 -6.78 10.20 -6.63
CA ALA B 603 -7.44 9.85 -7.92
C ALA B 603 -7.51 8.32 -8.12
N GLU B 604 -6.48 7.60 -7.65
CA GLU B 604 -6.34 6.15 -7.96
C GLU B 604 -6.56 5.26 -6.71
N ARG B 605 -6.35 5.82 -5.52
CA ARG B 605 -6.45 5.05 -4.25
C ARG B 605 -7.72 5.47 -3.49
N GLY B 606 -8.20 6.70 -3.75
CA GLY B 606 -9.47 7.19 -3.20
C GLY B 606 -9.40 7.59 -1.72
N THR B 607 -8.21 7.46 -1.10
CA THR B 607 -8.02 7.71 0.34
C THR B 607 -6.65 8.38 0.59
N LEU B 608 -6.50 9.09 1.73
CA LEU B 608 -5.20 9.62 2.23
C LEU B 608 -5.07 9.30 3.74
N GLU B 609 -3.81 9.17 4.24
CA GLU B 609 -3.52 8.92 5.68
C GLU B 609 -4.06 10.10 6.52
N ASP B 610 -3.55 11.30 6.21
CA ASP B 610 -4.02 12.56 6.79
C ASP B 610 -4.67 13.39 5.67
N PRO B 611 -6.04 13.40 5.57
CA PRO B 611 -6.76 14.13 4.50
C PRO B 611 -6.64 15.66 4.66
N ASN B 612 -6.43 16.10 5.92
CA ASN B 612 -6.31 17.53 6.31
C ASN B 612 -5.27 18.32 5.48
N LEU B 613 -4.26 17.59 4.99
CA LEU B 613 -3.16 18.14 4.20
C LEU B 613 -3.68 18.68 2.86
N PHE B 614 -4.30 17.78 2.06
CA PHE B 614 -4.90 18.12 0.75
C PHE B 614 -6.04 19.13 0.91
N ILE B 615 -6.87 18.93 1.96
CA ILE B 615 -8.00 19.81 2.30
C ILE B 615 -7.55 21.26 2.47
N ARG B 616 -6.51 21.45 3.31
CA ARG B 616 -5.98 22.80 3.66
C ARG B 616 -5.35 23.49 2.44
N ARG B 617 -4.64 22.74 1.59
CA ARG B 617 -3.92 23.29 0.42
C ARG B 617 -4.89 23.80 -0.66
N MET B 618 -5.88 22.97 -0.97
CA MET B 618 -6.94 23.27 -1.94
C MET B 618 -7.78 24.47 -1.43
N ASN B 619 -8.16 24.37 -0.14
CA ASN B 619 -8.88 25.44 0.59
C ASN B 619 -8.06 26.74 0.62
N GLN B 620 -6.71 26.62 0.72
CA GLN B 620 -5.80 27.79 0.82
C GLN B 620 -5.85 28.64 -0.47
N LEU B 621 -5.72 27.94 -1.61
CA LEU B 621 -5.73 28.58 -2.94
C LEU B 621 -7.08 29.26 -3.23
N LEU B 622 -8.18 28.63 -2.76
CA LEU B 622 -9.55 29.14 -3.00
C LEU B 622 -10.00 30.15 -1.92
N VAL B 623 -9.44 30.08 -0.69
CA VAL B 623 -9.81 31.01 0.41
C VAL B 623 -9.15 32.37 0.17
N SER B 624 -8.04 32.33 -0.62
CA SER B 624 -7.42 33.51 -1.22
C SER B 624 -8.43 34.16 -2.23
N MET C 1 -2.34 1.17 26.97
CA MET C 1 -3.56 1.06 27.80
C MET C 1 -4.79 1.51 26.98
N ALA C 2 -6.01 1.21 27.48
CA ALA C 2 -7.27 1.70 26.90
C ALA C 2 -7.99 2.63 27.90
N THR C 3 -7.86 3.94 27.67
CA THR C 3 -8.45 5.00 28.50
C THR C 3 -9.03 6.09 27.58
N SER C 4 -10.37 6.17 27.52
CA SER C 4 -11.09 7.15 26.68
C SER C 4 -11.06 8.53 27.36
N THR C 5 -10.25 9.45 26.83
CA THR C 5 -10.12 10.81 27.34
C THR C 5 -9.67 11.74 26.20
N LEU C 6 -10.09 13.03 26.27
CA LEU C 6 -9.70 14.10 25.31
C LEU C 6 -10.33 13.84 23.92
N ILE C 7 -9.73 14.42 22.85
CA ILE C 7 -10.26 14.33 21.47
C ILE C 7 -9.29 13.57 20.55
N LYS C 8 -9.76 13.18 19.36
CA LYS C 8 -8.91 12.62 18.29
C LYS C 8 -7.93 13.69 17.81
N ALA C 9 -8.47 14.71 17.11
CA ALA C 9 -7.70 15.71 16.35
C ALA C 9 -6.84 15.03 15.24
N ILE C 10 -6.23 15.85 14.37
CA ILE C 10 -5.36 15.41 13.24
C ILE C 10 -6.19 14.81 12.06
N ASP C 11 -7.32 14.11 12.36
CA ASP C 11 -8.24 13.52 11.35
C ASP C 11 -7.56 12.38 10.55
N GLY C 12 -6.40 11.92 11.06
CA GLY C 12 -5.67 10.79 10.49
C GLY C 12 -6.34 9.46 10.78
N ASP C 13 -5.94 8.41 10.04
CA ASP C 13 -6.61 7.08 10.07
C ASP C 13 -6.66 6.48 11.51
N THR C 14 -5.52 6.04 12.05
CA THR C 14 -5.46 5.42 13.40
C THR C 14 -4.20 5.89 14.16
N VAL C 15 -4.40 6.22 15.46
CA VAL C 15 -3.33 6.71 16.36
C VAL C 15 -2.88 5.60 17.33
N LYS C 16 -3.58 4.46 17.32
CA LYS C 16 -3.26 3.32 18.19
C LYS C 16 -2.18 2.46 17.50
N LEU C 17 -0.92 2.72 17.89
CA LEU C 17 0.25 1.88 17.54
C LEU C 17 1.03 1.57 18.84
N MET C 18 0.82 2.42 19.86
CA MET C 18 1.56 2.42 21.11
C MET C 18 1.10 1.27 22.02
N TYR C 19 1.87 0.17 21.97
CA TYR C 19 1.62 -1.04 22.72
C TYR C 19 2.91 -1.89 22.80
N LYS C 20 3.14 -2.77 21.80
CA LYS C 20 4.25 -3.74 21.82
C LYS C 20 4.42 -4.41 20.45
N GLY C 21 5.65 -4.84 20.13
CA GLY C 21 5.96 -5.50 18.87
C GLY C 21 7.32 -6.19 18.88
N GLN C 22 8.17 -5.90 17.87
CA GLN C 22 9.48 -6.56 17.69
C GLN C 22 10.59 -5.52 17.32
N PRO C 23 11.91 -5.84 17.55
CA PRO C 23 13.04 -4.97 17.11
C PRO C 23 13.22 -4.90 15.57
N MET C 24 14.04 -3.95 15.12
CA MET C 24 14.44 -3.79 13.70
C MET C 24 15.94 -3.45 13.59
N THR C 25 16.55 -3.15 14.76
CA THR C 25 17.97 -2.74 14.89
C THR C 25 18.84 -3.92 15.37
N PHE C 26 20.15 -3.67 15.59
CA PHE C 26 21.10 -4.74 15.97
C PHE C 26 21.11 -4.97 17.52
N ARG C 27 22.04 -4.31 18.24
CA ARG C 27 22.28 -4.49 19.68
C ARG C 27 23.43 -3.59 20.14
N LEU C 28 23.11 -2.55 20.94
CA LEU C 28 24.09 -1.54 21.47
C LEU C 28 23.32 -0.56 22.41
N LEU C 29 24.09 0.26 23.18
CA LEU C 29 23.66 1.31 24.16
C LEU C 29 23.86 0.84 25.62
N LEU C 30 23.26 1.56 26.61
CA LEU C 30 23.39 1.22 28.05
C LEU C 30 22.77 -0.15 28.37
N VAL C 31 21.82 -0.58 27.53
CA VAL C 31 21.30 -1.96 27.52
C VAL C 31 22.45 -2.96 27.29
N ASP C 32 22.42 -4.07 28.05
CA ASP C 32 23.44 -5.14 27.97
C ASP C 32 23.55 -5.68 26.53
N THR C 33 22.45 -6.28 26.05
CA THR C 33 22.28 -6.67 24.64
C THR C 33 20.79 -6.96 24.33
N PRO C 34 20.16 -6.20 23.37
CA PRO C 34 18.93 -6.65 22.68
C PRO C 34 19.23 -7.80 21.70
N GLU C 35 18.26 -8.10 20.84
CA GLU C 35 18.39 -9.10 19.77
C GLU C 35 17.89 -8.48 18.47
N THR C 36 18.59 -8.74 17.35
CA THR C 36 18.19 -8.23 16.03
C THR C 36 17.09 -9.13 15.43
N LYS C 37 16.54 -8.71 14.27
CA LYS C 37 15.50 -9.47 13.54
C LYS C 37 16.00 -9.75 12.11
N HIS C 38 15.59 -8.92 11.12
CA HIS C 38 16.07 -8.97 9.72
C HIS C 38 15.89 -7.56 9.11
N PRO C 39 16.81 -7.11 8.19
CA PRO C 39 16.59 -5.90 7.35
C PRO C 39 15.36 -6.04 6.42
N LYS C 40 14.99 -4.93 5.77
CA LYS C 40 13.78 -4.87 4.91
C LYS C 40 14.09 -4.15 3.59
N LYS C 41 13.62 -4.75 2.48
CA LYS C 41 13.78 -4.22 1.11
C LYS C 41 12.77 -4.93 0.18
N GLY C 42 12.47 -4.30 -0.96
CA GLY C 42 11.51 -4.83 -1.93
C GLY C 42 10.96 -3.73 -2.83
N VAL C 43 11.21 -3.86 -4.15
CA VAL C 43 10.79 -2.88 -5.16
C VAL C 43 10.75 -3.57 -6.55
N GLU C 44 9.71 -3.26 -7.34
CA GLU C 44 9.58 -3.76 -8.72
C GLU C 44 10.19 -2.73 -9.70
N LYS C 45 10.83 -3.25 -10.75
CA LYS C 45 11.50 -2.44 -11.78
C LYS C 45 10.91 -2.82 -13.14
N TYR C 46 10.44 -1.81 -13.88
CA TYR C 46 9.72 -2.01 -15.17
C TYR C 46 10.67 -1.73 -16.35
N GLY C 47 10.44 -2.41 -17.48
CA GLY C 47 11.19 -2.16 -18.72
C GLY C 47 10.38 -2.50 -19.97
N PRO C 48 9.19 -1.84 -20.21
CA PRO C 48 8.31 -2.13 -21.36
C PRO C 48 8.63 -1.25 -22.60
N GLU C 49 8.31 -1.78 -23.80
CA GLU C 49 8.53 -1.08 -25.08
C GLU C 49 7.32 -1.26 -26.00
N ALA C 50 7.32 -0.55 -27.15
CA ALA C 50 6.22 -0.57 -28.13
C ALA C 50 6.65 0.02 -29.48
N SER C 51 5.80 -0.19 -30.51
CA SER C 51 6.02 0.29 -31.89
C SER C 51 4.73 0.92 -32.45
N ALA C 52 4.78 1.49 -33.67
CA ALA C 52 3.66 2.21 -34.33
C ALA C 52 3.39 3.58 -33.65
N PHE C 53 2.64 4.45 -34.34
CA PHE C 53 2.28 5.81 -33.86
C PHE C 53 0.85 6.18 -34.32
N THR C 54 0.10 6.87 -33.44
CA THR C 54 -1.28 7.38 -33.68
C THR C 54 -1.44 8.78 -33.06
N LYS C 55 -2.45 9.53 -33.52
CA LYS C 55 -2.74 10.89 -33.02
C LYS C 55 -4.13 10.90 -32.36
N LYS C 56 -4.17 10.54 -31.06
CA LYS C 56 -5.42 10.36 -30.30
C LYS C 56 -5.30 11.05 -28.93
N MET C 57 -6.21 12.03 -28.69
CA MET C 57 -6.33 12.78 -27.41
C MET C 57 -7.60 13.65 -27.45
N VAL C 58 -8.35 13.68 -26.32
CA VAL C 58 -9.50 14.61 -26.13
C VAL C 58 -9.95 14.59 -24.65
N GLU C 59 -10.64 15.66 -24.20
CA GLU C 59 -11.01 15.88 -22.78
C GLU C 59 -12.23 16.82 -22.66
N ASN C 60 -12.99 16.68 -21.54
CA ASN C 60 -14.19 17.51 -21.21
C ASN C 60 -14.78 17.04 -19.87
N ALA C 61 -14.23 17.54 -18.75
CA ALA C 61 -14.63 17.13 -17.39
C ALA C 61 -15.93 17.83 -16.96
N LYS C 62 -17.01 17.05 -16.77
CA LYS C 62 -18.36 17.58 -16.51
C LYS C 62 -19.16 16.69 -15.51
N LYS C 63 -19.25 15.38 -15.79
CA LYS C 63 -20.29 14.48 -15.21
C LYS C 63 -20.04 14.13 -13.72
N ILE C 64 -21.11 13.63 -13.07
CA ILE C 64 -21.12 13.10 -11.68
C ILE C 64 -21.89 11.77 -11.67
N GLU C 65 -21.43 10.78 -10.88
CA GLU C 65 -22.20 9.54 -10.64
C GLU C 65 -21.74 8.84 -9.33
N VAL C 66 -22.70 8.23 -8.62
CA VAL C 66 -22.45 7.44 -7.40
C VAL C 66 -23.07 6.03 -7.59
N GLU C 67 -22.19 4.99 -7.68
CA GLU C 67 -22.57 3.56 -7.83
C GLU C 67 -21.29 2.72 -7.98
N PHE C 68 -21.13 1.69 -7.14
CA PHE C 68 -19.89 0.89 -7.08
C PHE C 68 -20.21 -0.61 -7.15
N ASP C 69 -19.34 -1.35 -7.86
CA ASP C 69 -19.36 -2.83 -7.90
C ASP C 69 -18.03 -3.30 -8.53
N LYS C 70 -17.60 -4.54 -8.20
CA LYS C 70 -16.28 -5.05 -8.59
C LYS C 70 -16.24 -6.59 -8.52
N GLY C 71 -16.17 -7.25 -9.70
CA GLY C 71 -16.17 -8.72 -9.80
C GLY C 71 -14.80 -9.36 -9.57
N GLN C 72 -14.78 -10.71 -9.64
CA GLN C 72 -13.57 -11.54 -9.41
C GLN C 72 -13.34 -12.48 -10.64
N ARG C 73 -12.69 -13.64 -10.41
CA ARG C 73 -12.37 -14.63 -11.46
C ARG C 73 -12.63 -16.06 -10.92
N THR C 74 -12.04 -17.09 -11.57
CA THR C 74 -12.00 -18.48 -11.06
C THR C 74 -10.73 -19.19 -11.56
N ASP C 75 -10.48 -20.38 -11.02
CA ASP C 75 -9.37 -21.28 -11.41
C ASP C 75 -9.68 -21.97 -12.76
N LYS C 76 -8.83 -21.76 -13.79
CA LYS C 76 -8.94 -22.50 -15.08
C LYS C 76 -7.65 -22.46 -15.90
N TYR C 77 -7.66 -23.34 -16.93
CA TYR C 77 -6.64 -23.52 -17.97
C TYR C 77 -7.19 -24.52 -19.02
N GLY C 78 -6.37 -24.85 -20.04
CA GLY C 78 -6.73 -25.83 -21.08
C GLY C 78 -6.78 -25.21 -22.47
N ARG C 79 -7.36 -25.95 -23.43
CA ARG C 79 -7.46 -25.51 -24.84
C ARG C 79 -8.59 -26.29 -25.57
N GLY C 80 -9.19 -25.64 -26.58
CA GLY C 80 -10.34 -26.14 -27.33
C GLY C 80 -11.07 -24.98 -28.01
N LEU C 81 -12.21 -24.53 -27.44
CA LEU C 81 -12.88 -23.28 -27.85
C LEU C 81 -12.28 -22.08 -27.05
N ALA C 82 -12.81 -21.83 -25.82
CA ALA C 82 -12.42 -20.68 -24.97
C ALA C 82 -12.06 -21.15 -23.56
N TYR C 83 -10.74 -21.24 -23.31
CA TYR C 83 -10.17 -21.73 -22.05
C TYR C 83 -8.94 -20.88 -21.70
N ILE C 84 -9.13 -19.88 -20.82
CA ILE C 84 -8.01 -19.11 -20.23
C ILE C 84 -8.35 -18.80 -18.76
N TYR C 85 -7.36 -18.33 -18.02
CA TYR C 85 -7.52 -17.82 -16.65
C TYR C 85 -7.59 -16.29 -16.70
N ALA C 86 -8.74 -15.71 -16.32
CA ALA C 86 -8.92 -14.24 -16.19
C ALA C 86 -8.44 -13.77 -14.80
N ASP C 87 -7.25 -14.28 -14.41
CA ASP C 87 -6.66 -14.13 -13.06
C ASP C 87 -6.46 -12.64 -12.70
N GLY C 88 -5.78 -11.91 -13.58
CA GLY C 88 -5.55 -10.47 -13.40
C GLY C 88 -6.75 -9.63 -13.85
N LYS C 89 -7.95 -9.98 -13.28
CA LYS C 89 -9.26 -9.36 -13.60
C LYS C 89 -9.70 -9.78 -15.00
N MET C 90 -8.90 -9.39 -16.01
CA MET C 90 -8.85 -10.04 -17.30
C MET C 90 -7.50 -9.69 -17.93
N VAL C 91 -6.47 -10.49 -17.58
CA VAL C 91 -5.11 -10.38 -18.15
C VAL C 91 -4.44 -9.01 -17.80
N ASN C 92 -4.70 -7.96 -18.63
CA ASN C 92 -4.23 -6.56 -18.38
C ASN C 92 -4.77 -5.60 -19.46
N GLU C 93 -5.13 -4.36 -19.04
CA GLU C 93 -5.43 -3.20 -19.94
C GLU C 93 -5.90 -1.99 -19.08
N ALA C 94 -5.84 -0.80 -19.68
CA ALA C 94 -6.47 0.42 -19.16
C ALA C 94 -7.01 1.23 -20.35
N LEU C 95 -8.34 1.20 -20.54
CA LEU C 95 -8.98 1.78 -21.74
C LEU C 95 -9.10 3.32 -21.63
N VAL C 96 -8.99 3.83 -20.39
CA VAL C 96 -8.99 5.27 -20.07
C VAL C 96 -7.70 5.97 -20.60
N ARG C 97 -7.66 7.34 -20.51
CA ARG C 97 -6.62 8.22 -21.12
C ARG C 97 -6.87 8.42 -22.65
N GLN C 98 -6.26 9.49 -23.22
CA GLN C 98 -6.38 9.87 -24.65
C GLN C 98 -7.86 10.00 -25.10
N GLY C 99 -8.14 9.94 -26.42
CA GLY C 99 -9.51 9.98 -26.92
C GLY C 99 -9.61 9.97 -28.42
N LEU C 100 -10.85 10.07 -28.92
CA LEU C 100 -11.16 10.06 -30.35
C LEU C 100 -12.15 11.19 -30.67
N ALA C 101 -12.07 11.71 -31.91
CA ALA C 101 -12.92 12.81 -32.38
C ALA C 101 -13.15 12.69 -33.90
N LYS C 102 -13.27 11.45 -34.38
CA LYS C 102 -13.45 11.14 -35.80
C LYS C 102 -14.62 10.18 -36.04
N VAL C 103 -15.53 10.59 -36.93
CA VAL C 103 -16.67 9.79 -37.40
C VAL C 103 -16.79 9.97 -38.93
N ALA C 104 -16.96 8.86 -39.67
CA ALA C 104 -17.06 8.88 -41.16
C ALA C 104 -17.75 7.59 -41.65
N TYR C 105 -17.96 7.49 -42.99
CA TYR C 105 -18.59 6.32 -43.67
C TYR C 105 -20.08 6.13 -43.27
N VAL C 106 -20.69 5.05 -43.81
CA VAL C 106 -22.06 4.63 -43.46
C VAL C 106 -22.05 3.13 -43.07
N TYR C 107 -23.16 2.69 -42.48
CA TYR C 107 -23.36 1.29 -42.02
C TYR C 107 -24.57 0.69 -42.77
N LYS C 108 -24.72 -0.64 -42.70
CA LYS C 108 -25.80 -1.36 -43.42
C LYS C 108 -27.17 -1.21 -42.67
N PRO C 109 -28.31 -1.04 -43.43
CA PRO C 109 -29.68 -0.88 -42.85
C PRO C 109 -30.05 -1.99 -41.84
N ASN C 110 -30.29 -1.57 -40.58
CA ASN C 110 -30.57 -2.44 -39.44
C ASN C 110 -31.66 -1.83 -38.53
N ASN C 111 -32.21 -2.64 -37.61
CA ASN C 111 -33.24 -2.23 -36.63
C ASN C 111 -32.97 -2.90 -35.27
N THR C 112 -33.67 -2.46 -34.21
CA THR C 112 -33.46 -3.01 -32.85
C THR C 112 -34.71 -2.87 -31.96
N HIS C 113 -34.64 -3.49 -30.78
CA HIS C 113 -35.69 -3.47 -29.74
C HIS C 113 -35.06 -3.17 -28.37
N GLU C 114 -35.86 -2.59 -27.44
CA GLU C 114 -35.42 -2.26 -26.07
C GLU C 114 -36.65 -1.89 -25.24
N GLN C 115 -37.26 -2.88 -24.59
CA GLN C 115 -38.41 -2.69 -23.68
C GLN C 115 -38.62 -3.97 -22.85
N HIS C 116 -38.06 -3.98 -21.63
CA HIS C 116 -38.20 -5.09 -20.67
C HIS C 116 -37.76 -4.61 -19.28
N LEU C 117 -38.67 -4.70 -18.29
CA LEU C 117 -38.40 -4.28 -16.90
C LEU C 117 -38.95 -5.34 -15.91
N ARG C 118 -38.13 -5.72 -14.93
CA ARG C 118 -38.51 -6.69 -13.88
C ARG C 118 -38.03 -6.16 -12.51
N LYS C 119 -38.98 -5.72 -11.66
CA LYS C 119 -38.71 -5.28 -10.29
C LYS C 119 -38.66 -6.51 -9.36
N SER C 120 -37.54 -6.63 -8.62
CA SER C 120 -37.32 -7.71 -7.66
C SER C 120 -37.90 -7.37 -6.27
N GLU C 121 -38.23 -8.42 -5.52
CA GLU C 121 -38.77 -8.35 -4.15
C GLU C 121 -38.18 -9.49 -3.30
N ALA C 122 -37.80 -9.19 -2.05
CA ALA C 122 -37.25 -10.17 -1.10
C ALA C 122 -37.34 -9.65 0.34
N GLN C 123 -38.23 -10.26 1.16
CA GLN C 123 -38.22 -10.05 2.62
C GLN C 123 -37.03 -10.81 3.22
N ALA C 124 -36.55 -10.31 4.35
CA ALA C 124 -35.30 -10.78 4.97
C ALA C 124 -35.47 -10.93 6.48
N LYS C 125 -34.47 -11.55 7.11
CA LYS C 125 -34.42 -11.75 8.57
C LYS C 125 -32.96 -11.66 9.05
N LYS C 126 -32.76 -10.94 10.17
CA LYS C 126 -31.47 -10.92 10.89
C LYS C 126 -31.52 -11.92 12.06
N GLU C 127 -30.34 -12.37 12.49
CA GLU C 127 -30.18 -13.34 13.59
C GLU C 127 -28.76 -13.21 14.18
N LYS C 128 -28.56 -13.73 15.39
CA LYS C 128 -27.25 -13.69 16.08
C LYS C 128 -26.28 -14.73 15.45
N LEU C 129 -25.63 -14.36 14.32
CA LEU C 129 -24.57 -15.17 13.69
C LEU C 129 -23.21 -14.70 14.22
N ASN C 130 -22.95 -14.98 15.50
CA ASN C 130 -21.67 -14.68 16.18
C ASN C 130 -20.57 -15.61 15.64
N ILE C 131 -19.41 -15.04 15.30
CA ILE C 131 -18.26 -15.80 14.75
C ILE C 131 -17.13 -15.88 15.78
N TRP C 132 -16.74 -14.73 16.35
CA TRP C 132 -15.60 -14.62 17.28
C TRP C 132 -15.70 -13.27 18.02
N MET A 1 36.52 47.25 10.41
CA MET A 1 35.08 47.47 10.12
C MET A 1 34.87 47.58 8.59
N LYS A 2 34.73 46.41 7.93
CA LYS A 2 34.43 46.30 6.49
C LYS A 2 33.81 44.92 6.20
N GLY A 3 32.48 44.85 6.31
CA GLY A 3 31.73 43.62 6.04
C GLY A 3 31.38 43.48 4.56
N GLN A 4 32.42 43.55 3.71
CA GLN A 4 32.29 43.42 2.25
C GLN A 4 32.14 41.93 1.88
N GLU A 5 30.90 41.43 2.04
CA GLU A 5 30.51 40.04 1.76
C GLU A 5 29.88 39.96 0.36
N THR A 6 30.09 38.84 -0.36
CA THR A 6 29.55 38.67 -1.71
C THR A 6 29.34 37.17 -2.04
N ARG A 7 28.33 36.89 -2.87
CA ARG A 7 27.98 35.54 -3.34
C ARG A 7 28.28 35.42 -4.84
N GLY A 8 28.28 34.18 -5.35
CA GLY A 8 28.44 33.92 -6.79
C GLY A 8 28.23 32.46 -7.11
N PHE A 9 27.34 31.81 -6.35
CA PHE A 9 27.06 30.37 -6.48
C PHE A 9 25.55 30.13 -6.29
N GLN A 10 24.86 29.66 -7.35
CA GLN A 10 23.40 29.43 -7.33
C GLN A 10 23.02 28.20 -8.18
N SER A 11 23.48 27.01 -7.69
CA SER A 11 23.20 25.71 -8.32
C SER A 11 23.53 24.55 -7.34
N GLU A 12 23.08 23.34 -7.72
CA GLU A 12 23.35 22.09 -6.97
C GLU A 12 23.47 20.91 -7.95
N VAL A 13 24.46 20.05 -7.69
CA VAL A 13 24.58 18.73 -8.32
C VAL A 13 24.04 17.66 -7.34
N LYS A 14 24.89 17.23 -6.37
CA LYS A 14 24.48 16.32 -5.25
C LYS A 14 25.26 16.71 -4.00
N GLN A 15 26.58 16.90 -4.17
CA GLN A 15 27.52 17.16 -3.07
C GLN A 15 28.62 18.12 -3.55
N LEU A 16 29.44 17.65 -4.51
CA LEU A 16 30.72 18.30 -4.94
C LEU A 16 30.56 19.81 -5.24
N LEU A 17 29.55 20.18 -6.04
CA LEU A 17 29.32 21.60 -6.43
C LEU A 17 28.96 22.47 -5.21
N HIS A 18 28.22 21.89 -4.26
CA HIS A 18 27.80 22.62 -3.05
C HIS A 18 28.97 22.72 -2.05
N LEU A 19 29.96 21.81 -2.18
CA LEU A 19 31.23 21.89 -1.42
C LEU A 19 32.07 23.05 -1.97
N MET A 20 32.04 23.23 -3.31
CA MET A 20 32.81 24.29 -4.03
C MET A 20 32.54 25.69 -3.47
N ILE A 21 31.28 25.91 -3.04
CA ILE A 21 30.82 27.18 -2.49
C ILE A 21 31.57 27.52 -1.18
N HIS A 22 31.76 26.48 -0.34
CA HIS A 22 32.39 26.60 0.99
C HIS A 22 33.91 26.29 0.88
N SER A 23 34.33 25.74 -0.28
CA SER A 23 35.74 25.40 -0.59
C SER A 23 36.55 26.67 -0.90
N LEU A 24 35.86 27.65 -1.53
CA LEU A 24 36.38 29.01 -1.70
C LEU A 24 36.59 29.65 -0.31
N TYR A 25 35.47 29.65 0.45
CA TYR A 25 35.39 30.07 1.88
C TYR A 25 35.65 31.60 2.06
N SER A 26 35.91 32.32 0.93
CA SER A 26 36.36 33.72 0.93
C SER A 26 37.70 33.85 1.69
N ASN A 27 38.52 32.76 1.65
CA ASN A 27 39.82 32.72 2.36
C ASN A 27 40.94 32.26 1.41
N LYS A 28 40.62 31.27 0.55
CA LYS A 28 41.57 30.59 -0.40
C LYS A 28 42.54 29.64 0.34
N GLU A 29 43.32 30.18 1.32
CA GLU A 29 44.36 29.42 2.09
C GLU A 29 43.81 28.16 2.80
N ILE A 30 42.47 28.01 2.85
CA ILE A 30 41.79 26.81 3.37
C ILE A 30 42.27 25.51 2.66
N PHE A 31 42.79 25.65 1.41
CA PHE A 31 43.36 24.51 0.65
C PHE A 31 44.59 23.91 1.38
N LEU A 32 45.41 24.77 2.02
CA LEU A 32 46.58 24.31 2.81
C LEU A 32 46.13 23.48 4.02
N ARG A 33 44.99 23.87 4.64
CA ARG A 33 44.42 23.10 5.77
C ARG A 33 44.00 21.71 5.29
N GLU A 34 43.29 21.68 4.15
CA GLU A 34 42.79 20.46 3.50
C GLU A 34 43.96 19.48 3.25
N LEU A 35 44.96 19.95 2.47
CA LEU A 35 46.06 19.11 1.96
C LEU A 35 46.89 18.51 3.10
N ILE A 36 47.28 19.33 4.08
CA ILE A 36 48.09 18.88 5.21
C ILE A 36 47.27 17.91 6.11
N SER A 37 45.99 18.22 6.33
CA SER A 37 45.07 17.35 7.11
C SER A 37 44.79 16.04 6.37
N ASN A 38 44.87 16.06 5.03
CA ASN A 38 44.73 14.85 4.18
C ASN A 38 45.98 13.96 4.33
N ALA A 39 47.12 14.60 4.62
CA ALA A 39 48.40 13.93 4.83
C ALA A 39 48.44 13.31 6.24
N SER A 40 47.86 14.05 7.20
CA SER A 40 47.73 13.64 8.61
C SER A 40 46.75 12.48 8.74
N ASP A 41 45.71 12.50 7.88
CA ASP A 41 44.66 11.48 7.86
C ASP A 41 45.23 10.19 7.22
N ALA A 42 46.05 10.37 6.16
CA ALA A 42 46.76 9.26 5.48
C ALA A 42 47.84 8.64 6.39
N ALA A 43 48.41 9.47 7.29
CA ALA A 43 49.42 9.02 8.28
C ALA A 43 48.79 8.05 9.30
N ASP A 44 47.57 8.36 9.78
CA ASP A 44 46.88 7.51 10.75
C ASP A 44 46.28 6.26 10.05
N LYS A 45 45.98 6.35 8.73
CA LYS A 45 45.61 5.17 7.90
C LYS A 45 46.78 4.18 7.81
N LEU A 46 48.02 4.72 7.77
CA LEU A 46 49.25 3.90 7.77
C LEU A 46 49.41 3.17 9.11
N ARG A 47 49.04 3.84 10.22
CA ARG A 47 49.14 3.25 11.58
C ARG A 47 48.17 2.06 11.76
N PHE A 48 46.99 2.13 11.12
CA PHE A 48 46.01 1.03 11.13
C PHE A 48 46.48 -0.15 10.27
N ARG A 49 47.01 0.19 9.08
CA ARG A 49 47.60 -0.81 8.15
C ARG A 49 48.90 -1.39 8.73
N ALA A 50 49.55 -0.64 9.63
CA ALA A 50 50.77 -1.07 10.34
C ALA A 50 50.46 -2.19 11.33
N LEU A 51 49.24 -2.17 11.87
CA LEU A 51 48.73 -3.26 12.72
C LEU A 51 48.56 -4.55 11.88
N SER A 52 48.32 -4.37 10.56
CA SER A 52 48.16 -5.49 9.62
C SER A 52 49.54 -5.91 9.02
N ASN A 53 50.52 -4.97 9.09
CA ASN A 53 51.89 -5.17 8.57
C ASN A 53 52.76 -3.92 8.87
N PRO A 54 53.68 -3.98 9.89
CA PRO A 54 54.59 -2.84 10.19
C PRO A 54 55.64 -2.58 9.09
N ASP A 55 55.81 -3.54 8.15
CA ASP A 55 56.74 -3.42 7.01
C ASP A 55 56.30 -2.34 6.00
N LEU A 56 55.04 -1.87 6.15
CA LEU A 56 54.49 -0.78 5.33
C LEU A 56 55.13 0.58 5.70
N TYR A 57 55.74 0.67 6.90
CA TYR A 57 56.58 1.82 7.31
C TYR A 57 57.89 1.88 6.51
N GLU A 58 58.31 0.72 5.93
CA GLU A 58 59.57 0.58 5.14
C GLU A 58 60.82 0.81 6.02
N GLY A 59 60.64 0.74 7.35
CA GLY A 59 61.67 1.12 8.32
C GLY A 59 61.45 2.53 8.86
N ASP A 60 60.82 3.39 8.05
CA ASP A 60 60.54 4.79 8.39
C ASP A 60 59.23 4.90 9.18
N GLY A 61 59.35 4.90 10.52
CA GLY A 61 58.20 5.10 11.41
C GLY A 61 57.97 6.57 11.72
N GLU A 62 59.01 7.40 11.44
CA GLU A 62 58.96 8.86 11.62
C GLU A 62 58.29 9.51 10.40
N LEU A 63 56.95 9.40 10.36
CA LEU A 63 56.13 9.97 9.30
C LEU A 63 56.09 11.50 9.48
N ARG A 64 56.28 12.25 8.38
CA ARG A 64 56.13 13.72 8.39
C ARG A 64 55.69 14.22 7.03
N VAL A 65 55.10 15.42 7.03
CA VAL A 65 54.66 16.11 5.80
C VAL A 65 55.47 17.42 5.66
N ARG A 66 55.87 17.73 4.42
CA ARG A 66 56.80 18.83 4.13
C ARG A 66 56.22 19.77 3.07
N VAL A 67 56.04 21.04 3.47
CA VAL A 67 55.62 22.11 2.56
C VAL A 67 56.86 22.69 1.86
N SER A 68 56.98 22.37 0.58
CA SER A 68 58.08 22.82 -0.29
C SER A 68 57.46 23.70 -1.38
N PHE A 69 58.21 24.71 -1.84
CA PHE A 69 57.71 25.63 -2.88
C PHE A 69 58.87 26.39 -3.55
N ASP A 70 58.89 26.36 -4.89
CA ASP A 70 59.93 26.98 -5.71
C ASP A 70 59.41 28.30 -6.29
N LYS A 71 60.19 29.36 -6.10
CA LYS A 71 59.78 30.74 -6.39
C LYS A 71 59.86 31.04 -7.91
N ASP A 72 60.67 30.26 -8.64
CA ASP A 72 60.86 30.43 -10.10
C ASP A 72 59.82 29.61 -10.88
N LYS A 73 59.63 28.36 -10.43
CA LYS A 73 58.69 27.40 -11.06
C LYS A 73 57.22 27.73 -10.71
N ARG A 74 57.03 28.48 -9.61
CA ARG A 74 55.70 28.81 -9.04
C ARG A 74 54.94 27.52 -8.69
N THR A 75 55.67 26.53 -8.16
CA THR A 75 55.09 25.24 -7.75
C THR A 75 55.19 25.08 -6.24
N LEU A 76 54.05 24.81 -5.62
CA LEU A 76 53.93 24.40 -4.21
C LEU A 76 53.90 22.86 -4.17
N THR A 77 54.33 22.24 -3.06
CA THR A 77 54.52 20.76 -2.97
C THR A 77 54.36 20.29 -1.51
N ILE A 78 53.18 19.73 -1.19
CA ILE A 78 52.87 19.19 0.16
C ILE A 78 53.05 17.66 0.10
N SER A 79 54.24 17.18 0.51
CA SER A 79 54.62 15.75 0.38
C SER A 79 54.80 15.09 1.76
N ASP A 80 54.01 14.02 2.03
CA ASP A 80 54.03 13.27 3.30
C ASP A 80 54.58 11.84 3.12
N ASN A 81 55.06 11.27 4.24
CA ASN A 81 55.50 9.86 4.33
C ASN A 81 54.37 8.94 4.86
N GLY A 82 53.10 9.33 4.65
CA GLY A 82 51.95 8.54 5.11
C GLY A 82 51.74 7.23 4.33
N VAL A 83 50.51 6.68 4.35
CA VAL A 83 50.18 5.45 3.61
C VAL A 83 50.24 5.67 2.10
N GLY A 84 50.07 6.93 1.68
CA GLY A 84 49.94 7.27 0.28
C GLY A 84 48.59 6.85 -0.26
N MET A 85 48.58 6.45 -1.53
CA MET A 85 47.41 5.88 -2.20
C MET A 85 47.91 4.82 -3.20
N THR A 86 47.23 3.67 -3.22
CA THR A 86 47.52 2.54 -4.13
C THR A 86 47.02 2.87 -5.57
N ARG A 87 47.33 2.01 -6.56
CA ARG A 87 46.93 2.21 -7.97
C ARG A 87 45.39 2.29 -8.10
N ASP A 88 44.71 1.22 -7.67
CA ASP A 88 43.23 1.12 -7.70
C ASP A 88 42.60 2.12 -6.73
N GLU A 89 43.31 2.43 -5.62
CA GLU A 89 42.87 3.45 -4.65
C GLU A 89 42.64 4.79 -5.35
N VAL A 90 43.66 5.29 -6.10
CA VAL A 90 43.59 6.60 -6.79
C VAL A 90 42.46 6.63 -7.84
N ILE A 91 42.28 5.52 -8.58
CA ILE A 91 41.21 5.43 -9.61
C ILE A 91 39.81 5.52 -8.94
N ASP A 92 39.69 4.90 -7.75
CA ASP A 92 38.46 4.89 -6.93
C ASP A 92 38.45 6.03 -5.89
N HIS A 93 39.45 6.93 -5.92
CA HIS A 93 39.55 8.06 -4.96
C HIS A 93 39.46 9.39 -5.74
N LEU A 94 40.57 9.77 -6.39
CA LEU A 94 40.66 11.03 -7.15
C LEU A 94 39.81 10.95 -8.42
N GLY A 95 39.87 9.78 -9.10
CA GLY A 95 39.09 9.53 -10.31
C GLY A 95 37.59 9.65 -10.10
N THR A 96 37.11 9.25 -8.89
CA THR A 96 35.69 9.29 -8.52
C THR A 96 35.27 10.69 -7.98
N ILE A 97 36.27 11.54 -7.64
CA ILE A 97 36.02 12.97 -7.33
C ILE A 97 35.83 13.73 -8.66
N ALA A 98 36.63 13.30 -9.65
CA ALA A 98 36.51 13.71 -11.05
C ALA A 98 35.45 12.84 -11.76
N LYS A 99 35.50 12.76 -13.09
CA LYS A 99 34.57 11.94 -13.89
C LYS A 99 34.95 10.43 -13.79
N SER A 100 34.04 9.58 -13.28
CA SER A 100 34.27 8.12 -13.17
C SER A 100 32.94 7.36 -13.38
N GLY A 101 31.93 7.73 -12.58
CA GLY A 101 30.60 7.12 -12.67
C GLY A 101 29.99 6.88 -11.31
N THR A 102 30.20 7.82 -10.38
CA THR A 102 29.51 7.83 -9.08
C THR A 102 28.12 8.49 -9.23
N LYS A 103 28.03 9.36 -10.28
CA LYS A 103 26.81 10.10 -10.69
C LYS A 103 26.15 10.84 -9.50
N SER A 104 25.32 10.12 -8.73
CA SER A 104 24.65 10.65 -7.55
C SER A 104 25.24 10.00 -6.29
N PHE A 105 24.83 8.75 -6.04
CA PHE A 105 25.24 7.98 -4.86
C PHE A 105 25.78 6.59 -5.29
N LEU A 106 25.67 6.33 -6.61
CA LEU A 106 26.01 5.08 -7.33
C LEU A 106 25.38 5.19 -8.73
N GLU A 107 26.11 4.74 -9.76
CA GLU A 107 25.65 4.71 -11.16
C GLU A 107 24.31 3.94 -11.36
N SER A 108 24.19 2.75 -10.72
CA SER A 108 23.05 1.83 -10.95
C SER A 108 21.84 2.14 -10.02
N LEU A 109 21.93 1.73 -8.73
CA LEU A 109 20.80 1.82 -7.76
C LEU A 109 20.82 3.13 -6.95
N GLY A 110 22.01 3.76 -6.83
CA GLY A 110 22.15 4.98 -6.01
C GLY A 110 22.27 4.66 -4.53
N SER A 111 23.08 3.62 -4.20
CA SER A 111 23.16 3.08 -2.84
C SER A 111 24.54 2.44 -2.56
N ASP A 112 24.92 1.41 -3.35
CA ASP A 112 26.14 0.58 -3.10
C ASP A 112 27.42 1.42 -2.99
N GLN A 113 27.72 2.24 -4.02
CA GLN A 113 28.94 3.08 -4.07
C GLN A 113 28.77 4.42 -3.31
N ALA A 114 27.92 4.40 -2.26
CA ALA A 114 27.78 5.52 -1.31
C ALA A 114 29.11 5.94 -0.62
N LYS A 115 30.15 5.08 -0.70
CA LYS A 115 31.44 5.33 -0.02
C LYS A 115 32.44 6.09 -0.92
N ASP A 116 31.89 6.93 -1.81
CA ASP A 116 32.65 7.93 -2.56
C ASP A 116 32.41 9.32 -1.96
N SER A 117 31.23 9.48 -1.32
CA SER A 117 30.83 10.71 -0.62
C SER A 117 31.79 11.04 0.56
N GLN A 118 32.43 9.98 1.07
CA GLN A 118 33.46 10.03 2.13
C GLN A 118 34.73 10.75 1.61
N LEU A 119 35.11 10.39 0.37
CA LEU A 119 36.36 10.82 -0.27
C LEU A 119 36.19 12.22 -0.89
N ILE A 120 35.01 12.47 -1.45
CA ILE A 120 34.64 13.76 -2.06
C ILE A 120 34.39 14.81 -0.95
N GLY A 121 33.81 14.35 0.19
CA GLY A 121 33.47 15.21 1.33
C GLY A 121 34.68 15.92 1.96
N GLN A 122 35.85 15.26 1.89
CA GLN A 122 37.12 15.82 2.41
C GLN A 122 38.00 16.33 1.24
N PHE A 123 38.44 15.40 0.40
CA PHE A 123 39.47 15.65 -0.65
C PHE A 123 38.89 16.44 -1.84
N GLY A 124 37.55 16.39 -2.02
CA GLY A 124 36.87 17.14 -3.08
C GLY A 124 36.85 18.64 -2.82
N VAL A 125 36.99 19.02 -1.55
CA VAL A 125 37.12 20.42 -1.12
C VAL A 125 38.55 20.89 -1.42
N GLY A 126 39.53 20.07 -0.99
CA GLY A 126 40.95 20.31 -1.30
C GLY A 126 41.23 20.38 -2.80
N PHE A 127 40.45 19.61 -3.57
CA PHE A 127 40.50 19.57 -5.04
C PHE A 127 40.20 20.99 -5.60
N TYR A 128 38.98 21.49 -5.36
CA TYR A 128 38.49 22.75 -5.94
C TYR A 128 39.32 23.97 -5.47
N SER A 129 39.55 24.05 -4.15
CA SER A 129 40.29 25.16 -3.51
C SER A 129 41.73 25.23 -4.04
N ALA A 130 42.33 24.04 -4.29
CA ALA A 130 43.65 23.93 -4.95
C ALA A 130 43.63 24.62 -6.32
N PHE A 131 42.62 24.30 -7.14
CA PHE A 131 42.51 24.83 -8.53
C PHE A 131 42.03 26.31 -8.57
N ILE A 132 41.71 26.91 -7.41
CA ILE A 132 41.45 28.37 -7.33
C ILE A 132 42.80 29.12 -7.34
N VAL A 133 43.74 28.62 -6.53
CA VAL A 133 45.06 29.23 -6.35
C VAL A 133 46.11 28.65 -7.33
N ALA A 134 45.78 27.49 -7.94
CA ALA A 134 46.67 26.78 -8.87
C ALA A 134 45.98 26.57 -10.22
N ASP A 135 46.79 26.66 -11.27
CA ASP A 135 46.38 26.41 -12.65
C ASP A 135 46.20 24.90 -12.88
N LYS A 136 47.19 24.14 -12.40
CA LYS A 136 47.29 22.69 -12.59
C LYS A 136 47.87 22.06 -11.31
N VAL A 137 47.32 20.90 -10.90
CA VAL A 137 47.81 20.13 -9.73
C VAL A 137 48.25 18.72 -10.19
N THR A 138 49.54 18.42 -9.99
CA THR A 138 50.16 17.11 -10.23
C THR A 138 50.25 16.34 -8.89
N VAL A 139 49.50 15.24 -8.76
CA VAL A 139 49.58 14.35 -7.59
C VAL A 139 50.38 13.09 -7.96
N ARG A 140 51.57 12.93 -7.34
CA ARG A 140 52.37 11.70 -7.44
C ARG A 140 52.39 11.03 -6.06
N THR A 141 51.67 9.91 -5.94
CA THR A 141 51.53 9.18 -4.67
C THR A 141 52.20 7.78 -4.76
N ARG A 142 52.26 7.09 -3.62
CA ARG A 142 52.84 5.74 -3.51
C ARG A 142 52.25 5.05 -2.28
N ALA A 143 51.63 3.87 -2.49
CA ALA A 143 51.14 3.01 -1.41
C ALA A 143 52.28 2.51 -0.51
N ALA A 144 51.97 2.41 0.79
CA ALA A 144 52.93 2.05 1.84
C ALA A 144 53.38 0.58 1.71
N GLY A 145 54.71 0.36 1.68
CA GLY A 145 55.31 -0.98 1.63
C GLY A 145 55.31 -1.61 0.23
N GLU A 146 54.20 -1.40 -0.50
CA GLU A 146 53.94 -1.96 -1.82
C GLU A 146 54.94 -1.40 -2.86
N LYS A 147 55.20 -2.15 -3.94
CA LYS A 147 56.29 -1.92 -4.91
C LYS A 147 56.26 -0.48 -5.53
N PRO A 148 57.42 0.26 -5.55
CA PRO A 148 57.50 1.69 -5.97
C PRO A 148 57.02 1.97 -7.43
N GLU A 149 57.13 0.94 -8.29
CA GLU A 149 56.75 1.04 -9.73
C GLU A 149 55.23 1.25 -9.91
N ASN A 150 54.46 0.86 -8.88
CA ASN A 150 52.98 0.99 -8.87
C ASN A 150 52.54 2.34 -8.30
N GLY A 151 53.53 3.22 -7.98
CA GLY A 151 53.25 4.62 -7.61
C GLY A 151 52.45 5.29 -8.70
N VAL A 152 51.63 6.29 -8.36
CA VAL A 152 50.62 6.80 -9.29
C VAL A 152 50.90 8.26 -9.65
N PHE A 153 50.95 8.54 -10.96
CA PHE A 153 50.92 9.89 -11.51
C PHE A 153 49.44 10.25 -11.71
N TRP A 154 49.09 11.47 -11.33
CA TRP A 154 47.75 12.02 -11.53
C TRP A 154 47.91 13.52 -11.82
N GLU A 155 47.01 14.08 -12.63
CA GLU A 155 47.09 15.47 -13.07
C GLU A 155 45.72 15.95 -13.57
N SER A 156 45.34 17.18 -13.20
CA SER A 156 44.16 17.86 -13.73
C SER A 156 44.40 19.38 -13.73
N ALA A 157 43.55 20.12 -14.46
CA ALA A 157 43.52 21.59 -14.45
C ALA A 157 42.17 22.09 -13.91
N GLY A 158 41.48 21.23 -13.14
CA GLY A 158 40.21 21.58 -12.49
C GLY A 158 38.97 21.12 -13.26
N GLU A 159 39.15 20.87 -14.58
CA GLU A 159 38.07 20.45 -15.48
C GLU A 159 37.61 19.00 -15.21
N GLY A 160 36.59 18.54 -15.98
CA GLY A 160 36.07 17.17 -15.87
C GLY A 160 36.91 16.15 -16.65
N GLU A 161 38.21 16.14 -16.34
CA GLU A 161 39.22 15.32 -17.01
C GLU A 161 40.41 15.11 -16.05
N TYR A 162 41.15 14.00 -16.24
CA TYR A 162 42.31 13.67 -15.40
C TYR A 162 43.27 12.72 -16.16
N THR A 163 44.57 13.04 -16.08
CA THR A 163 45.66 12.24 -16.66
C THR A 163 46.25 11.37 -15.53
N VAL A 164 46.01 10.04 -15.59
CA VAL A 164 46.44 9.10 -14.53
C VAL A 164 47.20 7.90 -15.14
N ALA A 165 48.33 7.53 -14.51
CA ALA A 165 49.17 6.38 -14.92
C ALA A 165 49.96 5.85 -13.71
N ASP A 166 50.65 4.72 -13.90
CA ASP A 166 51.55 4.15 -12.87
C ASP A 166 53.03 4.43 -13.23
N ILE A 167 53.71 5.15 -12.32
CA ILE A 167 55.11 5.57 -12.45
C ILE A 167 55.92 5.07 -11.23
N THR A 168 57.24 4.95 -11.40
CA THR A 168 58.12 4.49 -10.32
C THR A 168 58.49 5.66 -9.40
N LYS A 169 57.86 5.69 -8.22
CA LYS A 169 58.13 6.67 -7.16
C LYS A 169 58.79 5.94 -6.00
N GLU A 170 60.12 6.11 -5.91
CA GLU A 170 61.00 5.38 -4.96
C GLU A 170 60.58 5.58 -3.50
N ASP A 171 60.24 6.83 -3.14
CA ASP A 171 59.86 7.20 -1.77
C ASP A 171 58.35 6.99 -1.54
N ARG A 172 58.01 6.56 -0.33
CA ARG A 172 56.63 6.26 0.10
C ARG A 172 55.82 7.55 0.38
N GLY A 173 54.47 7.43 0.38
CA GLY A 173 53.58 8.54 0.76
C GLY A 173 53.05 9.27 -0.45
N THR A 174 52.61 10.52 -0.27
CA THR A 174 51.95 11.30 -1.34
C THR A 174 52.69 12.62 -1.57
N GLU A 175 52.63 13.13 -2.81
CA GLU A 175 53.16 14.44 -3.19
C GLU A 175 52.07 15.23 -3.92
N ILE A 176 51.67 16.38 -3.37
CA ILE A 176 50.67 17.27 -3.99
C ILE A 176 51.37 18.53 -4.52
N THR A 177 51.60 18.59 -5.84
CA THR A 177 52.28 19.72 -6.49
C THR A 177 51.25 20.64 -7.17
N LEU A 178 51.18 21.91 -6.72
CA LEU A 178 50.24 22.92 -7.23
C LEU A 178 51.02 24.01 -7.97
N HIS A 179 50.94 24.05 -9.31
CA HIS A 179 51.49 25.19 -10.07
C HIS A 179 50.56 26.40 -9.88
N LEU A 180 50.98 27.30 -8.99
CA LEU A 180 50.26 28.54 -8.65
C LEU A 180 50.07 29.45 -9.89
N ARG A 181 48.93 30.15 -9.91
CA ARG A 181 48.54 31.06 -11.01
C ARG A 181 49.26 32.42 -10.90
N GLU A 182 49.27 33.17 -12.00
CA GLU A 182 49.77 34.56 -12.01
C GLU A 182 48.80 35.41 -11.15
N GLY A 183 49.31 35.95 -10.04
CA GLY A 183 48.49 36.63 -9.04
C GLY A 183 48.60 35.92 -7.69
N GLU A 184 48.62 34.57 -7.72
CA GLU A 184 48.72 33.71 -6.52
C GLU A 184 50.19 33.43 -6.17
N ASP A 185 51.02 34.47 -6.35
CA ASP A 185 52.45 34.46 -5.95
C ASP A 185 52.54 34.66 -4.41
N GLU A 186 51.38 35.00 -3.83
CA GLU A 186 51.09 35.05 -2.39
C GLU A 186 51.64 33.81 -1.63
N PHE A 187 51.56 32.64 -2.29
CA PHE A 187 51.87 31.34 -1.70
C PHE A 187 53.32 30.90 -2.02
N LEU A 188 54.15 31.85 -2.50
CA LEU A 188 55.61 31.66 -2.65
C LEU A 188 56.37 32.53 -1.63
N ASP A 189 55.66 33.49 -1.02
CA ASP A 189 56.21 34.31 0.07
C ASP A 189 56.30 33.46 1.32
N ASP A 190 57.54 33.16 1.74
CA ASP A 190 57.83 32.24 2.86
C ASP A 190 57.09 32.65 4.16
N TRP A 191 57.16 33.94 4.50
CA TRP A 191 56.51 34.50 5.70
C TRP A 191 54.98 34.28 5.70
N ARG A 192 54.37 34.43 4.51
CA ARG A 192 52.92 34.28 4.30
C ARG A 192 52.55 32.81 4.58
N VAL A 193 53.24 31.91 3.85
CA VAL A 193 52.96 30.46 3.90
C VAL A 193 53.13 29.95 5.33
N ARG A 194 54.24 30.32 6.01
CA ARG A 194 54.53 29.91 7.41
C ARG A 194 53.42 30.27 8.38
N SER A 195 52.91 31.53 8.28
CA SER A 195 51.82 32.00 9.14
C SER A 195 50.56 31.14 8.94
N ILE A 196 50.27 30.81 7.68
CA ILE A 196 49.11 29.98 7.30
C ILE A 196 49.31 28.50 7.69
N ILE A 197 50.58 28.01 7.62
CA ILE A 197 50.91 26.63 7.98
C ILE A 197 50.68 26.48 9.48
N SER A 198 51.31 27.34 10.30
CA SER A 198 51.18 27.30 11.78
C SER A 198 49.71 27.34 12.22
N LYS A 199 48.91 28.18 11.52
CA LYS A 199 47.48 28.40 11.79
C LYS A 199 46.67 27.07 11.79
N TYR A 200 47.12 26.08 10.98
CA TYR A 200 46.39 24.82 10.77
C TYR A 200 47.20 23.61 11.29
N SER A 201 48.49 23.58 10.97
CA SER A 201 49.44 22.50 11.33
C SER A 201 49.54 22.30 12.84
N ASP A 202 49.26 23.37 13.61
CA ASP A 202 49.37 23.34 15.07
C ASP A 202 48.42 22.29 15.67
N HIS A 203 47.22 22.14 15.07
CA HIS A 203 46.20 21.17 15.56
C HIS A 203 46.45 19.75 15.02
N ILE A 204 47.50 19.60 14.21
CA ILE A 204 47.83 18.37 13.49
C ILE A 204 49.00 17.62 14.20
N ALA A 205 48.79 16.31 14.39
CA ALA A 205 49.73 15.42 15.09
C ALA A 205 50.98 15.12 14.24
N LEU A 206 50.79 15.11 12.91
CA LEU A 206 51.84 14.80 11.94
C LEU A 206 52.81 16.00 11.82
N PRO A 207 54.14 15.84 12.14
CA PRO A 207 55.14 16.94 12.04
C PRO A 207 55.18 17.59 10.63
N VAL A 208 54.63 18.81 10.53
CA VAL A 208 54.60 19.59 9.29
C VAL A 208 55.85 20.48 9.22
N GLU A 209 56.88 19.95 8.54
CA GLU A 209 58.12 20.69 8.28
C GLU A 209 57.94 21.60 7.05
N ILE A 210 58.78 22.64 6.94
CA ILE A 210 58.76 23.54 5.78
C ILE A 210 60.16 23.57 5.13
N GLU A 211 60.18 23.91 3.85
CA GLU A 211 61.40 24.10 3.06
C GLU A 211 62.24 25.26 3.62
N LYS A 212 63.30 24.92 4.36
CA LYS A 212 64.39 25.85 4.68
C LYS A 212 65.52 25.56 3.68
N ARG A 213 65.39 26.13 2.47
CA ARG A 213 66.35 25.89 1.39
C ARG A 213 67.09 27.18 1.06
N GLU A 214 68.40 27.20 1.38
CA GLU A 214 69.26 28.36 1.18
C GLU A 214 70.12 28.07 -0.05
N GLU A 215 69.63 28.55 -1.21
CA GLU A 215 70.29 28.33 -2.50
C GLU A 215 71.40 29.36 -2.68
N LYS A 216 72.52 29.08 -2.01
CA LYS A 216 73.72 29.90 -2.03
C LYS A 216 74.70 29.36 -3.07
N ASP A 217 75.64 30.21 -3.50
CA ASP A 217 76.70 29.84 -4.45
C ASP A 217 77.54 28.66 -3.90
N GLY A 218 77.35 27.46 -4.49
CA GLY A 218 78.08 26.26 -4.06
C GLY A 218 77.38 25.47 -2.95
N GLU A 219 76.45 26.13 -2.23
CA GLU A 219 75.72 25.53 -1.09
C GLU A 219 74.21 25.64 -1.33
N THR A 220 73.59 24.63 -1.96
CA THR A 220 72.12 24.56 -2.06
C THR A 220 71.59 23.79 -0.84
N VAL A 221 71.63 24.45 0.32
CA VAL A 221 71.33 23.82 1.62
C VAL A 221 69.83 23.51 1.71
N ILE A 222 69.47 22.22 1.67
CA ILE A 222 68.09 21.76 1.80
C ILE A 222 67.88 21.25 3.24
N SER A 223 67.11 22.04 4.00
CA SER A 223 66.76 21.76 5.39
C SER A 223 65.23 21.81 5.54
N TRP A 224 64.70 21.21 6.63
CA TRP A 224 63.24 21.13 6.87
C TRP A 224 62.95 21.43 8.35
N GLU A 225 62.11 22.46 8.61
CA GLU A 225 61.84 22.99 9.98
C GLU A 225 60.39 22.72 10.40
N LYS A 226 60.18 22.00 11.54
CA LYS A 226 58.82 21.72 12.06
C LYS A 226 58.16 23.05 12.52
N ILE A 227 57.10 23.47 11.81
CA ILE A 227 56.33 24.67 12.18
C ILE A 227 55.30 24.34 13.30
N ASN A 228 54.91 23.06 13.39
CA ASN A 228 53.87 22.59 14.31
C ASN A 228 54.45 21.97 15.61
N LYS A 229 53.58 21.85 16.63
CA LYS A 229 53.89 21.17 17.92
C LYS A 229 54.11 19.65 17.72
N ALA A 230 53.49 19.11 16.64
CA ALA A 230 53.60 17.68 16.25
C ALA A 230 53.11 16.75 17.37
N GLN A 231 52.04 17.21 18.06
CA GLN A 231 51.37 16.43 19.11
C GLN A 231 49.88 16.41 18.80
N ALA A 232 49.26 15.24 19.02
CA ALA A 232 47.84 15.00 18.80
C ALA A 232 46.97 15.96 19.64
N LEU A 233 46.09 16.74 18.97
CA LEU A 233 45.21 17.75 19.61
C LEU A 233 44.39 17.12 20.75
N TRP A 234 43.87 15.92 20.52
CA TRP A 234 43.00 15.25 21.50
C TRP A 234 43.79 14.90 22.79
N THR A 235 45.05 14.42 22.67
CA THR A 235 45.87 14.07 23.86
C THR A 235 46.46 15.34 24.53
N ARG A 236 46.49 16.48 23.78
CA ARG A 236 46.87 17.81 24.31
C ARG A 236 45.80 18.35 25.30
N ASN A 237 46.23 19.26 26.20
CA ASN A 237 45.34 19.85 27.22
C ASN A 237 44.35 20.84 26.58
N LYS A 238 43.09 20.76 27.02
CA LYS A 238 41.99 21.58 26.49
C LYS A 238 42.24 23.10 26.64
N SER A 239 42.91 23.50 27.74
CA SER A 239 43.24 24.90 28.04
C SER A 239 44.45 25.38 27.19
N GLU A 240 45.30 24.43 26.78
CA GLU A 240 46.50 24.72 25.97
C GLU A 240 46.14 24.88 24.48
N ILE A 241 45.01 24.27 24.07
CA ILE A 241 44.48 24.38 22.69
C ILE A 241 43.53 25.59 22.56
N THR A 242 43.69 26.38 21.49
CA THR A 242 42.80 27.53 21.21
C THR A 242 41.55 27.09 20.40
N ASP A 243 40.52 27.95 20.38
CA ASP A 243 39.17 27.65 19.81
C ASP A 243 39.21 27.30 18.31
N GLU A 244 40.02 28.07 17.57
CA GLU A 244 40.18 27.92 16.11
C GLU A 244 40.68 26.51 15.76
N GLU A 245 41.65 26.01 16.54
CA GLU A 245 42.24 24.68 16.33
C GLU A 245 41.17 23.59 16.35
N TYR A 246 40.23 23.67 17.33
CA TYR A 246 39.09 22.74 17.44
C TYR A 246 38.22 22.78 16.18
N LYS A 247 37.85 24.01 15.78
CA LYS A 247 36.99 24.26 14.59
C LYS A 247 37.54 23.59 13.34
N GLU A 248 38.85 23.76 13.13
CA GLU A 248 39.56 23.27 11.94
C GLU A 248 39.93 21.78 12.07
N PHE A 249 40.03 21.29 13.31
CA PHE A 249 40.35 19.88 13.60
C PHE A 249 39.13 18.98 13.33
N TYR A 250 37.93 19.55 13.53
CA TYR A 250 36.66 18.92 13.15
C TYR A 250 36.63 18.69 11.62
N LYS A 251 37.21 19.66 10.89
CA LYS A 251 37.28 19.64 9.42
C LYS A 251 38.23 18.53 8.91
N HIS A 252 39.13 18.04 9.79
CA HIS A 252 39.98 16.84 9.54
C HIS A 252 39.18 15.55 9.85
N ILE A 253 38.83 15.37 11.14
CA ILE A 253 38.35 14.08 11.69
C ILE A 253 37.03 13.59 11.06
N ALA A 254 36.13 14.55 10.81
CA ALA A 254 34.76 14.26 10.39
C ALA A 254 34.64 14.16 8.88
N HIS A 255 35.76 14.42 8.16
CA HIS A 255 35.79 14.48 6.66
C HIS A 255 34.68 15.40 6.12
N ASP A 256 34.37 16.40 6.93
CA ASP A 256 33.31 17.37 6.72
C ASP A 256 33.82 18.65 7.38
N PHE A 257 33.55 19.79 6.75
CA PHE A 257 34.34 21.01 6.95
C PHE A 257 33.45 22.21 7.31
N ASN A 258 32.29 21.92 7.94
CA ASN A 258 31.45 22.97 8.57
C ASN A 258 32.09 23.39 9.90
N ASP A 259 31.95 24.67 10.26
CA ASP A 259 32.49 25.22 11.52
C ASP A 259 31.57 24.86 12.69
N PRO A 260 32.02 24.02 13.67
CA PRO A 260 31.15 23.52 14.78
C PRO A 260 30.64 24.66 15.70
N LEU A 261 29.36 24.55 16.11
CA LEU A 261 28.69 25.50 17.00
C LEU A 261 29.36 25.50 18.39
N THR A 262 29.67 24.29 18.89
CA THR A 262 30.34 24.09 20.19
C THR A 262 31.06 22.72 20.18
N TRP A 263 31.84 22.46 21.24
CA TRP A 263 32.63 21.22 21.39
C TRP A 263 32.79 20.88 22.88
N SER A 264 33.04 19.59 23.15
CA SER A 264 33.30 19.07 24.50
C SER A 264 34.63 18.30 24.49
N HIS A 265 35.72 18.96 24.91
CA HIS A 265 37.05 18.34 25.01
C HIS A 265 37.37 18.06 26.48
N ASN A 266 37.14 16.81 26.90
CA ASN A 266 37.33 16.36 28.28
C ASN A 266 37.92 14.95 28.27
N ARG A 267 38.83 14.64 29.20
CA ARG A 267 39.39 13.27 29.35
C ARG A 267 38.81 12.62 30.62
N VAL A 268 38.63 11.29 30.54
CA VAL A 268 38.26 10.45 31.70
C VAL A 268 39.43 9.49 31.92
N GLU A 269 39.73 9.21 33.19
CA GLU A 269 40.92 8.43 33.58
C GLU A 269 40.63 7.64 34.86
N GLY A 270 41.60 6.81 35.26
CA GLY A 270 41.45 5.91 36.41
C GLY A 270 41.48 4.45 35.97
N LYS A 271 40.31 3.78 36.00
CA LYS A 271 40.18 2.37 35.58
C LYS A 271 40.01 2.30 34.06
N GLN A 272 39.06 3.09 33.52
CA GLN A 272 38.93 3.32 32.07
C GLN A 272 39.56 4.69 31.73
N GLU A 273 40.73 4.65 31.06
CA GLU A 273 41.42 5.86 30.59
C GLU A 273 41.14 6.05 29.10
N TYR A 274 40.43 7.13 28.77
CA TYR A 274 40.07 7.48 27.39
C TYR A 274 39.84 9.00 27.27
N THR A 275 40.36 9.62 26.21
CA THR A 275 40.11 11.04 25.92
C THR A 275 38.93 11.16 24.95
N SER A 276 37.88 11.90 25.36
CA SER A 276 36.72 12.15 24.51
C SER A 276 36.72 13.61 23.98
N LEU A 277 36.47 13.78 22.68
CA LEU A 277 36.36 15.09 22.04
C LEU A 277 35.22 15.04 21.00
N LEU A 278 34.08 15.63 21.38
CA LEU A 278 32.86 15.67 20.54
C LEU A 278 32.63 17.10 20.03
N TYR A 279 31.82 17.23 18.97
CA TYR A 279 31.50 18.50 18.29
C TYR A 279 30.01 18.50 17.88
N ILE A 280 29.37 19.67 17.97
CA ILE A 280 28.02 19.91 17.42
C ILE A 280 28.16 20.61 16.06
N PRO A 281 27.70 19.98 14.93
CA PRO A 281 27.78 20.60 13.58
C PRO A 281 26.83 21.82 13.43
N SER A 282 27.24 22.79 12.60
CA SER A 282 26.42 23.99 12.30
C SER A 282 25.31 23.68 11.28
N GLN A 283 25.46 22.58 10.53
CA GLN A 283 24.45 22.08 9.59
C GLN A 283 24.24 20.60 9.81
N ALA A 284 23.09 20.10 9.34
CA ALA A 284 22.81 18.66 9.26
C ALA A 284 23.75 18.02 8.23
N PRO A 285 24.54 16.94 8.61
CA PRO A 285 25.41 16.23 7.65
C PRO A 285 24.58 15.59 6.52
N TRP A 286 25.25 15.25 5.40
CA TRP A 286 24.59 14.71 4.18
C TRP A 286 23.72 13.48 4.53
N ASP A 287 24.27 12.66 5.44
CA ASP A 287 23.74 11.33 5.80
C ASP A 287 22.69 11.40 6.95
N MET A 288 22.36 12.61 7.42
CA MET A 288 21.45 12.83 8.58
C MET A 288 20.05 12.22 8.32
N TRP A 289 19.63 12.17 7.04
CA TRP A 289 18.32 11.61 6.62
C TRP A 289 18.54 10.60 5.49
N ASN A 290 19.67 9.89 5.56
CA ASN A 290 20.11 8.91 4.55
C ASN A 290 20.13 7.48 5.13
N ARG A 291 20.03 6.50 4.23
CA ARG A 291 20.05 5.05 4.54
C ARG A 291 21.50 4.54 4.74
N ASP A 292 22.48 5.33 4.31
CA ASP A 292 23.93 5.03 4.50
C ASP A 292 24.52 6.04 5.50
N HIS A 293 25.69 5.73 6.09
CA HIS A 293 26.28 6.55 7.17
C HIS A 293 27.51 7.35 6.68
N LYS A 294 27.68 8.53 7.27
CA LYS A 294 28.90 9.36 7.18
C LYS A 294 29.24 9.94 8.58
N HIS A 295 28.23 9.94 9.48
CA HIS A 295 28.38 10.39 10.88
C HIS A 295 29.22 9.39 11.71
N GLY A 296 29.57 9.78 12.94
CA GLY A 296 30.38 8.97 13.83
C GLY A 296 31.68 9.64 14.19
N LEU A 297 32.53 8.94 14.93
CA LEU A 297 33.76 9.51 15.50
C LEU A 297 34.95 8.56 15.32
N LYS A 298 36.15 9.15 15.07
CA LYS A 298 37.38 8.37 14.79
C LYS A 298 37.90 7.68 16.06
N LEU A 299 37.85 6.35 16.09
CA LEU A 299 38.47 5.57 17.16
C LEU A 299 39.99 5.53 16.97
N TYR A 300 40.70 6.06 17.97
CA TYR A 300 42.14 5.86 18.18
C TYR A 300 42.32 5.03 19.45
N VAL A 301 43.26 4.10 19.44
CA VAL A 301 43.69 3.36 20.63
C VAL A 301 45.20 3.64 20.83
N GLN A 302 45.53 4.52 21.80
CA GLN A 302 46.92 4.91 22.15
C GLN A 302 47.56 5.74 21.00
N ARG A 303 46.71 6.58 20.36
CA ARG A 303 47.01 7.43 19.18
C ARG A 303 47.22 6.59 17.89
N VAL A 304 46.97 5.27 17.97
CA VAL A 304 47.01 4.35 16.82
C VAL A 304 45.57 4.20 16.30
N PHE A 305 45.32 4.76 15.12
CA PHE A 305 44.00 4.77 14.48
C PHE A 305 43.46 3.34 14.23
N ILE A 306 42.13 3.18 14.39
CA ILE A 306 41.43 1.92 14.14
C ILE A 306 40.38 2.11 13.03
N MET A 307 39.30 2.90 13.32
CA MET A 307 38.16 3.08 12.37
C MET A 307 37.60 4.52 12.47
N ASP A 308 37.44 5.20 11.31
CA ASP A 308 36.84 6.56 11.25
C ASP A 308 35.34 6.47 10.94
N ASP A 309 34.59 7.55 11.27
CA ASP A 309 33.12 7.61 11.16
C ASP A 309 32.47 6.44 11.95
N ALA A 310 33.12 6.03 13.07
CA ALA A 310 32.63 4.92 13.90
C ALA A 310 31.39 5.37 14.69
N GLU A 311 30.21 5.00 14.15
CA GLU A 311 28.88 5.35 14.70
C GLU A 311 28.47 4.38 15.84
N GLN A 312 29.44 3.62 16.38
CA GLN A 312 29.20 2.63 17.42
C GLN A 312 29.21 3.29 18.82
N PHE A 313 30.03 4.35 18.97
CA PHE A 313 30.21 5.08 20.24
C PHE A 313 29.06 6.06 20.51
N MET A 314 28.32 6.41 19.45
CA MET A 314 27.12 7.26 19.53
C MET A 314 25.98 6.55 18.80
N PRO A 315 24.81 6.27 19.49
CA PRO A 315 23.65 5.57 18.88
C PRO A 315 23.02 6.38 17.73
N ASN A 316 22.11 5.71 16.98
CA ASN A 316 21.43 6.30 15.80
C ASN A 316 20.56 7.51 16.24
N TYR A 317 20.16 7.51 17.52
CA TYR A 317 19.39 8.58 18.17
C TYR A 317 20.23 9.87 18.31
N LEU A 318 21.54 9.66 18.54
CA LEU A 318 22.53 10.75 18.74
C LEU A 318 23.49 10.78 17.53
N ARG A 319 22.92 10.50 16.33
CA ARG A 319 23.68 10.42 15.06
C ARG A 319 24.36 11.76 14.69
N PHE A 320 23.77 12.86 15.18
CA PHE A 320 24.26 14.22 14.92
C PHE A 320 25.64 14.49 15.57
N VAL A 321 25.94 13.75 16.65
CA VAL A 321 27.23 13.89 17.37
C VAL A 321 28.36 13.26 16.56
N ARG A 322 29.41 14.05 16.32
CA ARG A 322 30.67 13.59 15.70
C ARG A 322 31.87 14.01 16.54
N GLY A 323 33.04 13.53 16.14
CA GLY A 323 34.30 13.88 16.80
C GLY A 323 35.33 12.77 16.69
N LEU A 324 35.94 12.42 17.82
CA LEU A 324 36.85 11.28 17.95
C LEU A 324 37.01 10.91 19.43
N ILE A 325 37.41 9.67 19.69
CA ILE A 325 37.67 9.16 21.04
C ILE A 325 38.94 8.28 20.99
N ASP A 326 39.92 8.64 21.82
CA ASP A 326 41.12 7.83 22.05
C ASP A 326 40.89 7.02 23.31
N SER A 327 41.21 5.72 23.28
CA SER A 327 41.15 4.87 24.47
C SER A 327 42.46 4.10 24.63
N SER A 328 42.98 4.05 25.86
CA SER A 328 44.04 3.10 26.25
C SER A 328 43.40 1.92 27.00
N ASP A 329 42.05 1.97 27.15
CA ASP A 329 41.27 0.94 27.85
C ASP A 329 40.86 -0.17 26.87
N LEU A 330 40.24 0.23 25.75
CA LEU A 330 39.70 -0.69 24.74
C LEU A 330 40.85 -1.42 24.01
N PRO A 331 40.63 -2.73 23.59
CA PRO A 331 41.65 -3.53 22.84
C PRO A 331 42.12 -2.85 21.53
N LEU A 332 43.30 -3.24 21.05
CA LEU A 332 43.91 -2.70 19.81
C LEU A 332 43.40 -3.48 18.58
N ASN A 333 42.95 -4.74 18.80
CA ASN A 333 42.35 -5.61 17.76
C ASN A 333 40.82 -5.41 17.66
N VAL A 334 40.33 -4.30 18.25
CA VAL A 334 38.89 -4.00 18.35
C VAL A 334 38.27 -3.76 16.94
N SER A 335 37.03 -4.24 16.77
CA SER A 335 36.28 -4.20 15.50
C SER A 335 34.86 -3.66 15.74
N ARG A 336 34.10 -3.45 14.64
CA ARG A 336 32.74 -2.84 14.66
C ARG A 336 31.79 -3.61 15.62
N GLU A 337 31.84 -4.96 15.56
CA GLU A 337 30.98 -5.83 16.39
C GLU A 337 31.40 -5.80 17.87
N ILE A 338 32.72 -5.64 18.11
CA ILE A 338 33.29 -5.58 19.47
C ILE A 338 32.89 -4.25 20.14
N LEU A 339 32.71 -3.21 19.31
CA LEU A 339 32.23 -1.89 19.74
C LEU A 339 30.72 -1.93 20.12
N GLN A 340 29.97 -2.84 19.48
CA GLN A 340 28.53 -3.03 19.73
C GLN A 340 28.31 -3.97 20.94
N ASP A 341 29.15 -5.01 21.04
CA ASP A 341 28.93 -6.15 21.95
C ASP A 341 29.54 -5.91 23.34
N SER A 342 30.85 -5.59 23.37
CA SER A 342 31.63 -5.54 24.63
C SER A 342 31.09 -4.49 25.62
N THR A 343 31.08 -4.88 26.91
CA THR A 343 30.55 -4.06 28.00
C THR A 343 31.45 -2.84 28.25
N VAL A 344 32.76 -3.01 28.04
CA VAL A 344 33.75 -1.91 28.19
C VAL A 344 33.42 -0.74 27.23
N THR A 345 33.03 -1.08 25.99
CA THR A 345 32.61 -0.12 24.97
C THR A 345 31.15 0.32 25.20
N ARG A 346 30.37 -0.49 25.93
CA ARG A 346 28.96 -0.17 26.25
C ARG A 346 28.93 0.96 27.29
N ASN A 347 29.88 0.87 28.24
CA ASN A 347 30.09 1.86 29.30
C ASN A 347 30.80 3.10 28.74
N LEU A 348 31.64 2.88 27.70
CA LEU A 348 32.29 3.96 26.93
C LEU A 348 31.20 4.83 26.26
N ARG A 349 30.28 4.14 25.57
CA ARG A 349 29.16 4.76 24.83
C ARG A 349 28.23 5.52 25.80
N ASN A 350 27.93 4.86 26.94
CA ASN A 350 27.00 5.40 27.98
C ASN A 350 27.60 6.65 28.65
N ALA A 351 28.94 6.65 28.75
CA ALA A 351 29.69 7.78 29.29
C ALA A 351 29.63 8.98 28.32
N LEU A 352 29.78 8.69 27.02
CA LEU A 352 29.70 9.71 25.95
C LEU A 352 28.28 10.31 25.85
N THR A 353 27.26 9.48 26.15
CA THR A 353 25.84 9.91 26.12
C THR A 353 25.57 10.99 27.20
N LYS A 354 26.29 10.90 28.34
CA LYS A 354 26.30 11.94 29.41
C LYS A 354 26.78 13.28 28.83
N ARG A 355 27.90 13.21 28.07
CA ARG A 355 28.52 14.38 27.44
C ARG A 355 27.59 14.96 26.38
N VAL A 356 26.73 14.13 25.75
CA VAL A 356 25.76 14.59 24.74
C VAL A 356 24.69 15.49 25.38
N LEU A 357 23.86 14.95 26.32
CA LEU A 357 22.75 15.71 26.98
C LEU A 357 23.28 17.04 27.55
N GLN A 358 24.42 16.94 28.24
CA GLN A 358 25.08 18.10 28.88
C GLN A 358 25.55 19.11 27.82
N MET A 359 26.10 18.63 26.67
CA MET A 359 26.59 19.51 25.56
C MET A 359 25.44 20.22 24.83
N LEU A 360 24.26 19.57 24.80
CA LEU A 360 23.06 20.12 24.15
C LEU A 360 22.51 21.28 24.99
N GLU A 361 22.38 21.02 26.31
CA GLU A 361 21.95 22.05 27.26
C GLU A 361 23.01 23.16 27.34
N LYS A 362 24.31 22.78 27.24
CA LYS A 362 25.43 23.74 27.22
C LYS A 362 25.30 24.70 26.05
N LEU A 363 24.92 24.16 24.87
CA LEU A 363 24.71 24.96 23.65
C LEU A 363 23.56 25.96 23.85
N ALA A 364 22.51 25.50 24.58
CA ALA A 364 21.37 26.36 24.97
C ALA A 364 21.78 27.42 26.03
N LYS A 365 22.86 27.13 26.81
CA LYS A 365 23.39 28.05 27.84
C LYS A 365 24.39 29.04 27.21
N ASP A 366 25.07 28.59 26.14
CA ASP A 366 26.08 29.37 25.45
C ASP A 366 25.41 30.30 24.46
N ASP A 367 24.88 29.75 23.37
CA ASP A 367 24.19 30.53 22.32
C ASP A 367 22.88 29.84 21.94
N ALA A 368 21.76 30.40 22.42
CA ALA A 368 20.40 29.92 22.12
C ALA A 368 20.07 30.06 20.61
N GLU A 369 20.80 30.98 19.94
CA GLU A 369 20.69 31.20 18.48
C GLU A 369 21.26 29.98 17.71
N LYS A 370 22.41 29.47 18.19
CA LYS A 370 23.01 28.24 17.68
C LYS A 370 22.15 27.03 18.01
N TYR A 371 21.44 27.07 19.16
CA TYR A 371 20.56 25.96 19.58
C TYR A 371 19.28 25.91 18.71
N GLN A 372 18.88 27.08 18.18
CA GLN A 372 17.81 27.18 17.17
C GLN A 372 18.27 26.57 15.84
N THR A 373 19.51 26.88 15.43
CA THR A 373 20.14 26.27 14.23
C THR A 373 20.25 24.75 14.39
N PHE A 374 20.67 24.32 15.58
CA PHE A 374 20.78 22.91 16.00
C PHE A 374 19.42 22.21 15.83
N TRP A 375 18.37 22.82 16.39
CA TRP A 375 17.06 22.18 16.49
C TRP A 375 16.38 22.05 15.10
N GLN A 376 16.67 23.02 14.21
CA GLN A 376 16.12 23.03 12.84
C GLN A 376 16.90 22.07 11.91
N GLN A 377 18.01 21.48 12.39
CA GLN A 377 18.81 20.52 11.62
C GLN A 377 18.71 19.09 12.21
N PHE A 378 18.58 18.99 13.56
CA PHE A 378 18.76 17.72 14.30
C PHE A 378 17.55 17.38 15.19
N GLY A 379 16.61 18.33 15.34
CA GLY A 379 15.54 18.27 16.35
C GLY A 379 14.60 17.07 16.24
N LEU A 380 14.24 16.69 15.00
CA LEU A 380 13.34 15.54 14.73
C LEU A 380 13.94 14.22 15.24
N VAL A 381 15.28 14.09 15.16
CA VAL A 381 16.01 12.88 15.62
C VAL A 381 16.25 12.95 17.16
N LEU A 382 16.39 14.19 17.70
CA LEU A 382 16.57 14.39 19.16
C LEU A 382 15.25 14.02 19.90
N LYS A 383 14.11 14.20 19.21
CA LYS A 383 12.77 13.81 19.73
C LYS A 383 12.58 12.26 19.80
N GLU A 384 13.62 11.49 19.43
CA GLU A 384 13.68 10.03 19.62
C GLU A 384 14.22 9.72 21.04
N GLY A 385 15.05 10.64 21.55
CA GLY A 385 15.62 10.58 22.90
C GLY A 385 14.59 10.45 24.05
N PRO A 386 13.60 11.40 24.20
CA PRO A 386 12.58 11.32 25.30
C PRO A 386 11.66 10.11 25.12
N ALA A 387 11.56 9.65 23.85
CA ALA A 387 10.78 8.50 23.46
C ALA A 387 11.52 7.21 23.88
N GLU A 388 12.85 7.27 23.94
CA GLU A 388 13.67 6.20 24.51
C GLU A 388 13.54 6.23 26.04
N ASP A 389 14.25 7.18 26.67
CA ASP A 389 14.28 7.29 28.13
C ASP A 389 13.34 8.41 28.60
N PHE A 390 12.17 7.99 29.11
CA PHE A 390 11.19 8.87 29.77
C PHE A 390 11.59 9.10 31.26
N ALA A 391 12.55 8.30 31.77
CA ALA A 391 13.02 8.41 33.16
C ALA A 391 13.69 9.77 33.44
N ASN A 392 14.28 10.37 32.38
CA ASN A 392 14.92 11.70 32.44
C ASN A 392 14.10 12.72 31.61
N GLN A 393 12.78 12.46 31.52
CA GLN A 393 11.80 13.22 30.69
C GLN A 393 11.94 14.74 30.82
N GLU A 394 12.09 15.24 32.07
CA GLU A 394 12.15 16.69 32.38
C GLU A 394 13.48 17.34 31.90
N ALA A 395 14.61 16.57 31.96
CA ALA A 395 15.93 17.04 31.50
C ALA A 395 15.96 17.08 29.96
N ILE A 396 15.26 16.12 29.33
CA ILE A 396 15.13 16.06 27.88
C ILE A 396 14.07 17.10 27.42
N ALA A 397 13.08 17.38 28.28
CA ALA A 397 11.99 18.35 28.01
C ALA A 397 12.54 19.78 27.96
N LYS A 398 13.62 20.00 28.73
CA LYS A 398 14.41 21.24 28.69
C LYS A 398 15.09 21.40 27.30
N LEU A 399 15.47 20.25 26.69
CA LEU A 399 16.07 20.21 25.35
C LEU A 399 14.97 20.37 24.27
N LEU A 400 13.79 19.77 24.55
CA LEU A 400 12.67 19.67 23.59
C LEU A 400 12.05 21.04 23.30
N ARG A 401 11.89 21.35 22.01
CA ARG A 401 11.27 22.57 21.50
C ARG A 401 10.11 22.14 20.57
N PHE A 402 8.91 22.71 20.77
CA PHE A 402 7.69 22.38 19.99
C PHE A 402 7.23 23.64 19.23
N ALA A 403 6.42 23.45 18.17
CA ALA A 403 5.80 24.57 17.44
C ALA A 403 4.55 25.04 18.23
N SER A 404 3.95 26.16 17.85
CA SER A 404 2.93 26.83 18.68
C SER A 404 1.98 27.70 17.84
N THR A 405 0.89 28.15 18.49
CA THR A 405 -0.08 29.11 17.91
C THR A 405 0.38 30.56 18.11
N HIS A 406 1.50 30.75 18.84
CA HIS A 406 2.12 32.07 19.05
C HIS A 406 2.60 32.68 17.71
N THR A 407 3.34 31.87 16.95
CA THR A 407 4.00 32.29 15.71
C THR A 407 3.60 31.35 14.56
N ASP A 408 3.55 31.90 13.33
CA ASP A 408 3.13 31.16 12.12
C ASP A 408 4.31 30.41 11.47
N SER A 409 5.50 30.49 12.09
CA SER A 409 6.73 29.85 11.59
C SER A 409 6.81 28.40 12.12
N SER A 410 7.25 27.47 11.25
CA SER A 410 7.38 26.03 11.58
C SER A 410 8.50 25.78 12.61
N ALA A 411 9.53 26.67 12.58
CA ALA A 411 10.72 26.59 13.47
C ALA A 411 10.29 26.57 14.94
N GLN A 412 10.66 25.48 15.65
CA GLN A 412 10.27 25.26 17.03
C GLN A 412 11.05 26.22 17.97
N THR A 413 10.48 27.41 18.17
CA THR A 413 11.06 28.47 19.01
C THR A 413 10.55 28.39 20.45
N VAL A 414 9.30 27.91 20.63
CA VAL A 414 8.67 27.68 21.95
C VAL A 414 9.05 26.28 22.47
N SER A 415 9.09 26.11 23.80
CA SER A 415 9.30 24.78 24.44
C SER A 415 8.15 24.48 25.40
N LEU A 416 8.27 23.36 26.11
CA LEU A 416 7.33 22.96 27.17
C LEU A 416 7.42 23.94 28.35
N GLU A 417 8.64 24.48 28.57
CA GLU A 417 8.95 25.48 29.60
C GLU A 417 8.14 26.76 29.36
N ASP A 418 8.16 27.24 28.10
CA ASP A 418 7.42 28.45 27.69
C ASP A 418 5.92 28.25 27.86
N TYR A 419 5.42 27.03 27.54
CA TYR A 419 4.00 26.72 27.69
C TYR A 419 3.57 26.88 29.16
N VAL A 420 4.30 26.21 30.08
CA VAL A 420 3.96 26.15 31.51
C VAL A 420 4.09 27.54 32.19
N SER A 421 4.99 28.39 31.65
CA SER A 421 5.15 29.78 32.11
C SER A 421 4.07 30.72 31.51
N ARG A 422 3.53 30.35 30.32
CA ARG A 422 2.54 31.19 29.59
C ARG A 422 1.08 30.74 29.84
N MET A 423 0.90 29.49 30.33
CA MET A 423 -0.43 28.84 30.45
C MET A 423 -1.33 29.61 31.43
N LYS A 424 -2.63 29.67 31.15
CA LYS A 424 -3.59 30.50 31.90
C LYS A 424 -3.93 29.89 33.26
N GLU A 425 -4.49 30.73 34.15
CA GLU A 425 -5.07 30.29 35.42
C GLU A 425 -6.29 29.38 35.14
N GLY A 426 -6.31 28.19 35.77
CA GLY A 426 -7.34 27.18 35.49
C GLY A 426 -6.92 26.22 34.37
N GLN A 427 -5.95 26.65 33.54
CA GLN A 427 -5.36 25.82 32.48
C GLN A 427 -4.17 25.07 33.09
N GLU A 428 -4.48 23.93 33.72
CA GLU A 428 -3.51 23.14 34.53
C GLU A 428 -2.69 22.18 33.64
N LYS A 429 -3.17 21.95 32.40
CA LYS A 429 -2.63 20.93 31.50
C LYS A 429 -2.10 21.54 30.20
N ILE A 430 -1.17 20.81 29.54
CA ILE A 430 -0.58 21.23 28.26
C ILE A 430 -1.50 20.79 27.12
N TYR A 431 -2.23 21.76 26.55
CA TYR A 431 -3.13 21.55 25.40
C TYR A 431 -2.34 21.63 24.08
N TYR A 432 -2.48 20.56 23.28
CA TYR A 432 -1.74 20.42 22.02
C TYR A 432 -2.36 19.33 21.11
N ILE A 433 -2.03 19.41 19.81
CA ILE A 433 -2.51 18.48 18.77
C ILE A 433 -1.36 18.18 17.78
N THR A 434 -1.47 17.04 17.12
CA THR A 434 -0.51 16.58 16.11
C THR A 434 -1.12 16.66 14.69
N ALA A 435 -0.25 16.68 13.66
CA ALA A 435 -0.65 16.62 12.25
C ALA A 435 0.44 15.91 11.43
N ASP A 436 0.05 15.40 10.26
CA ASP A 436 0.97 14.75 9.30
C ASP A 436 1.84 15.81 8.58
N SER A 437 1.26 17.02 8.38
CA SER A 437 1.93 18.15 7.72
C SER A 437 1.60 19.47 8.44
N TYR A 438 2.60 20.37 8.51
CA TYR A 438 2.44 21.71 9.09
C TYR A 438 1.61 22.60 8.13
N ALA A 439 1.68 22.29 6.83
CA ALA A 439 0.90 23.00 5.79
C ALA A 439 -0.61 22.69 5.94
N ALA A 440 -0.93 21.52 6.55
CA ALA A 440 -2.31 21.17 6.91
C ALA A 440 -2.72 21.83 8.25
N ALA A 441 -1.86 21.63 9.28
CA ALA A 441 -2.09 22.09 10.67
C ALA A 441 -2.34 23.60 10.75
N LYS A 442 -1.38 24.36 10.20
CA LYS A 442 -1.37 25.84 10.23
C LYS A 442 -2.56 26.41 9.44
N SER A 443 -2.97 25.72 8.36
CA SER A 443 -4.03 26.21 7.43
C SER A 443 -5.41 26.31 8.13
N SER A 444 -5.55 25.71 9.34
CA SER A 444 -6.70 25.92 10.21
C SER A 444 -6.59 27.32 10.87
N PRO A 445 -7.52 28.28 10.55
CA PRO A 445 -7.48 29.67 11.12
C PRO A 445 -7.93 29.73 12.60
N HIS A 446 -8.41 28.58 13.11
CA HIS A 446 -8.87 28.43 14.51
C HIS A 446 -7.70 28.64 15.51
N LEU A 447 -6.47 28.35 15.03
CA LEU A 447 -5.22 28.54 15.80
C LEU A 447 -5.01 30.03 16.18
N GLU A 448 -5.44 30.93 15.28
CA GLU A 448 -5.26 32.38 15.40
C GLU A 448 -6.28 32.99 16.40
N LEU A 449 -7.34 32.21 16.72
CA LEU A 449 -8.41 32.65 17.64
C LEU A 449 -7.82 32.76 19.07
N LEU A 450 -7.03 31.75 19.47
CA LEU A 450 -6.41 31.70 20.80
C LEU A 450 -5.14 32.53 20.89
N ARG A 451 -4.52 32.83 19.74
CA ARG A 451 -3.45 33.83 19.67
C ARG A 451 -4.01 35.19 20.17
N LYS A 452 -5.19 35.54 19.65
CA LYS A 452 -5.92 36.76 20.04
C LYS A 452 -6.40 36.69 21.52
N LYS A 453 -6.79 35.49 21.95
CA LYS A 453 -7.39 35.25 23.28
C LYS A 453 -6.31 35.09 24.38
N GLY A 454 -5.05 34.87 23.97
CA GLY A 454 -3.93 34.74 24.90
C GLY A 454 -3.75 33.33 25.46
N ILE A 455 -4.30 32.32 24.76
CA ILE A 455 -4.03 30.91 25.07
C ILE A 455 -2.93 30.41 24.12
N GLU A 456 -2.13 29.43 24.60
CA GLU A 456 -1.11 28.76 23.78
C GLU A 456 -1.59 27.33 23.46
N VAL A 457 -1.35 26.86 22.23
CA VAL A 457 -1.58 25.46 21.82
C VAL A 457 -0.33 25.00 21.06
N LEU A 458 0.28 23.87 21.48
CA LEU A 458 1.50 23.37 20.82
C LEU A 458 1.13 22.55 19.57
N LEU A 459 1.77 22.90 18.43
CA LEU A 459 1.60 22.19 17.16
C LEU A 459 2.73 21.16 17.02
N LEU A 460 2.38 19.89 16.79
CA LEU A 460 3.34 18.81 16.48
C LEU A 460 3.11 18.36 15.03
N SER A 461 4.14 18.43 14.20
CA SER A 461 4.15 17.86 12.83
C SER A 461 5.35 16.91 12.71
N ASP A 462 5.70 16.30 13.85
CA ASP A 462 6.90 15.46 14.01
C ASP A 462 6.65 14.06 13.45
N ARG A 463 7.63 13.56 12.69
CA ARG A 463 7.58 12.19 12.10
C ARG A 463 7.43 11.08 13.17
N ILE A 464 7.95 11.33 14.39
CA ILE A 464 8.03 10.32 15.45
C ILE A 464 6.91 10.44 16.51
N ASP A 465 6.05 11.47 16.38
CA ASP A 465 5.07 11.86 17.43
C ASP A 465 4.33 10.64 18.00
N GLU A 466 3.96 9.70 17.09
CA GLU A 466 3.18 8.49 17.40
C GLU A 466 3.77 7.69 18.57
N TRP A 467 5.10 7.48 18.54
CA TRP A 467 5.82 6.75 19.60
C TRP A 467 6.19 7.70 20.78
N MET A 468 6.69 8.91 20.45
CA MET A 468 7.27 9.87 21.43
C MET A 468 6.27 10.30 22.53
N MET A 469 5.03 10.55 22.11
CA MET A 469 4.00 11.15 22.97
C MET A 469 3.34 10.12 23.90
N ASN A 470 3.80 8.86 23.83
CA ASN A 470 3.39 7.79 24.76
C ASN A 470 4.26 7.83 26.03
N TYR A 471 5.39 8.55 25.94
CA TYR A 471 6.36 8.72 27.02
C TYR A 471 6.25 10.11 27.65
N LEU A 472 5.83 11.11 26.83
CA LEU A 472 5.61 12.48 27.31
C LEU A 472 4.27 12.57 28.09
N THR A 473 4.36 12.13 29.36
CA THR A 473 3.24 11.98 30.30
C THR A 473 3.04 13.25 31.17
N GLU A 474 4.15 13.80 31.72
CA GLU A 474 4.08 14.94 32.68
C GLU A 474 5.43 15.70 32.73
N PHE A 475 5.35 17.03 32.85
CA PHE A 475 6.51 17.93 32.94
C PHE A 475 6.37 18.80 34.20
N ASP A 476 7.20 18.51 35.23
CA ASP A 476 7.28 19.25 36.52
C ASP A 476 5.92 19.37 37.23
N GLY A 477 5.15 18.27 37.25
CA GLY A 477 3.84 18.25 37.90
C GLY A 477 2.71 18.69 36.99
N LYS A 478 3.04 19.32 35.85
CA LYS A 478 2.06 19.80 34.86
C LYS A 478 1.77 18.63 33.88
N PRO A 479 0.57 17.99 33.96
CA PRO A 479 0.24 16.82 33.11
C PRO A 479 -0.14 17.24 31.68
N PHE A 480 0.35 16.46 30.70
CA PHE A 480 0.00 16.64 29.28
C PHE A 480 -1.42 16.11 29.01
N GLN A 481 -2.14 16.76 28.08
CA GLN A 481 -3.49 16.32 27.68
C GLN A 481 -3.79 16.72 26.23
N SER A 482 -4.51 15.83 25.55
CA SER A 482 -4.98 16.02 24.18
C SER A 482 -6.18 16.99 24.13
N VAL A 483 -6.48 17.51 22.93
CA VAL A 483 -7.70 18.33 22.68
C VAL A 483 -8.93 17.41 22.42
N SER A 484 -8.76 16.07 22.62
CA SER A 484 -9.81 15.04 22.41
C SER A 484 -10.92 15.05 23.49
N LYS A 485 -10.95 16.10 24.31
CA LYS A 485 -11.90 16.27 25.42
C LYS A 485 -13.11 17.11 25.00
N VAL A 486 -13.97 17.45 25.97
CA VAL A 486 -15.16 18.28 25.78
C VAL A 486 -14.86 19.69 26.29
N ASP A 487 -15.14 20.69 25.46
CA ASP A 487 -14.85 22.09 25.74
C ASP A 487 -16.20 22.87 25.71
N GLU A 488 -16.22 24.09 25.13
CA GLU A 488 -17.45 24.88 24.93
C GLU A 488 -18.13 24.47 23.59
N SER A 489 -17.98 23.17 23.25
CA SER A 489 -18.67 22.50 22.14
C SER A 489 -20.18 22.29 22.45
N LEU A 490 -20.53 22.52 23.73
CA LEU A 490 -21.90 22.41 24.30
C LEU A 490 -22.84 23.54 23.81
N GLU A 491 -23.08 23.62 22.47
CA GLU A 491 -23.84 24.74 21.77
C GLU A 491 -25.06 25.28 22.58
N LYS A 492 -25.79 24.35 23.24
CA LYS A 492 -26.99 24.68 24.05
C LYS A 492 -26.65 25.59 25.27
N LEU A 493 -25.47 25.35 25.89
CA LEU A 493 -24.91 26.21 26.98
C LEU A 493 -24.07 27.37 26.39
N ALA A 494 -23.50 27.13 25.20
CA ALA A 494 -22.62 28.06 24.47
C ALA A 494 -23.44 29.12 23.69
N ASP A 495 -24.48 29.63 24.38
CA ASP A 495 -25.52 30.51 23.82
C ASP A 495 -24.96 31.88 23.36
N GLU A 496 -23.65 32.11 23.61
CA GLU A 496 -22.89 33.23 23.04
C GLU A 496 -22.60 32.97 21.54
N VAL A 497 -23.68 32.80 20.75
CA VAL A 497 -23.59 32.37 19.35
C VAL A 497 -23.62 33.58 18.39
N ASP A 498 -22.68 34.52 18.66
CA ASP A 498 -22.57 35.84 17.99
C ASP A 498 -23.85 36.68 18.26
N GLU A 499 -24.92 36.41 17.50
CA GLU A 499 -26.21 37.12 17.64
C GLU A 499 -27.36 36.24 17.09
N SER A 500 -27.05 34.96 16.77
CA SER A 500 -27.97 34.03 16.08
C SER A 500 -29.17 33.68 16.97
N ALA A 501 -30.39 33.77 16.41
CA ALA A 501 -31.64 33.56 17.14
C ALA A 501 -32.56 32.59 16.40
N LYS A 502 -33.48 31.98 17.18
CA LYS A 502 -34.43 30.96 16.68
C LYS A 502 -35.53 31.58 15.81
N GLU A 503 -35.62 32.92 15.82
CA GLU A 503 -36.55 33.67 14.96
C GLU A 503 -36.21 33.44 13.47
N ALA A 504 -34.90 33.34 13.18
CA ALA A 504 -34.40 33.04 11.84
C ALA A 504 -34.62 31.56 11.52
N GLU A 505 -34.33 30.68 12.50
CA GLU A 505 -34.44 29.21 12.34
C GLU A 505 -35.88 28.76 12.00
N LYS A 506 -36.90 29.53 12.46
CA LYS A 506 -38.31 29.32 12.08
C LYS A 506 -38.50 29.52 10.57
N ALA A 507 -37.84 30.54 10.03
CA ALA A 507 -37.87 30.86 8.60
C ALA A 507 -36.88 29.95 7.82
N LEU A 508 -35.99 29.28 8.56
CA LEU A 508 -35.02 28.32 8.00
C LEU A 508 -35.54 26.88 8.01
N THR A 509 -36.67 26.60 8.70
CA THR A 509 -37.30 25.26 8.59
C THR A 509 -37.82 24.97 7.14
N PRO A 510 -38.45 25.96 6.38
CA PRO A 510 -38.69 25.80 4.92
C PRO A 510 -37.39 25.61 4.14
N PHE A 511 -36.30 26.27 4.60
CA PHE A 511 -34.95 26.12 4.01
C PHE A 511 -34.44 24.69 4.18
N ILE A 512 -34.73 24.04 5.35
CA ILE A 512 -34.37 22.63 5.61
C ILE A 512 -35.04 21.72 4.56
N ASP A 513 -36.34 21.99 4.31
CA ASP A 513 -37.14 21.28 3.29
C ASP A 513 -36.49 21.40 1.89
N ARG A 514 -36.05 22.62 1.53
CA ARG A 514 -35.42 22.92 0.22
C ARG A 514 -34.08 22.17 0.07
N VAL A 515 -33.27 22.17 1.14
CA VAL A 515 -31.95 21.53 1.17
C VAL A 515 -32.09 20.01 1.00
N LYS A 516 -33.03 19.39 1.73
CA LYS A 516 -33.27 17.93 1.66
C LYS A 516 -33.76 17.52 0.27
N ALA A 517 -34.67 18.33 -0.29
CA ALA A 517 -35.24 18.09 -1.65
C ALA A 517 -34.14 18.16 -2.73
N LEU A 518 -33.16 19.05 -2.49
CA LEU A 518 -32.06 19.33 -3.42
C LEU A 518 -30.99 18.21 -3.37
N LEU A 519 -30.64 17.80 -2.13
CA LEU A 519 -29.60 16.79 -1.90
C LEU A 519 -30.18 15.36 -2.05
N GLY A 520 -31.52 15.29 -2.06
CA GLY A 520 -32.23 14.03 -2.26
C GLY A 520 -32.11 13.10 -1.06
N GLU A 521 -31.28 12.06 -1.21
CA GLU A 521 -31.01 11.07 -0.16
C GLU A 521 -29.50 10.88 0.03
N ARG A 522 -28.71 11.87 -0.37
CA ARG A 522 -27.26 11.90 -0.12
C ARG A 522 -26.95 12.31 1.34
N VAL A 523 -28.01 12.78 2.05
CA VAL A 523 -27.93 13.22 3.44
C VAL A 523 -28.99 12.48 4.29
N LYS A 524 -28.65 12.26 5.56
CA LYS A 524 -29.52 11.64 6.56
C LYS A 524 -30.62 12.62 6.99
N ASP A 525 -30.17 13.79 7.49
CA ASP A 525 -31.03 14.84 8.06
C ASP A 525 -30.27 16.18 8.03
N VAL A 526 -31.00 17.29 7.77
CA VAL A 526 -30.40 18.64 7.66
C VAL A 526 -30.82 19.49 8.87
N ARG A 527 -29.83 20.14 9.52
CA ARG A 527 -30.04 20.96 10.73
C ARG A 527 -29.32 22.32 10.58
N LEU A 528 -29.80 23.33 11.32
CA LEU A 528 -29.17 24.65 11.42
C LEU A 528 -28.63 24.85 12.84
N THR A 529 -27.36 24.47 13.07
CA THR A 529 -26.67 24.66 14.35
C THR A 529 -25.72 25.87 14.26
N HIS A 530 -25.39 26.49 15.41
CA HIS A 530 -24.68 27.79 15.42
C HIS A 530 -23.24 27.62 15.91
N ARG A 531 -22.44 26.93 15.08
CA ARG A 531 -20.98 26.90 15.23
C ARG A 531 -20.41 28.10 14.47
N LEU A 532 -19.89 29.08 15.21
CA LEU A 532 -19.40 30.37 14.65
C LEU A 532 -18.26 30.08 13.66
N THR A 533 -17.15 29.50 14.21
CA THR A 533 -16.00 28.89 13.48
C THR A 533 -15.57 29.71 12.23
N ASP A 534 -14.86 29.09 11.29
CA ASP A 534 -14.60 29.69 9.96
C ASP A 534 -15.13 28.77 8.85
N THR A 535 -15.59 27.58 9.28
CA THR A 535 -16.18 26.55 8.43
C THR A 535 -17.66 26.92 8.14
N PRO A 536 -18.14 26.85 6.86
CA PRO A 536 -19.56 27.13 6.54
C PRO A 536 -20.53 26.06 7.09
N ALA A 537 -20.17 24.80 6.85
CA ALA A 537 -21.02 23.65 7.12
C ALA A 537 -20.18 22.49 7.68
N ILE A 538 -20.81 21.70 8.54
CA ILE A 538 -20.18 20.57 9.26
C ILE A 538 -21.20 19.43 9.31
N VAL A 539 -20.72 18.17 9.24
CA VAL A 539 -21.59 16.98 9.31
C VAL A 539 -21.41 16.27 10.66
N SER A 540 -22.47 15.54 11.11
CA SER A 540 -22.44 14.75 12.36
C SER A 540 -22.36 13.26 12.04
N THR A 541 -21.84 12.49 13.01
CA THR A 541 -21.65 11.04 12.91
C THR A 541 -21.95 10.36 14.26
N ASP A 542 -22.68 9.23 14.22
CA ASP A 542 -22.97 8.42 15.42
C ASP A 542 -21.71 7.68 15.89
N ALA A 543 -21.14 6.86 14.99
CA ALA A 543 -19.94 6.03 15.24
C ALA A 543 -18.84 6.37 14.19
N ASP A 544 -17.91 5.41 13.95
CA ASP A 544 -16.82 5.56 12.96
C ASP A 544 -17.36 5.85 11.54
N GLU A 545 -17.17 7.13 11.12
CA GLU A 545 -17.63 7.67 9.82
C GLU A 545 -19.15 7.46 9.65
N MET A 546 -19.86 7.64 10.79
CA MET A 546 -21.27 7.28 11.00
C MET A 546 -21.37 5.75 11.19
N SER A 547 -21.10 5.00 10.11
CA SER A 547 -21.29 3.54 10.09
C SER A 547 -20.46 2.86 8.96
N THR A 548 -19.37 3.53 8.49
CA THR A 548 -18.61 3.09 7.29
C THR A 548 -17.55 2.00 7.63
N GLN A 549 -17.62 1.44 8.87
CA GLN A 549 -16.73 0.36 9.33
C GLN A 549 -17.18 -0.18 10.70
N MET A 550 -17.95 -1.29 10.66
CA MET A 550 -18.34 -2.08 11.87
C MET A 550 -19.11 -3.34 11.39
N ALA A 551 -19.49 -4.23 12.34
CA ALA A 551 -20.22 -5.49 12.02
C ALA A 551 -21.63 -5.21 11.44
N LYS A 552 -22.56 -4.78 12.30
CA LYS A 552 -23.97 -4.49 11.92
C LYS A 552 -24.05 -3.26 11.01
N LEU A 553 -23.20 -2.27 11.30
CA LEU A 553 -23.24 -0.95 10.66
C LEU A 553 -22.99 -1.08 9.15
N PHE A 554 -22.05 -1.97 8.74
CA PHE A 554 -21.74 -2.21 7.32
C PHE A 554 -22.71 -3.26 6.70
N ALA A 555 -23.30 -4.10 7.57
CA ALA A 555 -24.29 -5.13 7.18
C ALA A 555 -25.74 -4.57 7.22
N ALA A 556 -25.88 -3.23 7.17
CA ALA A 556 -27.18 -2.55 7.27
C ALA A 556 -28.06 -2.80 6.02
N ALA A 557 -27.52 -2.47 4.82
CA ALA A 557 -28.20 -2.75 3.53
C ALA A 557 -27.27 -3.50 2.55
N GLY A 558 -25.96 -3.20 2.61
CA GLY A 558 -24.99 -3.76 1.68
C GLY A 558 -24.78 -2.85 0.46
N GLN A 559 -24.20 -1.66 0.72
CA GLN A 559 -24.01 -0.61 -0.30
C GLN A 559 -22.95 0.36 0.32
N LYS A 560 -23.15 1.69 0.23
CA LYS A 560 -22.42 2.67 1.06
C LYS A 560 -23.10 2.81 2.45
N VAL A 561 -24.09 1.93 2.74
CA VAL A 561 -24.93 1.93 3.95
C VAL A 561 -25.86 3.19 4.07
N PRO A 562 -27.18 2.98 4.37
CA PRO A 562 -28.16 4.08 4.61
C PRO A 562 -27.72 5.04 5.73
N GLU A 563 -27.30 4.44 6.84
CA GLU A 563 -26.93 5.16 8.06
C GLU A 563 -25.67 6.04 7.86
N VAL A 564 -24.74 5.60 6.95
CA VAL A 564 -23.50 6.36 6.61
C VAL A 564 -23.80 7.78 6.14
N LYS A 565 -24.97 7.99 5.50
CA LYS A 565 -25.44 9.32 5.08
C LYS A 565 -25.33 10.28 6.28
N TYR A 566 -24.64 11.40 6.09
CA TYR A 566 -24.18 12.27 7.18
C TYR A 566 -25.23 13.35 7.47
N ILE A 567 -25.24 13.87 8.71
CA ILE A 567 -26.20 14.90 9.12
C ILE A 567 -25.63 16.27 8.70
N PHE A 568 -26.23 16.88 7.67
CA PHE A 568 -25.71 18.12 7.05
C PHE A 568 -26.19 19.35 7.83
N GLU A 569 -25.28 19.95 8.60
CA GLU A 569 -25.56 21.11 9.44
C GLU A 569 -24.87 22.35 8.87
N LEU A 570 -25.58 23.49 8.91
CA LEU A 570 -25.06 24.78 8.42
C LEU A 570 -25.17 25.81 9.57
N ASN A 571 -24.21 26.76 9.66
CA ASN A 571 -24.31 27.90 10.61
C ASN A 571 -25.06 29.06 9.91
N PRO A 572 -26.33 29.38 10.35
CA PRO A 572 -27.19 30.44 9.72
C PRO A 572 -26.48 31.79 9.53
N ASP A 573 -25.62 32.12 10.50
CA ASP A 573 -24.91 33.40 10.55
C ASP A 573 -23.69 33.44 9.60
N HIS A 574 -23.02 32.28 9.42
CA HIS A 574 -21.75 32.25 8.67
C HIS A 574 -21.98 32.63 7.19
N VAL A 575 -21.09 33.52 6.68
CA VAL A 575 -21.24 34.26 5.39
C VAL A 575 -21.77 33.38 4.24
N LEU A 576 -21.17 32.19 4.05
CA LEU A 576 -21.46 31.32 2.88
C LEU A 576 -22.88 30.73 2.93
N VAL A 577 -23.33 30.41 4.14
CA VAL A 577 -24.68 29.84 4.40
C VAL A 577 -25.73 30.91 4.17
N LYS A 578 -25.50 32.10 4.77
CA LYS A 578 -26.38 33.27 4.62
C LYS A 578 -26.49 33.69 3.13
N ARG A 579 -25.35 33.62 2.42
CA ARG A 579 -25.24 34.02 1.01
C ARG A 579 -26.08 33.07 0.13
N ALA A 580 -26.10 31.77 0.52
CA ALA A 580 -26.91 30.74 -0.15
C ALA A 580 -28.40 30.83 0.27
N ALA A 581 -28.66 31.35 1.49
CA ALA A 581 -30.02 31.45 2.07
C ALA A 581 -30.80 32.62 1.45
N ASP A 582 -30.07 33.68 1.08
CA ASP A 582 -30.64 34.87 0.39
C ASP A 582 -30.78 34.64 -1.13
N THR A 583 -30.29 33.47 -1.61
CA THR A 583 -30.48 33.05 -3.01
C THR A 583 -31.82 32.29 -3.15
N GLU A 584 -32.79 32.93 -3.81
CA GLU A 584 -34.06 32.30 -4.19
C GLU A 584 -33.92 31.55 -5.53
N ASP A 585 -33.06 32.09 -6.42
CA ASP A 585 -32.80 31.50 -7.77
C ASP A 585 -32.22 30.09 -7.64
N GLU A 586 -32.96 29.08 -8.13
CA GLU A 586 -32.55 27.64 -8.08
C GLU A 586 -31.19 27.39 -8.76
N ALA A 587 -30.84 28.22 -9.76
CA ALA A 587 -29.59 28.09 -10.54
C ALA A 587 -28.34 28.20 -9.64
N LYS A 588 -28.32 29.22 -8.76
CA LYS A 588 -27.22 29.40 -7.79
C LYS A 588 -27.51 28.66 -6.47
N PHE A 589 -28.76 28.76 -5.97
CA PHE A 589 -29.18 28.17 -4.66
C PHE A 589 -28.80 26.69 -4.58
N SER A 590 -29.17 25.94 -5.64
CA SER A 590 -28.84 24.52 -5.77
C SER A 590 -27.34 24.31 -5.62
N GLU A 591 -26.58 25.05 -6.43
CA GLU A 591 -25.14 24.82 -6.62
C GLU A 591 -24.33 25.21 -5.36
N TRP A 592 -24.85 26.18 -4.57
CA TRP A 592 -24.24 26.58 -3.29
C TRP A 592 -24.46 25.50 -2.23
N VAL A 593 -25.73 25.05 -2.08
CA VAL A 593 -26.10 23.97 -1.12
C VAL A 593 -25.34 22.66 -1.46
N GLU A 594 -25.16 22.44 -2.76
CA GLU A 594 -24.35 21.34 -3.31
C GLU A 594 -22.89 21.45 -2.83
N LEU A 595 -22.29 22.62 -3.04
CA LEU A 595 -20.87 22.88 -2.76
C LEU A 595 -20.58 22.81 -1.26
N LEU A 596 -21.54 23.27 -0.45
CA LEU A 596 -21.42 23.27 1.01
C LEU A 596 -21.50 21.83 1.54
N LEU A 597 -22.34 20.98 0.89
CA LEU A 597 -22.46 19.54 1.24
C LEU A 597 -21.16 18.82 0.94
N ASP A 598 -20.78 18.83 -0.35
CA ASP A 598 -19.60 18.13 -0.86
C ASP A 598 -18.32 18.52 -0.10
N GLN A 599 -18.19 19.82 0.26
CA GLN A 599 -17.03 20.34 1.03
C GLN A 599 -17.07 19.84 2.49
N ALA A 600 -18.26 19.88 3.14
CA ALA A 600 -18.44 19.49 4.57
C ALA A 600 -18.12 18.00 4.78
N LEU A 601 -18.68 17.17 3.89
CA LEU A 601 -18.48 15.71 3.87
C LEU A 601 -16.96 15.41 3.68
N LEU A 602 -16.39 16.07 2.64
CA LEU A 602 -14.94 16.00 2.30
C LEU A 602 -14.06 16.55 3.45
N ALA A 603 -14.62 17.41 4.31
CA ALA A 603 -13.88 18.05 5.42
C ALA A 603 -13.70 17.07 6.59
N GLU A 604 -14.70 16.17 6.78
CA GLU A 604 -14.70 15.23 7.93
C GLU A 604 -14.08 13.87 7.53
N ARG A 605 -14.20 13.51 6.24
CA ARG A 605 -13.81 12.19 5.72
C ARG A 605 -12.50 12.28 4.92
N GLY A 606 -12.37 13.34 4.12
CA GLY A 606 -11.20 13.51 3.22
C GLY A 606 -11.41 12.84 1.86
N THR A 607 -12.60 12.26 1.63
CA THR A 607 -12.94 11.54 0.40
C THR A 607 -14.43 11.69 0.07
N LEU A 608 -14.77 11.76 -1.24
CA LEU A 608 -16.16 11.72 -1.75
C LEU A 608 -16.31 10.48 -2.66
N GLU A 609 -17.56 10.03 -2.85
CA GLU A 609 -17.89 8.89 -3.74
C GLU A 609 -17.64 9.25 -5.23
N ASP A 610 -17.76 10.56 -5.56
CA ASP A 610 -17.49 11.09 -6.91
C ASP A 610 -16.85 12.49 -6.79
N PRO A 611 -15.54 12.65 -7.17
CA PRO A 611 -14.85 13.96 -7.16
C PRO A 611 -15.21 14.83 -8.39
N ASN A 612 -15.73 14.19 -9.46
CA ASN A 612 -15.97 14.85 -10.76
C ASN A 612 -17.00 15.98 -10.67
N LEU A 613 -18.07 15.72 -9.91
CA LEU A 613 -19.21 16.65 -9.76
C LEU A 613 -18.85 17.82 -8.80
N PHE A 614 -17.98 17.54 -7.81
CA PHE A 614 -17.49 18.56 -6.85
C PHE A 614 -16.57 19.59 -7.55
N ILE A 615 -15.64 19.07 -8.35
CA ILE A 615 -14.74 19.89 -9.18
C ILE A 615 -15.55 20.72 -10.20
N ARG A 616 -16.55 20.05 -10.80
CA ARG A 616 -17.44 20.64 -11.82
C ARG A 616 -18.18 21.88 -11.28
N ARG A 617 -18.83 21.69 -10.13
CA ARG A 617 -19.72 22.70 -9.53
C ARG A 617 -18.90 23.88 -8.98
N MET A 618 -17.65 23.59 -8.54
CA MET A 618 -16.73 24.61 -8.00
C MET A 618 -16.34 25.59 -9.12
N ASN A 619 -15.97 25.03 -10.28
CA ASN A 619 -15.62 25.82 -11.50
C ASN A 619 -16.78 26.73 -11.90
N GLN A 620 -18.02 26.19 -11.86
CA GLN A 620 -19.24 26.91 -12.26
C GLN A 620 -19.48 28.13 -11.35
N LEU A 621 -19.37 27.96 -10.02
CA LEU A 621 -19.59 29.06 -9.05
C LEU A 621 -18.45 30.10 -9.10
N LEU A 622 -17.23 29.67 -9.49
CA LEU A 622 -16.07 30.59 -9.62
C LEU A 622 -16.16 31.46 -10.88
N VAL A 623 -16.76 30.92 -11.97
CA VAL A 623 -16.86 31.63 -13.27
C VAL A 623 -18.20 32.40 -13.42
N SER A 624 -19.26 31.88 -12.77
CA SER A 624 -20.62 32.45 -12.85
C SER A 624 -20.94 33.26 -11.56
N MET B 1 -38.06 -14.40 32.37
CA MET B 1 -39.27 -13.78 31.82
C MET B 1 -38.87 -12.54 30.99
N LYS B 2 -38.83 -12.70 29.67
CA LYS B 2 -38.58 -11.59 28.73
C LYS B 2 -39.88 -11.20 28.02
N GLY B 3 -40.20 -9.89 28.02
CA GLY B 3 -41.25 -9.34 27.18
C GLY B 3 -40.67 -8.79 25.87
N GLN B 4 -39.46 -8.21 25.99
CA GLN B 4 -38.71 -7.64 24.86
C GLN B 4 -38.09 -8.76 23.99
N GLU B 5 -37.87 -8.43 22.71
CA GLU B 5 -37.21 -9.34 21.75
C GLU B 5 -36.72 -8.47 20.57
N THR B 6 -35.45 -8.62 20.22
CA THR B 6 -34.79 -7.81 19.19
C THR B 6 -35.02 -8.40 17.78
N ARG B 7 -36.23 -8.15 17.24
CA ARG B 7 -36.61 -8.52 15.86
C ARG B 7 -35.61 -7.91 14.84
N GLY B 8 -34.72 -8.77 14.30
CA GLY B 8 -33.65 -8.33 13.40
C GLY B 8 -33.14 -9.49 12.56
N PHE B 9 -34.00 -9.98 11.65
CA PHE B 9 -33.70 -11.12 10.77
C PHE B 9 -32.70 -10.71 9.68
N GLN B 10 -31.56 -11.41 9.60
CA GLN B 10 -30.44 -11.04 8.71
C GLN B 10 -30.43 -11.87 7.41
N SER B 11 -29.62 -11.40 6.44
CA SER B 11 -29.43 -12.04 5.12
C SER B 11 -28.62 -13.36 5.27
N GLU B 12 -28.45 -14.09 4.14
CA GLU B 12 -27.80 -15.42 4.15
C GLU B 12 -26.30 -15.31 4.54
N VAL B 13 -25.86 -16.19 5.46
CA VAL B 13 -24.48 -16.22 5.97
C VAL B 13 -24.10 -17.67 6.38
N LYS B 14 -25.10 -18.49 6.76
CA LYS B 14 -24.89 -19.87 7.24
C LYS B 14 -25.55 -20.88 6.27
N GLN B 15 -24.73 -21.52 5.41
CA GLN B 15 -25.20 -22.54 4.44
C GLN B 15 -26.02 -23.64 5.19
N LEU B 16 -25.34 -24.27 6.18
CA LEU B 16 -25.87 -25.40 6.98
C LEU B 16 -27.29 -25.10 7.52
N LEU B 17 -27.43 -23.92 8.15
CA LEU B 17 -28.69 -23.46 8.77
C LEU B 17 -29.78 -23.27 7.70
N HIS B 18 -29.40 -22.69 6.55
CA HIS B 18 -30.35 -22.29 5.49
C HIS B 18 -30.85 -23.54 4.75
N LEU B 19 -30.01 -24.59 4.71
CA LEU B 19 -30.36 -25.88 4.10
C LEU B 19 -31.34 -26.62 5.02
N MET B 20 -31.08 -26.57 6.36
CA MET B 20 -31.90 -27.27 7.38
C MET B 20 -33.35 -26.76 7.40
N ILE B 21 -33.53 -25.43 7.36
CA ILE B 21 -34.86 -24.80 7.37
C ILE B 21 -35.70 -25.26 6.15
N HIS B 22 -35.00 -25.50 5.02
CA HIS B 22 -35.63 -25.96 3.76
C HIS B 22 -35.47 -27.49 3.55
N SER B 23 -34.83 -28.20 4.50
CA SER B 23 -34.86 -29.68 4.56
C SER B 23 -36.26 -30.14 4.97
N LEU B 24 -36.94 -29.29 5.76
CA LEU B 24 -38.36 -29.42 6.09
C LEU B 24 -39.18 -29.37 4.77
N TYR B 25 -38.97 -28.27 4.01
CA TYR B 25 -39.52 -28.03 2.66
C TYR B 25 -41.06 -27.88 2.67
N SER B 26 -41.66 -27.92 3.89
CA SER B 26 -43.13 -28.00 4.15
C SER B 26 -43.75 -29.24 3.47
N ASN B 27 -42.92 -30.26 3.20
CA ASN B 27 -43.30 -31.45 2.42
C ASN B 27 -43.22 -32.70 3.31
N LYS B 28 -42.13 -32.76 4.14
CA LYS B 28 -41.78 -33.93 5.02
C LYS B 28 -41.22 -35.12 4.19
N GLU B 29 -41.98 -35.56 3.15
CA GLU B 29 -41.60 -36.70 2.28
C GLU B 29 -40.24 -36.52 1.56
N ILE B 30 -39.72 -35.27 1.55
CA ILE B 30 -38.38 -34.92 0.97
C ILE B 30 -37.23 -35.75 1.62
N PHE B 31 -37.45 -36.28 2.84
CA PHE B 31 -36.46 -37.15 3.51
C PHE B 31 -36.25 -38.46 2.72
N LEU B 32 -37.36 -39.00 2.16
CA LEU B 32 -37.32 -40.22 1.35
C LEU B 32 -36.47 -40.02 0.09
N ARG B 33 -36.57 -38.80 -0.51
CA ARG B 33 -35.75 -38.40 -1.66
C ARG B 33 -34.27 -38.54 -1.32
N GLU B 34 -33.88 -37.85 -0.25
CA GLU B 34 -32.46 -37.67 0.13
C GLU B 34 -31.84 -38.93 0.68
N LEU B 35 -32.61 -39.72 1.45
CA LEU B 35 -32.15 -41.02 2.00
C LEU B 35 -31.78 -41.97 0.86
N ILE B 36 -32.69 -42.08 -0.13
CA ILE B 36 -32.44 -42.94 -1.30
C ILE B 36 -31.41 -42.29 -2.23
N SER B 37 -31.31 -40.94 -2.24
CA SER B 37 -30.27 -40.21 -3.01
C SER B 37 -28.88 -40.49 -2.44
N ASN B 38 -28.80 -40.75 -1.11
CA ASN B 38 -27.57 -41.16 -0.43
C ASN B 38 -27.19 -42.58 -0.87
N ALA B 39 -28.23 -43.41 -1.13
CA ALA B 39 -28.08 -44.82 -1.50
C ALA B 39 -27.71 -44.96 -2.98
N SER B 40 -28.27 -44.04 -3.79
CA SER B 40 -28.07 -43.95 -5.23
C SER B 40 -26.63 -43.55 -5.55
N ASP B 41 -26.09 -42.69 -4.68
CA ASP B 41 -24.73 -42.17 -4.80
C ASP B 41 -23.74 -43.15 -4.12
N ALA B 42 -24.22 -43.94 -3.12
CA ALA B 42 -23.39 -44.93 -2.38
C ALA B 42 -23.03 -46.12 -3.29
N ALA B 43 -24.04 -46.77 -3.89
CA ALA B 43 -23.85 -47.89 -4.84
C ALA B 43 -23.07 -47.43 -6.10
N ASP B 44 -23.14 -46.13 -6.37
CA ASP B 44 -22.38 -45.46 -7.44
C ASP B 44 -20.88 -45.41 -7.08
N LYS B 45 -20.57 -45.15 -5.79
CA LYS B 45 -19.17 -45.20 -5.27
C LYS B 45 -18.63 -46.65 -5.31
N LEU B 46 -19.53 -47.66 -5.25
CA LEU B 46 -19.14 -49.08 -5.38
C LEU B 46 -18.70 -49.37 -6.81
N ARG B 47 -19.40 -48.75 -7.79
CA ARG B 47 -19.05 -48.86 -9.22
C ARG B 47 -17.60 -48.39 -9.45
N PHE B 48 -17.23 -47.27 -8.77
CA PHE B 48 -15.86 -46.70 -8.84
C PHE B 48 -14.83 -47.59 -8.11
N ARG B 49 -15.18 -48.02 -6.89
CA ARG B 49 -14.25 -48.79 -6.01
C ARG B 49 -14.09 -50.24 -6.54
N ALA B 50 -15.04 -50.68 -7.37
CA ALA B 50 -15.00 -52.00 -8.05
C ALA B 50 -14.00 -52.01 -9.21
N LEU B 51 -13.54 -50.83 -9.63
CA LEU B 51 -12.46 -50.70 -10.62
C LEU B 51 -11.10 -51.05 -9.99
N SER B 52 -11.01 -50.92 -8.64
CA SER B 52 -9.78 -51.26 -7.90
C SER B 52 -9.94 -52.61 -7.17
N ASN B 53 -11.19 -53.07 -7.00
CA ASN B 53 -11.54 -54.37 -6.38
C ASN B 53 -12.91 -54.87 -6.90
N PRO B 54 -12.97 -55.62 -8.05
CA PRO B 54 -14.25 -56.15 -8.62
C PRO B 54 -14.95 -57.18 -7.72
N ASP B 55 -14.16 -57.83 -6.86
CA ASP B 55 -14.63 -58.88 -5.92
C ASP B 55 -15.59 -58.33 -4.84
N LEU B 56 -15.64 -56.98 -4.72
CA LEU B 56 -16.54 -56.29 -3.78
C LEU B 56 -18.03 -56.47 -4.14
N TYR B 57 -18.31 -56.91 -5.39
CA TYR B 57 -19.69 -57.26 -5.81
C TYR B 57 -20.22 -58.52 -5.09
N GLU B 58 -19.32 -59.32 -4.45
CA GLU B 58 -19.70 -60.50 -3.61
C GLU B 58 -20.48 -61.60 -4.39
N GLY B 59 -20.53 -61.47 -5.73
CA GLY B 59 -21.42 -62.27 -6.58
C GLY B 59 -22.78 -61.59 -6.74
N ASP B 60 -23.29 -61.03 -5.63
CA ASP B 60 -24.50 -60.19 -5.59
C ASP B 60 -24.19 -58.81 -6.23
N GLY B 61 -24.13 -58.78 -7.56
CA GLY B 61 -23.68 -57.60 -8.30
C GLY B 61 -24.82 -56.65 -8.65
N GLU B 62 -26.07 -57.14 -8.49
CA GLU B 62 -27.29 -56.36 -8.77
C GLU B 62 -27.46 -55.33 -7.66
N LEU B 63 -26.98 -54.11 -7.93
CA LEU B 63 -27.04 -53.01 -6.98
C LEU B 63 -28.44 -52.38 -7.01
N ARG B 64 -29.14 -52.46 -5.88
CA ARG B 64 -30.48 -51.88 -5.67
C ARG B 64 -30.59 -51.34 -4.23
N VAL B 65 -31.65 -50.57 -3.96
CA VAL B 65 -31.99 -50.07 -2.62
C VAL B 65 -33.44 -50.47 -2.26
N ARG B 66 -33.55 -51.43 -1.33
CA ARG B 66 -34.82 -51.97 -0.86
C ARG B 66 -35.35 -51.18 0.34
N VAL B 67 -36.55 -50.60 0.19
CA VAL B 67 -37.24 -49.89 1.27
C VAL B 67 -38.23 -50.87 1.95
N SER B 68 -37.94 -51.23 3.20
CA SER B 68 -38.79 -52.07 4.04
C SER B 68 -39.36 -51.23 5.19
N PHE B 69 -40.32 -51.79 5.95
CA PHE B 69 -41.03 -51.05 7.02
C PHE B 69 -41.67 -52.02 8.03
N ASP B 70 -42.16 -51.46 9.12
CA ASP B 70 -43.09 -52.12 10.05
C ASP B 70 -44.00 -51.03 10.62
N LYS B 71 -45.30 -51.16 10.37
CA LYS B 71 -46.27 -50.09 10.65
C LYS B 71 -46.66 -50.04 12.13
N ASP B 72 -46.76 -51.23 12.74
CA ASP B 72 -47.21 -51.38 14.14
C ASP B 72 -46.19 -50.77 15.11
N LYS B 73 -44.92 -51.11 14.89
CA LYS B 73 -43.79 -50.68 15.74
C LYS B 73 -43.22 -49.33 15.26
N ARG B 74 -43.67 -48.87 14.06
CA ARG B 74 -43.31 -47.55 13.48
C ARG B 74 -41.79 -47.42 13.18
N THR B 75 -41.30 -48.29 12.27
CA THR B 75 -39.90 -48.24 11.77
C THR B 75 -39.89 -48.33 10.23
N LEU B 76 -39.08 -47.49 9.57
CA LEU B 76 -38.94 -47.46 8.11
C LEU B 76 -37.44 -47.61 7.77
N THR B 77 -37.09 -48.72 7.08
CA THR B 77 -35.68 -49.10 6.81
C THR B 77 -35.38 -48.99 5.30
N ILE B 78 -34.59 -47.98 4.91
CA ILE B 78 -34.13 -47.79 3.52
C ILE B 78 -32.68 -48.31 3.41
N SER B 79 -32.51 -49.47 2.75
CA SER B 79 -31.22 -50.20 2.73
C SER B 79 -30.75 -50.54 1.31
N ASP B 80 -29.60 -49.98 0.90
CA ASP B 80 -28.89 -50.36 -0.34
C ASP B 80 -27.84 -51.45 -0.06
N ASN B 81 -27.54 -52.25 -1.09
CA ASN B 81 -26.42 -53.22 -1.08
C ASN B 81 -25.20 -52.60 -1.79
N GLY B 82 -25.04 -51.27 -1.66
CA GLY B 82 -23.99 -50.53 -2.34
C GLY B 82 -22.60 -50.74 -1.74
N VAL B 83 -21.77 -49.69 -1.75
CA VAL B 83 -20.39 -49.78 -1.24
C VAL B 83 -20.38 -49.92 0.29
N GLY B 84 -21.31 -49.22 0.95
CA GLY B 84 -21.26 -49.01 2.39
C GLY B 84 -20.07 -48.14 2.79
N MET B 85 -19.90 -47.88 4.09
CA MET B 85 -18.78 -47.05 4.58
C MET B 85 -18.06 -47.77 5.71
N THR B 86 -16.73 -47.66 5.72
CA THR B 86 -15.88 -48.13 6.84
C THR B 86 -16.06 -47.18 8.04
N ARG B 87 -15.78 -47.68 9.27
CA ARG B 87 -15.93 -46.91 10.56
C ARG B 87 -15.37 -45.48 10.46
N ASP B 88 -14.14 -45.39 9.94
CA ASP B 88 -13.46 -44.11 9.70
C ASP B 88 -14.22 -43.25 8.68
N GLU B 89 -14.65 -43.85 7.55
CA GLU B 89 -15.37 -43.15 6.46
C GLU B 89 -16.78 -42.68 6.91
N VAL B 90 -17.37 -43.38 7.90
CA VAL B 90 -18.66 -43.02 8.51
C VAL B 90 -18.49 -41.74 9.34
N ILE B 91 -17.37 -41.65 10.07
CA ILE B 91 -17.02 -40.45 10.86
C ILE B 91 -16.76 -39.26 9.90
N ASP B 92 -16.09 -39.55 8.77
CA ASP B 92 -15.78 -38.56 7.70
C ASP B 92 -17.03 -38.07 6.96
N HIS B 93 -18.18 -38.77 7.11
CA HIS B 93 -19.43 -38.40 6.40
C HIS B 93 -20.57 -38.09 7.39
N LEU B 94 -21.14 -39.14 8.02
CA LEU B 94 -22.29 -39.00 8.94
C LEU B 94 -21.90 -38.21 10.21
N GLY B 95 -20.75 -38.59 10.81
CA GLY B 95 -20.25 -37.94 12.04
C GLY B 95 -19.89 -36.47 11.86
N THR B 96 -19.43 -36.12 10.66
CA THR B 96 -19.08 -34.73 10.31
C THR B 96 -20.33 -33.87 10.02
N ILE B 97 -21.47 -34.53 9.73
CA ILE B 97 -22.77 -33.82 9.60
C ILE B 97 -23.31 -33.49 11.01
N ALA B 98 -23.07 -34.44 11.94
CA ALA B 98 -23.32 -34.24 13.37
C ALA B 98 -22.20 -33.39 14.01
N LYS B 99 -22.18 -33.33 15.34
CA LYS B 99 -21.20 -32.49 16.07
C LYS B 99 -19.83 -33.20 15.99
N SER B 100 -18.89 -32.60 15.25
CA SER B 100 -17.55 -33.18 15.03
C SER B 100 -16.48 -32.11 15.26
N GLY B 101 -16.44 -31.11 14.36
CA GLY B 101 -15.43 -30.05 14.37
C GLY B 101 -15.13 -29.54 12.96
N THR B 102 -16.13 -29.62 12.07
CA THR B 102 -16.00 -29.14 10.68
C THR B 102 -16.10 -27.60 10.61
N LYS B 103 -16.76 -27.02 11.65
CA LYS B 103 -17.01 -25.57 11.79
C LYS B 103 -17.85 -25.05 10.59
N SER B 104 -17.18 -24.78 9.46
CA SER B 104 -17.80 -24.39 8.20
C SER B 104 -17.06 -25.10 7.07
N PHE B 105 -15.72 -24.97 7.07
CA PHE B 105 -14.83 -25.65 6.11
C PHE B 105 -13.76 -26.44 6.87
N LEU B 106 -13.08 -25.76 7.81
CA LEU B 106 -12.05 -26.37 8.68
C LEU B 106 -11.57 -25.31 9.67
N GLU B 107 -11.52 -25.69 10.96
CA GLU B 107 -11.06 -24.84 12.08
C GLU B 107 -9.62 -24.29 11.87
N SER B 108 -8.74 -25.11 11.25
CA SER B 108 -7.32 -24.75 11.04
C SER B 108 -7.12 -23.92 9.74
N LEU B 109 -7.24 -24.58 8.57
CA LEU B 109 -6.90 -23.97 7.26
C LEU B 109 -8.14 -23.41 6.55
N GLY B 110 -9.26 -24.15 6.65
CA GLY B 110 -10.49 -23.80 5.93
C GLY B 110 -10.46 -24.24 4.47
N SER B 111 -9.86 -25.42 4.21
CA SER B 111 -9.60 -25.91 2.84
C SER B 111 -9.67 -27.45 2.79
N ASP B 112 -8.84 -28.11 3.61
CA ASP B 112 -8.61 -29.58 3.54
C ASP B 112 -9.92 -30.37 3.79
N GLN B 113 -10.58 -30.02 4.89
CA GLN B 113 -11.79 -30.69 5.40
C GLN B 113 -13.07 -30.01 4.84
N ALA B 114 -12.90 -29.10 3.84
CA ALA B 114 -14.01 -28.26 3.32
C ALA B 114 -15.04 -29.06 2.50
N LYS B 115 -14.77 -30.36 2.26
CA LYS B 115 -15.62 -31.23 1.44
C LYS B 115 -16.69 -31.94 2.30
N ASP B 116 -17.06 -31.30 3.41
CA ASP B 116 -18.19 -31.73 4.26
C ASP B 116 -19.40 -30.85 3.99
N SER B 117 -19.16 -29.66 3.41
CA SER B 117 -20.22 -28.74 2.97
C SER B 117 -21.09 -29.41 1.88
N GLN B 118 -20.42 -30.24 1.07
CA GLN B 118 -21.02 -31.03 -0.02
C GLN B 118 -21.86 -32.19 0.53
N LEU B 119 -21.40 -32.76 1.64
CA LEU B 119 -22.09 -33.83 2.37
C LEU B 119 -23.34 -33.27 3.07
N ILE B 120 -23.26 -32.00 3.52
CA ILE B 120 -24.41 -31.29 4.12
C ILE B 120 -25.50 -31.02 3.04
N GLY B 121 -25.05 -30.61 1.83
CA GLY B 121 -25.96 -30.32 0.72
C GLY B 121 -26.83 -31.51 0.26
N GLN B 122 -26.35 -32.75 0.48
CA GLN B 122 -27.08 -33.99 0.10
C GLN B 122 -27.51 -34.78 1.37
N PHE B 123 -26.51 -35.32 2.07
CA PHE B 123 -26.71 -36.24 3.21
C PHE B 123 -27.19 -35.48 4.47
N GLY B 124 -26.81 -34.19 4.57
CA GLY B 124 -27.15 -33.33 5.71
C GLY B 124 -28.56 -32.78 5.64
N VAL B 125 -29.03 -32.51 4.40
CA VAL B 125 -30.43 -32.20 4.12
C VAL B 125 -31.29 -33.42 4.49
N GLY B 126 -30.80 -34.61 4.09
CA GLY B 126 -31.43 -35.89 4.43
C GLY B 126 -31.44 -36.20 5.92
N PHE B 127 -30.38 -35.76 6.63
CA PHE B 127 -30.23 -35.93 8.09
C PHE B 127 -31.39 -35.21 8.82
N TYR B 128 -31.52 -33.90 8.55
CA TYR B 128 -32.47 -33.02 9.25
C TYR B 128 -33.93 -33.39 8.90
N SER B 129 -34.19 -33.62 7.60
CA SER B 129 -35.54 -33.96 7.10
C SER B 129 -36.01 -35.32 7.67
N ALA B 130 -35.04 -36.25 7.85
CA ALA B 130 -35.29 -37.54 8.52
C ALA B 130 -35.81 -37.31 9.93
N PHE B 131 -35.12 -36.44 10.69
CA PHE B 131 -35.47 -36.12 12.09
C PHE B 131 -36.67 -35.15 12.22
N ILE B 132 -37.34 -34.83 11.11
CA ILE B 132 -38.65 -34.16 11.12
C ILE B 132 -39.77 -35.20 11.34
N VAL B 133 -39.61 -36.36 10.68
CA VAL B 133 -40.64 -37.43 10.65
C VAL B 133 -40.25 -38.62 11.53
N ALA B 134 -38.96 -38.71 11.90
CA ALA B 134 -38.39 -39.84 12.65
C ALA B 134 -37.79 -39.32 13.96
N ASP B 135 -38.21 -39.92 15.07
CA ASP B 135 -37.70 -39.59 16.41
C ASP B 135 -36.29 -40.19 16.59
N LYS B 136 -36.07 -41.34 15.94
CA LYS B 136 -34.83 -42.14 16.04
C LYS B 136 -34.33 -42.46 14.61
N VAL B 137 -33.02 -42.32 14.38
CA VAL B 137 -32.35 -42.86 13.18
C VAL B 137 -31.14 -43.70 13.64
N THR B 138 -31.03 -44.91 13.06
CA THR B 138 -29.98 -45.88 13.35
C THR B 138 -29.46 -46.45 12.01
N VAL B 139 -28.21 -46.11 11.66
CA VAL B 139 -27.59 -46.57 10.41
C VAL B 139 -26.61 -47.71 10.70
N ARG B 140 -26.91 -48.89 10.17
CA ARG B 140 -26.02 -50.06 10.18
C ARG B 140 -25.49 -50.19 8.75
N THR B 141 -24.22 -49.85 8.52
CA THR B 141 -23.61 -49.97 7.19
C THR B 141 -22.51 -51.06 7.20
N ARG B 142 -22.19 -51.55 6.01
CA ARG B 142 -21.22 -52.65 5.84
C ARG B 142 -20.43 -52.34 4.55
N ALA B 143 -19.19 -51.90 4.71
CA ALA B 143 -18.28 -51.62 3.59
C ALA B 143 -17.93 -52.92 2.84
N ALA B 144 -17.88 -52.81 1.51
CA ALA B 144 -17.54 -53.93 0.64
C ALA B 144 -16.05 -54.32 0.83
N GLY B 145 -15.82 -55.60 1.17
CA GLY B 145 -14.45 -56.11 1.37
C GLY B 145 -14.08 -56.24 2.85
N GLU B 146 -14.60 -55.33 3.69
CA GLU B 146 -14.30 -55.28 5.15
C GLU B 146 -15.26 -56.25 5.91
N LYS B 147 -14.77 -56.77 7.03
CA LYS B 147 -15.40 -57.90 7.79
C LYS B 147 -16.84 -57.54 8.26
N PRO B 148 -17.85 -58.44 7.96
CA PRO B 148 -19.28 -58.24 8.39
C PRO B 148 -19.46 -58.10 9.91
N GLU B 149 -18.66 -58.85 10.69
CA GLU B 149 -18.64 -58.77 12.17
C GLU B 149 -18.26 -57.35 12.64
N ASN B 150 -17.41 -56.68 11.85
CA ASN B 150 -16.93 -55.32 12.15
C ASN B 150 -17.70 -54.27 11.35
N GLY B 151 -19.00 -54.57 11.02
CA GLY B 151 -19.95 -53.60 10.44
C GLY B 151 -20.06 -52.35 11.31
N VAL B 152 -20.68 -51.28 10.83
CA VAL B 152 -20.61 -49.98 11.54
C VAL B 152 -21.99 -49.60 12.05
N PHE B 153 -22.06 -49.42 13.37
CA PHE B 153 -23.22 -48.89 14.06
C PHE B 153 -23.10 -47.37 14.11
N TRP B 154 -24.12 -46.69 13.63
CA TRP B 154 -24.27 -45.25 13.74
C TRP B 154 -25.65 -44.96 14.32
N GLU B 155 -25.74 -43.92 15.14
CA GLU B 155 -27.00 -43.53 15.79
C GLU B 155 -26.97 -42.05 16.15
N SER B 156 -28.15 -41.42 16.11
CA SER B 156 -28.37 -40.09 16.71
C SER B 156 -29.87 -39.91 17.01
N ALA B 157 -30.15 -39.02 17.97
CA ALA B 157 -31.53 -38.66 18.35
C ALA B 157 -31.92 -37.31 17.70
N GLY B 158 -31.13 -36.85 16.71
CA GLY B 158 -31.35 -35.57 16.03
C GLY B 158 -30.50 -34.45 16.59
N GLU B 159 -29.88 -34.70 17.76
CA GLU B 159 -29.07 -33.73 18.50
C GLU B 159 -27.66 -33.59 17.90
N GLY B 160 -26.80 -32.81 18.59
CA GLY B 160 -25.38 -32.71 18.27
C GLY B 160 -24.60 -33.94 18.74
N GLU B 161 -25.00 -35.12 18.25
CA GLU B 161 -24.51 -36.41 18.72
C GLU B 161 -24.38 -37.40 17.55
N TYR B 162 -23.51 -38.40 17.74
CA TYR B 162 -23.43 -39.60 16.90
C TYR B 162 -22.66 -40.69 17.66
N THR B 163 -23.19 -41.91 17.66
CA THR B 163 -22.49 -43.10 18.14
C THR B 163 -21.88 -43.82 16.93
N VAL B 164 -20.60 -44.19 17.02
CA VAL B 164 -19.89 -44.96 15.98
C VAL B 164 -19.09 -46.10 16.65
N ALA B 165 -19.39 -47.35 16.23
CA ALA B 165 -18.79 -48.58 16.78
C ALA B 165 -18.88 -49.73 15.76
N ASP B 166 -18.28 -50.91 16.08
CA ASP B 166 -18.33 -52.10 15.20
C ASP B 166 -19.33 -53.17 15.72
N ILE B 167 -20.36 -53.48 14.92
CA ILE B 167 -21.39 -54.50 15.21
C ILE B 167 -21.49 -55.50 14.05
N THR B 168 -22.28 -56.57 14.26
CA THR B 168 -22.58 -57.57 13.23
C THR B 168 -23.58 -57.00 12.19
N LYS B 169 -23.26 -57.18 10.89
CA LYS B 169 -24.19 -56.96 9.77
C LYS B 169 -23.73 -57.84 8.60
N GLU B 170 -24.61 -58.74 8.14
CA GLU B 170 -24.27 -59.78 7.15
C GLU B 170 -24.27 -59.19 5.72
N ASP B 171 -25.28 -58.34 5.46
CA ASP B 171 -25.54 -57.77 4.14
C ASP B 171 -24.62 -56.56 3.88
N ARG B 172 -24.13 -56.46 2.63
CA ARG B 172 -23.26 -55.37 2.15
C ARG B 172 -24.10 -54.10 1.92
N GLY B 173 -23.45 -52.92 1.98
CA GLY B 173 -24.11 -51.64 1.73
C GLY B 173 -24.62 -50.99 3.00
N THR B 174 -25.51 -50.00 2.85
CA THR B 174 -25.94 -49.13 3.96
C THR B 174 -27.41 -49.41 4.31
N GLU B 175 -27.73 -49.46 5.62
CA GLU B 175 -29.08 -49.76 6.13
C GLU B 175 -29.51 -48.67 7.12
N ILE B 176 -30.45 -47.83 6.72
CA ILE B 176 -30.92 -46.69 7.53
C ILE B 176 -32.33 -47.00 8.09
N THR B 177 -32.40 -47.39 9.38
CA THR B 177 -33.67 -47.70 10.07
C THR B 177 -34.11 -46.50 10.93
N LEU B 178 -35.28 -45.94 10.61
CA LEU B 178 -35.84 -44.74 11.27
C LEU B 178 -37.09 -45.11 12.07
N HIS B 179 -37.07 -44.95 13.42
CA HIS B 179 -38.32 -45.07 14.19
C HIS B 179 -39.11 -43.77 14.01
N LEU B 180 -40.20 -43.86 13.26
CA LEU B 180 -41.04 -42.71 12.93
C LEU B 180 -41.90 -42.28 14.12
N ARG B 181 -42.21 -40.98 14.15
CA ARG B 181 -43.08 -40.35 15.15
C ARG B 181 -44.53 -40.85 14.98
N GLU B 182 -45.28 -40.87 16.09
CA GLU B 182 -46.70 -41.25 16.09
C GLU B 182 -47.51 -40.14 15.41
N GLY B 183 -48.17 -40.51 14.30
CA GLY B 183 -48.83 -39.56 13.41
C GLY B 183 -48.25 -39.65 12.00
N GLU B 184 -46.93 -39.91 11.93
CA GLU B 184 -46.19 -40.11 10.67
C GLU B 184 -46.30 -41.57 10.18
N ASP B 185 -47.52 -42.13 10.34
CA ASP B 185 -47.89 -43.47 9.86
C ASP B 185 -48.11 -43.47 8.34
N GLU B 186 -48.18 -42.24 7.77
CA GLU B 186 -48.27 -41.99 6.32
C GLU B 186 -47.11 -42.69 5.54
N PHE B 187 -45.93 -42.72 6.18
CA PHE B 187 -44.69 -43.28 5.59
C PHE B 187 -44.56 -44.79 5.88
N LEU B 188 -45.52 -45.34 6.64
CA LEU B 188 -45.60 -46.76 6.98
C LEU B 188 -46.65 -47.48 6.10
N ASP B 189 -47.24 -46.72 5.17
CA ASP B 189 -48.10 -47.26 4.12
C ASP B 189 -47.26 -47.47 2.88
N ASP B 190 -46.99 -48.75 2.53
CA ASP B 190 -46.08 -49.08 1.41
C ASP B 190 -46.62 -48.54 0.07
N TRP B 191 -47.97 -48.54 -0.10
CA TRP B 191 -48.62 -48.01 -1.32
C TRP B 191 -48.32 -46.49 -1.48
N ARG B 192 -48.33 -45.77 -0.34
CA ARG B 192 -48.06 -44.32 -0.29
C ARG B 192 -46.61 -44.09 -0.68
N VAL B 193 -45.73 -44.92 -0.09
CA VAL B 193 -44.29 -44.86 -0.33
C VAL B 193 -43.96 -45.25 -1.78
N ARG B 194 -44.76 -46.14 -2.40
CA ARG B 194 -44.58 -46.50 -3.83
C ARG B 194 -44.79 -45.27 -4.72
N SER B 195 -45.88 -44.52 -4.44
CA SER B 195 -46.22 -43.28 -5.18
C SER B 195 -45.09 -42.23 -5.02
N ILE B 196 -44.79 -41.86 -3.76
CA ILE B 196 -43.86 -40.76 -3.47
C ILE B 196 -42.43 -41.07 -3.95
N ILE B 197 -42.05 -42.35 -3.84
CA ILE B 197 -40.77 -42.85 -4.32
C ILE B 197 -40.75 -42.92 -5.85
N SER B 198 -41.90 -43.12 -6.54
CA SER B 198 -41.97 -43.01 -8.02
C SER B 198 -41.46 -41.64 -8.47
N LYS B 199 -41.90 -40.60 -7.74
CA LYS B 199 -41.50 -39.20 -8.01
C LYS B 199 -40.07 -38.84 -7.50
N TYR B 200 -39.32 -39.85 -6.99
CA TYR B 200 -37.90 -39.68 -6.56
C TYR B 200 -36.97 -40.62 -7.37
N SER B 201 -37.44 -41.84 -7.59
CA SER B 201 -36.67 -42.93 -8.19
C SER B 201 -36.59 -42.76 -9.72
N ASP B 202 -37.51 -41.91 -10.24
CA ASP B 202 -37.50 -41.41 -11.64
C ASP B 202 -36.12 -40.86 -12.04
N HIS B 203 -35.48 -40.16 -11.08
CA HIS B 203 -34.21 -39.45 -11.32
C HIS B 203 -33.06 -40.16 -10.59
N ILE B 204 -33.28 -41.43 -10.25
CA ILE B 204 -32.30 -42.24 -9.53
C ILE B 204 -31.86 -43.41 -10.42
N ALA B 205 -30.53 -43.49 -10.66
CA ALA B 205 -29.90 -44.51 -11.54
C ALA B 205 -29.61 -45.83 -10.77
N LEU B 206 -30.40 -46.06 -9.69
CA LEU B 206 -30.29 -47.23 -8.83
C LEU B 206 -31.70 -47.84 -8.69
N PRO B 207 -31.90 -49.17 -8.99
CA PRO B 207 -33.18 -49.87 -8.78
C PRO B 207 -33.74 -49.71 -7.34
N VAL B 208 -34.73 -48.82 -7.14
CA VAL B 208 -35.35 -48.68 -5.83
C VAL B 208 -36.51 -49.66 -5.71
N GLU B 209 -36.34 -50.68 -4.85
CA GLU B 209 -37.39 -51.68 -4.56
C GLU B 209 -38.15 -51.33 -3.28
N ILE B 210 -39.22 -52.08 -2.99
CA ILE B 210 -39.99 -51.93 -1.74
C ILE B 210 -40.50 -53.29 -1.25
N GLU B 211 -40.70 -53.40 0.06
CA GLU B 211 -41.15 -54.61 0.74
C GLU B 211 -42.65 -54.85 0.49
N LYS B 212 -42.94 -55.70 -0.49
CA LYS B 212 -44.25 -56.31 -0.63
C LYS B 212 -44.26 -57.57 0.21
N ARG B 213 -44.61 -57.43 1.49
CA ARG B 213 -44.78 -58.58 2.38
C ARG B 213 -46.26 -58.71 2.71
N GLU B 214 -46.82 -59.89 2.41
CA GLU B 214 -48.21 -60.21 2.71
C GLU B 214 -48.22 -61.22 3.85
N GLU B 215 -48.37 -60.71 5.08
CA GLU B 215 -48.43 -61.52 6.29
C GLU B 215 -49.85 -62.06 6.48
N LYS B 216 -50.10 -63.25 5.91
CA LYS B 216 -51.23 -64.08 6.30
C LYS B 216 -50.84 -64.79 7.62
N ASP B 217 -51.82 -65.36 8.32
CA ASP B 217 -51.59 -66.05 9.61
C ASP B 217 -50.69 -67.28 9.37
N GLY B 218 -49.41 -67.15 9.76
CA GLY B 218 -48.41 -68.20 9.56
C GLY B 218 -47.62 -68.06 8.25
N GLU B 219 -48.16 -67.30 7.28
CA GLU B 219 -47.56 -67.19 5.93
C GLU B 219 -47.13 -65.74 5.65
N THR B 220 -45.85 -65.43 5.94
CA THR B 220 -45.26 -64.13 5.58
C THR B 220 -44.64 -64.22 4.17
N VAL B 221 -45.39 -63.78 3.15
CA VAL B 221 -44.96 -63.84 1.74
C VAL B 221 -44.06 -62.63 1.44
N ILE B 222 -42.77 -62.86 1.18
CA ILE B 222 -41.77 -61.79 0.95
C ILE B 222 -41.61 -61.54 -0.55
N SER B 223 -41.63 -60.26 -0.95
CA SER B 223 -41.40 -59.81 -2.33
C SER B 223 -40.76 -58.42 -2.31
N TRP B 224 -39.97 -58.10 -3.34
CA TRP B 224 -39.30 -56.79 -3.48
C TRP B 224 -39.64 -56.24 -4.88
N GLU B 225 -40.49 -55.20 -4.91
CA GLU B 225 -41.03 -54.61 -6.15
C GLU B 225 -40.21 -53.36 -6.53
N LYS B 226 -39.54 -53.40 -7.70
CA LYS B 226 -38.84 -52.21 -8.24
C LYS B 226 -39.89 -51.14 -8.61
N ILE B 227 -39.88 -50.04 -7.86
CA ILE B 227 -40.81 -48.92 -8.05
C ILE B 227 -40.39 -48.11 -9.29
N ASN B 228 -39.09 -48.14 -9.59
CA ASN B 228 -38.51 -47.39 -10.72
C ASN B 228 -38.22 -48.31 -11.90
N LYS B 229 -38.01 -47.69 -13.07
CA LYS B 229 -37.57 -48.39 -14.29
C LYS B 229 -36.13 -48.93 -14.16
N ALA B 230 -35.34 -48.30 -13.25
CA ALA B 230 -33.96 -48.72 -12.91
C ALA B 230 -33.00 -48.51 -14.09
N GLN B 231 -32.91 -47.26 -14.54
CA GLN B 231 -32.06 -46.88 -15.66
C GLN B 231 -31.44 -45.50 -15.38
N ALA B 232 -30.22 -45.32 -15.89
CA ALA B 232 -29.52 -44.03 -15.90
C ALA B 232 -30.34 -42.98 -16.66
N LEU B 233 -30.80 -41.92 -15.95
CA LEU B 233 -31.65 -40.87 -16.55
C LEU B 233 -30.93 -40.18 -17.71
N TRP B 234 -29.60 -40.02 -17.60
CA TRP B 234 -28.81 -39.38 -18.66
C TRP B 234 -28.84 -40.20 -19.96
N THR B 235 -28.73 -41.55 -19.89
CA THR B 235 -28.73 -42.41 -21.09
C THR B 235 -30.16 -42.55 -21.67
N ARG B 236 -31.20 -42.33 -20.82
CA ARG B 236 -32.60 -42.24 -21.27
C ARG B 236 -32.76 -41.05 -22.24
N ASN B 237 -33.66 -41.18 -23.22
CA ASN B 237 -33.86 -40.16 -24.25
C ASN B 237 -34.76 -39.01 -23.75
N LYS B 238 -34.58 -37.84 -24.37
CA LYS B 238 -35.25 -36.58 -23.99
C LYS B 238 -36.79 -36.69 -24.12
N SER B 239 -37.24 -37.54 -25.06
CA SER B 239 -38.66 -37.78 -25.33
C SER B 239 -39.37 -38.43 -24.12
N GLU B 240 -38.63 -39.30 -23.40
CA GLU B 240 -39.16 -40.01 -22.22
C GLU B 240 -38.98 -39.21 -20.92
N ILE B 241 -37.96 -38.33 -20.88
CA ILE B 241 -37.69 -37.53 -19.67
C ILE B 241 -38.45 -36.18 -19.71
N THR B 242 -39.32 -35.96 -18.71
CA THR B 242 -40.06 -34.69 -18.55
C THR B 242 -39.18 -33.63 -17.83
N ASP B 243 -39.68 -32.37 -17.80
CA ASP B 243 -39.01 -31.23 -17.12
C ASP B 243 -38.71 -31.56 -15.65
N GLU B 244 -39.72 -32.14 -14.98
CA GLU B 244 -39.66 -32.47 -13.53
C GLU B 244 -38.46 -33.38 -13.21
N GLU B 245 -38.29 -34.42 -14.05
CA GLU B 245 -37.23 -35.42 -13.87
C GLU B 245 -35.84 -34.79 -14.01
N TYR B 246 -35.67 -33.85 -14.97
CA TYR B 246 -34.39 -33.11 -15.15
C TYR B 246 -34.06 -32.27 -13.92
N LYS B 247 -35.03 -31.42 -13.52
CA LYS B 247 -34.88 -30.47 -12.40
C LYS B 247 -34.48 -31.18 -11.11
N GLU B 248 -35.14 -32.32 -10.86
CA GLU B 248 -34.98 -33.13 -9.65
C GLU B 248 -33.67 -33.96 -9.71
N PHE B 249 -33.25 -34.33 -10.96
CA PHE B 249 -32.00 -35.09 -11.21
C PHE B 249 -30.76 -34.26 -10.85
N TYR B 250 -30.82 -32.96 -11.22
CA TYR B 250 -29.80 -31.96 -10.86
C TYR B 250 -29.50 -32.00 -9.36
N LYS B 251 -30.57 -32.03 -8.56
CA LYS B 251 -30.49 -31.90 -7.09
C LYS B 251 -29.73 -33.09 -6.45
N HIS B 252 -29.81 -34.27 -7.10
CA HIS B 252 -29.04 -35.46 -6.69
C HIS B 252 -27.54 -35.28 -7.05
N ILE B 253 -27.27 -35.18 -8.37
CA ILE B 253 -25.90 -35.24 -8.93
C ILE B 253 -25.03 -34.04 -8.51
N ALA B 254 -25.69 -32.91 -8.23
CA ALA B 254 -25.01 -31.66 -7.82
C ALA B 254 -24.90 -31.56 -6.29
N HIS B 255 -25.71 -32.39 -5.58
CA HIS B 255 -25.69 -32.50 -4.10
C HIS B 255 -26.20 -31.20 -3.43
N ASP B 256 -27.32 -30.68 -3.95
CA ASP B 256 -28.08 -29.54 -3.37
C ASP B 256 -29.58 -29.72 -3.73
N PHE B 257 -30.39 -28.64 -3.72
CA PHE B 257 -31.82 -28.74 -4.08
C PHE B 257 -32.39 -27.44 -4.67
N ASN B 258 -31.54 -26.69 -5.41
CA ASN B 258 -32.00 -25.56 -6.26
C ASN B 258 -32.72 -26.12 -7.52
N ASP B 259 -33.74 -25.40 -8.01
CA ASP B 259 -34.42 -25.75 -9.28
C ASP B 259 -33.66 -25.08 -10.44
N PRO B 260 -32.98 -25.86 -11.34
CA PRO B 260 -32.07 -25.29 -12.37
C PRO B 260 -32.84 -24.41 -13.39
N LEU B 261 -32.22 -23.26 -13.73
CA LEU B 261 -32.78 -22.28 -14.68
C LEU B 261 -33.07 -22.94 -16.05
N THR B 262 -32.07 -23.69 -16.55
CA THR B 262 -32.18 -24.45 -17.79
C THR B 262 -31.17 -25.62 -17.80
N TRP B 263 -31.27 -26.49 -18.81
CA TRP B 263 -30.42 -27.68 -18.95
C TRP B 263 -30.04 -27.93 -20.43
N SER B 264 -28.94 -28.66 -20.62
CA SER B 264 -28.44 -29.06 -21.94
C SER B 264 -28.23 -30.58 -21.95
N HIS B 265 -29.16 -31.31 -22.59
CA HIS B 265 -29.08 -32.77 -22.70
C HIS B 265 -28.85 -33.14 -24.16
N ASN B 266 -27.64 -33.60 -24.46
CA ASN B 266 -27.24 -34.06 -25.80
C ASN B 266 -26.44 -35.38 -25.64
N ARG B 267 -26.79 -36.41 -26.43
CA ARG B 267 -26.01 -37.66 -26.47
C ARG B 267 -25.25 -37.73 -27.80
N VAL B 268 -23.96 -38.08 -27.70
CA VAL B 268 -23.05 -38.20 -28.85
C VAL B 268 -22.59 -39.66 -28.95
N GLU B 269 -22.38 -40.11 -30.19
CA GLU B 269 -22.06 -41.51 -30.51
C GLU B 269 -20.98 -41.55 -31.63
N GLY B 270 -20.35 -42.73 -31.80
CA GLY B 270 -19.30 -42.93 -32.81
C GLY B 270 -18.11 -43.61 -32.18
N LYS B 271 -16.92 -42.99 -32.26
CA LYS B 271 -15.76 -43.37 -31.44
C LYS B 271 -15.93 -42.68 -30.09
N GLN B 272 -15.97 -41.33 -30.14
CA GLN B 272 -16.19 -40.49 -28.94
C GLN B 272 -17.69 -40.48 -28.60
N GLU B 273 -18.09 -41.54 -27.88
CA GLU B 273 -19.46 -41.70 -27.40
C GLU B 273 -19.54 -41.09 -26.00
N TYR B 274 -20.30 -39.99 -25.85
CA TYR B 274 -20.47 -39.33 -24.56
C TYR B 274 -21.85 -38.68 -24.45
N THR B 275 -22.57 -39.07 -23.39
CA THR B 275 -23.87 -38.51 -23.05
C THR B 275 -23.67 -37.37 -22.03
N SER B 276 -23.94 -36.14 -22.46
CA SER B 276 -23.80 -34.94 -21.62
C SER B 276 -25.17 -34.46 -21.13
N LEU B 277 -25.24 -34.09 -19.85
CA LEU B 277 -26.47 -33.55 -19.23
C LEU B 277 -26.04 -32.50 -18.19
N LEU B 278 -26.08 -31.25 -18.63
CA LEU B 278 -25.58 -30.08 -17.91
C LEU B 278 -26.76 -29.26 -17.37
N TYR B 279 -26.55 -28.51 -16.28
CA TYR B 279 -27.60 -27.64 -15.68
C TYR B 279 -26.99 -26.30 -15.23
N ILE B 280 -27.84 -25.26 -15.13
CA ILE B 280 -27.45 -23.94 -14.58
C ILE B 280 -28.19 -23.71 -13.23
N PRO B 281 -27.45 -23.57 -12.08
CA PRO B 281 -28.06 -23.26 -10.75
C PRO B 281 -28.85 -21.93 -10.73
N SER B 282 -29.78 -21.80 -9.76
CA SER B 282 -30.66 -20.62 -9.60
C SER B 282 -29.87 -19.40 -9.07
N GLN B 283 -28.85 -19.69 -8.24
CA GLN B 283 -28.09 -18.68 -7.50
C GLN B 283 -26.59 -18.99 -7.60
N ALA B 284 -25.76 -17.95 -7.44
CA ALA B 284 -24.29 -18.10 -7.38
C ALA B 284 -23.90 -18.92 -6.15
N PRO B 285 -23.21 -20.09 -6.33
CA PRO B 285 -22.71 -20.88 -5.18
C PRO B 285 -21.52 -20.18 -4.51
N TRP B 286 -21.43 -20.35 -3.18
CA TRP B 286 -20.40 -19.73 -2.32
C TRP B 286 -18.95 -20.10 -2.77
N ASP B 287 -18.81 -21.28 -3.43
CA ASP B 287 -17.49 -21.89 -3.79
C ASP B 287 -16.78 -21.16 -4.93
N MET B 288 -17.51 -20.23 -5.58
CA MET B 288 -17.09 -19.56 -6.80
C MET B 288 -15.72 -18.86 -6.64
N TRP B 289 -15.44 -18.39 -5.41
CA TRP B 289 -14.19 -17.68 -5.10
C TRP B 289 -13.58 -18.29 -3.80
N ASN B 290 -13.99 -19.53 -3.48
CA ASN B 290 -13.66 -20.22 -2.21
C ASN B 290 -12.79 -21.47 -2.48
N ARG B 291 -12.19 -22.02 -1.42
CA ARG B 291 -11.17 -23.10 -1.50
C ARG B 291 -11.80 -24.48 -1.78
N ASP B 292 -13.11 -24.64 -1.55
CA ASP B 292 -13.82 -25.91 -1.83
C ASP B 292 -14.51 -25.83 -3.19
N HIS B 293 -14.83 -27.01 -3.73
CA HIS B 293 -15.48 -27.18 -5.03
C HIS B 293 -16.99 -27.46 -4.86
N LYS B 294 -17.79 -26.91 -5.76
CA LYS B 294 -19.22 -27.23 -5.93
C LYS B 294 -19.47 -27.34 -7.43
N HIS B 295 -18.81 -26.44 -8.18
CA HIS B 295 -18.75 -26.45 -9.65
C HIS B 295 -18.12 -27.73 -10.22
N GLY B 296 -18.45 -28.04 -11.48
CA GLY B 296 -17.89 -29.19 -12.19
C GLY B 296 -18.93 -30.27 -12.45
N LEU B 297 -18.50 -31.39 -13.05
CA LEU B 297 -19.39 -32.47 -13.52
C LEU B 297 -19.01 -33.81 -12.87
N LYS B 298 -20.00 -34.69 -12.63
CA LYS B 298 -19.71 -36.08 -12.23
C LYS B 298 -19.17 -36.82 -13.47
N LEU B 299 -17.87 -37.15 -13.45
CA LEU B 299 -17.25 -37.95 -14.50
C LEU B 299 -17.69 -39.41 -14.36
N TYR B 300 -18.48 -39.85 -15.33
CA TYR B 300 -18.82 -41.26 -15.54
C TYR B 300 -18.08 -41.76 -16.78
N VAL B 301 -17.61 -43.00 -16.74
CA VAL B 301 -17.11 -43.74 -17.89
C VAL B 301 -17.85 -45.07 -17.96
N GLN B 302 -18.70 -45.24 -19.00
CA GLN B 302 -19.42 -46.51 -19.30
C GLN B 302 -20.47 -46.81 -18.19
N ARG B 303 -21.20 -45.74 -17.80
CA ARG B 303 -22.24 -45.73 -16.73
C ARG B 303 -21.63 -46.03 -15.32
N VAL B 304 -20.29 -46.07 -15.24
CA VAL B 304 -19.53 -46.33 -14.00
C VAL B 304 -18.99 -44.98 -13.49
N PHE B 305 -19.23 -44.68 -12.20
CA PHE B 305 -18.70 -43.46 -11.56
C PHE B 305 -17.16 -43.49 -11.53
N ILE B 306 -16.53 -42.32 -11.73
CA ILE B 306 -15.08 -42.16 -11.61
C ILE B 306 -14.77 -41.10 -10.54
N MET B 307 -15.12 -39.84 -10.82
CA MET B 307 -14.81 -38.67 -9.94
C MET B 307 -15.94 -37.64 -10.01
N ASP B 308 -15.98 -36.73 -9.03
CA ASP B 308 -17.05 -35.72 -8.87
C ASP B 308 -16.43 -34.31 -8.98
N ASP B 309 -17.29 -33.29 -9.25
CA ASP B 309 -16.89 -31.85 -9.31
C ASP B 309 -15.74 -31.59 -10.34
N ALA B 310 -15.71 -32.39 -11.43
CA ALA B 310 -14.65 -32.33 -12.46
C ALA B 310 -14.78 -31.08 -13.36
N GLU B 311 -13.91 -30.08 -13.09
CA GLU B 311 -13.80 -28.83 -13.88
C GLU B 311 -13.02 -29.05 -15.21
N GLN B 312 -12.39 -30.22 -15.34
CA GLN B 312 -11.60 -30.58 -16.55
C GLN B 312 -12.46 -30.70 -17.82
N PHE B 313 -13.79 -30.73 -17.63
CA PHE B 313 -14.77 -30.85 -18.72
C PHE B 313 -15.55 -29.53 -18.95
N MET B 314 -15.23 -28.48 -18.15
CA MET B 314 -15.91 -27.18 -18.28
C MET B 314 -14.91 -26.02 -18.06
N PRO B 315 -14.81 -25.00 -19.00
CA PRO B 315 -13.93 -23.82 -18.83
C PRO B 315 -14.39 -22.93 -17.66
N ASN B 316 -13.48 -22.06 -17.18
CA ASN B 316 -13.65 -21.36 -15.90
C ASN B 316 -14.75 -20.29 -15.97
N TYR B 317 -15.03 -19.72 -17.17
CA TYR B 317 -16.13 -18.74 -17.35
C TYR B 317 -17.49 -19.43 -17.34
N LEU B 318 -17.49 -20.75 -17.63
CA LEU B 318 -18.69 -21.59 -17.58
C LEU B 318 -18.71 -22.46 -16.31
N ARG B 319 -17.92 -22.08 -15.27
CA ARG B 319 -17.80 -22.87 -14.01
C ARG B 319 -19.16 -23.01 -13.29
N PHE B 320 -20.14 -22.15 -13.65
CA PHE B 320 -21.50 -22.21 -13.09
C PHE B 320 -22.19 -23.56 -13.38
N VAL B 321 -21.86 -24.16 -14.55
CA VAL B 321 -22.45 -25.43 -15.00
C VAL B 321 -22.18 -26.55 -13.97
N ARG B 322 -23.27 -27.14 -13.46
CA ARG B 322 -23.22 -28.31 -12.58
C ARG B 322 -24.11 -29.40 -13.19
N GLY B 323 -23.58 -30.62 -13.23
CA GLY B 323 -24.28 -31.76 -13.80
C GLY B 323 -23.38 -32.96 -13.86
N LEU B 324 -23.33 -33.63 -15.03
CA LEU B 324 -22.48 -34.82 -15.25
C LEU B 324 -22.19 -35.00 -16.75
N ILE B 325 -21.18 -35.84 -17.03
CA ILE B 325 -20.81 -36.22 -18.39
C ILE B 325 -20.28 -37.68 -18.34
N ASP B 326 -20.87 -38.52 -19.19
CA ASP B 326 -20.60 -39.97 -19.24
C ASP B 326 -19.99 -40.32 -20.58
N SER B 327 -18.87 -41.09 -20.60
CA SER B 327 -18.15 -41.44 -21.83
C SER B 327 -17.88 -42.96 -21.94
N SER B 328 -18.22 -43.56 -23.08
CA SER B 328 -17.82 -44.95 -23.41
C SER B 328 -16.38 -44.98 -23.95
N ASP B 329 -15.90 -43.82 -24.40
CA ASP B 329 -14.63 -43.69 -25.17
C ASP B 329 -13.40 -43.56 -24.25
N LEU B 330 -13.60 -43.00 -23.05
CA LEU B 330 -12.53 -42.80 -22.05
C LEU B 330 -12.22 -44.14 -21.32
N PRO B 331 -10.98 -44.29 -20.72
CA PRO B 331 -10.64 -45.45 -19.85
C PRO B 331 -11.38 -45.43 -18.49
N LEU B 332 -11.58 -46.62 -17.89
CA LEU B 332 -12.12 -46.76 -16.52
C LEU B 332 -11.08 -46.23 -15.49
N ASN B 333 -9.79 -46.39 -15.84
CA ASN B 333 -8.65 -45.95 -15.01
C ASN B 333 -8.29 -44.48 -15.25
N VAL B 334 -9.23 -43.71 -15.85
CA VAL B 334 -9.03 -42.27 -16.09
C VAL B 334 -8.99 -41.51 -14.72
N SER B 335 -8.04 -40.58 -14.60
CA SER B 335 -7.79 -39.82 -13.37
C SER B 335 -7.43 -38.36 -13.68
N ARG B 336 -7.31 -37.54 -12.62
CA ARG B 336 -7.17 -36.08 -12.70
C ARG B 336 -5.97 -35.63 -13.58
N GLU B 337 -4.82 -36.29 -13.41
CA GLU B 337 -3.59 -35.97 -14.17
C GLU B 337 -3.76 -36.34 -15.65
N ILE B 338 -4.50 -37.42 -15.92
CA ILE B 338 -4.83 -37.85 -17.30
C ILE B 338 -5.75 -36.81 -17.98
N LEU B 339 -6.68 -36.25 -17.18
CA LEU B 339 -7.63 -35.24 -17.64
C LEU B 339 -6.92 -33.91 -18.00
N GLN B 340 -6.04 -33.48 -17.09
CA GLN B 340 -5.32 -32.19 -17.21
C GLN B 340 -4.26 -32.26 -18.33
N ASP B 341 -3.58 -33.41 -18.44
CA ASP B 341 -2.48 -33.62 -19.40
C ASP B 341 -3.00 -33.80 -20.84
N SER B 342 -3.85 -34.82 -21.05
CA SER B 342 -4.22 -35.28 -22.39
C SER B 342 -5.21 -34.31 -23.08
N THR B 343 -5.00 -34.15 -24.39
CA THR B 343 -5.80 -33.29 -25.26
C THR B 343 -7.23 -33.82 -25.43
N VAL B 344 -7.40 -35.17 -25.27
CA VAL B 344 -8.70 -35.86 -25.47
C VAL B 344 -9.79 -35.26 -24.53
N THR B 345 -9.40 -34.95 -23.28
CA THR B 345 -10.30 -34.39 -22.25
C THR B 345 -10.68 -32.94 -22.58
N ARG B 346 -9.77 -32.23 -23.26
CA ARG B 346 -10.00 -30.83 -23.67
C ARG B 346 -10.83 -30.79 -24.97
N ASN B 347 -10.85 -31.91 -25.70
CA ASN B 347 -11.74 -32.13 -26.86
C ASN B 347 -13.19 -32.33 -26.33
N LEU B 348 -13.30 -33.15 -25.25
CA LEU B 348 -14.57 -33.34 -24.51
C LEU B 348 -15.09 -32.00 -23.98
N ARG B 349 -14.18 -31.25 -23.33
CA ARG B 349 -14.48 -29.92 -22.73
C ARG B 349 -14.93 -28.91 -23.79
N ASN B 350 -14.20 -28.86 -24.92
CA ASN B 350 -14.48 -27.95 -26.05
C ASN B 350 -15.88 -28.25 -26.63
N ALA B 351 -16.20 -29.54 -26.71
CA ALA B 351 -17.48 -30.02 -27.24
C ALA B 351 -18.66 -29.65 -26.33
N LEU B 352 -18.48 -29.81 -25.01
CA LEU B 352 -19.53 -29.51 -23.99
C LEU B 352 -19.87 -28.01 -23.99
N THR B 353 -18.81 -27.20 -24.05
CA THR B 353 -18.86 -25.72 -24.08
C THR B 353 -19.72 -25.22 -25.25
N LYS B 354 -19.67 -25.95 -26.38
CA LYS B 354 -20.42 -25.60 -27.60
C LYS B 354 -21.95 -25.68 -27.34
N ARG B 355 -22.36 -26.74 -26.60
CA ARG B 355 -23.77 -26.95 -26.20
C ARG B 355 -24.21 -25.86 -25.19
N VAL B 356 -23.27 -25.45 -24.31
CA VAL B 356 -23.53 -24.39 -23.31
C VAL B 356 -23.67 -23.02 -24.01
N LEU B 357 -22.86 -22.80 -25.07
CA LEU B 357 -22.84 -21.54 -25.85
C LEU B 357 -24.21 -21.32 -26.51
N GLN B 358 -24.74 -22.40 -27.10
CA GLN B 358 -26.09 -22.41 -27.72
C GLN B 358 -27.19 -22.29 -26.65
N MET B 359 -26.96 -22.92 -25.47
CA MET B 359 -27.93 -22.93 -24.35
C MET B 359 -28.07 -21.52 -23.71
N LEU B 360 -26.96 -20.78 -23.64
CA LEU B 360 -26.92 -19.43 -23.06
C LEU B 360 -27.59 -18.43 -24.01
N GLU B 361 -27.37 -18.62 -25.31
CA GLU B 361 -27.97 -17.77 -26.35
C GLU B 361 -29.50 -17.95 -26.39
N LYS B 362 -29.96 -19.22 -26.28
CA LYS B 362 -31.39 -19.55 -26.16
C LYS B 362 -31.99 -18.86 -24.92
N LEU B 363 -31.36 -19.11 -23.75
CA LEU B 363 -31.82 -18.59 -22.44
C LEU B 363 -31.93 -17.05 -22.48
N ALA B 364 -30.97 -16.41 -23.18
CA ALA B 364 -30.85 -14.92 -23.30
C ALA B 364 -32.11 -14.25 -23.87
N LYS B 365 -32.79 -14.95 -24.79
CA LYS B 365 -33.94 -14.39 -25.54
C LYS B 365 -35.25 -15.10 -25.17
N ASP B 366 -35.22 -16.43 -25.21
CA ASP B 366 -36.40 -17.29 -24.96
C ASP B 366 -36.89 -17.19 -23.52
N ASP B 367 -35.94 -17.10 -22.55
CA ASP B 367 -36.28 -17.00 -21.11
C ASP B 367 -35.39 -15.92 -20.47
N ALA B 368 -35.66 -14.68 -20.88
CA ALA B 368 -34.80 -13.51 -20.60
C ALA B 368 -34.62 -13.22 -19.09
N GLU B 369 -35.61 -13.63 -18.27
CA GLU B 369 -35.60 -13.35 -16.81
C GLU B 369 -34.58 -14.25 -16.09
N LYS B 370 -34.54 -15.54 -16.44
CA LYS B 370 -33.57 -16.49 -15.85
C LYS B 370 -32.14 -16.15 -16.27
N TYR B 371 -31.97 -15.62 -17.52
CA TYR B 371 -30.65 -15.20 -18.01
C TYR B 371 -30.21 -13.87 -17.35
N GLN B 372 -31.20 -13.03 -17.01
CA GLN B 372 -30.95 -11.75 -16.32
C GLN B 372 -30.43 -12.04 -14.90
N THR B 373 -31.14 -12.95 -14.20
CA THR B 373 -30.76 -13.43 -12.86
C THR B 373 -29.40 -14.16 -12.92
N PHE B 374 -29.22 -14.96 -13.98
CA PHE B 374 -27.96 -15.68 -14.29
C PHE B 374 -26.77 -14.70 -14.30
N TRP B 375 -26.91 -13.57 -15.02
CA TRP B 375 -25.83 -12.58 -15.15
C TRP B 375 -25.57 -11.87 -13.81
N GLN B 376 -26.62 -11.67 -13.01
CA GLN B 376 -26.53 -11.02 -11.68
C GLN B 376 -25.97 -11.96 -10.61
N GLN B 377 -25.76 -13.25 -10.97
CA GLN B 377 -25.16 -14.26 -10.07
C GLN B 377 -23.76 -14.71 -10.57
N PHE B 378 -23.62 -14.88 -11.89
CA PHE B 378 -22.48 -15.58 -12.52
C PHE B 378 -21.71 -14.65 -13.49
N GLY B 379 -22.13 -13.36 -13.52
CA GLY B 379 -21.62 -12.39 -14.50
C GLY B 379 -20.12 -12.18 -14.45
N LEU B 380 -19.58 -11.93 -13.24
CA LEU B 380 -18.14 -11.65 -13.01
C LEU B 380 -17.24 -12.80 -13.52
N VAL B 381 -17.79 -14.01 -13.51
CA VAL B 381 -17.13 -15.23 -13.99
C VAL B 381 -17.18 -15.31 -15.52
N LEU B 382 -18.39 -15.08 -16.09
CA LEU B 382 -18.63 -15.12 -17.56
C LEU B 382 -17.77 -14.04 -18.27
N LYS B 383 -17.41 -12.97 -17.51
CA LYS B 383 -16.58 -11.85 -18.01
C LYS B 383 -15.16 -12.29 -18.40
N GLU B 384 -14.63 -13.39 -17.78
CA GLU B 384 -13.27 -13.89 -18.12
C GLU B 384 -13.24 -14.60 -19.51
N GLY B 385 -14.45 -14.89 -20.05
CA GLY B 385 -14.63 -15.57 -21.33
C GLY B 385 -13.84 -15.01 -22.52
N PRO B 386 -13.96 -13.70 -22.90
CA PRO B 386 -13.24 -13.11 -24.07
C PRO B 386 -11.68 -13.22 -23.99
N ALA B 387 -11.15 -13.60 -22.81
CA ALA B 387 -9.70 -13.84 -22.64
C ALA B 387 -9.35 -15.32 -22.78
N GLU B 388 -10.23 -16.20 -22.27
CA GLU B 388 -10.01 -17.66 -22.37
C GLU B 388 -10.18 -18.08 -23.83
N ASP B 389 -11.21 -17.53 -24.47
CA ASP B 389 -11.48 -17.69 -25.90
C ASP B 389 -11.47 -16.32 -26.60
N PHE B 390 -10.36 -16.04 -27.31
CA PHE B 390 -10.19 -14.85 -28.17
C PHE B 390 -10.78 -15.11 -29.58
N ALA B 391 -10.72 -16.38 -30.06
CA ALA B 391 -11.07 -16.74 -31.46
C ALA B 391 -12.55 -16.43 -31.76
N ASN B 392 -13.40 -16.91 -30.86
CA ASN B 392 -14.88 -16.78 -30.92
C ASN B 392 -15.33 -15.75 -29.84
N GLN B 393 -14.46 -14.71 -29.64
CA GLN B 393 -14.66 -13.64 -28.61
C GLN B 393 -16.00 -12.90 -28.78
N GLU B 394 -16.46 -12.77 -30.05
CA GLU B 394 -17.65 -11.99 -30.43
C GLU B 394 -18.97 -12.73 -30.05
N ALA B 395 -18.92 -14.08 -30.04
CA ALA B 395 -20.06 -14.91 -29.59
C ALA B 395 -20.22 -14.79 -28.07
N ILE B 396 -19.07 -14.68 -27.36
CA ILE B 396 -19.07 -14.45 -25.90
C ILE B 396 -19.49 -12.99 -25.61
N ALA B 397 -19.07 -12.07 -26.49
CA ALA B 397 -19.41 -10.63 -26.42
C ALA B 397 -20.92 -10.40 -26.55
N LYS B 398 -21.55 -11.27 -27.34
CA LYS B 398 -23.00 -11.31 -27.54
C LYS B 398 -23.73 -11.77 -26.24
N LEU B 399 -23.06 -12.63 -25.46
CA LEU B 399 -23.58 -13.15 -24.16
C LEU B 399 -23.46 -12.08 -23.04
N LEU B 400 -22.35 -11.29 -23.09
CA LEU B 400 -21.99 -10.30 -22.06
C LEU B 400 -23.07 -9.17 -21.96
N ARG B 401 -23.57 -8.93 -20.73
CA ARG B 401 -24.66 -7.95 -20.44
C ARG B 401 -24.06 -6.77 -19.64
N PHE B 402 -24.49 -5.53 -19.93
CA PHE B 402 -23.94 -4.30 -19.31
C PHE B 402 -25.05 -3.30 -19.02
N ALA B 403 -24.69 -2.19 -18.38
CA ALA B 403 -25.58 -1.02 -18.26
C ALA B 403 -25.25 -0.04 -19.39
N SER B 404 -26.16 0.91 -19.64
CA SER B 404 -25.98 1.97 -20.64
C SER B 404 -26.80 3.19 -20.26
N THR B 405 -26.59 4.29 -21.01
CA THR B 405 -27.36 5.53 -20.85
C THR B 405 -28.81 5.39 -21.42
N HIS B 406 -29.19 4.16 -21.85
CA HIS B 406 -30.58 3.82 -22.21
C HIS B 406 -31.51 4.04 -21.01
N THR B 407 -31.04 3.59 -19.83
CA THR B 407 -31.82 3.56 -18.59
C THR B 407 -30.92 4.04 -17.43
N ASP B 408 -31.47 4.90 -16.55
CA ASP B 408 -30.76 5.44 -15.37
C ASP B 408 -30.89 4.51 -14.15
N SER B 409 -31.22 3.22 -14.40
CA SER B 409 -31.26 2.18 -13.35
C SER B 409 -30.00 1.30 -13.45
N SER B 410 -29.65 0.63 -12.33
CA SER B 410 -28.46 -0.25 -12.22
C SER B 410 -28.69 -1.62 -12.94
N ALA B 411 -29.85 -1.78 -13.61
CA ALA B 411 -30.22 -3.01 -14.33
C ALA B 411 -29.36 -3.22 -15.60
N GLN B 412 -28.56 -4.30 -15.61
CA GLN B 412 -27.69 -4.67 -16.75
C GLN B 412 -28.52 -5.42 -17.81
N THR B 413 -29.40 -4.67 -18.49
CA THR B 413 -30.38 -5.23 -19.44
C THR B 413 -29.83 -5.20 -20.88
N VAL B 414 -29.18 -4.08 -21.23
CA VAL B 414 -28.58 -3.85 -22.57
C VAL B 414 -27.22 -4.57 -22.67
N SER B 415 -27.07 -5.43 -23.67
CA SER B 415 -25.80 -6.11 -23.99
C SER B 415 -25.11 -5.40 -25.16
N LEU B 416 -23.97 -5.96 -25.60
CA LEU B 416 -23.31 -5.54 -26.86
C LEU B 416 -24.22 -5.90 -28.04
N GLU B 417 -24.82 -7.09 -27.91
CA GLU B 417 -25.86 -7.63 -28.80
C GLU B 417 -27.05 -6.65 -28.95
N ASP B 418 -27.63 -6.23 -27.80
CA ASP B 418 -28.83 -5.37 -27.77
C ASP B 418 -28.50 -3.97 -28.29
N TYR B 419 -27.28 -3.50 -27.96
CA TYR B 419 -26.77 -2.20 -28.41
C TYR B 419 -26.78 -2.13 -29.94
N VAL B 420 -26.15 -3.15 -30.58
CA VAL B 420 -26.04 -3.23 -32.05
C VAL B 420 -27.45 -3.33 -32.70
N SER B 421 -28.35 -4.06 -32.03
CA SER B 421 -29.75 -4.19 -32.48
C SER B 421 -30.51 -2.84 -32.40
N ARG B 422 -30.09 -1.93 -31.49
CA ARG B 422 -30.75 -0.61 -31.31
C ARG B 422 -29.95 0.59 -31.93
N MET B 423 -28.71 0.34 -32.45
CA MET B 423 -27.82 1.44 -32.99
C MET B 423 -28.53 2.29 -34.06
N LYS B 424 -28.53 3.63 -33.86
CA LYS B 424 -29.18 4.60 -34.76
C LYS B 424 -28.22 5.08 -35.88
N GLU B 425 -28.71 6.06 -36.64
CA GLU B 425 -27.93 6.78 -37.67
C GLU B 425 -26.64 7.39 -37.06
N GLY B 426 -25.53 7.26 -37.81
CA GLY B 426 -24.24 7.80 -37.38
C GLY B 426 -23.52 6.93 -36.36
N GLN B 427 -24.21 5.92 -35.81
CA GLN B 427 -23.62 4.93 -34.92
C GLN B 427 -23.05 3.78 -35.75
N GLU B 428 -21.78 3.89 -36.11
CA GLU B 428 -21.01 2.78 -36.69
C GLU B 428 -19.94 2.32 -35.68
N LYS B 429 -19.72 3.16 -34.65
CA LYS B 429 -18.65 2.97 -33.67
C LYS B 429 -19.28 2.94 -32.26
N ILE B 430 -18.92 1.93 -31.46
CA ILE B 430 -19.50 1.73 -30.12
C ILE B 430 -18.59 2.37 -29.05
N TYR B 431 -19.16 3.29 -28.24
CA TYR B 431 -18.42 4.06 -27.23
C TYR B 431 -18.67 3.47 -25.82
N TYR B 432 -17.58 3.24 -25.04
CA TYR B 432 -17.65 2.61 -23.70
C TYR B 432 -16.98 3.50 -22.64
N ILE B 433 -17.57 3.57 -21.43
CA ILE B 433 -16.99 4.33 -20.31
C ILE B 433 -17.11 3.53 -18.98
N THR B 434 -15.97 3.36 -18.30
CA THR B 434 -15.91 2.83 -16.92
C THR B 434 -15.80 3.99 -15.92
N ALA B 435 -16.45 3.81 -14.76
CA ALA B 435 -16.32 4.69 -13.59
C ALA B 435 -16.15 3.83 -12.33
N ASP B 436 -15.70 4.47 -11.23
CA ASP B 436 -15.45 3.82 -9.92
C ASP B 436 -16.73 3.15 -9.37
N SER B 437 -17.90 3.72 -9.71
CA SER B 437 -19.23 3.21 -9.34
C SER B 437 -20.26 3.64 -10.40
N TYR B 438 -21.42 2.96 -10.42
CA TYR B 438 -22.53 3.32 -11.33
C TYR B 438 -23.08 4.71 -10.96
N ALA B 439 -23.14 5.00 -9.64
CA ALA B 439 -23.57 6.31 -9.10
C ALA B 439 -22.67 7.45 -9.61
N ALA B 440 -21.35 7.14 -9.75
CA ALA B 440 -20.35 8.08 -10.29
C ALA B 440 -20.65 8.40 -11.76
N ALA B 441 -20.76 7.32 -12.59
CA ALA B 441 -21.03 7.42 -14.05
C ALA B 441 -22.35 8.15 -14.33
N LYS B 442 -23.37 7.80 -13.54
CA LYS B 442 -24.74 8.30 -13.69
C LYS B 442 -24.84 9.81 -13.37
N SER B 443 -24.00 10.27 -12.41
CA SER B 443 -23.95 11.69 -11.99
C SER B 443 -22.76 12.43 -12.63
N SER B 444 -22.01 11.73 -13.51
CA SER B 444 -20.79 12.27 -14.14
C SER B 444 -21.19 13.38 -15.13
N PRO B 445 -20.74 14.65 -14.89
CA PRO B 445 -21.16 15.84 -15.68
C PRO B 445 -20.73 15.76 -17.16
N HIS B 446 -19.72 14.91 -17.45
CA HIS B 446 -19.25 14.64 -18.83
C HIS B 446 -20.44 14.25 -19.71
N LEU B 447 -21.19 13.25 -19.22
CA LEU B 447 -22.31 12.64 -19.94
C LEU B 447 -23.37 13.68 -20.37
N GLU B 448 -23.50 14.82 -19.65
CA GLU B 448 -24.62 15.78 -19.90
C GLU B 448 -24.59 16.37 -21.33
N LEU B 449 -23.37 16.50 -21.90
CA LEU B 449 -23.16 16.99 -23.30
C LEU B 449 -23.70 15.94 -24.30
N LEU B 450 -23.51 14.68 -23.93
CA LEU B 450 -23.85 13.50 -24.72
C LEU B 450 -25.38 13.30 -24.71
N ARG B 451 -25.92 13.27 -23.49
CA ARG B 451 -27.34 13.07 -23.16
C ARG B 451 -28.25 14.11 -23.83
N LYS B 452 -27.67 15.30 -24.12
CA LYS B 452 -28.34 16.32 -24.95
C LYS B 452 -28.58 15.80 -26.38
N LYS B 453 -27.49 15.26 -26.98
CA LYS B 453 -27.45 14.88 -28.42
C LYS B 453 -28.33 13.65 -28.75
N GLY B 454 -28.61 12.81 -27.73
CA GLY B 454 -29.62 11.74 -27.90
C GLY B 454 -29.13 10.53 -28.67
N ILE B 455 -27.91 10.08 -28.34
CA ILE B 455 -27.30 8.84 -28.90
C ILE B 455 -27.16 7.85 -27.71
N GLU B 456 -26.36 6.75 -27.74
CA GLU B 456 -26.16 5.89 -26.54
C GLU B 456 -24.67 5.59 -26.30
N VAL B 457 -24.23 5.71 -25.03
CA VAL B 457 -22.90 5.24 -24.55
C VAL B 457 -23.14 4.15 -23.50
N LEU B 458 -22.32 3.08 -23.54
CA LEU B 458 -22.41 1.95 -22.61
C LEU B 458 -21.68 2.30 -21.27
N LEU B 459 -22.39 2.12 -20.15
CA LEU B 459 -21.88 2.39 -18.79
C LEU B 459 -21.37 1.07 -18.15
N LEU B 460 -20.06 0.81 -18.31
CA LEU B 460 -19.40 -0.39 -17.74
C LEU B 460 -18.73 0.00 -16.41
N SER B 461 -19.50 0.06 -15.32
CA SER B 461 -19.05 0.64 -14.05
C SER B 461 -18.44 -0.40 -13.09
N ASP B 462 -18.15 -1.61 -13.62
CA ASP B 462 -17.54 -2.72 -12.85
C ASP B 462 -16.02 -2.73 -13.04
N ARG B 463 -15.31 -3.35 -12.07
CA ARG B 463 -13.84 -3.29 -11.91
C ARG B 463 -13.08 -3.87 -13.14
N ILE B 464 -13.55 -4.99 -13.71
CA ILE B 464 -12.77 -5.80 -14.68
C ILE B 464 -13.13 -5.45 -16.15
N ASP B 465 -14.09 -4.52 -16.35
CA ASP B 465 -14.54 -4.13 -17.71
C ASP B 465 -13.43 -3.40 -18.52
N GLU B 466 -12.54 -2.68 -17.81
CA GLU B 466 -11.32 -2.08 -18.41
C GLU B 466 -10.40 -3.16 -19.01
N TRP B 467 -10.39 -4.34 -18.36
CA TRP B 467 -9.63 -5.52 -18.77
C TRP B 467 -10.29 -6.14 -20.01
N MET B 468 -11.64 -6.25 -19.97
CA MET B 468 -12.44 -6.92 -21.02
C MET B 468 -12.26 -6.26 -22.40
N MET B 469 -12.24 -4.92 -22.39
CA MET B 469 -12.13 -4.08 -23.59
C MET B 469 -10.74 -4.11 -24.27
N ASN B 470 -9.78 -4.83 -23.66
CA ASN B 470 -8.39 -4.89 -24.14
C ASN B 470 -8.24 -5.95 -25.26
N TYR B 471 -9.00 -7.06 -25.17
CA TYR B 471 -9.06 -8.09 -26.25
C TYR B 471 -10.26 -7.82 -27.17
N LEU B 472 -11.41 -7.42 -26.57
CA LEU B 472 -12.62 -7.08 -27.33
C LEU B 472 -12.40 -5.77 -28.12
N THR B 473 -11.86 -5.94 -29.32
CA THR B 473 -11.58 -4.85 -30.27
C THR B 473 -12.86 -4.36 -30.96
N GLU B 474 -13.69 -5.31 -31.44
CA GLU B 474 -14.95 -5.01 -32.14
C GLU B 474 -15.96 -6.17 -32.00
N PHE B 475 -17.21 -5.90 -32.39
CA PHE B 475 -18.30 -6.90 -32.42
C PHE B 475 -19.32 -6.49 -33.51
N ASP B 476 -19.70 -7.47 -34.36
CA ASP B 476 -20.74 -7.34 -35.41
C ASP B 476 -20.28 -6.38 -36.53
N GLY B 477 -18.95 -6.20 -36.65
CA GLY B 477 -18.36 -5.30 -37.63
C GLY B 477 -18.10 -3.90 -37.07
N LYS B 478 -18.68 -3.60 -35.89
CA LYS B 478 -18.65 -2.26 -35.29
C LYS B 478 -17.40 -2.13 -34.39
N PRO B 479 -16.41 -1.27 -34.77
CA PRO B 479 -15.21 -1.05 -33.92
C PRO B 479 -15.57 -0.27 -32.65
N PHE B 480 -14.99 -0.73 -31.53
CA PHE B 480 -15.17 -0.10 -30.23
C PHE B 480 -14.23 1.12 -30.11
N GLN B 481 -14.55 2.09 -29.22
CA GLN B 481 -13.70 3.27 -28.99
C GLN B 481 -13.62 3.53 -27.47
N SER B 482 -12.49 3.09 -26.89
CA SER B 482 -12.06 3.43 -25.52
C SER B 482 -11.19 4.72 -25.55
N VAL B 483 -10.96 5.36 -24.38
CA VAL B 483 -9.98 6.48 -24.25
C VAL B 483 -8.54 5.94 -24.50
N SER B 484 -8.36 4.64 -24.23
CA SER B 484 -7.09 3.93 -24.40
C SER B 484 -6.82 3.55 -25.88
N LYS B 485 -7.84 3.71 -26.73
CA LYS B 485 -7.70 3.59 -28.19
C LYS B 485 -7.53 5.02 -28.76
N VAL B 486 -7.20 5.14 -30.05
CA VAL B 486 -6.97 6.45 -30.70
C VAL B 486 -8.26 6.89 -31.42
N ASP B 487 -8.40 8.21 -31.61
CA ASP B 487 -9.56 8.84 -32.30
C ASP B 487 -9.17 10.26 -32.76
N GLU B 488 -9.89 10.82 -33.74
CA GLU B 488 -9.50 12.10 -34.41
C GLU B 488 -10.24 13.32 -33.83
N SER B 489 -11.38 13.10 -33.15
CA SER B 489 -12.37 14.15 -32.80
C SER B 489 -11.76 15.35 -32.04
N LEU B 490 -11.05 15.09 -30.92
CA LEU B 490 -10.42 16.16 -30.11
C LEU B 490 -8.89 16.18 -30.33
N GLU B 491 -8.28 15.00 -30.55
CA GLU B 491 -6.80 14.85 -30.56
C GLU B 491 -6.15 15.46 -31.82
N LYS B 492 -6.89 15.52 -32.93
CA LYS B 492 -6.44 16.21 -34.17
C LYS B 492 -6.86 17.69 -34.14
N LEU B 493 -7.79 18.01 -33.24
CA LEU B 493 -8.29 19.38 -33.04
C LEU B 493 -7.62 19.99 -31.79
N ALA B 494 -6.42 19.45 -31.48
CA ALA B 494 -5.56 19.93 -30.38
C ALA B 494 -4.87 21.26 -30.74
N ASP B 495 -5.01 21.70 -32.01
CA ASP B 495 -4.60 23.05 -32.46
C ASP B 495 -5.84 23.92 -32.78
N GLU B 496 -7.05 23.30 -32.81
CA GLU B 496 -8.32 24.03 -33.01
C GLU B 496 -8.81 24.54 -31.64
N VAL B 497 -7.97 25.35 -31.01
CA VAL B 497 -8.08 25.71 -29.59
C VAL B 497 -8.54 27.16 -29.41
N ASP B 498 -9.72 27.45 -30.01
CA ASP B 498 -10.35 28.78 -30.04
C ASP B 498 -9.46 29.76 -30.83
N GLU B 499 -8.46 30.36 -30.14
CA GLU B 499 -7.48 31.27 -30.74
C GLU B 499 -6.36 31.57 -29.71
N SER B 500 -6.06 30.58 -28.86
CA SER B 500 -4.94 30.66 -27.90
C SER B 500 -3.61 30.46 -28.66
N ALA B 501 -3.10 31.55 -29.23
CA ALA B 501 -1.95 31.54 -30.16
C ALA B 501 -0.65 31.91 -29.43
N LYS B 502 0.36 32.33 -30.22
CA LYS B 502 1.72 32.63 -29.71
C LYS B 502 1.71 33.68 -28.58
N GLU B 503 0.84 34.70 -28.72
CA GLU B 503 0.76 35.80 -27.73
C GLU B 503 0.30 35.29 -26.34
N ALA B 504 -0.44 34.17 -26.33
CA ALA B 504 -0.77 33.43 -25.11
C ALA B 504 0.50 32.76 -24.56
N GLU B 505 1.20 31.99 -25.44
CA GLU B 505 2.40 31.18 -25.09
C GLU B 505 3.52 32.03 -24.45
N LYS B 506 3.60 33.28 -24.92
CA LYS B 506 4.60 34.27 -24.47
C LYS B 506 4.30 34.79 -23.05
N ALA B 507 3.01 34.69 -22.65
CA ALA B 507 2.56 35.00 -21.28
C ALA B 507 2.58 33.73 -20.39
N LEU B 508 2.50 32.54 -21.03
CA LEU B 508 2.40 31.24 -20.34
C LEU B 508 3.76 30.75 -19.83
N THR B 509 4.84 31.00 -20.58
CA THR B 509 6.19 30.59 -20.18
C THR B 509 6.66 31.29 -18.87
N PRO B 510 6.52 32.66 -18.69
CA PRO B 510 6.76 33.32 -17.37
C PRO B 510 5.81 32.81 -16.27
N PHE B 511 4.59 32.42 -16.68
CA PHE B 511 3.58 31.87 -15.75
C PHE B 511 4.06 30.51 -15.20
N ILE B 512 4.65 29.63 -16.07
CA ILE B 512 5.19 28.31 -15.65
C ILE B 512 6.32 28.52 -14.61
N ASP B 513 7.20 29.48 -14.93
CA ASP B 513 8.36 29.86 -14.10
C ASP B 513 7.92 30.26 -12.68
N ARG B 514 6.92 31.16 -12.63
CA ARG B 514 6.33 31.65 -11.38
C ARG B 514 5.66 30.54 -10.58
N VAL B 515 4.84 29.72 -11.26
CA VAL B 515 4.01 28.67 -10.63
C VAL B 515 4.91 27.62 -9.95
N LYS B 516 5.93 27.11 -10.66
CA LYS B 516 6.88 26.10 -10.12
C LYS B 516 7.64 26.63 -8.89
N ALA B 517 8.00 27.93 -8.93
CA ALA B 517 8.70 28.59 -7.80
C ALA B 517 7.73 28.92 -6.63
N LEU B 518 6.44 29.14 -6.98
CA LEU B 518 5.37 29.47 -6.00
C LEU B 518 5.00 28.19 -5.22
N LEU B 519 5.07 27.05 -5.93
CA LEU B 519 4.80 25.73 -5.37
C LEU B 519 6.04 25.19 -4.66
N GLY B 520 7.23 25.65 -5.13
CA GLY B 520 8.52 25.22 -4.58
C GLY B 520 8.83 23.78 -4.92
N GLU B 521 8.30 22.85 -4.11
CA GLU B 521 8.41 21.42 -4.38
C GLU B 521 7.07 20.71 -4.06
N ARG B 522 5.94 21.44 -4.21
CA ARG B 522 4.58 20.86 -4.10
C ARG B 522 4.32 19.96 -5.34
N VAL B 523 4.92 20.38 -6.46
CA VAL B 523 4.78 19.76 -7.80
C VAL B 523 6.17 19.60 -8.41
N LYS B 524 6.33 18.62 -9.33
CA LYS B 524 7.59 18.43 -10.04
C LYS B 524 7.70 19.47 -11.18
N ASP B 525 6.71 19.49 -12.09
CA ASP B 525 6.78 20.32 -13.31
C ASP B 525 5.38 20.80 -13.74
N VAL B 526 5.32 21.93 -14.44
CA VAL B 526 4.07 22.58 -14.89
C VAL B 526 4.13 22.79 -16.41
N ARG B 527 3.09 22.37 -17.13
CA ARG B 527 2.92 22.62 -18.57
C ARG B 527 1.63 23.42 -18.79
N LEU B 528 1.51 24.04 -19.98
CA LEU B 528 0.30 24.78 -20.40
C LEU B 528 -0.18 24.21 -21.75
N THR B 529 -1.07 23.21 -21.69
CA THR B 529 -1.76 22.65 -22.88
C THR B 529 -3.10 23.36 -23.08
N HIS B 530 -3.76 23.11 -24.21
CA HIS B 530 -4.96 23.87 -24.62
C HIS B 530 -6.16 22.94 -24.79
N ARG B 531 -6.33 22.06 -23.80
CA ARG B 531 -7.45 21.11 -23.75
C ARG B 531 -8.69 21.89 -23.25
N LEU B 532 -9.54 22.34 -24.21
CA LEU B 532 -10.60 23.35 -24.00
C LEU B 532 -11.58 22.92 -22.87
N THR B 533 -12.58 22.06 -23.24
CA THR B 533 -13.63 21.49 -22.33
C THR B 533 -14.09 22.52 -21.23
N ASP B 534 -14.44 22.08 -20.00
CA ASP B 534 -14.74 23.01 -18.88
C ASP B 534 -13.75 22.73 -17.72
N THR B 535 -12.63 22.06 -18.04
CA THR B 535 -11.58 21.72 -17.08
C THR B 535 -10.53 22.85 -17.03
N PRO B 536 -10.20 23.40 -15.83
CA PRO B 536 -9.17 24.45 -15.70
C PRO B 536 -7.76 23.88 -15.86
N ALA B 537 -7.56 22.72 -15.22
CA ALA B 537 -6.26 22.07 -15.13
C ALA B 537 -6.42 20.60 -14.78
N ILE B 538 -5.55 19.78 -15.36
CA ILE B 538 -5.50 18.34 -15.16
C ILE B 538 -4.05 17.94 -14.87
N VAL B 539 -3.86 16.95 -14.00
CA VAL B 539 -2.53 16.41 -13.71
C VAL B 539 -2.26 15.20 -14.63
N SER B 540 -1.01 15.11 -15.12
CA SER B 540 -0.56 13.99 -15.96
C SER B 540 0.34 13.07 -15.15
N THR B 541 0.14 11.77 -15.32
CA THR B 541 0.78 10.72 -14.53
C THR B 541 1.50 9.71 -15.44
N ASP B 542 2.60 9.16 -14.93
CA ASP B 542 3.46 8.21 -15.65
C ASP B 542 2.91 6.78 -15.47
N ALA B 543 2.81 6.36 -14.20
CA ALA B 543 2.35 5.03 -13.80
C ALA B 543 1.26 5.16 -12.70
N ASP B 544 1.07 4.09 -11.89
CA ASP B 544 0.03 4.01 -10.85
C ASP B 544 0.15 5.18 -9.82
N GLU B 545 -0.87 6.08 -9.83
CA GLU B 545 -0.99 7.27 -8.97
C GLU B 545 0.25 8.17 -9.16
N MET B 546 0.70 8.26 -10.44
CA MET B 546 2.01 8.81 -10.88
C MET B 546 3.11 7.76 -10.59
N SER B 547 3.34 7.48 -9.30
CA SER B 547 4.44 6.63 -8.86
C SER B 547 4.30 6.19 -7.38
N THR B 548 3.03 6.09 -6.89
CA THR B 548 2.74 5.74 -5.47
C THR B 548 2.66 4.19 -5.27
N GLN B 549 3.04 3.40 -6.32
CA GLN B 549 3.05 1.91 -6.24
C GLN B 549 3.88 1.29 -7.41
N MET B 550 5.23 1.20 -7.21
CA MET B 550 6.15 0.33 -8.01
C MET B 550 7.61 0.49 -7.51
N ALA B 551 8.45 -0.53 -7.81
CA ALA B 551 9.84 -0.66 -7.33
C ALA B 551 10.74 0.56 -7.68
N LYS B 552 10.95 0.79 -9.00
CA LYS B 552 11.82 1.90 -9.53
C LYS B 552 11.37 3.27 -9.01
N LEU B 553 10.06 3.42 -8.93
CA LEU B 553 9.40 4.68 -8.60
C LEU B 553 9.78 5.13 -7.17
N PHE B 554 9.68 4.21 -6.20
CA PHE B 554 10.10 4.47 -4.81
C PHE B 554 11.64 4.51 -4.66
N ALA B 555 12.35 3.85 -5.60
CA ALA B 555 13.83 3.85 -5.65
C ALA B 555 14.40 5.17 -6.25
N ALA B 556 13.50 6.10 -6.65
CA ALA B 556 13.89 7.42 -7.23
C ALA B 556 14.57 8.32 -6.17
N ALA B 557 13.94 8.42 -4.98
CA ALA B 557 14.55 9.11 -3.80
C ALA B 557 14.40 8.27 -2.53
N GLY B 558 13.23 7.61 -2.39
CA GLY B 558 12.87 6.93 -1.14
C GLY B 558 12.21 7.89 -0.16
N GLN B 559 10.94 8.20 -0.45
CA GLN B 559 10.10 9.17 0.31
C GLN B 559 8.66 8.98 -0.24
N LYS B 560 7.94 10.08 -0.57
CA LYS B 560 6.66 9.97 -1.32
C LYS B 560 6.92 9.86 -2.84
N VAL B 561 8.23 9.72 -3.23
CA VAL B 561 8.76 9.87 -4.62
C VAL B 561 8.66 11.35 -5.11
N PRO B 562 9.79 11.92 -5.68
CA PRO B 562 9.77 13.29 -6.28
C PRO B 562 8.83 13.35 -7.50
N GLU B 563 8.87 12.27 -8.28
CA GLU B 563 8.09 12.12 -9.53
C GLU B 563 6.57 12.13 -9.24
N VAL B 564 6.17 11.58 -8.06
CA VAL B 564 4.74 11.47 -7.64
C VAL B 564 4.06 12.83 -7.66
N LYS B 565 4.87 13.87 -7.43
CA LYS B 565 4.43 15.25 -7.52
C LYS B 565 4.08 15.53 -8.99
N TYR B 566 2.79 15.61 -9.24
CA TYR B 566 2.17 15.38 -10.57
C TYR B 566 2.49 16.54 -11.52
N ILE B 567 2.45 16.29 -12.84
CA ILE B 567 2.75 17.33 -13.83
C ILE B 567 1.45 18.14 -14.04
N PHE B 568 1.48 19.39 -13.56
CA PHE B 568 0.31 20.26 -13.48
C PHE B 568 0.12 21.01 -14.81
N GLU B 569 -0.84 20.54 -15.63
CA GLU B 569 -1.10 21.09 -16.98
C GLU B 569 -2.41 21.88 -16.99
N LEU B 570 -2.33 23.19 -17.28
CA LEU B 570 -3.50 24.10 -17.27
C LEU B 570 -3.90 24.46 -18.71
N ASN B 571 -5.20 24.78 -18.92
CA ASN B 571 -5.72 25.33 -20.19
C ASN B 571 -5.89 26.86 -20.05
N PRO B 572 -5.05 27.71 -20.75
CA PRO B 572 -5.11 29.19 -20.64
C PRO B 572 -6.42 29.78 -21.18
N ASP B 573 -7.04 29.03 -22.13
CA ASP B 573 -8.29 29.40 -22.76
C ASP B 573 -9.44 29.42 -21.75
N HIS B 574 -9.36 28.54 -20.72
CA HIS B 574 -10.41 28.44 -19.70
C HIS B 574 -10.33 29.65 -18.74
N VAL B 575 -11.51 30.25 -18.44
CA VAL B 575 -11.64 31.57 -17.77
C VAL B 575 -10.85 31.65 -16.43
N LEU B 576 -10.92 30.59 -15.62
CA LEU B 576 -10.31 30.61 -14.26
C LEU B 576 -8.76 30.61 -14.30
N VAL B 577 -8.19 30.07 -15.39
CA VAL B 577 -6.73 29.97 -15.56
C VAL B 577 -6.15 31.30 -16.05
N LYS B 578 -6.81 31.89 -17.08
CA LYS B 578 -6.43 33.22 -17.60
C LYS B 578 -6.71 34.31 -16.55
N ARG B 579 -7.67 34.04 -15.64
CA ARG B 579 -7.99 34.92 -14.50
C ARG B 579 -6.91 34.80 -13.41
N ALA B 580 -6.37 33.57 -13.24
CA ALA B 580 -5.27 33.28 -12.29
C ALA B 580 -3.93 33.86 -12.79
N ALA B 581 -3.82 33.96 -14.13
CA ALA B 581 -2.66 34.58 -14.80
C ALA B 581 -2.81 36.12 -14.82
N ASP B 582 -4.06 36.58 -14.83
CA ASP B 582 -4.43 38.02 -14.80
C ASP B 582 -4.31 38.57 -13.35
N THR B 583 -4.29 37.64 -12.36
CA THR B 583 -4.07 37.98 -10.95
C THR B 583 -2.58 38.27 -10.70
N GLU B 584 -2.24 39.55 -10.53
CA GLU B 584 -0.89 40.00 -10.13
C GLU B 584 -0.71 39.97 -8.61
N ASP B 585 -1.84 40.03 -7.87
CA ASP B 585 -1.85 39.97 -6.39
C ASP B 585 -1.25 38.65 -5.91
N GLU B 586 -0.14 38.75 -5.15
CA GLU B 586 0.67 37.59 -4.71
C GLU B 586 -0.16 36.52 -3.95
N ALA B 587 -1.02 36.97 -3.01
CA ALA B 587 -1.84 36.06 -2.17
C ALA B 587 -2.93 35.39 -3.00
N LYS B 588 -3.59 36.16 -3.88
CA LYS B 588 -4.67 35.64 -4.74
C LYS B 588 -4.11 34.81 -5.92
N PHE B 589 -2.84 35.05 -6.29
CA PHE B 589 -2.12 34.26 -7.31
C PHE B 589 -1.87 32.87 -6.71
N SER B 590 -1.36 32.88 -5.48
CA SER B 590 -1.12 31.66 -4.68
C SER B 590 -2.45 30.93 -4.39
N GLU B 591 -3.53 31.72 -4.23
CA GLU B 591 -4.89 31.21 -3.96
C GLU B 591 -5.36 30.33 -5.12
N TRP B 592 -5.45 30.96 -6.31
CA TRP B 592 -5.96 30.33 -7.54
C TRP B 592 -5.07 29.15 -7.99
N VAL B 593 -3.73 29.36 -8.02
CA VAL B 593 -2.76 28.34 -8.49
C VAL B 593 -2.86 27.06 -7.65
N GLU B 594 -2.77 27.19 -6.31
CA GLU B 594 -2.77 26.03 -5.39
C GLU B 594 -4.19 25.46 -5.17
N LEU B 595 -5.24 26.26 -5.46
CA LEU B 595 -6.65 25.78 -5.43
C LEU B 595 -6.89 24.82 -6.60
N LEU B 596 -6.62 25.32 -7.83
CA LEU B 596 -6.79 24.53 -9.08
C LEU B 596 -5.84 23.32 -9.09
N LEU B 597 -4.71 23.44 -8.35
CA LEU B 597 -3.75 22.35 -8.16
C LEU B 597 -4.35 21.21 -7.35
N ASP B 598 -4.74 21.49 -6.10
CA ASP B 598 -5.34 20.49 -5.19
C ASP B 598 -6.72 20.02 -5.71
N GLN B 599 -7.31 20.79 -6.65
CA GLN B 599 -8.55 20.40 -7.35
C GLN B 599 -8.25 19.24 -8.34
N ALA B 600 -7.17 19.42 -9.14
CA ALA B 600 -6.70 18.41 -10.12
C ALA B 600 -6.09 17.18 -9.40
N LEU B 601 -5.42 17.44 -8.27
CA LEU B 601 -4.80 16.41 -7.39
C LEU B 601 -5.93 15.49 -6.86
N LEU B 602 -7.03 16.14 -6.43
CA LEU B 602 -8.25 15.47 -5.94
C LEU B 602 -8.92 14.62 -7.05
N ALA B 603 -8.69 15.00 -8.33
CA ALA B 603 -9.22 14.24 -9.49
C ALA B 603 -8.47 12.91 -9.64
N GLU B 604 -7.16 12.93 -9.31
CA GLU B 604 -6.25 11.79 -9.55
C GLU B 604 -6.27 10.77 -8.40
N ARG B 605 -6.46 11.26 -7.17
CA ARG B 605 -6.34 10.41 -5.96
C ARG B 605 -7.70 10.22 -5.27
N GLY B 606 -8.60 11.21 -5.39
CA GLY B 606 -9.86 11.22 -4.64
C GLY B 606 -9.69 11.70 -3.20
N THR B 607 -8.45 12.07 -2.85
CA THR B 607 -8.05 12.49 -1.50
C THR B 607 -6.82 13.41 -1.62
N LEU B 608 -6.64 14.32 -0.65
CA LEU B 608 -5.51 15.27 -0.63
C LEU B 608 -4.60 15.02 0.59
N GLU B 609 -3.28 15.22 0.41
CA GLU B 609 -2.30 15.19 1.50
C GLU B 609 -2.41 16.47 2.36
N ASP B 610 -2.93 17.57 1.75
CA ASP B 610 -3.26 18.82 2.46
C ASP B 610 -4.67 19.30 2.04
N PRO B 611 -5.77 18.66 2.56
CA PRO B 611 -7.16 19.07 2.23
C PRO B 611 -7.54 20.39 2.91
N ASN B 612 -6.91 20.67 4.07
CA ASN B 612 -7.13 21.88 4.87
C ASN B 612 -6.77 23.14 4.07
N LEU B 613 -5.66 23.03 3.32
CA LEU B 613 -5.13 24.10 2.45
C LEU B 613 -6.17 24.44 1.36
N PHE B 614 -6.67 23.40 0.69
CA PHE B 614 -7.65 23.52 -0.40
C PHE B 614 -8.96 24.19 0.08
N ILE B 615 -9.51 23.67 1.19
CA ILE B 615 -10.78 24.17 1.78
C ILE B 615 -10.67 25.64 2.21
N ARG B 616 -9.48 26.02 2.73
CA ARG B 616 -9.18 27.41 3.14
C ARG B 616 -9.29 28.37 1.92
N ARG B 617 -8.69 27.95 0.79
CA ARG B 617 -8.64 28.77 -0.43
C ARG B 617 -10.00 28.80 -1.15
N MET B 618 -10.81 27.74 -0.93
CA MET B 618 -12.22 27.73 -1.37
C MET B 618 -12.97 28.83 -0.65
N ASN B 619 -12.99 28.75 0.70
CA ASN B 619 -13.75 29.67 1.57
C ASN B 619 -13.34 31.14 1.35
N GLN B 620 -12.09 31.36 0.91
CA GLN B 620 -11.59 32.69 0.51
C GLN B 620 -12.31 33.18 -0.76
N LEU B 621 -12.25 32.37 -1.84
CA LEU B 621 -12.86 32.73 -3.14
C LEU B 621 -14.40 32.52 -3.14
N LEU B 622 -14.94 32.04 -1.99
CA LEU B 622 -16.40 31.91 -1.77
C LEU B 622 -16.93 33.07 -0.90
N VAL B 623 -16.07 33.67 -0.04
CA VAL B 623 -16.46 34.83 0.81
C VAL B 623 -16.37 36.14 -0.01
N SER B 624 -15.47 36.12 -1.02
CA SER B 624 -15.31 37.22 -1.99
C SER B 624 -16.62 37.44 -2.79
N MET C 1 -14.10 23.34 37.40
CA MET C 1 -13.77 24.71 36.92
C MET C 1 -14.88 25.22 35.99
N ALA C 2 -14.97 26.55 35.84
CA ALA C 2 -15.92 27.22 34.94
C ALA C 2 -15.17 27.96 33.80
N THR C 3 -13.92 28.35 34.06
CA THR C 3 -13.05 29.02 33.08
C THR C 3 -11.93 28.08 32.60
N SER C 4 -12.27 27.19 31.66
CA SER C 4 -11.33 26.27 30.99
C SER C 4 -11.80 26.08 29.52
N THR C 5 -11.19 26.83 28.58
CA THR C 5 -11.60 26.83 27.17
C THR C 5 -10.38 26.65 26.23
N LEU C 6 -10.67 26.32 24.97
CA LEU C 6 -9.68 26.14 23.89
C LEU C 6 -10.43 26.21 22.53
N ILE C 7 -9.79 25.81 21.41
CA ILE C 7 -10.50 25.56 20.13
C ILE C 7 -10.33 24.10 19.71
N LYS C 8 -11.23 23.63 18.83
CA LYS C 8 -11.01 22.40 18.08
C LYS C 8 -10.06 22.71 16.91
N ALA C 9 -8.75 22.61 17.22
CA ALA C 9 -7.66 22.93 16.29
C ALA C 9 -7.55 21.86 15.20
N ILE C 10 -7.22 22.30 13.97
CA ILE C 10 -7.19 21.45 12.76
C ILE C 10 -8.63 20.89 12.50
N ASP C 11 -9.62 21.76 12.82
CA ASP C 11 -11.09 21.53 12.62
C ASP C 11 -11.60 20.29 13.36
N GLY C 12 -10.95 19.98 14.49
CA GLY C 12 -11.31 18.85 15.34
C GLY C 12 -10.27 18.62 16.41
N ASP C 13 -9.83 17.38 16.57
CA ASP C 13 -8.78 17.01 17.53
C ASP C 13 -7.94 15.87 16.95
N THR C 14 -7.06 16.25 16.00
CA THR C 14 -6.11 15.31 15.38
C THR C 14 -5.03 14.93 16.43
N VAL C 15 -5.35 13.92 17.26
CA VAL C 15 -4.51 13.47 18.37
C VAL C 15 -5.09 12.16 18.95
N LYS C 16 -4.53 11.02 18.50
CA LYS C 16 -4.92 9.67 18.97
C LYS C 16 -3.85 9.13 19.95
N LEU C 17 -3.23 10.06 20.68
CA LEU C 17 -2.09 9.78 21.55
C LEU C 17 -1.99 10.91 22.60
N MET C 18 -0.78 11.15 23.17
CA MET C 18 -0.53 12.23 24.19
C MET C 18 -1.28 11.89 25.49
N TYR C 19 -1.51 10.59 25.66
CA TYR C 19 -2.33 10.01 26.73
C TYR C 19 -1.97 8.51 26.82
N LYS C 20 -2.12 7.82 25.66
CA LYS C 20 -1.82 6.38 25.53
C LYS C 20 -1.54 6.04 24.05
N GLY C 21 -0.65 5.06 23.83
CA GLY C 21 -0.31 4.55 22.49
C GLY C 21 0.44 3.22 22.57
N GLN C 22 1.65 3.15 21.96
CA GLN C 22 2.44 1.89 21.89
C GLN C 22 3.96 2.18 22.07
N PRO C 23 4.68 1.41 22.97
CA PRO C 23 6.16 1.47 23.09
C PRO C 23 6.90 0.53 22.09
N MET C 24 8.24 0.66 22.01
CA MET C 24 9.11 -0.19 21.16
C MET C 24 10.60 -0.04 21.61
N THR C 25 11.57 -0.48 20.73
CA THR C 25 13.04 -0.31 20.91
C THR C 25 13.57 -0.91 22.26
N PHE C 26 14.68 -0.36 22.85
CA PHE C 26 15.40 -1.00 23.99
C PHE C 26 15.61 -0.06 25.20
N ARG C 27 15.52 1.27 24.97
CA ARG C 27 15.66 2.32 26.04
C ARG C 27 17.15 2.49 26.43
N LEU C 28 17.69 3.73 26.31
CA LEU C 28 19.08 4.06 26.71
C LEU C 28 19.18 5.46 27.40
N LEU C 29 20.03 6.37 26.85
CA LEU C 29 20.29 7.72 27.36
C LEU C 29 21.01 7.67 28.72
N LEU C 30 20.74 8.66 29.58
CA LEU C 30 21.39 8.83 30.86
C LEU C 30 20.43 9.58 31.78
N VAL C 31 20.40 9.16 33.05
CA VAL C 31 19.63 9.83 34.11
C VAL C 31 20.59 10.32 35.21
N ASP C 32 21.88 10.41 34.83
CA ASP C 32 22.97 10.82 35.72
C ASP C 32 22.87 12.32 36.06
N THR C 33 23.79 12.78 36.91
CA THR C 33 23.87 14.18 37.33
C THR C 33 25.31 14.73 37.09
N PRO C 34 25.77 14.87 35.79
CA PRO C 34 27.13 15.39 35.47
C PRO C 34 27.20 16.93 35.57
N GLU C 35 27.86 17.43 36.63
CA GLU C 35 27.99 18.87 36.90
C GLU C 35 29.20 19.46 36.13
N THR C 36 28.91 20.33 35.15
CA THR C 36 29.94 21.08 34.40
C THR C 36 30.14 22.46 35.08
N LYS C 37 29.07 23.30 35.06
CA LYS C 37 29.03 24.62 35.74
C LYS C 37 30.05 25.65 35.16
N HIS C 38 30.75 25.30 34.06
CA HIS C 38 31.68 26.23 33.37
C HIS C 38 31.25 26.40 31.88
N PRO C 39 30.40 27.43 31.57
CA PRO C 39 30.11 27.83 30.19
C PRO C 39 31.20 28.76 29.62
N LYS C 40 31.35 28.75 28.29
CA LYS C 40 32.31 29.61 27.59
C LYS C 40 31.93 29.70 26.11
N LYS C 41 31.84 30.95 25.62
CA LYS C 41 31.56 31.27 24.21
C LYS C 41 32.02 32.70 23.91
N GLY C 42 32.53 32.92 22.71
CA GLY C 42 32.88 34.25 22.23
C GLY C 42 32.84 34.34 20.71
N VAL C 43 32.18 33.34 20.09
CA VAL C 43 32.07 33.21 18.62
C VAL C 43 30.61 32.96 18.24
N GLU C 44 29.83 34.05 18.06
CA GLU C 44 28.44 33.96 17.60
C GLU C 44 28.41 33.64 16.10
N LYS C 45 28.11 32.38 15.75
CA LYS C 45 28.08 31.95 14.34
C LYS C 45 27.00 30.86 14.16
N TYR C 46 26.15 31.06 13.14
CA TYR C 46 24.97 30.23 12.87
C TYR C 46 24.62 30.29 11.38
N GLY C 47 23.91 29.27 10.88
CA GLY C 47 23.52 29.20 9.47
C GLY C 47 23.06 27.80 9.08
N PRO C 48 21.73 27.49 9.15
CA PRO C 48 21.19 26.19 8.69
C PRO C 48 21.14 26.09 7.13
N GLU C 49 22.32 25.81 6.55
CA GLU C 49 22.53 25.71 5.10
C GLU C 49 22.12 24.28 4.63
N ALA C 50 21.60 24.16 3.39
CA ALA C 50 21.01 22.91 2.89
C ALA C 50 21.66 22.47 1.56
N SER C 51 21.75 21.12 1.36
CA SER C 51 22.37 20.51 0.16
C SER C 51 21.60 19.23 -0.24
N ALA C 52 22.17 18.48 -1.22
CA ALA C 52 21.70 17.13 -1.65
C ALA C 52 20.45 17.17 -2.56
N PHE C 53 20.62 16.65 -3.79
CA PHE C 53 19.51 16.39 -4.74
C PHE C 53 19.87 15.15 -5.58
N THR C 54 19.12 14.04 -5.42
CA THR C 54 19.41 12.76 -6.09
C THR C 54 19.02 12.79 -7.59
N LYS C 55 19.69 11.93 -8.38
CA LYS C 55 19.43 11.74 -9.83
C LYS C 55 19.92 10.35 -10.26
N LYS C 56 19.08 9.61 -11.00
CA LYS C 56 19.41 8.24 -11.46
C LYS C 56 19.15 8.10 -12.97
N MET C 57 19.59 6.97 -13.53
CA MET C 57 19.49 6.66 -14.97
C MET C 57 19.64 5.13 -15.18
N VAL C 58 18.67 4.53 -15.89
CA VAL C 58 18.62 3.07 -16.15
C VAL C 58 19.36 2.71 -17.45
N GLU C 59 19.42 1.40 -17.79
CA GLU C 59 20.08 0.88 -19.01
C GLU C 59 19.22 -0.26 -19.61
N ASN C 60 19.07 -0.25 -20.95
CA ASN C 60 18.22 -1.22 -21.69
C ASN C 60 19.07 -2.27 -22.42
N ALA C 61 18.49 -3.48 -22.59
CA ALA C 61 19.12 -4.59 -23.31
C ALA C 61 18.06 -5.64 -23.70
N LYS C 62 18.32 -6.37 -24.79
CA LYS C 62 17.44 -7.46 -25.27
C LYS C 62 18.28 -8.54 -25.98
N LYS C 63 17.62 -9.64 -26.36
CA LYS C 63 18.27 -10.78 -27.02
C LYS C 63 17.28 -11.45 -28.00
N ILE C 64 17.81 -11.90 -29.16
CA ILE C 64 17.00 -12.60 -30.19
C ILE C 64 16.76 -14.06 -29.75
N GLU C 65 15.47 -14.45 -29.68
CA GLU C 65 15.04 -15.80 -29.29
C GLU C 65 14.50 -16.58 -30.50
N VAL C 66 15.05 -17.79 -30.70
CA VAL C 66 14.63 -18.72 -31.76
C VAL C 66 13.99 -19.98 -31.12
N GLU C 67 12.98 -20.57 -31.81
CA GLU C 67 12.31 -21.82 -31.38
C GLU C 67 11.36 -22.32 -32.49
N PHE C 68 11.52 -23.60 -32.86
CA PHE C 68 10.61 -24.31 -33.80
C PHE C 68 10.88 -25.83 -33.75
N ASP C 69 9.83 -26.65 -33.91
CA ASP C 69 9.93 -28.13 -34.04
C ASP C 69 9.93 -28.53 -35.53
N LYS C 70 9.84 -29.86 -35.76
CA LYS C 70 9.75 -30.46 -37.11
C LYS C 70 9.25 -31.91 -36.99
N GLY C 71 8.01 -32.17 -37.43
CA GLY C 71 7.43 -33.52 -37.38
C GLY C 71 6.08 -33.61 -38.08
N GLN C 72 5.98 -32.98 -39.27
CA GLN C 72 4.74 -32.98 -40.09
C GLN C 72 4.74 -34.17 -41.07
N ARG C 73 3.90 -35.18 -40.79
CA ARG C 73 3.67 -36.34 -41.67
C ARG C 73 2.16 -36.52 -41.94
N THR C 74 1.32 -35.93 -41.07
CA THR C 74 -0.14 -35.89 -41.22
C THR C 74 -0.61 -34.41 -41.22
N ASP C 75 -1.79 -34.16 -41.81
CA ASP C 75 -2.45 -32.84 -41.74
C ASP C 75 -3.05 -32.67 -40.32
N LYS C 76 -3.25 -31.42 -39.88
CA LYS C 76 -3.89 -31.16 -38.57
C LYS C 76 -4.58 -29.79 -38.56
N TYR C 77 -5.66 -29.72 -37.78
CA TYR C 77 -6.55 -28.55 -37.70
C TYR C 77 -7.02 -28.34 -36.24
N GLY C 78 -7.61 -27.18 -35.97
CA GLY C 78 -8.13 -26.84 -34.65
C GLY C 78 -9.03 -25.62 -34.71
N ARG C 79 -10.26 -25.82 -35.21
CA ARG C 79 -11.28 -24.75 -35.34
C ARG C 79 -12.32 -24.85 -34.20
N GLY C 80 -12.75 -23.69 -33.69
CA GLY C 80 -13.72 -23.60 -32.60
C GLY C 80 -13.32 -22.52 -31.60
N LEU C 81 -13.51 -22.80 -30.30
CA LEU C 81 -13.09 -21.89 -29.23
C LEU C 81 -11.58 -22.06 -28.94
N ALA C 82 -10.96 -20.95 -28.51
CA ALA C 82 -9.51 -20.77 -28.47
C ALA C 82 -8.85 -21.58 -27.33
N TYR C 83 -9.28 -21.31 -26.09
CA TYR C 83 -8.76 -21.94 -24.86
C TYR C 83 -7.34 -21.49 -24.49
N ILE C 84 -7.24 -20.67 -23.42
CA ILE C 84 -5.97 -20.32 -22.77
C ILE C 84 -6.26 -20.04 -21.26
N TYR C 85 -6.57 -18.76 -20.88
CA TYR C 85 -7.02 -18.37 -19.51
C TYR C 85 -7.27 -16.84 -19.48
N ALA C 86 -7.81 -16.35 -18.35
CA ALA C 86 -8.02 -14.91 -18.12
C ALA C 86 -6.67 -14.20 -17.92
N ASP C 87 -6.08 -13.69 -19.03
CA ASP C 87 -4.67 -13.21 -19.06
C ASP C 87 -4.49 -11.90 -18.24
N GLY C 88 -3.35 -11.80 -17.54
CA GLY C 88 -3.07 -10.68 -16.63
C GLY C 88 -2.66 -9.39 -17.34
N LYS C 89 -2.02 -9.50 -18.52
CA LYS C 89 -1.58 -8.33 -19.30
C LYS C 89 -2.79 -7.62 -19.94
N MET C 90 -3.94 -8.33 -19.97
CA MET C 90 -5.21 -7.82 -20.51
C MET C 90 -5.80 -6.70 -19.59
N VAL C 91 -5.33 -6.59 -18.33
CA VAL C 91 -5.71 -5.47 -17.43
C VAL C 91 -4.52 -4.49 -17.30
N ASN C 92 -4.71 -3.24 -17.75
CA ASN C 92 -3.68 -2.18 -17.67
C ASN C 92 -4.32 -0.84 -18.05
N GLU C 93 -4.83 -0.77 -19.29
CA GLU C 93 -5.51 0.42 -19.83
C GLU C 93 -6.89 0.62 -19.17
N ALA C 94 -7.21 1.89 -18.87
CA ALA C 94 -8.50 2.30 -18.33
C ALA C 94 -9.52 2.51 -19.46
N LEU C 95 -10.81 2.32 -19.12
CA LEU C 95 -11.92 2.53 -20.05
C LEU C 95 -12.66 3.83 -19.64
N VAL C 96 -12.64 4.83 -20.54
CA VAL C 96 -13.44 6.08 -20.42
C VAL C 96 -13.83 6.51 -21.86
N ARG C 97 -14.98 7.20 -22.04
CA ARG C 97 -15.33 7.84 -23.33
C ARG C 97 -16.49 8.83 -23.13
N GLN C 98 -16.39 9.99 -23.82
CA GLN C 98 -17.45 11.00 -23.88
C GLN C 98 -17.58 11.50 -25.34
N GLY C 99 -18.82 11.47 -25.86
CA GLY C 99 -19.13 11.96 -27.21
C GLY C 99 -20.62 12.24 -27.39
N LEU C 100 -21.45 11.18 -27.35
CA LEU C 100 -22.91 11.27 -27.58
C LEU C 100 -23.68 10.06 -26.94
N ALA C 101 -24.70 10.35 -26.08
CA ALA C 101 -25.38 9.35 -25.18
C ALA C 101 -26.85 9.73 -24.88
N LYS C 102 -27.55 8.77 -24.17
CA LYS C 102 -28.96 8.89 -23.65
C LYS C 102 -29.93 9.48 -24.71
N VAL C 103 -30.65 8.59 -25.42
CA VAL C 103 -31.57 8.98 -26.51
C VAL C 103 -32.84 9.68 -25.95
N ALA C 104 -33.48 10.53 -26.79
CA ALA C 104 -34.69 11.32 -26.46
C ALA C 104 -34.34 12.50 -25.53
N TYR C 105 -35.33 13.03 -24.79
CA TYR C 105 -35.17 14.24 -23.95
C TYR C 105 -34.68 13.90 -22.53
N VAL C 106 -34.45 14.94 -21.70
CA VAL C 106 -34.00 14.77 -20.30
C VAL C 106 -35.13 14.21 -19.43
N TYR C 107 -34.77 13.42 -18.40
CA TYR C 107 -35.72 12.78 -17.47
C TYR C 107 -35.42 13.25 -16.03
N LYS C 108 -36.47 13.55 -15.26
CA LYS C 108 -36.36 14.00 -13.86
C LYS C 108 -37.11 13.01 -12.93
N PRO C 109 -36.43 11.90 -12.47
CA PRO C 109 -37.03 10.93 -11.53
C PRO C 109 -36.94 11.42 -10.06
N ASN C 110 -37.87 10.95 -9.20
CA ASN C 110 -37.87 11.28 -7.75
C ASN C 110 -36.77 10.48 -7.01
N ASN C 111 -36.63 10.75 -5.71
CA ASN C 111 -35.63 10.09 -4.84
C ASN C 111 -36.30 9.54 -3.57
N THR C 112 -35.53 8.75 -2.83
CA THR C 112 -35.92 8.13 -1.55
C THR C 112 -35.28 8.92 -0.37
N HIS C 113 -34.99 8.28 0.79
CA HIS C 113 -34.36 8.96 1.96
C HIS C 113 -33.36 8.04 2.69
N GLU C 114 -33.88 6.87 3.18
CA GLU C 114 -33.11 5.88 3.99
C GLU C 114 -32.65 6.47 5.35
N GLN C 115 -33.39 7.46 5.90
CA GLN C 115 -33.05 8.06 7.20
C GLN C 115 -33.32 7.05 8.33
N HIS C 116 -32.26 6.35 8.75
CA HIS C 116 -32.28 5.42 9.88
C HIS C 116 -31.01 5.64 10.71
N LEU C 117 -31.14 5.57 12.04
CA LEU C 117 -30.01 5.73 12.97
C LEU C 117 -30.02 4.62 14.04
N ARG C 118 -28.83 4.04 14.25
CA ARG C 118 -28.52 3.08 15.34
C ARG C 118 -26.99 2.90 15.34
N LYS C 119 -26.30 3.50 16.32
CA LYS C 119 -24.83 3.41 16.41
C LYS C 119 -24.37 2.05 16.97
N SER C 120 -23.07 1.80 16.81
CA SER C 120 -22.36 0.72 17.48
C SER C 120 -20.98 1.26 17.88
N GLU C 121 -20.58 1.03 19.14
CA GLU C 121 -19.32 1.55 19.69
C GLU C 121 -18.10 0.86 19.02
N ALA C 122 -16.96 1.59 18.99
CA ALA C 122 -15.73 1.23 18.24
C ALA C 122 -15.29 -0.23 18.45
N GLN C 123 -15.65 -1.10 17.49
CA GLN C 123 -15.14 -2.47 17.39
C GLN C 123 -13.83 -2.46 16.62
N ALA C 124 -12.80 -3.10 17.19
CA ALA C 124 -11.47 -3.19 16.56
C ALA C 124 -10.83 -4.53 16.90
N LYS C 125 -10.15 -5.11 15.91
CA LYS C 125 -9.24 -6.25 16.09
C LYS C 125 -8.02 -6.04 15.21
N LYS C 126 -6.85 -6.33 15.77
CA LYS C 126 -5.57 -6.31 15.05
C LYS C 126 -5.01 -7.72 14.95
N GLU C 127 -4.16 -7.93 13.95
CA GLU C 127 -3.41 -9.18 13.74
C GLU C 127 -2.12 -8.85 12.99
N LYS C 128 -1.16 -9.78 13.06
CA LYS C 128 0.16 -9.63 12.43
C LYS C 128 0.90 -10.97 12.53
N LEU C 129 0.86 -11.78 11.46
CA LEU C 129 1.59 -13.05 11.41
C LEU C 129 3.11 -12.79 11.24
N ASN C 130 3.93 -13.68 11.82
CA ASN C 130 5.39 -13.62 11.70
C ASN C 130 5.87 -14.93 11.07
N ILE C 131 5.97 -14.91 9.72
CA ILE C 131 6.48 -16.05 8.94
C ILE C 131 7.90 -16.45 9.43
N TRP C 132 8.15 -17.77 9.48
CA TRP C 132 9.44 -18.34 9.91
C TRP C 132 10.63 -17.69 9.11
N MET A 1 42.61 53.22 6.73
CA MET A 1 41.68 52.09 6.94
C MET A 1 40.61 52.10 5.84
N LYS A 2 40.97 51.56 4.65
CA LYS A 2 40.07 51.41 3.49
C LYS A 2 40.28 50.02 2.83
N GLY A 3 40.76 49.05 3.64
CA GLY A 3 41.11 47.71 3.15
C GLY A 3 39.91 46.93 2.65
N GLN A 4 39.70 46.96 1.32
CA GLN A 4 38.60 46.24 0.65
C GLN A 4 39.16 45.06 -0.18
N GLU A 5 38.89 43.83 0.30
CA GLU A 5 39.22 42.59 -0.42
C GLU A 5 38.05 42.24 -1.35
N THR A 6 37.95 42.98 -2.46
CA THR A 6 36.96 42.76 -3.52
C THR A 6 37.26 41.44 -4.26
N ARG A 7 36.19 40.75 -4.73
CA ARG A 7 36.31 39.44 -5.37
C ARG A 7 35.05 39.08 -6.18
N GLY A 8 35.26 38.25 -7.21
CA GLY A 8 34.19 37.75 -8.08
C GLY A 8 34.59 36.44 -8.73
N PHE A 9 34.28 35.34 -8.05
CA PHE A 9 34.63 33.97 -8.47
C PHE A 9 33.35 33.16 -8.78
N GLN A 10 33.43 32.30 -9.81
CA GLN A 10 32.38 31.34 -10.17
C GLN A 10 32.99 29.94 -10.22
N SER A 11 32.22 28.92 -9.83
CA SER A 11 32.71 27.53 -9.73
C SER A 11 31.58 26.52 -9.95
N GLU A 12 31.95 25.25 -10.12
CA GLU A 12 31.02 24.12 -10.15
C GLU A 12 30.43 23.87 -8.74
N VAL A 13 29.12 23.57 -8.70
CA VAL A 13 28.35 23.41 -7.44
C VAL A 13 28.67 22.06 -6.73
N LYS A 14 27.76 21.61 -5.82
CA LYS A 14 27.89 20.36 -5.01
C LYS A 14 29.01 20.48 -3.98
N GLN A 15 28.63 20.74 -2.71
CA GLN A 15 29.52 20.79 -1.52
C GLN A 15 30.37 22.09 -1.51
N LEU A 16 31.28 22.21 -2.51
CA LEU A 16 32.23 23.34 -2.67
C LEU A 16 31.52 24.71 -2.70
N LEU A 17 30.27 24.71 -3.21
CA LEU A 17 29.42 25.93 -3.30
C LEU A 17 29.27 26.60 -1.91
N HIS A 18 29.02 25.78 -0.89
CA HIS A 18 28.77 26.27 0.50
C HIS A 18 30.07 26.40 1.29
N LEU A 19 31.07 25.57 0.94
CA LEU A 19 32.38 25.57 1.64
C LEU A 19 33.19 26.81 1.29
N MET A 20 33.14 27.21 0.01
CA MET A 20 33.97 28.30 -0.57
C MET A 20 33.70 29.66 0.10
N ILE A 21 32.48 29.81 0.62
CA ILE A 21 32.05 30.99 1.39
C ILE A 21 32.93 31.16 2.65
N HIS A 22 33.26 30.02 3.30
CA HIS A 22 34.05 29.99 4.54
C HIS A 22 35.55 29.81 4.25
N SER A 23 35.88 29.25 3.08
CA SER A 23 37.29 29.02 2.65
C SER A 23 37.97 30.34 2.24
N LEU A 24 37.15 31.32 1.86
CA LEU A 24 37.58 32.71 1.68
C LEU A 24 37.77 33.31 3.08
N TYR A 25 36.67 33.25 3.87
CA TYR A 25 36.60 33.68 5.29
C TYR A 25 36.70 35.23 5.43
N SER A 26 36.82 35.95 4.26
CA SER A 26 37.14 37.40 4.19
C SER A 26 38.54 37.67 4.83
N ASN A 27 39.42 36.66 4.79
CA ASN A 27 40.68 36.69 5.57
C ASN A 27 41.87 36.13 4.74
N LYS A 28 41.59 35.13 3.87
CA LYS A 28 42.57 34.48 2.94
C LYS A 28 43.52 33.50 3.68
N GLU A 29 44.20 34.00 4.74
CA GLU A 29 45.24 33.27 5.54
C GLU A 29 44.72 31.96 6.19
N ILE A 30 43.40 31.77 6.15
CA ILE A 30 42.73 30.53 6.56
C ILE A 30 43.31 29.29 5.82
N PHE A 31 43.88 29.51 4.60
CA PHE A 31 44.54 28.43 3.82
C PHE A 31 45.62 27.72 4.67
N LEU A 32 46.41 28.53 5.43
CA LEU A 32 47.56 28.04 6.23
C LEU A 32 47.06 27.10 7.35
N ARG A 33 45.89 27.44 7.93
CA ARG A 33 45.21 26.62 8.95
C ARG A 33 44.92 25.23 8.39
N GLU A 34 44.31 25.24 7.19
CA GLU A 34 43.82 24.02 6.51
C GLU A 34 44.98 23.13 6.08
N LEU A 35 46.09 23.77 5.66
CA LEU A 35 47.30 23.07 5.20
C LEU A 35 47.94 22.28 6.35
N ILE A 36 48.25 22.97 7.46
CA ILE A 36 48.93 22.35 8.60
C ILE A 36 48.00 21.30 9.27
N SER A 37 46.69 21.62 9.41
CA SER A 37 45.67 20.67 9.95
C SER A 37 45.59 19.40 9.09
N ASN A 38 45.61 19.54 7.74
CA ASN A 38 45.54 18.35 6.86
C ASN A 38 46.89 17.60 6.86
N ALA A 39 47.98 18.31 7.25
CA ALA A 39 49.33 17.75 7.34
C ALA A 39 49.50 16.99 8.67
N SER A 40 48.73 17.44 9.69
CA SER A 40 48.68 16.82 11.02
C SER A 40 47.88 15.53 10.93
N ASP A 41 46.83 15.54 10.09
CA ASP A 41 45.95 14.40 9.86
C ASP A 41 46.69 13.32 9.03
N ALA A 42 47.56 13.78 8.10
CA ALA A 42 48.47 12.91 7.34
C ALA A 42 49.52 12.29 8.29
N ALA A 43 50.03 13.10 9.22
CA ALA A 43 51.01 12.66 10.23
C ALA A 43 50.37 11.72 11.27
N ASP A 44 49.04 11.86 11.47
CA ASP A 44 48.24 10.90 12.27
C ASP A 44 48.23 9.54 11.58
N LYS A 45 47.98 9.55 10.27
CA LYS A 45 47.97 8.33 9.45
C LYS A 45 49.37 7.68 9.34
N LEU A 46 50.43 8.50 9.54
CA LEU A 46 51.80 7.98 9.71
C LEU A 46 51.93 7.22 11.02
N ARG A 47 51.35 7.78 12.09
CA ARG A 47 51.38 7.20 13.44
C ARG A 47 50.76 5.78 13.44
N PHE A 48 49.61 5.64 12.75
CA PHE A 48 48.92 4.34 12.58
C PHE A 48 49.79 3.35 11.79
N ARG A 49 50.24 3.77 10.59
CA ARG A 49 51.01 2.91 9.69
C ARG A 49 52.33 2.46 10.34
N ALA A 50 52.89 3.33 11.18
CA ALA A 50 54.14 3.07 11.90
C ALA A 50 53.97 1.97 12.97
N LEU A 51 52.75 1.85 13.51
CA LEU A 51 52.40 0.75 14.45
C LEU A 51 52.46 -0.60 13.72
N SER A 52 52.11 -0.59 12.43
CA SER A 52 52.08 -1.80 11.61
C SER A 52 53.43 -2.03 10.87
N ASN A 53 54.30 -0.99 10.89
CA ASN A 53 55.69 -1.08 10.37
C ASN A 53 56.48 0.19 10.79
N PRO A 54 57.29 0.13 11.91
CA PRO A 54 58.11 1.28 12.37
C PRO A 54 59.18 1.75 11.37
N ASP A 55 59.52 0.92 10.37
CA ASP A 55 60.52 1.27 9.32
C ASP A 55 60.03 2.39 8.39
N LEU A 56 58.72 2.68 8.43
CA LEU A 56 58.11 3.79 7.68
C LEU A 56 58.61 5.16 8.18
N TYR A 57 59.14 5.17 9.43
CA TYR A 57 59.74 6.37 10.04
C TYR A 57 61.03 6.83 9.29
N GLU A 58 61.66 5.94 8.49
CA GLU A 58 62.93 6.25 7.75
C GLU A 58 64.10 6.58 8.72
N GLY A 59 63.91 6.25 10.01
CA GLY A 59 64.83 6.65 11.09
C GLY A 59 64.33 7.85 11.89
N ASP A 60 63.49 8.69 11.26
CA ASP A 60 62.93 9.91 11.86
C ASP A 60 61.69 9.58 12.74
N GLY A 61 61.81 9.78 14.06
CA GLY A 61 60.66 9.71 14.97
C GLY A 61 60.14 11.10 15.36
N GLU A 62 60.71 12.14 14.73
CA GLU A 62 60.36 13.56 14.99
C GLU A 62 59.26 13.98 14.01
N LEU A 63 58.03 13.51 14.28
CA LEU A 63 56.89 13.75 13.39
C LEU A 63 56.46 15.21 13.53
N ARG A 64 56.58 15.98 12.44
CA ARG A 64 56.45 17.47 12.48
C ARG A 64 56.07 18.04 11.10
N VAL A 65 56.03 19.38 11.00
CA VAL A 65 55.77 20.10 9.74
C VAL A 65 56.63 21.39 9.68
N ARG A 66 57.49 21.44 8.66
CA ARG A 66 58.37 22.58 8.37
C ARG A 66 57.70 23.54 7.37
N VAL A 67 57.24 24.69 7.88
CA VAL A 67 56.80 25.81 7.04
C VAL A 67 58.02 26.71 6.74
N SER A 68 58.43 26.76 5.49
CA SER A 68 59.50 27.65 5.01
C SER A 68 58.89 28.69 4.07
N PHE A 69 59.69 29.70 3.70
CA PHE A 69 59.25 30.79 2.82
C PHE A 69 60.47 31.51 2.21
N ASP A 70 60.28 32.13 1.04
CA ASP A 70 61.31 32.96 0.42
C ASP A 70 60.64 34.19 -0.21
N LYS A 71 61.13 35.36 0.22
CA LYS A 71 60.60 36.69 -0.14
C LYS A 71 60.74 36.99 -1.65
N ASP A 72 61.89 36.63 -2.24
CA ASP A 72 62.22 36.93 -3.65
C ASP A 72 61.54 35.92 -4.60
N LYS A 73 61.51 34.65 -4.20
CA LYS A 73 60.91 33.57 -5.00
C LYS A 73 59.40 33.47 -4.76
N ARG A 74 58.90 34.23 -3.76
CA ARG A 74 57.47 34.34 -3.41
C ARG A 74 56.83 32.96 -3.19
N THR A 75 57.61 32.03 -2.60
CA THR A 75 57.16 30.68 -2.32
C THR A 75 56.99 30.50 -0.81
N LEU A 76 55.81 30.04 -0.40
CA LEU A 76 55.50 29.65 0.98
C LEU A 76 55.27 28.14 0.97
N THR A 77 56.16 27.37 1.60
CA THR A 77 56.17 25.91 1.51
C THR A 77 55.79 25.29 2.87
N ILE A 78 54.62 24.64 2.93
CA ILE A 78 54.19 23.88 4.11
C ILE A 78 54.53 22.39 3.82
N SER A 79 55.71 21.99 4.29
CA SER A 79 56.25 20.64 4.07
C SER A 79 56.20 19.83 5.36
N ASP A 80 55.24 18.91 5.47
CA ASP A 80 55.19 17.94 6.57
C ASP A 80 56.09 16.76 6.25
N ASN A 81 56.70 16.18 7.29
CA ASN A 81 57.29 14.84 7.18
C ASN A 81 56.30 13.84 7.77
N GLY A 82 55.03 13.96 7.36
CA GLY A 82 53.98 13.03 7.75
C GLY A 82 54.08 11.71 6.98
N VAL A 83 52.94 11.07 6.68
CA VAL A 83 52.94 9.83 5.88
C VAL A 83 53.22 10.14 4.41
N GLY A 84 52.83 11.35 3.97
CA GLY A 84 52.85 11.70 2.56
C GLY A 84 51.72 11.04 1.80
N MET A 85 51.95 10.77 0.52
CA MET A 85 51.00 10.04 -0.33
C MET A 85 51.78 9.19 -1.34
N THR A 86 51.38 7.91 -1.46
CA THR A 86 51.89 6.99 -2.49
C THR A 86 51.27 7.37 -3.85
N ARG A 87 51.77 6.79 -4.96
CA ARG A 87 51.31 7.10 -6.35
C ARG A 87 49.77 6.99 -6.45
N ASP A 88 49.26 5.85 -5.97
CA ASP A 88 47.82 5.53 -5.96
C ASP A 88 47.04 6.55 -5.14
N GLU A 89 47.61 6.94 -3.97
CA GLU A 89 46.97 7.89 -3.05
C GLU A 89 46.86 9.28 -3.69
N VAL A 90 47.93 9.77 -4.34
CA VAL A 90 47.96 11.11 -4.97
C VAL A 90 46.86 11.26 -6.04
N ILE A 91 46.67 10.19 -6.83
CA ILE A 91 45.64 10.17 -7.89
C ILE A 91 44.23 9.99 -7.26
N ASP A 92 44.18 9.27 -6.12
CA ASP A 92 42.93 9.00 -5.35
C ASP A 92 42.54 10.21 -4.46
N HIS A 93 43.47 11.16 -4.29
CA HIS A 93 43.33 12.27 -3.34
C HIS A 93 43.34 13.60 -4.10
N LEU A 94 44.53 14.03 -4.57
CA LEU A 94 44.68 15.31 -5.29
C LEU A 94 43.96 15.26 -6.65
N GLY A 95 44.15 14.13 -7.37
CA GLY A 95 43.52 13.89 -8.67
C GLY A 95 41.99 13.96 -8.62
N THR A 96 41.41 13.45 -7.51
CA THR A 96 39.94 13.43 -7.31
C THR A 96 39.41 14.82 -6.89
N ILE A 97 40.28 15.63 -6.26
CA ILE A 97 39.92 16.97 -5.76
C ILE A 97 40.01 18.01 -6.90
N ALA A 98 40.95 17.79 -7.83
CA ALA A 98 41.17 18.67 -8.99
C ALA A 98 40.10 18.40 -10.08
N LYS A 99 40.47 17.70 -11.18
CA LYS A 99 39.50 17.29 -12.22
C LYS A 99 39.50 15.77 -12.36
N SER A 100 38.51 15.09 -11.79
CA SER A 100 38.36 13.63 -11.91
C SER A 100 36.99 13.28 -12.49
N GLY A 101 35.93 13.36 -11.66
CA GLY A 101 34.57 12.95 -12.06
C GLY A 101 33.99 11.97 -11.05
N THR A 102 34.15 12.30 -9.77
CA THR A 102 33.70 11.47 -8.64
C THR A 102 32.17 11.55 -8.44
N LYS A 103 31.51 12.50 -9.16
CA LYS A 103 30.05 12.69 -9.17
C LYS A 103 29.56 13.27 -7.82
N SER A 104 29.42 12.39 -6.84
CA SER A 104 29.03 12.75 -5.46
C SER A 104 29.76 11.78 -4.52
N PHE A 105 29.54 10.47 -4.74
CA PHE A 105 30.23 9.38 -4.00
C PHE A 105 30.87 8.33 -4.94
N LEU A 106 30.52 8.43 -6.24
CA LEU A 106 30.90 7.50 -7.34
C LEU A 106 29.85 7.70 -8.45
N GLU A 107 30.27 7.65 -9.72
CA GLU A 107 29.36 7.88 -10.87
C GLU A 107 28.39 6.71 -11.14
N SER A 108 28.83 5.47 -10.87
CA SER A 108 28.01 4.26 -11.09
C SER A 108 27.09 3.94 -9.89
N LEU A 109 27.70 3.53 -8.75
CA LEU A 109 26.96 2.99 -7.59
C LEU A 109 26.75 4.05 -6.50
N GLY A 110 27.80 4.84 -6.22
CA GLY A 110 27.72 5.91 -5.22
C GLY A 110 28.07 5.44 -3.79
N SER A 111 29.14 4.63 -3.64
CA SER A 111 29.70 4.26 -2.31
C SER A 111 31.21 3.91 -2.39
N ASP A 112 31.67 3.37 -3.54
CA ASP A 112 33.10 2.94 -3.70
C ASP A 112 34.07 4.11 -3.46
N GLN A 113 33.84 5.21 -4.17
CA GLN A 113 34.68 6.43 -4.08
C GLN A 113 34.20 7.37 -2.98
N ALA A 114 33.21 6.94 -2.13
CA ALA A 114 32.47 7.85 -1.19
C ALA A 114 33.38 8.58 -0.17
N LYS A 115 34.66 8.17 -0.13
CA LYS A 115 35.71 8.85 0.61
C LYS A 115 36.42 9.88 -0.30
N ASP A 116 35.64 10.52 -1.20
CA ASP A 116 36.12 11.62 -2.06
C ASP A 116 35.67 12.93 -1.44
N SER A 117 34.38 12.97 -1.03
CA SER A 117 33.75 14.13 -0.39
C SER A 117 34.39 14.39 0.98
N GLN A 118 34.82 13.29 1.63
CA GLN A 118 35.51 13.29 2.92
C GLN A 118 36.94 13.89 2.80
N LEU A 119 37.60 13.67 1.65
CA LEU A 119 38.92 14.28 1.34
C LEU A 119 38.73 15.77 0.98
N ILE A 120 37.66 16.06 0.24
CA ILE A 120 37.33 17.43 -0.20
C ILE A 120 36.96 18.34 1.00
N GLY A 121 36.36 17.73 2.04
CA GLY A 121 35.92 18.45 3.25
C GLY A 121 37.03 19.14 4.04
N GLN A 122 38.26 18.56 4.03
CA GLN A 122 39.45 19.17 4.67
C GLN A 122 40.50 19.56 3.61
N PHE A 123 41.01 18.54 2.92
CA PHE A 123 42.16 18.68 2.00
C PHE A 123 41.76 19.47 0.74
N GLY A 124 40.50 19.25 0.29
CA GLY A 124 39.94 19.91 -0.88
C GLY A 124 39.66 21.38 -0.65
N VAL A 125 39.41 21.74 0.62
CA VAL A 125 39.27 23.15 1.05
C VAL A 125 40.62 23.85 0.94
N GLY A 126 41.66 23.22 1.54
CA GLY A 126 43.04 23.70 1.50
C GLY A 126 43.57 23.89 0.08
N PHE A 127 43.05 23.07 -0.86
CA PHE A 127 43.37 23.13 -2.30
C PHE A 127 43.11 24.56 -2.86
N TYR A 128 41.83 24.94 -3.00
CA TYR A 128 41.44 26.19 -3.72
C TYR A 128 41.62 27.44 -2.84
N SER A 129 41.63 27.28 -1.50
CA SER A 129 41.92 28.40 -0.57
C SER A 129 43.41 28.79 -0.70
N ALA A 130 44.28 27.78 -0.91
CA ALA A 130 45.69 28.00 -1.28
C ALA A 130 45.77 28.74 -2.62
N PHE A 131 44.92 28.35 -3.59
CA PHE A 131 44.86 29.00 -4.92
C PHE A 131 44.22 30.41 -4.89
N ILE A 132 43.77 30.89 -3.72
CA ILE A 132 43.36 32.30 -3.56
C ILE A 132 44.61 33.19 -3.44
N VAL A 133 45.48 32.85 -2.48
CA VAL A 133 46.72 33.61 -2.21
C VAL A 133 47.85 33.26 -3.19
N ALA A 134 47.81 32.02 -3.70
CA ALA A 134 48.85 31.46 -4.58
C ALA A 134 48.30 31.28 -5.99
N ASP A 135 49.15 31.58 -6.99
CA ASP A 135 48.84 31.36 -8.40
C ASP A 135 48.96 29.86 -8.72
N LYS A 136 49.98 29.22 -8.14
CA LYS A 136 50.28 27.79 -8.33
C LYS A 136 50.60 27.14 -7.00
N VAL A 137 50.22 25.86 -6.90
CA VAL A 137 50.57 24.98 -5.77
C VAL A 137 51.30 23.75 -6.36
N THR A 138 52.60 23.68 -6.13
CA THR A 138 53.48 22.61 -6.60
C THR A 138 53.73 21.64 -5.42
N VAL A 139 53.15 20.43 -5.49
CA VAL A 139 53.24 19.43 -4.41
C VAL A 139 54.23 18.33 -4.80
N ARG A 140 55.32 18.24 -4.04
CA ARG A 140 56.29 17.14 -4.13
C ARG A 140 56.13 16.28 -2.88
N THR A 141 55.42 15.15 -3.00
CA THR A 141 55.17 14.23 -1.89
C THR A 141 56.03 12.96 -2.05
N ARG A 142 56.09 12.18 -0.97
CA ARG A 142 56.80 10.90 -0.91
C ARG A 142 56.24 10.12 0.28
N ALA A 143 55.72 8.91 0.01
CA ALA A 143 55.11 8.05 1.03
C ALA A 143 56.17 7.44 1.95
N ALA A 144 55.80 7.31 3.23
CA ALA A 144 56.67 6.79 4.29
C ALA A 144 57.10 5.34 4.01
N GLY A 145 58.41 5.07 4.10
CA GLY A 145 58.95 3.71 3.93
C GLY A 145 59.22 3.33 2.48
N GLU A 146 58.48 3.97 1.53
CA GLU A 146 58.73 3.84 0.10
C GLU A 146 60.08 4.49 -0.25
N LYS A 147 60.70 4.01 -1.34
CA LYS A 147 61.97 4.56 -1.85
C LYS A 147 61.72 6.03 -2.29
N PRO A 148 62.70 6.96 -2.12
CA PRO A 148 62.60 8.34 -2.66
C PRO A 148 62.17 8.41 -4.14
N GLU A 149 62.60 7.40 -4.92
CA GLU A 149 62.23 7.20 -6.34
C GLU A 149 60.70 7.09 -6.53
N ASN A 150 60.02 6.48 -5.53
CA ASN A 150 58.54 6.35 -5.50
C ASN A 150 57.84 7.67 -5.10
N GLY A 151 58.63 8.76 -4.92
CA GLY A 151 58.09 10.11 -4.72
C GLY A 151 57.25 10.53 -5.91
N VAL A 152 56.23 11.36 -5.67
CA VAL A 152 55.26 11.77 -6.70
C VAL A 152 55.27 13.31 -6.84
N PHE A 153 55.36 13.78 -8.09
CA PHE A 153 55.18 15.18 -8.43
C PHE A 153 53.69 15.45 -8.74
N TRP A 154 53.24 16.62 -8.32
CA TRP A 154 51.91 17.14 -8.61
C TRP A 154 52.02 18.67 -8.71
N GLU A 155 51.17 19.29 -9.53
CA GLU A 155 51.13 20.74 -9.69
C GLU A 155 49.84 21.17 -10.39
N SER A 156 49.24 22.27 -9.93
CA SER A 156 48.11 22.91 -10.61
C SER A 156 48.26 24.43 -10.50
N ALA A 157 47.50 25.14 -11.34
CA ALA A 157 47.45 26.61 -11.38
C ALA A 157 46.04 27.11 -11.00
N GLY A 158 45.19 26.20 -10.48
CA GLY A 158 43.87 26.55 -9.95
C GLY A 158 42.70 26.18 -10.85
N GLU A 159 43.01 25.81 -12.11
CA GLU A 159 42.02 25.42 -13.12
C GLU A 159 41.54 23.96 -12.92
N GLY A 160 40.65 23.51 -13.82
CA GLY A 160 40.10 22.15 -13.81
C GLY A 160 41.03 21.17 -14.50
N GLU A 161 42.27 21.08 -13.98
CA GLU A 161 43.34 20.27 -14.55
C GLU A 161 44.45 20.12 -13.48
N TYR A 162 45.32 19.13 -13.69
CA TYR A 162 46.45 18.86 -12.79
C TYR A 162 47.56 18.12 -13.54
N THR A 163 48.78 18.34 -13.11
CA THR A 163 49.97 17.65 -13.57
C THR A 163 50.35 16.60 -12.51
N VAL A 164 50.66 15.37 -12.94
CA VAL A 164 51.13 14.31 -12.04
C VAL A 164 52.21 13.47 -12.78
N ALA A 165 53.28 13.13 -12.05
CA ALA A 165 54.41 12.32 -12.53
C ALA A 165 55.14 11.72 -11.33
N ASP A 166 56.19 10.92 -11.57
CA ASP A 166 57.06 10.39 -10.50
C ASP A 166 58.40 11.16 -10.48
N ILE A 167 58.89 11.42 -9.26
CA ILE A 167 60.18 12.08 -9.01
C ILE A 167 60.94 11.33 -7.92
N THR A 168 62.14 11.84 -7.59
CA THR A 168 62.96 11.31 -6.50
C THR A 168 63.04 12.38 -5.37
N LYS A 169 62.29 12.15 -4.27
CA LYS A 169 62.25 13.04 -3.08
C LYS A 169 62.81 12.30 -1.86
N GLU A 170 63.96 12.79 -1.36
CA GLU A 170 64.68 12.18 -0.22
C GLU A 170 63.87 12.25 1.08
N ASP A 171 63.11 13.34 1.24
CA ASP A 171 62.35 13.60 2.47
C ASP A 171 61.13 12.68 2.56
N ARG A 172 60.71 12.36 3.80
CA ARG A 172 59.44 11.69 4.07
C ARG A 172 58.32 12.76 4.09
N GLY A 173 57.08 12.39 3.74
CA GLY A 173 55.93 13.29 3.88
C GLY A 173 55.61 14.08 2.61
N THR A 174 54.85 15.17 2.78
CA THR A 174 54.33 15.98 1.66
C THR A 174 54.93 17.39 1.72
N GLU A 175 55.37 17.91 0.55
CA GLU A 175 55.94 19.26 0.43
C GLU A 175 55.05 20.11 -0.47
N ILE A 176 54.29 21.03 0.14
CA ILE A 176 53.32 21.87 -0.58
C ILE A 176 53.93 23.27 -0.79
N THR A 177 54.43 23.54 -2.01
CA THR A 177 55.13 24.79 -2.35
C THR A 177 54.17 25.75 -3.08
N LEU A 178 53.70 26.76 -2.35
CA LEU A 178 52.75 27.76 -2.88
C LEU A 178 53.51 28.92 -3.55
N HIS A 179 53.46 28.99 -4.90
CA HIS A 179 53.86 30.20 -5.64
C HIS A 179 52.80 31.27 -5.36
N LEU A 180 53.08 32.16 -4.37
CA LEU A 180 52.20 33.29 -4.04
C LEU A 180 52.12 34.28 -5.21
N ARG A 181 50.97 34.97 -5.31
CA ARG A 181 50.69 35.93 -6.38
C ARG A 181 51.45 37.25 -6.14
N GLU A 182 51.55 38.06 -7.19
CA GLU A 182 52.14 39.40 -7.10
C GLU A 182 51.23 40.30 -6.23
N GLY A 183 51.82 40.90 -5.19
CA GLY A 183 51.06 41.67 -4.20
C GLY A 183 50.86 40.90 -2.89
N GLU A 184 50.97 39.55 -2.95
CA GLU A 184 50.75 38.66 -1.79
C GLU A 184 52.07 38.46 -0.98
N ASP A 185 52.86 39.55 -0.93
CA ASP A 185 54.22 39.56 -0.37
C ASP A 185 54.22 39.63 1.17
N GLU A 186 53.06 39.96 1.75
CA GLU A 186 52.89 40.10 3.21
C GLU A 186 53.00 38.73 3.93
N PHE A 187 52.77 37.63 3.18
CA PHE A 187 52.90 36.25 3.70
C PHE A 187 54.34 35.72 3.51
N LEU A 188 55.30 36.62 3.24
CA LEU A 188 56.74 36.29 3.09
C LEU A 188 57.56 36.97 4.21
N ASP A 189 56.86 37.49 5.24
CA ASP A 189 57.48 38.10 6.43
C ASP A 189 57.49 37.08 7.57
N ASP A 190 58.68 36.83 8.17
CA ASP A 190 58.88 35.79 9.22
C ASP A 190 57.87 35.92 10.38
N TRP A 191 57.80 37.14 10.96
CA TRP A 191 56.93 37.43 12.11
C TRP A 191 55.43 37.23 11.77
N ARG A 192 55.04 37.58 10.52
CA ARG A 192 53.64 37.46 10.05
C ARG A 192 53.25 35.97 9.93
N VAL A 193 54.11 35.19 9.25
CA VAL A 193 53.89 33.75 9.04
C VAL A 193 53.75 33.03 10.42
N ARG A 194 54.57 33.47 11.39
CA ARG A 194 54.57 32.94 12.78
C ARG A 194 53.27 33.27 13.54
N SER A 195 52.69 34.46 13.29
CA SER A 195 51.41 34.87 13.91
C SER A 195 50.29 33.90 13.46
N ILE A 196 50.23 33.70 12.13
CA ILE A 196 49.19 32.88 11.50
C ILE A 196 49.37 31.40 11.90
N ILE A 197 50.64 30.97 11.97
CA ILE A 197 51.01 29.62 12.44
C ILE A 197 50.51 29.43 13.88
N SER A 198 51.00 30.27 14.82
CA SER A 198 50.81 30.08 16.28
C SER A 198 49.33 29.96 16.69
N LYS A 199 48.48 30.87 16.16
CA LYS A 199 47.03 30.91 16.49
C LYS A 199 46.30 29.60 16.11
N TYR A 200 46.87 28.84 15.16
CA TYR A 200 46.26 27.59 14.65
C TYR A 200 47.08 26.37 15.10
N SER A 201 48.40 26.53 15.23
CA SER A 201 49.32 25.42 15.51
C SER A 201 49.11 24.90 16.92
N ASP A 202 48.62 25.80 17.80
CA ASP A 202 48.28 25.48 19.19
C ASP A 202 47.27 24.33 19.27
N HIS A 203 46.30 24.30 18.33
CA HIS A 203 45.25 23.25 18.30
C HIS A 203 45.74 22.01 17.53
N ILE A 204 47.00 22.01 17.11
CA ILE A 204 47.56 20.96 16.26
C ILE A 204 48.62 20.16 17.06
N ALA A 205 48.47 18.81 17.04
CA ALA A 205 49.33 17.88 17.81
C ALA A 205 50.65 17.57 17.05
N LEU A 206 50.99 18.43 16.07
CA LEU A 206 52.15 18.23 15.19
C LEU A 206 53.10 19.43 15.33
N PRO A 207 54.37 19.22 15.84
CA PRO A 207 55.40 20.29 15.97
C PRO A 207 55.58 21.15 14.68
N VAL A 208 55.01 22.36 14.67
CA VAL A 208 55.13 23.27 13.52
C VAL A 208 56.36 24.16 13.70
N GLU A 209 57.42 23.87 12.93
CA GLU A 209 58.65 24.68 12.88
C GLU A 209 58.68 25.51 11.62
N ILE A 210 59.33 26.68 11.70
CA ILE A 210 59.47 27.62 10.59
C ILE A 210 60.95 27.79 10.27
N GLU A 211 61.26 28.06 9.00
CA GLU A 211 62.62 28.41 8.58
C GLU A 211 62.98 29.79 9.15
N LYS A 212 63.61 29.79 10.32
CA LYS A 212 64.18 31.00 10.90
C LYS A 212 65.60 31.14 10.38
N ARG A 213 65.78 31.99 9.36
CA ARG A 213 67.08 32.21 8.75
C ARG A 213 67.53 33.64 9.05
N GLU A 214 68.78 33.75 9.50
CA GLU A 214 69.44 35.01 9.76
C GLU A 214 70.40 35.25 8.61
N GLU A 215 69.87 35.99 7.62
CA GLU A 215 70.54 36.26 6.36
C GLU A 215 71.51 37.44 6.54
N LYS A 216 72.69 37.10 7.11
CA LYS A 216 73.79 38.04 7.28
C LYS A 216 74.66 38.00 6.02
N ASP A 217 75.48 39.06 5.82
CA ASP A 217 76.32 39.18 4.61
C ASP A 217 77.36 38.05 4.54
N GLY A 218 77.11 37.08 3.63
CA GLY A 218 77.95 35.90 3.47
C GLY A 218 77.54 34.76 4.40
N GLU A 219 76.82 35.09 5.50
CA GLU A 219 76.45 34.14 6.56
C GLU A 219 74.91 33.97 6.62
N THR A 220 74.36 33.15 5.71
CA THR A 220 72.94 32.78 5.75
C THR A 220 72.76 31.61 6.73
N VAL A 221 72.57 31.96 8.01
CA VAL A 221 72.31 30.98 9.08
C VAL A 221 70.88 30.50 8.93
N ILE A 222 70.66 29.17 8.91
CA ILE A 222 69.30 28.59 8.81
C ILE A 222 69.06 27.66 10.00
N SER A 223 67.95 27.92 10.70
CA SER A 223 67.47 27.11 11.81
C SER A 223 65.96 26.89 11.62
N TRP A 224 65.43 25.84 12.25
CA TRP A 224 63.99 25.54 12.25
C TRP A 224 63.47 25.70 13.68
N GLU A 225 62.62 26.71 13.89
CA GLU A 225 62.16 27.09 15.23
C GLU A 225 60.67 26.73 15.37
N LYS A 226 60.36 25.81 16.30
CA LYS A 226 58.98 25.37 16.55
C LYS A 226 58.20 26.47 17.30
N ILE A 227 57.21 27.06 16.61
CA ILE A 227 56.34 28.12 17.18
C ILE A 227 55.25 27.46 18.06
N ASN A 228 54.99 26.18 17.74
CA ASN A 228 53.94 25.37 18.37
C ASN A 228 54.45 24.71 19.65
N LYS A 229 53.53 24.50 20.58
CA LYS A 229 53.76 23.78 21.86
C LYS A 229 53.87 22.26 21.63
N ALA A 230 53.27 21.80 20.50
CA ALA A 230 53.45 20.45 19.93
C ALA A 230 52.92 19.36 20.86
N GLN A 231 51.82 19.68 21.54
CA GLN A 231 51.24 18.79 22.55
C GLN A 231 49.79 18.49 22.16
N ALA A 232 49.46 17.20 22.17
CA ALA A 232 48.13 16.67 21.86
C ALA A 232 47.01 17.38 22.65
N LEU A 233 46.15 18.13 21.93
CA LEU A 233 45.09 18.98 22.53
C LEU A 233 44.17 18.15 23.45
N TRP A 234 43.91 16.90 23.07
CA TRP A 234 43.06 16.01 23.86
C TRP A 234 43.75 15.64 25.21
N THR A 235 45.07 15.34 25.20
CA THR A 235 45.80 14.95 26.43
C THR A 235 46.04 16.17 27.35
N ARG A 236 45.96 17.38 26.77
CA ARG A 236 46.09 18.67 27.51
C ARG A 236 44.88 18.98 28.42
N ASN A 237 44.99 20.07 29.19
CA ASN A 237 43.94 20.50 30.15
C ASN A 237 42.98 21.53 29.52
N LYS A 238 41.68 21.29 29.73
CA LYS A 238 40.57 22.08 29.17
C LYS A 238 40.61 23.57 29.58
N SER A 239 41.25 23.85 30.73
CA SER A 239 41.39 25.21 31.28
C SER A 239 42.43 26.03 30.49
N GLU A 240 43.45 25.35 29.93
CA GLU A 240 44.47 25.99 29.09
C GLU A 240 43.95 26.12 27.64
N ILE A 241 43.03 25.23 27.25
CA ILE A 241 42.46 25.22 25.88
C ILE A 241 41.23 26.16 25.81
N THR A 242 41.31 27.20 24.97
CA THR A 242 40.22 28.19 24.79
C THR A 242 39.23 27.74 23.67
N ASP A 243 38.18 28.55 23.47
CA ASP A 243 37.09 28.32 22.49
C ASP A 243 37.65 28.18 21.07
N GLU A 244 38.54 29.13 20.70
CA GLU A 244 39.17 29.20 19.37
C GLU A 244 39.84 27.86 19.05
N GLU A 245 40.69 27.39 20.00
CA GLU A 245 41.44 26.13 19.86
C GLU A 245 40.51 24.94 19.59
N TYR A 246 39.45 24.78 20.43
CA TYR A 246 38.45 23.70 20.27
C TYR A 246 37.79 23.72 18.90
N LYS A 247 37.30 24.90 18.52
CA LYS A 247 36.50 25.08 17.29
C LYS A 247 37.33 24.81 16.04
N GLU A 248 38.60 25.22 16.05
CA GLU A 248 39.53 24.99 14.93
C GLU A 248 40.10 23.54 14.97
N PHE A 249 40.15 22.92 16.17
CA PHE A 249 40.60 21.52 16.35
C PHE A 249 39.59 20.56 15.72
N TYR A 250 38.31 20.92 15.85
CA TYR A 250 37.21 20.21 15.21
C TYR A 250 37.40 20.14 13.70
N LYS A 251 37.93 21.22 13.13
CA LYS A 251 38.13 21.38 11.69
C LYS A 251 39.16 20.35 11.17
N HIS A 252 40.20 20.12 11.98
CA HIS A 252 41.17 19.03 11.77
C HIS A 252 40.46 17.65 11.80
N ILE A 253 39.98 17.27 12.99
CA ILE A 253 39.57 15.88 13.32
C ILE A 253 38.36 15.39 12.49
N ALA A 254 37.46 16.32 12.15
CA ALA A 254 36.15 15.97 11.56
C ALA A 254 36.20 15.94 10.04
N HIS A 255 37.28 16.53 9.45
CA HIS A 255 37.38 16.77 8.00
C HIS A 255 36.23 17.67 7.51
N ASP A 256 35.83 18.60 8.39
CA ASP A 256 34.83 19.64 8.10
C ASP A 256 35.18 20.87 8.93
N PHE A 257 35.01 22.06 8.36
CA PHE A 257 35.62 23.30 8.89
C PHE A 257 34.57 24.40 9.13
N ASN A 258 33.30 23.99 9.27
CA ASN A 258 32.24 24.89 9.74
C ASN A 258 32.32 25.05 11.28
N ASP A 259 31.67 26.10 11.78
CA ASP A 259 31.71 26.51 13.19
C ASP A 259 30.90 25.53 14.08
N PRO A 260 31.56 24.74 14.99
CA PRO A 260 30.86 23.78 15.88
C PRO A 260 30.08 24.51 16.99
N LEU A 261 28.91 23.96 17.32
CA LEU A 261 27.98 24.55 18.29
C LEU A 261 28.54 24.44 19.73
N THR A 262 28.95 23.22 20.13
CA THR A 262 29.55 22.98 21.46
C THR A 262 30.53 21.80 21.40
N TRP A 263 31.18 21.54 22.55
CA TRP A 263 32.16 20.48 22.74
C TRP A 263 32.00 19.85 24.13
N SER A 264 32.68 18.72 24.37
CA SER A 264 32.72 18.05 25.67
C SER A 264 34.06 17.33 25.84
N HIS A 265 35.03 18.03 26.45
CA HIS A 265 36.37 17.49 26.74
C HIS A 265 36.36 16.89 28.14
N ASN A 266 36.60 15.58 28.24
CA ASN A 266 36.67 14.83 29.50
C ASN A 266 37.85 13.85 29.44
N ARG A 267 38.39 13.50 30.61
CA ARG A 267 39.39 12.43 30.77
C ARG A 267 38.96 11.53 31.94
N VAL A 268 38.88 10.22 31.69
CA VAL A 268 38.28 9.24 32.61
C VAL A 268 39.30 8.14 32.98
N GLU A 269 39.15 7.60 34.21
CA GLU A 269 40.05 6.59 34.80
C GLU A 269 39.27 5.30 35.13
N GLY A 270 40.00 4.30 35.67
CA GLY A 270 39.39 3.11 36.26
C GLY A 270 39.45 1.90 35.34
N LYS A 271 38.28 1.48 34.80
CA LYS A 271 38.18 0.32 33.90
C LYS A 271 38.89 0.61 32.56
N GLN A 272 38.54 1.74 31.92
CA GLN A 272 39.27 2.24 30.74
C GLN A 272 39.91 3.59 31.07
N GLU A 273 41.24 3.66 30.93
CA GLU A 273 41.97 4.95 30.97
C GLU A 273 41.91 5.58 29.57
N TYR A 274 41.05 6.60 29.42
CA TYR A 274 40.83 7.25 28.13
C TYR A 274 40.60 8.75 28.29
N THR A 275 40.73 9.47 27.18
CA THR A 275 40.35 10.88 27.07
C THR A 275 39.35 11.01 25.90
N SER A 276 38.13 11.47 26.20
CA SER A 276 37.08 11.69 25.20
C SER A 276 36.95 13.20 24.92
N LEU A 277 36.70 13.56 23.67
CA LEU A 277 36.45 14.95 23.27
C LEU A 277 35.47 14.94 22.10
N LEU A 278 34.19 15.20 22.45
CA LEU A 278 33.06 15.19 21.53
C LEU A 278 32.74 16.62 21.09
N TYR A 279 32.03 16.76 19.97
CA TYR A 279 31.58 18.05 19.41
C TYR A 279 30.20 17.87 18.77
N ILE A 280 29.40 18.94 18.78
CA ILE A 280 28.12 19.02 18.08
C ILE A 280 28.29 19.90 16.82
N PRO A 281 28.00 19.36 15.58
CA PRO A 281 28.12 20.13 14.31
C PRO A 281 26.91 21.05 14.05
N SER A 282 27.13 22.09 13.22
CA SER A 282 26.07 23.01 12.77
C SER A 282 25.56 22.64 11.36
N GLN A 283 26.27 21.71 10.69
CA GLN A 283 26.04 21.36 9.28
C GLN A 283 25.78 19.86 9.16
N ALA A 284 24.64 19.48 8.57
CA ALA A 284 24.35 18.08 8.21
C ALA A 284 25.19 17.69 6.98
N PRO A 285 26.14 16.69 7.11
CA PRO A 285 26.96 16.23 5.97
C PRO A 285 26.10 15.48 4.93
N TRP A 286 26.53 15.50 3.64
CA TRP A 286 25.83 14.80 2.54
C TRP A 286 25.94 13.27 2.81
N ASP A 287 27.15 12.86 3.19
CA ASP A 287 27.51 11.45 3.51
C ASP A 287 27.03 10.99 4.92
N MET A 288 26.22 11.82 5.61
CA MET A 288 25.53 11.44 6.87
C MET A 288 24.57 10.25 6.64
N TRP A 289 23.86 10.30 5.48
CA TRP A 289 22.83 9.32 5.10
C TRP A 289 23.33 8.38 3.98
N ASN A 290 24.68 8.27 3.85
CA ASN A 290 25.32 7.39 2.84
C ASN A 290 25.78 6.08 3.49
N ARG A 291 26.18 5.10 2.66
CA ARG A 291 26.56 3.74 3.09
C ARG A 291 28.03 3.71 3.60
N ASP A 292 28.76 4.82 3.40
CA ASP A 292 30.13 5.00 3.90
C ASP A 292 30.07 5.63 5.31
N HIS A 293 31.17 5.50 6.07
CA HIS A 293 31.30 6.07 7.42
C HIS A 293 31.57 7.59 7.35
N LYS A 294 30.97 8.32 8.29
CA LYS A 294 31.32 9.72 8.60
C LYS A 294 30.95 10.03 10.06
N HIS A 295 29.90 9.34 10.54
CA HIS A 295 29.55 9.31 11.96
C HIS A 295 30.62 8.52 12.73
N GLY A 296 30.95 9.02 13.94
CA GLY A 296 31.98 8.40 14.78
C GLY A 296 33.12 9.35 15.05
N LEU A 297 34.21 8.80 15.61
CA LEU A 297 35.33 9.59 16.18
C LEU A 297 36.67 9.16 15.55
N LYS A 298 37.71 10.02 15.64
CA LYS A 298 39.10 9.59 15.37
C LYS A 298 39.59 8.73 16.56
N LEU A 299 39.72 7.43 16.35
CA LEU A 299 40.28 6.51 17.35
C LEU A 299 41.81 6.69 17.43
N TYR A 300 42.27 6.98 18.66
CA TYR A 300 43.69 6.94 19.05
C TYR A 300 43.82 5.87 20.15
N VAL A 301 44.87 5.04 20.08
CA VAL A 301 45.23 4.11 21.16
C VAL A 301 46.65 4.45 21.66
N GLN A 302 46.74 4.83 22.95
CA GLN A 302 47.99 5.21 23.65
C GLN A 302 48.59 6.50 23.02
N ARG A 303 47.68 7.45 22.72
CA ARG A 303 47.98 8.80 22.19
C ARG A 303 48.54 8.73 20.74
N VAL A 304 48.44 7.53 20.13
CA VAL A 304 48.88 7.25 18.77
C VAL A 304 47.65 6.88 17.93
N PHE A 305 47.49 7.50 16.75
CA PHE A 305 46.29 7.36 15.90
C PHE A 305 46.11 5.92 15.34
N ILE A 306 44.83 5.53 15.13
CA ILE A 306 44.45 4.23 14.54
C ILE A 306 43.59 4.46 13.28
N MET A 307 42.36 5.03 13.43
CA MET A 307 41.40 5.16 12.31
C MET A 307 40.31 6.20 12.63
N ASP A 308 40.00 7.08 11.65
CA ASP A 308 38.93 8.10 11.78
C ASP A 308 37.58 7.54 11.28
N ASP A 309 36.50 8.23 11.72
CA ASP A 309 35.09 7.83 11.49
C ASP A 309 34.79 6.45 12.15
N ALA A 310 35.47 6.20 13.28
CA ALA A 310 35.26 4.99 14.10
C ALA A 310 33.91 5.08 14.83
N GLU A 311 32.89 4.56 14.15
CA GLU A 311 31.47 4.61 14.55
C GLU A 311 31.10 3.56 15.62
N GLN A 312 32.07 2.75 16.04
CA GLN A 312 31.88 1.73 17.08
C GLN A 312 31.86 2.33 18.49
N PHE A 313 32.26 3.62 18.60
CA PHE A 313 32.25 4.36 19.88
C PHE A 313 30.99 5.22 20.01
N MET A 314 30.22 5.36 18.91
CA MET A 314 28.99 6.17 18.89
C MET A 314 27.89 5.48 18.04
N PRO A 315 26.69 5.14 18.62
CA PRO A 315 25.59 4.47 17.85
C PRO A 315 24.86 5.42 16.86
N ASN A 316 23.88 4.87 16.11
CA ASN A 316 23.12 5.63 15.09
C ASN A 316 22.15 6.64 15.72
N TYR A 317 21.80 6.43 17.00
CA TYR A 317 20.98 7.38 17.78
C TYR A 317 21.71 8.71 17.92
N LEU A 318 23.04 8.60 18.02
CA LEU A 318 23.93 9.71 18.33
C LEU A 318 24.92 9.89 17.15
N ARG A 319 24.50 9.47 15.91
CA ARG A 319 25.39 9.48 14.72
C ARG A 319 25.81 10.91 14.33
N PHE A 320 25.09 11.91 14.86
CA PHE A 320 25.41 13.33 14.69
C PHE A 320 26.74 13.74 15.36
N VAL A 321 27.13 13.03 16.44
CA VAL A 321 28.35 13.34 17.21
C VAL A 321 29.62 12.99 16.41
N ARG A 322 30.53 13.97 16.38
CA ARG A 322 31.90 13.78 15.90
C ARG A 322 32.89 14.22 16.98
N GLY A 323 34.17 13.97 16.70
CA GLY A 323 35.23 14.27 17.65
C GLY A 323 36.35 13.24 17.57
N LEU A 324 36.83 12.80 18.73
CA LEU A 324 37.89 11.79 18.86
C LEU A 324 37.84 11.16 20.26
N ILE A 325 38.45 9.97 20.38
CA ILE A 325 38.59 9.27 21.65
C ILE A 325 39.95 8.54 21.66
N ASP A 326 40.80 8.93 22.61
CA ASP A 326 42.07 8.26 22.87
C ASP A 326 41.86 7.27 24.02
N SER A 327 42.33 6.03 23.86
CA SER A 327 42.32 5.03 24.92
C SER A 327 43.72 4.42 25.05
N SER A 328 44.36 4.61 26.21
CA SER A 328 45.67 3.96 26.52
C SER A 328 45.45 2.56 27.13
N ASP A 329 44.16 2.16 27.25
CA ASP A 329 43.74 0.87 27.84
C ASP A 329 43.51 -0.20 26.77
N LEU A 330 42.65 0.13 25.78
CA LEU A 330 42.23 -0.82 24.72
C LEU A 330 43.45 -1.32 23.91
N PRO A 331 43.42 -2.61 23.41
CA PRO A 331 44.55 -3.21 22.64
C PRO A 331 44.95 -2.39 21.40
N LEU A 332 46.25 -2.43 21.06
CA LEU A 332 46.81 -1.64 19.93
C LEU A 332 46.40 -2.25 18.58
N ASN A 333 46.09 -3.57 18.59
CA ASN A 333 45.74 -4.35 17.39
C ASN A 333 44.23 -4.25 17.04
N VAL A 334 43.54 -3.33 17.74
CA VAL A 334 42.07 -3.21 17.70
C VAL A 334 41.53 -2.83 16.29
N SER A 335 40.35 -3.40 15.95
CA SER A 335 39.61 -3.10 14.70
C SER A 335 38.10 -3.19 14.97
N ARG A 336 37.27 -3.07 13.90
CA ARG A 336 35.80 -2.87 14.01
C ARG A 336 35.08 -4.05 14.72
N GLU A 337 35.41 -5.30 14.34
CA GLU A 337 34.77 -6.52 14.92
C GLU A 337 35.22 -6.73 16.39
N ILE A 338 36.48 -6.31 16.69
CA ILE A 338 37.01 -6.30 18.07
C ILE A 338 36.13 -5.40 18.94
N LEU A 339 35.91 -4.17 18.43
CA LEU A 339 35.06 -3.14 19.07
C LEU A 339 33.59 -3.60 19.17
N GLN A 340 33.19 -4.49 18.24
CA GLN A 340 31.81 -5.02 18.16
C GLN A 340 31.52 -6.01 19.30
N ASP A 341 32.49 -6.90 19.58
CA ASP A 341 32.32 -7.99 20.57
C ASP A 341 32.93 -7.64 21.94
N SER A 342 33.81 -6.63 21.99
CA SER A 342 34.50 -6.24 23.24
C SER A 342 33.49 -5.69 24.27
N THR A 343 33.67 -6.12 25.53
CA THR A 343 32.82 -5.68 26.65
C THR A 343 33.31 -4.33 27.15
N VAL A 344 34.65 -4.19 27.25
CA VAL A 344 35.30 -2.96 27.74
C VAL A 344 35.03 -1.77 26.79
N THR A 345 34.91 -2.07 25.47
CA THR A 345 34.55 -1.07 24.44
C THR A 345 33.06 -0.71 24.51
N ARG A 346 32.22 -1.67 24.94
CA ARG A 346 30.77 -1.47 25.00
C ARG A 346 30.42 -0.57 26.19
N ASN A 347 31.07 -0.86 27.34
CA ASN A 347 30.97 -0.05 28.58
C ASN A 347 31.59 1.35 28.37
N LEU A 348 32.67 1.40 27.56
CA LEU A 348 33.29 2.65 27.09
C LEU A 348 32.26 3.51 26.33
N ARG A 349 31.56 2.86 25.38
CA ARG A 349 30.56 3.53 24.52
C ARG A 349 29.35 4.01 25.33
N ASN A 350 28.91 3.24 26.35
CA ASN A 350 27.79 3.63 27.25
C ASN A 350 28.12 4.90 28.03
N ALA A 351 29.42 5.07 28.37
CA ALA A 351 29.92 6.26 29.05
C ALA A 351 29.84 7.50 28.14
N LEU A 352 30.34 7.37 26.89
CA LEU A 352 30.27 8.44 25.87
C LEU A 352 28.81 8.79 25.51
N THR A 353 27.97 7.76 25.45
CA THR A 353 26.52 7.84 25.13
C THR A 353 25.79 8.73 26.16
N LYS A 354 26.12 8.49 27.43
CA LYS A 354 25.63 9.24 28.58
C LYS A 354 26.04 10.73 28.44
N ARG A 355 27.31 10.94 28.05
CA ARG A 355 27.90 12.29 27.89
C ARG A 355 27.25 13.05 26.73
N VAL A 356 26.77 12.32 25.71
CA VAL A 356 26.06 12.92 24.56
C VAL A 356 24.74 13.55 25.02
N LEU A 357 23.83 12.72 25.57
CA LEU A 357 22.48 13.21 25.98
C LEU A 357 22.58 14.31 27.07
N GLN A 358 23.61 14.20 27.90
CA GLN A 358 23.96 15.19 28.93
C GLN A 358 24.35 16.54 28.27
N MET A 359 25.20 16.47 27.24
CA MET A 359 25.73 17.63 26.48
C MET A 359 24.63 18.31 25.64
N LEU A 360 23.59 17.52 25.25
CA LEU A 360 22.46 18.02 24.46
C LEU A 360 21.61 19.00 25.30
N GLU A 361 21.19 18.55 26.49
CA GLU A 361 20.45 19.39 27.46
C GLU A 361 21.27 20.62 27.90
N LYS A 362 22.60 20.41 28.01
CA LYS A 362 23.55 21.47 28.37
C LYS A 362 23.49 22.58 27.30
N LEU A 363 23.61 22.18 26.02
CA LEU A 363 23.58 23.09 24.86
C LEU A 363 22.20 23.78 24.73
N ALA A 364 21.14 23.07 25.14
CA ALA A 364 19.75 23.57 25.11
C ALA A 364 19.58 24.80 26.01
N LYS A 365 20.39 24.85 27.09
CA LYS A 365 20.32 25.90 28.12
C LYS A 365 21.49 26.89 27.99
N ASP A 366 22.55 26.50 27.25
CA ASP A 366 23.62 27.43 26.86
C ASP A 366 23.06 28.36 25.78
N ASP A 367 22.73 27.76 24.61
CA ASP A 367 22.20 28.49 23.45
C ASP A 367 21.09 27.66 22.79
N ALA A 368 19.84 28.11 22.98
CA ALA A 368 18.64 27.48 22.40
C ALA A 368 18.66 27.57 20.86
N GLU A 369 19.31 28.63 20.33
CA GLU A 369 19.51 28.85 18.89
C GLU A 369 20.46 27.78 18.30
N LYS A 370 21.53 27.46 19.06
CA LYS A 370 22.48 26.40 18.66
C LYS A 370 21.79 25.04 18.67
N TYR A 371 20.97 24.78 19.70
CA TYR A 371 20.26 23.50 19.85
C TYR A 371 19.12 23.39 18.80
N GLN A 372 18.67 24.56 18.30
CA GLN A 372 17.72 24.65 17.17
C GLN A 372 18.43 24.25 15.86
N THR A 373 19.61 24.85 15.62
CA THR A 373 20.45 24.56 14.43
C THR A 373 20.80 23.06 14.38
N PHE A 374 21.13 22.53 15.56
CA PHE A 374 21.42 21.11 15.76
C PHE A 374 20.22 20.24 15.34
N TRP A 375 19.03 20.49 15.94
CA TRP A 375 17.83 19.67 15.70
C TRP A 375 17.33 19.85 14.25
N GLN A 376 17.59 21.01 13.65
CA GLN A 376 17.14 21.34 12.28
C GLN A 376 17.92 20.50 11.26
N GLN A 377 19.17 20.13 11.63
CA GLN A 377 20.08 19.34 10.78
C GLN A 377 20.14 17.85 11.20
N PHE A 378 19.90 17.55 12.49
CA PHE A 378 20.18 16.20 13.08
C PHE A 378 19.01 15.68 13.94
N GLY A 379 17.88 16.40 13.92
CA GLY A 379 16.72 16.07 14.75
C GLY A 379 16.14 14.71 14.44
N LEU A 380 15.95 14.46 13.13
CA LEU A 380 15.39 13.18 12.61
C LEU A 380 16.15 11.96 13.16
N VAL A 381 17.47 12.16 13.40
CA VAL A 381 18.33 11.16 14.03
C VAL A 381 17.94 10.98 15.51
N LEU A 382 17.94 12.09 16.29
CA LEU A 382 17.69 12.07 17.76
C LEU A 382 16.29 11.45 18.09
N LYS A 383 15.36 11.50 17.12
CA LYS A 383 13.96 11.04 17.29
C LYS A 383 13.81 9.51 17.54
N GLU A 384 14.86 8.70 17.27
CA GLU A 384 14.86 7.25 17.63
C GLU A 384 15.33 7.05 19.09
N GLY A 385 16.02 8.08 19.63
CA GLY A 385 16.45 8.11 21.02
C GLY A 385 15.33 7.86 22.05
N PRO A 386 14.24 8.71 22.11
CA PRO A 386 13.13 8.54 23.11
C PRO A 386 12.33 7.24 22.87
N ALA A 387 12.52 6.65 21.69
CA ALA A 387 11.86 5.41 21.31
C ALA A 387 12.60 4.22 21.92
N GLU A 388 13.89 4.39 22.18
CA GLU A 388 14.66 3.40 22.98
C GLU A 388 14.52 3.67 24.48
N ASP A 389 14.61 4.96 24.85
CA ASP A 389 14.51 5.40 26.23
C ASP A 389 13.05 5.50 26.68
N PHE A 390 12.51 4.39 27.20
CA PHE A 390 11.20 4.38 27.85
C PHE A 390 11.35 4.81 29.33
N ALA A 391 12.39 4.30 29.99
CA ALA A 391 12.64 4.57 31.42
C ALA A 391 13.07 6.03 31.66
N ASN A 392 13.78 6.61 30.67
CA ASN A 392 14.27 8.01 30.70
C ASN A 392 13.43 8.88 29.74
N GLN A 393 12.21 8.40 29.41
CA GLN A 393 11.27 9.01 28.45
C GLN A 393 11.11 10.54 28.62
N GLU A 394 10.85 10.98 29.86
CA GLU A 394 10.62 12.41 30.19
C GLU A 394 11.91 13.24 29.98
N ALA A 395 13.06 12.64 30.34
CA ALA A 395 14.38 13.28 30.25
C ALA A 395 14.78 13.56 28.80
N ILE A 396 14.44 12.59 27.91
CA ILE A 396 14.71 12.72 26.46
C ILE A 396 13.71 13.70 25.84
N ALA A 397 12.49 13.75 26.42
CA ALA A 397 11.43 14.67 26.00
C ALA A 397 11.84 16.15 26.22
N LYS A 398 12.75 16.37 27.18
CA LYS A 398 13.38 17.70 27.44
C LYS A 398 14.48 18.01 26.42
N LEU A 399 14.93 16.98 25.69
CA LEU A 399 15.88 17.12 24.56
C LEU A 399 15.10 17.32 23.23
N LEU A 400 13.88 16.74 23.17
CA LEU A 400 13.05 16.73 21.96
C LEU A 400 12.49 18.14 21.67
N ARG A 401 12.63 18.57 20.40
CA ARG A 401 12.00 19.80 19.89
C ARG A 401 10.88 19.35 18.93
N PHE A 402 9.69 19.95 19.00
CA PHE A 402 8.55 19.60 18.12
C PHE A 402 8.14 20.80 17.28
N ALA A 403 7.41 20.54 16.19
CA ALA A 403 6.83 21.60 15.35
C ALA A 403 5.42 21.91 15.85
N SER A 404 4.91 23.11 15.53
CA SER A 404 3.68 23.62 16.16
C SER A 404 3.04 24.75 15.35
N THR A 405 1.84 25.18 15.79
CA THR A 405 1.11 26.34 15.25
C THR A 405 1.81 27.67 15.66
N HIS A 406 2.78 27.58 16.59
CA HIS A 406 3.64 28.69 17.04
C HIS A 406 4.37 29.35 15.86
N THR A 407 4.82 28.51 14.93
CA THR A 407 5.70 28.89 13.83
C THR A 407 5.26 28.14 12.56
N ASP A 408 5.16 28.86 11.43
CA ASP A 408 4.68 28.30 10.14
C ASP A 408 5.79 27.55 9.38
N SER A 409 6.99 27.43 10.00
CA SER A 409 8.14 26.72 9.44
C SER A 409 8.01 25.20 9.64
N SER A 410 8.80 24.44 8.86
CA SER A 410 8.91 22.97 8.96
C SER A 410 10.04 22.58 9.94
N ALA A 411 10.77 23.59 10.47
CA ALA A 411 11.76 23.40 11.53
C ALA A 411 11.05 23.29 12.89
N GLN A 412 11.48 22.33 13.72
CA GLN A 412 10.90 22.09 15.05
C GLN A 412 11.42 23.17 16.04
N THR A 413 10.81 24.36 15.98
CA THR A 413 11.27 25.55 16.72
C THR A 413 10.89 25.49 18.22
N VAL A 414 9.66 25.05 18.49
CA VAL A 414 9.13 24.99 19.86
C VAL A 414 9.66 23.74 20.59
N SER A 415 9.65 23.78 21.91
CA SER A 415 9.94 22.61 22.76
C SER A 415 8.70 22.27 23.58
N LEU A 416 8.74 21.11 24.25
CA LEU A 416 7.74 20.74 25.29
C LEU A 416 7.85 21.69 26.51
N GLU A 417 9.00 22.38 26.62
CA GLU A 417 9.32 23.29 27.74
C GLU A 417 8.56 24.64 27.57
N ASP A 418 8.71 25.27 26.38
CA ASP A 418 7.90 26.46 25.95
C ASP A 418 6.40 26.14 26.08
N TYR A 419 6.07 24.96 25.57
CA TYR A 419 4.71 24.46 25.42
C TYR A 419 3.95 24.38 26.76
N VAL A 420 4.55 23.67 27.75
CA VAL A 420 3.94 23.50 29.09
C VAL A 420 3.87 24.85 29.83
N SER A 421 4.92 25.68 29.69
CA SER A 421 4.95 27.04 30.29
C SER A 421 3.91 27.98 29.63
N ARG A 422 3.52 27.64 28.39
CA ARG A 422 2.53 28.40 27.60
C ARG A 422 1.09 27.89 27.84
N MET A 423 0.95 26.63 28.31
CA MET A 423 -0.38 26.02 28.59
C MET A 423 -1.20 26.86 29.59
N LYS A 424 -2.52 26.85 29.40
CA LYS A 424 -3.47 27.63 30.22
C LYS A 424 -4.23 26.70 31.19
N GLU A 425 -5.16 27.29 31.96
CA GLU A 425 -6.03 26.54 32.89
C GLU A 425 -6.83 25.44 32.16
N GLY A 426 -6.92 24.25 32.76
CA GLY A 426 -7.64 23.12 32.18
C GLY A 426 -6.81 22.29 31.20
N GLN A 427 -5.56 22.71 30.92
CA GLN A 427 -4.66 21.99 30.00
C GLN A 427 -3.65 21.13 30.78
N GLU A 428 -4.15 19.97 31.26
CA GLU A 428 -3.36 18.93 31.95
C GLU A 428 -2.98 17.81 30.97
N LYS A 429 -3.13 18.05 29.65
CA LYS A 429 -2.75 17.07 28.60
C LYS A 429 -2.05 17.79 27.43
N ILE A 430 -1.14 17.07 26.73
CA ILE A 430 -0.47 17.56 25.49
C ILE A 430 -1.38 17.26 24.29
N TYR A 431 -1.55 18.23 23.39
CA TYR A 431 -2.43 18.14 22.21
C TYR A 431 -1.58 18.10 20.93
N TYR A 432 -1.73 17.01 20.15
CA TYR A 432 -0.96 16.78 18.92
C TYR A 432 -1.91 16.73 17.70
N ILE A 433 -1.28 16.78 16.54
CA ILE A 433 -1.87 16.41 15.25
C ILE A 433 -1.08 15.23 14.68
N THR A 434 -1.81 14.21 14.19
CA THR A 434 -1.24 13.06 13.51
C THR A 434 -1.62 13.09 12.03
N ALA A 435 -0.62 13.32 11.16
CA ALA A 435 -0.82 13.38 9.70
C ALA A 435 0.27 12.57 9.01
N ASP A 436 -0.05 12.08 7.80
CA ASP A 436 0.90 11.34 6.94
C ASP A 436 1.86 12.33 6.26
N SER A 437 1.41 13.59 6.09
CA SER A 437 2.18 14.63 5.42
C SER A 437 2.08 15.97 6.19
N TYR A 438 3.21 16.69 6.26
CA TYR A 438 3.30 18.01 6.91
C TYR A 438 2.60 19.07 6.03
N ALA A 439 2.46 18.74 4.72
CA ALA A 439 1.62 19.50 3.79
C ALA A 439 0.20 19.64 4.38
N ALA A 440 -0.45 18.51 4.72
CA ALA A 440 -1.78 18.52 5.37
C ALA A 440 -1.75 19.37 6.67
N ALA A 441 -0.86 18.94 7.59
CA ALA A 441 -0.78 19.47 8.97
C ALA A 441 -0.66 21.00 9.03
N LYS A 442 0.24 21.54 8.19
CA LYS A 442 0.57 22.97 8.19
C LYS A 442 -0.34 23.80 7.26
N SER A 443 -0.76 23.24 6.10
CA SER A 443 -1.51 24.01 5.06
C SER A 443 -2.95 24.33 5.49
N SER A 444 -3.40 23.65 6.55
CA SER A 444 -4.73 23.83 7.14
C SER A 444 -5.00 25.32 7.49
N PRO A 445 -5.97 26.00 6.76
CA PRO A 445 -6.32 27.42 7.00
C PRO A 445 -6.99 27.64 8.38
N HIS A 446 -7.67 26.59 8.86
CA HIS A 446 -8.36 26.57 10.16
C HIS A 446 -7.38 26.55 11.38
N LEU A 447 -6.07 26.35 11.13
CA LEU A 447 -5.02 26.58 12.18
C LEU A 447 -5.06 28.05 12.66
N GLU A 448 -5.55 28.95 11.78
CA GLU A 448 -5.75 30.38 12.09
C GLU A 448 -6.84 30.62 13.14
N LEU A 449 -7.81 29.69 13.28
CA LEU A 449 -8.84 29.78 14.34
C LEU A 449 -8.15 29.64 15.72
N LEU A 450 -7.22 28.67 15.77
CA LEU A 450 -6.42 28.34 16.98
C LEU A 450 -5.42 29.46 17.29
N ARG A 451 -4.84 30.00 16.20
CA ARG A 451 -3.84 31.08 16.24
C ARG A 451 -4.47 32.35 16.85
N LYS A 452 -5.67 32.71 16.37
CA LYS A 452 -6.44 33.88 16.86
C LYS A 452 -7.09 33.59 18.23
N LYS A 453 -7.20 32.31 18.59
CA LYS A 453 -7.72 31.88 19.91
C LYS A 453 -6.61 32.07 20.98
N GLY A 454 -5.34 32.05 20.52
CA GLY A 454 -4.18 32.25 21.39
C GLY A 454 -3.69 30.97 22.04
N ILE A 455 -4.14 29.82 21.51
CA ILE A 455 -3.78 28.49 22.03
C ILE A 455 -2.67 27.86 21.17
N GLU A 456 -2.12 26.71 21.61
CA GLU A 456 -0.91 26.10 21.01
C GLU A 456 -1.19 24.66 20.59
N VAL A 457 -0.63 24.20 19.46
CA VAL A 457 -0.90 22.84 18.91
C VAL A 457 0.36 22.25 18.25
N LEU A 458 0.81 21.06 18.68
CA LEU A 458 2.00 20.40 18.08
C LEU A 458 1.64 19.68 16.76
N LEU A 459 2.23 20.16 15.64
CA LEU A 459 2.05 19.55 14.30
C LEU A 459 3.11 18.43 14.09
N LEU A 460 2.73 17.16 14.29
CA LEU A 460 3.64 16.00 14.08
C LEU A 460 3.18 15.17 12.88
N SER A 461 3.98 15.18 11.81
CA SER A 461 3.63 14.54 10.53
C SER A 461 4.85 13.83 9.89
N ASP A 462 5.86 13.56 10.71
CA ASP A 462 7.10 12.89 10.28
C ASP A 462 6.98 11.38 10.52
N ARG A 463 7.82 10.63 9.78
CA ARG A 463 7.77 9.17 9.69
C ARG A 463 7.79 8.44 11.07
N ILE A 464 8.67 8.90 11.98
CA ILE A 464 8.99 8.15 13.21
C ILE A 464 8.19 8.67 14.43
N ASP A 465 7.41 9.76 14.27
CA ASP A 465 6.62 10.38 15.37
C ASP A 465 5.69 9.36 16.04
N GLU A 466 5.20 8.41 15.25
CA GLU A 466 4.34 7.34 15.73
C GLU A 466 5.10 6.47 16.75
N TRP A 467 6.31 6.05 16.38
CA TRP A 467 7.10 5.08 17.17
C TRP A 467 7.71 5.76 18.42
N MET A 468 8.04 7.07 18.35
CA MET A 468 8.53 7.80 19.56
C MET A 468 7.39 7.89 20.59
N MET A 469 6.15 8.12 20.08
CA MET A 469 4.92 8.19 20.90
C MET A 469 4.41 6.82 21.35
N ASN A 470 5.15 5.76 21.00
CA ASN A 470 4.93 4.41 21.54
C ASN A 470 5.36 4.39 23.03
N TYR A 471 6.42 5.17 23.33
CA TYR A 471 7.11 5.17 24.62
C TYR A 471 6.82 6.46 25.39
N LEU A 472 6.64 7.58 24.65
CA LEU A 472 6.19 8.87 25.22
C LEU A 472 4.74 8.74 25.75
N THR A 473 4.60 8.27 27.00
CA THR A 473 3.30 8.04 27.66
C THR A 473 2.78 9.30 28.40
N GLU A 474 3.69 9.99 29.14
CA GLU A 474 3.40 11.30 29.76
C GLU A 474 4.71 12.08 30.00
N PHE A 475 4.62 13.41 29.93
CA PHE A 475 5.75 14.34 30.17
C PHE A 475 5.30 15.36 31.21
N ASP A 476 6.12 15.55 32.27
CA ASP A 476 5.85 16.53 33.36
C ASP A 476 4.61 16.11 34.17
N GLY A 477 4.39 14.78 34.26
CA GLY A 477 3.21 14.21 34.89
C GLY A 477 1.91 14.61 34.17
N LYS A 478 2.05 14.90 32.88
CA LYS A 478 0.99 15.48 32.03
C LYS A 478 0.81 14.56 30.79
N PRO A 479 -0.28 13.71 30.76
CA PRO A 479 -0.49 12.68 29.70
C PRO A 479 -0.75 13.29 28.29
N PHE A 480 -0.31 12.58 27.23
CA PHE A 480 -0.45 13.01 25.82
C PHE A 480 -1.87 12.70 25.27
N GLN A 481 -2.32 13.50 24.27
CA GLN A 481 -3.73 13.52 23.76
C GLN A 481 -3.75 13.68 22.23
N SER A 482 -4.71 12.99 21.59
CA SER A 482 -5.00 13.12 20.14
C SER A 482 -6.01 14.25 19.84
N VAL A 483 -6.09 14.60 18.56
CA VAL A 483 -7.11 15.51 17.99
C VAL A 483 -8.43 14.73 17.65
N SER A 484 -8.74 13.69 18.47
CA SER A 484 -9.76 12.67 18.18
C SER A 484 -11.16 13.28 17.86
N LYS A 485 -11.64 14.27 18.64
CA LYS A 485 -12.95 14.88 18.35
C LYS A 485 -13.10 16.25 19.02
N VAL A 486 -13.85 17.14 18.31
CA VAL A 486 -13.99 18.56 18.65
C VAL A 486 -15.05 19.22 17.73
N ASP A 487 -15.83 20.16 18.30
CA ASP A 487 -16.57 21.18 17.54
C ASP A 487 -16.96 22.32 18.51
N GLU A 488 -17.13 23.54 17.98
CA GLU A 488 -17.46 24.72 18.81
C GLU A 488 -18.97 25.04 18.74
N SER A 489 -19.78 24.03 18.40
CA SER A 489 -21.26 24.13 18.41
C SER A 489 -21.84 24.51 19.80
N LEU A 490 -21.00 24.47 20.85
CA LEU A 490 -21.37 24.83 22.22
C LEU A 490 -20.21 25.56 22.94
N GLU A 491 -19.11 25.85 22.19
CA GLU A 491 -17.71 26.05 22.70
C GLU A 491 -17.61 26.29 24.23
N LYS A 492 -18.14 27.43 24.71
CA LYS A 492 -18.26 27.72 26.16
C LYS A 492 -19.53 27.02 26.72
N LEU A 493 -20.73 27.45 26.26
CA LEU A 493 -22.03 26.90 26.73
C LEU A 493 -22.91 26.49 25.54
N ALA A 494 -23.34 27.50 24.73
CA ALA A 494 -24.16 27.30 23.51
C ALA A 494 -23.71 28.17 22.31
N ASP A 495 -23.49 29.45 22.63
CA ASP A 495 -23.90 30.61 21.78
C ASP A 495 -22.83 31.14 20.82
N GLU A 496 -21.58 30.79 21.06
CA GLU A 496 -20.43 31.36 20.34
C GLU A 496 -20.11 30.53 19.08
N VAL A 497 -21.09 30.52 18.18
CA VAL A 497 -21.03 29.88 16.87
C VAL A 497 -21.11 30.96 15.76
N ASP A 498 -19.90 31.33 15.27
CA ASP A 498 -19.66 32.34 14.22
C ASP A 498 -20.54 33.61 14.40
N GLU A 499 -21.66 33.74 13.67
CA GLU A 499 -22.66 34.81 13.86
C GLU A 499 -23.97 34.48 13.11
N SER A 500 -24.15 33.22 12.68
CA SER A 500 -25.39 32.81 12.00
C SER A 500 -26.51 32.53 13.03
N ALA A 501 -27.49 33.45 13.08
CA ALA A 501 -28.68 33.38 13.95
C ALA A 501 -29.94 33.37 13.06
N LYS A 502 -31.07 33.88 13.58
CA LYS A 502 -32.40 33.72 12.98
C LYS A 502 -32.49 34.32 11.56
N GLU A 503 -31.88 35.51 11.36
CA GLU A 503 -31.86 36.21 10.05
C GLU A 503 -31.16 35.35 8.97
N ALA A 504 -30.09 34.63 9.39
CA ALA A 504 -29.35 33.72 8.52
C ALA A 504 -30.19 32.49 8.22
N GLU A 505 -30.76 31.87 9.28
CA GLU A 505 -31.59 30.63 9.20
C GLU A 505 -32.78 30.79 8.24
N LYS A 506 -33.34 32.01 8.20
CA LYS A 506 -34.47 32.38 7.32
C LYS A 506 -34.05 32.51 5.83
N ALA A 507 -32.75 32.73 5.59
CA ALA A 507 -32.16 32.72 4.24
C ALA A 507 -31.61 31.31 3.90
N LEU A 508 -31.32 30.51 4.95
CA LEU A 508 -30.71 29.17 4.81
C LEU A 508 -31.75 28.08 4.61
N THR A 509 -32.96 28.27 5.13
CA THR A 509 -34.05 27.26 5.06
C THR A 509 -34.57 26.99 3.62
N PRO A 510 -34.78 28.01 2.72
CA PRO A 510 -35.13 27.74 1.30
C PRO A 510 -34.00 26.97 0.61
N PHE A 511 -32.75 27.25 1.03
CA PHE A 511 -31.55 26.52 0.59
C PHE A 511 -31.65 25.04 1.03
N ILE A 512 -31.88 24.79 2.35
CA ILE A 512 -31.94 23.41 2.94
C ILE A 512 -32.97 22.55 2.21
N ASP A 513 -34.16 23.13 2.01
CA ASP A 513 -35.31 22.41 1.45
C ASP A 513 -35.07 22.05 -0.03
N ARG A 514 -34.45 22.99 -0.79
CA ARG A 514 -34.01 22.73 -2.18
C ARG A 514 -32.97 21.58 -2.21
N VAL A 515 -32.06 21.57 -1.21
CA VAL A 515 -31.01 20.53 -1.10
C VAL A 515 -31.63 19.15 -0.90
N LYS A 516 -32.63 19.07 0.01
CA LYS A 516 -33.30 17.80 0.34
C LYS A 516 -34.16 17.31 -0.86
N ALA A 517 -34.57 18.26 -1.73
CA ALA A 517 -35.24 17.95 -3.00
C ALA A 517 -34.24 17.31 -4.01
N LEU A 518 -33.02 17.87 -4.06
CA LEU A 518 -31.93 17.39 -4.94
C LEU A 518 -31.51 15.97 -4.61
N LEU A 519 -31.16 15.77 -3.33
CA LEU A 519 -30.56 14.52 -2.87
C LEU A 519 -31.66 13.48 -2.60
N GLY A 520 -32.68 13.88 -1.81
CA GLY A 520 -33.81 12.99 -1.46
C GLY A 520 -33.37 11.72 -0.75
N GLU A 521 -33.12 10.66 -1.56
CA GLU A 521 -32.75 9.32 -1.08
C GLU A 521 -31.26 9.02 -1.36
N ARG A 522 -30.47 10.08 -1.58
CA ARG A 522 -29.01 9.98 -1.71
C ARG A 522 -28.34 10.38 -0.38
N VAL A 523 -29.09 11.12 0.47
CA VAL A 523 -28.63 11.58 1.80
C VAL A 523 -29.72 11.28 2.85
N LYS A 524 -29.29 10.88 4.06
CA LYS A 524 -30.18 10.57 5.20
C LYS A 524 -30.95 11.82 5.65
N ASP A 525 -30.23 12.91 5.94
CA ASP A 525 -30.81 14.19 6.36
C ASP A 525 -29.83 15.33 6.08
N VAL A 526 -30.36 16.53 5.77
CA VAL A 526 -29.56 17.74 5.51
C VAL A 526 -29.92 18.82 6.56
N ARG A 527 -28.89 19.50 7.09
CA ARG A 527 -29.04 20.62 8.04
C ARG A 527 -28.10 21.78 7.62
N LEU A 528 -28.46 23.01 7.96
CA LEU A 528 -27.52 24.16 7.97
C LEU A 528 -27.21 24.48 9.43
N THR A 529 -26.17 23.82 9.98
CA THR A 529 -25.74 24.00 11.39
C THR A 529 -24.46 24.84 11.43
N HIS A 530 -24.00 25.18 12.64
CA HIS A 530 -22.87 26.11 12.82
C HIS A 530 -21.64 25.36 13.33
N ARG A 531 -21.17 24.44 12.48
CA ARG A 531 -19.85 23.82 12.62
C ARG A 531 -18.89 24.75 11.89
N LEU A 532 -18.12 25.58 12.60
CA LEU A 532 -17.32 26.66 11.97
C LEU A 532 -16.26 26.07 11.01
N THR A 533 -15.77 24.84 11.38
CA THR A 533 -14.98 23.90 10.51
C THR A 533 -13.92 24.57 9.58
N ASP A 534 -13.57 23.93 8.44
CA ASP A 534 -12.75 24.55 7.37
C ASP A 534 -13.35 24.29 5.99
N THR A 535 -14.27 23.34 5.92
CA THR A 535 -14.86 22.87 4.67
C THR A 535 -16.23 23.54 4.50
N PRO A 536 -16.62 23.95 3.24
CA PRO A 536 -17.97 24.48 2.97
C PRO A 536 -19.09 23.63 3.60
N ALA A 537 -18.94 22.31 3.48
CA ALA A 537 -19.86 21.36 4.07
C ALA A 537 -19.09 20.20 4.70
N ILE A 538 -19.57 19.77 5.86
CA ILE A 538 -18.98 18.70 6.65
C ILE A 538 -20.09 17.71 7.05
N VAL A 539 -19.98 16.48 6.55
CA VAL A 539 -20.93 15.40 6.86
C VAL A 539 -20.57 14.77 8.21
N SER A 540 -21.60 14.41 8.97
CA SER A 540 -21.44 13.79 10.28
C SER A 540 -21.77 12.29 10.19
N THR A 541 -21.11 11.49 11.05
CA THR A 541 -21.23 10.03 11.08
C THR A 541 -21.62 9.58 12.50
N ASP A 542 -22.42 8.50 12.59
CA ASP A 542 -22.81 7.91 13.88
C ASP A 542 -21.73 6.91 14.32
N ALA A 543 -21.60 5.81 13.57
CA ALA A 543 -20.66 4.71 13.87
C ALA A 543 -19.55 4.63 12.80
N ASP A 544 -18.93 3.45 12.64
CA ASP A 544 -17.79 3.23 11.72
C ASP A 544 -18.19 3.55 10.26
N GLU A 545 -17.61 4.66 9.73
CA GLU A 545 -17.89 5.18 8.36
C GLU A 545 -19.41 5.44 8.18
N MET A 546 -20.01 5.98 9.26
CA MET A 546 -21.47 6.11 9.47
C MET A 546 -22.03 4.73 9.86
N SER A 547 -22.02 3.80 8.89
CA SER A 547 -22.60 2.46 9.07
C SER A 547 -22.07 1.46 8.02
N THR A 548 -20.83 1.69 7.52
CA THR A 548 -20.25 0.87 6.41
C THR A 548 -19.59 -0.45 6.93
N GLN A 549 -19.82 -0.78 8.23
CA GLN A 549 -19.29 -2.03 8.85
C GLN A 549 -19.87 -2.24 10.26
N MET A 550 -20.97 -3.05 10.35
CA MET A 550 -21.55 -3.58 11.62
C MET A 550 -22.80 -4.43 11.33
N ALA A 551 -23.25 -5.21 12.34
CA ALA A 551 -24.37 -6.17 12.23
C ALA A 551 -25.72 -5.48 11.88
N LYS A 552 -26.25 -4.69 12.83
CA LYS A 552 -27.57 -3.98 12.69
C LYS A 552 -27.58 -3.03 11.49
N LEU A 553 -26.43 -2.38 11.29
CA LEU A 553 -26.22 -1.38 10.24
C LEU A 553 -26.40 -2.01 8.85
N PHE A 554 -25.75 -3.16 8.60
CA PHE A 554 -25.91 -3.90 7.31
C PHE A 554 -27.26 -4.64 7.23
N ALA A 555 -27.86 -4.91 8.40
CA ALA A 555 -29.21 -5.52 8.49
C ALA A 555 -30.33 -4.49 8.18
N ALA A 556 -29.97 -3.20 7.97
CA ALA A 556 -30.92 -2.13 7.61
C ALA A 556 -31.47 -2.31 6.17
N ALA A 557 -30.58 -2.65 5.21
CA ALA A 557 -30.99 -3.00 3.82
C ALA A 557 -30.25 -4.26 3.31
N GLY A 558 -28.90 -4.18 3.30
CA GLY A 558 -28.06 -5.24 2.70
C GLY A 558 -27.04 -4.67 1.71
N GLN A 559 -27.40 -3.53 1.07
CA GLN A 559 -26.51 -2.83 0.11
C GLN A 559 -25.40 -2.03 0.87
N LYS A 560 -25.03 -0.82 0.40
CA LYS A 560 -24.13 0.11 1.13
C LYS A 560 -24.74 0.64 2.46
N VAL A 561 -25.93 0.13 2.90
CA VAL A 561 -26.77 0.68 4.02
C VAL A 561 -27.42 2.06 3.67
N PRO A 562 -28.78 2.23 3.92
CA PRO A 562 -29.48 3.53 3.73
C PRO A 562 -28.98 4.62 4.70
N GLU A 563 -28.69 4.19 5.94
CA GLU A 563 -28.21 5.09 7.02
C GLU A 563 -26.83 5.68 6.66
N VAL A 564 -26.04 4.91 5.89
CA VAL A 564 -24.66 5.28 5.50
C VAL A 564 -24.63 6.61 4.74
N LYS A 565 -25.74 6.93 4.05
CA LYS A 565 -25.90 8.19 3.34
C LYS A 565 -25.74 9.32 4.36
N TYR A 566 -24.58 10.00 4.29
CA TYR A 566 -24.04 10.81 5.39
C TYR A 566 -24.89 12.06 5.65
N ILE A 567 -24.93 12.53 6.92
CA ILE A 567 -25.83 13.63 7.31
C ILE A 567 -25.14 14.93 6.89
N PHE A 568 -25.73 15.54 5.85
CA PHE A 568 -25.12 16.64 5.13
C PHE A 568 -25.37 17.95 5.87
N GLU A 569 -24.36 18.41 6.62
CA GLU A 569 -24.44 19.66 7.40
C GLU A 569 -23.48 20.68 6.79
N LEU A 570 -23.97 21.88 6.48
CA LEU A 570 -23.16 22.95 5.85
C LEU A 570 -22.90 24.07 6.85
N ASN A 571 -21.74 24.74 6.69
CA ASN A 571 -21.32 25.87 7.54
C ASN A 571 -21.67 27.19 6.84
N PRO A 572 -22.63 28.02 7.37
CA PRO A 572 -23.02 29.30 6.73
C PRO A 572 -21.86 30.31 6.74
N ASP A 573 -21.00 30.17 7.77
CA ASP A 573 -19.84 31.04 8.02
C ASP A 573 -18.81 30.97 6.89
N HIS A 574 -18.68 29.80 6.24
CA HIS A 574 -17.66 29.61 5.19
C HIS A 574 -18.07 30.34 3.90
N VAL A 575 -17.08 30.98 3.24
CA VAL A 575 -17.27 31.89 2.09
C VAL A 575 -18.02 31.23 0.90
N LEU A 576 -17.65 29.98 0.58
CA LEU A 576 -18.20 29.27 -0.60
C LEU A 576 -19.68 28.85 -0.41
N VAL A 577 -20.14 28.82 0.86
CA VAL A 577 -21.55 28.51 1.20
C VAL A 577 -22.42 29.76 1.04
N LYS A 578 -21.84 30.93 1.35
CA LYS A 578 -22.47 32.24 1.04
C LYS A 578 -22.71 32.33 -0.47
N ARG A 579 -21.66 32.05 -1.26
CA ARG A 579 -21.70 32.10 -2.73
C ARG A 579 -22.70 31.07 -3.29
N ALA A 580 -22.79 29.89 -2.63
CA ALA A 580 -23.71 28.80 -3.03
C ALA A 580 -25.18 29.16 -2.71
N ALA A 581 -25.36 30.00 -1.67
CA ALA A 581 -26.68 30.52 -1.27
C ALA A 581 -27.08 31.71 -2.17
N ASP A 582 -26.08 32.46 -2.64
CA ASP A 582 -26.27 33.59 -3.57
C ASP A 582 -26.56 33.08 -4.99
N THR A 583 -26.24 31.79 -5.25
CA THR A 583 -26.60 31.14 -6.52
C THR A 583 -28.07 30.70 -6.46
N GLU A 584 -28.95 31.57 -7.00
CA GLU A 584 -30.38 31.26 -7.17
C GLU A 584 -30.58 30.50 -8.50
N ASP A 585 -29.58 30.63 -9.42
CA ASP A 585 -29.49 29.82 -10.63
C ASP A 585 -29.45 28.33 -10.24
N GLU A 586 -30.56 27.65 -10.48
CA GLU A 586 -30.85 26.30 -9.98
C GLU A 586 -29.85 25.25 -10.51
N ALA A 587 -29.26 25.55 -11.69
CA ALA A 587 -28.23 24.70 -12.32
C ALA A 587 -26.96 24.64 -11.45
N LYS A 588 -26.29 25.79 -11.32
CA LYS A 588 -25.03 25.88 -10.58
C LYS A 588 -25.26 25.76 -9.07
N PHE A 589 -26.51 26.02 -8.62
CA PHE A 589 -26.94 25.77 -7.24
C PHE A 589 -26.76 24.28 -6.92
N SER A 590 -27.36 23.42 -7.78
CA SER A 590 -27.31 21.95 -7.58
C SER A 590 -25.86 21.45 -7.65
N GLU A 591 -25.09 22.03 -8.61
CA GLU A 591 -23.64 21.78 -8.76
C GLU A 591 -22.91 22.01 -7.43
N TRP A 592 -23.07 23.23 -6.84
CA TRP A 592 -22.46 23.59 -5.54
C TRP A 592 -22.81 22.54 -4.47
N VAL A 593 -24.11 22.41 -4.18
CA VAL A 593 -24.68 21.57 -3.11
C VAL A 593 -24.07 20.14 -3.07
N GLU A 594 -24.27 19.39 -4.16
CA GLU A 594 -23.92 17.96 -4.22
C GLU A 594 -22.38 17.77 -4.36
N LEU A 595 -21.70 18.82 -4.87
CA LEU A 595 -20.22 18.88 -4.88
C LEU A 595 -19.67 18.94 -3.45
N LEU A 596 -20.30 19.80 -2.62
CA LEU A 596 -19.89 20.02 -1.22
C LEU A 596 -20.18 18.76 -0.37
N LEU A 597 -21.21 17.99 -0.79
CA LEU A 597 -21.53 16.68 -0.22
C LEU A 597 -20.35 15.72 -0.41
N ASP A 598 -20.02 15.44 -1.68
CA ASP A 598 -19.00 14.43 -2.01
C ASP A 598 -17.60 14.91 -1.55
N GLN A 599 -17.43 16.25 -1.44
CA GLN A 599 -16.22 16.91 -0.88
C GLN A 599 -16.05 16.55 0.62
N ALA A 600 -17.18 16.57 1.34
CA ALA A 600 -17.23 16.20 2.75
C ALA A 600 -16.87 14.71 2.94
N LEU A 601 -17.34 13.84 2.01
CA LEU A 601 -16.97 12.41 1.96
C LEU A 601 -15.43 12.25 1.80
N LEU A 602 -14.84 13.11 0.94
CA LEU A 602 -13.38 13.15 0.68
C LEU A 602 -12.61 13.55 1.97
N ALA A 603 -13.28 14.30 2.86
CA ALA A 603 -12.68 14.74 4.13
C ALA A 603 -12.79 13.63 5.21
N GLU A 604 -13.84 12.79 5.11
CA GLU A 604 -14.19 11.80 6.17
C GLU A 604 -13.50 10.44 5.92
N ARG A 605 -13.31 10.10 4.63
CA ARG A 605 -12.83 8.75 4.21
C ARG A 605 -11.69 8.85 3.16
N GLY A 606 -11.61 9.99 2.45
CA GLY A 606 -10.60 10.16 1.38
C GLY A 606 -10.95 9.40 0.11
N THR A 607 -12.23 9.00 -0.02
CA THR A 607 -12.75 8.25 -1.16
C THR A 607 -14.18 8.70 -1.48
N LEU A 608 -14.53 8.70 -2.77
CA LEU A 608 -15.82 9.22 -3.27
C LEU A 608 -16.71 8.07 -3.76
N GLU A 609 -18.05 8.23 -3.63
CA GLU A 609 -19.02 7.25 -4.18
C GLU A 609 -19.12 7.41 -5.71
N ASP A 610 -19.05 8.68 -6.16
CA ASP A 610 -19.01 9.02 -7.60
C ASP A 610 -17.89 10.07 -7.84
N PRO A 611 -16.59 9.61 -7.97
CA PRO A 611 -15.44 10.49 -8.30
C PRO A 611 -15.65 11.35 -9.55
N ASN A 612 -16.34 10.75 -10.55
CA ASN A 612 -16.75 11.45 -11.78
C ASN A 612 -17.67 12.64 -11.46
N LEU A 613 -18.71 12.41 -10.62
CA LEU A 613 -19.72 13.45 -10.26
C LEU A 613 -19.05 14.68 -9.61
N PHE A 614 -18.08 14.40 -8.72
CA PHE A 614 -17.32 15.44 -8.01
C PHE A 614 -16.54 16.32 -9.00
N ILE A 615 -15.58 15.71 -9.70
CA ILE A 615 -14.67 16.42 -10.64
C ILE A 615 -15.45 17.15 -11.76
N ARG A 616 -16.61 16.57 -12.13
CA ARG A 616 -17.51 17.13 -13.14
C ARG A 616 -18.07 18.49 -12.69
N ARG A 617 -18.64 18.52 -11.47
CA ARG A 617 -19.29 19.73 -10.91
C ARG A 617 -18.26 20.76 -10.41
N MET A 618 -17.05 20.30 -10.05
CA MET A 618 -15.93 21.18 -9.65
C MET A 618 -15.50 22.04 -10.86
N ASN A 619 -15.14 21.33 -11.94
CA ASN A 619 -14.73 21.95 -13.21
C ASN A 619 -15.90 22.70 -13.88
N GLN A 620 -17.15 22.26 -13.62
CA GLN A 620 -18.36 22.90 -14.19
C GLN A 620 -18.56 24.30 -13.60
N LEU A 621 -18.38 24.42 -12.28
CA LEU A 621 -18.45 25.70 -11.56
C LEU A 621 -17.28 26.62 -11.95
N LEU A 622 -16.11 26.01 -12.22
CA LEU A 622 -14.88 26.77 -12.55
C LEU A 622 -14.93 27.31 -14.01
N VAL A 623 -15.43 26.51 -14.98
CA VAL A 623 -15.42 26.88 -16.42
C VAL A 623 -16.64 27.77 -16.78
N SER A 624 -17.83 27.38 -16.30
CA SER A 624 -19.09 28.07 -16.62
C SER A 624 -19.32 29.21 -15.60
N MET B 1 -48.47 -3.86 31.85
CA MET B 1 -49.29 -3.22 30.79
C MET B 1 -48.44 -2.99 29.51
N LYS B 2 -47.14 -3.33 29.55
CA LYS B 2 -46.18 -3.10 28.45
C LYS B 2 -45.68 -4.43 27.87
N GLY B 3 -45.28 -4.39 26.59
CA GLY B 3 -44.73 -5.55 25.90
C GLY B 3 -44.64 -5.37 24.39
N GLN B 4 -43.75 -6.13 23.74
CA GLN B 4 -43.57 -6.12 22.28
C GLN B 4 -43.10 -7.51 21.80
N GLU B 5 -43.73 -7.98 20.70
CA GLU B 5 -43.38 -9.24 20.04
C GLU B 5 -42.51 -8.94 18.82
N THR B 6 -41.44 -9.73 18.62
CA THR B 6 -40.53 -9.57 17.46
C THR B 6 -40.20 -10.95 16.85
N ARG B 7 -40.61 -11.15 15.59
CA ARG B 7 -40.22 -12.35 14.82
C ARG B 7 -39.40 -11.91 13.61
N GLY B 8 -40.07 -11.24 12.66
CA GLY B 8 -39.45 -10.79 11.41
C GLY B 8 -39.35 -11.93 10.40
N PHE B 9 -38.52 -12.96 10.74
CA PHE B 9 -38.23 -14.15 9.91
C PHE B 9 -37.46 -13.79 8.61
N GLN B 10 -36.94 -12.54 8.53
CA GLN B 10 -36.23 -12.04 7.34
C GLN B 10 -34.71 -11.94 7.59
N SER B 11 -34.26 -12.44 8.76
CA SER B 11 -32.83 -12.48 9.12
C SER B 11 -32.10 -13.62 8.36
N GLU B 12 -31.80 -13.36 7.08
CA GLU B 12 -31.01 -14.26 6.24
C GLU B 12 -29.62 -13.65 6.06
N VAL B 13 -28.64 -14.24 6.75
CA VAL B 13 -27.23 -13.86 6.62
C VAL B 13 -26.41 -15.16 6.48
N LYS B 14 -25.37 -15.12 5.62
CA LYS B 14 -24.46 -16.26 5.35
C LYS B 14 -25.16 -17.41 4.57
N GLN B 15 -24.35 -18.43 4.20
CA GLN B 15 -24.85 -19.64 3.51
C GLN B 15 -25.81 -20.43 4.43
N LEU B 16 -25.32 -20.71 5.67
CA LEU B 16 -25.95 -21.64 6.63
C LEU B 16 -27.44 -21.35 6.88
N LEU B 17 -27.77 -20.07 7.16
CA LEU B 17 -29.16 -19.66 7.47
C LEU B 17 -30.07 -19.85 6.24
N HIS B 18 -29.52 -19.57 5.04
CA HIS B 18 -30.27 -19.67 3.78
C HIS B 18 -30.43 -21.17 3.37
N LEU B 19 -29.53 -21.99 3.91
CA LEU B 19 -29.50 -23.45 3.72
C LEU B 19 -30.59 -24.10 4.61
N MET B 20 -30.63 -23.66 5.88
CA MET B 20 -31.52 -24.21 6.94
C MET B 20 -33.02 -24.05 6.61
N ILE B 21 -33.38 -22.91 6.00
CA ILE B 21 -34.77 -22.59 5.62
C ILE B 21 -35.34 -23.66 4.63
N HIS B 22 -34.49 -24.11 3.71
CA HIS B 22 -34.87 -25.09 2.65
C HIS B 22 -34.55 -26.53 3.08
N SER B 23 -33.76 -26.69 4.16
CA SER B 23 -33.54 -28.00 4.81
C SER B 23 -34.79 -28.39 5.63
N LEU B 24 -35.54 -27.38 6.08
CA LEU B 24 -36.90 -27.55 6.63
C LEU B 24 -37.84 -27.93 5.48
N TYR B 25 -37.84 -27.06 4.44
CA TYR B 25 -38.57 -27.28 3.18
C TYR B 25 -40.12 -27.23 3.38
N SER B 26 -40.56 -26.89 4.62
CA SER B 26 -41.97 -26.92 5.06
C SER B 26 -42.56 -28.36 4.98
N ASN B 27 -41.69 -29.40 5.00
CA ASN B 27 -42.10 -30.82 4.89
C ASN B 27 -41.46 -31.68 5.98
N LYS B 28 -40.18 -31.35 6.34
CA LYS B 28 -39.36 -32.06 7.37
C LYS B 28 -38.80 -33.41 6.85
N GLU B 29 -39.70 -34.23 6.25
CA GLU B 29 -39.43 -35.58 5.68
C GLU B 29 -38.28 -35.60 4.63
N ILE B 30 -37.88 -34.41 4.16
CA ILE B 30 -36.74 -34.20 3.24
C ILE B 30 -35.40 -34.72 3.85
N PHE B 31 -35.38 -35.03 5.17
CA PHE B 31 -34.23 -35.68 5.81
C PHE B 31 -33.94 -37.05 5.18
N LEU B 32 -35.00 -37.84 4.89
CA LEU B 32 -34.85 -39.18 4.26
C LEU B 32 -34.29 -39.05 2.84
N ARG B 33 -34.76 -38.03 2.09
CA ARG B 33 -34.25 -37.69 0.75
C ARG B 33 -32.70 -37.53 0.75
N GLU B 34 -32.23 -36.64 1.65
CA GLU B 34 -30.80 -36.31 1.79
C GLU B 34 -30.00 -37.50 2.31
N LEU B 35 -30.55 -38.24 3.29
CA LEU B 35 -29.89 -39.40 3.93
C LEU B 35 -29.52 -40.48 2.89
N ILE B 36 -30.48 -40.77 1.99
CA ILE B 36 -30.24 -41.73 0.89
C ILE B 36 -29.18 -41.16 -0.09
N SER B 37 -29.31 -39.85 -0.43
CA SER B 37 -28.34 -39.15 -1.32
C SER B 37 -26.92 -39.10 -0.70
N ASN B 38 -26.85 -39.13 0.65
CA ASN B 38 -25.58 -39.17 1.40
C ASN B 38 -24.95 -40.57 1.27
N ALA B 39 -25.83 -41.59 1.21
CA ALA B 39 -25.42 -42.99 1.06
C ALA B 39 -25.02 -43.27 -0.40
N SER B 40 -25.69 -42.54 -1.32
CA SER B 40 -25.46 -42.63 -2.77
C SER B 40 -24.09 -42.03 -3.13
N ASP B 41 -23.69 -41.00 -2.36
CA ASP B 41 -22.39 -40.35 -2.53
C ASP B 41 -21.28 -41.23 -1.94
N ALA B 42 -21.60 -41.90 -0.83
CA ALA B 42 -20.73 -42.92 -0.21
C ALA B 42 -20.57 -44.15 -1.13
N ALA B 43 -21.61 -44.40 -1.96
CA ALA B 43 -21.63 -45.52 -2.92
C ALA B 43 -20.63 -45.31 -4.06
N ASP B 44 -20.72 -44.13 -4.71
CA ASP B 44 -19.85 -43.78 -5.84
C ASP B 44 -18.39 -43.60 -5.36
N LYS B 45 -18.24 -42.99 -4.18
CA LYS B 45 -16.94 -42.80 -3.50
C LYS B 45 -16.21 -44.15 -3.30
N LEU B 46 -17.01 -45.19 -2.97
CA LEU B 46 -16.48 -46.56 -2.83
C LEU B 46 -16.05 -47.11 -4.18
N ARG B 47 -16.81 -46.81 -5.25
CA ARG B 47 -16.54 -47.31 -6.62
C ARG B 47 -15.16 -46.85 -7.12
N PHE B 48 -14.73 -45.62 -6.72
CA PHE B 48 -13.38 -45.11 -7.05
C PHE B 48 -12.31 -45.81 -6.18
N ARG B 49 -12.54 -45.87 -4.86
CA ARG B 49 -11.58 -46.48 -3.92
C ARG B 49 -11.37 -47.99 -4.23
N ALA B 50 -12.43 -48.61 -4.77
CA ALA B 50 -12.45 -50.05 -5.12
C ALA B 50 -11.58 -50.34 -6.36
N LEU B 51 -11.23 -49.28 -7.10
CA LEU B 51 -10.26 -49.36 -8.20
C LEU B 51 -8.84 -49.45 -7.65
N SER B 52 -8.60 -48.79 -6.50
CA SER B 52 -7.28 -48.79 -5.86
C SER B 52 -7.11 -50.03 -4.97
N ASN B 53 -8.25 -50.63 -4.56
CA ASN B 53 -8.30 -51.85 -3.73
C ASN B 53 -9.63 -52.59 -3.98
N PRO B 54 -9.66 -53.62 -4.88
CA PRO B 54 -10.89 -54.44 -5.12
C PRO B 54 -11.42 -55.15 -3.86
N ASP B 55 -10.52 -55.38 -2.88
CA ASP B 55 -10.82 -56.07 -1.62
C ASP B 55 -11.71 -55.23 -0.68
N LEU B 56 -11.96 -53.94 -1.04
CA LEU B 56 -12.90 -53.07 -0.28
C LEU B 56 -14.35 -53.55 -0.45
N TYR B 57 -14.62 -54.38 -1.49
CA TYR B 57 -15.91 -55.08 -1.64
C TYR B 57 -16.08 -56.15 -0.53
N GLU B 58 -14.94 -56.73 -0.08
CA GLU B 58 -14.87 -57.75 1.01
C GLU B 58 -15.62 -59.05 0.60
N GLY B 59 -15.81 -59.23 -0.72
CA GLY B 59 -16.60 -60.33 -1.27
C GLY B 59 -18.01 -59.89 -1.65
N ASP B 60 -18.52 -58.84 -0.98
CA ASP B 60 -19.86 -58.29 -1.21
C ASP B 60 -19.80 -57.23 -2.34
N GLY B 61 -20.31 -57.60 -3.53
CA GLY B 61 -20.27 -56.71 -4.70
C GLY B 61 -21.49 -55.81 -4.78
N GLU B 62 -22.62 -56.28 -4.21
CA GLU B 62 -23.90 -55.55 -4.19
C GLU B 62 -23.82 -54.35 -3.23
N LEU B 63 -23.47 -53.19 -3.79
CA LEU B 63 -23.49 -51.91 -3.06
C LEU B 63 -24.94 -51.42 -3.02
N ARG B 64 -25.51 -51.33 -1.81
CA ARG B 64 -26.91 -50.90 -1.61
C ARG B 64 -27.09 -50.31 -0.20
N VAL B 65 -28.14 -49.49 -0.02
CA VAL B 65 -28.52 -48.92 1.29
C VAL B 65 -29.82 -49.55 1.78
N ARG B 66 -29.87 -49.86 3.08
CA ARG B 66 -31.03 -50.48 3.74
C ARG B 66 -31.63 -49.51 4.75
N VAL B 67 -32.93 -49.26 4.65
CA VAL B 67 -33.67 -48.41 5.57
C VAL B 67 -34.51 -49.30 6.50
N SER B 68 -34.20 -49.25 7.78
CA SER B 68 -34.86 -50.02 8.84
C SER B 68 -35.58 -49.05 9.76
N PHE B 69 -36.58 -49.56 10.50
CA PHE B 69 -37.42 -48.76 11.39
C PHE B 69 -37.88 -49.63 12.57
N ASP B 70 -37.73 -49.11 13.78
CA ASP B 70 -38.26 -49.74 15.00
C ASP B 70 -39.23 -48.77 15.63
N LYS B 71 -40.52 -49.06 15.48
CA LYS B 71 -41.62 -48.21 15.95
C LYS B 71 -41.77 -48.28 17.48
N ASP B 72 -41.27 -49.38 18.06
CA ASP B 72 -41.31 -49.61 19.52
C ASP B 72 -40.44 -48.56 20.22
N LYS B 73 -39.15 -48.57 19.90
CA LYS B 73 -38.14 -47.68 20.51
C LYS B 73 -38.20 -46.25 19.89
N ARG B 74 -38.75 -46.18 18.65
CA ARG B 74 -38.90 -44.95 17.85
C ARG B 74 -37.57 -44.49 17.26
N THR B 75 -36.77 -45.47 16.80
CA THR B 75 -35.50 -45.23 16.10
C THR B 75 -35.60 -45.67 14.64
N LEU B 76 -35.26 -44.77 13.72
CA LEU B 76 -35.27 -44.99 12.27
C LEU B 76 -33.80 -45.11 11.81
N THR B 77 -33.41 -46.31 11.37
CA THR B 77 -31.99 -46.69 11.15
C THR B 77 -31.69 -46.90 9.66
N ILE B 78 -31.04 -45.90 9.01
CA ILE B 78 -30.66 -45.97 7.59
C ILE B 78 -29.19 -46.41 7.52
N SER B 79 -28.99 -47.73 7.30
CA SER B 79 -27.66 -48.35 7.25
C SER B 79 -27.28 -48.73 5.81
N ASP B 80 -26.34 -47.98 5.22
CA ASP B 80 -25.79 -48.28 3.87
C ASP B 80 -24.61 -49.25 3.94
N ASN B 81 -24.46 -50.03 2.87
CA ASN B 81 -23.29 -50.85 2.56
C ASN B 81 -22.44 -50.08 1.50
N GLY B 82 -22.15 -48.81 1.85
CA GLY B 82 -21.32 -47.91 1.03
C GLY B 82 -19.86 -47.99 1.43
N VAL B 83 -19.10 -46.89 1.19
CA VAL B 83 -17.67 -46.79 1.59
C VAL B 83 -17.53 -46.69 3.12
N GLY B 84 -18.61 -46.26 3.79
CA GLY B 84 -18.55 -45.93 5.21
C GLY B 84 -17.76 -44.65 5.43
N MET B 85 -17.15 -44.52 6.61
CA MET B 85 -16.28 -43.38 6.96
C MET B 85 -15.19 -43.87 7.92
N THR B 86 -13.95 -43.41 7.69
CA THR B 86 -12.82 -43.64 8.61
C THR B 86 -12.88 -42.62 9.77
N ARG B 87 -11.99 -42.75 10.77
CA ARG B 87 -11.89 -41.78 11.90
C ARG B 87 -11.56 -40.37 11.36
N ASP B 88 -10.59 -40.33 10.44
CA ASP B 88 -10.18 -39.10 9.75
C ASP B 88 -11.34 -38.51 8.95
N GLU B 89 -12.13 -39.39 8.30
CA GLU B 89 -13.27 -39.00 7.48
C GLU B 89 -14.32 -38.28 8.36
N VAL B 90 -14.81 -38.97 9.41
CA VAL B 90 -15.89 -38.47 10.32
C VAL B 90 -15.55 -37.11 10.93
N ILE B 91 -14.29 -36.92 11.36
CA ILE B 91 -13.85 -35.64 11.97
C ILE B 91 -13.81 -34.51 10.90
N ASP B 92 -13.27 -34.83 9.71
CA ASP B 92 -13.18 -33.87 8.58
C ASP B 92 -14.48 -33.79 7.77
N HIS B 93 -15.53 -34.54 8.18
CA HIS B 93 -16.83 -34.58 7.47
C HIS B 93 -17.93 -34.07 8.40
N LEU B 94 -18.37 -34.94 9.32
CA LEU B 94 -19.48 -34.65 10.24
C LEU B 94 -19.06 -33.60 11.28
N GLY B 95 -17.80 -33.73 11.77
CA GLY B 95 -17.22 -32.81 12.73
C GLY B 95 -17.11 -31.38 12.21
N THR B 96 -16.85 -31.25 10.89
CA THR B 96 -16.72 -29.95 10.20
C THR B 96 -18.10 -29.37 9.84
N ILE B 97 -19.15 -30.22 9.90
CA ILE B 97 -20.56 -29.77 9.77
C ILE B 97 -21.04 -29.24 11.13
N ALA B 98 -20.56 -29.90 12.20
CA ALA B 98 -20.72 -29.44 13.58
C ALA B 98 -19.61 -28.42 13.92
N LYS B 99 -19.40 -28.16 15.21
CA LYS B 99 -18.37 -27.23 15.68
C LYS B 99 -16.98 -27.91 15.64
N SER B 100 -16.15 -27.58 14.64
CA SER B 100 -14.76 -28.04 14.55
C SER B 100 -13.82 -26.84 14.67
N GLY B 101 -13.91 -25.93 13.69
CA GLY B 101 -13.00 -24.79 13.59
C GLY B 101 -12.45 -24.61 12.19
N THR B 102 -13.34 -24.81 11.20
CA THR B 102 -13.01 -24.66 9.77
C THR B 102 -13.19 -23.23 9.30
N LYS B 103 -14.00 -22.44 10.06
CA LYS B 103 -14.42 -21.07 9.71
C LYS B 103 -15.31 -21.12 8.45
N SER B 104 -14.68 -21.23 7.26
CA SER B 104 -15.38 -21.32 5.97
C SER B 104 -14.40 -21.80 4.88
N PHE B 105 -13.13 -21.35 5.00
CA PHE B 105 -12.09 -21.61 3.99
C PHE B 105 -10.85 -22.29 4.60
N LEU B 106 -10.78 -22.25 5.96
CA LEU B 106 -9.55 -22.42 6.79
C LEU B 106 -9.06 -21.04 7.24
N GLU B 107 -8.78 -20.90 8.54
CA GLU B 107 -8.26 -19.68 9.15
C GLU B 107 -6.84 -19.34 8.64
N SER B 108 -6.02 -20.39 8.40
CA SER B 108 -4.58 -20.27 8.08
C SER B 108 -4.34 -19.93 6.58
N LEU B 109 -4.61 -20.89 5.68
CA LEU B 109 -4.30 -20.75 4.23
C LEU B 109 -5.51 -20.20 3.46
N GLY B 110 -6.72 -20.47 3.98
CA GLY B 110 -7.96 -20.03 3.32
C GLY B 110 -8.27 -20.82 2.05
N SER B 111 -8.04 -22.15 2.09
CA SER B 111 -8.24 -23.05 0.94
C SER B 111 -8.33 -24.54 1.37
N ASP B 112 -7.41 -24.99 2.26
CA ASP B 112 -7.33 -26.41 2.70
C ASP B 112 -8.64 -26.90 3.34
N GLN B 113 -9.06 -26.29 4.47
CA GLN B 113 -10.31 -26.65 5.16
C GLN B 113 -11.54 -26.00 4.50
N ALA B 114 -11.43 -25.56 3.22
CA ALA B 114 -12.60 -25.10 2.44
C ALA B 114 -13.38 -26.31 1.89
N LYS B 115 -12.94 -27.54 2.25
CA LYS B 115 -13.67 -28.78 1.93
C LYS B 115 -14.60 -29.14 3.11
N ASP B 116 -15.10 -28.11 3.81
CA ASP B 116 -16.03 -28.27 4.93
C ASP B 116 -17.44 -27.92 4.43
N SER B 117 -17.51 -26.78 3.72
CA SER B 117 -18.76 -26.13 3.34
C SER B 117 -19.48 -26.92 2.22
N GLN B 118 -18.71 -27.76 1.51
CA GLN B 118 -19.19 -28.65 0.45
C GLN B 118 -19.88 -29.89 1.05
N LEU B 119 -19.37 -30.32 2.22
CA LEU B 119 -19.93 -31.43 2.99
C LEU B 119 -21.17 -30.93 3.77
N ILE B 120 -21.19 -29.62 4.11
CA ILE B 120 -22.36 -28.95 4.68
C ILE B 120 -23.42 -28.71 3.57
N GLY B 121 -22.94 -28.50 2.32
CA GLY B 121 -23.80 -28.27 1.15
C GLY B 121 -24.73 -29.44 0.82
N GLN B 122 -24.30 -30.67 1.17
CA GLN B 122 -25.09 -31.91 0.95
C GLN B 122 -25.54 -32.48 2.32
N PHE B 123 -24.55 -32.97 3.09
CA PHE B 123 -24.76 -33.74 4.33
C PHE B 123 -25.22 -32.82 5.48
N GLY B 124 -24.91 -31.51 5.35
CA GLY B 124 -25.33 -30.50 6.32
C GLY B 124 -26.81 -30.15 6.20
N VAL B 125 -27.36 -30.31 4.98
CA VAL B 125 -28.81 -30.22 4.73
C VAL B 125 -29.50 -31.35 5.49
N GLY B 126 -28.98 -32.57 5.27
CA GLY B 126 -29.45 -33.80 5.93
C GLY B 126 -29.22 -33.79 7.43
N PHE B 127 -28.20 -33.04 7.89
CA PHE B 127 -27.90 -32.86 9.33
C PHE B 127 -29.04 -32.11 10.03
N TYR B 128 -29.33 -30.89 9.54
CA TYR B 128 -30.33 -30.01 10.15
C TYR B 128 -31.74 -30.63 10.08
N SER B 129 -32.10 -31.16 8.88
CA SER B 129 -33.42 -31.77 8.64
C SER B 129 -33.63 -33.02 9.53
N ALA B 130 -32.54 -33.78 9.75
CA ALA B 130 -32.51 -34.93 10.69
C ALA B 130 -32.86 -34.47 12.11
N PHE B 131 -32.30 -33.32 12.53
CA PHE B 131 -32.51 -32.78 13.88
C PHE B 131 -33.77 -31.89 13.98
N ILE B 132 -34.59 -31.84 12.91
CA ILE B 132 -35.95 -31.30 12.98
C ILE B 132 -36.90 -32.40 13.46
N VAL B 133 -36.75 -33.59 12.88
CA VAL B 133 -37.62 -34.74 13.13
C VAL B 133 -37.11 -35.60 14.30
N ALA B 134 -35.79 -35.64 14.48
CA ALA B 134 -35.13 -36.48 15.48
C ALA B 134 -34.48 -35.62 16.56
N ASP B 135 -34.51 -36.15 17.78
CA ASP B 135 -33.96 -35.48 18.96
C ASP B 135 -32.49 -35.86 19.16
N LYS B 136 -32.20 -37.16 18.94
CA LYS B 136 -30.92 -37.79 19.26
C LYS B 136 -30.51 -38.67 18.08
N VAL B 137 -29.51 -38.25 17.29
CA VAL B 137 -28.98 -39.05 16.17
C VAL B 137 -27.60 -39.61 16.54
N THR B 138 -27.39 -40.88 16.21
CA THR B 138 -26.14 -41.61 16.42
C THR B 138 -25.72 -42.29 15.12
N VAL B 139 -24.43 -42.20 14.77
CA VAL B 139 -23.86 -42.83 13.58
C VAL B 139 -22.82 -43.88 14.00
N ARG B 140 -23.05 -45.13 13.59
CA ARG B 140 -22.11 -46.23 13.68
C ARG B 140 -21.61 -46.53 12.28
N THR B 141 -20.42 -46.06 11.95
CA THR B 141 -19.82 -46.32 10.64
C THR B 141 -18.60 -47.24 10.78
N ARG B 142 -18.21 -47.85 9.66
CA ARG B 142 -17.02 -48.69 9.55
C ARG B 142 -16.69 -48.78 8.07
N ALA B 143 -15.54 -48.20 7.69
CA ALA B 143 -15.14 -48.06 6.28
C ALA B 143 -14.89 -49.42 5.60
N ALA B 144 -14.99 -49.41 4.27
CA ALA B 144 -14.75 -50.59 3.43
C ALA B 144 -13.28 -51.02 3.50
N GLY B 145 -13.05 -52.32 3.72
CA GLY B 145 -11.69 -52.87 3.91
C GLY B 145 -11.17 -52.73 5.34
N GLU B 146 -11.71 -51.73 6.09
CA GLU B 146 -11.27 -51.39 7.46
C GLU B 146 -11.66 -52.51 8.46
N LYS B 147 -10.88 -52.62 9.55
CA LYS B 147 -11.15 -53.60 10.63
C LYS B 147 -12.41 -53.18 11.41
N PRO B 148 -13.29 -54.17 11.84
CA PRO B 148 -14.51 -53.88 12.65
C PRO B 148 -14.25 -53.02 13.90
N GLU B 149 -13.11 -53.30 14.58
CA GLU B 149 -12.68 -52.59 15.81
C GLU B 149 -12.38 -51.11 15.54
N ASN B 150 -11.95 -50.82 14.29
CA ASN B 150 -11.63 -49.46 13.83
C ASN B 150 -12.87 -48.76 13.25
N GLY B 151 -14.08 -49.25 13.60
CA GLY B 151 -15.33 -48.54 13.34
C GLY B 151 -15.40 -47.25 14.15
N VAL B 152 -16.17 -46.25 13.69
CA VAL B 152 -16.18 -44.91 14.29
C VAL B 152 -17.58 -44.57 14.81
N PHE B 153 -17.61 -44.07 16.05
CA PHE B 153 -18.81 -43.59 16.70
C PHE B 153 -18.96 -42.09 16.44
N TRP B 154 -20.21 -41.66 16.27
CA TRP B 154 -20.58 -40.24 16.19
C TRP B 154 -21.96 -40.08 16.83
N GLU B 155 -22.23 -38.90 17.38
CA GLU B 155 -23.49 -38.59 18.08
C GLU B 155 -23.58 -37.06 18.27
N SER B 156 -24.81 -36.48 18.29
CA SER B 156 -25.04 -35.07 18.68
C SER B 156 -26.53 -34.82 18.96
N ALA B 157 -26.82 -33.69 19.65
CA ALA B 157 -28.21 -33.23 19.93
C ALA B 157 -28.62 -32.11 18.94
N GLY B 158 -27.83 -31.92 17.86
CA GLY B 158 -28.11 -30.90 16.84
C GLY B 158 -27.45 -29.55 17.11
N GLU B 159 -26.84 -29.41 18.30
CA GLU B 159 -26.12 -28.19 18.71
C GLU B 159 -24.71 -28.13 18.10
N GLY B 160 -23.91 -27.14 18.56
CA GLY B 160 -22.50 -27.03 18.19
C GLY B 160 -21.62 -28.04 18.94
N GLU B 161 -21.94 -29.32 18.77
CA GLU B 161 -21.36 -30.43 19.53
C GLU B 161 -21.31 -31.69 18.66
N TYR B 162 -20.45 -32.64 19.05
CA TYR B 162 -20.47 -34.02 18.55
C TYR B 162 -19.57 -34.92 19.43
N THR B 163 -20.10 -36.08 19.83
CA THR B 163 -19.33 -37.11 20.53
C THR B 163 -18.84 -38.13 19.49
N VAL B 164 -17.55 -38.01 19.13
CA VAL B 164 -16.86 -38.96 18.23
C VAL B 164 -15.99 -39.91 19.09
N ALA B 165 -15.89 -41.18 18.68
CA ALA B 165 -15.16 -42.23 19.41
C ALA B 165 -14.83 -43.38 18.45
N ASP B 166 -14.17 -44.43 18.96
CA ASP B 166 -14.01 -45.71 18.24
C ASP B 166 -14.97 -46.76 18.83
N ILE B 167 -15.59 -47.56 17.95
CA ILE B 167 -16.49 -48.67 18.30
C ILE B 167 -16.21 -49.85 17.38
N THR B 168 -16.92 -50.96 17.61
CA THR B 168 -16.80 -52.17 16.82
C THR B 168 -18.10 -52.39 16.03
N LYS B 169 -18.02 -52.22 14.69
CA LYS B 169 -19.12 -52.51 13.75
C LYS B 169 -18.60 -53.52 12.71
N GLU B 170 -19.09 -54.77 12.80
CA GLU B 170 -18.60 -55.88 11.98
C GLU B 170 -19.01 -55.70 10.50
N ASP B 171 -20.30 -55.38 10.27
CA ASP B 171 -20.85 -55.18 8.91
C ASP B 171 -20.33 -53.85 8.29
N ARG B 172 -20.13 -53.86 6.95
CA ARG B 172 -19.55 -52.72 6.20
C ARG B 172 -20.56 -51.57 6.01
N GLY B 173 -20.03 -50.33 5.96
CA GLY B 173 -20.78 -49.14 5.58
C GLY B 173 -21.10 -48.27 6.77
N THR B 174 -22.16 -47.46 6.65
CA THR B 174 -22.57 -46.48 7.67
C THR B 174 -23.96 -46.86 8.19
N GLU B 175 -24.19 -46.64 9.50
CA GLU B 175 -25.47 -46.98 10.16
C GLU B 175 -25.95 -45.74 10.93
N ILE B 176 -26.98 -45.05 10.42
CA ILE B 176 -27.46 -43.79 11.01
C ILE B 176 -28.81 -44.04 11.72
N THR B 177 -28.76 -44.11 13.05
CA THR B 177 -29.94 -44.35 13.90
C THR B 177 -30.46 -43.01 14.46
N LEU B 178 -31.60 -42.56 13.91
CA LEU B 178 -32.27 -41.31 14.31
C LEU B 178 -33.40 -41.64 15.29
N HIS B 179 -33.23 -41.32 16.59
CA HIS B 179 -34.33 -41.42 17.55
C HIS B 179 -35.27 -40.23 17.34
N LEU B 180 -36.41 -40.50 16.70
CA LEU B 180 -37.40 -39.48 16.37
C LEU B 180 -38.12 -38.97 17.63
N ARG B 181 -38.50 -37.69 17.60
CA ARG B 181 -39.22 -37.02 18.71
C ARG B 181 -40.65 -37.56 18.86
N GLU B 182 -41.27 -37.30 20.02
CA GLU B 182 -42.66 -37.67 20.28
C GLU B 182 -43.59 -36.88 19.34
N GLY B 183 -44.28 -37.61 18.47
CA GLY B 183 -45.11 -37.05 17.42
C GLY B 183 -44.57 -37.42 16.05
N GLU B 184 -43.24 -37.49 15.94
CA GLU B 184 -42.52 -37.76 14.66
C GLU B 184 -42.47 -39.26 14.31
N ASP B 185 -43.42 -40.04 14.88
CA ASP B 185 -43.55 -41.49 14.61
C ASP B 185 -44.20 -41.74 13.22
N GLU B 186 -44.65 -40.62 12.60
CA GLU B 186 -45.09 -40.54 11.20
C GLU B 186 -44.06 -41.16 10.24
N PHE B 187 -42.77 -40.93 10.52
CA PHE B 187 -41.65 -41.36 9.67
C PHE B 187 -41.19 -42.80 9.99
N LEU B 188 -41.90 -43.46 10.94
CA LEU B 188 -41.70 -44.88 11.28
C LEU B 188 -42.74 -45.76 10.57
N ASP B 189 -43.82 -45.13 10.04
CA ASP B 189 -44.89 -45.84 9.32
C ASP B 189 -44.34 -46.40 8.02
N ASP B 190 -44.29 -47.74 7.93
CA ASP B 190 -43.71 -48.48 6.78
C ASP B 190 -44.21 -47.96 5.42
N TRP B 191 -45.52 -47.67 5.33
CA TRP B 191 -46.15 -47.16 4.10
C TRP B 191 -45.65 -45.73 3.76
N ARG B 192 -45.48 -44.89 4.81
CA ARG B 192 -44.95 -43.51 4.66
C ARG B 192 -43.48 -43.57 4.22
N VAL B 193 -42.71 -44.48 4.85
CA VAL B 193 -41.28 -44.67 4.55
C VAL B 193 -41.11 -45.05 3.08
N ARG B 194 -41.79 -46.13 2.64
CA ARG B 194 -41.71 -46.66 1.25
C ARG B 194 -42.07 -45.58 0.21
N SER B 195 -43.07 -44.74 0.56
CA SER B 195 -43.48 -43.59 -0.26
C SER B 195 -42.30 -42.63 -0.46
N ILE B 196 -41.68 -42.20 0.66
CA ILE B 196 -40.58 -41.21 0.65
C ILE B 196 -39.33 -41.79 -0.05
N ILE B 197 -39.10 -43.11 0.14
CA ILE B 197 -37.96 -43.82 -0.44
C ILE B 197 -38.04 -43.68 -1.96
N SER B 198 -39.01 -44.37 -2.60
CA SER B 198 -39.17 -44.40 -4.08
C SER B 198 -39.14 -42.99 -4.70
N LYS B 199 -39.89 -42.09 -4.05
CA LYS B 199 -40.14 -40.70 -4.49
C LYS B 199 -38.85 -39.92 -4.85
N TYR B 200 -37.74 -40.28 -4.19
CA TYR B 200 -36.44 -39.63 -4.44
C TYR B 200 -35.42 -40.66 -4.96
N SER B 201 -35.37 -41.83 -4.33
CA SER B 201 -34.32 -42.85 -4.58
C SER B 201 -34.29 -43.41 -6.02
N ASP B 202 -35.37 -43.17 -6.79
CA ASP B 202 -35.44 -43.58 -8.20
C ASP B 202 -34.39 -42.87 -9.09
N HIS B 203 -34.01 -41.61 -8.74
CA HIS B 203 -32.93 -40.89 -9.47
C HIS B 203 -31.54 -41.42 -9.08
N ILE B 204 -31.50 -42.21 -8.00
CA ILE B 204 -30.26 -42.66 -7.36
C ILE B 204 -29.80 -44.04 -7.92
N ALA B 205 -28.48 -44.13 -8.19
CA ALA B 205 -27.84 -45.33 -8.76
C ALA B 205 -27.41 -46.33 -7.65
N LEU B 206 -28.11 -46.28 -6.51
CA LEU B 206 -27.85 -47.13 -5.33
C LEU B 206 -29.15 -47.81 -4.92
N PRO B 207 -29.25 -49.17 -5.01
CA PRO B 207 -30.44 -49.94 -4.57
C PRO B 207 -30.84 -49.64 -3.11
N VAL B 208 -32.03 -49.05 -2.90
CA VAL B 208 -32.53 -48.75 -1.55
C VAL B 208 -33.53 -49.82 -1.12
N GLU B 209 -33.01 -50.82 -0.40
CA GLU B 209 -33.80 -51.89 0.19
C GLU B 209 -34.41 -51.42 1.51
N ILE B 210 -35.54 -52.02 1.93
CA ILE B 210 -36.20 -51.65 3.20
C ILE B 210 -36.40 -52.90 4.05
N GLU B 211 -36.54 -52.69 5.37
CA GLU B 211 -36.81 -53.72 6.34
C GLU B 211 -38.29 -54.17 6.24
N LYS B 212 -38.53 -55.26 5.49
CA LYS B 212 -39.80 -55.97 5.52
C LYS B 212 -39.71 -57.01 6.65
N ARG B 213 -40.03 -56.53 7.85
CA ARG B 213 -39.91 -57.29 9.11
C ARG B 213 -41.28 -57.41 9.75
N GLU B 214 -41.74 -58.66 9.89
CA GLU B 214 -42.98 -58.99 10.61
C GLU B 214 -42.56 -59.79 11.85
N GLU B 215 -42.39 -59.06 12.95
CA GLU B 215 -41.95 -59.61 14.23
C GLU B 215 -43.13 -60.31 14.92
N LYS B 216 -43.17 -61.64 14.79
CA LYS B 216 -44.10 -62.51 15.50
C LYS B 216 -43.31 -63.42 16.45
N ASP B 217 -43.99 -63.94 17.47
CA ASP B 217 -43.36 -64.74 18.54
C ASP B 217 -42.72 -66.01 17.94
N GLY B 218 -41.37 -65.98 17.86
CA GLY B 218 -40.61 -67.07 17.22
C GLY B 218 -40.18 -66.73 15.79
N GLU B 219 -41.12 -66.15 15.00
CA GLU B 219 -40.92 -65.91 13.55
C GLU B 219 -40.90 -64.41 13.27
N THR B 220 -39.72 -63.79 13.43
CA THR B 220 -39.47 -62.43 12.96
C THR B 220 -38.97 -62.52 11.52
N VAL B 221 -39.93 -62.53 10.57
CA VAL B 221 -39.62 -62.69 9.15
C VAL B 221 -39.08 -61.36 8.61
N ILE B 222 -37.76 -61.35 8.29
CA ILE B 222 -37.05 -60.15 7.80
C ILE B 222 -36.59 -60.40 6.36
N SER B 223 -36.86 -59.44 5.48
CA SER B 223 -36.46 -59.47 4.07
C SER B 223 -36.20 -58.04 3.60
N TRP B 224 -35.30 -57.86 2.62
CA TRP B 224 -34.88 -56.52 2.16
C TRP B 224 -35.37 -56.31 0.72
N GLU B 225 -36.37 -55.43 0.56
CA GLU B 225 -37.03 -55.18 -0.73
C GLU B 225 -36.56 -53.86 -1.34
N LYS B 226 -35.95 -53.92 -2.56
CA LYS B 226 -35.56 -52.72 -3.31
C LYS B 226 -36.82 -51.96 -3.76
N ILE B 227 -37.02 -50.77 -3.21
CA ILE B 227 -38.18 -49.92 -3.53
C ILE B 227 -37.89 -49.04 -4.76
N ASN B 228 -36.60 -48.76 -5.00
CA ASN B 228 -36.14 -47.84 -6.06
C ASN B 228 -35.88 -48.61 -7.37
N LYS B 229 -35.78 -47.85 -8.47
CA LYS B 229 -35.37 -48.36 -9.80
C LYS B 229 -34.00 -49.07 -9.71
N ALA B 230 -33.05 -48.43 -9.00
CA ALA B 230 -31.68 -48.93 -8.80
C ALA B 230 -30.95 -49.09 -10.14
N GLN B 231 -30.57 -47.95 -10.72
CA GLN B 231 -29.87 -47.88 -12.00
C GLN B 231 -29.23 -46.51 -12.14
N ALA B 232 -28.08 -46.48 -12.81
CA ALA B 232 -27.41 -45.26 -13.24
C ALA B 232 -28.36 -44.39 -14.09
N LEU B 233 -28.84 -43.29 -13.49
CA LEU B 233 -29.83 -42.38 -14.10
C LEU B 233 -29.31 -41.84 -15.44
N TRP B 234 -28.03 -41.46 -15.44
CA TRP B 234 -27.38 -40.87 -16.62
C TRP B 234 -27.37 -41.85 -17.83
N THR B 235 -27.19 -43.17 -17.59
CA THR B 235 -27.12 -44.14 -18.70
C THR B 235 -28.53 -44.68 -19.07
N ARG B 236 -29.51 -44.48 -18.15
CA ARG B 236 -30.93 -44.85 -18.39
C ARG B 236 -31.59 -43.79 -19.29
N ASN B 237 -32.64 -44.20 -20.04
CA ASN B 237 -33.26 -43.35 -21.09
C ASN B 237 -34.18 -42.26 -20.50
N LYS B 238 -34.22 -41.14 -21.21
CA LYS B 238 -34.94 -39.90 -20.85
C LYS B 238 -36.47 -40.10 -20.77
N SER B 239 -36.95 -41.20 -21.40
CA SER B 239 -38.35 -41.61 -21.36
C SER B 239 -38.74 -42.07 -19.93
N GLU B 240 -37.86 -42.89 -19.32
CA GLU B 240 -38.09 -43.47 -17.98
C GLU B 240 -37.73 -42.47 -16.87
N ILE B 241 -36.88 -41.48 -17.18
CA ILE B 241 -36.51 -40.41 -16.23
C ILE B 241 -37.52 -39.25 -16.31
N THR B 242 -38.20 -38.93 -15.19
CA THR B 242 -39.06 -37.76 -15.12
C THR B 242 -38.24 -36.50 -14.80
N ASP B 243 -38.88 -35.34 -15.03
CA ASP B 243 -38.29 -33.99 -14.87
C ASP B 243 -37.82 -33.75 -13.41
N GLU B 244 -38.56 -34.37 -12.46
CA GLU B 244 -38.26 -34.31 -11.02
C GLU B 244 -36.94 -35.05 -10.70
N GLU B 245 -36.73 -36.22 -11.34
CA GLU B 245 -35.51 -37.04 -11.13
C GLU B 245 -34.26 -36.30 -11.62
N TYR B 246 -34.41 -35.49 -12.68
CA TYR B 246 -33.32 -34.63 -13.18
C TYR B 246 -32.95 -33.57 -12.13
N LYS B 247 -33.96 -32.77 -11.69
CA LYS B 247 -33.76 -31.72 -10.66
C LYS B 247 -33.07 -32.29 -9.42
N GLU B 248 -33.56 -33.46 -9.02
CA GLU B 248 -33.09 -34.21 -7.85
C GLU B 248 -31.64 -34.72 -8.03
N PHE B 249 -31.30 -35.17 -9.25
CA PHE B 249 -29.96 -35.74 -9.52
C PHE B 249 -28.89 -34.66 -9.51
N TYR B 250 -29.26 -33.41 -9.91
CA TYR B 250 -28.39 -32.23 -9.76
C TYR B 250 -27.93 -32.09 -8.30
N LYS B 251 -28.91 -32.22 -7.40
CA LYS B 251 -28.74 -32.03 -5.96
C LYS B 251 -27.76 -33.07 -5.38
N HIS B 252 -27.60 -34.21 -6.06
CA HIS B 252 -26.60 -35.22 -5.69
C HIS B 252 -25.20 -34.81 -6.22
N ILE B 253 -25.08 -34.67 -7.56
CA ILE B 253 -23.77 -34.51 -8.24
C ILE B 253 -23.06 -33.18 -7.90
N ALA B 254 -23.81 -32.20 -7.36
CA ALA B 254 -23.31 -30.86 -7.06
C ALA B 254 -22.78 -30.75 -5.62
N HIS B 255 -23.32 -31.59 -4.71
CA HIS B 255 -23.20 -31.39 -3.24
C HIS B 255 -23.87 -30.05 -2.84
N ASP B 256 -25.07 -29.88 -3.38
CA ASP B 256 -25.95 -28.71 -3.18
C ASP B 256 -27.39 -29.24 -3.23
N PHE B 257 -28.43 -28.42 -2.99
CA PHE B 257 -29.82 -28.90 -2.93
C PHE B 257 -30.83 -27.92 -3.58
N ASN B 258 -30.32 -26.95 -4.36
CA ASN B 258 -31.17 -26.05 -5.18
C ASN B 258 -31.74 -26.81 -6.38
N ASP B 259 -32.83 -26.27 -6.95
CA ASP B 259 -33.41 -26.77 -8.21
C ASP B 259 -32.70 -26.09 -9.39
N PRO B 260 -32.21 -26.86 -10.41
CA PRO B 260 -31.59 -26.29 -11.62
C PRO B 260 -32.65 -25.62 -12.54
N LEU B 261 -32.24 -24.54 -13.22
CA LEU B 261 -33.07 -23.81 -14.19
C LEU B 261 -33.34 -24.68 -15.44
N THR B 262 -32.27 -25.26 -16.00
CA THR B 262 -32.35 -26.17 -17.16
C THR B 262 -31.20 -27.19 -17.08
N TRP B 263 -31.15 -28.10 -18.07
CA TRP B 263 -30.12 -29.14 -18.17
C TRP B 263 -29.99 -29.63 -19.61
N SER B 264 -28.99 -30.50 -19.84
CA SER B 264 -28.78 -31.17 -21.13
C SER B 264 -28.32 -32.61 -20.86
N HIS B 265 -29.28 -33.54 -20.92
CA HIS B 265 -29.03 -34.99 -20.79
C HIS B 265 -29.00 -35.61 -22.19
N ASN B 266 -27.80 -35.77 -22.74
CA ASN B 266 -27.59 -36.43 -24.05
C ASN B 266 -26.31 -37.26 -23.99
N ARG B 267 -26.30 -38.38 -24.72
CA ARG B 267 -25.10 -39.21 -24.87
C ARG B 267 -24.55 -39.01 -26.29
N VAL B 268 -23.23 -39.13 -26.41
CA VAL B 268 -22.51 -39.03 -27.67
C VAL B 268 -21.92 -40.41 -27.94
N GLU B 269 -22.17 -40.93 -29.14
CA GLU B 269 -21.76 -42.27 -29.55
C GLU B 269 -20.60 -42.19 -30.57
N GLY B 270 -20.16 -43.35 -31.06
CA GLY B 270 -19.11 -43.43 -32.05
C GLY B 270 -17.81 -43.94 -31.46
N LYS B 271 -16.69 -43.33 -31.87
CA LYS B 271 -15.35 -43.71 -31.38
C LYS B 271 -15.13 -43.13 -29.98
N GLN B 272 -15.59 -41.87 -29.82
CA GLN B 272 -15.64 -41.20 -28.51
C GLN B 272 -17.06 -41.30 -27.97
N GLU B 273 -17.32 -42.36 -27.18
CA GLU B 273 -18.64 -42.59 -26.59
C GLU B 273 -18.61 -42.19 -25.11
N TYR B 274 -19.42 -41.17 -24.77
CA TYR B 274 -19.52 -40.64 -23.42
C TYR B 274 -20.93 -40.07 -23.18
N THR B 275 -21.51 -40.37 -22.02
CA THR B 275 -22.80 -39.81 -21.58
C THR B 275 -22.56 -38.49 -20.85
N SER B 276 -23.01 -37.36 -21.43
CA SER B 276 -22.88 -36.04 -20.80
C SER B 276 -24.25 -35.58 -20.24
N LEU B 277 -24.30 -35.36 -18.92
CA LEU B 277 -25.50 -34.88 -18.22
C LEU B 277 -25.08 -33.67 -17.37
N LEU B 278 -25.38 -32.47 -17.90
CA LEU B 278 -25.01 -31.19 -17.29
C LEU B 278 -26.26 -30.47 -16.77
N TYR B 279 -26.09 -29.58 -15.78
CA TYR B 279 -27.19 -28.81 -15.15
C TYR B 279 -26.76 -27.34 -14.98
N ILE B 280 -27.74 -26.43 -15.09
CA ILE B 280 -27.57 -24.99 -14.86
C ILE B 280 -28.21 -24.62 -13.49
N PRO B 281 -27.39 -24.25 -12.44
CA PRO B 281 -27.92 -23.85 -11.10
C PRO B 281 -28.76 -22.55 -11.13
N SER B 282 -29.70 -22.43 -10.16
CA SER B 282 -30.58 -21.26 -10.02
C SER B 282 -29.89 -20.11 -9.28
N GLN B 283 -29.01 -20.46 -8.34
CA GLN B 283 -28.30 -19.50 -7.47
C GLN B 283 -26.80 -19.78 -7.50
N ALA B 284 -26.01 -18.72 -7.24
CA ALA B 284 -24.55 -18.81 -7.18
C ALA B 284 -24.09 -19.30 -5.79
N PRO B 285 -23.40 -20.47 -5.70
CA PRO B 285 -22.81 -20.96 -4.41
C PRO B 285 -21.63 -20.07 -3.96
N TRP B 286 -21.16 -20.27 -2.71
CA TRP B 286 -20.14 -19.38 -2.09
C TRP B 286 -18.77 -19.56 -2.79
N ASP B 287 -18.49 -20.80 -3.20
CA ASP B 287 -17.24 -21.22 -3.88
C ASP B 287 -17.09 -20.64 -5.31
N MET B 288 -18.15 -19.99 -5.81
CA MET B 288 -18.21 -19.41 -7.17
C MET B 288 -17.21 -18.26 -7.35
N TRP B 289 -16.87 -17.58 -6.24
CA TRP B 289 -16.02 -16.37 -6.26
C TRP B 289 -14.76 -16.55 -5.39
N ASN B 290 -14.46 -17.79 -4.97
CA ASN B 290 -13.34 -18.08 -4.05
C ASN B 290 -12.02 -18.35 -4.80
N ARG B 291 -10.90 -18.29 -4.03
CA ARG B 291 -9.55 -18.66 -4.50
C ARG B 291 -9.34 -20.17 -4.44
N ASP B 292 -10.29 -20.87 -3.80
CA ASP B 292 -10.31 -22.34 -3.70
C ASP B 292 -11.16 -22.95 -4.84
N HIS B 293 -10.87 -24.23 -5.15
CA HIS B 293 -11.49 -24.98 -6.26
C HIS B 293 -12.84 -25.61 -5.82
N LYS B 294 -13.82 -25.64 -6.75
CA LYS B 294 -15.04 -26.47 -6.59
C LYS B 294 -15.61 -26.86 -7.96
N HIS B 295 -15.60 -25.90 -8.90
CA HIS B 295 -16.23 -26.08 -10.24
C HIS B 295 -15.80 -27.39 -10.92
N GLY B 296 -16.74 -28.05 -11.60
CA GLY B 296 -16.46 -29.30 -12.30
C GLY B 296 -17.56 -30.32 -12.15
N LEU B 297 -17.27 -31.56 -12.54
CA LEU B 297 -18.27 -32.64 -12.68
C LEU B 297 -17.86 -33.89 -11.87
N LYS B 298 -18.79 -34.85 -11.72
CA LYS B 298 -18.47 -36.22 -11.27
C LYS B 298 -18.00 -37.04 -12.48
N LEU B 299 -16.71 -37.35 -12.54
CA LEU B 299 -16.15 -38.19 -13.59
C LEU B 299 -16.52 -39.66 -13.33
N TYR B 300 -16.99 -40.32 -14.38
CA TYR B 300 -17.28 -41.74 -14.43
C TYR B 300 -16.59 -42.35 -15.65
N VAL B 301 -16.01 -43.53 -15.48
CA VAL B 301 -15.46 -44.34 -16.57
C VAL B 301 -16.10 -45.75 -16.46
N GLN B 302 -16.96 -46.10 -17.44
CA GLN B 302 -17.64 -47.43 -17.53
C GLN B 302 -18.61 -47.65 -16.34
N ARG B 303 -19.32 -46.56 -15.97
CA ARG B 303 -20.33 -46.52 -14.89
C ARG B 303 -19.66 -46.73 -13.50
N VAL B 304 -18.34 -46.43 -13.45
CA VAL B 304 -17.54 -46.47 -12.21
C VAL B 304 -17.03 -45.05 -11.92
N PHE B 305 -17.29 -44.55 -10.70
CA PHE B 305 -16.90 -43.19 -10.29
C PHE B 305 -15.38 -43.03 -10.19
N ILE B 306 -14.90 -41.80 -10.45
CA ILE B 306 -13.49 -41.44 -10.37
C ILE B 306 -13.31 -40.25 -9.39
N MET B 307 -13.85 -39.07 -9.75
CA MET B 307 -13.57 -37.84 -8.97
C MET B 307 -14.66 -36.76 -9.16
N ASP B 308 -15.16 -36.24 -8.02
CA ASP B 308 -16.12 -35.12 -7.96
C ASP B 308 -15.36 -33.79 -8.01
N ASP B 309 -16.06 -32.71 -8.41
CA ASP B 309 -15.48 -31.35 -8.57
C ASP B 309 -14.37 -31.33 -9.66
N ALA B 310 -14.46 -32.26 -10.62
CA ALA B 310 -13.45 -32.43 -11.68
C ALA B 310 -13.55 -31.29 -12.72
N GLU B 311 -12.78 -30.22 -12.46
CA GLU B 311 -12.72 -28.99 -13.31
C GLU B 311 -11.96 -29.22 -14.63
N GLN B 312 -11.37 -30.40 -14.73
CA GLN B 312 -10.66 -30.87 -15.92
C GLN B 312 -11.63 -31.17 -17.09
N PHE B 313 -12.96 -31.08 -16.81
CA PHE B 313 -14.02 -31.22 -17.85
C PHE B 313 -14.78 -29.90 -18.04
N MET B 314 -14.68 -28.98 -17.07
CA MET B 314 -15.39 -27.69 -17.15
C MET B 314 -14.51 -26.54 -16.60
N PRO B 315 -14.23 -25.49 -17.43
CA PRO B 315 -13.34 -24.34 -17.05
C PRO B 315 -14.03 -23.35 -16.09
N ASN B 316 -13.33 -22.24 -15.77
CA ASN B 316 -13.87 -21.19 -14.89
C ASN B 316 -14.80 -20.23 -15.65
N TYR B 317 -14.77 -20.24 -17.00
CA TYR B 317 -15.71 -19.44 -17.82
C TYR B 317 -17.12 -20.08 -17.73
N LEU B 318 -17.14 -21.39 -17.44
CA LEU B 318 -18.36 -22.20 -17.29
C LEU B 318 -18.37 -22.87 -15.90
N ARG B 319 -17.83 -22.14 -14.89
CA ARG B 319 -17.62 -22.68 -13.51
C ARG B 319 -18.96 -23.00 -12.80
N PHE B 320 -20.05 -22.45 -13.34
CA PHE B 320 -21.42 -22.68 -12.83
C PHE B 320 -21.92 -24.12 -13.12
N VAL B 321 -21.50 -24.70 -14.26
CA VAL B 321 -21.99 -26.02 -14.73
C VAL B 321 -21.63 -27.13 -13.73
N ARG B 322 -22.65 -27.79 -13.20
CA ARG B 322 -22.53 -28.99 -12.37
C ARG B 322 -23.24 -30.13 -13.07
N GLY B 323 -22.67 -31.33 -12.98
CA GLY B 323 -23.18 -32.50 -13.67
C GLY B 323 -22.23 -33.66 -13.53
N LEU B 324 -22.13 -34.47 -14.58
CA LEU B 324 -21.24 -35.64 -14.63
C LEU B 324 -21.04 -36.07 -16.08
N ILE B 325 -20.04 -36.92 -16.30
CA ILE B 325 -19.70 -37.45 -17.64
C ILE B 325 -19.13 -38.87 -17.49
N ASP B 326 -19.76 -39.83 -18.18
CA ASP B 326 -19.36 -41.25 -18.17
C ASP B 326 -18.79 -41.66 -19.52
N SER B 327 -17.47 -41.93 -19.58
CA SER B 327 -16.76 -42.18 -20.84
C SER B 327 -16.19 -43.62 -20.89
N SER B 328 -16.00 -44.12 -22.13
CA SER B 328 -15.30 -45.40 -22.39
C SER B 328 -13.86 -45.13 -22.87
N ASP B 329 -13.53 -43.83 -23.10
CA ASP B 329 -12.24 -43.40 -23.68
C ASP B 329 -11.17 -43.28 -22.60
N LEU B 330 -11.53 -42.58 -21.52
CA LEU B 330 -10.61 -42.28 -20.40
C LEU B 330 -10.24 -43.57 -19.66
N PRO B 331 -8.97 -43.72 -19.15
CA PRO B 331 -8.55 -44.91 -18.38
C PRO B 331 -9.34 -45.03 -17.05
N LEU B 332 -9.42 -46.25 -16.52
CA LEU B 332 -10.17 -46.53 -15.27
C LEU B 332 -9.39 -46.03 -14.04
N ASN B 333 -8.05 -45.94 -14.17
CA ASN B 333 -7.14 -45.44 -13.11
C ASN B 333 -6.78 -43.95 -13.36
N VAL B 334 -7.67 -43.22 -14.06
CA VAL B 334 -7.44 -41.82 -14.46
C VAL B 334 -7.47 -40.86 -13.24
N SER B 335 -6.70 -39.76 -13.33
CA SER B 335 -6.63 -38.72 -12.28
C SER B 335 -6.40 -37.33 -12.92
N ARG B 336 -6.50 -36.28 -12.09
CA ARG B 336 -6.42 -34.85 -12.49
C ARG B 336 -5.20 -34.53 -13.39
N GLU B 337 -4.06 -35.16 -13.06
CA GLU B 337 -2.78 -35.01 -13.79
C GLU B 337 -2.90 -35.56 -15.24
N ILE B 338 -3.51 -36.75 -15.35
CA ILE B 338 -3.77 -37.42 -16.64
C ILE B 338 -4.81 -36.62 -17.46
N LEU B 339 -5.73 -35.96 -16.75
CA LEU B 339 -6.80 -35.15 -17.36
C LEU B 339 -6.26 -33.82 -17.95
N GLN B 340 -5.13 -33.34 -17.41
CA GLN B 340 -4.43 -32.14 -17.93
C GLN B 340 -3.51 -32.57 -19.11
N ASP B 341 -2.78 -33.68 -18.90
CA ASP B 341 -1.75 -34.17 -19.85
C ASP B 341 -2.37 -34.71 -21.15
N SER B 342 -3.39 -35.57 -21.01
CA SER B 342 -4.05 -36.22 -22.16
C SER B 342 -4.82 -35.19 -23.00
N THR B 343 -4.73 -35.34 -24.33
CA THR B 343 -5.32 -34.39 -25.29
C THR B 343 -6.81 -34.70 -25.51
N VAL B 344 -7.17 -36.00 -25.39
CA VAL B 344 -8.55 -36.47 -25.61
C VAL B 344 -9.51 -35.88 -24.55
N THR B 345 -8.96 -35.58 -23.35
CA THR B 345 -9.70 -34.97 -22.25
C THR B 345 -9.95 -33.46 -22.53
N ARG B 346 -9.05 -32.81 -23.30
CA ARG B 346 -9.22 -31.40 -23.71
C ARG B 346 -10.30 -31.32 -24.79
N ASN B 347 -10.30 -32.31 -25.71
CA ASN B 347 -11.33 -32.43 -26.75
C ASN B 347 -12.70 -32.67 -26.12
N LEU B 348 -12.71 -33.52 -25.09
CA LEU B 348 -13.90 -33.86 -24.30
C LEU B 348 -14.43 -32.63 -23.54
N ARG B 349 -13.48 -31.89 -22.96
CA ARG B 349 -13.74 -30.65 -22.19
C ARG B 349 -14.42 -29.61 -23.10
N ASN B 350 -13.82 -29.42 -24.29
CA ASN B 350 -14.29 -28.47 -25.31
C ASN B 350 -15.63 -28.92 -25.91
N ALA B 351 -15.83 -30.26 -25.98
CA ALA B 351 -17.05 -30.87 -26.53
C ALA B 351 -18.28 -30.49 -25.70
N LEU B 352 -18.22 -30.77 -24.38
CA LEU B 352 -19.30 -30.42 -23.42
C LEU B 352 -19.55 -28.89 -23.40
N THR B 353 -18.45 -28.13 -23.45
CA THR B 353 -18.45 -26.65 -23.50
C THR B 353 -19.32 -26.08 -24.65
N LYS B 354 -19.27 -26.75 -25.81
CA LYS B 354 -20.05 -26.34 -26.99
C LYS B 354 -21.56 -26.60 -26.78
N ARG B 355 -21.90 -27.68 -26.04
CA ARG B 355 -23.29 -28.00 -25.66
C ARG B 355 -23.80 -27.01 -24.60
N VAL B 356 -22.87 -26.46 -23.77
CA VAL B 356 -23.21 -25.42 -22.78
C VAL B 356 -23.62 -24.13 -23.51
N LEU B 357 -22.82 -23.74 -24.54
CA LEU B 357 -23.08 -22.53 -25.37
C LEU B 357 -24.48 -22.60 -25.99
N GLN B 358 -24.80 -23.78 -26.57
CA GLN B 358 -26.13 -24.07 -27.14
C GLN B 358 -27.24 -23.92 -26.06
N MET B 359 -26.95 -24.44 -24.85
CA MET B 359 -27.91 -24.50 -23.72
C MET B 359 -28.12 -23.10 -23.07
N LEU B 360 -27.15 -22.17 -23.23
CA LEU B 360 -27.24 -20.80 -22.67
C LEU B 360 -28.28 -19.97 -23.45
N GLU B 361 -28.09 -19.88 -24.77
CA GLU B 361 -29.04 -19.19 -25.68
C GLU B 361 -30.42 -19.88 -25.65
N LYS B 362 -30.40 -21.22 -25.47
CA LYS B 362 -31.63 -22.04 -25.38
C LYS B 362 -32.39 -21.71 -24.08
N LEU B 363 -31.66 -21.44 -22.98
CA LEU B 363 -32.25 -21.06 -21.67
C LEU B 363 -32.95 -19.69 -21.78
N ALA B 364 -32.35 -18.79 -22.59
CA ALA B 364 -32.93 -17.46 -22.93
C ALA B 364 -34.26 -17.59 -23.71
N LYS B 365 -34.47 -18.76 -24.34
CA LYS B 365 -35.68 -19.07 -25.13
C LYS B 365 -36.66 -19.93 -24.31
N ASP B 366 -36.10 -20.73 -23.39
CA ASP B 366 -36.86 -21.65 -22.52
C ASP B 366 -37.76 -20.84 -21.60
N ASP B 367 -37.13 -19.95 -20.83
CA ASP B 367 -37.80 -19.07 -19.88
C ASP B 367 -36.90 -17.88 -19.58
N ALA B 368 -37.29 -16.70 -20.09
CA ALA B 368 -36.53 -15.44 -19.97
C ALA B 368 -36.14 -15.10 -18.51
N GLU B 369 -37.01 -15.46 -17.54
CA GLU B 369 -36.76 -15.19 -16.10
C GLU B 369 -35.63 -16.08 -15.57
N LYS B 370 -35.62 -17.38 -15.97
CA LYS B 370 -34.56 -18.32 -15.58
C LYS B 370 -33.19 -17.77 -15.99
N TYR B 371 -33.09 -17.36 -17.26
CA TYR B 371 -31.84 -16.83 -17.83
C TYR B 371 -31.45 -15.48 -17.18
N GLN B 372 -32.45 -14.68 -16.81
CA GLN B 372 -32.23 -13.37 -16.18
C GLN B 372 -31.64 -13.55 -14.77
N THR B 373 -32.19 -14.52 -14.02
CA THR B 373 -31.68 -14.91 -12.69
C THR B 373 -30.24 -15.41 -12.83
N PHE B 374 -30.03 -16.29 -13.83
CA PHE B 374 -28.72 -16.86 -14.19
C PHE B 374 -27.66 -15.75 -14.42
N TRP B 375 -28.05 -14.68 -15.14
CA TRP B 375 -27.12 -13.57 -15.46
C TRP B 375 -26.73 -12.78 -14.19
N GLN B 376 -27.71 -12.54 -13.30
CA GLN B 376 -27.47 -11.81 -12.04
C GLN B 376 -26.72 -12.70 -11.00
N GLN B 377 -26.58 -14.02 -11.28
CA GLN B 377 -25.83 -14.95 -10.42
C GLN B 377 -24.41 -15.22 -10.99
N PHE B 378 -24.29 -15.32 -12.33
CA PHE B 378 -23.06 -15.81 -13.02
C PHE B 378 -22.60 -14.87 -14.13
N GLY B 379 -23.02 -13.60 -14.06
CA GLY B 379 -22.72 -12.60 -15.09
C GLY B 379 -21.23 -12.37 -15.29
N LEU B 380 -20.53 -12.11 -14.17
CA LEU B 380 -19.09 -11.82 -14.17
C LEU B 380 -18.29 -13.05 -14.69
N VAL B 381 -18.86 -14.27 -14.49
CA VAL B 381 -18.29 -15.54 -14.98
C VAL B 381 -18.35 -15.60 -16.53
N LEU B 382 -19.58 -15.38 -17.05
CA LEU B 382 -19.90 -15.49 -18.50
C LEU B 382 -19.11 -14.44 -19.30
N LYS B 383 -18.81 -13.29 -18.66
CA LYS B 383 -18.06 -12.18 -19.29
C LYS B 383 -16.66 -12.60 -19.75
N GLU B 384 -16.05 -13.61 -19.08
CA GLU B 384 -14.70 -14.13 -19.47
C GLU B 384 -14.79 -14.85 -20.85
N GLY B 385 -15.96 -15.48 -21.09
CA GLY B 385 -16.24 -16.30 -22.28
C GLY B 385 -15.95 -15.67 -23.66
N PRO B 386 -16.46 -14.43 -24.01
CA PRO B 386 -16.20 -13.78 -25.33
C PRO B 386 -14.73 -13.32 -25.50
N ALA B 387 -14.03 -13.16 -24.36
CA ALA B 387 -12.60 -12.80 -24.33
C ALA B 387 -11.74 -14.03 -24.71
N GLU B 388 -12.23 -15.22 -24.29
CA GLU B 388 -11.61 -16.52 -24.62
C GLU B 388 -11.91 -16.88 -26.08
N ASP B 389 -13.20 -17.01 -26.40
CA ASP B 389 -13.67 -17.37 -27.74
C ASP B 389 -14.08 -16.11 -28.49
N PHE B 390 -13.14 -15.57 -29.24
CA PHE B 390 -13.35 -14.40 -30.09
C PHE B 390 -14.02 -14.80 -31.43
N ALA B 391 -13.94 -16.11 -31.75
CA ALA B 391 -14.52 -16.69 -32.99
C ALA B 391 -16.06 -16.72 -32.95
N ASN B 392 -16.62 -16.78 -31.72
CA ASN B 392 -18.08 -16.72 -31.48
C ASN B 392 -18.43 -15.40 -30.79
N GLN B 393 -17.65 -14.33 -31.11
CA GLN B 393 -17.82 -12.97 -30.53
C GLN B 393 -19.29 -12.52 -30.46
N GLU B 394 -20.04 -12.70 -31.57
CA GLU B 394 -21.45 -12.24 -31.67
C GLU B 394 -22.37 -13.09 -30.76
N ALA B 395 -22.24 -14.42 -30.87
CA ALA B 395 -23.09 -15.38 -30.11
C ALA B 395 -22.98 -15.17 -28.59
N ILE B 396 -21.73 -14.95 -28.13
CA ILE B 396 -21.44 -14.82 -26.69
C ILE B 396 -21.72 -13.38 -26.20
N ALA B 397 -21.45 -12.36 -27.06
CA ALA B 397 -21.72 -10.93 -26.73
C ALA B 397 -23.23 -10.68 -26.59
N LYS B 398 -24.04 -11.52 -27.25
CA LYS B 398 -25.49 -11.55 -27.04
C LYS B 398 -25.82 -12.07 -25.63
N LEU B 399 -25.08 -13.12 -25.20
CA LEU B 399 -25.28 -13.76 -23.89
C LEU B 399 -24.99 -12.76 -22.76
N LEU B 400 -24.10 -11.78 -23.07
CA LEU B 400 -23.87 -10.62 -22.22
C LEU B 400 -25.12 -9.70 -22.26
N ARG B 401 -25.68 -9.41 -21.07
CA ARG B 401 -26.89 -8.59 -20.92
C ARG B 401 -26.51 -7.34 -20.09
N PHE B 402 -26.64 -6.14 -20.68
CA PHE B 402 -26.25 -4.86 -20.02
C PHE B 402 -27.48 -3.95 -19.81
N ALA B 403 -27.21 -2.75 -19.26
CA ALA B 403 -28.17 -1.65 -19.20
C ALA B 403 -27.69 -0.52 -20.13
N SER B 404 -28.63 0.17 -20.78
CA SER B 404 -28.34 1.25 -21.74
C SER B 404 -29.35 2.40 -21.59
N THR B 405 -29.28 3.41 -22.48
CA THR B 405 -30.25 4.53 -22.50
C THR B 405 -31.65 4.07 -22.99
N HIS B 406 -31.77 2.78 -23.40
CA HIS B 406 -33.06 2.11 -23.64
C HIS B 406 -33.93 2.22 -22.37
N THR B 407 -33.34 1.86 -21.21
CA THR B 407 -34.01 1.91 -19.92
C THR B 407 -33.04 2.51 -18.88
N ASP B 408 -33.47 3.60 -18.22
CA ASP B 408 -32.64 4.36 -17.25
C ASP B 408 -32.53 3.64 -15.87
N SER B 409 -32.88 2.34 -15.84
CA SER B 409 -32.76 1.48 -14.66
C SER B 409 -31.41 0.73 -14.68
N SER B 410 -30.97 0.23 -13.51
CA SER B 410 -29.68 -0.47 -13.36
C SER B 410 -29.77 -1.96 -13.76
N ALA B 411 -31.00 -2.48 -13.89
CA ALA B 411 -31.27 -3.90 -14.23
C ALA B 411 -30.64 -4.27 -15.59
N GLN B 412 -29.66 -5.18 -15.58
CA GLN B 412 -28.93 -5.61 -16.78
C GLN B 412 -29.80 -6.63 -17.56
N THR B 413 -30.77 -6.10 -18.33
CA THR B 413 -31.78 -6.91 -19.03
C THR B 413 -31.62 -6.82 -20.56
N VAL B 414 -31.18 -5.65 -21.04
CA VAL B 414 -30.99 -5.37 -22.48
C VAL B 414 -29.77 -6.13 -23.01
N SER B 415 -29.98 -6.99 -24.01
CA SER B 415 -28.91 -7.68 -24.70
C SER B 415 -28.32 -6.74 -25.75
N LEU B 416 -27.05 -6.99 -26.14
CA LEU B 416 -26.44 -6.32 -27.29
C LEU B 416 -27.26 -6.60 -28.57
N GLU B 417 -27.96 -7.76 -28.59
CA GLU B 417 -28.87 -8.14 -29.67
C GLU B 417 -29.97 -7.10 -29.88
N ASP B 418 -30.68 -6.78 -28.77
CA ASP B 418 -31.75 -5.78 -28.76
C ASP B 418 -31.18 -4.43 -29.18
N TYR B 419 -30.10 -4.04 -28.49
CA TYR B 419 -29.41 -2.75 -28.65
C TYR B 419 -29.09 -2.43 -30.13
N VAL B 420 -28.39 -3.37 -30.77
CA VAL B 420 -27.82 -3.18 -32.12
C VAL B 420 -28.91 -3.31 -33.19
N SER B 421 -29.94 -4.13 -32.92
CA SER B 421 -31.14 -4.21 -33.78
C SER B 421 -31.95 -2.88 -33.69
N ARG B 422 -31.87 -2.24 -32.51
CA ARG B 422 -32.62 -1.01 -32.15
C ARG B 422 -31.81 0.27 -32.47
N MET B 423 -30.49 0.07 -32.67
CA MET B 423 -29.49 1.15 -32.89
C MET B 423 -29.94 2.05 -34.05
N LYS B 424 -30.08 3.35 -33.78
CA LYS B 424 -30.88 4.27 -34.61
C LYS B 424 -30.15 4.69 -35.91
N GLU B 425 -30.78 5.61 -36.65
CA GLU B 425 -30.29 6.09 -37.95
C GLU B 425 -29.04 6.97 -37.77
N GLY B 426 -28.01 6.67 -38.57
CA GLY B 426 -26.70 7.28 -38.45
C GLY B 426 -25.81 6.57 -37.43
N GLN B 427 -26.35 5.53 -36.74
CA GLN B 427 -25.62 4.80 -35.68
C GLN B 427 -25.15 3.41 -36.14
N GLU B 428 -23.94 3.36 -36.75
CA GLU B 428 -23.22 2.09 -37.01
C GLU B 428 -22.29 1.78 -35.83
N LYS B 429 -21.91 2.83 -35.07
CA LYS B 429 -20.91 2.69 -34.02
C LYS B 429 -21.61 2.60 -32.66
N ILE B 430 -21.34 1.49 -31.95
CA ILE B 430 -21.95 1.19 -30.65
C ILE B 430 -21.25 2.03 -29.58
N TYR B 431 -21.91 3.10 -29.16
CA TYR B 431 -21.36 4.06 -28.19
C TYR B 431 -21.51 3.49 -26.78
N TYR B 432 -20.44 3.56 -25.96
CA TYR B 432 -20.48 3.10 -24.56
C TYR B 432 -19.50 3.87 -23.68
N ILE B 433 -19.93 4.06 -22.42
CA ILE B 433 -19.20 4.77 -21.37
C ILE B 433 -19.14 3.87 -20.11
N THR B 434 -17.93 3.69 -19.59
CA THR B 434 -17.69 2.98 -18.33
C THR B 434 -17.43 3.99 -17.20
N ALA B 435 -17.88 3.68 -15.98
CA ALA B 435 -17.71 4.55 -14.81
C ALA B 435 -17.65 3.71 -13.54
N ASP B 436 -17.46 4.40 -12.39
CA ASP B 436 -17.38 3.75 -11.07
C ASP B 436 -18.75 3.17 -10.69
N SER B 437 -19.79 3.95 -10.96
CA SER B 437 -21.17 3.63 -10.59
C SER B 437 -22.12 4.16 -11.68
N TYR B 438 -23.39 3.80 -11.55
CA TYR B 438 -24.44 4.10 -12.54
C TYR B 438 -24.78 5.61 -12.51
N ALA B 439 -24.67 6.21 -11.30
CA ALA B 439 -24.83 7.67 -11.10
C ALA B 439 -23.66 8.45 -11.73
N ALA B 440 -22.44 7.86 -11.63
CA ALA B 440 -21.22 8.39 -12.27
C ALA B 440 -21.31 8.30 -13.82
N ALA B 441 -21.96 7.23 -14.32
CA ALA B 441 -22.20 7.02 -15.76
C ALA B 441 -23.14 8.11 -16.32
N LYS B 442 -24.15 8.48 -15.51
CA LYS B 442 -25.11 9.56 -15.85
C LYS B 442 -24.53 10.97 -15.59
N SER B 443 -23.53 11.09 -14.67
CA SER B 443 -23.01 12.42 -14.24
C SER B 443 -22.11 13.08 -15.31
N SER B 444 -21.64 12.27 -16.28
CA SER B 444 -20.82 12.73 -17.39
C SER B 444 -21.62 13.69 -18.29
N PRO B 445 -21.04 14.88 -18.70
CA PRO B 445 -21.70 15.79 -19.67
C PRO B 445 -21.94 15.04 -20.98
N HIS B 446 -21.00 14.13 -21.29
CA HIS B 446 -21.11 13.11 -22.35
C HIS B 446 -22.54 12.53 -22.39
N LEU B 447 -22.98 11.92 -21.27
CA LEU B 447 -24.30 11.26 -21.17
C LEU B 447 -25.42 12.31 -21.28
N GLU B 448 -25.19 13.52 -20.72
CA GLU B 448 -26.22 14.57 -20.67
C GLU B 448 -26.52 15.08 -22.09
N LEU B 449 -25.46 15.06 -22.94
CA LEU B 449 -25.53 15.58 -24.30
C LEU B 449 -26.14 14.54 -25.21
N LEU B 450 -25.66 13.29 -25.10
CA LEU B 450 -26.15 12.16 -25.93
C LEU B 450 -27.62 11.83 -25.61
N ARG B 451 -28.04 12.19 -24.38
CA ARG B 451 -29.45 12.13 -23.97
C ARG B 451 -30.24 13.17 -24.80
N LYS B 452 -29.73 14.44 -24.81
CA LYS B 452 -30.34 15.55 -25.61
C LYS B 452 -30.28 15.28 -27.13
N LYS B 453 -29.33 14.43 -27.57
CA LYS B 453 -29.14 14.08 -28.99
C LYS B 453 -30.03 12.89 -29.40
N GLY B 454 -30.58 12.17 -28.40
CA GLY B 454 -31.46 11.02 -28.65
C GLY B 454 -30.72 9.78 -29.12
N ILE B 455 -29.45 9.66 -28.70
CA ILE B 455 -28.55 8.58 -29.12
C ILE B 455 -28.53 7.47 -28.05
N GLU B 456 -28.45 6.22 -28.50
CA GLU B 456 -28.45 5.05 -27.60
C GLU B 456 -27.01 4.68 -27.22
N VAL B 457 -26.76 4.57 -25.90
CA VAL B 457 -25.40 4.38 -25.31
C VAL B 457 -25.47 3.35 -24.16
N LEU B 458 -24.51 2.39 -24.12
CA LEU B 458 -24.36 1.45 -22.99
C LEU B 458 -23.85 2.21 -21.74
N LEU B 459 -24.47 1.92 -20.58
CA LEU B 459 -24.06 2.49 -19.29
C LEU B 459 -23.48 1.37 -18.42
N LEU B 460 -22.15 1.15 -18.54
CA LEU B 460 -21.45 0.14 -17.72
C LEU B 460 -21.01 0.78 -16.39
N SER B 461 -21.63 0.33 -15.30
CA SER B 461 -21.29 0.75 -13.92
C SER B 461 -20.29 -0.23 -13.27
N ASP B 462 -19.86 -1.24 -14.06
CA ASP B 462 -19.00 -2.35 -13.62
C ASP B 462 -17.67 -2.30 -14.42
N ARG B 463 -16.56 -2.58 -13.70
CA ARG B 463 -15.18 -2.33 -14.20
C ARG B 463 -14.62 -3.46 -15.10
N ILE B 464 -15.18 -4.69 -14.99
CA ILE B 464 -14.71 -5.84 -15.83
C ILE B 464 -15.02 -5.59 -17.32
N ASP B 465 -16.15 -4.89 -17.55
CA ASP B 465 -16.66 -4.51 -18.88
C ASP B 465 -15.62 -3.71 -19.66
N GLU B 466 -14.78 -2.94 -18.94
CA GLU B 466 -13.75 -2.10 -19.56
C GLU B 466 -12.77 -2.94 -20.41
N TRP B 467 -12.36 -4.10 -19.89
CA TRP B 467 -11.40 -5.00 -20.59
C TRP B 467 -12.13 -5.87 -21.63
N MET B 468 -13.33 -6.33 -21.24
CA MET B 468 -14.19 -7.22 -22.07
C MET B 468 -14.50 -6.58 -23.42
N MET B 469 -14.89 -5.31 -23.36
CA MET B 469 -15.32 -4.53 -24.53
C MET B 469 -14.11 -4.02 -25.35
N ASN B 470 -12.88 -4.19 -24.81
CA ASN B 470 -11.61 -3.91 -25.55
C ASN B 470 -11.27 -5.09 -26.47
N TYR B 471 -11.91 -6.24 -26.21
CA TYR B 471 -11.83 -7.43 -27.08
C TYR B 471 -12.98 -7.42 -28.06
N LEU B 472 -14.18 -7.09 -27.56
CA LEU B 472 -15.41 -6.94 -28.36
C LEU B 472 -15.26 -5.77 -29.36
N THR B 473 -14.69 -6.09 -30.53
CA THR B 473 -14.45 -5.15 -31.65
C THR B 473 -15.74 -4.78 -32.40
N GLU B 474 -16.57 -5.80 -32.75
CA GLU B 474 -17.90 -5.55 -33.36
C GLU B 474 -18.87 -6.70 -33.06
N PHE B 475 -20.16 -6.34 -33.02
CA PHE B 475 -21.28 -7.27 -32.80
C PHE B 475 -22.31 -6.99 -33.88
N ASP B 476 -22.74 -8.05 -34.59
CA ASP B 476 -23.77 -7.99 -35.65
C ASP B 476 -23.25 -7.17 -36.87
N GLY B 477 -21.92 -6.92 -36.89
CA GLY B 477 -21.26 -6.12 -37.93
C GLY B 477 -21.05 -4.66 -37.53
N LYS B 478 -21.74 -4.19 -36.48
CA LYS B 478 -21.66 -2.78 -36.01
C LYS B 478 -20.49 -2.64 -35.00
N PRO B 479 -19.41 -1.86 -35.36
CA PRO B 479 -18.21 -1.72 -34.50
C PRO B 479 -18.45 -0.90 -33.24
N PHE B 480 -17.89 -1.38 -32.13
CA PHE B 480 -17.94 -0.71 -30.83
C PHE B 480 -17.02 0.53 -30.84
N GLN B 481 -17.60 1.71 -30.53
CA GLN B 481 -16.87 2.99 -30.44
C GLN B 481 -16.85 3.40 -28.95
N SER B 482 -15.68 3.17 -28.33
CA SER B 482 -15.44 3.42 -26.90
C SER B 482 -15.25 4.91 -26.65
N VAL B 483 -15.72 5.42 -25.50
CA VAL B 483 -15.50 6.81 -25.08
C VAL B 483 -13.96 7.14 -24.98
N SER B 484 -13.14 6.07 -24.88
CA SER B 484 -11.68 6.15 -24.76
C SER B 484 -11.00 6.63 -26.05
N LYS B 485 -11.60 6.36 -27.21
CA LYS B 485 -10.99 6.66 -28.52
C LYS B 485 -12.08 7.06 -29.51
N VAL B 486 -11.74 7.95 -30.45
CA VAL B 486 -12.64 8.40 -31.53
C VAL B 486 -11.81 8.71 -32.77
N ASP B 487 -12.20 8.11 -33.92
CA ASP B 487 -11.64 8.38 -35.27
C ASP B 487 -12.21 7.36 -36.28
N GLU B 488 -11.90 7.53 -37.57
CA GLU B 488 -12.15 6.50 -38.60
C GLU B 488 -11.15 5.33 -38.42
N SER B 489 -9.86 5.65 -38.16
CA SER B 489 -8.86 4.67 -37.72
C SER B 489 -8.60 4.85 -36.20
N LEU B 490 -7.55 5.64 -35.85
CA LEU B 490 -7.33 6.13 -34.48
C LEU B 490 -6.48 7.42 -34.49
N GLU B 491 -5.51 7.46 -35.42
CA GLU B 491 -4.37 8.38 -35.35
C GLU B 491 -4.69 9.80 -35.84
N LYS B 492 -5.77 9.95 -36.62
CA LYS B 492 -6.19 11.29 -37.12
C LYS B 492 -6.86 12.10 -36.00
N LEU B 493 -7.17 11.43 -34.87
CA LEU B 493 -7.62 12.12 -33.65
C LEU B 493 -6.53 13.10 -33.16
N ALA B 494 -5.26 12.70 -33.34
CA ALA B 494 -4.08 13.46 -32.90
C ALA B 494 -3.81 14.73 -33.77
N ASP B 495 -4.53 14.86 -34.91
CA ASP B 495 -4.47 16.07 -35.76
C ASP B 495 -5.55 17.08 -35.36
N GLU B 496 -6.77 16.56 -35.09
CA GLU B 496 -7.98 17.40 -34.85
C GLU B 496 -8.05 17.85 -33.37
N VAL B 497 -6.88 18.11 -32.78
CA VAL B 497 -6.73 18.43 -31.35
C VAL B 497 -6.74 19.96 -31.13
N ASP B 498 -7.84 20.57 -31.66
CA ASP B 498 -8.07 22.02 -31.67
C ASP B 498 -7.04 22.75 -32.56
N GLU B 499 -5.80 22.91 -32.05
CA GLU B 499 -4.69 23.54 -32.77
C GLU B 499 -3.34 23.25 -32.04
N SER B 500 -3.36 22.24 -31.14
CA SER B 500 -2.18 21.88 -30.31
C SER B 500 -1.20 21.02 -31.13
N ALA B 501 -0.38 21.72 -31.93
CA ALA B 501 0.63 21.11 -32.81
C ALA B 501 2.05 21.35 -32.27
N LYS B 502 3.07 21.06 -33.11
CA LYS B 502 4.50 21.17 -32.73
C LYS B 502 4.88 22.59 -32.25
N GLU B 503 4.13 23.60 -32.73
CA GLU B 503 4.32 25.00 -32.30
C GLU B 503 4.01 25.14 -30.80
N ALA B 504 2.89 24.52 -30.38
CA ALA B 504 2.48 24.45 -28.98
C ALA B 504 3.49 23.62 -28.15
N GLU B 505 3.97 22.50 -28.73
CA GLU B 505 4.88 21.55 -28.05
C GLU B 505 6.20 22.22 -27.64
N LYS B 506 6.70 23.13 -28.51
CA LYS B 506 7.91 23.92 -28.20
C LYS B 506 7.69 24.85 -26.99
N ALA B 507 6.45 25.35 -26.85
CA ALA B 507 6.06 26.23 -25.73
C ALA B 507 5.79 25.41 -24.46
N LEU B 508 5.36 24.15 -24.68
CA LEU B 508 5.10 23.18 -23.60
C LEU B 508 6.39 22.52 -23.12
N THR B 509 7.49 22.58 -23.92
CA THR B 509 8.79 21.98 -23.53
C THR B 509 9.28 22.53 -22.16
N PRO B 510 9.40 23.90 -21.93
CA PRO B 510 9.77 24.46 -20.61
C PRO B 510 8.81 23.95 -19.51
N PHE B 511 7.51 23.94 -19.84
CA PHE B 511 6.43 23.47 -18.94
C PHE B 511 6.72 22.01 -18.48
N ILE B 512 7.09 21.11 -19.42
CA ILE B 512 7.40 19.68 -19.11
C ILE B 512 8.56 19.58 -18.11
N ASP B 513 9.66 20.29 -18.42
CA ASP B 513 10.89 20.27 -17.58
C ASP B 513 10.63 20.83 -16.17
N ARG B 514 9.83 21.91 -16.09
CA ARG B 514 9.50 22.60 -14.82
C ARG B 514 8.64 21.71 -13.93
N VAL B 515 7.58 21.11 -14.52
CA VAL B 515 6.66 20.19 -13.82
C VAL B 515 7.43 18.97 -13.29
N LYS B 516 8.24 18.37 -14.17
CA LYS B 516 8.90 17.08 -13.90
C LYS B 516 10.07 17.25 -12.90
N ALA B 517 10.64 18.48 -12.83
CA ALA B 517 11.68 18.83 -11.83
C ALA B 517 11.02 19.19 -10.48
N LEU B 518 9.83 19.83 -10.55
CA LEU B 518 9.05 20.27 -9.37
C LEU B 518 8.58 19.04 -8.57
N LEU B 519 8.06 18.05 -9.31
CA LEU B 519 7.52 16.80 -8.77
C LEU B 519 8.66 15.80 -8.52
N GLY B 520 9.64 15.79 -9.43
CA GLY B 520 10.84 14.97 -9.27
C GLY B 520 10.57 13.47 -9.34
N GLU B 521 10.61 12.82 -8.16
CA GLU B 521 10.45 11.36 -8.03
C GLU B 521 9.07 11.04 -7.37
N ARG B 522 8.27 12.09 -7.09
CA ARG B 522 6.88 11.95 -6.58
C ARG B 522 5.95 11.37 -7.67
N VAL B 523 6.36 11.50 -8.95
CA VAL B 523 5.60 11.01 -10.12
C VAL B 523 6.54 10.15 -11.00
N LYS B 524 5.96 9.15 -11.72
CA LYS B 524 6.69 8.30 -12.67
C LYS B 524 7.29 9.14 -13.82
N ASP B 525 6.42 9.86 -14.54
CA ASP B 525 6.82 10.65 -15.73
C ASP B 525 5.70 11.64 -16.10
N VAL B 526 6.08 12.77 -16.73
CA VAL B 526 5.15 13.81 -17.17
C VAL B 526 5.21 13.94 -18.71
N ARG B 527 4.05 13.71 -19.37
CA ARG B 527 3.91 13.83 -20.84
C ARG B 527 2.78 14.84 -21.14
N LEU B 528 2.89 15.55 -22.27
CA LEU B 528 1.83 16.45 -22.75
C LEU B 528 1.22 15.87 -24.04
N THR B 529 0.18 15.04 -23.86
CA THR B 529 -0.61 14.46 -24.97
C THR B 529 -1.86 15.34 -25.22
N HIS B 530 -2.69 14.94 -26.21
CA HIS B 530 -3.73 15.84 -26.76
C HIS B 530 -5.14 15.23 -26.78
N ARG B 531 -5.39 14.20 -25.94
CA ARG B 531 -6.77 13.69 -25.76
C ARG B 531 -7.66 14.82 -25.19
N LEU B 532 -8.62 15.30 -26.01
CA LEU B 532 -9.38 16.54 -25.77
C LEU B 532 -10.19 16.45 -24.47
N THR B 533 -10.78 15.24 -24.24
CA THR B 533 -11.53 14.87 -23.00
C THR B 533 -12.49 16.00 -22.50
N ASP B 534 -12.92 15.92 -21.24
CA ASP B 534 -13.63 17.01 -20.55
C ASP B 534 -12.92 17.32 -19.20
N THR B 535 -11.95 16.46 -18.86
CA THR B 535 -11.16 16.54 -17.62
C THR B 535 -9.87 17.36 -17.92
N PRO B 536 -9.43 18.28 -17.01
CA PRO B 536 -8.20 19.11 -17.23
C PRO B 536 -6.94 18.26 -17.49
N ALA B 537 -6.72 17.29 -16.62
CA ALA B 537 -5.60 16.37 -16.70
C ALA B 537 -6.09 14.96 -16.42
N ILE B 538 -5.48 13.99 -17.09
CA ILE B 538 -5.85 12.57 -16.97
C ILE B 538 -4.57 11.74 -17.09
N VAL B 539 -4.40 10.84 -16.15
CA VAL B 539 -3.20 10.01 -16.02
C VAL B 539 -3.33 8.69 -16.82
N SER B 540 -2.22 7.96 -16.91
CA SER B 540 -2.15 6.66 -17.62
C SER B 540 -1.78 5.54 -16.65
N THR B 541 -2.18 4.31 -17.02
CA THR B 541 -1.87 3.08 -16.28
C THR B 541 -1.20 2.04 -17.20
N ASP B 542 -0.41 1.15 -16.58
CA ASP B 542 0.23 0.00 -17.24
C ASP B 542 -0.65 -1.24 -17.02
N ALA B 543 -0.76 -1.67 -15.75
CA ALA B 543 -1.52 -2.86 -15.35
C ALA B 543 -2.49 -2.49 -14.18
N ASP B 544 -2.74 -3.45 -13.24
CA ASP B 544 -3.73 -3.29 -12.14
C ASP B 544 -3.40 -2.06 -11.26
N GLU B 545 -4.20 -0.98 -11.49
CA GLU B 545 -4.07 0.33 -10.80
C GLU B 545 -2.63 0.86 -10.95
N MET B 546 -2.13 0.75 -12.20
CA MET B 546 -0.71 0.91 -12.59
C MET B 546 0.09 -0.33 -12.16
N SER B 547 0.26 -0.48 -10.83
CA SER B 547 1.17 -1.48 -10.27
C SER B 547 0.89 -1.75 -8.79
N THR B 548 -0.33 -1.43 -8.33
CA THR B 548 -0.66 -1.45 -6.89
C THR B 548 -1.21 -2.83 -6.44
N GLN B 549 -1.17 -3.86 -7.33
CA GLN B 549 -1.60 -5.26 -7.03
C GLN B 549 -1.08 -6.24 -8.11
N MET B 550 0.16 -6.76 -7.92
CA MET B 550 0.73 -7.94 -8.64
C MET B 550 2.23 -8.11 -8.26
N ALA B 551 2.79 -9.31 -8.52
CA ALA B 551 4.16 -9.69 -8.13
C ALA B 551 5.25 -8.76 -8.72
N LYS B 552 5.38 -8.72 -10.08
CA LYS B 552 6.37 -7.86 -10.81
C LYS B 552 6.15 -6.39 -10.49
N LEU B 553 4.86 -6.05 -10.35
CA LEU B 553 4.41 -4.68 -10.10
C LEU B 553 4.94 -4.16 -8.74
N PHE B 554 4.97 -5.05 -7.72
CA PHE B 554 5.55 -4.71 -6.38
C PHE B 554 7.08 -4.94 -6.33
N ALA B 555 7.61 -5.68 -7.30
CA ALA B 555 9.05 -6.04 -7.36
C ALA B 555 9.95 -4.91 -7.91
N ALA B 556 9.35 -3.72 -8.20
CA ALA B 556 10.08 -2.55 -8.71
C ALA B 556 10.97 -1.92 -7.60
N ALA B 557 10.34 -1.22 -6.61
CA ALA B 557 11.09 -0.63 -5.45
C ALA B 557 10.76 -1.38 -4.15
N GLY B 558 9.48 -1.78 -4.00
CA GLY B 558 9.03 -2.54 -2.82
C GLY B 558 8.22 -1.72 -1.80
N GLN B 559 8.33 -0.38 -1.87
CA GLN B 559 7.52 0.53 -1.01
C GLN B 559 6.10 0.68 -1.65
N LYS B 560 5.66 1.90 -2.02
CA LYS B 560 4.40 2.13 -2.74
C LYS B 560 4.61 1.96 -4.24
N VAL B 561 5.84 1.59 -4.67
CA VAL B 561 6.27 1.43 -6.08
C VAL B 561 6.25 2.78 -6.87
N PRO B 562 7.37 3.12 -7.60
CA PRO B 562 7.45 4.36 -8.43
C PRO B 562 6.43 4.35 -9.58
N GLU B 563 6.14 3.14 -10.08
CA GLU B 563 5.18 2.91 -11.17
C GLU B 563 3.74 3.29 -10.73
N VAL B 564 3.38 2.96 -9.46
CA VAL B 564 2.04 3.29 -8.85
C VAL B 564 1.77 4.80 -8.89
N LYS B 565 2.85 5.60 -8.83
CA LYS B 565 2.77 7.04 -9.07
C LYS B 565 2.41 7.20 -10.55
N TYR B 566 1.14 7.57 -10.81
CA TYR B 566 0.56 7.56 -12.17
C TYR B 566 1.32 8.52 -13.12
N ILE B 567 1.24 8.24 -14.44
CA ILE B 567 1.97 9.02 -15.44
C ILE B 567 1.13 10.27 -15.74
N PHE B 568 1.64 11.43 -15.29
CA PHE B 568 0.91 12.70 -15.30
C PHE B 568 0.89 13.28 -16.72
N GLU B 569 -0.29 13.25 -17.34
CA GLU B 569 -0.50 13.79 -18.69
C GLU B 569 -1.65 14.80 -18.64
N LEU B 570 -1.43 15.95 -19.30
CA LEU B 570 -2.41 17.06 -19.33
C LEU B 570 -2.91 17.25 -20.76
N ASN B 571 -4.16 17.73 -20.92
CA ASN B 571 -4.66 18.21 -22.21
C ASN B 571 -4.40 19.73 -22.30
N PRO B 572 -3.43 20.19 -23.17
CA PRO B 572 -3.09 21.64 -23.32
C PRO B 572 -4.32 22.48 -23.67
N ASP B 573 -5.24 21.85 -24.42
CA ASP B 573 -6.47 22.46 -24.93
C ASP B 573 -7.45 22.86 -23.80
N HIS B 574 -7.45 22.11 -22.67
CA HIS B 574 -8.42 22.35 -21.59
C HIS B 574 -8.04 23.59 -20.74
N VAL B 575 -9.09 24.34 -20.34
CA VAL B 575 -9.02 25.69 -19.71
C VAL B 575 -7.97 25.81 -18.56
N LEU B 576 -7.92 24.81 -17.66
CA LEU B 576 -7.04 24.85 -16.49
C LEU B 576 -5.55 24.70 -16.87
N VAL B 577 -5.29 23.85 -17.88
CA VAL B 577 -3.91 23.59 -18.39
C VAL B 577 -3.43 24.79 -19.23
N LYS B 578 -4.38 25.45 -19.92
CA LYS B 578 -4.13 26.70 -20.66
C LYS B 578 -3.56 27.74 -19.70
N ARG B 579 -4.33 28.04 -18.66
CA ARG B 579 -4.00 29.04 -17.64
C ARG B 579 -2.71 28.64 -16.87
N ALA B 580 -2.53 27.31 -16.65
CA ALA B 580 -1.36 26.77 -15.90
C ALA B 580 -0.05 26.87 -16.72
N ALA B 581 -0.19 26.88 -18.05
CA ALA B 581 0.94 27.09 -18.98
C ALA B 581 1.31 28.58 -19.00
N ASP B 582 0.27 29.45 -18.95
CA ASP B 582 0.45 30.92 -18.90
C ASP B 582 1.00 31.38 -17.54
N THR B 583 0.75 30.58 -16.48
CA THR B 583 1.20 30.90 -15.12
C THR B 583 2.75 30.74 -15.04
N GLU B 584 3.43 31.88 -15.21
CA GLU B 584 4.89 31.97 -15.14
C GLU B 584 5.31 32.06 -13.66
N ASP B 585 4.40 32.66 -12.86
CA ASP B 585 4.52 32.75 -11.39
C ASP B 585 4.57 31.34 -10.78
N GLU B 586 5.76 30.94 -10.31
CA GLU B 586 6.03 29.58 -9.81
C GLU B 586 5.20 29.26 -8.54
N ALA B 587 4.84 30.32 -7.78
CA ALA B 587 4.04 30.19 -6.54
C ALA B 587 2.65 29.57 -6.83
N LYS B 588 1.99 30.03 -7.91
CA LYS B 588 0.71 29.46 -8.36
C LYS B 588 0.91 28.32 -9.36
N PHE B 589 2.06 28.30 -10.07
CA PHE B 589 2.39 27.24 -11.05
C PHE B 589 2.40 25.88 -10.33
N SER B 590 3.03 25.83 -9.16
CA SER B 590 3.11 24.63 -8.31
C SER B 590 1.68 24.19 -7.84
N GLU B 591 0.81 25.18 -7.56
CA GLU B 591 -0.60 24.93 -7.16
C GLU B 591 -1.39 24.29 -8.29
N TRP B 592 -1.30 24.89 -9.50
CA TRP B 592 -2.07 24.45 -10.66
C TRP B 592 -1.62 23.05 -11.13
N VAL B 593 -0.30 22.83 -11.17
CA VAL B 593 0.31 21.54 -11.58
C VAL B 593 -0.13 20.40 -10.66
N GLU B 594 0.06 20.59 -9.34
CA GLU B 594 -0.28 19.59 -8.32
C GLU B 594 -1.81 19.45 -8.12
N LEU B 595 -2.59 20.50 -8.46
CA LEU B 595 -4.07 20.42 -8.52
C LEU B 595 -4.49 19.38 -9.56
N LEU B 596 -3.99 19.57 -10.79
CA LEU B 596 -4.35 18.75 -11.95
C LEU B 596 -3.80 17.31 -11.80
N LEU B 597 -2.64 17.20 -11.13
CA LEU B 597 -2.00 15.92 -10.81
C LEU B 597 -2.91 15.08 -9.90
N ASP B 598 -3.29 15.68 -8.77
CA ASP B 598 -4.03 14.97 -7.70
C ASP B 598 -5.49 14.76 -8.12
N GLN B 599 -5.99 15.65 -8.99
CA GLN B 599 -7.34 15.55 -9.57
C GLN B 599 -7.41 14.41 -10.60
N ALA B 600 -6.27 14.18 -11.30
CA ALA B 600 -6.12 13.06 -12.25
C ALA B 600 -6.06 11.72 -11.50
N LEU B 601 -5.34 11.69 -10.34
CA LEU B 601 -5.32 10.52 -9.44
C LEU B 601 -6.77 10.19 -9.02
N LEU B 602 -7.49 11.25 -8.60
CA LEU B 602 -8.91 11.17 -8.17
C LEU B 602 -9.83 10.72 -9.33
N ALA B 603 -9.40 10.98 -10.59
CA ALA B 603 -10.19 10.68 -11.79
C ALA B 603 -10.12 9.20 -12.18
N GLU B 604 -9.02 8.52 -11.78
CA GLU B 604 -8.73 7.13 -12.21
C GLU B 604 -8.78 6.14 -11.03
N ARG B 605 -8.50 6.64 -9.82
CA ARG B 605 -8.36 5.82 -8.61
C ARG B 605 -9.44 6.16 -7.56
N GLY B 606 -10.00 7.39 -7.64
CA GLY B 606 -11.03 7.86 -6.70
C GLY B 606 -10.55 7.95 -5.25
N THR B 607 -9.23 7.95 -5.07
CA THR B 607 -8.57 7.90 -3.75
C THR B 607 -7.30 8.77 -3.80
N LEU B 608 -6.99 9.48 -2.69
CA LEU B 608 -5.84 10.42 -2.62
C LEU B 608 -4.92 10.08 -1.44
N GLU B 609 -3.64 10.50 -1.53
CA GLU B 609 -2.62 10.30 -0.46
C GLU B 609 -2.88 11.30 0.67
N ASP B 610 -2.87 12.58 0.27
CA ASP B 610 -3.23 13.73 1.11
C ASP B 610 -4.42 14.45 0.43
N PRO B 611 -5.69 14.06 0.74
CA PRO B 611 -6.90 14.68 0.15
C PRO B 611 -7.19 16.08 0.74
N ASN B 612 -6.57 16.37 1.90
CA ASN B 612 -6.78 17.63 2.64
C ASN B 612 -6.11 18.81 1.92
N LEU B 613 -4.94 18.52 1.33
CA LEU B 613 -4.18 19.46 0.50
C LEU B 613 -5.00 19.84 -0.76
N PHE B 614 -5.69 18.85 -1.35
CA PHE B 614 -6.53 19.07 -2.54
C PHE B 614 -7.74 19.96 -2.21
N ILE B 615 -8.39 19.68 -1.07
CA ILE B 615 -9.54 20.47 -0.59
C ILE B 615 -9.12 21.93 -0.32
N ARG B 616 -7.94 22.11 0.29
CA ARG B 616 -7.36 23.45 0.60
C ARG B 616 -7.11 24.25 -0.69
N ARG B 617 -6.63 23.56 -1.74
CA ARG B 617 -6.33 24.16 -3.05
C ARG B 617 -7.61 24.56 -3.80
N MET B 618 -8.61 23.65 -3.86
CA MET B 618 -9.87 23.93 -4.61
C MET B 618 -10.68 25.05 -3.92
N ASN B 619 -10.64 25.08 -2.57
CA ASN B 619 -11.29 26.15 -1.76
C ASN B 619 -10.68 27.52 -2.11
N GLN B 620 -9.34 27.54 -2.30
CA GLN B 620 -8.60 28.76 -2.65
C GLN B 620 -8.93 29.25 -4.09
N LEU B 621 -9.08 28.28 -5.01
CA LEU B 621 -9.33 28.57 -6.44
C LEU B 621 -10.81 28.87 -6.72
N LEU B 622 -11.70 28.59 -5.73
CA LEU B 622 -13.13 28.96 -5.82
C LEU B 622 -13.39 30.32 -5.14
N VAL B 623 -12.60 30.67 -4.09
CA VAL B 623 -12.72 31.97 -3.40
C VAL B 623 -12.03 33.10 -4.23
N SER B 624 -10.89 32.75 -4.85
CA SER B 624 -10.13 33.66 -5.73
C SER B 624 -10.49 33.35 -7.20
N MET C 1 -7.79 8.98 29.89
CA MET C 1 -8.24 10.17 30.64
C MET C 1 -8.44 11.37 29.68
N ALA C 2 -8.91 11.08 28.45
CA ALA C 2 -9.07 12.09 27.38
C ALA C 2 -10.00 13.25 27.78
N THR C 3 -9.43 14.46 27.87
CA THR C 3 -10.16 15.69 28.22
C THR C 3 -11.02 16.20 27.05
N SER C 4 -11.69 17.35 27.27
CA SER C 4 -12.61 17.99 26.31
C SER C 4 -11.96 18.15 24.90
N THR C 5 -11.02 19.11 24.76
CA THR C 5 -10.29 19.35 23.50
C THR C 5 -9.28 20.51 23.68
N LEU C 6 -8.63 20.89 22.56
CA LEU C 6 -7.87 22.14 22.42
C LEU C 6 -7.71 22.39 20.90
N ILE C 7 -7.31 21.33 20.20
CA ILE C 7 -7.03 21.35 18.75
C ILE C 7 -8.25 20.86 17.93
N LYS C 8 -8.52 21.55 16.78
CA LYS C 8 -9.49 21.13 15.77
C LYS C 8 -8.86 21.14 14.35
N ALA C 9 -8.00 20.15 14.04
CA ALA C 9 -7.37 20.04 12.70
C ALA C 9 -6.74 18.64 12.45
N ILE C 10 -7.00 18.10 11.23
CA ILE C 10 -6.47 16.81 10.72
C ILE C 10 -7.01 15.59 11.55
N ASP C 11 -7.13 14.43 10.86
CA ASP C 11 -7.45 13.12 11.46
C ASP C 11 -8.92 13.08 11.97
N GLY C 12 -9.31 12.01 12.68
CA GLY C 12 -10.69 11.84 13.14
C GLY C 12 -10.77 11.10 14.47
N ASP C 13 -11.95 10.51 14.73
CA ASP C 13 -12.34 10.02 16.08
C ASP C 13 -11.90 8.57 16.34
N THR C 14 -11.93 8.19 17.65
CA THR C 14 -11.70 6.84 18.18
C THR C 14 -10.19 6.50 18.31
N VAL C 15 -9.33 7.19 17.52
CA VAL C 15 -7.87 7.05 17.60
C VAL C 15 -7.35 7.52 18.99
N LYS C 16 -6.44 6.73 19.57
CA LYS C 16 -5.78 7.06 20.84
C LYS C 16 -4.39 7.61 20.49
N LEU C 17 -4.33 8.52 19.49
CA LEU C 17 -3.07 9.11 18.98
C LEU C 17 -2.21 8.02 18.26
N MET C 18 -1.15 8.46 17.57
CA MET C 18 -0.14 7.58 16.98
C MET C 18 0.61 6.78 18.07
N TYR C 19 1.06 5.57 17.71
CA TYR C 19 1.69 4.65 18.67
C TYR C 19 2.69 3.72 17.93
N LYS C 20 2.22 3.06 16.86
CA LYS C 20 3.03 2.13 16.03
C LYS C 20 3.50 0.93 16.91
N GLY C 21 4.63 0.28 16.57
CA GLY C 21 5.21 -0.79 17.38
C GLY C 21 6.59 -1.19 16.90
N GLN C 22 7.06 -2.38 17.35
CA GLN C 22 8.36 -2.97 16.98
C GLN C 22 9.56 -2.14 17.52
N PRO C 23 10.21 -2.59 18.65
CA PRO C 23 11.54 -2.07 19.07
C PRO C 23 12.61 -2.49 18.04
N MET C 24 12.59 -1.82 16.88
CA MET C 24 13.27 -2.29 15.66
C MET C 24 14.79 -2.23 15.75
N THR C 25 15.33 -1.39 16.65
CA THR C 25 16.78 -1.13 16.75
C THR C 25 17.31 -1.44 18.18
N PHE C 26 18.64 -1.33 18.38
CA PHE C 26 19.37 -1.87 19.56
C PHE C 26 19.49 -0.85 20.73
N ARG C 27 18.63 -0.98 21.76
CA ARG C 27 18.63 -0.06 22.92
C ARG C 27 19.79 -0.33 23.91
N LEU C 28 20.94 0.31 23.59
CA LEU C 28 22.11 0.42 24.48
C LEU C 28 22.04 1.77 25.24
N LEU C 29 21.17 2.65 24.73
CA LEU C 29 21.07 4.07 25.07
C LEU C 29 20.40 4.24 26.44
N LEU C 30 21.24 4.61 27.45
CA LEU C 30 20.88 4.83 28.89
C LEU C 30 20.12 3.66 29.53
N VAL C 31 18.83 3.55 29.16
CA VAL C 31 17.85 2.69 29.81
C VAL C 31 18.21 1.19 29.75
N ASP C 32 17.93 0.50 30.86
CA ASP C 32 18.16 -0.93 31.03
C ASP C 32 16.90 -1.70 30.59
N THR C 33 16.88 -2.11 29.32
CA THR C 33 15.82 -2.97 28.77
C THR C 33 16.33 -3.68 27.49
N PRO C 34 17.32 -4.64 27.62
CA PRO C 34 17.87 -5.39 26.46
C PRO C 34 16.92 -6.51 25.99
N GLU C 35 15.89 -6.11 25.23
CA GLU C 35 14.83 -7.00 24.75
C GLU C 35 15.18 -7.57 23.35
N THR C 36 14.44 -8.63 22.98
CA THR C 36 14.80 -9.49 21.83
C THR C 36 14.25 -8.94 20.50
N LYS C 37 14.77 -9.53 19.40
CA LYS C 37 14.35 -9.28 18.01
C LYS C 37 14.06 -10.64 17.36
N HIS C 38 12.84 -10.83 16.84
CA HIS C 38 12.48 -12.02 16.05
C HIS C 38 11.25 -11.70 15.18
N PRO C 39 11.28 -11.99 13.85
CA PRO C 39 10.11 -11.82 12.97
C PRO C 39 9.27 -13.11 12.88
N LYS C 40 8.55 -13.27 11.76
CA LYS C 40 7.85 -14.50 11.40
C LYS C 40 7.74 -14.59 9.87
N LYS C 41 8.21 -15.71 9.29
CA LYS C 41 8.10 -15.99 7.84
C LYS C 41 6.73 -16.61 7.51
N GLY C 42 6.56 -17.02 6.25
CA GLY C 42 5.36 -17.73 5.83
C GLY C 42 5.56 -18.39 4.48
N VAL C 43 4.49 -19.04 3.99
CA VAL C 43 4.50 -19.76 2.70
C VAL C 43 4.23 -18.77 1.54
N GLU C 44 4.10 -19.30 0.31
CA GLU C 44 3.77 -18.49 -0.90
C GLU C 44 3.22 -19.41 -2.00
N LYS C 45 2.32 -18.86 -2.84
CA LYS C 45 1.65 -19.62 -3.90
C LYS C 45 1.17 -18.68 -5.02
N TYR C 46 1.02 -19.22 -6.25
CA TYR C 46 0.67 -18.44 -7.46
C TYR C 46 -0.18 -19.30 -8.43
N GLY C 47 -0.36 -18.82 -9.67
CA GLY C 47 -1.08 -19.56 -10.71
C GLY C 47 -0.58 -19.23 -12.12
N PRO C 48 -1.05 -19.98 -13.18
CA PRO C 48 -0.60 -19.80 -14.60
C PRO C 48 -0.79 -18.37 -15.14
N GLU C 49 0.30 -17.78 -15.67
CA GLU C 49 0.33 -16.38 -16.12
C GLU C 49 0.71 -16.30 -17.61
N ALA C 50 0.49 -15.11 -18.20
CA ALA C 50 0.89 -14.75 -19.57
C ALA C 50 0.23 -15.64 -20.63
N SER C 51 -1.05 -15.34 -20.94
CA SER C 51 -1.83 -16.02 -21.98
C SER C 51 -2.78 -15.00 -22.63
N ALA C 52 -2.91 -15.06 -23.97
CA ALA C 52 -3.75 -14.14 -24.74
C ALA C 52 -3.81 -14.60 -26.22
N PHE C 53 -5.02 -14.55 -26.82
CA PHE C 53 -5.21 -14.82 -28.26
C PHE C 53 -6.57 -14.23 -28.69
N THR C 54 -6.52 -13.25 -29.63
CA THR C 54 -7.71 -12.51 -30.10
C THR C 54 -7.51 -12.11 -31.58
N LYS C 55 -8.11 -12.90 -32.49
CA LYS C 55 -8.15 -12.62 -33.93
C LYS C 55 -9.35 -13.34 -34.54
N LYS C 56 -10.40 -12.57 -34.93
CA LYS C 56 -11.57 -13.05 -35.69
C LYS C 56 -12.59 -11.90 -35.85
N MET C 57 -12.65 -11.31 -37.06
CA MET C 57 -13.71 -10.35 -37.44
C MET C 57 -15.00 -11.16 -37.63
N VAL C 58 -16.03 -10.89 -36.81
CA VAL C 58 -17.20 -11.78 -36.70
C VAL C 58 -18.06 -11.79 -37.99
N GLU C 59 -18.39 -10.60 -38.51
CA GLU C 59 -19.36 -10.44 -39.62
C GLU C 59 -19.26 -9.01 -40.18
N ASN C 60 -19.56 -8.85 -41.49
CA ASN C 60 -19.55 -7.55 -42.20
C ASN C 60 -20.61 -6.56 -41.63
N ALA C 61 -20.33 -5.26 -41.77
CA ALA C 61 -21.20 -4.17 -41.29
C ALA C 61 -22.54 -4.13 -42.06
N LYS C 62 -23.51 -4.93 -41.59
CA LYS C 62 -24.86 -5.05 -42.17
C LYS C 62 -25.84 -4.06 -41.51
N LYS C 63 -25.86 -2.82 -42.01
CA LYS C 63 -26.72 -1.73 -41.49
C LYS C 63 -27.82 -1.40 -42.53
N ILE C 64 -29.07 -1.72 -42.18
CA ILE C 64 -30.27 -1.37 -42.98
C ILE C 64 -31.27 -0.60 -42.10
N GLU C 65 -31.03 0.72 -41.98
CA GLU C 65 -31.90 1.63 -41.23
C GLU C 65 -33.07 2.10 -42.12
N VAL C 66 -34.25 1.52 -41.87
CA VAL C 66 -35.49 1.85 -42.60
C VAL C 66 -36.07 3.17 -42.06
N GLU C 67 -36.11 3.27 -40.72
CA GLU C 67 -36.68 4.43 -40.01
C GLU C 67 -36.27 4.42 -38.53
N PHE C 68 -36.68 5.48 -37.79
CA PHE C 68 -36.56 5.53 -36.33
C PHE C 68 -37.58 4.55 -35.73
N ASP C 69 -37.16 3.29 -35.63
CA ASP C 69 -37.98 2.19 -35.10
C ASP C 69 -37.19 1.48 -34.00
N LYS C 70 -37.92 0.87 -33.06
CA LYS C 70 -37.33 0.17 -31.91
C LYS C 70 -37.09 -1.30 -32.30
N GLY C 71 -36.12 -1.51 -33.20
CA GLY C 71 -35.83 -2.83 -33.76
C GLY C 71 -35.46 -3.87 -32.69
N GLN C 72 -36.08 -5.06 -32.79
CA GLN C 72 -35.91 -6.14 -31.80
C GLN C 72 -36.19 -7.51 -32.48
N ARG C 73 -35.60 -8.60 -31.91
CA ARG C 73 -35.80 -10.00 -32.36
C ARG C 73 -35.12 -10.26 -33.73
N THR C 74 -33.96 -10.92 -33.71
CA THR C 74 -33.18 -11.33 -34.89
C THR C 74 -32.66 -12.76 -34.66
N ASP C 75 -31.90 -12.90 -33.55
CA ASP C 75 -31.54 -14.20 -32.92
C ASP C 75 -30.51 -15.01 -33.74
N LYS C 76 -29.42 -15.45 -33.06
CA LYS C 76 -28.23 -16.04 -33.70
C LYS C 76 -27.98 -17.47 -33.18
N TYR C 77 -26.97 -18.12 -33.76
CA TYR C 77 -26.45 -19.43 -33.30
C TYR C 77 -24.92 -19.35 -33.16
N GLY C 78 -24.37 -20.18 -32.27
CA GLY C 78 -22.92 -20.19 -32.00
C GLY C 78 -22.33 -21.58 -32.13
N ARG C 79 -21.10 -21.74 -31.61
CA ARG C 79 -20.35 -23.00 -31.65
C ARG C 79 -19.98 -23.41 -30.21
N GLY C 80 -19.11 -22.60 -29.55
CA GLY C 80 -18.66 -22.91 -28.18
C GLY C 80 -17.86 -21.80 -27.53
N LEU C 81 -17.28 -22.11 -26.36
CA LEU C 81 -16.31 -21.24 -25.65
C LEU C 81 -14.90 -21.84 -25.85
N ALA C 82 -13.89 -20.98 -25.95
CA ALA C 82 -12.48 -21.38 -26.16
C ALA C 82 -11.70 -21.28 -24.85
N TYR C 83 -10.42 -21.68 -24.90
CA TYR C 83 -9.55 -21.79 -23.70
C TYR C 83 -8.27 -21.00 -23.92
N ILE C 84 -7.98 -19.97 -23.07
CA ILE C 84 -6.70 -19.24 -23.15
C ILE C 84 -6.28 -18.56 -21.80
N TYR C 85 -6.94 -17.48 -21.37
CA TYR C 85 -6.44 -16.61 -20.28
C TYR C 85 -7.34 -16.61 -19.03
N ALA C 86 -8.57 -16.12 -19.17
CA ALA C 86 -9.41 -15.67 -18.04
C ALA C 86 -10.11 -16.83 -17.33
N ASP C 87 -9.33 -17.67 -16.61
CA ASP C 87 -9.89 -18.65 -15.66
C ASP C 87 -9.97 -18.02 -14.28
N GLY C 88 -11.07 -17.27 -14.03
CA GLY C 88 -11.28 -16.57 -12.75
C GLY C 88 -10.25 -15.47 -12.52
N LYS C 89 -9.76 -14.88 -13.63
CA LYS C 89 -8.67 -13.88 -13.59
C LYS C 89 -8.82 -12.87 -14.73
N MET C 90 -10.07 -12.53 -15.02
CA MET C 90 -10.41 -11.53 -16.03
C MET C 90 -9.97 -10.09 -15.56
N VAL C 91 -9.94 -9.13 -16.53
CA VAL C 91 -9.51 -7.70 -16.37
C VAL C 91 -7.97 -7.56 -16.55
N ASN C 92 -7.54 -6.47 -17.24
CA ASN C 92 -6.11 -6.12 -17.46
C ASN C 92 -6.00 -4.67 -18.02
N GLU C 93 -7.03 -4.23 -18.77
CA GLU C 93 -7.05 -2.92 -19.50
C GLU C 93 -8.40 -2.21 -19.23
N ALA C 94 -8.43 -0.87 -19.34
CA ALA C 94 -9.64 -0.05 -19.02
C ALA C 94 -10.09 0.79 -20.23
N LEU C 95 -11.11 1.67 -20.01
CA LEU C 95 -11.49 2.73 -20.97
C LEU C 95 -10.95 4.09 -20.44
N VAL C 96 -10.15 4.80 -21.27
CA VAL C 96 -9.76 6.20 -21.03
C VAL C 96 -11.03 7.09 -20.93
N ARG C 97 -11.09 7.94 -19.89
CA ARG C 97 -12.27 8.78 -19.61
C ARG C 97 -12.21 10.06 -20.49
N GLN C 98 -13.14 10.16 -21.47
CA GLN C 98 -13.31 11.36 -22.31
C GLN C 98 -14.82 11.70 -22.45
N GLY C 99 -15.17 12.48 -23.49
CA GLY C 99 -16.57 12.75 -23.86
C GLY C 99 -16.81 12.51 -25.34
N LEU C 100 -17.84 13.17 -25.91
CA LEU C 100 -18.17 13.13 -27.35
C LEU C 100 -18.61 14.52 -27.83
N ALA C 101 -18.90 14.63 -29.14
CA ALA C 101 -19.31 15.89 -29.77
C ALA C 101 -20.68 16.39 -29.25
N LYS C 102 -20.66 17.55 -28.57
CA LYS C 102 -21.89 18.22 -28.09
C LYS C 102 -22.59 18.97 -29.24
N VAL C 103 -23.94 19.04 -29.18
CA VAL C 103 -24.74 19.83 -30.14
C VAL C 103 -25.70 20.80 -29.39
N ALA C 104 -25.65 20.78 -28.05
CA ALA C 104 -26.62 21.48 -27.18
C ALA C 104 -25.99 21.84 -25.81
N TYR C 105 -26.85 22.22 -24.86
CA TYR C 105 -26.47 22.55 -23.47
C TYR C 105 -27.56 22.03 -22.50
N VAL C 106 -27.17 21.83 -21.22
CA VAL C 106 -28.08 21.36 -20.16
C VAL C 106 -27.98 22.28 -18.93
N TYR C 107 -29.07 22.34 -18.14
CA TYR C 107 -29.10 23.01 -16.83
C TYR C 107 -30.18 22.36 -15.95
N LYS C 108 -29.91 22.29 -14.63
CA LYS C 108 -30.75 21.56 -13.67
C LYS C 108 -31.79 22.52 -13.03
N PRO C 109 -33.11 22.21 -13.07
CA PRO C 109 -34.16 22.99 -12.37
C PRO C 109 -34.41 22.49 -10.93
N ASN C 110 -34.54 23.42 -9.97
CA ASN C 110 -34.76 23.11 -8.55
C ASN C 110 -35.18 24.36 -7.75
N ASN C 111 -36.49 24.49 -7.49
CA ASN C 111 -37.06 25.60 -6.71
C ASN C 111 -38.02 25.03 -5.65
N THR C 112 -38.31 25.82 -4.58
CA THR C 112 -39.20 25.36 -3.50
C THR C 112 -39.67 26.52 -2.60
N HIS C 113 -40.48 26.19 -1.56
CA HIS C 113 -41.00 27.15 -0.58
C HIS C 113 -40.01 27.39 0.58
N GLU C 114 -40.10 28.59 1.15
CA GLU C 114 -39.34 29.02 2.34
C GLU C 114 -39.84 28.35 3.64
N GLN C 115 -39.10 28.58 4.74
CA GLN C 115 -39.48 28.12 6.09
C GLN C 115 -38.87 29.07 7.14
N HIS C 116 -39.71 29.79 7.89
CA HIS C 116 -39.24 30.62 9.04
C HIS C 116 -38.66 29.68 10.13
N LEU C 117 -37.43 29.95 10.60
CA LEU C 117 -36.76 29.09 11.62
C LEU C 117 -36.41 29.95 12.86
N ARG C 118 -36.92 29.53 14.03
CA ARG C 118 -36.66 30.18 15.32
C ARG C 118 -35.20 30.00 15.77
N LYS C 119 -34.51 31.12 16.04
CA LYS C 119 -33.12 31.09 16.54
C LYS C 119 -32.89 32.29 17.48
N SER C 120 -31.98 32.11 18.44
CA SER C 120 -31.44 33.18 19.30
C SER C 120 -29.98 32.84 19.60
N GLU C 121 -29.06 33.24 18.70
CA GLU C 121 -27.62 32.87 18.75
C GLU C 121 -26.75 34.09 18.32
N ALA C 122 -25.57 33.81 17.67
CA ALA C 122 -24.71 34.79 16.97
C ALA C 122 -23.77 35.54 17.92
N GLN C 123 -22.53 35.01 18.04
CA GLN C 123 -21.46 35.61 18.86
C GLN C 123 -20.12 34.93 18.50
N ALA C 124 -19.01 35.69 18.63
CA ALA C 124 -17.65 35.19 18.40
C ALA C 124 -16.68 35.84 19.39
N LYS C 125 -16.80 35.42 20.66
CA LYS C 125 -15.91 35.88 21.74
C LYS C 125 -14.50 35.29 21.54
N LYS C 126 -13.52 36.17 21.27
CA LYS C 126 -12.11 35.79 21.09
C LYS C 126 -11.25 36.28 22.26
N GLU C 127 -10.04 35.75 22.30
CA GLU C 127 -8.96 36.16 23.21
C GLU C 127 -7.62 36.04 22.46
N LYS C 128 -6.50 36.37 23.12
CA LYS C 128 -5.17 36.25 22.49
C LYS C 128 -4.10 36.01 23.59
N LEU C 129 -3.27 34.99 23.36
CA LEU C 129 -2.09 34.68 24.19
C LEU C 129 -0.89 34.39 23.27
N ASN C 130 0.26 35.01 23.59
CA ASN C 130 1.56 34.73 22.95
C ASN C 130 2.65 34.91 24.02
N ILE C 131 3.72 34.10 23.92
CA ILE C 131 4.84 34.11 24.88
C ILE C 131 6.05 34.90 24.32
N TRP C 132 7.22 34.72 24.96
CA TRP C 132 8.52 35.28 24.52
C TRP C 132 8.82 34.91 23.03
N MET A 1 4.16 56.42 16.19
CA MET A 1 2.76 56.44 15.70
C MET A 1 2.69 55.72 14.35
N LYS A 2 3.58 56.12 13.42
CA LYS A 2 3.81 55.42 12.13
C LYS A 2 5.21 54.76 12.15
N GLY A 3 5.70 54.32 10.97
CA GLY A 3 7.03 53.72 10.84
C GLY A 3 6.97 52.28 10.32
N GLN A 4 6.15 52.07 9.26
CA GLN A 4 5.97 50.74 8.61
C GLN A 4 7.24 50.37 7.82
N GLU A 5 7.77 49.15 8.08
CA GLU A 5 9.03 48.66 7.49
C GLU A 5 9.05 47.12 7.60
N THR A 6 8.80 46.42 6.48
CA THR A 6 8.65 44.95 6.47
C THR A 6 9.56 44.29 5.42
N ARG A 7 10.63 43.63 5.91
CA ARG A 7 11.55 42.83 5.09
C ARG A 7 11.31 41.34 5.39
N GLY A 8 11.23 40.53 4.33
CA GLY A 8 10.97 39.09 4.45
C GLY A 8 11.46 38.34 3.25
N PHE A 9 12.70 37.84 3.32
CA PHE A 9 13.36 37.10 2.22
C PHE A 9 13.40 35.60 2.59
N GLN A 10 12.86 34.73 1.71
CA GLN A 10 12.70 33.29 2.01
C GLN A 10 12.92 32.44 0.75
N SER A 11 14.21 32.24 0.40
CA SER A 11 14.61 31.41 -0.75
C SER A 11 16.00 30.81 -0.45
N GLU A 12 16.01 29.56 0.07
CA GLU A 12 17.25 28.82 0.35
C GLU A 12 17.81 28.20 -0.94
N VAL A 13 19.13 28.28 -1.09
CA VAL A 13 19.85 27.81 -2.28
C VAL A 13 20.23 26.31 -2.16
N LYS A 14 20.85 25.76 -3.23
CA LYS A 14 21.10 24.31 -3.36
C LYS A 14 22.51 23.92 -2.84
N GLN A 15 22.57 23.45 -1.57
CA GLN A 15 23.77 22.84 -0.91
C GLN A 15 25.09 23.62 -1.15
N LEU A 16 25.75 23.35 -2.30
CA LEU A 16 27.09 23.88 -2.64
C LEU A 16 27.11 25.42 -2.60
N LEU A 17 26.02 26.04 -3.06
CA LEU A 17 25.86 27.51 -3.06
C LEU A 17 25.93 28.04 -1.62
N HIS A 18 25.23 27.34 -0.70
CA HIS A 18 25.15 27.72 0.73
C HIS A 18 26.52 27.54 1.42
N LEU A 19 27.31 26.57 0.90
CA LEU A 19 28.66 26.30 1.39
C LEU A 19 29.59 27.46 0.97
N MET A 20 29.48 27.86 -0.31
CA MET A 20 30.37 28.86 -0.93
C MET A 20 30.12 30.28 -0.38
N ILE A 21 28.87 30.58 0.00
CA ILE A 21 28.50 31.88 0.61
C ILE A 21 29.29 32.14 1.92
N HIS A 22 29.55 31.07 2.69
CA HIS A 22 30.31 31.15 3.97
C HIS A 22 31.76 30.63 3.82
N SER A 23 32.08 30.03 2.66
CA SER A 23 33.44 29.53 2.34
C SER A 23 34.44 30.70 2.19
N LEU A 24 33.98 31.78 1.54
CA LEU A 24 34.71 33.06 1.47
C LEU A 24 34.93 33.59 2.92
N TYR A 25 33.80 33.62 3.66
CA TYR A 25 33.70 34.02 5.08
C TYR A 25 33.99 35.54 5.25
N SER A 26 34.12 36.26 4.10
CA SER A 26 34.48 37.69 4.04
C SER A 26 35.87 37.93 4.68
N ASN A 27 36.72 36.87 4.72
CA ASN A 27 38.01 36.94 5.46
C ASN A 27 39.15 36.27 4.64
N LYS A 28 38.77 35.27 3.81
CA LYS A 28 39.61 34.69 2.71
C LYS A 28 40.64 33.66 3.22
N GLU A 29 41.41 34.03 4.25
CA GLU A 29 42.50 33.20 4.86
C GLU A 29 42.06 31.79 5.33
N ILE A 30 40.73 31.60 5.41
CA ILE A 30 40.04 30.33 5.68
C ILE A 30 40.49 29.19 4.71
N PHE A 31 41.08 29.53 3.55
CA PHE A 31 41.63 28.52 2.60
C PHE A 31 42.77 27.71 3.23
N LEU A 32 43.65 28.39 4.01
CA LEU A 32 44.80 27.73 4.68
C LEU A 32 44.31 26.67 5.68
N ARG A 33 43.16 26.93 6.33
CA ARG A 33 42.53 25.97 7.25
C ARG A 33 42.23 24.64 6.54
N GLU A 34 41.55 24.78 5.40
CA GLU A 34 40.96 23.65 4.67
C GLU A 34 42.01 22.90 3.86
N LEU A 35 42.96 23.65 3.25
CA LEU A 35 44.07 23.06 2.45
C LEU A 35 44.95 22.19 3.35
N ILE A 36 45.31 22.71 4.54
CA ILE A 36 46.14 21.95 5.50
C ILE A 36 45.30 20.84 6.18
N SER A 37 43.98 21.05 6.35
CA SER A 37 43.07 20.00 6.84
C SER A 37 42.93 18.85 5.81
N ASN A 38 43.08 19.19 4.51
CA ASN A 38 43.11 18.20 3.41
C ASN A 38 44.47 17.49 3.37
N ALA A 39 45.49 18.15 3.95
CA ALA A 39 46.86 17.60 4.07
C ALA A 39 46.90 16.61 5.24
N SER A 40 46.19 16.96 6.32
CA SER A 40 46.06 16.15 7.52
C SER A 40 45.14 14.94 7.23
N ASP A 41 44.17 15.15 6.33
CA ASP A 41 43.29 14.08 5.82
C ASP A 41 44.12 13.04 5.05
N ALA A 42 45.02 13.53 4.19
CA ALA A 42 45.98 12.70 3.42
C ALA A 42 46.98 11.98 4.35
N ALA A 43 47.37 12.66 5.44
CA ALA A 43 48.31 12.12 6.43
C ALA A 43 47.68 10.94 7.20
N ASP A 44 46.44 11.14 7.68
CA ASP A 44 45.66 10.11 8.41
C ASP A 44 45.42 8.88 7.53
N LYS A 45 45.15 9.12 6.23
CA LYS A 45 45.01 8.06 5.23
C LYS A 45 46.31 7.25 5.11
N LEU A 46 47.47 7.94 5.05
CA LEU A 46 48.78 7.26 4.90
C LEU A 46 49.07 6.39 6.14
N ARG A 47 48.64 6.85 7.32
CA ARG A 47 48.81 6.12 8.60
C ARG A 47 48.06 4.78 8.58
N PHE A 48 46.83 4.79 8.01
CA PHE A 48 46.00 3.58 7.88
C PHE A 48 46.50 2.65 6.75
N ARG A 49 46.90 3.26 5.63
CA ARG A 49 47.39 2.54 4.44
C ARG A 49 48.75 1.90 4.71
N ALA A 50 49.50 2.49 5.65
CA ALA A 50 50.81 1.97 6.11
C ALA A 50 50.65 0.66 6.86
N LEU A 51 49.50 0.49 7.53
CA LEU A 51 49.13 -0.76 8.21
C LEU A 51 48.91 -1.90 7.19
N SER A 52 48.64 -1.51 5.93
CA SER A 52 48.40 -2.45 4.83
C SER A 52 49.62 -2.53 3.88
N ASN A 53 50.53 -1.53 3.99
CA ASN A 53 51.72 -1.41 3.12
C ASN A 53 52.69 -0.35 3.71
N PRO A 54 53.75 -0.76 4.48
CA PRO A 54 54.72 0.18 5.11
C PRO A 54 55.65 0.84 4.07
N ASP A 55 55.68 0.26 2.86
CA ASP A 55 56.52 0.69 1.73
C ASP A 55 56.17 2.13 1.29
N LEU A 56 54.92 2.53 1.55
CA LEU A 56 54.39 3.87 1.20
C LEU A 56 55.18 5.03 1.87
N TYR A 57 55.84 4.73 3.02
CA TYR A 57 56.71 5.73 3.70
C TYR A 57 57.97 6.03 2.85
N GLU A 58 58.43 5.04 2.05
CA GLU A 58 59.58 5.23 1.12
C GLU A 58 60.88 5.65 1.86
N GLY A 59 60.96 5.35 3.16
CA GLY A 59 62.03 5.83 4.03
C GLY A 59 61.60 7.05 4.86
N ASP A 60 60.82 7.94 4.23
CA ASP A 60 60.29 9.17 4.85
C ASP A 60 59.07 8.85 5.76
N GLY A 61 59.33 8.82 7.09
CA GLY A 61 58.27 8.54 8.07
C GLY A 61 57.73 9.82 8.73
N GLU A 62 58.39 10.96 8.47
CA GLU A 62 58.00 12.26 9.05
C GLU A 62 56.92 12.92 8.17
N LEU A 63 55.67 12.49 8.37
CA LEU A 63 54.52 13.01 7.63
C LEU A 63 54.30 14.48 8.07
N ARG A 64 54.31 15.41 7.09
CA ARG A 64 54.32 16.86 7.37
C ARG A 64 53.59 17.63 6.26
N VAL A 65 53.61 18.97 6.34
CA VAL A 65 53.13 19.88 5.29
C VAL A 65 53.96 21.18 5.35
N ARG A 66 54.63 21.49 4.24
CA ARG A 66 55.53 22.66 4.13
C ARG A 66 54.91 23.74 3.24
N VAL A 67 54.75 24.94 3.80
CA VAL A 67 54.23 26.11 3.10
C VAL A 67 55.41 27.00 2.66
N SER A 68 55.60 27.12 1.34
CA SER A 68 56.60 28.01 0.74
C SER A 68 55.89 29.12 -0.02
N PHE A 69 56.60 30.19 -0.37
CA PHE A 69 56.02 31.36 -1.04
C PHE A 69 57.11 32.17 -1.75
N ASP A 70 56.69 33.06 -2.65
CA ASP A 70 57.57 34.06 -3.26
C ASP A 70 56.78 35.34 -3.53
N LYS A 71 57.36 36.47 -3.11
CA LYS A 71 56.67 37.78 -3.12
C LYS A 71 56.55 38.36 -4.54
N ASP A 72 57.53 38.04 -5.40
CA ASP A 72 57.59 38.56 -6.78
C ASP A 72 56.64 37.79 -7.69
N LYS A 73 56.76 36.45 -7.68
CA LYS A 73 55.91 35.57 -8.50
C LYS A 73 54.46 35.55 -7.98
N ARG A 74 54.30 35.95 -6.69
CA ARG A 74 52.99 36.06 -6.00
C ARG A 74 52.30 34.70 -5.93
N THR A 75 53.09 33.65 -5.65
CA THR A 75 52.59 32.28 -5.57
C THR A 75 52.81 31.74 -4.14
N LEU A 76 51.72 31.26 -3.51
CA LEU A 76 51.74 30.64 -2.17
C LEU A 76 51.51 29.13 -2.34
N THR A 77 52.47 28.31 -1.93
CA THR A 77 52.47 26.87 -2.13
C THR A 77 52.32 26.12 -0.80
N ILE A 78 51.26 25.30 -0.70
CA ILE A 78 51.00 24.43 0.46
C ILE A 78 51.25 22.98 -0.01
N SER A 79 52.44 22.45 0.31
CA SER A 79 52.89 21.12 -0.19
C SER A 79 52.95 20.11 0.97
N ASP A 80 51.98 19.17 1.05
CA ASP A 80 51.98 18.12 2.08
C ASP A 80 52.89 16.97 1.64
N ASN A 81 53.51 16.28 2.61
CA ASN A 81 54.37 15.13 2.37
C ASN A 81 53.77 13.89 3.10
N GLY A 82 52.43 13.78 3.02
CA GLY A 82 51.71 12.59 3.47
C GLY A 82 51.60 11.58 2.35
N VAL A 83 50.38 11.04 2.10
CA VAL A 83 50.15 10.15 0.95
C VAL A 83 49.99 10.96 -0.34
N GLY A 84 49.71 12.27 -0.20
CA GLY A 84 49.33 13.08 -1.34
C GLY A 84 47.90 12.78 -1.75
N MET A 85 47.70 12.66 -3.06
CA MET A 85 46.43 12.19 -3.64
C MET A 85 46.77 11.21 -4.76
N THR A 86 46.14 10.04 -4.73
CA THR A 86 46.22 9.06 -5.83
C THR A 86 45.43 9.61 -7.05
N ARG A 87 45.71 9.11 -8.27
CA ARG A 87 45.01 9.53 -9.52
C ARG A 87 43.48 9.42 -9.36
N ASP A 88 43.08 8.34 -8.69
CA ASP A 88 41.69 8.11 -8.25
C ASP A 88 41.20 9.30 -7.40
N GLU A 89 41.95 9.64 -6.33
CA GLU A 89 41.58 10.73 -5.39
C GLU A 89 41.59 12.12 -6.05
N VAL A 90 42.36 12.31 -7.13
CA VAL A 90 42.42 13.62 -7.84
C VAL A 90 41.10 13.85 -8.57
N ILE A 91 40.58 12.79 -9.21
CA ILE A 91 39.27 12.80 -9.88
C ILE A 91 38.13 12.74 -8.85
N ASP A 92 38.38 12.02 -7.73
CA ASP A 92 37.39 11.71 -6.68
C ASP A 92 37.13 12.92 -5.76
N HIS A 93 38.14 13.76 -5.55
CA HIS A 93 38.00 14.98 -4.72
C HIS A 93 37.76 16.20 -5.63
N LEU A 94 38.82 16.59 -6.34
CA LEU A 94 38.85 17.84 -7.12
C LEU A 94 37.96 17.76 -8.37
N GLY A 95 38.07 16.63 -9.10
CA GLY A 95 37.29 16.40 -10.32
C GLY A 95 35.78 16.35 -10.08
N THR A 96 35.38 15.90 -8.87
CA THR A 96 33.96 15.83 -8.48
C THR A 96 33.43 17.20 -7.99
N ILE A 97 34.36 18.13 -7.63
CA ILE A 97 33.97 19.53 -7.34
C ILE A 97 33.68 20.24 -8.67
N ALA A 98 34.53 19.92 -9.67
CA ALA A 98 34.32 20.30 -11.07
C ALA A 98 33.29 19.33 -11.72
N LYS A 99 33.18 19.34 -13.06
CA LYS A 99 32.22 18.46 -13.76
C LYS A 99 32.85 17.07 -13.99
N SER A 100 32.57 16.12 -13.08
CA SER A 100 32.91 14.70 -13.28
C SER A 100 31.66 13.97 -13.80
N GLY A 101 30.58 14.03 -12.99
CA GLY A 101 29.34 13.29 -13.26
C GLY A 101 28.87 12.49 -12.05
N THR A 102 28.82 13.17 -10.88
CA THR A 102 28.32 12.58 -9.63
C THR A 102 26.78 12.69 -9.54
N LYS A 103 26.22 13.65 -10.34
CA LYS A 103 24.79 13.98 -10.39
C LYS A 103 24.35 14.65 -9.06
N SER A 104 24.11 13.81 -8.05
CA SER A 104 23.72 14.23 -6.70
C SER A 104 24.26 13.16 -5.72
N PHE A 105 23.77 11.92 -5.91
CA PHE A 105 24.20 10.73 -5.13
C PHE A 105 24.66 9.60 -6.08
N LEU A 106 24.14 9.66 -7.33
CA LEU A 106 24.47 8.78 -8.47
C LEU A 106 23.34 8.97 -9.51
N GLU A 107 23.70 8.97 -10.80
CA GLU A 107 22.76 9.24 -11.91
C GLU A 107 21.88 8.01 -12.26
N SER A 108 22.04 6.89 -11.54
CA SER A 108 21.27 5.64 -11.78
C SER A 108 20.59 5.13 -10.49
N LEU A 109 21.40 4.76 -9.49
CA LEU A 109 20.92 4.11 -8.24
C LEU A 109 20.69 5.15 -7.12
N GLY A 110 21.46 6.24 -7.18
CA GLY A 110 21.37 7.32 -6.21
C GLY A 110 21.86 6.94 -4.82
N SER A 111 22.92 6.11 -4.75
CA SER A 111 23.46 5.61 -3.48
C SER A 111 24.98 5.40 -3.55
N ASP A 112 25.46 4.77 -4.64
CA ASP A 112 26.89 4.37 -4.79
C ASP A 112 27.86 5.57 -4.64
N GLN A 113 27.67 6.59 -5.49
CA GLN A 113 28.53 7.79 -5.50
C GLN A 113 28.16 8.78 -4.38
N ALA A 114 27.23 8.42 -3.46
CA ALA A 114 26.73 9.35 -2.40
C ALA A 114 27.82 9.76 -1.40
N LYS A 115 29.02 9.19 -1.55
CA LYS A 115 30.21 9.56 -0.76
C LYS A 115 31.02 10.66 -1.50
N ASP A 116 30.31 11.51 -2.30
CA ASP A 116 30.92 12.64 -3.01
C ASP A 116 30.58 13.95 -2.29
N SER A 117 29.37 14.00 -1.71
CA SER A 117 28.87 15.19 -0.99
C SER A 117 29.71 15.49 0.27
N GLN A 118 30.21 14.40 0.89
CA GLN A 118 31.11 14.46 2.08
C GLN A 118 32.51 15.01 1.70
N LEU A 119 32.87 14.84 0.41
CA LEU A 119 34.11 15.39 -0.15
C LEU A 119 33.92 16.86 -0.55
N ILE A 120 32.70 17.21 -1.00
CA ILE A 120 32.33 18.60 -1.34
C ILE A 120 32.25 19.45 -0.05
N GLY A 121 31.76 18.81 1.04
CA GLY A 121 31.69 19.41 2.37
C GLY A 121 33.06 19.80 2.97
N GLN A 122 34.13 19.10 2.55
CA GLN A 122 35.51 19.38 3.01
C GLN A 122 36.31 20.14 1.93
N PHE A 123 36.60 19.43 0.82
CA PHE A 123 37.49 19.89 -0.27
C PHE A 123 36.84 21.04 -1.07
N GLY A 124 35.50 21.00 -1.22
CA GLY A 124 34.75 22.01 -2.00
C GLY A 124 34.83 23.42 -1.42
N VAL A 125 34.93 23.48 -0.08
CA VAL A 125 35.11 24.74 0.66
C VAL A 125 36.53 25.28 0.40
N GLY A 126 37.52 24.38 0.56
CA GLY A 126 38.93 24.71 0.30
C GLY A 126 39.20 25.13 -1.14
N PHE A 127 38.41 24.57 -2.07
CA PHE A 127 38.47 24.88 -3.51
C PHE A 127 38.10 26.35 -3.75
N TYR A 128 36.89 26.72 -3.30
CA TYR A 128 36.32 28.06 -3.50
C TYR A 128 37.20 29.15 -2.85
N SER A 129 37.54 28.94 -1.57
CA SER A 129 38.38 29.85 -0.78
C SER A 129 39.78 30.04 -1.42
N ALA A 130 40.33 28.94 -1.99
CA ALA A 130 41.62 28.97 -2.71
C ALA A 130 41.55 29.84 -3.96
N PHE A 131 40.39 29.84 -4.64
CA PHE A 131 40.17 30.65 -5.85
C PHE A 131 39.69 32.09 -5.53
N ILE A 132 39.40 32.38 -4.26
CA ILE A 132 39.14 33.77 -3.82
C ILE A 132 40.48 34.52 -3.68
N VAL A 133 41.49 33.82 -3.15
CA VAL A 133 42.84 34.36 -2.94
C VAL A 133 43.74 34.17 -4.18
N ALA A 134 43.49 33.11 -4.96
CA ALA A 134 44.30 32.77 -6.14
C ALA A 134 43.44 32.79 -7.40
N ASP A 135 43.94 33.43 -8.46
CA ASP A 135 43.22 33.55 -9.74
C ASP A 135 43.27 32.20 -10.49
N LYS A 136 44.41 31.49 -10.34
CA LYS A 136 44.64 30.19 -10.97
C LYS A 136 45.43 29.30 -10.01
N VAL A 137 44.95 28.06 -9.78
CA VAL A 137 45.58 27.08 -8.87
C VAL A 137 46.15 25.92 -9.68
N THR A 138 47.43 25.59 -9.42
CA THR A 138 48.14 24.47 -10.04
C THR A 138 48.46 23.44 -8.96
N VAL A 139 47.79 22.28 -9.00
CA VAL A 139 48.02 21.19 -8.05
C VAL A 139 48.83 20.08 -8.74
N ARG A 140 50.07 19.90 -8.31
CA ARG A 140 50.91 18.76 -8.70
C ARG A 140 51.02 17.86 -7.48
N THR A 141 50.45 16.66 -7.54
CA THR A 141 50.44 15.71 -6.43
C THR A 141 51.33 14.49 -6.72
N ARG A 142 51.80 13.86 -5.64
CA ARG A 142 52.65 12.68 -5.68
C ARG A 142 52.08 11.64 -4.68
N ALA A 143 51.33 10.67 -5.21
CA ALA A 143 50.78 9.56 -4.43
C ALA A 143 51.90 8.65 -3.86
N ALA A 144 51.89 8.44 -2.52
CA ALA A 144 52.90 7.64 -1.82
C ALA A 144 52.91 6.19 -2.33
N GLY A 145 54.13 5.66 -2.59
CA GLY A 145 54.31 4.30 -3.10
C GLY A 145 54.50 4.27 -4.61
N GLU A 146 53.87 5.22 -5.31
CA GLU A 146 54.02 5.42 -6.77
C GLU A 146 55.31 6.18 -7.08
N LYS A 147 55.96 5.80 -8.19
CA LYS A 147 57.19 6.44 -8.69
C LYS A 147 56.90 7.91 -9.06
N PRO A 148 57.88 8.87 -8.89
CA PRO A 148 57.75 10.28 -9.34
C PRO A 148 57.07 10.46 -10.72
N GLU A 149 57.41 9.55 -11.65
CA GLU A 149 56.83 9.45 -13.02
C GLU A 149 55.29 9.43 -13.00
N ASN A 150 54.74 8.64 -12.09
CA ASN A 150 53.28 8.42 -11.95
C ASN A 150 52.61 9.49 -11.07
N GLY A 151 53.25 10.69 -11.00
CA GLY A 151 52.63 11.87 -10.37
C GLY A 151 51.46 12.37 -11.20
N VAL A 152 50.52 13.09 -10.57
CA VAL A 152 49.28 13.53 -11.24
C VAL A 152 49.21 15.07 -11.23
N PHE A 153 48.94 15.63 -12.41
CA PHE A 153 48.71 17.06 -12.60
C PHE A 153 47.21 17.38 -12.50
N TRP A 154 46.91 18.55 -11.94
CA TRP A 154 45.57 19.13 -11.88
C TRP A 154 45.73 20.64 -11.95
N GLU A 155 44.79 21.34 -12.58
CA GLU A 155 44.81 22.81 -12.68
C GLU A 155 43.42 23.33 -13.06
N SER A 156 43.04 24.48 -12.49
CA SER A 156 41.79 25.19 -12.84
C SER A 156 42.01 26.70 -12.66
N ALA A 157 41.13 27.49 -13.32
CA ALA A 157 41.18 28.96 -13.27
C ALA A 157 39.96 29.53 -12.50
N GLY A 158 39.29 28.64 -11.73
CA GLY A 158 38.18 29.04 -10.84
C GLY A 158 36.86 28.38 -11.17
N GLU A 159 36.66 28.09 -12.46
CA GLU A 159 35.38 27.56 -12.98
C GLU A 159 35.18 26.07 -12.61
N GLY A 160 34.03 25.51 -13.02
CA GLY A 160 33.70 24.09 -12.78
C GLY A 160 34.36 23.17 -13.79
N GLU A 161 35.69 23.30 -13.87
CA GLU A 161 36.52 22.66 -14.89
C GLU A 161 37.83 22.17 -14.23
N TYR A 162 38.54 21.28 -14.93
CA TYR A 162 39.81 20.72 -14.45
C TYR A 162 40.65 20.22 -15.63
N THR A 163 41.97 20.46 -15.55
CA THR A 163 42.96 19.93 -16.50
C THR A 163 43.80 18.88 -15.75
N VAL A 164 43.45 17.60 -15.93
CA VAL A 164 44.16 16.48 -15.27
C VAL A 164 45.03 15.73 -16.30
N ALA A 165 46.23 15.32 -15.85
CA ALA A 165 47.23 14.59 -16.65
C ALA A 165 48.21 13.89 -15.70
N ASP A 166 49.23 13.23 -16.24
CA ASP A 166 50.36 12.70 -15.45
C ASP A 166 51.61 13.60 -15.62
N ILE A 167 52.34 13.84 -14.51
CA ILE A 167 53.62 14.59 -14.50
C ILE A 167 54.67 13.84 -13.67
N THR A 168 55.93 14.27 -13.77
CA THR A 168 57.04 13.71 -13.00
C THR A 168 57.40 14.66 -11.83
N LYS A 169 57.01 14.27 -10.61
CA LYS A 169 57.22 15.06 -9.37
C LYS A 169 58.08 14.25 -8.39
N GLU A 170 59.29 14.75 -8.08
CA GLU A 170 60.27 14.03 -7.22
C GLU A 170 59.84 14.05 -5.75
N ASP A 171 59.48 15.25 -5.28
CA ASP A 171 58.94 15.49 -3.91
C ASP A 171 57.64 14.68 -3.71
N ARG A 172 57.51 13.99 -2.57
CA ARG A 172 56.31 13.18 -2.26
C ARG A 172 55.19 14.10 -1.70
N GLY A 173 53.93 13.74 -1.99
CA GLY A 173 52.76 14.48 -1.49
C GLY A 173 52.24 15.53 -2.47
N THR A 174 51.35 16.42 -2.00
CA THR A 174 50.56 17.31 -2.88
C THR A 174 51.04 18.76 -2.75
N GLU A 175 51.67 19.26 -3.81
CA GLU A 175 52.09 20.66 -3.97
C GLU A 175 50.95 21.49 -4.58
N ILE A 176 50.32 22.35 -3.76
CA ILE A 176 49.24 23.25 -4.21
C ILE A 176 49.83 24.66 -4.41
N THR A 177 50.11 25.04 -5.67
CA THR A 177 50.73 26.33 -6.03
C THR A 177 49.63 27.32 -6.45
N LEU A 178 49.32 28.23 -5.52
CA LEU A 178 48.26 29.24 -5.68
C LEU A 178 48.84 30.52 -6.29
N HIS A 179 48.50 30.84 -7.55
CA HIS A 179 48.86 32.16 -8.14
C HIS A 179 47.95 33.21 -7.52
N LEU A 180 48.42 33.85 -6.45
CA LEU A 180 47.66 34.86 -5.71
C LEU A 180 47.35 36.09 -6.58
N ARG A 181 46.17 36.66 -6.32
CA ARG A 181 45.64 37.81 -7.04
C ARG A 181 46.26 39.12 -6.54
N GLU A 182 46.10 40.19 -7.33
CA GLU A 182 46.52 41.54 -6.92
C GLU A 182 45.72 41.97 -5.67
N GLY A 183 46.44 42.16 -4.55
CA GLY A 183 45.82 42.44 -3.24
C GLY A 183 46.21 41.37 -2.22
N GLU A 184 46.31 40.11 -2.68
CA GLU A 184 46.68 38.96 -1.82
C GLU A 184 48.21 38.85 -1.60
N ASP A 185 48.89 40.00 -1.68
CA ASP A 185 50.34 40.09 -1.37
C ASP A 185 50.57 40.03 0.16
N GLU A 186 49.47 40.19 0.91
CA GLU A 186 49.43 40.02 2.37
C GLU A 186 49.80 38.57 2.77
N PHE A 187 49.48 37.59 1.87
CA PHE A 187 49.79 36.17 2.09
C PHE A 187 51.21 35.81 1.57
N LEU A 188 52.04 36.83 1.28
CA LEU A 188 53.40 36.62 0.74
C LEU A 188 54.50 36.91 1.77
N ASP A 189 54.14 37.47 2.95
CA ASP A 189 55.16 37.77 3.99
C ASP A 189 55.08 36.76 5.14
N ASP A 190 56.27 36.41 5.64
CA ASP A 190 56.50 35.42 6.71
C ASP A 190 55.60 35.67 7.95
N TRP A 191 55.62 36.90 8.52
CA TRP A 191 54.91 37.20 9.81
C TRP A 191 53.40 36.92 9.71
N ARG A 192 52.81 37.27 8.55
CA ARG A 192 51.36 37.21 8.34
C ARG A 192 50.93 35.76 8.06
N VAL A 193 51.66 35.08 7.16
CA VAL A 193 51.41 33.67 6.81
C VAL A 193 51.45 32.81 8.09
N ARG A 194 52.52 33.00 8.89
CA ARG A 194 52.75 32.30 10.16
C ARG A 194 51.59 32.49 11.17
N SER A 195 51.05 33.72 11.24
CA SER A 195 49.88 34.00 12.11
C SER A 195 48.69 33.13 11.68
N ILE A 196 48.36 33.18 10.38
CA ILE A 196 47.21 32.43 9.82
C ILE A 196 47.43 30.91 10.00
N ILE A 197 48.71 30.48 9.87
CA ILE A 197 49.11 29.06 10.04
C ILE A 197 48.84 28.62 11.49
N SER A 198 49.36 29.38 12.48
CA SER A 198 49.31 28.99 13.92
C SER A 198 47.86 28.83 14.42
N LYS A 199 47.01 29.82 14.06
CA LYS A 199 45.56 29.85 14.43
C LYS A 199 44.79 28.64 13.85
N TYR A 200 45.40 27.89 12.91
CA TYR A 200 44.80 26.67 12.33
C TYR A 200 45.59 25.42 12.72
N SER A 201 46.91 25.56 12.81
CA SER A 201 47.82 24.41 12.91
C SER A 201 47.75 23.77 14.30
N ASP A 202 47.32 24.55 15.30
CA ASP A 202 47.19 24.06 16.68
C ASP A 202 46.06 23.00 16.81
N HIS A 203 45.10 22.98 15.84
CA HIS A 203 44.05 21.92 15.78
C HIS A 203 44.44 20.80 14.79
N ILE A 204 45.63 20.88 14.21
CA ILE A 204 46.06 19.95 13.15
C ILE A 204 47.19 19.05 13.68
N ALA A 205 47.00 17.71 13.54
CA ALA A 205 47.94 16.68 14.03
C ALA A 205 49.04 16.39 12.99
N LEU A 206 49.40 17.43 12.21
CA LEU A 206 50.38 17.34 11.12
C LEU A 206 51.34 18.55 11.23
N PRO A 207 52.69 18.33 11.40
CA PRO A 207 53.70 19.43 11.46
C PRO A 207 53.68 20.35 10.21
N VAL A 208 53.03 21.52 10.38
CA VAL A 208 52.95 22.56 9.35
C VAL A 208 54.18 23.48 9.43
N GLU A 209 55.18 23.13 8.63
CA GLU A 209 56.42 23.90 8.50
C GLU A 209 56.27 25.01 7.46
N ILE A 210 57.19 25.98 7.48
CA ILE A 210 57.20 27.09 6.53
C ILE A 210 58.62 27.31 6.02
N GLU A 211 58.74 27.87 4.82
CA GLU A 211 60.02 28.29 4.26
C GLU A 211 60.49 29.53 5.03
N LYS A 212 61.30 29.30 6.06
CA LYS A 212 61.98 30.35 6.79
C LYS A 212 63.30 30.63 6.05
N ARG A 213 63.18 31.44 4.98
CA ARG A 213 64.27 31.76 4.07
C ARG A 213 64.99 33.02 4.55
N GLU A 214 66.22 32.86 5.04
CA GLU A 214 67.08 33.96 5.42
C GLU A 214 68.15 34.11 4.33
N GLU A 215 67.85 34.93 3.31
CA GLU A 215 68.78 35.18 2.19
C GLU A 215 69.74 36.30 2.57
N LYS A 216 70.90 35.88 3.10
CA LYS A 216 72.02 36.74 3.46
C LYS A 216 73.02 36.81 2.30
N ASP A 217 74.09 37.60 2.50
CA ASP A 217 75.14 37.82 1.47
C ASP A 217 75.78 36.47 1.06
N GLY A 218 75.41 35.97 -0.13
CA GLY A 218 75.95 34.71 -0.66
C GLY A 218 75.23 33.47 -0.13
N GLU A 219 74.51 33.61 1.01
CA GLU A 219 73.91 32.49 1.75
C GLU A 219 72.38 32.59 1.78
N THR A 220 71.70 32.03 0.75
CA THR A 220 70.25 31.85 0.78
C THR A 220 69.91 30.65 1.69
N VAL A 221 69.84 30.91 3.00
CA VAL A 221 69.50 29.90 4.01
C VAL A 221 68.01 29.58 3.89
N ILE A 222 67.67 28.34 3.52
CA ILE A 222 66.27 27.87 3.52
C ILE A 222 66.12 26.82 4.63
N SER A 223 65.36 27.18 5.65
CA SER A 223 64.99 26.29 6.75
C SER A 223 63.49 26.03 6.69
N TRP A 224 63.06 24.85 7.16
CA TRP A 224 61.64 24.54 7.30
C TRP A 224 61.32 24.45 8.79
N GLU A 225 60.63 25.49 9.28
CA GLU A 225 60.37 25.69 10.70
C GLU A 225 58.86 25.68 10.92
N LYS A 226 58.38 24.79 11.81
CA LYS A 226 56.93 24.64 12.04
C LYS A 226 56.40 25.71 13.00
N ILE A 227 55.25 26.28 12.62
CA ILE A 227 54.46 27.19 13.49
C ILE A 227 53.35 26.33 14.18
N ASN A 228 53.33 25.05 13.78
CA ASN A 228 52.53 24.00 14.37
C ASN A 228 53.28 23.41 15.57
N LYS A 229 52.66 23.50 16.76
CA LYS A 229 53.24 22.99 18.04
C LYS A 229 53.45 21.45 18.00
N ALA A 230 52.74 20.79 17.05
CA ALA A 230 52.95 19.38 16.68
C ALA A 230 52.56 18.40 17.78
N GLN A 231 51.25 18.18 17.89
CA GLN A 231 50.67 17.11 18.68
C GLN A 231 49.20 16.97 18.29
N ALA A 232 48.65 15.78 18.51
CA ALA A 232 47.23 15.49 18.30
C ALA A 232 46.36 16.23 19.33
N LEU A 233 45.33 16.97 18.85
CA LEU A 233 44.47 17.83 19.71
C LEU A 233 43.78 17.00 20.80
N TRP A 234 43.39 15.76 20.49
CA TRP A 234 42.70 14.89 21.46
C TRP A 234 43.66 14.47 22.62
N THR A 235 44.95 14.25 22.33
CA THR A 235 45.93 13.85 23.37
C THR A 235 46.53 15.10 24.10
N ARG A 236 46.25 16.30 23.55
CA ARG A 236 46.47 17.58 24.27
C ARG A 236 45.49 17.72 25.46
N ASN A 237 45.90 18.48 26.48
CA ASN A 237 45.04 18.80 27.64
C ASN A 237 44.09 19.97 27.28
N LYS A 238 42.88 19.92 27.88
CA LYS A 238 41.80 20.90 27.65
C LYS A 238 42.27 22.36 27.84
N SER A 239 43.11 22.58 28.87
CA SER A 239 43.64 23.91 29.22
C SER A 239 44.65 24.42 28.18
N GLU A 240 45.38 23.49 27.52
CA GLU A 240 46.38 23.83 26.49
C GLU A 240 45.70 24.09 25.11
N ILE A 241 44.48 23.57 24.93
CA ILE A 241 43.67 23.83 23.73
C ILE A 241 42.75 25.05 23.98
N THR A 242 42.73 26.02 23.04
CA THR A 242 41.73 27.11 23.04
C THR A 242 40.42 26.61 22.41
N ASP A 243 39.30 27.27 22.77
CA ASP A 243 37.94 26.96 22.24
C ASP A 243 37.93 27.04 20.72
N GLU A 244 38.76 27.96 20.19
CA GLU A 244 38.93 28.23 18.76
C GLU A 244 39.36 26.96 18.01
N GLU A 245 40.38 26.26 18.55
CA GLU A 245 40.89 25.03 17.93
C GLU A 245 39.87 23.90 17.97
N TYR A 246 39.03 23.85 19.03
CA TYR A 246 37.91 22.88 19.11
C TYR A 246 36.92 23.13 17.95
N LYS A 247 36.55 24.41 17.77
CA LYS A 247 35.62 24.85 16.72
C LYS A 247 36.06 24.36 15.35
N GLU A 248 37.35 24.57 15.05
CA GLU A 248 37.92 24.26 13.74
C GLU A 248 38.33 22.77 13.61
N PHE A 249 38.56 22.09 14.75
CA PHE A 249 38.93 20.65 14.77
C PHE A 249 37.75 19.81 14.30
N TYR A 250 36.56 20.19 14.78
CA TYR A 250 35.26 19.67 14.32
C TYR A 250 35.17 19.64 12.78
N LYS A 251 35.62 20.75 12.16
CA LYS A 251 35.52 20.95 10.70
C LYS A 251 36.37 19.91 9.95
N HIS A 252 37.62 19.69 10.41
CA HIS A 252 38.52 18.68 9.84
C HIS A 252 37.91 17.26 9.96
N ILE A 253 37.62 16.88 11.20
CA ILE A 253 37.28 15.49 11.55
C ILE A 253 35.92 15.05 10.98
N ALA A 254 34.99 16.01 10.84
CA ALA A 254 33.62 15.75 10.35
C ALA A 254 33.51 15.92 8.83
N HIS A 255 34.57 16.48 8.17
CA HIS A 255 34.55 16.87 6.75
C HIS A 255 33.44 17.92 6.49
N ASP A 256 33.61 19.06 7.16
CA ASP A 256 32.65 20.17 7.23
C ASP A 256 33.44 21.49 7.36
N PHE A 257 32.76 22.64 7.51
CA PHE A 257 33.43 23.96 7.63
C PHE A 257 32.66 24.93 8.57
N ASN A 258 31.55 24.47 9.14
CA ASN A 258 30.72 25.28 10.05
C ASN A 258 31.21 25.14 11.50
N ASP A 259 30.77 26.04 12.38
CA ASP A 259 31.15 26.03 13.81
C ASP A 259 30.20 25.13 14.62
N PRO A 260 30.75 24.31 15.59
CA PRO A 260 29.91 23.47 16.48
C PRO A 260 29.33 24.29 17.66
N LEU A 261 28.22 23.78 18.22
CA LEU A 261 27.54 24.38 19.35
C LEU A 261 28.37 24.19 20.63
N THR A 262 28.55 22.94 21.02
CA THR A 262 29.28 22.57 22.24
C THR A 262 30.01 21.25 22.03
N TRP A 263 30.88 20.93 22.98
CA TRP A 263 31.79 19.78 22.92
C TRP A 263 32.11 19.27 24.33
N SER A 264 32.66 18.05 24.39
CA SER A 264 33.16 17.45 25.63
C SER A 264 34.46 16.73 25.34
N HIS A 265 35.55 17.18 26.00
CA HIS A 265 36.85 16.53 25.92
C HIS A 265 37.11 15.84 27.26
N ASN A 266 37.18 14.51 27.24
CA ASN A 266 37.39 13.68 28.44
C ASN A 266 38.58 12.76 28.22
N ARG A 267 39.53 12.79 29.16
CA ARG A 267 40.76 12.01 29.12
C ARG A 267 40.65 10.89 30.17
N VAL A 268 40.86 9.63 29.74
CA VAL A 268 40.68 8.44 30.60
C VAL A 268 41.91 7.53 30.50
N GLU A 269 42.34 6.98 31.64
CA GLU A 269 43.52 6.09 31.72
C GLU A 269 43.29 5.05 32.83
N GLY A 270 44.09 3.97 32.81
CA GLY A 270 44.05 2.92 33.81
C GLY A 270 43.69 1.58 33.18
N LYS A 271 42.49 1.05 33.54
CA LYS A 271 41.95 -0.19 32.94
C LYS A 271 41.79 -0.02 31.43
N GLN A 272 41.08 1.04 31.03
CA GLN A 272 40.98 1.49 29.64
C GLN A 272 41.67 2.85 29.48
N GLU A 273 42.64 2.91 28.56
CA GLU A 273 43.42 4.12 28.28
C GLU A 273 42.95 4.71 26.95
N TYR A 274 41.98 5.62 27.02
CA TYR A 274 41.38 6.25 25.83
C TYR A 274 41.05 7.71 26.11
N THR A 275 41.03 8.52 25.05
CA THR A 275 40.55 9.91 25.13
C THR A 275 39.39 10.10 24.14
N SER A 276 38.25 10.56 24.67
CA SER A 276 37.05 10.81 23.90
C SER A 276 36.87 12.32 23.68
N LEU A 277 36.41 12.71 22.49
CA LEU A 277 36.19 14.11 22.13
C LEU A 277 35.01 14.20 21.16
N LEU A 278 33.87 14.66 21.70
CA LEU A 278 32.57 14.73 20.98
C LEU A 278 32.23 16.19 20.68
N TYR A 279 31.50 16.43 19.57
CA TYR A 279 31.01 17.78 19.17
C TYR A 279 29.53 17.71 18.79
N ILE A 280 28.88 18.88 18.75
CA ILE A 280 27.48 19.04 18.32
C ILE A 280 27.45 19.93 17.04
N PRO A 281 27.17 19.34 15.83
CA PRO A 281 27.02 20.11 14.55
C PRO A 281 25.89 21.17 14.59
N SER A 282 26.08 22.27 13.84
CA SER A 282 25.13 23.40 13.79
C SER A 282 24.00 23.15 12.78
N GLN A 283 24.33 22.42 11.72
CA GLN A 283 23.41 22.17 10.61
C GLN A 283 23.33 20.69 10.32
N ALA A 284 22.13 20.24 9.96
CA ALA A 284 21.87 18.86 9.56
C ALA A 284 22.42 18.64 8.14
N PRO A 285 23.43 17.73 7.96
CA PRO A 285 23.91 17.38 6.61
C PRO A 285 22.84 16.60 5.83
N TRP A 286 22.96 16.55 4.50
CA TRP A 286 21.96 15.90 3.63
C TRP A 286 21.92 14.39 3.95
N ASP A 287 23.11 13.79 4.03
CA ASP A 287 23.30 12.34 4.27
C ASP A 287 23.18 11.98 5.78
N MET A 288 22.46 12.81 6.56
CA MET A 288 22.20 12.56 7.98
C MET A 288 21.11 11.47 8.15
N TRP A 289 20.20 11.39 7.16
CA TRP A 289 19.10 10.40 7.14
C TRP A 289 19.13 9.55 5.86
N ASN A 290 20.13 9.80 4.97
CA ASN A 290 20.30 9.06 3.70
C ASN A 290 21.08 7.75 3.95
N ARG A 291 21.30 6.92 2.91
CA ARG A 291 21.97 5.62 3.02
C ARG A 291 23.49 5.76 3.23
N ASP A 292 24.06 6.97 2.97
CA ASP A 292 25.48 7.23 3.24
C ASP A 292 25.66 7.86 4.64
N HIS A 293 26.84 7.62 5.19
CA HIS A 293 27.27 8.09 6.50
C HIS A 293 27.59 9.61 6.53
N LYS A 294 27.34 10.23 7.68
CA LYS A 294 27.80 11.60 7.99
C LYS A 294 27.99 11.74 9.52
N HIS A 295 27.15 10.99 10.26
CA HIS A 295 27.27 10.79 11.72
C HIS A 295 28.56 10.07 12.12
N GLY A 296 28.78 9.89 13.43
CA GLY A 296 29.76 8.93 13.94
C GLY A 296 31.05 9.58 14.43
N LEU A 297 32.02 8.73 14.79
CA LEU A 297 33.33 9.16 15.32
C LEU A 297 34.46 8.64 14.43
N LYS A 298 35.62 9.34 14.44
CA LYS A 298 36.87 8.82 13.84
C LYS A 298 37.54 7.88 14.85
N LEU A 299 37.58 6.60 14.51
CA LEU A 299 38.32 5.61 15.30
C LEU A 299 39.83 5.75 15.07
N TYR A 300 40.53 6.08 16.15
CA TYR A 300 41.99 6.02 16.22
C TYR A 300 42.37 4.92 17.23
N VAL A 301 43.41 4.17 16.89
CA VAL A 301 44.05 3.22 17.80
C VAL A 301 45.52 3.62 17.96
N GLN A 302 45.86 4.14 19.16
CA GLN A 302 47.23 4.54 19.54
C GLN A 302 47.70 5.72 18.64
N ARG A 303 46.75 6.65 18.38
CA ARG A 303 46.92 7.85 17.53
C ARG A 303 47.18 7.50 16.05
N VAL A 304 46.86 6.25 15.65
CA VAL A 304 46.87 5.81 14.24
C VAL A 304 45.42 5.76 13.76
N PHE A 305 45.10 6.50 12.68
CA PHE A 305 43.76 6.49 12.07
C PHE A 305 43.42 5.11 11.50
N ILE A 306 42.18 4.64 11.77
CA ILE A 306 41.67 3.36 11.27
C ILE A 306 40.51 3.62 10.29
N MET A 307 39.40 4.19 10.79
CA MET A 307 38.17 4.42 10.00
C MET A 307 37.30 5.48 10.68
N ASP A 308 36.61 6.33 9.89
CA ASP A 308 35.70 7.37 10.42
C ASP A 308 34.26 7.20 9.94
N ASP A 309 33.39 8.08 10.46
CA ASP A 309 31.92 8.05 10.25
C ASP A 309 31.31 6.79 10.90
N ALA A 310 31.98 6.27 11.95
CA ALA A 310 31.60 5.01 12.62
C ALA A 310 30.53 5.24 13.70
N GLU A 311 29.30 4.78 13.41
CA GLU A 311 28.15 4.80 14.36
C GLU A 311 28.25 3.65 15.40
N GLN A 312 29.32 2.88 15.32
CA GLN A 312 29.61 1.77 16.24
C GLN A 312 29.83 2.27 17.70
N PHE A 313 30.33 3.51 17.80
CA PHE A 313 30.64 4.14 19.10
C PHE A 313 29.52 5.08 19.58
N MET A 314 28.54 5.37 18.70
CA MET A 314 27.43 6.27 19.05
C MET A 314 26.10 5.75 18.43
N PRO A 315 25.02 5.49 19.25
CA PRO A 315 23.76 4.90 18.74
C PRO A 315 23.01 5.82 17.76
N ASN A 316 21.97 5.26 17.11
CA ASN A 316 21.10 6.00 16.17
C ASN A 316 20.32 7.12 16.90
N TYR A 317 20.09 6.91 18.20
CA TYR A 317 19.32 7.82 19.07
C TYR A 317 20.16 9.06 19.43
N LEU A 318 21.50 8.90 19.28
CA LEU A 318 22.49 9.94 19.58
C LEU A 318 23.35 10.21 18.34
N ARG A 319 22.80 9.89 17.13
CA ARG A 319 23.56 9.95 15.84
C ARG A 319 24.09 11.36 15.53
N PHE A 320 23.48 12.38 16.17
CA PHE A 320 23.87 13.80 16.00
C PHE A 320 25.32 14.07 16.46
N VAL A 321 25.78 13.30 17.47
CA VAL A 321 27.16 13.44 17.99
C VAL A 321 28.17 13.09 16.89
N ARG A 322 29.08 14.05 16.64
CA ARG A 322 30.11 13.93 15.61
C ARG A 322 31.44 14.33 16.24
N GLY A 323 32.48 13.51 16.04
CA GLY A 323 33.78 13.77 16.64
C GLY A 323 34.75 12.61 16.40
N LEU A 324 35.40 12.14 17.47
CA LEU A 324 36.39 11.05 17.41
C LEU A 324 36.63 10.45 18.80
N ILE A 325 37.30 9.29 18.80
CA ILE A 325 37.73 8.59 20.02
C ILE A 325 39.01 7.80 19.68
N ASP A 326 40.07 8.01 20.48
CA ASP A 326 41.34 7.28 20.37
C ASP A 326 41.49 6.34 21.54
N SER A 327 41.86 5.09 21.26
CA SER A 327 42.02 4.03 22.26
C SER A 327 43.39 3.36 22.11
N SER A 328 44.10 3.17 23.23
CA SER A 328 45.36 2.41 23.27
C SER A 328 45.05 0.91 23.49
N ASP A 329 43.76 0.61 23.79
CA ASP A 329 43.29 -0.72 24.20
C ASP A 329 42.97 -1.57 22.99
N LEU A 330 42.14 -1.01 22.08
CA LEU A 330 41.61 -1.71 20.89
C LEU A 330 42.77 -2.20 19.98
N PRO A 331 42.56 -3.31 19.19
CA PRO A 331 43.58 -3.80 18.23
C PRO A 331 43.92 -2.76 17.15
N LEU A 332 45.19 -2.76 16.68
CA LEU A 332 45.61 -1.91 15.55
C LEU A 332 44.95 -2.41 14.24
N ASN A 333 44.62 -3.71 14.26
CA ASN A 333 43.90 -4.42 13.17
C ASN A 333 42.37 -4.42 13.42
N VAL A 334 41.87 -3.48 14.24
CA VAL A 334 40.43 -3.40 14.57
C VAL A 334 39.58 -3.05 13.32
N SER A 335 38.33 -3.55 13.28
CA SER A 335 37.42 -3.38 12.13
C SER A 335 35.97 -3.15 12.62
N ARG A 336 35.11 -2.72 11.69
CA ARG A 336 33.72 -2.29 11.99
C ARG A 336 32.88 -3.44 12.57
N GLU A 337 33.12 -4.67 12.06
CA GLU A 337 32.45 -5.89 12.58
C GLU A 337 32.88 -6.16 14.04
N ILE A 338 34.19 -6.01 14.33
CA ILE A 338 34.77 -6.22 15.68
C ILE A 338 34.09 -5.28 16.69
N LEU A 339 33.89 -4.02 16.26
CA LEU A 339 33.23 -2.98 17.06
C LEU A 339 31.78 -3.36 17.38
N GLN A 340 31.15 -4.12 16.48
CA GLN A 340 29.78 -4.62 16.64
C GLN A 340 29.73 -5.85 17.57
N ASP A 341 30.81 -6.66 17.55
CA ASP A 341 30.85 -7.97 18.25
C ASP A 341 31.23 -7.84 19.73
N SER A 342 32.28 -7.05 20.04
CA SER A 342 32.92 -7.04 21.37
C SER A 342 32.11 -6.24 22.42
N THR A 343 32.09 -6.77 23.66
CA THR A 343 31.34 -6.20 24.79
C THR A 343 32.04 -4.94 25.36
N VAL A 344 33.37 -4.85 25.15
CA VAL A 344 34.19 -3.69 25.58
C VAL A 344 33.72 -2.39 24.87
N THR A 345 33.22 -2.55 23.63
CA THR A 345 32.71 -1.44 22.80
C THR A 345 31.29 -1.00 23.28
N ARG A 346 30.57 -1.89 24.02
CA ARG A 346 29.29 -1.55 24.68
C ARG A 346 29.54 -0.53 25.80
N ASN A 347 30.51 -0.86 26.66
CA ASN A 347 30.86 -0.03 27.85
C ASN A 347 31.58 1.26 27.45
N LEU A 348 32.32 1.21 26.32
CA LEU A 348 32.95 2.39 25.72
C LEU A 348 31.87 3.36 25.21
N ARG A 349 30.90 2.81 24.46
CA ARG A 349 29.75 3.57 23.90
C ARG A 349 28.80 4.05 25.03
N ASN A 350 28.71 3.25 26.11
CA ASN A 350 27.83 3.54 27.28
C ASN A 350 28.36 4.77 28.03
N ALA A 351 29.71 4.84 28.14
CA ALA A 351 30.40 6.00 28.71
C ALA A 351 30.12 7.24 27.85
N LEU A 352 30.27 7.09 26.52
CA LEU A 352 30.02 8.15 25.53
C LEU A 352 28.56 8.63 25.58
N THR A 353 27.63 7.72 25.92
CA THR A 353 26.19 8.03 26.06
C THR A 353 25.94 8.94 27.28
N LYS A 354 26.67 8.70 28.38
CA LYS A 354 26.62 9.54 29.61
C LYS A 354 27.23 10.93 29.34
N ARG A 355 28.23 10.96 28.43
CA ARG A 355 28.83 12.22 27.93
C ARG A 355 27.74 13.07 27.26
N VAL A 356 26.97 12.43 26.37
CA VAL A 356 25.88 13.09 25.62
C VAL A 356 24.82 13.67 26.58
N LEU A 357 24.46 12.90 27.63
CA LEU A 357 23.52 13.31 28.72
C LEU A 357 23.94 14.69 29.26
N GLN A 358 25.21 14.75 29.66
CA GLN A 358 25.83 15.94 30.24
C GLN A 358 25.82 17.13 29.23
N MET A 359 26.23 16.83 27.98
CA MET A 359 26.44 17.83 26.90
C MET A 359 25.13 18.51 26.46
N LEU A 360 24.03 17.74 26.42
CA LEU A 360 22.73 18.23 25.94
C LEU A 360 22.11 19.21 26.93
N GLU A 361 22.20 18.89 28.22
CA GLU A 361 21.68 19.76 29.28
C GLU A 361 22.53 21.04 29.35
N LYS A 362 23.86 20.89 29.23
CA LYS A 362 24.79 22.03 29.18
C LYS A 362 24.36 23.01 28.07
N LEU A 363 24.19 22.46 26.87
CA LEU A 363 23.82 23.22 25.66
C LEU A 363 22.48 23.98 25.83
N ALA A 364 21.54 23.32 26.54
CA ALA A 364 20.21 23.91 26.85
C ALA A 364 20.33 25.19 27.71
N LYS A 365 21.29 25.18 28.65
CA LYS A 365 21.53 26.34 29.57
C LYS A 365 22.54 27.32 28.94
N ASP A 366 23.37 26.80 28.02
CA ASP A 366 24.44 27.54 27.33
C ASP A 366 23.83 28.66 26.49
N ASP A 367 22.89 28.28 25.63
CA ASP A 367 22.20 29.22 24.74
C ASP A 367 20.97 28.54 24.16
N ALA A 368 19.79 29.01 24.59
CA ALA A 368 18.48 28.47 24.17
C ALA A 368 18.31 28.47 22.63
N GLU A 369 18.87 29.48 21.94
CA GLU A 369 18.76 29.62 20.47
C GLU A 369 19.65 28.56 19.77
N LYS A 370 20.82 28.28 20.38
CA LYS A 370 21.72 27.22 19.88
C LYS A 370 21.04 25.85 20.03
N TYR A 371 20.51 25.57 21.24
CA TYR A 371 19.80 24.31 21.52
C TYR A 371 18.50 24.21 20.68
N GLN A 372 17.94 25.38 20.32
CA GLN A 372 16.77 25.47 19.43
C GLN A 372 17.13 24.99 18.01
N THR A 373 18.29 25.45 17.52
CA THR A 373 18.83 25.04 16.22
C THR A 373 19.20 23.55 16.23
N PHE A 374 19.75 23.10 17.37
CA PHE A 374 20.13 21.69 17.59
C PHE A 374 18.92 20.76 17.38
N TRP A 375 17.84 21.00 18.13
CA TRP A 375 16.62 20.18 18.07
C TRP A 375 15.94 20.32 16.69
N GLN A 376 16.02 21.53 16.10
CA GLN A 376 15.45 21.83 14.77
C GLN A 376 16.05 20.91 13.68
N GLN A 377 17.34 20.56 13.88
CA GLN A 377 18.09 19.71 12.96
C GLN A 377 18.02 18.22 13.35
N PHE A 378 18.05 17.93 14.68
CA PHE A 378 18.31 16.55 15.21
C PHE A 378 17.25 16.10 16.24
N GLY A 379 16.06 16.72 16.19
CA GLY A 379 14.99 16.43 17.13
C GLY A 379 14.39 15.05 16.97
N LEU A 380 14.20 14.65 15.69
CA LEU A 380 13.66 13.34 15.33
C LEU A 380 14.60 12.21 15.80
N VAL A 381 15.90 12.55 15.94
CA VAL A 381 16.91 11.63 16.49
C VAL A 381 16.63 11.39 18.00
N LEU A 382 16.51 12.50 18.76
CA LEU A 382 16.26 12.44 20.22
C LEU A 382 14.86 11.88 20.58
N LYS A 383 13.91 11.88 19.62
CA LYS A 383 12.55 11.32 19.83
C LYS A 383 12.56 9.78 19.96
N GLU A 384 13.68 9.12 19.59
CA GLU A 384 13.89 7.68 19.85
C GLU A 384 14.15 7.47 21.37
N GLY A 385 14.84 8.47 21.97
CA GLY A 385 15.32 8.42 23.36
C GLY A 385 14.27 8.09 24.44
N PRO A 386 13.16 8.89 24.59
CA PRO A 386 12.14 8.67 25.66
C PRO A 386 11.39 7.34 25.49
N ALA A 387 11.43 6.81 24.26
CA ALA A 387 10.83 5.53 23.91
C ALA A 387 11.77 4.35 24.27
N GLU A 388 13.08 4.64 24.36
CA GLU A 388 14.08 3.64 24.80
C GLU A 388 13.98 3.36 26.31
N ASP A 389 14.21 4.37 27.15
CA ASP A 389 14.05 4.25 28.61
C ASP A 389 13.04 5.28 29.12
N PHE A 390 11.86 4.81 29.54
CA PHE A 390 10.84 5.64 30.19
C PHE A 390 11.19 5.86 31.69
N ALA A 391 12.16 5.08 32.21
CA ALA A 391 12.48 5.07 33.65
C ALA A 391 13.11 6.40 34.14
N ASN A 392 13.99 7.01 33.32
CA ASN A 392 14.56 8.36 33.63
C ASN A 392 13.91 9.44 32.74
N GLN A 393 12.62 9.21 32.44
CA GLN A 393 11.75 10.05 31.56
C GLN A 393 11.97 11.58 31.69
N GLU A 394 12.14 12.07 32.93
CA GLU A 394 12.25 13.51 33.23
C GLU A 394 13.54 14.13 32.65
N ALA A 395 14.65 13.36 32.71
CA ALA A 395 15.97 13.78 32.15
C ALA A 395 15.84 14.06 30.65
N ILE A 396 15.07 13.19 29.98
CA ILE A 396 14.86 13.27 28.53
C ILE A 396 13.80 14.33 28.21
N ALA A 397 12.78 14.43 29.08
CA ALA A 397 11.65 15.37 28.93
C ALA A 397 12.11 16.84 29.02
N LYS A 398 13.22 17.04 29.75
CA LYS A 398 13.92 18.32 29.84
C LYS A 398 14.53 18.70 28.47
N LEU A 399 15.01 17.66 27.77
CA LEU A 399 15.65 17.79 26.45
C LEU A 399 14.60 17.84 25.33
N LEU A 400 13.42 17.24 25.57
CA LEU A 400 12.34 17.12 24.58
C LEU A 400 11.68 18.48 24.30
N ARG A 401 11.65 18.84 23.01
CA ARG A 401 10.98 20.05 22.53
C ARG A 401 9.88 19.63 21.54
N PHE A 402 8.66 20.12 21.76
CA PHE A 402 7.51 19.81 20.91
C PHE A 402 7.03 21.06 20.19
N ALA A 403 6.47 20.87 18.98
CA ALA A 403 5.88 21.96 18.19
C ALA A 403 4.49 22.24 18.75
N SER A 404 3.97 23.45 18.54
CA SER A 404 2.74 23.89 19.21
C SER A 404 2.04 24.97 18.39
N THR A 405 0.83 25.30 18.83
CA THR A 405 -0.03 26.32 18.20
C THR A 405 0.52 27.74 18.41
N HIS A 406 1.41 27.90 19.41
CA HIS A 406 2.15 29.16 19.67
C HIS A 406 2.93 29.63 18.42
N THR A 407 3.66 28.69 17.83
CA THR A 407 4.43 28.93 16.59
C THR A 407 4.13 27.81 15.59
N ASP A 408 3.61 28.22 14.43
CA ASP A 408 3.31 27.32 13.30
C ASP A 408 4.60 26.94 12.53
N SER A 409 5.74 27.56 12.93
CA SER A 409 7.06 27.26 12.37
C SER A 409 7.48 25.80 12.64
N SER A 410 8.14 25.17 11.64
CA SER A 410 8.51 23.74 11.66
C SER A 410 9.58 23.41 12.73
N ALA A 411 10.14 24.45 13.37
CA ALA A 411 11.05 24.30 14.51
C ALA A 411 10.25 24.09 15.80
N GLN A 412 10.56 23.02 16.56
CA GLN A 412 9.95 22.75 17.87
C GLN A 412 10.59 23.68 18.93
N THR A 413 9.97 24.85 19.16
CA THR A 413 10.48 25.87 20.09
C THR A 413 10.08 25.57 21.56
N VAL A 414 8.84 25.10 21.73
CA VAL A 414 8.21 24.90 23.05
C VAL A 414 8.67 23.60 23.71
N SER A 415 8.97 23.65 25.01
CA SER A 415 9.26 22.45 25.83
C SER A 415 8.03 22.10 26.68
N LEU A 416 8.13 21.01 27.44
CA LEU A 416 7.08 20.58 28.37
C LEU A 416 6.99 21.56 29.56
N GLU A 417 8.15 22.15 29.95
CA GLU A 417 8.23 23.18 31.00
C GLU A 417 7.49 24.46 30.55
N ASP A 418 7.63 24.79 29.26
CA ASP A 418 7.02 26.00 28.66
C ASP A 418 5.50 25.85 28.56
N TYR A 419 5.03 24.61 28.37
CA TYR A 419 3.60 24.27 28.42
C TYR A 419 3.05 24.56 29.83
N VAL A 420 3.80 24.08 30.86
CA VAL A 420 3.45 24.29 32.29
C VAL A 420 3.29 25.79 32.60
N SER A 421 4.18 26.61 32.05
CA SER A 421 4.16 28.08 32.22
C SER A 421 2.88 28.70 31.61
N ARG A 422 2.47 28.16 30.45
CA ARG A 422 1.26 28.64 29.71
C ARG A 422 -0.02 27.93 30.16
N MET A 423 0.08 26.96 31.10
CA MET A 423 -1.11 26.27 31.64
C MET A 423 -2.09 27.24 32.27
N LYS A 424 -3.31 27.25 31.70
CA LYS A 424 -4.45 28.05 32.17
C LYS A 424 -5.34 27.19 33.07
N GLU A 425 -6.45 27.78 33.55
CA GLU A 425 -7.36 27.11 34.50
C GLU A 425 -8.11 25.97 33.76
N GLY A 426 -7.90 24.73 34.23
CA GLY A 426 -8.47 23.53 33.57
C GLY A 426 -7.48 22.84 32.64
N GLN A 427 -6.42 23.54 32.22
CA GLN A 427 -5.32 22.94 31.45
C GLN A 427 -4.28 22.40 32.45
N GLU A 428 -4.65 21.29 33.13
CA GLU A 428 -3.81 20.57 34.11
C GLU A 428 -3.08 19.41 33.42
N LYS A 429 -3.69 18.93 32.33
CA LYS A 429 -3.15 17.86 31.49
C LYS A 429 -2.52 18.50 30.24
N ILE A 430 -1.43 17.91 29.75
CA ILE A 430 -0.75 18.40 28.54
C ILE A 430 -1.41 17.75 27.30
N TYR A 431 -2.09 18.59 26.50
CA TYR A 431 -2.89 18.15 25.36
C TYR A 431 -2.04 18.06 24.08
N TYR A 432 -2.23 16.96 23.33
CA TYR A 432 -1.59 16.73 22.02
C TYR A 432 -2.68 16.61 20.94
N ILE A 433 -2.32 16.97 19.70
CA ILE A 433 -3.10 16.64 18.50
C ILE A 433 -2.16 16.02 17.44
N THR A 434 -2.52 14.81 16.94
CA THR A 434 -1.71 14.07 15.96
C THR A 434 -2.29 14.12 14.54
N ALA A 435 -1.38 14.08 13.56
CA ALA A 435 -1.72 13.91 12.13
C ALA A 435 -0.66 13.00 11.50
N ASP A 436 -0.89 12.61 10.24
CA ASP A 436 0.06 11.78 9.47
C ASP A 436 1.28 12.61 9.07
N SER A 437 1.03 13.87 8.68
CA SER A 437 2.05 14.76 8.11
C SER A 437 1.97 16.15 8.76
N TYR A 438 3.14 16.79 8.98
CA TYR A 438 3.24 18.13 9.62
C TYR A 438 2.60 19.20 8.73
N ALA A 439 2.72 19.02 7.41
CA ALA A 439 2.12 19.93 6.42
C ALA A 439 0.58 19.93 6.54
N ALA A 440 0.00 18.72 6.65
CA ALA A 440 -1.47 18.53 6.81
C ALA A 440 -1.94 19.04 8.19
N ALA A 441 -1.08 18.85 9.21
CA ALA A 441 -1.33 19.28 10.60
C ALA A 441 -1.45 20.82 10.68
N LYS A 442 -0.46 21.47 10.05
CA LYS A 442 -0.33 22.93 10.02
C LYS A 442 -1.43 23.55 9.12
N SER A 443 -2.02 22.73 8.21
CA SER A 443 -3.10 23.16 7.31
C SER A 443 -4.44 23.37 8.02
N SER A 444 -4.53 22.93 9.29
CA SER A 444 -5.70 23.20 10.12
C SER A 444 -5.73 24.69 10.52
N PRO A 445 -6.79 25.46 10.14
CA PRO A 445 -6.88 26.90 10.49
C PRO A 445 -7.19 27.11 11.99
N HIS A 446 -7.75 26.08 12.64
CA HIS A 446 -8.22 26.15 14.04
C HIS A 446 -7.05 26.35 15.03
N LEU A 447 -5.82 26.13 14.54
CA LEU A 447 -4.57 26.28 15.33
C LEU A 447 -4.34 27.74 15.77
N GLU A 448 -4.87 28.72 15.01
CA GLU A 448 -4.69 30.16 15.37
C GLU A 448 -5.76 30.60 16.40
N LEU A 449 -6.83 29.80 16.59
CA LEU A 449 -8.00 30.16 17.43
C LEU A 449 -7.57 30.32 18.90
N LEU A 450 -7.12 29.20 19.49
CA LEU A 450 -6.65 29.15 20.89
C LEU A 450 -5.30 29.90 21.06
N ARG A 451 -4.53 30.00 19.95
CA ARG A 451 -3.24 30.74 19.89
C ARG A 451 -3.45 32.22 20.28
N LYS A 452 -4.37 32.89 19.56
CA LYS A 452 -4.69 34.31 19.79
C LYS A 452 -5.49 34.52 21.10
N LYS A 453 -6.08 33.42 21.62
CA LYS A 453 -6.83 33.43 22.88
C LYS A 453 -5.82 33.37 24.06
N GLY A 454 -4.65 32.75 23.83
CA GLY A 454 -3.61 32.60 24.86
C GLY A 454 -3.68 31.24 25.57
N ILE A 455 -3.84 30.18 24.78
CA ILE A 455 -3.87 28.78 25.26
C ILE A 455 -2.73 28.02 24.52
N GLU A 456 -2.37 26.78 24.95
CA GLU A 456 -1.35 25.98 24.24
C GLU A 456 -1.88 24.57 23.89
N VAL A 457 -1.71 24.15 22.62
CA VAL A 457 -1.92 22.76 22.14
C VAL A 457 -0.65 22.33 21.38
N LEU A 458 -0.13 21.12 21.67
CA LEU A 458 1.10 20.62 21.04
C LEU A 458 0.82 19.90 19.69
N LEU A 459 1.44 20.43 18.61
CA LEU A 459 1.40 19.86 17.24
C LEU A 459 2.43 18.73 17.10
N LEU A 460 2.00 17.46 17.23
CA LEU A 460 2.87 16.27 17.01
C LEU A 460 2.32 15.47 15.83
N SER A 461 3.00 15.53 14.70
CA SER A 461 2.49 15.00 13.42
C SER A 461 3.57 14.22 12.65
N ASP A 462 4.61 13.79 13.38
CA ASP A 462 5.64 12.89 12.85
C ASP A 462 5.27 11.45 13.23
N ARG A 463 5.70 10.50 12.40
CA ARG A 463 5.32 9.08 12.54
C ARG A 463 6.01 8.44 13.76
N ILE A 464 7.19 8.97 14.14
CA ILE A 464 7.95 8.45 15.29
C ILE A 464 7.25 8.77 16.64
N ASP A 465 6.58 9.95 16.71
CA ASP A 465 5.90 10.46 17.93
C ASP A 465 4.79 9.52 18.41
N GLU A 466 4.27 8.71 17.48
CA GLU A 466 3.26 7.67 17.77
C GLU A 466 3.79 6.69 18.83
N TRP A 467 5.02 6.20 18.62
CA TRP A 467 5.68 5.27 19.53
C TRP A 467 6.33 6.05 20.71
N MET A 468 6.94 7.20 20.40
CA MET A 468 7.70 8.05 21.37
C MET A 468 6.88 8.32 22.65
N MET A 469 5.60 8.69 22.45
CA MET A 469 4.71 9.15 23.54
C MET A 469 4.14 7.99 24.38
N ASN A 470 4.11 6.73 23.87
CA ASN A 470 3.48 5.61 24.65
C ASN A 470 4.33 5.27 25.90
N TYR A 471 5.62 5.69 25.88
CA TYR A 471 6.53 5.60 27.03
C TYR A 471 6.69 6.97 27.72
N LEU A 472 6.48 8.08 26.96
CA LEU A 472 6.41 9.44 27.54
C LEU A 472 4.99 9.62 28.14
N THR A 473 4.81 9.03 29.35
CA THR A 473 3.50 8.89 30.04
C THR A 473 3.05 10.17 30.79
N GLU A 474 3.99 10.88 31.46
CA GLU A 474 3.68 12.16 32.16
C GLU A 474 4.94 13.04 32.34
N PHE A 475 4.72 14.29 32.76
CA PHE A 475 5.78 15.23 33.13
C PHE A 475 5.26 16.14 34.26
N ASP A 476 6.00 16.21 35.39
CA ASP A 476 5.71 17.09 36.55
C ASP A 476 4.37 16.66 37.25
N GLY A 477 4.02 15.37 37.11
CA GLY A 477 2.75 14.83 37.61
C GLY A 477 1.53 15.28 36.77
N LYS A 478 1.80 15.92 35.63
CA LYS A 478 0.80 16.35 34.65
C LYS A 478 0.76 15.32 33.52
N PRO A 479 -0.33 14.49 33.43
CA PRO A 479 -0.45 13.46 32.38
C PRO A 479 -0.88 14.06 31.04
N PHE A 480 -0.76 13.27 29.98
CA PHE A 480 -1.13 13.70 28.62
C PHE A 480 -2.55 13.23 28.29
N GLN A 481 -3.31 14.10 27.59
CA GLN A 481 -4.73 13.85 27.30
C GLN A 481 -5.02 14.11 25.81
N SER A 482 -5.77 13.19 25.19
CA SER A 482 -6.20 13.30 23.80
C SER A 482 -7.51 14.10 23.70
N VAL A 483 -7.47 15.20 22.94
CA VAL A 483 -8.63 16.13 22.81
C VAL A 483 -9.66 15.62 21.75
N SER A 484 -9.69 14.29 21.54
CA SER A 484 -10.64 13.60 20.66
C SER A 484 -12.07 13.57 21.25
N LYS A 485 -12.28 14.25 22.39
CA LYS A 485 -13.55 14.26 23.14
C LYS A 485 -14.41 15.46 22.70
N VAL A 486 -15.75 15.31 22.85
CA VAL A 486 -16.75 16.30 22.36
C VAL A 486 -17.77 16.61 23.47
N ASP A 487 -18.07 17.91 23.68
CA ASP A 487 -19.16 18.36 24.57
C ASP A 487 -19.57 19.80 24.20
N GLU A 488 -20.78 20.21 24.59
CA GLU A 488 -21.36 21.52 24.26
C GLU A 488 -21.24 22.53 25.43
N SER A 489 -20.14 22.41 26.23
CA SER A 489 -19.85 23.30 27.38
C SER A 489 -19.80 24.79 26.98
N LEU A 490 -19.22 25.05 25.79
CA LEU A 490 -19.04 26.41 25.25
C LEU A 490 -19.22 26.42 23.72
N GLU A 491 -19.88 25.36 23.21
CA GLU A 491 -20.17 25.23 21.77
C GLU A 491 -21.21 26.30 21.38
N LYS A 492 -22.20 26.48 22.27
CA LYS A 492 -23.25 27.52 22.14
C LYS A 492 -22.76 28.92 22.62
N LEU A 493 -21.44 29.05 22.88
CA LEU A 493 -20.78 30.36 23.16
C LEU A 493 -20.19 30.95 21.85
N ALA A 494 -20.39 30.22 20.72
CA ALA A 494 -19.83 30.58 19.40
C ALA A 494 -20.50 31.83 18.76
N ASP A 495 -21.44 32.48 19.50
CA ASP A 495 -22.21 33.65 19.02
C ASP A 495 -21.35 34.93 18.83
N GLU A 496 -20.04 34.85 19.10
CA GLU A 496 -19.07 35.92 18.77
C GLU A 496 -18.75 35.88 17.26
N VAL A 497 -19.78 36.10 16.44
CA VAL A 497 -19.77 35.78 15.00
C VAL A 497 -19.43 37.01 14.13
N ASP A 498 -18.34 37.70 14.53
CA ASP A 498 -17.83 38.93 13.87
C ASP A 498 -18.86 40.07 13.94
N GLU A 499 -19.87 39.98 13.07
CA GLU A 499 -20.97 40.94 12.98
C GLU A 499 -22.13 40.27 12.21
N SER A 500 -21.74 39.41 11.24
CA SER A 500 -22.65 38.58 10.44
C SER A 500 -23.59 37.74 11.32
N ALA A 501 -24.85 38.19 11.42
CA ALA A 501 -25.88 37.53 12.25
C ALA A 501 -27.26 37.67 11.60
N LYS A 502 -27.71 38.94 11.38
CA LYS A 502 -29.02 39.21 10.74
C LYS A 502 -28.87 39.57 9.25
N GLU A 503 -27.94 40.49 8.93
CA GLU A 503 -27.78 41.01 7.54
C GLU A 503 -27.27 39.92 6.60
N ALA A 504 -26.29 39.17 7.10
CA ALA A 504 -25.74 38.00 6.40
C ALA A 504 -26.87 37.01 6.06
N GLU A 505 -27.65 36.65 7.08
CA GLU A 505 -28.68 35.61 6.98
C GLU A 505 -29.87 36.02 6.08
N LYS A 506 -30.08 37.33 5.89
CA LYS A 506 -31.07 37.84 4.94
C LYS A 506 -30.64 37.54 3.48
N ALA A 507 -29.32 37.48 3.25
CA ALA A 507 -28.72 37.15 1.94
C ALA A 507 -28.37 35.64 1.85
N LEU A 508 -28.30 34.97 3.02
CA LEU A 508 -27.87 33.56 3.10
C LEU A 508 -29.04 32.58 2.96
N THR A 509 -30.26 32.94 3.41
CA THR A 509 -31.44 32.08 3.22
C THR A 509 -31.85 31.98 1.72
N PRO A 510 -31.79 33.10 0.89
CA PRO A 510 -31.84 32.98 -0.58
C PRO A 510 -30.82 31.95 -1.05
N PHE A 511 -29.55 32.16 -0.63
CA PHE A 511 -28.39 31.31 -0.96
C PHE A 511 -28.66 29.83 -0.64
N ILE A 512 -29.33 29.55 0.51
CA ILE A 512 -29.68 28.17 0.94
C ILE A 512 -30.54 27.49 -0.14
N ASP A 513 -31.68 28.12 -0.45
CA ASP A 513 -32.67 27.59 -1.40
C ASP A 513 -32.12 27.56 -2.84
N ARG A 514 -31.20 28.48 -3.15
CA ARG A 514 -30.53 28.53 -4.45
C ARG A 514 -29.61 27.30 -4.63
N VAL A 515 -28.83 26.98 -3.56
CA VAL A 515 -27.90 25.83 -3.54
C VAL A 515 -28.69 24.50 -3.57
N LYS A 516 -29.83 24.46 -2.87
CA LYS A 516 -30.70 23.27 -2.82
C LYS A 516 -31.44 23.05 -4.15
N ALA A 517 -31.74 24.15 -4.86
CA ALA A 517 -32.37 24.10 -6.20
C ALA A 517 -31.30 23.84 -7.30
N LEU A 518 -30.04 24.22 -6.99
CA LEU A 518 -28.89 24.05 -7.91
C LEU A 518 -28.51 22.56 -7.96
N LEU A 519 -28.27 22.02 -6.76
CA LEU A 519 -27.77 20.66 -6.57
C LEU A 519 -28.93 19.64 -6.54
N GLY A 520 -30.15 20.11 -6.21
CA GLY A 520 -31.34 19.26 -6.23
C GLY A 520 -31.34 18.23 -5.10
N GLU A 521 -31.11 16.96 -5.48
CA GLU A 521 -31.13 15.81 -4.55
C GLU A 521 -29.68 15.34 -4.31
N ARG A 522 -28.73 16.28 -4.34
CA ARG A 522 -27.30 16.00 -4.14
C ARG A 522 -26.95 16.13 -2.64
N VAL A 523 -27.70 17.00 -1.94
CA VAL A 523 -27.50 17.32 -0.51
C VAL A 523 -28.81 17.06 0.27
N LYS A 524 -28.69 16.63 1.54
CA LYS A 524 -29.83 16.52 2.49
C LYS A 524 -30.45 17.91 2.70
N ASP A 525 -29.60 18.84 3.17
CA ASP A 525 -29.98 20.20 3.51
C ASP A 525 -28.74 21.09 3.65
N VAL A 526 -28.89 22.35 3.26
CA VAL A 526 -27.85 23.36 3.38
C VAL A 526 -28.22 24.27 4.55
N ARG A 527 -27.41 24.25 5.60
CA ARG A 527 -27.61 25.11 6.78
C ARG A 527 -26.55 26.20 6.76
N LEU A 528 -26.96 27.44 6.99
CA LEU A 528 -26.00 28.55 7.18
C LEU A 528 -25.90 28.85 8.67
N THR A 529 -24.89 28.23 9.28
CA THR A 529 -24.47 28.48 10.65
C THR A 529 -23.34 29.53 10.63
N HIS A 530 -22.84 29.91 11.81
CA HIS A 530 -21.81 30.94 11.93
C HIS A 530 -20.59 30.41 12.67
N ARG A 531 -20.09 29.25 12.19
CA ARG A 531 -18.80 28.70 12.63
C ARG A 531 -17.72 29.44 11.84
N LEU A 532 -17.06 30.41 12.49
CA LEU A 532 -16.18 31.40 11.81
C LEU A 532 -15.04 30.70 11.06
N THR A 533 -14.02 30.17 11.79
CA THR A 533 -12.83 29.43 11.22
C THR A 533 -12.23 30.14 9.96
N ASP A 534 -11.40 29.43 9.16
CA ASP A 534 -11.03 29.91 7.80
C ASP A 534 -11.62 28.97 6.73
N THR A 535 -12.14 27.81 7.18
CA THR A 535 -12.65 26.76 6.31
C THR A 535 -14.02 27.15 5.74
N PRO A 536 -14.16 27.29 4.37
CA PRO A 536 -15.38 27.84 3.75
C PRO A 536 -16.59 26.90 3.80
N ALA A 537 -16.34 25.60 3.97
CA ALA A 537 -17.41 24.60 3.99
C ALA A 537 -17.02 23.39 4.85
N ILE A 538 -17.98 22.93 5.65
CA ILE A 538 -17.84 21.78 6.55
C ILE A 538 -19.18 21.01 6.55
N VAL A 539 -19.11 19.69 6.53
CA VAL A 539 -20.32 18.84 6.57
C VAL A 539 -20.49 18.24 7.98
N SER A 540 -21.75 18.24 8.47
CA SER A 540 -22.12 17.63 9.76
C SER A 540 -22.88 16.32 9.49
N THR A 541 -22.56 15.28 10.27
CA THR A 541 -23.06 13.91 10.03
C THR A 541 -23.42 13.19 11.34
N ASP A 542 -24.40 12.27 11.26
CA ASP A 542 -24.88 11.48 12.42
C ASP A 542 -23.90 10.34 12.75
N ALA A 543 -23.80 9.35 11.85
CA ALA A 543 -22.89 8.20 12.02
C ALA A 543 -21.70 8.31 11.04
N ASP A 544 -21.03 7.19 10.74
CA ASP A 544 -19.85 7.14 9.86
C ASP A 544 -20.22 7.59 8.44
N GLU A 545 -19.75 8.81 8.09
CA GLU A 545 -20.04 9.50 6.82
C GLU A 545 -21.57 9.61 6.64
N MET A 546 -22.22 10.05 7.73
CA MET A 546 -23.70 10.17 7.86
C MET A 546 -24.32 8.76 7.99
N SER A 547 -24.24 7.96 6.92
CA SER A 547 -24.89 6.65 6.83
C SER A 547 -24.21 5.76 5.79
N THR A 548 -22.89 5.98 5.53
CA THR A 548 -22.11 5.15 4.57
C THR A 548 -21.52 3.90 5.28
N GLN A 549 -21.96 3.61 6.53
CA GLN A 549 -21.48 2.44 7.31
C GLN A 549 -22.40 2.15 8.52
N MET A 550 -23.51 1.38 8.26
CA MET A 550 -24.33 0.69 9.32
C MET A 550 -25.56 0.00 8.66
N ALA A 551 -26.10 -1.01 9.36
CA ALA A 551 -27.14 -1.94 8.85
C ALA A 551 -28.45 -1.23 8.42
N LYS A 552 -29.14 -0.55 9.38
CA LYS A 552 -30.41 0.20 9.11
C LYS A 552 -30.19 1.29 8.07
N LEU A 553 -29.01 1.90 8.14
CA LEU A 553 -28.65 3.06 7.31
C LEU A 553 -28.68 2.68 5.82
N PHE A 554 -28.13 1.50 5.45
CA PHE A 554 -28.18 0.99 4.05
C PHE A 554 -29.57 0.44 3.67
N ALA A 555 -30.37 0.12 4.69
CA ALA A 555 -31.76 -0.35 4.53
C ALA A 555 -32.76 0.84 4.48
N ALA A 556 -32.22 2.08 4.32
CA ALA A 556 -33.04 3.30 4.17
C ALA A 556 -33.75 3.32 2.81
N ALA A 557 -33.00 3.07 1.72
CA ALA A 557 -33.58 2.99 0.36
C ALA A 557 -32.79 2.04 -0.56
N GLY A 558 -31.46 2.21 -0.57
CA GLY A 558 -30.59 1.48 -1.49
C GLY A 558 -29.47 2.35 -2.00
N GLN A 559 -29.75 3.15 -3.05
CA GLN A 559 -28.72 3.97 -3.77
C GLN A 559 -27.97 4.89 -2.79
N LYS A 560 -26.73 4.46 -2.46
CA LYS A 560 -25.75 5.17 -1.58
C LYS A 560 -26.34 5.62 -0.22
N VAL A 561 -27.59 5.17 0.09
CA VAL A 561 -28.49 5.76 1.11
C VAL A 561 -28.91 7.21 0.71
N PRO A 562 -30.23 7.58 0.82
CA PRO A 562 -30.71 8.95 0.52
C PRO A 562 -30.11 10.00 1.50
N GLU A 563 -30.38 9.81 2.80
CA GLU A 563 -29.94 10.77 3.84
C GLU A 563 -28.39 10.84 4.00
N VAL A 564 -27.63 9.95 3.30
CA VAL A 564 -26.15 9.95 3.33
C VAL A 564 -25.58 11.29 2.86
N LYS A 565 -26.37 11.96 2.00
CA LYS A 565 -26.02 13.26 1.42
C LYS A 565 -25.81 14.26 2.56
N TYR A 566 -24.59 14.74 2.66
CA TYR A 566 -24.03 15.36 3.87
C TYR A 566 -24.60 16.77 4.06
N ILE A 567 -24.72 17.21 5.33
CA ILE A 567 -25.40 18.48 5.65
C ILE A 567 -24.38 19.62 5.44
N PHE A 568 -24.65 20.40 4.39
CA PHE A 568 -23.71 21.38 3.83
C PHE A 568 -23.79 22.71 4.61
N GLU A 569 -22.81 22.94 5.48
CA GLU A 569 -22.72 24.16 6.31
C GLU A 569 -21.54 25.01 5.85
N LEU A 570 -21.71 26.34 5.89
CA LEU A 570 -20.70 27.32 5.41
C LEU A 570 -20.51 28.44 6.45
N ASN A 571 -19.44 29.24 6.26
CA ASN A 571 -19.09 30.37 7.14
C ASN A 571 -19.29 31.72 6.37
N PRO A 572 -20.20 32.62 6.86
CA PRO A 572 -20.65 33.84 6.09
C PRO A 572 -19.51 34.84 5.78
N ASP A 573 -18.55 34.90 6.70
CA ASP A 573 -17.49 35.92 6.75
C ASP A 573 -16.38 35.70 5.70
N HIS A 574 -16.11 34.42 5.36
CA HIS A 574 -14.98 34.06 4.48
C HIS A 574 -15.27 34.42 3.01
N VAL A 575 -14.28 35.00 2.32
CA VAL A 575 -14.43 35.62 0.96
C VAL A 575 -15.07 34.67 -0.08
N LEU A 576 -14.81 33.35 0.03
CA LEU A 576 -15.34 32.33 -0.91
C LEU A 576 -16.87 32.20 -0.79
N VAL A 577 -17.37 32.09 0.46
CA VAL A 577 -18.81 31.94 0.75
C VAL A 577 -19.54 33.27 0.55
N LYS A 578 -18.86 34.36 0.98
CA LYS A 578 -19.36 35.74 0.84
C LYS A 578 -19.66 36.00 -0.65
N ARG A 579 -18.66 35.71 -1.51
CA ARG A 579 -18.75 35.91 -2.96
C ARG A 579 -19.80 34.96 -3.58
N ALA A 580 -19.92 33.73 -3.04
CA ALA A 580 -20.87 32.72 -3.58
C ALA A 580 -22.33 33.12 -3.28
N ALA A 581 -22.53 33.87 -2.19
CA ALA A 581 -23.85 34.40 -1.81
C ALA A 581 -24.15 35.71 -2.57
N ASP A 582 -23.05 36.46 -2.82
CA ASP A 582 -23.08 37.77 -3.49
C ASP A 582 -23.25 37.63 -5.02
N THR A 583 -22.83 36.47 -5.56
CA THR A 583 -22.99 36.15 -6.99
C THR A 583 -24.46 35.87 -7.30
N GLU A 584 -25.07 36.74 -8.12
CA GLU A 584 -26.49 36.62 -8.54
C GLU A 584 -26.63 35.65 -9.73
N ASP A 585 -25.56 35.62 -10.58
CA ASP A 585 -25.51 34.82 -11.81
C ASP A 585 -25.41 33.32 -11.49
N GLU A 586 -26.38 32.53 -11.96
CA GLU A 586 -26.48 31.08 -11.66
C GLU A 586 -25.31 30.24 -12.23
N ALA A 587 -24.66 30.72 -13.31
CA ALA A 587 -23.55 30.00 -13.96
C ALA A 587 -22.29 30.00 -13.07
N LYS A 588 -21.96 31.18 -12.55
CA LYS A 588 -20.80 31.36 -11.64
C LYS A 588 -21.17 31.02 -10.19
N PHE A 589 -22.47 31.12 -9.87
CA PHE A 589 -23.00 30.65 -8.58
C PHE A 589 -22.71 29.15 -8.44
N SER A 590 -23.10 28.41 -9.49
CA SER A 590 -22.90 26.95 -9.61
C SER A 590 -21.39 26.58 -9.50
N GLU A 591 -20.55 27.45 -10.08
CA GLU A 591 -19.08 27.34 -10.03
C GLU A 591 -18.57 27.27 -8.58
N TRP A 592 -18.96 28.28 -7.77
CA TRP A 592 -18.53 28.39 -6.36
C TRP A 592 -19.22 27.34 -5.47
N VAL A 593 -20.47 26.98 -5.80
CA VAL A 593 -21.29 26.04 -4.99
C VAL A 593 -20.71 24.62 -5.05
N GLU A 594 -20.42 24.12 -6.26
CA GLU A 594 -19.80 22.79 -6.48
C GLU A 594 -18.38 22.76 -5.88
N LEU A 595 -17.66 23.90 -5.99
CA LEU A 595 -16.32 24.05 -5.40
C LEU A 595 -16.38 23.77 -3.88
N LEU A 596 -17.24 24.54 -3.18
CA LEU A 596 -17.38 24.46 -1.72
C LEU A 596 -18.01 23.10 -1.29
N LEU A 597 -18.87 22.54 -2.18
CA LEU A 597 -19.57 21.25 -1.94
C LEU A 597 -18.58 20.10 -1.76
N ASP A 598 -17.89 19.76 -2.86
CA ASP A 598 -16.95 18.64 -2.91
C ASP A 598 -15.81 18.87 -1.91
N GLN A 599 -15.40 20.13 -1.73
CA GLN A 599 -14.39 20.53 -0.73
C GLN A 599 -14.79 20.11 0.71
N ALA A 600 -16.08 20.27 1.04
CA ALA A 600 -16.62 19.86 2.35
C ALA A 600 -16.58 18.32 2.52
N LEU A 601 -17.04 17.60 1.48
CA LEU A 601 -16.99 16.11 1.44
C LEU A 601 -15.53 15.61 1.56
N LEU A 602 -14.64 16.35 0.88
CA LEU A 602 -13.18 16.09 0.83
C LEU A 602 -12.55 16.32 2.21
N ALA A 603 -13.19 17.22 2.99
CA ALA A 603 -12.72 17.59 4.34
C ALA A 603 -13.03 16.48 5.35
N GLU A 604 -14.07 15.66 5.07
CA GLU A 604 -14.50 14.60 6.02
C GLU A 604 -13.97 13.22 5.62
N ARG A 605 -13.85 12.97 4.31
CA ARG A 605 -13.60 11.61 3.77
C ARG A 605 -12.27 11.56 3.02
N GLY A 606 -12.00 12.62 2.25
CA GLY A 606 -10.91 12.61 1.27
C GLY A 606 -11.35 12.04 -0.08
N THR A 607 -12.64 11.67 -0.18
CA THR A 607 -13.22 11.02 -1.37
C THR A 607 -14.39 11.86 -1.89
N LEU A 608 -14.62 11.83 -3.23
CA LEU A 608 -15.73 12.57 -3.89
C LEU A 608 -16.60 11.59 -4.71
N GLU A 609 -17.82 12.04 -5.10
CA GLU A 609 -18.72 11.22 -5.96
C GLU A 609 -18.22 11.24 -7.40
N ASP A 610 -18.07 12.47 -7.93
CA ASP A 610 -17.50 12.72 -9.26
C ASP A 610 -16.44 13.84 -9.15
N PRO A 611 -15.15 13.47 -8.83
CA PRO A 611 -14.02 14.45 -8.72
C PRO A 611 -13.88 15.36 -9.96
N ASN A 612 -14.35 14.86 -11.13
CA ASN A 612 -14.30 15.56 -12.44
C ASN A 612 -14.75 17.03 -12.35
N LEU A 613 -15.89 17.23 -11.66
CA LEU A 613 -16.51 18.56 -11.49
C LEU A 613 -15.59 19.47 -10.66
N PHE A 614 -15.17 19.00 -9.48
CA PHE A 614 -14.34 19.77 -8.51
C PHE A 614 -12.96 20.14 -9.10
N ILE A 615 -12.37 19.22 -9.88
CA ILE A 615 -11.10 19.45 -10.60
C ILE A 615 -11.27 20.63 -11.56
N ARG A 616 -12.39 20.63 -12.32
CA ARG A 616 -12.71 21.75 -13.23
C ARG A 616 -12.93 23.06 -12.45
N ARG A 617 -13.70 23.01 -11.34
CA ARG A 617 -14.11 24.22 -10.56
C ARG A 617 -12.89 25.05 -10.14
N MET A 618 -11.94 24.37 -9.49
CA MET A 618 -10.68 24.97 -9.05
C MET A 618 -9.86 25.49 -10.24
N ASN A 619 -9.56 24.57 -11.18
CA ASN A 619 -8.68 24.81 -12.33
C ASN A 619 -9.18 25.94 -13.26
N GLN A 620 -10.51 26.07 -13.36
CA GLN A 620 -11.18 27.06 -14.23
C GLN A 620 -11.13 28.44 -13.57
N LEU A 621 -11.37 28.49 -12.25
CA LEU A 621 -11.22 29.73 -11.46
C LEU A 621 -9.74 30.18 -11.37
N LEU A 622 -8.81 29.23 -11.63
CA LEU A 622 -7.36 29.51 -11.65
C LEU A 622 -6.88 30.00 -13.04
N VAL A 623 -7.42 29.43 -14.15
CA VAL A 623 -6.99 29.83 -15.51
C VAL A 623 -7.72 31.12 -15.94
N SER A 624 -9.06 31.12 -15.89
CA SER A 624 -9.89 32.26 -16.24
C SER A 624 -10.35 32.95 -14.92
N MET B 1 -11.01 -25.79 -10.71
CA MET B 1 -10.24 -26.84 -10.02
C MET B 1 -10.01 -26.46 -8.56
N LYS B 2 -9.92 -27.49 -7.69
CA LYS B 2 -9.58 -27.32 -6.28
C LYS B 2 -8.08 -27.00 -6.17
N GLY B 3 -7.76 -25.72 -5.96
CA GLY B 3 -6.39 -25.22 -5.88
C GLY B 3 -6.24 -23.87 -6.56
N GLN B 4 -6.88 -22.86 -5.96
CA GLN B 4 -6.85 -21.46 -6.44
C GLN B 4 -6.52 -20.49 -5.32
N GLU B 5 -6.30 -19.22 -5.70
CA GLU B 5 -5.98 -18.14 -4.76
C GLU B 5 -7.25 -17.65 -4.03
N THR B 6 -7.07 -17.18 -2.79
CA THR B 6 -8.15 -16.63 -1.96
C THR B 6 -8.60 -15.24 -2.48
N ARG B 7 -9.46 -15.27 -3.52
CA ARG B 7 -10.00 -14.09 -4.22
C ARG B 7 -11.48 -14.35 -4.60
N GLY B 8 -12.40 -13.52 -4.08
CA GLY B 8 -13.84 -13.68 -4.33
C GLY B 8 -14.55 -14.26 -3.12
N PHE B 9 -15.70 -13.66 -2.77
CA PHE B 9 -16.50 -14.07 -1.60
C PHE B 9 -17.97 -13.70 -1.86
N GLN B 10 -18.90 -14.65 -1.60
CA GLN B 10 -20.34 -14.43 -1.80
C GLN B 10 -20.96 -13.81 -0.53
N SER B 11 -21.60 -12.63 -0.70
CA SER B 11 -22.35 -11.97 0.37
C SER B 11 -23.68 -12.73 0.60
N GLU B 12 -23.59 -13.75 1.46
CA GLU B 12 -24.69 -14.67 1.78
C GLU B 12 -24.33 -15.35 3.12
N VAL B 13 -25.34 -15.82 3.86
CA VAL B 13 -25.17 -16.32 5.24
C VAL B 13 -24.73 -17.81 5.27
N LYS B 14 -23.53 -18.06 4.69
CA LYS B 14 -22.74 -19.31 4.86
C LYS B 14 -23.46 -20.58 4.33
N GLN B 15 -24.48 -20.39 3.48
CA GLN B 15 -25.24 -21.45 2.78
C GLN B 15 -26.20 -22.23 3.72
N LEU B 16 -25.65 -22.87 4.78
CA LEU B 16 -26.39 -23.79 5.69
C LEU B 16 -27.70 -23.20 6.26
N LEU B 17 -27.71 -21.89 6.53
CA LEU B 17 -28.87 -21.20 7.14
C LEU B 17 -30.08 -21.19 6.18
N HIS B 18 -29.78 -21.10 4.87
CA HIS B 18 -30.81 -21.21 3.80
C HIS B 18 -31.08 -22.68 3.45
N LEU B 19 -30.08 -23.56 3.67
CA LEU B 19 -30.25 -25.01 3.42
C LEU B 19 -31.31 -25.59 4.36
N MET B 20 -31.23 -25.19 5.64
CA MET B 20 -32.16 -25.66 6.70
C MET B 20 -33.64 -25.38 6.34
N ILE B 21 -33.88 -24.28 5.61
CA ILE B 21 -35.24 -23.84 5.25
C ILE B 21 -35.89 -24.82 4.25
N HIS B 22 -35.08 -25.25 3.26
CA HIS B 22 -35.53 -26.16 2.18
C HIS B 22 -35.22 -27.63 2.55
N SER B 23 -34.45 -27.83 3.63
CA SER B 23 -34.15 -29.16 4.22
C SER B 23 -35.35 -29.64 5.05
N LEU B 24 -35.93 -28.68 5.79
CA LEU B 24 -37.19 -28.88 6.50
C LEU B 24 -38.34 -29.01 5.49
N TYR B 25 -38.40 -27.97 4.61
CA TYR B 25 -39.34 -27.85 3.47
C TYR B 25 -40.81 -27.67 3.96
N SER B 26 -40.99 -27.63 5.29
CA SER B 26 -42.30 -27.62 5.97
C SER B 26 -43.11 -28.91 5.64
N ASN B 27 -42.41 -30.03 5.32
CA ASN B 27 -43.07 -31.28 4.88
C ASN B 27 -42.49 -32.54 5.57
N LYS B 28 -41.24 -32.43 6.10
CA LYS B 28 -40.55 -33.48 6.95
C LYS B 28 -40.00 -34.67 6.13
N GLU B 29 -40.88 -35.32 5.34
CA GLU B 29 -40.61 -36.62 4.66
C GLU B 29 -39.43 -36.56 3.64
N ILE B 30 -39.03 -35.33 3.30
CA ILE B 30 -37.85 -35.01 2.45
C ILE B 30 -36.52 -35.57 3.05
N PHE B 31 -36.53 -36.02 4.33
CA PHE B 31 -35.36 -36.67 4.95
C PHE B 31 -34.98 -37.96 4.20
N LEU B 32 -36.00 -38.74 3.78
CA LEU B 32 -35.81 -40.02 3.07
C LEU B 32 -35.14 -39.79 1.70
N ARG B 33 -35.32 -38.59 1.10
CA ARG B 33 -34.66 -38.22 -0.16
C ARG B 33 -33.14 -38.30 0.00
N GLU B 34 -32.65 -37.59 1.03
CA GLU B 34 -31.22 -37.37 1.24
C GLU B 34 -30.55 -38.58 1.90
N LEU B 35 -31.36 -39.42 2.58
CA LEU B 35 -30.90 -40.72 3.11
C LEU B 35 -30.54 -41.65 1.94
N ILE B 36 -31.49 -41.79 0.97
CA ILE B 36 -31.25 -42.61 -0.24
C ILE B 36 -30.16 -41.94 -1.11
N SER B 37 -30.12 -40.60 -1.13
CA SER B 37 -29.11 -39.83 -1.90
C SER B 37 -27.68 -40.10 -1.36
N ASN B 38 -27.56 -40.24 -0.01
CA ASN B 38 -26.30 -40.67 0.64
C ASN B 38 -25.93 -42.08 0.17
N ALA B 39 -26.97 -42.92 0.04
CA ALA B 39 -26.83 -44.34 -0.30
C ALA B 39 -26.47 -44.52 -1.77
N SER B 40 -26.94 -43.57 -2.60
CA SER B 40 -26.71 -43.55 -4.04
C SER B 40 -25.24 -43.21 -4.29
N ASP B 41 -24.77 -42.09 -3.72
CA ASP B 41 -23.39 -41.60 -3.90
C ASP B 41 -22.36 -42.55 -3.23
N ALA B 42 -22.81 -43.33 -2.24
CA ALA B 42 -21.97 -44.36 -1.58
C ALA B 42 -21.79 -45.58 -2.49
N ALA B 43 -22.91 -46.07 -3.05
CA ALA B 43 -22.93 -47.23 -3.96
C ALA B 43 -22.34 -46.86 -5.34
N ASP B 44 -22.35 -45.56 -5.62
CA ASP B 44 -21.69 -44.98 -6.79
C ASP B 44 -20.17 -45.07 -6.59
N LYS B 45 -19.65 -44.47 -5.51
CA LYS B 45 -18.21 -44.51 -5.17
C LYS B 45 -17.69 -45.97 -5.07
N LEU B 46 -18.60 -46.88 -4.69
CA LEU B 46 -18.33 -48.33 -4.73
C LEU B 46 -18.04 -48.78 -6.16
N ARG B 47 -18.93 -48.42 -7.11
CA ARG B 47 -18.82 -48.80 -8.53
C ARG B 47 -17.43 -48.47 -9.10
N PHE B 48 -16.93 -47.24 -8.82
CA PHE B 48 -15.60 -46.79 -9.29
C PHE B 48 -14.46 -47.63 -8.66
N ARG B 49 -14.49 -47.77 -7.33
CA ARG B 49 -13.44 -48.51 -6.61
C ARG B 49 -13.51 -50.02 -6.96
N ALA B 50 -14.70 -50.50 -7.34
CA ALA B 50 -14.95 -51.90 -7.73
C ALA B 50 -14.48 -52.18 -9.16
N LEU B 51 -14.23 -51.10 -9.92
CA LEU B 51 -13.52 -51.20 -11.21
C LEU B 51 -12.03 -51.49 -10.95
N SER B 52 -11.51 -50.94 -9.83
CA SER B 52 -10.09 -51.10 -9.47
C SER B 52 -9.90 -52.36 -8.61
N ASN B 53 -11.01 -52.85 -7.99
CA ASN B 53 -11.03 -54.02 -7.10
C ASN B 53 -12.41 -54.71 -7.22
N PRO B 54 -12.60 -55.67 -8.18
CA PRO B 54 -13.87 -56.45 -8.30
C PRO B 54 -14.21 -57.25 -7.01
N ASP B 55 -13.20 -57.44 -6.16
CA ASP B 55 -13.31 -58.10 -4.85
C ASP B 55 -14.35 -57.42 -3.95
N LEU B 56 -14.56 -56.09 -4.15
CA LEU B 56 -15.46 -55.26 -3.32
C LEU B 56 -16.91 -55.77 -3.37
N TYR B 57 -17.29 -56.47 -4.46
CA TYR B 57 -18.64 -57.05 -4.58
C TYR B 57 -18.86 -58.14 -3.49
N GLU B 58 -17.79 -58.91 -3.21
CA GLU B 58 -17.77 -59.94 -2.12
C GLU B 58 -18.84 -61.04 -2.35
N GLY B 59 -19.16 -61.30 -3.63
CA GLY B 59 -20.26 -62.18 -4.04
C GLY B 59 -21.52 -61.40 -4.40
N ASP B 60 -21.74 -60.29 -3.67
CA ASP B 60 -22.92 -59.43 -3.82
C ASP B 60 -22.82 -58.55 -5.09
N GLY B 61 -23.59 -58.92 -6.12
CA GLY B 61 -23.58 -58.20 -7.40
C GLY B 61 -24.60 -57.08 -7.44
N GLU B 62 -25.76 -57.30 -6.79
CA GLU B 62 -26.81 -56.27 -6.64
C GLU B 62 -26.36 -55.19 -5.65
N LEU B 63 -25.92 -54.06 -6.18
CA LEU B 63 -25.61 -52.88 -5.38
C LEU B 63 -26.91 -52.07 -5.22
N ARG B 64 -27.43 -51.98 -3.98
CA ARG B 64 -28.71 -51.29 -3.71
C ARG B 64 -28.82 -50.93 -2.23
N VAL B 65 -29.83 -50.10 -1.91
CA VAL B 65 -30.12 -49.69 -0.53
C VAL B 65 -31.43 -50.35 -0.06
N ARG B 66 -31.40 -50.86 1.17
CA ARG B 66 -32.49 -51.60 1.78
C ARG B 66 -33.02 -50.86 3.01
N VAL B 67 -34.25 -50.34 2.90
CA VAL B 67 -34.94 -49.67 3.99
C VAL B 67 -35.73 -50.71 4.81
N SER B 68 -35.45 -50.77 6.10
CA SER B 68 -36.09 -51.65 7.07
C SER B 68 -36.84 -50.76 8.07
N PHE B 69 -37.75 -51.35 8.84
CA PHE B 69 -38.55 -50.60 9.83
C PHE B 69 -38.92 -51.49 11.01
N ASP B 70 -39.20 -50.84 12.15
CA ASP B 70 -39.66 -51.49 13.37
C ASP B 70 -40.67 -50.55 14.03
N LYS B 71 -41.92 -51.01 14.15
CA LYS B 71 -43.05 -50.19 14.58
C LYS B 71 -43.13 -50.07 16.12
N ASP B 72 -42.47 -51.01 16.82
CA ASP B 72 -42.51 -51.11 18.30
C ASP B 72 -41.45 -50.20 18.93
N LYS B 73 -40.19 -50.45 18.57
CA LYS B 73 -39.02 -49.69 19.06
C LYS B 73 -38.83 -48.35 18.29
N ARG B 74 -39.68 -48.16 17.26
CA ARG B 74 -39.78 -46.90 16.48
C ARG B 74 -38.44 -46.56 15.79
N THR B 75 -37.92 -47.53 15.01
CA THR B 75 -36.63 -47.39 14.31
C THR B 75 -36.79 -47.69 12.81
N LEU B 76 -36.34 -46.76 11.96
CA LEU B 76 -36.35 -46.87 10.51
C LEU B 76 -34.88 -46.93 10.02
N THR B 77 -34.45 -48.08 9.46
CA THR B 77 -33.03 -48.36 9.17
C THR B 77 -32.75 -48.42 7.65
N ILE B 78 -32.11 -47.37 7.14
CA ILE B 78 -31.76 -47.23 5.71
C ILE B 78 -30.29 -47.69 5.55
N SER B 79 -30.10 -48.96 5.13
CA SER B 79 -28.79 -49.60 5.01
C SER B 79 -28.46 -49.93 3.54
N ASP B 80 -27.49 -49.22 2.96
CA ASP B 80 -27.00 -49.48 1.59
C ASP B 80 -25.84 -50.49 1.57
N ASN B 81 -25.75 -51.18 0.42
CA ASN B 81 -24.62 -52.05 0.05
C ASN B 81 -23.57 -51.23 -0.74
N GLY B 82 -23.36 -49.97 -0.34
CA GLY B 82 -22.39 -49.08 -0.99
C GLY B 82 -20.95 -49.43 -0.66
N VAL B 83 -20.03 -48.47 -0.87
CA VAL B 83 -18.64 -48.63 -0.39
C VAL B 83 -18.61 -48.43 1.13
N GLY B 84 -19.51 -47.57 1.62
CA GLY B 84 -19.47 -47.12 3.00
C GLY B 84 -18.47 -46.01 3.17
N MET B 85 -17.88 -45.93 4.37
CA MET B 85 -16.81 -44.97 4.69
C MET B 85 -15.83 -45.62 5.67
N THR B 86 -14.52 -45.39 5.45
CA THR B 86 -13.47 -45.78 6.41
C THR B 86 -13.50 -44.79 7.60
N ARG B 87 -12.74 -45.05 8.70
CA ARG B 87 -12.77 -44.20 9.94
C ARG B 87 -12.51 -42.71 9.60
N ASP B 88 -11.41 -42.47 8.88
CA ASP B 88 -11.00 -41.13 8.42
C ASP B 88 -12.06 -40.50 7.49
N GLU B 89 -12.72 -41.36 6.70
CA GLU B 89 -13.71 -40.96 5.68
C GLU B 89 -15.10 -40.67 6.32
N VAL B 90 -15.38 -41.28 7.49
CA VAL B 90 -16.60 -40.97 8.28
C VAL B 90 -16.46 -39.59 8.91
N ILE B 91 -15.25 -39.31 9.43
CA ILE B 91 -14.92 -38.00 10.02
C ILE B 91 -14.84 -36.92 8.91
N ASP B 92 -14.42 -37.34 7.70
CA ASP B 92 -14.32 -36.48 6.49
C ASP B 92 -15.71 -35.95 6.06
N HIS B 93 -16.77 -36.74 6.31
CA HIS B 93 -18.15 -36.37 5.93
C HIS B 93 -18.98 -35.98 7.16
N LEU B 94 -19.34 -36.98 7.99
CA LEU B 94 -20.21 -36.80 9.15
C LEU B 94 -19.54 -35.93 10.23
N GLY B 95 -18.26 -36.23 10.52
CA GLY B 95 -17.49 -35.50 11.54
C GLY B 95 -17.28 -34.01 11.22
N THR B 96 -17.14 -33.70 9.91
CA THR B 96 -16.98 -32.31 9.44
C THR B 96 -18.31 -31.54 9.45
N ILE B 97 -19.45 -32.27 9.49
CA ILE B 97 -20.79 -31.65 9.68
C ILE B 97 -20.99 -31.38 11.19
N ALA B 98 -20.46 -32.29 12.01
CA ALA B 98 -20.44 -32.17 13.48
C ALA B 98 -19.25 -31.26 13.92
N LYS B 99 -18.97 -31.24 15.23
CA LYS B 99 -17.99 -30.29 15.80
C LYS B 99 -16.56 -30.84 15.65
N SER B 100 -15.87 -30.41 14.58
CA SER B 100 -14.43 -30.66 14.37
C SER B 100 -13.69 -29.32 14.24
N GLY B 101 -14.11 -28.49 13.27
CA GLY B 101 -13.54 -27.15 13.08
C GLY B 101 -13.10 -26.91 11.65
N THR B 102 -14.04 -27.05 10.71
CA THR B 102 -13.79 -26.83 9.28
C THR B 102 -13.66 -25.32 8.97
N LYS B 103 -14.22 -24.49 9.88
CA LYS B 103 -14.27 -23.02 9.77
C LYS B 103 -15.19 -22.62 8.60
N SER B 104 -14.65 -22.68 7.38
CA SER B 104 -15.37 -22.37 6.14
C SER B 104 -14.65 -23.04 4.97
N PHE B 105 -13.31 -22.89 4.93
CA PHE B 105 -12.45 -23.49 3.87
C PHE B 105 -11.33 -24.35 4.47
N LEU B 106 -10.88 -23.99 5.69
CA LEU B 106 -9.81 -24.68 6.47
C LEU B 106 -9.38 -23.74 7.60
N GLU B 107 -9.10 -24.32 8.77
CA GLU B 107 -8.69 -23.54 9.97
C GLU B 107 -7.21 -23.07 9.90
N SER B 108 -6.35 -23.87 9.23
CA SER B 108 -4.90 -23.57 9.11
C SER B 108 -4.61 -22.59 7.93
N LEU B 109 -4.90 -23.04 6.69
CA LEU B 109 -4.57 -22.30 5.45
C LEU B 109 -5.78 -21.53 4.89
N GLY B 110 -6.98 -22.11 5.04
CA GLY B 110 -8.20 -21.52 4.48
C GLY B 110 -8.41 -21.84 3.01
N SER B 111 -8.19 -23.11 2.63
CA SER B 111 -8.25 -23.55 1.23
C SER B 111 -8.47 -25.07 1.10
N ASP B 112 -7.62 -25.86 1.78
CA ASP B 112 -7.48 -27.31 1.50
C ASP B 112 -8.72 -28.15 1.87
N GLN B 113 -9.41 -27.79 2.97
CA GLN B 113 -10.62 -28.55 3.42
C GLN B 113 -11.92 -27.90 2.91
N ALA B 114 -11.83 -27.06 1.85
CA ALA B 114 -12.99 -26.33 1.26
C ALA B 114 -14.07 -27.24 0.63
N LYS B 115 -13.85 -28.56 0.67
CA LYS B 115 -14.82 -29.57 0.24
C LYS B 115 -15.67 -30.04 1.45
N ASP B 116 -15.94 -29.12 2.39
CA ASP B 116 -16.77 -29.40 3.58
C ASP B 116 -18.18 -28.83 3.35
N SER B 117 -18.23 -27.62 2.79
CA SER B 117 -19.47 -26.88 2.54
C SER B 117 -20.29 -27.53 1.37
N GLN B 118 -19.56 -28.20 0.45
CA GLN B 118 -20.17 -29.04 -0.61
C GLN B 118 -20.88 -30.27 -0.01
N LEU B 119 -20.31 -30.80 1.09
CA LEU B 119 -20.91 -31.93 1.82
C LEU B 119 -22.13 -31.46 2.62
N ILE B 120 -22.11 -30.21 3.09
CA ILE B 120 -23.25 -29.59 3.77
C ILE B 120 -24.44 -29.41 2.78
N GLY B 121 -24.09 -29.13 1.50
CA GLY B 121 -25.08 -29.01 0.41
C GLY B 121 -25.94 -30.26 0.17
N GLN B 122 -25.39 -31.46 0.49
CA GLN B 122 -26.15 -32.74 0.42
C GLN B 122 -26.33 -33.36 1.83
N PHE B 123 -25.20 -33.83 2.40
CA PHE B 123 -25.18 -34.62 3.64
C PHE B 123 -25.61 -33.78 4.87
N GLY B 124 -25.37 -32.46 4.80
CA GLY B 124 -25.79 -31.53 5.86
C GLY B 124 -27.29 -31.27 5.85
N VAL B 125 -27.88 -31.29 4.64
CA VAL B 125 -29.34 -31.24 4.43
C VAL B 125 -29.99 -32.49 5.04
N GLY B 126 -29.44 -33.66 4.69
CA GLY B 126 -29.93 -34.94 5.20
C GLY B 126 -29.77 -35.10 6.71
N PHE B 127 -28.69 -34.52 7.25
CA PHE B 127 -28.42 -34.49 8.70
C PHE B 127 -29.57 -33.79 9.45
N TYR B 128 -29.85 -32.54 9.01
CA TYR B 128 -30.84 -31.66 9.64
C TYR B 128 -32.26 -32.30 9.58
N SER B 129 -32.70 -32.65 8.37
CA SER B 129 -34.05 -33.17 8.10
C SER B 129 -34.29 -34.51 8.84
N ALA B 130 -33.23 -35.35 8.91
CA ALA B 130 -33.26 -36.64 9.63
C ALA B 130 -33.58 -36.43 11.11
N PHE B 131 -32.92 -35.45 11.74
CA PHE B 131 -33.10 -35.16 13.17
C PHE B 131 -34.40 -34.39 13.47
N ILE B 132 -35.10 -33.89 12.43
CA ILE B 132 -36.44 -33.30 12.61
C ILE B 132 -37.45 -34.41 12.96
N VAL B 133 -37.42 -35.50 12.18
CA VAL B 133 -38.34 -36.64 12.33
C VAL B 133 -37.81 -37.68 13.33
N ALA B 134 -36.48 -37.75 13.49
CA ALA B 134 -35.84 -38.76 14.34
C ALA B 134 -35.25 -38.08 15.58
N ASP B 135 -35.51 -38.67 16.74
CA ASP B 135 -34.99 -38.21 18.03
C ASP B 135 -33.49 -38.59 18.15
N LYS B 136 -33.16 -39.77 17.57
CA LYS B 136 -31.82 -40.37 17.68
C LYS B 136 -31.45 -41.04 16.34
N VAL B 137 -30.25 -40.74 15.81
CA VAL B 137 -29.72 -41.38 14.58
C VAL B 137 -28.34 -42.01 14.88
N THR B 138 -28.18 -43.28 14.46
CA THR B 138 -26.98 -44.08 14.72
C THR B 138 -26.52 -44.76 13.41
N VAL B 139 -25.36 -44.32 12.89
CA VAL B 139 -24.81 -44.82 11.61
C VAL B 139 -23.64 -45.79 11.88
N ARG B 140 -23.75 -47.03 11.36
CA ARG B 140 -22.68 -48.02 11.36
C ARG B 140 -22.25 -48.28 9.90
N THR B 141 -21.04 -47.85 9.55
CA THR B 141 -20.46 -48.07 8.20
C THR B 141 -19.40 -49.19 8.22
N ARG B 142 -18.93 -49.57 7.02
CA ARG B 142 -17.72 -50.37 6.85
C ARG B 142 -17.28 -50.23 5.38
N ALA B 143 -16.03 -49.78 5.18
CA ALA B 143 -15.47 -49.50 3.84
C ALA B 143 -15.17 -50.80 3.07
N ALA B 144 -15.49 -50.79 1.77
CA ALA B 144 -15.19 -51.90 0.86
C ALA B 144 -13.68 -52.03 0.64
N GLY B 145 -13.15 -53.27 0.82
CA GLY B 145 -11.71 -53.54 0.72
C GLY B 145 -11.03 -53.50 2.09
N GLU B 146 -11.69 -52.84 3.04
CA GLU B 146 -11.30 -52.86 4.46
C GLU B 146 -11.95 -54.06 5.17
N LYS B 147 -11.36 -54.42 6.30
CA LYS B 147 -11.75 -55.59 7.10
C LYS B 147 -13.04 -55.27 7.90
N PRO B 148 -13.81 -56.31 8.37
CA PRO B 148 -15.04 -56.08 9.19
C PRO B 148 -14.77 -55.22 10.44
N GLU B 149 -13.59 -55.45 11.05
CA GLU B 149 -13.12 -54.71 12.25
C GLU B 149 -12.92 -53.21 11.94
N ASN B 150 -12.55 -52.90 10.68
CA ASN B 150 -12.35 -51.50 10.21
C ASN B 150 -13.70 -50.78 9.98
N GLY B 151 -14.82 -51.48 10.33
CA GLY B 151 -16.13 -50.87 10.41
C GLY B 151 -16.18 -49.76 11.43
N VAL B 152 -17.02 -48.76 11.19
CA VAL B 152 -17.08 -47.55 12.02
C VAL B 152 -18.48 -47.43 12.63
N PHE B 153 -18.49 -46.80 13.80
CA PHE B 153 -19.69 -46.48 14.57
C PHE B 153 -19.79 -44.96 14.64
N TRP B 154 -21.00 -44.45 14.52
CA TRP B 154 -21.32 -43.03 14.60
C TRP B 154 -22.69 -42.91 15.25
N GLU B 155 -22.87 -41.91 16.10
CA GLU B 155 -24.10 -41.71 16.86
C GLU B 155 -24.19 -40.25 17.30
N SER B 156 -25.39 -39.68 17.25
CA SER B 156 -25.66 -38.33 17.79
C SER B 156 -27.15 -38.15 18.02
N ALA B 157 -27.49 -37.34 19.03
CA ALA B 157 -28.88 -37.01 19.39
C ALA B 157 -29.31 -35.68 18.73
N GLY B 158 -28.62 -35.29 17.64
CA GLY B 158 -28.88 -34.00 16.95
C GLY B 158 -28.06 -32.85 17.51
N GLU B 159 -27.17 -33.18 18.45
CA GLU B 159 -26.29 -32.21 19.11
C GLU B 159 -25.07 -31.86 18.23
N GLY B 160 -24.30 -30.84 18.67
CA GLY B 160 -23.06 -30.42 18.00
C GLY B 160 -21.88 -31.32 18.39
N GLU B 161 -22.03 -32.62 18.11
CA GLU B 161 -21.09 -33.67 18.55
C GLU B 161 -21.30 -34.94 17.71
N TYR B 162 -20.33 -35.86 17.79
CA TYR B 162 -20.36 -37.15 17.11
C TYR B 162 -19.70 -38.23 18.01
N THR B 163 -20.40 -39.35 18.21
CA THR B 163 -19.92 -40.48 19.00
C THR B 163 -19.32 -41.52 18.04
N VAL B 164 -17.99 -41.49 17.88
CA VAL B 164 -17.28 -42.33 16.89
C VAL B 164 -16.47 -43.42 17.62
N ALA B 165 -16.53 -44.65 17.09
CA ALA B 165 -15.77 -45.81 17.60
C ALA B 165 -15.62 -46.84 16.49
N ASP B 166 -14.55 -47.62 16.49
CA ASP B 166 -14.37 -48.71 15.51
C ASP B 166 -15.03 -50.00 16.02
N ILE B 167 -15.88 -50.62 15.18
CA ILE B 167 -16.61 -51.87 15.51
C ILE B 167 -16.51 -52.88 14.36
N THR B 168 -17.01 -54.10 14.61
CA THR B 168 -17.10 -55.15 13.57
C THR B 168 -18.46 -55.08 12.84
N LYS B 169 -18.40 -54.77 11.53
CA LYS B 169 -19.53 -54.89 10.62
C LYS B 169 -19.05 -55.60 9.34
N GLU B 170 -19.35 -56.90 9.24
CA GLU B 170 -18.97 -57.74 8.08
C GLU B 170 -19.66 -57.27 6.78
N ASP B 171 -20.84 -56.63 6.93
CA ASP B 171 -21.57 -56.03 5.79
C ASP B 171 -20.74 -54.90 5.16
N ARG B 172 -20.92 -54.72 3.86
CA ARG B 172 -20.30 -53.61 3.11
C ARG B 172 -21.32 -52.47 2.96
N GLY B 173 -20.84 -51.22 3.03
CA GLY B 173 -21.69 -50.05 2.86
C GLY B 173 -22.01 -49.36 4.17
N THR B 174 -23.18 -48.75 4.24
CA THR B 174 -23.58 -47.86 5.35
C THR B 174 -24.94 -48.29 5.91
N GLU B 175 -25.11 -48.22 7.22
CA GLU B 175 -26.33 -48.68 7.93
C GLU B 175 -26.81 -47.58 8.89
N ILE B 176 -27.89 -46.87 8.52
CA ILE B 176 -28.37 -45.70 9.28
C ILE B 176 -29.69 -46.05 10.00
N THR B 177 -29.63 -46.22 11.33
CA THR B 177 -30.81 -46.50 12.17
C THR B 177 -31.32 -45.21 12.83
N LEU B 178 -32.50 -44.75 12.39
CA LEU B 178 -33.15 -43.55 12.93
C LEU B 178 -34.26 -43.96 13.90
N HIS B 179 -34.04 -43.80 15.22
CA HIS B 179 -35.16 -43.85 16.19
C HIS B 179 -36.03 -42.61 15.97
N LEU B 180 -37.18 -42.82 15.33
CA LEU B 180 -38.15 -41.76 15.08
C LEU B 180 -38.81 -41.29 16.38
N ARG B 181 -39.21 -40.00 16.38
CA ARG B 181 -39.89 -39.35 17.50
C ARG B 181 -41.31 -39.92 17.71
N GLU B 182 -41.86 -39.65 18.90
CA GLU B 182 -43.24 -40.03 19.26
C GLU B 182 -44.22 -39.18 18.44
N GLY B 183 -45.04 -39.88 17.63
CA GLY B 183 -45.88 -39.25 16.62
C GLY B 183 -45.44 -39.62 15.21
N GLU B 184 -44.11 -39.76 15.01
CA GLU B 184 -43.50 -40.08 13.69
C GLU B 184 -43.61 -41.59 13.35
N ASP B 185 -44.52 -42.29 14.06
CA ASP B 185 -44.74 -43.74 13.86
C ASP B 185 -45.52 -44.02 12.57
N GLU B 186 -46.05 -42.93 11.97
CA GLU B 186 -46.63 -42.93 10.62
C GLU B 186 -45.63 -43.49 9.59
N PHE B 187 -44.38 -43.00 9.68
CA PHE B 187 -43.29 -43.36 8.74
C PHE B 187 -42.75 -44.79 8.96
N LEU B 188 -43.33 -45.54 9.93
CA LEU B 188 -42.94 -46.93 10.24
C LEU B 188 -43.84 -47.95 9.51
N ASP B 189 -44.95 -47.49 8.91
CA ASP B 189 -45.89 -48.41 8.19
C ASP B 189 -45.30 -48.76 6.82
N ASP B 190 -45.49 -50.02 6.39
CA ASP B 190 -44.92 -50.58 5.15
C ASP B 190 -45.33 -49.75 3.91
N TRP B 191 -46.65 -49.41 3.77
CA TRP B 191 -47.14 -48.65 2.59
C TRP B 191 -46.56 -47.22 2.61
N ARG B 192 -46.46 -46.64 3.83
CA ARG B 192 -46.04 -45.23 4.03
C ARG B 192 -44.56 -45.06 3.65
N VAL B 193 -43.73 -46.04 4.06
CA VAL B 193 -42.31 -46.07 3.68
C VAL B 193 -42.21 -46.10 2.15
N ARG B 194 -42.86 -47.10 1.51
CA ARG B 194 -42.81 -47.32 0.04
C ARG B 194 -43.24 -46.09 -0.77
N SER B 195 -44.32 -45.41 -0.32
CA SER B 195 -44.87 -44.25 -1.04
C SER B 195 -43.88 -43.09 -1.04
N ILE B 196 -43.38 -42.74 0.16
CA ILE B 196 -42.41 -41.64 0.33
C ILE B 196 -41.06 -41.99 -0.36
N ILE B 197 -40.68 -43.28 -0.30
CA ILE B 197 -39.45 -43.80 -0.92
C ILE B 197 -39.51 -43.62 -2.46
N SER B 198 -40.63 -44.02 -3.08
CA SER B 198 -40.79 -44.00 -4.55
C SER B 198 -40.77 -42.56 -5.10
N LYS B 199 -41.30 -41.61 -4.29
CA LYS B 199 -41.25 -40.16 -4.60
C LYS B 199 -39.80 -39.64 -4.83
N TYR B 200 -38.79 -40.39 -4.36
CA TYR B 200 -37.37 -39.98 -4.43
C TYR B 200 -36.54 -40.95 -5.28
N SER B 201 -36.80 -42.23 -5.10
CA SER B 201 -36.03 -43.31 -5.72
C SER B 201 -36.29 -43.39 -7.24
N ASP B 202 -37.38 -42.75 -7.70
CA ASP B 202 -37.70 -42.58 -9.13
C ASP B 202 -36.52 -41.90 -9.88
N HIS B 203 -35.93 -40.87 -9.24
CA HIS B 203 -34.85 -40.08 -9.86
C HIS B 203 -33.49 -40.57 -9.32
N ILE B 204 -33.44 -41.82 -8.85
CA ILE B 204 -32.20 -42.43 -8.34
C ILE B 204 -31.97 -43.77 -9.09
N ALA B 205 -30.81 -43.84 -9.79
CA ALA B 205 -30.41 -45.02 -10.60
C ALA B 205 -30.07 -46.24 -9.75
N LEU B 206 -29.94 -46.02 -8.42
CA LEU B 206 -29.68 -47.08 -7.46
C LEU B 206 -31.02 -47.76 -7.10
N PRO B 207 -31.12 -49.13 -7.20
CA PRO B 207 -32.31 -49.85 -6.72
C PRO B 207 -32.54 -49.61 -5.21
N VAL B 208 -33.81 -49.38 -4.81
CA VAL B 208 -34.18 -49.26 -3.40
C VAL B 208 -35.21 -50.32 -3.07
N GLU B 209 -34.86 -51.20 -2.13
CA GLU B 209 -35.74 -52.29 -1.66
C GLU B 209 -36.24 -51.97 -0.24
N ILE B 210 -37.36 -52.57 0.15
CA ILE B 210 -37.91 -52.42 1.50
C ILE B 210 -38.14 -53.81 2.12
N GLU B 211 -38.05 -53.87 3.45
CA GLU B 211 -38.30 -55.07 4.22
C GLU B 211 -39.81 -55.39 4.21
N LYS B 212 -40.21 -56.28 3.32
CA LYS B 212 -41.52 -56.91 3.36
C LYS B 212 -41.44 -58.10 4.32
N ARG B 213 -41.58 -57.78 5.61
CA ARG B 213 -41.53 -58.75 6.69
C ARG B 213 -42.93 -59.08 7.17
N GLU B 214 -43.25 -60.37 7.21
CA GLU B 214 -44.45 -60.91 7.86
C GLU B 214 -43.96 -61.94 8.92
N GLU B 215 -43.79 -61.44 10.16
CA GLU B 215 -43.06 -62.15 11.22
C GLU B 215 -44.01 -63.03 12.06
N LYS B 216 -44.14 -64.30 11.64
CA LYS B 216 -44.83 -65.35 12.39
C LYS B 216 -43.85 -66.05 13.34
N ASP B 217 -44.40 -66.81 14.32
CA ASP B 217 -43.61 -67.56 15.33
C ASP B 217 -42.63 -68.52 14.63
N GLY B 218 -41.32 -68.17 14.66
CA GLY B 218 -40.28 -68.94 13.99
C GLY B 218 -40.09 -68.54 12.53
N GLU B 219 -41.17 -68.06 11.87
CA GLU B 219 -41.13 -67.67 10.46
C GLU B 219 -41.10 -66.14 10.36
N THR B 220 -39.91 -65.59 10.63
CA THR B 220 -39.60 -64.19 10.38
C THR B 220 -39.34 -64.03 8.87
N VAL B 221 -40.42 -64.11 8.07
CA VAL B 221 -40.32 -64.07 6.60
C VAL B 221 -39.97 -62.64 6.19
N ILE B 222 -38.74 -62.45 5.69
CA ILE B 222 -38.22 -61.14 5.25
C ILE B 222 -37.89 -61.23 3.76
N SER B 223 -38.69 -60.55 2.95
CA SER B 223 -38.49 -60.41 1.51
C SER B 223 -38.19 -58.94 1.21
N TRP B 224 -37.43 -58.64 0.16
CA TRP B 224 -37.01 -57.25 -0.15
C TRP B 224 -37.55 -56.83 -1.52
N GLU B 225 -38.52 -55.89 -1.51
CA GLU B 225 -39.25 -55.46 -2.72
C GLU B 225 -38.68 -54.15 -3.24
N LYS B 226 -38.15 -54.14 -4.49
CA LYS B 226 -37.70 -52.90 -5.15
C LYS B 226 -38.92 -52.00 -5.42
N ILE B 227 -38.99 -50.86 -4.73
CA ILE B 227 -40.11 -49.91 -4.88
C ILE B 227 -39.88 -49.03 -6.12
N ASN B 228 -38.59 -48.85 -6.47
CA ASN B 228 -38.17 -47.94 -7.54
C ASN B 228 -38.09 -48.66 -8.88
N LYS B 229 -38.02 -47.86 -9.96
CA LYS B 229 -37.84 -48.35 -11.33
C LYS B 229 -36.51 -49.11 -11.51
N ALA B 230 -35.49 -48.75 -10.67
CA ALA B 230 -34.12 -49.32 -10.70
C ALA B 230 -33.50 -49.16 -12.09
N GLN B 231 -33.83 -48.02 -12.70
CA GLN B 231 -33.41 -47.65 -14.04
C GLN B 231 -32.75 -46.27 -13.97
N ALA B 232 -31.59 -46.15 -14.60
CA ALA B 232 -30.89 -44.88 -14.77
C ALA B 232 -31.79 -43.90 -15.52
N LEU B 233 -32.13 -42.76 -14.85
CA LEU B 233 -33.04 -41.74 -15.40
C LEU B 233 -32.53 -41.23 -16.76
N TRP B 234 -31.26 -40.83 -16.81
CA TRP B 234 -30.63 -40.31 -18.04
C TRP B 234 -30.75 -41.31 -19.22
N THR B 235 -30.50 -42.60 -18.93
CA THR B 235 -30.60 -43.70 -19.92
C THR B 235 -32.04 -43.89 -20.43
N ARG B 236 -33.01 -43.72 -19.53
CA ARG B 236 -34.43 -43.94 -19.81
C ARG B 236 -34.96 -42.88 -20.82
N ASN B 237 -36.05 -43.25 -21.55
CA ASN B 237 -36.56 -42.48 -22.70
C ASN B 237 -36.98 -41.05 -22.30
N LYS B 238 -36.47 -40.07 -23.09
CA LYS B 238 -36.72 -38.62 -22.90
C LYS B 238 -38.22 -38.29 -22.84
N SER B 239 -38.96 -38.86 -23.80
CA SER B 239 -40.42 -38.63 -23.96
C SER B 239 -41.24 -39.25 -22.81
N GLU B 240 -40.62 -40.20 -22.09
CA GLU B 240 -41.25 -40.94 -20.99
C GLU B 240 -40.95 -40.27 -19.62
N ILE B 241 -39.81 -39.56 -19.52
CA ILE B 241 -39.42 -38.88 -18.25
C ILE B 241 -40.12 -37.51 -18.14
N THR B 242 -40.86 -37.29 -17.03
CA THR B 242 -41.56 -36.02 -16.80
C THR B 242 -40.61 -34.95 -16.20
N ASP B 243 -41.08 -33.69 -16.18
CA ASP B 243 -40.28 -32.51 -15.77
C ASP B 243 -39.83 -32.62 -14.31
N GLU B 244 -40.73 -33.11 -13.44
CA GLU B 244 -40.48 -33.27 -11.99
C GLU B 244 -39.26 -34.15 -11.75
N GLU B 245 -39.21 -35.27 -12.49
CA GLU B 245 -38.10 -36.23 -12.41
C GLU B 245 -36.77 -35.55 -12.75
N TYR B 246 -36.76 -34.68 -13.80
CA TYR B 246 -35.55 -33.90 -14.19
C TYR B 246 -35.11 -32.94 -13.06
N LYS B 247 -36.05 -32.09 -12.62
CA LYS B 247 -35.80 -31.02 -11.63
C LYS B 247 -35.29 -31.59 -10.30
N GLU B 248 -35.81 -32.76 -9.93
CA GLU B 248 -35.51 -33.43 -8.65
C GLU B 248 -34.22 -34.29 -8.78
N PHE B 249 -33.97 -34.80 -10.01
CA PHE B 249 -32.72 -35.53 -10.36
C PHE B 249 -31.51 -34.61 -10.23
N TYR B 250 -31.71 -33.37 -10.71
CA TYR B 250 -30.77 -32.25 -10.56
C TYR B 250 -30.28 -32.13 -9.11
N LYS B 251 -31.22 -32.14 -8.17
CA LYS B 251 -30.94 -31.88 -6.75
C LYS B 251 -29.96 -32.92 -6.15
N HIS B 252 -30.04 -34.17 -6.64
CA HIS B 252 -29.12 -35.25 -6.22
C HIS B 252 -27.72 -35.04 -6.83
N ILE B 253 -27.66 -34.99 -8.17
CA ILE B 253 -26.39 -35.01 -8.93
C ILE B 253 -25.59 -33.69 -8.79
N ALA B 254 -26.29 -32.63 -8.34
CA ALA B 254 -25.69 -31.30 -8.10
C ALA B 254 -25.23 -31.12 -6.66
N HIS B 255 -25.75 -31.99 -5.75
CA HIS B 255 -25.59 -31.83 -4.28
C HIS B 255 -26.10 -30.43 -3.86
N ASP B 256 -27.34 -30.17 -4.30
CA ASP B 256 -28.03 -28.86 -4.25
C ASP B 256 -29.55 -29.13 -4.11
N PHE B 257 -30.42 -28.11 -4.19
CA PHE B 257 -31.90 -28.32 -4.25
C PHE B 257 -32.68 -27.06 -4.71
N ASN B 258 -32.02 -26.18 -5.48
CA ASN B 258 -32.68 -25.05 -6.15
C ASN B 258 -33.48 -25.55 -7.38
N ASP B 259 -34.30 -24.66 -7.94
CA ASP B 259 -35.01 -24.91 -9.21
C ASP B 259 -34.10 -24.55 -10.40
N PRO B 260 -34.12 -25.34 -11.53
CA PRO B 260 -33.36 -24.99 -12.74
C PRO B 260 -34.11 -23.99 -13.66
N LEU B 261 -33.36 -22.99 -14.18
CA LEU B 261 -33.86 -22.03 -15.20
C LEU B 261 -34.29 -22.79 -16.47
N THR B 262 -33.45 -23.77 -16.85
CA THR B 262 -33.67 -24.68 -17.98
C THR B 262 -32.74 -25.90 -17.84
N TRP B 263 -32.95 -26.90 -18.71
CA TRP B 263 -32.10 -28.10 -18.81
C TRP B 263 -31.95 -28.54 -20.28
N SER B 264 -31.13 -29.57 -20.50
CA SER B 264 -30.89 -30.17 -21.83
C SER B 264 -30.53 -31.65 -21.68
N HIS B 265 -31.49 -32.53 -21.97
CA HIS B 265 -31.30 -33.99 -21.99
C HIS B 265 -31.12 -34.42 -23.44
N ASN B 266 -29.99 -35.06 -23.74
CA ASN B 266 -29.65 -35.54 -25.09
C ASN B 266 -29.08 -36.95 -24.96
N ARG B 267 -29.43 -37.86 -25.89
CA ARG B 267 -28.81 -39.19 -25.98
C ARG B 267 -28.13 -39.31 -27.35
N VAL B 268 -26.83 -39.61 -27.36
CA VAL B 268 -26.01 -39.61 -28.59
C VAL B 268 -25.38 -41.01 -28.78
N GLU B 269 -25.43 -41.52 -30.02
CA GLU B 269 -24.94 -42.86 -30.37
C GLU B 269 -23.96 -42.78 -31.56
N GLY B 270 -23.37 -43.93 -31.92
CA GLY B 270 -22.49 -44.05 -33.08
C GLY B 270 -21.03 -44.14 -32.67
N LYS B 271 -20.27 -43.06 -32.91
CA LYS B 271 -18.83 -42.99 -32.61
C LYS B 271 -18.65 -42.49 -31.17
N GLN B 272 -19.10 -41.24 -30.90
CA GLN B 272 -19.15 -40.70 -29.53
C GLN B 272 -20.53 -41.03 -28.92
N GLU B 273 -20.62 -42.19 -28.25
CA GLU B 273 -21.87 -42.62 -27.60
C GLU B 273 -21.92 -42.09 -26.16
N TYR B 274 -22.75 -41.06 -25.92
CA TYR B 274 -22.93 -40.47 -24.59
C TYR B 274 -24.34 -39.89 -24.41
N THR B 275 -24.98 -40.25 -23.29
CA THR B 275 -26.19 -39.57 -22.83
C THR B 275 -25.79 -38.45 -21.87
N SER B 276 -26.07 -37.20 -22.29
CA SER B 276 -25.78 -35.98 -21.50
C SER B 276 -27.09 -35.45 -20.90
N LEU B 277 -26.98 -34.81 -19.73
CA LEU B 277 -28.13 -34.19 -19.04
C LEU B 277 -27.61 -33.07 -18.14
N LEU B 278 -27.77 -31.83 -18.62
CA LEU B 278 -27.20 -30.61 -17.99
C LEU B 278 -28.34 -29.71 -17.49
N TYR B 279 -28.07 -28.92 -16.43
CA TYR B 279 -29.05 -27.98 -15.82
C TYR B 279 -28.36 -26.63 -15.54
N ILE B 280 -29.16 -25.56 -15.46
CA ILE B 280 -28.70 -24.20 -15.09
C ILE B 280 -29.42 -23.77 -13.79
N PRO B 281 -28.69 -23.56 -12.65
CA PRO B 281 -29.30 -23.09 -11.37
C PRO B 281 -29.89 -21.67 -11.46
N SER B 282 -31.02 -21.45 -10.76
CA SER B 282 -31.68 -20.13 -10.65
C SER B 282 -30.90 -19.16 -9.74
N GLN B 283 -30.15 -19.74 -8.81
CA GLN B 283 -29.44 -19.01 -7.77
C GLN B 283 -27.95 -19.39 -7.84
N ALA B 284 -27.08 -18.37 -7.76
CA ALA B 284 -25.64 -18.58 -7.60
C ALA B 284 -25.38 -19.10 -6.17
N PRO B 285 -24.87 -20.37 -6.00
CA PRO B 285 -24.56 -20.93 -4.67
C PRO B 285 -23.40 -20.17 -3.98
N TRP B 286 -23.26 -20.38 -2.66
CA TRP B 286 -22.22 -19.69 -1.85
C TRP B 286 -20.81 -20.11 -2.33
N ASP B 287 -20.66 -21.41 -2.63
CA ASP B 287 -19.37 -22.00 -3.06
C ASP B 287 -19.08 -21.75 -4.57
N MET B 288 -19.82 -20.80 -5.19
CA MET B 288 -19.51 -20.32 -6.55
C MET B 288 -18.18 -19.54 -6.53
N TRP B 289 -17.87 -18.90 -5.38
CA TRP B 289 -16.65 -18.10 -5.19
C TRP B 289 -15.71 -18.79 -4.17
N ASN B 290 -15.73 -20.14 -4.18
CA ASN B 290 -14.82 -21.00 -3.38
C ASN B 290 -13.51 -21.30 -4.15
N ARG B 291 -12.46 -21.72 -3.40
CA ARG B 291 -11.16 -22.22 -3.96
C ARG B 291 -11.33 -23.65 -4.49
N ASP B 292 -12.42 -24.30 -4.06
CA ASP B 292 -12.90 -25.59 -4.57
C ASP B 292 -13.99 -25.32 -5.62
N HIS B 293 -14.31 -26.35 -6.41
CA HIS B 293 -15.37 -26.30 -7.42
C HIS B 293 -16.78 -26.34 -6.78
N LYS B 294 -17.77 -25.75 -7.46
CA LYS B 294 -19.19 -26.08 -7.20
C LYS B 294 -19.71 -26.84 -8.42
N HIS B 295 -19.27 -26.46 -9.63
CA HIS B 295 -19.68 -27.15 -10.88
C HIS B 295 -19.07 -28.53 -11.00
N GLY B 296 -19.64 -29.32 -11.91
CA GLY B 296 -19.14 -30.64 -12.22
C GLY B 296 -20.24 -31.58 -12.62
N LEU B 297 -19.89 -32.55 -13.46
CA LEU B 297 -20.79 -33.56 -13.98
C LEU B 297 -20.42 -34.90 -13.38
N LYS B 298 -21.41 -35.68 -12.91
CA LYS B 298 -21.17 -37.06 -12.47
C LYS B 298 -20.84 -37.93 -13.69
N LEU B 299 -19.56 -38.29 -13.85
CA LEU B 299 -19.12 -39.16 -14.94
C LEU B 299 -19.54 -40.61 -14.64
N TYR B 300 -20.30 -41.17 -15.59
CA TYR B 300 -20.61 -42.59 -15.68
C TYR B 300 -20.08 -43.11 -17.03
N VAL B 301 -19.65 -44.36 -17.07
CA VAL B 301 -19.40 -45.11 -18.30
C VAL B 301 -20.21 -46.41 -18.23
N GLN B 302 -21.21 -46.55 -19.14
CA GLN B 302 -22.09 -47.75 -19.21
C GLN B 302 -22.95 -47.87 -17.93
N ARG B 303 -23.36 -46.69 -17.39
CA ARG B 303 -24.15 -46.53 -16.14
C ARG B 303 -23.36 -46.94 -14.87
N VAL B 304 -22.06 -47.18 -15.05
CA VAL B 304 -21.13 -47.46 -13.95
C VAL B 304 -20.45 -46.14 -13.58
N PHE B 305 -20.45 -45.81 -12.30
CA PHE B 305 -19.87 -44.55 -11.80
C PHE B 305 -18.34 -44.55 -11.85
N ILE B 306 -17.76 -43.38 -12.19
CA ILE B 306 -16.31 -43.13 -12.13
C ILE B 306 -16.03 -41.98 -11.11
N MET B 307 -16.67 -40.81 -11.27
CA MET B 307 -16.42 -39.65 -10.37
C MET B 307 -17.56 -38.63 -10.41
N ASP B 308 -17.99 -38.18 -9.21
CA ASP B 308 -19.05 -37.16 -9.04
C ASP B 308 -18.43 -35.77 -8.97
N ASP B 309 -19.23 -34.76 -9.35
CA ASP B 309 -18.85 -33.32 -9.32
C ASP B 309 -17.59 -33.07 -10.20
N ALA B 310 -17.43 -33.90 -11.25
CA ALA B 310 -16.25 -33.89 -12.11
C ALA B 310 -16.35 -32.78 -13.17
N GLU B 311 -15.65 -31.67 -12.91
CA GLU B 311 -15.59 -30.49 -13.81
C GLU B 311 -14.67 -30.77 -15.04
N GLN B 312 -14.17 -32.01 -15.15
CA GLN B 312 -13.34 -32.45 -16.27
C GLN B 312 -14.12 -32.52 -17.60
N PHE B 313 -15.45 -32.32 -17.55
CA PHE B 313 -16.31 -32.23 -18.76
C PHE B 313 -16.91 -30.83 -18.95
N MET B 314 -16.85 -30.00 -17.89
CA MET B 314 -17.29 -28.59 -17.98
C MET B 314 -16.11 -27.65 -17.70
N PRO B 315 -15.74 -26.74 -18.67
CA PRO B 315 -14.69 -25.72 -18.42
C PRO B 315 -15.13 -24.76 -17.29
N ASN B 316 -14.15 -24.02 -16.76
CA ASN B 316 -14.42 -23.05 -15.68
C ASN B 316 -15.35 -21.93 -16.18
N TYR B 317 -15.45 -21.74 -17.53
CA TYR B 317 -16.33 -20.69 -18.11
C TYR B 317 -17.79 -21.14 -18.23
N LEU B 318 -18.06 -22.32 -17.67
CA LEU B 318 -19.40 -22.85 -17.47
C LEU B 318 -19.52 -23.37 -16.03
N ARG B 319 -18.99 -22.58 -15.06
CA ARG B 319 -18.88 -23.00 -13.64
C ARG B 319 -20.22 -22.96 -12.86
N PHE B 320 -21.31 -22.64 -13.56
CA PHE B 320 -22.68 -22.73 -13.01
C PHE B 320 -23.29 -24.11 -13.32
N VAL B 321 -22.89 -24.71 -14.47
CA VAL B 321 -23.53 -25.93 -15.01
C VAL B 321 -23.40 -27.12 -14.05
N ARG B 322 -24.54 -27.77 -13.82
CA ARG B 322 -24.63 -28.95 -12.96
C ARG B 322 -25.46 -30.03 -13.66
N GLY B 323 -24.95 -31.26 -13.62
CA GLY B 323 -25.61 -32.38 -14.26
C GLY B 323 -24.71 -33.61 -14.24
N LEU B 324 -24.68 -34.34 -15.36
CA LEU B 324 -23.87 -35.56 -15.50
C LEU B 324 -23.69 -35.93 -16.97
N ILE B 325 -22.83 -36.93 -17.22
CA ILE B 325 -22.56 -37.45 -18.56
C ILE B 325 -22.20 -38.95 -18.43
N ASP B 326 -23.03 -39.81 -19.03
CA ASP B 326 -22.75 -41.24 -19.18
C ASP B 326 -22.32 -41.51 -20.62
N SER B 327 -21.25 -42.28 -20.79
CA SER B 327 -20.75 -42.66 -22.11
C SER B 327 -20.56 -44.17 -22.18
N SER B 328 -21.13 -44.82 -23.21
CA SER B 328 -20.89 -46.26 -23.46
C SER B 328 -19.64 -46.45 -24.35
N ASP B 329 -19.13 -45.32 -24.88
CA ASP B 329 -17.96 -45.29 -25.79
C ASP B 329 -16.65 -45.21 -25.01
N LEU B 330 -16.60 -44.30 -24.02
CA LEU B 330 -15.39 -44.00 -23.23
C LEU B 330 -14.89 -45.23 -22.45
N PRO B 331 -13.55 -45.31 -22.12
CA PRO B 331 -12.99 -46.45 -21.34
C PRO B 331 -13.60 -46.50 -19.93
N LEU B 332 -13.88 -47.72 -19.44
CA LEU B 332 -14.51 -47.92 -18.12
C LEU B 332 -13.50 -47.61 -17.00
N ASN B 333 -12.21 -47.81 -17.28
CA ASN B 333 -11.11 -47.56 -16.33
C ASN B 333 -10.61 -46.09 -16.41
N VAL B 334 -11.44 -45.19 -16.99
CA VAL B 334 -11.12 -43.76 -17.11
C VAL B 334 -11.03 -43.09 -15.71
N SER B 335 -10.14 -42.10 -15.59
CA SER B 335 -9.90 -41.36 -14.34
C SER B 335 -9.49 -39.90 -14.65
N ARG B 336 -9.26 -39.09 -13.59
CA ARG B 336 -9.05 -37.61 -13.69
C ARG B 336 -7.86 -37.29 -14.61
N GLU B 337 -6.78 -38.06 -14.49
CA GLU B 337 -5.57 -37.92 -15.32
C GLU B 337 -5.91 -38.17 -16.80
N ILE B 338 -6.71 -39.22 -17.07
CA ILE B 338 -7.16 -39.57 -18.43
C ILE B 338 -8.15 -38.51 -18.97
N LEU B 339 -8.83 -37.79 -18.07
CA LEU B 339 -9.78 -36.72 -18.43
C LEU B 339 -9.04 -35.40 -18.76
N GLN B 340 -7.85 -35.22 -18.16
CA GLN B 340 -6.95 -34.12 -18.50
C GLN B 340 -6.12 -34.46 -19.75
N ASP B 341 -5.72 -35.75 -19.88
CA ASP B 341 -4.77 -36.21 -20.90
C ASP B 341 -5.47 -36.54 -22.22
N SER B 342 -6.35 -37.56 -22.18
CA SER B 342 -6.84 -38.26 -23.39
C SER B 342 -7.55 -37.29 -24.34
N THR B 343 -7.27 -37.48 -25.62
CA THR B 343 -7.74 -36.61 -26.68
C THR B 343 -9.25 -36.81 -26.92
N VAL B 344 -9.76 -38.03 -26.60
CA VAL B 344 -11.20 -38.35 -26.74
C VAL B 344 -12.04 -37.48 -25.78
N THR B 345 -11.48 -37.17 -24.60
CA THR B 345 -12.13 -36.34 -23.59
C THR B 345 -12.32 -34.89 -24.11
N ARG B 346 -11.45 -34.48 -25.07
CA ARG B 346 -11.61 -33.19 -25.76
C ARG B 346 -12.89 -33.19 -26.58
N ASN B 347 -13.07 -34.25 -27.38
CA ASN B 347 -14.23 -34.40 -28.30
C ASN B 347 -15.57 -34.37 -27.54
N LEU B 348 -15.57 -35.03 -26.37
CA LEU B 348 -16.75 -35.13 -25.50
C LEU B 348 -17.01 -33.79 -24.75
N ARG B 349 -15.94 -33.20 -24.21
CA ARG B 349 -16.00 -31.97 -23.40
C ARG B 349 -16.38 -30.74 -24.26
N ASN B 350 -15.81 -30.65 -25.48
CA ASN B 350 -16.06 -29.54 -26.43
C ASN B 350 -17.50 -29.58 -26.94
N ALA B 351 -18.02 -30.81 -27.12
CA ALA B 351 -19.42 -31.05 -27.50
C ALA B 351 -20.37 -30.54 -26.40
N LEU B 352 -20.06 -30.92 -25.15
CA LEU B 352 -20.81 -30.49 -23.95
C LEU B 352 -20.72 -28.97 -23.72
N THR B 353 -19.53 -28.41 -24.00
CA THR B 353 -19.24 -26.98 -23.81
C THR B 353 -20.17 -26.13 -24.69
N LYS B 354 -20.02 -26.28 -26.01
CA LYS B 354 -20.79 -25.52 -27.01
C LYS B 354 -22.31 -25.78 -26.86
N ARG B 355 -22.66 -26.96 -26.31
CA ARG B 355 -24.06 -27.35 -26.05
C ARG B 355 -24.70 -26.39 -25.02
N VAL B 356 -23.91 -26.01 -24.00
CA VAL B 356 -24.35 -25.05 -22.97
C VAL B 356 -24.42 -23.62 -23.55
N LEU B 357 -23.35 -23.14 -24.24
CA LEU B 357 -23.32 -21.75 -24.80
C LEU B 357 -24.51 -21.52 -25.77
N GLN B 358 -24.89 -22.60 -26.48
CA GLN B 358 -26.07 -22.65 -27.37
C GLN B 358 -27.38 -22.53 -26.56
N MET B 359 -27.44 -23.29 -25.45
CA MET B 359 -28.61 -23.35 -24.53
C MET B 359 -28.82 -22.00 -23.79
N LEU B 360 -27.71 -21.24 -23.61
CA LEU B 360 -27.72 -19.91 -22.97
C LEU B 360 -28.29 -18.85 -23.92
N GLU B 361 -27.84 -18.92 -25.19
CA GLU B 361 -28.33 -18.04 -26.27
C GLU B 361 -29.83 -18.32 -26.55
N LYS B 362 -30.22 -19.60 -26.39
CA LYS B 362 -31.63 -20.01 -26.48
C LYS B 362 -32.41 -19.38 -25.32
N LEU B 363 -31.86 -19.48 -24.09
CA LEU B 363 -32.49 -18.96 -22.85
C LEU B 363 -32.72 -17.43 -22.95
N ALA B 364 -31.87 -16.75 -23.73
CA ALA B 364 -31.98 -15.29 -24.00
C ALA B 364 -33.31 -14.94 -24.72
N LYS B 365 -33.78 -15.86 -25.56
CA LYS B 365 -35.02 -15.70 -26.36
C LYS B 365 -36.18 -16.52 -25.77
N ASP B 366 -35.83 -17.55 -24.98
CA ASP B 366 -36.78 -18.51 -24.41
C ASP B 366 -37.46 -17.90 -23.19
N ASP B 367 -36.63 -17.36 -22.28
CA ASP B 367 -37.11 -16.72 -21.06
C ASP B 367 -36.21 -15.53 -20.73
N ALA B 368 -36.65 -14.33 -21.14
CA ALA B 368 -35.94 -13.05 -20.92
C ALA B 368 -35.75 -12.75 -19.42
N GLU B 369 -36.72 -13.17 -18.59
CA GLU B 369 -36.71 -12.95 -17.13
C GLU B 369 -35.56 -13.73 -16.48
N LYS B 370 -35.54 -15.05 -16.73
CA LYS B 370 -34.55 -15.97 -16.14
C LYS B 370 -33.14 -15.70 -16.67
N TYR B 371 -33.04 -15.21 -17.92
CA TYR B 371 -31.74 -14.86 -18.53
C TYR B 371 -31.21 -13.52 -17.99
N GLN B 372 -32.12 -12.57 -17.71
CA GLN B 372 -31.76 -11.26 -17.12
C GLN B 372 -31.20 -11.49 -15.71
N THR B 373 -31.91 -12.34 -14.95
CA THR B 373 -31.49 -12.79 -13.62
C THR B 373 -30.16 -13.54 -13.70
N PHE B 374 -30.02 -14.42 -14.71
CA PHE B 374 -28.79 -15.20 -14.98
C PHE B 374 -27.57 -14.27 -15.13
N TRP B 375 -27.74 -13.16 -15.86
CA TRP B 375 -26.66 -12.17 -16.05
C TRP B 375 -26.33 -11.43 -14.74
N GLN B 376 -27.36 -11.17 -13.91
CA GLN B 376 -27.14 -10.53 -12.59
C GLN B 376 -26.50 -11.51 -11.57
N GLN B 377 -26.66 -12.83 -11.81
CA GLN B 377 -26.09 -13.88 -10.93
C GLN B 377 -24.67 -14.26 -11.36
N PHE B 378 -24.44 -14.31 -12.69
CA PHE B 378 -23.22 -14.93 -13.27
C PHE B 378 -22.52 -14.01 -14.30
N GLY B 379 -22.87 -12.70 -14.30
CA GLY B 379 -22.30 -11.74 -15.27
C GLY B 379 -20.81 -11.50 -15.07
N LEU B 380 -20.44 -11.18 -13.81
CA LEU B 380 -19.03 -10.99 -13.40
C LEU B 380 -18.17 -12.19 -13.80
N VAL B 381 -18.81 -13.37 -13.77
CA VAL B 381 -18.20 -14.63 -14.17
C VAL B 381 -17.95 -14.59 -15.69
N LEU B 382 -19.04 -14.54 -16.51
CA LEU B 382 -18.99 -14.68 -18.00
C LEU B 382 -17.95 -13.74 -18.69
N LYS B 383 -17.70 -12.57 -18.05
CA LYS B 383 -16.80 -11.51 -18.60
C LYS B 383 -15.33 -11.96 -18.87
N GLU B 384 -14.82 -13.04 -18.24
CA GLU B 384 -13.42 -13.51 -18.53
C GLU B 384 -13.31 -14.38 -19.82
N GLY B 385 -14.47 -14.81 -20.37
CA GLY B 385 -14.53 -15.61 -21.61
C GLY B 385 -13.72 -15.04 -22.81
N PRO B 386 -13.90 -13.74 -23.20
CA PRO B 386 -13.05 -13.05 -24.24
C PRO B 386 -11.54 -13.15 -23.97
N ALA B 387 -11.17 -13.22 -22.68
CA ALA B 387 -9.75 -13.34 -22.26
C ALA B 387 -9.19 -14.73 -22.51
N GLU B 388 -10.08 -15.73 -22.49
CA GLU B 388 -9.70 -17.11 -22.78
C GLU B 388 -9.42 -17.30 -24.28
N ASP B 389 -10.49 -17.48 -25.07
CA ASP B 389 -10.39 -17.91 -26.47
C ASP B 389 -11.00 -16.82 -27.37
N PHE B 390 -10.12 -16.15 -28.14
CA PHE B 390 -10.51 -15.04 -29.03
C PHE B 390 -11.45 -15.53 -30.16
N ALA B 391 -11.29 -16.78 -30.60
CA ALA B 391 -12.14 -17.36 -31.68
C ALA B 391 -13.52 -17.78 -31.14
N ASN B 392 -13.59 -18.10 -29.83
CA ASN B 392 -14.86 -18.43 -29.14
C ASN B 392 -15.46 -17.16 -28.50
N GLN B 393 -14.74 -16.03 -28.64
CA GLN B 393 -15.13 -14.73 -28.04
C GLN B 393 -16.47 -14.23 -28.58
N GLU B 394 -16.75 -14.52 -29.86
CA GLU B 394 -18.01 -14.14 -30.53
C GLU B 394 -19.22 -14.80 -29.83
N ALA B 395 -19.07 -16.11 -29.53
CA ALA B 395 -20.12 -16.94 -28.89
C ALA B 395 -20.38 -16.49 -27.43
N ILE B 396 -19.32 -16.07 -26.75
CA ILE B 396 -19.38 -15.59 -25.35
C ILE B 396 -19.87 -14.12 -25.30
N ALA B 397 -19.55 -13.33 -26.34
CA ALA B 397 -19.94 -11.91 -26.47
C ALA B 397 -21.45 -11.79 -26.74
N LYS B 398 -22.01 -12.86 -27.32
CA LYS B 398 -23.46 -13.02 -27.53
C LYS B 398 -24.20 -13.08 -26.18
N LEU B 399 -23.48 -13.59 -25.15
CA LEU B 399 -24.01 -13.72 -23.79
C LEU B 399 -23.79 -12.44 -22.99
N LEU B 400 -22.66 -11.76 -23.27
CA LEU B 400 -22.28 -10.54 -22.55
C LEU B 400 -23.31 -9.42 -22.78
N ARG B 401 -23.87 -8.92 -21.67
CA ARG B 401 -24.92 -7.88 -21.69
C ARG B 401 -24.36 -6.61 -21.05
N PHE B 402 -24.64 -5.47 -21.69
CA PHE B 402 -24.05 -4.17 -21.33
C PHE B 402 -25.14 -3.11 -21.15
N ALA B 403 -24.70 -1.90 -20.80
CA ALA B 403 -25.54 -0.69 -20.89
C ALA B 403 -24.96 0.19 -22.02
N SER B 404 -25.81 1.06 -22.59
CA SER B 404 -25.39 2.01 -23.66
C SER B 404 -26.31 3.24 -23.62
N THR B 405 -26.05 4.22 -24.52
CA THR B 405 -26.86 5.47 -24.57
C THR B 405 -28.28 5.20 -25.16
N HIS B 406 -28.53 3.92 -25.54
CA HIS B 406 -29.88 3.39 -25.78
C HIS B 406 -30.79 3.71 -24.59
N THR B 407 -30.28 3.46 -23.36
CA THR B 407 -31.01 3.75 -22.11
C THR B 407 -30.00 4.10 -21.00
N ASP B 408 -30.22 5.22 -20.31
CA ASP B 408 -29.31 5.75 -19.25
C ASP B 408 -29.48 5.00 -17.89
N SER B 409 -30.02 3.77 -17.94
CA SER B 409 -30.16 2.90 -16.77
C SER B 409 -28.90 2.05 -16.57
N SER B 410 -28.63 1.68 -15.31
CA SER B 410 -27.45 0.88 -14.92
C SER B 410 -27.63 -0.60 -15.30
N ALA B 411 -28.90 -1.07 -15.33
CA ALA B 411 -29.27 -2.47 -15.63
C ALA B 411 -28.75 -2.91 -17.02
N GLN B 412 -27.93 -3.98 -17.06
CA GLN B 412 -27.32 -4.48 -18.29
C GLN B 412 -28.33 -5.30 -19.11
N THR B 413 -29.03 -4.63 -20.03
CA THR B 413 -30.02 -5.28 -20.92
C THR B 413 -29.53 -5.26 -22.38
N VAL B 414 -28.87 -4.16 -22.77
CA VAL B 414 -28.43 -3.92 -24.17
C VAL B 414 -27.17 -4.73 -24.50
N SER B 415 -27.26 -5.62 -25.47
CA SER B 415 -26.12 -6.40 -25.97
C SER B 415 -25.50 -5.70 -27.19
N LEU B 416 -24.46 -6.34 -27.74
CA LEU B 416 -23.77 -5.88 -28.96
C LEU B 416 -24.70 -5.96 -30.19
N GLU B 417 -25.70 -6.85 -30.12
CA GLU B 417 -26.73 -7.01 -31.16
C GLU B 417 -27.60 -5.74 -31.25
N ASP B 418 -28.03 -5.23 -30.07
CA ASP B 418 -28.85 -3.99 -29.96
C ASP B 418 -28.06 -2.77 -30.42
N TYR B 419 -26.75 -2.77 -30.15
CA TYR B 419 -25.85 -1.70 -30.59
C TYR B 419 -25.82 -1.63 -32.14
N VAL B 420 -25.55 -2.77 -32.79
CA VAL B 420 -25.45 -2.86 -34.27
C VAL B 420 -26.85 -2.68 -34.93
N SER B 421 -27.91 -3.00 -34.18
CA SER B 421 -29.31 -2.82 -34.64
C SER B 421 -29.74 -1.34 -34.55
N ARG B 422 -29.20 -0.61 -33.57
CA ARG B 422 -29.51 0.82 -33.36
C ARG B 422 -28.35 1.71 -33.89
N MET B 423 -27.32 1.07 -34.49
CA MET B 423 -26.14 1.74 -35.07
C MET B 423 -26.57 2.84 -36.07
N LYS B 424 -26.03 4.06 -35.88
CA LYS B 424 -26.46 5.24 -36.63
C LYS B 424 -25.89 5.24 -38.05
N GLU B 425 -26.44 6.13 -38.88
CA GLU B 425 -26.16 6.20 -40.32
C GLU B 425 -24.74 6.75 -40.52
N GLY B 426 -23.86 5.92 -41.13
CA GLY B 426 -22.46 6.28 -41.34
C GLY B 426 -21.57 5.98 -40.13
N GLN B 427 -22.20 5.55 -39.01
CA GLN B 427 -21.48 5.23 -37.76
C GLN B 427 -20.83 3.84 -37.91
N GLU B 428 -19.52 3.82 -38.20
CA GLU B 428 -18.75 2.60 -38.49
C GLU B 428 -18.07 2.05 -37.21
N LYS B 429 -17.75 2.96 -36.27
CA LYS B 429 -17.00 2.61 -35.04
C LYS B 429 -17.96 2.50 -33.85
N ILE B 430 -17.86 1.36 -33.14
CA ILE B 430 -18.58 1.14 -31.88
C ILE B 430 -17.89 1.95 -30.76
N TYR B 431 -18.51 3.09 -30.42
CA TYR B 431 -17.99 4.05 -29.43
C TYR B 431 -18.16 3.51 -28.01
N TYR B 432 -17.29 3.96 -27.09
CA TYR B 432 -17.17 3.35 -25.74
C TYR B 432 -16.80 4.39 -24.66
N ILE B 433 -17.39 4.18 -23.45
CA ILE B 433 -17.07 4.93 -22.22
C ILE B 433 -16.59 3.92 -21.16
N THR B 434 -15.48 4.24 -20.46
CA THR B 434 -14.95 3.42 -19.34
C THR B 434 -15.11 4.17 -18.01
N ALA B 435 -15.40 3.42 -16.92
CA ALA B 435 -15.52 3.98 -15.55
C ALA B 435 -15.46 2.85 -14.50
N ASP B 436 -15.28 3.26 -13.24
CA ASP B 436 -15.26 2.36 -12.07
C ASP B 436 -16.70 2.02 -11.63
N SER B 437 -17.60 3.00 -11.79
CA SER B 437 -19.02 2.91 -11.40
C SER B 437 -19.88 3.65 -12.44
N TYR B 438 -21.18 3.29 -12.54
CA TYR B 438 -22.12 3.89 -13.52
C TYR B 438 -22.42 5.36 -13.16
N ALA B 439 -22.31 5.69 -11.86
CA ALA B 439 -22.46 7.07 -11.37
C ALA B 439 -21.39 7.98 -12.01
N ALA B 440 -20.14 7.48 -12.02
CA ALA B 440 -18.97 8.17 -12.61
C ALA B 440 -19.13 8.31 -14.14
N ALA B 441 -19.51 7.19 -14.78
CA ALA B 441 -19.71 7.12 -16.24
C ALA B 441 -20.72 8.17 -16.70
N LYS B 442 -21.87 8.20 -16.02
CA LYS B 442 -23.03 9.02 -16.39
C LYS B 442 -22.80 10.52 -16.08
N SER B 443 -21.88 10.81 -15.11
CA SER B 443 -21.52 12.20 -14.74
C SER B 443 -20.37 12.75 -15.63
N SER B 444 -19.82 11.89 -16.51
CA SER B 444 -18.79 12.28 -17.47
C SER B 444 -19.42 13.12 -18.62
N PRO B 445 -18.97 14.42 -18.80
CA PRO B 445 -19.60 15.35 -19.78
C PRO B 445 -19.51 14.85 -21.24
N HIS B 446 -18.35 14.23 -21.61
CA HIS B 446 -18.12 13.68 -22.97
C HIS B 446 -19.25 12.72 -23.41
N LEU B 447 -19.70 11.88 -22.46
CA LEU B 447 -20.83 10.95 -22.66
C LEU B 447 -22.04 11.74 -23.19
N GLU B 448 -22.37 12.82 -22.46
CA GLU B 448 -23.58 13.62 -22.69
C GLU B 448 -23.44 14.46 -23.97
N LEU B 449 -22.18 14.70 -24.37
CA LEU B 449 -21.83 15.62 -25.47
C LEU B 449 -22.33 15.00 -26.80
N LEU B 450 -22.09 13.67 -26.96
CA LEU B 450 -22.50 12.93 -28.18
C LEU B 450 -23.83 12.18 -27.99
N ARG B 451 -24.16 11.81 -26.73
CA ARG B 451 -25.47 11.17 -26.40
C ARG B 451 -26.65 12.04 -26.89
N LYS B 452 -26.56 13.34 -26.60
CA LYS B 452 -27.60 14.33 -26.94
C LYS B 452 -27.53 14.76 -28.43
N LYS B 453 -26.39 14.46 -29.10
CA LYS B 453 -26.29 14.56 -30.59
C LYS B 453 -27.18 13.49 -31.26
N GLY B 454 -27.40 12.37 -30.54
CA GLY B 454 -28.12 11.21 -31.07
C GLY B 454 -27.18 10.12 -31.53
N ILE B 455 -26.04 10.03 -30.84
CA ILE B 455 -25.01 9.00 -31.10
C ILE B 455 -25.21 7.84 -30.11
N GLU B 456 -25.04 6.60 -30.61
CA GLU B 456 -25.06 5.40 -29.77
C GLU B 456 -23.64 5.13 -29.27
N VAL B 457 -23.49 4.96 -27.94
CA VAL B 457 -22.18 4.79 -27.26
C VAL B 457 -22.33 3.73 -26.14
N LEU B 458 -21.43 2.73 -26.14
CA LEU B 458 -21.30 1.74 -25.04
C LEU B 458 -21.00 2.44 -23.70
N LEU B 459 -21.82 2.17 -22.67
CA LEU B 459 -21.57 2.68 -21.30
C LEU B 459 -21.20 1.49 -20.40
N LEU B 460 -19.90 1.11 -20.44
CA LEU B 460 -19.36 0.02 -19.60
C LEU B 460 -18.64 0.65 -18.40
N SER B 461 -19.12 0.32 -17.19
CA SER B 461 -18.74 1.02 -15.96
C SER B 461 -18.54 0.04 -14.79
N ASP B 462 -18.30 -1.24 -15.12
CA ASP B 462 -17.93 -2.27 -14.12
C ASP B 462 -16.41 -2.20 -13.87
N ARG B 463 -15.95 -2.83 -12.79
CA ARG B 463 -14.54 -2.81 -12.40
C ARG B 463 -13.67 -3.52 -13.48
N ILE B 464 -14.18 -4.66 -13.99
CA ILE B 464 -13.40 -5.53 -14.91
C ILE B 464 -13.76 -5.26 -16.41
N ASP B 465 -14.76 -4.38 -16.67
CA ASP B 465 -15.29 -4.13 -18.05
C ASP B 465 -14.19 -3.74 -19.06
N GLU B 466 -13.40 -2.69 -18.74
CA GLU B 466 -12.29 -2.20 -19.62
C GLU B 466 -11.32 -3.34 -20.00
N TRP B 467 -11.09 -4.25 -19.04
CA TRP B 467 -10.17 -5.38 -19.21
C TRP B 467 -10.73 -6.35 -20.25
N MET B 468 -12.04 -6.63 -20.14
CA MET B 468 -12.77 -7.51 -21.07
C MET B 468 -12.78 -6.92 -22.51
N MET B 469 -12.69 -5.59 -22.58
CA MET B 469 -12.65 -4.87 -23.87
C MET B 469 -11.25 -4.87 -24.51
N ASN B 470 -10.24 -5.44 -23.80
CA ASN B 470 -8.85 -5.56 -24.31
C ASN B 470 -8.74 -6.59 -25.45
N TYR B 471 -9.73 -7.50 -25.57
CA TYR B 471 -9.85 -8.39 -26.75
C TYR B 471 -11.20 -8.17 -27.46
N LEU B 472 -12.19 -7.52 -26.78
CA LEU B 472 -13.44 -7.05 -27.47
C LEU B 472 -13.16 -5.72 -28.21
N THR B 473 -12.21 -5.79 -29.15
CA THR B 473 -11.79 -4.67 -30.00
C THR B 473 -12.59 -4.67 -31.33
N GLU B 474 -13.21 -5.82 -31.67
CA GLU B 474 -14.01 -5.99 -32.91
C GLU B 474 -15.25 -6.86 -32.64
N PHE B 475 -16.37 -6.55 -33.33
CA PHE B 475 -17.61 -7.34 -33.35
C PHE B 475 -18.37 -7.05 -34.66
N ASP B 476 -18.73 -8.11 -35.40
CA ASP B 476 -19.60 -8.05 -36.60
C ASP B 476 -18.92 -7.25 -37.75
N GLY B 477 -17.58 -7.13 -37.67
CA GLY B 477 -16.80 -6.34 -38.63
C GLY B 477 -16.84 -4.84 -38.33
N LYS B 478 -17.13 -4.49 -37.06
CA LYS B 478 -17.14 -3.09 -36.58
C LYS B 478 -16.02 -2.93 -35.53
N PRO B 479 -15.07 -1.95 -35.70
CA PRO B 479 -14.00 -1.68 -34.71
C PRO B 479 -14.49 -0.78 -33.54
N PHE B 480 -14.08 -1.13 -32.33
CA PHE B 480 -14.43 -0.38 -31.11
C PHE B 480 -13.44 0.77 -30.92
N GLN B 481 -13.94 2.02 -30.97
CA GLN B 481 -13.12 3.24 -30.79
C GLN B 481 -13.64 4.02 -29.56
N SER B 482 -12.71 4.64 -28.83
CA SER B 482 -13.01 5.31 -27.56
C SER B 482 -13.43 6.78 -27.76
N VAL B 483 -14.11 7.30 -26.73
CA VAL B 483 -14.51 8.70 -26.60
C VAL B 483 -13.48 9.49 -25.72
N SER B 484 -12.59 8.74 -25.05
CA SER B 484 -11.71 9.26 -23.97
C SER B 484 -10.49 10.08 -24.51
N LYS B 485 -10.47 10.45 -25.80
CA LYS B 485 -9.39 11.27 -26.37
C LYS B 485 -9.85 12.76 -26.39
N VAL B 486 -8.88 13.68 -26.27
CA VAL B 486 -9.08 15.15 -26.31
C VAL B 486 -7.93 15.74 -27.15
N ASP B 487 -8.20 16.79 -27.94
CA ASP B 487 -7.15 17.37 -28.82
C ASP B 487 -7.31 18.88 -29.03
N GLU B 488 -6.19 19.52 -29.46
CA GLU B 488 -6.12 20.95 -29.76
C GLU B 488 -6.88 21.29 -31.05
N SER B 489 -6.71 20.48 -32.12
CA SER B 489 -7.50 20.61 -33.36
C SER B 489 -8.56 19.50 -33.37
N LEU B 490 -8.32 18.32 -34.05
CA LEU B 490 -8.90 17.06 -33.55
C LEU B 490 -8.12 15.80 -34.03
N GLU B 491 -7.96 15.66 -35.36
CA GLU B 491 -7.84 14.31 -36.01
C GLU B 491 -6.82 13.39 -35.29
N LYS B 492 -5.53 13.68 -35.47
CA LYS B 492 -4.44 13.09 -34.70
C LYS B 492 -3.62 14.20 -34.05
N LEU B 493 -4.15 15.44 -34.06
CA LEU B 493 -3.29 16.67 -34.11
C LEU B 493 -2.70 17.15 -32.77
N ALA B 494 -2.36 16.19 -31.88
CA ALA B 494 -1.60 16.43 -30.62
C ALA B 494 -0.12 16.87 -30.89
N ASP B 495 0.21 17.14 -32.16
CA ASP B 495 1.46 17.79 -32.57
C ASP B 495 1.34 19.34 -32.46
N GLU B 496 0.09 19.85 -32.35
CA GLU B 496 -0.21 21.30 -32.23
C GLU B 496 0.08 21.82 -30.81
N VAL B 497 1.34 21.72 -30.36
CA VAL B 497 1.71 21.91 -28.94
C VAL B 497 2.43 23.25 -28.68
N ASP B 498 1.68 24.36 -28.94
CA ASP B 498 2.15 25.74 -28.72
C ASP B 498 3.44 26.04 -29.52
N GLU B 499 4.60 25.73 -28.91
CA GLU B 499 5.92 25.85 -29.55
C GLU B 499 6.96 25.08 -28.70
N SER B 500 6.47 24.23 -27.77
CA SER B 500 7.33 23.54 -26.80
C SER B 500 8.10 22.38 -27.46
N ALA B 501 9.29 22.71 -27.97
CA ALA B 501 10.15 21.79 -28.71
C ALA B 501 11.50 21.62 -27.99
N LYS B 502 12.54 21.23 -28.75
CA LYS B 502 13.91 21.00 -28.22
C LYS B 502 14.47 22.19 -27.41
N GLU B 503 14.18 23.43 -27.87
CA GLU B 503 14.64 24.67 -27.19
C GLU B 503 13.94 24.87 -25.83
N ALA B 504 12.69 24.40 -25.75
CA ALA B 504 11.93 24.40 -24.50
C ALA B 504 12.50 23.33 -23.55
N GLU B 505 12.74 22.13 -24.11
CA GLU B 505 13.24 20.95 -23.35
C GLU B 505 14.62 21.23 -22.70
N LYS B 506 15.48 21.99 -23.40
CA LYS B 506 16.79 22.42 -22.89
C LYS B 506 16.64 23.33 -21.65
N ALA B 507 15.56 24.13 -21.64
CA ALA B 507 15.24 25.06 -20.53
C ALA B 507 14.44 24.35 -19.42
N LEU B 508 13.74 23.26 -19.80
CA LEU B 508 12.86 22.50 -18.89
C LEU B 508 13.62 21.41 -18.15
N THR B 509 14.76 20.93 -18.70
CA THR B 509 15.56 19.87 -18.06
C THR B 509 16.20 20.33 -16.72
N PRO B 510 16.77 21.60 -16.57
CA PRO B 510 17.17 22.13 -15.24
C PRO B 510 15.98 22.20 -14.27
N PHE B 511 14.80 22.55 -14.81
CA PHE B 511 13.55 22.61 -14.03
C PHE B 511 13.16 21.21 -13.52
N ILE B 512 13.37 20.16 -14.35
CA ILE B 512 13.12 18.75 -13.95
C ILE B 512 14.00 18.39 -12.74
N ASP B 513 15.28 18.80 -12.79
CA ASP B 513 16.27 18.51 -11.73
C ASP B 513 15.85 19.12 -10.37
N ARG B 514 15.37 20.37 -10.41
CA ARG B 514 14.99 21.13 -9.20
C ARG B 514 13.74 20.52 -8.54
N VAL B 515 12.71 20.27 -9.38
CA VAL B 515 11.44 19.65 -8.93
C VAL B 515 11.70 18.24 -8.36
N LYS B 516 12.36 17.40 -9.14
CA LYS B 516 12.50 15.96 -8.87
C LYS B 516 13.45 15.68 -7.69
N ALA B 517 14.43 16.59 -7.46
CA ALA B 517 15.33 16.51 -6.28
C ALA B 517 14.59 16.97 -5.01
N LEU B 518 13.67 17.94 -5.20
CA LEU B 518 12.76 18.42 -4.12
C LEU B 518 11.80 17.26 -3.72
N LEU B 519 11.37 16.46 -4.71
CA LEU B 519 10.44 15.33 -4.50
C LEU B 519 11.20 14.06 -4.03
N GLY B 520 12.46 13.94 -4.47
CA GLY B 520 13.28 12.75 -4.18
C GLY B 520 12.78 11.52 -4.93
N GLU B 521 12.11 10.62 -4.19
CA GLU B 521 11.57 9.36 -4.74
C GLU B 521 10.09 9.16 -4.36
N ARG B 522 9.40 10.25 -3.94
CA ARG B 522 7.94 10.20 -3.65
C ARG B 522 7.12 10.16 -4.97
N VAL B 523 7.82 10.38 -6.10
CA VAL B 523 7.30 10.25 -7.48
C VAL B 523 8.23 9.30 -8.24
N LYS B 524 7.68 8.47 -9.15
CA LYS B 524 8.50 7.58 -10.01
C LYS B 524 9.39 8.42 -10.95
N ASP B 525 8.79 9.39 -11.64
CA ASP B 525 9.51 10.25 -12.60
C ASP B 525 8.72 11.54 -12.88
N VAL B 526 9.43 12.67 -13.04
CA VAL B 526 8.83 13.97 -13.35
C VAL B 526 9.16 14.33 -14.82
N ARG B 527 8.11 14.43 -15.66
CA ARG B 527 8.24 14.79 -17.08
C ARG B 527 7.68 16.21 -17.30
N LEU B 528 8.20 16.90 -18.32
CA LEU B 528 7.62 18.16 -18.83
C LEU B 528 7.04 17.89 -20.23
N THR B 529 5.73 17.54 -20.24
CA THR B 529 4.99 17.19 -21.47
C THR B 529 4.31 18.43 -22.06
N HIS B 530 3.57 18.25 -23.18
CA HIS B 530 3.10 19.40 -24.00
C HIS B 530 1.57 19.32 -24.28
N ARG B 531 0.82 18.54 -23.47
CA ARG B 531 -0.65 18.46 -23.62
C ARG B 531 -1.25 19.82 -23.22
N LEU B 532 -1.74 20.59 -24.22
CA LEU B 532 -2.18 21.99 -24.01
C LEU B 532 -3.30 22.02 -22.97
N THR B 533 -4.46 21.42 -23.37
CA THR B 533 -5.66 21.21 -22.52
C THR B 533 -5.97 22.45 -21.62
N ASP B 534 -6.72 22.28 -20.53
CA ASP B 534 -6.85 23.30 -19.47
C ASP B 534 -6.20 22.80 -18.17
N THR B 535 -5.81 21.52 -18.16
CA THR B 535 -5.20 20.86 -17.01
C THR B 535 -3.71 21.31 -16.90
N PRO B 536 -3.27 21.85 -15.72
CA PRO B 536 -1.86 22.29 -15.52
C PRO B 536 -0.86 21.11 -15.54
N ALA B 537 -1.23 20.04 -14.83
CA ALA B 537 -0.38 18.86 -14.66
C ALA B 537 -1.26 17.62 -14.52
N ILE B 538 -0.83 16.53 -15.16
CA ILE B 538 -1.54 15.25 -15.19
C ILE B 538 -0.55 14.15 -14.82
N VAL B 539 -0.99 13.19 -14.00
CA VAL B 539 -0.16 12.03 -13.65
C VAL B 539 -0.60 10.82 -14.47
N SER B 540 0.39 10.08 -15.00
CA SER B 540 0.14 8.91 -15.87
C SER B 540 0.49 7.59 -15.15
N THR B 541 -0.06 6.49 -15.70
CA THR B 541 0.04 5.14 -15.12
C THR B 541 0.44 4.12 -16.21
N ASP B 542 1.14 3.05 -15.79
CA ASP B 542 1.53 1.94 -16.68
C ASP B 542 0.38 0.91 -16.74
N ALA B 543 -0.03 0.40 -15.57
CA ALA B 543 -1.22 -0.48 -15.43
C ALA B 543 -2.27 0.21 -14.51
N ASP B 544 -3.20 -0.60 -13.92
CA ASP B 544 -4.29 -0.05 -13.07
C ASP B 544 -3.71 0.51 -11.76
N GLU B 545 -4.00 1.81 -11.53
CA GLU B 545 -3.47 2.62 -10.41
C GLU B 545 -1.92 2.54 -10.40
N MET B 546 -1.35 2.54 -11.64
CA MET B 546 0.09 2.39 -11.92
C MET B 546 0.49 0.91 -11.76
N SER B 547 0.37 0.37 -10.54
CA SER B 547 0.91 -0.96 -10.22
C SER B 547 0.25 -1.58 -8.96
N THR B 548 -1.05 -1.26 -8.71
CA THR B 548 -1.76 -1.74 -7.49
C THR B 548 -2.65 -2.99 -7.76
N GLN B 549 -2.58 -3.58 -8.98
CA GLN B 549 -3.33 -4.81 -9.34
C GLN B 549 -2.60 -5.59 -10.47
N MET B 550 -1.51 -6.32 -10.10
CA MET B 550 -0.72 -7.18 -11.02
C MET B 550 0.45 -7.84 -10.24
N ALA B 551 0.93 -8.99 -10.75
CA ALA B 551 1.90 -9.88 -10.06
C ALA B 551 3.30 -9.25 -9.89
N LYS B 552 4.00 -8.98 -11.02
CA LYS B 552 5.37 -8.35 -11.03
C LYS B 552 5.35 -7.03 -10.27
N LEU B 553 4.25 -6.30 -10.45
CA LEU B 553 4.09 -4.95 -9.94
C LEU B 553 4.13 -4.93 -8.38
N PHE B 554 3.43 -5.87 -7.72
CA PHE B 554 3.51 -6.05 -6.24
C PHE B 554 4.82 -6.73 -5.80
N ALA B 555 5.45 -7.47 -6.73
CA ALA B 555 6.74 -8.15 -6.49
C ALA B 555 7.95 -7.18 -6.57
N ALA B 556 7.66 -5.87 -6.77
CA ALA B 556 8.69 -4.81 -6.82
C ALA B 556 9.31 -4.57 -5.43
N ALA B 557 8.48 -4.26 -4.42
CA ALA B 557 8.92 -4.10 -3.01
C ALA B 557 7.86 -4.63 -2.05
N GLY B 558 6.59 -4.23 -2.29
CA GLY B 558 5.48 -4.59 -1.40
C GLY B 558 4.78 -3.36 -0.84
N GLN B 559 5.55 -2.48 -0.14
CA GLN B 559 5.02 -1.24 0.49
C GLN B 559 4.44 -0.33 -0.61
N LYS B 560 3.11 -0.42 -0.80
CA LYS B 560 2.29 0.29 -1.83
C LYS B 560 2.80 0.13 -3.29
N VAL B 561 3.90 -0.63 -3.49
CA VAL B 561 4.77 -0.58 -4.71
C VAL B 561 5.47 0.81 -4.86
N PRO B 562 6.82 0.84 -5.09
CA PRO B 562 7.58 2.10 -5.36
C PRO B 562 7.10 2.81 -6.63
N GLU B 563 7.00 2.04 -7.73
CA GLU B 563 6.57 2.55 -9.05
C GLU B 563 5.13 3.11 -9.03
N VAL B 564 4.32 2.69 -8.03
CA VAL B 564 2.90 3.11 -7.90
C VAL B 564 2.77 4.64 -7.76
N LYS B 565 3.85 5.25 -7.26
CA LYS B 565 3.97 6.71 -7.17
C LYS B 565 3.97 7.27 -8.60
N TYR B 566 2.85 7.90 -8.98
CA TYR B 566 2.54 8.24 -10.39
C TYR B 566 3.61 9.14 -11.04
N ILE B 567 3.65 9.09 -12.38
CA ILE B 567 4.62 9.87 -13.15
C ILE B 567 4.04 11.29 -13.38
N PHE B 568 4.68 12.27 -12.72
CA PHE B 568 4.17 13.64 -12.63
C PHE B 568 4.58 14.45 -13.88
N GLU B 569 3.61 14.64 -14.79
CA GLU B 569 3.84 15.31 -16.09
C GLU B 569 3.18 16.70 -16.06
N LEU B 570 3.97 17.76 -16.31
CA LEU B 570 3.46 19.15 -16.33
C LEU B 570 3.39 19.66 -17.78
N ASN B 571 2.52 20.67 -18.02
CA ASN B 571 2.46 21.40 -19.29
C ASN B 571 2.96 22.85 -19.07
N PRO B 572 4.18 23.23 -19.58
CA PRO B 572 4.75 24.59 -19.39
C PRO B 572 3.87 25.69 -20.03
N ASP B 573 3.06 25.27 -21.02
CA ASP B 573 2.15 26.15 -21.77
C ASP B 573 1.04 26.73 -20.88
N HIS B 574 0.59 25.98 -19.85
CA HIS B 574 -0.52 26.42 -18.99
C HIS B 574 -0.05 27.46 -17.94
N VAL B 575 -0.96 28.43 -17.63
CA VAL B 575 -0.71 29.59 -16.72
C VAL B 575 -0.12 29.17 -15.35
N LEU B 576 -0.68 28.10 -14.78
CA LEU B 576 -0.36 27.65 -13.41
C LEU B 576 1.08 27.12 -13.30
N VAL B 577 1.57 26.51 -14.39
CA VAL B 577 2.95 25.98 -14.44
C VAL B 577 3.95 27.11 -14.73
N LYS B 578 3.52 28.12 -15.52
CA LYS B 578 4.31 29.38 -15.72
C LYS B 578 4.52 30.10 -14.38
N ARG B 579 3.41 30.29 -13.65
CA ARG B 579 3.39 31.00 -12.35
C ARG B 579 4.19 30.21 -11.28
N ALA B 580 4.13 28.88 -11.37
CA ALA B 580 4.86 27.97 -10.46
C ALA B 580 6.37 27.97 -10.78
N ALA B 581 6.71 28.25 -12.05
CA ALA B 581 8.09 28.36 -12.52
C ALA B 581 8.71 29.72 -12.14
N ASP B 582 7.86 30.77 -12.08
CA ASP B 582 8.27 32.12 -11.62
C ASP B 582 8.53 32.11 -10.10
N THR B 583 7.86 31.20 -9.39
CA THR B 583 7.99 31.07 -7.94
C THR B 583 9.29 30.32 -7.60
N GLU B 584 10.30 31.07 -7.13
CA GLU B 584 11.59 30.50 -6.66
C GLU B 584 11.67 30.54 -5.12
N ASP B 585 10.67 31.19 -4.46
CA ASP B 585 10.44 31.05 -3.00
C ASP B 585 10.26 29.56 -2.69
N GLU B 586 11.22 28.97 -1.97
CA GLU B 586 11.34 27.50 -1.83
C GLU B 586 10.06 26.84 -1.27
N ALA B 587 9.39 27.53 -0.33
CA ALA B 587 8.16 27.03 0.32
C ALA B 587 7.00 26.96 -0.66
N LYS B 588 6.78 28.07 -1.40
CA LYS B 588 5.66 28.21 -2.34
C LYS B 588 5.93 27.45 -3.66
N PHE B 589 7.21 27.32 -4.06
CA PHE B 589 7.62 26.53 -5.24
C PHE B 589 7.23 25.07 -5.03
N SER B 590 7.63 24.55 -3.86
CA SER B 590 7.24 23.22 -3.40
C SER B 590 5.72 23.11 -3.28
N GLU B 591 5.07 24.17 -2.76
CA GLU B 591 3.63 24.20 -2.50
C GLU B 591 2.82 24.04 -3.81
N TRP B 592 3.33 24.66 -4.90
CA TRP B 592 2.72 24.56 -6.23
C TRP B 592 2.89 23.15 -6.81
N VAL B 593 4.10 22.57 -6.67
CA VAL B 593 4.39 21.21 -7.20
C VAL B 593 3.52 20.15 -6.48
N GLU B 594 3.38 20.31 -5.16
CA GLU B 594 2.57 19.42 -4.32
C GLU B 594 1.07 19.64 -4.57
N LEU B 595 0.69 20.88 -4.94
CA LEU B 595 -0.72 21.25 -5.27
C LEU B 595 -1.17 20.53 -6.55
N LEU B 596 -0.35 20.68 -7.60
CA LEU B 596 -0.60 20.08 -8.91
C LEU B 596 -0.59 18.55 -8.81
N LEU B 597 0.22 18.04 -7.85
CA LEU B 597 0.22 16.62 -7.47
C LEU B 597 -1.18 16.19 -7.00
N ASP B 598 -1.73 16.89 -5.99
CA ASP B 598 -3.02 16.51 -5.34
C ASP B 598 -4.16 16.52 -6.36
N GLN B 599 -4.22 17.57 -7.19
CA GLN B 599 -5.28 17.76 -8.20
C GLN B 599 -5.22 16.62 -9.25
N ALA B 600 -3.98 16.21 -9.59
CA ALA B 600 -3.73 15.07 -10.48
C ALA B 600 -4.08 13.71 -9.79
N LEU B 601 -3.78 13.60 -8.48
CA LEU B 601 -4.09 12.39 -7.67
C LEU B 601 -5.61 12.18 -7.63
N LEU B 602 -6.34 13.29 -7.49
CA LEU B 602 -7.81 13.30 -7.41
C LEU B 602 -8.44 12.79 -8.74
N ALA B 603 -7.67 12.90 -9.83
CA ALA B 603 -8.06 12.39 -11.16
C ALA B 603 -7.76 10.87 -11.28
N GLU B 604 -6.67 10.43 -10.62
CA GLU B 604 -6.05 9.10 -10.84
C GLU B 604 -6.29 8.13 -9.65
N ARG B 605 -6.91 8.64 -8.57
CA ARG B 605 -7.24 7.88 -7.34
C ARG B 605 -8.73 8.08 -7.01
N GLY B 606 -9.21 9.34 -7.17
CA GLY B 606 -10.54 9.75 -6.71
C GLY B 606 -10.57 10.05 -5.19
N THR B 607 -9.41 9.84 -4.54
CA THR B 607 -9.25 9.99 -3.08
C THR B 607 -7.83 10.55 -2.79
N LEU B 608 -7.72 11.43 -1.80
CA LEU B 608 -6.44 12.04 -1.41
C LEU B 608 -5.97 11.50 -0.06
N GLU B 609 -4.66 11.23 0.04
CA GLU B 609 -4.02 10.76 1.28
C GLU B 609 -3.98 11.90 2.33
N ASP B 610 -3.56 13.11 1.91
CA ASP B 610 -3.67 14.32 2.75
C ASP B 610 -4.63 15.33 2.06
N PRO B 611 -6.00 15.18 2.23
CA PRO B 611 -6.97 16.09 1.61
C PRO B 611 -7.00 17.47 2.31
N ASN B 612 -6.68 17.46 3.61
CA ASN B 612 -6.66 18.66 4.49
C ASN B 612 -5.71 19.72 3.90
N LEU B 613 -4.56 19.21 3.47
CA LEU B 613 -3.44 19.98 2.94
C LEU B 613 -3.77 20.59 1.57
N PHE B 614 -4.46 19.81 0.71
CA PHE B 614 -4.91 20.28 -0.63
C PHE B 614 -5.94 21.42 -0.50
N ILE B 615 -6.88 21.24 0.44
CA ILE B 615 -7.95 22.23 0.69
C ILE B 615 -7.35 23.58 1.10
N ARG B 616 -6.36 23.55 2.03
CA ARG B 616 -5.69 24.79 2.48
C ARG B 616 -4.92 25.43 1.31
N ARG B 617 -4.16 24.61 0.55
CA ARG B 617 -3.35 25.08 -0.60
C ARG B 617 -4.20 25.76 -1.68
N MET B 618 -5.40 25.19 -1.93
CA MET B 618 -6.35 25.69 -2.94
C MET B 618 -6.85 27.08 -2.52
N ASN B 619 -7.48 27.13 -1.34
CA ASN B 619 -8.11 28.36 -0.80
C ASN B 619 -7.09 29.48 -0.60
N GLN B 620 -5.86 29.09 -0.22
CA GLN B 620 -4.75 30.01 0.00
C GLN B 620 -4.34 30.66 -1.33
N LEU B 621 -4.08 29.83 -2.35
CA LEU B 621 -3.65 30.32 -3.68
C LEU B 621 -4.85 30.85 -4.52
N LEU B 622 -6.07 30.82 -3.92
CA LEU B 622 -7.23 31.59 -4.43
C LEU B 622 -7.16 33.04 -3.90
N VAL B 623 -6.87 33.22 -2.59
CA VAL B 623 -6.84 34.54 -1.94
C VAL B 623 -5.47 35.26 -2.12
N SER B 624 -4.41 34.47 -2.35
CA SER B 624 -3.04 34.97 -2.53
C SER B 624 -2.83 35.43 -3.99
N MET C 1 -13.48 35.15 18.25
CA MET C 1 -14.55 34.41 17.55
C MET C 1 -14.66 32.98 18.13
N ALA C 2 -15.69 32.76 18.99
CA ALA C 2 -15.87 31.51 19.75
C ALA C 2 -14.67 31.27 20.69
N THR C 3 -14.78 31.79 21.94
CA THR C 3 -13.69 31.86 22.94
C THR C 3 -12.93 30.51 23.09
N SER C 4 -13.70 29.48 23.48
CA SER C 4 -13.22 28.09 23.65
C SER C 4 -12.13 27.96 24.75
N THR C 5 -11.88 26.69 25.11
CA THR C 5 -10.78 26.30 26.01
C THR C 5 -10.24 24.97 25.47
N LEU C 6 -9.13 25.06 24.70
CA LEU C 6 -8.56 23.96 23.88
C LEU C 6 -9.49 23.62 22.68
N ILE C 7 -8.90 23.02 21.62
CA ILE C 7 -9.63 22.63 20.39
C ILE C 7 -9.14 21.26 19.88
N LYS C 8 -9.96 20.65 19.00
CA LYS C 8 -9.65 19.34 18.38
C LYS C 8 -8.73 19.57 17.15
N ALA C 9 -9.18 20.49 16.26
CA ALA C 9 -8.37 21.04 15.13
C ALA C 9 -7.74 19.93 14.27
N ILE C 10 -6.45 20.11 13.88
CA ILE C 10 -5.59 19.07 13.25
C ILE C 10 -6.23 18.50 11.95
N ASP C 11 -5.86 17.26 11.56
CA ASP C 11 -6.56 16.48 10.51
C ASP C 11 -8.10 16.54 10.74
N GLY C 12 -8.51 16.20 11.96
CA GLY C 12 -9.91 16.25 12.38
C GLY C 12 -10.09 15.65 13.77
N ASP C 13 -10.43 14.34 13.82
CA ASP C 13 -10.63 13.60 15.08
C ASP C 13 -10.70 12.08 14.78
N THR C 14 -10.89 11.28 15.87
CA THR C 14 -10.82 9.80 15.82
C THR C 14 -9.41 9.36 15.33
N VAL C 15 -8.41 10.20 15.68
CA VAL C 15 -7.02 10.04 15.24
C VAL C 15 -6.25 9.04 16.15
N LYS C 16 -6.93 8.61 17.25
CA LYS C 16 -6.43 7.64 18.26
C LYS C 16 -5.45 8.30 19.26
N LEU C 17 -4.57 9.19 18.75
CA LEU C 17 -3.52 9.87 19.51
C LEU C 17 -2.48 8.82 19.95
N MET C 18 -1.67 8.37 18.96
CA MET C 18 -0.44 7.57 19.19
C MET C 18 -0.73 6.11 19.60
N TYR C 19 0.32 5.26 19.54
CA TYR C 19 0.23 3.79 19.83
C TYR C 19 1.64 3.17 19.93
N LYS C 20 1.69 1.96 20.53
CA LYS C 20 2.92 1.13 20.60
C LYS C 20 3.18 0.53 19.21
N GLY C 21 4.35 0.80 18.64
CA GLY C 21 4.73 0.27 17.34
C GLY C 21 6.18 0.55 17.03
N GLN C 22 6.58 0.33 15.76
CA GLN C 22 7.93 0.66 15.24
C GLN C 22 9.10 0.18 16.17
N PRO C 23 9.26 -1.17 16.39
CA PRO C 23 10.35 -1.72 17.23
C PRO C 23 11.68 -1.86 16.43
N MET C 24 12.09 -0.73 15.82
CA MET C 24 13.28 -0.63 14.96
C MET C 24 14.60 -0.59 15.79
N THR C 25 14.45 -0.35 17.10
CA THR C 25 15.55 -0.04 18.03
C THR C 25 15.99 -1.29 18.84
N PHE C 26 17.01 -1.11 19.71
CA PHE C 26 17.62 -2.20 20.51
C PHE C 26 17.66 -1.88 22.03
N ARG C 27 16.99 -0.78 22.44
CA ARG C 27 16.93 -0.30 23.84
C ARG C 27 18.33 0.12 24.35
N LEU C 28 18.68 1.41 24.12
CA LEU C 28 19.87 2.07 24.72
C LEU C 28 19.50 3.54 24.96
N LEU C 29 19.91 4.09 26.11
CA LEU C 29 19.52 5.45 26.52
C LEU C 29 20.54 6.01 27.55
N LEU C 30 20.60 7.36 27.66
CA LEU C 30 21.47 8.07 28.61
C LEU C 30 21.04 7.83 30.08
N VAL C 31 21.48 6.69 30.63
CA VAL C 31 21.23 6.32 32.03
C VAL C 31 22.28 7.01 32.95
N ASP C 32 21.79 7.88 33.85
CA ASP C 32 22.60 8.57 34.87
C ASP C 32 22.65 7.73 36.15
N THR C 33 21.47 7.53 36.73
CA THR C 33 21.28 6.80 37.97
C THR C 33 21.20 5.29 37.65
N PRO C 34 22.20 4.45 38.11
CA PRO C 34 22.32 3.02 37.70
C PRO C 34 21.22 2.12 38.31
N GLU C 35 20.01 2.23 37.72
CA GLU C 35 18.83 1.47 38.11
C GLU C 35 17.79 1.56 36.98
N THR C 36 17.41 0.38 36.44
CA THR C 36 16.41 0.26 35.36
C THR C 36 16.04 -1.23 35.17
N LYS C 37 14.88 -1.49 34.55
CA LYS C 37 14.38 -2.84 34.28
C LYS C 37 14.42 -3.15 32.77
N HIS C 38 14.31 -4.43 32.43
CA HIS C 38 14.25 -4.92 31.05
C HIS C 38 12.87 -5.57 30.82
N PRO C 39 12.15 -5.23 29.70
CA PRO C 39 10.87 -5.90 29.36
C PRO C 39 11.07 -7.42 29.19
N LYS C 40 10.31 -8.22 29.95
CA LYS C 40 10.54 -9.68 30.11
C LYS C 40 10.47 -10.40 28.74
N LYS C 41 9.23 -10.65 28.26
CA LYS C 41 8.95 -11.30 26.94
C LYS C 41 9.63 -12.70 26.81
N GLY C 42 8.87 -13.78 27.04
CA GLY C 42 9.38 -15.15 26.96
C GLY C 42 8.31 -16.16 26.53
N VAL C 43 7.25 -15.66 25.87
CA VAL C 43 6.12 -16.47 25.38
C VAL C 43 6.18 -16.57 23.85
N GLU C 44 6.42 -17.79 23.34
CA GLU C 44 6.41 -18.09 21.90
C GLU C 44 5.84 -19.52 21.74
N LYS C 45 4.74 -19.64 20.96
CA LYS C 45 3.89 -20.86 20.96
C LYS C 45 4.56 -22.05 20.24
N TYR C 46 4.42 -22.16 18.90
CA TYR C 46 4.92 -23.34 18.14
C TYR C 46 4.91 -23.08 16.61
N GLY C 47 3.74 -23.25 15.96
CA GLY C 47 3.58 -23.11 14.50
C GLY C 47 2.31 -23.80 14.00
N PRO C 48 1.78 -23.45 12.78
CA PRO C 48 0.46 -23.94 12.30
C PRO C 48 0.47 -25.36 11.67
N GLU C 49 1.57 -25.70 10.94
CA GLU C 49 1.68 -26.91 10.08
C GLU C 49 0.72 -26.79 8.86
N ALA C 50 1.28 -26.95 7.64
CA ALA C 50 0.53 -26.84 6.37
C ALA C 50 0.55 -28.18 5.60
N SER C 51 -0.36 -28.30 4.62
CA SER C 51 -0.42 -29.44 3.69
C SER C 51 -1.33 -29.09 2.51
N ALA C 52 -0.74 -29.05 1.30
CA ALA C 52 -1.44 -28.76 0.05
C ALA C 52 -0.54 -29.24 -1.12
N PHE C 53 -0.80 -30.48 -1.59
CA PHE C 53 0.03 -31.16 -2.60
C PHE C 53 -0.85 -31.62 -3.79
N THR C 54 -0.87 -30.83 -4.88
CA THR C 54 -1.67 -31.10 -6.10
C THR C 54 -1.12 -30.29 -7.30
N LYS C 55 -0.59 -31.00 -8.33
CA LYS C 55 -0.06 -30.38 -9.57
C LYS C 55 0.27 -31.47 -10.63
N LYS C 56 -0.50 -31.50 -11.74
CA LYS C 56 -0.19 -32.31 -12.94
C LYS C 56 -0.59 -31.52 -14.20
N MET C 57 0.30 -31.54 -15.23
CA MET C 57 0.10 -30.82 -16.50
C MET C 57 0.44 -31.75 -17.69
N VAL C 58 -0.43 -31.74 -18.72
CA VAL C 58 -0.19 -32.46 -19.99
C VAL C 58 -1.08 -31.85 -21.09
N GLU C 59 -0.59 -31.91 -22.35
CA GLU C 59 -1.31 -31.38 -23.53
C GLU C 59 -1.90 -32.54 -24.35
N ASN C 60 -1.03 -33.57 -24.61
CA ASN C 60 -1.36 -34.79 -25.40
C ASN C 60 -1.66 -34.45 -26.89
N ALA C 61 -1.91 -35.46 -27.76
CA ALA C 61 -2.23 -35.27 -29.20
C ALA C 61 -3.44 -34.34 -29.42
N LYS C 62 -3.45 -33.62 -30.57
CA LYS C 62 -4.52 -32.66 -30.91
C LYS C 62 -5.76 -33.37 -31.47
N LYS C 63 -5.52 -34.24 -32.48
CA LYS C 63 -6.58 -34.92 -33.30
C LYS C 63 -7.28 -33.92 -34.25
N ILE C 64 -7.81 -34.45 -35.36
CA ILE C 64 -8.67 -33.69 -36.28
C ILE C 64 -9.99 -33.34 -35.54
N GLU C 65 -10.00 -32.16 -34.90
CA GLU C 65 -11.11 -31.66 -34.08
C GLU C 65 -10.92 -30.14 -33.88
N VAL C 66 -12.01 -29.45 -33.46
CA VAL C 66 -12.07 -28.00 -33.22
C VAL C 66 -10.90 -27.51 -32.33
N GLU C 67 -10.34 -26.34 -32.71
CA GLU C 67 -9.18 -25.73 -32.06
C GLU C 67 -9.58 -25.13 -30.70
N PHE C 68 -9.61 -25.98 -29.67
CA PHE C 68 -9.74 -25.57 -28.25
C PHE C 68 -8.54 -26.12 -27.47
N ASP C 69 -7.38 -26.14 -28.17
CA ASP C 69 -6.09 -26.53 -27.62
C ASP C 69 -5.64 -25.52 -26.57
N LYS C 70 -5.57 -25.97 -25.32
CA LYS C 70 -5.21 -25.11 -24.18
C LYS C 70 -4.04 -25.74 -23.40
N GLY C 71 -2.82 -25.24 -23.67
CA GLY C 71 -1.66 -25.51 -22.81
C GLY C 71 -1.88 -24.90 -21.45
N GLN C 72 -2.36 -25.72 -20.49
CA GLN C 72 -2.93 -25.23 -19.22
C GLN C 72 -1.91 -24.44 -18.38
N ARG C 73 -2.39 -23.36 -17.77
CA ARG C 73 -1.62 -22.51 -16.87
C ARG C 73 -2.14 -22.74 -15.42
N THR C 74 -1.24 -23.21 -14.53
CA THR C 74 -1.64 -23.78 -13.22
C THR C 74 -0.75 -23.25 -12.06
N ASP C 75 -1.35 -22.36 -11.23
CA ASP C 75 -0.88 -22.07 -9.85
C ASP C 75 -1.98 -21.30 -9.05
N LYS C 76 -2.10 -19.95 -9.22
CA LYS C 76 -2.96 -19.08 -8.36
C LYS C 76 -3.60 -17.94 -9.19
N TYR C 77 -4.94 -18.02 -9.41
CA TYR C 77 -5.69 -17.00 -10.21
C TYR C 77 -7.00 -16.64 -9.48
N GLY C 78 -8.03 -17.52 -9.63
CA GLY C 78 -9.29 -17.43 -8.89
C GLY C 78 -10.03 -16.10 -9.01
N ARG C 79 -10.36 -15.67 -10.25
CA ARG C 79 -11.20 -14.45 -10.46
C ARG C 79 -12.63 -14.88 -10.84
N GLY C 80 -12.86 -15.08 -12.17
CA GLY C 80 -14.19 -15.38 -12.71
C GLY C 80 -14.21 -16.75 -13.36
N LEU C 81 -13.66 -16.86 -14.60
CA LEU C 81 -13.74 -18.10 -15.38
C LEU C 81 -12.71 -18.17 -16.55
N ALA C 82 -12.80 -19.29 -17.33
CA ALA C 82 -12.14 -19.54 -18.66
C ALA C 82 -12.22 -21.06 -18.98
N TYR C 83 -11.66 -21.53 -20.12
CA TYR C 83 -11.44 -22.99 -20.35
C TYR C 83 -10.51 -23.50 -19.24
N ILE C 84 -9.36 -22.83 -19.14
CA ILE C 84 -8.46 -22.96 -17.99
C ILE C 84 -8.75 -21.77 -17.04
N TYR C 85 -7.94 -20.67 -17.13
CA TYR C 85 -8.05 -19.48 -16.24
C TYR C 85 -7.48 -18.26 -16.98
N ALA C 86 -8.09 -17.08 -16.75
CA ALA C 86 -7.66 -15.81 -17.37
C ALA C 86 -6.38 -15.27 -16.69
N ASP C 87 -5.36 -14.99 -17.52
CA ASP C 87 -4.05 -14.49 -17.06
C ASP C 87 -4.00 -12.95 -17.10
N GLY C 88 -2.82 -12.42 -16.70
CA GLY C 88 -2.50 -10.99 -16.82
C GLY C 88 -2.13 -10.59 -18.25
N LYS C 89 -2.19 -11.57 -19.18
CA LYS C 89 -1.98 -11.35 -20.62
C LYS C 89 -3.01 -10.35 -21.19
N MET C 90 -4.27 -10.40 -20.68
CA MET C 90 -5.31 -9.44 -21.09
C MET C 90 -5.20 -8.11 -20.32
N VAL C 91 -4.63 -8.16 -19.09
CA VAL C 91 -4.49 -6.95 -18.24
C VAL C 91 -3.40 -6.01 -18.85
N ASN C 92 -3.86 -5.00 -19.64
CA ASN C 92 -2.96 -4.09 -20.37
C ASN C 92 -3.63 -2.70 -20.61
N GLU C 93 -4.43 -2.59 -21.69
CA GLU C 93 -4.97 -1.31 -22.21
C GLU C 93 -5.71 -1.61 -23.55
N ALA C 94 -6.79 -0.87 -23.85
CA ALA C 94 -7.47 -0.98 -25.16
C ALA C 94 -8.24 0.30 -25.51
N LEU C 95 -9.45 0.45 -24.94
CA LEU C 95 -10.44 1.42 -25.42
C LEU C 95 -10.36 2.75 -24.65
N VAL C 96 -9.17 3.35 -24.71
CA VAL C 96 -8.92 4.79 -24.46
C VAL C 96 -8.07 5.34 -25.62
N ARG C 97 -8.08 4.57 -26.75
CA ARG C 97 -7.34 4.91 -27.98
C ARG C 97 -8.07 6.00 -28.80
N GLN C 98 -7.27 6.80 -29.51
CA GLN C 98 -7.73 7.88 -30.41
C GLN C 98 -8.69 7.35 -31.51
N GLY C 99 -9.76 8.12 -31.79
CA GLY C 99 -10.70 7.79 -32.87
C GLY C 99 -12.14 8.16 -32.51
N LEU C 100 -12.45 9.46 -32.53
CA LEU C 100 -13.83 9.95 -32.35
C LEU C 100 -14.01 11.29 -33.08
N ALA C 101 -15.05 11.34 -33.94
CA ALA C 101 -15.50 12.55 -34.61
C ALA C 101 -16.81 12.25 -35.33
N LYS C 102 -17.94 12.78 -34.82
CA LYS C 102 -19.24 12.60 -35.47
C LYS C 102 -20.22 13.73 -35.06
N VAL C 103 -20.64 14.51 -36.08
CA VAL C 103 -21.55 15.68 -36.00
C VAL C 103 -21.16 16.77 -34.96
N ALA C 104 -21.83 17.94 -35.05
CA ALA C 104 -21.55 19.11 -34.20
C ALA C 104 -22.77 19.45 -33.33
N TYR C 105 -22.53 19.83 -32.06
CA TYR C 105 -23.58 20.17 -31.08
C TYR C 105 -22.97 20.85 -29.85
N VAL C 106 -23.66 21.89 -29.36
CA VAL C 106 -23.28 22.64 -28.16
C VAL C 106 -24.58 23.15 -27.48
N TYR C 107 -24.66 23.00 -26.15
CA TYR C 107 -25.83 23.43 -25.36
C TYR C 107 -25.43 23.63 -23.89
N LYS C 108 -25.92 24.70 -23.26
CA LYS C 108 -25.63 25.04 -21.86
C LYS C 108 -26.82 24.65 -20.95
N PRO C 109 -26.56 24.20 -19.67
CA PRO C 109 -27.63 23.79 -18.71
C PRO C 109 -28.59 24.94 -18.30
N ASN C 110 -29.71 24.57 -17.63
CA ASN C 110 -30.67 25.54 -17.07
C ASN C 110 -30.56 25.56 -15.55
N ASN C 111 -30.60 26.77 -14.94
CA ASN C 111 -30.54 26.95 -13.46
C ASN C 111 -31.50 28.09 -13.03
N THR C 112 -31.81 28.18 -11.71
CA THR C 112 -32.79 29.14 -11.14
C THR C 112 -32.45 29.46 -9.66
N HIS C 113 -32.68 30.73 -9.23
CA HIS C 113 -32.45 31.16 -7.83
C HIS C 113 -33.78 31.25 -7.03
N GLU C 114 -33.67 31.76 -5.79
CA GLU C 114 -34.82 31.97 -4.89
C GLU C 114 -34.47 33.16 -3.94
N GLN C 115 -35.51 33.83 -3.38
CA GLN C 115 -35.34 35.00 -2.48
C GLN C 115 -36.02 34.75 -1.12
N HIS C 116 -35.32 35.12 -0.03
CA HIS C 116 -35.79 34.97 1.37
C HIS C 116 -35.10 36.04 2.28
N LEU C 117 -35.36 35.94 3.60
CA LEU C 117 -34.67 36.73 4.65
C LEU C 117 -34.67 35.92 5.97
N ARG C 118 -33.83 36.34 6.94
CA ARG C 118 -33.71 35.64 8.25
C ARG C 118 -33.27 36.61 9.38
N LYS C 119 -33.78 36.34 10.59
CA LYS C 119 -33.49 37.09 11.81
C LYS C 119 -33.36 36.08 12.98
N SER C 120 -32.13 35.86 13.47
CA SER C 120 -31.87 34.92 14.59
C SER C 120 -31.02 35.61 15.68
N GLU C 121 -31.39 35.37 16.96
CA GLU C 121 -30.71 35.93 18.14
C GLU C 121 -29.57 35.00 18.60
N ALA C 122 -28.77 35.49 19.56
CA ALA C 122 -27.69 34.71 20.20
C ALA C 122 -28.27 33.70 21.20
N GLN C 123 -27.53 32.60 21.46
CA GLN C 123 -27.94 31.58 22.42
C GLN C 123 -27.70 32.04 23.87
N ALA C 124 -26.44 31.95 24.34
CA ALA C 124 -26.10 32.19 25.76
C ALA C 124 -24.60 32.40 25.92
N LYS C 125 -24.23 33.34 26.79
CA LYS C 125 -22.83 33.65 27.09
C LYS C 125 -22.49 33.07 28.48
N LYS C 126 -21.80 31.93 28.49
CA LYS C 126 -21.24 31.35 29.72
C LYS C 126 -19.85 30.79 29.39
N GLU C 127 -18.82 31.49 29.86
CA GLU C 127 -17.41 31.05 29.76
C GLU C 127 -16.83 31.06 31.17
N LYS C 128 -16.39 29.88 31.63
CA LYS C 128 -15.76 29.72 32.95
C LYS C 128 -14.66 28.67 32.84
N LEU C 129 -13.45 29.06 33.19
CA LEU C 129 -12.28 28.19 33.26
C LEU C 129 -11.91 28.00 34.76
N ASN C 130 -11.98 26.74 35.23
CA ASN C 130 -11.87 26.38 36.66
C ASN C 130 -10.50 25.74 36.97
N ILE C 131 -9.92 26.07 38.15
CA ILE C 131 -8.65 25.48 38.63
C ILE C 131 -8.86 24.87 40.03
N TRP C 132 -8.16 23.76 40.34
CA TRP C 132 -8.18 23.14 41.68
C TRP C 132 -7.20 23.89 42.61
N MET A 1 6.85 23.30 32.23
CA MET A 1 5.40 23.40 31.92
C MET A 1 5.17 24.40 30.78
N LYS A 2 5.93 25.51 30.82
CA LYS A 2 6.01 26.47 29.73
C LYS A 2 7.21 26.08 28.86
N GLY A 3 6.93 25.43 27.73
CA GLY A 3 7.95 24.95 26.81
C GLY A 3 7.54 25.19 25.38
N GLN A 4 7.90 26.38 24.84
CA GLN A 4 7.65 26.76 23.44
C GLN A 4 8.57 27.94 23.04
N GLU A 5 9.86 27.62 22.87
CA GLU A 5 10.91 28.58 22.47
C GLU A 5 11.76 27.96 21.34
N THR A 6 13.01 28.49 21.17
CA THR A 6 14.03 27.99 20.23
C THR A 6 13.55 28.07 18.75
N ARG A 7 13.80 29.24 18.14
CA ARG A 7 13.25 29.60 16.83
C ARG A 7 14.20 29.13 15.70
N GLY A 8 14.01 27.88 15.24
CA GLY A 8 14.78 27.32 14.13
C GLY A 8 14.48 28.02 12.80
N PHE A 9 15.47 28.75 12.28
CA PHE A 9 15.33 29.52 11.02
C PHE A 9 15.49 28.61 9.79
N GLN A 10 14.94 29.05 8.64
CA GLN A 10 15.00 28.31 7.36
C GLN A 10 15.27 29.29 6.20
N SER A 11 16.51 29.27 5.69
CA SER A 11 16.94 30.10 4.54
C SER A 11 17.99 29.35 3.69
N GLU A 12 18.00 28.01 3.82
CA GLU A 12 18.97 27.14 3.14
C GLU A 12 18.52 26.93 1.68
N VAL A 13 18.84 27.94 0.83
CA VAL A 13 18.40 27.98 -0.58
C VAL A 13 19.02 26.82 -1.40
N LYS A 14 20.32 26.52 -1.14
CA LYS A 14 21.07 25.43 -1.80
C LYS A 14 22.44 25.26 -1.10
N GLN A 15 23.06 24.08 -1.28
CA GLN A 15 24.39 23.73 -0.68
C GLN A 15 25.49 24.73 -1.13
N LEU A 16 25.77 24.75 -2.45
CA LEU A 16 26.87 25.57 -3.04
C LEU A 16 26.63 27.07 -2.83
N LEU A 17 25.35 27.47 -2.87
CA LEU A 17 24.94 28.87 -2.67
C LEU A 17 25.13 29.30 -1.20
N HIS A 18 25.04 28.33 -0.26
CA HIS A 18 25.30 28.57 1.19
C HIS A 18 26.80 28.74 1.43
N LEU A 19 27.62 28.08 0.58
CA LEU A 19 29.09 28.15 0.63
C LEU A 19 29.57 29.55 0.23
N MET A 20 29.03 30.05 -0.90
CA MET A 20 29.44 31.33 -1.53
C MET A 20 29.21 32.56 -0.63
N ILE A 21 28.17 32.50 0.22
CA ILE A 21 27.81 33.61 1.13
C ILE A 21 28.90 33.82 2.22
N HIS A 22 29.30 32.72 2.88
CA HIS A 22 30.22 32.79 4.05
C HIS A 22 31.70 32.59 3.64
N SER A 23 31.95 32.26 2.36
CA SER A 23 33.32 32.22 1.79
C SER A 23 33.85 33.65 1.53
N LEU A 24 32.98 34.66 1.71
CA LEU A 24 33.37 36.07 1.72
C LEU A 24 34.08 36.39 3.06
N TYR A 25 33.37 36.06 4.17
CA TYR A 25 33.86 36.15 5.57
C TYR A 25 34.12 37.61 6.00
N SER A 26 33.73 38.59 5.13
CA SER A 26 34.01 40.05 5.29
C SER A 26 35.53 40.34 5.29
N ASN A 27 36.36 39.34 4.89
CA ASN A 27 37.83 39.42 5.02
C ASN A 27 38.53 39.18 3.66
N LYS A 28 37.95 38.29 2.82
CA LYS A 28 38.49 37.84 1.50
C LYS A 28 39.66 36.83 1.69
N GLU A 29 40.61 37.22 2.55
CA GLU A 29 41.82 36.46 2.95
C GLU A 29 41.55 35.02 3.48
N ILE A 30 40.26 34.70 3.72
CA ILE A 30 39.77 33.33 4.01
C ILE A 30 40.18 32.33 2.88
N PHE A 31 40.56 32.85 1.68
CA PHE A 31 41.11 32.03 0.60
C PHE A 31 42.43 31.36 1.04
N LEU A 32 43.29 32.12 1.76
CA LEU A 32 44.56 31.57 2.30
C LEU A 32 44.29 30.43 3.29
N ARG A 33 43.17 30.52 4.04
CA ARG A 33 42.77 29.45 5.00
C ARG A 33 42.56 28.15 4.27
N GLU A 34 41.70 28.18 3.26
CA GLU A 34 41.26 27.00 2.51
C GLU A 34 42.38 26.42 1.64
N LEU A 35 43.20 27.28 1.01
CA LEU A 35 44.34 26.86 0.19
C LEU A 35 45.30 26.01 1.05
N ILE A 36 45.76 26.59 2.17
CA ILE A 36 46.64 25.91 3.12
C ILE A 36 45.93 24.67 3.73
N SER A 37 44.63 24.80 4.04
CA SER A 37 43.82 23.73 4.69
C SER A 37 43.72 22.50 3.78
N ASN A 38 43.58 22.75 2.47
CA ASN A 38 43.48 21.69 1.46
C ASN A 38 44.87 21.16 1.10
N ALA A 39 45.92 21.94 1.40
CA ALA A 39 47.31 21.51 1.24
C ALA A 39 47.72 20.63 2.43
N SER A 40 47.15 20.96 3.59
CA SER A 40 47.36 20.26 4.87
C SER A 40 46.61 18.94 4.87
N ASP A 41 45.44 18.93 4.21
CA ASP A 41 44.65 17.73 4.02
C ASP A 41 45.38 16.82 3.04
N ALA A 42 45.79 17.37 1.88
CA ALA A 42 46.55 16.64 0.84
C ALA A 42 47.90 16.11 1.38
N ALA A 43 48.46 16.79 2.39
CA ALA A 43 49.69 16.38 3.09
C ALA A 43 49.45 15.10 3.90
N ASP A 44 48.33 15.07 4.66
CA ASP A 44 48.00 13.92 5.51
C ASP A 44 47.54 12.73 4.63
N LYS A 45 46.79 13.03 3.56
CA LYS A 45 46.38 12.03 2.52
C LYS A 45 47.62 11.27 2.04
N LEU A 46 48.72 12.02 1.78
CA LEU A 46 50.00 11.43 1.36
C LEU A 46 50.61 10.57 2.47
N ARG A 47 50.51 11.00 3.74
CA ARG A 47 51.09 10.27 4.90
C ARG A 47 50.58 8.82 4.95
N PHE A 48 49.26 8.62 4.74
CA PHE A 48 48.65 7.26 4.73
C PHE A 48 49.04 6.49 3.47
N ARG A 49 48.97 7.15 2.29
CA ARG A 49 49.37 6.51 1.02
C ARG A 49 50.86 6.10 1.08
N ALA A 50 51.65 6.88 1.83
CA ALA A 50 53.10 6.68 2.01
C ALA A 50 53.39 5.60 3.06
N LEU A 51 52.38 5.28 3.90
CA LEU A 51 52.42 4.07 4.75
C LEU A 51 52.18 2.84 3.87
N SER A 52 51.40 3.00 2.79
CA SER A 52 51.05 1.91 1.87
C SER A 52 52.10 1.79 0.76
N ASN A 53 52.94 2.83 0.61
CA ASN A 53 54.02 2.90 -0.40
C ASN A 53 54.98 4.07 -0.04
N PRO A 54 56.11 3.82 0.67
CA PRO A 54 57.06 4.91 1.10
C PRO A 54 57.84 5.56 -0.08
N ASP A 55 57.83 4.89 -1.25
CA ASP A 55 58.49 5.39 -2.49
C ASP A 55 57.86 6.70 -2.98
N LEU A 56 56.61 6.98 -2.52
CA LEU A 56 55.86 8.20 -2.88
C LEU A 56 56.58 9.49 -2.40
N TYR A 57 57.48 9.36 -1.40
CA TYR A 57 58.26 10.49 -0.88
C TYR A 57 59.29 11.00 -1.92
N GLU A 58 59.74 10.13 -2.85
CA GLU A 58 60.67 10.53 -3.96
C GLU A 58 62.04 11.05 -3.44
N GLY A 59 62.32 10.82 -2.16
CA GLY A 59 63.47 11.43 -1.47
C GLY A 59 63.06 12.68 -0.70
N ASP A 60 62.15 13.48 -1.30
CA ASP A 60 61.58 14.66 -0.66
C ASP A 60 60.42 14.21 0.28
N GLY A 61 60.78 13.83 1.50
CA GLY A 61 59.82 13.33 2.49
C GLY A 61 59.31 14.40 3.44
N GLU A 62 60.05 15.53 3.50
CA GLU A 62 59.72 16.66 4.39
C GLU A 62 58.56 17.46 3.79
N LEU A 63 57.33 17.10 4.22
CA LEU A 63 56.10 17.68 3.69
C LEU A 63 55.87 19.08 4.31
N ARG A 64 55.73 20.08 3.43
CA ARG A 64 55.40 21.47 3.78
C ARG A 64 54.68 22.12 2.59
N VAL A 65 53.95 23.21 2.88
CA VAL A 65 53.36 24.08 1.84
C VAL A 65 54.09 25.43 1.88
N ARG A 66 54.48 25.93 0.69
CA ARG A 66 55.33 27.11 0.54
C ARG A 66 54.61 28.19 -0.28
N VAL A 67 54.53 29.39 0.30
CA VAL A 67 53.90 30.55 -0.32
C VAL A 67 54.99 31.43 -0.94
N SER A 68 54.96 31.49 -2.27
CA SER A 68 55.84 32.33 -3.08
C SER A 68 54.97 33.39 -3.74
N PHE A 69 55.60 34.47 -4.23
CA PHE A 69 54.88 35.57 -4.87
C PHE A 69 55.86 36.51 -5.58
N ASP A 70 55.35 37.20 -6.60
CA ASP A 70 56.07 38.32 -7.21
C ASP A 70 55.14 39.53 -7.22
N LYS A 71 55.70 40.68 -6.80
CA LYS A 71 54.94 41.90 -6.53
C LYS A 71 54.51 42.60 -7.83
N ASP A 72 55.41 42.56 -8.84
CA ASP A 72 55.18 43.20 -10.15
C ASP A 72 54.28 42.34 -11.05
N LYS A 73 54.54 41.01 -11.04
CA LYS A 73 53.77 40.04 -11.86
C LYS A 73 52.34 39.89 -11.31
N ARG A 74 52.17 40.27 -10.03
CA ARG A 74 50.88 40.25 -9.30
C ARG A 74 50.32 38.84 -9.20
N THR A 75 51.22 37.88 -8.97
CA THR A 75 50.89 36.46 -8.82
C THR A 75 51.34 35.96 -7.44
N LEU A 76 50.41 35.34 -6.71
CA LEU A 76 50.64 34.72 -5.41
C LEU A 76 50.53 33.19 -5.61
N THR A 77 51.65 32.47 -5.49
CA THR A 77 51.75 31.03 -5.81
C THR A 77 51.94 30.20 -4.53
N ILE A 78 50.84 29.56 -4.08
CA ILE A 78 50.85 28.68 -2.90
C ILE A 78 50.97 27.24 -3.41
N SER A 79 52.13 26.62 -3.15
CA SER A 79 52.48 25.29 -3.68
C SER A 79 52.90 24.35 -2.55
N ASP A 80 52.14 23.25 -2.36
CA ASP A 80 52.50 22.16 -1.44
C ASP A 80 53.27 21.07 -2.19
N ASN A 81 54.09 20.31 -1.45
CA ASN A 81 54.74 19.09 -1.97
C ASN A 81 53.99 17.85 -1.45
N GLY A 82 52.68 18.01 -1.17
CA GLY A 82 51.84 16.93 -0.64
C GLY A 82 51.62 15.79 -1.64
N VAL A 83 50.49 15.07 -1.53
CA VAL A 83 50.21 13.95 -2.46
C VAL A 83 50.08 14.46 -3.91
N GLY A 84 49.53 15.67 -4.05
CA GLY A 84 49.11 16.18 -5.35
C GLY A 84 47.76 15.61 -5.73
N MET A 85 47.38 15.72 -7.00
CA MET A 85 46.07 15.26 -7.48
C MET A 85 46.21 14.68 -8.89
N THR A 86 45.55 13.54 -9.13
CA THR A 86 45.35 12.99 -10.47
C THR A 86 44.28 13.81 -11.20
N ARG A 87 44.15 13.61 -12.53
CA ARG A 87 43.11 14.25 -13.36
C ARG A 87 41.72 14.08 -12.74
N ASP A 88 41.47 12.86 -12.25
CA ASP A 88 40.20 12.45 -11.63
C ASP A 88 39.92 13.30 -10.39
N GLU A 89 40.93 13.41 -9.50
CA GLU A 89 40.80 14.13 -8.22
C GLU A 89 40.52 15.64 -8.45
N VAL A 90 41.18 16.23 -9.46
CA VAL A 90 41.05 17.68 -9.80
C VAL A 90 39.62 17.99 -10.30
N ILE A 91 39.07 17.06 -11.11
CA ILE A 91 37.69 17.19 -11.62
C ILE A 91 36.69 17.03 -10.47
N ASP A 92 36.97 16.08 -9.54
CA ASP A 92 36.15 15.84 -8.33
C ASP A 92 36.23 17.01 -7.33
N HIS A 93 37.25 17.88 -7.49
CA HIS A 93 37.37 19.11 -6.69
C HIS A 93 36.89 20.31 -7.52
N LEU A 94 37.82 20.89 -8.29
CA LEU A 94 37.62 22.17 -9.00
C LEU A 94 36.55 22.05 -10.08
N GLY A 95 36.63 20.96 -10.88
CA GLY A 95 35.72 20.73 -11.99
C GLY A 95 34.25 20.66 -11.57
N THR A 96 34.00 20.01 -10.41
CA THR A 96 32.64 19.83 -9.88
C THR A 96 32.11 21.13 -9.25
N ILE A 97 33.01 22.04 -8.81
CA ILE A 97 32.60 23.37 -8.26
C ILE A 97 32.23 24.30 -9.43
N ALA A 98 32.99 24.14 -10.52
CA ALA A 98 32.77 24.84 -11.79
C ALA A 98 31.63 24.16 -12.57
N LYS A 99 31.49 24.50 -13.87
CA LYS A 99 30.31 24.09 -14.65
C LYS A 99 30.52 22.67 -15.22
N SER A 100 30.18 21.65 -14.42
CA SER A 100 30.34 20.23 -14.79
C SER A 100 28.96 19.60 -15.02
N GLY A 101 28.15 19.51 -13.95
CA GLY A 101 26.81 18.91 -14.01
C GLY A 101 26.59 17.92 -12.87
N THR A 102 26.76 18.40 -11.63
CA THR A 102 26.67 17.56 -10.42
C THR A 102 25.21 17.43 -9.94
N LYS A 103 24.36 18.42 -10.33
CA LYS A 103 22.89 18.43 -10.04
C LYS A 103 22.61 18.42 -8.52
N SER A 104 22.68 17.21 -7.92
CA SER A 104 22.69 17.02 -6.46
C SER A 104 23.96 16.24 -6.11
N PHE A 105 24.04 14.98 -6.61
CA PHE A 105 25.24 14.12 -6.50
C PHE A 105 25.65 13.56 -7.87
N LEU A 106 24.81 13.77 -8.88
CA LEU A 106 25.02 13.29 -10.27
C LEU A 106 23.78 13.72 -11.07
N GLU A 107 23.97 14.13 -12.33
CA GLU A 107 22.87 14.62 -13.20
C GLU A 107 21.81 13.53 -13.52
N SER A 108 22.24 12.24 -13.57
CA SER A 108 21.35 11.12 -13.95
C SER A 108 20.82 10.34 -12.73
N LEU A 109 21.73 9.64 -12.01
CA LEU A 109 21.35 8.68 -10.96
C LEU A 109 21.39 9.32 -9.56
N GLY A 110 22.41 10.16 -9.32
CA GLY A 110 22.56 10.86 -8.04
C GLY A 110 23.33 10.06 -6.98
N SER A 111 24.39 9.33 -7.40
CA SER A 111 25.25 8.57 -6.46
C SER A 111 26.65 8.26 -7.04
N ASP A 112 26.78 8.16 -8.38
CA ASP A 112 28.08 7.81 -9.03
C ASP A 112 29.14 8.90 -8.75
N GLN A 113 28.73 10.17 -8.87
CA GLN A 113 29.58 11.34 -8.56
C GLN A 113 29.35 11.85 -7.13
N ALA A 114 28.83 11.00 -6.21
CA ALA A 114 28.50 11.44 -4.81
C ALA A 114 29.75 11.80 -3.97
N LYS A 115 30.93 11.78 -4.61
CA LYS A 115 32.17 12.37 -4.07
C LYS A 115 32.32 13.82 -4.57
N ASP A 116 31.19 14.52 -4.75
CA ASP A 116 31.18 15.94 -5.17
C ASP A 116 30.93 16.82 -3.94
N SER A 117 29.86 16.53 -3.19
CA SER A 117 29.43 17.32 -2.01
C SER A 117 30.52 17.35 -0.91
N GLN A 118 31.17 16.20 -0.72
CA GLN A 118 32.25 16.01 0.27
C GLN A 118 33.42 16.98 0.04
N LEU A 119 33.77 17.13 -1.24
CA LEU A 119 34.97 17.85 -1.67
C LEU A 119 34.66 19.35 -1.94
N ILE A 120 33.48 19.62 -2.50
CA ILE A 120 32.98 21.00 -2.71
C ILE A 120 32.71 21.69 -1.35
N GLY A 121 32.39 20.87 -0.32
CA GLY A 121 32.18 21.35 1.05
C GLY A 121 33.39 22.07 1.65
N GLN A 122 34.60 21.70 1.17
CA GLN A 122 35.88 22.31 1.59
C GLN A 122 36.43 23.24 0.48
N PHE A 123 36.73 22.63 -0.67
CA PHE A 123 37.39 23.31 -1.81
C PHE A 123 36.50 24.43 -2.41
N GLY A 124 35.17 24.27 -2.32
CA GLY A 124 34.21 25.23 -2.88
C GLY A 124 34.22 26.58 -2.19
N VAL A 125 34.54 26.56 -0.89
CA VAL A 125 34.71 27.77 -0.07
C VAL A 125 35.95 28.55 -0.57
N GLY A 126 37.06 27.82 -0.74
CA GLY A 126 38.32 28.38 -1.19
C GLY A 126 38.32 28.80 -2.65
N PHE A 127 37.45 28.17 -3.45
CA PHE A 127 37.29 28.46 -4.88
C PHE A 127 36.74 29.90 -5.06
N TYR A 128 35.60 30.16 -4.41
CA TYR A 128 34.90 31.46 -4.52
C TYR A 128 35.76 32.62 -3.97
N SER A 129 36.32 32.41 -2.77
CA SER A 129 37.14 33.42 -2.06
C SER A 129 38.43 33.75 -2.83
N ALA A 130 39.02 32.71 -3.46
CA ALA A 130 40.22 32.86 -4.32
C ALA A 130 39.92 33.81 -5.49
N PHE A 131 38.77 33.59 -6.16
CA PHE A 131 38.36 34.38 -7.32
C PHE A 131 37.79 35.76 -6.94
N ILE A 132 37.67 36.09 -5.63
CA ILE A 132 37.36 37.46 -5.20
C ILE A 132 38.61 38.35 -5.41
N VAL A 133 39.72 37.93 -4.78
CA VAL A 133 41.00 38.68 -4.81
C VAL A 133 41.78 38.43 -6.11
N ALA A 134 41.62 37.24 -6.71
CA ALA A 134 42.38 36.83 -7.90
C ALA A 134 41.51 36.91 -9.15
N ASP A 135 42.08 37.50 -10.21
CA ASP A 135 41.45 37.57 -11.54
C ASP A 135 41.54 36.19 -12.24
N LYS A 136 42.63 35.48 -11.97
CA LYS A 136 42.94 34.19 -12.59
C LYS A 136 43.53 33.24 -11.55
N VAL A 137 43.05 31.98 -11.51
CA VAL A 137 43.66 30.91 -10.71
C VAL A 137 44.06 29.76 -11.66
N THR A 138 45.35 29.41 -11.61
CA THR A 138 45.96 28.33 -12.40
C THR A 138 46.50 27.26 -11.44
N VAL A 139 46.06 26.01 -11.60
CA VAL A 139 46.50 24.87 -10.78
C VAL A 139 47.33 23.90 -11.65
N ARG A 140 48.50 23.52 -11.14
CA ARG A 140 49.44 22.61 -11.80
C ARG A 140 49.89 21.57 -10.78
N THR A 141 49.25 20.39 -10.82
CA THR A 141 49.41 19.34 -9.80
C THR A 141 49.76 17.99 -10.44
N ARG A 142 50.31 17.07 -9.64
CA ARG A 142 50.63 15.69 -10.07
C ARG A 142 50.72 14.80 -8.84
N ALA A 143 50.01 13.65 -8.87
CA ALA A 143 49.87 12.75 -7.72
C ALA A 143 51.09 11.82 -7.55
N ALA A 144 51.36 11.46 -6.29
CA ALA A 144 52.46 10.58 -5.90
C ALA A 144 52.29 9.15 -6.44
N GLY A 145 53.39 8.59 -7.00
CA GLY A 145 53.38 7.25 -7.58
C GLY A 145 52.96 7.24 -9.04
N GLU A 146 52.00 8.11 -9.38
CA GLU A 146 51.50 8.30 -10.74
C GLU A 146 52.54 8.96 -11.65
N LYS A 147 52.22 8.95 -12.95
CA LYS A 147 53.15 9.33 -14.02
C LYS A 147 53.20 10.86 -14.14
N PRO A 148 54.35 11.47 -14.58
CA PRO A 148 54.38 12.90 -14.95
C PRO A 148 53.35 13.21 -16.07
N GLU A 149 53.06 12.19 -16.91
CA GLU A 149 52.14 12.28 -18.05
C GLU A 149 50.70 12.66 -17.62
N ASN A 150 50.18 12.05 -16.53
CA ASN A 150 48.81 12.36 -16.03
C ASN A 150 48.86 13.45 -14.94
N GLY A 151 49.89 14.33 -15.05
CA GLY A 151 49.89 15.63 -14.39
C GLY A 151 48.77 16.50 -14.94
N VAL A 152 48.31 17.48 -14.17
CA VAL A 152 47.07 18.21 -14.48
C VAL A 152 47.34 19.72 -14.57
N PHE A 153 46.89 20.31 -15.67
CA PHE A 153 46.75 21.74 -15.83
C PHE A 153 45.27 22.11 -15.61
N TRP A 154 45.04 23.15 -14.83
CA TRP A 154 43.72 23.73 -14.62
C TRP A 154 43.87 25.26 -14.65
N GLU A 155 42.83 25.93 -15.15
CA GLU A 155 42.80 27.40 -15.25
C GLU A 155 41.35 27.85 -15.41
N SER A 156 40.98 28.95 -14.73
CA SER A 156 39.68 29.64 -14.91
C SER A 156 39.80 31.09 -14.42
N ALA A 157 38.86 31.93 -14.89
CA ALA A 157 38.72 33.34 -14.48
C ALA A 157 37.57 33.48 -13.45
N GLY A 158 36.95 32.34 -13.08
CA GLY A 158 35.89 32.30 -12.07
C GLY A 158 34.48 32.31 -12.65
N GLU A 159 34.39 32.29 -13.99
CA GLU A 159 33.11 32.24 -14.72
C GLU A 159 32.54 30.79 -14.76
N GLY A 160 31.45 30.59 -15.54
CA GLY A 160 30.81 29.26 -15.67
C GLY A 160 31.51 28.36 -16.68
N GLU A 161 32.82 28.13 -16.44
CA GLU A 161 33.70 27.33 -17.31
C GLU A 161 34.98 26.96 -16.54
N TYR A 162 35.71 25.96 -17.05
CA TYR A 162 37.01 25.52 -16.49
C TYR A 162 37.83 24.78 -17.57
N THR A 163 39.11 25.12 -17.65
CA THR A 163 40.06 24.42 -18.53
C THR A 163 40.80 23.37 -17.70
N VAL A 164 40.70 22.09 -18.11
CA VAL A 164 41.40 20.97 -17.43
C VAL A 164 41.94 19.99 -18.50
N ALA A 165 43.24 19.63 -18.38
CA ALA A 165 43.94 18.77 -19.34
C ALA A 165 45.16 18.09 -18.71
N ASP A 166 45.73 17.10 -19.42
CA ASP A 166 46.90 16.33 -18.97
C ASP A 166 48.20 16.93 -19.53
N ILE A 167 49.13 17.28 -18.63
CA ILE A 167 50.46 17.82 -18.94
C ILE A 167 51.55 16.95 -18.29
N THR A 168 52.81 17.22 -18.63
CA THR A 168 53.96 16.53 -18.04
C THR A 168 54.52 17.36 -16.86
N LYS A 169 54.22 16.91 -15.62
CA LYS A 169 54.76 17.54 -14.40
C LYS A 169 55.57 16.48 -13.63
N GLU A 170 56.91 16.57 -13.73
CA GLU A 170 57.85 15.61 -13.15
C GLU A 170 57.78 15.59 -11.61
N ASP A 171 57.58 16.77 -11.01
CA ASP A 171 57.58 16.94 -9.56
C ASP A 171 56.19 16.64 -8.96
N ARG A 172 56.20 16.30 -7.67
CA ARG A 172 55.00 15.91 -6.90
C ARG A 172 54.40 17.14 -6.19
N GLY A 173 53.07 17.08 -5.90
CA GLY A 173 52.38 18.13 -5.13
C GLY A 173 51.51 19.01 -6.00
N THR A 174 50.97 20.09 -5.41
CA THR A 174 50.03 21.00 -6.09
C THR A 174 50.60 22.42 -6.10
N GLU A 175 50.68 23.04 -7.30
CA GLU A 175 51.22 24.40 -7.50
C GLU A 175 50.07 25.32 -7.97
N ILE A 176 49.58 26.20 -7.09
CA ILE A 176 48.42 27.07 -7.38
C ILE A 176 48.87 28.55 -7.48
N THR A 177 48.88 29.09 -8.72
CA THR A 177 49.24 30.49 -9.00
C THR A 177 47.95 31.33 -9.15
N LEU A 178 47.72 32.25 -8.20
CA LEU A 178 46.59 33.18 -8.22
C LEU A 178 47.08 34.55 -8.69
N HIS A 179 46.77 34.93 -9.94
CA HIS A 179 47.06 36.28 -10.43
C HIS A 179 46.05 37.25 -9.78
N LEU A 180 46.49 37.91 -8.70
CA LEU A 180 45.68 38.87 -7.95
C LEU A 180 45.37 40.12 -8.79
N ARG A 181 44.20 40.72 -8.54
CA ARG A 181 43.73 41.93 -9.24
C ARG A 181 44.58 43.17 -8.85
N GLU A 182 44.56 44.20 -9.71
CA GLU A 182 45.20 45.49 -9.44
C GLU A 182 44.43 46.19 -8.31
N GLY A 183 45.03 46.19 -7.10
CA GLY A 183 44.36 46.63 -5.87
C GLY A 183 44.39 45.52 -4.82
N GLU A 184 44.18 44.27 -5.26
CA GLU A 184 44.18 43.08 -4.38
C GLU A 184 45.63 42.55 -4.16
N ASP A 185 46.60 43.43 -4.44
CA ASP A 185 48.04 43.13 -4.35
C ASP A 185 48.57 43.43 -2.93
N GLU A 186 47.64 43.77 -2.03
CA GLU A 186 47.86 43.94 -0.58
C GLU A 186 48.35 42.61 0.05
N PHE A 187 48.02 41.48 -0.62
CA PHE A 187 48.46 40.13 -0.24
C PHE A 187 49.81 39.75 -0.94
N LEU A 188 50.55 40.78 -1.43
CA LEU A 188 51.91 40.61 -2.01
C LEU A 188 52.93 41.46 -1.21
N ASP A 189 52.56 41.77 0.04
CA ASP A 189 53.44 42.42 1.00
C ASP A 189 53.80 41.38 2.05
N ASP A 190 55.06 40.89 2.02
CA ASP A 190 55.47 39.63 2.71
C ASP A 190 55.12 39.62 4.21
N TRP A 191 55.26 40.79 4.86
CA TRP A 191 54.95 40.96 6.29
C TRP A 191 53.45 40.68 6.57
N ARG A 192 52.59 41.23 5.70
CA ARG A 192 51.12 41.08 5.80
C ARG A 192 50.74 39.64 5.43
N VAL A 193 51.45 39.07 4.42
CA VAL A 193 51.23 37.69 3.98
C VAL A 193 51.43 36.75 5.18
N ARG A 194 52.57 36.93 5.90
CA ARG A 194 52.93 36.13 7.10
C ARG A 194 51.87 36.24 8.20
N SER A 195 51.32 37.46 8.40
CA SER A 195 50.25 37.72 9.39
C SER A 195 48.99 36.89 9.08
N ILE A 196 48.63 36.82 7.80
CA ILE A 196 47.42 36.12 7.34
C ILE A 196 47.69 34.61 7.14
N ILE A 197 48.97 34.27 6.93
CA ILE A 197 49.41 32.87 6.86
C ILE A 197 49.21 32.28 8.26
N SER A 198 49.84 32.92 9.26
CA SER A 198 49.79 32.49 10.66
C SER A 198 48.36 32.49 11.22
N LYS A 199 47.53 33.45 10.75
CA LYS A 199 46.09 33.57 11.13
C LYS A 199 45.35 32.21 11.02
N TYR A 200 45.81 31.34 10.10
CA TYR A 200 45.17 30.03 9.84
C TYR A 200 46.14 28.86 10.09
N SER A 201 47.38 29.01 9.60
CA SER A 201 48.40 27.95 9.64
C SER A 201 48.83 27.60 11.09
N ASP A 202 48.52 28.52 12.02
CA ASP A 202 48.73 28.35 13.47
C ASP A 202 48.09 27.05 14.01
N HIS A 203 46.87 26.74 13.51
CA HIS A 203 46.11 25.54 13.94
C HIS A 203 46.43 24.33 13.04
N ILE A 204 47.41 24.48 12.15
CA ILE A 204 47.75 23.51 11.09
C ILE A 204 49.14 22.90 11.35
N ALA A 205 49.18 21.55 11.35
CA ALA A 205 50.39 20.76 11.64
C ALA A 205 51.39 20.76 10.46
N LEU A 206 50.91 21.09 9.25
CA LEU A 206 51.75 21.17 8.03
C LEU A 206 52.55 22.49 8.06
N PRO A 207 53.93 22.42 8.11
CA PRO A 207 54.79 23.64 8.04
C PRO A 207 54.49 24.50 6.80
N VAL A 208 54.01 25.73 7.04
CA VAL A 208 53.76 26.70 5.98
C VAL A 208 54.90 27.71 5.97
N GLU A 209 55.74 27.64 4.95
CA GLU A 209 56.88 28.54 4.76
C GLU A 209 56.52 29.66 3.75
N ILE A 210 57.32 30.74 3.75
CA ILE A 210 57.19 31.82 2.76
C ILE A 210 58.53 32.03 2.05
N GLU A 211 58.47 32.54 0.81
CA GLU A 211 59.64 32.87 0.01
C GLU A 211 60.31 34.13 0.58
N LYS A 212 61.39 33.91 1.32
CA LYS A 212 62.32 34.96 1.70
C LYS A 212 63.33 35.10 0.55
N ARG A 213 62.92 35.89 -0.47
CA ARG A 213 63.75 36.14 -1.65
C ARG A 213 64.48 37.48 -1.49
N GLU A 214 65.82 37.43 -1.50
CA GLU A 214 66.67 38.61 -1.51
C GLU A 214 67.19 38.74 -2.94
N GLU A 215 66.46 39.48 -3.77
CA GLU A 215 66.75 39.60 -5.18
C GLU A 215 67.56 40.89 -5.43
N LYS A 216 68.86 40.79 -5.13
CA LYS A 216 69.83 41.85 -5.45
C LYS A 216 70.24 41.72 -6.91
N ASP A 217 70.91 42.75 -7.44
CA ASP A 217 71.33 42.81 -8.86
C ASP A 217 72.25 41.62 -9.21
N GLY A 218 71.67 40.63 -9.92
CA GLY A 218 72.39 39.41 -10.30
C GLY A 218 72.22 38.27 -9.28
N GLU A 219 71.98 38.62 -8.00
CA GLU A 219 71.87 37.64 -6.90
C GLU A 219 70.40 37.46 -6.46
N THR A 220 69.68 36.55 -7.14
CA THR A 220 68.32 36.16 -6.75
C THR A 220 68.40 35.02 -5.70
N VAL A 221 68.57 35.41 -4.43
CA VAL A 221 68.63 34.46 -3.30
C VAL A 221 67.20 34.02 -2.96
N ILE A 222 66.97 32.71 -2.90
CA ILE A 222 65.69 32.12 -2.49
C ILE A 222 65.92 31.29 -1.22
N SER A 223 65.12 31.57 -0.19
CA SER A 223 65.12 30.80 1.07
C SER A 223 63.69 30.72 1.61
N TRP A 224 63.41 29.71 2.43
CA TRP A 224 62.04 29.42 2.91
C TRP A 224 62.05 29.29 4.43
N GLU A 225 61.14 30.01 5.09
CA GLU A 225 61.04 30.03 6.56
C GLU A 225 59.57 29.85 6.99
N LYS A 226 59.35 28.94 7.95
CA LYS A 226 58.01 28.65 8.51
C LYS A 226 57.46 29.86 9.30
N ILE A 227 56.14 30.08 9.21
CA ILE A 227 55.44 31.15 9.97
C ILE A 227 54.55 30.50 11.07
N ASN A 228 54.18 29.24 10.83
CA ASN A 228 53.26 28.46 11.69
C ASN A 228 54.03 27.67 12.77
N LYS A 229 53.27 27.16 13.76
CA LYS A 229 53.78 26.21 14.78
C LYS A 229 54.40 24.96 14.12
N ALA A 230 53.70 24.44 13.07
CA ALA A 230 54.03 23.18 12.36
C ALA A 230 54.03 21.99 13.34
N GLN A 231 53.09 22.04 14.27
CA GLN A 231 52.93 21.04 15.30
C GLN A 231 51.44 20.71 15.42
N ALA A 232 51.16 19.44 15.65
CA ALA A 232 49.80 18.92 15.80
C ALA A 232 49.05 19.65 16.93
N LEU A 233 47.97 20.35 16.54
CA LEU A 233 47.09 21.12 17.45
C LEU A 233 46.65 20.27 18.65
N TRP A 234 46.23 19.05 18.34
CA TRP A 234 45.71 18.10 19.33
C TRP A 234 46.82 17.61 20.28
N THR A 235 48.00 17.28 19.72
CA THR A 235 49.17 16.84 20.49
C THR A 235 49.74 18.00 21.36
N ARG A 236 49.44 19.25 20.95
CA ARG A 236 49.86 20.48 21.62
C ARG A 236 48.85 20.85 22.73
N ASN A 237 49.32 21.55 23.77
CA ASN A 237 48.54 21.88 24.97
C ASN A 237 47.38 22.86 24.67
N LYS A 238 46.18 22.47 25.14
CA LYS A 238 44.92 23.21 24.91
C LYS A 238 44.94 24.58 25.63
N SER A 239 45.80 24.71 26.65
CA SER A 239 45.97 25.95 27.41
C SER A 239 46.52 27.10 26.53
N GLU A 240 47.14 26.73 25.39
CA GLU A 240 47.62 27.68 24.38
C GLU A 240 46.73 27.62 23.12
N ILE A 241 46.06 26.46 22.89
CA ILE A 241 45.16 26.31 21.72
C ILE A 241 43.86 27.10 21.96
N THR A 242 43.70 28.24 21.25
CA THR A 242 42.54 29.13 21.40
C THR A 242 41.30 28.61 20.62
N ASP A 243 40.15 29.28 20.86
CA ASP A 243 38.85 28.93 20.25
C ASP A 243 38.88 29.08 18.71
N GLU A 244 39.64 30.10 18.24
CA GLU A 244 39.86 30.38 16.79
C GLU A 244 40.37 29.13 16.09
N GLU A 245 41.41 28.56 16.71
CA GLU A 245 42.10 27.37 16.22
C GLU A 245 41.12 26.20 16.08
N TYR A 246 40.33 25.95 17.15
CA TYR A 246 39.34 24.86 17.21
C TYR A 246 38.30 24.94 16.07
N LYS A 247 37.71 26.13 15.92
CA LYS A 247 36.61 26.37 14.96
C LYS A 247 37.06 26.07 13.53
N GLU A 248 38.20 26.66 13.14
CA GLU A 248 38.73 26.53 11.77
C GLU A 248 39.37 25.13 11.56
N PHE A 249 39.81 24.50 12.66
CA PHE A 249 40.38 23.13 12.63
C PHE A 249 39.26 22.12 12.31
N TYR A 250 38.06 22.36 12.89
CA TYR A 250 36.84 21.60 12.55
C TYR A 250 36.62 21.63 11.04
N LYS A 251 36.72 22.84 10.48
CA LYS A 251 36.41 23.10 9.07
C LYS A 251 37.36 22.30 8.16
N HIS A 252 38.63 22.16 8.60
CA HIS A 252 39.62 21.29 7.95
C HIS A 252 39.17 19.81 7.99
N ILE A 253 39.05 19.28 9.23
CA ILE A 253 38.92 17.83 9.49
C ILE A 253 37.58 17.24 9.01
N ALA A 254 36.59 18.12 8.90
CA ALA A 254 35.21 17.75 8.54
C ALA A 254 34.97 17.83 7.03
N HIS A 255 35.78 18.68 6.34
CA HIS A 255 35.50 19.11 4.94
C HIS A 255 34.16 19.88 4.88
N ASP A 256 33.97 20.73 5.90
CA ASP A 256 32.84 21.68 6.00
C ASP A 256 33.42 23.07 6.30
N PHE A 257 32.57 24.04 6.70
CA PHE A 257 33.06 25.36 7.18
C PHE A 257 32.08 26.02 8.18
N ASN A 258 31.16 25.20 8.72
CA ASN A 258 30.21 25.63 9.77
C ASN A 258 30.96 25.69 11.11
N ASP A 259 30.88 26.81 11.84
CA ASP A 259 31.52 26.94 13.18
C ASP A 259 30.81 25.99 14.17
N PRO A 260 31.56 25.15 14.95
CA PRO A 260 30.95 24.20 15.93
C PRO A 260 30.23 24.93 17.09
N LEU A 261 29.09 24.35 17.54
CA LEU A 261 28.31 24.86 18.69
C LEU A 261 29.14 24.80 19.98
N THR A 262 29.87 23.68 20.13
CA THR A 262 30.78 23.43 21.24
C THR A 262 31.80 22.34 20.83
N TRP A 263 32.82 22.12 21.66
CA TRP A 263 33.91 21.15 21.39
C TRP A 263 34.48 20.58 22.69
N SER A 264 35.44 19.65 22.55
CA SER A 264 36.11 18.99 23.69
C SER A 264 37.50 18.52 23.26
N HIS A 265 38.56 19.15 23.83
CA HIS A 265 39.96 18.78 23.56
C HIS A 265 40.56 18.22 24.84
N ASN A 266 40.61 16.89 24.95
CA ASN A 266 41.18 16.19 26.12
C ASN A 266 42.21 15.17 25.64
N ARG A 267 43.39 15.13 26.27
CA ARG A 267 44.43 14.12 25.99
C ARG A 267 44.48 13.14 27.17
N VAL A 268 44.54 11.85 26.86
CA VAL A 268 44.57 10.77 27.86
C VAL A 268 45.91 10.07 27.78
N GLU A 269 46.53 9.91 28.95
CA GLU A 269 47.82 9.24 29.10
C GLU A 269 47.67 8.11 30.12
N GLY A 270 48.58 7.14 30.07
CA GLY A 270 48.50 5.94 30.89
C GLY A 270 48.88 4.73 30.06
N LYS A 271 47.90 3.84 29.77
CA LYS A 271 48.11 2.70 28.87
C LYS A 271 47.88 3.18 27.42
N GLN A 272 46.60 3.47 27.06
CA GLN A 272 46.29 4.05 25.75
C GLN A 272 46.54 5.56 25.83
N GLU A 273 47.70 6.00 25.34
CA GLU A 273 47.94 7.44 25.15
C GLU A 273 47.34 7.85 23.81
N TYR A 274 46.49 8.86 23.85
CA TYR A 274 45.82 9.43 22.68
C TYR A 274 45.31 10.82 23.02
N THR A 275 44.95 11.59 21.99
CA THR A 275 44.25 12.85 22.15
C THR A 275 42.93 12.78 21.40
N SER A 276 41.84 13.07 22.10
CA SER A 276 40.51 13.19 21.51
C SER A 276 40.12 14.66 21.41
N LEU A 277 39.71 15.07 20.21
CA LEU A 277 39.23 16.41 19.92
C LEU A 277 37.93 16.30 19.13
N LEU A 278 36.81 16.37 19.86
CA LEU A 278 35.47 16.22 19.29
C LEU A 278 34.82 17.60 19.10
N TYR A 279 33.79 17.65 18.21
CA TYR A 279 33.06 18.87 17.86
C TYR A 279 31.56 18.53 17.65
N ILE A 280 30.70 19.48 18.01
CA ILE A 280 29.26 19.43 17.71
C ILE A 280 28.95 20.38 16.52
N PRO A 281 28.51 19.86 15.34
CA PRO A 281 28.17 20.70 14.15
C PRO A 281 26.97 21.63 14.40
N SER A 282 27.06 22.87 13.87
CA SER A 282 25.99 23.89 13.97
C SER A 282 24.83 23.60 13.00
N GLN A 283 25.14 22.82 11.97
CA GLN A 283 24.24 22.52 10.87
C GLN A 283 24.56 21.10 10.39
N ALA A 284 23.53 20.27 10.17
CA ALA A 284 23.71 18.92 9.63
C ALA A 284 24.23 19.03 8.19
N PRO A 285 25.36 18.33 7.84
CA PRO A 285 25.76 18.17 6.43
C PRO A 285 24.68 17.37 5.68
N TRP A 286 24.52 17.63 4.38
CA TRP A 286 23.45 16.98 3.56
C TRP A 286 23.60 15.45 3.65
N ASP A 287 24.85 15.00 3.55
CA ASP A 287 25.24 13.58 3.51
C ASP A 287 25.09 12.85 4.87
N MET A 288 24.56 13.55 5.89
CA MET A 288 24.20 12.92 7.19
C MET A 288 23.08 11.88 6.98
N TRP A 289 22.23 12.10 5.95
CA TRP A 289 21.08 11.22 5.62
C TRP A 289 21.21 10.64 4.20
N ASN A 290 22.36 10.86 3.54
CA ASN A 290 22.65 10.32 2.19
C ASN A 290 23.33 8.94 2.30
N ARG A 291 23.46 8.25 1.15
CA ARG A 291 24.09 6.93 1.06
C ARG A 291 25.63 7.03 1.18
N ASP A 292 26.18 8.25 0.99
CA ASP A 292 27.63 8.50 1.06
C ASP A 292 28.06 8.71 2.54
N HIS A 293 29.38 8.67 2.79
CA HIS A 293 29.95 8.76 4.15
C HIS A 293 30.09 10.23 4.61
N LYS A 294 29.82 10.49 5.90
CA LYS A 294 30.08 11.81 6.56
C LYS A 294 30.32 11.61 8.07
N HIS A 295 29.83 10.49 8.62
CA HIS A 295 30.08 10.11 10.02
C HIS A 295 31.50 9.58 10.27
N GLY A 296 32.07 9.92 11.44
CA GLY A 296 33.36 9.37 11.87
C GLY A 296 34.31 10.44 12.37
N LEU A 297 35.58 10.06 12.57
CA LEU A 297 36.64 10.93 13.10
C LEU A 297 37.90 10.74 12.26
N LYS A 298 38.71 11.80 12.11
CA LYS A 298 40.03 11.70 11.45
C LYS A 298 41.02 10.92 12.36
N LEU A 299 41.19 9.63 12.06
CA LEU A 299 42.15 8.75 12.74
C LEU A 299 43.59 9.06 12.27
N TYR A 300 44.43 9.43 13.25
CA TYR A 300 45.89 9.50 13.11
C TYR A 300 46.49 8.56 14.17
N VAL A 301 47.70 8.05 13.93
CA VAL A 301 48.52 7.35 14.92
C VAL A 301 49.93 7.94 14.88
N GLN A 302 50.40 8.46 16.04
CA GLN A 302 51.78 9.03 16.21
C GLN A 302 51.98 10.29 15.33
N ARG A 303 50.88 11.08 15.23
CA ARG A 303 50.76 12.31 14.41
C ARG A 303 50.72 11.99 12.89
N VAL A 304 50.85 10.70 12.53
CA VAL A 304 50.83 10.23 11.13
C VAL A 304 49.40 9.84 10.78
N PHE A 305 48.90 10.31 9.65
CA PHE A 305 47.52 10.05 9.21
C PHE A 305 47.30 8.58 8.83
N ILE A 306 46.16 8.01 9.26
CA ILE A 306 45.75 6.64 8.91
C ILE A 306 44.44 6.69 8.07
N MET A 307 43.31 7.12 8.68
CA MET A 307 41.99 7.10 7.98
C MET A 307 41.16 8.34 8.36
N ASP A 308 40.64 9.06 7.35
CA ASP A 308 39.72 10.20 7.56
C ASP A 308 38.29 9.69 7.52
N ASP A 309 37.41 10.37 8.28
CA ASP A 309 35.97 10.06 8.34
C ASP A 309 35.77 8.61 8.89
N ALA A 310 36.74 8.16 9.72
CA ALA A 310 36.82 6.79 10.24
C ALA A 310 35.78 6.55 11.33
N GLU A 311 34.67 5.91 10.92
CA GLU A 311 33.54 5.54 11.80
C GLU A 311 33.88 4.34 12.72
N GLN A 312 35.10 3.81 12.60
CA GLN A 312 35.63 2.75 13.48
C GLN A 312 35.79 3.23 14.93
N PHE A 313 35.91 4.56 15.12
CA PHE A 313 36.03 5.19 16.44
C PHE A 313 34.73 5.83 16.91
N MET A 314 33.77 6.02 15.98
CA MET A 314 32.46 6.59 16.34
C MET A 314 31.37 5.76 15.67
N PRO A 315 30.46 5.10 16.47
CA PRO A 315 29.39 4.24 15.91
C PRO A 315 28.30 5.05 15.19
N ASN A 316 27.36 4.33 14.57
CA ASN A 316 26.29 4.93 13.75
C ASN A 316 25.31 5.76 14.62
N TYR A 317 25.25 5.39 15.92
CA TYR A 317 24.34 6.03 16.91
C TYR A 317 24.86 7.43 17.28
N LEU A 318 26.14 7.67 16.99
CA LEU A 318 26.82 8.94 17.26
C LEU A 318 27.37 9.50 15.92
N ARG A 319 26.62 9.26 14.81
CA ARG A 319 27.04 9.66 13.44
C ARG A 319 27.19 11.20 13.31
N PHE A 320 26.58 11.94 14.26
CA PHE A 320 26.62 13.41 14.30
C PHE A 320 28.02 13.96 14.70
N VAL A 321 28.82 13.15 15.40
CA VAL A 321 30.12 13.60 15.96
C VAL A 321 31.17 13.77 14.86
N ARG A 322 31.83 14.92 14.89
CA ARG A 322 32.98 15.27 14.05
C ARG A 322 34.19 15.50 14.95
N GLY A 323 35.38 15.46 14.35
CA GLY A 323 36.61 15.74 15.09
C GLY A 323 37.78 14.94 14.57
N LEU A 324 38.84 14.91 15.37
CA LEU A 324 40.07 14.18 15.08
C LEU A 324 40.49 13.47 16.38
N ILE A 325 40.98 12.24 16.25
CA ILE A 325 41.56 11.47 17.36
C ILE A 325 42.89 10.88 16.86
N ASP A 326 43.90 10.87 17.74
CA ASP A 326 45.25 10.39 17.41
C ASP A 326 45.84 9.61 18.57
N SER A 327 46.42 8.43 18.32
CA SER A 327 46.96 7.58 19.40
C SER A 327 48.47 7.34 19.25
N SER A 328 49.18 7.41 20.39
CA SER A 328 50.59 7.03 20.52
C SER A 328 50.73 5.52 20.83
N ASP A 329 49.63 4.90 21.31
CA ASP A 329 49.65 3.51 21.85
C ASP A 329 49.22 2.47 20.80
N LEU A 330 48.25 2.83 19.96
CA LEU A 330 47.74 1.97 18.86
C LEU A 330 48.84 1.79 17.77
N PRO A 331 48.89 0.64 17.03
CA PRO A 331 49.90 0.39 15.94
C PRO A 331 49.83 1.44 14.80
N LEU A 332 50.97 1.67 14.12
CA LEU A 332 51.05 2.62 12.99
C LEU A 332 50.48 2.00 11.69
N ASN A 333 50.65 0.68 11.55
CA ASN A 333 50.14 -0.09 10.38
C ASN A 333 48.68 -0.57 10.62
N VAL A 334 47.99 0.09 11.57
CA VAL A 334 46.63 -0.26 11.99
C VAL A 334 45.61 -0.14 10.82
N SER A 335 44.81 -1.19 10.63
CA SER A 335 43.75 -1.26 9.60
C SER A 335 42.38 -1.37 10.29
N ARG A 336 41.29 -1.30 9.50
CA ARG A 336 39.89 -1.50 9.99
C ARG A 336 39.74 -2.83 10.76
N GLU A 337 40.51 -3.84 10.31
CA GLU A 337 40.58 -5.16 10.95
C GLU A 337 41.07 -5.04 12.40
N ILE A 338 42.21 -4.34 12.55
CA ILE A 338 42.86 -4.09 13.87
C ILE A 338 41.97 -3.14 14.71
N LEU A 339 41.22 -2.23 14.05
CA LEU A 339 40.40 -1.19 14.71
C LEU A 339 39.19 -1.78 15.45
N GLN A 340 38.51 -2.74 14.82
CA GLN A 340 37.37 -3.42 15.46
C GLN A 340 37.90 -4.40 16.52
N ASP A 341 38.86 -5.24 16.09
CA ASP A 341 39.34 -6.41 16.83
C ASP A 341 40.06 -6.04 18.15
N SER A 342 40.91 -5.01 18.14
CA SER A 342 41.75 -4.65 19.30
C SER A 342 40.93 -4.09 20.48
N THR A 343 41.34 -4.49 21.69
CA THR A 343 40.70 -4.06 22.94
C THR A 343 41.07 -2.60 23.25
N VAL A 344 42.32 -2.20 22.94
CA VAL A 344 42.79 -0.81 23.12
C VAL A 344 41.95 0.19 22.29
N THR A 345 41.59 -0.24 21.06
CA THR A 345 40.76 0.54 20.14
C THR A 345 39.26 0.44 20.53
N ARG A 346 38.91 -0.62 21.27
CA ARG A 346 37.53 -0.86 21.71
C ARG A 346 37.20 0.13 22.85
N ASN A 347 38.12 0.20 23.81
CA ASN A 347 38.04 1.09 24.99
C ASN A 347 38.31 2.55 24.59
N LEU A 348 39.05 2.73 23.46
CA LEU A 348 39.20 4.04 22.79
C LEU A 348 37.79 4.56 22.47
N ARG A 349 37.06 3.76 21.66
CA ARG A 349 35.72 4.07 21.13
C ARG A 349 34.68 4.25 22.26
N ASN A 350 34.82 3.46 23.35
CA ASN A 350 33.93 3.54 24.54
C ASN A 350 34.16 4.85 25.30
N ALA A 351 35.44 5.25 25.45
CA ALA A 351 35.82 6.51 26.12
C ALA A 351 35.34 7.73 25.31
N LEU A 352 35.36 7.61 23.97
CA LEU A 352 34.88 8.65 23.05
C LEU A 352 33.35 8.83 23.19
N THR A 353 32.63 7.69 23.24
CA THR A 353 31.16 7.64 23.40
C THR A 353 30.73 8.30 24.73
N LYS A 354 31.53 8.05 25.78
CA LYS A 354 31.34 8.64 27.12
C LYS A 354 31.42 10.17 27.04
N ARG A 355 32.45 10.67 26.31
CA ARG A 355 32.69 12.12 26.10
C ARG A 355 31.56 12.77 25.32
N VAL A 356 30.98 12.00 24.37
CA VAL A 356 29.84 12.48 23.56
C VAL A 356 28.65 12.80 24.48
N LEU A 357 28.27 11.82 25.35
CA LEU A 357 27.17 11.98 26.35
C LEU A 357 27.36 13.25 27.18
N GLN A 358 28.56 13.38 27.75
CA GLN A 358 28.92 14.51 28.61
C GLN A 358 28.81 15.85 27.85
N MET A 359 29.24 15.83 26.57
CA MET A 359 29.26 17.02 25.68
C MET A 359 27.83 17.40 25.20
N LEU A 360 26.92 16.40 25.14
CA LEU A 360 25.50 16.62 24.77
C LEU A 360 24.78 17.39 25.89
N GLU A 361 25.04 16.97 27.14
CA GLU A 361 24.48 17.62 28.33
C GLU A 361 25.14 18.99 28.56
N LYS A 362 26.45 19.09 28.26
CA LYS A 362 27.18 20.39 28.31
C LYS A 362 26.50 21.41 27.38
N LEU A 363 26.16 20.96 26.16
CA LEU A 363 25.47 21.79 25.15
C LEU A 363 24.06 22.21 25.66
N ALA A 364 23.40 21.29 26.40
CA ALA A 364 22.11 21.57 27.06
C ALA A 364 22.24 22.67 28.13
N LYS A 365 23.42 22.72 28.80
CA LYS A 365 23.70 23.71 29.84
C LYS A 365 24.29 24.99 29.23
N ASP A 366 24.83 24.87 28.00
CA ASP A 366 25.58 25.92 27.32
C ASP A 366 24.63 26.96 26.75
N ASP A 367 23.68 26.49 25.92
CA ASP A 367 22.74 27.35 25.20
C ASP A 367 21.59 26.49 24.63
N ALA A 368 20.39 26.64 25.22
CA ALA A 368 19.19 25.84 24.89
C ALA A 368 18.79 25.95 23.40
N GLU A 369 19.06 27.11 22.78
CA GLU A 369 18.75 27.38 21.37
C GLU A 369 19.60 26.48 20.47
N LYS A 370 20.93 26.51 20.66
CA LYS A 370 21.88 25.69 19.88
C LYS A 370 21.63 24.19 20.11
N TYR A 371 21.28 23.86 21.35
CA TYR A 371 21.01 22.48 21.77
C TYR A 371 19.75 21.90 21.09
N GLN A 372 18.69 22.72 20.97
CA GLN A 372 17.43 22.29 20.35
C GLN A 372 17.61 22.25 18.81
N THR A 373 18.43 23.18 18.27
CA THR A 373 18.83 23.16 16.84
C THR A 373 19.57 21.84 16.53
N PHE A 374 20.48 21.44 17.44
CA PHE A 374 21.20 20.16 17.37
C PHE A 374 20.19 19.00 17.29
N TRP A 375 19.17 19.03 18.16
CA TRP A 375 18.13 17.98 18.21
C TRP A 375 17.29 17.96 16.91
N GLN A 376 17.04 19.13 16.31
CA GLN A 376 16.28 19.22 15.04
C GLN A 376 17.07 18.56 13.89
N GLN A 377 18.40 18.70 13.97
CA GLN A 377 19.32 18.23 12.90
C GLN A 377 19.75 16.76 13.10
N PHE A 378 19.86 16.32 14.37
CA PHE A 378 20.52 15.03 14.74
C PHE A 378 19.68 14.21 15.76
N GLY A 379 18.39 14.57 15.93
CA GLY A 379 17.52 13.92 16.92
C GLY A 379 17.22 12.47 16.59
N LEU A 380 16.98 12.20 15.30
CA LEU A 380 16.68 10.84 14.79
C LEU A 380 17.88 9.89 15.00
N VAL A 381 19.08 10.47 15.15
CA VAL A 381 20.31 9.72 15.47
C VAL A 381 20.35 9.37 16.97
N LEU A 382 20.00 10.37 17.81
CA LEU A 382 20.04 10.25 19.29
C LEU A 382 18.89 9.31 19.79
N LYS A 383 17.92 9.00 18.89
CA LYS A 383 16.88 7.96 19.14
C LYS A 383 17.50 6.56 19.37
N GLU A 384 18.68 6.33 18.77
CA GLU A 384 19.46 5.08 18.96
C GLU A 384 20.08 5.04 20.36
N GLY A 385 20.26 6.25 20.96
CA GLY A 385 20.76 6.43 22.32
C GLY A 385 20.11 5.51 23.37
N PRO A 386 18.80 5.73 23.70
CA PRO A 386 18.08 4.90 24.71
C PRO A 386 17.80 3.48 24.18
N ALA A 387 17.92 3.32 22.85
CA ALA A 387 17.69 2.06 22.15
C ALA A 387 18.88 1.11 22.31
N GLU A 388 20.05 1.65 22.72
CA GLU A 388 21.24 0.83 23.02
C GLU A 388 21.51 0.76 24.52
N ASP A 389 21.33 1.89 25.20
CA ASP A 389 21.59 2.00 26.64
C ASP A 389 20.29 2.26 27.43
N PHE A 390 19.75 1.20 28.04
CA PHE A 390 18.69 1.31 29.07
C PHE A 390 19.33 1.54 30.46
N ALA A 391 20.58 1.11 30.63
CA ALA A 391 21.28 1.05 31.93
C ALA A 391 21.42 2.44 32.60
N ASN A 392 21.80 3.45 31.80
CA ASN A 392 21.92 4.85 32.26
C ASN A 392 21.04 5.74 31.37
N GLN A 393 19.91 5.14 30.91
CA GLN A 393 18.96 5.76 29.96
C GLN A 393 18.37 7.07 30.49
N GLU A 394 18.31 7.22 31.82
CA GLU A 394 17.77 8.42 32.50
C GLU A 394 18.42 9.71 31.99
N ALA A 395 19.77 9.68 31.86
CA ALA A 395 20.56 10.80 31.33
C ALA A 395 20.21 11.08 29.85
N ILE A 396 20.02 10.00 29.08
CA ILE A 396 19.70 10.09 27.63
C ILE A 396 18.24 10.56 27.42
N ALA A 397 17.36 10.17 28.34
CA ALA A 397 15.90 10.39 28.23
C ALA A 397 15.54 11.86 28.49
N LYS A 398 16.46 12.55 29.18
CA LYS A 398 16.44 14.00 29.36
C LYS A 398 16.91 14.70 28.07
N LEU A 399 17.84 14.04 27.32
CA LEU A 399 18.33 14.55 26.02
C LEU A 399 17.24 14.39 24.93
N LEU A 400 16.36 13.39 25.12
CA LEU A 400 15.24 13.11 24.21
C LEU A 400 14.18 14.22 24.30
N ARG A 401 13.83 14.81 23.14
CA ARG A 401 12.85 15.88 23.03
C ARG A 401 11.74 15.45 22.05
N PHE A 402 10.49 15.47 22.51
CA PHE A 402 9.32 15.06 21.70
C PHE A 402 8.35 16.24 21.53
N ALA A 403 7.63 16.26 20.40
CA ALA A 403 6.54 17.22 20.18
C ALA A 403 5.27 16.68 20.86
N SER A 404 4.40 17.59 21.34
CA SER A 404 3.29 17.21 22.22
C SER A 404 2.15 18.25 22.17
N THR A 405 0.98 17.88 22.74
CA THR A 405 -0.31 18.59 22.52
C THR A 405 -0.39 19.99 23.18
N HIS A 406 0.60 20.35 24.03
CA HIS A 406 0.72 21.70 24.62
C HIS A 406 0.69 22.81 23.52
N THR A 407 1.16 22.43 22.31
CA THR A 407 1.07 23.25 21.11
C THR A 407 0.71 22.33 19.93
N ASP A 408 0.30 22.93 18.81
CA ASP A 408 0.05 22.20 17.54
C ASP A 408 1.32 22.19 16.66
N SER A 409 2.34 22.96 17.08
CA SER A 409 3.59 23.11 16.33
C SER A 409 4.54 21.93 16.63
N SER A 410 5.43 21.62 15.65
CA SER A 410 6.38 20.48 15.71
C SER A 410 7.61 20.79 16.59
N ALA A 411 7.54 21.91 17.34
CA ALA A 411 8.62 22.33 18.26
C ALA A 411 8.90 21.25 19.33
N GLN A 412 10.05 20.57 19.19
CA GLN A 412 10.49 19.50 20.11
C GLN A 412 11.34 20.13 21.23
N THR A 413 10.69 21.00 21.98
CA THR A 413 11.27 21.72 23.13
C THR A 413 10.94 20.98 24.44
N VAL A 414 9.85 20.18 24.38
CA VAL A 414 9.37 19.36 25.51
C VAL A 414 10.18 18.05 25.58
N SER A 415 10.78 17.78 26.74
CA SER A 415 11.40 16.48 27.04
C SER A 415 10.43 15.64 27.87
N LEU A 416 10.88 14.45 28.27
CA LEU A 416 10.17 13.60 29.23
C LEU A 416 10.11 14.28 30.63
N GLU A 417 11.10 15.18 30.89
CA GLU A 417 11.14 16.06 32.08
C GLU A 417 9.93 17.03 32.10
N ASP A 418 9.70 17.67 30.95
CA ASP A 418 8.66 18.72 30.79
C ASP A 418 7.25 18.06 30.75
N TYR A 419 7.22 16.78 30.34
CA TYR A 419 6.00 15.94 30.46
C TYR A 419 5.63 15.77 31.95
N VAL A 420 6.66 15.51 32.81
CA VAL A 420 6.47 15.43 34.28
C VAL A 420 5.95 16.77 34.84
N SER A 421 6.43 17.88 34.25
CA SER A 421 6.01 19.23 34.61
C SER A 421 4.55 19.52 34.18
N ARG A 422 4.01 18.75 33.20
CA ARG A 422 2.56 18.82 32.83
C ARG A 422 1.75 17.56 33.27
N MET A 423 2.39 16.62 34.00
CA MET A 423 1.67 15.45 34.59
C MET A 423 0.53 15.90 35.55
N LYS A 424 -0.71 15.46 35.24
CA LYS A 424 -1.92 15.75 36.03
C LYS A 424 -2.33 14.51 36.87
N GLU A 425 -3.53 14.60 37.47
CA GLU A 425 -4.12 13.55 38.30
C GLU A 425 -4.41 12.31 37.44
N GLY A 426 -3.79 11.17 37.78
CA GLY A 426 -3.89 9.93 36.99
C GLY A 426 -2.72 9.72 36.03
N GLN A 427 -1.88 10.76 35.84
CA GLN A 427 -0.62 10.64 35.06
C GLN A 427 0.50 10.10 35.97
N GLU A 428 0.36 8.82 36.36
CA GLU A 428 1.45 8.03 36.95
C GLU A 428 2.29 7.43 35.80
N LYS A 429 1.66 7.35 34.60
CA LYS A 429 2.26 6.75 33.41
C LYS A 429 2.45 7.82 32.32
N ILE A 430 3.29 7.48 31.33
CA ILE A 430 3.65 8.37 30.23
C ILE A 430 2.95 7.89 28.93
N TYR A 431 2.08 8.74 28.37
CA TYR A 431 1.18 8.36 27.26
C TYR A 431 1.74 8.81 25.89
N TYR A 432 1.88 7.81 24.97
CA TYR A 432 2.32 8.04 23.57
C TYR A 432 1.26 7.47 22.61
N ILE A 433 1.07 8.13 21.46
CA ILE A 433 0.26 7.60 20.33
C ILE A 433 1.14 7.59 19.06
N THR A 434 1.25 6.43 18.39
CA THR A 434 2.04 6.30 17.14
C THR A 434 1.29 6.93 15.94
N ALA A 435 2.07 7.65 15.13
CA ALA A 435 1.64 8.14 13.81
C ALA A 435 2.82 8.00 12.85
N ASP A 436 2.51 7.88 11.56
CA ASP A 436 3.53 7.80 10.51
C ASP A 436 4.20 9.17 10.31
N SER A 437 3.38 10.23 10.30
CA SER A 437 3.84 11.61 10.03
C SER A 437 3.17 12.62 10.99
N TYR A 438 3.92 13.69 11.34
CA TYR A 438 3.43 14.74 12.25
C TYR A 438 2.27 15.53 11.62
N ALA A 439 2.22 15.55 10.28
CA ALA A 439 1.12 16.17 9.52
C ALA A 439 -0.24 15.56 9.96
N ALA A 440 -0.29 14.22 10.06
CA ALA A 440 -1.49 13.48 10.53
C ALA A 440 -1.76 13.80 12.00
N ALA A 441 -0.66 13.76 12.81
CA ALA A 441 -0.70 14.04 14.26
C ALA A 441 -1.36 15.39 14.57
N LYS A 442 -1.01 16.39 13.75
CA LYS A 442 -1.43 17.79 13.93
C LYS A 442 -2.85 18.02 13.38
N SER A 443 -3.15 17.38 12.23
CA SER A 443 -4.44 17.57 11.50
C SER A 443 -5.64 17.03 12.30
N SER A 444 -5.34 16.15 13.25
CA SER A 444 -6.29 15.67 14.24
C SER A 444 -6.62 16.79 15.25
N PRO A 445 -7.91 17.31 15.29
CA PRO A 445 -8.33 18.37 16.26
C PRO A 445 -8.32 17.88 17.73
N HIS A 446 -8.19 16.56 17.90
CA HIS A 446 -8.17 15.87 19.22
C HIS A 446 -7.15 16.49 20.19
N LEU A 447 -6.06 17.06 19.63
CA LEU A 447 -4.94 17.63 20.41
C LEU A 447 -5.40 18.76 21.37
N GLU A 448 -6.29 19.64 20.86
CA GLU A 448 -6.72 20.84 21.62
C GLU A 448 -7.77 20.48 22.69
N LEU A 449 -8.32 19.24 22.62
CA LEU A 449 -9.34 18.76 23.56
C LEU A 449 -8.70 18.63 24.96
N LEU A 450 -7.58 17.90 25.02
CA LEU A 450 -6.85 17.64 26.27
C LEU A 450 -5.92 18.77 26.64
N ARG A 451 -5.44 19.53 25.64
CA ARG A 451 -4.64 20.75 25.90
C ARG A 451 -5.46 21.73 26.76
N LYS A 452 -6.76 21.82 26.43
CA LYS A 452 -7.73 22.68 27.12
C LYS A 452 -8.05 22.11 28.54
N LYS A 453 -8.05 20.76 28.67
CA LYS A 453 -8.20 20.07 29.97
C LYS A 453 -6.91 20.16 30.83
N GLY A 454 -5.78 20.53 30.19
CA GLY A 454 -4.48 20.65 30.89
C GLY A 454 -3.72 19.32 30.97
N ILE A 455 -4.13 18.35 30.14
CA ILE A 455 -3.51 17.02 30.04
C ILE A 455 -2.50 17.04 28.87
N GLU A 456 -1.36 16.36 29.03
CA GLU A 456 -0.30 16.32 28.00
C GLU A 456 -0.27 14.95 27.30
N VAL A 457 -0.17 14.98 25.97
CA VAL A 457 -0.11 13.80 25.10
C VAL A 457 1.15 13.88 24.23
N LEU A 458 1.99 12.84 24.25
CA LEU A 458 3.23 12.80 23.45
C LEU A 458 2.95 12.21 22.06
N LEU A 459 3.29 12.99 21.02
CA LEU A 459 3.00 12.66 19.61
C LEU A 459 4.22 11.97 18.96
N LEU A 460 4.00 10.76 18.42
CA LEU A 460 5.04 9.99 17.68
C LEU A 460 4.86 10.20 16.17
N SER A 461 5.92 10.66 15.51
CA SER A 461 5.95 10.82 14.04
C SER A 461 7.24 10.19 13.48
N ASP A 462 7.78 9.23 14.22
CA ASP A 462 9.08 8.60 13.94
C ASP A 462 8.89 7.12 13.57
N ARG A 463 9.76 6.63 12.67
CA ARG A 463 9.75 5.22 12.20
C ARG A 463 10.62 4.31 13.12
N ILE A 464 11.77 4.83 13.61
CA ILE A 464 12.76 4.02 14.37
C ILE A 464 12.29 3.78 15.83
N ASP A 465 11.24 4.52 16.23
CA ASP A 465 10.61 4.47 17.58
C ASP A 465 10.32 3.00 18.01
N GLU A 466 9.94 2.19 16.99
CA GLU A 466 9.65 0.76 17.12
C GLU A 466 10.77 0.01 17.88
N TRP A 467 12.02 0.17 17.38
CA TRP A 467 13.19 -0.49 17.97
C TRP A 467 13.57 0.17 19.31
N MET A 468 13.43 1.50 19.36
CA MET A 468 13.84 2.32 20.52
C MET A 468 13.17 1.88 21.83
N MET A 469 11.87 1.54 21.73
CA MET A 469 11.02 1.23 22.92
C MET A 469 11.35 -0.14 23.55
N ASN A 470 12.02 -1.03 22.79
CA ASN A 470 12.42 -2.37 23.30
C ASN A 470 13.33 -2.24 24.52
N TYR A 471 14.06 -1.12 24.59
CA TYR A 471 14.90 -0.74 25.73
C TYR A 471 14.21 0.36 26.54
N LEU A 472 13.52 1.30 25.85
CA LEU A 472 12.84 2.46 26.46
C LEU A 472 11.45 2.03 27.03
N THR A 473 11.48 1.09 27.99
CA THR A 473 10.28 0.49 28.61
C THR A 473 9.79 1.30 29.82
N GLU A 474 10.71 2.08 30.44
CA GLU A 474 10.39 2.90 31.62
C GLU A 474 11.32 4.14 31.67
N PHE A 475 10.78 5.27 32.19
CA PHE A 475 11.54 6.49 32.50
C PHE A 475 11.16 6.97 33.91
N ASP A 476 12.19 7.09 34.79
CA ASP A 476 12.10 7.84 36.08
C ASP A 476 11.15 7.14 37.09
N GLY A 477 10.91 5.83 36.87
CA GLY A 477 9.99 5.04 37.71
C GLY A 477 8.56 5.03 37.17
N LYS A 478 8.31 5.85 36.13
CA LYS A 478 7.01 5.93 35.45
C LYS A 478 7.03 5.04 34.18
N PRO A 479 6.12 4.03 34.05
CA PRO A 479 6.03 3.18 32.84
C PRO A 479 5.24 3.91 31.74
N PHE A 480 5.30 3.38 30.51
CA PHE A 480 4.57 3.96 29.36
C PHE A 480 3.26 3.18 29.14
N GLN A 481 2.18 3.93 28.86
CA GLN A 481 0.83 3.36 28.68
C GLN A 481 0.28 3.79 27.31
N SER A 482 -0.21 2.80 26.56
CA SER A 482 -0.88 3.03 25.28
C SER A 482 -2.33 3.51 25.53
N VAL A 483 -2.83 4.33 24.61
CA VAL A 483 -4.25 4.73 24.56
C VAL A 483 -4.99 3.85 23.52
N SER A 484 -4.46 2.61 23.35
CA SER A 484 -4.82 1.68 22.26
C SER A 484 -6.34 1.40 22.20
N LYS A 485 -6.94 1.24 23.38
CA LYS A 485 -8.40 1.10 23.54
C LYS A 485 -8.89 2.24 24.44
N VAL A 486 -10.18 2.60 24.27
CA VAL A 486 -10.85 3.63 25.10
C VAL A 486 -11.74 2.93 26.15
N ASP A 487 -12.27 3.70 27.09
CA ASP A 487 -13.11 3.18 28.19
C ASP A 487 -14.37 4.07 28.31
N GLU A 488 -15.36 3.58 29.08
CA GLU A 488 -16.65 4.26 29.26
C GLU A 488 -16.49 5.63 29.98
N SER A 489 -15.44 5.71 30.82
CA SER A 489 -15.18 6.86 31.72
C SER A 489 -14.97 8.22 31.00
N LEU A 490 -14.83 8.20 29.67
CA LEU A 490 -14.66 9.41 28.86
C LEU A 490 -15.94 10.30 28.82
N GLU A 491 -17.14 9.74 29.17
CA GLU A 491 -18.43 10.42 28.88
C GLU A 491 -18.55 11.81 29.57
N LYS A 492 -18.25 11.90 30.89
CA LYS A 492 -18.36 13.20 31.62
C LYS A 492 -17.16 14.14 31.31
N LEU A 493 -16.08 13.60 30.72
CA LEU A 493 -14.91 14.39 30.32
C LEU A 493 -15.26 15.15 29.02
N ALA A 494 -15.81 14.40 28.07
CA ALA A 494 -16.26 14.89 26.76
C ALA A 494 -17.72 15.43 26.84
N ASP A 495 -18.21 15.68 28.06
CA ASP A 495 -19.55 16.26 28.34
C ASP A 495 -19.55 17.80 28.16
N GLU A 496 -18.38 18.35 27.76
CA GLU A 496 -18.16 19.77 27.44
C GLU A 496 -18.89 20.22 26.12
N VAL A 497 -20.16 19.83 25.97
CA VAL A 497 -20.88 19.87 24.69
C VAL A 497 -22.14 20.75 24.78
N ASP A 498 -21.94 21.97 25.28
CA ASP A 498 -23.05 22.92 25.52
C ASP A 498 -23.54 23.51 24.19
N GLU A 499 -24.44 22.74 23.54
CA GLU A 499 -24.98 23.05 22.23
C GLU A 499 -26.14 22.09 21.91
N SER A 500 -25.79 20.79 21.76
CA SER A 500 -26.73 19.75 21.32
C SER A 500 -27.28 19.00 22.55
N ALA A 501 -28.42 19.46 23.08
CA ALA A 501 -29.03 18.93 24.30
C ALA A 501 -30.07 17.84 24.01
N LYS A 502 -30.66 17.29 25.09
CA LYS A 502 -31.68 16.23 25.05
C LYS A 502 -32.93 16.62 24.24
N GLU A 503 -33.25 17.93 24.21
CA GLU A 503 -34.39 18.47 23.44
C GLU A 503 -34.10 18.36 21.93
N ALA A 504 -32.84 18.63 21.54
CA ALA A 504 -32.38 18.43 20.17
C ALA A 504 -32.44 16.93 19.81
N GLU A 505 -31.90 16.10 20.72
CA GLU A 505 -31.82 14.63 20.56
C GLU A 505 -33.21 13.97 20.45
N LYS A 506 -34.21 14.61 21.07
CA LYS A 506 -35.62 14.15 21.05
C LYS A 506 -36.22 14.34 19.64
N ALA A 507 -35.78 15.39 18.93
CA ALA A 507 -36.18 15.67 17.53
C ALA A 507 -35.31 14.85 16.56
N LEU A 508 -34.11 14.48 17.04
CA LEU A 508 -33.17 13.62 16.30
C LEU A 508 -33.52 12.14 16.45
N THR A 509 -34.34 11.76 17.46
CA THR A 509 -34.75 10.36 17.70
C THR A 509 -35.36 9.70 16.42
N PRO A 510 -36.37 10.34 15.71
CA PRO A 510 -36.84 9.83 14.39
C PRO A 510 -35.71 9.73 13.35
N PHE A 511 -34.75 10.69 13.39
CA PHE A 511 -33.59 10.71 12.49
C PHE A 511 -32.66 9.49 12.75
N ILE A 512 -32.40 9.16 14.03
CA ILE A 512 -31.48 8.06 14.40
C ILE A 512 -32.09 6.73 13.92
N ASP A 513 -33.41 6.60 14.14
CA ASP A 513 -34.19 5.42 13.71
C ASP A 513 -34.12 5.23 12.18
N ARG A 514 -34.25 6.35 11.43
CA ARG A 514 -34.14 6.38 9.96
C ARG A 514 -32.76 5.87 9.50
N VAL A 515 -31.69 6.46 10.07
CA VAL A 515 -30.31 6.24 9.62
C VAL A 515 -29.85 4.80 9.94
N LYS A 516 -30.19 4.28 11.13
CA LYS A 516 -29.81 2.90 11.52
C LYS A 516 -30.55 1.85 10.67
N ALA A 517 -31.75 2.21 10.16
CA ALA A 517 -32.52 1.35 9.25
C ALA A 517 -32.03 1.47 7.79
N LEU A 518 -31.60 2.70 7.41
CA LEU A 518 -31.15 3.04 6.03
C LEU A 518 -29.77 2.43 5.76
N LEU A 519 -28.94 2.41 6.81
CA LEU A 519 -27.61 1.83 6.78
C LEU A 519 -27.73 0.32 6.99
N GLY A 520 -28.54 -0.09 7.98
CA GLY A 520 -28.85 -1.52 8.22
C GLY A 520 -27.65 -2.29 8.74
N GLU A 521 -26.77 -2.74 7.82
CA GLU A 521 -25.57 -3.52 8.16
C GLU A 521 -24.28 -2.86 7.63
N ARG A 522 -24.41 -1.68 6.98
CA ARG A 522 -23.26 -0.91 6.38
C ARG A 522 -22.29 -0.40 7.47
N VAL A 523 -22.82 -0.29 8.68
CA VAL A 523 -22.12 0.25 9.85
C VAL A 523 -22.33 -0.73 11.03
N LYS A 524 -21.34 -0.84 11.93
CA LYS A 524 -21.50 -1.65 13.16
C LYS A 524 -22.57 -1.02 14.08
N ASP A 525 -22.51 0.32 14.27
CA ASP A 525 -23.56 1.07 15.01
C ASP A 525 -23.50 2.57 14.67
N VAL A 526 -24.68 3.21 14.52
CA VAL A 526 -24.78 4.66 14.22
C VAL A 526 -25.17 5.42 15.49
N ARG A 527 -24.22 6.12 16.09
CA ARG A 527 -24.42 6.90 17.31
C ARG A 527 -24.40 8.39 16.98
N LEU A 528 -25.37 9.15 17.52
CA LEU A 528 -25.41 10.60 17.42
C LEU A 528 -24.82 11.18 18.71
N THR A 529 -23.49 11.38 18.70
CA THR A 529 -22.74 11.92 19.85
C THR A 529 -22.63 13.45 19.69
N HIS A 530 -21.89 14.12 20.58
CA HIS A 530 -21.81 15.60 20.59
C HIS A 530 -20.36 16.09 20.48
N ARG A 531 -19.48 15.30 19.85
CA ARG A 531 -18.09 15.70 19.58
C ARG A 531 -18.10 16.90 18.60
N LEU A 532 -18.00 18.14 19.15
CA LEU A 532 -18.25 19.41 18.39
C LEU A 532 -17.34 19.48 17.14
N THR A 533 -16.04 19.79 17.37
CA THR A 533 -14.94 19.78 16.36
C THR A 533 -15.32 20.46 14.99
N ASP A 534 -14.55 20.21 13.90
CA ASP A 534 -14.89 20.69 12.53
C ASP A 534 -15.19 19.48 11.60
N THR A 535 -14.90 18.27 12.09
CA THR A 535 -15.26 17.03 11.39
C THR A 535 -16.76 16.72 11.63
N PRO A 536 -17.61 16.66 10.56
CA PRO A 536 -19.07 16.43 10.70
C PRO A 536 -19.38 15.02 11.27
N ALA A 537 -18.59 14.04 10.81
CA ALA A 537 -18.75 12.65 11.18
C ALA A 537 -17.39 11.98 11.25
N ILE A 538 -17.20 11.18 12.31
CA ILE A 538 -15.92 10.51 12.62
C ILE A 538 -16.27 9.12 13.17
N VAL A 539 -15.50 8.09 12.78
CA VAL A 539 -15.81 6.70 13.15
C VAL A 539 -14.77 6.14 14.16
N SER A 540 -15.27 5.35 15.14
CA SER A 540 -14.45 4.78 16.22
C SER A 540 -14.22 3.28 16.01
N THR A 541 -13.26 2.72 16.78
CA THR A 541 -12.75 1.33 16.60
C THR A 541 -12.64 0.60 17.96
N ASP A 542 -12.89 -0.72 17.95
CA ASP A 542 -12.75 -1.60 19.14
C ASP A 542 -11.32 -2.16 19.20
N ALA A 543 -10.92 -2.90 18.15
CA ALA A 543 -9.58 -3.49 18.03
C ALA A 543 -8.85 -2.88 16.81
N ASP A 544 -7.83 -3.61 16.28
CA ASP A 544 -6.95 -3.11 15.21
C ASP A 544 -7.74 -2.87 13.90
N GLU A 545 -7.85 -1.58 13.51
CA GLU A 545 -8.63 -1.10 12.35
C GLU A 545 -10.08 -1.61 12.46
N MET A 546 -10.60 -1.51 13.70
CA MET A 546 -11.87 -2.09 14.16
C MET A 546 -11.69 -3.61 14.35
N SER A 547 -11.44 -4.33 13.23
CA SER A 547 -11.40 -5.79 13.25
C SER A 547 -10.69 -6.41 12.02
N THR A 548 -9.76 -5.66 11.40
CA THR A 548 -9.11 -6.09 10.14
C THR A 548 -7.79 -6.87 10.39
N GLN A 549 -7.51 -7.27 11.65
CA GLN A 549 -6.42 -8.22 11.97
C GLN A 549 -6.54 -8.77 13.42
N MET A 550 -7.16 -9.98 13.53
CA MET A 550 -7.22 -10.82 14.78
C MET A 550 -8.11 -12.08 14.50
N ALA A 551 -8.26 -12.96 15.52
CA ALA A 551 -8.92 -14.29 15.40
C ALA A 551 -10.42 -14.23 14.99
N LYS A 552 -11.33 -14.00 15.96
CA LYS A 552 -12.81 -14.09 15.71
C LYS A 552 -13.31 -13.00 14.79
N LEU A 553 -12.54 -11.93 14.69
CA LEU A 553 -12.89 -10.76 13.89
C LEU A 553 -13.16 -11.17 12.43
N PHE A 554 -12.25 -11.97 11.82
CA PHE A 554 -12.43 -12.46 10.42
C PHE A 554 -13.41 -13.64 10.32
N ALA A 555 -13.65 -14.28 11.46
CA ALA A 555 -14.58 -15.42 11.57
C ALA A 555 -15.97 -14.95 12.04
N ALA A 556 -16.17 -13.62 12.09
CA ALA A 556 -17.44 -13.01 12.53
C ALA A 556 -18.56 -13.24 11.49
N ALA A 557 -18.29 -12.96 10.20
CA ALA A 557 -19.25 -13.27 9.11
C ALA A 557 -18.57 -13.95 7.90
N GLY A 558 -17.55 -13.29 7.31
CA GLY A 558 -16.97 -13.77 6.06
C GLY A 558 -15.83 -12.90 5.53
N GLN A 559 -16.16 -12.00 4.56
CA GLN A 559 -15.15 -11.29 3.73
C GLN A 559 -14.38 -10.21 4.54
N LYS A 560 -14.79 -8.92 4.43
CA LYS A 560 -14.05 -7.80 5.03
C LYS A 560 -14.49 -7.56 6.48
N VAL A 561 -15.33 -8.47 7.04
CA VAL A 561 -15.93 -8.39 8.40
C VAL A 561 -16.98 -7.23 8.53
N PRO A 562 -18.21 -7.52 9.10
CA PRO A 562 -19.25 -6.49 9.38
C PRO A 562 -18.78 -5.49 10.46
N GLU A 563 -17.99 -5.99 11.42
CA GLU A 563 -17.39 -5.18 12.49
C GLU A 563 -16.41 -4.13 11.92
N VAL A 564 -15.64 -4.49 10.85
CA VAL A 564 -14.68 -3.56 10.18
C VAL A 564 -15.40 -2.30 9.70
N LYS A 565 -16.70 -2.44 9.38
CA LYS A 565 -17.57 -1.28 9.16
C LYS A 565 -17.68 -0.53 10.50
N TYR A 566 -17.01 0.62 10.58
CA TYR A 566 -16.68 1.29 11.85
C TYR A 566 -17.92 1.93 12.49
N ILE A 567 -17.79 2.40 13.75
CA ILE A 567 -18.93 2.93 14.52
C ILE A 567 -19.14 4.41 14.13
N PHE A 568 -20.24 4.68 13.42
CA PHE A 568 -20.51 5.98 12.77
C PHE A 568 -21.07 6.99 13.78
N GLU A 569 -20.18 7.90 14.24
CA GLU A 569 -20.55 9.00 15.13
C GLU A 569 -20.74 10.27 14.29
N LEU A 570 -21.86 10.99 14.51
CA LEU A 570 -22.14 12.28 13.85
C LEU A 570 -22.29 13.36 14.93
N ASN A 571 -21.84 14.59 14.63
CA ASN A 571 -22.12 15.77 15.47
C ASN A 571 -23.30 16.54 14.87
N PRO A 572 -24.52 16.52 15.51
CA PRO A 572 -25.73 17.21 14.98
C PRO A 572 -25.56 18.74 14.91
N ASP A 573 -24.61 19.26 15.70
CA ASP A 573 -24.27 20.70 15.74
C ASP A 573 -23.66 21.18 14.40
N HIS A 574 -22.91 20.30 13.70
CA HIS A 574 -22.15 20.71 12.52
C HIS A 574 -23.08 20.84 11.28
N VAL A 575 -22.92 21.95 10.53
CA VAL A 575 -23.83 22.41 9.44
C VAL A 575 -24.07 21.33 8.34
N LEU A 576 -23.07 20.46 8.10
CA LEU A 576 -23.19 19.36 7.10
C LEU A 576 -24.19 18.28 7.60
N VAL A 577 -24.11 17.95 8.90
CA VAL A 577 -25.04 16.99 9.55
C VAL A 577 -26.42 17.64 9.75
N LYS A 578 -26.44 18.97 9.90
CA LYS A 578 -27.69 19.76 9.96
C LYS A 578 -28.45 19.65 8.64
N ARG A 579 -27.73 19.73 7.50
CA ARG A 579 -28.34 19.51 6.18
C ARG A 579 -28.82 18.07 6.01
N ALA A 580 -28.12 17.10 6.63
CA ALA A 580 -28.53 15.69 6.58
C ALA A 580 -29.76 15.40 7.48
N ALA A 581 -29.94 16.20 8.54
CA ALA A 581 -30.99 15.98 9.56
C ALA A 581 -32.28 16.77 9.28
N ASP A 582 -32.12 17.96 8.68
CA ASP A 582 -33.25 18.88 8.40
C ASP A 582 -33.85 18.61 7.00
N THR A 583 -33.14 17.87 6.14
CA THR A 583 -33.65 17.47 4.82
C THR A 583 -34.61 16.27 4.94
N GLU A 584 -35.87 16.48 4.54
CA GLU A 584 -36.89 15.42 4.44
C GLU A 584 -36.85 14.77 3.04
N ASP A 585 -36.42 15.56 2.02
CA ASP A 585 -36.29 15.10 0.62
C ASP A 585 -35.37 13.86 0.56
N GLU A 586 -35.91 12.77 0.00
CA GLU A 586 -35.29 11.44 -0.07
C GLU A 586 -33.90 11.46 -0.76
N ALA A 587 -33.82 12.25 -1.85
CA ALA A 587 -32.62 12.34 -2.70
C ALA A 587 -31.42 12.90 -1.91
N LYS A 588 -31.62 14.07 -1.30
CA LYS A 588 -30.57 14.77 -0.52
C LYS A 588 -30.39 14.15 0.87
N PHE A 589 -31.41 13.46 1.40
CA PHE A 589 -31.30 12.78 2.71
C PHE A 589 -30.28 11.64 2.59
N SER A 590 -30.54 10.72 1.64
CA SER A 590 -29.66 9.57 1.37
C SER A 590 -28.27 10.05 0.89
N GLU A 591 -28.27 11.16 0.10
CA GLU A 591 -27.03 11.80 -0.40
C GLU A 591 -26.12 12.20 0.77
N TRP A 592 -26.65 13.06 1.66
CA TRP A 592 -25.88 13.66 2.76
C TRP A 592 -25.48 12.62 3.81
N VAL A 593 -26.42 11.75 4.23
CA VAL A 593 -26.16 10.73 5.28
C VAL A 593 -25.02 9.78 4.85
N GLU A 594 -25.08 9.30 3.59
CA GLU A 594 -24.05 8.40 3.03
C GLU A 594 -22.76 9.18 2.67
N LEU A 595 -22.88 10.50 2.39
CA LEU A 595 -21.71 11.38 2.12
C LEU A 595 -20.91 11.61 3.41
N LEU A 596 -21.63 11.74 4.54
CA LEU A 596 -21.01 11.90 5.87
C LEU A 596 -20.31 10.59 6.25
N LEU A 597 -20.92 9.46 5.85
CA LEU A 597 -20.31 8.12 6.00
C LEU A 597 -19.00 8.04 5.21
N ASP A 598 -19.04 8.51 3.94
CA ASP A 598 -17.87 8.55 3.05
C ASP A 598 -16.73 9.34 3.71
N GLN A 599 -17.06 10.55 4.20
CA GLN A 599 -16.09 11.49 4.82
C GLN A 599 -15.51 10.92 6.14
N ALA A 600 -16.33 10.15 6.88
CA ALA A 600 -15.97 9.57 8.19
C ALA A 600 -14.95 8.42 8.01
N LEU A 601 -15.32 7.45 7.15
CA LEU A 601 -14.45 6.31 6.83
C LEU A 601 -13.13 6.82 6.22
N LEU A 602 -13.26 7.79 5.30
CA LEU A 602 -12.12 8.45 4.62
C LEU A 602 -11.24 9.21 5.64
N ALA A 603 -11.83 9.64 6.78
CA ALA A 603 -11.07 10.32 7.88
C ALA A 603 -10.15 9.32 8.59
N GLU A 604 -10.62 8.08 8.74
CA GLU A 604 -9.89 7.01 9.42
C GLU A 604 -8.94 6.25 8.45
N ARG A 605 -9.30 6.23 7.14
CA ARG A 605 -8.67 5.30 6.16
C ARG A 605 -7.91 6.01 5.04
N GLY A 606 -8.51 7.09 4.49
CA GLY A 606 -8.03 7.65 3.22
C GLY A 606 -8.30 6.73 2.03
N THR A 607 -9.27 5.81 2.22
CA THR A 607 -9.68 4.81 1.23
C THR A 607 -11.18 4.49 1.44
N LEU A 608 -11.93 4.36 0.33
CA LEU A 608 -13.38 4.03 0.35
C LEU A 608 -13.67 2.81 -0.54
N GLU A 609 -14.92 2.32 -0.50
CA GLU A 609 -15.37 1.15 -1.30
C GLU A 609 -15.24 1.45 -2.81
N ASP A 610 -15.66 2.66 -3.19
CA ASP A 610 -15.62 3.16 -4.58
C ASP A 610 -15.27 4.66 -4.55
N PRO A 611 -14.10 5.08 -5.13
CA PRO A 611 -13.69 6.51 -5.18
C PRO A 611 -14.65 7.37 -6.02
N ASN A 612 -15.19 6.76 -7.10
CA ASN A 612 -16.02 7.45 -8.11
C ASN A 612 -17.32 8.01 -7.49
N LEU A 613 -17.85 7.29 -6.49
CA LEU A 613 -19.04 7.71 -5.73
C LEU A 613 -18.77 9.02 -4.97
N PHE A 614 -17.62 9.05 -4.26
CA PHE A 614 -17.23 10.21 -3.45
C PHE A 614 -16.88 11.41 -4.32
N ILE A 615 -16.20 11.17 -5.46
CA ILE A 615 -15.82 12.24 -6.41
C ILE A 615 -17.09 12.87 -7.03
N ARG A 616 -18.08 12.00 -7.33
CA ARG A 616 -19.36 12.41 -7.92
C ARG A 616 -20.14 13.31 -6.93
N ARG A 617 -20.11 12.94 -5.64
CA ARG A 617 -20.80 13.69 -4.57
C ARG A 617 -20.06 15.01 -4.23
N MET A 618 -18.75 14.89 -4.01
CA MET A 618 -17.89 15.99 -3.50
C MET A 618 -17.80 17.12 -4.53
N ASN A 619 -17.30 16.79 -5.73
CA ASN A 619 -17.03 17.77 -6.81
C ASN A 619 -18.33 18.46 -7.28
N GLN A 620 -19.46 17.71 -7.23
CA GLN A 620 -20.78 18.23 -7.62
C GLN A 620 -21.26 19.26 -6.58
N LEU A 621 -21.19 18.90 -5.29
CA LEU A 621 -21.64 19.77 -4.17
C LEU A 621 -20.58 20.86 -3.85
N LEU A 622 -19.41 20.78 -4.50
CA LEU A 622 -18.33 21.78 -4.39
C LEU A 622 -18.66 22.97 -5.31
N VAL A 623 -18.83 22.67 -6.62
CA VAL A 623 -19.06 23.69 -7.67
C VAL A 623 -20.54 24.16 -7.63
N SER A 624 -21.46 23.21 -7.40
CA SER A 624 -22.89 23.49 -7.26
C SER A 624 -23.28 23.41 -5.76
N MET B 1 -38.09 -8.93 16.73
CA MET B 1 -37.75 -7.71 15.97
C MET B 1 -38.55 -7.69 14.66
N LYS B 2 -39.27 -6.58 14.42
CA LYS B 2 -40.23 -6.45 13.30
C LYS B 2 -40.38 -4.97 12.90
N GLY B 3 -41.21 -4.71 11.89
CA GLY B 3 -41.50 -3.35 11.45
C GLY B 3 -42.53 -3.34 10.33
N GLN B 4 -42.86 -2.14 9.84
CA GLN B 4 -43.80 -1.97 8.71
C GLN B 4 -43.03 -2.15 7.39
N GLU B 5 -42.67 -3.42 7.12
CA GLU B 5 -41.86 -3.83 5.95
C GLU B 5 -42.77 -4.22 4.77
N THR B 6 -43.88 -3.49 4.61
CA THR B 6 -44.74 -3.57 3.42
C THR B 6 -44.04 -2.81 2.27
N ARG B 7 -43.10 -3.50 1.61
CA ARG B 7 -42.18 -2.89 0.63
C ARG B 7 -42.70 -3.09 -0.79
N GLY B 8 -42.30 -2.20 -1.70
CA GLY B 8 -42.69 -2.26 -3.11
C GLY B 8 -41.47 -2.18 -4.02
N PHE B 9 -41.27 -3.21 -4.85
CA PHE B 9 -40.16 -3.25 -5.82
C PHE B 9 -40.45 -2.28 -6.99
N GLN B 10 -39.49 -1.37 -7.27
CA GLN B 10 -39.58 -0.40 -8.37
C GLN B 10 -39.01 -1.02 -9.66
N SER B 11 -38.75 -0.18 -10.68
CA SER B 11 -38.05 -0.61 -11.90
C SER B 11 -36.56 -0.91 -11.58
N GLU B 12 -36.31 -2.14 -11.10
CA GLU B 12 -34.99 -2.60 -10.65
C GLU B 12 -34.80 -4.08 -11.04
N VAL B 13 -33.69 -4.37 -11.72
CA VAL B 13 -33.35 -5.72 -12.20
C VAL B 13 -32.29 -6.38 -11.26
N LYS B 14 -32.80 -6.89 -10.13
CA LYS B 14 -31.98 -7.59 -9.11
C LYS B 14 -31.76 -9.07 -9.51
N GLN B 15 -30.73 -9.70 -8.91
CA GLN B 15 -30.43 -11.15 -9.09
C GLN B 15 -31.66 -11.99 -8.70
N LEU B 16 -32.10 -11.80 -7.43
CA LEU B 16 -33.29 -12.48 -6.87
C LEU B 16 -34.56 -12.13 -7.69
N LEU B 17 -34.64 -10.88 -8.21
CA LEU B 17 -35.78 -10.42 -9.04
C LEU B 17 -35.86 -11.24 -10.35
N HIS B 18 -34.69 -11.61 -10.91
CA HIS B 18 -34.62 -12.43 -12.15
C HIS B 18 -35.04 -13.88 -11.88
N LEU B 19 -34.84 -14.32 -10.62
CA LEU B 19 -35.31 -15.62 -10.16
C LEU B 19 -36.86 -15.58 -10.02
N MET B 20 -37.36 -14.52 -9.35
CA MET B 20 -38.79 -14.34 -8.96
C MET B 20 -39.74 -14.44 -10.18
N ILE B 21 -39.34 -13.80 -11.30
CA ILE B 21 -40.11 -13.80 -12.56
C ILE B 21 -40.34 -15.25 -13.07
N HIS B 22 -39.27 -16.05 -13.04
CA HIS B 22 -39.28 -17.43 -13.55
C HIS B 22 -39.53 -18.45 -12.41
N SER B 23 -39.72 -17.98 -11.16
CA SER B 23 -40.14 -18.84 -10.02
C SER B 23 -41.65 -19.13 -10.14
N LEU B 24 -42.41 -18.16 -10.69
CA LEU B 24 -43.80 -18.36 -11.09
C LEU B 24 -43.80 -19.32 -12.30
N TYR B 25 -43.06 -18.89 -13.35
CA TYR B 25 -42.72 -19.71 -14.56
C TYR B 25 -43.97 -20.01 -15.42
N SER B 26 -45.13 -19.38 -15.09
CA SER B 26 -46.44 -19.67 -15.71
C SER B 26 -46.86 -21.14 -15.44
N ASN B 27 -46.25 -21.75 -14.39
CA ASN B 27 -46.34 -23.20 -14.13
C ASN B 27 -46.76 -23.47 -12.66
N LYS B 28 -46.17 -22.70 -11.73
CA LYS B 28 -46.36 -22.80 -10.25
C LYS B 28 -45.73 -24.08 -9.64
N GLU B 29 -46.07 -25.27 -10.20
CA GLU B 29 -45.62 -26.59 -9.68
C GLU B 29 -44.09 -26.80 -9.84
N ILE B 30 -43.43 -25.85 -10.52
CA ILE B 30 -41.97 -25.72 -10.59
C ILE B 30 -41.33 -25.66 -9.17
N PHE B 31 -42.13 -25.25 -8.14
CA PHE B 31 -41.67 -25.29 -6.73
C PHE B 31 -41.30 -26.73 -6.32
N LEU B 32 -42.12 -27.70 -6.76
CA LEU B 32 -41.92 -29.13 -6.47
C LEU B 32 -40.62 -29.62 -7.15
N ARG B 33 -40.44 -29.22 -8.43
CA ARG B 33 -39.22 -29.55 -9.20
C ARG B 33 -37.96 -29.03 -8.49
N GLU B 34 -38.04 -27.76 -8.05
CA GLU B 34 -36.95 -27.04 -7.39
C GLU B 34 -36.59 -27.70 -6.05
N LEU B 35 -37.59 -27.84 -5.16
CA LEU B 35 -37.42 -28.45 -3.81
C LEU B 35 -36.67 -29.80 -3.90
N ILE B 36 -37.14 -30.68 -4.80
CA ILE B 36 -36.52 -32.00 -5.01
C ILE B 36 -35.09 -31.88 -5.59
N SER B 37 -34.90 -30.99 -6.59
CA SER B 37 -33.56 -30.77 -7.21
C SER B 37 -32.57 -30.12 -6.21
N ASN B 38 -33.12 -29.37 -5.24
CA ASN B 38 -32.34 -28.73 -4.17
C ASN B 38 -32.00 -29.79 -3.11
N ALA B 39 -32.89 -30.80 -3.00
CA ALA B 39 -32.74 -31.93 -2.07
C ALA B 39 -31.82 -33.01 -2.67
N SER B 40 -31.70 -33.00 -4.00
CA SER B 40 -30.83 -33.91 -4.75
C SER B 40 -29.38 -33.50 -4.56
N ASP B 41 -29.12 -32.19 -4.68
CA ASP B 41 -27.77 -31.61 -4.48
C ASP B 41 -27.40 -31.64 -2.98
N ALA B 42 -28.42 -31.52 -2.11
CA ALA B 42 -28.25 -31.68 -0.65
C ALA B 42 -27.83 -33.13 -0.32
N ALA B 43 -28.51 -34.10 -0.95
CA ALA B 43 -28.21 -35.53 -0.80
C ALA B 43 -26.81 -35.86 -1.36
N ASP B 44 -26.40 -35.11 -2.40
CA ASP B 44 -25.07 -35.20 -3.01
C ASP B 44 -23.97 -34.86 -1.98
N LYS B 45 -24.15 -33.73 -1.27
CA LYS B 45 -23.21 -33.28 -0.21
C LYS B 45 -23.07 -34.36 0.90
N LEU B 46 -24.18 -35.08 1.19
CA LEU B 46 -24.16 -36.20 2.16
C LEU B 46 -23.42 -37.41 1.58
N ARG B 47 -23.57 -37.65 0.26
CA ARG B 47 -22.91 -38.79 -0.44
C ARG B 47 -21.37 -38.70 -0.31
N PHE B 48 -20.84 -37.45 -0.23
CA PHE B 48 -19.41 -37.23 -0.04
C PHE B 48 -18.99 -37.36 1.45
N ARG B 49 -19.65 -36.58 2.35
CA ARG B 49 -19.22 -36.52 3.78
C ARG B 49 -19.36 -37.91 4.43
N ALA B 50 -20.48 -38.60 4.15
CA ALA B 50 -20.78 -39.93 4.70
C ALA B 50 -19.90 -41.02 4.06
N LEU B 51 -19.27 -40.71 2.91
CA LEU B 51 -18.27 -41.59 2.29
C LEU B 51 -16.94 -41.45 3.04
N SER B 52 -16.61 -40.22 3.48
CA SER B 52 -15.33 -39.93 4.16
C SER B 52 -15.43 -40.27 5.67
N ASN B 53 -16.67 -40.42 6.15
CA ASN B 53 -17.00 -40.85 7.51
C ASN B 53 -18.32 -41.64 7.43
N PRO B 54 -18.30 -43.01 7.29
CA PRO B 54 -19.54 -43.85 7.14
C PRO B 54 -20.57 -43.66 8.27
N ASP B 55 -20.09 -43.12 9.39
CA ASP B 55 -20.90 -42.82 10.59
C ASP B 55 -21.96 -41.73 10.32
N LEU B 56 -21.73 -40.88 9.29
CA LEU B 56 -22.67 -39.79 8.91
C LEU B 56 -23.86 -40.34 8.07
N TYR B 57 -23.80 -41.65 7.68
CA TYR B 57 -24.97 -42.39 7.13
C TYR B 57 -25.99 -42.71 8.24
N GLU B 58 -25.56 -42.60 9.53
CA GLU B 58 -26.45 -42.76 10.72
C GLU B 58 -27.12 -44.16 10.80
N GLY B 59 -26.67 -45.11 9.95
CA GLY B 59 -27.35 -46.39 9.77
C GLY B 59 -28.25 -46.39 8.53
N ASP B 60 -29.00 -45.29 8.34
CA ASP B 60 -29.93 -45.11 7.20
C ASP B 60 -29.12 -44.75 5.93
N GLY B 61 -28.86 -45.76 5.08
CA GLY B 61 -27.89 -45.63 3.98
C GLY B 61 -28.51 -45.24 2.63
N GLU B 62 -29.73 -45.73 2.36
CA GLU B 62 -30.44 -45.49 1.09
C GLU B 62 -31.05 -44.06 1.09
N LEU B 63 -30.26 -43.10 0.58
CA LEU B 63 -30.62 -41.68 0.57
C LEU B 63 -31.79 -41.42 -0.40
N ARG B 64 -32.86 -40.79 0.09
CA ARG B 64 -34.08 -40.49 -0.68
C ARG B 64 -34.67 -39.12 -0.28
N VAL B 65 -35.66 -38.66 -1.05
CA VAL B 65 -36.52 -37.51 -0.67
C VAL B 65 -37.98 -37.98 -0.71
N ARG B 66 -38.75 -37.66 0.34
CA ARG B 66 -40.11 -38.19 0.55
C ARG B 66 -41.14 -37.06 0.55
N VAL B 67 -42.02 -37.07 -0.46
CA VAL B 67 -43.17 -36.17 -0.54
C VAL B 67 -44.37 -36.83 0.15
N SER B 68 -45.03 -36.08 1.02
CA SER B 68 -46.19 -36.54 1.80
C SER B 68 -47.17 -35.37 1.95
N PHE B 69 -48.45 -35.67 2.18
CA PHE B 69 -49.50 -34.63 2.21
C PHE B 69 -50.67 -35.03 3.11
N ASP B 70 -51.50 -34.03 3.44
CA ASP B 70 -52.73 -34.22 4.21
C ASP B 70 -53.79 -33.27 3.68
N LYS B 71 -54.89 -33.82 3.13
CA LYS B 71 -55.94 -33.05 2.45
C LYS B 71 -56.78 -32.21 3.42
N ASP B 72 -56.88 -32.68 4.68
CA ASP B 72 -57.66 -31.99 5.72
C ASP B 72 -56.88 -30.77 6.25
N LYS B 73 -55.67 -31.02 6.74
CA LYS B 73 -54.81 -30.00 7.37
C LYS B 73 -54.15 -29.10 6.30
N ARG B 74 -54.25 -29.51 5.03
CA ARG B 74 -53.79 -28.76 3.85
C ARG B 74 -52.28 -28.50 3.88
N THR B 75 -51.53 -29.51 4.34
CA THR B 75 -50.08 -29.44 4.42
C THR B 75 -49.44 -30.44 3.45
N LEU B 76 -48.53 -29.94 2.61
CA LEU B 76 -47.62 -30.75 1.79
C LEU B 76 -46.28 -30.83 2.56
N THR B 77 -45.49 -31.89 2.37
CA THR B 77 -44.24 -32.09 3.13
C THR B 77 -43.20 -32.83 2.27
N ILE B 78 -42.20 -32.07 1.76
CA ILE B 78 -41.04 -32.60 1.03
C ILE B 78 -39.86 -32.67 2.01
N SER B 79 -39.55 -33.89 2.46
CA SER B 79 -38.51 -34.12 3.48
C SER B 79 -37.42 -35.06 2.92
N ASP B 80 -36.23 -34.49 2.67
CA ASP B 80 -35.04 -35.28 2.30
C ASP B 80 -34.29 -35.71 3.55
N ASN B 81 -33.54 -36.82 3.42
CA ASN B 81 -32.62 -37.30 4.46
C ASN B 81 -31.17 -36.94 4.04
N GLY B 82 -31.04 -35.82 3.29
CA GLY B 82 -29.77 -35.39 2.71
C GLY B 82 -28.79 -34.79 3.72
N VAL B 83 -27.97 -33.82 3.28
CA VAL B 83 -26.92 -33.22 4.12
C VAL B 83 -27.53 -32.41 5.26
N GLY B 84 -28.66 -31.72 5.00
CA GLY B 84 -29.26 -30.77 5.94
C GLY B 84 -28.41 -29.51 6.14
N MET B 85 -28.86 -28.60 7.01
CA MET B 85 -28.14 -27.36 7.34
C MET B 85 -28.02 -27.21 8.86
N THR B 86 -26.89 -26.65 9.31
CA THR B 86 -26.69 -26.22 10.69
C THR B 86 -27.26 -24.79 10.87
N ARG B 87 -27.23 -24.26 12.11
CA ARG B 87 -27.86 -22.98 12.46
C ARG B 87 -27.29 -21.81 11.63
N ASP B 88 -25.96 -21.75 11.55
CA ASP B 88 -25.24 -20.70 10.80
C ASP B 88 -25.56 -20.78 9.29
N GLU B 89 -25.72 -22.01 8.78
CA GLU B 89 -26.08 -22.26 7.38
C GLU B 89 -27.52 -21.82 7.09
N VAL B 90 -28.41 -21.92 8.09
CA VAL B 90 -29.85 -21.51 7.95
C VAL B 90 -29.98 -19.98 7.87
N ILE B 91 -29.11 -19.28 8.61
CA ILE B 91 -29.03 -17.80 8.54
C ILE B 91 -28.39 -17.36 7.20
N ASP B 92 -27.40 -18.16 6.76
CA ASP B 92 -26.64 -17.95 5.50
C ASP B 92 -27.45 -18.40 4.25
N HIS B 93 -28.49 -19.22 4.48
CA HIS B 93 -29.40 -19.71 3.43
C HIS B 93 -30.71 -18.91 3.48
N LEU B 94 -31.59 -19.28 4.42
CA LEU B 94 -32.97 -18.76 4.49
C LEU B 94 -32.99 -17.29 4.93
N GLY B 95 -32.17 -16.97 5.96
CA GLY B 95 -32.07 -15.60 6.49
C GLY B 95 -31.66 -14.57 5.42
N THR B 96 -30.77 -15.00 4.49
CA THR B 96 -30.30 -14.14 3.40
C THR B 96 -31.33 -14.02 2.25
N ILE B 97 -32.20 -15.06 2.07
CA ILE B 97 -33.25 -15.01 1.01
C ILE B 97 -34.47 -14.23 1.57
N ALA B 98 -34.60 -14.24 2.90
CA ALA B 98 -35.57 -13.43 3.65
C ALA B 98 -35.00 -12.01 3.85
N LYS B 99 -35.59 -11.22 4.77
CA LYS B 99 -35.16 -9.84 5.00
C LYS B 99 -33.84 -9.80 5.79
N SER B 100 -32.72 -9.49 5.09
CA SER B 100 -31.39 -9.38 5.71
C SER B 100 -30.72 -8.08 5.25
N GLY B 101 -30.71 -7.89 3.93
CA GLY B 101 -30.05 -6.75 3.29
C GLY B 101 -29.08 -7.21 2.21
N THR B 102 -29.48 -8.23 1.43
CA THR B 102 -28.58 -8.88 0.47
C THR B 102 -28.68 -8.26 -0.94
N LYS B 103 -29.85 -7.62 -1.23
CA LYS B 103 -30.15 -6.98 -2.54
C LYS B 103 -30.05 -8.00 -3.72
N SER B 104 -28.81 -8.26 -4.13
CA SER B 104 -28.42 -9.16 -5.21
C SER B 104 -27.06 -9.77 -4.85
N PHE B 105 -26.19 -8.86 -4.36
CA PHE B 105 -24.83 -9.17 -3.90
C PHE B 105 -24.64 -8.55 -2.49
N LEU B 106 -25.05 -7.27 -2.37
CA LEU B 106 -25.09 -6.51 -1.11
C LEU B 106 -25.77 -5.16 -1.38
N GLU B 107 -26.63 -4.70 -0.43
CA GLU B 107 -27.45 -3.48 -0.59
C GLU B 107 -26.66 -2.14 -0.55
N SER B 108 -25.31 -2.19 -0.56
CA SER B 108 -24.47 -0.96 -0.53
C SER B 108 -23.06 -1.18 -1.09
N LEU B 109 -22.25 -2.03 -0.40
CA LEU B 109 -20.80 -2.09 -0.64
C LEU B 109 -20.50 -3.12 -1.75
N GLY B 110 -21.43 -4.07 -1.94
CA GLY B 110 -21.38 -5.00 -3.08
C GLY B 110 -20.22 -5.97 -2.98
N SER B 111 -20.01 -6.52 -1.77
CA SER B 111 -18.81 -7.29 -1.46
C SER B 111 -18.96 -8.09 -0.14
N ASP B 112 -19.25 -7.40 0.97
CA ASP B 112 -19.10 -7.98 2.34
C ASP B 112 -20.09 -9.13 2.59
N GLN B 113 -21.36 -8.89 2.27
CA GLN B 113 -22.47 -9.85 2.50
C GLN B 113 -22.67 -10.74 1.24
N ALA B 114 -21.66 -10.74 0.33
CA ALA B 114 -21.77 -11.37 -1.02
C ALA B 114 -21.66 -12.91 -1.01
N LYS B 115 -21.76 -13.51 0.18
CA LYS B 115 -21.90 -14.97 0.32
C LYS B 115 -23.40 -15.34 0.41
N ASP B 116 -24.24 -14.54 -0.30
CA ASP B 116 -25.69 -14.71 -0.37
C ASP B 116 -26.06 -15.35 -1.72
N SER B 117 -25.50 -14.80 -2.81
CA SER B 117 -25.83 -15.16 -4.20
C SER B 117 -25.53 -16.64 -4.52
N GLN B 118 -24.68 -17.25 -3.68
CA GLN B 118 -24.35 -18.68 -3.73
C GLN B 118 -25.60 -19.56 -3.48
N LEU B 119 -26.29 -19.29 -2.37
CA LEU B 119 -27.44 -20.10 -1.92
C LEU B 119 -28.75 -19.56 -2.51
N ILE B 120 -28.82 -18.23 -2.71
CA ILE B 120 -29.97 -17.57 -3.37
C ILE B 120 -30.04 -18.03 -4.85
N GLY B 121 -28.85 -18.25 -5.47
CA GLY B 121 -28.75 -18.72 -6.86
C GLY B 121 -29.65 -19.91 -7.22
N GLN B 122 -29.61 -20.96 -6.37
CA GLN B 122 -30.46 -22.17 -6.53
C GLN B 122 -31.75 -22.05 -5.69
N PHE B 123 -31.55 -21.92 -4.37
CA PHE B 123 -32.60 -22.08 -3.36
C PHE B 123 -33.58 -20.89 -3.31
N GLY B 124 -33.14 -19.73 -3.83
CA GLY B 124 -33.98 -18.51 -3.86
C GLY B 124 -35.19 -18.66 -4.77
N VAL B 125 -35.07 -19.56 -5.76
CA VAL B 125 -36.15 -19.89 -6.70
C VAL B 125 -37.23 -20.70 -5.96
N GLY B 126 -36.80 -21.87 -5.43
CA GLY B 126 -37.69 -22.80 -4.70
C GLY B 126 -38.37 -22.15 -3.50
N PHE B 127 -37.68 -21.17 -2.89
CA PHE B 127 -38.19 -20.36 -1.78
C PHE B 127 -39.45 -19.58 -2.23
N TYR B 128 -39.29 -18.72 -3.25
CA TYR B 128 -40.34 -17.80 -3.71
C TYR B 128 -41.54 -18.56 -4.31
N SER B 129 -41.25 -19.60 -5.10
CA SER B 129 -42.26 -20.44 -5.77
C SER B 129 -43.09 -21.24 -4.74
N ALA B 130 -42.43 -21.66 -3.64
CA ALA B 130 -43.10 -22.31 -2.50
C ALA B 130 -44.11 -21.35 -1.85
N PHE B 131 -43.71 -20.06 -1.69
CA PHE B 131 -44.57 -19.01 -1.12
C PHE B 131 -45.70 -18.57 -2.08
N ILE B 132 -45.64 -18.98 -3.38
CA ILE B 132 -46.76 -18.76 -4.32
C ILE B 132 -47.95 -19.64 -3.91
N VAL B 133 -47.72 -20.96 -3.86
CA VAL B 133 -48.79 -21.96 -3.62
C VAL B 133 -49.09 -22.16 -2.11
N ALA B 134 -48.13 -21.78 -1.26
CA ALA B 134 -48.25 -21.92 0.21
C ALA B 134 -48.12 -20.55 0.89
N ASP B 135 -48.97 -20.31 1.89
CA ASP B 135 -48.95 -19.07 2.69
C ASP B 135 -47.93 -19.18 3.84
N LYS B 136 -47.46 -20.42 4.11
CA LYS B 136 -46.41 -20.70 5.12
C LYS B 136 -45.46 -21.78 4.57
N VAL B 137 -44.15 -21.53 4.68
CA VAL B 137 -43.10 -22.53 4.40
C VAL B 137 -42.35 -22.82 5.71
N THR B 138 -42.59 -24.01 6.25
CA THR B 138 -42.01 -24.48 7.52
C THR B 138 -40.76 -25.31 7.24
N VAL B 139 -39.60 -24.79 7.60
CA VAL B 139 -38.32 -25.51 7.48
C VAL B 139 -37.96 -26.11 8.84
N ARG B 140 -37.53 -27.37 8.82
CA ARG B 140 -37.08 -28.10 10.00
C ARG B 140 -35.91 -28.99 9.54
N THR B 141 -34.68 -28.54 9.78
CA THR B 141 -33.46 -29.19 9.23
C THR B 141 -32.52 -29.65 10.35
N ARG B 142 -31.63 -30.59 10.02
CA ARG B 142 -30.62 -31.14 10.93
C ARG B 142 -29.51 -31.74 10.05
N ALA B 143 -28.36 -31.05 10.01
CA ALA B 143 -27.20 -31.47 9.20
C ALA B 143 -26.54 -32.75 9.76
N ALA B 144 -26.33 -33.72 8.87
CA ALA B 144 -25.87 -35.08 9.18
C ALA B 144 -24.55 -35.10 9.98
N GLY B 145 -24.59 -35.80 11.13
CA GLY B 145 -23.41 -35.99 11.96
C GLY B 145 -23.47 -35.25 13.28
N GLU B 146 -24.03 -34.02 13.26
CA GLU B 146 -24.21 -33.23 14.49
C GLU B 146 -25.45 -33.74 15.25
N LYS B 147 -25.39 -33.63 16.59
CA LYS B 147 -26.45 -34.11 17.50
C LYS B 147 -27.81 -33.40 17.24
N PRO B 148 -28.97 -34.16 17.41
CA PRO B 148 -30.34 -33.64 17.12
C PRO B 148 -30.71 -32.32 17.84
N GLU B 149 -30.00 -32.03 18.96
CA GLU B 149 -30.18 -30.79 19.77
C GLU B 149 -30.02 -29.51 18.92
N ASN B 150 -29.07 -29.55 17.98
CA ASN B 150 -28.74 -28.40 17.13
C ASN B 150 -29.67 -28.29 15.91
N GLY B 151 -30.80 -29.04 15.93
CA GLY B 151 -31.82 -28.96 14.86
C GLY B 151 -32.42 -27.56 14.79
N VAL B 152 -32.76 -27.09 13.59
CA VAL B 152 -33.16 -25.69 13.38
C VAL B 152 -34.56 -25.62 12.76
N PHE B 153 -35.43 -24.87 13.44
CA PHE B 153 -36.74 -24.46 12.92
C PHE B 153 -36.60 -23.12 12.20
N TRP B 154 -37.41 -22.94 11.16
CA TRP B 154 -37.56 -21.68 10.44
C TRP B 154 -38.98 -21.67 9.84
N GLU B 155 -39.54 -20.47 9.66
CA GLU B 155 -40.86 -20.28 9.03
C GLU B 155 -41.05 -18.81 8.67
N SER B 156 -41.82 -18.56 7.61
CA SER B 156 -42.28 -17.22 7.24
C SER B 156 -43.67 -17.33 6.61
N ALA B 157 -44.39 -16.20 6.55
CA ALA B 157 -45.70 -16.11 5.91
C ALA B 157 -45.59 -15.50 4.50
N GLY B 158 -44.40 -14.98 4.14
CA GLY B 158 -44.15 -14.38 2.83
C GLY B 158 -43.80 -12.89 2.91
N GLU B 159 -44.10 -12.27 4.06
CA GLU B 159 -43.82 -10.84 4.34
C GLU B 159 -42.30 -10.58 4.58
N GLY B 160 -41.97 -9.32 4.93
CA GLY B 160 -40.58 -8.91 5.24
C GLY B 160 -40.17 -9.31 6.67
N GLU B 161 -40.32 -10.61 6.97
CA GLU B 161 -40.08 -11.18 8.31
C GLU B 161 -39.73 -12.68 8.17
N TYR B 162 -39.11 -13.22 9.23
CA TYR B 162 -38.72 -14.65 9.31
C TYR B 162 -38.52 -15.04 10.79
N THR B 163 -39.05 -16.21 11.17
CA THR B 163 -38.88 -16.78 12.52
C THR B 163 -37.86 -17.94 12.43
N VAL B 164 -36.91 -17.98 13.37
CA VAL B 164 -35.90 -19.05 13.46
C VAL B 164 -35.69 -19.42 14.95
N ALA B 165 -35.67 -20.73 15.26
CA ALA B 165 -35.60 -21.23 16.65
C ALA B 165 -34.83 -22.54 16.73
N ASP B 166 -34.03 -22.69 17.79
CA ASP B 166 -33.24 -23.91 18.04
C ASP B 166 -34.13 -25.00 18.68
N ILE B 167 -34.34 -26.10 17.95
CA ILE B 167 -35.20 -27.23 18.38
C ILE B 167 -34.44 -28.57 18.26
N THR B 168 -35.12 -29.68 18.57
CA THR B 168 -34.58 -31.04 18.41
C THR B 168 -35.24 -31.73 17.21
N LYS B 169 -34.43 -32.07 16.19
CA LYS B 169 -34.89 -32.88 15.04
C LYS B 169 -34.15 -34.23 15.05
N GLU B 170 -34.90 -35.28 15.38
CA GLU B 170 -34.38 -36.65 15.51
C GLU B 170 -33.94 -37.24 14.15
N ASP B 171 -34.64 -36.81 13.08
CA ASP B 171 -34.35 -37.27 11.71
C ASP B 171 -33.21 -36.46 11.07
N ARG B 172 -32.59 -37.07 10.06
CA ARG B 172 -31.47 -36.48 9.31
C ARG B 172 -32.01 -35.73 8.07
N GLY B 173 -31.29 -34.69 7.61
CA GLY B 173 -31.61 -33.98 6.37
C GLY B 173 -32.48 -32.75 6.61
N THR B 174 -33.35 -32.43 5.64
CA THR B 174 -34.21 -31.22 5.69
C THR B 174 -35.69 -31.62 5.50
N GLU B 175 -36.57 -30.94 6.23
CA GLU B 175 -38.01 -31.27 6.28
C GLU B 175 -38.83 -29.99 6.03
N ILE B 176 -39.40 -29.88 4.82
CA ILE B 176 -40.15 -28.69 4.37
C ILE B 176 -41.66 -28.99 4.37
N THR B 177 -42.44 -28.27 5.18
CA THR B 177 -43.89 -28.44 5.30
C THR B 177 -44.61 -27.16 4.82
N LEU B 178 -45.25 -27.25 3.65
CA LEU B 178 -45.92 -26.13 3.00
C LEU B 178 -47.40 -26.14 3.40
N HIS B 179 -47.81 -25.15 4.21
CA HIS B 179 -49.23 -24.93 4.51
C HIS B 179 -49.85 -24.25 3.27
N LEU B 180 -50.47 -25.09 2.43
CA LEU B 180 -51.02 -24.68 1.13
C LEU B 180 -52.26 -23.78 1.30
N ARG B 181 -52.43 -22.88 0.33
CA ARG B 181 -53.57 -21.96 0.24
C ARG B 181 -54.79 -22.69 -0.33
N GLU B 182 -56.01 -22.23 0.01
CA GLU B 182 -57.25 -22.80 -0.54
C GLU B 182 -57.33 -22.49 -2.04
N GLY B 183 -57.61 -23.52 -2.85
CA GLY B 183 -57.46 -23.45 -4.30
C GLY B 183 -56.17 -24.14 -4.72
N GLU B 184 -55.09 -23.90 -3.95
CA GLU B 184 -53.76 -24.50 -4.19
C GLU B 184 -53.66 -25.87 -3.48
N ASP B 185 -54.83 -26.48 -3.26
CA ASP B 185 -54.96 -27.82 -2.65
C ASP B 185 -54.94 -28.91 -3.76
N GLU B 186 -54.67 -28.45 -5.00
CA GLU B 186 -54.30 -29.29 -6.15
C GLU B 186 -53.08 -30.17 -5.80
N PHE B 187 -52.19 -29.63 -4.96
CA PHE B 187 -50.94 -30.30 -4.54
C PHE B 187 -51.17 -31.17 -3.28
N LEU B 188 -52.46 -31.43 -2.95
CA LEU B 188 -52.88 -32.44 -1.96
C LEU B 188 -53.53 -33.63 -2.67
N ASP B 189 -53.76 -33.51 -3.98
CA ASP B 189 -54.44 -34.55 -4.77
C ASP B 189 -53.38 -35.57 -5.23
N ASP B 190 -53.58 -36.85 -4.85
CA ASP B 190 -52.54 -37.90 -4.95
C ASP B 190 -52.03 -38.09 -6.39
N TRP B 191 -52.94 -38.46 -7.32
CA TRP B 191 -52.59 -38.71 -8.75
C TRP B 191 -51.88 -37.48 -9.38
N ARG B 192 -52.33 -36.28 -8.96
CA ARG B 192 -51.82 -35.00 -9.47
C ARG B 192 -50.35 -34.82 -9.08
N VAL B 193 -50.08 -34.90 -7.75
CA VAL B 193 -48.73 -34.76 -7.17
C VAL B 193 -47.78 -35.75 -7.84
N ARG B 194 -48.22 -37.01 -7.97
CA ARG B 194 -47.43 -38.12 -8.54
C ARG B 194 -47.04 -37.85 -10.01
N SER B 195 -47.97 -37.31 -10.79
CA SER B 195 -47.73 -36.97 -12.20
C SER B 195 -46.67 -35.87 -12.32
N ILE B 196 -46.76 -34.89 -11.40
CA ILE B 196 -45.82 -33.76 -11.32
C ILE B 196 -44.44 -34.26 -10.84
N ILE B 197 -44.44 -35.29 -9.95
CA ILE B 197 -43.20 -35.91 -9.44
C ILE B 197 -42.45 -36.54 -10.63
N SER B 198 -43.06 -37.55 -11.27
CA SER B 198 -42.41 -38.35 -12.35
C SER B 198 -41.89 -37.45 -13.50
N LYS B 199 -42.69 -36.43 -13.85
CA LYS B 199 -42.39 -35.49 -14.97
C LYS B 199 -41.05 -34.76 -14.78
N TYR B 200 -40.64 -34.53 -13.52
CA TYR B 200 -39.44 -33.76 -13.18
C TYR B 200 -38.36 -34.66 -12.53
N SER B 201 -38.77 -35.49 -11.58
CA SER B 201 -37.86 -36.38 -10.82
C SER B 201 -37.13 -37.38 -11.74
N ASP B 202 -37.69 -37.64 -12.94
CA ASP B 202 -37.09 -38.52 -13.96
C ASP B 202 -35.62 -38.13 -14.27
N HIS B 203 -35.34 -36.81 -14.31
CA HIS B 203 -33.98 -36.30 -14.63
C HIS B 203 -33.03 -36.36 -13.39
N ILE B 204 -33.52 -36.87 -12.25
CA ILE B 204 -32.83 -36.83 -10.95
C ILE B 204 -32.42 -38.26 -10.52
N ALA B 205 -31.23 -38.37 -9.91
CA ALA B 205 -30.66 -39.67 -9.47
C ALA B 205 -30.90 -39.91 -7.95
N LEU B 206 -31.96 -39.30 -7.40
CA LEU B 206 -32.32 -39.42 -5.97
C LEU B 206 -33.74 -40.01 -5.87
N PRO B 207 -33.91 -41.23 -5.22
CA PRO B 207 -35.24 -41.90 -5.06
C PRO B 207 -36.31 -40.98 -4.41
N VAL B 208 -37.20 -40.43 -5.24
CA VAL B 208 -38.33 -39.63 -4.76
C VAL B 208 -39.53 -40.56 -4.46
N GLU B 209 -39.68 -40.89 -3.16
CA GLU B 209 -40.79 -41.71 -2.67
C GLU B 209 -41.96 -40.80 -2.26
N ILE B 210 -43.20 -41.34 -2.30
CA ILE B 210 -44.39 -40.60 -1.88
C ILE B 210 -45.17 -41.43 -0.84
N GLU B 211 -45.85 -40.74 0.09
CA GLU B 211 -46.68 -41.38 1.10
C GLU B 211 -47.94 -41.97 0.45
N LYS B 212 -48.14 -43.26 0.70
CA LYS B 212 -49.38 -43.96 0.39
C LYS B 212 -49.81 -44.72 1.64
N ARG B 213 -50.60 -44.06 2.48
CA ARG B 213 -51.15 -44.68 3.69
C ARG B 213 -52.59 -45.14 3.43
N GLU B 214 -52.95 -46.31 3.98
CA GLU B 214 -54.32 -46.81 3.94
C GLU B 214 -54.89 -46.59 5.34
N GLU B 215 -55.58 -45.47 5.50
CA GLU B 215 -55.99 -44.93 6.78
C GLU B 215 -57.32 -45.57 7.24
N LYS B 216 -57.23 -46.81 7.76
CA LYS B 216 -58.35 -47.49 8.43
C LYS B 216 -58.23 -47.28 9.94
N ASP B 217 -59.37 -47.38 10.65
CA ASP B 217 -59.46 -47.07 12.09
C ASP B 217 -58.65 -48.09 12.91
N GLY B 218 -57.48 -47.65 13.38
CA GLY B 218 -56.55 -48.50 14.11
C GLY B 218 -55.39 -48.98 13.24
N GLU B 219 -55.65 -49.15 11.92
CA GLU B 219 -54.67 -49.68 10.95
C GLU B 219 -54.42 -48.66 9.82
N THR B 220 -53.51 -47.71 10.07
CA THR B 220 -53.04 -46.75 9.07
C THR B 220 -51.71 -47.27 8.49
N VAL B 221 -51.81 -48.09 7.42
CA VAL B 221 -50.64 -48.77 6.82
C VAL B 221 -49.91 -47.80 5.90
N ILE B 222 -48.70 -47.36 6.29
CA ILE B 222 -47.95 -46.30 5.56
C ILE B 222 -46.85 -46.93 4.70
N SER B 223 -46.95 -46.68 3.40
CA SER B 223 -45.98 -47.12 2.39
C SER B 223 -45.32 -45.87 1.76
N TRP B 224 -44.11 -46.02 1.23
CA TRP B 224 -43.44 -44.98 0.44
C TRP B 224 -43.09 -45.57 -0.93
N GLU B 225 -43.83 -45.11 -1.96
CA GLU B 225 -43.70 -45.63 -3.34
C GLU B 225 -42.84 -44.67 -4.16
N LYS B 226 -41.66 -45.13 -4.62
CA LYS B 226 -40.75 -44.30 -5.41
C LYS B 226 -41.28 -44.15 -6.85
N ILE B 227 -41.68 -42.91 -7.17
CA ILE B 227 -42.19 -42.51 -8.48
C ILE B 227 -41.02 -42.21 -9.43
N ASN B 228 -39.86 -41.92 -8.81
CA ASN B 228 -38.59 -41.72 -9.50
C ASN B 228 -37.92 -43.08 -9.73
N LYS B 229 -37.30 -43.22 -10.91
CA LYS B 229 -36.64 -44.47 -11.38
C LYS B 229 -35.37 -44.79 -10.54
N ALA B 230 -34.87 -43.78 -9.80
CA ALA B 230 -33.59 -43.81 -9.05
C ALA B 230 -32.45 -44.14 -10.01
N GLN B 231 -32.54 -43.55 -11.20
CA GLN B 231 -31.65 -43.84 -12.31
C GLN B 231 -30.98 -42.54 -12.75
N ALA B 232 -29.67 -42.62 -12.89
CA ALA B 232 -28.84 -41.51 -13.38
C ALA B 232 -29.20 -41.15 -14.84
N LEU B 233 -29.53 -39.86 -15.06
CA LEU B 233 -29.79 -39.31 -16.40
C LEU B 233 -28.58 -39.57 -17.31
N TRP B 234 -27.40 -39.25 -16.79
CA TRP B 234 -26.15 -39.35 -17.54
C TRP B 234 -25.86 -40.81 -17.97
N THR B 235 -26.17 -41.81 -17.12
CA THR B 235 -25.90 -43.22 -17.46
C THR B 235 -26.89 -43.73 -18.53
N ARG B 236 -28.14 -43.20 -18.55
CA ARG B 236 -29.07 -43.50 -19.65
C ARG B 236 -28.58 -42.82 -20.94
N ASN B 237 -28.69 -43.53 -22.08
CA ASN B 237 -28.26 -43.05 -23.40
C ASN B 237 -29.11 -41.83 -23.83
N LYS B 238 -28.53 -40.98 -24.70
CA LYS B 238 -29.16 -39.75 -25.21
C LYS B 238 -30.53 -40.03 -25.87
N SER B 239 -30.72 -41.29 -26.32
CA SER B 239 -31.98 -41.78 -26.89
C SER B 239 -33.10 -41.82 -25.83
N GLU B 240 -32.75 -42.19 -24.57
CA GLU B 240 -33.70 -42.19 -23.45
C GLU B 240 -33.87 -40.76 -22.90
N ILE B 241 -32.86 -39.89 -23.10
CA ILE B 241 -32.90 -38.51 -22.55
C ILE B 241 -33.59 -37.53 -23.53
N THR B 242 -34.76 -36.99 -23.11
CA THR B 242 -35.48 -35.95 -23.86
C THR B 242 -34.85 -34.55 -23.57
N ASP B 243 -35.19 -33.56 -24.43
CA ASP B 243 -34.74 -32.14 -24.31
C ASP B 243 -35.11 -31.56 -22.94
N GLU B 244 -36.33 -31.92 -22.49
CA GLU B 244 -36.90 -31.53 -21.19
C GLU B 244 -35.93 -31.91 -20.05
N GLU B 245 -35.51 -33.19 -20.06
CA GLU B 245 -34.57 -33.75 -19.06
C GLU B 245 -33.29 -32.95 -18.98
N TYR B 246 -32.66 -32.68 -20.15
CA TYR B 246 -31.40 -31.91 -20.24
C TYR B 246 -31.53 -30.53 -19.58
N LYS B 247 -32.57 -29.77 -19.98
CA LYS B 247 -32.77 -28.39 -19.51
C LYS B 247 -33.05 -28.33 -18.02
N GLU B 248 -33.95 -29.20 -17.53
CA GLU B 248 -34.33 -29.23 -16.11
C GLU B 248 -33.18 -29.79 -15.24
N PHE B 249 -32.31 -30.62 -15.84
CA PHE B 249 -31.15 -31.20 -15.14
C PHE B 249 -30.04 -30.16 -15.02
N TYR B 250 -29.97 -29.24 -16.00
CA TYR B 250 -29.14 -28.03 -15.93
C TYR B 250 -29.57 -27.19 -14.71
N LYS B 251 -30.90 -27.09 -14.51
CA LYS B 251 -31.52 -26.31 -13.41
C LYS B 251 -31.14 -26.90 -12.03
N HIS B 252 -30.76 -28.19 -12.04
CA HIS B 252 -30.16 -28.88 -10.89
C HIS B 252 -28.63 -28.56 -10.80
N ILE B 253 -27.87 -29.06 -11.80
CA ILE B 253 -26.39 -29.16 -11.73
C ILE B 253 -25.68 -27.80 -11.63
N ALA B 254 -26.30 -26.76 -12.20
CA ALA B 254 -25.67 -25.43 -12.37
C ALA B 254 -25.92 -24.53 -11.17
N HIS B 255 -26.96 -24.87 -10.35
CA HIS B 255 -27.51 -23.95 -9.34
C HIS B 255 -28.07 -22.67 -10.00
N ASP B 256 -28.44 -22.81 -11.28
CA ASP B 256 -29.05 -21.77 -12.11
C ASP B 256 -30.09 -22.46 -12.98
N PHE B 257 -31.22 -21.80 -13.23
CA PHE B 257 -32.43 -22.48 -13.73
C PHE B 257 -33.01 -21.78 -14.99
N ASN B 258 -32.22 -20.90 -15.60
CA ASN B 258 -32.60 -20.24 -16.86
C ASN B 258 -32.46 -21.26 -18.03
N ASP B 259 -32.95 -20.91 -19.23
CA ASP B 259 -32.98 -21.83 -20.38
C ASP B 259 -31.56 -21.97 -20.99
N PRO B 260 -30.89 -23.17 -20.90
CA PRO B 260 -29.48 -23.33 -21.32
C PRO B 260 -29.29 -23.12 -22.84
N LEU B 261 -28.19 -22.44 -23.19
CA LEU B 261 -27.91 -22.01 -24.58
C LEU B 261 -27.67 -23.22 -25.49
N THR B 262 -26.85 -24.17 -24.99
CA THR B 262 -26.53 -25.44 -25.66
C THR B 262 -25.89 -26.40 -24.64
N TRP B 263 -25.70 -27.67 -25.04
CA TRP B 263 -25.10 -28.72 -24.19
C TRP B 263 -24.45 -29.82 -25.05
N SER B 264 -23.82 -30.80 -24.38
CA SER B 264 -23.26 -31.99 -25.04
C SER B 264 -23.21 -33.15 -24.03
N HIS B 265 -23.92 -34.24 -24.35
CA HIS B 265 -23.91 -35.48 -23.56
C HIS B 265 -23.02 -36.48 -24.30
N ASN B 266 -22.07 -37.05 -23.56
CA ASN B 266 -21.08 -37.99 -24.10
C ASN B 266 -20.90 -39.13 -23.09
N ARG B 267 -20.75 -40.35 -23.60
CA ARG B 267 -20.40 -41.51 -22.77
C ARG B 267 -19.31 -42.31 -23.52
N VAL B 268 -18.22 -42.60 -22.82
CA VAL B 268 -17.04 -43.29 -23.36
C VAL B 268 -16.67 -44.44 -22.40
N GLU B 269 -16.24 -45.57 -22.97
CA GLU B 269 -15.83 -46.76 -22.22
C GLU B 269 -14.59 -47.38 -22.86
N GLY B 270 -14.11 -48.49 -22.30
CA GLY B 270 -12.87 -49.13 -22.75
C GLY B 270 -11.94 -49.27 -21.57
N LYS B 271 -10.80 -48.58 -21.60
CA LYS B 271 -9.94 -48.44 -20.41
C LYS B 271 -10.29 -47.14 -19.65
N GLN B 272 -10.79 -46.12 -20.37
CA GLN B 272 -11.29 -44.88 -19.75
C GLN B 272 -12.83 -44.83 -19.79
N GLU B 273 -13.45 -45.45 -18.77
CA GLU B 273 -14.90 -45.44 -18.59
C GLU B 273 -15.32 -44.18 -17.82
N TYR B 274 -15.93 -43.25 -18.55
CA TYR B 274 -16.53 -42.04 -17.98
C TYR B 274 -17.78 -41.65 -18.77
N THR B 275 -18.67 -40.91 -18.13
CA THR B 275 -19.82 -40.30 -18.81
C THR B 275 -19.79 -38.79 -18.56
N SER B 276 -19.49 -38.01 -19.61
CA SER B 276 -19.33 -36.55 -19.49
C SER B 276 -20.57 -35.83 -20.04
N LEU B 277 -21.22 -35.03 -19.19
CA LEU B 277 -22.44 -34.29 -19.54
C LEU B 277 -22.24 -32.80 -19.19
N LEU B 278 -21.96 -32.01 -20.23
CA LEU B 278 -21.63 -30.58 -20.11
C LEU B 278 -22.83 -29.73 -20.55
N TYR B 279 -22.94 -28.52 -19.99
CA TYR B 279 -23.99 -27.52 -20.31
C TYR B 279 -23.35 -26.13 -20.42
N ILE B 280 -23.94 -25.26 -21.26
CA ILE B 280 -23.54 -23.86 -21.42
C ILE B 280 -24.62 -22.96 -20.79
N PRO B 281 -24.31 -22.30 -19.61
CA PRO B 281 -25.27 -21.41 -18.92
C PRO B 281 -25.64 -20.15 -19.71
N SER B 282 -26.93 -19.78 -19.63
CA SER B 282 -27.48 -18.57 -20.28
C SER B 282 -27.27 -17.33 -19.41
N GLN B 283 -27.22 -17.55 -18.09
CA GLN B 283 -26.97 -16.52 -17.09
C GLN B 283 -25.75 -16.95 -16.26
N ALA B 284 -24.72 -16.10 -16.23
CA ALA B 284 -23.56 -16.29 -15.35
C ALA B 284 -23.96 -15.96 -13.91
N PRO B 285 -23.43 -16.71 -12.91
CA PRO B 285 -23.51 -16.27 -11.51
C PRO B 285 -22.69 -14.97 -11.31
N TRP B 286 -23.16 -14.10 -10.42
CA TRP B 286 -22.50 -12.81 -10.13
C TRP B 286 -21.08 -13.09 -9.57
N ASP B 287 -21.03 -14.00 -8.60
CA ASP B 287 -19.84 -14.38 -7.82
C ASP B 287 -18.87 -15.34 -8.57
N MET B 288 -19.03 -15.42 -9.91
CA MET B 288 -18.14 -16.20 -10.81
C MET B 288 -16.68 -15.69 -10.76
N TRP B 289 -16.52 -14.38 -10.50
CA TRP B 289 -15.21 -13.69 -10.49
C TRP B 289 -14.87 -13.13 -9.10
N ASN B 290 -15.51 -13.68 -8.07
CA ASN B 290 -15.31 -13.24 -6.67
C ASN B 290 -14.63 -14.34 -5.85
N ARG B 291 -14.52 -14.09 -4.53
CA ARG B 291 -13.86 -15.02 -3.58
C ARG B 291 -14.78 -16.24 -3.32
N ASP B 292 -16.05 -16.10 -3.71
CA ASP B 292 -17.06 -17.15 -3.67
C ASP B 292 -16.89 -18.09 -4.90
N HIS B 293 -17.41 -19.31 -4.81
CA HIS B 293 -17.08 -20.42 -5.76
C HIS B 293 -18.30 -20.85 -6.59
N LYS B 294 -18.09 -21.11 -7.89
CA LYS B 294 -19.16 -21.57 -8.82
C LYS B 294 -18.60 -22.47 -9.94
N HIS B 295 -17.46 -22.08 -10.52
CA HIS B 295 -16.92 -22.66 -11.78
C HIS B 295 -16.53 -24.16 -11.63
N GLY B 296 -16.85 -24.98 -12.65
CA GLY B 296 -16.48 -26.41 -12.65
C GLY B 296 -17.65 -27.36 -12.87
N LEU B 297 -17.39 -28.66 -12.62
CA LEU B 297 -18.37 -29.75 -12.81
C LEU B 297 -18.68 -30.45 -11.47
N LYS B 298 -19.75 -31.25 -11.46
CA LYS B 298 -20.11 -32.14 -10.33
C LYS B 298 -19.50 -33.54 -10.57
N LEU B 299 -18.46 -33.88 -9.81
CA LEU B 299 -17.83 -35.21 -9.89
C LEU B 299 -18.70 -36.28 -9.20
N TYR B 300 -18.97 -37.35 -9.94
CA TYR B 300 -19.55 -38.59 -9.46
C TYR B 300 -18.58 -39.72 -9.78
N VAL B 301 -18.12 -40.46 -8.77
CA VAL B 301 -17.36 -41.70 -8.97
C VAL B 301 -18.32 -42.86 -8.71
N GLN B 302 -18.66 -43.60 -9.81
CA GLN B 302 -19.55 -44.78 -9.78
C GLN B 302 -21.00 -44.35 -9.35
N ARG B 303 -21.36 -43.09 -9.75
CA ARG B 303 -22.68 -42.44 -9.50
C ARG B 303 -22.85 -42.01 -8.01
N VAL B 304 -21.74 -42.07 -7.24
CA VAL B 304 -21.66 -41.51 -5.88
C VAL B 304 -20.92 -40.16 -5.98
N PHE B 305 -21.57 -39.08 -5.51
CA PHE B 305 -21.02 -37.72 -5.59
C PHE B 305 -19.78 -37.53 -4.70
N ILE B 306 -18.79 -36.80 -5.23
CA ILE B 306 -17.56 -36.44 -4.52
C ILE B 306 -17.52 -34.91 -4.30
N MET B 307 -17.43 -34.11 -5.39
CA MET B 307 -17.29 -32.64 -5.25
C MET B 307 -17.76 -31.90 -6.51
N ASP B 308 -18.60 -30.86 -6.29
CA ASP B 308 -18.98 -29.88 -7.32
C ASP B 308 -18.00 -28.70 -7.27
N ASP B 309 -18.09 -27.81 -8.29
CA ASP B 309 -17.14 -26.69 -8.46
C ASP B 309 -15.71 -27.25 -8.72
N ALA B 310 -15.68 -28.49 -9.29
CA ALA B 310 -14.44 -29.18 -9.65
C ALA B 310 -14.13 -28.94 -11.13
N GLU B 311 -13.37 -27.86 -11.39
CA GLU B 311 -12.98 -27.44 -12.76
C GLU B 311 -11.88 -28.35 -13.36
N GLN B 312 -11.39 -29.32 -12.56
CA GLN B 312 -10.29 -30.26 -12.89
C GLN B 312 -10.50 -31.05 -14.21
N PHE B 313 -11.76 -31.30 -14.58
CA PHE B 313 -12.11 -32.08 -15.80
C PHE B 313 -12.15 -31.18 -17.05
N MET B 314 -11.95 -29.88 -16.83
CA MET B 314 -11.85 -28.86 -17.89
C MET B 314 -10.53 -28.09 -17.70
N PRO B 315 -9.94 -27.49 -18.77
CA PRO B 315 -8.94 -26.43 -18.59
C PRO B 315 -9.62 -25.19 -17.95
N ASN B 316 -8.87 -24.45 -17.12
CA ASN B 316 -9.42 -23.32 -16.32
C ASN B 316 -9.86 -22.14 -17.21
N TYR B 317 -9.41 -22.16 -18.48
CA TYR B 317 -9.72 -21.13 -19.50
C TYR B 317 -11.09 -21.45 -20.15
N LEU B 318 -11.65 -22.62 -19.76
CA LEU B 318 -13.00 -23.06 -20.09
C LEU B 318 -13.76 -23.39 -18.76
N ARG B 319 -13.45 -22.62 -17.68
CA ARG B 319 -14.05 -22.84 -16.33
C ARG B 319 -15.59 -22.57 -16.32
N PHE B 320 -16.08 -21.90 -17.39
CA PHE B 320 -17.51 -21.59 -17.56
C PHE B 320 -18.38 -22.85 -17.75
N VAL B 321 -17.74 -23.92 -18.28
CA VAL B 321 -18.43 -25.18 -18.55
C VAL B 321 -18.99 -25.75 -17.24
N ARG B 322 -20.32 -25.88 -17.19
CA ARG B 322 -21.03 -26.30 -16.00
C ARG B 322 -21.79 -27.58 -16.35
N GLY B 323 -21.67 -28.58 -15.49
CA GLY B 323 -22.28 -29.87 -15.73
C GLY B 323 -21.84 -30.87 -14.69
N LEU B 324 -21.44 -32.04 -15.15
CA LEU B 324 -21.05 -33.16 -14.30
C LEU B 324 -20.35 -34.22 -15.13
N ILE B 325 -19.82 -35.24 -14.44
CA ILE B 325 -19.06 -36.32 -15.08
C ILE B 325 -18.98 -37.52 -14.11
N ASP B 326 -19.32 -38.72 -14.64
CA ASP B 326 -19.21 -40.00 -13.92
C ASP B 326 -17.89 -40.66 -14.29
N SER B 327 -17.18 -41.21 -13.29
CA SER B 327 -15.91 -41.91 -13.51
C SER B 327 -15.98 -43.30 -12.87
N SER B 328 -15.71 -44.35 -13.68
CA SER B 328 -15.84 -45.76 -13.24
C SER B 328 -14.45 -46.41 -12.98
N ASP B 329 -13.38 -45.82 -13.53
CA ASP B 329 -11.97 -46.27 -13.28
C ASP B 329 -11.31 -45.43 -12.18
N LEU B 330 -11.75 -44.17 -12.05
CA LEU B 330 -11.21 -43.22 -11.05
C LEU B 330 -11.47 -43.76 -9.62
N PRO B 331 -10.42 -43.78 -8.72
CA PRO B 331 -10.59 -44.22 -7.32
C PRO B 331 -11.74 -43.49 -6.56
N LEU B 332 -12.45 -44.22 -5.70
CA LEU B 332 -13.55 -43.70 -4.88
C LEU B 332 -13.01 -42.74 -3.78
N ASN B 333 -11.73 -42.90 -3.43
CA ASN B 333 -11.01 -42.03 -2.46
C ASN B 333 -10.23 -40.91 -3.20
N VAL B 334 -10.77 -40.48 -4.37
CA VAL B 334 -10.19 -39.44 -5.23
C VAL B 334 -10.08 -38.06 -4.51
N SER B 335 -9.06 -37.28 -4.92
CA SER B 335 -8.82 -35.90 -4.47
C SER B 335 -8.52 -35.02 -5.70
N ARG B 336 -8.42 -33.70 -5.48
CA ARG B 336 -8.04 -32.72 -6.54
C ARG B 336 -6.62 -33.01 -7.07
N GLU B 337 -5.77 -33.57 -6.20
CA GLU B 337 -4.42 -34.06 -6.55
C GLU B 337 -4.53 -35.17 -7.62
N ILE B 338 -5.43 -36.14 -7.37
CA ILE B 338 -5.66 -37.28 -8.27
C ILE B 338 -6.25 -36.79 -9.61
N LEU B 339 -7.09 -35.76 -9.55
CA LEU B 339 -7.77 -35.21 -10.73
C LEU B 339 -6.80 -34.46 -11.67
N GLN B 340 -5.85 -33.73 -11.08
CA GLN B 340 -4.84 -33.00 -11.86
C GLN B 340 -3.78 -33.97 -12.43
N ASP B 341 -3.36 -34.93 -11.58
CA ASP B 341 -2.26 -35.86 -11.88
C ASP B 341 -2.68 -36.92 -12.92
N SER B 342 -3.81 -37.61 -12.65
CA SER B 342 -4.19 -38.83 -13.39
C SER B 342 -4.39 -38.56 -14.89
N THR B 343 -3.86 -39.49 -15.69
CA THR B 343 -3.84 -39.38 -17.13
C THR B 343 -5.23 -39.61 -17.72
N VAL B 344 -5.99 -40.56 -17.14
CA VAL B 344 -7.39 -40.84 -17.53
C VAL B 344 -8.24 -39.54 -17.45
N THR B 345 -7.99 -38.75 -16.38
CA THR B 345 -8.68 -37.49 -16.11
C THR B 345 -8.12 -36.34 -16.99
N ARG B 346 -6.82 -36.44 -17.39
CA ARG B 346 -6.15 -35.39 -18.19
C ARG B 346 -6.56 -35.51 -19.66
N ASN B 347 -6.65 -36.75 -20.14
CA ASN B 347 -7.02 -37.10 -21.52
C ASN B 347 -8.51 -36.80 -21.74
N LEU B 348 -9.30 -37.09 -20.70
CA LEU B 348 -10.72 -36.67 -20.60
C LEU B 348 -10.84 -35.14 -20.72
N ARG B 349 -10.02 -34.43 -19.93
CA ARG B 349 -9.96 -32.96 -19.92
C ARG B 349 -9.64 -32.39 -21.32
N ASN B 350 -8.73 -33.10 -22.03
CA ASN B 350 -8.29 -32.73 -23.38
C ASN B 350 -9.39 -32.99 -24.42
N ALA B 351 -10.15 -34.08 -24.20
CA ALA B 351 -11.26 -34.48 -25.08
C ALA B 351 -12.42 -33.47 -25.02
N LEU B 352 -12.73 -33.04 -23.79
CA LEU B 352 -13.79 -32.06 -23.53
C LEU B 352 -13.41 -30.67 -24.08
N THR B 353 -12.10 -30.37 -24.11
CA THR B 353 -11.56 -29.10 -24.65
C THR B 353 -12.03 -28.86 -26.11
N LYS B 354 -11.84 -29.88 -26.97
CA LYS B 354 -12.21 -29.81 -28.41
C LYS B 354 -13.72 -29.65 -28.58
N ARG B 355 -14.49 -30.37 -27.74
CA ARG B 355 -15.97 -30.33 -27.76
C ARG B 355 -16.49 -28.92 -27.44
N VAL B 356 -15.79 -28.21 -26.53
CA VAL B 356 -16.19 -26.87 -26.08
C VAL B 356 -15.87 -25.80 -27.13
N LEU B 357 -14.61 -25.73 -27.62
CA LEU B 357 -14.20 -24.73 -28.65
C LEU B 357 -15.05 -24.86 -29.93
N GLN B 358 -15.41 -26.12 -30.25
CA GLN B 358 -16.34 -26.44 -31.33
C GLN B 358 -17.75 -25.91 -31.00
N MET B 359 -18.18 -26.12 -29.74
CA MET B 359 -19.52 -25.73 -29.24
C MET B 359 -19.68 -24.21 -29.16
N LEU B 360 -18.56 -23.48 -28.99
CA LEU B 360 -18.55 -22.00 -28.92
C LEU B 360 -18.96 -21.40 -30.26
N GLU B 361 -18.21 -21.76 -31.32
CA GLU B 361 -18.51 -21.30 -32.68
C GLU B 361 -19.85 -21.91 -33.15
N LYS B 362 -20.14 -23.15 -32.71
CA LYS B 362 -21.42 -23.83 -33.01
C LYS B 362 -22.60 -23.00 -32.51
N LEU B 363 -22.49 -22.50 -31.27
CA LEU B 363 -23.52 -21.66 -30.64
C LEU B 363 -23.64 -20.33 -31.40
N ALA B 364 -22.50 -19.84 -31.93
CA ALA B 364 -22.46 -18.62 -32.76
C ALA B 364 -23.13 -18.82 -34.13
N LYS B 365 -23.16 -20.07 -34.62
CA LYS B 365 -23.72 -20.41 -35.95
C LYS B 365 -25.22 -20.73 -35.84
N ASP B 366 -25.60 -21.52 -34.83
CA ASP B 366 -27.00 -21.87 -34.54
C ASP B 366 -27.78 -20.60 -34.15
N ASP B 367 -27.28 -19.87 -33.16
CA ASP B 367 -27.93 -18.66 -32.67
C ASP B 367 -26.89 -17.66 -32.12
N ALA B 368 -26.47 -16.73 -32.99
CA ALA B 368 -25.42 -15.72 -32.70
C ALA B 368 -25.81 -14.81 -31.51
N GLU B 369 -27.12 -14.67 -31.28
CA GLU B 369 -27.68 -13.87 -30.17
C GLU B 369 -27.45 -14.58 -28.83
N LYS B 370 -27.58 -15.93 -28.82
CA LYS B 370 -27.32 -16.76 -27.62
C LYS B 370 -25.82 -16.82 -27.31
N TYR B 371 -24.96 -16.80 -28.36
CA TYR B 371 -23.51 -16.72 -28.18
C TYR B 371 -23.10 -15.30 -27.73
N GLN B 372 -23.88 -14.30 -28.15
CA GLN B 372 -23.66 -12.90 -27.73
C GLN B 372 -23.95 -12.74 -26.23
N THR B 373 -25.01 -13.44 -25.78
CA THR B 373 -25.37 -13.54 -24.36
C THR B 373 -24.28 -14.30 -23.61
N PHE B 374 -23.81 -15.41 -24.20
CA PHE B 374 -22.70 -16.22 -23.66
C PHE B 374 -21.46 -15.35 -23.43
N TRP B 375 -21.13 -14.50 -24.41
CA TRP B 375 -19.90 -13.72 -24.39
C TRP B 375 -19.93 -12.65 -23.26
N GLN B 376 -21.08 -11.98 -23.08
CA GLN B 376 -21.19 -10.92 -22.04
C GLN B 376 -21.20 -11.54 -20.62
N GLN B 377 -21.41 -12.88 -20.53
CA GLN B 377 -21.46 -13.63 -19.26
C GLN B 377 -20.09 -14.32 -18.95
N PHE B 378 -19.45 -14.89 -19.99
CA PHE B 378 -18.29 -15.82 -19.83
C PHE B 378 -17.11 -15.49 -20.77
N GLY B 379 -17.17 -14.31 -21.40
CA GLY B 379 -16.12 -13.84 -22.29
C GLY B 379 -14.81 -13.62 -21.57
N LEU B 380 -14.94 -13.19 -20.31
CA LEU B 380 -13.83 -12.93 -19.39
C LEU B 380 -13.00 -14.22 -19.18
N VAL B 381 -13.69 -15.38 -19.25
CA VAL B 381 -13.03 -16.71 -19.16
C VAL B 381 -12.21 -16.96 -20.45
N LEU B 382 -12.88 -16.72 -21.60
CA LEU B 382 -12.27 -16.97 -22.94
C LEU B 382 -11.11 -16.03 -23.28
N LYS B 383 -10.93 -14.93 -22.50
CA LYS B 383 -9.77 -14.03 -22.63
C LYS B 383 -8.42 -14.78 -22.39
N GLU B 384 -8.45 -15.92 -21.68
CA GLU B 384 -7.27 -16.76 -21.42
C GLU B 384 -6.99 -17.76 -22.58
N GLY B 385 -8.00 -17.94 -23.47
CA GLY B 385 -7.86 -18.77 -24.69
C GLY B 385 -6.68 -18.35 -25.59
N PRO B 386 -6.61 -17.05 -26.08
CA PRO B 386 -5.50 -16.57 -26.95
C PRO B 386 -4.19 -16.41 -26.16
N ALA B 387 -4.31 -16.46 -24.82
CA ALA B 387 -3.20 -16.33 -23.89
C ALA B 387 -2.40 -17.64 -23.82
N GLU B 388 -3.09 -18.76 -24.02
CA GLU B 388 -2.46 -20.08 -24.10
C GLU B 388 -2.14 -20.47 -25.56
N ASP B 389 -3.20 -20.69 -26.35
CA ASP B 389 -3.07 -21.28 -27.70
C ASP B 389 -2.85 -20.21 -28.78
N PHE B 390 -1.62 -20.14 -29.29
CA PHE B 390 -1.21 -19.25 -30.37
C PHE B 390 -1.45 -19.87 -31.76
N ALA B 391 -1.57 -21.23 -31.83
CA ALA B 391 -1.71 -21.96 -33.11
C ALA B 391 -2.99 -21.57 -33.84
N ASN B 392 -4.11 -21.57 -33.11
CA ASN B 392 -5.42 -21.16 -33.61
C ASN B 392 -5.74 -19.74 -33.13
N GLN B 393 -4.72 -18.84 -33.14
CA GLN B 393 -4.85 -17.44 -32.67
C GLN B 393 -6.02 -16.71 -33.37
N GLU B 394 -6.16 -16.89 -34.70
CA GLU B 394 -7.23 -16.24 -35.50
C GLU B 394 -8.63 -16.78 -35.11
N ALA B 395 -8.70 -18.08 -34.81
CA ALA B 395 -9.96 -18.75 -34.42
C ALA B 395 -10.46 -18.22 -33.07
N ILE B 396 -9.55 -18.13 -32.10
CA ILE B 396 -9.87 -17.68 -30.74
C ILE B 396 -10.06 -16.15 -30.71
N ALA B 397 -9.31 -15.42 -31.57
CA ALA B 397 -9.46 -13.95 -31.73
C ALA B 397 -10.81 -13.59 -32.37
N LYS B 398 -11.32 -14.52 -33.17
CA LYS B 398 -12.65 -14.40 -33.80
C LYS B 398 -13.76 -14.79 -32.78
N LEU B 399 -13.35 -15.47 -31.69
CA LEU B 399 -14.23 -15.71 -30.53
C LEU B 399 -14.21 -14.47 -29.60
N LEU B 400 -13.09 -13.69 -29.64
CA LEU B 400 -12.92 -12.45 -28.85
C LEU B 400 -13.80 -11.30 -29.39
N ARG B 401 -14.56 -10.68 -28.48
CA ARG B 401 -15.43 -9.50 -28.72
C ARG B 401 -15.25 -8.53 -27.53
N PHE B 402 -15.56 -7.25 -27.72
CA PHE B 402 -15.36 -6.19 -26.70
C PHE B 402 -16.49 -5.17 -26.77
N ALA B 403 -16.41 -4.15 -25.93
CA ALA B 403 -17.22 -2.93 -26.04
C ALA B 403 -16.33 -1.78 -26.53
N SER B 404 -16.96 -0.67 -26.98
CA SER B 404 -16.21 0.51 -27.45
C SER B 404 -16.99 1.80 -27.13
N THR B 405 -16.32 2.97 -27.25
CA THR B 405 -16.95 4.30 -27.01
C THR B 405 -17.98 4.66 -28.12
N HIS B 406 -18.17 3.76 -29.09
CA HIS B 406 -19.29 3.83 -30.06
C HIS B 406 -20.64 3.91 -29.30
N THR B 407 -20.79 3.07 -28.27
CA THR B 407 -22.01 2.99 -27.46
C THR B 407 -21.63 2.62 -26.01
N ASP B 408 -22.16 3.36 -25.02
CA ASP B 408 -21.88 3.13 -23.57
C ASP B 408 -22.84 2.08 -22.98
N SER B 409 -23.08 1.00 -23.74
CA SER B 409 -23.87 -0.16 -23.28
C SER B 409 -22.93 -1.22 -22.67
N SER B 410 -23.44 -1.97 -21.66
CA SER B 410 -22.67 -2.98 -20.92
C SER B 410 -22.41 -4.26 -21.74
N ALA B 411 -23.23 -4.47 -22.78
CA ALA B 411 -23.13 -5.65 -23.66
C ALA B 411 -21.91 -5.51 -24.61
N GLN B 412 -20.88 -6.35 -24.38
CA GLN B 412 -19.70 -6.43 -25.25
C GLN B 412 -20.07 -7.14 -26.56
N THR B 413 -20.58 -6.35 -27.51
CA THR B 413 -21.19 -6.83 -28.76
C THR B 413 -20.22 -6.74 -29.96
N VAL B 414 -19.53 -5.58 -30.07
CA VAL B 414 -18.64 -5.30 -31.21
C VAL B 414 -17.44 -6.28 -31.22
N SER B 415 -17.30 -7.05 -32.32
CA SER B 415 -16.17 -7.98 -32.48
C SER B 415 -14.96 -7.20 -32.98
N LEU B 416 -13.78 -7.84 -32.97
CA LEU B 416 -12.56 -7.26 -33.56
C LEU B 416 -12.78 -6.91 -35.06
N GLU B 417 -13.62 -7.73 -35.71
CA GLU B 417 -14.02 -7.58 -37.12
C GLU B 417 -14.83 -6.29 -37.31
N ASP B 418 -15.93 -6.18 -36.54
CA ASP B 418 -16.86 -5.04 -36.60
C ASP B 418 -16.15 -3.74 -36.17
N TYR B 419 -15.11 -3.90 -35.33
CA TYR B 419 -14.29 -2.78 -34.84
C TYR B 419 -13.46 -2.17 -35.98
N VAL B 420 -12.84 -3.05 -36.82
CA VAL B 420 -12.10 -2.63 -38.03
C VAL B 420 -13.05 -1.86 -38.98
N SER B 421 -14.30 -2.35 -39.08
CA SER B 421 -15.36 -1.71 -39.90
C SER B 421 -15.77 -0.33 -39.31
N ARG B 422 -15.71 -0.19 -37.98
CA ARG B 422 -16.06 1.04 -37.23
C ARG B 422 -14.84 1.97 -37.03
N MET B 423 -13.65 1.47 -37.35
CA MET B 423 -12.36 2.14 -37.09
C MET B 423 -12.22 3.46 -37.87
N LYS B 424 -11.90 4.55 -37.14
CA LYS B 424 -12.02 5.94 -37.66
C LYS B 424 -10.84 6.31 -38.58
N GLU B 425 -11.05 7.38 -39.37
CA GLU B 425 -9.99 8.00 -40.17
C GLU B 425 -8.94 8.64 -39.23
N GLY B 426 -7.66 8.26 -39.43
CA GLY B 426 -6.57 8.64 -38.54
C GLY B 426 -6.25 7.56 -37.50
N GLN B 427 -7.19 6.61 -37.30
CA GLN B 427 -7.01 5.51 -36.33
C GLN B 427 -6.46 4.27 -37.08
N GLU B 428 -5.12 4.20 -37.22
CA GLU B 428 -4.41 3.13 -37.95
C GLU B 428 -4.21 1.89 -37.06
N LYS B 429 -4.06 2.13 -35.76
CA LYS B 429 -3.87 1.06 -34.75
C LYS B 429 -5.02 1.09 -33.75
N ILE B 430 -5.44 -0.11 -33.28
CA ILE B 430 -6.54 -0.25 -32.31
C ILE B 430 -6.10 0.38 -30.98
N TYR B 431 -6.69 1.52 -30.65
CA TYR B 431 -6.45 2.19 -29.38
C TYR B 431 -7.45 1.67 -28.33
N TYR B 432 -6.93 1.40 -27.14
CA TYR B 432 -7.68 0.75 -26.07
C TYR B 432 -7.23 1.26 -24.69
N ILE B 433 -8.04 0.98 -23.67
CA ILE B 433 -7.70 1.32 -22.27
C ILE B 433 -8.32 0.27 -21.31
N THR B 434 -7.49 -0.24 -20.37
CA THR B 434 -7.97 -1.11 -19.27
C THR B 434 -8.59 -0.29 -18.13
N ALA B 435 -9.54 -0.93 -17.45
CA ALA B 435 -10.16 -0.44 -16.23
C ALA B 435 -10.48 -1.65 -15.34
N ASP B 436 -10.40 -1.45 -14.02
CA ASP B 436 -10.67 -2.49 -13.02
C ASP B 436 -12.13 -2.98 -13.12
N SER B 437 -13.06 -2.03 -13.29
CA SER B 437 -14.50 -2.31 -13.32
C SER B 437 -15.20 -1.37 -14.32
N TYR B 438 -16.28 -1.90 -14.95
CA TYR B 438 -17.11 -1.13 -15.88
C TYR B 438 -17.81 0.03 -15.16
N ALA B 439 -18.05 -0.13 -13.84
CA ALA B 439 -18.65 0.92 -12.99
C ALA B 439 -17.77 2.18 -12.96
N ALA B 440 -16.46 1.98 -12.72
CA ALA B 440 -15.46 3.06 -12.68
C ALA B 440 -15.28 3.69 -14.07
N ALA B 441 -15.08 2.82 -15.08
CA ALA B 441 -14.82 3.20 -16.48
C ALA B 441 -15.93 4.10 -17.05
N LYS B 442 -17.16 3.62 -16.92
CA LYS B 442 -18.36 4.27 -17.48
C LYS B 442 -18.67 5.59 -16.73
N SER B 443 -18.32 5.64 -15.43
CA SER B 443 -18.52 6.84 -14.58
C SER B 443 -17.44 7.90 -14.89
N SER B 444 -16.28 7.44 -15.39
CA SER B 444 -15.15 8.30 -15.75
C SER B 444 -15.45 9.05 -17.07
N PRO B 445 -15.57 10.42 -17.05
CA PRO B 445 -15.98 11.21 -18.25
C PRO B 445 -14.91 11.26 -19.36
N HIS B 446 -13.68 10.76 -19.05
CA HIS B 446 -12.56 10.70 -20.02
C HIS B 446 -12.99 9.95 -21.30
N LEU B 447 -13.67 8.81 -21.09
CA LEU B 447 -14.12 7.93 -22.19
C LEU B 447 -15.18 8.60 -23.08
N GLU B 448 -16.03 9.47 -22.49
CA GLU B 448 -17.08 10.16 -23.28
C GLU B 448 -16.51 11.43 -23.93
N LEU B 449 -15.30 11.88 -23.49
CA LEU B 449 -14.60 13.03 -24.09
C LEU B 449 -14.07 12.60 -25.47
N LEU B 450 -13.54 11.37 -25.51
CA LEU B 450 -13.05 10.72 -26.76
C LEU B 450 -14.22 10.49 -27.72
N ARG B 451 -15.33 10.03 -27.14
CA ARG B 451 -16.61 9.77 -27.83
C ARG B 451 -17.13 11.06 -28.50
N LYS B 452 -17.00 12.20 -27.79
CA LYS B 452 -17.39 13.53 -28.30
C LYS B 452 -16.42 14.00 -29.39
N LYS B 453 -15.14 13.60 -29.30
CA LYS B 453 -14.13 14.06 -30.27
C LYS B 453 -14.24 13.27 -31.60
N GLY B 454 -14.76 12.03 -31.52
CA GLY B 454 -14.95 11.17 -32.69
C GLY B 454 -13.95 10.00 -32.74
N ILE B 455 -13.31 9.71 -31.60
CA ILE B 455 -12.40 8.55 -31.45
C ILE B 455 -13.20 7.38 -30.85
N GLU B 456 -12.93 6.14 -31.32
CA GLU B 456 -13.53 4.92 -30.77
C GLU B 456 -12.41 4.09 -30.13
N VAL B 457 -12.57 3.80 -28.84
CA VAL B 457 -11.57 3.11 -28.01
C VAL B 457 -12.20 1.86 -27.38
N LEU B 458 -11.47 0.72 -27.41
CA LEU B 458 -11.92 -0.52 -26.71
C LEU B 458 -12.07 -0.23 -25.20
N LEU B 459 -13.26 -0.55 -24.67
CA LEU B 459 -13.55 -0.45 -23.24
C LEU B 459 -13.26 -1.81 -22.58
N LEU B 460 -12.02 -1.97 -22.09
CA LEU B 460 -11.62 -3.17 -21.33
C LEU B 460 -12.08 -2.98 -19.89
N SER B 461 -13.27 -3.48 -19.61
CA SER B 461 -13.94 -3.35 -18.30
C SER B 461 -13.66 -4.57 -17.41
N ASP B 462 -13.01 -5.57 -18.01
CA ASP B 462 -12.71 -6.83 -17.38
C ASP B 462 -11.26 -6.80 -16.87
N ARG B 463 -11.04 -7.29 -15.64
CA ARG B 463 -9.73 -7.19 -14.97
C ARG B 463 -8.65 -8.03 -15.70
N ILE B 464 -9.01 -9.24 -16.18
CA ILE B 464 -8.05 -10.21 -16.78
C ILE B 464 -7.44 -9.65 -18.11
N ASP B 465 -8.15 -8.69 -18.71
CA ASP B 465 -7.74 -8.00 -19.94
C ASP B 465 -6.42 -7.19 -19.77
N GLU B 466 -6.03 -6.89 -18.51
CA GLU B 466 -4.73 -6.22 -18.21
C GLU B 466 -3.56 -7.09 -18.72
N TRP B 467 -3.78 -8.40 -18.64
CA TRP B 467 -2.84 -9.44 -19.10
C TRP B 467 -3.04 -9.73 -20.60
N MET B 468 -4.30 -10.12 -20.95
CA MET B 468 -4.67 -10.61 -22.30
C MET B 468 -4.40 -9.56 -23.43
N MET B 469 -4.52 -8.28 -23.10
CA MET B 469 -4.39 -7.19 -24.09
C MET B 469 -3.00 -7.16 -24.74
N ASN B 470 -1.98 -7.59 -23.97
CA ASN B 470 -0.59 -7.60 -24.44
C ASN B 470 -0.29 -8.86 -25.28
N TYR B 471 -1.32 -9.73 -25.42
CA TYR B 471 -1.29 -10.89 -26.33
C TYR B 471 -1.84 -10.47 -27.69
N LEU B 472 -2.96 -9.74 -27.68
CA LEU B 472 -3.56 -9.18 -28.91
C LEU B 472 -2.64 -8.09 -29.48
N THR B 473 -1.66 -8.53 -30.27
CA THR B 473 -0.67 -7.65 -30.91
C THR B 473 -1.17 -7.16 -32.29
N GLU B 474 -2.09 -7.93 -32.92
CA GLU B 474 -2.58 -7.62 -34.28
C GLU B 474 -3.84 -8.43 -34.61
N PHE B 475 -4.69 -7.85 -35.46
CA PHE B 475 -5.85 -8.52 -36.06
C PHE B 475 -6.11 -7.92 -37.46
N ASP B 476 -6.05 -8.78 -38.50
CA ASP B 476 -6.50 -8.46 -39.87
C ASP B 476 -5.68 -7.28 -40.49
N GLY B 477 -4.38 -7.25 -40.17
CA GLY B 477 -3.45 -6.22 -40.69
C GLY B 477 -3.46 -4.91 -39.89
N LYS B 478 -4.50 -4.69 -39.08
CA LYS B 478 -4.55 -3.58 -38.11
C LYS B 478 -3.93 -4.06 -36.78
N PRO B 479 -2.71 -3.58 -36.41
CA PRO B 479 -2.10 -3.93 -35.12
C PRO B 479 -2.69 -3.10 -33.97
N PHE B 480 -2.60 -3.65 -32.78
CA PHE B 480 -3.10 -3.01 -31.55
C PHE B 480 -2.05 -2.01 -30.99
N GLN B 481 -2.51 -1.03 -30.19
CA GLN B 481 -1.64 0.04 -29.65
C GLN B 481 -2.20 0.59 -28.32
N SER B 482 -1.41 0.43 -27.25
CA SER B 482 -1.67 1.08 -25.96
C SER B 482 -1.39 2.59 -26.07
N VAL B 483 -2.17 3.38 -25.33
CA VAL B 483 -2.10 4.85 -25.36
C VAL B 483 -0.89 5.36 -24.53
N SER B 484 -0.36 4.50 -23.64
CA SER B 484 0.91 4.77 -22.92
C SER B 484 2.12 4.64 -23.87
N LYS B 485 1.90 3.94 -25.00
CA LYS B 485 2.92 3.74 -26.05
C LYS B 485 2.73 4.80 -27.16
N VAL B 486 3.74 4.93 -28.05
CA VAL B 486 3.77 5.97 -29.10
C VAL B 486 3.39 5.39 -30.47
N ASP B 487 2.73 6.23 -31.28
CA ASP B 487 2.31 5.91 -32.66
C ASP B 487 1.84 7.23 -33.32
N GLU B 488 0.52 7.51 -33.29
CA GLU B 488 -0.05 8.79 -33.75
C GLU B 488 -0.18 9.74 -32.53
N SER B 489 0.87 9.74 -31.69
CA SER B 489 1.00 10.58 -30.51
C SER B 489 1.24 12.06 -30.88
N LEU B 490 1.50 12.31 -32.19
CA LEU B 490 1.69 13.66 -32.73
C LEU B 490 0.37 14.47 -32.68
N GLU B 491 -0.79 13.77 -32.58
CA GLU B 491 -2.13 14.40 -32.33
C GLU B 491 -2.20 15.15 -30.96
N LYS B 492 -1.09 15.11 -30.18
CA LYS B 492 -0.88 15.96 -28.99
C LYS B 492 -0.97 17.48 -29.34
N LEU B 493 -0.94 17.84 -30.65
CA LEU B 493 -1.24 19.23 -31.13
C LEU B 493 -2.75 19.60 -31.00
N ALA B 494 -3.48 18.99 -30.04
CA ALA B 494 -4.86 19.32 -29.68
C ALA B 494 -4.93 20.53 -28.73
N ASP B 495 -4.08 21.54 -28.95
CA ASP B 495 -3.93 22.74 -28.08
C ASP B 495 -5.16 23.68 -28.14
N GLU B 496 -6.18 23.32 -28.93
CA GLU B 496 -7.46 24.05 -29.06
C GLU B 496 -8.37 23.71 -27.84
N VAL B 497 -7.77 23.80 -26.65
CA VAL B 497 -8.34 23.39 -25.37
C VAL B 497 -8.95 24.62 -24.68
N ASP B 498 -10.09 25.06 -25.25
CA ASP B 498 -10.74 26.34 -24.93
C ASP B 498 -9.77 27.49 -25.26
N GLU B 499 -9.04 28.02 -24.24
CA GLU B 499 -7.98 29.03 -24.41
C GLU B 499 -6.87 28.81 -23.37
N SER B 500 -6.84 27.60 -22.75
CA SER B 500 -5.81 27.24 -21.78
C SER B 500 -4.55 26.72 -22.50
N ALA B 501 -3.77 27.65 -23.05
CA ALA B 501 -2.50 27.33 -23.73
C ALA B 501 -1.30 27.72 -22.84
N LYS B 502 -0.12 27.78 -23.45
CA LYS B 502 1.15 28.15 -22.78
C LYS B 502 1.10 29.53 -22.11
N GLU B 503 0.29 30.45 -22.64
CA GLU B 503 0.17 31.83 -22.08
C GLU B 503 -0.41 31.80 -20.65
N ALA B 504 -1.37 30.89 -20.42
CA ALA B 504 -1.92 30.63 -19.08
C ALA B 504 -0.84 30.01 -18.19
N GLU B 505 -0.13 29.02 -18.75
CA GLU B 505 0.91 28.24 -18.04
C GLU B 505 2.11 29.11 -17.65
N LYS B 506 2.32 30.25 -18.36
CA LYS B 506 3.33 31.26 -18.01
C LYS B 506 2.99 31.93 -16.65
N ALA B 507 1.69 32.21 -16.46
CA ALA B 507 1.18 32.80 -15.20
C ALA B 507 1.15 31.75 -14.10
N LEU B 508 1.03 30.49 -14.53
CA LEU B 508 0.97 29.32 -13.65
C LEU B 508 2.37 28.70 -13.42
N THR B 509 3.43 29.23 -14.09
CA THR B 509 4.83 28.81 -13.81
C THR B 509 5.23 29.09 -12.32
N PRO B 510 5.04 30.34 -11.75
CA PRO B 510 5.26 30.58 -10.29
C PRO B 510 4.32 29.73 -9.42
N PHE B 511 3.14 29.39 -9.97
CA PHE B 511 2.19 28.48 -9.30
C PHE B 511 2.80 27.06 -9.20
N ILE B 512 3.52 26.59 -10.26
CA ILE B 512 4.21 25.25 -10.25
C ILE B 512 5.25 25.21 -9.12
N ASP B 513 6.17 26.19 -9.14
CA ASP B 513 7.29 26.26 -8.17
C ASP B 513 6.79 26.46 -6.72
N ARG B 514 5.71 27.23 -6.56
CA ARG B 514 5.12 27.54 -5.25
C ARG B 514 4.41 26.31 -4.67
N VAL B 515 3.68 25.59 -5.54
CA VAL B 515 2.99 24.33 -5.18
C VAL B 515 4.03 23.24 -4.83
N LYS B 516 5.16 23.21 -5.56
CA LYS B 516 6.28 22.28 -5.29
C LYS B 516 6.92 22.56 -3.91
N ALA B 517 7.05 23.85 -3.57
CA ALA B 517 7.61 24.31 -2.28
C ALA B 517 6.62 24.07 -1.12
N LEU B 518 5.31 24.11 -1.44
CA LEU B 518 4.21 23.96 -0.47
C LEU B 518 4.06 22.47 -0.07
N LEU B 519 4.11 21.60 -1.08
CA LEU B 519 3.88 20.14 -0.90
C LEU B 519 5.17 19.43 -0.45
N GLY B 520 6.33 20.03 -0.81
CA GLY B 520 7.64 19.53 -0.41
C GLY B 520 7.95 18.17 -1.04
N GLU B 521 7.71 17.09 -0.27
CA GLU B 521 8.08 15.71 -0.65
C GLU B 521 6.86 14.77 -0.60
N ARG B 522 5.65 15.33 -0.82
CA ARG B 522 4.44 14.49 -1.03
C ARG B 522 4.32 14.09 -2.51
N VAL B 523 4.82 14.97 -3.39
CA VAL B 523 4.65 14.87 -4.86
C VAL B 523 6.03 14.89 -5.56
N LYS B 524 6.15 14.11 -6.64
CA LYS B 524 7.35 14.08 -7.50
C LYS B 524 7.43 15.35 -8.38
N ASP B 525 6.33 15.67 -9.08
CA ASP B 525 6.31 16.76 -10.09
C ASP B 525 4.89 17.35 -10.25
N VAL B 526 4.82 18.64 -10.61
CA VAL B 526 3.56 19.37 -10.83
C VAL B 526 3.55 19.98 -12.25
N ARG B 527 2.47 19.73 -13.02
CA ARG B 527 2.29 20.21 -14.41
C ARG B 527 0.85 20.70 -14.63
N LEU B 528 0.67 21.59 -15.63
CA LEU B 528 -0.64 22.13 -16.02
C LEU B 528 -1.09 21.54 -17.38
N THR B 529 -1.85 20.43 -17.32
CA THR B 529 -2.38 19.75 -18.51
C THR B 529 -3.79 20.29 -18.84
N HIS B 530 -4.38 19.88 -19.98
CA HIS B 530 -5.62 20.49 -20.47
C HIS B 530 -6.64 19.44 -20.96
N ARG B 531 -6.99 18.51 -20.06
CA ARG B 531 -8.10 17.56 -20.30
C ARG B 531 -9.39 18.24 -19.84
N LEU B 532 -10.19 18.72 -20.82
CA LEU B 532 -11.39 19.57 -20.58
C LEU B 532 -12.40 18.82 -19.67
N THR B 533 -13.22 17.91 -20.28
CA THR B 533 -14.05 16.86 -19.59
C THR B 533 -14.68 17.34 -18.24
N ASP B 534 -14.93 16.42 -17.27
CA ASP B 534 -15.35 16.79 -15.89
C ASP B 534 -14.30 16.33 -14.87
N THR B 535 -13.03 16.35 -15.31
CA THR B 535 -11.88 16.06 -14.45
C THR B 535 -11.16 17.39 -14.15
N PRO B 536 -11.21 17.90 -12.88
CA PRO B 536 -10.49 19.13 -12.51
C PRO B 536 -8.98 18.90 -12.44
N ALA B 537 -8.58 17.78 -11.84
CA ALA B 537 -7.17 17.39 -11.68
C ALA B 537 -7.04 15.87 -11.76
N ILE B 538 -5.89 15.42 -12.28
CA ILE B 538 -5.57 14.00 -12.48
C ILE B 538 -4.06 13.82 -12.27
N VAL B 539 -3.65 12.70 -11.67
CA VAL B 539 -2.22 12.37 -11.46
C VAL B 539 -1.78 11.27 -12.43
N SER B 540 -0.46 11.20 -12.70
CA SER B 540 0.12 10.23 -13.66
C SER B 540 0.89 9.10 -12.96
N THR B 541 1.04 7.99 -13.71
CA THR B 541 1.86 6.85 -13.33
C THR B 541 2.85 6.52 -14.45
N ASP B 542 4.04 6.06 -14.06
CA ASP B 542 5.08 5.58 -14.99
C ASP B 542 4.84 4.09 -15.25
N ALA B 543 4.84 3.30 -14.16
CA ALA B 543 4.61 1.85 -14.20
C ALA B 543 3.52 1.48 -13.17
N ASP B 544 3.52 0.21 -12.68
CA ASP B 544 2.43 -0.32 -11.82
C ASP B 544 2.33 0.45 -10.47
N GLU B 545 1.16 1.11 -10.29
CA GLU B 545 0.85 2.01 -9.14
C GLU B 545 1.94 3.08 -8.97
N MET B 546 2.44 3.55 -10.13
CA MET B 546 3.65 4.39 -10.26
C MET B 546 4.89 3.50 -10.02
N SER B 547 5.05 3.04 -8.77
CA SER B 547 6.23 2.32 -8.31
C SER B 547 5.93 1.63 -6.97
N THR B 548 4.77 0.91 -6.88
CA THR B 548 4.39 0.23 -5.62
C THR B 548 4.34 -1.33 -5.77
N GLN B 549 4.76 -1.88 -6.92
CA GLN B 549 4.78 -3.36 -7.16
C GLN B 549 5.67 -3.70 -8.38
N MET B 550 6.99 -3.93 -8.10
CA MET B 550 8.00 -4.45 -9.09
C MET B 550 9.42 -4.34 -8.46
N ALA B 551 10.42 -5.03 -9.05
CA ALA B 551 11.82 -5.04 -8.56
C ALA B 551 12.47 -3.63 -8.57
N LYS B 552 12.48 -2.97 -9.76
CA LYS B 552 12.98 -1.57 -9.92
C LYS B 552 12.14 -0.62 -9.05
N LEU B 553 10.85 -0.95 -8.97
CA LEU B 553 9.86 -0.14 -8.28
C LEU B 553 9.90 -0.35 -6.74
N PHE B 554 11.00 -0.95 -6.21
CA PHE B 554 11.35 -0.93 -4.76
C PHE B 554 12.89 -0.94 -4.59
N ALA B 555 13.61 -0.42 -5.60
CA ALA B 555 15.10 -0.43 -5.62
C ALA B 555 15.67 1.01 -5.73
N ALA B 556 14.79 2.02 -5.78
CA ALA B 556 15.17 3.44 -6.00
C ALA B 556 15.90 4.02 -4.78
N ALA B 557 15.27 3.90 -3.58
CA ALA B 557 15.87 4.37 -2.32
C ALA B 557 15.43 3.49 -1.14
N GLY B 558 14.11 3.39 -0.92
CA GLY B 558 13.58 2.61 0.21
C GLY B 558 12.16 2.99 0.56
N GLN B 559 12.00 4.07 1.37
CA GLN B 559 10.70 4.48 1.98
C GLN B 559 9.61 4.68 0.92
N LYS B 560 8.76 3.63 0.77
CA LYS B 560 7.70 3.47 -0.26
C LYS B 560 8.16 3.80 -1.71
N VAL B 561 9.50 3.94 -1.91
CA VAL B 561 10.14 4.59 -3.10
C VAL B 561 9.80 6.11 -3.19
N PRO B 562 10.82 7.00 -3.46
CA PRO B 562 10.59 8.46 -3.72
C PRO B 562 9.82 8.71 -5.04
N GLU B 563 10.15 7.91 -6.08
CA GLU B 563 9.55 8.05 -7.42
C GLU B 563 8.03 7.81 -7.36
N VAL B 564 7.59 6.95 -6.42
CA VAL B 564 6.19 6.49 -6.28
C VAL B 564 5.21 7.66 -6.15
N LYS B 565 5.72 8.82 -5.68
CA LYS B 565 4.92 10.04 -5.54
C LYS B 565 4.38 10.46 -6.92
N TYR B 566 3.05 10.42 -7.06
CA TYR B 566 2.36 10.63 -8.35
C TYR B 566 2.59 12.06 -8.88
N ILE B 567 2.61 12.20 -10.22
CA ILE B 567 2.85 13.48 -10.90
C ILE B 567 1.52 14.24 -10.98
N PHE B 568 1.40 15.33 -10.20
CA PHE B 568 0.16 16.11 -10.07
C PHE B 568 -0.05 17.03 -11.28
N GLU B 569 -1.07 16.70 -12.08
CA GLU B 569 -1.49 17.50 -13.23
C GLU B 569 -2.83 18.19 -12.90
N LEU B 570 -2.93 19.50 -13.20
CA LEU B 570 -4.18 20.27 -13.03
C LEU B 570 -4.70 20.64 -14.42
N ASN B 571 -5.99 21.04 -14.51
CA ASN B 571 -6.57 21.57 -15.77
C ASN B 571 -6.99 23.04 -15.54
N PRO B 572 -6.18 24.06 -16.01
CA PRO B 572 -6.47 25.51 -15.84
C PRO B 572 -7.88 25.89 -16.30
N ASP B 573 -8.36 25.16 -17.31
CA ASP B 573 -9.67 25.33 -17.96
C ASP B 573 -10.84 25.09 -16.98
N HIS B 574 -10.64 24.17 -16.03
CA HIS B 574 -11.70 23.76 -15.09
C HIS B 574 -11.93 24.83 -14.00
N VAL B 575 -13.22 25.07 -13.68
CA VAL B 575 -13.68 26.11 -12.73
C VAL B 575 -13.04 25.93 -11.33
N LEU B 576 -12.94 24.66 -10.85
CA LEU B 576 -12.36 24.34 -9.53
C LEU B 576 -10.85 24.70 -9.45
N VAL B 577 -10.13 24.57 -10.59
CA VAL B 577 -8.66 24.79 -10.64
C VAL B 577 -8.32 26.28 -10.68
N LYS B 578 -9.01 27.03 -11.56
CA LYS B 578 -8.81 28.49 -11.69
C LYS B 578 -9.30 29.22 -10.42
N ARG B 579 -10.26 28.59 -9.70
CA ARG B 579 -10.74 29.05 -8.37
C ARG B 579 -9.69 28.72 -7.28
N ALA B 580 -9.02 27.57 -7.43
CA ALA B 580 -7.98 27.10 -6.49
C ALA B 580 -6.67 27.90 -6.64
N ALA B 581 -6.45 28.41 -7.86
CA ALA B 581 -5.30 29.25 -8.20
C ALA B 581 -5.58 30.71 -7.83
N ASP B 582 -6.88 31.07 -7.84
CA ASP B 582 -7.37 32.43 -7.49
C ASP B 582 -7.15 32.73 -5.99
N THR B 583 -7.00 31.68 -5.17
CA THR B 583 -6.86 31.82 -3.72
C THR B 583 -5.54 32.54 -3.32
N GLU B 584 -5.68 33.75 -2.74
CA GLU B 584 -4.52 34.58 -2.30
C GLU B 584 -4.12 34.27 -0.84
N ASP B 585 -5.08 33.73 -0.06
CA ASP B 585 -4.85 33.35 1.36
C ASP B 585 -3.93 32.13 1.40
N GLU B 586 -2.94 32.16 2.30
CA GLU B 586 -1.89 31.13 2.40
C GLU B 586 -2.42 29.77 2.88
N ALA B 587 -3.30 29.80 3.89
CA ALA B 587 -3.85 28.57 4.52
C ALA B 587 -4.88 27.92 3.57
N LYS B 588 -5.56 28.77 2.79
CA LYS B 588 -6.56 28.32 1.82
C LYS B 588 -5.92 28.02 0.46
N PHE B 589 -4.70 28.54 0.22
CA PHE B 589 -3.88 28.12 -0.94
C PHE B 589 -3.53 26.65 -0.74
N SER B 590 -3.02 26.36 0.47
CA SER B 590 -2.72 25.00 0.92
C SER B 590 -3.99 24.10 0.91
N GLU B 591 -5.14 24.69 1.32
CA GLU B 591 -6.45 23.99 1.43
C GLU B 591 -6.90 23.48 0.03
N TRP B 592 -6.88 24.40 -0.95
CA TRP B 592 -7.39 24.17 -2.31
C TRP B 592 -6.42 23.32 -3.17
N VAL B 593 -5.12 23.62 -3.11
CA VAL B 593 -4.09 22.89 -3.88
C VAL B 593 -4.07 21.40 -3.48
N GLU B 594 -4.04 21.14 -2.15
CA GLU B 594 -4.03 19.78 -1.60
C GLU B 594 -5.41 19.09 -1.71
N LEU B 595 -6.49 19.90 -1.86
CA LEU B 595 -7.84 19.37 -2.14
C LEU B 595 -7.85 18.60 -3.47
N LEU B 596 -7.51 19.30 -4.57
CA LEU B 596 -7.49 18.69 -5.92
C LEU B 596 -6.33 17.69 -6.07
N LEU B 597 -5.26 17.86 -5.26
CA LEU B 597 -4.11 16.96 -5.21
C LEU B 597 -4.53 15.56 -4.78
N ASP B 598 -5.00 15.44 -3.54
CA ASP B 598 -5.34 14.15 -2.92
C ASP B 598 -6.68 13.60 -3.48
N GLN B 599 -7.48 14.46 -4.13
CA GLN B 599 -8.67 14.02 -4.91
C GLN B 599 -8.20 13.20 -6.12
N ALA B 600 -7.22 13.77 -6.85
CA ALA B 600 -6.62 13.16 -8.05
C ALA B 600 -5.79 11.91 -7.69
N LEU B 601 -5.04 12.04 -6.57
CA LEU B 601 -4.15 11.00 -6.05
C LEU B 601 -4.99 9.73 -5.78
N LEU B 602 -6.07 9.91 -4.99
CA LEU B 602 -7.05 8.84 -4.65
C LEU B 602 -7.67 8.20 -5.92
N ALA B 603 -7.75 8.99 -7.03
CA ALA B 603 -8.38 8.54 -8.28
C ALA B 603 -7.50 7.51 -9.03
N GLU B 604 -6.16 7.64 -8.94
CA GLU B 604 -5.22 6.71 -9.65
C GLU B 604 -4.35 5.89 -8.66
N ARG B 605 -4.57 6.08 -7.34
CA ARG B 605 -3.82 5.35 -6.28
C ARG B 605 -4.78 4.42 -5.52
N GLY B 606 -5.99 4.94 -5.23
CA GLY B 606 -6.98 4.23 -4.41
C GLY B 606 -6.72 4.34 -2.91
N THR B 607 -5.64 5.04 -2.52
CA THR B 607 -5.23 5.19 -1.11
C THR B 607 -4.50 6.54 -0.93
N LEU B 608 -4.74 7.22 0.20
CA LEU B 608 -4.12 8.52 0.52
C LEU B 608 -2.96 8.37 1.53
N GLU B 609 -1.99 9.28 1.42
CA GLU B 609 -0.90 9.44 2.42
C GLU B 609 -1.47 9.86 3.77
N ASP B 610 -2.13 11.03 3.78
CA ASP B 610 -2.68 11.63 5.00
C ASP B 610 -4.21 11.80 4.83
N PRO B 611 -5.03 10.92 5.49
CA PRO B 611 -6.51 11.06 5.51
C PRO B 611 -6.93 12.32 6.28
N ASN B 612 -6.32 12.48 7.47
CA ASN B 612 -6.71 13.47 8.49
C ASN B 612 -6.69 14.90 7.94
N LEU B 613 -5.64 15.20 7.15
CA LEU B 613 -5.39 16.53 6.59
C LEU B 613 -6.39 16.83 5.44
N PHE B 614 -6.53 15.89 4.49
CA PHE B 614 -7.45 16.04 3.34
C PHE B 614 -8.90 16.27 3.81
N ILE B 615 -9.28 15.53 4.86
CA ILE B 615 -10.61 15.62 5.48
C ILE B 615 -10.82 17.00 6.12
N ARG B 616 -9.81 17.47 6.87
CA ARG B 616 -9.80 18.81 7.47
C ARG B 616 -10.02 19.91 6.39
N ARG B 617 -9.41 19.71 5.20
CA ARG B 617 -9.47 20.69 4.11
C ARG B 617 -10.86 20.78 3.48
N MET B 618 -11.37 19.62 3.03
CA MET B 618 -12.64 19.55 2.30
C MET B 618 -13.83 19.92 3.20
N ASN B 619 -13.78 19.48 4.48
CA ASN B 619 -14.85 19.76 5.46
C ASN B 619 -14.96 21.25 5.72
N GLN B 620 -13.80 21.93 5.86
CA GLN B 620 -13.72 23.39 6.06
C GLN B 620 -14.42 24.10 4.90
N LEU B 621 -13.98 23.79 3.66
CA LEU B 621 -14.45 24.46 2.43
C LEU B 621 -15.95 24.21 2.14
N LEU B 622 -16.49 23.08 2.64
CA LEU B 622 -17.92 22.73 2.46
C LEU B 622 -18.80 23.38 3.55
N VAL B 623 -18.30 23.44 4.79
CA VAL B 623 -19.12 23.85 5.96
C VAL B 623 -19.02 25.36 6.25
N SER B 624 -17.98 26.01 5.75
CA SER B 624 -17.74 27.46 5.96
C SER B 624 -18.85 28.28 5.25
N MET C 1 -12.52 1.48 33.97
CA MET C 1 -13.06 2.76 34.48
C MET C 1 -11.95 3.64 35.09
N ALA C 2 -10.69 3.38 34.70
CA ALA C 2 -9.53 4.20 35.12
C ALA C 2 -8.99 5.03 33.93
N THR C 3 -8.18 4.40 33.06
CA THR C 3 -7.48 5.10 31.97
C THR C 3 -8.44 5.32 30.77
N SER C 4 -8.97 6.56 30.69
CA SER C 4 -9.83 7.01 29.56
C SER C 4 -9.73 8.53 29.39
N THR C 5 -8.87 9.19 30.19
CA THR C 5 -8.65 10.64 30.11
C THR C 5 -8.10 11.04 28.73
N LEU C 6 -7.25 10.17 28.20
CA LEU C 6 -6.56 10.38 26.93
C LEU C 6 -7.51 10.02 25.77
N ILE C 7 -7.68 10.96 24.82
CA ILE C 7 -8.46 10.74 23.58
C ILE C 7 -7.66 9.89 22.56
N LYS C 8 -8.34 9.53 21.43
CA LYS C 8 -7.74 8.80 20.28
C LYS C 8 -6.40 9.43 19.83
N ALA C 9 -6.38 10.78 19.85
CA ALA C 9 -5.26 11.62 19.39
C ALA C 9 -5.03 11.46 17.89
N ILE C 10 -4.32 10.39 17.48
CA ILE C 10 -3.95 10.15 16.08
C ILE C 10 -4.34 8.72 15.68
N ASP C 11 -4.41 8.47 14.35
CA ASP C 11 -4.56 7.14 13.74
C ASP C 11 -5.89 6.48 14.17
N GLY C 12 -6.91 6.70 13.34
CA GLY C 12 -8.27 6.27 13.64
C GLY C 12 -8.47 4.76 13.64
N ASP C 13 -7.58 4.04 12.96
CA ASP C 13 -7.62 2.58 12.82
C ASP C 13 -7.39 1.89 14.16
N THR C 14 -6.20 2.13 14.71
CA THR C 14 -5.75 1.52 15.96
C THR C 14 -4.61 2.34 16.53
N VAL C 15 -4.92 3.06 17.61
CA VAL C 15 -3.92 3.70 18.45
C VAL C 15 -2.96 2.60 18.97
N LYS C 16 -1.65 2.83 18.85
CA LYS C 16 -0.64 1.84 19.20
C LYS C 16 0.54 2.56 19.90
N LEU C 17 1.34 1.77 20.62
CA LEU C 17 2.66 2.20 21.13
C LEU C 17 3.72 1.70 20.14
N MET C 18 4.92 2.29 20.22
CA MET C 18 6.10 1.91 19.41
C MET C 18 6.25 0.36 19.34
N TYR C 19 5.81 -0.23 18.21
CA TYR C 19 5.69 -1.70 18.05
C TYR C 19 7.05 -2.38 18.22
N LYS C 20 7.08 -3.52 18.96
CA LYS C 20 8.32 -4.25 19.31
C LYS C 20 9.23 -4.53 18.09
N GLY C 21 10.14 -3.57 17.82
CA GLY C 21 11.14 -3.70 16.76
C GLY C 21 12.17 -4.78 17.06
N GLN C 22 12.82 -5.28 16.00
CA GLN C 22 13.83 -6.35 16.09
C GLN C 22 15.07 -5.86 16.88
N PRO C 23 15.52 -6.62 17.95
CA PRO C 23 16.74 -6.29 18.72
C PRO C 23 18.01 -6.45 17.85
N MET C 24 18.28 -5.41 17.05
CA MET C 24 19.36 -5.41 16.05
C MET C 24 20.64 -4.78 16.63
N THR C 25 21.54 -4.29 15.73
CA THR C 25 22.71 -3.43 16.07
C THR C 25 23.72 -4.10 17.05
N PHE C 26 24.64 -3.28 17.63
CA PHE C 26 25.67 -3.72 18.58
C PHE C 26 25.68 -2.74 19.78
N ARG C 27 25.17 -3.19 20.95
CA ARG C 27 24.93 -2.32 22.14
C ARG C 27 26.18 -1.51 22.55
N LEU C 28 26.23 -0.26 22.03
CA LEU C 28 27.33 0.67 22.25
C LEU C 28 26.72 2.06 22.44
N LEU C 29 26.52 2.45 23.71
CA LEU C 29 26.04 3.80 24.08
C LEU C 29 26.31 3.98 25.59
N LEU C 30 26.92 5.13 25.95
CA LEU C 30 27.34 5.44 27.33
C LEU C 30 28.33 4.39 27.88
N VAL C 31 28.42 4.31 29.21
CA VAL C 31 29.26 3.33 29.92
C VAL C 31 28.61 2.96 31.26
N ASP C 32 28.52 1.65 31.51
CA ASP C 32 27.95 1.07 32.76
C ASP C 32 28.69 -0.24 33.07
N THR C 33 28.17 -1.03 34.00
CA THR C 33 28.72 -2.35 34.34
C THR C 33 27.55 -3.36 34.55
N PRO C 34 27.14 -4.15 33.49
CA PRO C 34 26.04 -5.12 33.59
C PRO C 34 26.49 -6.45 34.24
N GLU C 35 26.21 -6.61 35.55
CA GLU C 35 26.54 -7.85 36.30
C GLU C 35 25.65 -9.02 35.82
N THR C 36 24.43 -8.67 35.39
CA THR C 36 23.49 -9.59 34.72
C THR C 36 23.08 -10.75 35.66
N LYS C 37 22.23 -10.41 36.65
CA LYS C 37 21.81 -11.32 37.73
C LYS C 37 20.75 -12.32 37.21
N HIS C 38 21.02 -13.64 37.38
CA HIS C 38 20.08 -14.73 36.99
C HIS C 38 19.99 -15.77 38.13
N PRO C 39 18.84 -16.53 38.26
CA PRO C 39 18.71 -17.65 39.23
C PRO C 39 19.69 -18.80 38.93
N LYS C 40 20.51 -19.16 39.94
CA LYS C 40 21.50 -20.24 39.83
C LYS C 40 20.78 -21.58 40.06
N LYS C 41 20.12 -22.07 39.01
CA LYS C 41 19.37 -23.33 39.05
C LYS C 41 19.20 -23.86 37.61
N GLY C 42 19.46 -25.15 37.42
CA GLY C 42 19.37 -25.78 36.10
C GLY C 42 18.36 -26.91 36.06
N VAL C 43 18.55 -27.88 36.97
CA VAL C 43 17.83 -29.18 37.00
C VAL C 43 18.17 -30.00 35.74
N GLU C 44 18.71 -31.21 35.95
CA GLU C 44 19.17 -32.08 34.87
C GLU C 44 18.02 -32.93 34.27
N LYS C 45 18.37 -33.70 33.21
CA LYS C 45 17.43 -34.56 32.47
C LYS C 45 16.83 -35.65 33.39
N TYR C 46 15.70 -36.21 32.97
CA TYR C 46 15.00 -37.30 33.67
C TYR C 46 14.25 -38.16 32.64
N GLY C 47 14.11 -39.46 32.94
CA GLY C 47 13.43 -40.40 32.06
C GLY C 47 11.93 -40.45 32.31
N PRO C 48 11.10 -41.04 31.37
CA PRO C 48 9.64 -41.12 31.53
C PRO C 48 9.22 -41.94 32.79
N GLU C 49 9.56 -43.24 32.80
CA GLU C 49 9.19 -44.17 33.91
C GLU C 49 10.29 -45.23 34.05
N ALA C 50 10.24 -46.25 33.15
CA ALA C 50 11.13 -47.42 33.16
C ALA C 50 10.88 -48.25 31.89
N SER C 51 11.55 -49.40 31.82
CA SER C 51 11.38 -50.39 30.73
C SER C 51 11.07 -51.78 31.31
N ALA C 52 11.09 -52.82 30.46
CA ALA C 52 10.85 -54.24 30.84
C ALA C 52 9.39 -54.52 31.25
N PHE C 53 8.45 -53.77 30.66
CA PHE C 53 7.00 -54.00 30.82
C PHE C 53 6.24 -53.66 29.53
N THR C 54 5.02 -54.22 29.38
CA THR C 54 4.11 -53.95 28.25
C THR C 54 2.69 -53.68 28.78
N LYS C 55 1.98 -54.76 29.18
CA LYS C 55 0.64 -54.69 29.79
C LYS C 55 0.32 -56.06 30.44
N LYS C 56 -0.14 -57.01 29.58
CA LYS C 56 -0.55 -58.37 29.98
C LYS C 56 -1.16 -59.06 28.76
N MET C 57 -1.09 -60.41 28.71
CA MET C 57 -1.68 -61.22 27.62
C MET C 57 -3.22 -61.03 27.54
N VAL C 58 -3.74 -60.98 26.29
CA VAL C 58 -5.19 -60.86 26.01
C VAL C 58 -5.65 -62.02 25.10
N GLU C 59 -6.96 -62.05 24.79
CA GLU C 59 -7.57 -63.03 23.85
C GLU C 59 -7.59 -62.48 22.41
N ASN C 60 -8.29 -63.19 21.51
CA ASN C 60 -8.54 -62.75 20.12
C ASN C 60 -9.96 -63.15 19.69
N ALA C 61 -10.61 -62.27 18.93
CA ALA C 61 -11.92 -62.52 18.31
C ALA C 61 -11.82 -62.18 16.82
N LYS C 62 -11.46 -63.18 16.01
CA LYS C 62 -11.30 -63.03 14.55
C LYS C 62 -12.68 -62.88 13.88
N LYS C 63 -12.78 -61.94 12.93
CA LYS C 63 -13.98 -61.70 12.12
C LYS C 63 -13.58 -61.31 10.69
N ILE C 64 -14.48 -61.60 9.72
CA ILE C 64 -14.29 -61.19 8.30
C ILE C 64 -14.87 -59.78 8.08
N GLU C 65 -14.35 -59.07 7.05
CA GLU C 65 -14.86 -57.74 6.64
C GLU C 65 -14.41 -57.45 5.19
N VAL C 66 -15.30 -56.80 4.42
CA VAL C 66 -15.09 -56.48 2.99
C VAL C 66 -13.91 -55.49 2.80
N GLU C 67 -12.96 -55.85 1.90
CA GLU C 67 -11.82 -55.01 1.51
C GLU C 67 -11.44 -55.22 0.02
N PHE C 68 -11.78 -54.21 -0.83
CA PHE C 68 -11.39 -54.16 -2.26
C PHE C 68 -10.72 -52.79 -2.54
N ASP C 69 -9.56 -52.81 -3.24
CA ASP C 69 -8.83 -51.59 -3.61
C ASP C 69 -8.16 -51.75 -4.99
N LYS C 70 -8.20 -50.70 -5.82
CA LYS C 70 -7.60 -50.68 -7.18
C LYS C 70 -7.05 -49.29 -7.51
N GLY C 71 -5.86 -49.26 -8.13
CA GLY C 71 -5.22 -48.03 -8.58
C GLY C 71 -4.37 -48.29 -9.80
N GLN C 72 -5.04 -48.76 -10.87
CA GLN C 72 -4.43 -49.07 -12.19
C GLN C 72 -3.56 -47.90 -12.73
N ARG C 73 -2.38 -48.26 -13.29
CA ARG C 73 -1.40 -47.27 -13.77
C ARG C 73 -1.67 -46.94 -15.25
N THR C 74 -1.94 -45.66 -15.53
CA THR C 74 -2.13 -45.14 -16.91
C THR C 74 -1.34 -43.83 -17.04
N ASP C 75 -0.46 -43.72 -18.07
CA ASP C 75 0.30 -42.48 -18.32
C ASP C 75 0.64 -42.30 -19.81
N LYS C 76 0.46 -41.05 -20.27
CA LYS C 76 0.81 -40.56 -21.61
C LYS C 76 0.76 -39.02 -21.59
N TYR C 77 1.08 -38.38 -22.73
CA TYR C 77 1.30 -36.91 -22.78
C TYR C 77 -0.05 -36.16 -22.69
N GLY C 78 -0.89 -36.31 -23.73
CA GLY C 78 -2.12 -35.54 -23.87
C GLY C 78 -1.99 -34.40 -24.88
N ARG C 79 -3.11 -33.71 -25.16
CA ARG C 79 -3.19 -32.62 -26.17
C ARG C 79 -4.49 -31.83 -25.95
N GLY C 80 -4.39 -30.65 -25.31
CA GLY C 80 -5.58 -29.88 -24.90
C GLY C 80 -5.60 -28.46 -25.42
N LEU C 81 -5.23 -28.29 -26.72
CA LEU C 81 -5.20 -26.99 -27.42
C LEU C 81 -4.29 -25.98 -26.66
N ALA C 82 -3.06 -26.43 -26.34
CA ALA C 82 -2.01 -25.62 -25.67
C ALA C 82 -2.41 -25.12 -24.26
N TYR C 83 -3.53 -25.65 -23.72
CA TYR C 83 -4.02 -25.27 -22.39
C TYR C 83 -3.24 -26.03 -21.29
N ILE C 84 -2.09 -25.44 -20.90
CA ILE C 84 -1.14 -26.03 -19.93
C ILE C 84 -1.27 -25.29 -18.57
N TYR C 85 -0.77 -24.04 -18.53
CA TYR C 85 -0.86 -23.16 -17.35
C TYR C 85 -0.77 -21.70 -17.82
N ALA C 86 -1.72 -20.85 -17.33
CA ALA C 86 -1.86 -19.43 -17.74
C ALA C 86 -0.54 -18.64 -17.57
N ASP C 87 0.28 -18.66 -18.66
CA ASP C 87 1.59 -17.98 -18.74
C ASP C 87 2.18 -18.21 -20.14
N GLY C 88 1.64 -17.50 -21.14
CA GLY C 88 2.11 -17.59 -22.53
C GLY C 88 3.10 -16.51 -22.91
N LYS C 89 3.57 -16.55 -24.17
CA LYS C 89 4.46 -15.53 -24.79
C LYS C 89 3.64 -14.25 -25.14
N MET C 90 4.15 -13.37 -26.04
CA MET C 90 3.43 -12.17 -26.56
C MET C 90 3.29 -11.04 -25.47
N VAL C 91 2.63 -11.36 -24.34
CA VAL C 91 2.52 -10.47 -23.15
C VAL C 91 3.92 -9.98 -22.66
N ASN C 92 4.06 -8.65 -22.45
CA ASN C 92 5.36 -8.01 -22.10
C ASN C 92 5.15 -6.47 -21.94
N GLU C 93 4.21 -5.93 -22.73
CA GLU C 93 3.88 -4.47 -22.72
C GLU C 93 3.06 -4.08 -21.48
N ALA C 94 2.69 -2.78 -21.42
CA ALA C 94 1.88 -2.22 -20.32
C ALA C 94 0.78 -1.31 -20.91
N LEU C 95 -0.38 -1.26 -20.23
CA LEU C 95 -1.53 -0.44 -20.65
C LEU C 95 -2.01 0.41 -19.46
N VAL C 96 -1.89 1.74 -19.64
CA VAL C 96 -2.31 2.74 -18.66
C VAL C 96 -2.39 4.11 -19.39
N ARG C 97 -3.11 5.08 -18.80
CA ARG C 97 -3.25 6.47 -19.30
C ARG C 97 -4.05 6.56 -20.65
N GLN C 98 -4.68 7.72 -20.88
CA GLN C 98 -5.55 7.95 -22.04
C GLN C 98 -5.75 9.47 -22.26
N GLY C 99 -5.71 9.91 -23.54
CA GLY C 99 -5.90 11.32 -23.88
C GLY C 99 -5.80 11.58 -25.38
N LEU C 100 -6.45 10.72 -26.19
CA LEU C 100 -6.54 10.92 -27.66
C LEU C 100 -7.69 11.89 -27.96
N ALA C 101 -7.43 13.17 -27.68
CA ALA C 101 -8.44 14.24 -27.74
C ALA C 101 -8.33 15.04 -29.05
N LYS C 102 -7.99 14.36 -30.17
CA LYS C 102 -7.99 15.01 -31.50
C LYS C 102 -8.24 14.02 -32.64
N VAL C 103 -8.99 14.49 -33.64
CA VAL C 103 -9.25 13.80 -34.92
C VAL C 103 -8.75 14.69 -36.07
N ALA C 104 -8.47 14.06 -37.23
CA ALA C 104 -8.04 14.78 -38.44
C ALA C 104 -9.18 15.65 -39.01
N TYR C 105 -10.35 15.01 -39.21
CA TYR C 105 -11.55 15.67 -39.75
C TYR C 105 -12.14 16.68 -38.74
N VAL C 106 -12.40 17.91 -39.21
CA VAL C 106 -12.91 19.01 -38.38
C VAL C 106 -14.38 19.31 -38.71
N TYR C 107 -15.28 18.73 -37.90
CA TYR C 107 -16.73 18.99 -37.94
C TYR C 107 -17.32 18.87 -36.53
N LYS C 108 -18.60 19.26 -36.41
CA LYS C 108 -19.39 19.08 -35.19
C LYS C 108 -19.67 17.57 -34.96
N PRO C 109 -19.60 17.06 -33.69
CA PRO C 109 -19.90 15.64 -33.39
C PRO C 109 -21.42 15.36 -33.25
N ASN C 110 -21.74 14.09 -32.94
CA ASN C 110 -23.13 13.62 -32.77
C ASN C 110 -23.12 12.24 -32.07
N ASN C 111 -23.63 12.21 -30.83
CA ASN C 111 -23.78 10.96 -30.03
C ASN C 111 -24.82 11.20 -28.92
N THR C 112 -25.23 10.10 -28.24
CA THR C 112 -26.28 10.16 -27.19
C THR C 112 -25.79 9.52 -25.87
N HIS C 113 -25.90 10.28 -24.78
CA HIS C 113 -25.66 9.79 -23.41
C HIS C 113 -26.79 10.34 -22.51
N GLU C 114 -27.60 9.43 -21.95
CA GLU C 114 -28.77 9.79 -21.11
C GLU C 114 -28.36 9.99 -19.64
N GLN C 115 -29.38 10.36 -18.83
CA GLN C 115 -29.27 10.49 -17.38
C GLN C 115 -30.71 10.37 -16.82
N HIS C 116 -31.16 9.13 -16.59
CA HIS C 116 -32.55 8.84 -16.11
C HIS C 116 -32.66 9.02 -14.57
N LEU C 117 -33.83 9.48 -14.12
CA LEU C 117 -34.13 9.66 -12.68
C LEU C 117 -35.02 8.50 -12.16
N ARG C 118 -35.47 8.62 -10.90
CA ARG C 118 -36.36 7.64 -10.24
C ARG C 118 -37.07 8.32 -9.05
N LYS C 119 -38.08 7.63 -8.47
CA LYS C 119 -38.84 8.15 -7.32
C LYS C 119 -38.50 7.38 -6.04
N SER C 120 -38.51 8.10 -4.91
CA SER C 120 -38.39 7.55 -3.56
C SER C 120 -39.37 8.30 -2.64
N GLU C 121 -39.80 7.65 -1.53
CA GLU C 121 -40.73 8.26 -0.56
C GLU C 121 -40.70 7.48 0.76
N ALA C 122 -40.56 8.20 1.89
CA ALA C 122 -40.60 7.62 3.24
C ALA C 122 -41.11 8.67 4.25
N GLN C 123 -42.22 8.34 4.93
CA GLN C 123 -42.87 9.19 5.95
C GLN C 123 -43.57 8.26 6.95
N ALA C 124 -43.39 8.53 8.26
CA ALA C 124 -44.03 7.74 9.34
C ALA C 124 -43.97 8.52 10.67
N LYS C 125 -44.94 8.25 11.55
CA LYS C 125 -45.06 8.92 12.86
C LYS C 125 -45.10 7.87 13.99
N LYS C 126 -44.18 8.00 14.96
CA LYS C 126 -44.16 7.17 16.19
C LYS C 126 -43.43 7.97 17.30
N GLU C 127 -43.70 9.28 17.30
CA GLU C 127 -42.96 10.28 18.10
C GLU C 127 -43.62 10.51 19.48
N LYS C 128 -43.08 9.87 20.52
CA LYS C 128 -43.46 10.13 21.92
C LYS C 128 -42.22 9.89 22.82
N LEU C 129 -41.64 10.98 23.30
CA LEU C 129 -40.45 11.00 24.17
C LEU C 129 -40.60 12.23 25.08
N ASN C 130 -40.08 12.14 26.34
CA ASN C 130 -40.25 13.16 27.40
C ASN C 130 -41.72 13.15 27.93
N ILE C 131 -41.95 13.85 29.05
CA ILE C 131 -43.25 13.89 29.76
C ILE C 131 -43.56 12.50 30.35
N TRP C 132 -42.88 12.20 31.46
CA TRP C 132 -43.05 10.94 32.22
C TRP C 132 -44.20 11.08 33.25
N MET A 1 21.51 59.66 23.82
CA MET A 1 21.24 60.78 22.90
C MET A 1 21.12 60.25 21.46
N LYS A 2 22.14 59.48 21.02
CA LYS A 2 22.24 58.93 19.65
C LYS A 2 22.50 57.42 19.71
N GLY A 3 21.64 56.63 19.05
CA GLY A 3 21.75 55.17 18.99
C GLY A 3 21.24 54.62 17.66
N GLN A 4 20.97 53.31 17.63
CA GLN A 4 20.40 52.58 16.46
C GLN A 4 21.35 52.59 15.25
N GLU A 5 22.29 51.64 15.22
CA GLU A 5 23.16 51.38 14.05
C GLU A 5 23.05 49.88 13.70
N THR A 6 21.85 49.52 13.21
CA THR A 6 21.46 48.12 12.96
C THR A 6 21.89 47.67 11.55
N ARG A 7 22.31 46.40 11.43
CA ARG A 7 22.71 45.72 10.17
C ARG A 7 23.08 44.26 10.47
N GLY A 8 23.08 43.42 9.42
CA GLY A 8 23.44 42.01 9.52
C GLY A 8 22.87 41.20 8.37
N PHE A 9 23.65 40.25 7.84
CA PHE A 9 23.23 39.34 6.76
C PHE A 9 24.01 38.01 6.86
N GLN A 10 23.37 36.91 6.42
CA GLN A 10 23.99 35.59 6.36
C GLN A 10 23.49 34.83 5.12
N SER A 11 24.33 34.80 4.07
CA SER A 11 24.03 34.12 2.80
C SER A 11 24.49 32.66 2.87
N GLU A 12 23.61 31.73 2.45
CA GLU A 12 23.83 30.29 2.58
C GLU A 12 23.09 29.58 1.43
N VAL A 13 23.78 29.34 0.30
CA VAL A 13 23.24 28.62 -0.87
C VAL A 13 24.35 27.78 -1.54
N LYS A 14 24.10 26.46 -1.70
CA LYS A 14 24.98 25.47 -2.37
C LYS A 14 26.32 25.24 -1.63
N GLN A 15 26.85 24.01 -1.76
CA GLN A 15 28.01 23.51 -0.98
C GLN A 15 29.27 24.37 -1.23
N LEU A 16 29.73 24.40 -2.49
CA LEU A 16 31.00 25.05 -2.88
C LEU A 16 30.96 26.58 -2.60
N LEU A 17 29.79 27.20 -2.84
CA LEU A 17 29.58 28.64 -2.58
C LEU A 17 29.54 28.91 -1.05
N HIS A 18 29.05 27.92 -0.27
CA HIS A 18 28.97 28.02 1.21
C HIS A 18 30.39 28.02 1.80
N LEU A 19 31.30 27.36 1.08
CA LEU A 19 32.72 27.38 1.41
C LEU A 19 33.26 28.77 1.12
N MET A 20 33.11 29.20 -0.14
CA MET A 20 33.75 30.40 -0.73
C MET A 20 33.55 31.70 0.08
N ILE A 21 32.37 31.86 0.70
CA ILE A 21 32.06 33.05 1.52
C ILE A 21 33.02 33.16 2.73
N HIS A 22 33.19 32.03 3.43
CA HIS A 22 34.01 31.96 4.68
C HIS A 22 35.45 31.50 4.37
N SER A 23 35.69 31.02 3.13
CA SER A 23 37.05 30.68 2.64
C SER A 23 37.80 31.97 2.28
N LEU A 24 37.05 32.96 1.79
CA LEU A 24 37.53 34.33 1.58
C LEU A 24 37.81 34.97 2.95
N TYR A 25 36.70 35.23 3.69
CA TYR A 25 36.68 35.82 5.06
C TYR A 25 37.39 37.21 5.15
N SER A 26 37.82 37.77 3.99
CA SER A 26 38.60 39.02 3.90
C SER A 26 39.94 38.88 4.67
N ASN A 27 40.45 37.64 4.79
CA ASN A 27 41.52 37.28 5.75
C ASN A 27 42.79 36.89 4.97
N LYS A 28 42.63 36.21 3.82
CA LYS A 28 43.73 35.73 2.93
C LYS A 28 44.45 34.49 3.53
N GLU A 29 45.22 34.73 4.62
CA GLU A 29 46.13 33.73 5.27
C GLU A 29 45.40 32.52 5.88
N ILE A 30 44.06 32.53 5.86
CA ILE A 30 43.21 31.38 6.21
C ILE A 30 43.62 30.12 5.41
N PHE A 31 44.17 30.30 4.18
CA PHE A 31 44.60 29.18 3.31
C PHE A 31 45.68 28.31 3.97
N LEU A 32 46.56 28.92 4.80
CA LEU A 32 47.65 28.20 5.48
C LEU A 32 47.09 27.14 6.47
N ARG A 33 45.89 27.40 7.02
CA ARG A 33 45.14 26.40 7.80
C ARG A 33 44.95 25.12 6.98
N GLU A 34 44.26 25.25 5.81
CA GLU A 34 43.89 24.10 4.96
C GLU A 34 45.12 23.36 4.48
N LEU A 35 46.07 24.09 3.87
CA LEU A 35 47.31 23.52 3.27
C LEU A 35 48.04 22.61 4.27
N ILE A 36 48.34 23.15 5.49
CA ILE A 36 49.02 22.36 6.54
C ILE A 36 48.12 21.21 7.03
N SER A 37 46.81 21.48 7.18
CA SER A 37 45.80 20.50 7.68
C SER A 37 45.65 19.30 6.71
N ASN A 38 45.88 19.57 5.40
CA ASN A 38 45.79 18.55 4.33
C ASN A 38 47.09 17.72 4.33
N ALA A 39 48.18 18.37 4.77
CA ALA A 39 49.51 17.75 4.86
C ALA A 39 49.60 16.87 6.12
N SER A 40 48.89 17.32 7.17
CA SER A 40 48.79 16.63 8.45
C SER A 40 47.94 15.38 8.30
N ASP A 41 46.85 15.51 7.53
CA ASP A 41 45.89 14.42 7.28
C ASP A 41 46.52 13.39 6.31
N ALA A 42 47.40 13.87 5.40
CA ALA A 42 48.21 13.01 4.50
C ALA A 42 49.25 12.21 5.30
N ALA A 43 49.89 12.90 6.26
CA ALA A 43 50.88 12.29 7.18
C ALA A 43 50.19 11.23 8.07
N ASP A 44 48.94 11.54 8.47
CA ASP A 44 48.06 10.61 9.22
C ASP A 44 47.84 9.32 8.42
N LYS A 45 47.47 9.48 7.14
CA LYS A 45 47.21 8.35 6.23
C LYS A 45 48.44 7.43 6.12
N LEU A 46 49.65 8.03 6.05
CA LEU A 46 50.92 7.27 5.97
C LEU A 46 51.16 6.48 7.27
N ARG A 47 50.79 7.06 8.42
CA ARG A 47 50.92 6.40 9.74
C ARG A 47 50.09 5.09 9.77
N PHE A 48 48.89 5.11 9.15
CA PHE A 48 48.03 3.91 9.04
C PHE A 48 48.59 2.89 8.04
N ARG A 49 48.88 3.37 6.82
CA ARG A 49 49.26 2.51 5.68
C ARG A 49 50.62 1.84 5.91
N ALA A 50 51.49 2.49 6.69
CA ALA A 50 52.82 1.97 7.04
C ALA A 50 52.76 0.82 8.06
N LEU A 51 51.60 0.64 8.71
CA LEU A 51 51.34 -0.54 9.56
C LEU A 51 51.12 -1.79 8.67
N SER A 52 50.65 -1.55 7.43
CA SER A 52 50.42 -2.61 6.44
C SER A 52 51.64 -2.78 5.52
N ASN A 53 52.52 -1.75 5.50
CA ASN A 53 53.79 -1.77 4.73
C ASN A 53 54.71 -0.62 5.22
N PRO A 54 55.71 -0.91 6.12
CA PRO A 54 56.64 0.14 6.63
C PRO A 54 57.60 0.68 5.54
N ASP A 55 57.68 -0.03 4.40
CA ASP A 55 58.53 0.34 3.25
C ASP A 55 57.99 1.59 2.53
N LEU A 56 56.71 1.95 2.80
CA LEU A 56 56.10 3.20 2.28
C LEU A 56 56.83 4.46 2.83
N TYR A 57 57.59 4.29 3.94
CA TYR A 57 58.44 5.35 4.50
C TYR A 57 59.65 5.65 3.58
N GLU A 58 59.99 4.75 2.63
CA GLU A 58 61.07 5.00 1.62
C GLU A 58 62.46 5.20 2.26
N GLY A 59 62.58 4.90 3.56
CA GLY A 59 63.74 5.29 4.38
C GLY A 59 63.44 6.54 5.21
N ASP A 60 62.70 7.50 4.61
CA ASP A 60 62.27 8.74 5.29
C ASP A 60 61.13 8.43 6.29
N GLY A 61 61.48 8.36 7.59
CA GLY A 61 60.51 8.11 8.65
C GLY A 61 60.20 9.37 9.47
N GLU A 62 60.75 10.53 9.05
CA GLU A 62 60.55 11.84 9.73
C GLU A 62 59.49 12.65 8.97
N LEU A 63 58.21 12.43 9.33
CA LEU A 63 57.08 13.13 8.72
C LEU A 63 57.01 14.57 9.24
N ARG A 64 56.98 15.52 8.30
CA ARG A 64 56.92 16.96 8.55
C ARG A 64 56.40 17.66 7.28
N VAL A 65 56.04 18.94 7.40
CA VAL A 65 55.70 19.79 6.26
C VAL A 65 56.50 21.11 6.37
N ARG A 66 57.22 21.44 5.30
CA ARG A 66 58.24 22.50 5.30
C ARG A 66 57.82 23.65 4.38
N VAL A 67 57.42 24.76 5.00
CA VAL A 67 57.00 25.97 4.31
C VAL A 67 58.26 26.76 3.93
N SER A 68 58.56 26.75 2.65
CA SER A 68 59.68 27.46 2.05
C SER A 68 59.14 28.58 1.18
N PHE A 69 60.03 29.50 0.79
CA PHE A 69 59.68 30.62 -0.06
C PHE A 69 60.90 31.10 -0.87
N ASP A 70 60.63 31.54 -2.10
CA ASP A 70 61.64 32.12 -2.98
C ASP A 70 61.42 33.63 -2.97
N LYS A 71 62.48 34.36 -2.62
CA LYS A 71 62.43 35.81 -2.40
C LYS A 71 62.30 36.57 -3.75
N ASP A 72 62.92 36.00 -4.80
CA ASP A 72 62.98 36.62 -6.14
C ASP A 72 61.71 36.29 -6.95
N LYS A 73 61.43 34.99 -7.11
CA LYS A 73 60.28 34.48 -7.89
C LYS A 73 58.96 34.83 -7.18
N ARG A 74 59.03 34.94 -5.83
CA ARG A 74 57.87 35.27 -4.95
C ARG A 74 56.85 34.12 -4.95
N THR A 75 57.39 32.90 -4.83
CA THR A 75 56.61 31.67 -4.70
C THR A 75 56.66 31.16 -3.25
N LEU A 76 55.50 30.92 -2.65
CA LEU A 76 55.38 30.26 -1.35
C LEU A 76 55.15 28.75 -1.59
N THR A 77 56.14 27.94 -1.22
CA THR A 77 56.21 26.50 -1.52
C THR A 77 56.07 25.67 -0.22
N ILE A 78 54.89 25.07 0.01
CA ILE A 78 54.60 24.29 1.24
C ILE A 78 54.83 22.79 0.89
N SER A 79 55.98 22.26 1.34
CA SER A 79 56.50 20.94 0.92
C SER A 79 56.27 19.86 2.01
N ASP A 80 55.18 19.13 1.87
CA ASP A 80 54.79 17.99 2.72
C ASP A 80 55.55 16.72 2.26
N ASN A 81 55.91 15.83 3.22
CA ASN A 81 56.52 14.51 2.90
C ASN A 81 55.72 13.37 3.58
N GLY A 82 54.40 13.58 3.74
CA GLY A 82 53.47 12.56 4.26
C GLY A 82 53.23 11.43 3.25
N VAL A 83 51.99 10.93 3.16
CA VAL A 83 51.65 9.88 2.15
C VAL A 83 51.62 10.49 0.74
N GLY A 84 51.50 11.82 0.67
CA GLY A 84 51.27 12.51 -0.59
C GLY A 84 49.84 12.35 -1.05
N MET A 85 49.66 12.19 -2.36
CA MET A 85 48.37 11.82 -2.97
C MET A 85 48.66 10.89 -4.14
N THR A 86 47.80 9.87 -4.32
CA THR A 86 47.80 9.03 -5.51
C THR A 86 47.21 9.82 -6.70
N ARG A 87 47.48 9.38 -7.93
CA ARG A 87 46.90 9.96 -9.19
C ARG A 87 45.37 10.05 -9.06
N ASP A 88 44.81 8.98 -8.46
CA ASP A 88 43.39 8.88 -8.10
C ASP A 88 42.98 10.06 -7.21
N GLU A 89 43.64 10.19 -6.04
CA GLU A 89 43.33 11.25 -5.04
C GLU A 89 43.49 12.67 -5.61
N VAL A 90 44.42 12.86 -6.56
CA VAL A 90 44.64 14.17 -7.21
C VAL A 90 43.41 14.58 -8.02
N ILE A 91 42.80 13.59 -8.70
CA ILE A 91 41.52 13.81 -9.41
C ILE A 91 40.38 13.99 -8.40
N ASP A 92 40.28 13.06 -7.42
CA ASP A 92 39.22 13.03 -6.37
C ASP A 92 39.21 14.29 -5.48
N HIS A 93 40.32 15.04 -5.46
CA HIS A 93 40.42 16.32 -4.75
C HIS A 93 40.45 17.45 -5.79
N LEU A 94 41.63 17.70 -6.35
CA LEU A 94 41.92 18.90 -7.18
C LEU A 94 41.09 18.91 -8.48
N GLY A 95 41.10 17.77 -9.20
CA GLY A 95 40.38 17.63 -10.47
C GLY A 95 38.87 17.84 -10.34
N THR A 96 38.28 17.32 -9.23
CA THR A 96 36.83 17.40 -8.98
C THR A 96 36.40 18.81 -8.54
N ILE A 97 37.37 19.63 -8.07
CA ILE A 97 37.08 21.01 -7.65
C ILE A 97 37.16 21.97 -8.85
N ALA A 98 38.11 21.69 -9.76
CA ALA A 98 38.33 22.50 -10.97
C ALA A 98 37.31 22.13 -12.08
N LYS A 99 37.65 21.14 -12.93
CA LYS A 99 36.75 20.66 -14.01
C LYS A 99 36.46 19.15 -13.82
N SER A 100 35.17 18.76 -13.69
CA SER A 100 34.74 17.34 -13.74
C SER A 100 33.25 17.27 -14.11
N GLY A 101 32.39 17.53 -13.12
CA GLY A 101 30.93 17.39 -13.26
C GLY A 101 30.37 16.50 -12.17
N THR A 102 30.76 16.79 -10.92
CA THR A 102 30.44 15.95 -9.75
C THR A 102 29.03 16.24 -9.18
N LYS A 103 28.37 17.29 -9.72
CA LYS A 103 27.05 17.78 -9.26
C LYS A 103 27.23 18.48 -7.89
N SER A 104 27.32 17.65 -6.84
CA SER A 104 27.53 18.05 -5.44
C SER A 104 27.61 16.79 -4.60
N PHE A 105 26.81 15.78 -5.01
CA PHE A 105 26.73 14.48 -4.33
C PHE A 105 26.93 13.35 -5.35
N LEU A 106 26.17 13.46 -6.45
CA LEU A 106 26.21 12.57 -7.62
C LEU A 106 25.07 12.97 -8.57
N GLU A 107 25.33 12.89 -9.87
CA GLU A 107 24.36 13.18 -10.94
C GLU A 107 23.27 12.08 -11.06
N SER A 108 23.70 10.79 -11.03
CA SER A 108 22.85 9.64 -11.42
C SER A 108 21.86 9.23 -10.29
N LEU A 109 22.35 8.51 -9.25
CA LEU A 109 21.49 8.04 -8.13
C LEU A 109 21.50 9.03 -6.97
N GLY A 110 22.60 9.79 -6.83
CA GLY A 110 22.75 10.72 -5.70
C GLY A 110 23.19 9.99 -4.43
N SER A 111 24.24 9.13 -4.55
CA SER A 111 24.72 8.26 -3.45
C SER A 111 26.14 7.75 -3.72
N ASP A 112 26.37 7.20 -4.92
CA ASP A 112 27.58 6.40 -5.24
C ASP A 112 28.89 7.22 -5.20
N GLN A 113 28.80 8.50 -5.61
CA GLN A 113 29.96 9.42 -5.69
C GLN A 113 30.03 10.33 -4.43
N ALA A 114 29.27 9.98 -3.37
CA ALA A 114 29.09 10.81 -2.15
C ALA A 114 30.41 11.22 -1.45
N LYS A 115 31.52 10.58 -1.84
CA LYS A 115 32.87 10.92 -1.37
C LYS A 115 33.54 11.95 -2.31
N ASP A 116 32.74 12.88 -2.87
CA ASP A 116 33.27 14.05 -3.61
C ASP A 116 33.17 15.29 -2.70
N SER A 117 31.95 15.54 -2.17
CA SER A 117 31.64 16.74 -1.36
C SER A 117 32.42 16.76 -0.04
N GLN A 118 32.59 15.58 0.55
CA GLN A 118 33.24 15.42 1.87
C GLN A 118 34.77 15.63 1.78
N LEU A 119 35.30 15.58 0.54
CA LEU A 119 36.70 15.92 0.24
C LEU A 119 36.82 17.42 -0.11
N ILE A 120 35.78 17.96 -0.78
CA ILE A 120 35.70 19.40 -1.14
C ILE A 120 35.54 20.27 0.14
N GLY A 121 34.95 19.69 1.20
CA GLY A 121 34.80 20.36 2.51
C GLY A 121 36.13 20.73 3.18
N GLN A 122 37.23 20.06 2.77
CA GLN A 122 38.58 20.32 3.29
C GLN A 122 39.46 20.98 2.19
N PHE A 123 39.55 20.29 1.04
CA PHE A 123 40.44 20.67 -0.09
C PHE A 123 39.87 21.85 -0.91
N GLY A 124 38.53 21.90 -1.03
CA GLY A 124 37.83 22.94 -1.82
C GLY A 124 37.89 24.31 -1.18
N VAL A 125 37.88 24.33 0.17
CA VAL A 125 38.11 25.54 0.98
C VAL A 125 39.52 26.08 0.67
N GLY A 126 40.51 25.16 0.72
CA GLY A 126 41.92 25.49 0.50
C GLY A 126 42.25 25.88 -0.94
N PHE A 127 41.47 25.38 -1.90
CA PHE A 127 41.61 25.71 -3.32
C PHE A 127 41.32 27.20 -3.54
N TYR A 128 40.12 27.62 -3.08
CA TYR A 128 39.62 28.99 -3.25
C TYR A 128 40.51 30.00 -2.48
N SER A 129 40.79 29.68 -1.20
CA SER A 129 41.59 30.52 -0.29
C SER A 129 43.03 30.69 -0.81
N ALA A 130 43.57 29.62 -1.44
CA ALA A 130 44.91 29.64 -2.07
C ALA A 130 44.95 30.69 -3.18
N PHE A 131 43.95 30.65 -4.08
CA PHE A 131 43.86 31.58 -5.23
C PHE A 131 43.40 33.00 -4.83
N ILE A 132 43.20 33.25 -3.52
CA ILE A 132 42.99 34.63 -2.99
C ILE A 132 44.34 35.37 -2.94
N VAL A 133 45.41 34.63 -2.62
CA VAL A 133 46.79 35.18 -2.52
C VAL A 133 47.65 34.78 -3.72
N ALA A 134 47.29 33.66 -4.38
CA ALA A 134 48.10 33.07 -5.46
C ALA A 134 47.49 33.38 -6.83
N ASP A 135 48.37 33.78 -7.76
CA ASP A 135 48.05 33.90 -9.18
C ASP A 135 47.97 32.50 -9.81
N LYS A 136 48.86 31.62 -9.30
CA LYS A 136 49.02 30.25 -9.80
C LYS A 136 49.31 29.32 -8.61
N VAL A 137 48.71 28.13 -8.62
CA VAL A 137 49.03 27.04 -7.67
C VAL A 137 49.49 25.82 -8.49
N THR A 138 50.65 25.28 -8.12
CA THR A 138 51.29 24.14 -8.77
C THR A 138 51.52 23.04 -7.72
N VAL A 139 50.79 21.92 -7.82
CA VAL A 139 50.92 20.81 -6.87
C VAL A 139 51.68 19.65 -7.53
N ARG A 140 52.91 19.40 -7.05
CA ARG A 140 53.72 18.26 -7.45
C ARG A 140 53.80 17.30 -6.25
N THR A 141 52.91 16.29 -6.25
CA THR A 141 52.77 15.32 -5.15
C THR A 141 53.34 13.94 -5.55
N ARG A 142 53.53 13.08 -4.54
CA ARG A 142 54.02 11.71 -4.72
C ARG A 142 53.41 10.80 -3.65
N ALA A 143 52.75 9.72 -4.10
CA ALA A 143 52.17 8.69 -3.23
C ALA A 143 53.28 7.81 -2.59
N ALA A 144 53.09 7.48 -1.30
CA ALA A 144 54.06 6.72 -0.48
C ALA A 144 54.22 5.28 -0.98
N GLY A 145 55.47 4.88 -1.31
CA GLY A 145 55.80 3.52 -1.74
C GLY A 145 55.27 3.14 -3.12
N GLU A 146 54.51 4.05 -3.74
CA GLU A 146 53.99 3.90 -5.09
C GLU A 146 55.09 4.43 -6.04
N LYS A 147 55.18 3.85 -7.25
CA LYS A 147 56.27 4.10 -8.20
C LYS A 147 56.49 5.61 -8.47
N PRO A 148 57.76 6.12 -8.29
CA PRO A 148 58.13 7.55 -8.49
C PRO A 148 57.81 8.08 -9.92
N GLU A 149 57.73 7.15 -10.87
CA GLU A 149 57.41 7.42 -12.29
C GLU A 149 55.99 7.99 -12.45
N ASN A 150 55.09 7.58 -11.54
CA ASN A 150 53.69 8.01 -11.52
C ASN A 150 53.50 9.25 -10.64
N GLY A 151 54.64 9.94 -10.27
CA GLY A 151 54.59 11.23 -9.56
C GLY A 151 53.71 12.22 -10.32
N VAL A 152 52.98 13.08 -9.63
CA VAL A 152 51.88 13.84 -10.24
C VAL A 152 52.18 15.33 -10.23
N PHE A 153 52.22 15.92 -11.43
CA PHE A 153 52.21 17.36 -11.65
C PHE A 153 50.74 17.81 -11.79
N TRP A 154 50.42 18.92 -11.15
CA TRP A 154 49.12 19.58 -11.27
C TRP A 154 49.39 21.09 -11.26
N GLU A 155 48.57 21.83 -12.00
CA GLU A 155 48.67 23.30 -12.05
C GLU A 155 47.36 23.92 -12.58
N SER A 156 46.96 25.04 -11.96
CA SER A 156 45.84 25.86 -12.41
C SER A 156 46.10 27.32 -11.99
N ALA A 157 45.41 28.25 -12.67
CA ALA A 157 45.43 29.68 -12.36
C ALA A 157 44.11 30.09 -11.66
N GLY A 158 43.24 29.09 -11.38
CA GLY A 158 42.04 29.28 -10.57
C GLY A 158 40.73 29.00 -11.31
N GLU A 159 40.80 28.93 -12.65
CA GLU A 159 39.62 28.76 -13.53
C GLU A 159 39.00 27.34 -13.43
N GLY A 160 37.91 27.12 -14.19
CA GLY A 160 37.22 25.83 -14.27
C GLY A 160 37.94 24.83 -15.16
N GLU A 161 39.21 24.58 -14.83
CA GLU A 161 40.12 23.74 -15.59
C GLU A 161 41.36 23.43 -14.73
N TYR A 162 42.09 22.38 -15.13
CA TYR A 162 43.29 21.90 -14.45
C TYR A 162 44.22 21.26 -15.48
N THR A 163 45.52 21.40 -15.25
CA THR A 163 46.56 20.75 -16.05
C THR A 163 47.29 19.74 -15.16
N VAL A 164 46.88 18.47 -15.27
CA VAL A 164 47.50 17.33 -14.58
C VAL A 164 48.32 16.52 -15.61
N ALA A 165 49.47 16.00 -15.17
CA ALA A 165 50.37 15.18 -15.99
C ALA A 165 51.28 14.34 -15.09
N ASP A 166 51.84 13.24 -15.62
CA ASP A 166 52.79 12.39 -14.86
C ASP A 166 54.22 12.91 -15.05
N ILE A 167 55.01 12.83 -13.98
CA ILE A 167 56.40 13.28 -13.92
C ILE A 167 57.20 12.28 -13.08
N THR A 168 58.51 12.20 -13.35
CA THR A 168 59.40 11.39 -12.54
C THR A 168 59.77 12.20 -11.27
N LYS A 169 59.10 11.87 -10.16
CA LYS A 169 59.32 12.51 -8.86
C LYS A 169 59.73 11.43 -7.84
N GLU A 170 61.02 11.38 -7.50
CA GLU A 170 61.58 10.33 -6.63
C GLU A 170 61.20 10.54 -5.15
N ASP A 171 61.17 11.82 -4.71
CA ASP A 171 60.89 12.17 -3.30
C ASP A 171 59.38 12.06 -3.01
N ARG A 172 59.05 11.61 -1.79
CA ARG A 172 57.67 11.35 -1.36
C ARG A 172 57.01 12.62 -0.80
N GLY A 173 55.68 12.74 -0.97
CA GLY A 173 54.87 13.80 -0.33
C GLY A 173 54.34 14.83 -1.30
N THR A 174 53.65 15.85 -0.74
CA THR A 174 52.89 16.84 -1.53
C THR A 174 53.53 18.22 -1.46
N GLU A 175 54.14 18.66 -2.57
CA GLU A 175 54.68 20.03 -2.68
C GLU A 175 53.62 20.92 -3.34
N ILE A 176 53.25 22.03 -2.67
CA ILE A 176 52.30 23.01 -3.22
C ILE A 176 53.02 24.37 -3.38
N THR A 177 53.40 24.71 -4.62
CA THR A 177 54.10 25.94 -4.97
C THR A 177 53.09 26.98 -5.49
N LEU A 178 52.75 27.96 -4.64
CA LEU A 178 51.84 29.07 -4.97
C LEU A 178 52.66 30.30 -5.39
N HIS A 179 52.58 30.72 -6.66
CA HIS A 179 53.18 32.00 -7.08
C HIS A 179 52.25 33.13 -6.60
N LEU A 180 52.72 33.87 -5.58
CA LEU A 180 51.98 34.99 -4.97
C LEU A 180 51.77 36.14 -5.99
N ARG A 181 50.63 36.84 -5.87
CA ARG A 181 50.29 38.00 -6.74
C ARG A 181 51.10 39.24 -6.33
N GLU A 182 51.12 40.24 -7.21
CA GLU A 182 51.80 41.53 -6.98
C GLU A 182 51.15 42.25 -5.78
N GLY A 183 51.79 42.16 -4.61
CA GLY A 183 51.25 42.70 -3.36
C GLY A 183 51.15 41.60 -2.30
N GLU A 184 50.81 40.37 -2.73
CA GLU A 184 50.60 39.19 -1.84
C GLU A 184 51.93 38.55 -1.40
N ASP A 185 53.04 39.29 -1.55
CA ASP A 185 54.39 38.84 -1.20
C ASP A 185 54.69 39.06 0.31
N GLU A 186 53.62 39.44 1.06
CA GLU A 186 53.57 39.44 2.54
C GLU A 186 53.95 38.04 3.12
N PHE A 187 53.67 37.00 2.32
CA PHE A 187 53.91 35.60 2.70
C PHE A 187 55.36 35.14 2.36
N LEU A 188 56.25 36.12 2.10
CA LEU A 188 57.71 35.88 2.04
C LEU A 188 58.40 36.38 3.33
N ASP A 189 57.66 37.21 4.11
CA ASP A 189 58.16 37.80 5.37
C ASP A 189 58.32 36.71 6.41
N ASP A 190 59.57 36.40 6.77
CA ASP A 190 59.96 35.26 7.62
C ASP A 190 59.17 35.24 8.96
N TRP A 191 59.10 36.41 9.58
CA TRP A 191 58.40 36.64 10.87
C TRP A 191 56.86 36.48 10.72
N ARG A 192 56.30 37.05 9.63
CA ARG A 192 54.84 37.02 9.33
C ARG A 192 54.34 35.60 9.10
N VAL A 193 55.13 34.85 8.31
CA VAL A 193 54.85 33.44 8.00
C VAL A 193 54.83 32.63 9.30
N ARG A 194 55.90 32.76 10.12
CA ARG A 194 56.02 32.05 11.42
C ARG A 194 54.82 32.31 12.35
N SER A 195 54.31 33.56 12.34
CA SER A 195 53.12 33.96 13.13
C SER A 195 51.90 33.11 12.73
N ILE A 196 51.52 33.21 11.44
CA ILE A 196 50.29 32.58 10.90
C ILE A 196 50.40 31.04 10.93
N ILE A 197 51.63 30.53 10.68
CA ILE A 197 51.92 29.09 10.68
C ILE A 197 51.61 28.50 12.06
N SER A 198 52.18 29.10 13.13
CA SER A 198 52.03 28.60 14.52
C SER A 198 50.56 28.71 15.02
N LYS A 199 49.80 29.72 14.50
CA LYS A 199 48.34 29.87 14.79
C LYS A 199 47.54 28.58 14.51
N TYR A 200 48.04 27.77 13.56
CA TYR A 200 47.40 26.53 13.12
C TYR A 200 48.23 25.29 13.52
N SER A 201 49.53 25.38 13.32
CA SER A 201 50.42 24.21 13.39
C SER A 201 50.66 23.74 14.85
N ASP A 202 50.46 24.65 15.82
CA ASP A 202 50.53 24.32 17.27
C ASP A 202 49.46 23.30 17.68
N HIS A 203 48.28 23.33 17.00
CA HIS A 203 47.19 22.38 17.30
C HIS A 203 47.35 21.09 16.48
N ILE A 204 48.34 21.07 15.58
CA ILE A 204 48.55 19.99 14.61
C ILE A 204 49.70 19.06 15.07
N ALA A 205 49.51 17.73 14.84
CA ALA A 205 50.43 16.66 15.29
C ALA A 205 51.57 16.40 14.27
N LEU A 206 51.82 17.38 13.38
CA LEU A 206 52.85 17.27 12.33
C LEU A 206 53.81 18.47 12.45
N PRO A 207 55.16 18.25 12.66
CA PRO A 207 56.16 19.35 12.73
C PRO A 207 56.19 20.20 11.45
N VAL A 208 55.77 21.47 11.56
CA VAL A 208 55.78 22.41 10.44
C VAL A 208 57.00 23.32 10.58
N GLU A 209 57.98 23.07 9.71
CA GLU A 209 59.25 23.81 9.67
C GLU A 209 59.21 24.88 8.59
N ILE A 210 60.14 25.82 8.64
CA ILE A 210 60.24 26.92 7.66
C ILE A 210 61.64 26.93 7.06
N GLU A 211 61.76 27.40 5.81
CA GLU A 211 63.04 27.65 5.17
C GLU A 211 63.72 28.82 5.89
N LYS A 212 64.74 28.50 6.69
CA LYS A 212 65.59 29.50 7.27
C LYS A 212 67.05 29.14 7.04
N ARG A 213 67.55 29.53 5.85
CA ARG A 213 68.96 29.45 5.51
C ARG A 213 69.63 30.77 5.89
N GLU A 214 70.93 30.70 6.17
CA GLU A 214 71.77 31.88 6.35
C GLU A 214 72.58 32.02 5.06
N GLU A 215 72.05 32.82 4.12
CA GLU A 215 72.65 33.03 2.81
C GLU A 215 73.72 34.13 2.91
N LYS A 216 74.96 33.73 3.22
CA LYS A 216 76.11 34.62 3.40
C LYS A 216 77.16 34.32 2.31
N ASP A 217 78.13 35.25 2.14
CA ASP A 217 79.22 35.14 1.14
C ASP A 217 80.06 33.89 1.42
N GLY A 218 79.88 32.84 0.59
CA GLY A 218 80.62 31.58 0.76
C GLY A 218 79.95 30.61 1.76
N GLU A 219 79.09 31.14 2.63
CA GLU A 219 78.45 30.40 3.73
C GLU A 219 76.93 30.47 3.59
N THR A 220 76.38 29.66 2.67
CA THR A 220 74.92 29.56 2.48
C THR A 220 74.43 28.31 3.21
N VAL A 221 74.25 28.43 4.53
CA VAL A 221 73.90 27.31 5.42
C VAL A 221 72.39 27.09 5.36
N ILE A 222 71.94 25.96 4.79
CA ILE A 222 70.51 25.63 4.64
C ILE A 222 70.01 24.89 5.88
N SER A 223 68.99 25.46 6.53
CA SER A 223 68.38 24.92 7.73
C SER A 223 66.85 25.05 7.64
N TRP A 224 66.15 24.16 8.36
CA TRP A 224 64.68 24.15 8.49
C TRP A 224 64.34 24.25 9.97
N GLU A 225 63.51 25.23 10.33
CA GLU A 225 63.24 25.58 11.74
C GLU A 225 61.73 25.40 12.03
N LYS A 226 61.40 24.47 12.95
CA LYS A 226 60.00 24.17 13.32
C LYS A 226 59.45 25.21 14.31
N ILE A 227 58.35 25.87 13.91
CA ILE A 227 57.72 26.96 14.69
C ILE A 227 56.68 26.38 15.66
N ASN A 228 56.17 25.19 15.33
CA ASN A 228 55.03 24.57 16.03
C ASN A 228 55.47 23.71 17.22
N LYS A 229 54.48 23.39 18.09
CA LYS A 229 54.68 22.45 19.22
C LYS A 229 55.04 21.04 18.71
N ALA A 230 54.42 20.64 17.58
CA ALA A 230 54.66 19.35 16.89
C ALA A 230 54.30 18.16 17.78
N GLN A 231 53.22 18.32 18.55
CA GLN A 231 52.75 17.31 19.49
C GLN A 231 51.27 17.04 19.23
N ALA A 232 50.88 15.77 19.38
CA ALA A 232 49.49 15.31 19.25
C ALA A 232 48.59 16.06 20.24
N LEU A 233 47.67 16.91 19.71
CA LEU A 233 46.80 17.78 20.53
C LEU A 233 45.97 16.95 21.52
N TRP A 234 45.36 15.87 21.02
CA TRP A 234 44.53 14.99 21.84
C TRP A 234 45.34 14.40 23.03
N THR A 235 46.62 14.08 22.79
CA THR A 235 47.53 13.53 23.81
C THR A 235 47.96 14.61 24.85
N ARG A 236 48.03 15.88 24.40
CA ARG A 236 48.25 17.04 25.28
C ARG A 236 47.07 17.19 26.27
N ASN A 237 47.33 17.77 27.46
CA ASN A 237 46.31 17.91 28.50
C ASN A 237 45.44 19.15 28.24
N LYS A 238 44.35 19.21 29.01
CA LYS A 238 43.44 20.35 29.05
C LYS A 238 44.16 21.62 29.57
N SER A 239 45.31 21.42 30.28
CA SER A 239 46.11 22.53 30.82
C SER A 239 46.99 23.15 29.71
N GLU A 240 47.39 22.32 28.72
CA GLU A 240 48.33 22.74 27.66
C GLU A 240 47.60 23.30 26.43
N ILE A 241 46.33 22.90 26.21
CA ILE A 241 45.57 23.32 25.02
C ILE A 241 44.63 24.49 25.36
N THR A 242 44.62 25.53 24.52
CA THR A 242 43.66 26.65 24.65
C THR A 242 42.42 26.37 23.77
N ASP A 243 41.34 27.17 24.00
CA ASP A 243 40.04 27.02 23.32
C ASP A 243 40.18 27.25 21.79
N GLU A 244 41.11 28.14 21.41
CA GLU A 244 41.44 28.42 20.00
C GLU A 244 41.93 27.14 19.30
N GLU A 245 42.93 26.48 19.93
CA GLU A 245 43.54 25.26 19.38
C GLU A 245 42.51 24.13 19.24
N TYR A 246 41.56 24.04 20.21
CA TYR A 246 40.45 23.06 20.15
C TYR A 246 39.55 23.29 18.91
N LYS A 247 38.97 24.50 18.82
CA LYS A 247 37.96 24.85 17.79
C LYS A 247 38.52 24.79 16.37
N GLU A 248 39.83 25.07 16.26
CA GLU A 248 40.56 25.08 14.99
C GLU A 248 41.02 23.64 14.64
N PHE A 249 41.21 22.79 15.69
CA PHE A 249 41.55 21.36 15.52
C PHE A 249 40.34 20.57 15.04
N TYR A 250 39.13 21.02 15.45
CA TYR A 250 37.85 20.51 14.90
C TYR A 250 37.87 20.59 13.36
N LYS A 251 38.36 21.73 12.86
CA LYS A 251 38.40 22.02 11.42
C LYS A 251 39.42 21.12 10.68
N HIS A 252 40.40 20.58 11.43
CA HIS A 252 41.33 19.55 10.92
C HIS A 252 40.60 18.18 10.86
N ILE A 253 40.28 17.62 12.05
CA ILE A 253 39.84 16.21 12.21
C ILE A 253 38.46 15.90 11.60
N ALA A 254 37.61 16.93 11.47
CA ALA A 254 36.22 16.76 10.97
C ALA A 254 36.14 16.91 9.44
N HIS A 255 37.21 17.47 8.83
CA HIS A 255 37.23 17.85 7.40
C HIS A 255 36.17 18.95 7.09
N ASP A 256 35.77 19.67 8.15
CA ASP A 256 34.86 20.84 8.09
C ASP A 256 35.70 22.11 8.35
N PHE A 257 35.12 23.32 8.27
CA PHE A 257 35.88 24.58 8.48
C PHE A 257 35.12 25.61 9.35
N ASN A 258 33.94 25.22 9.86
CA ASN A 258 33.13 26.06 10.78
C ASN A 258 33.59 25.82 12.23
N ASP A 259 33.28 26.76 13.14
CA ASP A 259 33.60 26.63 14.58
C ASP A 259 32.50 25.81 15.30
N PRO A 260 32.86 24.94 16.29
CA PRO A 260 31.88 24.18 17.10
C PRO A 260 31.28 25.04 18.25
N LEU A 261 30.07 24.65 18.70
CA LEU A 261 29.39 25.25 19.86
C LEU A 261 30.19 25.01 21.16
N THR A 262 30.43 23.72 21.44
CA THR A 262 31.15 23.27 22.65
C THR A 262 31.95 22.01 22.31
N TRP A 263 32.74 21.55 23.28
CA TRP A 263 33.59 20.36 23.14
C TRP A 263 33.82 19.75 24.53
N SER A 264 34.30 18.50 24.55
CA SER A 264 34.69 17.79 25.78
C SER A 264 35.94 16.95 25.49
N HIS A 265 37.07 17.35 26.09
CA HIS A 265 38.33 16.62 26.00
C HIS A 265 38.57 15.93 27.34
N ASN A 266 38.60 14.61 27.34
CA ASN A 266 38.80 13.80 28.56
C ASN A 266 39.71 12.60 28.21
N ARG A 267 40.60 12.24 29.14
CA ARG A 267 41.44 11.02 29.00
C ARG A 267 41.00 9.99 30.05
N VAL A 268 41.02 8.71 29.66
CA VAL A 268 40.68 7.57 30.53
C VAL A 268 41.85 6.57 30.50
N GLU A 269 42.02 5.80 31.58
CA GLU A 269 43.13 4.85 31.77
C GLU A 269 42.62 3.56 32.44
N GLY A 270 43.54 2.59 32.66
CA GLY A 270 43.22 1.30 33.29
C GLY A 270 43.48 0.16 32.32
N LYS A 271 42.42 -0.61 32.00
CA LYS A 271 42.47 -1.63 30.93
C LYS A 271 42.51 -0.93 29.56
N GLN A 272 41.39 -0.25 29.22
CA GLN A 272 41.28 0.58 28.02
C GLN A 272 41.69 2.02 28.35
N GLU A 273 42.93 2.37 27.95
CA GLU A 273 43.39 3.75 27.93
C GLU A 273 42.90 4.36 26.62
N TYR A 274 42.09 5.42 26.73
CA TYR A 274 41.60 6.14 25.56
C TYR A 274 41.42 7.63 25.89
N THR A 275 42.06 8.48 25.08
CA THR A 275 41.86 9.93 25.15
C THR A 275 40.81 10.32 24.11
N SER A 276 39.62 10.73 24.57
CA SER A 276 38.50 11.10 23.68
C SER A 276 38.37 12.63 23.62
N LEU A 277 38.08 13.14 22.42
CA LEU A 277 37.91 14.57 22.17
C LEU A 277 36.76 14.74 21.16
N LEU A 278 35.58 15.04 21.70
CA LEU A 278 34.34 15.18 20.91
C LEU A 278 33.98 16.66 20.80
N TYR A 279 33.44 17.05 19.64
CA TYR A 279 32.97 18.42 19.38
C TYR A 279 31.48 18.38 18.99
N ILE A 280 30.74 19.39 19.44
CA ILE A 280 29.35 19.65 19.02
C ILE A 280 29.37 20.71 17.91
N PRO A 281 29.09 20.33 16.62
CA PRO A 281 29.04 21.29 15.49
C PRO A 281 27.89 22.32 15.64
N SER A 282 28.15 23.56 15.18
CA SER A 282 27.15 24.65 15.17
C SER A 282 26.21 24.56 13.96
N GLN A 283 26.47 23.58 13.08
CA GLN A 283 25.84 23.46 11.77
C GLN A 283 25.64 21.98 11.45
N ALA A 284 24.46 21.64 10.89
CA ALA A 284 24.17 20.28 10.42
C ALA A 284 24.99 19.96 9.16
N PRO A 285 25.83 18.86 9.16
CA PRO A 285 26.57 18.43 7.94
C PRO A 285 25.59 17.98 6.85
N TRP A 286 26.01 18.09 5.58
CA TRP A 286 25.17 17.71 4.43
C TRP A 286 24.93 16.18 4.46
N ASP A 287 25.97 15.42 4.87
CA ASP A 287 25.93 13.93 5.00
C ASP A 287 25.42 13.49 6.38
N MET A 288 24.41 14.23 6.89
CA MET A 288 23.81 13.95 8.21
C MET A 288 22.86 12.74 8.12
N TRP A 289 22.08 12.65 7.02
CA TRP A 289 20.98 11.66 6.87
C TRP A 289 21.22 10.68 5.70
N ASN A 290 22.39 10.79 5.05
CA ASN A 290 22.67 10.06 3.78
C ASN A 290 23.16 8.64 4.03
N ARG A 291 23.37 7.91 2.91
CA ARG A 291 23.90 6.53 2.93
C ARG A 291 25.42 6.54 3.16
N ASP A 292 26.06 7.71 2.95
CA ASP A 292 27.50 7.90 3.22
C ASP A 292 27.63 8.74 4.51
N HIS A 293 28.79 8.62 5.15
CA HIS A 293 29.09 9.26 6.43
C HIS A 293 29.97 10.52 6.23
N LYS A 294 29.69 11.55 7.04
CA LYS A 294 30.65 12.65 7.32
C LYS A 294 30.77 12.84 8.83
N HIS A 295 29.68 12.49 9.54
CA HIS A 295 29.71 12.35 11.00
C HIS A 295 30.50 11.10 11.41
N GLY A 296 31.17 11.17 12.57
CA GLY A 296 32.03 10.09 13.05
C GLY A 296 33.25 10.65 13.75
N LEU A 297 34.21 9.76 14.04
CA LEU A 297 35.47 10.11 14.76
C LEU A 297 36.67 9.66 13.92
N LYS A 298 37.79 10.40 13.98
CA LYS A 298 39.09 9.88 13.46
C LYS A 298 39.67 8.93 14.51
N LEU A 299 39.70 7.63 14.20
CA LEU A 299 40.31 6.63 15.07
C LEU A 299 41.84 6.74 14.98
N TYR A 300 42.45 7.01 16.13
CA TYR A 300 43.89 6.91 16.36
C TYR A 300 44.12 5.78 17.36
N VAL A 301 44.94 4.79 17.01
CA VAL A 301 45.41 3.76 17.94
C VAL A 301 46.85 4.11 18.35
N GLN A 302 46.98 4.65 19.58
CA GLN A 302 48.26 5.01 20.21
C GLN A 302 48.97 6.13 19.37
N ARG A 303 48.19 7.20 19.11
CA ARG A 303 48.57 8.39 18.29
C ARG A 303 48.68 8.09 16.77
N VAL A 304 48.55 6.80 16.38
CA VAL A 304 48.69 6.37 14.98
C VAL A 304 47.30 6.31 14.34
N PHE A 305 47.06 7.11 13.29
CA PHE A 305 45.78 7.17 12.55
C PHE A 305 45.39 5.79 11.99
N ILE A 306 44.06 5.57 11.90
CA ILE A 306 43.49 4.33 11.34
C ILE A 306 42.46 4.70 10.25
N MET A 307 41.36 5.39 10.63
CA MET A 307 40.27 5.70 9.69
C MET A 307 39.48 6.96 10.13
N ASP A 308 39.12 7.82 9.13
CA ASP A 308 38.19 8.95 9.32
C ASP A 308 36.74 8.46 9.19
N ASP A 309 35.79 9.22 9.77
CA ASP A 309 34.34 8.92 9.74
C ASP A 309 33.99 7.61 10.48
N ALA A 310 34.82 7.23 11.47
CA ALA A 310 34.59 6.03 12.29
C ALA A 310 33.47 6.29 13.32
N GLU A 311 32.23 6.03 12.89
CA GLU A 311 31.02 6.17 13.73
C GLU A 311 30.77 4.87 14.54
N GLN A 312 31.73 3.92 14.49
CA GLN A 312 31.68 2.65 15.25
C GLN A 312 31.90 2.88 16.76
N PHE A 313 32.27 4.11 17.13
CA PHE A 313 32.49 4.54 18.54
C PHE A 313 31.29 5.33 19.08
N MET A 314 30.23 5.42 18.28
CA MET A 314 28.94 6.03 18.68
C MET A 314 27.79 5.19 18.09
N PRO A 315 26.71 4.85 18.86
CA PRO A 315 25.45 4.37 18.25
C PRO A 315 24.89 5.45 17.29
N ASN A 316 24.17 5.04 16.24
CA ASN A 316 23.80 5.92 15.09
C ASN A 316 22.80 7.04 15.49
N TYR A 317 22.23 6.95 16.70
CA TYR A 317 21.30 7.98 17.27
C TYR A 317 22.11 9.20 17.81
N LEU A 318 23.44 9.01 17.97
CA LEU A 318 24.38 10.06 18.41
C LEU A 318 25.21 10.55 17.20
N ARG A 319 24.60 10.52 15.99
CA ARG A 319 25.32 10.83 14.73
C ARG A 319 25.56 12.35 14.54
N PHE A 320 25.28 13.16 15.57
CA PHE A 320 25.61 14.60 15.59
C PHE A 320 27.04 14.84 16.14
N VAL A 321 27.58 13.83 16.84
CA VAL A 321 28.94 13.90 17.43
C VAL A 321 30.00 13.83 16.30
N ARG A 322 30.94 14.78 16.33
CA ARG A 322 32.08 14.80 15.39
C ARG A 322 33.36 15.17 16.15
N GLY A 323 34.42 14.39 15.94
CA GLY A 323 35.69 14.59 16.65
C GLY A 323 36.68 13.48 16.32
N LEU A 324 37.30 12.92 17.37
CA LEU A 324 38.28 11.82 17.26
C LEU A 324 38.37 11.04 18.58
N ILE A 325 39.01 9.87 18.53
CA ILE A 325 39.22 9.01 19.69
C ILE A 325 40.58 8.28 19.56
N ASP A 326 41.46 8.54 20.54
CA ASP A 326 42.77 7.91 20.68
C ASP A 326 42.65 6.74 21.66
N SER A 327 43.09 5.54 21.25
CA SER A 327 43.04 4.34 22.09
C SER A 327 44.38 3.57 22.05
N SER A 328 45.00 3.35 23.21
CA SER A 328 46.20 2.47 23.34
C SER A 328 45.77 0.99 23.52
N ASP A 329 44.45 0.76 23.66
CA ASP A 329 43.86 -0.55 23.97
C ASP A 329 43.63 -1.39 22.71
N LEU A 330 43.25 -0.73 21.62
CA LEU A 330 42.92 -1.37 20.34
C LEU A 330 44.20 -1.89 19.63
N PRO A 331 44.09 -2.97 18.79
CA PRO A 331 45.21 -3.46 17.96
C PRO A 331 45.52 -2.50 16.79
N LEU A 332 46.70 -2.66 16.19
CA LEU A 332 47.15 -1.83 15.05
C LEU A 332 46.51 -2.33 13.73
N ASN A 333 46.13 -3.62 13.69
CA ASN A 333 45.44 -4.25 12.55
C ASN A 333 43.89 -4.12 12.67
N VAL A 334 43.44 -3.13 13.47
CA VAL A 334 42.02 -2.90 13.76
C VAL A 334 41.22 -2.46 12.51
N SER A 335 40.03 -3.04 12.33
CA SER A 335 39.11 -2.76 11.20
C SER A 335 37.72 -2.44 11.76
N ARG A 336 36.78 -2.06 10.86
CA ARG A 336 35.35 -1.83 11.21
C ARG A 336 34.73 -3.11 11.82
N GLU A 337 35.19 -4.27 11.32
CA GLU A 337 34.74 -5.61 11.76
C GLU A 337 35.16 -5.87 13.21
N ILE A 338 36.40 -5.47 13.55
CA ILE A 338 36.92 -5.53 14.94
C ILE A 338 36.06 -4.59 15.82
N LEU A 339 35.80 -3.38 15.31
CA LEU A 339 35.03 -2.34 16.03
C LEU A 339 33.55 -2.76 16.22
N GLN A 340 33.05 -3.56 15.28
CA GLN A 340 31.66 -4.02 15.23
C GLN A 340 31.42 -5.18 16.21
N ASP A 341 32.35 -6.14 16.22
CA ASP A 341 32.17 -7.43 16.93
C ASP A 341 32.82 -7.48 18.31
N SER A 342 33.91 -6.71 18.54
CA SER A 342 34.62 -6.75 19.83
C SER A 342 33.74 -6.13 20.93
N THR A 343 33.71 -6.79 22.10
CA THR A 343 32.89 -6.36 23.24
C THR A 343 33.51 -5.10 23.88
N VAL A 344 34.86 -5.02 23.85
CA VAL A 344 35.62 -3.90 24.44
C VAL A 344 35.31 -2.58 23.72
N THR A 345 35.07 -2.65 22.39
CA THR A 345 34.71 -1.47 21.56
C THR A 345 33.23 -1.09 21.74
N ARG A 346 32.39 -2.07 22.15
CA ARG A 346 30.95 -1.81 22.37
C ARG A 346 30.75 -1.14 23.73
N ASN A 347 31.50 -1.60 24.72
CA ASN A 347 31.53 -1.00 26.06
C ASN A 347 32.33 0.31 26.04
N LEU A 348 33.25 0.44 25.06
CA LEU A 348 33.96 1.70 24.77
C LEU A 348 32.98 2.75 24.22
N ARG A 349 32.13 2.34 23.25
CA ARG A 349 31.17 3.26 22.61
C ARG A 349 30.02 3.60 23.59
N ASN A 350 29.69 2.65 24.51
CA ASN A 350 28.79 2.90 25.65
C ASN A 350 29.43 3.94 26.59
N ALA A 351 30.71 3.74 26.91
CA ALA A 351 31.48 4.65 27.79
C ALA A 351 31.52 6.08 27.22
N LEU A 352 31.55 6.20 25.89
CA LEU A 352 31.54 7.49 25.19
C LEU A 352 30.11 8.10 25.15
N THR A 353 29.07 7.23 25.11
CA THR A 353 27.65 7.63 25.06
C THR A 353 27.25 8.54 26.24
N LYS A 354 27.76 8.23 27.45
CA LYS A 354 27.46 9.04 28.66
C LYS A 354 28.12 10.43 28.58
N ARG A 355 29.33 10.52 27.95
CA ARG A 355 30.02 11.81 27.74
C ARG A 355 29.18 12.71 26.83
N VAL A 356 28.48 12.08 25.86
CA VAL A 356 27.57 12.79 24.94
C VAL A 356 26.32 13.28 25.69
N LEU A 357 25.67 12.35 26.42
CA LEU A 357 24.43 12.60 27.21
C LEU A 357 24.65 13.74 28.23
N GLN A 358 25.80 13.72 28.92
CA GLN A 358 26.19 14.75 29.88
C GLN A 358 26.50 16.08 29.15
N MET A 359 27.11 15.97 27.93
CA MET A 359 27.51 17.14 27.09
C MET A 359 26.28 17.93 26.59
N LEU A 360 25.17 17.20 26.36
CA LEU A 360 23.88 17.77 25.93
C LEU A 360 23.28 18.63 27.05
N GLU A 361 23.43 18.13 28.28
CA GLU A 361 22.93 18.80 29.49
C GLU A 361 23.86 19.96 29.87
N LYS A 362 25.18 19.81 29.59
CA LYS A 362 26.18 20.89 29.76
C LYS A 362 25.79 22.08 28.89
N LEU A 363 25.62 21.79 27.58
CA LEU A 363 25.34 22.79 26.53
C LEU A 363 24.00 23.52 26.78
N ALA A 364 23.02 22.76 27.28
CA ALA A 364 21.68 23.27 27.64
C ALA A 364 21.76 24.41 28.68
N LYS A 365 22.73 24.29 29.60
CA LYS A 365 22.94 25.26 30.69
C LYS A 365 24.06 26.26 30.35
N ASP A 366 24.95 25.84 29.43
CA ASP A 366 26.14 26.62 29.00
C ASP A 366 25.70 27.90 28.29
N ASP A 367 24.84 27.72 27.28
CA ASP A 367 24.34 28.82 26.46
C ASP A 367 23.07 28.35 25.73
N ALA A 368 21.92 28.89 26.16
CA ALA A 368 20.59 28.51 25.65
C ALA A 368 20.44 28.73 24.13
N GLU A 369 21.15 29.75 23.60
CA GLU A 369 21.18 30.06 22.15
C GLU A 369 21.90 28.94 21.39
N LYS A 370 23.07 28.49 21.91
CA LYS A 370 23.82 27.37 21.31
C LYS A 370 22.95 26.11 21.21
N TYR A 371 22.28 25.78 22.32
CA TYR A 371 21.48 24.54 22.43
C TYR A 371 20.17 24.62 21.63
N GLN A 372 19.61 25.84 21.48
CA GLN A 372 18.37 26.05 20.67
C GLN A 372 18.66 25.84 19.19
N THR A 373 19.83 26.36 18.75
CA THR A 373 20.36 26.17 17.38
C THR A 373 20.68 24.68 17.15
N PHE A 374 21.32 24.07 18.16
CA PHE A 374 21.70 22.66 18.16
C PHE A 374 20.48 21.75 17.96
N TRP A 375 19.41 21.99 18.72
CA TRP A 375 18.17 21.20 18.63
C TRP A 375 17.48 21.45 17.27
N GLN A 376 17.59 22.67 16.74
CA GLN A 376 16.97 23.03 15.45
C GLN A 376 17.68 22.29 14.27
N GLN A 377 18.97 21.94 14.48
CA GLN A 377 19.79 21.22 13.47
C GLN A 377 19.81 19.69 13.72
N PHE A 378 19.73 19.26 15.00
CA PHE A 378 20.04 17.86 15.42
C PHE A 378 18.94 17.26 16.34
N GLY A 379 17.79 17.94 16.44
CA GLY A 379 16.76 17.59 17.42
C GLY A 379 16.02 16.29 17.11
N LEU A 380 15.84 16.01 15.82
CA LEU A 380 15.18 14.78 15.35
C LEU A 380 16.07 13.54 15.63
N VAL A 381 17.40 13.81 15.72
CA VAL A 381 18.42 12.79 16.00
C VAL A 381 18.43 12.47 17.51
N LEU A 382 18.43 13.54 18.33
CA LEU A 382 18.44 13.43 19.82
C LEU A 382 17.10 12.86 20.32
N LYS A 383 16.03 13.05 19.51
CA LYS A 383 14.67 12.57 19.86
C LYS A 383 14.55 11.05 19.64
N GLU A 384 15.56 10.43 19.00
CA GLU A 384 15.70 8.95 18.95
C GLU A 384 16.12 8.43 20.35
N GLY A 385 16.66 9.36 21.17
CA GLY A 385 17.01 9.13 22.58
C GLY A 385 15.96 8.33 23.38
N PRO A 386 14.79 8.94 23.72
CA PRO A 386 13.76 8.30 24.58
C PRO A 386 12.93 7.25 23.81
N ALA A 387 13.19 7.21 22.50
CA ALA A 387 12.57 6.28 21.56
C ALA A 387 13.22 4.90 21.67
N GLU A 388 14.54 4.92 21.89
CA GLU A 388 15.35 3.70 21.97
C GLU A 388 15.38 3.23 23.44
N ASP A 389 15.86 4.12 24.30
CA ASP A 389 16.09 3.86 25.72
C ASP A 389 14.96 4.51 26.56
N PHE A 390 14.05 3.66 27.08
CA PHE A 390 13.00 4.10 28.02
C PHE A 390 13.55 4.11 29.47
N ALA A 391 14.64 3.37 29.70
CA ALA A 391 15.23 3.19 31.05
C ALA A 391 15.63 4.54 31.69
N ASN A 392 16.23 5.41 30.88
CA ASN A 392 16.68 6.76 31.31
C ASN A 392 15.96 7.85 30.48
N GLN A 393 14.72 7.53 30.07
CA GLN A 393 13.85 8.38 29.20
C GLN A 393 13.68 9.81 29.77
N GLU A 394 13.50 9.90 31.11
CA GLU A 394 13.24 11.17 31.83
C GLU A 394 14.44 12.15 31.72
N ALA A 395 15.67 11.60 31.72
CA ALA A 395 16.91 12.38 31.56
C ALA A 395 16.94 13.09 30.19
N ILE A 396 16.40 12.37 29.19
CA ILE A 396 16.31 12.85 27.79
C ILE A 396 15.09 13.77 27.60
N ALA A 397 14.04 13.54 28.40
CA ALA A 397 12.77 14.29 28.34
C ALA A 397 12.96 15.78 28.69
N LYS A 398 13.95 16.02 29.55
CA LYS A 398 14.44 17.37 29.89
C LYS A 398 15.13 18.02 28.68
N LEU A 399 15.83 17.19 27.87
CA LEU A 399 16.53 17.61 26.65
C LEU A 399 15.52 17.82 25.49
N LEU A 400 14.35 17.13 25.57
CA LEU A 400 13.31 17.14 24.51
C LEU A 400 12.61 18.49 24.38
N ARG A 401 12.59 19.03 23.15
CA ARG A 401 11.88 20.26 22.79
C ARG A 401 10.88 19.90 21.65
N PHE A 402 9.65 20.41 21.75
CA PHE A 402 8.59 20.26 20.71
C PHE A 402 8.00 21.64 20.38
N ALA A 403 7.12 21.69 19.37
CA ALA A 403 6.28 22.86 19.09
C ALA A 403 5.04 22.81 20.00
N SER A 404 4.46 23.99 20.34
CA SER A 404 3.30 24.08 21.24
C SER A 404 2.52 25.40 21.01
N THR A 405 1.25 25.47 21.47
CA THR A 405 0.31 26.61 21.18
C THR A 405 0.84 27.99 21.67
N HIS A 406 1.82 27.95 22.58
CA HIS A 406 2.52 29.14 23.06
C HIS A 406 3.23 29.88 21.90
N THR A 407 3.93 29.11 21.04
CA THR A 407 4.72 29.66 19.93
C THR A 407 4.49 28.83 18.65
N ASP A 408 4.05 29.50 17.57
CA ASP A 408 3.77 28.87 16.25
C ASP A 408 5.04 28.83 15.35
N SER A 409 6.22 28.69 15.98
CA SER A 409 7.52 28.64 15.30
C SER A 409 7.79 27.24 14.71
N SER A 410 8.54 27.20 13.60
CA SER A 410 8.99 25.95 12.95
C SER A 410 10.05 25.23 13.83
N ALA A 411 10.79 26.04 14.60
CA ALA A 411 11.79 25.55 15.58
C ALA A 411 11.08 25.06 16.85
N GLN A 412 11.54 23.92 17.38
CA GLN A 412 10.99 23.31 18.59
C GLN A 412 11.49 24.09 19.82
N THR A 413 10.67 25.06 20.27
CA THR A 413 11.05 26.03 21.31
C THR A 413 10.59 25.61 22.72
N VAL A 414 9.35 25.09 22.85
CA VAL A 414 8.78 24.65 24.16
C VAL A 414 9.36 23.27 24.54
N SER A 415 9.94 23.16 25.75
CA SER A 415 10.42 21.88 26.31
C SER A 415 9.28 21.16 27.06
N LEU A 416 9.49 19.88 27.38
CA LEU A 416 8.62 19.14 28.31
C LEU A 416 8.72 19.76 29.73
N GLU A 417 9.90 20.32 30.02
CA GLU A 417 10.16 21.12 31.23
C GLU A 417 9.19 22.31 31.33
N ASP A 418 9.00 23.01 30.19
CA ASP A 418 8.12 24.18 30.08
C ASP A 418 6.68 23.77 30.35
N TYR A 419 6.26 22.65 29.72
CA TYR A 419 4.88 22.12 29.82
C TYR A 419 4.52 21.78 31.28
N VAL A 420 5.42 21.04 31.96
CA VAL A 420 5.20 20.56 33.35
C VAL A 420 5.14 21.74 34.34
N SER A 421 5.96 22.78 34.10
CA SER A 421 5.92 24.03 34.88
C SER A 421 4.64 24.82 34.58
N ARG A 422 4.09 24.65 33.36
CA ARG A 422 2.93 25.43 32.87
C ARG A 422 1.58 24.71 33.16
N MET A 423 1.66 23.43 33.61
CA MET A 423 0.47 22.61 33.92
C MET A 423 -0.50 23.32 34.88
N LYS A 424 -1.74 23.49 34.40
CA LYS A 424 -2.84 24.12 35.15
C LYS A 424 -3.57 23.08 36.02
N GLU A 425 -4.48 23.56 36.89
CA GLU A 425 -5.35 22.67 37.71
C GLU A 425 -6.29 21.85 36.79
N GLY A 426 -6.39 20.53 37.07
CA GLY A 426 -7.17 19.62 36.23
C GLY A 426 -6.44 19.21 34.94
N GLN A 427 -5.22 19.74 34.72
CA GLN A 427 -4.34 19.36 33.60
C GLN A 427 -3.37 18.28 34.11
N GLU A 428 -3.95 17.10 34.37
CA GLU A 428 -3.28 15.97 35.04
C GLU A 428 -2.39 15.18 34.05
N LYS A 429 -2.63 15.39 32.74
CA LYS A 429 -1.89 14.70 31.66
C LYS A 429 -1.33 15.71 30.65
N ILE A 430 -0.34 15.26 29.86
CA ILE A 430 0.19 16.02 28.72
C ILE A 430 -0.76 15.83 27.53
N TYR A 431 -1.52 16.88 27.23
CA TYR A 431 -2.42 16.91 26.08
C TYR A 431 -1.62 17.38 24.84
N TYR A 432 -1.62 16.52 23.82
CA TYR A 432 -0.92 16.76 22.55
C TYR A 432 -1.74 16.13 21.42
N ILE A 433 -1.68 16.70 20.20
CA ILE A 433 -2.29 16.07 19.00
C ILE A 433 -1.21 16.03 17.89
N THR A 434 -1.18 14.89 17.18
CA THR A 434 -0.17 14.56 16.18
C THR A 434 -0.58 15.02 14.76
N ALA A 435 0.44 15.28 13.90
CA ALA A 435 0.24 15.67 12.49
C ALA A 435 1.43 15.19 11.62
N ASP A 436 1.18 15.04 10.31
CA ASP A 436 2.19 14.67 9.31
C ASP A 436 3.19 15.82 9.08
N SER A 437 2.68 17.07 9.16
CA SER A 437 3.47 18.28 8.88
C SER A 437 3.13 19.41 9.87
N TYR A 438 4.15 20.24 10.13
CA TYR A 438 4.04 21.48 10.91
C TYR A 438 2.98 22.44 10.31
N ALA A 439 2.92 22.50 8.97
CA ALA A 439 2.00 23.38 8.22
C ALA A 439 0.53 22.99 8.46
N ALA A 440 0.26 21.66 8.54
CA ALA A 440 -1.08 21.12 8.84
C ALA A 440 -1.50 21.52 10.26
N ALA A 441 -0.61 21.23 11.23
CA ALA A 441 -0.82 21.53 12.67
C ALA A 441 -1.12 23.02 12.91
N LYS A 442 -0.35 23.88 12.24
CA LYS A 442 -0.39 25.34 12.44
C LYS A 442 -1.62 26.00 11.80
N SER A 443 -2.13 25.40 10.68
CA SER A 443 -3.22 26.03 9.88
C SER A 443 -4.53 26.18 10.69
N SER A 444 -4.62 25.39 11.77
CA SER A 444 -5.75 25.38 12.70
C SER A 444 -5.87 26.71 13.50
N PRO A 445 -6.98 27.53 13.28
CA PRO A 445 -7.22 28.81 14.02
C PRO A 445 -7.55 28.60 15.53
N HIS A 446 -7.96 27.37 15.88
CA HIS A 446 -8.30 26.99 17.29
C HIS A 446 -7.10 27.13 18.25
N LEU A 447 -5.87 27.07 17.70
CA LEU A 447 -4.63 27.19 18.48
C LEU A 447 -4.52 28.58 19.14
N GLU A 448 -5.14 29.59 18.49
CA GLU A 448 -5.12 30.99 18.95
C GLU A 448 -6.09 31.19 20.13
N LEU A 449 -7.11 30.29 20.22
CA LEU A 449 -8.11 30.31 21.30
C LEU A 449 -7.43 29.88 22.61
N LEU A 450 -6.69 28.76 22.55
CA LEU A 450 -6.02 28.18 23.73
C LEU A 450 -4.70 28.89 24.08
N ARG A 451 -4.12 29.59 23.09
CA ARG A 451 -2.97 30.49 23.30
C ARG A 451 -3.42 31.63 24.25
N LYS A 452 -4.57 32.24 23.91
CA LYS A 452 -5.20 33.31 24.71
C LYS A 452 -5.64 32.78 26.08
N LYS A 453 -6.11 31.52 26.09
CA LYS A 453 -6.62 30.84 27.30
C LYS A 453 -5.46 30.49 28.28
N GLY A 454 -4.22 30.46 27.76
CA GLY A 454 -3.02 30.22 28.56
C GLY A 454 -2.82 28.75 28.93
N ILE A 455 -3.47 27.86 28.16
CA ILE A 455 -3.34 26.40 28.31
C ILE A 455 -2.48 25.87 27.16
N GLU A 456 -1.64 24.89 27.47
CA GLU A 456 -0.56 24.45 26.57
C GLU A 456 -0.97 23.13 25.87
N VAL A 457 -0.91 23.15 24.53
CA VAL A 457 -1.16 21.97 23.67
C VAL A 457 0.13 21.70 22.90
N LEU A 458 0.77 20.53 23.10
CA LEU A 458 1.96 20.19 22.32
C LEU A 458 1.54 19.88 20.86
N LEU A 459 2.01 20.75 19.93
CA LEU A 459 1.78 20.56 18.49
C LEU A 459 2.81 19.52 18.02
N LEU A 460 2.47 18.24 18.18
CA LEU A 460 3.35 17.14 17.83
C LEU A 460 3.26 16.99 16.30
N SER A 461 4.29 17.43 15.57
CA SER A 461 4.26 17.50 14.10
C SER A 461 5.57 16.99 13.45
N ASP A 462 6.51 16.51 14.28
CA ASP A 462 7.78 15.92 13.81
C ASP A 462 7.58 14.40 13.58
N ARG A 463 8.21 13.86 12.53
CA ARG A 463 7.89 12.51 12.01
C ARG A 463 8.35 11.37 12.97
N ILE A 464 9.58 11.48 13.52
CA ILE A 464 10.25 10.39 14.32
C ILE A 464 9.46 10.02 15.63
N ASP A 465 8.58 10.94 16.07
CA ASP A 465 7.75 10.80 17.28
C ASP A 465 6.82 9.56 17.19
N GLU A 466 6.58 9.08 15.96
CA GLU A 466 5.81 7.86 15.67
C GLU A 466 6.36 6.62 16.42
N TRP A 467 7.71 6.51 16.44
CA TRP A 467 8.44 5.47 17.17
C TRP A 467 8.63 5.90 18.64
N MET A 468 9.02 7.19 18.85
CA MET A 468 9.35 7.72 20.19
C MET A 468 8.24 7.49 21.23
N MET A 469 7.01 7.83 20.84
CA MET A 469 5.85 7.87 21.75
C MET A 469 5.32 6.48 22.12
N ASN A 470 5.86 5.40 21.49
CA ASN A 470 5.54 4.01 21.92
C ASN A 470 6.12 3.75 23.31
N TYR A 471 7.31 4.34 23.54
CA TYR A 471 8.07 4.17 24.79
C TYR A 471 7.78 5.34 25.74
N LEU A 472 7.75 6.57 25.18
CA LEU A 472 7.45 7.80 25.92
C LEU A 472 5.93 7.81 26.26
N THR A 473 5.58 7.09 27.35
CA THR A 473 4.20 6.96 27.82
C THR A 473 3.85 8.02 28.88
N GLU A 474 4.85 8.45 29.67
CA GLU A 474 4.66 9.46 30.72
C GLU A 474 6.01 10.13 31.07
N PHE A 475 5.93 11.31 31.68
CA PHE A 475 7.09 12.08 32.15
C PHE A 475 6.73 12.78 33.47
N ASP A 476 7.61 12.59 34.48
CA ASP A 476 7.51 13.24 35.82
C ASP A 476 6.23 12.78 36.57
N GLY A 477 5.73 11.59 36.20
CA GLY A 477 4.54 10.99 36.80
C GLY A 477 3.24 11.34 36.06
N LYS A 478 3.35 12.17 35.01
CA LYS A 478 2.18 12.66 34.25
C LYS A 478 2.08 11.93 32.89
N PRO A 479 0.94 11.20 32.60
CA PRO A 479 0.77 10.42 31.33
C PRO A 479 0.58 11.33 30.11
N PHE A 480 1.13 10.91 28.97
CA PHE A 480 0.91 11.57 27.68
C PHE A 480 -0.39 11.02 27.07
N GLN A 481 -1.39 11.92 26.94
CA GLN A 481 -2.71 11.60 26.39
C GLN A 481 -2.99 12.40 25.10
N SER A 482 -3.03 11.67 23.99
CA SER A 482 -3.54 12.16 22.71
C SER A 482 -5.07 12.00 22.66
N VAL A 483 -5.72 12.67 21.70
CA VAL A 483 -7.20 12.62 21.53
C VAL A 483 -7.63 11.31 20.78
N SER A 484 -6.66 10.36 20.62
CA SER A 484 -6.84 9.05 19.92
C SER A 484 -8.11 8.30 20.35
N LYS A 485 -8.42 8.34 21.65
CA LYS A 485 -9.66 7.77 22.21
C LYS A 485 -10.36 8.83 23.06
N VAL A 486 -11.70 8.74 23.11
CA VAL A 486 -12.57 9.69 23.82
C VAL A 486 -13.62 8.89 24.62
N ASP A 487 -14.18 9.51 25.67
CA ASP A 487 -15.23 8.89 26.50
C ASP A 487 -16.56 9.64 26.25
N GLU A 488 -17.70 8.96 26.49
CA GLU A 488 -19.05 9.54 26.26
C GLU A 488 -19.69 10.02 27.58
N SER A 489 -18.88 10.15 28.65
CA SER A 489 -19.38 10.64 29.97
C SER A 489 -19.88 12.11 29.92
N LEU A 490 -19.60 12.82 28.81
CA LEU A 490 -20.02 14.23 28.62
C LEU A 490 -21.15 14.37 27.56
N GLU A 491 -21.78 13.25 27.14
CA GLU A 491 -22.79 13.26 26.01
C GLU A 491 -24.01 14.16 26.31
N LYS A 492 -24.29 14.38 27.59
CA LYS A 492 -25.44 15.21 28.05
C LYS A 492 -24.90 16.53 28.66
N LEU A 493 -23.58 16.58 28.97
CA LEU A 493 -22.89 17.79 29.51
C LEU A 493 -22.83 18.89 28.42
N ALA A 494 -22.97 18.45 27.14
CA ALA A 494 -23.13 19.32 25.96
C ALA A 494 -24.58 19.91 25.86
N ASP A 495 -25.11 20.36 27.02
CA ASP A 495 -26.41 21.02 27.15
C ASP A 495 -26.24 22.55 26.99
N GLU A 496 -25.05 23.04 27.36
CA GLU A 496 -24.66 24.48 27.34
C GLU A 496 -24.34 24.98 25.90
N VAL A 497 -25.28 24.75 24.98
CA VAL A 497 -25.04 24.89 23.54
C VAL A 497 -25.71 26.16 22.96
N ASP A 498 -25.23 27.31 23.44
CA ASP A 498 -25.70 28.66 23.02
C ASP A 498 -27.18 28.86 23.40
N GLU A 499 -28.10 28.45 22.52
CA GLU A 499 -29.55 28.54 22.75
C GLU A 499 -30.28 27.46 21.93
N SER A 500 -29.49 26.48 21.40
CA SER A 500 -29.98 25.41 20.52
C SER A 500 -30.76 24.36 21.34
N ALA A 501 -31.97 24.76 21.71
CA ALA A 501 -32.88 23.98 22.54
C ALA A 501 -33.95 23.32 21.65
N LYS A 502 -34.98 22.76 22.28
CA LYS A 502 -36.08 22.01 21.60
C LYS A 502 -36.73 22.84 20.47
N GLU A 503 -36.75 24.18 20.62
CA GLU A 503 -37.29 25.12 19.60
C GLU A 503 -36.59 24.89 18.25
N ALA A 504 -35.25 24.84 18.30
CA ALA A 504 -34.40 24.56 17.13
C ALA A 504 -34.56 23.09 16.69
N GLU A 505 -34.60 22.19 17.69
CA GLU A 505 -34.62 20.72 17.46
C GLU A 505 -35.94 20.24 16.80
N LYS A 506 -37.02 21.03 16.95
CA LYS A 506 -38.33 20.76 16.29
C LYS A 506 -38.23 21.02 14.77
N ALA A 507 -37.32 21.90 14.37
CA ALA A 507 -37.02 22.21 12.97
C ALA A 507 -35.95 21.22 12.43
N LEU A 508 -35.12 20.72 13.36
CA LEU A 508 -34.08 19.72 13.06
C LEU A 508 -34.68 18.33 12.88
N THR A 509 -35.83 18.05 13.52
CA THR A 509 -36.50 16.74 13.44
C THR A 509 -36.86 16.40 11.96
N PRO A 510 -37.65 17.27 11.20
CA PRO A 510 -37.89 17.03 9.75
C PRO A 510 -36.59 16.98 8.95
N PHE A 511 -35.63 17.83 9.34
CA PHE A 511 -34.29 17.91 8.70
C PHE A 511 -33.57 16.53 8.80
N ILE A 512 -33.71 15.82 9.94
CA ILE A 512 -33.15 14.45 10.14
C ILE A 512 -33.83 13.47 9.17
N ASP A 513 -35.19 13.53 9.11
CA ASP A 513 -35.99 12.68 8.18
C ASP A 513 -35.58 12.89 6.72
N ARG A 514 -35.38 14.16 6.34
CA ARG A 514 -35.08 14.57 4.95
C ARG A 514 -33.67 14.09 4.55
N VAL A 515 -32.67 14.32 5.41
CA VAL A 515 -31.26 13.99 5.14
C VAL A 515 -31.06 12.46 5.03
N LYS A 516 -31.63 11.68 5.99
CA LYS A 516 -31.50 10.21 6.00
C LYS A 516 -32.24 9.55 4.82
N ALA A 517 -33.44 10.09 4.50
CA ALA A 517 -34.25 9.60 3.35
C ALA A 517 -33.58 9.93 2.01
N LEU A 518 -32.85 11.07 1.99
CA LEU A 518 -32.14 11.58 0.80
C LEU A 518 -30.92 10.69 0.52
N LEU A 519 -30.15 10.40 1.57
CA LEU A 519 -28.86 9.68 1.45
C LEU A 519 -29.11 8.17 1.30
N GLY A 520 -30.31 7.72 1.75
CA GLY A 520 -30.77 6.36 1.53
C GLY A 520 -29.96 5.32 2.29
N GLU A 521 -28.82 4.91 1.71
CA GLU A 521 -27.95 3.88 2.28
C GLU A 521 -26.48 4.35 2.40
N ARG A 522 -26.17 5.61 2.01
CA ARG A 522 -24.77 6.13 2.00
C ARG A 522 -24.19 6.25 3.42
N VAL A 523 -25.08 6.42 4.41
CA VAL A 523 -24.70 6.68 5.82
C VAL A 523 -25.35 5.61 6.71
N LYS A 524 -24.64 5.19 7.76
CA LYS A 524 -25.16 4.25 8.78
C LYS A 524 -26.27 4.96 9.60
N ASP A 525 -26.02 6.22 10.01
CA ASP A 525 -27.00 7.06 10.74
C ASP A 525 -26.60 8.54 10.70
N VAL A 526 -27.59 9.44 10.55
CA VAL A 526 -27.36 10.91 10.57
C VAL A 526 -27.93 11.49 11.89
N ARG A 527 -27.09 12.24 12.63
CA ARG A 527 -27.47 12.87 13.90
C ARG A 527 -27.40 14.40 13.78
N LEU A 528 -28.30 15.11 14.48
CA LEU A 528 -28.19 16.56 14.68
C LEU A 528 -27.80 16.77 16.16
N THR A 529 -26.49 16.75 16.40
CA THR A 529 -25.90 16.94 17.74
C THR A 529 -25.21 18.32 17.80
N HIS A 530 -24.99 18.83 19.01
CA HIS A 530 -24.62 20.23 19.23
C HIS A 530 -23.17 20.34 19.76
N ARG A 531 -22.19 20.01 18.89
CA ARG A 531 -20.76 20.28 19.16
C ARG A 531 -20.48 21.68 18.63
N LEU A 532 -20.27 22.67 19.54
CA LEU A 532 -20.19 24.11 19.17
C LEU A 532 -19.08 24.35 18.12
N THR A 533 -17.80 24.31 18.56
CA THR A 533 -16.56 24.32 17.70
C THR A 533 -16.64 25.31 16.48
N ASP A 534 -15.78 25.12 15.45
CA ASP A 534 -15.87 25.87 14.16
C ASP A 534 -16.19 24.88 13.00
N THR A 535 -16.34 23.60 13.35
CA THR A 535 -16.64 22.52 12.41
C THR A 535 -18.16 22.45 12.15
N PRO A 536 -18.63 22.50 10.85
CA PRO A 536 -20.07 22.36 10.51
C PRO A 536 -20.59 20.94 10.76
N ALA A 537 -19.85 19.96 10.25
CA ALA A 537 -20.24 18.56 10.28
C ALA A 537 -19.00 17.71 10.53
N ILE A 538 -19.20 16.64 11.30
CA ILE A 538 -18.14 15.72 11.71
C ILE A 538 -18.75 14.31 11.73
N VAL A 539 -17.92 13.32 11.42
CA VAL A 539 -18.33 11.92 11.48
C VAL A 539 -18.01 11.32 12.86
N SER A 540 -18.74 10.28 13.23
CA SER A 540 -18.50 9.50 14.46
C SER A 540 -18.04 8.09 14.06
N THR A 541 -16.99 7.58 14.75
CA THR A 541 -16.39 6.26 14.47
C THR A 541 -16.32 5.39 15.74
N ASP A 542 -16.34 4.06 15.54
CA ASP A 542 -16.21 3.06 16.61
C ASP A 542 -14.74 2.61 16.71
N ALA A 543 -14.28 1.85 15.70
CA ALA A 543 -12.95 1.23 15.69
C ALA A 543 -12.06 1.90 14.62
N ASP A 544 -11.02 1.17 14.15
CA ASP A 544 -10.04 1.71 13.20
C ASP A 544 -10.73 1.97 11.83
N GLU A 545 -10.81 3.27 11.48
CA GLU A 545 -11.47 3.78 10.26
C GLU A 545 -12.97 3.38 10.26
N MET A 546 -13.56 3.40 11.48
CA MET A 546 -14.90 2.82 11.82
C MET A 546 -14.79 1.29 11.85
N SER A 547 -14.54 0.67 10.68
CA SER A 547 -14.59 -0.78 10.52
C SER A 547 -13.82 -1.24 9.24
N THR A 548 -12.69 -0.57 8.91
CA THR A 548 -11.86 -0.95 7.72
C THR A 548 -10.67 -1.86 8.14
N GLN A 549 -10.67 -2.37 9.39
CA GLN A 549 -9.59 -3.23 9.93
C GLN A 549 -10.08 -4.08 11.12
N MET A 550 -10.71 -5.26 10.80
CA MET A 550 -11.12 -6.31 11.79
C MET A 550 -11.98 -7.39 11.09
N ALA A 551 -11.96 -8.62 11.67
CA ALA A 551 -12.64 -9.81 11.10
C ALA A 551 -14.18 -9.64 11.09
N LYS A 552 -14.76 -9.35 12.28
CA LYS A 552 -16.22 -9.17 12.47
C LYS A 552 -16.74 -8.02 11.60
N LEU A 553 -15.94 -6.96 11.52
CA LEU A 553 -16.30 -5.71 10.87
C LEU A 553 -16.49 -5.93 9.36
N PHE A 554 -15.56 -6.66 8.71
CA PHE A 554 -15.70 -7.05 7.28
C PHE A 554 -16.77 -8.14 7.08
N ALA A 555 -17.06 -8.92 8.14
CA ALA A 555 -18.11 -9.97 8.13
C ALA A 555 -19.52 -9.40 8.42
N ALA A 556 -19.64 -8.05 8.44
CA ALA A 556 -20.94 -7.35 8.58
C ALA A 556 -21.80 -7.50 7.31
N ALA A 557 -21.18 -7.29 6.12
CA ALA A 557 -21.84 -7.53 4.81
C ALA A 557 -20.87 -8.08 3.75
N GLY A 558 -19.54 -7.90 3.94
CA GLY A 558 -18.54 -8.35 2.96
C GLY A 558 -18.50 -7.45 1.72
N GLN A 559 -18.16 -6.17 1.96
CA GLN A 559 -18.06 -5.14 0.91
C GLN A 559 -17.06 -4.08 1.47
N LYS A 560 -17.39 -2.77 1.44
CA LYS A 560 -16.62 -1.75 2.19
C LYS A 560 -17.11 -1.68 3.65
N VAL A 561 -17.95 -2.66 4.08
CA VAL A 561 -18.70 -2.67 5.35
C VAL A 561 -19.79 -1.53 5.41
N PRO A 562 -21.07 -1.89 5.77
CA PRO A 562 -22.16 -0.90 5.97
C PRO A 562 -21.89 0.02 7.18
N GLU A 563 -21.27 -0.56 8.23
CA GLU A 563 -20.90 0.16 9.45
C GLU A 563 -19.84 1.26 9.16
N VAL A 564 -18.97 1.01 8.15
CA VAL A 564 -17.90 1.95 7.74
C VAL A 564 -18.48 3.28 7.27
N LYS A 565 -19.73 3.22 6.76
CA LYS A 565 -20.46 4.42 6.36
C LYS A 565 -20.66 5.28 7.60
N TYR A 566 -19.88 6.34 7.69
CA TYR A 566 -19.64 7.07 8.94
C TYR A 566 -20.89 7.83 9.39
N ILE A 567 -21.03 8.03 10.73
CA ILE A 567 -22.24 8.62 11.30
C ILE A 567 -22.15 10.14 11.12
N PHE A 568 -23.02 10.65 10.24
CA PHE A 568 -22.98 12.03 9.76
C PHE A 568 -23.69 12.96 10.76
N GLU A 569 -22.90 13.70 11.54
CA GLU A 569 -23.41 14.61 12.58
C GLU A 569 -23.24 16.07 12.11
N LEU A 570 -24.36 16.81 12.02
CA LEU A 570 -24.37 18.24 11.66
C LEU A 570 -24.66 19.08 12.91
N ASN A 571 -24.10 20.31 12.97
CA ASN A 571 -24.28 21.22 14.14
C ASN A 571 -25.18 22.42 13.76
N PRO A 572 -26.45 22.49 14.28
CA PRO A 572 -27.49 23.49 13.85
C PRO A 572 -27.05 24.97 13.99
N ASP A 573 -26.49 25.29 15.16
CA ASP A 573 -26.10 26.67 15.53
C ASP A 573 -24.90 27.17 14.68
N HIS A 574 -24.20 26.25 14.00
CA HIS A 574 -23.13 26.62 13.07
C HIS A 574 -23.74 27.11 11.73
N VAL A 575 -23.25 28.26 11.25
CA VAL A 575 -23.78 29.02 10.07
C VAL A 575 -24.07 28.13 8.84
N LEU A 576 -23.16 27.21 8.52
CA LEU A 576 -23.22 26.38 7.28
C LEU A 576 -24.37 25.35 7.31
N VAL A 577 -24.63 24.78 8.50
CA VAL A 577 -25.72 23.78 8.70
C VAL A 577 -27.08 24.49 8.76
N LYS A 578 -27.07 25.64 9.44
CA LYS A 578 -28.25 26.53 9.56
C LYS A 578 -28.67 27.01 8.15
N ARG A 579 -27.66 27.22 7.29
CA ARG A 579 -27.84 27.65 5.89
C ARG A 579 -28.33 26.48 5.01
N ALA A 580 -27.88 25.25 5.35
CA ALA A 580 -28.32 24.01 4.66
C ALA A 580 -29.78 23.65 5.06
N ALA A 581 -30.18 24.09 6.28
CA ALA A 581 -31.57 23.95 6.79
C ALA A 581 -32.46 25.08 6.23
N ASP A 582 -31.82 26.23 5.96
CA ASP A 582 -32.46 27.40 5.33
C ASP A 582 -32.86 27.10 3.88
N THR A 583 -32.15 26.13 3.26
CA THR A 583 -32.45 25.67 1.91
C THR A 583 -33.77 24.84 1.90
N GLU A 584 -34.81 25.41 1.27
CA GLU A 584 -36.15 24.80 1.16
C GLU A 584 -36.20 23.85 -0.06
N ASP A 585 -35.57 24.27 -1.18
CA ASP A 585 -35.52 23.50 -2.44
C ASP A 585 -34.80 22.16 -2.23
N GLU A 586 -35.45 21.05 -2.68
CA GLU A 586 -35.00 19.67 -2.41
C GLU A 586 -33.62 19.34 -3.05
N ALA A 587 -33.36 19.87 -4.26
CA ALA A 587 -32.14 19.54 -5.04
C ALA A 587 -30.93 20.25 -4.46
N LYS A 588 -31.13 21.55 -4.15
CA LYS A 588 -30.12 22.39 -3.49
C LYS A 588 -29.87 21.93 -2.05
N PHE A 589 -30.93 21.46 -1.38
CA PHE A 589 -30.86 20.88 -0.02
C PHE A 589 -29.88 19.71 -0.05
N SER A 590 -30.15 18.79 -0.98
CA SER A 590 -29.32 17.62 -1.28
C SER A 590 -27.87 18.03 -1.63
N GLU A 591 -27.73 19.12 -2.40
CA GLU A 591 -26.40 19.60 -2.83
C GLU A 591 -25.55 20.01 -1.61
N TRP A 592 -26.21 20.62 -0.61
CA TRP A 592 -25.58 21.02 0.66
C TRP A 592 -25.44 19.83 1.63
N VAL A 593 -26.27 18.78 1.48
CA VAL A 593 -26.20 17.57 2.33
C VAL A 593 -24.92 16.77 2.01
N GLU A 594 -24.75 16.31 0.74
CA GLU A 594 -23.53 15.59 0.32
C GLU A 594 -22.28 16.50 0.35
N LEU A 595 -22.48 17.84 0.31
CA LEU A 595 -21.38 18.80 0.50
C LEU A 595 -20.73 18.57 1.88
N LEU A 596 -21.53 18.73 2.95
CA LEU A 596 -21.05 18.54 4.34
C LEU A 596 -20.69 17.05 4.62
N LEU A 597 -21.38 16.11 3.92
CA LEU A 597 -21.17 14.66 4.09
C LEU A 597 -19.78 14.25 3.63
N ASP A 598 -19.51 14.42 2.33
CA ASP A 598 -18.23 14.03 1.72
C ASP A 598 -17.07 14.84 2.32
N GLN A 599 -17.33 16.10 2.74
CA GLN A 599 -16.33 16.95 3.44
C GLN A 599 -15.98 16.38 4.83
N ALA A 600 -16.97 15.76 5.50
CA ALA A 600 -16.78 15.10 6.81
C ALA A 600 -16.00 13.77 6.64
N LEU A 601 -16.30 13.03 5.55
CA LEU A 601 -15.54 11.82 5.14
C LEU A 601 -14.08 12.20 4.77
N LEU A 602 -13.93 13.41 4.18
CA LEU A 602 -12.62 14.00 3.82
C LEU A 602 -11.83 14.39 5.10
N ALA A 603 -12.56 14.60 6.21
CA ALA A 603 -11.96 14.91 7.53
C ALA A 603 -11.44 13.63 8.21
N GLU A 604 -12.04 12.47 7.84
CA GLU A 604 -11.80 11.18 8.53
C GLU A 604 -10.80 10.30 7.75
N ARG A 605 -10.86 10.37 6.42
CA ARG A 605 -10.06 9.52 5.50
C ARG A 605 -9.05 10.38 4.71
N GLY A 606 -9.44 11.64 4.45
CA GLY A 606 -8.76 12.45 3.43
C GLY A 606 -9.06 11.96 2.03
N THR A 607 -10.18 11.20 1.89
CA THR A 607 -10.53 10.48 0.66
C THR A 607 -12.04 10.63 0.35
N LEU A 608 -12.38 10.68 -0.95
CA LEU A 608 -13.79 10.71 -1.43
C LEU A 608 -14.06 9.48 -2.32
N GLU A 609 -15.32 9.01 -2.32
CA GLU A 609 -15.77 7.92 -3.21
C GLU A 609 -15.72 8.39 -4.68
N ASP A 610 -16.19 9.62 -4.89
CA ASP A 610 -16.08 10.33 -6.18
C ASP A 610 -15.75 11.80 -5.90
N PRO A 611 -14.56 12.30 -6.36
CA PRO A 611 -14.14 13.71 -6.14
C PRO A 611 -14.93 14.70 -7.03
N ASN A 612 -15.24 14.26 -8.27
CA ASN A 612 -15.71 15.15 -9.37
C ASN A 612 -17.02 15.88 -8.99
N LEU A 613 -17.96 15.12 -8.39
CA LEU A 613 -19.26 15.64 -7.93
C LEU A 613 -19.08 16.70 -6.81
N PHE A 614 -18.25 16.36 -5.81
CA PHE A 614 -17.99 17.25 -4.63
C PHE A 614 -17.33 18.56 -5.07
N ILE A 615 -16.25 18.43 -5.84
CA ILE A 615 -15.45 19.55 -6.37
C ILE A 615 -16.33 20.48 -7.22
N ARG A 616 -17.23 19.89 -8.01
CA ARG A 616 -18.14 20.65 -8.90
C ARG A 616 -19.06 21.55 -8.06
N ARG A 617 -19.71 20.94 -7.03
CA ARG A 617 -20.60 21.65 -6.09
C ARG A 617 -19.84 22.76 -5.35
N MET A 618 -18.58 22.46 -5.00
CA MET A 618 -17.73 23.31 -4.16
C MET A 618 -17.42 24.65 -4.89
N ASN A 619 -16.80 24.54 -6.10
CA ASN A 619 -16.40 25.74 -6.90
C ASN A 619 -17.66 26.47 -7.43
N GLN A 620 -18.77 25.73 -7.59
CA GLN A 620 -20.06 26.30 -8.02
C GLN A 620 -20.65 27.18 -6.91
N LEU A 621 -20.71 26.67 -5.67
CA LEU A 621 -21.28 27.41 -4.52
C LEU A 621 -20.38 28.59 -4.11
N LEU A 622 -19.08 28.57 -4.51
CA LEU A 622 -18.18 29.73 -4.36
C LEU A 622 -18.61 30.86 -5.33
N VAL A 623 -18.75 30.53 -6.64
CA VAL A 623 -18.99 31.54 -7.70
C VAL A 623 -20.46 32.05 -7.71
N SER A 624 -21.43 31.12 -7.65
CA SER A 624 -22.86 31.44 -7.56
C SER A 624 -23.26 31.54 -6.06
N MET B 1 -57.10 -8.20 1.76
CA MET B 1 -57.64 -8.45 3.11
C MET B 1 -56.79 -9.54 3.78
N LYS B 2 -56.09 -9.17 4.89
CA LYS B 2 -55.27 -10.08 5.70
C LYS B 2 -54.21 -10.80 4.84
N GLY B 3 -53.13 -10.07 4.54
CA GLY B 3 -52.04 -10.58 3.71
C GLY B 3 -50.90 -9.58 3.65
N GLN B 4 -50.43 -9.21 4.86
CA GLN B 4 -49.40 -8.18 5.04
C GLN B 4 -48.59 -8.47 6.32
N GLU B 5 -47.26 -8.34 6.21
CA GLU B 5 -46.33 -8.53 7.33
C GLU B 5 -44.93 -8.03 6.92
N THR B 6 -44.21 -7.40 7.87
CA THR B 6 -42.87 -6.83 7.64
C THR B 6 -41.96 -7.16 8.84
N ARG B 7 -40.96 -8.03 8.60
CA ARG B 7 -39.91 -8.39 9.59
C ARG B 7 -38.78 -9.19 8.92
N GLY B 8 -37.80 -9.62 9.73
CA GLY B 8 -36.63 -10.36 9.25
C GLY B 8 -35.37 -9.52 9.22
N PHE B 9 -35.32 -8.50 10.10
CA PHE B 9 -34.18 -7.57 10.18
C PHE B 9 -33.00 -8.21 10.93
N GLN B 10 -32.27 -9.08 10.22
CA GLN B 10 -31.09 -9.79 10.73
C GLN B 10 -30.02 -9.83 9.61
N SER B 11 -28.80 -9.36 9.92
CA SER B 11 -27.72 -9.23 8.93
C SER B 11 -26.34 -9.46 9.59
N GLU B 12 -25.76 -10.66 9.37
CA GLU B 12 -24.41 -11.02 9.83
C GLU B 12 -23.66 -11.73 8.67
N VAL B 13 -23.82 -13.07 8.57
CA VAL B 13 -23.11 -13.90 7.58
C VAL B 13 -23.91 -13.98 6.26
N LYS B 14 -23.28 -13.59 5.15
CA LYS B 14 -23.88 -13.69 3.80
C LYS B 14 -24.00 -15.17 3.37
N GLN B 15 -24.78 -15.40 2.29
CA GLN B 15 -25.14 -16.72 1.75
C GLN B 15 -26.21 -17.38 2.64
N LEU B 16 -25.87 -17.66 3.93
CA LEU B 16 -26.75 -18.38 4.88
C LEU B 16 -28.11 -17.67 5.08
N LEU B 17 -28.10 -16.33 5.18
CA LEU B 17 -29.34 -15.50 5.29
C LEU B 17 -30.26 -15.71 4.07
N HIS B 18 -29.64 -15.85 2.88
CA HIS B 18 -30.36 -16.06 1.61
C HIS B 18 -30.83 -17.51 1.50
N LEU B 19 -30.15 -18.43 2.24
CA LEU B 19 -30.54 -19.84 2.31
C LEU B 19 -31.82 -20.01 3.16
N MET B 20 -31.90 -19.23 4.26
CA MET B 20 -33.00 -19.33 5.27
C MET B 20 -34.40 -19.12 4.66
N ILE B 21 -34.48 -18.24 3.64
CA ILE B 21 -35.74 -17.86 2.97
C ILE B 21 -36.34 -19.06 2.21
N HIS B 22 -35.45 -19.85 1.56
CA HIS B 22 -35.87 -20.95 0.67
C HIS B 22 -35.82 -22.32 1.36
N SER B 23 -35.10 -22.41 2.49
CA SER B 23 -35.13 -23.60 3.37
C SER B 23 -36.46 -23.65 4.12
N LEU B 24 -36.96 -22.45 4.51
CA LEU B 24 -38.30 -22.29 5.06
C LEU B 24 -39.34 -22.52 3.94
N TYR B 25 -39.18 -21.72 2.85
CA TYR B 25 -40.05 -21.73 1.64
C TYR B 25 -41.54 -21.39 1.98
N SER B 26 -41.77 -20.94 3.24
CA SER B 26 -43.10 -20.67 3.83
C SER B 26 -43.99 -21.94 3.88
N ASN B 27 -43.40 -23.12 3.61
CA ASN B 27 -44.16 -24.35 3.31
C ASN B 27 -43.59 -25.58 4.07
N LYS B 28 -42.35 -25.43 4.62
CA LYS B 28 -41.70 -26.35 5.61
C LYS B 28 -41.18 -27.68 4.99
N GLU B 29 -42.11 -28.47 4.40
CA GLU B 29 -41.87 -29.87 3.90
C GLU B 29 -40.73 -30.00 2.85
N ILE B 30 -40.25 -28.86 2.35
CA ILE B 30 -39.07 -28.79 1.45
C ILE B 30 -37.78 -29.29 2.16
N PHE B 31 -37.83 -29.44 3.51
CA PHE B 31 -36.72 -30.06 4.29
C PHE B 31 -36.42 -31.49 3.80
N LEU B 32 -37.50 -32.20 3.45
CA LEU B 32 -37.46 -33.61 3.02
C LEU B 32 -36.61 -33.77 1.76
N ARG B 33 -36.62 -32.73 0.88
CA ARG B 33 -35.79 -32.69 -0.34
C ARG B 33 -34.31 -32.84 0.05
N GLU B 34 -33.90 -32.02 1.02
CA GLU B 34 -32.50 -31.91 1.46
C GLU B 34 -32.05 -33.10 2.28
N LEU B 35 -32.99 -33.75 2.98
CA LEU B 35 -32.71 -35.01 3.72
C LEU B 35 -32.30 -36.11 2.71
N ILE B 36 -33.12 -36.31 1.66
CA ILE B 36 -32.82 -37.28 0.60
C ILE B 36 -31.56 -36.86 -0.17
N SER B 37 -31.41 -35.53 -0.41
CA SER B 37 -30.24 -34.97 -1.15
C SER B 37 -28.93 -35.23 -0.41
N ASN B 38 -28.98 -35.20 0.95
CA ASN B 38 -27.82 -35.55 1.81
C ASN B 38 -27.48 -37.04 1.66
N ALA B 39 -28.54 -37.86 1.51
CA ALA B 39 -28.43 -39.33 1.48
C ALA B 39 -27.97 -39.83 0.11
N SER B 40 -28.38 -39.10 -0.94
CA SER B 40 -28.13 -39.43 -2.35
C SER B 40 -26.71 -39.07 -2.72
N ASP B 41 -26.31 -37.86 -2.31
CA ASP B 41 -24.96 -37.32 -2.56
C ASP B 41 -23.92 -38.15 -1.76
N ALA B 42 -24.35 -38.64 -0.57
CA ALA B 42 -23.56 -39.56 0.28
C ALA B 42 -23.37 -40.92 -0.39
N ALA B 43 -24.47 -41.45 -0.98
CA ALA B 43 -24.46 -42.74 -1.70
C ALA B 43 -23.56 -42.67 -2.95
N ASP B 44 -23.47 -41.46 -3.54
CA ASP B 44 -22.55 -41.16 -4.64
C ASP B 44 -21.09 -41.28 -4.15
N LYS B 45 -20.80 -40.69 -2.97
CA LYS B 45 -19.43 -40.70 -2.38
C LYS B 45 -18.95 -42.14 -2.11
N LEU B 46 -19.87 -43.02 -1.68
CA LEU B 46 -19.57 -44.45 -1.47
C LEU B 46 -19.38 -45.18 -2.81
N ARG B 47 -20.10 -44.75 -3.85
CA ARG B 47 -20.00 -45.37 -5.18
C ARG B 47 -18.60 -45.12 -5.79
N PHE B 48 -17.94 -44.02 -5.33
CA PHE B 48 -16.53 -43.75 -5.63
C PHE B 48 -15.58 -44.53 -4.69
N ARG B 49 -15.97 -44.67 -3.41
CA ARG B 49 -15.18 -45.44 -2.42
C ARG B 49 -15.19 -46.96 -2.74
N ALA B 50 -16.24 -47.40 -3.44
CA ALA B 50 -16.40 -48.80 -3.88
C ALA B 50 -15.34 -49.17 -4.94
N LEU B 51 -14.73 -48.13 -5.52
CA LEU B 51 -13.61 -48.26 -6.45
C LEU B 51 -12.30 -48.55 -5.69
N SER B 52 -12.12 -47.88 -4.52
CA SER B 52 -10.90 -48.06 -3.70
C SER B 52 -11.03 -49.29 -2.79
N ASN B 53 -12.27 -49.80 -2.63
CA ASN B 53 -12.60 -51.03 -1.88
C ASN B 53 -14.13 -51.29 -1.98
N PRO B 54 -14.59 -52.29 -2.78
CA PRO B 54 -16.05 -52.60 -2.92
C PRO B 54 -16.66 -53.24 -1.65
N ASP B 55 -15.80 -53.72 -0.75
CA ASP B 55 -16.22 -54.38 0.49
C ASP B 55 -16.82 -53.37 1.49
N LEU B 56 -16.68 -52.06 1.18
CA LEU B 56 -17.31 -50.96 1.95
C LEU B 56 -18.87 -50.95 1.79
N TYR B 57 -19.42 -51.89 0.96
CA TYR B 57 -20.88 -52.15 0.90
C TYR B 57 -21.40 -52.90 2.15
N GLU B 58 -20.50 -53.69 2.79
CA GLU B 58 -20.75 -54.38 4.09
C GLU B 58 -22.12 -55.10 4.16
N GLY B 59 -22.38 -55.93 3.14
CA GLY B 59 -23.64 -56.66 3.01
C GLY B 59 -24.60 -56.00 2.02
N ASP B 60 -24.91 -54.72 2.25
CA ASP B 60 -25.87 -53.96 1.41
C ASP B 60 -25.17 -53.42 0.16
N GLY B 61 -25.41 -54.08 -0.99
CA GLY B 61 -24.85 -53.65 -2.28
C GLY B 61 -25.77 -52.65 -2.98
N GLU B 62 -27.09 -52.86 -2.82
CA GLU B 62 -28.12 -51.89 -3.23
C GLU B 62 -28.10 -50.70 -2.27
N LEU B 63 -27.50 -49.59 -2.72
CA LEU B 63 -27.51 -48.33 -1.96
C LEU B 63 -28.88 -47.68 -2.11
N ARG B 64 -29.55 -47.40 -0.98
CA ARG B 64 -30.82 -46.68 -0.96
C ARG B 64 -31.03 -45.97 0.38
N VAL B 65 -31.99 -45.05 0.39
CA VAL B 65 -32.42 -44.34 1.60
C VAL B 65 -33.84 -44.79 1.96
N ARG B 66 -34.04 -45.07 3.24
CA ARG B 66 -35.29 -45.63 3.78
C ARG B 66 -35.87 -44.67 4.81
N VAL B 67 -37.16 -44.37 4.67
CA VAL B 67 -37.90 -43.51 5.60
C VAL B 67 -38.84 -44.38 6.42
N SER B 68 -38.57 -44.45 7.72
CA SER B 68 -39.39 -45.14 8.71
C SER B 68 -39.97 -44.07 9.64
N PHE B 69 -41.12 -44.36 10.27
CA PHE B 69 -41.83 -43.37 11.10
C PHE B 69 -42.43 -44.01 12.34
N ASP B 70 -42.66 -43.17 13.36
CA ASP B 70 -43.36 -43.53 14.58
C ASP B 70 -44.17 -42.31 15.00
N LYS B 71 -45.47 -42.42 14.82
CA LYS B 71 -46.43 -41.31 14.96
C LYS B 71 -46.73 -41.00 16.43
N ASP B 72 -46.69 -42.04 17.28
CA ASP B 72 -46.96 -41.93 18.72
C ASP B 72 -45.88 -41.08 19.40
N LYS B 73 -44.63 -41.56 19.31
CA LYS B 73 -43.46 -40.88 19.90
C LYS B 73 -42.97 -39.71 19.02
N ARG B 74 -43.60 -39.56 17.83
CA ARG B 74 -43.41 -38.40 16.92
C ARG B 74 -41.97 -38.30 16.38
N THR B 75 -41.38 -39.45 16.06
CA THR B 75 -40.03 -39.54 15.49
C THR B 75 -40.10 -40.05 14.02
N LEU B 76 -39.43 -39.34 13.11
CA LEU B 76 -39.36 -39.67 11.69
C LEU B 76 -37.88 -39.95 11.33
N THR B 77 -37.55 -41.19 10.99
CA THR B 77 -36.17 -41.68 10.82
C THR B 77 -35.84 -41.95 9.33
N ILE B 78 -35.06 -41.04 8.73
CA ILE B 78 -34.58 -41.14 7.34
C ILE B 78 -33.14 -41.70 7.39
N SER B 79 -33.02 -43.03 7.21
CA SER B 79 -31.74 -43.75 7.29
C SER B 79 -31.32 -44.30 5.91
N ASP B 80 -30.20 -43.79 5.37
CA ASP B 80 -29.56 -44.34 4.15
C ASP B 80 -28.51 -45.37 4.54
N ASN B 81 -28.22 -46.29 3.61
CA ASN B 81 -27.09 -47.23 3.73
C ASN B 81 -25.97 -46.82 2.76
N GLY B 82 -25.77 -45.48 2.65
CA GLY B 82 -24.71 -44.89 1.82
C GLY B 82 -23.36 -44.84 2.55
N VAL B 83 -22.55 -43.79 2.27
CA VAL B 83 -21.17 -43.69 2.80
C VAL B 83 -21.15 -43.47 4.33
N GLY B 84 -22.21 -42.83 4.86
CA GLY B 84 -22.21 -42.38 6.24
C GLY B 84 -21.25 -41.22 6.46
N MET B 85 -20.77 -41.05 7.70
CA MET B 85 -19.76 -40.03 8.05
C MET B 85 -18.86 -40.57 9.19
N THR B 86 -17.54 -40.33 9.09
CA THR B 86 -16.57 -40.68 10.14
C THR B 86 -16.66 -39.68 11.32
N ARG B 87 -15.91 -39.93 12.40
CA ARG B 87 -15.86 -39.06 13.60
C ARG B 87 -15.34 -37.65 13.23
N ASP B 88 -14.18 -37.63 12.54
CA ASP B 88 -13.54 -36.38 12.07
C ASP B 88 -14.45 -35.64 11.08
N GLU B 89 -15.21 -36.42 10.29
CA GLU B 89 -16.17 -35.89 9.31
C GLU B 89 -17.26 -35.09 10.05
N VAL B 90 -18.02 -35.74 10.94
CA VAL B 90 -19.17 -35.14 11.64
C VAL B 90 -18.80 -33.86 12.42
N ILE B 91 -17.61 -33.87 13.06
CA ILE B 91 -17.12 -32.69 13.80
C ILE B 91 -16.81 -31.53 12.82
N ASP B 92 -16.14 -31.85 11.69
CA ASP B 92 -15.77 -30.86 10.64
C ASP B 92 -16.92 -30.61 9.63
N HIS B 93 -18.04 -31.35 9.78
CA HIS B 93 -19.19 -31.27 8.86
C HIS B 93 -20.39 -30.67 9.59
N LEU B 94 -21.06 -31.49 10.42
CA LEU B 94 -22.30 -31.09 11.12
C LEU B 94 -22.02 -30.06 12.22
N GLY B 95 -20.88 -30.23 12.90
CA GLY B 95 -20.43 -29.28 13.92
C GLY B 95 -20.19 -27.88 13.36
N THR B 96 -19.69 -27.83 12.11
CA THR B 96 -19.42 -26.55 11.40
C THR B 96 -20.71 -25.99 10.74
N ILE B 97 -21.78 -26.83 10.67
CA ILE B 97 -23.13 -26.35 10.27
C ILE B 97 -23.76 -25.64 11.48
N ALA B 98 -23.50 -26.22 12.68
CA ALA B 98 -23.86 -25.64 13.97
C ALA B 98 -22.80 -24.58 14.38
N LYS B 99 -22.84 -24.14 15.65
CA LYS B 99 -21.99 -23.04 16.12
C LYS B 99 -20.60 -23.56 16.54
N SER B 100 -19.68 -23.63 15.57
CA SER B 100 -18.29 -24.07 15.78
C SER B 100 -17.33 -22.86 15.72
N GLY B 101 -17.11 -22.33 14.49
CA GLY B 101 -16.21 -21.18 14.29
C GLY B 101 -15.20 -21.46 13.18
N THR B 102 -15.67 -21.45 11.93
CA THR B 102 -14.83 -21.65 10.73
C THR B 102 -14.25 -20.32 10.19
N LYS B 103 -14.70 -19.19 10.80
CA LYS B 103 -14.43 -17.81 10.32
C LYS B 103 -15.17 -17.58 8.99
N SER B 104 -14.58 -18.06 7.89
CA SER B 104 -15.13 -17.95 6.54
C SER B 104 -14.69 -19.19 5.74
N PHE B 105 -13.36 -19.30 5.52
CA PHE B 105 -12.75 -20.40 4.74
C PHE B 105 -11.60 -21.10 5.49
N LEU B 106 -11.27 -20.59 6.69
CA LEU B 106 -10.20 -21.09 7.59
C LEU B 106 -9.92 -19.98 8.61
N GLU B 107 -9.89 -20.33 9.90
CA GLU B 107 -9.68 -19.38 11.00
C GLU B 107 -8.25 -18.78 11.01
N SER B 108 -7.29 -19.52 10.42
CA SER B 108 -5.90 -19.07 10.27
C SER B 108 -5.73 -18.22 8.98
N LEU B 109 -5.65 -18.90 7.81
CA LEU B 109 -5.25 -18.28 6.52
C LEU B 109 -6.46 -17.81 5.68
N GLY B 110 -7.63 -18.46 5.88
CA GLY B 110 -8.86 -18.08 5.15
C GLY B 110 -8.90 -18.61 3.72
N SER B 111 -8.51 -19.89 3.52
CA SER B 111 -8.44 -20.51 2.18
C SER B 111 -8.46 -22.06 2.26
N ASP B 112 -7.54 -22.63 3.04
CA ASP B 112 -7.26 -24.10 3.02
C ASP B 112 -8.48 -24.94 3.43
N GLN B 113 -9.10 -24.62 4.56
CA GLN B 113 -10.28 -25.36 5.08
C GLN B 113 -11.59 -24.83 4.49
N ALA B 114 -11.55 -24.24 3.26
CA ALA B 114 -12.74 -23.70 2.55
C ALA B 114 -13.78 -24.77 2.15
N LYS B 115 -13.56 -26.01 2.63
CA LYS B 115 -14.47 -27.14 2.42
C LYS B 115 -15.49 -27.18 3.60
N ASP B 116 -15.81 -25.99 4.16
CA ASP B 116 -16.78 -25.82 5.26
C ASP B 116 -18.06 -25.19 4.70
N SER B 117 -17.88 -24.15 3.85
CA SER B 117 -18.98 -23.40 3.22
C SER B 117 -19.72 -24.28 2.20
N GLN B 118 -18.97 -25.23 1.61
CA GLN B 118 -19.47 -26.21 0.62
C GLN B 118 -20.52 -27.14 1.27
N LEU B 119 -20.33 -27.39 2.57
CA LEU B 119 -21.21 -28.25 3.38
C LEU B 119 -22.48 -27.46 3.77
N ILE B 120 -22.30 -26.15 4.06
CA ILE B 120 -23.40 -25.25 4.45
C ILE B 120 -24.38 -25.03 3.27
N GLY B 121 -23.86 -25.07 2.03
CA GLY B 121 -24.66 -24.92 0.81
C GLY B 121 -25.80 -25.94 0.67
N GLN B 122 -25.59 -27.15 1.21
CA GLN B 122 -26.60 -28.24 1.17
C GLN B 122 -27.12 -28.56 2.59
N PHE B 123 -26.20 -28.98 3.47
CA PHE B 123 -26.53 -29.46 4.84
C PHE B 123 -26.96 -28.32 5.77
N GLY B 124 -26.55 -27.07 5.44
CA GLY B 124 -26.96 -25.88 6.20
C GLY B 124 -28.41 -25.50 5.91
N VAL B 125 -28.82 -25.73 4.66
CA VAL B 125 -30.23 -25.57 4.22
C VAL B 125 -31.11 -26.60 4.92
N GLY B 126 -30.67 -27.88 4.84
CA GLY B 126 -31.36 -29.01 5.47
C GLY B 126 -31.46 -28.91 6.99
N PHE B 127 -30.45 -28.27 7.60
CA PHE B 127 -30.40 -28.02 9.06
C PHE B 127 -31.59 -27.13 9.49
N TYR B 128 -31.62 -25.89 8.93
CA TYR B 128 -32.61 -24.86 9.29
C TYR B 128 -34.05 -25.38 9.09
N SER B 129 -34.28 -25.97 7.92
CA SER B 129 -35.60 -26.45 7.47
C SER B 129 -36.11 -27.63 8.33
N ALA B 130 -35.18 -28.53 8.71
CA ALA B 130 -35.49 -29.68 9.59
C ALA B 130 -35.95 -29.20 10.97
N PHE B 131 -35.30 -28.14 11.48
CA PHE B 131 -35.60 -27.58 12.82
C PHE B 131 -36.83 -26.63 12.80
N ILE B 132 -37.53 -26.52 11.64
CA ILE B 132 -38.83 -25.80 11.55
C ILE B 132 -39.97 -26.76 11.95
N VAL B 133 -39.94 -27.99 11.42
CA VAL B 133 -40.95 -29.04 11.71
C VAL B 133 -40.57 -29.86 12.97
N ALA B 134 -39.26 -30.10 13.15
CA ALA B 134 -38.72 -30.92 14.23
C ALA B 134 -38.15 -30.02 15.32
N ASP B 135 -38.40 -30.40 16.57
CA ASP B 135 -37.87 -29.72 17.76
C ASP B 135 -36.38 -30.04 17.94
N LYS B 136 -36.06 -31.32 17.75
CA LYS B 136 -34.70 -31.84 17.84
C LYS B 136 -34.46 -32.81 16.68
N VAL B 137 -33.24 -32.78 16.11
CA VAL B 137 -32.80 -33.71 15.06
C VAL B 137 -31.57 -34.50 15.57
N THR B 138 -31.75 -35.82 15.68
CA THR B 138 -30.70 -36.78 16.02
C THR B 138 -30.11 -37.34 14.71
N VAL B 139 -28.84 -37.07 14.44
CA VAL B 139 -28.11 -37.74 13.35
C VAL B 139 -27.12 -38.74 14.00
N ARG B 140 -27.43 -40.03 13.86
CA ARG B 140 -26.57 -41.13 14.31
C ARG B 140 -26.08 -41.90 13.08
N THR B 141 -24.85 -41.61 12.67
CA THR B 141 -24.24 -42.18 11.46
C THR B 141 -23.22 -43.28 11.81
N ARG B 142 -22.73 -43.95 10.76
CA ARG B 142 -21.65 -44.94 10.83
C ARG B 142 -21.07 -45.06 9.42
N ALA B 143 -19.78 -44.74 9.27
CA ALA B 143 -19.12 -44.68 7.95
C ALA B 143 -18.88 -46.07 7.33
N ALA B 144 -18.75 -46.08 6.00
CA ALA B 144 -18.76 -47.30 5.17
C ALA B 144 -17.42 -48.06 5.26
N GLY B 145 -17.48 -49.29 5.79
CA GLY B 145 -16.29 -50.13 6.00
C GLY B 145 -15.67 -49.89 7.35
N GLU B 146 -15.71 -48.62 7.83
CA GLU B 146 -15.27 -48.22 9.17
C GLU B 146 -16.05 -49.03 10.22
N LYS B 147 -15.39 -49.28 11.34
CA LYS B 147 -15.88 -50.18 12.38
C LYS B 147 -17.18 -49.64 13.03
N PRO B 148 -18.19 -50.51 13.36
CA PRO B 148 -19.55 -50.08 13.82
C PRO B 148 -19.53 -49.27 15.13
N GLU B 149 -18.57 -49.60 16.01
CA GLU B 149 -18.41 -48.91 17.32
C GLU B 149 -17.66 -47.57 17.14
N ASN B 150 -17.14 -47.33 15.92
CA ASN B 150 -16.65 -46.00 15.48
C ASN B 150 -17.76 -45.20 14.78
N GLY B 151 -19.04 -45.63 14.98
CA GLY B 151 -20.20 -44.84 14.58
C GLY B 151 -20.29 -43.55 15.39
N VAL B 152 -20.96 -42.52 14.86
CA VAL B 152 -20.96 -41.18 15.49
C VAL B 152 -22.40 -40.74 15.82
N PHE B 153 -22.58 -40.27 17.07
CA PHE B 153 -23.79 -39.61 17.54
C PHE B 153 -23.61 -38.09 17.38
N TRP B 154 -24.61 -37.44 16.80
CA TRP B 154 -24.72 -35.98 16.72
C TRP B 154 -26.17 -35.61 17.03
N GLU B 155 -26.36 -34.56 17.85
CA GLU B 155 -27.69 -34.13 18.29
C GLU B 155 -27.64 -32.67 18.75
N SER B 156 -28.65 -31.88 18.35
CA SER B 156 -28.83 -30.51 18.83
C SER B 156 -30.31 -30.13 18.76
N ALA B 157 -30.65 -29.02 19.45
CA ALA B 157 -31.99 -28.39 19.39
C ALA B 157 -32.04 -27.34 18.27
N GLY B 158 -30.94 -27.22 17.48
CA GLY B 158 -30.82 -26.20 16.43
C GLY B 158 -30.29 -24.87 16.96
N GLU B 159 -30.03 -24.80 18.28
CA GLU B 159 -29.46 -23.61 18.95
C GLU B 159 -27.97 -23.42 18.60
N GLY B 160 -27.29 -22.53 19.35
CA GLY B 160 -25.83 -22.35 19.24
C GLY B 160 -25.07 -23.47 19.96
N GLU B 161 -25.34 -24.72 19.54
CA GLU B 161 -24.89 -25.93 20.24
C GLU B 161 -24.71 -27.09 19.23
N TYR B 162 -23.98 -28.13 19.68
CA TYR B 162 -23.94 -29.44 19.01
C TYR B 162 -23.31 -30.48 19.97
N THR B 163 -24.00 -31.59 20.16
CA THR B 163 -23.52 -32.75 20.93
C THR B 163 -22.95 -33.76 19.93
N VAL B 164 -21.62 -33.96 19.96
CA VAL B 164 -20.96 -34.98 19.13
C VAL B 164 -20.17 -35.95 20.05
N ALA B 165 -20.40 -37.26 19.85
CA ALA B 165 -19.76 -38.36 20.61
C ALA B 165 -19.66 -39.60 19.71
N ASP B 166 -18.85 -40.59 20.10
CA ASP B 166 -18.78 -41.88 19.37
C ASP B 166 -19.59 -42.95 20.12
N ILE B 167 -20.33 -43.76 19.33
CA ILE B 167 -21.29 -44.76 19.82
C ILE B 167 -21.16 -46.04 18.96
N THR B 168 -22.02 -47.03 19.24
CA THR B 168 -22.10 -48.27 18.44
C THR B 168 -23.38 -48.26 17.58
N LYS B 169 -23.19 -48.26 16.25
CA LYS B 169 -24.27 -48.41 15.26
C LYS B 169 -23.90 -49.53 14.28
N GLU B 170 -24.67 -50.63 14.31
CA GLU B 170 -24.42 -51.86 13.52
C GLU B 170 -24.70 -51.59 12.03
N ASP B 171 -25.75 -50.77 11.80
CA ASP B 171 -26.19 -50.38 10.45
C ASP B 171 -25.13 -49.47 9.84
N ARG B 172 -24.77 -49.73 8.59
CA ARG B 172 -23.84 -48.88 7.85
C ARG B 172 -24.63 -47.80 7.08
N GLY B 173 -24.08 -46.58 7.02
CA GLY B 173 -24.77 -45.41 6.45
C GLY B 173 -25.18 -44.42 7.54
N THR B 174 -26.11 -43.52 7.22
CA THR B 174 -26.54 -42.44 8.15
C THR B 174 -27.99 -42.67 8.57
N GLU B 175 -28.30 -42.44 9.87
CA GLU B 175 -29.64 -42.63 10.44
C GLU B 175 -30.08 -41.32 11.10
N ILE B 176 -31.04 -40.60 10.49
CA ILE B 176 -31.47 -39.26 10.96
C ILE B 176 -32.90 -39.34 11.55
N THR B 177 -33.00 -39.35 12.88
CA THR B 177 -34.27 -39.41 13.61
C THR B 177 -34.69 -37.99 14.06
N LEU B 178 -35.72 -37.44 13.40
CA LEU B 178 -36.24 -36.08 13.67
C LEU B 178 -37.46 -36.20 14.58
N HIS B 179 -37.36 -35.70 15.82
CA HIS B 179 -38.51 -35.65 16.71
C HIS B 179 -39.37 -34.43 16.31
N LEU B 180 -40.39 -34.71 15.49
CA LEU B 180 -41.32 -33.70 14.98
C LEU B 180 -42.22 -33.19 16.13
N ARG B 181 -42.49 -31.88 16.11
CA ARG B 181 -43.35 -31.22 17.10
C ARG B 181 -44.80 -31.70 16.93
N GLU B 182 -45.55 -31.78 18.03
CA GLU B 182 -46.99 -32.09 18.00
C GLU B 182 -47.73 -30.92 17.32
N GLY B 183 -48.60 -31.25 16.37
CA GLY B 183 -49.13 -30.27 15.42
C GLY B 183 -48.56 -30.53 14.02
N GLU B 184 -47.29 -31.02 13.96
CA GLU B 184 -46.63 -31.48 12.70
C GLU B 184 -46.93 -32.98 12.49
N ASP B 185 -48.18 -33.33 12.82
CA ASP B 185 -48.66 -34.72 12.84
C ASP B 185 -48.91 -35.24 11.41
N GLU B 186 -49.19 -34.32 10.49
CA GLU B 186 -49.36 -34.61 9.05
C GLU B 186 -48.08 -35.26 8.47
N PHE B 187 -46.92 -34.76 8.94
CA PHE B 187 -45.58 -35.22 8.51
C PHE B 187 -45.25 -36.63 9.06
N LEU B 188 -46.04 -37.10 10.06
CA LEU B 188 -45.89 -38.42 10.68
C LEU B 188 -46.67 -39.50 9.93
N ASP B 189 -47.59 -39.08 9.04
CA ASP B 189 -48.44 -40.03 8.29
C ASP B 189 -47.75 -40.39 6.98
N ASP B 190 -47.74 -41.69 6.63
CA ASP B 190 -47.02 -42.20 5.48
C ASP B 190 -47.63 -41.73 4.14
N TRP B 191 -48.96 -41.40 4.10
CA TRP B 191 -49.57 -40.88 2.84
C TRP B 191 -48.90 -39.56 2.43
N ARG B 192 -48.65 -38.69 3.43
CA ARG B 192 -48.05 -37.37 3.24
C ARG B 192 -46.58 -37.54 2.89
N VAL B 193 -45.89 -38.41 3.66
CA VAL B 193 -44.45 -38.69 3.46
C VAL B 193 -44.20 -39.12 2.00
N ARG B 194 -44.92 -40.14 1.51
CA ARG B 194 -44.78 -40.68 0.13
C ARG B 194 -45.06 -39.62 -0.95
N SER B 195 -46.04 -38.73 -0.69
CA SER B 195 -46.36 -37.61 -1.61
C SER B 195 -45.14 -36.69 -1.82
N ILE B 196 -44.57 -36.24 -0.68
CA ILE B 196 -43.45 -35.28 -0.67
C ILE B 196 -42.16 -35.95 -1.14
N ILE B 197 -42.03 -37.27 -0.81
CA ILE B 197 -40.94 -38.13 -1.31
C ILE B 197 -40.97 -38.13 -2.82
N SER B 198 -42.14 -38.49 -3.40
CA SER B 198 -42.31 -38.71 -4.85
C SER B 198 -41.89 -37.46 -5.65
N LYS B 199 -42.31 -36.27 -5.17
CA LYS B 199 -42.02 -34.98 -5.85
C LYS B 199 -40.51 -34.67 -5.99
N TYR B 200 -39.66 -35.28 -5.14
CA TYR B 200 -38.20 -35.00 -5.13
C TYR B 200 -37.39 -36.23 -5.58
N SER B 201 -37.77 -37.38 -5.05
CA SER B 201 -37.08 -38.65 -5.27
C SER B 201 -37.19 -39.12 -6.74
N ASP B 202 -38.21 -38.61 -7.45
CA ASP B 202 -38.45 -38.87 -8.88
C ASP B 202 -37.22 -38.54 -9.74
N HIS B 203 -36.54 -37.44 -9.40
CA HIS B 203 -35.38 -36.93 -10.15
C HIS B 203 -34.06 -37.35 -9.47
N ILE B 204 -34.18 -38.11 -8.38
CA ILE B 204 -33.04 -38.59 -7.58
C ILE B 204 -32.78 -40.08 -7.92
N ALA B 205 -31.53 -40.36 -8.35
CA ALA B 205 -31.10 -41.69 -8.83
C ALA B 205 -31.08 -42.74 -7.71
N LEU B 206 -30.97 -42.25 -6.46
CA LEU B 206 -30.94 -43.12 -5.27
C LEU B 206 -32.36 -43.65 -4.99
N PRO B 207 -32.58 -45.01 -4.93
CA PRO B 207 -33.86 -45.60 -4.53
C PRO B 207 -34.31 -45.09 -3.14
N VAL B 208 -35.55 -44.61 -3.04
CA VAL B 208 -36.12 -44.15 -1.75
C VAL B 208 -37.30 -45.05 -1.40
N GLU B 209 -37.09 -45.94 -0.41
CA GLU B 209 -38.10 -46.89 0.09
C GLU B 209 -38.70 -46.34 1.41
N ILE B 210 -39.94 -46.72 1.74
CA ILE B 210 -40.63 -46.29 2.97
C ILE B 210 -41.16 -47.52 3.74
N GLU B 211 -41.12 -47.42 5.06
CA GLU B 211 -41.67 -48.43 5.97
C GLU B 211 -43.20 -48.47 5.85
N LYS B 212 -43.73 -49.61 5.41
CA LYS B 212 -45.15 -49.96 5.60
C LYS B 212 -45.21 -51.05 6.65
N ARG B 213 -45.37 -50.62 7.91
CA ARG B 213 -45.42 -51.51 9.05
C ARG B 213 -46.89 -51.76 9.43
N GLU B 214 -47.36 -53.01 9.26
CA GLU B 214 -48.68 -53.42 9.72
C GLU B 214 -48.46 -54.30 10.96
N GLU B 215 -48.44 -53.67 12.16
CA GLU B 215 -48.21 -54.40 13.41
C GLU B 215 -49.54 -54.80 14.05
N LYS B 216 -49.95 -56.05 13.81
CA LYS B 216 -50.99 -56.73 14.58
C LYS B 216 -50.37 -57.31 15.85
N ASP B 217 -51.19 -57.92 16.73
CA ASP B 217 -50.72 -58.47 18.03
C ASP B 217 -49.68 -59.58 17.77
N GLY B 218 -48.39 -59.23 17.98
CA GLY B 218 -47.26 -60.14 17.75
C GLY B 218 -46.77 -60.15 16.30
N GLU B 219 -47.62 -59.72 15.35
CA GLU B 219 -47.35 -59.82 13.91
C GLU B 219 -46.97 -58.44 13.35
N THR B 220 -45.71 -58.05 13.57
CA THR B 220 -45.15 -56.82 13.01
C THR B 220 -44.73 -57.05 11.56
N VAL B 221 -45.68 -56.87 10.63
CA VAL B 221 -45.43 -56.97 9.19
C VAL B 221 -44.59 -55.75 8.77
N ILE B 222 -43.35 -55.98 8.31
CA ILE B 222 -42.44 -54.91 7.87
C ILE B 222 -42.16 -55.11 6.37
N SER B 223 -42.35 -54.05 5.60
CA SER B 223 -42.01 -53.99 4.18
C SER B 223 -41.49 -52.59 3.84
N TRP B 224 -40.63 -52.50 2.83
CA TRP B 224 -40.06 -51.23 2.36
C TRP B 224 -40.46 -51.03 0.89
N GLU B 225 -41.28 -50.00 0.63
CA GLU B 225 -41.87 -49.72 -0.68
C GLU B 225 -41.23 -48.48 -1.30
N LYS B 226 -40.54 -48.66 -2.44
CA LYS B 226 -39.94 -47.55 -3.19
C LYS B 226 -41.03 -46.64 -3.79
N ILE B 227 -40.87 -45.31 -3.61
CA ILE B 227 -41.81 -44.30 -4.12
C ILE B 227 -41.22 -43.64 -5.39
N ASN B 228 -39.89 -43.69 -5.51
CA ASN B 228 -39.17 -43.11 -6.66
C ASN B 228 -39.08 -44.10 -7.81
N LYS B 229 -38.74 -43.60 -9.00
CA LYS B 229 -38.52 -44.43 -10.20
C LYS B 229 -37.22 -45.27 -10.06
N ALA B 230 -36.25 -44.74 -9.28
CA ALA B 230 -34.91 -45.34 -9.03
C ALA B 230 -34.14 -45.49 -10.35
N GLN B 231 -34.31 -44.51 -11.22
CA GLN B 231 -33.64 -44.43 -12.51
C GLN B 231 -33.00 -43.04 -12.59
N ALA B 232 -31.69 -43.02 -12.90
CA ALA B 232 -30.88 -41.79 -12.97
C ALA B 232 -31.44 -40.82 -14.01
N LEU B 233 -31.69 -39.55 -13.61
CA LEU B 233 -32.39 -38.57 -14.47
C LEU B 233 -31.66 -38.35 -15.80
N TRP B 234 -30.32 -38.33 -15.77
CA TRP B 234 -29.52 -38.13 -16.97
C TRP B 234 -29.70 -39.31 -17.96
N THR B 235 -29.72 -40.57 -17.46
CA THR B 235 -29.90 -41.76 -18.33
C THR B 235 -31.37 -41.91 -18.77
N ARG B 236 -32.31 -41.23 -18.06
CA ARG B 236 -33.74 -41.20 -18.41
C ARG B 236 -33.99 -40.40 -19.70
N ASN B 237 -35.07 -40.79 -20.38
CA ASN B 237 -35.55 -40.13 -21.59
C ASN B 237 -36.16 -38.76 -21.25
N LYS B 238 -36.03 -37.82 -22.20
CA LYS B 238 -36.70 -36.51 -22.17
C LYS B 238 -38.25 -36.70 -22.16
N SER B 239 -38.70 -37.86 -22.67
CA SER B 239 -40.10 -38.29 -22.57
C SER B 239 -40.52 -38.51 -21.10
N GLU B 240 -39.63 -39.16 -20.33
CA GLU B 240 -39.90 -39.55 -18.92
C GLU B 240 -39.77 -38.36 -17.95
N ILE B 241 -38.93 -37.38 -18.31
CA ILE B 241 -38.59 -36.25 -17.41
C ILE B 241 -39.44 -35.02 -17.75
N THR B 242 -40.02 -34.36 -16.73
CA THR B 242 -40.70 -33.06 -16.90
C THR B 242 -39.73 -31.90 -16.57
N ASP B 243 -40.15 -30.66 -16.90
CA ASP B 243 -39.35 -29.42 -16.70
C ASP B 243 -38.98 -29.22 -15.22
N GLU B 244 -39.93 -29.58 -14.34
CA GLU B 244 -39.77 -29.46 -12.87
C GLU B 244 -38.60 -30.31 -12.39
N GLU B 245 -38.55 -31.57 -12.87
CA GLU B 245 -37.51 -32.54 -12.51
C GLU B 245 -36.13 -32.05 -12.95
N TYR B 246 -36.03 -31.39 -14.12
CA TYR B 246 -34.76 -30.79 -14.60
C TYR B 246 -34.28 -29.70 -13.62
N LYS B 247 -35.14 -28.68 -13.41
CA LYS B 247 -34.84 -27.49 -12.57
C LYS B 247 -34.46 -27.92 -11.14
N GLU B 248 -35.17 -28.92 -10.62
CA GLU B 248 -35.06 -29.38 -9.22
C GLU B 248 -33.88 -30.38 -9.06
N PHE B 249 -33.54 -31.10 -10.15
CA PHE B 249 -32.36 -32.01 -10.19
C PHE B 249 -31.08 -31.20 -10.16
N TYR B 250 -31.10 -30.05 -10.85
CA TYR B 250 -30.04 -29.03 -10.77
C TYR B 250 -29.75 -28.71 -9.28
N LYS B 251 -30.83 -28.39 -8.56
CA LYS B 251 -30.77 -27.94 -7.16
C LYS B 251 -30.21 -29.05 -6.25
N HIS B 252 -30.45 -30.30 -6.64
CA HIS B 252 -29.88 -31.49 -6.00
C HIS B 252 -28.34 -31.57 -6.22
N ILE B 253 -27.91 -31.78 -7.49
CA ILE B 253 -26.50 -32.09 -7.85
C ILE B 253 -25.55 -30.89 -7.63
N ALA B 254 -26.09 -29.68 -7.69
CA ALA B 254 -25.29 -28.43 -7.59
C ALA B 254 -25.19 -27.94 -6.14
N HIS B 255 -25.94 -28.60 -5.21
CA HIS B 255 -26.03 -28.21 -3.77
C HIS B 255 -26.58 -26.75 -3.67
N ASP B 256 -27.63 -26.48 -4.47
CA ASP B 256 -28.13 -25.11 -4.76
C ASP B 256 -29.69 -25.12 -4.73
N PHE B 257 -30.35 -23.99 -5.08
CA PHE B 257 -31.82 -23.94 -5.29
C PHE B 257 -32.32 -22.69 -6.05
N ASN B 258 -31.39 -21.89 -6.62
CA ASN B 258 -31.76 -20.79 -7.53
C ASN B 258 -32.20 -21.42 -8.87
N ASP B 259 -33.42 -21.11 -9.36
CA ASP B 259 -33.97 -21.73 -10.60
C ASP B 259 -33.13 -21.32 -11.82
N PRO B 260 -32.66 -22.29 -12.67
CA PRO B 260 -31.79 -21.99 -13.84
C PRO B 260 -32.52 -21.21 -14.96
N LEU B 261 -31.80 -20.26 -15.57
CA LEU B 261 -32.28 -19.46 -16.72
C LEU B 261 -32.64 -20.38 -17.92
N THR B 262 -31.76 -21.37 -18.17
CA THR B 262 -31.93 -22.35 -19.25
C THR B 262 -31.07 -23.60 -18.96
N TRP B 263 -31.27 -24.67 -19.76
CA TRP B 263 -30.49 -25.92 -19.64
C TRP B 263 -30.44 -26.67 -20.97
N SER B 264 -29.66 -27.76 -21.00
CA SER B 264 -29.49 -28.63 -22.17
C SER B 264 -29.28 -30.08 -21.70
N HIS B 265 -30.23 -30.98 -22.07
CA HIS B 265 -30.13 -32.42 -21.79
C HIS B 265 -30.02 -33.20 -23.10
N ASN B 266 -28.81 -33.68 -23.39
CA ASN B 266 -28.52 -34.47 -24.60
C ASN B 266 -27.60 -35.65 -24.24
N ARG B 267 -27.97 -36.86 -24.68
CA ARG B 267 -27.11 -38.05 -24.61
C ARG B 267 -26.62 -38.33 -26.03
N VAL B 268 -25.31 -38.44 -26.19
CA VAL B 268 -24.66 -38.62 -27.50
C VAL B 268 -23.92 -39.96 -27.53
N GLU B 269 -24.08 -40.67 -28.63
CA GLU B 269 -23.31 -41.87 -28.95
C GLU B 269 -22.70 -41.69 -30.34
N GLY B 270 -21.86 -42.65 -30.74
CA GLY B 270 -21.06 -42.54 -31.95
C GLY B 270 -19.71 -43.18 -31.71
N LYS B 271 -18.64 -42.39 -31.74
CA LYS B 271 -17.30 -42.87 -31.40
C LYS B 271 -17.11 -42.80 -29.87
N GLN B 272 -17.68 -41.73 -29.26
CA GLN B 272 -17.74 -41.57 -27.78
C GLN B 272 -19.20 -41.57 -27.31
N GLU B 273 -19.52 -42.48 -26.37
CA GLU B 273 -20.84 -42.56 -25.72
C GLU B 273 -20.80 -41.87 -24.33
N TYR B 274 -21.58 -40.78 -24.21
CA TYR B 274 -21.73 -40.02 -22.96
C TYR B 274 -23.14 -39.42 -22.85
N THR B 275 -23.50 -38.99 -21.65
CA THR B 275 -24.73 -38.23 -21.37
C THR B 275 -24.34 -36.91 -20.69
N SER B 276 -24.59 -35.79 -21.37
CA SER B 276 -24.31 -34.46 -20.83
C SER B 276 -25.63 -33.76 -20.43
N LEU B 277 -25.59 -33.09 -19.26
CA LEU B 277 -26.72 -32.35 -18.72
C LEU B 277 -26.19 -31.12 -17.97
N LEU B 278 -26.35 -29.94 -18.60
CA LEU B 278 -25.78 -28.66 -18.13
C LEU B 278 -26.92 -27.68 -17.82
N TYR B 279 -26.67 -26.75 -16.89
CA TYR B 279 -27.63 -25.73 -16.42
C TYR B 279 -26.89 -24.39 -16.26
N ILE B 280 -27.58 -23.28 -16.58
CA ILE B 280 -27.09 -21.91 -16.34
C ILE B 280 -27.89 -21.30 -15.15
N PRO B 281 -27.27 -21.11 -13.94
CA PRO B 281 -27.95 -20.50 -12.76
C PRO B 281 -28.41 -19.03 -13.03
N SER B 282 -29.47 -18.61 -12.33
CA SER B 282 -29.99 -17.23 -12.38
C SER B 282 -29.08 -16.25 -11.62
N GLN B 283 -28.42 -16.76 -10.56
CA GLN B 283 -27.59 -15.96 -9.64
C GLN B 283 -26.18 -16.57 -9.59
N ALA B 284 -25.17 -15.70 -9.41
CA ALA B 284 -23.80 -16.14 -9.14
C ALA B 284 -23.72 -16.73 -7.72
N PRO B 285 -23.20 -18.00 -7.55
CA PRO B 285 -22.84 -18.52 -6.22
C PRO B 285 -21.64 -17.74 -5.66
N TRP B 286 -21.37 -17.85 -4.34
CA TRP B 286 -20.23 -17.13 -3.70
C TRP B 286 -18.91 -17.63 -4.32
N ASP B 287 -18.88 -18.96 -4.59
CA ASP B 287 -17.70 -19.66 -5.14
C ASP B 287 -17.47 -19.41 -6.66
N MET B 288 -18.12 -18.35 -7.18
CA MET B 288 -17.80 -17.77 -8.50
C MET B 288 -16.38 -17.16 -8.46
N TRP B 289 -16.04 -16.50 -7.33
CA TRP B 289 -14.74 -15.80 -7.15
C TRP B 289 -13.95 -16.34 -5.95
N ASN B 290 -14.46 -17.39 -5.27
CA ASN B 290 -13.73 -18.05 -4.17
C ASN B 290 -12.58 -18.91 -4.73
N ARG B 291 -11.55 -19.14 -3.90
CA ARG B 291 -10.37 -19.92 -4.27
C ARG B 291 -10.70 -21.43 -4.31
N ASP B 292 -11.83 -21.82 -3.68
CA ASP B 292 -12.27 -23.21 -3.62
C ASP B 292 -13.35 -23.48 -4.70
N HIS B 293 -13.67 -24.78 -4.87
CA HIS B 293 -14.55 -25.29 -5.92
C HIS B 293 -16.02 -25.42 -5.45
N LYS B 294 -16.94 -25.04 -6.35
CA LYS B 294 -18.37 -25.40 -6.27
C LYS B 294 -18.92 -25.39 -7.71
N HIS B 295 -18.36 -24.46 -8.49
CA HIS B 295 -18.41 -24.45 -9.96
C HIS B 295 -17.86 -25.79 -10.54
N GLY B 296 -18.45 -26.25 -11.66
CA GLY B 296 -18.03 -27.50 -12.30
C GLY B 296 -19.16 -28.51 -12.39
N LEU B 297 -18.81 -29.75 -12.80
CA LEU B 297 -19.76 -30.82 -13.12
C LEU B 297 -19.51 -32.05 -12.24
N LYS B 298 -20.57 -32.79 -11.86
CA LYS B 298 -20.42 -34.09 -11.18
C LYS B 298 -20.09 -35.18 -12.22
N LEU B 299 -18.83 -35.63 -12.23
CA LEU B 299 -18.37 -36.69 -13.13
C LEU B 299 -18.86 -38.07 -12.63
N TYR B 300 -19.54 -38.77 -13.54
CA TYR B 300 -19.89 -40.19 -13.44
C TYR B 300 -19.24 -40.90 -14.63
N VAL B 301 -18.60 -42.05 -14.39
CA VAL B 301 -18.12 -42.92 -15.47
C VAL B 301 -18.95 -44.21 -15.45
N GLN B 302 -19.84 -44.32 -16.46
CA GLN B 302 -20.79 -45.44 -16.61
C GLN B 302 -21.73 -45.50 -15.37
N ARG B 303 -22.19 -44.28 -14.97
CA ARG B 303 -23.20 -44.06 -13.89
C ARG B 303 -22.57 -44.28 -12.47
N VAL B 304 -21.25 -44.54 -12.43
CA VAL B 304 -20.48 -44.67 -11.19
C VAL B 304 -19.83 -43.33 -10.87
N PHE B 305 -20.14 -42.76 -9.69
CA PHE B 305 -19.61 -41.44 -9.27
C PHE B 305 -18.08 -41.46 -9.11
N ILE B 306 -17.43 -40.37 -9.57
CA ILE B 306 -15.98 -40.19 -9.49
C ILE B 306 -15.66 -38.97 -8.60
N MET B 307 -16.11 -37.77 -9.03
CA MET B 307 -15.81 -36.51 -8.33
C MET B 307 -16.82 -35.41 -8.73
N ASP B 308 -17.28 -34.62 -7.74
CA ASP B 308 -18.18 -33.47 -7.95
C ASP B 308 -17.36 -32.16 -8.00
N ASP B 309 -18.01 -31.08 -8.46
CA ASP B 309 -17.38 -29.74 -8.67
C ASP B 309 -16.18 -29.84 -9.66
N ALA B 310 -16.24 -30.85 -10.55
CA ALA B 310 -15.15 -31.17 -11.50
C ALA B 310 -15.29 -30.32 -12.76
N GLU B 311 -14.57 -29.19 -12.78
CA GLU B 311 -14.52 -28.27 -13.93
C GLU B 311 -13.52 -28.80 -15.01
N GLN B 312 -13.01 -30.02 -14.83
CA GLN B 312 -12.07 -30.66 -15.80
C GLN B 312 -12.74 -31.02 -17.15
N PHE B 313 -14.08 -30.84 -17.25
CA PHE B 313 -14.83 -30.97 -18.52
C PHE B 313 -15.31 -29.60 -19.03
N MET B 314 -14.83 -28.52 -18.41
CA MET B 314 -15.33 -27.16 -18.65
C MET B 314 -14.15 -26.15 -18.66
N PRO B 315 -14.15 -25.10 -19.54
CA PRO B 315 -13.23 -23.95 -19.43
C PRO B 315 -13.43 -23.14 -18.13
N ASN B 316 -12.44 -22.30 -17.82
CA ASN B 316 -12.54 -21.31 -16.73
C ASN B 316 -13.47 -20.15 -17.16
N TYR B 317 -13.57 -19.96 -18.49
CA TYR B 317 -14.54 -19.04 -19.12
C TYR B 317 -15.98 -19.48 -18.84
N LEU B 318 -16.19 -20.80 -18.80
CA LEU B 318 -17.50 -21.42 -18.52
C LEU B 318 -17.54 -21.89 -17.05
N ARG B 319 -16.90 -21.11 -16.15
CA ARG B 319 -16.88 -21.39 -14.69
C ARG B 319 -18.30 -21.31 -14.09
N PHE B 320 -19.18 -20.57 -14.76
CA PHE B 320 -20.58 -20.40 -14.35
C PHE B 320 -21.44 -21.66 -14.56
N VAL B 321 -20.98 -22.60 -15.41
CA VAL B 321 -21.75 -23.81 -15.75
C VAL B 321 -21.79 -24.79 -14.55
N ARG B 322 -23.03 -25.23 -14.25
CA ARG B 322 -23.35 -26.19 -13.20
C ARG B 322 -24.09 -27.37 -13.83
N GLY B 323 -23.79 -28.60 -13.40
CA GLY B 323 -24.46 -29.77 -13.91
C GLY B 323 -23.67 -31.03 -13.64
N LEU B 324 -23.61 -31.92 -14.66
CA LEU B 324 -22.96 -33.22 -14.54
C LEU B 324 -22.71 -33.81 -15.94
N ILE B 325 -21.80 -34.82 -15.97
CA ILE B 325 -21.39 -35.51 -17.19
C ILE B 325 -21.10 -37.00 -16.86
N ASP B 326 -21.87 -37.88 -17.52
CA ASP B 326 -21.69 -39.34 -17.43
C ASP B 326 -21.01 -39.85 -18.71
N SER B 327 -19.74 -40.20 -18.62
CA SER B 327 -18.99 -40.80 -19.72
C SER B 327 -18.92 -42.33 -19.54
N SER B 328 -19.53 -43.09 -20.47
CA SER B 328 -19.52 -44.57 -20.45
C SER B 328 -18.42 -45.13 -21.39
N ASP B 329 -17.84 -44.22 -22.19
CA ASP B 329 -16.78 -44.53 -23.16
C ASP B 329 -15.40 -44.51 -22.47
N LEU B 330 -15.26 -43.64 -21.46
CA LEU B 330 -14.01 -43.42 -20.71
C LEU B 330 -13.77 -44.57 -19.69
N PRO B 331 -12.47 -44.93 -19.39
CA PRO B 331 -12.13 -45.93 -18.33
C PRO B 331 -12.49 -45.44 -16.92
N LEU B 332 -12.70 -46.42 -16.00
CA LEU B 332 -13.16 -46.14 -14.62
C LEU B 332 -11.97 -45.77 -13.70
N ASN B 333 -10.74 -45.97 -14.19
CA ASN B 333 -9.48 -45.55 -13.48
C ASN B 333 -9.11 -44.09 -13.80
N VAL B 334 -10.10 -43.33 -14.32
CA VAL B 334 -9.93 -41.92 -14.65
C VAL B 334 -9.69 -41.06 -13.38
N SER B 335 -8.86 -40.04 -13.53
CA SER B 335 -8.56 -39.05 -12.48
C SER B 335 -8.25 -37.71 -13.16
N ARG B 336 -8.00 -36.65 -12.36
CA ARG B 336 -7.72 -35.28 -12.85
C ARG B 336 -6.60 -35.25 -13.92
N GLU B 337 -5.61 -36.13 -13.73
CA GLU B 337 -4.46 -36.29 -14.62
C GLU B 337 -4.94 -36.77 -15.99
N ILE B 338 -5.80 -37.81 -15.95
CA ILE B 338 -6.41 -38.41 -17.15
C ILE B 338 -7.40 -37.43 -17.80
N LEU B 339 -7.98 -36.53 -17.00
CA LEU B 339 -8.99 -35.55 -17.47
C LEU B 339 -8.36 -34.44 -18.33
N GLN B 340 -7.10 -34.08 -18.04
CA GLN B 340 -6.32 -33.13 -18.88
C GLN B 340 -5.56 -33.89 -20.01
N ASP B 341 -5.09 -35.12 -19.70
CA ASP B 341 -4.18 -35.93 -20.56
C ASP B 341 -4.91 -36.63 -21.72
N SER B 342 -6.05 -37.26 -21.41
CA SER B 342 -6.75 -38.16 -22.34
C SER B 342 -7.35 -37.38 -23.54
N THR B 343 -7.27 -38.00 -24.72
CA THR B 343 -7.80 -37.42 -25.96
C THR B 343 -9.34 -37.39 -25.92
N VAL B 344 -9.94 -38.51 -25.48
CA VAL B 344 -11.41 -38.67 -25.41
C VAL B 344 -12.04 -37.65 -24.44
N THR B 345 -11.32 -37.33 -23.35
CA THR B 345 -11.78 -36.34 -22.38
C THR B 345 -11.63 -34.91 -22.93
N ARG B 346 -10.62 -34.69 -23.81
CA ARG B 346 -10.36 -33.37 -24.42
C ARG B 346 -11.42 -33.10 -25.50
N ASN B 347 -11.76 -34.16 -26.24
CA ASN B 347 -12.78 -34.14 -27.30
C ASN B 347 -14.16 -33.87 -26.68
N LEU B 348 -14.45 -34.57 -25.58
CA LEU B 348 -15.71 -34.42 -24.83
C LEU B 348 -15.81 -33.01 -24.21
N ARG B 349 -14.72 -32.55 -23.59
CA ARG B 349 -14.66 -31.22 -22.93
C ARG B 349 -14.84 -30.06 -23.93
N ASN B 350 -14.20 -30.19 -25.11
CA ASN B 350 -14.33 -29.19 -26.21
C ASN B 350 -15.73 -29.23 -26.83
N ALA B 351 -16.33 -30.42 -26.87
CA ALA B 351 -17.72 -30.60 -27.36
C ALA B 351 -18.68 -29.82 -26.45
N LEU B 352 -18.55 -30.07 -25.13
CA LEU B 352 -19.38 -29.42 -24.08
C LEU B 352 -19.26 -27.88 -24.16
N THR B 353 -18.04 -27.40 -24.44
CA THR B 353 -17.76 -25.96 -24.62
C THR B 353 -18.60 -25.37 -25.77
N LYS B 354 -18.57 -26.05 -26.93
CA LYS B 354 -19.30 -25.62 -28.16
C LYS B 354 -20.82 -25.65 -27.95
N ARG B 355 -21.30 -26.67 -27.18
CA ARG B 355 -22.73 -26.78 -26.77
C ARG B 355 -23.18 -25.52 -26.00
N VAL B 356 -22.35 -25.10 -25.01
CA VAL B 356 -22.67 -23.94 -24.16
C VAL B 356 -22.55 -22.63 -24.95
N LEU B 357 -21.51 -22.51 -25.82
CA LEU B 357 -21.28 -21.29 -26.65
C LEU B 357 -22.49 -20.98 -27.55
N GLN B 358 -23.08 -22.05 -28.12
CA GLN B 358 -24.32 -21.99 -28.90
C GLN B 358 -25.50 -21.58 -27.99
N MET B 359 -25.52 -22.16 -26.76
CA MET B 359 -26.58 -21.94 -25.75
C MET B 359 -26.52 -20.52 -25.12
N LEU B 360 -25.32 -19.87 -25.19
CA LEU B 360 -25.13 -18.49 -24.67
C LEU B 360 -25.88 -17.48 -25.55
N GLU B 361 -25.57 -17.49 -26.87
CA GLU B 361 -26.26 -16.61 -27.83
C GLU B 361 -27.75 -16.99 -27.93
N LYS B 362 -28.04 -18.31 -27.79
CA LYS B 362 -29.42 -18.83 -27.75
C LYS B 362 -30.20 -18.18 -26.60
N LEU B 363 -29.58 -18.08 -25.41
CA LEU B 363 -30.17 -17.46 -24.21
C LEU B 363 -30.48 -15.97 -24.46
N ALA B 364 -29.57 -15.30 -25.21
CA ALA B 364 -29.74 -13.90 -25.65
C ALA B 364 -30.96 -13.73 -26.59
N LYS B 365 -31.28 -14.80 -27.35
CA LYS B 365 -32.40 -14.80 -28.33
C LYS B 365 -33.70 -15.21 -27.63
N ASP B 366 -33.61 -16.15 -26.65
CA ASP B 366 -34.78 -16.66 -25.89
C ASP B 366 -35.41 -15.50 -25.12
N ASP B 367 -34.55 -14.74 -24.42
CA ASP B 367 -34.94 -13.64 -23.55
C ASP B 367 -33.69 -12.80 -23.18
N ALA B 368 -33.61 -11.59 -23.76
CA ALA B 368 -32.48 -10.65 -23.56
C ALA B 368 -32.24 -10.30 -22.07
N GLU B 369 -33.32 -10.34 -21.26
CA GLU B 369 -33.27 -10.00 -19.82
C GLU B 369 -32.58 -11.12 -19.02
N LYS B 370 -32.82 -12.39 -19.43
CA LYS B 370 -32.11 -13.56 -18.86
C LYS B 370 -30.61 -13.43 -19.10
N TYR B 371 -30.24 -13.02 -20.33
CA TYR B 371 -28.84 -12.87 -20.74
C TYR B 371 -28.18 -11.62 -20.10
N GLN B 372 -29.02 -10.60 -19.77
CA GLN B 372 -28.54 -9.39 -19.06
C GLN B 372 -28.14 -9.79 -17.63
N THR B 373 -29.04 -10.55 -16.98
CA THR B 373 -28.84 -11.07 -15.61
C THR B 373 -27.64 -12.03 -15.56
N PHE B 374 -27.54 -12.86 -16.60
CA PHE B 374 -26.41 -13.77 -16.85
C PHE B 374 -25.09 -12.97 -16.89
N TRP B 375 -25.03 -11.94 -17.73
CA TRP B 375 -23.83 -11.10 -17.90
C TRP B 375 -23.55 -10.28 -16.61
N GLN B 376 -24.60 -9.96 -15.87
CA GLN B 376 -24.51 -9.15 -14.65
C GLN B 376 -23.87 -9.98 -13.50
N GLN B 377 -24.07 -11.32 -13.55
CA GLN B 377 -23.55 -12.25 -12.53
C GLN B 377 -22.23 -12.90 -12.98
N PHE B 378 -22.06 -13.11 -14.30
CA PHE B 378 -21.02 -14.01 -14.86
C PHE B 378 -20.19 -13.34 -15.97
N GLY B 379 -20.49 -12.05 -16.25
CA GLY B 379 -19.89 -11.34 -17.38
C GLY B 379 -18.39 -11.14 -17.26
N LEU B 380 -17.93 -10.85 -16.03
CA LEU B 380 -16.50 -10.61 -15.74
C LEU B 380 -15.65 -11.85 -16.06
N VAL B 381 -16.29 -13.03 -15.90
CA VAL B 381 -15.70 -14.33 -16.25
C VAL B 381 -15.63 -14.46 -17.79
N LEU B 382 -16.74 -14.11 -18.47
CA LEU B 382 -16.87 -14.21 -19.95
C LEU B 382 -15.83 -13.32 -20.68
N LYS B 383 -15.39 -12.23 -20.00
CA LYS B 383 -14.42 -11.24 -20.55
C LYS B 383 -13.02 -11.85 -20.86
N GLU B 384 -12.67 -13.03 -20.28
CA GLU B 384 -11.34 -13.69 -20.57
C GLU B 384 -11.34 -14.50 -21.90
N GLY B 385 -12.53 -14.84 -22.38
CA GLY B 385 -12.70 -15.68 -23.58
C GLY B 385 -12.04 -15.13 -24.85
N PRO B 386 -12.36 -13.87 -25.31
CA PRO B 386 -11.80 -13.31 -26.56
C PRO B 386 -10.27 -13.04 -26.46
N ALA B 387 -9.76 -13.11 -25.22
CA ALA B 387 -8.34 -12.93 -24.91
C ALA B 387 -7.55 -14.16 -25.28
N GLU B 388 -8.07 -15.33 -24.86
CA GLU B 388 -7.44 -16.61 -25.21
C GLU B 388 -7.70 -16.93 -26.68
N ASP B 389 -8.98 -17.18 -27.03
CA ASP B 389 -9.32 -17.64 -28.37
C ASP B 389 -9.53 -16.42 -29.28
N PHE B 390 -8.41 -15.95 -29.85
CA PHE B 390 -8.40 -14.86 -30.83
C PHE B 390 -9.04 -15.32 -32.16
N ALA B 391 -8.94 -16.63 -32.45
CA ALA B 391 -9.53 -17.26 -33.66
C ALA B 391 -11.08 -17.23 -33.59
N ASN B 392 -11.62 -17.34 -32.38
CA ASN B 392 -13.09 -17.26 -32.12
C ASN B 392 -13.44 -15.92 -31.45
N GLN B 393 -12.49 -14.96 -31.42
CA GLN B 393 -12.63 -13.68 -30.68
C GLN B 393 -13.91 -12.92 -31.07
N GLU B 394 -14.19 -12.86 -32.38
CA GLU B 394 -15.35 -12.14 -32.94
C GLU B 394 -16.69 -12.79 -32.49
N ALA B 395 -16.69 -14.12 -32.40
CA ALA B 395 -17.86 -14.92 -31.97
C ALA B 395 -18.13 -14.69 -30.46
N ILE B 396 -17.04 -14.60 -29.68
CA ILE B 396 -17.11 -14.35 -28.23
C ILE B 396 -17.33 -12.83 -27.97
N ALA B 397 -16.91 -11.99 -28.93
CA ALA B 397 -17.05 -10.51 -28.88
C ALA B 397 -18.51 -10.12 -29.05
N LYS B 398 -19.21 -10.92 -29.86
CA LYS B 398 -20.65 -10.82 -30.06
C LYS B 398 -21.41 -11.15 -28.75
N LEU B 399 -20.78 -11.99 -27.89
CA LEU B 399 -21.32 -12.37 -26.58
C LEU B 399 -21.03 -11.27 -25.53
N LEU B 400 -19.94 -10.50 -25.74
CA LEU B 400 -19.56 -9.38 -24.86
C LEU B 400 -20.63 -8.26 -24.85
N ARG B 401 -21.11 -7.90 -23.63
CA ARG B 401 -22.07 -6.80 -23.40
C ARG B 401 -21.41 -5.70 -22.55
N PHE B 402 -21.50 -4.46 -23.02
CA PHE B 402 -21.03 -3.26 -22.32
C PHE B 402 -22.22 -2.36 -21.99
N ALA B 403 -21.93 -1.23 -21.36
CA ALA B 403 -22.85 -0.09 -21.26
C ALA B 403 -22.29 1.03 -22.15
N SER B 404 -23.16 1.90 -22.68
CA SER B 404 -22.75 3.01 -23.55
C SER B 404 -23.40 4.33 -23.10
N THR B 405 -22.94 5.46 -23.68
CA THR B 405 -23.40 6.83 -23.36
C THR B 405 -24.89 7.05 -23.76
N HIS B 406 -25.41 6.14 -24.60
CA HIS B 406 -26.83 6.14 -25.03
C HIS B 406 -27.78 6.17 -23.83
N THR B 407 -27.48 5.35 -22.82
CA THR B 407 -28.26 5.27 -21.58
C THR B 407 -27.29 5.30 -20.39
N ASP B 408 -27.58 6.17 -19.41
CA ASP B 408 -26.71 6.39 -18.23
C ASP B 408 -26.92 5.31 -17.13
N SER B 409 -27.37 4.10 -17.55
CA SER B 409 -27.58 2.96 -16.66
C SER B 409 -26.30 2.09 -16.62
N SER B 410 -25.95 1.60 -15.41
CA SER B 410 -24.75 0.77 -15.18
C SER B 410 -24.93 -0.69 -15.68
N ALA B 411 -26.19 -1.04 -16.04
CA ALA B 411 -26.53 -2.37 -16.58
C ALA B 411 -25.87 -2.59 -17.95
N GLN B 412 -24.92 -3.54 -17.99
CA GLN B 412 -24.22 -3.92 -19.23
C GLN B 412 -25.15 -4.77 -20.12
N THR B 413 -26.03 -4.08 -20.86
CA THR B 413 -27.06 -4.70 -21.74
C THR B 413 -26.75 -4.42 -23.23
N VAL B 414 -25.97 -3.36 -23.49
CA VAL B 414 -25.62 -2.91 -24.85
C VAL B 414 -24.59 -3.87 -25.46
N SER B 415 -24.94 -4.48 -26.60
CA SER B 415 -24.04 -5.35 -27.36
C SER B 415 -23.15 -4.47 -28.26
N LEU B 416 -22.11 -5.07 -28.85
CA LEU B 416 -21.30 -4.41 -29.90
C LEU B 416 -22.19 -4.13 -31.14
N GLU B 417 -23.21 -4.99 -31.32
CA GLU B 417 -24.26 -4.84 -32.34
C GLU B 417 -25.07 -3.55 -32.09
N ASP B 418 -25.43 -3.30 -30.80
CA ASP B 418 -26.16 -2.09 -30.39
C ASP B 418 -25.31 -0.84 -30.62
N TYR B 419 -23.98 -0.94 -30.36
CA TYR B 419 -23.07 0.22 -30.52
C TYR B 419 -23.07 0.68 -31.99
N VAL B 420 -22.87 -0.27 -32.92
CA VAL B 420 -22.78 0.01 -34.37
C VAL B 420 -24.08 0.63 -34.91
N SER B 421 -25.24 0.08 -34.49
CA SER B 421 -26.56 0.58 -34.94
C SER B 421 -26.85 2.01 -34.41
N ARG B 422 -26.36 2.31 -33.19
CA ARG B 422 -26.54 3.64 -32.56
C ARG B 422 -25.37 4.60 -32.90
N MET B 423 -24.28 4.05 -33.50
CA MET B 423 -23.03 4.80 -33.78
C MET B 423 -23.32 5.96 -34.74
N LYS B 424 -22.99 7.19 -34.30
CA LYS B 424 -23.44 8.42 -34.97
C LYS B 424 -22.57 8.78 -36.19
N GLU B 425 -23.17 9.57 -37.10
CA GLU B 425 -22.52 10.04 -38.32
C GLU B 425 -21.38 11.03 -37.98
N GLY B 426 -20.19 10.78 -38.54
CA GLY B 426 -18.97 11.55 -38.23
C GLY B 426 -18.10 10.87 -37.17
N GLN B 427 -18.61 9.79 -36.58
CA GLN B 427 -17.88 8.97 -35.60
C GLN B 427 -17.32 7.73 -36.33
N GLU B 428 -16.02 7.78 -36.68
CA GLU B 428 -15.33 6.68 -37.41
C GLU B 428 -14.82 5.59 -36.45
N LYS B 429 -14.49 6.00 -35.21
CA LYS B 429 -13.80 5.15 -34.22
C LYS B 429 -14.71 4.93 -33.01
N ILE B 430 -14.64 3.72 -32.43
CA ILE B 430 -15.38 3.36 -31.22
C ILE B 430 -14.65 3.94 -29.99
N TYR B 431 -15.33 4.81 -29.23
CA TYR B 431 -14.74 5.49 -28.06
C TYR B 431 -15.22 4.88 -26.76
N TYR B 432 -14.36 4.98 -25.73
CA TYR B 432 -14.69 4.54 -24.37
C TYR B 432 -13.80 5.17 -23.30
N ILE B 433 -14.14 4.90 -22.03
CA ILE B 433 -13.29 5.21 -20.87
C ILE B 433 -13.36 4.02 -19.88
N THR B 434 -12.21 3.68 -19.29
CA THR B 434 -12.10 2.61 -18.30
C THR B 434 -11.83 3.22 -16.91
N ALA B 435 -12.58 2.76 -15.90
CA ALA B 435 -12.42 3.21 -14.49
C ALA B 435 -12.72 2.05 -13.52
N ASP B 436 -12.57 2.35 -12.22
CA ASP B 436 -12.90 1.43 -11.12
C ASP B 436 -14.43 1.23 -11.01
N SER B 437 -15.19 2.27 -11.40
CA SER B 437 -16.65 2.31 -11.26
C SER B 437 -17.28 3.02 -12.47
N TYR B 438 -18.53 2.61 -12.81
CA TYR B 438 -19.31 3.20 -13.93
C TYR B 438 -19.53 4.71 -13.70
N ALA B 439 -19.86 5.04 -12.43
CA ALA B 439 -20.09 6.42 -11.98
C ALA B 439 -18.83 7.28 -12.20
N ALA B 440 -17.67 6.74 -11.75
CA ALA B 440 -16.36 7.42 -11.86
C ALA B 440 -15.98 7.69 -13.33
N ALA B 441 -16.25 6.67 -14.18
CA ALA B 441 -16.03 6.73 -15.64
C ALA B 441 -16.86 7.87 -16.27
N LYS B 442 -18.15 7.93 -15.88
CA LYS B 442 -19.11 8.93 -16.39
C LYS B 442 -18.81 10.34 -15.84
N SER B 443 -18.20 10.41 -14.63
CA SER B 443 -17.89 11.68 -13.93
C SER B 443 -16.71 12.45 -14.57
N SER B 444 -16.06 11.83 -15.58
CA SER B 444 -14.97 12.47 -16.33
C SER B 444 -15.46 13.74 -17.05
N PRO B 445 -14.87 14.95 -16.73
CA PRO B 445 -15.21 16.23 -17.41
C PRO B 445 -14.98 16.18 -18.93
N HIS B 446 -13.90 15.48 -19.34
CA HIS B 446 -13.49 15.37 -20.77
C HIS B 446 -14.51 14.54 -21.56
N LEU B 447 -15.13 13.55 -20.90
CA LEU B 447 -16.21 12.71 -21.47
C LEU B 447 -17.40 13.60 -21.87
N GLU B 448 -17.65 14.66 -21.07
CA GLU B 448 -18.79 15.56 -21.26
C GLU B 448 -18.74 16.28 -22.61
N LEU B 449 -17.55 16.35 -23.24
CA LEU B 449 -17.39 16.93 -24.61
C LEU B 449 -18.24 16.13 -25.60
N LEU B 450 -18.04 14.81 -25.59
CA LEU B 450 -18.70 13.87 -26.49
C LEU B 450 -20.16 13.65 -26.09
N ARG B 451 -20.40 13.58 -24.77
CA ARG B 451 -21.73 13.30 -24.20
C ARG B 451 -22.74 14.41 -24.57
N LYS B 452 -22.31 15.68 -24.38
CA LYS B 452 -23.16 16.86 -24.66
C LYS B 452 -23.42 17.00 -26.18
N LYS B 453 -22.43 16.56 -26.98
CA LYS B 453 -22.48 16.64 -28.46
C LYS B 453 -23.26 15.43 -29.05
N GLY B 454 -23.54 14.42 -28.20
CA GLY B 454 -24.35 13.25 -28.58
C GLY B 454 -23.55 12.21 -29.36
N ILE B 455 -22.37 11.88 -28.83
CA ILE B 455 -21.46 10.86 -29.39
C ILE B 455 -21.56 9.58 -28.55
N GLU B 456 -21.46 8.43 -29.22
CA GLU B 456 -21.59 7.10 -28.58
C GLU B 456 -20.23 6.74 -27.98
N VAL B 457 -20.21 6.39 -26.69
CA VAL B 457 -18.99 6.10 -25.91
C VAL B 457 -19.30 4.97 -24.89
N LEU B 458 -18.60 3.82 -25.00
CA LEU B 458 -18.72 2.73 -24.00
C LEU B 458 -18.20 3.21 -22.62
N LEU B 459 -18.89 2.83 -21.54
CA LEU B 459 -18.48 3.19 -20.17
C LEU B 459 -18.04 1.92 -19.42
N LEU B 460 -16.73 1.65 -19.49
CA LEU B 460 -16.09 0.45 -18.93
C LEU B 460 -15.88 0.66 -17.42
N SER B 461 -16.48 -0.23 -16.63
CA SER B 461 -16.62 -0.09 -15.17
C SER B 461 -15.70 -1.06 -14.40
N ASP B 462 -14.96 -1.90 -15.15
CA ASP B 462 -13.91 -2.78 -14.61
C ASP B 462 -12.58 -2.39 -15.22
N ARG B 463 -11.48 -2.62 -14.47
CA ARG B 463 -10.11 -2.45 -14.99
C ARG B 463 -9.81 -3.50 -16.07
N ILE B 464 -10.38 -4.72 -15.89
CA ILE B 464 -10.12 -5.86 -16.78
C ILE B 464 -10.80 -5.65 -18.15
N ASP B 465 -11.83 -4.78 -18.18
CA ASP B 465 -12.54 -4.39 -19.43
C ASP B 465 -11.55 -3.92 -20.53
N GLU B 466 -10.68 -2.94 -20.21
CA GLU B 466 -9.69 -2.38 -21.19
C GLU B 466 -8.67 -3.44 -21.61
N TRP B 467 -8.43 -4.44 -20.73
CA TRP B 467 -7.56 -5.57 -21.03
C TRP B 467 -8.20 -6.37 -22.17
N MET B 468 -9.50 -6.67 -22.02
CA MET B 468 -10.30 -7.43 -23.02
C MET B 468 -10.31 -6.70 -24.39
N MET B 469 -10.44 -5.37 -24.34
CA MET B 469 -10.50 -4.52 -25.54
C MET B 469 -9.11 -4.37 -26.19
N ASN B 470 -8.03 -4.80 -25.50
CA ASN B 470 -6.65 -4.73 -26.03
C ASN B 470 -6.50 -5.67 -27.25
N TYR B 471 -7.13 -6.87 -27.22
CA TYR B 471 -7.10 -7.78 -28.41
C TYR B 471 -8.33 -7.53 -29.29
N LEU B 472 -9.43 -6.95 -28.72
CA LEU B 472 -10.48 -6.32 -29.57
C LEU B 472 -9.96 -4.96 -30.06
N THR B 473 -9.01 -4.99 -31.00
CA THR B 473 -8.41 -3.79 -31.59
C THR B 473 -9.45 -2.99 -32.39
N GLU B 474 -10.44 -3.72 -32.96
CA GLU B 474 -11.53 -3.15 -33.75
C GLU B 474 -12.67 -4.16 -33.87
N PHE B 475 -13.86 -3.66 -34.24
CA PHE B 475 -15.06 -4.46 -34.50
C PHE B 475 -15.76 -3.86 -35.73
N ASP B 476 -15.93 -4.72 -36.77
CA ASP B 476 -16.56 -4.34 -38.07
C ASP B 476 -15.68 -3.33 -38.85
N GLY B 477 -14.38 -3.24 -38.46
CA GLY B 477 -13.43 -2.29 -39.07
C GLY B 477 -13.41 -0.94 -38.36
N LYS B 478 -14.16 -0.80 -37.26
CA LYS B 478 -14.23 0.44 -36.46
C LYS B 478 -13.31 0.28 -35.23
N PRO B 479 -12.15 1.03 -35.17
CA PRO B 479 -11.12 0.82 -34.13
C PRO B 479 -11.50 1.42 -32.77
N PHE B 480 -11.24 0.67 -31.69
CA PHE B 480 -11.45 1.14 -30.32
C PHE B 480 -10.29 2.09 -29.95
N GLN B 481 -10.63 3.37 -29.75
CA GLN B 481 -9.75 4.41 -29.16
C GLN B 481 -10.40 4.89 -27.85
N SER B 482 -9.60 5.04 -26.78
CA SER B 482 -10.11 5.62 -25.51
C SER B 482 -10.15 7.16 -25.60
N VAL B 483 -11.02 7.77 -24.77
CA VAL B 483 -11.21 9.22 -24.68
C VAL B 483 -10.08 9.85 -23.81
N SER B 484 -9.27 8.98 -23.18
CA SER B 484 -8.03 9.36 -22.48
C SER B 484 -6.94 9.79 -23.49
N LYS B 485 -7.18 9.51 -24.80
CA LYS B 485 -6.31 9.96 -25.89
C LYS B 485 -6.90 11.28 -26.46
N VAL B 486 -6.04 12.12 -27.05
CA VAL B 486 -6.34 13.55 -27.23
C VAL B 486 -5.69 14.09 -28.54
N ASP B 487 -5.94 15.38 -28.86
CA ASP B 487 -5.49 16.03 -30.11
C ASP B 487 -4.18 16.82 -29.87
N GLU B 488 -3.78 17.66 -30.87
CA GLU B 488 -2.45 18.30 -30.91
C GLU B 488 -2.20 19.29 -29.74
N SER B 489 -3.26 19.88 -29.14
CA SER B 489 -3.08 20.78 -27.97
C SER B 489 -3.21 19.95 -26.66
N LEU B 490 -4.35 20.05 -25.90
CA LEU B 490 -4.88 18.90 -25.15
C LEU B 490 -6.36 19.11 -24.69
N GLU B 491 -6.58 20.17 -23.86
CA GLU B 491 -7.65 20.15 -22.77
C GLU B 491 -8.73 19.06 -23.01
N LYS B 492 -9.65 19.33 -23.94
CA LYS B 492 -10.42 18.27 -24.62
C LYS B 492 -10.11 18.38 -26.12
N LEU B 493 -10.40 19.58 -26.63
CA LEU B 493 -10.22 20.02 -28.03
C LEU B 493 -9.43 21.34 -28.09
N ALA B 494 -8.46 21.55 -27.17
CA ALA B 494 -7.91 22.89 -26.77
C ALA B 494 -7.25 23.78 -27.88
N ASP B 495 -7.60 23.60 -29.14
CA ASP B 495 -7.56 24.70 -30.11
C ASP B 495 -8.64 25.74 -29.72
N GLU B 496 -9.80 25.18 -29.30
CA GLU B 496 -10.99 25.93 -28.81
C GLU B 496 -10.78 26.41 -27.36
N VAL B 497 -9.78 27.28 -27.15
CA VAL B 497 -9.50 27.85 -25.81
C VAL B 497 -10.16 29.23 -25.66
N ASP B 498 -11.47 29.27 -25.99
CA ASP B 498 -12.30 30.50 -25.98
C ASP B 498 -11.65 31.62 -26.84
N GLU B 499 -10.73 32.41 -26.21
CA GLU B 499 -9.93 33.44 -26.88
C GLU B 499 -8.81 33.89 -25.90
N SER B 500 -8.26 32.92 -25.14
CA SER B 500 -7.17 33.15 -24.19
C SER B 500 -5.86 33.46 -24.95
N ALA B 501 -5.58 34.76 -25.13
CA ALA B 501 -4.49 35.27 -25.97
C ALA B 501 -3.21 35.54 -25.15
N LYS B 502 -2.19 36.08 -25.84
CA LYS B 502 -0.87 36.42 -25.25
C LYS B 502 -0.97 37.54 -24.18
N GLU B 503 -2.08 38.31 -24.24
CA GLU B 503 -2.32 39.46 -23.36
C GLU B 503 -2.51 39.01 -21.90
N ALA B 504 -3.14 37.83 -21.76
CA ALA B 504 -3.23 37.13 -20.48
C ALA B 504 -1.84 36.66 -20.03
N GLU B 505 -1.12 35.98 -20.95
CA GLU B 505 0.17 35.27 -20.66
C GLU B 505 1.23 36.19 -20.05
N LYS B 506 1.24 37.45 -20.51
CA LYS B 506 2.15 38.49 -20.01
C LYS B 506 1.86 38.81 -18.53
N ALA B 507 0.56 38.90 -18.20
CA ALA B 507 0.07 39.15 -16.82
C ALA B 507 0.18 37.88 -15.94
N LEU B 508 0.20 36.71 -16.60
CA LEU B 508 0.25 35.40 -15.93
C LEU B 508 1.66 34.98 -15.55
N THR B 509 2.68 35.38 -16.34
CA THR B 509 4.09 34.99 -16.09
C THR B 509 4.59 35.39 -14.64
N PRO B 510 4.31 36.64 -14.12
CA PRO B 510 4.60 36.98 -12.69
C PRO B 510 3.83 36.06 -11.73
N PHE B 511 2.57 35.78 -12.07
CA PHE B 511 1.68 34.91 -11.27
C PHE B 511 2.24 33.46 -11.21
N ILE B 512 2.88 32.99 -12.32
CA ILE B 512 3.50 31.65 -12.39
C ILE B 512 4.65 31.56 -11.37
N ASP B 513 5.61 32.51 -11.46
CA ASP B 513 6.79 32.56 -10.56
C ASP B 513 6.38 32.72 -9.08
N ARG B 514 5.30 33.47 -8.87
CA ARG B 514 4.82 33.85 -7.53
C ARG B 514 4.17 32.65 -6.82
N VAL B 515 3.41 31.84 -7.59
CA VAL B 515 2.77 30.61 -7.08
C VAL B 515 3.83 29.53 -6.81
N LYS B 516 4.86 29.45 -7.69
CA LYS B 516 6.00 28.52 -7.53
C LYS B 516 6.86 28.89 -6.31
N ALA B 517 6.91 30.20 -6.00
CA ALA B 517 7.62 30.73 -4.83
C ALA B 517 6.82 30.43 -3.53
N LEU B 518 5.48 30.47 -3.65
CA LEU B 518 4.56 30.22 -2.52
C LEU B 518 4.58 28.72 -2.13
N LEU B 519 4.56 27.85 -3.14
CA LEU B 519 4.50 26.38 -2.95
C LEU B 519 5.89 25.80 -2.69
N GLY B 520 6.92 26.43 -3.28
CA GLY B 520 8.33 26.02 -3.08
C GLY B 520 8.63 24.61 -3.60
N GLU B 521 8.51 23.60 -2.72
CA GLU B 521 8.85 22.19 -3.02
C GLU B 521 7.65 21.26 -2.79
N ARG B 522 6.45 21.85 -2.57
CA ARG B 522 5.19 21.07 -2.49
C ARG B 522 4.80 20.54 -3.90
N VAL B 523 5.17 21.32 -4.93
CA VAL B 523 4.81 21.04 -6.34
C VAL B 523 6.09 21.04 -7.21
N LYS B 524 6.09 20.16 -8.24
CA LYS B 524 7.17 20.03 -9.25
C LYS B 524 7.30 21.33 -10.06
N ASP B 525 6.15 21.78 -10.61
CA ASP B 525 6.10 22.95 -11.50
C ASP B 525 4.65 23.48 -11.60
N VAL B 526 4.50 24.80 -11.64
CA VAL B 526 3.19 25.47 -11.85
C VAL B 526 3.20 26.15 -13.22
N ARG B 527 2.13 25.95 -14.01
CA ARG B 527 1.95 26.56 -15.33
C ARG B 527 0.61 27.29 -15.39
N LEU B 528 0.51 28.28 -16.28
CA LEU B 528 -0.75 28.91 -16.64
C LEU B 528 -1.05 28.59 -18.12
N THR B 529 -1.73 27.46 -18.31
CA THR B 529 -2.20 27.00 -19.63
C THR B 529 -3.72 27.26 -19.75
N HIS B 530 -4.34 26.89 -20.88
CA HIS B 530 -5.72 27.35 -21.19
C HIS B 530 -6.73 26.21 -21.01
N ARG B 531 -6.75 25.64 -19.79
CA ARG B 531 -7.67 24.54 -19.46
C ARG B 531 -9.09 25.09 -19.24
N LEU B 532 -9.99 24.91 -20.26
CA LEU B 532 -11.36 25.46 -20.27
C LEU B 532 -12.15 24.95 -19.03
N THR B 533 -12.61 23.66 -19.10
CA THR B 533 -13.35 22.94 -18.02
C THR B 533 -14.35 23.86 -17.23
N ASP B 534 -14.75 23.49 -16.00
CA ASP B 534 -15.45 24.40 -15.05
C ASP B 534 -14.63 24.51 -13.74
N THR B 535 -13.58 23.67 -13.66
CA THR B 535 -12.66 23.60 -12.54
C THR B 535 -11.71 24.82 -12.62
N PRO B 536 -11.49 25.60 -11.50
CA PRO B 536 -10.56 26.77 -11.50
C PRO B 536 -9.12 26.38 -11.89
N ALA B 537 -8.71 25.21 -11.39
CA ALA B 537 -7.36 24.69 -11.59
C ALA B 537 -7.39 23.16 -11.59
N ILE B 538 -6.56 22.58 -12.45
CA ILE B 538 -6.45 21.13 -12.65
C ILE B 538 -4.97 20.77 -12.81
N VAL B 539 -4.56 19.67 -12.18
CA VAL B 539 -3.18 19.18 -12.27
C VAL B 539 -3.04 18.20 -13.45
N SER B 540 -1.85 18.20 -14.08
CA SER B 540 -1.52 17.30 -15.18
C SER B 540 -0.55 16.22 -14.69
N THR B 541 -0.77 14.98 -15.18
CA THR B 541 0.02 13.80 -14.79
C THR B 541 0.57 13.09 -16.02
N ASP B 542 1.66 12.35 -15.81
CA ASP B 542 2.30 11.53 -16.84
C ASP B 542 1.73 10.10 -16.76
N ALA B 543 2.12 9.38 -15.69
CA ALA B 543 1.74 7.97 -15.46
C ALA B 543 0.81 7.88 -14.22
N ASP B 544 0.77 6.68 -13.59
CA ASP B 544 -0.09 6.39 -12.42
C ASP B 544 0.21 7.36 -11.25
N GLU B 545 -0.75 8.28 -11.00
CA GLU B 545 -0.66 9.30 -9.94
C GLU B 545 0.61 10.18 -10.18
N MET B 546 0.80 10.53 -11.48
CA MET B 546 2.02 11.20 -12.00
C MET B 546 3.17 10.19 -12.08
N SER B 547 3.63 9.72 -10.90
CA SER B 547 4.78 8.85 -10.81
C SER B 547 4.82 8.03 -9.49
N THR B 548 3.63 7.78 -8.88
CA THR B 548 3.55 7.03 -7.59
C THR B 548 3.53 5.49 -7.84
N GLN B 549 3.82 5.05 -9.09
CA GLN B 549 3.86 3.59 -9.45
C GLN B 549 4.67 3.36 -10.75
N MET B 550 6.02 3.25 -10.62
CA MET B 550 6.94 2.74 -11.68
C MET B 550 8.42 2.81 -11.20
N ALA B 551 9.27 1.96 -11.80
CA ALA B 551 10.69 1.79 -11.44
C ALA B 551 11.51 3.10 -11.63
N LYS B 552 11.54 3.62 -12.88
CA LYS B 552 12.28 4.86 -13.25
C LYS B 552 11.83 6.05 -12.40
N LEU B 553 10.51 6.08 -12.16
CA LEU B 553 9.85 7.15 -11.44
C LEU B 553 10.34 7.20 -9.98
N PHE B 554 10.31 6.05 -9.28
CA PHE B 554 10.79 5.95 -7.87
C PHE B 554 12.33 6.06 -7.78
N ALA B 555 13.02 5.81 -8.91
CA ALA B 555 14.50 5.90 -9.01
C ALA B 555 14.97 7.37 -9.22
N ALA B 556 14.02 8.33 -9.22
CA ALA B 556 14.33 9.76 -9.37
C ALA B 556 15.06 10.31 -8.12
N ALA B 557 14.45 10.14 -6.93
CA ALA B 557 15.05 10.59 -5.65
C ALA B 557 15.24 9.42 -4.68
N GLY B 558 14.15 8.70 -4.41
CA GLY B 558 14.12 7.67 -3.36
C GLY B 558 13.03 7.93 -2.32
N GLN B 559 12.42 9.14 -2.38
CA GLN B 559 11.24 9.51 -1.56
C GLN B 559 9.96 9.04 -2.33
N LYS B 560 8.82 9.77 -2.27
CA LYS B 560 7.61 9.44 -3.08
C LYS B 560 7.72 10.03 -4.50
N VAL B 561 8.96 10.14 -5.02
CA VAL B 561 9.33 10.86 -6.29
C VAL B 561 9.10 12.41 -6.17
N PRO B 562 10.06 13.27 -6.67
CA PRO B 562 9.86 14.74 -6.78
C PRO B 562 8.91 15.10 -7.94
N GLU B 563 9.02 14.32 -9.03
CA GLU B 563 8.20 14.48 -10.25
C GLU B 563 6.70 14.28 -9.93
N VAL B 564 6.44 13.47 -8.88
CA VAL B 564 5.08 13.07 -8.45
C VAL B 564 4.20 14.29 -8.12
N LYS B 565 4.88 15.36 -7.66
CA LYS B 565 4.23 16.56 -7.16
C LYS B 565 3.52 17.27 -8.32
N TYR B 566 2.20 17.16 -8.29
CA TYR B 566 1.30 17.34 -9.44
C TYR B 566 1.38 18.76 -10.02
N ILE B 567 1.42 18.86 -11.38
CA ILE B 567 1.76 20.13 -12.06
C ILE B 567 0.51 21.01 -12.09
N PHE B 568 0.59 22.09 -11.31
CA PHE B 568 -0.55 22.96 -11.00
C PHE B 568 -0.81 23.93 -12.16
N GLU B 569 -1.85 23.65 -12.96
CA GLU B 569 -2.22 24.46 -14.14
C GLU B 569 -3.61 25.07 -13.92
N LEU B 570 -3.70 26.41 -14.02
CA LEU B 570 -4.96 27.16 -13.77
C LEU B 570 -5.55 27.67 -15.09
N ASN B 571 -6.88 27.92 -15.10
CA ASN B 571 -7.57 28.57 -16.22
C ASN B 571 -7.46 30.10 -16.06
N PRO B 572 -6.81 30.83 -17.02
CA PRO B 572 -6.58 32.30 -16.91
C PRO B 572 -7.89 33.09 -16.76
N ASP B 573 -8.93 32.59 -17.43
CA ASP B 573 -10.21 33.29 -17.61
C ASP B 573 -11.20 33.03 -16.45
N HIS B 574 -11.06 31.88 -15.75
CA HIS B 574 -12.06 31.44 -14.74
C HIS B 574 -12.05 32.39 -13.51
N VAL B 575 -13.26 32.73 -13.01
CA VAL B 575 -13.51 33.76 -11.95
C VAL B 575 -12.58 33.66 -10.72
N LEU B 576 -12.39 32.42 -10.22
CA LEU B 576 -11.60 32.17 -8.99
C LEU B 576 -10.10 32.49 -9.21
N VAL B 577 -9.61 32.25 -10.45
CA VAL B 577 -8.20 32.52 -10.85
C VAL B 577 -8.02 34.00 -11.18
N LYS B 578 -9.08 34.66 -11.69
CA LYS B 578 -9.11 36.12 -11.94
C LYS B 578 -8.83 36.87 -10.64
N ARG B 579 -9.53 36.45 -9.58
CA ARG B 579 -9.37 37.04 -8.24
C ARG B 579 -8.02 36.63 -7.63
N ALA B 580 -7.58 35.36 -7.87
CA ALA B 580 -6.33 34.83 -7.26
C ALA B 580 -5.08 35.47 -7.90
N ALA B 581 -5.23 35.92 -9.16
CA ALA B 581 -4.18 36.64 -9.91
C ALA B 581 -4.15 38.12 -9.48
N ASP B 582 -5.33 38.65 -9.11
CA ASP B 582 -5.51 40.05 -8.67
C ASP B 582 -5.09 40.24 -7.20
N THR B 583 -5.16 39.15 -6.40
CA THR B 583 -4.88 39.20 -4.96
C THR B 583 -3.42 39.66 -4.69
N GLU B 584 -3.26 40.87 -4.12
CA GLU B 584 -1.94 41.47 -3.85
C GLU B 584 -1.39 40.97 -2.50
N ASP B 585 -2.27 40.86 -1.48
CA ASP B 585 -1.85 40.44 -0.13
C ASP B 585 -1.55 38.94 -0.11
N GLU B 586 -0.40 38.58 0.50
CA GLU B 586 0.10 37.20 0.55
C GLU B 586 -0.79 36.28 1.42
N ALA B 587 -1.58 36.89 2.34
CA ALA B 587 -2.47 36.17 3.28
C ALA B 587 -3.61 35.46 2.52
N LYS B 588 -4.27 36.21 1.62
CA LYS B 588 -5.34 35.67 0.77
C LYS B 588 -4.76 34.94 -0.45
N PHE B 589 -3.61 35.44 -0.98
CA PHE B 589 -2.94 34.83 -2.15
C PHE B 589 -2.61 33.36 -1.87
N SER B 590 -2.02 33.10 -0.68
CA SER B 590 -1.73 31.75 -0.21
C SER B 590 -3.03 30.94 -0.13
N GLU B 591 -4.07 31.48 0.54
CA GLU B 591 -5.34 30.77 0.77
C GLU B 591 -6.00 30.30 -0.54
N TRP B 592 -5.93 31.15 -1.58
CA TRP B 592 -6.43 30.81 -2.91
C TRP B 592 -5.58 29.69 -3.54
N VAL B 593 -4.25 29.89 -3.60
CA VAL B 593 -3.30 28.92 -4.23
C VAL B 593 -3.39 27.52 -3.58
N GLU B 594 -3.34 27.48 -2.24
CA GLU B 594 -3.44 26.24 -1.44
C GLU B 594 -4.75 25.48 -1.74
N LEU B 595 -5.87 26.24 -1.76
CA LEU B 595 -7.21 25.68 -2.00
C LEU B 595 -7.31 25.08 -3.41
N LEU B 596 -6.92 25.88 -4.42
CA LEU B 596 -7.06 25.52 -5.85
C LEU B 596 -6.14 24.33 -6.20
N LEU B 597 -5.00 24.26 -5.50
CA LEU B 597 -4.04 23.16 -5.66
C LEU B 597 -4.59 21.85 -5.12
N ASP B 598 -5.08 21.90 -3.87
CA ASP B 598 -5.68 20.73 -3.20
C ASP B 598 -7.04 20.37 -3.84
N GLN B 599 -7.65 21.32 -4.55
CA GLN B 599 -8.89 21.09 -5.31
C GLN B 599 -8.58 20.21 -6.54
N ALA B 600 -7.46 20.57 -7.21
CA ALA B 600 -6.95 19.87 -8.40
C ALA B 600 -6.38 18.48 -8.04
N LEU B 601 -5.62 18.44 -6.93
CA LEU B 601 -4.94 17.23 -6.43
C LEU B 601 -6.01 16.16 -6.07
N LEU B 602 -7.07 16.66 -5.41
CA LEU B 602 -8.25 15.87 -5.03
C LEU B 602 -8.95 15.28 -6.28
N ALA B 603 -8.90 16.03 -7.41
CA ALA B 603 -9.53 15.61 -8.69
C ALA B 603 -8.79 14.42 -9.32
N GLU B 604 -7.46 14.34 -9.06
CA GLU B 604 -6.57 13.36 -9.72
C GLU B 604 -6.44 12.08 -8.86
N ARG B 605 -6.45 12.26 -7.55
CA ARG B 605 -6.06 11.21 -6.58
C ARG B 605 -7.25 10.75 -5.75
N GLY B 606 -8.22 11.65 -5.53
CA GLY B 606 -9.26 11.43 -4.54
C GLY B 606 -8.74 11.55 -3.11
N THR B 607 -7.46 11.96 -2.97
CA THR B 607 -6.74 12.05 -1.69
C THR B 607 -5.92 13.33 -1.63
N LEU B 608 -5.65 13.78 -0.40
CA LEU B 608 -4.80 14.94 -0.11
C LEU B 608 -3.76 14.56 0.96
N GLU B 609 -2.52 15.06 0.77
CA GLU B 609 -1.41 14.89 1.73
C GLU B 609 -1.77 15.47 3.11
N ASP B 610 -2.17 16.75 3.11
CA ASP B 610 -2.71 17.43 4.29
C ASP B 610 -4.08 18.05 3.94
N PRO B 611 -5.21 17.27 4.12
CA PRO B 611 -6.60 17.75 3.87
C PRO B 611 -6.99 18.87 4.86
N ASN B 612 -6.24 18.91 5.97
CA ASN B 612 -6.42 19.88 7.08
C ASN B 612 -6.36 21.31 6.54
N LEU B 613 -5.39 21.52 5.64
CA LEU B 613 -5.18 22.78 4.92
C LEU B 613 -6.43 23.14 4.08
N PHE B 614 -6.79 22.26 3.12
CA PHE B 614 -7.92 22.50 2.18
C PHE B 614 -9.24 22.82 2.90
N ILE B 615 -9.53 22.06 3.98
CA ILE B 615 -10.74 22.22 4.79
C ILE B 615 -10.75 23.62 5.47
N ARG B 616 -9.57 24.02 6.00
CA ARG B 616 -9.38 25.35 6.62
C ARG B 616 -9.66 26.48 5.60
N ARG B 617 -9.16 26.29 4.36
CA ARG B 617 -9.30 27.27 3.25
C ARG B 617 -10.78 27.39 2.83
N MET B 618 -11.43 26.22 2.70
CA MET B 618 -12.81 26.09 2.17
C MET B 618 -13.82 26.74 3.13
N ASN B 619 -13.86 26.24 4.37
CA ASN B 619 -14.82 26.70 5.42
C ASN B 619 -14.63 28.19 5.75
N GLN B 620 -13.42 28.72 5.49
CA GLN B 620 -13.14 30.15 5.62
C GLN B 620 -13.90 30.92 4.51
N LEU B 621 -13.71 30.50 3.25
CA LEU B 621 -14.37 31.16 2.08
C LEU B 621 -15.90 30.93 2.08
N LEU B 622 -16.39 29.92 2.84
CA LEU B 622 -17.84 29.64 2.98
C LEU B 622 -18.51 30.63 3.96
N VAL B 623 -17.76 31.07 4.99
CA VAL B 623 -18.27 32.09 5.96
C VAL B 623 -17.95 33.53 5.46
N SER B 624 -16.96 33.65 4.56
CA SER B 624 -16.54 34.94 3.98
C SER B 624 -17.40 35.29 2.74
N MET C 1 -18.32 26.67 29.25
CA MET C 1 -17.04 27.07 28.63
C MET C 1 -17.08 26.70 27.13
N ALA C 2 -17.06 25.37 26.84
CA ALA C 2 -17.12 24.84 25.46
C ALA C 2 -17.17 23.29 25.49
N THR C 3 -17.43 22.68 24.32
CA THR C 3 -17.29 21.23 24.15
C THR C 3 -15.79 20.87 24.14
N SER C 4 -15.30 20.38 25.32
CA SER C 4 -13.87 20.15 25.64
C SER C 4 -13.12 21.50 25.80
N THR C 5 -12.57 21.73 27.01
CA THR C 5 -11.79 22.95 27.33
C THR C 5 -10.52 23.05 26.46
N LEU C 6 -9.93 21.89 26.15
CA LEU C 6 -8.81 21.76 25.22
C LEU C 6 -9.31 21.13 23.92
N ILE C 7 -9.24 21.91 22.82
CA ILE C 7 -9.70 21.49 21.48
C ILE C 7 -8.77 20.44 20.83
N LYS C 8 -9.30 19.79 19.77
CA LYS C 8 -8.53 18.83 18.96
C LYS C 8 -7.53 19.61 18.08
N ALA C 9 -8.09 20.32 17.06
CA ALA C 9 -7.30 21.10 16.08
C ALA C 9 -6.29 20.18 15.35
N ILE C 10 -5.21 20.80 14.82
CA ILE C 10 -4.00 20.11 14.32
C ILE C 10 -4.29 19.30 13.03
N ASP C 11 -4.94 18.14 13.20
CA ASP C 11 -5.39 17.29 12.10
C ASP C 11 -6.92 17.38 11.98
N GLY C 12 -7.64 16.76 12.93
CA GLY C 12 -9.11 16.74 12.92
C GLY C 12 -9.67 16.18 14.22
N ASP C 13 -9.60 14.84 14.38
CA ASP C 13 -10.07 14.14 15.61
C ASP C 13 -9.42 12.73 15.64
N THR C 14 -9.36 12.16 16.86
CA THR C 14 -8.66 10.89 17.18
C THR C 14 -7.16 10.96 16.81
N VAL C 15 -6.81 10.68 15.53
CA VAL C 15 -5.44 10.76 14.97
C VAL C 15 -4.46 9.74 15.62
N LYS C 16 -3.61 9.07 14.80
CA LYS C 16 -2.54 8.17 15.29
C LYS C 16 -1.21 8.94 15.43
N LEU C 17 -0.28 8.36 16.23
CA LEU C 17 1.07 8.92 16.47
C LEU C 17 1.84 9.03 15.14
N MET C 18 1.70 10.21 14.49
CA MET C 18 2.21 10.55 13.15
C MET C 18 1.61 9.61 12.08
N TYR C 19 2.18 8.40 11.96
CA TYR C 19 1.69 7.35 11.05
C TYR C 19 2.35 6.00 11.40
N LYS C 20 3.65 6.09 11.74
CA LYS C 20 4.53 4.97 12.11
C LYS C 20 5.01 4.19 10.87
N GLY C 21 6.31 4.32 10.57
CA GLY C 21 6.97 3.59 9.49
C GLY C 21 7.85 2.49 10.05
N GLN C 22 9.14 2.83 10.28
CA GLN C 22 10.15 1.85 10.73
C GLN C 22 10.81 2.32 12.05
N PRO C 23 10.96 1.39 13.07
CA PRO C 23 11.67 1.69 14.35
C PRO C 23 13.15 2.16 14.16
N MET C 24 13.79 1.67 13.07
CA MET C 24 15.20 1.99 12.65
C MET C 24 16.24 1.87 13.81
N THR C 25 15.98 0.92 14.73
CA THR C 25 16.81 0.71 15.94
C THR C 25 17.28 -0.75 16.08
N PHE C 26 18.46 -0.91 16.72
CA PHE C 26 19.01 -2.21 17.14
C PHE C 26 19.00 -2.29 18.68
N ARG C 27 19.70 -1.33 19.34
CA ARG C 27 19.90 -1.25 20.80
C ARG C 27 20.88 -0.07 21.11
N LEU C 28 21.10 0.20 22.42
CA LEU C 28 22.14 1.11 22.95
C LEU C 28 21.70 2.58 22.87
N LEU C 29 21.38 3.13 24.04
CA LEU C 29 21.39 4.58 24.33
C LEU C 29 21.47 4.78 25.84
N LEU C 30 22.16 5.87 26.23
CA LEU C 30 22.41 6.26 27.64
C LEU C 30 23.05 5.14 28.47
N VAL C 31 23.90 4.37 27.76
CA VAL C 31 24.80 3.32 28.30
C VAL C 31 24.04 2.14 28.98
N ASP C 32 24.34 0.93 28.48
CA ASP C 32 23.80 -0.33 29.00
C ASP C 32 24.68 -1.47 28.40
N THR C 33 24.07 -2.47 27.74
CA THR C 33 24.77 -3.59 27.07
C THR C 33 23.96 -3.98 25.81
N PRO C 34 24.63 -4.22 24.64
CA PRO C 34 23.94 -4.60 23.37
C PRO C 34 23.36 -6.03 23.43
N GLU C 35 22.17 -6.15 24.05
CA GLU C 35 21.50 -7.44 24.28
C GLU C 35 20.97 -8.02 22.94
N THR C 36 21.21 -9.32 22.73
CA THR C 36 20.82 -10.06 21.51
C THR C 36 19.76 -11.13 21.89
N LYS C 37 18.59 -11.07 21.25
CA LYS C 37 17.48 -12.02 21.50
C LYS C 37 17.41 -13.07 20.39
N HIS C 38 16.74 -14.19 20.70
CA HIS C 38 16.53 -15.32 19.76
C HIS C 38 15.03 -15.65 19.67
N PRO C 39 14.36 -15.37 18.51
CA PRO C 39 12.99 -15.83 18.24
C PRO C 39 12.97 -17.26 17.64
N LYS C 40 11.76 -17.83 17.57
CA LYS C 40 11.50 -19.16 16.99
C LYS C 40 9.99 -19.32 16.76
N LYS C 41 9.62 -20.11 15.74
CA LYS C 41 8.22 -20.48 15.48
C LYS C 41 8.13 -22.01 15.25
N GLY C 42 7.04 -22.61 15.72
CA GLY C 42 6.76 -24.03 15.50
C GLY C 42 6.11 -24.30 14.14
N VAL C 43 6.06 -25.58 13.75
CA VAL C 43 5.38 -26.03 12.52
C VAL C 43 4.60 -27.34 12.78
N GLU C 44 3.90 -27.79 11.74
CA GLU C 44 3.16 -29.06 11.72
C GLU C 44 3.20 -29.63 10.29
N LYS C 45 3.36 -30.94 10.20
CA LYS C 45 3.50 -31.68 8.92
C LYS C 45 2.21 -32.50 8.69
N TYR C 46 1.88 -32.75 7.42
CA TYR C 46 0.71 -33.57 7.03
C TYR C 46 1.00 -34.29 5.69
N GLY C 47 0.37 -35.44 5.48
CA GLY C 47 0.57 -36.25 4.26
C GLY C 47 -0.73 -36.83 3.73
N PRO C 48 -1.11 -36.59 2.43
CA PRO C 48 -2.34 -37.17 1.83
C PRO C 48 -2.16 -38.63 1.37
N GLU C 49 -3.27 -39.31 1.08
CA GLU C 49 -3.28 -40.69 0.56
C GLU C 49 -4.44 -40.83 -0.45
N ALA C 50 -4.14 -41.49 -1.59
CA ALA C 50 -5.11 -41.69 -2.70
C ALA C 50 -5.02 -43.13 -3.26
N SER C 51 -6.02 -43.48 -4.08
CA SER C 51 -6.14 -44.80 -4.74
C SER C 51 -7.12 -44.70 -5.93
N ALA C 52 -7.14 -45.74 -6.78
CA ALA C 52 -8.02 -45.82 -7.96
C ALA C 52 -8.35 -47.29 -8.27
N PHE C 53 -9.43 -47.50 -9.04
CA PHE C 53 -9.86 -48.83 -9.52
C PHE C 53 -9.49 -48.95 -11.00
N THR C 54 -8.40 -49.69 -11.28
CA THR C 54 -7.91 -49.90 -12.64
C THR C 54 -8.86 -50.81 -13.42
N LYS C 55 -9.92 -50.18 -13.99
CA LYS C 55 -10.90 -50.85 -14.84
C LYS C 55 -10.87 -50.22 -16.23
N LYS C 56 -10.54 -51.06 -17.22
CA LYS C 56 -10.53 -50.69 -18.64
C LYS C 56 -11.94 -50.34 -19.14
N MET C 57 -11.99 -49.47 -20.16
CA MET C 57 -13.24 -49.05 -20.80
C MET C 57 -13.86 -50.19 -21.63
N VAL C 58 -15.16 -50.06 -21.91
CA VAL C 58 -15.91 -51.00 -22.76
C VAL C 58 -15.72 -50.67 -24.26
N GLU C 59 -16.36 -51.48 -25.12
CA GLU C 59 -16.38 -51.25 -26.58
C GLU C 59 -17.44 -50.17 -26.94
N ASN C 60 -17.16 -49.42 -28.02
CA ASN C 60 -18.11 -48.43 -28.60
C ASN C 60 -17.72 -48.16 -30.08
N ALA C 61 -18.73 -48.22 -30.98
CA ALA C 61 -18.53 -48.05 -32.43
C ALA C 61 -19.86 -47.71 -33.13
N LYS C 62 -20.09 -46.42 -33.44
CA LYS C 62 -21.28 -45.95 -34.20
C LYS C 62 -20.90 -44.73 -35.06
N LYS C 63 -21.89 -44.25 -35.85
CA LYS C 63 -21.71 -43.17 -36.85
C LYS C 63 -21.51 -41.80 -36.19
N ILE C 64 -20.57 -41.02 -36.75
CA ILE C 64 -20.25 -39.65 -36.32
C ILE C 64 -20.52 -38.66 -37.48
N GLU C 65 -20.16 -37.37 -37.30
CA GLU C 65 -20.33 -36.33 -38.35
C GLU C 65 -19.13 -35.38 -38.37
N VAL C 66 -19.06 -34.56 -39.44
CA VAL C 66 -18.05 -33.51 -39.59
C VAL C 66 -18.59 -32.21 -38.95
N GLU C 67 -18.39 -32.06 -37.62
CA GLU C 67 -18.69 -30.81 -36.92
C GLU C 67 -17.92 -30.77 -35.58
N PHE C 68 -16.58 -30.79 -35.69
CA PHE C 68 -15.70 -30.70 -34.54
C PHE C 68 -14.29 -30.30 -35.01
N ASP C 69 -14.08 -28.98 -35.14
CA ASP C 69 -12.78 -28.39 -35.55
C ASP C 69 -11.93 -28.00 -34.32
N LYS C 70 -12.58 -27.99 -33.15
CA LYS C 70 -11.99 -27.44 -31.91
C LYS C 70 -11.18 -28.51 -31.17
N GLY C 71 -10.21 -28.07 -30.37
CA GLY C 71 -9.33 -28.96 -29.62
C GLY C 71 -8.54 -28.20 -28.57
N GLN C 72 -7.25 -28.55 -28.42
CA GLN C 72 -6.30 -27.92 -27.47
C GLN C 72 -6.65 -28.24 -26.00
N ARG C 73 -5.60 -28.27 -25.17
CA ARG C 73 -5.67 -28.36 -23.70
C ARG C 73 -4.27 -28.09 -23.13
N THR C 74 -4.19 -27.46 -21.96
CA THR C 74 -2.90 -27.21 -21.29
C THR C 74 -3.12 -27.29 -19.77
N ASP C 75 -3.60 -26.19 -19.17
CA ASP C 75 -3.90 -26.10 -17.73
C ASP C 75 -4.81 -24.90 -17.45
N LYS C 76 -5.66 -25.07 -16.45
CA LYS C 76 -6.73 -24.13 -16.12
C LYS C 76 -6.57 -23.65 -14.66
N TYR C 77 -5.97 -22.44 -14.51
CA TYR C 77 -5.77 -21.79 -13.20
C TYR C 77 -7.09 -21.16 -12.74
N GLY C 78 -7.48 -20.11 -13.46
CA GLY C 78 -8.74 -19.39 -13.28
C GLY C 78 -9.04 -18.52 -14.50
N ARG C 79 -8.41 -18.90 -15.63
CA ARG C 79 -8.47 -18.19 -16.91
C ARG C 79 -8.06 -19.17 -18.05
N GLY C 80 -8.74 -19.05 -19.21
CA GLY C 80 -8.55 -19.93 -20.36
C GLY C 80 -9.86 -20.53 -20.89
N LEU C 81 -10.40 -19.92 -21.97
CA LEU C 81 -11.52 -20.49 -22.79
C LEU C 81 -11.04 -21.81 -23.44
N ALA C 82 -9.90 -21.70 -24.13
CA ALA C 82 -9.24 -22.84 -24.80
C ALA C 82 -8.15 -23.44 -23.86
N TYR C 83 -8.45 -23.39 -22.54
CA TYR C 83 -7.82 -24.21 -21.46
C TYR C 83 -6.39 -23.75 -21.12
N ILE C 84 -6.13 -22.44 -21.35
CA ILE C 84 -4.89 -21.74 -20.93
C ILE C 84 -4.99 -20.25 -21.36
N TYR C 85 -4.08 -19.40 -20.87
CA TYR C 85 -3.77 -18.07 -21.45
C TYR C 85 -4.87 -17.00 -21.20
N ALA C 86 -4.45 -15.90 -20.56
CA ALA C 86 -5.21 -14.65 -20.43
C ALA C 86 -4.32 -13.62 -19.72
N ASP C 87 -3.04 -13.58 -20.16
CA ASP C 87 -1.96 -12.79 -19.53
C ASP C 87 -0.83 -12.56 -20.55
N GLY C 88 -0.14 -11.41 -20.44
CA GLY C 88 1.00 -11.09 -21.31
C GLY C 88 0.94 -9.65 -21.80
N LYS C 89 0.98 -9.47 -23.14
CA LYS C 89 0.89 -8.14 -23.80
C LYS C 89 -0.40 -7.42 -23.38
N MET C 90 -1.48 -8.21 -23.42
CA MET C 90 -2.85 -7.73 -23.25
C MET C 90 -3.05 -6.93 -21.94
N VAL C 91 -2.37 -7.38 -20.87
CA VAL C 91 -2.52 -6.78 -19.54
C VAL C 91 -1.54 -5.61 -19.38
N ASN C 92 -1.98 -4.59 -18.60
CA ASN C 92 -1.21 -3.34 -18.28
C ASN C 92 -1.27 -2.30 -19.42
N GLU C 93 -1.10 -2.73 -20.70
CA GLU C 93 -1.08 -1.82 -21.87
C GLU C 93 -2.39 -1.02 -22.03
N ALA C 94 -2.30 0.31 -21.90
CA ALA C 94 -3.42 1.23 -22.08
C ALA C 94 -3.81 1.33 -23.56
N LEU C 95 -5.12 1.31 -23.84
CA LEU C 95 -5.66 1.43 -25.20
C LEU C 95 -5.84 2.92 -25.52
N VAL C 96 -4.74 3.57 -25.95
CA VAL C 96 -4.71 5.02 -26.25
C VAL C 96 -3.81 5.28 -27.49
N ARG C 97 -4.47 5.53 -28.64
CA ARG C 97 -3.80 5.80 -29.94
C ARG C 97 -4.64 6.81 -30.75
N GLN C 98 -4.00 7.42 -31.78
CA GLN C 98 -4.64 8.39 -32.70
C GLN C 98 -5.12 9.67 -31.98
N GLY C 99 -6.36 9.64 -31.43
CA GLY C 99 -6.99 10.80 -30.81
C GLY C 99 -8.50 10.73 -30.95
N LEU C 100 -9.16 11.89 -31.17
CA LEU C 100 -10.62 11.96 -31.45
C LEU C 100 -10.84 12.01 -32.98
N ALA C 101 -11.92 11.35 -33.44
CA ALA C 101 -12.34 11.32 -34.84
C ALA C 101 -12.79 12.71 -35.30
N LYS C 102 -12.78 12.93 -36.62
CA LYS C 102 -13.15 14.20 -37.24
C LYS C 102 -14.69 14.34 -37.27
N VAL C 103 -15.28 14.61 -36.09
CA VAL C 103 -16.70 14.87 -35.93
C VAL C 103 -16.99 16.29 -36.43
N ALA C 104 -17.88 16.40 -37.42
CA ALA C 104 -18.23 17.69 -38.04
C ALA C 104 -18.87 18.64 -37.02
N TYR C 105 -18.43 19.92 -37.06
CA TYR C 105 -19.01 21.00 -36.22
C TYR C 105 -20.51 21.18 -36.51
N VAL C 106 -20.92 20.89 -37.76
CA VAL C 106 -22.33 20.69 -38.11
C VAL C 106 -22.70 19.24 -37.72
N TYR C 107 -23.51 19.07 -36.68
CA TYR C 107 -23.98 17.76 -36.21
C TYR C 107 -25.47 17.84 -35.83
N LYS C 108 -26.13 16.69 -35.82
CA LYS C 108 -27.50 16.55 -35.30
C LYS C 108 -27.77 15.05 -35.05
N PRO C 109 -27.12 14.45 -34.01
CA PRO C 109 -27.26 13.02 -33.70
C PRO C 109 -28.46 12.74 -32.77
N ASN C 110 -29.57 12.27 -33.36
CA ASN C 110 -30.82 11.96 -32.61
C ASN C 110 -31.56 10.76 -33.26
N ASN C 111 -30.91 10.17 -34.29
CA ASN C 111 -31.39 9.00 -35.05
C ASN C 111 -31.08 7.69 -34.28
N THR C 112 -32.04 7.24 -33.46
CA THR C 112 -31.85 6.01 -32.64
C THR C 112 -33.20 5.32 -32.30
N HIS C 113 -34.34 5.94 -32.69
CA HIS C 113 -35.69 5.41 -32.38
C HIS C 113 -35.96 4.10 -33.16
N GLU C 114 -35.91 2.98 -32.44
CA GLU C 114 -36.19 1.63 -32.97
C GLU C 114 -36.58 0.71 -31.80
N GLN C 115 -37.82 0.18 -31.82
CA GLN C 115 -38.26 -0.83 -30.85
C GLN C 115 -39.30 -1.73 -31.52
N HIS C 116 -38.84 -2.90 -32.01
CA HIS C 116 -39.72 -3.92 -32.61
C HIS C 116 -39.15 -5.31 -32.28
N LEU C 117 -39.82 -6.02 -31.34
CA LEU C 117 -39.34 -7.32 -30.83
C LEU C 117 -39.78 -8.47 -31.76
N ARG C 118 -38.78 -9.24 -32.23
CA ARG C 118 -38.97 -10.51 -32.97
C ARG C 118 -38.14 -11.61 -32.28
N LYS C 119 -38.60 -12.87 -32.38
CA LYS C 119 -38.00 -14.02 -31.65
C LYS C 119 -37.82 -15.24 -32.59
N SER C 120 -36.80 -16.04 -32.31
CA SER C 120 -36.44 -17.25 -33.07
C SER C 120 -35.77 -18.27 -32.12
N GLU C 121 -36.61 -19.12 -31.50
CA GLU C 121 -36.19 -20.04 -30.42
C GLU C 121 -35.34 -21.19 -31.00
N ALA C 122 -34.01 -21.07 -30.82
CA ALA C 122 -33.01 -22.12 -31.11
C ALA C 122 -32.87 -22.45 -32.61
N GLN C 123 -31.92 -23.33 -32.92
CA GLN C 123 -31.78 -23.94 -34.24
C GLN C 123 -31.14 -25.33 -34.04
N ALA C 124 -31.89 -26.39 -34.42
CA ALA C 124 -31.42 -27.79 -34.33
C ALA C 124 -30.44 -28.07 -35.46
N LYS C 125 -29.18 -27.64 -35.26
CA LYS C 125 -28.11 -27.74 -36.27
C LYS C 125 -27.35 -29.07 -36.20
N LYS C 126 -27.48 -29.78 -35.03
CA LYS C 126 -26.85 -31.10 -34.75
C LYS C 126 -25.31 -31.00 -34.62
N GLU C 127 -24.74 -31.79 -33.69
CA GLU C 127 -23.31 -31.70 -33.36
C GLU C 127 -22.81 -32.99 -32.67
N LYS C 128 -22.08 -33.82 -33.44
CA LYS C 128 -21.32 -34.98 -32.94
C LYS C 128 -19.84 -34.74 -33.25
N LEU C 129 -18.97 -35.49 -32.56
CA LEU C 129 -17.51 -35.41 -32.74
C LEU C 129 -17.08 -35.88 -34.17
N ASN C 130 -15.97 -35.32 -34.67
CA ASN C 130 -15.37 -35.71 -35.97
C ASN C 130 -14.01 -36.34 -35.72
N ILE C 131 -13.83 -37.57 -36.20
CA ILE C 131 -12.64 -38.40 -35.92
C ILE C 131 -11.72 -38.56 -37.14
N TRP C 132 -12.02 -37.80 -38.22
CA TRP C 132 -11.25 -37.84 -39.48
C TRP C 132 -11.06 -36.40 -40.02
N MET A 1 10.18 60.59 22.66
CA MET A 1 9.75 59.23 22.30
C MET A 1 10.34 58.85 20.93
N LYS A 2 11.60 58.38 20.94
CA LYS A 2 12.29 57.84 19.74
C LYS A 2 12.47 56.33 19.92
N GLY A 3 11.48 55.54 19.45
CA GLY A 3 11.55 54.08 19.49
C GLY A 3 12.54 53.51 18.47
N GLN A 4 13.00 52.28 18.72
CA GLN A 4 13.93 51.58 17.80
C GLN A 4 13.28 50.25 17.33
N GLU A 5 13.55 49.90 16.06
CA GLU A 5 12.94 48.72 15.39
C GLU A 5 13.82 47.47 15.57
N THR A 6 15.12 47.63 15.25
CA THR A 6 16.15 46.57 15.33
C THR A 6 15.80 45.36 14.42
N ARG A 7 15.97 45.55 13.10
CA ARG A 7 15.80 44.49 12.10
C ARG A 7 17.19 44.04 11.60
N GLY A 8 17.34 42.72 11.42
CA GLY A 8 18.61 42.11 11.04
C GLY A 8 18.43 40.62 10.77
N PHE A 9 17.89 40.31 9.59
CA PHE A 9 17.55 38.93 9.16
C PHE A 9 18.81 38.16 8.67
N GLN A 10 18.70 36.82 8.57
CA GLN A 10 19.82 35.93 8.17
C GLN A 10 19.38 35.01 7.02
N SER A 11 20.19 34.96 5.93
CA SER A 11 19.97 34.04 4.81
C SER A 11 20.71 32.71 5.06
N GLU A 12 20.06 31.83 5.84
CA GLU A 12 20.61 30.52 6.23
C GLU A 12 20.11 29.40 5.29
N VAL A 13 19.54 29.81 4.14
CA VAL A 13 18.89 28.90 3.19
C VAL A 13 19.92 28.31 2.20
N LYS A 14 19.67 27.05 1.74
CA LYS A 14 20.59 26.23 0.90
C LYS A 14 21.91 25.89 1.63
N GLN A 15 22.77 25.09 0.95
CA GLN A 15 24.12 24.77 1.43
C GLN A 15 25.09 25.88 0.97
N LEU A 16 25.36 25.89 -0.36
CA LEU A 16 26.38 26.77 -1.00
C LEU A 16 26.03 28.27 -0.87
N LEU A 17 24.72 28.58 -0.81
CA LEU A 17 24.25 29.96 -0.60
C LEU A 17 24.62 30.43 0.81
N HIS A 18 24.43 29.53 1.81
CA HIS A 18 24.76 29.82 3.22
C HIS A 18 26.28 29.85 3.39
N LEU A 19 26.97 29.11 2.50
CA LEU A 19 28.43 28.95 2.50
C LEU A 19 29.11 30.28 2.12
N MET A 20 28.70 30.84 0.98
CA MET A 20 29.31 32.05 0.38
C MET A 20 29.13 33.31 1.25
N ILE A 21 27.96 33.44 1.87
CA ILE A 21 27.62 34.59 2.72
C ILE A 21 28.48 34.61 4.00
N HIS A 22 28.72 33.42 4.59
CA HIS A 22 29.45 33.29 5.86
C HIS A 22 30.97 33.02 5.64
N SER A 23 31.39 32.72 4.38
CA SER A 23 32.83 32.57 4.02
C SER A 23 33.54 33.94 3.99
N LEU A 24 32.74 35.01 3.96
CA LEU A 24 33.21 36.37 4.19
C LEU A 24 33.67 36.52 5.67
N TYR A 25 32.76 36.12 6.58
CA TYR A 25 32.96 36.14 8.06
C TYR A 25 33.09 37.60 8.60
N SER A 26 32.85 38.59 7.69
CA SER A 26 33.05 40.04 7.93
C SER A 26 34.53 40.39 8.21
N ASN A 27 35.47 39.43 8.01
CA ASN A 27 36.90 39.58 8.41
C ASN A 27 37.85 39.21 7.27
N LYS A 28 37.38 38.33 6.34
CA LYS A 28 38.12 37.86 5.12
C LYS A 28 39.17 36.76 5.48
N GLU A 29 39.97 37.02 6.55
CA GLU A 29 41.09 36.17 7.07
C GLU A 29 40.75 34.68 7.31
N ILE A 30 39.45 34.36 7.32
CA ILE A 30 38.94 32.98 7.43
C ILE A 30 39.42 32.10 6.23
N PHE A 31 39.82 32.76 5.11
CA PHE A 31 40.36 32.06 3.94
C PHE A 31 41.72 31.44 4.26
N LEU A 32 42.55 32.13 5.09
CA LEU A 32 43.88 31.64 5.46
C LEU A 32 43.78 30.33 6.27
N ARG A 33 42.74 30.23 7.13
CA ARG A 33 42.41 28.97 7.84
C ARG A 33 42.23 27.85 6.84
N GLU A 34 41.34 28.12 5.87
CA GLU A 34 40.77 27.12 4.97
C GLU A 34 41.84 26.65 3.96
N LEU A 35 42.69 27.58 3.50
CA LEU A 35 43.83 27.25 2.62
C LEU A 35 44.80 26.27 3.34
N ILE A 36 45.09 26.56 4.62
CA ILE A 36 45.87 25.66 5.47
C ILE A 36 45.08 24.33 5.70
N SER A 37 43.74 24.43 5.79
CA SER A 37 42.86 23.27 6.01
C SER A 37 42.87 22.33 4.78
N ASN A 38 43.09 22.90 3.55
CA ASN A 38 43.30 22.09 2.32
C ASN A 38 44.56 21.24 2.48
N ALA A 39 45.58 21.87 3.07
CA ALA A 39 46.94 21.31 3.21
C ALA A 39 46.98 20.24 4.30
N SER A 40 46.25 20.51 5.40
CA SER A 40 46.20 19.66 6.59
C SER A 40 45.28 18.46 6.35
N ASP A 41 44.31 18.62 5.42
CA ASP A 41 43.38 17.53 5.02
C ASP A 41 44.13 16.56 4.08
N ALA A 42 44.93 17.15 3.17
CA ALA A 42 45.74 16.41 2.16
C ALA A 42 46.86 15.60 2.83
N ALA A 43 47.62 16.27 3.72
CA ALA A 43 48.74 15.65 4.46
C ALA A 43 48.25 14.50 5.37
N ASP A 44 47.02 14.65 5.88
CA ASP A 44 46.37 13.66 6.77
C ASP A 44 46.01 12.38 5.97
N LYS A 45 45.46 12.58 4.76
CA LYS A 45 45.19 11.49 3.79
C LYS A 45 46.49 10.75 3.39
N LEU A 46 47.61 11.49 3.34
CA LEU A 46 48.94 10.92 3.06
C LEU A 46 49.46 10.10 4.24
N ARG A 47 49.05 10.47 5.46
CA ARG A 47 49.40 9.71 6.69
C ARG A 47 48.82 8.29 6.62
N PHE A 48 47.55 8.18 6.15
CA PHE A 48 46.94 6.85 5.91
C PHE A 48 47.72 6.07 4.83
N ARG A 49 47.98 6.74 3.69
CA ARG A 49 48.69 6.14 2.54
C ARG A 49 50.14 5.75 2.92
N ALA A 50 50.69 6.46 3.92
CA ALA A 50 52.04 6.19 4.46
C ALA A 50 52.12 4.80 5.10
N LEU A 51 51.04 4.43 5.81
CA LEU A 51 50.91 3.10 6.42
C LEU A 51 50.80 2.01 5.34
N SER A 52 50.28 2.42 4.17
CA SER A 52 50.02 1.51 3.04
C SER A 52 51.25 1.45 2.11
N ASN A 53 52.17 2.43 2.24
CA ASN A 53 53.39 2.53 1.41
C ASN A 53 54.27 3.70 1.94
N PRO A 54 55.42 3.40 2.65
CA PRO A 54 56.35 4.45 3.18
C PRO A 54 57.04 5.28 2.07
N ASP A 55 57.18 4.69 0.87
CA ASP A 55 57.93 5.29 -0.27
C ASP A 55 57.24 6.52 -0.85
N LEU A 56 55.96 6.75 -0.51
CA LEU A 56 55.19 7.92 -0.97
C LEU A 56 55.77 9.23 -0.37
N TYR A 57 56.58 9.09 0.72
CA TYR A 57 57.34 10.19 1.32
C TYR A 57 58.65 10.48 0.54
N GLU A 58 59.23 9.42 -0.09
CA GLU A 58 60.49 9.53 -0.89
C GLU A 58 61.69 10.02 -0.05
N GLY A 59 61.70 9.64 1.24
CA GLY A 59 62.73 10.08 2.18
C GLY A 59 62.27 11.30 3.00
N ASP A 60 61.46 12.16 2.37
CA ASP A 60 60.93 13.38 3.00
C ASP A 60 59.63 13.04 3.76
N GLY A 61 59.77 12.73 5.07
CA GLY A 61 58.63 12.34 5.91
C GLY A 61 58.06 13.49 6.74
N GLU A 62 58.82 14.61 6.82
CA GLU A 62 58.41 15.81 7.59
C GLU A 62 57.35 16.60 6.80
N LEU A 63 56.07 16.25 7.03
CA LEU A 63 54.93 16.97 6.46
C LEU A 63 54.80 18.35 7.13
N ARG A 64 54.59 19.37 6.30
CA ARG A 64 54.45 20.77 6.72
C ARG A 64 53.82 21.57 5.56
N VAL A 65 53.34 22.78 5.86
CA VAL A 65 52.85 23.73 4.86
C VAL A 65 53.54 25.09 5.08
N ARG A 66 54.19 25.58 4.04
CA ARG A 66 55.04 26.78 4.07
C ARG A 66 54.43 27.92 3.26
N VAL A 67 54.24 29.06 3.93
CA VAL A 67 53.68 30.28 3.34
C VAL A 67 54.83 31.26 3.02
N SER A 68 55.13 31.45 1.73
CA SER A 68 56.17 32.38 1.26
C SER A 68 55.50 33.52 0.51
N PHE A 69 56.08 34.72 0.57
CA PHE A 69 55.49 35.92 -0.03
C PHE A 69 56.56 36.94 -0.41
N ASP A 70 56.15 37.96 -1.18
CA ASP A 70 57.00 39.11 -1.51
C ASP A 70 56.12 40.36 -1.54
N LYS A 71 56.62 41.47 -0.93
CA LYS A 71 55.85 42.72 -0.78
C LYS A 71 55.64 43.46 -2.11
N ASP A 72 56.67 43.50 -2.97
CA ASP A 72 56.60 44.25 -4.25
C ASP A 72 55.66 43.53 -5.24
N LYS A 73 55.88 42.20 -5.41
CA LYS A 73 55.07 41.34 -6.29
C LYS A 73 53.63 41.24 -5.77
N ARG A 74 53.46 41.37 -4.44
CA ARG A 74 52.15 41.26 -3.73
C ARG A 74 51.53 39.86 -3.94
N THR A 75 52.40 38.84 -3.95
CA THR A 75 52.00 37.44 -4.08
C THR A 75 52.14 36.74 -2.72
N LEU A 76 51.06 36.06 -2.30
CA LEU A 76 51.02 35.22 -1.10
C LEU A 76 50.90 33.76 -1.56
N THR A 77 51.92 32.94 -1.29
CA THR A 77 52.03 31.55 -1.78
C THR A 77 52.00 30.57 -0.60
N ILE A 78 50.96 29.72 -0.54
CA ILE A 78 50.81 28.69 0.50
C ILE A 78 51.05 27.32 -0.17
N SER A 79 52.13 26.62 0.24
CA SER A 79 52.61 25.40 -0.42
C SER A 79 52.89 24.28 0.59
N ASP A 80 52.10 23.19 0.54
CA ASP A 80 52.28 21.97 1.38
C ASP A 80 53.05 20.90 0.60
N ASN A 81 53.63 19.95 1.35
CA ASN A 81 54.24 18.73 0.78
C ASN A 81 53.38 17.49 1.12
N GLY A 82 52.05 17.68 1.28
CA GLY A 82 51.12 16.61 1.67
C GLY A 82 50.89 15.58 0.56
N VAL A 83 49.67 14.99 0.49
CA VAL A 83 49.31 14.07 -0.63
C VAL A 83 49.11 14.88 -1.93
N GLY A 84 49.12 16.23 -1.79
CA GLY A 84 48.88 17.12 -2.90
C GLY A 84 47.45 17.01 -3.38
N MET A 85 47.27 17.04 -4.69
CA MET A 85 45.99 16.90 -5.35
C MET A 85 46.25 16.13 -6.67
N THR A 86 45.55 15.00 -6.88
CA THR A 86 45.62 14.25 -8.15
C THR A 86 44.84 15.01 -9.24
N ARG A 87 44.89 14.51 -10.50
CA ARG A 87 44.07 15.07 -11.62
C ARG A 87 42.60 15.06 -11.23
N ASP A 88 42.20 13.91 -10.67
CA ASP A 88 40.84 13.63 -10.20
C ASP A 88 40.46 14.64 -9.11
N GLU A 89 41.33 14.77 -8.09
CA GLU A 89 41.10 15.61 -6.90
C GLU A 89 40.89 17.07 -7.33
N VAL A 90 41.81 17.62 -8.17
CA VAL A 90 41.77 19.02 -8.63
C VAL A 90 40.44 19.33 -9.33
N ILE A 91 39.96 18.40 -10.18
CA ILE A 91 38.66 18.54 -10.87
C ILE A 91 37.53 18.58 -9.84
N ASP A 92 37.38 17.48 -9.05
CA ASP A 92 36.27 17.30 -8.06
C ASP A 92 36.30 18.35 -6.93
N HIS A 93 37.45 19.03 -6.77
CA HIS A 93 37.64 20.07 -5.76
C HIS A 93 37.48 21.45 -6.45
N LEU A 94 38.60 21.98 -6.97
CA LEU A 94 38.68 23.37 -7.46
C LEU A 94 37.82 23.55 -8.71
N GLY A 95 38.00 22.61 -9.66
CA GLY A 95 37.34 22.63 -10.95
C GLY A 95 35.83 22.67 -10.86
N THR A 96 35.24 21.93 -9.90
CA THR A 96 33.79 21.81 -9.75
C THR A 96 33.20 22.96 -8.92
N ILE A 97 34.07 23.71 -8.20
CA ILE A 97 33.64 24.95 -7.55
C ILE A 97 33.74 26.12 -8.57
N ALA A 98 34.50 25.89 -9.67
CA ALA A 98 34.59 26.82 -10.82
C ALA A 98 33.61 26.37 -11.95
N LYS A 99 34.08 25.54 -12.92
CA LYS A 99 33.26 25.04 -14.04
C LYS A 99 33.14 23.49 -14.02
N SER A 100 31.90 22.98 -13.95
CA SER A 100 31.62 21.54 -14.07
C SER A 100 30.12 21.34 -14.36
N GLY A 101 29.30 21.44 -13.32
CA GLY A 101 27.86 21.23 -13.43
C GLY A 101 27.36 20.22 -12.42
N THR A 102 27.80 20.35 -11.15
CA THR A 102 27.45 19.41 -10.05
C THR A 102 25.96 19.48 -9.70
N LYS A 103 25.34 20.63 -10.06
CA LYS A 103 23.90 20.92 -9.90
C LYS A 103 23.52 20.98 -8.40
N SER A 104 23.30 19.80 -7.79
CA SER A 104 22.92 19.65 -6.38
C SER A 104 23.50 18.31 -5.85
N PHE A 105 23.16 17.21 -6.55
CA PHE A 105 23.65 15.85 -6.22
C PHE A 105 24.29 15.23 -7.49
N LEU A 106 23.65 15.53 -8.65
CA LEU A 106 24.11 15.17 -10.03
C LEU A 106 23.00 15.60 -11.02
N GLU A 107 23.39 15.98 -12.25
CA GLU A 107 22.45 16.48 -13.29
C GLU A 107 21.89 15.35 -14.20
N SER A 108 22.15 14.07 -13.83
CA SER A 108 21.73 12.90 -14.65
C SER A 108 21.12 11.76 -13.78
N LEU A 109 21.98 11.04 -13.02
CA LEU A 109 21.56 9.83 -12.24
C LEU A 109 21.17 10.21 -10.79
N GLY A 110 21.89 11.18 -10.20
CA GLY A 110 21.74 11.51 -8.78
C GLY A 110 22.67 10.66 -7.90
N SER A 111 23.94 10.53 -8.32
CA SER A 111 24.90 9.62 -7.67
C SER A 111 26.37 10.10 -7.86
N ASP A 112 26.83 10.16 -9.13
CA ASP A 112 28.26 10.41 -9.50
C ASP A 112 28.87 11.64 -8.78
N GLN A 113 28.29 12.82 -9.03
CA GLN A 113 28.81 14.12 -8.48
C GLN A 113 28.30 14.41 -7.05
N ALA A 114 27.95 13.36 -6.29
CA ALA A 114 27.56 13.49 -4.86
C ALA A 114 28.80 13.58 -3.95
N LYS A 115 30.00 13.26 -4.49
CA LYS A 115 31.27 13.35 -3.70
C LYS A 115 31.95 14.72 -3.93
N ASP A 116 31.13 15.72 -4.22
CA ASP A 116 31.56 17.10 -4.44
C ASP A 116 31.02 17.97 -3.31
N SER A 117 29.89 17.56 -2.73
CA SER A 117 29.19 18.30 -1.66
C SER A 117 30.01 18.33 -0.35
N GLN A 118 30.73 17.22 -0.04
CA GLN A 118 31.69 17.16 1.09
C GLN A 118 32.87 18.13 0.87
N LEU A 119 33.33 18.17 -0.39
CA LEU A 119 34.50 18.97 -0.78
C LEU A 119 34.15 20.47 -0.80
N ILE A 120 32.94 20.79 -1.26
CA ILE A 120 32.45 22.19 -1.31
C ILE A 120 32.19 22.70 0.12
N GLY A 121 31.73 21.78 1.02
CA GLY A 121 31.44 22.11 2.42
C GLY A 121 32.64 22.73 3.18
N GLN A 122 33.86 22.26 2.84
CA GLN A 122 35.11 22.79 3.42
C GLN A 122 35.76 23.77 2.43
N PHE A 123 36.16 23.23 1.28
CA PHE A 123 37.04 23.90 0.30
C PHE A 123 36.35 25.04 -0.48
N GLY A 124 35.01 25.03 -0.47
CA GLY A 124 34.20 26.09 -1.12
C GLY A 124 34.27 27.40 -0.36
N VAL A 125 34.48 27.31 0.97
CA VAL A 125 34.68 28.48 1.85
C VAL A 125 35.90 29.28 1.38
N GLY A 126 37.06 28.58 1.32
CA GLY A 126 38.35 29.19 1.03
C GLY A 126 38.50 29.63 -0.41
N PHE A 127 37.83 28.93 -1.35
CA PHE A 127 37.81 29.32 -2.78
C PHE A 127 37.24 30.74 -2.94
N TYR A 128 36.01 30.91 -2.42
CA TYR A 128 35.24 32.15 -2.52
C TYR A 128 35.99 33.33 -1.85
N SER A 129 36.33 33.13 -0.56
CA SER A 129 36.94 34.16 0.29
C SER A 129 38.35 34.58 -0.20
N ALA A 130 39.10 33.60 -0.77
CA ALA A 130 40.42 33.84 -1.39
C ALA A 130 40.28 34.83 -2.55
N PHE A 131 39.33 34.57 -3.46
CA PHE A 131 39.10 35.42 -4.65
C PHE A 131 38.51 36.80 -4.29
N ILE A 132 38.06 37.00 -3.04
CA ILE A 132 37.64 38.33 -2.56
C ILE A 132 38.87 39.27 -2.45
N VAL A 133 39.98 38.71 -1.94
CA VAL A 133 41.21 39.47 -1.63
C VAL A 133 42.35 39.20 -2.65
N ALA A 134 42.19 38.14 -3.46
CA ALA A 134 43.19 37.71 -4.44
C ALA A 134 42.59 37.79 -5.85
N ASP A 135 43.36 38.37 -6.78
CA ASP A 135 42.95 38.55 -8.17
C ASP A 135 43.05 37.22 -8.93
N LYS A 136 44.23 36.60 -8.84
CA LYS A 136 44.54 35.34 -9.53
C LYS A 136 45.05 34.31 -8.52
N VAL A 137 44.38 33.15 -8.47
CA VAL A 137 44.84 32.00 -7.68
C VAL A 137 45.38 30.94 -8.66
N THR A 138 46.70 30.77 -8.66
CA THR A 138 47.42 29.80 -9.48
C THR A 138 47.82 28.60 -8.62
N VAL A 139 47.20 27.45 -8.87
CA VAL A 139 47.51 26.20 -8.19
C VAL A 139 48.39 25.32 -9.11
N ARG A 140 49.46 24.82 -8.54
CA ARG A 140 50.40 23.90 -9.16
C ARG A 140 50.70 22.80 -8.15
N THR A 141 50.02 21.68 -8.31
CA THR A 141 50.12 20.53 -7.38
C THR A 141 50.86 19.37 -8.06
N ARG A 142 51.19 18.37 -7.25
CA ARG A 142 51.75 17.10 -7.68
C ARG A 142 51.54 16.12 -6.54
N ALA A 143 50.77 15.05 -6.80
CA ALA A 143 50.37 14.09 -5.78
C ALA A 143 51.57 13.28 -5.23
N ALA A 144 51.50 12.97 -3.93
CA ALA A 144 52.54 12.22 -3.23
C ALA A 144 52.60 10.77 -3.72
N GLY A 145 53.79 10.33 -4.11
CA GLY A 145 53.98 8.99 -4.67
C GLY A 145 53.96 9.01 -6.19
N GLU A 146 53.07 9.84 -6.76
CA GLU A 146 53.05 10.12 -8.20
C GLU A 146 54.34 10.82 -8.62
N LYS A 147 54.85 10.45 -9.80
CA LYS A 147 56.02 11.10 -10.41
C LYS A 147 55.72 12.59 -10.70
N PRO A 148 56.76 13.49 -10.69
CA PRO A 148 56.63 14.93 -11.02
C PRO A 148 55.75 15.25 -12.26
N GLU A 149 55.80 14.37 -13.28
CA GLU A 149 55.06 14.55 -14.56
C GLU A 149 53.54 14.32 -14.41
N ASN A 150 53.11 13.67 -13.30
CA ASN A 150 51.67 13.53 -12.95
C ASN A 150 51.21 14.72 -12.08
N GLY A 151 52.01 15.82 -12.08
CA GLY A 151 51.59 17.08 -11.49
C GLY A 151 50.47 17.73 -12.27
N VAL A 152 49.61 18.49 -11.60
CA VAL A 152 48.44 19.13 -12.23
C VAL A 152 48.56 20.66 -12.05
N PHE A 153 48.04 21.38 -13.02
CA PHE A 153 47.98 22.83 -13.05
C PHE A 153 46.50 23.27 -13.05
N TRP A 154 46.24 24.38 -12.37
CA TRP A 154 44.92 25.00 -12.24
C TRP A 154 45.15 26.50 -12.07
N GLU A 155 44.28 27.34 -12.67
CA GLU A 155 44.41 28.81 -12.58
C GLU A 155 43.09 29.47 -13.02
N SER A 156 42.57 30.39 -12.19
CA SER A 156 41.42 31.24 -12.58
C SER A 156 41.58 32.63 -11.95
N ALA A 157 40.91 33.61 -12.58
CA ALA A 157 40.92 35.02 -12.13
C ALA A 157 39.65 35.34 -11.31
N GLY A 158 38.94 34.29 -10.83
CA GLY A 158 37.68 34.43 -10.08
C GLY A 158 36.45 34.10 -10.92
N GLU A 159 36.67 33.74 -12.18
CA GLU A 159 35.61 33.40 -13.15
C GLU A 159 35.05 31.99 -12.91
N GLY A 160 33.91 31.68 -13.57
CA GLY A 160 33.31 30.34 -13.52
C GLY A 160 33.93 29.40 -14.56
N GLU A 161 35.26 29.39 -14.57
CA GLU A 161 36.10 28.62 -15.50
C GLU A 161 37.54 28.63 -14.99
N TYR A 162 38.36 27.70 -15.49
CA TYR A 162 39.73 27.47 -14.99
C TYR A 162 40.62 26.90 -16.11
N THR A 163 41.92 27.12 -15.96
CA THR A 163 42.93 26.60 -16.86
C THR A 163 43.53 25.34 -16.22
N VAL A 164 43.07 24.15 -16.67
CA VAL A 164 43.59 22.87 -16.17
C VAL A 164 44.57 22.30 -17.21
N ALA A 165 45.70 21.79 -16.72
CA ALA A 165 46.73 21.13 -17.52
C ALA A 165 47.46 20.14 -16.62
N ASP A 166 48.27 19.27 -17.21
CA ASP A 166 49.25 18.47 -16.47
C ASP A 166 50.66 19.00 -16.74
N ILE A 167 51.50 19.07 -15.69
CA ILE A 167 52.85 19.66 -15.75
C ILE A 167 53.83 18.80 -14.94
N THR A 168 55.11 19.15 -15.04
CA THR A 168 56.18 18.59 -14.18
C THR A 168 56.42 19.52 -12.98
N LYS A 169 56.05 19.05 -11.77
CA LYS A 169 56.39 19.70 -10.50
C LYS A 169 57.29 18.75 -9.71
N GLU A 170 58.59 19.09 -9.64
CA GLU A 170 59.65 18.23 -9.06
C GLU A 170 59.38 17.89 -7.58
N ASP A 171 58.98 18.91 -6.80
CA ASP A 171 58.71 18.77 -5.36
C ASP A 171 57.28 18.27 -5.13
N ARG A 172 57.02 17.80 -3.91
CA ARG A 172 55.80 17.07 -3.56
C ARG A 172 54.75 18.02 -2.96
N GLY A 173 53.47 17.67 -3.12
CA GLY A 173 52.36 18.39 -2.49
C GLY A 173 51.75 19.44 -3.40
N THR A 174 51.13 20.46 -2.80
CA THR A 174 50.41 21.51 -3.56
C THR A 174 51.12 22.86 -3.36
N GLU A 175 51.14 23.68 -4.42
CA GLU A 175 51.80 25.01 -4.43
C GLU A 175 50.81 26.05 -4.99
N ILE A 176 50.26 26.90 -4.11
CA ILE A 176 49.20 27.85 -4.49
C ILE A 176 49.70 29.31 -4.35
N THR A 177 49.95 29.96 -5.50
CA THR A 177 50.39 31.38 -5.56
C THR A 177 49.17 32.28 -5.86
N LEU A 178 48.73 33.02 -4.82
CA LEU A 178 47.62 33.98 -4.92
C LEU A 178 48.20 35.38 -5.07
N HIS A 179 48.09 35.98 -6.26
CA HIS A 179 48.43 37.40 -6.43
C HIS A 179 47.29 38.23 -5.84
N LEU A 180 47.55 38.83 -4.67
CA LEU A 180 46.57 39.67 -3.96
C LEU A 180 46.26 40.94 -4.79
N ARG A 181 45.03 41.44 -4.64
CA ARG A 181 44.57 42.66 -5.31
C ARG A 181 45.20 43.88 -4.63
N GLU A 182 45.36 44.97 -5.40
CA GLU A 182 45.89 46.23 -4.89
C GLU A 182 44.95 46.83 -3.85
N GLY A 183 45.54 47.16 -2.70
CA GLY A 183 44.80 47.62 -1.54
C GLY A 183 44.64 46.52 -0.48
N GLU A 184 44.60 45.25 -0.93
CA GLU A 184 44.44 44.06 -0.06
C GLU A 184 45.81 43.57 0.47
N ASP A 185 46.62 44.54 0.91
CA ASP A 185 47.99 44.29 1.42
C ASP A 185 47.96 43.87 2.91
N GLU A 186 46.72 43.75 3.44
CA GLU A 186 46.40 43.24 4.77
C GLU A 186 47.07 41.86 4.98
N PHE A 187 46.92 40.98 3.98
CA PHE A 187 47.44 39.60 4.01
C PHE A 187 48.81 39.48 3.31
N LEU A 188 49.51 40.62 3.18
CA LEU A 188 50.78 40.74 2.44
C LEU A 188 51.91 41.21 3.40
N ASP A 189 51.53 41.58 4.65
CA ASP A 189 52.47 41.97 5.70
C ASP A 189 52.67 40.79 6.67
N ASP A 190 53.95 40.51 7.03
CA ASP A 190 54.36 39.26 7.71
C ASP A 190 53.68 39.06 9.08
N TRP A 191 53.58 40.13 9.89
CA TRP A 191 53.00 40.03 11.26
C TRP A 191 51.51 39.66 11.18
N ARG A 192 50.79 40.24 10.19
CA ARG A 192 49.33 40.04 10.03
C ARG A 192 49.10 38.57 9.61
N VAL A 193 49.91 38.10 8.64
CA VAL A 193 49.85 36.70 8.17
C VAL A 193 50.11 35.75 9.35
N ARG A 194 51.21 36.00 10.10
CA ARG A 194 51.63 35.18 11.28
C ARG A 194 50.57 35.18 12.39
N SER A 195 49.83 36.29 12.52
CA SER A 195 48.77 36.42 13.51
C SER A 195 47.62 35.48 13.16
N ILE A 196 47.30 35.41 11.84
CA ILE A 196 46.23 34.52 11.33
C ILE A 196 46.73 33.06 11.20
N ILE A 197 48.06 32.88 11.09
CA ILE A 197 48.68 31.55 11.15
C ILE A 197 48.43 31.02 12.57
N SER A 198 48.88 31.78 13.59
CA SER A 198 48.72 31.41 15.01
C SER A 198 47.24 31.18 15.36
N LYS A 199 46.37 32.07 14.83
CA LYS A 199 44.91 32.10 15.09
C LYS A 199 44.24 30.73 14.83
N TYR A 200 44.80 29.94 13.89
CA TYR A 200 44.18 28.70 13.40
C TYR A 200 45.13 27.49 13.55
N SER A 201 46.40 27.69 13.20
CA SER A 201 47.44 26.64 13.24
C SER A 201 47.76 26.18 14.67
N ASP A 202 47.36 27.00 15.66
CA ASP A 202 47.47 26.64 17.10
C ASP A 202 46.76 25.29 17.41
N HIS A 203 45.64 25.04 16.69
CA HIS A 203 44.83 23.81 16.86
C HIS A 203 45.06 22.77 15.75
N ILE A 204 45.99 23.03 14.82
CA ILE A 204 46.21 22.19 13.63
C ILE A 204 47.43 21.28 13.84
N ALA A 205 47.34 20.05 13.30
CA ALA A 205 48.38 19.02 13.45
C ALA A 205 49.34 19.00 12.24
N LEU A 206 49.57 20.16 11.61
CA LEU A 206 50.48 20.28 10.45
C LEU A 206 51.37 21.53 10.62
N PRO A 207 52.75 21.37 10.73
CA PRO A 207 53.69 22.51 10.92
C PRO A 207 53.57 23.59 9.81
N VAL A 208 52.84 24.67 10.12
CA VAL A 208 52.71 25.82 9.24
C VAL A 208 53.86 26.81 9.50
N GLU A 209 54.85 26.76 8.59
CA GLU A 209 56.01 27.68 8.60
C GLU A 209 55.72 28.88 7.68
N ILE A 210 56.49 29.97 7.83
CA ILE A 210 56.37 31.14 6.95
C ILE A 210 57.77 31.65 6.58
N GLU A 211 57.96 31.98 5.30
CA GLU A 211 59.20 32.59 4.82
C GLU A 211 59.27 34.03 5.29
N LYS A 212 60.12 34.28 6.28
CA LYS A 212 60.53 35.63 6.63
C LYS A 212 61.87 35.89 5.96
N ARG A 213 61.79 36.36 4.71
CA ARG A 213 62.95 36.57 3.86
C ARG A 213 63.44 38.01 4.03
N GLU A 214 64.60 38.16 4.68
CA GLU A 214 65.20 39.46 5.01
C GLU A 214 66.40 39.68 4.08
N GLU A 215 66.14 40.38 2.95
CA GLU A 215 67.12 40.55 1.87
C GLU A 215 67.92 41.85 2.05
N LYS A 216 69.12 41.71 2.64
CA LYS A 216 70.14 42.77 2.69
C LYS A 216 71.23 42.45 1.67
N ASP A 217 72.00 43.48 1.28
CA ASP A 217 73.10 43.35 0.28
C ASP A 217 74.11 42.29 0.74
N GLY A 218 74.06 41.13 0.08
CA GLY A 218 74.88 39.97 0.43
C GLY A 218 74.10 38.94 1.23
N GLU A 219 73.31 39.44 2.20
CA GLU A 219 72.61 38.61 3.19
C GLU A 219 71.15 38.42 2.77
N THR A 220 70.91 37.52 1.81
CA THR A 220 69.55 37.12 1.40
C THR A 220 69.08 36.01 2.36
N VAL A 221 68.72 36.42 3.58
CA VAL A 221 68.35 35.50 4.67
C VAL A 221 66.96 34.92 4.38
N ILE A 222 66.91 33.61 4.13
CA ILE A 222 65.67 32.86 3.91
C ILE A 222 65.48 31.88 5.08
N SER A 223 64.57 32.22 5.99
CA SER A 223 64.23 31.34 7.12
C SER A 223 62.71 31.11 7.14
N TRP A 224 62.32 29.92 7.59
CA TRP A 224 60.93 29.50 7.68
C TRP A 224 60.61 29.30 9.17
N GLU A 225 59.78 30.19 9.71
CA GLU A 225 59.39 30.18 11.13
C GLU A 225 58.05 29.46 11.29
N LYS A 226 58.05 28.31 11.99
CA LYS A 226 56.81 27.59 12.33
C LYS A 226 56.12 28.27 13.53
N ILE A 227 54.94 28.87 13.28
CA ILE A 227 54.08 29.46 14.36
C ILE A 227 53.12 28.35 14.87
N ASN A 228 53.08 27.25 14.12
CA ASN A 228 52.38 26.02 14.49
C ASN A 228 53.33 25.19 15.35
N LYS A 229 52.81 24.75 16.51
CA LYS A 229 53.58 24.00 17.53
C LYS A 229 53.86 22.55 17.12
N ALA A 230 53.09 22.08 16.10
CA ALA A 230 53.21 20.75 15.48
C ALA A 230 52.84 19.65 16.48
N GLN A 231 51.79 19.93 17.27
CA GLN A 231 51.25 18.99 18.25
C GLN A 231 49.72 18.98 18.10
N ALA A 232 49.21 17.78 17.80
CA ALA A 232 47.80 17.54 17.48
C ALA A 232 46.89 17.90 18.66
N LEU A 233 45.84 18.70 18.40
CA LEU A 233 44.89 19.20 19.43
C LEU A 233 44.40 18.05 20.32
N TRP A 234 43.81 17.02 19.70
CA TRP A 234 43.21 15.90 20.42
C TRP A 234 44.25 15.18 21.30
N THR A 235 45.48 15.04 20.78
CA THR A 235 46.58 14.37 21.48
C THR A 235 47.07 15.22 22.70
N ARG A 236 46.88 16.56 22.63
CA ARG A 236 47.24 17.49 23.73
C ARG A 236 46.29 17.37 24.95
N ASN A 237 46.66 18.05 26.05
CA ASN A 237 45.87 18.10 27.29
C ASN A 237 44.70 19.10 27.16
N LYS A 238 43.51 18.62 27.56
CA LYS A 238 42.24 19.37 27.49
C LYS A 238 42.29 20.71 28.28
N SER A 239 43.03 20.72 29.39
CA SER A 239 43.17 21.89 30.29
C SER A 239 44.09 22.97 29.68
N GLU A 240 44.88 22.62 28.66
CA GLU A 240 45.80 23.55 27.97
C GLU A 240 45.21 24.04 26.63
N ILE A 241 44.23 23.29 26.08
CA ILE A 241 43.49 23.70 24.86
C ILE A 241 42.33 24.65 25.22
N THR A 242 42.15 25.76 24.45
CA THR A 242 41.03 26.71 24.66
C THR A 242 39.79 26.34 23.81
N ASP A 243 38.65 27.00 24.12
CA ASP A 243 37.35 26.74 23.47
C ASP A 243 37.36 27.13 21.97
N GLU A 244 38.09 28.22 21.65
CA GLU A 244 38.26 28.71 20.26
C GLU A 244 38.86 27.61 19.37
N GLU A 245 39.91 26.96 19.90
CA GLU A 245 40.59 25.87 19.23
C GLU A 245 39.63 24.73 18.91
N TYR A 246 38.85 24.28 19.93
CA TYR A 246 37.85 23.19 19.78
C TYR A 246 36.83 23.50 18.67
N LYS A 247 36.19 24.67 18.80
CA LYS A 247 35.12 25.13 17.91
C LYS A 247 35.56 25.20 16.44
N GLU A 248 36.77 25.70 16.23
CA GLU A 248 37.32 25.97 14.88
C GLU A 248 37.96 24.69 14.28
N PHE A 249 38.42 23.80 15.17
CA PHE A 249 38.97 22.48 14.80
C PHE A 249 37.86 21.59 14.23
N TYR A 250 36.68 21.67 14.89
CA TYR A 250 35.44 21.03 14.43
C TYR A 250 35.15 21.42 12.97
N LYS A 251 35.28 22.72 12.67
CA LYS A 251 34.93 23.27 11.35
C LYS A 251 35.79 22.63 10.23
N HIS A 252 37.09 22.42 10.51
CA HIS A 252 37.99 21.74 9.54
C HIS A 252 37.60 20.24 9.40
N ILE A 253 37.58 19.51 10.53
CA ILE A 253 37.45 18.03 10.52
C ILE A 253 36.06 17.56 10.02
N ALA A 254 35.05 18.45 10.12
CA ALA A 254 33.65 18.12 9.74
C ALA A 254 33.38 18.44 8.27
N HIS A 255 34.38 19.06 7.59
CA HIS A 255 34.23 19.59 6.22
C HIS A 255 33.05 20.56 6.17
N ASP A 256 33.07 21.52 7.10
CA ASP A 256 31.98 22.46 7.34
C ASP A 256 32.60 23.80 7.85
N PHE A 257 31.77 24.68 8.46
CA PHE A 257 32.26 25.93 9.07
C PHE A 257 31.26 26.52 10.10
N ASN A 258 30.18 25.77 10.42
CA ASN A 258 29.23 26.17 11.47
C ASN A 258 29.86 25.95 12.85
N ASP A 259 29.62 26.89 13.75
CA ASP A 259 30.18 26.89 15.12
C ASP A 259 29.35 25.95 16.02
N PRO A 260 29.98 24.97 16.73
CA PRO A 260 29.25 23.95 17.52
C PRO A 260 28.66 24.48 18.86
N LEU A 261 27.65 23.75 19.39
CA LEU A 261 26.98 24.06 20.66
C LEU A 261 27.89 23.72 21.86
N THR A 262 28.36 22.46 21.88
CA THR A 262 29.17 21.91 22.98
C THR A 262 30.08 20.78 22.45
N TRP A 263 31.00 20.34 23.31
CA TRP A 263 31.99 19.28 23.01
C TRP A 263 32.36 18.53 24.29
N SER A 264 33.22 17.51 24.15
CA SER A 264 33.85 16.80 25.29
C SER A 264 35.17 16.19 24.81
N HIS A 265 36.27 16.49 25.52
CA HIS A 265 37.61 15.98 25.21
C HIS A 265 38.10 15.11 26.38
N ASN A 266 38.30 13.81 26.10
CA ASN A 266 38.79 12.82 27.07
C ASN A 266 39.87 11.96 26.39
N ARG A 267 41.03 11.77 27.05
CA ARG A 267 42.00 10.73 26.68
C ARG A 267 42.10 9.76 27.84
N VAL A 268 42.05 8.47 27.51
CA VAL A 268 41.96 7.37 28.46
C VAL A 268 43.24 6.56 28.34
N GLU A 269 43.71 6.04 29.47
CA GLU A 269 44.99 5.37 29.60
C GLU A 269 44.83 4.25 30.65
N GLY A 270 45.56 3.16 30.50
CA GLY A 270 45.45 1.99 31.38
C GLY A 270 45.69 0.71 30.58
N LYS A 271 44.61 -0.05 30.33
CA LYS A 271 44.64 -1.25 29.49
C LYS A 271 44.65 -0.84 28.00
N GLN A 272 43.64 -0.06 27.61
CA GLN A 272 43.53 0.55 26.27
C GLN A 272 43.69 2.07 26.36
N GLU A 273 44.65 2.61 25.61
CA GLU A 273 44.87 4.06 25.50
C GLU A 273 44.23 4.55 24.20
N TYR A 274 43.32 5.53 24.32
CA TYR A 274 42.63 6.15 23.18
C TYR A 274 42.19 7.58 23.54
N THR A 275 42.05 8.44 22.54
CA THR A 275 41.59 9.83 22.73
C THR A 275 40.24 10.00 22.04
N SER A 276 39.22 10.34 22.80
CA SER A 276 37.91 10.67 22.27
C SER A 276 37.70 12.20 22.31
N LEU A 277 37.41 12.79 21.15
CA LEU A 277 37.07 14.19 21.03
C LEU A 277 35.79 14.30 20.19
N LEU A 278 34.67 14.53 20.89
CA LEU A 278 33.32 14.56 20.34
C LEU A 278 32.78 16.00 20.30
N TYR A 279 31.95 16.32 19.29
CA TYR A 279 31.32 17.65 19.12
C TYR A 279 29.82 17.49 18.81
N ILE A 280 29.03 18.48 19.26
CA ILE A 280 27.59 18.59 18.97
C ILE A 280 27.37 19.77 18.01
N PRO A 281 26.94 19.51 16.72
CA PRO A 281 26.63 20.57 15.73
C PRO A 281 25.39 21.41 16.12
N SER A 282 25.38 22.69 15.69
CA SER A 282 24.27 23.63 15.93
C SER A 282 23.20 23.55 14.83
N GLN A 283 23.51 22.81 13.76
CA GLN A 283 22.68 22.73 12.56
C GLN A 283 22.78 21.33 11.99
N ALA A 284 21.63 20.77 11.53
CA ALA A 284 21.60 19.43 10.90
C ALA A 284 22.29 19.50 9.53
N PRO A 285 23.35 18.66 9.29
CA PRO A 285 23.92 18.51 7.96
C PRO A 285 22.92 17.79 7.04
N TRP A 286 22.92 18.15 5.76
CA TRP A 286 22.02 17.59 4.73
C TRP A 286 22.09 16.03 4.69
N ASP A 287 23.32 15.49 4.85
CA ASP A 287 23.66 14.05 4.73
C ASP A 287 23.13 13.20 5.90
N MET A 288 22.56 13.88 6.91
CA MET A 288 21.94 13.22 8.06
C MET A 288 20.76 12.33 7.61
N TRP A 289 20.11 12.71 6.47
CA TRP A 289 18.91 12.02 5.94
C TRP A 289 19.16 11.48 4.52
N ASN A 290 20.42 11.63 4.04
CA ASN A 290 20.88 11.05 2.75
C ASN A 290 21.56 9.69 2.98
N ARG A 291 22.05 9.11 1.88
CA ARG A 291 22.89 7.89 1.91
C ARG A 291 24.36 8.26 2.22
N ASP A 292 24.68 9.55 2.02
CA ASP A 292 26.05 10.07 2.01
C ASP A 292 26.49 10.42 3.44
N HIS A 293 27.82 10.50 3.68
CA HIS A 293 28.37 10.65 5.03
C HIS A 293 29.02 12.03 5.25
N LYS A 294 28.78 12.57 6.45
CA LYS A 294 29.69 13.52 7.15
C LYS A 294 29.60 13.24 8.66
N HIS A 295 28.40 12.79 9.09
CA HIS A 295 28.17 12.25 10.45
C HIS A 295 29.16 11.10 10.76
N GLY A 296 29.58 10.99 12.03
CA GLY A 296 30.57 9.99 12.45
C GLY A 296 31.91 10.60 12.83
N LEU A 297 32.92 9.75 13.09
CA LEU A 297 34.24 10.15 13.63
C LEU A 297 35.37 9.78 12.65
N LYS A 298 36.38 10.66 12.53
CA LYS A 298 37.62 10.37 11.78
C LYS A 298 38.54 9.48 12.66
N LEU A 299 38.81 8.26 12.19
CA LEU A 299 39.68 7.31 12.91
C LEU A 299 41.16 7.69 12.74
N TYR A 300 41.87 7.68 13.87
CA TYR A 300 43.33 7.84 13.98
C TYR A 300 43.87 6.71 14.84
N VAL A 301 45.01 6.13 14.44
CA VAL A 301 45.78 5.21 15.27
C VAL A 301 47.22 5.73 15.39
N GLN A 302 47.57 6.20 16.60
CA GLN A 302 48.91 6.68 16.97
C GLN A 302 49.33 7.87 16.08
N ARG A 303 48.56 8.97 16.21
CA ARG A 303 48.83 10.28 15.55
C ARG A 303 48.48 10.27 14.03
N VAL A 304 48.21 9.07 13.47
CA VAL A 304 48.08 8.86 12.02
C VAL A 304 46.62 8.59 11.64
N PHE A 305 46.17 9.23 10.55
CA PHE A 305 44.82 9.04 9.98
C PHE A 305 44.65 7.60 9.44
N ILE A 306 43.43 7.05 9.57
CA ILE A 306 43.08 5.74 9.02
C ILE A 306 41.91 5.88 8.02
N MET A 307 40.72 6.29 8.51
CA MET A 307 39.50 6.35 7.67
C MET A 307 38.59 7.51 8.09
N ASP A 308 37.79 7.99 7.13
CA ASP A 308 36.93 9.18 7.27
C ASP A 308 35.51 8.80 7.70
N ASP A 309 34.89 9.73 8.48
CA ASP A 309 33.43 9.87 8.71
C ASP A 309 32.75 8.53 9.07
N ALA A 310 33.35 7.84 10.05
CA ALA A 310 32.96 6.49 10.46
C ALA A 310 32.11 6.51 11.74
N GLU A 311 30.82 6.14 11.61
CA GLU A 311 29.92 5.90 12.77
C GLU A 311 30.08 4.42 13.27
N GLN A 312 31.27 3.85 13.02
CA GLN A 312 31.69 2.56 13.58
C GLN A 312 32.07 2.68 15.06
N PHE A 313 32.41 3.90 15.50
CA PHE A 313 32.73 4.23 16.90
C PHE A 313 31.57 4.96 17.58
N MET A 314 30.71 5.56 16.75
CA MET A 314 29.59 6.37 17.22
C MET A 314 28.29 5.73 16.73
N PRO A 315 27.33 5.34 17.63
CA PRO A 315 26.05 4.70 17.23
C PRO A 315 25.32 5.44 16.10
N ASN A 316 24.52 4.69 15.31
CA ASN A 316 23.55 5.29 14.37
C ASN A 316 22.49 6.07 15.18
N TYR A 317 22.29 5.61 16.41
CA TYR A 317 21.34 6.16 17.39
C TYR A 317 21.85 7.51 17.93
N LEU A 318 23.19 7.74 17.79
CA LEU A 318 23.89 8.96 18.26
C LEU A 318 24.75 9.55 17.12
N ARG A 319 24.37 9.27 15.85
CA ARG A 319 25.19 9.62 14.64
C ARG A 319 25.40 11.14 14.50
N PHE A 320 24.57 11.93 15.22
CA PHE A 320 24.61 13.39 15.21
C PHE A 320 25.97 13.95 15.69
N VAL A 321 26.67 13.19 16.53
CA VAL A 321 28.01 13.56 17.00
C VAL A 321 29.03 13.46 15.86
N ARG A 322 29.84 14.50 15.71
CA ARG A 322 30.97 14.53 14.78
C ARG A 322 32.24 14.80 15.61
N GLY A 323 33.34 14.15 15.24
CA GLY A 323 34.62 14.36 15.87
C GLY A 323 35.64 13.38 15.34
N LEU A 324 36.41 12.77 16.25
CA LEU A 324 37.51 11.84 15.91
C LEU A 324 37.95 11.06 17.17
N ILE A 325 38.74 10.00 16.93
CA ILE A 325 39.30 9.16 18.00
C ILE A 325 40.71 8.69 17.60
N ASP A 326 41.66 8.80 18.55
CA ASP A 326 43.08 8.42 18.37
C ASP A 326 43.47 7.30 19.33
N SER A 327 43.43 6.06 18.86
CA SER A 327 43.77 4.88 19.67
C SER A 327 45.24 4.49 19.46
N SER A 328 45.94 4.26 20.58
CA SER A 328 47.27 3.64 20.57
C SER A 328 47.13 2.10 20.66
N ASP A 329 45.92 1.64 21.06
CA ASP A 329 45.64 0.21 21.34
C ASP A 329 45.24 -0.56 20.05
N LEU A 330 44.32 0.03 19.27
CA LEU A 330 43.85 -0.56 17.99
C LEU A 330 45.02 -0.64 16.97
N PRO A 331 45.00 -1.65 16.01
CA PRO A 331 46.04 -1.79 14.94
C PRO A 331 46.01 -0.62 13.92
N LEU A 332 47.11 -0.46 13.15
CA LEU A 332 47.24 0.58 12.11
C LEU A 332 46.55 0.15 10.80
N ASN A 333 46.45 -1.18 10.58
CA ASN A 333 45.78 -1.77 9.39
C ASN A 333 44.27 -2.02 9.65
N VAL A 334 43.73 -1.38 10.71
CA VAL A 334 42.34 -1.53 11.15
C VAL A 334 41.33 -1.09 10.06
N SER A 335 40.41 -1.99 9.71
CA SER A 335 39.45 -1.82 8.61
C SER A 335 38.01 -1.70 9.14
N ARG A 336 37.06 -1.37 8.23
CA ARG A 336 35.62 -1.14 8.57
C ARG A 336 34.99 -2.40 9.24
N GLU A 337 35.51 -3.56 8.83
CA GLU A 337 35.08 -4.89 9.30
C GLU A 337 35.52 -5.09 10.76
N ILE A 338 36.80 -4.73 11.02
CA ILE A 338 37.43 -4.80 12.35
C ILE A 338 36.66 -3.92 13.35
N LEU A 339 36.18 -2.78 12.84
CA LEU A 339 35.43 -1.80 13.65
C LEU A 339 34.03 -2.30 14.04
N GLN A 340 33.41 -3.10 13.17
CA GLN A 340 32.07 -3.66 13.41
C GLN A 340 32.15 -4.94 14.28
N ASP A 341 33.27 -5.68 14.15
CA ASP A 341 33.43 -7.01 14.74
C ASP A 341 34.16 -6.98 16.11
N SER A 342 35.38 -6.39 16.13
CA SER A 342 36.29 -6.43 17.30
C SER A 342 35.67 -5.75 18.54
N THR A 343 35.87 -6.39 19.72
CA THR A 343 35.21 -5.98 20.97
C THR A 343 35.80 -4.67 21.50
N VAL A 344 37.10 -4.42 21.23
CA VAL A 344 37.80 -3.18 21.68
C VAL A 344 37.12 -1.92 21.11
N THR A 345 36.64 -2.00 19.86
CA THR A 345 35.93 -0.91 19.17
C THR A 345 34.48 -0.78 19.69
N ARG A 346 33.91 -1.90 20.17
CA ARG A 346 32.50 -1.97 20.65
C ARG A 346 32.39 -1.47 22.09
N ASN A 347 33.43 -1.75 22.88
CA ASN A 347 33.58 -1.30 24.28
C ASN A 347 33.92 0.19 24.30
N LEU A 348 34.76 0.59 23.32
CA LEU A 348 35.06 1.99 22.99
C LEU A 348 33.77 2.71 22.57
N ARG A 349 32.95 2.06 21.73
CA ARG A 349 31.68 2.63 21.23
C ARG A 349 30.72 2.91 22.40
N ASN A 350 30.64 1.95 23.34
CA ASN A 350 29.81 2.06 24.55
C ASN A 350 30.33 3.19 25.46
N ALA A 351 31.68 3.33 25.52
CA ALA A 351 32.34 4.41 26.29
C ALA A 351 31.98 5.79 25.73
N LEU A 352 31.97 5.89 24.38
CA LEU A 352 31.64 7.13 23.65
C LEU A 352 30.16 7.47 23.81
N THR A 353 29.32 6.41 23.82
CA THR A 353 27.88 6.52 24.06
C THR A 353 27.59 7.16 25.44
N LYS A 354 28.42 6.80 26.43
CA LYS A 354 28.35 7.35 27.80
C LYS A 354 28.76 8.84 27.82
N ARG A 355 29.80 9.18 27.03
CA ARG A 355 30.25 10.59 26.83
C ARG A 355 29.12 11.44 26.24
N VAL A 356 28.32 10.83 25.34
CA VAL A 356 27.20 11.50 24.67
C VAL A 356 26.03 11.71 25.65
N LEU A 357 25.72 10.69 26.47
CA LEU A 357 24.65 10.74 27.50
C LEU A 357 24.90 11.94 28.44
N GLN A 358 26.12 11.97 28.98
CA GLN A 358 26.56 12.98 29.96
C GLN A 358 26.62 14.38 29.31
N MET A 359 26.96 14.43 28.01
CA MET A 359 27.10 15.68 27.24
C MET A 359 25.73 16.34 26.98
N LEU A 360 24.74 15.49 26.63
CA LEU A 360 23.39 15.93 26.24
C LEU A 360 22.53 16.26 27.47
N GLU A 361 22.77 15.53 28.57
CA GLU A 361 22.06 15.76 29.84
C GLU A 361 22.58 17.04 30.51
N LYS A 362 23.90 17.24 30.44
CA LYS A 362 24.54 18.52 30.81
C LYS A 362 23.94 19.67 29.97
N LEU A 363 23.91 19.46 28.64
CA LEU A 363 23.44 20.45 27.66
C LEU A 363 21.95 20.79 27.92
N ALA A 364 21.16 19.79 28.34
CA ALA A 364 19.72 19.95 28.63
C ALA A 364 19.48 20.88 29.84
N LYS A 365 20.42 20.85 30.82
CA LYS A 365 20.30 21.61 32.08
C LYS A 365 20.88 23.03 31.94
N ASP A 366 22.13 23.12 31.47
CA ASP A 366 22.87 24.39 31.37
C ASP A 366 22.35 25.24 30.20
N ASP A 367 22.19 24.60 29.04
CA ASP A 367 21.88 25.29 27.77
C ASP A 367 20.62 24.67 27.13
N ALA A 368 19.47 24.92 27.76
CA ALA A 368 18.17 24.40 27.29
C ALA A 368 17.87 24.85 25.85
N GLU A 369 18.26 26.09 25.52
CA GLU A 369 18.09 26.68 24.18
C GLU A 369 18.94 25.93 23.15
N LYS A 370 20.22 25.64 23.50
CA LYS A 370 21.14 24.89 22.63
C LYS A 370 20.64 23.45 22.42
N TYR A 371 20.11 22.83 23.49
CA TYR A 371 19.60 21.44 23.43
C TYR A 371 18.28 21.39 22.63
N GLN A 372 17.52 22.49 22.66
CA GLN A 372 16.27 22.63 21.88
C GLN A 372 16.61 22.76 20.39
N THR A 373 17.68 23.53 20.10
CA THR A 373 18.20 23.68 18.74
C THR A 373 18.72 22.35 18.22
N PHE A 374 19.46 21.63 19.09
CA PHE A 374 19.98 20.28 18.84
C PHE A 374 18.83 19.32 18.46
N TRP A 375 17.76 19.30 19.27
CA TRP A 375 16.67 18.32 19.13
C TRP A 375 15.87 18.54 17.82
N GLN A 376 15.57 19.81 17.48
CA GLN A 376 14.77 20.12 16.26
C GLN A 376 15.60 19.85 14.97
N GLN A 377 16.91 19.54 15.13
CA GLN A 377 17.80 19.16 14.02
C GLN A 377 18.13 17.65 14.03
N PHE A 378 18.27 17.06 15.24
CA PHE A 378 18.87 15.70 15.43
C PHE A 378 17.99 14.76 16.27
N GLY A 379 16.75 15.18 16.54
CA GLY A 379 15.83 14.45 17.42
C GLY A 379 15.53 13.05 16.92
N LEU A 380 15.18 12.96 15.63
CA LEU A 380 14.88 11.68 14.92
C LEU A 380 15.98 10.62 15.13
N VAL A 381 17.25 11.09 15.17
CA VAL A 381 18.42 10.22 15.40
C VAL A 381 18.43 9.71 16.88
N LEU A 382 18.30 10.66 17.83
CA LEU A 382 18.34 10.34 19.29
C LEU A 382 17.16 9.40 19.68
N LYS A 383 16.07 9.44 18.89
CA LYS A 383 14.83 8.66 19.16
C LYS A 383 15.03 7.13 19.06
N GLU A 384 16.17 6.66 18.50
CA GLU A 384 16.49 5.19 18.47
C GLU A 384 17.15 4.78 19.81
N GLY A 385 17.70 5.77 20.52
CA GLY A 385 18.33 5.60 21.85
C GLY A 385 17.40 5.01 22.94
N PRO A 386 16.18 5.60 23.22
CA PRO A 386 15.21 5.01 24.21
C PRO A 386 14.59 3.69 23.70
N ALA A 387 14.82 3.41 22.40
CA ALA A 387 14.29 2.23 21.71
C ALA A 387 15.31 1.08 21.75
N GLU A 388 16.60 1.39 21.99
CA GLU A 388 17.62 0.34 22.25
C GLU A 388 17.66 0.05 23.77
N ASP A 389 17.79 1.14 24.56
CA ASP A 389 18.03 1.05 26.02
C ASP A 389 16.71 1.02 26.80
N PHE A 390 16.34 -0.19 27.23
CA PHE A 390 15.20 -0.44 28.12
C PHE A 390 15.60 -0.21 29.60
N ALA A 391 16.85 -0.60 29.95
CA ALA A 391 17.34 -0.64 31.35
C ALA A 391 17.40 0.77 31.98
N ASN A 392 18.13 1.66 31.30
CA ASN A 392 18.28 3.09 31.65
C ASN A 392 17.40 3.93 30.68
N GLN A 393 16.20 3.37 30.40
CA GLN A 393 15.09 4.06 29.70
C GLN A 393 14.80 5.43 30.34
N GLU A 394 14.86 5.46 31.69
CA GLU A 394 14.51 6.64 32.52
C GLU A 394 15.29 7.90 32.12
N ALA A 395 16.63 7.75 32.02
CA ALA A 395 17.56 8.86 31.76
C ALA A 395 17.41 9.39 30.33
N ILE A 396 17.24 8.47 29.36
CA ILE A 396 17.11 8.85 27.94
C ILE A 396 15.73 9.50 27.69
N ALA A 397 14.67 8.92 28.30
CA ALA A 397 13.28 9.44 28.19
C ALA A 397 13.16 10.86 28.78
N LYS A 398 14.04 11.16 29.74
CA LYS A 398 14.21 12.51 30.30
C LYS A 398 14.73 13.48 29.22
N LEU A 399 15.68 13.01 28.39
CA LEU A 399 16.25 13.78 27.26
C LEU A 399 15.23 13.98 26.12
N LEU A 400 14.31 13.00 25.98
CA LEU A 400 13.27 12.98 24.92
C LEU A 400 12.35 14.22 24.97
N ARG A 401 12.26 14.91 23.81
CA ARG A 401 11.33 16.04 23.57
C ARG A 401 10.30 15.59 22.52
N PHE A 402 9.01 15.73 22.84
CA PHE A 402 7.89 15.43 21.92
C PHE A 402 7.14 16.73 21.57
N ALA A 403 6.16 16.62 20.67
CA ALA A 403 5.23 17.71 20.37
C ALA A 403 3.94 17.53 21.20
N SER A 404 3.16 18.60 21.33
CA SER A 404 1.87 18.57 22.05
C SER A 404 0.97 19.73 21.60
N THR A 405 -0.19 19.87 22.26
CA THR A 405 -1.14 20.97 22.03
C THR A 405 -0.79 22.19 22.93
N HIS A 406 0.47 22.25 23.40
CA HIS A 406 1.00 23.37 24.19
C HIS A 406 1.11 24.61 23.30
N THR A 407 1.79 24.41 22.17
CA THR A 407 2.07 25.46 21.19
C THR A 407 1.94 24.84 19.79
N ASP A 408 1.63 25.68 18.77
CA ASP A 408 1.55 25.24 17.36
C ASP A 408 2.97 25.14 16.72
N SER A 409 4.02 25.21 17.55
CA SER A 409 5.42 25.05 17.11
C SER A 409 5.65 23.65 16.52
N SER A 410 6.26 23.58 15.32
CA SER A 410 6.62 22.32 14.66
C SER A 410 7.87 21.70 15.33
N ALA A 411 8.65 22.57 16.03
CA ALA A 411 9.77 22.14 16.87
C ALA A 411 9.23 21.46 18.14
N GLN A 412 9.80 20.30 18.48
CA GLN A 412 9.40 19.51 19.65
C GLN A 412 9.97 20.16 20.91
N THR A 413 9.19 21.08 21.46
CA THR A 413 9.59 21.98 22.56
C THR A 413 9.23 21.38 23.94
N VAL A 414 8.15 20.60 23.97
CA VAL A 414 7.64 19.97 25.20
C VAL A 414 8.33 18.62 25.45
N SER A 415 8.98 18.48 26.61
CA SER A 415 9.51 17.20 27.06
C SER A 415 8.41 16.43 27.79
N LEU A 416 8.70 15.18 28.13
CA LEU A 416 7.87 14.39 29.03
C LEU A 416 7.87 15.03 30.45
N GLU A 417 8.97 15.76 30.77
CA GLU A 417 9.12 16.52 32.02
C GLU A 417 8.16 17.72 32.04
N ASP A 418 8.04 18.40 30.88
CA ASP A 418 7.11 19.54 30.71
C ASP A 418 5.66 19.08 30.86
N TYR A 419 5.37 17.83 30.44
CA TYR A 419 4.03 17.22 30.62
C TYR A 419 3.72 17.06 32.11
N VAL A 420 4.70 16.57 32.89
CA VAL A 420 4.56 16.37 34.35
C VAL A 420 4.44 17.74 35.08
N SER A 421 5.06 18.77 34.49
CA SER A 421 4.97 20.16 35.00
C SER A 421 3.61 20.79 34.62
N ARG A 422 3.00 20.31 33.52
CA ARG A 422 1.74 20.86 32.96
C ARG A 422 0.50 20.07 33.50
N MET A 423 0.71 18.81 33.95
CA MET A 423 -0.39 17.89 34.33
C MET A 423 -1.17 18.44 35.55
N LYS A 424 -2.50 18.32 35.52
CA LYS A 424 -3.38 18.83 36.59
C LYS A 424 -3.82 17.71 37.55
N GLU A 425 -4.48 18.10 38.64
CA GLU A 425 -4.99 17.14 39.65
C GLU A 425 -6.17 16.34 39.06
N GLY A 426 -6.16 15.02 39.29
CA GLY A 426 -7.06 14.08 38.63
C GLY A 426 -6.41 13.44 37.40
N GLN A 427 -5.36 14.10 36.87
CA GLN A 427 -4.56 13.61 35.73
C GLN A 427 -3.25 13.02 36.27
N GLU A 428 -3.16 11.68 36.27
CA GLU A 428 -1.96 10.92 36.66
C GLU A 428 -1.42 10.13 35.43
N LYS A 429 -2.27 10.02 34.39
CA LYS A 429 -1.95 9.29 33.15
C LYS A 429 -1.53 10.27 32.04
N ILE A 430 -0.59 9.84 31.19
CA ILE A 430 -0.14 10.60 30.02
C ILE A 430 -1.13 10.36 28.87
N TYR A 431 -1.71 11.44 28.33
CA TYR A 431 -2.67 11.36 27.22
C TYR A 431 -1.97 11.79 25.94
N TYR A 432 -2.01 10.89 24.92
CA TYR A 432 -1.22 11.03 23.68
C TYR A 432 -1.82 10.14 22.59
N ILE A 433 -1.66 10.53 21.30
CA ILE A 433 -2.07 9.65 20.17
C ILE A 433 -0.99 9.67 19.07
N THR A 434 -0.77 8.46 18.47
CA THR A 434 0.13 8.25 17.33
C THR A 434 -0.53 8.65 15.99
N ALA A 435 0.32 9.02 15.02
CA ALA A 435 -0.06 9.22 13.61
C ALA A 435 1.15 8.94 12.72
N ASP A 436 0.99 9.04 11.39
CA ASP A 436 2.09 8.82 10.44
C ASP A 436 2.96 10.09 10.33
N SER A 437 2.31 11.26 10.32
CA SER A 437 2.98 12.56 10.07
C SER A 437 2.47 13.63 11.05
N TYR A 438 3.37 14.57 11.42
CA TYR A 438 3.06 15.69 12.33
C TYR A 438 1.94 16.58 11.73
N ALA A 439 2.05 16.87 10.42
CA ALA A 439 1.07 17.68 9.68
C ALA A 439 -0.31 16.99 9.64
N ALA A 440 -0.29 15.63 9.60
CA ALA A 440 -1.51 14.79 9.53
C ALA A 440 -2.27 14.81 10.88
N ALA A 441 -1.52 14.63 11.99
CA ALA A 441 -2.08 14.67 13.35
C ALA A 441 -2.60 16.07 13.69
N LYS A 442 -1.80 17.08 13.34
CA LYS A 442 -2.13 18.50 13.57
C LYS A 442 -3.34 18.93 12.73
N SER A 443 -3.58 18.18 11.64
CA SER A 443 -4.71 18.41 10.73
C SER A 443 -6.06 18.05 11.39
N SER A 444 -5.99 17.27 12.49
CA SER A 444 -7.14 17.04 13.38
C SER A 444 -7.47 18.35 14.12
N PRO A 445 -8.68 18.97 13.86
CA PRO A 445 -9.03 20.33 14.34
C PRO A 445 -9.08 20.48 15.86
N HIS A 446 -9.64 19.47 16.55
CA HIS A 446 -10.09 19.57 17.98
C HIS A 446 -8.95 19.89 18.98
N LEU A 447 -7.70 19.78 18.50
CA LEU A 447 -6.49 20.13 19.27
C LEU A 447 -6.52 21.57 19.83
N GLU A 448 -7.10 22.51 19.05
CA GLU A 448 -7.24 23.93 19.47
C GLU A 448 -8.43 24.11 20.46
N LEU A 449 -9.38 23.16 20.44
CA LEU A 449 -10.58 23.19 21.32
C LEU A 449 -10.17 22.81 22.74
N LEU A 450 -9.51 21.64 22.87
CA LEU A 450 -9.05 21.10 24.17
C LEU A 450 -7.96 22.00 24.79
N ARG A 451 -7.09 22.57 23.94
CA ARG A 451 -6.07 23.56 24.37
C ARG A 451 -6.76 24.78 25.00
N LYS A 452 -7.72 25.35 24.25
CA LYS A 452 -8.55 26.49 24.69
C LYS A 452 -9.32 26.14 25.97
N LYS A 453 -9.73 24.85 26.08
CA LYS A 453 -10.59 24.37 27.16
C LYS A 453 -9.81 24.29 28.49
N GLY A 454 -8.48 24.10 28.41
CA GLY A 454 -7.61 24.10 29.60
C GLY A 454 -6.91 22.76 29.84
N ILE A 455 -6.85 21.90 28.80
CA ILE A 455 -6.24 20.56 28.88
C ILE A 455 -5.27 20.34 27.69
N GLU A 456 -4.20 19.55 27.91
CA GLU A 456 -3.09 19.36 26.94
C GLU A 456 -2.86 17.85 26.65
N VAL A 457 -2.53 17.55 25.37
CA VAL A 457 -2.32 16.19 24.87
C VAL A 457 -1.00 16.14 24.06
N LEU A 458 -0.17 15.11 24.31
CA LEU A 458 1.07 14.88 23.53
C LEU A 458 0.74 14.35 22.12
N LEU A 459 1.19 15.10 21.12
CA LEU A 459 1.03 14.76 19.71
C LEU A 459 2.32 14.11 19.21
N LEU A 460 2.35 12.77 19.17
CA LEU A 460 3.51 12.02 18.68
C LEU A 460 3.08 11.33 17.38
N SER A 461 3.73 11.70 16.29
CA SER A 461 3.24 11.44 14.94
C SER A 461 4.39 10.97 14.06
N ASP A 462 5.28 10.18 14.67
CA ASP A 462 6.52 9.74 14.03
C ASP A 462 6.36 8.32 13.47
N ARG A 463 7.31 7.91 12.64
CA ARG A 463 7.40 6.52 12.16
C ARG A 463 8.15 5.64 13.19
N ILE A 464 9.11 6.24 13.93
CA ILE A 464 10.00 5.50 14.85
C ILE A 464 9.37 5.35 16.26
N ASP A 465 8.40 6.22 16.61
CA ASP A 465 7.83 6.29 17.98
C ASP A 465 7.08 5.00 18.37
N GLU A 466 6.61 4.23 17.36
CA GLU A 466 5.97 2.92 17.54
C GLU A 466 6.94 1.90 18.19
N TRP A 467 8.22 1.97 17.80
CA TRP A 467 9.29 1.12 18.34
C TRP A 467 9.80 1.73 19.68
N MET A 468 10.01 3.07 19.69
CA MET A 468 10.52 3.84 20.84
C MET A 468 9.74 3.54 22.13
N MET A 469 8.43 3.81 22.07
CA MET A 469 7.52 3.74 23.22
C MET A 469 7.08 2.28 23.49
N ASN A 470 7.46 1.35 22.58
CA ASN A 470 7.26 -0.10 22.81
C ASN A 470 8.17 -0.58 23.98
N TYR A 471 9.23 0.22 24.25
CA TYR A 471 10.08 0.08 25.44
C TYR A 471 9.66 1.14 26.49
N LEU A 472 9.50 2.41 26.02
CA LEU A 472 9.17 3.57 26.89
C LEU A 472 7.66 3.56 27.26
N THR A 473 7.28 2.67 28.20
CA THR A 473 5.85 2.49 28.58
C THR A 473 5.39 3.53 29.64
N GLU A 474 6.34 4.06 30.43
CA GLU A 474 6.06 5.12 31.43
C GLU A 474 7.29 6.03 31.59
N PHE A 475 7.06 7.18 32.26
CA PHE A 475 8.11 8.16 32.57
C PHE A 475 7.80 8.84 33.91
N ASP A 476 8.86 9.00 34.75
CA ASP A 476 8.83 9.72 36.05
C ASP A 476 7.95 8.97 37.10
N GLY A 477 7.60 7.71 36.79
CA GLY A 477 6.69 6.91 37.62
C GLY A 477 5.24 6.98 37.15
N LYS A 478 4.96 7.89 36.21
CA LYS A 478 3.61 8.15 35.69
C LYS A 478 3.39 7.31 34.41
N PRO A 479 2.41 6.34 34.40
CA PRO A 479 2.14 5.48 33.24
C PRO A 479 1.37 6.20 32.12
N PHE A 480 1.68 5.82 30.88
CA PHE A 480 1.04 6.36 29.66
C PHE A 480 -0.37 5.73 29.45
N GLN A 481 -1.22 6.47 28.71
CA GLN A 481 -2.65 6.10 28.46
C GLN A 481 -3.08 6.53 27.05
N SER A 482 -3.51 5.56 26.25
CA SER A 482 -3.99 5.77 24.87
C SER A 482 -5.46 6.25 24.84
N VAL A 483 -5.91 6.68 23.65
CA VAL A 483 -7.31 7.07 23.38
C VAL A 483 -8.21 5.82 23.11
N SER A 484 -7.83 4.66 23.68
CA SER A 484 -8.49 3.36 23.49
C SER A 484 -10.00 3.41 23.87
N LYS A 485 -10.38 4.39 24.71
CA LYS A 485 -11.78 4.67 25.04
C LYS A 485 -12.06 6.18 24.89
N VAL A 486 -13.32 6.50 24.53
CA VAL A 486 -13.80 7.90 24.38
C VAL A 486 -15.20 8.05 24.99
N ASP A 487 -15.60 9.31 25.21
CA ASP A 487 -16.92 9.67 25.75
C ASP A 487 -17.39 11.01 25.12
N GLU A 488 -18.72 11.23 25.13
CA GLU A 488 -19.39 12.34 24.41
C GLU A 488 -19.72 13.54 25.30
N SER A 489 -19.08 13.67 26.49
CA SER A 489 -19.37 14.77 27.45
C SER A 489 -19.18 16.19 26.84
N LEU A 490 -18.46 16.26 25.70
CA LEU A 490 -18.26 17.50 24.92
C LEU A 490 -19.54 17.97 24.15
N GLU A 491 -20.66 17.21 24.25
CA GLU A 491 -21.92 17.54 23.55
C GLU A 491 -22.53 18.86 24.08
N LYS A 492 -22.26 19.16 25.37
CA LYS A 492 -22.71 20.41 26.01
C LYS A 492 -21.80 21.59 25.62
N LEU A 493 -20.58 21.26 25.17
CA LEU A 493 -19.58 22.27 24.73
C LEU A 493 -19.89 22.74 23.29
N ALA A 494 -20.82 22.01 22.63
CA ALA A 494 -21.40 22.40 21.34
C ALA A 494 -22.50 23.48 21.51
N ASP A 495 -22.70 23.95 22.77
CA ASP A 495 -23.56 25.10 23.10
C ASP A 495 -22.71 26.38 23.27
N GLU A 496 -21.36 26.22 23.36
CA GLU A 496 -20.41 27.36 23.46
C GLU A 496 -20.13 27.97 22.07
N VAL A 497 -21.21 28.32 21.36
CA VAL A 497 -21.15 28.72 19.96
C VAL A 497 -21.11 30.26 19.82
N ASP A 498 -19.89 30.80 19.67
CA ASP A 498 -19.66 32.25 19.44
C ASP A 498 -20.10 32.65 18.02
N GLU A 499 -20.39 33.96 17.86
CA GLU A 499 -20.81 34.66 16.58
C GLU A 499 -22.12 34.16 15.95
N SER A 500 -22.68 33.06 16.46
CA SER A 500 -23.84 32.40 15.88
C SER A 500 -25.13 32.84 16.58
N ALA A 501 -26.20 33.03 15.77
CA ALA A 501 -27.53 33.39 16.27
C ALA A 501 -28.64 32.74 15.43
N LYS A 502 -29.88 32.88 15.93
CA LYS A 502 -31.09 32.28 15.33
C LYS A 502 -31.46 32.95 13.98
N GLU A 503 -30.94 34.18 13.77
CA GLU A 503 -31.08 34.92 12.49
C GLU A 503 -30.45 34.12 11.33
N ALA A 504 -29.35 33.40 11.65
CA ALA A 504 -28.71 32.45 10.73
C ALA A 504 -29.64 31.27 10.47
N GLU A 505 -30.19 30.67 11.56
CA GLU A 505 -31.06 29.46 11.50
C GLU A 505 -32.28 29.65 10.57
N LYS A 506 -32.81 30.89 10.54
CA LYS A 506 -33.96 31.26 9.67
C LYS A 506 -33.55 31.27 8.18
N ALA A 507 -32.30 31.69 7.93
CA ALA A 507 -31.70 31.74 6.58
C ALA A 507 -31.15 30.34 6.20
N LEU A 508 -30.97 29.48 7.22
CA LEU A 508 -30.54 28.09 7.04
C LEU A 508 -31.74 27.17 6.81
N THR A 509 -32.95 27.59 7.23
CA THR A 509 -34.18 26.79 7.03
C THR A 509 -34.43 26.47 5.52
N PRO A 510 -34.44 27.49 4.57
CA PRO A 510 -34.57 27.21 3.11
C PRO A 510 -33.35 26.44 2.60
N PHE A 511 -32.17 26.77 3.18
CA PHE A 511 -30.88 26.13 2.85
C PHE A 511 -30.94 24.61 3.13
N ILE A 512 -31.59 24.22 4.25
CA ILE A 512 -31.72 22.80 4.66
C ILE A 512 -32.66 22.08 3.68
N ASP A 513 -33.82 22.73 3.41
CA ASP A 513 -34.83 22.22 2.47
C ASP A 513 -34.20 21.90 1.08
N ARG A 514 -33.30 22.81 0.65
CA ARG A 514 -32.57 22.68 -0.62
C ARG A 514 -31.53 21.55 -0.55
N VAL A 515 -30.68 21.56 0.50
CA VAL A 515 -29.58 20.58 0.68
C VAL A 515 -30.11 19.13 0.67
N LYS A 516 -31.26 18.92 1.34
CA LYS A 516 -31.89 17.58 1.45
C LYS A 516 -32.60 17.19 0.14
N ALA A 517 -32.97 18.20 -0.69
CA ALA A 517 -33.55 17.96 -2.03
C ALA A 517 -32.46 17.62 -3.06
N LEU A 518 -31.25 18.20 -2.87
CA LEU A 518 -30.09 18.00 -3.78
C LEU A 518 -29.40 16.64 -3.50
N LEU A 519 -29.29 16.27 -2.23
CA LEU A 519 -28.71 14.97 -1.81
C LEU A 519 -29.77 13.87 -1.89
N GLY A 520 -31.03 14.25 -1.62
CA GLY A 520 -32.16 13.34 -1.70
C GLY A 520 -32.13 12.27 -0.61
N GLU A 521 -31.90 11.02 -1.03
CA GLU A 521 -31.97 9.83 -0.16
C GLU A 521 -30.56 9.16 -0.08
N ARG A 522 -29.53 9.81 -0.67
CA ARG A 522 -28.13 9.37 -0.55
C ARG A 522 -27.67 9.54 0.93
N VAL A 523 -28.27 10.52 1.60
CA VAL A 523 -28.04 10.84 3.01
C VAL A 523 -29.35 10.58 3.77
N LYS A 524 -29.23 10.08 5.01
CA LYS A 524 -30.39 9.76 5.86
C LYS A 524 -31.08 11.07 6.29
N ASP A 525 -30.27 12.01 6.82
CA ASP A 525 -30.76 13.30 7.32
C ASP A 525 -29.63 14.35 7.34
N VAL A 526 -30.00 15.62 7.09
CA VAL A 526 -29.08 16.77 7.12
C VAL A 526 -29.55 17.78 8.19
N ARG A 527 -28.60 18.29 8.98
CA ARG A 527 -28.84 19.31 10.02
C ARG A 527 -27.80 20.44 9.86
N LEU A 528 -28.15 21.65 10.32
CA LEU A 528 -27.25 22.81 10.33
C LEU A 528 -26.91 23.15 11.80
N THR A 529 -25.83 22.56 12.30
CA THR A 529 -25.33 22.76 13.68
C THR A 529 -24.05 23.62 13.65
N HIS A 530 -23.65 24.16 14.80
CA HIS A 530 -22.53 25.13 14.87
C HIS A 530 -21.31 24.45 15.52
N ARG A 531 -20.58 23.68 14.71
CA ARG A 531 -19.24 23.21 15.06
C ARG A 531 -18.26 24.30 14.62
N LEU A 532 -17.78 25.14 15.58
CA LEU A 532 -17.01 26.38 15.28
C LEU A 532 -15.78 26.05 14.38
N THR A 533 -14.73 25.44 14.99
CA THR A 533 -13.60 24.70 14.30
C THR A 533 -13.05 25.37 12.99
N ASP A 534 -12.31 24.60 12.14
CA ASP A 534 -11.91 25.05 10.77
C ASP A 534 -12.50 24.11 9.69
N THR A 535 -13.25 23.08 10.13
CA THR A 535 -13.92 22.12 9.24
C THR A 535 -15.36 22.62 8.90
N PRO A 536 -15.76 22.67 7.57
CA PRO A 536 -17.06 23.22 7.15
C PRO A 536 -18.24 22.24 7.32
N ALA A 537 -17.92 20.94 7.50
CA ALA A 537 -18.91 19.87 7.58
C ALA A 537 -18.38 18.65 8.34
N ILE A 538 -19.26 18.05 9.12
CA ILE A 538 -18.99 16.87 9.97
C ILE A 538 -20.21 15.95 9.91
N VAL A 539 -20.04 14.67 10.25
CA VAL A 539 -21.17 13.73 10.34
C VAL A 539 -21.35 13.22 11.78
N SER A 540 -22.58 12.84 12.11
CA SER A 540 -22.94 12.24 13.40
C SER A 540 -23.21 10.74 13.20
N THR A 541 -22.64 9.89 14.09
CA THR A 541 -22.74 8.41 14.01
C THR A 541 -23.19 7.81 15.35
N ASP A 542 -23.89 6.66 15.28
CA ASP A 542 -24.30 5.89 16.46
C ASP A 542 -23.17 4.94 16.88
N ALA A 543 -22.99 3.84 16.12
CA ALA A 543 -22.09 2.73 16.47
C ALA A 543 -20.93 2.63 15.46
N ASP A 544 -20.32 1.42 15.35
CA ASP A 544 -19.20 1.13 14.43
C ASP A 544 -19.55 1.51 12.98
N GLU A 545 -18.97 2.66 12.55
CA GLU A 545 -19.09 3.18 11.18
C GLU A 545 -20.57 3.55 10.90
N MET A 546 -21.20 4.16 11.93
CA MET A 546 -22.67 4.39 12.03
C MET A 546 -23.38 3.05 12.33
N SER A 547 -23.35 2.13 11.34
CA SER A 547 -24.11 0.88 11.42
C SER A 547 -23.63 -0.16 10.38
N THR A 548 -22.31 -0.22 10.12
CA THR A 548 -21.75 -1.10 9.06
C THR A 548 -21.26 -2.47 9.62
N GLN A 549 -21.54 -2.77 10.91
CA GLN A 549 -21.32 -4.12 11.50
C GLN A 549 -21.98 -4.26 12.90
N MET A 550 -23.24 -4.78 12.92
CA MET A 550 -23.96 -5.26 14.15
C MET A 550 -25.37 -5.77 13.75
N ALA A 551 -26.04 -6.51 14.68
CA ALA A 551 -27.32 -7.25 14.42
C ALA A 551 -28.48 -6.32 13.96
N LYS A 552 -28.98 -5.47 14.89
CA LYS A 552 -30.10 -4.51 14.62
C LYS A 552 -29.80 -3.62 13.41
N LEU A 553 -28.52 -3.27 13.28
CA LEU A 553 -28.04 -2.33 12.27
C LEU A 553 -28.29 -2.89 10.85
N PHE A 554 -27.84 -4.13 10.59
CA PHE A 554 -28.05 -4.79 9.27
C PHE A 554 -29.47 -5.39 9.13
N ALA A 555 -30.20 -5.47 10.25
CA ALA A 555 -31.62 -5.90 10.28
C ALA A 555 -32.55 -4.72 9.91
N ALA A 556 -31.96 -3.56 9.51
CA ALA A 556 -32.71 -2.39 9.06
C ALA A 556 -33.37 -2.66 7.68
N ALA A 557 -32.54 -2.80 6.62
CA ALA A 557 -33.05 -3.05 5.25
C ALA A 557 -32.11 -3.95 4.42
N GLY A 558 -30.87 -4.20 4.91
CA GLY A 558 -29.90 -5.05 4.18
C GLY A 558 -29.05 -4.25 3.18
N GLN A 559 -29.73 -3.41 2.35
CA GLN A 559 -29.06 -2.51 1.38
C GLN A 559 -28.22 -1.46 2.13
N LYS A 560 -26.92 -1.80 2.33
CA LYS A 560 -25.87 -1.00 3.04
C LYS A 560 -26.28 -0.45 4.43
N VAL A 561 -27.51 -0.81 4.89
CA VAL A 561 -28.24 -0.11 5.96
C VAL A 561 -28.58 1.35 5.55
N PRO A 562 -29.89 1.75 5.47
CA PRO A 562 -30.29 3.16 5.18
C PRO A 562 -29.83 4.12 6.30
N GLU A 563 -29.83 3.59 7.55
CA GLU A 563 -29.38 4.34 8.74
C GLU A 563 -27.89 4.72 8.63
N VAL A 564 -27.10 3.85 7.94
CA VAL A 564 -25.63 4.02 7.80
C VAL A 564 -25.27 5.34 7.15
N LYS A 565 -26.22 5.85 6.31
CA LYS A 565 -26.06 7.13 5.61
C LYS A 565 -25.90 8.24 6.65
N TYR A 566 -24.68 8.74 6.75
CA TYR A 566 -24.19 9.53 7.87
C TYR A 566 -24.89 10.90 7.91
N ILE A 567 -25.18 11.42 9.12
CA ILE A 567 -26.03 12.61 9.27
C ILE A 567 -25.16 13.85 9.02
N PHE A 568 -25.44 14.50 7.87
CA PHE A 568 -24.62 15.56 7.31
C PHE A 568 -24.90 16.90 8.02
N GLU A 569 -23.93 17.34 8.82
CA GLU A 569 -23.99 18.61 9.56
C GLU A 569 -23.05 19.63 8.89
N LEU A 570 -23.52 20.88 8.69
CA LEU A 570 -22.71 21.98 8.13
C LEU A 570 -22.60 23.11 9.16
N ASN A 571 -21.45 23.83 9.17
CA ASN A 571 -21.21 24.96 10.11
C ASN A 571 -21.49 26.31 9.41
N PRO A 572 -22.57 27.06 9.78
CA PRO A 572 -22.92 28.37 9.14
C PRO A 572 -21.86 29.46 9.40
N ASP A 573 -21.11 29.31 10.51
CA ASP A 573 -20.07 30.27 10.94
C ASP A 573 -18.81 30.12 10.09
N HIS A 574 -18.72 29.01 9.32
CA HIS A 574 -17.63 28.80 8.35
C HIS A 574 -18.02 29.48 7.02
N VAL A 575 -17.09 30.28 6.46
CA VAL A 575 -17.32 31.12 5.26
C VAL A 575 -17.64 30.28 3.99
N LEU A 576 -17.27 28.99 3.98
CA LEU A 576 -17.58 28.06 2.85
C LEU A 576 -19.09 27.77 2.77
N VAL A 577 -19.70 27.46 3.94
CA VAL A 577 -21.16 27.19 4.07
C VAL A 577 -21.94 28.48 3.84
N LYS A 578 -21.37 29.59 4.36
CA LYS A 578 -21.91 30.94 4.19
C LYS A 578 -22.02 31.30 2.69
N ARG A 579 -20.92 31.04 1.94
CA ARG A 579 -20.85 31.27 0.49
C ARG A 579 -21.82 30.37 -0.27
N ALA A 580 -22.05 29.14 0.26
CA ALA A 580 -23.02 28.19 -0.34
C ALA A 580 -24.47 28.67 -0.10
N ALA A 581 -24.68 29.42 1.01
CA ALA A 581 -25.97 30.03 1.34
C ALA A 581 -26.21 31.29 0.49
N ASP A 582 -25.11 31.91 0.02
CA ASP A 582 -25.15 33.07 -0.89
C ASP A 582 -25.35 32.61 -2.35
N THR A 583 -24.96 31.36 -2.65
CA THR A 583 -25.09 30.79 -3.99
C THR A 583 -26.55 30.36 -4.23
N GLU A 584 -27.30 31.18 -4.98
CA GLU A 584 -28.69 30.88 -5.37
C GLU A 584 -28.69 29.98 -6.62
N ASP A 585 -27.58 30.06 -7.39
CA ASP A 585 -27.33 29.25 -8.59
C ASP A 585 -27.34 27.76 -8.22
N GLU A 586 -28.29 26.99 -8.77
CA GLU A 586 -28.52 25.57 -8.42
C GLU A 586 -27.32 24.65 -8.73
N ALA A 587 -26.55 24.98 -9.80
CA ALA A 587 -25.41 24.15 -10.25
C ALA A 587 -24.25 24.21 -9.23
N LYS A 588 -23.89 25.43 -8.82
CA LYS A 588 -22.78 25.67 -7.89
C LYS A 588 -23.23 25.46 -6.43
N PHE A 589 -24.52 25.74 -6.13
CA PHE A 589 -25.11 25.48 -4.80
C PHE A 589 -24.96 24.00 -4.49
N SER A 590 -25.41 23.18 -5.46
CA SER A 590 -25.27 21.73 -5.40
C SER A 590 -23.81 21.36 -5.19
N GLU A 591 -22.92 21.90 -6.05
CA GLU A 591 -21.47 21.61 -6.04
C GLU A 591 -20.83 21.80 -4.64
N TRP A 592 -21.26 22.86 -3.91
CA TRP A 592 -20.78 23.13 -2.53
C TRP A 592 -21.34 22.09 -1.54
N VAL A 593 -22.66 21.81 -1.64
CA VAL A 593 -23.38 20.83 -0.78
C VAL A 593 -22.74 19.43 -0.89
N GLU A 594 -22.49 19.04 -2.14
CA GLU A 594 -21.86 17.78 -2.53
C GLU A 594 -20.42 17.71 -1.96
N LEU A 595 -19.63 18.77 -2.24
CA LEU A 595 -18.21 18.93 -1.84
C LEU A 595 -18.00 18.73 -0.33
N LEU A 596 -18.84 19.41 0.45
CA LEU A 596 -18.82 19.37 1.92
C LEU A 596 -19.28 18.00 2.43
N LEU A 597 -20.24 17.38 1.70
CA LEU A 597 -20.73 16.01 2.01
C LEU A 597 -19.58 15.00 1.94
N ASP A 598 -18.82 15.09 0.83
CA ASP A 598 -17.65 14.24 0.60
C ASP A 598 -16.65 14.37 1.74
N GLN A 599 -16.30 15.62 2.08
CA GLN A 599 -15.31 15.93 3.13
C GLN A 599 -15.75 15.44 4.53
N ALA A 600 -17.08 15.41 4.75
CA ALA A 600 -17.69 14.95 6.01
C ALA A 600 -17.59 13.40 6.13
N LEU A 601 -18.00 12.70 5.04
CA LEU A 601 -17.89 11.21 4.95
C LEU A 601 -16.40 10.78 5.01
N LEU A 602 -15.54 11.64 4.42
CA LEU A 602 -14.08 11.50 4.41
C LEU A 602 -13.55 11.58 5.86
N ALA A 603 -14.20 12.44 6.69
CA ALA A 603 -13.82 12.63 8.10
C ALA A 603 -14.13 11.37 8.92
N GLU A 604 -15.15 10.61 8.46
CA GLU A 604 -15.65 9.45 9.19
C GLU A 604 -14.88 8.17 8.84
N ARG A 605 -14.43 8.06 7.57
CA ARG A 605 -13.87 6.80 7.05
C ARG A 605 -12.64 7.06 6.17
N GLY A 606 -12.74 8.11 5.35
CA GLY A 606 -11.89 8.26 4.18
C GLY A 606 -12.47 7.52 2.98
N THR A 607 -13.80 7.23 3.04
CA THR A 607 -14.50 6.43 2.03
C THR A 607 -15.78 7.14 1.56
N LEU A 608 -15.87 7.34 0.23
CA LEU A 608 -16.99 8.06 -0.42
C LEU A 608 -17.73 7.11 -1.37
N GLU A 609 -19.01 7.42 -1.65
CA GLU A 609 -19.79 6.70 -2.66
C GLU A 609 -19.30 7.08 -4.07
N ASP A 610 -19.01 8.38 -4.23
CA ASP A 610 -18.58 8.98 -5.50
C ASP A 610 -17.28 9.81 -5.29
N PRO A 611 -16.08 9.11 -5.15
CA PRO A 611 -14.78 9.78 -4.90
C PRO A 611 -14.28 10.54 -6.15
N ASN A 612 -14.63 10.03 -7.34
CA ASN A 612 -14.23 10.62 -8.64
C ASN A 612 -15.03 11.91 -8.94
N LEU A 613 -16.26 11.97 -8.40
CA LEU A 613 -17.12 13.16 -8.54
C LEU A 613 -16.66 14.25 -7.55
N PHE A 614 -16.10 13.81 -6.39
CA PHE A 614 -15.38 14.69 -5.44
C PHE A 614 -14.13 15.29 -6.10
N ILE A 615 -13.39 14.45 -6.85
CA ILE A 615 -12.19 14.88 -7.60
C ILE A 615 -12.55 16.02 -8.55
N ARG A 616 -13.66 15.85 -9.31
CA ARG A 616 -14.19 16.88 -10.22
C ARG A 616 -14.35 18.23 -9.49
N ARG A 617 -15.09 18.20 -8.37
CA ARG A 617 -15.41 19.42 -7.60
C ARG A 617 -14.13 20.08 -7.03
N MET A 618 -13.34 19.28 -6.29
CA MET A 618 -12.12 19.73 -5.59
C MET A 618 -11.08 20.33 -6.56
N ASN A 619 -10.67 19.54 -7.57
CA ASN A 619 -9.60 19.91 -8.53
C ASN A 619 -10.00 21.17 -9.32
N GLN A 620 -11.29 21.23 -9.73
CA GLN A 620 -11.81 22.31 -10.58
C GLN A 620 -11.89 23.63 -9.81
N LEU A 621 -12.14 23.57 -8.49
CA LEU A 621 -12.12 24.76 -7.61
C LEU A 621 -10.68 25.28 -7.42
N LEU A 622 -9.69 24.35 -7.43
CA LEU A 622 -8.26 24.71 -7.39
C LEU A 622 -7.80 25.30 -8.76
N VAL A 623 -8.43 24.80 -9.85
CA VAL A 623 -8.14 25.23 -11.24
C VAL A 623 -8.89 26.54 -11.60
N SER A 624 -9.98 26.83 -10.85
CA SER A 624 -10.86 27.99 -11.10
C SER A 624 -10.08 29.33 -10.87
N MET B 1 -10.16 -21.87 11.84
CA MET B 1 -9.66 -20.93 12.87
C MET B 1 -10.83 -20.04 13.33
N LYS B 2 -11.10 -20.05 14.65
CA LYS B 2 -12.24 -19.35 15.25
C LYS B 2 -11.98 -17.83 15.34
N GLY B 3 -13.05 -17.05 15.22
CA GLY B 3 -13.04 -15.61 15.43
C GLY B 3 -14.15 -15.22 16.40
N GLN B 4 -14.68 -14.00 16.28
CA GLN B 4 -15.81 -13.52 17.10
C GLN B 4 -17.05 -13.28 16.23
N GLU B 5 -17.04 -13.83 15.00
CA GLU B 5 -18.12 -13.64 14.02
C GLU B 5 -19.21 -14.70 14.20
N THR B 6 -20.45 -14.21 14.35
CA THR B 6 -21.66 -15.03 14.48
C THR B 6 -22.85 -14.10 14.21
N ARG B 7 -23.01 -13.74 12.94
CA ARG B 7 -23.89 -12.64 12.49
C ARG B 7 -24.98 -13.18 11.54
N GLY B 8 -26.03 -13.74 12.16
CA GLY B 8 -27.19 -14.26 11.45
C GLY B 8 -28.16 -13.15 11.08
N PHE B 9 -27.84 -12.45 9.98
CA PHE B 9 -28.66 -11.34 9.47
C PHE B 9 -29.90 -11.84 8.72
N GLN B 10 -30.73 -10.90 8.27
CA GLN B 10 -31.93 -11.19 7.47
C GLN B 10 -31.69 -10.83 6.00
N SER B 11 -32.73 -11.08 5.15
CA SER B 11 -32.71 -10.82 3.69
C SER B 11 -31.72 -11.78 2.97
N GLU B 12 -31.50 -11.55 1.66
CA GLU B 12 -30.55 -12.34 0.85
C GLU B 12 -29.22 -11.56 0.71
N VAL B 13 -28.24 -11.87 1.60
CA VAL B 13 -26.89 -11.27 1.56
C VAL B 13 -25.82 -12.33 1.21
N LYS B 14 -26.09 -13.60 1.60
CA LYS B 14 -25.24 -14.76 1.27
C LYS B 14 -26.16 -15.96 0.93
N GLN B 15 -25.60 -17.07 0.39
CA GLN B 15 -26.41 -18.22 -0.08
C GLN B 15 -27.26 -18.80 1.07
N LEU B 16 -26.61 -19.02 2.24
CA LEU B 16 -27.21 -19.61 3.47
C LEU B 16 -28.61 -19.07 3.76
N LEU B 17 -28.75 -17.75 3.66
CA LEU B 17 -29.97 -17.03 4.03
C LEU B 17 -31.11 -17.33 3.03
N HIS B 18 -30.79 -17.39 1.70
CA HIS B 18 -31.83 -17.68 0.68
C HIS B 18 -32.10 -19.18 0.57
N LEU B 19 -31.18 -20.01 1.11
CA LEU B 19 -31.38 -21.45 1.16
C LEU B 19 -32.47 -21.75 2.20
N MET B 20 -32.25 -21.29 3.46
CA MET B 20 -33.13 -21.58 4.62
C MET B 20 -34.61 -21.20 4.35
N ILE B 21 -34.84 -19.99 3.80
CA ILE B 21 -36.19 -19.47 3.49
C ILE B 21 -36.98 -20.43 2.55
N HIS B 22 -36.27 -21.02 1.58
CA HIS B 22 -36.88 -21.92 0.57
C HIS B 22 -36.79 -23.41 0.99
N SER B 23 -35.92 -23.71 1.98
CA SER B 23 -35.75 -25.09 2.54
C SER B 23 -37.05 -25.52 3.24
N LEU B 24 -37.72 -24.52 3.83
CA LEU B 24 -39.06 -24.66 4.42
C LEU B 24 -40.09 -25.09 3.35
N TYR B 25 -40.14 -24.26 2.26
CA TYR B 25 -41.09 -24.42 1.13
C TYR B 25 -42.58 -24.27 1.58
N SER B 26 -42.77 -23.89 2.88
CA SER B 26 -44.09 -23.81 3.54
C SER B 26 -44.79 -25.19 3.60
N ASN B 27 -44.04 -26.29 3.32
CA ASN B 27 -44.63 -27.64 3.15
C ASN B 27 -44.00 -28.65 4.11
N LYS B 28 -42.70 -28.42 4.46
CA LYS B 28 -41.93 -29.19 5.50
C LYS B 28 -41.40 -30.54 4.96
N GLU B 29 -42.28 -31.33 4.29
CA GLU B 29 -42.03 -32.75 3.86
C GLU B 29 -40.81 -32.88 2.92
N ILE B 30 -40.38 -31.74 2.37
CA ILE B 30 -39.21 -31.61 1.51
C ILE B 30 -37.92 -32.14 2.21
N PHE B 31 -37.91 -32.17 3.56
CA PHE B 31 -36.75 -32.65 4.34
C PHE B 31 -36.35 -34.10 3.98
N LEU B 32 -37.35 -34.94 3.59
CA LEU B 32 -37.08 -36.33 3.18
C LEU B 32 -36.18 -36.38 1.92
N ARG B 33 -36.33 -35.37 1.02
CA ARG B 33 -35.42 -35.18 -0.12
C ARG B 33 -33.98 -35.01 0.38
N GLU B 34 -33.74 -33.94 1.19
CA GLU B 34 -32.40 -33.54 1.66
C GLU B 34 -31.69 -34.68 2.37
N LEU B 35 -32.38 -35.29 3.34
CA LEU B 35 -31.86 -36.39 4.16
C LEU B 35 -31.35 -37.54 3.28
N ILE B 36 -32.23 -38.06 2.40
CA ILE B 36 -31.88 -39.17 1.52
C ILE B 36 -30.80 -38.74 0.49
N SER B 37 -30.86 -37.49 0.02
CA SER B 37 -29.91 -36.96 -0.99
C SER B 37 -28.49 -36.78 -0.38
N ASN B 38 -28.41 -36.57 0.95
CA ASN B 38 -27.14 -36.56 1.69
C ASN B 38 -26.56 -37.99 1.71
N ALA B 39 -27.48 -38.98 1.77
CA ALA B 39 -27.15 -40.41 1.81
C ALA B 39 -26.76 -40.92 0.42
N SER B 40 -27.38 -40.33 -0.62
CA SER B 40 -27.19 -40.70 -2.03
C SER B 40 -25.81 -40.23 -2.51
N ASP B 41 -25.40 -39.06 -2.02
CA ASP B 41 -24.10 -38.46 -2.34
C ASP B 41 -22.99 -39.18 -1.57
N ALA B 42 -23.29 -39.54 -0.29
CA ALA B 42 -22.38 -40.33 0.56
C ALA B 42 -22.19 -41.76 0.00
N ALA B 43 -23.22 -42.25 -0.70
CA ALA B 43 -23.21 -43.57 -1.35
C ALA B 43 -22.19 -43.60 -2.49
N ASP B 44 -22.25 -42.57 -3.37
CA ASP B 44 -21.36 -42.49 -4.55
C ASP B 44 -19.91 -42.19 -4.12
N LYS B 45 -19.73 -41.45 -3.01
CA LYS B 45 -18.39 -41.20 -2.39
C LYS B 45 -17.73 -42.53 -1.97
N LEU B 46 -18.55 -43.47 -1.46
CA LEU B 46 -18.08 -44.80 -1.04
C LEU B 46 -17.75 -45.67 -2.26
N ARG B 47 -18.51 -45.50 -3.36
CA ARG B 47 -18.28 -46.25 -4.61
C ARG B 47 -16.90 -45.89 -5.21
N PHE B 48 -16.45 -44.64 -4.99
CA PHE B 48 -15.10 -44.18 -5.40
C PHE B 48 -14.02 -44.61 -4.40
N ARG B 49 -14.32 -44.50 -3.09
CA ARG B 49 -13.35 -44.83 -2.03
C ARG B 49 -13.07 -46.35 -2.01
N ALA B 50 -14.05 -47.13 -2.50
CA ALA B 50 -13.93 -48.58 -2.71
C ALA B 50 -12.94 -48.90 -3.85
N LEU B 51 -12.82 -47.96 -4.81
CA LEU B 51 -11.85 -48.06 -5.92
C LEU B 51 -10.42 -47.78 -5.43
N SER B 52 -10.27 -47.18 -4.23
CA SER B 52 -8.93 -46.94 -3.64
C SER B 52 -8.66 -47.94 -2.50
N ASN B 53 -9.74 -48.58 -2.01
CA ASN B 53 -9.68 -49.59 -0.94
C ASN B 53 -11.09 -50.24 -0.79
N PRO B 54 -11.30 -51.48 -1.36
CA PRO B 54 -12.63 -52.16 -1.33
C PRO B 54 -12.95 -52.79 0.04
N ASP B 55 -11.90 -52.96 0.86
CA ASP B 55 -11.98 -53.60 2.19
C ASP B 55 -12.77 -52.72 3.17
N LEU B 56 -12.91 -51.42 2.82
CA LEU B 56 -13.65 -50.43 3.62
C LEU B 56 -15.18 -50.74 3.65
N TYR B 57 -15.63 -51.65 2.77
CA TYR B 57 -17.01 -52.19 2.79
C TYR B 57 -17.27 -53.06 4.05
N GLU B 58 -16.20 -53.60 4.67
CA GLU B 58 -16.28 -54.45 5.89
C GLU B 58 -17.06 -55.76 5.63
N GLY B 59 -17.17 -56.15 4.36
CA GLY B 59 -18.02 -57.28 3.94
C GLY B 59 -19.36 -56.80 3.39
N ASP B 60 -19.87 -55.69 3.93
CA ASP B 60 -21.15 -55.08 3.53
C ASP B 60 -20.93 -54.20 2.27
N GLY B 61 -21.25 -54.75 1.09
CA GLY B 61 -21.07 -54.02 -0.19
C GLY B 61 -22.36 -53.44 -0.75
N GLU B 62 -23.50 -53.98 -0.28
CA GLU B 62 -24.85 -53.64 -0.81
C GLU B 62 -25.30 -52.27 -0.28
N LEU B 63 -25.06 -51.22 -1.08
CA LEU B 63 -25.35 -49.83 -0.67
C LEU B 63 -26.85 -49.51 -0.80
N ARG B 64 -27.49 -49.19 0.34
CA ARG B 64 -28.89 -48.76 0.44
C ARG B 64 -29.06 -47.72 1.56
N VAL B 65 -30.22 -47.05 1.57
CA VAL B 65 -30.63 -46.15 2.67
C VAL B 65 -32.03 -46.57 3.13
N ARG B 66 -32.16 -46.86 4.43
CA ARG B 66 -33.38 -47.39 5.05
C ARG B 66 -34.02 -46.34 5.95
N VAL B 67 -35.27 -46.00 5.63
CA VAL B 67 -36.08 -45.07 6.42
C VAL B 67 -36.90 -45.92 7.40
N SER B 68 -36.66 -45.75 8.69
CA SER B 68 -37.33 -46.48 9.76
C SER B 68 -38.20 -45.49 10.54
N PHE B 69 -39.17 -46.00 11.28
CA PHE B 69 -40.06 -45.16 12.09
C PHE B 69 -40.61 -45.95 13.27
N ASP B 70 -40.46 -45.39 14.48
CA ASP B 70 -40.98 -46.00 15.69
C ASP B 70 -42.26 -45.26 16.05
N LYS B 71 -43.32 -46.03 16.26
CA LYS B 71 -44.70 -45.54 16.34
C LYS B 71 -45.02 -45.07 17.76
N ASP B 72 -44.23 -45.53 18.75
CA ASP B 72 -44.36 -45.12 20.17
C ASP B 72 -43.43 -43.93 20.47
N LYS B 73 -42.14 -44.15 20.23
CA LYS B 73 -41.05 -43.19 20.51
C LYS B 73 -41.09 -41.97 19.58
N ARG B 74 -41.78 -42.12 18.42
CA ARG B 74 -41.99 -41.04 17.43
C ARG B 74 -40.68 -40.57 16.80
N THR B 75 -39.78 -41.54 16.54
CA THR B 75 -38.48 -41.29 15.91
C THR B 75 -38.46 -41.84 14.47
N LEU B 76 -38.10 -40.98 13.53
CA LEU B 76 -37.94 -41.31 12.11
C LEU B 76 -36.43 -41.39 11.80
N THR B 77 -35.92 -42.59 11.51
CA THR B 77 -34.49 -42.88 11.43
C THR B 77 -34.08 -43.23 9.98
N ILE B 78 -33.47 -42.26 9.27
CA ILE B 78 -33.01 -42.42 7.88
C ILE B 78 -31.51 -42.76 7.95
N SER B 79 -31.23 -44.08 7.89
CA SER B 79 -29.87 -44.63 8.05
C SER B 79 -29.37 -45.23 6.73
N ASP B 80 -28.37 -44.57 6.13
CA ASP B 80 -27.60 -45.11 5.01
C ASP B 80 -26.42 -45.93 5.53
N ASN B 81 -25.96 -46.88 4.72
CA ASN B 81 -24.71 -47.62 4.96
C ASN B 81 -23.59 -47.02 4.06
N GLY B 82 -23.69 -45.70 3.79
CA GLY B 82 -22.79 -45.01 2.87
C GLY B 82 -21.35 -44.88 3.37
N VAL B 83 -20.61 -43.89 2.85
CA VAL B 83 -19.18 -43.69 3.19
C VAL B 83 -19.01 -43.37 4.68
N GLY B 84 -20.01 -42.70 5.27
CA GLY B 84 -19.92 -42.19 6.64
C GLY B 84 -18.91 -41.06 6.77
N MET B 85 -18.73 -40.55 8.00
CA MET B 85 -17.79 -39.45 8.27
C MET B 85 -16.99 -39.75 9.54
N THR B 86 -15.75 -39.22 9.58
CA THR B 86 -14.86 -39.32 10.74
C THR B 86 -15.19 -38.21 11.76
N ARG B 87 -14.56 -38.29 12.95
CA ARG B 87 -14.80 -37.34 14.07
C ARG B 87 -14.55 -35.90 13.63
N ASP B 88 -13.32 -35.67 13.14
CA ASP B 88 -12.79 -34.34 12.78
C ASP B 88 -13.52 -33.79 11.55
N GLU B 89 -14.04 -34.70 10.70
CA GLU B 89 -14.87 -34.33 9.53
C GLU B 89 -16.14 -33.63 10.05
N VAL B 90 -16.88 -34.34 10.92
CA VAL B 90 -18.19 -33.90 11.46
C VAL B 90 -18.07 -32.57 12.26
N ILE B 91 -16.93 -32.39 12.96
CA ILE B 91 -16.63 -31.13 13.69
C ILE B 91 -16.44 -29.97 12.69
N ASP B 92 -15.65 -30.24 11.62
CA ASP B 92 -15.33 -29.25 10.56
C ASP B 92 -16.47 -29.10 9.53
N HIS B 93 -17.50 -29.98 9.62
CA HIS B 93 -18.62 -30.02 8.66
C HIS B 93 -19.91 -29.54 9.34
N LEU B 94 -20.52 -30.42 10.14
CA LEU B 94 -21.83 -30.18 10.79
C LEU B 94 -21.68 -29.15 11.92
N GLY B 95 -20.55 -29.24 12.65
CA GLY B 95 -20.23 -28.33 13.74
C GLY B 95 -20.09 -26.88 13.27
N THR B 96 -19.52 -26.70 12.07
CA THR B 96 -19.35 -25.38 11.45
C THR B 96 -20.67 -24.86 10.84
N ILE B 97 -21.64 -25.78 10.60
CA ILE B 97 -23.01 -25.39 10.16
C ILE B 97 -23.78 -24.82 11.36
N ALA B 98 -23.66 -25.50 12.52
CA ALA B 98 -24.39 -25.15 13.75
C ALA B 98 -23.77 -23.89 14.41
N LYS B 99 -22.73 -24.06 15.26
CA LYS B 99 -22.05 -22.91 15.91
C LYS B 99 -20.58 -22.82 15.48
N SER B 100 -20.29 -21.83 14.63
CA SER B 100 -18.93 -21.34 14.36
C SER B 100 -19.04 -19.86 13.98
N GLY B 101 -19.53 -19.61 12.77
CA GLY B 101 -19.66 -18.26 12.25
C GLY B 101 -19.01 -18.16 10.89
N THR B 102 -19.53 -18.98 9.95
CA THR B 102 -19.02 -19.06 8.56
C THR B 102 -19.19 -17.73 7.80
N LYS B 103 -20.08 -16.86 8.35
CA LYS B 103 -20.27 -15.44 8.00
C LYS B 103 -20.39 -15.15 6.47
N SER B 104 -19.24 -15.13 5.77
CA SER B 104 -19.14 -14.72 4.37
C SER B 104 -18.03 -15.54 3.72
N PHE B 105 -16.84 -15.51 4.33
CA PHE B 105 -15.67 -16.25 3.83
C PHE B 105 -15.08 -17.12 4.96
N LEU B 106 -14.87 -16.49 6.13
CA LEU B 106 -14.34 -17.12 7.36
C LEU B 106 -14.23 -16.04 8.46
N GLU B 107 -14.55 -16.45 9.69
CA GLU B 107 -14.56 -15.61 10.91
C GLU B 107 -13.16 -15.11 11.37
N SER B 108 -12.09 -15.40 10.60
CA SER B 108 -10.70 -15.11 11.03
C SER B 108 -9.84 -14.58 9.86
N LEU B 109 -9.38 -15.48 8.95
CA LEU B 109 -8.50 -15.12 7.80
C LEU B 109 -9.30 -14.84 6.50
N GLY B 110 -10.53 -15.38 6.43
CA GLY B 110 -11.37 -15.26 5.24
C GLY B 110 -10.94 -16.19 4.10
N SER B 111 -10.62 -17.46 4.44
CA SER B 111 -10.15 -18.46 3.43
C SER B 111 -10.27 -19.93 3.94
N ASP B 112 -9.80 -20.17 5.17
CA ASP B 112 -9.69 -21.55 5.75
C ASP B 112 -11.07 -22.27 5.83
N GLN B 113 -12.09 -21.58 6.36
CA GLN B 113 -13.49 -22.10 6.41
C GLN B 113 -14.38 -21.52 5.27
N ALA B 114 -13.76 -21.24 4.11
CA ALA B 114 -14.49 -20.85 2.86
C ALA B 114 -15.27 -22.03 2.23
N LYS B 115 -15.17 -23.20 2.88
CA LYS B 115 -15.73 -24.46 2.38
C LYS B 115 -17.13 -24.70 2.95
N ASP B 116 -17.86 -23.61 3.21
CA ASP B 116 -19.07 -23.65 4.04
C ASP B 116 -20.31 -23.67 3.17
N SER B 117 -20.24 -22.98 2.02
CA SER B 117 -21.35 -22.93 1.05
C SER B 117 -21.68 -24.34 0.46
N GLN B 118 -20.68 -25.25 0.47
CA GLN B 118 -20.89 -26.69 0.18
C GLN B 118 -21.70 -27.37 1.30
N LEU B 119 -21.26 -27.14 2.55
CA LEU B 119 -21.81 -27.80 3.74
C LEU B 119 -23.29 -27.41 3.91
N ILE B 120 -23.55 -26.12 3.72
CA ILE B 120 -24.88 -25.52 3.87
C ILE B 120 -25.77 -25.88 2.66
N GLY B 121 -25.19 -25.82 1.45
CA GLY B 121 -25.93 -26.09 0.20
C GLY B 121 -26.58 -27.46 0.14
N GLN B 122 -25.92 -28.47 0.75
CA GLN B 122 -26.39 -29.87 0.74
C GLN B 122 -27.01 -30.25 2.12
N PHE B 123 -26.20 -30.12 3.19
CA PHE B 123 -26.54 -30.63 4.54
C PHE B 123 -27.24 -29.55 5.41
N GLY B 124 -26.92 -28.26 5.15
CA GLY B 124 -27.47 -27.14 5.93
C GLY B 124 -28.93 -26.84 5.56
N VAL B 125 -29.28 -27.12 4.30
CA VAL B 125 -30.67 -27.12 3.81
C VAL B 125 -31.47 -28.20 4.57
N GLY B 126 -30.82 -29.37 4.72
CA GLY B 126 -31.38 -30.52 5.46
C GLY B 126 -31.44 -30.29 6.97
N PHE B 127 -30.50 -29.47 7.48
CA PHE B 127 -30.45 -29.08 8.91
C PHE B 127 -31.77 -28.37 9.28
N TYR B 128 -32.04 -27.26 8.57
CA TYR B 128 -33.20 -26.39 8.80
C TYR B 128 -34.53 -27.19 8.70
N SER B 129 -34.70 -27.87 7.55
CA SER B 129 -35.95 -28.58 7.19
C SER B 129 -36.26 -29.74 8.17
N ALA B 130 -35.20 -30.46 8.61
CA ALA B 130 -35.33 -31.58 9.58
C ALA B 130 -35.85 -31.05 10.93
N PHE B 131 -35.33 -29.90 11.36
CA PHE B 131 -35.70 -29.26 12.65
C PHE B 131 -37.01 -28.44 12.57
N ILE B 132 -37.72 -28.48 11.41
CA ILE B 132 -39.09 -27.92 11.29
C ILE B 132 -40.12 -28.99 11.76
N VAL B 133 -39.85 -30.26 11.40
CA VAL B 133 -40.74 -31.40 11.72
C VAL B 133 -40.30 -32.13 13.00
N ALA B 134 -39.01 -31.97 13.39
CA ALA B 134 -38.41 -32.67 14.55
C ALA B 134 -37.93 -31.69 15.62
N ASP B 135 -38.01 -32.11 16.89
CA ASP B 135 -37.40 -31.38 18.03
C ASP B 135 -35.89 -31.63 18.08
N LYS B 136 -35.50 -32.87 17.74
CA LYS B 136 -34.12 -33.36 17.91
C LYS B 136 -33.72 -34.21 16.70
N VAL B 137 -32.48 -34.05 16.23
CA VAL B 137 -31.85 -34.93 15.24
C VAL B 137 -30.53 -35.47 15.84
N THR B 138 -30.55 -36.77 16.16
CA THR B 138 -29.38 -37.51 16.67
C THR B 138 -28.70 -38.22 15.49
N VAL B 139 -27.50 -37.73 15.13
CA VAL B 139 -26.70 -38.27 14.02
C VAL B 139 -25.60 -39.18 14.58
N ARG B 140 -25.71 -40.48 14.27
CA ARG B 140 -24.65 -41.46 14.52
C ARG B 140 -24.07 -41.89 13.18
N THR B 141 -22.88 -41.40 12.82
CA THR B 141 -22.19 -41.80 11.58
C THR B 141 -21.01 -42.73 11.89
N ARG B 142 -20.43 -43.33 10.84
CA ARG B 142 -19.31 -44.27 10.95
C ARG B 142 -18.63 -44.35 9.58
N ALA B 143 -17.40 -43.82 9.46
CA ALA B 143 -16.67 -43.82 8.17
C ALA B 143 -16.26 -45.23 7.72
N ALA B 144 -16.07 -45.37 6.41
CA ALA B 144 -15.87 -46.67 5.74
C ALA B 144 -14.54 -47.32 6.13
N GLY B 145 -14.61 -48.53 6.71
CA GLY B 145 -13.42 -49.27 7.11
C GLY B 145 -12.86 -48.86 8.46
N GLU B 146 -13.21 -47.64 8.91
CA GLU B 146 -12.83 -47.13 10.21
C GLU B 146 -13.51 -47.96 11.30
N LYS B 147 -12.81 -48.07 12.44
CA LYS B 147 -13.19 -48.92 13.57
C LYS B 147 -14.61 -48.55 14.08
N PRO B 148 -15.48 -49.54 14.48
CA PRO B 148 -16.83 -49.26 15.05
C PRO B 148 -16.77 -48.28 16.24
N GLU B 149 -15.68 -48.39 17.05
CA GLU B 149 -15.41 -47.50 18.20
C GLU B 149 -15.18 -46.04 17.74
N ASN B 150 -14.71 -45.88 16.49
CA ASN B 150 -14.51 -44.56 15.83
C ASN B 150 -15.80 -44.06 15.15
N GLY B 151 -16.98 -44.56 15.62
CA GLY B 151 -18.27 -43.96 15.27
C GLY B 151 -18.38 -42.56 15.87
N VAL B 152 -19.20 -41.68 15.27
CA VAL B 152 -19.26 -40.26 15.66
C VAL B 152 -20.70 -39.88 16.05
N PHE B 153 -20.79 -39.20 17.19
CA PHE B 153 -22.02 -38.63 17.73
C PHE B 153 -22.07 -37.13 17.38
N TRP B 154 -23.22 -36.67 16.86
CA TRP B 154 -23.51 -35.25 16.66
C TRP B 154 -25.01 -35.07 16.87
N GLU B 155 -25.42 -34.17 17.77
CA GLU B 155 -26.84 -34.01 18.13
C GLU B 155 -27.11 -32.56 18.56
N SER B 156 -28.25 -32.02 18.11
CA SER B 156 -28.72 -30.67 18.48
C SER B 156 -30.27 -30.63 18.42
N ALA B 157 -30.84 -29.55 18.98
CA ALA B 157 -32.29 -29.29 18.95
C ALA B 157 -32.64 -28.26 17.85
N GLY B 158 -31.64 -27.94 16.99
CA GLY B 158 -31.81 -26.95 15.91
C GLY B 158 -31.28 -25.57 16.27
N GLU B 159 -30.87 -25.42 17.53
CA GLU B 159 -30.37 -24.15 18.08
C GLU B 159 -28.98 -23.80 17.51
N GLY B 160 -28.44 -22.63 17.91
CA GLY B 160 -27.11 -22.20 17.47
C GLY B 160 -25.99 -22.84 18.29
N GLU B 161 -26.00 -24.18 18.34
CA GLU B 161 -25.07 -25.00 19.13
C GLU B 161 -25.20 -26.47 18.69
N TYR B 162 -24.22 -27.30 19.09
CA TYR B 162 -24.16 -28.73 18.73
C TYR B 162 -23.51 -29.54 19.86
N THR B 163 -23.73 -30.86 19.84
CA THR B 163 -23.15 -31.82 20.78
C THR B 163 -22.41 -32.91 19.98
N VAL B 164 -21.08 -32.75 19.83
CA VAL B 164 -20.24 -33.71 19.06
C VAL B 164 -19.30 -34.48 20.02
N ALA B 165 -19.22 -35.80 19.82
CA ALA B 165 -18.38 -36.74 20.59
C ALA B 165 -18.11 -37.99 19.74
N ASP B 166 -17.37 -38.96 20.31
CA ASP B 166 -17.19 -40.29 19.70
C ASP B 166 -18.06 -41.33 20.43
N ILE B 167 -18.58 -42.30 19.68
CA ILE B 167 -19.41 -43.42 20.17
C ILE B 167 -19.04 -44.70 19.40
N THR B 168 -19.71 -45.80 19.72
CA THR B 168 -19.53 -47.06 18.98
C THR B 168 -20.79 -47.35 18.15
N LYS B 169 -20.63 -47.26 16.83
CA LYS B 169 -21.64 -47.67 15.83
C LYS B 169 -21.03 -48.85 15.05
N GLU B 170 -21.62 -50.05 15.25
CA GLU B 170 -21.04 -51.31 14.72
C GLU B 170 -21.13 -51.36 13.19
N ASP B 171 -22.31 -51.01 12.65
CA ASP B 171 -22.53 -50.94 11.19
C ASP B 171 -21.89 -49.66 10.61
N ARG B 172 -21.68 -49.66 9.30
CA ARG B 172 -21.06 -48.54 8.56
C ARG B 172 -22.14 -47.55 8.09
N GLY B 173 -21.73 -46.30 7.77
CA GLY B 173 -22.61 -45.30 7.18
C GLY B 173 -23.11 -44.28 8.18
N THR B 174 -24.18 -43.57 7.82
CA THR B 174 -24.73 -42.45 8.61
C THR B 174 -26.17 -42.76 9.03
N GLU B 175 -26.53 -42.40 10.27
CA GLU B 175 -27.84 -42.74 10.86
C GLU B 175 -28.47 -41.46 11.44
N ILE B 176 -29.50 -40.95 10.75
CA ILE B 176 -30.16 -39.70 11.11
C ILE B 176 -31.48 -40.02 11.86
N THR B 177 -31.46 -39.92 13.19
CA THR B 177 -32.62 -40.24 14.06
C THR B 177 -33.34 -38.95 14.46
N LEU B 178 -34.45 -38.64 13.78
CA LEU B 178 -35.25 -37.44 14.05
C LEU B 178 -36.34 -37.77 15.06
N HIS B 179 -36.21 -37.27 16.29
CA HIS B 179 -37.29 -37.35 17.27
C HIS B 179 -38.32 -36.27 16.90
N LEU B 180 -39.36 -36.70 16.16
CA LEU B 180 -40.38 -35.83 15.56
C LEU B 180 -41.28 -35.19 16.62
N ARG B 181 -41.79 -33.98 16.31
CA ARG B 181 -42.73 -33.27 17.19
C ARG B 181 -44.10 -33.97 17.21
N GLU B 182 -44.79 -33.87 18.35
CA GLU B 182 -46.14 -34.42 18.54
C GLU B 182 -47.13 -33.62 17.66
N GLY B 183 -47.72 -34.30 16.68
CA GLY B 183 -48.52 -33.69 15.63
C GLY B 183 -47.98 -34.05 14.26
N GLU B 184 -46.64 -34.21 14.16
CA GLU B 184 -45.92 -34.56 12.91
C GLU B 184 -45.85 -36.10 12.74
N ASP B 185 -46.96 -36.79 13.08
CA ASP B 185 -47.03 -38.28 13.03
C ASP B 185 -47.46 -38.78 11.63
N GLU B 186 -47.70 -37.83 10.70
CA GLU B 186 -47.80 -38.12 9.25
C GLU B 186 -46.46 -38.67 8.75
N PHE B 187 -45.38 -38.16 9.37
CA PHE B 187 -44.01 -38.58 9.09
C PHE B 187 -43.65 -39.88 9.85
N LEU B 188 -44.65 -40.48 10.52
CA LEU B 188 -44.59 -41.86 11.06
C LEU B 188 -45.61 -42.76 10.32
N ASP B 189 -46.54 -42.13 9.58
CA ASP B 189 -47.61 -42.87 8.87
C ASP B 189 -46.98 -43.60 7.68
N ASP B 190 -47.29 -44.90 7.56
CA ASP B 190 -46.69 -45.81 6.58
C ASP B 190 -46.89 -45.30 5.13
N TRP B 191 -48.16 -45.19 4.65
CA TRP B 191 -48.44 -44.81 3.24
C TRP B 191 -47.95 -43.37 2.95
N ARG B 192 -48.11 -42.48 3.96
CA ARG B 192 -47.83 -41.04 3.82
C ARG B 192 -46.34 -40.79 3.55
N VAL B 193 -45.49 -41.41 4.40
CA VAL B 193 -44.04 -41.36 4.24
C VAL B 193 -43.64 -41.98 2.90
N ARG B 194 -44.21 -43.17 2.56
CA ARG B 194 -43.91 -43.89 1.29
C ARG B 194 -44.24 -43.04 0.04
N SER B 195 -45.28 -42.19 0.14
CA SER B 195 -45.69 -41.27 -0.93
C SER B 195 -44.59 -40.22 -1.17
N ILE B 196 -44.15 -39.59 -0.06
CA ILE B 196 -43.15 -38.51 -0.11
C ILE B 196 -41.73 -39.05 -0.40
N ILE B 197 -41.46 -40.30 0.04
CA ILE B 197 -40.18 -40.98 -0.20
C ILE B 197 -40.04 -41.24 -1.69
N SER B 198 -41.03 -41.96 -2.29
CA SER B 198 -41.03 -42.33 -3.73
C SER B 198 -40.88 -41.08 -4.62
N LYS B 199 -41.62 -40.03 -4.23
CA LYS B 199 -41.66 -38.74 -4.93
C LYS B 199 -40.24 -38.12 -5.10
N TYR B 200 -39.29 -38.46 -4.20
CA TYR B 200 -37.89 -37.94 -4.28
C TYR B 200 -36.89 -39.06 -4.63
N SER B 201 -37.15 -40.28 -4.16
CA SER B 201 -36.22 -41.40 -4.22
C SER B 201 -36.11 -41.96 -5.66
N ASP B 202 -37.14 -41.65 -6.47
CA ASP B 202 -37.17 -41.97 -7.89
C ASP B 202 -36.07 -41.24 -8.68
N HIS B 203 -35.66 -40.04 -8.22
CA HIS B 203 -34.55 -39.31 -8.88
C HIS B 203 -33.18 -39.77 -8.32
N ILE B 204 -33.18 -40.83 -7.48
CA ILE B 204 -32.00 -41.26 -6.71
C ILE B 204 -31.54 -42.67 -7.17
N ALA B 205 -30.22 -42.83 -7.32
CA ALA B 205 -29.55 -44.07 -7.80
C ALA B 205 -29.13 -44.98 -6.63
N LEU B 206 -29.80 -44.83 -5.49
CA LEU B 206 -29.53 -45.57 -4.25
C LEU B 206 -30.86 -46.18 -3.78
N PRO B 207 -30.98 -47.56 -3.68
CA PRO B 207 -32.22 -48.23 -3.21
C PRO B 207 -32.67 -47.74 -1.82
N VAL B 208 -33.70 -46.87 -1.83
CA VAL B 208 -34.27 -46.31 -0.61
C VAL B 208 -35.37 -47.24 -0.09
N GLU B 209 -34.99 -48.09 0.87
CA GLU B 209 -35.90 -49.02 1.52
C GLU B 209 -36.60 -48.36 2.71
N ILE B 210 -37.67 -48.98 3.20
CA ILE B 210 -38.40 -48.51 4.38
C ILE B 210 -38.67 -49.69 5.33
N GLU B 211 -38.89 -49.36 6.59
CA GLU B 211 -39.26 -50.32 7.62
C GLU B 211 -40.68 -50.87 7.35
N LYS B 212 -40.75 -52.18 7.14
CA LYS B 212 -41.99 -52.92 7.21
C LYS B 212 -41.79 -54.03 8.24
N ARG B 213 -42.08 -53.71 9.52
CA ARG B 213 -41.91 -54.66 10.61
C ARG B 213 -43.29 -55.01 11.22
N GLU B 214 -43.44 -56.29 11.59
CA GLU B 214 -44.61 -56.79 12.29
C GLU B 214 -44.20 -57.05 13.74
N GLU B 215 -44.55 -56.09 14.61
CA GLU B 215 -44.16 -56.10 16.02
C GLU B 215 -45.17 -56.96 16.81
N LYS B 216 -44.98 -58.29 16.72
CA LYS B 216 -45.87 -59.30 17.31
C LYS B 216 -45.16 -60.00 18.49
N ASP B 217 -45.97 -60.68 19.33
CA ASP B 217 -45.50 -61.32 20.59
C ASP B 217 -44.40 -62.35 20.30
N GLY B 218 -43.14 -61.98 20.61
CA GLY B 218 -41.99 -62.88 20.41
C GLY B 218 -41.42 -62.83 18.98
N GLU B 219 -42.23 -62.38 18.01
CA GLU B 219 -41.91 -62.40 16.57
C GLU B 219 -41.94 -60.98 16.00
N THR B 220 -40.81 -60.27 16.15
CA THR B 220 -40.58 -58.99 15.46
C THR B 220 -40.04 -59.30 14.05
N VAL B 221 -40.96 -59.40 13.08
CA VAL B 221 -40.62 -59.69 11.69
C VAL B 221 -40.12 -58.39 11.05
N ILE B 222 -38.84 -58.31 10.71
CA ILE B 222 -38.25 -57.10 10.10
C ILE B 222 -38.02 -57.33 8.60
N SER B 223 -38.62 -56.46 7.78
CA SER B 223 -38.47 -56.47 6.33
C SER B 223 -38.20 -55.04 5.84
N TRP B 224 -37.48 -54.91 4.72
CA TRP B 224 -37.11 -53.61 4.13
C TRP B 224 -37.56 -53.57 2.67
N GLU B 225 -38.53 -52.69 2.36
CA GLU B 225 -39.14 -52.59 1.03
C GLU B 225 -38.64 -51.32 0.32
N LYS B 226 -37.91 -51.50 -0.81
CA LYS B 226 -37.42 -50.37 -1.62
C LYS B 226 -38.62 -49.69 -2.31
N ILE B 227 -38.80 -48.41 -2.03
CA ILE B 227 -39.93 -47.63 -2.54
C ILE B 227 -39.58 -47.00 -3.91
N ASN B 228 -38.26 -46.82 -4.14
CA ASN B 228 -37.74 -46.21 -5.38
C ASN B 228 -37.55 -47.27 -6.47
N LYS B 229 -37.46 -46.82 -7.72
CA LYS B 229 -37.16 -47.70 -8.87
C LYS B 229 -35.71 -48.23 -8.83
N ALA B 230 -34.83 -47.52 -8.08
CA ALA B 230 -33.43 -47.93 -7.83
C ALA B 230 -32.63 -48.10 -9.14
N GLN B 231 -32.41 -46.97 -9.81
CA GLN B 231 -31.65 -46.93 -11.07
C GLN B 231 -30.99 -45.56 -11.19
N ALA B 232 -29.81 -45.55 -11.81
CA ALA B 232 -29.09 -44.35 -12.20
C ALA B 232 -29.96 -43.52 -13.16
N LEU B 233 -30.40 -42.33 -12.68
CA LEU B 233 -31.28 -41.43 -13.45
C LEU B 233 -30.59 -40.98 -14.76
N TRP B 234 -29.29 -40.71 -14.67
CA TRP B 234 -28.50 -40.27 -15.83
C TRP B 234 -28.49 -41.37 -16.92
N THR B 235 -28.29 -42.63 -16.51
CA THR B 235 -28.28 -43.79 -17.43
C THR B 235 -29.69 -44.09 -18.00
N ARG B 236 -30.72 -43.90 -17.14
CA ARG B 236 -32.12 -44.19 -17.49
C ARG B 236 -32.67 -43.08 -18.40
N ASN B 237 -33.70 -43.39 -19.21
CA ASN B 237 -34.07 -42.57 -20.37
C ASN B 237 -35.14 -41.51 -20.05
N LYS B 238 -35.25 -40.54 -20.97
CA LYS B 238 -36.18 -39.40 -20.87
C LYS B 238 -37.64 -39.86 -21.08
N SER B 239 -37.82 -41.07 -21.61
CA SER B 239 -39.13 -41.66 -21.87
C SER B 239 -39.78 -42.11 -20.55
N GLU B 240 -38.95 -42.50 -19.55
CA GLU B 240 -39.44 -42.98 -18.24
C GLU B 240 -39.32 -41.90 -17.18
N ILE B 241 -38.39 -40.95 -17.36
CA ILE B 241 -38.11 -39.88 -16.38
C ILE B 241 -38.75 -38.57 -16.83
N THR B 242 -39.54 -37.96 -15.95
CA THR B 242 -40.24 -36.70 -16.21
C THR B 242 -39.31 -35.50 -15.90
N ASP B 243 -39.74 -34.30 -16.32
CA ASP B 243 -38.95 -33.04 -16.21
C ASP B 243 -38.70 -32.66 -14.76
N GLU B 244 -39.69 -32.91 -13.90
CA GLU B 244 -39.64 -32.58 -12.45
C GLU B 244 -38.50 -33.33 -11.76
N GLU B 245 -38.36 -34.64 -12.09
CA GLU B 245 -37.30 -35.50 -11.54
C GLU B 245 -35.91 -34.99 -11.94
N TYR B 246 -35.77 -34.40 -13.16
CA TYR B 246 -34.50 -33.77 -13.61
C TYR B 246 -34.17 -32.55 -12.75
N LYS B 247 -35.19 -31.72 -12.49
CA LYS B 247 -35.03 -30.46 -11.72
C LYS B 247 -34.56 -30.73 -10.28
N GLU B 248 -35.09 -31.80 -9.66
CA GLU B 248 -34.76 -32.19 -8.27
C GLU B 248 -33.56 -33.14 -8.21
N PHE B 249 -33.20 -33.75 -9.36
CA PHE B 249 -31.93 -34.49 -9.51
C PHE B 249 -30.76 -33.51 -9.51
N TYR B 250 -30.99 -32.33 -10.13
CA TYR B 250 -30.07 -31.19 -10.08
C TYR B 250 -29.82 -30.76 -8.62
N LYS B 251 -30.91 -30.78 -7.81
CA LYS B 251 -30.85 -30.41 -6.40
C LYS B 251 -29.93 -31.35 -5.57
N HIS B 252 -29.76 -32.60 -6.05
CA HIS B 252 -28.82 -33.57 -5.45
C HIS B 252 -27.37 -33.27 -5.92
N ILE B 253 -27.17 -33.36 -7.23
CA ILE B 253 -25.83 -33.45 -7.86
C ILE B 253 -24.99 -32.16 -7.72
N ALA B 254 -25.70 -31.02 -7.66
CA ALA B 254 -25.06 -29.69 -7.61
C ALA B 254 -24.80 -29.26 -6.16
N HIS B 255 -25.42 -29.99 -5.19
CA HIS B 255 -25.41 -29.66 -3.76
C HIS B 255 -26.08 -28.28 -3.55
N ASP B 256 -27.13 -28.03 -4.34
CA ASP B 256 -27.99 -26.84 -4.27
C ASP B 256 -29.43 -27.33 -4.03
N PHE B 257 -30.42 -26.46 -4.32
CA PHE B 257 -31.80 -26.90 -4.55
C PHE B 257 -32.59 -25.86 -5.38
N ASN B 258 -31.85 -24.97 -6.05
CA ASN B 258 -32.43 -23.97 -6.96
C ASN B 258 -32.73 -24.65 -8.30
N ASP B 259 -33.97 -24.49 -8.81
CA ASP B 259 -34.42 -25.12 -10.07
C ASP B 259 -33.64 -24.55 -11.30
N PRO B 260 -33.26 -25.44 -12.29
CA PRO B 260 -32.56 -25.01 -13.52
C PRO B 260 -33.51 -24.34 -14.53
N LEU B 261 -33.00 -23.30 -15.21
CA LEU B 261 -33.72 -22.56 -16.27
C LEU B 261 -34.02 -23.48 -17.48
N THR B 262 -33.01 -24.29 -17.83
CA THR B 262 -33.07 -25.27 -18.93
C THR B 262 -31.99 -26.34 -18.71
N TRP B 263 -32.12 -27.47 -19.42
CA TRP B 263 -31.14 -28.57 -19.38
C TRP B 263 -31.10 -29.33 -20.72
N SER B 264 -30.24 -30.35 -20.78
CA SER B 264 -30.09 -31.25 -21.93
C SER B 264 -29.60 -32.63 -21.44
N HIS B 265 -30.23 -33.70 -21.96
CA HIS B 265 -29.90 -35.08 -21.57
C HIS B 265 -29.77 -35.95 -22.83
N ASN B 266 -28.51 -36.26 -23.20
CA ASN B 266 -28.21 -37.04 -24.42
C ASN B 266 -27.34 -38.26 -24.04
N ARG B 267 -27.78 -39.45 -24.47
CA ARG B 267 -27.00 -40.70 -24.31
C ARG B 267 -26.52 -41.12 -25.71
N VAL B 268 -25.21 -41.39 -25.83
CA VAL B 268 -24.50 -41.59 -27.12
C VAL B 268 -23.64 -42.87 -27.02
N GLU B 269 -23.79 -43.81 -27.99
CA GLU B 269 -22.92 -45.01 -28.10
C GLU B 269 -22.18 -45.02 -29.45
N GLY B 270 -21.31 -46.03 -29.63
CA GLY B 270 -20.53 -46.21 -30.85
C GLY B 270 -19.05 -46.20 -30.55
N LYS B 271 -18.31 -45.21 -31.11
CA LYS B 271 -16.91 -44.97 -30.76
C LYS B 271 -16.85 -44.45 -29.31
N GLN B 272 -17.46 -43.27 -29.11
CA GLN B 272 -17.54 -42.60 -27.80
C GLN B 272 -18.88 -42.94 -27.15
N GLU B 273 -18.83 -43.67 -26.03
CA GLU B 273 -20.02 -44.16 -25.32
C GLU B 273 -20.12 -43.46 -23.96
N TYR B 274 -20.98 -42.42 -23.91
CA TYR B 274 -21.17 -41.59 -22.73
C TYR B 274 -22.63 -41.14 -22.64
N THR B 275 -23.08 -40.85 -21.41
CA THR B 275 -24.37 -40.20 -21.17
C THR B 275 -24.11 -38.84 -20.49
N SER B 276 -24.49 -37.77 -21.17
CA SER B 276 -24.33 -36.40 -20.66
C SER B 276 -25.70 -35.86 -20.17
N LEU B 277 -25.68 -35.22 -19.00
CA LEU B 277 -26.86 -34.60 -18.39
C LEU B 277 -26.43 -33.29 -17.70
N LEU B 278 -26.61 -32.17 -18.42
CA LEU B 278 -26.14 -30.83 -18.02
C LEU B 278 -27.34 -29.91 -17.77
N TYR B 279 -27.19 -29.00 -16.79
CA TYR B 279 -28.23 -28.05 -16.34
C TYR B 279 -27.63 -26.63 -16.27
N ILE B 280 -28.49 -25.62 -16.48
CA ILE B 280 -28.14 -24.20 -16.29
C ILE B 280 -28.94 -23.66 -15.08
N PRO B 281 -28.27 -23.32 -13.94
CA PRO B 281 -28.95 -22.79 -12.71
C PRO B 281 -29.57 -21.38 -12.89
N SER B 282 -30.54 -21.07 -12.02
CA SER B 282 -31.20 -19.75 -11.96
C SER B 282 -30.32 -18.73 -11.22
N GLN B 283 -29.53 -19.20 -10.23
CA GLN B 283 -28.66 -18.35 -9.40
C GLN B 283 -27.24 -18.90 -9.34
N ALA B 284 -26.30 -18.01 -9.00
CA ALA B 284 -24.89 -18.34 -8.79
C ALA B 284 -24.67 -18.78 -7.32
N PRO B 285 -23.84 -19.86 -7.08
CA PRO B 285 -23.33 -20.16 -5.72
C PRO B 285 -22.34 -19.07 -5.27
N TRP B 286 -22.23 -18.84 -3.94
CA TRP B 286 -21.35 -17.78 -3.40
C TRP B 286 -19.87 -18.07 -3.75
N ASP B 287 -19.50 -19.34 -3.54
CA ASP B 287 -18.12 -19.86 -3.70
C ASP B 287 -17.81 -20.32 -5.15
N MET B 288 -18.54 -19.73 -6.11
CA MET B 288 -18.27 -19.83 -7.56
C MET B 288 -16.88 -19.21 -7.90
N TRP B 289 -16.55 -18.12 -7.17
CA TRP B 289 -15.31 -17.33 -7.40
C TRP B 289 -14.24 -17.61 -6.31
N ASN B 290 -14.48 -18.62 -5.45
CA ASN B 290 -13.55 -18.99 -4.35
C ASN B 290 -12.41 -19.87 -4.86
N ARG B 291 -11.37 -19.99 -4.01
CA ARG B 291 -10.17 -20.82 -4.28
C ARG B 291 -10.47 -22.30 -4.01
N ASP B 292 -11.58 -22.55 -3.27
CA ASP B 292 -12.07 -23.91 -2.98
C ASP B 292 -13.10 -24.32 -4.06
N HIS B 293 -13.22 -25.62 -4.27
CA HIS B 293 -14.04 -26.22 -5.34
C HIS B 293 -15.54 -26.26 -4.97
N LYS B 294 -16.39 -26.03 -5.97
CA LYS B 294 -17.87 -26.23 -5.85
C LYS B 294 -18.43 -26.49 -7.26
N HIS B 295 -17.96 -25.62 -8.14
CA HIS B 295 -18.28 -25.61 -9.57
C HIS B 295 -17.72 -26.88 -10.29
N GLY B 296 -18.48 -27.45 -11.23
CA GLY B 296 -18.03 -28.64 -11.99
C GLY B 296 -19.12 -29.69 -12.15
N LEU B 297 -18.72 -30.88 -12.65
CA LEU B 297 -19.66 -32.01 -12.93
C LEU B 297 -19.29 -33.23 -12.06
N LYS B 298 -20.30 -34.08 -11.74
CA LYS B 298 -20.05 -35.41 -11.14
C LYS B 298 -19.58 -36.39 -12.23
N LEU B 299 -18.29 -36.76 -12.19
CA LEU B 299 -17.72 -37.77 -13.08
C LEU B 299 -18.14 -39.17 -12.64
N TYR B 300 -18.70 -39.93 -13.58
CA TYR B 300 -19.03 -41.34 -13.46
C TYR B 300 -18.35 -42.10 -14.61
N VAL B 301 -17.89 -43.31 -14.34
CA VAL B 301 -17.38 -44.25 -15.33
C VAL B 301 -18.10 -45.59 -15.10
N GLN B 302 -19.03 -45.92 -16.01
CA GLN B 302 -19.86 -47.17 -15.96
C GLN B 302 -20.82 -47.13 -14.74
N ARG B 303 -21.33 -45.90 -14.45
CA ARG B 303 -22.20 -45.56 -13.28
C ARG B 303 -21.42 -45.59 -11.94
N VAL B 304 -20.10 -45.85 -12.00
CA VAL B 304 -19.24 -45.89 -10.80
C VAL B 304 -18.57 -44.51 -10.64
N PHE B 305 -18.92 -43.83 -9.54
CA PHE B 305 -18.47 -42.45 -9.25
C PHE B 305 -16.94 -42.37 -9.12
N ILE B 306 -16.37 -41.26 -9.62
CA ILE B 306 -14.94 -40.96 -9.52
C ILE B 306 -14.74 -39.66 -8.73
N MET B 307 -15.22 -38.54 -9.28
CA MET B 307 -14.98 -37.21 -8.68
C MET B 307 -16.00 -36.19 -9.18
N ASP B 308 -16.68 -35.51 -8.23
CA ASP B 308 -17.54 -34.35 -8.56
C ASP B 308 -16.71 -33.08 -8.49
N ASP B 309 -17.38 -31.92 -8.63
CA ASP B 309 -16.77 -30.57 -8.76
C ASP B 309 -15.66 -30.55 -9.87
N ALA B 310 -15.80 -31.48 -10.84
CA ALA B 310 -14.82 -31.69 -11.91
C ALA B 310 -15.01 -30.62 -13.00
N GLU B 311 -14.21 -29.54 -12.88
CA GLU B 311 -14.23 -28.39 -13.81
C GLU B 311 -13.53 -28.71 -15.15
N GLN B 312 -13.01 -29.95 -15.29
CA GLN B 312 -12.24 -30.40 -16.48
C GLN B 312 -13.12 -30.58 -17.74
N PHE B 313 -14.41 -30.89 -17.54
CA PHE B 313 -15.34 -31.28 -18.64
C PHE B 313 -16.06 -30.08 -19.27
N MET B 314 -15.92 -28.90 -18.65
CA MET B 314 -16.47 -27.62 -19.17
C MET B 314 -15.43 -26.50 -18.93
N PRO B 315 -15.18 -25.58 -19.91
CA PRO B 315 -14.35 -24.36 -19.66
C PRO B 315 -14.91 -23.50 -18.51
N ASN B 316 -14.10 -22.56 -17.99
CA ASN B 316 -14.59 -21.62 -16.96
C ASN B 316 -15.59 -20.62 -17.61
N TYR B 317 -15.52 -20.51 -18.94
CA TYR B 317 -16.52 -19.81 -19.77
C TYR B 317 -17.92 -20.44 -19.62
N LEU B 318 -17.97 -21.77 -19.46
CA LEU B 318 -19.22 -22.54 -19.33
C LEU B 318 -19.29 -23.17 -17.94
N ARG B 319 -18.74 -22.47 -16.96
CA ARG B 319 -18.61 -23.00 -15.60
C ARG B 319 -19.94 -22.94 -14.83
N PHE B 320 -20.85 -22.09 -15.31
CA PHE B 320 -22.24 -22.06 -14.83
C PHE B 320 -22.93 -23.41 -15.06
N VAL B 321 -22.52 -24.12 -16.13
CA VAL B 321 -23.03 -25.45 -16.44
C VAL B 321 -22.57 -26.43 -15.35
N ARG B 322 -23.56 -26.99 -14.68
CA ARG B 322 -23.39 -28.07 -13.71
C ARG B 322 -24.17 -29.28 -14.17
N GLY B 323 -24.02 -30.37 -13.45
CA GLY B 323 -24.64 -31.62 -13.80
C GLY B 323 -23.71 -32.77 -13.52
N LEU B 324 -23.66 -33.70 -14.47
CA LEU B 324 -22.85 -34.92 -14.36
C LEU B 324 -22.74 -35.57 -15.73
N ILE B 325 -21.65 -36.34 -15.93
CA ILE B 325 -21.46 -37.15 -17.15
C ILE B 325 -20.98 -38.55 -16.74
N ASP B 326 -21.54 -39.55 -17.39
CA ASP B 326 -21.11 -40.95 -17.28
C ASP B 326 -20.37 -41.30 -18.57
N SER B 327 -19.23 -41.97 -18.46
CA SER B 327 -18.41 -42.36 -19.61
C SER B 327 -18.09 -43.85 -19.53
N SER B 328 -17.85 -44.47 -20.69
CA SER B 328 -17.31 -45.84 -20.78
C SER B 328 -15.93 -45.80 -21.48
N ASP B 329 -15.51 -44.57 -21.88
CA ASP B 329 -14.24 -44.33 -22.60
C ASP B 329 -13.08 -44.19 -21.61
N LEU B 330 -13.33 -43.39 -20.58
CA LEU B 330 -12.36 -43.09 -19.52
C LEU B 330 -12.10 -44.37 -18.69
N PRO B 331 -10.82 -44.67 -18.31
CA PRO B 331 -10.50 -45.81 -17.40
C PRO B 331 -11.18 -45.65 -16.03
N LEU B 332 -11.25 -46.74 -15.25
CA LEU B 332 -11.83 -46.69 -13.90
C LEU B 332 -10.82 -46.08 -12.90
N ASN B 333 -9.52 -46.20 -13.24
CA ASN B 333 -8.40 -45.59 -12.50
C ASN B 333 -8.13 -44.14 -13.01
N VAL B 334 -9.18 -43.52 -13.59
CA VAL B 334 -9.14 -42.14 -14.08
C VAL B 334 -8.95 -41.13 -12.92
N SER B 335 -8.11 -40.14 -13.17
CA SER B 335 -7.84 -39.01 -12.27
C SER B 335 -7.92 -37.71 -13.09
N ARG B 336 -7.74 -36.55 -12.45
CA ARG B 336 -7.76 -35.23 -13.13
C ARG B 336 -6.65 -35.14 -14.21
N GLU B 337 -5.56 -35.88 -13.98
CA GLU B 337 -4.43 -35.98 -14.91
C GLU B 337 -4.82 -36.74 -16.17
N ILE B 338 -5.64 -37.79 -15.98
CA ILE B 338 -6.18 -38.61 -17.10
C ILE B 338 -7.26 -37.79 -17.85
N LEU B 339 -7.93 -36.86 -17.14
CA LEU B 339 -8.96 -35.98 -17.73
C LEU B 339 -8.34 -34.98 -18.72
N GLN B 340 -7.26 -34.33 -18.29
CA GLN B 340 -6.59 -33.31 -19.10
C GLN B 340 -5.74 -33.96 -20.23
N ASP B 341 -5.25 -35.20 -19.98
CA ASP B 341 -4.38 -35.91 -20.92
C ASP B 341 -5.17 -36.56 -22.08
N SER B 342 -6.17 -37.41 -21.72
CA SER B 342 -6.85 -38.32 -22.66
C SER B 342 -7.58 -37.58 -23.80
N THR B 343 -7.51 -38.16 -25.01
CA THR B 343 -8.15 -37.61 -26.21
C THR B 343 -9.67 -37.74 -26.10
N VAL B 344 -10.15 -38.90 -25.60
CA VAL B 344 -11.60 -39.17 -25.43
C VAL B 344 -12.26 -38.13 -24.50
N THR B 345 -11.51 -37.70 -23.46
CA THR B 345 -11.97 -36.70 -22.49
C THR B 345 -11.90 -35.27 -23.09
N ARG B 346 -10.98 -35.06 -24.05
CA ARG B 346 -10.87 -33.79 -24.77
C ARG B 346 -12.09 -33.64 -25.68
N ASN B 347 -12.40 -34.71 -26.41
CA ASN B 347 -13.51 -34.79 -27.36
C ASN B 347 -14.87 -34.84 -26.63
N LEU B 348 -14.82 -35.29 -25.36
CA LEU B 348 -15.97 -35.28 -24.43
C LEU B 348 -16.37 -33.81 -24.18
N ARG B 349 -15.39 -33.03 -23.68
CA ARG B 349 -15.57 -31.59 -23.41
C ARG B 349 -15.86 -30.82 -24.69
N ASN B 350 -15.15 -31.18 -25.77
CA ASN B 350 -15.18 -30.50 -27.09
C ASN B 350 -16.59 -30.56 -27.72
N ALA B 351 -17.24 -31.72 -27.58
CA ALA B 351 -18.65 -31.88 -27.99
C ALA B 351 -19.56 -31.02 -27.08
N LEU B 352 -19.46 -31.25 -25.76
CA LEU B 352 -20.33 -30.59 -24.75
C LEU B 352 -20.23 -29.06 -24.78
N THR B 353 -19.05 -28.53 -25.14
CA THR B 353 -18.78 -27.08 -25.14
C THR B 353 -19.72 -26.38 -26.10
N LYS B 354 -19.69 -26.77 -27.38
CA LYS B 354 -20.54 -26.13 -28.39
C LYS B 354 -22.02 -26.58 -28.23
N ARG B 355 -22.27 -27.74 -27.58
CA ARG B 355 -23.66 -28.17 -27.24
C ARG B 355 -24.30 -27.15 -26.27
N VAL B 356 -23.51 -26.68 -25.30
CA VAL B 356 -23.95 -25.66 -24.33
C VAL B 356 -24.19 -24.33 -25.03
N LEU B 357 -23.26 -23.93 -25.93
CA LEU B 357 -23.38 -22.67 -26.71
C LEU B 357 -24.68 -22.61 -27.53
N GLN B 358 -25.06 -23.76 -28.11
CA GLN B 358 -26.32 -23.92 -28.87
C GLN B 358 -27.54 -23.80 -27.93
N MET B 359 -27.37 -24.26 -26.67
CA MET B 359 -28.41 -24.21 -25.62
C MET B 359 -28.55 -22.79 -25.00
N LEU B 360 -27.42 -22.05 -24.94
CA LEU B 360 -27.37 -20.66 -24.41
C LEU B 360 -28.05 -19.70 -25.37
N GLU B 361 -27.69 -19.88 -26.64
CA GLU B 361 -28.15 -19.06 -27.76
C GLU B 361 -29.64 -19.34 -28.04
N LYS B 362 -30.04 -20.61 -27.84
CA LYS B 362 -31.45 -21.03 -27.90
C LYS B 362 -32.23 -20.28 -26.81
N LEU B 363 -31.74 -20.35 -25.55
CA LEU B 363 -32.38 -19.72 -24.37
C LEU B 363 -32.47 -18.18 -24.55
N ALA B 364 -31.47 -17.60 -25.23
CA ALA B 364 -31.42 -16.15 -25.55
C ALA B 364 -32.60 -15.73 -26.46
N LYS B 365 -32.97 -16.63 -27.39
CA LYS B 365 -34.01 -16.38 -28.39
C LYS B 365 -35.39 -16.89 -27.91
N ASP B 366 -35.37 -17.91 -27.06
CA ASP B 366 -36.57 -18.63 -26.61
C ASP B 366 -37.20 -17.87 -25.44
N ASP B 367 -36.42 -17.75 -24.34
CA ASP B 367 -36.90 -17.10 -23.11
C ASP B 367 -35.82 -16.15 -22.59
N ALA B 368 -35.86 -14.91 -23.11
CA ALA B 368 -34.89 -13.85 -22.76
C ALA B 368 -35.00 -13.44 -21.28
N GLU B 369 -36.14 -13.77 -20.63
CA GLU B 369 -36.40 -13.46 -19.22
C GLU B 369 -35.47 -14.30 -18.29
N LYS B 370 -35.49 -15.64 -18.51
CA LYS B 370 -34.59 -16.58 -17.80
C LYS B 370 -33.13 -16.26 -18.11
N TYR B 371 -32.86 -15.98 -19.40
CA TYR B 371 -31.52 -15.66 -19.89
C TYR B 371 -30.99 -14.35 -19.27
N GLN B 372 -31.91 -13.44 -18.90
CA GLN B 372 -31.56 -12.15 -18.26
C GLN B 372 -31.09 -12.37 -16.82
N THR B 373 -31.83 -13.20 -16.06
CA THR B 373 -31.48 -13.59 -14.68
C THR B 373 -30.11 -14.30 -14.67
N PHE B 374 -29.96 -15.20 -15.66
CA PHE B 374 -28.71 -15.93 -15.95
C PHE B 374 -27.52 -14.97 -16.11
N TRP B 375 -27.68 -13.91 -16.94
CA TRP B 375 -26.59 -12.94 -17.20
C TRP B 375 -26.30 -12.09 -15.95
N GLN B 376 -27.33 -11.79 -15.13
CA GLN B 376 -27.14 -11.00 -13.89
C GLN B 376 -26.44 -11.84 -12.78
N GLN B 377 -26.35 -13.17 -12.98
CA GLN B 377 -25.66 -14.10 -12.06
C GLN B 377 -24.27 -14.52 -12.61
N PHE B 378 -24.18 -14.67 -13.94
CA PHE B 378 -23.01 -15.30 -14.62
C PHE B 378 -22.46 -14.41 -15.74
N GLY B 379 -22.74 -13.10 -15.66
CA GLY B 379 -22.29 -12.14 -16.67
C GLY B 379 -20.79 -12.07 -16.81
N LEU B 380 -20.11 -11.94 -15.67
CA LEU B 380 -18.63 -11.83 -15.60
C LEU B 380 -17.95 -13.18 -15.96
N VAL B 381 -18.73 -14.29 -15.83
CA VAL B 381 -18.27 -15.64 -16.20
C VAL B 381 -18.20 -15.74 -17.74
N LEU B 382 -19.37 -15.56 -18.38
CA LEU B 382 -19.55 -15.67 -19.85
C LEU B 382 -18.73 -14.55 -20.58
N LYS B 383 -18.42 -13.46 -19.84
CA LYS B 383 -17.70 -12.29 -20.36
C LYS B 383 -16.26 -12.63 -20.83
N GLU B 384 -15.66 -13.74 -20.31
CA GLU B 384 -14.27 -14.15 -20.70
C GLU B 384 -14.24 -14.72 -22.14
N GLY B 385 -15.39 -15.29 -22.57
CA GLY B 385 -15.52 -16.05 -23.82
C GLY B 385 -14.97 -15.42 -25.11
N PRO B 386 -15.31 -14.14 -25.47
CA PRO B 386 -14.84 -13.53 -26.76
C PRO B 386 -13.34 -13.17 -26.73
N ALA B 387 -12.73 -13.22 -25.53
CA ALA B 387 -11.29 -13.01 -25.32
C ALA B 387 -10.56 -14.37 -25.34
N GLU B 388 -11.28 -15.44 -24.93
CA GLU B 388 -10.77 -16.81 -24.85
C GLU B 388 -10.84 -17.49 -26.23
N ASP B 389 -12.01 -17.43 -26.85
CA ASP B 389 -12.25 -17.88 -28.23
C ASP B 389 -12.67 -16.69 -29.11
N PHE B 390 -11.74 -16.22 -29.93
CA PHE B 390 -11.96 -15.15 -30.92
C PHE B 390 -12.50 -15.74 -32.26
N ALA B 391 -12.36 -17.07 -32.44
CA ALA B 391 -12.72 -17.78 -33.70
C ALA B 391 -14.22 -17.64 -34.02
N ASN B 392 -15.06 -17.92 -33.02
CA ASN B 392 -16.53 -17.84 -33.12
C ASN B 392 -17.03 -16.56 -32.40
N GLN B 393 -16.17 -15.50 -32.46
CA GLN B 393 -16.37 -14.20 -31.75
C GLN B 393 -17.79 -13.65 -31.87
N GLU B 394 -18.40 -13.77 -33.08
CA GLU B 394 -19.76 -13.29 -33.37
C GLU B 394 -20.78 -13.95 -32.42
N ALA B 395 -20.83 -15.30 -32.44
CA ALA B 395 -21.85 -16.10 -31.72
C ALA B 395 -21.69 -15.93 -30.21
N ILE B 396 -20.43 -15.76 -29.77
CA ILE B 396 -20.09 -15.51 -28.36
C ILE B 396 -20.56 -14.10 -27.94
N ALA B 397 -20.24 -13.10 -28.78
CA ALA B 397 -20.51 -11.66 -28.53
C ALA B 397 -22.01 -11.33 -28.65
N LYS B 398 -22.75 -12.21 -29.35
CA LYS B 398 -24.21 -12.17 -29.43
C LYS B 398 -24.84 -12.55 -28.06
N LEU B 399 -24.11 -13.41 -27.32
CA LEU B 399 -24.47 -13.79 -25.95
C LEU B 399 -24.05 -12.69 -24.95
N LEU B 400 -22.94 -11.98 -25.28
CA LEU B 400 -22.45 -10.82 -24.49
C LEU B 400 -23.54 -9.72 -24.44
N ARG B 401 -23.92 -9.35 -23.22
CA ARG B 401 -24.96 -8.36 -22.94
C ARG B 401 -24.33 -7.22 -22.14
N PHE B 402 -24.46 -6.00 -22.64
CA PHE B 402 -23.95 -4.77 -22.00
C PHE B 402 -25.10 -3.78 -21.79
N ALA B 403 -24.79 -2.68 -21.12
CA ALA B 403 -25.68 -1.53 -20.99
C ALA B 403 -25.18 -0.38 -21.88
N SER B 404 -26.09 0.52 -22.24
CA SER B 404 -25.77 1.74 -23.01
C SER B 404 -26.58 2.92 -22.43
N THR B 405 -26.31 4.15 -22.93
CA THR B 405 -26.97 5.39 -22.44
C THR B 405 -28.50 5.38 -22.74
N HIS B 406 -28.93 4.41 -23.59
CA HIS B 406 -30.32 4.19 -24.00
C HIS B 406 -31.27 4.09 -22.79
N THR B 407 -30.87 3.26 -21.82
CA THR B 407 -31.66 2.97 -20.61
C THR B 407 -30.76 3.13 -19.39
N ASP B 408 -31.27 3.82 -18.34
CA ASP B 408 -30.52 4.14 -17.10
C ASP B 408 -30.52 2.96 -16.09
N SER B 409 -30.86 1.76 -16.57
CA SER B 409 -30.79 0.52 -15.76
C SER B 409 -29.40 -0.11 -15.91
N SER B 410 -28.87 -0.64 -14.80
CA SER B 410 -27.55 -1.33 -14.77
C SER B 410 -27.69 -2.79 -15.28
N ALA B 411 -28.94 -3.25 -15.46
CA ALA B 411 -29.24 -4.57 -16.02
C ALA B 411 -28.73 -4.65 -17.46
N GLN B 412 -27.65 -5.42 -17.65
CA GLN B 412 -26.98 -5.58 -18.95
C GLN B 412 -27.84 -6.47 -19.87
N THR B 413 -28.67 -5.80 -20.70
CA THR B 413 -29.70 -6.45 -21.54
C THR B 413 -29.37 -6.36 -23.04
N VAL B 414 -28.77 -5.22 -23.45
CA VAL B 414 -28.51 -4.90 -24.86
C VAL B 414 -27.30 -5.71 -25.38
N SER B 415 -27.50 -6.54 -26.41
CA SER B 415 -26.40 -7.24 -27.08
C SER B 415 -25.77 -6.29 -28.10
N LEU B 416 -24.56 -6.64 -28.57
CA LEU B 416 -23.83 -5.84 -29.56
C LEU B 416 -24.59 -5.72 -30.91
N GLU B 417 -25.49 -6.69 -31.17
CA GLU B 417 -26.38 -6.65 -32.35
C GLU B 417 -27.29 -5.42 -32.27
N ASP B 418 -27.92 -5.23 -31.08
CA ASP B 418 -28.85 -4.11 -30.83
C ASP B 418 -28.09 -2.80 -30.91
N TYR B 419 -26.88 -2.78 -30.32
CA TYR B 419 -26.04 -1.57 -30.23
C TYR B 419 -25.67 -1.05 -31.63
N VAL B 420 -25.08 -1.91 -32.46
CA VAL B 420 -24.65 -1.54 -33.84
C VAL B 420 -25.87 -1.11 -34.69
N SER B 421 -26.99 -1.83 -34.52
CA SER B 421 -28.27 -1.49 -35.18
C SER B 421 -28.82 -0.14 -34.66
N ARG B 422 -28.41 0.25 -33.44
CA ARG B 422 -28.82 1.51 -32.76
C ARG B 422 -27.85 2.66 -33.14
N MET B 423 -26.61 2.31 -33.56
CA MET B 423 -25.58 3.28 -33.95
C MET B 423 -25.87 3.84 -35.35
N LYS B 424 -25.89 5.18 -35.49
CA LYS B 424 -26.19 5.86 -36.78
C LYS B 424 -24.89 6.28 -37.49
N GLU B 425 -25.02 7.09 -38.58
CA GLU B 425 -23.87 7.66 -39.31
C GLU B 425 -23.04 8.59 -38.37
N GLY B 426 -21.72 8.49 -38.46
CA GLY B 426 -20.78 9.16 -37.53
C GLY B 426 -20.39 8.25 -36.37
N GLN B 427 -21.24 7.24 -36.11
CA GLN B 427 -20.95 6.15 -35.15
C GLN B 427 -20.42 4.94 -35.94
N GLU B 428 -19.22 5.16 -36.48
CA GLU B 428 -18.41 4.14 -37.17
C GLU B 428 -17.58 3.36 -36.14
N LYS B 429 -17.50 3.91 -34.90
CA LYS B 429 -16.63 3.40 -33.82
C LYS B 429 -17.49 3.13 -32.57
N ILE B 430 -17.38 1.93 -31.99
CA ILE B 430 -18.13 1.52 -30.80
C ILE B 430 -17.59 2.25 -29.54
N TYR B 431 -18.34 3.26 -29.08
CA TYR B 431 -17.92 4.12 -27.94
C TYR B 431 -18.38 3.50 -26.60
N TYR B 432 -17.48 3.48 -25.59
CA TYR B 432 -17.76 2.90 -24.25
C TYR B 432 -16.91 3.55 -23.14
N ILE B 433 -17.45 3.50 -21.91
CA ILE B 433 -16.79 4.02 -20.69
C ILE B 433 -17.07 3.07 -19.49
N THR B 434 -16.00 2.73 -18.75
CA THR B 434 -16.06 1.90 -17.53
C THR B 434 -16.16 2.74 -16.27
N ALA B 435 -16.58 2.09 -15.17
CA ALA B 435 -16.38 2.61 -13.82
C ALA B 435 -16.48 1.47 -12.79
N ASP B 436 -16.30 1.85 -11.52
CA ASP B 436 -16.58 0.96 -10.36
C ASP B 436 -18.10 0.72 -10.24
N SER B 437 -18.89 1.73 -10.62
CA SER B 437 -20.35 1.70 -10.52
C SER B 437 -20.97 2.28 -11.80
N TYR B 438 -22.20 1.85 -12.09
CA TYR B 438 -22.96 2.30 -13.27
C TYR B 438 -23.17 3.83 -13.27
N ALA B 439 -23.53 4.35 -12.07
CA ALA B 439 -23.81 5.78 -11.85
C ALA B 439 -22.57 6.64 -12.17
N ALA B 440 -21.38 6.12 -11.79
CA ALA B 440 -20.09 6.82 -12.02
C ALA B 440 -19.75 6.87 -13.53
N ALA B 441 -20.01 5.74 -14.24
CA ALA B 441 -19.78 5.62 -15.69
C ALA B 441 -20.57 6.67 -16.47
N LYS B 442 -21.84 6.86 -16.06
CA LYS B 442 -22.76 7.79 -16.72
C LYS B 442 -22.60 9.25 -16.23
N SER B 443 -22.05 9.44 -14.99
CA SER B 443 -21.99 10.78 -14.34
C SER B 443 -21.02 11.74 -15.07
N SER B 444 -20.16 11.17 -15.94
CA SER B 444 -19.22 11.93 -16.78
C SER B 444 -19.97 13.00 -17.61
N PRO B 445 -19.64 14.34 -17.44
CA PRO B 445 -20.36 15.44 -18.15
C PRO B 445 -20.20 15.31 -19.68
N HIS B 446 -19.00 14.84 -20.10
CA HIS B 446 -18.65 14.59 -21.51
C HIS B 446 -19.73 13.71 -22.17
N LEU B 447 -20.11 12.64 -21.45
CA LEU B 447 -21.04 11.61 -21.94
C LEU B 447 -22.42 12.21 -22.24
N GLU B 448 -22.83 13.18 -21.42
CA GLU B 448 -24.15 13.82 -21.52
C GLU B 448 -24.14 14.83 -22.69
N LEU B 449 -22.92 15.33 -23.01
CA LEU B 449 -22.67 16.23 -24.15
C LEU B 449 -22.73 15.38 -25.46
N LEU B 450 -22.16 14.16 -25.37
CA LEU B 450 -22.12 13.20 -26.50
C LEU B 450 -23.53 12.68 -26.80
N ARG B 451 -24.35 12.53 -25.74
CA ARG B 451 -25.74 12.10 -25.87
C ARG B 451 -26.55 13.15 -26.65
N LYS B 452 -26.34 14.43 -26.27
CA LYS B 452 -26.97 15.59 -26.95
C LYS B 452 -26.38 15.82 -28.35
N LYS B 453 -25.20 15.24 -28.61
CA LYS B 453 -24.55 15.27 -29.93
C LYS B 453 -25.27 14.28 -30.88
N GLY B 454 -25.93 13.26 -30.31
CA GLY B 454 -26.63 12.21 -31.06
C GLY B 454 -25.86 10.89 -31.05
N ILE B 455 -24.88 10.80 -30.14
CA ILE B 455 -24.07 9.59 -29.92
C ILE B 455 -24.61 8.86 -28.68
N GLU B 456 -24.61 7.52 -28.72
CA GLU B 456 -24.97 6.68 -27.57
C GLU B 456 -23.73 5.87 -27.17
N VAL B 457 -23.36 5.98 -25.88
CA VAL B 457 -22.14 5.38 -25.31
C VAL B 457 -22.53 4.17 -24.44
N LEU B 458 -21.77 3.06 -24.54
CA LEU B 458 -21.95 1.88 -23.68
C LEU B 458 -21.58 2.26 -22.21
N LEU B 459 -22.50 1.94 -21.29
CA LEU B 459 -22.32 2.20 -19.86
C LEU B 459 -21.85 0.91 -19.16
N LEU B 460 -20.53 0.73 -19.14
CA LEU B 460 -19.86 -0.41 -18.50
C LEU B 460 -19.76 -0.12 -16.99
N SER B 461 -20.38 -0.99 -16.18
CA SER B 461 -20.41 -0.83 -14.71
C SER B 461 -19.27 -1.62 -14.05
N ASP B 462 -18.54 -2.41 -14.86
CA ASP B 462 -17.41 -3.24 -14.39
C ASP B 462 -16.11 -2.81 -15.10
N ARG B 463 -14.96 -2.93 -14.38
CA ARG B 463 -13.63 -2.59 -14.93
C ARG B 463 -13.01 -3.74 -15.78
N ILE B 464 -13.54 -4.98 -15.61
CA ILE B 464 -13.15 -6.17 -16.43
C ILE B 464 -13.32 -5.89 -17.93
N ASP B 465 -14.37 -5.12 -18.24
CA ASP B 465 -14.81 -4.81 -19.60
C ASP B 465 -13.71 -4.14 -20.44
N GLU B 466 -12.79 -3.38 -19.81
CA GLU B 466 -11.62 -2.76 -20.51
C GLU B 466 -10.74 -3.83 -21.19
N TRP B 467 -10.45 -4.89 -20.42
CA TRP B 467 -9.57 -5.99 -20.85
C TRP B 467 -10.27 -6.80 -21.94
N MET B 468 -11.56 -7.06 -21.73
CA MET B 468 -12.42 -7.76 -22.70
C MET B 468 -12.40 -7.03 -24.06
N MET B 469 -12.68 -5.72 -24.03
CA MET B 469 -12.73 -4.84 -25.23
C MET B 469 -11.32 -4.66 -25.87
N ASN B 470 -10.26 -5.07 -25.15
CA ASN B 470 -8.87 -5.03 -25.68
C ASN B 470 -8.67 -6.19 -26.68
N TYR B 471 -9.48 -7.27 -26.51
CA TYR B 471 -9.45 -8.46 -27.38
C TYR B 471 -10.52 -8.36 -28.48
N LEU B 472 -11.71 -7.84 -28.14
CA LEU B 472 -12.73 -7.48 -29.15
C LEU B 472 -12.26 -6.19 -29.84
N THR B 473 -11.43 -6.37 -30.87
CA THR B 473 -10.89 -5.26 -31.67
C THR B 473 -11.98 -4.59 -32.54
N GLU B 474 -13.01 -5.37 -32.94
CA GLU B 474 -14.14 -4.87 -33.76
C GLU B 474 -15.35 -5.83 -33.69
N PHE B 475 -16.51 -5.34 -34.14
CA PHE B 475 -17.73 -6.14 -34.36
C PHE B 475 -18.56 -5.42 -35.44
N ASP B 476 -18.99 -6.19 -36.48
CA ASP B 476 -19.71 -5.69 -37.68
C ASP B 476 -18.78 -4.82 -38.59
N GLY B 477 -17.47 -4.80 -38.24
CA GLY B 477 -16.47 -3.97 -38.93
C GLY B 477 -16.24 -2.66 -38.19
N LYS B 478 -17.06 -2.43 -37.14
CA LYS B 478 -17.00 -1.22 -36.31
C LYS B 478 -16.01 -1.46 -35.15
N PRO B 479 -14.81 -0.79 -35.16
CA PRO B 479 -13.76 -1.02 -34.15
C PRO B 479 -14.23 -0.55 -32.76
N PHE B 480 -13.91 -1.35 -31.74
CA PHE B 480 -14.21 -0.96 -30.35
C PHE B 480 -13.26 0.18 -29.95
N GLN B 481 -13.86 1.36 -29.76
CA GLN B 481 -13.18 2.62 -29.50
C GLN B 481 -13.45 3.05 -28.06
N SER B 482 -12.47 2.84 -27.19
CA SER B 482 -12.47 3.38 -25.84
C SER B 482 -12.51 4.91 -25.92
N VAL B 483 -13.28 5.58 -25.04
CA VAL B 483 -13.33 7.06 -25.00
C VAL B 483 -11.96 7.67 -24.57
N SER B 484 -11.05 6.81 -24.05
CA SER B 484 -9.66 7.18 -23.69
C SER B 484 -8.61 6.60 -24.68
N LYS B 485 -9.10 5.92 -25.74
CA LYS B 485 -8.23 5.40 -26.83
C LYS B 485 -8.24 6.39 -28.00
N VAL B 486 -7.17 6.37 -28.81
CA VAL B 486 -7.04 7.18 -30.03
C VAL B 486 -6.69 6.24 -31.21
N ASP B 487 -6.69 6.77 -32.45
CA ASP B 487 -6.43 5.99 -33.68
C ASP B 487 -4.98 6.21 -34.15
N GLU B 488 -4.65 5.66 -35.34
CA GLU B 488 -3.30 5.68 -35.96
C GLU B 488 -2.63 7.07 -35.96
N SER B 489 -3.47 8.13 -36.13
CA SER B 489 -3.00 9.52 -36.32
C SER B 489 -2.18 10.04 -35.12
N LEU B 490 -2.53 9.63 -33.89
CA LEU B 490 -1.89 10.13 -32.65
C LEU B 490 -1.34 8.99 -31.78
N GLU B 491 -1.76 7.73 -32.02
CA GLU B 491 -1.29 6.58 -31.20
C GLU B 491 0.23 6.35 -31.36
N LYS B 492 0.70 6.48 -32.61
CA LYS B 492 2.14 6.41 -32.94
C LYS B 492 2.75 7.82 -33.04
N LEU B 493 1.93 8.84 -32.79
CA LEU B 493 2.35 10.26 -32.81
C LEU B 493 2.11 10.87 -31.40
N ALA B 494 2.19 10.00 -30.38
CA ALA B 494 1.83 10.30 -28.98
C ALA B 494 2.84 11.25 -28.28
N ASP B 495 3.89 11.69 -29.01
CA ASP B 495 4.85 12.69 -28.51
C ASP B 495 4.38 14.13 -28.83
N GLU B 496 3.22 14.28 -29.51
CA GLU B 496 2.57 15.62 -29.75
C GLU B 496 1.80 16.07 -28.48
N VAL B 497 2.53 16.11 -27.36
CA VAL B 497 1.99 16.36 -26.03
C VAL B 497 2.38 17.78 -25.59
N ASP B 498 1.63 18.76 -26.15
CA ASP B 498 1.91 20.21 -25.99
C ASP B 498 3.27 20.55 -26.65
N GLU B 499 4.37 20.42 -25.89
CA GLU B 499 5.75 20.49 -26.40
C GLU B 499 6.71 19.88 -25.33
N SER B 500 6.13 19.07 -24.42
CA SER B 500 6.85 18.46 -23.30
C SER B 500 7.72 17.29 -23.80
N ALA B 501 8.96 17.63 -24.19
CA ALA B 501 9.93 16.69 -24.76
C ALA B 501 10.94 16.26 -23.69
N LYS B 502 12.03 15.57 -24.13
CA LYS B 502 13.18 15.22 -23.28
C LYS B 502 13.81 16.50 -22.68
N GLU B 503 13.70 17.62 -23.42
CA GLU B 503 14.15 18.96 -22.98
C GLU B 503 13.54 19.32 -21.61
N ALA B 504 12.22 19.10 -21.51
CA ALA B 504 11.45 19.30 -20.26
C ALA B 504 11.88 18.29 -19.19
N GLU B 505 12.12 17.03 -19.62
CA GLU B 505 12.43 15.90 -18.70
C GLU B 505 13.74 16.10 -17.92
N LYS B 506 14.71 16.85 -18.50
CA LYS B 506 15.94 17.26 -17.77
C LYS B 506 15.60 18.17 -16.57
N ALA B 507 14.61 19.06 -16.76
CA ALA B 507 14.11 19.97 -15.70
C ALA B 507 13.19 19.21 -14.72
N LEU B 508 12.61 18.09 -15.19
CA LEU B 508 11.70 17.24 -14.41
C LEU B 508 12.44 16.23 -13.53
N THR B 509 13.67 15.82 -13.89
CA THR B 509 14.43 14.79 -13.12
C THR B 509 14.69 15.20 -11.63
N PRO B 510 15.12 16.48 -11.30
CA PRO B 510 15.20 16.93 -9.88
C PRO B 510 13.81 16.94 -9.21
N PHE B 511 12.76 17.20 -10.02
CA PHE B 511 11.36 17.21 -9.53
C PHE B 511 10.91 15.79 -9.15
N ILE B 512 11.31 14.77 -9.97
CA ILE B 512 10.96 13.35 -9.72
C ILE B 512 11.57 12.90 -8.38
N ASP B 513 12.85 13.28 -8.20
CA ASP B 513 13.64 13.04 -6.98
C ASP B 513 12.93 13.60 -5.72
N ARG B 514 12.55 14.89 -5.79
CA ARG B 514 11.91 15.62 -4.66
C ARG B 514 10.57 14.99 -4.27
N VAL B 515 9.69 14.80 -5.27
CA VAL B 515 8.33 14.24 -5.08
C VAL B 515 8.41 12.84 -4.46
N LYS B 516 9.30 12.01 -5.00
CA LYS B 516 9.40 10.58 -4.63
C LYS B 516 10.05 10.40 -3.23
N ALA B 517 10.90 11.38 -2.83
CA ALA B 517 11.52 11.41 -1.49
C ALA B 517 10.52 11.95 -0.44
N LEU B 518 9.62 12.82 -0.92
CA LEU B 518 8.61 13.50 -0.09
C LEU B 518 7.45 12.54 0.25
N LEU B 519 7.09 11.70 -0.74
CA LEU B 519 6.02 10.69 -0.61
C LEU B 519 6.60 9.43 0.05
N GLY B 520 7.83 9.07 -0.36
CA GLY B 520 8.58 7.94 0.21
C GLY B 520 7.84 6.61 0.05
N GLU B 521 7.21 6.16 1.16
CA GLU B 521 6.45 4.90 1.19
C GLU B 521 4.93 5.16 1.24
N ARG B 522 4.50 6.21 0.54
CA ARG B 522 3.07 6.39 0.18
C ARG B 522 2.85 6.05 -1.30
N VAL B 523 3.95 5.89 -2.07
CA VAL B 523 3.93 5.62 -3.53
C VAL B 523 4.97 4.54 -3.88
N LYS B 524 4.67 3.73 -4.92
CA LYS B 524 5.61 2.74 -5.49
C LYS B 524 6.67 3.47 -6.36
N ASP B 525 6.19 4.22 -7.38
CA ASP B 525 7.05 4.99 -8.33
C ASP B 525 6.33 6.25 -8.77
N VAL B 526 7.08 7.36 -8.89
CA VAL B 526 6.55 8.65 -9.34
C VAL B 526 6.99 8.85 -10.79
N ARG B 527 6.01 8.77 -11.70
CA ARG B 527 6.24 8.89 -13.14
C ARG B 527 5.69 10.23 -13.62
N LEU B 528 6.46 10.93 -14.45
CA LEU B 528 5.99 12.14 -15.15
C LEU B 528 5.61 11.73 -16.58
N THR B 529 4.33 11.37 -16.76
CA THR B 529 3.76 10.97 -18.06
C THR B 529 3.00 12.15 -18.68
N HIS B 530 2.71 12.09 -19.99
CA HIS B 530 2.30 13.28 -20.76
C HIS B 530 0.80 13.22 -21.13
N ARG B 531 -0.02 12.86 -20.15
CA ARG B 531 -1.47 12.77 -20.31
C ARG B 531 -2.09 14.15 -20.03
N LEU B 532 -2.42 14.89 -21.13
CA LEU B 532 -2.89 16.30 -21.07
C LEU B 532 -4.10 16.44 -20.11
N THR B 533 -5.26 15.84 -20.52
CA THR B 533 -6.51 15.63 -19.70
C THR B 533 -6.95 16.87 -18.84
N ASP B 534 -7.94 16.66 -17.95
CA ASP B 534 -8.34 17.65 -16.91
C ASP B 534 -7.82 17.22 -15.53
N THR B 535 -7.32 15.97 -15.44
CA THR B 535 -6.77 15.39 -14.22
C THR B 535 -5.34 15.95 -13.98
N PRO B 536 -5.00 16.41 -12.73
CA PRO B 536 -3.63 16.88 -12.42
C PRO B 536 -2.63 15.71 -12.41
N ALA B 537 -3.01 14.67 -11.67
CA ALA B 537 -2.23 13.45 -11.49
C ALA B 537 -3.18 12.28 -11.26
N ILE B 538 -2.83 11.13 -11.84
CA ILE B 538 -3.64 9.93 -11.84
C ILE B 538 -2.78 8.73 -11.42
N VAL B 539 -3.35 7.85 -10.62
CA VAL B 539 -2.69 6.61 -10.17
C VAL B 539 -2.97 5.46 -11.15
N SER B 540 -2.21 4.36 -10.99
CA SER B 540 -2.31 3.17 -11.86
C SER B 540 -2.18 1.89 -11.00
N THR B 541 -2.63 0.74 -11.57
CA THR B 541 -2.63 -0.55 -10.88
C THR B 541 -1.86 -1.62 -11.69
N ASP B 542 -1.34 -2.61 -10.97
CA ASP B 542 -0.77 -3.86 -11.54
C ASP B 542 -1.91 -4.88 -11.71
N ALA B 543 -2.54 -5.23 -10.57
CA ALA B 543 -3.73 -6.11 -10.51
C ALA B 543 -4.83 -5.47 -9.63
N ASP B 544 -5.66 -6.32 -8.97
CA ASP B 544 -6.81 -5.91 -8.13
C ASP B 544 -6.40 -4.88 -7.05
N GLU B 545 -6.88 -3.63 -7.24
CA GLU B 545 -6.59 -2.47 -6.36
C GLU B 545 -5.06 -2.34 -6.13
N MET B 546 -4.31 -2.44 -7.25
CA MET B 546 -2.84 -2.58 -7.28
C MET B 546 -2.44 -3.99 -6.84
N SER B 547 -2.66 -4.31 -5.55
CA SER B 547 -2.15 -5.56 -4.97
C SER B 547 -2.81 -5.90 -3.61
N THR B 548 -4.05 -5.42 -3.39
CA THR B 548 -4.71 -5.52 -2.06
C THR B 548 -5.48 -6.87 -1.88
N GLN B 549 -5.30 -7.81 -2.83
CA GLN B 549 -5.85 -9.19 -2.73
C GLN B 549 -5.27 -10.11 -3.84
N MET B 550 -4.18 -10.84 -3.47
CA MET B 550 -3.62 -11.98 -4.25
C MET B 550 -2.36 -12.52 -3.53
N ALA B 551 -1.97 -13.77 -3.86
CA ALA B 551 -0.87 -14.51 -3.20
C ALA B 551 0.50 -13.80 -3.36
N LYS B 552 0.95 -13.63 -4.63
CA LYS B 552 2.23 -12.94 -4.96
C LYS B 552 2.23 -11.49 -4.46
N LEU B 553 1.07 -10.84 -4.61
CA LEU B 553 0.88 -9.43 -4.31
C LEU B 553 1.11 -9.14 -2.81
N PHE B 554 0.56 -9.99 -1.91
CA PHE B 554 0.80 -9.88 -0.45
C PHE B 554 2.22 -10.35 -0.05
N ALA B 555 2.85 -11.16 -0.92
CA ALA B 555 4.22 -11.68 -0.71
C ALA B 555 5.29 -10.65 -1.16
N ALA B 556 4.86 -9.43 -1.54
CA ALA B 556 5.77 -8.36 -1.96
C ALA B 556 6.56 -7.78 -0.77
N ALA B 557 5.93 -7.75 0.43
CA ALA B 557 6.63 -7.46 1.71
C ALA B 557 5.95 -8.19 2.88
N GLY B 558 4.64 -7.92 3.11
CA GLY B 558 3.89 -8.59 4.19
C GLY B 558 2.82 -7.72 4.84
N GLN B 559 3.10 -6.41 5.03
CA GLN B 559 2.15 -5.48 5.73
C GLN B 559 0.96 -5.10 4.78
N LYS B 560 0.83 -3.80 4.38
CA LYS B 560 -0.21 -3.35 3.45
C LYS B 560 0.25 -3.50 1.98
N VAL B 561 1.40 -4.20 1.76
CA VAL B 561 2.11 -4.33 0.46
C VAL B 561 2.71 -2.97 -0.03
N PRO B 562 4.02 -2.95 -0.49
CA PRO B 562 4.65 -1.76 -1.10
C PRO B 562 3.99 -1.37 -2.44
N GLU B 563 3.56 -2.39 -3.19
CA GLU B 563 2.87 -2.21 -4.47
C GLU B 563 1.49 -1.51 -4.28
N VAL B 564 0.74 -1.85 -3.18
CA VAL B 564 -0.57 -1.19 -2.83
C VAL B 564 -0.41 0.33 -2.71
N LYS B 565 0.81 0.78 -2.36
CA LYS B 565 1.19 2.18 -2.49
C LYS B 565 1.26 2.48 -4.00
N TYR B 566 0.22 3.16 -4.51
CA TYR B 566 -0.04 3.33 -5.96
C TYR B 566 1.10 4.04 -6.71
N ILE B 567 1.13 3.79 -8.04
CA ILE B 567 2.09 4.43 -8.95
C ILE B 567 1.50 5.79 -9.39
N PHE B 568 2.18 6.86 -8.95
CA PHE B 568 1.69 8.24 -9.06
C PHE B 568 2.23 8.90 -10.35
N GLU B 569 1.34 9.02 -11.37
CA GLU B 569 1.67 9.65 -12.67
C GLU B 569 1.15 11.10 -12.70
N LEU B 570 2.05 12.08 -13.00
CA LEU B 570 1.70 13.52 -13.09
C LEU B 570 1.90 14.00 -14.54
N ASN B 571 0.99 14.87 -15.03
CA ASN B 571 1.19 15.60 -16.29
C ASN B 571 1.99 16.88 -16.00
N PRO B 572 3.27 17.00 -16.51
CA PRO B 572 4.18 18.13 -16.19
C PRO B 572 3.57 19.52 -16.47
N ASP B 573 2.80 19.59 -17.57
CA ASP B 573 2.22 20.84 -18.08
C ASP B 573 0.89 21.20 -17.39
N HIS B 574 0.21 20.23 -16.74
CA HIS B 574 -1.15 20.45 -16.21
C HIS B 574 -1.17 21.53 -15.10
N VAL B 575 -2.27 22.30 -15.04
CA VAL B 575 -2.43 23.53 -14.21
C VAL B 575 -1.90 23.39 -12.75
N LEU B 576 -2.38 22.38 -12.02
CA LEU B 576 -2.02 22.19 -10.59
C LEU B 576 -0.58 21.68 -10.42
N VAL B 577 -0.08 20.95 -11.43
CA VAL B 577 1.29 20.38 -11.40
C VAL B 577 2.34 21.47 -11.69
N LYS B 578 2.08 22.34 -12.70
CA LYS B 578 2.98 23.46 -13.04
C LYS B 578 3.03 24.46 -11.88
N ARG B 579 1.88 24.62 -11.20
CA ARG B 579 1.74 25.50 -10.02
C ARG B 579 2.55 24.95 -8.82
N ALA B 580 2.55 23.61 -8.65
CA ALA B 580 3.28 22.93 -7.56
C ALA B 580 4.80 22.83 -7.86
N ALA B 581 5.13 22.79 -9.17
CA ALA B 581 6.53 22.69 -9.66
C ALA B 581 7.22 24.06 -9.63
N ASP B 582 6.42 25.12 -9.80
CA ASP B 582 6.90 26.51 -9.78
C ASP B 582 7.18 26.98 -8.34
N THR B 583 6.52 26.34 -7.35
CA THR B 583 6.69 26.67 -5.92
C THR B 583 7.96 25.99 -5.36
N GLU B 584 8.90 26.80 -4.87
CA GLU B 584 10.14 26.31 -4.22
C GLU B 584 9.92 26.16 -2.71
N ASP B 585 8.95 26.94 -2.17
CA ASP B 585 8.58 26.92 -0.73
C ASP B 585 8.23 25.50 -0.31
N GLU B 586 9.06 24.92 0.57
CA GLU B 586 9.01 23.52 0.95
C GLU B 586 7.64 23.14 1.55
N ALA B 587 7.11 24.02 2.42
CA ALA B 587 5.84 23.79 3.15
C ALA B 587 4.63 23.66 2.19
N LYS B 588 4.57 24.54 1.18
CA LYS B 588 3.50 24.53 0.17
C LYS B 588 3.71 23.40 -0.85
N PHE B 589 4.97 23.20 -1.28
CA PHE B 589 5.35 22.16 -2.26
C PHE B 589 4.89 20.77 -1.77
N SER B 590 5.33 20.42 -0.55
CA SER B 590 5.00 19.15 0.12
C SER B 590 3.48 18.94 0.26
N GLU B 591 2.79 20.05 0.59
CA GLU B 591 1.34 20.06 0.83
C GLU B 591 0.57 19.79 -0.49
N TRP B 592 1.05 20.38 -1.60
CA TRP B 592 0.44 20.23 -2.95
C TRP B 592 0.71 18.83 -3.53
N VAL B 593 1.93 18.32 -3.33
CA VAL B 593 2.36 17.00 -3.85
C VAL B 593 1.50 15.87 -3.27
N GLU B 594 1.38 15.86 -1.94
CA GLU B 594 0.57 14.85 -1.23
C GLU B 594 -0.93 15.12 -1.37
N LEU B 595 -1.33 16.37 -1.66
CA LEU B 595 -2.75 16.73 -1.97
C LEU B 595 -3.22 15.95 -3.21
N LEU B 596 -2.42 16.05 -4.29
CA LEU B 596 -2.71 15.40 -5.58
C LEU B 596 -2.65 13.87 -5.42
N LEU B 597 -1.73 13.39 -4.54
CA LEU B 597 -1.63 11.95 -4.21
C LEU B 597 -2.92 11.45 -3.57
N ASP B 598 -3.32 12.07 -2.44
CA ASP B 598 -4.50 11.64 -1.65
C ASP B 598 -5.77 11.64 -2.52
N GLN B 599 -5.85 12.62 -3.43
CA GLN B 599 -6.98 12.79 -4.36
C GLN B 599 -7.10 11.60 -5.37
N ALA B 600 -5.96 11.26 -6.00
CA ALA B 600 -5.87 10.17 -7.02
C ALA B 600 -5.99 8.77 -6.36
N LEU B 601 -5.35 8.62 -5.21
CA LEU B 601 -5.31 7.36 -4.43
C LEU B 601 -6.76 7.02 -4.00
N LEU B 602 -7.47 8.06 -3.52
CA LEU B 602 -8.89 8.02 -3.12
C LEU B 602 -9.80 7.61 -4.30
N ALA B 603 -9.36 7.90 -5.54
CA ALA B 603 -10.08 7.51 -6.77
C ALA B 603 -10.14 5.98 -6.88
N GLU B 604 -8.98 5.31 -6.68
CA GLU B 604 -8.84 3.89 -7.07
C GLU B 604 -8.82 2.92 -5.87
N ARG B 605 -9.02 3.44 -4.65
CA ARG B 605 -9.36 2.60 -3.47
C ARG B 605 -10.69 3.06 -2.88
N GLY B 606 -10.89 4.38 -2.81
CA GLY B 606 -11.94 4.97 -1.99
C GLY B 606 -11.58 4.92 -0.51
N THR B 607 -10.27 4.84 -0.21
CA THR B 607 -9.74 4.77 1.18
C THR B 607 -8.36 5.44 1.24
N LEU B 608 -8.10 6.19 2.35
CA LEU B 608 -6.82 6.87 2.62
C LEU B 608 -6.33 6.54 4.04
N GLU B 609 -5.00 6.60 4.25
CA GLU B 609 -4.36 6.42 5.58
C GLU B 609 -4.69 7.63 6.49
N ASP B 610 -4.57 8.85 5.92
CA ASP B 610 -4.78 10.11 6.65
C ASP B 610 -5.86 10.95 5.93
N PRO B 611 -7.18 10.66 6.19
CA PRO B 611 -8.30 11.45 5.60
C PRO B 611 -8.32 12.89 6.15
N ASN B 612 -7.99 13.00 7.45
CA ASN B 612 -7.90 14.25 8.22
C ASN B 612 -7.03 15.28 7.49
N LEU B 613 -5.90 14.78 6.97
CA LEU B 613 -4.86 15.59 6.33
C LEU B 613 -5.39 16.28 5.05
N PHE B 614 -6.14 15.54 4.22
CA PHE B 614 -6.72 16.07 2.97
C PHE B 614 -7.84 17.10 3.26
N ILE B 615 -8.58 16.87 4.37
CA ILE B 615 -9.65 17.79 4.86
C ILE B 615 -9.10 19.21 5.12
N ARG B 616 -8.02 19.28 5.92
CA ARG B 616 -7.38 20.56 6.22
C ARG B 616 -6.82 21.18 4.95
N ARG B 617 -6.19 20.34 4.08
CA ARG B 617 -5.61 20.79 2.79
C ARG B 617 -6.66 21.40 1.85
N MET B 618 -7.92 20.99 2.01
CA MET B 618 -9.06 21.60 1.29
C MET B 618 -9.24 23.04 1.82
N ASN B 619 -9.55 23.15 3.13
CA ASN B 619 -9.79 24.47 3.79
C ASN B 619 -8.55 25.41 3.70
N GLN B 620 -7.36 24.79 3.65
CA GLN B 620 -6.08 25.51 3.70
C GLN B 620 -5.73 26.04 2.31
N LEU B 621 -5.60 25.13 1.33
CA LEU B 621 -5.09 25.46 -0.02
C LEU B 621 -6.18 26.09 -0.91
N LEU B 622 -7.40 26.31 -0.38
CA LEU B 622 -8.38 27.23 -0.99
C LEU B 622 -8.06 28.70 -0.62
N VAL B 623 -7.79 28.95 0.68
CA VAL B 623 -7.57 30.33 1.21
C VAL B 623 -6.08 30.75 1.10
N SER B 624 -5.17 29.76 0.99
CA SER B 624 -3.72 29.97 0.93
C SER B 624 -3.25 29.76 -0.53
N MET C 1 -14.99 15.48 30.12
CA MET C 1 -14.51 14.54 31.16
C MET C 1 -13.03 14.19 30.91
N ALA C 2 -12.28 13.92 32.01
CA ALA C 2 -10.87 13.50 31.93
C ALA C 2 -10.74 12.09 31.28
N THR C 3 -9.57 11.83 30.65
CA THR C 3 -9.24 10.57 29.95
C THR C 3 -10.05 10.40 28.64
N SER C 4 -11.33 10.03 28.79
CA SER C 4 -12.22 9.66 27.67
C SER C 4 -12.54 10.85 26.73
N THR C 5 -12.52 12.07 27.28
CA THR C 5 -12.84 13.30 26.51
C THR C 5 -11.72 14.35 26.69
N LEU C 6 -10.52 13.87 27.09
CA LEU C 6 -9.33 14.73 27.29
C LEU C 6 -8.77 15.15 25.92
N ILE C 7 -8.79 14.21 24.96
CA ILE C 7 -8.32 14.44 23.59
C ILE C 7 -9.50 14.38 22.59
N LYS C 8 -9.84 13.17 22.08
CA LYS C 8 -10.80 12.94 20.98
C LYS C 8 -10.54 13.93 19.80
N ALA C 9 -9.47 13.66 19.01
CA ALA C 9 -9.07 14.53 17.89
C ALA C 9 -8.31 13.73 16.83
N ILE C 10 -7.17 13.11 17.22
CA ILE C 10 -6.30 12.35 16.29
C ILE C 10 -6.95 10.99 15.97
N ASP C 11 -7.85 10.99 14.97
CA ASP C 11 -8.51 9.79 14.48
C ASP C 11 -7.72 9.21 13.30
N GLY C 12 -7.37 7.91 13.42
CA GLY C 12 -6.57 7.21 12.42
C GLY C 12 -7.01 5.76 12.24
N ASP C 13 -6.48 5.11 11.19
CA ASP C 13 -6.80 3.71 10.87
C ASP C 13 -6.20 2.75 11.92
N THR C 14 -7.08 2.23 12.81
CA THR C 14 -6.75 1.23 13.86
C THR C 14 -5.82 1.82 14.96
N VAL C 15 -6.08 1.43 16.22
CA VAL C 15 -5.17 1.76 17.34
C VAL C 15 -3.93 0.84 17.24
N LYS C 16 -2.96 1.25 16.40
CA LYS C 16 -1.65 0.56 16.26
C LYS C 16 -0.61 1.25 17.16
N LEU C 17 -1.10 1.97 18.20
CA LEU C 17 -0.29 2.82 19.07
C LEU C 17 0.78 1.98 19.80
N MET C 18 1.99 1.95 19.21
CA MET C 18 3.27 1.63 19.89
C MET C 18 3.35 0.21 20.50
N TYR C 19 2.37 -0.65 20.19
CA TYR C 19 2.39 -2.07 20.59
C TYR C 19 2.96 -2.84 19.39
N LYS C 20 4.27 -2.65 19.18
CA LYS C 20 4.95 -3.08 17.96
C LYS C 20 6.38 -3.54 18.32
N GLY C 21 6.43 -4.75 18.91
CA GLY C 21 7.68 -5.40 19.31
C GLY C 21 8.45 -5.95 18.12
N GLN C 22 9.41 -5.15 17.62
CA GLN C 22 10.26 -5.52 16.48
C GLN C 22 11.74 -5.36 16.88
N PRO C 23 12.67 -6.21 16.33
CA PRO C 23 14.13 -6.00 16.49
C PRO C 23 14.57 -4.69 15.79
N MET C 24 14.15 -4.55 14.50
CA MET C 24 14.43 -3.39 13.62
C MET C 24 15.95 -3.21 13.36
N THR C 25 16.69 -2.76 14.39
CA THR C 25 18.14 -2.56 14.33
C THR C 25 18.73 -2.69 15.74
N PHE C 26 19.99 -3.18 15.82
CA PHE C 26 20.76 -3.23 17.08
C PHE C 26 22.27 -3.41 16.81
N ARG C 27 23.10 -2.59 17.49
CA ARG C 27 24.58 -2.70 17.45
C ARG C 27 25.13 -2.80 18.89
N LEU C 28 24.75 -1.80 19.70
CA LEU C 28 25.38 -1.52 21.03
C LEU C 28 24.30 -1.16 22.04
N LEU C 29 24.73 -0.81 23.27
CA LEU C 29 23.83 -0.28 24.30
C LEU C 29 24.60 0.79 25.11
N LEU C 30 23.85 1.73 25.71
CA LEU C 30 24.40 2.81 26.55
C LEU C 30 25.22 2.27 27.75
N VAL C 31 24.52 1.70 28.75
CA VAL C 31 25.13 1.24 30.02
C VAL C 31 24.96 -0.28 30.22
N ASP C 32 23.95 -0.84 29.55
CA ASP C 32 23.51 -2.25 29.71
C ASP C 32 24.08 -3.10 28.55
N THR C 33 23.83 -4.43 28.57
CA THR C 33 24.07 -5.33 27.43
C THR C 33 23.00 -6.47 27.47
N PRO C 34 21.91 -6.38 26.66
CA PRO C 34 20.91 -7.48 26.55
C PRO C 34 21.38 -8.60 25.60
N GLU C 35 20.65 -9.73 25.60
CA GLU C 35 20.92 -10.89 24.72
C GLU C 35 19.82 -10.98 23.63
N THR C 36 20.24 -11.21 22.37
CA THR C 36 19.31 -11.43 21.26
C THR C 36 18.71 -12.86 21.35
N LYS C 37 19.58 -13.89 21.10
CA LYS C 37 19.22 -15.33 21.12
C LYS C 37 18.16 -15.68 20.03
N HIS C 38 18.15 -16.96 19.60
CA HIS C 38 17.28 -17.45 18.52
C HIS C 38 16.50 -18.71 18.99
N PRO C 39 15.19 -18.86 18.60
CA PRO C 39 14.36 -20.05 18.94
C PRO C 39 14.75 -21.29 18.10
N LYS C 40 14.53 -22.50 18.64
CA LYS C 40 14.84 -23.76 17.93
C LYS C 40 13.63 -24.12 17.03
N LYS C 41 12.58 -24.76 17.63
CA LYS C 41 11.30 -25.14 16.96
C LYS C 41 11.51 -26.30 15.93
N GLY C 42 10.66 -27.35 16.01
CA GLY C 42 10.71 -28.50 15.09
C GLY C 42 9.83 -28.27 13.85
N VAL C 43 10.37 -28.56 12.65
CA VAL C 43 9.70 -28.26 11.36
C VAL C 43 8.45 -29.16 11.12
N GLU C 44 8.65 -30.40 10.62
CA GLU C 44 7.53 -31.26 10.19
C GLU C 44 7.95 -32.74 10.15
N LYS C 45 7.03 -33.64 10.56
CA LYS C 45 7.26 -35.11 10.54
C LYS C 45 6.22 -35.83 9.63
N TYR C 46 5.03 -35.23 9.48
CA TYR C 46 3.90 -35.90 8.77
C TYR C 46 4.21 -36.16 7.27
N GLY C 47 3.94 -37.41 6.85
CA GLY C 47 4.09 -37.83 5.45
C GLY C 47 2.73 -38.18 4.81
N PRO C 48 2.67 -38.33 3.44
CA PRO C 48 1.40 -38.57 2.69
C PRO C 48 0.85 -40.02 2.83
N GLU C 49 -0.31 -40.28 2.17
CA GLU C 49 -0.97 -41.60 2.18
C GLU C 49 -0.30 -42.56 1.16
N ALA C 50 -0.47 -43.87 1.38
CA ALA C 50 0.09 -44.92 0.51
C ALA C 50 -0.80 -45.12 -0.74
N SER C 51 -0.16 -45.16 -1.92
CA SER C 51 -0.83 -45.38 -3.22
C SER C 51 -1.40 -46.83 -3.30
N ALA C 52 -2.74 -46.94 -3.26
CA ALA C 52 -3.46 -48.23 -3.37
C ALA C 52 -4.78 -48.03 -4.12
N PHE C 53 -5.16 -49.02 -4.95
CA PHE C 53 -6.45 -49.03 -5.67
C PHE C 53 -6.89 -50.46 -6.01
N THR C 54 -8.10 -50.58 -6.59
CA THR C 54 -8.72 -51.84 -7.03
C THR C 54 -9.70 -51.52 -8.17
N LYS C 55 -9.44 -52.08 -9.37
CA LYS C 55 -10.20 -51.79 -10.58
C LYS C 55 -11.11 -52.99 -10.94
N LYS C 56 -12.45 -52.78 -10.88
CA LYS C 56 -13.46 -53.78 -11.30
C LYS C 56 -13.58 -53.81 -12.84
N MET C 57 -13.74 -55.02 -13.42
CA MET C 57 -13.84 -55.20 -14.89
C MET C 57 -15.28 -55.54 -15.30
N VAL C 58 -15.92 -56.49 -14.59
CA VAL C 58 -17.27 -56.96 -14.96
C VAL C 58 -18.33 -55.87 -14.73
N GLU C 59 -19.20 -55.70 -15.73
CA GLU C 59 -20.30 -54.73 -15.70
C GLU C 59 -21.56 -55.40 -16.27
N ASN C 60 -22.73 -55.09 -15.68
CA ASN C 60 -24.02 -55.67 -16.08
C ASN C 60 -24.44 -55.13 -17.46
N ALA C 61 -24.57 -53.79 -17.55
CA ALA C 61 -24.98 -53.06 -18.78
C ALA C 61 -26.25 -53.66 -19.41
N LYS C 62 -27.38 -53.53 -18.70
CA LYS C 62 -28.67 -54.07 -19.12
C LYS C 62 -29.56 -52.93 -19.67
N LYS C 63 -29.53 -51.76 -18.99
CA LYS C 63 -30.41 -50.63 -19.34
C LYS C 63 -29.76 -49.82 -20.49
N ILE C 64 -29.90 -50.33 -21.72
CA ILE C 64 -29.61 -49.60 -22.99
C ILE C 64 -30.58 -50.09 -24.09
N GLU C 65 -31.02 -49.17 -24.95
CA GLU C 65 -31.88 -49.43 -26.14
C GLU C 65 -31.92 -48.16 -27.02
N VAL C 66 -32.41 -48.27 -28.28
CA VAL C 66 -32.47 -47.16 -29.26
C VAL C 66 -33.33 -45.95 -28.78
N GLU C 67 -34.36 -46.23 -27.94
CA GLU C 67 -35.29 -45.22 -27.38
C GLU C 67 -36.19 -44.56 -28.46
N PHE C 68 -35.67 -43.56 -29.17
CA PHE C 68 -36.46 -42.75 -30.13
C PHE C 68 -35.58 -42.29 -31.31
N ASP C 69 -36.21 -42.09 -32.47
CA ASP C 69 -35.54 -41.58 -33.69
C ASP C 69 -35.79 -40.07 -33.88
N LYS C 70 -36.96 -39.58 -33.39
CA LYS C 70 -37.34 -38.15 -33.51
C LYS C 70 -36.33 -37.26 -32.75
N GLY C 71 -35.55 -36.48 -33.51
CA GLY C 71 -34.52 -35.62 -32.95
C GLY C 71 -33.56 -35.14 -34.02
N GLN C 72 -34.11 -34.46 -35.04
CA GLN C 72 -33.31 -33.84 -36.13
C GLN C 72 -32.45 -32.69 -35.58
N ARG C 73 -31.48 -32.25 -36.40
CA ARG C 73 -30.45 -31.23 -36.04
C ARG C 73 -29.49 -31.80 -34.98
N THR C 74 -28.24 -32.08 -35.39
CA THR C 74 -27.22 -32.66 -34.51
C THR C 74 -25.82 -32.23 -34.98
N ASP C 75 -25.06 -31.62 -34.04
CA ASP C 75 -23.66 -31.20 -34.22
C ASP C 75 -23.47 -30.32 -35.48
N LYS C 76 -23.62 -28.99 -35.32
CA LYS C 76 -23.30 -28.04 -36.41
C LYS C 76 -21.78 -27.73 -36.42
N TYR C 77 -21.14 -27.78 -35.23
CA TYR C 77 -19.69 -27.54 -35.06
C TYR C 77 -19.06 -28.75 -34.35
N GLY C 78 -18.30 -29.56 -35.09
CA GLY C 78 -17.50 -30.64 -34.50
C GLY C 78 -16.13 -30.17 -34.01
N ARG C 79 -15.79 -28.92 -34.38
CA ARG C 79 -14.51 -28.27 -34.06
C ARG C 79 -14.42 -27.83 -32.58
N GLY C 80 -13.25 -27.25 -32.24
CA GLY C 80 -12.97 -26.70 -30.91
C GLY C 80 -13.58 -25.32 -30.69
N LEU C 81 -13.22 -24.70 -29.54
CA LEU C 81 -13.82 -23.45 -29.05
C LEU C 81 -13.05 -22.98 -27.77
N ALA C 82 -13.72 -22.22 -26.87
CA ALA C 82 -13.20 -21.85 -25.54
C ALA C 82 -12.97 -23.08 -24.65
N TYR C 83 -11.78 -23.21 -24.01
CA TYR C 83 -11.45 -24.38 -23.13
C TYR C 83 -10.66 -23.98 -21.87
N ILE C 84 -9.84 -22.90 -21.94
CA ILE C 84 -8.96 -22.51 -20.82
C ILE C 84 -9.79 -21.78 -19.71
N TYR C 85 -9.65 -20.43 -19.62
CA TYR C 85 -10.33 -19.59 -18.60
C TYR C 85 -9.94 -18.11 -18.78
N ALA C 86 -10.60 -17.24 -17.98
CA ALA C 86 -10.29 -15.81 -17.88
C ALA C 86 -8.80 -15.60 -17.55
N ASP C 87 -8.02 -15.22 -18.59
CA ASP C 87 -6.54 -15.21 -18.56
C ASP C 87 -5.96 -14.34 -17.42
N GLY C 88 -5.18 -15.00 -16.54
CA GLY C 88 -4.57 -14.36 -15.38
C GLY C 88 -5.58 -14.08 -14.28
N LYS C 89 -6.32 -12.98 -14.46
CA LYS C 89 -7.48 -12.61 -13.62
C LYS C 89 -8.61 -12.10 -14.51
N MET C 90 -8.23 -11.58 -15.71
CA MET C 90 -9.12 -10.87 -16.63
C MET C 90 -9.61 -9.54 -16.00
N VAL C 91 -8.77 -8.50 -16.16
CA VAL C 91 -9.04 -7.14 -15.65
C VAL C 91 -7.93 -6.19 -16.19
N ASN C 92 -8.16 -4.87 -16.15
CA ASN C 92 -7.28 -3.89 -16.84
C ASN C 92 -7.27 -2.54 -16.11
N GLU C 93 -6.21 -1.74 -16.38
CA GLU C 93 -6.10 -0.33 -15.92
C GLU C 93 -5.94 0.59 -17.13
N ALA C 94 -7.06 1.20 -17.54
CA ALA C 94 -7.15 2.19 -18.63
C ALA C 94 -8.59 2.74 -18.67
N LEU C 95 -8.93 3.49 -19.76
CA LEU C 95 -10.27 4.03 -20.02
C LEU C 95 -10.65 5.13 -18.98
N VAL C 96 -11.61 6.03 -19.35
CA VAL C 96 -12.17 7.13 -18.49
C VAL C 96 -11.19 8.35 -18.38
N ARG C 97 -9.87 8.07 -18.37
CA ARG C 97 -8.78 9.09 -18.27
C ARG C 97 -8.95 10.21 -19.32
N GLN C 98 -9.45 9.83 -20.50
CA GLN C 98 -10.02 10.76 -21.49
C GLN C 98 -11.48 10.27 -21.69
N GLY C 99 -12.44 11.20 -21.80
CA GLY C 99 -13.87 10.85 -21.79
C GLY C 99 -14.59 11.19 -23.09
N LEU C 100 -13.84 11.23 -24.22
CA LEU C 100 -14.30 11.76 -25.53
C LEU C 100 -14.74 13.23 -25.31
N ALA C 101 -13.80 14.15 -25.57
CA ALA C 101 -13.81 15.52 -25.02
C ALA C 101 -15.08 16.33 -25.37
N LYS C 102 -15.38 16.49 -26.68
CA LYS C 102 -16.41 17.45 -27.12
C LYS C 102 -16.74 17.30 -28.63
N VAL C 103 -15.68 17.10 -29.44
CA VAL C 103 -15.74 17.14 -30.92
C VAL C 103 -16.02 18.60 -31.39
N ALA C 104 -15.02 19.48 -31.16
CA ALA C 104 -15.11 20.92 -31.50
C ALA C 104 -13.72 21.54 -31.74
N TYR C 105 -13.71 22.86 -31.95
CA TYR C 105 -12.47 23.66 -32.14
C TYR C 105 -11.52 23.62 -30.91
N VAL C 106 -10.32 24.18 -31.08
CA VAL C 106 -9.30 24.24 -30.01
C VAL C 106 -9.02 25.72 -29.63
N TYR C 107 -8.54 25.94 -28.40
CA TYR C 107 -8.26 27.28 -27.86
C TYR C 107 -6.81 27.70 -28.14
N LYS C 108 -6.61 29.01 -28.34
CA LYS C 108 -5.30 29.61 -28.60
C LYS C 108 -4.74 30.18 -27.26
N PRO C 109 -3.61 29.60 -26.73
CA PRO C 109 -3.11 29.89 -25.35
C PRO C 109 -2.20 31.15 -25.27
N ASN C 110 -2.69 32.28 -25.84
CA ASN C 110 -2.02 33.60 -25.81
C ASN C 110 -0.67 33.60 -26.57
N ASN C 111 0.12 34.67 -26.37
CA ASN C 111 1.48 34.85 -26.92
C ASN C 111 2.38 35.44 -25.82
N THR C 112 3.68 35.59 -26.14
CA THR C 112 4.67 36.19 -25.21
C THR C 112 4.42 37.71 -25.05
N HIS C 113 4.56 38.20 -23.80
CA HIS C 113 4.44 39.63 -23.45
C HIS C 113 5.74 40.37 -23.79
N GLU C 114 5.62 41.57 -24.40
CA GLU C 114 6.77 42.41 -24.78
C GLU C 114 7.60 42.83 -23.54
N GLN C 115 8.94 42.82 -23.68
CA GLN C 115 9.86 42.98 -22.55
C GLN C 115 10.04 44.47 -22.15
N HIS C 116 10.76 45.24 -22.99
CA HIS C 116 11.22 46.60 -22.66
C HIS C 116 11.77 47.30 -23.93
N LEU C 117 11.66 48.63 -23.97
CA LEU C 117 12.18 49.48 -25.08
C LEU C 117 12.58 50.87 -24.55
N ARG C 118 13.13 51.71 -25.44
CA ARG C 118 13.54 53.09 -25.13
C ARG C 118 13.14 54.04 -26.28
N LYS C 119 12.82 55.31 -25.94
CA LYS C 119 12.38 56.32 -26.93
C LYS C 119 13.60 56.97 -27.65
N SER C 120 13.30 57.68 -28.75
CA SER C 120 14.29 58.47 -29.51
C SER C 120 13.55 59.61 -30.23
N GLU C 121 13.77 60.85 -29.75
CA GLU C 121 13.06 62.06 -30.24
C GLU C 121 13.83 62.74 -31.38
N ALA C 122 13.08 63.38 -32.30
CA ALA C 122 13.64 64.31 -33.31
C ALA C 122 12.94 65.68 -33.17
N GLN C 123 13.57 66.74 -33.66
CA GLN C 123 13.01 68.12 -33.57
C GLN C 123 12.23 68.46 -34.85
N ALA C 124 11.14 69.22 -34.69
CA ALA C 124 10.33 69.77 -35.80
C ALA C 124 10.93 71.10 -36.30
N LYS C 125 10.33 71.68 -37.35
CA LYS C 125 10.79 72.97 -37.93
C LYS C 125 9.61 73.74 -38.54
N LYS C 126 9.62 75.06 -38.38
CA LYS C 126 8.59 75.97 -38.91
C LYS C 126 9.01 76.49 -40.29
N GLU C 127 8.12 76.36 -41.29
CA GLU C 127 8.36 76.83 -42.66
C GLU C 127 7.74 78.22 -42.87
N LYS C 128 8.37 79.04 -43.74
CA LYS C 128 7.90 80.39 -44.09
C LYS C 128 7.58 80.47 -45.61
N LEU C 129 6.38 80.96 -45.95
CA LEU C 129 5.99 81.26 -47.34
C LEU C 129 6.19 82.76 -47.59
N ASN C 130 7.00 83.10 -48.60
CA ASN C 130 7.22 84.50 -49.03
C ASN C 130 6.21 84.86 -50.13
N ILE C 131 5.45 85.94 -49.92
CA ILE C 131 4.49 86.48 -50.90
C ILE C 131 4.89 87.94 -51.21
N TRP C 132 4.93 88.32 -52.50
CA TRP C 132 5.26 89.70 -52.90
C TRP C 132 4.04 90.61 -52.62
N MET A 1 7.78 51.39 32.48
CA MET A 1 6.31 51.47 32.35
C MET A 1 5.86 50.86 31.02
N LYS A 2 6.63 51.11 29.95
CA LYS A 2 6.30 50.66 28.58
C LYS A 2 7.54 50.06 27.89
N GLY A 3 7.28 49.28 26.84
CA GLY A 3 8.33 48.65 26.04
C GLY A 3 7.87 48.51 24.60
N GLN A 4 8.74 48.86 23.64
CA GLN A 4 8.41 48.82 22.20
C GLN A 4 9.63 48.30 21.41
N GLU A 5 9.45 47.13 20.75
CA GLU A 5 10.44 46.54 19.82
C GLU A 5 9.71 45.67 18.76
N THR A 6 10.22 45.72 17.52
CA THR A 6 9.79 44.86 16.40
C THR A 6 10.97 44.71 15.44
N ARG A 7 11.29 43.45 15.07
CA ARG A 7 12.51 43.11 14.30
C ARG A 7 12.13 42.52 12.93
N GLY A 8 11.20 41.55 12.96
CA GLY A 8 10.76 40.83 11.75
C GLY A 8 11.15 39.36 11.79
N PHE A 9 10.63 38.58 10.82
CA PHE A 9 10.89 37.14 10.71
C PHE A 9 11.81 36.88 9.50
N GLN A 10 13.12 36.72 9.80
CA GLN A 10 14.15 36.45 8.78
C GLN A 10 14.21 34.94 8.47
N SER A 11 13.54 34.55 7.38
CA SER A 11 13.54 33.17 6.89
C SER A 11 14.81 32.89 6.06
N GLU A 12 15.69 32.02 6.60
CA GLU A 12 16.95 31.64 5.95
C GLU A 12 17.09 30.11 6.06
N VAL A 13 16.78 29.42 4.95
CA VAL A 13 16.67 27.94 4.89
C VAL A 13 17.45 27.42 3.64
N LYS A 14 17.12 26.17 3.18
CA LYS A 14 17.70 25.50 1.97
C LYS A 14 19.04 24.80 2.30
N GLN A 15 19.71 24.24 1.25
CA GLN A 15 21.03 23.59 1.38
C GLN A 15 22.12 24.52 0.81
N LEU A 16 22.31 24.51 -0.53
CA LEU A 16 23.40 25.24 -1.23
C LEU A 16 23.36 26.76 -0.93
N LEU A 17 22.15 27.32 -0.99
CA LEU A 17 21.90 28.75 -0.74
C LEU A 17 22.21 29.10 0.75
N HIS A 18 21.90 28.16 1.65
CA HIS A 18 22.09 28.34 3.11
C HIS A 18 23.59 28.31 3.45
N LEU A 19 24.37 27.59 2.62
CA LEU A 19 25.83 27.53 2.74
C LEU A 19 26.44 28.85 2.23
N MET A 20 25.87 29.38 1.12
CA MET A 20 26.36 30.59 0.43
C MET A 20 26.30 31.87 1.30
N ILE A 21 25.19 32.03 2.06
CA ILE A 21 24.99 33.21 2.90
C ILE A 21 26.00 33.24 4.08
N HIS A 22 26.31 32.06 4.63
CA HIS A 22 27.21 31.93 5.79
C HIS A 22 28.68 31.67 5.37
N SER A 23 28.90 31.37 4.07
CA SER A 23 30.27 31.22 3.51
C SER A 23 30.90 32.61 3.33
N LEU A 24 30.05 33.60 3.00
CA LEU A 24 30.41 35.04 3.05
C LEU A 24 30.90 35.39 4.47
N TYR A 25 30.03 35.08 5.47
CA TYR A 25 30.35 35.13 6.93
C TYR A 25 30.53 36.59 7.42
N SER A 26 30.22 37.56 6.52
CA SER A 26 30.44 39.02 6.74
C SER A 26 31.95 39.32 6.95
N ASN A 27 32.81 38.43 6.41
CA ASN A 27 34.26 38.43 6.68
C ASN A 27 35.06 38.33 5.36
N LYS A 28 34.54 37.47 4.44
CA LYS A 28 35.12 37.16 3.09
C LYS A 28 36.36 36.23 3.21
N GLU A 29 37.37 36.68 3.99
CA GLU A 29 38.69 35.99 4.15
C GLU A 29 38.60 34.57 4.75
N ILE A 30 37.41 34.22 5.26
CA ILE A 30 37.13 32.87 5.77
C ILE A 30 37.35 31.80 4.66
N PHE A 31 37.24 32.21 3.35
CA PHE A 31 37.48 31.31 2.20
C PHE A 31 38.82 30.58 2.30
N LEU A 32 39.81 31.27 2.92
CA LEU A 32 41.16 30.73 3.09
C LEU A 32 41.15 29.42 3.89
N ARG A 33 40.34 29.34 4.99
CA ARG A 33 40.27 28.12 5.81
C ARG A 33 39.56 26.98 5.06
N GLU A 34 38.58 27.31 4.18
CA GLU A 34 37.93 26.29 3.34
C GLU A 34 38.91 25.68 2.34
N LEU A 35 39.55 26.54 1.54
CA LEU A 35 40.48 26.14 0.46
C LEU A 35 41.61 25.23 0.99
N ILE A 36 42.25 25.66 2.09
CA ILE A 36 43.33 24.88 2.72
C ILE A 36 42.77 23.60 3.38
N SER A 37 41.53 23.67 3.94
CA SER A 37 40.85 22.48 4.52
C SER A 37 40.55 21.43 3.45
N ASN A 38 40.31 21.89 2.20
CA ASN A 38 40.09 21.03 1.04
C ASN A 38 41.42 20.34 0.66
N ALA A 39 42.53 21.07 0.88
CA ALA A 39 43.89 20.61 0.57
C ALA A 39 44.41 19.67 1.66
N SER A 40 43.95 19.91 2.90
CA SER A 40 44.32 19.15 4.11
C SER A 40 43.55 17.84 4.15
N ASP A 41 42.31 17.88 3.63
CA ASP A 41 41.46 16.69 3.50
C ASP A 41 42.03 15.80 2.39
N ALA A 42 42.49 16.46 1.31
CA ALA A 42 43.19 15.81 0.18
C ALA A 42 44.55 15.24 0.63
N ALA A 43 45.18 15.91 1.61
CA ALA A 43 46.48 15.48 2.16
C ALA A 43 46.34 14.16 2.92
N ASP A 44 45.37 14.11 3.86
CA ASP A 44 45.15 12.92 4.69
C ASP A 44 44.69 11.72 3.83
N LYS A 45 43.90 12.01 2.77
CA LYS A 45 43.53 11.00 1.74
C LYS A 45 44.77 10.26 1.20
N LEU A 46 45.78 11.03 0.73
CA LEU A 46 46.99 10.46 0.11
C LEU A 46 47.84 9.70 1.14
N ARG A 47 47.77 10.10 2.41
CA ARG A 47 48.49 9.41 3.50
C ARG A 47 47.90 8.01 3.79
N PHE A 48 46.60 7.83 3.45
CA PHE A 48 45.95 6.49 3.43
C PHE A 48 46.30 5.74 2.14
N ARG A 49 46.27 6.45 1.01
CA ARG A 49 46.54 5.87 -0.32
C ARG A 49 47.99 5.35 -0.41
N ALA A 50 48.89 6.00 0.32
CA ALA A 50 50.31 5.62 0.41
C ALA A 50 50.51 4.25 1.08
N LEU A 51 49.51 3.84 1.89
CA LEU A 51 49.45 2.51 2.51
C LEU A 51 49.05 1.45 1.47
N SER A 52 48.20 1.86 0.50
CA SER A 52 47.72 0.97 -0.57
C SER A 52 48.75 0.94 -1.73
N ASN A 53 49.63 1.95 -1.77
CA ASN A 53 50.65 2.09 -2.81
C ASN A 53 51.54 3.33 -2.52
N PRO A 54 52.81 3.12 -2.03
CA PRO A 54 53.78 4.23 -1.81
C PRO A 54 54.16 5.00 -3.10
N ASP A 55 53.94 4.34 -4.26
CA ASP A 55 54.21 4.91 -5.62
C ASP A 55 53.32 6.15 -5.91
N LEU A 56 52.19 6.26 -5.17
CA LEU A 56 51.27 7.42 -5.29
C LEU A 56 51.91 8.72 -4.72
N TYR A 57 53.00 8.56 -3.93
CA TYR A 57 53.83 9.69 -3.46
C TYR A 57 54.77 10.19 -4.59
N GLU A 58 55.04 9.35 -5.59
CA GLU A 58 55.79 9.75 -6.82
C GLU A 58 57.22 10.28 -6.52
N GLY A 59 57.77 9.93 -5.33
CA GLY A 59 59.05 10.47 -4.86
C GLY A 59 58.89 11.58 -3.81
N ASP A 60 57.80 12.36 -3.90
CA ASP A 60 57.47 13.43 -2.93
C ASP A 60 56.66 12.85 -1.75
N GLY A 61 57.27 12.75 -0.55
CA GLY A 61 56.60 12.20 0.63
C GLY A 61 55.95 13.28 1.50
N GLU A 62 56.55 14.49 1.50
CA GLU A 62 56.13 15.62 2.34
C GLU A 62 55.01 16.42 1.66
N LEU A 63 53.76 16.17 2.07
CA LEU A 63 52.60 16.90 1.57
C LEU A 63 52.58 18.30 2.20
N ARG A 64 52.22 19.31 1.39
CA ARG A 64 52.24 20.73 1.79
C ARG A 64 51.31 21.54 0.87
N VAL A 65 50.93 22.73 1.33
CA VAL A 65 50.08 23.64 0.56
C VAL A 65 50.76 25.02 0.53
N ARG A 66 51.27 25.37 -0.66
CA ARG A 66 52.09 26.57 -0.87
C ARG A 66 51.30 27.66 -1.58
N VAL A 67 50.94 28.69 -0.81
CA VAL A 67 50.22 29.87 -1.30
C VAL A 67 51.24 30.85 -1.90
N SER A 68 51.25 30.93 -3.24
CA SER A 68 52.11 31.83 -4.00
C SER A 68 51.24 32.86 -4.68
N PHE A 69 51.75 34.09 -4.89
CA PHE A 69 50.96 35.17 -5.48
C PHE A 69 51.86 36.18 -6.18
N ASP A 70 51.24 37.05 -6.99
CA ASP A 70 51.89 38.23 -7.51
C ASP A 70 50.98 39.42 -7.26
N LYS A 71 51.55 40.44 -6.61
CA LYS A 71 50.84 41.63 -6.15
C LYS A 71 50.36 42.49 -7.34
N ASP A 72 51.19 42.55 -8.39
CA ASP A 72 50.91 43.36 -9.60
C ASP A 72 49.95 42.63 -10.56
N LYS A 73 50.19 41.33 -10.78
CA LYS A 73 49.36 40.50 -11.70
C LYS A 73 47.97 40.23 -11.09
N ARG A 74 47.88 40.38 -9.76
CA ARG A 74 46.66 40.23 -8.97
C ARG A 74 46.05 38.82 -9.09
N THR A 75 46.94 37.80 -8.98
CA THR A 75 46.55 36.40 -8.94
C THR A 75 47.14 35.73 -7.68
N LEU A 76 46.28 35.11 -6.88
CA LEU A 76 46.65 34.31 -5.70
C LEU A 76 46.52 32.83 -6.08
N THR A 77 47.64 32.11 -6.15
CA THR A 77 47.71 30.72 -6.59
C THR A 77 48.06 29.81 -5.39
N ILE A 78 47.10 28.98 -4.96
CA ILE A 78 47.26 28.02 -3.86
C ILE A 78 47.64 26.67 -4.48
N SER A 79 48.93 26.31 -4.37
CA SER A 79 49.48 25.09 -4.97
C SER A 79 49.64 24.01 -3.88
N ASP A 80 48.60 23.18 -3.76
CA ASP A 80 48.59 21.96 -2.95
C ASP A 80 49.26 20.84 -3.74
N ASN A 81 50.13 20.03 -3.09
CA ASN A 81 50.68 18.82 -3.72
C ASN A 81 50.20 17.56 -2.95
N GLY A 82 48.99 17.62 -2.40
CA GLY A 82 48.35 16.49 -1.73
C GLY A 82 47.90 15.41 -2.70
N VAL A 83 46.70 14.82 -2.50
CA VAL A 83 46.16 13.82 -3.44
C VAL A 83 45.62 14.50 -4.70
N GLY A 84 45.29 15.79 -4.60
CA GLY A 84 44.64 16.52 -5.69
C GLY A 84 43.19 16.08 -5.90
N MET A 85 42.74 16.09 -7.16
CA MET A 85 41.42 15.58 -7.57
C MET A 85 41.54 14.91 -8.95
N THR A 86 40.80 13.81 -9.14
CA THR A 86 40.64 13.18 -10.47
C THR A 86 39.70 14.03 -11.35
N ARG A 87 39.61 13.72 -12.67
CA ARG A 87 38.60 14.31 -13.59
C ARG A 87 37.20 14.16 -13.00
N ASP A 88 36.96 12.98 -12.43
CA ASP A 88 35.69 12.63 -11.76
C ASP A 88 35.40 13.66 -10.66
N GLU A 89 36.34 13.79 -9.69
CA GLU A 89 36.15 14.67 -8.53
C GLU A 89 35.94 16.15 -8.92
N VAL A 90 36.65 16.64 -9.95
CA VAL A 90 36.53 18.06 -10.39
C VAL A 90 35.10 18.35 -10.90
N ILE A 91 34.59 17.43 -11.71
CA ILE A 91 33.22 17.49 -12.25
C ILE A 91 32.18 17.29 -11.11
N ASP A 92 32.49 16.35 -10.20
CA ASP A 92 31.60 15.93 -9.08
C ASP A 92 31.69 16.87 -7.86
N HIS A 93 32.64 17.82 -7.88
CA HIS A 93 32.71 18.89 -6.87
C HIS A 93 32.40 20.22 -7.57
N LEU A 94 33.44 20.81 -8.20
CA LEU A 94 33.39 22.19 -8.74
C LEU A 94 32.27 22.36 -9.77
N GLY A 95 32.25 21.47 -10.77
CA GLY A 95 31.28 21.52 -11.87
C GLY A 95 29.83 21.41 -11.41
N THR A 96 29.58 20.56 -10.40
CA THR A 96 28.24 20.32 -9.86
C THR A 96 27.84 21.41 -8.82
N ILE A 97 28.81 22.21 -8.33
CA ILE A 97 28.49 23.40 -7.51
C ILE A 97 28.06 24.53 -8.47
N ALA A 98 28.68 24.51 -9.67
CA ALA A 98 28.25 25.31 -10.82
C ALA A 98 27.03 24.64 -11.50
N LYS A 99 26.67 25.12 -12.71
CA LYS A 99 25.45 24.65 -13.40
C LYS A 99 25.67 23.25 -14.01
N SER A 100 25.03 22.23 -13.40
CA SER A 100 25.02 20.85 -13.95
C SER A 100 23.62 20.25 -13.84
N GLY A 101 23.07 20.23 -12.62
CA GLY A 101 21.71 19.73 -12.36
C GLY A 101 21.68 18.69 -11.25
N THR A 102 22.24 19.04 -10.07
CA THR A 102 22.23 18.16 -8.88
C THR A 102 20.80 18.03 -8.31
N LYS A 103 19.95 19.02 -8.65
CA LYS A 103 18.50 19.05 -8.39
C LYS A 103 18.23 19.13 -6.87
N SER A 104 18.27 17.98 -6.20
CA SER A 104 18.21 17.85 -4.73
C SER A 104 18.97 16.57 -4.34
N PHE A 105 18.58 15.42 -4.97
CA PHE A 105 19.44 14.23 -5.02
C PHE A 105 20.00 14.06 -6.45
N LEU A 106 19.11 14.02 -7.44
CA LEU A 106 19.46 13.77 -8.85
C LEU A 106 18.17 13.72 -9.67
N GLU A 107 18.15 14.49 -10.76
CA GLU A 107 17.02 14.60 -11.68
C GLU A 107 16.73 13.25 -12.42
N SER A 108 17.78 12.44 -12.64
CA SER A 108 17.70 11.20 -13.41
C SER A 108 17.25 10.00 -12.53
N LEU A 109 18.14 9.49 -11.65
CA LEU A 109 17.82 8.32 -10.77
C LEU A 109 17.35 8.77 -9.36
N GLY A 110 18.04 9.77 -8.80
CA GLY A 110 17.78 10.23 -7.42
C GLY A 110 18.65 9.54 -6.37
N SER A 111 19.84 9.05 -6.77
CA SER A 111 20.77 8.31 -5.87
C SER A 111 22.24 8.60 -6.22
N ASP A 112 22.59 8.49 -7.51
CA ASP A 112 24.00 8.57 -7.98
C ASP A 112 24.63 9.94 -7.63
N GLN A 113 23.95 11.04 -8.02
CA GLN A 113 24.42 12.41 -7.77
C GLN A 113 23.89 12.94 -6.40
N ALA A 114 23.31 12.03 -5.58
CA ALA A 114 22.74 12.40 -4.25
C ALA A 114 23.84 12.75 -3.24
N LYS A 115 25.05 12.29 -3.54
CA LYS A 115 26.20 12.39 -2.65
C LYS A 115 27.04 13.63 -3.02
N ASP A 116 26.39 14.67 -3.56
CA ASP A 116 27.07 15.91 -4.04
C ASP A 116 26.82 17.07 -3.08
N SER A 117 25.68 17.06 -2.37
CA SER A 117 25.32 18.12 -1.41
C SER A 117 26.32 18.15 -0.23
N GLN A 118 26.81 16.95 0.08
CA GLN A 118 27.72 16.71 1.20
C GLN A 118 29.18 17.06 0.80
N LEU A 119 29.45 16.97 -0.52
CA LEU A 119 30.72 17.47 -1.11
C LEU A 119 30.71 19.02 -1.14
N ILE A 120 29.52 19.60 -1.39
CA ILE A 120 29.33 21.07 -1.37
C ILE A 120 29.52 21.62 0.07
N GLY A 121 29.19 20.78 1.07
CA GLY A 121 29.46 21.10 2.49
C GLY A 121 30.95 21.38 2.78
N GLN A 122 31.85 20.69 2.07
CA GLN A 122 33.32 20.88 2.23
C GLN A 122 33.88 21.91 1.22
N PHE A 123 33.60 21.68 -0.07
CA PHE A 123 34.21 22.43 -1.20
C PHE A 123 33.37 23.66 -1.59
N GLY A 124 32.04 23.47 -1.62
CA GLY A 124 31.10 24.49 -2.14
C GLY A 124 31.01 25.76 -1.30
N VAL A 125 31.37 25.62 -0.03
CA VAL A 125 31.45 26.76 0.90
C VAL A 125 32.56 27.72 0.44
N GLY A 126 33.77 27.17 0.27
CA GLY A 126 34.94 27.95 -0.17
C GLY A 126 34.90 28.32 -1.65
N PHE A 127 34.07 27.61 -2.41
CA PHE A 127 33.80 27.92 -3.83
C PHE A 127 33.22 29.34 -3.92
N TYR A 128 32.04 29.53 -3.31
CA TYR A 128 31.29 30.80 -3.37
C TYR A 128 32.03 31.93 -2.61
N SER A 129 32.59 31.59 -1.44
CA SER A 129 33.30 32.55 -0.57
C SER A 129 34.53 33.12 -1.31
N ALA A 130 35.23 32.26 -2.07
CA ALA A 130 36.36 32.67 -2.94
C ALA A 130 35.86 33.63 -4.03
N PHE A 131 34.74 33.27 -4.68
CA PHE A 131 34.12 34.09 -5.75
C PHE A 131 33.46 35.39 -5.24
N ILE A 132 33.59 35.69 -3.93
CA ILE A 132 33.22 37.01 -3.40
C ILE A 132 34.35 38.03 -3.71
N VAL A 133 35.60 37.60 -3.46
CA VAL A 133 36.80 38.46 -3.59
C VAL A 133 37.59 38.16 -4.87
N ALA A 134 37.36 36.99 -5.48
CA ALA A 134 38.06 36.55 -6.68
C ALA A 134 37.10 36.60 -7.89
N ASP A 135 37.57 37.24 -8.97
CA ASP A 135 36.82 37.38 -10.23
C ASP A 135 36.82 36.03 -10.98
N LYS A 136 38.01 35.42 -11.05
CA LYS A 136 38.24 34.19 -11.83
C LYS A 136 39.02 33.18 -11.01
N VAL A 137 38.42 32.02 -10.73
CA VAL A 137 39.11 30.88 -10.11
C VAL A 137 39.37 29.83 -11.20
N THR A 138 40.65 29.59 -11.47
CA THR A 138 41.12 28.60 -12.44
C THR A 138 41.80 27.46 -11.67
N VAL A 139 41.17 26.28 -11.66
CA VAL A 139 41.69 25.10 -10.93
C VAL A 139 42.31 24.12 -11.93
N ARG A 140 43.63 23.96 -11.84
CA ARG A 140 44.40 22.95 -12.57
C ARG A 140 44.94 21.93 -11.57
N THR A 141 44.27 20.78 -11.46
CA THR A 141 44.66 19.72 -10.52
C THR A 141 45.10 18.46 -11.28
N ARG A 142 45.68 17.50 -10.55
CA ARG A 142 46.10 16.20 -11.07
C ARG A 142 46.24 15.27 -9.87
N ALA A 143 45.43 14.21 -9.81
CA ALA A 143 45.39 13.30 -8.66
C ALA A 143 46.67 12.44 -8.55
N ALA A 144 46.94 11.97 -7.33
CA ALA A 144 48.17 11.25 -7.00
C ALA A 144 48.21 9.85 -7.63
N GLY A 145 49.36 9.52 -8.24
CA GLY A 145 49.56 8.25 -8.93
C GLY A 145 48.88 8.16 -10.28
N GLU A 146 48.19 9.24 -10.68
CA GLU A 146 47.65 9.35 -12.03
C GLU A 146 48.77 9.80 -12.96
N LYS A 147 48.74 9.30 -14.19
CA LYS A 147 49.62 9.73 -15.28
C LYS A 147 49.26 11.21 -15.62
N PRO A 148 50.25 12.13 -15.88
CA PRO A 148 50.00 13.57 -16.21
C PRO A 148 48.84 13.87 -17.21
N GLU A 149 48.48 12.86 -18.02
CA GLU A 149 47.32 12.89 -18.94
C GLU A 149 46.01 13.25 -18.19
N ASN A 150 45.89 12.69 -16.98
CA ASN A 150 44.73 12.87 -16.08
C ASN A 150 44.74 14.25 -15.36
N GLY A 151 45.55 15.20 -15.88
CA GLY A 151 45.46 16.59 -15.49
C GLY A 151 44.13 17.19 -15.91
N VAL A 152 43.59 18.09 -15.09
CA VAL A 152 42.29 18.71 -15.34
C VAL A 152 42.46 20.23 -15.27
N PHE A 153 41.69 20.91 -16.10
CA PHE A 153 41.59 22.36 -16.18
C PHE A 153 40.14 22.73 -15.87
N TRP A 154 39.97 23.77 -15.05
CA TRP A 154 38.66 24.31 -14.69
C TRP A 154 38.79 25.83 -14.59
N GLU A 155 37.73 26.55 -14.99
CA GLU A 155 37.72 28.03 -14.99
C GLU A 155 36.26 28.51 -15.07
N SER A 156 35.88 29.45 -14.18
CA SER A 156 34.59 30.16 -14.26
C SER A 156 34.65 31.46 -13.46
N ALA A 157 33.60 32.30 -13.64
CA ALA A 157 33.35 33.49 -12.81
C ALA A 157 32.51 33.12 -11.56
N GLY A 158 32.12 31.83 -11.45
CA GLY A 158 31.35 31.32 -10.30
C GLY A 158 29.85 31.47 -10.46
N GLU A 159 29.42 31.95 -11.64
CA GLU A 159 28.00 32.10 -12.01
C GLU A 159 27.45 30.70 -12.43
N GLY A 160 26.33 30.66 -13.19
CA GLY A 160 25.80 29.40 -13.73
C GLY A 160 26.58 28.93 -14.96
N GLU A 161 27.90 28.72 -14.77
CA GLU A 161 28.86 28.40 -15.84
C GLU A 161 30.03 27.61 -15.27
N TYR A 162 30.74 26.87 -16.14
CA TYR A 162 32.04 26.25 -15.82
C TYR A 162 32.71 25.79 -17.12
N THR A 163 34.05 25.93 -17.19
CA THR A 163 34.86 25.52 -18.33
C THR A 163 35.81 24.42 -17.88
N VAL A 164 35.42 23.16 -18.14
CA VAL A 164 36.23 21.97 -17.78
C VAL A 164 36.90 21.41 -19.06
N ALA A 165 38.20 21.08 -18.95
CA ALA A 165 39.02 20.56 -20.07
C ALA A 165 40.12 19.65 -19.51
N ASP A 166 40.37 18.51 -20.16
CA ASP A 166 41.48 17.61 -19.78
C ASP A 166 42.80 18.14 -20.38
N ILE A 167 43.83 18.33 -19.54
CA ILE A 167 45.13 18.87 -19.94
C ILE A 167 46.28 18.00 -19.38
N THR A 168 47.52 18.37 -19.69
CA THR A 168 48.71 17.69 -19.16
C THR A 168 49.28 18.50 -17.97
N LYS A 169 49.25 17.90 -16.77
CA LYS A 169 49.89 18.46 -15.56
C LYS A 169 50.81 17.40 -14.95
N GLU A 170 52.13 17.64 -15.05
CA GLU A 170 53.17 16.77 -14.47
C GLU A 170 53.21 16.91 -12.93
N ASP A 171 52.78 18.09 -12.45
CA ASP A 171 52.72 18.42 -11.02
C ASP A 171 51.59 17.62 -10.34
N ARG A 172 51.87 17.07 -9.15
CA ARG A 172 50.85 16.39 -8.34
C ARG A 172 50.08 17.42 -7.47
N GLY A 173 48.81 17.12 -7.16
CA GLY A 173 48.01 17.95 -6.26
C GLY A 173 47.15 18.98 -6.97
N THR A 174 46.61 19.96 -6.21
CA THR A 174 45.62 20.93 -6.69
C THR A 174 46.23 22.35 -6.76
N GLU A 175 46.43 22.85 -7.99
CA GLU A 175 46.93 24.22 -8.23
C GLU A 175 45.73 25.12 -8.57
N ILE A 176 45.43 26.12 -7.72
CA ILE A 176 44.24 26.97 -7.85
C ILE A 176 44.66 28.45 -8.01
N THR A 177 44.55 29.00 -9.23
CA THR A 177 44.90 30.39 -9.53
C THR A 177 43.63 31.27 -9.51
N LEU A 178 43.45 32.00 -8.40
CA LEU A 178 42.36 32.95 -8.21
C LEU A 178 42.84 34.34 -8.64
N HIS A 179 42.39 34.84 -9.80
CA HIS A 179 42.55 36.27 -10.12
C HIS A 179 41.54 37.06 -9.28
N LEU A 180 42.06 37.87 -8.32
CA LEU A 180 41.23 38.69 -7.43
C LEU A 180 40.69 39.92 -8.16
N ARG A 181 39.52 40.38 -7.70
CA ARG A 181 38.89 41.62 -8.18
C ARG A 181 39.68 42.84 -7.68
N GLU A 182 39.71 43.92 -8.48
CA GLU A 182 40.40 45.17 -8.10
C GLU A 182 39.65 45.79 -6.89
N GLY A 183 40.40 46.17 -5.85
CA GLY A 183 39.80 46.59 -4.58
C GLY A 183 39.81 45.43 -3.58
N GLU A 184 39.49 44.22 -4.06
CA GLU A 184 39.49 42.99 -3.21
C GLU A 184 40.89 42.35 -3.20
N ASP A 185 41.91 43.18 -3.45
CA ASP A 185 43.31 42.74 -3.66
C ASP A 185 44.08 42.59 -2.31
N GLU A 186 43.32 42.65 -1.20
CA GLU A 186 43.80 42.51 0.19
C GLU A 186 44.72 41.28 0.39
N PHE A 187 44.34 40.18 -0.27
CA PHE A 187 45.01 38.85 -0.08
C PHE A 187 46.16 38.68 -1.09
N LEU A 188 46.64 39.82 -1.63
CA LEU A 188 47.82 39.90 -2.51
C LEU A 188 48.88 40.78 -1.86
N ASP A 189 48.72 41.04 -0.54
CA ASP A 189 49.69 41.79 0.26
C ASP A 189 50.39 40.80 1.20
N ASP A 190 51.72 40.76 1.12
CA ASP A 190 52.57 39.66 1.69
C ASP A 190 52.33 39.39 3.18
N TRP A 191 52.27 40.47 3.99
CA TRP A 191 52.05 40.36 5.45
C TRP A 191 50.63 39.84 5.73
N ARG A 192 49.67 40.36 4.91
CA ARG A 192 48.23 40.11 5.10
C ARG A 192 47.92 38.64 4.82
N VAL A 193 48.54 38.08 3.77
CA VAL A 193 48.36 36.67 3.42
C VAL A 193 48.78 35.79 4.61
N ARG A 194 50.01 36.02 5.11
CA ARG A 194 50.60 35.26 6.25
C ARG A 194 49.77 35.40 7.54
N SER A 195 49.19 36.58 7.75
CA SER A 195 48.30 36.85 8.88
C SER A 195 47.08 35.92 8.80
N ILE A 196 46.35 36.02 7.67
CA ILE A 196 45.11 35.25 7.44
C ILE A 196 45.42 33.73 7.38
N ILE A 197 46.67 33.38 6.95
CA ILE A 197 47.16 31.99 6.98
C ILE A 197 47.13 31.49 8.42
N SER A 198 47.89 32.14 9.32
CA SER A 198 48.04 31.71 10.74
C SER A 198 46.68 31.54 11.43
N LYS A 199 45.80 32.56 11.23
CA LYS A 199 44.47 32.68 11.85
C LYS A 199 43.62 31.40 11.71
N TYR A 200 43.88 30.63 10.63
CA TYR A 200 43.10 29.44 10.31
C TYR A 200 43.97 28.17 10.28
N SER A 201 45.13 28.28 9.62
CA SER A 201 46.02 27.14 9.30
C SER A 201 46.54 26.42 10.55
N ASP A 202 46.56 27.11 11.71
CA ASP A 202 47.11 26.52 12.94
C ASP A 202 46.28 25.30 13.44
N HIS A 203 45.00 25.18 13.02
CA HIS A 203 44.17 23.99 13.38
C HIS A 203 44.45 22.79 12.43
N ILE A 204 45.30 23.02 11.42
CA ILE A 204 45.55 22.10 10.31
C ILE A 204 46.95 21.45 10.47
N ALA A 205 47.05 20.15 10.15
CA ALA A 205 48.31 19.38 10.25
C ALA A 205 49.19 19.55 9.00
N LEU A 206 48.59 20.05 7.91
CA LEU A 206 49.25 20.23 6.60
C LEU A 206 50.07 21.55 6.61
N PRO A 207 51.43 21.49 6.41
CA PRO A 207 52.31 22.70 6.39
C PRO A 207 51.95 23.69 5.29
N VAL A 208 51.30 24.80 5.69
CA VAL A 208 50.96 25.90 4.80
C VAL A 208 52.14 26.88 4.71
N GLU A 209 52.83 26.81 3.57
CA GLU A 209 53.94 27.73 3.26
C GLU A 209 53.45 28.84 2.32
N ILE A 210 54.18 29.96 2.27
CA ILE A 210 53.87 31.08 1.37
C ILE A 210 55.11 31.39 0.53
N GLU A 211 54.90 31.84 -0.73
CA GLU A 211 55.99 32.31 -1.57
C GLU A 211 56.57 33.60 -1.00
N LYS A 212 57.74 33.48 -0.41
CA LYS A 212 58.60 34.61 -0.08
C LYS A 212 59.68 34.71 -1.15
N ARG A 213 59.45 35.56 -2.14
CA ARG A 213 60.50 35.85 -3.12
C ARG A 213 61.38 36.97 -2.56
N GLU A 214 62.65 36.95 -2.94
CA GLU A 214 63.52 38.11 -2.82
C GLU A 214 63.71 38.67 -4.23
N GLU A 215 62.88 39.67 -4.58
CA GLU A 215 62.96 40.35 -5.88
C GLU A 215 64.12 41.34 -5.84
N LYS A 216 65.33 40.79 -6.02
CA LYS A 216 66.56 41.55 -6.11
C LYS A 216 66.94 41.66 -7.59
N ASP A 217 67.60 42.75 -7.98
CA ASP A 217 67.89 43.04 -9.40
C ASP A 217 68.74 41.92 -10.04
N GLY A 218 68.11 41.17 -10.98
CA GLY A 218 68.74 40.03 -11.64
C GLY A 218 68.50 38.69 -10.92
N GLU A 219 68.25 38.76 -9.59
CA GLU A 219 68.08 37.57 -8.73
C GLU A 219 66.63 37.47 -8.23
N THR A 220 65.78 36.74 -8.98
CA THR A 220 64.43 36.40 -8.52
C THR A 220 64.51 35.10 -7.70
N VAL A 221 64.87 35.26 -6.42
CA VAL A 221 65.04 34.14 -5.45
C VAL A 221 63.66 33.74 -4.93
N ILE A 222 63.31 32.45 -5.00
CA ILE A 222 62.01 31.95 -4.49
C ILE A 222 62.24 31.07 -3.25
N SER A 223 61.60 31.46 -2.14
CA SER A 223 61.63 30.72 -0.87
C SER A 223 60.19 30.50 -0.40
N TRP A 224 60.00 29.59 0.58
CA TRP A 224 58.64 29.22 1.07
C TRP A 224 58.64 29.20 2.60
N GLU A 225 57.93 30.17 3.21
CA GLU A 225 57.90 30.32 4.68
C GLU A 225 56.63 29.66 5.24
N LYS A 226 56.79 28.59 6.03
CA LYS A 226 55.67 27.92 6.69
C LYS A 226 55.24 28.70 7.94
N ILE A 227 54.03 29.25 7.91
CA ILE A 227 53.44 29.93 9.07
C ILE A 227 52.79 28.86 9.99
N ASN A 228 52.45 27.72 9.37
CA ASN A 228 51.82 26.58 10.04
C ASN A 228 52.87 25.67 10.68
N LYS A 229 52.50 25.13 11.85
CA LYS A 229 53.39 24.34 12.73
C LYS A 229 53.54 22.89 12.23
N ALA A 230 52.58 22.47 11.38
CA ALA A 230 52.53 21.14 10.73
C ALA A 230 52.39 20.02 11.77
N GLN A 231 51.61 20.31 12.82
CA GLN A 231 51.39 19.38 13.93
C GLN A 231 49.89 19.13 14.07
N ALA A 232 49.54 17.84 14.17
CA ALA A 232 48.16 17.34 14.24
C ALA A 232 47.42 17.94 15.45
N LEU A 233 46.31 18.68 15.17
CA LEU A 233 45.55 19.41 16.22
C LEU A 233 45.07 18.46 17.32
N TRP A 234 44.56 17.30 16.91
CA TRP A 234 44.06 16.27 17.84
C TRP A 234 45.20 15.75 18.75
N THR A 235 46.41 15.60 18.19
CA THR A 235 47.60 15.11 18.91
C THR A 235 48.23 16.24 19.79
N ARG A 236 47.91 17.51 19.47
CA ARG A 236 48.35 18.68 20.25
C ARG A 236 47.66 18.73 21.63
N ASN A 237 48.32 19.44 22.57
CA ASN A 237 47.83 19.64 23.94
C ASN A 237 46.57 20.51 23.94
N LYS A 238 45.56 20.07 24.72
CA LYS A 238 44.27 20.79 24.90
C LYS A 238 44.49 22.22 25.43
N SER A 239 45.54 22.38 26.26
CA SER A 239 45.93 23.69 26.83
C SER A 239 46.47 24.64 25.74
N GLU A 240 47.11 24.05 24.71
CA GLU A 240 47.69 24.81 23.57
C GLU A 240 46.62 25.09 22.49
N ILE A 241 45.55 24.30 22.47
CA ILE A 241 44.43 24.50 21.52
C ILE A 241 43.40 25.49 22.11
N THR A 242 42.93 26.44 21.28
CA THR A 242 41.81 27.33 21.63
C THR A 242 40.47 26.75 21.11
N ASP A 243 39.34 27.26 21.64
CA ASP A 243 37.98 26.83 21.25
C ASP A 243 37.73 27.03 19.75
N GLU A 244 38.37 28.09 19.23
CA GLU A 244 38.26 28.53 17.84
C GLU A 244 38.75 27.42 16.90
N GLU A 245 39.98 26.93 17.19
CA GLU A 245 40.62 25.84 16.42
C GLU A 245 39.76 24.58 16.40
N TYR A 246 39.06 24.27 17.52
CA TYR A 246 38.10 23.15 17.58
C TYR A 246 36.94 23.35 16.59
N LYS A 247 36.33 24.55 16.65
CA LYS A 247 35.12 24.90 15.86
C LYS A 247 35.37 24.90 14.35
N GLU A 248 36.59 25.29 13.95
CA GLU A 248 36.98 25.37 12.53
C GLU A 248 37.69 24.09 12.05
N PHE A 249 38.23 23.29 12.98
CA PHE A 249 38.70 21.92 12.66
C PHE A 249 37.50 20.99 12.49
N TYR A 250 36.38 21.34 13.15
CA TYR A 250 35.09 20.71 12.91
C TYR A 250 34.74 20.86 11.42
N LYS A 251 34.95 22.07 10.89
CA LYS A 251 34.66 22.42 9.49
C LYS A 251 35.53 21.57 8.50
N HIS A 252 36.67 21.02 8.99
CA HIS A 252 37.51 20.09 8.22
C HIS A 252 36.93 18.65 8.28
N ILE A 253 36.99 18.03 9.48
CA ILE A 253 36.67 16.59 9.66
C ILE A 253 35.18 16.26 9.44
N ALA A 254 34.31 17.27 9.52
CA ALA A 254 32.86 17.08 9.38
C ALA A 254 32.40 17.20 7.92
N HIS A 255 33.33 17.60 7.00
CA HIS A 255 33.01 17.83 5.57
C HIS A 255 31.86 18.85 5.43
N ASP A 256 31.85 19.80 6.37
CA ASP A 256 30.75 20.74 6.57
C ASP A 256 31.39 22.09 6.98
N PHE A 257 30.62 23.02 7.59
CA PHE A 257 31.21 24.27 8.13
C PHE A 257 30.35 24.90 9.26
N ASN A 258 29.13 24.39 9.49
CA ASN A 258 28.22 24.95 10.53
C ASN A 258 28.77 24.59 11.92
N ASP A 259 28.98 25.63 12.76
CA ASP A 259 29.71 25.52 14.05
C ASP A 259 29.04 24.55 15.07
N PRO A 260 29.86 23.79 15.87
CA PRO A 260 29.34 22.88 16.92
C PRO A 260 28.93 23.62 18.21
N LEU A 261 27.90 23.08 18.88
CA LEU A 261 27.34 23.61 20.15
C LEU A 261 28.32 23.37 21.32
N THR A 262 28.86 22.14 21.37
CA THR A 262 29.83 21.71 22.38
C THR A 262 30.70 20.59 21.79
N TRP A 263 31.76 20.21 22.53
CA TRP A 263 32.71 19.16 22.11
C TRP A 263 33.38 18.54 23.33
N SER A 264 34.27 17.56 23.08
CA SER A 264 35.06 16.90 24.11
C SER A 264 36.36 16.37 23.49
N HIS A 265 37.49 17.01 23.81
CA HIS A 265 38.81 16.50 23.42
C HIS A 265 39.32 15.61 24.56
N ASN A 266 39.50 14.34 24.24
CA ASN A 266 39.93 13.31 25.19
C ASN A 266 41.18 12.62 24.66
N ARG A 267 41.97 12.09 25.59
CA ARG A 267 43.13 11.25 25.28
C ARG A 267 43.23 10.16 26.36
N VAL A 268 43.40 8.92 25.91
CA VAL A 268 43.52 7.73 26.76
C VAL A 268 44.77 6.99 26.29
N GLU A 269 45.64 6.56 27.22
CA GLU A 269 46.96 5.98 26.86
C GLU A 269 47.17 4.61 27.51
N GLY A 270 48.34 3.99 27.26
CA GLY A 270 48.65 2.64 27.72
C GLY A 270 48.71 1.66 26.56
N LYS A 271 47.91 0.57 26.63
CA LYS A 271 47.75 -0.38 25.51
C LYS A 271 47.02 0.33 24.36
N GLN A 272 45.75 0.68 24.57
CA GLN A 272 44.95 1.42 23.57
C GLN A 272 45.17 2.93 23.79
N GLU A 273 46.28 3.44 23.20
CA GLU A 273 46.56 4.87 23.19
C GLU A 273 45.76 5.49 22.05
N TYR A 274 44.60 6.07 22.39
CA TYR A 274 43.75 6.74 21.42
C TYR A 274 43.44 8.16 21.89
N THR A 275 43.64 9.14 21.00
CA THR A 275 43.21 10.51 21.22
C THR A 275 41.89 10.72 20.46
N SER A 276 40.78 10.84 21.20
CA SER A 276 39.45 10.98 20.60
C SER A 276 38.97 12.44 20.70
N LEU A 277 38.45 12.99 19.60
CA LEU A 277 37.96 14.37 19.56
C LEU A 277 36.55 14.38 18.95
N LEU A 278 35.55 14.46 19.86
CA LEU A 278 34.12 14.40 19.53
C LEU A 278 33.54 15.83 19.48
N TYR A 279 32.43 16.00 18.73
CA TYR A 279 31.72 17.29 18.56
C TYR A 279 30.20 17.04 18.52
N ILE A 280 29.43 18.09 18.84
CA ILE A 280 27.96 18.09 18.77
C ILE A 280 27.51 19.17 17.76
N PRO A 281 26.98 18.78 16.54
CA PRO A 281 26.50 19.73 15.52
C PRO A 281 25.24 20.52 15.97
N SER A 282 25.07 21.71 15.39
CA SER A 282 23.95 22.62 15.70
C SER A 282 22.70 22.29 14.84
N GLN A 283 22.95 21.79 13.63
CA GLN A 283 21.90 21.50 12.63
C GLN A 283 22.01 20.04 12.18
N ALA A 284 20.88 19.46 11.78
CA ALA A 284 20.81 18.07 11.29
C ALA A 284 21.31 17.97 9.84
N PRO A 285 22.43 17.20 9.58
CA PRO A 285 22.86 16.86 8.20
C PRO A 285 21.73 16.14 7.42
N TRP A 286 21.67 16.33 6.09
CA TRP A 286 20.56 15.81 5.26
C TRP A 286 20.58 14.25 5.25
N ASP A 287 21.80 13.69 5.22
CA ASP A 287 22.07 12.23 5.12
C ASP A 287 21.71 11.44 6.42
N MET A 288 21.25 12.17 7.46
CA MET A 288 20.90 11.61 8.79
C MET A 288 20.07 10.30 8.73
N TRP A 289 19.14 10.20 7.74
CA TRP A 289 18.30 8.98 7.54
C TRP A 289 18.41 8.47 6.08
N ASN A 290 19.54 8.80 5.40
CA ASN A 290 19.81 8.38 4.00
C ASN A 290 21.00 7.41 3.91
N ARG A 291 21.41 7.07 2.66
CA ARG A 291 22.47 6.08 2.38
C ARG A 291 23.88 6.72 2.32
N ASP A 292 23.94 8.07 2.21
CA ASP A 292 25.22 8.80 2.14
C ASP A 292 25.72 9.16 3.56
N HIS A 293 26.99 9.57 3.67
CA HIS A 293 27.67 9.76 4.95
C HIS A 293 27.94 11.25 5.28
N LYS A 294 27.72 11.55 6.54
CA LYS A 294 28.45 12.54 7.32
C LYS A 294 28.71 11.86 8.66
N HIS A 295 27.61 11.32 9.24
CA HIS A 295 27.57 10.75 10.60
C HIS A 295 28.72 9.73 10.86
N GLY A 296 29.34 9.82 12.04
CA GLY A 296 30.54 9.02 12.37
C GLY A 296 31.79 9.87 12.53
N LEU A 297 32.98 9.22 12.56
CA LEU A 297 34.28 9.88 12.85
C LEU A 297 35.32 9.52 11.75
N LYS A 298 36.22 10.47 11.41
CA LYS A 298 37.38 10.18 10.52
C LYS A 298 38.44 9.39 11.32
N LEU A 299 38.71 8.14 10.92
CA LEU A 299 39.74 7.29 11.55
C LEU A 299 41.15 7.73 11.10
N TYR A 300 42.01 7.94 12.10
CA TYR A 300 43.45 8.14 11.95
C TYR A 300 44.13 7.12 12.87
N VAL A 301 44.97 6.23 12.33
CA VAL A 301 45.80 5.33 13.14
C VAL A 301 47.26 5.85 13.13
N GLN A 302 47.72 6.33 14.32
CA GLN A 302 49.07 6.90 14.53
C GLN A 302 49.23 8.19 13.70
N ARG A 303 48.16 9.02 13.80
CA ARG A 303 47.98 10.29 13.05
C ARG A 303 47.66 10.05 11.55
N VAL A 304 47.80 8.80 11.06
CA VAL A 304 47.69 8.47 9.62
C VAL A 304 46.25 8.07 9.28
N PHE A 305 45.62 8.82 8.38
CA PHE A 305 44.21 8.60 7.96
C PHE A 305 43.97 7.19 7.40
N ILE A 306 42.76 6.66 7.64
CA ILE A 306 42.32 5.35 7.14
C ILE A 306 40.98 5.50 6.39
N MET A 307 39.91 5.88 7.11
CA MET A 307 38.55 5.95 6.53
C MET A 307 37.73 7.03 7.23
N ASP A 308 37.12 7.93 6.42
CA ASP A 308 36.40 9.11 6.91
C ASP A 308 34.95 8.78 7.27
N ASP A 309 34.37 9.59 8.18
CA ASP A 309 32.92 9.63 8.47
C ASP A 309 32.36 8.23 8.84
N ALA A 310 33.22 7.43 9.51
CA ALA A 310 32.96 6.02 9.84
C ALA A 310 32.11 5.87 11.12
N GLU A 311 30.92 5.27 10.98
CA GLU A 311 29.97 4.98 12.11
C GLU A 311 30.47 3.79 12.98
N GLN A 312 31.64 3.25 12.62
CA GLN A 312 32.29 2.14 13.34
C GLN A 312 32.82 2.54 14.74
N PHE A 313 32.81 3.85 15.03
CA PHE A 313 33.27 4.40 16.33
C PHE A 313 32.11 5.04 17.10
N MET A 314 31.02 5.35 16.38
CA MET A 314 29.82 5.93 16.98
C MET A 314 28.57 5.31 16.32
N PRO A 315 27.66 4.65 17.11
CA PRO A 315 26.49 3.93 16.54
C PRO A 315 25.45 4.89 15.91
N ASN A 316 24.45 4.30 15.22
CA ASN A 316 23.34 5.07 14.62
C ASN A 316 22.50 5.76 15.71
N TYR A 317 22.55 5.23 16.93
CA TYR A 317 21.77 5.73 18.09
C TYR A 317 22.38 7.05 18.59
N LEU A 318 23.68 7.24 18.30
CA LEU A 318 24.45 8.43 18.70
C LEU A 318 25.09 9.09 17.45
N ARG A 319 24.49 8.83 16.24
CA ARG A 319 25.10 9.15 14.93
C ARG A 319 25.36 10.67 14.73
N PHE A 320 24.73 11.49 15.59
CA PHE A 320 24.90 12.96 15.58
C PHE A 320 26.37 13.37 15.84
N VAL A 321 27.09 12.60 16.68
CA VAL A 321 28.50 12.91 17.04
C VAL A 321 29.40 12.91 15.78
N ARG A 322 30.06 14.04 15.54
CA ARG A 322 31.04 14.22 14.46
C ARG A 322 32.40 14.51 15.08
N GLY A 323 33.44 14.30 14.28
CA GLY A 323 34.79 14.46 14.75
C GLY A 323 35.73 13.47 14.09
N LEU A 324 36.63 12.93 14.90
CA LEU A 324 37.66 11.99 14.47
C LEU A 324 38.16 11.22 15.68
N ILE A 325 38.93 10.18 15.42
CA ILE A 325 39.53 9.35 16.46
C ILE A 325 40.92 8.88 15.96
N ASP A 326 41.95 9.25 16.74
CA ASP A 326 43.32 8.82 16.56
C ASP A 326 43.56 7.61 17.46
N SER A 327 44.05 6.50 16.91
CA SER A 327 44.34 5.27 17.66
C SER A 327 45.76 4.79 17.32
N SER A 328 46.52 4.31 18.33
CA SER A 328 47.91 3.86 18.13
C SER A 328 48.02 2.33 18.22
N ASP A 329 47.01 1.70 18.84
CA ASP A 329 46.99 0.24 19.09
C ASP A 329 46.43 -0.53 17.88
N LEU A 330 45.39 0.04 17.25
CA LEU A 330 44.68 -0.56 16.10
C LEU A 330 45.67 -0.82 14.93
N PRO A 331 45.49 -1.95 14.14
CA PRO A 331 46.40 -2.30 13.01
C PRO A 331 46.42 -1.24 11.89
N LEU A 332 47.43 -1.31 11.03
CA LEU A 332 47.61 -0.41 9.88
C LEU A 332 46.76 -0.89 8.68
N ASN A 333 46.47 -2.20 8.65
CA ASN A 333 45.62 -2.83 7.61
C ASN A 333 44.12 -2.81 8.03
N VAL A 334 43.80 -1.93 9.00
CA VAL A 334 42.46 -1.81 9.59
C VAL A 334 41.41 -1.36 8.53
N SER A 335 40.23 -1.98 8.60
CA SER A 335 39.11 -1.77 7.66
C SER A 335 37.78 -1.72 8.42
N ARG A 336 36.67 -1.48 7.69
CA ARG A 336 35.30 -1.40 8.26
C ARG A 336 34.95 -2.64 9.11
N GLU A 337 35.19 -3.83 8.52
CA GLU A 337 34.91 -5.13 9.15
C GLU A 337 35.74 -5.34 10.42
N ILE A 338 37.00 -4.84 10.38
CA ILE A 338 37.95 -4.91 11.50
C ILE A 338 37.43 -4.09 12.69
N LEU A 339 36.85 -2.93 12.39
CA LEU A 339 36.35 -1.98 13.40
C LEU A 339 35.07 -2.48 14.10
N GLN A 340 34.28 -3.28 13.39
CA GLN A 340 33.06 -3.88 13.95
C GLN A 340 33.39 -5.13 14.79
N ASP A 341 34.38 -5.91 14.30
CA ASP A 341 34.72 -7.25 14.84
C ASP A 341 35.70 -7.17 16.04
N SER A 342 36.79 -6.40 15.88
CA SER A 342 37.92 -6.38 16.84
C SER A 342 37.52 -5.89 18.25
N THR A 343 38.17 -6.50 19.27
CA THR A 343 37.87 -6.27 20.67
C THR A 343 38.38 -4.89 21.13
N VAL A 344 39.58 -4.49 20.68
CA VAL A 344 40.17 -3.17 21.02
C VAL A 344 39.25 -2.02 20.58
N THR A 345 38.67 -2.18 19.38
CA THR A 345 37.73 -1.21 18.79
C THR A 345 36.33 -1.35 19.44
N ARG A 346 36.06 -2.51 20.05
CA ARG A 346 34.78 -2.78 20.74
C ARG A 346 34.73 -1.98 22.04
N ASN A 347 35.85 -2.03 22.79
CA ASN A 347 36.05 -1.25 24.04
C ASN A 347 36.20 0.24 23.72
N LEU A 348 36.82 0.54 22.56
CA LEU A 348 37.01 1.91 22.06
C LEU A 348 35.67 2.60 21.79
N ARG A 349 34.82 1.97 20.96
CA ARG A 349 33.49 2.48 20.60
C ARG A 349 32.60 2.62 21.86
N ASN A 350 32.64 1.59 22.72
CA ASN A 350 31.87 1.54 23.98
C ASN A 350 32.31 2.65 24.97
N ALA A 351 33.61 2.98 24.93
CA ALA A 351 34.20 4.03 25.78
C ALA A 351 33.72 5.42 25.32
N LEU A 352 33.72 5.63 23.99
CA LEU A 352 33.25 6.89 23.37
C LEU A 352 31.77 7.13 23.67
N THR A 353 31.01 6.02 23.70
CA THR A 353 29.58 6.01 24.02
C THR A 353 29.30 6.57 25.45
N LYS A 354 30.21 6.27 26.41
CA LYS A 354 30.12 6.77 27.80
C LYS A 354 30.34 8.31 27.84
N ARG A 355 31.28 8.79 27.01
CA ARG A 355 31.54 10.25 26.85
C ARG A 355 30.29 10.96 26.35
N VAL A 356 29.50 10.28 25.49
CA VAL A 356 28.26 10.81 24.95
C VAL A 356 27.21 10.95 26.08
N LEU A 357 27.09 9.93 26.97
CA LEU A 357 26.18 9.96 28.18
C LEU A 357 26.39 11.27 28.95
N GLN A 358 27.67 11.52 29.28
CA GLN A 358 28.08 12.72 30.03
C GLN A 358 27.74 14.00 29.25
N MET A 359 28.09 14.01 27.95
CA MET A 359 28.01 15.18 27.04
C MET A 359 26.56 15.67 26.81
N LEU A 360 25.62 14.71 26.78
CA LEU A 360 24.20 14.99 26.48
C LEU A 360 23.53 15.81 27.60
N GLU A 361 23.52 15.26 28.82
CA GLU A 361 22.88 15.93 29.97
C GLU A 361 23.71 17.15 30.42
N LYS A 362 25.03 17.12 30.12
CA LYS A 362 25.93 18.29 30.32
C LYS A 362 25.37 19.48 29.51
N LEU A 363 25.17 19.23 28.19
CA LEU A 363 24.66 20.24 27.24
C LEU A 363 23.27 20.74 27.69
N ALA A 364 22.47 19.84 28.29
CA ALA A 364 21.15 20.18 28.84
C ALA A 364 21.23 21.24 29.97
N LYS A 365 22.25 21.12 30.85
CA LYS A 365 22.40 21.99 32.03
C LYS A 365 23.10 23.31 31.68
N ASP A 366 24.12 23.21 30.82
CA ASP A 366 24.96 24.35 30.43
C ASP A 366 24.24 25.23 29.41
N ASP A 367 23.71 24.61 28.36
CA ASP A 367 23.02 25.30 27.27
C ASP A 367 21.67 24.63 27.00
N ALA A 368 20.64 24.97 27.79
CA ALA A 368 19.27 24.44 27.59
C ALA A 368 18.73 24.83 26.20
N GLU A 369 19.17 26.02 25.73
CA GLU A 369 18.83 26.55 24.40
C GLU A 369 19.44 25.68 23.28
N LYS A 370 20.76 25.42 23.37
CA LYS A 370 21.50 24.64 22.37
C LYS A 370 21.12 23.16 22.44
N TYR A 371 20.74 22.65 23.63
CA TYR A 371 20.30 21.25 23.78
C TYR A 371 18.93 21.08 23.12
N GLN A 372 18.10 22.13 23.17
CA GLN A 372 16.81 22.13 22.46
C GLN A 372 17.04 22.18 20.94
N THR A 373 18.03 22.98 20.50
CA THR A 373 18.42 23.09 19.08
C THR A 373 18.97 21.73 18.57
N PHE A 374 19.69 21.06 19.47
CA PHE A 374 20.25 19.72 19.26
C PHE A 374 19.10 18.70 19.15
N TRP A 375 18.20 18.72 20.14
CA TRP A 375 17.23 17.66 20.33
C TRP A 375 16.16 17.66 19.21
N GLN A 376 15.69 18.84 18.81
CA GLN A 376 14.68 18.97 17.74
C GLN A 376 15.24 18.48 16.38
N GLN A 377 16.58 18.41 16.28
CA GLN A 377 17.29 17.93 15.08
C GLN A 377 17.68 16.43 15.18
N PHE A 378 17.98 15.93 16.41
CA PHE A 378 18.57 14.59 16.62
C PHE A 378 17.77 13.73 17.62
N GLY A 379 16.52 14.15 17.91
CA GLY A 379 15.67 13.46 18.89
C GLY A 379 15.34 12.04 18.50
N LEU A 380 14.93 11.89 17.23
CA LEU A 380 14.55 10.58 16.63
C LEU A 380 15.74 9.58 16.72
N VAL A 381 16.96 10.13 16.61
CA VAL A 381 18.21 9.36 16.66
C VAL A 381 18.46 8.79 18.07
N LEU A 382 18.41 9.69 19.06
CA LEU A 382 18.76 9.36 20.47
C LEU A 382 17.68 8.45 21.10
N LYS A 383 16.45 8.50 20.55
CA LYS A 383 15.30 7.68 21.02
C LYS A 383 15.42 6.19 20.64
N GLU A 384 16.44 5.83 19.85
CA GLU A 384 16.77 4.42 19.57
C GLU A 384 17.48 3.78 20.79
N GLY A 385 18.19 4.64 21.55
CA GLY A 385 18.98 4.22 22.72
C GLY A 385 18.19 3.52 23.85
N PRO A 386 17.08 4.12 24.41
CA PRO A 386 16.25 3.48 25.49
C PRO A 386 15.50 2.22 24.99
N ALA A 387 15.48 2.06 23.66
CA ALA A 387 14.89 0.90 23.00
C ALA A 387 15.92 -0.25 22.93
N GLU A 388 17.21 0.11 22.90
CA GLU A 388 18.31 -0.87 22.98
C GLU A 388 18.47 -1.39 24.42
N ASP A 389 18.51 -0.46 25.40
CA ASP A 389 18.68 -0.80 26.82
C ASP A 389 17.50 -0.29 27.67
N PHE A 390 16.72 -1.24 28.21
CA PHE A 390 15.62 -0.99 29.15
C PHE A 390 16.15 -0.51 30.54
N ALA A 391 17.37 -0.93 30.90
CA ALA A 391 17.92 -0.74 32.28
C ALA A 391 18.16 0.74 32.63
N ASN A 392 18.61 1.52 31.64
CA ASN A 392 18.91 2.96 31.80
C ASN A 392 17.81 3.80 31.12
N GLN A 393 16.58 3.24 31.06
CA GLN A 393 15.41 3.94 30.46
C GLN A 393 15.20 5.33 31.08
N GLU A 394 15.50 5.46 32.40
CA GLU A 394 15.29 6.70 33.17
C GLU A 394 16.45 7.69 32.97
N ALA A 395 17.69 7.17 32.85
CA ALA A 395 18.89 7.99 32.51
C ALA A 395 18.63 8.76 31.21
N ILE A 396 18.09 8.02 30.24
CA ILE A 396 17.78 8.53 28.92
C ILE A 396 16.43 9.26 28.93
N ALA A 397 15.50 8.93 29.85
CA ALA A 397 14.17 9.59 29.94
C ALA A 397 14.29 11.08 30.29
N LYS A 398 15.36 11.39 31.03
CA LYS A 398 15.75 12.76 31.36
C LYS A 398 16.30 13.49 30.11
N LEU A 399 16.83 12.71 29.17
CA LEU A 399 17.29 13.19 27.86
C LEU A 399 16.11 13.24 26.87
N LEU A 400 15.11 12.33 27.06
CA LEU A 400 13.99 12.15 26.13
C LEU A 400 12.98 13.31 26.26
N ARG A 401 12.62 13.89 25.12
CA ARG A 401 11.67 15.00 25.00
C ARG A 401 10.83 14.77 23.74
N PHE A 402 9.52 14.97 23.84
CA PHE A 402 8.59 14.92 22.69
C PHE A 402 7.95 16.29 22.53
N ALA A 403 7.12 16.43 21.50
CA ALA A 403 6.23 17.59 21.36
C ALA A 403 4.96 17.34 22.20
N SER A 404 4.07 18.35 22.28
CA SER A 404 2.80 18.22 23.03
C SER A 404 1.81 19.30 22.59
N THR A 405 0.52 19.14 22.99
CA THR A 405 -0.57 20.10 22.66
C THR A 405 -0.39 21.45 23.40
N HIS A 406 0.60 21.51 24.29
CA HIS A 406 1.10 22.75 24.90
C HIS A 406 1.51 23.77 23.81
N THR A 407 2.17 23.26 22.75
CA THR A 407 2.79 24.09 21.71
C THR A 407 2.42 23.58 20.30
N ASP A 408 2.61 24.44 19.29
CA ASP A 408 2.45 24.09 17.86
C ASP A 408 3.82 24.00 17.17
N SER A 409 4.89 24.23 17.94
CA SER A 409 6.27 24.23 17.44
C SER A 409 6.81 22.80 17.32
N SER A 410 7.62 22.56 16.27
CA SER A 410 8.31 21.27 16.04
C SER A 410 9.48 21.06 17.04
N ALA A 411 9.79 22.11 17.82
CA ALA A 411 10.72 22.03 18.94
C ALA A 411 10.17 21.07 20.01
N GLN A 412 10.82 19.90 20.13
CA GLN A 412 10.48 18.87 21.13
C GLN A 412 11.02 19.32 22.50
N THR A 413 10.29 20.26 23.12
CA THR A 413 10.70 20.99 24.32
C THR A 413 10.22 20.28 25.61
N VAL A 414 9.12 19.53 25.49
CA VAL A 414 8.46 18.86 26.61
C VAL A 414 9.12 17.51 26.86
N SER A 415 9.68 17.32 28.07
CA SER A 415 10.27 16.04 28.49
C SER A 415 9.17 15.12 29.05
N LEU A 416 9.53 13.85 29.29
CA LEU A 416 8.65 12.91 30.01
C LEU A 416 8.39 13.42 31.44
N GLU A 417 9.40 14.11 32.00
CA GLU A 417 9.34 14.76 33.31
C GLU A 417 8.39 15.98 33.26
N ASP A 418 8.36 16.67 32.11
CA ASP A 418 7.48 17.84 31.92
C ASP A 418 6.00 17.42 31.88
N TYR A 419 5.72 16.18 31.40
CA TYR A 419 4.35 15.62 31.49
C TYR A 419 4.00 15.40 32.97
N VAL A 420 4.96 14.93 33.78
CA VAL A 420 4.77 14.73 35.24
C VAL A 420 4.40 16.09 35.91
N SER A 421 5.02 17.18 35.45
CA SER A 421 4.71 18.55 35.90
C SER A 421 3.32 19.02 35.38
N ARG A 422 2.90 18.50 34.22
CA ARG A 422 1.56 18.75 33.61
C ARG A 422 0.49 17.78 34.17
N MET A 423 0.90 16.81 35.00
CA MET A 423 -0.05 15.91 35.70
C MET A 423 -0.90 16.68 36.71
N LYS A 424 -2.22 16.56 36.56
CA LYS A 424 -3.21 17.16 37.46
C LYS A 424 -3.89 16.08 38.32
N GLU A 425 -4.75 16.50 39.24
CA GLU A 425 -5.51 15.58 40.12
C GLU A 425 -6.53 14.79 39.27
N GLY A 426 -6.50 13.45 39.38
CA GLY A 426 -7.33 12.57 38.56
C GLY A 426 -6.61 12.07 37.29
N GLN A 427 -5.42 12.65 37.02
CA GLN A 427 -4.55 12.22 35.90
C GLN A 427 -3.43 11.33 36.47
N GLU A 428 -3.61 10.00 36.36
CA GLU A 428 -2.70 9.01 36.97
C GLU A 428 -1.71 8.47 35.93
N LYS A 429 -2.13 8.44 34.64
CA LYS A 429 -1.34 7.86 33.54
C LYS A 429 -0.89 8.94 32.55
N ILE A 430 0.22 8.65 31.85
CA ILE A 430 0.79 9.56 30.84
C ILE A 430 0.04 9.38 29.50
N TYR A 431 -0.88 10.30 29.21
CA TYR A 431 -1.72 10.26 28.00
C TYR A 431 -0.94 10.81 26.78
N TYR A 432 -0.92 10.01 25.70
CA TYR A 432 -0.11 10.32 24.51
C TYR A 432 -0.74 9.71 23.24
N ILE A 433 -0.52 10.35 22.07
CA ILE A 433 -0.93 9.80 20.75
C ILE A 433 0.27 9.86 19.78
N THR A 434 0.28 8.92 18.81
CA THR A 434 1.47 8.55 18.01
C THR A 434 1.33 8.92 16.51
N ALA A 435 2.45 9.40 15.89
CA ALA A 435 2.54 9.69 14.43
C ALA A 435 3.99 9.49 13.94
N ASP A 436 4.14 9.06 12.68
CA ASP A 436 5.47 8.90 12.04
C ASP A 436 6.13 10.26 11.75
N SER A 437 5.31 11.33 11.62
CA SER A 437 5.80 12.69 11.29
C SER A 437 4.98 13.78 12.04
N TYR A 438 5.69 14.87 12.44
CA TYR A 438 5.07 16.00 13.15
C TYR A 438 4.12 16.78 12.23
N ALA A 439 4.34 16.70 10.91
CA ALA A 439 3.44 17.29 9.90
C ALA A 439 2.01 16.75 10.08
N ALA A 440 1.89 15.41 10.14
CA ALA A 440 0.61 14.71 10.35
C ALA A 440 0.01 15.09 11.73
N ALA A 441 0.87 14.98 12.75
CA ALA A 441 0.51 15.20 14.16
C ALA A 441 -0.14 16.58 14.39
N LYS A 442 0.58 17.63 13.98
CA LYS A 442 0.17 19.03 14.22
C LYS A 442 -0.98 19.46 13.27
N SER A 443 -1.12 18.76 12.11
CA SER A 443 -2.16 19.06 11.10
C SER A 443 -3.58 18.86 11.67
N SER A 444 -3.65 17.98 12.68
CA SER A 444 -4.88 17.61 13.37
C SER A 444 -5.55 18.83 14.05
N PRO A 445 -6.77 19.27 13.59
CA PRO A 445 -7.53 20.35 14.25
C PRO A 445 -8.10 19.88 15.61
N HIS A 446 -8.16 18.55 15.78
CA HIS A 446 -8.66 17.88 17.00
C HIS A 446 -7.79 18.21 18.24
N LEU A 447 -6.53 18.64 17.99
CA LEU A 447 -5.57 19.05 19.05
C LEU A 447 -6.05 20.29 19.83
N GLU A 448 -7.00 21.03 19.27
CA GLU A 448 -7.59 22.21 19.93
C GLU A 448 -8.64 21.83 20.98
N LEU A 449 -9.32 20.67 20.80
CA LEU A 449 -10.47 20.24 21.66
C LEU A 449 -10.04 20.17 23.14
N LEU A 450 -9.08 19.30 23.41
CA LEU A 450 -8.52 19.06 24.76
C LEU A 450 -7.70 20.26 25.26
N ARG A 451 -7.18 21.05 24.30
CA ARG A 451 -6.24 22.16 24.59
C ARG A 451 -6.97 23.32 25.28
N LYS A 452 -8.29 23.41 25.05
CA LYS A 452 -9.17 24.36 25.75
C LYS A 452 -9.56 23.76 27.13
N LYS A 453 -9.72 22.41 27.15
CA LYS A 453 -10.14 21.64 28.35
C LYS A 453 -9.02 21.57 29.41
N GLY A 454 -7.75 21.69 28.97
CA GLY A 454 -6.59 21.84 29.87
C GLY A 454 -5.85 20.56 30.21
N ILE A 455 -6.06 19.47 29.46
CA ILE A 455 -5.29 18.20 29.69
C ILE A 455 -4.08 18.21 28.72
N GLU A 456 -3.01 17.48 29.07
CA GLU A 456 -1.82 17.38 28.22
C GLU A 456 -1.82 16.07 27.40
N VAL A 457 -1.39 16.18 26.14
CA VAL A 457 -1.17 15.04 25.24
C VAL A 457 0.26 15.14 24.71
N LEU A 458 1.08 14.11 24.93
CA LEU A 458 2.39 14.03 24.24
C LEU A 458 2.15 13.72 22.74
N LEU A 459 2.69 14.57 21.87
CA LEU A 459 2.65 14.35 20.41
C LEU A 459 3.97 13.70 19.99
N LEU A 460 3.93 12.38 19.76
CA LEU A 460 5.12 11.58 19.40
C LEU A 460 5.28 11.66 17.88
N SER A 461 6.34 12.37 17.44
CA SER A 461 6.55 12.73 16.01
C SER A 461 7.59 11.82 15.35
N ASP A 462 8.08 10.84 16.11
CA ASP A 462 9.26 10.06 15.77
C ASP A 462 8.78 8.68 15.29
N ARG A 463 9.27 8.18 14.13
CA ARG A 463 8.71 6.95 13.52
C ARG A 463 9.32 5.66 14.10
N ILE A 464 10.50 5.77 14.73
CA ILE A 464 11.18 4.61 15.39
C ILE A 464 10.63 4.36 16.83
N ASP A 465 9.84 5.36 17.28
CA ASP A 465 9.22 5.40 18.62
C ASP A 465 8.38 4.14 18.90
N GLU A 466 7.79 3.54 17.85
CA GLU A 466 7.03 2.28 17.95
C GLU A 466 7.88 1.21 18.66
N TRP A 467 9.12 1.04 18.17
CA TRP A 467 10.08 0.08 18.75
C TRP A 467 10.43 0.51 20.20
N MET A 468 10.69 1.81 20.40
CA MET A 468 11.08 2.35 21.73
C MET A 468 10.02 2.10 22.82
N MET A 469 8.74 2.26 22.45
CA MET A 469 7.60 2.15 23.38
C MET A 469 7.27 0.69 23.74
N ASN A 470 7.90 -0.29 23.05
CA ASN A 470 7.81 -1.71 23.44
C ASN A 470 8.57 -1.94 24.76
N TYR A 471 9.61 -1.13 24.99
CA TYR A 471 10.44 -1.18 26.20
C TYR A 471 9.92 -0.15 27.22
N LEU A 472 9.75 1.10 26.77
CA LEU A 472 9.31 2.22 27.62
C LEU A 472 7.77 2.14 27.79
N THR A 473 7.33 1.23 28.69
CA THR A 473 5.91 1.02 29.00
C THR A 473 5.46 1.91 30.17
N GLU A 474 6.43 2.33 31.00
CA GLU A 474 6.18 3.11 32.22
C GLU A 474 7.41 3.98 32.57
N PHE A 475 7.14 5.17 33.14
CA PHE A 475 8.17 6.11 33.64
C PHE A 475 7.68 6.73 34.96
N ASP A 476 8.55 6.71 35.99
CA ASP A 476 8.33 7.40 37.29
C ASP A 476 7.14 6.78 38.08
N GLY A 477 6.74 5.56 37.70
CA GLY A 477 5.58 4.87 38.29
C GLY A 477 4.29 5.12 37.51
N LYS A 478 4.32 6.12 36.60
CA LYS A 478 3.17 6.50 35.77
C LYS A 478 3.16 5.65 34.47
N PRO A 479 2.13 4.75 34.26
CA PRO A 479 2.05 3.92 33.04
C PRO A 479 1.63 4.78 31.84
N PHE A 480 2.22 4.48 30.69
CA PHE A 480 1.89 5.17 29.42
C PHE A 480 0.54 4.64 28.87
N GLN A 481 -0.38 5.57 28.59
CA GLN A 481 -1.74 5.28 28.12
C GLN A 481 -1.94 5.84 26.69
N SER A 482 -1.89 4.93 25.71
CA SER A 482 -2.12 5.23 24.29
C SER A 482 -3.61 5.11 23.93
N VAL A 483 -3.94 5.61 22.73
CA VAL A 483 -5.27 5.44 22.10
C VAL A 483 -5.33 4.09 21.30
N SER A 484 -4.50 3.10 21.73
CA SER A 484 -4.40 1.77 21.08
C SER A 484 -5.59 0.84 21.44
N LYS A 485 -6.54 1.39 22.19
CA LYS A 485 -7.77 0.68 22.59
C LYS A 485 -8.92 1.70 22.61
N VAL A 486 -10.16 1.19 22.54
CA VAL A 486 -11.38 2.03 22.64
C VAL A 486 -12.01 1.87 24.03
N ASP A 487 -12.98 2.75 24.35
CA ASP A 487 -13.61 2.81 25.67
C ASP A 487 -15.00 3.47 25.53
N GLU A 488 -15.89 3.23 26.51
CA GLU A 488 -17.29 3.71 26.47
C GLU A 488 -17.45 5.05 27.20
N SER A 489 -16.64 5.30 28.25
CA SER A 489 -16.86 6.42 29.19
C SER A 489 -16.90 7.80 28.48
N LEU A 490 -15.94 8.02 27.55
CA LEU A 490 -15.85 9.29 26.79
C LEU A 490 -17.02 9.43 25.79
N GLU A 491 -17.50 8.29 25.25
CA GLU A 491 -18.64 8.25 24.31
C GLU A 491 -19.95 8.55 25.05
N LYS A 492 -20.00 8.08 26.31
CA LYS A 492 -21.13 8.32 27.23
C LYS A 492 -20.96 9.69 27.94
N LEU A 493 -19.87 10.40 27.63
CA LEU A 493 -19.62 11.78 28.10
C LEU A 493 -19.80 12.78 26.93
N ALA A 494 -19.86 12.24 25.69
CA ALA A 494 -19.99 13.02 24.45
C ALA A 494 -21.47 13.32 24.11
N ASP A 495 -22.28 13.64 25.14
CA ASP A 495 -23.70 14.03 24.98
C ASP A 495 -23.85 15.57 24.95
N GLU A 496 -22.76 16.29 25.24
CA GLU A 496 -22.74 17.78 25.26
C GLU A 496 -22.55 18.33 23.82
N VAL A 497 -23.28 17.75 22.87
CA VAL A 497 -23.02 17.91 21.43
C VAL A 497 -24.03 18.87 20.76
N ASP A 498 -23.62 20.15 20.69
CA ASP A 498 -24.38 21.24 20.03
C ASP A 498 -25.78 21.42 20.69
N GLU A 499 -26.84 20.86 20.07
CA GLU A 499 -28.18 20.73 20.66
C GLU A 499 -29.08 19.94 19.68
N SER A 500 -28.44 19.18 18.76
CA SER A 500 -29.13 18.41 17.73
C SER A 500 -29.63 17.07 18.32
N ALA A 501 -30.84 17.13 18.92
CA ALA A 501 -31.51 15.97 19.53
C ALA A 501 -32.31 15.18 18.48
N LYS A 502 -33.20 14.29 18.95
CA LYS A 502 -34.06 13.43 18.12
C LYS A 502 -34.77 14.18 16.96
N GLU A 503 -35.11 15.46 17.19
CA GLU A 503 -35.78 16.32 16.19
C GLU A 503 -34.95 16.44 14.90
N ALA A 504 -33.63 16.65 15.07
CA ALA A 504 -32.67 16.71 13.96
C ALA A 504 -32.50 15.32 13.33
N GLU A 505 -32.39 14.28 14.20
CA GLU A 505 -32.16 12.88 13.79
C GLU A 505 -33.23 12.37 12.83
N LYS A 506 -34.47 12.88 13.00
CA LYS A 506 -35.62 12.52 12.15
C LYS A 506 -35.50 13.09 10.73
N ALA A 507 -34.78 14.21 10.60
CA ALA A 507 -34.48 14.84 9.28
C ALA A 507 -33.19 14.26 8.66
N LEU A 508 -32.33 13.69 9.52
CA LEU A 508 -31.03 13.12 9.11
C LEU A 508 -31.14 11.67 8.63
N THR A 509 -32.06 10.89 9.22
CA THR A 509 -32.24 9.47 8.87
C THR A 509 -32.65 9.25 7.37
N PRO A 510 -33.63 10.05 6.77
CA PRO A 510 -33.91 9.96 5.31
C PRO A 510 -32.70 10.38 4.45
N PHE A 511 -31.87 11.31 4.97
CA PHE A 511 -30.61 11.71 4.31
C PHE A 511 -29.62 10.53 4.27
N ILE A 512 -29.58 9.73 5.36
CA ILE A 512 -28.74 8.50 5.43
C ILE A 512 -29.14 7.51 4.34
N ASP A 513 -30.47 7.33 4.14
CA ASP A 513 -31.02 6.42 3.11
C ASP A 513 -30.63 6.88 1.69
N ARG A 514 -30.67 8.21 1.47
CA ARG A 514 -30.25 8.82 0.19
C ARG A 514 -28.78 8.51 -0.13
N VAL A 515 -27.93 8.67 0.89
CA VAL A 515 -26.48 8.42 0.78
C VAL A 515 -26.21 6.94 0.47
N LYS A 516 -26.84 6.02 1.22
CA LYS A 516 -26.62 4.56 1.07
C LYS A 516 -27.26 4.01 -0.24
N ALA A 517 -28.25 4.75 -0.79
CA ALA A 517 -28.90 4.37 -2.07
C ALA A 517 -28.06 4.83 -3.28
N LEU A 518 -27.43 6.01 -3.13
CA LEU A 518 -26.55 6.61 -4.17
C LEU A 518 -25.23 5.83 -4.20
N LEU A 519 -24.77 5.40 -3.02
CA LEU A 519 -23.53 4.64 -2.84
C LEU A 519 -23.77 3.13 -3.06
N GLY A 520 -25.02 2.68 -2.87
CA GLY A 520 -25.41 1.28 -3.08
C GLY A 520 -24.97 0.38 -1.93
N GLU A 521 -23.78 -0.25 -2.05
CA GLU A 521 -23.21 -1.10 -1.01
C GLU A 521 -21.70 -0.86 -0.83
N ARG A 522 -21.15 0.18 -1.52
CA ARG A 522 -19.69 0.48 -1.52
C ARG A 522 -19.21 1.05 -0.15
N VAL A 523 -20.18 1.27 0.76
CA VAL A 523 -19.94 1.69 2.15
C VAL A 523 -20.83 0.80 3.07
N LYS A 524 -20.24 0.25 4.15
CA LYS A 524 -20.91 -0.72 5.06
C LYS A 524 -22.12 -0.10 5.77
N ASP A 525 -21.95 1.12 6.28
CA ASP A 525 -23.04 1.88 6.93
C ASP A 525 -22.75 3.38 6.88
N VAL A 526 -23.81 4.20 6.93
CA VAL A 526 -23.70 5.66 7.01
C VAL A 526 -24.47 6.13 8.26
N ARG A 527 -23.88 7.08 8.99
CA ARG A 527 -24.48 7.67 10.20
C ARG A 527 -24.36 9.19 10.13
N LEU A 528 -25.25 9.90 10.86
CA LEU A 528 -25.11 11.33 11.12
C LEU A 528 -24.82 11.50 12.62
N THR A 529 -23.53 11.49 12.96
CA THR A 529 -23.04 11.58 14.37
C THR A 529 -22.64 13.01 14.71
N HIS A 530 -22.49 13.31 16.00
CA HIS A 530 -22.33 14.69 16.47
C HIS A 530 -20.89 14.93 16.95
N ARG A 531 -19.93 14.59 16.07
CA ARG A 531 -18.52 14.90 16.26
C ARG A 531 -18.29 16.34 15.74
N LEU A 532 -18.39 17.32 16.67
CA LEU A 532 -18.49 18.76 16.37
C LEU A 532 -17.32 19.22 15.47
N THR A 533 -16.11 19.44 16.09
CA THR A 533 -14.80 19.65 15.43
C THR A 533 -14.82 20.59 14.18
N ASP A 534 -13.68 20.71 13.47
CA ASP A 534 -13.60 21.45 12.18
C ASP A 534 -13.69 20.47 11.00
N THR A 535 -13.62 19.16 11.31
CA THR A 535 -13.73 18.09 10.33
C THR A 535 -15.21 17.85 9.97
N PRO A 536 -15.63 18.05 8.67
CA PRO A 536 -17.05 17.96 8.25
C PRO A 536 -17.63 16.53 8.34
N ALA A 537 -16.75 15.53 8.12
CA ALA A 537 -17.13 14.12 8.15
C ALA A 537 -15.90 13.25 8.45
N ILE A 538 -16.15 12.09 9.06
CA ILE A 538 -15.13 11.14 9.52
C ILE A 538 -15.63 9.71 9.25
N VAL A 539 -14.72 8.79 8.89
CA VAL A 539 -15.06 7.35 8.80
C VAL A 539 -14.52 6.62 10.04
N SER A 540 -15.28 5.62 10.52
CA SER A 540 -14.87 4.77 11.64
C SER A 540 -14.46 3.39 11.11
N THR A 541 -13.46 2.79 11.78
CA THR A 541 -12.84 1.54 11.36
C THR A 541 -12.83 0.51 12.49
N ASP A 542 -13.24 -0.72 12.15
CA ASP A 542 -13.27 -1.87 13.08
C ASP A 542 -11.84 -2.21 13.53
N ALA A 543 -10.94 -2.49 12.57
CA ALA A 543 -9.52 -2.83 12.84
C ALA A 543 -8.58 -1.96 11.98
N ASP A 544 -7.33 -2.44 11.73
CA ASP A 544 -6.29 -1.69 11.01
C ASP A 544 -6.74 -1.32 9.58
N GLU A 545 -6.98 0.01 9.41
CA GLU A 545 -7.40 0.62 8.14
C GLU A 545 -8.76 0.00 7.69
N MET A 546 -9.62 -0.23 8.71
CA MET A 546 -10.84 -1.06 8.63
C MET A 546 -10.41 -2.53 8.53
N SER A 547 -9.88 -2.90 7.36
CA SER A 547 -9.46 -4.27 7.08
C SER A 547 -8.46 -4.32 5.91
N THR A 548 -7.61 -3.27 5.81
CA THR A 548 -6.70 -3.08 4.64
C THR A 548 -5.22 -3.24 5.06
N GLN A 549 -4.95 -3.92 6.20
CA GLN A 549 -3.59 -3.92 6.77
C GLN A 549 -3.36 -5.13 7.72
N MET A 550 -4.19 -6.18 7.58
CA MET A 550 -4.05 -7.44 8.36
C MET A 550 -4.34 -8.67 7.47
N ALA A 551 -3.94 -9.86 7.96
CA ALA A 551 -3.92 -11.12 7.20
C ALA A 551 -5.34 -11.60 6.81
N LYS A 552 -6.17 -11.96 7.82
CA LYS A 552 -7.57 -12.44 7.62
C LYS A 552 -8.40 -11.39 6.87
N LEU A 553 -8.14 -10.14 7.24
CA LEU A 553 -8.87 -8.97 6.74
C LEU A 553 -8.71 -8.82 5.20
N PHE A 554 -7.45 -8.94 4.71
CA PHE A 554 -7.16 -8.89 3.25
C PHE A 554 -7.64 -10.17 2.52
N ALA A 555 -7.72 -11.28 3.28
CA ALA A 555 -8.08 -12.60 2.73
C ALA A 555 -9.60 -12.78 2.56
N ALA A 556 -10.39 -11.70 2.74
CA ALA A 556 -11.86 -11.74 2.52
C ALA A 556 -12.20 -11.87 1.01
N ALA A 557 -12.06 -10.76 0.24
CA ALA A 557 -12.35 -10.74 -1.22
C ALA A 557 -11.07 -10.87 -2.04
N GLY A 558 -10.07 -10.02 -1.73
CA GLY A 558 -8.78 -10.02 -2.45
C GLY A 558 -8.43 -8.65 -3.05
N GLN A 559 -9.44 -7.90 -3.52
CA GLN A 559 -9.24 -6.54 -4.09
C GLN A 559 -9.12 -5.51 -2.93
N LYS A 560 -10.12 -4.60 -2.75
CA LYS A 560 -10.12 -3.64 -1.64
C LYS A 560 -10.78 -4.25 -0.40
N VAL A 561 -11.25 -5.52 -0.45
CA VAL A 561 -12.02 -6.21 0.66
C VAL A 561 -13.44 -5.56 0.92
N PRO A 562 -14.51 -6.41 1.19
CA PRO A 562 -15.88 -5.92 1.45
C PRO A 562 -15.98 -5.14 2.78
N GLU A 563 -15.30 -5.64 3.81
CA GLU A 563 -15.27 -5.02 5.14
C GLU A 563 -14.63 -3.61 5.11
N VAL A 564 -13.60 -3.40 4.24
CA VAL A 564 -12.90 -2.09 4.09
C VAL A 564 -13.87 -0.95 3.77
N LYS A 565 -15.00 -1.29 3.12
CA LYS A 565 -16.13 -0.35 2.96
C LYS A 565 -16.52 0.18 4.35
N TYR A 566 -16.18 1.45 4.59
CA TYR A 566 -16.15 2.05 5.95
C TYR A 566 -17.55 2.33 6.49
N ILE A 567 -17.61 2.88 7.71
CA ILE A 567 -18.84 3.49 8.22
C ILE A 567 -18.67 5.02 8.13
N PHE A 568 -19.41 5.63 7.19
CA PHE A 568 -19.27 7.06 6.84
C PHE A 568 -20.20 7.91 7.72
N GLU A 569 -19.59 8.61 8.68
CA GLU A 569 -20.31 9.41 9.69
C GLU A 569 -20.08 10.91 9.45
N LEU A 570 -21.17 11.65 9.17
CA LEU A 570 -21.11 13.12 8.94
C LEU A 570 -21.58 13.84 10.22
N ASN A 571 -21.28 15.16 10.33
CA ASN A 571 -21.73 15.97 11.49
C ASN A 571 -22.83 16.96 11.04
N PRO A 572 -24.12 16.80 11.51
CA PRO A 572 -25.28 17.60 11.01
C PRO A 572 -25.09 19.13 11.11
N ASP A 573 -24.58 19.60 12.26
CA ASP A 573 -24.48 21.04 12.56
C ASP A 573 -23.32 21.72 11.80
N HIS A 574 -22.44 20.90 11.17
CA HIS A 574 -21.33 21.40 10.36
C HIS A 574 -21.85 22.02 9.02
N VAL A 575 -21.38 23.24 8.68
CA VAL A 575 -21.84 24.04 7.50
C VAL A 575 -22.02 23.22 6.19
N LEU A 576 -21.00 22.41 5.86
CA LEU A 576 -20.94 21.66 4.58
C LEU A 576 -21.97 20.52 4.53
N VAL A 577 -22.25 19.92 5.70
CA VAL A 577 -23.23 18.81 5.82
C VAL A 577 -24.67 19.38 5.73
N LYS A 578 -24.87 20.59 6.31
CA LYS A 578 -26.17 21.29 6.25
C LYS A 578 -26.55 21.57 4.80
N ARG A 579 -25.65 22.26 4.07
CA ARG A 579 -25.87 22.61 2.64
C ARG A 579 -25.99 21.35 1.76
N ALA A 580 -25.32 20.24 2.17
CA ALA A 580 -25.40 18.94 1.47
C ALA A 580 -26.78 18.29 1.67
N ALA A 581 -27.41 18.59 2.82
CA ALA A 581 -28.75 18.07 3.14
C ALA A 581 -29.85 18.93 2.51
N ASP A 582 -29.61 20.28 2.44
CA ASP A 582 -30.61 21.24 1.91
C ASP A 582 -30.82 21.06 0.39
N THR A 583 -29.78 20.55 -0.29
CA THR A 583 -29.80 20.40 -1.74
C THR A 583 -30.64 19.19 -2.17
N GLU A 584 -31.73 19.46 -2.90
CA GLU A 584 -32.56 18.42 -3.51
C GLU A 584 -32.07 18.12 -4.95
N ASP A 585 -31.31 19.09 -5.52
CA ASP A 585 -30.69 18.95 -6.86
C ASP A 585 -29.73 17.76 -6.87
N GLU A 586 -30.06 16.71 -7.64
CA GLU A 586 -29.30 15.43 -7.68
C GLU A 586 -27.78 15.64 -7.94
N ALA A 587 -27.45 16.65 -8.74
CA ALA A 587 -26.05 16.96 -9.12
C ALA A 587 -25.25 17.44 -7.90
N LYS A 588 -25.66 18.59 -7.32
CA LYS A 588 -24.97 19.20 -6.16
C LYS A 588 -25.08 18.32 -4.91
N PHE A 589 -26.23 17.65 -4.73
CA PHE A 589 -26.47 16.72 -3.59
C PHE A 589 -25.39 15.64 -3.57
N SER A 590 -25.31 14.88 -4.69
CA SER A 590 -24.33 13.80 -4.86
C SER A 590 -22.89 14.35 -4.87
N GLU A 591 -22.73 15.62 -5.29
CA GLU A 591 -21.43 16.29 -5.34
C GLU A 591 -20.86 16.52 -3.92
N TRP A 592 -21.71 16.99 -3.00
CA TRP A 592 -21.30 17.25 -1.61
C TRP A 592 -21.16 15.92 -0.81
N VAL A 593 -22.08 14.98 -1.04
CA VAL A 593 -22.10 13.67 -0.35
C VAL A 593 -20.81 12.87 -0.64
N GLU A 594 -20.50 12.67 -1.93
CA GLU A 594 -19.31 11.89 -2.37
C GLU A 594 -18.00 12.68 -2.13
N LEU A 595 -18.08 14.03 -2.03
CA LEU A 595 -16.93 14.87 -1.65
C LEU A 595 -16.45 14.46 -0.24
N LEU A 596 -17.34 14.67 0.76
CA LEU A 596 -17.05 14.33 2.17
C LEU A 596 -16.73 12.82 2.32
N LEU A 597 -17.36 11.99 1.45
CA LEU A 597 -17.18 10.53 1.44
C LEU A 597 -15.73 10.14 1.17
N ASP A 598 -15.28 10.31 -0.08
CA ASP A 598 -14.00 9.79 -0.57
C ASP A 598 -12.82 10.58 0.05
N GLN A 599 -13.13 11.80 0.59
CA GLN A 599 -12.19 12.61 1.38
C GLN A 599 -11.97 12.01 2.80
N ALA A 600 -13.04 11.50 3.42
CA ALA A 600 -12.95 10.82 4.74
C ALA A 600 -12.21 9.48 4.59
N LEU A 601 -12.58 8.73 3.52
CA LEU A 601 -11.84 7.53 3.05
C LEU A 601 -10.34 7.89 2.92
N LEU A 602 -10.06 8.96 2.17
CA LEU A 602 -8.70 9.50 1.94
C LEU A 602 -7.98 9.85 3.26
N ALA A 603 -8.75 10.27 4.29
CA ALA A 603 -8.17 10.66 5.59
C ALA A 603 -7.62 9.44 6.34
N GLU A 604 -8.32 8.30 6.20
CA GLU A 604 -8.03 7.06 6.94
C GLU A 604 -7.06 6.16 6.14
N ARG A 605 -7.16 6.27 4.81
CA ARG A 605 -6.58 5.30 3.87
C ARG A 605 -5.41 5.88 3.07
N GLY A 606 -5.57 7.11 2.61
CA GLY A 606 -4.63 7.74 1.70
C GLY A 606 -4.90 7.38 0.25
N THR A 607 -6.12 6.87 -0.04
CA THR A 607 -6.51 6.44 -1.40
C THR A 607 -7.91 6.96 -1.77
N LEU A 608 -8.09 7.29 -3.06
CA LEU A 608 -9.40 7.62 -3.65
C LEU A 608 -9.89 6.41 -4.49
N GLU A 609 -11.19 6.11 -4.38
CA GLU A 609 -11.84 5.04 -5.18
C GLU A 609 -12.28 5.59 -6.55
N ASP A 610 -12.59 6.90 -6.61
CA ASP A 610 -12.87 7.62 -7.88
C ASP A 610 -12.02 8.90 -7.93
N PRO A 611 -10.68 8.80 -8.26
CA PRO A 611 -9.76 9.95 -8.27
C PRO A 611 -10.17 11.04 -9.27
N ASN A 612 -10.61 10.62 -10.46
CA ASN A 612 -10.94 11.53 -11.58
C ASN A 612 -12.11 12.46 -11.21
N LEU A 613 -13.22 11.85 -10.74
CA LEU A 613 -14.44 12.60 -10.37
C LEU A 613 -14.22 13.43 -9.11
N PHE A 614 -13.32 12.98 -8.22
CA PHE A 614 -13.03 13.68 -6.94
C PHE A 614 -12.19 14.95 -7.18
N ILE A 615 -11.16 14.83 -8.02
CA ILE A 615 -10.26 15.95 -8.37
C ILE A 615 -11.01 17.02 -9.17
N ARG A 616 -11.70 16.57 -10.23
CA ARG A 616 -12.53 17.44 -11.11
C ARG A 616 -13.60 18.20 -10.28
N ARG A 617 -14.07 17.52 -9.22
CA ARG A 617 -15.06 18.05 -8.26
C ARG A 617 -14.45 19.11 -7.33
N MET A 618 -13.24 18.82 -6.83
CA MET A 618 -12.56 19.67 -5.83
C MET A 618 -12.20 21.03 -6.44
N ASN A 619 -11.60 20.98 -7.66
CA ASN A 619 -11.21 22.18 -8.41
C ASN A 619 -12.45 22.94 -8.90
N GLN A 620 -13.57 22.22 -9.14
CA GLN A 620 -14.88 22.82 -9.50
C GLN A 620 -15.38 23.68 -8.35
N LEU A 621 -15.56 23.07 -7.18
CA LEU A 621 -16.14 23.71 -5.99
C LEU A 621 -15.24 24.86 -5.46
N LEU A 622 -13.93 24.77 -5.75
CA LEU A 622 -12.97 25.82 -5.38
C LEU A 622 -13.16 27.05 -6.32
N VAL A 623 -13.08 26.82 -7.65
CA VAL A 623 -13.07 27.91 -8.65
C VAL A 623 -14.43 28.63 -8.71
N SER A 624 -15.53 27.90 -8.42
CA SER A 624 -16.88 28.46 -8.33
C SER A 624 -17.06 29.19 -6.97
N MET B 1 -58.40 -25.77 6.62
CA MET B 1 -58.86 -24.70 7.54
C MET B 1 -57.67 -24.12 8.32
N LYS B 2 -57.29 -22.86 8.00
CA LYS B 2 -56.15 -22.16 8.63
C LYS B 2 -56.16 -20.69 8.18
N GLY B 3 -55.67 -19.79 9.06
CA GLY B 3 -55.51 -18.38 8.73
C GLY B 3 -54.41 -18.15 7.70
N GLN B 4 -54.78 -18.21 6.42
CA GLN B 4 -53.86 -18.02 5.29
C GLN B 4 -53.37 -16.56 5.20
N GLU B 5 -52.10 -16.35 5.56
CA GLU B 5 -51.46 -15.02 5.51
C GLU B 5 -50.91 -14.75 4.10
N THR B 6 -50.93 -13.48 3.68
CA THR B 6 -50.49 -13.05 2.35
C THR B 6 -48.96 -12.79 2.32
N ARG B 7 -48.16 -13.89 2.29
CA ARG B 7 -46.69 -13.83 2.20
C ARG B 7 -46.22 -14.33 0.84
N GLY B 8 -46.22 -13.40 -0.11
CA GLY B 8 -45.70 -13.63 -1.45
C GLY B 8 -45.18 -12.33 -2.02
N PHE B 9 -43.93 -12.31 -2.48
CA PHE B 9 -43.25 -11.08 -2.94
C PHE B 9 -42.14 -11.40 -3.94
N GLN B 10 -41.76 -10.37 -4.74
CA GLN B 10 -40.66 -10.48 -5.73
C GLN B 10 -39.34 -9.91 -5.14
N SER B 11 -39.39 -9.41 -3.88
CA SER B 11 -38.22 -8.87 -3.18
C SER B 11 -37.22 -10.00 -2.88
N GLU B 12 -36.30 -10.26 -3.83
CA GLU B 12 -35.32 -11.35 -3.73
C GLU B 12 -34.07 -10.91 -2.95
N VAL B 13 -34.31 -10.56 -1.68
CA VAL B 13 -33.26 -10.23 -0.71
C VAL B 13 -32.71 -11.54 -0.11
N LYS B 14 -31.39 -11.56 0.20
CA LYS B 14 -30.68 -12.73 0.77
C LYS B 14 -30.64 -13.91 -0.23
N GLN B 15 -30.07 -15.05 0.23
CA GLN B 15 -30.13 -16.32 -0.51
C GLN B 15 -31.42 -17.07 -0.11
N LEU B 16 -31.41 -17.64 1.12
CA LEU B 16 -32.48 -18.55 1.61
C LEU B 16 -33.87 -17.89 1.57
N LEU B 17 -33.93 -16.59 1.92
CA LEU B 17 -35.21 -15.83 1.98
C LEU B 17 -35.97 -15.87 0.63
N HIS B 18 -35.23 -15.76 -0.50
CA HIS B 18 -35.87 -15.73 -1.84
C HIS B 18 -36.10 -17.16 -2.35
N LEU B 19 -35.33 -18.13 -1.81
CA LEU B 19 -35.55 -19.57 -2.11
C LEU B 19 -36.91 -20.01 -1.51
N MET B 20 -37.16 -19.54 -0.28
CA MET B 20 -38.34 -19.90 0.56
C MET B 20 -39.68 -19.64 -0.15
N ILE B 21 -39.71 -18.60 -1.00
CA ILE B 21 -40.91 -18.19 -1.76
C ILE B 21 -41.42 -19.35 -2.66
N HIS B 22 -40.47 -20.06 -3.31
CA HIS B 22 -40.79 -21.18 -4.23
C HIS B 22 -40.31 -22.53 -3.65
N SER B 23 -39.84 -22.52 -2.38
CA SER B 23 -39.62 -23.77 -1.61
C SER B 23 -40.97 -24.27 -1.08
N LEU B 24 -41.85 -23.32 -0.69
CA LEU B 24 -43.26 -23.61 -0.38
C LEU B 24 -43.98 -23.83 -1.74
N TYR B 25 -43.86 -22.80 -2.62
CA TYR B 25 -44.32 -22.82 -4.03
C TYR B 25 -45.87 -22.87 -4.14
N SER B 26 -46.56 -22.78 -2.99
CA SER B 26 -48.02 -22.96 -2.85
C SER B 26 -48.47 -24.37 -3.28
N ASN B 27 -47.55 -25.34 -3.14
CA ASN B 27 -47.83 -26.76 -3.43
C ASN B 27 -47.65 -27.59 -2.16
N LYS B 28 -46.59 -27.26 -1.38
CA LYS B 28 -46.20 -27.93 -0.10
C LYS B 28 -45.58 -29.32 -0.35
N GLU B 29 -46.27 -30.13 -1.14
CA GLU B 29 -45.84 -31.49 -1.58
C GLU B 29 -44.48 -31.52 -2.31
N ILE B 30 -44.02 -30.33 -2.74
CA ILE B 30 -42.71 -30.13 -3.37
C ILE B 30 -41.56 -30.67 -2.47
N PHE B 31 -41.80 -30.75 -1.14
CA PHE B 31 -40.79 -31.25 -0.17
C PHE B 31 -40.27 -32.66 -0.56
N LEU B 32 -41.13 -33.50 -1.18
CA LEU B 32 -40.76 -34.87 -1.57
C LEU B 32 -39.71 -34.86 -2.71
N ARG B 33 -39.74 -33.81 -3.55
CA ARG B 33 -38.70 -33.58 -4.58
C ARG B 33 -37.32 -33.45 -3.91
N GLU B 34 -37.23 -32.58 -2.89
CA GLU B 34 -35.98 -32.32 -2.17
C GLU B 34 -35.54 -33.58 -1.42
N LEU B 35 -36.41 -34.14 -0.56
CA LEU B 35 -36.10 -35.34 0.27
C LEU B 35 -35.47 -36.47 -0.57
N ILE B 36 -36.13 -36.84 -1.68
CA ILE B 36 -35.64 -37.92 -2.56
C ILE B 36 -34.32 -37.50 -3.25
N SER B 37 -34.24 -36.25 -3.76
CA SER B 37 -33.04 -35.75 -4.48
C SER B 37 -31.82 -35.66 -3.54
N ASN B 38 -32.12 -35.48 -2.23
CA ASN B 38 -31.12 -35.40 -1.15
C ASN B 38 -30.65 -36.83 -0.79
N ALA B 39 -31.57 -37.79 -0.95
CA ALA B 39 -31.36 -39.21 -0.62
C ALA B 39 -30.50 -39.90 -1.70
N SER B 40 -30.79 -39.53 -2.96
CA SER B 40 -30.07 -40.04 -4.14
C SER B 40 -28.70 -39.36 -4.27
N ASP B 41 -28.60 -38.14 -3.72
CA ASP B 41 -27.33 -37.39 -3.67
C ASP B 41 -26.38 -38.05 -2.67
N ALA B 42 -26.94 -38.42 -1.51
CA ALA B 42 -26.21 -39.17 -0.46
C ALA B 42 -25.82 -40.58 -0.97
N ALA B 43 -26.70 -41.19 -1.78
CA ALA B 43 -26.51 -42.54 -2.34
C ALA B 43 -25.37 -42.57 -3.37
N ASP B 44 -25.30 -41.54 -4.25
CA ASP B 44 -24.26 -41.48 -5.29
C ASP B 44 -22.90 -41.12 -4.66
N LYS B 45 -22.88 -40.20 -3.68
CA LYS B 45 -21.61 -39.82 -3.01
C LYS B 45 -21.16 -40.92 -2.00
N LEU B 46 -22.09 -41.84 -1.65
CA LEU B 46 -21.73 -43.11 -0.99
C LEU B 46 -20.95 -44.00 -1.96
N ARG B 47 -21.36 -44.00 -3.24
CA ARG B 47 -20.70 -44.79 -4.27
C ARG B 47 -19.24 -44.33 -4.46
N PHE B 48 -18.96 -43.01 -4.29
CA PHE B 48 -17.56 -42.52 -4.28
C PHE B 48 -16.80 -42.99 -3.03
N ARG B 49 -17.48 -42.97 -1.85
CA ARG B 49 -16.93 -43.57 -0.62
C ARG B 49 -16.58 -45.06 -0.86
N ALA B 50 -17.45 -45.73 -1.62
CA ALA B 50 -17.34 -47.17 -1.93
C ALA B 50 -16.22 -47.46 -2.95
N LEU B 51 -15.79 -46.42 -3.69
CA LEU B 51 -14.62 -46.53 -4.59
C LEU B 51 -13.32 -46.54 -3.78
N SER B 52 -13.35 -45.87 -2.60
CA SER B 52 -12.18 -45.77 -1.72
C SER B 52 -12.24 -46.86 -0.64
N ASN B 53 -13.44 -47.39 -0.40
CA ASN B 53 -13.76 -48.35 0.68
C ASN B 53 -15.18 -48.92 0.47
N PRO B 54 -15.32 -50.07 -0.27
CA PRO B 54 -16.62 -50.80 -0.38
C PRO B 54 -17.02 -51.43 0.98
N ASP B 55 -16.05 -51.43 1.91
CA ASP B 55 -16.18 -51.84 3.32
C ASP B 55 -17.36 -51.12 4.00
N LEU B 56 -17.56 -49.85 3.61
CA LEU B 56 -18.54 -48.94 4.24
C LEU B 56 -20.01 -49.34 3.95
N TYR B 57 -20.21 -50.36 3.09
CA TYR B 57 -21.55 -50.94 2.83
C TYR B 57 -22.09 -51.67 4.07
N GLU B 58 -21.19 -52.26 4.90
CA GLU B 58 -21.54 -52.99 6.14
C GLU B 58 -22.52 -54.17 5.88
N GLY B 59 -22.46 -54.72 4.65
CA GLY B 59 -23.37 -55.79 4.22
C GLY B 59 -24.53 -55.29 3.37
N ASP B 60 -24.91 -54.02 3.58
CA ASP B 60 -25.99 -53.36 2.82
C ASP B 60 -25.40 -52.76 1.52
N GLY B 61 -25.44 -53.55 0.44
CA GLY B 61 -24.94 -53.12 -0.87
C GLY B 61 -26.04 -52.50 -1.72
N GLU B 62 -27.28 -53.01 -1.57
CA GLU B 62 -28.46 -52.49 -2.29
C GLU B 62 -28.89 -51.14 -1.68
N LEU B 63 -28.56 -50.04 -2.37
CA LEU B 63 -28.87 -48.68 -1.90
C LEU B 63 -30.24 -48.27 -2.43
N ARG B 64 -31.15 -47.88 -1.52
CA ARG B 64 -32.50 -47.40 -1.88
C ARG B 64 -33.05 -46.49 -0.78
N VAL B 65 -34.06 -45.67 -1.14
CA VAL B 65 -34.73 -44.76 -0.20
C VAL B 65 -36.17 -45.23 0.03
N ARG B 66 -36.45 -45.68 1.26
CA ARG B 66 -37.76 -46.22 1.65
C ARG B 66 -38.59 -45.18 2.40
N VAL B 67 -39.88 -45.12 2.08
CA VAL B 67 -40.84 -44.25 2.78
C VAL B 67 -41.77 -45.16 3.60
N SER B 68 -41.59 -45.16 4.91
CA SER B 68 -42.44 -45.91 5.84
C SER B 68 -43.17 -44.91 6.73
N PHE B 69 -44.39 -45.22 7.15
CA PHE B 69 -45.22 -44.27 7.89
C PHE B 69 -46.21 -44.98 8.79
N ASP B 70 -46.67 -44.27 9.84
CA ASP B 70 -47.73 -44.75 10.72
C ASP B 70 -48.84 -43.69 10.81
N LYS B 71 -50.08 -44.20 10.80
CA LYS B 71 -51.29 -43.40 10.75
C LYS B 71 -51.71 -42.98 12.17
N ASP B 72 -51.39 -43.85 13.15
CA ASP B 72 -51.69 -43.62 14.57
C ASP B 72 -50.76 -42.54 15.15
N LYS B 73 -49.48 -42.60 14.76
CA LYS B 73 -48.43 -41.70 15.27
C LYS B 73 -48.26 -40.45 14.36
N ARG B 74 -48.89 -40.50 13.17
CA ARG B 74 -48.96 -39.36 12.21
C ARG B 74 -47.57 -38.91 11.73
N THR B 75 -46.67 -39.88 11.55
CA THR B 75 -45.28 -39.63 11.13
C THR B 75 -45.04 -40.28 9.75
N LEU B 76 -44.58 -39.46 8.80
CA LEU B 76 -44.10 -39.91 7.48
C LEU B 76 -42.55 -39.95 7.55
N THR B 77 -41.97 -41.15 7.49
CA THR B 77 -40.53 -41.37 7.71
C THR B 77 -39.84 -41.81 6.41
N ILE B 78 -39.02 -40.93 5.85
CA ILE B 78 -38.20 -41.20 4.65
C ILE B 78 -36.79 -41.54 5.15
N SER B 79 -36.30 -42.73 4.81
CA SER B 79 -34.99 -43.23 5.27
C SER B 79 -34.21 -43.79 4.07
N ASP B 80 -33.05 -43.19 3.77
CA ASP B 80 -32.17 -43.62 2.66
C ASP B 80 -30.99 -44.46 3.18
N ASN B 81 -30.56 -45.41 2.33
CA ASN B 81 -29.34 -46.19 2.54
C ASN B 81 -28.14 -45.56 1.81
N GLY B 82 -28.09 -44.22 1.81
CA GLY B 82 -26.95 -43.49 1.26
C GLY B 82 -25.77 -43.48 2.22
N VAL B 83 -24.83 -42.54 2.01
CA VAL B 83 -23.66 -42.37 2.91
C VAL B 83 -24.14 -41.95 4.32
N GLY B 84 -25.33 -41.35 4.37
CA GLY B 84 -25.85 -40.76 5.57
C GLY B 84 -25.27 -39.39 5.79
N MET B 85 -25.11 -39.03 7.06
CA MET B 85 -24.50 -37.78 7.48
C MET B 85 -23.62 -38.05 8.71
N THR B 86 -22.33 -37.73 8.58
CA THR B 86 -21.35 -37.77 9.66
C THR B 86 -21.68 -36.70 10.73
N ARG B 87 -20.99 -36.71 11.86
CA ARG B 87 -21.10 -35.66 12.92
C ARG B 87 -20.78 -34.26 12.33
N ASP B 88 -19.84 -34.24 11.36
CA ASP B 88 -19.52 -33.06 10.56
C ASP B 88 -20.73 -32.70 9.67
N GLU B 89 -21.15 -33.67 8.86
CA GLU B 89 -22.23 -33.54 7.87
C GLU B 89 -23.61 -33.26 8.55
N VAL B 90 -23.71 -33.42 9.89
CA VAL B 90 -24.88 -32.93 10.67
C VAL B 90 -24.69 -31.45 11.07
N ILE B 91 -23.60 -31.13 11.79
CA ILE B 91 -23.42 -29.80 12.41
C ILE B 91 -23.06 -28.73 11.35
N ASP B 92 -22.05 -29.06 10.51
CA ASP B 92 -21.54 -28.20 9.41
C ASP B 92 -22.52 -28.14 8.19
N HIS B 93 -23.71 -28.75 8.33
CA HIS B 93 -24.73 -28.85 7.26
C HIS B 93 -26.10 -28.40 7.81
N LEU B 94 -26.73 -29.25 8.66
CA LEU B 94 -28.07 -28.99 9.23
C LEU B 94 -28.03 -27.84 10.24
N GLY B 95 -27.08 -27.91 11.19
CA GLY B 95 -26.92 -26.90 12.25
C GLY B 95 -26.58 -25.52 11.73
N THR B 96 -26.00 -25.49 10.52
CA THR B 96 -25.60 -24.26 9.83
C THR B 96 -26.74 -23.70 8.94
N ILE B 97 -27.73 -24.55 8.62
CA ILE B 97 -29.00 -24.09 8.01
C ILE B 97 -29.88 -23.50 9.14
N ALA B 98 -29.71 -24.05 10.36
CA ALA B 98 -30.24 -23.47 11.60
C ALA B 98 -29.32 -22.33 12.10
N LYS B 99 -29.57 -21.82 13.31
CA LYS B 99 -28.81 -20.68 13.84
C LYS B 99 -27.44 -21.15 14.40
N SER B 100 -26.38 -21.00 13.58
CA SER B 100 -24.99 -21.23 14.00
C SER B 100 -24.18 -19.97 13.68
N GLY B 101 -24.01 -19.66 12.38
CA GLY B 101 -23.41 -18.40 11.93
C GLY B 101 -22.27 -18.58 10.94
N THR B 102 -22.53 -19.27 9.82
CA THR B 102 -21.52 -19.54 8.75
C THR B 102 -20.99 -18.26 8.11
N LYS B 103 -21.78 -17.17 8.21
CA LYS B 103 -21.34 -15.79 7.96
C LYS B 103 -21.06 -15.57 6.44
N SER B 104 -19.86 -15.98 5.98
CA SER B 104 -19.49 -16.04 4.57
C SER B 104 -19.02 -17.46 4.24
N PHE B 105 -17.98 -17.92 4.98
CA PHE B 105 -17.43 -19.29 4.84
C PHE B 105 -17.36 -20.01 6.19
N LEU B 106 -17.13 -19.28 7.31
CA LEU B 106 -17.08 -19.89 8.67
C LEU B 106 -16.92 -18.80 9.74
N GLU B 107 -17.64 -19.01 10.87
CA GLU B 107 -17.65 -18.13 12.05
C GLU B 107 -16.29 -18.04 12.80
N SER B 108 -15.23 -18.70 12.30
CA SER B 108 -13.92 -18.75 12.99
C SER B 108 -12.74 -18.67 11.99
N LEU B 109 -12.58 -19.72 11.15
CA LEU B 109 -11.38 -19.87 10.29
C LEU B 109 -11.65 -19.36 8.85
N GLY B 110 -12.82 -19.67 8.29
CA GLY B 110 -13.19 -19.22 6.94
C GLY B 110 -12.81 -20.20 5.83
N SER B 111 -13.09 -21.50 6.03
CA SER B 111 -12.80 -22.55 5.02
C SER B 111 -13.65 -23.81 5.25
N ASP B 112 -13.79 -24.22 6.52
CA ASP B 112 -14.42 -25.51 6.89
C ASP B 112 -15.89 -25.59 6.42
N GLN B 113 -16.69 -24.60 6.85
CA GLN B 113 -18.12 -24.53 6.50
C GLN B 113 -18.34 -23.72 5.20
N ALA B 114 -17.28 -23.59 4.36
CA ALA B 114 -17.39 -22.98 3.02
C ALA B 114 -18.26 -23.85 2.09
N LYS B 115 -18.50 -25.10 2.54
CA LYS B 115 -19.34 -26.07 1.86
C LYS B 115 -20.78 -26.01 2.43
N ASP B 116 -21.23 -24.83 2.91
CA ASP B 116 -22.57 -24.69 3.55
C ASP B 116 -23.56 -24.10 2.56
N SER B 117 -23.22 -22.95 1.99
CA SER B 117 -24.04 -22.24 0.97
C SER B 117 -24.40 -23.19 -0.22
N GLN B 118 -23.43 -24.06 -0.54
CA GLN B 118 -23.59 -25.17 -1.50
C GLN B 118 -24.70 -26.16 -1.06
N LEU B 119 -24.64 -26.58 0.22
CA LEU B 119 -25.62 -27.51 0.84
C LEU B 119 -26.98 -26.84 1.07
N ILE B 120 -27.02 -25.50 1.17
CA ILE B 120 -28.28 -24.74 1.26
C ILE B 120 -29.01 -24.78 -0.10
N GLY B 121 -28.21 -24.71 -1.19
CA GLY B 121 -28.73 -24.84 -2.56
C GLY B 121 -29.53 -26.12 -2.80
N GLN B 122 -28.98 -27.27 -2.37
CA GLN B 122 -29.63 -28.61 -2.51
C GLN B 122 -30.59 -28.88 -1.32
N PHE B 123 -30.00 -28.97 -0.11
CA PHE B 123 -30.66 -29.50 1.10
C PHE B 123 -31.43 -28.42 1.88
N GLY B 124 -30.93 -27.17 1.83
CA GLY B 124 -31.49 -26.05 2.62
C GLY B 124 -32.90 -25.64 2.18
N VAL B 125 -33.18 -25.85 0.88
CA VAL B 125 -34.54 -25.72 0.32
C VAL B 125 -35.47 -26.74 1.01
N GLY B 126 -34.97 -27.99 1.11
CA GLY B 126 -35.72 -29.11 1.69
C GLY B 126 -35.98 -28.99 3.17
N PHE B 127 -35.15 -28.19 3.87
CA PHE B 127 -35.35 -27.87 5.30
C PHE B 127 -36.72 -27.17 5.47
N TYR B 128 -36.86 -26.02 4.80
CA TYR B 128 -38.05 -25.16 4.89
C TYR B 128 -39.31 -25.88 4.39
N SER B 129 -39.19 -26.52 3.22
CA SER B 129 -40.30 -27.22 2.53
C SER B 129 -40.85 -28.37 3.39
N ALA B 130 -39.94 -29.11 4.06
CA ALA B 130 -40.32 -30.19 4.99
C ALA B 130 -41.14 -29.63 6.16
N PHE B 131 -40.71 -28.47 6.68
CA PHE B 131 -41.37 -27.79 7.80
C PHE B 131 -42.64 -27.00 7.40
N ILE B 132 -43.08 -27.14 6.13
CA ILE B 132 -44.41 -26.64 5.70
C ILE B 132 -45.49 -27.72 5.98
N VAL B 133 -45.11 -28.99 5.75
CA VAL B 133 -46.02 -30.16 5.92
C VAL B 133 -45.79 -30.88 7.25
N ALA B 134 -44.59 -30.71 7.84
CA ALA B 134 -44.18 -31.40 9.06
C ALA B 134 -43.92 -30.37 10.16
N ASP B 135 -44.58 -30.56 11.30
CA ASP B 135 -44.49 -29.65 12.47
C ASP B 135 -43.20 -29.94 13.27
N LYS B 136 -42.82 -31.23 13.30
CA LYS B 136 -41.70 -31.74 14.13
C LYS B 136 -40.92 -32.75 13.26
N VAL B 137 -39.61 -32.53 13.06
CA VAL B 137 -38.75 -33.46 12.30
C VAL B 137 -37.62 -33.97 13.21
N THR B 138 -37.36 -35.29 13.14
CA THR B 138 -36.31 -35.98 13.90
C THR B 138 -35.46 -36.83 12.94
N VAL B 139 -34.19 -36.46 12.79
CA VAL B 139 -33.24 -37.18 11.91
C VAL B 139 -32.24 -37.99 12.77
N ARG B 140 -32.30 -39.33 12.63
CA ARG B 140 -31.28 -40.24 13.21
C ARG B 140 -30.45 -40.79 12.05
N THR B 141 -29.29 -40.19 11.83
CA THR B 141 -28.41 -40.48 10.70
C THR B 141 -27.16 -41.25 11.14
N ARG B 142 -26.43 -41.79 10.14
CA ARG B 142 -25.12 -42.42 10.34
C ARG B 142 -24.31 -42.35 9.06
N ALA B 143 -23.02 -42.00 9.20
CA ALA B 143 -22.09 -42.01 8.06
C ALA B 143 -21.71 -43.44 7.66
N ALA B 144 -21.24 -43.57 6.43
CA ALA B 144 -20.70 -44.82 5.87
C ALA B 144 -19.50 -45.36 6.68
N GLY B 145 -19.73 -46.49 7.39
CA GLY B 145 -18.69 -47.13 8.21
C GLY B 145 -18.59 -46.56 9.63
N GLU B 146 -19.39 -45.52 9.91
CA GLU B 146 -19.48 -44.91 11.25
C GLU B 146 -20.18 -45.91 12.20
N LYS B 147 -19.58 -46.14 13.38
CA LYS B 147 -20.06 -47.14 14.34
C LYS B 147 -21.48 -46.78 14.85
N PRO B 148 -22.37 -47.80 15.09
CA PRO B 148 -23.80 -47.56 15.41
C PRO B 148 -24.04 -46.55 16.55
N GLU B 149 -23.24 -46.64 17.63
CA GLU B 149 -23.36 -45.76 18.82
C GLU B 149 -22.88 -44.34 18.49
N ASN B 150 -21.89 -44.25 17.59
CA ASN B 150 -21.32 -42.97 17.14
C ASN B 150 -22.23 -42.26 16.12
N GLY B 151 -23.41 -42.85 15.81
CA GLY B 151 -24.39 -42.18 14.94
C GLY B 151 -25.02 -40.98 15.63
N VAL B 152 -25.60 -40.07 14.83
CA VAL B 152 -25.91 -38.71 15.30
C VAL B 152 -27.42 -38.42 15.20
N PHE B 153 -27.97 -37.91 16.29
CA PHE B 153 -29.36 -37.46 16.41
C PHE B 153 -29.46 -35.97 16.06
N TRP B 154 -30.58 -35.61 15.45
CA TRP B 154 -30.93 -34.24 15.10
C TRP B 154 -32.45 -34.10 15.22
N GLU B 155 -32.91 -32.87 15.47
CA GLU B 155 -34.34 -32.57 15.68
C GLU B 155 -34.54 -31.05 15.61
N SER B 156 -35.72 -30.58 15.17
CA SER B 156 -36.13 -29.16 15.29
C SER B 156 -37.64 -29.01 15.00
N ALA B 157 -38.22 -27.90 15.47
CA ALA B 157 -39.63 -27.51 15.22
C ALA B 157 -39.71 -26.53 14.03
N GLY B 158 -38.59 -26.37 13.29
CA GLY B 158 -38.49 -25.40 12.19
C GLY B 158 -37.82 -24.10 12.59
N GLU B 159 -37.62 -23.91 13.91
CA GLU B 159 -37.04 -22.67 14.48
C GLU B 159 -35.52 -22.58 14.25
N GLY B 160 -34.92 -21.46 14.69
CA GLY B 160 -33.46 -21.26 14.64
C GLY B 160 -32.73 -22.00 15.76
N GLU B 161 -32.95 -23.31 15.83
CA GLU B 161 -32.44 -24.18 16.89
C GLU B 161 -32.51 -25.64 16.43
N TYR B 162 -31.77 -26.52 17.11
CA TYR B 162 -31.74 -27.95 16.81
C TYR B 162 -31.26 -28.76 18.05
N THR B 163 -31.90 -29.92 18.28
CA THR B 163 -31.53 -30.85 19.33
C THR B 163 -30.61 -31.94 18.75
N VAL B 164 -29.30 -31.82 19.03
CA VAL B 164 -28.26 -32.75 18.56
C VAL B 164 -27.81 -33.68 19.72
N ALA B 165 -27.72 -34.99 19.43
CA ALA B 165 -27.31 -36.01 20.42
C ALA B 165 -26.58 -37.16 19.70
N ASP B 166 -26.13 -38.18 20.44
CA ASP B 166 -25.64 -39.46 19.86
C ASP B 166 -26.67 -40.58 20.12
N ILE B 167 -26.95 -41.43 19.10
CA ILE B 167 -27.83 -42.63 19.27
C ILE B 167 -27.18 -43.86 18.61
N THR B 168 -27.73 -45.05 18.90
CA THR B 168 -27.24 -46.32 18.33
C THR B 168 -28.23 -46.87 17.29
N LYS B 169 -27.87 -46.82 15.98
CA LYS B 169 -28.69 -47.44 14.90
C LYS B 169 -27.73 -48.19 13.96
N GLU B 170 -27.92 -49.51 13.81
CA GLU B 170 -26.91 -50.41 13.19
C GLU B 170 -26.76 -50.10 11.69
N ASP B 171 -27.89 -49.95 11.00
CA ASP B 171 -27.91 -49.66 9.57
C ASP B 171 -27.31 -48.27 9.25
N ARG B 172 -26.53 -48.23 8.17
CA ARG B 172 -25.94 -47.01 7.60
C ARG B 172 -27.05 -46.15 6.95
N GLY B 173 -26.78 -44.85 6.76
CA GLY B 173 -27.70 -43.96 6.05
C GLY B 173 -28.50 -43.08 7.00
N THR B 174 -29.44 -42.33 6.42
CA THR B 174 -30.17 -41.28 7.14
C THR B 174 -31.63 -41.70 7.37
N GLU B 175 -32.16 -41.49 8.58
CA GLU B 175 -33.57 -41.76 8.91
C GLU B 175 -34.26 -40.43 9.28
N ILE B 176 -35.09 -39.88 8.37
CA ILE B 176 -35.78 -38.59 8.58
C ILE B 176 -37.26 -38.86 8.90
N THR B 177 -37.67 -38.62 10.15
CA THR B 177 -39.05 -38.81 10.63
C THR B 177 -39.77 -37.46 10.67
N LEU B 178 -40.66 -37.23 9.68
CA LEU B 178 -41.47 -36.00 9.59
C LEU B 178 -42.82 -36.24 10.25
N HIS B 179 -43.04 -35.69 11.45
CA HIS B 179 -44.36 -35.70 12.09
C HIS B 179 -45.23 -34.63 11.43
N LEU B 180 -46.20 -35.09 10.64
CA LEU B 180 -47.08 -34.23 9.82
C LEU B 180 -47.97 -33.33 10.68
N ARG B 181 -48.32 -32.16 10.12
CA ARG B 181 -49.24 -31.20 10.75
C ARG B 181 -50.70 -31.70 10.60
N GLU B 182 -51.55 -31.39 11.58
CA GLU B 182 -52.96 -31.79 11.56
C GLU B 182 -53.73 -30.98 10.50
N GLY B 183 -54.27 -31.70 9.51
CA GLY B 183 -54.83 -31.09 8.31
C GLY B 183 -54.00 -31.47 7.07
N GLU B 184 -52.68 -31.66 7.26
CA GLU B 184 -51.75 -32.16 6.22
C GLU B 184 -51.78 -33.70 6.19
N ASP B 185 -52.98 -34.27 6.39
CA ASP B 185 -53.19 -35.74 6.44
C ASP B 185 -53.25 -36.32 5.01
N GLU B 186 -53.23 -35.42 4.02
CA GLU B 186 -53.07 -35.74 2.60
C GLU B 186 -51.79 -36.57 2.39
N PHE B 187 -50.72 -36.17 3.09
CA PHE B 187 -49.38 -36.79 3.00
C PHE B 187 -49.28 -38.05 3.89
N LEU B 188 -50.39 -38.41 4.54
CA LEU B 188 -50.50 -39.59 5.42
C LEU B 188 -51.31 -40.70 4.69
N ASP B 189 -51.99 -40.31 3.57
CA ASP B 189 -52.70 -41.27 2.69
C ASP B 189 -51.69 -42.06 1.83
N ASP B 190 -51.72 -43.40 1.95
CA ASP B 190 -50.78 -44.33 1.27
C ASP B 190 -50.71 -44.08 -0.25
N TRP B 191 -51.88 -44.04 -0.89
CA TRP B 191 -52.01 -43.83 -2.35
C TRP B 191 -51.48 -42.44 -2.79
N ARG B 192 -51.74 -41.41 -1.95
CA ARG B 192 -51.33 -40.02 -2.24
C ARG B 192 -49.80 -39.88 -2.17
N VAL B 193 -49.19 -40.50 -1.13
CA VAL B 193 -47.73 -40.47 -0.95
C VAL B 193 -47.05 -41.00 -2.22
N ARG B 194 -47.51 -42.17 -2.70
CA ARG B 194 -46.94 -42.85 -3.88
C ARG B 194 -47.05 -42.00 -5.16
N SER B 195 -48.22 -41.37 -5.35
CA SER B 195 -48.51 -40.51 -6.53
C SER B 195 -47.52 -39.31 -6.60
N ILE B 196 -47.35 -38.65 -5.45
CA ILE B 196 -46.50 -37.45 -5.34
C ILE B 196 -45.00 -37.84 -5.36
N ILE B 197 -44.69 -39.03 -4.78
CA ILE B 197 -43.33 -39.62 -4.87
C ILE B 197 -42.96 -39.78 -6.35
N SER B 198 -43.85 -40.43 -7.12
CA SER B 198 -43.65 -40.74 -8.55
C SER B 198 -43.33 -39.46 -9.34
N LYS B 199 -44.14 -38.41 -9.07
CA LYS B 199 -44.03 -37.08 -9.72
C LYS B 199 -42.58 -36.53 -9.78
N TYR B 200 -41.75 -36.89 -8.79
CA TYR B 200 -40.38 -36.39 -8.66
C TYR B 200 -39.36 -37.50 -8.93
N SER B 201 -39.62 -38.68 -8.38
CA SER B 201 -38.71 -39.83 -8.42
C SER B 201 -38.56 -40.41 -9.86
N ASP B 202 -39.48 -40.02 -10.75
CA ASP B 202 -39.41 -40.32 -12.21
C ASP B 202 -38.06 -39.86 -12.82
N HIS B 203 -37.56 -38.69 -12.39
CA HIS B 203 -36.31 -38.12 -12.93
C HIS B 203 -35.07 -38.71 -12.20
N ILE B 204 -35.31 -39.61 -11.22
CA ILE B 204 -34.29 -40.12 -10.29
C ILE B 204 -34.07 -41.64 -10.47
N ALA B 205 -32.79 -42.04 -10.41
CA ALA B 205 -32.34 -43.42 -10.65
C ALA B 205 -32.42 -44.30 -9.38
N LEU B 206 -32.37 -43.66 -8.19
CA LEU B 206 -32.39 -44.38 -6.89
C LEU B 206 -33.81 -44.92 -6.61
N PRO B 207 -34.00 -46.29 -6.47
CA PRO B 207 -35.31 -46.90 -6.19
C PRO B 207 -35.97 -46.33 -4.92
N VAL B 208 -37.06 -45.54 -5.11
CA VAL B 208 -37.82 -44.94 -4.01
C VAL B 208 -38.98 -45.85 -3.66
N GLU B 209 -38.78 -46.67 -2.62
CA GLU B 209 -39.77 -47.63 -2.15
C GLU B 209 -40.71 -47.01 -1.11
N ILE B 210 -41.83 -47.71 -0.83
CA ILE B 210 -42.78 -47.32 0.23
C ILE B 210 -43.30 -48.59 0.93
N GLU B 211 -43.63 -48.46 2.23
CA GLU B 211 -44.18 -49.55 3.03
C GLU B 211 -45.63 -49.87 2.63
N LYS B 212 -45.82 -50.97 1.90
CA LYS B 212 -47.14 -51.56 1.66
C LYS B 212 -47.42 -52.53 2.83
N ARG B 213 -48.17 -52.03 3.83
CA ARG B 213 -48.33 -52.71 5.12
C ARG B 213 -49.75 -53.26 5.26
N GLU B 214 -49.85 -54.57 5.54
CA GLU B 214 -51.06 -55.20 6.06
C GLU B 214 -50.76 -55.61 7.50
N GLU B 215 -51.07 -54.72 8.46
CA GLU B 215 -50.87 -54.99 9.90
C GLU B 215 -52.05 -55.84 10.39
N LYS B 216 -51.90 -57.15 10.22
CA LYS B 216 -52.96 -58.13 10.35
C LYS B 216 -52.64 -59.13 11.45
N ASP B 217 -53.68 -59.70 12.06
CA ASP B 217 -53.56 -60.70 13.13
C ASP B 217 -52.77 -61.92 12.66
N GLY B 218 -51.53 -62.05 13.18
CA GLY B 218 -50.62 -63.10 12.82
C GLY B 218 -49.50 -62.63 11.88
N GLU B 219 -49.83 -61.75 10.91
CA GLU B 219 -48.88 -61.29 9.87
C GLU B 219 -48.94 -59.75 9.73
N THR B 220 -47.94 -59.03 10.24
CA THR B 220 -47.73 -57.63 9.83
C THR B 220 -46.86 -57.65 8.56
N VAL B 221 -47.55 -57.83 7.42
CA VAL B 221 -46.92 -57.93 6.10
C VAL B 221 -46.36 -56.55 5.73
N ILE B 222 -45.04 -56.46 5.64
CA ILE B 222 -44.34 -55.22 5.27
C ILE B 222 -43.62 -55.46 3.94
N SER B 223 -44.09 -54.76 2.91
CA SER B 223 -43.54 -54.83 1.55
C SER B 223 -42.95 -53.45 1.22
N TRP B 224 -41.96 -53.40 0.33
CA TRP B 224 -41.32 -52.14 -0.07
C TRP B 224 -41.44 -51.99 -1.59
N GLU B 225 -42.33 -51.09 -2.01
CA GLU B 225 -42.76 -50.97 -3.41
C GLU B 225 -42.12 -49.72 -4.02
N LYS B 226 -41.20 -49.90 -4.99
CA LYS B 226 -40.53 -48.78 -5.68
C LYS B 226 -41.47 -48.17 -6.72
N ILE B 227 -41.91 -46.93 -6.46
CA ILE B 227 -42.92 -46.24 -7.29
C ILE B 227 -42.27 -45.63 -8.55
N ASN B 228 -40.95 -45.41 -8.46
CA ASN B 228 -40.19 -44.72 -9.52
C ASN B 228 -39.78 -45.69 -10.63
N LYS B 229 -39.38 -45.13 -11.78
CA LYS B 229 -38.82 -45.91 -12.91
C LYS B 229 -37.48 -46.54 -12.50
N ALA B 230 -36.72 -45.82 -11.64
CA ALA B 230 -35.39 -46.24 -11.14
C ALA B 230 -34.40 -46.46 -12.30
N GLN B 231 -34.51 -45.59 -13.31
CA GLN B 231 -33.63 -45.56 -14.47
C GLN B 231 -33.03 -44.16 -14.57
N ALA B 232 -31.71 -44.11 -14.74
CA ALA B 232 -30.92 -42.89 -14.84
C ALA B 232 -31.43 -41.96 -15.95
N LEU B 233 -31.77 -40.70 -15.59
CA LEU B 233 -32.39 -39.73 -16.51
C LEU B 233 -31.56 -39.57 -17.79
N TRP B 234 -30.27 -39.25 -17.62
CA TRP B 234 -29.34 -39.04 -18.74
C TRP B 234 -29.26 -40.31 -19.65
N THR B 235 -29.29 -41.50 -19.03
CA THR B 235 -29.24 -42.80 -19.75
C THR B 235 -30.57 -43.08 -20.51
N ARG B 236 -31.69 -42.46 -20.05
CA ARG B 236 -33.01 -42.59 -20.71
C ARG B 236 -33.05 -41.86 -22.07
N ASN B 237 -34.06 -42.21 -22.88
CA ASN B 237 -34.30 -41.62 -24.20
C ASN B 237 -34.80 -40.17 -24.05
N LYS B 238 -34.28 -39.27 -24.89
CA LYS B 238 -34.61 -37.83 -24.85
C LYS B 238 -36.12 -37.59 -25.08
N SER B 239 -36.72 -38.40 -25.97
CA SER B 239 -38.17 -38.38 -26.23
C SER B 239 -38.98 -38.83 -25.00
N GLU B 240 -38.39 -39.74 -24.20
CA GLU B 240 -39.02 -40.32 -23.00
C GLU B 240 -38.97 -39.34 -21.80
N ILE B 241 -37.99 -38.42 -21.81
CA ILE B 241 -37.83 -37.42 -20.73
C ILE B 241 -38.48 -36.08 -21.13
N THR B 242 -39.37 -35.54 -20.28
CA THR B 242 -39.97 -34.21 -20.50
C THR B 242 -39.02 -33.11 -19.98
N ASP B 243 -39.28 -31.87 -20.45
CA ASP B 243 -38.49 -30.65 -20.10
C ASP B 243 -38.41 -30.45 -18.58
N GLU B 244 -39.56 -30.69 -17.92
CA GLU B 244 -39.73 -30.50 -16.47
C GLU B 244 -38.78 -31.43 -15.68
N GLU B 245 -38.68 -32.70 -16.12
CA GLU B 245 -37.78 -33.69 -15.49
C GLU B 245 -36.31 -33.22 -15.59
N TYR B 246 -35.93 -32.64 -16.75
CA TYR B 246 -34.56 -32.07 -16.94
C TYR B 246 -34.27 -30.95 -15.93
N LYS B 247 -35.18 -29.97 -15.86
CA LYS B 247 -35.00 -28.73 -15.07
C LYS B 247 -34.99 -29.00 -13.56
N GLU B 248 -35.75 -30.02 -13.16
CA GLU B 248 -35.85 -30.44 -11.76
C GLU B 248 -34.59 -31.27 -11.37
N PHE B 249 -34.16 -32.12 -12.32
CA PHE B 249 -32.93 -32.93 -12.17
C PHE B 249 -31.69 -32.03 -12.10
N TYR B 250 -31.74 -30.90 -12.84
CA TYR B 250 -30.69 -29.87 -12.83
C TYR B 250 -30.38 -29.45 -11.40
N LYS B 251 -31.44 -29.11 -10.67
CA LYS B 251 -31.35 -28.59 -9.30
C LYS B 251 -30.77 -29.63 -8.32
N HIS B 252 -30.87 -30.93 -8.68
CA HIS B 252 -30.18 -32.01 -7.96
C HIS B 252 -28.67 -32.01 -8.30
N ILE B 253 -28.34 -32.20 -9.60
CA ILE B 253 -26.94 -32.39 -10.03
C ILE B 253 -26.12 -31.09 -10.07
N ALA B 254 -26.77 -29.96 -9.74
CA ALA B 254 -26.10 -28.66 -9.57
C ALA B 254 -25.96 -28.29 -8.10
N HIS B 255 -26.77 -28.96 -7.23
CA HIS B 255 -26.93 -28.60 -5.81
C HIS B 255 -27.49 -27.18 -5.72
N ASP B 256 -28.54 -26.92 -6.52
CA ASP B 256 -29.09 -25.56 -6.72
C ASP B 256 -30.63 -25.61 -6.64
N PHE B 257 -31.29 -24.46 -6.89
CA PHE B 257 -32.77 -24.33 -6.81
C PHE B 257 -33.34 -23.52 -8.01
N ASN B 258 -32.47 -22.79 -8.72
CA ASN B 258 -32.89 -21.95 -9.86
C ASN B 258 -33.11 -22.83 -11.09
N ASP B 259 -34.05 -22.41 -11.96
CA ASP B 259 -34.30 -23.08 -13.24
C ASP B 259 -33.21 -22.71 -14.26
N PRO B 260 -32.94 -23.56 -15.29
CA PRO B 260 -32.06 -23.18 -16.40
C PRO B 260 -32.79 -22.28 -17.42
N LEU B 261 -32.05 -21.39 -18.08
CA LEU B 261 -32.52 -20.64 -19.25
C LEU B 261 -32.61 -21.60 -20.45
N THR B 262 -31.52 -22.34 -20.67
CA THR B 262 -31.41 -23.29 -21.79
C THR B 262 -30.46 -24.43 -21.37
N TRP B 263 -30.61 -25.60 -22.02
CA TRP B 263 -29.79 -26.79 -21.73
C TRP B 263 -29.56 -27.62 -22.99
N SER B 264 -28.75 -28.67 -22.85
CA SER B 264 -28.41 -29.57 -23.93
C SER B 264 -28.13 -30.97 -23.37
N HIS B 265 -28.88 -31.97 -23.86
CA HIS B 265 -28.72 -33.38 -23.50
C HIS B 265 -28.31 -34.14 -24.76
N ASN B 266 -27.05 -34.54 -24.84
CA ASN B 266 -26.56 -35.34 -25.98
C ASN B 266 -25.80 -36.55 -25.47
N ARG B 267 -26.06 -37.70 -26.10
CA ARG B 267 -25.36 -38.94 -25.83
C ARG B 267 -24.42 -39.21 -27.00
N VAL B 268 -23.16 -39.51 -26.70
CA VAL B 268 -22.12 -39.78 -27.68
C VAL B 268 -21.73 -41.25 -27.54
N GLU B 269 -21.44 -41.90 -28.67
CA GLU B 269 -21.21 -43.34 -28.76
C GLU B 269 -20.14 -43.64 -29.81
N GLY B 270 -19.82 -44.93 -30.00
CA GLY B 270 -18.78 -45.36 -30.94
C GLY B 270 -17.53 -45.81 -30.20
N LYS B 271 -16.39 -45.13 -30.46
CA LYS B 271 -15.12 -45.41 -29.78
C LYS B 271 -15.19 -44.92 -28.32
N GLN B 272 -15.71 -43.69 -28.16
CA GLN B 272 -16.00 -43.09 -26.85
C GLN B 272 -17.51 -42.99 -26.64
N GLU B 273 -18.01 -43.61 -25.56
CA GLU B 273 -19.42 -43.62 -25.20
C GLU B 273 -19.62 -42.94 -23.83
N TYR B 274 -20.14 -41.71 -23.89
CA TYR B 274 -20.45 -40.91 -22.70
C TYR B 274 -21.71 -40.08 -22.97
N THR B 275 -22.63 -40.08 -22.01
CA THR B 275 -23.82 -39.23 -22.08
C THR B 275 -23.56 -37.93 -21.30
N SER B 276 -23.62 -36.79 -22.00
CA SER B 276 -23.43 -35.46 -21.41
C SER B 276 -24.80 -34.75 -21.27
N LEU B 277 -24.95 -33.97 -20.20
CA LEU B 277 -26.19 -33.25 -19.89
C LEU B 277 -25.83 -31.95 -19.14
N LEU B 278 -25.81 -30.83 -19.90
CA LEU B 278 -25.34 -29.52 -19.42
C LEU B 278 -26.50 -28.53 -19.37
N TYR B 279 -26.46 -27.59 -18.41
CA TYR B 279 -27.49 -26.52 -18.26
C TYR B 279 -26.81 -25.16 -18.08
N ILE B 280 -27.56 -24.07 -18.38
CA ILE B 280 -27.14 -22.67 -18.11
C ILE B 280 -28.17 -22.05 -17.13
N PRO B 281 -27.74 -21.56 -15.92
CA PRO B 281 -28.69 -21.03 -14.88
C PRO B 281 -29.41 -19.72 -15.29
N SER B 282 -30.61 -19.50 -14.70
CA SER B 282 -31.39 -18.25 -14.88
C SER B 282 -30.84 -17.12 -14.00
N GLN B 283 -30.07 -17.51 -12.96
CA GLN B 283 -29.50 -16.60 -11.97
C GLN B 283 -28.04 -17.01 -11.72
N ALA B 284 -27.15 -16.04 -11.47
CA ALA B 284 -25.81 -16.31 -10.96
C ALA B 284 -25.92 -16.82 -9.51
N PRO B 285 -25.42 -18.06 -9.19
CA PRO B 285 -25.38 -18.54 -7.79
C PRO B 285 -24.55 -17.58 -6.90
N TRP B 286 -24.84 -17.54 -5.60
CA TRP B 286 -24.12 -16.64 -4.66
C TRP B 286 -22.62 -17.00 -4.63
N ASP B 287 -22.36 -18.31 -4.81
CA ASP B 287 -21.02 -18.91 -4.82
C ASP B 287 -20.25 -18.71 -6.15
N MET B 288 -20.89 -18.04 -7.14
CA MET B 288 -20.26 -17.80 -8.46
C MET B 288 -19.00 -16.95 -8.33
N TRP B 289 -18.96 -16.08 -7.31
CA TRP B 289 -17.88 -15.10 -7.11
C TRP B 289 -17.17 -15.37 -5.76
N ASN B 290 -17.36 -16.60 -5.22
CA ASN B 290 -16.70 -17.06 -3.99
C ASN B 290 -15.29 -17.56 -4.26
N ARG B 291 -14.52 -17.66 -3.16
CA ARG B 291 -13.16 -18.23 -3.15
C ARG B 291 -13.22 -19.77 -3.08
N ASP B 292 -14.42 -20.31 -2.75
CA ASP B 292 -14.67 -21.78 -2.76
C ASP B 292 -15.32 -22.18 -4.11
N HIS B 293 -15.43 -23.49 -4.33
CA HIS B 293 -15.98 -24.06 -5.57
C HIS B 293 -17.51 -24.23 -5.50
N LYS B 294 -18.18 -24.16 -6.67
CA LYS B 294 -19.62 -24.51 -6.82
C LYS B 294 -19.86 -24.86 -8.30
N HIS B 295 -19.23 -24.05 -9.16
CA HIS B 295 -19.16 -24.25 -10.61
C HIS B 295 -18.45 -25.58 -10.99
N GLY B 296 -18.92 -26.23 -12.06
CA GLY B 296 -18.38 -27.53 -12.51
C GLY B 296 -19.48 -28.55 -12.77
N LEU B 297 -19.13 -29.84 -12.92
CA LEU B 297 -20.09 -30.93 -13.22
C LEU B 297 -19.98 -32.07 -12.18
N LYS B 298 -21.02 -32.93 -12.10
CA LYS B 298 -20.93 -34.21 -11.36
C LYS B 298 -20.39 -35.30 -12.33
N LEU B 299 -19.15 -35.72 -12.09
CA LEU B 299 -18.54 -36.84 -12.82
C LEU B 299 -19.13 -38.16 -12.34
N TYR B 300 -19.88 -38.81 -13.23
CA TYR B 300 -20.36 -40.19 -13.06
C TYR B 300 -19.59 -41.09 -14.06
N VAL B 301 -19.24 -42.31 -13.62
CA VAL B 301 -18.70 -43.38 -14.46
C VAL B 301 -19.55 -44.63 -14.23
N GLN B 302 -20.37 -44.99 -15.24
CA GLN B 302 -21.29 -46.14 -15.20
C GLN B 302 -22.34 -45.97 -14.05
N ARG B 303 -22.85 -44.71 -13.94
CA ARG B 303 -23.91 -44.29 -12.98
C ARG B 303 -23.41 -44.27 -11.51
N VAL B 304 -22.07 -44.27 -11.36
CA VAL B 304 -21.38 -44.18 -10.05
C VAL B 304 -20.74 -42.79 -9.94
N PHE B 305 -20.97 -42.08 -8.84
CA PHE B 305 -20.38 -40.73 -8.62
C PHE B 305 -18.91 -40.83 -8.20
N ILE B 306 -18.10 -39.88 -8.68
CA ILE B 306 -16.68 -39.75 -8.31
C ILE B 306 -16.44 -38.35 -7.69
N MET B 307 -16.85 -37.27 -8.39
CA MET B 307 -16.61 -35.89 -7.89
C MET B 307 -17.60 -34.88 -8.45
N ASP B 308 -18.09 -34.00 -7.55
CA ASP B 308 -18.92 -32.84 -7.89
C ASP B 308 -17.99 -31.68 -8.31
N ASP B 309 -18.58 -30.58 -8.81
CA ASP B 309 -17.90 -29.28 -9.10
C ASP B 309 -16.63 -29.46 -9.99
N ALA B 310 -16.65 -30.53 -10.81
CA ALA B 310 -15.55 -30.87 -11.72
C ALA B 310 -15.54 -29.93 -12.94
N GLU B 311 -14.75 -28.85 -12.84
CA GLU B 311 -14.52 -27.88 -13.94
C GLU B 311 -13.37 -28.39 -14.86
N GLN B 312 -13.12 -29.71 -14.83
CA GLN B 312 -12.17 -30.39 -15.72
C GLN B 312 -12.83 -30.81 -17.05
N PHE B 313 -14.15 -30.64 -17.15
CA PHE B 313 -14.93 -30.94 -18.38
C PHE B 313 -15.37 -29.64 -19.07
N MET B 314 -15.28 -28.51 -18.33
CA MET B 314 -15.66 -27.17 -18.84
C MET B 314 -14.50 -26.17 -18.60
N PRO B 315 -14.31 -25.16 -19.51
CA PRO B 315 -13.38 -24.02 -19.25
C PRO B 315 -13.83 -23.12 -18.08
N ASN B 316 -12.91 -22.23 -17.65
CA ASN B 316 -13.23 -21.11 -16.75
C ASN B 316 -14.18 -20.13 -17.48
N TYR B 317 -14.00 -20.06 -18.82
CA TYR B 317 -14.90 -19.33 -19.77
C TYR B 317 -16.37 -19.82 -19.65
N LEU B 318 -16.55 -21.10 -19.32
CA LEU B 318 -17.86 -21.77 -19.26
C LEU B 318 -18.07 -22.39 -17.86
N ARG B 319 -17.59 -21.69 -16.81
CA ARG B 319 -17.73 -22.17 -15.42
C ARG B 319 -19.22 -22.15 -14.98
N PHE B 320 -20.00 -21.24 -15.60
CA PHE B 320 -21.44 -21.10 -15.33
C PHE B 320 -22.24 -22.36 -15.72
N VAL B 321 -21.68 -23.15 -16.66
CA VAL B 321 -22.28 -24.41 -17.09
C VAL B 321 -22.30 -25.40 -15.92
N ARG B 322 -23.51 -25.78 -15.52
CA ARG B 322 -23.72 -26.70 -14.41
C ARG B 322 -24.56 -27.88 -14.93
N GLY B 323 -24.14 -29.09 -14.58
CA GLY B 323 -24.69 -30.30 -15.13
C GLY B 323 -23.92 -31.53 -14.65
N LEU B 324 -23.83 -32.55 -15.51
CA LEU B 324 -23.10 -33.79 -15.21
C LEU B 324 -22.63 -34.45 -16.53
N ILE B 325 -21.81 -35.49 -16.39
CA ILE B 325 -21.33 -36.31 -17.51
C ILE B 325 -21.09 -37.73 -16.99
N ASP B 326 -21.77 -38.72 -17.61
CA ASP B 326 -21.57 -40.15 -17.31
C ASP B 326 -20.83 -40.80 -18.46
N SER B 327 -19.72 -41.49 -18.15
CA SER B 327 -18.88 -42.15 -19.16
C SER B 327 -18.69 -43.63 -18.82
N SER B 328 -18.42 -44.42 -19.87
CA SER B 328 -18.04 -45.84 -19.74
C SER B 328 -16.53 -46.01 -20.06
N ASP B 329 -15.91 -44.92 -20.59
CA ASP B 329 -14.51 -44.90 -21.05
C ASP B 329 -13.58 -44.58 -19.89
N LEU B 330 -13.91 -43.46 -19.19
CA LEU B 330 -13.12 -42.95 -18.06
C LEU B 330 -13.00 -44.05 -16.98
N PRO B 331 -11.74 -44.42 -16.55
CA PRO B 331 -11.53 -45.47 -15.52
C PRO B 331 -12.24 -45.12 -14.19
N LEU B 332 -12.67 -46.13 -13.44
CA LEU B 332 -13.39 -45.92 -12.17
C LEU B 332 -12.45 -45.37 -11.05
N ASN B 333 -11.12 -45.46 -11.29
CA ASN B 333 -10.09 -44.88 -10.38
C ASN B 333 -9.80 -43.39 -10.72
N VAL B 334 -10.64 -42.80 -11.61
CA VAL B 334 -10.46 -41.43 -12.15
C VAL B 334 -10.35 -40.35 -11.06
N SER B 335 -9.31 -39.49 -11.17
CA SER B 335 -9.08 -38.34 -10.30
C SER B 335 -9.25 -37.02 -11.10
N ARG B 336 -9.48 -35.92 -10.38
CA ARG B 336 -9.69 -34.58 -10.95
C ARG B 336 -8.47 -34.13 -11.75
N GLU B 337 -7.28 -34.55 -11.30
CA GLU B 337 -6.01 -34.24 -11.95
C GLU B 337 -5.82 -35.04 -13.26
N ILE B 338 -6.32 -36.30 -13.30
CA ILE B 338 -6.17 -37.15 -14.51
C ILE B 338 -7.00 -36.56 -15.64
N LEU B 339 -8.19 -36.10 -15.29
CA LEU B 339 -9.11 -35.36 -16.17
C LEU B 339 -8.43 -34.15 -16.88
N GLN B 340 -7.62 -33.41 -16.11
CA GLN B 340 -6.84 -32.25 -16.63
C GLN B 340 -5.84 -32.75 -17.70
N ASP B 341 -5.09 -33.80 -17.33
CA ASP B 341 -3.96 -34.34 -18.14
C ASP B 341 -4.44 -35.21 -19.34
N SER B 342 -5.65 -35.80 -19.25
CA SER B 342 -6.15 -36.76 -20.27
C SER B 342 -6.55 -36.05 -21.58
N THR B 343 -6.22 -36.71 -22.71
CA THR B 343 -6.57 -36.25 -24.06
C THR B 343 -8.02 -36.64 -24.37
N VAL B 344 -8.43 -37.85 -23.93
CA VAL B 344 -9.82 -38.36 -24.10
C VAL B 344 -10.84 -37.46 -23.35
N THR B 345 -10.44 -36.99 -22.16
CA THR B 345 -11.22 -36.03 -21.38
C THR B 345 -11.15 -34.63 -22.03
N ARG B 346 -10.03 -34.33 -22.72
CA ARG B 346 -9.84 -33.03 -23.41
C ARG B 346 -10.65 -33.00 -24.71
N ASN B 347 -10.88 -34.20 -25.28
CA ASN B 347 -11.63 -34.39 -26.52
C ASN B 347 -13.12 -34.20 -26.25
N LEU B 348 -13.60 -34.83 -25.15
CA LEU B 348 -14.99 -34.68 -24.70
C LEU B 348 -15.20 -33.24 -24.19
N ARG B 349 -14.13 -32.65 -23.60
CA ARG B 349 -14.15 -31.27 -23.07
C ARG B 349 -14.32 -30.26 -24.21
N ASN B 350 -13.56 -30.44 -25.33
CA ASN B 350 -13.68 -29.57 -26.53
C ASN B 350 -15.09 -29.64 -27.12
N ALA B 351 -15.68 -30.84 -27.10
CA ALA B 351 -17.06 -31.07 -27.54
C ALA B 351 -18.04 -30.25 -26.71
N LEU B 352 -17.93 -30.36 -25.37
CA LEU B 352 -18.79 -29.64 -24.41
C LEU B 352 -18.57 -28.12 -24.48
N THR B 353 -17.32 -27.73 -24.72
CA THR B 353 -16.88 -26.34 -24.79
C THR B 353 -17.56 -25.63 -25.97
N LYS B 354 -17.33 -26.15 -27.17
CA LYS B 354 -17.84 -25.57 -28.42
C LYS B 354 -19.38 -25.74 -28.48
N ARG B 355 -19.89 -26.81 -27.84
CA ARG B 355 -21.35 -27.08 -27.73
C ARG B 355 -22.06 -25.92 -27.04
N VAL B 356 -21.51 -25.50 -25.87
CA VAL B 356 -22.09 -24.42 -25.08
C VAL B 356 -21.84 -23.06 -25.76
N LEU B 357 -20.67 -22.91 -26.41
CA LEU B 357 -20.30 -21.67 -27.16
C LEU B 357 -21.39 -21.33 -28.21
N GLN B 358 -21.90 -22.37 -28.87
CA GLN B 358 -23.04 -22.27 -29.80
C GLN B 358 -24.34 -21.99 -29.04
N MET B 359 -24.51 -22.65 -27.88
CA MET B 359 -25.73 -22.56 -27.03
C MET B 359 -25.87 -21.16 -26.37
N LEU B 360 -24.75 -20.40 -26.28
CA LEU B 360 -24.75 -19.01 -25.77
C LEU B 360 -25.44 -18.09 -26.78
N GLU B 361 -24.97 -18.15 -28.04
CA GLU B 361 -25.57 -17.41 -29.17
C GLU B 361 -26.99 -17.94 -29.46
N LYS B 362 -27.21 -19.25 -29.22
CA LYS B 362 -28.54 -19.88 -29.35
C LYS B 362 -29.50 -19.24 -28.35
N LEU B 363 -29.01 -18.96 -27.13
CA LEU B 363 -29.80 -18.30 -26.06
C LEU B 363 -30.12 -16.85 -26.47
N ALA B 364 -29.21 -16.22 -27.22
CA ALA B 364 -29.44 -14.89 -27.84
C ALA B 364 -30.55 -14.94 -28.91
N LYS B 365 -30.68 -16.09 -29.59
CA LYS B 365 -31.70 -16.31 -30.65
C LYS B 365 -32.99 -16.87 -30.04
N ASP B 366 -32.85 -17.47 -28.85
CA ASP B 366 -33.94 -18.08 -28.07
C ASP B 366 -34.82 -16.96 -27.52
N ASP B 367 -34.18 -16.03 -26.79
CA ASP B 367 -34.84 -14.87 -26.20
C ASP B 367 -33.79 -13.86 -25.73
N ALA B 368 -33.73 -12.70 -26.41
CA ALA B 368 -32.75 -11.63 -26.14
C ALA B 368 -32.75 -11.15 -24.66
N GLU B 369 -33.91 -11.21 -23.97
CA GLU B 369 -34.03 -10.76 -22.56
C GLU B 369 -33.37 -11.81 -21.62
N LYS B 370 -33.61 -13.10 -21.93
CA LYS B 370 -32.98 -14.23 -21.20
C LYS B 370 -31.44 -14.17 -21.32
N TYR B 371 -30.96 -13.89 -22.54
CA TYR B 371 -29.53 -13.76 -22.83
C TYR B 371 -28.94 -12.51 -22.15
N GLN B 372 -29.75 -11.42 -22.09
CA GLN B 372 -29.33 -10.15 -21.47
C GLN B 372 -29.13 -10.35 -19.95
N THR B 373 -30.01 -11.15 -19.33
CA THR B 373 -29.90 -11.58 -17.92
C THR B 373 -28.59 -12.37 -17.74
N PHE B 374 -28.43 -13.41 -18.57
CA PHE B 374 -27.26 -14.29 -18.61
C PHE B 374 -25.93 -13.49 -18.63
N TRP B 375 -25.84 -12.51 -19.55
CA TRP B 375 -24.62 -11.74 -19.76
C TRP B 375 -24.30 -10.86 -18.52
N GLN B 376 -25.34 -10.25 -17.93
CA GLN B 376 -25.18 -9.37 -16.75
C GLN B 376 -24.95 -10.20 -15.45
N GLN B 377 -25.07 -11.54 -15.55
CA GLN B 377 -24.78 -12.47 -14.45
C GLN B 377 -23.36 -13.08 -14.59
N PHE B 378 -22.95 -13.39 -15.85
CA PHE B 378 -21.75 -14.22 -16.12
C PHE B 378 -20.77 -13.53 -17.12
N GLY B 379 -20.89 -12.19 -17.26
CA GLY B 379 -20.05 -11.41 -18.17
C GLY B 379 -18.56 -11.55 -17.89
N LEU B 380 -18.19 -11.30 -16.62
CA LEU B 380 -16.79 -11.35 -16.14
C LEU B 380 -16.12 -12.70 -16.50
N VAL B 381 -16.93 -13.78 -16.45
CA VAL B 381 -16.50 -15.15 -16.77
C VAL B 381 -16.07 -15.24 -18.25
N LEU B 382 -17.01 -14.84 -19.12
CA LEU B 382 -16.90 -14.98 -20.59
C LEU B 382 -15.74 -14.07 -21.14
N LYS B 383 -15.40 -13.01 -20.38
CA LYS B 383 -14.32 -12.06 -20.75
C LYS B 383 -12.89 -12.67 -20.74
N GLU B 384 -12.72 -13.87 -20.13
CA GLU B 384 -11.41 -14.57 -20.08
C GLU B 384 -11.07 -15.25 -21.43
N GLY B 385 -12.11 -15.49 -22.26
CA GLY B 385 -11.97 -16.20 -23.54
C GLY B 385 -10.93 -15.64 -24.49
N PRO B 386 -11.06 -14.36 -24.96
CA PRO B 386 -10.14 -13.78 -25.99
C PRO B 386 -8.72 -13.50 -25.41
N ALA B 387 -8.58 -13.72 -24.09
CA ALA B 387 -7.31 -13.59 -23.39
C ALA B 387 -6.46 -14.84 -23.55
N GLU B 388 -7.09 -16.00 -23.30
CA GLU B 388 -6.44 -17.30 -23.42
C GLU B 388 -6.29 -17.67 -24.91
N ASP B 389 -7.41 -17.59 -25.63
CA ASP B 389 -7.49 -17.95 -27.05
C ASP B 389 -7.95 -16.77 -27.93
N PHE B 390 -7.03 -16.25 -28.75
CA PHE B 390 -7.29 -15.20 -29.77
C PHE B 390 -7.96 -15.82 -31.03
N ALA B 391 -7.85 -17.17 -31.18
CA ALA B 391 -8.30 -17.90 -32.38
C ALA B 391 -9.84 -17.91 -32.53
N ASN B 392 -10.56 -17.79 -31.40
CA ASN B 392 -12.06 -17.71 -31.40
C ASN B 392 -12.53 -16.33 -30.91
N GLN B 393 -11.63 -15.32 -30.89
CA GLN B 393 -11.93 -13.96 -30.37
C GLN B 393 -13.18 -13.34 -31.05
N GLU B 394 -13.36 -13.60 -32.34
CA GLU B 394 -14.53 -13.13 -33.13
C GLU B 394 -15.86 -13.72 -32.58
N ALA B 395 -15.87 -15.06 -32.38
CA ALA B 395 -17.05 -15.81 -31.87
C ALA B 395 -17.41 -15.37 -30.44
N ILE B 396 -16.38 -14.98 -29.68
CA ILE B 396 -16.52 -14.48 -28.32
C ILE B 396 -16.97 -13.02 -28.33
N ALA B 397 -16.47 -12.24 -29.31
CA ALA B 397 -16.77 -10.78 -29.47
C ALA B 397 -18.22 -10.57 -29.95
N LYS B 398 -18.76 -11.61 -30.59
CA LYS B 398 -20.19 -11.72 -30.95
C LYS B 398 -21.04 -11.72 -29.65
N LEU B 399 -20.49 -12.39 -28.62
CA LEU B 399 -21.12 -12.56 -27.30
C LEU B 399 -20.78 -11.39 -26.35
N LEU B 400 -19.60 -10.74 -26.57
CA LEU B 400 -19.12 -9.63 -25.70
C LEU B 400 -20.02 -8.39 -25.91
N ARG B 401 -20.62 -7.91 -24.81
CA ARG B 401 -21.51 -6.73 -24.81
C ARG B 401 -21.03 -5.73 -23.76
N PHE B 402 -21.17 -4.45 -24.09
CA PHE B 402 -20.60 -3.31 -23.35
C PHE B 402 -21.66 -2.22 -23.17
N ALA B 403 -21.30 -1.20 -22.39
CA ALA B 403 -22.02 0.08 -22.36
C ALA B 403 -21.26 1.10 -23.24
N SER B 404 -21.92 2.23 -23.55
CA SER B 404 -21.33 3.29 -24.40
C SER B 404 -21.88 4.67 -23.98
N THR B 405 -21.42 5.75 -24.66
CA THR B 405 -21.88 7.13 -24.36
C THR B 405 -23.38 7.31 -24.74
N HIS B 406 -23.89 6.37 -25.55
CA HIS B 406 -25.32 6.23 -25.88
C HIS B 406 -26.16 5.94 -24.62
N THR B 407 -25.60 5.14 -23.70
CA THR B 407 -26.34 4.62 -22.52
C THR B 407 -25.62 5.04 -21.22
N ASP B 408 -26.35 5.77 -20.34
CA ASP B 408 -25.84 6.18 -19.01
C ASP B 408 -26.15 5.08 -17.97
N SER B 409 -26.88 4.04 -18.39
CA SER B 409 -27.07 2.82 -17.60
C SER B 409 -25.85 1.89 -17.78
N SER B 410 -25.37 1.27 -16.70
CA SER B 410 -24.23 0.32 -16.73
C SER B 410 -24.66 -1.09 -17.23
N ALA B 411 -25.92 -1.20 -17.71
CA ALA B 411 -26.43 -2.41 -18.38
C ALA B 411 -25.70 -2.63 -19.71
N GLN B 412 -24.97 -3.76 -19.82
CA GLN B 412 -24.13 -4.07 -20.99
C GLN B 412 -25.02 -4.62 -22.13
N THR B 413 -25.53 -3.71 -22.96
CA THR B 413 -26.54 -4.00 -23.99
C THR B 413 -25.91 -4.02 -25.40
N VAL B 414 -25.20 -2.93 -25.73
CA VAL B 414 -24.58 -2.73 -27.06
C VAL B 414 -23.35 -3.63 -27.18
N SER B 415 -23.39 -4.59 -28.12
CA SER B 415 -22.25 -5.46 -28.45
C SER B 415 -21.33 -4.74 -29.45
N LEU B 416 -20.18 -5.36 -29.73
CA LEU B 416 -19.25 -4.86 -30.77
C LEU B 416 -19.93 -4.90 -32.17
N GLU B 417 -20.88 -5.84 -32.32
CA GLU B 417 -21.75 -5.93 -33.51
C GLU B 417 -22.53 -4.62 -33.74
N ASP B 418 -23.23 -4.19 -32.67
CA ASP B 418 -24.07 -2.98 -32.70
C ASP B 418 -23.18 -1.74 -32.85
N TYR B 419 -21.96 -1.78 -32.26
CA TYR B 419 -21.02 -0.66 -32.31
C TYR B 419 -20.51 -0.41 -33.75
N VAL B 420 -20.16 -1.51 -34.47
CA VAL B 420 -19.73 -1.42 -35.88
C VAL B 420 -20.88 -0.85 -36.75
N SER B 421 -22.12 -1.26 -36.43
CA SER B 421 -23.34 -0.73 -37.07
C SER B 421 -23.56 0.77 -36.69
N ARG B 422 -23.12 1.17 -35.49
CA ARG B 422 -23.25 2.57 -34.98
C ARG B 422 -22.08 3.46 -35.42
N MET B 423 -21.00 2.85 -35.93
CA MET B 423 -19.88 3.59 -36.51
C MET B 423 -20.33 4.33 -37.78
N LYS B 424 -19.99 5.63 -37.89
CA LYS B 424 -20.04 6.34 -39.18
C LYS B 424 -18.67 6.22 -39.85
N GLU B 425 -18.65 6.24 -41.19
CA GLU B 425 -17.43 6.07 -42.00
C GLU B 425 -16.31 7.04 -41.57
N GLY B 426 -15.07 6.55 -41.60
CA GLY B 426 -13.90 7.29 -41.11
C GLY B 426 -13.52 6.89 -39.70
N GLN B 427 -14.47 6.32 -38.90
CA GLN B 427 -14.12 5.59 -37.67
C GLN B 427 -13.74 4.16 -38.06
N GLU B 428 -12.49 4.02 -38.52
CA GLU B 428 -11.91 2.71 -38.87
C GLU B 428 -11.57 1.92 -37.60
N LYS B 429 -11.48 2.64 -36.46
CA LYS B 429 -11.04 2.07 -35.17
C LYS B 429 -12.08 2.38 -34.08
N ILE B 430 -12.22 1.45 -33.11
CA ILE B 430 -13.16 1.60 -31.97
C ILE B 430 -12.60 2.61 -30.95
N TYR B 431 -13.44 3.55 -30.49
CA TYR B 431 -13.06 4.57 -29.50
C TYR B 431 -13.76 4.30 -28.16
N TYR B 432 -12.98 4.39 -27.07
CA TYR B 432 -13.45 4.09 -25.71
C TYR B 432 -12.56 4.71 -24.64
N ILE B 433 -13.09 4.79 -23.41
CA ILE B 433 -12.35 5.24 -22.22
C ILE B 433 -12.18 4.06 -21.24
N THR B 434 -11.01 3.99 -20.59
CA THR B 434 -10.66 2.92 -19.63
C THR B 434 -10.59 3.49 -18.19
N ALA B 435 -11.24 2.80 -17.23
CA ALA B 435 -11.11 3.10 -15.77
C ALA B 435 -11.75 1.98 -14.95
N ASP B 436 -11.18 1.75 -13.76
CA ASP B 436 -11.55 0.63 -12.87
C ASP B 436 -12.95 0.83 -12.23
N SER B 437 -13.51 2.05 -12.34
CA SER B 437 -14.79 2.43 -11.70
C SER B 437 -15.61 3.37 -12.60
N TYR B 438 -16.96 3.27 -12.49
CA TYR B 438 -17.91 3.93 -13.42
C TYR B 438 -17.79 5.45 -13.39
N ALA B 439 -17.87 6.00 -12.18
CA ALA B 439 -17.86 7.45 -11.95
C ALA B 439 -16.51 8.09 -12.38
N ALA B 440 -15.43 7.28 -12.38
CA ALA B 440 -14.10 7.71 -12.84
C ALA B 440 -14.05 7.83 -14.38
N ALA B 441 -14.50 6.76 -15.08
CA ALA B 441 -14.48 6.69 -16.57
C ALA B 441 -15.39 7.77 -17.19
N LYS B 442 -16.53 8.02 -16.53
CA LYS B 442 -17.55 8.94 -17.04
C LYS B 442 -17.18 10.42 -16.76
N SER B 443 -16.32 10.67 -15.74
CA SER B 443 -15.89 12.05 -15.40
C SER B 443 -14.75 12.55 -16.32
N SER B 444 -14.26 11.66 -17.20
CA SER B 444 -13.30 12.02 -18.24
C SER B 444 -13.98 12.91 -19.31
N PRO B 445 -13.46 14.17 -19.57
CA PRO B 445 -14.09 15.12 -20.53
C PRO B 445 -14.07 14.62 -22.00
N HIS B 446 -13.23 13.59 -22.26
CA HIS B 446 -13.08 12.98 -23.60
C HIS B 446 -14.42 12.47 -24.15
N LEU B 447 -15.27 11.94 -23.25
CA LEU B 447 -16.60 11.40 -23.60
C LEU B 447 -17.48 12.49 -24.23
N GLU B 448 -17.33 13.72 -23.72
CA GLU B 448 -18.11 14.89 -24.17
C GLU B 448 -17.48 15.52 -25.43
N LEU B 449 -16.16 15.28 -25.60
CA LEU B 449 -15.40 15.82 -26.74
C LEU B 449 -15.77 15.04 -28.00
N LEU B 450 -15.76 13.71 -27.86
CA LEU B 450 -16.10 12.79 -28.95
C LEU B 450 -17.63 12.71 -29.15
N ARG B 451 -18.43 12.94 -28.08
CA ARG B 451 -19.91 13.04 -28.19
C ARG B 451 -20.28 14.16 -29.18
N LYS B 452 -19.61 15.32 -28.99
CA LYS B 452 -19.80 16.51 -29.84
C LYS B 452 -19.21 16.27 -31.25
N LYS B 453 -18.11 15.50 -31.30
CA LYS B 453 -17.38 15.17 -32.55
C LYS B 453 -18.17 14.16 -33.42
N GLY B 454 -19.12 13.45 -32.78
CA GLY B 454 -20.00 12.49 -33.47
C GLY B 454 -19.52 11.05 -33.36
N ILE B 455 -18.58 10.79 -32.45
CA ILE B 455 -18.09 9.44 -32.13
C ILE B 455 -18.76 8.95 -30.81
N GLU B 456 -19.06 7.65 -30.74
CA GLU B 456 -19.58 7.00 -29.53
C GLU B 456 -18.41 6.33 -28.77
N VAL B 457 -18.31 6.59 -27.46
CA VAL B 457 -17.19 6.11 -26.60
C VAL B 457 -17.71 4.97 -25.69
N LEU B 458 -17.13 3.74 -25.81
CA LEU B 458 -17.50 2.62 -24.91
C LEU B 458 -17.11 2.96 -23.46
N LEU B 459 -17.97 2.61 -22.50
CA LEU B 459 -17.72 2.82 -21.07
C LEU B 459 -17.05 1.56 -20.48
N LEU B 460 -15.71 1.50 -20.56
CA LEU B 460 -14.93 0.48 -19.84
C LEU B 460 -14.82 0.96 -18.39
N SER B 461 -15.77 0.48 -17.58
CA SER B 461 -16.02 0.94 -16.22
C SER B 461 -16.15 -0.29 -15.29
N ASP B 462 -15.69 -1.44 -15.80
CA ASP B 462 -15.86 -2.77 -15.19
C ASP B 462 -14.48 -3.34 -14.86
N ARG B 463 -14.38 -4.05 -13.71
CA ARG B 463 -13.09 -4.51 -13.12
C ARG B 463 -12.15 -5.14 -14.17
N ILE B 464 -12.65 -6.14 -14.90
CA ILE B 464 -11.81 -6.97 -15.78
C ILE B 464 -11.92 -6.55 -17.27
N ASP B 465 -12.82 -5.58 -17.57
CA ASP B 465 -13.13 -5.16 -18.96
C ASP B 465 -11.88 -4.56 -19.65
N GLU B 466 -11.18 -3.68 -18.92
CA GLU B 466 -9.94 -3.02 -19.40
C GLU B 466 -8.82 -4.06 -19.68
N TRP B 467 -8.87 -5.22 -19.00
CA TRP B 467 -7.94 -6.32 -19.21
C TRP B 467 -8.26 -6.99 -20.55
N MET B 468 -9.54 -7.41 -20.71
CA MET B 468 -10.04 -8.17 -21.88
C MET B 468 -9.75 -7.43 -23.21
N MET B 469 -10.16 -6.16 -23.25
CA MET B 469 -10.10 -5.32 -24.48
C MET B 469 -8.67 -4.89 -24.84
N ASN B 470 -7.69 -5.32 -24.02
CA ASN B 470 -6.25 -5.07 -24.27
C ASN B 470 -5.66 -6.12 -25.23
N TYR B 471 -6.22 -7.35 -25.23
CA TYR B 471 -5.88 -8.38 -26.26
C TYR B 471 -6.89 -8.35 -27.42
N LEU B 472 -8.06 -7.67 -27.22
CA LEU B 472 -8.86 -7.22 -28.37
C LEU B 472 -8.13 -6.07 -29.05
N THR B 473 -7.19 -6.44 -29.92
CA THR B 473 -6.42 -5.51 -30.73
C THR B 473 -7.19 -5.15 -32.00
N GLU B 474 -8.02 -6.10 -32.50
CA GLU B 474 -8.84 -5.91 -33.71
C GLU B 474 -10.04 -6.88 -33.71
N PHE B 475 -11.17 -6.37 -34.26
CA PHE B 475 -12.42 -7.10 -34.45
C PHE B 475 -12.96 -6.77 -35.86
N ASP B 476 -12.94 -7.77 -36.76
CA ASP B 476 -13.59 -7.73 -38.09
C ASP B 476 -12.97 -6.65 -39.02
N GLY B 477 -11.65 -6.39 -38.83
CA GLY B 477 -10.91 -5.38 -39.62
C GLY B 477 -10.91 -4.00 -38.96
N LYS B 478 -11.62 -3.87 -37.83
CA LYS B 478 -11.72 -2.64 -37.03
C LYS B 478 -10.87 -2.78 -35.75
N PRO B 479 -9.64 -2.17 -35.69
CA PRO B 479 -8.76 -2.23 -34.49
C PRO B 479 -9.23 -1.28 -33.38
N PHE B 480 -8.83 -1.56 -32.13
CA PHE B 480 -9.34 -0.84 -30.93
C PHE B 480 -8.41 0.31 -30.52
N GLN B 481 -8.98 1.34 -29.86
CA GLN B 481 -8.26 2.61 -29.55
C GLN B 481 -8.83 3.25 -28.25
N SER B 482 -7.97 3.46 -27.23
CA SER B 482 -8.35 4.19 -26.00
C SER B 482 -8.09 5.71 -26.18
N VAL B 483 -9.08 6.54 -25.78
CA VAL B 483 -9.10 7.99 -26.08
C VAL B 483 -8.55 8.84 -24.91
N SER B 484 -7.79 8.19 -24.02
CA SER B 484 -7.28 8.78 -22.76
C SER B 484 -6.36 10.01 -23.00
N LYS B 485 -5.63 10.02 -24.13
CA LYS B 485 -4.71 11.12 -24.49
C LYS B 485 -5.36 12.12 -25.46
N VAL B 486 -4.71 13.29 -25.64
CA VAL B 486 -5.14 14.33 -26.59
C VAL B 486 -3.94 15.26 -26.92
N ASP B 487 -3.77 15.53 -28.23
CA ASP B 487 -2.66 16.32 -28.83
C ASP B 487 -2.91 16.39 -30.35
N GLU B 488 -2.36 17.41 -31.07
CA GLU B 488 -2.58 17.54 -32.53
C GLU B 488 -1.35 17.07 -33.36
N SER B 489 -0.14 17.57 -33.02
CA SER B 489 1.11 17.14 -33.69
C SER B 489 1.96 16.28 -32.73
N LEU B 490 2.94 16.92 -32.02
CA LEU B 490 3.52 16.39 -30.78
C LEU B 490 4.10 17.55 -29.95
N GLU B 491 4.70 18.53 -30.68
CA GLU B 491 5.19 19.79 -30.07
C GLU B 491 4.00 20.68 -29.63
N LYS B 492 2.78 20.36 -30.14
CA LYS B 492 1.53 21.07 -29.76
C LYS B 492 1.20 20.91 -28.27
N LEU B 493 1.78 19.89 -27.61
CA LEU B 493 1.71 19.73 -26.13
C LEU B 493 2.28 21.01 -25.46
N ALA B 494 3.34 21.58 -26.07
CA ALA B 494 4.06 22.75 -25.57
C ALA B 494 4.03 23.96 -26.55
N ASP B 495 3.19 23.93 -27.62
CA ASP B 495 3.16 25.01 -28.67
C ASP B 495 1.90 25.90 -28.63
N GLU B 496 0.71 25.28 -28.50
CA GLU B 496 -0.60 26.00 -28.56
C GLU B 496 -1.03 26.42 -27.14
N VAL B 497 -0.08 26.98 -26.41
CA VAL B 497 -0.11 27.03 -24.95
C VAL B 497 -0.39 28.45 -24.41
N ASP B 498 -1.51 29.02 -24.90
CA ASP B 498 -2.00 30.36 -24.53
C ASP B 498 -1.01 31.45 -25.01
N GLU B 499 0.04 31.73 -24.20
CA GLU B 499 1.14 32.64 -24.56
C GLU B 499 2.40 32.29 -23.73
N SER B 500 2.39 31.08 -23.12
CA SER B 500 3.44 30.61 -22.20
C SER B 500 4.81 30.52 -22.90
N ALA B 501 5.60 31.60 -22.78
CA ALA B 501 6.94 31.71 -23.36
C ALA B 501 8.01 31.50 -22.29
N LYS B 502 9.29 31.66 -22.70
CA LYS B 502 10.43 31.56 -21.77
C LYS B 502 10.42 32.76 -20.79
N GLU B 503 9.68 33.82 -21.15
CA GLU B 503 9.51 35.02 -20.33
C GLU B 503 8.86 34.70 -18.99
N ALA B 504 7.77 33.93 -19.05
CA ALA B 504 7.09 33.40 -17.84
C ALA B 504 8.06 32.49 -17.06
N GLU B 505 8.78 31.64 -17.82
CA GLU B 505 9.69 30.62 -17.28
C GLU B 505 10.94 31.22 -16.59
N LYS B 506 11.22 32.52 -16.86
CA LYS B 506 12.26 33.28 -16.12
C LYS B 506 11.91 33.35 -14.63
N ALA B 507 10.60 33.47 -14.33
CA ALA B 507 10.06 33.49 -12.95
C ALA B 507 9.75 32.07 -12.44
N LEU B 508 9.37 31.18 -13.38
CA LEU B 508 8.93 29.81 -13.05
C LEU B 508 10.08 28.88 -12.65
N THR B 509 11.30 29.11 -13.17
CA THR B 509 12.47 28.26 -12.83
C THR B 509 13.01 28.53 -11.39
N PRO B 510 13.07 29.83 -10.89
CA PRO B 510 13.22 30.11 -9.44
C PRO B 510 12.07 29.51 -8.61
N PHE B 511 10.85 29.50 -9.17
CA PHE B 511 9.67 28.89 -8.53
C PHE B 511 9.84 27.36 -8.41
N ILE B 512 10.53 26.72 -9.39
CA ILE B 512 10.93 25.29 -9.31
C ILE B 512 11.81 25.08 -8.08
N ASP B 513 12.81 25.96 -7.91
CA ASP B 513 13.75 25.92 -6.78
C ASP B 513 13.03 26.12 -5.44
N ARG B 514 12.00 27.00 -5.43
CA ARG B 514 11.18 27.27 -4.23
C ARG B 514 10.44 26.00 -3.79
N VAL B 515 9.75 25.35 -4.74
CA VAL B 515 8.94 24.13 -4.50
C VAL B 515 9.84 22.94 -4.05
N LYS B 516 10.99 22.81 -4.72
CA LYS B 516 11.99 21.76 -4.43
C LYS B 516 12.59 21.93 -3.03
N ALA B 517 12.94 23.17 -2.68
CA ALA B 517 13.56 23.50 -1.38
C ALA B 517 12.52 23.57 -0.24
N LEU B 518 11.25 23.80 -0.61
CA LEU B 518 10.12 23.90 0.36
C LEU B 518 9.81 22.52 0.95
N LEU B 519 9.67 21.53 0.07
CA LEU B 519 9.17 20.18 0.44
C LEU B 519 10.28 19.09 0.36
N GLY B 520 11.48 19.47 -0.12
CA GLY B 520 12.67 18.59 -0.11
C GLY B 520 12.68 17.55 -1.23
N GLU B 521 12.89 16.27 -0.85
CA GLU B 521 13.06 15.15 -1.83
C GLU B 521 11.93 14.12 -1.70
N ARG B 522 10.70 14.63 -1.49
CA ARG B 522 9.47 13.83 -1.69
C ARG B 522 9.28 13.55 -3.22
N VAL B 523 9.80 14.49 -4.04
CA VAL B 523 9.70 14.49 -5.51
C VAL B 523 11.12 14.66 -6.07
N LYS B 524 11.39 13.98 -7.21
CA LYS B 524 12.73 13.94 -7.82
C LYS B 524 12.99 15.20 -8.64
N ASP B 525 11.96 15.68 -9.36
CA ASP B 525 12.08 16.86 -10.25
C ASP B 525 10.71 17.54 -10.41
N VAL B 526 10.73 18.89 -10.45
CA VAL B 526 9.52 19.73 -10.60
C VAL B 526 9.69 20.58 -11.87
N ARG B 527 8.72 20.50 -12.80
CA ARG B 527 8.75 21.27 -14.07
C ARG B 527 7.47 22.12 -14.19
N LEU B 528 7.61 23.38 -14.63
CA LEU B 528 6.45 24.20 -15.01
C LEU B 528 6.24 24.03 -16.52
N THR B 529 5.45 23.00 -16.89
CA THR B 529 5.17 22.64 -18.29
C THR B 529 3.87 23.30 -18.76
N HIS B 530 3.61 23.25 -20.06
CA HIS B 530 2.61 24.12 -20.70
C HIS B 530 1.37 23.32 -21.16
N ARG B 531 1.23 22.08 -20.66
CA ARG B 531 0.01 21.25 -20.84
C ARG B 531 -1.25 22.01 -20.35
N LEU B 532 -2.09 22.50 -21.30
CA LEU B 532 -3.26 23.37 -21.01
C LEU B 532 -4.23 22.70 -20.00
N THR B 533 -5.00 21.69 -20.48
CA THR B 533 -6.01 20.92 -19.66
C THR B 533 -6.89 21.86 -18.77
N ASP B 534 -7.51 21.34 -17.69
CA ASP B 534 -8.16 22.17 -16.66
C ASP B 534 -7.61 21.82 -15.26
N THR B 535 -6.87 20.71 -15.19
CA THR B 535 -6.23 20.25 -13.96
C THR B 535 -4.95 21.10 -13.72
N PRO B 536 -4.80 21.75 -12.52
CA PRO B 536 -3.67 22.66 -12.25
C PRO B 536 -2.30 21.96 -12.33
N ALA B 537 -2.26 20.74 -11.79
CA ALA B 537 -1.02 19.96 -11.66
C ALA B 537 -1.26 18.49 -12.04
N ILE B 538 -0.24 17.88 -12.65
CA ILE B 538 -0.23 16.48 -13.06
C ILE B 538 1.22 15.98 -12.98
N VAL B 539 1.42 14.70 -12.63
CA VAL B 539 2.77 14.10 -12.62
C VAL B 539 2.95 13.14 -13.81
N SER B 540 4.20 13.01 -14.30
CA SER B 540 4.54 12.14 -15.44
C SER B 540 5.29 10.88 -14.98
N THR B 541 5.21 9.80 -15.80
CA THR B 541 5.83 8.49 -15.49
C THR B 541 6.69 8.00 -16.67
N ASP B 542 7.72 7.22 -16.33
CA ASP B 542 8.60 6.55 -17.29
C ASP B 542 8.13 5.11 -17.53
N ALA B 543 8.05 4.32 -16.44
CA ALA B 543 7.57 2.93 -16.49
C ALA B 543 6.37 2.77 -15.53
N ASP B 544 6.11 1.51 -15.09
CA ASP B 544 4.93 1.15 -14.28
C ASP B 544 4.92 1.92 -12.92
N GLU B 545 4.03 2.96 -12.88
CA GLU B 545 3.88 3.90 -11.76
C GLU B 545 5.24 4.57 -11.46
N MET B 546 5.93 4.99 -12.54
CA MET B 546 7.35 5.39 -12.51
C MET B 546 8.25 4.18 -12.18
N SER B 547 8.17 3.74 -10.93
CA SER B 547 9.09 2.78 -10.34
C SER B 547 8.47 2.15 -9.07
N THR B 548 7.18 1.77 -9.15
CA THR B 548 6.49 1.09 -8.02
C THR B 548 6.23 -0.40 -8.37
N GLN B 549 6.82 -0.91 -9.48
CA GLN B 549 6.46 -2.23 -10.00
C GLN B 549 7.44 -2.74 -11.12
N MET B 550 8.62 -3.28 -10.68
CA MET B 550 9.66 -3.95 -11.54
C MET B 550 10.95 -4.17 -10.73
N ALA B 551 11.86 -5.05 -11.23
CA ALA B 551 13.15 -5.38 -10.59
C ALA B 551 14.08 -4.15 -10.46
N LYS B 552 14.40 -3.51 -11.61
CA LYS B 552 15.21 -2.26 -11.66
C LYS B 552 14.53 -1.16 -10.84
N LEU B 553 13.20 -1.15 -10.94
CA LEU B 553 12.35 -0.17 -10.29
C LEU B 553 12.16 -0.46 -8.78
N PHE B 554 12.96 -1.38 -8.20
CA PHE B 554 13.08 -1.58 -6.73
C PHE B 554 14.55 -1.80 -6.28
N ALA B 555 15.47 -1.96 -7.25
CA ALA B 555 16.89 -2.28 -6.97
C ALA B 555 17.78 -1.02 -6.79
N ALA B 556 17.15 0.14 -6.51
CA ALA B 556 17.85 1.43 -6.37
C ALA B 556 18.26 1.72 -4.90
N ALA B 557 17.27 2.05 -4.04
CA ALA B 557 17.53 2.41 -2.60
C ALA B 557 16.82 1.43 -1.64
N GLY B 558 15.84 0.66 -2.17
CA GLY B 558 15.17 -0.39 -1.40
C GLY B 558 14.02 0.10 -0.52
N GLN B 559 13.79 1.43 -0.49
CA GLN B 559 12.69 2.05 0.30
C GLN B 559 11.41 2.06 -0.59
N LYS B 560 10.81 3.25 -0.86
CA LYS B 560 9.79 3.41 -1.90
C LYS B 560 10.47 3.63 -3.28
N VAL B 561 11.83 3.56 -3.32
CA VAL B 561 12.70 3.88 -4.48
C VAL B 561 12.71 5.40 -4.83
N PRO B 562 13.92 6.01 -5.13
CA PRO B 562 14.04 7.44 -5.56
C PRO B 562 13.45 7.71 -6.96
N GLU B 563 13.52 6.69 -7.83
CA GLU B 563 12.95 6.74 -9.18
C GLU B 563 11.42 6.95 -9.11
N VAL B 564 10.78 6.35 -8.07
CA VAL B 564 9.30 6.39 -7.89
C VAL B 564 8.81 7.84 -7.77
N LYS B 565 9.70 8.74 -7.28
CA LYS B 565 9.38 10.14 -7.09
C LYS B 565 9.03 10.77 -8.44
N TYR B 566 7.74 11.01 -8.64
CA TYR B 566 7.16 11.43 -9.92
C TYR B 566 7.62 12.84 -10.29
N ILE B 567 7.58 13.15 -11.59
CA ILE B 567 7.98 14.46 -12.09
C ILE B 567 6.75 15.40 -11.94
N PHE B 568 6.85 16.33 -10.96
CA PHE B 568 5.73 17.22 -10.58
C PHE B 568 5.63 18.40 -11.54
N GLU B 569 4.63 18.34 -12.42
CA GLU B 569 4.40 19.35 -13.44
C GLU B 569 3.15 20.20 -13.10
N LEU B 570 3.26 21.54 -13.30
CA LEU B 570 2.14 22.49 -13.11
C LEU B 570 1.94 23.29 -14.41
N ASN B 571 0.71 23.79 -14.64
CA ASN B 571 0.38 24.61 -15.83
C ASN B 571 0.24 26.10 -15.42
N PRO B 572 1.16 27.01 -15.88
CA PRO B 572 1.15 28.46 -15.52
C PRO B 572 -0.08 29.20 -16.07
N ASP B 573 -0.72 28.60 -17.09
CA ASP B 573 -1.93 29.11 -17.74
C ASP B 573 -3.16 29.07 -16.78
N HIS B 574 -3.19 28.08 -15.86
CA HIS B 574 -4.36 27.86 -14.99
C HIS B 574 -4.35 28.76 -13.73
N VAL B 575 -5.57 29.17 -13.28
CA VAL B 575 -5.80 30.12 -12.15
C VAL B 575 -5.11 29.68 -10.84
N LEU B 576 -5.31 28.40 -10.46
CA LEU B 576 -4.88 27.89 -9.14
C LEU B 576 -3.33 27.80 -9.00
N VAL B 577 -2.64 27.61 -10.14
CA VAL B 577 -1.16 27.62 -10.19
C VAL B 577 -0.65 29.07 -10.07
N LYS B 578 -1.34 29.99 -10.76
CA LYS B 578 -1.06 31.44 -10.70
C LYS B 578 -1.25 31.97 -9.27
N ARG B 579 -2.27 31.44 -8.57
CA ARG B 579 -2.60 31.82 -7.19
C ARG B 579 -1.56 31.24 -6.21
N ALA B 580 -1.05 30.03 -6.52
CA ALA B 580 -0.02 29.35 -5.71
C ALA B 580 1.36 30.01 -5.87
N ALA B 581 1.59 30.65 -7.03
CA ALA B 581 2.84 31.35 -7.36
C ALA B 581 2.80 32.81 -6.91
N ASP B 582 1.58 33.38 -6.82
CA ASP B 582 1.36 34.78 -6.40
C ASP B 582 1.46 34.92 -4.88
N THR B 583 1.20 33.83 -4.14
CA THR B 583 1.30 33.82 -2.68
C THR B 583 2.78 33.92 -2.25
N GLU B 584 3.13 35.06 -1.63
CA GLU B 584 4.49 35.29 -1.07
C GLU B 584 4.58 34.70 0.35
N ASP B 585 3.44 34.76 1.10
CA ASP B 585 3.32 34.19 2.46
C ASP B 585 3.65 32.69 2.45
N GLU B 586 4.63 32.30 3.28
CA GLU B 586 5.17 30.92 3.32
C GLU B 586 4.10 29.89 3.74
N ALA B 587 3.15 30.31 4.59
CA ALA B 587 2.12 29.43 5.15
C ALA B 587 1.11 28.99 4.08
N LYS B 588 0.55 29.97 3.36
CA LYS B 588 -0.40 29.71 2.26
C LYS B 588 0.33 29.26 0.98
N PHE B 589 1.63 29.62 0.85
CA PHE B 589 2.47 29.14 -0.26
C PHE B 589 2.60 27.62 -0.17
N SER B 590 2.90 27.12 1.04
CA SER B 590 2.94 25.68 1.34
C SER B 590 1.55 25.05 1.10
N GLU B 591 0.51 25.67 1.69
CA GLU B 591 -0.89 25.18 1.65
C GLU B 591 -1.34 24.87 0.19
N TRP B 592 -0.94 25.76 -0.73
CA TRP B 592 -1.27 25.68 -2.17
C TRP B 592 -0.34 24.77 -2.97
N VAL B 593 0.99 24.92 -2.81
CA VAL B 593 2.01 24.13 -3.55
C VAL B 593 1.86 22.62 -3.25
N GLU B 594 1.68 22.32 -1.95
CA GLU B 594 1.40 20.95 -1.47
C GLU B 594 0.03 20.45 -1.97
N LEU B 595 -0.98 21.35 -2.00
CA LEU B 595 -2.35 21.00 -2.48
C LEU B 595 -2.29 20.44 -3.90
N LEU B 596 -1.54 21.16 -4.76
CA LEU B 596 -1.38 20.79 -6.18
C LEU B 596 -0.53 19.51 -6.32
N LEU B 597 0.49 19.39 -5.45
CA LEU B 597 1.41 18.23 -5.44
C LEU B 597 0.68 16.93 -5.12
N ASP B 598 0.07 16.89 -3.95
CA ASP B 598 -0.65 15.73 -3.44
C ASP B 598 -1.82 15.36 -4.36
N GLN B 599 -2.48 16.38 -4.94
CA GLN B 599 -3.55 16.18 -5.95
C GLN B 599 -3.03 15.37 -7.16
N ALA B 600 -1.84 15.76 -7.66
CA ALA B 600 -1.19 15.13 -8.83
C ALA B 600 -0.71 13.68 -8.54
N LEU B 601 0.01 13.53 -7.43
CA LEU B 601 0.64 12.24 -7.02
C LEU B 601 -0.47 11.21 -6.72
N LEU B 602 -1.54 11.68 -6.07
CA LEU B 602 -2.73 10.89 -5.71
C LEU B 602 -3.53 10.48 -6.96
N ALA B 603 -3.37 11.26 -8.06
CA ALA B 603 -3.99 10.93 -9.36
C ALA B 603 -3.30 9.72 -9.99
N GLU B 604 -1.99 9.59 -9.71
CA GLU B 604 -1.10 8.60 -10.36
C GLU B 604 -0.93 7.31 -9.54
N ARG B 605 -0.97 7.45 -8.20
CA ARG B 605 -0.70 6.34 -7.25
C ARG B 605 -1.99 5.91 -6.57
N GLY B 606 -2.79 6.91 -6.17
CA GLY B 606 -3.83 6.69 -5.19
C GLY B 606 -3.24 6.53 -3.77
N THR B 607 -2.02 7.07 -3.54
CA THR B 607 -1.34 6.97 -2.22
C THR B 607 -0.48 8.23 -1.97
N LEU B 608 -0.50 8.73 -0.71
CA LEU B 608 0.32 9.89 -0.27
C LEU B 608 1.17 9.50 0.94
N GLU B 609 2.22 10.31 1.25
CA GLU B 609 3.10 10.10 2.42
C GLU B 609 2.28 10.30 3.72
N ASP B 610 1.53 11.42 3.73
CA ASP B 610 0.48 11.70 4.71
C ASP B 610 -0.67 12.47 4.00
N PRO B 611 -1.90 11.88 3.94
CA PRO B 611 -3.05 12.52 3.28
C PRO B 611 -3.79 13.53 4.18
N ASN B 612 -3.56 13.49 5.49
CA ASN B 612 -4.32 14.28 6.48
C ASN B 612 -3.93 15.77 6.44
N LEU B 613 -2.67 16.05 6.05
CA LEU B 613 -2.20 17.40 5.73
C LEU B 613 -3.01 17.91 4.50
N PHE B 614 -3.23 17.03 3.50
CA PHE B 614 -3.96 17.35 2.25
C PHE B 614 -5.44 17.66 2.52
N ILE B 615 -6.07 16.92 3.47
CA ILE B 615 -7.45 17.19 3.92
C ILE B 615 -7.52 18.60 4.56
N ARG B 616 -6.50 18.96 5.36
CA ARG B 616 -6.39 20.31 5.97
C ARG B 616 -6.36 21.40 4.88
N ARG B 617 -5.52 21.17 3.84
CA ARG B 617 -5.33 22.11 2.72
C ARG B 617 -6.65 22.36 1.99
N MET B 618 -7.37 21.26 1.68
CA MET B 618 -8.65 21.31 0.94
C MET B 618 -9.68 22.14 1.72
N ASN B 619 -10.06 21.65 2.92
CA ASN B 619 -11.14 22.25 3.72
C ASN B 619 -10.81 23.71 4.12
N GLN B 620 -9.52 24.04 4.31
CA GLN B 620 -9.07 25.41 4.67
C GLN B 620 -9.28 26.37 3.48
N LEU B 621 -8.82 25.93 2.29
CA LEU B 621 -8.88 26.75 1.06
C LEU B 621 -10.28 26.71 0.41
N LEU B 622 -11.20 25.89 0.97
CA LEU B 622 -12.62 25.89 0.60
C LEU B 622 -13.43 26.82 1.53
N VAL B 623 -13.22 26.71 2.86
CA VAL B 623 -14.01 27.47 3.86
C VAL B 623 -13.57 28.95 3.94
N SER B 624 -12.27 29.19 3.70
CA SER B 624 -11.66 30.53 3.74
C SER B 624 -11.42 31.03 2.29
N MET C 1 -18.69 11.18 34.70
CA MET C 1 -17.77 12.17 34.10
C MET C 1 -16.31 11.67 34.21
N ALA C 2 -15.37 12.38 33.55
CA ALA C 2 -13.94 12.02 33.56
C ALA C 2 -13.09 13.29 33.58
N THR C 3 -12.27 13.45 34.65
CA THR C 3 -11.41 14.63 34.85
C THR C 3 -10.36 14.76 33.72
N SER C 4 -9.52 13.72 33.59
CA SER C 4 -8.48 13.64 32.56
C SER C 4 -8.69 12.39 31.73
N THR C 5 -9.26 12.57 30.53
CA THR C 5 -9.45 11.51 29.53
C THR C 5 -8.81 11.95 28.22
N LEU C 6 -8.08 11.02 27.57
CA LEU C 6 -7.40 11.28 26.30
C LEU C 6 -8.43 11.28 25.15
N ILE C 7 -8.16 12.07 24.11
CA ILE C 7 -9.09 12.34 23.01
C ILE C 7 -8.69 11.63 21.70
N LYS C 8 -9.51 11.85 20.67
CA LYS C 8 -9.30 11.33 19.32
C LYS C 8 -8.66 12.42 18.45
N ALA C 9 -7.32 12.35 18.32
CA ALA C 9 -6.52 13.31 17.53
C ALA C 9 -5.31 12.61 16.92
N ILE C 10 -4.42 13.41 16.31
CA ILE C 10 -3.20 12.95 15.63
C ILE C 10 -3.59 12.03 14.45
N ASP C 11 -4.27 12.68 13.50
CA ASP C 11 -4.66 12.08 12.23
C ASP C 11 -3.39 11.87 11.39
N GLY C 12 -2.94 10.61 11.30
CA GLY C 12 -1.69 10.26 10.62
C GLY C 12 -1.87 9.08 9.69
N ASP C 13 -0.75 8.41 9.36
CA ASP C 13 -0.73 7.27 8.44
C ASP C 13 -1.14 5.98 9.20
N THR C 14 -0.27 5.49 10.11
CA THR C 14 -0.53 4.30 10.92
C THR C 14 -1.26 4.68 12.23
N VAL C 15 -2.53 4.26 12.34
CA VAL C 15 -3.31 4.36 13.58
C VAL C 15 -2.82 3.30 14.58
N LYS C 16 -2.66 3.72 15.87
CA LYS C 16 -2.09 2.87 16.96
C LYS C 16 -0.59 2.64 16.72
N LEU C 17 0.26 3.52 17.31
CA LEU C 17 1.75 3.47 17.19
C LEU C 17 2.22 3.71 15.72
N MET C 18 3.54 3.83 15.52
CA MET C 18 4.14 4.12 14.19
C MET C 18 4.37 2.82 13.38
N TYR C 19 5.24 2.88 12.35
CA TYR C 19 5.66 1.69 11.58
C TYR C 19 6.41 0.71 12.52
N LYS C 20 6.20 -0.60 12.35
CA LYS C 20 6.75 -1.63 13.23
C LYS C 20 8.22 -1.95 12.85
N GLY C 21 9.16 -1.14 13.42
CA GLY C 21 10.60 -1.22 13.09
C GLY C 21 11.32 -2.32 13.87
N GLN C 22 11.71 -3.40 13.17
CA GLN C 22 12.39 -4.56 13.77
C GLN C 22 13.92 -4.61 13.46
N PRO C 23 14.39 -4.63 12.14
CA PRO C 23 15.82 -4.79 11.83
C PRO C 23 16.62 -3.47 12.01
N MET C 24 16.94 -3.16 13.29
CA MET C 24 17.66 -1.93 13.69
C MET C 24 18.18 -2.07 15.13
N THR C 25 18.22 -3.31 15.64
CA THR C 25 18.54 -3.63 17.05
C THR C 25 19.83 -4.47 17.11
N PHE C 26 20.73 -4.19 18.09
CA PHE C 26 21.93 -5.03 18.36
C PHE C 26 22.49 -4.79 19.78
N ARG C 27 21.69 -4.15 20.64
CA ARG C 27 22.05 -3.73 22.01
C ARG C 27 23.42 -3.00 22.10
N LEU C 28 23.39 -1.68 21.84
CA LEU C 28 24.49 -0.75 22.16
C LEU C 28 23.86 0.50 22.80
N LEU C 29 24.37 0.89 23.98
CA LEU C 29 23.82 2.04 24.73
C LEU C 29 24.87 2.56 25.73
N LEU C 30 24.73 3.84 26.08
CA LEU C 30 25.59 4.54 27.04
C LEU C 30 25.37 4.06 28.49
N VAL C 31 26.30 3.23 28.99
CA VAL C 31 26.26 2.67 30.34
C VAL C 31 27.26 3.39 31.27
N ASP C 32 26.73 3.96 32.37
CA ASP C 32 27.52 4.53 33.48
C ASP C 32 26.57 4.89 34.66
N THR C 33 25.29 4.49 34.53
CA THR C 33 24.20 4.92 35.43
C THR C 33 23.45 3.69 36.01
N PRO C 34 23.26 3.59 37.37
CA PRO C 34 22.67 2.41 38.03
C PRO C 34 21.20 2.57 38.50
N GLU C 35 20.42 3.48 37.87
CA GLU C 35 19.04 3.76 38.32
C GLU C 35 18.03 2.72 37.77
N THR C 36 16.72 3.03 37.95
CA THR C 36 15.57 2.21 37.50
C THR C 36 15.43 0.93 38.36
N LYS C 37 14.27 0.82 39.05
CA LYS C 37 13.96 -0.33 39.92
C LYS C 37 12.80 -1.12 39.31
N HIS C 38 12.92 -2.46 39.32
CA HIS C 38 11.90 -3.38 38.79
C HIS C 38 10.68 -3.43 39.72
N PRO C 39 9.48 -2.95 39.28
CA PRO C 39 8.29 -2.90 40.15
C PRO C 39 7.57 -4.27 40.26
N LYS C 40 6.79 -4.43 41.33
CA LYS C 40 5.95 -5.62 41.58
C LYS C 40 4.49 -5.29 41.26
N LYS C 41 3.70 -6.31 40.85
CA LYS C 41 2.27 -6.13 40.47
C LYS C 41 1.47 -5.60 41.68
N GLY C 42 0.46 -4.75 41.40
CA GLY C 42 -0.27 -4.02 42.44
C GLY C 42 -0.88 -4.89 43.52
N VAL C 43 -1.55 -5.98 43.09
CA VAL C 43 -2.29 -6.91 43.97
C VAL C 43 -3.36 -6.14 44.78
N GLU C 44 -4.57 -6.10 44.24
CA GLU C 44 -5.71 -5.35 44.80
C GLU C 44 -7.02 -6.05 44.42
N LYS C 45 -8.15 -5.38 44.70
CA LYS C 45 -9.48 -5.85 44.30
C LYS C 45 -10.36 -4.64 43.97
N TYR C 46 -11.62 -4.92 43.63
CA TYR C 46 -12.65 -3.91 43.37
C TYR C 46 -14.01 -4.45 43.84
N GLY C 47 -15.04 -3.62 43.72
CA GLY C 47 -16.42 -4.02 43.98
C GLY C 47 -17.36 -2.82 44.03
N PRO C 48 -17.41 -1.95 42.96
CA PRO C 48 -18.24 -0.73 42.97
C PRO C 48 -19.71 -1.03 42.62
N GLU C 49 -20.61 -0.44 43.42
CA GLU C 49 -22.06 -0.50 43.19
C GLU C 49 -22.51 0.89 42.69
N ALA C 50 -22.96 0.95 41.42
CA ALA C 50 -23.46 2.19 40.81
C ALA C 50 -24.73 1.88 39.99
N SER C 51 -25.88 1.83 40.68
CA SER C 51 -27.20 1.67 40.05
C SER C 51 -27.86 3.05 39.83
N ALA C 52 -27.04 4.01 39.36
CA ALA C 52 -27.48 5.41 39.11
C ALA C 52 -28.62 5.46 38.06
N PHE C 53 -29.82 5.85 38.52
CA PHE C 53 -31.01 6.01 37.68
C PHE C 53 -30.74 7.03 36.57
N THR C 54 -30.65 6.53 35.34
CA THR C 54 -30.51 7.36 34.15
C THR C 54 -31.80 8.16 33.94
N LYS C 55 -31.66 9.49 33.78
CA LYS C 55 -32.79 10.42 33.68
C LYS C 55 -33.56 10.24 32.35
N LYS C 56 -34.64 11.01 32.18
CA LYS C 56 -35.63 10.85 31.09
C LYS C 56 -35.04 11.25 29.72
N MET C 57 -34.27 10.31 29.13
CA MET C 57 -33.53 10.48 27.86
C MET C 57 -33.66 9.20 27.02
N VAL C 58 -33.65 9.34 25.69
CA VAL C 58 -33.75 8.21 24.76
C VAL C 58 -33.24 8.61 23.35
N GLU C 59 -31.93 8.38 23.11
CA GLU C 59 -31.26 8.59 21.82
C GLU C 59 -30.67 7.26 21.33
N ASN C 60 -31.37 6.61 20.39
CA ASN C 60 -30.94 5.34 19.78
C ASN C 60 -31.72 5.07 18.48
N ALA C 61 -31.03 4.45 17.50
CA ALA C 61 -31.60 4.11 16.19
C ALA C 61 -30.60 3.25 15.40
N LYS C 62 -29.36 3.76 15.31
CA LYS C 62 -28.29 3.17 14.50
C LYS C 62 -27.68 1.93 15.19
N LYS C 63 -28.14 0.75 14.74
CA LYS C 63 -27.56 -0.55 15.13
C LYS C 63 -27.12 -1.28 13.84
N ILE C 64 -25.91 -1.86 13.85
CA ILE C 64 -25.42 -2.71 12.77
C ILE C 64 -24.53 -3.83 13.36
N GLU C 65 -25.03 -5.08 13.27
CA GLU C 65 -24.30 -6.28 13.68
C GLU C 65 -24.10 -7.16 12.43
N VAL C 66 -22.87 -7.20 11.92
CA VAL C 66 -22.49 -8.01 10.76
C VAL C 66 -20.96 -8.19 10.72
N GLU C 67 -20.52 -9.41 10.35
CA GLU C 67 -19.09 -9.74 10.17
C GLU C 67 -18.91 -10.39 8.78
N PHE C 68 -17.66 -10.40 8.29
CA PHE C 68 -17.26 -11.14 7.07
C PHE C 68 -15.88 -11.76 7.31
N ASP C 69 -15.84 -13.10 7.32
CA ASP C 69 -14.59 -13.86 7.45
C ASP C 69 -13.81 -13.94 6.13
N LYS C 70 -12.77 -14.77 6.10
CA LYS C 70 -11.91 -14.92 4.92
C LYS C 70 -12.30 -16.18 4.11
N GLY C 71 -11.71 -16.32 2.91
CA GLY C 71 -11.97 -17.47 2.04
C GLY C 71 -10.68 -18.00 1.42
N GLN C 72 -10.45 -19.32 1.55
CA GLN C 72 -9.27 -19.99 1.00
C GLN C 72 -9.36 -20.10 -0.55
N ARG C 73 -8.28 -19.72 -1.25
CA ARG C 73 -8.21 -19.76 -2.73
C ARG C 73 -7.88 -21.17 -3.27
N THR C 74 -7.94 -21.29 -4.60
CA THR C 74 -7.57 -22.51 -5.34
C THR C 74 -6.86 -22.13 -6.65
N ASP C 75 -6.27 -23.13 -7.32
CA ASP C 75 -5.51 -22.93 -8.58
C ASP C 75 -6.28 -23.52 -9.76
N LYS C 76 -6.19 -22.86 -10.93
CA LYS C 76 -6.73 -23.38 -12.19
C LYS C 76 -5.86 -22.83 -13.33
N TYR C 77 -5.28 -23.76 -14.10
CA TYR C 77 -4.39 -23.46 -15.23
C TYR C 77 -4.76 -24.34 -16.43
N GLY C 78 -4.01 -24.17 -17.53
CA GLY C 78 -4.19 -24.97 -18.75
C GLY C 78 -4.00 -24.12 -20.00
N ARG C 79 -4.60 -24.56 -21.11
CA ARG C 79 -4.49 -23.89 -22.42
C ARG C 79 -5.62 -24.41 -23.32
N GLY C 80 -6.63 -23.54 -23.59
CA GLY C 80 -7.77 -23.91 -24.44
C GLY C 80 -9.03 -23.08 -24.12
N LEU C 81 -9.27 -22.04 -24.96
CA LEU C 81 -10.41 -21.08 -24.86
C LEU C 81 -10.31 -20.20 -23.59
N ALA C 82 -10.36 -20.81 -22.39
CA ALA C 82 -9.97 -20.16 -21.12
C ALA C 82 -9.88 -21.21 -20.00
N TYR C 83 -8.67 -21.78 -19.79
CA TYR C 83 -8.40 -22.66 -18.62
C TYR C 83 -7.49 -21.92 -17.61
N ILE C 84 -6.67 -20.98 -18.13
CA ILE C 84 -5.76 -20.17 -17.31
C ILE C 84 -6.55 -19.24 -16.35
N TYR C 85 -5.95 -18.95 -15.18
CA TYR C 85 -6.44 -17.91 -14.26
C TYR C 85 -6.28 -16.51 -14.91
N ALA C 86 -7.19 -15.58 -14.58
CA ALA C 86 -7.18 -14.20 -15.12
C ALA C 86 -5.92 -13.42 -14.65
N ASP C 87 -4.81 -13.62 -15.40
CA ASP C 87 -3.49 -13.01 -15.10
C ASP C 87 -2.57 -13.15 -16.33
N GLY C 88 -1.60 -12.24 -16.46
CA GLY C 88 -0.63 -12.27 -17.55
C GLY C 88 -0.18 -10.87 -17.96
N LYS C 89 0.54 -10.77 -19.09
CA LYS C 89 0.97 -9.49 -19.66
C LYS C 89 -0.24 -8.84 -20.39
N MET C 90 -1.21 -8.39 -19.57
CA MET C 90 -2.53 -7.96 -20.05
C MET C 90 -3.19 -7.09 -18.97
N VAL C 91 -2.92 -7.42 -17.68
CA VAL C 91 -3.23 -6.52 -16.56
C VAL C 91 -2.14 -5.44 -16.52
N ASN C 92 -2.33 -4.36 -17.31
CA ASN C 92 -1.32 -3.28 -17.46
C ASN C 92 -1.92 -2.05 -18.16
N GLU C 93 -2.90 -2.30 -19.07
CA GLU C 93 -3.53 -1.28 -19.95
C GLU C 93 -2.55 -0.87 -21.09
N ALA C 94 -2.85 -1.37 -22.31
CA ALA C 94 -2.13 -1.00 -23.55
C ALA C 94 -3.16 -0.90 -24.70
N LEU C 95 -4.35 -0.37 -24.35
CA LEU C 95 -5.51 -0.28 -25.26
C LEU C 95 -5.39 0.92 -26.23
N VAL C 96 -4.29 1.70 -26.08
CA VAL C 96 -3.91 2.79 -27.02
C VAL C 96 -3.27 2.21 -28.30
N ARG C 97 -4.00 1.27 -28.93
CA ARG C 97 -3.49 0.39 -29.98
C ARG C 97 -3.63 1.09 -31.36
N GLN C 98 -2.64 1.96 -31.68
CA GLN C 98 -2.56 2.75 -32.94
C GLN C 98 -3.66 3.84 -32.99
N GLY C 99 -3.28 5.13 -33.11
CA GLY C 99 -4.22 6.25 -33.06
C GLY C 99 -4.69 6.71 -34.46
N LEU C 100 -6.02 6.65 -34.71
CA LEU C 100 -6.63 7.05 -36.00
C LEU C 100 -6.98 8.55 -35.99
N ALA C 101 -7.85 8.95 -35.03
CA ALA C 101 -8.31 10.36 -34.90
C ALA C 101 -7.34 11.25 -34.11
N LYS C 102 -6.12 10.73 -33.84
CA LYS C 102 -5.05 11.45 -33.13
C LYS C 102 -5.50 11.79 -31.68
N VAL C 103 -5.62 10.72 -30.86
CA VAL C 103 -6.10 10.79 -29.46
C VAL C 103 -5.34 9.74 -28.58
N ALA C 104 -4.11 9.39 -28.99
CA ALA C 104 -3.25 8.40 -28.27
C ALA C 104 -1.77 8.51 -28.68
N TYR C 105 -0.90 7.75 -27.97
CA TYR C 105 0.56 7.65 -28.25
C TYR C 105 1.17 6.55 -27.34
N VAL C 106 2.01 5.69 -27.95
CA VAL C 106 2.78 4.66 -27.20
C VAL C 106 4.24 5.11 -27.02
N TYR C 107 4.95 4.49 -26.06
CA TYR C 107 6.37 4.80 -25.79
C TYR C 107 7.13 3.61 -25.16
N LYS C 108 6.40 2.52 -24.85
CA LYS C 108 7.01 1.26 -24.32
C LYS C 108 7.70 0.49 -25.47
N PRO C 109 8.77 -0.35 -25.15
CA PRO C 109 9.56 -1.09 -26.18
C PRO C 109 8.75 -2.11 -27.01
N ASN C 110 9.35 -2.55 -28.13
CA ASN C 110 8.80 -3.56 -29.04
C ASN C 110 8.89 -4.97 -28.40
N ASN C 111 8.09 -5.92 -28.90
CA ASN C 111 8.10 -7.32 -28.43
C ASN C 111 9.38 -8.05 -28.91
N THR C 112 9.70 -9.22 -28.29
CA THR C 112 10.86 -10.05 -28.63
C THR C 112 10.93 -10.35 -30.15
N HIS C 113 11.71 -9.53 -30.85
CA HIS C 113 11.87 -9.56 -32.31
C HIS C 113 13.25 -8.98 -32.64
N GLU C 114 14.12 -9.83 -33.22
CA GLU C 114 15.51 -9.47 -33.51
C GLU C 114 15.59 -8.30 -34.50
N GLN C 115 16.23 -7.22 -34.05
CA GLN C 115 16.52 -6.02 -34.85
C GLN C 115 17.95 -5.56 -34.55
N HIS C 116 18.72 -5.25 -35.61
CA HIS C 116 20.08 -4.71 -35.46
C HIS C 116 20.00 -3.18 -35.47
N LEU C 117 19.37 -2.64 -34.40
CA LEU C 117 19.28 -1.18 -34.16
C LEU C 117 20.56 -0.71 -33.47
N ARG C 118 20.84 0.61 -33.57
CA ARG C 118 22.03 1.22 -32.92
C ARG C 118 21.74 1.46 -31.43
N LYS C 119 21.73 0.33 -30.70
CA LYS C 119 21.38 0.27 -29.28
C LYS C 119 22.56 0.72 -28.40
N SER C 120 22.27 1.55 -27.40
CA SER C 120 23.27 2.11 -26.48
C SER C 120 23.07 1.52 -25.07
N GLU C 121 24.19 1.11 -24.47
CA GLU C 121 24.25 0.58 -23.09
C GLU C 121 25.68 0.75 -22.57
N ALA C 122 25.82 0.96 -21.25
CA ALA C 122 27.11 1.23 -20.60
C ALA C 122 27.04 0.92 -19.10
N GLN C 123 26.10 0.03 -18.71
CA GLN C 123 26.01 -0.48 -17.34
C GLN C 123 26.93 -1.70 -17.17
N ALA C 124 27.56 -1.81 -15.99
CA ALA C 124 28.43 -2.93 -15.64
C ALA C 124 28.64 -2.97 -14.12
N LYS C 125 28.22 -4.08 -13.50
CA LYS C 125 28.40 -4.35 -12.07
C LYS C 125 28.11 -5.82 -11.77
N LYS C 126 28.29 -6.19 -10.50
CA LYS C 126 27.98 -7.53 -9.98
C LYS C 126 26.47 -7.87 -10.08
N GLU C 127 26.19 -9.16 -10.28
CA GLU C 127 24.84 -9.72 -10.35
C GLU C 127 24.78 -10.94 -9.43
N LYS C 128 23.71 -11.03 -8.62
CA LYS C 128 23.50 -12.19 -7.75
C LYS C 128 22.88 -13.33 -8.55
N LEU C 129 23.60 -14.45 -8.63
CA LEU C 129 23.15 -15.64 -9.36
C LEU C 129 22.12 -16.42 -8.51
N ASN C 130 21.24 -17.18 -9.21
CA ASN C 130 20.15 -17.97 -8.57
C ASN C 130 20.70 -19.21 -7.82
N ILE C 131 19.78 -20.04 -7.30
CA ILE C 131 20.15 -21.26 -6.55
C ILE C 131 20.87 -22.27 -7.48
N TRP C 132 22.20 -22.38 -7.29
CA TRP C 132 23.07 -23.30 -8.03
C TRP C 132 24.44 -23.40 -7.31
N MET A 1 28.61 56.33 15.58
CA MET A 1 28.37 57.06 14.31
C MET A 1 29.13 56.37 13.17
N LYS A 2 28.92 55.04 13.03
CA LYS A 2 29.45 54.25 11.89
C LYS A 2 28.32 53.36 11.35
N GLY A 3 28.57 52.75 10.18
CA GLY A 3 27.61 51.87 9.53
C GLY A 3 28.24 51.14 8.36
N GLN A 4 28.74 49.92 8.64
CA GLN A 4 29.38 49.05 7.64
C GLN A 4 29.34 47.59 8.13
N GLU A 5 28.53 46.76 7.42
CA GLU A 5 28.35 45.31 7.69
C GLU A 5 27.44 44.73 6.57
N THR A 6 26.89 43.51 6.78
CA THR A 6 25.84 42.91 5.93
C THR A 6 26.37 42.53 4.54
N ARG A 7 27.15 41.43 4.51
CA ARG A 7 27.63 40.78 3.26
C ARG A 7 27.32 39.28 3.38
N GLY A 8 26.13 38.91 2.90
CA GLY A 8 25.63 37.53 2.95
C GLY A 8 25.01 37.16 1.62
N PHE A 9 25.60 36.16 0.96
CA PHE A 9 25.19 35.70 -0.38
C PHE A 9 25.72 34.27 -0.64
N GLN A 10 26.23 33.61 0.43
CA GLN A 10 26.92 32.31 0.34
C GLN A 10 25.92 31.14 0.55
N SER A 11 25.36 30.65 -0.57
CA SER A 11 24.42 29.51 -0.59
C SER A 11 25.20 28.18 -0.45
N GLU A 12 24.50 27.12 -0.05
CA GLU A 12 25.09 25.78 0.18
C GLU A 12 24.14 24.68 -0.32
N VAL A 13 24.48 24.07 -1.49
CA VAL A 13 23.70 22.94 -2.10
C VAL A 13 24.64 21.87 -2.69
N LYS A 14 24.06 20.68 -2.93
CA LYS A 14 24.64 19.60 -3.79
C LYS A 14 26.06 19.12 -3.36
N GLN A 15 26.41 19.36 -2.08
CA GLN A 15 27.75 19.06 -1.49
C GLN A 15 28.84 19.93 -2.12
N LEU A 16 29.21 19.63 -3.39
CA LEU A 16 30.33 20.28 -4.12
C LEU A 16 30.17 21.83 -4.17
N LEU A 17 28.92 22.31 -4.33
CA LEU A 17 28.64 23.76 -4.36
C LEU A 17 28.77 24.38 -2.96
N HIS A 18 28.44 23.59 -1.90
CA HIS A 18 28.63 24.03 -0.50
C HIS A 18 30.14 24.13 -0.20
N LEU A 19 30.91 23.26 -0.87
CA LEU A 19 32.37 23.22 -0.73
C LEU A 19 32.99 24.46 -1.36
N MET A 20 32.67 24.71 -2.65
CA MET A 20 33.27 25.79 -3.46
C MET A 20 33.00 27.20 -2.88
N ILE A 21 31.75 27.47 -2.52
CA ILE A 21 31.31 28.83 -2.12
C ILE A 21 31.91 29.24 -0.74
N HIS A 22 32.07 28.26 0.17
CA HIS A 22 32.71 28.50 1.50
C HIS A 22 34.19 28.03 1.51
N SER A 23 34.71 27.60 0.34
CA SER A 23 36.17 27.40 0.11
C SER A 23 36.85 28.76 -0.14
N LEU A 24 36.03 29.77 -0.49
CA LEU A 24 36.43 31.19 -0.42
C LEU A 24 36.75 31.53 1.05
N TYR A 25 35.73 31.28 1.91
CA TYR A 25 35.81 31.40 3.39
C TYR A 25 36.02 32.87 3.84
N SER A 26 35.93 33.80 2.85
CA SER A 26 36.26 35.25 2.98
C SER A 26 37.75 35.48 3.38
N ASN A 27 38.58 34.41 3.26
CA ASN A 27 39.98 34.41 3.75
C ASN A 27 40.98 34.04 2.64
N LYS A 28 40.60 33.02 1.81
CA LYS A 28 41.45 32.42 0.74
C LYS A 28 42.59 31.54 1.31
N GLU A 29 43.33 32.07 2.33
CA GLU A 29 44.40 31.37 3.11
C GLU A 29 44.01 29.96 3.64
N ILE A 30 42.70 29.64 3.60
CA ILE A 30 42.16 28.32 3.95
C ILE A 30 42.76 27.20 3.03
N PHE A 31 43.36 27.58 1.87
CA PHE A 31 44.07 26.61 0.99
C PHE A 31 45.26 25.95 1.73
N LEU A 32 45.89 26.73 2.64
CA LEU A 32 47.01 26.26 3.47
C LEU A 32 46.52 25.18 4.47
N ARG A 33 45.26 25.37 4.98
CA ARG A 33 44.56 24.36 5.82
C ARG A 33 44.48 23.04 5.08
N GLU A 34 44.04 23.13 3.80
CA GLU A 34 43.78 21.97 2.95
C GLU A 34 45.03 21.12 2.79
N LEU A 35 46.10 21.77 2.31
CA LEU A 35 47.38 21.11 1.98
C LEU A 35 47.97 20.39 3.21
N ILE A 36 48.02 21.08 4.37
CA ILE A 36 48.53 20.46 5.61
C ILE A 36 47.62 19.29 6.03
N SER A 37 46.28 19.48 5.98
CA SER A 37 45.30 18.45 6.38
C SER A 37 45.35 17.23 5.45
N ASN A 38 45.72 17.45 4.18
CA ASN A 38 45.90 16.37 3.18
C ASN A 38 47.17 15.58 3.53
N ALA A 39 48.16 16.31 4.08
CA ALA A 39 49.46 15.75 4.49
C ALA A 39 49.35 15.02 5.83
N SER A 40 48.43 15.51 6.68
CA SER A 40 48.20 14.98 8.02
C SER A 40 47.49 13.64 7.93
N ASP A 41 46.45 13.58 7.09
CA ASP A 41 45.67 12.34 6.84
C ASP A 41 46.46 11.36 5.95
N ALA A 42 47.46 11.87 5.19
CA ALA A 42 48.42 11.01 4.45
C ALA A 42 49.41 10.36 5.43
N ALA A 43 49.87 11.14 6.41
CA ALA A 43 50.75 10.67 7.49
C ALA A 43 50.01 9.65 8.37
N ASP A 44 48.74 9.96 8.66
CA ASP A 44 47.80 9.09 9.40
C ASP A 44 47.66 7.73 8.70
N LYS A 45 47.45 7.80 7.38
CA LYS A 45 47.26 6.60 6.55
C LYS A 45 48.54 5.75 6.49
N LEU A 46 49.72 6.42 6.55
CA LEU A 46 51.02 5.71 6.58
C LEU A 46 51.18 4.97 7.91
N ARG A 47 50.68 5.57 9.00
CA ARG A 47 50.72 4.98 10.35
C ARG A 47 49.86 3.70 10.41
N PHE A 48 48.76 3.67 9.64
CA PHE A 48 47.90 2.49 9.52
C PHE A 48 48.48 1.46 8.52
N ARG A 49 49.07 1.95 7.42
CA ARG A 49 49.61 1.09 6.33
C ARG A 49 50.89 0.38 6.82
N ALA A 50 51.58 1.01 7.80
CA ALA A 50 52.78 0.46 8.46
C ALA A 50 52.44 -0.69 9.41
N LEU A 51 51.14 -0.87 9.72
CA LEU A 51 50.65 -2.05 10.47
C LEU A 51 50.63 -3.30 9.57
N SER A 52 50.51 -3.09 8.24
CA SER A 52 50.50 -4.21 7.27
C SER A 52 51.89 -4.44 6.66
N ASN A 53 52.74 -3.38 6.68
CA ASN A 53 54.16 -3.42 6.23
C ASN A 53 54.89 -2.24 6.91
N PRO A 54 55.62 -2.46 8.05
CA PRO A 54 56.36 -1.37 8.74
C PRO A 54 57.48 -0.75 7.88
N ASP A 55 58.01 -1.56 6.94
CA ASP A 55 59.17 -1.21 6.10
C ASP A 55 58.88 -0.05 5.12
N LEU A 56 57.62 0.41 5.08
CA LEU A 56 57.17 1.55 4.25
C LEU A 56 57.68 2.90 4.77
N TYR A 57 58.27 2.92 5.99
CA TYR A 57 59.06 4.08 6.47
C TYR A 57 60.33 4.23 5.60
N GLU A 58 60.87 3.07 5.11
CA GLU A 58 61.95 3.01 4.10
C GLU A 58 63.25 3.66 4.64
N GLY A 59 63.42 3.61 5.97
CA GLY A 59 64.51 4.28 6.67
C GLY A 59 64.06 5.63 7.25
N ASP A 60 63.31 6.39 6.42
CA ASP A 60 62.78 7.72 6.79
C ASP A 60 61.55 7.56 7.71
N GLY A 61 61.81 7.51 9.04
CA GLY A 61 60.78 7.30 10.04
C GLY A 61 60.13 8.59 10.51
N GLU A 62 60.91 9.68 10.47
CA GLU A 62 60.46 11.03 10.86
C GLU A 62 59.42 11.57 9.84
N LEU A 63 58.12 11.42 10.18
CA LEU A 63 57.02 11.93 9.36
C LEU A 63 56.79 13.41 9.71
N ARG A 64 56.93 14.31 8.73
CA ARG A 64 56.63 15.74 8.89
C ARG A 64 56.12 16.30 7.56
N VAL A 65 55.49 17.47 7.60
CA VAL A 65 55.14 18.24 6.39
C VAL A 65 55.92 19.56 6.40
N ARG A 66 56.45 19.97 5.26
CA ARG A 66 57.40 21.09 5.15
C ARG A 66 56.95 22.06 4.05
N VAL A 67 57.19 23.36 4.28
CA VAL A 67 56.79 24.44 3.36
C VAL A 67 58.04 25.21 2.89
N SER A 68 58.19 25.34 1.59
CA SER A 68 59.22 26.17 0.95
C SER A 68 58.51 27.29 0.19
N PHE A 69 59.21 28.38 -0.11
CA PHE A 69 58.61 29.52 -0.81
C PHE A 69 59.63 30.16 -1.75
N ASP A 70 59.12 30.75 -2.84
CA ASP A 70 59.93 31.44 -3.86
C ASP A 70 59.10 32.63 -4.36
N LYS A 71 59.50 33.84 -3.97
CA LYS A 71 58.78 35.09 -4.30
C LYS A 71 59.01 35.51 -5.77
N ASP A 72 60.19 35.16 -6.32
CA ASP A 72 60.61 35.58 -7.68
C ASP A 72 59.79 34.85 -8.75
N LYS A 73 59.83 33.52 -8.68
CA LYS A 73 59.14 32.61 -9.61
C LYS A 73 57.70 32.31 -9.11
N ARG A 74 57.39 32.71 -7.87
CA ARG A 74 56.05 32.60 -7.27
C ARG A 74 55.61 31.13 -7.15
N THR A 75 56.44 30.30 -6.49
CA THR A 75 56.13 28.89 -6.25
C THR A 75 56.22 28.59 -4.75
N LEU A 76 55.14 28.00 -4.22
CA LEU A 76 55.02 27.60 -2.82
C LEU A 76 55.00 26.06 -2.78
N THR A 77 56.04 25.44 -2.18
CA THR A 77 56.29 24.00 -2.28
C THR A 77 56.10 23.31 -0.90
N ILE A 78 54.92 22.68 -0.70
CA ILE A 78 54.55 21.99 0.56
C ILE A 78 54.72 20.47 0.35
N SER A 79 55.82 19.91 0.88
CA SER A 79 56.19 18.48 0.70
C SER A 79 56.18 17.73 2.06
N ASP A 80 55.40 16.63 2.15
CA ASP A 80 55.30 15.79 3.36
C ASP A 80 55.96 14.41 3.18
N ASN A 81 56.28 13.80 4.35
CA ASN A 81 56.82 12.44 4.48
C ASN A 81 55.70 11.43 4.82
N GLY A 82 54.47 11.72 4.36
CA GLY A 82 53.33 10.83 4.60
C GLY A 82 53.37 9.57 3.75
N VAL A 83 52.21 8.92 3.55
CA VAL A 83 52.10 7.77 2.65
C VAL A 83 52.21 8.22 1.19
N GLY A 84 52.06 9.54 0.96
CA GLY A 84 51.96 10.10 -0.37
C GLY A 84 50.63 9.75 -1.00
N MET A 85 50.64 9.54 -2.32
CA MET A 85 49.53 8.93 -3.05
C MET A 85 50.12 8.06 -4.17
N THR A 86 49.58 6.84 -4.34
CA THR A 86 49.95 5.95 -5.46
C THR A 86 49.28 6.47 -6.75
N ARG A 87 49.68 5.99 -7.95
CA ARG A 87 49.21 6.54 -9.26
C ARG A 87 47.68 6.50 -9.36
N ASP A 88 47.14 5.30 -9.19
CA ASP A 88 45.69 5.03 -9.21
C ASP A 88 44.98 5.79 -8.07
N GLU A 89 45.69 6.01 -6.96
CA GLU A 89 45.17 6.71 -5.77
C GLU A 89 45.04 8.25 -6.02
N VAL A 90 45.95 8.80 -6.84
CA VAL A 90 45.91 10.23 -7.24
C VAL A 90 44.67 10.45 -8.13
N ILE A 91 44.40 9.46 -9.00
CA ILE A 91 43.20 9.48 -9.86
C ILE A 91 41.92 9.21 -9.02
N ASP A 92 42.07 8.35 -7.98
CA ASP A 92 40.99 7.98 -7.05
C ASP A 92 40.56 9.18 -6.18
N HIS A 93 41.50 10.10 -5.91
CA HIS A 93 41.21 11.34 -5.16
C HIS A 93 40.96 12.50 -6.14
N LEU A 94 42.05 13.07 -6.66
CA LEU A 94 42.01 14.32 -7.44
C LEU A 94 41.33 14.13 -8.81
N GLY A 95 41.64 12.99 -9.47
CA GLY A 95 41.11 12.68 -10.81
C GLY A 95 39.59 12.54 -10.85
N THR A 96 39.03 11.99 -9.77
CA THR A 96 37.58 11.82 -9.61
C THR A 96 36.89 13.14 -9.21
N ILE A 97 37.66 14.09 -8.64
CA ILE A 97 37.15 15.45 -8.30
C ILE A 97 37.10 16.33 -9.56
N ALA A 98 38.06 16.08 -10.48
CA ALA A 98 38.08 16.66 -11.82
C ALA A 98 37.05 15.90 -12.71
N LYS A 99 37.24 15.90 -14.05
CA LYS A 99 36.25 15.26 -14.94
C LYS A 99 36.34 13.73 -14.84
N SER A 100 35.32 13.14 -14.22
CA SER A 100 35.13 11.68 -14.14
C SER A 100 33.64 11.39 -14.34
N GLY A 101 32.82 11.88 -13.39
CA GLY A 101 31.36 11.77 -13.46
C GLY A 101 30.77 11.11 -12.23
N THR A 102 31.51 11.19 -11.11
CA THR A 102 31.28 10.36 -9.91
C THR A 102 29.90 10.57 -9.26
N LYS A 103 29.30 11.76 -9.51
CA LYS A 103 27.92 12.11 -9.13
C LYS A 103 27.74 12.20 -7.60
N SER A 104 27.57 11.04 -6.95
CA SER A 104 27.28 10.94 -5.51
C SER A 104 27.74 9.56 -4.98
N PHE A 105 27.18 8.50 -5.59
CA PHE A 105 27.39 7.11 -5.12
C PHE A 105 28.31 6.32 -6.05
N LEU A 106 28.26 6.65 -7.37
CA LEU A 106 29.04 5.99 -8.47
C LEU A 106 28.33 6.28 -9.80
N GLU A 107 29.10 6.69 -10.82
CA GLU A 107 28.60 6.93 -12.19
C GLU A 107 28.03 5.65 -12.84
N SER A 108 28.66 4.50 -12.54
CA SER A 108 28.33 3.20 -13.15
C SER A 108 27.07 2.57 -12.52
N LEU A 109 27.22 2.09 -11.26
CA LEU A 109 26.21 1.26 -10.58
C LEU A 109 25.49 2.06 -9.48
N GLY A 110 26.18 3.04 -8.87
CA GLY A 110 25.57 3.90 -7.84
C GLY A 110 25.60 3.28 -6.43
N SER A 111 26.75 2.73 -6.02
CA SER A 111 26.89 2.09 -4.68
C SER A 111 28.38 2.00 -4.25
N ASP A 112 29.22 1.38 -5.10
CA ASP A 112 30.61 0.97 -4.72
C ASP A 112 31.51 2.16 -4.37
N GLN A 113 31.42 3.19 -5.21
CA GLN A 113 32.27 4.40 -5.15
C GLN A 113 31.61 5.48 -4.24
N ALA A 114 30.67 5.06 -3.35
CA ALA A 114 29.99 5.98 -2.40
C ALA A 114 30.98 6.61 -1.40
N LYS A 115 32.19 6.03 -1.33
CA LYS A 115 33.31 6.55 -0.51
C LYS A 115 34.22 7.46 -1.38
N ASP A 116 33.62 8.16 -2.37
CA ASP A 116 34.30 9.19 -3.17
C ASP A 116 33.84 10.58 -2.71
N SER A 117 32.56 10.68 -2.31
CA SER A 117 31.96 11.94 -1.83
C SER A 117 32.75 12.51 -0.63
N GLN A 118 33.35 11.59 0.15
CA GLN A 118 34.15 11.89 1.35
C GLN A 118 35.58 12.35 0.97
N LEU A 119 36.05 11.91 -0.21
CA LEU A 119 37.35 12.33 -0.79
C LEU A 119 37.22 13.76 -1.34
N ILE A 120 36.07 14.03 -2.00
CA ILE A 120 35.72 15.38 -2.47
C ILE A 120 35.52 16.32 -1.25
N GLY A 121 35.07 15.73 -0.12
CA GLY A 121 34.94 16.44 1.16
C GLY A 121 36.20 17.21 1.58
N GLN A 122 37.37 16.55 1.50
CA GLN A 122 38.67 17.16 1.91
C GLN A 122 39.45 17.68 0.68
N PHE A 123 39.82 16.74 -0.22
CA PHE A 123 40.69 17.04 -1.39
C PHE A 123 39.99 17.96 -2.40
N GLY A 124 38.64 17.97 -2.39
CA GLY A 124 37.84 18.78 -3.33
C GLY A 124 37.82 20.26 -2.98
N VAL A 125 37.76 20.56 -1.66
CA VAL A 125 37.92 21.93 -1.15
C VAL A 125 39.37 22.39 -1.43
N GLY A 126 40.31 21.43 -1.24
CA GLY A 126 41.74 21.61 -1.54
C GLY A 126 42.01 22.00 -2.98
N PHE A 127 41.31 21.31 -3.90
CA PHE A 127 41.38 21.56 -5.35
C PHE A 127 41.03 23.04 -5.64
N TYR A 128 39.81 23.42 -5.25
CA TYR A 128 39.23 24.74 -5.57
C TYR A 128 40.06 25.91 -4.99
N SER A 129 40.33 25.84 -3.66
CA SER A 129 41.02 26.92 -2.91
C SER A 129 42.46 27.13 -3.40
N ALA A 130 43.14 26.01 -3.76
CA ALA A 130 44.49 26.04 -4.35
C ALA A 130 44.50 26.83 -5.67
N PHE A 131 43.45 26.63 -6.50
CA PHE A 131 43.32 27.29 -7.82
C PHE A 131 42.66 28.69 -7.73
N ILE A 132 42.40 29.18 -6.50
CA ILE A 132 41.99 30.59 -6.27
C ILE A 132 43.25 31.47 -6.19
N VAL A 133 44.28 30.96 -5.51
CA VAL A 133 45.53 31.69 -5.26
C VAL A 133 46.62 31.32 -6.30
N ALA A 134 46.54 30.10 -6.86
CA ALA A 134 47.53 29.58 -7.82
C ALA A 134 46.91 29.42 -9.21
N ASP A 135 47.71 29.75 -10.24
CA ASP A 135 47.35 29.59 -11.65
C ASP A 135 47.41 28.11 -12.04
N LYS A 136 48.45 27.41 -11.56
CA LYS A 136 48.68 25.99 -11.85
C LYS A 136 49.26 25.32 -10.60
N VAL A 137 48.66 24.18 -10.20
CA VAL A 137 49.15 23.36 -9.08
C VAL A 137 49.66 22.03 -9.65
N THR A 138 50.95 21.78 -9.43
CA THR A 138 51.61 20.54 -9.83
C THR A 138 51.91 19.70 -8.58
N VAL A 139 51.20 18.57 -8.45
CA VAL A 139 51.38 17.64 -7.31
C VAL A 139 52.23 16.45 -7.78
N ARG A 140 53.44 16.36 -7.23
CA ARG A 140 54.39 15.27 -7.50
C ARG A 140 54.48 14.40 -6.26
N THR A 141 53.80 13.25 -6.29
CA THR A 141 53.75 12.31 -5.16
C THR A 141 54.71 11.15 -5.42
N ARG A 142 54.88 10.31 -4.39
CA ARG A 142 55.58 9.04 -4.49
C ARG A 142 55.22 8.26 -3.22
N ALA A 143 54.40 7.21 -3.39
CA ALA A 143 53.88 6.43 -2.25
C ALA A 143 55.00 5.79 -1.42
N ALA A 144 54.77 5.71 -0.10
CA ALA A 144 55.79 5.36 0.89
C ALA A 144 56.16 3.87 0.82
N GLY A 145 57.46 3.57 0.71
CA GLY A 145 57.96 2.20 0.57
C GLY A 145 57.94 1.70 -0.88
N GLU A 146 57.27 2.46 -1.76
CA GLU A 146 57.23 2.18 -3.20
C GLU A 146 58.45 2.79 -3.89
N LYS A 147 58.73 2.35 -5.12
CA LYS A 147 59.88 2.82 -5.91
C LYS A 147 59.78 4.33 -6.20
N PRO A 148 60.88 5.11 -5.98
CA PRO A 148 61.04 6.47 -6.57
C PRO A 148 60.65 6.56 -8.05
N GLU A 149 60.99 5.51 -8.84
CA GLU A 149 60.62 5.39 -10.28
C GLU A 149 59.09 5.39 -10.46
N ASN A 150 58.38 4.85 -9.47
CA ASN A 150 56.91 4.81 -9.45
C ASN A 150 56.35 6.00 -8.65
N GLY A 151 57.03 7.16 -8.77
CA GLY A 151 56.47 8.45 -8.37
C GLY A 151 55.37 8.87 -9.34
N VAL A 152 54.49 9.77 -8.92
CA VAL A 152 53.34 10.20 -9.71
C VAL A 152 53.42 11.70 -9.98
N PHE A 153 53.01 12.07 -11.18
CA PHE A 153 52.85 13.45 -11.63
C PHE A 153 51.35 13.75 -11.68
N TRP A 154 50.97 14.94 -11.19
CA TRP A 154 49.62 15.49 -11.34
C TRP A 154 49.75 16.98 -11.63
N GLU A 155 48.79 17.49 -12.42
CA GLU A 155 48.76 18.90 -12.81
C GLU A 155 47.35 19.29 -13.25
N SER A 156 46.96 20.53 -12.96
CA SER A 156 45.78 21.18 -13.53
C SER A 156 45.98 22.71 -13.48
N ALA A 157 45.22 23.43 -14.30
CA ALA A 157 45.28 24.90 -14.38
C ALA A 157 44.05 25.53 -13.67
N GLY A 158 43.20 24.67 -13.08
CA GLY A 158 41.96 25.11 -12.42
C GLY A 158 40.71 24.63 -13.14
N GLU A 159 40.92 24.09 -14.36
CA GLU A 159 39.85 23.55 -15.20
C GLU A 159 39.36 22.19 -14.65
N GLY A 160 38.16 21.79 -15.13
CA GLY A 160 37.52 20.53 -14.74
C GLY A 160 38.12 19.33 -15.46
N GLU A 161 39.43 19.13 -15.26
CA GLU A 161 40.23 18.10 -15.94
C GLU A 161 41.56 17.90 -15.16
N TYR A 162 42.25 16.79 -15.44
CA TYR A 162 43.50 16.43 -14.74
C TYR A 162 44.53 15.80 -15.70
N THR A 163 45.80 16.24 -15.55
CA THR A 163 46.96 15.63 -16.20
C THR A 163 47.70 14.77 -15.15
N VAL A 164 47.67 13.44 -15.32
CA VAL A 164 48.35 12.50 -14.41
C VAL A 164 49.25 11.55 -15.22
N ALA A 165 50.48 11.34 -14.74
CA ALA A 165 51.49 10.45 -15.36
C ALA A 165 52.38 9.85 -14.26
N ASP A 166 53.35 9.01 -14.66
CA ASP A 166 54.39 8.48 -13.73
C ASP A 166 55.73 9.17 -13.97
N ILE A 167 56.35 9.67 -12.89
CA ILE A 167 57.68 10.29 -12.90
C ILE A 167 58.55 9.66 -11.79
N THR A 168 59.74 10.22 -11.60
CA THR A 168 60.63 9.85 -10.49
C THR A 168 60.55 10.89 -9.34
N LYS A 169 60.68 10.41 -8.09
CA LYS A 169 60.75 11.26 -6.88
C LYS A 169 61.49 10.50 -5.76
N GLU A 170 62.72 10.96 -5.45
CA GLU A 170 63.61 10.33 -4.45
C GLU A 170 63.05 10.46 -3.03
N ASP A 171 62.29 11.53 -2.79
CA ASP A 171 61.66 11.79 -1.49
C ASP A 171 60.46 10.87 -1.31
N ARG A 172 60.20 10.46 -0.07
CA ARG A 172 59.12 9.54 0.26
C ARG A 172 57.92 10.35 0.81
N GLY A 173 56.77 10.29 0.12
CA GLY A 173 55.58 11.08 0.48
C GLY A 173 55.09 11.95 -0.68
N THR A 174 54.48 13.10 -0.38
CA THR A 174 53.87 14.00 -1.40
C THR A 174 54.68 15.32 -1.51
N GLU A 175 54.76 15.91 -2.72
CA GLU A 175 55.38 17.23 -2.95
C GLU A 175 54.45 18.09 -3.81
N ILE A 176 53.78 19.07 -3.19
CA ILE A 176 52.84 19.97 -3.89
C ILE A 176 53.55 21.30 -4.18
N THR A 177 53.52 21.76 -5.44
CA THR A 177 54.14 23.03 -5.86
C THR A 177 53.11 23.87 -6.61
N LEU A 178 52.73 25.01 -6.00
CA LEU A 178 51.69 25.91 -6.52
C LEU A 178 52.37 27.15 -7.13
N HIS A 179 52.28 27.32 -8.46
CA HIS A 179 52.67 28.58 -9.10
C HIS A 179 51.57 29.62 -8.80
N LEU A 180 51.80 30.42 -7.73
CA LEU A 180 50.88 31.48 -7.29
C LEU A 180 50.85 32.63 -8.31
N ARG A 181 49.71 33.30 -8.39
CA ARG A 181 49.48 34.41 -9.32
C ARG A 181 50.09 35.73 -8.79
N GLU A 182 50.28 36.68 -9.72
CA GLU A 182 50.76 38.03 -9.39
C GLU A 182 49.65 38.81 -8.68
N GLY A 183 49.94 39.21 -7.44
CA GLY A 183 48.93 39.74 -6.52
C GLY A 183 48.82 38.84 -5.30
N GLU A 184 48.95 37.51 -5.52
CA GLU A 184 48.87 36.49 -4.45
C GLU A 184 50.26 36.24 -3.82
N ASP A 185 51.05 37.32 -3.73
CA ASP A 185 52.44 37.28 -3.22
C ASP A 185 52.47 37.27 -1.67
N GLU A 186 51.31 37.57 -1.06
CA GLU A 186 51.10 37.51 0.40
C GLU A 186 51.49 36.12 0.94
N PHE A 187 51.07 35.08 0.20
CA PHE A 187 51.24 33.67 0.59
C PHE A 187 52.67 33.15 0.26
N LEU A 188 53.54 34.04 -0.25
CA LEU A 188 54.97 33.74 -0.48
C LEU A 188 55.83 34.38 0.64
N ASP A 189 55.23 35.30 1.41
CA ASP A 189 55.97 36.07 2.43
C ASP A 189 56.09 35.24 3.71
N ASP A 190 57.32 35.12 4.26
CA ASP A 190 57.66 34.08 5.23
C ASP A 190 56.94 34.28 6.58
N TRP A 191 56.87 35.53 7.09
CA TRP A 191 56.17 35.82 8.39
C TRP A 191 54.69 35.47 8.28
N ARG A 192 54.13 35.76 7.08
CA ARG A 192 52.71 35.56 6.76
C ARG A 192 52.40 34.06 6.73
N VAL A 193 53.26 33.29 6.03
CA VAL A 193 53.12 31.83 5.92
C VAL A 193 53.22 31.21 7.32
N ARG A 194 54.30 31.55 8.06
CA ARG A 194 54.57 31.05 9.44
C ARG A 194 53.39 31.35 10.41
N SER A 195 52.75 32.50 10.22
CA SER A 195 51.59 32.91 11.04
C SER A 195 50.38 31.99 10.73
N ILE A 196 50.09 31.81 9.43
CA ILE A 196 48.95 30.96 8.98
C ILE A 196 49.28 29.46 9.20
N ILE A 197 50.59 29.14 9.34
CA ILE A 197 51.02 27.80 9.73
C ILE A 197 50.60 27.59 11.19
N SER A 198 51.14 28.42 12.12
CA SER A 198 50.95 28.25 13.59
C SER A 198 49.46 28.13 14.00
N LYS A 199 48.62 29.01 13.43
CA LYS A 199 47.16 29.06 13.75
C LYS A 199 46.43 27.72 13.49
N TYR A 200 46.96 26.92 12.52
CA TYR A 200 46.30 25.68 12.07
C TYR A 200 47.12 24.44 12.50
N SER A 201 48.43 24.50 12.29
CA SER A 201 49.36 23.38 12.48
C SER A 201 49.53 23.01 13.96
N ASP A 202 49.32 24.00 14.86
CA ASP A 202 49.52 23.82 16.30
C ASP A 202 48.48 22.87 16.91
N HIS A 203 47.33 22.68 16.19
CA HIS A 203 46.29 21.74 16.64
C HIS A 203 46.40 20.40 15.87
N ILE A 204 47.48 20.25 15.08
CA ILE A 204 47.71 19.08 14.22
C ILE A 204 48.91 18.26 14.76
N ALA A 205 48.75 16.91 14.72
CA ALA A 205 49.73 15.95 15.28
C ALA A 205 50.92 15.67 14.32
N LEU A 206 51.05 16.47 13.25
CA LEU A 206 52.12 16.33 12.26
C LEU A 206 52.99 17.60 12.28
N PRO A 207 54.33 17.50 12.63
CA PRO A 207 55.28 18.66 12.62
C PRO A 207 55.30 19.39 11.25
N VAL A 208 54.78 20.64 11.23
CA VAL A 208 54.84 21.50 10.04
C VAL A 208 56.02 22.47 10.18
N GLU A 209 57.02 22.29 9.32
CA GLU A 209 58.26 23.09 9.32
C GLU A 209 58.28 24.01 8.07
N ILE A 210 59.09 25.08 8.10
CA ILE A 210 59.25 26.00 6.96
C ILE A 210 60.75 26.16 6.63
N GLU A 211 61.05 26.42 5.35
CA GLU A 211 62.42 26.51 4.85
C GLU A 211 63.06 27.84 5.27
N LYS A 212 63.80 27.80 6.39
CA LYS A 212 64.72 28.86 6.78
C LYS A 212 66.06 28.56 6.11
N ARG A 213 66.25 29.13 4.92
CA ARG A 213 67.48 28.96 4.15
C ARG A 213 68.32 30.24 4.25
N GLU A 214 69.63 30.08 4.14
CA GLU A 214 70.55 31.20 3.99
C GLU A 214 71.02 31.22 2.54
N GLU A 215 70.31 31.99 1.72
CA GLU A 215 70.59 32.14 0.30
C GLU A 215 71.67 33.21 0.11
N LYS A 216 72.91 32.79 0.34
CA LYS A 216 74.10 33.62 0.15
C LYS A 216 74.74 33.24 -1.20
N ASP A 217 75.53 34.17 -1.76
CA ASP A 217 76.11 34.01 -3.13
C ASP A 217 76.94 32.72 -3.24
N GLY A 218 76.35 31.70 -3.91
CA GLY A 218 76.95 30.37 -4.04
C GLY A 218 76.53 29.41 -2.93
N GLU A 219 76.31 29.95 -1.72
CA GLU A 219 76.06 29.16 -0.50
C GLU A 219 74.55 29.08 -0.21
N THR A 220 73.90 28.02 -0.69
CA THR A 220 72.51 27.72 -0.33
C THR A 220 72.51 26.77 0.90
N VAL A 221 72.39 27.36 2.10
CA VAL A 221 72.22 26.61 3.36
C VAL A 221 70.71 26.42 3.55
N ILE A 222 70.29 25.26 4.06
CA ILE A 222 68.85 24.91 4.18
C ILE A 222 68.56 24.33 5.57
N SER A 223 67.53 24.88 6.23
CA SER A 223 67.05 24.41 7.55
C SER A 223 65.52 24.51 7.59
N TRP A 224 64.89 23.76 8.51
CA TRP A 224 63.42 23.65 8.58
C TRP A 224 62.95 23.92 10.02
N GLU A 225 62.28 25.07 10.23
CA GLU A 225 61.81 25.50 11.56
C GLU A 225 60.37 25.06 11.77
N LYS A 226 60.11 24.16 12.73
CA LYS A 226 58.73 23.74 13.06
C LYS A 226 58.01 24.86 13.82
N ILE A 227 56.94 25.39 13.20
CA ILE A 227 56.17 26.51 13.75
C ILE A 227 55.11 25.97 14.73
N ASN A 228 54.76 24.68 14.58
CA ASN A 228 53.78 24.00 15.44
C ASN A 228 54.46 23.31 16.62
N LYS A 229 53.64 22.97 17.64
CA LYS A 229 54.08 22.21 18.82
C LYS A 229 54.60 20.80 18.45
N ALA A 230 54.04 20.25 17.35
CA ALA A 230 54.34 18.91 16.81
C ALA A 230 53.88 17.81 17.79
N GLN A 231 52.74 18.07 18.43
CA GLN A 231 52.10 17.16 19.38
C GLN A 231 50.61 17.05 19.03
N ALA A 232 50.03 15.89 19.34
CA ALA A 232 48.60 15.63 19.17
C ALA A 232 47.75 16.59 20.00
N LEU A 233 46.69 17.17 19.39
CA LEU A 233 45.81 18.14 20.08
C LEU A 233 45.09 17.46 21.24
N TRP A 234 44.61 16.26 20.98
CA TRP A 234 43.90 15.48 21.98
C TRP A 234 44.84 15.13 23.18
N THR A 235 46.10 14.74 22.89
CA THR A 235 47.05 14.29 23.92
C THR A 235 47.63 15.46 24.77
N ARG A 236 47.78 16.66 24.16
CA ARG A 236 48.32 17.86 24.86
C ARG A 236 47.31 18.42 25.89
N ASN A 237 47.81 19.32 26.77
CA ASN A 237 47.07 19.82 27.92
C ASN A 237 45.78 20.56 27.51
N LYS A 238 44.66 20.13 28.13
CA LYS A 238 43.30 20.62 27.87
C LYS A 238 43.17 22.13 28.20
N SER A 239 43.84 22.54 29.30
CA SER A 239 43.89 23.96 29.73
C SER A 239 44.73 24.83 28.78
N GLU A 240 45.69 24.18 28.09
CA GLU A 240 46.63 24.86 27.17
C GLU A 240 45.99 25.10 25.80
N ILE A 241 45.01 24.26 25.44
CA ILE A 241 44.30 24.37 24.14
C ILE A 241 43.25 25.51 24.18
N THR A 242 43.28 26.41 23.17
CA THR A 242 42.30 27.50 23.02
C THR A 242 41.14 27.06 22.11
N ASP A 243 40.11 27.93 22.02
CA ASP A 243 38.90 27.72 21.20
C ASP A 243 39.23 27.48 19.73
N GLU A 244 40.15 28.30 19.17
CA GLU A 244 40.54 28.23 17.74
C GLU A 244 41.12 26.85 17.41
N GLU A 245 41.99 26.34 18.30
CA GLU A 245 42.60 25.02 18.13
C GLU A 245 41.53 23.91 18.05
N TYR A 246 40.53 23.97 18.95
CA TYR A 246 39.39 23.01 18.97
C TYR A 246 38.57 23.11 17.66
N LYS A 247 37.93 24.28 17.45
CA LYS A 247 37.01 24.55 16.32
C LYS A 247 37.64 24.18 14.97
N GLU A 248 38.88 24.65 14.77
CA GLU A 248 39.60 24.52 13.49
C GLU A 248 40.18 23.08 13.33
N PHE A 249 40.27 22.33 14.45
CA PHE A 249 40.64 20.89 14.41
C PHE A 249 39.46 20.05 13.92
N TYR A 250 38.22 20.51 14.23
CA TYR A 250 37.01 19.92 13.65
C TYR A 250 37.07 20.05 12.10
N LYS A 251 37.62 21.19 11.62
CA LYS A 251 37.81 21.44 10.19
C LYS A 251 38.73 20.35 9.54
N HIS A 252 39.69 19.83 10.33
CA HIS A 252 40.59 18.74 9.90
C HIS A 252 39.84 17.36 9.90
N ILE A 253 39.42 16.91 11.10
CA ILE A 253 38.95 15.52 11.35
C ILE A 253 37.60 15.19 10.68
N ALA A 254 36.78 16.23 10.44
CA ALA A 254 35.46 16.06 9.81
C ALA A 254 35.58 16.16 8.29
N HIS A 255 36.72 16.71 7.82
CA HIS A 255 37.02 16.93 6.40
C HIS A 255 35.96 17.90 5.79
N ASP A 256 35.53 18.86 6.62
CA ASP A 256 34.56 19.92 6.27
C ASP A 256 35.05 21.23 6.91
N PHE A 257 34.35 22.35 6.72
CA PHE A 257 34.78 23.67 7.24
C PHE A 257 33.66 24.39 8.04
N ASN A 258 32.55 23.68 8.31
CA ASN A 258 31.47 24.24 9.15
C ASN A 258 31.98 24.40 10.60
N ASP A 259 31.80 25.60 11.17
CA ASP A 259 32.35 25.93 12.49
C ASP A 259 31.43 25.37 13.59
N PRO A 260 31.90 24.34 14.38
CA PRO A 260 31.01 23.50 15.23
C PRO A 260 30.28 24.28 16.34
N LEU A 261 29.02 23.87 16.63
CA LEU A 261 28.17 24.48 17.67
C LEU A 261 28.90 24.54 19.04
N THR A 262 29.47 23.38 19.43
CA THR A 262 30.24 23.24 20.68
C THR A 262 31.13 21.97 20.63
N TRP A 263 31.86 21.69 21.72
CA TRP A 263 32.74 20.52 21.84
C TRP A 263 32.83 20.03 23.30
N SER A 264 33.55 18.91 23.48
CA SER A 264 33.92 18.33 24.78
C SER A 264 35.27 17.59 24.61
N HIS A 265 36.27 17.96 25.43
CA HIS A 265 37.59 17.32 25.43
C HIS A 265 37.85 16.73 26.80
N ASN A 266 37.98 15.40 26.89
CA ASN A 266 38.29 14.70 28.14
C ASN A 266 39.29 13.59 27.87
N ARG A 267 40.39 13.57 28.63
CA ARG A 267 41.31 12.42 28.66
C ARG A 267 41.12 11.72 30.00
N VAL A 268 40.93 10.39 29.93
CA VAL A 268 40.71 9.54 31.09
C VAL A 268 41.88 8.57 31.18
N GLU A 269 42.57 8.58 32.32
CA GLU A 269 43.71 7.71 32.59
C GLU A 269 43.30 6.62 33.58
N GLY A 270 43.95 5.46 33.49
CA GLY A 270 43.65 4.32 34.36
C GLY A 270 43.70 3.02 33.59
N LYS A 271 42.74 2.10 33.86
CA LYS A 271 42.69 0.80 33.18
C LYS A 271 42.28 1.01 31.71
N GLN A 272 41.04 1.45 31.46
CA GLN A 272 40.63 1.95 30.13
C GLN A 272 41.14 3.39 29.97
N GLU A 273 42.41 3.51 29.58
CA GLU A 273 43.03 4.81 29.29
C GLU A 273 42.78 5.18 27.83
N TYR A 274 42.22 6.38 27.62
CA TYR A 274 41.89 6.91 26.31
C TYR A 274 41.80 8.44 26.38
N THR A 275 41.96 9.09 25.23
CA THR A 275 41.64 10.50 25.06
C THR A 275 40.44 10.64 24.11
N SER A 276 39.33 11.18 24.60
CA SER A 276 38.16 11.47 23.77
C SER A 276 38.08 12.99 23.47
N LEU A 277 37.72 13.31 22.22
CA LEU A 277 37.55 14.70 21.77
C LEU A 277 36.40 14.74 20.75
N LEU A 278 35.21 15.09 21.25
CA LEU A 278 33.95 15.09 20.49
C LEU A 278 33.53 16.53 20.15
N TYR A 279 32.77 16.69 19.06
CA TYR A 279 32.27 17.99 18.56
C TYR A 279 30.81 17.82 18.11
N ILE A 280 29.98 18.83 18.41
CA ILE A 280 28.61 18.94 17.89
C ILE A 280 28.64 19.88 16.66
N PRO A 281 28.40 19.35 15.40
CA PRO A 281 28.45 20.15 14.16
C PRO A 281 27.26 21.12 13.97
N SER A 282 27.51 22.19 13.19
CA SER A 282 26.50 23.19 12.78
C SER A 282 25.83 22.78 11.44
N GLN A 283 26.10 21.53 11.01
CA GLN A 283 25.63 20.98 9.74
C GLN A 283 25.50 19.46 9.91
N ALA A 284 24.35 18.91 9.48
CA ALA A 284 24.13 17.47 9.45
C ALA A 284 25.10 16.80 8.46
N PRO A 285 25.64 15.57 8.76
CA PRO A 285 26.46 14.81 7.79
C PRO A 285 25.69 14.55 6.49
N TRP A 286 26.41 14.35 5.37
CA TRP A 286 25.77 14.12 4.05
C TRP A 286 24.81 12.92 4.13
N ASP A 287 25.27 11.88 4.84
CA ASP A 287 24.61 10.56 4.94
C ASP A 287 23.56 10.53 6.09
N MET A 288 23.14 11.72 6.58
CA MET A 288 22.24 11.85 7.75
C MET A 288 20.94 11.02 7.60
N TRP A 289 20.43 10.93 6.36
CA TRP A 289 19.17 10.22 6.06
C TRP A 289 19.41 9.16 4.96
N ASN A 290 20.67 8.72 4.85
CA ASN A 290 21.12 7.72 3.86
C ASN A 290 21.59 6.43 4.59
N ARG A 291 21.56 5.31 3.85
CA ARG A 291 21.94 3.97 4.36
C ARG A 291 23.49 3.79 4.35
N ASP A 292 24.20 4.73 3.71
CA ASP A 292 25.68 4.79 3.72
C ASP A 292 26.12 5.52 5.00
N HIS A 293 27.28 5.16 5.57
CA HIS A 293 27.77 5.78 6.83
C HIS A 293 28.90 6.79 6.57
N LYS A 294 28.90 7.89 7.34
CA LYS A 294 30.08 8.76 7.53
C LYS A 294 30.14 9.22 9.00
N HIS A 295 28.96 9.25 9.66
CA HIS A 295 28.86 9.41 11.11
C HIS A 295 29.77 8.39 11.84
N GLY A 296 30.44 8.84 12.91
CA GLY A 296 31.47 8.06 13.58
C GLY A 296 32.68 8.92 13.90
N LEU A 297 33.78 8.28 14.33
CA LEU A 297 34.98 8.98 14.81
C LEU A 297 36.24 8.47 14.06
N LYS A 298 37.30 9.29 14.02
CA LYS A 298 38.64 8.83 13.60
C LYS A 298 39.29 8.06 14.79
N LEU A 299 39.40 6.74 14.66
CA LEU A 299 40.08 5.92 15.67
C LEU A 299 41.61 6.07 15.58
N TYR A 300 42.19 6.49 16.70
CA TYR A 300 43.63 6.49 16.95
C TYR A 300 43.88 5.54 18.14
N VAL A 301 44.99 4.81 18.10
CA VAL A 301 45.52 4.05 19.24
C VAL A 301 46.98 4.49 19.45
N GLN A 302 47.24 5.15 20.60
CA GLN A 302 48.58 5.67 20.97
C GLN A 302 49.05 6.76 19.98
N ARG A 303 48.08 7.59 19.51
CA ARG A 303 48.29 8.69 18.53
C ARG A 303 48.51 8.15 17.08
N VAL A 304 48.53 6.82 16.94
CA VAL A 304 48.72 6.14 15.65
C VAL A 304 47.34 5.82 15.06
N PHE A 305 47.01 6.47 13.93
CA PHE A 305 45.72 6.30 13.25
C PHE A 305 45.48 4.84 12.81
N ILE A 306 44.25 4.36 13.05
CA ILE A 306 43.83 3.01 12.67
C ILE A 306 42.74 3.09 11.59
N MET A 307 41.54 3.60 11.94
CA MET A 307 40.37 3.62 11.02
C MET A 307 39.49 4.85 11.23
N ASP A 308 39.20 5.57 10.12
CA ASP A 308 38.17 6.63 10.07
C ASP A 308 36.80 5.94 9.88
N ASP A 309 35.70 6.67 10.16
CA ASP A 309 34.31 6.16 10.07
C ASP A 309 34.04 5.05 11.12
N ALA A 310 34.76 5.11 12.26
CA ALA A 310 34.55 4.15 13.35
C ALA A 310 33.32 4.55 14.17
N GLU A 311 32.14 4.06 13.73
CA GLU A 311 30.84 4.37 14.36
C GLU A 311 30.48 3.35 15.47
N GLN A 312 31.46 2.50 15.84
CA GLN A 312 31.31 1.53 16.95
C GLN A 312 31.43 2.23 18.32
N PHE A 313 32.02 3.44 18.34
CA PHE A 313 32.29 4.20 19.58
C PHE A 313 31.09 5.07 19.98
N MET A 314 30.17 5.30 19.03
CA MET A 314 28.94 6.08 19.26
C MET A 314 27.75 5.30 18.66
N PRO A 315 26.61 5.08 19.40
CA PRO A 315 25.43 4.37 18.84
C PRO A 315 24.77 5.19 17.70
N ASN A 316 23.97 4.50 16.87
CA ASN A 316 23.31 5.10 15.68
C ASN A 316 22.38 6.28 16.05
N TYR A 317 21.91 6.28 17.30
CA TYR A 317 20.97 7.28 17.82
C TYR A 317 21.71 8.60 18.09
N LEU A 318 23.00 8.47 18.47
CA LEU A 318 23.90 9.59 18.76
C LEU A 318 24.85 9.80 17.55
N ARG A 319 24.32 9.59 16.32
CA ARG A 319 25.08 9.73 15.06
C ARG A 319 25.45 11.21 14.76
N PHE A 320 24.84 12.14 15.52
CA PHE A 320 25.17 13.57 15.45
C PHE A 320 26.57 13.88 16.01
N VAL A 321 27.03 13.03 16.95
CA VAL A 321 28.37 13.15 17.55
C VAL A 321 29.43 12.76 16.52
N ARG A 322 30.36 13.69 16.26
CA ARG A 322 31.49 13.45 15.36
C ARG A 322 32.78 13.93 16.05
N GLY A 323 33.93 13.52 15.52
CA GLY A 323 35.22 13.88 16.11
C GLY A 323 36.22 12.74 15.96
N LEU A 324 36.87 12.39 17.07
CA LEU A 324 37.86 11.31 17.11
C LEU A 324 38.01 10.78 18.55
N ILE A 325 38.67 9.62 18.66
CA ILE A 325 38.96 8.98 19.94
C ILE A 325 40.31 8.24 19.84
N ASP A 326 41.24 8.66 20.68
CA ASP A 326 42.53 7.99 20.92
C ASP A 326 42.36 7.05 22.10
N SER A 327 42.87 5.82 21.99
CA SER A 327 42.85 4.88 23.12
C SER A 327 44.25 4.29 23.34
N SER A 328 44.75 4.44 24.58
CA SER A 328 46.03 3.86 25.02
C SER A 328 45.81 2.40 25.49
N ASP A 329 44.54 2.07 25.80
CA ASP A 329 44.12 0.76 26.35
C ASP A 329 43.78 -0.24 25.23
N LEU A 330 42.98 0.23 24.26
CA LEU A 330 42.51 -0.58 23.11
C LEU A 330 43.73 -1.05 22.26
N PRO A 331 43.80 -2.35 21.81
CA PRO A 331 44.94 -2.88 20.99
C PRO A 331 45.24 -2.05 19.74
N LEU A 332 46.53 -2.00 19.34
CA LEU A 332 47.00 -1.28 18.13
C LEU A 332 46.53 -2.02 16.86
N ASN A 333 46.48 -3.35 16.96
CA ASN A 333 46.04 -4.26 15.88
C ASN A 333 44.50 -4.49 15.92
N VAL A 334 43.76 -3.56 16.57
CA VAL A 334 42.31 -3.70 16.77
C VAL A 334 41.55 -3.73 15.43
N SER A 335 40.58 -4.66 15.34
CA SER A 335 39.73 -4.86 14.17
C SER A 335 38.30 -4.40 14.48
N ARG A 336 37.52 -4.16 13.42
CA ARG A 336 36.13 -3.67 13.52
C ARG A 336 35.22 -4.70 14.23
N GLU A 337 35.55 -5.99 14.11
CA GLU A 337 34.86 -7.08 14.83
C GLU A 337 35.03 -6.94 16.37
N ILE A 338 36.23 -6.52 16.80
CA ILE A 338 36.54 -6.29 18.22
C ILE A 338 35.80 -5.03 18.72
N LEU A 339 35.68 -4.04 17.84
CA LEU A 339 34.95 -2.79 18.12
C LEU A 339 33.42 -3.03 18.25
N GLN A 340 32.91 -4.00 17.48
CA GLN A 340 31.47 -4.33 17.49
C GLN A 340 31.10 -5.24 18.67
N ASP A 341 32.00 -6.20 19.01
CA ASP A 341 31.69 -7.28 19.98
C ASP A 341 32.26 -7.04 21.40
N SER A 342 33.55 -6.64 21.50
CA SER A 342 34.29 -6.64 22.80
C SER A 342 33.71 -5.64 23.82
N THR A 343 33.76 -6.06 25.10
CA THR A 343 33.11 -5.37 26.23
C THR A 343 33.75 -4.00 26.50
N VAL A 344 35.08 -3.92 26.37
CA VAL A 344 35.85 -2.67 26.61
C VAL A 344 35.36 -1.52 25.71
N THR A 345 34.95 -1.85 24.47
CA THR A 345 34.46 -0.86 23.50
C THR A 345 33.03 -0.40 23.86
N ARG A 346 32.25 -1.28 24.53
CA ARG A 346 30.88 -0.95 25.00
C ARG A 346 30.95 -0.04 26.24
N ASN A 347 31.91 -0.34 27.14
CA ASN A 347 32.14 0.45 28.37
C ASN A 347 32.68 1.84 28.01
N LEU A 348 33.56 1.85 27.00
CA LEU A 348 34.12 3.07 26.40
C LEU A 348 33.01 3.92 25.76
N ARG A 349 32.12 3.25 25.01
CA ARG A 349 31.02 3.89 24.27
C ARG A 349 30.02 4.56 25.21
N ASN A 350 29.69 3.88 26.32
CA ASN A 350 28.78 4.39 27.36
C ASN A 350 29.41 5.57 28.10
N ALA A 351 30.75 5.52 28.27
CA ALA A 351 31.53 6.61 28.87
C ALA A 351 31.47 7.86 27.98
N LEU A 352 31.61 7.66 26.64
CA LEU A 352 31.51 8.74 25.64
C LEU A 352 30.09 9.37 25.65
N THR A 353 29.09 8.50 25.78
CA THR A 353 27.66 8.86 25.82
C THR A 353 27.33 9.84 26.98
N LYS A 354 28.05 9.71 28.12
CA LYS A 354 27.87 10.59 29.29
C LYS A 354 28.31 12.04 28.99
N ARG A 355 29.42 12.16 28.24
CA ARG A 355 29.95 13.47 27.80
C ARG A 355 29.00 14.11 26.78
N VAL A 356 28.25 13.25 26.04
CA VAL A 356 27.24 13.70 25.09
C VAL A 356 26.06 14.36 25.82
N LEU A 357 25.57 13.72 26.93
CA LEU A 357 24.49 14.30 27.80
C LEU A 357 24.93 15.70 28.25
N GLN A 358 26.14 15.76 28.83
CA GLN A 358 26.72 16.99 29.39
C GLN A 358 26.89 18.08 28.32
N MET A 359 27.22 17.66 27.09
CA MET A 359 27.50 18.58 25.95
C MET A 359 26.21 19.09 25.28
N LEU A 360 25.11 18.30 25.37
CA LEU A 360 23.79 18.68 24.81
C LEU A 360 23.09 19.66 25.76
N GLU A 361 23.08 19.32 27.05
CA GLU A 361 22.47 20.15 28.11
C GLU A 361 23.27 21.47 28.29
N LYS A 362 24.60 21.37 28.07
CA LYS A 362 25.51 22.53 27.96
C LYS A 362 25.00 23.44 26.84
N LEU A 363 24.92 22.90 25.61
CA LEU A 363 24.56 23.65 24.39
C LEU A 363 23.15 24.26 24.48
N ALA A 364 22.27 23.58 25.23
CA ALA A 364 20.88 24.02 25.48
C ALA A 364 20.85 25.38 26.19
N LYS A 365 21.82 25.58 27.11
CA LYS A 365 21.95 26.83 27.89
C LYS A 365 23.06 27.73 27.31
N ASP A 366 23.99 27.14 26.56
CA ASP A 366 25.20 27.83 26.06
C ASP A 366 24.83 28.75 24.90
N ASP A 367 23.92 28.27 24.04
CA ASP A 367 23.33 29.05 22.96
C ASP A 367 22.07 28.35 22.46
N ALA A 368 20.90 28.91 22.79
CA ALA A 368 19.58 28.33 22.45
C ALA A 368 19.35 28.22 20.93
N GLU A 369 20.00 29.13 20.15
CA GLU A 369 19.88 29.14 18.67
C GLU A 369 20.66 27.97 18.08
N LYS A 370 21.85 27.70 18.62
CA LYS A 370 22.69 26.58 18.20
C LYS A 370 22.00 25.25 18.49
N TYR A 371 21.38 25.14 19.68
CA TYR A 371 20.64 23.93 20.07
C TYR A 371 19.33 23.77 19.26
N GLN A 372 18.78 24.90 18.79
CA GLN A 372 17.57 24.90 17.95
C GLN A 372 17.89 24.36 16.54
N THR A 373 19.04 24.81 16.01
CA THR A 373 19.58 24.33 14.72
C THR A 373 19.94 22.83 14.83
N PHE A 374 20.48 22.46 16.00
CA PHE A 374 20.80 21.06 16.34
C PHE A 374 19.56 20.17 16.17
N TRP A 375 18.44 20.54 16.81
CA TRP A 375 17.21 19.72 16.79
C TRP A 375 16.63 19.63 15.35
N GLN A 376 16.78 20.71 14.57
CA GLN A 376 16.24 20.77 13.19
C GLN A 376 17.05 19.85 12.24
N GLN A 377 18.34 19.62 12.56
CA GLN A 377 19.25 18.78 11.73
C GLN A 377 19.31 17.32 12.23
N PHE A 378 19.19 17.12 13.56
CA PHE A 378 19.54 15.83 14.22
C PHE A 378 18.38 15.26 15.09
N GLY A 379 17.37 16.09 15.36
CA GLY A 379 16.36 15.82 16.40
C GLY A 379 15.42 14.65 16.14
N LEU A 380 15.06 14.43 14.85
CA LEU A 380 14.17 13.32 14.46
C LEU A 380 14.82 11.96 14.76
N VAL A 381 16.18 11.92 14.73
CA VAL A 381 16.96 10.74 15.15
C VAL A 381 16.95 10.62 16.69
N LEU A 382 17.14 11.78 17.37
CA LEU A 382 17.17 11.86 18.86
C LEU A 382 15.85 11.34 19.50
N LYS A 383 14.72 11.44 18.75
CA LYS A 383 13.38 10.97 19.21
C LYS A 383 13.31 9.44 19.49
N GLU A 384 14.21 8.63 18.90
CA GLU A 384 14.25 7.16 19.18
C GLU A 384 14.98 6.88 20.50
N GLY A 385 15.72 7.89 20.98
CA GLY A 385 16.49 7.82 22.21
C GLY A 385 15.66 7.57 23.49
N PRO A 386 14.61 8.41 23.81
CA PRO A 386 13.70 8.16 24.96
C PRO A 386 12.83 6.90 24.77
N ALA A 387 12.80 6.39 23.51
CA ALA A 387 12.14 5.13 23.17
C ALA A 387 13.06 3.94 23.50
N GLU A 388 14.36 4.19 23.47
CA GLU A 388 15.37 3.22 23.95
C GLU A 388 15.41 3.22 25.47
N ASP A 389 15.93 4.32 26.03
CA ASP A 389 16.15 4.44 27.47
C ASP A 389 14.81 4.79 28.18
N PHE A 390 14.31 3.83 28.96
CA PHE A 390 13.04 3.95 29.69
C PHE A 390 13.26 4.72 31.02
N ALA A 391 14.30 4.34 31.78
CA ALA A 391 14.52 4.83 33.18
C ALA A 391 14.87 6.33 33.24
N ASN A 392 15.65 6.77 32.25
CA ASN A 392 16.15 8.15 32.15
C ASN A 392 15.32 8.96 31.13
N GLN A 393 14.07 8.48 30.85
CA GLN A 393 13.16 9.10 29.84
C GLN A 393 12.93 10.61 30.10
N GLU A 394 13.04 11.02 31.39
CA GLU A 394 12.80 12.40 31.86
C GLU A 394 14.01 13.33 31.57
N ALA A 395 15.23 12.77 31.72
CA ALA A 395 16.49 13.50 31.42
C ALA A 395 16.57 13.81 29.92
N ILE A 396 16.03 12.87 29.13
CA ILE A 396 15.97 12.99 27.66
C ILE A 396 14.78 13.88 27.27
N ALA A 397 13.69 13.80 28.06
CA ALA A 397 12.44 14.58 27.86
C ALA A 397 12.71 16.10 27.91
N LYS A 398 13.71 16.47 28.72
CA LYS A 398 14.24 17.83 28.80
C LYS A 398 14.90 18.24 27.45
N LEU A 399 15.66 17.31 26.86
CA LEU A 399 16.38 17.51 25.59
C LEU A 399 15.40 17.53 24.39
N LEU A 400 14.26 16.83 24.54
CA LEU A 400 13.24 16.67 23.49
C LEU A 400 12.50 18.00 23.22
N ARG A 401 12.28 18.28 21.93
CA ARG A 401 11.56 19.48 21.48
C ARG A 401 10.36 19.02 20.63
N PHE A 402 9.17 19.56 20.93
CA PHE A 402 7.91 19.25 20.22
C PHE A 402 7.33 20.55 19.64
N ALA A 403 6.43 20.43 18.66
CA ALA A 403 5.64 21.57 18.17
C ALA A 403 4.43 21.75 19.12
N SER A 404 3.69 22.88 18.99
CA SER A 404 2.57 23.18 19.91
C SER A 404 1.70 24.37 19.43
N THR A 405 0.73 24.78 20.28
CA THR A 405 -0.12 25.97 20.06
C THR A 405 0.51 27.25 20.63
N HIS A 406 1.82 27.21 20.95
CA HIS A 406 2.57 28.42 21.32
C HIS A 406 2.89 29.23 20.06
N THR A 407 3.11 28.50 18.95
CA THR A 407 3.44 29.07 17.65
C THR A 407 2.82 28.23 16.53
N ASP A 408 2.78 28.78 15.32
CA ASP A 408 2.35 28.06 14.10
C ASP A 408 3.58 27.65 13.25
N SER A 409 4.79 27.82 13.83
CA SER A 409 6.06 27.43 13.21
C SER A 409 6.24 25.89 13.19
N SER A 410 6.73 25.37 12.06
CA SER A 410 6.90 23.92 11.85
C SER A 410 8.10 23.37 12.64
N ALA A 411 9.12 24.22 12.89
CA ALA A 411 10.33 23.85 13.66
C ALA A 411 9.97 23.68 15.15
N GLN A 412 10.41 22.56 15.74
CA GLN A 412 10.14 22.26 17.15
C GLN A 412 11.06 23.10 18.05
N THR A 413 10.60 24.31 18.40
CA THR A 413 11.32 25.23 19.32
C THR A 413 10.83 25.05 20.76
N VAL A 414 9.56 24.64 20.89
CA VAL A 414 8.93 24.34 22.18
C VAL A 414 9.43 22.98 22.68
N SER A 415 9.61 22.87 24.01
CA SER A 415 9.95 21.60 24.67
C SER A 415 8.85 21.25 25.68
N LEU A 416 9.08 20.20 26.45
CA LEU A 416 8.25 19.85 27.61
C LEU A 416 8.46 20.88 28.74
N GLU A 417 9.63 21.53 28.73
CA GLU A 417 9.98 22.63 29.65
C GLU A 417 9.10 23.86 29.35
N ASP A 418 8.91 24.15 28.04
CA ASP A 418 8.01 25.24 27.58
C ASP A 418 6.54 24.93 27.85
N TYR A 419 6.16 23.63 27.81
CA TYR A 419 4.81 23.20 28.21
C TYR A 419 4.60 23.54 29.70
N VAL A 420 5.57 23.16 30.55
CA VAL A 420 5.50 23.38 32.02
C VAL A 420 5.49 24.89 32.35
N SER A 421 6.22 25.69 31.55
CA SER A 421 6.22 27.16 31.68
C SER A 421 4.85 27.75 31.29
N ARG A 422 4.22 27.18 30.25
CA ARG A 422 2.95 27.67 29.70
C ARG A 422 1.74 26.91 30.30
N MET A 423 2.02 26.03 31.30
CA MET A 423 0.98 25.39 32.13
C MET A 423 0.11 26.45 32.83
N LYS A 424 -1.17 26.13 32.98
CA LYS A 424 -2.12 26.94 33.74
C LYS A 424 -2.52 26.20 35.03
N GLU A 425 -3.31 26.87 35.88
CA GLU A 425 -3.81 26.29 37.14
C GLU A 425 -4.69 25.06 36.83
N GLY A 426 -4.42 23.95 37.54
CA GLY A 426 -5.14 22.68 37.32
C GLY A 426 -4.62 21.86 36.12
N GLN A 427 -3.54 22.32 35.46
CA GLN A 427 -2.96 21.60 34.29
C GLN A 427 -1.85 20.63 34.79
N GLU A 428 -2.30 19.56 35.49
CA GLU A 428 -1.41 18.55 36.10
C GLU A 428 -1.05 17.41 35.13
N LYS A 429 -1.59 17.47 33.90
CA LYS A 429 -1.36 16.46 32.86
C LYS A 429 -0.93 17.13 31.56
N ILE A 430 -0.04 16.46 30.81
CA ILE A 430 0.43 16.95 29.51
C ILE A 430 -0.62 16.61 28.44
N TYR A 431 -1.21 17.65 27.85
CA TYR A 431 -2.19 17.55 26.78
C TYR A 431 -1.48 17.64 25.43
N TYR A 432 -1.70 16.63 24.57
CA TYR A 432 -1.03 16.52 23.27
C TYR A 432 -1.80 15.56 22.35
N ILE A 433 -1.78 15.87 21.03
CA ILE A 433 -2.50 15.09 19.99
C ILE A 433 -1.50 14.74 18.86
N THR A 434 -1.67 13.54 18.27
CA THR A 434 -0.85 13.05 17.16
C THR A 434 -1.37 13.57 15.79
N ALA A 435 -0.46 13.69 14.82
CA ALA A 435 -0.80 14.05 13.42
C ALA A 435 0.15 13.33 12.46
N ASP A 436 -0.34 13.07 11.23
CA ASP A 436 0.49 12.49 10.15
C ASP A 436 1.45 13.57 9.60
N SER A 437 0.97 14.82 9.58
CA SER A 437 1.74 16.00 9.16
C SER A 437 1.46 17.18 10.10
N TYR A 438 2.45 18.08 10.28
CA TYR A 438 2.24 19.34 11.02
C TYR A 438 1.27 20.24 10.24
N ALA A 439 1.21 20.06 8.91
CA ALA A 439 0.25 20.74 8.04
C ALA A 439 -1.21 20.43 8.47
N ALA A 440 -1.48 19.14 8.72
CA ALA A 440 -2.80 18.65 9.19
C ALA A 440 -3.15 19.28 10.55
N ALA A 441 -2.18 19.18 11.49
CA ALA A 441 -2.30 19.72 12.86
C ALA A 441 -2.65 21.22 12.82
N LYS A 442 -1.82 21.97 12.10
CA LYS A 442 -1.87 23.43 12.00
C LYS A 442 -3.17 23.92 11.32
N SER A 443 -3.74 23.07 10.43
CA SER A 443 -4.94 23.41 9.64
C SER A 443 -6.24 22.91 10.33
N SER A 444 -6.12 22.33 11.54
CA SER A 444 -7.26 22.14 12.44
C SER A 444 -7.57 23.50 13.12
N PRO A 445 -8.75 24.15 12.82
CA PRO A 445 -9.09 25.50 13.37
C PRO A 445 -9.39 25.48 14.89
N HIS A 446 -9.60 24.26 15.42
CA HIS A 446 -9.91 24.01 16.84
C HIS A 446 -8.82 24.58 17.75
N LEU A 447 -7.56 24.37 17.33
CA LEU A 447 -6.35 24.80 18.06
C LEU A 447 -6.34 26.31 18.31
N GLU A 448 -6.89 27.10 17.35
CA GLU A 448 -6.85 28.57 17.38
C GLU A 448 -7.57 29.15 18.61
N LEU A 449 -8.52 28.36 19.17
CA LEU A 449 -9.28 28.75 20.37
C LEU A 449 -8.29 28.88 21.55
N LEU A 450 -7.55 27.79 21.83
CA LEU A 450 -6.63 27.72 22.98
C LEU A 450 -5.27 28.39 22.70
N ARG A 451 -4.93 28.52 21.41
CA ARG A 451 -3.70 29.19 20.93
C ARG A 451 -3.77 30.68 21.32
N LYS A 452 -4.96 31.27 21.12
CA LYS A 452 -5.21 32.69 21.42
C LYS A 452 -5.51 32.89 22.94
N LYS A 453 -5.88 31.80 23.65
CA LYS A 453 -6.18 31.84 25.11
C LYS A 453 -4.91 31.65 25.97
N GLY A 454 -3.79 31.26 25.34
CA GLY A 454 -2.50 31.18 26.02
C GLY A 454 -2.28 29.88 26.80
N ILE A 455 -3.08 28.84 26.52
CA ILE A 455 -2.91 27.50 27.12
C ILE A 455 -2.19 26.62 26.10
N GLU A 456 -1.29 25.74 26.59
CA GLU A 456 -0.41 24.95 25.72
C GLU A 456 -1.05 23.60 25.35
N VAL A 457 -0.97 23.28 24.04
CA VAL A 457 -1.44 22.01 23.46
C VAL A 457 -0.32 21.52 22.51
N LEU A 458 0.40 20.45 22.88
CA LEU A 458 1.54 19.96 22.08
C LEU A 458 1.04 19.20 20.82
N LEU A 459 1.70 19.49 19.69
CA LEU A 459 1.40 18.90 18.38
C LEU A 459 2.55 17.98 17.94
N LEU A 460 2.37 16.67 18.16
CA LEU A 460 3.37 15.66 17.79
C LEU A 460 3.00 15.11 16.40
N SER A 461 3.75 15.56 15.39
CA SER A 461 3.34 15.46 13.97
C SER A 461 4.27 14.56 13.14
N ASP A 462 5.14 13.78 13.81
CA ASP A 462 5.97 12.75 13.15
C ASP A 462 5.59 11.38 13.74
N ARG A 463 5.79 10.32 12.95
CA ARG A 463 5.28 8.97 13.24
C ARG A 463 6.16 8.21 14.25
N ILE A 464 7.42 8.65 14.43
CA ILE A 464 8.34 8.02 15.40
C ILE A 464 7.88 8.33 16.86
N ASP A 465 7.17 9.47 17.01
CA ASP A 465 6.69 9.98 18.31
C ASP A 465 5.75 8.98 18.99
N GLU A 466 5.00 8.19 18.19
CA GLU A 466 4.13 7.12 18.71
C GLU A 466 4.95 6.08 19.49
N TRP A 467 6.07 5.63 18.88
CA TRP A 467 6.92 4.58 19.46
C TRP A 467 7.54 5.10 20.77
N MET A 468 8.07 6.33 20.68
CA MET A 468 8.69 7.06 21.80
C MET A 468 7.76 7.16 23.02
N MET A 469 6.49 7.49 22.75
CA MET A 469 5.49 7.76 23.79
C MET A 469 5.03 6.47 24.52
N ASN A 470 5.30 5.28 23.91
CA ASN A 470 4.99 3.99 24.58
C ASN A 470 5.88 3.81 25.83
N TYR A 471 7.07 4.43 25.79
CA TYR A 471 8.05 4.37 26.90
C TYR A 471 7.92 5.63 27.78
N LEU A 472 7.95 6.82 27.14
CA LEU A 472 7.89 8.12 27.84
C LEU A 472 6.43 8.36 28.33
N THR A 473 6.15 7.80 29.50
CA THR A 473 4.82 7.82 30.13
C THR A 473 4.65 9.04 31.07
N GLU A 474 5.75 9.51 31.69
CA GLU A 474 5.67 10.56 32.74
C GLU A 474 6.88 11.50 32.66
N PHE A 475 6.68 12.76 33.07
CA PHE A 475 7.71 13.81 33.11
C PHE A 475 7.50 14.66 34.37
N ASP A 476 8.47 14.60 35.29
CA ASP A 476 8.55 15.47 36.50
C ASP A 476 7.41 15.17 37.51
N GLY A 477 6.75 14.01 37.35
CA GLY A 477 5.60 13.62 38.19
C GLY A 477 4.26 13.90 37.52
N LYS A 478 4.27 14.70 36.45
CA LYS A 478 3.07 15.01 35.65
C LYS A 478 2.92 13.94 34.54
N PRO A 479 1.78 13.17 34.51
CA PRO A 479 1.56 12.11 33.50
C PRO A 479 1.10 12.67 32.14
N PHE A 480 1.50 11.98 31.06
CA PHE A 480 1.12 12.32 29.69
C PHE A 480 -0.28 11.76 29.35
N GLN A 481 -1.25 12.66 29.13
CA GLN A 481 -2.66 12.27 28.87
C GLN A 481 -3.12 12.74 27.47
N SER A 482 -3.81 11.85 26.78
CA SER A 482 -4.39 12.09 25.45
C SER A 482 -5.73 12.84 25.52
N VAL A 483 -6.19 13.33 24.36
CA VAL A 483 -7.51 14.00 24.20
C VAL A 483 -8.66 12.95 24.04
N SER A 484 -8.46 11.74 24.63
CA SER A 484 -9.40 10.59 24.52
C SER A 484 -10.84 10.94 24.96
N LYS A 485 -10.98 11.97 25.81
CA LYS A 485 -12.30 12.52 26.19
C LYS A 485 -12.35 14.01 25.80
N VAL A 486 -13.56 14.47 25.49
CA VAL A 486 -13.87 15.88 25.16
C VAL A 486 -15.29 16.17 25.63
N ASP A 487 -15.72 17.45 25.55
CA ASP A 487 -17.09 17.82 25.90
C ASP A 487 -17.55 19.04 25.10
N GLU A 488 -18.87 19.18 24.98
CA GLU A 488 -19.54 20.31 24.34
C GLU A 488 -19.89 21.36 25.41
N SER A 489 -18.90 21.66 26.26
CA SER A 489 -18.98 22.63 27.37
C SER A 489 -19.36 24.06 26.91
N LEU A 490 -19.33 24.30 25.59
CA LEU A 490 -19.79 25.56 24.96
C LEU A 490 -21.31 25.49 24.63
N GLU A 491 -22.01 24.54 25.30
CA GLU A 491 -23.43 24.15 25.04
C GLU A 491 -24.38 25.35 24.96
N LYS A 492 -24.36 26.15 26.04
CA LYS A 492 -25.23 27.32 26.20
C LYS A 492 -24.40 28.61 26.12
N LEU A 493 -23.14 28.47 25.66
CA LEU A 493 -22.18 29.59 25.53
C LEU A 493 -22.13 30.06 24.05
N ALA A 494 -23.22 29.75 23.31
CA ALA A 494 -23.37 30.09 21.89
C ALA A 494 -23.97 31.51 21.68
N ASP A 495 -23.95 32.34 22.74
CA ASP A 495 -24.23 33.79 22.66
C ASP A 495 -22.96 34.57 22.31
N GLU A 496 -21.78 33.93 22.55
CA GLU A 496 -20.45 34.55 22.37
C GLU A 496 -19.95 34.44 20.92
N VAL A 497 -20.88 34.53 19.98
CA VAL A 497 -20.65 34.27 18.56
C VAL A 497 -20.50 35.61 17.80
N ASP A 498 -19.46 36.35 18.22
CA ASP A 498 -19.13 37.70 17.72
C ASP A 498 -20.22 38.70 18.13
N GLU A 499 -21.28 38.84 17.29
CA GLU A 499 -22.39 39.78 17.51
C GLU A 499 -23.66 39.33 16.74
N SER A 500 -23.62 38.11 16.15
CA SER A 500 -24.72 37.59 15.33
C SER A 500 -25.98 37.28 16.18
N ALA A 501 -26.91 38.26 16.19
CA ALA A 501 -28.10 38.25 17.06
C ALA A 501 -29.34 37.68 16.34
N LYS A 502 -30.51 37.78 17.01
CA LYS A 502 -31.78 37.16 16.54
C LYS A 502 -32.41 37.96 15.39
N GLU A 503 -31.99 39.21 15.21
CA GLU A 503 -32.36 40.02 14.04
C GLU A 503 -31.83 39.34 12.75
N ALA A 504 -30.64 38.72 12.86
CA ALA A 504 -30.05 37.90 11.78
C ALA A 504 -30.93 36.67 11.52
N GLU A 505 -31.32 35.95 12.60
CA GLU A 505 -32.13 34.71 12.53
C GLU A 505 -33.43 34.90 11.72
N LYS A 506 -34.03 36.08 11.89
CA LYS A 506 -35.26 36.48 11.17
C LYS A 506 -35.03 36.57 9.65
N ALA A 507 -33.85 37.07 9.27
CA ALA A 507 -33.43 37.16 7.85
C ALA A 507 -32.94 35.79 7.32
N LEU A 508 -32.59 34.88 8.25
CA LEU A 508 -32.07 33.55 7.92
C LEU A 508 -33.17 32.53 7.66
N THR A 509 -34.37 32.70 8.26
CA THR A 509 -35.51 31.78 8.04
C THR A 509 -35.94 31.69 6.53
N PRO A 510 -36.03 32.83 5.73
CA PRO A 510 -36.24 32.75 4.26
C PRO A 510 -35.09 32.03 3.51
N PHE A 511 -33.88 32.14 4.09
CA PHE A 511 -32.68 31.46 3.58
C PHE A 511 -32.80 29.93 3.81
N ILE A 512 -33.33 29.53 5.00
CA ILE A 512 -33.55 28.10 5.35
C ILE A 512 -34.52 27.46 4.36
N ASP A 513 -35.59 28.20 4.03
CA ASP A 513 -36.63 27.78 3.07
C ASP A 513 -36.01 27.44 1.71
N ARG A 514 -35.16 28.34 1.20
CA ARG A 514 -34.46 28.14 -0.08
C ARG A 514 -33.51 26.93 -0.03
N VAL A 515 -32.72 26.82 1.06
CA VAL A 515 -31.68 25.76 1.20
C VAL A 515 -32.32 24.36 1.24
N LYS A 516 -33.41 24.20 2.00
CA LYS A 516 -34.09 22.90 2.15
C LYS A 516 -34.86 22.52 0.87
N ALA A 517 -35.33 23.54 0.13
CA ALA A 517 -36.03 23.33 -1.15
C ALA A 517 -35.01 23.00 -2.27
N LEU A 518 -33.78 23.51 -2.11
CA LEU A 518 -32.68 23.36 -3.09
C LEU A 518 -32.03 21.97 -2.93
N LEU A 519 -31.80 21.57 -1.66
CA LEU A 519 -31.13 20.30 -1.32
C LEU A 519 -32.15 19.15 -1.24
N GLY A 520 -33.44 19.51 -1.05
CA GLY A 520 -34.54 18.55 -1.03
C GLY A 520 -34.50 17.65 0.20
N GLU A 521 -34.33 16.33 -0.03
CA GLU A 521 -34.37 15.30 1.02
C GLU A 521 -33.00 14.61 1.15
N ARG A 522 -31.93 15.30 0.72
CA ARG A 522 -30.55 14.81 0.86
C ARG A 522 -30.00 15.13 2.28
N VAL A 523 -30.71 16.03 3.00
CA VAL A 523 -30.32 16.50 4.34
C VAL A 523 -31.40 16.09 5.36
N LYS A 524 -30.98 15.87 6.62
CA LYS A 524 -31.90 15.59 7.74
C LYS A 524 -32.73 16.86 8.05
N ASP A 525 -32.00 17.96 8.28
CA ASP A 525 -32.59 19.29 8.54
C ASP A 525 -31.49 20.35 8.48
N VAL A 526 -31.85 21.55 8.00
CA VAL A 526 -30.92 22.68 7.84
C VAL A 526 -31.21 23.73 8.94
N ARG A 527 -30.25 23.92 9.85
CA ARG A 527 -30.35 24.89 10.96
C ARG A 527 -29.24 25.93 10.83
N LEU A 528 -29.59 27.21 11.00
CA LEU A 528 -28.63 28.33 10.99
C LEU A 528 -28.18 28.60 12.44
N THR A 529 -27.09 27.91 12.84
CA THR A 529 -26.40 28.11 14.13
C THR A 529 -25.19 29.04 13.92
N HIS A 530 -24.31 29.20 14.93
CA HIS A 530 -23.13 30.08 14.78
C HIS A 530 -21.85 29.39 15.27
N ARG A 531 -21.30 28.49 14.43
CA ARG A 531 -19.98 27.87 14.66
C ARG A 531 -18.91 28.77 14.04
N LEU A 532 -18.13 29.50 14.90
CA LEU A 532 -17.13 30.53 14.46
C LEU A 532 -16.20 29.96 13.35
N THR A 533 -15.13 29.21 13.76
CA THR A 533 -14.23 28.35 12.90
C THR A 533 -13.85 28.95 11.50
N ASP A 534 -13.20 28.13 10.63
CA ASP A 534 -13.00 28.46 9.19
C ASP A 534 -14.01 27.72 8.31
N THR A 535 -14.76 26.79 8.92
CA THR A 535 -15.78 25.99 8.24
C THR A 535 -17.05 26.85 8.06
N PRO A 536 -17.59 27.02 6.80
CA PRO A 536 -18.83 27.78 6.55
C PRO A 536 -20.06 27.08 7.16
N ALA A 537 -20.09 25.77 6.97
CA ALA A 537 -21.16 24.92 7.43
C ALA A 537 -20.59 23.55 7.81
N ILE A 538 -21.02 23.06 8.96
CA ILE A 538 -20.55 21.82 9.57
C ILE A 538 -21.78 21.01 9.97
N VAL A 539 -21.66 19.69 9.93
CA VAL A 539 -22.77 18.78 10.24
C VAL A 539 -22.57 18.11 11.61
N SER A 540 -23.68 17.82 12.29
CA SER A 540 -23.68 17.10 13.58
C SER A 540 -24.17 15.65 13.40
N THR A 541 -23.74 14.77 14.32
CA THR A 541 -24.05 13.34 14.28
C THR A 541 -24.64 12.89 15.62
N ASP A 542 -25.53 11.89 15.56
CA ASP A 542 -26.13 11.27 16.76
C ASP A 542 -25.20 10.15 17.26
N ALA A 543 -25.03 9.12 16.43
CA ALA A 543 -24.14 7.98 16.72
C ALA A 543 -22.96 7.95 15.72
N ASP A 544 -22.36 6.75 15.52
CA ASP A 544 -21.19 6.57 14.62
C ASP A 544 -21.60 6.89 13.15
N GLU A 545 -20.99 7.99 12.62
CA GLU A 545 -21.25 8.52 11.27
C GLU A 545 -22.74 8.94 11.13
N MET A 546 -23.32 9.45 12.25
CA MET A 546 -24.77 9.66 12.45
C MET A 546 -25.44 8.31 12.71
N SER A 547 -25.39 7.41 11.72
CA SER A 547 -26.09 6.13 11.76
C SER A 547 -25.57 5.12 10.70
N THR A 548 -24.30 5.29 10.24
CA THR A 548 -23.74 4.43 9.14
C THR A 548 -23.02 3.19 9.73
N GLN A 549 -23.33 2.83 11.00
CA GLN A 549 -22.67 1.72 11.68
C GLN A 549 -23.42 1.32 12.97
N MET A 550 -24.43 0.42 12.82
CA MET A 550 -25.30 -0.07 13.93
C MET A 550 -26.35 -1.05 13.38
N ALA A 551 -27.12 -1.70 14.28
CA ALA A 551 -28.23 -2.59 13.89
C ALA A 551 -29.48 -1.78 13.47
N LYS A 552 -30.09 -1.05 14.45
CA LYS A 552 -31.36 -0.29 14.26
C LYS A 552 -31.22 0.77 13.18
N LEU A 553 -30.05 1.42 13.18
CA LEU A 553 -29.76 2.55 12.30
C LEU A 553 -29.75 2.09 10.83
N PHE A 554 -29.10 0.94 10.53
CA PHE A 554 -29.15 0.32 9.16
C PHE A 554 -30.55 -0.21 8.81
N ALA A 555 -31.38 -0.44 9.83
CA ALA A 555 -32.76 -0.95 9.67
C ALA A 555 -33.79 0.20 9.56
N ALA A 556 -33.29 1.45 9.40
CA ALA A 556 -34.16 2.64 9.26
C ALA A 556 -34.94 2.63 7.92
N ALA A 557 -34.22 2.43 6.80
CA ALA A 557 -34.85 2.39 5.44
C ALA A 557 -34.04 1.57 4.43
N GLY A 558 -32.69 1.69 4.48
CA GLY A 558 -31.82 0.95 3.55
C GLY A 558 -31.02 1.82 2.57
N GLN A 559 -31.59 2.96 2.11
CA GLN A 559 -30.88 3.90 1.21
C GLN A 559 -29.85 4.70 2.04
N LYS A 560 -28.63 4.12 2.18
CA LYS A 560 -27.49 4.61 3.00
C LYS A 560 -27.90 5.02 4.44
N VAL A 561 -29.10 4.57 4.88
CA VAL A 561 -29.86 5.11 6.03
C VAL A 561 -30.27 6.60 5.81
N PRO A 562 -31.59 6.95 5.98
CA PRO A 562 -32.08 8.34 5.87
C PRO A 562 -31.52 9.21 7.00
N GLU A 563 -31.34 8.61 8.17
CA GLU A 563 -30.77 9.27 9.35
C GLU A 563 -29.29 9.70 9.08
N VAL A 564 -28.56 8.90 8.23
CA VAL A 564 -27.15 9.19 7.85
C VAL A 564 -27.02 10.56 7.16
N LYS A 565 -28.09 11.00 6.49
CA LYS A 565 -28.19 12.39 6.00
C LYS A 565 -28.04 13.31 7.22
N TYR A 566 -26.95 14.09 7.23
CA TYR A 566 -26.48 14.79 8.43
C TYR A 566 -27.25 16.10 8.64
N ILE A 567 -27.18 16.66 9.87
CA ILE A 567 -27.86 17.91 10.22
C ILE A 567 -26.96 19.07 9.81
N PHE A 568 -27.39 19.81 8.77
CA PHE A 568 -26.59 20.83 8.08
C PHE A 568 -26.69 22.18 8.82
N GLU A 569 -25.62 22.51 9.58
CA GLU A 569 -25.57 23.72 10.41
C GLU A 569 -24.62 24.74 9.78
N LEU A 570 -25.14 25.90 9.35
CA LEU A 570 -24.34 26.98 8.69
C LEU A 570 -24.03 28.08 9.71
N ASN A 571 -23.00 28.89 9.42
CA ASN A 571 -22.61 30.04 10.28
C ASN A 571 -22.67 31.36 9.46
N PRO A 572 -23.69 32.24 9.73
CA PRO A 572 -23.85 33.55 9.04
C PRO A 572 -22.69 34.52 9.36
N ASP A 573 -22.12 34.33 10.56
CA ASP A 573 -20.97 35.10 11.07
C ASP A 573 -19.73 34.85 10.19
N HIS A 574 -19.63 33.63 9.63
CA HIS A 574 -18.50 33.29 8.76
C HIS A 574 -18.75 33.87 7.34
N VAL A 575 -17.73 34.59 6.83
CA VAL A 575 -17.79 35.40 5.59
C VAL A 575 -18.25 34.59 4.35
N LEU A 576 -18.04 33.27 4.36
CA LEU A 576 -18.40 32.36 3.24
C LEU A 576 -19.92 32.24 3.03
N VAL A 577 -20.66 32.05 4.14
CA VAL A 577 -22.14 31.95 4.12
C VAL A 577 -22.75 33.33 3.82
N LYS A 578 -22.07 34.38 4.32
CA LYS A 578 -22.45 35.79 4.09
C LYS A 578 -22.29 36.13 2.58
N ARG A 579 -21.21 35.61 1.98
CA ARG A 579 -20.88 35.81 0.55
C ARG A 579 -21.84 35.01 -0.33
N ALA A 580 -22.24 33.83 0.18
CA ALA A 580 -23.23 32.94 -0.49
C ALA A 580 -24.65 33.52 -0.37
N ALA A 581 -24.85 34.37 0.65
CA ALA A 581 -26.10 35.12 0.85
C ALA A 581 -26.16 36.31 -0.11
N ASP A 582 -24.98 36.93 -0.38
CA ASP A 582 -24.86 38.04 -1.36
C ASP A 582 -25.06 37.51 -2.80
N THR A 583 -24.78 36.21 -3.01
CA THR A 583 -24.98 35.56 -4.31
C THR A 583 -26.50 35.49 -4.62
N GLU A 584 -26.97 36.49 -5.37
CA GLU A 584 -28.37 36.64 -5.76
C GLU A 584 -28.65 35.87 -7.06
N ASP A 585 -27.57 35.56 -7.81
CA ASP A 585 -27.62 34.67 -8.98
C ASP A 585 -28.14 33.30 -8.53
N GLU A 586 -29.34 32.91 -8.97
CA GLU A 586 -30.05 31.71 -8.50
C GLU A 586 -29.26 30.42 -8.77
N ALA A 587 -28.60 30.37 -9.94
CA ALA A 587 -27.79 29.20 -10.36
C ALA A 587 -26.53 29.08 -9.48
N LYS A 588 -25.86 30.22 -9.23
CA LYS A 588 -24.63 30.26 -8.43
C LYS A 588 -24.94 30.16 -6.93
N PHE A 589 -26.17 30.52 -6.54
CA PHE A 589 -26.67 30.32 -5.19
C PHE A 589 -26.81 28.81 -4.94
N SER A 590 -27.38 28.12 -5.95
CA SER A 590 -27.51 26.66 -5.96
C SER A 590 -26.11 26.00 -5.88
N GLU A 591 -25.12 26.62 -6.59
CA GLU A 591 -23.70 26.20 -6.54
C GLU A 591 -23.17 26.22 -5.10
N TRP A 592 -23.25 27.39 -4.43
CA TRP A 592 -22.71 27.58 -3.07
C TRP A 592 -23.40 26.65 -2.06
N VAL A 593 -24.74 26.62 -2.06
CA VAL A 593 -25.54 25.84 -1.09
C VAL A 593 -25.17 24.34 -1.12
N GLU A 594 -25.07 23.78 -2.35
CA GLU A 594 -24.68 22.36 -2.55
C GLU A 594 -23.20 22.15 -2.29
N LEU A 595 -22.36 23.14 -2.65
CA LEU A 595 -20.88 23.03 -2.49
C LEU A 595 -20.49 22.97 -1.01
N LEU A 596 -21.20 23.76 -0.19
CA LEU A 596 -20.98 23.83 1.26
C LEU A 596 -21.58 22.58 1.93
N LEU A 597 -22.68 22.02 1.33
CA LEU A 597 -23.26 20.75 1.78
C LEU A 597 -22.27 19.59 1.62
N ASP A 598 -21.81 19.40 0.37
CA ASP A 598 -20.81 18.37 0.02
C ASP A 598 -19.54 18.53 0.88
N GLN A 599 -19.11 19.79 1.12
CA GLN A 599 -17.91 20.09 1.94
C GLN A 599 -18.13 19.68 3.42
N ALA A 600 -19.38 19.85 3.91
CA ALA A 600 -19.76 19.54 5.30
C ALA A 600 -19.78 18.01 5.55
N LEU A 601 -20.38 17.25 4.63
CA LEU A 601 -20.37 15.75 4.68
C LEU A 601 -18.91 15.25 4.59
N LEU A 602 -18.13 15.94 3.73
CA LEU A 602 -16.69 15.68 3.52
C LEU A 602 -15.89 16.07 4.79
N ALA A 603 -16.43 16.99 5.61
CA ALA A 603 -15.81 17.40 6.90
C ALA A 603 -15.99 16.32 7.95
N GLU A 604 -17.04 15.50 7.78
CA GLU A 604 -17.42 14.45 8.73
C GLU A 604 -16.81 13.09 8.33
N ARG A 605 -16.68 12.84 7.01
CA ARG A 605 -16.37 11.49 6.47
C ARG A 605 -15.18 11.50 5.49
N GLY A 606 -14.98 12.62 4.78
CA GLY A 606 -13.95 12.70 3.71
C GLY A 606 -14.36 11.98 2.43
N THR A 607 -15.64 11.56 2.35
CA THR A 607 -16.18 10.77 1.22
C THR A 607 -17.61 11.25 0.90
N LEU A 608 -17.99 11.25 -0.39
CA LEU A 608 -19.31 11.74 -0.86
C LEU A 608 -20.00 10.68 -1.74
N GLU A 609 -21.35 10.74 -1.80
CA GLU A 609 -22.16 9.83 -2.67
C GLU A 609 -21.89 10.13 -4.15
N ASP A 610 -21.76 11.42 -4.48
CA ASP A 610 -21.41 11.90 -5.83
C ASP A 610 -20.29 12.94 -5.71
N PRO A 611 -18.98 12.52 -5.78
CA PRO A 611 -17.81 13.45 -5.80
C PRO A 611 -17.84 14.40 -7.00
N ASN A 612 -18.47 13.92 -8.11
CA ASN A 612 -18.66 14.70 -9.35
C ASN A 612 -19.41 16.02 -9.08
N LEU A 613 -20.39 15.98 -8.16
CA LEU A 613 -21.26 17.13 -7.81
C LEU A 613 -20.39 18.30 -7.24
N PHE A 614 -19.59 17.94 -6.21
CA PHE A 614 -18.71 18.87 -5.49
C PHE A 614 -17.68 19.52 -6.42
N ILE A 615 -16.89 18.69 -7.11
CA ILE A 615 -15.76 19.14 -7.96
C ILE A 615 -16.25 20.03 -9.11
N ARG A 616 -17.43 19.68 -9.67
CA ARG A 616 -18.07 20.41 -10.79
C ARG A 616 -18.41 21.86 -10.35
N ARG A 617 -18.87 22.03 -9.10
CA ARG A 617 -19.19 23.36 -8.54
C ARG A 617 -17.93 24.10 -8.03
N MET A 618 -16.94 23.33 -7.56
CA MET A 618 -15.72 23.87 -6.91
C MET A 618 -14.86 24.63 -7.93
N ASN A 619 -14.47 23.90 -8.99
CA ASN A 619 -13.59 24.41 -10.06
C ASN A 619 -14.29 25.52 -10.85
N GLN A 620 -15.63 25.40 -10.99
CA GLN A 620 -16.47 26.36 -11.72
C GLN A 620 -16.50 27.72 -10.99
N LEU A 621 -16.74 27.70 -9.67
CA LEU A 621 -16.77 28.93 -8.84
C LEU A 621 -15.37 29.54 -8.67
N LEU A 622 -14.32 28.71 -8.83
CA LEU A 622 -12.92 29.17 -8.76
C LEU A 622 -12.60 30.06 -9.98
N VAL A 623 -12.92 29.56 -11.20
CA VAL A 623 -12.60 30.28 -12.47
C VAL A 623 -13.65 31.36 -12.78
N SER A 624 -14.92 30.99 -12.72
CA SER A 624 -16.07 31.85 -13.06
C SER A 624 -16.79 32.29 -11.75
N MET B 1 -0.14 -3.69 -14.87
CA MET B 1 -1.50 -3.48 -15.45
C MET B 1 -2.29 -4.81 -15.45
N LYS B 2 -1.66 -5.90 -15.92
CA LYS B 2 -2.25 -7.25 -15.84
C LYS B 2 -2.27 -7.74 -14.36
N GLY B 3 -3.37 -7.40 -13.65
CA GLY B 3 -3.55 -7.76 -12.25
C GLY B 3 -4.97 -7.50 -11.77
N GLN B 4 -5.57 -8.51 -11.09
CA GLN B 4 -6.90 -8.40 -10.47
C GLN B 4 -7.10 -9.55 -9.46
N GLU B 5 -7.24 -9.16 -8.19
CA GLU B 5 -7.62 -10.06 -7.09
C GLU B 5 -8.31 -9.19 -6.00
N THR B 6 -9.27 -8.37 -6.46
CA THR B 6 -10.10 -7.51 -5.60
C THR B 6 -11.08 -8.34 -4.74
N ARG B 7 -11.37 -7.83 -3.53
CA ARG B 7 -12.24 -8.48 -2.55
C ARG B 7 -13.73 -8.16 -2.83
N GLY B 8 -14.59 -9.18 -2.74
CA GLY B 8 -16.04 -9.05 -2.91
C GLY B 8 -16.77 -10.12 -2.10
N PHE B 9 -17.44 -9.71 -1.01
CA PHE B 9 -18.07 -10.65 -0.06
C PHE B 9 -19.59 -10.41 0.03
N GLN B 10 -20.28 -11.41 0.62
CA GLN B 10 -21.74 -11.37 0.87
C GLN B 10 -22.02 -11.38 2.38
N SER B 11 -23.27 -11.03 2.73
CA SER B 11 -23.74 -10.98 4.13
C SER B 11 -24.29 -12.35 4.60
N GLU B 12 -23.97 -13.42 3.85
CA GLU B 12 -24.33 -14.80 4.19
C GLU B 12 -23.25 -15.74 3.63
N VAL B 13 -22.46 -16.33 4.54
CA VAL B 13 -21.44 -17.35 4.20
C VAL B 13 -21.60 -18.59 5.12
N LYS B 14 -22.84 -18.79 5.64
CA LYS B 14 -23.16 -19.92 6.52
C LYS B 14 -23.55 -21.17 5.70
N GLN B 15 -22.90 -22.32 6.01
CA GLN B 15 -23.19 -23.61 5.35
C GLN B 15 -24.19 -24.42 6.18
N LEU B 16 -23.71 -24.93 7.35
CA LEU B 16 -24.44 -25.92 8.18
C LEU B 16 -25.87 -25.47 8.52
N LEU B 17 -25.98 -24.22 9.01
CA LEU B 17 -27.26 -23.59 9.39
C LEU B 17 -28.20 -23.55 8.17
N HIS B 18 -27.63 -23.21 7.00
CA HIS B 18 -28.38 -23.05 5.74
C HIS B 18 -28.88 -24.43 5.22
N LEU B 19 -28.14 -25.50 5.58
CA LEU B 19 -28.50 -26.88 5.23
C LEU B 19 -29.70 -27.35 6.12
N MET B 20 -29.64 -26.94 7.41
CA MET B 20 -30.67 -27.28 8.42
C MET B 20 -32.06 -26.74 8.05
N ILE B 21 -32.09 -25.56 7.39
CA ILE B 21 -33.34 -24.87 6.99
C ILE B 21 -34.22 -25.77 6.05
N HIS B 22 -33.55 -26.70 5.32
CA HIS B 22 -34.23 -27.57 4.31
C HIS B 22 -34.21 -29.06 4.72
N SER B 23 -33.27 -29.44 5.61
CA SER B 23 -33.08 -30.85 6.04
C SER B 23 -34.30 -31.41 6.82
N LEU B 24 -35.02 -30.50 7.51
CA LEU B 24 -36.28 -30.81 8.22
C LEU B 24 -37.32 -31.30 7.19
N TYR B 25 -37.54 -30.44 6.17
CA TYR B 25 -38.34 -30.75 4.96
C TYR B 25 -39.86 -30.95 5.28
N SER B 26 -40.25 -30.66 6.55
CA SER B 26 -41.62 -30.90 7.08
C SER B 26 -42.01 -32.39 7.07
N ASN B 27 -41.01 -33.30 6.94
CA ASN B 27 -41.27 -34.76 6.78
C ASN B 27 -40.47 -35.62 7.77
N LYS B 28 -39.21 -35.20 8.07
CA LYS B 28 -38.20 -35.99 8.85
C LYS B 28 -37.61 -37.14 8.00
N GLU B 29 -38.51 -37.97 7.42
CA GLU B 29 -38.20 -39.21 6.65
C GLU B 29 -37.30 -38.99 5.42
N ILE B 30 -37.12 -37.72 5.02
CA ILE B 30 -36.15 -37.32 3.98
C ILE B 30 -34.72 -37.83 4.31
N PHE B 31 -34.42 -38.03 5.63
CA PHE B 31 -33.11 -38.53 6.10
C PHE B 31 -32.71 -39.84 5.37
N LEU B 32 -33.72 -40.68 5.07
CA LEU B 32 -33.53 -41.99 4.44
C LEU B 32 -32.90 -41.79 3.03
N ARG B 33 -33.23 -40.66 2.35
CA ARG B 33 -32.59 -40.26 1.07
C ARG B 33 -31.08 -40.14 1.23
N GLU B 34 -30.66 -39.34 2.23
CA GLU B 34 -29.24 -39.10 2.53
C GLU B 34 -28.52 -40.43 2.75
N LEU B 35 -29.13 -41.35 3.53
CA LEU B 35 -28.56 -42.69 3.82
C LEU B 35 -28.31 -43.48 2.52
N ILE B 36 -29.35 -43.59 1.65
CA ILE B 36 -29.25 -44.33 0.37
C ILE B 36 -28.16 -43.70 -0.52
N SER B 37 -28.21 -42.35 -0.63
CA SER B 37 -27.30 -41.56 -1.47
C SER B 37 -25.84 -41.65 -0.99
N ASN B 38 -25.66 -41.80 0.33
CA ASN B 38 -24.33 -41.99 0.95
C ASN B 38 -23.82 -43.39 0.64
N ALA B 39 -24.76 -44.36 0.57
CA ALA B 39 -24.44 -45.78 0.31
C ALA B 39 -24.16 -46.00 -1.18
N SER B 40 -24.81 -45.16 -2.01
CA SER B 40 -24.68 -45.17 -3.47
C SER B 40 -23.33 -44.60 -3.87
N ASP B 41 -22.99 -43.45 -3.26
CA ASP B 41 -21.78 -42.69 -3.58
C ASP B 41 -20.54 -43.43 -3.02
N ALA B 42 -20.75 -44.19 -1.94
CA ALA B 42 -19.73 -45.07 -1.36
C ALA B 42 -19.53 -46.33 -2.22
N ALA B 43 -20.65 -46.90 -2.73
CA ALA B 43 -20.62 -48.05 -3.66
C ALA B 43 -19.92 -47.66 -4.98
N ASP B 44 -20.03 -46.35 -5.32
CA ASP B 44 -19.31 -45.74 -6.43
C ASP B 44 -17.79 -45.76 -6.15
N LYS B 45 -17.37 -45.22 -4.99
CA LYS B 45 -15.93 -45.16 -4.61
C LYS B 45 -15.32 -46.57 -4.45
N LEU B 46 -16.20 -47.57 -4.23
CA LEU B 46 -15.82 -48.99 -4.24
C LEU B 46 -15.48 -49.43 -5.67
N ARG B 47 -16.31 -49.03 -6.64
CA ARG B 47 -16.09 -49.34 -8.07
C ARG B 47 -14.72 -48.82 -8.55
N PHE B 48 -14.25 -47.69 -7.94
CA PHE B 48 -12.91 -47.15 -8.23
C PHE B 48 -11.79 -47.97 -7.55
N ARG B 49 -11.95 -48.26 -6.25
CA ARG B 49 -10.96 -49.06 -5.48
C ARG B 49 -10.85 -50.49 -6.07
N ALA B 50 -11.94 -50.96 -6.68
CA ALA B 50 -12.03 -52.28 -7.31
C ALA B 50 -11.30 -52.30 -8.67
N LEU B 51 -11.13 -51.12 -9.29
CA LEU B 51 -10.25 -50.94 -10.46
C LEU B 51 -8.78 -51.06 -10.04
N SER B 52 -8.52 -50.78 -8.74
CA SER B 52 -7.16 -50.87 -8.18
C SER B 52 -6.93 -52.26 -7.54
N ASN B 53 -8.03 -53.02 -7.31
CA ASN B 53 -7.97 -54.41 -6.79
C ASN B 53 -9.39 -55.02 -6.81
N PRO B 54 -9.72 -55.93 -7.78
CA PRO B 54 -11.06 -56.58 -7.88
C PRO B 54 -11.45 -57.41 -6.64
N ASP B 55 -10.44 -57.94 -5.93
CA ASP B 55 -10.63 -58.79 -4.73
C ASP B 55 -11.08 -57.98 -3.51
N LEU B 56 -11.18 -56.64 -3.64
CA LEU B 56 -11.82 -55.79 -2.61
C LEU B 56 -13.33 -56.07 -2.54
N TYR B 57 -13.90 -56.67 -3.61
CA TYR B 57 -15.29 -57.21 -3.61
C TYR B 57 -15.41 -58.40 -2.64
N GLU B 58 -14.29 -59.13 -2.45
CA GLU B 58 -14.17 -60.24 -1.47
C GLU B 58 -15.16 -61.39 -1.76
N GLY B 59 -15.41 -61.63 -3.05
CA GLY B 59 -16.37 -62.64 -3.49
C GLY B 59 -17.72 -62.03 -3.87
N ASP B 60 -18.18 -61.03 -3.10
CA ASP B 60 -19.45 -60.33 -3.38
C ASP B 60 -19.22 -59.17 -4.36
N GLY B 61 -19.57 -59.40 -5.64
CA GLY B 61 -19.56 -58.35 -6.65
C GLY B 61 -20.90 -57.61 -6.70
N GLU B 62 -21.92 -58.17 -6.02
CA GLU B 62 -23.30 -57.64 -6.04
C GLU B 62 -23.44 -56.46 -5.07
N LEU B 63 -23.21 -55.25 -5.57
CA LEU B 63 -23.29 -54.03 -4.76
C LEU B 63 -24.75 -53.56 -4.71
N ARG B 64 -25.36 -53.60 -3.52
CA ARG B 64 -26.71 -53.08 -3.29
C ARG B 64 -26.86 -52.68 -1.82
N VAL B 65 -27.82 -51.80 -1.55
CA VAL B 65 -28.11 -51.33 -0.19
C VAL B 65 -29.45 -51.92 0.27
N ARG B 66 -29.46 -52.45 1.49
CA ARG B 66 -30.60 -53.19 2.04
C ARG B 66 -31.08 -52.51 3.32
N VAL B 67 -32.39 -52.24 3.38
CA VAL B 67 -33.02 -51.64 4.55
C VAL B 67 -33.85 -52.72 5.26
N SER B 68 -33.42 -53.08 6.47
CA SER B 68 -34.12 -54.03 7.33
C SER B 68 -34.66 -53.27 8.54
N PHE B 69 -35.62 -53.88 9.24
CA PHE B 69 -36.28 -53.23 10.40
C PHE B 69 -36.62 -54.27 11.46
N ASP B 70 -36.34 -53.94 12.71
CA ASP B 70 -36.80 -54.72 13.86
C ASP B 70 -37.96 -53.93 14.49
N LYS B 71 -39.12 -54.58 14.56
CA LYS B 71 -40.38 -53.96 15.01
C LYS B 71 -40.44 -53.84 16.54
N ASP B 72 -39.79 -54.80 17.23
CA ASP B 72 -39.76 -54.84 18.70
C ASP B 72 -38.69 -53.89 19.25
N LYS B 73 -37.44 -54.14 18.83
CA LYS B 73 -36.25 -53.36 19.23
C LYS B 73 -36.26 -51.93 18.67
N ARG B 74 -37.07 -51.74 17.60
CA ARG B 74 -37.31 -50.43 16.95
C ARG B 74 -36.03 -49.87 16.30
N THR B 75 -35.20 -50.75 15.75
CA THR B 75 -33.99 -50.35 15.04
C THR B 75 -34.17 -50.56 13.53
N LEU B 76 -33.96 -49.48 12.76
CA LEU B 76 -33.97 -49.51 11.30
C LEU B 76 -32.51 -49.65 10.85
N THR B 77 -32.14 -50.80 10.29
CA THR B 77 -30.75 -51.15 9.98
C THR B 77 -30.51 -51.20 8.47
N ILE B 78 -29.82 -50.17 7.95
CA ILE B 78 -29.53 -50.00 6.52
C ILE B 78 -28.10 -50.55 6.25
N SER B 79 -28.05 -51.82 5.84
CA SER B 79 -26.79 -52.54 5.59
C SER B 79 -26.50 -52.57 4.07
N ASP B 80 -25.58 -51.68 3.65
CA ASP B 80 -25.12 -51.58 2.25
C ASP B 80 -23.88 -52.44 2.01
N ASN B 81 -23.77 -52.94 0.76
CA ASN B 81 -22.54 -53.53 0.23
C ASN B 81 -21.72 -52.45 -0.50
N GLY B 82 -21.55 -51.29 0.17
CA GLY B 82 -20.71 -50.21 -0.34
C GLY B 82 -19.23 -50.45 -0.07
N VAL B 83 -18.42 -49.40 -0.12
CA VAL B 83 -16.97 -49.51 0.10
C VAL B 83 -16.64 -49.74 1.58
N GLY B 84 -17.40 -49.07 2.45
CA GLY B 84 -17.06 -48.93 3.85
C GLY B 84 -15.91 -47.95 4.08
N MET B 85 -15.55 -47.70 5.34
CA MET B 85 -14.47 -46.78 5.70
C MET B 85 -13.49 -47.50 6.64
N THR B 86 -12.19 -47.24 6.43
CA THR B 86 -11.12 -47.79 7.30
C THR B 86 -11.15 -47.06 8.66
N ARG B 87 -10.47 -47.60 9.70
CA ARG B 87 -10.55 -47.05 11.08
C ARG B 87 -10.12 -45.57 11.14
N ASP B 88 -8.95 -45.30 10.55
CA ASP B 88 -8.39 -43.94 10.43
C ASP B 88 -9.30 -43.04 9.57
N GLU B 89 -9.92 -43.64 8.52
CA GLU B 89 -10.83 -42.92 7.59
C GLU B 89 -12.16 -42.56 8.27
N VAL B 90 -12.62 -43.38 9.23
CA VAL B 90 -13.84 -43.13 10.01
C VAL B 90 -13.62 -41.90 10.92
N ILE B 91 -12.42 -41.83 11.51
CA ILE B 91 -12.04 -40.70 12.38
C ILE B 91 -11.71 -39.45 11.52
N ASP B 92 -11.28 -39.68 10.27
CA ASP B 92 -10.94 -38.59 9.31
C ASP B 92 -12.20 -38.04 8.62
N HIS B 93 -13.27 -38.86 8.55
CA HIS B 93 -14.52 -38.50 7.85
C HIS B 93 -15.64 -38.20 8.86
N LEU B 94 -16.11 -39.25 9.57
CA LEU B 94 -17.21 -39.14 10.54
C LEU B 94 -16.75 -38.35 11.78
N GLY B 95 -15.45 -38.50 12.11
CA GLY B 95 -14.82 -37.76 13.21
C GLY B 95 -14.78 -36.26 12.95
N THR B 96 -14.65 -35.85 11.67
CA THR B 96 -14.68 -34.42 11.27
C THR B 96 -16.14 -33.93 11.06
N ILE B 97 -17.12 -34.86 11.07
CA ILE B 97 -18.56 -34.49 11.11
C ILE B 97 -18.90 -34.13 12.57
N ALA B 98 -18.29 -34.88 13.49
CA ALA B 98 -18.31 -34.60 14.94
C ALA B 98 -17.08 -33.72 15.29
N LYS B 99 -16.67 -33.71 16.58
CA LYS B 99 -15.47 -32.96 17.02
C LYS B 99 -14.19 -33.69 16.58
N SER B 100 -13.30 -32.96 15.90
CA SER B 100 -11.94 -33.41 15.54
C SER B 100 -10.99 -32.22 15.68
N GLY B 101 -11.28 -31.16 14.89
CA GLY B 101 -10.50 -29.93 14.89
C GLY B 101 -10.27 -29.41 13.48
N THR B 102 -11.36 -29.01 12.80
CA THR B 102 -11.30 -28.53 11.40
C THR B 102 -11.34 -26.98 11.33
N LYS B 103 -11.85 -26.37 12.43
CA LYS B 103 -12.08 -24.92 12.57
C LYS B 103 -13.10 -24.41 11.51
N SER B 104 -12.63 -24.13 10.28
CA SER B 104 -13.49 -23.68 9.16
C SER B 104 -12.96 -24.27 7.84
N PHE B 105 -11.65 -24.05 7.60
CA PHE B 105 -10.92 -24.60 6.45
C PHE B 105 -9.71 -25.39 6.95
N LEU B 106 -9.07 -24.85 8.00
CA LEU B 106 -7.90 -25.43 8.70
C LEU B 106 -7.35 -24.37 9.66
N GLU B 107 -7.04 -24.78 10.89
CA GLU B 107 -6.52 -23.87 11.93
C GLU B 107 -5.08 -23.40 11.64
N SER B 108 -4.31 -24.25 10.93
CA SER B 108 -2.87 -24.02 10.68
C SER B 108 -2.64 -23.09 9.46
N LEU B 109 -3.01 -23.56 8.25
CA LEU B 109 -2.82 -22.78 7.01
C LEU B 109 -4.15 -22.10 6.56
N GLY B 110 -5.26 -22.85 6.67
CA GLY B 110 -6.60 -22.32 6.33
C GLY B 110 -7.06 -22.69 4.93
N SER B 111 -6.89 -23.96 4.53
CA SER B 111 -7.35 -24.46 3.21
C SER B 111 -7.49 -26.00 3.18
N ASP B 112 -6.52 -26.73 3.77
CA ASP B 112 -6.35 -28.19 3.56
C ASP B 112 -7.60 -28.98 3.99
N GLN B 113 -7.96 -28.84 5.27
CA GLN B 113 -9.09 -29.59 5.87
C GLN B 113 -10.46 -29.05 5.40
N ALA B 114 -10.50 -28.09 4.44
CA ALA B 114 -11.77 -27.57 3.86
C ALA B 114 -12.60 -28.67 3.17
N LYS B 115 -12.00 -29.87 3.07
CA LYS B 115 -12.68 -31.10 2.66
C LYS B 115 -13.24 -31.82 3.91
N ASP B 116 -13.64 -31.01 4.91
CA ASP B 116 -14.50 -31.45 6.03
C ASP B 116 -15.91 -30.95 5.72
N SER B 117 -15.96 -29.72 5.17
CA SER B 117 -17.19 -29.04 4.80
C SER B 117 -17.85 -29.78 3.63
N GLN B 118 -17.00 -30.41 2.78
CA GLN B 118 -17.43 -31.29 1.67
C GLN B 118 -18.17 -32.53 2.21
N LEU B 119 -17.72 -33.02 3.38
CA LEU B 119 -18.29 -34.18 4.06
C LEU B 119 -19.61 -33.77 4.75
N ILE B 120 -19.66 -32.51 5.26
CA ILE B 120 -20.85 -31.95 5.94
C ILE B 120 -21.99 -31.69 4.93
N GLY B 121 -21.61 -31.23 3.72
CA GLY B 121 -22.57 -30.89 2.67
C GLY B 121 -23.45 -32.05 2.19
N GLN B 122 -22.93 -33.29 2.33
CA GLN B 122 -23.66 -34.53 1.97
C GLN B 122 -24.00 -35.35 3.24
N PHE B 123 -22.94 -35.85 3.89
CA PHE B 123 -23.04 -36.83 4.99
C PHE B 123 -23.42 -36.15 6.32
N GLY B 124 -22.97 -34.89 6.48
CA GLY B 124 -23.24 -34.10 7.68
C GLY B 124 -24.71 -33.72 7.80
N VAL B 125 -25.36 -33.48 6.63
CA VAL B 125 -26.82 -33.29 6.57
C VAL B 125 -27.51 -34.57 7.06
N GLY B 126 -27.05 -35.72 6.51
CA GLY B 126 -27.57 -37.04 6.86
C GLY B 126 -27.38 -37.42 8.32
N PHE B 127 -26.33 -36.86 8.94
CA PHE B 127 -26.01 -37.05 10.37
C PHE B 127 -27.20 -36.60 11.23
N TYR B 128 -27.43 -35.28 11.32
CA TYR B 128 -28.43 -34.71 12.25
C TYR B 128 -29.87 -34.98 11.77
N SER B 129 -30.09 -35.13 10.44
CA SER B 129 -31.42 -35.45 9.89
C SER B 129 -31.87 -36.84 10.37
N ALA B 130 -30.93 -37.80 10.35
CA ALA B 130 -31.14 -39.15 10.91
C ALA B 130 -31.48 -39.06 12.41
N PHE B 131 -30.73 -38.21 13.14
CA PHE B 131 -30.90 -38.03 14.60
C PHE B 131 -32.21 -37.32 15.00
N ILE B 132 -32.97 -36.75 14.02
CA ILE B 132 -34.31 -36.20 14.30
C ILE B 132 -35.28 -37.33 14.70
N VAL B 133 -35.11 -38.51 14.06
CA VAL B 133 -35.95 -39.69 14.29
C VAL B 133 -35.18 -40.79 15.05
N ALA B 134 -33.84 -40.75 15.02
CA ALA B 134 -32.99 -41.76 15.64
C ALA B 134 -32.38 -41.20 16.94
N ASP B 135 -32.59 -41.95 18.01
CA ASP B 135 -32.04 -41.67 19.35
C ASP B 135 -30.52 -41.96 19.36
N LYS B 136 -30.16 -43.13 18.81
CA LYS B 136 -28.78 -43.65 18.86
C LYS B 136 -28.42 -44.26 17.49
N VAL B 137 -27.52 -43.61 16.73
CA VAL B 137 -27.04 -44.15 15.43
C VAL B 137 -25.73 -44.88 15.67
N THR B 138 -25.75 -46.19 15.39
CA THR B 138 -24.60 -47.08 15.51
C THR B 138 -24.15 -47.48 14.10
N VAL B 139 -22.98 -46.99 13.68
CA VAL B 139 -22.38 -47.29 12.37
C VAL B 139 -21.35 -48.40 12.55
N ARG B 140 -21.66 -49.56 11.98
CA ARG B 140 -20.79 -50.72 11.93
C ARG B 140 -20.29 -50.86 10.50
N THR B 141 -19.15 -50.25 10.22
CA THR B 141 -18.53 -50.30 8.89
C THR B 141 -17.31 -51.21 8.92
N ARG B 142 -16.92 -51.71 7.75
CA ARG B 142 -15.74 -52.53 7.56
C ARG B 142 -15.38 -52.46 6.07
N ALA B 143 -14.29 -51.73 5.78
CA ALA B 143 -13.92 -51.36 4.41
C ALA B 143 -13.46 -52.57 3.57
N ALA B 144 -13.59 -52.38 2.26
CA ALA B 144 -13.37 -53.42 1.25
C ALA B 144 -11.90 -53.86 1.18
N GLY B 145 -11.62 -55.11 1.60
CA GLY B 145 -10.27 -55.68 1.59
C GLY B 145 -9.57 -55.53 2.94
N GLU B 146 -10.12 -54.66 3.81
CA GLU B 146 -9.69 -54.57 5.22
C GLU B 146 -10.19 -55.80 5.97
N LYS B 147 -9.39 -56.24 6.95
CA LYS B 147 -9.64 -57.48 7.70
C LYS B 147 -10.90 -57.31 8.59
N PRO B 148 -11.78 -58.37 8.70
CA PRO B 148 -12.99 -58.33 9.57
C PRO B 148 -12.73 -57.83 11.01
N GLU B 149 -11.57 -58.24 11.58
CA GLU B 149 -11.15 -57.84 12.94
C GLU B 149 -10.84 -56.33 13.01
N ASN B 150 -10.40 -55.76 11.87
CA ASN B 150 -10.20 -54.30 11.71
C ASN B 150 -11.51 -53.60 11.28
N GLY B 151 -12.65 -54.24 11.65
CA GLY B 151 -13.96 -53.62 11.59
C GLY B 151 -14.07 -52.46 12.54
N VAL B 152 -14.84 -51.45 12.18
CA VAL B 152 -14.89 -50.19 12.91
C VAL B 152 -16.28 -49.97 13.49
N PHE B 153 -16.31 -49.81 14.80
CA PHE B 153 -17.49 -49.39 15.53
C PHE B 153 -17.47 -47.86 15.61
N TRP B 154 -18.61 -47.26 15.31
CA TRP B 154 -18.85 -45.82 15.46
C TRP B 154 -20.25 -45.67 16.04
N GLU B 155 -20.44 -44.67 16.89
CA GLU B 155 -21.71 -44.44 17.57
C GLU B 155 -21.80 -42.97 18.00
N SER B 156 -23.00 -42.39 17.94
CA SER B 156 -23.27 -41.04 18.41
C SER B 156 -24.73 -40.96 18.88
N ALA B 157 -24.96 -40.09 19.87
CA ALA B 157 -26.30 -39.78 20.41
C ALA B 157 -26.86 -38.48 19.78
N GLY B 158 -26.13 -37.91 18.80
CA GLY B 158 -26.56 -36.71 18.07
C GLY B 158 -25.60 -35.54 18.18
N GLU B 159 -24.85 -35.48 19.29
CA GLU B 159 -23.87 -34.40 19.53
C GLU B 159 -22.57 -34.61 18.72
N GLY B 160 -21.68 -33.59 18.79
CA GLY B 160 -20.39 -33.59 18.11
C GLY B 160 -19.34 -34.41 18.86
N GLU B 161 -19.65 -35.69 19.06
CA GLU B 161 -18.76 -36.67 19.71
C GLU B 161 -19.14 -38.07 19.21
N TYR B 162 -18.22 -39.03 19.37
CA TYR B 162 -18.36 -40.37 18.80
C TYR B 162 -17.62 -41.42 19.64
N THR B 163 -18.23 -42.60 19.74
CA THR B 163 -17.61 -43.79 20.33
C THR B 163 -17.05 -44.63 19.18
N VAL B 164 -15.74 -44.50 18.90
CA VAL B 164 -15.06 -45.32 17.89
C VAL B 164 -14.24 -46.41 18.60
N ALA B 165 -14.45 -47.66 18.16
CA ALA B 165 -13.79 -48.85 18.73
C ALA B 165 -13.51 -49.86 17.62
N ASP B 166 -12.79 -50.93 17.96
CA ASP B 166 -12.54 -52.06 17.04
C ASP B 166 -13.53 -53.20 17.34
N ILE B 167 -14.16 -53.71 16.27
CA ILE B 167 -15.09 -54.84 16.31
C ILE B 167 -14.77 -55.81 15.17
N THR B 168 -15.51 -56.92 15.13
CA THR B 168 -15.40 -57.91 14.06
C THR B 168 -16.67 -57.86 13.20
N LYS B 169 -16.52 -57.43 11.95
CA LYS B 169 -17.59 -57.43 10.95
C LYS B 169 -17.09 -58.20 9.71
N GLU B 170 -17.55 -59.45 9.58
CA GLU B 170 -17.09 -60.39 8.55
C GLU B 170 -17.47 -59.92 7.14
N ASP B 171 -18.72 -59.45 6.99
CA ASP B 171 -19.26 -58.96 5.70
C ASP B 171 -18.70 -57.57 5.38
N ARG B 172 -18.78 -57.20 4.11
CA ARG B 172 -18.21 -55.95 3.59
C ARG B 172 -19.28 -54.84 3.47
N GLY B 173 -18.83 -53.58 3.59
CA GLY B 173 -19.68 -52.41 3.40
C GLY B 173 -19.88 -51.63 4.68
N THR B 174 -21.09 -51.11 4.87
CA THR B 174 -21.45 -50.32 6.07
C THR B 174 -22.85 -50.71 6.54
N GLU B 175 -23.06 -50.71 7.86
CA GLU B 175 -24.30 -51.17 8.48
C GLU B 175 -24.79 -50.11 9.48
N ILE B 176 -25.86 -49.39 9.10
CA ILE B 176 -26.37 -48.25 9.85
C ILE B 176 -27.57 -48.69 10.72
N THR B 177 -27.32 -48.92 12.01
CA THR B 177 -28.37 -49.35 12.96
C THR B 177 -28.91 -48.12 13.70
N LEU B 178 -30.07 -47.65 13.22
CA LEU B 178 -30.78 -46.50 13.79
C LEU B 178 -31.69 -46.98 14.91
N HIS B 179 -31.30 -46.77 16.17
CA HIS B 179 -32.20 -46.96 17.31
C HIS B 179 -33.17 -45.78 17.32
N LEU B 180 -34.37 -46.00 16.72
CA LEU B 180 -35.38 -44.93 16.56
C LEU B 180 -36.02 -44.59 17.91
N ARG B 181 -36.45 -43.32 18.02
CA ARG B 181 -37.13 -42.79 19.20
C ARG B 181 -38.57 -43.32 19.24
N GLU B 182 -39.14 -43.44 20.45
CA GLU B 182 -40.51 -43.92 20.65
C GLU B 182 -41.51 -42.87 20.10
N GLY B 183 -42.22 -43.28 19.04
CA GLY B 183 -43.04 -42.38 18.25
C GLY B 183 -42.61 -42.46 16.78
N GLU B 184 -41.28 -42.50 16.56
CA GLU B 184 -40.68 -42.48 15.19
C GLU B 184 -40.65 -43.89 14.58
N ASP B 185 -41.45 -44.80 15.16
CA ASP B 185 -41.51 -46.22 14.77
C ASP B 185 -42.53 -46.44 13.64
N GLU B 186 -43.19 -45.35 13.22
CA GLU B 186 -44.08 -45.33 12.04
C GLU B 186 -43.28 -45.63 10.75
N PHE B 187 -41.96 -45.31 10.79
CA PHE B 187 -41.03 -45.53 9.67
C PHE B 187 -40.44 -46.96 9.66
N LEU B 188 -40.88 -47.82 10.60
CA LEU B 188 -40.51 -49.26 10.66
C LEU B 188 -41.55 -50.14 9.94
N ASP B 189 -42.59 -49.50 9.40
CA ASP B 189 -43.70 -50.20 8.75
C ASP B 189 -43.28 -50.56 7.31
N ASP B 190 -43.67 -51.76 6.86
CA ASP B 190 -43.17 -52.37 5.62
C ASP B 190 -43.44 -51.48 4.39
N TRP B 191 -44.71 -51.09 4.18
CA TRP B 191 -45.12 -50.22 3.04
C TRP B 191 -44.43 -48.84 3.14
N ARG B 192 -44.28 -48.34 4.39
CA ARG B 192 -43.84 -46.96 4.67
C ARG B 192 -42.39 -46.76 4.21
N VAL B 193 -41.55 -47.76 4.55
CA VAL B 193 -40.15 -47.80 4.11
C VAL B 193 -40.10 -47.81 2.58
N ARG B 194 -40.89 -48.73 1.97
CA ARG B 194 -40.94 -48.94 0.49
C ARG B 194 -41.33 -47.65 -0.25
N SER B 195 -42.19 -46.84 0.38
CA SER B 195 -42.63 -45.54 -0.17
C SER B 195 -41.44 -44.58 -0.23
N ILE B 196 -40.77 -44.41 0.91
CA ILE B 196 -39.62 -43.47 1.04
C ILE B 196 -38.38 -44.01 0.27
N ILE B 197 -38.34 -45.34 0.04
CA ILE B 197 -37.31 -45.96 -0.79
C ILE B 197 -37.52 -45.53 -2.24
N SER B 198 -38.66 -45.89 -2.83
CA SER B 198 -38.94 -45.66 -4.27
C SER B 198 -38.75 -44.19 -4.69
N LYS B 199 -39.32 -43.27 -3.89
CA LYS B 199 -39.29 -41.82 -4.20
C LYS B 199 -37.85 -41.24 -4.33
N TYR B 200 -36.85 -41.89 -3.69
CA TYR B 200 -35.46 -41.38 -3.71
C TYR B 200 -34.54 -42.33 -4.49
N SER B 201 -34.70 -43.61 -4.26
CA SER B 201 -33.82 -44.66 -4.81
C SER B 201 -33.92 -44.78 -6.34
N ASP B 202 -35.09 -44.39 -6.91
CA ASP B 202 -35.31 -44.43 -8.37
C ASP B 202 -34.44 -43.42 -9.14
N HIS B 203 -33.91 -42.39 -8.45
CA HIS B 203 -32.95 -41.45 -9.07
C HIS B 203 -31.50 -41.88 -8.76
N ILE B 204 -31.33 -43.13 -8.29
CA ILE B 204 -30.05 -43.65 -7.79
C ILE B 204 -29.65 -44.94 -8.55
N ALA B 205 -28.35 -45.06 -8.82
CA ALA B 205 -27.76 -46.17 -9.62
C ALA B 205 -27.33 -47.35 -8.73
N LEU B 206 -28.05 -47.55 -7.62
CA LEU B 206 -27.78 -48.64 -6.66
C LEU B 206 -29.11 -49.32 -6.31
N PRO B 207 -29.28 -50.65 -6.63
CA PRO B 207 -30.47 -51.45 -6.22
C PRO B 207 -30.72 -51.37 -4.69
N VAL B 208 -31.93 -50.95 -4.31
CA VAL B 208 -32.30 -50.82 -2.89
C VAL B 208 -33.39 -51.84 -2.54
N GLU B 209 -32.99 -52.85 -1.77
CA GLU B 209 -33.86 -53.93 -1.33
C GLU B 209 -34.38 -53.65 0.10
N ILE B 210 -35.51 -54.28 0.46
CA ILE B 210 -36.06 -54.20 1.82
C ILE B 210 -36.19 -55.62 2.38
N GLU B 211 -36.08 -55.77 3.70
CA GLU B 211 -36.26 -57.04 4.38
C GLU B 211 -37.75 -57.41 4.38
N LYS B 212 -38.14 -58.24 3.42
CA LYS B 212 -39.40 -58.94 3.47
C LYS B 212 -39.14 -60.31 4.08
N ARG B 213 -39.14 -60.36 5.43
CA ARG B 213 -38.96 -61.61 6.17
C ARG B 213 -40.33 -62.17 6.57
N GLU B 214 -40.39 -63.49 6.71
CA GLU B 214 -41.50 -64.21 7.30
C GLU B 214 -41.02 -64.75 8.64
N GLU B 215 -41.30 -63.97 9.71
CA GLU B 215 -40.97 -64.35 11.09
C GLU B 215 -42.07 -65.32 11.57
N LYS B 216 -41.87 -66.59 11.19
CA LYS B 216 -42.87 -67.66 11.24
C LYS B 216 -42.41 -68.78 12.19
N ASP B 217 -43.37 -69.56 12.69
CA ASP B 217 -43.11 -70.72 13.56
C ASP B 217 -42.18 -71.74 12.84
N GLY B 218 -40.92 -71.81 13.29
CA GLY B 218 -39.94 -72.74 12.73
C GLY B 218 -39.17 -72.18 11.53
N GLU B 219 -39.73 -71.12 10.90
CA GLU B 219 -39.20 -70.53 9.65
C GLU B 219 -38.92 -69.03 9.83
N THR B 220 -37.64 -68.64 9.82
CA THR B 220 -37.26 -67.21 9.75
C THR B 220 -36.70 -66.96 8.33
N VAL B 221 -37.63 -66.88 7.36
CA VAL B 221 -37.27 -66.75 5.95
C VAL B 221 -37.01 -65.29 5.66
N ILE B 222 -35.75 -64.92 5.40
CA ILE B 222 -35.35 -63.53 5.15
C ILE B 222 -35.14 -63.37 3.64
N SER B 223 -36.00 -62.56 3.02
CA SER B 223 -35.94 -62.25 1.59
C SER B 223 -35.81 -60.73 1.42
N TRP B 224 -35.22 -60.32 0.30
CA TRP B 224 -34.92 -58.90 0.02
C TRP B 224 -35.56 -58.50 -1.32
N GLU B 225 -36.60 -57.65 -1.25
CA GLU B 225 -37.34 -57.19 -2.43
C GLU B 225 -36.93 -55.76 -2.78
N LYS B 226 -36.35 -55.57 -3.98
CA LYS B 226 -35.91 -54.24 -4.45
C LYS B 226 -37.10 -53.45 -4.99
N ILE B 227 -37.43 -52.34 -4.31
CA ILE B 227 -38.53 -51.44 -4.70
C ILE B 227 -38.04 -50.53 -5.84
N ASN B 228 -36.72 -50.35 -5.88
CA ASN B 228 -36.01 -49.51 -6.85
C ASN B 228 -35.80 -50.28 -8.16
N LYS B 229 -35.97 -49.57 -9.29
CA LYS B 229 -35.84 -50.14 -10.65
C LYS B 229 -34.41 -50.70 -10.89
N ALA B 230 -33.41 -50.11 -10.19
CA ALA B 230 -32.01 -50.55 -10.23
C ALA B 230 -31.40 -50.34 -11.62
N GLN B 231 -31.22 -49.07 -11.98
CA GLN B 231 -30.66 -48.66 -13.27
C GLN B 231 -29.97 -47.30 -13.10
N ALA B 232 -28.80 -47.18 -13.74
CA ALA B 232 -28.02 -45.94 -13.79
C ALA B 232 -28.80 -44.86 -14.56
N LEU B 233 -29.22 -43.80 -13.84
CA LEU B 233 -30.19 -42.79 -14.36
C LEU B 233 -29.64 -42.04 -15.59
N TRP B 234 -28.30 -41.90 -15.67
CA TRP B 234 -27.66 -41.21 -16.80
C TRP B 234 -27.77 -42.02 -18.12
N THR B 235 -27.66 -43.35 -18.05
CA THR B 235 -27.78 -44.22 -19.23
C THR B 235 -29.21 -44.81 -19.37
N ARG B 236 -30.08 -44.46 -18.39
CA ARG B 236 -31.51 -44.82 -18.40
C ARG B 236 -32.26 -43.92 -19.42
N ASN B 237 -33.31 -44.49 -20.07
CA ASN B 237 -34.07 -43.80 -21.13
C ASN B 237 -34.81 -42.58 -20.56
N LYS B 238 -34.66 -41.42 -21.23
CA LYS B 238 -35.24 -40.12 -20.80
C LYS B 238 -36.78 -40.18 -20.82
N SER B 239 -37.32 -41.02 -21.72
CA SER B 239 -38.76 -41.29 -21.82
C SER B 239 -39.30 -41.90 -20.51
N GLU B 240 -38.49 -42.78 -19.88
CA GLU B 240 -38.89 -43.46 -18.64
C GLU B 240 -38.60 -42.58 -17.41
N ILE B 241 -37.61 -41.66 -17.52
CA ILE B 241 -37.22 -40.75 -16.40
C ILE B 241 -38.20 -39.57 -16.31
N THR B 242 -38.66 -39.26 -15.09
CA THR B 242 -39.53 -38.11 -14.82
C THR B 242 -38.68 -36.92 -14.30
N ASP B 243 -39.25 -35.69 -14.36
CA ASP B 243 -38.57 -34.42 -14.00
C ASP B 243 -38.11 -34.42 -12.52
N GLU B 244 -38.85 -35.14 -11.67
CA GLU B 244 -38.53 -35.29 -10.24
C GLU B 244 -37.17 -35.98 -10.09
N GLU B 245 -36.99 -37.10 -10.81
CA GLU B 245 -35.76 -37.92 -10.72
C GLU B 245 -34.54 -37.15 -11.21
N TYR B 246 -34.74 -36.26 -12.20
CA TYR B 246 -33.68 -35.36 -12.69
C TYR B 246 -33.19 -34.42 -11.56
N LYS B 247 -34.12 -33.59 -11.06
CA LYS B 247 -33.83 -32.60 -9.99
C LYS B 247 -33.19 -33.29 -8.78
N GLU B 248 -33.77 -34.44 -8.43
CA GLU B 248 -33.34 -35.26 -7.30
C GLU B 248 -31.99 -35.98 -7.55
N PHE B 249 -31.65 -36.26 -8.83
CA PHE B 249 -30.33 -36.87 -9.17
C PHE B 249 -29.21 -35.89 -8.88
N TYR B 250 -29.48 -34.59 -9.14
CA TYR B 250 -28.58 -33.48 -8.77
C TYR B 250 -28.22 -33.55 -7.25
N LYS B 251 -29.21 -33.92 -6.41
CA LYS B 251 -29.05 -34.02 -4.93
C LYS B 251 -27.95 -35.03 -4.53
N HIS B 252 -27.71 -36.04 -5.39
CA HIS B 252 -26.66 -37.06 -5.19
C HIS B 252 -25.32 -36.60 -5.81
N ILE B 253 -25.33 -36.38 -7.12
CA ILE B 253 -24.09 -36.22 -7.94
C ILE B 253 -23.35 -34.90 -7.65
N ALA B 254 -24.08 -33.89 -7.17
CA ALA B 254 -23.51 -32.58 -6.80
C ALA B 254 -23.11 -32.55 -5.32
N HIS B 255 -23.73 -33.46 -4.53
CA HIS B 255 -23.66 -33.48 -3.05
C HIS B 255 -24.26 -32.17 -2.47
N ASP B 256 -25.18 -31.58 -3.25
CA ASP B 256 -25.90 -30.33 -2.91
C ASP B 256 -27.37 -30.56 -3.28
N PHE B 257 -28.29 -29.96 -2.51
CA PHE B 257 -29.72 -30.35 -2.54
C PHE B 257 -30.65 -29.14 -2.77
N ASN B 258 -30.12 -28.13 -3.48
CA ASN B 258 -30.94 -27.04 -4.05
C ASN B 258 -31.41 -27.47 -5.45
N ASP B 259 -32.73 -27.40 -5.73
CA ASP B 259 -33.31 -27.85 -7.02
C ASP B 259 -32.78 -27.00 -8.19
N PRO B 260 -32.29 -27.65 -9.30
CA PRO B 260 -31.75 -26.91 -10.48
C PRO B 260 -32.84 -26.16 -11.29
N LEU B 261 -32.42 -25.03 -11.90
CA LEU B 261 -33.28 -24.24 -12.81
C LEU B 261 -33.66 -25.08 -14.05
N THR B 262 -32.64 -25.68 -14.66
CA THR B 262 -32.78 -26.51 -15.86
C THR B 262 -31.65 -27.55 -15.91
N TRP B 263 -31.66 -28.39 -16.95
CA TRP B 263 -30.66 -29.44 -17.17
C TRP B 263 -30.54 -29.77 -18.67
N SER B 264 -29.66 -30.73 -18.97
CA SER B 264 -29.48 -31.30 -20.30
C SER B 264 -29.04 -32.75 -20.12
N HIS B 265 -29.92 -33.67 -20.51
CA HIS B 265 -29.62 -35.11 -20.52
C HIS B 265 -29.42 -35.47 -21.98
N ASN B 266 -28.16 -35.65 -22.36
CA ASN B 266 -27.79 -35.85 -23.76
C ASN B 266 -26.68 -36.89 -23.84
N ARG B 267 -26.52 -37.45 -25.03
CA ARG B 267 -25.47 -38.44 -25.30
C ARG B 267 -24.88 -38.19 -26.69
N VAL B 268 -23.56 -38.27 -26.74
CA VAL B 268 -22.76 -38.11 -27.96
C VAL B 268 -22.07 -39.43 -28.21
N GLU B 269 -21.99 -39.84 -29.47
CA GLU B 269 -21.42 -41.13 -29.87
C GLU B 269 -20.45 -40.97 -31.05
N GLY B 270 -19.88 -42.09 -31.48
CA GLY B 270 -18.81 -42.09 -32.48
C GLY B 270 -17.50 -42.54 -31.87
N LYS B 271 -16.46 -41.70 -31.98
CA LYS B 271 -15.15 -41.97 -31.35
C LYS B 271 -15.25 -41.56 -29.87
N GLN B 272 -15.56 -40.26 -29.64
CA GLN B 272 -15.89 -39.77 -28.29
C GLN B 272 -17.34 -40.15 -27.97
N GLU B 273 -17.52 -41.40 -27.52
CA GLU B 273 -18.82 -41.90 -27.08
C GLU B 273 -18.94 -41.73 -25.55
N TYR B 274 -19.78 -40.78 -25.15
CA TYR B 274 -20.01 -40.46 -23.74
C TYR B 274 -21.49 -40.05 -23.52
N THR B 275 -21.96 -40.21 -22.28
CA THR B 275 -23.29 -39.75 -21.86
C THR B 275 -23.11 -38.57 -20.88
N SER B 276 -23.51 -37.36 -21.30
CA SER B 276 -23.37 -36.15 -20.47
C SER B 276 -24.75 -35.75 -19.90
N LEU B 277 -24.85 -35.72 -18.56
CA LEU B 277 -26.06 -35.30 -17.84
C LEU B 277 -25.67 -34.20 -16.86
N LEU B 278 -25.99 -32.95 -17.24
CA LEU B 278 -25.54 -31.72 -16.56
C LEU B 278 -26.75 -30.95 -16.03
N TYR B 279 -26.55 -30.17 -14.95
CA TYR B 279 -27.61 -29.40 -14.28
C TYR B 279 -27.09 -27.98 -13.97
N ILE B 280 -27.95 -26.97 -14.18
CA ILE B 280 -27.68 -25.58 -13.78
C ILE B 280 -28.47 -25.28 -12.49
N PRO B 281 -27.78 -25.16 -11.30
CA PRO B 281 -28.46 -24.90 -10.00
C PRO B 281 -29.17 -23.52 -9.93
N SER B 282 -30.12 -23.40 -9.00
CA SER B 282 -30.84 -22.14 -8.70
C SER B 282 -29.99 -21.21 -7.83
N GLN B 283 -29.05 -21.81 -7.10
CA GLN B 283 -28.22 -21.12 -6.10
C GLN B 283 -26.74 -21.37 -6.45
N ALA B 284 -25.89 -20.38 -6.18
CA ALA B 284 -24.44 -20.57 -6.24
C ALA B 284 -24.00 -21.54 -5.12
N PRO B 285 -23.15 -22.58 -5.42
CA PRO B 285 -22.59 -23.49 -4.39
C PRO B 285 -21.83 -22.68 -3.31
N TRP B 286 -21.72 -23.24 -2.09
CA TRP B 286 -21.05 -22.57 -0.97
C TRP B 286 -19.57 -22.28 -1.33
N ASP B 287 -18.93 -23.28 -1.93
CA ASP B 287 -17.51 -23.25 -2.30
C ASP B 287 -17.30 -22.65 -3.71
N MET B 288 -18.27 -21.82 -4.17
CA MET B 288 -18.21 -21.13 -5.48
C MET B 288 -17.00 -20.18 -5.56
N TRP B 289 -16.57 -19.66 -4.39
CA TRP B 289 -15.46 -18.68 -4.29
C TRP B 289 -14.44 -19.12 -3.22
N ASN B 290 -14.47 -20.43 -2.86
CA ASN B 290 -13.52 -21.03 -1.88
C ASN B 290 -12.18 -21.30 -2.59
N ARG B 291 -11.09 -21.47 -1.81
CA ARG B 291 -9.77 -21.84 -2.33
C ARG B 291 -9.77 -23.33 -2.75
N ASP B 292 -10.73 -24.10 -2.21
CA ASP B 292 -10.92 -25.53 -2.57
C ASP B 292 -11.97 -25.64 -3.70
N HIS B 293 -11.96 -26.79 -4.40
CA HIS B 293 -12.84 -27.04 -5.56
C HIS B 293 -14.24 -27.50 -5.11
N LYS B 294 -15.24 -27.17 -5.94
CA LYS B 294 -16.59 -27.76 -5.83
C LYS B 294 -17.23 -27.94 -7.22
N HIS B 295 -16.73 -27.18 -8.20
CA HIS B 295 -17.11 -27.40 -9.60
C HIS B 295 -16.49 -28.69 -10.13
N GLY B 296 -17.23 -29.37 -11.00
CA GLY B 296 -16.77 -30.62 -11.58
C GLY B 296 -17.87 -31.63 -11.66
N LEU B 297 -17.56 -32.76 -12.28
CA LEU B 297 -18.52 -33.83 -12.56
C LEU B 297 -18.08 -35.12 -11.87
N LYS B 298 -19.01 -36.10 -11.81
CA LYS B 298 -18.64 -37.47 -11.45
C LYS B 298 -18.19 -38.21 -12.72
N LEU B 299 -16.88 -38.48 -12.81
CA LEU B 299 -16.32 -39.26 -13.90
C LEU B 299 -16.66 -40.74 -13.73
N TYR B 300 -17.47 -41.23 -14.65
CA TYR B 300 -17.69 -42.66 -14.89
C TYR B 300 -17.06 -43.01 -16.23
N VAL B 301 -16.28 -44.08 -16.26
CA VAL B 301 -15.79 -44.70 -17.49
C VAL B 301 -16.45 -46.08 -17.62
N GLN B 302 -17.25 -46.26 -18.69
CA GLN B 302 -17.94 -47.53 -19.00
C GLN B 302 -18.95 -47.91 -17.89
N ARG B 303 -19.47 -46.87 -17.20
CA ARG B 303 -20.50 -46.92 -16.13
C ARG B 303 -19.85 -47.30 -14.77
N VAL B 304 -18.52 -47.49 -14.78
CA VAL B 304 -17.73 -47.74 -13.57
C VAL B 304 -17.19 -46.40 -13.07
N PHE B 305 -17.31 -46.13 -11.78
CA PHE B 305 -16.90 -44.86 -11.18
C PHE B 305 -15.36 -44.79 -11.03
N ILE B 306 -14.79 -43.60 -11.35
CA ILE B 306 -13.37 -43.29 -11.14
C ILE B 306 -13.24 -42.19 -10.07
N MET B 307 -13.74 -40.96 -10.34
CA MET B 307 -13.58 -39.83 -9.39
C MET B 307 -14.71 -38.80 -9.52
N ASP B 308 -15.26 -38.39 -8.36
CA ASP B 308 -16.30 -37.35 -8.27
C ASP B 308 -15.66 -36.00 -7.98
N ASP B 309 -16.45 -34.91 -8.17
CA ASP B 309 -16.05 -33.51 -7.87
C ASP B 309 -14.86 -33.10 -8.78
N ALA B 310 -14.77 -33.75 -9.96
CA ALA B 310 -13.62 -33.66 -10.88
C ALA B 310 -13.81 -32.52 -11.90
N GLU B 311 -13.11 -31.39 -11.67
CA GLU B 311 -13.19 -30.19 -12.54
C GLU B 311 -12.34 -30.34 -13.84
N GLN B 312 -11.84 -31.55 -14.09
CA GLN B 312 -11.00 -31.86 -15.26
C GLN B 312 -11.78 -31.72 -16.58
N PHE B 313 -13.11 -31.96 -16.51
CA PHE B 313 -14.03 -31.88 -17.66
C PHE B 313 -14.76 -30.53 -17.72
N MET B 314 -14.80 -29.79 -16.58
CA MET B 314 -15.50 -28.50 -16.50
C MET B 314 -14.52 -27.33 -16.24
N PRO B 315 -14.50 -26.31 -17.16
CA PRO B 315 -13.71 -25.06 -16.98
C PRO B 315 -14.08 -24.26 -15.70
N ASN B 316 -13.32 -23.18 -15.46
CA ASN B 316 -13.70 -22.15 -14.48
C ASN B 316 -14.83 -21.31 -15.06
N TYR B 317 -14.83 -21.13 -16.40
CA TYR B 317 -15.97 -20.53 -17.15
C TYR B 317 -17.29 -21.27 -16.86
N LEU B 318 -17.16 -22.60 -16.61
CA LEU B 318 -18.31 -23.47 -16.31
C LEU B 318 -18.22 -24.02 -14.87
N ARG B 319 -17.78 -23.17 -13.91
CA ARG B 319 -17.72 -23.59 -12.49
C ARG B 319 -19.12 -23.60 -11.82
N PHE B 320 -20.16 -23.26 -12.60
CA PHE B 320 -21.56 -23.38 -12.17
C PHE B 320 -22.18 -24.74 -12.56
N VAL B 321 -21.59 -25.42 -13.56
CA VAL B 321 -22.14 -26.68 -14.09
C VAL B 321 -21.86 -27.84 -13.11
N ARG B 322 -22.91 -28.58 -12.78
CA ARG B 322 -22.83 -29.73 -11.86
C ARG B 322 -23.61 -30.92 -12.46
N GLY B 323 -22.96 -32.09 -12.48
CA GLY B 323 -23.56 -33.29 -13.04
C GLY B 323 -22.55 -34.43 -13.11
N LEU B 324 -22.49 -35.11 -14.26
CA LEU B 324 -21.62 -36.27 -14.47
C LEU B 324 -21.45 -36.56 -15.97
N ILE B 325 -20.48 -37.43 -16.27
CA ILE B 325 -20.17 -37.89 -17.64
C ILE B 325 -19.79 -39.37 -17.60
N ASP B 326 -20.27 -40.15 -18.58
CA ASP B 326 -19.96 -41.58 -18.72
C ASP B 326 -19.29 -41.85 -20.06
N SER B 327 -17.95 -41.86 -20.08
CA SER B 327 -17.13 -42.04 -21.28
C SER B 327 -16.73 -43.52 -21.44
N SER B 328 -17.10 -44.15 -22.57
CA SER B 328 -16.72 -45.55 -22.87
C SER B 328 -15.30 -45.61 -23.47
N ASP B 329 -14.86 -44.46 -24.02
CA ASP B 329 -13.62 -44.36 -24.82
C ASP B 329 -12.36 -44.15 -23.95
N LEU B 330 -12.55 -43.59 -22.75
CA LEU B 330 -11.45 -43.34 -21.78
C LEU B 330 -11.05 -44.66 -21.06
N PRO B 331 -9.81 -44.75 -20.46
CA PRO B 331 -9.41 -45.92 -19.63
C PRO B 331 -10.06 -45.93 -18.23
N LEU B 332 -10.08 -47.12 -17.60
CA LEU B 332 -10.63 -47.33 -16.25
C LEU B 332 -9.62 -46.87 -15.18
N ASN B 333 -8.32 -47.08 -15.47
CA ASN B 333 -7.22 -46.73 -14.56
C ASN B 333 -6.78 -45.26 -14.73
N VAL B 334 -7.65 -44.46 -15.38
CA VAL B 334 -7.44 -43.02 -15.56
C VAL B 334 -7.40 -42.30 -14.20
N SER B 335 -6.43 -41.39 -14.05
CA SER B 335 -6.24 -40.60 -12.83
C SER B 335 -6.30 -39.11 -13.21
N ARG B 336 -6.29 -38.25 -12.19
CA ARG B 336 -6.46 -36.79 -12.36
C ARG B 336 -5.35 -36.18 -13.26
N GLU B 337 -4.13 -36.70 -13.12
CA GLU B 337 -2.97 -36.29 -13.94
C GLU B 337 -3.23 -36.59 -15.41
N ILE B 338 -3.75 -37.80 -15.68
CA ILE B 338 -4.06 -38.26 -17.06
C ILE B 338 -5.15 -37.38 -17.68
N LEU B 339 -6.09 -36.93 -16.85
CA LEU B 339 -7.20 -36.05 -17.26
C LEU B 339 -6.69 -34.64 -17.61
N GLN B 340 -5.66 -34.17 -16.89
CA GLN B 340 -5.04 -32.84 -17.15
C GLN B 340 -4.07 -32.92 -18.35
N ASP B 341 -3.37 -34.06 -18.47
CA ASP B 341 -2.24 -34.22 -19.43
C ASP B 341 -2.74 -34.59 -20.84
N SER B 342 -3.51 -35.68 -20.92
CA SER B 342 -3.95 -36.26 -22.20
C SER B 342 -4.83 -35.27 -23.00
N THR B 343 -4.58 -35.20 -24.31
CA THR B 343 -5.27 -34.27 -25.20
C THR B 343 -6.65 -34.82 -25.57
N VAL B 344 -6.84 -36.16 -25.51
CA VAL B 344 -8.15 -36.78 -25.77
C VAL B 344 -9.18 -36.29 -24.74
N THR B 345 -8.75 -36.14 -23.47
CA THR B 345 -9.60 -35.62 -22.38
C THR B 345 -9.92 -34.12 -22.59
N ARG B 346 -9.03 -33.42 -23.32
CA ARG B 346 -9.24 -32.01 -23.70
C ARG B 346 -10.36 -31.96 -24.75
N ASN B 347 -10.36 -32.94 -25.68
CA ASN B 347 -11.40 -33.05 -26.72
C ASN B 347 -12.74 -33.45 -26.10
N LEU B 348 -12.70 -34.24 -25.01
CA LEU B 348 -13.90 -34.53 -24.20
C LEU B 348 -14.39 -33.23 -23.52
N ARG B 349 -13.46 -32.46 -22.96
CA ARG B 349 -13.78 -31.22 -22.22
C ARG B 349 -14.45 -30.17 -23.13
N ASN B 350 -13.84 -29.89 -24.30
CA ASN B 350 -14.34 -28.87 -25.25
C ASN B 350 -15.68 -29.31 -25.87
N ALA B 351 -15.89 -30.64 -25.94
CA ALA B 351 -17.15 -31.25 -26.39
C ALA B 351 -18.29 -30.87 -25.42
N LEU B 352 -18.11 -31.21 -24.13
CA LEU B 352 -19.07 -30.88 -23.06
C LEU B 352 -19.32 -29.36 -22.99
N THR B 353 -18.23 -28.59 -23.07
CA THR B 353 -18.24 -27.12 -22.97
C THR B 353 -19.15 -26.48 -24.04
N LYS B 354 -19.09 -27.04 -25.27
CA LYS B 354 -19.90 -26.59 -26.40
C LYS B 354 -21.41 -26.89 -26.18
N ARG B 355 -21.69 -28.08 -25.59
CA ARG B 355 -23.09 -28.50 -25.27
C ARG B 355 -23.66 -27.62 -24.13
N VAL B 356 -22.78 -27.10 -23.24
CA VAL B 356 -23.22 -26.20 -22.17
C VAL B 356 -23.54 -24.82 -22.77
N LEU B 357 -22.64 -24.33 -23.66
CA LEU B 357 -22.81 -23.04 -24.40
C LEU B 357 -24.15 -23.03 -25.17
N GLN B 358 -24.49 -24.21 -25.71
CA GLN B 358 -25.77 -24.45 -26.39
C GLN B 358 -26.95 -24.41 -25.37
N MET B 359 -26.71 -25.00 -24.17
CA MET B 359 -27.70 -25.05 -23.06
C MET B 359 -27.92 -23.65 -22.43
N LEU B 360 -26.92 -22.76 -22.56
CA LEU B 360 -26.98 -21.37 -22.04
C LEU B 360 -27.87 -20.52 -22.96
N GLU B 361 -27.63 -20.69 -24.28
CA GLU B 361 -28.46 -20.10 -25.35
C GLU B 361 -29.90 -20.64 -25.28
N LYS B 362 -30.01 -21.94 -24.96
CA LYS B 362 -31.29 -22.64 -24.79
C LYS B 362 -32.02 -22.07 -23.58
N LEU B 363 -31.29 -21.81 -22.48
CA LEU B 363 -31.85 -21.29 -21.20
C LEU B 363 -32.40 -19.87 -21.39
N ALA B 364 -31.74 -19.09 -22.27
CA ALA B 364 -32.19 -17.73 -22.65
C ALA B 364 -33.59 -17.72 -23.29
N LYS B 365 -33.96 -18.85 -23.92
CA LYS B 365 -35.24 -19.04 -24.61
C LYS B 365 -36.17 -20.00 -23.82
N ASP B 366 -35.57 -20.76 -22.89
CA ASP B 366 -36.25 -21.79 -22.07
C ASP B 366 -37.10 -21.09 -21.00
N ASP B 367 -36.47 -20.15 -20.30
CA ASP B 367 -37.15 -19.33 -19.30
C ASP B 367 -36.30 -18.09 -18.98
N ALA B 368 -36.77 -16.91 -19.43
CA ALA B 368 -36.04 -15.63 -19.27
C ALA B 368 -35.79 -15.27 -17.78
N GLU B 369 -36.66 -15.74 -16.86
CA GLU B 369 -36.53 -15.45 -15.41
C GLU B 369 -35.42 -16.33 -14.79
N LYS B 370 -35.37 -17.61 -15.20
CA LYS B 370 -34.31 -18.55 -14.75
C LYS B 370 -32.96 -18.12 -15.29
N TYR B 371 -32.95 -17.58 -16.53
CA TYR B 371 -31.74 -17.06 -17.17
C TYR B 371 -31.33 -15.72 -16.53
N GLN B 372 -32.32 -14.93 -16.08
CA GLN B 372 -32.08 -13.64 -15.41
C GLN B 372 -31.40 -13.87 -14.04
N THR B 373 -31.94 -14.86 -13.29
CA THR B 373 -31.39 -15.32 -12.00
C THR B 373 -29.96 -15.85 -12.20
N PHE B 374 -29.83 -16.70 -13.24
CA PHE B 374 -28.55 -17.29 -13.66
C PHE B 374 -27.48 -16.20 -13.93
N TRP B 375 -27.89 -15.14 -14.65
CA TRP B 375 -26.98 -14.06 -15.06
C TRP B 375 -26.51 -13.22 -13.85
N GLN B 376 -27.32 -13.23 -12.77
CA GLN B 376 -27.00 -12.51 -11.52
C GLN B 376 -26.22 -13.41 -10.52
N GLN B 377 -26.39 -14.76 -10.61
CA GLN B 377 -25.76 -15.71 -9.67
C GLN B 377 -24.38 -16.16 -10.18
N PHE B 378 -24.29 -16.40 -11.50
CA PHE B 378 -23.15 -17.07 -12.15
C PHE B 378 -22.56 -16.21 -13.27
N GLY B 379 -23.18 -15.03 -13.50
CA GLY B 379 -22.82 -14.15 -14.61
C GLY B 379 -21.37 -13.72 -14.62
N LEU B 380 -20.86 -13.28 -13.44
CA LEU B 380 -19.45 -12.80 -13.27
C LEU B 380 -18.49 -13.81 -13.91
N VAL B 381 -18.73 -15.08 -13.55
CA VAL B 381 -17.95 -16.24 -13.98
C VAL B 381 -17.99 -16.42 -15.51
N LEU B 382 -19.20 -16.44 -16.09
CA LEU B 382 -19.42 -16.63 -17.54
C LEU B 382 -18.66 -15.56 -18.37
N LYS B 383 -18.45 -14.41 -17.74
CA LYS B 383 -17.83 -13.24 -18.38
C LYS B 383 -16.29 -13.34 -18.59
N GLU B 384 -15.65 -14.43 -18.10
CA GLU B 384 -14.23 -14.71 -18.43
C GLU B 384 -14.12 -15.28 -19.87
N GLY B 385 -15.24 -15.88 -20.34
CA GLY B 385 -15.35 -16.48 -21.69
C GLY B 385 -14.90 -15.59 -22.86
N PRO B 386 -15.58 -14.42 -23.09
CA PRO B 386 -15.26 -13.51 -24.22
C PRO B 386 -13.86 -12.87 -24.08
N ALA B 387 -13.29 -12.96 -22.86
CA ALA B 387 -11.94 -12.46 -22.55
C ALA B 387 -10.87 -13.45 -23.04
N GLU B 388 -11.11 -14.76 -22.82
CA GLU B 388 -10.15 -15.80 -23.23
C GLU B 388 -10.29 -16.11 -24.74
N ASP B 389 -11.44 -16.70 -25.14
CA ASP B 389 -11.68 -17.05 -26.55
C ASP B 389 -12.45 -15.90 -27.23
N PHE B 390 -11.71 -14.90 -27.72
CA PHE B 390 -12.30 -13.70 -28.37
C PHE B 390 -12.67 -13.98 -29.85
N ALA B 391 -12.14 -15.08 -30.43
CA ALA B 391 -12.54 -15.54 -31.78
C ALA B 391 -13.99 -16.05 -31.78
N ASN B 392 -14.36 -16.79 -30.71
CA ASN B 392 -15.75 -17.26 -30.50
C ASN B 392 -16.46 -16.34 -29.46
N GLN B 393 -16.03 -15.05 -29.44
CA GLN B 393 -16.61 -14.03 -28.54
C GLN B 393 -18.09 -13.79 -28.84
N GLU B 394 -18.48 -13.86 -30.14
CA GLU B 394 -19.85 -13.52 -30.62
C GLU B 394 -20.92 -14.47 -30.00
N ALA B 395 -20.56 -15.77 -29.85
CA ALA B 395 -21.48 -16.78 -29.28
C ALA B 395 -21.84 -16.43 -27.82
N ILE B 396 -20.82 -15.97 -27.08
CA ILE B 396 -20.97 -15.54 -25.69
C ILE B 396 -21.51 -14.09 -25.62
N ALA B 397 -21.25 -13.30 -26.68
CA ALA B 397 -21.67 -11.88 -26.77
C ALA B 397 -23.19 -11.77 -26.92
N LYS B 398 -23.74 -12.80 -27.57
CA LYS B 398 -25.19 -12.99 -27.73
C LYS B 398 -25.84 -13.31 -26.36
N LEU B 399 -25.01 -13.90 -25.45
CA LEU B 399 -25.40 -14.22 -24.06
C LEU B 399 -25.14 -13.04 -23.10
N LEU B 400 -24.25 -12.10 -23.51
CA LEU B 400 -23.87 -10.93 -22.69
C LEU B 400 -25.05 -9.92 -22.58
N ARG B 401 -25.35 -9.48 -21.34
CA ARG B 401 -26.49 -8.58 -21.01
C ARG B 401 -25.95 -7.35 -20.28
N PHE B 402 -26.27 -6.14 -20.78
CA PHE B 402 -25.69 -4.87 -20.29
C PHE B 402 -26.72 -3.95 -19.65
N ALA B 403 -26.21 -2.86 -19.04
CA ALA B 403 -27.02 -1.73 -18.58
C ALA B 403 -26.52 -0.44 -19.29
N SER B 404 -27.46 0.32 -19.84
CA SER B 404 -27.18 1.56 -20.62
C SER B 404 -28.19 2.64 -20.24
N THR B 405 -28.23 3.77 -20.97
CA THR B 405 -29.18 4.88 -20.69
C THR B 405 -30.65 4.45 -21.00
N HIS B 406 -30.78 3.29 -21.69
CA HIS B 406 -32.05 2.54 -21.89
C HIS B 406 -32.76 2.25 -20.56
N THR B 407 -31.97 1.96 -19.52
CA THR B 407 -32.47 1.71 -18.16
C THR B 407 -31.51 2.39 -17.17
N ASP B 408 -32.00 3.38 -16.39
CA ASP B 408 -31.12 4.18 -15.49
C ASP B 408 -30.92 3.47 -14.14
N SER B 409 -31.62 2.35 -13.94
CA SER B 409 -31.43 1.48 -12.78
C SER B 409 -30.35 0.43 -13.12
N SER B 410 -29.92 -0.33 -12.10
CA SER B 410 -28.77 -1.27 -12.21
C SER B 410 -29.18 -2.62 -12.87
N ALA B 411 -30.38 -2.68 -13.47
CA ALA B 411 -30.92 -3.90 -14.10
C ALA B 411 -30.27 -4.15 -15.48
N GLN B 412 -29.52 -5.28 -15.60
CA GLN B 412 -28.98 -5.75 -16.90
C GLN B 412 -30.08 -6.49 -17.66
N THR B 413 -31.02 -5.70 -18.21
CA THR B 413 -32.15 -6.19 -19.02
C THR B 413 -31.78 -6.12 -20.51
N VAL B 414 -30.98 -5.09 -20.86
CA VAL B 414 -30.48 -4.86 -22.23
C VAL B 414 -29.49 -5.97 -22.63
N SER B 415 -29.48 -6.33 -23.91
CA SER B 415 -28.44 -7.18 -24.51
C SER B 415 -27.77 -6.40 -25.64
N LEU B 416 -26.73 -6.99 -26.24
CA LEU B 416 -26.14 -6.47 -27.48
C LEU B 416 -27.19 -6.47 -28.61
N GLU B 417 -28.10 -7.46 -28.54
CA GLU B 417 -29.25 -7.60 -29.45
C GLU B 417 -30.22 -6.40 -29.32
N ASP B 418 -30.49 -5.98 -28.06
CA ASP B 418 -31.38 -4.85 -27.76
C ASP B 418 -30.73 -3.51 -28.15
N TYR B 419 -29.39 -3.44 -27.98
CA TYR B 419 -28.62 -2.23 -28.29
C TYR B 419 -28.69 -1.94 -29.80
N VAL B 420 -28.37 -2.96 -30.62
CA VAL B 420 -28.41 -2.87 -32.11
C VAL B 420 -29.85 -2.64 -32.61
N SER B 421 -30.82 -3.32 -31.98
CA SER B 421 -32.26 -3.18 -32.29
C SER B 421 -32.74 -1.72 -32.12
N ARG B 422 -32.21 -1.07 -31.08
CA ARG B 422 -32.62 0.29 -30.69
C ARG B 422 -31.68 1.37 -31.33
N MET B 423 -30.48 0.92 -31.79
CA MET B 423 -29.40 1.81 -32.31
C MET B 423 -29.89 2.64 -33.51
N LYS B 424 -29.67 3.96 -33.44
CA LYS B 424 -30.31 4.95 -34.34
C LYS B 424 -29.50 5.17 -35.63
N GLU B 425 -30.16 5.79 -36.63
CA GLU B 425 -29.58 6.04 -37.98
C GLU B 425 -28.36 6.97 -37.86
N GLY B 426 -27.30 6.65 -38.63
CA GLY B 426 -26.06 7.43 -38.61
C GLY B 426 -25.19 7.16 -37.38
N GLN B 427 -25.70 6.32 -36.45
CA GLN B 427 -24.99 6.00 -35.21
C GLN B 427 -24.42 4.58 -35.36
N GLU B 428 -23.24 4.52 -35.98
CA GLU B 428 -22.47 3.27 -36.16
C GLU B 428 -21.56 3.02 -34.95
N LYS B 429 -21.29 4.09 -34.19
CA LYS B 429 -20.30 4.09 -33.12
C LYS B 429 -21.03 3.94 -31.77
N ILE B 430 -20.55 3.04 -30.92
CA ILE B 430 -21.13 2.79 -29.58
C ILE B 430 -20.43 3.72 -28.56
N TYR B 431 -21.22 4.34 -27.66
CA TYR B 431 -20.73 5.38 -26.70
C TYR B 431 -20.76 4.83 -25.25
N TYR B 432 -19.78 5.23 -24.38
CA TYR B 432 -19.71 4.71 -22.98
C TYR B 432 -19.15 5.72 -21.97
N ILE B 433 -19.24 5.34 -20.67
CA ILE B 433 -18.50 5.98 -19.56
C ILE B 433 -18.08 4.89 -18.51
N THR B 434 -16.76 4.78 -18.23
CA THR B 434 -16.20 3.82 -17.24
C THR B 434 -16.39 4.31 -15.79
N ALA B 435 -16.72 3.34 -14.89
CA ALA B 435 -16.79 3.53 -13.43
C ALA B 435 -16.92 2.15 -12.75
N ASP B 436 -16.65 2.09 -11.44
CA ASP B 436 -16.83 0.86 -10.63
C ASP B 436 -18.18 0.90 -9.90
N SER B 437 -18.87 2.07 -9.93
CA SER B 437 -20.17 2.24 -9.27
C SER B 437 -21.12 3.04 -10.20
N TYR B 438 -22.41 2.65 -10.16
CA TYR B 438 -23.46 3.20 -11.04
C TYR B 438 -23.78 4.66 -10.65
N ALA B 439 -23.58 4.97 -9.35
CA ALA B 439 -23.72 6.33 -8.79
C ALA B 439 -22.78 7.32 -9.51
N ALA B 440 -21.50 6.92 -9.64
CA ALA B 440 -20.45 7.73 -10.28
C ALA B 440 -20.72 7.90 -11.78
N ALA B 441 -21.03 6.76 -12.44
CA ALA B 441 -21.27 6.67 -13.89
C ALA B 441 -22.44 7.57 -14.32
N LYS B 442 -23.50 7.62 -13.49
CA LYS B 442 -24.72 8.41 -13.77
C LYS B 442 -24.46 9.91 -13.55
N SER B 443 -23.73 10.25 -12.46
CA SER B 443 -23.46 11.67 -12.08
C SER B 443 -22.32 12.28 -12.91
N SER B 444 -21.73 11.48 -13.82
CA SER B 444 -20.68 11.89 -14.76
C SER B 444 -21.19 13.04 -15.67
N PRO B 445 -20.59 14.28 -15.56
CA PRO B 445 -21.00 15.46 -16.38
C PRO B 445 -20.95 15.20 -17.91
N HIS B 446 -19.92 14.46 -18.38
CA HIS B 446 -19.74 14.17 -19.83
C HIS B 446 -20.89 13.32 -20.39
N LEU B 447 -21.48 12.44 -19.53
CA LEU B 447 -22.65 11.60 -19.89
C LEU B 447 -23.83 12.50 -20.30
N GLU B 448 -23.97 13.65 -19.58
CA GLU B 448 -25.09 14.59 -19.76
C GLU B 448 -25.10 15.19 -21.16
N LEU B 449 -23.92 15.25 -21.84
CA LEU B 449 -23.81 15.83 -23.20
C LEU B 449 -24.65 14.98 -24.18
N LEU B 450 -24.29 13.70 -24.27
CA LEU B 450 -24.93 12.75 -25.19
C LEU B 450 -26.40 12.53 -24.83
N ARG B 451 -26.65 12.31 -23.53
CA ARG B 451 -28.00 12.06 -22.97
C ARG B 451 -28.97 13.21 -23.35
N LYS B 452 -28.43 14.43 -23.35
CA LYS B 452 -29.19 15.67 -23.67
C LYS B 452 -29.46 15.77 -25.18
N LYS B 453 -28.51 15.26 -25.99
CA LYS B 453 -28.63 15.28 -27.47
C LYS B 453 -29.39 14.04 -27.99
N GLY B 454 -29.77 13.13 -27.07
CA GLY B 454 -30.60 11.95 -27.40
C GLY B 454 -29.79 10.73 -27.84
N ILE B 455 -28.49 10.74 -27.52
CA ILE B 455 -27.59 9.60 -27.78
C ILE B 455 -27.49 8.74 -26.51
N GLU B 456 -27.44 7.42 -26.67
CA GLU B 456 -27.38 6.48 -25.53
C GLU B 456 -25.93 6.21 -25.11
N VAL B 457 -25.68 6.33 -23.81
CA VAL B 457 -24.41 6.04 -23.17
C VAL B 457 -24.51 4.69 -22.44
N LEU B 458 -23.45 3.88 -22.47
CA LEU B 458 -23.35 2.67 -21.65
C LEU B 458 -22.96 3.06 -20.23
N LEU B 459 -23.64 2.48 -19.24
CA LEU B 459 -23.36 2.74 -17.82
C LEU B 459 -22.44 1.64 -17.28
N LEU B 460 -21.10 1.83 -17.46
CA LEU B 460 -20.08 0.90 -16.96
C LEU B 460 -19.92 1.17 -15.46
N SER B 461 -20.42 0.22 -14.67
CA SER B 461 -20.46 0.32 -13.20
C SER B 461 -19.80 -0.92 -12.59
N ASP B 462 -18.89 -1.51 -13.37
CA ASP B 462 -18.38 -2.88 -13.17
C ASP B 462 -16.84 -2.86 -13.00
N ARG B 463 -16.30 -3.93 -12.37
CA ARG B 463 -14.83 -4.09 -12.16
C ARG B 463 -14.14 -4.89 -13.29
N ILE B 464 -14.75 -6.02 -13.66
CA ILE B 464 -14.20 -7.00 -14.63
C ILE B 464 -14.23 -6.48 -16.10
N ASP B 465 -14.97 -5.38 -16.29
CA ASP B 465 -15.16 -4.75 -17.59
C ASP B 465 -13.82 -4.42 -18.23
N GLU B 466 -12.95 -3.72 -17.47
CA GLU B 466 -11.63 -3.23 -17.92
C GLU B 466 -10.74 -4.38 -18.42
N TRP B 467 -11.01 -5.61 -17.94
CA TRP B 467 -10.33 -6.81 -18.45
C TRP B 467 -10.80 -7.07 -19.89
N MET B 468 -12.09 -7.37 -20.05
CA MET B 468 -12.63 -7.85 -21.36
C MET B 468 -12.77 -6.70 -22.40
N MET B 469 -12.69 -5.43 -21.95
CA MET B 469 -12.64 -4.24 -22.86
C MET B 469 -11.55 -4.42 -23.93
N ASN B 470 -10.48 -5.11 -23.52
CA ASN B 470 -9.30 -5.36 -24.35
C ASN B 470 -9.56 -6.41 -25.47
N TYR B 471 -10.83 -6.89 -25.59
CA TYR B 471 -11.22 -7.98 -26.53
C TYR B 471 -12.47 -7.59 -27.35
N LEU B 472 -13.54 -7.07 -26.67
CA LEU B 472 -14.76 -6.60 -27.38
C LEU B 472 -14.45 -5.26 -28.08
N THR B 473 -13.83 -5.33 -29.26
CA THR B 473 -13.38 -4.15 -30.06
C THR B 473 -14.47 -3.69 -31.05
N GLU B 474 -15.34 -4.62 -31.48
CA GLU B 474 -16.43 -4.34 -32.43
C GLU B 474 -17.47 -5.50 -32.36
N PHE B 475 -18.76 -5.15 -32.50
CA PHE B 475 -19.88 -6.12 -32.57
C PHE B 475 -20.83 -5.69 -33.70
N ASP B 476 -21.28 -6.66 -34.53
CA ASP B 476 -22.32 -6.47 -35.59
C ASP B 476 -21.82 -5.56 -36.74
N GLY B 477 -20.48 -5.34 -36.80
CA GLY B 477 -19.88 -4.43 -37.78
C GLY B 477 -19.91 -2.96 -37.32
N LYS B 478 -20.37 -2.75 -36.07
CA LYS B 478 -20.49 -1.41 -35.45
C LYS B 478 -19.30 -1.18 -34.48
N PRO B 479 -18.33 -0.28 -34.83
CA PRO B 479 -17.11 -0.02 -34.01
C PRO B 479 -17.38 0.83 -32.74
N PHE B 480 -16.43 0.78 -31.79
CA PHE B 480 -16.58 1.27 -30.40
C PHE B 480 -15.80 2.61 -30.12
N GLN B 481 -16.41 3.51 -29.26
CA GLN B 481 -15.89 4.91 -28.98
C GLN B 481 -16.36 5.45 -27.58
N SER B 482 -15.50 6.30 -26.96
CA SER B 482 -15.77 6.99 -25.68
C SER B 482 -16.42 8.38 -25.87
N VAL B 483 -16.99 8.91 -24.77
CA VAL B 483 -17.34 10.34 -24.65
C VAL B 483 -16.25 11.12 -23.86
N SER B 484 -15.62 10.42 -22.88
CA SER B 484 -14.79 11.08 -21.83
C SER B 484 -13.30 10.68 -21.93
N LYS B 485 -12.96 9.77 -22.85
CA LYS B 485 -11.58 9.24 -23.00
C LYS B 485 -11.16 9.34 -24.48
N VAL B 486 -9.85 9.44 -24.74
CA VAL B 486 -9.27 9.63 -26.09
C VAL B 486 -8.29 8.51 -26.43
N ASP B 487 -7.86 8.46 -27.71
CA ASP B 487 -6.86 7.47 -28.20
C ASP B 487 -5.50 8.16 -28.38
N GLU B 488 -4.41 7.36 -28.39
CA GLU B 488 -3.01 7.88 -28.41
C GLU B 488 -2.45 8.06 -29.83
N SER B 489 -3.25 7.73 -30.86
CA SER B 489 -2.85 7.84 -32.29
C SER B 489 -2.39 9.26 -32.68
N LEU B 490 -2.92 10.27 -31.96
CA LEU B 490 -2.65 11.71 -32.23
C LEU B 490 -1.30 12.16 -31.58
N GLU B 491 -0.32 11.24 -31.52
CA GLU B 491 1.00 11.44 -30.85
C GLU B 491 1.72 12.75 -31.25
N LYS B 492 1.88 12.98 -32.57
CA LYS B 492 2.51 14.22 -33.11
C LYS B 492 1.47 15.37 -33.19
N LEU B 493 0.17 15.01 -33.20
CA LEU B 493 -0.94 15.99 -33.31
C LEU B 493 -1.34 16.52 -31.91
N ALA B 494 -0.64 16.03 -30.87
CA ALA B 494 -0.84 16.45 -29.47
C ALA B 494 0.12 17.60 -29.09
N ASP B 495 0.77 18.21 -30.10
CA ASP B 495 1.73 19.32 -29.90
C ASP B 495 1.00 20.69 -29.87
N GLU B 496 -0.30 20.69 -30.25
CA GLU B 496 -1.15 21.91 -30.32
C GLU B 496 -1.81 22.21 -28.94
N VAL B 497 -0.98 22.23 -27.90
CA VAL B 497 -1.41 22.37 -26.50
C VAL B 497 -1.37 23.85 -26.04
N ASP B 498 -2.21 24.67 -26.70
CA ASP B 498 -2.24 26.15 -26.54
C ASP B 498 -0.89 26.73 -27.04
N GLU B 499 0.14 26.68 -26.17
CA GLU B 499 1.53 26.98 -26.54
C GLU B 499 2.48 26.51 -25.40
N SER B 500 1.97 25.62 -24.51
CA SER B 500 2.77 25.05 -23.40
C SER B 500 3.86 24.14 -23.98
N ALA B 501 5.01 24.73 -24.24
CA ALA B 501 6.18 24.07 -24.84
C ALA B 501 7.28 23.87 -23.78
N LYS B 502 8.47 23.41 -24.25
CA LYS B 502 9.66 23.20 -23.38
C LYS B 502 10.09 24.53 -22.72
N GLU B 503 9.74 25.68 -23.35
CA GLU B 503 9.96 27.03 -22.79
C GLU B 503 9.26 27.18 -21.43
N ALA B 504 7.97 26.77 -21.38
CA ALA B 504 7.14 26.84 -20.18
C ALA B 504 7.75 25.93 -19.10
N GLU B 505 8.06 24.71 -19.52
CA GLU B 505 8.58 23.64 -18.66
C GLU B 505 9.92 24.03 -18.00
N LYS B 506 10.79 24.75 -18.73
CA LYS B 506 12.08 25.23 -18.20
C LYS B 506 11.87 26.30 -17.11
N ALA B 507 10.78 27.07 -17.23
CA ALA B 507 10.39 28.08 -16.23
C ALA B 507 9.63 27.41 -15.07
N LEU B 508 9.06 26.23 -15.37
CA LEU B 508 8.33 25.40 -14.41
C LEU B 508 9.24 24.34 -13.76
N THR B 509 10.52 24.25 -14.18
CA THR B 509 11.50 23.35 -13.53
C THR B 509 11.70 23.74 -12.02
N PRO B 510 11.94 25.07 -11.66
CA PRO B 510 11.96 25.50 -10.24
C PRO B 510 10.60 25.25 -9.56
N PHE B 511 9.50 25.40 -10.33
CA PHE B 511 8.12 25.13 -9.86
C PHE B 511 7.99 23.66 -9.40
N ILE B 512 8.63 22.71 -10.14
CA ILE B 512 8.66 21.27 -9.77
C ILE B 512 9.35 21.09 -8.41
N ASP B 513 10.52 21.76 -8.23
CA ASP B 513 11.29 21.69 -6.96
C ASP B 513 10.50 22.26 -5.77
N ARG B 514 9.73 23.34 -6.03
CA ARG B 514 8.93 24.03 -4.99
C ARG B 514 7.72 23.16 -4.58
N VAL B 515 7.06 22.52 -5.56
CA VAL B 515 5.90 21.63 -5.30
C VAL B 515 6.37 20.37 -4.55
N LYS B 516 7.56 19.85 -4.93
CA LYS B 516 8.20 18.72 -4.24
C LYS B 516 8.64 19.11 -2.81
N ALA B 517 9.00 20.39 -2.62
CA ALA B 517 9.42 20.92 -1.31
C ALA B 517 8.22 21.04 -0.34
N LEU B 518 7.10 21.56 -0.84
CA LEU B 518 5.89 21.83 -0.05
C LEU B 518 5.08 20.56 0.26
N LEU B 519 4.99 19.64 -0.72
CA LEU B 519 4.23 18.38 -0.56
C LEU B 519 5.12 17.27 0.03
N GLY B 520 6.44 17.39 -0.20
CA GLY B 520 7.43 16.44 0.31
C GLY B 520 7.21 15.04 -0.22
N GLU B 521 6.81 14.12 0.67
CA GLU B 521 6.58 12.70 0.35
C GLU B 521 5.12 12.32 0.58
N ARG B 522 4.23 13.21 0.12
CA ARG B 522 2.82 12.88 -0.15
C ARG B 522 2.65 12.59 -1.66
N VAL B 523 3.70 12.92 -2.44
CA VAL B 523 3.75 12.73 -3.91
C VAL B 523 5.05 11.97 -4.28
N LYS B 524 4.96 11.04 -5.25
CA LYS B 524 6.13 10.34 -5.81
C LYS B 524 6.97 11.34 -6.60
N ASP B 525 6.31 11.98 -7.57
CA ASP B 525 6.96 12.85 -8.56
C ASP B 525 5.96 13.86 -9.11
N VAL B 526 6.42 15.09 -9.34
CA VAL B 526 5.60 16.20 -9.85
C VAL B 526 6.00 16.48 -11.31
N ARG B 527 5.02 16.47 -12.22
CA ARG B 527 5.23 16.73 -13.66
C ARG B 527 4.34 17.88 -14.11
N LEU B 528 4.88 18.80 -14.92
CA LEU B 528 4.07 19.87 -15.55
C LEU B 528 3.79 19.45 -17.00
N THR B 529 2.71 18.68 -17.18
CA THR B 529 2.30 18.12 -18.48
C THR B 529 1.22 19.00 -19.12
N HIS B 530 0.92 18.75 -20.40
CA HIS B 530 0.06 19.64 -21.20
C HIS B 530 -1.28 18.96 -21.49
N ARG B 531 -1.91 18.46 -20.42
CA ARG B 531 -3.21 17.80 -20.48
C ARG B 531 -4.31 18.87 -20.32
N LEU B 532 -4.79 19.40 -21.47
CA LEU B 532 -5.70 20.57 -21.53
C LEU B 532 -6.94 20.39 -20.63
N THR B 533 -7.89 19.53 -21.09
CA THR B 533 -9.11 19.09 -20.33
C THR B 533 -9.80 20.26 -19.55
N ASP B 534 -10.67 19.94 -18.58
CA ASP B 534 -11.27 20.96 -17.68
C ASP B 534 -10.66 20.85 -16.27
N THR B 535 -9.88 19.77 -16.07
CA THR B 535 -9.20 19.46 -14.81
C THR B 535 -7.93 20.34 -14.67
N PRO B 536 -7.70 21.01 -13.49
CA PRO B 536 -6.45 21.77 -13.25
C PRO B 536 -5.24 20.83 -13.08
N ALA B 537 -5.41 19.82 -12.21
CA ALA B 537 -4.36 18.88 -11.85
C ALA B 537 -4.95 17.47 -11.79
N ILE B 538 -4.22 16.53 -12.40
CA ILE B 538 -4.61 15.12 -12.51
C ILE B 538 -3.42 14.26 -12.09
N VAL B 539 -3.69 13.12 -11.43
CA VAL B 539 -2.63 12.23 -10.96
C VAL B 539 -2.58 10.94 -11.79
N SER B 540 -1.34 10.40 -11.96
CA SER B 540 -1.08 9.15 -12.70
C SER B 540 -0.71 8.01 -11.74
N THR B 541 -0.93 6.76 -12.21
CA THR B 541 -0.69 5.53 -11.44
C THR B 541 0.21 4.57 -12.26
N ASP B 542 0.92 3.67 -11.54
CA ASP B 542 1.81 2.65 -12.13
C ASP B 542 1.06 1.32 -12.28
N ALA B 543 0.54 0.79 -11.16
CA ALA B 543 -0.20 -0.48 -11.11
C ALA B 543 -1.58 -0.26 -10.46
N ASP B 544 -2.15 -1.33 -9.84
CA ASP B 544 -3.52 -1.32 -9.28
C ASP B 544 -3.66 -0.26 -8.16
N GLU B 545 -4.42 0.83 -8.50
CA GLU B 545 -4.66 1.99 -7.62
C GLU B 545 -3.28 2.58 -7.16
N MET B 546 -2.38 2.67 -8.16
CA MET B 546 -0.93 2.92 -7.98
C MET B 546 -0.28 1.62 -7.48
N SER B 547 -0.56 1.26 -6.22
CA SER B 547 0.06 0.12 -5.55
C SER B 547 -0.71 -0.24 -4.25
N THR B 548 -2.02 0.07 -4.23
CA THR B 548 -2.86 -0.14 -3.02
C THR B 548 -3.50 -1.56 -3.03
N GLN B 549 -3.10 -2.43 -4.00
CA GLN B 549 -3.62 -3.82 -4.13
C GLN B 549 -2.64 -4.70 -4.95
N MET B 550 -1.59 -5.21 -4.27
CA MET B 550 -0.75 -6.35 -4.76
C MET B 550 0.34 -6.66 -3.70
N ALA B 551 0.84 -7.91 -3.71
CA ALA B 551 1.76 -8.43 -2.67
C ALA B 551 3.13 -7.71 -2.67
N LYS B 552 3.72 -7.58 -3.87
CA LYS B 552 5.02 -6.88 -4.07
C LYS B 552 4.91 -5.41 -3.64
N LEU B 553 3.76 -4.82 -3.97
CA LEU B 553 3.51 -3.40 -3.79
C LEU B 553 3.47 -3.04 -2.29
N PHE B 554 2.79 -3.85 -1.46
CA PHE B 554 2.78 -3.67 0.03
C PHE B 554 4.11 -4.10 0.69
N ALA B 555 4.90 -4.90 -0.03
CA ALA B 555 6.24 -5.34 0.43
C ALA B 555 7.32 -4.25 0.17
N ALA B 556 6.92 -3.13 -0.46
CA ALA B 556 7.83 -2.01 -0.79
C ALA B 556 8.30 -1.26 0.47
N ALA B 557 7.41 -1.18 1.49
CA ALA B 557 7.80 -0.72 2.84
C ALA B 557 6.88 -1.32 3.93
N GLY B 558 5.56 -1.08 3.83
CA GLY B 558 4.60 -1.67 4.78
C GLY B 558 3.43 -0.75 5.19
N GLN B 559 3.63 0.59 5.15
CA GLN B 559 2.57 1.57 5.57
C GLN B 559 1.46 1.67 4.47
N LYS B 560 1.33 2.84 3.80
CA LYS B 560 0.41 3.02 2.66
C LYS B 560 1.10 2.63 1.34
N VAL B 561 2.31 2.02 1.42
CA VAL B 561 3.30 1.88 0.32
C VAL B 561 3.90 3.27 -0.09
N PRO B 562 5.28 3.39 -0.21
CA PRO B 562 5.94 4.62 -0.69
C PRO B 562 5.56 4.92 -2.16
N GLU B 563 5.47 3.85 -2.96
CA GLU B 563 5.14 3.93 -4.38
C GLU B 563 3.74 4.55 -4.58
N VAL B 564 2.80 4.24 -3.66
CA VAL B 564 1.36 4.63 -3.75
C VAL B 564 1.17 6.15 -3.88
N LYS B 565 2.19 6.92 -3.42
CA LYS B 565 2.22 8.37 -3.62
C LYS B 565 2.07 8.66 -5.12
N TYR B 566 1.00 9.36 -5.50
CA TYR B 566 0.62 9.56 -6.91
C TYR B 566 1.57 10.57 -7.60
N ILE B 567 1.58 10.54 -8.94
CA ILE B 567 2.34 11.51 -9.75
C ILE B 567 1.45 12.74 -9.98
N PHE B 568 1.83 13.87 -9.35
CA PHE B 568 1.02 15.10 -9.35
C PHE B 568 1.34 15.92 -10.61
N GLU B 569 0.43 15.88 -11.59
CA GLU B 569 0.59 16.57 -12.88
C GLU B 569 -0.36 17.76 -12.97
N LEU B 570 0.15 18.92 -13.42
CA LEU B 570 -0.65 20.16 -13.59
C LEU B 570 -0.52 20.66 -15.04
N ASN B 571 -1.60 21.25 -15.58
CA ASN B 571 -1.60 21.83 -16.95
C ASN B 571 -1.37 23.36 -16.88
N PRO B 572 -0.23 23.88 -17.46
CA PRO B 572 0.17 25.31 -17.33
C PRO B 572 -0.84 26.28 -17.97
N ASP B 573 -1.34 25.91 -19.17
CA ASP B 573 -2.26 26.75 -19.96
C ASP B 573 -3.69 26.76 -19.40
N HIS B 574 -4.01 25.81 -18.49
CA HIS B 574 -5.34 25.76 -17.85
C HIS B 574 -5.46 26.90 -16.80
N VAL B 575 -6.57 27.67 -16.88
CA VAL B 575 -6.77 28.95 -16.15
C VAL B 575 -6.48 28.87 -14.63
N LEU B 576 -6.85 27.73 -14.00
CA LEU B 576 -6.69 27.54 -12.54
C LEU B 576 -5.21 27.43 -12.12
N VAL B 577 -4.44 26.63 -12.89
CA VAL B 577 -2.98 26.44 -12.66
C VAL B 577 -2.20 27.67 -13.16
N LYS B 578 -2.77 28.38 -14.15
CA LYS B 578 -2.22 29.63 -14.69
C LYS B 578 -2.18 30.67 -13.55
N ARG B 579 -3.34 30.82 -12.85
CA ARG B 579 -3.50 31.77 -11.74
C ARG B 579 -2.69 31.32 -10.50
N ALA B 580 -2.54 29.99 -10.35
CA ALA B 580 -1.72 29.39 -9.26
C ALA B 580 -0.21 29.60 -9.53
N ALA B 581 0.14 29.73 -10.82
CA ALA B 581 1.53 29.99 -11.27
C ALA B 581 1.88 31.48 -11.14
N ASP B 582 0.85 32.36 -11.22
CA ASP B 582 1.02 33.81 -10.98
C ASP B 582 1.36 34.07 -9.50
N THR B 583 0.93 33.16 -8.61
CA THR B 583 1.24 33.25 -7.18
C THR B 583 2.71 32.84 -6.98
N GLU B 584 3.58 33.86 -6.93
CA GLU B 584 5.03 33.69 -6.72
C GLU B 584 5.33 33.58 -5.21
N ASP B 585 4.58 34.38 -4.40
CA ASP B 585 4.65 34.33 -2.92
C ASP B 585 4.41 32.89 -2.44
N GLU B 586 5.46 32.26 -1.88
CA GLU B 586 5.46 30.82 -1.57
C GLU B 586 4.54 30.46 -0.39
N ALA B 587 4.16 31.48 0.41
CA ALA B 587 3.24 31.30 1.55
C ALA B 587 1.79 31.04 1.07
N LYS B 588 1.40 31.70 -0.03
CA LYS B 588 0.08 31.49 -0.68
C LYS B 588 0.17 30.40 -1.78
N PHE B 589 1.34 30.29 -2.41
CA PHE B 589 1.65 29.27 -3.44
C PHE B 589 1.43 27.87 -2.87
N SER B 590 1.92 27.67 -1.63
CA SER B 590 1.77 26.42 -0.88
C SER B 590 0.28 26.02 -0.77
N GLU B 591 -0.56 27.03 -0.50
CA GLU B 591 -2.00 26.84 -0.34
C GLU B 591 -2.66 26.34 -1.62
N TRP B 592 -2.27 26.94 -2.77
CA TRP B 592 -2.72 26.48 -4.10
C TRP B 592 -2.30 25.01 -4.34
N VAL B 593 -1.01 24.72 -4.08
CA VAL B 593 -0.38 23.42 -4.42
C VAL B 593 -0.99 22.25 -3.60
N GLU B 594 -1.12 22.46 -2.29
CA GLU B 594 -1.67 21.47 -1.33
C GLU B 594 -3.16 21.19 -1.62
N LEU B 595 -3.88 22.26 -1.99
CA LEU B 595 -5.32 22.19 -2.32
C LEU B 595 -5.52 21.32 -3.58
N LEU B 596 -4.79 21.68 -4.66
CA LEU B 596 -4.89 21.00 -5.97
C LEU B 596 -4.48 19.52 -5.87
N LEU B 597 -3.50 19.22 -4.98
CA LEU B 597 -3.07 17.84 -4.70
C LEU B 597 -4.22 17.01 -4.14
N ASP B 598 -4.76 17.47 -3.00
CA ASP B 598 -5.71 16.68 -2.20
C ASP B 598 -7.07 16.56 -2.91
N GLN B 599 -7.35 17.50 -3.85
CA GLN B 599 -8.53 17.44 -4.73
C GLN B 599 -8.35 16.38 -5.83
N ALA B 600 -7.13 16.29 -6.39
CA ALA B 600 -6.76 15.24 -7.37
C ALA B 600 -6.69 13.86 -6.69
N LEU B 601 -6.30 13.87 -5.41
CA LEU B 601 -6.18 12.68 -4.55
C LEU B 601 -7.59 12.07 -4.35
N LEU B 602 -8.57 12.98 -4.13
CA LEU B 602 -10.02 12.65 -4.05
C LEU B 602 -10.52 11.98 -5.35
N ALA B 603 -9.91 12.36 -6.48
CA ALA B 603 -10.31 11.86 -7.82
C ALA B 603 -9.81 10.41 -8.05
N GLU B 604 -8.72 10.01 -7.33
CA GLU B 604 -8.05 8.70 -7.54
C GLU B 604 -8.18 7.77 -6.29
N ARG B 605 -8.90 8.23 -5.24
CA ARG B 605 -9.08 7.46 -3.97
C ARG B 605 -10.53 7.49 -3.50
N GLY B 606 -11.25 8.60 -3.79
CA GLY B 606 -12.61 8.82 -3.28
C GLY B 606 -12.64 9.24 -1.80
N THR B 607 -11.44 9.32 -1.18
CA THR B 607 -11.26 9.64 0.23
C THR B 607 -9.91 10.36 0.39
N LEU B 608 -9.79 11.22 1.43
CA LEU B 608 -8.59 12.07 1.64
C LEU B 608 -7.65 11.46 2.68
N GLU B 609 -6.44 12.06 2.80
CA GLU B 609 -5.49 11.74 3.89
C GLU B 609 -5.96 12.46 5.17
N ASP B 610 -6.31 13.74 5.02
CA ASP B 610 -6.83 14.60 6.10
C ASP B 610 -7.79 15.66 5.52
N PRO B 611 -9.11 15.65 5.91
CA PRO B 611 -10.10 16.64 5.44
C PRO B 611 -9.81 18.07 5.96
N ASN B 612 -9.26 18.18 7.21
CA ASN B 612 -9.02 19.51 7.87
C ASN B 612 -8.16 20.43 6.98
N LEU B 613 -7.10 19.84 6.39
CA LEU B 613 -6.15 20.54 5.52
C LEU B 613 -6.88 21.17 4.32
N PHE B 614 -7.43 20.29 3.45
CA PHE B 614 -8.04 20.69 2.16
C PHE B 614 -9.17 21.71 2.34
N ILE B 615 -10.08 21.38 3.27
CA ILE B 615 -11.28 22.19 3.54
C ILE B 615 -10.89 23.61 3.97
N ARG B 616 -9.91 23.74 4.88
CA ARG B 616 -9.51 25.06 5.41
C ARG B 616 -8.83 25.90 4.31
N ARG B 617 -7.96 25.26 3.49
CA ARG B 617 -7.23 25.93 2.38
C ARG B 617 -8.22 26.45 1.32
N MET B 618 -9.25 25.64 1.06
CA MET B 618 -10.36 25.96 0.15
C MET B 618 -11.14 27.15 0.68
N ASN B 619 -11.44 27.10 1.99
CA ASN B 619 -12.18 28.15 2.71
C ASN B 619 -11.39 29.45 2.76
N GLN B 620 -10.04 29.38 2.70
CA GLN B 620 -9.18 30.57 2.68
C GLN B 620 -9.26 31.28 1.31
N LEU B 621 -9.09 30.52 0.22
CA LEU B 621 -9.15 31.07 -1.16
C LEU B 621 -10.58 31.57 -1.50
N LEU B 622 -11.59 30.99 -0.84
CA LEU B 622 -13.00 31.41 -1.00
C LEU B 622 -13.37 32.58 -0.06
N VAL B 623 -12.68 32.71 1.11
CA VAL B 623 -12.97 33.81 2.09
C VAL B 623 -12.31 35.12 1.64
N SER B 624 -11.22 35.00 0.85
CA SER B 624 -10.49 36.14 0.29
C SER B 624 -11.41 36.99 -0.64
N MET C 1 -21.73 23.32 33.49
CA MET C 1 -22.16 23.67 32.11
C MET C 1 -20.94 23.86 31.20
N ALA C 2 -19.90 24.53 31.73
CA ALA C 2 -18.69 24.87 30.98
C ALA C 2 -17.43 24.41 31.71
N THR C 3 -16.40 24.04 30.94
CA THR C 3 -15.09 23.64 31.45
C THR C 3 -14.00 23.97 30.40
N SER C 4 -14.23 23.51 29.13
CA SER C 4 -13.35 23.78 27.96
C SER C 4 -11.85 23.45 28.26
N THR C 5 -11.65 22.31 28.95
CA THR C 5 -10.33 21.84 29.43
C THR C 5 -9.30 21.74 28.28
N LEU C 6 -9.77 21.22 27.13
CA LEU C 6 -9.00 21.17 25.89
C LEU C 6 -9.96 21.07 24.70
N ILE C 7 -9.51 21.52 23.51
CA ILE C 7 -10.25 21.28 22.25
C ILE C 7 -10.01 19.84 21.78
N LYS C 8 -10.81 19.38 20.80
CA LYS C 8 -10.70 18.02 20.23
C LYS C 8 -9.36 17.86 19.51
N ALA C 9 -9.07 18.81 18.57
CA ALA C 9 -7.75 18.97 17.92
C ALA C 9 -7.39 17.78 17.00
N ILE C 10 -7.25 18.06 15.68
CA ILE C 10 -6.87 17.08 14.63
C ILE C 10 -7.94 15.94 14.53
N ASP C 11 -9.15 16.29 15.01
CA ASP C 11 -10.34 15.42 15.01
C ASP C 11 -10.83 15.12 13.58
N GLY C 12 -11.15 13.84 13.34
CA GLY C 12 -11.58 13.35 12.04
C GLY C 12 -11.50 11.83 11.96
N ASP C 13 -10.30 11.29 12.19
CA ASP C 13 -10.04 9.82 12.18
C ASP C 13 -9.68 9.34 13.59
N THR C 14 -10.56 8.48 14.16
CA THR C 14 -10.42 7.83 15.49
C THR C 14 -10.14 8.83 16.65
N VAL C 15 -9.94 8.27 17.86
CA VAL C 15 -9.62 9.06 19.07
C VAL C 15 -8.26 8.57 19.65
N LYS C 16 -7.61 7.60 18.95
CA LYS C 16 -6.34 6.99 19.37
C LYS C 16 -5.17 7.97 19.18
N LEU C 17 -4.41 8.18 20.26
CA LEU C 17 -3.21 9.01 20.28
C LEU C 17 -1.99 8.19 19.78
N MET C 18 -1.37 7.40 20.68
CA MET C 18 -0.06 6.75 20.44
C MET C 18 -0.03 5.39 21.15
N TYR C 19 0.31 4.34 20.39
CA TYR C 19 0.36 2.96 20.88
C TYR C 19 1.25 2.12 19.93
N LYS C 20 1.37 0.82 20.21
CA LYS C 20 2.13 -0.16 19.41
C LYS C 20 3.64 0.19 19.42
N GLY C 21 4.33 -0.28 20.48
CA GLY C 21 5.75 0.01 20.71
C GLY C 21 6.62 -1.24 20.63
N GLN C 22 7.12 -1.54 19.43
CA GLN C 22 8.02 -2.69 19.18
C GLN C 22 9.48 -2.19 19.09
N PRO C 23 10.47 -2.82 19.82
CA PRO C 23 11.90 -2.43 19.74
C PRO C 23 12.52 -2.72 18.33
N MET C 24 12.60 -1.67 17.50
CA MET C 24 13.20 -1.73 16.15
C MET C 24 14.73 -1.49 16.21
N THR C 25 15.18 -0.95 17.34
CA THR C 25 16.57 -0.54 17.59
C THR C 25 17.38 -1.65 18.29
N PHE C 26 18.66 -1.32 18.62
CA PHE C 26 19.60 -2.27 19.29
C PHE C 26 19.32 -2.27 20.82
N ARG C 27 20.24 -1.70 21.65
CA ARG C 27 20.03 -1.51 23.12
C ARG C 27 21.14 -0.60 23.71
N LEU C 28 20.83 0.70 23.77
CA LEU C 28 21.73 1.75 24.34
C LEU C 28 20.97 3.10 24.28
N LEU C 29 21.22 4.00 25.25
CA LEU C 29 21.01 5.45 25.06
C LEU C 29 21.75 6.21 26.15
N LEU C 30 21.62 5.74 27.41
CA LEU C 30 22.30 6.38 28.54
C LEU C 30 22.72 5.30 29.56
N VAL C 31 21.77 4.87 30.43
CA VAL C 31 22.03 3.91 31.52
C VAL C 31 20.70 3.33 32.08
N ASP C 32 20.10 2.39 31.32
CA ASP C 32 18.90 1.66 31.78
C ASP C 32 19.03 0.16 31.50
N THR C 33 18.05 -0.58 32.04
CA THR C 33 17.92 -2.02 31.88
C THR C 33 16.44 -2.31 31.53
N PRO C 34 16.12 -2.72 30.25
CA PRO C 34 14.72 -3.03 29.83
C PRO C 34 14.15 -4.27 30.57
N GLU C 35 13.66 -4.02 31.80
CA GLU C 35 13.06 -5.05 32.68
C GLU C 35 12.15 -4.37 33.74
N THR C 36 11.76 -3.11 33.47
CA THR C 36 10.83 -2.34 34.33
C THR C 36 9.37 -2.59 33.89
N LYS C 37 9.21 -3.43 32.83
CA LYS C 37 7.92 -3.74 32.21
C LYS C 37 7.09 -4.70 33.11
N HIS C 38 5.75 -4.56 33.04
CA HIS C 38 4.80 -5.37 33.83
C HIS C 38 3.69 -5.97 32.94
N PRO C 39 3.90 -7.19 32.38
CA PRO C 39 2.81 -8.00 31.78
C PRO C 39 2.08 -8.80 32.89
N LYS C 40 0.92 -8.30 33.32
CA LYS C 40 0.14 -8.87 34.44
C LYS C 40 -0.50 -10.22 34.05
N LYS C 41 -1.33 -10.19 32.98
CA LYS C 41 -2.11 -11.37 32.53
C LYS C 41 -2.87 -10.98 31.25
N GLY C 42 -3.56 -9.83 31.32
CA GLY C 42 -4.48 -9.37 30.28
C GLY C 42 -3.81 -9.05 28.96
N VAL C 43 -3.65 -10.09 28.15
CA VAL C 43 -3.14 -10.00 26.77
C VAL C 43 -4.31 -10.20 25.77
N GLU C 44 -5.42 -10.77 26.29
CA GLU C 44 -6.65 -11.05 25.51
C GLU C 44 -7.48 -9.77 25.31
N LYS C 45 -8.00 -9.59 24.08
CA LYS C 45 -8.94 -8.50 23.75
C LYS C 45 -10.39 -9.04 23.79
N TYR C 46 -10.51 -10.36 23.58
CA TYR C 46 -11.78 -11.12 23.54
C TYR C 46 -12.64 -10.70 22.33
N GLY C 47 -12.57 -11.51 21.26
CA GLY C 47 -13.43 -11.34 20.10
C GLY C 47 -14.87 -11.83 20.37
N PRO C 48 -15.92 -11.19 19.78
CA PRO C 48 -17.34 -11.60 19.98
C PRO C 48 -17.75 -12.79 19.06
N GLU C 49 -19.05 -12.87 18.71
CA GLU C 49 -19.60 -13.91 17.81
C GLU C 49 -19.13 -13.74 16.34
N ALA C 50 -18.53 -12.56 16.02
CA ALA C 50 -18.17 -12.14 14.63
C ALA C 50 -19.45 -11.87 13.79
N SER C 51 -19.25 -11.44 12.52
CA SER C 51 -20.38 -11.08 11.63
C SER C 51 -19.93 -11.05 10.16
N ALA C 52 -20.80 -11.57 9.27
CA ALA C 52 -20.63 -11.47 7.82
C ALA C 52 -21.65 -10.45 7.29
N PHE C 53 -21.17 -9.23 7.00
CA PHE C 53 -22.01 -8.14 6.46
C PHE C 53 -21.11 -7.16 5.67
N THR C 54 -21.76 -6.37 4.78
CA THR C 54 -21.12 -5.36 3.91
C THR C 54 -20.40 -6.02 2.69
N LYS C 55 -20.46 -5.34 1.54
CA LYS C 55 -19.86 -5.80 0.28
C LYS C 55 -18.86 -4.75 -0.25
N LYS C 56 -19.33 -3.47 -0.31
CA LYS C 56 -18.55 -2.26 -0.70
C LYS C 56 -18.08 -2.30 -2.19
N MET C 57 -17.89 -1.11 -2.79
CA MET C 57 -17.25 -0.95 -4.11
C MET C 57 -15.74 -0.72 -3.92
N VAL C 58 -14.94 -0.98 -4.97
CA VAL C 58 -13.47 -0.80 -4.92
C VAL C 58 -12.88 -0.74 -6.35
N GLU C 59 -12.06 0.29 -6.61
CA GLU C 59 -11.48 0.57 -7.92
C GLU C 59 -10.34 -0.43 -8.24
N ASN C 60 -10.23 -0.80 -9.53
CA ASN C 60 -9.21 -1.74 -10.05
C ASN C 60 -8.63 -1.20 -11.37
N ALA C 61 -7.28 -1.21 -11.47
CA ALA C 61 -6.56 -0.75 -12.68
C ALA C 61 -6.14 -1.96 -13.55
N LYS C 62 -6.24 -1.80 -14.90
CA LYS C 62 -5.85 -2.84 -15.87
C LYS C 62 -5.74 -2.24 -17.29
N LYS C 63 -5.00 -2.92 -18.20
CA LYS C 63 -4.80 -2.46 -19.60
C LYS C 63 -4.18 -3.63 -20.43
N ILE C 64 -3.62 -3.30 -21.62
CA ILE C 64 -2.90 -4.24 -22.53
C ILE C 64 -3.92 -5.14 -23.27
N GLU C 65 -4.03 -4.95 -24.60
CA GLU C 65 -5.16 -5.44 -25.42
C GLU C 65 -4.68 -6.39 -26.54
N VAL C 66 -5.64 -6.78 -27.42
CA VAL C 66 -5.36 -7.43 -28.71
C VAL C 66 -5.59 -6.39 -29.84
N GLU C 67 -4.59 -5.49 -30.00
CA GLU C 67 -4.68 -4.34 -30.93
C GLU C 67 -4.69 -4.85 -32.39
N PHE C 68 -3.59 -5.50 -32.81
CA PHE C 68 -3.47 -6.08 -34.16
C PHE C 68 -4.37 -7.34 -34.28
N ASP C 69 -5.64 -7.10 -34.62
CA ASP C 69 -6.65 -8.15 -34.85
C ASP C 69 -7.71 -7.58 -35.82
N LYS C 70 -7.79 -8.15 -37.03
CA LYS C 70 -8.66 -7.65 -38.11
C LYS C 70 -9.25 -8.84 -38.88
N GLY C 71 -10.57 -8.79 -39.12
CA GLY C 71 -11.29 -9.85 -39.86
C GLY C 71 -12.70 -10.04 -39.32
N GLN C 72 -13.70 -9.45 -39.99
CA GLN C 72 -15.12 -9.52 -39.56
C GLN C 72 -15.76 -10.82 -40.09
N ARG C 73 -15.28 -11.94 -39.56
CA ARG C 73 -15.83 -13.29 -39.80
C ARG C 73 -15.77 -14.06 -38.48
N THR C 74 -16.94 -14.43 -37.96
CA THR C 74 -17.09 -15.03 -36.63
C THR C 74 -17.31 -16.55 -36.72
N ASP C 75 -16.74 -17.16 -37.80
CA ASP C 75 -16.71 -18.62 -37.99
C ASP C 75 -15.88 -19.24 -36.83
N LYS C 76 -16.62 -19.69 -35.79
CA LYS C 76 -16.06 -19.97 -34.46
C LYS C 76 -15.02 -21.11 -34.47
N TYR C 77 -13.74 -20.73 -34.47
CA TYR C 77 -12.61 -21.65 -34.31
C TYR C 77 -11.85 -21.30 -33.02
N GLY C 78 -12.04 -22.14 -32.00
CA GLY C 78 -11.49 -21.90 -30.67
C GLY C 78 -11.09 -23.19 -29.98
N ARG C 79 -10.14 -23.07 -29.04
CA ARG C 79 -9.62 -24.21 -28.24
C ARG C 79 -10.55 -24.49 -27.03
N GLY C 80 -11.50 -23.57 -26.81
CA GLY C 80 -12.49 -23.70 -25.75
C GLY C 80 -13.32 -22.43 -25.65
N LEU C 81 -13.54 -21.95 -24.41
CA LEU C 81 -14.26 -20.68 -24.15
C LEU C 81 -13.46 -19.87 -23.11
N ALA C 82 -13.15 -20.50 -21.96
CA ALA C 82 -12.28 -19.90 -20.90
C ALA C 82 -11.97 -20.92 -19.80
N TYR C 83 -10.81 -20.77 -19.12
CA TYR C 83 -10.32 -21.75 -18.10
C TYR C 83 -9.59 -21.02 -16.94
N ILE C 84 -9.81 -19.70 -16.79
CA ILE C 84 -9.06 -18.87 -15.81
C ILE C 84 -9.86 -18.64 -14.47
N TYR C 85 -10.73 -17.60 -14.42
CA TYR C 85 -11.54 -17.16 -13.25
C TYR C 85 -12.12 -15.77 -13.57
N ALA C 86 -12.94 -15.22 -12.65
CA ALA C 86 -13.62 -13.92 -12.88
C ALA C 86 -14.00 -13.19 -11.57
N ASP C 87 -14.46 -11.94 -11.72
CA ASP C 87 -14.75 -11.00 -10.61
C ASP C 87 -15.79 -9.96 -11.12
N GLY C 88 -16.06 -8.89 -10.35
CA GLY C 88 -16.71 -7.68 -10.85
C GLY C 88 -18.23 -7.78 -10.94
N LYS C 89 -18.81 -7.31 -12.08
CA LYS C 89 -20.28 -7.27 -12.30
C LYS C 89 -20.61 -7.61 -13.78
N MET C 90 -20.09 -6.81 -14.74
CA MET C 90 -20.30 -7.01 -16.19
C MET C 90 -19.01 -6.73 -16.99
N VAL C 91 -18.72 -7.57 -18.00
CA VAL C 91 -17.65 -7.30 -18.99
C VAL C 91 -18.24 -6.47 -20.14
N ASN C 92 -17.69 -5.27 -20.37
CA ASN C 92 -18.37 -4.23 -21.18
C ASN C 92 -17.80 -4.04 -22.58
N GLU C 93 -18.54 -3.24 -23.37
CA GLU C 93 -18.20 -2.83 -24.73
C GLU C 93 -17.95 -1.29 -24.78
N ALA C 94 -17.53 -0.82 -25.99
CA ALA C 94 -17.20 0.60 -26.29
C ALA C 94 -15.81 1.02 -25.75
N LEU C 95 -14.87 1.33 -26.69
CA LEU C 95 -13.43 1.59 -26.39
C LEU C 95 -13.04 3.00 -26.88
N VAL C 96 -11.73 3.20 -27.17
CA VAL C 96 -11.22 4.40 -27.86
C VAL C 96 -10.45 3.94 -29.12
N ARG C 97 -10.73 4.62 -30.26
CA ARG C 97 -9.99 4.43 -31.52
C ARG C 97 -10.39 5.53 -32.51
N GLN C 98 -11.63 5.43 -33.04
CA GLN C 98 -12.20 6.39 -34.01
C GLN C 98 -13.48 7.02 -33.48
N GLY C 99 -13.66 8.31 -33.79
CA GLY C 99 -14.80 9.10 -33.36
C GLY C 99 -15.96 9.08 -34.33
N LEU C 100 -17.09 9.69 -33.92
CA LEU C 100 -18.29 9.83 -34.75
C LEU C 100 -18.96 11.18 -34.41
N ALA C 101 -19.70 11.21 -33.27
CA ALA C 101 -20.43 12.40 -32.78
C ALA C 101 -21.33 12.99 -33.90
N LYS C 102 -22.51 12.36 -34.10
CA LYS C 102 -23.50 12.77 -35.15
C LYS C 102 -24.22 14.09 -34.78
N VAL C 103 -23.87 14.67 -33.63
CA VAL C 103 -24.45 15.91 -33.12
C VAL C 103 -23.66 17.15 -33.62
N ALA C 104 -24.26 18.35 -33.50
CA ALA C 104 -23.70 19.61 -34.02
C ALA C 104 -22.75 20.28 -32.99
N TYR C 105 -21.66 19.57 -32.67
CA TYR C 105 -20.59 20.05 -31.78
C TYR C 105 -19.32 19.23 -32.05
N VAL C 106 -18.45 19.75 -32.94
CA VAL C 106 -17.17 19.12 -33.30
C VAL C 106 -16.06 20.20 -33.34
N TYR C 107 -15.02 20.02 -32.49
CA TYR C 107 -13.83 20.89 -32.42
C TYR C 107 -14.17 22.35 -32.03
N LYS C 108 -13.20 23.25 -32.23
CA LYS C 108 -13.37 24.69 -32.10
C LYS C 108 -12.64 25.36 -33.28
N PRO C 109 -13.38 25.71 -34.39
CA PRO C 109 -12.79 26.45 -35.52
C PRO C 109 -12.46 27.90 -35.11
N ASN C 110 -11.28 28.08 -34.50
CA ASN C 110 -10.78 29.40 -34.06
C ASN C 110 -10.51 30.28 -35.30
N ASN C 111 -11.55 31.04 -35.70
CA ASN C 111 -11.51 31.91 -36.88
C ASN C 111 -12.67 32.91 -36.82
N THR C 112 -12.38 34.18 -37.14
CA THR C 112 -13.39 35.22 -37.31
C THR C 112 -13.16 35.90 -38.68
N HIS C 113 -13.80 35.37 -39.73
CA HIS C 113 -13.72 35.93 -41.08
C HIS C 113 -14.65 37.16 -41.17
N GLU C 114 -14.06 38.35 -41.07
CA GLU C 114 -14.80 39.63 -41.10
C GLU C 114 -15.23 40.02 -42.54
N GLN C 115 -16.28 40.87 -42.63
CA GLN C 115 -16.78 41.43 -43.91
C GLN C 115 -17.64 42.69 -43.62
N HIS C 116 -17.78 43.56 -44.64
CA HIS C 116 -18.53 44.84 -44.53
C HIS C 116 -19.06 45.24 -45.92
N LEU C 117 -20.40 45.21 -46.12
CA LEU C 117 -21.04 45.64 -47.37
C LEU C 117 -22.44 46.21 -47.01
N ARG C 118 -22.53 47.54 -46.89
CA ARG C 118 -23.80 48.25 -46.56
C ARG C 118 -24.08 49.30 -47.64
N LYS C 119 -25.36 49.46 -47.99
CA LYS C 119 -25.82 50.37 -49.05
C LYS C 119 -27.33 50.63 -48.90
N SER C 120 -27.76 51.88 -49.14
CA SER C 120 -29.16 52.31 -48.97
C SER C 120 -29.51 53.46 -49.95
N GLU C 121 -30.78 53.51 -50.38
CA GLU C 121 -31.30 54.52 -51.31
C GLU C 121 -32.84 54.42 -51.42
N ALA C 122 -33.45 55.46 -51.99
CA ALA C 122 -34.91 55.54 -52.25
C ALA C 122 -35.17 56.53 -53.41
N GLN C 123 -36.13 56.21 -54.31
CA GLN C 123 -36.51 57.13 -55.40
C GLN C 123 -38.02 57.40 -55.35
N ALA C 124 -38.37 58.69 -55.22
CA ALA C 124 -39.76 59.17 -55.24
C ALA C 124 -39.84 60.47 -56.04
N LYS C 125 -40.97 60.66 -56.74
CA LYS C 125 -41.25 61.85 -57.55
C LYS C 125 -42.76 61.94 -57.83
N LYS C 126 -43.47 62.68 -56.97
CA LYS C 126 -44.87 63.06 -57.19
C LYS C 126 -44.96 64.58 -57.39
N GLU C 127 -45.36 64.99 -58.58
CA GLU C 127 -45.55 66.41 -58.93
C GLU C 127 -46.78 66.54 -59.84
N LYS C 128 -47.35 67.75 -59.90
CA LYS C 128 -48.58 68.04 -60.66
C LYS C 128 -48.74 69.55 -60.91
N LEU C 129 -49.85 69.92 -61.58
CA LEU C 129 -50.27 71.33 -61.71
C LEU C 129 -51.51 71.54 -60.80
N ASN C 130 -51.49 72.64 -60.04
CA ASN C 130 -52.53 72.98 -59.04
C ASN C 130 -53.41 74.11 -59.59
N ILE C 131 -54.73 74.00 -59.40
CA ILE C 131 -55.72 75.00 -59.87
C ILE C 131 -56.21 75.88 -58.70
N TRP C 132 -56.97 76.94 -59.04
CA TRP C 132 -57.63 77.80 -58.04
C TRP C 132 -58.90 77.09 -57.49
#